data_8F4V
#
_entry.id   8F4V
#
_symmetry.space_group_name_H-M   'P 1'
#
loop_
_entity.id
_entity.type
_entity.pdbx_description
1 polymer 'Neuronal acetylcholine receptor subunit alpha-7'
2 non-polymer "(2aE,4E,5'S,6S,6'R,7S,8E,11R,13R,15S,17aR,20R,20aR,20bS)-6'-[(2S)-butan-2-yl]-20,20b-dihydroxy-5',6,8,19-tetramethyl-17 -oxo-3',4',5',6,6',10,11,14,15,17,17a,20,20a,20b-tetradecahydro-2H,7H-spiro[11,15-methanofuro[4,3,2-pq][2,6]benzodioxacy clooctadecine-13,2'-pyran]-7-yl 2,6-dideoxy-4-O-(2,6-dideoxy-3-O-methyl-alpha-L-arabino-hexopyranosyl)-3-O-methyl-alpha-L-arabino-hexopyranoside"
#
_entity_poly.entity_id   1
_entity_poly.type   'polypeptide(L)'
_entity_poly.pdbx_seq_one_letter_code
;SNAEEELYYGLNLLIPCVLISALALLVFLLPADSGEKISLGITVLLSLTVFMLLVAEIMPSTSDSSPSIAQYFASTMIIV
GLSVVVTVIVLQYHHHDPDGGKMPKWTRVILLNWCAWFLRMKRPGEDKVRPACQHKQRRCSLASVEMSAVAPPPASNGNL
LYIGFRGLDGVHCVPTPDSGVVCGRMACSPTHDEHLLHGGQPPEGDPDLAKILEEVRYIANRFRCQDESEAVCSEWKFAA
CVVDRLCLMAFSVFTIICTIGILMSAPNFVEE
;
_entity_poly.pdbx_strand_id   A,B,C,D,E
#
loop_
_chem_comp.id
_chem_comp.type
_chem_comp.name
_chem_comp.formula
IVM non-polymer '(2aE,4E,5'S,6S,6'R,7S,8E,11R,13R,15S,17aR,20R,20aR,20bS)-6'-[(2S)-butan-2-yl]-20,20b-dihydroxy-5',6,8,19-tetramethyl-17 -oxo-3',4',5',6,6',10,11,14,15,17,17a,20,20a,20b-tetradecahydro-2H,7H-spiro[11,15-methanofuro[4,3,2-pq][2,6]benzodioxacy clooctadecine-13,2'-pyran]-7-yl 2,6-dideoxy-4-O-(2,6-dideoxy-3-O-methyl-alpha-L-arabino-hexopyranosyl)-3-O-methyl-alpha-L-arabino-hexopyranoside' 'C48 H74 O14'
#
# COMPACT_ATOMS: atom_id res chain seq x y z
N LEU A 7 -49.55 4.89 -5.24
CA LEU A 7 -48.31 4.73 -5.99
C LEU A 7 -47.47 3.60 -5.41
N TYR A 8 -47.89 2.35 -5.63
CA TYR A 8 -47.14 1.21 -5.13
C TYR A 8 -45.75 1.16 -5.74
N TYR A 9 -45.65 1.39 -7.05
CA TYR A 9 -44.36 1.38 -7.72
C TYR A 9 -43.59 2.68 -7.53
N GLY A 10 -44.26 3.75 -7.10
CA GLY A 10 -43.56 5.01 -6.87
C GLY A 10 -42.78 5.05 -5.58
N LEU A 11 -43.19 4.27 -4.59
CA LEU A 11 -42.51 4.23 -3.29
C LEU A 11 -41.50 3.10 -3.19
N ASN A 12 -41.30 2.33 -4.26
CA ASN A 12 -40.37 1.20 -4.23
C ASN A 12 -39.37 1.27 -5.36
N LEU A 13 -39.75 1.89 -6.48
CA LEU A 13 -38.89 1.98 -7.65
C LEU A 13 -38.48 3.41 -7.99
N LEU A 14 -39.38 4.38 -7.84
CA LEU A 14 -39.02 5.77 -8.14
C LEU A 14 -38.17 6.38 -7.03
N ILE A 15 -38.45 6.04 -5.77
CA ILE A 15 -37.69 6.60 -4.66
C ILE A 15 -36.21 6.22 -4.75
N PRO A 16 -35.84 4.96 -4.95
CA PRO A 16 -34.41 4.63 -5.07
C PRO A 16 -33.75 5.28 -6.27
N CYS A 17 -34.52 5.69 -7.28
CA CYS A 17 -33.91 6.29 -8.48
C CYS A 17 -33.15 7.57 -8.12
N VAL A 18 -33.75 8.41 -7.26
CA VAL A 18 -33.07 9.64 -6.88
C VAL A 18 -32.05 9.38 -5.77
N LEU A 19 -32.28 8.35 -4.94
CA LEU A 19 -31.31 8.01 -3.91
C LEU A 19 -30.02 7.47 -4.52
N ILE A 20 -30.14 6.66 -5.57
CA ILE A 20 -28.95 6.11 -6.22
C ILE A 20 -28.11 7.24 -6.82
N SER A 21 -28.77 8.19 -7.50
CA SER A 21 -28.04 9.31 -8.07
C SER A 21 -27.47 10.22 -7.00
N ALA A 22 -28.18 10.36 -5.87
CA ALA A 22 -27.68 11.19 -4.79
C ALA A 22 -26.44 10.58 -4.13
N LEU A 23 -26.37 9.26 -4.05
CA LEU A 23 -25.20 8.62 -3.47
C LEU A 23 -23.95 8.86 -4.31
N ALA A 24 -24.12 9.09 -5.61
CA ALA A 24 -22.97 9.37 -6.47
C ALA A 24 -22.39 10.75 -6.22
N LEU A 25 -23.16 11.65 -5.61
CA LEU A 25 -22.65 12.99 -5.32
C LEU A 25 -21.52 12.95 -4.30
N LEU A 26 -21.59 12.03 -3.34
CA LEU A 26 -20.54 11.91 -2.34
C LEU A 26 -19.20 11.50 -2.98
N VAL A 27 -19.26 10.80 -4.11
CA VAL A 27 -18.03 10.39 -4.79
C VAL A 27 -17.27 11.61 -5.28
N PHE A 28 -17.99 12.64 -5.73
CA PHE A 28 -17.35 13.86 -6.24
C PHE A 28 -16.85 14.77 -5.12
N LEU A 29 -17.19 14.47 -3.86
CA LEU A 29 -16.74 15.27 -2.74
C LEU A 29 -15.59 14.63 -1.97
N LEU A 30 -14.98 13.56 -2.52
CA LEU A 30 -13.89 12.86 -1.86
C LEU A 30 -12.55 13.31 -2.41
N PRO A 31 -11.48 13.20 -1.64
CA PRO A 31 -10.16 13.58 -2.13
C PRO A 31 -9.68 12.64 -3.23
N ALA A 32 -8.80 13.17 -4.08
CA ALA A 32 -8.26 12.40 -5.19
C ALA A 32 -7.23 11.36 -4.76
N ASP A 33 -6.73 11.44 -3.53
CA ASP A 33 -5.74 10.50 -3.03
C ASP A 33 -6.36 9.25 -2.41
N SER A 34 -7.68 9.16 -2.37
CA SER A 34 -8.35 7.99 -1.79
C SER A 34 -8.33 6.84 -2.79
N GLY A 35 -7.68 5.74 -2.42
CA GLY A 35 -7.61 4.58 -3.28
C GLY A 35 -8.89 3.78 -3.36
N GLU A 36 -9.76 3.92 -2.37
CA GLU A 36 -11.03 3.19 -2.32
C GLU A 36 -12.19 3.99 -2.92
N LYS A 37 -11.91 5.16 -3.47
CA LYS A 37 -12.98 5.97 -4.06
C LYS A 37 -13.61 5.25 -5.25
N ILE A 38 -12.80 4.59 -6.08
CA ILE A 38 -13.33 3.88 -7.23
C ILE A 38 -14.23 2.73 -6.78
N SER A 39 -13.87 2.08 -5.67
CA SER A 39 -14.68 0.96 -5.17
C SER A 39 -16.07 1.43 -4.79
N LEU A 40 -16.17 2.61 -4.16
CA LEU A 40 -17.48 3.11 -3.75
C LEU A 40 -18.39 3.35 -4.96
N GLY A 41 -17.84 3.90 -6.05
CA GLY A 41 -18.65 4.17 -7.22
C GLY A 41 -19.12 2.90 -7.91
N ILE A 42 -18.36 1.81 -7.79
CA ILE A 42 -18.77 0.56 -8.41
C ILE A 42 -20.07 0.04 -7.79
N THR A 43 -20.17 0.12 -6.46
CA THR A 43 -21.36 -0.38 -5.79
C THR A 43 -22.61 0.40 -6.18
N VAL A 44 -22.46 1.70 -6.43
CA VAL A 44 -23.62 2.51 -6.80
C VAL A 44 -24.21 2.01 -8.12
N LEU A 45 -23.36 1.73 -9.11
CA LEU A 45 -23.85 1.21 -10.37
C LEU A 45 -24.41 -0.20 -10.21
N LEU A 46 -23.80 -1.01 -9.36
CA LEU A 46 -24.28 -2.36 -9.15
C LEU A 46 -25.69 -2.38 -8.58
N SER A 47 -25.97 -1.48 -7.63
CA SER A 47 -27.30 -1.43 -7.03
C SER A 47 -28.36 -1.00 -8.04
N LEU A 48 -28.00 -0.13 -8.98
CA LEU A 48 -28.96 0.32 -9.99
C LEU A 48 -29.39 -0.84 -10.87
N THR A 49 -28.46 -1.73 -11.24
CA THR A 49 -28.80 -2.84 -12.11
C THR A 49 -29.77 -3.81 -11.43
N VAL A 50 -29.64 -3.99 -10.11
CA VAL A 50 -30.52 -4.91 -9.40
C VAL A 50 -31.97 -4.45 -9.51
N PHE A 51 -32.20 -3.15 -9.29
CA PHE A 51 -33.55 -2.61 -9.38
C PHE A 51 -34.02 -2.44 -10.82
N MET A 52 -33.10 -2.37 -11.78
CA MET A 52 -33.51 -2.23 -13.18
C MET A 52 -34.14 -3.50 -13.72
N LEU A 53 -33.67 -4.65 -13.26
CA LEU A 53 -34.23 -5.92 -13.74
C LEU A 53 -35.69 -6.08 -13.36
N LEU A 54 -36.08 -5.57 -12.18
CA LEU A 54 -37.47 -5.69 -11.75
C LEU A 54 -38.40 -4.93 -12.68
N VAL A 55 -38.00 -3.74 -13.12
CA VAL A 55 -38.84 -2.96 -14.01
C VAL A 55 -38.94 -3.58 -15.39
N ALA A 56 -37.96 -4.40 -15.79
CA ALA A 56 -38.01 -5.03 -17.11
C ALA A 56 -39.21 -5.96 -17.23
N GLU A 57 -39.49 -6.74 -16.19
CA GLU A 57 -40.63 -7.64 -16.23
C GLU A 57 -41.94 -6.86 -16.29
N ILE A 58 -42.04 -5.76 -15.55
CA ILE A 58 -43.25 -4.96 -15.55
C ILE A 58 -43.51 -4.37 -16.92
N MET A 59 -42.46 -3.87 -17.57
CA MET A 59 -42.62 -3.26 -18.89
C MET A 59 -43.09 -4.32 -19.88
N PRO A 60 -44.17 -4.09 -20.62
CA PRO A 60 -44.60 -5.08 -21.62
C PRO A 60 -43.52 -5.32 -22.67
N SER A 61 -43.42 -6.58 -23.10
CA SER A 61 -42.44 -6.97 -24.12
C SER A 61 -43.02 -6.67 -25.49
N THR A 62 -42.91 -5.40 -25.89
CA THR A 62 -43.42 -4.95 -27.17
C THR A 62 -42.37 -5.14 -28.26
N SER A 63 -42.70 -4.72 -29.48
CA SER A 63 -41.82 -4.84 -30.63
C SER A 63 -41.10 -3.54 -30.94
N ASP A 64 -41.83 -2.42 -30.97
CA ASP A 64 -41.22 -1.12 -31.27
C ASP A 64 -41.76 -0.01 -30.38
N SER A 65 -42.51 -0.33 -29.32
CA SER A 65 -43.07 0.67 -28.41
C SER A 65 -42.26 0.65 -27.13
N SER A 66 -41.25 1.50 -27.06
CA SER A 66 -40.39 1.57 -25.88
C SER A 66 -41.08 2.40 -24.79
N PRO A 67 -41.32 1.84 -23.61
CA PRO A 67 -41.94 2.65 -22.55
C PRO A 67 -41.05 3.81 -22.15
N SER A 68 -41.69 4.91 -21.72
CA SER A 68 -40.95 6.09 -21.31
C SER A 68 -40.13 5.86 -20.04
N ILE A 69 -40.42 4.80 -19.28
CA ILE A 69 -39.67 4.53 -18.07
C ILE A 69 -38.23 4.18 -18.41
N ALA A 70 -37.99 3.59 -19.58
CA ALA A 70 -36.63 3.24 -19.98
C ALA A 70 -35.76 4.48 -20.11
N GLN A 71 -36.30 5.56 -20.65
CA GLN A 71 -35.53 6.79 -20.80
C GLN A 71 -35.09 7.33 -19.45
N TYR A 72 -35.96 7.23 -18.44
CA TYR A 72 -35.60 7.72 -17.10
C TYR A 72 -34.41 6.96 -16.55
N PHE A 73 -34.39 5.64 -16.74
CA PHE A 73 -33.27 4.84 -16.25
C PHE A 73 -31.98 5.18 -17.00
N ALA A 74 -32.08 5.56 -18.28
CA ALA A 74 -30.89 5.92 -19.03
C ALA A 74 -30.20 7.14 -18.43
N SER A 75 -30.98 8.16 -18.06
CA SER A 75 -30.39 9.35 -17.46
C SER A 75 -29.69 9.02 -16.15
N THR A 76 -30.31 8.20 -15.32
CA THR A 76 -29.67 7.81 -14.05
C THR A 76 -28.41 7.01 -14.31
N MET A 77 -28.43 6.09 -15.28
CA MET A 77 -27.24 5.31 -15.59
C MET A 77 -26.10 6.18 -16.10
N ILE A 78 -26.42 7.23 -16.85
CA ILE A 78 -25.38 8.11 -17.37
C ILE A 78 -24.67 8.83 -16.23
N ILE A 79 -25.45 9.35 -15.27
CA ILE A 79 -24.86 10.04 -14.14
C ILE A 79 -24.02 9.07 -13.30
N VAL A 80 -24.58 7.89 -13.01
CA VAL A 80 -23.84 6.90 -12.22
C VAL A 80 -22.68 6.34 -13.03
N GLY A 81 -22.90 6.06 -14.32
CA GLY A 81 -21.84 5.52 -15.15
C GLY A 81 -20.68 6.49 -15.31
N LEU A 82 -20.99 7.78 -15.50
CA LEU A 82 -19.94 8.77 -15.66
C LEU A 82 -19.19 9.04 -14.37
N SER A 83 -19.83 8.83 -13.22
CA SER A 83 -19.16 9.04 -11.94
C SER A 83 -17.96 8.11 -11.79
N VAL A 84 -18.13 6.84 -12.17
CA VAL A 84 -17.02 5.90 -12.11
C VAL A 84 -15.92 6.30 -13.09
N VAL A 85 -16.30 6.74 -14.28
CA VAL A 85 -15.31 7.14 -15.28
C VAL A 85 -14.50 8.33 -14.78
N VAL A 86 -15.18 9.29 -14.13
CA VAL A 86 -14.47 10.47 -13.62
C VAL A 86 -13.43 10.06 -12.60
N THR A 87 -13.79 9.17 -11.67
CA THR A 87 -12.83 8.70 -10.68
C THR A 87 -11.69 7.93 -11.33
N VAL A 88 -11.98 7.22 -12.43
CA VAL A 88 -10.92 6.50 -13.13
C VAL A 88 -9.93 7.46 -13.76
N ILE A 89 -10.43 8.58 -14.29
CA ILE A 89 -9.54 9.58 -14.90
C ILE A 89 -8.59 10.16 -13.88
N VAL A 90 -8.94 10.14 -12.60
CA VAL A 90 -8.07 10.71 -11.57
C VAL A 90 -6.73 9.98 -11.54
N LEU A 91 -6.75 8.67 -11.75
CA LEU A 91 -5.51 7.91 -11.74
C LEU A 91 -4.56 8.35 -12.84
N GLN A 92 -5.10 8.83 -13.96
CA GLN A 92 -4.24 9.29 -15.05
C GLN A 92 -3.40 10.50 -14.62
N TYR A 93 -4.00 11.43 -13.88
CA TYR A 93 -3.27 12.61 -13.45
C TYR A 93 -2.17 12.27 -12.47
N HIS A 94 -2.41 11.29 -11.60
CA HIS A 94 -1.41 10.91 -10.60
C HIS A 94 -0.15 10.31 -11.23
N HIS A 95 -0.24 9.81 -12.46
CA HIS A 95 0.89 9.20 -13.14
C HIS A 95 1.31 9.95 -14.41
N HIS A 96 0.35 10.41 -15.20
CA HIS A 96 0.61 11.11 -16.46
C HIS A 96 1.77 10.46 -17.22
N ASP A 97 1.63 9.16 -17.43
CA ASP A 97 2.67 8.42 -18.14
C ASP A 97 2.77 8.91 -19.58
N PRO A 98 3.97 8.97 -20.17
CA PRO A 98 4.06 9.42 -21.56
C PRO A 98 3.23 8.60 -22.53
N ASP A 99 3.13 7.29 -22.31
CA ASP A 99 2.35 6.43 -23.18
C ASP A 99 0.85 6.51 -22.92
N GLY A 100 0.43 7.10 -21.79
CA GLY A 100 -0.98 7.22 -21.49
C GLY A 100 -1.24 8.12 -20.31
N GLY A 101 -2.17 9.05 -20.46
CA GLY A 101 -2.54 9.98 -19.41
C GLY A 101 -2.77 11.36 -19.98
N LYS A 102 -2.78 12.35 -19.10
CA LYS A 102 -2.97 13.75 -19.51
C LYS A 102 -1.62 14.36 -19.84
N MET A 103 -1.03 13.87 -20.93
CA MET A 103 0.28 14.33 -21.38
C MET A 103 0.19 15.73 -21.97
N PRO A 104 -0.76 16.00 -22.88
CA PRO A 104 -0.86 17.34 -23.45
C PRO A 104 -0.96 18.43 -22.39
N LYS A 105 -0.06 19.41 -22.45
CA LYS A 105 0.00 20.47 -21.46
C LYS A 105 -0.90 21.66 -21.80
N TRP A 106 -1.52 21.67 -22.98
CA TRP A 106 -2.38 22.79 -23.35
C TRP A 106 -3.56 22.93 -22.40
N THR A 107 -4.02 21.81 -21.83
CA THR A 107 -5.11 21.84 -20.86
C THR A 107 -4.62 22.02 -19.42
N ARG A 108 -3.36 21.66 -19.15
CA ARG A 108 -2.84 21.80 -17.79
C ARG A 108 -2.82 23.27 -17.36
N VAL A 109 -2.41 24.16 -18.27
CA VAL A 109 -2.37 25.58 -17.93
C VAL A 109 -3.78 26.09 -17.60
N ILE A 110 -4.76 25.69 -18.40
CA ILE A 110 -6.14 26.09 -18.13
C ILE A 110 -6.61 25.51 -16.80
N LEU A 111 -6.27 24.24 -16.55
CA LEU A 111 -6.68 23.60 -15.31
C LEU A 111 -6.05 24.31 -14.11
N LEU A 112 -4.78 24.70 -14.23
CA LEU A 112 -4.11 25.38 -13.12
C LEU A 112 -4.82 26.68 -12.76
N ASN A 113 -5.23 27.46 -13.77
CA ASN A 113 -5.97 28.69 -13.50
C ASN A 113 -7.29 28.39 -12.81
N TRP A 114 -8.00 27.35 -13.27
CA TRP A 114 -9.26 26.98 -12.64
C TRP A 114 -9.05 26.54 -11.19
N CYS A 115 -7.97 25.81 -10.93
CA CYS A 115 -7.71 25.35 -9.57
C CYS A 115 -7.49 26.53 -8.63
N ALA A 116 -6.76 27.55 -9.07
CA ALA A 116 -6.53 28.73 -8.26
C ALA A 116 -7.77 29.59 -8.10
N TRP A 117 -8.81 29.35 -8.91
CA TRP A 117 -10.04 30.13 -8.82
C TRP A 117 -10.99 29.62 -7.74
N PHE A 118 -10.66 28.51 -7.07
CA PHE A 118 -11.54 27.99 -6.03
C PHE A 118 -11.68 29.00 -4.89
N LEU A 119 -10.59 29.62 -4.47
CA LEU A 119 -10.66 30.61 -3.40
C LEU A 119 -11.33 31.89 -3.89
N ARG A 120 -11.00 32.34 -5.10
CA ARG A 120 -11.56 33.55 -5.70
C ARG A 120 -12.02 33.21 -7.10
N MET A 121 -13.27 32.76 -7.23
CA MET A 121 -13.82 32.39 -8.53
C MET A 121 -13.98 33.64 -9.39
N LYS A 122 -13.61 33.51 -10.67
CA LYS A 122 -13.76 34.62 -11.61
C LYS A 122 -15.21 34.93 -11.92
N ARG A 123 -16.13 34.01 -11.61
CA ARG A 123 -17.54 34.23 -11.89
C ARG A 123 -18.10 35.30 -10.96
N PRO A 124 -19.23 35.89 -11.32
CA PRO A 124 -19.82 36.94 -10.46
C PRO A 124 -20.19 36.45 -9.07
N GLY A 125 -20.35 35.15 -8.88
CA GLY A 125 -20.71 34.64 -7.57
C GLY A 125 -19.71 35.01 -6.50
N GLU A 126 -18.42 34.99 -6.84
CA GLU A 126 -17.35 35.33 -5.92
C GLU A 126 -16.49 36.50 -6.39
N ASP A 127 -16.36 36.70 -7.70
CA ASP A 127 -15.56 37.82 -8.20
C ASP A 127 -16.19 39.16 -7.80
N LYS A 128 -17.51 39.26 -7.88
CA LYS A 128 -18.19 40.51 -7.53
C LYS A 128 -18.55 40.58 -6.05
N VAL A 129 -18.77 39.44 -5.41
CA VAL A 129 -19.13 39.42 -3.98
C VAL A 129 -17.81 39.38 -3.21
N ARG A 130 -17.25 40.56 -2.98
CA ARG A 130 -16.00 40.70 -2.26
C ARG A 130 -15.73 42.20 -2.06
N PRO A 131 -14.85 42.55 -1.13
CA PRO A 131 -14.53 43.97 -0.93
C PRO A 131 -13.99 44.61 -2.20
N ALA A 132 -14.39 45.85 -2.43
CA ALA A 132 -13.95 46.59 -3.61
C ALA A 132 -13.80 48.06 -3.23
N CYS A 133 -12.71 48.67 -3.70
CA CYS A 133 -12.44 50.07 -3.41
C CYS A 133 -11.52 50.62 -4.50
N GLN A 134 -11.46 51.95 -4.56
CA GLN A 134 -10.62 52.64 -5.54
C GLN A 134 -9.26 53.01 -4.98
N HIS A 135 -8.94 52.60 -3.76
CA HIS A 135 -7.66 52.92 -3.14
C HIS A 135 -6.57 52.01 -3.73
N LYS A 136 -5.37 52.06 -3.14
CA LYS A 136 -4.26 51.28 -3.63
C LYS A 136 -4.43 49.79 -3.38
N GLN A 137 -5.41 49.38 -2.56
CA GLN A 137 -5.60 47.97 -2.29
C GLN A 137 -5.97 47.19 -3.55
N ARG A 138 -6.63 47.85 -4.50
CA ARG A 138 -7.05 47.22 -5.74
C ARG A 138 -6.28 47.76 -6.95
N ARG A 139 -5.16 48.44 -6.71
CA ARG A 139 -4.35 48.98 -7.79
C ARG A 139 -3.29 47.96 -8.21
N CYS A 140 -2.50 48.33 -9.23
CA CYS A 140 -1.44 47.47 -9.75
C CYS A 140 -0.14 48.25 -9.79
N SER A 141 0.96 47.52 -9.67
CA SER A 141 2.29 48.12 -9.67
C SER A 141 3.26 47.13 -10.29
N LEU A 142 4.56 47.41 -10.19
CA LEU A 142 5.58 46.53 -10.76
C LEU A 142 5.57 45.18 -10.06
N ALA A 143 5.40 45.16 -8.74
CA ALA A 143 5.42 43.89 -8.01
C ALA A 143 4.30 42.97 -8.46
N SER A 144 3.09 43.52 -8.63
CA SER A 144 1.96 42.69 -9.04
C SER A 144 2.12 42.17 -10.45
N VAL A 145 2.66 43.00 -11.35
CA VAL A 145 2.84 42.62 -12.76
C VAL A 145 4.21 41.95 -12.87
N GLU A 146 4.20 40.62 -13.01
CA GLU A 146 5.42 39.84 -13.14
C GLU A 146 5.71 39.45 -14.58
N MET A 147 5.14 40.17 -15.55
CA MET A 147 5.37 39.86 -16.95
C MET A 147 6.80 40.19 -17.39
N SER A 148 7.48 41.07 -16.68
CA SER A 148 8.85 41.46 -17.00
C SER A 148 9.87 40.82 -16.06
N ALA A 149 9.63 39.58 -15.67
CA ALA A 149 10.54 38.84 -14.79
C ALA A 149 10.72 39.57 -13.47
N VAL A 150 9.60 40.00 -12.88
CA VAL A 150 9.60 40.69 -11.59
C VAL A 150 9.20 39.70 -10.52
N ALA A 151 9.98 39.64 -9.44
CA ALA A 151 9.69 38.70 -8.38
C ALA A 151 8.36 39.06 -7.71
N PRO A 152 7.53 38.09 -7.38
CA PRO A 152 6.23 38.40 -6.75
C PRO A 152 6.43 38.89 -5.33
N PRO A 153 5.46 39.61 -4.77
CA PRO A 153 5.59 40.10 -3.40
C PRO A 153 5.83 38.94 -2.43
N PRO A 154 6.89 39.00 -1.64
CA PRO A 154 7.15 37.93 -0.68
C PRO A 154 5.97 37.73 0.27
N ALA A 155 5.66 36.47 0.56
CA ALA A 155 4.55 36.12 1.44
C ALA A 155 4.80 34.74 2.02
N SER A 156 3.90 34.30 2.90
CA SER A 156 3.99 33.00 3.52
C SER A 156 3.30 31.90 2.72
N ASN A 157 2.75 32.22 1.56
CA ASN A 157 2.06 31.24 0.73
C ASN A 157 3.00 30.47 -0.18
N GLY A 158 4.29 30.80 -0.19
CA GLY A 158 5.25 30.09 -1.02
C GLY A 158 5.98 31.00 -1.98
N ASN A 159 5.74 32.31 -1.88
CA ASN A 159 6.42 33.26 -2.76
C ASN A 159 7.85 33.50 -2.31
N LEU A 160 8.09 33.50 -1.00
CA LEU A 160 9.44 33.69 -0.49
C LEU A 160 10.34 32.52 -0.90
N LEU A 161 9.81 31.30 -0.86
CA LEU A 161 10.63 30.14 -1.22
C LEU A 161 11.02 30.16 -2.69
N TYR A 162 10.15 30.67 -3.56
CA TYR A 162 10.46 30.71 -4.98
C TYR A 162 11.62 31.66 -5.28
N ILE A 163 11.82 32.67 -4.44
CA ILE A 163 12.89 33.63 -4.64
C ILE A 163 14.20 33.15 -4.02
N GLY A 164 14.15 32.64 -2.79
CA GLY A 164 15.34 32.20 -2.10
C GLY A 164 15.79 30.81 -2.50
N PHE A 165 14.94 29.80 -2.24
CA PHE A 165 15.32 28.43 -2.54
C PHE A 165 15.49 28.21 -4.04
N ARG A 166 14.52 28.70 -4.83
CA ARG A 166 14.57 28.55 -6.28
C ARG A 166 15.22 29.77 -6.92
N GLY A 167 16.48 30.00 -6.54
CA GLY A 167 17.20 31.15 -7.07
C GLY A 167 17.42 31.07 -8.58
N LEU A 168 17.62 29.87 -9.10
CA LEU A 168 17.85 29.66 -10.53
C LEU A 168 19.04 30.48 -11.01
N ASP A 169 20.21 30.15 -10.45
CA ASP A 169 21.45 30.86 -10.76
C ASP A 169 21.32 32.35 -10.47
N GLY A 170 20.67 32.67 -9.35
CA GLY A 170 20.46 34.06 -8.97
C GLY A 170 21.23 34.45 -7.73
N VAL A 171 20.61 35.23 -6.84
CA VAL A 171 21.31 35.70 -5.65
C VAL A 171 21.67 34.54 -4.74
N HIS A 172 20.82 33.51 -4.67
CA HIS A 172 21.11 32.37 -3.82
C HIS A 172 22.35 31.62 -4.28
N CYS A 173 22.48 31.41 -5.59
CA CYS A 173 23.62 30.68 -6.15
C CYS A 173 24.77 31.60 -6.53
N VAL A 174 24.51 32.55 -7.42
CA VAL A 174 25.54 33.44 -7.94
C VAL A 174 25.17 34.89 -7.62
N PRO A 175 25.67 35.46 -6.53
CA PRO A 175 25.35 36.87 -6.21
C PRO A 175 26.10 37.85 -7.10
N THR A 176 25.56 38.08 -8.30
CA THR A 176 26.22 38.98 -9.24
C THR A 176 26.41 40.38 -8.69
N PRO A 177 25.43 41.01 -8.03
CA PRO A 177 25.66 42.36 -7.50
C PRO A 177 26.83 42.38 -6.53
N ASP A 178 27.74 43.34 -6.75
CA ASP A 178 28.93 43.48 -5.92
C ASP A 178 28.56 44.26 -4.66
N SER A 179 28.00 43.53 -3.69
CA SER A 179 27.61 44.13 -2.43
C SER A 179 28.80 44.41 -1.52
N GLY A 180 29.93 43.74 -1.73
CA GLY A 180 31.10 43.97 -0.91
C GLY A 180 30.89 43.61 0.55
N VAL A 181 30.21 42.50 0.81
CA VAL A 181 29.96 42.04 2.17
C VAL A 181 30.79 40.82 2.51
N VAL A 182 30.98 39.91 1.56
CA VAL A 182 31.76 38.70 1.83
C VAL A 182 33.20 39.06 2.14
N CYS A 183 33.79 39.98 1.37
CA CYS A 183 35.18 40.39 1.55
C CYS A 183 35.30 41.89 1.83
N GLY A 184 34.23 42.52 2.30
CA GLY A 184 34.25 43.94 2.59
C GLY A 184 33.46 44.30 3.84
N ARG A 185 33.14 43.30 4.66
CA ARG A 185 32.39 43.53 5.88
C ARG A 185 32.68 42.41 6.86
N MET A 186 32.49 42.71 8.14
CA MET A 186 32.70 41.75 9.21
C MET A 186 31.44 40.97 9.57
N ALA A 187 30.49 40.86 8.63
CA ALA A 187 29.23 40.17 8.87
C ALA A 187 29.45 38.67 8.68
N CYS A 188 30.04 38.05 9.70
CA CYS A 188 30.32 36.61 9.69
C CYS A 188 31.18 36.21 8.50
N SER A 189 32.09 37.09 8.09
CA SER A 189 32.99 36.80 6.97
C SER A 189 34.22 37.68 7.12
N PRO A 190 35.34 37.28 6.54
CA PRO A 190 36.56 38.10 6.66
C PRO A 190 36.45 39.36 5.83
N THR A 191 37.03 40.44 6.34
CA THR A 191 37.04 41.73 5.65
C THR A 191 38.32 41.82 4.83
N HIS A 192 38.30 41.17 3.68
CA HIS A 192 39.46 41.14 2.78
C HIS A 192 40.69 40.59 3.49
N ASP A 193 40.49 39.59 4.36
CA ASP A 193 41.56 38.98 5.13
C ASP A 193 41.99 37.71 4.40
N GLU A 194 42.99 37.84 3.53
CA GLU A 194 43.50 36.70 2.78
C GLU A 194 44.48 35.85 3.59
N HIS A 195 44.90 36.32 4.77
CA HIS A 195 45.84 35.59 5.62
C HIS A 195 45.16 35.00 6.85
N LEU A 196 43.84 34.81 6.80
CA LEU A 196 43.09 34.25 7.93
C LEU A 196 43.27 32.74 7.92
N LEU A 197 44.33 32.27 8.55
CA LEU A 197 44.63 30.85 8.63
C LEU A 197 44.09 30.26 9.92
N HIS A 198 43.95 28.94 9.93
CA HIS A 198 43.46 28.22 11.11
C HIS A 198 44.63 27.91 12.05
N GLY A 199 45.16 28.99 12.63
CA GLY A 199 46.30 28.85 13.53
C GLY A 199 47.54 28.31 12.83
N GLY A 200 47.81 28.78 11.62
CA GLY A 200 48.94 28.32 10.84
C GLY A 200 48.61 27.21 9.86
N GLN A 201 47.46 26.58 9.99
CA GLN A 201 47.02 25.51 9.10
C GLN A 201 46.02 26.03 8.09
N PRO A 202 45.74 25.27 7.04
CA PRO A 202 44.74 25.71 6.05
C PRO A 202 43.38 25.86 6.67
N PRO A 203 42.52 26.72 6.12
CA PRO A 203 41.19 26.90 6.73
C PRO A 203 40.41 25.61 6.88
N GLU A 204 40.52 24.70 5.91
CA GLU A 204 39.84 23.42 5.97
C GLU A 204 40.73 22.41 6.70
N GLY A 205 40.20 21.82 7.76
CA GLY A 205 40.97 20.86 8.54
C GLY A 205 41.19 19.54 7.86
N ASP A 206 40.31 19.16 6.94
CA ASP A 206 40.44 17.89 6.24
C ASP A 206 39.66 17.94 4.92
N PRO A 207 40.31 17.69 3.78
CA PRO A 207 39.55 17.65 2.52
C PRO A 207 38.51 16.54 2.47
N ASP A 208 38.65 15.50 3.29
CA ASP A 208 37.68 14.41 3.29
C ASP A 208 36.30 14.90 3.71
N LEU A 209 36.23 15.96 4.51
CA LEU A 209 34.93 16.47 4.94
C LEU A 209 34.12 16.97 3.76
N ALA A 210 34.76 17.57 2.76
CA ALA A 210 34.04 18.04 1.58
C ALA A 210 33.40 16.88 0.83
N LYS A 211 34.12 15.76 0.71
CA LYS A 211 33.55 14.60 0.03
C LYS A 211 32.34 14.07 0.79
N ILE A 212 32.42 14.05 2.12
CA ILE A 212 31.28 13.58 2.92
C ILE A 212 30.07 14.48 2.70
N LEU A 213 30.30 15.79 2.61
CA LEU A 213 29.19 16.72 2.39
C LEU A 213 28.49 16.44 1.08
N GLU A 214 29.23 16.06 0.03
CA GLU A 214 28.62 15.76 -1.25
C GLU A 214 27.66 14.58 -1.13
N GLU A 215 28.06 13.54 -0.41
CA GLU A 215 27.16 12.40 -0.22
C GLU A 215 26.00 12.76 0.70
N VAL A 216 26.28 13.51 1.78
CA VAL A 216 25.22 13.94 2.67
C VAL A 216 24.27 14.88 1.94
N ARG A 217 24.81 15.82 1.16
CA ARG A 217 23.97 16.74 0.41
C ARG A 217 23.08 16.00 -0.59
N TYR A 218 23.65 14.99 -1.26
CA TYR A 218 22.86 14.21 -2.22
C TYR A 218 21.70 13.52 -1.52
N ILE A 219 21.94 12.94 -0.34
CA ILE A 219 20.87 12.31 0.42
C ILE A 219 19.81 13.34 0.80
N ALA A 220 20.25 14.50 1.28
CA ALA A 220 19.31 15.58 1.58
C ALA A 220 18.62 16.08 0.32
N ASN A 221 19.38 16.18 -0.79
CA ASN A 221 18.78 16.63 -2.04
C ASN A 221 17.73 15.66 -2.53
N ARG A 222 17.98 14.35 -2.39
CA ARG A 222 16.99 13.37 -2.80
C ARG A 222 15.72 13.50 -1.98
N PHE A 223 15.86 13.74 -0.67
CA PHE A 223 14.68 13.97 0.16
C PHE A 223 13.97 15.26 -0.23
N ARG A 224 14.73 16.27 -0.64
CA ARG A 224 14.10 17.51 -1.13
C ARG A 224 13.28 17.23 -2.38
N CYS A 225 13.79 16.41 -3.28
CA CYS A 225 13.04 16.05 -4.48
C CYS A 225 11.76 15.29 -4.12
N GLN A 226 11.79 14.49 -3.05
CA GLN A 226 10.58 13.80 -2.62
C GLN A 226 9.51 14.80 -2.19
N ASP A 227 9.90 15.85 -1.47
CA ASP A 227 8.94 16.90 -1.13
C ASP A 227 8.45 17.62 -2.38
N GLU A 228 9.34 17.87 -3.34
CA GLU A 228 8.93 18.46 -4.61
C GLU A 228 8.07 17.49 -5.42
N SER A 229 8.36 16.19 -5.33
CA SER A 229 7.52 15.21 -6.02
C SER A 229 6.10 15.24 -5.47
N GLU A 230 5.94 15.37 -4.16
CA GLU A 230 4.61 15.49 -3.58
C GLU A 230 3.90 16.74 -4.09
N ALA A 231 4.65 17.83 -4.26
CA ALA A 231 4.06 19.05 -4.82
C ALA A 231 3.56 18.80 -6.24
N VAL A 232 4.34 18.07 -7.05
CA VAL A 232 3.90 17.72 -8.39
C VAL A 232 2.65 16.85 -8.31
N CYS A 233 2.65 15.87 -7.40
CA CYS A 233 1.46 15.05 -7.18
C CYS A 233 0.31 15.90 -6.66
N SER A 234 0.61 16.84 -5.77
CA SER A 234 -0.43 17.75 -5.27
C SER A 234 -0.95 18.65 -6.39
N GLU A 235 -0.06 19.09 -7.29
CA GLU A 235 -0.52 19.90 -8.43
C GLU A 235 -1.50 19.12 -9.29
N TRP A 236 -1.20 17.84 -9.55
CA TRP A 236 -2.15 17.00 -10.27
C TRP A 236 -3.35 16.65 -9.39
N LYS A 237 -3.15 16.57 -8.07
CA LYS A 237 -4.26 16.30 -7.17
C LYS A 237 -5.31 17.39 -7.24
N PHE A 238 -4.87 18.66 -7.27
CA PHE A 238 -5.81 19.77 -7.40
C PHE A 238 -6.55 19.70 -8.72
N ALA A 239 -5.85 19.37 -9.81
CA ALA A 239 -6.50 19.24 -11.10
C ALA A 239 -7.49 18.08 -11.14
N ALA A 240 -7.34 17.10 -10.26
CA ALA A 240 -8.25 15.97 -10.19
C ALA A 240 -9.50 16.27 -9.38
N CYS A 241 -9.38 17.08 -8.33
CA CYS A 241 -10.53 17.42 -7.50
C CYS A 241 -11.46 18.40 -8.20
N VAL A 242 -10.92 19.30 -9.01
CA VAL A 242 -11.76 20.26 -9.73
C VAL A 242 -12.65 19.54 -10.72
N VAL A 243 -12.15 18.47 -11.34
CA VAL A 243 -12.97 17.70 -12.27
C VAL A 243 -14.17 17.10 -11.54
N ASP A 244 -13.94 16.54 -10.35
CA ASP A 244 -15.05 16.03 -9.56
C ASP A 244 -16.00 17.15 -9.17
N ARG A 245 -15.46 18.29 -8.75
CA ARG A 245 -16.31 19.42 -8.38
C ARG A 245 -17.00 20.02 -9.59
N LEU A 246 -16.30 20.08 -10.72
CA LEU A 246 -16.90 20.63 -11.93
C LEU A 246 -18.09 19.78 -12.39
N CYS A 247 -17.94 18.46 -12.35
CA CYS A 247 -19.03 17.58 -12.72
C CYS A 247 -20.11 17.49 -11.67
N LEU A 248 -19.80 17.83 -10.41
CA LEU A 248 -20.81 17.82 -9.36
C LEU A 248 -21.92 18.81 -9.66
N MET A 249 -21.55 20.03 -10.06
CA MET A 249 -22.56 21.03 -10.38
C MET A 249 -23.31 20.67 -11.66
N ALA A 250 -22.60 20.15 -12.67
CA ALA A 250 -23.25 19.79 -13.92
C ALA A 250 -24.27 18.67 -13.71
N PHE A 251 -23.91 17.67 -12.92
CA PHE A 251 -24.83 16.57 -12.65
C PHE A 251 -25.95 16.96 -11.70
N SER A 252 -25.72 17.98 -10.86
CA SER A 252 -26.78 18.43 -9.95
C SER A 252 -27.97 18.95 -10.73
N VAL A 253 -27.73 19.73 -11.79
CA VAL A 253 -28.82 20.24 -12.60
C VAL A 253 -29.55 19.09 -13.29
N PHE A 254 -28.80 18.13 -13.84
CA PHE A 254 -29.42 16.99 -14.51
C PHE A 254 -30.26 16.17 -13.52
N THR A 255 -29.75 15.96 -12.31
CA THR A 255 -30.51 15.22 -11.32
C THR A 255 -31.81 15.94 -10.97
N ILE A 256 -31.74 17.26 -10.82
CA ILE A 256 -32.96 18.03 -10.53
C ILE A 256 -33.95 17.92 -11.69
N ILE A 257 -33.45 17.98 -12.92
CA ILE A 257 -34.33 17.89 -14.09
C ILE A 257 -35.02 16.53 -14.11
N CYS A 258 -34.28 15.46 -13.84
CA CYS A 258 -34.87 14.13 -13.85
C CYS A 258 -35.97 14.01 -12.79
N THR A 259 -35.72 14.54 -11.59
CA THR A 259 -36.73 14.51 -10.54
C THR A 259 -37.97 15.30 -10.95
N ILE A 260 -37.77 16.48 -11.55
CA ILE A 260 -38.89 17.29 -11.99
C ILE A 260 -39.69 16.57 -13.08
N GLY A 261 -38.99 15.89 -13.99
CA GLY A 261 -39.70 15.18 -15.05
C GLY A 261 -40.62 14.11 -14.52
N ILE A 262 -40.18 13.37 -13.50
CA ILE A 262 -41.01 12.32 -12.92
C ILE A 262 -42.27 12.92 -12.31
N LEU A 263 -42.12 14.03 -11.57
CA LEU A 263 -43.28 14.67 -10.95
C LEU A 263 -44.15 15.40 -11.97
N MET A 264 -43.64 15.64 -13.18
CA MET A 264 -44.40 16.32 -14.22
C MET A 264 -44.99 15.38 -15.25
N SER A 265 -44.37 14.22 -15.48
CA SER A 265 -44.87 13.26 -16.46
C SER A 265 -45.81 12.22 -15.85
N ALA A 266 -45.76 12.02 -14.54
CA ALA A 266 -46.64 11.03 -13.91
C ALA A 266 -48.11 11.36 -14.12
N PRO A 267 -48.57 12.60 -13.95
CA PRO A 267 -50.00 12.89 -14.15
C PRO A 267 -50.49 12.59 -15.55
N ASN A 268 -49.61 12.60 -16.55
CA ASN A 268 -50.00 12.34 -17.93
C ASN A 268 -49.88 10.86 -18.30
N PHE A 269 -48.86 10.19 -17.79
CA PHE A 269 -48.65 8.76 -18.05
C PHE A 269 -49.08 7.89 -16.89
N VAL A 270 -48.59 8.16 -15.68
CA VAL A 270 -48.95 7.38 -14.51
C VAL A 270 -50.29 7.85 -13.94
N LEU B 7 -44.83 -19.19 12.23
CA LEU B 7 -44.20 -18.04 11.59
C LEU B 7 -43.10 -18.49 10.63
N TYR B 8 -43.50 -19.07 9.50
CA TYR B 8 -42.51 -19.52 8.52
C TYR B 8 -41.70 -18.35 7.98
N TYR B 9 -42.37 -17.24 7.66
CA TYR B 9 -41.67 -16.06 7.17
C TYR B 9 -41.04 -15.24 8.30
N GLY B 10 -41.45 -15.46 9.54
CA GLY B 10 -40.86 -14.74 10.65
C GLY B 10 -39.51 -15.27 11.07
N LEU B 11 -39.26 -16.56 10.86
CA LEU B 11 -37.99 -17.19 11.21
C LEU B 11 -37.04 -17.31 10.02
N ASN B 12 -37.41 -16.78 8.86
CA ASN B 12 -36.59 -16.91 7.67
C ASN B 12 -36.30 -15.55 7.03
N LEU B 13 -37.21 -14.60 7.19
CA LEU B 13 -37.07 -13.28 6.60
C LEU B 13 -36.91 -12.17 7.63
N LEU B 14 -37.60 -12.25 8.76
CA LEU B 14 -37.47 -11.22 9.78
C LEU B 14 -36.17 -11.35 10.58
N ILE B 15 -35.72 -12.59 10.83
CA ILE B 15 -34.49 -12.77 11.61
C ILE B 15 -33.29 -12.12 10.94
N PRO B 16 -33.03 -12.34 9.65
CA PRO B 16 -31.89 -11.66 9.01
C PRO B 16 -32.02 -10.15 9.01
N CYS B 17 -33.23 -9.61 9.12
CA CYS B 17 -33.39 -8.16 9.11
C CYS B 17 -32.65 -7.51 10.27
N VAL B 18 -32.75 -8.10 11.46
CA VAL B 18 -32.04 -7.53 12.61
C VAL B 18 -30.59 -7.97 12.63
N LEU B 19 -30.28 -9.14 12.05
CA LEU B 19 -28.89 -9.58 11.97
C LEU B 19 -28.09 -8.69 11.02
N ILE B 20 -28.68 -8.30 9.90
CA ILE B 20 -27.99 -7.44 8.96
C ILE B 20 -27.68 -6.09 9.60
N SER B 21 -28.65 -5.52 10.32
CA SER B 21 -28.42 -4.25 11.00
C SER B 21 -27.39 -4.40 12.11
N ALA B 22 -27.37 -5.54 12.79
CA ALA B 22 -26.39 -5.76 13.85
C ALA B 22 -24.98 -5.88 13.30
N LEU B 23 -24.83 -6.45 12.11
CA LEU B 23 -23.50 -6.58 11.51
C LEU B 23 -22.91 -5.22 11.19
N ALA B 24 -23.74 -4.23 10.87
CA ALA B 24 -23.24 -2.88 10.58
C ALA B 24 -22.72 -2.20 11.82
N LEU B 25 -23.09 -2.67 13.02
CA LEU B 25 -22.60 -2.06 14.25
C LEU B 25 -21.10 -2.28 14.41
N LEU B 26 -20.58 -3.42 13.95
CA LEU B 26 -19.16 -3.67 14.03
C LEU B 26 -18.35 -2.68 13.20
N VAL B 27 -18.95 -2.17 12.12
CA VAL B 27 -18.25 -1.18 11.30
C VAL B 27 -17.98 0.10 12.08
N PHE B 28 -18.86 0.42 13.03
CA PHE B 28 -18.70 1.63 13.84
C PHE B 28 -17.74 1.45 15.00
N LEU B 29 -17.22 0.23 15.22
CA LEU B 29 -16.28 -0.04 16.29
C LEU B 29 -14.89 -0.33 15.77
N LEU B 30 -14.61 0.01 14.49
CA LEU B 30 -13.31 -0.25 13.89
C LEU B 30 -12.49 1.04 13.81
N PRO B 31 -11.16 0.93 13.80
CA PRO B 31 -10.34 2.14 13.71
C PRO B 31 -10.47 2.81 12.36
N ALA B 32 -10.24 4.13 12.35
CA ALA B 32 -10.36 4.90 11.12
C ALA B 32 -9.24 4.61 10.13
N ASP B 33 -8.15 3.99 10.59
CA ASP B 33 -7.01 3.68 9.72
C ASP B 33 -7.18 2.38 8.96
N SER B 34 -8.28 1.65 9.16
CA SER B 34 -8.50 0.39 8.47
C SER B 34 -8.89 0.66 7.02
N GLY B 35 -8.04 0.22 6.09
CA GLY B 35 -8.31 0.41 4.68
C GLY B 35 -9.40 -0.49 4.12
N GLU B 36 -9.68 -1.60 4.80
CA GLU B 36 -10.70 -2.55 4.36
C GLU B 36 -12.03 -2.34 5.08
N LYS B 37 -12.16 -1.27 5.88
CA LYS B 37 -13.41 -1.02 6.58
C LYS B 37 -14.55 -0.76 5.60
N ILE B 38 -14.27 -0.01 4.54
CA ILE B 38 -15.30 0.29 3.55
C ILE B 38 -15.76 -0.99 2.85
N SER B 39 -14.83 -1.92 2.61
CA SER B 39 -15.18 -3.17 1.95
C SER B 39 -16.17 -3.97 2.78
N LEU B 40 -15.98 -4.00 4.11
CA LEU B 40 -16.87 -4.75 4.97
C LEU B 40 -18.30 -4.23 4.90
N GLY B 41 -18.45 -2.90 4.89
CA GLY B 41 -19.79 -2.33 4.85
C GLY B 41 -20.51 -2.57 3.54
N ILE B 42 -19.76 -2.75 2.45
CA ILE B 42 -20.39 -3.02 1.17
C ILE B 42 -21.11 -4.35 1.19
N THR B 43 -20.50 -5.38 1.78
CA THR B 43 -21.10 -6.70 1.82
C THR B 43 -22.40 -6.70 2.62
N VAL B 44 -22.47 -5.88 3.69
CA VAL B 44 -23.67 -5.84 4.50
C VAL B 44 -24.86 -5.37 3.68
N LEU B 45 -24.67 -4.32 2.87
CA LEU B 45 -25.74 -3.83 2.02
C LEU B 45 -26.07 -4.83 0.91
N LEU B 46 -25.04 -5.51 0.39
CA LEU B 46 -25.28 -6.48 -0.68
C LEU B 46 -26.15 -7.63 -0.19
N SER B 47 -25.91 -8.11 1.03
CA SER B 47 -26.70 -9.22 1.56
C SER B 47 -28.16 -8.84 1.79
N LEU B 48 -28.43 -7.56 2.04
CA LEU B 48 -29.82 -7.13 2.25
C LEU B 48 -30.62 -7.21 0.95
N THR B 49 -29.97 -6.91 -0.18
CA THR B 49 -30.68 -6.94 -1.46
C THR B 49 -31.08 -8.36 -1.85
N VAL B 50 -30.28 -9.36 -1.48
CA VAL B 50 -30.60 -10.74 -1.82
C VAL B 50 -31.92 -11.16 -1.18
N PHE B 51 -32.09 -10.83 0.10
CA PHE B 51 -33.33 -11.17 0.79
C PHE B 51 -34.46 -10.20 0.47
N MET B 52 -34.14 -8.98 0.04
CA MET B 52 -35.18 -8.01 -0.29
C MET B 52 -35.98 -8.44 -1.51
N LEU B 53 -35.31 -9.05 -2.49
CA LEU B 53 -35.99 -9.47 -3.70
C LEU B 53 -37.00 -10.57 -3.42
N LEU B 54 -36.69 -11.48 -2.48
CA LEU B 54 -37.62 -12.55 -2.17
C LEU B 54 -38.93 -12.02 -1.62
N VAL B 55 -38.87 -11.01 -0.74
CA VAL B 55 -40.08 -10.44 -0.16
C VAL B 55 -40.88 -9.67 -1.19
N ALA B 56 -40.25 -9.21 -2.27
CA ALA B 56 -40.98 -8.47 -3.29
C ALA B 56 -42.05 -9.32 -3.94
N GLU B 57 -41.73 -10.58 -4.25
CA GLU B 57 -42.71 -11.47 -4.86
C GLU B 57 -43.85 -11.78 -3.90
N ILE B 58 -43.54 -11.95 -2.61
CA ILE B 58 -44.57 -12.25 -1.62
C ILE B 58 -45.55 -11.09 -1.52
N MET B 59 -45.04 -9.86 -1.50
CA MET B 59 -45.89 -8.69 -1.36
C MET B 59 -46.81 -8.58 -2.58
N PRO B 60 -48.13 -8.47 -2.40
CA PRO B 60 -49.01 -8.32 -3.56
C PRO B 60 -48.67 -7.05 -4.33
N SER B 61 -48.81 -7.14 -5.66
CA SER B 61 -48.55 -6.01 -6.54
C SER B 61 -49.81 -5.14 -6.59
N THR B 62 -49.93 -4.26 -5.61
CA THR B 62 -51.07 -3.36 -5.50
C THR B 62 -50.78 -2.07 -6.27
N SER B 63 -51.69 -1.10 -6.17
CA SER B 63 -51.56 0.19 -6.85
C SER B 63 -51.16 1.31 -5.89
N ASP B 64 -51.80 1.37 -4.72
CA ASP B 64 -51.48 2.40 -3.74
C ASP B 64 -51.43 1.86 -2.32
N SER B 65 -51.50 0.55 -2.12
CA SER B 65 -51.46 -0.07 -0.80
C SER B 65 -50.05 -0.60 -0.56
N SER B 66 -49.24 0.16 0.17
CA SER B 66 -47.88 -0.24 0.47
C SER B 66 -47.86 -1.11 1.72
N PRO B 67 -47.41 -2.37 1.64
CA PRO B 67 -47.37 -3.20 2.85
C PRO B 67 -46.41 -2.63 3.87
N SER B 68 -46.73 -2.87 5.15
CA SER B 68 -45.90 -2.37 6.24
C SER B 68 -44.53 -3.03 6.27
N ILE B 69 -44.35 -4.16 5.58
CA ILE B 69 -43.06 -4.84 5.58
C ILE B 69 -42.00 -3.97 4.92
N ALA B 70 -42.40 -3.12 3.97
CA ALA B 70 -41.43 -2.26 3.30
C ALA B 70 -40.86 -1.22 4.25
N GLN B 71 -41.64 -0.77 5.23
CA GLN B 71 -41.14 0.23 6.18
C GLN B 71 -39.99 -0.32 7.00
N TYR B 72 -40.08 -1.60 7.41
CA TYR B 72 -39.01 -2.19 8.19
C TYR B 72 -37.71 -2.25 7.40
N PHE B 73 -37.79 -2.59 6.11
CA PHE B 73 -36.59 -2.66 5.29
C PHE B 73 -35.98 -1.28 5.08
N ALA B 74 -36.81 -0.24 5.02
CA ALA B 74 -36.28 1.10 4.84
C ALA B 74 -35.40 1.52 6.01
N SER B 75 -35.85 1.26 7.23
CA SER B 75 -35.04 1.59 8.40
C SER B 75 -33.74 0.80 8.41
N THR B 76 -33.80 -0.49 8.07
CA THR B 76 -32.58 -1.29 8.02
C THR B 76 -31.64 -0.79 6.93
N MET B 77 -32.20 -0.43 5.77
CA MET B 77 -31.36 0.07 4.68
C MET B 77 -30.72 1.41 5.04
N ILE B 78 -31.43 2.25 5.79
CA ILE B 78 -30.88 3.54 6.20
C ILE B 78 -29.68 3.34 7.12
N ILE B 79 -29.80 2.43 8.09
CA ILE B 79 -28.69 2.16 9.00
C ILE B 79 -27.52 1.57 8.24
N VAL B 80 -27.79 0.61 7.37
CA VAL B 80 -26.72 0.00 6.58
C VAL B 80 -26.19 0.98 5.55
N GLY B 81 -27.09 1.72 4.89
CA GLY B 81 -26.64 2.70 3.90
C GLY B 81 -25.81 3.80 4.52
N LEU B 82 -26.21 4.29 5.69
CA LEU B 82 -25.45 5.34 6.36
C LEU B 82 -24.11 4.83 6.87
N SER B 83 -24.03 3.54 7.21
CA SER B 83 -22.77 2.99 7.70
C SER B 83 -21.68 3.10 6.64
N VAL B 84 -22.01 2.79 5.38
CA VAL B 84 -21.04 2.92 4.31
C VAL B 84 -20.67 4.38 4.10
N VAL B 85 -21.66 5.28 4.15
CA VAL B 85 -21.39 6.70 3.96
C VAL B 85 -20.48 7.21 5.07
N VAL B 86 -20.73 6.79 6.31
CA VAL B 86 -19.91 7.24 7.43
C VAL B 86 -18.46 6.83 7.22
N THR B 87 -18.23 5.58 6.82
CA THR B 87 -16.86 5.13 6.55
C THR B 87 -16.25 5.89 5.39
N VAL B 88 -17.06 6.30 4.41
CA VAL B 88 -16.54 7.07 3.29
C VAL B 88 -16.08 8.44 3.76
N ILE B 89 -16.82 9.05 4.69
CA ILE B 89 -16.43 10.37 5.20
C ILE B 89 -15.10 10.32 5.93
N VAL B 90 -14.71 9.15 6.44
CA VAL B 90 -13.44 9.03 7.15
C VAL B 90 -12.29 9.39 6.23
N LEU B 91 -12.35 8.97 4.97
CA LEU B 91 -11.28 9.28 4.03
C LEU B 91 -11.11 10.79 3.85
N GLN B 92 -12.19 11.54 3.95
CA GLN B 92 -12.10 12.99 3.79
C GLN B 92 -11.23 13.61 4.87
N TYR B 93 -11.36 13.15 6.11
CA TYR B 93 -10.56 13.70 7.21
C TYR B 93 -9.09 13.38 7.05
N HIS B 94 -8.76 12.20 6.51
CA HIS B 94 -7.36 11.81 6.37
C HIS B 94 -6.61 12.69 5.37
N HIS B 95 -7.31 13.38 4.49
CA HIS B 95 -6.68 14.24 3.48
C HIS B 95 -7.08 15.70 3.60
N HIS B 96 -8.34 15.98 3.90
CA HIS B 96 -8.85 17.35 4.02
C HIS B 96 -8.28 18.24 2.91
N ASP B 97 -8.44 17.78 1.68
CA ASP B 97 -7.93 18.54 0.55
C ASP B 97 -8.67 19.87 0.44
N PRO B 98 -7.99 20.95 0.02
CA PRO B 98 -8.69 22.24 -0.11
C PRO B 98 -9.88 22.18 -1.04
N ASP B 99 -9.79 21.40 -2.12
CA ASP B 99 -10.90 21.27 -3.06
C ASP B 99 -11.98 20.32 -2.59
N GLY B 100 -11.71 19.52 -1.56
CA GLY B 100 -12.69 18.59 -1.04
C GLY B 100 -12.29 17.99 0.30
N GLY B 101 -13.21 17.99 1.24
CA GLY B 101 -12.96 17.46 2.57
C GLY B 101 -13.60 18.35 3.62
N LYS B 102 -13.17 18.18 4.86
CA LYS B 102 -13.67 18.97 5.99
C LYS B 102 -12.79 20.21 6.15
N MET B 103 -12.82 21.06 5.11
CA MET B 103 -12.03 22.29 5.15
C MET B 103 -12.51 23.24 6.23
N PRO B 104 -13.81 23.54 6.36
CA PRO B 104 -14.25 24.46 7.42
C PRO B 104 -13.78 24.05 8.80
N LYS B 105 -13.06 24.94 9.48
CA LYS B 105 -12.49 24.65 10.79
C LYS B 105 -13.45 24.93 11.93
N TRP B 106 -14.63 25.52 11.66
CA TRP B 106 -15.56 25.82 12.73
C TRP B 106 -16.04 24.55 13.42
N THR B 107 -16.05 23.42 12.71
CA THR B 107 -16.43 22.15 13.31
C THR B 107 -15.25 21.38 13.87
N ARG B 108 -14.03 21.66 13.40
CA ARG B 108 -12.86 20.97 13.92
C ARG B 108 -12.66 21.27 15.40
N VAL B 109 -12.85 22.52 15.80
CA VAL B 109 -12.69 22.88 17.21
C VAL B 109 -13.70 22.14 18.06
N ILE B 110 -14.95 22.08 17.61
CA ILE B 110 -15.97 21.33 18.35
C ILE B 110 -15.62 19.84 18.38
N LEU B 111 -15.16 19.31 17.26
CA LEU B 111 -14.79 17.89 17.21
C LEU B 111 -13.64 17.59 18.16
N LEU B 112 -12.66 18.50 18.23
CA LEU B 112 -11.52 18.29 19.12
C LEU B 112 -11.97 18.19 20.58
N ASN B 113 -12.89 19.06 20.99
CA ASN B 113 -13.40 18.99 22.36
C ASN B 113 -14.13 17.67 22.60
N TRP B 114 -14.92 17.23 21.63
CA TRP B 114 -15.62 15.95 21.77
C TRP B 114 -14.64 14.79 21.85
N CYS B 115 -13.57 14.84 21.07
CA CYS B 115 -12.58 13.76 21.09
C CYS B 115 -11.93 13.65 22.48
N ALA B 116 -11.60 14.79 23.09
CA ALA B 116 -11.01 14.78 24.42
C ALA B 116 -11.99 14.38 25.51
N TRP B 117 -13.29 14.35 25.21
CA TRP B 117 -14.30 13.98 26.19
C TRP B 117 -14.48 12.47 26.31
N PHE B 118 -13.80 11.68 25.48
CA PHE B 118 -13.95 10.24 25.56
C PHE B 118 -13.48 9.72 26.92
N LEU B 119 -12.35 10.22 27.42
CA LEU B 119 -11.86 9.79 28.72
C LEU B 119 -12.72 10.35 29.85
N ARG B 120 -13.12 11.60 29.74
CA ARG B 120 -13.96 12.28 30.75
C ARG B 120 -15.10 12.96 30.01
N MET B 121 -16.20 12.24 29.81
CA MET B 121 -17.36 12.80 29.12
C MET B 121 -18.01 13.88 29.97
N LYS B 122 -18.41 14.97 29.30
CA LYS B 122 -19.08 16.06 30.00
C LYS B 122 -20.48 15.68 30.45
N ARG B 123 -21.05 14.60 29.92
CA ARG B 123 -22.39 14.19 30.30
C ARG B 123 -22.39 13.64 31.73
N PRO B 124 -23.56 13.58 32.37
CA PRO B 124 -23.61 13.07 33.75
C PRO B 124 -23.15 11.63 33.89
N GLY B 125 -23.13 10.86 32.80
CA GLY B 125 -22.70 9.48 32.90
C GLY B 125 -21.28 9.33 33.42
N GLU B 126 -20.40 10.25 33.02
CA GLU B 126 -19.01 10.23 33.46
C GLU B 126 -18.58 11.51 34.16
N ASP B 127 -19.21 12.65 33.85
CA ASP B 127 -18.85 13.89 34.53
C ASP B 127 -19.19 13.83 36.01
N LYS B 128 -20.35 13.26 36.34
CA LYS B 128 -20.78 13.18 37.73
C LYS B 128 -20.27 11.91 38.42
N VAL B 129 -20.07 10.82 37.67
CA VAL B 129 -19.60 9.56 38.26
C VAL B 129 -18.08 9.62 38.21
N ARG B 130 -17.51 10.24 39.25
CA ARG B 130 -16.08 10.38 39.38
C ARG B 130 -15.77 10.99 40.75
N PRO B 131 -14.53 10.89 41.22
CA PRO B 131 -14.20 11.48 42.51
C PRO B 131 -14.46 12.99 42.52
N ALA B 132 -14.95 13.47 43.66
CA ALA B 132 -15.26 14.89 43.82
C ALA B 132 -14.99 15.29 45.27
N CYS B 133 -14.34 16.44 45.44
CA CYS B 133 -14.03 16.94 46.77
C CYS B 133 -13.88 18.46 46.69
N GLN B 134 -13.92 19.10 47.85
CA GLN B 134 -13.78 20.54 47.96
C GLN B 134 -12.34 20.98 48.23
N HIS B 135 -11.39 20.05 48.24
CA HIS B 135 -10.00 20.36 48.51
C HIS B 135 -9.37 20.98 47.26
N LYS B 136 -8.05 21.18 47.29
CA LYS B 136 -7.34 21.79 46.17
C LYS B 136 -7.30 20.89 44.94
N GLN B 137 -7.66 19.62 45.06
CA GLN B 137 -7.63 18.73 43.91
C GLN B 137 -8.59 19.18 42.83
N ARG B 138 -9.71 19.80 43.21
CA ARG B 138 -10.72 20.27 42.25
C ARG B 138 -10.75 21.79 42.16
N ARG B 139 -9.71 22.47 42.64
CA ARG B 139 -9.65 23.92 42.58
C ARG B 139 -8.96 24.36 41.29
N CYS B 140 -8.86 25.67 41.11
CA CYS B 140 -8.23 26.25 39.93
C CYS B 140 -7.18 27.27 40.36
N SER B 141 -6.15 27.42 39.52
CA SER B 141 -5.06 28.33 39.80
C SER B 141 -4.55 28.90 38.47
N LEU B 142 -3.43 29.61 38.52
CA LEU B 142 -2.87 30.20 37.31
C LEU B 142 -2.44 29.13 36.32
N ALA B 143 -1.86 28.03 36.81
CA ALA B 143 -1.39 26.97 35.92
C ALA B 143 -2.56 26.35 35.16
N SER B 144 -3.68 26.11 35.82
CA SER B 144 -4.82 25.49 35.16
C SER B 144 -5.44 26.42 34.12
N VAL B 145 -5.49 27.72 34.43
CA VAL B 145 -6.09 28.70 33.53
C VAL B 145 -4.98 29.20 32.61
N GLU B 146 -5.03 28.77 31.35
CA GLU B 146 -4.06 29.16 30.34
C GLU B 146 -4.60 30.23 29.40
N MET B 147 -5.62 30.96 29.83
CA MET B 147 -6.19 32.02 28.99
C MET B 147 -5.26 33.21 28.84
N SER B 148 -4.32 33.39 29.77
CA SER B 148 -3.38 34.50 29.75
C SER B 148 -2.00 34.06 29.30
N ALA B 149 -1.93 33.12 28.35
CA ALA B 149 -0.65 32.62 27.82
C ALA B 149 0.20 32.02 28.94
N VAL B 150 -0.42 31.16 29.75
CA VAL B 150 0.25 30.48 30.84
C VAL B 150 0.53 29.05 30.42
N ALA B 151 1.77 28.62 30.59
CA ALA B 151 2.14 27.26 30.20
C ALA B 151 1.39 26.25 31.05
N PRO B 152 0.90 25.16 30.46
CA PRO B 152 0.15 24.17 31.25
C PRO B 152 1.08 23.41 32.17
N PRO B 153 0.54 22.77 33.22
CA PRO B 153 1.39 21.99 34.13
C PRO B 153 2.17 20.93 33.37
N PRO B 154 3.49 20.90 33.50
CA PRO B 154 4.26 19.87 32.79
C PRO B 154 3.81 18.47 33.19
N ALA B 155 3.75 17.58 32.20
CA ALA B 155 3.33 16.20 32.42
C ALA B 155 3.89 15.33 31.30
N SER B 156 3.67 14.03 31.40
CA SER B 156 4.13 13.08 30.41
C SER B 156 3.11 12.86 29.29
N ASN B 157 1.98 13.55 29.31
CA ASN B 157 0.96 13.39 28.29
C ASN B 157 1.22 14.24 27.05
N GLY B 158 2.26 15.07 27.05
CA GLY B 158 2.58 15.89 25.90
C GLY B 158 2.66 17.36 26.23
N ASN B 159 2.59 17.70 27.52
CA ASN B 159 2.67 19.10 27.95
C ASN B 159 4.11 19.57 28.05
N LEU B 160 5.03 18.71 28.47
CA LEU B 160 6.43 19.10 28.55
C LEU B 160 7.02 19.39 27.18
N LEU B 161 6.65 18.58 26.17
CA LEU B 161 7.18 18.79 24.84
C LEU B 161 6.69 20.10 24.24
N TYR B 162 5.48 20.53 24.58
CA TYR B 162 4.96 21.78 24.03
C TYR B 162 5.72 22.99 24.55
N ILE B 163 6.33 22.88 25.73
CA ILE B 163 7.07 23.98 26.32
C ILE B 163 8.52 23.98 25.84
N GLY B 164 9.16 22.83 25.85
CA GLY B 164 10.56 22.74 25.45
C GLY B 164 10.76 22.69 23.95
N PHE B 165 10.23 21.65 23.31
CA PHE B 165 10.43 21.49 21.87
C PHE B 165 9.74 22.61 21.09
N ARG B 166 8.49 22.92 21.45
CA ARG B 166 7.73 23.97 20.77
C ARG B 166 7.88 25.30 21.52
N GLY B 167 9.14 25.75 21.62
CA GLY B 167 9.41 27.00 22.31
C GLY B 167 8.77 28.20 21.65
N LEU B 168 8.70 28.20 20.32
CA LEU B 168 8.10 29.31 19.56
C LEU B 168 8.81 30.62 19.89
N ASP B 169 10.09 30.67 19.56
CA ASP B 169 10.94 31.83 19.84
C ASP B 169 10.93 32.15 21.34
N GLY B 170 10.99 31.10 22.16
CA GLY B 170 10.97 31.27 23.59
C GLY B 170 12.30 30.92 24.25
N VAL B 171 12.23 30.24 25.40
CA VAL B 171 13.45 29.91 26.13
C VAL B 171 14.31 28.93 25.34
N HIS B 172 13.67 28.02 24.60
CA HIS B 172 14.42 27.03 23.83
C HIS B 172 15.24 27.71 22.73
N CYS B 173 14.63 28.68 22.04
CA CYS B 173 15.29 29.36 20.93
C CYS B 173 16.02 30.62 21.40
N VAL B 174 15.28 31.56 21.99
CA VAL B 174 15.86 32.84 22.42
C VAL B 174 15.67 33.00 23.92
N PRO B 175 16.68 32.66 24.74
CA PRO B 175 16.53 32.84 26.21
C PRO B 175 16.64 34.30 26.63
N THR B 176 15.53 35.02 26.50
CA THR B 176 15.52 36.43 26.83
C THR B 176 15.94 36.70 28.28
N PRO B 177 15.47 35.97 29.28
CA PRO B 177 15.89 36.24 30.66
C PRO B 177 17.40 36.12 30.80
N ASP B 178 18.01 37.15 31.39
CA ASP B 178 19.47 37.20 31.58
C ASP B 178 19.81 36.39 32.84
N SER B 179 19.89 35.08 32.66
CA SER B 179 20.24 34.20 33.77
C SER B 179 21.72 34.22 34.10
N GLY B 180 22.57 34.69 33.19
CA GLY B 180 23.99 34.75 33.45
C GLY B 180 24.62 33.39 33.70
N VAL B 181 24.24 32.39 32.92
CA VAL B 181 24.76 31.04 33.04
C VAL B 181 25.70 30.70 31.89
N VAL B 182 25.36 31.15 30.67
CA VAL B 182 26.20 30.83 29.52
C VAL B 182 27.58 31.47 29.67
N CYS B 183 27.62 32.74 30.10
CA CYS B 183 28.87 33.47 30.26
C CYS B 183 29.07 33.93 31.70
N GLY B 184 28.41 33.31 32.65
CA GLY B 184 28.54 33.68 34.05
C GLY B 184 28.54 32.50 34.99
N ARG B 185 28.77 31.30 34.45
CA ARG B 185 28.78 30.10 35.26
C ARG B 185 29.59 29.03 34.53
N MET B 186 30.12 28.09 35.31
CA MET B 186 30.92 26.99 34.79
C MET B 186 30.08 25.76 34.46
N ALA B 187 28.78 25.96 34.20
CA ALA B 187 27.87 24.84 33.91
C ALA B 187 28.00 24.48 32.43
N CYS B 188 29.07 23.75 32.12
CA CYS B 188 29.34 23.30 30.75
C CYS B 188 29.45 24.46 29.78
N SER B 189 29.93 25.60 30.25
CA SER B 189 30.09 26.77 29.40
C SER B 189 31.16 27.66 30.01
N PRO B 190 31.84 28.48 29.20
CA PRO B 190 32.88 29.36 29.77
C PRO B 190 32.27 30.43 30.65
N THR B 191 33.03 30.83 31.68
CA THR B 191 32.62 31.87 32.61
C THR B 191 33.22 33.19 32.14
N HIS B 192 32.60 33.77 31.12
CA HIS B 192 33.07 35.03 30.53
C HIS B 192 34.52 34.91 30.06
N ASP B 193 34.86 33.74 29.52
CA ASP B 193 36.21 33.46 29.03
C ASP B 193 36.22 33.69 27.52
N GLU B 194 36.56 34.92 27.12
CA GLU B 194 36.61 35.27 25.71
C GLU B 194 37.90 34.81 25.03
N HIS B 195 38.88 34.34 25.80
CA HIS B 195 40.15 33.87 25.25
C HIS B 195 40.27 32.35 25.31
N LEU B 196 39.16 31.65 25.38
CA LEU B 196 39.16 30.18 25.43
C LEU B 196 39.34 29.64 24.03
N LEU B 197 40.61 29.52 23.61
CA LEU B 197 40.95 29.02 22.30
C LEU B 197 41.23 27.52 22.34
N HIS B 198 41.16 26.89 21.17
CA HIS B 198 41.41 25.45 21.04
C HIS B 198 42.91 25.23 20.88
N GLY B 199 43.64 25.50 21.97
CA GLY B 199 45.09 25.35 21.94
C GLY B 199 45.77 26.27 20.96
N GLY B 200 45.32 27.51 20.88
CA GLY B 200 45.85 28.48 19.95
C GLY B 200 45.10 28.60 18.64
N GLN B 201 44.22 27.65 18.35
CA GLN B 201 43.40 27.65 17.14
C GLN B 201 42.00 28.12 17.44
N PRO B 202 41.22 28.46 16.42
CA PRO B 202 39.84 28.89 16.65
C PRO B 202 39.02 27.77 17.28
N PRO B 203 37.97 28.11 18.03
CA PRO B 203 37.18 27.06 18.69
C PRO B 203 36.65 26.01 17.72
N GLU B 204 36.26 26.42 16.52
CA GLU B 204 35.77 25.50 15.51
C GLU B 204 36.94 24.98 14.68
N GLY B 205 37.11 23.66 14.64
CA GLY B 205 38.21 23.07 13.91
C GLY B 205 38.06 23.14 12.40
N ASP B 206 36.83 23.22 11.90
CA ASP B 206 36.60 23.30 10.46
C ASP B 206 35.23 23.92 10.18
N PRO B 207 35.16 25.01 9.41
CA PRO B 207 33.83 25.56 9.06
C PRO B 207 32.98 24.60 8.25
N ASP B 208 33.59 23.62 7.57
CA ASP B 208 32.82 22.68 6.78
C ASP B 208 31.86 21.86 7.65
N LEU B 209 32.22 21.64 8.91
CA LEU B 209 31.35 20.88 9.79
C LEU B 209 30.01 21.56 10.00
N ALA B 210 29.99 22.89 10.04
CA ALA B 210 28.74 23.61 10.19
C ALA B 210 27.82 23.37 8.99
N LYS B 211 28.39 23.37 7.78
CA LYS B 211 27.58 23.11 6.59
C LYS B 211 27.00 21.71 6.62
N ILE B 212 27.79 20.73 7.08
CA ILE B 212 27.28 19.36 7.17
C ILE B 212 26.12 19.28 8.14
N LEU B 213 26.22 20.01 9.26
CA LEU B 213 25.14 20.00 10.25
C LEU B 213 23.83 20.52 9.65
N GLU B 214 23.91 21.52 8.77
CA GLU B 214 22.70 22.05 8.16
C GLU B 214 22.00 20.98 7.32
N GLU B 215 22.77 20.21 6.55
CA GLU B 215 22.17 19.13 5.77
C GLU B 215 21.69 18.00 6.66
N VAL B 216 22.48 17.65 7.69
CA VAL B 216 22.06 16.61 8.62
C VAL B 216 20.83 17.06 9.39
N ARG B 217 20.83 18.31 9.84
CA ARG B 217 19.68 18.83 10.59
C ARG B 217 18.42 18.83 9.71
N TYR B 218 18.57 19.20 8.44
CA TYR B 218 17.41 19.19 7.54
C TYR B 218 16.84 17.78 7.40
N ILE B 219 17.72 16.78 7.26
CA ILE B 219 17.25 15.40 7.17
C ILE B 219 16.54 15.00 8.46
N ALA B 220 17.12 15.36 9.60
CA ALA B 220 16.46 15.09 10.87
C ALA B 220 15.17 15.90 11.00
N ASN B 221 15.19 17.16 10.54
CA ASN B 221 14.00 17.99 10.61
C ASN B 221 12.88 17.41 9.74
N ARG B 222 13.23 16.90 8.56
CA ARG B 222 12.22 16.29 7.70
C ARG B 222 11.59 15.07 8.38
N PHE B 223 12.41 14.25 9.05
CA PHE B 223 11.87 13.13 9.79
C PHE B 223 11.02 13.60 10.97
N ARG B 224 11.39 14.72 11.59
CA ARG B 224 10.55 15.28 12.65
C ARG B 224 9.19 15.69 12.12
N CYS B 225 9.16 16.29 10.92
CA CYS B 225 7.89 16.66 10.32
C CYS B 225 7.04 15.42 10.03
N GLN B 226 7.67 14.30 9.67
CA GLN B 226 6.91 13.06 9.46
C GLN B 226 6.24 12.62 10.75
N ASP B 227 6.95 12.71 11.87
CA ASP B 227 6.33 12.40 13.16
C ASP B 227 5.21 13.38 13.47
N GLU B 228 5.41 14.66 13.16
CA GLU B 228 4.35 15.64 13.35
C GLU B 228 3.23 15.43 12.34
N SER B 229 3.55 14.96 11.14
CA SER B 229 2.51 14.66 10.15
C SER B 229 1.58 13.55 10.65
N GLU B 230 2.14 12.53 11.31
CA GLU B 230 1.31 11.48 11.88
C GLU B 230 0.41 12.04 12.97
N ALA B 231 0.88 13.01 13.74
CA ALA B 231 0.04 13.64 14.75
C ALA B 231 -1.16 14.33 14.10
N VAL B 232 -0.93 15.03 12.97
CA VAL B 232 -2.04 15.65 12.25
C VAL B 232 -3.00 14.57 11.76
N CYS B 233 -2.47 13.48 11.20
CA CYS B 233 -3.32 12.37 10.79
C CYS B 233 -4.00 11.75 12.00
N SER B 234 -3.27 11.60 13.10
CA SER B 234 -3.87 11.09 14.32
C SER B 234 -4.96 12.03 14.84
N GLU B 235 -4.72 13.34 14.74
CA GLU B 235 -5.74 14.30 15.15
C GLU B 235 -7.01 14.13 14.31
N TRP B 236 -6.84 13.96 12.99
CA TRP B 236 -8.00 13.67 12.14
C TRP B 236 -8.51 12.26 12.38
N LYS B 237 -7.63 11.33 12.75
CA LYS B 237 -8.07 9.97 13.04
C LYS B 237 -9.02 9.96 14.23
N PHE B 238 -8.71 10.73 15.28
CA PHE B 238 -9.61 10.80 16.43
C PHE B 238 -10.96 11.40 16.03
N ALA B 239 -10.94 12.44 15.21
CA ALA B 239 -12.19 13.03 14.74
C ALA B 239 -12.99 12.08 13.86
N ALA B 240 -12.35 11.09 13.26
CA ALA B 240 -13.04 10.10 12.44
C ALA B 240 -13.63 8.97 13.26
N CYS B 241 -12.98 8.58 14.36
CA CYS B 241 -13.48 7.50 15.20
C CYS B 241 -14.68 7.96 16.03
N VAL B 242 -14.72 9.22 16.44
CA VAL B 242 -15.85 9.71 17.22
C VAL B 242 -17.12 9.70 16.37
N VAL B 243 -17.01 9.99 15.09
CA VAL B 243 -18.18 9.96 14.21
C VAL B 243 -18.77 8.55 14.18
N ASP B 244 -17.92 7.53 14.05
CA ASP B 244 -18.41 6.16 14.11
C ASP B 244 -19.02 5.85 15.46
N ARG B 245 -18.36 6.26 16.55
CA ARG B 245 -18.90 6.03 17.88
C ARG B 245 -20.17 6.84 18.11
N LEU B 246 -20.21 8.08 17.61
CA LEU B 246 -21.39 8.91 17.79
C LEU B 246 -22.60 8.28 17.09
N CYS B 247 -22.40 7.78 15.88
CA CYS B 247 -23.50 7.14 15.15
C CYS B 247 -23.83 5.75 15.68
N LEU B 248 -22.91 5.12 16.40
CA LEU B 248 -23.20 3.80 16.97
C LEU B 248 -24.31 3.89 17.99
N MET B 249 -24.24 4.88 18.89
CA MET B 249 -25.29 5.04 19.88
C MET B 249 -26.59 5.52 19.26
N ALA B 250 -26.51 6.42 18.28
CA ALA B 250 -27.71 6.93 17.63
C ALA B 250 -28.45 5.81 16.90
N PHE B 251 -27.72 4.96 16.17
CA PHE B 251 -28.35 3.86 15.45
C PHE B 251 -28.73 2.71 16.37
N SER B 252 -28.13 2.61 17.56
CA SER B 252 -28.51 1.56 18.50
C SER B 252 -29.96 1.73 18.94
N VAL B 253 -30.38 2.96 19.23
CA VAL B 253 -31.77 3.20 19.61
C VAL B 253 -32.71 2.87 18.46
N PHE B 254 -32.34 3.28 17.24
CA PHE B 254 -33.20 2.98 16.09
C PHE B 254 -33.31 1.48 15.86
N THR B 255 -32.21 0.75 16.01
CA THR B 255 -32.25 -0.70 15.82
C THR B 255 -33.16 -1.35 16.85
N ILE B 256 -33.09 -0.89 18.10
CA ILE B 256 -33.97 -1.43 19.14
C ILE B 256 -35.42 -1.12 18.83
N ILE B 257 -35.69 0.09 18.32
CA ILE B 257 -37.06 0.47 17.98
C ILE B 257 -37.61 -0.44 16.88
N CYS B 258 -36.79 -0.72 15.88
CA CYS B 258 -37.25 -1.58 14.79
C CYS B 258 -37.59 -2.98 15.30
N THR B 259 -36.76 -3.53 16.18
CA THR B 259 -37.05 -4.84 16.75
C THR B 259 -38.34 -4.80 17.58
N ILE B 260 -38.52 -3.75 18.36
CA ILE B 260 -39.75 -3.62 19.16
C ILE B 260 -40.96 -3.52 18.25
N GLY B 261 -40.85 -2.74 17.17
CA GLY B 261 -41.99 -2.59 16.26
C GLY B 261 -42.42 -3.90 15.64
N ILE B 262 -41.47 -4.74 15.26
CA ILE B 262 -41.81 -6.03 14.68
C ILE B 262 -42.54 -6.89 15.69
N LEU B 263 -42.07 -6.92 16.93
CA LEU B 263 -42.72 -7.71 17.97
C LEU B 263 -44.03 -7.08 18.43
N MET B 264 -44.27 -5.80 18.10
CA MET B 264 -45.47 -5.11 18.49
C MET B 264 -46.50 -5.01 17.37
N SER B 265 -46.05 -5.02 16.11
CA SER B 265 -46.96 -4.92 14.97
C SER B 265 -47.37 -6.27 14.42
N ALA B 266 -46.60 -7.32 14.69
CA ALA B 266 -46.95 -8.65 14.18
C ALA B 266 -48.31 -9.12 14.71
N PRO B 267 -48.63 -8.98 16.00
CA PRO B 267 -49.94 -9.46 16.47
C PRO B 267 -51.12 -8.78 15.80
N ASN B 268 -50.94 -7.56 15.30
CA ASN B 268 -52.03 -6.84 14.64
C ASN B 268 -52.08 -7.11 13.14
N PHE B 269 -50.92 -7.26 12.50
CA PHE B 269 -50.85 -7.54 11.06
C PHE B 269 -50.56 -9.00 10.77
N VAL B 270 -49.51 -9.54 11.36
CA VAL B 270 -49.14 -10.94 11.14
C VAL B 270 -49.97 -11.84 12.06
N LEU C 7 -30.22 -39.98 -4.02
CA LEU C 7 -30.09 -38.69 -3.35
C LEU C 7 -29.67 -37.60 -4.32
N TYR C 8 -30.61 -37.19 -5.18
CA TYR C 8 -30.30 -36.14 -6.16
C TYR C 8 -29.95 -34.83 -5.46
N TYR C 9 -30.72 -34.47 -4.43
CA TYR C 9 -30.43 -33.24 -3.68
C TYR C 9 -29.32 -33.44 -2.65
N GLY C 10 -28.99 -34.68 -2.32
CA GLY C 10 -27.91 -34.92 -1.37
C GLY C 10 -26.53 -34.77 -1.97
N LEU C 11 -26.39 -35.03 -3.27
CA LEU C 11 -25.12 -34.93 -3.96
C LEU C 11 -24.94 -33.61 -4.68
N ASN C 12 -25.90 -32.68 -4.56
CA ASN C 12 -25.84 -31.42 -5.29
C ASN C 12 -25.99 -30.23 -4.35
N LEU C 13 -26.71 -30.41 -3.24
CA LEU C 13 -26.96 -29.35 -2.28
C LEU C 13 -26.31 -29.58 -0.93
N LEU C 14 -26.28 -30.82 -0.45
CA LEU C 14 -25.66 -31.10 0.84
C LEU C 14 -24.14 -31.09 0.75
N ILE C 15 -23.59 -31.56 -0.37
CA ILE C 15 -22.12 -31.61 -0.51
C ILE C 15 -21.51 -30.22 -0.41
N PRO C 16 -21.99 -29.21 -1.14
CA PRO C 16 -21.42 -27.86 -0.97
C PRO C 16 -21.57 -27.30 0.43
N CYS C 17 -22.54 -27.78 1.20
CA CYS C 17 -22.76 -27.26 2.54
C CYS C 17 -21.52 -27.47 3.41
N VAL C 18 -20.92 -28.66 3.34
CA VAL C 18 -19.73 -28.94 4.14
C VAL C 18 -18.49 -28.37 3.47
N LEU C 19 -18.50 -28.27 2.13
CA LEU C 19 -17.36 -27.68 1.44
C LEU C 19 -17.24 -26.19 1.72
N ILE C 20 -18.37 -25.48 1.79
CA ILE C 20 -18.34 -24.06 2.07
C ILE C 20 -17.77 -23.82 3.47
N SER C 21 -18.21 -24.60 4.45
CA SER C 21 -17.69 -24.46 5.81
C SER C 21 -16.21 -24.83 5.88
N ALA C 22 -15.79 -25.82 5.09
CA ALA C 22 -14.38 -26.21 5.09
C ALA C 22 -13.49 -25.14 4.47
N LEU C 23 -14.01 -24.40 3.49
CA LEU C 23 -13.23 -23.33 2.89
C LEU C 23 -12.94 -22.20 3.87
N ALA C 24 -13.83 -22.00 4.85
CA ALA C 24 -13.61 -20.98 5.86
C ALA C 24 -12.50 -21.36 6.83
N LEU C 25 -12.16 -22.65 6.92
CA LEU C 25 -11.09 -23.07 7.82
C LEU C 25 -9.74 -22.52 7.38
N LEU C 26 -9.53 -22.38 6.07
CA LEU C 26 -8.26 -21.83 5.59
C LEU C 26 -8.08 -20.38 6.03
N VAL C 27 -9.19 -19.65 6.23
CA VAL C 27 -9.09 -18.27 6.69
C VAL C 27 -8.48 -18.20 8.08
N PHE C 28 -8.71 -19.22 8.89
CA PHE C 28 -8.19 -19.26 10.26
C PHE C 28 -6.74 -19.72 10.32
N LEU C 29 -6.15 -20.13 9.20
CA LEU C 29 -4.76 -20.58 9.15
C LEU C 29 -3.86 -19.59 8.42
N LEU C 30 -4.34 -18.35 8.20
CA LEU C 30 -3.57 -17.33 7.49
C LEU C 30 -2.98 -16.32 8.46
N PRO C 31 -1.86 -15.70 8.10
CA PRO C 31 -1.27 -14.69 8.99
C PRO C 31 -2.16 -13.46 9.13
N ALA C 32 -2.02 -12.78 10.27
CA ALA C 32 -2.80 -11.59 10.54
C ALA C 32 -2.37 -10.39 9.71
N ASP C 33 -1.20 -10.44 9.08
CA ASP C 33 -0.70 -9.35 8.27
C ASP C 33 -1.21 -9.38 6.84
N SER C 34 -2.00 -10.38 6.47
CA SER C 34 -2.53 -10.49 5.12
C SER C 34 -3.66 -9.50 4.92
N GLY C 35 -3.47 -8.53 4.03
CA GLY C 35 -4.49 -7.53 3.77
C GLY C 35 -5.66 -8.05 2.95
N GLU C 36 -5.47 -9.15 2.23
CA GLU C 36 -6.51 -9.74 1.40
C GLU C 36 -7.24 -10.89 2.09
N LYS C 37 -6.96 -11.12 3.38
CA LYS C 37 -7.63 -12.20 4.10
C LYS C 37 -9.12 -11.93 4.22
N ILE C 38 -9.51 -10.68 4.45
CA ILE C 38 -10.92 -10.35 4.58
C ILE C 38 -11.64 -10.59 3.26
N SER C 39 -10.97 -10.32 2.13
CA SER C 39 -11.59 -10.53 0.82
C SER C 39 -11.93 -12.00 0.62
N LEU C 40 -11.04 -12.90 1.02
CA LEU C 40 -11.29 -14.32 0.83
C LEU C 40 -12.53 -14.77 1.60
N GLY C 41 -12.71 -14.29 2.83
CA GLY C 41 -13.86 -14.69 3.62
C GLY C 41 -15.17 -14.19 3.06
N ILE C 42 -15.15 -13.06 2.36
CA ILE C 42 -16.37 -12.53 1.77
C ILE C 42 -16.89 -13.47 0.69
N THR C 43 -15.99 -14.01 -0.14
CA THR C 43 -16.42 -14.89 -1.21
C THR C 43 -17.07 -16.17 -0.67
N VAL C 44 -16.58 -16.67 0.47
CA VAL C 44 -17.15 -17.89 1.04
C VAL C 44 -18.62 -17.66 1.40
N LEU C 45 -18.94 -16.52 2.02
CA LEU C 45 -20.32 -16.23 2.36
C LEU C 45 -21.16 -15.96 1.12
N LEU C 46 -20.57 -15.33 0.09
CA LEU C 46 -21.34 -15.04 -1.11
C LEU C 46 -21.77 -16.31 -1.82
N SER C 47 -20.89 -17.32 -1.87
CA SER C 47 -21.23 -18.57 -2.53
C SER C 47 -22.32 -19.34 -1.80
N LEU C 48 -22.45 -19.16 -0.48
CA LEU C 48 -23.50 -19.84 0.27
C LEU C 48 -24.87 -19.29 -0.09
N THR C 49 -24.97 -17.99 -0.35
CA THR C 49 -26.25 -17.39 -0.68
C THR C 49 -26.76 -17.87 -2.04
N VAL C 50 -25.86 -18.14 -2.98
CA VAL C 50 -26.28 -18.59 -4.30
C VAL C 50 -27.02 -19.92 -4.20
N PHE C 51 -26.47 -20.86 -3.43
CA PHE C 51 -27.12 -22.16 -3.25
C PHE C 51 -28.27 -22.10 -2.26
N MET C 52 -28.30 -21.09 -1.39
CA MET C 52 -29.39 -20.98 -0.42
C MET C 52 -30.70 -20.67 -1.11
N LEU C 53 -30.66 -19.83 -2.16
CA LEU C 53 -31.89 -19.46 -2.86
C LEU C 53 -32.51 -20.66 -3.56
N LEU C 54 -31.70 -21.59 -4.05
CA LEU C 54 -32.24 -22.76 -4.74
C LEU C 54 -33.07 -23.62 -3.79
N VAL C 55 -32.59 -23.80 -2.56
CA VAL C 55 -33.32 -24.62 -1.59
C VAL C 55 -34.59 -23.92 -1.11
N ALA C 56 -34.65 -22.59 -1.22
CA ALA C 56 -35.84 -21.88 -0.76
C ALA C 56 -37.07 -22.30 -1.57
N GLU C 57 -36.93 -22.42 -2.89
CA GLU C 57 -38.07 -22.83 -3.71
C GLU C 57 -38.49 -24.26 -3.41
N ILE C 58 -37.51 -25.15 -3.16
CA ILE C 58 -37.84 -26.54 -2.87
C ILE C 58 -38.63 -26.64 -1.58
N MET C 59 -38.23 -25.89 -0.55
CA MET C 59 -38.91 -25.96 0.73
C MET C 59 -40.34 -25.46 0.57
N PRO C 60 -41.35 -26.22 0.99
CA PRO C 60 -42.73 -25.73 0.89
C PRO C 60 -42.93 -24.45 1.67
N SER C 61 -43.76 -23.56 1.12
CA SER C 61 -44.07 -22.28 1.77
C SER C 61 -45.17 -22.51 2.78
N THR C 62 -44.78 -22.98 3.96
CA THR C 62 -45.72 -23.26 5.04
C THR C 62 -45.93 -22.00 5.88
N SER C 63 -46.66 -22.14 6.98
CA SER C 63 -46.96 -21.03 7.88
C SER C 63 -46.21 -21.10 9.20
N ASP C 64 -46.09 -22.29 9.79
CA ASP C 64 -45.37 -22.45 11.05
C ASP C 64 -44.50 -23.70 11.09
N SER C 65 -44.38 -24.43 9.98
CA SER C 65 -43.58 -25.64 9.91
C SER C 65 -42.25 -25.30 9.24
N SER C 66 -41.20 -25.20 10.05
CA SER C 66 -39.87 -24.88 9.53
C SER C 66 -39.15 -26.16 9.15
N PRO C 67 -38.79 -26.36 7.88
CA PRO C 67 -38.05 -27.58 7.51
C PRO C 67 -36.71 -27.65 8.23
N SER C 68 -36.29 -28.89 8.52
CA SER C 68 -35.02 -29.09 9.21
C SER C 68 -33.82 -28.68 8.37
N ILE C 69 -34.00 -28.55 7.05
CA ILE C 69 -32.88 -28.16 6.19
C ILE C 69 -32.43 -26.74 6.52
N ALA C 70 -33.35 -25.89 6.97
CA ALA C 70 -32.98 -24.52 7.30
C ALA C 70 -32.05 -24.47 8.50
N GLN C 71 -32.18 -25.41 9.44
CA GLN C 71 -31.31 -25.41 10.61
C GLN C 71 -29.86 -25.64 10.21
N TYR C 72 -29.63 -26.53 9.23
CA TYR C 72 -28.27 -26.79 8.79
C TYR C 72 -27.64 -25.54 8.19
N PHE C 73 -28.40 -24.78 7.40
CA PHE C 73 -27.87 -23.57 6.80
C PHE C 73 -27.53 -22.53 7.85
N ALA C 74 -28.32 -22.45 8.93
CA ALA C 74 -28.04 -21.49 9.99
C ALA C 74 -26.71 -21.79 10.66
N SER C 75 -26.46 -23.06 10.97
CA SER C 75 -25.19 -23.43 11.59
C SER C 75 -24.03 -23.17 10.65
N THR C 76 -24.18 -23.50 9.36
CA THR C 76 -23.12 -23.26 8.40
C THR C 76 -22.83 -21.77 8.25
N MET C 77 -23.89 -20.94 8.20
CA MET C 77 -23.68 -19.52 8.04
C MET C 77 -23.02 -18.89 9.26
N ILE C 78 -23.27 -19.44 10.45
CA ILE C 78 -22.65 -18.90 11.66
C ILE C 78 -21.13 -19.06 11.59
N ILE C 79 -20.66 -20.23 11.18
CA ILE C 79 -19.23 -20.45 11.06
C ILE C 79 -18.64 -19.54 9.99
N VAL C 80 -19.31 -19.46 8.85
CA VAL C 80 -18.82 -18.59 7.77
C VAL C 80 -18.96 -17.13 8.16
N GLY C 81 -20.09 -16.75 8.76
CA GLY C 81 -20.27 -15.37 9.16
C GLY C 81 -19.29 -14.94 10.23
N LEU C 82 -19.02 -15.82 11.21
CA LEU C 82 -18.08 -15.48 12.27
C LEU C 82 -16.65 -15.41 11.74
N SER C 83 -16.34 -16.17 10.69
CA SER C 83 -14.99 -16.13 10.13
C SER C 83 -14.67 -14.75 9.60
N VAL C 84 -15.62 -14.11 8.91
CA VAL C 84 -15.39 -12.75 8.42
C VAL C 84 -15.24 -11.78 9.58
N VAL C 85 -16.08 -11.93 10.61
CA VAL C 85 -16.00 -11.05 11.77
C VAL C 85 -14.67 -11.21 12.48
N VAL C 86 -14.18 -12.45 12.58
CA VAL C 86 -12.90 -12.69 13.24
C VAL C 86 -11.78 -11.97 12.50
N THR C 87 -11.77 -12.06 11.17
CA THR C 87 -10.76 -11.35 10.40
C THR C 87 -10.90 -9.84 10.55
N VAL C 88 -12.13 -9.35 10.71
CA VAL C 88 -12.35 -7.91 10.91
C VAL C 88 -11.75 -7.47 12.23
N ILE C 89 -11.89 -8.29 13.27
CA ILE C 89 -11.35 -7.95 14.58
C ILE C 89 -9.83 -7.84 14.53
N VAL C 90 -9.18 -8.51 13.58
CA VAL C 90 -7.72 -8.45 13.48
C VAL C 90 -7.26 -7.02 13.26
N LEU C 91 -8.00 -6.26 12.45
CA LEU C 91 -7.62 -4.88 12.18
C LEU C 91 -7.61 -4.03 13.45
N GLN C 92 -8.48 -4.36 14.42
CA GLN C 92 -8.52 -3.60 15.66
C GLN C 92 -7.21 -3.74 16.43
N TYR C 93 -6.64 -4.93 16.46
CA TYR C 93 -5.40 -5.14 17.20
C TYR C 93 -4.23 -4.39 16.55
N HIS C 94 -4.22 -4.33 15.22
CA HIS C 94 -3.13 -3.65 14.53
C HIS C 94 -3.11 -2.15 14.79
N HIS C 95 -4.21 -1.58 15.23
CA HIS C 95 -4.31 -0.15 15.50
C HIS C 95 -4.60 0.18 16.95
N HIS C 96 -5.49 -0.57 17.60
CA HIS C 96 -5.88 -0.34 18.99
C HIS C 96 -6.03 1.14 19.28
N ASP C 97 -6.84 1.81 18.46
CA ASP C 97 -7.05 3.24 18.63
C ASP C 97 -7.76 3.50 19.96
N PRO C 98 -7.44 4.60 20.65
CA PRO C 98 -8.13 4.87 21.92
C PRO C 98 -9.64 4.96 21.79
N ASP C 99 -10.14 5.49 20.68
CA ASP C 99 -11.58 5.61 20.48
C ASP C 99 -12.22 4.31 20.01
N GLY C 100 -11.43 3.33 19.59
CA GLY C 100 -11.98 2.06 19.15
C GLY C 100 -10.92 1.00 18.95
N GLY C 101 -11.15 -0.19 19.50
CA GLY C 101 -10.24 -1.30 19.39
C GLY C 101 -10.13 -2.03 20.71
N LYS C 102 -9.09 -2.84 20.83
CA LYS C 102 -8.84 -3.61 22.06
C LYS C 102 -8.00 -2.77 23.02
N MET C 103 -8.63 -1.71 23.52
CA MET C 103 -7.99 -0.79 24.45
C MET C 103 -7.83 -1.42 25.82
N PRO C 104 -8.89 -2.02 26.39
CA PRO C 104 -8.74 -2.66 27.71
C PRO C 104 -7.58 -3.65 27.76
N LYS C 105 -6.66 -3.42 28.69
CA LYS C 105 -5.47 -4.25 28.81
C LYS C 105 -5.68 -5.47 29.70
N TRP C 106 -6.84 -5.60 30.35
CA TRP C 106 -7.07 -6.75 31.21
C TRP C 106 -7.06 -8.05 30.42
N THR C 107 -7.39 -8.00 29.13
CA THR C 107 -7.34 -9.17 28.27
C THR C 107 -6.01 -9.32 27.55
N ARG C 108 -5.26 -8.23 27.38
CA ARG C 108 -3.98 -8.32 26.69
C ARG C 108 -3.00 -9.21 27.46
N VAL C 109 -2.99 -9.09 28.79
CA VAL C 109 -2.08 -9.91 29.59
C VAL C 109 -2.43 -11.38 29.43
N ILE C 110 -3.72 -11.71 29.47
CA ILE C 110 -4.14 -13.10 29.27
C ILE C 110 -3.78 -13.57 27.87
N LEU C 111 -3.98 -12.70 26.87
CA LEU C 111 -3.64 -13.07 25.50
C LEU C 111 -2.15 -13.32 25.35
N LEU C 112 -1.32 -12.51 26.01
CA LEU C 112 0.12 -12.70 25.91
C LEU C 112 0.54 -14.07 26.43
N ASN C 113 -0.04 -14.49 27.56
CA ASN C 113 0.28 -15.81 28.10
C ASN C 113 -0.16 -16.91 27.14
N TRP C 114 -1.34 -16.76 26.54
CA TRP C 114 -1.80 -17.75 25.57
C TRP C 114 -0.89 -17.80 24.35
N CYS C 115 -0.42 -16.64 23.89
CA CYS C 115 0.45 -16.60 22.72
C CYS C 115 1.76 -17.36 23.00
N ALA C 116 2.32 -17.19 24.18
CA ALA C 116 3.55 -17.89 24.55
C ALA C 116 3.33 -19.37 24.78
N TRP C 117 2.08 -19.82 24.91
CA TRP C 117 1.78 -21.23 25.13
C TRP C 117 1.75 -22.03 23.83
N PHE C 118 1.90 -21.38 22.67
CA PHE C 118 1.88 -22.11 21.41
C PHE C 118 3.02 -23.13 21.34
N LEU C 119 4.22 -22.71 21.76
CA LEU C 119 5.36 -23.63 21.75
C LEU C 119 5.22 -24.69 22.82
N ARG C 120 4.79 -24.30 24.02
CA ARG C 120 4.61 -25.21 25.15
C ARG C 120 3.22 -24.96 25.74
N MET C 121 2.22 -25.66 25.21
CA MET C 121 0.86 -25.50 25.69
C MET C 121 0.73 -26.02 27.12
N LYS C 122 0.01 -25.27 27.95
CA LYS C 122 -0.21 -25.67 29.34
C LYS C 122 -1.12 -26.88 29.45
N ARG C 123 -1.85 -27.22 28.39
CA ARG C 123 -2.76 -28.35 28.43
C ARG C 123 -1.97 -29.66 28.45
N PRO C 124 -2.59 -30.76 28.86
CA PRO C 124 -1.87 -32.04 28.92
C PRO C 124 -1.35 -32.50 27.57
N GLY C 125 -1.90 -31.99 26.47
CA GLY C 125 -1.44 -32.43 25.16
C GLY C 125 0.03 -32.17 24.94
N GLU C 126 0.53 -31.04 25.44
CA GLU C 126 1.93 -30.67 25.31
C GLU C 126 2.63 -30.46 26.65
N ASP C 127 1.90 -30.05 27.69
CA ASP C 127 2.52 -29.87 28.99
C ASP C 127 3.04 -31.19 29.55
N LYS C 128 2.27 -32.27 29.38
CA LYS C 128 2.67 -33.57 29.89
C LYS C 128 3.52 -34.35 28.89
N VAL C 129 3.31 -34.14 27.60
CA VAL C 129 4.08 -34.87 26.57
C VAL C 129 5.33 -34.03 26.30
N ARG C 130 6.34 -34.26 27.12
CA ARG C 130 7.61 -33.56 27.01
C ARG C 130 8.58 -34.19 28.01
N PRO C 131 9.88 -33.95 27.83
CA PRO C 131 10.86 -34.50 28.78
C PRO C 131 10.59 -34.01 30.19
N ALA C 132 10.79 -34.90 31.17
CA ALA C 132 10.58 -34.59 32.56
C ALA C 132 11.56 -35.38 33.41
N CYS C 133 12.16 -34.72 34.38
CA CYS C 133 13.12 -35.37 35.27
C CYS C 133 13.16 -34.60 36.59
N GLN C 134 13.72 -35.24 37.60
CA GLN C 134 13.86 -34.66 38.93
C GLN C 134 15.19 -33.95 39.14
N HIS C 135 16.02 -33.87 38.10
CA HIS C 135 17.32 -33.22 38.21
C HIS C 135 17.14 -31.70 38.18
N LYS C 136 18.25 -30.97 38.11
CA LYS C 136 18.20 -29.51 38.10
C LYS C 136 17.61 -28.94 36.83
N GLN C 137 17.43 -29.77 35.78
CA GLN C 137 16.84 -29.26 34.55
C GLN C 137 15.42 -28.76 34.75
N ARG C 138 14.71 -29.31 35.73
CA ARG C 138 13.33 -28.92 36.02
C ARG C 138 13.19 -28.24 37.39
N ARG C 139 14.30 -27.76 37.94
CA ARG C 139 14.28 -27.10 39.24
C ARG C 139 14.13 -25.58 39.04
N CYS C 140 14.07 -24.85 40.15
CA CYS C 140 13.92 -23.40 40.13
C CYS C 140 15.02 -22.78 40.99
N SER C 141 15.38 -21.54 40.65
CA SER C 141 16.41 -20.81 41.35
C SER C 141 16.09 -19.32 41.26
N LEU C 142 17.03 -18.49 41.71
CA LEU C 142 16.81 -17.05 41.67
C LEU C 142 16.69 -16.53 40.24
N ALA C 143 17.50 -17.08 39.33
CA ALA C 143 17.45 -16.62 37.94
C ALA C 143 16.10 -16.87 37.31
N SER C 144 15.52 -18.05 37.54
CA SER C 144 14.23 -18.38 36.94
C SER C 144 13.11 -17.53 37.53
N VAL C 145 13.16 -17.26 38.84
CA VAL C 145 12.14 -16.49 39.53
C VAL C 145 12.54 -15.02 39.43
N GLU C 146 11.84 -14.27 38.58
CA GLU C 146 12.09 -12.85 38.38
C GLU C 146 11.09 -11.98 39.12
N MET C 147 10.43 -12.51 40.15
CA MET C 147 9.46 -11.73 40.90
C MET C 147 10.12 -10.63 41.72
N SER C 148 11.40 -10.79 42.08
CA SER C 148 12.13 -9.81 42.88
C SER C 148 13.06 -8.95 42.02
N ALA C 149 12.64 -8.63 40.79
CA ALA C 149 13.44 -7.80 39.89
C ALA C 149 14.79 -8.45 39.59
N VAL C 150 14.75 -9.74 39.23
CA VAL C 150 15.93 -10.50 38.88
C VAL C 150 15.99 -10.63 37.36
N ALA C 151 17.14 -10.31 36.79
CA ALA C 151 17.30 -10.38 35.35
C ALA C 151 17.18 -11.84 34.89
N PRO C 152 16.46 -12.11 33.80
CA PRO C 152 16.32 -13.49 33.34
C PRO C 152 17.64 -14.02 32.79
N PRO C 153 17.81 -15.34 32.72
CA PRO C 153 19.05 -15.89 32.18
C PRO C 153 19.31 -15.39 30.77
N PRO C 154 20.51 -14.87 30.49
CA PRO C 154 20.81 -14.40 29.14
C PRO C 154 20.64 -15.51 28.12
N ALA C 155 20.10 -15.15 26.97
CA ALA C 155 19.86 -16.11 25.89
C ALA C 155 19.81 -15.34 24.57
N SER C 156 19.65 -16.09 23.47
CA SER C 156 19.57 -15.51 22.14
C SER C 156 18.14 -15.21 21.72
N ASN C 157 17.16 -15.45 22.58
CA ASN C 157 15.76 -15.20 22.25
C ASN C 157 15.34 -13.76 22.51
N GLY C 158 16.22 -12.93 23.06
CA GLY C 158 15.88 -11.54 23.32
C GLY C 158 16.05 -11.16 24.79
N ASN C 159 16.56 -12.09 25.60
CA ASN C 159 16.78 -11.79 27.01
C ASN C 159 18.02 -10.94 27.21
N LEU C 160 19.06 -11.15 26.40
CA LEU C 160 20.26 -10.33 26.50
C LEU C 160 19.98 -8.88 26.13
N LEU C 161 19.14 -8.65 25.12
CA LEU C 161 18.83 -7.29 24.71
C LEU C 161 18.06 -6.53 25.79
N TYR C 162 17.21 -7.23 26.54
CA TYR C 162 16.44 -6.56 27.58
C TYR C 162 17.33 -6.06 28.72
N ILE C 163 18.48 -6.70 28.92
CA ILE C 163 19.40 -6.30 29.98
C ILE C 163 20.34 -5.21 29.51
N GLY C 164 20.92 -5.36 28.32
CA GLY C 164 21.88 -4.41 27.81
C GLY C 164 21.24 -3.19 27.18
N PHE C 165 20.47 -3.40 26.11
CA PHE C 165 19.87 -2.27 25.39
C PHE C 165 18.84 -1.56 26.27
N ARG C 166 17.98 -2.33 26.94
CA ARG C 166 16.95 -1.76 27.81
C ARG C 166 17.45 -1.70 29.25
N GLY C 167 18.54 -0.95 29.43
CA GLY C 167 19.11 -0.82 30.76
C GLY C 167 18.16 -0.16 31.75
N LEU C 168 17.38 0.81 31.28
CA LEU C 168 16.43 1.53 32.11
C LEU C 168 17.14 2.18 33.31
N ASP C 169 18.04 3.11 32.98
CA ASP C 169 18.84 3.79 33.99
C ASP C 169 19.64 2.79 34.84
N GLY C 170 20.17 1.77 34.17
CA GLY C 170 20.94 0.73 34.84
C GLY C 170 22.41 0.76 34.50
N VAL C 171 23.02 -0.41 34.35
CA VAL C 171 24.45 -0.48 34.07
C VAL C 171 24.76 0.14 32.72
N HIS C 172 23.86 0.00 31.74
CA HIS C 172 24.10 0.55 30.42
C HIS C 172 24.17 2.07 30.45
N CYS C 173 23.25 2.70 31.20
CA CYS C 173 23.18 4.15 31.26
C CYS C 173 24.00 4.70 32.43
N VAL C 174 23.68 4.31 33.65
CA VAL C 174 24.31 4.81 34.86
C VAL C 174 24.96 3.62 35.59
N PRO C 175 26.25 3.39 35.38
CA PRO C 175 26.92 2.28 36.09
C PRO C 175 27.20 2.62 37.55
N THR C 176 26.17 2.43 38.37
CA THR C 176 26.29 2.76 39.79
C THR C 176 27.43 2.02 40.48
N PRO C 177 27.61 0.71 40.28
CA PRO C 177 28.71 0.01 40.96
C PRO C 177 30.05 0.65 40.63
N ASP C 178 30.86 0.88 41.67
CA ASP C 178 32.20 1.48 41.51
C ASP C 178 33.18 0.38 41.11
N SER C 179 33.19 0.06 39.82
CA SER C 179 34.08 -0.96 39.30
C SER C 179 35.51 -0.46 39.18
N GLY C 180 35.73 0.85 39.11
CA GLY C 180 37.08 1.38 38.99
C GLY C 180 37.79 0.96 37.73
N VAL C 181 37.08 0.94 36.60
CA VAL C 181 37.64 0.55 35.32
C VAL C 181 37.81 1.75 34.39
N VAL C 182 36.85 2.68 34.42
CA VAL C 182 36.94 3.85 33.55
C VAL C 182 38.15 4.70 33.91
N CYS C 183 38.37 4.92 35.20
CA CYS C 183 39.49 5.73 35.68
C CYS C 183 40.43 4.95 36.59
N GLY C 184 40.41 3.62 36.50
CA GLY C 184 41.27 2.80 37.32
C GLY C 184 41.83 1.60 36.59
N ARG C 185 41.75 1.62 35.26
CA ARG C 185 42.26 0.52 34.45
C ARG C 185 42.58 1.04 33.05
N MET C 186 43.48 0.33 32.37
CA MET C 186 43.89 0.68 31.02
C MET C 186 43.04 -0.01 29.96
N ALA C 187 41.81 -0.40 30.29
CA ALA C 187 40.93 -1.10 29.36
C ALA C 187 40.25 -0.06 28.47
N CYS C 188 40.99 0.41 27.48
CA CYS C 188 40.48 1.40 26.52
C CYS C 188 40.01 2.67 27.21
N SER C 189 40.63 3.03 28.32
CA SER C 189 40.28 4.23 29.06
C SER C 189 41.49 4.67 29.87
N PRO C 190 41.61 5.96 30.19
CA PRO C 190 42.75 6.42 30.98
C PRO C 190 42.69 5.90 32.41
N THR C 191 43.87 5.67 32.98
CA THR C 191 43.99 5.20 34.36
C THR C 191 44.18 6.41 35.26
N HIS C 192 43.07 7.11 35.53
CA HIS C 192 43.09 8.31 36.36
C HIS C 192 44.04 9.36 35.79
N ASP C 193 44.09 9.45 34.47
CA ASP C 193 44.96 10.40 33.76
C ASP C 193 44.12 11.63 33.42
N GLU C 194 44.15 12.62 34.32
CA GLU C 194 43.41 13.85 34.10
C GLU C 194 44.15 14.83 33.19
N HIS C 195 45.40 14.56 32.85
CA HIS C 195 46.18 15.42 31.97
C HIS C 195 46.38 14.81 30.58
N LEU C 196 45.51 13.89 30.19
CA LEU C 196 45.60 13.24 28.88
C LEU C 196 45.00 14.18 27.84
N LEU C 197 45.84 15.08 27.33
CA LEU C 197 45.42 16.04 26.32
C LEU C 197 45.74 15.53 24.92
N HIS C 198 45.07 16.12 23.94
CA HIS C 198 45.27 15.74 22.53
C HIS C 198 46.45 16.54 21.96
N GLY C 199 47.63 16.20 22.46
CA GLY C 199 48.84 16.89 22.04
C GLY C 199 48.83 18.37 22.37
N GLY C 200 48.37 18.72 23.57
CA GLY C 200 48.28 20.09 24.00
C GLY C 200 46.93 20.73 23.78
N GLN C 201 46.06 20.11 22.99
CA GLN C 201 44.73 20.61 22.70
C GLN C 201 43.69 19.86 23.53
N PRO C 202 42.47 20.38 23.61
CA PRO C 202 41.42 19.69 24.37
C PRO C 202 41.13 18.33 23.75
N PRO C 203 40.62 17.38 24.55
CA PRO C 203 40.36 16.05 23.99
C PRO C 203 39.44 16.06 22.79
N GLU C 204 38.44 16.95 22.78
CA GLU C 204 37.51 17.07 21.67
C GLU C 204 38.06 18.09 20.68
N GLY C 205 38.22 17.67 19.42
CA GLY C 205 38.76 18.56 18.41
C GLY C 205 37.81 19.64 17.96
N ASP C 206 36.51 19.41 18.09
CA ASP C 206 35.52 20.40 17.67
C ASP C 206 34.20 20.17 18.40
N PRO C 207 33.67 21.16 19.13
CA PRO C 207 32.35 20.98 19.76
C PRO C 207 31.23 20.75 18.76
N ASP C 208 31.41 21.16 17.50
CA ASP C 208 30.35 20.98 16.51
C ASP C 208 30.07 19.50 16.28
N LEU C 209 31.07 18.63 16.46
CA LEU C 209 30.85 17.20 16.27
C LEU C 209 29.81 16.65 17.23
N ALA C 210 29.77 17.16 18.46
CA ALA C 210 28.77 16.71 19.43
C ALA C 210 27.37 17.05 18.95
N LYS C 211 27.17 18.25 18.40
CA LYS C 211 25.87 18.63 17.89
C LYS C 211 25.44 17.72 16.73
N ILE C 212 26.37 17.38 15.85
CA ILE C 212 26.06 16.49 14.74
C ILE C 212 25.64 15.12 15.26
N LEU C 213 26.29 14.66 16.33
CA LEU C 213 25.94 13.36 16.89
C LEU C 213 24.50 13.34 17.38
N GLU C 214 24.04 14.45 17.98
CA GLU C 214 22.67 14.51 18.46
C GLU C 214 21.67 14.35 17.33
N GLU C 215 21.92 15.02 16.20
CA GLU C 215 21.04 14.87 15.04
C GLU C 215 21.16 13.47 14.44
N VAL C 216 22.38 12.95 14.34
CA VAL C 216 22.57 11.60 13.81
C VAL C 216 21.94 10.58 14.76
N ARG C 217 22.13 10.76 16.07
CA ARG C 217 21.55 9.83 17.04
C ARG C 217 20.03 9.86 16.97
N TYR C 218 19.44 11.04 16.82
CA TYR C 218 17.99 11.13 16.71
C TYR C 218 17.48 10.37 15.49
N ILE C 219 18.18 10.51 14.36
CA ILE C 219 17.79 9.76 13.15
C ILE C 219 17.90 8.26 13.41
N ALA C 220 19.00 7.84 14.03
CA ALA C 220 19.14 6.43 14.39
C ALA C 220 18.11 6.02 15.43
N ASN C 221 17.84 6.90 16.40
CA ASN C 221 16.84 6.59 17.41
C ASN C 221 15.46 6.43 16.79
N ARG C 222 15.11 7.29 15.82
CA ARG C 222 13.83 7.16 15.15
C ARG C 222 13.72 5.82 14.42
N PHE C 223 14.80 5.40 13.76
CA PHE C 223 14.81 4.09 13.13
C PHE C 223 14.71 2.97 14.16
N ARG C 224 15.34 3.15 15.33
CA ARG C 224 15.20 2.15 16.39
C ARG C 224 13.75 2.03 16.84
N CYS C 225 13.04 3.17 16.96
CA CYS C 225 11.64 3.12 17.32
C CYS C 225 10.81 2.42 16.26
N GLN C 226 11.19 2.56 14.98
CA GLN C 226 10.49 1.83 13.92
C GLN C 226 10.62 0.33 14.11
N ASP C 227 11.82 -0.14 14.47
CA ASP C 227 11.99 -1.56 14.77
C ASP C 227 11.18 -1.96 16.00
N GLU C 228 11.13 -1.09 17.01
CA GLU C 228 10.32 -1.37 18.18
C GLU C 228 8.83 -1.28 17.84
N SER C 229 8.46 -0.40 16.91
CA SER C 229 7.06 -0.32 16.48
C SER C 229 6.63 -1.63 15.84
N GLU C 230 7.49 -2.25 15.05
CA GLU C 230 7.17 -3.55 14.46
C GLU C 230 6.97 -4.60 15.54
N ALA C 231 7.77 -4.53 16.61
CA ALA C 231 7.59 -5.45 17.72
C ALA C 231 6.22 -5.27 18.36
N VAL C 232 5.79 -4.03 18.54
CA VAL C 232 4.45 -3.77 19.06
C VAL C 232 3.40 -4.32 18.12
N CYS C 233 3.57 -4.09 16.82
CA CYS C 233 2.66 -4.68 15.84
C CYS C 233 2.77 -6.19 15.84
N SER C 234 3.99 -6.72 15.99
CA SER C 234 4.14 -8.18 16.09
C SER C 234 3.48 -8.72 17.35
N GLU C 235 3.58 -7.98 18.45
CA GLU C 235 2.91 -8.40 19.68
C GLU C 235 1.40 -8.47 19.47
N TRP C 236 0.82 -7.47 18.79
CA TRP C 236 -0.59 -7.54 18.45
C TRP C 236 -0.85 -8.56 17.35
N LYS C 237 0.13 -8.78 16.46
CA LYS C 237 -0.03 -9.79 15.43
C LYS C 237 -0.18 -11.18 16.04
N PHE C 238 0.63 -11.49 17.05
CA PHE C 238 0.51 -12.77 17.73
C PHE C 238 -0.86 -12.92 18.39
N ALA C 239 -1.35 -11.86 19.02
CA ALA C 239 -2.67 -11.91 19.64
C ALA C 239 -3.78 -12.05 18.60
N ALA C 240 -3.52 -11.68 17.35
CA ALA C 240 -4.52 -11.84 16.29
C ALA C 240 -4.52 -13.23 15.69
N CYS C 241 -3.36 -13.88 15.61
CA CYS C 241 -3.30 -15.23 15.04
C CYS C 241 -3.86 -16.27 16.00
N VAL C 242 -3.71 -16.06 17.31
CA VAL C 242 -4.26 -17.02 18.28
C VAL C 242 -5.77 -17.04 18.21
N VAL C 243 -6.40 -15.88 17.97
CA VAL C 243 -7.86 -15.84 17.86
C VAL C 243 -8.32 -16.69 16.70
N ASP C 244 -7.64 -16.57 15.55
CA ASP C 244 -7.97 -17.43 14.41
C ASP C 244 -7.73 -18.90 14.74
N ARG C 245 -6.61 -19.20 15.39
CA ARG C 245 -6.32 -20.58 15.77
C ARG C 245 -7.29 -21.06 16.84
N LEU C 246 -7.64 -20.19 17.79
CA LEU C 246 -8.57 -20.59 18.84
C LEU C 246 -9.94 -20.93 18.26
N CYS C 247 -10.42 -20.13 17.32
CA CYS C 247 -11.71 -20.40 16.68
C CYS C 247 -11.65 -21.55 15.69
N LEU C 248 -10.46 -21.88 15.19
CA LEU C 248 -10.33 -23.00 14.26
C LEU C 248 -10.71 -24.31 14.93
N MET C 249 -10.21 -24.53 16.16
CA MET C 249 -10.54 -25.76 16.88
C MET C 249 -11.99 -25.75 17.33
N ALA C 250 -12.49 -24.60 17.79
CA ALA C 250 -13.87 -24.53 18.25
C ALA C 250 -14.85 -24.81 17.11
N PHE C 251 -14.60 -24.23 15.93
CA PHE C 251 -15.47 -24.46 14.78
C PHE C 251 -15.27 -25.84 14.16
N SER C 252 -14.11 -26.46 14.38
CA SER C 252 -13.88 -27.80 13.85
C SER C 252 -14.86 -28.80 14.45
N VAL C 253 -15.10 -28.72 15.77
CA VAL C 253 -16.07 -29.61 16.40
C VAL C 253 -17.46 -29.35 15.87
N PHE C 254 -17.84 -28.07 15.73
CA PHE C 254 -19.16 -27.75 15.20
C PHE C 254 -19.34 -28.26 13.78
N THR C 255 -18.30 -28.11 12.95
CA THR C 255 -18.40 -28.60 11.57
C THR C 255 -18.58 -30.11 11.54
N ILE C 256 -17.85 -30.84 12.40
CA ILE C 256 -18.01 -32.29 12.47
C ILE C 256 -19.41 -32.65 12.94
N ILE C 257 -19.94 -31.90 13.91
CA ILE C 257 -21.28 -32.18 14.41
C ILE C 257 -22.32 -32.00 13.29
N CYS C 258 -22.18 -30.93 12.50
CA CYS C 258 -23.12 -30.69 11.42
C CYS C 258 -23.09 -31.82 10.40
N THR C 259 -21.88 -32.30 10.05
CA THR C 259 -21.78 -33.41 9.12
C THR C 259 -22.40 -34.68 9.70
N ILE C 260 -22.18 -34.93 10.98
CA ILE C 260 -22.76 -36.11 11.62
C ILE C 260 -24.28 -36.01 11.64
N GLY C 261 -24.82 -34.82 11.91
CA GLY C 261 -26.26 -34.65 11.93
C GLY C 261 -26.91 -34.96 10.59
N ILE C 262 -26.28 -34.53 9.51
CA ILE C 262 -26.82 -34.79 8.18
C ILE C 262 -26.85 -36.30 7.92
N LEU C 263 -25.77 -37.00 8.27
CA LEU C 263 -25.73 -38.45 8.08
C LEU C 263 -26.61 -39.19 9.07
N MET C 264 -27.03 -38.54 10.15
CA MET C 264 -27.87 -39.15 11.16
C MET C 264 -29.34 -38.76 11.05
N SER C 265 -29.64 -37.60 10.47
CA SER C 265 -31.01 -37.14 10.33
C SER C 265 -31.63 -37.52 8.99
N ALA C 266 -30.81 -37.76 7.96
CA ALA C 266 -31.35 -38.13 6.66
C ALA C 266 -32.16 -39.41 6.71
N PRO C 267 -31.73 -40.49 7.36
CA PRO C 267 -32.54 -41.73 7.38
C PRO C 267 -33.91 -41.54 8.00
N ASN C 268 -34.09 -40.55 8.88
CA ASN C 268 -35.38 -40.32 9.52
C ASN C 268 -36.24 -39.34 8.73
N PHE C 269 -35.62 -38.32 8.13
CA PHE C 269 -36.34 -37.32 7.35
C PHE C 269 -36.21 -37.57 5.85
N VAL C 270 -34.98 -37.70 5.35
CA VAL C 270 -34.77 -37.92 3.93
C VAL C 270 -34.92 -39.40 3.61
N LEU D 7 -25.98 -28.88 -31.75
CA LEU D 7 -25.56 -28.76 -30.35
C LEU D 7 -25.82 -27.34 -29.84
N TYR D 8 -27.09 -27.02 -29.62
CA TYR D 8 -27.41 -25.69 -29.11
C TYR D 8 -26.82 -25.45 -27.74
N TYR D 9 -26.88 -26.44 -26.85
CA TYR D 9 -26.31 -26.32 -25.52
C TYR D 9 -24.80 -26.54 -25.51
N GLY D 10 -24.24 -27.13 -26.58
CA GLY D 10 -22.81 -27.35 -26.62
C GLY D 10 -22.01 -26.10 -26.95
N LEU D 11 -22.62 -25.16 -27.65
CA LEU D 11 -21.96 -23.92 -28.04
C LEU D 11 -22.24 -22.77 -27.08
N ASN D 12 -23.00 -23.01 -26.00
CA ASN D 12 -23.35 -21.95 -25.07
C ASN D 12 -23.01 -22.35 -23.64
N LEU D 13 -23.00 -23.64 -23.35
CA LEU D 13 -22.74 -24.15 -22.00
C LEU D 13 -21.46 -24.97 -21.91
N LEU D 14 -21.18 -25.80 -22.91
CA LEU D 14 -19.95 -26.59 -22.87
C LEU D 14 -18.72 -25.75 -23.21
N ILE D 15 -18.85 -24.80 -24.13
CA ILE D 15 -17.71 -23.97 -24.50
C ILE D 15 -17.19 -23.18 -23.32
N PRO D 16 -18.01 -22.47 -22.55
CA PRO D 16 -17.48 -21.75 -21.37
C PRO D 16 -16.88 -22.67 -20.32
N CYS D 17 -17.24 -23.96 -20.32
CA CYS D 17 -16.71 -24.88 -19.32
C CYS D 17 -15.19 -24.98 -19.42
N VAL D 18 -14.66 -25.08 -20.63
CA VAL D 18 -13.22 -25.16 -20.81
C VAL D 18 -12.57 -23.78 -20.81
N LEU D 19 -13.31 -22.74 -21.20
CA LEU D 19 -12.76 -21.38 -21.16
C LEU D 19 -12.56 -20.92 -19.72
N ILE D 20 -13.50 -21.25 -18.83
CA ILE D 20 -13.37 -20.87 -17.43
C ILE D 20 -12.14 -21.54 -16.82
N SER D 21 -11.95 -22.83 -17.09
CA SER D 21 -10.78 -23.53 -16.57
C SER D 21 -9.50 -23.01 -17.21
N ALA D 22 -9.55 -22.61 -18.47
CA ALA D 22 -8.36 -22.06 -19.12
C ALA D 22 -7.97 -20.72 -18.54
N LEU D 23 -8.95 -19.90 -18.13
CA LEU D 23 -8.64 -18.61 -17.54
C LEU D 23 -7.90 -18.76 -16.21
N ALA D 24 -8.17 -19.85 -15.48
CA ALA D 24 -7.48 -20.08 -14.22
C ALA D 24 -6.00 -20.42 -14.43
N LEU D 25 -5.62 -20.85 -15.64
CA LEU D 25 -4.22 -21.16 -15.91
C LEU D 25 -3.35 -19.91 -15.84
N LEU D 26 -3.89 -18.75 -16.22
CA LEU D 26 -3.12 -17.52 -16.16
C LEU D 26 -2.76 -17.16 -14.72
N VAL D 27 -3.62 -17.53 -13.76
CA VAL D 27 -3.33 -17.24 -12.36
C VAL D 27 -2.08 -17.97 -11.90
N PHE D 28 -1.79 -19.13 -12.50
CA PHE D 28 -0.63 -19.92 -12.13
C PHE D 28 0.65 -19.44 -12.81
N LEU D 29 0.56 -18.46 -13.71
CA LEU D 29 1.72 -17.92 -14.40
C LEU D 29 2.06 -16.50 -13.95
N LEU D 30 1.50 -16.05 -12.81
CA LEU D 30 1.74 -14.71 -12.32
C LEU D 30 2.72 -14.73 -11.14
N PRO D 31 3.46 -13.65 -10.92
CA PRO D 31 4.40 -13.63 -9.80
C PRO D 31 3.68 -13.61 -8.46
N ALA D 32 4.38 -14.10 -7.43
CA ALA D 32 3.82 -14.17 -6.09
C ALA D 32 3.69 -12.81 -5.43
N ASP D 33 4.32 -11.77 -5.98
CA ASP D 33 4.27 -10.44 -5.40
C ASP D 33 3.04 -9.65 -5.84
N SER D 34 2.19 -10.21 -6.69
CA SER D 34 1.01 -9.51 -7.17
C SER D 34 -0.07 -9.53 -6.08
N GLY D 35 -0.42 -8.34 -5.57
CA GLY D 35 -1.44 -8.24 -4.55
C GLY D 35 -2.85 -8.43 -5.07
N GLU D 36 -3.06 -8.26 -6.37
CA GLU D 36 -4.37 -8.42 -6.99
C GLU D 36 -4.55 -9.78 -7.64
N LYS D 37 -3.61 -10.70 -7.45
CA LYS D 37 -3.73 -12.03 -8.03
C LYS D 37 -4.94 -12.77 -7.47
N ILE D 38 -5.18 -12.64 -6.16
CA ILE D 38 -6.32 -13.31 -5.55
C ILE D 38 -7.63 -12.78 -6.10
N SER D 39 -7.67 -11.47 -6.38
CA SER D 39 -8.88 -10.87 -6.92
C SER D 39 -9.24 -11.47 -8.28
N LEU D 40 -8.24 -11.70 -9.13
CA LEU D 40 -8.50 -12.26 -10.45
C LEU D 40 -9.10 -13.64 -10.35
N GLY D 41 -8.59 -14.47 -9.44
CA GLY D 41 -9.10 -15.82 -9.30
C GLY D 41 -10.52 -15.88 -8.78
N ILE D 42 -10.92 -14.88 -7.99
CA ILE D 42 -12.28 -14.85 -7.46
C ILE D 42 -13.29 -14.70 -8.61
N THR D 43 -13.00 -13.82 -9.57
CA THR D 43 -13.92 -13.61 -10.67
C THR D 43 -14.10 -14.86 -11.51
N VAL D 44 -13.05 -15.69 -11.63
CA VAL D 44 -13.17 -16.91 -12.41
C VAL D 44 -14.21 -17.84 -11.80
N LEU D 45 -14.19 -17.99 -10.48
CA LEU D 45 -15.18 -18.83 -9.82
C LEU D 45 -16.57 -18.22 -9.87
N LEU D 46 -16.66 -16.88 -9.78
CA LEU D 46 -17.98 -16.24 -9.82
C LEU D 46 -18.66 -16.46 -11.16
N SER D 47 -17.91 -16.37 -12.25
CA SER D 47 -18.50 -16.57 -13.57
C SER D 47 -19.00 -17.99 -13.78
N LEU D 48 -18.41 -18.97 -13.10
CA LEU D 48 -18.86 -20.36 -13.23
C LEU D 48 -20.24 -20.54 -12.61
N THR D 49 -20.50 -19.84 -11.50
CA THR D 49 -21.78 -19.98 -10.83
C THR D 49 -22.93 -19.43 -11.66
N VAL D 50 -22.66 -18.38 -12.45
CA VAL D 50 -23.72 -17.79 -13.28
C VAL D 50 -24.23 -18.80 -14.29
N PHE D 51 -23.31 -19.51 -14.95
CA PHE D 51 -23.70 -20.51 -15.92
C PHE D 51 -24.13 -21.83 -15.27
N MET D 52 -23.69 -22.10 -14.05
CA MET D 52 -24.08 -23.33 -13.37
C MET D 52 -25.57 -23.33 -13.05
N LEU D 53 -26.12 -22.18 -12.68
CA LEU D 53 -27.54 -22.12 -12.34
C LEU D 53 -28.42 -22.42 -13.54
N LEU D 54 -28.00 -21.99 -14.74
CA LEU D 54 -28.81 -22.24 -15.93
C LEU D 54 -28.94 -23.74 -16.21
N VAL D 55 -27.84 -24.48 -16.05
CA VAL D 55 -27.87 -25.92 -16.29
C VAL D 55 -28.70 -26.65 -15.24
N ALA D 56 -28.85 -26.07 -14.05
CA ALA D 56 -29.64 -26.73 -13.01
C ALA D 56 -31.09 -26.91 -13.44
N GLU D 57 -31.68 -25.87 -14.05
CA GLU D 57 -33.07 -25.97 -14.49
C GLU D 57 -33.21 -27.00 -15.61
N ILE D 58 -32.24 -27.07 -16.52
CA ILE D 58 -32.31 -28.02 -17.61
C ILE D 58 -32.27 -29.45 -17.09
N MET D 59 -31.41 -29.71 -16.11
CA MET D 59 -31.29 -31.06 -15.57
C MET D 59 -32.60 -31.47 -14.89
N PRO D 60 -33.18 -32.61 -15.24
CA PRO D 60 -34.42 -33.04 -14.57
C PRO D 60 -34.20 -33.21 -13.08
N SER D 61 -35.23 -32.85 -12.30
CA SER D 61 -35.19 -32.98 -10.84
C SER D 61 -35.56 -34.42 -10.48
N THR D 62 -34.56 -35.28 -10.51
CA THR D 62 -34.73 -36.69 -10.19
C THR D 62 -34.52 -36.91 -8.70
N SER D 63 -34.51 -38.17 -8.27
CA SER D 63 -34.32 -38.54 -6.88
C SER D 63 -32.97 -39.17 -6.60
N ASP D 64 -32.50 -40.05 -7.48
CA ASP D 64 -31.20 -40.70 -7.30
C ASP D 64 -30.40 -40.81 -8.59
N SER D 65 -30.88 -40.22 -9.68
CA SER D 65 -30.19 -40.27 -10.97
C SER D 65 -29.45 -38.96 -11.17
N SER D 66 -28.14 -38.98 -10.97
CA SER D 66 -27.31 -37.78 -11.14
C SER D 66 -26.88 -37.65 -12.60
N PRO D 67 -27.26 -36.59 -13.31
CA PRO D 67 -26.81 -36.44 -14.70
C PRO D 67 -25.30 -36.34 -14.78
N SER D 68 -24.75 -36.85 -15.89
CA SER D 68 -23.31 -36.81 -16.08
C SER D 68 -22.78 -35.40 -16.27
N ILE D 69 -23.65 -34.44 -16.58
CA ILE D 69 -23.20 -33.06 -16.76
C ILE D 69 -22.69 -32.48 -15.45
N ALA D 70 -23.24 -32.92 -14.31
CA ALA D 70 -22.79 -32.40 -13.03
C ALA D 70 -21.36 -32.83 -12.72
N GLN D 71 -20.95 -34.00 -13.21
CA GLN D 71 -19.58 -34.46 -12.97
C GLN D 71 -18.57 -33.52 -13.61
N TYR D 72 -18.87 -33.03 -14.81
CA TYR D 72 -17.95 -32.12 -15.48
C TYR D 72 -17.78 -30.83 -14.69
N PHE D 73 -18.89 -30.30 -14.14
CA PHE D 73 -18.79 -29.08 -13.36
C PHE D 73 -17.98 -29.28 -12.08
N ALA D 74 -18.06 -30.46 -11.47
CA ALA D 74 -17.29 -30.72 -10.26
C ALA D 74 -15.79 -30.67 -10.55
N SER D 75 -15.36 -31.30 -11.65
CA SER D 75 -13.95 -31.27 -12.01
C SER D 75 -13.51 -29.86 -12.36
N THR D 76 -14.34 -29.12 -13.10
CA THR D 76 -13.99 -27.74 -13.45
C THR D 76 -13.88 -26.86 -12.21
N MET D 77 -14.81 -27.02 -11.27
CA MET D 77 -14.77 -26.20 -10.06
C MET D 77 -13.57 -26.52 -9.19
N ILE D 78 -13.10 -27.77 -9.20
CA ILE D 78 -11.95 -28.13 -8.39
C ILE D 78 -10.71 -27.38 -8.87
N ILE D 79 -10.51 -27.32 -10.18
CA ILE D 79 -9.36 -26.58 -10.72
C ILE D 79 -9.48 -25.10 -10.39
N VAL D 80 -10.68 -24.54 -10.60
CA VAL D 80 -10.89 -23.13 -10.30
C VAL D 80 -10.84 -22.88 -8.80
N GLY D 81 -11.48 -23.75 -8.02
CA GLY D 81 -11.47 -23.58 -6.57
C GLY D 81 -10.07 -23.70 -5.99
N LEU D 82 -9.28 -24.66 -6.48
CA LEU D 82 -7.93 -24.82 -5.97
C LEU D 82 -7.03 -23.66 -6.39
N SER D 83 -7.34 -23.01 -7.52
CA SER D 83 -6.53 -21.88 -7.96
C SER D 83 -6.57 -20.75 -6.94
N VAL D 84 -7.75 -20.46 -6.40
CA VAL D 84 -7.85 -19.42 -5.38
C VAL D 84 -7.12 -19.85 -4.11
N VAL D 85 -7.26 -21.13 -3.73
CA VAL D 85 -6.59 -21.62 -2.54
C VAL D 85 -5.07 -21.52 -2.70
N VAL D 86 -4.56 -21.87 -3.87
CA VAL D 86 -3.11 -21.82 -4.10
C VAL D 86 -2.62 -20.39 -3.94
N THR D 87 -3.33 -19.41 -4.52
CA THR D 87 -2.93 -18.02 -4.36
C THR D 87 -3.03 -17.57 -2.91
N VAL D 88 -4.00 -18.11 -2.17
CA VAL D 88 -4.13 -17.76 -0.75
C VAL D 88 -2.92 -18.28 0.03
N ILE D 89 -2.45 -19.49 -0.30
CA ILE D 89 -1.29 -20.04 0.39
C ILE D 89 -0.05 -19.21 0.17
N VAL D 90 0.01 -18.44 -0.92
CA VAL D 90 1.18 -17.62 -1.21
C VAL D 90 1.39 -16.61 -0.09
N LEU D 91 0.31 -16.06 0.46
CA LEU D 91 0.43 -15.09 1.53
C LEU D 91 1.10 -15.68 2.77
N GLN D 92 0.91 -16.98 3.00
CA GLN D 92 1.53 -17.63 4.15
C GLN D 92 3.04 -17.60 4.05
N TYR D 93 3.58 -17.84 2.85
CA TYR D 93 5.04 -17.85 2.69
C TYR D 93 5.63 -16.47 2.90
N HIS D 94 4.91 -15.42 2.47
CA HIS D 94 5.43 -14.06 2.61
C HIS D 94 5.54 -13.62 4.07
N HIS D 95 4.83 -14.28 4.98
CA HIS D 95 4.84 -13.93 6.40
C HIS D 95 5.39 -15.04 7.28
N HIS D 96 5.02 -16.30 7.01
CA HIS D 96 5.44 -17.45 7.81
C HIS D 96 5.43 -17.12 9.31
N ASP D 97 4.28 -16.64 9.76
CA ASP D 97 4.14 -16.28 11.16
C ASP D 97 4.26 -17.53 12.02
N PRO D 98 4.86 -17.43 13.23
CA PRO D 98 4.97 -18.63 14.07
C PRO D 98 3.63 -19.26 14.39
N ASP D 99 2.59 -18.45 14.58
CA ASP D 99 1.27 -18.97 14.90
C ASP D 99 0.52 -19.49 13.68
N GLY D 100 0.99 -19.19 12.48
CA GLY D 100 0.33 -19.67 11.27
C GLY D 100 1.15 -19.43 10.02
N GLY D 101 1.29 -20.44 9.18
CA GLY D 101 2.04 -20.36 7.96
C GLY D 101 2.88 -21.61 7.76
N LYS D 102 3.85 -21.50 6.85
CA LYS D 102 4.75 -22.62 6.55
C LYS D 102 5.94 -22.57 7.51
N MET D 103 5.65 -22.83 8.78
CA MET D 103 6.66 -22.82 9.83
C MET D 103 7.56 -24.04 9.72
N PRO D 104 7.01 -25.26 9.59
CA PRO D 104 7.87 -26.44 9.46
C PRO D 104 8.90 -26.30 8.36
N LYS D 105 10.18 -26.44 8.71
CA LYS D 105 11.28 -26.27 7.76
C LYS D 105 11.63 -27.55 7.02
N TRP D 106 11.01 -28.68 7.38
CA TRP D 106 11.32 -29.94 6.69
C TRP D 106 10.95 -29.87 5.22
N THR D 107 9.97 -29.04 4.86
CA THR D 107 9.59 -28.86 3.46
C THR D 107 10.31 -27.70 2.79
N ARG D 108 10.81 -26.73 3.58
CA ARG D 108 11.52 -25.61 2.99
C ARG D 108 12.79 -26.06 2.26
N VAL D 109 13.52 -27.00 2.86
CA VAL D 109 14.74 -27.50 2.23
C VAL D 109 14.41 -28.16 0.90
N ILE D 110 13.36 -28.98 0.86
CA ILE D 110 12.95 -29.62 -0.38
C ILE D 110 12.50 -28.58 -1.39
N LEU D 111 11.76 -27.57 -0.93
CA LEU D 111 11.30 -26.51 -1.83
C LEU D 111 12.49 -25.75 -2.42
N LEU D 112 13.51 -25.48 -1.61
CA LEU D 112 14.68 -24.75 -2.10
C LEU D 112 15.36 -25.51 -3.24
N ASN D 113 15.51 -26.82 -3.09
CA ASN D 113 16.10 -27.63 -4.16
C ASN D 113 15.25 -27.56 -5.42
N TRP D 114 13.92 -27.65 -5.27
CA TRP D 114 13.04 -27.56 -6.43
C TRP D 114 13.14 -26.20 -7.11
N CYS D 115 13.25 -25.13 -6.31
CA CYS D 115 13.35 -23.79 -6.88
C CYS D 115 14.61 -23.65 -7.73
N ALA D 116 15.73 -24.19 -7.25
CA ALA D 116 16.97 -24.13 -7.99
C ALA D 116 16.97 -25.04 -9.22
N TRP D 117 16.02 -25.95 -9.33
CA TRP D 117 15.92 -26.85 -10.47
C TRP D 117 15.23 -26.23 -11.67
N PHE D 118 14.70 -25.01 -11.54
CA PHE D 118 14.02 -24.38 -12.66
C PHE D 118 14.98 -24.16 -13.84
N LEU D 119 16.20 -23.69 -13.54
CA LEU D 119 17.17 -23.49 -14.61
C LEU D 119 17.69 -24.82 -15.14
N ARG D 120 17.97 -25.78 -14.26
CA ARG D 120 18.47 -27.09 -14.63
C ARG D 120 17.61 -28.13 -13.91
N MET D 121 16.52 -28.55 -14.54
CA MET D 121 15.65 -29.54 -13.94
C MET D 121 16.33 -30.90 -13.86
N LYS D 122 16.13 -31.59 -12.74
CA LYS D 122 16.72 -32.91 -12.56
C LYS D 122 16.05 -33.96 -13.45
N ARG D 123 14.88 -33.66 -13.99
CA ARG D 123 14.17 -34.62 -14.83
C ARG D 123 14.89 -34.77 -16.17
N PRO D 124 14.63 -35.86 -16.90
CA PRO D 124 15.31 -36.06 -18.18
C PRO D 124 15.03 -34.97 -19.20
N GLY D 125 13.95 -34.20 -19.03
CA GLY D 125 13.63 -33.17 -20.00
C GLY D 125 14.74 -32.13 -20.13
N GLU D 126 15.39 -31.80 -19.01
CA GLU D 126 16.49 -30.84 -19.01
C GLU D 126 17.79 -31.40 -18.47
N ASP D 127 17.73 -32.40 -17.57
CA ASP D 127 18.95 -32.99 -17.05
C ASP D 127 19.75 -33.69 -18.15
N LYS D 128 19.05 -34.41 -19.03
CA LYS D 128 19.71 -35.13 -20.12
C LYS D 128 19.90 -34.27 -21.36
N VAL D 129 19.01 -33.32 -21.61
CA VAL D 129 19.11 -32.45 -22.79
C VAL D 129 19.99 -31.27 -22.39
N ARG D 130 21.30 -31.47 -22.51
CA ARG D 130 22.28 -30.45 -22.17
C ARG D 130 23.67 -30.97 -22.58
N PRO D 131 24.65 -30.09 -22.67
CA PRO D 131 26.00 -30.54 -23.02
C PRO D 131 26.53 -31.55 -22.02
N ALA D 132 27.25 -32.55 -22.52
CA ALA D 132 27.82 -33.59 -21.69
C ALA D 132 29.14 -34.05 -22.30
N CYS D 133 30.14 -34.22 -21.45
CA CYS D 133 31.46 -34.64 -21.89
C CYS D 133 32.18 -35.30 -20.72
N GLN D 134 33.24 -36.03 -21.04
CA GLN D 134 34.04 -36.73 -20.04
C GLN D 134 35.26 -35.91 -19.59
N HIS D 135 35.38 -34.67 -20.06
CA HIS D 135 36.52 -33.83 -19.70
C HIS D 135 36.30 -33.28 -18.29
N LYS D 136 37.17 -32.34 -17.88
CA LYS D 136 37.09 -31.77 -16.54
C LYS D 136 35.87 -30.88 -16.35
N GLN D 137 35.16 -30.52 -17.43
CA GLN D 137 34.00 -29.66 -17.30
C GLN D 137 32.91 -30.32 -16.48
N ARG D 138 32.81 -31.65 -16.53
CA ARG D 138 31.80 -32.40 -15.79
C ARG D 138 32.40 -33.21 -14.64
N ARG D 139 33.63 -32.90 -14.24
CA ARG D 139 34.28 -33.60 -13.16
C ARG D 139 33.99 -32.89 -11.83
N CYS D 140 34.52 -33.46 -10.74
CA CYS D 140 34.34 -32.91 -9.41
C CYS D 140 35.69 -32.74 -8.73
N SER D 141 35.78 -31.77 -7.84
CA SER D 141 37.00 -31.47 -7.12
C SER D 141 36.64 -30.95 -5.74
N LEU D 142 37.64 -30.46 -5.01
CA LEU D 142 37.41 -29.96 -3.66
C LEU D 142 36.49 -28.73 -3.69
N ALA D 143 36.68 -27.85 -4.68
CA ALA D 143 35.87 -26.64 -4.73
C ALA D 143 34.39 -26.97 -4.91
N SER D 144 34.08 -27.92 -5.79
CA SER D 144 32.68 -28.27 -6.04
C SER D 144 32.05 -28.93 -4.83
N VAL D 145 32.80 -29.77 -4.12
CA VAL D 145 32.29 -30.49 -2.96
C VAL D 145 32.54 -29.61 -1.74
N GLU D 146 31.46 -29.01 -1.22
CA GLU D 146 31.52 -28.14 -0.05
C GLU D 146 31.06 -28.86 1.22
N MET D 147 31.08 -30.19 1.22
CA MET D 147 30.64 -30.93 2.41
C MET D 147 31.61 -30.77 3.57
N SER D 148 32.87 -30.42 3.30
CA SER D 148 33.89 -30.24 4.33
C SER D 148 34.17 -28.77 4.61
N ALA D 149 33.14 -27.93 4.56
CA ALA D 149 33.28 -26.49 4.83
C ALA D 149 34.27 -25.86 3.85
N VAL D 150 34.09 -26.15 2.57
CA VAL D 150 34.93 -25.61 1.50
C VAL D 150 34.17 -24.49 0.81
N ALA D 151 34.81 -23.34 0.65
CA ALA D 151 34.16 -22.21 0.02
C ALA D 151 33.85 -22.54 -1.44
N PRO D 152 32.67 -22.18 -1.94
CA PRO D 152 32.34 -22.49 -3.34
C PRO D 152 33.15 -21.62 -4.29
N PRO D 153 33.27 -22.04 -5.56
CA PRO D 153 34.02 -21.23 -6.52
C PRO D 153 33.45 -19.82 -6.62
N PRO D 154 34.26 -18.78 -6.42
CA PRO D 154 33.74 -17.42 -6.53
C PRO D 154 33.13 -17.16 -7.91
N ALA D 155 32.02 -16.43 -7.91
CA ALA D 155 31.31 -16.11 -9.14
C ALA D 155 30.51 -14.84 -8.91
N SER D 156 29.84 -14.37 -9.96
CA SER D 156 29.02 -13.18 -9.90
C SER D 156 27.58 -13.48 -9.50
N ASN D 157 27.24 -14.73 -9.23
CA ASN D 157 25.88 -15.09 -8.85
C ASN D 157 25.61 -14.93 -7.36
N GLY D 158 26.61 -14.54 -6.57
CA GLY D 158 26.44 -14.35 -5.15
C GLY D 158 27.37 -15.19 -4.31
N ASN D 159 28.28 -15.92 -4.96
CA ASN D 159 29.22 -16.76 -4.22
C ASN D 159 30.34 -15.92 -3.61
N LEU D 160 30.76 -14.87 -4.30
CA LEU D 160 31.80 -14.00 -3.75
C LEU D 160 31.31 -13.26 -2.52
N LEU D 161 30.05 -12.83 -2.52
CA LEU D 161 29.51 -12.10 -1.37
C LEU D 161 29.42 -12.99 -0.14
N TYR D 162 29.14 -14.29 -0.32
CA TYR D 162 29.04 -15.17 0.84
C TYR D 162 30.38 -15.37 1.51
N ILE D 163 31.47 -15.22 0.78
CA ILE D 163 32.81 -15.39 1.34
C ILE D 163 33.31 -14.10 1.97
N GLY D 164 33.17 -12.97 1.27
CA GLY D 164 33.66 -11.71 1.77
C GLY D 164 32.73 -11.04 2.77
N PHE D 165 31.52 -10.70 2.34
CA PHE D 165 30.59 -10.00 3.22
C PHE D 165 30.18 -10.89 4.40
N ARG D 166 29.84 -12.15 4.12
CA ARG D 166 29.43 -13.09 5.17
C ARG D 166 30.64 -13.90 5.65
N GLY D 167 31.61 -13.19 6.20
CA GLY D 167 32.81 -13.84 6.68
C GLY D 167 32.54 -14.79 7.84
N LEU D 168 31.59 -14.46 8.70
CA LEU D 168 31.23 -15.29 9.84
C LEU D 168 32.46 -15.53 10.73
N ASP D 169 33.00 -14.44 11.28
CA ASP D 169 34.19 -14.49 12.11
C ASP D 169 35.35 -15.12 11.35
N GLY D 170 35.48 -14.78 10.07
CA GLY D 170 36.53 -15.33 9.23
C GLY D 170 37.58 -14.32 8.85
N VAL D 171 38.05 -14.37 7.61
CA VAL D 171 39.09 -13.45 7.17
C VAL D 171 38.60 -12.01 7.16
N HIS D 172 37.32 -11.80 6.85
CA HIS D 172 36.78 -10.45 6.81
C HIS D 172 36.80 -9.82 8.20
N CYS D 173 36.42 -10.58 9.22
CA CYS D 173 36.36 -10.06 10.59
C CYS D 173 37.65 -10.30 11.36
N VAL D 174 38.05 -11.55 11.50
CA VAL D 174 39.22 -11.94 12.27
C VAL D 174 40.19 -12.66 11.33
N PRO D 175 41.17 -11.94 10.75
CA PRO D 175 42.14 -12.61 9.87
C PRO D 175 43.17 -13.42 10.64
N THR D 176 42.77 -14.64 11.00
CA THR D 176 43.65 -15.50 11.79
C THR D 176 44.99 -15.76 11.12
N PRO D 177 45.07 -16.06 9.82
CA PRO D 177 46.39 -16.28 9.20
C PRO D 177 47.31 -15.08 9.38
N ASP D 178 48.52 -15.34 9.85
CA ASP D 178 49.51 -14.29 10.08
C ASP D 178 50.20 -13.98 8.77
N SER D 179 49.54 -13.15 7.95
CA SER D 179 50.09 -12.76 6.66
C SER D 179 51.20 -11.71 6.79
N GLY D 180 51.27 -11.01 7.91
CA GLY D 180 52.29 -10.00 8.10
C GLY D 180 52.21 -8.86 7.11
N VAL D 181 51.00 -8.39 6.83
CA VAL D 181 50.78 -7.30 5.89
C VAL D 181 50.36 -6.02 6.62
N VAL D 182 49.55 -6.14 7.66
CA VAL D 182 49.10 -4.95 8.40
C VAL D 182 50.28 -4.27 9.06
N CYS D 183 51.18 -5.04 9.69
CA CYS D 183 52.34 -4.49 10.38
C CYS D 183 53.65 -5.03 9.81
N GLY D 184 53.63 -5.53 8.57
CA GLY D 184 54.83 -6.06 7.96
C GLY D 184 54.93 -5.73 6.48
N ARG D 185 54.15 -4.75 6.03
CA ARG D 185 54.17 -4.35 4.63
C ARG D 185 53.66 -2.92 4.53
N MET D 186 54.08 -2.24 3.46
CA MET D 186 53.69 -0.87 3.20
C MET D 186 52.43 -0.77 2.34
N ALA D 187 51.59 -1.81 2.34
CA ALA D 187 50.37 -1.84 1.53
C ALA D 187 49.28 -1.08 2.27
N CYS D 188 49.36 0.25 2.19
CA CYS D 188 48.37 1.13 2.82
C CYS D 188 48.28 0.92 4.32
N SER D 189 49.40 0.53 4.95
CA SER D 189 49.44 0.31 6.38
C SER D 189 50.87 0.48 6.86
N PRO D 190 51.09 0.83 8.12
CA PRO D 190 52.46 0.99 8.62
C PRO D 190 53.19 -0.34 8.67
N THR D 191 54.51 -0.27 8.47
CA THR D 191 55.36 -1.45 8.52
C THR D 191 56.00 -1.52 9.90
N HIS D 192 55.23 -2.01 10.87
CA HIS D 192 55.68 -2.11 12.25
C HIS D 192 56.11 -0.76 12.80
N ASP D 193 55.40 0.30 12.40
CA ASP D 193 55.70 1.66 12.81
C ASP D 193 54.79 2.01 13.98
N GLU D 194 55.27 1.76 15.20
CA GLU D 194 54.51 2.06 16.40
C GLU D 194 54.58 3.53 16.81
N HIS D 195 55.46 4.32 16.17
CA HIS D 195 55.60 5.73 16.48
C HIS D 195 55.02 6.62 15.37
N LEU D 196 54.10 6.10 14.57
CA LEU D 196 53.48 6.86 13.49
C LEU D 196 52.39 7.74 14.08
N LEU D 197 52.78 8.92 14.54
CA LEU D 197 51.86 9.86 15.13
C LEU D 197 51.38 10.87 14.09
N HIS D 198 50.25 11.51 14.39
CA HIS D 198 49.67 12.52 13.51
C HIS D 198 50.32 13.89 13.78
N GLY D 199 51.59 13.97 13.42
CA GLY D 199 52.35 15.20 13.65
C GLY D 199 52.48 15.54 15.12
N GLY D 200 52.72 14.55 15.97
CA GLY D 200 52.83 14.75 17.39
C GLY D 200 51.56 14.50 18.17
N GLN D 201 50.43 14.40 17.49
CA GLN D 201 49.13 14.16 18.10
C GLN D 201 48.74 12.70 17.93
N PRO D 202 47.74 12.23 18.68
CA PRO D 202 47.28 10.84 18.54
C PRO D 202 46.74 10.59 17.14
N PRO D 203 46.80 9.35 16.66
CA PRO D 203 46.31 9.09 15.29
C PRO D 203 44.87 9.54 15.07
N GLU D 204 44.02 9.40 16.07
CA GLU D 204 42.62 9.82 15.96
C GLU D 204 42.52 11.28 16.39
N GLY D 205 41.98 12.12 15.50
CA GLY D 205 41.87 13.54 15.82
C GLY D 205 40.79 13.85 16.83
N ASP D 206 39.79 12.99 16.94
CA ASP D 206 38.69 13.20 17.88
C ASP D 206 38.00 11.89 18.19
N PRO D 207 37.92 11.48 19.47
CA PRO D 207 37.16 10.25 19.79
C PRO D 207 35.69 10.34 19.43
N ASP D 208 35.14 11.56 19.32
CA ASP D 208 33.72 11.69 19.00
C ASP D 208 33.40 11.12 17.62
N LEU D 209 34.39 11.09 16.72
CA LEU D 209 34.16 10.55 15.39
C LEU D 209 33.81 9.07 15.43
N ALA D 210 34.45 8.31 16.34
CA ALA D 210 34.14 6.90 16.47
C ALA D 210 32.69 6.69 16.91
N LYS D 211 32.22 7.51 17.86
CA LYS D 211 30.83 7.40 18.29
C LYS D 211 29.87 7.68 17.16
N ILE D 212 30.17 8.69 16.33
CA ILE D 212 29.31 9.00 15.18
C ILE D 212 29.27 7.81 14.22
N LEU D 213 30.41 7.14 14.05
CA LEU D 213 30.46 5.99 13.14
C LEU D 213 29.53 4.88 13.60
N GLU D 214 29.43 4.66 14.92
CA GLU D 214 28.54 3.62 15.42
C GLU D 214 27.09 3.90 15.05
N GLU D 215 26.66 5.16 15.20
CA GLU D 215 25.30 5.51 14.80
C GLU D 215 25.12 5.46 13.30
N VAL D 216 26.11 5.95 12.55
CA VAL D 216 26.04 5.88 11.08
C VAL D 216 26.08 4.43 10.62
N ARG D 217 26.94 3.61 11.23
CA ARG D 217 27.02 2.20 10.85
C ARG D 217 25.71 1.49 11.15
N TYR D 218 25.08 1.80 12.30
CA TYR D 218 23.81 1.17 12.62
C TYR D 218 22.75 1.52 11.59
N ILE D 219 22.70 2.78 11.16
CA ILE D 219 21.74 3.18 10.12
C ILE D 219 22.03 2.42 8.83
N ALA D 220 23.30 2.34 8.45
CA ALA D 220 23.67 1.56 7.27
C ALA D 220 23.38 0.08 7.48
N ASN D 221 23.66 -0.43 8.69
CA ASN D 221 23.39 -1.83 8.97
C ASN D 221 21.90 -2.13 8.88
N ARG D 222 21.06 -1.23 9.38
CA ARG D 222 19.62 -1.43 9.27
C ARG D 222 19.17 -1.49 7.81
N PHE D 223 19.74 -0.61 6.97
CA PHE D 223 19.44 -0.67 5.55
C PHE D 223 19.95 -1.97 4.92
N ARG D 224 21.11 -2.45 5.38
CA ARG D 224 21.60 -3.74 4.90
C ARG D 224 20.63 -4.86 5.25
N CYS D 225 20.09 -4.84 6.46
CA CYS D 225 19.10 -5.85 6.85
C CYS D 225 17.86 -5.77 5.99
N GLN D 226 17.48 -4.57 5.55
CA GLN D 226 16.34 -4.43 4.65
C GLN D 226 16.59 -5.15 3.34
N ASP D 227 17.81 -5.00 2.79
CA ASP D 227 18.17 -5.75 1.59
C ASP D 227 18.18 -7.24 1.85
N GLU D 228 18.68 -7.66 3.01
CA GLU D 228 18.63 -9.07 3.37
C GLU D 228 17.20 -9.54 3.62
N SER D 229 16.35 -8.66 4.16
CA SER D 229 14.95 -9.02 4.35
C SER D 229 14.27 -9.29 3.01
N GLU D 230 14.61 -8.50 1.98
CA GLU D 230 14.06 -8.74 0.66
C GLU D 230 14.51 -10.10 0.13
N ALA D 231 15.76 -10.48 0.41
CA ALA D 231 16.24 -11.80 0.01
C ALA D 231 15.43 -12.90 0.67
N VAL D 232 15.12 -12.74 1.96
CA VAL D 232 14.28 -13.71 2.65
C VAL D 232 12.90 -13.75 2.00
N CYS D 233 12.33 -12.58 1.72
CA CYS D 233 11.06 -12.53 1.01
C CYS D 233 11.19 -13.11 -0.40
N SER D 234 12.31 -12.83 -1.07
CA SER D 234 12.55 -13.42 -2.38
C SER D 234 12.69 -14.93 -2.28
N GLU D 235 13.35 -15.42 -1.23
CA GLU D 235 13.46 -16.86 -1.03
C GLU D 235 12.08 -17.49 -0.87
N TRP D 236 11.20 -16.85 -0.10
CA TRP D 236 9.82 -17.34 0.00
C TRP D 236 9.05 -17.06 -1.27
N LYS D 237 9.38 -15.98 -1.99
CA LYS D 237 8.73 -15.71 -3.26
C LYS D 237 8.98 -16.82 -4.27
N PHE D 238 10.23 -17.30 -4.34
CA PHE D 238 10.54 -18.41 -5.23
C PHE D 238 9.77 -19.66 -4.85
N ALA D 239 9.68 -19.94 -3.55
CA ALA D 239 8.91 -21.09 -3.10
C ALA D 239 7.42 -20.95 -3.38
N ALA D 240 6.94 -19.72 -3.57
CA ALA D 240 5.53 -19.50 -3.89
C ALA D 240 5.25 -19.62 -5.38
N CYS D 241 6.19 -19.23 -6.24
CA CYS D 241 5.98 -19.33 -7.67
C CYS D 241 6.06 -20.76 -8.17
N VAL D 242 6.90 -21.59 -7.52
CA VAL D 242 7.00 -22.99 -7.93
C VAL D 242 5.69 -23.72 -7.67
N VAL D 243 5.00 -23.37 -6.58
CA VAL D 243 3.71 -24.02 -6.29
C VAL D 243 2.72 -23.71 -7.40
N ASP D 244 2.66 -22.46 -7.85
CA ASP D 244 1.79 -22.12 -8.98
C ASP D 244 2.22 -22.86 -10.24
N ARG D 245 3.52 -22.91 -10.51
CA ARG D 245 4.01 -23.62 -11.69
C ARG D 245 3.81 -25.12 -11.54
N LEU D 246 4.00 -25.66 -10.33
CA LEU D 246 3.82 -27.09 -10.12
C LEU D 246 2.37 -27.50 -10.36
N CYS D 247 1.42 -26.69 -9.89
CA CYS D 247 0.01 -26.99 -10.11
C CYS D 247 -0.44 -26.69 -11.53
N LEU D 248 0.29 -25.85 -12.26
CA LEU D 248 -0.07 -25.56 -13.65
C LEU D 248 0.02 -26.81 -14.51
N MET D 249 1.12 -27.56 -14.36
CA MET D 249 1.27 -28.79 -15.14
C MET D 249 0.31 -29.87 -14.66
N ALA D 250 0.10 -29.98 -13.35
CA ALA D 250 -0.81 -30.99 -12.83
C ALA D 250 -2.24 -30.75 -13.30
N PHE D 251 -2.69 -29.49 -13.27
CA PHE D 251 -4.04 -29.17 -13.72
C PHE D 251 -4.15 -29.15 -15.23
N SER D 252 -3.04 -29.00 -15.96
CA SER D 252 -3.10 -29.03 -17.42
C SER D 252 -3.57 -30.39 -17.92
N VAL D 253 -3.06 -31.47 -17.32
CA VAL D 253 -3.49 -32.81 -17.71
C VAL D 253 -4.97 -33.00 -17.39
N PHE D 254 -5.40 -32.57 -16.21
CA PHE D 254 -6.81 -32.70 -15.83
C PHE D 254 -7.71 -31.93 -16.78
N THR D 255 -7.31 -30.71 -17.15
CA THR D 255 -8.10 -29.91 -18.08
C THR D 255 -8.22 -30.61 -19.43
N ILE D 256 -7.12 -31.19 -19.91
CA ILE D 256 -7.17 -31.91 -21.18
C ILE D 256 -8.08 -33.13 -21.06
N ILE D 257 -8.02 -33.83 -19.93
CA ILE D 257 -8.86 -35.01 -19.74
C ILE D 257 -10.33 -34.62 -19.77
N CYS D 258 -10.69 -33.51 -19.11
CA CYS D 258 -12.08 -33.07 -19.11
C CYS D 258 -12.56 -32.76 -20.52
N THR D 259 -11.74 -32.09 -21.32
CA THR D 259 -12.11 -31.79 -22.70
C THR D 259 -12.28 -33.07 -23.50
N ILE D 260 -11.38 -34.04 -23.31
CA ILE D 260 -11.48 -35.30 -24.03
C ILE D 260 -12.75 -36.04 -23.62
N GLY D 261 -13.08 -36.04 -22.33
CA GLY D 261 -14.28 -36.72 -21.88
C GLY D 261 -15.54 -36.16 -22.53
N ILE D 262 -15.62 -34.84 -22.65
CA ILE D 262 -16.80 -34.23 -23.27
C ILE D 262 -16.92 -34.67 -24.73
N LEU D 263 -15.81 -34.68 -25.46
CA LEU D 263 -15.83 -35.11 -26.85
C LEU D 263 -16.01 -36.62 -26.99
N MET D 264 -15.78 -37.38 -25.91
CA MET D 264 -15.91 -38.83 -25.94
C MET D 264 -17.22 -39.32 -25.35
N SER D 265 -17.82 -38.57 -24.42
CA SER D 265 -19.07 -38.97 -23.80
C SER D 265 -20.30 -38.42 -24.51
N ALA D 266 -20.15 -37.33 -25.26
CA ALA D 266 -21.29 -36.77 -25.98
C ALA D 266 -21.91 -37.76 -26.97
N PRO D 267 -21.14 -38.48 -27.78
CA PRO D 267 -21.77 -39.41 -28.73
C PRO D 267 -22.58 -40.49 -28.06
N ASN D 268 -22.29 -40.84 -26.81
CA ASN D 268 -23.02 -41.88 -26.10
C ASN D 268 -24.21 -41.32 -25.32
N PHE D 269 -24.06 -40.12 -24.74
CA PHE D 269 -25.12 -39.48 -23.98
C PHE D 269 -25.83 -38.39 -24.77
N VAL D 270 -25.07 -37.44 -25.31
CA VAL D 270 -25.63 -36.35 -26.08
C VAL D 270 -25.89 -36.80 -27.51
N LEU E 7 -38.02 -0.32 -32.31
CA LEU E 7 -37.38 -1.58 -31.93
C LEU E 7 -37.18 -1.64 -30.41
N TYR E 8 -38.11 -2.31 -29.72
CA TYR E 8 -37.99 -2.43 -28.28
C TYR E 8 -36.73 -3.19 -27.89
N TYR E 9 -36.44 -4.29 -28.57
CA TYR E 9 -35.24 -5.06 -28.30
C TYR E 9 -33.99 -4.42 -28.86
N GLY E 10 -34.12 -3.54 -29.85
CA GLY E 10 -32.97 -2.87 -30.42
C GLY E 10 -32.48 -1.66 -29.65
N LEU E 11 -33.24 -1.19 -28.67
CA LEU E 11 -32.85 -0.05 -27.86
C LEU E 11 -32.54 -0.41 -26.42
N ASN E 12 -32.78 -1.66 -26.01
CA ASN E 12 -32.50 -2.10 -24.65
C ASN E 12 -31.51 -3.26 -24.59
N LEU E 13 -31.20 -3.90 -25.71
CA LEU E 13 -30.25 -5.00 -25.75
C LEU E 13 -29.08 -4.76 -26.69
N LEU E 14 -29.29 -4.06 -27.80
CA LEU E 14 -28.20 -3.78 -28.73
C LEU E 14 -27.39 -2.56 -28.29
N ILE E 15 -28.06 -1.54 -27.74
CA ILE E 15 -27.34 -0.34 -27.30
C ILE E 15 -26.33 -0.67 -26.20
N PRO E 16 -26.67 -1.43 -25.16
CA PRO E 16 -25.65 -1.76 -24.15
C PRO E 16 -24.51 -2.59 -24.71
N CYS E 17 -24.71 -3.29 -25.83
CA CYS E 17 -23.64 -4.11 -26.39
C CYS E 17 -22.43 -3.27 -26.77
N VAL E 18 -22.67 -2.12 -27.41
CA VAL E 18 -21.56 -1.26 -27.79
C VAL E 18 -21.07 -0.44 -26.61
N LEU E 19 -21.96 -0.11 -25.67
CA LEU E 19 -21.54 0.63 -24.48
C LEU E 19 -20.59 -0.19 -23.63
N ILE E 20 -20.85 -1.49 -23.47
CA ILE E 20 -19.96 -2.34 -22.68
C ILE E 20 -18.59 -2.42 -23.33
N SER E 21 -18.56 -2.60 -24.66
CA SER E 21 -17.28 -2.66 -25.36
C SER E 21 -16.56 -1.31 -25.31
N ALA E 22 -17.31 -0.21 -25.38
CA ALA E 22 -16.68 1.10 -25.33
C ALA E 22 -16.09 1.39 -23.96
N LEU E 23 -16.71 0.89 -22.90
CA LEU E 23 -16.17 1.12 -21.56
C LEU E 23 -14.82 0.42 -21.37
N ALA E 24 -14.62 -0.71 -22.05
CA ALA E 24 -13.34 -1.42 -21.95
C ALA E 24 -12.21 -0.65 -22.62
N LEU E 25 -12.52 0.25 -23.55
CA LEU E 25 -11.47 1.03 -24.21
C LEU E 25 -10.76 1.95 -23.23
N LEU E 26 -11.47 2.44 -22.21
CA LEU E 26 -10.85 3.31 -21.22
C LEU E 26 -9.76 2.58 -20.44
N VAL E 27 -9.93 1.27 -20.24
CA VAL E 27 -8.93 0.50 -19.50
C VAL E 27 -7.60 0.50 -20.23
N PHE E 28 -7.63 0.60 -21.56
CA PHE E 28 -6.41 0.59 -22.36
C PHE E 28 -5.73 1.97 -22.43
N LEU E 29 -6.34 3.00 -21.85
CA LEU E 29 -5.78 4.35 -21.84
C LEU E 29 -5.33 4.77 -20.45
N LEU E 30 -5.17 3.81 -19.53
CA LEU E 30 -4.76 4.11 -18.17
C LEU E 30 -3.30 3.73 -17.93
N PRO E 31 -2.62 4.37 -16.98
CA PRO E 31 -1.22 4.03 -16.72
C PRO E 31 -1.09 2.64 -16.12
N ALA E 32 0.07 2.04 -16.36
CA ALA E 32 0.36 0.70 -15.86
C ALA E 32 0.57 0.67 -14.35
N ASP E 33 0.78 1.82 -13.71
CA ASP E 33 1.01 1.88 -12.27
C ASP E 33 -0.28 1.94 -11.47
N SER E 34 -1.43 1.95 -12.13
CA SER E 34 -2.70 2.01 -11.43
C SER E 34 -3.03 0.64 -10.83
N GLY E 35 -3.09 0.58 -9.50
CA GLY E 35 -3.39 -0.68 -8.83
C GLY E 35 -4.86 -1.08 -8.91
N GLU E 36 -5.74 -0.12 -9.19
CA GLU E 36 -7.18 -0.38 -9.27
C GLU E 36 -7.65 -0.55 -10.72
N LYS E 37 -6.72 -0.63 -11.68
CA LYS E 37 -7.12 -0.79 -13.07
C LYS E 37 -7.77 -2.15 -13.29
N ILE E 38 -7.27 -3.20 -12.64
CA ILE E 38 -7.86 -4.52 -12.80
C ILE E 38 -9.28 -4.55 -12.26
N SER E 39 -9.53 -3.81 -11.18
CA SER E 39 -10.88 -3.79 -10.60
C SER E 39 -11.88 -3.20 -11.58
N LEU E 40 -11.49 -2.14 -12.30
CA LEU E 40 -12.41 -1.51 -13.25
C LEU E 40 -12.81 -2.49 -14.35
N GLY E 41 -11.85 -3.27 -14.87
CA GLY E 41 -12.16 -4.19 -15.94
C GLY E 41 -13.06 -5.33 -15.51
N ILE E 42 -13.02 -5.69 -14.22
CA ILE E 42 -13.89 -6.76 -13.73
C ILE E 42 -15.36 -6.35 -13.83
N THR E 43 -15.67 -5.11 -13.49
CA THR E 43 -17.06 -4.66 -13.53
C THR E 43 -17.61 -4.68 -14.95
N VAL E 44 -16.77 -4.40 -15.94
CA VAL E 44 -17.24 -4.40 -17.33
C VAL E 44 -17.74 -5.79 -17.72
N LEU E 45 -16.97 -6.83 -17.37
CA LEU E 45 -17.39 -8.19 -17.68
C LEU E 45 -18.61 -8.59 -16.87
N LEU E 46 -18.68 -8.14 -15.61
CA LEU E 46 -19.83 -8.48 -14.77
C LEU E 46 -21.12 -7.92 -15.34
N SER E 47 -21.08 -6.67 -15.83
CA SER E 47 -22.28 -6.07 -16.39
C SER E 47 -22.77 -6.80 -17.63
N LEU E 48 -21.85 -7.35 -18.43
CA LEU E 48 -22.26 -8.08 -19.63
C LEU E 48 -23.07 -9.31 -19.27
N THR E 49 -22.68 -10.03 -18.22
CA THR E 49 -23.40 -11.24 -17.84
C THR E 49 -24.81 -10.92 -17.35
N VAL E 50 -25.01 -9.74 -16.74
CA VAL E 50 -26.34 -9.39 -16.26
C VAL E 50 -27.33 -9.29 -17.41
N PHE E 51 -26.91 -8.64 -18.51
CA PHE E 51 -27.78 -8.51 -19.68
C PHE E 51 -27.74 -9.74 -20.57
N MET E 52 -26.77 -10.64 -20.39
CA MET E 52 -26.70 -11.83 -21.23
C MET E 52 -27.77 -12.85 -20.84
N LEU E 53 -28.12 -12.92 -19.55
CA LEU E 53 -29.13 -13.88 -19.11
C LEU E 53 -30.51 -13.54 -19.68
N LEU E 54 -30.83 -12.25 -19.80
CA LEU E 54 -32.13 -11.86 -20.33
C LEU E 54 -32.31 -12.34 -21.77
N VAL E 55 -31.26 -12.21 -22.59
CA VAL E 55 -31.35 -12.63 -23.98
C VAL E 55 -31.45 -14.14 -24.11
N ALA E 56 -30.93 -14.89 -23.12
CA ALA E 56 -30.99 -16.34 -23.19
C ALA E 56 -32.44 -16.83 -23.21
N GLU E 57 -33.30 -16.23 -22.38
CA GLU E 57 -34.70 -16.65 -22.35
C GLU E 57 -35.40 -16.32 -23.66
N ILE E 58 -35.08 -15.17 -24.26
CA ILE E 58 -35.71 -14.78 -25.51
C ILE E 58 -35.32 -15.75 -26.62
N MET E 59 -34.07 -16.16 -26.67
CA MET E 59 -33.61 -17.07 -27.71
C MET E 59 -34.32 -18.41 -27.56
N PRO E 60 -34.95 -18.93 -28.62
CA PRO E 60 -35.60 -20.25 -28.49
C PRO E 60 -34.60 -21.33 -28.14
N SER E 61 -35.04 -22.28 -27.31
CA SER E 61 -34.21 -23.41 -26.89
C SER E 61 -34.26 -24.48 -27.98
N THR E 62 -33.40 -24.32 -28.98
CA THR E 62 -33.33 -25.24 -30.10
C THR E 62 -32.32 -26.34 -29.79
N SER E 63 -32.05 -27.19 -30.77
CA SER E 63 -31.10 -28.29 -30.62
C SER E 63 -29.80 -28.07 -31.38
N ASP E 64 -29.86 -27.56 -32.60
CA ASP E 64 -28.67 -27.30 -33.39
C ASP E 64 -28.70 -25.97 -34.13
N SER E 65 -29.71 -25.14 -33.88
CA SER E 65 -29.84 -23.83 -34.54
C SER E 65 -29.38 -22.76 -33.56
N SER E 66 -28.18 -22.24 -33.78
CA SER E 66 -27.63 -21.19 -32.92
C SER E 66 -28.04 -19.82 -33.45
N PRO E 67 -28.79 -19.03 -32.69
CA PRO E 67 -29.16 -17.69 -33.18
C PRO E 67 -27.93 -16.82 -33.39
N SER E 68 -28.02 -15.93 -34.38
CA SER E 68 -26.91 -15.05 -34.69
C SER E 68 -26.64 -14.03 -33.58
N ILE E 69 -27.59 -13.84 -32.66
CA ILE E 69 -27.38 -12.89 -31.57
C ILE E 69 -26.25 -13.35 -30.67
N ALA E 70 -26.03 -14.66 -30.57
CA ALA E 70 -24.94 -15.16 -29.72
C ALA E 70 -23.57 -14.78 -30.28
N GLN E 71 -23.45 -14.68 -31.60
CA GLN E 71 -22.17 -14.31 -32.19
C GLN E 71 -21.76 -12.90 -31.78
N TYR E 72 -22.71 -11.98 -31.71
CA TYR E 72 -22.39 -10.61 -31.30
C TYR E 72 -21.87 -10.57 -29.87
N PHE E 73 -22.49 -11.35 -28.98
CA PHE E 73 -22.04 -11.39 -27.59
C PHE E 73 -20.66 -12.02 -27.48
N ALA E 74 -20.36 -13.03 -28.30
CA ALA E 74 -19.05 -13.67 -28.24
C ALA E 74 -17.94 -12.68 -28.59
N SER E 75 -18.16 -11.86 -29.63
CA SER E 75 -17.16 -10.87 -30.00
C SER E 75 -16.97 -9.84 -28.89
N THR E 76 -18.08 -9.39 -28.29
CA THR E 76 -17.98 -8.42 -27.20
C THR E 76 -17.27 -9.04 -25.99
N MET E 77 -17.58 -10.29 -25.68
CA MET E 77 -16.94 -10.94 -24.54
C MET E 77 -15.44 -11.10 -24.74
N ILE E 78 -15.02 -11.33 -25.99
CA ILE E 78 -13.58 -11.48 -26.27
C ILE E 78 -12.86 -10.17 -25.99
N ILE E 79 -13.41 -9.05 -26.43
CA ILE E 79 -12.78 -7.76 -26.19
C ILE E 79 -12.76 -7.46 -24.70
N VAL E 80 -13.88 -7.69 -24.01
CA VAL E 80 -13.94 -7.43 -22.58
C VAL E 80 -13.09 -8.45 -21.82
N GLY E 81 -13.16 -9.72 -22.23
CA GLY E 81 -12.35 -10.74 -21.56
C GLY E 81 -10.87 -10.51 -21.74
N LEU E 82 -10.45 -10.13 -22.95
CA LEU E 82 -9.04 -9.89 -23.20
C LEU E 82 -8.54 -8.64 -22.48
N SER E 83 -9.43 -7.67 -22.24
CA SER E 83 -9.02 -6.45 -21.55
C SER E 83 -8.54 -6.77 -20.13
N VAL E 84 -9.27 -7.63 -19.43
CA VAL E 84 -8.84 -8.03 -18.09
C VAL E 84 -7.53 -8.78 -18.14
N VAL E 85 -7.38 -9.69 -19.11
CA VAL E 85 -6.13 -10.44 -19.25
C VAL E 85 -4.97 -9.51 -19.54
N VAL E 86 -5.19 -8.50 -20.39
CA VAL E 86 -4.13 -7.57 -20.74
C VAL E 86 -3.66 -6.84 -19.49
N THR E 87 -4.59 -6.36 -18.67
CA THR E 87 -4.22 -5.68 -17.43
C THR E 87 -3.51 -6.63 -16.47
N VAL E 88 -3.88 -7.91 -16.50
CA VAL E 88 -3.21 -8.89 -15.64
C VAL E 88 -1.76 -9.09 -16.07
N ILE E 89 -1.51 -9.07 -17.38
CA ILE E 89 -0.15 -9.23 -17.88
C ILE E 89 0.75 -8.09 -17.43
N VAL E 90 0.16 -6.92 -17.13
CA VAL E 90 0.97 -5.78 -16.72
C VAL E 90 1.72 -6.10 -15.43
N LEU E 91 1.09 -6.84 -14.52
CA LEU E 91 1.74 -7.18 -13.26
C LEU E 91 2.99 -8.02 -13.49
N GLN E 92 3.01 -8.84 -14.55
CA GLN E 92 4.18 -9.66 -14.83
C GLN E 92 5.40 -8.80 -15.14
N TYR E 93 5.20 -7.71 -15.91
CA TYR E 93 6.33 -6.85 -16.27
C TYR E 93 6.88 -6.14 -15.04
N HIS E 94 6.02 -5.75 -14.11
CA HIS E 94 6.47 -5.03 -12.93
C HIS E 94 7.36 -5.88 -12.03
N HIS E 95 7.27 -7.20 -12.13
CA HIS E 95 8.06 -8.11 -11.30
C HIS E 95 9.02 -8.97 -12.09
N HIS E 96 8.59 -9.49 -13.24
CA HIS E 96 9.41 -10.36 -14.09
C HIS E 96 10.19 -11.36 -13.25
N ASP E 97 9.48 -12.08 -12.40
CA ASP E 97 10.12 -13.06 -11.54
C ASP E 97 10.73 -14.17 -12.38
N PRO E 98 11.88 -14.72 -11.97
CA PRO E 98 12.48 -15.80 -12.77
C PRO E 98 11.57 -16.99 -12.95
N ASP E 99 10.76 -17.33 -11.94
CA ASP E 99 9.85 -18.46 -12.04
C ASP E 99 8.57 -18.14 -12.81
N GLY E 100 8.29 -16.86 -13.07
CA GLY E 100 7.11 -16.49 -13.81
C GLY E 100 7.11 -15.03 -14.21
N GLY E 101 6.82 -14.76 -15.47
CA GLY E 101 6.77 -13.41 -15.99
C GLY E 101 7.38 -13.36 -17.39
N LYS E 102 7.70 -12.15 -17.82
CA LYS E 102 8.33 -11.93 -19.12
C LYS E 102 9.85 -12.02 -18.98
N MET E 103 10.31 -13.24 -18.68
CA MET E 103 11.73 -13.50 -18.48
C MET E 103 12.47 -13.47 -19.82
N PRO E 104 11.98 -14.16 -20.85
CA PRO E 104 12.68 -14.14 -22.15
C PRO E 104 12.94 -12.71 -22.64
N LYS E 105 14.20 -12.39 -22.89
CA LYS E 105 14.60 -11.05 -23.31
C LYS E 105 14.53 -10.85 -24.82
N TRP E 106 14.25 -11.91 -25.59
CA TRP E 106 14.18 -11.75 -27.04
C TRP E 106 13.07 -10.80 -27.44
N THR E 107 12.02 -10.68 -26.62
CA THR E 107 10.93 -9.76 -26.90
C THR E 107 11.14 -8.40 -26.23
N ARG E 108 11.94 -8.34 -25.17
CA ARG E 108 12.18 -7.06 -24.50
C ARG E 108 12.86 -6.07 -25.42
N VAL E 109 13.83 -6.53 -26.21
CA VAL E 109 14.54 -5.64 -27.13
C VAL E 109 13.56 -5.07 -28.16
N ILE E 110 12.69 -5.94 -28.71
CA ILE E 110 11.69 -5.47 -29.66
C ILE E 110 10.73 -4.49 -28.99
N LEU E 111 10.32 -4.80 -27.76
CA LEU E 111 9.41 -3.91 -27.05
C LEU E 111 10.05 -2.54 -26.79
N LEU E 112 11.34 -2.53 -26.46
CA LEU E 112 12.02 -1.26 -26.20
C LEU E 112 12.01 -0.38 -27.45
N ASN E 113 12.25 -0.96 -28.63
CA ASN E 113 12.21 -0.18 -29.86
C ASN E 113 10.80 0.35 -30.10
N TRP E 114 9.78 -0.47 -29.86
CA TRP E 114 8.41 -0.01 -30.04
C TRP E 114 8.08 1.12 -29.07
N CYS E 115 8.55 1.02 -27.83
CA CYS E 115 8.28 2.07 -26.85
C CYS E 115 8.87 3.40 -27.28
N ALA E 116 10.09 3.38 -27.81
CA ALA E 116 10.73 4.61 -28.28
C ALA E 116 10.08 5.15 -29.56
N TRP E 117 9.27 4.36 -30.23
CA TRP E 117 8.60 4.80 -31.46
C TRP E 117 7.34 5.62 -31.19
N PHE E 118 6.93 5.75 -29.92
CA PHE E 118 5.72 6.51 -29.63
C PHE E 118 5.88 7.97 -30.05
N LEU E 119 7.04 8.57 -29.77
CA LEU E 119 7.27 9.96 -30.17
C LEU E 119 7.45 10.07 -31.67
N ARG E 120 8.20 9.14 -32.28
CA ARG E 120 8.45 9.13 -33.72
C ARG E 120 8.16 7.72 -34.22
N MET E 121 6.91 7.47 -34.60
CA MET E 121 6.53 6.16 -35.11
C MET E 121 7.21 5.88 -36.44
N LYS E 122 7.69 4.65 -36.61
CA LYS E 122 8.32 4.27 -37.87
C LYS E 122 7.33 4.15 -39.02
N ARG E 123 6.04 4.08 -38.71
CA ARG E 123 5.03 3.96 -39.75
C ARG E 123 4.91 5.27 -40.53
N PRO E 124 4.34 5.24 -41.73
CA PRO E 124 4.21 6.47 -42.53
C PRO E 124 3.38 7.55 -41.85
N GLY E 125 2.54 7.18 -40.88
CA GLY E 125 1.71 8.18 -40.23
C GLY E 125 2.53 9.28 -39.57
N GLU E 126 3.67 8.91 -38.98
CA GLU E 126 4.55 9.87 -38.32
C GLU E 126 5.96 9.88 -38.89
N ASP E 127 6.43 8.77 -39.45
CA ASP E 127 7.77 8.75 -40.04
C ASP E 127 7.86 9.68 -41.24
N LYS E 128 6.82 9.70 -42.08
CA LYS E 128 6.80 10.54 -43.27
C LYS E 128 6.25 11.94 -42.98
N VAL E 129 5.35 12.07 -42.02
CA VAL E 129 4.75 13.38 -41.70
C VAL E 129 5.68 14.02 -40.65
N ARG E 130 6.71 14.68 -41.15
CA ARG E 130 7.68 15.36 -40.30
C ARG E 130 8.63 16.14 -41.21
N PRO E 131 9.37 17.09 -40.64
CA PRO E 131 10.33 17.86 -41.46
C PRO E 131 11.36 16.94 -42.11
N ALA E 132 11.71 17.26 -43.36
CA ALA E 132 12.69 16.48 -44.11
C ALA E 132 13.48 17.42 -45.00
N CYS E 133 14.80 17.22 -45.03
CA CYS E 133 15.68 18.04 -45.84
C CYS E 133 16.94 17.25 -46.15
N GLN E 134 17.68 17.73 -47.15
CA GLN E 134 18.93 17.11 -47.58
C GLN E 134 20.15 17.72 -46.90
N HIS E 135 19.95 18.65 -45.97
CA HIS E 135 21.06 19.30 -45.29
C HIS E 135 21.63 18.36 -44.23
N LYS E 136 22.54 18.88 -43.40
CA LYS E 136 23.19 18.07 -42.37
C LYS E 136 22.22 17.68 -41.24
N GLN E 137 21.04 18.29 -41.19
CA GLN E 137 20.10 17.96 -40.13
C GLN E 137 19.64 16.51 -40.22
N ARG E 138 19.62 15.94 -41.42
CA ARG E 138 19.20 14.56 -41.64
C ARG E 138 20.35 13.67 -42.07
N ARG E 139 21.60 14.11 -41.86
CA ARG E 139 22.77 13.33 -42.23
C ARG E 139 23.23 12.48 -41.04
N CYS E 140 24.27 11.69 -41.27
CA CYS E 140 24.84 10.82 -40.24
C CYS E 140 26.33 11.08 -40.12
N SER E 141 26.86 10.82 -38.93
CA SER E 141 28.27 11.02 -38.65
C SER E 141 28.70 10.01 -37.59
N LEU E 142 29.92 10.17 -37.08
CA LEU E 142 30.43 9.25 -36.07
C LEU E 142 29.61 9.33 -34.79
N ALA E 143 29.20 10.53 -34.39
CA ALA E 143 28.45 10.68 -33.16
C ALA E 143 27.12 9.95 -33.22
N SER E 144 26.42 10.06 -34.36
CA SER E 144 25.12 9.40 -34.48
C SER E 144 25.26 7.88 -34.51
N VAL E 145 26.31 7.38 -35.16
CA VAL E 145 26.54 5.94 -35.28
C VAL E 145 27.36 5.51 -34.07
N GLU E 146 26.71 4.82 -33.13
CA GLU E 146 27.35 4.33 -31.93
C GLU E 146 27.67 2.85 -32.01
N MET E 147 27.77 2.29 -33.22
CA MET E 147 28.09 0.88 -33.37
C MET E 147 29.53 0.57 -33.01
N SER E 148 30.42 1.57 -33.04
CA SER E 148 31.83 1.39 -32.72
C SER E 148 32.17 1.93 -31.34
N ALA E 149 31.25 1.78 -30.38
CA ALA E 149 31.47 2.24 -29.00
C ALA E 149 31.72 3.74 -28.96
N VAL E 150 30.89 4.49 -29.68
CA VAL E 150 30.97 5.95 -29.73
C VAL E 150 29.91 6.52 -28.81
N ALA E 151 30.32 7.43 -27.93
CA ALA E 151 29.38 8.03 -26.99
C ALA E 151 28.33 8.84 -27.75
N PRO E 152 27.06 8.76 -27.35
CA PRO E 152 26.02 9.53 -28.05
C PRO E 152 26.18 11.02 -27.80
N PRO E 153 25.64 11.86 -28.68
CA PRO E 153 25.73 13.31 -28.46
C PRO E 153 25.16 13.70 -27.12
N PRO E 154 25.89 14.47 -26.30
CA PRO E 154 25.35 14.89 -25.01
C PRO E 154 24.06 15.68 -25.19
N ALA E 155 23.11 15.43 -24.28
CA ALA E 155 21.82 16.10 -24.31
C ALA E 155 21.22 16.06 -22.90
N SER E 156 20.07 16.70 -22.76
CA SER E 156 19.36 16.74 -21.48
C SER E 156 18.39 15.59 -21.30
N ASN E 157 18.31 14.67 -22.26
CA ASN E 157 17.40 13.54 -22.17
C ASN E 157 17.98 12.37 -21.40
N GLY E 158 19.24 12.44 -20.97
CA GLY E 158 19.85 11.37 -20.22
C GLY E 158 21.12 10.85 -20.86
N ASN E 159 21.55 11.48 -21.95
CA ASN E 159 22.78 11.05 -22.62
C ASN E 159 24.02 11.50 -21.87
N LEU E 160 23.96 12.69 -21.25
CA LEU E 160 25.10 13.18 -20.47
C LEU E 160 25.34 12.29 -19.25
N LEU E 161 24.27 11.82 -18.60
CA LEU E 161 24.42 10.99 -17.42
C LEU E 161 25.05 9.65 -17.76
N TYR E 162 24.76 9.11 -18.95
CA TYR E 162 25.33 7.81 -19.32
C TYR E 162 26.84 7.90 -19.52
N ILE E 163 27.35 9.08 -19.87
CA ILE E 163 28.79 9.26 -20.08
C ILE E 163 29.51 9.56 -18.78
N GLY E 164 28.96 10.48 -17.98
CA GLY E 164 29.59 10.88 -16.74
C GLY E 164 29.35 9.93 -15.58
N PHE E 165 28.08 9.78 -15.19
CA PHE E 165 27.76 8.93 -14.06
C PHE E 165 28.07 7.48 -14.36
N ARG E 166 27.67 6.99 -15.54
CA ARG E 166 27.91 5.60 -15.93
C ARG E 166 29.22 5.50 -16.74
N GLY E 167 30.31 5.90 -16.08
CA GLY E 167 31.60 5.86 -16.74
C GLY E 167 32.04 4.46 -17.12
N LEU E 168 31.71 3.47 -16.29
CA LEU E 168 32.08 2.08 -16.54
C LEU E 168 33.59 1.94 -16.70
N ASP E 169 34.30 2.25 -15.61
CA ASP E 169 35.76 2.23 -15.60
C ASP E 169 36.33 3.13 -16.69
N GLY E 170 35.74 4.31 -16.85
CA GLY E 170 36.16 5.25 -17.87
C GLY E 170 36.78 6.51 -17.31
N VAL E 171 36.47 7.66 -17.91
CA VAL E 171 37.05 8.92 -17.48
C VAL E 171 36.60 9.26 -16.06
N HIS E 172 35.38 8.85 -15.69
CA HIS E 172 34.87 9.16 -14.35
C HIS E 172 35.65 8.39 -13.28
N CYS E 173 35.87 7.09 -13.50
CA CYS E 173 36.56 6.26 -12.53
C CYS E 173 38.07 6.26 -12.74
N VAL E 174 38.51 5.83 -13.91
CA VAL E 174 39.95 5.72 -14.21
C VAL E 174 40.29 6.63 -15.39
N PRO E 175 40.78 7.85 -15.14
CA PRO E 175 41.16 8.73 -16.27
C PRO E 175 42.46 8.30 -16.93
N THR E 176 42.35 7.33 -17.83
CA THR E 176 43.54 6.81 -18.51
C THR E 176 44.31 7.89 -19.26
N PRO E 177 43.68 8.78 -20.02
CA PRO E 177 44.46 9.81 -20.72
C PRO E 177 45.26 10.66 -19.74
N ASP E 178 46.54 10.83 -20.05
CA ASP E 178 47.45 11.59 -19.19
C ASP E 178 47.30 13.08 -19.54
N SER E 179 46.28 13.70 -18.96
CA SER E 179 46.03 15.11 -19.18
C SER E 179 46.99 16.00 -18.41
N GLY E 180 47.64 15.48 -17.38
CA GLY E 180 48.57 16.29 -16.60
C GLY E 180 47.92 17.46 -15.90
N VAL E 181 46.73 17.25 -15.34
CA VAL E 181 46.00 18.30 -14.63
C VAL E 181 46.00 18.06 -13.13
N VAL E 182 45.91 16.79 -12.70
CA VAL E 182 45.89 16.50 -11.27
C VAL E 182 47.20 16.90 -10.62
N CYS E 183 48.32 16.58 -11.26
CA CYS E 183 49.65 16.90 -10.74
C CYS E 183 50.46 17.74 -11.71
N GLY E 184 49.79 18.47 -12.62
CA GLY E 184 50.48 19.31 -13.56
C GLY E 184 49.76 20.62 -13.82
N ARG E 185 48.82 20.98 -12.95
CA ARG E 185 48.05 22.20 -13.11
C ARG E 185 47.53 22.62 -11.75
N MET E 186 47.26 23.93 -11.62
CA MET E 186 46.74 24.50 -10.39
C MET E 186 45.21 24.55 -10.37
N ALA E 187 44.55 23.67 -11.14
CA ALA E 187 43.09 23.66 -11.21
C ALA E 187 42.55 22.87 -10.03
N CYS E 188 42.53 23.52 -8.87
CA CYS E 188 42.02 22.93 -7.63
C CYS E 188 42.78 21.66 -7.27
N SER E 189 44.06 21.60 -7.62
CA SER E 189 44.89 20.44 -7.31
C SER E 189 46.34 20.88 -7.26
N PRO E 190 47.19 20.19 -6.51
CA PRO E 190 48.61 20.58 -6.44
C PRO E 190 49.30 20.35 -7.78
N THR E 191 50.27 21.21 -8.05
CA THR E 191 51.07 21.11 -9.28
C THR E 191 52.36 20.36 -8.95
N HIS E 192 52.24 19.04 -8.89
CA HIS E 192 53.37 18.16 -8.58
C HIS E 192 53.99 18.54 -7.24
N ASP E 193 53.14 18.93 -6.28
CA ASP E 193 53.57 19.34 -4.94
C ASP E 193 53.43 18.13 -4.02
N GLU E 194 54.51 17.36 -3.89
CA GLU E 194 54.50 16.19 -3.02
C GLU E 194 54.74 16.54 -1.56
N HIS E 195 55.10 17.78 -1.25
CA HIS E 195 55.33 18.22 0.12
C HIS E 195 54.23 19.12 0.64
N LEU E 196 53.03 19.04 0.05
CA LEU E 196 51.90 19.87 0.47
C LEU E 196 51.28 19.23 1.70
N LEU E 197 51.81 19.58 2.86
CA LEU E 197 51.32 19.05 4.13
C LEU E 197 50.31 20.02 4.75
N HIS E 198 49.51 19.49 5.68
CA HIS E 198 48.50 20.28 6.38
C HIS E 198 49.13 20.97 7.58
N GLY E 199 50.00 21.93 7.28
CA GLY E 199 50.70 22.66 8.32
C GLY E 199 51.60 21.77 9.16
N GLY E 200 52.31 20.85 8.53
CA GLY E 200 53.18 19.91 9.22
C GLY E 200 52.53 18.57 9.52
N GLN E 201 51.23 18.47 9.40
CA GLN E 201 50.49 17.23 9.65
C GLN E 201 50.13 16.56 8.34
N PRO E 202 49.73 15.29 8.38
CA PRO E 202 49.34 14.60 7.15
C PRO E 202 48.14 15.26 6.50
N PRO E 203 47.96 15.10 5.18
CA PRO E 203 46.83 15.76 4.53
C PRO E 203 45.48 15.42 5.15
N GLU E 204 45.30 14.18 5.60
CA GLU E 204 44.06 13.76 6.22
C GLU E 204 44.17 13.94 7.73
N GLY E 205 43.23 14.69 8.31
CA GLY E 205 43.26 14.96 9.73
C GLY E 205 42.88 13.77 10.59
N ASP E 206 42.12 12.82 10.04
CA ASP E 206 41.72 11.64 10.81
C ASP E 206 41.35 10.52 9.85
N PRO E 207 41.97 9.35 9.96
CA PRO E 207 41.56 8.22 9.11
C PRO E 207 40.13 7.77 9.37
N ASP E 208 39.57 8.07 10.54
CA ASP E 208 38.21 7.65 10.83
C ASP E 208 37.20 8.28 9.88
N LEU E 209 37.52 9.45 9.34
CA LEU E 209 36.61 10.11 8.40
C LEU E 209 36.41 9.29 7.14
N ALA E 210 37.46 8.60 6.67
CA ALA E 210 37.32 7.76 5.48
C ALA E 210 36.35 6.62 5.73
N LYS E 211 36.41 6.01 6.91
CA LYS E 211 35.48 4.93 7.23
C LYS E 211 34.04 5.43 7.26
N ILE E 212 33.82 6.63 7.81
CA ILE E 212 32.48 7.19 7.83
C ILE E 212 31.98 7.42 6.42
N LEU E 213 32.86 7.84 5.52
CA LEU E 213 32.46 8.07 4.13
C LEU E 213 31.97 6.78 3.48
N GLU E 214 32.62 5.65 3.79
CA GLU E 214 32.19 4.39 3.21
C GLU E 214 30.77 4.04 3.63
N GLU E 215 30.44 4.25 4.90
CA GLU E 215 29.07 3.98 5.36
C GLU E 215 28.10 5.01 4.79
N VAL E 216 28.49 6.29 4.77
CA VAL E 216 27.64 7.31 4.19
C VAL E 216 27.46 7.08 2.70
N ARG E 217 28.55 6.73 2.01
CA ARG E 217 28.45 6.48 0.57
C ARG E 217 27.54 5.29 0.28
N TYR E 218 27.62 4.24 1.11
CA TYR E 218 26.76 3.08 0.91
C TYR E 218 25.29 3.46 1.07
N ILE E 219 24.98 4.31 2.06
CA ILE E 219 23.60 4.76 2.24
C ILE E 219 23.16 5.56 1.01
N ALA E 220 24.03 6.47 0.54
CA ALA E 220 23.72 7.22 -0.68
C ALA E 220 23.65 6.29 -1.88
N ASN E 221 24.55 5.30 -1.95
CA ASN E 221 24.54 4.36 -3.07
C ASN E 221 23.24 3.55 -3.08
N ARG E 222 22.77 3.13 -1.91
CA ARG E 222 21.51 2.40 -1.84
C ARG E 222 20.36 3.25 -2.33
N PHE E 223 20.34 4.53 -1.97
CA PHE E 223 19.32 5.43 -2.49
C PHE E 223 19.46 5.62 -3.99
N ARG E 224 20.69 5.65 -4.51
CA ARG E 224 20.89 5.72 -5.95
C ARG E 224 20.30 4.50 -6.65
N CYS E 225 20.49 3.31 -6.06
CA CYS E 225 19.92 2.10 -6.64
C CYS E 225 18.39 2.16 -6.63
N GLN E 226 17.80 2.80 -5.62
CA GLN E 226 16.35 2.96 -5.61
C GLN E 226 15.88 3.80 -6.78
N ASP E 227 16.60 4.88 -7.10
CA ASP E 227 16.28 5.66 -8.28
C ASP E 227 16.48 4.84 -9.55
N GLU E 228 17.54 4.04 -9.60
CA GLU E 228 17.75 3.16 -10.74
C GLU E 228 16.69 2.05 -10.78
N SER E 229 16.25 1.57 -9.62
CA SER E 229 15.19 0.57 -9.60
C SER E 229 13.90 1.12 -10.20
N GLU E 230 13.59 2.39 -9.91
CA GLU E 230 12.41 3.01 -10.51
C GLU E 230 12.56 3.09 -12.02
N ALA E 231 13.77 3.36 -12.51
CA ALA E 231 14.00 3.37 -13.96
C ALA E 231 13.75 1.98 -14.56
N VAL E 232 14.20 0.93 -13.87
CA VAL E 232 13.90 -0.43 -14.34
C VAL E 232 12.40 -0.66 -14.33
N CYS E 233 11.72 -0.25 -13.25
CA CYS E 233 10.26 -0.35 -13.21
C CYS E 233 9.63 0.52 -14.29
N SER E 234 10.18 1.72 -14.51
CA SER E 234 9.67 2.57 -15.58
C SER E 234 9.91 1.95 -16.95
N GLU E 235 11.06 1.28 -17.14
CA GLU E 235 11.32 0.60 -18.40
C GLU E 235 10.27 -0.47 -18.66
N TRP E 236 9.92 -1.25 -17.63
CA TRP E 236 8.84 -2.22 -17.77
C TRP E 236 7.49 -1.53 -17.84
N LYS E 237 7.35 -0.37 -17.18
CA LYS E 237 6.10 0.37 -17.26
C LYS E 237 5.80 0.80 -18.69
N PHE E 238 6.81 1.28 -19.41
CA PHE E 238 6.61 1.67 -20.80
C PHE E 238 6.20 0.46 -21.64
N ALA E 239 6.84 -0.69 -21.42
CA ALA E 239 6.48 -1.90 -22.15
C ALA E 239 5.07 -2.37 -21.80
N ALA E 240 4.54 -1.97 -20.65
CA ALA E 240 3.18 -2.34 -20.28
C ALA E 240 2.14 -1.42 -20.89
N CYS E 241 2.44 -0.13 -21.04
CA CYS E 241 1.49 0.80 -21.62
C CYS E 241 1.34 0.61 -23.13
N VAL E 242 2.42 0.22 -23.81
CA VAL E 242 2.33 -0.01 -25.25
C VAL E 242 1.41 -1.18 -25.56
N VAL E 243 1.41 -2.21 -24.71
CA VAL E 243 0.51 -3.34 -24.92
C VAL E 243 -0.94 -2.89 -24.86
N ASP E 244 -1.27 -2.06 -23.87
CA ASP E 244 -2.62 -1.51 -23.79
C ASP E 244 -2.92 -0.64 -25.02
N ARG E 245 -1.98 0.20 -25.42
CA ARG E 245 -2.18 1.04 -26.60
C ARG E 245 -2.23 0.20 -27.86
N LEU E 246 -1.39 -0.84 -27.95
CA LEU E 246 -1.39 -1.70 -29.14
C LEU E 246 -2.73 -2.41 -29.28
N CYS E 247 -3.28 -2.92 -28.17
CA CYS E 247 -4.56 -3.59 -28.22
C CYS E 247 -5.73 -2.64 -28.39
N LEU E 248 -5.55 -1.36 -28.02
CA LEU E 248 -6.63 -0.39 -28.19
C LEU E 248 -6.96 -0.21 -29.67
N MET E 249 -5.92 -0.08 -30.51
CA MET E 249 -6.15 0.08 -31.95
C MET E 249 -6.68 -1.21 -32.56
N ALA E 250 -6.14 -2.36 -32.14
CA ALA E 250 -6.60 -3.63 -32.69
C ALA E 250 -8.06 -3.88 -32.36
N PHE E 251 -8.47 -3.62 -31.12
CA PHE E 251 -9.86 -3.82 -30.73
C PHE E 251 -10.77 -2.73 -31.27
N SER E 252 -10.23 -1.55 -31.62
CA SER E 252 -11.07 -0.50 -32.18
C SER E 252 -11.68 -0.94 -33.50
N VAL E 253 -10.88 -1.60 -34.36
CA VAL E 253 -11.41 -2.07 -35.63
C VAL E 253 -12.46 -3.15 -35.40
N PHE E 254 -12.20 -4.07 -34.47
CA PHE E 254 -13.17 -5.12 -34.18
C PHE E 254 -14.47 -4.54 -33.64
N THR E 255 -14.38 -3.55 -32.76
CA THR E 255 -15.59 -2.92 -32.22
C THR E 255 -16.40 -2.26 -33.33
N ILE E 256 -15.71 -1.58 -34.26
CA ILE E 256 -16.41 -0.95 -35.37
C ILE E 256 -17.07 -2.01 -36.26
N ILE E 257 -16.38 -3.12 -36.48
CA ILE E 257 -16.94 -4.19 -37.31
C ILE E 257 -18.21 -4.75 -36.68
N CYS E 258 -18.19 -4.96 -35.35
CA CYS E 258 -19.37 -5.48 -34.69
C CYS E 258 -20.56 -4.53 -34.84
N THR E 259 -20.33 -3.23 -34.68
CA THR E 259 -21.40 -2.27 -34.85
C THR E 259 -21.93 -2.27 -36.28
N ILE E 260 -21.02 -2.37 -37.25
CA ILE E 260 -21.44 -2.42 -38.66
C ILE E 260 -22.27 -3.66 -38.93
N GLY E 261 -21.84 -4.80 -38.39
CA GLY E 261 -22.59 -6.04 -38.61
C GLY E 261 -24.01 -5.96 -38.08
N ILE E 262 -24.19 -5.37 -36.91
CA ILE E 262 -25.53 -5.24 -36.33
C ILE E 262 -26.41 -4.38 -37.23
N LEU E 263 -25.87 -3.27 -37.73
CA LEU E 263 -26.64 -2.40 -38.61
C LEU E 263 -26.81 -3.00 -40.01
N MET E 264 -26.01 -4.01 -40.36
CA MET E 264 -26.09 -4.65 -41.66
C MET E 264 -26.86 -5.97 -41.64
N SER E 265 -26.88 -6.66 -40.51
CA SER E 265 -27.56 -7.94 -40.40
C SER E 265 -29.00 -7.79 -39.91
N ALA E 266 -29.33 -6.69 -39.24
CA ALA E 266 -30.70 -6.50 -38.75
C ALA E 266 -31.71 -6.50 -39.88
N PRO E 267 -31.50 -5.80 -41.00
CA PRO E 267 -32.52 -5.81 -42.07
C PRO E 267 -32.80 -7.18 -42.62
N ASN E 268 -31.85 -8.12 -42.53
CA ASN E 268 -32.05 -9.46 -43.06
C ASN E 268 -32.63 -10.41 -42.02
N PHE E 269 -32.23 -10.27 -40.75
CA PHE E 269 -32.72 -11.11 -39.68
C PHE E 269 -33.77 -10.40 -38.83
N VAL E 270 -33.47 -9.21 -38.33
CA VAL E 270 -34.41 -8.45 -37.51
C VAL E 270 -35.39 -7.70 -38.40
C1 IVM F . -25.15 6.87 -28.55
O1 IVM F . -25.62 5.71 -24.84
C2 IVM F . -25.52 5.51 -27.92
O2 IVM F . -31.79 6.68 -28.30
C3 IVM F . -24.45 5.09 -26.88
O3 IVM F . -30.72 5.84 -32.46
C4 IVM F . -24.69 3.62 -26.48
O4 IVM F . -33.53 5.68 -32.41
C5 IVM F . -24.48 5.99 -25.64
O5 IVM F . -31.86 4.79 -36.30
C6 IVM F . -25.82 6.69 -23.80
O6 IVM F . -33.62 2.65 -35.73
C7 IVM F . -24.47 7.15 -23.24
O7 IVM F . -35.20 5.42 -33.97
C8 IVM F . -23.42 6.05 -23.35
O8 IVM F . -32.84 8.08 -29.77
C9 IVM F . -23.18 5.77 -24.84
O9 IVM F . -32.54 1.69 -20.82
C10 IVM F . -22.10 6.71 -25.37
O10 IVM F . -30.77 1.13 -19.09
C11 IVM F . -26.60 5.72 -22.80
O11 IVM F . -27.35 2.70 -22.78
C12 IVM F . -27.92 5.20 -23.44
O12 IVM F . -28.68 4.53 -22.46
C13 IVM F . -28.70 6.38 -23.96
O13 IVM F . -30.11 1.18 -23.34
C14 IVM F . -27.88 7.04 -25.02
O14 IVM F . -26.70 7.59 -24.48
C15 IVM F . -28.69 8.19 -25.71
C16 IVM F . -29.86 7.60 -26.55
C17 IVM F . -31.19 7.76 -26.19
C18 IVM F . -31.61 8.55 -24.92
C19 IVM F . -32.31 7.15 -27.07
C20 IVM F . -31.61 7.69 -29.26
C21 IVM F . -30.67 7.16 -30.42
C22 IVM F . -31.44 6.11 -31.30
C23 IVM F . -29.46 5.20 -32.23
C24 IVM F . -32.79 6.68 -31.68
C25 IVM F . -34.08 6.20 -33.58
C26 IVM F . -33.01 6.22 -34.72
C27 IVM F . -32.66 4.76 -35.14
C28 IVM F . -30.51 5.16 -36.08
C29 IVM F . -33.93 4.02 -35.44
C30 IVM F . -34.83 4.08 -34.24
C31 IVM F . -36.10 3.25 -34.52
C32 IVM F . -33.52 7.04 -30.43
C33 IVM F . -34.95 7.50 -30.76
C34 IVM F . -32.96 5.99 -26.31
C35 IVM F . -33.98 5.28 -27.23
C36 IVM F . -31.88 4.99 -25.87
C37 IVM F . -32.12 4.47 -24.44
C38 IVM F . -31.14 3.36 -24.00
C39 IVM F . -31.19 3.07 -22.47
C40 IVM F . -32.70 2.82 -22.00
C41 IVM F . -31.40 0.92 -21.32
C42 IVM F . -30.76 0.26 -20.19
C43 IVM F . -29.24 -0.16 -20.53
C44 IVM F . -28.41 0.92 -21.09
C45 IVM F . -29.18 2.23 -21.39
C46 IVM F . -28.32 3.14 -22.26
C47 IVM F . -30.47 1.85 -22.13
C48 IVM F . -28.61 -1.44 -19.90
H1 IVM F . -25.73 7.01 -29.46
H1A IVM F . -24.09 6.90 -28.79
H1B IVM F . -25.39 7.68 -27.85
H2 IVM F . -25.57 4.76 -28.70
H2A IVM F . -26.49 5.58 -27.43
H3 IVM F . -23.47 5.16 -27.34
H4 IVM F . -23.73 3.11 -26.40
H4A IVM F . -25.29 3.13 -27.25
H4B IVM F . -25.23 3.56 -25.53
H5 IVM F . -24.52 7.04 -25.95
HO6 IVM F . -33.26 2.59 -36.62
H7 IVM F . -24.61 7.42 -22.19
H7A IVM F . -24.15 8.05 -23.77
H8 IVM F . -23.76 5.14 -22.86
H8A IVM F . -22.48 6.39 -22.90
H9 IVM F . -22.85 4.73 -24.96
H10 IVM F . -21.18 6.55 -24.80
H10A IVM F . -22.43 7.74 -25.24
H10B IVM F . -21.92 6.50 -26.42
HO10 IVM F . -30.01 0.93 -18.54
H11 IVM F . -26.83 6.28 -21.89
H11A IVM F . -25.96 4.87 -22.56
H12 IVM F . -27.70 4.53 -24.25
H13 IVM F . -28.89 7.09 -23.14
H13A IVM F . -29.64 6.04 -24.36
HO13 IVM F . -30.06 0.25 -23.18
H14 IVM F . -27.62 6.30 -25.78
H15 IVM F . -28.02 8.73 -26.38
H15A IVM F . -29.05 8.86 -24.94
H16 IVM F . -29.63 7.03 -27.45
H18 IVM F . -31.15 9.35 -25.50
H18A IVM F . -31.04 9.03 -24.13
H18B IVM F . -31.19 7.67 -24.45
H19 IVM F . -33.06 7.91 -27.27
H20 IVM F . -31.14 8.54 -28.80
H21 IVM F . -29.79 6.67 -29.98
H21A IVM F . -30.35 7.99 -31.05
H22 IVM F . -31.59 5.19 -30.74
H23 IVM F . -29.18 4.62 -33.12
H23A IVM F . -29.55 4.51 -31.39
H23B IVM F . -28.71 5.94 -32.02
H24 IVM F . -32.64 7.58 -32.29
H25 IVM F . -34.43 7.23 -33.41
H26 IVM F . -32.10 6.72 -34.36
H26A IVM F . -33.40 6.76 -35.58
H27 IVM F . -32.14 4.27 -34.33
H28 IVM F . -29.92 4.92 -36.97
H28A IVM F . -30.11 4.61 -35.23
H28B IVM F . -30.45 6.23 -35.89
H29 IVM F . -34.43 4.48 -36.29
H30 IVM F . -34.32 3.66 -33.37
H31 IVM F . -35.85 2.19 -34.54
H31A IVM F . -36.53 3.54 -35.48
H31B IVM F . -36.84 3.43 -33.73
H32 IVM F . -33.56 6.17 -29.77
H33 IVM F . -35.50 6.69 -31.22
H33A IVM F . -34.91 8.35 -31.45
H33B IVM F . -35.46 7.81 -29.85
H34 IVM F . -33.47 6.38 -25.43
H35 IVM F . -34.55 4.58 -26.63
H35A IVM F . -33.45 4.75 -28.02
H35B IVM F . -34.65 6.02 -27.66
H36 IVM F . -31.86 4.14 -26.56
H37 IVM F . -33.15 4.12 -24.35
H38 IVM F . -30.13 3.63 -24.28
H40 IVM F . -33.14 3.74 -21.61
H40A IVM F . -33.30 2.44 -22.83
H41 IVM F . -31.77 0.15 -22.00
H42 IVM F . -31.33 -0.64 -19.94
H44 IVM F . -27.34 0.93 -20.93
H45 IVM F . -29.42 2.72 -20.45
H48 IVM F . -27.81 -1.79 -20.54
H48A IVM F . -29.37 -2.21 -19.79
H48B IVM F . -28.20 -1.18 -18.92
C1 IVM G . -36.72 12.10 1.22
O1 IVM G . -35.37 8.20 1.60
C2 IVM G . -36.89 10.74 0.48
O2 IVM G . -42.40 8.17 2.26
C3 IVM G . -35.51 10.13 0.15
O3 IVM G . -43.62 11.42 -0.45
C4 IVM G . -35.67 9.06 -0.92
O4 IVM G . -46.00 9.96 0.01
C5 IVM G . -34.88 9.51 1.40
O5 IVM G . -46.58 13.30 -2.68
C6 IVM G . -35.01 7.68 2.88
O6 IVM G . -47.70 11.06 -4.00
C7 IVM G . -33.59 8.10 3.25
O7 IVM G . -48.24 10.21 -0.50
C8 IVM G . -32.73 8.33 2.01
O8 IVM G . -44.14 9.40 3.08
C9 IVM G . -33.34 9.49 1.22
O9 IVM G . -38.95 0.02 1.22
C10 IVM G . -32.75 10.81 1.71
O10 IVM G . -36.58 -0.71 0.75
C11 IVM G . -35.11 6.14 2.49
O11 IVM G . -35.76 4.44 -0.11
C12 IVM G . -36.55 5.74 2.07
O12 IVM G . -36.65 4.33 1.99
C13 IVM G . -37.52 6.24 3.11
O13 IVM G . -38.44 2.69 -1.06
C14 IVM G . -37.42 7.74 3.16
O14 IVM G . -36.16 8.12 3.64
C15 IVM G . -38.51 8.33 4.11
C16 IVM G . -39.92 8.17 3.47
C17 IVM G . -40.90 7.33 3.99
C18 IVM G . -40.64 6.48 5.26
C19 IVM G . -42.27 7.22 3.31
C20 IVM G . -42.80 9.43 2.69
C21 IVM G . -42.57 10.49 1.52
C22 IVM G . -43.65 10.32 0.40
C23 IVM G . -42.41 11.58 -1.17
C24 IVM G . -45.02 10.22 1.04
C25 IVM G . -47.10 10.81 0.13
C26 IVM G . -46.78 12.19 -0.54
C27 IVM G . -46.66 12.02 -2.07
C28 IVM G . -45.34 13.96 -2.52
C29 IVM G . -47.87 11.30 -2.59
C30 IVM G . -48.01 9.98 -1.88
C31 IVM G . -49.21 9.22 -2.46
C32 IVM G . -45.00 9.08 2.02
C33 IVM G . -46.42 8.84 2.58
C34 IVM G . -42.48 5.81 2.76
C35 IVM G . -43.89 5.67 2.19
C36 IVM G . -41.46 5.49 1.66
C37 IVM G . -40.66 4.20 1.96
C38 IVM G . -39.69 3.77 0.83
C39 IVM G . -38.82 2.56 1.25
C40 IVM G . -39.76 1.36 1.73
C41 IVM G . -38.37 0.55 -0.04
C42 IVM G . -37.23 -0.29 -0.42
C43 IVM G . -36.19 0.50 -1.34
C44 IVM G . -35.77 1.84 -0.85
C45 IVM G . -36.55 2.29 0.41
C46 IVM G . -36.27 3.77 0.72
C47 IVM G . -38.03 2.03 0.13
C48 IVM G . -35.31 -0.26 -2.38
H1 IVM G . -37.67 12.63 1.19
H1A IVM G . -35.96 12.69 0.71
H1B IVM G . -36.42 11.93 2.24
H2 IVM G . -37.43 10.90 -0.44
H2A IVM G . -37.44 10.05 1.13
H3 IVM G . -34.85 10.91 -0.22
H4 IVM G . -35.57 9.52 -1.91
H4A IVM G . -36.65 8.60 -0.84
H4B IVM G . -34.90 8.30 -0.80
H5 IVM G . -35.12 10.12 2.28
HO6 IVM G . -47.91 11.86 -4.48
H7 IVM G . -33.14 7.32 3.87
H7A IVM G . -33.63 9.01 3.86
H8 IVM G . -32.73 7.43 1.38
H8A IVM G . -31.71 8.57 2.29
H9 IVM G . -33.12 9.37 0.16
H10 IVM G . -31.67 10.78 1.59
H10A IVM G . -32.99 10.94 2.77
H10B IVM G . -33.17 11.64 1.15
HO10 IVM G . -36.92 -1.56 1.01
H11 IVM G . -34.81 5.54 3.35
H11A IVM G . -34.43 5.95 1.66
H12 IVM G . -36.79 6.19 1.11
H13 IVM G . -37.27 5.83 4.09
H13A IVM G . -38.52 5.95 2.84
HO13 IVM G . -37.91 3.46 -1.23
H14 IVM G . -37.57 8.13 2.15
H15 IVM G . -38.31 9.39 4.25
H15A IVM G . -38.45 7.83 5.06
H16 IVM G . -40.16 8.74 2.57
H18 IVM G . -40.57 7.48 5.70
H18A IVM G . -39.76 6.35 5.90
H18B IVM G . -40.00 5.94 4.56
H19 IVM G . -43.04 7.42 4.05
H20 IVM G . -42.21 9.73 3.54
H21 IVM G . -41.58 10.34 1.10
H21A IVM G . -42.63 11.51 1.94
H22 IVM G . -43.46 9.41 -0.16
H23 IVM G . -42.61 12.12 -2.10
H23A IVM G . -42.00 10.59 -1.41
H23B IVM G . -41.70 12.13 -0.58
H24 IVM G . -45.24 11.15 1.56
H25 IVM G . -47.34 10.97 1.18
H26 IVM G . -45.84 12.59 -0.14
H26A IVM G . -47.59 12.89 -0.32
H27 IVM G . -45.77 11.45 -2.31
H28 IVM G . -45.28 14.79 -3.22
H28A IVM G . -44.52 13.27 -2.70
H28B IVM G . -45.27 14.35 -1.50
H29 IVM G . -48.75 11.91 -2.42
H30 IVM G . -47.10 9.40 -2.01
H31 IVM G . -48.97 8.89 -3.48
H31A IVM G . -50.08 9.87 -2.48
H31B IVM G . -49.43 8.35 -1.85
H32 IVM G . -44.64 8.19 1.51
H33 IVM G . -47.08 8.55 1.77
H33A IVM G . -46.79 9.75 3.05
H33B IVM G . -46.38 8.04 3.32
H34 IVM G . -42.35 5.09 3.57
H35 IVM G . -44.19 4.63 2.20
H35A IVM G . -43.91 6.05 1.15
H35B IVM G . -44.59 6.26 2.79
H36 IVM G . -40.76 6.33 1.54
H37 IVM G . -40.10 4.33 2.88
H38 IVM G . -39.04 4.61 0.58
H40 IVM G . -39.86 1.35 2.81
H40A IVM G . -40.74 1.42 1.27
H41 IVM G . -39.12 0.46 -0.82
H42 IVM G . -37.60 -1.16 -0.96
H44 IVM G . -34.79 2.24 -1.08
H45 IVM G . -36.24 1.68 1.26
H48 IVM G . -35.01 0.41 -3.17
H48A IVM G . -35.89 -1.09 -2.81
H48B IVM G . -34.42 -0.66 -1.88
C1 IVM H . -30.71 -14.68 18.61
O1 IVM H . -29.07 -15.54 15.06
C2 IVM H . -31.17 -14.54 17.14
O2 IVM H . -34.27 -20.15 16.52
C3 IVM H . -30.15 -13.76 16.30
O3 IVM H . -36.98 -17.43 18.67
C4 IVM H . -30.77 -13.41 14.95
O4 IVM H . -38.65 -19.54 17.83
C5 IVM H . -28.87 -14.58 16.08
O5 IVM H . -40.76 -16.47 20.06
C6 IVM H . -28.00 -16.49 14.98
O6 IVM H . -42.25 -16.84 17.70
C7 IVM H . -26.66 -15.79 15.21
O7 IVM H . -40.84 -20.15 18.20
C8 IVM H . -26.72 -14.33 14.79
O8 IVM H . -35.43 -21.19 18.18
C9 IVM H . -27.73 -13.61 15.68
O9 IVM H . -32.37 -19.62 7.77
C10 IVM H . -27.03 -13.12 16.95
O10 IVM H . -32.56 -17.72 5.77
C11 IVM H . -28.23 -16.89 13.46
O11 IVM H . -30.51 -16.21 11.06
C12 IVM H . -29.62 -17.56 13.24
O12 IVM H . -29.66 -18.15 11.95
C13 IVM H . -29.80 -18.65 14.27
O13 IVM H . -32.74 -16.64 9.85
C14 IVM H . -29.78 -18.00 15.63
O14 IVM H . -28.49 -17.48 15.89
C15 IVM H . -30.12 -19.06 16.73
C16 IVM H . -31.60 -19.53 16.58
C17 IVM H . -31.94 -20.79 16.16
C18 IVM H . -30.88 -21.87 15.82
C19 IVM H . -33.44 -21.19 16.03
C20 IVM H . -34.50 -20.21 17.89
C21 IVM H . -34.99 -18.79 18.41
C22 IVM H . -36.47 -18.53 17.97
C23 IVM H . -36.35 -16.19 18.35
C24 IVM H . -37.30 -19.75 18.29
C25 IVM H . -39.59 -19.86 18.81
C26 IVM H . -39.75 -18.67 19.82
C27 IVM H . -40.43 -17.46 19.10
C28 IVM H . -39.65 -15.73 20.56
C29 IVM H . -41.68 -17.93 18.43
C30 IVM H . -41.35 -19.05 17.48
C31 IVM H . -42.62 -19.47 16.73
C32 IVM H . -36.69 -20.92 17.61
C33 IVM H . -37.59 -22.17 17.76
C34 IVM H . -33.77 -21.48 14.58
C35 IVM H . -35.20 -22.03 14.48
C36 IVM H . -33.68 -20.21 13.73
C37 IVM H . -33.20 -20.48 12.28
C38 IVM H . -32.56 -19.24 11.61
C39 IVM H . -33.07 -18.97 10.16
C40 IVM H . -32.86 -20.25 9.22
C41 IVM H . -32.76 -18.22 8.03
C42 IVM H . -32.24 -17.28 7.05
C43 IVM H . -30.64 -17.16 7.18
C44 IVM H . -29.98 -17.50 8.47
C45 IVM H . -30.80 -18.09 9.65
C46 IVM H . -30.34 -17.38 10.93
C47 IVM H . -32.32 -17.94 9.45
C48 IVM H . -29.82 -16.50 6.04
H1 IVM H . -31.56 -14.96 19.23
H1A IVM H . -30.30 -13.74 18.95
H1B IVM H . -29.95 -15.45 18.67
H2 IVM H . -32.13 -14.01 17.11
H2A IVM H . -31.33 -15.53 16.71
H3 IVM H . -29.89 -12.84 16.82
H4 IVM H . -31.14 -12.37 14.98
H4A IVM H . -31.61 -14.08 14.75
H4B IVM H . -30.04 -13.50 14.16
H5 IVM H . -28.59 -15.09 17.00
HO6 IVM H . -42.73 -16.28 18.30
H7 IVM H . -25.90 -16.31 14.62
H7A IVM H . -26.37 -15.88 16.26
H8 IVM H . -27.04 -14.25 13.75
H8A IVM H . -25.74 -13.87 14.91
H9 IVM H . -28.15 -12.75 15.16
H10 IVM H . -26.21 -12.44 16.67
H10A IVM H . -26.61 -13.98 17.49
H10B IVM H . -27.73 -12.59 17.58
HO10 IVM H . -31.89 -18.31 5.47
H11 IVM H . -27.44 -17.59 13.16
H11A IVM H . -28.16 -15.99 12.84
H12 IVM H . -30.41 -16.83 13.34
H13 IVM H . -28.99 -19.37 14.19
H13A IVM H . -30.76 -19.13 14.11
HO13 IVM H . -33.69 -16.65 9.99
H14 IVM H . -30.51 -17.20 15.66
H15 IVM H . -30.00 -18.59 17.71
H15A IVM H . -29.43 -19.88 16.66
H16 IVM H . -32.40 -18.81 16.80
H18 IVM H . -30.67 -21.73 16.88
H18A IVM H . -29.79 -21.84 15.80
H18B IVM H . -30.74 -21.21 14.97
H19 IVM H . -33.61 -22.08 16.62
H20 IVM H . -33.58 -20.46 18.39
H21 IVM H . -34.34 -18.01 17.98
H21A IVM H . -34.92 -18.76 19.50
H22 IVM H . -36.51 -18.35 16.90
H23 IVM H . -37.03 -15.38 18.55
H23A IVM H . -36.06 -16.19 17.31
H23B IVM H . -35.45 -16.08 18.98
H24 IVM H . -37.29 -19.91 19.38
H25 IVM H . -39.26 -20.74 19.37
H26 IVM H . -38.75 -18.35 20.18
H26A IVM H . -40.36 -18.98 20.66
H27 IVM H . -39.75 -17.05 18.37
H28 IVM H . -40.02 -14.85 21.07
H28A IVM H . -39.02 -15.43 19.72
H28B IVM H . -39.08 -16.34 21.25
H29 IVM H . -42.37 -18.29 19.18
H30 IVM H . -40.60 -18.71 16.76
H31 IVM H . -42.92 -18.68 16.03
H31A IVM H . -43.43 -19.64 17.46
H31B IVM H . -42.43 -20.39 16.17
H32 IVM H . -36.56 -20.70 16.54
H33 IVM H . -38.56 -21.98 17.30
H33A IVM H . -37.74 -22.38 18.83
H33B IVM H . -37.13 -23.03 17.29
H34 IVM H . -33.07 -22.22 14.19
H35 IVM H . -35.27 -22.70 13.63
H35A IVM H . -35.91 -21.22 14.35
H35B IVM H . -35.44 -22.59 15.39
H36 IVM H . -33.02 -19.47 14.20
H37 IVM H . -34.05 -20.81 11.68
H38 IVM H . -32.72 -18.35 12.22
H40 IVM H . -32.09 -20.90 9.63
H40A IVM H . -33.80 -20.81 9.11
H41 IVM H . -33.85 -18.16 8.00
H42 IVM H . -32.68 -16.29 7.22
H44 IVM H . -28.90 -17.42 8.56
H45 IVM H . -30.56 -19.14 9.73
H48 IVM H . -29.07 -15.83 6.47
H48A IVM H . -30.48 -15.92 5.39
H48B IVM H . -29.32 -17.27 5.46
C1 IVM I . -15.16 -35.73 -0.50
O1 IVM I . -15.60 -32.57 -2.83
C2 IVM I . -16.34 -34.75 -0.75
O2 IVM I . -19.00 -38.23 -5.43
C3 IVM I . -15.90 -33.29 -0.52
O3 IVM I . -20.19 -40.10 -1.63
C4 IVM I . -17.16 -32.42 -0.53
O4 IVM I . -21.98 -41.18 -3.52
C5 IVM I . -14.92 -32.82 -1.60
O5 IVM I . -22.63 -42.67 0.50
C6 IVM I . -14.71 -32.37 -3.92
O6 IVM I . -25.16 -41.80 -0.38
C7 IVM I . -13.49 -31.57 -3.47
O7 IVM I . -23.59 -42.82 -3.50
C8 IVM I . -13.82 -30.66 -2.29
O8 IVM I . -19.05 -40.51 -5.54
C9 IVM I . -14.22 -31.54 -1.10
O9 IVM I . -22.17 -30.45 -8.54
C10 IVM I . -12.97 -31.92 -0.32
O10 IVM I . -23.46 -28.22 -7.58
C11 IVM I . -15.71 -31.50 -4.80
O11 IVM I . -18.96 -30.58 -4.61
C12 IVM I . -16.97 -32.31 -5.22
O12 IVM I . -17.69 -31.61 -6.21
C13 IVM I . -16.53 -33.64 -5.78
O13 IVM I . -21.49 -30.93 -5.00
C14 IVM I . -15.79 -34.39 -4.70
O14 IVM I . -14.60 -33.72 -4.38
C15 IVM I . -15.45 -35.83 -5.19
C16 IVM I . -16.76 -36.66 -5.38
C17 IVM I . -17.23 -37.05 -6.61
C18 IVM I . -16.48 -36.70 -7.93
C19 IVM I . -18.53 -37.87 -6.72
C20 IVM I . -18.44 -39.41 -4.94
C21 IVM I . -18.62 -39.46 -3.37
C22 IVM I . -20.11 -39.77 -2.98
C23 IVM I . -19.87 -39.02 -0.75
C24 IVM I . -20.58 -40.94 -3.81
C25 IVM I . -22.22 -42.54 -3.26
C26 IVM I . -21.84 -42.88 -1.78
C27 IVM I . -22.84 -42.19 -0.81
C28 IVM I . -21.46 -42.17 1.14
C29 IVM I . -24.24 -42.50 -1.22
C30 IVM I . -24.45 -42.07 -2.66
C31 IVM I . -25.91 -42.34 -3.06
C32 IVM I . -20.41 -40.60 -5.25
C33 IVM I . -21.05 -41.69 -6.15
C34 IVM I . -19.61 -37.05 -7.45
C35 IVM I . -20.83 -37.94 -7.71
C36 IVM I . -20.03 -35.84 -6.61
C37 IVM I . -20.44 -34.62 -7.48
C38 IVM I . -20.30 -33.27 -6.72
C39 IVM I . -21.51 -32.32 -6.92
C40 IVM I . -21.79 -32.05 -8.48
C41 IVM I . -22.41 -30.24 -7.10
C42 IVM I . -22.53 -28.84 -6.73
C43 IVM I . -21.12 -28.08 -6.85
C44 IVM I . -19.86 -28.88 -6.84
C45 IVM I . -19.90 -30.43 -6.78
C46 IVM I . -18.84 -30.86 -5.75
C47 IVM I . -21.28 -30.97 -6.41
C48 IVM I . -21.07 -26.53 -6.76
H1 IVM I . -15.55 -36.73 -0.36
H1A IVM I . -14.62 -35.43 0.40
H1B IVM I . -14.49 -35.72 -1.35
H2 IVM I . -17.14 -34.99 -0.05
H2A IVM I . -16.70 -34.87 -1.77
H3 IVM I . -15.43 -33.21 0.45
H4 IVM I . -17.40 -32.12 0.49
H4A IVM I . -17.99 -32.97 -0.96
H4B IVM I . -16.98 -31.51 -1.13
H5 IVM I . -14.17 -33.59 -1.77
HO6 IVM I . -25.26 -42.26 0.44
H7 IVM I . -13.14 -30.97 -4.31
H7A IVM I . -12.69 -32.26 -3.21
H8 IVM I . -14.65 -30.00 -2.55
H8A IVM I . -12.95 -30.07 -2.03
H9 IVM I . -14.89 -30.98 -0.45
H10 IVM I . -12.47 -31.02 0.04
H10A IVM I . -12.29 -32.49 -0.97
H10B IVM I . -13.24 -32.54 0.54
HO10 IVM I . -23.00 -27.89 -8.35
H11 IVM I . -15.19 -31.18 -5.71
H11A IVM I . -16.02 -30.62 -4.23
H12 IVM I . -17.60 -32.48 -4.34
H13 IVM I . -15.87 -33.48 -6.64
H13A IVM I . -17.40 -34.20 -6.10
HO13 IVM I . -22.16 -31.55 -4.76
H14 IVM I . -16.43 -34.45 -3.83
H15 IVM I . -14.83 -36.31 -4.43
H15A IVM I . -14.88 -35.77 -6.11
H16 IVM I . -17.33 -36.94 -4.49
H18 IVM I . -15.73 -37.34 -7.46
H18A IVM I . -15.58 -36.10 -8.12
H18B IVM I . -16.86 -35.70 -7.67
H19 IVM I . -18.34 -38.77 -7.29
H20 IVM I . -17.39 -39.42 -5.17
H21 IVM I . -18.33 -38.49 -2.94
H21A IVM I . -17.97 -40.24 -2.95
H22 IVM I . -20.73 -38.90 -3.20
H23 IVM I . -20.37 -39.19 0.21
H23A IVM I . -20.20 -38.09 -1.18
H23B IVM I . -18.79 -38.99 -0.59
H24 IVM I . -19.98 -41.83 -3.57
H25 IVM I . -21.62 -43.15 -3.93
H26 IVM I . -20.83 -42.52 -1.56
H26A IVM I . -21.89 -43.96 -1.64
H27 IVM I . -22.69 -41.11 -0.84
H28 IVM I . -21.52 -42.39 2.20
H28A IVM I . -21.39 -41.09 0.99
H28B IVM I . -20.58 -42.66 0.72
H29 IVM I . -24.41 -43.57 -1.14
H30 IVM I . -24.23 -41.02 -2.76
H31 IVM I . -26.55 -41.64 -2.53
H31A IVM I . -26.19 -43.37 -2.79
H31B IVM I . -26.02 -42.20 -4.12
H32 IVM I . -20.90 -39.64 -5.46
H33 IVM I . -22.12 -41.75 -5.94
H33A IVM I . -20.58 -42.66 -5.93
H33B IVM I . -20.89 -41.45 -7.19
H34 IVM I . -19.20 -36.70 -8.40
H35 IVM I . -21.34 -37.61 -8.61
H35A IVM I . -21.53 -37.86 -6.86
H35B IVM I . -20.52 -38.98 -7.83
H36 IVM I . -19.25 -35.56 -5.91
H37 IVM I . -21.46 -34.75 -7.82
H38 IVM I . -20.15 -33.46 -5.66
H40 IVM I . -20.90 -32.26 -9.06
H40A IVM I . -22.62 -32.66 -8.83
H41 IVM I . -23.35 -30.73 -6.84
H42 IVM I . -22.90 -28.78 -5.70
H44 IVM I . -18.91 -28.37 -6.96
H45 IVM I . -19.61 -30.82 -7.75
H48 IVM I . -20.23 -26.23 -6.14
H48A IVM I . -21.99 -26.16 -6.32
H48B IVM I . -20.94 -26.12 -7.76
C1 IVM J . -11.34 -22.38 -29.35
O1 IVM J . -13.62 -19.30 -27.57
C2 IVM J . -12.73 -22.15 -28.70
O2 IVM J . -17.59 -21.91 -32.89
C3 IVM J . -12.54 -21.45 -27.34
O3 IVM J . -16.26 -26.07 -33.13
C4 IVM J . -13.79 -21.70 -26.47
O4 IVM J . -18.71 -26.02 -34.54
C5 IVM J . -12.37 -19.95 -27.54
O5 IVM J . -16.98 -29.98 -34.31
C6 IVM J . -13.52 -17.95 -28.01
O6 IVM J . -19.65 -30.28 -33.46
C7 IVM J . -12.28 -17.29 -27.42
O7 IVM J . -19.92 -27.52 -35.80
C8 IVM J . -11.88 -17.94 -26.09
O8 IVM J . -17.45 -22.65 -35.04
C9 IVM J . -11.51 -19.41 -26.37
O9 IVM J . -22.31 -17.02 -26.93
C10 IVM J . -10.04 -19.49 -26.74
O10 IVM J . -21.44 -15.73 -24.92
C11 IVM J . -14.87 -17.44 -27.34
O11 IVM J . -17.09 -18.65 -25.48
C12 IVM J . -16.12 -18.17 -27.90
O12 IVM J . -17.29 -17.53 -27.46
C13 IVM J . -16.06 -18.15 -29.40
O13 IVM J . -20.07 -19.63 -26.06
C14 IVM J . -14.81 -18.87 -29.84
O14 IVM J . -13.67 -18.16 -29.43
C15 IVM J . -14.77 -19.00 -31.39
C16 IVM J . -15.89 -19.97 -31.89
C17 IVM J . -16.98 -19.55 -32.62
C18 IVM J . -17.19 -18.07 -33.02
C19 IVM J . -18.04 -20.58 -33.08
C20 IVM J . -16.73 -22.37 -33.88
C21 IVM J . -15.98 -23.67 -33.38
C22 IVM J . -16.98 -24.89 -33.32
C23 IVM J . -15.59 -26.15 -31.88
C24 IVM J . -17.73 -24.97 -34.63
C25 IVM J . -18.66 -26.86 -35.65
C26 IVM J . -17.53 -27.92 -35.46
C27 IVM J . -17.90 -28.91 -34.32
C28 IVM J . -15.71 -29.66 -33.76
C29 IVM J . -19.28 -29.45 -34.56
C30 IVM J . -20.25 -28.31 -34.68
C31 IVM J . -21.67 -28.86 -34.85
C32 IVM J . -18.41 -23.65 -34.86
C33 IVM J . -19.30 -23.73 -36.13
C34 IVM J . -19.34 -20.35 -32.30
C35 IVM J . -20.35 -21.45 -32.64
C36 IVM J . -19.04 -20.37 -30.79
C37 IVM J . -19.80 -19.26 -30.04
C38 IVM J . -19.65 -19.33 -28.50
C39 IVM J . -20.13 -18.04 -27.79
C40 IVM J . -21.61 -17.66 -28.27
C41 IVM J . -21.65 -17.83 -25.88
C42 IVM J . -21.70 -17.06 -24.63
C43 IVM J . -20.61 -17.59 -23.59
C44 IVM J . -19.23 -17.74 -24.12
C45 IVM J . -19.12 -17.47 -25.65
C46 IVM J . -17.76 -17.94 -26.15
C47 IVM J . -20.26 -18.24 -26.34
C48 IVM J . -20.85 -17.49 -22.05
H1 IVM J . -11.45 -23.09 -30.17
H1A IVM J . -10.64 -22.77 -28.62
H1B IVM J . -10.96 -21.43 -29.74
H2 IVM J . -13.21 -23.11 -28.54
H2A IVM J . -13.34 -21.53 -29.35
H3 IVM J . -11.67 -21.85 -26.84
H4 IVM J . -13.69 -22.66 -25.97
H4A IVM J . -14.68 -21.69 -27.09
H4B IVM J . -13.86 -20.91 -25.71
H5 IVM J . -11.85 -19.77 -28.48
HO6 IVM J . -19.21 -31.13 -33.53
H7 IVM J . -12.49 -16.23 -27.26
H7A IVM J . -11.46 -17.35 -28.14
H8 IVM J . -12.73 -17.90 -25.39
H8A IVM J . -11.02 -17.42 -25.67
H9 IVM J . -11.70 -20.00 -25.47
H10 IVM J . -9.43 -19.10 -25.92
H10A IVM J . -9.84 -18.91 -27.64
H10B IVM J . -9.76 -20.53 -26.92
HO10 IVM J . -21.15 -15.29 -24.13
H11 IVM J . -14.98 -16.38 -27.53
H11A IVM J . -14.82 -17.61 -26.26
H12 IVM J . -16.12 -19.22 -27.56
H13 IVM J . -16.02 -17.11 -29.75
H13A IVM J . -16.93 -18.64 -29.81
HO13 IVM J . -20.54 -19.86 -25.27
H14 IVM J . -14.82 -19.87 -29.41
H15 IVM J . -13.80 -19.40 -31.69
H15A IVM J . -14.89 -18.02 -31.84
H16 IVM J . -15.79 -21.04 -31.65
H18 IVM J . -16.28 -18.28 -33.57
H18A IVM J . -16.63 -17.16 -32.78
H18B IVM J . -17.39 -18.00 -31.94
H19 IVM J . -18.25 -20.43 -34.14
H20 IVM J . -16.00 -21.62 -34.11
H21 IVM J . -15.58 -23.49 -32.37
H21A IVM J . -15.15 -23.91 -34.06
H22 IVM J . -17.68 -24.74 -32.51
H23 IVM J . -15.46 -27.19 -31.60
H23A IVM J . -16.17 -25.64 -31.11
H23B IVM J . -14.61 -25.68 -31.96
H24 IVM J . -17.02 -25.16 -35.44
H25 IVM J . -18.46 -26.28 -36.55
H26 IVM J . -16.59 -27.41 -35.22
H26A IVM J . -17.40 -28.48 -36.39
H27 IVM J . -17.88 -28.37 -33.37
H28 IVM J . -15.16 -30.59 -33.56
H28A IVM J . -15.84 -29.11 -32.83
H28B IVM J . -15.15 -29.05 -34.47
H29 IVM J . -19.28 -30.03 -35.48
H30 IVM J . -20.21 -27.69 -33.78
H31 IVM J . -22.00 -29.32 -33.92
H31A IVM J . -21.67 -29.62 -35.64
H31B IVM J . -22.35 -28.06 -35.12
H32 IVM J . -19.04 -23.41 -33.99
H33 IVM J . -20.09 -24.48 -35.97
H33A IVM J . -18.69 -24.03 -36.98
H33B IVM J . -19.75 -22.77 -36.31
H34 IVM J . -19.75 -19.38 -32.57
H35 IVM J . -21.31 -21.20 -32.20
H35A IVM J . -20.01 -22.40 -32.23
H35B IVM J . -20.45 -21.53 -33.72
H36 IVM J . -19.30 -21.34 -30.38
H37 IVM J . -20.86 -19.29 -30.31
H38 IVM J . -18.60 -19.51 -28.25
H40 IVM J . -21.57 -16.91 -29.07
H40A IVM J . -22.15 -18.54 -28.62
H41 IVM J . -22.24 -18.73 -25.73
H42 IVM J . -22.69 -17.16 -24.19
H44 IVM J . -18.36 -17.63 -23.49
H45 IVM J . -19.24 -16.41 -25.84
H48 IVM J . -20.26 -18.24 -21.53
H48A IVM J . -21.91 -17.66 -21.84
H48B IVM J . -20.57 -16.51 -21.71
N LEU A 7 -49.79 4.21 -4.41
CA LEU A 7 -48.80 3.97 -5.46
C LEU A 7 -47.89 2.80 -5.10
N TYR A 8 -48.33 1.59 -5.46
CA TYR A 8 -47.54 0.40 -5.17
C TYR A 8 -46.31 0.33 -6.08
N TYR A 9 -46.53 0.28 -7.39
CA TYR A 9 -45.43 0.22 -8.33
C TYR A 9 -44.72 1.56 -8.51
N GLY A 10 -45.37 2.66 -8.11
CA GLY A 10 -44.77 3.97 -8.24
C GLY A 10 -43.62 4.20 -7.28
N LEU A 11 -43.90 4.13 -5.98
CA LEU A 11 -42.85 4.34 -4.99
C LEU A 11 -41.78 3.26 -5.06
N ASN A 12 -42.14 2.04 -5.49
CA ASN A 12 -41.17 0.96 -5.56
C ASN A 12 -40.22 1.11 -6.75
N LEU A 13 -40.57 1.93 -7.74
CA LEU A 13 -39.74 2.14 -8.91
C LEU A 13 -39.27 3.58 -9.08
N LEU A 14 -39.91 4.55 -8.41
CA LEU A 14 -39.50 5.94 -8.54
C LEU A 14 -38.34 6.27 -7.60
N ILE A 15 -38.45 5.87 -6.34
CA ILE A 15 -37.39 6.16 -5.38
C ILE A 15 -36.06 5.55 -5.80
N PRO A 16 -35.98 4.28 -6.20
CA PRO A 16 -34.69 3.74 -6.65
C PRO A 16 -34.09 4.50 -7.82
N CYS A 17 -34.92 5.01 -8.73
CA CYS A 17 -34.40 5.74 -9.88
C CYS A 17 -33.64 6.99 -9.45
N VAL A 18 -34.21 7.74 -8.51
CA VAL A 18 -33.53 8.96 -8.05
C VAL A 18 -32.45 8.63 -7.02
N LEU A 19 -32.62 7.54 -6.27
CA LEU A 19 -31.61 7.17 -5.28
C LEU A 19 -30.30 6.81 -5.98
N ILE A 20 -30.36 6.07 -7.07
CA ILE A 20 -29.14 5.71 -7.80
C ILE A 20 -28.47 6.95 -8.35
N SER A 21 -29.25 7.87 -8.92
CA SER A 21 -28.67 9.08 -9.48
C SER A 21 -28.00 9.93 -8.40
N ALA A 22 -28.61 10.00 -7.22
CA ALA A 22 -28.02 10.80 -6.13
C ALA A 22 -26.72 10.18 -5.63
N LEU A 23 -26.59 8.86 -5.70
CA LEU A 23 -25.36 8.21 -5.25
C LEU A 23 -24.17 8.59 -6.12
N ALA A 24 -24.39 8.73 -7.44
CA ALA A 24 -23.29 9.09 -8.33
C ALA A 24 -22.74 10.49 -8.01
N LEU A 25 -23.58 11.37 -7.46
CA LEU A 25 -23.10 12.71 -7.11
C LEU A 25 -22.06 12.64 -6.01
N LEU A 26 -22.26 11.76 -5.02
CA LEU A 26 -21.30 11.63 -3.93
C LEU A 26 -19.94 11.15 -4.43
N VAL A 27 -19.91 10.41 -5.55
CA VAL A 27 -18.66 9.90 -6.08
C VAL A 27 -17.76 11.05 -6.51
N PHE A 28 -18.35 12.13 -7.06
CA PHE A 28 -17.58 13.26 -7.53
C PHE A 28 -17.00 14.08 -6.38
N LEU A 29 -17.40 13.83 -5.14
CA LEU A 29 -16.95 14.59 -3.99
C LEU A 29 -15.85 13.87 -3.21
N LEU A 30 -14.98 13.14 -3.91
CA LEU A 30 -13.89 12.42 -3.27
C LEU A 30 -12.54 12.98 -3.74
N PRO A 31 -11.50 12.90 -2.91
CA PRO A 31 -10.18 13.36 -3.34
C PRO A 31 -9.66 12.55 -4.51
N ALA A 32 -8.85 13.21 -5.35
CA ALA A 32 -8.27 12.54 -6.50
C ALA A 32 -7.25 11.48 -6.10
N ASP A 33 -6.77 11.51 -4.86
CA ASP A 33 -5.79 10.55 -4.38
C ASP A 33 -6.42 9.28 -3.80
N SER A 34 -7.75 9.23 -3.73
CA SER A 34 -8.45 8.07 -3.18
C SER A 34 -8.59 7.03 -4.30
N GLY A 35 -7.59 6.15 -4.40
CA GLY A 35 -7.61 5.11 -5.41
C GLY A 35 -8.47 3.92 -5.08
N GLU A 36 -9.04 3.87 -3.87
CA GLU A 36 -9.90 2.77 -3.45
C GLU A 36 -11.37 3.04 -3.73
N LYS A 37 -11.69 4.16 -4.38
CA LYS A 37 -13.07 4.51 -4.68
C LYS A 37 -13.61 3.85 -5.94
N ILE A 38 -12.79 3.07 -6.64
CA ILE A 38 -13.26 2.40 -7.85
C ILE A 38 -14.40 1.44 -7.50
N SER A 39 -14.32 0.78 -6.35
CA SER A 39 -15.39 -0.11 -5.93
C SER A 39 -16.68 0.66 -5.64
N LEU A 40 -16.56 1.88 -5.12
CA LEU A 40 -17.76 2.67 -4.82
C LEU A 40 -18.56 2.96 -6.09
N GLY A 41 -17.87 3.34 -7.17
CA GLY A 41 -18.56 3.60 -8.42
C GLY A 41 -19.06 2.36 -9.12
N ILE A 42 -18.46 1.20 -8.85
CA ILE A 42 -18.93 -0.03 -9.46
C ILE A 42 -20.29 -0.42 -8.90
N THR A 43 -20.50 -0.22 -7.60
CA THR A 43 -21.77 -0.59 -6.99
C THR A 43 -22.92 0.22 -7.57
N VAL A 44 -22.67 1.47 -7.99
CA VAL A 44 -23.71 2.28 -8.58
C VAL A 44 -24.21 1.63 -9.87
N LEU A 45 -23.29 1.19 -10.71
CA LEU A 45 -23.68 0.49 -11.94
C LEU A 45 -24.15 -0.93 -11.65
N LEU A 46 -23.49 -1.61 -10.71
CA LEU A 46 -23.91 -2.97 -10.35
C LEU A 46 -25.31 -2.98 -9.77
N SER A 47 -25.61 -2.02 -8.90
CA SER A 47 -26.95 -1.94 -8.31
C SER A 47 -28.01 -1.57 -9.35
N LEU A 48 -27.63 -0.87 -10.41
CA LEU A 48 -28.60 -0.52 -11.45
C LEU A 48 -29.05 -1.74 -12.23
N THR A 49 -28.16 -2.73 -12.41
CA THR A 49 -28.54 -3.94 -13.14
C THR A 49 -29.56 -4.75 -12.33
N VAL A 50 -29.41 -4.78 -11.01
CA VAL A 50 -30.37 -5.51 -10.17
C VAL A 50 -31.76 -4.88 -10.30
N PHE A 51 -31.83 -3.54 -10.26
CA PHE A 51 -33.10 -2.86 -10.42
C PHE A 51 -33.61 -2.92 -11.85
N MET A 52 -32.72 -3.13 -12.82
CA MET A 52 -33.14 -3.21 -14.22
C MET A 52 -34.08 -4.39 -14.44
N LEU A 53 -33.79 -5.53 -13.80
CA LEU A 53 -34.65 -6.70 -13.97
C LEU A 53 -36.06 -6.42 -13.50
N LEU A 54 -36.21 -5.75 -12.35
CA LEU A 54 -37.54 -5.41 -11.86
C LEU A 54 -38.27 -4.49 -12.83
N VAL A 55 -37.57 -3.50 -13.38
CA VAL A 55 -38.19 -2.59 -14.33
C VAL A 55 -38.60 -3.34 -15.60
N ALA A 56 -37.80 -4.30 -16.02
CA ALA A 56 -38.12 -5.05 -17.23
C ALA A 56 -39.42 -5.82 -17.08
N GLU A 57 -39.65 -6.42 -15.92
CA GLU A 57 -40.88 -7.17 -15.70
C GLU A 57 -42.11 -6.27 -15.80
N ILE A 58 -42.02 -5.07 -15.23
CA ILE A 58 -43.14 -4.15 -15.28
C ILE A 58 -43.40 -3.70 -16.72
N MET A 59 -42.34 -3.50 -17.49
CA MET A 59 -42.49 -3.05 -18.87
C MET A 59 -43.16 -4.14 -19.70
N PRO A 60 -44.28 -3.87 -20.37
CA PRO A 60 -44.89 -4.90 -21.22
C PRO A 60 -43.94 -5.33 -22.33
N SER A 61 -44.01 -6.62 -22.67
CA SER A 61 -43.18 -7.20 -23.72
C SER A 61 -43.79 -6.84 -25.07
N THR A 62 -43.48 -5.63 -25.53
CA THR A 62 -43.98 -5.13 -26.81
C THR A 62 -42.95 -5.40 -27.92
N SER A 63 -43.26 -4.91 -29.11
CA SER A 63 -42.39 -5.08 -30.28
C SER A 63 -41.66 -3.80 -30.65
N ASP A 64 -42.39 -2.68 -30.76
CA ASP A 64 -41.77 -1.41 -31.11
C ASP A 64 -42.31 -0.25 -30.28
N SER A 65 -42.93 -0.53 -29.14
CA SER A 65 -43.49 0.49 -28.26
C SER A 65 -42.61 0.58 -27.01
N SER A 66 -41.88 1.68 -26.89
CA SER A 66 -41.00 1.88 -25.74
C SER A 66 -41.75 2.62 -24.64
N PRO A 67 -41.96 2.02 -23.47
CA PRO A 67 -42.65 2.74 -22.39
C PRO A 67 -41.86 3.95 -21.93
N SER A 68 -42.54 4.82 -21.18
CA SER A 68 -41.90 6.03 -20.67
C SER A 68 -40.74 5.70 -19.73
N ILE A 69 -40.89 4.64 -18.94
CA ILE A 69 -39.83 4.27 -17.99
C ILE A 69 -38.55 3.93 -18.73
N ALA A 70 -38.65 3.42 -19.95
CA ALA A 70 -37.46 3.07 -20.71
C ALA A 70 -36.59 4.29 -20.96
N GLN A 71 -37.20 5.42 -21.35
CA GLN A 71 -36.44 6.64 -21.58
C GLN A 71 -35.85 7.17 -20.28
N TYR A 72 -36.62 7.13 -19.19
CA TYR A 72 -36.11 7.60 -17.91
C TYR A 72 -34.97 6.72 -17.41
N PHE A 73 -35.08 5.40 -17.60
CA PHE A 73 -34.01 4.51 -17.18
C PHE A 73 -32.73 4.78 -17.97
N ALA A 74 -32.87 5.07 -19.28
CA ALA A 74 -31.69 5.35 -20.09
C ALA A 74 -30.97 6.60 -19.59
N SER A 75 -31.72 7.63 -19.19
CA SER A 75 -31.10 8.85 -18.69
C SER A 75 -30.28 8.57 -17.43
N THR A 76 -30.79 7.71 -16.54
CA THR A 76 -30.05 7.36 -15.34
C THR A 76 -28.75 6.65 -15.68
N MET A 77 -28.73 5.86 -16.77
CA MET A 77 -27.50 5.18 -17.17
C MET A 77 -26.42 6.18 -17.53
N ILE A 78 -26.79 7.26 -18.22
CA ILE A 78 -25.80 8.27 -18.60
C ILE A 78 -25.18 8.89 -17.35
N ILE A 79 -26.01 9.23 -16.37
CA ILE A 79 -25.50 9.81 -15.13
C ILE A 79 -24.60 8.80 -14.42
N VAL A 80 -25.03 7.54 -14.34
CA VAL A 80 -24.23 6.52 -13.69
C VAL A 80 -22.95 6.26 -14.48
N GLY A 81 -23.02 6.30 -15.81
CA GLY A 81 -21.84 6.07 -16.62
C GLY A 81 -20.76 7.10 -16.38
N LEU A 82 -21.14 8.35 -16.13
CA LEU A 82 -20.15 9.40 -15.88
C LEU A 82 -19.33 9.10 -14.63
N SER A 83 -19.99 8.60 -13.58
CA SER A 83 -19.29 8.28 -12.34
C SER A 83 -18.22 7.21 -12.57
N VAL A 84 -18.56 6.18 -13.36
CA VAL A 84 -17.59 5.13 -13.65
C VAL A 84 -16.41 5.70 -14.41
N VAL A 85 -16.67 6.55 -15.40
CA VAL A 85 -15.58 7.14 -16.18
C VAL A 85 -14.67 7.98 -15.29
N VAL A 86 -15.26 8.77 -14.39
CA VAL A 86 -14.47 9.62 -13.51
C VAL A 86 -13.58 8.76 -12.61
N THR A 87 -14.14 7.70 -12.04
CA THR A 87 -13.36 6.84 -11.14
C THR A 87 -12.19 6.20 -11.87
N VAL A 88 -12.42 5.70 -13.09
CA VAL A 88 -11.36 5.05 -13.86
C VAL A 88 -10.27 6.06 -14.20
N ILE A 89 -10.66 7.25 -14.67
CA ILE A 89 -9.69 8.26 -15.06
C ILE A 89 -8.92 8.75 -13.84
N VAL A 90 -9.61 8.95 -12.72
CA VAL A 90 -8.94 9.42 -11.51
C VAL A 90 -7.90 8.40 -11.04
N LEU A 91 -8.21 7.11 -11.18
CA LEU A 91 -7.27 6.09 -10.77
C LEU A 91 -5.97 6.16 -11.57
N GLN A 92 -6.08 6.50 -12.86
CA GLN A 92 -4.87 6.58 -13.69
C GLN A 92 -3.93 7.66 -13.18
N TYR A 93 -4.48 8.83 -12.80
CA TYR A 93 -3.64 9.90 -12.30
C TYR A 93 -2.98 9.51 -10.97
N HIS A 94 -3.70 8.81 -10.11
CA HIS A 94 -3.14 8.40 -8.83
C HIS A 94 -1.94 7.47 -9.02
N HIS A 95 -2.04 6.54 -9.97
CA HIS A 95 -0.99 5.58 -10.26
C HIS A 95 -0.39 5.82 -11.64
N HIS A 96 -0.22 7.08 -12.01
CA HIS A 96 0.34 7.42 -13.32
C HIS A 96 1.84 7.12 -13.33
N ASP A 97 2.36 6.86 -14.52
CA ASP A 97 3.77 6.56 -14.69
C ASP A 97 4.61 7.79 -14.37
N PRO A 98 5.57 7.73 -13.43
CA PRO A 98 6.40 8.91 -13.17
C PRO A 98 7.22 9.36 -14.36
N ASP A 99 7.47 8.48 -15.33
CA ASP A 99 8.28 8.86 -16.48
C ASP A 99 7.63 9.99 -17.28
N GLY A 100 6.30 10.10 -17.23
CA GLY A 100 5.60 11.13 -17.97
C GLY A 100 4.47 11.73 -17.17
N GLY A 101 3.42 12.13 -17.86
CA GLY A 101 2.25 12.74 -17.20
C GLY A 101 2.29 14.24 -17.10
N LYS A 102 3.40 14.80 -16.64
CA LYS A 102 3.55 16.25 -16.47
C LYS A 102 3.95 16.86 -17.82
N MET A 103 3.03 16.77 -18.77
CA MET A 103 3.23 17.33 -20.10
C MET A 103 1.93 17.24 -20.90
N PRO A 104 1.71 18.12 -21.88
CA PRO A 104 2.61 19.21 -22.28
C PRO A 104 2.52 20.43 -21.36
N LYS A 105 3.39 21.41 -21.57
CA LYS A 105 3.38 22.61 -20.74
C LYS A 105 2.11 23.42 -20.96
N TRP A 106 1.54 23.39 -22.16
CA TRP A 106 0.32 24.14 -22.42
C TRP A 106 -0.83 23.66 -21.56
N THR A 107 -0.96 22.34 -21.39
CA THR A 107 -2.04 21.80 -20.57
C THR A 107 -1.89 22.22 -19.12
N ARG A 108 -0.65 22.29 -18.61
CA ARG A 108 -0.44 22.65 -17.22
C ARG A 108 -1.00 24.03 -16.91
N VAL A 109 -0.93 24.96 -17.86
CA VAL A 109 -1.47 26.30 -17.64
C VAL A 109 -2.97 26.24 -17.41
N ILE A 110 -3.67 25.42 -18.22
CA ILE A 110 -5.11 25.31 -18.08
C ILE A 110 -5.48 24.71 -16.73
N LEU A 111 -4.72 23.70 -16.28
CA LEU A 111 -5.05 23.05 -15.02
C LEU A 111 -4.96 24.03 -13.86
N LEU A 112 -3.92 24.87 -13.83
CA LEU A 112 -3.77 25.83 -12.74
C LEU A 112 -4.92 26.85 -12.75
N ASN A 113 -5.29 27.35 -13.92
CA ASN A 113 -6.36 28.33 -14.01
C ASN A 113 -7.70 27.71 -13.65
N TRP A 114 -7.99 26.51 -14.18
CA TRP A 114 -9.27 25.87 -13.91
C TRP A 114 -9.46 25.58 -12.42
N CYS A 115 -8.42 25.04 -11.78
CA CYS A 115 -8.53 24.72 -10.36
C CYS A 115 -8.58 25.99 -9.51
N ALA A 116 -7.80 27.01 -9.89
CA ALA A 116 -7.80 28.25 -9.13
C ALA A 116 -9.16 28.94 -9.18
N TRP A 117 -9.91 28.73 -10.27
CA TRP A 117 -11.23 29.35 -10.38
C TRP A 117 -12.17 28.82 -9.30
N PHE A 118 -12.14 27.50 -9.04
CA PHE A 118 -13.01 26.91 -8.04
C PHE A 118 -12.43 27.02 -6.63
N LEU A 119 -11.11 26.93 -6.50
CA LEU A 119 -10.48 27.00 -5.18
C LEU A 119 -10.44 28.44 -4.67
N ARG A 120 -9.86 29.34 -5.44
CA ARG A 120 -9.77 30.74 -5.03
C ARG A 120 -11.13 31.42 -5.18
N MET A 121 -11.23 32.63 -4.62
CA MET A 121 -12.46 33.41 -4.66
C MET A 121 -12.61 34.06 -6.03
N LYS A 122 -12.87 33.22 -7.03
CA LYS A 122 -13.07 33.68 -8.40
C LYS A 122 -14.39 33.17 -8.96
N ARG A 123 -14.82 31.99 -8.51
CA ARG A 123 -16.08 31.44 -8.98
C ARG A 123 -17.24 32.28 -8.45
N PRO A 124 -18.32 32.44 -9.22
CA PRO A 124 -19.46 33.21 -8.72
C PRO A 124 -19.99 32.62 -7.42
N GLY A 125 -20.26 33.51 -6.46
CA GLY A 125 -20.76 33.09 -5.16
C GLY A 125 -19.71 33.20 -4.08
N GLU A 126 -18.48 32.80 -4.40
CA GLU A 126 -17.38 32.86 -3.44
C GLU A 126 -16.65 34.19 -3.47
N ASP A 127 -16.65 34.89 -4.60
CA ASP A 127 -15.98 36.17 -4.74
C ASP A 127 -16.86 37.35 -4.35
N LYS A 128 -18.12 37.11 -3.98
CA LYS A 128 -19.03 38.18 -3.60
C LYS A 128 -19.01 38.44 -2.10
N VAL A 129 -18.83 37.40 -1.29
CA VAL A 129 -18.80 37.54 0.17
C VAL A 129 -17.34 37.78 0.54
N ARG A 130 -16.93 39.05 0.50
CA ARG A 130 -15.58 39.43 0.86
C ARG A 130 -15.55 40.93 1.14
N PRO A 131 -14.75 41.39 2.09
CA PRO A 131 -14.70 42.82 2.38
C PRO A 131 -14.14 43.63 1.21
N ALA A 132 -14.60 44.87 1.11
CA ALA A 132 -14.15 45.76 0.05
C ALA A 132 -14.22 47.19 0.57
N CYS A 133 -13.20 47.98 0.24
CA CYS A 133 -13.12 49.36 0.67
C CYS A 133 -12.23 50.13 -0.31
N GLN A 134 -12.12 51.44 -0.10
CA GLN A 134 -11.31 52.31 -0.93
C GLN A 134 -9.97 52.64 -0.30
N HIS A 135 -9.58 51.94 0.77
CA HIS A 135 -8.33 52.21 1.44
C HIS A 135 -7.15 51.82 0.55
N LYS A 136 -5.98 52.38 0.86
CA LYS A 136 -4.77 52.11 0.09
C LYS A 136 -4.31 50.67 0.21
N GLN A 137 -4.80 49.91 1.18
CA GLN A 137 -4.39 48.52 1.33
C GLN A 137 -4.81 47.67 0.14
N ARG A 138 -5.84 48.07 -0.60
CA ARG A 138 -6.30 47.33 -1.76
C ARG A 138 -5.56 47.72 -3.03
N ARG A 139 -4.73 48.75 -2.99
CA ARG A 139 -3.99 49.18 -4.17
C ARG A 139 -2.75 48.30 -4.36
N CYS A 140 -2.13 48.43 -5.54
CA CYS A 140 -0.95 47.66 -5.88
C CYS A 140 -0.01 48.51 -6.69
N SER A 141 1.26 48.12 -6.70
CA SER A 141 2.31 48.82 -7.43
C SER A 141 2.89 47.88 -8.50
N LEU A 142 3.96 48.35 -9.16
CA LEU A 142 4.58 47.56 -10.21
C LEU A 142 5.17 46.26 -9.66
N ALA A 143 5.45 46.19 -8.36
CA ALA A 143 6.00 44.96 -7.79
C ALA A 143 5.00 43.82 -7.89
N SER A 144 3.71 44.09 -7.66
CA SER A 144 2.70 43.05 -7.74
C SER A 144 2.40 42.65 -9.17
N VAL A 145 2.57 43.56 -10.12
CA VAL A 145 2.30 43.28 -11.53
C VAL A 145 3.48 42.51 -12.10
N GLU A 146 3.22 41.28 -12.56
CA GLU A 146 4.25 40.41 -13.12
C GLU A 146 4.30 40.49 -14.64
N MET A 147 3.83 41.58 -15.23
CA MET A 147 3.86 41.72 -16.68
C MET A 147 5.26 41.98 -17.21
N SER A 148 6.16 42.47 -16.37
CA SER A 148 7.55 42.76 -16.75
C SER A 148 8.51 41.76 -16.12
N ALA A 149 8.09 40.50 -16.01
CA ALA A 149 8.91 39.45 -15.42
C ALA A 149 9.33 39.82 -14.00
N VAL A 150 8.37 40.31 -13.23
CA VAL A 150 8.60 40.69 -11.84
C VAL A 150 8.41 39.46 -10.96
N ALA A 151 9.31 39.28 -10.00
CA ALA A 151 9.23 38.13 -9.12
C ALA A 151 8.02 38.25 -8.19
N PRO A 152 7.51 37.14 -7.69
CA PRO A 152 6.35 37.21 -6.81
C PRO A 152 6.68 38.04 -5.57
N PRO A 153 5.71 38.78 -5.05
CA PRO A 153 5.95 39.57 -3.83
C PRO A 153 6.36 38.67 -2.68
N PRO A 154 7.25 39.14 -1.80
CA PRO A 154 7.65 38.29 -0.66
C PRO A 154 6.45 37.87 0.18
N ALA A 155 6.31 36.57 0.37
CA ALA A 155 5.21 36.02 1.15
C ALA A 155 5.63 34.68 1.72
N SER A 156 4.90 34.26 2.75
CA SER A 156 5.17 32.98 3.42
C SER A 156 4.34 31.83 2.85
N ASN A 157 3.55 32.09 1.81
CA ASN A 157 2.73 31.04 1.20
C ASN A 157 3.48 30.23 0.16
N GLY A 158 4.74 30.57 -0.13
CA GLY A 158 5.51 29.84 -1.11
C GLY A 158 6.17 30.74 -2.14
N ASN A 159 6.13 32.05 -1.90
CA ASN A 159 6.74 33.00 -2.82
C ASN A 159 8.18 33.32 -2.45
N LEU A 160 8.48 33.39 -1.15
CA LEU A 160 9.85 33.67 -0.73
C LEU A 160 10.81 32.54 -1.08
N LEU A 161 10.33 31.29 -1.00
CA LEU A 161 11.20 30.16 -1.30
C LEU A 161 11.57 30.12 -2.79
N TYR A 162 10.73 30.70 -3.65
CA TYR A 162 11.03 30.71 -5.08
C TYR A 162 12.20 31.63 -5.39
N ILE A 163 12.42 32.65 -4.58
CA ILE A 163 13.52 33.58 -4.80
C ILE A 163 14.80 33.12 -4.12
N GLY A 164 14.70 32.60 -2.90
CA GLY A 164 15.87 32.16 -2.16
C GLY A 164 16.35 30.79 -2.57
N PHE A 165 15.51 29.77 -2.40
CA PHE A 165 15.92 28.42 -2.73
C PHE A 165 16.14 28.26 -4.23
N ARG A 166 15.20 28.72 -5.04
CA ARG A 166 15.30 28.65 -6.50
C ARG A 166 15.90 29.94 -7.05
N GLY A 167 17.10 30.25 -6.58
CA GLY A 167 17.76 31.47 -7.01
C GLY A 167 18.11 31.47 -8.49
N LEU A 168 18.46 30.31 -9.04
CA LEU A 168 18.84 30.18 -10.45
C LEU A 168 20.02 31.09 -10.77
N ASP A 169 21.15 30.81 -10.10
CA ASP A 169 22.36 31.61 -10.25
C ASP A 169 22.09 33.08 -9.90
N GLY A 170 21.28 33.29 -8.86
CA GLY A 170 20.93 34.63 -8.43
C GLY A 170 21.71 35.09 -7.22
N VAL A 171 21.06 35.07 -6.06
CA VAL A 171 21.68 35.54 -4.82
C VAL A 171 22.15 34.35 -4.00
N HIS A 172 21.51 33.20 -4.19
CA HIS A 172 21.85 32.02 -3.40
C HIS A 172 23.07 31.29 -3.98
N CYS A 173 22.97 30.83 -5.22
CA CYS A 173 24.06 30.04 -5.80
C CYS A 173 25.28 30.91 -6.06
N VAL A 174 25.08 32.09 -6.65
CA VAL A 174 26.19 32.95 -7.05
C VAL A 174 25.97 34.35 -6.49
N PRO A 175 26.32 34.61 -5.22
CA PRO A 175 26.16 35.95 -4.63
C PRO A 175 27.30 36.91 -4.96
N THR A 176 27.69 36.94 -6.24
CA THR A 176 28.74 37.88 -6.66
C THR A 176 28.33 39.34 -6.48
N PRO A 177 27.11 39.77 -6.81
CA PRO A 177 26.78 41.20 -6.69
C PRO A 177 26.91 41.66 -5.25
N ASP A 178 27.86 42.57 -5.01
CA ASP A 178 28.10 43.08 -3.67
C ASP A 178 29.02 44.30 -3.78
N SER A 179 28.81 45.25 -2.86
CA SER A 179 29.64 46.45 -2.82
C SER A 179 31.00 46.20 -2.19
N GLY A 180 31.22 45.05 -1.57
CA GLY A 180 32.48 44.74 -0.94
C GLY A 180 32.34 44.49 0.55
N VAL A 181 31.14 44.13 0.99
CA VAL A 181 30.92 43.87 2.41
C VAL A 181 31.62 42.58 2.82
N VAL A 182 31.66 41.58 1.94
CA VAL A 182 32.28 40.31 2.29
C VAL A 182 33.77 40.48 2.56
N CYS A 183 34.43 41.38 1.83
CA CYS A 183 35.85 41.62 2.00
C CYS A 183 36.13 43.06 2.45
N GLY A 184 35.13 43.76 2.96
CA GLY A 184 35.31 45.12 3.44
C GLY A 184 34.84 45.30 4.86
N ARG A 185 34.01 44.38 5.35
CA ARG A 185 33.47 44.42 6.71
C ARG A 185 33.61 43.05 7.35
N MET A 186 33.22 42.97 8.61
CA MET A 186 33.29 41.72 9.39
C MET A 186 31.92 41.09 9.55
N ALA A 187 31.06 41.19 8.52
CA ALA A 187 29.72 40.62 8.57
C ALA A 187 29.82 39.13 8.20
N CYS A 188 30.25 38.34 9.17
CA CYS A 188 30.41 36.89 9.00
C CYS A 188 31.37 36.56 7.87
N SER A 189 32.36 37.43 7.64
CA SER A 189 33.34 37.20 6.59
C SER A 189 34.58 38.01 6.91
N PRO A 190 35.78 37.48 6.65
CA PRO A 190 37.00 38.26 6.94
C PRO A 190 37.10 39.48 6.04
N THR A 191 37.74 40.52 6.58
CA THR A 191 37.93 41.78 5.86
C THR A 191 39.18 41.67 4.98
N HIS A 192 39.07 40.85 3.95
CA HIS A 192 40.17 40.63 3.00
C HIS A 192 41.43 40.20 3.73
N ASP A 193 41.28 39.32 4.71
CA ASP A 193 42.40 38.84 5.52
C ASP A 193 43.15 37.78 4.73
N GLU A 194 44.29 38.18 4.13
CA GLU A 194 45.10 37.24 3.37
C GLU A 194 45.76 36.19 4.27
N HIS A 195 45.81 36.42 5.58
CA HIS A 195 46.40 35.50 6.53
C HIS A 195 45.35 34.72 7.31
N LEU A 196 44.25 34.37 6.65
CA LEU A 196 43.16 33.63 7.31
C LEU A 196 43.60 32.18 7.51
N LEU A 197 44.38 31.98 8.56
CA LEU A 197 44.90 30.67 8.93
C LEU A 197 44.19 30.19 10.19
N HIS A 198 43.70 28.95 10.16
CA HIS A 198 43.00 28.36 11.30
C HIS A 198 44.03 27.94 12.35
N GLY A 199 44.58 28.93 13.03
CA GLY A 199 45.58 28.68 14.05
C GLY A 199 46.84 28.05 13.49
N GLY A 200 47.27 28.48 12.31
CA GLY A 200 48.45 27.93 11.66
C GLY A 200 48.16 26.95 10.54
N GLN A 201 46.91 26.50 10.40
CA GLN A 201 46.53 25.54 9.37
C GLN A 201 45.40 26.11 8.52
N PRO A 202 45.27 25.66 7.27
CA PRO A 202 44.18 26.14 6.42
C PRO A 202 42.86 25.49 6.80
N PRO A 203 41.73 26.03 6.32
CA PRO A 203 40.41 25.49 6.66
C PRO A 203 40.03 24.25 5.85
N GLU A 204 40.94 23.29 5.78
CA GLU A 204 40.71 22.03 5.09
C GLU A 204 41.17 20.87 5.97
N GLY A 205 40.76 20.91 7.25
CA GLY A 205 41.21 19.90 8.18
C GLY A 205 40.92 18.48 7.72
N ASP A 206 39.72 18.26 7.19
CA ASP A 206 39.30 16.94 6.71
C ASP A 206 38.89 17.05 5.26
N PRO A 207 39.83 16.89 4.33
CA PRO A 207 39.47 16.94 2.90
C PRO A 207 38.48 15.86 2.51
N ASP A 208 38.48 14.72 3.20
CA ASP A 208 37.56 13.63 2.89
C ASP A 208 36.13 13.93 3.30
N LEU A 209 35.90 14.93 4.14
CA LEU A 209 34.54 15.28 4.53
C LEU A 209 33.73 15.83 3.37
N ALA A 210 34.40 16.39 2.34
CA ALA A 210 33.67 16.90 1.19
C ALA A 210 32.93 15.79 0.47
N LYS A 211 33.53 14.61 0.38
CA LYS A 211 32.85 13.48 -0.27
C LYS A 211 31.58 13.10 0.48
N ILE A 212 31.63 13.11 1.81
CA ILE A 212 30.44 12.78 2.60
C ILE A 212 29.36 13.83 2.37
N LEU A 213 29.75 15.09 2.20
CA LEU A 213 28.77 16.15 1.96
C LEU A 213 27.99 15.87 0.68
N GLU A 214 28.68 15.47 -0.38
CA GLU A 214 27.99 15.13 -1.63
C GLU A 214 27.05 13.95 -1.43
N GLU A 215 27.52 12.91 -0.72
CA GLU A 215 26.65 11.78 -0.43
C GLU A 215 25.49 12.19 0.47
N VAL A 216 25.76 13.01 1.49
CA VAL A 216 24.70 13.50 2.36
C VAL A 216 23.76 14.41 1.59
N ARG A 217 24.30 15.22 0.69
CA ARG A 217 23.46 16.10 -0.11
C ARG A 217 22.49 15.30 -0.98
N TYR A 218 22.97 14.20 -1.57
CA TYR A 218 22.09 13.35 -2.36
C TYR A 218 20.97 12.76 -1.51
N ILE A 219 21.31 12.33 -0.30
CA ILE A 219 20.27 11.81 0.61
C ILE A 219 19.26 12.90 0.92
N ALA A 220 19.74 14.11 1.23
CA ALA A 220 18.84 15.24 1.44
C ALA A 220 18.12 15.61 0.16
N ASN A 221 18.82 15.54 -0.98
CA ASN A 221 18.19 15.85 -2.25
C ASN A 221 17.11 14.84 -2.61
N ARG A 222 17.32 13.56 -2.27
CA ARG A 222 16.30 12.55 -2.55
C ARG A 222 15.02 12.86 -1.78
N PHE A 223 15.14 13.24 -0.50
CA PHE A 223 13.96 13.64 0.26
C PHE A 223 13.37 14.94 -0.28
N ARG A 224 14.22 15.86 -0.74
CA ARG A 224 13.71 17.08 -1.36
C ARG A 224 12.96 16.76 -2.65
N CYS A 225 13.46 15.80 -3.43
CA CYS A 225 12.74 15.38 -4.63
C CYS A 225 11.42 14.72 -4.28
N GLN A 226 11.37 13.95 -3.20
CA GLN A 226 10.11 13.37 -2.76
C GLN A 226 9.12 14.45 -2.35
N ASP A 227 9.59 15.49 -1.65
CA ASP A 227 8.73 16.61 -1.33
C ASP A 227 8.40 17.44 -2.57
N GLU A 228 9.35 17.55 -3.50
CA GLU A 228 9.07 18.25 -4.75
C GLU A 228 8.20 17.43 -5.68
N SER A 229 8.11 16.12 -5.47
CA SER A 229 7.24 15.29 -6.30
C SER A 229 5.78 15.61 -6.10
N GLU A 230 5.42 16.28 -5.00
CA GLU A 230 4.03 16.70 -4.81
C GLU A 230 3.61 17.69 -5.88
N ALA A 231 4.48 18.62 -6.24
CA ALA A 231 4.17 19.54 -7.33
C ALA A 231 4.01 18.78 -8.64
N VAL A 232 4.88 17.80 -8.91
CA VAL A 232 4.70 16.97 -10.09
C VAL A 232 3.42 16.17 -9.99
N CYS A 233 3.15 15.58 -8.82
CA CYS A 233 1.90 14.86 -8.61
C CYS A 233 0.71 15.80 -8.46
N SER A 234 0.95 17.07 -8.11
CA SER A 234 -0.15 18.02 -8.00
C SER A 234 -0.81 18.23 -9.36
N GLU A 235 -0.02 18.28 -10.42
CA GLU A 235 -0.59 18.42 -11.76
C GLU A 235 -1.51 17.24 -12.08
N TRP A 236 -1.10 16.03 -11.69
CA TRP A 236 -1.97 14.88 -11.89
C TRP A 236 -3.27 15.03 -11.10
N LYS A 237 -3.18 15.51 -9.86
CA LYS A 237 -4.38 15.77 -9.08
C LYS A 237 -5.23 16.84 -9.72
N PHE A 238 -4.60 17.90 -10.23
CA PHE A 238 -5.35 18.96 -10.92
C PHE A 238 -6.04 18.41 -12.16
N ALA A 239 -5.33 17.57 -12.93
CA ALA A 239 -5.95 16.95 -14.11
C ALA A 239 -7.11 16.05 -13.71
N ALA A 240 -7.01 15.37 -12.57
CA ALA A 240 -8.11 14.53 -12.11
C ALA A 240 -9.34 15.36 -11.76
N CYS A 241 -9.13 16.55 -11.17
CA CYS A 241 -10.26 17.40 -10.82
C CYS A 241 -10.97 17.95 -12.05
N VAL A 242 -10.24 18.13 -13.15
CA VAL A 242 -10.86 18.65 -14.36
C VAL A 242 -11.95 17.69 -14.85
N VAL A 243 -11.63 16.40 -14.89
CA VAL A 243 -12.63 15.40 -15.29
C VAL A 243 -13.72 15.29 -14.23
N ASP A 244 -13.34 15.35 -12.95
CA ASP A 244 -14.33 15.28 -11.88
C ASP A 244 -15.29 16.46 -11.95
N ARG A 245 -14.76 17.67 -12.17
CA ARG A 245 -15.62 18.84 -12.27
C ARG A 245 -16.36 18.89 -13.60
N LEU A 246 -15.79 18.32 -14.67
CA LEU A 246 -16.48 18.31 -15.95
C LEU A 246 -17.78 17.54 -15.88
N CYS A 247 -17.77 16.38 -15.22
CA CYS A 247 -18.98 15.59 -15.07
C CYS A 247 -19.95 16.18 -14.05
N LEU A 248 -19.45 16.94 -13.08
CA LEU A 248 -20.34 17.57 -12.11
C LEU A 248 -21.20 18.64 -12.78
N MET A 249 -20.60 19.44 -13.66
CA MET A 249 -21.37 20.44 -14.38
C MET A 249 -22.40 19.80 -15.30
N ALA A 250 -22.01 18.71 -15.97
CA ALA A 250 -22.94 18.01 -16.86
C ALA A 250 -23.99 17.23 -16.11
N PHE A 251 -23.72 16.88 -14.84
CA PHE A 251 -24.72 16.15 -14.05
C PHE A 251 -25.99 16.97 -13.88
N SER A 252 -25.84 18.27 -13.60
CA SER A 252 -27.01 19.12 -13.44
C SER A 252 -27.80 19.23 -14.74
N VAL A 253 -27.10 19.34 -15.88
CA VAL A 253 -27.79 19.45 -17.16
C VAL A 253 -28.62 18.20 -17.42
N PHE A 254 -28.04 17.03 -17.19
CA PHE A 254 -28.79 15.79 -17.39
C PHE A 254 -29.85 15.61 -16.31
N THR A 255 -29.52 15.96 -15.06
CA THR A 255 -30.48 15.85 -13.98
C THR A 255 -31.65 16.79 -14.19
N ILE A 256 -31.38 18.02 -14.64
CA ILE A 256 -32.46 18.97 -14.88
C ILE A 256 -33.39 18.47 -15.97
N ILE A 257 -32.82 17.93 -17.05
CA ILE A 257 -33.64 17.41 -18.14
C ILE A 257 -34.50 16.25 -17.65
N CYS A 258 -33.89 15.33 -16.89
CA CYS A 258 -34.65 14.21 -16.35
C CYS A 258 -35.71 14.70 -15.37
N THR A 259 -35.37 15.67 -14.52
CA THR A 259 -36.34 16.20 -13.57
C THR A 259 -37.51 16.87 -14.28
N ILE A 260 -37.22 17.62 -15.36
CA ILE A 260 -38.29 18.29 -16.09
C ILE A 260 -39.24 17.26 -16.69
N GLY A 261 -38.70 16.21 -17.29
CA GLY A 261 -39.55 15.18 -17.86
C GLY A 261 -40.41 14.48 -16.82
N ILE A 262 -39.83 14.20 -15.66
CA ILE A 262 -40.58 13.55 -14.59
C ILE A 262 -41.70 14.46 -14.09
N LEU A 263 -41.40 15.76 -13.97
CA LEU A 263 -42.40 16.71 -13.49
C LEU A 263 -43.58 16.85 -14.45
N MET A 264 -43.42 16.44 -15.71
CA MET A 264 -44.49 16.53 -16.69
C MET A 264 -45.30 15.25 -16.81
N SER A 265 -44.72 14.10 -16.47
CA SER A 265 -45.41 12.83 -16.55
C SER A 265 -46.01 12.39 -15.21
N ALA A 266 -45.48 12.88 -14.10
CA ALA A 266 -46.02 12.49 -12.79
C ALA A 266 -47.49 12.87 -12.64
N PRO A 267 -47.92 14.09 -12.99
CA PRO A 267 -49.34 14.43 -12.81
C PRO A 267 -50.29 13.52 -13.59
N ASN A 268 -49.83 12.94 -14.70
CA ASN A 268 -50.67 12.07 -15.52
C ASN A 268 -50.61 10.62 -15.07
N PHE A 269 -49.41 10.12 -14.75
CA PHE A 269 -49.22 8.74 -14.34
C PHE A 269 -49.09 8.59 -12.83
N VAL A 270 -48.18 9.33 -12.22
CA VAL A 270 -47.97 9.26 -10.78
C VAL A 270 -49.02 10.08 -10.06
N LEU B 7 -44.41 -20.15 12.17
CA LEU B 7 -44.12 -18.92 11.44
C LEU B 7 -43.11 -19.18 10.32
N TYR B 8 -43.61 -19.66 9.18
CA TYR B 8 -42.74 -19.93 8.04
C TYR B 8 -42.24 -18.64 7.43
N TYR B 9 -43.15 -17.79 6.97
CA TYR B 9 -42.76 -16.52 6.37
C TYR B 9 -42.33 -15.49 7.41
N GLY B 10 -42.71 -15.68 8.67
CA GLY B 10 -42.34 -14.73 9.72
C GLY B 10 -40.87 -14.79 10.06
N LEU B 11 -40.39 -15.96 10.48
CA LEU B 11 -38.98 -16.11 10.83
C LEU B 11 -38.08 -15.96 9.61
N ASN B 12 -38.58 -16.27 8.42
CA ASN B 12 -37.78 -16.16 7.21
C ASN B 12 -37.63 -14.72 6.73
N LEU B 13 -38.47 -13.80 7.24
CA LEU B 13 -38.39 -12.40 6.85
C LEU B 13 -38.13 -11.46 8.01
N LEU B 14 -38.39 -11.88 9.25
CA LEU B 14 -38.13 -11.01 10.40
C LEU B 14 -36.66 -11.08 10.83
N ILE B 15 -36.10 -12.28 10.91
CA ILE B 15 -34.71 -12.42 11.32
C ILE B 15 -33.76 -11.71 10.37
N PRO B 16 -33.87 -11.87 9.05
CA PRO B 16 -32.98 -11.13 8.15
C PRO B 16 -33.10 -9.61 8.30
N CYS B 17 -34.29 -9.10 8.61
CA CYS B 17 -34.47 -7.66 8.71
C CYS B 17 -33.62 -7.07 9.83
N VAL B 18 -33.59 -7.73 10.99
CA VAL B 18 -32.80 -7.21 12.11
C VAL B 18 -31.33 -7.57 11.95
N LEU B 19 -31.02 -8.67 11.26
CA LEU B 19 -29.63 -9.04 11.07
C LEU B 19 -28.89 -8.01 10.23
N ILE B 20 -29.53 -7.50 9.17
CA ILE B 20 -28.89 -6.50 8.33
C ILE B 20 -28.65 -5.22 9.12
N SER B 21 -29.64 -4.79 9.92
CA SER B 21 -29.49 -3.58 10.70
C SER B 21 -28.36 -3.71 11.71
N ALA B 22 -28.25 -4.88 12.35
CA ALA B 22 -27.20 -5.09 13.34
C ALA B 22 -25.82 -5.08 12.69
N LEU B 23 -25.72 -5.51 11.43
CA LEU B 23 -24.43 -5.52 10.75
C LEU B 23 -23.90 -4.11 10.56
N ALA B 24 -24.79 -3.17 10.24
CA ALA B 24 -24.35 -1.79 10.03
C ALA B 24 -23.77 -1.19 11.30
N LEU B 25 -24.23 -1.65 12.47
CA LEU B 25 -23.68 -1.13 13.72
C LEU B 25 -22.20 -1.46 13.86
N LEU B 26 -21.80 -2.68 13.46
CA LEU B 26 -20.39 -3.06 13.55
C LEU B 26 -19.53 -2.21 12.64
N VAL B 27 -20.10 -1.66 11.56
CA VAL B 27 -19.32 -0.85 10.63
C VAL B 27 -18.83 0.43 11.32
N PHE B 28 -19.62 0.99 12.23
CA PHE B 28 -19.25 2.21 12.92
C PHE B 28 -18.17 2.00 13.97
N LEU B 29 -17.83 0.74 14.29
CA LEU B 29 -16.85 0.42 15.32
C LEU B 29 -15.47 0.12 14.72
N LEU B 30 -15.13 0.76 13.60
CA LEU B 30 -13.84 0.56 12.96
C LEU B 30 -12.99 1.82 13.04
N PRO B 31 -11.66 1.68 13.05
CA PRO B 31 -10.81 2.88 13.07
C PRO B 31 -10.96 3.68 11.78
N ALA B 32 -10.72 5.00 11.90
CA ALA B 32 -10.80 5.88 10.74
C ALA B 32 -9.69 5.65 9.73
N ASP B 33 -8.64 4.93 10.10
CA ASP B 33 -7.52 4.64 9.20
C ASP B 33 -7.73 3.37 8.39
N SER B 34 -8.83 2.64 8.62
CA SER B 34 -9.12 1.41 7.89
C SER B 34 -9.78 1.77 6.57
N GLY B 35 -8.96 1.98 5.54
CA GLY B 35 -9.47 2.30 4.22
C GLY B 35 -9.99 1.13 3.43
N GLU B 36 -9.82 -0.09 3.93
CA GLU B 36 -10.29 -1.29 3.26
C GLU B 36 -11.68 -1.72 3.71
N LYS B 37 -12.35 -0.92 4.55
CA LYS B 37 -13.67 -1.26 5.05
C LYS B 37 -14.79 -0.84 4.10
N ILE B 38 -14.46 -0.21 2.98
CA ILE B 38 -15.49 0.17 2.01
C ILE B 38 -16.23 -1.06 1.50
N SER B 39 -15.50 -2.16 1.30
CA SER B 39 -16.15 -3.41 0.87
C SER B 39 -17.10 -3.94 1.93
N LEU B 40 -16.77 -3.77 3.21
CA LEU B 40 -17.63 -4.28 4.27
C LEU B 40 -18.99 -3.59 4.23
N GLY B 41 -19.01 -2.27 4.04
CA GLY B 41 -20.26 -1.55 3.96
C GLY B 41 -21.04 -1.80 2.68
N ILE B 42 -20.36 -2.20 1.61
CA ILE B 42 -21.06 -2.50 0.37
C ILE B 42 -21.88 -3.78 0.51
N THR B 43 -21.35 -4.77 1.22
CA THR B 43 -22.08 -6.02 1.39
C THR B 43 -23.38 -5.82 2.15
N VAL B 44 -23.41 -4.85 3.08
CA VAL B 44 -24.64 -4.59 3.82
C VAL B 44 -25.74 -4.12 2.87
N LEU B 45 -25.41 -3.21 1.96
CA LEU B 45 -26.39 -2.77 0.95
C LEU B 45 -26.57 -3.80 -0.14
N LEU B 46 -25.51 -4.49 -0.54
CA LEU B 46 -25.63 -5.51 -1.58
C LEU B 46 -26.51 -6.68 -1.11
N SER B 47 -26.33 -7.10 0.14
CA SER B 47 -27.15 -8.19 0.68
C SER B 47 -28.60 -7.78 0.87
N LEU B 48 -28.86 -6.49 1.08
CA LEU B 48 -30.24 -6.03 1.24
C LEU B 48 -31.03 -6.16 -0.06
N THR B 49 -30.37 -5.93 -1.20
CA THR B 49 -31.06 -6.07 -2.48
C THR B 49 -31.46 -7.51 -2.74
N VAL B 50 -30.61 -8.46 -2.35
CA VAL B 50 -30.94 -9.87 -2.55
C VAL B 50 -32.17 -10.24 -1.72
N PHE B 51 -32.22 -9.79 -0.47
CA PHE B 51 -33.38 -10.05 0.37
C PHE B 51 -34.62 -9.28 -0.09
N MET B 52 -34.43 -8.19 -0.84
CA MET B 52 -35.57 -7.42 -1.31
C MET B 52 -36.45 -8.25 -2.23
N LEU B 53 -35.84 -9.07 -3.10
CA LEU B 53 -36.62 -9.87 -4.03
C LEU B 53 -37.54 -10.83 -3.28
N LEU B 54 -37.03 -11.45 -2.21
CA LEU B 54 -37.87 -12.36 -1.42
C LEU B 54 -39.02 -11.61 -0.77
N VAL B 55 -38.75 -10.41 -0.25
CA VAL B 55 -39.80 -9.62 0.38
C VAL B 55 -40.85 -9.21 -0.65
N ALA B 56 -40.41 -8.89 -1.87
CA ALA B 56 -41.35 -8.46 -2.91
C ALA B 56 -42.35 -9.57 -3.22
N GLU B 57 -41.89 -10.82 -3.30
CA GLU B 57 -42.79 -11.92 -3.59
C GLU B 57 -43.85 -12.08 -2.50
N ILE B 58 -43.45 -11.94 -1.24
CA ILE B 58 -44.41 -12.06 -0.15
C ILE B 58 -45.43 -10.93 -0.19
N MET B 59 -44.98 -9.73 -0.53
CA MET B 59 -45.87 -8.58 -0.58
C MET B 59 -46.89 -8.76 -1.70
N PRO B 60 -48.20 -8.70 -1.41
CA PRO B 60 -49.18 -8.83 -2.50
C PRO B 60 -49.04 -7.70 -3.51
N SER B 61 -49.31 -8.03 -4.77
CA SER B 61 -49.23 -7.05 -5.87
C SER B 61 -50.46 -6.17 -5.81
N THR B 62 -50.40 -5.15 -4.96
CA THR B 62 -51.49 -4.20 -4.78
C THR B 62 -51.27 -2.98 -5.66
N SER B 63 -52.16 -1.99 -5.52
CA SER B 63 -52.09 -0.76 -6.29
C SER B 63 -51.73 0.45 -5.43
N ASP B 64 -52.42 0.62 -4.29
CA ASP B 64 -52.13 1.75 -3.41
C ASP B 64 -52.12 1.34 -1.94
N SER B 65 -51.99 0.04 -1.64
CA SER B 65 -51.97 -0.46 -0.27
C SER B 65 -50.57 -0.98 0.02
N SER B 66 -49.82 -0.23 0.81
CA SER B 66 -48.46 -0.62 1.18
C SER B 66 -48.50 -1.48 2.44
N PRO B 67 -48.04 -2.73 2.39
CA PRO B 67 -48.03 -3.55 3.59
C PRO B 67 -47.09 -2.98 4.65
N SER B 68 -47.25 -3.48 5.88
CA SER B 68 -46.41 -3.00 6.98
C SER B 68 -44.94 -3.30 6.74
N ILE B 69 -44.63 -4.39 6.03
CA ILE B 69 -43.24 -4.73 5.77
C ILE B 69 -42.57 -3.67 4.90
N ALA B 70 -43.34 -3.01 4.04
CA ALA B 70 -42.76 -1.99 3.17
C ALA B 70 -42.19 -0.84 3.98
N GLN B 71 -42.92 -0.39 5.00
CA GLN B 71 -42.42 0.68 5.85
C GLN B 71 -41.20 0.24 6.64
N TYR B 72 -41.23 -0.98 7.17
CA TYR B 72 -40.08 -1.49 7.92
C TYR B 72 -38.87 -1.68 7.01
N PHE B 73 -39.09 -2.18 5.79
CA PHE B 73 -37.98 -2.35 4.86
C PHE B 73 -37.34 -1.01 4.50
N ALA B 74 -38.16 0.02 4.29
CA ALA B 74 -37.62 1.34 3.98
C ALA B 74 -36.79 1.87 5.14
N SER B 75 -37.24 1.65 6.38
CA SER B 75 -36.48 2.10 7.53
C SER B 75 -35.12 1.43 7.59
N THR B 76 -35.06 0.13 7.25
CA THR B 76 -33.79 -0.58 7.23
C THR B 76 -32.84 0.03 6.21
N MET B 77 -33.38 0.48 5.06
CA MET B 77 -32.54 1.09 4.05
C MET B 77 -31.86 2.35 4.57
N ILE B 78 -32.59 3.14 5.36
CA ILE B 78 -31.99 4.36 5.92
C ILE B 78 -30.82 4.00 6.82
N ILE B 79 -30.98 3.00 7.68
CA ILE B 79 -29.89 2.57 8.53
C ILE B 79 -28.72 2.06 7.71
N VAL B 80 -29.01 1.24 6.69
CA VAL B 80 -27.95 0.71 5.83
C VAL B 80 -27.29 1.85 5.05
N GLY B 81 -28.09 2.81 4.60
CA GLY B 81 -27.52 3.92 3.84
C GLY B 81 -26.51 4.73 4.64
N LEU B 82 -26.74 4.88 5.95
CA LEU B 82 -25.80 5.62 6.77
C LEU B 82 -24.43 4.95 6.79
N SER B 83 -24.40 3.62 6.86
CA SER B 83 -23.13 2.91 6.90
C SER B 83 -22.33 3.16 5.62
N VAL B 84 -23.00 3.15 4.47
CA VAL B 84 -22.30 3.42 3.21
C VAL B 84 -21.75 4.83 3.20
N VAL B 85 -22.53 5.80 3.67
CA VAL B 85 -22.07 7.19 3.69
C VAL B 85 -20.86 7.33 4.60
N VAL B 86 -20.89 6.69 5.75
CA VAL B 86 -19.76 6.79 6.69
C VAL B 86 -18.50 6.22 6.06
N THR B 87 -18.62 5.05 5.41
CA THR B 87 -17.45 4.43 4.81
C THR B 87 -16.86 5.31 3.71
N VAL B 88 -17.71 5.89 2.86
CA VAL B 88 -17.22 6.74 1.79
C VAL B 88 -16.53 7.98 2.36
N ILE B 89 -17.15 8.62 3.34
CA ILE B 89 -16.58 9.82 3.92
C ILE B 89 -15.28 9.50 4.66
N VAL B 90 -15.25 8.38 5.39
CA VAL B 90 -14.05 8.00 6.13
C VAL B 90 -12.90 7.77 5.16
N LEU B 91 -13.18 7.17 4.00
CA LEU B 91 -12.13 6.92 3.02
C LEU B 91 -11.49 8.22 2.53
N GLN B 92 -12.29 9.27 2.38
CA GLN B 92 -11.75 10.55 1.92
C GLN B 92 -10.71 11.09 2.89
N TYR B 93 -11.00 11.01 4.19
CA TYR B 93 -10.05 11.51 5.18
C TYR B 93 -8.77 10.68 5.18
N HIS B 94 -8.89 9.36 5.00
CA HIS B 94 -7.70 8.51 4.98
C HIS B 94 -6.78 8.88 3.82
N HIS B 95 -7.34 9.17 2.66
CA HIS B 95 -6.58 9.52 1.47
C HIS B 95 -6.86 10.97 1.06
N HIS B 96 -6.95 11.86 2.03
CA HIS B 96 -7.20 13.26 1.76
C HIS B 96 -5.95 13.93 1.19
N ASP B 97 -6.17 14.99 0.42
CA ASP B 97 -5.06 15.72 -0.19
C ASP B 97 -4.24 16.41 0.89
N PRO B 98 -2.93 16.18 0.97
CA PRO B 98 -2.12 16.89 1.99
C PRO B 98 -2.12 18.40 1.81
N ASP B 99 -2.40 18.89 0.60
CA ASP B 99 -2.38 20.33 0.37
C ASP B 99 -3.39 21.07 1.24
N GLY B 100 -4.49 20.40 1.62
CA GLY B 100 -5.51 21.01 2.43
C GLY B 100 -6.04 20.08 3.49
N GLY B 101 -7.32 20.21 3.82
CA GLY B 101 -7.95 19.38 4.83
C GLY B 101 -7.93 19.95 6.24
N LYS B 102 -6.75 20.40 6.68
CA LYS B 102 -6.59 20.95 8.03
C LYS B 102 -7.02 22.41 8.04
N MET B 103 -8.31 22.62 7.80
CA MET B 103 -8.88 23.96 7.77
C MET B 103 -10.40 23.86 7.66
N PRO B 104 -11.15 24.86 8.15
CA PRO B 104 -10.66 26.07 8.82
C PRO B 104 -10.27 25.83 10.28
N LYS B 105 -9.69 26.85 10.91
CA LYS B 105 -9.29 26.71 12.30
C LYS B 105 -10.49 26.55 13.23
N TRP B 106 -11.62 27.17 12.88
CA TRP B 106 -12.81 27.05 13.72
C TRP B 106 -13.29 25.61 13.82
N THR B 107 -13.26 24.87 12.71
CA THR B 107 -13.70 23.48 12.73
C THR B 107 -12.81 22.64 13.61
N ARG B 108 -11.49 22.90 13.59
CA ARG B 108 -10.57 22.11 14.39
C ARG B 108 -10.92 22.15 15.87
N VAL B 109 -11.42 23.29 16.36
CA VAL B 109 -11.81 23.38 17.76
C VAL B 109 -12.94 22.42 18.07
N ILE B 110 -13.93 22.34 17.19
CA ILE B 110 -15.06 21.43 17.41
C ILE B 110 -14.58 19.99 17.44
N LEU B 111 -13.67 19.62 16.52
CA LEU B 111 -13.21 18.25 16.46
C LEU B 111 -12.53 17.82 17.76
N LEU B 112 -11.68 18.69 18.31
CA LEU B 112 -10.99 18.36 19.56
C LEU B 112 -11.97 18.19 20.70
N ASN B 113 -12.96 19.07 20.81
CA ASN B 113 -13.93 18.98 21.91
C ASN B 113 -14.84 17.78 21.73
N TRP B 114 -15.32 17.54 20.50
CA TRP B 114 -16.24 16.43 20.27
C TRP B 114 -15.57 15.09 20.59
N CYS B 115 -14.33 14.90 20.12
CA CYS B 115 -13.64 13.64 20.38
C CYS B 115 -13.26 13.50 21.85
N ALA B 116 -12.85 14.61 22.48
CA ALA B 116 -12.49 14.55 23.89
C ALA B 116 -13.68 14.18 24.76
N TRP B 117 -14.90 14.53 24.33
CA TRP B 117 -16.08 14.19 25.12
C TRP B 117 -16.26 12.68 25.21
N PHE B 118 -16.04 11.97 24.10
CA PHE B 118 -16.21 10.52 24.10
C PHE B 118 -14.95 9.80 24.60
N LEU B 119 -13.77 10.34 24.30
CA LEU B 119 -12.53 9.69 24.72
C LEU B 119 -12.26 9.91 26.20
N ARG B 120 -12.23 11.17 26.63
CA ARG B 120 -11.99 11.48 28.03
C ARG B 120 -13.23 11.18 28.87
N MET B 121 -13.05 11.21 30.19
CA MET B 121 -14.13 10.93 31.13
C MET B 121 -15.03 12.16 31.26
N LYS B 122 -15.77 12.42 30.18
CA LYS B 122 -16.69 13.55 30.14
C LYS B 122 -18.09 13.09 29.73
N ARG B 123 -18.16 12.05 28.91
CA ARG B 123 -19.45 11.52 28.49
C ARG B 123 -20.16 10.87 29.68
N PRO B 124 -21.49 10.98 29.75
CA PRO B 124 -22.20 10.33 30.86
C PRO B 124 -21.91 8.84 30.91
N GLY B 125 -21.64 8.34 32.12
CA GLY B 125 -21.34 6.94 32.31
C GLY B 125 -19.86 6.70 32.58
N GLU B 126 -19.00 7.41 31.87
CA GLU B 126 -17.56 7.27 32.05
C GLU B 126 -17.00 8.22 33.10
N ASP B 127 -17.66 9.35 33.33
CA ASP B 127 -17.22 10.33 34.32
C ASP B 127 -17.79 10.08 35.71
N LYS B 128 -18.63 9.04 35.86
CA LYS B 128 -19.22 8.75 37.16
C LYS B 128 -18.39 7.73 37.95
N VAL B 129 -17.77 6.78 37.26
CA VAL B 129 -16.94 5.76 37.91
C VAL B 129 -15.52 6.32 37.98
N ARG B 130 -15.25 7.08 39.04
CA ARG B 130 -13.93 7.66 39.25
C ARG B 130 -13.82 8.08 40.70
N PRO B 131 -12.63 7.97 41.31
CA PRO B 131 -12.50 8.36 42.72
C PRO B 131 -12.70 9.85 42.91
N ALA B 132 -13.20 10.22 44.08
CA ALA B 132 -13.43 11.61 44.43
C ALA B 132 -13.27 11.79 45.93
N CYS B 133 -12.64 12.88 46.34
CA CYS B 133 -12.41 13.18 47.74
C CYS B 133 -12.20 14.68 47.88
N GLN B 134 -12.02 15.11 49.14
CA GLN B 134 -11.82 16.52 49.46
C GLN B 134 -10.35 16.85 49.72
N HIS B 135 -9.44 15.94 49.38
CA HIS B 135 -8.03 16.18 49.62
C HIS B 135 -7.51 17.30 48.71
N LYS B 136 -6.38 17.89 49.11
CA LYS B 136 -5.79 18.99 48.35
C LYS B 136 -5.27 18.55 46.98
N GLN B 137 -5.13 17.24 46.75
CA GLN B 137 -4.65 16.78 45.45
C GLN B 137 -5.62 17.11 44.32
N ARG B 138 -6.90 17.30 44.63
CA ARG B 138 -7.90 17.64 43.62
C ARG B 138 -7.99 19.14 43.37
N ARG B 139 -7.32 19.96 44.16
CA ARG B 139 -7.35 21.40 43.97
C ARG B 139 -6.39 21.81 42.85
N CYS B 140 -6.51 23.07 42.43
CA CYS B 140 -5.68 23.61 41.37
C CYS B 140 -5.37 25.08 41.67
N SER B 141 -4.30 25.56 41.06
CA SER B 141 -3.84 26.94 41.23
C SER B 141 -3.90 27.66 39.87
N LEU B 142 -3.37 28.88 39.85
CA LEU B 142 -3.38 29.67 38.62
C LEU B 142 -2.54 29.03 37.53
N ALA B 143 -1.60 28.15 37.89
CA ALA B 143 -0.77 27.51 36.88
C ALA B 143 -1.61 26.60 35.98
N SER B 144 -2.60 25.90 36.55
CA SER B 144 -3.45 25.02 35.77
C SER B 144 -4.48 25.77 34.95
N VAL B 145 -4.89 26.97 35.38
CA VAL B 145 -5.88 27.75 34.67
C VAL B 145 -5.20 28.46 33.51
N GLU B 146 -5.65 28.15 32.28
CA GLU B 146 -5.07 28.72 31.07
C GLU B 146 -5.85 29.94 30.58
N MET B 147 -6.61 30.60 31.47
CA MET B 147 -7.37 31.77 31.07
C MET B 147 -6.50 32.99 30.84
N SER B 148 -5.29 33.01 31.41
CA SER B 148 -4.36 34.12 31.27
C SER B 148 -3.15 33.73 30.43
N ALA B 149 -3.38 32.94 29.38
CA ALA B 149 -2.32 32.49 28.49
C ALA B 149 -1.22 31.76 29.27
N VAL B 150 -1.65 30.89 30.19
CA VAL B 150 -0.73 30.10 31.00
C VAL B 150 -0.37 28.83 30.24
N ALA B 151 0.92 28.51 30.21
CA ALA B 151 1.38 27.33 29.51
C ALA B 151 0.87 26.07 30.21
N PRO B 152 0.74 24.96 29.48
CA PRO B 152 0.26 23.73 30.10
C PRO B 152 1.19 23.31 31.22
N PRO B 153 0.66 22.72 32.29
CA PRO B 153 1.51 22.26 33.39
C PRO B 153 2.51 21.23 32.89
N PRO B 154 3.73 21.21 33.45
CA PRO B 154 4.71 20.21 33.01
C PRO B 154 4.18 18.79 33.18
N ALA B 155 4.18 18.04 32.08
CA ALA B 155 3.71 16.66 32.10
C ALA B 155 4.41 15.88 31.00
N SER B 156 4.40 14.56 31.15
CA SER B 156 5.02 13.66 30.19
C SER B 156 4.06 13.21 29.09
N ASN B 157 2.83 13.69 29.10
CA ASN B 157 1.83 13.31 28.10
C ASN B 157 1.92 14.14 26.82
N GLY B 158 2.83 15.12 26.78
CA GLY B 158 2.97 15.96 25.60
C GLY B 158 2.91 17.45 25.92
N ASN B 159 2.99 17.79 27.20
CA ASN B 159 2.96 19.19 27.61
C ASN B 159 4.35 19.78 27.76
N LEU B 160 5.32 19.00 28.23
CA LEU B 160 6.68 19.50 28.38
C LEU B 160 7.32 19.78 27.02
N LEU B 161 7.04 18.95 26.01
CA LEU B 161 7.62 19.15 24.69
C LEU B 161 7.12 20.45 24.05
N TYR B 162 5.93 20.92 24.44
CA TYR B 162 5.40 22.14 23.86
C TYR B 162 6.17 23.36 24.36
N ILE B 163 6.77 23.28 25.54
CA ILE B 163 7.53 24.39 26.09
C ILE B 163 8.99 24.35 25.65
N GLY B 164 9.59 23.16 25.66
CA GLY B 164 10.98 23.03 25.29
C GLY B 164 11.22 23.02 23.79
N PHE B 165 10.64 22.03 23.10
CA PHE B 165 10.84 21.93 21.66
C PHE B 165 10.22 23.11 20.93
N ARG B 166 8.96 23.43 21.25
CA ARG B 166 8.26 24.55 20.63
C ARG B 166 8.40 25.82 21.48
N GLY B 167 9.66 26.21 21.70
CA GLY B 167 9.93 27.37 22.51
C GLY B 167 9.41 28.66 21.91
N LEU B 168 9.45 28.77 20.58
CA LEU B 168 8.99 29.97 19.88
C LEU B 168 9.76 31.20 20.37
N ASP B 169 11.07 31.17 20.14
CA ASP B 169 11.96 32.25 20.57
C ASP B 169 11.87 32.45 22.08
N GLY B 170 11.77 31.33 22.81
CA GLY B 170 11.66 31.39 24.25
C GLY B 170 12.96 31.06 24.96
N VAL B 171 13.06 29.84 25.49
CA VAL B 171 14.24 29.42 26.25
C VAL B 171 15.12 28.54 25.37
N HIS B 172 14.53 27.87 24.38
CA HIS B 172 15.29 26.97 23.54
C HIS B 172 16.02 27.71 22.43
N CYS B 173 15.27 28.39 21.55
CA CYS B 173 15.88 29.06 20.42
C CYS B 173 16.74 30.23 20.85
N VAL B 174 16.22 31.07 21.75
CA VAL B 174 16.90 32.29 22.17
C VAL B 174 16.98 32.34 23.69
N PRO B 175 17.97 31.68 24.32
CA PRO B 175 18.11 31.70 25.78
C PRO B 175 18.84 32.93 26.32
N THR B 176 18.47 34.10 25.80
CA THR B 176 19.07 35.34 26.30
C THR B 176 18.77 35.59 27.78
N PRO B 177 17.56 35.40 28.29
CA PRO B 177 17.31 35.72 29.70
C PRO B 177 18.19 34.89 30.62
N ASP B 178 19.06 35.56 31.35
CA ASP B 178 19.99 34.89 32.26
C ASP B 178 20.67 35.94 33.12
N SER B 179 20.95 35.57 34.37
CA SER B 179 21.64 36.45 35.29
C SER B 179 23.13 36.58 35.00
N GLY B 180 23.67 35.73 34.12
CA GLY B 180 25.08 35.78 33.80
C GLY B 180 25.81 34.49 34.13
N VAL B 181 25.05 33.39 34.25
CA VAL B 181 25.67 32.11 34.56
C VAL B 181 26.53 31.62 33.41
N VAL B 182 26.10 31.86 32.17
CA VAL B 182 26.85 31.41 31.01
C VAL B 182 28.21 32.08 30.96
N CYS B 183 28.33 33.31 31.49
CA CYS B 183 29.59 34.04 31.49
C CYS B 183 30.02 34.42 32.91
N GLY B 184 29.43 33.80 33.93
CA GLY B 184 29.79 34.09 35.31
C GLY B 184 30.19 32.85 36.08
N ARG B 185 29.82 31.68 35.58
CA ARG B 185 30.12 30.40 36.22
C ARG B 185 30.64 29.43 35.16
N MET B 186 30.99 28.23 35.61
CA MET B 186 31.51 27.17 34.74
C MET B 186 30.46 26.09 34.46
N ALA B 187 29.20 26.49 34.34
CA ALA B 187 28.11 25.54 34.10
C ALA B 187 28.06 25.24 32.60
N CYS B 188 28.99 24.40 32.17
CA CYS B 188 29.08 23.99 30.76
C CYS B 188 29.30 25.19 29.84
N SER B 189 29.97 26.23 30.35
CA SER B 189 30.24 27.42 29.55
C SER B 189 31.41 28.16 30.18
N PRO B 190 32.31 28.75 29.39
CA PRO B 190 33.44 29.47 29.98
C PRO B 190 32.98 30.70 30.74
N THR B 191 33.75 31.06 31.77
CA THR B 191 33.46 32.22 32.61
C THR B 191 34.03 33.47 31.93
N HIS B 192 33.38 33.86 30.82
CA HIS B 192 33.78 35.03 30.05
C HIS B 192 35.27 34.95 29.69
N ASP B 193 35.71 33.77 29.27
CA ASP B 193 37.12 33.55 28.91
C ASP B 193 37.35 34.09 27.51
N GLU B 194 37.95 35.28 27.43
CA GLU B 194 38.24 35.88 26.13
C GLU B 194 39.33 35.12 25.37
N HIS B 195 40.07 34.25 26.05
CA HIS B 195 41.14 33.45 25.45
C HIS B 195 40.71 32.01 25.24
N LEU B 196 39.44 31.79 24.89
CA LEU B 196 38.92 30.44 24.68
C LEU B 196 39.46 29.91 23.36
N LEU B 197 40.71 29.44 23.40
CA LEU B 197 41.39 28.88 22.25
C LEU B 197 41.51 27.37 22.42
N HIS B 198 41.12 26.63 21.38
CA HIS B 198 41.18 25.17 21.39
C HIS B 198 42.62 24.72 21.15
N GLY B 199 43.44 24.86 22.19
CA GLY B 199 44.84 24.50 22.09
C GLY B 199 45.59 25.32 21.05
N GLY B 200 45.29 26.61 20.95
CA GLY B 200 45.91 27.50 19.99
C GLY B 200 45.09 27.76 18.75
N GLN B 201 44.01 27.00 18.53
CA GLN B 201 43.16 27.17 17.37
C GLN B 201 41.73 27.50 17.79
N PRO B 202 40.97 28.19 16.94
CA PRO B 202 39.58 28.51 17.27
C PRO B 202 38.69 27.29 17.11
N PRO B 203 37.46 27.34 17.64
CA PRO B 203 36.53 26.20 17.53
C PRO B 203 35.81 26.10 16.18
N GLU B 204 36.59 26.20 15.10
CA GLU B 204 36.07 26.08 13.75
C GLU B 204 36.96 25.14 12.95
N GLY B 205 37.29 23.99 13.54
CA GLY B 205 38.21 23.06 12.89
C GLY B 205 37.77 22.68 11.49
N ASP B 206 36.48 22.40 11.33
CA ASP B 206 35.92 21.99 10.04
C ASP B 206 34.78 22.93 9.68
N PRO B 207 35.08 24.05 9.01
CA PRO B 207 34.00 24.96 8.60
C PRO B 207 33.00 24.30 7.66
N ASP B 208 33.43 23.32 6.85
CA ASP B 208 32.53 22.65 5.93
C ASP B 208 31.54 21.73 6.63
N LEU B 209 31.79 21.39 7.90
CA LEU B 209 30.85 20.54 8.64
C LEU B 209 29.52 21.24 8.88
N ALA B 210 29.50 22.58 8.88
CA ALA B 210 28.24 23.29 9.08
C ALA B 210 27.25 23.00 7.96
N LYS B 211 27.76 22.89 6.72
CA LYS B 211 26.87 22.57 5.60
C LYS B 211 26.24 21.20 5.78
N ILE B 212 27.01 20.23 6.26
CA ILE B 212 26.46 18.88 6.49
C ILE B 212 25.39 18.93 7.57
N LEU B 213 25.58 19.77 8.58
CA LEU B 213 24.58 19.89 9.63
C LEU B 213 23.24 20.35 9.08
N GLU B 214 23.26 21.33 8.18
CA GLU B 214 22.01 21.78 7.56
C GLU B 214 21.39 20.66 6.74
N GLU B 215 22.19 19.93 5.97
CA GLU B 215 21.67 18.80 5.22
C GLU B 215 21.18 17.70 6.14
N VAL B 216 21.94 17.42 7.21
CA VAL B 216 21.51 16.41 8.18
C VAL B 216 20.28 16.89 8.92
N ARG B 217 20.20 18.19 9.22
CA ARG B 217 19.03 18.72 9.90
C ARG B 217 17.78 18.55 9.05
N TYR B 218 17.89 18.78 7.74
CA TYR B 218 16.75 18.59 6.86
C TYR B 218 16.30 17.13 6.86
N ILE B 219 17.26 16.20 6.83
CA ILE B 219 16.90 14.78 6.89
C ILE B 219 16.19 14.48 8.19
N ALA B 220 16.71 14.99 9.32
CA ALA B 220 16.02 14.82 10.58
C ALA B 220 14.71 15.59 10.60
N ASN B 221 14.68 16.77 10.00
CA ASN B 221 13.45 17.54 9.94
C ASN B 221 12.39 16.84 9.11
N ARG B 222 12.79 16.18 8.02
CA ARG B 222 11.82 15.44 7.21
C ARG B 222 11.15 14.34 8.02
N PHE B 223 11.94 13.60 8.81
CA PHE B 223 11.36 12.59 9.68
C PHE B 223 10.52 13.23 10.78
N ARG B 224 10.95 14.38 11.29
CA ARG B 224 10.15 15.10 12.27
C ARG B 224 8.83 15.56 11.67
N CYS B 225 8.85 16.02 10.41
CA CYS B 225 7.62 16.38 9.74
C CYS B 225 6.72 15.18 9.53
N GLN B 226 7.31 14.01 9.22
CA GLN B 226 6.51 12.79 9.10
C GLN B 226 5.88 12.42 10.43
N ASP B 227 6.62 12.57 11.53
CA ASP B 227 6.03 12.33 12.84
C ASP B 227 5.03 13.43 13.21
N GLU B 228 5.30 14.67 12.80
CA GLU B 228 4.35 15.75 13.01
C GLU B 228 3.14 15.66 12.10
N SER B 229 3.24 14.91 11.00
CA SER B 229 2.09 14.73 10.12
C SER B 229 0.97 13.97 10.79
N GLU B 230 1.25 13.23 11.86
CA GLU B 230 0.19 12.56 12.60
C GLU B 230 -0.80 13.55 13.19
N ALA B 231 -0.29 14.67 13.73
CA ALA B 231 -1.17 15.71 14.24
C ALA B 231 -2.01 16.31 13.11
N VAL B 232 -1.39 16.54 11.95
CA VAL B 232 -2.16 17.01 10.79
C VAL B 232 -3.15 15.94 10.36
N CYS B 233 -2.71 14.68 10.29
CA CYS B 233 -3.61 13.59 9.96
C CYS B 233 -4.57 13.27 11.11
N SER B 234 -4.22 13.64 12.34
CA SER B 234 -5.11 13.41 13.47
C SER B 234 -6.41 14.17 13.30
N GLU B 235 -6.33 15.41 12.79
CA GLU B 235 -7.54 16.19 12.55
C GLU B 235 -8.45 15.48 11.55
N TRP B 236 -7.85 14.90 10.50
CA TRP B 236 -8.64 14.12 9.55
C TRP B 236 -9.30 12.94 10.23
N LYS B 237 -8.57 12.24 11.10
CA LYS B 237 -9.15 11.14 11.86
C LYS B 237 -10.26 11.63 12.77
N PHE B 238 -10.05 12.77 13.43
CA PHE B 238 -11.09 13.34 14.28
C PHE B 238 -12.33 13.71 13.47
N ALA B 239 -12.13 14.28 12.28
CA ALA B 239 -13.26 14.60 11.43
C ALA B 239 -13.98 13.34 10.97
N ALA B 240 -13.23 12.25 10.74
CA ALA B 240 -13.86 11.00 10.36
C ALA B 240 -14.72 10.43 11.49
N CYS B 241 -14.29 10.60 12.74
CA CYS B 241 -15.07 10.09 13.86
C CYS B 241 -16.35 10.89 14.07
N VAL B 242 -16.36 12.17 13.69
CA VAL B 242 -17.56 12.98 13.86
C VAL B 242 -18.69 12.41 13.02
N VAL B 243 -18.41 12.07 11.77
CA VAL B 243 -19.43 11.45 10.92
C VAL B 243 -19.76 10.06 11.42
N ASP B 244 -18.74 9.30 11.86
CA ASP B 244 -18.98 7.97 12.37
C ASP B 244 -19.86 8.00 13.62
N ARG B 245 -19.58 8.94 14.53
CA ARG B 245 -20.40 9.06 15.74
C ARG B 245 -21.75 9.69 15.45
N LEU B 246 -21.83 10.56 14.44
CA LEU B 246 -23.11 11.18 14.10
C LEU B 246 -24.13 10.15 13.68
N CYS B 247 -23.72 9.18 12.86
CA CYS B 247 -24.63 8.12 12.43
C CYS B 247 -24.89 7.10 13.52
N LEU B 248 -23.97 6.94 14.47
CA LEU B 248 -24.21 6.01 15.58
C LEU B 248 -25.33 6.51 16.47
N MET B 249 -25.36 7.80 16.76
CA MET B 249 -26.45 8.35 17.58
C MET B 249 -27.78 8.26 16.85
N ALA B 250 -27.78 8.52 15.53
CA ALA B 250 -29.01 8.43 14.76
C ALA B 250 -29.45 7.00 14.52
N PHE B 251 -28.53 6.04 14.62
CA PHE B 251 -28.91 4.64 14.44
C PHE B 251 -29.90 4.20 15.50
N SER B 252 -29.67 4.59 16.76
CA SER B 252 -30.61 4.22 17.83
C SER B 252 -31.98 4.85 17.60
N VAL B 253 -32.01 6.11 17.16
CA VAL B 253 -33.29 6.77 16.92
C VAL B 253 -34.09 6.03 15.86
N PHE B 254 -33.44 5.68 14.75
CA PHE B 254 -34.13 4.93 13.70
C PHE B 254 -34.40 3.50 14.14
N THR B 255 -33.46 2.86 14.84
CA THR B 255 -33.66 1.51 15.31
C THR B 255 -34.80 1.45 16.33
N ILE B 256 -34.86 2.43 17.24
CA ILE B 256 -35.92 2.46 18.23
C ILE B 256 -37.28 2.60 17.57
N ILE B 257 -37.38 3.49 16.58
CA ILE B 257 -38.64 3.67 15.87
C ILE B 257 -39.05 2.39 15.17
N CYS B 258 -38.09 1.75 14.48
CA CYS B 258 -38.39 0.49 13.81
C CYS B 258 -38.76 -0.60 14.82
N THR B 259 -38.04 -0.65 15.94
CA THR B 259 -38.34 -1.66 16.96
C THR B 259 -39.74 -1.43 17.54
N ILE B 260 -40.11 -0.18 17.78
CA ILE B 260 -41.43 0.11 18.34
C ILE B 260 -42.52 -0.35 17.38
N GLY B 261 -42.35 -0.07 16.09
CA GLY B 261 -43.34 -0.49 15.12
C GLY B 261 -43.47 -2.00 15.04
N ILE B 262 -42.33 -2.70 15.09
CA ILE B 262 -42.36 -4.16 15.04
C ILE B 262 -43.06 -4.72 16.27
N LEU B 263 -42.78 -4.14 17.44
CA LEU B 263 -43.39 -4.63 18.67
C LEU B 263 -44.90 -4.44 18.69
N MET B 264 -45.43 -3.60 17.82
CA MET B 264 -46.88 -3.36 17.76
C MET B 264 -47.58 -4.21 16.71
N SER B 265 -46.86 -4.61 15.65
CA SER B 265 -47.45 -5.44 14.60
C SER B 265 -47.21 -6.93 14.82
N ALA B 266 -46.16 -7.30 15.57
CA ALA B 266 -45.88 -8.71 15.80
C ALA B 266 -47.04 -9.42 16.50
N PRO B 267 -47.65 -8.87 17.55
CA PRO B 267 -48.75 -9.59 18.21
C PRO B 267 -49.92 -9.86 17.29
N ASN B 268 -50.12 -9.04 16.27
CA ASN B 268 -51.25 -9.21 15.35
C ASN B 268 -50.89 -10.12 14.18
N PHE B 269 -49.71 -9.95 13.60
CA PHE B 269 -49.26 -10.74 12.46
C PHE B 269 -48.32 -11.86 12.85
N VAL B 270 -47.24 -11.54 13.57
CA VAL B 270 -46.28 -12.55 13.99
C VAL B 270 -46.79 -13.30 15.20
N LEU C 7 -29.89 -40.10 -5.02
CA LEU C 7 -30.09 -38.89 -4.24
C LEU C 7 -29.84 -37.65 -5.09
N TYR C 8 -30.87 -37.23 -5.84
CA TYR C 8 -30.75 -36.05 -6.68
C TYR C 8 -30.68 -34.78 -5.85
N TYR C 9 -31.72 -34.52 -5.04
CA TYR C 9 -31.73 -33.35 -4.18
C TYR C 9 -30.83 -33.49 -2.97
N GLY C 10 -30.44 -34.71 -2.62
CA GLY C 10 -29.57 -34.93 -1.47
C GLY C 10 -28.16 -34.44 -1.70
N LEU C 11 -27.48 -35.00 -2.70
CA LEU C 11 -26.11 -34.60 -2.99
C LEU C 11 -26.03 -33.15 -3.46
N ASN C 12 -27.10 -32.65 -4.10
CA ASN C 12 -27.10 -31.29 -4.60
C ASN C 12 -27.29 -30.26 -3.50
N LEU C 13 -27.74 -30.68 -2.31
CA LEU C 13 -27.94 -29.76 -1.19
C LEU C 13 -27.12 -30.11 0.04
N LEU C 14 -26.64 -31.34 0.16
CA LEU C 14 -25.84 -31.72 1.33
C LEU C 14 -24.39 -31.28 1.17
N ILE C 15 -23.80 -31.54 0.00
CA ILE C 15 -22.39 -31.16 -0.22
C ILE C 15 -22.19 -29.66 -0.06
N PRO C 16 -23.00 -28.80 -0.68
CA PRO C 16 -22.80 -27.35 -0.48
C PRO C 16 -22.88 -26.93 0.98
N CYS C 17 -23.74 -27.58 1.77
CA CYS C 17 -23.88 -27.20 3.17
C CYS C 17 -22.58 -27.40 3.94
N VAL C 18 -21.91 -28.54 3.73
CA VAL C 18 -20.66 -28.80 4.43
C VAL C 18 -19.49 -28.09 3.75
N LEU C 19 -19.58 -27.86 2.44
CA LEU C 19 -18.51 -27.16 1.73
C LEU C 19 -18.38 -25.72 2.22
N ILE C 20 -19.50 -25.04 2.43
CA ILE C 20 -19.46 -23.66 2.90
C ILE C 20 -18.87 -23.61 4.31
N SER C 21 -19.28 -24.53 5.17
CA SER C 21 -18.77 -24.54 6.54
C SER C 21 -17.26 -24.79 6.56
N ALA C 22 -16.78 -25.70 5.71
CA ALA C 22 -15.35 -25.99 5.67
C ALA C 22 -14.56 -24.80 5.16
N LEU C 23 -15.15 -23.98 4.28
CA LEU C 23 -14.43 -22.82 3.77
C LEU C 23 -14.15 -21.81 4.87
N ALA C 24 -15.10 -21.63 5.79
CA ALA C 24 -14.90 -20.68 6.88
C ALA C 24 -13.74 -21.09 7.78
N LEU C 25 -13.45 -22.39 7.87
CA LEU C 25 -12.34 -22.85 8.70
C LEU C 25 -11.01 -22.33 8.15
N LEU C 26 -10.85 -22.34 6.83
CA LEU C 26 -9.62 -21.84 6.22
C LEU C 26 -9.42 -20.36 6.48
N VAL C 27 -10.50 -19.61 6.70
CA VAL C 27 -10.39 -18.18 6.95
C VAL C 27 -9.64 -17.92 8.25
N PHE C 28 -9.83 -18.78 9.26
CA PHE C 28 -9.19 -18.59 10.54
C PHE C 28 -7.70 -18.93 10.52
N LEU C 29 -7.20 -19.53 9.44
CA LEU C 29 -5.80 -19.93 9.33
C LEU C 29 -4.97 -18.92 8.55
N LEU C 30 -5.30 -17.63 8.66
CA LEU C 30 -4.57 -16.58 7.96
C LEU C 30 -3.85 -15.68 8.97
N PRO C 31 -2.72 -15.08 8.59
CA PRO C 31 -2.04 -14.16 9.51
C PRO C 31 -2.91 -12.94 9.82
N ALA C 32 -2.69 -12.39 11.02
CA ALA C 32 -3.44 -11.21 11.44
C ALA C 32 -3.07 -9.97 10.63
N ASP C 33 -1.95 -10.00 9.91
CA ASP C 33 -1.50 -8.87 9.11
C ASP C 33 -2.07 -8.89 7.69
N SER C 34 -2.80 -9.93 7.32
CA SER C 34 -3.39 -10.03 5.98
C SER C 34 -4.68 -9.23 5.95
N GLY C 35 -4.55 -7.94 5.61
CA GLY C 35 -5.71 -7.07 5.53
C GLY C 35 -6.54 -7.21 4.27
N GLU C 36 -6.08 -8.01 3.31
CA GLU C 36 -6.80 -8.23 2.07
C GLU C 36 -7.71 -9.45 2.12
N LYS C 37 -7.84 -10.10 3.27
CA LYS C 37 -8.67 -11.29 3.41
C LYS C 37 -10.14 -10.96 3.65
N ILE C 38 -10.49 -9.68 3.75
CA ILE C 38 -11.90 -9.32 3.97
C ILE C 38 -12.75 -9.81 2.80
N SER C 39 -12.22 -9.74 1.58
CA SER C 39 -12.96 -10.24 0.43
C SER C 39 -13.19 -11.74 0.52
N LEU C 40 -12.21 -12.48 1.05
CA LEU C 40 -12.35 -13.92 1.17
C LEU C 40 -13.52 -14.29 2.06
N GLY C 41 -13.66 -13.59 3.20
CA GLY C 41 -14.77 -13.88 4.10
C GLY C 41 -16.11 -13.43 3.55
N ILE C 42 -16.11 -12.43 2.68
CA ILE C 42 -17.35 -11.95 2.08
C ILE C 42 -17.92 -13.01 1.13
N THR C 43 -17.05 -13.68 0.38
CA THR C 43 -17.52 -14.70 -0.56
C THR C 43 -18.22 -15.85 0.15
N VAL C 44 -17.78 -16.17 1.37
CA VAL C 44 -18.41 -17.25 2.12
C VAL C 44 -19.86 -16.92 2.41
N LEU C 45 -20.12 -15.67 2.85
CA LEU C 45 -21.50 -15.24 3.08
C LEU C 45 -22.22 -14.95 1.77
N LEU C 46 -21.50 -14.39 0.79
CA LEU C 46 -22.13 -14.11 -0.51
C LEU C 46 -22.54 -15.40 -1.20
N SER C 47 -21.70 -16.43 -1.16
CA SER C 47 -22.04 -17.70 -1.77
C SER C 47 -23.19 -18.40 -1.06
N LEU C 48 -23.37 -18.14 0.24
CA LEU C 48 -24.49 -18.75 0.96
C LEU C 48 -25.83 -18.21 0.47
N THR C 49 -25.89 -16.92 0.11
CA THR C 49 -27.14 -16.35 -0.38
C THR C 49 -27.55 -16.98 -1.70
N VAL C 50 -26.59 -17.26 -2.58
CA VAL C 50 -26.91 -17.90 -3.84
C VAL C 50 -27.50 -19.29 -3.60
N PHE C 51 -26.89 -20.05 -2.69
CA PHE C 51 -27.42 -21.37 -2.35
C PHE C 51 -28.71 -21.28 -1.55
N MET C 52 -28.96 -20.15 -0.89
CA MET C 52 -30.18 -20.01 -0.10
C MET C 52 -31.42 -20.11 -0.99
N LEU C 53 -31.37 -19.50 -2.18
CA LEU C 53 -32.52 -19.55 -3.07
C LEU C 53 -32.84 -20.98 -3.48
N LEU C 54 -31.82 -21.78 -3.77
CA LEU C 54 -32.06 -23.17 -4.14
C LEU C 54 -32.70 -23.94 -2.98
N VAL C 55 -32.23 -23.71 -1.76
CA VAL C 55 -32.80 -24.40 -0.61
C VAL C 55 -34.25 -23.99 -0.40
N ALA C 56 -34.57 -22.72 -0.65
CA ALA C 56 -35.94 -22.25 -0.46
C ALA C 56 -36.91 -22.97 -1.38
N GLU C 57 -36.51 -23.19 -2.64
CA GLU C 57 -37.39 -23.88 -3.58
C GLU C 57 -37.68 -25.30 -3.12
N ILE C 58 -36.67 -26.00 -2.61
CA ILE C 58 -36.87 -27.37 -2.15
C ILE C 58 -37.78 -27.39 -0.93
N MET C 59 -37.64 -26.41 -0.05
CA MET C 59 -38.46 -26.36 1.16
C MET C 59 -39.91 -26.12 0.80
N PRO C 60 -40.85 -26.98 1.21
CA PRO C 60 -42.26 -26.72 0.91
C PRO C 60 -42.73 -25.42 1.53
N SER C 61 -43.63 -24.74 0.81
CA SER C 61 -44.18 -23.45 1.27
C SER C 61 -45.23 -23.75 2.33
N THR C 62 -44.77 -23.93 3.56
CA THR C 62 -45.63 -24.22 4.69
C THR C 62 -45.98 -22.93 5.43
N SER C 63 -46.70 -23.08 6.54
CA SER C 63 -47.11 -21.95 7.36
C SER C 63 -46.39 -21.91 8.70
N ASP C 64 -46.34 -23.05 9.41
CA ASP C 64 -45.67 -23.10 10.70
C ASP C 64 -44.85 -24.37 10.88
N SER C 65 -44.50 -25.05 9.78
CA SER C 65 -43.71 -26.28 9.82
C SER C 65 -42.35 -25.99 9.19
N SER C 66 -41.31 -25.97 10.03
CA SER C 66 -39.96 -25.72 9.54
C SER C 66 -39.28 -27.04 9.20
N PRO C 67 -38.88 -27.27 7.95
CA PRO C 67 -38.19 -28.53 7.63
C PRO C 67 -36.85 -28.62 8.35
N SER C 68 -36.31 -29.83 8.37
CA SER C 68 -35.03 -30.07 9.04
C SER C 68 -33.90 -29.27 8.38
N ILE C 69 -34.00 -29.04 7.07
CA ILE C 69 -32.94 -28.30 6.38
C ILE C 69 -32.87 -26.86 6.90
N ALA C 70 -34.00 -26.30 7.32
CA ALA C 70 -34.00 -24.93 7.81
C ALA C 70 -33.12 -24.79 9.05
N GLN C 71 -33.22 -25.75 9.98
CA GLN C 71 -32.37 -25.69 11.17
C GLN C 71 -30.90 -25.88 10.81
N TYR C 72 -30.60 -26.81 9.92
CA TYR C 72 -29.22 -27.03 9.51
C TYR C 72 -28.66 -25.81 8.79
N PHE C 73 -29.46 -25.19 7.92
CA PHE C 73 -29.00 -24.00 7.21
C PHE C 73 -28.74 -22.86 8.18
N ALA C 74 -29.61 -22.70 9.19
CA ALA C 74 -29.41 -21.64 10.16
C ALA C 74 -28.11 -21.84 10.94
N SER C 75 -27.80 -23.09 11.29
CA SER C 75 -26.54 -23.36 11.99
C SER C 75 -25.35 -22.98 11.12
N THR C 76 -25.42 -23.26 9.82
CA THR C 76 -24.34 -22.88 8.92
C THR C 76 -24.17 -21.37 8.88
N MET C 77 -25.27 -20.61 8.99
CA MET C 77 -25.16 -19.16 8.99
C MET C 77 -24.33 -18.67 10.17
N ILE C 78 -24.52 -19.28 11.34
CA ILE C 78 -23.74 -18.88 12.51
C ILE C 78 -22.25 -19.10 12.26
N ILE C 79 -21.90 -20.26 11.69
CA ILE C 79 -20.50 -20.54 11.39
C ILE C 79 -19.96 -19.54 10.38
N VAL C 80 -20.74 -19.26 9.33
CA VAL C 80 -20.30 -18.29 8.33
C VAL C 80 -20.21 -16.89 8.93
N GLY C 81 -21.15 -16.55 9.81
CA GLY C 81 -21.11 -15.24 10.43
C GLY C 81 -19.86 -14.99 11.25
N LEU C 82 -19.34 -16.04 11.91
CA LEU C 82 -18.13 -15.88 12.71
C LEU C 82 -16.95 -15.48 11.84
N SER C 83 -16.85 -16.07 10.65
CA SER C 83 -15.74 -15.75 9.76
C SER C 83 -15.76 -14.28 9.35
N VAL C 84 -16.95 -13.74 9.06
CA VAL C 84 -17.06 -12.33 8.70
C VAL C 84 -16.65 -11.45 9.88
N VAL C 85 -17.08 -11.81 11.09
CA VAL C 85 -16.74 -11.02 12.26
C VAL C 85 -15.23 -11.02 12.48
N VAL C 86 -14.59 -12.18 12.33
CA VAL C 86 -13.15 -12.27 12.52
C VAL C 86 -12.42 -11.39 11.52
N THR C 87 -12.83 -11.44 10.25
CA THR C 87 -12.15 -10.64 9.23
C THR C 87 -12.29 -9.15 9.51
N VAL C 88 -13.48 -8.71 9.90
CA VAL C 88 -13.69 -7.29 10.18
C VAL C 88 -12.86 -6.85 11.38
N ILE C 89 -12.87 -7.65 12.45
CA ILE C 89 -12.11 -7.29 13.65
C ILE C 89 -10.61 -7.32 13.36
N VAL C 90 -10.15 -8.33 12.60
CA VAL C 90 -8.72 -8.43 12.29
C VAL C 90 -8.28 -7.21 11.49
N LEU C 91 -9.13 -6.72 10.59
CA LEU C 91 -8.78 -5.56 9.78
C LEU C 91 -8.54 -4.33 10.65
N GLN C 92 -9.33 -4.19 11.72
CA GLN C 92 -9.16 -3.03 12.60
C GLN C 92 -7.78 -3.02 13.24
N TYR C 93 -7.32 -4.19 13.71
CA TYR C 93 -6.01 -4.25 14.34
C TYR C 93 -4.90 -3.95 13.34
N HIS C 94 -5.05 -4.42 12.09
CA HIS C 94 -4.03 -4.17 11.08
C HIS C 94 -3.88 -2.68 10.81
N HIS C 95 -5.00 -1.95 10.76
CA HIS C 95 -5.01 -0.52 10.49
C HIS C 95 -5.53 0.25 11.71
N HIS C 96 -5.10 -0.16 12.89
CA HIS C 96 -5.52 0.51 14.12
C HIS C 96 -4.82 1.85 14.26
N ASP C 97 -5.45 2.75 15.00
CA ASP C 97 -4.89 4.08 15.21
C ASP C 97 -3.63 3.98 16.07
N PRO C 98 -2.48 4.50 15.62
CA PRO C 98 -1.28 4.44 16.47
C PRO C 98 -1.42 5.21 17.76
N ASP C 99 -2.34 6.17 17.84
CA ASP C 99 -2.49 6.97 19.06
C ASP C 99 -2.89 6.09 20.25
N GLY C 100 -3.59 4.98 19.99
CA GLY C 100 -4.01 4.09 21.05
C GLY C 100 -3.85 2.63 20.71
N GLY C 101 -4.74 1.80 21.20
CA GLY C 101 -4.70 0.37 20.94
C GLY C 101 -3.93 -0.45 21.95
N LYS C 102 -2.72 0.00 22.30
CA LYS C 102 -1.88 -0.71 23.26
C LYS C 102 -2.28 -0.31 24.68
N MET C 103 -3.51 -0.70 25.04
CA MET C 103 -4.05 -0.41 26.36
C MET C 103 -5.38 -1.14 26.53
N PRO C 104 -5.78 -1.48 27.77
CA PRO C 104 -5.05 -1.23 29.01
C PRO C 104 -3.93 -2.23 29.25
N LYS C 105 -3.13 -2.01 30.30
CA LYS C 105 -2.04 -2.91 30.60
C LYS C 105 -2.54 -4.28 31.03
N TRP C 106 -3.71 -4.33 31.69
CA TRP C 106 -4.24 -5.62 32.13
C TRP C 106 -4.54 -6.54 30.95
N THR C 107 -5.09 -5.98 29.87
CA THR C 107 -5.40 -6.80 28.70
C THR C 107 -4.13 -7.36 28.07
N ARG C 108 -3.06 -6.57 28.06
CA ARG C 108 -1.82 -7.03 27.45
C ARG C 108 -1.29 -8.31 28.11
N VAL C 109 -1.48 -8.44 29.42
CA VAL C 109 -1.04 -9.66 30.10
C VAL C 109 -1.78 -10.87 29.58
N ILE C 110 -3.09 -10.74 29.37
CA ILE C 110 -3.89 -11.86 28.88
C ILE C 110 -3.43 -12.25 27.47
N LEU C 111 -3.16 -11.25 26.62
CA LEU C 111 -2.77 -11.56 25.24
C LEU C 111 -1.48 -12.38 25.20
N LEU C 112 -0.49 -12.01 26.02
CA LEU C 112 0.76 -12.75 26.02
C LEU C 112 0.55 -14.19 26.49
N ASN C 113 -0.24 -14.39 27.54
CA ASN C 113 -0.48 -15.73 28.05
C ASN C 113 -1.29 -16.56 27.07
N TRP C 114 -2.34 -15.97 26.48
CA TRP C 114 -3.19 -16.72 25.57
C TRP C 114 -2.40 -17.17 24.33
N CYS C 115 -1.60 -16.28 23.76
CA CYS C 115 -0.84 -16.64 22.56
C CYS C 115 0.29 -17.60 22.91
N ALA C 116 0.93 -17.42 24.06
CA ALA C 116 2.01 -18.32 24.45
C ALA C 116 1.51 -19.74 24.67
N TRP C 117 0.24 -19.88 25.07
CA TRP C 117 -0.31 -21.22 25.28
C TRP C 117 -0.36 -22.01 23.98
N PHE C 118 -0.76 -21.36 22.89
CA PHE C 118 -0.84 -22.04 21.60
C PHE C 118 0.50 -22.08 20.89
N LEU C 119 1.31 -21.03 21.02
CA LEU C 119 2.61 -20.99 20.34
C LEU C 119 3.63 -21.88 21.03
N ARG C 120 3.84 -21.68 22.33
CA ARG C 120 4.79 -22.47 23.08
C ARG C 120 4.22 -23.86 23.36
N MET C 121 5.09 -24.75 23.84
CA MET C 121 4.70 -26.13 24.14
C MET C 121 3.98 -26.16 25.49
N LYS C 122 2.77 -25.62 25.47
CA LYS C 122 1.92 -25.60 26.66
C LYS C 122 0.55 -26.18 26.37
N ARG C 123 0.09 -26.03 25.14
CA ARG C 123 -1.21 -26.59 24.76
C ARG C 123 -1.13 -28.11 24.75
N PRO C 124 -2.22 -28.80 25.14
CA PRO C 124 -2.19 -30.27 25.10
C PRO C 124 -1.85 -30.77 23.70
N GLY C 125 -0.97 -31.76 23.64
CA GLY C 125 -0.55 -32.33 22.37
C GLY C 125 0.84 -31.90 21.97
N GLU C 126 1.15 -30.62 22.18
CA GLU C 126 2.46 -30.08 21.83
C GLU C 126 3.47 -30.21 22.97
N ASP C 127 2.99 -30.23 24.21
CA ASP C 127 3.87 -30.35 25.36
C ASP C 127 4.16 -31.79 25.76
N LYS C 128 3.58 -32.77 25.06
CA LYS C 128 3.80 -34.17 25.38
C LYS C 128 4.96 -34.76 24.59
N VAL C 129 5.15 -34.32 23.34
CA VAL C 129 6.23 -34.83 22.48
C VAL C 129 7.43 -33.93 22.74
N ARG C 130 8.21 -34.27 23.76
CA ARG C 130 9.41 -33.51 24.11
C ARG C 130 10.28 -34.38 25.00
N PRO C 131 11.60 -34.29 24.89
CA PRO C 131 12.47 -35.10 25.74
C PRO C 131 12.35 -34.72 27.20
N ALA C 132 12.56 -35.71 28.07
CA ALA C 132 12.49 -35.50 29.51
C ALA C 132 13.42 -36.49 30.19
N CYS C 133 14.15 -36.01 31.19
CA CYS C 133 15.09 -36.85 31.94
C CYS C 133 15.30 -36.24 33.32
N GLN C 134 16.11 -36.92 34.13
CA GLN C 134 16.41 -36.48 35.48
C GLN C 134 17.77 -35.79 35.58
N HIS C 135 18.38 -35.45 34.46
CA HIS C 135 19.69 -34.80 34.48
C HIS C 135 19.58 -33.40 35.05
N LYS C 136 20.73 -32.87 35.51
CA LYS C 136 20.77 -31.55 36.10
C LYS C 136 20.47 -30.44 35.11
N GLN C 137 20.51 -30.73 33.79
CA GLN C 137 20.22 -29.70 32.80
C GLN C 137 18.79 -29.20 32.89
N ARG C 138 17.87 -30.01 33.43
CA ARG C 138 16.48 -29.61 33.57
C ARG C 138 16.21 -28.83 34.85
N ARG C 139 17.18 -28.76 35.76
CA ARG C 139 17.01 -28.02 37.00
C ARG C 139 17.19 -26.53 36.78
N CYS C 140 16.83 -25.75 37.80
CA CYS C 140 16.93 -24.31 37.73
C CYS C 140 17.28 -23.76 39.10
N SER C 141 17.82 -22.56 39.12
CA SER C 141 18.23 -21.88 40.34
C SER C 141 17.42 -20.60 40.50
N LEU C 142 17.78 -19.79 41.51
CA LEU C 142 17.07 -18.55 41.77
C LEU C 142 17.20 -17.56 40.61
N ALA C 143 18.22 -17.72 39.76
CA ALA C 143 18.38 -16.81 38.63
C ALA C 143 17.22 -16.94 37.65
N SER C 144 16.76 -18.18 37.41
CA SER C 144 15.66 -18.40 36.48
C SER C 144 14.33 -17.98 37.08
N VAL C 145 14.19 -18.03 38.40
CA VAL C 145 12.94 -17.66 39.06
C VAL C 145 12.87 -16.14 39.15
N GLU C 146 11.86 -15.55 38.52
CA GLU C 146 11.68 -14.10 38.49
C GLU C 146 10.70 -13.62 39.57
N MET C 147 10.53 -14.40 40.64
CA MET C 147 9.61 -14.00 41.70
C MET C 147 10.18 -12.87 42.55
N SER C 148 11.49 -12.67 42.53
CA SER C 148 12.15 -11.62 43.31
C SER C 148 12.71 -10.53 42.40
N ALA C 149 11.97 -10.20 41.33
CA ALA C 149 12.39 -9.18 40.38
C ALA C 149 13.77 -9.50 39.79
N VAL C 150 13.95 -10.77 39.42
CA VAL C 150 15.19 -11.24 38.82
C VAL C 150 15.13 -11.02 37.32
N ALA C 151 16.20 -10.47 36.76
CA ALA C 151 16.23 -10.20 35.34
C ALA C 151 16.24 -11.52 34.55
N PRO C 152 15.78 -11.49 33.30
CA PRO C 152 15.76 -12.72 32.51
C PRO C 152 17.16 -13.27 32.36
N PRO C 153 17.31 -14.59 32.33
CA PRO C 153 18.64 -15.19 32.14
C PRO C 153 19.25 -14.73 30.82
N PRO C 154 20.57 -14.54 30.76
CA PRO C 154 21.19 -14.14 29.49
C PRO C 154 20.88 -15.12 28.38
N ALA C 155 20.32 -14.61 27.29
CA ALA C 155 19.98 -15.43 26.14
C ALA C 155 20.01 -14.57 24.89
N SER C 156 20.12 -15.24 23.74
CA SER C 156 20.14 -14.57 22.45
C SER C 156 18.77 -14.42 21.83
N ASN C 157 17.71 -14.86 22.52
CA ASN C 157 16.36 -14.76 22.00
C ASN C 157 15.70 -13.41 22.28
N GLY C 158 16.40 -12.50 22.96
CA GLY C 158 15.86 -11.20 23.26
C GLY C 158 15.93 -10.84 24.74
N ASN C 159 16.68 -11.62 25.51
CA ASN C 159 16.83 -11.37 26.94
C ASN C 159 18.05 -10.53 27.26
N LEU C 160 19.14 -10.72 26.52
CA LEU C 160 20.35 -9.93 26.75
C LEU C 160 20.13 -8.47 26.39
N LEU C 161 19.38 -8.20 25.32
CA LEU C 161 19.15 -6.82 24.92
C LEU C 161 18.34 -6.05 25.96
N TYR C 162 17.53 -6.75 26.75
CA TYR C 162 16.73 -6.08 27.76
C TYR C 162 17.60 -5.54 28.90
N ILE C 163 18.75 -6.18 29.14
CA ILE C 163 19.64 -5.74 30.21
C ILE C 163 20.62 -4.69 29.72
N GLY C 164 21.18 -4.88 28.52
CA GLY C 164 22.16 -3.94 28.00
C GLY C 164 21.54 -2.70 27.40
N PHE C 165 20.71 -2.88 26.36
CA PHE C 165 20.11 -1.73 25.70
C PHE C 165 19.13 -1.01 26.62
N ARG C 166 18.24 -1.76 27.26
CA ARG C 166 17.26 -1.19 28.18
C ARG C 166 17.80 -1.23 29.62
N GLY C 167 18.97 -0.61 29.79
CA GLY C 167 19.60 -0.59 31.10
C GLY C 167 18.79 0.15 32.15
N LEU C 168 18.10 1.21 31.76
CA LEU C 168 17.30 2.01 32.68
C LEU C 168 18.16 2.55 33.82
N ASP C 169 19.14 3.37 33.44
CA ASP C 169 20.09 3.94 34.40
C ASP C 169 20.82 2.84 35.15
N GLY C 170 21.17 1.78 34.44
CA GLY C 170 21.85 0.64 35.05
C GLY C 170 23.34 0.63 34.76
N VAL C 171 23.75 -0.22 33.82
CA VAL C 171 25.16 -0.37 33.48
C VAL C 171 25.47 0.37 32.19
N HIS C 172 24.46 0.53 31.34
CA HIS C 172 24.68 1.18 30.05
C HIS C 172 24.65 2.71 30.19
N CYS C 173 23.52 3.26 30.63
CA CYS C 173 23.39 4.71 30.70
C CYS C 173 24.30 5.31 31.77
N VAL C 174 24.33 4.70 32.95
CA VAL C 174 25.09 5.24 34.08
C VAL C 174 25.98 4.16 34.66
N PRO C 175 27.17 3.91 34.09
CA PRO C 175 28.09 2.88 34.61
C PRO C 175 28.95 3.37 35.77
N THR C 176 28.32 4.04 36.73
CA THR C 176 29.05 4.48 37.92
C THR C 176 29.61 3.32 38.74
N PRO C 177 28.88 2.23 38.98
CA PRO C 177 29.43 1.17 39.84
C PRO C 177 30.70 0.59 39.25
N ASP C 178 31.81 0.78 39.97
CA ASP C 178 33.11 0.29 39.51
C ASP C 178 34.10 0.42 40.65
N SER C 179 35.02 -0.54 40.73
CA SER C 179 36.06 -0.52 41.75
C SER C 179 37.16 0.48 41.46
N GLY C 180 37.17 1.07 40.27
CA GLY C 180 38.19 2.05 39.91
C GLY C 180 39.02 1.62 38.72
N VAL C 181 38.47 0.70 37.91
CA VAL C 181 39.20 0.23 36.73
C VAL C 181 39.30 1.34 35.69
N VAL C 182 38.26 2.17 35.55
CA VAL C 182 38.28 3.23 34.55
C VAL C 182 39.38 4.23 34.85
N CYS C 183 39.70 4.45 36.12
CA CYS C 183 40.75 5.38 36.53
C CYS C 183 41.86 4.71 37.31
N GLY C 184 41.94 3.37 37.23
CA GLY C 184 42.99 2.64 37.93
C GLY C 184 43.78 1.73 37.01
N ARG C 185 43.22 1.43 35.83
CA ARG C 185 43.86 0.57 34.84
C ARG C 185 43.76 1.22 33.47
N MET C 186 44.35 0.57 32.48
CA MET C 186 44.35 1.06 31.09
C MET C 186 43.39 0.27 30.22
N ALA C 187 42.25 -0.14 30.79
CA ALA C 187 41.25 -0.91 30.05
C ALA C 187 40.38 0.07 29.25
N CYS C 188 40.94 0.53 28.13
CA CYS C 188 40.26 1.46 27.24
C CYS C 188 39.89 2.75 27.96
N SER C 189 40.69 3.15 28.94
CA SER C 189 40.43 4.38 29.69
C SER C 189 41.73 4.83 30.34
N PRO C 190 42.00 6.13 30.41
CA PRO C 190 43.24 6.58 31.05
C PRO C 190 43.24 6.28 32.55
N THR C 191 44.45 6.06 33.07
CA THR C 191 44.62 5.76 34.50
C THR C 191 44.71 7.07 35.28
N HIS C 192 43.56 7.75 35.35
CA HIS C 192 43.45 9.01 36.06
C HIS C 192 44.50 10.02 35.58
N ASP C 193 44.68 10.07 34.26
CA ASP C 193 45.67 10.95 33.65
C ASP C 193 45.08 12.36 33.57
N GLU C 194 45.48 13.23 34.49
CA GLU C 194 45.01 14.60 34.49
C GLU C 194 45.54 15.40 33.31
N HIS C 195 46.56 14.90 32.63
CA HIS C 195 47.15 15.57 31.46
C HIS C 195 46.74 14.90 30.16
N LEU C 196 45.49 14.42 30.08
CA LEU C 196 44.99 13.75 28.89
C LEU C 196 44.73 14.81 27.82
N LEU C 197 45.81 15.21 27.15
CA LEU C 197 45.76 16.20 26.09
C LEU C 197 46.01 15.50 24.75
N HIS C 198 45.14 15.78 23.77
CA HIS C 198 45.26 15.19 22.44
C HIS C 198 46.36 15.92 21.67
N GLY C 199 47.60 15.61 22.04
CA GLY C 199 48.74 16.24 21.41
C GLY C 199 48.81 17.73 21.64
N GLY C 200 48.42 18.19 22.83
CA GLY C 200 48.40 19.60 23.16
C GLY C 200 47.03 20.23 23.12
N GLN C 201 46.03 19.55 22.56
CA GLN C 201 44.68 20.07 22.46
C GLN C 201 43.69 19.16 23.18
N PRO C 202 42.57 19.70 23.65
CA PRO C 202 41.57 18.86 24.32
C PRO C 202 40.79 18.04 23.32
N PRO C 203 40.01 17.04 23.79
CA PRO C 203 39.23 16.17 22.89
C PRO C 203 37.91 16.80 22.45
N GLU C 204 37.96 18.05 22.01
CA GLU C 204 36.80 18.77 21.49
C GLU C 204 37.17 19.47 20.19
N GLY C 205 37.80 18.72 19.29
CA GLY C 205 38.27 19.31 18.04
C GLY C 205 37.15 19.98 17.26
N ASP C 206 35.99 19.33 17.19
CA ASP C 206 34.83 19.85 16.45
C ASP C 206 33.65 19.93 17.41
N PRO C 207 33.48 21.04 18.13
CA PRO C 207 32.32 21.15 19.03
C PRO C 207 31.00 21.08 18.30
N ASP C 208 30.96 21.47 17.03
CA ASP C 208 29.72 21.44 16.25
C ASP C 208 29.31 20.02 15.87
N LEU C 209 30.22 19.05 15.97
CA LEU C 209 29.85 17.66 15.66
C LEU C 209 28.85 17.10 16.65
N ALA C 210 28.77 17.65 17.86
CA ALA C 210 27.80 17.17 18.83
C ALA C 210 26.37 17.38 18.34
N LYS C 211 26.12 18.52 17.69
CA LYS C 211 24.80 18.78 17.16
C LYS C 211 24.40 17.75 16.11
N ILE C 212 25.34 17.38 15.24
CA ILE C 212 25.05 16.37 14.22
C ILE C 212 24.75 15.03 14.87
N LEU C 213 25.43 14.71 15.98
CA LEU C 213 25.17 13.46 16.66
C LEU C 213 23.72 13.39 17.15
N GLU C 214 23.22 14.48 17.72
CA GLU C 214 21.82 14.50 18.14
C GLU C 214 20.89 14.34 16.95
N GLU C 215 21.17 15.03 15.85
CA GLU C 215 20.35 14.86 14.65
C GLU C 215 20.49 13.45 14.09
N VAL C 216 21.71 12.92 14.07
CA VAL C 216 21.91 11.56 13.59
C VAL C 216 21.26 10.56 14.54
N ARG C 217 21.32 10.84 15.84
CA ARG C 217 20.68 9.95 16.81
C ARG C 217 19.17 9.89 16.60
N TYR C 218 18.55 11.03 16.31
CA TYR C 218 17.12 11.04 16.04
C TYR C 218 16.80 10.22 14.79
N ILE C 219 17.62 10.34 13.76
CA ILE C 219 17.42 9.54 12.55
C ILE C 219 17.53 8.05 12.89
N ALA C 220 18.55 7.68 13.66
CA ALA C 220 18.68 6.30 14.10
C ALA C 220 17.57 5.93 15.08
N ASN C 221 17.16 6.87 15.94
CA ASN C 221 16.07 6.60 16.87
C ASN C 221 14.75 6.39 16.14
N ARG C 222 14.52 7.14 15.06
CA ARG C 222 13.29 6.95 14.29
C ARG C 222 13.21 5.55 13.71
N PHE C 223 14.33 5.05 13.18
CA PHE C 223 14.35 3.67 12.69
C PHE C 223 14.24 2.68 13.85
N ARG C 224 14.82 3.00 15.01
CA ARG C 224 14.65 2.15 16.17
C ARG C 224 13.20 2.13 16.63
N CYS C 225 12.52 3.28 16.57
CA CYS C 225 11.10 3.31 16.89
C CYS C 225 10.28 2.51 15.89
N GLN C 226 10.65 2.55 14.61
CA GLN C 226 9.96 1.73 13.62
C GLN C 226 10.17 0.24 13.90
N ASP C 227 11.38 -0.15 14.30
CA ASP C 227 11.61 -1.53 14.70
C ASP C 227 10.95 -1.85 16.02
N GLU C 228 10.89 -0.88 16.94
CA GLU C 228 10.19 -1.08 18.19
C GLU C 228 8.67 -1.03 18.02
N SER C 229 8.18 -0.46 16.92
CA SER C 229 6.74 -0.45 16.66
C SER C 229 6.19 -1.84 16.44
N GLU C 230 7.04 -2.82 16.11
CA GLU C 230 6.57 -4.19 15.96
C GLU C 230 6.02 -4.72 17.29
N ALA C 231 6.70 -4.41 18.39
CA ALA C 231 6.19 -4.81 19.70
C ALA C 231 4.85 -4.15 19.98
N VAL C 232 4.72 -2.87 19.65
CA VAL C 232 3.43 -2.19 19.80
C VAL C 232 2.41 -2.81 18.85
N CYS C 233 2.80 -3.06 17.60
CA CYS C 233 1.91 -3.73 16.66
C CYS C 233 1.75 -5.21 16.99
N SER C 234 2.70 -5.81 17.70
CA SER C 234 2.58 -7.21 18.08
C SER C 234 1.36 -7.42 18.98
N GLU C 235 1.12 -6.49 19.91
CA GLU C 235 -0.04 -6.60 20.77
C GLU C 235 -1.33 -6.57 19.95
N TRP C 236 -1.37 -5.73 18.91
CA TRP C 236 -2.53 -5.74 18.02
C TRP C 236 -2.67 -7.08 17.32
N LYS C 237 -1.56 -7.66 16.87
CA LYS C 237 -1.61 -8.98 16.27
C LYS C 237 -2.06 -10.03 17.29
N PHE C 238 -1.57 -9.94 18.52
CA PHE C 238 -2.00 -10.87 19.56
C PHE C 238 -3.49 -10.72 19.84
N ALA C 239 -3.98 -9.48 19.89
CA ALA C 239 -5.42 -9.26 20.08
C ALA C 239 -6.22 -9.83 18.93
N ALA C 240 -5.70 -9.71 17.70
CA ALA C 240 -6.39 -10.27 16.55
C ALA C 240 -6.46 -11.79 16.63
N CYS C 241 -5.42 -12.44 17.14
CA CYS C 241 -5.42 -13.89 17.25
C CYS C 241 -6.42 -14.38 18.29
N VAL C 242 -6.69 -13.57 19.32
CA VAL C 242 -7.65 -13.97 20.35
C VAL C 242 -9.02 -14.16 19.73
N VAL C 243 -9.46 -13.21 18.90
CA VAL C 243 -10.75 -13.35 18.24
C VAL C 243 -10.69 -14.47 17.21
N ASP C 244 -9.57 -14.59 16.49
CA ASP C 244 -9.44 -15.67 15.51
C ASP C 244 -9.51 -17.03 16.17
N ARG C 245 -8.82 -17.20 17.30
CA ARG C 245 -8.85 -18.47 18.01
C ARG C 245 -10.16 -18.68 18.74
N LEU C 246 -10.82 -17.60 19.19
CA LEU C 246 -12.09 -17.74 19.88
C LEU C 246 -13.15 -18.37 18.97
N CYS C 247 -13.20 -17.93 17.71
CA CYS C 247 -14.18 -18.50 16.79
C CYS C 247 -13.76 -19.90 16.33
N LEU C 248 -12.46 -20.19 16.33
CA LEU C 248 -12.01 -21.53 15.95
C LEU C 248 -12.49 -22.57 16.96
N MET C 249 -12.41 -22.26 18.26
CA MET C 249 -12.90 -23.18 19.27
C MET C 249 -14.41 -23.36 19.19
N ALA C 250 -15.13 -22.26 18.94
CA ALA C 250 -16.58 -22.33 18.83
C ALA C 250 -17.03 -22.98 17.53
N PHE C 251 -16.17 -23.00 16.50
CA PHE C 251 -16.54 -23.64 15.25
C PHE C 251 -16.78 -25.13 15.44
N SER C 252 -15.92 -25.79 16.22
CA SER C 252 -16.11 -27.21 16.46
C SER C 252 -17.40 -27.49 17.23
N VAL C 253 -17.73 -26.64 18.20
CA VAL C 253 -18.94 -26.84 18.99
C VAL C 253 -20.17 -26.76 18.07
N PHE C 254 -20.21 -25.75 17.21
CA PHE C 254 -21.33 -25.63 16.28
C PHE C 254 -21.26 -26.70 15.19
N THR C 255 -20.06 -26.99 14.69
CA THR C 255 -19.92 -28.03 13.68
C THR C 255 -20.32 -29.38 14.23
N ILE C 256 -19.92 -29.70 15.46
CA ILE C 256 -20.27 -30.98 16.06
C ILE C 256 -21.79 -31.10 16.22
N ILE C 257 -22.43 -30.03 16.67
CA ILE C 257 -23.88 -30.06 16.84
C ILE C 257 -24.56 -30.27 15.49
N CYS C 258 -24.11 -29.53 14.47
CA CYS C 258 -24.67 -29.70 13.13
C CYS C 258 -24.40 -31.10 12.60
N THR C 259 -23.19 -31.61 12.81
CA THR C 259 -22.86 -32.96 12.34
C THR C 259 -23.72 -34.01 13.03
N ILE C 260 -23.96 -33.84 14.34
CA ILE C 260 -24.76 -34.81 15.07
C ILE C 260 -26.18 -34.84 14.52
N GLY C 261 -26.76 -33.66 14.27
CA GLY C 261 -28.10 -33.60 13.72
C GLY C 261 -28.19 -34.23 12.34
N ILE C 262 -27.20 -33.97 11.50
CA ILE C 262 -27.19 -34.57 10.16
C ILE C 262 -27.09 -36.08 10.24
N LEU C 263 -26.23 -36.58 11.14
CA LEU C 263 -26.05 -38.02 11.27
C LEU C 263 -27.32 -38.72 11.75
N MET C 264 -28.27 -37.98 12.32
CA MET C 264 -29.52 -38.56 12.80
C MET C 264 -30.65 -38.48 11.77
N SER C 265 -30.60 -37.52 10.85
CA SER C 265 -31.63 -37.38 9.82
C SER C 265 -31.25 -38.04 8.50
N ALA C 266 -29.96 -38.23 8.23
CA ALA C 266 -29.55 -38.86 6.98
C ALA C 266 -30.11 -40.27 6.82
N PRO C 267 -30.07 -41.14 7.84
CA PRO C 267 -30.63 -42.49 7.64
C PRO C 267 -32.10 -42.51 7.31
N ASN C 268 -32.86 -41.48 7.70
CA ASN C 268 -34.29 -41.42 7.43
C ASN C 268 -34.61 -40.73 6.11
N PHE C 269 -33.93 -39.63 5.82
CA PHE C 269 -34.16 -38.86 4.59
C PHE C 269 -33.11 -39.15 3.52
N VAL C 270 -31.83 -39.01 3.86
CA VAL C 270 -30.77 -39.24 2.90
C VAL C 270 -30.51 -40.74 2.77
N LEU D 7 -26.38 -28.05 -32.37
CA LEU D 7 -26.16 -28.21 -30.93
C LEU D 7 -26.46 -26.92 -30.19
N TYR D 8 -27.73 -26.73 -29.83
CA TYR D 8 -28.13 -25.53 -29.10
C TYR D 8 -27.64 -25.58 -27.66
N TYR D 9 -28.08 -26.59 -26.90
CA TYR D 9 -27.65 -26.73 -25.51
C TYR D 9 -26.23 -27.24 -25.38
N GLY D 10 -25.68 -27.85 -26.42
CA GLY D 10 -24.33 -28.37 -26.37
C GLY D 10 -23.27 -27.27 -26.31
N LEU D 11 -23.27 -26.40 -27.31
CA LEU D 11 -22.29 -25.32 -27.34
C LEU D 11 -22.55 -24.30 -26.23
N ASN D 12 -23.80 -24.14 -25.81
CA ASN D 12 -24.12 -23.17 -24.77
C ASN D 12 -23.68 -23.64 -23.39
N LEU D 13 -23.40 -24.94 -23.22
CA LEU D 13 -22.98 -25.49 -21.94
C LEU D 13 -21.60 -26.12 -21.97
N LEU D 14 -21.15 -26.62 -23.13
CA LEU D 14 -19.83 -27.24 -23.20
C LEU D 14 -18.72 -26.20 -23.13
N ILE D 15 -18.87 -25.09 -23.87
CA ILE D 15 -17.82 -24.07 -23.90
C ILE D 15 -17.61 -23.46 -22.51
N PRO D 16 -18.64 -23.04 -21.78
CA PRO D 16 -18.40 -22.51 -20.43
C PRO D 16 -17.71 -23.52 -19.51
N CYS D 17 -17.99 -24.81 -19.66
CA CYS D 17 -17.38 -25.80 -18.79
C CYS D 17 -15.87 -25.83 -18.95
N VAL D 18 -15.38 -25.78 -20.19
CA VAL D 18 -13.93 -25.78 -20.41
C VAL D 18 -13.35 -24.39 -20.26
N LEU D 19 -14.14 -23.35 -20.52
CA LEU D 19 -13.64 -21.98 -20.37
C LEU D 19 -13.30 -21.68 -18.91
N ILE D 20 -14.16 -22.12 -17.99
CA ILE D 20 -13.91 -21.87 -16.57
C ILE D 20 -12.65 -22.61 -16.12
N SER D 21 -12.49 -23.86 -16.56
CA SER D 21 -11.31 -24.63 -16.17
C SER D 21 -10.04 -23.98 -16.69
N ALA D 22 -10.07 -23.47 -17.93
CA ALA D 22 -8.88 -22.84 -18.50
C ALA D 22 -8.53 -21.56 -17.76
N LEU D 23 -9.52 -20.86 -17.21
CA LEU D 23 -9.25 -19.62 -16.48
C LEU D 23 -8.44 -19.91 -15.22
N ALA D 24 -8.74 -21.00 -14.53
CA ALA D 24 -8.01 -21.33 -13.31
C ALA D 24 -6.53 -21.59 -13.60
N LEU D 25 -6.21 -22.06 -14.80
CA LEU D 25 -4.81 -22.30 -15.14
C LEU D 25 -4.01 -21.00 -15.14
N LEU D 26 -4.61 -19.92 -15.66
CA LEU D 26 -3.91 -18.63 -15.67
C LEU D 26 -3.65 -18.12 -14.26
N VAL D 27 -4.47 -18.53 -13.29
CA VAL D 27 -4.29 -18.06 -11.92
C VAL D 27 -2.97 -18.56 -11.36
N PHE D 28 -2.54 -19.77 -11.74
CA PHE D 28 -1.30 -20.34 -11.23
C PHE D 28 -0.06 -19.71 -11.85
N LEU D 29 -0.21 -18.88 -12.88
CA LEU D 29 0.90 -18.25 -13.57
C LEU D 29 1.15 -16.82 -13.08
N LEU D 30 0.88 -16.54 -11.81
CA LEU D 30 1.09 -15.22 -11.25
C LEU D 30 2.22 -15.24 -10.21
N PRO D 31 2.92 -14.13 -10.02
CA PRO D 31 3.97 -14.10 -8.98
C PRO D 31 3.37 -14.25 -7.59
N ALA D 32 4.18 -14.79 -6.68
CA ALA D 32 3.76 -14.98 -5.30
C ALA D 32 3.60 -13.66 -4.54
N ASP D 33 4.13 -12.56 -5.08
CA ASP D 33 4.02 -11.26 -4.44
C ASP D 33 2.77 -10.49 -4.86
N SER D 34 1.97 -11.03 -5.77
CA SER D 34 0.75 -10.37 -6.24
C SER D 34 -0.37 -10.68 -5.26
N GLY D 35 -0.51 -9.83 -4.24
CA GLY D 35 -1.54 -10.00 -3.25
C GLY D 35 -2.92 -9.53 -3.67
N GLU D 36 -3.03 -8.91 -4.84
CA GLU D 36 -4.30 -8.42 -5.36
C GLU D 36 -4.99 -9.44 -6.27
N LYS D 37 -4.44 -10.64 -6.41
CA LYS D 37 -5.01 -11.66 -7.28
C LYS D 37 -6.13 -12.46 -6.60
N ILE D 38 -6.42 -12.17 -5.33
CA ILE D 38 -7.50 -12.89 -4.65
C ILE D 38 -8.82 -12.65 -5.36
N SER D 39 -9.04 -11.43 -5.85
CA SER D 39 -10.26 -11.13 -6.58
C SER D 39 -10.35 -11.95 -7.86
N LEU D 40 -9.22 -12.15 -8.55
CA LEU D 40 -9.23 -12.92 -9.79
C LEU D 40 -9.70 -14.34 -9.55
N GLY D 41 -9.22 -14.98 -8.48
CA GLY D 41 -9.65 -16.34 -8.18
C GLY D 41 -11.08 -16.42 -7.70
N ILE D 42 -11.59 -15.34 -7.11
CA ILE D 42 -12.98 -15.32 -6.65
C ILE D 42 -13.94 -15.34 -7.84
N THR D 43 -13.59 -14.62 -8.91
CA THR D 43 -14.47 -14.57 -10.07
C THR D 43 -14.62 -15.94 -10.72
N VAL D 44 -13.58 -16.77 -10.66
CA VAL D 44 -13.67 -18.11 -11.24
C VAL D 44 -14.75 -18.92 -10.53
N LEU D 45 -14.76 -18.86 -9.19
CA LEU D 45 -15.81 -19.55 -8.44
C LEU D 45 -17.13 -18.81 -8.49
N LEU D 46 -17.10 -17.47 -8.49
CA LEU D 46 -18.33 -16.71 -8.57
C LEU D 46 -19.03 -16.92 -9.92
N SER D 47 -18.27 -16.98 -11.00
CA SER D 47 -18.86 -17.20 -12.32
C SER D 47 -19.40 -18.62 -12.47
N LEU D 48 -18.84 -19.58 -11.75
CA LEU D 48 -19.35 -20.96 -11.82
C LEU D 48 -20.74 -21.07 -11.22
N THR D 49 -21.03 -20.31 -10.17
CA THR D 49 -22.36 -20.35 -9.56
C THR D 49 -23.42 -19.83 -10.54
N VAL D 50 -23.09 -18.78 -11.29
CA VAL D 50 -24.06 -18.25 -12.26
C VAL D 50 -24.36 -19.29 -13.33
N PHE D 51 -23.32 -19.96 -13.84
CA PHE D 51 -23.53 -21.00 -14.83
C PHE D 51 -24.20 -22.24 -14.25
N MET D 52 -24.10 -22.45 -12.93
CA MET D 52 -24.72 -23.61 -12.32
C MET D 52 -26.24 -23.57 -12.48
N LEU D 53 -26.84 -22.38 -12.35
CA LEU D 53 -28.29 -22.28 -12.48
C LEU D 53 -28.75 -22.73 -13.86
N LEU D 54 -28.02 -22.33 -14.91
CA LEU D 54 -28.38 -22.76 -16.25
C LEU D 54 -28.26 -24.28 -16.40
N VAL D 55 -27.20 -24.86 -15.83
CA VAL D 55 -27.01 -26.31 -15.91
C VAL D 55 -28.13 -27.02 -15.17
N ALA D 56 -28.57 -26.46 -14.04
CA ALA D 56 -29.63 -27.11 -13.26
C ALA D 56 -30.92 -27.22 -14.06
N GLU D 57 -31.27 -26.16 -14.80
CA GLU D 57 -32.49 -26.18 -15.59
C GLU D 57 -32.43 -27.28 -16.66
N ILE D 58 -31.28 -27.43 -17.31
CA ILE D 58 -31.14 -28.46 -18.34
C ILE D 58 -31.24 -29.85 -17.73
N MET D 59 -30.67 -30.03 -16.54
CA MET D 59 -30.69 -31.34 -15.90
C MET D 59 -32.12 -31.70 -15.51
N PRO D 60 -32.65 -32.84 -15.95
CA PRO D 60 -34.00 -33.23 -15.54
C PRO D 60 -34.10 -33.39 -14.04
N SER D 61 -35.26 -33.02 -13.49
CA SER D 61 -35.52 -33.12 -12.06
C SER D 61 -35.82 -34.58 -11.72
N THR D 62 -34.74 -35.35 -11.54
CA THR D 62 -34.85 -36.76 -11.22
C THR D 62 -34.77 -36.96 -9.71
N SER D 63 -34.76 -38.23 -9.28
CA SER D 63 -34.70 -38.59 -7.87
C SER D 63 -33.37 -39.22 -7.49
N ASP D 64 -32.90 -40.19 -8.28
CA ASP D 64 -31.63 -40.86 -8.00
C ASP D 64 -30.80 -41.09 -9.26
N SER D 65 -31.08 -40.36 -10.34
CA SER D 65 -30.36 -40.49 -11.59
C SER D 65 -29.57 -39.21 -11.84
N SER D 66 -28.24 -39.31 -11.73
CA SER D 66 -27.37 -38.16 -11.94
C SER D 66 -26.94 -38.10 -13.39
N PRO D 67 -27.30 -37.06 -14.14
CA PRO D 67 -26.84 -36.98 -15.54
C PRO D 67 -25.33 -36.87 -15.63
N SER D 68 -24.82 -37.11 -16.84
CA SER D 68 -23.37 -37.05 -17.06
C SER D 68 -22.82 -35.66 -16.79
N ILE D 69 -23.63 -34.62 -17.04
CA ILE D 69 -23.16 -33.25 -16.81
C ILE D 69 -22.88 -33.02 -15.34
N ALA D 70 -23.62 -33.70 -14.45
CA ALA D 70 -23.40 -33.51 -13.02
C ALA D 70 -21.99 -33.92 -12.61
N GLN D 71 -21.51 -35.06 -13.13
CA GLN D 71 -20.16 -35.49 -12.81
C GLN D 71 -19.13 -34.55 -13.39
N TYR D 72 -19.33 -34.10 -14.63
CA TYR D 72 -18.39 -33.16 -15.24
C TYR D 72 -18.39 -31.82 -14.51
N PHE D 73 -19.58 -31.35 -14.12
CA PHE D 73 -19.66 -30.09 -13.38
C PHE D 73 -18.93 -30.20 -12.04
N ALA D 74 -19.09 -31.33 -11.35
CA ALA D 74 -18.41 -31.51 -10.07
C ALA D 74 -16.90 -31.52 -10.25
N SER D 75 -16.42 -32.15 -11.32
CA SER D 75 -14.98 -32.17 -11.57
C SER D 75 -14.44 -30.75 -11.77
N THR D 76 -15.19 -29.91 -12.49
CA THR D 76 -14.76 -28.53 -12.68
C THR D 76 -14.69 -27.78 -11.36
N MET D 77 -15.55 -28.12 -10.41
CA MET D 77 -15.51 -27.47 -9.10
C MET D 77 -14.19 -27.74 -8.39
N ILE D 78 -13.68 -28.96 -8.49
CA ILE D 78 -12.40 -29.29 -7.87
C ILE D 78 -11.28 -28.45 -8.47
N ILE D 79 -11.26 -28.32 -9.80
CA ILE D 79 -10.25 -27.49 -10.44
C ILE D 79 -10.39 -26.04 -10.01
N VAL D 80 -11.62 -25.54 -9.98
CA VAL D 80 -11.84 -24.16 -9.55
C VAL D 80 -11.49 -23.98 -8.08
N GLY D 81 -11.80 -24.99 -7.26
CA GLY D 81 -11.48 -24.90 -5.84
C GLY D 81 -10.00 -24.78 -5.57
N LEU D 82 -9.17 -25.45 -6.38
CA LEU D 82 -7.72 -25.37 -6.18
C LEU D 82 -7.22 -23.95 -6.38
N SER D 83 -7.76 -23.24 -7.37
CA SER D 83 -7.32 -21.87 -7.62
C SER D 83 -7.62 -20.97 -6.42
N VAL D 84 -8.80 -21.14 -5.81
CA VAL D 84 -9.14 -20.35 -4.64
C VAL D 84 -8.19 -20.66 -3.49
N VAL D 85 -7.88 -21.93 -3.28
CA VAL D 85 -6.98 -22.32 -2.21
C VAL D 85 -5.60 -21.73 -2.43
N VAL D 86 -5.10 -21.77 -3.67
CA VAL D 86 -3.78 -21.21 -3.96
C VAL D 86 -3.75 -19.72 -3.68
N THR D 87 -4.78 -19.00 -4.11
CA THR D 87 -4.80 -17.55 -3.90
C THR D 87 -4.81 -17.20 -2.41
N VAL D 88 -5.60 -17.92 -1.62
CA VAL D 88 -5.67 -17.64 -0.19
C VAL D 88 -4.33 -17.95 0.48
N ILE D 89 -3.75 -19.10 0.16
CA ILE D 89 -2.48 -19.48 0.77
C ILE D 89 -1.37 -18.52 0.34
N VAL D 90 -1.36 -18.15 -0.95
CA VAL D 90 -0.33 -17.23 -1.45
C VAL D 90 -0.42 -15.90 -0.72
N LEU D 91 -1.65 -15.43 -0.46
CA LEU D 91 -1.81 -14.15 0.23
C LEU D 91 -1.21 -14.19 1.63
N GLN D 92 -1.28 -15.33 2.31
CA GLN D 92 -0.72 -15.44 3.65
C GLN D 92 0.79 -15.21 3.63
N TYR D 93 1.48 -15.80 2.66
CA TYR D 93 2.93 -15.62 2.57
C TYR D 93 3.30 -14.17 2.25
N HIS D 94 2.49 -13.50 1.42
CA HIS D 94 2.78 -12.12 1.08
C HIS D 94 2.70 -11.22 2.32
N HIS D 95 1.73 -11.46 3.18
CA HIS D 95 1.53 -10.68 4.40
C HIS D 95 1.74 -11.53 5.63
N HIS D 96 2.75 -12.39 5.60
CA HIS D 96 3.05 -13.25 6.74
C HIS D 96 3.67 -12.44 7.87
N ASP D 97 3.50 -12.93 9.09
CA ASP D 97 4.04 -12.26 10.25
C ASP D 97 5.57 -12.32 10.24
N PRO D 98 6.27 -11.18 10.30
CA PRO D 98 7.74 -11.24 10.32
C PRO D 98 8.31 -11.97 11.53
N ASP D 99 7.54 -12.10 12.62
CA ASP D 99 8.05 -12.77 13.81
C ASP D 99 8.39 -14.23 13.53
N GLY D 100 7.71 -14.85 12.56
CA GLY D 100 7.96 -16.23 12.22
C GLY D 100 7.96 -16.49 10.73
N GLY D 101 7.50 -17.66 10.33
CA GLY D 101 7.45 -18.03 8.92
C GLY D 101 8.68 -18.75 8.41
N LYS D 102 9.87 -18.21 8.69
CA LYS D 102 11.12 -18.80 8.24
C LYS D 102 11.54 -19.92 9.20
N MET D 103 10.72 -20.97 9.22
CA MET D 103 10.97 -22.13 10.07
C MET D 103 9.98 -23.23 9.73
N PRO D 104 10.32 -24.51 9.96
CA PRO D 104 11.60 -24.98 10.49
C PRO D 104 12.72 -25.01 9.44
N LYS D 105 13.95 -25.30 9.87
CA LYS D 105 15.06 -25.34 8.94
C LYS D 105 14.92 -26.49 7.95
N TRP D 106 14.30 -27.60 8.38
CA TRP D 106 14.13 -28.74 7.47
C TRP D 106 13.28 -28.37 6.27
N THR D 107 12.21 -27.61 6.48
CA THR D 107 11.35 -27.22 5.38
C THR D 107 12.08 -26.33 4.38
N ARG D 108 12.96 -25.45 4.88
CA ARG D 108 13.68 -24.54 3.99
C ARG D 108 14.51 -25.31 2.96
N VAL D 109 15.07 -26.45 3.35
CA VAL D 109 15.86 -27.24 2.41
C VAL D 109 14.98 -27.72 1.26
N ILE D 110 13.76 -28.18 1.57
CA ILE D 110 12.87 -28.67 0.52
C ILE D 110 12.51 -27.53 -0.43
N LEU D 111 12.23 -26.34 0.11
CA LEU D 111 11.84 -25.23 -0.74
C LEU D 111 12.92 -24.88 -1.75
N LEU D 112 14.18 -24.85 -1.31
CA LEU D 112 15.26 -24.52 -2.24
C LEU D 112 15.39 -25.56 -3.33
N ASN D 113 15.29 -26.85 -2.97
CA ASN D 113 15.44 -27.91 -3.96
C ASN D 113 14.24 -27.94 -4.92
N TRP D 114 13.03 -27.80 -4.38
CA TRP D 114 11.84 -27.85 -5.23
C TRP D 114 11.84 -26.71 -6.24
N CYS D 115 12.16 -25.50 -5.80
CA CYS D 115 12.15 -24.36 -6.71
C CYS D 115 13.32 -24.44 -7.69
N ALA D 116 14.48 -24.91 -7.24
CA ALA D 116 15.63 -25.03 -8.12
C ALA D 116 15.37 -26.03 -9.24
N TRP D 117 14.54 -27.05 -8.97
CA TRP D 117 14.23 -28.04 -10.00
C TRP D 117 13.52 -27.40 -11.19
N PHE D 118 12.56 -26.51 -10.91
CA PHE D 118 11.82 -25.86 -11.99
C PHE D 118 12.55 -24.66 -12.55
N LEU D 119 13.28 -23.91 -11.70
CA LEU D 119 13.99 -22.72 -12.18
C LEU D 119 15.25 -23.10 -12.93
N ARG D 120 16.13 -23.88 -12.31
CA ARG D 120 17.37 -24.29 -12.95
C ARG D 120 17.09 -25.38 -14.00
N MET D 121 18.11 -25.66 -14.81
CA MET D 121 18.00 -26.66 -15.87
C MET D 121 18.13 -28.06 -15.27
N LYS D 122 17.09 -28.45 -14.53
CA LYS D 122 17.03 -29.76 -13.90
C LYS D 122 15.75 -30.48 -14.27
N ARG D 123 14.68 -29.71 -14.52
CA ARG D 123 13.41 -30.32 -14.90
C ARG D 123 13.52 -30.90 -16.31
N PRO D 124 12.84 -32.02 -16.58
CA PRO D 124 12.88 -32.59 -17.92
C PRO D 124 12.41 -31.58 -18.96
N GLY D 125 13.15 -31.50 -20.06
CA GLY D 125 12.83 -30.57 -21.13
C GLY D 125 13.75 -29.37 -21.16
N GLU D 126 14.08 -28.84 -19.98
CA GLU D 126 14.98 -27.69 -19.88
C GLU D 126 16.43 -28.09 -19.78
N ASP D 127 16.73 -29.28 -19.26
CA ASP D 127 18.10 -29.75 -19.10
C ASP D 127 18.61 -30.51 -20.32
N LYS D 128 17.77 -30.68 -21.35
CA LYS D 128 18.19 -31.38 -22.56
C LYS D 128 18.75 -30.44 -23.61
N VAL D 129 18.22 -29.21 -23.71
CA VAL D 129 18.68 -28.23 -24.68
C VAL D 129 19.80 -27.44 -24.01
N ARG D 130 21.03 -27.98 -24.10
CA ARG D 130 22.19 -27.31 -23.53
C ARG D 130 23.44 -27.90 -24.17
N PRO D 131 24.48 -27.10 -24.41
CA PRO D 131 25.69 -27.65 -25.02
C PRO D 131 26.39 -28.64 -24.11
N ALA D 132 27.06 -29.61 -24.73
CA ALA D 132 27.80 -30.63 -24.00
C ALA D 132 28.98 -31.07 -24.84
N CYS D 133 30.12 -31.28 -24.18
CA CYS D 133 31.33 -31.71 -24.86
C CYS D 133 32.23 -32.39 -23.83
N GLN D 134 33.38 -32.88 -24.30
CA GLN D 134 34.36 -33.56 -23.46
C GLN D 134 35.53 -32.66 -23.08
N HIS D 135 35.41 -31.36 -23.31
CA HIS D 135 36.50 -30.45 -22.98
C HIS D 135 36.67 -30.34 -21.46
N LYS D 136 37.86 -29.89 -21.06
CA LYS D 136 38.18 -29.77 -19.64
C LYS D 136 37.34 -28.70 -18.94
N GLN D 137 36.68 -27.82 -19.70
CA GLN D 137 35.85 -26.78 -19.06
C GLN D 137 34.68 -27.37 -18.30
N ARG D 138 34.23 -28.57 -18.65
CA ARG D 138 33.13 -29.22 -17.96
C ARG D 138 33.57 -30.01 -16.74
N ARG D 139 34.87 -30.17 -16.53
CA ARG D 139 35.37 -30.91 -15.38
C ARG D 139 35.35 -30.03 -14.13
N CYS D 140 35.55 -30.66 -12.98
CA CYS D 140 35.55 -29.97 -11.71
C CYS D 140 36.58 -30.60 -10.79
N SER D 141 37.01 -29.83 -9.79
CA SER D 141 38.01 -30.25 -8.81
C SER D 141 37.37 -30.25 -7.42
N LEU D 142 38.20 -30.50 -6.41
CA LEU D 142 37.71 -30.53 -5.04
C LEU D 142 37.15 -29.19 -4.59
N ALA D 143 37.56 -28.10 -5.23
CA ALA D 143 37.04 -26.79 -4.86
C ALA D 143 35.54 -26.69 -5.10
N SER D 144 35.05 -27.25 -6.21
CA SER D 144 33.63 -27.20 -6.52
C SER D 144 32.83 -28.16 -5.64
N VAL D 145 33.43 -29.26 -5.21
CA VAL D 145 32.74 -30.24 -4.38
C VAL D 145 32.69 -29.71 -2.95
N GLU D 146 31.48 -29.50 -2.44
CA GLU D 146 31.27 -28.97 -1.11
C GLU D 146 31.02 -30.07 -0.07
N MET D 147 31.44 -31.30 -0.37
CA MET D 147 31.23 -32.39 0.58
C MET D 147 32.14 -32.29 1.80
N SER D 148 33.24 -31.55 1.70
CA SER D 148 34.18 -31.36 2.79
C SER D 148 34.11 -29.94 3.35
N ALA D 149 32.91 -29.38 3.40
CA ALA D 149 32.70 -28.03 3.92
C ALA D 149 33.53 -27.01 3.13
N VAL D 150 33.54 -27.14 1.82
CA VAL D 150 34.28 -26.25 0.94
C VAL D 150 33.39 -25.05 0.61
N ALA D 151 33.98 -23.86 0.66
CA ALA D 151 33.23 -22.64 0.38
C ALA D 151 32.83 -22.60 -1.10
N PRO D 152 31.77 -21.87 -1.44
CA PRO D 152 31.36 -21.80 -2.83
C PRO D 152 32.47 -21.21 -3.68
N PRO D 153 32.62 -21.66 -4.92
CA PRO D 153 33.65 -21.10 -5.80
C PRO D 153 33.43 -19.60 -6.00
N PRO D 154 34.50 -18.82 -6.12
CA PRO D 154 34.34 -17.37 -6.34
C PRO D 154 33.49 -17.10 -7.57
N ALA D 155 32.42 -16.32 -7.39
CA ALA D 155 31.53 -15.97 -8.48
C ALA D 155 30.85 -14.66 -8.15
N SER D 156 30.32 -14.01 -9.19
CA SER D 156 29.63 -12.74 -9.05
C SER D 156 28.12 -12.91 -8.88
N ASN D 157 27.62 -14.14 -8.81
CA ASN D 157 26.20 -14.41 -8.64
C ASN D 157 25.76 -14.38 -7.18
N GLY D 158 26.68 -14.18 -6.25
CA GLY D 158 26.34 -14.14 -4.84
C GLY D 158 27.19 -15.08 -4.00
N ASN D 159 28.27 -15.60 -4.57
CA ASN D 159 29.16 -16.50 -3.85
C ASN D 159 30.32 -15.77 -3.21
N LEU D 160 30.85 -14.74 -3.88
CA LEU D 160 31.96 -13.97 -3.32
C LEU D 160 31.54 -13.19 -2.08
N LEU D 161 30.31 -12.66 -2.06
CA LEU D 161 29.85 -11.90 -0.91
C LEU D 161 29.71 -12.78 0.32
N TYR D 162 29.49 -14.08 0.14
CA TYR D 162 29.34 -14.97 1.29
C TYR D 162 30.68 -15.18 2.00
N ILE D 163 31.80 -15.04 1.29
CA ILE D 163 33.11 -15.22 1.89
C ILE D 163 33.64 -13.92 2.48
N GLY D 164 33.45 -12.80 1.76
CA GLY D 164 33.97 -11.53 2.22
C GLY D 164 33.08 -10.87 3.26
N PHE D 165 31.83 -10.57 2.90
CA PHE D 165 30.93 -9.92 3.84
C PHE D 165 30.59 -10.83 5.01
N ARG D 166 30.21 -12.08 4.73
CA ARG D 166 29.89 -13.05 5.78
C ARG D 166 31.10 -13.91 6.10
N GLY D 167 32.17 -13.23 6.53
CA GLY D 167 33.40 -13.94 6.85
C GLY D 167 33.29 -14.79 8.09
N LEU D 168 32.40 -14.43 9.01
CA LEU D 168 32.21 -15.17 10.25
C LEU D 168 33.52 -15.31 11.01
N ASP D 169 34.07 -14.16 11.41
CA ASP D 169 35.36 -14.10 12.10
C ASP D 169 36.45 -14.75 11.29
N GLY D 170 36.41 -14.54 9.97
CA GLY D 170 37.39 -15.11 9.07
C GLY D 170 38.46 -14.12 8.64
N VAL D 171 38.32 -13.58 7.43
CA VAL D 171 39.29 -12.63 6.90
C VAL D 171 38.82 -11.18 7.00
N HIS D 172 37.51 -10.94 7.05
CA HIS D 172 37.01 -9.58 7.13
C HIS D 172 37.03 -9.06 8.56
N CYS D 173 36.30 -9.72 9.46
CA CYS D 173 36.18 -9.23 10.83
C CYS D 173 37.52 -9.36 11.58
N VAL D 174 38.19 -10.50 11.45
CA VAL D 174 39.40 -10.77 12.20
C VAL D 174 40.51 -11.23 11.25
N PRO D 175 41.19 -10.30 10.55
CA PRO D 175 42.27 -10.66 9.63
C PRO D 175 43.62 -10.91 10.33
N THR D 176 43.58 -11.66 11.42
CA THR D 176 44.83 -11.99 12.12
C THR D 176 45.79 -12.81 11.27
N PRO D 177 45.35 -13.83 10.53
CA PRO D 177 46.32 -14.64 9.77
C PRO D 177 47.08 -13.81 8.76
N ASP D 178 48.38 -13.70 8.97
CA ASP D 178 49.23 -12.91 8.08
C ASP D 178 50.69 -13.20 8.41
N SER D 179 51.54 -13.16 7.39
CA SER D 179 52.97 -13.38 7.58
C SER D 179 53.67 -12.18 8.20
N GLY D 180 53.00 -11.04 8.31
CA GLY D 180 53.60 -9.85 8.87
C GLY D 180 53.67 -8.71 7.88
N VAL D 181 52.82 -8.74 6.85
CA VAL D 181 52.83 -7.69 5.85
C VAL D 181 52.32 -6.38 6.45
N VAL D 182 51.32 -6.46 7.33
CA VAL D 182 50.76 -5.26 7.94
C VAL D 182 51.82 -4.52 8.76
N CYS D 183 52.79 -5.25 9.31
CA CYS D 183 53.85 -4.66 10.11
C CYS D 183 55.23 -4.97 9.55
N GLY D 184 55.31 -5.43 8.31
CA GLY D 184 56.58 -5.73 7.67
C GLY D 184 56.79 -5.01 6.36
N ARG D 185 55.69 -4.52 5.77
CA ARG D 185 55.72 -3.81 4.50
C ARG D 185 54.86 -2.56 4.63
N MET D 186 54.85 -1.77 3.54
CA MET D 186 54.08 -0.52 3.49
C MET D 186 52.82 -0.68 2.66
N ALA D 187 52.18 -1.85 2.72
CA ALA D 187 50.97 -2.11 1.95
C ALA D 187 49.77 -1.53 2.72
N CYS D 188 49.63 -0.21 2.60
CA CYS D 188 48.53 0.51 3.26
C CYS D 188 48.57 0.34 4.77
N SER D 189 49.77 0.16 5.34
CA SER D 189 49.93 0.00 6.77
C SER D 189 51.35 0.33 7.15
N PRO D 190 51.60 0.96 8.29
CA PRO D 190 52.98 1.29 8.68
C PRO D 190 53.79 0.03 8.95
N THR D 191 55.09 0.13 8.69
CA THR D 191 56.02 -0.98 8.91
C THR D 191 56.45 -0.99 10.37
N HIS D 192 55.50 -1.36 11.23
CA HIS D 192 55.74 -1.42 12.67
C HIS D 192 56.30 -0.10 13.19
N ASP D 193 55.74 1.00 12.73
CA ASP D 193 56.18 2.34 13.12
C ASP D 193 55.62 2.66 14.49
N GLU D 194 56.45 2.54 15.53
CA GLU D 194 56.01 2.85 16.88
C GLU D 194 55.79 4.35 17.09
N HIS D 195 56.28 5.19 16.18
CA HIS D 195 56.11 6.64 16.25
C HIS D 195 55.07 7.14 15.26
N LEU D 196 54.01 6.37 15.05
CA LEU D 196 52.95 6.74 14.10
C LEU D 196 52.13 7.86 14.72
N LEU D 197 52.66 9.08 14.62
CA LEU D 197 52.01 10.27 15.15
C LEU D 197 51.51 11.11 13.98
N HIS D 198 50.24 11.53 14.05
CA HIS D 198 49.63 12.35 13.00
C HIS D 198 50.10 13.80 13.17
N GLY D 199 51.35 14.04 12.76
CA GLY D 199 51.92 15.36 12.89
C GLY D 199 52.05 15.82 14.33
N GLY D 200 52.37 14.91 15.24
CA GLY D 200 52.49 15.21 16.64
C GLY D 200 51.29 14.81 17.48
N GLN D 201 50.17 14.46 16.85
CA GLN D 201 48.96 14.07 17.55
C GLN D 201 48.57 12.64 17.19
N PRO D 202 47.87 11.95 18.08
CA PRO D 202 47.43 10.58 17.77
C PRO D 202 46.25 10.59 16.81
N PRO D 203 45.91 9.43 16.21
CA PRO D 203 44.79 9.34 15.25
C PRO D 203 43.42 9.26 15.92
N GLU D 204 43.18 10.15 16.88
CA GLU D 204 41.89 10.23 17.58
C GLU D 204 41.46 11.68 17.65
N GLY D 205 41.53 12.38 16.52
CA GLY D 205 41.20 13.80 16.49
C GLY D 205 39.83 14.09 17.05
N ASP D 206 38.84 13.28 16.66
CA ASP D 206 37.46 13.47 17.10
C ASP D 206 36.97 12.18 17.75
N PRO D 207 37.20 12.02 19.05
CA PRO D 207 36.70 10.82 19.73
C PRO D 207 35.19 10.67 19.66
N ASP D 208 34.46 11.78 19.57
CA ASP D 208 33.00 11.73 19.49
C ASP D 208 32.49 11.22 18.15
N LEU D 209 33.35 11.18 17.12
CA LEU D 209 32.93 10.67 15.83
C LEU D 209 32.63 9.18 15.87
N ALA D 210 33.23 8.44 16.83
CA ALA D 210 32.96 7.02 16.94
C ALA D 210 31.49 6.75 17.24
N LYS D 211 30.89 7.59 18.09
CA LYS D 211 29.48 7.42 18.41
C LYS D 211 28.61 7.59 17.17
N ILE D 212 28.94 8.58 16.33
CA ILE D 212 28.18 8.79 15.10
C ILE D 212 28.32 7.58 14.18
N LEU D 213 29.50 6.96 14.15
CA LEU D 213 29.69 5.78 13.31
C LEU D 213 28.75 4.66 13.70
N GLU D 214 28.60 4.42 15.02
CA GLU D 214 27.65 3.41 15.47
C GLU D 214 26.23 3.76 15.07
N GLU D 215 25.84 5.03 15.24
CA GLU D 215 24.51 5.45 14.82
C GLU D 215 24.37 5.37 13.31
N VAL D 216 25.40 5.78 12.56
CA VAL D 216 25.36 5.67 11.11
C VAL D 216 25.37 4.21 10.69
N ARG D 217 26.11 3.37 11.40
CA ARG D 217 26.14 1.94 11.08
C ARG D 217 24.76 1.32 11.24
N TYR D 218 24.04 1.70 12.30
CA TYR D 218 22.69 1.17 12.49
C TYR D 218 21.78 1.59 11.35
N ILE D 219 21.89 2.86 10.90
CA ILE D 219 21.09 3.31 9.77
C ILE D 219 21.43 2.51 8.52
N ALA D 220 22.73 2.30 8.28
CA ALA D 220 23.14 1.45 7.16
C ALA D 220 22.74 0.00 7.40
N ASN D 221 22.83 -0.47 8.66
CA ASN D 221 22.43 -1.83 8.96
C ASN D 221 20.94 -2.03 8.78
N ARG D 222 20.13 -1.02 9.11
CA ARG D 222 18.69 -1.14 8.92
C ARG D 222 18.35 -1.32 7.44
N PHE D 223 19.01 -0.56 6.57
CA PHE D 223 18.82 -0.76 5.13
C PHE D 223 19.37 -2.10 4.67
N ARG D 224 20.48 -2.55 5.27
CA ARG D 224 21.00 -3.87 4.96
C ARG D 224 20.02 -4.96 5.38
N CYS D 225 19.38 -4.77 6.55
CA CYS D 225 18.37 -5.73 6.98
C CYS D 225 17.15 -5.71 6.04
N GLN D 226 16.79 -4.54 5.53
CA GLN D 226 15.70 -4.48 4.56
C GLN D 226 16.07 -5.20 3.27
N ASP D 227 17.32 -5.05 2.83
CA ASP D 227 17.78 -5.80 1.66
C ASP D 227 17.97 -7.27 1.99
N GLU D 228 18.37 -7.58 3.22
CA GLU D 228 18.49 -8.97 3.64
C GLU D 228 17.13 -9.61 3.93
N SER D 229 16.09 -8.80 4.14
CA SER D 229 14.77 -9.34 4.35
C SER D 229 14.23 -10.04 3.11
N GLU D 230 14.79 -9.75 1.94
CA GLU D 230 14.37 -10.45 0.72
C GLU D 230 14.65 -11.94 0.83
N ALA D 231 15.81 -12.31 1.39
CA ALA D 231 16.12 -13.72 1.60
C ALA D 231 15.12 -14.35 2.58
N VAL D 232 14.79 -13.63 3.65
CA VAL D 232 13.76 -14.12 4.57
C VAL D 232 12.41 -14.18 3.86
N CYS D 233 12.08 -13.14 3.10
CA CYS D 233 10.84 -13.16 2.31
C CYS D 233 10.93 -14.10 1.13
N SER D 234 12.13 -14.40 0.65
CA SER D 234 12.29 -15.34 -0.45
C SER D 234 11.77 -16.72 -0.07
N GLU D 235 12.03 -17.15 1.16
CA GLU D 235 11.51 -18.44 1.62
C GLU D 235 9.99 -18.46 1.58
N TRP D 236 9.36 -17.35 1.98
CA TRP D 236 7.90 -17.26 1.88
C TRP D 236 7.45 -17.36 0.43
N LYS D 237 8.16 -16.69 -0.48
CA LYS D 237 7.84 -16.80 -1.90
C LYS D 237 8.03 -18.23 -2.39
N PHE D 238 9.12 -18.87 -1.95
CA PHE D 238 9.35 -20.26 -2.35
C PHE D 238 8.25 -21.17 -1.82
N ALA D 239 7.82 -20.95 -0.58
CA ALA D 239 6.72 -21.73 -0.02
C ALA D 239 5.44 -21.49 -0.80
N ALA D 240 5.19 -20.26 -1.24
CA ALA D 240 4.01 -19.97 -2.04
C ALA D 240 4.05 -20.71 -3.38
N CYS D 241 5.23 -20.82 -3.98
CA CYS D 241 5.32 -21.51 -5.27
C CYS D 241 5.08 -23.02 -5.12
N VAL D 242 5.39 -23.58 -3.95
CA VAL D 242 5.17 -25.02 -3.74
C VAL D 242 3.68 -25.34 -3.86
N VAL D 243 2.84 -24.54 -3.22
CA VAL D 243 1.40 -24.75 -3.32
C VAL D 243 0.92 -24.42 -4.73
N ASP D 244 1.47 -23.36 -5.33
CA ASP D 244 1.08 -23.00 -6.69
C ASP D 244 1.45 -24.10 -7.68
N ARG D 245 2.65 -24.67 -7.55
CA ARG D 245 3.06 -25.75 -8.43
C ARG D 245 2.37 -27.06 -8.08
N LEU D 246 2.02 -27.27 -6.81
CA LEU D 246 1.35 -28.50 -6.42
C LEU D 246 -0.01 -28.63 -7.12
N CYS D 247 -0.77 -27.53 -7.18
CA CYS D 247 -2.06 -27.56 -7.85
C CYS D 247 -1.92 -27.57 -9.37
N LEU D 248 -0.83 -27.05 -9.91
CA LEU D 248 -0.63 -27.09 -11.36
C LEU D 248 -0.45 -28.52 -11.85
N MET D 249 0.32 -29.33 -11.11
CA MET D 249 0.50 -30.72 -11.49
C MET D 249 -0.81 -31.49 -11.38
N ALA D 250 -1.59 -31.22 -10.32
CA ALA D 250 -2.86 -31.90 -10.14
C ALA D 250 -3.93 -31.41 -11.12
N PHE D 251 -3.76 -30.20 -11.67
CA PHE D 251 -4.73 -29.69 -12.63
C PHE D 251 -4.78 -30.59 -13.87
N SER D 252 -3.62 -31.01 -14.37
CA SER D 252 -3.59 -31.88 -15.54
C SER D 252 -4.25 -33.22 -15.24
N VAL D 253 -4.02 -33.78 -14.06
CA VAL D 253 -4.61 -35.06 -13.71
C VAL D 253 -6.13 -34.97 -13.72
N PHE D 254 -6.68 -33.92 -13.10
CA PHE D 254 -8.13 -33.73 -13.10
C PHE D 254 -8.62 -33.32 -14.48
N THR D 255 -7.88 -32.45 -15.17
CA THR D 255 -8.28 -32.05 -16.52
C THR D 255 -8.27 -33.23 -17.48
N ILE D 256 -7.25 -34.08 -17.39
CA ILE D 256 -7.17 -35.25 -18.26
C ILE D 256 -8.36 -36.18 -18.02
N ILE D 257 -8.68 -36.41 -16.75
CA ILE D 257 -9.81 -37.29 -16.42
C ILE D 257 -11.10 -36.71 -16.96
N CYS D 258 -11.31 -35.39 -16.76
CA CYS D 258 -12.50 -34.75 -17.29
C CYS D 258 -12.52 -34.78 -18.81
N THR D 259 -11.36 -34.53 -19.44
CA THR D 259 -11.29 -34.57 -20.90
C THR D 259 -11.60 -35.96 -21.43
N ILE D 260 -11.08 -37.00 -20.76
CA ILE D 260 -11.34 -38.37 -21.21
C ILE D 260 -12.82 -38.68 -21.15
N GLY D 261 -13.48 -38.30 -20.05
CA GLY D 261 -14.90 -38.55 -19.94
C GLY D 261 -15.71 -37.83 -21.00
N ILE D 262 -15.35 -36.57 -21.27
CA ILE D 262 -16.06 -35.79 -22.29
C ILE D 262 -15.86 -36.44 -23.66
N LEU D 263 -14.64 -36.88 -23.97
CA LEU D 263 -14.37 -37.50 -25.26
C LEU D 263 -15.14 -38.79 -25.47
N MET D 264 -15.66 -39.40 -24.39
CA MET D 264 -16.43 -40.63 -24.50
C MET D 264 -17.93 -40.41 -24.57
N SER D 265 -18.43 -39.28 -24.05
CA SER D 265 -19.85 -38.98 -24.08
C SER D 265 -20.24 -38.06 -25.23
N ALA D 266 -19.29 -37.28 -25.76
CA ALA D 266 -19.61 -36.38 -26.86
C ALA D 266 -20.11 -37.12 -28.09
N PRO D 267 -19.50 -38.22 -28.53
CA PRO D 267 -20.01 -38.92 -29.72
C PRO D 267 -21.43 -39.41 -29.57
N ASN D 268 -21.89 -39.67 -28.34
CA ASN D 268 -23.24 -40.18 -28.12
C ASN D 268 -24.25 -39.06 -27.90
N PHE D 269 -23.88 -38.03 -27.13
CA PHE D 269 -24.78 -36.92 -26.83
C PHE D 269 -24.47 -35.69 -27.68
N VAL D 270 -23.22 -35.23 -27.69
CA VAL D 270 -22.83 -34.07 -28.47
C VAL D 270 -22.65 -34.46 -29.93
N LEU E 7 -38.76 0.24 -31.70
CA LEU E 7 -38.10 -1.06 -31.54
C LEU E 7 -37.90 -1.37 -30.06
N TYR E 8 -38.65 -2.36 -29.56
CA TYR E 8 -38.54 -2.75 -28.17
C TYR E 8 -37.28 -3.58 -27.93
N TYR E 9 -37.17 -4.72 -28.63
CA TYR E 9 -35.98 -5.56 -28.48
C TYR E 9 -34.77 -4.95 -29.17
N GLY E 10 -34.99 -4.15 -30.22
CA GLY E 10 -33.88 -3.56 -30.93
C GLY E 10 -33.10 -2.57 -30.06
N LEU E 11 -33.82 -1.83 -29.21
CA LEU E 11 -33.20 -0.86 -28.32
C LEU E 11 -32.85 -1.44 -26.96
N ASN E 12 -33.12 -2.74 -26.74
CA ASN E 12 -32.82 -3.38 -25.47
C ASN E 12 -31.82 -4.53 -25.59
N LEU E 13 -31.47 -4.94 -26.81
CA LEU E 13 -30.51 -6.02 -27.01
C LEU E 13 -29.32 -5.64 -27.89
N LEU E 14 -29.45 -4.59 -28.71
CA LEU E 14 -28.35 -4.15 -29.57
C LEU E 14 -27.49 -3.10 -28.88
N ILE E 15 -28.11 -2.11 -28.24
CA ILE E 15 -27.34 -1.07 -27.55
C ILE E 15 -26.48 -1.66 -26.45
N PRO E 16 -26.97 -2.55 -25.58
CA PRO E 16 -26.10 -3.12 -24.55
C PRO E 16 -24.90 -3.86 -25.13
N CYS E 17 -25.05 -4.49 -26.29
CA CYS E 17 -23.95 -5.26 -26.86
C CYS E 17 -22.74 -4.38 -27.15
N VAL E 18 -22.98 -3.20 -27.73
CA VAL E 18 -21.87 -2.30 -28.06
C VAL E 18 -21.36 -1.54 -26.84
N LEU E 19 -22.21 -1.34 -25.83
CA LEU E 19 -21.77 -0.64 -24.62
C LEU E 19 -20.72 -1.46 -23.89
N ILE E 20 -20.91 -2.77 -23.78
CA ILE E 20 -19.94 -3.61 -23.11
C ILE E 20 -18.62 -3.61 -23.87
N SER E 21 -18.68 -3.71 -25.20
CA SER E 21 -17.46 -3.71 -25.99
C SER E 21 -16.70 -2.40 -25.85
N ALA E 22 -17.42 -1.27 -25.83
CA ALA E 22 -16.77 0.02 -25.71
C ALA E 22 -16.12 0.18 -24.34
N LEU E 23 -16.65 -0.48 -23.31
CA LEU E 23 -16.05 -0.38 -21.99
C LEU E 23 -14.68 -1.05 -21.93
N ALA E 24 -14.51 -2.16 -22.66
CA ALA E 24 -13.21 -2.85 -22.66
C ALA E 24 -12.12 -2.00 -23.28
N LEU E 25 -12.49 -1.11 -24.22
CA LEU E 25 -11.49 -0.25 -24.83
C LEU E 25 -10.87 0.69 -23.81
N LEU E 26 -11.68 1.24 -22.90
CA LEU E 26 -11.16 2.13 -21.88
C LEU E 26 -10.19 1.41 -20.94
N VAL E 27 -10.34 0.09 -20.80
CA VAL E 27 -9.45 -0.66 -19.91
C VAL E 27 -8.02 -0.62 -20.42
N PHE E 28 -7.84 -0.63 -21.74
CA PHE E 28 -6.51 -0.61 -22.32
C PHE E 28 -5.82 0.74 -22.23
N LEU E 29 -6.54 1.79 -21.83
CA LEU E 29 -5.98 3.14 -21.74
C LEU E 29 -5.57 3.50 -20.32
N LEU E 30 -5.11 2.52 -19.53
CA LEU E 30 -4.69 2.75 -18.17
C LEU E 30 -3.18 2.52 -18.03
N PRO E 31 -2.52 3.19 -17.09
CA PRO E 31 -1.09 2.95 -16.89
C PRO E 31 -0.82 1.54 -16.41
N ALA E 32 0.36 1.04 -16.76
CA ALA E 32 0.75 -0.31 -16.35
C ALA E 32 0.98 -0.42 -14.85
N ASP E 33 1.13 0.71 -14.16
CA ASP E 33 1.36 0.72 -12.71
C ASP E 33 0.06 0.75 -11.91
N SER E 34 -1.09 0.84 -12.57
CA SER E 34 -2.38 0.86 -11.88
C SER E 34 -2.80 -0.58 -11.59
N GLY E 35 -2.43 -1.06 -10.41
CA GLY E 35 -2.76 -2.41 -10.00
C GLY E 35 -4.16 -2.59 -9.46
N GLU E 36 -4.92 -1.51 -9.31
CA GLU E 36 -6.29 -1.57 -8.81
C GLU E 36 -7.32 -1.67 -9.93
N LYS E 37 -6.89 -1.79 -11.17
CA LYS E 37 -7.81 -1.88 -12.31
C LYS E 37 -8.32 -3.29 -12.56
N ILE E 38 -7.88 -4.27 -11.77
CA ILE E 38 -8.37 -5.63 -11.95
C ILE E 38 -9.88 -5.69 -11.72
N SER E 39 -10.38 -4.91 -10.76
CA SER E 39 -11.81 -4.87 -10.52
C SER E 39 -12.57 -4.26 -11.71
N LEU E 40 -11.96 -3.27 -12.38
CA LEU E 40 -12.62 -2.64 -13.51
C LEU E 40 -12.87 -3.65 -14.63
N GLY E 41 -11.89 -4.49 -14.92
CA GLY E 41 -12.06 -5.49 -15.96
C GLY E 41 -12.99 -6.63 -15.56
N ILE E 42 -13.13 -6.89 -14.26
CA ILE E 42 -14.03 -7.94 -13.81
C ILE E 42 -15.48 -7.54 -14.06
N THR E 43 -15.80 -6.25 -13.87
CA THR E 43 -17.17 -5.80 -14.08
C THR E 43 -17.61 -5.96 -15.53
N VAL E 44 -16.67 -5.80 -16.47
CA VAL E 44 -17.02 -5.96 -17.88
C VAL E 44 -17.48 -7.39 -18.14
N LEU E 45 -16.76 -8.37 -17.61
CA LEU E 45 -17.18 -9.77 -17.76
C LEU E 45 -18.36 -10.09 -16.85
N LEU E 46 -18.37 -9.54 -15.63
CA LEU E 46 -19.48 -9.78 -14.72
C LEU E 46 -20.77 -9.20 -15.28
N SER E 47 -20.72 -8.00 -15.85
CA SER E 47 -21.91 -7.38 -16.41
C SER E 47 -22.39 -8.12 -17.66
N LEU E 48 -21.50 -8.79 -18.38
CA LEU E 48 -21.92 -9.55 -19.56
C LEU E 48 -22.77 -10.75 -19.18
N THR E 49 -22.49 -11.38 -18.04
CA THR E 49 -23.30 -12.52 -17.62
C THR E 49 -24.72 -12.09 -17.27
N VAL E 50 -24.88 -10.92 -16.67
CA VAL E 50 -26.22 -10.43 -16.35
C VAL E 50 -27.02 -10.21 -17.62
N PHE E 51 -26.41 -9.61 -18.63
CA PHE E 51 -27.09 -9.40 -19.91
C PHE E 51 -27.30 -10.70 -20.67
N MET E 52 -26.52 -11.74 -20.37
CA MET E 52 -26.68 -13.01 -21.06
C MET E 52 -28.05 -13.62 -20.78
N LEU E 53 -28.52 -13.51 -19.55
CA LEU E 53 -29.82 -14.09 -19.20
C LEU E 53 -30.93 -13.47 -20.03
N LEU E 54 -30.91 -12.14 -20.22
CA LEU E 54 -31.92 -11.49 -21.03
C LEU E 54 -31.85 -11.96 -22.47
N VAL E 55 -30.64 -12.10 -23.01
CA VAL E 55 -30.49 -12.55 -24.40
C VAL E 55 -30.97 -13.99 -24.53
N ALA E 56 -30.73 -14.82 -23.51
CA ALA E 56 -31.14 -16.22 -23.59
C ALA E 56 -32.65 -16.35 -23.71
N GLU E 57 -33.41 -15.53 -22.98
CA GLU E 57 -34.86 -15.60 -23.05
C GLU E 57 -35.35 -15.24 -24.45
N ILE E 58 -34.76 -14.22 -25.06
CA ILE E 58 -35.17 -13.81 -26.40
C ILE E 58 -34.86 -14.90 -27.42
N MET E 59 -33.73 -15.56 -27.26
CA MET E 59 -33.33 -16.61 -28.20
C MET E 59 -34.30 -17.79 -28.10
N PRO E 60 -34.94 -18.19 -29.20
CA PRO E 60 -35.83 -19.36 -29.13
C PRO E 60 -35.07 -20.61 -28.70
N SER E 61 -35.75 -21.45 -27.93
CA SER E 61 -35.17 -22.71 -27.45
C SER E 61 -35.20 -23.73 -28.59
N THR E 62 -34.20 -23.64 -29.45
CA THR E 62 -34.07 -24.52 -30.60
C THR E 62 -33.17 -25.70 -30.24
N SER E 63 -32.86 -26.53 -31.23
CA SER E 63 -32.00 -27.70 -31.04
C SER E 63 -30.65 -27.55 -31.74
N ASP E 64 -30.64 -27.12 -33.00
CA ASP E 64 -29.40 -26.95 -33.74
C ASP E 64 -29.40 -25.67 -34.57
N SER E 65 -30.28 -24.72 -34.26
CA SER E 65 -30.38 -23.45 -34.99
C SER E 65 -29.88 -22.34 -34.08
N SER E 66 -28.70 -21.80 -34.38
CA SER E 66 -28.12 -20.74 -33.60
C SER E 66 -28.54 -19.39 -34.17
N PRO E 67 -29.28 -18.55 -33.43
CA PRO E 67 -29.67 -17.24 -33.96
C PRO E 67 -28.44 -16.37 -34.21
N SER E 68 -28.67 -15.29 -34.97
CA SER E 68 -27.58 -14.37 -35.29
C SER E 68 -27.02 -13.72 -34.03
N ILE E 69 -27.85 -13.50 -33.01
CA ILE E 69 -27.38 -12.88 -31.79
C ILE E 69 -26.35 -13.76 -31.09
N ALA E 70 -26.48 -15.08 -31.23
CA ALA E 70 -25.53 -15.98 -30.58
C ALA E 70 -24.12 -15.75 -31.10
N GLN E 71 -23.96 -15.60 -32.42
CA GLN E 71 -22.64 -15.34 -32.98
C GLN E 71 -22.10 -13.99 -32.52
N TYR E 72 -22.96 -12.96 -32.50
CA TYR E 72 -22.52 -11.65 -32.05
C TYR E 72 -22.18 -11.67 -30.57
N PHE E 73 -22.97 -12.38 -29.76
CA PHE E 73 -22.68 -12.47 -28.33
C PHE E 73 -21.33 -13.15 -28.09
N ALA E 74 -21.05 -14.21 -28.84
CA ALA E 74 -19.76 -14.90 -28.68
C ALA E 74 -18.60 -13.98 -29.05
N SER E 75 -18.77 -13.18 -30.11
CA SER E 75 -17.71 -12.25 -30.50
C SER E 75 -17.45 -11.23 -29.39
N THR E 76 -18.51 -10.74 -28.75
CA THR E 76 -18.33 -9.80 -27.65
C THR E 76 -17.55 -10.43 -26.50
N MET E 77 -17.75 -11.73 -26.26
CA MET E 77 -17.01 -12.40 -25.18
C MET E 77 -15.51 -12.38 -25.45
N ILE E 78 -15.12 -12.56 -26.71
CA ILE E 78 -13.69 -12.53 -27.05
C ILE E 78 -13.11 -11.17 -26.73
N ILE E 79 -13.82 -10.09 -27.10
CA ILE E 79 -13.34 -8.74 -26.81
C ILE E 79 -13.27 -8.53 -25.30
N VAL E 80 -14.29 -8.96 -24.57
CA VAL E 80 -14.29 -8.81 -23.11
C VAL E 80 -13.20 -9.68 -22.50
N GLY E 81 -12.98 -10.88 -23.04
CA GLY E 81 -11.95 -11.75 -22.51
C GLY E 81 -10.56 -11.14 -22.60
N LEU E 82 -10.28 -10.39 -23.66
CA LEU E 82 -8.97 -9.77 -23.80
C LEU E 82 -8.71 -8.77 -22.67
N SER E 83 -9.73 -8.00 -22.28
CA SER E 83 -9.55 -7.02 -21.22
C SER E 83 -9.17 -7.71 -19.91
N VAL E 84 -9.82 -8.84 -19.60
CA VAL E 84 -9.50 -9.57 -18.38
C VAL E 84 -8.06 -10.08 -18.43
N VAL E 85 -7.65 -10.60 -19.58
CA VAL E 85 -6.28 -11.12 -19.72
C VAL E 85 -5.27 -10.00 -19.53
N VAL E 86 -5.53 -8.83 -20.11
CA VAL E 86 -4.60 -7.72 -19.99
C VAL E 86 -4.47 -7.30 -18.54
N THR E 87 -5.59 -7.18 -17.83
CA THR E 87 -5.55 -6.76 -16.44
C THR E 87 -4.76 -7.75 -15.58
N VAL E 88 -4.97 -9.04 -15.78
CA VAL E 88 -4.27 -10.05 -15.00
C VAL E 88 -2.77 -10.00 -15.29
N ILE E 89 -2.41 -9.93 -16.57
CA ILE E 89 -1.00 -9.89 -16.93
C ILE E 89 -0.34 -8.61 -16.44
N VAL E 90 -1.05 -7.48 -16.55
CA VAL E 90 -0.49 -6.20 -16.11
C VAL E 90 -0.22 -6.25 -14.61
N LEU E 91 -1.11 -6.90 -13.85
CA LEU E 91 -0.92 -6.98 -12.41
C LEU E 91 0.37 -7.73 -12.05
N GLN E 92 0.71 -8.76 -12.82
CA GLN E 92 1.92 -9.52 -12.53
C GLN E 92 3.16 -8.64 -12.65
N TYR E 93 3.22 -7.81 -13.68
CA TYR E 93 4.38 -6.93 -13.87
C TYR E 93 4.47 -5.91 -12.74
N HIS E 94 3.32 -5.39 -12.29
CA HIS E 94 3.33 -4.40 -11.21
C HIS E 94 3.90 -4.99 -9.92
N HIS E 95 3.55 -6.24 -9.62
CA HIS E 95 4.01 -6.93 -8.42
C HIS E 95 4.88 -8.12 -8.78
N HIS E 96 5.75 -7.94 -9.77
CA HIS E 96 6.64 -9.01 -10.19
C HIS E 96 7.75 -9.22 -9.17
N ASP E 97 8.29 -10.43 -9.15
CA ASP E 97 9.37 -10.76 -8.21
C ASP E 97 10.62 -9.98 -8.56
N PRO E 98 11.21 -9.21 -7.64
CA PRO E 98 12.46 -8.50 -7.98
C PRO E 98 13.61 -9.43 -8.32
N ASP E 99 13.57 -10.69 -7.88
CA ASP E 99 14.67 -11.61 -8.15
C ASP E 99 14.85 -11.83 -9.65
N GLY E 100 13.78 -11.71 -10.42
CA GLY E 100 13.86 -11.90 -11.86
C GLY E 100 13.06 -10.89 -12.64
N GLY E 101 12.50 -11.31 -13.77
CA GLY E 101 11.70 -10.43 -14.61
C GLY E 101 12.47 -9.71 -15.70
N LYS E 102 13.60 -9.10 -15.34
CA LYS E 102 14.43 -8.37 -16.29
C LYS E 102 15.35 -9.34 -17.03
N MET E 103 14.71 -10.21 -17.81
CA MET E 103 15.42 -11.20 -18.61
C MET E 103 14.45 -11.91 -19.54
N PRO E 104 14.90 -12.44 -20.69
CA PRO E 104 16.29 -12.39 -21.17
C PRO E 104 16.65 -11.04 -21.80
N LYS E 105 17.92 -10.87 -22.15
CA LYS E 105 18.35 -9.61 -22.76
C LYS E 105 17.74 -9.42 -24.14
N TRP E 106 17.49 -10.51 -24.87
CA TRP E 106 16.90 -10.39 -26.19
C TRP E 106 15.52 -9.76 -26.14
N THR E 107 14.71 -10.15 -25.15
CA THR E 107 13.36 -9.59 -25.03
C THR E 107 13.42 -8.10 -24.73
N ARG E 108 14.38 -7.66 -23.92
CA ARG E 108 14.47 -6.25 -23.58
C ARG E 108 14.64 -5.37 -24.82
N VAL E 109 15.37 -5.86 -25.82
CA VAL E 109 15.54 -5.08 -27.05
C VAL E 109 14.20 -4.85 -27.72
N ILE E 110 13.36 -5.90 -27.79
CA ILE E 110 12.06 -5.77 -28.43
C ILE E 110 11.20 -4.76 -27.69
N LEU E 111 11.22 -4.80 -26.34
CA LEU E 111 10.37 -3.90 -25.56
C LEU E 111 10.72 -2.45 -25.84
N LEU E 112 12.01 -2.12 -25.90
CA LEU E 112 12.40 -0.73 -26.15
C LEU E 112 11.95 -0.28 -27.54
N ASN E 113 12.13 -1.13 -28.55
CA ASN E 113 11.74 -0.75 -29.90
C ASN E 113 10.22 -0.64 -30.03
N TRP E 114 9.49 -1.61 -29.47
CA TRP E 114 8.03 -1.58 -29.59
C TRP E 114 7.44 -0.35 -28.93
N CYS E 115 7.90 -0.03 -27.72
CA CYS E 115 7.36 1.14 -27.01
C CYS E 115 7.80 2.44 -27.68
N ALA E 116 9.05 2.49 -28.17
CA ALA E 116 9.52 3.70 -28.83
C ALA E 116 8.73 3.99 -30.10
N TRP E 117 8.23 2.95 -30.76
CA TRP E 117 7.45 3.16 -31.97
C TRP E 117 6.18 3.94 -31.69
N PHE E 118 5.49 3.61 -30.60
CA PHE E 118 4.25 4.31 -30.26
C PHE E 118 4.53 5.61 -29.53
N LEU E 119 5.57 5.65 -28.70
CA LEU E 119 5.87 6.86 -27.93
C LEU E 119 6.53 7.91 -28.80
N ARG E 120 7.63 7.57 -29.46
CA ARG E 120 8.34 8.51 -30.31
C ARG E 120 7.58 8.71 -31.62
N MET E 121 8.00 9.72 -32.38
CA MET E 121 7.36 10.06 -33.66
C MET E 121 7.86 9.08 -34.73
N LYS E 122 7.39 7.84 -34.61
CA LYS E 122 7.73 6.80 -35.56
C LYS E 122 6.47 6.12 -36.09
N ARG E 123 5.43 6.07 -35.26
CA ARG E 123 4.17 5.45 -35.70
C ARG E 123 3.52 6.33 -36.76
N PRO E 124 2.85 5.73 -37.75
CA PRO E 124 2.17 6.54 -38.77
C PRO E 124 1.19 7.51 -38.13
N GLY E 125 1.21 8.75 -38.60
CA GLY E 125 0.33 9.78 -38.09
C GLY E 125 1.04 10.77 -37.19
N GLU E 126 1.95 10.27 -36.35
CA GLU E 126 2.71 11.12 -35.44
C GLU E 126 4.01 11.62 -36.07
N ASP E 127 4.58 10.88 -37.02
CA ASP E 127 5.82 11.26 -37.67
C ASP E 127 5.60 12.13 -38.90
N LYS E 128 4.35 12.41 -39.26
CA LYS E 128 4.06 13.24 -40.42
C LYS E 128 3.92 14.71 -40.06
N VAL E 129 3.38 15.01 -38.89
CA VAL E 129 3.19 16.40 -38.45
C VAL E 129 4.46 16.78 -37.70
N ARG E 130 5.46 17.26 -38.44
CA ARG E 130 6.72 17.70 -37.86
C ARG E 130 7.43 18.57 -38.87
N PRO E 131 8.16 19.59 -38.44
CA PRO E 131 8.87 20.44 -39.39
C PRO E 131 9.98 19.70 -40.10
N ALA E 132 10.26 20.13 -41.34
CA ALA E 132 11.29 19.52 -42.15
C ALA E 132 11.85 20.58 -43.11
N CYS E 133 13.16 20.57 -43.28
CA CYS E 133 13.83 21.52 -44.15
C CYS E 133 15.16 20.92 -44.60
N GLN E 134 15.87 21.67 -45.45
CA GLN E 134 17.16 21.25 -45.96
C GLN E 134 18.33 21.92 -45.25
N HIS E 135 18.07 22.57 -44.11
CA HIS E 135 19.13 23.24 -43.38
C HIS E 135 20.10 22.22 -42.78
N LYS E 136 21.30 22.71 -42.45
CA LYS E 136 22.33 21.85 -41.88
C LYS E 136 21.97 21.34 -40.49
N GLN E 137 20.97 21.93 -39.83
CA GLN E 137 20.58 21.47 -38.50
C GLN E 137 20.05 20.05 -38.52
N ARG E 138 19.52 19.59 -39.66
CA ARG E 138 19.00 18.24 -39.77
C ARG E 138 20.07 17.21 -40.13
N ARG E 139 21.29 17.65 -40.45
CA ARG E 139 22.36 16.74 -40.79
C ARG E 139 22.98 16.15 -39.53
N CYS E 140 23.82 15.13 -39.71
CA CYS E 140 24.48 14.47 -38.61
C CYS E 140 25.87 14.02 -39.06
N SER E 141 26.73 13.81 -38.07
CA SER E 141 28.11 13.38 -38.30
C SER E 141 28.34 12.01 -37.67
N LEU E 142 29.58 11.56 -37.69
CA LEU E 142 29.92 10.26 -37.12
C LEU E 142 29.64 10.19 -35.62
N ALA E 143 29.58 11.34 -34.94
CA ALA E 143 29.31 11.33 -33.51
C ALA E 143 27.92 10.80 -33.22
N SER E 144 26.93 11.18 -34.04
CA SER E 144 25.57 10.71 -33.83
C SER E 144 25.40 9.24 -34.22
N VAL E 145 26.20 8.75 -35.15
CA VAL E 145 26.10 7.37 -35.60
C VAL E 145 26.81 6.48 -34.59
N GLU E 146 26.07 5.56 -33.97
CA GLU E 146 26.60 4.66 -32.96
C GLU E 146 26.99 3.31 -33.54
N MET E 147 27.26 3.24 -34.85
CA MET E 147 27.64 1.98 -35.46
C MET E 147 29.05 1.56 -35.09
N SER E 148 29.90 2.49 -34.67
CA SER E 148 31.28 2.23 -34.28
C SER E 148 31.46 2.35 -32.77
N ALA E 149 30.45 1.94 -32.01
CA ALA E 149 30.49 2.01 -30.55
C ALA E 149 30.74 3.44 -30.08
N VAL E 150 30.05 4.38 -30.70
CA VAL E 150 30.16 5.79 -30.35
C VAL E 150 29.19 6.09 -29.20
N ALA E 151 29.68 6.85 -28.22
CA ALA E 151 28.85 7.19 -27.08
C ALA E 151 27.71 8.12 -27.49
N PRO E 152 26.61 8.13 -26.74
CA PRO E 152 25.50 9.01 -27.10
C PRO E 152 25.94 10.45 -27.10
N PRO E 153 25.40 11.27 -27.99
CA PRO E 153 25.76 12.70 -28.02
C PRO E 153 25.42 13.36 -26.69
N PRO E 154 26.23 14.32 -26.24
CA PRO E 154 25.92 14.99 -24.96
C PRO E 154 24.54 15.62 -24.99
N ALA E 155 23.72 15.26 -24.02
CA ALA E 155 22.37 15.79 -23.91
C ALA E 155 21.93 15.74 -22.46
N SER E 156 20.90 16.54 -22.15
CA SER E 156 20.35 16.60 -20.80
C SER E 156 19.19 15.64 -20.58
N ASN E 157 18.84 14.83 -21.59
CA ASN E 157 17.75 13.87 -21.47
C ASN E 157 18.18 12.56 -20.82
N GLY E 158 19.46 12.39 -20.50
CA GLY E 158 19.94 11.17 -19.88
C GLY E 158 21.15 10.58 -20.59
N ASN E 159 21.73 11.34 -21.52
CA ASN E 159 22.91 10.87 -22.24
C ASN E 159 24.21 11.30 -21.56
N LEU E 160 24.24 12.49 -20.97
CA LEU E 160 25.45 12.95 -20.29
C LEU E 160 25.73 12.13 -19.05
N LEU E 161 24.69 11.70 -18.33
CA LEU E 161 24.91 10.91 -17.12
C LEU E 161 25.50 9.55 -17.43
N TYR E 162 25.25 9.03 -18.63
CA TYR E 162 25.79 7.72 -18.99
C TYR E 162 27.31 7.77 -19.18
N ILE E 163 27.85 8.94 -19.53
CA ILE E 163 29.30 9.07 -19.73
C ILE E 163 29.99 9.44 -18.42
N GLY E 164 29.41 10.35 -17.65
CA GLY E 164 30.03 10.80 -16.41
C GLY E 164 29.83 9.84 -15.27
N PHE E 165 28.57 9.61 -14.89
CA PHE E 165 28.28 8.73 -13.75
C PHE E 165 28.68 7.29 -14.07
N ARG E 166 28.28 6.78 -15.24
CA ARG E 166 28.62 5.42 -15.65
C ARG E 166 29.88 5.42 -16.51
N GLY E 167 30.97 5.93 -15.92
CA GLY E 167 32.22 6.01 -16.64
C GLY E 167 32.79 4.65 -17.01
N LEU E 168 32.60 3.65 -16.15
CA LEU E 168 33.11 2.30 -16.38
C LEU E 168 34.62 2.33 -16.58
N ASP E 169 35.32 2.76 -15.51
CA ASP E 169 36.77 2.89 -15.55
C ASP E 169 37.21 3.84 -16.67
N GLY E 170 36.45 4.91 -16.86
CA GLY E 170 36.74 5.88 -17.90
C GLY E 170 37.41 7.13 -17.38
N VAL E 171 36.65 8.22 -17.27
CA VAL E 171 37.19 9.51 -16.83
C VAL E 171 36.84 9.74 -15.37
N HIS E 172 35.72 9.17 -14.92
CA HIS E 172 35.27 9.37 -13.55
C HIS E 172 35.99 8.44 -12.58
N CYS E 173 35.82 7.13 -12.77
CA CYS E 173 36.42 6.17 -11.84
C CYS E 173 37.94 6.23 -11.88
N VAL E 174 38.52 6.33 -13.07
CA VAL E 174 39.97 6.31 -13.23
C VAL E 174 40.40 7.50 -14.08
N PRO E 175 40.55 8.70 -13.50
CA PRO E 175 40.98 9.88 -14.27
C PRO E 175 42.49 9.95 -14.48
N THR E 176 43.07 8.85 -14.95
CA THR E 176 44.51 8.78 -15.19
C THR E 176 44.91 9.53 -16.47
N PRO E 177 44.12 9.44 -17.56
CA PRO E 177 44.53 10.13 -18.79
C PRO E 177 44.63 11.64 -18.60
N ASP E 178 45.85 12.18 -18.72
CA ASP E 178 46.08 13.60 -18.59
C ASP E 178 47.50 13.91 -19.03
N SER E 179 47.69 15.12 -19.57
CA SER E 179 49.01 15.57 -20.01
C SER E 179 49.90 15.98 -18.85
N GLY E 180 49.37 16.09 -17.64
CA GLY E 180 50.14 16.49 -16.49
C GLY E 180 49.60 17.74 -15.82
N VAL E 181 48.32 18.04 -16.06
CA VAL E 181 47.71 19.22 -15.46
C VAL E 181 47.54 19.03 -13.96
N VAL E 182 47.24 17.81 -13.50
CA VAL E 182 47.04 17.58 -12.08
C VAL E 182 48.32 17.81 -11.31
N CYS E 183 49.48 17.56 -11.92
CA CYS E 183 50.77 17.76 -11.27
C CYS E 183 51.64 18.76 -12.03
N GLY E 184 51.05 19.55 -12.91
CA GLY E 184 51.79 20.55 -13.65
C GLY E 184 51.20 21.95 -13.53
N ARG E 185 49.96 22.03 -13.09
CA ARG E 185 49.25 23.29 -12.92
C ARG E 185 48.55 23.31 -11.56
N MET E 186 47.93 24.43 -11.24
CA MET E 186 47.21 24.62 -9.98
C MET E 186 45.71 24.55 -10.18
N ALA E 187 45.25 23.69 -11.08
CA ALA E 187 43.82 23.54 -11.36
C ALA E 187 43.21 22.61 -10.31
N CYS E 188 42.97 23.16 -9.13
CA CYS E 188 42.39 22.42 -8.01
C CYS E 188 43.25 21.22 -7.62
N SER E 189 44.56 21.33 -7.83
CA SER E 189 45.48 20.24 -7.48
C SER E 189 46.87 20.82 -7.31
N PRO E 190 47.67 20.32 -6.36
CA PRO E 190 49.02 20.86 -6.21
C PRO E 190 49.90 20.56 -7.41
N THR E 191 50.85 21.46 -7.65
CA THR E 191 51.79 21.31 -8.77
C THR E 191 52.96 20.42 -8.34
N HIS E 192 52.65 19.14 -8.16
CA HIS E 192 53.64 18.14 -7.75
C HIS E 192 54.36 18.59 -6.47
N ASP E 193 53.60 19.11 -5.52
CA ASP E 193 54.16 19.60 -4.27
C ASP E 193 54.40 18.41 -3.35
N GLU E 194 55.67 18.00 -3.23
CA GLU E 194 56.02 16.89 -2.36
C GLU E 194 55.86 17.24 -0.89
N HIS E 195 55.76 18.53 -0.56
CA HIS E 195 55.60 18.99 0.82
C HIS E 195 54.17 19.42 1.12
N LEU E 196 53.18 18.71 0.55
CA LEU E 196 51.78 19.03 0.75
C LEU E 196 51.37 18.61 2.15
N LEU E 197 51.72 19.47 3.12
CA LEU E 197 51.41 19.25 4.52
C LEU E 197 50.33 20.22 4.97
N HIS E 198 49.30 19.70 5.63
CA HIS E 198 48.18 20.53 6.11
C HIS E 198 48.62 21.25 7.39
N GLY E 199 49.44 22.28 7.19
CA GLY E 199 49.93 23.05 8.33
C GLY E 199 50.80 22.23 9.26
N GLY E 200 51.60 21.31 8.72
CA GLY E 200 52.45 20.46 9.51
C GLY E 200 51.93 19.05 9.69
N GLN E 201 50.69 18.78 9.29
CA GLN E 201 50.09 17.46 9.44
C GLN E 201 49.59 16.96 8.09
N PRO E 202 49.51 15.64 7.91
CA PRO E 202 49.00 15.10 6.64
C PRO E 202 47.50 15.23 6.55
N PRO E 203 46.91 15.03 5.36
CA PRO E 203 45.45 15.15 5.17
C PRO E 203 44.67 13.92 5.61
N GLU E 204 44.97 13.43 6.82
CA GLU E 204 44.28 12.29 7.41
C GLU E 204 43.93 12.61 8.86
N GLY E 205 43.34 13.78 9.07
CA GLY E 205 43.03 14.22 10.42
C GLY E 205 42.16 13.23 11.17
N ASP E 206 41.14 12.69 10.49
CA ASP E 206 40.21 11.74 11.08
C ASP E 206 40.22 10.47 10.23
N PRO E 207 41.11 9.52 10.52
CA PRO E 207 41.11 8.26 9.75
C PRO E 207 39.82 7.49 9.89
N ASP E 208 39.10 7.65 11.00
CA ASP E 208 37.84 6.93 11.20
C ASP E 208 36.71 7.48 10.35
N LEU E 209 36.86 8.68 9.78
CA LEU E 209 35.82 9.23 8.92
C LEU E 209 35.65 8.43 7.64
N ALA E 210 36.68 7.70 7.22
CA ALA E 210 36.57 6.88 6.01
C ALA E 210 35.51 5.80 6.18
N LYS E 211 35.43 5.20 7.37
CA LYS E 211 34.42 4.18 7.62
C LYS E 211 33.02 4.75 7.49
N ILE E 212 32.80 5.96 8.00
CA ILE E 212 31.49 6.58 7.89
C ILE E 212 31.14 6.85 6.43
N LEU E 213 32.14 7.21 5.62
CA LEU E 213 31.90 7.46 4.22
C LEU E 213 31.37 6.21 3.52
N GLU E 214 31.96 5.04 3.82
CA GLU E 214 31.45 3.80 3.23
C GLU E 214 30.03 3.52 3.69
N GLU E 215 29.75 3.72 4.99
CA GLU E 215 28.40 3.53 5.48
C GLU E 215 27.45 4.57 4.88
N VAL E 216 27.89 5.82 4.78
CA VAL E 216 27.07 6.86 4.17
C VAL E 216 26.89 6.59 2.68
N ARG E 217 27.94 6.07 2.02
CA ARG E 217 27.84 5.75 0.60
C ARG E 217 26.79 4.66 0.38
N TYR E 218 26.75 3.65 1.24
CA TYR E 218 25.74 2.61 1.12
C TYR E 218 24.34 3.18 1.28
N ILE E 219 24.16 4.10 2.23
CA ILE E 219 22.85 4.73 2.40
C ILE E 219 22.48 5.51 1.15
N ALA E 220 23.42 6.26 0.58
CA ALA E 220 23.16 6.95 -0.68
C ALA E 220 23.03 5.97 -1.83
N ASN E 221 23.81 4.88 -1.80
CA ASN E 221 23.71 3.87 -2.85
C ASN E 221 22.36 3.18 -2.81
N ARG E 222 21.81 2.94 -1.61
CA ARG E 222 20.50 2.32 -1.50
C ARG E 222 19.43 3.19 -2.14
N PHE E 223 19.48 4.51 -1.90
CA PHE E 223 18.54 5.41 -2.57
C PHE E 223 18.82 5.48 -4.06
N ARG E 224 20.09 5.40 -4.47
CA ARG E 224 20.40 5.36 -5.90
C ARG E 224 19.86 4.09 -6.53
N CYS E 225 19.94 2.96 -5.81
CA CYS E 225 19.35 1.72 -6.33
C CYS E 225 17.84 1.83 -6.43
N GLN E 226 17.20 2.50 -5.46
CA GLN E 226 15.76 2.71 -5.56
C GLN E 226 15.41 3.57 -6.76
N ASP E 227 16.20 4.61 -7.02
CA ASP E 227 16.00 5.42 -8.22
C ASP E 227 16.37 4.65 -9.48
N GLU E 228 17.39 3.79 -9.39
CA GLU E 228 17.76 2.96 -10.53
C GLU E 228 16.80 1.79 -10.73
N SER E 229 16.02 1.43 -9.70
CA SER E 229 15.03 0.38 -9.85
C SER E 229 13.93 0.75 -10.83
N GLU E 230 13.75 2.03 -11.12
CA GLU E 230 12.77 2.43 -12.11
C GLU E 230 13.12 1.87 -13.49
N ALA E 231 14.40 1.90 -13.85
CA ALA E 231 14.84 1.30 -15.11
C ALA E 231 14.57 -0.20 -15.11
N VAL E 232 14.85 -0.88 -13.99
CA VAL E 232 14.51 -2.29 -13.88
C VAL E 232 13.01 -2.48 -13.93
N CYS E 233 12.26 -1.65 -13.22
CA CYS E 233 10.80 -1.71 -13.28
C CYS E 233 10.25 -1.15 -14.58
N SER E 234 11.03 -0.31 -15.28
CA SER E 234 10.58 0.22 -16.56
C SER E 234 10.38 -0.91 -17.57
N GLU E 235 11.28 -1.89 -17.57
CA GLU E 235 11.13 -3.03 -18.47
C GLU E 235 9.84 -3.78 -18.19
N TRP E 236 9.49 -3.94 -16.91
CA TRP E 236 8.21 -4.56 -16.57
C TRP E 236 7.04 -3.73 -17.11
N LYS E 237 7.12 -2.40 -16.97
CA LYS E 237 6.08 -1.55 -17.53
C LYS E 237 6.05 -1.67 -19.05
N PHE E 238 7.22 -1.71 -19.69
CA PHE E 238 7.25 -1.88 -21.14
C PHE E 238 6.65 -3.22 -21.55
N ALA E 239 6.96 -4.29 -20.80
CA ALA E 239 6.37 -5.59 -21.10
C ALA E 239 4.86 -5.56 -20.91
N ALA E 240 4.37 -4.83 -19.91
CA ALA E 240 2.93 -4.72 -19.71
C ALA E 240 2.27 -3.99 -20.88
N CYS E 241 2.92 -2.98 -21.44
CA CYS E 241 2.34 -2.25 -22.55
C CYS E 241 2.27 -3.10 -23.81
N VAL E 242 3.18 -4.06 -23.97
CA VAL E 242 3.15 -4.92 -25.14
C VAL E 242 1.86 -5.72 -25.19
N VAL E 243 1.47 -6.31 -24.05
CA VAL E 243 0.21 -7.04 -24.00
C VAL E 243 -0.97 -6.08 -24.11
N ASP E 244 -0.87 -4.92 -23.48
CA ASP E 244 -1.95 -3.94 -23.58
C ASP E 244 -2.14 -3.46 -25.01
N ARG E 245 -1.04 -3.19 -25.72
CA ARG E 245 -1.14 -2.76 -27.11
C ARG E 245 -1.49 -3.92 -28.04
N LEU E 246 -1.08 -5.15 -27.68
CA LEU E 246 -1.39 -6.30 -28.53
C LEU E 246 -2.90 -6.50 -28.63
N CYS E 247 -3.61 -6.39 -27.50
CA CYS E 247 -5.06 -6.55 -27.52
C CYS E 247 -5.76 -5.34 -28.12
N LEU E 248 -5.16 -4.15 -28.07
CA LEU E 248 -5.78 -2.99 -28.67
C LEU E 248 -5.84 -3.12 -30.19
N MET E 249 -4.76 -3.62 -30.80
CA MET E 249 -4.78 -3.83 -32.24
C MET E 249 -5.78 -4.90 -32.64
N ALA E 250 -5.87 -5.98 -31.84
CA ALA E 250 -6.82 -7.04 -32.15
C ALA E 250 -8.25 -6.63 -31.84
N PHE E 251 -8.46 -5.63 -30.98
CA PHE E 251 -9.81 -5.19 -30.69
C PHE E 251 -10.50 -4.64 -31.93
N SER E 252 -9.77 -3.86 -32.74
CA SER E 252 -10.36 -3.33 -33.96
C SER E 252 -10.71 -4.44 -34.94
N VAL E 253 -9.84 -5.45 -35.06
CA VAL E 253 -10.11 -6.55 -35.98
C VAL E 253 -11.39 -7.27 -35.59
N PHE E 254 -11.55 -7.57 -34.31
CA PHE E 254 -12.77 -8.23 -33.85
C PHE E 254 -13.96 -7.27 -33.89
N THR E 255 -13.74 -6.02 -33.50
CA THR E 255 -14.81 -5.04 -33.54
C THR E 255 -15.29 -4.80 -34.97
N ILE E 256 -14.35 -4.70 -35.91
CA ILE E 256 -14.73 -4.48 -37.31
C ILE E 256 -15.55 -5.66 -37.84
N ILE E 257 -15.12 -6.88 -37.52
CA ILE E 257 -15.85 -8.06 -37.97
C ILE E 257 -17.26 -8.07 -37.37
N CYS E 258 -17.37 -7.78 -36.08
CA CYS E 258 -18.68 -7.72 -35.44
C CYS E 258 -19.53 -6.59 -36.02
N THR E 259 -18.91 -5.43 -36.26
CA THR E 259 -19.64 -4.30 -36.84
C THR E 259 -20.14 -4.64 -38.25
N ILE E 260 -19.31 -5.31 -39.04
CA ILE E 260 -19.71 -5.66 -40.40
C ILE E 260 -20.91 -6.60 -40.37
N GLY E 261 -20.88 -7.60 -39.49
CA GLY E 261 -22.00 -8.52 -39.40
C GLY E 261 -23.28 -7.82 -38.96
N ILE E 262 -23.17 -6.91 -37.99
CA ILE E 262 -24.34 -6.17 -37.53
C ILE E 262 -24.92 -5.32 -38.64
N LEU E 263 -24.04 -4.65 -39.41
CA LEU E 263 -24.50 -3.79 -40.49
C LEU E 263 -25.21 -4.56 -41.59
N MET E 264 -25.04 -5.89 -41.64
CA MET E 264 -25.69 -6.71 -42.65
C MET E 264 -27.00 -7.32 -42.17
N SER E 265 -27.17 -7.50 -40.86
CA SER E 265 -28.38 -8.07 -40.30
C SER E 265 -29.37 -7.03 -39.81
N ALA E 266 -28.89 -5.81 -39.48
CA ALA E 266 -29.81 -4.77 -39.00
C ALA E 266 -30.86 -4.42 -40.03
N PRO E 267 -30.55 -4.23 -41.32
CA PRO E 267 -31.60 -3.87 -42.28
C PRO E 267 -32.70 -4.92 -42.38
N ASN E 268 -32.38 -6.19 -42.11
CA ASN E 268 -33.38 -7.25 -42.21
C ASN E 268 -34.15 -7.46 -40.91
N PHE E 269 -33.46 -7.42 -39.77
CA PHE E 269 -34.08 -7.62 -38.47
C PHE E 269 -34.33 -6.32 -37.73
N VAL E 270 -33.31 -5.49 -37.57
CA VAL E 270 -33.45 -4.22 -36.87
C VAL E 270 -34.06 -3.18 -37.80
C1 IVM F . -24.19 6.31 -27.95
O1 IVM F . -25.70 5.08 -24.07
C2 IVM F . -25.18 5.39 -27.20
O2 IVM F . -31.82 6.10 -27.75
C3 IVM F . -24.45 4.65 -26.07
O3 IVM F . -31.13 5.41 -32.06
C4 IVM F . -25.10 3.28 -25.85
O4 IVM F . -33.95 5.41 -31.82
C5 IVM F . -24.54 5.45 -24.78
O5 IVM F . -32.56 4.88 -35.89
C6 IVM F . -25.98 6.00 -23.01
O6 IVM F . -34.33 2.75 -35.42
C7 IVM F . -24.70 6.45 -22.33
O7 IVM F . -35.71 5.35 -33.27
C8 IVM F . -23.60 5.39 -22.44
O8 IVM F . -32.91 7.59 -29.10
C9 IVM F . -23.28 5.19 -23.93
O9 IVM F . -32.20 0.33 -21.22
C10 IVM F . -22.17 6.15 -24.34
O10 IVM F . -31.59 -2.05 -20.81
C11 IVM F . -26.83 4.96 -22.13
O11 IVM F . -27.30 1.97 -22.22
C12 IVM F . -28.04 4.41 -22.94
O12 IVM F . -28.86 3.63 -22.10
C13 IVM F . -28.82 5.59 -23.49
O13 IVM F . -29.61 0.43 -23.77
C14 IVM F . -27.92 6.34 -24.43
O14 IVM F . -26.84 6.91 -23.73
C15 IVM F . -28.70 7.50 -25.13
C16 IVM F . -29.89 6.95 -25.98
C17 IVM F . -31.21 7.12 -25.62
C18 IVM F . -31.62 7.88 -24.33
C19 IVM F . -32.34 6.55 -26.52
C20 IVM F . -31.67 7.11 -28.70
C21 IVM F . -30.85 6.56 -29.95
C22 IVM F . -31.75 5.63 -30.84
C23 IVM F . -29.90 4.71 -31.98
C24 IVM F . -33.08 6.30 -31.07
C25 IVM F . -34.55 6.07 -32.89
C26 IVM F . -33.55 6.17 -34.09
C27 IVM F . -33.29 4.76 -34.68
C28 IVM F . -31.19 5.27 -35.72
C29 IVM F . -34.59 4.08 -34.96
C30 IVM F . -35.41 4.03 -33.70
C31 IVM F . -36.71 3.27 -33.98
C32 IVM F . -33.68 6.60 -29.73
C33 IVM F . -35.14 7.13 -29.89
C34 IVM F . -33.04 5.41 -25.79
C35 IVM F . -34.37 5.09 -26.50
C36 IVM F . -32.17 4.15 -25.79
C37 IVM F . -32.64 3.13 -24.71
C38 IVM F . -31.60 2.01 -24.41
C39 IVM F . -31.17 1.99 -22.92
C40 IVM F . -32.42 1.81 -21.92
C41 IVM F . -31.33 -0.27 -22.25
C42 IVM F . -30.75 -1.53 -21.80
C43 IVM F . -29.27 -1.40 -21.19
C44 IVM F . -28.61 -0.08 -21.08
C45 IVM F . -29.40 1.18 -21.49
C46 IVM F . -28.42 2.26 -21.96
C47 IVM F . -30.34 0.81 -22.62
C48 IVM F . -28.53 -2.67 -20.68
H1 IVM F . -24.69 6.76 -28.81
H1A IVM F . -23.34 5.73 -28.29
H1B IVM F . -23.85 7.10 -27.28
H2 IVM F . -25.60 4.67 -27.90
H2A IVM F . -25.99 6.00 -26.78
H3 IVM F . -23.41 4.52 -26.34
H4 IVM F . -24.77 2.87 -24.90
H4A IVM F . -24.81 2.61 -26.65
H4B IVM F . -26.18 3.38 -25.85
H5 IVM F . -24.59 6.52 -25.03
HO6 IVM F . -34.00 2.78 -36.32
H7 IVM F . -24.91 6.64 -21.27
H7A IVM F . -24.37 7.39 -22.76
H8 IVM F . -23.94 4.45 -22.01
H8A IVM F . -22.71 5.74 -21.92
H9 IVM F . -22.94 4.16 -24.09
H10 IVM F . -21.26 5.91 -23.79
H10A IVM F . -22.47 7.17 -24.12
H10B IVM F . -21.97 6.05 -25.41
HO10 IVM F . -31.36 -1.68 -19.97
H11 IVM F . -27.19 5.48 -21.24
H11A IVM F . -26.18 4.14 -21.84
H12 IVM F . -27.68 3.81 -23.77
H13 IVM F . -29.13 6.24 -22.67
H13A IVM F . -29.69 5.22 -24.01
HO13 IVM F . -30.03 -0.30 -24.19
H14 IVM F . -27.56 5.66 -25.20
H15 IVM F . -28.01 8.03 -25.79
H15A IVM F . -29.05 8.20 -24.37
H16 IVM F . -29.66 6.41 -26.90
H18 IVM F . -31.16 8.70 -24.90
H18A IVM F . -31.03 8.35 -23.54
H18B IVM F . -31.18 6.98 -23.88
H19 IVM F . -33.06 7.35 -26.71
H20 IVM F . -31.11 7.93 -28.27
H21 IVM F . -29.99 5.99 -29.59
H21A IVM F . -30.49 7.40 -30.55
H22 IVM F . -31.91 4.68 -30.33
H23 IVM F . -29.72 4.17 -32.92
H23A IVM F . -29.94 4.00 -31.17
H23B IVM F . -29.09 5.41 -31.82
H24 IVM F . -32.93 7.23 -31.62
H25 IVM F . -34.85 7.07 -32.59
H26 IVM F . -32.60 6.60 -33.74
H26A IVM F . -33.98 6.81 -34.86
H27 IVM F . -32.72 4.17 -33.97
H28 IVM F . -30.65 5.08 -36.65
H28A IVM F . -30.75 4.70 -34.92
H28B IVM F . -31.14 6.33 -35.49
H29 IVM F . -35.12 4.64 -35.73
H30 IVM F . -34.85 3.52 -32.92
H31 IVM F . -36.49 2.22 -34.16
H31A IVM F . -37.20 3.70 -34.87
H31B IVM F . -37.38 3.36 -33.13
H32 IVM F . -33.69 5.69 -29.12
H33 IVM F . -35.75 6.36 -30.37
H33A IVM F . -35.13 8.02 -30.51
H33B IVM F . -35.54 7.36 -28.92
H34 IVM F . -33.25 5.71 -24.77
H35 IVM F . -35.06 4.65 -25.79
H35A IVM F . -34.19 4.37 -27.32
H35B IVM F . -34.81 5.99 -26.91
H36 IVM F . -31.13 4.42 -25.59
H37 IVM F . -32.90 3.66 -23.79
H38 IVM F . -30.73 2.17 -25.03
H40 IVM F . -32.41 2.59 -21.16
H40A IVM F . -33.37 1.85 -22.47
H41 IVM F . -31.95 -0.48 -23.12
H42 IVM F . -30.73 -2.22 -22.65
H44 IVM F . -27.66 0.02 -20.55
H45 IVM F . -29.97 1.54 -20.64
H48 IVM F . -27.46 -2.59 -20.89
H48A IVM F . -28.93 -3.55 -21.19
H48B IVM F . -28.68 -2.78 -19.61
C1 IVM G . -36.06 11.66 0.42
O1 IVM G . -34.95 7.46 1.07
C2 IVM G . -36.42 10.18 0.14
O2 IVM G . -42.09 7.24 1.97
C3 IVM G . -35.15 9.42 -0.31
O3 IVM G . -43.80 10.60 -0.36
C4 IVM G . -35.55 8.33 -1.30
O4 IVM G . -46.04 9.00 0.25
C5 IVM G . -34.48 8.79 0.90
O5 IVM G . -47.02 12.58 -1.99
C6 IVM G . -34.59 6.92 2.33
O6 IVM G . -48.17 10.45 -3.43
C7 IVM G . -33.17 7.33 2.71
O7 IVM G . -48.31 9.20 -0.01
C8 IVM G . -32.32 7.61 1.45
O8 IVM G . -43.81 8.31 3.03
C9 IVM G . -32.96 8.78 0.69
O9 IVM G . -38.19 -0.28 -0.80
C10 IVM G . -32.37 10.09 1.20
O10 IVM G . -37.66 -1.05 -3.26
C11 IVM G . -34.70 5.39 1.88
O11 IVM G . -35.00 3.91 -0.75
C12 IVM G . -36.14 5.07 1.35
O12 IVM G . -36.27 3.69 1.14
C13 IVM G . -37.15 5.53 2.37
O13 IVM G . -37.77 3.10 -2.06
C14 IVM G . -37.00 7.02 2.55
O14 IVM G . -35.74 7.33 3.09
C15 IVM G . -38.08 7.55 3.55
C16 IVM G . -39.53 7.33 2.99
C17 IVM G . -40.41 6.42 3.53
C18 IVM G . -40.02 5.53 4.75
C19 IVM G . -41.83 6.24 2.94
C20 IVM G . -42.53 8.46 2.52
C21 IVM G . -42.48 9.60 1.42
C22 IVM G . -43.68 9.44 0.41
C23 IVM G . -42.67 10.88 -1.18
C24 IVM G . -44.95 9.21 1.18
C25 IVM G . -47.15 9.78 0.57
C26 IVM G . -46.95 11.23 0.04
C27 IVM G . -46.98 11.24 -1.52
C28 IVM G . -45.79 13.29 -1.85
C29 IVM G . -48.19 10.53 -2.00
C30 IVM G . -48.22 9.13 -1.42
C31 IVM G . -49.44 8.38 -1.98
C32 IVM G . -44.76 8.02 2.05
C33 IVM G . -46.10 7.63 2.73
C34 IVM G . -41.96 4.86 2.32
C35 IVM G . -43.40 4.65 1.82
C36 IVM G . -40.98 4.69 1.16
C37 IVM G . -40.66 3.20 0.88
C38 IVM G . -39.76 2.98 -0.36
C39 IVM G . -38.49 2.15 -0.01
C40 IVM G . -38.86 0.65 0.39
C41 IVM G . -38.15 0.73 -1.86
C42 IVM G . -37.39 0.31 -3.02
C43 IVM G . -35.79 0.47 -2.84
C44 IVM G . -35.27 1.47 -1.86
C45 IVM G . -36.19 1.88 -0.70
C46 IVM G . -35.75 3.23 -0.14
C47 IVM G . -37.63 1.99 -1.19
C48 IVM G . -34.82 -0.23 -3.82
H1 IVM G . -36.97 12.22 0.66
H1A IVM G . -35.60 12.10 -0.47
H1B IVM G . -35.36 11.73 1.25
H2 IVM G . -37.17 10.14 -0.64
H2A IVM G . -36.81 9.74 1.06
H3 IVM G . -34.47 10.11 -0.78
H4 IVM G . -35.81 8.79 -2.26
H4A IVM G . -36.41 7.78 -0.92
H4B IVM G . -34.71 7.65 -1.45
H5 IVM G . -34.72 9.37 1.80
HO6 IVM G . -48.42 11.30 -3.80
H7 IVM G . -32.72 6.53 3.28
H7A IVM G . -33.21 8.21 3.34
H8 IVM G . -32.31 6.73 0.82
H8A IVM G . -31.30 7.87 1.75
H9 IVM G . -32.74 8.67 -0.38
H10 IVM G . -31.29 10.10 1.02
H10A IVM G . -32.56 10.18 2.27
H10B IVM G . -32.83 10.93 0.67
HO10 IVM G . -38.59 -1.20 -3.15
H11 IVM G . -34.49 4.75 2.74
H11A IVM G . -33.98 5.19 1.10
H12 IVM G . -36.29 5.60 0.42
H13 IVM G . -36.97 5.03 3.32
H13A IVM G . -38.14 5.30 2.01
HO13 IVM G . -38.36 2.88 -2.76
H14 IVM G . -37.14 7.51 1.60
H15 IVM G . -37.93 8.62 3.68
H15A IVM G . -37.96 7.06 4.50
H16 IVM G . -39.85 7.93 2.14
H18 IVM G . -40.01 6.52 5.23
H18A IVM G . -39.10 5.44 5.33
H18B IVM G . -39.38 5.08 4.00
H19 IVM G . -42.55 6.34 3.75
H20 IVM G . -41.86 8.74 3.33
H21 IVM G . -41.54 9.52 0.87
H21A IVM G . -42.54 10.58 1.90
H22 IVM G . -43.50 8.58 -0.25
H23 IVM G . -42.99 11.46 -2.05
H23A IVM G . -42.23 9.94 -1.52
H23B IVM G . -41.94 11.45 -0.61
H24 IVM G . -45.15 10.09 1.81
H25 IVM G . -47.28 9.81 1.65
H26 IVM G . -45.99 11.63 0.37
H26A IVM G . -47.75 11.87 0.40
H27 IVM G . -46.09 10.74 -1.91
H28 IVM G . -45.82 14.19 -2.46
H28A IVM G . -44.96 12.66 -2.17
H28B IVM G . -45.64 13.57 -0.80
H29 IVM G . -49.09 11.07 -1.67
H30 IVM G . -47.31 8.61 -1.71
H31 IVM G . -49.30 8.20 -3.04
H31A IVM G . -50.34 8.97 -1.82
H31B IVM G . -49.55 7.42 -1.46
H32 IVM G . -44.41 7.18 1.45
H33 IVM G . -46.83 7.38 1.97
H33A IVM G . -46.46 8.47 3.33
H33B IVM G . -45.94 6.77 3.39
H34 IVM G . -41.75 4.10 3.09
H35 IVM G . -43.59 3.60 1.68
H35A IVM G . -43.53 5.18 0.86
H35B IVM G . -44.11 5.05 2.55
H36 IVM G . -41.40 5.16 0.26
H37 IVM G . -41.59 2.64 0.77
H38 IVM G . -40.33 2.43 -1.12
H40 IVM G . -38.41 0.40 1.35
H40A IVM G . -39.94 0.51 0.44
H41 IVM G . -39.17 0.92 -2.18
H42 IVM G . -37.71 0.89 -3.89
H44 IVM G . -34.20 1.63 -1.79
H45 IVM G . -36.14 1.12 0.09
H48 IVM G . -34.00 0.44 -4.07
H48A IVM G . -35.35 -0.52 -4.73
H48B IVM G . -34.41 -1.13 -3.34
C1 IVM H . -30.41 -14.18 17.61
O1 IVM H . -29.01 -15.42 13.92
C2 IVM H . -30.90 -14.25 16.14
O2 IVM H . -34.55 -19.65 15.81
C3 IVM H . -29.88 -13.57 15.21
O3 IVM H . -37.24 -17.48 18.50
C4 IVM H . -30.59 -13.21 13.90
O4 IVM H . -38.70 -19.77 17.73
C5 IVM H . -28.70 -14.49 14.94
O5 IVM H . -40.94 -17.12 20.33
C6 IVM H . -28.03 -16.46 13.80
O6 IVM H . -42.61 -17.59 18.10
C7 IVM H . -26.62 -15.89 13.99
O7 IVM H . -40.72 -20.70 18.29
C8 IVM H . -26.56 -14.42 13.59
O8 IVM H . -35.26 -20.94 17.57
C9 IVM H . -27.48 -13.62 14.53
O9 IVM H . -32.88 -19.31 6.95
C10 IVM H . -26.71 -13.22 15.78
O10 IVM H . -31.19 -18.07 5.57
C11 IVM H . -28.35 -16.80 12.28
O11 IVM H . -30.14 -15.56 10.15
C12 IVM H . -29.81 -17.29 12.11
O12 IVM H . -30.03 -17.75 10.79
C13 IVM H . -30.06 -18.40 13.09
O13 IVM H . -33.06 -16.48 9.10
C14 IVM H . -29.92 -17.81 14.48
O14 IVM H . -28.59 -17.42 14.70
C15 IVM H . -30.31 -18.87 15.56
C16 IVM H . -31.84 -19.18 15.51
C17 IVM H . -32.33 -20.41 15.14
C18 IVM H . -31.41 -21.59 14.73
C19 IVM H . -33.87 -20.66 15.10
C20 IVM H . -34.54 -19.81 17.21
C21 IVM H . -35.13 -18.51 17.89
C22 IVM H . -36.69 -18.46 17.68
C23 IVM H . -36.82 -16.15 18.20
C24 IVM H . -37.29 -19.79 18.03
C25 IVM H . -39.46 -20.26 18.79
C26 IVM H . -39.67 -19.13 19.86
C27 IVM H . -40.58 -18.01 19.29
C28 IVM H . -39.89 -16.27 20.75
C29 IVM H . -41.82 -18.62 18.71
C30 IVM H . -41.45 -19.65 17.68
C31 IVM H . -42.73 -20.22 17.04
C32 IVM H . -36.62 -20.86 17.21
C33 IVM H . -37.29 -22.22 17.45
C34 IVM H . -34.33 -20.68 13.65
C35 IVM H . -35.86 -20.80 13.59
C36 IVM H . -33.90 -19.40 12.93
C37 IVM H . -33.40 -19.68 11.49
C38 IVM H . -33.09 -18.39 10.68
C39 IVM H . -32.33 -18.70 9.36
C40 IVM H . -33.09 -19.80 8.51
C41 IVM H . -32.89 -17.84 7.15
C42 IVM H . -32.23 -17.24 5.99
C43 IVM H . -31.63 -15.78 6.35
C44 IVM H . -30.81 -15.73 7.58
C45 IVM H . -30.83 -17.02 8.44
C46 IVM H . -30.31 -16.69 9.84
C47 IVM H . -32.28 -17.50 8.50
C48 IVM H . -31.50 -14.69 5.26
H1 IVM H . -31.23 -14.46 18.28
H1A IVM H . -30.09 -13.18 17.84
H1B IVM H . -29.58 -14.87 17.76
H2 IVM H . -31.86 -13.74 16.06
H2A IVM H . -31.02 -15.29 15.85
H3 IVM H . -29.52 -12.65 15.68
H4 IVM H . -29.91 -12.66 13.25
H4A IVM H . -31.45 -12.60 14.11
H4B IVM H . -30.91 -14.12 13.38
H5 IVM H . -28.44 -15.04 15.85
HO6 IVM H . -43.05 -17.08 18.78
H7 IVM H . -25.93 -16.47 13.38
H7A IVM H . -26.32 -16.02 15.04
H8 IVM H . -26.90 -14.29 12.55
H8A IVM H . -25.54 -14.05 13.69
H9 IVM H . -27.84 -12.73 14.02
H10 IVM H . -25.85 -12.61 15.49
H10A IVM H . -26.35 -14.11 16.29
H10B IVM H . -27.35 -12.64 16.43
HO10 IVM H . -31.50 -18.65 4.89
H11 IVM H . -27.67 -17.60 11.96
H11A IVM H . -28.18 -15.92 11.66
H12 IVM H . -30.50 -16.46 12.32
H13 IVM H . -29.34 -19.20 12.95
H13A IVM H . -31.07 -18.79 12.96
HO13 IVM H . -33.45 -15.93 8.44
H14 IVM H . -30.59 -16.96 14.56
H15 IVM H . -30.08 -18.45 16.54
H15A IVM H . -29.72 -19.76 15.41
H16 IVM H . -32.54 -18.40 15.77
H18 IVM H . -31.12 -21.48 15.78
H18A IVM H . -30.32 -21.67 14.63
H18B IVM H . -31.26 -20.95 13.87
H19 IVM H . -34.08 -21.62 15.55
H20 IVM H . -33.52 -19.93 17.54
H21 IVM H . -34.67 -17.62 17.45
H21A IVM H . -34.91 -18.54 18.97
H22 IVM H . -36.90 -18.23 16.64
H23 IVM H . -37.57 -15.45 18.52
H23A IVM H . -36.65 -16.05 17.13
H23B IVM H . -35.89 -15.94 18.74
H24 IVM H . -37.13 -20.00 19.09
H25 IVM H . -38.96 -21.10 19.25
H26 IVM H . -38.69 -18.71 20.13
H26A IVM H . -40.14 -19.57 20.74
H27 IVM H . -40.05 -17.48 18.51
H28 IVM H . -40.31 -15.45 21.35
H28A IVM H . -39.38 -15.85 19.90
H28B IVM H . -39.19 -16.83 21.37
H29 IVM H . -42.39 -19.10 19.51
H30 IVM H . -40.84 -19.19 16.90
H31 IVM H . -43.21 -19.45 16.45
H31A IVM H . -43.42 -20.54 17.84
H31B IVM H . -42.48 -21.06 16.41
H32 IVM H . -36.69 -20.58 16.15
H33 IVM H . -38.32 -22.18 17.11
H33A IVM H . -37.25 -22.46 18.51
H33B IVM H . -36.76 -22.99 16.88
H34 IVM H . -33.89 -21.54 13.14
H35 IVM H . -36.19 -20.91 12.56
H35A IVM H . -36.32 -19.90 14.01
H35B IVM H . -36.19 -21.67 14.17
H36 IVM H . -34.74 -18.70 12.90
H37 IVM H . -34.15 -20.28 10.97
H38 IVM H . -32.50 -17.71 11.30
H40 IVM H . -32.64 -20.78 8.66
H40A IVM H . -34.16 -19.83 8.77
H41 IVM H . -33.92 -17.52 7.15
H42 IVM H . -32.95 -17.13 5.18
H44 IVM H . -30.01 -15.01 7.69
H45 IVM H . -30.21 -17.77 7.97
H48 IVM H . -31.50 -13.71 5.73
H48A IVM H . -32.35 -14.75 4.58
H48B IVM H . -30.58 -14.82 4.70
C1 IVM I . -11.57 -22.12 -28.52
O1 IVM I . -14.06 -19.03 -26.82
C2 IVM I . -13.00 -21.81 -28.00
O2 IVM I . -18.10 -21.44 -32.29
C3 IVM I . -12.91 -21.13 -26.62
O3 IVM I . -16.95 -25.66 -32.94
C4 IVM I . -14.18 -21.44 -25.81
O4 IVM I . -19.36 -25.40 -34.37
C5 IVM I . -12.77 -19.62 -26.79
O5 IVM I . -17.62 -29.35 -34.63
C6 IVM I . -14.01 -17.67 -27.24
O6 IVM I . -20.29 -29.76 -33.81
C7 IVM I . -12.81 -16.95 -26.64
O7 IVM I . -20.58 -26.72 -35.81
C8 IVM I . -12.37 -17.61 -25.33
O8 IVM I . -17.99 -22.04 -34.50
C9 IVM I . -11.95 -19.06 -25.62
O9 IVM I . -22.49 -17.78 -25.48
C10 IVM I . -10.47 -19.08 -25.98
O10 IVM I . -23.34 -18.96 -23.28
C11 IVM I . -15.38 -17.23 -26.56
O11 IVM I . -17.36 -18.50 -24.60
C12 IVM I . -16.58 -18.08 -27.10
O12 IVM I . -17.80 -17.56 -26.63
C13 IVM I . -16.55 -18.03 -28.61
O13 IVM I . -19.83 -20.25 -25.43
C14 IVM I . -15.25 -18.64 -29.09
O14 IVM I . -14.17 -17.86 -28.66
C15 IVM I . -15.22 -18.69 -30.64
C16 IVM I . -16.34 -19.61 -31.22
C17 IVM I . -17.43 -19.13 -31.91
C18 IVM I . -17.62 -17.61 -32.17
C19 IVM I . -18.52 -20.09 -32.45
C20 IVM I . -17.26 -21.89 -33.32
C21 IVM I . -16.59 -23.27 -32.90
C22 IVM I . -17.62 -24.45 -33.00
C23 IVM I . -16.27 -25.90 -31.70
C24 IVM I . -18.35 -24.36 -34.32
C25 IVM I . -19.31 -26.09 -35.57
C26 IVM I . -18.18 -27.17 -35.53
C27 IVM I . -18.54 -28.28 -34.51
C28 IVM I . -16.33 -29.08 -34.12
C29 IVM I . -19.92 -28.80 -34.81
C30 IVM I . -20.89 -27.64 -34.78
C31 IVM I . -22.31 -28.18 -35.02
C32 IVM I . -19.00 -23.01 -34.40
C33 IVM I . -19.91 -22.92 -35.65
C34 IVM I . -19.82 -19.86 -31.71
C35 IVM I . -20.93 -20.74 -32.33
C36 IVM I . -19.68 -20.19 -30.24
C37 IVM I . -20.75 -19.48 -29.37
C38 IVM I . -20.69 -19.86 -27.86
C39 IVM I . -20.54 -18.60 -26.96
C40 IVM I . -21.87 -17.70 -27.00
C41 IVM I . -21.88 -19.06 -25.08
C42 IVM I . -22.05 -19.34 -23.66
C43 IVM I . -20.99 -18.54 -22.74
C44 IVM I . -19.69 -18.12 -23.31
C45 IVM I . -19.63 -17.92 -24.84
C46 IVM I . -18.17 -18.03 -25.31
C47 IVM I . -20.45 -18.99 -25.56
C48 IVM I . -21.24 -18.41 -21.20
H1 IVM I . -11.63 -22.68 -29.44
H1A IVM I . -11.03 -22.70 -27.77
H1B IVM I . -11.03 -21.18 -28.69
H2 IVM I . -13.56 -22.73 -27.91
H2A IVM I . -13.50 -21.15 -28.70
H3 IVM I . -12.05 -21.51 -26.09
H4 IVM I . -14.11 -22.44 -25.41
H4A IVM I . -15.05 -21.35 -26.46
H4B IVM I . -14.26 -20.73 -24.99
H5 IVM I . -12.26 -19.40 -27.72
HO6 IVM I . -19.86 -30.59 -34.01
H7 IVM I . -13.06 -15.91 -26.47
H7A IVM I . -11.99 -16.97 -27.36
H8 IVM I . -13.21 -17.61 -24.62
H8A IVM I . -11.53 -17.06 -24.91
H9 IVM I . -12.12 -19.67 -24.73
H10 IVM I . -9.88 -18.70 -25.15
H10A IVM I . -10.29 -18.47 -26.86
H10B IVM I . -10.17 -20.11 -26.20
HO10 IVM I . -23.36 -18.02 -23.11
H11 IVM I . -15.58 -16.18 -26.77
H11A IVM I . -15.31 -17.38 -25.48
H12 IVM I . -16.47 -19.12 -26.78
H13 IVM I . -16.61 -16.99 -28.94
H13A IVM I . -17.39 -18.59 -29.01
HO13 IVM I . -20.49 -20.93 -25.30
H14 IVM I . -15.17 -19.65 -28.69
H15 IVM I . -14.25 -19.09 -30.96
H15A IVM I . -15.31 -17.68 -31.04
H16 IVM I . -16.26 -20.69 -31.05
H18 IVM I . -16.72 -17.79 -32.77
H18A IVM I . -17.04 -16.73 -31.89
H18B IVM I . -17.79 -17.62 -31.10
H19 IVM I . -18.66 -19.90 -33.51
H20 IVM I . -16.49 -21.17 -33.49
H21 IVM I . -16.24 -23.19 -31.87
H21A IVM I . -15.74 -23.47 -33.57
H22 IVM I . -18.34 -24.38 -32.18
H23 IVM I . -16.19 -26.97 -31.52
H23A IVM I . -16.83 -25.44 -30.88
H23B IVM I . -15.27 -25.46 -31.75
H24 IVM I . -17.64 -24.48 -35.14
H25 IVM I . -19.11 -25.41 -36.39
H26 IVM I . -17.24 -26.70 -35.21
H26A IVM I . -18.05 -27.61 -36.51
H27 IVM I . -18.52 -27.89 -33.50
H28 IVM I . -15.78 -30.02 -34.01
H28A IVM I . -16.42 -28.59 -33.15
H28B IVM I . -15.79 -28.43 -34.80
H29 IVM I . -19.93 -29.25 -35.79
H30 IVM I . -20.85 -27.15 -33.82
H31 IVM I . -22.62 -28.78 -34.15
H31A IVM I . -22.33 -28.81 -35.92
H31B IVM I . -23.01 -27.35 -35.15
H32 IVM I . -19.59 -22.84 -33.50
H33 IVM I . -20.70 -23.66 -35.57
H33A IVM I . -19.31 -23.12 -36.55
H33B IVM I . -20.34 -21.93 -35.71
H34 IVM I . -20.11 -18.81 -31.82
H35 IVM I . -21.90 -20.34 -32.09
H35A IVM I . -20.85 -21.76 -31.94
H35B IVM I . -20.81 -20.76 -33.42
H36 IVM I . -19.74 -21.27 -30.08
H37 IVM I . -21.75 -19.70 -29.76
H38 IVM I . -21.62 -20.38 -27.60
H40 IVM I . -21.60 -16.67 -27.24
H40A IVM I . -22.58 -18.07 -27.75
H41 IVM I . -22.38 -19.85 -25.63
H42 IVM I . -21.93 -20.41 -23.49
H44 IVM I . -18.94 -17.65 -22.68
H45 IVM I . -20.01 -16.93 -25.10
H48 IVM I . -20.30 -18.56 -20.67
H48A IVM I . -21.97 -19.15 -20.89
H48B IVM I . -21.62 -17.41 -20.98
C1 IVM J . -15.18 -34.72 -0.09
O1 IVM J . -16.07 -31.75 -3.11
C2 IVM J . -16.33 -34.05 -0.89
O2 IVM J . -19.67 -37.52 -5.34
C3 IVM J . -16.19 -32.53 -0.83
O3 IVM J . -20.75 -39.91 -1.74
C4 IVM J . -17.57 -31.87 -0.98
O4 IVM J . -22.29 -41.06 -3.80
C5 IVM J . -15.28 -32.05 -1.97
O5 IVM J . -22.82 -43.00 0.03
C6 IVM J . -15.26 -31.57 -4.27
O6 IVM J . -25.42 -42.40 -0.86
C7 IVM J . -14.00 -30.79 -3.93
O7 IVM J . -23.66 -42.90 -4.01
C8 IVM J . -14.20 -29.90 -2.70
O8 IVM J . -19.42 -39.79 -5.61
C9 IVM J . -14.52 -30.79 -1.50
O9 IVM J . -22.78 -29.63 -8.08
C10 IVM J . -13.22 -31.20 -0.82
O10 IVM J . -24.52 -28.11 -6.86
C11 IVM J . -16.34 -30.70 -5.06
O11 IVM J . -19.01 -29.36 -4.39
C12 IVM J . -17.66 -31.49 -5.26
O12 IVM J . -18.52 -30.76 -6.12
C13 IVM J . -17.35 -32.82 -5.87
O13 IVM J . -21.84 -30.77 -4.74
C14 IVM J . -16.46 -33.58 -4.91
O14 IVM J . -15.23 -32.92 -4.76
C15 IVM J . -16.17 -35.01 -5.46
C16 IVM J . -17.47 -35.88 -5.50
C17 IVM J . -18.06 -36.29 -6.69
C18 IVM J . -17.47 -35.90 -8.07
C19 IVM J . -19.35 -37.15 -6.66
C20 IVM J . -19.00 -38.66 -4.89
C21 IVM J . -19.24 -38.87 -3.34
C22 IVM J . -20.68 -39.45 -3.06
C23 IVM J . -20.57 -38.90 -0.76
C24 IVM J . -20.95 -40.59 -4.00
C25 IVM J . -22.34 -42.44 -3.69
C26 IVM J . -21.96 -42.88 -2.24
C27 IVM J . -23.06 -42.43 -1.24
C28 IVM J . -21.72 -42.45 0.73
C29 IVM J . -24.39 -42.89 -1.74
C30 IVM J . -24.63 -42.36 -3.13
C31 IVM J . -26.03 -42.77 -3.60
C32 IVM J . -20.77 -40.08 -5.40
C33 IVM J . -21.23 -41.15 -6.42
C34 IVM J . -20.50 -36.38 -7.29
C35 IVM J . -21.71 -37.33 -7.50
C36 IVM J . -20.94 -35.21 -6.41
C37 IVM J . -21.17 -33.93 -7.25
C38 IVM J . -21.81 -32.76 -6.47
C39 IVM J . -21.25 -31.38 -6.95
C40 IVM J . -21.88 -30.98 -8.38
C41 IVM J . -23.00 -29.84 -6.64
C42 IVM J . -23.58 -28.68 -5.99
C43 IVM J . -22.49 -27.55 -5.60
C44 IVM J . -21.07 -27.95 -5.42
C45 IVM J . -20.60 -29.23 -6.14
C46 IVM J . -19.32 -29.76 -5.46
C47 IVM J . -21.68 -30.29 -6.08
C48 IVM J . -22.95 -26.12 -5.21
H1 IVM J . -15.34 -35.79 -0.05
H1A IVM J . -15.16 -34.32 0.91
H1B IVM J . -14.23 -34.50 -0.59
H2 IVM J . -17.28 -34.34 -0.45
H2A IVM J . -16.28 -34.39 -1.92
H3 IVM J . -15.75 -32.24 0.12
H4 IVM J . -18.11 -31.96 -0.03
H4A IVM J . -18.12 -32.37 -1.76
H4B IVM J . -17.45 -30.81 -1.22
H5 IVM J . -14.57 -32.83 -2.21
HO6 IVM J . -25.45 -42.94 -0.07
H7 IVM J . -13.73 -30.17 -4.79
H7A IVM J . -13.19 -31.49 -3.76
H8 IVM J . -15.05 -29.21 -2.88
H8A IVM J . -13.30 -29.32 -2.51
H9 IVM J . -15.15 -30.24 -0.80
H10 IVM J . -12.70 -30.32 -0.48
H10A IVM J . -12.60 -31.75 -1.53
H10B IVM J . -13.44 -31.85 0.03
HO10 IVM J . -25.06 -28.79 -7.23
H11 IVM J . -15.93 -30.44 -6.04
H11A IVM J . -16.54 -29.78 -4.49
H12 IVM J . -18.15 -31.63 -4.30
H13 IVM J . -16.82 -32.68 -6.81
H13A IVM J . -18.26 -33.38 -6.04
HO13 IVM J . -22.75 -30.92 -4.57
H14 IVM J . -16.96 -33.66 -3.95
H15 IVM J . -15.46 -35.49 -4.79
H15A IVM J . -15.72 -34.94 -6.44
H16 IVM J . -17.93 -36.18 -4.56
H18 IVM J . -16.66 -36.53 -7.70
H18A IVM J . -16.60 -35.30 -8.36
H18B IVM J . -17.82 -34.92 -7.75
H19 IVM J . -19.16 -38.04 -7.25
H20 IVM J . -17.94 -38.53 -5.06
H21 IVM J . -19.14 -37.90 -2.84
H21A IVM J . -18.49 -39.56 -2.94
H22 IVM J . -21.42 -38.66 -3.21
H23 IVM J . -21.08 -39.19 0.16
H23A IVM J . -20.98 -37.95 -1.11
H23B IVM J . -19.51 -38.77 -0.54
H24 IVM J . -20.23 -41.39 -3.81
H25 IVM J . -21.64 -42.90 -4.39
H26 IVM J . -21.00 -42.41 -1.96
H26A IVM J . -21.86 -43.97 -2.20
H27 IVM J . -23.06 -41.35 -1.16
H28 IVM J . -21.75 -42.75 1.78
H28A IVM J . -21.75 -41.36 0.66
H28B IVM J . -20.79 -42.81 0.29
H29 IVM J . -24.41 -43.98 -1.76
H30 IVM J . -24.55 -41.27 -3.12
H31 IVM J . -26.78 -42.25 -3.02
H31A IVM J . -26.16 -43.86 -3.47
H31B IVM J . -26.15 -42.53 -4.65
H32 IVM J . -21.37 -39.18 -5.54
H33 IVM J . -22.28 -41.38 -6.28
H33A IVM J . -20.64 -42.06 -6.28
H33B IVM J . -21.07 -40.78 -7.42
H34 IVM J . -20.20 -36.00 -8.26
H35 IVM J . -22.31 -36.96 -8.32
H35A IVM J . -22.31 -37.34 -6.58
H35B IVM J . -21.35 -38.33 -7.71
H36 IVM J . -20.17 -35.02 -5.66
H37 IVM J . -21.78 -34.16 -8.12
H38 IVM J . -22.88 -32.77 -6.62
H40 IVM J . -21.08 -30.76 -9.08
H40A IVM J . -22.51 -31.79 -8.77
H41 IVM J . -23.71 -30.67 -6.54
H42 IVM J . -24.10 -29.00 -5.08
H44 IVM J . -20.35 -27.21 -5.09
H45 IVM J . -20.37 -28.99 -7.18
H48 IVM J . -22.37 -25.77 -4.37
H48A IVM J . -24.01 -26.14 -4.95
H48B IVM J . -22.80 -25.45 -6.06
N LEU A 7 -49.71 5.01 -7.03
CA LEU A 7 -48.32 5.14 -7.45
C LEU A 7 -47.47 4.04 -6.84
N TYR A 8 -47.93 2.79 -6.99
CA TYR A 8 -47.19 1.66 -6.44
C TYR A 8 -45.89 1.44 -7.21
N TYR A 9 -45.99 1.18 -8.51
CA TYR A 9 -44.80 0.97 -9.33
C TYR A 9 -44.06 2.27 -9.63
N GLY A 10 -44.73 3.41 -9.55
CA GLY A 10 -44.09 4.68 -9.78
C GLY A 10 -43.06 5.02 -8.72
N LEU A 11 -43.51 5.08 -7.47
CA LEU A 11 -42.59 5.37 -6.37
C LEU A 11 -41.55 4.27 -6.20
N ASN A 12 -41.92 3.02 -6.49
CA ASN A 12 -41.00 1.90 -6.35
C ASN A 12 -39.96 1.83 -7.46
N LEU A 13 -40.12 2.61 -8.52
CA LEU A 13 -39.19 2.59 -9.65
C LEU A 13 -38.54 3.94 -9.93
N LEU A 14 -39.18 5.05 -9.56
CA LEU A 14 -38.62 6.38 -9.80
C LEU A 14 -37.72 6.83 -8.67
N ILE A 15 -38.06 6.52 -7.42
CA ILE A 15 -37.26 6.96 -6.29
C ILE A 15 -35.83 6.42 -6.35
N PRO A 16 -35.60 5.13 -6.64
CA PRO A 16 -34.22 4.64 -6.64
C PRO A 16 -33.30 5.39 -7.59
N CYS A 17 -33.82 5.89 -8.71
CA CYS A 17 -32.98 6.64 -9.64
C CYS A 17 -32.38 7.87 -8.97
N VAL A 18 -33.20 8.60 -8.20
CA VAL A 18 -32.70 9.77 -7.49
C VAL A 18 -31.67 9.37 -6.45
N LEU A 19 -31.94 8.30 -5.70
CA LEU A 19 -31.02 7.87 -4.66
C LEU A 19 -29.67 7.47 -5.24
N ILE A 20 -29.67 6.74 -6.35
CA ILE A 20 -28.41 6.32 -6.96
C ILE A 20 -27.61 7.53 -7.40
N SER A 21 -28.28 8.49 -8.05
CA SER A 21 -27.58 9.70 -8.49
C SER A 21 -27.13 10.54 -7.31
N ALA A 22 -27.95 10.61 -6.26
CA ALA A 22 -27.58 11.41 -5.10
C ALA A 22 -26.32 10.88 -4.43
N LEU A 23 -26.20 9.56 -4.30
CA LEU A 23 -25.03 8.97 -3.68
C LEU A 23 -23.77 9.20 -4.52
N ALA A 24 -23.90 9.19 -5.84
CA ALA A 24 -22.74 9.40 -6.70
C ALA A 24 -22.14 10.79 -6.51
N LEU A 25 -22.98 11.77 -6.17
CA LEU A 25 -22.48 13.14 -5.98
C LEU A 25 -21.49 13.20 -4.82
N LEU A 26 -21.77 12.47 -3.74
CA LEU A 26 -20.88 12.49 -2.59
C LEU A 26 -19.54 11.83 -2.91
N VAL A 27 -19.52 10.92 -3.88
CA VAL A 27 -18.26 10.25 -4.24
C VAL A 27 -17.29 11.27 -4.85
N PHE A 28 -17.80 12.21 -5.63
CA PHE A 28 -16.92 13.20 -6.26
C PHE A 28 -16.22 14.07 -5.22
N LEU A 29 -16.93 14.42 -4.15
CA LEU A 29 -16.34 15.27 -3.11
C LEU A 29 -15.21 14.58 -2.36
N LEU A 30 -15.12 13.25 -2.46
CA LEU A 30 -14.07 12.53 -1.75
C LEU A 30 -12.70 12.88 -2.33
N PRO A 31 -11.65 12.83 -1.51
CA PRO A 31 -10.31 13.16 -2.02
C PRO A 31 -9.80 12.11 -2.99
N ALA A 32 -8.90 12.54 -3.87
CA ALA A 32 -8.31 11.66 -4.86
C ALA A 32 -7.26 10.73 -4.27
N ASP A 33 -6.83 10.95 -3.03
CA ASP A 33 -5.84 10.12 -2.38
C ASP A 33 -6.46 8.95 -1.63
N SER A 34 -7.78 8.78 -1.68
CA SER A 34 -8.42 7.69 -0.97
C SER A 34 -7.93 6.34 -1.47
N GLY A 35 -7.80 6.18 -2.78
CA GLY A 35 -7.33 4.94 -3.39
C GLY A 35 -8.44 3.96 -3.69
N GLU A 36 -9.42 3.83 -2.79
CA GLU A 36 -10.54 2.91 -2.97
C GLU A 36 -11.76 3.59 -3.58
N LYS A 37 -11.58 4.73 -4.25
CA LYS A 37 -12.71 5.40 -4.88
C LYS A 37 -13.27 4.59 -6.03
N ILE A 38 -12.40 3.91 -6.79
CA ILE A 38 -12.87 3.11 -7.92
C ILE A 38 -13.72 1.94 -7.43
N SER A 39 -13.34 1.34 -6.31
CA SER A 39 -14.11 0.23 -5.77
C SER A 39 -15.47 0.67 -5.28
N LEU A 40 -15.61 1.95 -4.89
CA LEU A 40 -16.90 2.44 -4.41
C LEU A 40 -17.93 2.50 -5.54
N GLY A 41 -17.49 2.76 -6.77
CA GLY A 41 -18.42 2.82 -7.89
C GLY A 41 -18.89 1.48 -8.40
N ILE A 42 -18.19 0.40 -8.05
CA ILE A 42 -18.58 -0.93 -8.53
C ILE A 42 -19.93 -1.32 -7.95
N THR A 43 -20.09 -1.16 -6.63
CA THR A 43 -21.36 -1.52 -6.01
C THR A 43 -22.49 -0.61 -6.48
N VAL A 44 -22.22 0.68 -6.66
CA VAL A 44 -23.25 1.58 -7.16
C VAL A 44 -23.67 1.19 -8.57
N LEU A 45 -22.70 0.91 -9.44
CA LEU A 45 -23.03 0.47 -10.79
C LEU A 45 -23.77 -0.87 -10.78
N LEU A 46 -23.33 -1.80 -9.92
CA LEU A 46 -24.00 -3.09 -9.85
C LEU A 46 -25.43 -2.96 -9.36
N SER A 47 -25.71 -1.98 -8.49
CA SER A 47 -27.06 -1.80 -8.00
C SER A 47 -28.00 -1.33 -9.10
N LEU A 48 -27.47 -0.63 -10.11
CA LEU A 48 -28.31 -0.18 -11.21
C LEU A 48 -28.68 -1.31 -12.15
N THR A 49 -27.79 -2.31 -12.30
CA THR A 49 -28.10 -3.44 -13.17
C THR A 49 -29.30 -4.22 -12.65
N VAL A 50 -29.38 -4.41 -11.34
CA VAL A 50 -30.52 -5.12 -10.76
C VAL A 50 -31.81 -4.35 -11.02
N PHE A 51 -31.78 -3.03 -10.84
CA PHE A 51 -32.96 -2.21 -11.11
C PHE A 51 -33.31 -2.23 -12.59
N MET A 52 -32.30 -2.35 -13.47
CA MET A 52 -32.58 -2.39 -14.90
C MET A 52 -33.43 -3.60 -15.26
N LEU A 53 -33.15 -4.75 -14.65
CA LEU A 53 -33.92 -5.95 -14.94
C LEU A 53 -35.39 -5.77 -14.58
N LEU A 54 -35.66 -5.14 -13.44
CA LEU A 54 -37.04 -4.91 -13.03
C LEU A 54 -37.77 -4.02 -14.02
N VAL A 55 -37.11 -2.97 -14.51
CA VAL A 55 -37.74 -2.08 -15.47
C VAL A 55 -38.04 -2.81 -16.77
N ALA A 56 -37.16 -3.74 -17.17
CA ALA A 56 -37.39 -4.49 -18.40
C ALA A 56 -38.66 -5.32 -18.33
N GLU A 57 -38.92 -5.93 -17.17
CA GLU A 57 -40.13 -6.74 -17.03
C GLU A 57 -41.37 -5.88 -17.16
N ILE A 58 -41.36 -4.67 -16.59
CA ILE A 58 -42.51 -3.78 -16.68
C ILE A 58 -42.74 -3.37 -18.13
N MET A 59 -41.67 -3.18 -18.89
CA MET A 59 -41.81 -2.76 -20.27
C MET A 59 -42.54 -3.85 -21.07
N PRO A 60 -43.63 -3.51 -21.77
CA PRO A 60 -44.32 -4.54 -22.57
C PRO A 60 -43.40 -5.12 -23.63
N SER A 61 -43.57 -6.42 -23.89
CA SER A 61 -42.77 -7.13 -24.88
C SER A 61 -43.29 -6.78 -26.26
N THR A 62 -42.82 -5.65 -26.79
CA THR A 62 -43.22 -5.18 -28.10
C THR A 62 -42.25 -5.71 -29.16
N SER A 63 -42.53 -5.37 -30.42
CA SER A 63 -41.69 -5.80 -31.54
C SER A 63 -41.23 -4.64 -32.41
N ASP A 64 -42.07 -3.63 -32.61
CA ASP A 64 -41.74 -2.49 -33.46
C ASP A 64 -41.63 -1.19 -32.67
N SER A 65 -42.65 -0.83 -31.90
CA SER A 65 -42.67 0.42 -31.15
C SER A 65 -42.31 0.13 -29.69
N SER A 66 -41.27 0.80 -29.20
CA SER A 66 -40.84 0.63 -27.82
C SER A 66 -41.72 1.46 -26.89
N PRO A 67 -41.82 1.07 -25.63
CA PRO A 67 -42.65 1.84 -24.68
C PRO A 67 -42.03 3.19 -24.37
N SER A 68 -42.89 4.09 -23.87
CA SER A 68 -42.43 5.43 -23.52
C SER A 68 -41.48 5.43 -22.34
N ILE A 69 -41.45 4.35 -21.56
CA ILE A 69 -40.53 4.27 -20.42
C ILE A 69 -39.16 3.72 -20.81
N ALA A 70 -39.00 3.25 -22.06
CA ALA A 70 -37.70 2.73 -22.48
C ALA A 70 -36.64 3.81 -22.51
N GLN A 71 -37.03 5.05 -22.80
CA GLN A 71 -36.08 6.16 -22.86
C GLN A 71 -35.91 6.86 -21.52
N TYR A 72 -36.67 6.47 -20.49
CA TYR A 72 -36.53 7.10 -19.18
C TYR A 72 -35.27 6.61 -18.47
N PHE A 73 -35.18 5.30 -18.23
CA PHE A 73 -34.01 4.72 -17.59
C PHE A 73 -32.81 4.60 -18.52
N ALA A 74 -33.02 4.74 -19.84
CA ALA A 74 -31.90 4.67 -20.76
C ALA A 74 -30.93 5.82 -20.53
N SER A 75 -31.45 7.02 -20.29
CA SER A 75 -30.60 8.17 -20.02
C SER A 75 -30.16 8.24 -18.56
N THR A 76 -30.82 7.52 -17.66
CA THR A 76 -30.41 7.52 -16.27
C THR A 76 -29.02 6.92 -16.09
N MET A 77 -28.74 5.82 -16.80
CA MET A 77 -27.45 5.18 -16.68
C MET A 77 -26.32 6.01 -17.28
N ILE A 78 -26.64 7.01 -18.11
CA ILE A 78 -25.61 7.87 -18.67
C ILE A 78 -24.90 8.65 -17.56
N ILE A 79 -25.69 9.21 -16.63
CA ILE A 79 -25.10 9.94 -15.52
C ILE A 79 -24.37 8.99 -14.58
N VAL A 80 -25.00 7.87 -14.23
CA VAL A 80 -24.37 6.90 -13.36
C VAL A 80 -23.17 6.26 -14.05
N GLY A 81 -23.32 5.88 -15.33
CA GLY A 81 -22.21 5.29 -16.05
C GLY A 81 -21.05 6.24 -16.20
N LEU A 82 -21.33 7.50 -16.54
CA LEU A 82 -20.26 8.48 -16.66
C LEU A 82 -19.63 8.80 -15.31
N SER A 83 -20.41 8.71 -14.23
CA SER A 83 -19.85 8.96 -12.91
C SER A 83 -18.76 7.95 -12.57
N VAL A 84 -18.99 6.68 -12.91
CA VAL A 84 -17.98 5.65 -12.66
C VAL A 84 -16.72 5.95 -13.45
N VAL A 85 -16.86 6.37 -14.71
CA VAL A 85 -15.70 6.70 -15.53
C VAL A 85 -14.94 7.86 -14.91
N VAL A 86 -15.67 8.83 -14.35
CA VAL A 86 -15.01 9.98 -13.71
C VAL A 86 -14.16 9.51 -12.54
N THR A 87 -14.70 8.62 -11.71
CA THR A 87 -13.93 8.09 -10.59
C THR A 87 -12.73 7.29 -11.07
N VAL A 88 -12.82 6.68 -12.24
CA VAL A 88 -11.69 5.94 -12.79
C VAL A 88 -10.57 6.90 -13.18
N ILE A 89 -10.93 8.08 -13.71
CA ILE A 89 -9.93 9.07 -14.07
C ILE A 89 -9.18 9.58 -12.86
N VAL A 90 -9.76 9.45 -11.67
CA VAL A 90 -9.09 9.93 -10.46
C VAL A 90 -7.76 9.21 -10.27
N LEU A 91 -7.76 7.88 -10.45
CA LEU A 91 -6.53 7.12 -10.31
C LEU A 91 -5.57 7.35 -11.47
N GLN A 92 -6.08 7.76 -12.64
CA GLN A 92 -5.21 8.02 -13.77
C GLN A 92 -4.28 9.20 -13.50
N TYR A 93 -4.83 10.30 -12.99
CA TYR A 93 -4.01 11.47 -12.67
C TYR A 93 -3.18 11.25 -11.42
N HIS A 94 -3.76 10.59 -10.40
CA HIS A 94 -3.03 10.35 -9.17
C HIS A 94 -1.83 9.43 -9.39
N HIS A 95 -1.93 8.51 -10.34
CA HIS A 95 -0.87 7.58 -10.67
C HIS A 95 -0.36 7.81 -12.10
N HIS A 96 -0.22 9.07 -12.48
CA HIS A 96 0.24 9.40 -13.81
C HIS A 96 1.63 8.83 -14.05
N ASP A 97 1.83 8.24 -15.23
CA ASP A 97 3.10 7.63 -15.62
C ASP A 97 3.81 8.50 -16.65
N PRO A 98 5.12 8.33 -16.81
CA PRO A 98 5.86 9.16 -17.79
C PRO A 98 5.36 9.00 -19.21
N ASP A 99 4.78 7.85 -19.56
CA ASP A 99 4.30 7.65 -20.92
C ASP A 99 3.18 8.62 -21.28
N GLY A 100 2.33 8.95 -20.33
CA GLY A 100 1.23 9.86 -20.58
C GLY A 100 0.08 9.58 -19.65
N GLY A 101 -0.99 10.35 -19.84
CA GLY A 101 -2.19 10.21 -19.03
C GLY A 101 -2.74 11.53 -18.55
N LYS A 102 -1.84 12.50 -18.33
CA LYS A 102 -2.25 13.82 -17.87
C LYS A 102 -2.75 14.66 -19.05
N MET A 103 -3.40 15.78 -18.71
CA MET A 103 -3.91 16.67 -19.73
C MET A 103 -2.77 17.40 -20.42
N PRO A 104 -3.01 17.93 -21.63
CA PRO A 104 -1.94 18.65 -22.35
C PRO A 104 -1.34 19.77 -21.53
N LYS A 105 -0.11 20.15 -21.86
CA LYS A 105 0.58 21.20 -21.11
C LYS A 105 -0.17 22.53 -21.21
N TRP A 106 -0.66 22.86 -22.40
CA TRP A 106 -1.38 24.12 -22.58
C TRP A 106 -2.64 24.17 -21.73
N THR A 107 -3.28 23.02 -21.50
CA THR A 107 -4.48 22.97 -20.68
C THR A 107 -4.19 22.95 -19.19
N ARG A 108 -2.93 22.71 -18.80
CA ARG A 108 -2.60 22.69 -17.37
C ARG A 108 -2.64 24.08 -16.76
N VAL A 109 -2.40 25.11 -17.57
CA VAL A 109 -2.45 26.48 -17.06
C VAL A 109 -3.86 26.83 -16.61
N ILE A 110 -4.88 26.39 -17.37
CA ILE A 110 -6.26 26.67 -16.99
C ILE A 110 -6.59 26.01 -15.66
N LEU A 111 -6.08 24.80 -15.44
CA LEU A 111 -6.35 24.11 -14.18
C LEU A 111 -5.80 24.89 -12.99
N LEU A 112 -4.59 25.45 -13.14
CA LEU A 112 -4.00 26.21 -12.05
C LEU A 112 -4.86 27.41 -11.68
N ASN A 113 -5.37 28.13 -12.68
CA ASN A 113 -6.25 29.26 -12.39
C ASN A 113 -7.52 28.81 -11.69
N TRP A 114 -8.10 27.70 -12.14
CA TRP A 114 -9.32 27.18 -11.50
C TRP A 114 -9.04 26.77 -10.07
N CYS A 115 -7.90 26.12 -9.82
CA CYS A 115 -7.58 25.69 -8.46
C CYS A 115 -7.44 26.89 -7.53
N ALA A 116 -6.80 27.96 -7.99
CA ALA A 116 -6.65 29.15 -7.16
C ALA A 116 -8.01 29.79 -6.88
N TRP A 117 -8.89 29.81 -7.89
CA TRP A 117 -10.21 30.39 -7.71
C TRP A 117 -11.11 29.54 -6.82
N PHE A 118 -10.86 28.24 -6.74
CA PHE A 118 -11.68 27.38 -5.89
C PHE A 118 -11.57 27.79 -4.43
N LEU A 119 -10.35 28.05 -3.95
CA LEU A 119 -10.17 28.46 -2.56
C LEU A 119 -10.70 29.88 -2.34
N ARG A 120 -10.48 30.77 -3.31
CA ARG A 120 -10.93 32.16 -3.23
C ARG A 120 -11.75 32.44 -4.50
N MET A 121 -13.05 32.19 -4.41
CA MET A 121 -13.93 32.40 -5.55
C MET A 121 -14.20 33.90 -5.75
N LYS A 122 -14.72 34.23 -6.92
CA LYS A 122 -15.04 35.61 -7.27
C LYS A 122 -16.46 36.00 -6.88
N ARG A 123 -17.21 35.11 -6.24
CA ARG A 123 -18.57 35.42 -5.84
C ARG A 123 -18.56 36.40 -4.66
N PRO A 124 -19.68 37.07 -4.41
CA PRO A 124 -19.73 38.01 -3.28
C PRO A 124 -19.46 37.36 -1.93
N GLY A 125 -19.67 36.05 -1.79
CA GLY A 125 -19.42 35.40 -0.53
C GLY A 125 -17.97 35.46 -0.10
N GLU A 126 -17.05 35.57 -1.07
CA GLU A 126 -15.63 35.65 -0.79
C GLU A 126 -15.01 36.98 -1.15
N ASP A 127 -15.59 37.73 -2.08
CA ASP A 127 -15.07 39.02 -2.50
C ASP A 127 -15.62 40.17 -1.66
N LYS A 128 -16.51 39.91 -0.72
CA LYS A 128 -17.11 40.94 0.13
C LYS A 128 -16.40 41.09 1.46
N VAL A 129 -15.95 39.98 2.06
CA VAL A 129 -15.27 40.03 3.35
C VAL A 129 -13.77 40.24 3.05
N ARG A 130 -13.41 41.51 2.88
CA ARG A 130 -12.01 41.87 2.61
C ARG A 130 -11.86 43.38 2.69
N PRO A 131 -10.67 43.89 3.01
CA PRO A 131 -10.48 45.34 3.12
C PRO A 131 -10.51 45.99 1.74
N ALA A 132 -11.51 46.85 1.52
CA ALA A 132 -11.67 47.57 0.26
C ALA A 132 -11.79 49.05 0.57
N CYS A 133 -10.92 49.86 -0.05
CA CYS A 133 -10.93 51.29 0.15
C CYS A 133 -10.07 51.92 -0.95
N GLN A 134 -9.83 53.23 -0.81
CA GLN A 134 -9.00 53.96 -1.77
C GLN A 134 -7.52 53.93 -1.41
N HIS A 135 -7.13 53.23 -0.36
CA HIS A 135 -5.75 53.16 0.06
C HIS A 135 -4.99 52.16 -0.83
N LYS A 136 -3.78 51.82 -0.42
CA LYS A 136 -2.95 50.91 -1.22
C LYS A 136 -3.55 49.52 -1.36
N GLN A 137 -4.54 49.17 -0.53
CA GLN A 137 -5.14 47.84 -0.62
C GLN A 137 -5.75 47.59 -2.00
N ARG A 138 -6.22 48.65 -2.66
CA ARG A 138 -6.85 48.54 -3.98
C ARG A 138 -6.11 49.39 -5.00
N ARG A 139 -4.79 49.45 -4.91
CA ARG A 139 -3.95 50.21 -5.83
C ARG A 139 -3.16 49.24 -6.71
N CYS A 140 -2.57 49.79 -7.77
CA CYS A 140 -1.77 49.04 -8.72
C CYS A 140 -0.31 49.45 -8.60
N SER A 141 0.58 48.48 -8.69
CA SER A 141 2.01 48.73 -8.58
C SER A 141 2.74 47.69 -9.44
N LEU A 142 4.06 47.64 -9.30
CA LEU A 142 4.86 46.68 -10.07
C LEU A 142 4.55 45.25 -9.67
N ALA A 143 4.22 45.00 -8.40
CA ALA A 143 3.93 43.65 -7.95
C ALA A 143 2.63 43.11 -8.51
N SER A 144 1.72 43.99 -8.94
CA SER A 144 0.45 43.56 -9.50
C SER A 144 0.49 43.39 -11.01
N VAL A 145 1.24 44.25 -11.70
CA VAL A 145 1.37 44.19 -13.16
C VAL A 145 2.54 43.28 -13.46
N GLU A 146 2.24 42.05 -13.89
CA GLU A 146 3.26 41.05 -14.23
C GLU A 146 3.49 40.97 -15.74
N MET A 147 3.20 42.05 -16.47
CA MET A 147 3.40 42.03 -17.92
C MET A 147 4.88 42.09 -18.30
N SER A 148 5.74 42.52 -17.39
CA SER A 148 7.18 42.61 -17.64
C SER A 148 7.95 41.49 -16.96
N ALA A 149 7.37 40.29 -16.92
CA ALA A 149 8.02 39.14 -16.29
C ALA A 149 8.38 39.44 -14.83
N VAL A 150 7.46 40.08 -14.12
CA VAL A 150 7.68 40.41 -12.72
C VAL A 150 7.43 39.18 -11.86
N ALA A 151 8.28 38.97 -10.86
CA ALA A 151 8.12 37.81 -10.00
C ALA A 151 6.83 37.92 -9.18
N PRO A 152 6.23 36.80 -8.83
CA PRO A 152 4.97 36.84 -8.07
C PRO A 152 5.21 37.34 -6.65
N PRO A 153 4.14 37.55 -5.88
CA PRO A 153 4.33 38.02 -4.51
C PRO A 153 5.12 37.01 -3.71
N PRO A 154 5.90 37.48 -2.71
CA PRO A 154 6.71 36.55 -1.93
C PRO A 154 5.87 35.71 -0.97
N ALA A 155 5.25 34.66 -1.49
CA ALA A 155 4.42 33.77 -0.71
C ALA A 155 5.18 32.51 -0.34
N SER A 156 4.89 31.97 0.84
CA SER A 156 5.53 30.76 1.34
C SER A 156 4.88 29.48 0.84
N ASN A 157 4.11 29.56 -0.25
CA ASN A 157 3.43 28.40 -0.80
C ASN A 157 4.24 27.69 -1.87
N GLY A 158 5.51 28.04 -2.02
CA GLY A 158 6.36 27.41 -3.02
C GLY A 158 6.89 28.38 -4.05
N ASN A 159 6.72 29.68 -3.81
CA ASN A 159 7.18 30.72 -4.73
C ASN A 159 8.43 31.42 -4.22
N LEU A 160 8.39 31.95 -2.99
CA LEU A 160 9.56 32.63 -2.45
C LEU A 160 10.73 31.67 -2.28
N LEU A 161 10.47 30.46 -1.79
CA LEU A 161 11.54 29.49 -1.58
C LEU A 161 12.20 29.12 -2.89
N TYR A 162 11.41 28.89 -3.94
CA TYR A 162 11.97 28.52 -5.23
C TYR A 162 12.63 29.70 -5.92
N ILE A 163 12.04 30.90 -5.81
CA ILE A 163 12.62 32.07 -6.45
C ILE A 163 13.93 32.44 -5.79
N GLY A 164 14.00 32.34 -4.46
CA GLY A 164 15.22 32.70 -3.75
C GLY A 164 16.29 31.63 -3.80
N PHE A 165 15.89 30.37 -3.99
CA PHE A 165 16.83 29.25 -4.06
C PHE A 165 17.21 28.88 -5.49
N ARG A 166 16.26 28.95 -6.43
CA ARG A 166 16.51 28.61 -7.82
C ARG A 166 16.31 29.77 -8.78
N GLY A 167 15.40 30.70 -8.47
CA GLY A 167 15.16 31.82 -9.37
C GLY A 167 16.29 32.82 -9.43
N LEU A 168 17.13 32.88 -8.40
CA LEU A 168 18.25 33.80 -8.36
C LEU A 168 19.45 33.16 -9.08
N ASP A 169 19.33 33.07 -10.40
CA ASP A 169 20.36 32.49 -11.24
C ASP A 169 21.40 33.56 -11.54
N GLY A 170 22.35 33.71 -10.62
CA GLY A 170 23.40 34.71 -10.77
C GLY A 170 23.70 35.44 -9.48
N VAL A 171 22.92 35.18 -8.42
CA VAL A 171 23.09 35.82 -7.13
C VAL A 171 23.30 34.78 -6.03
N HIS A 172 22.41 33.80 -5.93
CA HIS A 172 22.49 32.77 -4.90
C HIS A 172 23.24 31.53 -5.41
N CYS A 173 22.73 30.92 -6.48
CA CYS A 173 23.38 29.74 -7.03
C CYS A 173 24.78 30.06 -7.54
N VAL A 174 24.92 31.17 -8.26
CA VAL A 174 26.21 31.60 -8.81
C VAL A 174 26.43 33.06 -8.44
N PRO A 175 26.82 33.38 -7.21
CA PRO A 175 27.03 34.78 -6.83
C PRO A 175 28.04 35.46 -7.73
N THR A 176 27.57 36.44 -8.50
CA THR A 176 28.43 37.19 -9.41
C THR A 176 29.27 38.20 -8.65
N PRO A 177 28.67 39.05 -7.80
CA PRO A 177 29.50 40.05 -7.08
C PRO A 177 30.28 39.44 -5.92
N ASP A 178 31.41 38.82 -6.28
CA ASP A 178 32.29 38.18 -5.30
C ASP A 178 33.69 38.77 -5.28
N SER A 179 34.02 39.67 -6.21
CA SER A 179 35.35 40.28 -6.27
C SER A 179 35.41 41.45 -5.31
N GLY A 180 35.77 41.15 -4.06
CA GLY A 180 35.89 42.18 -3.04
C GLY A 180 34.60 42.58 -2.37
N VAL A 181 33.49 41.91 -2.68
CA VAL A 181 32.21 42.23 -2.06
C VAL A 181 31.91 41.20 -0.98
N VAL A 182 31.81 39.93 -1.37
CA VAL A 182 31.56 38.87 -0.39
C VAL A 182 32.77 38.67 0.49
N CYS A 183 33.97 38.66 -0.10
CA CYS A 183 35.22 38.49 0.63
C CYS A 183 35.85 39.81 1.04
N GLY A 184 35.07 40.87 1.17
CA GLY A 184 35.58 42.16 1.55
C GLY A 184 34.75 42.83 2.62
N ARG A 185 33.89 42.07 3.29
CA ARG A 185 33.01 42.59 4.33
C ARG A 185 33.08 41.68 5.55
N MET A 186 32.65 42.22 6.68
CA MET A 186 32.67 41.50 7.95
C MET A 186 31.36 40.75 8.22
N ALA A 187 30.42 40.76 7.27
CA ALA A 187 29.12 40.12 7.46
C ALA A 187 29.30 38.62 7.26
N CYS A 188 29.78 37.97 8.31
CA CYS A 188 29.98 36.52 8.32
C CYS A 188 30.85 36.07 7.15
N SER A 189 31.88 36.86 6.85
CA SER A 189 32.80 36.56 5.77
C SER A 189 34.11 37.29 6.03
N PRO A 190 35.21 36.81 5.46
CA PRO A 190 36.49 37.51 5.64
C PRO A 190 36.50 38.87 4.94
N THR A 191 37.30 39.78 5.48
CA THR A 191 37.44 41.12 4.93
C THR A 191 38.82 41.22 4.29
N HIS A 192 38.90 40.84 3.02
CA HIS A 192 40.15 40.87 2.26
C HIS A 192 41.25 40.06 2.94
N ASP A 193 40.87 38.98 3.62
CA ASP A 193 41.82 38.11 4.31
C ASP A 193 42.21 36.98 3.38
N GLU A 194 43.32 37.16 2.66
CA GLU A 194 43.79 36.13 1.75
C GLU A 194 44.42 34.97 2.51
N HIS A 195 45.01 35.23 3.67
CA HIS A 195 45.64 34.19 4.49
C HIS A 195 44.64 33.62 5.49
N LEU A 196 43.52 33.14 4.96
CA LEU A 196 42.46 32.56 5.77
C LEU A 196 42.80 31.08 6.03
N LEU A 197 43.73 30.89 6.96
CA LEU A 197 44.19 29.56 7.33
C LEU A 197 43.66 29.19 8.71
N HIS A 198 43.51 27.87 8.93
CA HIS A 198 42.99 27.35 10.19
C HIS A 198 44.16 27.23 11.19
N GLY A 199 44.65 28.39 11.61
CA GLY A 199 45.77 28.42 12.53
C GLY A 199 47.04 27.86 11.94
N GLY A 200 47.33 28.20 10.69
CA GLY A 200 48.50 27.69 10.00
C GLY A 200 48.26 26.45 9.17
N GLN A 201 47.12 25.80 9.33
CA GLN A 201 46.76 24.61 8.58
C GLN A 201 45.80 24.97 7.45
N PRO A 202 45.60 24.07 6.49
CA PRO A 202 44.66 24.37 5.41
C PRO A 202 43.26 24.57 5.97
N PRO A 203 42.45 25.39 5.32
CA PRO A 203 41.10 25.67 5.85
C PRO A 203 40.26 24.41 6.03
N GLU A 204 40.40 23.43 5.16
CA GLU A 204 39.66 22.18 5.26
C GLU A 204 40.39 21.22 6.19
N GLY A 205 39.73 20.82 7.28
CA GLY A 205 40.36 19.92 8.23
C GLY A 205 40.66 18.56 7.63
N ASP A 206 39.76 18.06 6.78
CA ASP A 206 39.92 16.75 6.17
C ASP A 206 39.25 16.73 4.81
N PRO A 207 39.98 16.41 3.73
CA PRO A 207 39.32 16.33 2.41
C PRO A 207 38.19 15.31 2.37
N ASP A 208 38.25 14.27 3.20
CA ASP A 208 37.19 13.28 3.22
C ASP A 208 35.85 13.89 3.64
N LEU A 209 35.89 14.97 4.42
CA LEU A 209 34.66 15.62 4.85
C LEU A 209 33.90 16.19 3.66
N ALA A 210 34.63 16.75 2.69
CA ALA A 210 33.99 17.28 1.50
C ALA A 210 33.25 16.19 0.73
N LYS A 211 33.86 15.01 0.60
CA LYS A 211 33.20 13.90 -0.07
C LYS A 211 31.94 13.49 0.68
N ILE A 212 31.99 13.47 2.01
CA ILE A 212 30.82 13.10 2.80
C ILE A 212 29.70 14.11 2.56
N LEU A 213 30.05 15.39 2.42
CA LEU A 213 29.03 16.41 2.19
C LEU A 213 28.29 16.15 0.89
N GLU A 214 29.01 15.76 -0.17
CA GLU A 214 28.36 15.47 -1.44
C GLU A 214 27.40 14.29 -1.29
N GLU A 215 27.82 13.24 -0.59
CA GLU A 215 26.94 12.10 -0.37
C GLU A 215 25.76 12.50 0.52
N VAL A 216 26.01 13.27 1.57
CA VAL A 216 24.93 13.73 2.44
C VAL A 216 23.99 14.65 1.65
N ARG A 217 24.56 15.55 0.86
CA ARG A 217 23.72 16.45 0.05
C ARG A 217 22.88 15.66 -0.94
N TYR A 218 23.47 14.63 -1.57
CA TYR A 218 22.72 13.81 -2.50
C TYR A 218 21.57 13.10 -1.79
N ILE A 219 21.81 12.59 -0.58
CA ILE A 219 20.75 11.95 0.19
C ILE A 219 19.65 12.96 0.49
N ALA A 220 20.03 14.18 0.90
CA ALA A 220 19.04 15.21 1.14
C ALA A 220 18.38 15.67 -0.15
N ASN A 221 19.12 15.65 -1.26
CA ASN A 221 18.54 16.04 -2.54
C ASN A 221 17.40 15.11 -2.94
N ARG A 222 17.58 13.80 -2.73
CA ARG A 222 16.51 12.86 -3.02
C ARG A 222 15.28 13.13 -2.15
N PHE A 223 15.50 13.42 -0.87
CA PHE A 223 14.38 13.79 -0.01
C PHE A 223 13.73 15.09 -0.46
N ARG A 224 14.54 16.05 -0.95
CA ARG A 224 13.97 17.28 -1.47
C ARG A 224 13.07 17.01 -2.67
N CYS A 225 13.49 16.09 -3.55
CA CYS A 225 12.65 15.71 -4.68
C CYS A 225 11.35 15.07 -4.22
N GLN A 226 11.38 14.31 -3.13
CA GLN A 226 10.16 13.73 -2.60
C GLN A 226 9.20 14.81 -2.11
N ASP A 227 9.73 15.85 -1.46
CA ASP A 227 8.91 16.98 -1.04
C ASP A 227 8.52 17.86 -2.22
N GLU A 228 9.43 18.04 -3.18
CA GLU A 228 9.10 18.82 -4.37
C GLU A 228 8.05 18.11 -5.21
N SER A 229 8.14 16.77 -5.30
CA SER A 229 7.14 16.01 -6.04
C SER A 229 5.77 16.09 -5.39
N GLU A 230 5.70 16.45 -4.10
CA GLU A 230 4.41 16.58 -3.44
C GLU A 230 3.57 17.67 -4.09
N ALA A 231 4.21 18.79 -4.45
CA ALA A 231 3.49 19.84 -5.16
C ALA A 231 3.00 19.35 -6.52
N VAL A 232 3.84 18.60 -7.23
CA VAL A 232 3.40 18.01 -8.50
C VAL A 232 2.31 16.99 -8.25
N CYS A 233 2.49 16.14 -7.23
CA CYS A 233 1.44 15.18 -6.88
C CYS A 233 0.20 15.89 -6.36
N SER A 234 0.38 17.01 -5.64
CA SER A 234 -0.77 17.77 -5.17
C SER A 234 -1.60 18.29 -6.34
N GLU A 235 -0.93 18.77 -7.39
CA GLU A 235 -1.65 19.22 -8.58
C GLU A 235 -2.43 18.08 -9.21
N TRP A 236 -1.85 16.88 -9.23
CA TRP A 236 -2.57 15.72 -9.74
C TRP A 236 -3.82 15.44 -8.89
N LYS A 237 -3.69 15.54 -7.57
CA LYS A 237 -4.85 15.37 -6.71
C LYS A 237 -5.90 16.45 -6.98
N PHE A 238 -5.45 17.71 -7.13
CA PHE A 238 -6.38 18.78 -7.45
C PHE A 238 -7.04 18.54 -8.81
N ALA A 239 -6.25 18.14 -9.81
CA ALA A 239 -6.81 17.87 -11.12
C ALA A 239 -7.85 16.75 -11.06
N ALA A 240 -7.55 15.68 -10.32
CA ALA A 240 -8.52 14.61 -10.17
C ALA A 240 -9.77 15.10 -9.45
N CYS A 241 -9.59 15.92 -8.40
CA CYS A 241 -10.74 16.45 -7.68
C CYS A 241 -11.45 17.53 -8.48
N VAL A 242 -10.71 18.30 -9.28
CA VAL A 242 -11.34 19.33 -10.11
C VAL A 242 -12.29 18.68 -11.11
N VAL A 243 -11.85 17.60 -11.75
CA VAL A 243 -12.72 16.89 -12.68
C VAL A 243 -13.93 16.33 -11.95
N ASP A 244 -13.70 15.72 -10.78
CA ASP A 244 -14.82 15.21 -10.00
C ASP A 244 -15.77 16.33 -9.59
N ARG A 245 -15.22 17.46 -9.13
CA ARG A 245 -16.07 18.59 -8.76
C ARG A 245 -16.70 19.23 -9.99
N LEU A 246 -15.98 19.29 -11.11
CA LEU A 246 -16.53 19.86 -12.32
C LEU A 246 -17.73 19.06 -12.82
N CYS A 247 -17.63 17.73 -12.76
CA CYS A 247 -18.74 16.88 -13.18
C CYS A 247 -19.87 16.86 -12.15
N LEU A 248 -19.58 17.22 -10.90
CA LEU A 248 -20.64 17.25 -9.89
C LEU A 248 -21.70 18.27 -10.24
N MET A 249 -21.30 19.46 -10.69
CA MET A 249 -22.27 20.48 -11.07
C MET A 249 -23.00 20.08 -12.35
N ALA A 250 -22.30 19.46 -13.29
CA ALA A 250 -22.94 19.04 -14.54
C ALA A 250 -24.02 18.01 -14.27
N PHE A 251 -23.74 17.03 -13.41
CA PHE A 251 -24.75 16.02 -13.09
C PHE A 251 -25.84 16.58 -12.21
N SER A 252 -25.55 17.62 -11.42
CA SER A 252 -26.57 18.23 -10.58
C SER A 252 -27.69 18.82 -11.43
N VAL A 253 -27.33 19.51 -12.52
CA VAL A 253 -28.34 20.06 -13.42
C VAL A 253 -29.14 18.93 -14.06
N PHE A 254 -28.46 17.88 -14.52
CA PHE A 254 -29.15 16.74 -15.12
C PHE A 254 -30.08 16.07 -14.10
N THR A 255 -29.60 15.91 -12.86
CA THR A 255 -30.44 15.29 -11.84
C THR A 255 -31.68 16.13 -11.57
N ILE A 256 -31.53 17.45 -11.53
CA ILE A 256 -32.69 18.32 -11.33
C ILE A 256 -33.65 18.20 -12.50
N ILE A 257 -33.11 18.08 -13.72
CA ILE A 257 -33.95 17.93 -14.90
C ILE A 257 -34.76 16.64 -14.81
N CYS A 258 -34.13 15.55 -14.38
CA CYS A 258 -34.85 14.29 -14.25
C CYS A 258 -35.96 14.39 -13.23
N THR A 259 -35.71 15.05 -12.09
CA THR A 259 -36.75 15.25 -11.09
C THR A 259 -37.89 16.08 -11.66
N ILE A 260 -37.57 17.15 -12.40
CA ILE A 260 -38.60 17.98 -13.00
C ILE A 260 -39.41 17.17 -14.01
N GLY A 261 -38.73 16.35 -14.81
CA GLY A 261 -39.44 15.54 -15.80
C GLY A 261 -40.43 14.57 -15.16
N ILE A 262 -40.09 14.05 -14.00
CA ILE A 262 -41.00 13.14 -13.30
C ILE A 262 -42.29 13.85 -12.95
N LEU A 263 -42.19 15.09 -12.47
CA LEU A 263 -43.38 15.85 -12.11
C LEU A 263 -44.26 16.14 -13.31
N MET A 264 -43.71 16.07 -14.54
CA MET A 264 -44.47 16.33 -15.75
C MET A 264 -44.76 15.07 -16.56
N SER A 265 -43.96 14.01 -16.40
CA SER A 265 -44.19 12.77 -17.13
C SER A 265 -45.04 11.78 -16.36
N ALA A 266 -44.93 11.76 -15.03
CA ALA A 266 -45.72 10.83 -14.24
C ALA A 266 -47.22 11.03 -14.42
N PRO A 267 -47.76 12.25 -14.42
CA PRO A 267 -49.22 12.40 -14.59
C PRO A 267 -49.72 11.85 -15.91
N ASN A 268 -48.89 11.81 -16.95
CA ASN A 268 -49.29 11.32 -18.26
C ASN A 268 -48.97 9.84 -18.45
N PHE A 269 -47.82 9.38 -17.96
CA PHE A 269 -47.42 7.98 -18.09
C PHE A 269 -47.70 7.18 -16.82
N VAL A 270 -47.19 7.63 -15.68
CA VAL A 270 -47.41 6.94 -14.42
C VAL A 270 -48.78 7.27 -13.85
N LEU B 7 -45.73 -17.94 11.90
CA LEU B 7 -44.81 -16.86 11.55
C LEU B 7 -43.70 -17.37 10.62
N TYR B 8 -44.11 -18.00 9.52
CA TYR B 8 -43.14 -18.53 8.57
C TYR B 8 -42.43 -17.40 7.84
N TYR B 9 -43.19 -16.56 7.13
CA TYR B 9 -42.60 -15.44 6.40
C TYR B 9 -42.14 -14.32 7.32
N GLY B 10 -42.78 -14.17 8.48
CA GLY B 10 -42.39 -13.12 9.41
C GLY B 10 -40.99 -13.30 9.95
N LEU B 11 -40.70 -14.48 10.51
CA LEU B 11 -39.37 -14.76 11.01
C LEU B 11 -38.34 -14.77 9.89
N ASN B 12 -38.74 -15.22 8.70
CA ASN B 12 -37.83 -15.29 7.56
C ASN B 12 -37.59 -13.94 6.90
N LEU B 13 -38.37 -12.92 7.23
CA LEU B 13 -38.24 -11.59 6.63
C LEU B 13 -37.92 -10.50 7.63
N LEU B 14 -38.30 -10.66 8.90
CA LEU B 14 -38.02 -9.66 9.92
C LEU B 14 -36.67 -9.87 10.59
N ILE B 15 -36.30 -11.12 10.86
CA ILE B 15 -35.04 -11.40 11.54
C ILE B 15 -33.84 -10.90 10.74
N PRO B 16 -33.76 -11.12 9.42
CA PRO B 16 -32.57 -10.65 8.67
C PRO B 16 -32.32 -9.16 8.80
N CYS B 17 -33.38 -8.35 8.94
CA CYS B 17 -33.18 -6.91 9.08
C CYS B 17 -32.37 -6.58 10.33
N VAL B 18 -32.66 -7.26 11.45
CA VAL B 18 -31.91 -7.01 12.67
C VAL B 18 -30.46 -7.44 12.50
N LEU B 19 -30.23 -8.59 11.86
CA LEU B 19 -28.86 -9.08 11.67
C LEU B 19 -28.04 -8.10 10.83
N ILE B 20 -28.64 -7.57 9.76
CA ILE B 20 -27.90 -6.64 8.90
C ILE B 20 -27.52 -5.39 9.68
N SER B 21 -28.46 -4.84 10.46
CA SER B 21 -28.16 -3.65 11.24
C SER B 21 -27.18 -3.95 12.38
N ALA B 22 -27.30 -5.13 12.99
CA ALA B 22 -26.39 -5.47 14.09
C ALA B 22 -24.94 -5.54 13.61
N LEU B 23 -24.72 -6.14 12.43
CA LEU B 23 -23.36 -6.24 11.92
C LEU B 23 -22.78 -4.90 11.56
N ALA B 24 -23.61 -3.98 11.07
CA ALA B 24 -23.11 -2.65 10.70
C ALA B 24 -22.57 -1.90 11.91
N LEU B 25 -23.12 -2.16 13.10
CA LEU B 25 -22.63 -1.48 14.30
C LEU B 25 -21.17 -1.83 14.58
N LEU B 26 -20.80 -3.11 14.40
CA LEU B 26 -19.43 -3.52 14.65
C LEU B 26 -18.46 -2.88 13.65
N VAL B 27 -18.94 -2.54 12.46
CA VAL B 27 -18.07 -1.91 11.46
C VAL B 27 -17.61 -0.55 11.95
N PHE B 28 -18.51 0.21 12.59
CA PHE B 28 -18.14 1.54 13.06
C PHE B 28 -17.05 1.49 14.11
N LEU B 29 -17.06 0.47 14.97
CA LEU B 29 -16.05 0.37 16.02
C LEU B 29 -14.66 0.09 15.46
N LEU B 30 -14.56 -0.36 14.21
CA LEU B 30 -13.27 -0.66 13.64
C LEU B 30 -12.45 0.62 13.46
N PRO B 31 -11.13 0.53 13.54
CA PRO B 31 -10.29 1.72 13.37
C PRO B 31 -10.35 2.26 11.96
N ALA B 32 -10.10 3.56 11.84
CA ALA B 32 -10.10 4.23 10.54
C ALA B 32 -8.85 3.92 9.72
N ASP B 33 -7.84 3.31 10.33
CA ASP B 33 -6.61 2.96 9.62
C ASP B 33 -6.67 1.60 8.95
N SER B 34 -7.81 0.89 9.05
CA SER B 34 -7.90 -0.43 8.44
C SER B 34 -7.70 -0.36 6.94
N GLY B 35 -8.30 0.63 6.28
CA GLY B 35 -8.19 0.81 4.84
C GLY B 35 -9.24 0.07 4.04
N GLU B 36 -9.56 -1.16 4.45
CA GLU B 36 -10.55 -1.98 3.76
C GLU B 36 -11.95 -1.85 4.37
N LYS B 37 -12.20 -0.79 5.13
CA LYS B 37 -13.52 -0.60 5.72
C LYS B 37 -14.58 -0.36 4.66
N ILE B 38 -14.24 0.37 3.60
CA ILE B 38 -15.21 0.66 2.54
C ILE B 38 -15.62 -0.63 1.84
N SER B 39 -14.67 -1.55 1.64
CA SER B 39 -14.99 -2.82 0.98
C SER B 39 -15.89 -3.69 1.85
N LEU B 40 -15.85 -3.50 3.17
CA LEU B 40 -16.68 -4.30 4.06
C LEU B 40 -18.16 -3.96 3.90
N GLY B 41 -18.47 -2.70 3.60
CA GLY B 41 -19.86 -2.30 3.44
C GLY B 41 -20.48 -2.71 2.12
N ILE B 42 -19.67 -3.05 1.13
CA ILE B 42 -20.21 -3.42 -0.18
C ILE B 42 -21.00 -4.72 -0.07
N THR B 43 -20.44 -5.72 0.59
CA THR B 43 -21.13 -7.00 0.72
C THR B 43 -22.38 -6.85 1.59
N VAL B 44 -22.31 -6.04 2.64
CA VAL B 44 -23.48 -5.82 3.49
C VAL B 44 -24.59 -5.14 2.70
N LEU B 45 -24.24 -4.11 1.93
CA LEU B 45 -25.24 -3.44 1.11
C LEU B 45 -25.80 -4.38 0.04
N LEU B 46 -24.93 -5.19 -0.57
CA LEU B 46 -25.39 -6.12 -1.60
C LEU B 46 -26.35 -7.15 -1.03
N SER B 47 -26.16 -7.55 0.23
CA SER B 47 -27.06 -8.52 0.84
C SER B 47 -28.46 -7.95 1.04
N LEU B 48 -28.57 -6.64 1.25
CA LEU B 48 -29.88 -6.03 1.41
C LEU B 48 -30.66 -6.00 0.10
N THR B 49 -29.96 -5.82 -1.03
CA THR B 49 -30.64 -5.80 -2.33
C THR B 49 -31.31 -7.12 -2.61
N VAL B 50 -30.65 -8.23 -2.30
CA VAL B 50 -31.24 -9.54 -2.52
C VAL B 50 -32.48 -9.71 -1.64
N PHE B 51 -32.41 -9.28 -0.38
CA PHE B 51 -33.56 -9.36 0.50
C PHE B 51 -34.71 -8.50 -0.01
N MET B 52 -34.39 -7.36 -0.62
CA MET B 52 -35.43 -6.48 -1.15
C MET B 52 -36.23 -7.18 -2.24
N LEU B 53 -35.57 -7.93 -3.11
CA LEU B 53 -36.27 -8.62 -4.19
C LEU B 53 -37.28 -9.61 -3.62
N LEU B 54 -36.90 -10.36 -2.59
CA LEU B 54 -37.84 -11.31 -1.99
C LEU B 54 -39.05 -10.60 -1.40
N VAL B 55 -38.82 -9.46 -0.73
CA VAL B 55 -39.94 -8.71 -0.15
C VAL B 55 -40.83 -8.15 -1.25
N ALA B 56 -40.25 -7.77 -2.38
CA ALA B 56 -41.05 -7.21 -3.47
C ALA B 56 -42.07 -8.21 -3.98
N GLU B 57 -41.68 -9.48 -4.10
CA GLU B 57 -42.62 -10.49 -4.58
C GLU B 57 -43.78 -10.67 -3.62
N ILE B 58 -43.50 -10.63 -2.31
CA ILE B 58 -44.57 -10.76 -1.33
C ILE B 58 -45.54 -9.58 -1.42
N MET B 59 -45.01 -8.39 -1.71
CA MET B 59 -45.86 -7.22 -1.80
C MET B 59 -46.87 -7.38 -2.94
N PRO B 60 -48.17 -7.23 -2.68
CA PRO B 60 -49.14 -7.33 -3.77
C PRO B 60 -48.88 -6.29 -4.85
N SER B 61 -49.13 -6.66 -6.10
CA SER B 61 -48.95 -5.77 -7.24
C SER B 61 -50.14 -4.83 -7.31
N THR B 62 -50.04 -3.73 -6.54
CA THR B 62 -51.09 -2.73 -6.50
C THR B 62 -50.78 -1.61 -7.49
N SER B 63 -51.66 -0.63 -7.55
CA SER B 63 -51.51 0.51 -8.45
C SER B 63 -51.61 1.85 -7.74
N ASP B 64 -52.47 1.97 -6.73
CA ASP B 64 -52.67 3.22 -6.01
C ASP B 64 -52.20 3.16 -4.57
N SER B 65 -52.67 2.18 -3.81
CA SER B 65 -52.33 2.05 -2.39
C SER B 65 -51.23 1.00 -2.23
N SER B 66 -50.12 1.41 -1.63
CA SER B 66 -49.01 0.50 -1.40
C SER B 66 -49.28 -0.35 -0.15
N PRO B 67 -48.66 -1.52 -0.05
CA PRO B 67 -48.87 -2.38 1.11
C PRO B 67 -48.24 -1.78 2.36
N SER B 68 -48.72 -2.24 3.52
CA SER B 68 -48.20 -1.75 4.78
C SER B 68 -46.76 -2.16 5.03
N ILE B 69 -46.26 -3.18 4.30
CA ILE B 69 -44.88 -3.61 4.47
C ILE B 69 -43.90 -2.79 3.63
N ALA B 70 -44.40 -1.90 2.77
CA ALA B 70 -43.52 -1.09 1.96
C ALA B 70 -42.66 -0.17 2.82
N GLN B 71 -43.25 0.42 3.85
CA GLN B 71 -42.52 1.34 4.72
C GLN B 71 -41.64 0.63 5.74
N TYR B 72 -41.79 -0.69 5.90
CA TYR B 72 -40.98 -1.41 6.88
C TYR B 72 -39.51 -1.43 6.45
N PHE B 73 -39.22 -1.99 5.28
CA PHE B 73 -37.85 -2.05 4.79
C PHE B 73 -37.36 -0.73 4.21
N ALA B 74 -38.26 0.23 3.96
CA ALA B 74 -37.82 1.53 3.49
C ALA B 74 -36.97 2.24 4.52
N SER B 75 -37.36 2.15 5.80
CA SER B 75 -36.57 2.75 6.86
C SER B 75 -35.32 1.93 7.18
N THR B 76 -35.39 0.61 6.97
CA THR B 76 -34.23 -0.24 7.25
C THR B 76 -33.05 0.12 6.35
N MET B 77 -33.32 0.37 5.06
CA MET B 77 -32.25 0.70 4.13
C MET B 77 -31.66 2.08 4.40
N ILE B 78 -32.39 2.96 5.08
CA ILE B 78 -31.83 4.27 5.42
C ILE B 78 -30.68 4.11 6.41
N ILE B 79 -30.87 3.28 7.44
CA ILE B 79 -29.80 3.04 8.40
C ILE B 79 -28.64 2.33 7.73
N VAL B 80 -28.93 1.28 6.95
CA VAL B 80 -27.88 0.55 6.25
C VAL B 80 -27.26 1.42 5.17
N GLY B 81 -28.09 2.14 4.41
CA GLY B 81 -27.56 3.00 3.37
C GLY B 81 -26.68 4.11 3.92
N LEU B 82 -27.11 4.73 5.02
CA LEU B 82 -26.30 5.76 5.64
C LEU B 82 -25.05 5.19 6.28
N SER B 83 -25.11 3.93 6.74
CA SER B 83 -23.92 3.31 7.33
C SER B 83 -22.81 3.18 6.31
N VAL B 84 -23.15 2.81 5.07
CA VAL B 84 -22.14 2.71 4.02
C VAL B 84 -21.52 4.08 3.76
N VAL B 85 -22.34 5.13 3.71
CA VAL B 85 -21.83 6.47 3.48
C VAL B 85 -20.90 6.88 4.62
N VAL B 86 -21.23 6.49 5.85
CA VAL B 86 -20.39 6.82 6.99
C VAL B 86 -19.02 6.17 6.84
N THR B 87 -18.99 4.89 6.43
CA THR B 87 -17.72 4.23 6.22
C THR B 87 -16.93 4.87 5.07
N VAL B 88 -17.63 5.44 4.10
CA VAL B 88 -16.94 6.14 3.01
C VAL B 88 -16.25 7.39 3.53
N ILE B 89 -16.89 8.09 4.46
CA ILE B 89 -16.30 9.30 5.04
C ILE B 89 -15.04 8.98 5.82
N VAL B 90 -14.87 7.73 6.25
CA VAL B 90 -13.68 7.36 7.01
C VAL B 90 -12.43 7.59 6.17
N LEU B 91 -12.47 7.17 4.90
CA LEU B 91 -11.33 7.37 4.01
C LEU B 91 -11.17 8.84 3.61
N GLN B 92 -12.24 9.62 3.62
CA GLN B 92 -12.14 11.03 3.27
C GLN B 92 -11.26 11.79 4.25
N TYR B 93 -11.45 11.55 5.55
CA TYR B 93 -10.64 12.22 6.55
C TYR B 93 -9.25 11.59 6.64
N HIS B 94 -9.17 10.27 6.52
CA HIS B 94 -7.87 9.60 6.60
C HIS B 94 -6.95 10.01 5.46
N HIS B 95 -7.52 10.30 4.29
CA HIS B 95 -6.77 10.72 3.10
C HIS B 95 -7.14 12.13 2.70
N HIS B 96 -7.27 13.02 3.69
CA HIS B 96 -7.63 14.41 3.41
C HIS B 96 -6.58 15.06 2.53
N ASP B 97 -7.04 15.80 1.53
CA ASP B 97 -6.18 16.48 0.58
C ASP B 97 -6.18 17.99 0.85
N PRO B 98 -5.15 18.71 0.38
CA PRO B 98 -5.10 20.16 0.63
C PRO B 98 -6.29 20.91 0.07
N ASP B 99 -6.93 20.41 -0.99
CA ASP B 99 -8.06 21.12 -1.57
C ASP B 99 -9.23 21.21 -0.60
N GLY B 100 -9.44 20.20 0.22
CA GLY B 100 -10.52 20.21 1.18
C GLY B 100 -10.97 18.80 1.49
N GLY B 101 -11.99 18.71 2.34
CA GLY B 101 -12.55 17.43 2.74
C GLY B 101 -12.79 17.34 4.24
N LYS B 102 -11.95 18.03 5.01
CA LYS B 102 -12.09 18.03 6.46
C LYS B 102 -13.18 19.01 6.89
N MET B 103 -13.59 18.89 8.15
CA MET B 103 -14.61 19.78 8.70
C MET B 103 -14.05 21.19 8.88
N PRO B 104 -14.94 22.19 8.97
CA PRO B 104 -14.46 23.57 9.14
C PRO B 104 -13.56 23.74 10.35
N LYS B 105 -12.70 24.76 10.32
CA LYS B 105 -11.76 24.98 11.42
C LYS B 105 -12.49 25.23 12.73
N TRP B 106 -13.57 26.02 12.69
CA TRP B 106 -14.31 26.32 13.92
C TRP B 106 -14.91 25.06 14.52
N THR B 107 -15.30 24.09 13.69
CA THR B 107 -15.86 22.84 14.18
C THR B 107 -14.80 21.85 14.66
N ARG B 108 -13.53 22.09 14.33
CA ARG B 108 -12.48 21.16 14.76
C ARG B 108 -12.22 21.26 16.26
N VAL B 109 -12.52 22.41 16.86
CA VAL B 109 -12.32 22.57 18.30
C VAL B 109 -13.27 21.65 19.07
N ILE B 110 -14.50 21.49 18.58
CA ILE B 110 -15.46 20.62 19.25
C ILE B 110 -14.98 19.18 19.21
N LEU B 111 -14.37 18.77 18.09
CA LEU B 111 -13.88 17.40 17.98
C LEU B 111 -12.79 17.12 19.01
N LEU B 112 -11.90 18.09 19.23
CA LEU B 112 -10.83 17.88 20.20
C LEU B 112 -11.39 17.66 21.60
N ASN B 113 -12.40 18.45 22.00
CA ASN B 113 -13.02 18.27 23.30
C ASN B 113 -13.69 16.90 23.40
N TRP B 114 -14.39 16.48 22.34
CA TRP B 114 -15.04 15.17 22.36
C TRP B 114 -14.00 14.05 22.45
N CYS B 115 -12.90 14.18 21.72
CA CYS B 115 -11.87 13.15 21.75
C CYS B 115 -11.28 13.00 23.15
N ALA B 116 -11.03 14.13 23.83
CA ALA B 116 -10.49 14.06 25.18
C ALA B 116 -11.51 13.44 26.14
N TRP B 117 -12.80 13.75 25.96
CA TRP B 117 -13.82 13.19 26.83
C TRP B 117 -14.05 11.70 26.56
N PHE B 118 -13.76 11.22 25.35
CA PHE B 118 -13.95 9.81 25.05
C PHE B 118 -13.07 8.93 25.92
N LEU B 119 -11.81 9.30 26.09
CA LEU B 119 -10.92 8.52 26.94
C LEU B 119 -11.29 8.66 28.40
N ARG B 120 -11.66 9.88 28.83
CA ARG B 120 -12.05 10.17 30.21
C ARG B 120 -13.43 10.81 30.18
N MET B 121 -14.47 9.98 30.22
CA MET B 121 -15.84 10.48 30.18
C MET B 121 -16.22 11.11 31.51
N LYS B 122 -17.31 11.87 31.50
CA LYS B 122 -17.82 12.54 32.68
C LYS B 122 -18.81 11.69 33.46
N ARG B 123 -19.05 10.45 33.04
CA ARG B 123 -19.98 9.58 33.73
C ARG B 123 -19.38 9.10 35.05
N PRO B 124 -20.20 8.61 35.97
CA PRO B 124 -19.65 8.12 37.26
C PRO B 124 -18.67 6.99 37.10
N GLY B 125 -18.73 6.23 36.00
CA GLY B 125 -17.80 5.13 35.83
C GLY B 125 -16.36 5.57 35.74
N GLU B 126 -16.13 6.81 35.30
CA GLU B 126 -14.78 7.35 35.19
C GLU B 126 -14.49 8.50 36.15
N ASP B 127 -15.52 9.21 36.61
CA ASP B 127 -15.34 10.33 37.53
C ASP B 127 -15.38 9.89 38.99
N LYS B 128 -15.63 8.62 39.27
CA LYS B 128 -15.70 8.12 40.64
C LYS B 128 -14.39 7.52 41.11
N VAL B 129 -13.65 6.85 40.24
CA VAL B 129 -12.37 6.23 40.62
C VAL B 129 -11.30 7.30 40.40
N ARG B 130 -11.12 8.15 41.41
CA ARG B 130 -10.13 9.20 41.37
C ARG B 130 -10.01 9.86 42.74
N PRO B 131 -8.84 10.45 43.06
CA PRO B 131 -8.69 11.08 44.38
C PRO B 131 -9.48 12.37 44.50
N ALA B 132 -10.49 12.39 45.37
CA ALA B 132 -11.31 13.56 45.61
C ALA B 132 -11.32 13.86 47.09
N CYS B 133 -10.96 15.08 47.45
CA CYS B 133 -10.91 15.52 48.85
C CYS B 133 -10.80 17.04 48.85
N GLN B 134 -10.58 17.61 50.04
CA GLN B 134 -10.43 19.05 50.18
C GLN B 134 -8.99 19.53 49.98
N HIS B 135 -8.08 18.62 49.65
CA HIS B 135 -6.68 18.98 49.47
C HIS B 135 -6.50 19.62 48.09
N LYS B 136 -5.23 19.79 47.68
CA LYS B 136 -4.95 20.46 46.42
C LYS B 136 -5.48 19.69 45.21
N GLN B 137 -5.84 18.42 45.39
CA GLN B 137 -6.33 17.62 44.28
C GLN B 137 -7.59 18.23 43.67
N ARG B 138 -8.38 18.94 44.46
CA ARG B 138 -9.63 19.55 44.03
C ARG B 138 -9.61 21.06 44.27
N ARG B 139 -8.45 21.68 44.10
CA ARG B 139 -8.28 23.12 44.28
C ARG B 139 -8.05 23.78 42.93
N CYS B 140 -8.16 25.10 42.92
CA CYS B 140 -7.98 25.91 41.73
C CYS B 140 -6.71 26.76 41.86
N SER B 141 -5.97 26.87 40.77
CA SER B 141 -4.72 27.63 40.75
C SER B 141 -4.55 28.22 39.35
N LEU B 142 -3.36 28.76 39.09
CA LEU B 142 -3.10 29.37 37.78
C LEU B 142 -3.10 28.32 36.68
N ALA B 143 -2.62 27.11 36.96
CA ALA B 143 -2.58 26.06 35.95
C ALA B 143 -3.96 25.60 35.53
N SER B 144 -4.99 25.83 36.35
CA SER B 144 -6.34 25.41 36.02
C SER B 144 -7.13 26.50 35.31
N VAL B 145 -6.91 27.77 35.69
CA VAL B 145 -7.59 28.89 35.08
C VAL B 145 -6.75 29.34 33.89
N GLU B 146 -7.20 29.00 32.68
CA GLU B 146 -6.51 29.36 31.45
C GLU B 146 -7.13 30.58 30.77
N MET B 147 -7.79 31.44 31.54
CA MET B 147 -8.41 32.63 30.98
C MET B 147 -7.39 33.70 30.60
N SER B 148 -6.18 33.62 31.15
CA SER B 148 -5.12 34.59 30.87
C SER B 148 -4.05 34.01 29.94
N ALA B 149 -4.46 33.18 28.98
CA ALA B 149 -3.54 32.57 28.03
C ALA B 149 -2.45 31.76 28.76
N VAL B 150 -2.87 31.02 29.78
CA VAL B 150 -1.95 30.20 30.55
C VAL B 150 -1.66 28.92 29.79
N ALA B 151 -0.39 28.50 29.80
CA ALA B 151 0.01 27.29 29.10
C ALA B 151 -0.64 26.07 29.74
N PRO B 152 -0.91 25.03 28.97
CA PRO B 152 -1.54 23.83 29.53
C PRO B 152 -0.59 23.09 30.45
N PRO B 153 -1.07 22.06 31.14
CA PRO B 153 -0.18 21.31 32.03
C PRO B 153 0.96 20.69 31.26
N PRO B 154 2.14 20.54 31.89
CA PRO B 154 3.29 19.97 31.17
C PRO B 154 3.14 18.48 30.92
N ALA B 155 2.38 18.12 29.90
CA ALA B 155 2.14 16.72 29.54
C ALA B 155 3.04 16.32 28.38
N SER B 156 3.42 15.05 28.38
CA SER B 156 4.29 14.49 27.34
C SER B 156 3.50 13.99 26.13
N ASN B 157 2.27 14.49 25.93
CA ASN B 157 1.43 14.08 24.82
C ASN B 157 1.55 15.01 23.61
N GLY B 158 2.52 15.91 23.62
CA GLY B 158 2.72 16.84 22.51
C GLY B 158 2.55 18.29 22.91
N ASN B 159 2.50 18.56 24.22
CA ASN B 159 2.35 19.91 24.73
C ASN B 159 3.66 20.46 25.30
N LEU B 160 4.27 19.74 26.25
CA LEU B 160 5.51 20.21 26.84
C LEU B 160 6.62 20.27 25.79
N LEU B 161 6.71 19.26 24.92
CA LEU B 161 7.76 19.25 23.91
C LEU B 161 7.62 20.43 22.95
N TYR B 162 6.39 20.73 22.53
CA TYR B 162 6.17 21.83 21.60
C TYR B 162 6.31 23.17 22.30
N ILE B 163 5.83 23.28 23.53
CA ILE B 163 5.91 24.54 24.27
C ILE B 163 7.37 24.87 24.58
N GLY B 164 8.15 23.86 24.96
CA GLY B 164 9.54 24.10 25.30
C GLY B 164 10.45 24.23 24.10
N PHE B 165 10.05 23.65 22.96
CA PHE B 165 10.84 23.72 21.74
C PHE B 165 10.40 24.84 20.80
N ARG B 166 9.10 25.09 20.72
CA ARG B 166 8.56 26.13 19.85
C ARG B 166 7.83 27.23 20.59
N GLY B 167 7.19 26.92 21.73
CA GLY B 167 6.46 27.94 22.46
C GLY B 167 7.34 28.98 23.12
N LEU B 168 8.60 28.64 23.39
CA LEU B 168 9.53 29.58 24.03
C LEU B 168 10.17 30.47 22.94
N ASP B 169 9.35 31.35 22.40
CA ASP B 169 9.77 32.28 21.35
C ASP B 169 10.44 33.47 22.02
N GLY B 170 11.73 33.33 22.31
CA GLY B 170 12.49 34.38 22.95
C GLY B 170 13.42 33.88 24.04
N VAL B 171 13.35 32.57 24.33
CA VAL B 171 14.19 31.95 25.35
C VAL B 171 14.99 30.79 24.76
N HIS B 172 14.33 29.85 24.09
CA HIS B 172 15.00 28.71 23.50
C HIS B 172 15.39 28.96 22.05
N CYS B 173 14.40 29.25 21.21
CA CYS B 173 14.69 29.50 19.79
C CYS B 173 15.57 30.73 19.62
N VAL B 174 15.26 31.81 20.35
CA VAL B 174 16.01 33.05 20.29
C VAL B 174 16.35 33.50 21.70
N PRO B 175 17.34 32.89 22.35
CA PRO B 175 17.67 33.29 23.74
C PRO B 175 18.01 34.77 23.82
N THR B 176 17.16 35.52 24.52
CA THR B 176 17.35 36.95 24.70
C THR B 176 18.43 37.23 25.73
N PRO B 177 18.38 36.62 26.93
CA PRO B 177 19.42 36.92 27.94
C PRO B 177 20.74 36.19 27.64
N ASP B 178 21.51 36.78 26.72
CA ASP B 178 22.80 36.23 26.32
C ASP B 178 23.96 37.18 26.60
N SER B 179 23.70 38.41 27.01
CA SER B 179 24.76 39.39 27.28
C SER B 179 25.29 39.15 28.68
N GLY B 180 26.28 38.27 28.80
CA GLY B 180 26.91 37.98 30.07
C GLY B 180 26.18 36.98 30.93
N VAL B 181 25.09 36.38 30.44
CA VAL B 181 24.33 35.40 31.21
C VAL B 181 24.70 34.00 30.74
N VAL B 182 24.46 33.73 29.46
CA VAL B 182 24.82 32.42 28.91
C VAL B 182 26.33 32.28 28.82
N CYS B 183 27.02 33.33 28.35
CA CYS B 183 28.46 33.34 28.22
C CYS B 183 29.17 33.90 29.44
N GLY B 184 28.52 33.85 30.61
CA GLY B 184 29.12 34.39 31.83
C GLY B 184 28.99 33.43 33.00
N ARG B 185 28.64 32.18 32.72
CA ARG B 185 28.49 31.16 33.74
C ARG B 185 29.23 29.89 33.34
N MET B 186 29.47 29.03 34.31
CA MET B 186 30.20 27.79 34.11
C MET B 186 29.28 26.62 33.79
N ALA B 187 27.97 26.86 33.64
CA ALA B 187 27.00 25.80 33.37
C ALA B 187 27.11 25.39 31.91
N CYS B 188 28.13 24.60 31.61
CA CYS B 188 28.38 24.08 30.26
C CYS B 188 28.48 25.23 29.25
N SER B 189 29.13 26.32 29.66
CA SER B 189 29.33 27.48 28.79
C SER B 189 30.53 28.25 29.31
N PRO B 190 31.18 29.04 28.44
CA PRO B 190 32.32 29.84 28.89
C PRO B 190 31.89 30.93 29.86
N THR B 191 32.83 31.32 30.73
CA THR B 191 32.61 32.36 31.73
C THR B 191 33.41 33.59 31.30
N HIS B 192 32.78 34.43 30.47
CA HIS B 192 33.42 35.65 29.98
C HIS B 192 34.73 35.36 29.26
N ASP B 193 34.82 34.21 28.60
CA ASP B 193 36.03 33.81 27.88
C ASP B 193 35.89 34.25 26.43
N GLU B 194 36.42 35.44 26.13
CA GLU B 194 36.35 35.94 24.76
C GLU B 194 37.33 35.21 23.84
N HIS B 195 38.45 34.74 24.39
CA HIS B 195 39.46 34.03 23.60
C HIS B 195 39.20 32.52 23.66
N LEU B 196 37.98 32.15 23.25
CA LEU B 196 37.57 30.75 23.22
C LEU B 196 38.04 30.13 21.92
N LEU B 197 39.33 29.79 21.88
CA LEU B 197 39.97 29.20 20.72
C LEU B 197 40.28 27.74 20.98
N HIS B 198 40.31 26.95 19.90
CA HIS B 198 40.61 25.52 19.99
C HIS B 198 42.12 25.32 20.01
N GLY B 199 42.72 25.71 21.13
CA GLY B 199 44.16 25.60 21.27
C GLY B 199 44.93 26.46 20.29
N GLY B 200 44.47 27.70 20.08
CA GLY B 200 45.10 28.61 19.15
C GLY B 200 44.48 28.61 17.76
N GLN B 201 43.65 27.63 17.45
CA GLN B 201 42.97 27.52 16.17
C GLN B 201 41.54 28.02 16.29
N PRO B 202 40.87 28.28 15.17
CA PRO B 202 39.48 28.72 15.23
C PRO B 202 38.62 27.66 15.88
N PRO B 203 37.55 28.07 16.57
CA PRO B 203 36.71 27.08 17.27
C PRO B 203 36.15 26.01 16.35
N GLU B 204 35.83 26.35 15.10
CA GLU B 204 35.30 25.38 14.15
C GLU B 204 36.47 24.68 13.46
N GLY B 205 36.54 23.36 13.64
CA GLY B 205 37.63 22.60 13.03
C GLY B 205 37.58 22.63 11.52
N ASP B 206 36.37 22.57 10.95
CA ASP B 206 36.21 22.57 9.50
C ASP B 206 34.91 23.27 9.12
N PRO B 207 34.95 24.31 8.29
CA PRO B 207 33.68 24.93 7.87
C PRO B 207 32.74 23.98 7.16
N ASP B 208 33.28 22.96 6.49
CA ASP B 208 32.42 21.99 5.82
C ASP B 208 31.53 21.25 6.79
N LEU B 209 31.95 21.12 8.06
CA LEU B 209 31.12 20.44 9.05
C LEU B 209 29.82 21.20 9.28
N ALA B 210 29.88 22.54 9.29
CA ALA B 210 28.67 23.33 9.46
C ALA B 210 27.68 23.08 8.34
N LYS B 211 28.17 22.99 7.10
CA LYS B 211 27.29 22.71 5.98
C LYS B 211 26.65 21.32 6.12
N ILE B 212 27.43 20.34 6.58
CA ILE B 212 26.89 19.00 6.78
C ILE B 212 25.78 19.02 7.83
N LEU B 213 25.96 19.83 8.88
CA LEU B 213 24.93 19.92 9.92
C LEU B 213 23.61 20.41 9.35
N GLU B 214 23.66 21.42 8.47
CA GLU B 214 22.42 21.92 7.86
C GLU B 214 21.75 20.84 7.04
N GLU B 215 22.52 20.09 6.25
CA GLU B 215 21.94 19.00 5.48
C GLU B 215 21.42 17.89 6.39
N VAL B 216 22.18 17.55 7.42
CA VAL B 216 21.73 16.53 8.37
C VAL B 216 20.48 17.02 9.11
N ARG B 217 20.48 18.29 9.53
CA ARG B 217 19.32 18.83 10.22
C ARG B 217 18.11 18.83 9.31
N TYR B 218 18.29 19.18 8.03
CA TYR B 218 17.18 19.16 7.09
C TYR B 218 16.63 17.74 6.93
N ILE B 219 17.52 16.74 6.87
CA ILE B 219 17.07 15.36 6.78
C ILE B 219 16.28 14.99 8.02
N ALA B 220 16.78 15.38 9.20
CA ALA B 220 16.04 15.11 10.43
C ALA B 220 14.77 15.95 10.51
N ASN B 221 14.77 17.15 9.94
CA ASN B 221 13.57 17.98 9.95
C ASN B 221 12.44 17.31 9.18
N ARG B 222 12.75 16.70 8.03
CA ARG B 222 11.73 15.98 7.28
C ARG B 222 11.17 14.82 8.10
N PHE B 223 12.04 14.08 8.79
CA PHE B 223 11.57 13.00 9.66
C PHE B 223 10.72 13.56 10.80
N ARG B 224 11.10 14.73 11.32
CA ARG B 224 10.29 15.36 12.36
C ARG B 224 8.90 15.69 11.85
N CYS B 225 8.81 16.19 10.62
CA CYS B 225 7.50 16.47 10.02
C CYS B 225 6.69 15.20 9.87
N GLN B 226 7.34 14.08 9.56
CA GLN B 226 6.62 12.81 9.47
C GLN B 226 6.05 12.41 10.83
N ASP B 227 6.81 12.61 11.89
CA ASP B 227 6.30 12.33 13.23
C ASP B 227 5.31 13.40 13.69
N GLU B 228 5.54 14.66 13.32
CA GLU B 228 4.58 15.70 13.66
C GLU B 228 3.27 15.51 12.91
N SER B 229 3.35 15.08 11.65
CA SER B 229 2.13 14.81 10.88
C SER B 229 1.35 13.64 11.44
N GLU B 230 1.98 12.78 12.25
CA GLU B 230 1.25 11.68 12.86
C GLU B 230 0.16 12.19 13.79
N ALA B 231 0.46 13.24 14.56
CA ALA B 231 -0.57 13.84 15.41
C ALA B 231 -1.71 14.40 14.57
N VAL B 232 -1.38 15.08 13.47
CA VAL B 232 -2.41 15.56 12.57
C VAL B 232 -3.16 14.39 11.93
N CYS B 233 -2.43 13.36 11.50
CA CYS B 233 -3.08 12.17 10.97
C CYS B 233 -3.85 11.43 12.05
N SER B 234 -3.35 11.44 13.29
CA SER B 234 -4.08 10.82 14.38
C SER B 234 -5.43 11.51 14.60
N GLU B 235 -5.46 12.84 14.51
CA GLU B 235 -6.72 13.55 14.65
C GLU B 235 -7.68 13.16 13.53
N TRP B 236 -7.17 12.98 12.32
CA TRP B 236 -8.02 12.51 11.22
C TRP B 236 -8.59 11.13 11.52
N LYS B 237 -7.77 10.23 12.08
CA LYS B 237 -8.26 8.92 12.46
C LYS B 237 -9.32 9.04 13.56
N PHE B 238 -9.07 9.90 14.55
CA PHE B 238 -10.07 10.12 15.61
C PHE B 238 -11.34 10.72 15.04
N ALA B 239 -11.21 11.70 14.14
CA ALA B 239 -12.39 12.31 13.54
C ALA B 239 -13.18 11.29 12.74
N ALA B 240 -12.49 10.43 11.97
CA ALA B 240 -13.18 9.37 11.24
C ALA B 240 -13.85 8.40 12.20
N CYS B 241 -13.16 8.04 13.29
CA CYS B 241 -13.75 7.13 14.27
C CYS B 241 -14.82 7.83 15.10
N VAL B 242 -14.68 9.13 15.33
CA VAL B 242 -15.70 9.86 16.09
C VAL B 242 -17.02 9.85 15.33
N VAL B 243 -16.97 10.10 14.02
CA VAL B 243 -18.18 10.05 13.21
C VAL B 243 -18.78 8.65 13.21
N ASP B 244 -17.93 7.63 13.07
CA ASP B 244 -18.42 6.25 13.13
C ASP B 244 -19.02 5.95 14.49
N ARG B 245 -18.34 6.34 15.56
CA ARG B 245 -18.87 6.11 16.89
C ARG B 245 -20.10 6.98 17.16
N LEU B 246 -20.10 8.21 16.66
CA LEU B 246 -21.26 9.08 16.85
C LEU B 246 -22.49 8.50 16.18
N CYS B 247 -22.34 7.95 14.98
CA CYS B 247 -23.47 7.34 14.27
C CYS B 247 -23.85 5.99 14.87
N LEU B 248 -22.95 5.35 15.62
CA LEU B 248 -23.28 4.07 16.23
C LEU B 248 -24.42 4.22 17.23
N MET B 249 -24.37 5.27 18.06
CA MET B 249 -25.44 5.50 19.02
C MET B 249 -26.73 5.92 18.32
N ALA B 250 -26.61 6.74 17.26
CA ALA B 250 -27.80 7.18 16.54
C ALA B 250 -28.52 6.00 15.91
N PHE B 251 -27.78 5.08 15.30
CA PHE B 251 -28.41 3.91 14.69
C PHE B 251 -28.87 2.92 15.74
N SER B 252 -28.23 2.89 16.91
CA SER B 252 -28.66 1.99 17.97
C SER B 252 -30.08 2.30 18.42
N VAL B 253 -30.40 3.58 18.57
CA VAL B 253 -31.76 3.98 18.95
C VAL B 253 -32.74 3.59 17.85
N PHE B 254 -32.37 3.85 16.58
CA PHE B 254 -33.24 3.47 15.47
C PHE B 254 -33.43 1.97 15.41
N THR B 255 -32.35 1.20 15.62
CA THR B 255 -32.46 -0.25 15.59
C THR B 255 -33.40 -0.75 16.69
N ILE B 256 -33.29 -0.16 17.89
CA ILE B 256 -34.19 -0.54 18.98
C ILE B 256 -35.63 -0.19 18.63
N ILE B 257 -35.83 0.96 17.97
CA ILE B 257 -37.18 1.36 17.57
C ILE B 257 -37.76 0.35 16.59
N CYS B 258 -36.95 -0.11 15.62
CA CYS B 258 -37.43 -1.09 14.66
C CYS B 258 -37.82 -2.39 15.35
N THR B 259 -37.01 -2.84 16.31
CA THR B 259 -37.36 -4.06 17.05
C THR B 259 -38.65 -3.87 17.83
N ILE B 260 -38.82 -2.70 18.46
CA ILE B 260 -40.04 -2.44 19.20
C ILE B 260 -41.25 -2.42 18.27
N GLY B 261 -41.09 -1.80 17.09
CA GLY B 261 -42.19 -1.75 16.14
C GLY B 261 -42.64 -3.14 15.70
N ILE B 262 -41.68 -4.07 15.56
CA ILE B 262 -42.04 -5.43 15.17
C ILE B 262 -42.94 -6.06 16.21
N LEU B 263 -42.64 -5.87 17.49
CA LEU B 263 -43.47 -6.43 18.55
C LEU B 263 -44.87 -5.85 18.57
N MET B 264 -45.07 -4.68 17.95
CA MET B 264 -46.37 -4.04 17.90
C MET B 264 -47.03 -4.09 16.53
N SER B 265 -46.25 -4.24 15.46
CA SER B 265 -46.81 -4.30 14.12
C SER B 265 -47.07 -5.72 13.65
N ALA B 266 -46.25 -6.69 14.11
CA ALA B 266 -46.45 -8.08 13.70
C ALA B 266 -47.82 -8.61 14.10
N PRO B 267 -48.31 -8.39 15.33
CA PRO B 267 -49.64 -8.94 15.68
C PRO B 267 -50.76 -8.42 14.80
N ASN B 268 -50.61 -7.22 14.23
CA ASN B 268 -51.65 -6.64 13.39
C ASN B 268 -51.45 -6.94 11.91
N PHE B 269 -50.21 -6.92 11.43
CA PHE B 269 -49.89 -7.20 10.03
C PHE B 269 -49.42 -8.63 9.81
N VAL B 270 -48.38 -9.04 10.54
CA VAL B 270 -47.85 -10.40 10.41
C VAL B 270 -48.71 -11.38 11.19
N LEU C 7 -31.16 -39.67 -2.84
CA LEU C 7 -30.62 -38.48 -2.17
C LEU C 7 -30.20 -37.42 -3.19
N TYR C 8 -31.13 -37.06 -4.06
CA TYR C 8 -30.83 -36.05 -5.08
C TYR C 8 -30.71 -34.67 -4.45
N TYR C 9 -31.77 -34.20 -3.80
CA TYR C 9 -31.74 -32.89 -3.15
C TYR C 9 -30.92 -32.91 -1.87
N GLY C 10 -30.73 -34.07 -1.26
CA GLY C 10 -29.94 -34.17 -0.05
C GLY C 10 -28.47 -33.87 -0.28
N LEU C 11 -27.83 -34.66 -1.15
CA LEU C 11 -26.43 -34.45 -1.44
C LEU C 11 -26.19 -33.10 -2.10
N ASN C 12 -27.17 -32.60 -2.85
CA ASN C 12 -27.05 -31.32 -3.54
C ASN C 12 -27.26 -30.12 -2.61
N LEU C 13 -27.76 -30.35 -1.39
CA LEU C 13 -28.01 -29.28 -0.44
C LEU C 13 -27.23 -29.41 0.86
N LEU C 14 -26.87 -30.63 1.27
CA LEU C 14 -26.12 -30.83 2.50
C LEU C 14 -24.61 -30.72 2.28
N ILE C 15 -24.12 -31.25 1.16
CA ILE C 15 -22.68 -31.22 0.90
C ILE C 15 -22.14 -29.80 0.84
N PRO C 16 -22.78 -28.85 0.15
CA PRO C 16 -22.20 -27.49 0.07
C PRO C 16 -21.97 -26.84 1.43
N CYS C 17 -22.80 -27.16 2.43
CA CYS C 17 -22.60 -26.58 3.76
C CYS C 17 -21.25 -26.97 4.33
N VAL C 18 -20.87 -28.25 4.18
CA VAL C 18 -19.58 -28.69 4.68
C VAL C 18 -18.44 -28.01 3.93
N LEU C 19 -18.57 -27.88 2.60
CA LEU C 19 -17.51 -27.26 1.82
C LEU C 19 -17.32 -25.80 2.22
N ILE C 20 -18.41 -25.06 2.44
CA ILE C 20 -18.28 -23.66 2.83
C ILE C 20 -17.58 -23.53 4.17
N SER C 21 -17.96 -24.37 5.14
CA SER C 21 -17.32 -24.31 6.45
C SER C 21 -15.88 -24.80 6.39
N ALA C 22 -15.60 -25.82 5.57
CA ALA C 22 -14.23 -26.33 5.47
C ALA C 22 -13.29 -25.26 4.94
N LEU C 23 -13.71 -24.51 3.93
CA LEU C 23 -12.85 -23.48 3.35
C LEU C 23 -12.61 -22.34 4.35
N ALA C 24 -13.60 -22.01 5.17
CA ALA C 24 -13.43 -20.94 6.15
C ALA C 24 -12.33 -21.26 7.15
N LEU C 25 -12.14 -22.54 7.47
CA LEU C 25 -11.11 -22.92 8.43
C LEU C 25 -9.72 -22.53 7.92
N LEU C 26 -9.47 -22.75 6.61
CA LEU C 26 -8.16 -22.41 6.06
C LEU C 26 -7.91 -20.90 6.10
N VAL C 27 -8.98 -20.10 6.05
CA VAL C 27 -8.80 -18.65 6.08
C VAL C 27 -8.21 -18.21 7.40
N PHE C 28 -8.62 -18.84 8.50
CA PHE C 28 -8.11 -18.47 9.82
C PHE C 28 -6.61 -18.73 9.93
N LEU C 29 -6.12 -19.82 9.32
CA LEU C 29 -4.70 -20.13 9.41
C LEU C 29 -3.83 -19.13 8.67
N LEU C 30 -4.41 -18.32 7.80
CA LEU C 30 -3.63 -17.34 7.05
C LEU C 30 -3.07 -16.27 7.99
N PRO C 31 -1.92 -15.70 7.66
CA PRO C 31 -1.34 -14.67 8.53
C PRO C 31 -2.18 -13.40 8.53
N ALA C 32 -2.07 -12.66 9.64
CA ALA C 32 -2.79 -11.41 9.79
C ALA C 32 -2.20 -10.26 8.96
N ASP C 33 -1.02 -10.46 8.40
CA ASP C 33 -0.37 -9.43 7.58
C ASP C 33 -0.76 -9.53 6.11
N SER C 34 -1.63 -10.46 5.74
CA SER C 34 -2.01 -10.61 4.34
C SER C 34 -2.67 -9.33 3.81
N GLY C 35 -3.55 -8.73 4.59
CA GLY C 35 -4.24 -7.51 4.22
C GLY C 35 -5.53 -7.74 3.45
N GLU C 36 -5.53 -8.71 2.54
CA GLU C 36 -6.69 -9.03 1.72
C GLU C 36 -7.53 -10.16 2.33
N LYS C 37 -7.39 -10.41 3.63
CA LYS C 37 -8.18 -11.47 4.27
C LYS C 37 -9.66 -11.10 4.31
N ILE C 38 -9.98 -9.82 4.50
CA ILE C 38 -11.37 -9.41 4.56
C ILE C 38 -12.05 -9.62 3.21
N SER C 39 -11.32 -9.37 2.12
CA SER C 39 -11.90 -9.56 0.79
C SER C 39 -12.15 -11.04 0.50
N LEU C 40 -11.40 -11.93 1.14
CA LEU C 40 -11.59 -13.36 0.91
C LEU C 40 -12.93 -13.85 1.45
N GLY C 41 -13.41 -13.26 2.55
CA GLY C 41 -14.66 -13.67 3.13
C GLY C 41 -15.89 -13.16 2.40
N ILE C 42 -15.73 -12.13 1.57
CA ILE C 42 -16.88 -11.57 0.86
C ILE C 42 -17.45 -12.59 -0.13
N THR C 43 -16.57 -13.23 -0.92
CA THR C 43 -17.04 -14.22 -1.89
C THR C 43 -17.62 -15.44 -1.19
N VAL C 44 -17.01 -15.86 -0.08
CA VAL C 44 -17.52 -17.00 0.66
C VAL C 44 -18.90 -16.69 1.22
N LEU C 45 -19.08 -15.51 1.80
CA LEU C 45 -20.39 -15.12 2.31
C LEU C 45 -21.41 -14.99 1.18
N LEU C 46 -20.99 -14.43 0.05
CA LEU C 46 -21.90 -14.28 -1.07
C LEU C 46 -22.35 -15.62 -1.62
N SER C 47 -21.50 -16.65 -1.51
CA SER C 47 -21.89 -17.97 -2.00
C SER C 47 -22.98 -18.59 -1.14
N LEU C 48 -23.03 -18.24 0.15
CA LEU C 48 -24.06 -18.77 1.03
C LEU C 48 -25.42 -18.15 0.74
N THR C 49 -25.46 -16.88 0.34
CA THR C 49 -26.73 -16.24 0.03
C THR C 49 -27.42 -16.92 -1.15
N VAL C 50 -26.65 -17.28 -2.18
CA VAL C 50 -27.22 -17.97 -3.32
C VAL C 50 -27.77 -19.33 -2.90
N PHE C 51 -27.03 -20.06 -2.06
CA PHE C 51 -27.51 -21.34 -1.57
C PHE C 51 -28.78 -21.19 -0.76
N MET C 52 -28.88 -20.11 0.02
CA MET C 52 -30.07 -19.90 0.84
C MET C 52 -31.31 -19.74 -0.02
N LEU C 53 -31.18 -19.04 -1.15
CA LEU C 53 -32.33 -18.85 -2.03
C LEU C 53 -32.85 -20.19 -2.56
N LEU C 54 -31.94 -21.10 -2.93
CA LEU C 54 -32.37 -22.41 -3.40
C LEU C 54 -33.10 -23.17 -2.30
N VAL C 55 -32.58 -23.10 -1.07
CA VAL C 55 -33.23 -23.80 0.03
C VAL C 55 -34.60 -23.20 0.32
N ALA C 56 -34.76 -21.89 0.15
CA ALA C 56 -36.05 -21.25 0.41
C ALA C 56 -37.14 -21.80 -0.50
N GLU C 57 -36.81 -22.02 -1.78
CA GLU C 57 -37.80 -22.56 -2.71
C GLU C 57 -38.25 -23.95 -2.28
N ILE C 58 -37.32 -24.78 -1.82
CA ILE C 58 -37.68 -26.13 -1.38
C ILE C 58 -38.56 -26.06 -0.15
N MET C 59 -38.32 -25.09 0.73
CA MET C 59 -39.12 -24.97 1.94
C MET C 59 -40.58 -24.68 1.58
N PRO C 60 -41.54 -25.47 2.07
CA PRO C 60 -42.94 -25.18 1.78
C PRO C 60 -43.34 -23.81 2.29
N SER C 61 -44.23 -23.15 1.54
CA SER C 61 -44.71 -21.82 1.90
C SER C 61 -45.79 -21.97 2.97
N THR C 62 -45.35 -22.10 4.21
CA THR C 62 -46.24 -22.26 5.34
C THR C 62 -46.59 -20.89 5.92
N SER C 63 -47.41 -20.88 6.96
CA SER C 63 -47.85 -19.65 7.61
C SER C 63 -47.60 -19.67 9.12
N ASP C 64 -47.74 -20.81 9.77
CA ASP C 64 -47.56 -20.93 11.21
C ASP C 64 -46.36 -21.78 11.61
N SER C 65 -46.27 -23.00 11.08
CA SER C 65 -45.19 -23.92 11.42
C SER C 65 -44.15 -23.92 10.30
N SER C 66 -42.90 -23.65 10.66
CA SER C 66 -41.82 -23.66 9.70
C SER C 66 -41.33 -25.09 9.45
N PRO C 67 -40.73 -25.33 8.28
CA PRO C 67 -40.24 -26.69 8.00
C PRO C 67 -39.04 -27.05 8.87
N SER C 68 -38.81 -28.36 8.98
CA SER C 68 -37.69 -28.85 9.79
C SER C 68 -36.34 -28.47 9.21
N ILE C 69 -36.29 -28.11 7.92
CA ILE C 69 -35.03 -27.70 7.30
C ILE C 69 -34.69 -26.24 7.55
N ALA C 70 -35.61 -25.47 8.14
CA ALA C 70 -35.34 -24.06 8.40
C ALA C 70 -34.18 -23.90 9.37
N GLN C 71 -34.13 -24.73 10.41
CA GLN C 71 -33.07 -24.64 11.41
C GLN C 71 -31.75 -25.24 10.95
N TYR C 72 -31.75 -25.99 9.85
CA TYR C 72 -30.51 -26.60 9.38
C TYR C 72 -29.52 -25.54 8.91
N PHE C 73 -29.91 -24.74 7.93
CA PHE C 73 -29.04 -23.70 7.41
C PHE C 73 -28.98 -22.47 8.31
N ALA C 74 -29.91 -22.32 9.25
CA ALA C 74 -29.86 -21.20 10.18
C ALA C 74 -28.60 -21.27 11.04
N SER C 75 -28.23 -22.46 11.50
CA SER C 75 -27.01 -22.62 12.28
C SER C 75 -25.77 -22.57 11.38
N THR C 76 -25.89 -22.96 10.11
CA THR C 76 -24.75 -22.93 9.21
C THR C 76 -24.26 -21.50 8.99
N MET C 77 -25.19 -20.55 8.83
CA MET C 77 -24.81 -19.17 8.59
C MET C 77 -24.22 -18.51 9.84
N ILE C 78 -24.50 -19.05 11.03
CA ILE C 78 -23.90 -18.51 12.24
C ILE C 78 -22.40 -18.72 12.22
N ILE C 79 -21.95 -19.93 11.87
CA ILE C 79 -20.52 -20.20 11.78
C ILE C 79 -19.89 -19.40 10.65
N VAL C 80 -20.52 -19.42 9.47
CA VAL C 80 -20.00 -18.65 8.35
C VAL C 80 -20.09 -17.17 8.62
N GLY C 81 -21.22 -16.70 9.17
CA GLY C 81 -21.36 -15.29 9.46
C GLY C 81 -20.36 -14.81 10.50
N LEU C 82 -20.15 -15.60 11.56
CA LEU C 82 -19.16 -15.23 12.57
C LEU C 82 -17.74 -15.32 12.02
N SER C 83 -17.51 -16.22 11.06
CA SER C 83 -16.18 -16.33 10.48
C SER C 83 -15.79 -15.04 9.77
N VAL C 84 -16.72 -14.43 9.05
CA VAL C 84 -16.43 -13.17 8.37
C VAL C 84 -16.09 -12.09 9.39
N VAL C 85 -16.85 -12.04 10.50
CA VAL C 85 -16.58 -11.06 11.53
C VAL C 85 -15.20 -11.28 12.13
N VAL C 86 -14.80 -12.54 12.27
CA VAL C 86 -13.47 -12.83 12.82
C VAL C 86 -12.38 -12.29 11.90
N THR C 87 -12.55 -12.48 10.59
CA THR C 87 -11.57 -11.94 9.64
C THR C 87 -11.56 -10.41 9.66
N VAL C 88 -12.71 -9.79 9.96
CA VAL C 88 -12.75 -8.34 10.05
C VAL C 88 -11.94 -7.86 11.25
N ILE C 89 -11.99 -8.61 12.37
CA ILE C 89 -11.24 -8.24 13.56
C ILE C 89 -9.73 -8.30 13.29
N VAL C 90 -9.30 -9.07 12.30
CA VAL C 90 -7.88 -9.18 12.01
C VAL C 90 -7.30 -7.81 11.64
N LEU C 91 -8.02 -7.07 10.79
CA LEU C 91 -7.56 -5.74 10.42
C LEU C 91 -7.69 -4.74 11.56
N GLN C 92 -8.62 -4.97 12.50
CA GLN C 92 -8.77 -4.05 13.63
C GLN C 92 -7.51 -4.04 14.49
N TYR C 93 -6.99 -5.22 14.81
CA TYR C 93 -5.77 -5.30 15.62
C TYR C 93 -4.53 -4.91 14.82
N HIS C 94 -4.48 -5.33 13.55
CA HIS C 94 -3.32 -5.01 12.72
C HIS C 94 -3.19 -3.51 12.49
N HIS C 95 -4.32 -2.80 12.44
CA HIS C 95 -4.36 -1.36 12.24
C HIS C 95 -4.94 -0.65 13.45
N HIS C 96 -4.54 -1.09 14.64
CA HIS C 96 -5.04 -0.49 15.87
C HIS C 96 -4.66 0.98 15.93
N ASP C 97 -5.61 1.82 16.33
CA ASP C 97 -5.43 3.25 16.45
C ASP C 97 -5.34 3.67 17.91
N PRO C 98 -4.76 4.84 18.19
CA PRO C 98 -4.63 5.28 19.59
C PRO C 98 -5.97 5.41 20.31
N ASP C 99 -7.06 5.67 19.57
CA ASP C 99 -8.36 5.83 20.23
C ASP C 99 -8.81 4.55 20.90
N GLY C 100 -8.50 3.40 20.33
CA GLY C 100 -8.88 2.13 20.90
C GLY C 100 -9.04 1.08 19.82
N GLY C 101 -9.43 -0.11 20.26
CA GLY C 101 -9.63 -1.23 19.35
C GLY C 101 -9.01 -2.52 19.87
N LYS C 102 -7.91 -2.39 20.61
CA LYS C 102 -7.23 -3.55 21.17
C LYS C 102 -7.95 -4.02 22.44
N MET C 103 -7.59 -5.22 22.88
CA MET C 103 -8.18 -5.80 24.08
C MET C 103 -7.67 -5.07 25.31
N PRO C 104 -8.39 -5.17 26.43
CA PRO C 104 -7.95 -4.48 27.66
C PRO C 104 -6.54 -4.86 28.06
N LYS C 105 -5.88 -3.98 28.82
CA LYS C 105 -4.50 -4.24 29.23
C LYS C 105 -4.41 -5.50 30.09
N TRP C 106 -5.36 -5.69 31.01
CA TRP C 106 -5.32 -6.86 31.87
C TRP C 106 -5.45 -8.15 31.06
N THR C 107 -6.17 -8.12 29.95
CA THR C 107 -6.33 -9.30 29.11
C THR C 107 -5.15 -9.51 28.16
N ARG C 108 -4.27 -8.52 28.01
CA ARG C 108 -3.12 -8.70 27.13
C ARG C 108 -2.10 -9.66 27.71
N VAL C 109 -2.05 -9.77 29.04
CA VAL C 109 -1.11 -10.70 29.67
C VAL C 109 -1.45 -12.14 29.30
N ILE C 110 -2.75 -12.46 29.25
CA ILE C 110 -3.17 -13.81 28.89
C ILE C 110 -2.74 -14.14 27.47
N LEU C 111 -2.84 -13.16 26.57
CA LEU C 111 -2.45 -13.40 25.17
C LEU C 111 -0.96 -13.73 25.07
N LEU C 112 -0.13 -13.05 25.85
CA LEU C 112 1.30 -13.31 25.81
C LEU C 112 1.60 -14.75 26.23
N ASN C 113 0.95 -15.23 27.29
CA ASN C 113 1.15 -16.61 27.72
C ASN C 113 0.70 -17.59 26.65
N TRP C 114 -0.45 -17.32 26.01
CA TRP C 114 -0.94 -18.21 24.96
C TRP C 114 0.02 -18.21 23.77
N CYS C 115 0.55 -17.05 23.40
CA CYS C 115 1.47 -16.99 22.27
C CYS C 115 2.72 -17.80 22.54
N ALA C 116 3.26 -17.72 23.75
CA ALA C 116 4.45 -18.51 24.09
C ALA C 116 4.14 -20.00 24.07
N TRP C 117 2.96 -20.38 24.55
CA TRP C 117 2.58 -21.80 24.56
C TRP C 117 2.30 -22.33 23.16
N PHE C 118 1.90 -21.46 22.22
CA PHE C 118 1.62 -21.91 20.87
C PHE C 118 2.86 -22.50 20.22
N LEU C 119 4.01 -21.82 20.36
CA LEU C 119 5.24 -22.34 19.78
C LEU C 119 5.73 -23.58 20.53
N ARG C 120 5.60 -23.58 21.86
CA ARG C 120 6.02 -24.69 22.70
C ARG C 120 4.82 -25.10 23.56
N MET C 121 4.00 -26.01 23.04
CA MET C 121 2.82 -26.47 23.74
C MET C 121 3.21 -27.41 24.88
N LYS C 122 2.26 -27.64 25.78
CA LYS C 122 2.45 -28.51 26.92
C LYS C 122 2.07 -29.96 26.63
N ARG C 123 1.68 -30.27 25.40
CA ARG C 123 1.32 -31.63 25.04
C ARG C 123 2.56 -32.52 24.98
N PRO C 124 2.39 -33.83 25.03
CA PRO C 124 3.56 -34.72 24.95
C PRO C 124 4.35 -34.57 23.66
N GLY C 125 3.72 -34.10 22.59
CA GLY C 125 4.44 -33.94 21.33
C GLY C 125 5.59 -32.96 21.41
N GLU C 126 5.51 -32.00 22.34
CA GLU C 126 6.55 -31.00 22.54
C GLU C 126 7.26 -31.12 23.87
N ASP C 127 6.63 -31.69 24.89
CA ASP C 127 7.22 -31.84 26.20
C ASP C 127 8.00 -33.14 26.35
N LYS C 128 8.01 -34.00 25.33
CA LYS C 128 8.71 -35.27 25.39
C LYS C 128 10.10 -35.22 24.78
N VAL C 129 10.27 -34.47 23.68
CA VAL C 129 11.56 -34.36 23.02
C VAL C 129 12.30 -33.20 23.69
N ARG C 130 12.97 -33.52 24.80
CA ARG C 130 13.74 -32.53 25.54
C ARG C 130 14.58 -33.23 26.61
N PRO C 131 15.70 -32.64 27.02
CA PRO C 131 16.54 -33.30 28.04
C PRO C 131 15.90 -33.25 29.42
N ALA C 132 15.53 -34.41 29.95
CA ALA C 132 14.93 -34.53 31.27
C ALA C 132 15.73 -35.52 32.10
N CYS C 133 16.18 -35.08 33.27
CA CYS C 133 16.97 -35.92 34.17
C CYS C 133 17.00 -35.24 35.53
N GLN C 134 17.80 -35.80 36.43
CA GLN C 134 17.95 -35.26 37.78
C GLN C 134 19.02 -34.18 37.86
N HIS C 135 19.67 -33.84 36.74
CA HIS C 135 20.71 -32.84 36.74
C HIS C 135 20.08 -31.45 36.76
N LYS C 136 20.90 -30.41 36.51
CA LYS C 136 20.43 -29.04 36.58
C LYS C 136 19.35 -28.73 35.54
N GLN C 137 19.20 -29.58 34.51
CA GLN C 137 18.19 -29.32 33.49
C GLN C 137 16.79 -29.24 34.08
N ARG C 138 16.53 -29.95 35.17
CA ARG C 138 15.23 -29.97 35.82
C ARG C 138 15.34 -29.53 37.28
N ARG C 139 16.19 -28.55 37.55
CA ARG C 139 16.38 -27.99 38.88
C ARG C 139 15.80 -26.59 38.94
N CYS C 140 15.67 -26.09 40.17
CA CYS C 140 15.15 -24.76 40.44
C CYS C 140 16.25 -23.88 41.01
N SER C 141 16.27 -22.63 40.56
CA SER C 141 17.27 -21.67 41.01
C SER C 141 16.64 -20.28 40.98
N LEU C 142 17.47 -19.25 41.16
CA LEU C 142 16.97 -17.87 41.16
C LEU C 142 16.41 -17.48 39.79
N ALA C 143 17.01 -17.97 38.71
CA ALA C 143 16.53 -17.62 37.38
C ALA C 143 15.16 -18.18 37.08
N SER C 144 14.75 -19.23 37.78
CA SER C 144 13.44 -19.85 37.55
C SER C 144 12.35 -19.25 38.44
N VAL C 145 12.70 -18.91 39.68
CA VAL C 145 11.74 -18.33 40.62
C VAL C 145 11.79 -16.82 40.44
N GLU C 146 10.78 -16.26 39.77
CA GLU C 146 10.68 -14.83 39.51
C GLU C 146 9.75 -14.13 40.50
N MET C 147 9.57 -14.70 41.69
CA MET C 147 8.70 -14.10 42.69
C MET C 147 9.31 -12.85 43.30
N SER C 148 10.63 -12.68 43.21
CA SER C 148 11.33 -11.54 43.77
C SER C 148 11.73 -10.53 42.69
N ALA C 149 10.89 -10.36 41.67
CA ALA C 149 11.17 -9.43 40.58
C ALA C 149 12.50 -9.76 39.90
N VAL C 150 12.74 -11.05 39.67
CA VAL C 150 13.97 -11.49 39.03
C VAL C 150 13.85 -11.31 37.53
N ALA C 151 14.93 -10.85 36.90
CA ALA C 151 14.91 -10.62 35.47
C ALA C 151 14.77 -11.94 34.72
N PRO C 152 14.15 -11.93 33.54
CA PRO C 152 13.97 -13.17 32.78
C PRO C 152 15.29 -13.69 32.26
N PRO C 153 15.32 -14.88 31.67
CA PRO C 153 16.56 -15.42 31.14
C PRO C 153 17.12 -14.51 30.07
N PRO C 154 18.46 -14.45 29.92
CA PRO C 154 19.04 -13.56 28.92
C PRO C 154 18.85 -14.06 27.50
N ALA C 155 17.66 -13.83 26.95
CA ALA C 155 17.32 -14.26 25.59
C ALA C 155 17.44 -13.10 24.63
N SER C 156 17.82 -13.42 23.38
CA SER C 156 17.99 -12.43 22.33
C SER C 156 16.69 -12.13 21.59
N ASN C 157 15.53 -12.40 22.22
CA ASN C 157 14.24 -12.15 21.61
C ASN C 157 13.66 -10.80 21.98
N GLY C 158 14.43 -9.93 22.62
CA GLY C 158 13.97 -8.62 23.00
C GLY C 158 13.99 -8.40 24.51
N ASN C 159 14.65 -9.30 25.24
CA ASN C 159 14.76 -9.20 26.69
C ASN C 159 16.13 -8.74 27.14
N LEU C 160 17.19 -9.44 26.70
CA LEU C 160 18.55 -9.06 27.09
C LEU C 160 18.90 -7.68 26.55
N LEU C 161 18.53 -7.40 25.30
CA LEU C 161 18.86 -6.10 24.70
C LEU C 161 18.18 -4.97 25.46
N TYR C 162 16.91 -5.14 25.81
CA TYR C 162 16.18 -4.10 26.52
C TYR C 162 16.63 -3.99 27.97
N ILE C 163 16.90 -5.13 28.62
CA ILE C 163 17.32 -5.10 30.02
C ILE C 163 18.70 -4.48 30.14
N GLY C 164 19.60 -4.78 29.20
CA GLY C 164 20.94 -4.23 29.27
C GLY C 164 21.04 -2.81 28.77
N PHE C 165 20.12 -2.39 27.90
CA PHE C 165 20.11 -1.04 27.35
C PHE C 165 19.18 -0.10 28.11
N ARG C 166 18.03 -0.59 28.56
CA ARG C 166 17.07 0.23 29.29
C ARG C 166 16.81 -0.25 30.71
N GLY C 167 16.92 -1.55 30.98
CA GLY C 167 16.67 -2.06 32.32
C GLY C 167 17.73 -1.68 33.33
N LEU C 168 18.95 -1.38 32.88
CA LEU C 168 20.04 -1.01 33.77
C LEU C 168 19.97 0.49 34.05
N ASP C 169 18.95 0.87 34.81
CA ASP C 169 18.72 2.26 35.20
C ASP C 169 19.60 2.57 36.40
N GLY C 170 20.83 2.98 36.13
CA GLY C 170 21.78 3.30 37.18
C GLY C 170 23.17 2.75 36.92
N VAL C 171 23.31 1.96 35.86
CA VAL C 171 24.59 1.35 35.49
C VAL C 171 24.98 1.73 34.06
N HIS C 172 24.09 1.52 33.10
CA HIS C 172 24.37 1.82 31.71
C HIS C 172 23.89 3.22 31.33
N CYS C 173 22.59 3.48 31.49
CA CYS C 173 22.05 4.78 31.14
C CYS C 173 22.65 5.87 32.03
N VAL C 174 22.75 5.62 33.34
CA VAL C 174 23.31 6.57 34.28
C VAL C 174 24.35 5.86 35.14
N PRO C 175 25.55 5.63 34.63
CA PRO C 175 26.57 4.92 35.43
C PRO C 175 26.84 5.64 36.74
N THR C 176 26.50 4.98 37.85
CA THR C 176 26.70 5.55 39.18
C THR C 176 28.17 5.43 39.59
N PRO C 177 28.79 4.24 39.50
CA PRO C 177 30.19 4.13 39.92
C PRO C 177 31.17 4.72 38.89
N ASP C 178 31.30 6.05 38.93
CA ASP C 178 32.19 6.76 38.02
C ASP C 178 33.27 7.54 38.74
N SER C 179 33.24 7.62 40.07
CA SER C 179 34.23 8.37 40.84
C SER C 179 35.45 7.48 41.04
N GLY C 180 36.38 7.53 40.08
CA GLY C 180 37.60 6.76 40.17
C GLY C 180 37.50 5.32 39.73
N VAL C 181 36.35 4.90 39.22
CA VAL C 181 36.17 3.53 38.76
C VAL C 181 36.26 3.50 37.24
N VAL C 182 35.36 4.21 36.57
CA VAL C 182 35.40 4.26 35.12
C VAL C 182 36.61 5.05 34.64
N CYS C 183 36.91 6.17 35.29
CA CYS C 183 38.05 7.02 34.95
C CYS C 183 39.28 6.70 35.79
N GLY C 184 39.37 5.47 36.30
CA GLY C 184 40.51 5.07 37.11
C GLY C 184 41.09 3.73 36.69
N ARG C 185 40.70 3.25 35.52
CA ARG C 185 41.16 1.97 35.00
C ARG C 185 41.61 2.15 33.55
N MET C 186 42.38 1.16 33.08
CA MET C 186 42.92 1.18 31.73
C MET C 186 42.03 0.46 30.73
N ALA C 187 40.85 0.01 31.15
CA ALA C 187 39.94 -0.73 30.28
C ALA C 187 39.22 0.27 29.37
N CYS C 188 39.94 0.67 28.31
CA CYS C 188 39.40 1.60 27.31
C CYS C 188 38.90 2.89 27.96
N SER C 189 39.64 3.37 28.96
CA SER C 189 39.29 4.60 29.66
C SER C 189 40.55 5.15 30.31
N PRO C 190 40.59 6.46 30.60
CA PRO C 190 41.76 7.03 31.25
C PRO C 190 41.89 6.53 32.68
N THR C 191 43.13 6.51 33.17
CA THR C 191 43.46 6.07 34.52
C THR C 191 43.86 7.30 35.33
N HIS C 192 42.86 7.97 35.91
CA HIS C 192 43.08 9.17 36.73
C HIS C 192 43.81 10.25 35.93
N ASP C 193 43.57 10.31 34.62
CA ASP C 193 44.21 11.31 33.76
C ASP C 193 43.28 12.50 33.65
N GLU C 194 43.50 13.50 34.50
CA GLU C 194 42.68 14.70 34.46
C GLU C 194 43.02 15.59 33.27
N HIS C 195 44.27 15.55 32.82
CA HIS C 195 44.72 16.36 31.69
C HIS C 195 44.57 15.57 30.38
N LEU C 196 43.35 15.10 30.15
CA LEU C 196 43.04 14.32 28.94
C LEU C 196 42.74 15.30 27.80
N LEU C 197 43.81 15.84 27.24
CA LEU C 197 43.74 16.80 26.14
C LEU C 197 44.20 16.14 24.85
N HIS C 198 43.67 16.65 23.73
CA HIS C 198 44.01 16.13 22.40
C HIS C 198 45.30 16.81 21.93
N GLY C 199 46.40 16.41 22.57
CA GLY C 199 47.70 16.98 22.25
C GLY C 199 47.78 18.47 22.52
N GLY C 200 47.23 18.92 23.64
CA GLY C 200 47.22 20.31 24.01
C GLY C 200 45.94 21.04 23.63
N GLN C 201 45.12 20.46 22.77
CA GLN C 201 43.87 21.03 22.33
C GLN C 201 42.71 20.44 23.13
N PRO C 202 41.53 21.06 23.07
CA PRO C 202 40.39 20.52 23.78
C PRO C 202 40.05 19.13 23.26
N PRO C 203 39.49 18.26 24.11
CA PRO C 203 39.21 16.89 23.66
C PRO C 203 38.29 16.83 22.45
N GLU C 204 37.33 17.75 22.34
CA GLU C 204 36.42 17.78 21.20
C GLU C 204 37.04 18.60 20.09
N GLY C 205 37.24 17.96 18.93
CA GLY C 205 37.83 18.67 17.80
C GLY C 205 36.97 19.80 17.29
N ASP C 206 35.66 19.60 17.27
CA ASP C 206 34.73 20.61 16.77
C ASP C 206 33.40 20.52 17.53
N PRO C 207 32.95 21.60 18.18
CA PRO C 207 31.64 21.53 18.84
C PRO C 207 30.50 21.20 17.89
N ASP C 208 30.63 21.53 16.60
CA ASP C 208 29.58 21.21 15.66
C ASP C 208 29.38 19.72 15.52
N LEU C 209 30.42 18.93 15.78
CA LEU C 209 30.29 17.47 15.69
C LEU C 209 29.30 16.95 16.72
N ALA C 210 29.30 17.53 17.92
CA ALA C 210 28.35 17.11 18.96
C ALA C 210 26.92 17.35 18.51
N LYS C 211 26.67 18.50 17.88
CA LYS C 211 25.32 18.78 17.37
C LYS C 211 24.92 17.78 16.30
N ILE C 212 25.85 17.42 15.42
CA ILE C 212 25.55 16.44 14.38
C ILE C 212 25.21 15.09 15.00
N LEU C 213 25.89 14.73 16.09
CA LEU C 213 25.61 13.46 16.75
C LEU C 213 24.17 13.41 17.25
N GLU C 214 23.69 14.51 17.84
CA GLU C 214 22.31 14.55 18.32
C GLU C 214 21.33 14.37 17.17
N GLU C 215 21.57 15.05 16.05
CA GLU C 215 20.71 14.89 14.88
C GLU C 215 20.81 13.48 14.32
N VAL C 216 22.02 12.93 14.24
CA VAL C 216 22.19 11.56 13.77
C VAL C 216 21.54 10.59 14.73
N ARG C 217 21.72 10.80 16.03
CA ARG C 217 21.10 9.92 17.02
C ARG C 217 19.58 9.99 16.92
N TYR C 218 19.02 11.20 16.73
CA TYR C 218 17.58 11.33 16.58
C TYR C 218 17.09 10.58 15.35
N ILE C 219 17.83 10.66 14.24
CA ILE C 219 17.46 9.92 13.04
C ILE C 219 17.50 8.43 13.32
N ALA C 220 18.54 7.96 14.00
CA ALA C 220 18.60 6.54 14.36
C ALA C 220 17.55 6.18 15.39
N ASN C 221 17.19 7.12 16.28
CA ASN C 221 16.17 6.85 17.28
C ASN C 221 14.82 6.58 16.61
N ARG C 222 14.48 7.34 15.58
CA ARG C 222 13.24 7.10 14.86
C ARG C 222 13.24 5.73 14.21
N PHE C 223 14.38 5.35 13.61
CA PHE C 223 14.49 4.01 13.04
C PHE C 223 14.39 2.94 14.12
N ARG C 224 14.95 3.22 15.31
CA ARG C 224 14.82 2.28 16.42
C ARG C 224 13.36 2.08 16.81
N CYS C 225 12.59 3.17 16.83
CA CYS C 225 11.17 3.07 17.14
C CYS C 225 10.44 2.26 16.07
N GLN C 226 10.90 2.31 14.82
CA GLN C 226 10.30 1.50 13.77
C GLN C 226 10.57 0.02 14.02
N ASP C 227 11.77 -0.32 14.47
CA ASP C 227 12.08 -1.71 14.81
C ASP C 227 11.45 -2.11 16.14
N GLU C 228 11.40 -1.19 17.11
CA GLU C 228 10.74 -1.49 18.37
C GLU C 228 9.24 -1.66 18.19
N SER C 229 8.63 -0.85 17.32
CA SER C 229 7.22 -1.00 17.03
C SER C 229 6.90 -2.31 16.33
N GLU C 230 7.90 -2.95 15.72
CA GLU C 230 7.67 -4.24 15.09
C GLU C 230 7.24 -5.29 16.10
N ALA C 231 7.86 -5.28 17.29
CA ALA C 231 7.44 -6.19 18.35
C ALA C 231 6.02 -5.89 18.79
N VAL C 232 5.67 -4.60 18.92
CA VAL C 232 4.30 -4.24 19.24
C VAL C 232 3.37 -4.63 18.10
N CYS C 233 3.78 -4.35 16.86
CA CYS C 233 2.99 -4.78 15.71
C CYS C 233 2.95 -6.29 15.58
N SER C 234 4.04 -6.97 15.95
CA SER C 234 4.05 -8.43 15.93
C SER C 234 3.02 -8.99 16.90
N GLU C 235 2.90 -8.39 18.08
CA GLU C 235 1.88 -8.83 19.03
C GLU C 235 0.48 -8.64 18.46
N TRP C 236 0.26 -7.54 17.74
CA TRP C 236 -1.02 -7.33 17.09
C TRP C 236 -1.29 -8.42 16.05
N LYS C 237 -0.27 -8.78 15.28
CA LYS C 237 -0.42 -9.87 14.32
C LYS C 237 -0.73 -11.19 15.04
N PHE C 238 -0.02 -11.46 16.14
CA PHE C 238 -0.28 -12.67 16.91
C PHE C 238 -1.68 -12.64 17.51
N ALA C 239 -2.09 -11.49 18.05
CA ALA C 239 -3.42 -11.37 18.63
C ALA C 239 -4.49 -11.62 17.56
N ALA C 240 -4.31 -11.05 16.37
CA ALA C 240 -5.25 -11.30 15.28
C ALA C 240 -5.24 -12.76 14.89
N CYS C 241 -4.06 -13.38 14.83
CA CYS C 241 -3.96 -14.78 14.47
C CYS C 241 -4.42 -15.69 15.60
N VAL C 242 -4.22 -15.28 16.86
CA VAL C 242 -4.69 -16.09 17.98
C VAL C 242 -6.22 -16.17 17.97
N VAL C 243 -6.88 -15.04 17.70
CA VAL C 243 -8.34 -15.06 17.62
C VAL C 243 -8.80 -15.94 16.48
N ASP C 244 -8.14 -15.83 15.32
CA ASP C 244 -8.49 -16.68 14.19
C ASP C 244 -8.25 -18.14 14.51
N ARG C 245 -7.10 -18.45 15.13
CA ARG C 245 -6.82 -19.83 15.51
C ARG C 245 -7.73 -20.29 16.64
N LEU C 246 -8.05 -19.40 17.58
CA LEU C 246 -8.95 -19.75 18.67
C LEU C 246 -10.33 -20.13 18.15
N CYS C 247 -10.83 -19.36 17.17
CA CYS C 247 -12.14 -19.67 16.59
C CYS C 247 -12.08 -20.87 15.65
N LEU C 248 -10.90 -21.24 15.16
CA LEU C 248 -10.79 -22.41 14.29
C LEU C 248 -11.21 -23.68 15.02
N MET C 249 -10.76 -23.84 16.27
CA MET C 249 -11.15 -25.01 17.04
C MET C 249 -12.62 -24.95 17.43
N ALA C 250 -13.12 -23.76 17.75
CA ALA C 250 -14.53 -23.64 18.11
C ALA C 250 -15.44 -24.02 16.97
N PHE C 251 -15.11 -23.57 15.75
CA PHE C 251 -15.93 -23.91 14.59
C PHE C 251 -15.71 -25.36 14.16
N SER C 252 -14.53 -25.91 14.45
CA SER C 252 -14.28 -27.31 14.10
C SER C 252 -15.23 -28.24 14.83
N VAL C 253 -15.46 -27.99 16.13
CA VAL C 253 -16.41 -28.80 16.89
C VAL C 253 -17.82 -28.62 16.33
N PHE C 254 -18.21 -27.38 16.03
CA PHE C 254 -19.52 -27.14 15.46
C PHE C 254 -19.67 -27.82 14.10
N THR C 255 -18.62 -27.75 13.27
CA THR C 255 -18.68 -28.39 11.97
C THR C 255 -18.84 -29.90 12.10
N ILE C 256 -18.13 -30.50 13.05
CA ILE C 256 -18.27 -31.94 13.28
C ILE C 256 -19.67 -32.26 13.77
N ILE C 257 -20.25 -31.39 14.59
CA ILE C 257 -21.61 -31.62 15.08
C ILE C 257 -22.59 -31.59 13.92
N CYS C 258 -22.42 -30.64 12.99
CA CYS C 258 -23.31 -30.57 11.84
C CYS C 258 -23.21 -31.83 10.99
N THR C 259 -22.00 -32.33 10.77
CA THR C 259 -21.83 -33.57 10.02
C THR C 259 -22.50 -34.73 10.73
N ILE C 260 -22.34 -34.81 12.06
CA ILE C 260 -22.97 -35.88 12.82
C ILE C 260 -24.49 -35.78 12.73
N GLY C 261 -25.02 -34.55 12.83
CA GLY C 261 -26.46 -34.37 12.74
C GLY C 261 -27.03 -34.83 11.42
N ILE C 262 -26.27 -34.64 10.33
CA ILE C 262 -26.74 -35.09 9.02
C ILE C 262 -26.91 -36.60 9.01
N LEU C 263 -25.96 -37.33 9.60
CA LEU C 263 -26.06 -38.78 9.63
C LEU C 263 -27.24 -39.26 10.46
N MET C 264 -27.79 -38.40 11.34
CA MET C 264 -28.93 -38.76 12.16
C MET C 264 -30.22 -38.08 11.75
N SER C 265 -30.15 -36.94 11.06
CA SER C 265 -31.34 -36.23 10.63
C SER C 265 -31.76 -36.59 9.21
N ALA C 266 -30.80 -36.91 8.34
CA ALA C 266 -31.14 -37.27 6.97
C ALA C 266 -32.05 -38.48 6.90
N PRO C 267 -31.80 -39.58 7.63
CA PRO C 267 -32.70 -40.74 7.53
C PRO C 267 -34.14 -40.43 7.91
N ASN C 268 -34.38 -39.45 8.77
CA ASN C 268 -35.72 -39.11 9.20
C ASN C 268 -36.36 -38.03 8.34
N PHE C 269 -35.57 -37.05 7.89
CA PHE C 269 -36.07 -35.95 7.06
C PHE C 269 -35.71 -36.13 5.59
N VAL C 270 -34.44 -36.35 5.28
CA VAL C 270 -34.00 -36.53 3.90
C VAL C 270 -34.22 -37.97 3.47
N LEU D 7 -26.28 -30.14 -30.83
CA LEU D 7 -25.50 -29.88 -29.63
C LEU D 7 -25.74 -28.46 -29.13
N TYR D 8 -27.01 -28.11 -28.92
CA TYR D 8 -27.34 -26.78 -28.45
C TYR D 8 -26.94 -26.62 -26.98
N TYR D 9 -27.50 -27.45 -26.10
CA TYR D 9 -27.17 -27.37 -24.68
C TYR D 9 -25.78 -27.91 -24.39
N GLY D 10 -25.24 -28.77 -25.26
CA GLY D 10 -23.92 -29.32 -25.05
C GLY D 10 -22.83 -28.27 -25.16
N LEU D 11 -22.74 -27.63 -26.34
CA LEU D 11 -21.73 -26.60 -26.53
C LEU D 11 -21.95 -25.42 -25.59
N ASN D 12 -23.20 -25.17 -25.20
CA ASN D 12 -23.51 -24.06 -24.31
C ASN D 12 -23.24 -24.37 -22.84
N LEU D 13 -22.96 -25.63 -22.51
CA LEU D 13 -22.69 -26.03 -21.13
C LEU D 13 -21.33 -26.69 -20.93
N LEU D 14 -20.78 -27.33 -21.97
CA LEU D 14 -19.47 -27.97 -21.85
C LEU D 14 -18.33 -27.00 -22.11
N ILE D 15 -18.48 -26.12 -23.10
CA ILE D 15 -17.40 -25.19 -23.44
C ILE D 15 -17.05 -24.27 -22.28
N PRO D 16 -18.01 -23.68 -21.56
CA PRO D 16 -17.64 -22.76 -20.48
C PRO D 16 -16.74 -23.39 -19.42
N CYS D 17 -16.90 -24.69 -19.17
CA CYS D 17 -16.03 -25.35 -18.19
C CYS D 17 -14.57 -25.27 -18.60
N VAL D 18 -14.28 -25.50 -19.88
CA VAL D 18 -12.91 -25.42 -20.36
C VAL D 18 -12.39 -23.98 -20.25
N LEU D 19 -13.22 -23.01 -20.62
CA LEU D 19 -12.79 -21.62 -20.57
C LEU D 19 -12.44 -21.19 -19.14
N ILE D 20 -13.27 -21.59 -18.16
CA ILE D 20 -12.99 -21.23 -16.78
C ILE D 20 -11.67 -21.81 -16.31
N SER D 21 -11.42 -23.09 -16.63
CA SER D 21 -10.18 -23.72 -16.23
C SER D 21 -8.99 -23.17 -17.01
N ALA D 22 -9.20 -22.82 -18.28
CA ALA D 22 -8.11 -22.28 -19.08
C ALA D 22 -7.61 -20.95 -18.53
N LEU D 23 -8.54 -20.08 -18.10
CA LEU D 23 -8.14 -18.79 -17.56
C LEU D 23 -7.45 -18.93 -16.21
N ALA D 24 -7.82 -19.95 -15.42
CA ALA D 24 -7.19 -20.14 -14.13
C ALA D 24 -5.72 -20.47 -14.25
N LEU D 25 -5.31 -21.14 -15.34
CA LEU D 25 -3.91 -21.48 -15.53
C LEU D 25 -3.05 -20.23 -15.63
N LEU D 26 -3.54 -19.21 -16.35
CA LEU D 26 -2.77 -17.98 -16.49
C LEU D 26 -2.60 -17.26 -15.17
N VAL D 27 -3.55 -17.43 -14.24
CA VAL D 27 -3.44 -16.77 -12.94
C VAL D 27 -2.22 -17.30 -12.18
N PHE D 28 -1.96 -18.60 -12.27
CA PHE D 28 -0.83 -19.17 -11.54
C PHE D 28 0.49 -18.62 -12.03
N LEU D 29 0.62 -18.35 -13.33
CA LEU D 29 1.86 -17.83 -13.88
C LEU D 29 2.15 -16.42 -13.40
N LEU D 30 1.17 -15.70 -12.88
CA LEU D 30 1.38 -14.34 -12.43
C LEU D 30 2.31 -14.33 -11.21
N PRO D 31 3.09 -13.26 -11.03
CA PRO D 31 3.99 -13.19 -9.88
C PRO D 31 3.24 -13.07 -8.57
N ALA D 32 3.88 -13.53 -7.50
CA ALA D 32 3.31 -13.47 -6.16
C ALA D 32 3.33 -12.06 -5.58
N ASP D 33 4.05 -11.13 -6.20
CA ASP D 33 4.12 -9.76 -5.71
C ASP D 33 3.00 -8.88 -6.25
N SER D 34 2.11 -9.43 -7.07
CA SER D 34 1.02 -8.63 -7.62
C SER D 34 0.14 -8.05 -6.53
N GLY D 35 -0.19 -8.85 -5.52
CA GLY D 35 -1.02 -8.43 -4.41
C GLY D 35 -2.51 -8.61 -4.64
N GLU D 36 -2.97 -8.32 -5.86
CA GLU D 36 -4.37 -8.44 -6.21
C GLU D 36 -4.70 -9.79 -6.85
N LYS D 37 -3.86 -10.80 -6.63
CA LYS D 37 -4.13 -12.12 -7.20
C LYS D 37 -5.35 -12.76 -6.57
N ILE D 38 -5.56 -12.54 -5.27
CA ILE D 38 -6.72 -13.13 -4.59
C ILE D 38 -8.01 -12.55 -5.14
N SER D 39 -8.02 -11.25 -5.45
CA SER D 39 -9.22 -10.62 -5.99
C SER D 39 -9.54 -11.14 -7.39
N LEU D 40 -8.53 -11.61 -8.12
CA LEU D 40 -8.78 -12.12 -9.47
C LEU D 40 -9.57 -13.42 -9.44
N GLY D 41 -9.39 -14.23 -8.40
CA GLY D 41 -10.12 -15.48 -8.32
C GLY D 41 -11.56 -15.35 -7.88
N ILE D 42 -11.94 -14.21 -7.29
CA ILE D 42 -13.31 -14.03 -6.83
C ILE D 42 -14.27 -13.99 -8.01
N THR D 43 -13.93 -13.20 -9.04
CA THR D 43 -14.82 -13.11 -10.21
C THR D 43 -14.88 -14.45 -10.94
N VAL D 44 -13.75 -15.15 -11.05
CA VAL D 44 -13.74 -16.45 -11.72
C VAL D 44 -14.60 -17.44 -10.95
N LEU D 45 -14.46 -17.48 -9.62
CA LEU D 45 -15.28 -18.36 -8.82
C LEU D 45 -16.76 -17.98 -8.89
N LEU D 46 -17.05 -16.68 -8.88
CA LEU D 46 -18.44 -16.24 -8.97
C LEU D 46 -19.07 -16.63 -10.29
N SER D 47 -18.29 -16.66 -11.37
CA SER D 47 -18.83 -17.04 -12.67
C SER D 47 -19.25 -18.51 -12.70
N LEU D 48 -18.60 -19.35 -11.90
CA LEU D 48 -18.97 -20.76 -11.85
C LEU D 48 -20.28 -20.98 -11.12
N THR D 49 -20.58 -20.16 -10.10
CA THR D 49 -21.84 -20.31 -9.38
C THR D 49 -23.03 -20.06 -10.30
N VAL D 50 -22.93 -19.04 -11.15
CA VAL D 50 -24.02 -18.75 -12.09
C VAL D 50 -24.20 -19.91 -13.06
N PHE D 51 -23.09 -20.47 -13.56
CA PHE D 51 -23.18 -21.60 -14.46
C PHE D 51 -23.81 -22.80 -13.77
N MET D 52 -23.50 -23.01 -12.48
CA MET D 52 -24.07 -24.14 -11.76
C MET D 52 -25.59 -24.05 -11.69
N LEU D 53 -26.12 -22.84 -11.49
CA LEU D 53 -27.57 -22.68 -11.41
C LEU D 53 -28.24 -23.12 -12.72
N LEU D 54 -27.66 -22.74 -13.86
CA LEU D 54 -28.22 -23.15 -15.15
C LEU D 54 -28.21 -24.67 -15.29
N VAL D 55 -27.12 -25.31 -14.88
CA VAL D 55 -27.03 -26.77 -14.97
C VAL D 55 -28.04 -27.43 -14.04
N ALA D 56 -28.30 -26.82 -12.88
CA ALA D 56 -29.26 -27.40 -11.94
C ALA D 56 -30.64 -27.51 -12.56
N GLU D 57 -31.08 -26.48 -13.29
CA GLU D 57 -32.39 -26.51 -13.92
C GLU D 57 -32.48 -27.64 -14.94
N ILE D 58 -31.41 -27.85 -15.71
CA ILE D 58 -31.42 -28.93 -16.70
C ILE D 58 -31.49 -30.28 -16.01
N MET D 59 -30.85 -30.42 -14.86
CA MET D 59 -30.86 -31.69 -14.15
C MET D 59 -32.29 -32.04 -13.73
N PRO D 60 -32.79 -33.23 -14.08
CA PRO D 60 -34.14 -33.60 -13.64
C PRO D 60 -34.24 -33.63 -12.12
N SER D 61 -35.41 -33.23 -11.62
CA SER D 61 -35.67 -33.20 -10.18
C SER D 61 -35.99 -34.62 -9.71
N THR D 62 -34.94 -35.39 -9.48
CA THR D 62 -35.07 -36.76 -9.03
C THR D 62 -35.09 -36.81 -7.50
N SER D 63 -35.20 -38.02 -6.96
CA SER D 63 -35.24 -38.22 -5.51
C SER D 63 -34.21 -39.22 -5.02
N ASP D 64 -33.94 -40.27 -5.80
CA ASP D 64 -33.00 -41.32 -5.41
C ASP D 64 -31.76 -41.36 -6.28
N SER D 65 -31.92 -41.43 -7.60
CA SER D 65 -30.80 -41.53 -8.53
C SER D 65 -30.54 -40.16 -9.14
N SER D 66 -29.31 -39.68 -9.01
CA SER D 66 -28.92 -38.39 -9.58
C SER D 66 -28.61 -38.55 -11.06
N PRO D 67 -28.73 -37.46 -11.83
CA PRO D 67 -28.44 -37.55 -13.26
C PRO D 67 -26.95 -37.75 -13.52
N SER D 68 -26.66 -38.25 -14.73
CA SER D 68 -25.28 -38.51 -15.11
C SER D 68 -24.47 -37.23 -15.24
N ILE D 69 -25.12 -36.07 -15.39
CA ILE D 69 -24.42 -34.80 -15.49
C ILE D 69 -24.04 -34.21 -14.15
N ALA D 70 -24.53 -34.81 -13.05
CA ALA D 70 -24.20 -34.28 -11.72
C ALA D 70 -22.70 -34.36 -11.45
N GLN D 71 -22.07 -35.47 -11.85
CA GLN D 71 -20.64 -35.65 -11.61
C GLN D 71 -19.77 -34.89 -12.59
N TYR D 72 -20.34 -34.37 -13.68
CA TYR D 72 -19.53 -33.64 -14.66
C TYR D 72 -18.99 -32.35 -14.06
N PHE D 73 -19.88 -31.47 -13.60
CA PHE D 73 -19.46 -30.19 -13.02
C PHE D 73 -18.97 -30.34 -11.59
N ALA D 74 -19.22 -31.48 -10.94
CA ALA D 74 -18.71 -31.68 -9.59
C ALA D 74 -17.18 -31.70 -9.59
N SER D 75 -16.57 -32.35 -10.58
CA SER D 75 -15.12 -32.36 -10.69
C SER D 75 -14.57 -31.04 -11.21
N THR D 76 -15.36 -30.32 -12.01
CA THR D 76 -14.90 -29.05 -12.54
C THR D 76 -14.66 -28.04 -11.42
N MET D 77 -15.56 -27.99 -10.44
CA MET D 77 -15.42 -27.03 -9.35
C MET D 77 -14.27 -27.39 -8.40
N ILE D 78 -13.83 -28.65 -8.40
CA ILE D 78 -12.69 -29.03 -7.57
C ILE D 78 -11.42 -28.35 -8.07
N ILE D 79 -11.21 -28.37 -9.40
CA ILE D 79 -10.05 -27.70 -9.96
C ILE D 79 -10.16 -26.19 -9.79
N VAL D 80 -11.34 -25.64 -10.08
CA VAL D 80 -11.54 -24.20 -9.90
C VAL D 80 -11.52 -23.83 -8.43
N GLY D 81 -12.19 -24.62 -7.59
CA GLY D 81 -12.20 -24.34 -6.17
C GLY D 81 -10.81 -24.40 -5.56
N LEU D 82 -10.03 -25.43 -5.93
CA LEU D 82 -8.67 -25.53 -5.41
C LEU D 82 -7.78 -24.45 -5.97
N SER D 83 -8.07 -23.97 -7.19
CA SER D 83 -7.26 -22.89 -7.76
C SER D 83 -7.38 -21.62 -6.93
N VAL D 84 -8.58 -21.30 -6.45
CA VAL D 84 -8.76 -20.13 -5.61
C VAL D 84 -7.96 -20.28 -4.31
N VAL D 85 -8.00 -21.48 -3.72
CA VAL D 85 -7.24 -21.71 -2.49
C VAL D 85 -5.75 -21.55 -2.75
N VAL D 86 -5.29 -22.00 -3.92
CA VAL D 86 -3.88 -21.85 -4.26
C VAL D 86 -3.49 -20.38 -4.31
N THR D 87 -4.33 -19.55 -4.94
CA THR D 87 -4.04 -18.12 -4.98
C THR D 87 -4.08 -17.49 -3.60
N VAL D 88 -4.88 -18.06 -2.69
CA VAL D 88 -4.91 -17.55 -1.32
C VAL D 88 -3.59 -17.84 -0.62
N ILE D 89 -2.99 -19.02 -0.89
CA ILE D 89 -1.72 -19.37 -0.28
C ILE D 89 -0.61 -18.44 -0.74
N VAL D 90 -0.78 -17.78 -1.89
CA VAL D 90 0.25 -16.88 -2.39
C VAL D 90 0.49 -15.74 -1.39
N LEU D 91 -0.60 -15.16 -0.87
CA LEU D 91 -0.46 -14.09 0.11
C LEU D 91 0.01 -14.62 1.47
N GLN D 92 -0.21 -15.90 1.77
CA GLN D 92 0.23 -16.45 3.04
C GLN D 92 1.75 -16.45 3.13
N TYR D 93 2.42 -16.91 2.07
CA TYR D 93 3.89 -16.93 2.08
C TYR D 93 4.47 -15.54 1.88
N HIS D 94 3.84 -14.72 1.03
CA HIS D 94 4.34 -13.37 0.79
C HIS D 94 4.25 -12.51 2.04
N HIS D 95 3.26 -12.76 2.89
CA HIS D 95 3.05 -12.02 4.13
C HIS D 95 3.20 -12.95 5.34
N HIS D 96 4.21 -13.83 5.30
CA HIS D 96 4.43 -14.75 6.39
C HIS D 96 4.75 -13.99 7.68
N ASP D 97 4.14 -14.44 8.77
CA ASP D 97 4.31 -13.83 10.08
C ASP D 97 5.17 -14.71 10.97
N PRO D 98 5.77 -14.16 12.02
CA PRO D 98 6.63 -14.97 12.90
C PRO D 98 5.90 -16.13 13.56
N ASP D 99 4.58 -16.03 13.75
CA ASP D 99 3.84 -17.11 14.40
C ASP D 99 3.88 -18.39 13.57
N GLY D 100 3.86 -18.27 12.26
CA GLY D 100 3.89 -19.43 11.39
C GLY D 100 3.19 -19.13 10.08
N GLY D 101 3.15 -20.16 9.23
CA GLY D 101 2.52 -20.05 7.93
C GLY D 101 3.36 -20.64 6.82
N LYS D 102 4.68 -20.59 6.97
CA LYS D 102 5.59 -21.14 5.97
C LYS D 102 5.70 -22.66 6.15
N MET D 103 6.27 -23.30 5.14
CA MET D 103 6.46 -24.74 5.18
C MET D 103 7.53 -25.11 6.19
N PRO D 104 7.56 -26.37 6.66
CA PRO D 104 8.56 -26.78 7.64
C PRO D 104 9.99 -26.52 7.16
N LYS D 105 10.92 -26.39 8.10
CA LYS D 105 12.31 -26.10 7.74
C LYS D 105 12.90 -27.22 6.89
N TRP D 106 12.61 -28.47 7.24
CA TRP D 106 13.15 -29.59 6.48
C TRP D 106 12.66 -29.58 5.03
N THR D 107 11.43 -29.11 4.81
CA THR D 107 10.88 -29.04 3.46
C THR D 107 11.36 -27.83 2.68
N ARG D 108 11.97 -26.84 3.34
CA ARG D 108 12.46 -25.67 2.63
C ARG D 108 13.68 -25.98 1.78
N VAL D 109 14.43 -27.03 2.14
CA VAL D 109 15.59 -27.41 1.35
C VAL D 109 15.16 -27.90 -0.03
N ILE D 110 14.06 -28.65 -0.09
CA ILE D 110 13.57 -29.16 -1.37
C ILE D 110 13.17 -27.98 -2.28
N LEU D 111 12.55 -26.95 -1.70
CA LEU D 111 12.13 -25.81 -2.49
C LEU D 111 13.33 -25.12 -3.13
N LEU D 112 14.43 -24.99 -2.39
CA LEU D 112 15.63 -24.35 -2.93
C LEU D 112 16.16 -25.11 -4.14
N ASN D 113 16.20 -26.44 -4.06
CA ASN D 113 16.66 -27.24 -5.20
C ASN D 113 15.72 -27.06 -6.39
N TRP D 114 14.41 -27.07 -6.14
CA TRP D 114 13.46 -26.87 -7.24
C TRP D 114 13.61 -25.50 -7.87
N CYS D 115 13.80 -24.47 -7.04
CA CYS D 115 13.95 -23.12 -7.58
C CYS D 115 15.17 -23.02 -8.48
N ALA D 116 16.29 -23.63 -8.07
CA ALA D 116 17.49 -23.60 -8.89
C ALA D 116 17.28 -24.36 -10.20
N TRP D 117 16.56 -25.48 -10.14
CA TRP D 117 16.30 -26.25 -11.35
C TRP D 117 15.32 -25.57 -12.28
N PHE D 118 14.44 -24.71 -11.76
CA PHE D 118 13.49 -24.02 -12.61
C PHE D 118 14.20 -23.13 -13.64
N LEU D 119 15.21 -22.38 -13.20
CA LEU D 119 15.94 -21.53 -14.12
C LEU D 119 16.80 -22.36 -15.07
N ARG D 120 17.41 -23.43 -14.56
CA ARG D 120 18.26 -24.31 -15.36
C ARG D 120 17.74 -25.74 -15.17
N MET D 121 16.80 -26.14 -16.03
CA MET D 121 16.21 -27.46 -15.95
C MET D 121 17.18 -28.51 -16.47
N LYS D 122 16.89 -29.76 -16.16
CA LYS D 122 17.70 -30.89 -16.57
C LYS D 122 17.28 -31.47 -17.93
N ARG D 123 16.28 -30.86 -18.58
CA ARG D 123 15.83 -31.35 -19.86
C ARG D 123 16.86 -31.03 -20.94
N PRO D 124 16.80 -31.70 -22.10
CA PRO D 124 17.77 -31.41 -23.17
C PRO D 124 17.71 -29.98 -23.66
N GLY D 125 16.59 -29.29 -23.49
CA GLY D 125 16.51 -27.91 -23.95
C GLY D 125 17.49 -26.98 -23.25
N GLU D 126 17.89 -27.33 -22.03
CA GLU D 126 18.83 -26.53 -21.26
C GLU D 126 20.16 -27.23 -21.02
N ASP D 127 20.20 -28.55 -21.04
CA ASP D 127 21.42 -29.30 -20.82
C ASP D 127 22.21 -29.57 -22.10
N LYS D 128 21.69 -29.14 -23.25
CA LYS D 128 22.34 -29.35 -24.54
C LYS D 128 23.17 -28.16 -24.98
N VAL D 129 22.69 -26.94 -24.74
CA VAL D 129 23.41 -25.73 -25.14
C VAL D 129 24.35 -25.38 -24.00
N ARG D 130 25.52 -26.01 -24.01
CA ARG D 130 26.54 -25.77 -22.99
C ARG D 130 27.84 -26.45 -23.40
N PRO D 131 29.00 -25.95 -22.94
CA PRO D 131 30.27 -26.58 -23.33
C PRO D 131 30.48 -27.93 -22.65
N ALA D 132 30.50 -29.00 -23.45
CA ALA D 132 30.70 -30.35 -22.96
C ALA D 132 31.87 -30.97 -23.70
N CYS D 133 32.87 -31.44 -22.96
CA CYS D 133 34.06 -32.05 -23.55
C CYS D 133 34.81 -32.79 -22.45
N GLN D 134 35.99 -33.30 -22.80
CA GLN D 134 36.85 -34.00 -21.86
C GLN D 134 37.74 -33.06 -21.06
N HIS D 135 37.66 -31.76 -21.29
CA HIS D 135 38.50 -30.80 -20.59
C HIS D 135 37.94 -30.56 -19.19
N LYS D 136 38.46 -29.53 -18.50
CA LYS D 136 38.04 -29.26 -17.13
C LYS D 136 36.57 -28.89 -17.02
N GLN D 137 35.91 -28.54 -18.12
CA GLN D 137 34.51 -28.18 -18.06
C GLN D 137 33.65 -29.29 -17.49
N ARG D 138 34.06 -30.54 -17.67
CA ARG D 138 33.32 -31.71 -17.20
C ARG D 138 34.18 -32.57 -16.29
N ARG D 139 35.01 -31.93 -15.47
CA ARG D 139 35.88 -32.60 -14.53
C ARG D 139 35.39 -32.36 -13.10
N CYS D 140 35.90 -33.17 -12.18
CA CYS D 140 35.55 -33.08 -10.77
C CYS D 140 36.76 -32.60 -9.97
N SER D 141 36.51 -31.73 -9.00
CA SER D 141 37.57 -31.18 -8.16
C SER D 141 36.98 -30.91 -6.77
N LEU D 142 37.73 -30.17 -5.95
CA LEU D 142 37.27 -29.86 -4.61
C LEU D 142 36.05 -28.94 -4.63
N ALA D 143 35.97 -28.03 -5.61
CA ALA D 143 34.84 -27.11 -5.68
C ALA D 143 33.55 -27.82 -6.04
N SER D 144 33.62 -29.01 -6.65
CA SER D 144 32.42 -29.74 -7.03
C SER D 144 31.96 -30.71 -5.94
N VAL D 145 32.90 -31.34 -5.24
CA VAL D 145 32.58 -32.28 -4.18
C VAL D 145 32.47 -31.48 -2.88
N GLU D 146 31.24 -31.28 -2.42
CA GLU D 146 30.96 -30.55 -1.19
C GLU D 146 30.70 -31.48 -0.01
N MET D 147 31.24 -32.70 -0.05
CA MET D 147 31.04 -33.64 1.04
C MET D 147 31.86 -33.29 2.27
N SER D 148 32.89 -32.46 2.13
CA SER D 148 33.75 -32.05 3.23
C SER D 148 33.46 -30.61 3.66
N ALA D 149 32.19 -30.20 3.62
CA ALA D 149 31.80 -28.85 4.01
C ALA D 149 32.55 -27.81 3.19
N VAL D 150 32.67 -28.05 1.89
CA VAL D 150 33.35 -27.11 0.99
C VAL D 150 32.42 -25.98 0.64
N ALA D 151 32.96 -24.76 0.62
CA ALA D 151 32.15 -23.59 0.31
C ALA D 151 31.66 -23.65 -1.14
N PRO D 152 30.52 -23.05 -1.44
CA PRO D 152 30.00 -23.09 -2.81
C PRO D 152 30.85 -22.23 -3.73
N PRO D 153 30.58 -22.27 -5.03
CA PRO D 153 31.37 -21.45 -5.96
C PRO D 153 31.22 -19.99 -5.64
N PRO D 154 32.25 -19.19 -5.91
CA PRO D 154 32.17 -17.75 -5.58
C PRO D 154 31.24 -17.00 -6.53
N ALA D 155 29.94 -17.09 -6.29
CA ALA D 155 28.93 -16.42 -7.11
C ALA D 155 28.46 -15.14 -6.42
N SER D 156 28.11 -14.16 -7.25
CA SER D 156 27.65 -12.86 -6.77
C SER D 156 26.15 -12.85 -6.45
N ASN D 157 25.53 -14.01 -6.28
CA ASN D 157 24.12 -14.12 -5.98
C ASN D 157 23.83 -14.17 -4.47
N GLY D 158 24.80 -13.78 -3.65
CA GLY D 158 24.64 -13.79 -2.20
C GLY D 158 25.49 -14.81 -1.48
N ASN D 159 26.40 -15.50 -2.15
CA ASN D 159 27.26 -16.50 -1.53
C ASN D 159 28.64 -15.93 -1.21
N LEU D 160 29.33 -15.38 -2.22
CA LEU D 160 30.65 -14.82 -1.99
C LEU D 160 30.60 -13.64 -1.02
N LEU D 161 29.60 -12.78 -1.18
CA LEU D 161 29.49 -11.62 -0.29
C LEU D 161 29.27 -12.06 1.16
N TYR D 162 28.39 -13.04 1.37
CA TYR D 162 28.12 -13.51 2.72
C TYR D 162 29.28 -14.34 3.27
N ILE D 163 29.91 -15.17 2.42
CA ILE D 163 31.01 -15.99 2.89
C ILE D 163 32.21 -15.12 3.24
N GLY D 164 32.48 -14.08 2.44
CA GLY D 164 33.60 -13.21 2.70
C GLY D 164 33.36 -12.18 3.79
N PHE D 165 32.11 -11.82 4.03
CA PHE D 165 31.77 -10.84 5.06
C PHE D 165 31.38 -11.49 6.38
N ARG D 166 30.68 -12.62 6.34
CA ARG D 166 30.24 -13.33 7.52
C ARG D 166 30.82 -14.73 7.66
N GLY D 167 31.10 -15.41 6.54
CA GLY D 167 31.63 -16.76 6.62
C GLY D 167 33.07 -16.83 7.10
N LEU D 168 33.82 -15.75 6.97
CA LEU D 168 35.22 -15.71 7.43
C LEU D 168 35.26 -15.35 8.91
N ASP D 169 34.82 -16.31 9.72
CA ASP D 169 34.78 -16.14 11.17
C ASP D 169 36.16 -16.46 11.73
N GLY D 170 37.03 -15.44 11.76
CA GLY D 170 38.38 -15.61 12.26
C GLY D 170 39.42 -14.95 11.37
N VAL D 171 38.99 -14.41 10.24
CA VAL D 171 39.87 -13.74 9.29
C VAL D 171 39.42 -12.30 9.03
N HIS D 172 38.16 -12.12 8.66
CA HIS D 172 37.63 -10.79 8.36
C HIS D 172 36.98 -10.17 9.60
N CYS D 173 35.96 -10.84 10.16
CA CYS D 173 35.28 -10.30 11.32
C CYS D 173 36.23 -10.21 12.52
N VAL D 174 37.03 -11.25 12.73
CA VAL D 174 37.99 -11.29 13.84
C VAL D 174 39.35 -11.70 13.29
N PRO D 175 40.09 -10.81 12.64
CA PRO D 175 41.40 -11.20 12.09
C PRO D 175 42.32 -11.75 13.16
N THR D 176 42.65 -13.03 13.04
CA THR D 176 43.52 -13.69 14.00
C THR D 176 44.98 -13.31 13.75
N PRO D 177 45.48 -13.41 12.51
CA PRO D 177 46.90 -13.06 12.28
C PRO D 177 47.13 -11.56 12.24
N ASP D 178 47.21 -10.96 13.44
CA ASP D 178 47.43 -9.53 13.58
C ASP D 178 48.71 -9.18 14.33
N SER D 179 49.39 -10.17 14.91
CA SER D 179 50.63 -9.92 15.67
C SER D 179 51.79 -9.86 14.68
N GLY D 180 52.07 -8.66 14.20
CA GLY D 180 53.17 -8.44 13.29
C GLY D 180 52.88 -8.75 11.84
N VAL D 181 51.64 -9.10 11.49
CA VAL D 181 51.28 -9.41 10.11
C VAL D 181 50.55 -8.21 9.52
N VAL D 182 49.40 -7.86 10.12
CA VAL D 182 48.64 -6.72 9.64
C VAL D 182 49.38 -5.42 9.96
N CYS D 183 49.96 -5.32 11.15
CA CYS D 183 50.70 -4.14 11.56
C CYS D 183 52.20 -4.26 11.31
N GLY D 184 52.60 -5.12 10.38
CA GLY D 184 54.01 -5.31 10.07
C GLY D 184 54.29 -5.27 8.58
N ARG D 185 53.33 -4.77 7.80
CA ARG D 185 53.46 -4.68 6.35
C ARG D 185 53.06 -3.29 5.89
N MET D 186 53.48 -2.95 4.68
CA MET D 186 53.20 -1.64 4.08
C MET D 186 51.93 -1.65 3.24
N ALA D 187 51.19 -2.76 3.22
CA ALA D 187 49.98 -2.87 2.41
C ALA D 187 48.84 -2.13 3.13
N CYS D 188 48.85 -0.80 2.98
CA CYS D 188 47.82 0.06 3.57
C CYS D 188 47.71 -0.15 5.07
N SER D 189 48.86 -0.32 5.72
CA SER D 189 48.91 -0.51 7.17
C SER D 189 50.30 -0.13 7.65
N PRO D 190 50.45 0.23 8.93
CA PRO D 190 51.77 0.55 9.45
C PRO D 190 52.68 -0.67 9.51
N THR D 191 53.98 -0.42 9.41
CA THR D 191 55.00 -1.46 9.44
C THR D 191 55.73 -1.35 10.78
N HIS D 192 55.19 -2.02 11.80
CA HIS D 192 55.77 -2.02 13.14
C HIS D 192 55.91 -0.60 13.69
N ASP D 193 54.99 0.29 13.33
CA ASP D 193 55.02 1.68 13.78
C ASP D 193 54.14 1.79 15.02
N GLU D 194 54.77 1.67 16.19
CA GLU D 194 54.03 1.78 17.45
C GLU D 194 53.64 3.22 17.74
N HIS D 195 54.45 4.18 17.29
CA HIS D 195 54.17 5.60 17.52
C HIS D 195 53.37 6.18 16.36
N LEU D 196 52.22 5.55 16.09
CA LEU D 196 51.34 5.98 15.01
C LEU D 196 50.44 7.09 15.54
N LEU D 197 51.01 8.28 15.61
CA LEU D 197 50.31 9.47 16.10
C LEU D 197 50.00 10.41 14.94
N HIS D 198 48.94 11.19 15.09
CA HIS D 198 48.51 12.15 14.08
C HIS D 198 49.32 13.43 14.24
N GLY D 199 50.61 13.33 13.92
CA GLY D 199 51.50 14.48 14.06
C GLY D 199 51.67 14.92 15.49
N GLY D 200 51.80 13.98 16.42
CA GLY D 200 51.94 14.27 17.83
C GLY D 200 50.65 14.23 18.60
N GLN D 201 49.51 14.21 17.92
CA GLN D 201 48.20 14.16 18.53
C GLN D 201 47.68 12.73 18.52
N PRO D 202 46.63 12.43 19.29
CA PRO D 202 46.07 11.08 19.28
C PRO D 202 45.57 10.73 17.91
N PRO D 203 45.59 9.44 17.54
CA PRO D 203 45.15 9.06 16.17
C PRO D 203 43.73 9.50 15.86
N GLU D 204 42.83 9.47 16.85
CA GLU D 204 41.46 9.87 16.64
C GLU D 204 41.34 11.38 16.85
N GLY D 205 40.89 12.09 15.81
CA GLY D 205 40.76 13.53 15.92
C GLY D 205 39.72 13.95 16.93
N ASP D 206 38.61 13.22 17.01
CA ASP D 206 37.53 13.54 17.93
C ASP D 206 36.84 12.26 18.40
N PRO D 207 36.78 11.98 19.71
CA PRO D 207 36.06 10.78 20.15
C PRO D 207 34.59 10.78 19.75
N ASP D 208 33.99 11.96 19.56
CA ASP D 208 32.59 12.01 19.15
C ASP D 208 32.39 11.39 17.77
N LEU D 209 33.43 11.40 16.93
CA LEU D 209 33.31 10.80 15.61
C LEU D 209 33.07 9.30 15.71
N ALA D 210 33.69 8.64 16.69
CA ALA D 210 33.48 7.21 16.86
C ALA D 210 32.03 6.91 17.20
N LYS D 211 31.42 7.74 18.04
CA LYS D 211 30.01 7.54 18.38
C LYS D 211 29.13 7.73 17.15
N ILE D 212 29.45 8.71 16.31
CA ILE D 212 28.67 8.94 15.10
C ILE D 212 28.76 7.73 14.18
N LEU D 213 29.94 7.10 14.11
CA LEU D 213 30.11 5.93 13.26
C LEU D 213 29.18 4.81 13.69
N GLU D 214 29.06 4.58 15.01
CA GLU D 214 28.16 3.54 15.49
C GLU D 214 26.72 3.84 15.11
N GLU D 215 26.29 5.09 15.26
CA GLU D 215 24.94 5.46 14.86
C GLU D 215 24.76 5.35 13.36
N VAL D 216 25.75 5.82 12.59
CA VAL D 216 25.68 5.70 11.13
C VAL D 216 25.70 4.23 10.73
N ARG D 217 26.56 3.43 11.35
CA ARG D 217 26.59 2.00 11.03
C ARG D 217 25.27 1.33 11.36
N TYR D 218 24.67 1.69 12.49
CA TYR D 218 23.37 1.12 12.85
C TYR D 218 22.31 1.50 11.82
N ILE D 219 22.33 2.74 11.35
CA ILE D 219 21.40 3.16 10.31
C ILE D 219 21.61 2.35 9.05
N ALA D 220 22.88 2.16 8.65
CA ALA D 220 23.17 1.34 7.49
C ALA D 220 22.86 -0.13 7.75
N ASN D 221 23.02 -0.59 8.99
CA ASN D 221 22.71 -1.98 9.32
C ASN D 221 21.23 -2.27 9.11
N ARG D 222 20.36 -1.35 9.50
CA ARG D 222 18.94 -1.53 9.26
C ARG D 222 18.63 -1.60 7.77
N PHE D 223 19.27 -0.75 6.98
CA PHE D 223 19.09 -0.81 5.53
C PHE D 223 19.64 -2.12 4.98
N ARG D 224 20.74 -2.62 5.54
CA ARG D 224 21.26 -3.91 5.12
C ARG D 224 20.26 -5.02 5.40
N CYS D 225 19.60 -4.98 6.55
CA CYS D 225 18.57 -5.97 6.85
C CYS D 225 17.41 -5.88 5.88
N GLN D 226 17.10 -4.68 5.38
CA GLN D 226 16.06 -4.54 4.37
C GLN D 226 16.47 -5.19 3.06
N ASP D 227 17.75 -5.06 2.69
CA ASP D 227 18.25 -5.73 1.49
C ASP D 227 18.46 -7.22 1.73
N GLU D 228 18.91 -7.60 2.93
CA GLU D 228 19.06 -9.01 3.24
C GLU D 228 17.70 -9.72 3.33
N SER D 229 16.69 -9.02 3.85
CA SER D 229 15.35 -9.60 3.90
C SER D 229 14.75 -9.78 2.51
N GLU D 230 15.28 -9.08 1.50
CA GLU D 230 14.79 -9.25 0.14
C GLU D 230 15.01 -10.68 -0.34
N ALA D 231 16.18 -11.25 -0.03
CA ALA D 231 16.44 -12.64 -0.39
C ALA D 231 15.46 -13.56 0.33
N VAL D 232 15.20 -13.32 1.60
CA VAL D 232 14.20 -14.10 2.33
C VAL D 232 12.82 -13.87 1.74
N CYS D 233 12.48 -12.61 1.45
CA CYS D 233 11.21 -12.32 0.80
C CYS D 233 11.17 -12.87 -0.61
N SER D 234 12.31 -12.88 -1.31
CA SER D 234 12.35 -13.46 -2.65
C SER D 234 12.03 -14.95 -2.59
N GLU D 235 12.56 -15.66 -1.60
CA GLU D 235 12.24 -17.07 -1.45
C GLU D 235 10.75 -17.27 -1.21
N TRP D 236 10.14 -16.39 -0.43
CA TRP D 236 8.69 -16.47 -0.23
C TRP D 236 7.95 -16.28 -1.54
N LYS D 237 8.39 -15.33 -2.36
CA LYS D 237 7.79 -15.14 -3.67
C LYS D 237 7.98 -16.39 -4.54
N PHE D 238 9.18 -16.95 -4.52
CA PHE D 238 9.42 -18.17 -5.29
C PHE D 238 8.57 -19.33 -4.75
N ALA D 239 8.49 -19.46 -3.43
CA ALA D 239 7.66 -20.52 -2.85
C ALA D 239 6.20 -20.35 -3.24
N ALA D 240 5.70 -19.10 -3.19
CA ALA D 240 4.33 -18.85 -3.62
C ALA D 240 4.15 -19.16 -5.09
N CYS D 241 5.13 -18.77 -5.93
CA CYS D 241 5.05 -19.07 -7.35
C CYS D 241 5.30 -20.54 -7.65
N VAL D 242 6.13 -21.21 -6.84
CA VAL D 242 6.39 -22.63 -7.05
C VAL D 242 5.11 -23.42 -6.84
N VAL D 243 4.35 -23.10 -5.79
CA VAL D 243 3.08 -23.78 -5.56
C VAL D 243 2.12 -23.50 -6.70
N ASP D 244 2.05 -22.26 -7.15
CA ASP D 244 1.19 -21.91 -8.28
C ASP D 244 1.63 -22.65 -9.54
N ARG D 245 2.94 -22.68 -9.81
CA ARG D 245 3.44 -23.39 -10.97
C ARG D 245 3.30 -24.90 -10.80
N LEU D 246 3.51 -25.39 -9.58
CA LEU D 246 3.37 -26.82 -9.33
C LEU D 246 1.94 -27.28 -9.58
N CYS D 247 0.96 -26.50 -9.15
CA CYS D 247 -0.44 -26.84 -9.37
C CYS D 247 -0.86 -26.61 -10.82
N LEU D 248 -0.13 -25.79 -11.57
CA LEU D 248 -0.48 -25.56 -12.97
C LEU D 248 -0.37 -26.85 -13.78
N MET D 249 0.69 -27.62 -13.56
CA MET D 249 0.82 -28.89 -14.27
C MET D 249 -0.19 -29.91 -13.79
N ALA D 250 -0.49 -29.92 -12.48
CA ALA D 250 -1.46 -30.87 -11.95
C ALA D 250 -2.84 -30.61 -12.54
N PHE D 251 -3.25 -29.34 -12.64
CA PHE D 251 -4.55 -29.02 -13.21
C PHE D 251 -4.55 -29.19 -14.71
N SER D 252 -3.40 -29.04 -15.36
CA SER D 252 -3.33 -29.23 -16.80
C SER D 252 -3.70 -30.65 -17.19
N VAL D 253 -3.20 -31.63 -16.44
CA VAL D 253 -3.55 -33.02 -16.72
C VAL D 253 -5.04 -33.24 -16.48
N PHE D 254 -5.57 -32.69 -15.38
CA PHE D 254 -7.00 -32.84 -15.11
C PHE D 254 -7.83 -32.16 -16.18
N THR D 255 -7.41 -30.98 -16.63
CA THR D 255 -8.15 -30.28 -17.69
C THR D 255 -8.16 -31.10 -18.97
N ILE D 256 -7.02 -31.70 -19.32
CA ILE D 256 -6.96 -32.55 -20.51
C ILE D 256 -7.87 -33.75 -20.35
N ILE D 257 -7.93 -34.32 -19.14
CA ILE D 257 -8.79 -35.46 -18.89
C ILE D 257 -10.25 -35.07 -19.09
N CYS D 258 -10.64 -33.90 -18.60
CA CYS D 258 -12.02 -33.46 -18.77
C CYS D 258 -12.36 -33.29 -20.24
N THR D 259 -11.45 -32.71 -21.03
CA THR D 259 -11.68 -32.57 -22.46
C THR D 259 -11.81 -33.93 -23.13
N ILE D 260 -10.96 -34.88 -22.75
CA ILE D 260 -11.04 -36.22 -23.32
C ILE D 260 -12.36 -36.88 -22.95
N GLY D 261 -12.79 -36.71 -21.70
CA GLY D 261 -14.05 -37.31 -21.28
C GLY D 261 -15.23 -36.79 -22.08
N ILE D 262 -15.20 -35.50 -22.44
CA ILE D 262 -16.29 -34.93 -23.24
C ILE D 262 -16.39 -35.63 -24.58
N LEU D 263 -15.25 -35.90 -25.22
CA LEU D 263 -15.25 -36.57 -26.51
C LEU D 263 -15.79 -38.01 -26.41
N MET D 264 -15.80 -38.58 -25.21
CA MET D 264 -16.30 -39.94 -25.01
C MET D 264 -17.64 -40.00 -24.28
N SER D 265 -17.98 -38.98 -23.51
CA SER D 265 -19.25 -38.95 -22.79
C SER D 265 -20.36 -38.25 -23.56
N ALA D 266 -20.01 -37.25 -24.37
CA ALA D 266 -21.02 -36.54 -25.14
C ALA D 266 -21.78 -37.45 -26.09
N PRO D 267 -21.13 -38.34 -26.86
CA PRO D 267 -21.89 -39.19 -27.78
C PRO D 267 -22.91 -40.08 -27.08
N ASN D 268 -22.68 -40.43 -25.82
CA ASN D 268 -23.58 -41.29 -25.06
C ASN D 268 -24.61 -40.51 -24.25
N PHE D 269 -24.21 -39.39 -23.65
CA PHE D 269 -25.11 -38.56 -22.86
C PHE D 269 -25.63 -37.36 -23.63
N VAL D 270 -24.73 -36.54 -24.18
CA VAL D 270 -25.13 -35.37 -24.93
C VAL D 270 -25.51 -35.77 -26.36
N LEU E 7 -38.22 -2.53 -33.25
CA LEU E 7 -36.91 -2.95 -32.78
C LEU E 7 -36.84 -2.92 -31.26
N TYR E 8 -37.80 -3.57 -30.61
CA TYR E 8 -37.82 -3.61 -29.15
C TYR E 8 -36.60 -4.35 -28.60
N TYR E 9 -36.47 -5.63 -28.96
CA TYR E 9 -35.33 -6.41 -28.52
C TYR E 9 -34.05 -6.09 -29.29
N GLY E 10 -34.17 -5.51 -30.49
CA GLY E 10 -32.99 -5.18 -31.25
C GLY E 10 -32.13 -4.13 -30.59
N LEU E 11 -32.77 -3.10 -30.03
CA LEU E 11 -32.05 -2.02 -29.37
C LEU E 11 -31.67 -2.36 -27.93
N ASN E 12 -32.23 -3.42 -27.36
CA ASN E 12 -31.91 -3.83 -26.00
C ASN E 12 -30.90 -4.96 -25.94
N LEU E 13 -30.38 -5.42 -27.08
CA LEU E 13 -29.42 -6.52 -27.11
C LEU E 13 -28.16 -6.11 -27.86
N LEU E 14 -28.31 -5.26 -28.88
CA LEU E 14 -27.18 -4.80 -29.67
C LEU E 14 -26.51 -3.57 -29.07
N ILE E 15 -27.31 -2.62 -28.56
CA ILE E 15 -26.74 -1.40 -27.98
C ILE E 15 -25.84 -1.71 -26.79
N PRO E 16 -26.22 -2.57 -25.85
CA PRO E 16 -25.33 -2.85 -24.71
C PRO E 16 -23.97 -3.36 -25.11
N CYS E 17 -23.87 -4.12 -26.20
CA CYS E 17 -22.58 -4.66 -26.62
C CYS E 17 -21.59 -3.54 -26.92
N VAL E 18 -22.05 -2.49 -27.61
CA VAL E 18 -21.17 -1.37 -27.94
C VAL E 18 -20.69 -0.68 -26.67
N LEU E 19 -21.61 -0.46 -25.73
CA LEU E 19 -21.23 0.22 -24.49
C LEU E 19 -20.19 -0.58 -23.71
N ILE E 20 -20.37 -1.89 -23.62
CA ILE E 20 -19.42 -2.72 -22.88
C ILE E 20 -18.04 -2.64 -23.51
N SER E 21 -17.96 -2.75 -24.85
CA SER E 21 -16.67 -2.68 -25.51
C SER E 21 -16.10 -1.28 -25.49
N ALA E 22 -16.95 -0.25 -25.58
CA ALA E 22 -16.45 1.12 -25.57
C ALA E 22 -15.76 1.44 -24.25
N LEU E 23 -16.34 1.01 -23.13
CA LEU E 23 -15.74 1.30 -21.82
C LEU E 23 -14.41 0.57 -21.64
N ALA E 24 -14.29 -0.64 -22.19
CA ALA E 24 -13.05 -1.39 -22.04
C ALA E 24 -11.88 -0.68 -22.70
N LEU E 25 -12.13 0.07 -23.77
CA LEU E 25 -11.05 0.79 -24.45
C LEU E 25 -10.43 1.83 -23.52
N LEU E 26 -11.25 2.54 -22.76
CA LEU E 26 -10.73 3.55 -21.86
C LEU E 26 -9.88 2.95 -20.75
N VAL E 27 -10.15 1.70 -20.37
CA VAL E 27 -9.38 1.06 -19.31
C VAL E 27 -7.93 0.88 -19.74
N PHE E 28 -7.72 0.55 -21.02
CA PHE E 28 -6.35 0.34 -21.51
C PHE E 28 -5.52 1.62 -21.43
N LEU E 29 -6.14 2.78 -21.71
CA LEU E 29 -5.41 4.04 -21.68
C LEU E 29 -4.96 4.42 -20.27
N LEU E 30 -5.52 3.80 -19.25
CA LEU E 30 -5.15 4.15 -17.88
C LEU E 30 -3.71 3.70 -17.59
N PRO E 31 -3.01 4.41 -16.71
CA PRO E 31 -1.63 4.04 -16.41
C PRO E 31 -1.55 2.71 -15.66
N ALA E 32 -0.41 2.05 -15.82
CA ALA E 32 -0.17 0.76 -15.16
C ALA E 32 0.14 0.91 -13.68
N ASP E 33 0.38 2.12 -13.19
CA ASP E 33 0.67 2.36 -11.79
C ASP E 33 -0.58 2.58 -10.96
N SER E 34 -1.76 2.50 -11.55
CA SER E 34 -3.00 2.71 -10.80
C SER E 34 -3.14 1.68 -9.70
N GLY E 35 -2.85 0.42 -9.99
CA GLY E 35 -2.95 -0.67 -9.04
C GLY E 35 -4.32 -1.32 -8.99
N GLU E 36 -5.38 -0.53 -9.08
CA GLU E 36 -6.74 -1.03 -9.03
C GLU E 36 -7.33 -1.27 -10.43
N LYS E 37 -6.47 -1.43 -11.44
CA LYS E 37 -6.97 -1.68 -12.79
C LYS E 37 -7.62 -3.05 -12.91
N ILE E 38 -7.10 -4.04 -12.18
CA ILE E 38 -7.66 -5.38 -12.25
C ILE E 38 -9.08 -5.39 -11.67
N SER E 39 -9.31 -4.63 -10.60
CA SER E 39 -10.64 -4.58 -10.00
C SER E 39 -11.65 -3.90 -10.93
N LEU E 40 -11.19 -3.03 -11.81
CA LEU E 40 -12.09 -2.34 -12.72
C LEU E 40 -12.70 -3.31 -13.74
N GLY E 41 -11.96 -4.34 -14.13
CA GLY E 41 -12.48 -5.31 -15.09
C GLY E 41 -13.45 -6.30 -14.53
N ILE E 42 -13.49 -6.46 -13.20
CA ILE E 42 -14.39 -7.42 -12.58
C ILE E 42 -15.84 -7.00 -12.79
N THR E 43 -16.15 -5.73 -12.53
CA THR E 43 -17.52 -5.26 -12.71
C THR E 43 -17.93 -5.31 -14.18
N VAL E 44 -17.02 -4.94 -15.09
CA VAL E 44 -17.33 -4.99 -16.51
C VAL E 44 -17.60 -6.42 -16.95
N LEU E 45 -16.77 -7.37 -16.51
CA LEU E 45 -16.99 -8.76 -16.85
C LEU E 45 -18.27 -9.29 -16.22
N LEU E 46 -18.56 -8.89 -14.97
CA LEU E 46 -19.77 -9.35 -14.32
C LEU E 46 -21.02 -8.84 -15.03
N SER E 47 -20.95 -7.64 -15.62
CA SER E 47 -22.10 -7.11 -16.32
C SER E 47 -22.42 -7.92 -17.58
N LEU E 48 -21.40 -8.53 -18.19
CA LEU E 48 -21.65 -9.33 -19.39
C LEU E 48 -22.33 -10.64 -19.04
N THR E 49 -22.03 -11.22 -17.88
CA THR E 49 -22.67 -12.47 -17.48
C THR E 49 -24.18 -12.29 -17.33
N VAL E 50 -24.60 -11.19 -16.74
CA VAL E 50 -26.03 -10.92 -16.60
C VAL E 50 -26.67 -10.75 -17.97
N PHE E 51 -26.00 -10.03 -18.87
CA PHE E 51 -26.54 -9.86 -20.22
C PHE E 51 -26.64 -11.20 -20.94
N MET E 52 -25.68 -12.10 -20.71
CA MET E 52 -25.71 -13.40 -21.37
C MET E 52 -26.96 -14.19 -20.97
N LEU E 53 -27.35 -14.11 -19.70
CA LEU E 53 -28.54 -14.82 -19.25
C LEU E 53 -29.78 -14.37 -20.01
N LEU E 54 -29.92 -13.06 -20.21
CA LEU E 54 -31.07 -12.55 -20.95
C LEU E 54 -31.07 -13.06 -22.39
N VAL E 55 -29.90 -13.09 -23.03
CA VAL E 55 -29.82 -13.59 -24.40
C VAL E 55 -30.16 -15.06 -24.46
N ALA E 56 -29.78 -15.82 -23.42
CA ALA E 56 -30.06 -17.25 -23.41
C ALA E 56 -31.57 -17.52 -23.45
N GLU E 57 -32.34 -16.74 -22.70
CA GLU E 57 -33.79 -16.93 -22.69
C GLU E 57 -34.38 -16.69 -24.08
N ILE E 58 -33.90 -15.64 -24.77
CA ILE E 58 -34.41 -15.35 -26.11
C ILE E 58 -34.05 -16.48 -27.08
N MET E 59 -32.88 -17.09 -26.90
CA MET E 59 -32.46 -18.16 -27.79
C MET E 59 -33.42 -19.33 -27.68
N PRO E 60 -33.99 -19.81 -28.78
CA PRO E 60 -34.89 -20.98 -28.69
C PRO E 60 -34.15 -22.19 -28.14
N SER E 61 -34.88 -23.00 -27.36
CA SER E 61 -34.31 -24.21 -26.75
C SER E 61 -34.29 -25.31 -27.81
N THR E 62 -33.22 -25.31 -28.60
CA THR E 62 -33.04 -26.28 -29.66
C THR E 62 -32.21 -27.47 -29.15
N SER E 63 -31.97 -28.43 -30.02
CA SER E 63 -31.20 -29.63 -29.67
C SER E 63 -30.05 -29.88 -30.62
N ASP E 64 -30.22 -29.60 -31.91
CA ASP E 64 -29.20 -29.86 -32.93
C ASP E 64 -28.64 -28.58 -33.53
N SER E 65 -29.50 -27.71 -34.05
CA SER E 65 -29.08 -26.48 -34.71
C SER E 65 -29.23 -25.32 -33.73
N SER E 66 -28.14 -24.58 -33.51
CA SER E 66 -28.16 -23.43 -32.63
C SER E 66 -28.70 -22.20 -33.36
N PRO E 67 -29.25 -21.24 -32.63
CA PRO E 67 -29.77 -20.03 -33.28
C PRO E 67 -28.66 -19.18 -33.86
N SER E 68 -29.03 -18.33 -34.82
CA SER E 68 -28.06 -17.46 -35.46
C SER E 68 -27.50 -16.41 -34.52
N ILE E 69 -28.18 -16.16 -33.39
CA ILE E 69 -27.69 -15.19 -32.42
C ILE E 69 -26.67 -15.77 -31.45
N ALA E 70 -26.46 -17.09 -31.49
CA ALA E 70 -25.49 -17.71 -30.60
C ALA E 70 -24.09 -17.19 -30.87
N GLN E 71 -23.72 -17.04 -32.15
CA GLN E 71 -22.39 -16.57 -32.51
C GLN E 71 -22.24 -15.06 -32.36
N TYR E 72 -23.33 -14.32 -32.18
CA TYR E 72 -23.22 -12.87 -32.05
C TYR E 72 -22.49 -12.49 -30.76
N PHE E 73 -23.02 -12.90 -29.62
CA PHE E 73 -22.39 -12.60 -28.34
C PHE E 73 -21.19 -13.48 -28.04
N ALA E 74 -21.01 -14.58 -28.78
CA ALA E 74 -19.84 -15.42 -28.58
C ALA E 74 -18.55 -14.66 -28.89
N SER E 75 -18.56 -13.87 -29.97
CA SER E 75 -17.39 -13.06 -30.31
C SER E 75 -17.27 -11.84 -29.40
N THR E 76 -18.39 -11.34 -28.88
CA THR E 76 -18.33 -10.17 -28.01
C THR E 76 -17.57 -10.46 -26.73
N MET E 77 -17.79 -11.64 -26.15
CA MET E 77 -17.11 -11.99 -24.90
C MET E 77 -15.62 -12.26 -25.12
N ILE E 78 -15.20 -12.57 -26.34
CA ILE E 78 -13.79 -12.78 -26.61
C ILE E 78 -13.02 -11.47 -26.42
N ILE E 79 -13.56 -10.37 -26.97
CA ILE E 79 -12.91 -9.08 -26.81
C ILE E 79 -12.96 -8.65 -25.34
N VAL E 80 -14.13 -8.79 -24.71
CA VAL E 80 -14.26 -8.42 -23.30
C VAL E 80 -13.44 -9.39 -22.43
N GLY E 81 -13.52 -10.69 -22.72
CA GLY E 81 -12.77 -11.64 -21.93
C GLY E 81 -11.27 -11.44 -22.04
N LEU E 82 -10.78 -11.18 -23.26
CA LEU E 82 -9.35 -10.92 -23.44
C LEU E 82 -8.95 -9.58 -22.84
N SER E 83 -9.87 -8.62 -22.79
CA SER E 83 -9.56 -7.33 -22.18
C SER E 83 -9.23 -7.49 -20.70
N VAL E 84 -9.99 -8.33 -20.00
CA VAL E 84 -9.71 -8.57 -18.59
C VAL E 84 -8.33 -9.21 -18.42
N VAL E 85 -7.99 -10.17 -19.27
CA VAL E 85 -6.69 -10.80 -19.20
C VAL E 85 -5.58 -9.78 -19.44
N VAL E 86 -5.82 -8.85 -20.37
CA VAL E 86 -4.82 -7.82 -20.65
C VAL E 86 -4.58 -6.96 -19.41
N THR E 87 -5.65 -6.57 -18.72
CA THR E 87 -5.49 -5.79 -17.50
C THR E 87 -4.79 -6.60 -16.41
N VAL E 88 -4.95 -7.93 -16.42
CA VAL E 88 -4.25 -8.76 -15.45
C VAL E 88 -2.75 -8.74 -15.71
N ILE E 89 -2.36 -8.73 -16.99
CA ILE E 89 -0.94 -8.69 -17.34
C ILE E 89 -0.30 -7.39 -16.88
N VAL E 90 -1.09 -6.34 -16.66
CA VAL E 90 -0.53 -5.07 -16.24
C VAL E 90 0.18 -5.22 -14.90
N LEU E 91 -0.45 -5.92 -13.97
CA LEU E 91 0.17 -6.15 -12.66
C LEU E 91 1.33 -7.14 -12.74
N GLN E 92 1.35 -8.02 -13.75
CA GLN E 92 2.44 -8.98 -13.88
C GLN E 92 3.76 -8.27 -14.16
N TYR E 93 3.76 -7.33 -15.11
CA TYR E 93 4.97 -6.60 -15.42
C TYR E 93 5.31 -5.59 -14.34
N HIS E 94 4.29 -4.90 -13.80
CA HIS E 94 4.54 -3.91 -12.76
C HIS E 94 5.10 -4.55 -11.50
N HIS E 95 4.73 -5.79 -11.21
CA HIS E 95 5.20 -6.53 -10.04
C HIS E 95 6.00 -7.74 -10.46
N HIS E 96 6.86 -7.58 -11.46
CA HIS E 96 7.68 -8.68 -11.95
C HIS E 96 8.61 -9.19 -10.85
N ASP E 97 8.72 -10.50 -10.74
CA ASP E 97 9.55 -11.15 -9.74
C ASP E 97 10.80 -11.75 -10.39
N PRO E 98 11.85 -12.00 -9.61
CA PRO E 98 13.07 -12.56 -10.20
C PRO E 98 12.86 -13.91 -10.86
N ASP E 99 11.86 -14.69 -10.43
CA ASP E 99 11.63 -16.00 -11.04
C ASP E 99 11.25 -15.89 -12.51
N GLY E 100 10.51 -14.86 -12.88
CA GLY E 100 10.11 -14.67 -14.25
C GLY E 100 8.80 -13.91 -14.32
N GLY E 101 8.33 -13.72 -15.56
CA GLY E 101 7.10 -13.02 -15.80
C GLY E 101 7.22 -12.01 -16.92
N LYS E 102 8.40 -11.43 -17.08
CA LYS E 102 8.64 -10.45 -18.14
C LYS E 102 8.88 -11.15 -19.47
N MET E 103 8.84 -10.37 -20.54
CA MET E 103 9.06 -10.91 -21.87
C MET E 103 10.53 -11.28 -22.05
N PRO E 104 10.84 -12.14 -23.02
CA PRO E 104 12.24 -12.54 -23.24
C PRO E 104 13.16 -11.35 -23.47
N LYS E 105 14.46 -11.54 -23.19
CA LYS E 105 15.40 -10.44 -23.34
C LYS E 105 15.47 -9.96 -24.78
N TRP E 106 15.46 -10.89 -25.75
CA TRP E 106 15.54 -10.51 -27.15
C TRP E 106 14.34 -9.67 -27.56
N THR E 107 13.17 -9.92 -26.97
CA THR E 107 11.97 -9.15 -27.29
C THR E 107 11.92 -7.82 -26.57
N ARG E 108 12.76 -7.59 -25.56
CA ARG E 108 12.75 -6.32 -24.84
C ARG E 108 13.31 -5.19 -25.69
N VAL E 109 14.20 -5.51 -26.64
CA VAL E 109 14.75 -4.48 -27.51
C VAL E 109 13.64 -3.88 -28.37
N ILE E 110 12.72 -4.71 -28.87
CA ILE E 110 11.64 -4.21 -29.70
C ILE E 110 10.76 -3.26 -28.89
N LEU E 111 10.52 -3.57 -27.62
CA LEU E 111 9.70 -2.70 -26.79
C LEU E 111 10.32 -1.32 -26.64
N LEU E 112 11.64 -1.27 -26.46
CA LEU E 112 12.32 0.03 -26.31
C LEU E 112 12.13 0.88 -27.55
N ASN E 113 12.26 0.29 -28.74
CA ASN E 113 12.05 1.04 -29.98
C ASN E 113 10.62 1.54 -30.07
N TRP E 114 9.65 0.69 -29.72
CA TRP E 114 8.25 1.11 -29.76
C TRP E 114 7.98 2.22 -28.75
N CYS E 115 8.57 2.12 -27.56
CA CYS E 115 8.37 3.15 -26.55
C CYS E 115 8.89 4.50 -27.02
N ALA E 116 10.07 4.50 -27.65
CA ALA E 116 10.63 5.75 -28.15
C ALA E 116 9.79 6.32 -29.29
N TRP E 117 9.23 5.46 -30.14
CA TRP E 117 8.39 5.92 -31.24
C TRP E 117 7.03 6.40 -30.78
N PHE E 118 6.56 5.95 -29.62
CA PHE E 118 5.26 6.40 -29.12
C PHE E 118 5.27 7.89 -28.84
N LEU E 119 6.31 8.39 -28.19
CA LEU E 119 6.40 9.82 -27.91
C LEU E 119 6.62 10.62 -29.18
N ARG E 120 7.45 10.10 -30.09
CA ARG E 120 7.76 10.76 -31.37
C ARG E 120 7.46 9.76 -32.48
N MET E 121 6.24 9.77 -32.98
CA MET E 121 5.82 8.86 -34.03
C MET E 121 6.40 9.29 -35.37
N LYS E 122 6.36 8.39 -36.34
CA LYS E 122 6.87 8.64 -37.68
C LYS E 122 5.80 9.21 -38.61
N ARG E 123 4.59 9.45 -38.11
CA ARG E 123 3.53 10.00 -38.93
C ARG E 123 3.80 11.47 -39.25
N PRO E 124 3.15 12.02 -40.27
CA PRO E 124 3.35 13.44 -40.59
C PRO E 124 3.00 14.38 -39.46
N GLY E 125 2.12 13.97 -38.54
CA GLY E 125 1.74 14.84 -37.45
C GLY E 125 2.90 15.20 -36.54
N GLU E 126 3.92 14.34 -36.49
CA GLU E 126 5.10 14.57 -35.66
C GLU E 126 6.38 14.79 -36.46
N ASP E 127 6.45 14.27 -37.69
CA ASP E 127 7.63 14.42 -38.53
C ASP E 127 7.59 15.67 -39.38
N LYS E 128 6.50 16.44 -39.33
CA LYS E 128 6.36 17.66 -40.13
C LYS E 128 6.78 18.92 -39.38
N VAL E 129 6.48 18.99 -38.09
CA VAL E 129 6.81 20.16 -37.27
C VAL E 129 8.22 19.92 -36.73
N ARG E 130 9.22 20.27 -37.54
CA ARG E 130 10.62 20.12 -37.16
C ARG E 130 11.51 20.80 -38.19
N PRO E 131 12.71 21.26 -37.80
CA PRO E 131 13.58 21.92 -38.76
C PRO E 131 14.17 20.97 -39.78
N ALA E 132 13.79 21.12 -41.05
CA ALA E 132 14.28 20.29 -42.14
C ALA E 132 14.86 21.19 -43.21
N CYS E 133 16.12 20.95 -43.56
CA CYS E 133 16.81 21.73 -44.59
C CYS E 133 18.07 20.98 -44.99
N GLN E 134 18.89 21.63 -45.81
CA GLN E 134 20.16 21.05 -46.27
C GLN E 134 21.30 21.29 -45.30
N HIS E 135 21.05 21.95 -44.17
CA HIS E 135 22.09 22.26 -43.20
C HIS E 135 22.40 21.03 -42.37
N LYS E 136 23.16 21.20 -41.29
CA LYS E 136 23.56 20.07 -40.46
C LYS E 136 22.38 19.39 -39.80
N GLN E 137 21.21 20.03 -39.77
CA GLN E 137 20.05 19.43 -39.12
C GLN E 137 19.67 18.10 -39.77
N ARG E 138 19.97 17.94 -41.05
CA ARG E 138 19.64 16.72 -41.80
C ARG E 138 20.90 16.11 -42.42
N ARG E 139 22.02 16.18 -41.70
CA ARG E 139 23.28 15.62 -42.14
C ARG E 139 23.63 14.39 -41.30
N CYS E 140 24.61 13.63 -41.78
CA CYS E 140 25.08 12.43 -41.11
C CYS E 140 26.51 12.65 -40.62
N SER E 141 26.79 12.14 -39.43
CA SER E 141 28.11 12.28 -38.83
C SER E 141 28.37 11.05 -37.95
N LEU E 142 29.42 11.11 -37.13
CA LEU E 142 29.75 9.99 -36.27
C LEU E 142 28.68 9.75 -35.22
N ALA E 143 28.06 10.81 -34.71
CA ALA E 143 27.04 10.67 -33.68
C ALA E 143 25.78 9.99 -34.20
N SER E 144 25.55 10.01 -35.52
CA SER E 144 24.37 9.38 -36.10
C SER E 144 24.62 7.93 -36.48
N VAL E 145 25.81 7.61 -36.97
CA VAL E 145 26.15 6.25 -37.37
C VAL E 145 26.72 5.56 -36.15
N GLU E 146 25.93 4.66 -35.55
CA GLU E 146 26.34 3.90 -34.37
C GLU E 146 26.80 2.49 -34.73
N MET E 147 27.26 2.29 -35.96
CA MET E 147 27.73 0.98 -36.38
C MET E 147 29.08 0.61 -35.77
N SER E 148 29.83 1.59 -35.28
CA SER E 148 31.14 1.36 -34.67
C SER E 148 31.09 1.49 -33.15
N ALA E 149 29.99 1.05 -32.54
CA ALA E 149 29.81 1.12 -31.09
C ALA E 149 29.96 2.56 -30.59
N VAL E 150 29.36 3.50 -31.31
CA VAL E 150 29.42 4.91 -30.94
C VAL E 150 28.41 5.18 -29.84
N ALA E 151 28.80 5.98 -28.85
CA ALA E 151 27.92 6.28 -27.74
C ALA E 151 26.73 7.12 -28.23
N PRO E 152 25.58 7.00 -27.57
CA PRO E 152 24.40 7.76 -28.00
C PRO E 152 24.57 9.24 -27.72
N PRO E 153 23.64 10.07 -28.19
CA PRO E 153 23.76 11.50 -27.94
C PRO E 153 23.77 11.80 -26.46
N PRO E 154 24.45 12.86 -26.03
CA PRO E 154 24.51 13.17 -24.59
C PRO E 154 23.19 13.73 -24.08
N ALA E 155 22.23 12.84 -23.81
CA ALA E 155 20.92 13.23 -23.31
C ALA E 155 20.85 13.01 -21.81
N SER E 156 20.06 13.86 -21.13
CA SER E 156 19.89 13.80 -19.69
C SER E 156 18.81 12.81 -19.27
N ASN E 157 18.43 11.87 -20.14
CA ASN E 157 17.42 10.88 -19.83
C ASN E 157 18.00 9.59 -19.27
N GLY E 158 19.25 9.61 -18.81
CA GLY E 158 19.91 8.45 -18.27
C GLY E 158 21.06 7.90 -19.08
N ASN E 159 21.47 8.59 -20.14
CA ASN E 159 22.57 8.15 -20.99
C ASN E 159 23.88 8.84 -20.64
N LEU E 160 23.88 10.17 -20.65
CA LEU E 160 25.10 10.91 -20.32
C LEU E 160 25.54 10.64 -18.89
N LEU E 161 24.58 10.61 -17.95
CA LEU E 161 24.93 10.38 -16.55
C LEU E 161 25.55 9.00 -16.36
N TYR E 162 24.98 7.98 -17.01
CA TYR E 162 25.52 6.63 -16.88
C TYR E 162 26.81 6.46 -17.66
N ILE E 163 26.90 7.07 -18.86
CA ILE E 163 28.11 6.95 -19.65
C ILE E 163 29.28 7.65 -18.97
N GLY E 164 29.03 8.82 -18.39
CA GLY E 164 30.09 9.56 -17.72
C GLY E 164 30.44 9.04 -16.35
N PHE E 165 29.51 8.36 -15.68
CA PHE E 165 29.74 7.81 -14.34
C PHE E 165 30.16 6.35 -14.37
N ARG E 166 29.57 5.55 -15.27
CA ARG E 166 29.90 4.14 -15.37
C ARG E 166 30.50 3.75 -16.71
N GLY E 167 30.15 4.45 -17.80
CA GLY E 167 30.68 4.09 -19.10
C GLY E 167 32.15 4.41 -19.28
N LEU E 168 32.67 5.35 -18.50
CA LEU E 168 34.09 5.73 -18.59
C LEU E 168 34.92 4.78 -17.72
N ASP E 169 35.02 3.54 -18.20
CA ASP E 169 35.77 2.50 -17.51
C ASP E 169 37.25 2.65 -17.87
N GLY E 170 37.94 3.52 -17.14
CA GLY E 170 39.35 3.76 -17.37
C GLY E 170 39.72 5.23 -17.30
N VAL E 171 38.72 6.09 -17.14
CA VAL E 171 38.93 7.54 -17.04
C VAL E 171 38.36 8.10 -15.75
N HIS E 172 37.09 7.81 -15.46
CA HIS E 172 36.44 8.31 -14.25
C HIS E 172 36.54 7.31 -13.10
N CYS E 173 36.01 6.10 -13.31
CA CYS E 173 36.07 5.08 -12.26
C CYS E 173 37.51 4.71 -11.93
N VAL E 174 38.33 4.52 -12.96
CA VAL E 174 39.73 4.15 -12.78
C VAL E 174 40.59 5.08 -13.64
N PRO E 175 40.83 6.32 -13.20
CA PRO E 175 41.64 7.24 -14.03
C PRO E 175 43.02 6.66 -14.31
N THR E 176 43.27 6.39 -15.59
CA THR E 176 44.55 5.84 -16.02
C THR E 176 45.61 6.92 -16.05
N PRO E 177 45.37 8.07 -16.70
CA PRO E 177 46.43 9.10 -16.74
C PRO E 177 46.56 9.87 -15.42
N ASP E 178 47.25 9.24 -14.47
CA ASP E 178 47.48 9.82 -13.16
C ASP E 178 48.95 10.04 -12.84
N SER E 179 49.87 9.56 -13.68
CA SER E 179 51.31 9.70 -13.44
C SER E 179 51.75 11.07 -13.92
N GLY E 180 51.65 12.06 -13.04
CA GLY E 180 52.06 13.42 -13.35
C GLY E 180 51.05 14.25 -14.12
N VAL E 181 49.85 13.72 -14.36
CA VAL E 181 48.82 14.46 -15.08
C VAL E 181 47.83 15.05 -14.08
N VAL E 182 47.18 14.17 -13.31
CA VAL E 182 46.24 14.64 -12.30
C VAL E 182 46.99 15.31 -11.15
N CYS E 183 48.10 14.73 -10.73
CA CYS E 183 48.91 15.27 -9.64
C CYS E 183 50.04 16.17 -10.14
N GLY E 184 49.88 16.77 -11.33
CA GLY E 184 50.90 17.63 -11.89
C GLY E 184 50.33 18.91 -12.47
N ARG E 185 49.08 19.23 -12.11
CA ARG E 185 48.41 20.42 -12.60
C ARG E 185 47.76 21.15 -11.43
N MET E 186 47.44 22.42 -11.65
CA MET E 186 46.83 23.27 -10.63
C MET E 186 45.31 23.26 -10.68
N ALA E 187 44.72 22.43 -11.55
CA ALA E 187 43.27 22.37 -11.70
C ALA E 187 42.69 21.58 -10.54
N CYS E 188 42.56 22.24 -9.40
CA CYS E 188 42.00 21.65 -8.18
C CYS E 188 42.73 20.36 -7.81
N SER E 189 44.05 20.38 -7.95
CA SER E 189 44.89 19.23 -7.62
C SER E 189 46.30 19.72 -7.36
N PRO E 190 47.11 18.97 -6.61
CA PRO E 190 48.49 19.39 -6.38
C PRO E 190 49.32 19.30 -7.66
N THR E 191 50.35 20.13 -7.71
CA THR E 191 51.26 20.19 -8.85
C THR E 191 52.60 19.60 -8.41
N HIS E 192 52.72 18.28 -8.54
CA HIS E 192 53.93 17.55 -8.16
C HIS E 192 54.30 17.81 -6.70
N ASP E 193 53.30 17.98 -5.85
CA ASP E 193 53.52 18.24 -4.42
C ASP E 193 53.46 16.90 -3.69
N GLU E 194 54.63 16.28 -3.49
CA GLU E 194 54.68 15.01 -2.78
C GLU E 194 54.47 15.20 -1.29
N HIS E 195 54.86 16.34 -0.74
CA HIS E 195 54.71 16.61 0.69
C HIS E 195 53.38 17.33 0.96
N LEU E 196 52.29 16.69 0.50
CA LEU E 196 50.95 17.22 0.67
C LEU E 196 50.44 16.84 2.06
N LEU E 197 50.91 17.57 3.06
CA LEU E 197 50.55 17.34 4.45
C LEU E 197 49.64 18.45 4.94
N HIS E 198 48.80 18.13 5.92
CA HIS E 198 47.86 19.08 6.51
C HIS E 198 48.59 19.89 7.59
N GLY E 199 49.48 20.77 7.12
CA GLY E 199 50.25 21.58 8.03
C GLY E 199 51.16 20.78 8.93
N GLY E 200 51.81 19.76 8.38
CA GLY E 200 52.69 18.88 9.13
C GLY E 200 52.03 17.61 9.63
N GLN E 201 50.71 17.54 9.61
CA GLN E 201 49.95 16.38 10.03
C GLN E 201 49.55 15.54 8.82
N PRO E 202 49.12 14.30 9.04
CA PRO E 202 48.69 13.48 7.92
C PRO E 202 47.52 14.11 7.20
N PRO E 203 47.38 13.87 5.90
CA PRO E 203 46.29 14.51 5.15
C PRO E 203 44.91 14.18 5.71
N GLU E 204 44.72 12.97 6.23
CA GLU E 204 43.44 12.57 6.81
C GLU E 204 43.40 12.98 8.27
N GLY E 205 42.44 13.85 8.63
CA GLY E 205 42.34 14.30 10.01
C GLY E 205 42.00 13.18 10.96
N ASP E 206 41.14 12.26 10.54
CA ASP E 206 40.72 11.15 11.38
C ASP E 206 40.42 9.92 10.53
N PRO E 207 41.08 8.79 10.78
CA PRO E 207 40.75 7.58 9.99
C PRO E 207 39.29 7.16 10.12
N ASP E 208 38.65 7.48 11.24
CA ASP E 208 37.24 7.12 11.42
C ASP E 208 36.36 7.80 10.39
N LEU E 209 36.79 8.97 9.89
CA LEU E 209 36.00 9.67 8.87
C LEU E 209 35.90 8.85 7.59
N ALA E 210 36.99 8.17 7.21
CA ALA E 210 36.95 7.33 6.02
C ALA E 210 35.93 6.21 6.17
N LYS E 211 35.87 5.59 7.35
CA LYS E 211 34.88 4.54 7.58
C LYS E 211 33.47 5.08 7.49
N ILE E 212 33.24 6.29 8.02
CA ILE E 212 31.92 6.89 7.94
C ILE E 212 31.53 7.14 6.48
N LEU E 213 32.50 7.54 5.66
CA LEU E 213 32.22 7.77 4.24
C LEU E 213 31.72 6.51 3.56
N GLU E 214 32.34 5.37 3.86
CA GLU E 214 31.90 4.11 3.27
C GLU E 214 30.47 3.78 3.68
N GLU E 215 30.15 3.98 4.97
CA GLU E 215 28.78 3.74 5.43
C GLU E 215 27.82 4.75 4.81
N VAL E 216 28.22 6.02 4.75
CA VAL E 216 27.37 7.03 4.12
C VAL E 216 27.20 6.73 2.64
N ARG E 217 28.29 6.36 1.97
CA ARG E 217 28.20 6.04 0.54
C ARG E 217 27.29 4.83 0.32
N TYR E 218 27.40 3.82 1.19
CA TYR E 218 26.53 2.66 1.06
C TYR E 218 25.07 3.05 1.23
N ILE E 219 24.78 3.93 2.19
CA ILE E 219 23.42 4.40 2.38
C ILE E 219 22.93 5.13 1.13
N ALA E 220 23.78 6.00 0.56
CA ALA E 220 23.43 6.68 -0.67
C ALA E 220 23.37 5.71 -1.84
N ASN E 221 24.20 4.67 -1.83
CA ASN E 221 24.15 3.68 -2.91
C ASN E 221 22.81 2.98 -2.97
N ARG E 222 22.26 2.63 -1.80
CA ARG E 222 20.94 2.00 -1.78
C ARG E 222 19.88 2.95 -2.34
N PHE E 223 19.95 4.23 -1.97
CA PHE E 223 19.02 5.20 -2.54
C PHE E 223 19.22 5.35 -4.04
N ARG E 224 20.48 5.27 -4.50
CA ARG E 224 20.72 5.33 -5.95
C ARG E 224 20.06 4.15 -6.66
N CYS E 225 20.12 2.95 -6.05
CA CYS E 225 19.46 1.80 -6.64
C CYS E 225 17.94 2.00 -6.68
N GLN E 226 17.38 2.69 -5.70
CA GLN E 226 15.95 2.99 -5.74
C GLN E 226 15.61 3.91 -6.89
N ASP E 227 16.47 4.90 -7.16
CA ASP E 227 16.26 5.78 -8.31
C ASP E 227 16.62 5.09 -9.61
N GLU E 228 17.66 4.25 -9.61
CA GLU E 228 18.02 3.50 -10.81
C GLU E 228 16.95 2.47 -11.14
N SER E 229 16.36 1.84 -10.13
CA SER E 229 15.28 0.88 -10.37
C SER E 229 14.04 1.56 -10.91
N GLU E 230 13.91 2.87 -10.75
CA GLU E 230 12.76 3.58 -11.30
C GLU E 230 12.73 3.47 -12.83
N ALA E 231 13.91 3.59 -13.46
CA ALA E 231 13.98 3.41 -14.91
C ALA E 231 13.59 1.99 -15.30
N VAL E 232 14.06 0.99 -14.54
CA VAL E 232 13.65 -0.38 -14.80
C VAL E 232 12.16 -0.55 -14.53
N CYS E 233 11.68 0.02 -13.42
CA CYS E 233 10.25 -0.03 -13.14
C CYS E 233 9.46 0.79 -14.15
N SER E 234 10.03 1.90 -14.63
CA SER E 234 9.36 2.68 -15.66
C SER E 234 9.17 1.87 -16.93
N GLU E 235 10.18 1.09 -17.32
CA GLU E 235 10.04 0.24 -18.49
C GLU E 235 8.93 -0.79 -18.28
N TRP E 236 8.80 -1.32 -17.07
CA TRP E 236 7.71 -2.24 -16.78
C TRP E 236 6.36 -1.55 -16.94
N LYS E 237 6.25 -0.31 -16.47
CA LYS E 237 5.02 0.44 -16.66
C LYS E 237 4.75 0.68 -18.14
N PHE E 238 5.79 1.04 -18.90
CA PHE E 238 5.62 1.23 -20.34
C PHE E 238 5.24 -0.07 -21.02
N ALA E 239 5.89 -1.17 -20.63
CA ALA E 239 5.55 -2.47 -21.22
C ALA E 239 4.11 -2.84 -20.91
N ALA E 240 3.68 -2.62 -19.67
CA ALA E 240 2.28 -2.88 -19.32
C ALA E 240 1.34 -1.98 -20.11
N CYS E 241 1.69 -0.71 -20.26
CA CYS E 241 0.87 0.20 -21.03
C CYS E 241 0.97 -0.05 -22.52
N VAL E 242 2.13 -0.52 -23.00
CA VAL E 242 2.27 -0.83 -24.42
C VAL E 242 1.34 -1.97 -24.81
N VAL E 243 1.27 -3.01 -23.98
CA VAL E 243 0.36 -4.11 -24.26
C VAL E 243 -1.09 -3.63 -24.23
N ASP E 244 -1.43 -2.80 -23.24
CA ASP E 244 -2.79 -2.24 -23.18
C ASP E 244 -3.08 -1.39 -24.40
N ARG E 245 -2.12 -0.53 -24.78
CA ARG E 245 -2.32 0.31 -25.96
C ARG E 245 -2.28 -0.52 -27.24
N LEU E 246 -1.42 -1.54 -27.28
CA LEU E 246 -1.35 -2.40 -28.46
C LEU E 246 -2.67 -3.12 -28.70
N CYS E 247 -3.28 -3.63 -27.62
CA CYS E 247 -4.56 -4.31 -27.74
C CYS E 247 -5.71 -3.35 -27.97
N LEU E 248 -5.54 -2.06 -27.66
CA LEU E 248 -6.60 -1.09 -27.89
C LEU E 248 -6.91 -0.97 -29.38
N MET E 249 -5.87 -0.92 -30.21
CA MET E 249 -6.09 -0.84 -31.66
C MET E 249 -6.66 -2.15 -32.19
N ALA E 250 -6.19 -3.29 -31.68
CA ALA E 250 -6.70 -4.57 -32.15
C ALA E 250 -8.18 -4.72 -31.84
N PHE E 251 -8.61 -4.32 -30.64
CA PHE E 251 -10.02 -4.41 -30.29
C PHE E 251 -10.84 -3.34 -30.98
N SER E 252 -10.22 -2.20 -31.32
CA SER E 252 -10.95 -1.15 -32.03
C SER E 252 -11.41 -1.65 -33.40
N VAL E 253 -10.55 -2.36 -34.11
CA VAL E 253 -10.94 -2.90 -35.40
C VAL E 253 -12.06 -3.94 -35.23
N PHE E 254 -11.93 -4.81 -34.22
CA PHE E 254 -12.97 -5.80 -33.96
C PHE E 254 -14.28 -5.13 -33.58
N THR E 255 -14.21 -4.09 -32.75
CA THR E 255 -15.43 -3.37 -32.37
C THR E 255 -16.10 -2.74 -33.58
N ILE E 256 -15.31 -2.15 -34.48
CA ILE E 256 -15.87 -1.57 -35.70
C ILE E 256 -16.49 -2.66 -36.56
N ILE E 257 -15.85 -3.83 -36.62
CA ILE E 257 -16.41 -4.94 -37.40
C ILE E 257 -17.76 -5.36 -36.84
N CYS E 258 -17.88 -5.45 -35.52
CA CYS E 258 -19.15 -5.82 -34.91
C CYS E 258 -20.23 -4.79 -35.24
N THR E 259 -19.89 -3.51 -35.19
CA THR E 259 -20.86 -2.48 -35.54
C THR E 259 -21.27 -2.59 -37.00
N ILE E 260 -20.31 -2.87 -37.89
CA ILE E 260 -20.64 -3.04 -39.30
C ILE E 260 -21.55 -4.25 -39.50
N GLY E 261 -21.24 -5.34 -38.81
CA GLY E 261 -22.06 -6.53 -38.94
C GLY E 261 -23.50 -6.32 -38.51
N ILE E 262 -23.72 -5.47 -37.49
CA ILE E 262 -25.08 -5.19 -37.03
C ILE E 262 -25.88 -4.53 -38.16
N LEU E 263 -25.27 -3.60 -38.87
CA LEU E 263 -25.97 -2.93 -39.97
C LEU E 263 -26.30 -3.89 -41.11
N MET E 264 -25.65 -5.05 -41.18
CA MET E 264 -25.91 -6.03 -42.22
C MET E 264 -26.63 -7.28 -41.71
N SER E 265 -26.52 -7.59 -40.41
CA SER E 265 -27.18 -8.76 -39.86
C SER E 265 -28.55 -8.45 -39.28
N ALA E 266 -28.74 -7.24 -38.73
CA ALA E 266 -30.03 -6.89 -38.15
C ALA E 266 -31.17 -6.94 -39.17
N PRO E 267 -31.01 -6.40 -40.39
CA PRO E 267 -32.12 -6.46 -41.35
C PRO E 267 -32.55 -7.87 -41.71
N ASN E 268 -31.65 -8.85 -41.60
CA ASN E 268 -31.98 -10.24 -41.93
C ASN E 268 -32.44 -11.03 -40.72
N PHE E 269 -31.84 -10.78 -39.56
CA PHE E 269 -32.19 -11.49 -38.33
C PHE E 269 -33.07 -10.66 -37.41
N VAL E 270 -32.65 -9.44 -37.07
CA VAL E 270 -33.41 -8.57 -36.20
C VAL E 270 -34.49 -7.86 -37.00
C1 IVM F . -25.57 5.65 -28.71
O1 IVM F . -25.67 4.34 -25.16
C2 IVM F . -25.54 4.18 -28.20
O2 IVM F . -32.01 5.19 -28.64
C3 IVM F . -24.39 3.97 -27.19
O3 IVM F . -31.24 4.81 -33.01
C4 IVM F . -24.34 2.47 -26.85
O4 IVM F . -34.05 4.73 -32.83
C5 IVM F . -24.58 4.81 -25.93
O5 IVM F . -32.59 4.53 -36.90
C6 IVM F . -26.01 5.23 -24.08
O6 IVM F . -34.34 2.35 -36.64
C7 IVM F . -24.76 5.77 -23.41
O7 IVM F . -35.80 4.75 -34.33
C8 IVM F . -23.56 4.83 -23.61
O8 IVM F . -33.15 6.70 -29.93
C9 IVM F . -23.26 4.76 -25.11
O9 IVM F . -32.02 -0.38 -21.72
C10 IVM F . -22.38 5.94 -25.51
O10 IVM F . -31.61 -2.99 -21.63
C11 IVM F . -26.74 4.14 -23.18
O11 IVM F . -27.21 1.10 -23.14
C12 IVM F . -27.99 3.55 -23.90
O12 IVM F . -28.74 2.79 -22.98
C13 IVM F . -28.84 4.69 -24.42
O13 IVM F . -29.68 -0.48 -24.50
C14 IVM F . -28.03 5.49 -25.39
O14 IVM F . -26.93 6.09 -24.76
C15 IVM F . -28.90 6.63 -26.01
C16 IVM F . -30.09 6.07 -26.88
C17 IVM F . -31.39 6.14 -26.48
C18 IVM F . -31.81 6.79 -25.13
C19 IVM F . -32.53 5.58 -27.37
C20 IVM F . -31.89 6.25 -29.55
C21 IVM F . -31.04 5.79 -30.80
C22 IVM F . -31.89 4.92 -31.78
C23 IVM F . -29.98 4.13 -32.95
C24 IVM F . -33.24 5.57 -31.99
C25 IVM F . -34.65 5.45 -33.86
C26 IVM F . -33.63 5.67 -35.03
C27 IVM F . -33.34 4.31 -35.72
C28 IVM F . -31.24 4.91 -36.69
C29 IVM F . -34.62 3.64 -36.08
C30 IVM F . -35.47 3.48 -34.84
C31 IVM F . -36.76 2.73 -35.21
C32 IVM F . -33.87 5.73 -30.65
C33 IVM F . -35.33 6.21 -30.81
C34 IVM F . -33.19 4.39 -26.69
C35 IVM F . -34.21 3.74 -27.64
C36 IVM F . -32.15 3.34 -26.28
C37 IVM F . -32.74 2.32 -25.27
C38 IVM F . -31.80 1.11 -24.99
C39 IVM F . -31.13 1.18 -23.59
C40 IVM F . -32.24 1.10 -22.43
C41 IVM F . -31.30 -1.04 -22.83
C42 IVM F . -30.70 -2.31 -22.44
C43 IVM F . -29.32 -2.13 -21.64
C44 IVM F . -28.52 -0.89 -21.82
C45 IVM F . -29.29 0.38 -22.26
C46 IVM F . -28.31 1.42 -22.82
C47 IVM F . -30.31 0.00 -23.32
C48 IVM F . -28.69 -3.35 -20.91
H1 IVM F . -26.17 5.71 -29.62
H1A IVM F . -24.56 5.97 -28.91
H1B IVM F . -26.01 6.29 -27.95
H2 IVM F . -25.40 3.52 -29.04
H2A IVM F . -26.50 3.94 -27.72
H3 IVM F . -23.46 4.25 -27.67
H4 IVM F . -23.31 2.19 -26.61
H4A IVM F . -24.69 1.88 -27.70
H4B IVM F . -24.98 2.26 -25.99
H5 IVM F . -24.77 5.85 -26.20
HO6 IVM F . -34.07 2.44 -37.55
H7 IVM F . -24.95 5.88 -22.35
H7A IVM F . -24.53 6.76 -23.80
H8 IVM F . -23.81 3.84 -23.24
H8A IVM F . -22.69 5.22 -23.09
H9 IVM F . -22.72 3.84 -25.33
H10 IVM F . -21.47 5.93 -24.92
H10A IVM F . -22.91 6.88 -25.33
H10B IVM F . -22.13 5.87 -26.57
HO10 IVM F . -31.52 -3.93 -21.77
H11 IVM F . -27.07 4.62 -22.26
H11A IVM F . -26.05 3.33 -22.95
H12 IVM F . -27.67 2.92 -24.73
H13 IVM F . -29.16 5.32 -23.59
H13A IVM F . -29.72 4.27 -24.91
HO13 IVM F . -29.21 0.22 -24.94
H14 IVM F . -27.68 4.83 -26.20
H15 IVM F . -28.26 7.24 -26.66
H15A IVM F . -29.27 7.26 -25.22
H16 IVM F . -29.84 5.59 -27.83
H18 IVM F . -31.41 7.67 -25.64
H18A IVM F . -31.23 7.24 -24.31
H18B IVM F . -31.33 5.89 -24.75
H19 IVM F . -33.27 6.35 -27.52
H20 IVM F . -31.38 7.06 -29.06
H21 IVM F . -30.18 5.20 -30.45
H21A IVM F . -30.67 6.68 -31.33
H22 IVM F . -32.04 3.92 -31.36
H23 IVM F . -29.77 3.69 -33.92
H23A IVM F . -30.03 3.35 -32.19
H23B IVM F . -29.20 4.84 -32.69
H24 IVM F . -33.09 6.55 -32.46
H25 IVM F . -34.96 6.42 -33.48
H26 IVM F . -32.70 6.08 -34.63
H26A IVM F . -34.06 6.35 -35.76
H27 IVM F . -32.78 3.67 -35.05
H28 IVM F . -30.68 4.80 -37.61
H28A IVM F . -30.79 4.29 -35.91
H28B IVM F . -31.20 5.96 -36.37
H29 IVM F . -35.16 4.25 -36.81
H30 IVM F . -34.92 2.91 -34.10
H31 IVM F . -36.52 1.72 -35.52
H31A IVM F . -37.26 3.25 -36.03
H31B IVM F . -37.43 2.70 -34.35
H32 IVM F . -33.85 4.78 -30.13
H33 IVM F . -35.90 5.46 -31.37
H33A IVM F . -35.36 7.16 -31.34
H33B IVM F . -35.77 6.34 -29.83
H34 IVM F . -33.71 4.73 -25.80
H35 IVM F . -34.82 3.03 -27.09
H35A IVM F . -33.68 3.22 -28.44
H35B IVM F . -34.86 4.52 -28.07
H36 IVM F . -31.80 2.82 -27.17
H37 IVM F . -32.96 2.82 -24.34
H38 IVM F . -31.02 1.10 -25.77
H40 IVM F . -32.08 1.88 -21.70
H40A IVM F . -33.25 1.18 -22.84
H41 IVM F . -32.01 -1.22 -23.63
H42 IVM F . -30.52 -2.89 -23.35
H44 IVM F . -27.56 -0.79 -21.32
H45 IVM F . -29.79 0.79 -21.40
H48 IVM F . -27.61 -3.36 -21.07
H48A IVM F . -29.12 -4.28 -21.31
H48B IVM F . -28.90 -3.29 -19.85
C1 IVM G . -37.37 11.22 0.76
O1 IVM G . -35.54 7.96 0.12
C2 IVM G . -37.15 10.46 -0.57
O2 IVM G . -42.70 7.50 0.93
C3 IVM G . -35.66 10.20 -0.82
O3 IVM G . -44.28 11.19 -0.92
C4 IVM G . -35.49 9.59 -2.23
O4 IVM G . -46.55 9.53 -0.66
C5 IVM G . -35.04 9.28 0.24
O5 IVM G . -47.49 13.33 -2.50
C6 IVM G . -35.20 7.16 1.26
O6 IVM G . -48.58 11.38 -4.21
C7 IVM G . -33.78 7.47 1.73
O7 IVM G . -48.81 9.73 -0.97
C8 IVM G . -32.92 7.97 0.57
O8 IVM G . -44.44 8.43 2.09
C9 IVM G . -33.50 9.30 0.07
O9 IVM G . -38.68 -0.19 -2.50
C10 IVM G . -32.92 10.44 0.90
O10 IVM G . -37.48 -0.95 -4.80
C11 IVM G . -35.30 5.75 0.55
O11 IVM G . -36.37 4.38 -2.38
C12 IVM G . -36.75 5.37 0.12
O12 IVM G . -36.82 3.99 -0.16
C13 IVM G . -37.70 5.69 1.25
O13 IVM G . -38.15 3.15 -3.89
C14 IVM G . -37.61 7.16 1.53
O14 IVM G . -36.35 7.46 2.09
C15 IVM G . -38.71 7.59 2.57
C16 IVM G . -40.14 7.43 1.94
C17 IVM G . -41.03 6.48 2.38
C18 IVM G . -40.69 5.48 3.52
C19 IVM G . -42.44 6.37 1.74
C20 IVM G . -43.13 8.63 1.64
C21 IVM G . -43.04 9.92 0.72
C22 IVM G . -44.20 9.93 -0.33
C23 IVM G . -43.13 11.56 -1.69
C24 IVM G . -45.50 9.61 0.34
C25 IVM G . -47.67 10.26 -0.29
C26 IVM G . -47.47 11.77 -0.65
C27 IVM G . -47.45 11.95 -2.18
C28 IVM G . -46.27 14.02 -2.25
C29 IVM G . -48.65 11.28 -2.78
C30 IVM G . -48.68 9.84 -2.37
C31 IVM G . -49.88 9.14 -3.04
C32 IVM G . -45.35 8.29 1.03
C33 IVM G . -46.72 7.84 1.61
C34 IVM G . -42.50 5.10 0.90
C35 IVM G . -43.67 5.18 -0.11
C36 IVM G . -41.19 4.91 0.15
C37 IVM G . -41.09 3.58 -0.63
C38 IVM G . -39.64 3.29 -1.11
C39 IVM G . -39.56 2.21 -2.23
C40 IVM G . -39.73 0.73 -1.63
C41 IVM G . -38.43 0.78 -3.59
C42 IVM G . -37.33 0.40 -4.45
C43 IVM G . -35.91 0.59 -3.71
C44 IVM G . -35.81 1.55 -2.58
C45 IVM G . -37.08 2.16 -1.94
C46 IVM G . -36.73 3.60 -1.56
C47 IVM G . -38.28 2.12 -2.91
C48 IVM G . -34.63 -0.05 -4.31
H1 IVM G . -38.38 11.63 0.77
H1A IVM G . -36.64 12.01 0.84
H1B IVM G . -37.26 10.53 1.60
H2 IVM G . -37.56 11.05 -1.39
H2A IVM G . -37.68 9.50 -0.54
H3 IVM G . -35.13 11.16 -0.80
H4 IVM G . -34.63 10.03 -2.72
H4A IVM G . -36.38 9.80 -2.82
H4B IVM G . -35.35 8.52 -2.15
H5 IVM G . -35.28 9.66 1.23
HO6 IVM G . -48.97 12.20 -4.49
H7 IVM G . -33.35 6.56 2.15
H7A IVM G . -33.82 8.21 2.53
H8 IVM G . -32.92 7.24 -0.24
H8A IVM G . -31.89 8.12 0.93
H9 IVM G . -33.23 9.44 -0.97
H10 IVM G . -31.83 10.45 0.80
H10A IVM G . -33.18 10.31 1.96
H10B IVM G . -33.31 11.39 0.55
HO10 IVM G . -37.08 -1.50 -4.12
H11 IVM G . -34.95 4.98 1.25
H11A IVM G . -34.66 5.75 -0.33
H12 IVM G . -37.03 5.95 -0.76
H13 IVM G . -37.41 5.12 2.13
H13A IVM G . -38.70 5.42 0.95
HO13 IVM G . -38.59 2.89 -4.69
H14 IVM G . -37.75 7.71 0.61
H15 IVM G . -38.55 8.64 2.81
H15A IVM G . -38.60 7.00 3.46
H16 IVM G . -40.44 8.10 1.14
H18 IVM G . -40.67 6.42 4.09
H18A IVM G . -39.78 5.32 4.12
H18B IVM G . -40.05 5.09 2.75
H19 IVM G . -43.19 6.32 2.52
H20 IVM G . -42.50 8.77 2.50
H21 IVM G . -42.08 9.92 0.21
H21A IVM G . -43.11 10.81 1.35
H22 IVM G . -44.00 9.18 -1.10
H23 IVM G . -43.42 12.29 -2.45
H23A IVM G . -42.71 10.69 -2.16
H23B IVM G . -42.39 12.02 -1.02
H24 IVM G . -45.73 10.39 1.07
H25 IVM G . -47.84 10.17 0.79
H26 IVM G . -46.51 12.12 -0.23
H26A IVM G . -48.29 12.35 -0.22
H27 IVM G . -46.55 11.50 -2.59
H28 IVM G . -46.30 14.99 -2.76
H28A IVM G . -45.43 13.44 -2.63
H28B IVM G . -46.14 14.18 -1.18
H29 IVM G . -49.55 11.79 -2.42
H30 IVM G . -47.76 9.36 -2.69
H31 IVM G . -49.71 9.08 -4.11
H31A IVM G . -50.79 9.73 -2.85
H31B IVM G . -50.00 8.15 -2.64
H32 IVM G . -44.99 7.56 0.33
H33 IVM G . -47.43 7.69 0.79
H33A IVM G . -47.10 8.60 2.30
H33B IVM G . -46.59 6.89 2.15
H34 IVM G . -42.67 4.24 1.56
H35 IVM G . -43.76 4.24 -0.65
H35A IVM G . -43.48 6.00 -0.81
H35B IVM G . -44.60 5.38 0.43
H36 IVM G . -41.02 5.76 -0.52
H37 IVM G . -41.75 3.62 -1.49
H38 IVM G . -39.03 2.98 -0.26
H40 IVM G . -39.48 0.73 -0.57
H40A IVM G . -40.76 0.38 -1.76
H41 IVM G . -39.33 0.82 -4.21
H42 IVM G . -37.36 1.00 -5.36
H44 IVM G . -34.84 1.73 -2.12
H45 IVM G . -37.33 1.61 -1.05
H48 IVM G . -33.80 0.65 -4.23
H48A IVM G . -34.80 -0.31 -5.36
H48B IVM G . -34.39 -0.96 -3.75
C1 IVM H . -31.13 -14.71 17.84
O1 IVM H . -29.86 -14.83 14.28
C2 IVM H . -31.65 -13.93 16.61
O2 IVM H . -35.44 -19.17 15.68
C3 IVM H . -30.51 -13.14 15.93
O3 IVM H . -38.09 -17.12 18.54
C4 IVM H . -31.12 -12.33 14.77
O4 IVM H . -39.70 -19.20 17.50
C5 IVM H . -29.41 -14.08 15.39
O5 IVM H . -41.73 -16.77 20.46
C6 IVM H . -28.95 -15.89 13.95
O6 IVM H . -43.46 -16.82 18.23
C7 IVM H . -27.51 -15.42 14.06
O7 IVM H . -41.78 -20.05 17.95
C8 IVM H . -27.41 -13.90 13.87
O8 IVM H . -36.35 -20.59 17.23
C9 IVM H . -28.18 -13.22 15.01
O9 IVM H . -33.98 -18.33 7.02
C10 IVM H . -27.27 -13.07 16.22
O10 IVM H . -33.05 -17.14 5.07
C11 IVM H . -29.41 -16.07 12.44
O11 IVM H . -32.43 -15.11 10.59
C12 IVM H . -30.90 -16.54 12.32
O12 IVM H . -31.15 -16.97 11.00
C13 IVM H . -31.11 -17.70 13.26
O13 IVM H . -34.28 -15.06 8.66
C14 IVM H . -30.84 -17.24 14.66
O14 IVM H . -29.47 -16.92 14.81
C15 IVM H . -31.22 -18.35 15.69
C16 IVM H . -32.74 -18.70 15.57
C17 IVM H . -33.20 -19.86 15.01
C18 IVM H . -32.24 -20.96 14.47
C19 IVM H . -34.72 -20.12 14.92
C20 IVM H . -35.53 -19.49 17.05
C21 IVM H . -36.05 -18.22 17.84
C22 IVM H . -37.59 -18.03 17.62
C23 IVM H . -37.58 -15.80 18.40
C24 IVM H . -38.29 -19.35 17.78
C25 IVM H . -40.49 -19.76 18.49
C26 IVM H . -40.62 -18.79 19.70
C27 IVM H . -41.44 -17.54 19.31
C28 IVM H . -40.62 -16.06 20.99
C29 IVM H . -42.73 -17.98 18.68
C30 IVM H . -42.44 -18.87 17.51
C31 IVM H . -43.77 -19.26 16.83
C32 IVM H . -37.68 -20.33 16.83
C33 IVM H . -38.47 -21.66 16.84
C34 IVM H . -35.16 -20.06 13.46
C35 IVM H . -36.62 -20.53 13.33
C36 IVM H . -35.05 -18.64 12.92
C37 IVM H . -34.51 -18.57 11.47
C38 IVM H . -34.88 -17.26 10.74
C39 IVM H . -34.83 -17.31 9.18
C40 IVM H . -34.51 -18.74 8.53
C41 IVM H . -34.22 -16.86 7.05
C42 IVM H . -33.50 -16.18 5.99
C43 IVM H . -32.23 -15.36 6.54
C44 IVM H . -31.58 -15.80 7.80
C45 IVM H . -32.42 -16.64 8.79
C46 IVM H . -32.03 -16.15 10.19
C47 IVM H . -33.90 -16.43 8.46
C48 IVM H . -31.58 -14.25 5.66
H1 IVM H . -31.97 -14.98 18.49
H1A IVM H . -30.44 -14.08 18.41
H1B IVM H . -30.61 -15.61 17.52
H2 IVM H . -32.41 -13.22 16.94
H2A IVM H . -32.09 -14.63 15.90
H3 IVM H . -30.07 -12.46 16.65
H4 IVM H . -30.56 -11.40 14.66
H4A IVM H . -32.16 -12.10 15.01
H4B IVM H . -31.08 -12.89 13.85
H5 IVM H . -29.10 -14.77 16.18
HO6 IVM H . -43.92 -16.42 18.96
H7 IVM H . -26.92 -15.91 13.29
H7A IVM H . -27.10 -15.71 15.03
H8 IVM H . -27.85 -13.62 12.91
H8A IVM H . -26.36 -13.59 13.91
H9 IVM H . -28.50 -12.24 14.68
H10 IVM H . -26.40 -12.47 15.94
H10A IVM H . -26.94 -14.05 16.55
H10B IVM H . -27.81 -12.57 17.03
HO10 IVM H . -33.78 -17.46 4.56
H11 IVM H . -28.78 -16.81 11.96
H11A IVM H . -29.30 -15.10 11.92
H12 IVM H . -31.56 -15.73 12.60
H13 IVM H . -30.43 -18.51 13.00
H13A IVM H . -32.13 -18.04 13.16
HO13 IVM H . -34.85 -14.79 7.95
H14 IVM H . -31.44 -16.35 14.86
H15 IVM H . -31.02 -17.98 16.70
H15A IVM H . -30.60 -19.23 15.51
H16 IVM H . -33.46 -17.96 15.93
H18 IVM H . -31.96 -20.98 15.53
H18A IVM H . -31.15 -20.99 14.37
H18B IVM H . -32.10 -20.20 13.70
H19 IVM H . -34.93 -21.12 15.30
H20 IVM H . -34.53 -19.74 17.41
H21 IVM H . -35.52 -17.34 17.51
H21A IVM H . -35.86 -18.38 18.92
H22 IVM H . -37.76 -17.67 16.60
H23 IVM H . -38.30 -15.08 18.81
H23A IVM H . -37.39 -15.58 17.36
H23B IVM H . -36.65 -15.72 18.97
H24 IVM H . -38.15 -19.70 18.81
H25 IVM H . -40.05 -20.70 18.83
H26 IVM H . -39.61 -18.47 20.02
H26A IVM H . -41.12 -19.29 20.52
H27 IVM H . -40.88 -16.94 18.59
H28 IVM H . -40.98 -15.31 21.69
H28A IVM H . -40.09 -15.57 20.19
H28B IVM H . -39.96 -16.74 21.51
H29 IVM H . -43.32 -18.52 19.42
H30 IVM H . -41.80 -18.35 16.80
H31 IVM H . -44.20 -18.38 16.36
H31A IVM H . -44.46 -19.65 17.58
H31B IVM H . -43.57 -20.03 16.07
H32 IVM H . -37.69 -19.91 15.83
H33 IVM H . -39.49 -21.47 16.51
H33A IVM H . -38.48 -22.07 17.86
H33B IVM H . -38.00 -22.36 16.16
H34 IVM H . -34.53 -20.72 12.87
H35 IVM H . -36.80 -20.91 12.33
H35A IVM H . -37.29 -19.69 13.54
H35B IVM H . -36.81 -21.33 14.07
H36 IVM H . -34.42 -18.03 13.57
H37 IVM H . -33.42 -18.66 11.49
H38 IVM H . -34.35 -16.41 11.14
H40 IVM H . -33.73 -19.27 9.08
H40A IVM H . -35.41 -19.36 8.48
H41 IVM H . -35.28 -16.71 6.88
H42 IVM H . -34.17 -15.49 5.48
H44 IVM H . -30.64 -15.35 8.12
H45 IVM H . -32.16 -17.68 8.68
H48 IVM H . -31.17 -13.47 6.31
H48A IVM H . -32.32 -13.82 5.00
H48B IVM H . -30.77 -14.68 5.08
C1 IVM I . -15.95 -35.48 -0.67
O1 IVM I . -16.81 -32.17 -2.30
C2 IVM I . -17.09 -34.48 -0.33
O2 IVM I . -20.55 -37.91 -4.67
C3 IVM I . -16.52 -33.07 -0.06
O3 IVM I . -21.12 -40.56 -1.21
C4 IVM I . -17.67 -32.17 0.42
O4 IVM I . -22.99 -41.48 -3.10
C5 IVM I . -15.86 -32.48 -1.31
O5 IVM I . -23.09 -43.70 0.62
C6 IVM I . -16.19 -31.88 -3.56
O6 IVM I . -25.76 -42.93 0.14
C7 IVM I . -14.93 -31.04 -3.36
O7 IVM I . -24.45 -43.25 -3.25
C8 IVM I . -15.00 -30.23 -2.06
O8 IVM I . -20.38 -40.12 -5.22
C9 IVM I . -15.06 -31.21 -0.90
O9 IVM I . -24.01 -29.91 -7.18
C10 IVM I . -13.65 -31.61 -0.48
O10 IVM I . -24.64 -27.54 -6.76
C11 IVM I . -17.38 -31.01 -4.17
O11 IVM I . -20.52 -30.14 -3.45
C12 IVM I . -18.67 -31.85 -4.43
O12 IVM I . -19.55 -31.14 -5.28
C13 IVM I . -18.29 -33.14 -5.11
O13 IVM I . -23.25 -30.14 -3.63
C14 IVM I . -17.37 -33.89 -4.19
O14 IVM I . -16.14 -33.22 -4.10
C15 IVM I . -17.10 -35.33 -4.75
C16 IVM I . -18.42 -36.16 -4.80
C17 IVM I . -19.05 -36.50 -5.98
C18 IVM I . -18.48 -36.08 -7.37
C19 IVM I . -20.36 -37.32 -5.95
C20 IVM I . -19.83 -39.09 -4.47
C21 IVM I . -19.81 -39.44 -2.93
C22 IVM I . -21.21 -39.99 -2.49
C23 IVM I . -20.79 -39.63 -0.18
C24 IVM I . -21.67 -41.04 -3.46
C25 IVM I . -23.09 -42.87 -3.08
C26 IVM I . -22.54 -43.42 -1.73
C27 IVM I . -23.48 -43.02 -0.57
C28 IVM I . -21.90 -43.21 1.22
C29 IVM I . -24.88 -43.40 -0.90
C30 IVM I . -25.27 -42.76 -2.20
C31 IVM I . -26.74 -43.09 -2.52
C32 IVM I . -21.69 -40.43 -4.83
C33 IVM I . -22.29 -41.42 -5.85
C34 IVM I . -21.54 -36.40 -6.29
C35 IVM I . -22.86 -37.14 -6.02
C36 IVM I . -21.46 -35.14 -5.43
C37 IVM I . -22.34 -33.98 -5.97
C38 IVM I . -22.22 -32.69 -5.13
C39 IVM I . -23.34 -31.66 -5.43
C40 IVM I . -23.60 -31.50 -7.01
C41 IVM I . -24.21 -29.58 -5.76
C42 IVM I . -24.31 -28.14 -5.54
C43 IVM I . -22.93 -27.49 -5.01
C44 IVM I . -21.66 -28.22 -5.24
C45 IVM I . -21.70 -29.75 -5.45
C46 IVM I . -20.56 -30.34 -4.62
C47 IVM I . -23.08 -30.27 -5.03
C48 IVM I . -22.92 -26.06 -4.42
H1 IVM I . -16.32 -36.50 -0.56
H1A IVM I . -15.11 -35.32 -0.01
H1B IVM I . -15.65 -35.33 -1.71
H2 IVM I . -17.60 -34.83 0.57
H2A IVM I . -17.81 -34.43 -1.14
H3 IVM I . -15.78 -33.15 0.74
H4 IVM I . -17.31 -31.51 1.20
H4A IVM I . -18.47 -32.78 0.83
H4B IVM I . -18.05 -31.57 -0.41
H5 IVM I . -15.14 -33.19 -1.71
HO6 IVM I . -25.78 -43.57 0.84
H7 IVM I . -14.82 -30.37 -4.21
H7A IVM I . -14.06 -31.70 -3.36
H8 IVM I . -15.89 -29.60 -2.07
H8A IVM I . -14.11 -29.61 -1.98
H9 IVM I . -15.56 -30.73 -0.05
H10 IVM I . -13.09 -30.71 -0.21
H10A IVM I . -13.15 -32.10 -1.32
H10B IVM I . -13.69 -32.29 0.37
HO10 IVM I . -23.85 -27.32 -7.24
H11 IVM I . -17.05 -30.59 -5.12
H11A IVM I . -17.61 -30.19 -3.48
H12 IVM I . -19.15 -32.07 -3.48
H13 IVM I . -17.79 -32.91 -6.05
H13A IVM I . -19.19 -33.72 -5.30
HO13 IVM I . -24.18 -30.04 -3.42
H14 IVM I . -17.83 -33.98 -3.22
H15 IVM I . -16.39 -35.83 -4.08
H15A IVM I . -16.65 -35.26 -5.74
H16 IVM I . -18.87 -36.48 -3.86
H18 IVM I . -17.68 -36.74 -7.03
H18A IVM I . -17.61 -35.48 -7.65
H18B IVM I . -18.81 -35.11 -7.01
H19 IVM I . -20.30 -38.11 -6.70
H20 IVM I . -18.81 -38.93 -4.80
H21 IVM I . -19.58 -38.54 -2.36
H21A IVM I . -19.05 -40.21 -2.74
H22 IVM I . -21.93 -39.17 -2.47
H23 IVM I . -21.17 -40.00 0.76
H23A IVM I . -21.24 -38.67 -0.40
H23B IVM I . -19.70 -39.52 -0.12
H24 IVM I . -20.97 -41.88 -3.44
H25 IVM I . -22.51 -43.30 -3.90
H26 IVM I . -21.53 -43.01 -1.54
H26A IVM I . -22.47 -44.51 -1.78
H27 IVM I . -23.42 -41.94 -0.40
H28 IVM I . -21.82 -43.60 2.23
H28A IVM I . -21.93 -42.13 1.26
H28B IVM I . -21.04 -43.53 0.63
H29 IVM I . -24.95 -44.48 -0.99
H30 IVM I . -25.15 -41.67 -2.13
H31 IVM I . -27.39 -42.58 -1.81
H31A IVM I . -26.89 -44.17 -2.43
H31B IVM I . -26.98 -42.77 -3.53
H32 IVM I . -22.28 -39.51 -4.81
H33 IVM I . -23.33 -41.63 -5.57
H33A IVM I . -21.72 -42.34 -5.85
H33B IVM I . -22.27 -40.98 -6.84
H34 IVM I . -21.47 -36.13 -7.34
H35 IVM I . -23.68 -36.54 -6.39
H35A IVM I . -22.98 -37.29 -4.94
H35B IVM I . -22.84 -38.11 -6.53
H36 IVM I . -21.76 -35.37 -4.41
H37 IVM I . -23.38 -34.30 -6.00
H38 IVM I . -22.24 -32.95 -4.07
H40 IVM I . -22.69 -31.73 -7.56
H40A IVM I . -24.40 -32.16 -7.34
H41 IVM I . -25.15 -30.02 -5.43
H42 IVM I . -25.10 -27.94 -4.82
H44 IVM I . -20.72 -27.73 -5.01
H45 IVM I . -21.53 -29.97 -6.50
H48 IVM I . -22.16 -26.00 -3.64
H48A IVM I . -23.90 -25.84 -3.98
H48B IVM I . -22.69 -25.34 -5.20
C1 IVM J . -12.46 -22.32 -29.39
O1 IVM J . -14.28 -20.16 -26.78
C2 IVM J . -13.31 -22.73 -28.17
O2 IVM J . -18.49 -22.66 -32.07
C3 IVM J . -12.78 -22.09 -26.88
O3 IVM J . -16.96 -26.65 -33.09
C4 IVM J . -13.55 -22.69 -25.69
O4 IVM J . -19.53 -26.57 -34.24
C5 IVM J . -12.92 -20.57 -26.90
O5 IVM J . -17.50 -30.35 -34.87
C6 IVM J . -14.44 -18.78 -27.07
O6 IVM J . -20.03 -31.03 -33.82
C7 IVM J . -13.30 -17.96 -26.49
O7 IVM J . -20.77 -27.95 -35.61
C8 IVM J . -12.69 -18.66 -25.27
O8 IVM J . -18.55 -23.07 -34.32
C9 IVM J . -12.08 -19.99 -25.73
O9 IVM J . -23.02 -19.20 -25.01
C10 IVM J . -10.65 -19.75 -26.21
O10 IVM J . -23.38 -18.83 -22.57
C11 IVM J . -15.80 -18.57 -26.27
O11 IVM J . -18.03 -20.29 -24.57
C12 IVM J . -17.00 -19.35 -26.87
O12 IVM J . -18.21 -18.86 -26.34
C13 IVM J . -17.01 -19.15 -28.37
O13 IVM J . -20.42 -21.58 -24.07
C14 IVM J . -15.72 -19.70 -28.91
O14 IVM J . -14.66 -18.88 -28.50
C15 IVM J . -15.75 -19.73 -30.47
C16 IVM J . -16.85 -20.72 -30.97
C17 IVM J . -18.01 -20.31 -31.58
C18 IVM J . -18.33 -18.81 -31.83
C19 IVM J . -19.06 -21.35 -32.04
C20 IVM J . -17.72 -22.92 -33.21
C21 IVM J . -16.85 -24.22 -32.97
C22 IVM J . -17.76 -25.51 -33.02
C23 IVM J . -16.16 -26.87 -31.93
C24 IVM J . -18.63 -25.45 -34.24
C25 IVM J . -19.54 -27.22 -35.47
C26 IVM J . -18.33 -28.19 -35.59
C27 IVM J . -18.49 -29.37 -34.60
C28 IVM J . -16.19 -30.00 -34.43
C29 IVM J . -19.84 -29.99 -34.79
C30 IVM J . -20.90 -28.94 -34.61
C31 IVM J . -22.29 -29.60 -34.74
C32 IVM J . -19.43 -24.17 -34.18
C33 IVM J . -20.46 -24.12 -35.33
C34 IVM J . -20.25 -21.33 -31.09
C35 IVM J . -21.17 -22.54 -31.37
C36 IVM J . -19.75 -21.40 -29.64
C37 IVM J . -20.82 -20.95 -28.61
C38 IVM J . -20.29 -20.97 -27.15
C39 IVM J . -21.44 -20.90 -26.10
C40 IVM J . -22.52 -19.77 -26.48
C41 IVM J . -22.41 -20.23 -24.15
C42 IVM J . -22.43 -19.83 -22.75
C43 IVM J . -21.01 -19.27 -22.23
C44 IVM J . -20.04 -18.76 -23.24
C45 IVM J . -20.15 -19.25 -24.70
C46 IVM J . -18.71 -19.53 -25.17
C47 IVM J . -21.05 -20.49 -24.74
C48 IVM J . -20.72 -19.14 -20.72
H1 IVM J . -12.65 -23.00 -30.22
H1A IVM J . -11.41 -22.36 -29.13
H1B IVM J . -12.71 -21.30 -29.69
H2 IVM J . -13.28 -23.82 -28.07
H2A IVM J . -14.35 -22.43 -28.34
H3 IVM J . -11.72 -22.35 -26.77
H4 IVM J . -12.84 -23.06 -24.95
H4A IVM J . -14.17 -23.51 -26.03
H4B IVM J . -14.18 -21.93 -25.24
H5 IVM J . -12.52 -20.17 -27.83
HO6 IVM J . -19.64 -31.84 -34.12
H7 IVM J . -13.68 -16.99 -26.20
H7A IVM J . -12.54 -17.79 -27.25
H8 IVM J . -13.46 -18.85 -24.52
H8A IVM J . -11.91 -18.03 -24.84
H9 IVM J . -12.07 -20.69 -24.89
H10 IVM J . -10.06 -19.32 -25.39
H10A IVM J . -10.65 -19.05 -27.05
H10B IVM J . -10.20 -20.69 -26.52
HO10 IVM J . -22.99 -17.98 -22.74
H11 IVM J . -16.05 -17.50 -26.28
H11A IVM J . -15.65 -18.89 -25.23
H12 IVM J . -16.89 -20.41 -26.65
H13 IVM J . -17.09 -18.09 -28.59
H13A IVM J . -17.85 -19.69 -28.78
HO13 IVM J . -21.09 -22.15 -23.71
H14 IVM J . -15.58 -20.70 -28.54
H15 IVM J . -14.79 -20.07 -30.83
H15A IVM J . -15.94 -18.73 -30.85
H16 IVM J . -16.69 -21.79 -30.82
H18 IVM J . -17.45 -18.92 -32.47
H18A IVM J . -17.80 -17.89 -31.57
H18B IVM J . -18.46 -18.84 -30.75
H19 IVM J . -19.40 -21.11 -33.05
H20 IVM J . -17.06 -22.09 -33.39
H21 IVM J . -16.38 -24.16 -31.99
H21A IVM J . -16.08 -24.29 -33.75
H22 IVM J . -18.38 -25.55 -32.13
H23 IVM J . -15.93 -27.94 -31.85
H23A IVM J . -16.68 -26.53 -31.04
H23B IVM J . -15.22 -26.31 -32.03
H24 IVM J . -18.01 -25.45 -35.14
H25 IVM J . -19.50 -26.49 -36.27
H26 IVM J . -17.40 -27.64 -35.34
H26A IVM J . -18.26 -28.58 -36.60
H27 IVM J . -18.40 -29.02 -33.58
H28 IVM J . -15.56 -30.88 -34.43
H28A IVM J . -16.23 -29.59 -33.43
H28B IVM J . -15.77 -29.25 -35.11
H29 IVM J . -19.91 -30.42 -35.79
H30 IVM J . -20.79 -28.49 -33.63
H31 IVM J . -22.46 -30.25 -33.88
H31A IVM J . -22.33 -30.18 -35.65
H31B IVM J . -23.06 -28.82 -34.76
H32 IVM J . -19.94 -24.12 -33.23
H33 IVM J . -21.16 -24.95 -35.22
H33A IVM J . -19.94 -24.23 -36.29
H33B IVM J . -21.00 -23.19 -35.31
H34 IVM J . -20.81 -20.40 -31.24
H35 IVM J . -22.08 -22.44 -30.79
H35A IVM J . -20.66 -23.46 -31.10
H35B IVM J . -21.42 -22.56 -32.43
H36 IVM J . -19.42 -22.41 -29.41
H37 IVM J . -21.70 -21.60 -28.70
H38 IVM J . -19.72 -21.88 -26.99
H40 IVM J . -22.05 -18.98 -27.06
H40A IVM J . -23.35 -20.20 -27.04
H41 IVM J . -23.00 -21.14 -24.24
H42 IVM J . -22.71 -20.70 -22.14
H44 IVM J . -19.13 -18.26 -22.90
H45 IVM J . -20.58 -18.45 -25.31
H48 IVM J . -19.66 -19.32 -20.53
H48A IVM J . -21.31 -19.87 -20.17
H48B IVM J . -20.98 -18.13 -20.39
N LEU A 7 -50.26 3.51 -3.57
CA LEU A 7 -49.07 3.53 -4.42
C LEU A 7 -48.06 2.48 -3.97
N TYR A 8 -48.30 1.22 -4.34
CA TYR A 8 -47.40 0.15 -3.96
C TYR A 8 -46.10 0.23 -4.77
N TYR A 9 -46.19 0.14 -6.09
CA TYR A 9 -45.00 0.21 -6.93
C TYR A 9 -44.48 1.63 -7.08
N GLY A 10 -45.32 2.64 -6.85
CA GLY A 10 -44.85 4.01 -6.97
C GLY A 10 -43.79 4.35 -5.93
N LEU A 11 -44.05 3.96 -4.67
CA LEU A 11 -43.07 4.22 -3.62
C LEU A 11 -41.90 3.25 -3.68
N ASN A 12 -42.12 2.03 -4.17
CA ASN A 12 -41.07 1.03 -4.24
C ASN A 12 -40.15 1.22 -5.45
N LEU A 13 -40.54 2.05 -6.41
CA LEU A 13 -39.74 2.27 -7.61
C LEU A 13 -39.30 3.71 -7.80
N LEU A 14 -40.09 4.69 -7.36
CA LEU A 14 -39.69 6.08 -7.50
C LEU A 14 -38.61 6.44 -6.49
N ILE A 15 -38.73 5.97 -5.25
CA ILE A 15 -37.74 6.29 -4.23
C ILE A 15 -36.36 5.79 -4.61
N PRO A 16 -36.18 4.53 -5.02
CA PRO A 16 -34.84 4.09 -5.45
C PRO A 16 -34.29 4.91 -6.61
N CYS A 17 -35.15 5.37 -7.52
CA CYS A 17 -34.67 6.15 -8.65
C CYS A 17 -34.01 7.45 -8.20
N VAL A 18 -34.61 8.14 -7.24
CA VAL A 18 -34.02 9.38 -6.73
C VAL A 18 -32.94 9.09 -5.69
N LEU A 19 -33.09 8.01 -4.92
CA LEU A 19 -32.09 7.67 -3.93
C LEU A 19 -30.75 7.34 -4.58
N ILE A 20 -30.78 6.57 -5.68
CA ILE A 20 -29.55 6.25 -6.38
C ILE A 20 -28.95 7.48 -7.03
N SER A 21 -29.79 8.34 -7.60
CA SER A 21 -29.29 9.56 -8.22
C SER A 21 -28.61 10.47 -7.20
N ALA A 22 -29.22 10.60 -6.02
CA ALA A 22 -28.61 11.42 -4.98
C ALA A 22 -27.36 10.77 -4.40
N LEU A 23 -27.30 9.43 -4.42
CA LEU A 23 -26.12 8.74 -3.91
C LEU A 23 -24.90 8.99 -4.79
N ALA A 24 -25.10 9.11 -6.11
CA ALA A 24 -23.99 9.36 -7.01
C ALA A 24 -23.33 10.70 -6.77
N LEU A 25 -24.06 11.66 -6.18
CA LEU A 25 -23.47 12.97 -5.91
C LEU A 25 -22.34 12.86 -4.89
N LEU A 26 -22.49 12.00 -3.89
CA LEU A 26 -21.44 11.83 -2.88
C LEU A 26 -20.19 11.18 -3.46
N VAL A 27 -20.32 10.45 -4.58
CA VAL A 27 -19.16 9.83 -5.19
C VAL A 27 -18.17 10.88 -5.65
N PHE A 28 -18.67 11.97 -6.26
CA PHE A 28 -17.78 13.04 -6.69
C PHE A 28 -17.14 13.75 -5.52
N LEU A 29 -17.82 13.80 -4.37
CA LEU A 29 -17.27 14.45 -3.19
C LEU A 29 -16.07 13.72 -2.62
N LEU A 30 -15.84 12.48 -3.03
CA LEU A 30 -14.71 11.72 -2.52
C LEU A 30 -13.40 12.44 -2.90
N PRO A 31 -12.43 12.53 -1.98
CA PRO A 31 -11.16 13.17 -2.32
C PRO A 31 -10.46 12.43 -3.45
N ALA A 32 -9.73 13.20 -4.27
CA ALA A 32 -9.00 12.60 -5.37
C ALA A 32 -7.92 11.64 -4.88
N ASP A 33 -7.30 11.94 -3.73
CA ASP A 33 -6.26 11.06 -3.20
C ASP A 33 -6.78 9.69 -2.83
N SER A 34 -8.10 9.54 -2.69
CA SER A 34 -8.69 8.25 -2.34
C SER A 34 -8.61 7.33 -3.55
N GLY A 35 -7.58 6.48 -3.59
CA GLY A 35 -7.42 5.56 -4.71
C GLY A 35 -8.40 4.41 -4.72
N GLU A 36 -9.00 4.10 -3.59
CA GLU A 36 -9.95 3.01 -3.48
C GLU A 36 -11.39 3.45 -3.75
N LYS A 37 -11.57 4.61 -4.38
CA LYS A 37 -12.90 5.10 -4.70
C LYS A 37 -13.51 4.42 -5.92
N ILE A 38 -12.71 3.71 -6.72
CA ILE A 38 -13.26 3.03 -7.89
C ILE A 38 -14.19 1.90 -7.47
N SER A 39 -13.88 1.21 -6.37
CA SER A 39 -14.72 0.11 -5.93
C SER A 39 -16.08 0.58 -5.40
N LEU A 40 -16.17 1.84 -4.99
CA LEU A 40 -17.45 2.35 -4.48
C LEU A 40 -18.49 2.46 -5.59
N GLY A 41 -18.06 2.74 -6.82
CA GLY A 41 -18.99 2.86 -7.93
C GLY A 41 -19.50 1.53 -8.45
N ILE A 42 -18.79 0.43 -8.20
CA ILE A 42 -19.20 -0.86 -8.71
C ILE A 42 -20.53 -1.28 -8.09
N THR A 43 -20.65 -1.14 -6.78
CA THR A 43 -21.90 -1.51 -6.11
C THR A 43 -23.04 -0.56 -6.49
N VAL A 44 -22.73 0.72 -6.67
CA VAL A 44 -23.76 1.68 -7.05
C VAL A 44 -24.30 1.34 -8.43
N LEU A 45 -23.41 1.04 -9.38
CA LEU A 45 -23.84 0.65 -10.72
C LEU A 45 -24.62 -0.66 -10.68
N LEU A 46 -24.14 -1.63 -9.89
CA LEU A 46 -24.83 -2.92 -9.81
C LEU A 46 -26.16 -2.79 -9.08
N SER A 47 -26.25 -1.87 -8.12
CA SER A 47 -27.51 -1.72 -7.37
C SER A 47 -28.65 -1.31 -8.28
N LEU A 48 -28.38 -0.40 -9.22
CA LEU A 48 -29.43 0.06 -10.13
C LEU A 48 -29.91 -1.09 -11.02
N THR A 49 -28.98 -1.92 -11.49
CA THR A 49 -29.36 -3.04 -12.36
C THR A 49 -30.24 -4.05 -11.62
N VAL A 50 -29.96 -4.28 -10.33
CA VAL A 50 -30.74 -5.24 -9.57
C VAL A 50 -32.20 -4.80 -9.51
N PHE A 51 -32.43 -3.51 -9.24
CA PHE A 51 -33.79 -2.99 -9.21
C PHE A 51 -34.38 -2.78 -10.59
N MET A 52 -33.53 -2.70 -11.63
CA MET A 52 -34.04 -2.52 -12.99
C MET A 52 -34.71 -3.78 -13.50
N LEU A 53 -34.23 -4.96 -13.08
CA LEU A 53 -34.81 -6.21 -13.54
C LEU A 53 -36.28 -6.33 -13.14
N LEU A 54 -36.60 -5.92 -11.91
CA LEU A 54 -37.99 -6.01 -11.45
C LEU A 54 -38.90 -5.13 -12.29
N VAL A 55 -38.46 -3.92 -12.61
CA VAL A 55 -39.28 -3.01 -13.40
C VAL A 55 -39.43 -3.52 -14.83
N ALA A 56 -38.43 -4.23 -15.34
CA ALA A 56 -38.51 -4.73 -16.71
C ALA A 56 -39.69 -5.68 -16.89
N GLU A 57 -39.90 -6.58 -15.92
CA GLU A 57 -41.01 -7.52 -16.02
C GLU A 57 -42.35 -6.78 -15.97
N ILE A 58 -42.46 -5.77 -15.11
CA ILE A 58 -43.70 -5.01 -15.02
C ILE A 58 -43.97 -4.24 -16.31
N MET A 59 -42.90 -3.73 -16.92
CA MET A 59 -43.07 -2.95 -18.15
C MET A 59 -43.66 -3.82 -19.25
N PRO A 60 -44.74 -3.40 -19.90
CA PRO A 60 -45.30 -4.21 -20.98
C PRO A 60 -44.29 -4.42 -22.10
N SER A 61 -44.32 -5.61 -22.70
CA SER A 61 -43.42 -5.95 -23.81
C SER A 61 -44.04 -5.43 -25.11
N THR A 62 -43.86 -4.13 -25.33
CA THR A 62 -44.39 -3.49 -26.53
C THR A 62 -43.45 -3.72 -27.72
N SER A 63 -43.79 -3.13 -28.85
CA SER A 63 -42.97 -3.25 -30.05
C SER A 63 -42.80 -1.94 -30.80
N ASP A 64 -43.43 -0.85 -30.37
CA ASP A 64 -43.32 0.45 -31.03
C ASP A 64 -42.60 1.47 -30.17
N SER A 65 -43.07 1.69 -28.94
CA SER A 65 -42.46 2.66 -28.03
C SER A 65 -42.43 2.06 -26.63
N SER A 66 -41.29 2.24 -25.96
CA SER A 66 -41.14 1.74 -24.60
C SER A 66 -41.90 2.62 -23.61
N PRO A 67 -42.21 2.09 -22.43
CA PRO A 67 -42.91 2.91 -21.44
C PRO A 67 -42.06 4.09 -20.98
N SER A 68 -42.74 5.13 -20.50
CA SER A 68 -42.04 6.33 -20.04
C SER A 68 -41.10 6.04 -18.87
N ILE A 69 -41.34 4.95 -18.13
CA ILE A 69 -40.47 4.62 -17.01
C ILE A 69 -39.06 4.30 -17.51
N ALA A 70 -38.94 3.81 -18.74
CA ALA A 70 -37.62 3.49 -19.29
C ALA A 70 -36.77 4.74 -19.42
N GLN A 71 -37.38 5.87 -19.81
CA GLN A 71 -36.63 7.11 -19.96
C GLN A 71 -36.03 7.55 -18.63
N TYR A 72 -36.82 7.45 -17.55
CA TYR A 72 -36.31 7.83 -16.24
C TYR A 72 -35.14 6.92 -15.83
N PHE A 73 -35.28 5.62 -16.07
CA PHE A 73 -34.19 4.70 -15.74
C PHE A 73 -32.96 4.96 -16.61
N ALA A 74 -33.16 5.33 -17.87
CA ALA A 74 -32.02 5.64 -18.73
C ALA A 74 -31.29 6.89 -18.24
N SER A 75 -32.05 7.91 -17.85
CA SER A 75 -31.41 9.13 -17.34
C SER A 75 -30.63 8.84 -16.06
N THR A 76 -31.20 8.04 -15.16
CA THR A 76 -30.49 7.68 -13.93
C THR A 76 -29.23 6.89 -14.23
N MET A 77 -29.30 5.98 -15.21
CA MET A 77 -28.13 5.18 -15.55
C MET A 77 -26.98 6.04 -16.04
N ILE A 78 -27.28 7.18 -16.67
CA ILE A 78 -26.22 8.06 -17.16
C ILE A 78 -25.41 8.61 -16.01
N ILE A 79 -26.08 9.03 -14.93
CA ILE A 79 -25.37 9.62 -13.80
C ILE A 79 -24.47 8.58 -13.14
N VAL A 80 -25.02 7.40 -12.86
CA VAL A 80 -24.21 6.34 -12.24
C VAL A 80 -23.19 5.80 -13.23
N GLY A 81 -23.58 5.67 -14.50
CA GLY A 81 -22.63 5.19 -15.50
C GLY A 81 -21.43 6.10 -15.65
N LEU A 82 -21.66 7.42 -15.66
CA LEU A 82 -20.56 8.38 -15.72
C LEU A 82 -19.81 8.50 -14.41
N SER A 83 -20.43 8.13 -13.29
CA SER A 83 -19.75 8.20 -12.00
C SER A 83 -18.54 7.27 -11.97
N VAL A 84 -18.69 6.06 -12.52
CA VAL A 84 -17.56 5.13 -12.57
C VAL A 84 -16.45 5.71 -13.44
N VAL A 85 -16.81 6.28 -14.59
CA VAL A 85 -15.81 6.88 -15.46
C VAL A 85 -15.13 8.05 -14.77
N VAL A 86 -15.91 8.89 -14.08
CA VAL A 86 -15.34 10.04 -13.39
C VAL A 86 -14.35 9.58 -12.33
N THR A 87 -14.75 8.57 -11.54
CA THR A 87 -13.84 8.02 -10.54
C THR A 87 -12.63 7.37 -11.19
N VAL A 88 -12.84 6.69 -12.32
CA VAL A 88 -11.72 6.08 -13.03
C VAL A 88 -10.74 7.14 -13.51
N ILE A 89 -11.26 8.25 -14.04
CA ILE A 89 -10.39 9.31 -14.54
C ILE A 89 -9.51 9.87 -13.43
N VAL A 90 -10.00 9.84 -12.19
CA VAL A 90 -9.21 10.35 -11.07
C VAL A 90 -7.92 9.55 -10.93
N LEU A 91 -8.03 8.21 -11.01
CA LEU A 91 -6.84 7.37 -10.87
C LEU A 91 -5.87 7.58 -12.03
N GLN A 92 -6.37 7.93 -13.22
CA GLN A 92 -5.49 8.10 -14.36
C GLN A 92 -4.49 9.22 -14.13
N TYR A 93 -4.95 10.35 -13.59
CA TYR A 93 -4.05 11.48 -13.37
C TYR A 93 -2.97 11.14 -12.35
N HIS A 94 -3.34 10.43 -11.28
CA HIS A 94 -2.36 10.10 -10.25
C HIS A 94 -1.25 9.22 -10.82
N HIS A 95 -1.60 8.22 -11.63
CA HIS A 95 -0.63 7.32 -12.23
C HIS A 95 -0.31 7.80 -13.65
N HIS A 96 0.30 8.99 -13.71
CA HIS A 96 0.66 9.58 -14.99
C HIS A 96 1.77 8.76 -15.66
N ASP A 97 1.63 8.55 -16.96
CA ASP A 97 2.57 7.79 -17.76
C ASP A 97 2.83 8.53 -19.07
N PRO A 98 3.95 8.24 -19.73
CA PRO A 98 4.23 8.93 -21.00
C PRO A 98 3.17 8.68 -22.06
N ASP A 99 2.47 7.56 -22.01
CA ASP A 99 1.43 7.23 -22.98
C ASP A 99 0.04 7.66 -22.54
N GLY A 100 -0.07 8.35 -21.42
CA GLY A 100 -1.36 8.80 -20.93
C GLY A 100 -1.27 9.19 -19.46
N GLY A 101 -2.22 10.03 -19.06
CA GLY A 101 -2.25 10.51 -17.69
C GLY A 101 -2.75 11.94 -17.58
N LYS A 102 -1.93 12.81 -16.99
CA LYS A 102 -2.33 14.20 -16.77
C LYS A 102 -2.73 14.85 -18.09
N MET A 103 -3.46 15.96 -17.96
CA MET A 103 -3.91 16.71 -19.12
C MET A 103 -2.72 17.36 -19.81
N PRO A 104 -2.85 17.69 -21.10
CA PRO A 104 -1.74 18.32 -21.82
C PRO A 104 -1.32 19.63 -21.16
N LYS A 105 -0.11 20.07 -21.51
CA LYS A 105 0.45 21.28 -20.90
C LYS A 105 -0.40 22.51 -21.21
N TRP A 106 -1.06 22.52 -22.37
CA TRP A 106 -1.87 23.68 -22.73
C TRP A 106 -2.99 23.90 -21.72
N THR A 107 -3.66 22.83 -21.30
CA THR A 107 -4.72 22.93 -20.30
C THR A 107 -4.20 22.90 -18.88
N ARG A 108 -2.91 22.63 -18.67
CA ARG A 108 -2.37 22.59 -17.32
C ARG A 108 -2.46 23.97 -16.65
N VAL A 109 -2.20 25.03 -17.42
CA VAL A 109 -2.27 26.38 -16.85
C VAL A 109 -3.67 26.68 -16.37
N ILE A 110 -4.69 26.28 -17.14
CA ILE A 110 -6.07 26.52 -16.74
C ILE A 110 -6.38 25.78 -15.44
N LEU A 111 -5.92 24.54 -15.32
CA LEU A 111 -6.16 23.77 -14.10
C LEU A 111 -5.51 24.44 -12.90
N LEU A 112 -4.28 24.95 -13.06
CA LEU A 112 -3.61 25.62 -11.95
C LEU A 112 -4.38 26.85 -11.51
N ASN A 113 -4.90 27.64 -12.46
CA ASN A 113 -5.67 28.82 -12.11
C ASN A 113 -6.94 28.46 -11.36
N TRP A 114 -7.50 27.28 -11.63
CA TRP A 114 -8.73 26.87 -10.93
C TRP A 114 -8.49 26.70 -9.44
N CYS A 115 -7.27 26.31 -9.05
CA CYS A 115 -6.98 26.14 -7.62
C CYS A 115 -7.16 27.45 -6.87
N ALA A 116 -6.66 28.54 -7.43
CA ALA A 116 -6.84 29.84 -6.79
C ALA A 116 -8.27 30.36 -6.94
N TRP A 117 -8.97 29.94 -8.00
CA TRP A 117 -10.34 30.39 -8.21
C TRP A 117 -11.28 29.73 -7.22
N PHE A 118 -10.98 28.51 -6.76
CA PHE A 118 -11.85 27.84 -5.81
C PHE A 118 -11.96 28.63 -4.51
N LEU A 119 -10.82 29.12 -4.00
CA LEU A 119 -10.85 29.92 -2.78
C LEU A 119 -11.45 31.30 -3.04
N ARG A 120 -11.06 31.94 -4.14
CA ARG A 120 -11.55 33.27 -4.50
C ARG A 120 -11.93 33.21 -5.98
N MET A 121 -13.21 32.97 -6.25
CA MET A 121 -13.68 32.89 -7.63
C MET A 121 -13.56 34.24 -8.32
N LYS A 122 -13.23 34.21 -9.61
CA LYS A 122 -13.10 35.43 -10.37
C LYS A 122 -14.43 36.16 -10.56
N ARG A 123 -15.55 35.47 -10.31
CA ARG A 123 -16.86 36.07 -10.44
C ARG A 123 -17.13 37.04 -9.30
N PRO A 124 -18.11 37.94 -9.46
CA PRO A 124 -18.41 38.89 -8.37
C PRO A 124 -18.87 38.23 -7.09
N GLY A 125 -19.28 36.95 -7.12
CA GLY A 125 -19.73 36.30 -5.90
C GLY A 125 -18.67 36.26 -4.83
N GLU A 126 -17.40 36.10 -5.22
CA GLU A 126 -16.29 36.05 -4.29
C GLU A 126 -15.34 37.23 -4.40
N ASP A 127 -15.24 37.85 -5.57
CA ASP A 127 -14.37 39.01 -5.75
C ASP A 127 -14.98 40.30 -5.26
N LYS A 128 -16.29 40.33 -5.00
CA LYS A 128 -16.96 41.54 -4.54
C LYS A 128 -16.97 41.64 -3.02
N VAL A 129 -17.10 40.52 -2.32
CA VAL A 129 -17.14 40.52 -0.85
C VAL A 129 -15.69 40.43 -0.38
N ARG A 130 -15.04 41.58 -0.32
CA ARG A 130 -13.66 41.68 0.13
C ARG A 130 -13.29 43.17 0.20
N PRO A 131 -12.19 43.50 0.88
CA PRO A 131 -11.77 44.90 0.95
C PRO A 131 -11.44 45.49 -0.42
N ALA A 132 -12.25 46.45 -0.87
CA ALA A 132 -12.05 47.07 -2.16
C ALA A 132 -12.28 48.57 -2.02
N CYS A 133 -11.42 49.36 -2.67
CA CYS A 133 -11.51 50.81 -2.62
C CYS A 133 -10.61 51.37 -3.72
N GLN A 134 -10.55 52.70 -3.79
CA GLN A 134 -9.71 53.39 -4.75
C GLN A 134 -8.28 53.57 -4.28
N HIS A 135 -7.95 53.08 -3.08
CA HIS A 135 -6.60 53.21 -2.53
C HIS A 135 -5.68 52.18 -3.17
N LYS A 136 -4.49 52.01 -2.60
CA LYS A 136 -3.49 51.11 -3.17
C LYS A 136 -3.95 49.66 -3.19
N GLN A 137 -5.00 49.31 -2.44
CA GLN A 137 -5.47 47.93 -2.42
C GLN A 137 -5.87 47.44 -3.80
N ARG A 138 -6.28 48.36 -4.67
CA ARG A 138 -6.71 48.03 -6.03
C ARG A 138 -6.00 48.90 -7.05
N ARG A 139 -4.70 49.12 -6.86
CA ARG A 139 -3.89 49.92 -7.76
C ARG A 139 -2.95 49.02 -8.55
N CYS A 140 -2.35 49.60 -9.59
CA CYS A 140 -1.41 48.90 -10.45
C CYS A 140 0.00 49.44 -10.21
N SER A 141 0.96 48.53 -10.11
CA SER A 141 2.35 48.89 -9.89
C SER A 141 3.24 47.82 -10.51
N LEU A 142 4.54 47.91 -10.24
CA LEU A 142 5.48 46.95 -10.80
C LEU A 142 5.28 45.56 -10.19
N ALA A 143 4.95 45.49 -8.90
CA ALA A 143 4.77 44.20 -8.26
C ALA A 143 3.61 43.43 -8.88
N SER A 144 2.48 44.11 -9.14
CA SER A 144 1.33 43.45 -9.73
C SER A 144 1.58 43.10 -11.20
N VAL A 145 2.16 44.03 -11.96
CA VAL A 145 2.44 43.81 -13.37
C VAL A 145 3.87 43.28 -13.48
N GLU A 146 3.99 41.97 -13.64
CA GLU A 146 5.29 41.30 -13.76
C GLU A 146 5.48 40.70 -15.14
N MET A 147 5.00 41.39 -16.18
CA MET A 147 5.14 40.90 -17.54
C MET A 147 6.59 40.97 -18.03
N SER A 148 7.44 41.76 -17.37
CA SER A 148 8.84 41.90 -17.75
C SER A 148 9.76 41.15 -16.80
N ALA A 149 9.31 39.99 -16.30
CA ALA A 149 10.10 39.18 -15.38
C ALA A 149 10.46 39.98 -14.12
N VAL A 150 9.45 40.61 -13.52
CA VAL A 150 9.63 41.40 -12.32
C VAL A 150 9.49 40.51 -11.10
N ALA A 151 10.20 40.83 -10.04
CA ALA A 151 10.16 40.02 -8.84
C ALA A 151 8.77 40.09 -8.22
N PRO A 152 8.13 38.95 -7.93
CA PRO A 152 6.80 38.98 -7.31
C PRO A 152 6.89 39.30 -5.84
N PRO A 153 5.75 39.47 -5.16
CA PRO A 153 5.78 39.75 -3.73
C PRO A 153 6.43 38.61 -2.98
N PRO A 154 7.09 38.90 -1.85
CA PRO A 154 7.76 37.83 -1.09
C PRO A 154 6.78 36.93 -0.38
N ALA A 155 6.20 35.97 -1.10
CA ALA A 155 5.24 35.02 -0.56
C ALA A 155 5.85 33.64 -0.50
N SER A 156 5.36 32.83 0.44
CA SER A 156 5.84 31.47 0.64
C SER A 156 5.12 30.44 -0.21
N ASN A 157 4.17 30.87 -1.05
CA ASN A 157 3.42 29.97 -1.91
C ASN A 157 4.09 29.76 -3.27
N GLY A 158 5.39 29.96 -3.35
CA GLY A 158 6.13 29.79 -4.58
C GLY A 158 6.66 31.07 -5.22
N ASN A 159 6.76 32.16 -4.46
CA ASN A 159 7.26 33.43 -4.98
C ASN A 159 8.58 33.86 -4.37
N LEU A 160 8.99 33.27 -3.26
CA LEU A 160 10.25 33.60 -2.60
C LEU A 160 11.15 32.41 -2.39
N LEU A 161 10.59 31.26 -2.03
CA LEU A 161 11.41 30.07 -1.81
C LEU A 161 11.97 29.54 -3.12
N TYR A 162 11.12 29.42 -4.15
CA TYR A 162 11.57 28.92 -5.43
C TYR A 162 12.37 29.95 -6.21
N ILE A 163 12.01 31.24 -6.10
CA ILE A 163 12.74 32.28 -6.81
C ILE A 163 14.00 32.68 -6.07
N GLY A 164 14.04 32.53 -4.75
CA GLY A 164 15.23 32.86 -3.99
C GLY A 164 16.34 31.83 -4.07
N PHE A 165 16.04 30.63 -4.54
CA PHE A 165 17.03 29.57 -4.70
C PHE A 165 17.34 29.27 -6.16
N ARG A 166 16.33 29.22 -7.02
CA ARG A 166 16.52 28.94 -8.44
C ARG A 166 16.39 30.20 -9.30
N GLY A 167 15.47 31.10 -8.96
CA GLY A 167 15.28 32.29 -9.77
C GLY A 167 16.48 33.22 -9.75
N LEU A 168 17.25 33.21 -8.66
CA LEU A 168 18.44 34.06 -8.53
C LEU A 168 19.62 33.38 -9.20
N ASP A 169 19.55 33.31 -10.54
CA ASP A 169 20.61 32.70 -11.35
C ASP A 169 21.66 33.77 -11.63
N GLY A 170 22.66 33.84 -10.76
CA GLY A 170 23.71 34.82 -10.90
C GLY A 170 24.10 35.45 -9.58
N VAL A 171 23.34 35.16 -8.52
CA VAL A 171 23.60 35.69 -7.19
C VAL A 171 23.78 34.57 -6.18
N HIS A 172 22.82 33.65 -6.11
CA HIS A 172 22.89 32.53 -5.17
C HIS A 172 23.58 31.32 -5.79
N CYS A 173 23.05 30.83 -6.90
CA CYS A 173 23.66 29.67 -7.57
C CYS A 173 25.07 29.99 -8.04
N VAL A 174 25.26 31.17 -8.63
CA VAL A 174 26.56 31.59 -9.14
C VAL A 174 26.93 32.93 -8.48
N PRO A 175 27.60 32.91 -7.33
CA PRO A 175 27.96 34.19 -6.68
C PRO A 175 29.01 34.96 -7.46
N THR A 176 28.60 35.53 -8.60
CA THR A 176 29.53 36.31 -9.41
C THR A 176 30.12 37.50 -8.66
N PRO A 177 29.32 38.33 -7.97
CA PRO A 177 29.91 39.48 -7.26
C PRO A 177 30.59 39.08 -5.95
N ASP A 178 31.82 38.57 -6.08
CA ASP A 178 32.63 38.15 -4.94
C ASP A 178 33.94 38.92 -4.81
N SER A 179 34.34 39.67 -5.83
CA SER A 179 35.59 40.43 -5.79
C SER A 179 35.36 41.73 -5.01
N GLY A 180 35.65 41.68 -3.72
CA GLY A 180 35.50 42.84 -2.86
C GLY A 180 34.11 43.05 -2.30
N VAL A 181 33.16 42.15 -2.60
CA VAL A 181 31.79 42.25 -2.10
C VAL A 181 31.52 41.21 -1.03
N VAL A 182 31.67 39.92 -1.37
CA VAL A 182 31.44 38.86 -0.39
C VAL A 182 32.69 38.63 0.45
N CYS A 183 33.87 38.62 -0.19
CA CYS A 183 35.14 38.40 0.51
C CYS A 183 35.82 39.71 0.88
N GLY A 184 35.06 40.78 1.08
CA GLY A 184 35.63 42.07 1.43
C GLY A 184 34.79 42.82 2.45
N ARG A 185 33.91 42.10 3.15
CA ARG A 185 33.02 42.69 4.15
C ARG A 185 33.07 41.85 5.42
N MET A 186 32.61 42.47 6.51
CA MET A 186 32.60 41.82 7.81
C MET A 186 31.30 41.08 8.10
N ALA A 187 30.39 41.00 7.12
CA ALA A 187 29.09 40.35 7.30
C ALA A 187 29.29 38.84 7.21
N CYS A 188 29.82 38.28 8.29
CA CYS A 188 30.03 36.84 8.39
C CYS A 188 30.86 36.31 7.21
N SER A 189 31.88 37.07 6.85
CA SER A 189 32.77 36.69 5.76
C SER A 189 34.11 37.39 5.96
N PRO A 190 35.19 36.84 5.39
CA PRO A 190 36.49 37.51 5.54
C PRO A 190 36.53 38.84 4.82
N THR A 191 37.34 39.75 5.34
CA THR A 191 37.52 41.09 4.80
C THR A 191 38.94 41.19 4.26
N HIS A 192 39.12 40.78 3.00
CA HIS A 192 40.42 40.82 2.33
C HIS A 192 41.48 40.13 3.17
N ASP A 193 41.12 39.00 3.75
CA ASP A 193 42.03 38.21 4.60
C ASP A 193 42.84 37.30 3.69
N GLU A 194 44.07 37.72 3.38
CA GLU A 194 44.95 36.90 2.55
C GLU A 194 45.59 35.75 3.32
N HIS A 195 45.58 35.81 4.65
CA HIS A 195 46.14 34.76 5.49
C HIS A 195 45.04 34.02 6.26
N LEU A 196 43.91 33.77 5.60
CA LEU A 196 42.78 33.08 6.21
C LEU A 196 43.12 31.59 6.29
N LEU A 197 43.75 31.21 7.39
CA LEU A 197 44.15 29.83 7.62
C LEU A 197 43.64 29.38 8.99
N HIS A 198 43.49 28.06 9.13
CA HIS A 198 43.02 27.46 10.38
C HIS A 198 44.20 27.30 11.34
N GLY A 199 44.68 28.43 11.82
CA GLY A 199 45.82 28.43 12.73
C GLY A 199 47.08 27.88 12.11
N GLY A 200 47.35 28.24 10.85
CA GLY A 200 48.50 27.76 10.12
C GLY A 200 48.22 26.57 9.22
N GLN A 201 47.10 25.90 9.42
CA GLN A 201 46.69 24.75 8.62
C GLN A 201 45.72 25.18 7.54
N PRO A 202 45.47 24.31 6.56
CA PRO A 202 44.51 24.65 5.51
C PRO A 202 43.13 24.87 6.10
N PRO A 203 42.30 25.70 5.48
CA PRO A 203 40.96 25.95 6.05
C PRO A 203 40.16 24.67 6.27
N GLU A 204 40.28 23.70 5.38
CA GLU A 204 39.57 22.44 5.51
C GLU A 204 40.40 21.48 6.35
N GLY A 205 39.82 21.00 7.46
CA GLY A 205 40.53 20.11 8.35
C GLY A 205 40.71 18.71 7.79
N ASP A 206 39.86 18.29 6.85
CA ASP A 206 39.96 16.97 6.26
C ASP A 206 39.30 16.96 4.88
N PRO A 207 40.02 16.61 3.82
CA PRO A 207 39.36 16.53 2.50
C PRO A 207 38.23 15.51 2.47
N ASP A 208 38.28 14.49 3.32
CA ASP A 208 37.21 13.49 3.34
C ASP A 208 35.88 14.11 3.74
N LEU A 209 35.91 15.19 4.54
CA LEU A 209 34.67 15.84 4.94
C LEU A 209 33.93 16.41 3.73
N ALA A 210 34.68 16.97 2.77
CA ALA A 210 34.04 17.49 1.56
C ALA A 210 33.36 16.37 0.78
N LYS A 211 34.00 15.21 0.69
CA LYS A 211 33.38 14.07 0.01
C LYS A 211 32.12 13.62 0.75
N ILE A 212 32.16 13.62 2.08
CA ILE A 212 30.99 13.22 2.86
C ILE A 212 29.84 14.20 2.62
N LEU A 213 30.16 15.49 2.46
CA LEU A 213 29.12 16.47 2.23
C LEU A 213 28.36 16.17 0.93
N GLU A 214 29.08 15.79 -0.13
CA GLU A 214 28.40 15.44 -1.38
C GLU A 214 27.50 14.23 -1.19
N GLU A 215 27.97 13.21 -0.48
CA GLU A 215 27.14 12.04 -0.22
C GLU A 215 25.97 12.40 0.71
N VAL A 216 26.25 13.20 1.75
CA VAL A 216 25.18 13.63 2.65
C VAL A 216 24.19 14.51 1.90
N ARG A 217 24.69 15.42 1.06
CA ARG A 217 23.81 16.27 0.27
C ARG A 217 22.96 15.44 -0.68
N TYR A 218 23.56 14.41 -1.29
CA TYR A 218 22.80 13.53 -2.18
C TYR A 218 21.66 12.85 -1.43
N ILE A 219 21.94 12.37 -0.21
CA ILE A 219 20.87 11.77 0.60
C ILE A 219 19.83 12.81 0.94
N ALA A 220 20.26 14.02 1.32
CA ALA A 220 19.30 15.08 1.60
C ALA A 220 18.58 15.53 0.35
N ASN A 221 19.19 15.35 -0.82
CA ASN A 221 18.54 15.73 -2.07
C ASN A 221 17.38 14.80 -2.41
N ARG A 222 17.30 13.63 -1.79
CA ARG A 222 16.18 12.73 -2.05
C ARG A 222 14.86 13.37 -1.62
N PHE A 223 14.84 14.02 -0.46
CA PHE A 223 13.64 14.72 -0.04
C PHE A 223 13.31 15.87 -0.98
N ARG A 224 14.33 16.61 -1.41
CA ARG A 224 14.12 17.69 -2.37
C ARG A 224 13.59 17.14 -3.69
N CYS A 225 14.15 16.01 -4.16
CA CYS A 225 13.64 15.39 -5.37
C CYS A 225 12.20 14.92 -5.17
N GLN A 226 11.89 14.36 -4.00
CA GLN A 226 10.52 13.97 -3.70
C GLN A 226 9.61 15.18 -3.58
N ASP A 227 10.13 16.30 -3.05
CA ASP A 227 9.34 17.52 -2.96
C ASP A 227 8.93 18.00 -4.34
N GLU A 228 9.85 17.96 -5.31
CA GLU A 228 9.51 18.33 -6.67
C GLU A 228 8.44 17.38 -7.24
N SER A 229 8.59 16.08 -7.00
CA SER A 229 7.57 15.14 -7.42
C SER A 229 6.25 15.40 -6.69
N GLU A 230 6.32 15.73 -5.40
CA GLU A 230 5.11 16.05 -4.67
C GLU A 230 4.42 17.29 -5.23
N ALA A 231 5.21 18.31 -5.60
CA ALA A 231 4.62 19.50 -6.20
C ALA A 231 3.95 19.16 -7.53
N VAL A 232 4.58 18.31 -8.34
CA VAL A 232 3.95 17.87 -9.57
C VAL A 232 2.79 16.93 -9.28
N CYS A 233 2.95 16.07 -8.27
CA CYS A 233 1.85 15.17 -7.89
C CYS A 233 0.66 15.95 -7.35
N SER A 234 0.90 17.09 -6.71
CA SER A 234 -0.21 17.91 -6.23
C SER A 234 -1.06 18.41 -7.38
N GLU A 235 -0.42 18.80 -8.49
CA GLU A 235 -1.18 19.25 -9.65
C GLU A 235 -2.08 18.14 -10.18
N TRP A 236 -1.58 16.90 -10.20
CA TRP A 236 -2.42 15.79 -10.64
C TRP A 236 -3.63 15.62 -9.74
N LYS A 237 -3.43 15.72 -8.42
CA LYS A 237 -4.55 15.61 -7.50
C LYS A 237 -5.54 16.75 -7.70
N PHE A 238 -5.04 17.98 -7.90
CA PHE A 238 -5.93 19.11 -8.14
C PHE A 238 -6.67 18.93 -9.46
N ALA A 239 -5.98 18.44 -10.49
CA ALA A 239 -6.64 18.23 -11.77
C ALA A 239 -7.76 17.21 -11.65
N ALA A 240 -7.55 16.14 -10.89
CA ALA A 240 -8.60 15.15 -10.69
C ALA A 240 -9.80 15.75 -9.98
N CYS A 241 -9.57 16.65 -9.02
CA CYS A 241 -10.69 17.28 -8.33
C CYS A 241 -11.54 18.12 -9.27
N VAL A 242 -10.93 18.69 -10.31
CA VAL A 242 -11.69 19.51 -11.26
C VAL A 242 -12.75 18.66 -11.94
N VAL A 243 -12.38 17.46 -12.38
CA VAL A 243 -13.35 16.58 -13.02
C VAL A 243 -14.46 16.19 -12.05
N ASP A 244 -14.08 15.84 -10.82
CA ASP A 244 -15.09 15.48 -9.82
C ASP A 244 -15.99 16.67 -9.49
N ARG A 245 -15.39 17.85 -9.32
CA ARG A 245 -16.19 19.03 -8.99
C ARG A 245 -17.00 19.51 -10.18
N LEU A 246 -16.44 19.43 -11.39
CA LEU A 246 -17.17 19.84 -12.58
C LEU A 246 -18.41 19.00 -12.78
N CYS A 247 -18.29 17.67 -12.60
CA CYS A 247 -19.44 16.81 -12.75
C CYS A 247 -20.42 16.96 -11.60
N LEU A 248 -19.91 17.21 -10.38
CA LEU A 248 -20.80 17.38 -9.24
C LEU A 248 -21.69 18.59 -9.41
N MET A 249 -21.12 19.71 -9.87
CA MET A 249 -21.91 20.93 -10.06
C MET A 249 -22.82 20.82 -11.28
N ALA A 250 -22.39 20.10 -12.31
CA ALA A 250 -23.22 19.93 -13.50
C ALA A 250 -24.34 18.93 -13.26
N PHE A 251 -24.06 17.84 -12.54
CA PHE A 251 -25.08 16.84 -12.26
C PHE A 251 -26.06 17.30 -11.19
N SER A 252 -25.66 18.24 -10.33
CA SER A 252 -26.57 18.75 -9.31
C SER A 252 -27.76 19.44 -9.94
N VAL A 253 -27.53 20.25 -10.98
CA VAL A 253 -28.63 20.92 -11.67
C VAL A 253 -29.53 19.88 -12.36
N PHE A 254 -28.92 18.88 -13.00
CA PHE A 254 -29.70 17.85 -13.67
C PHE A 254 -30.56 17.08 -12.68
N THR A 255 -30.02 16.78 -11.50
CA THR A 255 -30.78 16.06 -10.49
C THR A 255 -32.01 16.88 -10.06
N ILE A 256 -31.84 18.18 -9.88
CA ILE A 256 -32.97 19.05 -9.55
C ILE A 256 -33.98 19.05 -10.68
N ILE A 257 -33.50 19.11 -11.93
CA ILE A 257 -34.40 19.09 -13.08
C ILE A 257 -35.18 17.79 -13.12
N CYS A 258 -34.51 16.67 -12.86
CA CYS A 258 -35.20 15.39 -12.86
C CYS A 258 -36.29 15.35 -11.79
N THR A 259 -36.00 15.89 -10.61
CA THR A 259 -37.01 15.93 -9.56
C THR A 259 -38.19 16.80 -9.97
N ILE A 260 -37.92 17.93 -10.62
CA ILE A 260 -38.99 18.81 -11.10
C ILE A 260 -39.84 18.08 -12.12
N GLY A 261 -39.21 17.36 -13.05
CA GLY A 261 -39.96 16.64 -14.06
C GLY A 261 -40.88 15.59 -13.46
N ILE A 262 -40.45 14.96 -12.38
CA ILE A 262 -41.28 13.94 -11.73
C ILE A 262 -42.57 14.57 -11.22
N LEU A 263 -42.47 15.75 -10.60
CA LEU A 263 -43.66 16.42 -10.08
C LEU A 263 -44.59 16.88 -11.21
N MET A 264 -44.11 16.97 -12.44
CA MET A 264 -44.92 17.39 -13.57
C MET A 264 -45.39 16.24 -14.44
N SER A 265 -44.64 15.13 -14.48
CA SER A 265 -44.99 13.98 -15.29
C SER A 265 -45.74 12.90 -14.51
N ALA A 266 -45.53 12.82 -13.19
CA ALA A 266 -46.23 11.81 -12.40
C ALA A 266 -47.73 11.96 -12.47
N PRO A 267 -48.32 13.16 -12.36
CA PRO A 267 -49.79 13.27 -12.44
C PRO A 267 -50.36 12.78 -13.76
N ASN A 268 -49.58 12.83 -14.85
CA ASN A 268 -50.07 12.40 -16.15
C ASN A 268 -49.81 10.92 -16.40
N PHE A 269 -48.68 10.40 -15.94
CA PHE A 269 -48.31 9.00 -16.13
C PHE A 269 -48.50 8.18 -14.87
N VAL A 270 -47.90 8.61 -13.76
CA VAL A 270 -48.02 7.88 -12.49
C VAL A 270 -49.33 8.22 -11.81
N LEU B 7 -44.17 -21.34 11.95
CA LEU B 7 -43.66 -20.09 11.39
C LEU B 7 -42.53 -20.36 10.41
N TYR B 8 -42.89 -20.73 9.17
CA TYR B 8 -41.88 -21.00 8.16
C TYR B 8 -41.23 -19.71 7.67
N TYR B 9 -42.04 -18.80 7.12
CA TYR B 9 -41.51 -17.52 6.64
C TYR B 9 -41.19 -16.56 7.76
N GLY B 10 -41.79 -16.74 8.94
CA GLY B 10 -41.49 -15.85 10.04
C GLY B 10 -40.04 -15.95 10.49
N LEU B 11 -39.55 -17.17 10.65
CA LEU B 11 -38.16 -17.38 11.05
C LEU B 11 -37.19 -17.13 9.90
N ASN B 12 -37.62 -17.38 8.66
CA ASN B 12 -36.76 -17.22 7.50
C ASN B 12 -36.65 -15.77 7.04
N LEU B 13 -37.51 -14.88 7.53
CA LEU B 13 -37.50 -13.49 7.14
C LEU B 13 -37.28 -12.52 8.29
N LEU B 14 -37.73 -12.86 9.50
CA LEU B 14 -37.52 -11.99 10.65
C LEU B 14 -36.06 -12.04 11.11
N ILE B 15 -35.46 -13.24 11.14
CA ILE B 15 -34.09 -13.36 11.60
C ILE B 15 -33.13 -12.54 10.76
N PRO B 16 -33.15 -12.61 9.43
CA PRO B 16 -32.26 -11.75 8.65
C PRO B 16 -32.47 -10.27 8.90
N CYS B 17 -33.71 -9.85 9.21
CA CYS B 17 -33.96 -8.44 9.45
C CYS B 17 -33.19 -7.94 10.65
N VAL B 18 -33.17 -8.73 11.74
CA VAL B 18 -32.44 -8.30 12.93
C VAL B 18 -30.97 -8.68 12.84
N LEU B 19 -30.65 -9.78 12.14
CA LEU B 19 -29.25 -10.17 11.99
C LEU B 19 -28.49 -9.14 11.17
N ILE B 20 -29.08 -8.67 10.07
CA ILE B 20 -28.43 -7.66 9.25
C ILE B 20 -28.29 -6.35 10.01
N SER B 21 -29.34 -5.95 10.73
CA SER B 21 -29.28 -4.71 11.49
C SER B 21 -28.20 -4.77 12.57
N ALA B 22 -28.09 -5.91 13.26
CA ALA B 22 -27.07 -6.06 14.29
C ALA B 22 -25.67 -6.14 13.67
N LEU B 23 -25.57 -6.64 12.44
CA LEU B 23 -24.26 -6.72 11.78
C LEU B 23 -23.72 -5.34 11.44
N ALA B 24 -24.60 -4.39 11.11
CA ALA B 24 -24.15 -3.04 10.78
C ALA B 24 -23.54 -2.33 11.97
N LEU B 25 -23.86 -2.76 13.20
CA LEU B 25 -23.27 -2.13 14.37
C LEU B 25 -21.77 -2.37 14.42
N LEU B 26 -21.32 -3.56 14.04
CA LEU B 26 -19.89 -3.87 14.03
C LEU B 26 -19.14 -3.07 12.98
N VAL B 27 -19.82 -2.59 11.94
CA VAL B 27 -19.15 -1.78 10.92
C VAL B 27 -18.65 -0.48 11.53
N PHE B 28 -19.45 0.14 12.38
CA PHE B 28 -19.03 1.38 13.03
C PHE B 28 -17.87 1.13 14.00
N LEU B 29 -17.83 -0.05 14.62
CA LEU B 29 -16.75 -0.38 15.53
C LEU B 29 -15.40 -0.50 14.83
N LEU B 30 -15.38 -0.59 13.51
CA LEU B 30 -14.12 -0.71 12.79
C LEU B 30 -13.26 0.52 13.04
N PRO B 31 -11.96 0.36 13.31
CA PRO B 31 -11.11 1.54 13.50
C PRO B 31 -11.08 2.42 12.26
N ALA B 32 -10.97 3.74 12.50
CA ALA B 32 -10.92 4.68 11.39
C ALA B 32 -9.70 4.45 10.52
N ASP B 33 -8.58 4.03 11.11
CA ASP B 33 -7.37 3.80 10.34
C ASP B 33 -7.52 2.70 9.31
N SER B 34 -8.54 1.85 9.45
CA SER B 34 -8.78 0.76 8.51
C SER B 34 -9.33 1.35 7.22
N GLY B 35 -8.46 1.52 6.22
CA GLY B 35 -8.88 2.08 4.95
C GLY B 35 -9.65 1.11 4.08
N GLU B 36 -9.55 -0.19 4.36
CA GLU B 36 -10.24 -1.22 3.60
C GLU B 36 -11.63 -1.52 4.15
N LYS B 37 -12.15 -0.67 5.04
CA LYS B 37 -13.47 -0.90 5.62
C LYS B 37 -14.60 -0.55 4.66
N ILE B 38 -14.32 0.17 3.57
CA ILE B 38 -15.38 0.52 2.63
C ILE B 38 -15.90 -0.73 1.93
N SER B 39 -15.04 -1.71 1.65
CA SER B 39 -15.48 -2.92 0.97
C SER B 39 -16.34 -3.80 1.86
N LEU B 40 -16.26 -3.64 3.19
CA LEU B 40 -17.08 -4.45 4.08
C LEU B 40 -18.55 -4.09 3.96
N GLY B 41 -18.86 -2.82 3.69
CA GLY B 41 -20.25 -2.41 3.56
C GLY B 41 -20.91 -2.83 2.27
N ILE B 42 -20.13 -3.12 1.23
CA ILE B 42 -20.71 -3.49 -0.06
C ILE B 42 -21.46 -4.81 0.07
N THR B 43 -20.84 -5.80 0.71
CA THR B 43 -21.49 -7.10 0.86
C THR B 43 -22.68 -7.01 1.79
N VAL B 44 -22.59 -6.20 2.84
CA VAL B 44 -23.71 -6.04 3.77
C VAL B 44 -24.90 -5.42 3.05
N LEU B 45 -24.65 -4.37 2.26
CA LEU B 45 -25.73 -3.74 1.50
C LEU B 45 -26.31 -4.71 0.48
N LEU B 46 -25.45 -5.47 -0.21
CA LEU B 46 -25.94 -6.41 -1.22
C LEU B 46 -26.62 -7.60 -0.58
N SER B 47 -26.25 -7.96 0.64
CA SER B 47 -26.88 -9.10 1.32
C SER B 47 -28.35 -8.84 1.56
N LEU B 48 -28.71 -7.60 1.95
CA LEU B 48 -30.11 -7.29 2.21
C LEU B 48 -30.94 -7.34 0.93
N THR B 49 -30.35 -6.93 -0.20
CA THR B 49 -31.09 -6.94 -1.46
C THR B 49 -31.43 -8.36 -1.89
N VAL B 50 -30.53 -9.31 -1.67
CA VAL B 50 -30.78 -10.70 -2.07
C VAL B 50 -32.01 -11.24 -1.33
N PHE B 51 -32.07 -10.99 -0.01
CA PHE B 51 -33.22 -11.44 0.76
C PHE B 51 -34.46 -10.61 0.50
N MET B 52 -34.30 -9.34 0.08
CA MET B 52 -35.44 -8.50 -0.20
C MET B 52 -36.24 -9.03 -1.39
N LEU B 53 -35.56 -9.58 -2.40
CA LEU B 53 -36.26 -10.09 -3.57
C LEU B 53 -37.18 -11.24 -3.20
N LEU B 54 -36.75 -12.10 -2.27
CA LEU B 54 -37.57 -13.24 -1.88
C LEU B 54 -38.89 -12.77 -1.26
N VAL B 55 -38.86 -11.75 -0.43
CA VAL B 55 -40.07 -11.26 0.21
C VAL B 55 -40.92 -10.41 -0.72
N ALA B 56 -40.34 -9.89 -1.82
CA ALA B 56 -41.10 -9.08 -2.74
C ALA B 56 -42.22 -9.88 -3.38
N GLU B 57 -41.94 -11.12 -3.77
CA GLU B 57 -42.97 -11.97 -4.36
C GLU B 57 -44.03 -12.33 -3.34
N ILE B 58 -43.62 -12.58 -2.09
CA ILE B 58 -44.58 -12.95 -1.06
C ILE B 58 -45.51 -11.78 -0.74
N MET B 59 -44.98 -10.56 -0.76
CA MET B 59 -45.77 -9.39 -0.45
C MET B 59 -46.89 -9.24 -1.49
N PRO B 60 -48.14 -9.08 -1.08
CA PRO B 60 -49.22 -8.90 -2.07
C PRO B 60 -48.98 -7.67 -2.93
N SER B 61 -49.35 -7.78 -4.20
CA SER B 61 -49.19 -6.68 -5.15
C SER B 61 -50.40 -5.76 -5.02
N THR B 62 -50.36 -4.91 -4.00
CA THR B 62 -51.44 -3.97 -3.73
C THR B 62 -51.27 -2.73 -4.61
N SER B 63 -52.18 -1.77 -4.43
CA SER B 63 -52.13 -0.52 -5.19
C SER B 63 -52.38 0.72 -4.35
N ASP B 64 -52.67 0.58 -3.06
CA ASP B 64 -52.93 1.71 -2.18
C ASP B 64 -51.85 1.85 -1.10
N SER B 65 -51.62 0.80 -0.32
CA SER B 65 -50.62 0.84 0.75
C SER B 65 -49.81 -0.45 0.71
N SER B 66 -48.52 -0.33 1.02
CA SER B 66 -47.64 -1.48 1.05
C SER B 66 -47.82 -2.25 2.35
N PRO B 67 -47.44 -3.53 2.38
CA PRO B 67 -47.56 -4.31 3.62
C PRO B 67 -46.68 -3.75 4.71
N SER B 68 -46.98 -4.16 5.96
CA SER B 68 -46.21 -3.69 7.10
C SER B 68 -44.77 -4.18 7.06
N ILE B 69 -44.49 -5.26 6.33
CA ILE B 69 -43.12 -5.75 6.23
C ILE B 69 -42.22 -4.77 5.52
N ALA B 70 -42.78 -3.91 4.67
CA ALA B 70 -41.95 -2.93 3.95
C ALA B 70 -41.31 -1.95 4.92
N GLN B 71 -42.04 -1.54 5.95
CA GLN B 71 -41.49 -0.59 6.92
C GLN B 71 -40.28 -1.19 7.64
N TYR B 72 -40.36 -2.46 8.02
CA TYR B 72 -39.24 -3.10 8.69
C TYR B 72 -38.01 -3.15 7.79
N PHE B 73 -38.20 -3.50 6.52
CA PHE B 73 -37.08 -3.51 5.58
C PHE B 73 -36.63 -2.10 5.23
N ALA B 74 -37.57 -1.15 5.17
CA ALA B 74 -37.21 0.23 4.88
C ALA B 74 -36.33 0.81 5.99
N SER B 75 -36.69 0.55 7.24
CA SER B 75 -35.85 1.01 8.36
C SER B 75 -34.50 0.29 8.36
N THR B 76 -34.50 -0.99 8.05
CA THR B 76 -33.24 -1.74 7.99
C THR B 76 -32.31 -1.18 6.92
N MET B 77 -32.87 -0.81 5.77
CA MET B 77 -32.04 -0.25 4.70
C MET B 77 -31.36 1.04 5.13
N ILE B 78 -32.00 1.82 5.99
CA ILE B 78 -31.38 3.05 6.48
C ILE B 78 -30.14 2.73 7.30
N ILE B 79 -30.23 1.73 8.18
CA ILE B 79 -29.08 1.38 9.03
C ILE B 79 -27.91 0.92 8.17
N VAL B 80 -28.17 0.04 7.20
CA VAL B 80 -27.10 -0.44 6.34
C VAL B 80 -26.78 0.58 5.24
N GLY B 81 -27.79 1.30 4.76
CA GLY B 81 -27.53 2.31 3.75
C GLY B 81 -26.61 3.41 4.24
N LEU B 82 -26.83 3.89 5.47
CA LEU B 82 -25.96 4.89 6.06
C LEU B 82 -24.62 4.32 6.49
N SER B 83 -24.54 3.00 6.72
CA SER B 83 -23.26 2.40 7.09
C SER B 83 -22.23 2.57 6.00
N VAL B 84 -22.63 2.39 4.74
CA VAL B 84 -21.71 2.59 3.63
C VAL B 84 -21.27 4.06 3.58
N VAL B 85 -22.21 4.98 3.76
CA VAL B 85 -21.87 6.40 3.76
C VAL B 85 -20.95 6.72 4.95
N VAL B 86 -21.26 6.17 6.12
CA VAL B 86 -20.45 6.43 7.30
C VAL B 86 -19.03 5.92 7.07
N THR B 87 -18.89 4.71 6.54
CA THR B 87 -17.57 4.18 6.23
C THR B 87 -16.89 5.02 5.16
N VAL B 88 -17.65 5.46 4.16
CA VAL B 88 -17.08 6.31 3.12
C VAL B 88 -16.58 7.63 3.72
N ILE B 89 -17.35 8.21 4.64
CA ILE B 89 -16.95 9.46 5.27
C ILE B 89 -15.62 9.32 5.99
N VAL B 90 -15.35 8.14 6.54
CA VAL B 90 -14.09 7.91 7.25
C VAL B 90 -12.91 8.11 6.31
N LEU B 91 -12.99 7.57 5.09
CA LEU B 91 -11.90 7.71 4.14
C LEU B 91 -11.73 9.15 3.70
N GLN B 92 -12.82 9.94 3.68
CA GLN B 92 -12.71 11.32 3.24
C GLN B 92 -11.79 12.13 4.14
N TYR B 93 -11.93 11.96 5.46
CA TYR B 93 -11.10 12.71 6.39
C TYR B 93 -9.63 12.36 6.25
N HIS B 94 -9.32 11.08 6.06
CA HIS B 94 -7.93 10.66 5.94
C HIS B 94 -7.26 11.31 4.72
N HIS B 95 -7.96 11.34 3.60
CA HIS B 95 -7.44 11.94 2.36
C HIS B 95 -7.96 13.37 2.22
N HIS B 96 -7.53 14.22 3.14
CA HIS B 96 -7.95 15.61 3.12
C HIS B 96 -7.37 16.33 1.91
N ASP B 97 -8.21 17.12 1.26
CA ASP B 97 -7.83 17.88 0.06
C ASP B 97 -8.33 19.31 0.21
N PRO B 98 -7.75 20.25 -0.53
CA PRO B 98 -8.23 21.64 -0.44
C PRO B 98 -9.69 21.81 -0.83
N ASP B 99 -10.21 20.92 -1.69
CA ASP B 99 -11.59 20.99 -2.14
C ASP B 99 -12.54 20.17 -1.27
N GLY B 100 -12.05 19.55 -0.21
CA GLY B 100 -12.87 18.74 0.66
C GLY B 100 -12.03 17.83 1.52
N GLY B 101 -12.64 17.38 2.62
CA GLY B 101 -11.93 16.54 3.56
C GLY B 101 -12.35 16.78 5.00
N LYS B 102 -11.38 17.10 5.85
CA LYS B 102 -11.65 17.30 7.27
C LYS B 102 -12.72 18.36 7.47
N MET B 103 -13.31 18.36 8.66
CA MET B 103 -14.34 19.31 9.00
C MET B 103 -13.75 20.72 9.12
N PRO B 104 -14.57 21.75 8.96
CA PRO B 104 -14.06 23.12 9.04
C PRO B 104 -13.39 23.38 10.39
N LYS B 105 -12.58 24.45 10.42
CA LYS B 105 -11.82 24.77 11.63
C LYS B 105 -12.74 25.08 12.80
N TRP B 106 -13.93 25.62 12.53
CA TRP B 106 -14.85 25.97 13.61
C TRP B 106 -15.25 24.73 14.41
N THR B 107 -15.54 23.63 13.72
CA THR B 107 -15.88 22.39 14.39
C THR B 107 -14.67 21.56 14.79
N ARG B 108 -13.47 21.95 14.35
CA ARG B 108 -12.27 21.19 14.71
C ARG B 108 -12.03 21.22 16.21
N VAL B 109 -12.27 22.37 16.85
CA VAL B 109 -12.07 22.48 18.29
C VAL B 109 -12.99 21.52 19.03
N ILE B 110 -14.24 21.43 18.58
CA ILE B 110 -15.19 20.52 19.23
C ILE B 110 -14.72 19.07 19.10
N LEU B 111 -14.22 18.71 17.91
CA LEU B 111 -13.74 17.35 17.72
C LEU B 111 -12.55 17.04 18.63
N LEU B 112 -11.64 18.00 18.79
CA LEU B 112 -10.48 17.79 19.67
C LEU B 112 -10.93 17.58 21.11
N ASN B 113 -11.91 18.35 21.58
CA ASN B 113 -12.40 18.18 22.93
C ASN B 113 -13.04 16.82 23.14
N TRP B 114 -13.60 16.24 22.07
CA TRP B 114 -14.23 14.92 22.20
C TRP B 114 -13.21 13.85 22.55
N CYS B 115 -11.96 14.01 22.10
CA CYS B 115 -10.94 13.02 22.42
C CYS B 115 -10.72 12.91 23.92
N ALA B 116 -10.65 14.05 24.62
CA ALA B 116 -10.50 14.02 26.06
C ALA B 116 -11.80 13.62 26.75
N TRP B 117 -12.95 13.90 26.13
CA TRP B 117 -14.23 13.53 26.73
C TRP B 117 -14.45 12.03 26.70
N PHE B 118 -13.91 11.34 25.68
CA PHE B 118 -14.09 9.89 25.61
C PHE B 118 -13.49 9.19 26.81
N LEU B 119 -12.28 9.59 27.22
CA LEU B 119 -11.66 8.98 28.40
C LEU B 119 -12.36 9.45 29.67
N ARG B 120 -12.65 10.75 29.78
CA ARG B 120 -13.30 11.33 30.95
C ARG B 120 -14.44 12.22 30.43
N MET B 121 -15.65 11.67 30.37
CA MET B 121 -16.79 12.43 29.90
C MET B 121 -17.11 13.57 30.85
N LYS B 122 -17.55 14.71 30.27
CA LYS B 122 -17.90 15.86 31.08
C LYS B 122 -19.14 15.62 31.93
N ARG B 123 -19.91 14.57 31.63
CA ARG B 123 -21.10 14.27 32.39
C ARG B 123 -20.74 13.67 33.74
N PRO B 124 -21.68 13.66 34.69
CA PRO B 124 -21.37 13.09 36.02
C PRO B 124 -21.03 11.61 35.98
N GLY B 125 -21.34 10.90 34.90
CA GLY B 125 -21.04 9.49 34.84
C GLY B 125 -19.56 9.20 34.99
N GLU B 126 -18.71 10.06 34.43
CA GLU B 126 -17.27 9.91 34.51
C GLU B 126 -16.58 10.96 35.36
N ASP B 127 -17.15 12.17 35.46
CA ASP B 127 -16.54 13.22 36.27
C ASP B 127 -16.84 13.08 37.75
N LYS B 128 -17.78 12.22 38.14
CA LYS B 128 -18.13 12.05 39.54
C LYS B 128 -17.32 10.94 40.21
N VAL B 129 -17.01 9.88 39.48
CA VAL B 129 -16.24 8.76 40.05
C VAL B 129 -14.77 9.09 39.83
N ARG B 130 -14.22 9.87 40.76
CA ARG B 130 -12.83 10.28 40.72
C ARG B 130 -12.53 11.03 42.02
N PRO B 131 -11.24 11.22 42.33
CA PRO B 131 -10.90 11.97 43.56
C PRO B 131 -11.39 13.42 43.50
N ALA B 132 -12.34 13.75 44.37
CA ALA B 132 -12.90 15.09 44.43
C ALA B 132 -13.10 15.48 45.88
N CYS B 133 -12.77 16.73 46.20
CA CYS B 133 -12.90 17.25 47.56
C CYS B 133 -12.75 18.77 47.49
N GLN B 134 -12.77 19.41 48.66
CA GLN B 134 -12.63 20.85 48.77
C GLN B 134 -11.17 21.30 48.82
N HIS B 135 -10.22 20.36 48.73
CA HIS B 135 -8.81 20.69 48.79
C HIS B 135 -8.35 21.21 47.42
N LYS B 136 -7.03 21.32 47.24
CA LYS B 136 -6.49 21.88 46.01
C LYS B 136 -6.82 21.05 44.78
N GLN B 137 -7.28 19.80 44.95
CA GLN B 137 -7.61 18.97 43.80
C GLN B 137 -8.68 19.62 42.93
N ARG B 138 -9.55 20.44 43.52
CA ARG B 138 -10.63 21.10 42.80
C ARG B 138 -10.62 22.60 43.08
N ARG B 139 -9.44 23.21 43.09
CA ARG B 139 -9.28 24.64 43.32
C ARG B 139 -8.87 25.32 42.02
N CYS B 140 -8.94 26.65 42.04
CA CYS B 140 -8.58 27.48 40.90
C CYS B 140 -7.28 28.23 41.20
N SER B 141 -6.42 28.32 40.19
CA SER B 141 -5.14 29.01 40.33
C SER B 141 -4.71 29.49 38.95
N LEU B 142 -3.48 30.00 38.85
CA LEU B 142 -2.99 30.50 37.57
C LEU B 142 -2.78 29.37 36.58
N ALA B 143 -2.35 28.19 37.05
CA ALA B 143 -2.12 27.08 36.14
C ALA B 143 -3.40 26.64 35.46
N SER B 144 -4.49 26.55 36.22
CA SER B 144 -5.77 26.13 35.63
C SER B 144 -6.36 27.25 34.77
N VAL B 145 -6.30 28.48 35.25
CA VAL B 145 -6.83 29.63 34.51
C VAL B 145 -5.68 30.20 33.68
N GLU B 146 -5.61 29.79 32.41
CA GLU B 146 -4.57 30.23 31.48
C GLU B 146 -5.15 31.10 30.38
N MET B 147 -6.16 31.92 30.72
CA MET B 147 -6.76 32.80 29.73
C MET B 147 -5.83 33.93 29.33
N SER B 148 -4.80 34.21 30.12
CA SER B 148 -3.84 35.28 29.82
C SER B 148 -2.52 34.72 29.31
N ALA B 149 -2.56 33.64 28.53
CA ALA B 149 -1.36 33.02 27.99
C ALA B 149 -0.40 32.60 29.10
N VAL B 150 -0.93 31.87 30.07
CA VAL B 150 -0.15 31.38 31.20
C VAL B 150 0.43 30.02 30.85
N ALA B 151 1.60 29.72 31.40
CA ALA B 151 2.26 28.45 31.11
C ALA B 151 1.43 27.31 31.68
N PRO B 152 1.09 26.29 30.88
CA PRO B 152 0.31 25.17 31.41
C PRO B 152 1.18 24.23 32.22
N PRO B 153 0.59 23.21 32.85
CA PRO B 153 1.38 22.28 33.63
C PRO B 153 2.39 21.56 32.74
N PRO B 154 3.53 21.16 33.29
CA PRO B 154 4.55 20.49 32.46
C PRO B 154 4.15 19.06 32.09
N ALA B 155 3.31 18.93 31.07
CA ALA B 155 2.83 17.64 30.61
C ALA B 155 3.43 17.32 29.24
N SER B 156 3.55 16.04 28.95
CA SER B 156 4.12 15.56 27.70
C SER B 156 3.07 15.40 26.60
N ASN B 157 1.81 15.74 26.87
CA ASN B 157 0.74 15.62 25.88
C ASN B 157 0.57 16.90 25.06
N GLY B 158 1.61 17.72 24.95
CA GLY B 158 1.55 18.94 24.19
C GLY B 158 1.61 20.22 25.02
N ASN B 159 2.07 20.16 26.27
CA ASN B 159 2.15 21.33 27.12
C ASN B 159 3.58 21.73 27.47
N LEU B 160 4.55 20.85 27.27
CA LEU B 160 5.95 21.14 27.56
C LEU B 160 6.86 20.95 26.36
N LEU B 161 6.64 19.90 25.56
CA LEU B 161 7.48 19.66 24.40
C LEU B 161 7.25 20.71 23.32
N TYR B 162 5.98 20.99 23.01
CA TYR B 162 5.67 21.99 21.99
C TYR B 162 5.89 23.41 22.49
N ILE B 163 5.59 23.67 23.76
CA ILE B 163 5.77 25.02 24.31
C ILE B 163 7.22 25.27 24.70
N GLY B 164 7.99 24.23 25.03
CA GLY B 164 9.38 24.40 25.37
C GLY B 164 10.30 24.59 24.19
N PHE B 165 9.83 24.30 22.98
CA PHE B 165 10.62 24.48 21.76
C PHE B 165 10.10 25.61 20.88
N ARG B 166 8.78 25.72 20.72
CA ARG B 166 8.16 26.77 19.92
C ARG B 166 7.54 27.89 20.76
N GLY B 167 6.92 27.54 21.88
CA GLY B 167 6.29 28.56 22.70
C GLY B 167 7.26 29.54 23.32
N LEU B 168 8.51 29.11 23.53
CA LEU B 168 9.54 29.97 24.12
C LEU B 168 10.19 30.80 23.01
N ASP B 169 9.40 31.74 22.49
CA ASP B 169 9.85 32.64 21.42
C ASP B 169 10.55 33.83 22.08
N GLY B 170 11.85 33.71 22.26
CA GLY B 170 12.63 34.76 22.89
C GLY B 170 13.65 34.23 23.87
N VAL B 171 13.61 32.93 24.15
CA VAL B 171 14.52 32.27 25.07
C VAL B 171 15.27 31.12 24.40
N HIS B 172 14.53 30.21 23.77
CA HIS B 172 15.14 29.07 23.09
C HIS B 172 15.42 29.38 21.63
N CYS B 173 14.39 29.74 20.87
CA CYS B 173 14.59 30.05 19.46
C CYS B 173 15.50 31.26 19.29
N VAL B 174 15.29 32.30 20.08
CA VAL B 174 16.09 33.52 20.03
C VAL B 174 16.72 33.77 21.39
N PRO B 175 17.92 33.27 21.66
CA PRO B 175 18.53 33.50 22.99
C PRO B 175 18.94 34.94 23.18
N THR B 176 17.95 35.82 23.38
CA THR B 176 18.25 37.24 23.61
C THR B 176 19.11 37.46 24.85
N PRO B 177 18.81 36.87 26.01
CA PRO B 177 19.65 37.11 27.20
C PRO B 177 20.95 36.32 27.18
N ASP B 178 21.92 36.83 26.41
CA ASP B 178 23.23 36.21 26.29
C ASP B 178 24.37 37.10 26.75
N SER B 179 24.12 38.38 27.01
CA SER B 179 25.16 39.30 27.46
C SER B 179 25.32 39.15 28.97
N GLY B 180 26.30 38.33 29.37
CA GLY B 180 26.58 38.11 30.77
C GLY B 180 25.72 37.06 31.44
N VAL B 181 24.81 36.41 30.70
CA VAL B 181 23.94 35.38 31.25
C VAL B 181 24.35 34.00 30.77
N VAL B 182 24.35 33.79 29.46
CA VAL B 182 24.74 32.49 28.89
C VAL B 182 26.25 32.40 28.72
N CYS B 183 26.88 33.48 28.26
CA CYS B 183 28.33 33.52 28.06
C CYS B 183 29.06 34.13 29.25
N GLY B 184 28.49 34.03 30.45
CA GLY B 184 29.12 34.58 31.64
C GLY B 184 28.94 33.69 32.85
N ARG B 185 28.60 32.42 32.62
CA ARG B 185 28.38 31.46 33.69
C ARG B 185 29.14 30.17 33.39
N MET B 186 29.32 29.37 34.43
CA MET B 186 30.04 28.10 34.32
C MET B 186 29.12 26.93 34.00
N ALA B 187 27.83 27.18 33.77
CA ALA B 187 26.86 26.13 33.50
C ALA B 187 27.04 25.65 32.07
N CYS B 188 28.10 24.86 31.85
CA CYS B 188 28.40 24.29 30.53
C CYS B 188 28.47 25.38 29.46
N SER B 189 29.10 26.50 29.81
CA SER B 189 29.27 27.61 28.88
C SER B 189 30.47 28.42 29.33
N PRO B 190 31.09 29.17 28.42
CA PRO B 190 32.24 30.00 28.81
C PRO B 190 31.83 31.12 29.75
N THR B 191 32.77 31.52 30.61
CA THR B 191 32.56 32.58 31.58
C THR B 191 33.44 33.76 31.17
N HIS B 192 32.90 34.61 30.29
CA HIS B 192 33.61 35.79 29.82
C HIS B 192 34.99 35.42 29.27
N ASP B 193 35.04 34.32 28.53
CA ASP B 193 36.29 33.84 27.95
C ASP B 193 36.52 34.54 26.62
N GLU B 194 37.36 35.59 26.64
CA GLU B 194 37.66 36.33 25.42
C GLU B 194 38.65 35.58 24.53
N HIS B 195 39.39 34.62 25.07
CA HIS B 195 40.36 33.83 24.32
C HIS B 195 39.88 32.38 24.15
N LEU B 196 38.59 32.20 23.92
CA LEU B 196 38.00 30.87 23.76
C LEU B 196 38.38 30.36 22.37
N LEU B 197 39.53 29.69 22.29
CA LEU B 197 40.03 29.14 21.04
C LEU B 197 40.39 27.67 21.24
N HIS B 198 40.37 26.93 20.14
CA HIS B 198 40.69 25.49 20.16
C HIS B 198 42.21 25.32 20.14
N GLY B 199 42.81 25.69 21.26
CA GLY B 199 44.27 25.59 21.38
C GLY B 199 45.00 26.47 20.39
N GLY B 200 44.53 27.70 20.19
CA GLY B 200 45.11 28.62 19.25
C GLY B 200 44.44 28.64 17.90
N GLN B 201 43.65 27.64 17.58
CA GLN B 201 42.93 27.53 16.33
C GLN B 201 41.50 28.03 16.49
N PRO B 202 40.80 28.29 15.39
CA PRO B 202 39.41 28.72 15.49
C PRO B 202 38.57 27.67 16.18
N PRO B 203 37.51 28.08 16.89
CA PRO B 203 36.69 27.07 17.60
C PRO B 203 36.16 25.98 16.70
N GLU B 204 35.79 26.31 15.46
CA GLU B 204 35.30 25.32 14.50
C GLU B 204 36.49 24.68 13.79
N GLY B 205 36.59 23.36 13.87
CA GLY B 205 37.69 22.64 13.25
C GLY B 205 37.62 22.61 11.74
N ASP B 206 36.43 22.72 11.17
CA ASP B 206 36.25 22.69 9.72
C ASP B 206 34.94 23.36 9.34
N PRO B 207 34.96 24.39 8.48
CA PRO B 207 33.70 24.99 8.04
C PRO B 207 32.78 24.02 7.33
N ASP B 208 33.32 22.97 6.71
CA ASP B 208 32.47 22.00 6.03
C ASP B 208 31.55 21.28 7.01
N LEU B 209 31.97 21.14 8.27
CA LEU B 209 31.13 20.49 9.25
C LEU B 209 29.83 21.26 9.47
N ALA B 210 29.92 22.60 9.47
CA ALA B 210 28.71 23.41 9.63
C ALA B 210 27.75 23.17 8.48
N LYS B 211 28.27 23.07 7.25
CA LYS B 211 27.41 22.78 6.11
C LYS B 211 26.79 21.39 6.23
N ILE B 212 27.55 20.42 6.72
CA ILE B 212 27.01 19.07 6.88
C ILE B 212 25.89 19.07 7.91
N LEU B 213 26.01 19.90 8.95
CA LEU B 213 24.98 19.96 9.98
C LEU B 213 23.65 20.42 9.38
N GLU B 214 23.68 21.41 8.49
CA GLU B 214 22.46 21.86 7.84
C GLU B 214 21.85 20.74 7.00
N GLU B 215 22.67 20.02 6.24
CA GLU B 215 22.16 18.90 5.47
C GLU B 215 21.68 17.77 6.37
N VAL B 216 22.44 17.46 7.42
CA VAL B 216 22.03 16.43 8.37
C VAL B 216 20.76 16.86 9.08
N ARG B 217 20.69 18.13 9.49
CA ARG B 217 19.49 18.64 10.14
C ARG B 217 18.29 18.58 9.19
N TYR B 218 18.50 18.90 7.92
CA TYR B 218 17.42 18.82 6.95
C TYR B 218 16.90 17.39 6.83
N ILE B 219 17.79 16.41 6.80
CA ILE B 219 17.38 15.01 6.77
C ILE B 219 16.63 14.66 8.05
N ALA B 220 17.16 15.10 9.20
CA ALA B 220 16.48 14.85 10.47
C ALA B 220 15.17 15.63 10.55
N ASN B 221 15.05 16.73 9.83
CA ASN B 221 13.81 17.51 9.83
C ASN B 221 12.69 16.78 9.11
N ARG B 222 13.01 15.77 8.29
CA ARG B 222 11.97 15.02 7.61
C ARG B 222 11.06 14.31 8.61
N PHE B 223 11.66 13.69 9.63
CA PHE B 223 10.86 13.07 10.67
C PHE B 223 10.03 14.09 11.43
N ARG B 224 10.62 15.25 11.73
CA ARG B 224 9.87 16.31 12.40
C ARG B 224 8.74 16.81 11.50
N CYS B 225 9.00 16.96 10.21
CA CYS B 225 7.93 17.34 9.28
C CYS B 225 6.86 16.27 9.22
N GLN B 226 7.26 15.00 9.21
CA GLN B 226 6.28 13.91 9.26
C GLN B 226 5.55 13.88 10.59
N ASP B 227 6.24 14.21 11.68
CA ASP B 227 5.57 14.24 12.99
C ASP B 227 4.47 15.29 13.01
N GLU B 228 4.72 16.46 12.41
CA GLU B 228 3.68 17.47 12.31
C GLU B 228 2.51 16.96 11.47
N SER B 229 2.81 16.29 10.35
CA SER B 229 1.77 15.68 9.54
C SER B 229 1.03 14.60 10.33
N GLU B 230 1.77 13.80 11.10
CA GLU B 230 1.14 12.77 11.91
C GLU B 230 0.23 13.36 12.96
N ALA B 231 0.63 14.48 13.58
CA ALA B 231 -0.23 15.14 14.55
C ALA B 231 -1.50 15.65 13.90
N VAL B 232 -1.40 16.22 12.69
CA VAL B 232 -2.59 16.63 11.96
C VAL B 232 -3.35 15.42 11.46
N CYS B 233 -2.65 14.37 11.02
CA CYS B 233 -3.32 13.15 10.58
C CYS B 233 -4.06 12.48 11.73
N SER B 234 -3.54 12.60 12.96
CA SER B 234 -4.23 12.02 14.10
C SER B 234 -5.60 12.66 14.31
N GLU B 235 -5.69 13.99 14.11
CA GLU B 235 -6.97 14.66 14.25
C GLU B 235 -7.98 14.14 13.24
N TRP B 236 -7.52 13.89 12.00
CA TRP B 236 -8.41 13.33 10.99
C TRP B 236 -8.93 11.96 11.42
N LYS B 237 -8.05 11.12 11.95
CA LYS B 237 -8.48 9.80 12.43
C LYS B 237 -9.46 9.93 13.58
N PHE B 238 -9.18 10.82 14.53
CA PHE B 238 -10.10 11.03 15.64
C PHE B 238 -11.44 11.58 15.16
N ALA B 239 -11.42 12.51 14.19
CA ALA B 239 -12.65 13.05 13.65
C ALA B 239 -13.49 11.97 12.99
N ALA B 240 -12.84 11.05 12.27
CA ALA B 240 -13.57 9.95 11.64
C ALA B 240 -14.23 9.06 12.70
N CYS B 241 -13.52 8.82 13.80
CA CYS B 241 -14.10 7.99 14.86
C CYS B 241 -15.35 8.63 15.46
N VAL B 242 -15.44 9.96 15.45
CA VAL B 242 -16.62 10.63 15.99
C VAL B 242 -17.85 10.24 15.19
N VAL B 243 -17.75 10.25 13.86
CA VAL B 243 -18.88 9.87 13.03
C VAL B 243 -19.25 8.40 13.28
N ASP B 244 -18.25 7.53 13.33
CA ASP B 244 -18.53 6.11 13.58
C ASP B 244 -19.15 5.90 14.95
N ARG B 245 -18.60 6.58 15.98
CA ARG B 245 -19.13 6.41 17.33
C ARG B 245 -20.48 7.09 17.48
N LEU B 246 -20.66 8.25 16.83
CA LEU B 246 -21.94 8.95 16.93
C LEU B 246 -23.07 8.11 16.33
N CYS B 247 -22.81 7.47 15.18
CA CYS B 247 -23.84 6.63 14.57
C CYS B 247 -24.01 5.32 15.33
N LEU B 248 -22.93 4.78 15.90
CA LEU B 248 -23.03 3.54 16.65
C LEU B 248 -23.91 3.71 17.88
N MET B 249 -23.74 4.83 18.61
CA MET B 249 -24.56 5.07 19.79
C MET B 249 -25.98 5.48 19.41
N ALA B 250 -26.15 6.20 18.30
CA ALA B 250 -27.48 6.60 17.87
C ALA B 250 -28.27 5.43 17.31
N PHE B 251 -27.62 4.58 16.52
CA PHE B 251 -28.31 3.43 15.93
C PHE B 251 -28.52 2.32 16.95
N SER B 252 -27.75 2.28 18.04
CA SER B 252 -27.96 1.26 19.05
C SER B 252 -29.34 1.39 19.69
N VAL B 253 -29.77 2.63 19.98
CA VAL B 253 -31.09 2.83 20.55
C VAL B 253 -32.17 2.48 19.54
N PHE B 254 -31.96 2.85 18.28
CA PHE B 254 -32.95 2.52 17.25
C PHE B 254 -33.10 1.02 17.08
N THR B 255 -31.99 0.28 17.14
CA THR B 255 -32.07 -1.17 17.02
C THR B 255 -32.90 -1.77 18.16
N ILE B 256 -32.70 -1.27 19.38
CA ILE B 256 -33.50 -1.73 20.50
C ILE B 256 -34.97 -1.39 20.28
N ILE B 257 -35.25 -0.19 19.78
CA ILE B 257 -36.63 0.22 19.51
C ILE B 257 -37.25 -0.69 18.46
N CYS B 258 -36.49 -1.01 17.40
CA CYS B 258 -37.00 -1.90 16.37
C CYS B 258 -37.34 -3.27 16.93
N THR B 259 -36.47 -3.81 17.79
CA THR B 259 -36.75 -5.10 18.42
C THR B 259 -38.00 -5.02 19.28
N ILE B 260 -38.16 -3.93 20.04
CA ILE B 260 -39.35 -3.76 20.87
C ILE B 260 -40.60 -3.71 20.01
N GLY B 261 -40.55 -2.98 18.90
CA GLY B 261 -41.69 -2.90 18.02
C GLY B 261 -42.10 -4.24 17.45
N ILE B 262 -41.11 -5.09 17.17
CA ILE B 262 -41.41 -6.43 16.65
C ILE B 262 -42.22 -7.23 17.67
N LEU B 263 -41.82 -7.16 18.93
CA LEU B 263 -42.54 -7.89 19.98
C LEU B 263 -43.95 -7.34 20.20
N MET B 264 -44.22 -6.11 19.77
CA MET B 264 -45.53 -5.50 19.93
C MET B 264 -46.37 -5.53 18.66
N SER B 265 -45.74 -5.61 17.49
CA SER B 265 -46.46 -5.64 16.22
C SER B 265 -46.61 -7.05 15.67
N ALA B 266 -45.72 -7.98 16.03
CA ALA B 266 -45.85 -9.34 15.53
C ALA B 266 -47.16 -10.00 15.93
N PRO B 267 -47.62 -9.90 17.18
CA PRO B 267 -48.90 -10.54 17.54
C PRO B 267 -50.07 -10.03 16.73
N ASN B 268 -50.02 -8.78 16.25
CA ASN B 268 -51.12 -8.21 15.48
C ASN B 268 -51.00 -8.52 14.00
N PHE B 269 -49.77 -8.52 13.46
CA PHE B 269 -49.53 -8.78 12.05
C PHE B 269 -48.97 -10.17 11.80
N VAL B 270 -47.89 -10.53 12.48
CA VAL B 270 -47.29 -11.85 12.30
C VAL B 270 -48.03 -12.88 13.14
N LEU C 7 -29.74 -40.25 -6.22
CA LEU C 7 -29.66 -39.05 -5.39
C LEU C 7 -29.24 -37.85 -6.22
N TYR C 8 -30.20 -37.25 -6.93
CA TYR C 8 -29.90 -36.09 -7.76
C TYR C 8 -29.66 -34.86 -6.89
N TYR C 9 -30.67 -34.47 -6.10
CA TYR C 9 -30.54 -33.32 -5.23
C TYR C 9 -29.69 -33.60 -4.01
N GLY C 10 -29.58 -34.87 -3.58
CA GLY C 10 -28.76 -35.17 -2.42
C GLY C 10 -27.29 -34.85 -2.64
N LEU C 11 -26.76 -35.27 -3.80
CA LEU C 11 -25.37 -35.00 -4.11
C LEU C 11 -25.14 -33.55 -4.52
N ASN C 12 -26.15 -32.91 -5.12
CA ASN C 12 -26.01 -31.53 -5.57
C ASN C 12 -26.24 -30.51 -4.45
N LEU C 13 -26.77 -30.94 -3.30
CA LEU C 13 -27.03 -30.05 -2.19
C LEU C 13 -26.28 -30.41 -0.91
N LEU C 14 -26.01 -31.69 -0.68
CA LEU C 14 -25.25 -32.08 0.51
C LEU C 14 -23.77 -31.74 0.36
N ILE C 15 -23.22 -31.97 -0.83
CA ILE C 15 -21.79 -31.69 -1.04
C ILE C 15 -21.47 -30.21 -0.83
N PRO C 16 -22.22 -29.27 -1.42
CA PRO C 16 -21.93 -27.85 -1.13
C PRO C 16 -22.04 -27.50 0.34
N CYS C 17 -22.95 -28.15 1.08
CA CYS C 17 -23.10 -27.84 2.50
C CYS C 17 -21.82 -28.16 3.26
N VAL C 18 -21.20 -29.31 2.97
CA VAL C 18 -19.97 -29.66 3.67
C VAL C 18 -18.76 -29.02 2.99
N LEU C 19 -18.81 -28.82 1.68
CA LEU C 19 -17.70 -28.18 0.99
C LEU C 19 -17.52 -26.74 1.46
N ILE C 20 -18.61 -26.01 1.63
CA ILE C 20 -18.51 -24.63 2.12
C ILE C 20 -18.06 -24.61 3.57
N SER C 21 -18.55 -25.54 4.38
CA SER C 21 -18.16 -25.58 5.78
C SER C 21 -16.66 -25.84 5.93
N ALA C 22 -16.13 -26.77 5.12
CA ALA C 22 -14.71 -27.05 5.17
C ALA C 22 -13.87 -25.94 4.57
N LEU C 23 -14.46 -25.12 3.69
CA LEU C 23 -13.73 -24.01 3.11
C LEU C 23 -13.49 -22.90 4.11
N ALA C 24 -14.42 -22.69 5.04
CA ALA C 24 -14.26 -21.66 6.06
C ALA C 24 -13.11 -21.96 7.01
N LEU C 25 -12.70 -23.22 7.13
CA LEU C 25 -11.58 -23.55 8.00
C LEU C 25 -10.28 -22.92 7.50
N LEU C 26 -10.07 -22.91 6.18
CA LEU C 26 -8.88 -22.30 5.62
C LEU C 26 -8.85 -20.79 5.80
N VAL C 27 -10.01 -20.17 6.01
CA VAL C 27 -10.04 -18.72 6.24
C VAL C 27 -9.33 -18.38 7.53
N PHE C 28 -9.55 -19.18 8.59
CA PHE C 28 -8.86 -18.92 9.85
C PHE C 28 -7.36 -19.17 9.73
N LEU C 29 -6.95 -20.10 8.87
CA LEU C 29 -5.54 -20.38 8.67
C LEU C 29 -4.80 -19.20 8.03
N LEU C 30 -5.52 -18.23 7.47
CA LEU C 30 -4.87 -17.10 6.84
C LEU C 30 -4.06 -16.34 7.88
N PRO C 31 -2.81 -15.96 7.58
CA PRO C 31 -2.02 -15.19 8.56
C PRO C 31 -2.70 -13.87 8.89
N ALA C 32 -2.55 -13.45 10.16
CA ALA C 32 -3.15 -12.18 10.59
C ALA C 32 -2.58 -11.00 9.82
N ASP C 33 -1.31 -11.08 9.43
CA ASP C 33 -0.69 -9.97 8.70
C ASP C 33 -1.34 -9.74 7.34
N SER C 34 -2.08 -10.71 6.82
CA SER C 34 -2.76 -10.56 5.53
C SER C 34 -3.93 -9.61 5.70
N GLY C 35 -3.73 -8.35 5.30
CA GLY C 35 -4.79 -7.36 5.42
C GLY C 35 -5.90 -7.52 4.39
N GLU C 36 -5.63 -8.21 3.29
CA GLU C 36 -6.62 -8.41 2.23
C GLU C 36 -7.45 -9.67 2.44
N LYS C 37 -7.44 -10.23 3.66
CA LYS C 37 -8.21 -11.43 3.94
C LYS C 37 -9.69 -11.16 4.13
N ILE C 38 -10.10 -9.91 4.34
CA ILE C 38 -11.51 -9.60 4.51
C ILE C 38 -12.28 -9.86 3.23
N SER C 39 -11.67 -9.60 2.06
CA SER C 39 -12.35 -9.81 0.79
C SER C 39 -12.57 -11.30 0.50
N LEU C 40 -11.76 -12.19 1.08
CA LEU C 40 -11.94 -13.61 0.85
C LEU C 40 -13.25 -14.12 1.43
N GLY C 41 -13.70 -13.55 2.54
CA GLY C 41 -14.95 -13.98 3.15
C GLY C 41 -16.19 -13.51 2.44
N ILE C 42 -16.09 -12.44 1.64
CA ILE C 42 -17.26 -11.91 0.95
C ILE C 42 -17.78 -12.93 -0.06
N THR C 43 -16.89 -13.51 -0.85
CA THR C 43 -17.32 -14.50 -1.84
C THR C 43 -17.82 -15.77 -1.17
N VAL C 44 -17.19 -16.18 -0.08
CA VAL C 44 -17.63 -17.38 0.63
C VAL C 44 -19.04 -17.19 1.17
N LEU C 45 -19.30 -16.03 1.79
CA LEU C 45 -20.64 -15.75 2.30
C LEU C 45 -21.65 -15.67 1.16
N LEU C 46 -21.28 -15.01 0.06
CA LEU C 46 -22.20 -14.90 -1.07
C LEU C 46 -22.39 -16.24 -1.78
N SER C 47 -21.39 -17.13 -1.72
CA SER C 47 -21.52 -18.43 -2.38
C SER C 47 -22.65 -19.25 -1.77
N LEU C 48 -22.79 -19.20 -0.44
CA LEU C 48 -23.84 -19.97 0.21
C LEU C 48 -25.22 -19.43 -0.13
N THR C 49 -25.36 -18.11 -0.25
CA THR C 49 -26.67 -17.52 -0.56
C THR C 49 -27.16 -17.96 -1.93
N VAL C 50 -26.25 -18.04 -2.91
CA VAL C 50 -26.65 -18.43 -4.26
C VAL C 50 -27.21 -19.85 -4.25
N PHE C 51 -26.54 -20.76 -3.56
CA PHE C 51 -27.03 -22.14 -3.47
C PHE C 51 -28.24 -22.25 -2.57
N MET C 52 -28.38 -21.34 -1.60
CA MET C 52 -29.53 -21.38 -0.71
C MET C 52 -30.83 -21.09 -1.46
N LEU C 53 -30.78 -20.21 -2.46
CA LEU C 53 -31.99 -19.89 -3.22
C LEU C 53 -32.53 -21.11 -3.94
N LEU C 54 -31.65 -21.95 -4.49
CA LEU C 54 -32.09 -23.13 -5.20
C LEU C 54 -32.87 -24.08 -4.30
N VAL C 55 -32.38 -24.27 -3.07
CA VAL C 55 -33.06 -25.18 -2.15
C VAL C 55 -34.31 -24.55 -1.53
N ALA C 56 -34.43 -23.23 -1.57
CA ALA C 56 -35.62 -22.59 -1.00
C ALA C 56 -36.87 -23.00 -1.75
N GLU C 57 -36.81 -23.07 -3.08
CA GLU C 57 -37.96 -23.50 -3.86
C GLU C 57 -38.29 -24.97 -3.61
N ILE C 58 -37.26 -25.81 -3.47
CA ILE C 58 -37.49 -27.23 -3.23
C ILE C 58 -38.14 -27.44 -1.87
N MET C 59 -37.74 -26.65 -0.87
CA MET C 59 -38.29 -26.80 0.46
C MET C 59 -39.79 -26.53 0.45
N PRO C 60 -40.62 -27.41 0.99
CA PRO C 60 -42.07 -27.15 1.00
C PRO C 60 -42.38 -25.86 1.76
N SER C 61 -43.38 -25.13 1.26
CA SER C 61 -43.82 -23.88 1.88
C SER C 61 -44.80 -24.22 3.01
N THR C 62 -44.24 -24.60 4.15
CA THR C 62 -45.03 -24.96 5.31
C THR C 62 -45.40 -23.69 6.10
N SER C 63 -46.10 -23.90 7.22
CA SER C 63 -46.50 -22.78 8.06
C SER C 63 -46.30 -23.03 9.55
N ASP C 64 -45.84 -24.22 9.94
CA ASP C 64 -45.61 -24.54 11.35
C ASP C 64 -44.14 -24.75 11.66
N SER C 65 -43.48 -25.66 10.94
CA SER C 65 -42.07 -25.94 11.15
C SER C 65 -41.37 -26.03 9.80
N SER C 66 -40.12 -25.56 9.76
CA SER C 66 -39.33 -25.62 8.54
C SER C 66 -38.74 -27.01 8.35
N PRO C 67 -38.36 -27.37 7.13
CA PRO C 67 -37.76 -28.69 6.90
C PRO C 67 -36.44 -28.83 7.66
N SER C 68 -36.01 -30.08 7.80
CA SER C 68 -34.76 -30.37 8.49
C SER C 68 -33.55 -29.81 7.76
N ILE C 69 -33.67 -29.56 6.46
CA ILE C 69 -32.55 -29.00 5.70
C ILE C 69 -32.22 -27.59 6.16
N ALA C 70 -33.18 -26.87 6.73
CA ALA C 70 -32.92 -25.51 7.19
C ALA C 70 -31.89 -25.50 8.32
N GLN C 71 -31.97 -26.48 9.22
CA GLN C 71 -31.01 -26.54 10.33
C GLN C 71 -29.58 -26.70 9.82
N TYR C 72 -29.39 -27.57 8.82
CA TYR C 72 -28.05 -27.76 8.28
C TYR C 72 -27.52 -26.48 7.66
N PHE C 73 -28.35 -25.76 6.89
CA PHE C 73 -27.92 -24.50 6.32
C PHE C 73 -27.73 -23.43 7.38
N ALA C 74 -28.59 -23.42 8.40
CA ALA C 74 -28.44 -22.45 9.48
C ALA C 74 -27.13 -22.64 10.22
N SER C 75 -26.79 -23.89 10.52
CA SER C 75 -25.51 -24.16 11.18
C SER C 75 -24.34 -23.81 10.27
N THR C 76 -24.46 -24.11 8.97
CA THR C 76 -23.40 -23.75 8.04
C THR C 76 -23.24 -22.24 7.94
N MET C 77 -24.35 -21.51 7.94
CA MET C 77 -24.27 -20.06 7.85
C MET C 77 -23.53 -19.46 9.04
N ILE C 78 -23.63 -20.09 10.21
CA ILE C 78 -22.92 -19.60 11.38
C ILE C 78 -21.40 -19.71 11.17
N ILE C 79 -20.95 -20.83 10.61
CA ILE C 79 -19.52 -21.01 10.38
C ILE C 79 -18.99 -19.97 9.42
N VAL C 80 -19.70 -19.74 8.31
CA VAL C 80 -19.26 -18.75 7.34
C VAL C 80 -19.63 -17.34 7.81
N GLY C 81 -20.76 -17.18 8.50
CA GLY C 81 -21.13 -15.87 8.99
C GLY C 81 -20.12 -15.32 9.99
N LEU C 82 -19.65 -16.16 10.91
CA LEU C 82 -18.63 -15.74 11.86
C LEU C 82 -17.25 -15.62 11.22
N SER C 83 -17.03 -16.28 10.09
CA SER C 83 -15.73 -16.17 9.42
C SER C 83 -15.46 -14.73 8.98
N VAL C 84 -16.47 -14.06 8.43
CA VAL C 84 -16.31 -12.67 8.04
C VAL C 84 -16.02 -11.81 9.26
N VAL C 85 -16.76 -12.04 10.35
CA VAL C 85 -16.52 -11.29 11.59
C VAL C 85 -15.13 -11.59 12.13
N VAL C 86 -14.74 -12.87 12.12
CA VAL C 86 -13.42 -13.24 12.63
C VAL C 86 -12.32 -12.56 11.80
N THR C 87 -12.46 -12.59 10.48
CA THR C 87 -11.49 -11.90 9.62
C THR C 87 -11.53 -10.40 9.85
N VAL C 88 -12.73 -9.85 10.05
CA VAL C 88 -12.85 -8.42 10.32
C VAL C 88 -12.16 -8.07 11.63
N ILE C 89 -12.32 -8.90 12.65
CA ILE C 89 -11.70 -8.64 13.94
C ILE C 89 -10.18 -8.58 13.81
N VAL C 90 -9.61 -9.35 12.87
CA VAL C 90 -8.16 -9.32 12.68
C VAL C 90 -7.70 -7.93 12.28
N LEU C 91 -8.42 -7.29 11.36
CA LEU C 91 -8.03 -5.96 10.92
C LEU C 91 -8.15 -4.93 12.05
N GLN C 92 -9.10 -5.14 12.97
CA GLN C 92 -9.29 -4.17 14.05
C GLN C 92 -8.06 -4.07 14.93
N TYR C 93 -7.45 -5.21 15.27
CA TYR C 93 -6.28 -5.20 16.13
C TYR C 93 -5.11 -4.48 15.46
N HIS C 94 -4.91 -4.73 14.16
CA HIS C 94 -3.79 -4.09 13.47
C HIS C 94 -3.92 -2.57 13.47
N HIS C 95 -5.12 -2.07 13.23
CA HIS C 95 -5.37 -0.62 13.23
C HIS C 95 -5.92 -0.17 14.58
N HIS C 96 -5.09 -0.30 15.60
CA HIS C 96 -5.49 0.08 16.94
C HIS C 96 -5.70 1.58 17.03
N ASP C 97 -6.79 1.98 17.68
CA ASP C 97 -7.15 3.37 17.87
C ASP C 97 -7.54 3.60 19.32
N PRO C 98 -7.49 4.85 19.79
CA PRO C 98 -7.89 5.11 21.19
C PRO C 98 -9.33 4.73 21.48
N ASP C 99 -10.21 4.76 20.48
CA ASP C 99 -11.61 4.41 20.66
C ASP C 99 -11.91 2.95 20.39
N GLY C 100 -10.90 2.14 20.10
CA GLY C 100 -11.10 0.73 19.84
C GLY C 100 -9.89 0.13 19.17
N GLY C 101 -9.77 -1.19 19.29
CA GLY C 101 -8.64 -1.90 18.73
C GLY C 101 -8.22 -3.09 19.56
N LYS C 102 -6.96 -3.11 19.98
CA LYS C 102 -6.43 -4.23 20.74
C LYS C 102 -7.27 -4.49 21.98
N MET C 103 -7.11 -5.69 22.53
CA MET C 103 -7.82 -6.07 23.73
C MET C 103 -7.31 -5.28 24.93
N PRO C 104 -8.13 -5.14 25.98
CA PRO C 104 -7.69 -4.38 27.16
C PRO C 104 -6.41 -4.95 27.75
N LYS C 105 -5.75 -4.12 28.56
CA LYS C 105 -4.47 -4.51 29.15
C LYS C 105 -4.61 -5.73 30.05
N TRP C 106 -5.79 -5.91 30.68
CA TRP C 106 -5.98 -7.04 31.57
C TRP C 106 -5.82 -8.36 30.82
N THR C 107 -6.40 -8.45 29.63
CA THR C 107 -6.28 -9.65 28.80
C THR C 107 -5.02 -9.68 27.95
N ARG C 108 -4.25 -8.57 27.92
CA ARG C 108 -3.04 -8.54 27.11
C ARG C 108 -2.02 -9.54 27.65
N VAL C 109 -1.91 -9.67 28.97
CA VAL C 109 -0.95 -10.61 29.55
C VAL C 109 -1.29 -12.03 29.14
N ILE C 110 -2.58 -12.38 29.14
CA ILE C 110 -2.99 -13.73 28.74
C ILE C 110 -2.60 -13.97 27.28
N LEU C 111 -2.82 -12.99 26.41
CA LEU C 111 -2.48 -13.16 25.00
C LEU C 111 -0.98 -13.37 24.83
N LEU C 112 -0.17 -12.62 25.57
CA LEU C 112 1.29 -12.78 25.47
C LEU C 112 1.71 -14.19 25.89
N ASN C 113 1.11 -14.71 26.98
CA ASN C 113 1.46 -16.05 27.42
C ASN C 113 1.07 -17.10 26.39
N TRP C 114 0.03 -16.84 25.59
CA TRP C 114 -0.38 -17.80 24.57
C TRP C 114 0.69 -18.00 23.52
N CYS C 115 1.49 -16.96 23.24
CA CYS C 115 2.55 -17.09 22.24
C CYS C 115 3.55 -18.17 22.64
N ALA C 116 3.95 -18.18 23.92
CA ALA C 116 4.86 -19.21 24.39
C ALA C 116 4.17 -20.56 24.53
N TRP C 117 2.85 -20.55 24.78
CA TRP C 117 2.13 -21.81 24.91
C TRP C 117 1.97 -22.52 23.57
N PHE C 118 1.93 -21.75 22.47
CA PHE C 118 1.78 -22.38 21.16
C PHE C 118 2.97 -23.28 20.84
N LEU C 119 4.18 -22.82 21.13
CA LEU C 119 5.36 -23.64 20.89
C LEU C 119 5.48 -24.76 21.92
N ARG C 120 5.22 -24.45 23.18
CA ARG C 120 5.29 -25.41 24.28
C ARG C 120 4.03 -25.23 25.14
N MET C 121 3.00 -26.03 24.85
CA MET C 121 1.75 -25.93 25.59
C MET C 121 1.96 -26.34 27.05
N LYS C 122 1.25 -25.65 27.95
CA LYS C 122 1.35 -25.97 29.36
C LYS C 122 0.79 -27.34 29.70
N ARG C 123 0.01 -27.93 28.80
CA ARG C 123 -0.56 -29.25 29.03
C ARG C 123 0.50 -30.33 28.91
N PRO C 124 0.23 -31.52 29.43
CA PRO C 124 1.23 -32.61 29.33
C PRO C 124 1.54 -33.03 27.90
N GLY C 125 0.71 -32.65 26.93
CA GLY C 125 0.99 -33.04 25.56
C GLY C 125 2.32 -32.52 25.05
N GLU C 126 2.70 -31.32 25.48
CA GLU C 126 3.96 -30.71 25.07
C GLU C 126 4.96 -30.56 26.20
N ASP C 127 4.50 -30.43 27.45
CA ASP C 127 5.40 -30.29 28.58
C ASP C 127 5.98 -31.63 29.06
N LYS C 128 5.42 -32.75 28.61
CA LYS C 128 5.90 -34.06 29.03
C LYS C 128 6.98 -34.61 28.10
N VAL C 129 6.88 -34.33 26.81
CA VAL C 129 7.86 -34.84 25.83
C VAL C 129 8.97 -33.78 25.78
N ARG C 130 9.90 -33.89 26.71
CA ARG C 130 11.04 -32.99 26.79
C ARG C 130 11.98 -33.50 27.89
N PRO C 131 13.22 -33.01 27.92
CA PRO C 131 14.15 -33.45 28.98
C PRO C 131 13.65 -33.08 30.37
N ALA C 132 13.32 -34.07 31.17
CA ALA C 132 12.84 -33.85 32.52
C ALA C 132 13.47 -34.87 33.46
N CYS C 133 13.87 -34.42 34.64
CA CYS C 133 14.52 -35.27 35.63
C CYS C 133 14.52 -34.52 36.96
N GLN C 134 15.11 -35.15 37.97
CA GLN C 134 15.23 -34.56 39.30
C GLN C 134 16.47 -33.68 39.44
N HIS C 135 17.25 -33.52 38.38
CA HIS C 135 18.46 -32.70 38.42
C HIS C 135 18.08 -31.23 38.30
N LYS C 136 19.07 -30.37 38.07
CA LYS C 136 18.85 -28.93 38.02
C LYS C 136 17.92 -28.52 36.88
N GLN C 137 17.68 -29.40 35.90
CA GLN C 137 16.80 -29.04 34.79
C GLN C 137 15.41 -28.66 35.28
N ARG C 138 14.98 -29.20 36.41
CA ARG C 138 13.65 -28.94 36.97
C ARG C 138 13.76 -28.53 38.44
N ARG C 139 14.75 -27.70 38.75
CA ARG C 139 14.94 -27.19 40.10
C ARG C 139 14.56 -25.72 40.18
N CYS C 140 14.43 -25.24 41.42
CA CYS C 140 14.08 -23.85 41.69
C CYS C 140 15.29 -23.11 42.22
N SER C 141 15.49 -21.89 41.73
CA SER C 141 16.61 -21.06 42.13
C SER C 141 16.21 -19.59 41.95
N LEU C 142 17.17 -18.69 42.15
CA LEU C 142 16.88 -17.27 42.02
C LEU C 142 16.57 -16.89 40.58
N ALA C 143 17.23 -17.54 39.60
CA ALA C 143 16.98 -17.22 38.21
C ALA C 143 15.55 -17.52 37.81
N SER C 144 15.03 -18.68 38.24
CA SER C 144 13.66 -19.04 37.89
C SER C 144 12.65 -18.22 38.68
N VAL C 145 12.90 -18.02 39.97
CA VAL C 145 12.00 -17.25 40.84
C VAL C 145 12.51 -15.82 40.84
N GLU C 146 11.87 -14.96 40.06
CA GLU C 146 12.23 -13.55 39.94
C GLU C 146 11.11 -12.65 40.43
N MET C 147 10.44 -13.07 41.51
CA MET C 147 9.36 -12.27 42.07
C MET C 147 9.86 -11.00 42.75
N SER C 148 11.15 -10.95 43.08
CA SER C 148 11.75 -9.79 43.74
C SER C 148 12.59 -8.96 42.76
N ALA C 149 12.16 -8.87 41.51
CA ALA C 149 12.89 -8.10 40.50
C ALA C 149 14.31 -8.62 40.33
N VAL C 150 14.43 -9.94 40.16
CA VAL C 150 15.72 -10.60 39.98
C VAL C 150 16.06 -10.61 38.49
N ALA C 151 17.35 -10.54 38.20
CA ALA C 151 17.80 -10.52 36.81
C ALA C 151 17.45 -11.84 36.14
N PRO C 152 16.78 -11.83 34.99
CA PRO C 152 16.45 -13.09 34.32
C PRO C 152 17.65 -13.66 33.59
N PRO C 153 17.53 -14.85 33.02
CA PRO C 153 18.66 -15.42 32.29
C PRO C 153 19.04 -14.54 31.11
N PRO C 154 20.32 -14.54 30.72
CA PRO C 154 20.73 -13.68 29.61
C PRO C 154 20.26 -14.19 28.26
N ALA C 155 19.00 -13.92 27.93
CA ALA C 155 18.40 -14.35 26.67
C ALA C 155 18.17 -13.15 25.76
N SER C 156 18.16 -13.40 24.46
CA SER C 156 17.97 -12.37 23.45
C SER C 156 16.51 -12.13 23.11
N ASN C 157 15.58 -12.82 23.78
CA ASN C 157 14.16 -12.67 23.54
C ASN C 157 13.52 -11.61 24.42
N GLY C 158 14.29 -10.66 24.92
CA GLY C 158 13.79 -9.60 25.77
C GLY C 158 14.24 -9.67 27.23
N ASN C 159 15.31 -10.40 27.53
CA ASN C 159 15.80 -10.52 28.90
C ASN C 159 17.17 -9.90 29.11
N LEU C 160 17.91 -9.61 28.03
CA LEU C 160 19.23 -9.01 28.13
C LEU C 160 19.36 -7.72 27.33
N LEU C 161 18.77 -7.66 26.13
CA LEU C 161 18.86 -6.45 25.33
C LEU C 161 18.04 -5.32 25.94
N TYR C 162 16.81 -5.60 26.34
CA TYR C 162 15.96 -4.58 26.93
C TYR C 162 16.35 -4.27 28.37
N ILE C 163 16.79 -5.27 29.13
CA ILE C 163 17.18 -5.04 30.51
C ILE C 163 18.60 -4.47 30.59
N GLY C 164 19.44 -4.77 29.60
CA GLY C 164 20.79 -4.24 29.58
C GLY C 164 20.90 -2.80 29.13
N PHE C 165 19.86 -2.25 28.53
CA PHE C 165 19.83 -0.85 28.10
C PHE C 165 18.88 0.01 28.92
N ARG C 166 17.70 -0.50 29.25
CA ARG C 166 16.70 0.23 30.03
C ARG C 166 16.61 -0.25 31.46
N GLY C 167 16.72 -1.57 31.69
CA GLY C 167 16.60 -2.09 33.04
C GLY C 167 17.72 -1.65 33.95
N LEU C 168 18.90 -1.38 33.38
CA LEU C 168 20.06 -0.94 34.17
C LEU C 168 19.97 0.57 34.40
N ASP C 169 19.00 0.96 35.21
CA ASP C 169 18.76 2.36 35.56
C ASP C 169 19.66 2.72 36.74
N GLY C 170 20.86 3.20 36.44
CA GLY C 170 21.82 3.57 37.47
C GLY C 170 23.23 3.12 37.14
N VAL C 171 23.38 2.35 36.06
CA VAL C 171 24.69 1.85 35.62
C VAL C 171 24.97 2.27 34.18
N HIS C 172 24.05 1.99 33.26
CA HIS C 172 24.24 2.34 31.86
C HIS C 172 23.66 3.71 31.54
N CYS C 173 22.36 3.90 31.80
CA CYS C 173 21.74 5.20 31.54
C CYS C 173 22.36 6.29 32.40
N VAL C 174 22.60 6.00 33.68
CA VAL C 174 23.19 6.96 34.60
C VAL C 174 24.44 6.35 35.21
N PRO C 175 25.61 6.51 34.59
CA PRO C 175 26.84 5.92 35.15
C PRO C 175 27.25 6.59 36.46
N THR C 176 26.50 6.32 37.53
CA THR C 176 26.84 6.92 38.83
C THR C 176 28.22 6.50 39.30
N PRO C 177 28.61 5.21 39.28
CA PRO C 177 29.95 4.84 39.78
C PRO C 177 31.06 5.20 38.78
N ASP C 178 31.43 6.47 38.78
CA ASP C 178 32.49 6.99 37.92
C ASP C 178 33.67 7.57 38.67
N SER C 179 33.55 7.79 39.98
CA SER C 179 34.63 8.36 40.78
C SER C 179 35.60 7.25 41.14
N GLY C 180 36.65 7.11 40.33
CA GLY C 180 37.66 6.10 40.54
C GLY C 180 37.35 4.73 40.01
N VAL C 181 36.20 4.55 39.35
CA VAL C 181 35.80 3.26 38.79
C VAL C 181 35.91 3.27 37.27
N VAL C 182 35.20 4.17 36.61
CA VAL C 182 35.26 4.25 35.16
C VAL C 182 36.46 5.09 34.72
N CYS C 183 36.69 6.23 35.38
CA CYS C 183 37.79 7.13 35.06
C CYS C 183 39.02 6.86 35.91
N GLY C 184 39.20 5.62 36.39
CA GLY C 184 40.35 5.27 37.20
C GLY C 184 40.89 3.90 36.89
N ARG C 185 40.56 3.38 35.71
CA ARG C 185 41.00 2.06 35.28
C ARG C 185 41.52 2.14 33.86
N MET C 186 42.26 1.11 33.45
CA MET C 186 42.84 1.03 32.12
C MET C 186 41.95 0.30 31.13
N ALA C 187 40.72 -0.04 31.51
CA ALA C 187 39.80 -0.78 30.64
C ALA C 187 39.18 0.21 29.65
N CYS C 188 39.97 0.59 28.65
CA CYS C 188 39.52 1.49 27.59
C CYS C 188 38.96 2.79 28.18
N SER C 189 39.64 3.31 29.19
CA SER C 189 39.24 4.54 29.84
C SER C 189 40.46 5.16 30.50
N PRO C 190 40.45 6.48 30.72
CA PRO C 190 41.59 7.11 31.39
C PRO C 190 41.71 6.65 32.85
N THR C 191 42.96 6.65 33.33
CA THR C 191 43.28 6.25 34.70
C THR C 191 43.77 7.49 35.44
N HIS C 192 42.83 8.24 36.00
CA HIS C 192 43.14 9.45 36.76
C HIS C 192 44.01 10.40 35.95
N ASP C 193 43.69 10.53 34.66
CA ASP C 193 44.44 11.39 33.75
C ASP C 193 43.88 12.80 33.86
N GLU C 194 44.54 13.65 34.64
CA GLU C 194 44.12 15.03 34.79
C GLU C 194 44.48 15.89 33.60
N HIS C 195 45.41 15.45 32.76
CA HIS C 195 45.85 16.17 31.57
C HIS C 195 45.40 15.46 30.30
N LEU C 196 44.19 14.90 30.31
CA LEU C 196 43.66 14.18 29.16
C LEU C 196 43.23 15.19 28.12
N LEU C 197 44.17 15.57 27.27
CA LEU C 197 43.94 16.55 26.20
C LEU C 197 44.40 15.97 24.88
N HIS C 198 43.83 16.49 23.79
CA HIS C 198 44.15 16.04 22.44
C HIS C 198 45.42 16.76 21.97
N GLY C 199 46.53 16.39 22.60
CA GLY C 199 47.81 17.00 22.27
C GLY C 199 47.85 18.49 22.56
N GLY C 200 47.30 18.90 23.70
CA GLY C 200 47.24 20.30 24.08
C GLY C 200 45.92 20.97 23.74
N GLN C 201 45.14 20.40 22.85
CA GLN C 201 43.85 20.93 22.44
C GLN C 201 42.73 20.29 23.24
N PRO C 202 41.53 20.87 23.21
CA PRO C 202 40.42 20.26 23.94
C PRO C 202 40.13 18.87 23.39
N PRO C 203 39.61 17.97 24.22
CA PRO C 203 39.34 16.60 23.74
C PRO C 203 38.44 16.57 22.51
N GLU C 204 37.46 17.46 22.45
CA GLU C 204 36.56 17.52 21.30
C GLU C 204 37.18 18.40 20.22
N GLY C 205 37.37 17.85 19.03
CA GLY C 205 37.98 18.59 17.94
C GLY C 205 37.08 19.67 17.36
N ASP C 206 35.77 19.53 17.50
CA ASP C 206 34.84 20.51 16.97
C ASP C 206 33.50 20.42 17.70
N PRO C 207 33.02 21.49 18.32
CA PRO C 207 31.69 21.43 18.95
C PRO C 207 30.57 21.10 17.99
N ASP C 208 30.74 21.39 16.70
CA ASP C 208 29.69 21.08 15.73
C ASP C 208 29.47 19.58 15.62
N LEU C 209 30.51 18.78 15.87
CA LEU C 209 30.36 17.33 15.81
C LEU C 209 29.37 16.82 16.86
N ALA C 210 29.40 17.43 18.05
CA ALA C 210 28.44 17.04 19.09
C ALA C 210 27.01 17.32 18.65
N LYS C 211 26.79 18.48 18.01
CA LYS C 211 25.46 18.78 17.50
C LYS C 211 25.05 17.80 16.41
N ILE C 212 25.98 17.42 15.54
CA ILE C 212 25.67 16.45 14.49
C ILE C 212 25.30 15.11 15.08
N LEU C 213 25.95 14.73 16.19
CA LEU C 213 25.63 13.46 16.83
C LEU C 213 24.17 13.42 17.29
N GLU C 214 23.68 14.53 17.87
CA GLU C 214 22.28 14.56 18.28
C GLU C 214 21.35 14.42 17.08
N GLU C 215 21.65 15.13 15.99
CA GLU C 215 20.84 14.99 14.79
C GLU C 215 20.97 13.60 14.19
N VAL C 216 22.20 13.07 14.14
CA VAL C 216 22.40 11.71 13.62
C VAL C 216 21.71 10.71 14.53
N ARG C 217 21.83 10.88 15.85
CA ARG C 217 21.16 9.99 16.77
C ARG C 217 19.65 10.06 16.61
N TYR C 218 19.12 11.28 16.40
CA TYR C 218 17.68 11.42 16.19
C TYR C 218 17.23 10.65 14.95
N ILE C 219 18.01 10.73 13.87
CA ILE C 219 17.68 9.96 12.68
C ILE C 219 17.78 8.47 12.97
N ALA C 220 18.82 8.05 13.67
CA ALA C 220 18.95 6.65 14.05
C ALA C 220 17.87 6.23 15.04
N ASN C 221 17.34 7.18 15.82
CA ASN C 221 16.28 6.87 16.76
C ASN C 221 14.97 6.54 16.07
N ARG C 222 14.82 6.91 14.79
CA ARG C 222 13.60 6.58 14.07
C ARG C 222 13.42 5.07 13.96
N PHE C 223 14.51 4.35 13.66
CA PHE C 223 14.43 2.89 13.63
C PHE C 223 14.11 2.33 15.01
N ARG C 224 14.73 2.88 16.05
CA ARG C 224 14.42 2.45 17.41
C ARG C 224 12.97 2.73 17.76
N CYS C 225 12.46 3.91 17.38
CA CYS C 225 11.06 4.22 17.59
C CYS C 225 10.17 3.27 16.81
N GLN C 226 10.54 2.95 15.57
CA GLN C 226 9.79 1.97 14.80
C GLN C 226 9.92 0.58 15.40
N ASP C 227 11.08 0.25 15.96
CA ASP C 227 11.24 -1.05 16.62
C ASP C 227 10.28 -1.19 17.79
N GLU C 228 10.13 -0.12 18.59
CA GLU C 228 9.15 -0.16 19.67
C GLU C 228 7.74 -0.33 19.14
N SER C 229 7.41 0.37 18.05
CA SER C 229 6.11 0.18 17.42
C SER C 229 5.97 -1.24 16.88
N GLU C 230 7.04 -1.78 16.29
CA GLU C 230 7.01 -3.15 15.80
C GLU C 230 6.83 -4.14 16.95
N ALA C 231 7.40 -3.84 18.12
CA ALA C 231 7.21 -4.71 19.28
C ALA C 231 5.77 -4.71 19.74
N VAL C 232 5.11 -3.56 19.69
CA VAL C 232 3.70 -3.51 20.05
C VAL C 232 2.83 -3.98 18.90
N CYS C 233 3.25 -3.71 17.64
CA CYS C 233 2.50 -4.21 16.50
C CYS C 233 2.52 -5.74 16.45
N SER C 234 3.62 -6.35 16.89
CA SER C 234 3.68 -7.81 16.92
C SER C 234 2.63 -8.38 17.86
N GLU C 235 2.41 -7.72 19.00
CA GLU C 235 1.39 -8.20 19.94
C GLU C 235 0.01 -8.16 19.29
N TRP C 236 -0.29 -7.11 18.52
CA TRP C 236 -1.56 -7.04 17.84
C TRP C 236 -1.72 -8.19 16.84
N LYS C 237 -0.65 -8.49 16.10
CA LYS C 237 -0.72 -9.61 15.16
C LYS C 237 -0.91 -10.93 15.88
N PHE C 238 -0.19 -11.13 17.00
CA PHE C 238 -0.37 -12.35 17.77
C PHE C 238 -1.77 -12.44 18.36
N ALA C 239 -2.30 -11.31 18.83
CA ALA C 239 -3.65 -11.32 19.39
C ALA C 239 -4.68 -11.70 18.33
N ALA C 240 -4.49 -11.20 17.10
CA ALA C 240 -5.42 -11.56 16.03
C ALA C 240 -5.36 -13.05 15.73
N CYS C 241 -4.17 -13.64 15.77
CA CYS C 241 -4.04 -15.08 15.52
C CYS C 241 -4.78 -15.89 16.56
N VAL C 242 -4.90 -15.38 17.78
CA VAL C 242 -5.61 -16.10 18.83
C VAL C 242 -7.07 -16.30 18.44
N VAL C 243 -7.71 -15.23 17.93
CA VAL C 243 -9.10 -15.34 17.51
C VAL C 243 -9.24 -16.33 16.36
N ASP C 244 -8.35 -16.23 15.37
CA ASP C 244 -8.39 -17.16 14.25
C ASP C 244 -8.14 -18.60 14.69
N ARG C 245 -7.15 -18.80 15.56
CA ARG C 245 -6.85 -20.15 16.02
C ARG C 245 -7.92 -20.67 16.97
N LEU C 246 -8.46 -19.80 17.82
CA LEU C 246 -9.51 -20.22 18.74
C LEU C 246 -10.74 -20.69 17.99
N CYS C 247 -11.13 -19.96 16.94
CA CYS C 247 -12.30 -20.38 16.16
C CYS C 247 -11.99 -21.59 15.29
N LEU C 248 -10.76 -21.69 14.77
CA LEU C 248 -10.40 -22.82 13.94
C LEU C 248 -10.47 -24.13 14.73
N MET C 249 -9.96 -24.13 15.96
CA MET C 249 -10.01 -25.34 16.78
C MET C 249 -11.42 -25.61 17.29
N ALA C 250 -12.19 -24.56 17.57
CA ALA C 250 -13.56 -24.75 18.04
C ALA C 250 -14.48 -25.19 16.92
N PHE C 251 -14.33 -24.60 15.73
CA PHE C 251 -15.16 -24.97 14.60
C PHE C 251 -14.79 -26.32 13.99
N SER C 252 -13.55 -26.77 14.20
CA SER C 252 -13.15 -28.07 13.67
C SER C 252 -13.96 -29.19 14.31
N VAL C 253 -14.17 -29.11 15.63
CA VAL C 253 -14.98 -30.12 16.31
C VAL C 253 -16.43 -30.06 15.83
N PHE C 254 -16.96 -28.85 15.67
CA PHE C 254 -18.34 -28.71 15.20
C PHE C 254 -18.50 -29.28 13.79
N THR C 255 -17.51 -29.06 12.93
CA THR C 255 -17.58 -29.60 11.58
C THR C 255 -17.63 -31.13 11.60
N ILE C 256 -16.83 -31.74 12.46
CA ILE C 256 -16.86 -33.20 12.60
C ILE C 256 -18.23 -33.64 13.12
N ILE C 257 -18.77 -32.91 14.10
CA ILE C 257 -20.08 -33.25 14.64
C ILE C 257 -21.15 -33.14 13.56
N CYS C 258 -21.08 -32.10 12.74
CA CYS C 258 -22.05 -31.95 11.66
C CYS C 258 -21.97 -33.11 10.68
N THR C 259 -20.76 -33.53 10.34
CA THR C 259 -20.60 -34.68 9.45
C THR C 259 -21.18 -35.94 10.08
N ILE C 260 -20.94 -36.14 11.38
CA ILE C 260 -21.50 -37.31 12.07
C ILE C 260 -23.01 -37.27 12.05
N GLY C 261 -23.60 -36.10 12.30
CA GLY C 261 -25.05 -35.99 12.29
C GLY C 261 -25.64 -36.33 10.93
N ILE C 262 -24.94 -35.96 9.86
CA ILE C 262 -25.43 -36.27 8.52
C ILE C 262 -25.52 -37.78 8.32
N LEU C 263 -24.50 -38.51 8.76
CA LEU C 263 -24.51 -39.96 8.63
C LEU C 263 -25.58 -40.62 9.48
N MET C 264 -26.09 -39.92 10.50
CA MET C 264 -27.12 -40.46 11.38
C MET C 264 -28.52 -39.95 11.05
N SER C 265 -28.62 -38.77 10.43
CA SER C 265 -29.91 -38.19 10.08
C SER C 265 -30.30 -38.43 8.63
N ALA C 266 -29.33 -38.64 7.75
CA ALA C 266 -29.65 -38.89 6.34
C ALA C 266 -30.51 -40.14 6.16
N PRO C 267 -30.21 -41.27 6.80
CA PRO C 267 -31.08 -42.46 6.60
C PRO C 267 -32.52 -42.23 7.00
N ASN C 268 -32.78 -41.33 7.94
CA ASN C 268 -34.13 -41.06 8.40
C ASN C 268 -34.83 -40.00 7.57
N PHE C 269 -34.10 -38.98 7.12
CA PHE C 269 -34.65 -37.90 6.33
C PHE C 269 -34.28 -38.01 4.85
N VAL C 270 -32.99 -38.13 4.55
CA VAL C 270 -32.53 -38.22 3.17
C VAL C 270 -32.66 -39.67 2.69
N LEU D 7 -26.92 -27.08 -32.97
CA LEU D 7 -26.47 -27.19 -31.60
C LEU D 7 -26.61 -25.86 -30.88
N TYR D 8 -27.83 -25.56 -30.40
CA TYR D 8 -28.06 -24.31 -29.69
C TYR D 8 -27.44 -24.34 -28.30
N TYR D 9 -27.87 -25.29 -27.47
CA TYR D 9 -27.31 -25.42 -26.12
C TYR D 9 -25.93 -26.03 -26.11
N GLY D 10 -25.55 -26.78 -27.15
CA GLY D 10 -24.23 -27.36 -27.19
C GLY D 10 -23.13 -26.31 -27.23
N LEU D 11 -23.30 -25.31 -28.10
CA LEU D 11 -22.31 -24.24 -28.19
C LEU D 11 -22.42 -23.25 -27.04
N ASN D 12 -23.63 -23.05 -26.50
CA ASN D 12 -23.83 -22.09 -25.42
C ASN D 12 -23.45 -22.65 -24.06
N LEU D 13 -23.22 -23.96 -23.94
CA LEU D 13 -22.85 -24.58 -22.68
C LEU D 13 -21.51 -25.28 -22.70
N LEU D 14 -21.10 -25.83 -23.86
CA LEU D 14 -19.80 -26.47 -23.93
C LEU D 14 -18.66 -25.46 -23.94
N ILE D 15 -18.83 -24.35 -24.67
CA ILE D 15 -17.78 -23.34 -24.76
C ILE D 15 -17.45 -22.76 -23.39
N PRO D 16 -18.41 -22.33 -22.57
CA PRO D 16 -18.07 -21.85 -21.23
C PRO D 16 -17.35 -22.89 -20.38
N CYS D 17 -17.68 -24.17 -20.55
CA CYS D 17 -17.01 -25.22 -19.77
C CYS D 17 -15.52 -25.25 -20.05
N VAL D 18 -15.13 -25.15 -21.31
CA VAL D 18 -13.71 -25.17 -21.67
C VAL D 18 -13.09 -23.77 -21.56
N LEU D 19 -13.87 -22.73 -21.84
CA LEU D 19 -13.34 -21.37 -21.72
C LEU D 19 -12.97 -21.04 -20.28
N ILE D 20 -13.83 -21.43 -19.33
CA ILE D 20 -13.53 -21.18 -17.92
C ILE D 20 -12.36 -22.03 -17.47
N SER D 21 -12.31 -23.29 -17.92
CA SER D 21 -11.22 -24.18 -17.53
C SER D 21 -9.87 -23.63 -18.01
N ALA D 22 -9.82 -23.14 -19.25
CA ALA D 22 -8.58 -22.57 -19.77
C ALA D 22 -8.26 -21.23 -19.14
N LEU D 23 -9.26 -20.53 -18.60
CA LEU D 23 -9.00 -19.26 -17.95
C LEU D 23 -8.29 -19.44 -16.61
N ALA D 24 -8.57 -20.53 -15.91
CA ALA D 24 -7.92 -20.79 -14.62
C ALA D 24 -6.43 -21.05 -14.79
N LEU D 25 -5.98 -21.45 -15.98
CA LEU D 25 -4.55 -21.68 -16.18
C LEU D 25 -3.76 -20.38 -16.05
N LEU D 26 -4.31 -19.27 -16.57
CA LEU D 26 -3.63 -17.99 -16.46
C LEU D 26 -3.55 -17.50 -15.02
N VAL D 27 -4.45 -17.97 -14.15
CA VAL D 27 -4.39 -17.56 -12.74
C VAL D 27 -3.10 -18.03 -12.10
N PHE D 28 -2.68 -19.27 -12.40
CA PHE D 28 -1.42 -19.77 -11.85
C PHE D 28 -0.22 -19.01 -12.41
N LEU D 29 -0.31 -18.55 -13.66
CA LEU D 29 0.77 -17.79 -14.27
C LEU D 29 1.00 -16.45 -13.58
N LEU D 30 0.05 -15.98 -12.76
CA LEU D 30 0.22 -14.71 -12.09
C LEU D 30 1.44 -14.76 -11.17
N PRO D 31 2.30 -13.75 -11.18
CA PRO D 31 3.46 -13.76 -10.29
C PRO D 31 3.03 -13.82 -8.83
N ALA D 32 3.85 -14.50 -8.02
CA ALA D 32 3.55 -14.62 -6.60
C ALA D 32 3.56 -13.27 -5.91
N ASP D 33 4.42 -12.35 -6.36
CA ASP D 33 4.51 -11.03 -5.73
C ASP D 33 3.21 -10.24 -5.88
N SER D 34 2.35 -10.62 -6.82
CA SER D 34 1.08 -9.94 -7.03
C SER D 34 0.15 -10.26 -5.88
N GLY D 35 0.04 -9.35 -4.91
CA GLY D 35 -0.81 -9.57 -3.76
C GLY D 35 -2.29 -9.43 -4.05
N GLU D 36 -2.65 -8.73 -5.13
CA GLU D 36 -4.04 -8.52 -5.50
C GLU D 36 -4.58 -9.62 -6.41
N LYS D 37 -3.89 -10.77 -6.48
CA LYS D 37 -4.34 -11.87 -7.32
C LYS D 37 -5.49 -12.66 -6.71
N ILE D 38 -5.76 -12.48 -5.41
CA ILE D 38 -6.86 -13.20 -4.78
C ILE D 38 -8.21 -12.73 -5.34
N SER D 39 -8.34 -11.44 -5.65
CA SER D 39 -9.60 -10.92 -6.16
C SER D 39 -9.88 -11.40 -7.58
N LEU D 40 -8.86 -11.84 -8.32
CA LEU D 40 -9.08 -12.32 -9.68
C LEU D 40 -9.85 -13.64 -9.69
N GLY D 41 -9.64 -14.48 -8.66
CA GLY D 41 -10.33 -15.75 -8.59
C GLY D 41 -11.78 -15.65 -8.17
N ILE D 42 -12.17 -14.57 -7.51
CA ILE D 42 -13.55 -14.43 -7.05
C ILE D 42 -14.50 -14.35 -8.23
N THR D 43 -14.17 -13.51 -9.23
CA THR D 43 -15.04 -13.38 -10.40
C THR D 43 -15.05 -14.68 -11.21
N VAL D 44 -13.91 -15.35 -11.32
CA VAL D 44 -13.86 -16.60 -12.07
C VAL D 44 -14.75 -17.65 -11.41
N LEU D 45 -14.66 -17.76 -10.08
CA LEU D 45 -15.51 -18.70 -9.36
C LEU D 45 -16.98 -18.34 -9.49
N LEU D 46 -17.30 -17.05 -9.40
CA LEU D 46 -18.69 -16.62 -9.51
C LEU D 46 -19.19 -16.72 -10.95
N SER D 47 -18.29 -16.61 -11.93
CA SER D 47 -18.72 -16.71 -13.32
C SER D 47 -19.29 -18.08 -13.63
N LEU D 48 -18.68 -19.14 -13.09
CA LEU D 48 -19.18 -20.49 -13.36
C LEU D 48 -20.54 -20.72 -12.73
N THR D 49 -20.78 -20.15 -11.55
CA THR D 49 -22.06 -20.32 -10.88
C THR D 49 -23.20 -19.71 -11.69
N VAL D 50 -22.95 -18.56 -12.32
CA VAL D 50 -23.99 -17.91 -13.11
C VAL D 50 -24.43 -18.81 -14.26
N PHE D 51 -23.46 -19.41 -14.96
CA PHE D 51 -23.79 -20.31 -16.05
C PHE D 51 -24.30 -21.66 -15.55
N MET D 52 -23.93 -22.06 -14.34
CA MET D 52 -24.41 -23.33 -13.80
C MET D 52 -25.91 -23.30 -13.57
N LEU D 53 -26.45 -22.15 -13.14
CA LEU D 53 -27.88 -22.06 -12.89
C LEU D 53 -28.68 -22.29 -14.15
N LEU D 54 -28.19 -21.78 -15.30
CA LEU D 54 -28.91 -21.96 -16.56
C LEU D 54 -29.05 -23.43 -16.92
N VAL D 55 -27.99 -24.21 -16.73
CA VAL D 55 -28.05 -25.63 -17.08
C VAL D 55 -28.79 -26.45 -16.03
N ALA D 56 -28.95 -25.93 -14.81
CA ALA D 56 -29.66 -26.68 -13.79
C ALA D 56 -31.11 -26.93 -14.19
N GLU D 57 -31.78 -25.93 -14.75
CA GLU D 57 -33.15 -26.11 -15.20
C GLU D 57 -33.22 -27.07 -16.37
N ILE D 58 -32.25 -27.00 -17.28
CA ILE D 58 -32.26 -27.90 -18.45
C ILE D 58 -32.05 -29.34 -18.00
N MET D 59 -31.19 -29.55 -17.00
CA MET D 59 -30.92 -30.90 -16.54
C MET D 59 -32.20 -31.53 -15.98
N PRO D 60 -32.58 -32.73 -16.44
CA PRO D 60 -33.79 -33.36 -15.90
C PRO D 60 -33.68 -33.58 -14.39
N SER D 61 -34.81 -33.40 -13.69
CA SER D 61 -34.87 -33.58 -12.25
C SER D 61 -35.06 -35.07 -11.95
N THR D 62 -33.95 -35.80 -12.01
CA THR D 62 -33.97 -37.23 -11.74
C THR D 62 -33.88 -37.48 -10.24
N SER D 63 -33.84 -38.76 -9.87
CA SER D 63 -33.74 -39.15 -8.47
C SER D 63 -32.75 -40.28 -8.21
N ASP D 64 -32.13 -40.83 -9.24
CA ASP D 64 -31.17 -41.92 -9.08
C ASP D 64 -29.76 -41.50 -9.47
N SER D 65 -29.57 -40.99 -10.69
CA SER D 65 -28.27 -40.55 -11.16
C SER D 65 -28.41 -39.23 -11.89
N SER D 66 -27.46 -38.33 -11.68
CA SER D 66 -27.46 -37.04 -12.34
C SER D 66 -27.01 -37.18 -13.79
N PRO D 67 -27.35 -36.21 -14.64
CA PRO D 67 -26.92 -36.27 -16.04
C PRO D 67 -25.40 -36.23 -16.15
N SER D 68 -24.91 -36.63 -17.33
CA SER D 68 -23.48 -36.64 -17.57
C SER D 68 -22.88 -35.23 -17.57
N ILE D 69 -23.70 -34.21 -17.77
CA ILE D 69 -23.20 -32.85 -17.77
C ILE D 69 -22.72 -32.43 -16.38
N ALA D 70 -23.24 -33.07 -15.33
CA ALA D 70 -22.80 -32.72 -13.98
C ALA D 70 -21.33 -33.03 -13.77
N GLN D 71 -20.85 -34.14 -14.32
CA GLN D 71 -19.44 -34.51 -14.16
C GLN D 71 -18.54 -33.46 -14.80
N TYR D 72 -18.91 -32.96 -15.98
CA TYR D 72 -18.09 -31.94 -16.64
C TYR D 72 -18.03 -30.67 -15.80
N PHE D 73 -19.17 -30.24 -15.24
CA PHE D 73 -19.17 -29.07 -14.39
C PHE D 73 -18.54 -29.36 -13.04
N ALA D 74 -18.73 -30.57 -12.51
CA ALA D 74 -18.10 -30.92 -11.24
C ALA D 74 -16.58 -30.93 -11.37
N SER D 75 -16.07 -31.50 -12.45
CA SER D 75 -14.62 -31.48 -12.68
C SER D 75 -14.13 -30.06 -12.91
N THR D 76 -14.90 -29.25 -13.63
CA THR D 76 -14.50 -27.86 -13.87
C THR D 76 -14.44 -27.08 -12.57
N MET D 77 -15.38 -27.32 -11.65
CA MET D 77 -15.38 -26.60 -10.38
C MET D 77 -14.10 -26.86 -9.60
N ILE D 78 -13.52 -28.06 -9.74
CA ILE D 78 -12.27 -28.37 -9.04
C ILE D 78 -11.16 -27.46 -9.55
N ILE D 79 -11.08 -27.27 -10.86
CA ILE D 79 -10.00 -26.45 -11.43
C ILE D 79 -10.13 -25.01 -10.93
N VAL D 80 -11.35 -24.46 -10.97
CA VAL D 80 -11.54 -23.10 -10.50
C VAL D 80 -11.63 -23.04 -8.98
N GLY D 81 -12.19 -24.07 -8.35
CA GLY D 81 -12.27 -24.09 -6.91
C GLY D 81 -10.89 -24.10 -6.25
N LEU D 82 -9.98 -24.90 -6.79
CA LEU D 82 -8.61 -24.93 -6.26
C LEU D 82 -7.82 -23.69 -6.66
N SER D 83 -8.23 -22.99 -7.73
CA SER D 83 -7.52 -21.78 -8.14
C SER D 83 -7.58 -20.73 -7.05
N VAL D 84 -8.75 -20.54 -6.43
CA VAL D 84 -8.87 -19.58 -5.33
C VAL D 84 -7.99 -20.01 -4.17
N VAL D 85 -8.01 -21.31 -3.83
CA VAL D 85 -7.16 -21.80 -2.75
C VAL D 85 -5.69 -21.62 -3.11
N VAL D 86 -5.32 -21.94 -4.35
CA VAL D 86 -3.93 -21.80 -4.76
C VAL D 86 -3.48 -20.35 -4.66
N THR D 87 -4.31 -19.43 -5.14
CA THR D 87 -4.00 -18.01 -5.01
C THR D 87 -3.95 -17.58 -3.55
N VAL D 88 -4.87 -18.11 -2.74
CA VAL D 88 -4.87 -17.79 -1.31
C VAL D 88 -3.59 -18.29 -0.65
N ILE D 89 -3.14 -19.49 -1.03
CA ILE D 89 -1.92 -20.04 -0.44
C ILE D 89 -0.73 -19.14 -0.73
N VAL D 90 -0.73 -18.47 -1.88
CA VAL D 90 0.38 -17.58 -2.22
C VAL D 90 0.50 -16.46 -1.19
N LEU D 91 -0.63 -15.87 -0.80
CA LEU D 91 -0.60 -14.79 0.17
C LEU D 91 -0.12 -15.28 1.53
N GLN D 92 -0.41 -16.54 1.89
CA GLN D 92 -0.01 -17.04 3.19
C GLN D 92 1.50 -17.03 3.35
N TYR D 93 2.24 -17.46 2.32
CA TYR D 93 3.69 -17.51 2.41
C TYR D 93 4.28 -16.11 2.58
N HIS D 94 3.75 -15.13 1.85
CA HIS D 94 4.28 -13.78 1.95
C HIS D 94 4.12 -13.22 3.36
N HIS D 95 2.96 -13.44 3.97
CA HIS D 95 2.70 -12.96 5.32
C HIS D 95 2.95 -14.08 6.34
N HIS D 96 4.21 -14.49 6.43
CA HIS D 96 4.59 -15.55 7.35
C HIS D 96 4.41 -15.10 8.79
N ASP D 97 3.85 -15.97 9.61
CA ASP D 97 3.60 -15.72 11.02
C ASP D 97 4.05 -16.92 11.83
N PRO D 98 4.30 -16.73 13.13
CA PRO D 98 4.72 -17.86 13.96
C PRO D 98 3.70 -18.99 13.99
N ASP D 99 2.42 -18.68 13.85
CA ASP D 99 1.36 -19.68 13.88
C ASP D 99 1.01 -20.23 12.50
N GLY D 100 1.73 -19.82 11.47
CA GLY D 100 1.46 -20.30 10.13
C GLY D 100 2.13 -19.43 9.09
N GLY D 101 2.33 -20.00 7.91
CA GLY D 101 3.01 -19.30 6.85
C GLY D 101 3.85 -20.21 5.97
N LYS D 102 5.14 -19.89 5.86
CA LYS D 102 6.05 -20.65 5.01
C LYS D 102 6.03 -22.13 5.40
N MET D 103 6.51 -22.96 4.48
CA MET D 103 6.57 -24.39 4.70
C MET D 103 7.63 -24.71 5.77
N PRO D 104 7.51 -25.86 6.43
CA PRO D 104 8.49 -26.21 7.46
C PRO D 104 9.91 -26.23 6.91
N LYS D 105 10.88 -26.17 7.83
CA LYS D 105 12.28 -26.13 7.43
C LYS D 105 12.69 -27.39 6.67
N TRP D 106 12.06 -28.53 6.97
CA TRP D 106 12.43 -29.78 6.30
C TRP D 106 12.19 -29.67 4.80
N THR D 107 11.06 -29.11 4.40
CA THR D 107 10.76 -28.92 2.98
C THR D 107 11.35 -27.64 2.40
N ARG D 108 11.93 -26.77 3.24
CA ARG D 108 12.52 -25.54 2.73
C ARG D 108 13.70 -25.83 1.81
N VAL D 109 14.51 -26.84 2.15
CA VAL D 109 15.66 -27.18 1.32
C VAL D 109 15.20 -27.63 -0.06
N ILE D 110 14.14 -28.42 -0.11
CA ILE D 110 13.62 -28.89 -1.40
C ILE D 110 13.15 -27.71 -2.23
N LEU D 111 12.46 -26.76 -1.61
CA LEU D 111 11.99 -25.59 -2.35
C LEU D 111 13.14 -24.77 -2.90
N LEU D 112 14.21 -24.61 -2.12
CA LEU D 112 15.37 -23.86 -2.60
C LEU D 112 16.00 -24.53 -3.81
N ASN D 113 16.11 -25.86 -3.77
CA ASN D 113 16.69 -26.57 -4.92
C ASN D 113 15.84 -26.42 -6.17
N TRP D 114 14.53 -26.21 -6.00
CA TRP D 114 13.66 -26.04 -7.16
C TRP D 114 14.00 -24.79 -7.95
N CYS D 115 14.50 -23.75 -7.26
CA CYS D 115 14.85 -22.52 -7.96
C CYS D 115 15.95 -22.76 -8.98
N ALA D 116 16.97 -23.54 -8.62
CA ALA D 116 18.03 -23.86 -9.56
C ALA D 116 17.56 -24.88 -10.59
N TRP D 117 16.60 -25.74 -10.23
CA TRP D 117 16.10 -26.73 -11.17
C TRP D 117 15.27 -26.09 -12.28
N PHE D 118 14.60 -24.98 -11.98
CA PHE D 118 13.79 -24.33 -12.99
C PHE D 118 14.64 -23.86 -14.17
N LEU D 119 15.79 -23.26 -13.89
CA LEU D 119 16.67 -22.82 -14.96
C LEU D 119 17.37 -24.00 -15.62
N ARG D 120 17.84 -24.96 -14.82
CA ARG D 120 18.53 -26.16 -15.31
C ARG D 120 17.93 -27.36 -14.59
N MET D 121 16.95 -28.00 -15.21
CA MET D 121 16.31 -29.16 -14.60
C MET D 121 17.28 -30.32 -14.49
N LYS D 122 17.15 -31.07 -13.39
CA LYS D 122 18.02 -32.23 -13.18
C LYS D 122 17.78 -33.33 -14.20
N ARG D 123 16.66 -33.29 -14.92
CA ARG D 123 16.35 -34.30 -15.90
C ARG D 123 17.22 -34.11 -17.15
N PRO D 124 17.32 -35.14 -17.99
CA PRO D 124 18.14 -35.00 -19.21
C PRO D 124 17.65 -33.94 -20.17
N GLY D 125 16.41 -33.46 -20.02
CA GLY D 125 15.91 -32.45 -20.93
C GLY D 125 16.72 -31.18 -20.91
N GLU D 126 17.23 -30.81 -19.73
CA GLU D 126 18.04 -29.61 -19.57
C GLU D 126 19.49 -29.90 -19.23
N ASP D 127 19.78 -31.03 -18.57
CA ASP D 127 21.14 -31.37 -18.21
C ASP D 127 21.93 -31.98 -19.36
N LYS D 128 21.26 -32.40 -20.43
CA LYS D 128 21.93 -33.02 -21.57
C LYS D 128 22.35 -32.00 -22.61
N VAL D 129 21.54 -30.97 -22.82
CA VAL D 129 21.86 -29.93 -23.83
C VAL D 129 22.71 -28.89 -23.12
N ARG D 130 24.01 -29.16 -23.07
CA ARG D 130 24.97 -28.27 -22.44
C ARG D 130 26.37 -28.82 -22.69
N PRO D 131 27.41 -28.02 -22.48
CA PRO D 131 28.78 -28.52 -22.67
C PRO D 131 29.12 -29.66 -21.72
N ALA D 132 29.31 -30.86 -22.27
CA ALA D 132 29.64 -32.03 -21.48
C ALA D 132 30.70 -32.85 -22.20
N CYS D 133 31.66 -33.36 -21.44
CA CYS D 133 32.75 -34.15 -21.99
C CYS D 133 33.48 -34.83 -20.83
N GLN D 134 34.55 -35.55 -21.15
CA GLN D 134 35.36 -36.23 -20.15
C GLN D 134 36.43 -35.34 -19.55
N HIS D 135 36.50 -34.07 -19.96
CA HIS D 135 37.50 -33.14 -19.45
C HIS D 135 37.07 -32.64 -18.08
N LYS D 136 37.75 -31.60 -17.58
CA LYS D 136 37.48 -31.09 -16.25
C LYS D 136 36.08 -30.52 -16.09
N GLN D 137 35.37 -30.27 -17.20
CA GLN D 137 34.02 -29.74 -17.11
C GLN D 137 33.10 -30.65 -16.30
N ARG D 138 33.38 -31.95 -16.30
CA ARG D 138 32.57 -32.94 -15.59
C ARG D 138 33.44 -33.81 -14.70
N ARG D 139 34.40 -33.21 -14.02
CA ARG D 139 35.29 -33.91 -13.11
C ARG D 139 34.95 -33.55 -11.67
N CYS D 140 35.51 -34.33 -10.74
CA CYS D 140 35.30 -34.14 -9.31
C CYS D 140 36.59 -33.64 -8.68
N SER D 141 36.46 -32.66 -7.79
CA SER D 141 37.59 -32.07 -7.11
C SER D 141 37.13 -31.55 -5.75
N LEU D 142 38.00 -30.82 -5.06
CA LEU D 142 37.66 -30.28 -3.75
C LEU D 142 36.59 -29.21 -3.85
N ALA D 143 36.63 -28.40 -4.91
CA ALA D 143 35.64 -27.33 -5.06
C ALA D 143 34.24 -27.89 -5.20
N SER D 144 34.08 -28.96 -6.01
CA SER D 144 32.75 -29.54 -6.19
C SER D 144 32.30 -30.30 -4.95
N VAL D 145 33.19 -31.07 -4.35
CA VAL D 145 32.89 -31.86 -3.16
C VAL D 145 33.28 -31.01 -1.95
N GLU D 146 32.28 -30.38 -1.34
CA GLU D 146 32.48 -29.52 -0.17
C GLU D 146 31.77 -30.10 1.05
N MET D 147 31.81 -31.42 1.19
CA MET D 147 31.17 -32.07 2.34
C MET D 147 31.92 -31.80 3.64
N SER D 148 33.18 -31.38 3.56
CA SER D 148 34.01 -31.09 4.73
C SER D 148 34.17 -29.59 4.95
N ALA D 149 33.13 -28.81 4.66
CA ALA D 149 33.16 -27.36 4.83
C ALA D 149 34.29 -26.74 4.01
N VAL D 150 34.31 -27.06 2.72
CA VAL D 150 35.31 -26.55 1.80
C VAL D 150 34.79 -25.26 1.18
N ALA D 151 35.71 -24.36 0.87
CA ALA D 151 35.32 -23.07 0.29
C ALA D 151 34.71 -23.29 -1.09
N PRO D 152 33.52 -22.77 -1.36
CA PRO D 152 32.92 -22.95 -2.69
C PRO D 152 33.56 -22.02 -3.71
N PRO D 153 33.18 -22.14 -4.99
CA PRO D 153 33.76 -21.25 -5.99
C PRO D 153 33.39 -19.81 -5.69
N PRO D 154 34.25 -18.86 -6.08
CA PRO D 154 33.95 -17.45 -5.79
C PRO D 154 32.84 -16.89 -6.65
N ALA D 155 31.59 -17.16 -6.27
CA ALA D 155 30.42 -16.70 -7.00
C ALA D 155 29.70 -15.64 -6.19
N SER D 156 28.98 -14.77 -6.90
CA SER D 156 28.25 -13.67 -6.27
C SER D 156 26.82 -14.06 -5.91
N ASN D 157 26.44 -15.32 -6.10
CA ASN D 157 25.10 -15.79 -5.77
C ASN D 157 25.01 -16.35 -4.35
N GLY D 158 25.90 -15.94 -3.46
CA GLY D 158 25.91 -16.41 -2.09
C GLY D 158 27.08 -17.31 -1.71
N ASN D 159 28.17 -17.30 -2.48
CA ASN D 159 29.33 -18.12 -2.20
C ASN D 159 30.57 -17.32 -1.82
N LEU D 160 30.60 -16.03 -2.09
CA LEU D 160 31.73 -15.17 -1.75
C LEU D 160 31.34 -13.98 -0.89
N LEU D 161 30.20 -13.35 -1.17
CA LEU D 161 29.79 -12.19 -0.37
C LEU D 161 29.40 -12.61 1.04
N TYR D 162 28.59 -13.66 1.16
CA TYR D 162 28.14 -14.10 2.48
C TYR D 162 29.25 -14.86 3.21
N ILE D 163 30.06 -15.63 2.47
CA ILE D 163 31.14 -16.36 3.10
C ILE D 163 32.37 -15.49 3.34
N GLY D 164 32.53 -14.42 2.56
CA GLY D 164 33.65 -13.51 2.74
C GLY D 164 33.47 -12.52 3.87
N PHE D 165 32.25 -12.35 4.37
CA PHE D 165 31.95 -11.45 5.48
C PHE D 165 31.56 -12.19 6.75
N ARG D 166 30.77 -13.26 6.65
CA ARG D 166 30.34 -14.04 7.80
C ARG D 166 31.06 -15.38 7.91
N GLY D 167 31.34 -16.04 6.79
CA GLY D 167 31.99 -17.35 6.84
C GLY D 167 33.42 -17.29 7.34
N LEU D 168 34.07 -16.14 7.18
CA LEU D 168 35.46 -15.97 7.62
C LEU D 168 35.46 -15.57 9.10
N ASP D 169 35.08 -16.52 9.94
CA ASP D 169 35.02 -16.33 11.39
C ASP D 169 36.41 -16.62 11.96
N GLY D 170 37.23 -15.57 12.05
CA GLY D 170 38.58 -15.71 12.57
C GLY D 170 39.60 -14.93 11.75
N VAL D 171 39.16 -14.36 10.63
CA VAL D 171 40.02 -13.58 9.75
C VAL D 171 39.47 -12.17 9.54
N HIS D 172 38.20 -12.07 9.13
CA HIS D 172 37.58 -10.77 8.89
C HIS D 172 36.87 -10.25 10.15
N CYS D 173 35.93 -11.02 10.67
CA CYS D 173 35.22 -10.59 11.88
C CYS D 173 36.16 -10.47 13.07
N VAL D 174 37.07 -11.43 13.22
CA VAL D 174 38.03 -11.43 14.32
C VAL D 174 39.43 -11.48 13.73
N PRO D 175 40.08 -10.33 13.46
CA PRO D 175 41.43 -10.36 12.89
C PRO D 175 42.47 -10.88 13.88
N THR D 176 42.42 -12.19 14.14
CA THR D 176 43.38 -12.79 15.07
C THR D 176 44.82 -12.61 14.59
N PRO D 177 45.17 -12.91 13.33
CA PRO D 177 46.58 -12.75 12.91
C PRO D 177 46.96 -11.29 12.65
N ASP D 178 47.24 -10.58 13.75
CA ASP D 178 47.64 -9.18 13.69
C ASP D 178 49.02 -8.92 14.27
N SER D 179 49.61 -9.88 14.97
CA SER D 179 50.93 -9.71 15.56
C SER D 179 51.99 -9.94 14.48
N GLY D 180 52.43 -8.84 13.86
CA GLY D 180 53.43 -8.90 12.83
C GLY D 180 52.92 -9.23 11.43
N VAL D 181 51.61 -9.39 11.27
CA VAL D 181 51.00 -9.71 9.97
C VAL D 181 50.27 -8.50 9.40
N VAL D 182 49.28 -7.98 10.12
CA VAL D 182 48.55 -6.81 9.65
C VAL D 182 49.27 -5.53 10.04
N CYS D 183 49.77 -5.45 11.28
CA CYS D 183 50.50 -4.28 11.77
C CYS D 183 52.00 -4.42 11.60
N GLY D 184 52.45 -5.19 10.61
CA GLY D 184 53.87 -5.38 10.36
C GLY D 184 54.20 -5.41 8.89
N ARG D 185 53.28 -4.92 8.05
CA ARG D 185 53.46 -4.91 6.61
C ARG D 185 53.11 -3.53 6.07
N MET D 186 53.60 -3.24 4.87
CA MET D 186 53.38 -1.96 4.22
C MET D 186 52.15 -1.97 3.31
N ALA D 187 51.37 -3.03 3.32
CA ALA D 187 50.18 -3.15 2.46
C ALA D 187 49.05 -2.37 3.11
N CYS D 188 49.10 -1.05 2.96
CA CYS D 188 48.06 -0.15 3.48
C CYS D 188 47.88 -0.34 4.99
N SER D 189 48.99 -0.53 5.70
CA SER D 189 48.96 -0.70 7.14
C SER D 189 50.33 -0.31 7.70
N PRO D 190 50.40 0.06 8.97
CA PRO D 190 51.70 0.40 9.56
C PRO D 190 52.61 -0.82 9.64
N THR D 191 53.90 -0.57 9.56
CA THR D 191 54.94 -1.60 9.63
C THR D 191 55.71 -1.40 10.93
N HIS D 192 55.20 -2.00 12.02
CA HIS D 192 55.83 -1.92 13.33
C HIS D 192 56.09 -0.47 13.73
N ASP D 193 55.11 0.40 13.44
CA ASP D 193 55.21 1.81 13.75
C ASP D 193 54.75 2.04 15.18
N GLU D 194 55.72 2.13 16.10
CA GLU D 194 55.40 2.37 17.50
C GLU D 194 55.02 3.81 17.78
N HIS D 195 55.35 4.74 16.88
CA HIS D 195 55.06 6.16 17.03
C HIS D 195 54.01 6.60 16.01
N LEU D 196 53.02 5.75 15.75
CA LEU D 196 51.96 6.05 14.79
C LEU D 196 51.01 7.05 15.43
N LEU D 197 51.32 8.34 15.27
CA LEU D 197 50.53 9.42 15.82
C LEU D 197 50.20 10.43 14.72
N HIS D 198 49.12 11.17 14.93
CA HIS D 198 48.66 12.17 13.97
C HIS D 198 49.44 13.47 14.20
N GLY D 199 50.73 13.43 13.87
CA GLY D 199 51.59 14.58 14.06
C GLY D 199 51.72 14.99 15.51
N GLY D 200 51.87 14.02 16.41
CA GLY D 200 51.98 14.27 17.83
C GLY D 200 50.67 14.15 18.58
N GLN D 201 49.56 14.15 17.89
CA GLN D 201 48.24 14.03 18.48
C GLN D 201 47.75 12.59 18.40
N PRO D 202 46.71 12.24 19.16
CA PRO D 202 46.19 10.88 19.08
C PRO D 202 45.70 10.57 17.68
N PRO D 203 45.75 9.30 17.27
CA PRO D 203 45.30 8.98 15.90
C PRO D 203 43.88 9.44 15.60
N GLU D 204 42.99 9.35 16.58
CA GLU D 204 41.61 9.79 16.41
C GLU D 204 41.52 11.28 16.70
N GLY D 205 41.04 12.05 15.71
CA GLY D 205 40.93 13.49 15.87
C GLY D 205 39.83 13.92 16.82
N ASP D 206 38.81 13.08 17.00
CA ASP D 206 37.70 13.42 17.89
C ASP D 206 36.99 12.15 18.33
N PRO D 207 36.89 11.88 19.65
CA PRO D 207 36.13 10.71 20.08
C PRO D 207 34.67 10.72 19.64
N ASP D 208 34.09 11.90 19.42
CA ASP D 208 32.70 11.97 18.97
C ASP D 208 32.51 11.32 17.61
N LEU D 209 33.55 11.32 16.77
CA LEU D 209 33.44 10.70 15.46
C LEU D 209 33.20 9.19 15.58
N ALA D 210 33.85 8.55 16.57
CA ALA D 210 33.63 7.13 16.78
C ALA D 210 32.18 6.85 17.16
N LYS D 211 31.60 7.69 18.02
CA LYS D 211 30.20 7.53 18.37
C LYS D 211 29.29 7.73 17.16
N ILE D 212 29.62 8.70 16.31
CA ILE D 212 28.82 8.94 15.12
C ILE D 212 28.88 7.75 14.18
N LEU D 213 30.04 7.08 14.12
CA LEU D 213 30.17 5.90 13.26
C LEU D 213 29.20 4.81 13.67
N GLU D 214 29.06 4.59 14.99
CA GLU D 214 28.12 3.58 15.46
C GLU D 214 26.69 3.95 15.09
N GLU D 215 26.32 5.22 15.26
CA GLU D 215 24.99 5.66 14.85
C GLU D 215 24.82 5.60 13.34
N VAL D 216 25.84 6.03 12.60
CA VAL D 216 25.77 5.95 11.14
C VAL D 216 25.73 4.50 10.69
N ARG D 217 26.55 3.64 11.32
CA ARG D 217 26.52 2.22 10.98
C ARG D 217 25.16 1.61 11.29
N TYR D 218 24.55 2.01 12.42
CA TYR D 218 23.23 1.50 12.76
C TYR D 218 22.21 1.88 11.70
N ILE D 219 22.27 3.13 11.23
CA ILE D 219 21.37 3.55 10.15
C ILE D 219 21.66 2.76 8.88
N ALA D 220 22.93 2.58 8.56
CA ALA D 220 23.29 1.79 7.39
C ALA D 220 22.95 0.32 7.59
N ASN D 221 22.89 -0.15 8.84
CA ASN D 221 22.53 -1.53 9.11
C ASN D 221 21.06 -1.81 8.82
N ARG D 222 20.23 -0.77 8.72
CA ARG D 222 18.82 -0.97 8.40
C ARG D 222 18.67 -1.61 7.03
N PHE D 223 19.43 -1.13 6.04
CA PHE D 223 19.40 -1.74 4.72
C PHE D 223 19.89 -3.18 4.78
N ARG D 224 20.97 -3.42 5.53
CA ARG D 224 21.46 -4.79 5.68
C ARG D 224 20.42 -5.67 6.36
N CYS D 225 19.76 -5.16 7.39
CA CYS D 225 18.70 -5.92 8.04
C CYS D 225 17.55 -6.17 7.07
N GLN D 226 17.20 -5.17 6.26
CA GLN D 226 16.17 -5.37 5.24
C GLN D 226 16.64 -6.34 4.15
N ASP D 227 17.94 -6.31 3.82
CA ASP D 227 18.45 -7.25 2.84
C ASP D 227 18.31 -8.69 3.31
N GLU D 228 18.58 -8.93 4.60
CA GLU D 228 18.36 -10.27 5.15
C GLU D 228 16.90 -10.66 5.08
N SER D 229 16.00 -9.72 5.43
CA SER D 229 14.57 -9.99 5.30
C SER D 229 14.19 -10.20 3.84
N GLU D 230 14.78 -9.42 2.93
CA GLU D 230 14.50 -9.60 1.51
C GLU D 230 14.96 -10.98 1.04
N ALA D 231 16.13 -11.43 1.51
CA ALA D 231 16.60 -12.76 1.14
C ALA D 231 15.64 -13.83 1.65
N VAL D 232 15.16 -13.68 2.89
CA VAL D 232 14.17 -14.61 3.42
C VAL D 232 12.83 -14.42 2.71
N CYS D 233 12.46 -13.18 2.41
CA CYS D 233 11.22 -12.92 1.68
C CYS D 233 11.28 -13.50 0.28
N SER D 234 12.48 -13.54 -0.33
CA SER D 234 12.61 -14.14 -1.65
C SER D 234 12.25 -15.61 -1.62
N GLU D 235 12.65 -16.32 -0.57
CA GLU D 235 12.31 -17.74 -0.46
C GLU D 235 10.80 -17.93 -0.40
N TRP D 236 10.10 -17.06 0.33
CA TRP D 236 8.64 -17.16 0.40
C TRP D 236 8.03 -16.97 -0.98
N LYS D 237 8.52 -15.98 -1.73
CA LYS D 237 8.00 -15.76 -3.08
C LYS D 237 8.28 -16.96 -3.98
N PHE D 238 9.50 -17.52 -3.90
CA PHE D 238 9.82 -18.70 -4.69
C PHE D 238 8.96 -19.89 -4.28
N ALA D 239 8.75 -20.05 -2.98
CA ALA D 239 7.92 -21.16 -2.51
C ALA D 239 6.49 -21.04 -3.03
N ALA D 240 5.95 -19.82 -3.06
CA ALA D 240 4.61 -19.62 -3.58
C ALA D 240 4.54 -19.99 -5.06
N CYS D 241 5.58 -19.66 -5.83
CA CYS D 241 5.59 -20.00 -7.24
C CYS D 241 5.55 -21.51 -7.46
N VAL D 242 6.10 -22.28 -6.52
CA VAL D 242 6.10 -23.74 -6.66
C VAL D 242 4.67 -24.25 -6.69
N VAL D 243 3.83 -23.76 -5.78
CA VAL D 243 2.43 -24.19 -5.75
C VAL D 243 1.73 -23.79 -7.04
N ASP D 244 1.93 -22.55 -7.49
CA ASP D 244 1.31 -22.10 -8.72
C ASP D 244 1.80 -22.91 -9.91
N ARG D 245 3.11 -23.15 -10.00
CA ARG D 245 3.66 -23.91 -11.12
C ARG D 245 3.29 -25.38 -11.04
N LEU D 246 3.28 -25.94 -9.82
CA LEU D 246 2.91 -27.34 -9.66
C LEU D 246 1.49 -27.58 -10.12
N CYS D 247 0.56 -26.70 -9.74
CA CYS D 247 -0.83 -26.86 -10.17
C CYS D 247 -1.00 -26.56 -11.66
N LEU D 248 -0.24 -25.59 -12.19
CA LEU D 248 -0.35 -25.27 -13.60
C LEU D 248 0.07 -26.44 -14.48
N MET D 249 1.15 -27.12 -14.12
CA MET D 249 1.60 -28.25 -14.92
C MET D 249 0.71 -29.47 -14.73
N ALA D 250 0.15 -29.65 -13.52
CA ALA D 250 -0.74 -30.78 -13.28
C ALA D 250 -2.11 -30.55 -13.88
N PHE D 251 -2.63 -29.31 -13.79
CA PHE D 251 -3.95 -29.03 -14.34
C PHE D 251 -3.91 -28.95 -15.86
N SER D 252 -2.75 -28.61 -16.44
CA SER D 252 -2.65 -28.56 -17.89
C SER D 252 -2.91 -29.93 -18.51
N VAL D 253 -2.35 -30.99 -17.92
CA VAL D 253 -2.60 -32.33 -18.42
C VAL D 253 -4.07 -32.70 -18.27
N PHE D 254 -4.66 -32.36 -17.12
CA PHE D 254 -6.08 -32.66 -16.91
C PHE D 254 -6.96 -31.93 -17.91
N THR D 255 -6.63 -30.68 -18.22
CA THR D 255 -7.42 -29.94 -19.19
C THR D 255 -7.38 -30.61 -20.55
N ILE D 256 -6.22 -31.10 -20.97
CA ILE D 256 -6.12 -31.83 -22.23
C ILE D 256 -6.96 -33.10 -22.17
N ILE D 257 -6.91 -33.81 -21.04
CA ILE D 257 -7.70 -35.03 -20.89
C ILE D 257 -9.18 -34.71 -20.98
N CYS D 258 -9.62 -33.62 -20.33
CA CYS D 258 -11.02 -33.23 -20.38
C CYS D 258 -11.45 -32.94 -21.82
N THR D 259 -10.60 -32.24 -22.57
CA THR D 259 -10.92 -31.97 -23.98
C THR D 259 -11.02 -33.25 -24.78
N ILE D 260 -10.11 -34.20 -24.53
CA ILE D 260 -10.16 -35.48 -25.24
C ILE D 260 -11.44 -36.22 -24.90
N GLY D 261 -11.83 -36.23 -23.63
CA GLY D 261 -13.06 -36.90 -23.24
C GLY D 261 -14.29 -36.32 -23.92
N ILE D 262 -14.30 -35.00 -24.12
CA ILE D 262 -15.42 -34.36 -24.80
C ILE D 262 -15.55 -34.88 -26.22
N LEU D 263 -14.42 -35.00 -26.94
CA LEU D 263 -14.46 -35.51 -28.30
C LEU D 263 -14.86 -36.97 -28.37
N MET D 264 -14.78 -37.70 -27.26
CA MET D 264 -15.14 -39.11 -27.22
C MET D 264 -16.51 -39.36 -26.59
N SER D 265 -16.98 -38.46 -25.73
CA SER D 265 -18.28 -38.61 -25.08
C SER D 265 -19.39 -37.81 -25.76
N ALA D 266 -19.04 -36.74 -26.47
CA ALA D 266 -20.07 -35.96 -27.15
C ALA D 266 -20.84 -36.77 -28.18
N PRO D 267 -20.20 -37.58 -29.03
CA PRO D 267 -20.98 -38.36 -30.00
C PRO D 267 -21.97 -39.32 -29.37
N ASN D 268 -21.73 -39.76 -28.14
CA ASN D 268 -22.64 -40.69 -27.46
C ASN D 268 -23.71 -39.98 -26.67
N PHE D 269 -23.36 -38.85 -26.03
CA PHE D 269 -24.31 -38.08 -25.23
C PHE D 269 -24.79 -36.82 -25.93
N VAL D 270 -23.87 -35.99 -26.40
CA VAL D 270 -24.23 -34.75 -27.08
C VAL D 270 -24.56 -35.04 -28.54
N LEU E 7 -39.67 0.08 -31.07
CA LEU E 7 -38.83 -1.09 -30.90
C LEU E 7 -38.41 -1.25 -29.45
N TYR E 8 -39.23 -1.95 -28.67
CA TYR E 8 -38.92 -2.18 -27.26
C TYR E 8 -37.61 -2.95 -27.11
N TYR E 9 -37.47 -4.03 -27.87
CA TYR E 9 -36.24 -4.83 -27.83
C TYR E 9 -35.13 -4.26 -28.69
N GLY E 10 -35.45 -3.33 -29.60
CA GLY E 10 -34.43 -2.72 -30.44
C GLY E 10 -33.69 -1.56 -29.80
N LEU E 11 -34.10 -1.15 -28.60
CA LEU E 11 -33.45 -0.05 -27.89
C LEU E 11 -32.95 -0.44 -26.51
N ASN E 12 -33.61 -1.39 -25.84
CA ASN E 12 -33.19 -1.83 -24.52
C ASN E 12 -32.18 -2.96 -24.56
N LEU E 13 -31.88 -3.50 -25.75
CA LEU E 13 -30.92 -4.58 -25.88
C LEU E 13 -29.81 -4.19 -26.86
N LEU E 14 -30.16 -3.43 -27.90
CA LEU E 14 -29.16 -2.99 -28.87
C LEU E 14 -28.29 -1.87 -28.29
N ILE E 15 -28.90 -0.91 -27.60
CA ILE E 15 -28.13 0.22 -27.07
C ILE E 15 -27.10 -0.23 -26.06
N PRO E 16 -27.42 -1.08 -25.08
CA PRO E 16 -26.36 -1.54 -24.16
C PRO E 16 -25.23 -2.26 -24.86
N CYS E 17 -25.49 -2.90 -26.01
CA CYS E 17 -24.45 -3.65 -26.69
C CYS E 17 -23.27 -2.76 -27.08
N VAL E 18 -23.56 -1.57 -27.60
CA VAL E 18 -22.49 -0.66 -27.99
C VAL E 18 -21.90 0.04 -26.76
N LEU E 19 -22.69 0.21 -25.71
CA LEU E 19 -22.17 0.83 -24.49
C LEU E 19 -21.09 -0.02 -23.85
N ILE E 20 -21.32 -1.34 -23.76
CA ILE E 20 -20.34 -2.23 -23.17
C ILE E 20 -19.08 -2.28 -24.03
N SER E 21 -19.25 -2.39 -25.35
CA SER E 21 -18.10 -2.44 -26.24
C SER E 21 -17.28 -1.15 -26.17
N ALA E 22 -17.95 -0.01 -26.14
CA ALA E 22 -17.24 1.26 -26.05
C ALA E 22 -16.64 1.47 -24.66
N LEU E 23 -17.26 0.90 -23.63
CA LEU E 23 -16.73 1.05 -22.28
C LEU E 23 -15.41 0.31 -22.11
N ALA E 24 -15.24 -0.82 -22.80
CA ALA E 24 -14.01 -1.59 -22.69
C ALA E 24 -12.82 -0.85 -23.28
N LEU E 25 -13.05 0.10 -24.18
CA LEU E 25 -11.94 0.86 -24.76
C LEU E 25 -11.24 1.71 -23.70
N LEU E 26 -12.01 2.28 -22.77
CA LEU E 26 -11.42 3.09 -21.71
C LEU E 26 -10.58 2.24 -20.75
N VAL E 27 -10.82 0.93 -20.68
CA VAL E 27 -10.04 0.09 -19.80
C VAL E 27 -8.57 0.07 -20.25
N PHE E 28 -8.33 -0.01 -21.55
CA PHE E 28 -6.96 0.00 -22.05
C PHE E 28 -6.29 1.34 -21.81
N LEU E 29 -7.07 2.44 -21.80
CA LEU E 29 -6.52 3.76 -21.56
C LEU E 29 -5.99 3.91 -20.14
N LEU E 30 -6.33 3.01 -19.22
CA LEU E 30 -5.86 3.12 -17.85
C LEU E 30 -4.34 3.02 -17.83
N PRO E 31 -3.66 3.87 -17.06
CA PRO E 31 -2.20 3.77 -16.99
C PRO E 31 -1.76 2.43 -16.43
N ALA E 32 -0.60 1.96 -16.90
CA ALA E 32 -0.07 0.69 -16.44
C ALA E 32 0.25 0.72 -14.95
N ASP E 33 0.69 1.87 -14.44
CA ASP E 33 1.04 1.98 -13.02
C ASP E 33 -0.16 1.75 -12.11
N SER E 34 -1.38 1.87 -12.64
CA SER E 34 -2.58 1.66 -11.84
C SER E 34 -2.73 0.18 -11.53
N GLY E 35 -2.33 -0.21 -10.32
CA GLY E 35 -2.41 -1.61 -9.92
C GLY E 35 -3.82 -2.06 -9.60
N GLU E 36 -4.73 -1.14 -9.33
CA GLU E 36 -6.11 -1.46 -9.00
C GLU E 36 -7.02 -1.53 -10.22
N LYS E 37 -6.45 -1.51 -11.42
CA LYS E 37 -7.25 -1.58 -12.64
C LYS E 37 -7.84 -2.95 -12.90
N ILE E 38 -7.35 -3.99 -12.22
CA ILE E 38 -7.91 -5.33 -12.41
C ILE E 38 -9.34 -5.40 -11.92
N SER E 39 -9.67 -4.67 -10.85
CA SER E 39 -11.02 -4.70 -10.29
C SER E 39 -12.02 -4.00 -11.20
N LEU E 40 -11.56 -3.11 -12.08
CA LEU E 40 -12.49 -2.42 -12.98
C LEU E 40 -13.09 -3.36 -14.01
N GLY E 41 -12.33 -4.37 -14.45
CA GLY E 41 -12.83 -5.31 -15.43
C GLY E 41 -13.81 -6.32 -14.88
N ILE E 42 -13.80 -6.54 -13.56
CA ILE E 42 -14.71 -7.53 -12.97
C ILE E 42 -16.16 -7.10 -13.15
N THR E 43 -16.45 -5.83 -12.86
CA THR E 43 -17.82 -5.34 -13.01
C THR E 43 -18.21 -5.27 -14.48
N VAL E 44 -17.28 -4.92 -15.36
CA VAL E 44 -17.58 -4.86 -16.79
C VAL E 44 -17.94 -6.24 -17.31
N LEU E 45 -17.15 -7.26 -16.94
CA LEU E 45 -17.45 -8.62 -17.37
C LEU E 45 -18.77 -9.10 -16.79
N LEU E 46 -19.03 -8.79 -15.50
CA LEU E 46 -20.26 -9.23 -14.87
C LEU E 46 -21.47 -8.48 -15.43
N SER E 47 -21.28 -7.23 -15.88
CA SER E 47 -22.39 -6.46 -16.42
C SER E 47 -22.96 -7.12 -17.67
N LEU E 48 -22.09 -7.62 -18.54
CA LEU E 48 -22.56 -8.26 -19.76
C LEU E 48 -23.35 -9.53 -19.45
N THR E 49 -22.90 -10.31 -18.46
CA THR E 49 -23.60 -11.54 -18.11
C THR E 49 -25.00 -11.25 -17.57
N VAL E 50 -25.14 -10.18 -16.78
CA VAL E 50 -26.44 -9.84 -16.22
C VAL E 50 -27.43 -9.53 -17.33
N PHE E 51 -27.00 -8.73 -18.32
CA PHE E 51 -27.86 -8.39 -19.45
C PHE E 51 -28.00 -9.54 -20.44
N MET E 52 -27.07 -10.50 -20.43
CA MET E 52 -27.17 -11.63 -21.34
C MET E 52 -28.30 -12.56 -20.96
N LEU E 53 -28.59 -12.69 -19.65
CA LEU E 53 -29.66 -13.57 -19.22
C LEU E 53 -31.02 -13.12 -19.76
N LEU E 54 -31.24 -11.80 -19.80
CA LEU E 54 -32.52 -11.29 -20.29
C LEU E 54 -32.77 -11.68 -21.73
N VAL E 55 -31.73 -11.60 -22.57
CA VAL E 55 -31.89 -11.94 -23.98
C VAL E 55 -31.89 -13.45 -24.20
N ALA E 56 -31.38 -14.24 -23.25
CA ALA E 56 -31.38 -15.69 -23.41
C ALA E 56 -32.79 -16.23 -23.51
N GLU E 57 -33.70 -15.74 -22.68
CA GLU E 57 -35.09 -16.20 -22.74
C GLU E 57 -35.77 -15.75 -24.02
N ILE E 58 -35.45 -14.54 -24.49
CA ILE E 58 -36.07 -14.03 -25.71
C ILE E 58 -35.61 -14.84 -26.91
N MET E 59 -34.35 -15.26 -26.92
CA MET E 59 -33.83 -16.03 -28.03
C MET E 59 -34.59 -17.37 -28.15
N PRO E 60 -35.11 -17.71 -29.33
CA PRO E 60 -35.80 -19.01 -29.46
C PRO E 60 -34.88 -20.16 -29.12
N SER E 61 -35.46 -21.19 -28.48
CA SER E 61 -34.71 -22.39 -28.10
C SER E 61 -34.66 -23.32 -29.30
N THR E 62 -33.73 -23.02 -30.21
CA THR E 62 -33.56 -23.83 -31.42
C THR E 62 -32.67 -25.03 -31.12
N SER E 63 -32.40 -25.83 -32.16
CA SER E 63 -31.56 -27.01 -32.00
C SER E 63 -30.54 -27.17 -33.12
N ASP E 64 -30.53 -26.30 -34.13
CA ASP E 64 -29.59 -26.39 -35.24
C ASP E 64 -28.62 -25.22 -35.27
N SER E 65 -29.14 -23.98 -35.29
CA SER E 65 -28.31 -22.79 -35.31
C SER E 65 -28.87 -21.77 -34.33
N SER E 66 -27.97 -21.03 -33.70
CA SER E 66 -28.37 -20.00 -32.75
C SER E 66 -28.78 -18.73 -33.50
N PRO E 67 -29.57 -17.87 -32.86
CA PRO E 67 -29.98 -16.62 -33.52
C PRO E 67 -28.77 -15.74 -33.82
N SER E 68 -29.00 -14.77 -34.71
CA SER E 68 -27.93 -13.86 -35.09
C SER E 68 -27.49 -12.98 -33.93
N ILE E 69 -28.33 -12.79 -32.92
CA ILE E 69 -27.95 -11.99 -31.77
C ILE E 69 -26.82 -12.61 -30.98
N ALA E 70 -26.66 -13.94 -31.07
CA ALA E 70 -25.57 -14.60 -30.34
C ALA E 70 -24.21 -14.14 -30.85
N GLN E 71 -24.08 -13.95 -32.17
CA GLN E 71 -22.80 -13.52 -32.72
C GLN E 71 -22.41 -12.14 -32.19
N TYR E 72 -23.36 -11.22 -32.09
CA TYR E 72 -23.05 -9.90 -31.57
C TYR E 72 -22.59 -9.97 -30.13
N PHE E 73 -23.27 -10.77 -29.31
CA PHE E 73 -22.84 -10.92 -27.92
C PHE E 73 -21.53 -11.68 -27.82
N ALA E 74 -21.33 -12.68 -28.67
CA ALA E 74 -20.06 -13.42 -28.65
C ALA E 74 -18.89 -12.52 -29.00
N SER E 75 -19.05 -11.67 -30.01
CA SER E 75 -17.99 -10.73 -30.36
C SER E 75 -17.78 -9.71 -29.25
N THR E 76 -18.86 -9.25 -28.64
CA THR E 76 -18.73 -8.30 -27.54
C THR E 76 -18.03 -8.93 -26.35
N MET E 77 -18.33 -10.21 -26.06
CA MET E 77 -17.69 -10.88 -24.95
C MET E 77 -16.18 -10.99 -25.14
N ILE E 78 -15.73 -11.11 -26.40
CA ILE E 78 -14.30 -11.17 -26.67
C ILE E 78 -13.63 -9.86 -26.27
N ILE E 79 -14.25 -8.73 -26.59
CA ILE E 79 -13.66 -7.44 -26.28
C ILE E 79 -13.53 -7.28 -24.77
N VAL E 80 -14.58 -7.61 -24.02
CA VAL E 80 -14.52 -7.50 -22.57
C VAL E 80 -13.80 -8.68 -21.96
N GLY E 81 -13.89 -9.86 -22.58
CA GLY E 81 -13.18 -11.02 -22.05
C GLY E 81 -11.68 -10.83 -22.08
N LEU E 82 -11.15 -10.28 -23.18
CA LEU E 82 -9.73 -9.99 -23.27
C LEU E 82 -9.33 -8.78 -22.45
N SER E 83 -10.28 -7.90 -22.13
CA SER E 83 -9.96 -6.73 -21.31
C SER E 83 -9.45 -7.14 -19.94
N VAL E 84 -10.10 -8.13 -19.32
CA VAL E 84 -9.64 -8.62 -18.03
C VAL E 84 -8.25 -9.23 -18.16
N VAL E 85 -8.03 -10.02 -19.22
CA VAL E 85 -6.72 -10.62 -19.43
C VAL E 85 -5.68 -9.53 -19.70
N VAL E 86 -6.04 -8.54 -20.53
CA VAL E 86 -5.11 -7.45 -20.83
C VAL E 86 -4.73 -6.71 -19.56
N THR E 87 -5.73 -6.38 -18.73
CA THR E 87 -5.44 -5.72 -17.46
C THR E 87 -4.63 -6.63 -16.54
N VAL E 88 -4.94 -7.93 -16.55
CA VAL E 88 -4.18 -8.87 -15.72
C VAL E 88 -2.72 -8.91 -16.19
N ILE E 89 -2.50 -8.91 -17.50
CA ILE E 89 -1.14 -8.95 -18.03
C ILE E 89 -0.33 -7.76 -17.56
N VAL E 90 -0.99 -6.62 -17.37
CA VAL E 90 -0.29 -5.42 -16.91
C VAL E 90 0.35 -5.67 -15.54
N LEU E 91 -0.40 -6.29 -14.63
CA LEU E 91 0.14 -6.55 -13.30
C LEU E 91 1.28 -7.56 -13.34
N GLN E 92 1.26 -8.49 -14.31
CA GLN E 92 2.31 -9.50 -14.39
C GLN E 92 3.67 -8.86 -14.62
N TYR E 93 3.75 -7.87 -15.52
CA TYR E 93 5.03 -7.24 -15.82
C TYR E 93 5.57 -6.50 -14.61
N HIS E 94 4.70 -5.80 -13.87
CA HIS E 94 5.16 -5.05 -12.71
C HIS E 94 5.77 -5.96 -11.66
N HIS E 95 5.14 -7.09 -11.39
CA HIS E 95 5.64 -8.05 -10.40
C HIS E 95 6.44 -9.14 -11.11
N HIS E 96 7.56 -8.73 -11.69
CA HIS E 96 8.42 -9.66 -12.39
C HIS E 96 9.03 -10.66 -11.42
N ASP E 97 9.04 -11.93 -11.81
CA ASP E 97 9.58 -13.03 -11.03
C ASP E 97 10.45 -13.90 -11.91
N PRO E 98 11.37 -14.68 -11.32
CA PRO E 98 12.20 -15.57 -12.15
C PRO E 98 11.40 -16.59 -12.94
N ASP E 99 10.21 -16.97 -12.46
CA ASP E 99 9.38 -17.95 -13.14
C ASP E 99 8.36 -17.31 -14.07
N GLY E 100 8.40 -16.00 -14.24
CA GLY E 100 7.47 -15.31 -15.12
C GLY E 100 7.43 -13.83 -14.83
N GLY E 101 6.98 -13.08 -15.82
CA GLY E 101 6.94 -11.64 -15.71
C GLY E 101 7.20 -10.93 -17.02
N LYS E 102 8.20 -10.05 -17.03
CA LYS E 102 8.53 -9.27 -18.21
C LYS E 102 8.77 -10.18 -19.41
N MET E 103 8.70 -9.58 -20.60
CA MET E 103 8.93 -10.32 -21.83
C MET E 103 10.40 -10.70 -21.94
N PRO E 104 10.71 -11.74 -22.71
CA PRO E 104 12.10 -12.17 -22.85
C PRO E 104 13.00 -11.04 -23.37
N LYS E 105 14.30 -11.22 -23.17
CA LYS E 105 15.26 -10.19 -23.56
C LYS E 105 15.24 -9.93 -25.07
N TRP E 106 14.92 -10.96 -25.86
CA TRP E 106 14.90 -10.77 -27.31
C TRP E 106 13.88 -9.72 -27.72
N THR E 107 12.69 -9.75 -27.12
CA THR E 107 11.65 -8.77 -27.41
C THR E 107 11.79 -7.50 -26.58
N ARG E 108 12.71 -7.48 -25.60
CA ARG E 108 12.87 -6.29 -24.78
C ARG E 108 13.36 -5.11 -25.61
N VAL E 109 14.27 -5.36 -26.56
CA VAL E 109 14.79 -4.29 -27.39
C VAL E 109 13.66 -3.67 -28.22
N ILE E 110 12.76 -4.50 -28.74
CA ILE E 110 11.64 -3.98 -29.52
C ILE E 110 10.77 -3.09 -28.65
N LEU E 111 10.50 -3.50 -27.42
CA LEU E 111 9.67 -2.69 -26.53
C LEU E 111 10.33 -1.34 -26.25
N LEU E 112 11.64 -1.33 -26.04
CA LEU E 112 12.34 -0.07 -25.78
C LEU E 112 12.24 0.86 -26.98
N ASN E 113 12.39 0.32 -28.19
CA ASN E 113 12.28 1.15 -29.39
C ASN E 113 10.88 1.72 -29.54
N TRP E 114 9.85 0.98 -29.09
CA TRP E 114 8.49 1.47 -29.21
C TRP E 114 8.27 2.72 -28.37
N CYS E 115 9.01 2.86 -27.27
CA CYS E 115 8.86 4.05 -26.43
C CYS E 115 9.22 5.32 -27.19
N ALA E 116 10.32 5.27 -27.96
CA ALA E 116 10.69 6.42 -28.77
C ALA E 116 9.79 6.58 -29.98
N TRP E 117 9.21 5.47 -30.46
CA TRP E 117 8.33 5.55 -31.63
C TRP E 117 7.01 6.22 -31.29
N PHE E 118 6.56 6.13 -30.04
CA PHE E 118 5.31 6.75 -29.65
C PHE E 118 5.36 8.27 -29.83
N LEU E 119 6.46 8.89 -29.39
CA LEU E 119 6.60 10.33 -29.57
C LEU E 119 6.86 10.68 -31.03
N ARG E 120 7.73 9.92 -31.69
CA ARG E 120 8.08 10.14 -33.10
C ARG E 120 8.03 8.80 -33.81
N MET E 121 6.88 8.49 -34.42
CA MET E 121 6.72 7.23 -35.12
C MET E 121 7.64 7.16 -36.33
N LYS E 122 8.14 5.96 -36.61
CA LYS E 122 9.03 5.76 -37.74
C LYS E 122 8.31 5.94 -39.08
N ARG E 123 6.98 5.92 -39.07
CA ARG E 123 6.21 6.10 -40.29
C ARG E 123 6.26 7.56 -40.75
N PRO E 124 5.92 7.82 -42.02
CA PRO E 124 5.94 9.21 -42.50
C PRO E 124 4.96 10.12 -41.78
N GLY E 125 3.99 9.58 -41.05
CA GLY E 125 3.03 10.43 -40.36
C GLY E 125 3.68 11.36 -39.36
N GLU E 126 4.73 10.88 -38.69
CA GLU E 126 5.46 11.67 -37.71
C GLU E 126 6.87 12.02 -38.13
N ASP E 127 7.52 11.21 -38.97
CA ASP E 127 8.87 11.50 -39.42
C ASP E 127 8.92 12.50 -40.55
N LYS E 128 7.79 12.81 -41.19
CA LYS E 128 7.76 13.76 -42.30
C LYS E 128 7.50 15.18 -41.83
N VAL E 129 6.68 15.36 -40.81
CA VAL E 129 6.36 16.71 -40.29
C VAL E 129 7.43 17.04 -39.26
N ARG E 130 8.56 17.54 -39.75
CA ARG E 130 9.68 17.94 -38.90
C ARG E 130 10.72 18.60 -39.79
N PRO E 131 11.70 19.31 -39.19
CA PRO E 131 12.74 19.95 -40.00
C PRO E 131 13.58 18.93 -40.76
N ALA E 132 13.48 18.95 -42.09
CA ALA E 132 14.22 18.03 -42.94
C ALA E 132 14.76 18.79 -44.14
N CYS E 133 16.00 18.49 -44.51
CA CYS E 133 16.66 19.14 -45.63
C CYS E 133 17.91 18.34 -45.97
N GLN E 134 18.65 18.83 -46.97
CA GLN E 134 19.90 18.19 -47.39
C GLN E 134 21.09 18.65 -46.57
N HIS E 135 20.90 19.51 -45.59
CA HIS E 135 21.98 20.02 -44.76
C HIS E 135 22.35 18.97 -43.71
N LYS E 136 23.15 19.37 -42.72
CA LYS E 136 23.64 18.44 -41.71
C LYS E 136 22.52 17.84 -40.86
N GLN E 137 21.31 18.42 -40.90
CA GLN E 137 20.21 17.88 -40.10
C GLN E 137 19.91 16.43 -40.47
N ARG E 138 20.19 16.03 -41.70
CA ARG E 138 19.93 14.67 -42.19
C ARG E 138 21.18 14.09 -42.84
N ARG E 139 22.34 14.31 -42.22
CA ARG E 139 23.60 13.79 -42.72
C ARG E 139 24.09 12.66 -41.81
N CYS E 140 25.11 11.96 -42.29
CA CYS E 140 25.72 10.86 -41.57
C CYS E 140 27.11 11.26 -41.10
N SER E 141 27.47 10.86 -39.89
CA SER E 141 28.76 11.18 -39.30
C SER E 141 29.07 10.13 -38.23
N LEU E 142 30.17 10.34 -37.50
CA LEU E 142 30.56 9.39 -36.47
C LEU E 142 29.57 9.38 -35.31
N ALA E 143 29.00 10.54 -34.96
CA ALA E 143 28.06 10.61 -33.85
C ALA E 143 26.82 9.77 -34.11
N SER E 144 26.28 9.85 -35.33
CA SER E 144 25.09 9.06 -35.65
C SER E 144 25.42 7.60 -35.86
N VAL E 145 26.55 7.30 -36.52
CA VAL E 145 26.98 5.93 -36.75
C VAL E 145 27.90 5.55 -35.61
N GLU E 146 27.34 4.88 -34.61
CA GLU E 146 28.09 4.44 -33.43
C GLU E 146 28.21 2.93 -33.37
N MET E 147 28.35 2.29 -34.53
CA MET E 147 28.48 0.84 -34.59
C MET E 147 29.83 0.37 -34.04
N SER E 148 30.81 1.26 -33.93
CA SER E 148 32.14 0.92 -33.41
C SER E 148 32.34 1.44 -32.00
N ALA E 149 31.28 1.44 -31.18
CA ALA E 149 31.36 1.91 -29.80
C ALA E 149 31.82 3.35 -29.75
N VAL E 150 31.18 4.19 -30.54
CA VAL E 150 31.50 5.62 -30.60
C VAL E 150 30.68 6.35 -29.55
N ALA E 151 31.25 7.42 -29.02
CA ALA E 151 30.56 8.20 -27.99
C ALA E 151 29.31 8.84 -28.57
N PRO E 152 28.14 8.66 -27.95
CA PRO E 152 26.92 9.27 -28.48
C PRO E 152 26.86 10.75 -28.13
N PRO E 153 25.86 11.47 -28.63
CA PRO E 153 25.75 12.89 -28.29
C PRO E 153 25.56 13.07 -26.79
N PRO E 154 26.04 14.18 -26.24
CA PRO E 154 25.91 14.38 -24.79
C PRO E 154 24.49 14.70 -24.37
N ALA E 155 23.65 13.68 -24.25
CA ALA E 155 22.26 13.83 -23.86
C ALA E 155 22.05 13.29 -22.45
N SER E 156 21.03 13.83 -21.78
CA SER E 156 20.72 13.45 -20.41
C SER E 156 19.76 12.28 -20.33
N ASN E 157 19.36 11.70 -21.46
CA ASN E 157 18.45 10.57 -21.50
C ASN E 157 19.18 9.23 -21.46
N GLY E 158 20.39 9.20 -20.92
CA GLY E 158 21.17 7.98 -20.83
C GLY E 158 22.39 7.91 -21.74
N ASN E 159 22.84 9.04 -22.29
CA ASN E 159 24.00 9.05 -23.18
C ASN E 159 25.21 9.74 -22.57
N LEU E 160 25.05 10.50 -21.48
CA LEU E 160 26.15 11.17 -20.82
C LEU E 160 26.27 10.82 -19.35
N LEU E 161 25.14 10.70 -18.64
CA LEU E 161 25.19 10.37 -17.22
C LEU E 161 25.64 8.94 -17.00
N TYR E 162 25.07 8.00 -17.75
CA TYR E 162 25.45 6.60 -17.58
C TYR E 162 26.80 6.30 -18.23
N ILE E 163 27.10 6.95 -19.36
CA ILE E 163 28.38 6.73 -20.02
C ILE E 163 29.51 7.51 -19.37
N GLY E 164 29.19 8.64 -18.71
CA GLY E 164 30.21 9.42 -18.04
C GLY E 164 30.62 8.87 -16.68
N PHE E 165 29.86 7.95 -16.12
CA PHE E 165 30.17 7.32 -14.84
C PHE E 165 30.58 5.87 -14.98
N ARG E 166 29.89 5.10 -15.82
CA ARG E 166 30.19 3.69 -16.04
C ARG E 166 30.88 3.44 -17.38
N GLY E 167 30.49 4.16 -18.43
CA GLY E 167 31.10 3.95 -19.73
C GLY E 167 32.58 4.28 -19.76
N LEU E 168 33.01 5.25 -18.95
CA LEU E 168 34.40 5.67 -18.90
C LEU E 168 35.18 4.73 -17.99
N ASP E 169 35.34 3.50 -18.46
CA ASP E 169 36.07 2.47 -17.70
C ASP E 169 37.55 2.60 -18.03
N GLY E 170 38.26 3.38 -17.22
CA GLY E 170 39.66 3.61 -17.42
C GLY E 170 40.07 5.06 -17.21
N VAL E 171 39.08 5.93 -17.02
CA VAL E 171 39.30 7.36 -16.80
C VAL E 171 38.69 7.82 -15.49
N HIS E 172 37.40 7.54 -15.28
CA HIS E 172 36.71 7.93 -14.06
C HIS E 172 36.79 6.84 -13.00
N CYS E 173 36.31 5.63 -13.32
CA CYS E 173 36.36 4.53 -12.37
C CYS E 173 37.80 4.18 -12.01
N VAL E 174 38.67 4.13 -13.01
CA VAL E 174 40.08 3.79 -12.81
C VAL E 174 40.93 4.92 -13.36
N PRO E 175 41.27 5.95 -12.58
CA PRO E 175 42.08 7.04 -13.11
C PRO E 175 43.51 6.62 -13.40
N THR E 176 43.68 5.84 -14.47
CA THR E 176 45.03 5.39 -14.83
C THR E 176 45.96 6.55 -15.15
N PRO E 177 45.58 7.54 -15.96
CA PRO E 177 46.52 8.65 -16.25
C PRO E 177 46.65 9.64 -15.09
N ASP E 178 47.44 9.25 -14.10
CA ASP E 178 47.69 10.08 -12.93
C ASP E 178 49.16 10.46 -12.75
N SER E 179 50.07 9.84 -13.48
CA SER E 179 51.50 10.14 -13.36
C SER E 179 51.80 11.39 -14.16
N GLY E 180 51.77 12.53 -13.48
CA GLY E 180 52.07 13.81 -14.12
C GLY E 180 50.90 14.45 -14.83
N VAL E 181 49.71 13.85 -14.79
CA VAL E 181 48.51 14.40 -15.43
C VAL E 181 47.54 14.95 -14.40
N VAL E 182 47.08 14.12 -13.48
CA VAL E 182 46.15 14.58 -12.44
C VAL E 182 46.91 15.19 -11.28
N CYS E 183 48.01 14.55 -10.85
CA CYS E 183 48.82 15.03 -9.75
C CYS E 183 50.00 15.89 -10.22
N GLY E 184 49.86 16.55 -11.37
CA GLY E 184 50.93 17.38 -11.89
C GLY E 184 50.42 18.65 -12.54
N ARG E 185 49.18 19.01 -12.24
CA ARG E 185 48.55 20.21 -12.80
C ARG E 185 47.92 21.02 -11.68
N MET E 186 47.60 22.27 -12.01
CA MET E 186 47.00 23.20 -11.06
C MET E 186 45.48 23.20 -11.11
N ALA E 187 44.88 22.30 -11.88
CA ALA E 187 43.42 22.25 -12.03
C ALA E 187 42.83 21.53 -10.83
N CYS E 188 42.78 22.25 -9.71
CA CYS E 188 42.21 21.73 -8.46
C CYS E 188 42.88 20.43 -8.04
N SER E 189 44.20 20.37 -8.18
CA SER E 189 44.97 19.20 -7.81
C SER E 189 46.40 19.63 -7.54
N PRO E 190 47.15 18.86 -6.75
CA PRO E 190 48.54 19.22 -6.48
C PRO E 190 49.40 19.12 -7.74
N THR E 191 50.43 19.96 -7.79
CA THR E 191 51.37 20.00 -8.91
C THR E 191 52.72 19.48 -8.41
N HIS E 192 52.88 18.15 -8.46
CA HIS E 192 54.13 17.51 -8.03
C HIS E 192 54.50 17.94 -6.62
N ASP E 193 53.50 18.02 -5.74
CA ASP E 193 53.70 18.44 -4.36
C ASP E 193 54.09 17.20 -3.54
N GLU E 194 55.40 17.03 -3.32
CA GLU E 194 55.88 15.90 -2.53
C GLU E 194 55.66 16.11 -1.03
N HIS E 195 55.43 17.34 -0.59
CA HIS E 195 55.21 17.66 0.82
C HIS E 195 53.77 18.08 1.05
N LEU E 196 52.82 17.43 0.38
CA LEU E 196 51.40 17.74 0.51
C LEU E 196 50.91 17.19 1.85
N LEU E 197 51.05 18.01 2.89
CA LEU E 197 50.64 17.64 4.23
C LEU E 197 49.73 18.72 4.80
N HIS E 198 48.91 18.32 5.78
CA HIS E 198 47.97 19.23 6.43
C HIS E 198 48.69 19.99 7.54
N GLY E 199 49.59 20.88 7.11
CA GLY E 199 50.37 21.65 8.06
C GLY E 199 51.28 20.79 8.94
N GLY E 200 51.91 19.79 8.35
CA GLY E 200 52.76 18.88 9.08
C GLY E 200 52.08 17.59 9.50
N GLN E 201 50.76 17.54 9.48
CA GLN E 201 49.99 16.38 9.83
C GLN E 201 49.61 15.58 8.58
N PRO E 202 49.15 14.35 8.75
CA PRO E 202 48.74 13.57 7.59
C PRO E 202 47.59 14.24 6.87
N PRO E 203 47.45 14.02 5.56
CA PRO E 203 46.35 14.69 4.83
C PRO E 203 44.98 14.39 5.43
N GLU E 204 44.76 13.17 5.91
CA GLU E 204 43.48 12.81 6.52
C GLU E 204 43.51 13.17 8.00
N GLY E 205 42.55 13.99 8.43
CA GLY E 205 42.50 14.42 9.81
C GLY E 205 42.09 13.33 10.78
N ASP E 206 41.36 12.32 10.30
CA ASP E 206 40.92 11.23 11.15
C ASP E 206 40.62 9.99 10.32
N PRO E 207 41.25 8.85 10.59
CA PRO E 207 40.90 7.63 9.83
C PRO E 207 39.45 7.22 10.00
N ASP E 208 38.80 7.58 11.10
CA ASP E 208 37.40 7.22 11.29
C ASP E 208 36.51 7.87 10.24
N LEU E 209 36.88 9.06 9.77
CA LEU E 209 36.07 9.73 8.76
C LEU E 209 36.02 8.92 7.46
N ALA E 210 37.12 8.25 7.11
CA ALA E 210 37.10 7.40 5.91
C ALA E 210 36.11 6.27 6.06
N LYS E 211 36.04 5.67 7.25
CA LYS E 211 35.06 4.59 7.49
C LYS E 211 33.64 5.13 7.41
N ILE E 212 33.42 6.35 7.92
CA ILE E 212 32.08 6.94 7.87
C ILE E 212 31.66 7.17 6.42
N LEU E 213 32.61 7.54 5.56
CA LEU E 213 32.29 7.76 4.15
C LEU E 213 31.75 6.50 3.51
N GLU E 214 32.36 5.34 3.81
CA GLU E 214 31.86 4.09 3.26
C GLU E 214 30.45 3.80 3.75
N GLU E 215 30.19 4.01 5.04
CA GLU E 215 28.84 3.81 5.56
C GLU E 215 27.88 4.85 5.00
N VAL E 216 28.30 6.11 4.92
CA VAL E 216 27.46 7.15 4.34
C VAL E 216 27.22 6.86 2.87
N ARG E 217 28.28 6.46 2.15
CA ARG E 217 28.12 6.12 0.74
C ARG E 217 27.18 4.93 0.56
N TYR E 218 27.27 3.94 1.45
CA TYR E 218 26.37 2.79 1.37
C TYR E 218 24.92 3.23 1.53
N ILE E 219 24.65 4.13 2.49
CA ILE E 219 23.30 4.66 2.64
C ILE E 219 22.89 5.44 1.40
N ALA E 220 23.79 6.27 0.87
CA ALA E 220 23.49 7.00 -0.35
C ALA E 220 23.36 6.07 -1.55
N ASN E 221 24.01 4.90 -1.50
CA ASN E 221 23.91 3.94 -2.59
C ASN E 221 22.52 3.30 -2.66
N ARG E 222 21.74 3.38 -1.58
CA ARG E 222 20.40 2.82 -1.61
C ARG E 222 19.54 3.52 -2.66
N PHE E 223 19.63 4.85 -2.73
CA PHE E 223 18.90 5.58 -3.76
C PHE E 223 19.40 5.20 -5.16
N ARG E 224 20.72 5.07 -5.31
CA ARG E 224 21.27 4.65 -6.60
C ARG E 224 20.80 3.24 -6.95
N CYS E 225 20.80 2.33 -5.96
CA CYS E 225 20.28 0.99 -6.20
C CYS E 225 18.80 1.03 -6.56
N GLN E 226 18.03 1.88 -5.88
CA GLN E 226 16.62 2.04 -6.23
C GLN E 226 16.46 2.69 -7.60
N ASP E 227 17.36 3.61 -7.96
CA ASP E 227 17.30 4.22 -9.28
C ASP E 227 17.50 3.18 -10.37
N GLU E 228 18.43 2.26 -10.18
CA GLU E 228 18.60 1.17 -11.14
C GLU E 228 17.35 0.31 -11.22
N SER E 229 16.74 0.00 -10.07
CA SER E 229 15.49 -0.73 -10.07
C SER E 229 14.39 0.08 -10.73
N GLU E 230 14.34 1.40 -10.49
CA GLU E 230 13.34 2.24 -11.13
C GLU E 230 13.52 2.27 -12.64
N ALA E 231 14.77 2.30 -13.12
CA ALA E 231 15.00 2.25 -14.56
C ALA E 231 14.52 0.94 -15.15
N VAL E 232 14.78 -0.17 -14.47
CA VAL E 232 14.26 -1.46 -14.93
C VAL E 232 12.75 -1.53 -14.73
N CYS E 233 12.24 -0.97 -13.63
CA CYS E 233 10.80 -0.94 -13.41
C CYS E 233 10.09 -0.11 -14.46
N SER E 234 10.74 0.95 -14.96
CA SER E 234 10.14 1.76 -16.00
C SER E 234 9.91 0.95 -17.26
N GLU E 235 10.86 0.08 -17.62
CA GLU E 235 10.68 -0.75 -18.79
C GLU E 235 9.46 -1.66 -18.64
N TRP E 236 9.25 -2.21 -17.44
CA TRP E 236 8.08 -3.04 -17.21
C TRP E 236 6.80 -2.23 -17.40
N LYS E 237 6.77 -1.00 -16.88
CA LYS E 237 5.60 -0.16 -17.06
C LYS E 237 5.37 0.17 -18.53
N PHE E 238 6.45 0.49 -19.26
CA PHE E 238 6.31 0.78 -20.68
C PHE E 238 5.88 -0.46 -21.45
N ALA E 239 6.41 -1.63 -21.07
CA ALA E 239 6.02 -2.87 -21.75
C ALA E 239 4.53 -3.15 -21.56
N ALA E 240 4.02 -2.89 -20.35
CA ALA E 240 2.60 -3.10 -20.11
C ALA E 240 1.75 -2.17 -20.97
N CYS E 241 2.19 -0.94 -21.15
CA CYS E 241 1.45 0.01 -21.98
C CYS E 241 1.36 -0.47 -23.42
N VAL E 242 2.36 -1.22 -23.89
CA VAL E 242 2.34 -1.72 -25.27
C VAL E 242 1.14 -2.63 -25.47
N VAL E 243 0.90 -3.55 -24.52
CA VAL E 243 -0.23 -4.45 -24.63
C VAL E 243 -1.54 -3.67 -24.59
N ASP E 244 -1.65 -2.72 -23.67
CA ASP E 244 -2.86 -1.92 -23.58
C ASP E 244 -3.07 -1.09 -24.85
N ARG E 245 -2.01 -0.47 -25.35
CA ARG E 245 -2.13 0.35 -26.55
C ARG E 245 -2.33 -0.51 -27.79
N LEU E 246 -1.67 -1.67 -27.86
CA LEU E 246 -1.83 -2.55 -29.01
C LEU E 246 -3.27 -3.04 -29.12
N CYS E 247 -3.89 -3.41 -27.99
CA CYS E 247 -5.27 -3.86 -28.02
C CYS E 247 -6.24 -2.71 -28.22
N LEU E 248 -5.91 -1.52 -27.69
CA LEU E 248 -6.79 -0.37 -27.87
C LEU E 248 -6.91 0.02 -29.33
N MET E 249 -5.78 0.03 -30.04
CA MET E 249 -5.80 0.38 -31.47
C MET E 249 -6.39 -0.74 -32.32
N ALA E 250 -6.17 -1.99 -31.93
CA ALA E 250 -6.72 -3.11 -32.69
C ALA E 250 -8.22 -3.26 -32.46
N PHE E 251 -8.68 -3.09 -31.22
CA PHE E 251 -10.10 -3.20 -30.92
C PHE E 251 -10.89 -2.00 -31.41
N SER E 252 -10.25 -0.83 -31.56
CA SER E 252 -10.97 0.33 -32.06
C SER E 252 -11.49 0.10 -33.48
N VAL E 253 -10.67 -0.52 -34.33
CA VAL E 253 -11.12 -0.82 -35.69
C VAL E 253 -12.25 -1.84 -35.66
N PHE E 254 -12.13 -2.87 -34.80
CA PHE E 254 -13.17 -3.88 -34.71
C PHE E 254 -14.48 -3.27 -34.22
N THR E 255 -14.40 -2.34 -33.26
CA THR E 255 -15.61 -1.70 -32.76
C THR E 255 -16.32 -0.93 -33.88
N ILE E 256 -15.55 -0.23 -34.72
CA ILE E 256 -16.15 0.47 -35.85
C ILE E 256 -16.77 -0.54 -36.81
N ILE E 257 -16.10 -1.65 -37.06
CA ILE E 257 -16.64 -2.68 -37.95
C ILE E 257 -17.94 -3.24 -37.37
N CYS E 258 -17.97 -3.50 -36.06
CA CYS E 258 -19.18 -4.01 -35.45
C CYS E 258 -20.34 -3.03 -35.60
N THR E 259 -20.08 -1.73 -35.41
CA THR E 259 -21.13 -0.74 -35.59
C THR E 259 -21.60 -0.71 -37.04
N ILE E 260 -20.68 -0.82 -37.99
CA ILE E 260 -21.05 -0.83 -39.40
C ILE E 260 -21.93 -2.04 -39.71
N GLY E 261 -21.55 -3.21 -39.17
CA GLY E 261 -22.34 -4.40 -39.42
C GLY E 261 -23.76 -4.29 -38.88
N ILE E 262 -23.91 -3.61 -37.74
CA ILE E 262 -25.25 -3.42 -37.17
C ILE E 262 -26.12 -2.61 -38.12
N LEU E 263 -25.55 -1.53 -38.69
CA LEU E 263 -26.31 -0.70 -39.63
C LEU E 263 -26.65 -1.45 -40.91
N MET E 264 -25.96 -2.55 -41.20
CA MET E 264 -26.20 -3.32 -42.41
C MET E 264 -26.98 -4.60 -42.15
N SER E 265 -26.92 -5.14 -40.93
CA SER E 265 -27.65 -6.35 -40.59
C SER E 265 -28.98 -6.08 -39.91
N ALA E 266 -29.14 -4.93 -39.27
CA ALA E 266 -30.40 -4.60 -38.61
C ALA E 266 -31.56 -4.57 -39.59
N PRO E 267 -31.46 -3.95 -40.77
CA PRO E 267 -32.61 -3.94 -41.69
C PRO E 267 -33.06 -5.31 -42.12
N ASN E 268 -32.17 -6.30 -42.13
CA ASN E 268 -32.52 -7.65 -42.56
C ASN E 268 -33.01 -8.51 -41.40
N PHE E 269 -32.42 -8.35 -40.21
CA PHE E 269 -32.78 -9.12 -39.04
C PHE E 269 -33.62 -8.32 -38.04
N VAL E 270 -33.14 -7.15 -37.64
CA VAL E 270 -33.86 -6.31 -36.69
C VAL E 270 -34.93 -5.50 -37.42
C1 IVM F . -26.56 7.10 -26.96
O1 IVM F . -26.39 5.50 -23.56
C2 IVM F . -26.50 5.59 -26.60
O2 IVM F . -32.91 6.88 -26.57
C3 IVM F . -25.27 5.28 -25.73
O3 IVM F . -32.63 6.90 -30.97
C4 IVM F . -25.22 3.76 -25.51
O4 IVM F . -35.41 6.83 -30.43
C5 IVM F . -25.34 6.00 -24.37
O5 IVM F . -34.51 6.78 -34.67
C6 IVM F . -26.62 6.30 -22.40
O6 IVM F . -36.26 4.60 -34.24
C7 IVM F . -25.31 6.74 -21.77
O7 IVM F . -37.34 6.94 -31.67
C8 IVM F . -24.17 5.79 -22.15
O8 IVM F . -34.09 8.58 -27.54
C9 IVM F . -23.98 5.85 -23.67
O9 IVM F . -33.12 0.75 -19.87
C10 IVM F . -23.10 7.05 -24.01
O10 IVM F . -31.24 -0.02 -18.34
C11 IVM F . -27.35 5.17 -21.55
O11 IVM F . -28.02 2.15 -21.91
C12 IVM F . -28.67 4.70 -22.22
O12 IVM F . -29.40 3.89 -21.33
C13 IVM F . -29.50 5.92 -22.57
O13 IVM F . -30.81 0.68 -22.55
C14 IVM F . -28.71 6.74 -23.56
O14 IVM F . -27.55 7.25 -22.94
C15 IVM F . -29.56 7.95 -24.05
C16 IVM F . -30.82 7.48 -24.86
C17 IVM F . -32.10 7.59 -24.38
C18 IVM F . -32.41 8.19 -22.97
C19 IVM F . -33.31 7.10 -25.22
C20 IVM F . -32.83 8.04 -27.34
C21 IVM F . -32.14 7.71 -28.74
C22 IVM F . -33.13 6.92 -29.67
C23 IVM F . -31.41 6.18 -31.11
C24 IVM F . -34.48 7.61 -29.66
C25 IVM F . -36.12 7.61 -31.33
C26 IVM F . -35.27 7.85 -32.63
C27 IVM F . -35.10 6.51 -33.40
C28 IVM F . -33.14 7.13 -34.63
C29 IVM F . -36.43 5.88 -33.61
C30 IVM F . -37.11 5.69 -32.27
C31 IVM F . -38.45 4.97 -32.49
C32 IVM F . -34.94 7.71 -28.24
C33 IVM F . -36.39 8.28 -28.20
C34 IVM F . -33.86 5.82 -24.62
C35 IVM F . -34.91 5.21 -25.57
C36 IVM F . -32.75 4.80 -24.40
C37 IVM F . -32.93 4.02 -23.06
C38 IVM F . -31.91 2.88 -22.85
C39 IVM F . -31.88 2.39 -21.38
C40 IVM F . -33.36 2.04 -20.87
C41 IVM F . -31.98 0.09 -20.54
C42 IVM F . -31.28 -0.71 -19.55
C43 IVM F . -29.78 -1.03 -20.02
C44 IVM F . -28.98 0.15 -20.43
C45 IVM F . -29.81 1.46 -20.53
C46 IVM F . -28.99 2.49 -21.31
C47 IVM F . -31.11 1.15 -21.24
C48 IVM F . -29.10 -2.39 -19.68
H1 IVM F . -27.23 7.24 -27.80
H1A IVM F . -25.56 7.44 -27.22
H1B IVM F . -26.93 7.66 -26.10
H2 IVM F . -26.43 5.02 -27.53
H2A IVM F . -27.41 5.30 -26.08
H3 IVM F . -24.38 5.58 -26.25
H4 IVM F . -24.18 3.44 -25.42
H4A IVM F . -25.67 3.25 -26.37
H4B IVM F . -25.76 3.47 -24.61
H5 IVM F . -25.51 7.06 -24.54
HO6 IVM F . -36.04 4.73 -35.17
H7 IVM F . -25.43 6.74 -20.69
H7A IVM F . -25.08 7.75 -22.07
H8 IVM F . -24.43 4.77 -21.85
H8A IVM F . -23.25 6.09 -21.65
H9 IVM F . -23.48 4.94 -23.99
H10 IVM F . -22.14 6.97 -23.48
H10A IVM F . -23.59 7.98 -23.71
H10B IVM F . -22.91 7.08 -25.09
HO10 IVM F . -31.99 -0.26 -17.81
H11 IVM F . -27.58 5.57 -20.57
H11A IVM F . -26.68 4.31 -21.45
H12 IVM F . -28.45 4.15 -23.13
H13 IVM F . -29.69 6.50 -21.67
H13A IVM F . -30.43 5.60 -23.01
HO13 IVM F . -30.74 -0.27 -22.55
H14 IVM F . -28.45 6.11 -24.41
H15 IVM F . -28.95 8.56 -24.71
H15A IVM F . -29.86 8.55 -23.20
H16 IVM F . -30.66 7.04 -25.84
H18 IVM F . -31.99 9.07 -23.47
H18A IVM F . -31.76 8.56 -22.18
H18B IVM F . -31.95 7.25 -22.67
H19 IVM F . -34.08 7.85 -25.21
H20 IVM F . -32.22 8.77 -26.83
H21 IVM F . -31.26 7.10 -28.55
H21A IVM F . -31.85 8.65 -29.22
H22 IVM F . -33.25 5.90 -29.29
H23 IVM F . -31.32 5.82 -32.13
H23A IVM F . -31.40 5.33 -30.43
H23B IVM F . -30.58 6.84 -30.89
H24 IVM F . -34.37 8.61 -30.09
H25 IVM F . -36.36 8.57 -30.89
H26 IVM F . -34.27 8.23 -32.34
H26A IVM F . -35.77 8.57 -33.26
H27 IVM F . -34.46 5.83 -32.84
H28 IVM F . -32.71 7.05 -35.63
H28A IVM F . -32.60 6.46 -33.96
H28B IVM F . -33.04 8.16 -34.27
H29 IVM F . -37.05 6.53 -34.24
H30 IVM F . -36.47 5.09 -31.64
H31 IVM F . -38.27 3.95 -32.81
H31A IVM F . -39.03 5.49 -33.26
H31B IVM F . -39.01 4.96 -31.56
H32 IVM F . -34.93 6.72 -27.79
H33 IVM F . -37.06 7.60 -28.71
H33A IVM F . -36.41 9.25 -28.69
H33B IVM F . -36.70 8.39 -27.17
H34 IVM F . -34.34 6.04 -23.66
H35 IVM F . -35.36 4.33 -25.09
H35A IVM F . -34.43 4.90 -26.50
H35B IVM F . -35.69 5.94 -25.77
H36 IVM F . -32.71 4.09 -25.22
H37 IVM F . -33.95 3.62 -23.02
H38 IVM F . -30.92 3.23 -23.14
H40 IVM F . -33.79 2.87 -20.33
H40A IVM F . -34.00 1.77 -21.72
H41 IVM F . -32.38 -0.57 -21.30
H42 IVM F . -31.82 -1.65 -19.41
H44 IVM F . -27.90 0.16 -20.32
H45 IVM F . -30.02 1.83 -19.53
H48 IVM F . -28.34 -2.61 -20.44
H48A IVM F . -29.85 -3.18 -19.68
H48B IVM F . -28.62 -2.33 -18.70
C1 IVM G . -36.77 10.95 2.42
O1 IVM G . -35.42 6.74 2.05
C2 IVM G . -37.14 9.52 1.94
O2 IVM G . -42.35 6.10 3.31
C3 IVM G . -35.94 8.92 1.17
O3 IVM G . -44.43 9.58 1.52
C4 IVM G . -36.46 8.01 0.05
O4 IVM G . -46.52 7.78 2.15
C5 IVM G . -35.06 8.12 2.11
O5 IVM G . -47.96 11.43 0.32
C6 IVM G . -34.89 6.03 3.17
O6 IVM G . -49.13 9.34 -1.17
C7 IVM G . -33.45 6.48 3.43
O7 IVM G . -48.82 7.82 2.12
C8 IVM G . -32.80 7.05 2.17
O8 IVM G . -44.00 6.96 4.64
C9 IVM G . -33.59 8.28 1.72
O9 IVM G . -38.64 -1.44 0.18
C10 IVM G . -33.02 9.53 2.38
O10 IVM G . -36.21 -1.87 -0.36
C11 IVM G . -34.98 4.59 2.51
O11 IVM G . -35.70 3.37 -0.28
C12 IVM G . -36.44 4.22 2.12
O12 IVM G . -36.52 2.85 1.79
C13 IVM G . -37.36 4.50 3.30
O13 IVM G . -38.30 1.75 -1.30
C14 IVM G . -37.26 5.97 3.64
O14 IVM G . -35.97 6.27 4.09
C15 IVM G . -38.28 6.31 4.77
C16 IVM G . -39.75 6.13 4.25
C17 IVM G . -40.58 5.13 4.69
C18 IVM G . -40.12 4.10 5.77
C19 IVM G . -42.02 5.00 4.15
C20 IVM G . -42.78 7.23 4.02
C21 IVM G . -42.89 8.47 3.04
C22 IVM G . -44.18 8.35 2.14
C23 IVM G . -43.43 10.00 0.61
C24 IVM G . -45.37 7.98 2.99
C25 IVM G . -47.63 8.45 2.64
C26 IVM G . -47.59 9.95 2.21
C27 IVM G . -47.79 10.07 0.67
C28 IVM G . -46.79 12.23 0.42
C29 IVM G . -49.00 9.30 0.26
C30 IVM G . -48.87 7.88 0.71
C31 IVM G . -50.09 7.06 0.23
C32 IVM G . -45.03 6.71 3.71
C33 IVM G . -46.27 6.18 4.47
C34 IVM G . -42.14 3.70 3.35
C35 IVM G . -43.59 3.52 2.87
C36 IVM G . -41.21 3.68 2.14
C37 IVM G . -40.28 2.44 2.15
C38 IVM G . -39.46 2.25 0.84
C39 IVM G . -38.54 1.00 0.90
C40 IVM G . -39.42 -0.32 1.10
C41 IVM G . -38.07 -0.60 -0.89
C42 IVM G . -36.90 -1.30 -1.42
C43 IVM G . -35.92 -0.28 -2.20
C44 IVM G . -35.59 0.96 -1.45
C45 IVM G . -36.33 1.11 -0.11
C46 IVM G . -36.15 2.53 0.43
C47 IVM G . -37.81 0.81 -0.36
C48 IVM G . -35.02 -0.78 -3.35
H1 IVM G . -37.65 11.40 2.88
H1A IVM G . -36.45 11.55 1.57
H1B IVM G . -35.97 10.88 3.14
H2 IVM G . -38.00 9.58 1.27
H2A IVM G . -37.37 8.89 2.79
H3 IVM G . -35.36 9.73 0.72
H4 IVM G . -36.92 8.62 -0.73
H4A IVM G . -37.19 7.32 0.46
H4B IVM G . -35.63 7.46 -0.38
H5 IVM G . -35.21 8.47 3.13
HO6 IVM G . -49.51 10.17 -1.43
H7 IVM G . -32.88 5.62 3.78
H7A IVM G . -33.45 7.22 4.24
H8 IVM G . -32.81 6.29 1.38
H8A IVM G . -31.77 7.33 2.38
H9 IVM G . -33.51 8.38 0.63
H10 IVM G . -31.99 9.67 2.05
H10A IVM G . -33.04 9.40 3.46
H10B IVM G . -33.61 10.40 2.10
HO10 IVM G . -36.21 -2.81 -0.46
H11 IVM G . -34.61 3.85 3.24
H11A IVM G . -34.35 4.56 1.62
H12 IVM G . -36.76 4.83 1.28
H13 IVM G . -37.03 3.91 4.15
H13A IVM G . -38.37 4.25 3.02
HO13 IVM G . -38.20 1.41 -2.18
H14 IVM G . -37.51 6.55 2.77
H15 IVM G . -38.14 7.36 5.05
H15A IVM G . -38.09 5.69 5.64
H16 IVM G . -40.12 6.83 3.50
H18 IVM G . -40.08 5.01 6.37
H18A IVM G . -39.16 3.94 6.28
H18B IVM G . -39.52 3.76 4.93
H19 IVM G . -42.70 4.96 4.97
H20 IVM G . -42.07 7.47 4.79
H21 IVM G . -42.01 8.50 2.40
H21A IVM G . -42.96 9.39 3.63
H22 IVM G . -44.03 7.59 1.38
H23 IVM G . -43.86 10.67 -0.13
H23A IVM G . -42.99 9.14 0.11
H23B IVM G . -42.64 10.53 1.15
H24 IVM G . -45.55 8.78 3.72
H25 IVM G . -47.66 8.38 3.72
H26 IVM G . -46.63 10.38 2.49
H26A IVM G . -48.39 10.48 2.71
H27 IVM G . -46.92 9.66 0.17
H28 IVM G . -46.94 13.16 -0.12
H28A IVM G . -45.95 11.68 -0.02
H28B IVM G . -46.58 12.44 1.46
H29 IVM G . -49.88 9.75 0.72
H30 IVM G . -47.97 7.44 0.30
H31 IVM G . -50.06 6.98 -0.86
H31A IVM G . -51.00 7.58 0.52
H31B IVM G . -50.07 6.07 0.66
H32 IVM G . -44.69 5.97 2.99
H33 IVM G . -47.06 5.95 3.75
H33A IVM G . -46.62 6.93 5.17
H33B IVM G . -46.00 5.27 5.02
H34 IVM G . -41.88 2.86 4.01
H35 IVM G . -43.77 2.47 2.62
H35A IVM G . -43.76 4.14 1.98
H35B IVM G . -44.28 3.81 3.66
H36 IVM G . -40.60 4.59 2.13
H37 IVM G . -40.89 1.54 2.33
H38 IVM G . -38.85 3.14 0.67
H40 IVM G . -39.44 -0.62 2.13
H40A IVM G . -40.44 -0.15 0.74
H41 IVM G . -38.81 -0.53 -1.68
H42 IVM G . -37.24 -2.07 -2.11
H44 IVM G . -34.64 1.47 -1.62
H45 IVM G . -35.94 0.39 0.62
H48 IVM G . -34.75 0.05 -4.00
H48A IVM G . -35.56 -1.53 -3.93
H48B IVM G . -34.12 -1.23 -2.94
C1 IVM H . -30.02 -15.92 18.18
O1 IVM H . -28.80 -16.67 14.06
C2 IVM H . -30.53 -16.26 16.77
O2 IVM H . -33.75 -21.59 15.17
C3 IVM H . -29.88 -15.32 15.73
O3 IVM H . -36.75 -19.82 17.92
C4 IVM H . -30.82 -15.13 14.55
O4 IVM H . -38.06 -22.10 16.91
C5 IVM H . -28.57 -15.93 15.24
O5 IVM H . -40.42 -19.95 19.82
C6 IVM H . -27.68 -17.51 13.77
O6 IVM H . -42.10 -20.24 17.57
C7 IVM H . -26.37 -16.77 14.01
O7 IVM H . -40.01 -23.22 17.35
C8 IVM H . -26.56 -15.26 13.89
O8 IVM H . -34.55 -23.06 16.72
C9 IVM H . -27.56 -14.79 14.96
O9 IVM H . -32.25 -19.75 6.75
C10 IVM H . -26.81 -14.45 16.24
O10 IVM H . -33.39 -17.87 5.24
C11 IVM H . -28.02 -17.69 12.22
O11 IVM H . -30.00 -16.48 10.17
C12 IVM H . -29.42 -18.33 12.01
O12 IVM H . -29.60 -18.68 10.66
C13 IVM H . -29.52 -19.57 12.86
O13 IVM H . -32.85 -17.42 9.49
C14 IVM H . -29.38 -19.16 14.31
O14 IVM H . -28.08 -18.67 14.53
C15 IVM H . -29.61 -20.39 15.24
C16 IVM H . -31.09 -20.88 15.14
C17 IVM H . -31.44 -22.08 14.54
C18 IVM H . -30.37 -23.04 13.93
C19 IVM H . -32.93 -22.51 14.46
C20 IVM H . -33.86 -21.87 16.54
C21 IVM H . -34.57 -20.65 17.27
C22 IVM H . -36.12 -20.68 17.02
C23 IVM H . -36.40 -18.44 17.78
C24 IVM H . -36.64 -22.07 17.21
C25 IVM H . -38.78 -22.76 17.89
C26 IVM H . -39.05 -21.80 19.09
C27 IVM H . -40.03 -20.68 18.68
C28 IVM H . -39.42 -19.11 20.37
C29 IVM H . -41.24 -21.29 18.04
C30 IVM H . -40.82 -22.14 16.88
C31 IVM H . -42.06 -22.71 16.19
C32 IVM H . -35.88 -22.97 16.29
C33 IVM H . -36.51 -24.38 16.29
C34 IVM H . -33.37 -22.61 13.01
C35 IVM H . -34.74 -23.30 12.94
C36 IVM H . -33.47 -21.22 12.37
C37 IVM H . -33.49 -21.30 10.83
C38 IVM H . -33.47 -19.92 10.12
C39 IVM H . -32.15 -19.68 9.33
C40 IVM H . -32.05 -20.69 8.08
C41 IVM H . -32.93 -18.61 7.38
C42 IVM H . -33.02 -17.45 6.51
C43 IVM H . -31.61 -16.66 6.39
C44 IVM H . -30.67 -16.70 7.54
C45 IVM H . -30.73 -17.94 8.46
C46 IVM H . -30.08 -17.61 9.82
C47 IVM H . -32.17 -18.37 8.67
C48 IVM H . -31.36 -15.69 5.21
H1 IVM H . -30.55 -16.51 18.92
H1A IVM H . -30.18 -14.86 18.38
H1B IVM H . -28.95 -16.13 18.24
H2 IVM H . -31.61 -16.14 16.73
H2A IVM H . -30.27 -17.30 16.52
H3 IVM H . -29.68 -14.36 16.20
H4 IVM H . -31.63 -14.46 14.83
H4A IVM H . -31.23 -16.09 14.24
H4B IVM H . -30.27 -14.69 13.71
H5 IVM H . -28.16 -16.58 16.02
HO6 IVM H . -42.62 -19.92 18.30
H7 IVM H . -25.64 -17.11 13.28
H7A IVM H . -25.99 -17.03 15.00
H8 IVM H . -26.95 -15.01 12.90
H8A IVM H . -25.60 -14.75 14.04
H9 IVM H . -28.10 -13.92 14.60
H10 IVM H . -26.15 -13.60 16.05
H10A IVM H . -26.21 -15.30 16.56
H10B IVM H . -27.52 -14.18 17.02
HO10 IVM H . -33.89 -17.19 4.81
H11 IVM H . -27.26 -18.34 11.77
H11A IVM H . -27.99 -16.71 11.73
H12 IVM H . -30.19 -17.62 12.31
H13 IVM H . -28.73 -20.27 12.59
H13A IVM H . -30.49 -20.03 12.70
HO13 IVM H . -33.75 -17.32 9.18
H14 IVM H . -30.12 -18.41 14.54
H15 IVM H . -29.42 -20.09 16.26
H15A IVM H . -28.92 -21.18 14.97
H16 IVM H . -31.87 -20.25 15.54
H18 IVM H . -30.08 -23.07 14.99
H18A IVM H . -29.29 -22.96 13.83
H18B IVM H . -30.33 -22.23 13.20
H19 IVM H . -33.02 -23.49 14.93
H20 IVM H . -32.87 -21.98 16.95
H21 IVM H . -34.15 -19.72 16.89
H21A IVM H . -34.37 -20.72 18.35
H22 IVM H . -36.33 -20.35 16.00
H23 IVM H . -37.22 -17.83 18.15
H23A IVM H . -36.24 -18.22 16.72
H23B IVM H . -35.51 -18.23 18.34
H24 IVM H . -36.47 -22.38 18.25
H25 IVM H . -38.21 -23.63 18.25
H26 IVM H . -38.10 -21.36 19.43
H26A IVM H . -39.48 -22.37 19.93
H27 IVM H . -39.54 -20.02 17.96
H28 IVM H . -39.87 -18.39 21.05
H28A IVM H . -38.91 -18.57 19.56
H28B IVM H . -38.69 -19.71 20.92
H29 IVM H . -41.75 -21.90 18.78
H30 IVM H . -40.25 -21.55 16.17
H31 IVM H . -42.61 -21.90 15.71
H31A IVM H . -42.70 -23.20 16.93
H31B IVM H . -41.77 -23.44 15.44
H32 IVM H . -35.91 -22.56 15.28
H33 IVM H . -37.54 -24.33 15.93
H33A IVM H . -36.49 -24.80 17.30
H33B IVM H . -35.93 -25.03 15.62
H34 IVM H . -32.64 -23.21 12.45
H35 IVM H . -34.82 -23.83 11.99
H35A IVM H . -35.54 -22.54 12.99
H35B IVM H . -34.85 -24.00 13.76
H36 IVM H . -32.64 -20.60 12.70
H37 IVM H . -32.66 -21.90 10.48
H38 IVM H . -34.32 -19.86 9.44
H40 IVM H . -31.07 -21.16 8.07
H40A IVM H . -32.82 -21.46 8.15
H41 IVM H . -33.94 -18.91 7.64
H42 IVM H . -33.77 -16.77 6.90
H44 IVM H . -29.78 -16.08 7.52
H45 IVM H . -30.17 -18.75 7.99
H48 IVM H . -30.84 -14.80 5.56
H48A IVM H . -32.31 -15.40 4.76
H48B IVM H . -30.75 -16.18 4.45
C1 IVM I . -14.68 -35.59 -2.03
O1 IVM I . -15.99 -32.14 -4.35
C2 IVM I . -15.90 -34.91 -2.69
O2 IVM I . -19.39 -37.70 -7.22
C3 IVM I . -15.93 -33.42 -2.32
O3 IVM I . -20.10 -40.72 -4.11
C4 IVM I . -17.38 -32.93 -2.30
O4 IVM I . -21.73 -41.53 -6.27
C5 IVM I . -15.13 -32.62 -3.33
O5 IVM I . -22.13 -44.11 -2.82
C6 IVM I . -15.25 -31.70 -5.49
O6 IVM I . -24.77 -43.41 -3.54
C7 IVM I . -14.02 -30.91 -5.03
O7 IVM I . -23.07 -43.33 -6.76
C8 IVM I . -14.22 -30.30 -3.64
O8 IVM I . -18.99 -39.82 -7.95
C9 IVM I . -14.46 -31.43 -2.63
O9 IVM I . -22.93 -29.70 -9.57
C10 IVM I . -13.11 -31.87 -2.05
O10 IVM I . -21.98 -27.38 -9.08
C11 IVM I . -16.37 -30.77 -6.10
O11 IVM I . -19.21 -29.76 -5.29
C12 IVM I . -17.66 -31.57 -6.45
O12 IVM I . -18.53 -30.77 -7.22
C13 IVM I . -17.27 -32.80 -7.24
O13 IVM I . -22.13 -30.61 -6.26
C14 IVM I . -16.35 -33.64 -6.40
O14 IVM I . -15.15 -32.96 -6.18
C15 IVM I . -16.03 -34.98 -7.14
C16 IVM I . -17.31 -35.87 -7.23
C17 IVM I . -17.94 -36.13 -8.43
C18 IVM I . -17.44 -35.56 -9.78
C19 IVM I . -19.21 -37.03 -8.46
C20 IVM I . -18.60 -38.84 -7.06
C21 IVM I . -18.71 -39.35 -5.56
C22 IVM I . -20.11 -40.03 -5.32
C23 IVM I . -19.95 -39.89 -2.96
C24 IVM I . -20.40 -41.00 -6.44
C25 IVM I . -21.76 -42.91 -6.39
C26 IVM I . -21.33 -43.58 -5.05
C27 IVM I . -22.42 -43.33 -3.97
C28 IVM I . -21.04 -43.65 -2.04
C29 IVM I . -23.76 -43.73 -4.50
C30 IVM I . -24.02 -42.97 -5.78
C31 IVM I . -25.43 -43.33 -6.29
C32 IVM I . -20.31 -40.25 -7.74
C33 IVM I . -20.74 -41.17 -8.90
C34 IVM I . -20.43 -36.16 -8.76
C35 IVM I . -21.72 -36.97 -8.61
C36 IVM I . -20.47 -34.96 -7.81
C37 IVM I . -20.89 -33.66 -8.53
C38 IVM I . -21.12 -32.46 -7.58
C39 IVM I . -21.19 -31.11 -8.35
C40 IVM I . -22.26 -31.20 -9.53
C41 IVM I . -22.85 -29.32 -8.14
C42 IVM I . -22.82 -27.87 -8.07
C43 IVM I . -22.28 -27.36 -6.64
C44 IVM I . -21.01 -28.00 -6.19
C45 IVM I . -20.50 -29.10 -7.14
C46 IVM I . -19.38 -29.89 -6.45
C47 IVM I . -21.67 -30.02 -7.47
C48 IVM I . -22.74 -26.01 -6.05
H1 IVM I . -14.71 -36.66 -2.20
H1A IVM I . -14.70 -35.41 -0.95
H1B IVM I . -13.76 -35.18 -2.44
H2 IVM I . -16.81 -35.39 -2.34
H2A IVM I . -15.83 -35.02 -3.77
H3 IVM I . -15.50 -33.29 -1.32
H4 IVM I . -17.87 -33.28 -1.40
H4A IVM I . -17.90 -33.31 -3.18
H4B IVM I . -17.39 -31.83 -2.32
H5 IVM I . -14.37 -33.26 -3.78
HO6 IVM I . -24.75 -44.05 -2.84
H7 IVM I . -13.81 -30.12 -5.75
H7A IVM I . -13.14 -31.57 -5.03
H8 IVM I . -15.10 -29.64 -3.66
H8A IVM I . -13.34 -29.72 -3.36
H9 IVM I . -15.10 -31.08 -1.82
H10 IVM I . -12.66 -31.05 -1.50
H10A IVM I . -12.44 -32.16 -2.87
H10B IVM I . -13.26 -32.73 -1.39
HO10 IVM I . -22.49 -26.91 -9.73
H11 IVM I . -16.00 -30.30 -7.01
H11A IVM I . -16.63 -29.99 -5.37
H12 IVM I . -18.16 -31.89 -5.53
H13 IVM I . -16.76 -32.49 -8.16
H13A IVM I . -18.16 -33.36 -7.50
HO13 IVM I . -22.79 -30.06 -5.86
H14 IVM I . -16.83 -33.87 -5.47
H15 IVM I . -15.27 -35.51 -6.56
H15A IVM I . -15.62 -34.76 -8.12
H16 IVM I . -17.71 -36.30 -6.32
H18 IVM I . -16.59 -36.21 -9.52
H18A IVM I . -16.60 -34.89 -10.03
H18B IVM I . -17.81 -34.65 -9.33
H19 IVM I . -19.10 -37.77 -9.25
H20 IVM I . -17.57 -38.59 -7.26
H21 IVM I . -18.60 -38.51 -4.88
H21A IVM I . -17.92 -40.09 -5.38
H22 IVM I . -20.89 -39.26 -5.31
H23 IVM I . -20.38 -40.39 -2.09
H23A IVM I . -20.44 -38.94 -3.13
H23B IVM I . -18.88 -39.71 -2.79
H24 IVM I . -19.66 -41.80 -6.42
H25 IVM I . -21.07 -43.24 -7.18
H26 IVM I . -20.38 -43.15 -4.71
H26A IVM I . -21.21 -44.65 -5.20
H27 IVM I . -22.43 -42.28 -3.70
H28 IVM I . -21.05 -44.13 -1.07
H28A IVM I . -21.11 -42.57 -1.91
H28B IVM I . -20.10 -43.89 -2.55
H29 IVM I . -23.76 -44.79 -4.70
H30 IVM I . -23.96 -41.90 -5.59
H31 IVM I . -26.17 -42.92 -5.62
H31A IVM I . -25.53 -44.42 -6.33
H31B IVM I . -25.57 -42.92 -7.29
H32 IVM I . -20.98 -39.39 -7.70
H33 IVM I . -21.78 -41.47 -8.79
H33A IVM I . -20.10 -42.06 -8.92
H33B IVM I . -20.62 -40.64 -9.85
H34 IVM I . -20.35 -35.79 -9.78
H35 IVM I . -22.56 -36.37 -8.90
H35A IVM I . -21.83 -37.29 -7.56
H35B IVM I . -21.67 -37.85 -9.25
H36 IVM I . -21.16 -35.17 -7.00
H37 IVM I . -21.79 -33.84 -9.12
H38 IVM I . -20.30 -32.42 -6.86
H40 IVM I . -21.76 -31.43 -10.48
H40A IVM I . -23.02 -31.96 -9.32
H41 IVM I . -23.77 -29.65 -7.66
H42 IVM I . -23.83 -27.47 -8.23
H44 IVM I . -20.33 -27.47 -5.53
H45 IVM I . -20.12 -28.65 -8.07
H48 IVM I . -22.63 -26.02 -4.96
H48A IVM I . -23.80 -25.84 -6.30
H48B IVM I . -22.15 -25.20 -6.47
C1 IVM J . -12.14 -20.86 -30.10
O1 IVM J . -14.54 -18.20 -27.63
C2 IVM J . -13.55 -20.65 -29.49
O2 IVM J . -18.86 -19.80 -33.02
C3 IVM J . -13.43 -20.30 -28.00
O3 IVM J . -17.90 -23.96 -34.24
C4 IVM J . -14.69 -20.77 -27.26
O4 IVM J . -20.38 -23.45 -35.49
C5 IVM J . -13.27 -18.80 -27.82
O5 IVM J . -18.80 -27.38 -36.40
C6 IVM J . -14.48 -16.79 -27.80
O6 IVM J . -21.42 -27.83 -35.51
C7 IVM J . -13.22 -16.23 -27.14
O7 IVM J . -21.71 -24.53 -37.02
C8 IVM J . -12.73 -17.15 -26.01
O8 IVM J . -18.91 -20.14 -35.27
C9 IVM J . -12.37 -18.52 -26.60
O9 IVM J . -22.92 -17.02 -25.78
C10 IVM J . -10.91 -18.52 -27.03
O10 IVM J . -23.74 -18.47 -23.69
C11 IVM J . -15.80 -16.47 -26.98
O11 IVM J . -17.80 -18.02 -25.20
C12 IVM J . -17.04 -17.16 -27.61
O12 IVM J . -18.23 -16.68 -27.01
C13 IVM J . -17.07 -16.83 -29.09
O13 IVM J . -20.32 -19.56 -26.07
C14 IVM J . -15.83 -17.40 -29.71
O14 IVM J . -14.69 -16.73 -29.22
C15 IVM J . -15.88 -17.22 -31.27
C16 IVM J . -17.03 -18.09 -31.88
C17 IVM J . -18.17 -17.53 -32.42
C18 IVM J . -18.39 -16.00 -32.47
C19 IVM J . -19.27 -18.44 -33.02
C20 IVM J . -18.10 -20.16 -34.14
C21 IVM J . -17.46 -21.59 -33.92
C22 IVM J . -18.54 -22.73 -34.12
C23 IVM J . -17.18 -24.38 -33.08
C24 IVM J . -19.34 -22.46 -35.36
C25 IVM J . -20.43 -23.97 -36.77
C26 IVM J . -19.32 -25.07 -36.95
C27 IVM J . -19.67 -26.31 -36.08
C28 IVM J . -17.46 -27.20 -35.94
C29 IVM J . -21.08 -26.74 -36.37
C30 IVM J . -22.01 -25.59 -36.12
C31 IVM J . -23.46 -26.05 -36.34
C32 IVM J . -19.94 -21.09 -35.22
C33 IVM J . -20.94 -20.82 -36.37
C34 IVM J . -20.56 -18.28 -32.23
C35 IVM J . -21.72 -18.96 -32.97
C36 IVM J . -20.43 -18.92 -30.84
C37 IVM J . -21.54 -18.42 -29.87
C38 IVM J . -21.38 -18.92 -28.41
C39 IVM J . -21.06 -17.76 -27.43
C40 IVM J . -22.32 -16.77 -27.30
C41 IVM J . -22.34 -18.35 -25.54
C42 IVM J . -22.45 -18.76 -24.15
C43 IVM J . -21.38 -18.02 -23.20
C44 IVM J . -20.08 -17.60 -23.77
C45 IVM J . -20.04 -17.29 -25.29
C46 IVM J . -18.60 -17.38 -25.79
C47 IVM J . -20.92 -18.27 -26.06
C48 IVM J . -21.62 -17.94 -21.66
H1 IVM J . -12.23 -21.21 -31.13
H1A IVM J . -11.60 -21.61 -29.51
H1B IVM J . -11.59 -19.92 -30.07
H2 IVM J . -14.13 -21.57 -29.60
H2A IVM J . -14.04 -19.83 -30.02
H3 IVM J . -12.56 -20.81 -27.58
H4 IVM J . -14.64 -21.85 -27.12
H4A IVM J . -15.57 -20.52 -27.85
H4B IVM J . -14.74 -20.28 -26.29
H5 IVM J . -12.80 -18.38 -28.72
HO6 IVM J . -21.08 -28.64 -35.86
H7 IVM J . -13.44 -15.25 -26.74
H7A IVM J . -12.43 -16.12 -27.89
H8 IVM J . -13.52 -17.27 -25.27
H8A IVM J . -11.85 -16.71 -25.54
H9 IVM J . -12.54 -19.30 -25.85
H10 IVM J . -10.27 -18.39 -26.15
H10A IVM J . -10.73 -17.70 -27.72
H10B IVM J . -10.67 -19.46 -27.51
HO10 IVM J . -24.00 -19.11 -23.04
H11 IVM J . -15.96 -15.38 -26.98
H11A IVM J . -15.68 -16.81 -25.95
H12 IVM J . -16.97 -18.24 -27.47
H13 IVM J . -17.10 -15.75 -29.23
H13A IVM J . -17.95 -17.29 -29.53
HO13 IVM J . -20.99 -20.22 -26.00
H14 IVM J . -15.76 -18.46 -29.49
H15 IVM J . -14.93 -17.55 -31.69
H15A IVM J . -16.01 -16.17 -31.50
H16 IVM J . -16.91 -19.17 -31.87
H18 IVM J . -17.52 -16.07 -33.13
H18A IVM J . -17.80 -15.15 -32.11
H18B IVM J . -18.51 -16.15 -31.40
H19 IVM J . -19.45 -18.13 -34.04
H20 IVM J . -17.31 -19.45 -34.27
H21 IVM J . -17.05 -21.65 -32.91
H21A IVM J . -16.65 -21.74 -34.64
H22 IVM J . -19.21 -22.75 -33.25
H23 IVM J . -17.12 -25.47 -33.07
H23A IVM J . -17.70 -24.04 -32.18
H23B IVM J . -16.18 -23.96 -33.10
H24 IVM J . -18.67 -22.47 -36.23
H25 IVM J . -20.24 -23.19 -37.50
H26 IVM J . -18.35 -24.67 -36.63
H26A IVM J . -19.27 -25.37 -38.00
H27 IVM J . -19.58 -26.06 -35.03
H28 IVM J . -16.94 -28.16 -35.98
H28A IVM J . -17.47 -26.84 -34.92
H28B IVM J . -16.95 -26.49 -36.57
H29 IVM J . -21.15 -27.05 -37.41
H30 IVM J . -21.89 -25.23 -35.09
H31 IVM J . -23.73 -26.76 -35.57
H31A IVM J . -23.55 -26.53 -37.32
H31B IVM J . -24.12 -25.19 -36.29
H32 IVM J . -20.45 -21.01 -34.26
H33 IVM J . -21.75 -21.55 -36.33
H33A IVM J . -20.42 -20.91 -37.33
H33B IVM J . -21.35 -19.82 -36.28
H34 IVM J . -20.79 -17.22 -32.11
H35 IVM J . -22.64 -18.45 -32.75
H35A IVM J . -21.80 -20.01 -32.65
H35B IVM J . -21.53 -18.93 -34.05
H36 IVM J . -19.45 -18.69 -30.41
H37 IVM J . -21.58 -17.33 -29.89
H38 IVM J . -22.30 -19.42 -28.11
H40 IVM J . -21.99 -15.74 -27.39
H40A IVM J . -23.07 -16.99 -28.06
H41 IVM J . -22.88 -19.07 -26.15
H42 IVM J . -22.28 -19.85 -24.09
H44 IVM J . -19.31 -17.21 -23.12
H45 IVM J . -20.42 -16.27 -25.43
H48 IVM J . -20.69 -18.10 -21.13
H48A IVM J . -22.34 -18.72 -21.37
H48B IVM J . -22.02 -16.96 -21.41
N LEU A 7 -50.07 4.80 -6.06
CA LEU A 7 -48.85 4.59 -6.85
C LEU A 7 -47.95 3.56 -6.20
N TYR A 8 -48.35 2.29 -6.27
CA TYR A 8 -47.54 1.22 -5.68
C TYR A 8 -46.27 1.00 -6.47
N TYR A 9 -46.40 0.67 -7.76
CA TYR A 9 -45.23 0.46 -8.59
C TYR A 9 -44.50 1.76 -8.89
N GLY A 10 -45.25 2.87 -9.00
CA GLY A 10 -44.60 4.15 -9.29
C GLY A 10 -43.65 4.58 -8.20
N LEU A 11 -44.06 4.45 -6.94
CA LEU A 11 -43.19 4.82 -5.83
C LEU A 11 -42.07 3.80 -5.62
N ASN A 12 -42.32 2.54 -5.99
CA ASN A 12 -41.29 1.51 -5.83
C ASN A 12 -40.18 1.63 -6.85
N LEU A 13 -40.39 2.38 -7.94
CA LEU A 13 -39.39 2.55 -8.97
C LEU A 13 -38.96 4.00 -9.17
N LEU A 14 -39.73 4.97 -8.68
CA LEU A 14 -39.36 6.37 -8.83
C LEU A 14 -38.38 6.81 -7.74
N ILE A 15 -38.71 6.52 -6.48
CA ILE A 15 -37.85 6.93 -5.38
C ILE A 15 -36.45 6.34 -5.49
N PRO A 16 -36.28 5.04 -5.77
CA PRO A 16 -34.91 4.50 -5.91
C PRO A 16 -34.11 5.18 -7.01
N CYS A 17 -34.76 5.62 -8.08
CA CYS A 17 -34.03 6.27 -9.17
C CYS A 17 -33.32 7.52 -8.68
N VAL A 18 -33.99 8.32 -7.84
CA VAL A 18 -33.36 9.51 -7.29
C VAL A 18 -32.17 9.13 -6.41
N LEU A 19 -32.31 8.03 -5.66
CA LEU A 19 -31.22 7.60 -4.79
C LEU A 19 -29.98 7.25 -5.60
N ILE A 20 -30.15 6.54 -6.71
CA ILE A 20 -29.01 6.16 -7.54
C ILE A 20 -28.31 7.41 -8.08
N SER A 21 -29.09 8.37 -8.58
CA SER A 21 -28.51 9.61 -9.07
C SER A 21 -27.91 10.43 -7.94
N ALA A 22 -28.56 10.42 -6.77
CA ALA A 22 -28.04 11.16 -5.63
C ALA A 22 -26.76 10.53 -5.09
N LEU A 23 -26.66 9.20 -5.12
CA LEU A 23 -25.45 8.54 -4.65
C LEU A 23 -24.25 8.91 -5.52
N ALA A 24 -24.45 9.01 -6.83
CA ALA A 24 -23.35 9.37 -7.72
C ALA A 24 -22.81 10.75 -7.40
N LEU A 25 -23.70 11.71 -7.10
CA LEU A 25 -23.24 13.05 -6.76
C LEU A 25 -22.40 13.04 -5.49
N LEU A 26 -22.80 12.24 -4.49
CA LEU A 26 -22.02 12.14 -3.27
C LEU A 26 -20.65 11.52 -3.53
N VAL A 27 -20.57 10.58 -4.45
CA VAL A 27 -19.29 9.94 -4.76
C VAL A 27 -18.32 10.97 -5.32
N PHE A 28 -18.79 11.85 -6.21
CA PHE A 28 -17.92 12.87 -6.77
C PHE A 28 -17.38 13.80 -5.71
N LEU A 29 -18.13 14.01 -4.63
CA LEU A 29 -17.66 14.87 -3.55
C LEU A 29 -16.41 14.30 -2.88
N LEU A 30 -16.23 12.98 -2.94
CA LEU A 30 -15.06 12.37 -2.34
C LEU A 30 -13.81 12.80 -3.10
N PRO A 31 -12.77 13.29 -2.41
CA PRO A 31 -11.54 13.67 -3.13
C PRO A 31 -10.91 12.48 -3.83
N ALA A 32 -9.96 12.79 -4.71
CA ALA A 32 -9.27 11.77 -5.47
C ALA A 32 -8.15 11.10 -4.69
N ASP A 33 -7.83 11.58 -3.49
CA ASP A 33 -6.78 11.00 -2.67
C ASP A 33 -7.25 9.79 -1.88
N SER A 34 -8.54 9.46 -1.92
CA SER A 34 -9.02 8.32 -1.16
C SER A 34 -8.38 7.02 -1.63
N GLY A 35 -8.25 6.85 -2.93
CA GLY A 35 -7.66 5.64 -3.50
C GLY A 35 -8.65 4.54 -3.79
N GLU A 36 -9.49 4.20 -2.81
CA GLU A 36 -10.50 3.17 -2.96
C GLU A 36 -11.81 3.70 -3.53
N LYS A 37 -11.77 4.88 -4.16
CA LYS A 37 -12.99 5.43 -4.74
C LYS A 37 -13.48 4.62 -5.93
N ILE A 38 -12.57 3.91 -6.61
CA ILE A 38 -12.96 3.13 -7.77
C ILE A 38 -13.89 1.99 -7.37
N SER A 39 -13.62 1.34 -6.24
CA SER A 39 -14.45 0.23 -5.81
C SER A 39 -15.88 0.67 -5.56
N LEU A 40 -16.07 1.82 -4.90
CA LEU A 40 -17.41 2.33 -4.64
C LEU A 40 -18.11 2.72 -5.94
N GLY A 41 -17.38 3.36 -6.86
CA GLY A 41 -17.99 3.79 -8.10
C GLY A 41 -18.50 2.64 -8.94
N ILE A 42 -17.71 1.57 -9.05
CA ILE A 42 -18.12 0.42 -9.86
C ILE A 42 -19.36 -0.23 -9.26
N THR A 43 -19.40 -0.38 -7.93
CA THR A 43 -20.55 -1.03 -7.30
C THR A 43 -21.82 -0.24 -7.52
N VAL A 44 -21.71 1.08 -7.68
CA VAL A 44 -22.90 1.89 -7.96
C VAL A 44 -23.52 1.49 -9.29
N LEU A 45 -22.69 1.28 -10.31
CA LEU A 45 -23.20 0.83 -11.60
C LEU A 45 -23.75 -0.59 -11.51
N LEU A 46 -23.12 -1.44 -10.71
CA LEU A 46 -23.60 -2.82 -10.58
C LEU A 46 -24.99 -2.85 -9.97
N SER A 47 -25.24 -2.01 -8.96
CA SER A 47 -26.56 -1.96 -8.33
C SER A 47 -27.62 -1.41 -9.27
N LEU A 48 -27.23 -0.65 -10.28
CA LEU A 48 -28.21 -0.14 -11.24
C LEU A 48 -28.78 -1.25 -12.10
N THR A 49 -27.96 -2.24 -12.46
CA THR A 49 -28.46 -3.35 -13.28
C THR A 49 -29.54 -4.13 -12.55
N VAL A 50 -29.36 -4.37 -11.25
CA VAL A 50 -30.36 -5.10 -10.48
C VAL A 50 -31.68 -4.33 -10.47
N PHE A 51 -31.61 -3.02 -10.23
CA PHE A 51 -32.83 -2.21 -10.25
C PHE A 51 -33.41 -2.12 -11.65
N MET A 52 -32.58 -2.20 -12.69
CA MET A 52 -33.08 -2.13 -14.05
C MET A 52 -33.99 -3.32 -14.35
N LEU A 53 -33.65 -4.51 -13.86
CA LEU A 53 -34.46 -5.68 -14.12
C LEU A 53 -35.87 -5.50 -13.56
N LEU A 54 -35.98 -4.94 -12.35
CA LEU A 54 -37.30 -4.72 -11.76
C LEU A 54 -38.13 -3.77 -12.61
N VAL A 55 -37.52 -2.71 -13.11
CA VAL A 55 -38.24 -1.76 -13.95
C VAL A 55 -38.70 -2.43 -15.24
N ALA A 56 -37.84 -3.27 -15.83
CA ALA A 56 -38.19 -3.93 -17.08
C ALA A 56 -39.41 -4.83 -16.91
N GLU A 57 -39.47 -5.57 -15.79
CA GLU A 57 -40.60 -6.46 -15.57
C GLU A 57 -41.91 -5.67 -15.47
N ILE A 58 -41.89 -4.55 -14.76
CA ILE A 58 -43.09 -3.73 -14.64
C ILE A 58 -43.42 -3.08 -15.98
N MET A 59 -42.39 -2.67 -16.72
CA MET A 59 -42.61 -2.02 -18.00
C MET A 59 -43.28 -2.99 -18.96
N PRO A 60 -44.39 -2.60 -19.62
CA PRO A 60 -45.02 -3.53 -20.57
C PRO A 60 -44.08 -3.90 -21.70
N SER A 61 -44.18 -5.15 -22.15
CA SER A 61 -43.37 -5.66 -23.23
C SER A 61 -44.06 -5.38 -24.57
N THR A 62 -43.32 -4.81 -25.51
CA THR A 62 -43.83 -4.47 -26.83
C THR A 62 -42.94 -5.11 -27.89
N SER A 63 -43.24 -4.81 -29.15
CA SER A 63 -42.49 -5.34 -30.29
C SER A 63 -41.70 -4.25 -31.01
N ASP A 64 -42.36 -3.16 -31.42
CA ASP A 64 -41.67 -2.08 -32.12
C ASP A 64 -42.11 -0.70 -31.64
N SER A 65 -42.80 -0.62 -30.50
CA SER A 65 -43.25 0.66 -29.93
C SER A 65 -42.83 0.68 -28.46
N SER A 66 -41.62 1.16 -28.22
CA SER A 66 -41.10 1.20 -26.85
C SER A 66 -41.95 2.16 -26.00
N PRO A 67 -42.25 1.80 -24.76
CA PRO A 67 -43.00 2.73 -23.89
C PRO A 67 -42.19 3.99 -23.62
N SER A 68 -42.92 5.08 -23.34
CA SER A 68 -42.27 6.35 -23.06
C SER A 68 -41.35 6.24 -21.84
N ILE A 69 -41.68 5.36 -20.88
CA ILE A 69 -40.85 5.17 -19.71
C ILE A 69 -39.58 4.40 -20.00
N ALA A 70 -39.48 3.77 -21.18
CA ALA A 70 -38.29 3.01 -21.51
C ALA A 70 -37.06 3.90 -21.64
N GLN A 71 -37.25 5.20 -21.90
CA GLN A 71 -36.13 6.12 -22.03
C GLN A 71 -35.93 6.98 -20.79
N TYR A 72 -36.94 7.13 -19.94
CA TYR A 72 -36.78 7.94 -18.74
C TYR A 72 -35.80 7.30 -17.78
N PHE A 73 -35.91 5.99 -17.55
CA PHE A 73 -34.99 5.28 -16.67
C PHE A 73 -33.64 5.03 -17.33
N ALA A 74 -33.56 5.12 -18.67
CA ALA A 74 -32.29 4.94 -19.34
C ALA A 74 -31.39 6.15 -19.17
N SER A 75 -31.97 7.33 -18.99
CA SER A 75 -31.17 8.53 -18.79
C SER A 75 -30.37 8.47 -17.50
N THR A 76 -30.88 7.73 -16.50
CA THR A 76 -30.15 7.61 -15.24
C THR A 76 -28.83 6.89 -15.45
N MET A 77 -28.79 5.89 -16.34
CA MET A 77 -27.55 5.17 -16.60
C MET A 77 -26.50 6.04 -17.26
N ILE A 78 -26.90 7.12 -17.93
CA ILE A 78 -25.93 8.00 -18.56
C ILE A 78 -25.05 8.66 -17.52
N ILE A 79 -25.66 9.17 -16.44
CA ILE A 79 -24.88 9.79 -15.37
C ILE A 79 -24.06 8.74 -14.65
N VAL A 80 -24.68 7.61 -14.30
CA VAL A 80 -23.96 6.55 -13.60
C VAL A 80 -22.88 5.95 -14.49
N GLY A 81 -23.21 5.71 -15.76
CA GLY A 81 -22.22 5.15 -16.67
C GLY A 81 -21.04 6.09 -16.87
N LEU A 82 -21.31 7.39 -17.03
CA LEU A 82 -20.23 8.35 -17.19
C LEU A 82 -19.43 8.50 -15.90
N SER A 83 -20.07 8.31 -14.74
CA SER A 83 -19.35 8.43 -13.48
C SER A 83 -18.26 7.37 -13.38
N VAL A 84 -18.54 6.15 -13.81
CA VAL A 84 -17.53 5.09 -13.77
C VAL A 84 -16.36 5.45 -14.69
N VAL A 85 -16.68 5.97 -15.88
CA VAL A 85 -15.61 6.36 -16.81
C VAL A 85 -14.78 7.49 -16.22
N VAL A 86 -15.42 8.42 -15.50
CA VAL A 86 -14.69 9.51 -14.86
C VAL A 86 -13.72 8.96 -13.83
N THR A 87 -14.14 7.95 -13.06
CA THR A 87 -13.26 7.36 -12.06
C THR A 87 -12.01 6.77 -12.69
N VAL A 88 -12.09 6.32 -13.94
CA VAL A 88 -10.92 5.80 -14.63
C VAL A 88 -9.86 6.89 -14.77
N ILE A 89 -10.28 8.09 -15.16
CA ILE A 89 -9.33 9.20 -15.28
C ILE A 89 -8.75 9.56 -13.93
N VAL A 90 -9.54 9.45 -12.85
CA VAL A 90 -9.06 9.80 -11.52
C VAL A 90 -7.89 8.91 -11.14
N LEU A 91 -8.00 7.61 -11.41
CA LEU A 91 -6.91 6.69 -11.08
C LEU A 91 -5.64 7.02 -11.85
N GLN A 92 -5.77 7.49 -13.09
CA GLN A 92 -4.60 7.84 -13.89
C GLN A 92 -3.81 8.96 -13.23
N TYR A 93 -4.51 9.99 -12.73
CA TYR A 93 -3.83 11.09 -12.06
C TYR A 93 -3.33 10.70 -10.67
N HIS A 94 -4.05 9.82 -9.97
CA HIS A 94 -3.60 9.39 -8.66
C HIS A 94 -2.26 8.68 -8.73
N HIS A 95 -2.09 7.80 -9.72
CA HIS A 95 -0.84 7.08 -9.96
C HIS A 95 -0.38 7.42 -11.38
N HIS A 96 0.38 8.50 -11.51
CA HIS A 96 0.82 8.96 -12.82
C HIS A 96 1.76 7.94 -13.44
N ASP A 97 1.53 7.63 -14.72
CA ASP A 97 2.38 6.71 -15.46
C ASP A 97 3.37 7.49 -16.31
N PRO A 98 4.68 7.30 -16.15
CA PRO A 98 5.63 8.05 -16.99
C PRO A 98 5.47 7.79 -18.47
N ASP A 99 4.84 6.68 -18.86
CA ASP A 99 4.65 6.40 -20.28
C ASP A 99 3.82 7.49 -20.95
N GLY A 100 2.76 7.94 -20.30
CA GLY A 100 1.91 8.98 -20.86
C GLY A 100 0.70 9.27 -20.00
N GLY A 101 0.20 10.50 -20.08
CA GLY A 101 -0.95 10.90 -19.30
C GLY A 101 -0.76 12.23 -18.59
N LYS A 102 0.40 12.86 -18.79
CA LYS A 102 0.66 14.14 -18.16
C LYS A 102 -0.27 15.21 -18.70
N MET A 103 -0.74 16.08 -17.81
CA MET A 103 -1.63 17.15 -18.24
C MET A 103 -0.91 18.11 -19.17
N PRO A 104 -1.54 18.54 -20.26
CA PRO A 104 -0.88 19.50 -21.15
C PRO A 104 -0.53 20.78 -20.41
N LYS A 105 0.61 21.37 -20.80
CA LYS A 105 1.06 22.60 -20.16
C LYS A 105 0.06 23.73 -20.37
N TRP A 106 -0.51 23.84 -21.58
CA TRP A 106 -1.44 24.91 -21.86
C TRP A 106 -2.66 24.85 -20.95
N THR A 107 -3.19 23.65 -20.73
CA THR A 107 -4.36 23.48 -19.87
C THR A 107 -4.01 23.45 -18.39
N ARG A 108 -2.74 23.29 -18.04
CA ARG A 108 -2.36 23.30 -16.63
C ARG A 108 -2.63 24.65 -15.99
N VAL A 109 -2.34 25.74 -16.72
CA VAL A 109 -2.57 27.07 -16.17
C VAL A 109 -4.06 27.30 -15.90
N ILE A 110 -4.91 26.86 -16.82
CA ILE A 110 -6.36 27.04 -16.63
C ILE A 110 -6.82 26.28 -15.40
N LEU A 111 -6.36 25.04 -15.23
CA LEU A 111 -6.76 24.26 -14.06
C LEU A 111 -6.22 24.87 -12.77
N LEU A 112 -5.03 25.46 -12.81
CA LEU A 112 -4.46 26.07 -11.61
C LEU A 112 -5.35 27.21 -11.10
N ASN A 113 -5.84 28.05 -12.00
CA ASN A 113 -6.71 29.15 -11.60
C ASN A 113 -7.99 28.63 -10.97
N TRP A 114 -8.58 27.58 -11.55
CA TRP A 114 -9.81 27.02 -11.01
C TRP A 114 -9.58 26.47 -9.60
N CYS A 115 -8.44 25.80 -9.39
CA CYS A 115 -8.15 25.23 -8.08
C CYS A 115 -8.04 26.33 -7.02
N ALA A 116 -7.41 27.45 -7.38
CA ALA A 116 -7.25 28.55 -6.43
C ALA A 116 -8.53 29.35 -6.23
N TRP A 117 -9.50 29.23 -7.14
CA TRP A 117 -10.76 29.94 -7.00
C TRP A 117 -11.73 29.26 -6.03
N PHE A 118 -11.47 28.01 -5.66
CA PHE A 118 -12.35 27.32 -4.72
C PHE A 118 -12.03 27.72 -3.29
N LEU A 119 -10.75 27.62 -2.90
CA LEU A 119 -10.37 28.03 -1.55
C LEU A 119 -10.61 29.52 -1.34
N ARG A 120 -10.28 30.33 -2.33
CA ARG A 120 -10.49 31.77 -2.30
C ARG A 120 -11.66 32.11 -3.21
N MET A 121 -12.78 32.50 -2.62
CA MET A 121 -13.98 32.81 -3.40
C MET A 121 -13.67 33.88 -4.44
N LYS A 122 -13.94 33.57 -5.71
CA LYS A 122 -13.73 34.50 -6.82
C LYS A 122 -15.02 35.14 -7.28
N ARG A 123 -16.16 34.81 -6.67
CA ARG A 123 -17.43 35.37 -7.10
C ARG A 123 -17.43 36.88 -6.89
N PRO A 124 -17.87 37.67 -7.87
CA PRO A 124 -17.90 39.13 -7.66
C PRO A 124 -18.78 39.55 -6.49
N GLY A 125 -19.83 38.79 -6.19
CA GLY A 125 -20.73 39.15 -5.10
C GLY A 125 -20.18 38.89 -3.72
N GLU A 126 -19.06 38.19 -3.61
CA GLU A 126 -18.42 37.89 -2.34
C GLU A 126 -17.12 38.63 -2.12
N ASP A 127 -16.33 38.84 -3.17
CA ASP A 127 -15.08 39.57 -3.03
C ASP A 127 -15.33 41.07 -2.88
N LYS A 128 -16.41 41.58 -3.48
CA LYS A 128 -16.73 43.00 -3.40
C LYS A 128 -17.57 43.34 -2.18
N VAL A 129 -18.49 42.45 -1.79
CA VAL A 129 -19.36 42.69 -0.64
C VAL A 129 -18.62 42.15 0.58
N ARG A 130 -17.76 42.99 1.15
CA ARG A 130 -16.97 42.64 2.32
C ARG A 130 -16.24 43.89 2.80
N PRO A 131 -15.74 43.89 4.04
CA PRO A 131 -15.00 45.06 4.52
C PRO A 131 -13.78 45.35 3.66
N ALA A 132 -13.51 46.63 3.46
CA ALA A 132 -12.40 47.08 2.64
C ALA A 132 -11.64 48.18 3.37
N CYS A 133 -10.35 48.30 3.05
CA CYS A 133 -9.50 49.30 3.66
C CYS A 133 -8.49 49.79 2.63
N GLN A 134 -8.18 51.09 2.69
CA GLN A 134 -7.24 51.72 1.78
C GLN A 134 -5.93 52.11 2.46
N HIS A 135 -5.60 51.47 3.58
CA HIS A 135 -4.38 51.79 4.29
C HIS A 135 -3.16 51.30 3.52
N LYS A 136 -1.98 51.80 3.94
CA LYS A 136 -0.75 51.42 3.27
C LYS A 136 -0.46 49.93 3.39
N GLN A 137 -1.01 49.27 4.41
CA GLN A 137 -0.79 47.84 4.59
C GLN A 137 -1.49 46.99 3.55
N ARG A 138 -2.41 47.57 2.77
CA ARG A 138 -3.14 46.84 1.72
C ARG A 138 -2.90 47.45 0.34
N ARG A 139 -1.86 48.25 0.19
CA ARG A 139 -1.56 48.90 -1.08
C ARG A 139 -0.63 48.02 -1.92
N CYS A 140 -0.39 48.45 -3.15
CA CYS A 140 0.46 47.74 -4.09
C CYS A 140 1.57 48.67 -4.57
N SER A 141 2.59 48.07 -5.16
CA SER A 141 3.74 48.81 -5.67
C SER A 141 4.29 48.08 -6.90
N LEU A 142 5.49 48.47 -7.33
CA LEU A 142 6.10 47.83 -8.50
C LEU A 142 6.43 46.37 -8.26
N ALA A 143 6.54 45.94 -7.00
CA ALA A 143 6.86 44.55 -6.72
C ALA A 143 5.70 43.62 -7.04
N SER A 144 4.46 44.12 -6.93
CA SER A 144 3.30 43.29 -7.21
C SER A 144 3.16 42.96 -8.70
N VAL A 145 3.78 43.75 -9.56
CA VAL A 145 3.71 43.53 -11.01
C VAL A 145 4.83 42.55 -11.37
N GLU A 146 4.45 41.29 -11.60
CA GLU A 146 5.42 40.26 -11.95
C GLU A 146 5.77 40.26 -13.44
N MET A 147 5.01 40.97 -14.27
CA MET A 147 5.26 41.01 -15.70
C MET A 147 6.35 42.02 -16.08
N SER A 148 6.83 42.81 -15.14
CA SER A 148 7.86 43.83 -15.39
C SER A 148 9.25 43.37 -14.95
N ALA A 149 9.48 42.05 -14.95
CA ALA A 149 10.77 41.50 -14.54
C ALA A 149 11.13 41.93 -13.12
N VAL A 150 10.14 41.96 -12.24
CA VAL A 150 10.32 42.31 -10.84
C VAL A 150 9.95 41.10 -9.99
N ALA A 151 10.80 40.77 -9.04
CA ALA A 151 10.55 39.61 -8.20
C ALA A 151 9.26 39.82 -7.40
N PRO A 152 8.43 38.80 -7.25
CA PRO A 152 7.16 38.97 -6.52
C PRO A 152 7.43 39.18 -5.04
N PRO A 153 6.49 39.79 -4.31
CA PRO A 153 6.69 39.99 -2.88
C PRO A 153 6.85 38.66 -2.18
N PRO A 154 7.67 38.60 -1.12
CA PRO A 154 7.86 37.33 -0.41
C PRO A 154 6.52 36.78 0.09
N ALA A 155 6.20 35.57 -0.36
CA ALA A 155 4.96 34.91 0.03
C ALA A 155 5.15 33.41 -0.06
N SER A 156 4.30 32.69 0.64
CA SER A 156 4.31 31.22 0.66
C SER A 156 3.39 30.60 -0.37
N ASN A 157 2.75 31.43 -1.21
CA ASN A 157 1.81 30.94 -2.21
C ASN A 157 2.46 30.68 -3.56
N GLY A 158 3.79 30.71 -3.63
CA GLY A 158 4.50 30.47 -4.88
C GLY A 158 5.30 31.66 -5.35
N ASN A 159 5.73 32.51 -4.40
CA ASN A 159 6.54 33.67 -4.70
C ASN A 159 7.92 33.60 -4.08
N LEU A 160 8.01 33.25 -2.79
CA LEU A 160 9.30 33.12 -2.12
C LEU A 160 9.85 31.71 -2.17
N LEU A 161 8.98 30.70 -2.31
CA LEU A 161 9.44 29.32 -2.38
C LEU A 161 10.24 29.05 -3.65
N TYR A 162 9.85 29.69 -4.77
CA TYR A 162 10.58 29.48 -6.02
C TYR A 162 11.97 30.09 -5.98
N ILE A 163 12.19 31.10 -5.14
CA ILE A 163 13.52 31.71 -5.06
C ILE A 163 14.49 30.79 -4.35
N GLY A 164 14.03 30.01 -3.36
CA GLY A 164 14.88 29.10 -2.64
C GLY A 164 15.11 27.80 -3.38
N PHE A 165 14.29 27.51 -4.38
CA PHE A 165 14.41 26.30 -5.18
C PHE A 165 15.06 26.57 -6.53
N ARG A 166 14.54 27.52 -7.29
CA ARG A 166 15.12 27.87 -8.59
C ARG A 166 16.23 28.91 -8.47
N GLY A 167 16.05 29.90 -7.60
CA GLY A 167 17.10 30.90 -7.42
C GLY A 167 18.38 30.31 -6.91
N LEU A 168 18.30 29.42 -5.92
CA LEU A 168 19.48 28.76 -5.38
C LEU A 168 19.87 27.58 -6.25
N ASP A 169 21.18 27.34 -6.33
CA ASP A 169 21.78 26.28 -7.14
C ASP A 169 21.64 26.53 -8.64
N GLY A 170 21.16 27.71 -9.03
CA GLY A 170 21.02 28.05 -10.44
C GLY A 170 21.98 29.16 -10.84
N VAL A 171 21.45 30.39 -10.95
CA VAL A 171 22.29 31.53 -11.29
C VAL A 171 23.35 31.77 -10.23
N HIS A 172 23.10 31.36 -8.99
CA HIS A 172 24.08 31.55 -7.93
C HIS A 172 25.36 30.77 -8.22
N CYS A 173 25.22 29.56 -8.79
CA CYS A 173 26.40 28.76 -9.13
C CYS A 173 27.26 29.43 -10.20
N VAL A 174 26.70 30.38 -10.94
CA VAL A 174 27.44 31.10 -11.97
C VAL A 174 27.28 32.60 -11.73
N PRO A 175 27.96 33.16 -10.72
CA PRO A 175 27.81 34.60 -10.41
C PRO A 175 28.56 35.50 -11.38
N THR A 176 27.94 35.76 -12.53
CA THR A 176 28.55 36.63 -13.52
C THR A 176 28.85 38.02 -12.98
N PRO A 177 27.94 38.67 -12.26
CA PRO A 177 28.27 40.00 -11.72
C PRO A 177 29.46 39.94 -10.78
N ASP A 178 30.24 41.02 -10.78
CA ASP A 178 31.43 41.14 -9.95
C ASP A 178 31.23 42.32 -9.01
N SER A 179 30.80 42.03 -7.77
CA SER A 179 30.58 43.07 -6.78
C SER A 179 31.73 43.22 -5.80
N GLY A 180 32.51 42.17 -5.58
CA GLY A 180 33.63 42.24 -4.66
C GLY A 180 33.21 42.48 -3.22
N VAL A 181 32.15 41.84 -2.77
CA VAL A 181 31.68 42.00 -1.40
C VAL A 181 32.27 40.94 -0.49
N VAL A 182 32.28 39.68 -0.94
CA VAL A 182 32.84 38.61 -0.12
C VAL A 182 34.36 38.52 -0.22
N CYS A 183 34.95 39.17 -1.22
CA CYS A 183 36.40 39.18 -1.39
C CYS A 183 37.01 40.56 -1.23
N GLY A 184 36.22 41.55 -0.84
CA GLY A 184 36.70 42.91 -0.66
C GLY A 184 36.30 43.52 0.66
N ARG A 185 35.42 42.84 1.39
CA ARG A 185 34.94 43.32 2.69
C ARG A 185 34.96 42.14 3.66
N MET A 186 34.41 42.37 4.85
CA MET A 186 34.35 41.36 5.91
C MET A 186 32.91 40.90 6.15
N ALA A 187 32.13 40.78 5.07
CA ALA A 187 30.74 40.36 5.16
C ALA A 187 30.68 38.84 5.22
N CYS A 188 31.00 38.30 6.40
CA CYS A 188 31.01 36.86 6.64
C CYS A 188 31.95 36.13 5.70
N SER A 189 33.03 36.81 5.27
CA SER A 189 34.00 36.20 4.37
C SER A 189 35.31 36.95 4.49
N PRO A 190 36.46 36.27 4.43
CA PRO A 190 37.74 36.98 4.53
C PRO A 190 37.96 37.90 3.34
N THR A 191 38.72 38.96 3.59
CA THR A 191 39.05 39.95 2.55
C THR A 191 40.13 39.35 1.65
N HIS A 192 39.69 38.44 0.77
CA HIS A 192 40.57 37.76 -0.17
C HIS A 192 41.87 37.32 0.49
N ASP A 193 41.80 36.86 1.73
CA ASP A 193 42.97 36.42 2.48
C ASP A 193 43.23 34.95 2.15
N GLU A 194 44.27 34.68 1.36
CA GLU A 194 44.62 33.32 0.99
C GLU A 194 45.44 32.60 2.06
N HIS A 195 45.91 33.32 3.09
CA HIS A 195 46.70 32.74 4.16
C HIS A 195 45.88 32.49 5.43
N LEU A 196 44.59 32.17 5.26
CA LEU A 196 43.71 31.90 6.40
C LEU A 196 43.90 30.45 6.82
N LEU A 197 45.00 30.20 7.51
CA LEU A 197 45.36 28.86 7.98
C LEU A 197 44.92 28.71 9.43
N HIS A 198 44.07 27.71 9.70
CA HIS A 198 43.60 27.44 11.06
C HIS A 198 44.60 26.50 11.73
N GLY A 199 45.62 27.10 12.32
CA GLY A 199 46.67 26.33 12.96
C GLY A 199 47.66 25.70 12.00
N GLY A 200 47.74 26.20 10.76
CA GLY A 200 48.61 25.66 9.75
C GLY A 200 47.93 24.79 8.72
N GLN A 201 46.68 24.41 8.95
CA GLN A 201 45.93 23.60 8.00
C GLN A 201 45.22 24.48 6.98
N PRO A 202 44.81 23.91 5.84
CA PRO A 202 44.09 24.71 4.84
C PRO A 202 42.74 25.14 5.36
N PRO A 203 41.97 25.87 4.56
CA PRO A 203 40.63 26.28 5.01
C PRO A 203 39.74 25.11 5.41
N GLU A 204 39.87 23.99 4.72
CA GLU A 204 39.09 22.79 5.03
C GLU A 204 39.94 21.87 5.90
N GLY A 205 39.40 21.51 7.07
CA GLY A 205 40.16 20.67 7.99
C GLY A 205 40.44 19.29 7.42
N ASP A 206 39.47 18.73 6.70
CA ASP A 206 39.63 17.39 6.13
C ASP A 206 38.88 17.30 4.79
N PRO A 207 39.56 17.00 3.68
CA PRO A 207 38.84 16.85 2.42
C PRO A 207 37.82 15.72 2.43
N ASP A 208 37.97 14.74 3.33
CA ASP A 208 37.01 13.64 3.39
C ASP A 208 35.61 14.14 3.75
N LEU A 209 35.52 15.24 4.50
CA LEU A 209 34.22 15.78 4.84
C LEU A 209 33.48 16.25 3.60
N ALA A 210 34.20 16.81 2.63
CA ALA A 210 33.56 17.24 1.39
C ALA A 210 32.95 16.06 0.65
N LYS A 211 33.65 14.92 0.62
CA LYS A 211 33.10 13.74 -0.02
C LYS A 211 31.84 13.27 0.69
N ILE A 212 31.83 13.30 2.02
CA ILE A 212 30.63 12.92 2.76
C ILE A 212 29.50 13.88 2.48
N LEU A 213 29.82 15.17 2.31
CA LEU A 213 28.78 16.15 2.02
C LEU A 213 28.08 15.84 0.70
N GLU A 214 28.85 15.42 -0.33
CA GLU A 214 28.24 15.08 -1.60
C GLU A 214 27.25 13.93 -1.45
N GLU A 215 27.64 12.89 -0.70
CA GLU A 215 26.73 11.78 -0.46
C GLU A 215 25.55 12.22 0.43
N VAL A 216 25.84 13.01 1.46
CA VAL A 216 24.78 13.50 2.34
C VAL A 216 23.84 14.41 1.56
N ARG A 217 24.40 15.29 0.71
CA ARG A 217 23.56 16.18 -0.07
C ARG A 217 22.64 15.40 -1.01
N TYR A 218 23.17 14.34 -1.64
CA TYR A 218 22.33 13.51 -2.49
C TYR A 218 21.21 12.87 -1.70
N ILE A 219 21.51 12.36 -0.50
CA ILE A 219 20.46 11.79 0.34
C ILE A 219 19.45 12.85 0.71
N ALA A 220 19.92 14.03 1.11
CA ALA A 220 19.00 15.13 1.42
C ALA A 220 18.20 15.54 0.19
N ASN A 221 18.86 15.59 -0.97
CA ASN A 221 18.15 15.95 -2.20
C ASN A 221 17.14 14.90 -2.60
N ARG A 222 17.34 13.64 -2.20
CA ARG A 222 16.36 12.60 -2.51
C ARG A 222 15.01 12.90 -1.88
N PHE A 223 15.01 13.34 -0.62
CA PHE A 223 13.77 13.73 0.03
C PHE A 223 13.20 15.01 -0.58
N ARG A 224 14.07 15.94 -0.99
CA ARG A 224 13.59 17.14 -1.67
C ARG A 224 12.89 16.80 -2.98
N CYS A 225 13.46 15.85 -3.74
CA CYS A 225 12.82 15.41 -4.96
C CYS A 225 11.48 14.75 -4.66
N GLN A 226 11.41 13.95 -3.59
CA GLN A 226 10.14 13.35 -3.21
C GLN A 226 9.12 14.41 -2.84
N ASP A 227 9.54 15.44 -2.10
CA ASP A 227 8.63 16.54 -1.79
C ASP A 227 8.21 17.27 -3.06
N GLU A 228 9.17 17.51 -3.97
CA GLU A 228 8.83 18.12 -5.25
C GLU A 228 7.91 17.20 -6.05
N SER A 229 8.19 15.90 -6.04
CA SER A 229 7.32 14.95 -6.74
C SER A 229 5.93 14.95 -6.13
N GLU A 230 5.83 15.05 -4.81
CA GLU A 230 4.53 15.11 -4.17
C GLU A 230 3.78 16.38 -4.57
N ALA A 231 4.49 17.50 -4.71
CA ALA A 231 3.84 18.73 -5.17
C ALA A 231 3.32 18.57 -6.60
N VAL A 232 4.12 17.95 -7.47
CA VAL A 232 3.66 17.68 -8.82
C VAL A 232 2.57 16.62 -8.81
N CYS A 233 2.73 15.59 -7.98
CA CYS A 233 1.69 14.56 -7.86
C CYS A 233 0.40 15.16 -7.31
N SER A 234 0.50 16.07 -6.33
CA SER A 234 -0.69 16.72 -5.81
C SER A 234 -1.38 17.54 -6.88
N GLU A 235 -0.61 18.22 -7.73
CA GLU A 235 -1.22 18.99 -8.81
C GLU A 235 -2.01 18.08 -9.74
N TRP A 236 -1.46 16.91 -10.08
CA TRP A 236 -2.23 15.94 -10.86
C TRP A 236 -3.45 15.47 -10.10
N LYS A 237 -3.31 15.26 -8.78
CA LYS A 237 -4.46 14.85 -7.97
C LYS A 237 -5.52 15.95 -7.96
N PHE A 238 -5.10 17.21 -7.92
CA PHE A 238 -6.06 18.31 -7.96
C PHE A 238 -6.86 18.29 -9.27
N ALA A 239 -6.20 17.94 -10.38
CA ALA A 239 -6.90 17.86 -11.65
C ALA A 239 -8.02 16.84 -11.60
N ALA A 240 -7.87 15.79 -10.79
CA ALA A 240 -8.94 14.81 -10.65
C ALA A 240 -10.09 15.33 -9.80
N CYS A 241 -9.79 16.12 -8.77
CA CYS A 241 -10.85 16.65 -7.91
C CYS A 241 -11.70 17.67 -8.66
N VAL A 242 -11.08 18.52 -9.46
CA VAL A 242 -11.83 19.53 -10.20
C VAL A 242 -12.72 18.87 -11.25
N VAL A 243 -12.23 17.78 -11.86
CA VAL A 243 -13.05 17.06 -12.84
C VAL A 243 -14.31 16.50 -12.19
N ASP A 244 -14.15 15.90 -11.00
CA ASP A 244 -15.33 15.41 -10.27
C ASP A 244 -16.20 16.56 -9.81
N ARG A 245 -15.58 17.65 -9.33
CA ARG A 245 -16.36 18.82 -8.92
C ARG A 245 -17.07 19.45 -10.11
N LEU A 246 -16.37 19.57 -11.25
CA LEU A 246 -17.00 20.12 -12.45
C LEU A 246 -18.12 19.20 -12.93
N CYS A 247 -17.89 17.89 -12.90
CA CYS A 247 -18.92 16.95 -13.33
C CYS A 247 -20.13 16.98 -12.41
N LEU A 248 -19.91 17.24 -11.12
CA LEU A 248 -21.03 17.32 -10.18
C LEU A 248 -22.01 18.42 -10.58
N MET A 249 -21.50 19.59 -10.93
CA MET A 249 -22.36 20.68 -11.37
C MET A 249 -22.98 20.37 -12.73
N ALA A 250 -22.18 19.82 -13.66
CA ALA A 250 -22.71 19.47 -14.97
C ALA A 250 -23.79 18.40 -14.87
N PHE A 251 -23.54 17.37 -14.06
CA PHE A 251 -24.52 16.31 -13.88
C PHE A 251 -25.72 16.76 -13.06
N SER A 252 -25.54 17.77 -12.20
CA SER A 252 -26.66 18.26 -11.41
C SER A 252 -27.76 18.83 -12.31
N VAL A 253 -27.36 19.60 -13.33
CA VAL A 253 -28.34 20.13 -14.27
C VAL A 253 -29.04 19.01 -15.03
N PHE A 254 -28.26 18.02 -15.48
CA PHE A 254 -28.85 16.88 -16.19
C PHE A 254 -29.80 16.10 -15.28
N THR A 255 -29.42 15.90 -14.02
CA THR A 255 -30.29 15.20 -13.09
C THR A 255 -31.58 16.00 -12.87
N ILE A 256 -31.47 17.32 -12.74
CA ILE A 256 -32.67 18.14 -12.57
C ILE A 256 -33.56 18.04 -13.79
N ILE A 257 -32.97 18.07 -14.99
CA ILE A 257 -33.75 17.97 -16.22
C ILE A 257 -34.48 16.65 -16.26
N CYS A 258 -33.80 15.55 -15.91
CA CYS A 258 -34.46 14.25 -15.90
C CYS A 258 -35.60 14.21 -14.90
N THR A 259 -35.40 14.80 -13.71
CA THR A 259 -36.46 14.83 -12.71
C THR A 259 -37.64 15.66 -13.20
N ILE A 260 -37.36 16.78 -13.88
CA ILE A 260 -38.43 17.63 -14.39
C ILE A 260 -39.27 16.88 -15.40
N GLY A 261 -38.62 16.12 -16.29
CA GLY A 261 -39.36 15.37 -17.29
C GLY A 261 -40.31 14.36 -16.67
N ILE A 262 -39.86 13.67 -15.62
CA ILE A 262 -40.72 12.70 -14.95
C ILE A 262 -41.92 13.39 -14.34
N LEU A 263 -41.71 14.54 -13.69
CA LEU A 263 -42.80 15.28 -13.07
C LEU A 263 -43.70 15.96 -14.10
N MET A 264 -43.30 16.02 -15.35
CA MET A 264 -44.09 16.65 -16.41
C MET A 264 -44.78 15.66 -17.32
N SER A 265 -44.21 14.47 -17.51
CA SER A 265 -44.83 13.46 -18.36
C SER A 265 -45.72 12.49 -17.59
N ALA A 266 -45.47 12.32 -16.29
CA ALA A 266 -46.29 11.41 -15.51
C ALA A 266 -47.76 11.81 -15.50
N PRO A 267 -48.13 13.08 -15.30
CA PRO A 267 -49.55 13.44 -15.30
C PRO A 267 -50.25 13.13 -16.61
N ASN A 268 -49.53 13.11 -17.73
CA ASN A 268 -50.14 12.84 -19.03
C ASN A 268 -50.16 11.34 -19.35
N PHE A 269 -49.09 10.63 -19.04
CA PHE A 269 -48.99 9.20 -19.30
C PHE A 269 -49.30 8.35 -18.07
N VAL A 270 -48.60 8.58 -16.97
CA VAL A 270 -48.81 7.83 -15.75
C VAL A 270 -50.02 8.38 -15.01
N LEU B 7 -45.58 -18.93 12.13
CA LEU B 7 -44.99 -17.84 11.39
C LEU B 7 -43.81 -18.32 10.55
N TYR B 8 -44.12 -18.99 9.44
CA TYR B 8 -43.07 -19.49 8.56
C TYR B 8 -42.41 -18.35 7.79
N TYR B 9 -43.20 -17.59 7.03
CA TYR B 9 -42.64 -16.48 6.27
C TYR B 9 -42.28 -15.31 7.19
N GLY B 10 -43.01 -15.14 8.29
CA GLY B 10 -42.71 -14.05 9.21
C GLY B 10 -41.32 -14.16 9.82
N LEU B 11 -40.95 -15.37 10.25
CA LEU B 11 -39.62 -15.56 10.83
C LEU B 11 -38.55 -15.58 9.76
N ASN B 12 -38.90 -15.97 8.52
CA ASN B 12 -37.91 -16.01 7.45
C ASN B 12 -37.57 -14.62 6.93
N LEU B 13 -38.38 -13.61 7.26
CA LEU B 13 -38.14 -12.24 6.81
C LEU B 13 -37.92 -11.26 7.95
N LEU B 14 -38.26 -11.62 9.18
CA LEU B 14 -38.06 -10.73 10.33
C LEU B 14 -36.68 -10.88 10.94
N ILE B 15 -36.24 -12.12 11.17
CA ILE B 15 -34.93 -12.34 11.77
C ILE B 15 -33.81 -11.78 10.90
N PRO B 16 -33.78 -12.01 9.58
CA PRO B 16 -32.70 -11.43 8.77
C PRO B 16 -32.65 -9.90 8.83
N CYS B 17 -33.80 -9.24 8.97
CA CYS B 17 -33.80 -7.78 9.04
C CYS B 17 -33.00 -7.29 10.25
N VAL B 18 -33.17 -7.94 11.40
CA VAL B 18 -32.43 -7.53 12.60
C VAL B 18 -30.94 -7.73 12.38
N LEU B 19 -30.55 -8.85 11.76
CA LEU B 19 -29.14 -9.12 11.54
C LEU B 19 -28.51 -8.05 10.65
N ILE B 20 -29.20 -7.66 9.58
CA ILE B 20 -28.67 -6.65 8.67
C ILE B 20 -28.49 -5.32 9.40
N SER B 21 -29.50 -4.92 10.19
CA SER B 21 -29.38 -3.69 10.96
C SER B 21 -28.33 -3.82 12.04
N ALA B 22 -28.23 -4.99 12.67
CA ALA B 22 -27.22 -5.20 13.71
C ALA B 22 -25.82 -5.23 13.12
N LEU B 23 -25.66 -5.75 11.90
CA LEU B 23 -24.35 -5.80 11.27
C LEU B 23 -23.82 -4.39 11.03
N ALA B 24 -24.71 -3.46 10.65
CA ALA B 24 -24.28 -2.09 10.40
C ALA B 24 -23.70 -1.46 11.67
N LEU B 25 -24.32 -1.71 12.81
CA LEU B 25 -23.81 -1.16 14.07
C LEU B 25 -22.42 -1.69 14.37
N LEU B 26 -22.18 -2.98 14.12
CA LEU B 26 -20.87 -3.57 14.36
C LEU B 26 -19.82 -2.95 13.44
N VAL B 27 -20.20 -2.62 12.21
CA VAL B 27 -19.25 -2.01 11.28
C VAL B 27 -18.78 -0.66 11.80
N PHE B 28 -19.69 0.13 12.35
CA PHE B 28 -19.32 1.43 12.88
C PHE B 28 -18.32 1.31 14.02
N LEU B 29 -18.40 0.22 14.79
CA LEU B 29 -17.46 0.04 15.89
C LEU B 29 -16.02 -0.09 15.41
N LEU B 30 -15.83 -0.55 14.18
CA LEU B 30 -14.49 -0.68 13.64
C LEU B 30 -13.85 0.70 13.50
N PRO B 31 -12.62 0.90 13.97
CA PRO B 31 -11.97 2.21 13.81
C PRO B 31 -11.80 2.57 12.34
N ALA B 32 -11.50 3.85 12.12
CA ALA B 32 -11.31 4.36 10.77
C ALA B 32 -9.93 4.05 10.20
N ASP B 33 -9.02 3.53 11.02
CA ASP B 33 -7.67 3.21 10.56
C ASP B 33 -7.57 1.85 9.86
N SER B 34 -8.67 1.09 9.82
CA SER B 34 -8.63 -0.22 9.18
C SER B 34 -8.28 -0.11 7.70
N GLY B 35 -8.86 0.86 7.02
CA GLY B 35 -8.61 1.06 5.59
C GLY B 35 -9.54 0.29 4.68
N GLU B 36 -9.71 -1.01 4.95
CA GLU B 36 -10.59 -1.86 4.15
C GLU B 36 -12.04 -1.83 4.66
N LYS B 37 -12.40 -0.84 5.48
CA LYS B 37 -13.77 -0.76 5.99
C LYS B 37 -14.76 -0.46 4.88
N ILE B 38 -14.32 0.21 3.81
CA ILE B 38 -15.23 0.54 2.72
C ILE B 38 -15.71 -0.72 2.02
N SER B 39 -14.82 -1.71 1.84
CA SER B 39 -15.20 -2.93 1.16
C SER B 39 -16.32 -3.65 1.91
N LEU B 40 -16.20 -3.75 3.24
CA LEU B 40 -17.23 -4.41 4.03
C LEU B 40 -18.53 -3.63 4.00
N GLY B 41 -18.46 -2.30 4.08
CA GLY B 41 -19.67 -1.50 4.09
C GLY B 41 -20.46 -1.63 2.81
N ILE B 42 -19.78 -1.60 1.67
CA ILE B 42 -20.48 -1.71 0.39
C ILE B 42 -21.15 -3.06 0.26
N THR B 43 -20.44 -4.13 0.64
CA THR B 43 -21.02 -5.47 0.53
C THR B 43 -22.24 -5.64 1.42
N VAL B 44 -22.30 -4.90 2.53
CA VAL B 44 -23.48 -4.97 3.39
C VAL B 44 -24.71 -4.49 2.65
N LEU B 45 -24.59 -3.39 1.90
CA LEU B 45 -25.72 -2.90 1.11
C LEU B 45 -26.07 -3.86 -0.02
N LEU B 46 -25.06 -4.49 -0.62
CA LEU B 46 -25.32 -5.43 -1.71
C LEU B 46 -26.14 -6.61 -1.21
N SER B 47 -25.81 -7.13 -0.03
CA SER B 47 -26.56 -8.25 0.53
C SER B 47 -27.98 -7.86 0.91
N LEU B 48 -28.22 -6.58 1.23
CA LEU B 48 -29.56 -6.14 1.58
C LEU B 48 -30.46 -6.12 0.35
N THR B 49 -29.91 -5.82 -0.83
CA THR B 49 -30.72 -5.82 -2.04
C THR B 49 -31.23 -7.22 -2.36
N VAL B 50 -30.40 -8.25 -2.15
CA VAL B 50 -30.83 -9.61 -2.41
C VAL B 50 -31.99 -9.99 -1.50
N PHE B 51 -31.90 -9.63 -0.22
CA PHE B 51 -32.99 -9.92 0.71
C PHE B 51 -34.25 -9.13 0.35
N MET B 52 -34.09 -7.95 -0.24
CA MET B 52 -35.25 -7.15 -0.63
C MET B 52 -36.11 -7.89 -1.65
N LEU B 53 -35.48 -8.58 -2.60
CA LEU B 53 -36.23 -9.30 -3.63
C LEU B 53 -37.12 -10.36 -3.00
N LEU B 54 -36.60 -11.09 -2.02
CA LEU B 54 -37.42 -12.11 -1.36
C LEU B 54 -38.61 -11.49 -0.64
N VAL B 55 -38.40 -10.35 0.03
CA VAL B 55 -39.50 -9.68 0.71
C VAL B 55 -40.54 -9.20 -0.29
N ALA B 56 -40.09 -8.66 -1.43
CA ALA B 56 -41.04 -8.15 -2.41
C ALA B 56 -41.93 -9.26 -2.95
N GLU B 57 -41.35 -10.43 -3.24
CA GLU B 57 -42.15 -11.54 -3.74
C GLU B 57 -43.20 -11.98 -2.72
N ILE B 58 -42.80 -12.08 -1.46
CA ILE B 58 -43.76 -12.45 -0.42
C ILE B 58 -44.78 -11.33 -0.20
N MET B 59 -44.34 -10.08 -0.29
CA MET B 59 -45.24 -8.95 -0.07
C MET B 59 -46.32 -8.95 -1.14
N PRO B 60 -47.60 -8.89 -0.77
CA PRO B 60 -48.66 -8.85 -1.79
C PRO B 60 -48.51 -7.64 -2.70
N SER B 61 -48.82 -7.84 -3.98
CA SER B 61 -48.76 -6.78 -4.97
C SER B 61 -50.08 -6.02 -5.00
N THR B 62 -49.99 -4.69 -4.92
CA THR B 62 -51.16 -3.82 -4.93
C THR B 62 -51.00 -2.78 -6.03
N SER B 63 -51.95 -1.85 -6.10
CA SER B 63 -51.94 -0.79 -7.10
C SER B 63 -51.68 0.58 -6.50
N ASP B 64 -52.46 0.99 -5.49
CA ASP B 64 -52.28 2.28 -4.85
C ASP B 64 -52.38 2.21 -3.34
N SER B 65 -52.32 1.02 -2.74
CA SER B 65 -52.40 0.83 -1.29
C SER B 65 -51.22 -0.06 -0.88
N SER B 66 -50.08 0.55 -0.60
CA SER B 66 -48.91 -0.22 -0.23
C SER B 66 -49.15 -0.93 1.10
N PRO B 67 -48.70 -2.17 1.25
CA PRO B 67 -48.86 -2.86 2.53
C PRO B 67 -48.05 -2.19 3.63
N SER B 68 -48.49 -2.38 4.87
CA SER B 68 -47.80 -1.78 6.00
C SER B 68 -46.36 -2.27 6.11
N ILE B 69 -46.09 -3.50 5.64
CA ILE B 69 -44.73 -4.03 5.67
C ILE B 69 -43.81 -3.35 4.68
N ALA B 70 -44.36 -2.56 3.76
CA ALA B 70 -43.51 -1.88 2.78
C ALA B 70 -42.56 -0.90 3.46
N GLN B 71 -43.05 -0.15 4.44
CA GLN B 71 -42.22 0.81 5.15
C GLN B 71 -41.35 0.17 6.23
N TYR B 72 -41.60 -1.10 6.57
CA TYR B 72 -40.79 -1.76 7.59
C TYR B 72 -39.46 -2.24 7.02
N PHE B 73 -39.50 -3.03 5.95
CA PHE B 73 -38.27 -3.49 5.31
C PHE B 73 -37.52 -2.35 4.65
N ALA B 74 -38.22 -1.27 4.27
CA ALA B 74 -37.54 -0.12 3.67
C ALA B 74 -36.72 0.64 4.71
N SER B 75 -37.17 0.66 5.97
CA SER B 75 -36.44 1.37 7.02
C SER B 75 -35.06 0.79 7.23
N THR B 76 -34.86 -0.49 6.90
CA THR B 76 -33.53 -1.08 7.06
C THR B 76 -32.52 -0.43 6.14
N MET B 77 -32.96 0.08 4.99
CA MET B 77 -32.06 0.74 4.05
C MET B 77 -31.66 2.14 4.51
N ILE B 78 -32.40 2.72 5.46
CA ILE B 78 -32.05 4.05 5.96
C ILE B 78 -30.74 3.98 6.74
N ILE B 79 -30.62 3.03 7.66
CA ILE B 79 -29.40 2.88 8.42
C ILE B 79 -28.28 2.35 7.54
N VAL B 80 -28.56 1.33 6.73
CA VAL B 80 -27.55 0.76 5.86
C VAL B 80 -27.17 1.75 4.77
N GLY B 81 -28.15 2.44 4.19
CA GLY B 81 -27.86 3.41 3.16
C GLY B 81 -27.00 4.56 3.67
N LEU B 82 -27.31 5.06 4.86
CA LEU B 82 -26.50 6.12 5.45
C LEU B 82 -25.13 5.61 5.87
N SER B 83 -25.03 4.34 6.25
CA SER B 83 -23.74 3.79 6.64
C SER B 83 -22.75 3.82 5.49
N VAL B 84 -23.22 3.49 4.28
CA VAL B 84 -22.34 3.53 3.11
C VAL B 84 -21.87 4.95 2.86
N VAL B 85 -22.78 5.92 2.97
CA VAL B 85 -22.40 7.33 2.77
C VAL B 85 -21.41 7.76 3.85
N VAL B 86 -21.60 7.29 5.08
CA VAL B 86 -20.68 7.64 6.17
C VAL B 86 -19.28 7.12 5.86
N THR B 87 -19.19 5.91 5.31
CA THR B 87 -17.87 5.36 4.97
C THR B 87 -17.15 6.22 3.95
N VAL B 88 -17.89 6.93 3.10
CA VAL B 88 -17.25 7.83 2.13
C VAL B 88 -16.50 8.94 2.87
N ILE B 89 -17.12 9.50 3.91
CA ILE B 89 -16.44 10.55 4.68
C ILE B 89 -15.23 9.97 5.40
N VAL B 90 -15.32 8.72 5.84
CA VAL B 90 -14.20 8.10 6.55
C VAL B 90 -12.97 8.04 5.65
N LEU B 91 -13.16 7.65 4.39
CA LEU B 91 -12.02 7.58 3.47
C LEU B 91 -11.41 8.95 3.23
N GLN B 92 -12.23 10.01 3.24
CA GLN B 92 -11.70 11.35 3.03
C GLN B 92 -10.72 11.74 4.12
N TYR B 93 -11.05 11.43 5.38
CA TYR B 93 -10.16 11.74 6.48
C TYR B 93 -8.97 10.79 6.55
N HIS B 94 -9.17 9.52 6.17
CA HIS B 94 -8.07 8.57 6.18
C HIS B 94 -6.96 9.00 5.24
N HIS B 95 -7.30 9.46 4.05
CA HIS B 95 -6.35 9.96 3.06
C HIS B 95 -6.75 11.40 2.76
N HIS B 96 -6.21 12.34 3.54
CA HIS B 96 -6.57 13.75 3.37
C HIS B 96 -6.07 14.26 2.03
N ASP B 97 -6.94 14.97 1.31
CA ASP B 97 -6.59 15.57 0.03
C ASP B 97 -6.26 17.04 0.23
N PRO B 98 -5.07 17.51 -0.15
CA PRO B 98 -4.77 18.94 0.03
C PRO B 98 -5.71 19.85 -0.73
N ASP B 99 -6.41 19.35 -1.75
CA ASP B 99 -7.32 20.20 -2.51
C ASP B 99 -8.43 20.76 -1.62
N GLY B 100 -8.98 19.92 -0.74
CA GLY B 100 -10.04 20.36 0.14
C GLY B 100 -10.61 19.23 0.98
N GLY B 101 -11.11 19.55 2.17
CA GLY B 101 -11.69 18.56 3.05
C GLY B 101 -11.19 18.67 4.48
N LYS B 102 -10.37 19.67 4.75
CA LYS B 102 -9.84 19.87 6.10
C LYS B 102 -10.97 20.24 7.06
N MET B 103 -10.92 19.70 8.26
CA MET B 103 -11.94 19.99 9.25
C MET B 103 -11.88 21.47 9.64
N PRO B 104 -13.03 22.15 9.76
CA PRO B 104 -13.00 23.55 10.18
C PRO B 104 -12.35 23.71 11.54
N LYS B 105 -11.63 24.82 11.71
CA LYS B 105 -10.94 25.08 12.97
C LYS B 105 -11.94 25.19 14.12
N TRP B 106 -13.07 25.86 13.89
CA TRP B 106 -14.05 26.04 14.96
C TRP B 106 -14.57 24.71 15.46
N THR B 107 -14.86 23.78 14.56
CA THR B 107 -15.37 22.46 14.94
C THR B 107 -14.26 21.51 15.40
N ARG B 108 -13.00 21.84 15.14
CA ARG B 108 -11.91 20.96 15.57
C ARG B 108 -11.83 20.92 17.09
N VAL B 109 -12.04 22.05 17.75
CA VAL B 109 -11.98 22.09 19.21
C VAL B 109 -13.08 21.22 19.82
N ILE B 110 -14.29 21.28 19.26
CA ILE B 110 -15.38 20.48 19.78
C ILE B 110 -15.07 19.00 19.65
N LEU B 111 -14.54 18.59 18.49
CA LEU B 111 -14.21 17.19 18.29
C LEU B 111 -13.08 16.74 19.21
N LEU B 112 -12.13 17.62 19.50
CA LEU B 112 -11.02 17.25 20.37
C LEU B 112 -11.52 16.91 21.77
N ASN B 113 -12.46 17.69 22.30
CA ASN B 113 -13.01 17.40 23.62
C ASN B 113 -13.73 16.06 23.64
N TRP B 114 -14.49 15.75 22.59
CA TRP B 114 -15.20 14.48 22.53
C TRP B 114 -14.22 13.31 22.49
N CYS B 115 -13.13 13.46 21.74
CA CYS B 115 -12.15 12.37 21.65
C CYS B 115 -11.52 12.10 23.01
N ALA B 116 -11.23 13.15 23.78
CA ALA B 116 -10.62 12.98 25.09
C ALA B 116 -11.61 12.50 26.15
N TRP B 117 -12.90 12.64 25.89
CA TRP B 117 -13.92 12.18 26.85
C TRP B 117 -14.17 10.68 26.77
N PHE B 118 -13.71 10.01 25.72
CA PHE B 118 -13.90 8.57 25.61
C PHE B 118 -12.85 7.81 26.43
N LEU B 119 -11.57 8.14 26.24
CA LEU B 119 -10.53 7.50 27.01
C LEU B 119 -10.67 7.84 28.49
N ARG B 120 -10.98 9.09 28.81
CA ARG B 120 -11.18 9.55 30.18
C ARG B 120 -12.67 9.78 30.38
N MET B 121 -13.32 8.94 31.17
CA MET B 121 -14.75 9.05 31.39
C MET B 121 -15.10 10.42 31.94
N LYS B 122 -16.00 11.12 31.23
CA LYS B 122 -16.47 12.44 31.65
C LYS B 122 -17.83 12.40 32.32
N ARG B 123 -18.43 11.23 32.46
CA ARG B 123 -19.74 11.13 33.07
C ARG B 123 -19.68 11.60 34.52
N PRO B 124 -20.62 12.46 34.98
CA PRO B 124 -20.58 12.88 36.39
C PRO B 124 -20.69 11.73 37.36
N GLY B 125 -21.38 10.65 36.99
CA GLY B 125 -21.56 9.53 37.89
C GLY B 125 -20.34 8.66 38.05
N GLU B 126 -19.31 8.85 37.23
CA GLU B 126 -18.06 8.08 37.30
C GLU B 126 -16.89 8.90 37.80
N ASP B 127 -16.81 10.18 37.44
CA ASP B 127 -15.72 11.02 37.91
C ASP B 127 -15.89 11.40 39.37
N LYS B 128 -17.14 11.51 39.84
CA LYS B 128 -17.41 11.88 41.22
C LYS B 128 -17.46 10.67 42.15
N VAL B 129 -17.99 9.54 41.67
CA VAL B 129 -18.09 8.34 42.48
C VAL B 129 -16.79 7.57 42.29
N ARG B 130 -15.79 7.93 43.08
CA ARG B 130 -14.48 7.30 43.03
C ARG B 130 -13.65 7.83 44.19
N PRO B 131 -12.55 7.15 44.55
CA PRO B 131 -11.71 7.64 45.63
C PRO B 131 -11.16 9.03 45.32
N ALA B 132 -11.10 9.86 46.36
CA ALA B 132 -10.61 11.23 46.23
C ALA B 132 -9.62 11.52 47.36
N CYS B 133 -8.73 12.47 47.10
CA CYS B 133 -7.73 12.87 48.08
C CYS B 133 -7.47 14.36 47.95
N GLN B 134 -7.22 15.02 49.08
CA GLN B 134 -6.96 16.45 49.12
C GLN B 134 -5.51 16.75 49.48
N HIS B 135 -4.60 15.81 49.24
CA HIS B 135 -3.20 16.03 49.56
C HIS B 135 -2.57 17.02 48.58
N LYS B 136 -1.39 17.52 48.94
CA LYS B 136 -0.70 18.49 48.09
C LYS B 136 -0.34 17.92 46.73
N GLN B 137 -0.22 16.60 46.62
CA GLN B 137 0.12 15.98 45.34
C GLN B 137 -1.02 16.06 44.33
N ARG B 138 -2.22 16.43 44.75
CA ARG B 138 -3.37 16.55 43.86
C ARG B 138 -3.94 17.98 43.87
N ARG B 139 -3.17 18.95 44.34
CA ARG B 139 -3.64 20.33 44.40
C ARG B 139 -3.28 21.06 43.11
N CYS B 140 -3.80 22.29 42.99
CA CYS B 140 -3.59 23.14 41.84
C CYS B 140 -2.99 24.47 42.28
N SER B 141 -2.41 25.18 41.32
CA SER B 141 -1.78 26.47 41.58
C SER B 141 -1.94 27.34 40.34
N LEU B 142 -1.20 28.44 40.30
CA LEU B 142 -1.29 29.37 39.17
C LEU B 142 -0.82 28.73 37.86
N ALA B 143 -0.03 27.66 37.94
CA ALA B 143 0.46 27.02 36.72
C ALA B 143 -0.66 26.29 35.98
N SER B 144 -1.65 25.78 36.71
CA SER B 144 -2.75 25.07 36.08
C SER B 144 -3.65 25.98 35.26
N VAL B 145 -3.63 27.29 35.53
CA VAL B 145 -4.46 28.25 34.82
C VAL B 145 -3.68 28.68 33.57
N GLU B 146 -4.09 28.14 32.42
CA GLU B 146 -3.43 28.46 31.16
C GLU B 146 -3.96 29.75 30.53
N MET B 147 -5.07 30.30 31.04
CA MET B 147 -5.64 31.51 30.48
C MET B 147 -4.98 32.78 31.01
N SER B 148 -4.10 32.67 32.01
CA SER B 148 -3.43 33.83 32.60
C SER B 148 -2.00 33.99 32.08
N ALA B 149 -1.75 33.56 30.85
CA ALA B 149 -0.42 33.68 30.24
C ALA B 149 0.63 32.95 31.09
N VAL B 150 0.27 31.79 31.63
CA VAL B 150 1.16 30.98 32.44
C VAL B 150 1.36 29.64 31.73
N ALA B 151 2.61 29.22 31.60
CA ALA B 151 2.90 27.97 30.91
C ALA B 151 2.25 26.80 31.65
N PRO B 152 1.66 25.84 30.94
CA PRO B 152 1.00 24.72 31.61
C PRO B 152 2.03 23.82 32.28
N PRO B 153 1.62 23.05 33.29
CA PRO B 153 2.56 22.16 33.95
C PRO B 153 3.13 21.17 32.97
N PRO B 154 4.39 20.77 33.13
CA PRO B 154 4.99 19.79 32.20
C PRO B 154 4.17 18.51 32.16
N ALA B 155 3.72 18.16 30.97
CA ALA B 155 2.93 16.95 30.77
C ALA B 155 3.07 16.49 29.33
N SER B 156 2.75 15.22 29.10
CA SER B 156 2.83 14.62 27.78
C SER B 156 1.51 14.67 27.02
N ASN B 157 0.48 15.33 27.57
CA ASN B 157 -0.82 15.41 26.95
C ASN B 157 -0.99 16.66 26.09
N GLY B 158 0.08 17.40 25.84
CA GLY B 158 0.00 18.59 25.02
C GLY B 158 0.37 19.84 25.78
N ASN B 159 1.23 19.71 26.80
CA ASN B 159 1.69 20.83 27.59
C ASN B 159 3.19 21.04 27.48
N LEU B 160 3.98 19.98 27.61
CA LEU B 160 5.43 20.07 27.47
C LEU B 160 5.91 19.80 26.06
N LEU B 161 5.14 19.05 25.27
CA LEU B 161 5.55 18.75 23.90
C LEU B 161 5.55 20.00 23.03
N TYR B 162 4.61 20.91 23.26
CA TYR B 162 4.56 22.14 22.46
C TYR B 162 5.71 23.08 22.78
N ILE B 163 6.30 22.98 23.97
CA ILE B 163 7.43 23.85 24.31
C ILE B 163 8.68 23.42 23.55
N GLY B 164 8.84 22.13 23.29
CA GLY B 164 9.99 21.65 22.55
C GLY B 164 9.83 21.77 21.05
N PHE B 165 8.59 21.98 20.60
CA PHE B 165 8.29 22.14 19.18
C PHE B 165 8.09 23.60 18.79
N ARG B 166 7.21 24.31 19.48
CA ARG B 166 6.97 25.72 19.20
C ARG B 166 7.93 26.62 19.95
N GLY B 167 8.23 26.31 21.22
CA GLY B 167 9.16 27.13 21.98
C GLY B 167 10.54 27.15 21.36
N LEU B 168 11.04 25.99 20.94
CA LEU B 168 12.34 25.90 20.31
C LEU B 168 12.24 26.27 18.84
N ASP B 169 13.30 26.90 18.32
CA ASP B 169 13.40 27.36 16.95
C ASP B 169 12.48 28.54 16.66
N GLY B 170 11.79 29.06 17.67
CA GLY B 170 10.90 30.19 17.49
C GLY B 170 11.42 31.44 18.17
N VAL B 171 10.87 31.75 19.35
CA VAL B 171 11.33 32.91 20.10
C VAL B 171 12.79 32.75 20.49
N HIS B 172 13.26 31.50 20.62
CA HIS B 172 14.65 31.28 20.98
C HIS B 172 15.58 31.82 19.91
N CYS B 173 15.20 31.68 18.64
CA CYS B 173 16.04 32.19 17.55
C CYS B 173 16.14 33.71 17.60
N VAL B 174 15.24 34.39 18.30
CA VAL B 174 15.29 35.85 18.42
C VAL B 174 15.24 36.21 19.90
N PRO B 175 16.33 36.03 20.65
CA PRO B 175 16.33 36.33 22.09
C PRO B 175 16.40 37.82 22.40
N THR B 176 15.24 38.47 22.34
CA THR B 176 15.17 39.90 22.63
C THR B 176 15.66 40.22 24.03
N PRO B 177 15.27 39.49 25.08
CA PRO B 177 15.80 39.81 26.41
C PRO B 177 17.31 39.66 26.47
N ASP B 178 17.93 40.53 27.27
CA ASP B 178 19.38 40.56 27.45
C ASP B 178 19.68 40.26 28.91
N SER B 179 20.01 39.01 29.21
CA SER B 179 20.33 38.58 30.57
C SER B 179 21.83 38.49 30.82
N GLY B 180 22.63 38.27 29.79
CA GLY B 180 24.07 38.17 29.95
C GLY B 180 24.50 36.98 30.78
N VAL B 181 23.86 35.83 30.61
CA VAL B 181 24.22 34.63 31.37
C VAL B 181 25.27 33.80 30.63
N VAL B 182 25.08 33.59 29.33
CA VAL B 182 26.05 32.81 28.56
C VAL B 182 27.26 33.65 28.15
N CYS B 183 27.16 34.98 28.19
CA CYS B 183 28.26 35.86 27.84
C CYS B 183 28.79 36.63 29.04
N GLY B 184 28.32 36.32 30.24
CA GLY B 184 28.78 37.00 31.44
C GLY B 184 29.15 36.04 32.56
N ARG B 185 28.83 34.76 32.39
CA ARG B 185 29.13 33.73 33.38
C ARG B 185 29.71 32.53 32.67
N MET B 186 29.91 31.44 33.42
CA MET B 186 30.46 30.20 32.90
C MET B 186 29.41 29.10 32.85
N ALA B 187 28.18 29.46 32.50
CA ALA B 187 27.07 28.51 32.44
C ALA B 187 27.13 27.79 31.09
N CYS B 188 28.09 26.86 30.99
CA CYS B 188 28.29 26.07 29.78
C CYS B 188 28.56 26.96 28.56
N SER B 189 29.22 28.11 28.79
CA SER B 189 29.54 29.02 27.71
C SER B 189 30.68 29.91 28.16
N PRO B 190 31.62 30.26 27.28
CA PRO B 190 32.72 31.14 27.69
C PRO B 190 32.23 32.53 28.05
N THR B 191 32.96 33.16 28.97
CA THR B 191 32.62 34.52 29.43
C THR B 191 33.07 35.51 28.36
N HIS B 192 32.27 35.58 27.29
CA HIS B 192 32.52 36.47 26.16
C HIS B 192 33.99 36.46 25.75
N ASP B 193 34.60 35.28 25.80
CA ASP B 193 36.01 35.12 25.44
C ASP B 193 36.10 34.87 23.93
N GLU B 194 36.54 35.88 23.19
CA GLU B 194 36.67 35.75 21.74
C GLU B 194 37.97 35.08 21.32
N HIS B 195 38.90 34.86 22.25
CA HIS B 195 40.17 34.21 21.95
C HIS B 195 40.18 32.74 22.35
N LEU B 196 39.03 32.07 22.27
CA LEU B 196 38.93 30.66 22.62
C LEU B 196 39.36 29.83 21.41
N LEU B 197 40.68 29.77 21.22
CA LEU B 197 41.28 29.04 20.11
C LEU B 197 41.72 27.66 20.59
N HIS B 198 41.19 26.62 19.95
CA HIS B 198 41.54 25.24 20.29
C HIS B 198 42.79 24.85 19.49
N GLY B 199 43.95 25.18 20.06
CA GLY B 199 45.20 24.93 19.39
C GLY B 199 45.52 25.88 18.27
N GLY B 200 44.90 27.05 18.24
CA GLY B 200 45.09 28.03 17.19
C GLY B 200 43.99 28.09 16.16
N GLN B 201 43.08 27.12 16.15
CA GLN B 201 41.96 27.11 15.21
C GLN B 201 40.79 27.91 15.78
N PRO B 202 39.84 28.31 14.93
CA PRO B 202 38.67 29.04 15.43
C PRO B 202 37.80 28.14 16.28
N PRO B 203 36.69 28.67 16.80
CA PRO B 203 35.80 27.82 17.62
C PRO B 203 35.31 26.58 16.88
N GLU B 204 35.09 26.69 15.58
CA GLU B 204 34.64 25.56 14.76
C GLU B 204 35.86 24.95 14.08
N GLY B 205 36.06 23.64 14.30
CA GLY B 205 37.22 22.98 13.72
C GLY B 205 37.20 22.98 12.20
N ASP B 206 36.02 22.79 11.62
CA ASP B 206 35.88 22.75 10.16
C ASP B 206 34.53 23.33 9.74
N PRO B 207 34.51 24.39 8.92
CA PRO B 207 33.21 24.91 8.46
C PRO B 207 32.42 23.90 7.65
N ASP B 208 33.07 22.90 7.05
CA ASP B 208 32.35 21.91 6.27
C ASP B 208 31.35 21.13 7.13
N LEU B 209 31.65 20.97 8.42
CA LEU B 209 30.72 20.27 9.30
C LEU B 209 29.41 21.02 9.43
N ALA B 210 29.46 22.35 9.43
CA ALA B 210 28.23 23.13 9.50
C ALA B 210 27.35 22.88 8.28
N LYS B 211 27.97 22.80 7.10
CA LYS B 211 27.20 22.51 5.89
C LYS B 211 26.54 21.14 5.97
N ILE B 212 27.26 20.15 6.50
CA ILE B 212 26.68 18.82 6.66
C ILE B 212 25.54 18.86 7.66
N LEU B 213 25.67 19.69 8.70
CA LEU B 213 24.60 19.79 9.70
C LEU B 213 23.31 20.29 9.06
N GLU B 214 23.40 21.28 8.16
CA GLU B 214 22.21 21.80 7.51
C GLU B 214 21.51 20.70 6.70
N GLU B 215 22.28 19.90 5.97
CA GLU B 215 21.68 18.80 5.23
C GLU B 215 21.18 17.71 6.17
N VAL B 216 21.95 17.40 7.22
CA VAL B 216 21.52 16.41 8.19
C VAL B 216 20.28 16.90 8.93
N ARG B 217 20.26 18.18 9.29
CA ARG B 217 19.10 18.73 9.99
C ARG B 217 17.84 18.64 9.12
N TYR B 218 17.98 18.93 7.83
CA TYR B 218 16.83 18.81 6.93
C TYR B 218 16.35 17.37 6.86
N ILE B 219 17.27 16.42 6.77
CA ILE B 219 16.88 15.01 6.78
C ILE B 219 16.20 14.65 8.08
N ALA B 220 16.77 15.09 9.21
CA ALA B 220 16.13 14.84 10.50
C ALA B 220 14.78 15.53 10.59
N ASN B 221 14.69 16.76 10.09
CA ASN B 221 13.42 17.48 10.10
C ASN B 221 12.38 16.83 9.19
N ARG B 222 12.81 16.10 8.16
CA ARG B 222 11.86 15.42 7.29
C ARG B 222 11.06 14.38 8.07
N PHE B 223 11.74 13.62 8.93
CA PHE B 223 11.03 12.65 9.77
C PHE B 223 10.19 13.35 10.82
N ARG B 224 10.66 14.48 11.34
CA ARG B 224 9.86 15.25 12.29
C ARG B 224 8.57 15.74 11.66
N CYS B 225 8.65 16.21 10.40
CA CYS B 225 7.43 16.62 9.70
C CYS B 225 6.50 15.44 9.45
N GLN B 226 7.07 14.26 9.15
CA GLN B 226 6.24 13.08 8.99
C GLN B 226 5.55 12.71 10.29
N ASP B 227 6.25 12.80 11.41
CA ASP B 227 5.63 12.56 12.70
C ASP B 227 4.56 13.61 12.98
N GLU B 228 4.85 14.88 12.68
CA GLU B 228 3.84 15.92 12.83
C GLU B 228 2.66 15.68 11.88
N SER B 229 2.96 15.26 10.64
CA SER B 229 1.88 14.95 9.70
C SER B 229 1.05 13.78 10.21
N GLU B 230 1.70 12.78 10.81
CA GLU B 230 0.96 11.66 11.38
C GLU B 230 0.06 12.11 12.52
N ALA B 231 0.54 13.04 13.35
CA ALA B 231 -0.30 13.56 14.42
C ALA B 231 -1.50 14.32 13.86
N VAL B 232 -1.29 15.12 12.81
CA VAL B 232 -2.40 15.79 12.15
C VAL B 232 -3.26 14.78 11.42
N CYS B 233 -2.64 13.82 10.75
CA CYS B 233 -3.40 12.77 10.06
C CYS B 233 -4.21 11.95 11.06
N SER B 234 -3.62 11.63 12.21
CA SER B 234 -4.35 10.90 13.24
C SER B 234 -5.54 11.70 13.73
N GLU B 235 -5.37 13.02 13.88
CA GLU B 235 -6.48 13.86 14.31
C GLU B 235 -7.64 13.79 13.32
N TRP B 236 -7.32 13.84 12.03
CA TRP B 236 -8.36 13.64 11.01
C TRP B 236 -8.96 12.25 11.11
N LYS B 237 -8.13 11.24 11.35
CA LYS B 237 -8.64 9.88 11.52
C LYS B 237 -9.57 9.78 12.74
N PHE B 238 -9.23 10.50 13.81
CA PHE B 238 -10.10 10.50 14.99
C PHE B 238 -11.47 11.06 14.66
N ALA B 239 -11.50 12.11 13.84
CA ALA B 239 -12.79 12.69 13.44
C ALA B 239 -13.67 11.66 12.74
N ALA B 240 -13.06 10.71 12.03
CA ALA B 240 -13.84 9.66 11.38
C ALA B 240 -14.36 8.64 12.40
N CYS B 241 -13.55 8.32 13.40
CA CYS B 241 -13.97 7.34 14.40
C CYS B 241 -15.13 7.87 15.24
N VAL B 242 -15.06 9.14 15.63
CA VAL B 242 -16.14 9.71 16.44
C VAL B 242 -17.44 9.79 15.63
N VAL B 243 -17.33 10.06 14.33
CA VAL B 243 -18.52 10.10 13.49
C VAL B 243 -19.20 8.74 13.46
N ASP B 244 -18.42 7.67 13.29
CA ASP B 244 -18.98 6.33 13.35
C ASP B 244 -19.52 6.02 14.74
N ARG B 245 -18.78 6.41 15.78
CA ARG B 245 -19.25 6.20 17.14
C ARG B 245 -20.52 6.99 17.42
N LEU B 246 -20.56 8.26 16.97
CA LEU B 246 -21.76 9.06 17.15
C LEU B 246 -22.93 8.48 16.38
N CYS B 247 -22.69 8.00 15.15
CA CYS B 247 -23.75 7.40 14.36
C CYS B 247 -24.23 6.09 14.97
N LEU B 248 -23.35 5.37 15.67
CA LEU B 248 -23.75 4.13 16.31
C LEU B 248 -24.84 4.37 17.35
N MET B 249 -24.67 5.41 18.17
CA MET B 249 -25.69 5.72 19.17
C MET B 249 -26.93 6.32 18.51
N ALA B 250 -26.74 7.20 17.52
CA ALA B 250 -27.89 7.80 16.84
C ALA B 250 -28.70 6.74 16.11
N PHE B 251 -28.02 5.81 15.42
CA PHE B 251 -28.73 4.75 14.73
C PHE B 251 -29.27 3.69 15.68
N SER B 252 -28.69 3.57 16.87
CA SER B 252 -29.20 2.60 17.84
C SER B 252 -30.63 2.94 18.25
N VAL B 253 -30.92 4.23 18.47
CA VAL B 253 -32.28 4.64 18.82
C VAL B 253 -33.22 4.37 17.65
N PHE B 254 -32.79 4.68 16.43
CA PHE B 254 -33.62 4.42 15.26
C PHE B 254 -33.88 2.93 15.08
N THR B 255 -32.85 2.10 15.30
CA THR B 255 -33.03 0.66 15.20
C THR B 255 -34.02 0.16 16.25
N ILE B 256 -33.93 0.69 17.47
CA ILE B 256 -34.88 0.30 18.51
C ILE B 256 -36.29 0.71 18.12
N ILE B 257 -36.45 1.93 17.58
CA ILE B 257 -37.77 2.39 17.17
C ILE B 257 -38.34 1.48 16.09
N CYS B 258 -37.52 1.11 15.11
CA CYS B 258 -38.00 0.22 14.06
C CYS B 258 -38.39 -1.14 14.63
N THR B 259 -37.59 -1.66 15.57
CA THR B 259 -37.93 -2.93 16.20
C THR B 259 -39.23 -2.83 16.98
N ILE B 260 -39.44 -1.71 17.68
CA ILE B 260 -40.66 -1.53 18.46
C ILE B 260 -41.88 -1.54 17.54
N GLY B 261 -41.77 -0.90 16.38
CA GLY B 261 -42.90 -0.88 15.47
C GLY B 261 -43.33 -2.27 15.03
N ILE B 262 -42.36 -3.15 14.76
CA ILE B 262 -42.68 -4.51 14.36
C ILE B 262 -43.42 -5.23 15.48
N LEU B 263 -42.96 -5.07 16.72
CA LEU B 263 -43.59 -5.72 17.87
C LEU B 263 -44.92 -5.08 18.25
N MET B 264 -45.25 -3.90 17.70
CA MET B 264 -46.49 -3.21 18.01
C MET B 264 -47.53 -3.31 16.92
N SER B 265 -47.12 -3.40 15.65
CA SER B 265 -48.06 -3.49 14.55
C SER B 265 -48.36 -4.94 14.16
N ALA B 266 -47.42 -5.86 14.40
CA ALA B 266 -47.66 -7.25 14.04
C ALA B 266 -48.90 -7.83 14.71
N PRO B 267 -49.14 -7.62 16.01
CA PRO B 267 -50.35 -8.19 16.61
C PRO B 267 -51.63 -7.69 15.97
N ASN B 268 -51.62 -6.49 15.39
CA ASN B 268 -52.81 -5.92 14.78
C ASN B 268 -52.95 -6.31 13.31
N PHE B 269 -51.85 -6.31 12.57
CA PHE B 269 -51.87 -6.65 11.14
C PHE B 269 -51.43 -8.10 10.91
N VAL B 270 -50.26 -8.47 11.40
CA VAL B 270 -49.75 -9.82 11.21
C VAL B 270 -50.39 -10.76 12.23
N LEU C 7 -30.96 -40.17 -3.61
CA LEU C 7 -30.87 -38.85 -3.01
C LEU C 7 -30.32 -37.83 -4.01
N TYR C 8 -31.15 -37.43 -4.97
CA TYR C 8 -30.73 -36.46 -5.97
C TYR C 8 -30.61 -35.07 -5.36
N TYR C 9 -31.70 -34.56 -4.80
CA TYR C 9 -31.67 -33.24 -4.18
C TYR C 9 -30.92 -33.25 -2.85
N GLY C 10 -30.95 -34.38 -2.14
CA GLY C 10 -30.24 -34.45 -0.87
C GLY C 10 -28.74 -34.27 -1.03
N LEU C 11 -28.15 -34.93 -2.01
CA LEU C 11 -26.71 -34.80 -2.24
C LEU C 11 -26.38 -33.44 -2.84
N ASN C 12 -27.29 -32.87 -3.62
CA ASN C 12 -27.04 -31.57 -4.24
C ASN C 12 -27.14 -30.41 -3.25
N LEU C 13 -27.73 -30.65 -2.07
CA LEU C 13 -27.87 -29.63 -1.05
C LEU C 13 -27.12 -29.95 0.24
N LEU C 14 -26.73 -31.20 0.47
CA LEU C 14 -26.00 -31.57 1.67
C LEU C 14 -24.49 -31.37 1.50
N ILE C 15 -23.93 -31.86 0.40
CA ILE C 15 -22.49 -31.73 0.17
C ILE C 15 -22.05 -30.26 0.15
N PRO C 16 -22.74 -29.36 -0.56
CA PRO C 16 -22.29 -27.95 -0.56
C PRO C 16 -22.26 -27.34 0.83
N CYS C 17 -23.17 -27.75 1.73
CA CYS C 17 -23.19 -27.18 3.07
C CYS C 17 -21.89 -27.48 3.81
N VAL C 18 -21.37 -28.70 3.67
CA VAL C 18 -20.12 -29.06 4.32
C VAL C 18 -18.97 -28.24 3.74
N LEU C 19 -18.96 -28.04 2.42
CA LEU C 19 -17.88 -27.27 1.79
C LEU C 19 -17.87 -25.84 2.29
N ILE C 20 -19.05 -25.21 2.39
CA ILE C 20 -19.11 -23.83 2.86
C ILE C 20 -18.61 -23.74 4.30
N SER C 21 -19.04 -24.67 5.17
CA SER C 21 -18.55 -24.67 6.54
C SER C 21 -17.07 -25.04 6.60
N ALA C 22 -16.61 -25.95 5.73
CA ALA C 22 -15.20 -26.31 5.72
C ALA C 22 -14.34 -25.18 5.20
N LEU C 23 -14.84 -24.39 4.25
CA LEU C 23 -14.06 -23.27 3.72
C LEU C 23 -13.80 -22.24 4.81
N ALA C 24 -14.79 -22.01 5.69
CA ALA C 24 -14.61 -21.03 6.75
C ALA C 24 -13.47 -21.43 7.68
N LEU C 25 -13.37 -22.72 8.00
CA LEU C 25 -12.28 -23.18 8.86
C LEU C 25 -10.92 -22.92 8.20
N LEU C 26 -10.81 -23.15 6.90
CA LEU C 26 -9.55 -22.90 6.20
C LEU C 26 -9.21 -21.42 6.21
N VAL C 27 -10.21 -20.54 6.14
CA VAL C 27 -9.95 -19.10 6.16
C VAL C 27 -9.31 -18.70 7.49
N PHE C 28 -9.80 -19.26 8.60
CA PHE C 28 -9.23 -18.92 9.89
C PHE C 28 -7.77 -19.35 9.99
N LEU C 29 -7.39 -20.40 9.27
CA LEU C 29 -6.00 -20.86 9.31
C LEU C 29 -5.05 -19.81 8.74
N LEU C 30 -5.54 -18.96 7.84
CA LEU C 30 -4.69 -17.93 7.26
C LEU C 30 -4.29 -16.93 8.35
N PRO C 31 -3.01 -16.58 8.46
CA PRO C 31 -2.61 -15.58 9.46
C PRO C 31 -3.28 -14.24 9.22
N ALA C 32 -3.19 -13.38 10.23
CA ALA C 32 -3.80 -12.05 10.16
C ALA C 32 -2.92 -11.05 9.41
N ASP C 33 -1.70 -11.42 9.04
CA ASP C 33 -0.81 -10.51 8.33
C ASP C 33 -1.05 -10.50 6.82
N SER C 34 -1.97 -11.32 6.33
CA SER C 34 -2.24 -11.36 4.88
C SER C 34 -2.75 -10.01 4.39
N GLY C 35 -3.64 -9.40 5.14
CA GLY C 35 -4.21 -8.11 4.74
C GLY C 35 -5.46 -8.21 3.91
N GLU C 36 -5.43 -9.01 2.85
CA GLU C 36 -6.57 -9.22 1.96
C GLU C 36 -7.50 -10.32 2.45
N LYS C 37 -7.38 -10.73 3.72
CA LYS C 37 -8.25 -11.78 4.23
C LYS C 37 -9.70 -11.33 4.30
N ILE C 38 -9.93 -10.02 4.42
CA ILE C 38 -11.31 -9.53 4.50
C ILE C 38 -12.06 -9.78 3.20
N SER C 39 -11.37 -9.62 2.07
CA SER C 39 -12.02 -9.82 0.78
C SER C 39 -12.52 -11.24 0.63
N LEU C 40 -11.70 -12.22 1.02
CA LEU C 40 -12.11 -13.61 0.91
C LEU C 40 -13.23 -13.94 1.89
N GLY C 41 -13.15 -13.41 3.11
CA GLY C 41 -14.16 -13.71 4.10
C GLY C 41 -15.55 -13.22 3.70
N ILE C 42 -15.62 -11.99 3.18
CA ILE C 42 -16.92 -11.45 2.78
C ILE C 42 -17.50 -12.26 1.62
N THR C 43 -16.67 -12.61 0.64
CA THR C 43 -17.17 -13.36 -0.51
C THR C 43 -17.69 -14.74 -0.11
N VAL C 44 -17.18 -15.29 1.00
CA VAL C 44 -17.68 -16.58 1.48
C VAL C 44 -19.15 -16.45 1.88
N LEU C 45 -19.48 -15.37 2.59
CA LEU C 45 -20.88 -15.15 2.97
C LEU C 45 -21.75 -14.85 1.75
N LEU C 46 -21.21 -14.13 0.76
CA LEU C 46 -21.99 -13.84 -0.43
C LEU C 46 -22.35 -15.11 -1.19
N SER C 47 -21.41 -16.05 -1.30
CA SER C 47 -21.70 -17.31 -1.97
C SER C 47 -22.69 -18.16 -1.19
N LEU C 48 -22.76 -18.00 0.13
CA LEU C 48 -23.72 -18.75 0.92
C LEU C 48 -25.15 -18.28 0.67
N THR C 49 -25.34 -16.99 0.40
CA THR C 49 -26.68 -16.48 0.11
C THR C 49 -27.23 -17.07 -1.18
N VAL C 50 -26.37 -17.24 -2.19
CA VAL C 50 -26.83 -17.82 -3.45
C VAL C 50 -27.29 -19.26 -3.23
N PHE C 51 -26.53 -20.03 -2.46
CA PHE C 51 -26.93 -21.41 -2.17
C PHE C 51 -28.20 -21.45 -1.34
N MET C 52 -28.44 -20.43 -0.51
CA MET C 52 -29.64 -20.41 0.31
C MET C 52 -30.89 -20.37 -0.56
N LEU C 53 -30.85 -19.61 -1.66
CA LEU C 53 -32.02 -19.52 -2.53
C LEU C 53 -32.41 -20.88 -3.09
N LEU C 54 -31.42 -21.68 -3.50
CA LEU C 54 -31.72 -23.01 -4.02
C LEU C 54 -32.37 -23.88 -2.95
N VAL C 55 -31.86 -23.81 -1.72
CA VAL C 55 -32.43 -24.61 -0.64
C VAL C 55 -33.87 -24.18 -0.36
N ALA C 56 -34.12 -22.87 -0.36
CA ALA C 56 -35.47 -22.38 -0.08
C ALA C 56 -36.47 -22.88 -1.11
N GLU C 57 -36.09 -22.86 -2.39
CA GLU C 57 -37.01 -23.32 -3.42
C GLU C 57 -37.33 -24.80 -3.25
N ILE C 58 -36.30 -25.62 -2.95
CA ILE C 58 -36.53 -27.05 -2.73
C ILE C 58 -37.31 -27.26 -1.44
N MET C 59 -37.02 -26.46 -0.41
CA MET C 59 -37.68 -26.63 0.87
C MET C 59 -39.18 -26.37 0.71
N PRO C 60 -40.05 -27.27 1.16
CA PRO C 60 -41.49 -27.02 1.05
C PRO C 60 -41.90 -25.76 1.78
N SER C 61 -42.86 -25.03 1.20
CA SER C 61 -43.37 -23.81 1.80
C SER C 61 -44.52 -24.13 2.74
N THR C 62 -44.45 -23.59 3.95
CA THR C 62 -45.48 -23.83 4.96
C THR C 62 -46.02 -22.52 5.50
N SER C 63 -46.88 -22.59 6.52
CA SER C 63 -47.48 -21.41 7.13
C SER C 63 -46.97 -21.16 8.54
N ASP C 64 -47.06 -22.16 9.42
CA ASP C 64 -46.60 -22.01 10.79
C ASP C 64 -45.84 -23.22 11.30
N SER C 65 -45.42 -24.13 10.42
CA SER C 65 -44.66 -25.33 10.79
C SER C 65 -43.43 -25.38 9.89
N SER C 66 -42.35 -24.75 10.34
CA SER C 66 -41.13 -24.73 9.54
C SER C 66 -40.57 -26.15 9.42
N PRO C 67 -40.08 -26.54 8.24
CA PRO C 67 -39.48 -27.87 8.12
C PRO C 67 -38.22 -28.00 8.97
N SER C 68 -37.91 -29.23 9.35
CA SER C 68 -36.73 -29.48 10.18
C SER C 68 -35.46 -29.04 9.48
N ILE C 69 -35.44 -29.07 8.14
CA ILE C 69 -34.26 -28.64 7.38
C ILE C 69 -34.07 -27.14 7.45
N ALA C 70 -35.05 -26.38 7.92
CA ALA C 70 -34.90 -24.93 8.01
C ALA C 70 -33.77 -24.54 8.94
N GLN C 71 -33.68 -25.21 10.09
CA GLN C 71 -32.63 -24.92 11.07
C GLN C 71 -31.29 -25.55 10.70
N TYR C 72 -31.26 -26.47 9.72
CA TYR C 72 -30.00 -27.10 9.33
C TYR C 72 -29.20 -26.18 8.41
N PHE C 73 -29.81 -25.74 7.31
CA PHE C 73 -29.12 -24.84 6.40
C PHE C 73 -28.87 -23.48 7.03
N ALA C 74 -29.69 -23.07 8.01
CA ALA C 74 -29.46 -21.80 8.69
C ALA C 74 -28.27 -21.88 9.62
N SER C 75 -28.00 -23.05 10.21
CA SER C 75 -26.87 -23.19 11.11
C SER C 75 -25.54 -22.92 10.41
N THR C 76 -25.48 -23.10 9.09
CA THR C 76 -24.25 -22.79 8.36
C THR C 76 -23.91 -21.31 8.42
N MET C 77 -24.94 -20.45 8.54
CA MET C 77 -24.70 -19.02 8.61
C MET C 77 -24.15 -18.59 9.97
N ILE C 78 -24.28 -19.43 11.00
CA ILE C 78 -23.74 -19.07 12.31
C ILE C 78 -22.21 -19.04 12.27
N ILE C 79 -21.60 -20.08 11.70
CA ILE C 79 -20.15 -20.11 11.59
C ILE C 79 -19.67 -19.09 10.56
N VAL C 80 -20.33 -19.03 9.40
CA VAL C 80 -19.93 -18.08 8.37
C VAL C 80 -20.25 -16.66 8.81
N GLY C 81 -21.42 -16.43 9.39
CA GLY C 81 -21.78 -15.11 9.85
C GLY C 81 -20.82 -14.58 10.90
N LEU C 82 -20.45 -15.43 11.86
CA LEU C 82 -19.50 -15.01 12.88
C LEU C 82 -18.10 -14.84 12.30
N SER C 83 -17.76 -15.61 11.26
CA SER C 83 -16.44 -15.49 10.65
C SER C 83 -16.25 -14.09 10.06
N VAL C 84 -17.29 -13.55 9.40
CA VAL C 84 -17.19 -12.20 8.85
C VAL C 84 -16.98 -11.19 9.96
N VAL C 85 -17.71 -11.34 11.06
CA VAL C 85 -17.55 -10.42 12.20
C VAL C 85 -16.15 -10.56 12.79
N VAL C 86 -15.62 -11.78 12.83
CA VAL C 86 -14.27 -11.99 13.36
C VAL C 86 -13.25 -11.25 12.50
N THR C 87 -13.43 -11.28 11.17
CA THR C 87 -12.50 -10.58 10.29
C THR C 87 -12.48 -9.09 10.57
N VAL C 88 -13.59 -8.53 11.06
CA VAL C 88 -13.62 -7.12 11.41
C VAL C 88 -12.62 -6.82 12.52
N ILE C 89 -12.58 -7.68 13.55
CA ILE C 89 -11.62 -7.51 14.63
C ILE C 89 -10.20 -7.66 14.12
N VAL C 90 -9.99 -8.57 13.15
CA VAL C 90 -8.66 -8.79 12.61
C VAL C 90 -8.12 -7.52 11.98
N LEU C 91 -8.96 -6.81 11.21
CA LEU C 91 -8.51 -5.57 10.58
C LEU C 91 -8.17 -4.52 11.62
N GLN C 92 -8.89 -4.49 12.74
CA GLN C 92 -8.61 -3.50 13.78
C GLN C 92 -7.19 -3.68 14.33
N TYR C 93 -6.78 -4.92 14.58
CA TYR C 93 -5.44 -5.16 15.08
C TYR C 93 -4.38 -5.02 14.00
N HIS C 94 -4.73 -5.33 12.75
CA HIS C 94 -3.76 -5.18 11.66
C HIS C 94 -3.34 -3.73 11.49
N HIS C 95 -4.32 -2.81 11.56
CA HIS C 95 -4.07 -1.37 11.47
C HIS C 95 -4.62 -0.74 12.75
N HIS C 96 -3.78 -0.68 13.78
CA HIS C 96 -4.22 -0.17 15.07
C HIS C 96 -4.56 1.32 14.96
N ASP C 97 -5.70 1.70 15.52
CA ASP C 97 -6.13 3.09 15.53
C ASP C 97 -5.79 3.71 16.88
N PRO C 98 -5.02 4.80 16.94
CA PRO C 98 -4.72 5.40 18.25
C PRO C 98 -5.94 5.88 18.99
N ASP C 99 -7.08 6.10 18.30
CA ASP C 99 -8.28 6.55 18.99
C ASP C 99 -8.73 5.53 20.03
N GLY C 100 -8.69 4.25 19.69
CA GLY C 100 -9.11 3.21 20.61
C GLY C 100 -9.09 1.83 19.97
N GLY C 101 -8.87 0.80 20.80
CA GLY C 101 -8.82 -0.57 20.32
C GLY C 101 -7.64 -1.34 20.85
N LYS C 102 -6.83 -0.71 21.70
CA LYS C 102 -5.67 -1.37 22.27
C LYS C 102 -6.10 -2.50 23.20
N MET C 103 -5.37 -3.61 23.14
CA MET C 103 -5.71 -4.75 23.98
C MET C 103 -5.48 -4.40 25.44
N PRO C 104 -6.39 -4.78 26.34
CA PRO C 104 -6.18 -4.51 27.76
C PRO C 104 -4.89 -5.14 28.27
N LYS C 105 -4.24 -4.44 29.19
CA LYS C 105 -2.99 -4.94 29.75
C LYS C 105 -3.20 -6.27 30.47
N TRP C 106 -4.30 -6.39 31.22
CA TRP C 106 -4.54 -7.61 31.97
C TRP C 106 -4.65 -8.81 31.05
N THR C 107 -5.35 -8.67 29.93
CA THR C 107 -5.52 -9.76 28.98
C THR C 107 -4.32 -9.94 28.06
N ARG C 108 -3.40 -8.96 28.00
CA ARG C 108 -2.24 -9.10 27.15
C ARG C 108 -1.33 -10.22 27.64
N VAL C 109 -1.19 -10.36 28.96
CA VAL C 109 -0.34 -11.43 29.51
C VAL C 109 -0.90 -12.80 29.15
N ILE C 110 -2.22 -12.95 29.25
CA ILE C 110 -2.84 -14.25 28.92
C ILE C 110 -2.61 -14.60 27.47
N LEU C 111 -2.77 -13.61 26.58
CA LEU C 111 -2.56 -13.88 25.15
C LEU C 111 -1.10 -14.19 24.85
N LEU C 112 -0.17 -13.55 25.57
CA LEU C 112 1.26 -13.80 25.33
C LEU C 112 1.60 -15.26 25.63
N ASN C 113 1.07 -15.81 26.72
CA ASN C 113 1.36 -17.20 27.05
C ASN C 113 0.80 -18.14 25.98
N TRP C 114 -0.40 -17.86 25.48
CA TRP C 114 -0.98 -18.71 24.45
C TRP C 114 -0.15 -18.67 23.17
N CYS C 115 0.35 -17.49 22.80
CA CYS C 115 1.16 -17.39 21.59
C CYS C 115 2.44 -18.21 21.71
N ALA C 116 3.07 -18.19 22.89
CA ALA C 116 4.30 -18.93 23.09
C ALA C 116 4.06 -20.44 23.24
N TRP C 117 2.83 -20.85 23.53
CA TRP C 117 2.52 -22.27 23.65
C TRP C 117 2.33 -22.97 22.32
N PHE C 118 2.15 -22.21 21.23
CA PHE C 118 1.99 -22.82 19.92
C PHE C 118 3.34 -23.22 19.32
N LEU C 119 4.29 -22.28 19.29
CA LEU C 119 5.62 -22.60 18.78
C LEU C 119 6.30 -23.66 19.66
N ARG C 120 6.16 -23.54 20.97
CA ARG C 120 6.72 -24.49 21.93
C ARG C 120 5.57 -25.29 22.52
N MET C 121 5.50 -26.57 22.17
CA MET C 121 4.40 -27.42 22.63
C MET C 121 4.36 -27.44 24.15
N LYS C 122 3.20 -27.08 24.72
CA LYS C 122 2.99 -27.07 26.15
C LYS C 122 2.22 -28.30 26.64
N ARG C 123 1.84 -29.20 25.75
CA ARG C 123 1.07 -30.36 26.14
C ARG C 123 1.90 -31.23 27.09
N PRO C 124 1.33 -31.69 28.21
CA PRO C 124 2.11 -32.56 29.11
C PRO C 124 2.60 -33.84 28.44
N GLY C 125 1.85 -34.36 27.46
CA GLY C 125 2.23 -35.59 26.80
C GLY C 125 3.38 -35.45 25.82
N GLU C 126 3.78 -34.23 25.49
CA GLU C 126 4.89 -33.97 24.57
C GLU C 126 6.11 -33.41 25.26
N ASP C 127 5.94 -32.56 26.28
CA ASP C 127 7.09 -32.02 26.99
C ASP C 127 7.72 -33.06 27.91
N LYS C 128 6.93 -33.99 28.43
CA LYS C 128 7.44 -35.02 29.33
C LYS C 128 7.95 -36.24 28.57
N VAL C 129 7.28 -36.62 27.48
CA VAL C 129 7.68 -37.79 26.69
C VAL C 129 8.69 -37.29 25.66
N ARG C 130 9.95 -37.24 26.08
CA ARG C 130 11.04 -36.80 25.23
C ARG C 130 12.35 -37.04 25.97
N PRO C 131 13.49 -37.04 25.27
CA PRO C 131 14.77 -37.22 25.94
C PRO C 131 15.01 -36.14 27.00
N ALA C 132 15.60 -36.56 28.12
CA ALA C 132 15.89 -35.66 29.22
C ALA C 132 17.32 -35.87 29.69
N CYS C 133 17.89 -34.83 30.29
CA CYS C 133 19.25 -34.87 30.79
C CYS C 133 19.34 -34.02 32.05
N GLN C 134 20.16 -34.47 33.00
CA GLN C 134 20.34 -33.78 34.27
C GLN C 134 21.75 -33.18 34.39
N HIS C 135 22.41 -32.93 33.26
CA HIS C 135 23.75 -32.37 33.30
C HIS C 135 23.71 -30.90 33.72
N LYS C 136 24.88 -30.37 34.06
CA LYS C 136 24.97 -28.98 34.49
C LYS C 136 24.55 -28.00 33.41
N GLN C 137 24.62 -28.40 32.13
CA GLN C 137 24.24 -27.52 31.04
C GLN C 137 22.73 -27.31 30.97
N ARG C 138 21.94 -28.09 31.69
CA ARG C 138 20.49 -27.94 31.71
C ARG C 138 19.96 -27.64 33.11
N ARG C 139 20.82 -27.21 34.02
CA ARG C 139 20.42 -26.90 35.39
C ARG C 139 20.00 -25.44 35.51
N CYS C 140 19.47 -25.09 36.68
CA CYS C 140 19.01 -23.75 36.99
C CYS C 140 19.73 -23.24 38.23
N SER C 141 19.65 -21.93 38.43
CA SER C 141 20.29 -21.28 39.57
C SER C 141 19.43 -20.08 39.97
N LEU C 142 20.00 -19.21 40.81
CA LEU C 142 19.28 -18.04 41.28
C LEU C 142 18.95 -17.07 40.14
N ALA C 143 19.68 -17.14 39.02
CA ALA C 143 19.42 -16.23 37.92
C ALA C 143 18.12 -16.57 37.21
N SER C 144 17.71 -17.84 37.23
CA SER C 144 16.48 -18.24 36.56
C SER C 144 15.24 -17.70 37.27
N VAL C 145 15.33 -17.38 38.55
CA VAL C 145 14.20 -16.85 39.31
C VAL C 145 14.16 -15.35 39.07
N GLU C 146 13.23 -14.90 38.23
CA GLU C 146 13.09 -13.49 37.93
C GLU C 146 12.27 -12.74 38.97
N MET C 147 11.59 -13.44 39.87
CA MET C 147 10.77 -12.79 40.89
C MET C 147 11.57 -12.35 42.11
N SER C 148 12.86 -12.70 42.18
CA SER C 148 13.71 -12.34 43.30
C SER C 148 14.61 -11.15 42.99
N ALA C 149 14.17 -10.26 42.10
CA ALA C 149 14.94 -9.08 41.72
C ALA C 149 16.32 -9.46 41.18
N VAL C 150 16.35 -10.53 40.39
CA VAL C 150 17.58 -11.02 39.76
C VAL C 150 17.40 -10.95 38.25
N ALA C 151 18.39 -10.39 37.57
CA ALA C 151 18.30 -10.23 36.13
C ALA C 151 18.20 -11.61 35.47
N PRO C 152 17.35 -11.77 34.45
CA PRO C 152 17.20 -13.08 33.81
C PRO C 152 18.46 -13.44 33.03
N PRO C 153 18.68 -14.74 32.79
CA PRO C 153 19.87 -15.13 32.02
C PRO C 153 19.84 -14.51 30.65
N PRO C 154 21.00 -14.16 30.09
CA PRO C 154 21.02 -13.56 28.74
C PRO C 154 20.35 -14.47 27.72
N ALA C 155 19.33 -13.94 27.05
CA ALA C 155 18.61 -14.69 26.03
C ALA C 155 17.97 -13.71 25.06
N SER C 156 17.61 -14.23 23.89
CA SER C 156 16.97 -13.44 22.85
C SER C 156 15.45 -13.53 22.88
N ASN C 157 14.89 -14.19 23.90
CA ASN C 157 13.44 -14.37 24.02
C ASN C 157 12.79 -13.29 24.87
N GLY C 158 13.53 -12.24 25.23
CA GLY C 158 12.99 -11.16 26.03
C GLY C 158 13.66 -11.03 27.38
N ASN C 159 14.93 -11.42 27.45
CA ASN C 159 15.72 -11.32 28.67
C ASN C 159 16.90 -10.38 28.51
N LEU C 160 17.68 -10.52 27.44
CA LEU C 160 18.81 -9.64 27.20
C LEU C 160 18.45 -8.43 26.34
N LEU C 161 17.39 -8.53 25.53
CA LEU C 161 16.99 -7.42 24.68
C LEU C 161 16.47 -6.26 25.51
N TYR C 162 15.78 -6.54 26.61
CA TYR C 162 15.24 -5.47 27.45
C TYR C 162 16.35 -4.72 28.20
N ILE C 163 17.50 -5.35 28.40
CA ILE C 163 18.60 -4.65 29.08
C ILE C 163 19.24 -3.62 28.16
N GLY C 164 19.28 -3.89 26.86
CA GLY C 164 19.87 -2.95 25.92
C GLY C 164 18.91 -1.84 25.51
N PHE C 165 17.63 -2.04 25.78
CA PHE C 165 16.60 -1.05 25.48
C PHE C 165 16.17 -0.25 26.70
N ARG C 166 15.78 -0.93 27.77
CA ARG C 166 15.38 -0.25 28.99
C ARG C 166 16.56 0.05 29.91
N GLY C 167 17.50 -0.90 30.02
CA GLY C 167 18.67 -0.67 30.85
C GLY C 167 19.50 0.51 30.38
N LEU C 168 19.73 0.59 29.07
CA LEU C 168 20.49 1.70 28.50
C LEU C 168 19.59 2.91 28.32
N ASP C 169 20.18 4.10 28.49
CA ASP C 169 19.50 5.38 28.40
C ASP C 169 18.52 5.62 29.55
N GLY C 170 18.48 4.73 30.53
CA GLY C 170 17.60 4.88 31.67
C GLY C 170 18.36 5.14 32.95
N VAL C 171 18.53 4.10 33.77
CA VAL C 171 19.28 4.25 35.02
C VAL C 171 20.72 4.63 34.72
N HIS C 172 21.24 4.25 33.54
CA HIS C 172 22.61 4.60 33.18
C HIS C 172 22.78 6.11 33.11
N CYS C 173 21.79 6.81 32.57
CA CYS C 173 21.87 8.26 32.48
C CYS C 173 21.94 8.93 33.85
N VAL C 174 21.54 8.22 34.90
CA VAL C 174 21.59 8.76 36.26
C VAL C 174 22.34 7.76 37.14
N PRO C 175 23.67 7.68 37.03
CA PRO C 175 24.44 6.71 37.84
C PRO C 175 24.61 7.13 39.29
N THR C 176 23.58 6.85 40.09
CA THR C 176 23.64 7.19 41.51
C THR C 176 24.81 6.51 42.21
N PRO C 177 25.08 5.22 42.00
CA PRO C 177 26.24 4.60 42.67
C PRO C 177 27.54 5.28 42.26
N ASP C 178 28.47 5.34 43.22
CA ASP C 178 29.78 5.95 43.02
C ASP C 178 30.84 4.87 43.20
N SER C 179 31.31 4.31 42.10
CA SER C 179 32.33 3.26 42.13
C SER C 179 33.72 3.78 41.85
N GLY C 180 33.85 4.89 41.14
CA GLY C 180 35.16 5.45 40.83
C GLY C 180 36.03 4.55 39.96
N VAL C 181 35.42 3.90 38.97
CA VAL C 181 36.17 3.02 38.08
C VAL C 181 36.67 3.77 36.85
N VAL C 182 35.81 4.59 36.24
CA VAL C 182 36.21 5.34 35.05
C VAL C 182 36.98 6.61 35.41
N CYS C 183 36.91 7.06 36.67
CA CYS C 183 37.62 8.25 37.11
C CYS C 183 38.71 7.93 38.13
N GLY C 184 38.97 6.65 38.40
CA GLY C 184 39.99 6.27 39.35
C GLY C 184 40.93 5.21 38.81
N ARG C 185 40.62 4.65 37.65
CA ARG C 185 41.43 3.62 37.02
C ARG C 185 41.56 3.95 35.54
N MET C 186 42.17 3.02 34.80
CA MET C 186 42.39 3.19 33.36
C MET C 186 41.51 2.22 32.56
N ALA C 187 40.28 2.01 33.01
CA ALA C 187 39.35 1.10 32.34
C ALA C 187 38.68 1.86 31.20
N CYS C 188 39.44 2.01 30.11
CA CYS C 188 38.96 2.70 28.92
C CYS C 188 38.54 4.13 29.22
N SER C 189 39.17 4.75 30.21
CA SER C 189 38.86 6.12 30.58
C SER C 189 40.04 6.71 31.33
N PRO C 190 40.33 8.00 31.15
CA PRO C 190 41.46 8.59 31.88
C PRO C 190 41.18 8.65 33.37
N THR C 191 42.26 8.61 34.16
CA THR C 191 42.18 8.68 35.61
C THR C 191 41.92 10.12 36.02
N HIS C 192 40.66 10.54 35.84
CA HIS C 192 40.21 11.89 36.15
C HIS C 192 41.22 12.94 35.70
N ASP C 193 41.79 12.75 34.51
CA ASP C 193 42.78 13.67 33.96
C ASP C 193 42.05 14.76 33.19
N GLU C 194 41.98 15.95 33.76
CA GLU C 194 41.32 17.07 33.12
C GLU C 194 42.19 17.78 32.10
N HIS C 195 43.48 17.45 32.02
CA HIS C 195 44.41 18.06 31.08
C HIS C 195 44.69 17.15 29.88
N LEU C 196 43.70 16.35 29.48
CA LEU C 196 43.85 15.45 28.34
C LEU C 196 43.58 16.23 27.06
N LEU C 197 44.58 17.01 26.66
CA LEU C 197 44.50 17.86 25.47
C LEU C 197 45.18 17.14 24.31
N HIS C 198 44.43 16.93 23.23
CA HIS C 198 44.95 16.27 22.04
C HIS C 198 45.58 17.35 21.15
N GLY C 199 46.84 17.65 21.42
CA GLY C 199 47.54 18.69 20.69
C GLY C 199 47.16 20.09 21.08
N GLY C 200 46.58 20.29 22.27
CA GLY C 200 46.14 21.58 22.73
C GLY C 200 44.65 21.82 22.64
N GLN C 201 43.93 20.96 21.93
CA GLN C 201 42.48 21.10 21.81
C GLN C 201 41.77 20.40 22.96
N PRO C 202 40.51 20.73 23.22
CA PRO C 202 39.77 20.07 24.30
C PRO C 202 39.54 18.61 23.97
N PRO C 203 38.87 17.87 24.86
CA PRO C 203 38.61 16.45 24.57
C PRO C 203 37.84 16.25 23.27
N GLU C 204 36.93 17.16 22.93
CA GLU C 204 36.15 17.08 21.70
C GLU C 204 36.82 17.96 20.64
N GLY C 205 37.15 17.35 19.50
CA GLY C 205 37.82 18.11 18.46
C GLY C 205 36.97 19.24 17.91
N ASP C 206 35.68 19.01 17.76
CA ASP C 206 34.77 20.02 17.22
C ASP C 206 33.39 19.88 17.87
N PRO C 207 32.89 20.94 18.54
CA PRO C 207 31.53 20.84 19.10
C PRO C 207 30.46 20.64 18.04
N ASP C 208 30.72 21.00 16.79
CA ASP C 208 29.71 20.81 15.75
C ASP C 208 29.38 19.34 15.55
N LEU C 209 30.35 18.45 15.82
CA LEU C 209 30.08 17.02 15.69
C LEU C 209 29.01 16.57 16.68
N ALA C 210 29.01 17.14 17.88
CA ALA C 210 28.00 16.79 18.87
C ALA C 210 26.60 17.17 18.38
N LYS C 211 26.47 18.33 17.75
CA LYS C 211 25.18 18.74 17.19
C LYS C 211 24.72 17.77 16.12
N ILE C 212 25.65 17.33 15.25
CA ILE C 212 25.29 16.36 14.21
C ILE C 212 24.88 15.04 14.84
N LEU C 213 25.52 14.66 15.95
CA LEU C 213 25.18 13.42 16.63
C LEU C 213 23.73 13.44 17.12
N GLU C 214 23.29 14.58 17.67
CA GLU C 214 21.91 14.67 18.14
C GLU C 214 20.93 14.47 16.99
N GLU C 215 21.19 15.09 15.84
CA GLU C 215 20.33 14.88 14.68
C GLU C 215 20.46 13.46 14.14
N VAL C 216 21.69 12.95 14.09
CA VAL C 216 21.89 11.57 13.63
C VAL C 216 21.24 10.59 14.59
N ARG C 217 21.37 10.84 15.89
CA ARG C 217 20.76 9.95 16.87
C ARG C 217 19.25 9.94 16.73
N TYR C 218 18.63 11.09 16.50
CA TYR C 218 17.19 11.14 16.28
C TYR C 218 16.80 10.34 15.04
N ILE C 219 17.57 10.49 13.96
CA ILE C 219 17.29 9.71 12.76
C ILE C 219 17.45 8.22 13.04
N ALA C 220 18.53 7.85 13.73
CA ALA C 220 18.71 6.44 14.09
C ALA C 220 17.60 5.96 15.02
N ASN C 221 17.19 6.80 15.98
CA ASN C 221 16.12 6.42 16.89
C ASN C 221 14.78 6.33 16.17
N ARG C 222 14.61 7.03 15.04
CA ARG C 222 13.36 6.92 14.30
C ARG C 222 13.15 5.50 13.80
N PHE C 223 14.20 4.85 13.29
CA PHE C 223 14.08 3.47 12.87
C PHE C 223 13.91 2.53 14.06
N ARG C 224 14.54 2.85 15.19
CA ARG C 224 14.35 2.05 16.40
C ARG C 224 12.90 2.11 16.86
N CYS C 225 12.29 3.30 16.80
CA CYS C 225 10.88 3.41 17.15
C CYS C 225 10.00 2.61 16.19
N GLN C 226 10.33 2.65 14.90
CA GLN C 226 9.59 1.84 13.93
C GLN C 226 9.75 0.36 14.23
N ASP C 227 10.97 -0.07 14.56
CA ASP C 227 11.18 -1.47 14.95
C ASP C 227 10.40 -1.79 16.21
N GLU C 228 10.42 -0.90 17.20
CA GLU C 228 9.61 -1.10 18.40
C GLU C 228 8.13 -1.08 18.06
N SER C 229 7.71 -0.17 17.18
CA SER C 229 6.31 -0.13 16.76
C SER C 229 5.93 -1.42 16.05
N GLU C 230 6.83 -1.95 15.21
CA GLU C 230 6.56 -3.22 14.54
C GLU C 230 6.42 -4.35 15.55
N ALA C 231 7.25 -4.35 16.59
CA ALA C 231 7.12 -5.36 17.64
C ALA C 231 5.79 -5.24 18.36
N VAL C 232 5.36 -4.01 18.66
CA VAL C 232 4.06 -3.81 19.27
C VAL C 232 2.95 -4.12 18.26
N CYS C 233 3.13 -3.70 17.01
CA CYS C 233 2.15 -4.00 15.97
C CYS C 233 2.05 -5.51 15.75
N SER C 234 3.19 -6.21 15.76
CA SER C 234 3.16 -7.66 15.63
C SER C 234 2.41 -8.31 16.78
N GLU C 235 2.58 -7.79 18.00
CA GLU C 235 1.85 -8.32 19.14
C GLU C 235 0.35 -8.20 18.95
N TRP C 236 -0.10 -7.04 18.45
CA TRP C 236 -1.52 -6.89 18.12
C TRP C 236 -1.92 -7.85 17.00
N LYS C 237 -1.04 -8.02 16.00
CA LYS C 237 -1.33 -8.97 14.94
C LYS C 237 -1.45 -10.39 15.47
N PHE C 238 -0.61 -10.74 16.45
CA PHE C 238 -0.69 -12.07 17.04
C PHE C 238 -2.03 -12.28 17.72
N ALA C 239 -2.55 -11.24 18.38
CA ALA C 239 -3.86 -11.36 19.02
C ALA C 239 -4.94 -11.70 18.01
N ALA C 240 -4.80 -11.24 16.76
CA ALA C 240 -5.76 -11.59 15.72
C ALA C 240 -5.61 -13.03 15.28
N CYS C 241 -4.37 -13.52 15.18
CA CYS C 241 -4.14 -14.88 14.74
C CYS C 241 -4.67 -15.89 15.76
N VAL C 242 -4.47 -15.64 17.05
CA VAL C 242 -4.95 -16.55 18.07
C VAL C 242 -6.48 -16.57 18.10
N VAL C 243 -7.11 -15.42 17.86
CA VAL C 243 -8.57 -15.38 17.83
C VAL C 243 -9.10 -16.27 16.71
N ASP C 244 -8.50 -16.18 15.53
CA ASP C 244 -8.90 -17.06 14.43
C ASP C 244 -8.57 -18.51 14.76
N ARG C 245 -7.39 -18.76 15.34
CA ARG C 245 -7.03 -20.12 15.73
C ARG C 245 -7.97 -20.65 16.81
N LEU C 246 -8.29 -19.81 17.81
CA LEU C 246 -9.23 -20.24 18.84
C LEU C 246 -10.61 -20.49 18.26
N CYS C 247 -11.06 -19.63 17.35
CA CYS C 247 -12.36 -19.83 16.72
C CYS C 247 -12.38 -21.09 15.87
N LEU C 248 -11.24 -21.46 15.29
CA LEU C 248 -11.19 -22.67 14.48
C LEU C 248 -11.53 -23.90 15.30
N MET C 249 -10.97 -24.00 16.50
CA MET C 249 -11.30 -25.14 17.37
C MET C 249 -12.72 -25.03 17.91
N ALA C 250 -13.13 -23.82 18.32
CA ALA C 250 -14.48 -23.64 18.83
C ALA C 250 -15.52 -23.94 17.76
N PHE C 251 -15.31 -23.45 16.54
CA PHE C 251 -16.24 -23.71 15.45
C PHE C 251 -16.14 -25.15 14.94
N SER C 252 -14.99 -25.81 15.16
CA SER C 252 -14.87 -27.20 14.74
C SER C 252 -15.85 -28.09 15.48
N VAL C 253 -16.01 -27.87 16.79
CA VAL C 253 -16.98 -28.65 17.56
C VAL C 253 -18.39 -28.37 17.07
N PHE C 254 -18.71 -27.09 16.83
CA PHE C 254 -20.04 -26.74 16.33
C PHE C 254 -20.29 -27.36 14.97
N THR C 255 -19.29 -27.34 14.09
CA THR C 255 -19.45 -27.95 12.77
C THR C 255 -19.69 -29.45 12.90
N ILE C 256 -18.97 -30.12 13.80
CA ILE C 256 -19.17 -31.54 14.03
C ILE C 256 -20.58 -31.80 14.54
N ILE C 257 -21.04 -30.97 15.48
CA ILE C 257 -22.39 -31.14 16.02
C ILE C 257 -23.44 -30.99 14.92
N CYS C 258 -23.27 -29.98 14.07
CA CYS C 258 -24.21 -29.81 12.96
C CYS C 258 -24.19 -31.00 12.02
N THR C 259 -22.99 -31.52 11.72
CA THR C 259 -22.90 -32.70 10.86
C THR C 259 -23.54 -33.91 11.50
N ILE C 260 -23.38 -34.07 12.82
CA ILE C 260 -23.97 -35.20 13.52
C ILE C 260 -25.49 -35.14 13.43
N GLY C 261 -26.06 -33.95 13.56
CA GLY C 261 -27.51 -33.82 13.49
C GLY C 261 -28.06 -34.27 12.15
N ILE C 262 -27.37 -33.93 11.06
CA ILE C 262 -27.80 -34.35 9.74
C ILE C 262 -27.80 -35.87 9.62
N LEU C 263 -26.73 -36.51 10.12
CA LEU C 263 -26.63 -37.96 10.06
C LEU C 263 -27.56 -38.65 11.04
N MET C 264 -28.17 -37.93 11.97
CA MET C 264 -29.08 -38.51 12.95
C MET C 264 -30.54 -38.21 12.67
N SER C 265 -30.85 -37.10 12.00
CA SER C 265 -32.23 -36.75 11.68
C SER C 265 -32.65 -37.24 10.31
N ALA C 266 -31.72 -37.35 9.36
CA ALA C 266 -32.08 -37.81 8.03
C ALA C 266 -32.72 -39.19 8.03
N PRO C 267 -32.22 -40.20 8.75
CA PRO C 267 -32.88 -41.51 8.73
C PRO C 267 -34.31 -41.48 9.22
N ASN C 268 -34.68 -40.53 10.08
CA ASN C 268 -36.03 -40.44 10.61
C ASN C 268 -36.93 -39.57 9.74
N PHE C 269 -36.42 -38.44 9.26
CA PHE C 269 -37.19 -37.52 8.44
C PHE C 269 -36.92 -37.71 6.95
N VAL C 270 -35.66 -37.63 6.56
CA VAL C 270 -35.28 -37.78 5.16
C VAL C 270 -35.24 -39.27 4.79
N LEU D 7 -26.54 -29.63 -31.60
CA LEU D 7 -26.21 -29.51 -30.18
C LEU D 7 -26.34 -28.06 -29.72
N TYR D 8 -27.58 -27.62 -29.53
CA TYR D 8 -27.82 -26.25 -29.08
C TYR D 8 -27.43 -26.09 -27.62
N TYR D 9 -28.06 -26.88 -26.73
CA TYR D 9 -27.72 -26.79 -25.32
C TYR D 9 -26.38 -27.41 -25.01
N GLY D 10 -25.96 -28.41 -25.79
CA GLY D 10 -24.67 -29.03 -25.54
C GLY D 10 -23.52 -28.07 -25.73
N LEU D 11 -23.55 -27.28 -26.81
CA LEU D 11 -22.49 -26.30 -27.05
C LEU D 11 -22.61 -25.11 -26.11
N ASN D 12 -23.83 -24.80 -25.66
CA ASN D 12 -24.02 -23.66 -24.77
C ASN D 12 -23.55 -23.95 -23.35
N LEU D 13 -23.33 -25.23 -23.01
CA LEU D 13 -22.87 -25.61 -21.68
C LEU D 13 -21.52 -26.31 -21.67
N LEU D 14 -21.03 -26.78 -22.83
CA LEU D 14 -19.75 -27.46 -22.90
C LEU D 14 -18.60 -26.49 -23.10
N ILE D 15 -18.73 -25.58 -24.06
CA ILE D 15 -17.65 -24.61 -24.32
C ILE D 15 -17.38 -23.75 -23.10
N PRO D 16 -18.37 -23.19 -22.41
CA PRO D 16 -18.06 -22.39 -21.21
C PRO D 16 -17.31 -23.15 -20.14
N CYS D 17 -17.58 -24.45 -19.99
CA CYS D 17 -16.89 -25.24 -18.97
C CYS D 17 -15.39 -25.28 -19.23
N VAL D 18 -15.00 -25.43 -20.49
CA VAL D 18 -13.57 -25.46 -20.83
C VAL D 18 -12.94 -24.10 -20.54
N LEU D 19 -13.66 -23.01 -20.84
CA LEU D 19 -13.11 -21.69 -20.60
C LEU D 19 -12.86 -21.46 -19.11
N ILE D 20 -13.80 -21.86 -18.26
CA ILE D 20 -13.64 -21.67 -16.82
C ILE D 20 -12.43 -22.46 -16.31
N SER D 21 -12.31 -23.71 -16.75
CA SER D 21 -11.15 -24.52 -16.36
C SER D 21 -9.87 -23.96 -16.93
N ALA D 22 -9.92 -23.47 -18.18
CA ALA D 22 -8.72 -22.89 -18.78
C ALA D 22 -8.32 -21.59 -18.09
N LEU D 23 -9.29 -20.81 -17.63
CA LEU D 23 -8.97 -19.56 -16.94
C LEU D 23 -8.20 -19.83 -15.65
N ALA D 24 -8.56 -20.91 -14.94
CA ALA D 24 -7.86 -21.23 -13.70
C ALA D 24 -6.38 -21.51 -13.97
N LEU D 25 -6.08 -22.23 -15.05
CA LEU D 25 -4.69 -22.51 -15.38
C LEU D 25 -3.91 -21.23 -15.65
N LEU D 26 -4.53 -20.28 -16.36
CA LEU D 26 -3.86 -19.01 -16.63
C LEU D 26 -3.60 -18.22 -15.35
N VAL D 27 -4.51 -18.33 -14.37
CA VAL D 27 -4.32 -17.62 -13.12
C VAL D 27 -3.07 -18.12 -12.40
N PHE D 28 -2.87 -19.44 -12.39
CA PHE D 28 -1.69 -19.99 -11.73
C PHE D 28 -0.40 -19.49 -12.38
N LEU D 29 -0.45 -19.16 -13.67
CA LEU D 29 0.75 -18.66 -14.35
C LEU D 29 1.19 -17.31 -13.78
N LEU D 30 0.26 -16.54 -13.22
CA LEU D 30 0.61 -15.25 -12.65
C LEU D 30 1.50 -15.45 -11.43
N PRO D 31 2.64 -14.76 -11.34
CA PRO D 31 3.49 -14.91 -10.15
C PRO D 31 2.76 -14.49 -8.89
N ALA D 32 3.35 -14.85 -7.75
CA ALA D 32 2.79 -14.54 -6.45
C ALA D 32 3.07 -13.10 -6.01
N ASP D 33 3.91 -12.37 -6.74
CA ASP D 33 4.25 -11.00 -6.38
C ASP D 33 3.21 -9.99 -6.85
N SER D 34 2.19 -10.42 -7.61
CA SER D 34 1.19 -9.49 -8.10
C SER D 34 0.44 -8.84 -6.94
N GLY D 35 0.08 -9.61 -5.94
CA GLY D 35 -0.65 -9.09 -4.78
C GLY D 35 -2.15 -9.15 -4.92
N GLU D 36 -2.67 -8.67 -6.06
CA GLU D 36 -4.10 -8.67 -6.33
C GLU D 36 -4.58 -9.96 -6.97
N LYS D 37 -3.78 -11.04 -6.87
CA LYS D 37 -4.19 -12.31 -7.46
C LYS D 37 -5.39 -12.90 -6.75
N ILE D 38 -5.57 -12.58 -5.46
CA ILE D 38 -6.70 -13.13 -4.72
C ILE D 38 -8.02 -12.60 -5.26
N SER D 39 -8.06 -11.32 -5.66
CA SER D 39 -9.28 -10.75 -6.19
C SER D 39 -9.74 -11.47 -7.45
N LEU D 40 -8.80 -11.76 -8.35
CA LEU D 40 -9.17 -12.46 -9.58
C LEU D 40 -9.57 -13.90 -9.30
N GLY D 41 -8.86 -14.57 -8.39
CA GLY D 41 -9.17 -15.96 -8.10
C GLY D 41 -10.56 -16.14 -7.53
N ILE D 42 -10.95 -15.28 -6.60
CA ILE D 42 -12.28 -15.38 -5.99
C ILE D 42 -13.37 -15.15 -7.03
N THR D 43 -13.18 -14.14 -7.89
CA THR D 43 -14.19 -13.83 -8.89
C THR D 43 -14.36 -14.98 -9.88
N VAL D 44 -13.31 -15.77 -10.10
CA VAL D 44 -13.43 -16.92 -10.99
C VAL D 44 -14.44 -17.92 -10.43
N LEU D 45 -14.38 -18.19 -9.13
CA LEU D 45 -15.35 -19.07 -8.51
C LEU D 45 -16.75 -18.47 -8.51
N LEU D 46 -16.85 -17.15 -8.33
CA LEU D 46 -18.16 -16.51 -8.33
C LEU D 46 -18.85 -16.67 -9.69
N SER D 47 -18.09 -16.51 -10.78
CA SER D 47 -18.67 -16.67 -12.11
C SER D 47 -19.05 -18.12 -12.40
N LEU D 48 -18.38 -19.08 -11.77
CA LEU D 48 -18.73 -20.49 -11.98
C LEU D 48 -20.07 -20.83 -11.35
N THR D 49 -20.41 -20.18 -10.23
CA THR D 49 -21.70 -20.43 -9.60
C THR D 49 -22.85 -19.98 -10.48
N VAL D 50 -22.68 -18.85 -11.17
CA VAL D 50 -23.74 -18.37 -12.07
C VAL D 50 -23.96 -19.36 -13.20
N PHE D 51 -22.89 -19.87 -13.79
CA PHE D 51 -23.03 -20.87 -14.85
C PHE D 51 -23.63 -22.16 -14.34
N MET D 52 -23.43 -22.48 -13.05
CA MET D 52 -23.98 -23.71 -12.49
C MET D 52 -25.51 -23.67 -12.52
N LEU D 53 -26.11 -22.51 -12.24
CA LEU D 53 -27.56 -22.41 -12.23
C LEU D 53 -28.14 -22.75 -13.60
N LEU D 54 -27.51 -22.26 -14.67
CA LEU D 54 -27.98 -22.57 -16.02
C LEU D 54 -27.92 -24.07 -16.29
N VAL D 55 -26.82 -24.72 -15.88
CA VAL D 55 -26.69 -26.15 -16.09
C VAL D 55 -27.75 -26.91 -15.31
N ALA D 56 -28.03 -26.48 -14.08
CA ALA D 56 -29.02 -27.18 -13.26
C ALA D 56 -30.40 -27.14 -13.91
N GLU D 57 -30.79 -25.98 -14.45
CA GLU D 57 -32.09 -25.88 -15.09
C GLU D 57 -32.19 -26.80 -16.31
N ILE D 58 -31.13 -26.83 -17.12
CA ILE D 58 -31.12 -27.72 -18.28
C ILE D 58 -31.05 -29.18 -17.84
N MET D 59 -30.30 -29.45 -16.78
CA MET D 59 -30.16 -30.82 -16.32
C MET D 59 -31.50 -31.36 -15.84
N PRO D 60 -31.95 -32.52 -16.32
CA PRO D 60 -33.23 -33.06 -15.86
C PRO D 60 -33.23 -33.29 -14.36
N SER D 61 -34.37 -33.05 -13.73
CA SER D 61 -34.53 -33.25 -12.29
C SER D 61 -34.96 -34.69 -12.02
N THR D 62 -34.27 -35.35 -11.10
CA THR D 62 -34.58 -36.73 -10.75
C THR D 62 -34.79 -36.86 -9.24
N SER D 63 -34.96 -38.09 -8.76
CA SER D 63 -35.18 -38.36 -7.35
C SER D 63 -34.01 -39.08 -6.70
N ASP D 64 -33.57 -40.21 -7.26
CA ASP D 64 -32.45 -40.95 -6.70
C ASP D 64 -31.48 -41.46 -7.78
N SER D 65 -31.59 -40.95 -9.01
CA SER D 65 -30.73 -41.35 -10.11
C SER D 65 -30.19 -40.07 -10.75
N SER D 66 -29.06 -39.59 -10.23
CA SER D 66 -28.47 -38.36 -10.74
C SER D 66 -28.02 -38.56 -12.18
N PRO D 67 -28.24 -37.58 -13.06
CA PRO D 67 -27.76 -37.71 -14.44
C PRO D 67 -26.24 -37.78 -14.49
N SER D 68 -25.73 -38.43 -15.53
CA SER D 68 -24.29 -38.56 -15.70
C SER D 68 -23.61 -37.20 -15.82
N ILE D 69 -24.33 -36.19 -16.33
CA ILE D 69 -23.77 -34.86 -16.44
C ILE D 69 -23.60 -34.17 -15.10
N ALA D 70 -24.18 -34.73 -14.03
CA ALA D 70 -24.06 -34.10 -12.71
C ALA D 70 -22.61 -34.06 -12.26
N GLN D 71 -21.86 -35.15 -12.47
CA GLN D 71 -20.46 -35.20 -12.07
C GLN D 71 -19.54 -34.50 -13.05
N TYR D 72 -20.02 -34.14 -14.24
CA TYR D 72 -19.19 -33.45 -15.22
C TYR D 72 -19.06 -31.97 -14.89
N PHE D 73 -20.19 -31.26 -14.79
CA PHE D 73 -20.14 -29.85 -14.43
C PHE D 73 -19.68 -29.65 -13.00
N ALA D 74 -19.90 -30.64 -12.13
CA ALA D 74 -19.44 -30.52 -10.75
C ALA D 74 -17.93 -30.69 -10.65
N SER D 75 -17.33 -31.50 -11.55
CA SER D 75 -15.89 -31.68 -11.52
C SER D 75 -15.14 -30.39 -11.83
N THR D 76 -15.78 -29.44 -12.51
CA THR D 76 -15.12 -28.18 -12.80
C THR D 76 -14.79 -27.40 -11.53
N MET D 77 -15.59 -27.59 -10.48
CA MET D 77 -15.35 -26.90 -9.22
C MET D 77 -14.18 -27.48 -8.44
N ILE D 78 -13.70 -28.68 -8.80
CA ILE D 78 -12.56 -29.26 -8.11
C ILE D 78 -11.31 -28.42 -8.37
N ILE D 79 -11.04 -28.11 -9.64
CA ILE D 79 -9.88 -27.30 -9.97
C ILE D 79 -10.09 -25.86 -9.52
N VAL D 80 -11.27 -25.31 -9.79
CA VAL D 80 -11.55 -23.93 -9.39
C VAL D 80 -11.62 -23.82 -7.87
N GLY D 81 -12.28 -24.77 -7.21
CA GLY D 81 -12.37 -24.74 -5.76
C GLY D 81 -11.01 -24.83 -5.10
N LEU D 82 -10.15 -25.72 -5.60
CA LEU D 82 -8.80 -25.84 -5.04
C LEU D 82 -7.95 -24.62 -5.38
N SER D 83 -8.21 -23.97 -6.53
CA SER D 83 -7.45 -22.79 -6.89
C SER D 83 -7.65 -21.67 -5.88
N VAL D 84 -8.90 -21.48 -5.42
CA VAL D 84 -9.15 -20.46 -4.41
C VAL D 84 -8.41 -20.77 -3.12
N VAL D 85 -8.42 -22.04 -2.72
CA VAL D 85 -7.70 -22.43 -1.50
C VAL D 85 -6.21 -22.23 -1.68
N VAL D 86 -5.69 -22.50 -2.88
CA VAL D 86 -4.27 -22.30 -3.15
C VAL D 86 -3.91 -20.82 -3.00
N THR D 87 -4.78 -19.93 -3.47
CA THR D 87 -4.51 -18.51 -3.35
C THR D 87 -4.38 -18.08 -1.89
N VAL D 88 -5.06 -18.79 -0.99
CA VAL D 88 -4.94 -18.48 0.44
C VAL D 88 -3.51 -18.68 0.91
N ILE D 89 -2.88 -19.78 0.49
CA ILE D 89 -1.49 -20.03 0.86
C ILE D 89 -0.58 -18.98 0.24
N VAL D 90 -0.90 -18.53 -0.97
CA VAL D 90 -0.06 -17.53 -1.63
C VAL D 90 -0.01 -16.25 -0.81
N LEU D 91 -1.16 -15.81 -0.29
CA LEU D 91 -1.18 -14.60 0.52
C LEU D 91 -0.36 -14.76 1.80
N GLN D 92 -0.35 -15.95 2.38
CA GLN D 92 0.43 -16.18 3.60
C GLN D 92 1.91 -15.96 3.35
N TYR D 93 2.43 -16.47 2.23
CA TYR D 93 3.83 -16.27 1.90
C TYR D 93 4.12 -14.85 1.44
N HIS D 94 3.17 -14.22 0.76
CA HIS D 94 3.38 -12.84 0.30
C HIS D 94 3.57 -11.90 1.49
N HIS D 95 2.77 -12.06 2.53
CA HIS D 95 2.87 -11.28 3.76
C HIS D 95 3.08 -12.26 4.90
N HIS D 96 4.34 -12.59 5.18
CA HIS D 96 4.65 -13.56 6.21
C HIS D 96 4.27 -13.04 7.58
N ASP D 97 3.60 -13.89 8.37
CA ASP D 97 3.21 -13.54 9.72
C ASP D 97 4.19 -14.13 10.70
N PRO D 98 4.84 -13.32 11.56
CA PRO D 98 5.79 -13.90 12.52
C PRO D 98 5.16 -14.90 13.47
N ASP D 99 3.83 -14.87 13.64
CA ASP D 99 3.19 -15.81 14.55
C ASP D 99 3.42 -17.26 14.10
N GLY D 100 3.31 -17.51 12.79
CA GLY D 100 3.51 -18.84 12.27
C GLY D 100 3.24 -18.93 10.78
N GLY D 101 3.91 -19.87 10.11
CA GLY D 101 3.73 -20.05 8.68
C GLY D 101 5.04 -20.16 7.93
N LYS D 102 6.16 -20.12 8.66
CA LYS D 102 7.46 -20.22 8.02
C LYS D 102 7.65 -21.61 7.41
N MET D 103 8.26 -21.66 6.24
CA MET D 103 8.48 -22.92 5.56
C MET D 103 9.45 -23.78 6.39
N PRO D 104 9.17 -25.07 6.54
CA PRO D 104 10.11 -25.93 7.28
C PRO D 104 11.49 -25.94 6.62
N LYS D 105 12.53 -26.01 7.46
CA LYS D 105 13.89 -26.00 6.97
C LYS D 105 14.16 -27.20 6.07
N TRP D 106 13.64 -28.38 6.45
CA TRP D 106 13.89 -29.59 5.67
C TRP D 106 13.32 -29.44 4.26
N THR D 107 12.12 -28.89 4.13
CA THR D 107 11.50 -28.72 2.83
C THR D 107 11.99 -27.48 2.09
N ARG D 108 12.71 -26.58 2.76
CA ARG D 108 13.22 -25.39 2.09
C ARG D 108 14.29 -25.76 1.06
N VAL D 109 15.14 -26.74 1.38
CA VAL D 109 16.18 -27.15 0.45
C VAL D 109 15.57 -27.73 -0.82
N ILE D 110 14.52 -28.55 -0.68
CA ILE D 110 13.88 -29.14 -1.85
C ILE D 110 13.29 -28.07 -2.75
N LEU D 111 12.62 -27.07 -2.15
CA LEU D 111 12.04 -26.00 -2.94
C LEU D 111 13.11 -25.16 -3.62
N LEU D 112 14.25 -24.97 -2.96
CA LEU D 112 15.32 -24.16 -3.57
C LEU D 112 15.83 -24.81 -4.85
N ASN D 113 16.00 -26.13 -4.85
CA ASN D 113 16.46 -26.81 -6.06
C ASN D 113 15.45 -26.67 -7.19
N TRP D 114 14.16 -26.79 -6.88
CA TRP D 114 13.13 -26.65 -7.91
C TRP D 114 13.14 -25.26 -8.51
N CYS D 115 13.32 -24.22 -7.67
CA CYS D 115 13.34 -22.86 -8.19
C CYS D 115 14.50 -22.65 -9.15
N ALA D 116 15.66 -23.20 -8.84
CA ALA D 116 16.83 -23.05 -9.70
C ALA D 116 16.75 -23.91 -10.95
N TRP D 117 15.90 -24.95 -10.95
CA TRP D 117 15.76 -25.80 -12.13
C TRP D 117 14.89 -25.17 -13.21
N PHE D 118 14.12 -24.13 -12.88
CA PHE D 118 13.29 -23.48 -13.88
C PHE D 118 14.11 -22.49 -14.72
N LEU D 119 14.86 -21.61 -14.06
CA LEU D 119 15.70 -20.67 -14.80
C LEU D 119 16.78 -21.42 -15.57
N ARG D 120 17.39 -22.44 -14.97
CA ARG D 120 18.41 -23.26 -15.59
C ARG D 120 17.80 -24.63 -15.88
N MET D 121 17.58 -24.93 -17.16
CA MET D 121 16.96 -26.18 -17.55
C MET D 121 17.75 -27.36 -17.00
N LYS D 122 17.08 -28.22 -16.25
CA LYS D 122 17.68 -29.42 -15.68
C LYS D 122 17.34 -30.68 -16.46
N ARG D 123 16.57 -30.57 -17.53
CA ARG D 123 16.18 -31.75 -18.29
C ARG D 123 17.41 -32.40 -18.91
N PRO D 124 17.57 -33.73 -18.80
CA PRO D 124 18.74 -34.36 -19.43
C PRO D 124 18.82 -34.14 -20.93
N GLY D 125 17.68 -33.99 -21.61
CA GLY D 125 17.68 -33.80 -23.05
C GLY D 125 18.09 -32.42 -23.50
N GLU D 126 18.22 -31.47 -22.58
CA GLU D 126 18.63 -30.11 -22.90
C GLU D 126 20.02 -29.77 -22.39
N ASP D 127 20.39 -30.28 -21.22
CA ASP D 127 21.73 -30.01 -20.69
C ASP D 127 22.80 -30.81 -21.43
N LYS D 128 22.45 -31.99 -21.93
CA LYS D 128 23.40 -32.83 -22.65
C LYS D 128 23.45 -32.51 -24.14
N VAL D 129 22.31 -32.18 -24.74
CA VAL D 129 22.25 -31.87 -26.17
C VAL D 129 22.53 -30.38 -26.29
N ARG D 130 23.81 -30.03 -26.36
CA ARG D 130 24.24 -28.65 -26.48
C ARG D 130 25.76 -28.64 -26.68
N PRO D 131 26.31 -27.54 -27.17
CA PRO D 131 27.77 -27.47 -27.35
C PRO D 131 28.51 -27.70 -26.03
N ALA D 132 29.62 -28.41 -26.12
CA ALA D 132 30.43 -28.73 -24.96
C ALA D 132 31.90 -28.44 -25.27
N CYS D 133 32.67 -28.16 -24.21
CA CYS D 133 34.08 -27.87 -24.35
C CYS D 133 34.81 -28.42 -23.13
N GLN D 134 36.03 -28.92 -23.36
CA GLN D 134 36.87 -29.48 -22.31
C GLN D 134 38.08 -28.62 -22.01
N HIS D 135 38.01 -27.33 -22.31
CA HIS D 135 39.14 -26.44 -22.06
C HIS D 135 39.27 -26.17 -20.56
N LYS D 136 40.43 -25.60 -20.18
CA LYS D 136 40.69 -25.33 -18.78
C LYS D 136 39.72 -24.31 -18.20
N GLN D 137 39.09 -23.48 -19.04
CA GLN D 137 38.14 -22.49 -18.56
C GLN D 137 36.84 -23.11 -18.07
N ARG D 138 36.61 -24.39 -18.37
CA ARG D 138 35.38 -25.08 -17.94
C ARG D 138 35.69 -26.28 -17.06
N ARG D 139 36.90 -26.35 -16.50
CA ARG D 139 37.31 -27.46 -15.67
C ARG D 139 36.97 -27.18 -14.20
N CYS D 140 37.16 -28.20 -13.37
CA CYS D 140 36.89 -28.12 -11.95
C CYS D 140 38.15 -28.49 -11.16
N SER D 141 38.15 -28.12 -9.89
CA SER D 141 39.28 -28.38 -9.01
C SER D 141 38.75 -28.60 -7.59
N LEU D 142 39.65 -28.60 -6.62
CA LEU D 142 39.26 -28.82 -5.22
C LEU D 142 38.35 -27.73 -4.71
N ALA D 143 38.36 -26.54 -5.32
CA ALA D 143 37.50 -25.45 -4.85
C ALA D 143 36.03 -25.72 -5.17
N SER D 144 35.75 -26.49 -6.22
CA SER D 144 34.38 -26.77 -6.58
C SER D 144 33.69 -27.70 -5.58
N VAL D 145 34.46 -28.48 -4.83
CA VAL D 145 33.90 -29.40 -3.85
C VAL D 145 33.69 -28.63 -2.56
N GLU D 146 32.45 -28.27 -2.27
CA GLU D 146 32.11 -27.52 -1.07
C GLU D 146 31.97 -28.42 0.16
N MET D 147 31.89 -29.74 -0.02
CA MET D 147 31.76 -30.66 1.11
C MET D 147 33.07 -30.98 1.79
N SER D 148 34.21 -30.55 1.22
CA SER D 148 35.52 -30.82 1.77
C SER D 148 36.06 -29.63 2.58
N ALA D 149 35.17 -28.82 3.14
CA ALA D 149 35.57 -27.66 3.93
C ALA D 149 36.43 -26.70 3.11
N VAL D 150 36.08 -26.53 1.84
CA VAL D 150 36.78 -25.63 0.93
C VAL D 150 35.80 -24.55 0.49
N ALA D 151 36.23 -23.30 0.56
CA ALA D 151 35.37 -22.19 0.19
C ALA D 151 34.96 -22.32 -1.28
N PRO D 152 33.71 -22.04 -1.63
CA PRO D 152 33.27 -22.17 -3.02
C PRO D 152 33.91 -21.10 -3.89
N PRO D 153 34.02 -21.33 -5.19
CA PRO D 153 34.59 -20.31 -6.07
C PRO D 153 33.80 -19.03 -5.99
N PRO D 154 34.46 -17.87 -6.10
CA PRO D 154 33.72 -16.60 -6.06
C PRO D 154 32.64 -16.55 -7.12
N ALA D 155 31.40 -16.34 -6.68
CA ALA D 155 30.27 -16.24 -7.59
C ALA D 155 29.17 -15.43 -6.93
N SER D 156 28.25 -14.94 -7.75
CA SER D 156 27.11 -14.15 -7.29
C SER D 156 25.87 -15.00 -7.04
N ASN D 157 25.96 -16.32 -7.17
CA ASN D 157 24.84 -17.22 -7.00
C ASN D 157 24.72 -17.74 -5.58
N GLY D 158 25.49 -17.21 -4.64
CA GLY D 158 25.44 -17.66 -3.26
C GLY D 158 26.74 -18.26 -2.79
N ASN D 159 27.85 -17.83 -3.37
CA ASN D 159 29.18 -18.32 -2.99
C ASN D 159 30.06 -17.20 -2.43
N LEU D 160 30.12 -16.05 -3.10
CA LEU D 160 30.91 -14.93 -2.61
C LEU D 160 30.09 -13.98 -1.76
N LEU D 161 28.77 -13.94 -1.94
CA LEU D 161 27.93 -13.04 -1.15
C LEU D 161 27.91 -13.46 0.32
N TYR D 162 27.94 -14.76 0.60
CA TYR D 162 27.92 -15.23 1.98
C TYR D 162 29.22 -14.91 2.72
N ILE D 163 30.33 -14.74 2.00
CA ILE D 163 31.59 -14.40 2.64
C ILE D 163 31.59 -12.96 3.13
N GLY D 164 30.92 -12.06 2.40
CA GLY D 164 30.87 -10.66 2.79
C GLY D 164 29.81 -10.39 3.84
N PHE D 165 28.88 -11.34 4.02
CA PHE D 165 27.82 -11.21 5.01
C PHE D 165 28.11 -12.02 6.27
N ARG D 166 28.38 -13.31 6.12
CA ARG D 166 28.70 -14.16 7.28
C ARG D 166 30.17 -14.12 7.63
N GLY D 167 31.05 -14.11 6.63
CA GLY D 167 32.48 -14.07 6.91
C GLY D 167 32.88 -12.79 7.63
N LEU D 168 32.35 -11.65 7.19
CA LEU D 168 32.64 -10.38 7.84
C LEU D 168 31.75 -10.19 9.06
N ASP D 169 32.30 -9.53 10.08
CA ASP D 169 31.64 -9.28 11.35
C ASP D 169 31.44 -10.54 12.18
N GLY D 170 31.97 -11.68 11.73
CA GLY D 170 31.84 -12.92 12.46
C GLY D 170 33.18 -13.39 13.01
N VAL D 171 33.79 -14.36 12.33
CA VAL D 171 35.11 -14.84 12.77
C VAL D 171 36.14 -13.74 12.71
N HIS D 172 35.93 -12.74 11.85
CA HIS D 172 36.87 -11.62 11.75
C HIS D 172 36.93 -10.85 13.06
N CYS D 173 35.77 -10.67 13.71
CA CYS D 173 35.74 -9.96 14.99
C CYS D 173 36.52 -10.69 16.07
N VAL D 174 36.79 -11.97 15.89
CA VAL D 174 37.55 -12.76 16.85
C VAL D 174 38.69 -13.45 16.12
N PRO D 175 39.75 -12.73 15.75
CA PRO D 175 40.87 -13.35 15.00
C PRO D 175 41.78 -14.19 15.87
N THR D 176 41.37 -15.43 16.12
CA THR D 176 42.19 -16.33 16.92
C THR D 176 43.57 -16.55 16.33
N PRO D 177 43.74 -16.78 15.03
CA PRO D 177 45.09 -16.96 14.48
C PRO D 177 45.95 -15.72 14.69
N ASP D 178 47.24 -15.94 14.91
CA ASP D 178 48.21 -14.88 15.13
C ASP D 178 49.23 -14.92 14.00
N SER D 179 49.03 -14.09 12.98
CA SER D 179 49.95 -14.02 11.84
C SER D 179 50.94 -12.88 11.94
N GLY D 180 50.63 -11.81 12.66
CA GLY D 180 51.53 -10.69 12.79
C GLY D 180 51.81 -9.97 11.49
N VAL D 181 50.78 -9.79 10.66
CA VAL D 181 50.95 -9.10 9.39
C VAL D 181 50.67 -7.61 9.51
N VAL D 182 49.60 -7.25 10.22
CA VAL D 182 49.26 -5.83 10.39
C VAL D 182 50.06 -5.19 11.52
N CYS D 183 50.67 -5.99 12.40
CA CYS D 183 51.47 -5.47 13.49
C CYS D 183 52.95 -5.82 13.36
N GLY D 184 53.35 -6.42 12.23
CA GLY D 184 54.74 -6.78 12.03
C GLY D 184 55.27 -6.33 10.68
N ARG D 185 54.38 -5.84 9.82
CA ARG D 185 54.77 -5.38 8.48
C ARG D 185 54.06 -4.05 8.23
N MET D 186 54.19 -3.55 7.00
CA MET D 186 53.59 -2.29 6.58
C MET D 186 52.45 -2.53 5.59
N ALA D 187 51.68 -3.58 5.80
CA ALA D 187 50.56 -3.93 4.92
C ALA D 187 49.35 -3.08 5.31
N CYS D 188 49.39 -1.81 4.92
CA CYS D 188 48.31 -0.87 5.20
C CYS D 188 48.07 -0.72 6.70
N SER D 189 49.12 -0.90 7.51
CA SER D 189 48.99 -0.77 8.95
C SER D 189 50.38 -0.49 9.54
N PRO D 190 50.48 0.33 10.57
CA PRO D 190 51.80 0.60 11.15
C PRO D 190 52.39 -0.65 11.81
N THR D 191 53.73 -0.70 11.84
CA THR D 191 54.44 -1.82 12.43
C THR D 191 54.40 -1.68 13.94
N HIS D 192 53.23 -2.00 14.51
CA HIS D 192 52.99 -1.93 15.95
C HIS D 192 53.54 -0.64 16.54
N ASP D 193 53.42 0.47 15.81
CA ASP D 193 53.91 1.76 16.26
C ASP D 193 52.83 2.42 17.11
N GLU D 194 53.04 2.47 18.43
CA GLU D 194 52.09 3.08 19.33
C GLU D 194 52.24 4.60 19.42
N HIS D 195 53.29 5.17 18.84
CA HIS D 195 53.52 6.60 18.86
C HIS D 195 53.13 7.27 17.54
N LEU D 196 52.11 6.75 16.87
CA LEU D 196 51.64 7.31 15.60
C LEU D 196 50.70 8.47 15.91
N LEU D 197 51.29 9.60 16.29
CA LEU D 197 50.54 10.80 16.63
C LEU D 197 50.51 11.73 15.43
N HIS D 198 49.30 12.07 14.97
CA HIS D 198 49.11 12.97 13.84
C HIS D 198 49.10 14.39 14.38
N GLY D 199 50.28 15.00 14.48
CA GLY D 199 50.40 16.33 15.02
C GLY D 199 50.26 16.42 16.53
N GLY D 200 50.45 15.32 17.24
CA GLY D 200 50.31 15.27 18.67
C GLY D 200 49.01 14.68 19.17
N GLN D 201 48.03 14.48 18.29
CA GLN D 201 46.76 13.89 18.66
C GLN D 201 46.83 12.37 18.59
N PRO D 202 45.89 11.68 19.24
CA PRO D 202 45.88 10.21 19.18
C PRO D 202 45.56 9.73 17.78
N PRO D 203 45.51 8.42 17.56
CA PRO D 203 45.18 7.92 16.21
C PRO D 203 43.84 8.41 15.71
N GLU D 204 42.86 8.58 16.59
CA GLU D 204 41.55 9.09 16.23
C GLU D 204 41.50 10.58 16.51
N GLY D 205 41.18 11.37 15.49
CA GLY D 205 41.14 12.81 15.64
C GLY D 205 40.09 13.26 16.64
N ASP D 206 38.93 12.61 16.63
CA ASP D 206 37.84 12.98 17.53
C ASP D 206 37.05 11.74 17.92
N PRO D 207 36.96 11.42 19.22
CA PRO D 207 36.13 10.27 19.62
C PRO D 207 34.66 10.43 19.27
N ASP D 208 34.18 11.66 19.09
CA ASP D 208 32.78 11.86 18.75
C ASP D 208 32.44 11.23 17.41
N LEU D 209 33.41 11.14 16.50
CA LEU D 209 33.16 10.52 15.20
C LEU D 209 32.83 9.04 15.36
N ALA D 210 33.47 8.36 16.32
CA ALA D 210 33.16 6.96 16.57
C ALA D 210 31.72 6.78 17.00
N LYS D 211 31.22 7.67 17.86
CA LYS D 211 29.83 7.61 18.29
C LYS D 211 28.89 7.78 17.11
N ILE D 212 29.20 8.72 16.21
CA ILE D 212 28.38 8.92 15.02
C ILE D 212 28.42 7.69 14.13
N LEU D 213 29.58 7.03 14.06
CA LEU D 213 29.69 5.83 13.24
C LEU D 213 28.75 4.74 13.72
N GLU D 214 28.64 4.56 15.05
CA GLU D 214 27.74 3.55 15.58
C GLU D 214 26.30 3.83 15.18
N GLU D 215 25.87 5.09 15.27
CA GLU D 215 24.52 5.44 14.82
C GLU D 215 24.39 5.33 13.32
N VAL D 216 25.40 5.78 12.58
CA VAL D 216 25.37 5.66 11.12
C VAL D 216 25.39 4.20 10.71
N ARG D 217 26.21 3.38 11.38
CA ARG D 217 26.26 1.96 11.06
C ARG D 217 24.91 1.28 11.29
N TYR D 218 24.23 1.64 12.38
CA TYR D 218 22.91 1.08 12.64
C TYR D 218 21.93 1.49 11.55
N ILE D 219 21.97 2.76 11.12
CA ILE D 219 21.11 3.20 10.03
C ILE D 219 21.44 2.44 8.75
N ALA D 220 22.74 2.30 8.44
CA ALA D 220 23.13 1.54 7.27
C ALA D 220 22.72 0.09 7.40
N ASN D 221 22.89 -0.50 8.60
CA ASN D 221 22.48 -1.88 8.82
C ASN D 221 20.98 -2.06 8.73
N ARG D 222 20.20 -1.01 8.99
CA ARG D 222 18.75 -1.12 8.88
C ARG D 222 18.34 -1.44 7.44
N PHE D 223 18.97 -0.77 6.47
CA PHE D 223 18.69 -1.08 5.07
C PHE D 223 19.23 -2.45 4.69
N ARG D 224 20.36 -2.87 5.26
CA ARG D 224 20.88 -4.20 5.00
C ARG D 224 19.91 -5.27 5.50
N CYS D 225 19.33 -5.05 6.69
CA CYS D 225 18.34 -5.98 7.20
C CYS D 225 17.12 -6.03 6.30
N GLN D 226 16.68 -4.87 5.80
CA GLN D 226 15.56 -4.85 4.86
C GLN D 226 15.91 -5.60 3.58
N ASP D 227 17.13 -5.42 3.07
CA ASP D 227 17.56 -6.19 1.90
C ASP D 227 17.61 -7.68 2.23
N GLU D 228 18.14 -8.03 3.40
CA GLU D 228 18.13 -9.43 3.83
C GLU D 228 16.70 -9.94 4.01
N SER D 229 15.83 -9.11 4.60
CA SER D 229 14.44 -9.50 4.75
C SER D 229 13.77 -9.68 3.40
N GLU D 230 14.10 -8.82 2.43
CA GLU D 230 13.55 -8.98 1.09
C GLU D 230 14.02 -10.29 0.45
N ALA D 231 15.28 -10.65 0.68
CA ALA D 231 15.78 -11.92 0.16
C ALA D 231 15.05 -13.09 0.81
N VAL D 232 14.82 -13.03 2.12
CA VAL D 232 14.05 -14.06 2.79
C VAL D 232 12.58 -13.99 2.36
N CYS D 233 12.05 -12.77 2.24
CA CYS D 233 10.67 -12.62 1.79
C CYS D 233 10.51 -13.13 0.36
N SER D 234 11.49 -12.86 -0.50
CA SER D 234 11.43 -13.37 -1.87
C SER D 234 11.44 -14.89 -1.89
N GLU D 235 12.23 -15.52 -1.01
CA GLU D 235 12.25 -16.97 -0.94
C GLU D 235 10.87 -17.52 -0.60
N TRP D 236 10.19 -16.89 0.36
CA TRP D 236 8.82 -17.29 0.67
C TRP D 236 7.91 -17.04 -0.53
N LYS D 237 8.10 -15.91 -1.21
CA LYS D 237 7.31 -15.64 -2.41
C LYS D 237 7.56 -16.69 -3.49
N PHE D 238 8.80 -17.14 -3.63
CA PHE D 238 9.12 -18.17 -4.60
C PHE D 238 8.37 -19.46 -4.29
N ALA D 239 8.26 -19.80 -3.01
CA ALA D 239 7.52 -21.01 -2.63
C ALA D 239 6.07 -20.93 -3.07
N ALA D 240 5.49 -19.72 -3.15
CA ALA D 240 4.13 -19.58 -3.64
C ALA D 240 4.06 -19.76 -5.15
N CYS D 241 5.05 -19.26 -5.88
CA CYS D 241 5.04 -19.39 -7.33
C CYS D 241 5.18 -20.85 -7.76
N VAL D 242 6.07 -21.60 -7.10
CA VAL D 242 6.26 -23.01 -7.47
C VAL D 242 5.00 -23.81 -7.17
N VAL D 243 4.29 -23.47 -6.08
CA VAL D 243 3.05 -24.16 -5.76
C VAL D 243 2.04 -23.97 -6.88
N ASP D 244 1.89 -22.73 -7.35
CA ASP D 244 1.00 -22.47 -8.48
C ASP D 244 1.51 -23.16 -9.74
N ARG D 245 2.82 -23.11 -9.98
CA ARG D 245 3.37 -23.80 -11.15
C ARG D 245 3.19 -25.30 -11.03
N LEU D 246 3.43 -25.86 -9.85
CA LEU D 246 3.22 -27.29 -9.65
C LEU D 246 1.75 -27.67 -9.82
N CYS D 247 0.86 -26.84 -9.29
CA CYS D 247 -0.57 -27.11 -9.43
C CYS D 247 -1.02 -26.97 -10.88
N LEU D 248 -0.36 -26.11 -11.66
CA LEU D 248 -0.72 -25.96 -13.07
C LEU D 248 -0.52 -27.27 -13.82
N MET D 249 0.60 -27.94 -13.60
CA MET D 249 0.84 -29.23 -14.25
C MET D 249 -0.06 -30.31 -13.66
N ALA D 250 -0.22 -30.33 -12.34
CA ALA D 250 -1.08 -31.33 -11.71
C ALA D 250 -2.52 -31.18 -12.16
N PHE D 251 -3.02 -29.95 -12.22
CA PHE D 251 -4.39 -29.72 -12.67
C PHE D 251 -4.53 -29.88 -14.18
N SER D 252 -3.43 -29.72 -14.94
CA SER D 252 -3.51 -29.92 -16.38
C SER D 252 -3.90 -31.35 -16.72
N VAL D 253 -3.32 -32.33 -16.01
CA VAL D 253 -3.68 -33.72 -16.25
C VAL D 253 -5.14 -33.96 -15.88
N PHE D 254 -5.58 -33.40 -14.74
CA PHE D 254 -6.98 -33.56 -14.34
C PHE D 254 -7.91 -32.92 -15.35
N THR D 255 -7.55 -31.73 -15.86
CA THR D 255 -8.39 -31.09 -16.86
C THR D 255 -8.47 -31.92 -18.13
N ILE D 256 -7.35 -32.51 -18.55
CA ILE D 256 -7.35 -33.38 -19.73
C ILE D 256 -8.24 -34.60 -19.48
N ILE D 257 -8.14 -35.19 -18.29
CA ILE D 257 -8.96 -36.35 -17.97
C ILE D 257 -10.44 -35.99 -18.03
N CYS D 258 -10.80 -34.84 -17.46
CA CYS D 258 -12.20 -34.41 -17.51
C CYS D 258 -12.66 -34.18 -18.93
N THR D 259 -11.81 -33.56 -19.76
CA THR D 259 -12.16 -33.34 -21.16
C THR D 259 -12.32 -34.66 -21.90
N ILE D 260 -11.45 -35.64 -21.61
CA ILE D 260 -11.54 -36.93 -22.27
C ILE D 260 -12.87 -37.61 -21.93
N GLY D 261 -13.31 -37.48 -20.68
CA GLY D 261 -14.57 -38.10 -20.29
C GLY D 261 -15.75 -37.57 -21.09
N ILE D 262 -15.77 -36.26 -21.33
CA ILE D 262 -16.85 -35.66 -22.12
C ILE D 262 -16.84 -36.22 -23.54
N LEU D 263 -15.66 -36.32 -24.14
CA LEU D 263 -15.55 -36.82 -25.50
C LEU D 263 -15.76 -38.33 -25.59
N MET D 264 -15.78 -39.04 -24.47
CA MET D 264 -15.97 -40.48 -24.45
C MET D 264 -17.37 -40.90 -24.01
N SER D 265 -18.02 -40.11 -23.15
CA SER D 265 -19.36 -40.45 -22.69
C SER D 265 -20.45 -39.81 -23.52
N ALA D 266 -20.16 -38.67 -24.17
CA ALA D 266 -21.18 -38.01 -24.98
C ALA D 266 -21.70 -38.90 -26.10
N PRO D 267 -20.85 -39.60 -26.86
CA PRO D 267 -21.40 -40.46 -27.94
C PRO D 267 -22.34 -41.53 -27.44
N ASN D 268 -22.18 -41.98 -26.19
CA ASN D 268 -23.03 -43.03 -25.64
C ASN D 268 -24.28 -42.48 -24.99
N PHE D 269 -24.16 -41.37 -24.24
CA PHE D 269 -25.30 -40.76 -23.56
C PHE D 269 -25.87 -39.59 -24.34
N VAL D 270 -25.03 -38.60 -24.66
CA VAL D 270 -25.47 -37.42 -25.40
C VAL D 270 -25.56 -37.75 -26.89
N LEU E 7 -38.12 -1.21 -33.15
CA LEU E 7 -37.90 -2.49 -32.49
C LEU E 7 -37.72 -2.29 -30.98
N TYR E 8 -38.54 -3.01 -30.20
CA TYR E 8 -38.45 -2.92 -28.75
C TYR E 8 -37.25 -3.69 -28.22
N TYR E 9 -37.21 -5.00 -28.49
CA TYR E 9 -36.10 -5.82 -28.04
C TYR E 9 -34.82 -5.55 -28.83
N GLY E 10 -34.94 -5.01 -30.05
CA GLY E 10 -33.76 -4.74 -30.83
C GLY E 10 -32.87 -3.68 -30.19
N LEU E 11 -33.47 -2.60 -29.68
CA LEU E 11 -32.71 -1.56 -29.03
C LEU E 11 -32.32 -1.92 -27.60
N ASN E 12 -32.95 -2.94 -27.02
CA ASN E 12 -32.63 -3.37 -25.67
C ASN E 12 -31.54 -4.44 -25.62
N LEU E 13 -31.11 -4.95 -26.78
CA LEU E 13 -30.06 -5.96 -26.84
C LEU E 13 -28.88 -5.57 -27.71
N LEU E 14 -29.05 -4.63 -28.65
CA LEU E 14 -27.96 -4.17 -29.49
C LEU E 14 -27.19 -3.03 -28.85
N ILE E 15 -27.90 -2.04 -28.29
CA ILE E 15 -27.23 -0.92 -27.64
C ILE E 15 -26.33 -1.38 -26.51
N PRO E 16 -26.76 -2.26 -25.60
CA PRO E 16 -25.85 -2.71 -24.52
C PRO E 16 -24.58 -3.36 -25.05
N CYS E 17 -24.65 -4.05 -26.18
CA CYS E 17 -23.46 -4.69 -26.73
C CYS E 17 -22.40 -3.65 -27.07
N VAL E 18 -22.80 -2.53 -27.67
CA VAL E 18 -21.84 -1.48 -28.00
C VAL E 18 -21.24 -0.88 -26.73
N LEU E 19 -22.07 -0.65 -25.71
CA LEU E 19 -21.58 -0.08 -24.47
C LEU E 19 -20.55 -0.98 -23.81
N ILE E 20 -20.81 -2.29 -23.77
CA ILE E 20 -19.87 -3.21 -23.14
C ILE E 20 -18.57 -3.25 -23.92
N SER E 21 -18.64 -3.31 -25.24
CA SER E 21 -17.44 -3.31 -26.06
C SER E 21 -16.72 -1.96 -25.98
N ALA E 22 -17.48 -0.87 -25.92
CA ALA E 22 -16.85 0.45 -25.83
C ALA E 22 -16.16 0.62 -24.48
N LEU E 23 -16.74 0.08 -23.41
CA LEU E 23 -16.12 0.20 -22.10
C LEU E 23 -14.77 -0.51 -22.05
N ALA E 24 -14.67 -1.67 -22.69
CA ALA E 24 -13.41 -2.41 -22.70
C ALA E 24 -12.30 -1.60 -23.37
N LEU E 25 -12.62 -0.92 -24.47
CA LEU E 25 -11.62 -0.11 -25.15
C LEU E 25 -11.12 1.01 -24.26
N LEU E 26 -12.04 1.65 -23.51
CA LEU E 26 -11.62 2.71 -22.61
C LEU E 26 -10.74 2.20 -21.48
N VAL E 27 -10.97 0.97 -21.04
CA VAL E 27 -10.13 0.39 -19.97
C VAL E 27 -8.68 0.27 -20.43
N PHE E 28 -8.47 -0.17 -21.67
CA PHE E 28 -7.11 -0.30 -22.18
C PHE E 28 -6.40 1.03 -22.23
N LEU E 29 -7.15 2.13 -22.39
CA LEU E 29 -6.53 3.45 -22.42
C LEU E 29 -5.89 3.81 -21.09
N LEU E 30 -6.41 3.27 -19.99
CA LEU E 30 -5.86 3.57 -18.69
C LEU E 30 -4.43 3.01 -18.60
N PRO E 31 -3.46 3.80 -18.14
CA PRO E 31 -2.09 3.27 -18.02
C PRO E 31 -2.02 2.11 -17.04
N ALA E 32 -0.90 1.40 -17.08
CA ALA E 32 -0.68 0.25 -16.23
C ALA E 32 -0.25 0.63 -14.82
N ASP E 33 0.05 1.90 -14.57
CA ASP E 33 0.49 2.35 -13.26
C ASP E 33 -0.67 2.63 -12.31
N SER E 34 -1.91 2.51 -12.78
CA SER E 34 -3.07 2.79 -11.92
C SER E 34 -3.10 1.83 -10.73
N GLY E 35 -2.83 0.56 -10.97
CA GLY E 35 -2.84 -0.45 -9.92
C GLY E 35 -4.18 -1.14 -9.72
N GLU E 36 -5.25 -0.37 -9.60
CA GLU E 36 -6.59 -0.91 -9.42
C GLU E 36 -7.28 -1.21 -10.74
N LYS E 37 -6.52 -1.32 -11.84
CA LYS E 37 -7.14 -1.62 -13.13
C LYS E 37 -7.74 -3.01 -13.16
N ILE E 38 -7.20 -3.94 -12.36
CA ILE E 38 -7.71 -5.30 -12.36
C ILE E 38 -9.13 -5.34 -11.82
N SER E 39 -9.42 -4.53 -10.80
CA SER E 39 -10.77 -4.52 -10.22
C SER E 39 -11.81 -4.09 -11.25
N LEU E 40 -11.51 -3.05 -12.03
CA LEU E 40 -12.45 -2.60 -13.05
C LEU E 40 -12.58 -3.61 -14.18
N GLY E 41 -11.47 -4.22 -14.58
CA GLY E 41 -11.53 -5.18 -15.68
C GLY E 41 -12.37 -6.40 -15.35
N ILE E 42 -12.23 -6.93 -14.14
CA ILE E 42 -13.00 -8.11 -13.75
C ILE E 42 -14.49 -7.77 -13.71
N THR E 43 -14.83 -6.61 -13.15
CA THR E 43 -16.23 -6.23 -13.03
C THR E 43 -16.88 -6.05 -14.41
N VAL E 44 -16.09 -5.70 -15.42
CA VAL E 44 -16.63 -5.57 -16.77
C VAL E 44 -17.13 -6.93 -17.26
N LEU E 45 -16.34 -7.98 -17.03
CA LEU E 45 -16.78 -9.32 -17.42
C LEU E 45 -17.99 -9.78 -16.59
N LEU E 46 -18.02 -9.42 -15.30
CA LEU E 46 -19.14 -9.81 -14.46
C LEU E 46 -20.45 -9.20 -14.97
N SER E 47 -20.41 -7.93 -15.37
CA SER E 47 -21.60 -7.28 -15.90
C SER E 47 -22.02 -7.85 -17.25
N LEU E 48 -21.06 -8.39 -18.02
CA LEU E 48 -21.41 -9.00 -19.30
C LEU E 48 -22.19 -10.29 -19.12
N THR E 49 -21.90 -11.04 -18.07
CA THR E 49 -22.64 -12.28 -17.81
C THR E 49 -24.10 -12.00 -17.50
N VAL E 50 -24.38 -10.91 -16.78
CA VAL E 50 -25.76 -10.55 -16.46
C VAL E 50 -26.53 -10.25 -17.74
N PHE E 51 -25.93 -9.50 -18.66
CA PHE E 51 -26.59 -9.20 -19.93
C PHE E 51 -26.76 -10.46 -20.77
N MET E 52 -25.88 -11.45 -20.60
CA MET E 52 -25.99 -12.68 -21.37
C MET E 52 -27.29 -13.41 -21.07
N LEU E 53 -27.70 -13.42 -19.79
CA LEU E 53 -28.93 -14.11 -19.42
C LEU E 53 -30.14 -13.51 -20.12
N LEU E 54 -30.20 -12.18 -20.22
CA LEU E 54 -31.31 -11.53 -20.92
C LEU E 54 -31.33 -11.92 -22.39
N VAL E 55 -30.15 -11.97 -23.03
CA VAL E 55 -30.09 -12.34 -24.43
C VAL E 55 -30.55 -13.78 -24.63
N ALA E 56 -30.14 -14.68 -23.73
CA ALA E 56 -30.51 -16.09 -23.86
C ALA E 56 -32.03 -16.26 -23.78
N GLU E 57 -32.67 -15.56 -22.84
CA GLU E 57 -34.12 -15.69 -22.71
C GLU E 57 -34.83 -15.20 -23.98
N ILE E 58 -34.40 -14.07 -24.53
CA ILE E 58 -34.99 -13.56 -25.76
C ILE E 58 -34.65 -14.46 -26.93
N MET E 59 -33.44 -15.00 -26.96
CA MET E 59 -33.02 -15.85 -28.06
C MET E 59 -33.88 -17.11 -28.09
N PRO E 60 -34.49 -17.45 -29.24
CA PRO E 60 -35.31 -18.67 -29.29
C PRO E 60 -34.48 -19.90 -28.97
N SER E 61 -35.10 -20.85 -28.29
CA SER E 61 -34.47 -22.11 -27.92
C SER E 61 -34.65 -23.13 -29.04
N THR E 62 -33.54 -23.74 -29.46
CA THR E 62 -33.55 -24.74 -30.52
C THR E 62 -32.87 -26.01 -30.01
N SER E 63 -32.73 -26.99 -30.91
CA SER E 63 -32.11 -28.27 -30.59
C SER E 63 -30.75 -28.44 -31.24
N ASP E 64 -30.66 -28.25 -32.56
CA ASP E 64 -29.39 -28.40 -33.27
C ASP E 64 -29.17 -27.31 -34.31
N SER E 65 -29.93 -26.22 -34.25
CA SER E 65 -29.80 -25.10 -35.18
C SER E 65 -29.68 -23.82 -34.35
N SER E 66 -28.46 -23.47 -33.99
CA SER E 66 -28.23 -22.28 -33.18
C SER E 66 -28.64 -21.03 -33.97
N PRO E 67 -29.36 -20.08 -33.37
CA PRO E 67 -29.70 -18.87 -34.10
C PRO E 67 -28.46 -18.06 -34.46
N SER E 68 -28.59 -17.26 -35.52
CA SER E 68 -27.47 -16.45 -35.97
C SER E 68 -27.01 -15.47 -34.90
N ILE E 69 -27.94 -15.03 -34.03
CA ILE E 69 -27.59 -14.11 -32.96
C ILE E 69 -26.74 -14.77 -31.88
N ALA E 70 -26.64 -16.09 -31.87
CA ALA E 70 -25.83 -16.77 -30.87
C ALA E 70 -24.37 -16.37 -30.98
N GLN E 71 -23.85 -16.30 -32.20
CA GLN E 71 -22.45 -15.93 -32.41
C GLN E 71 -22.22 -14.42 -32.33
N TYR E 72 -23.29 -13.62 -32.34
CA TYR E 72 -23.12 -12.17 -32.25
C TYR E 72 -22.88 -11.73 -30.82
N PHE E 73 -23.77 -12.11 -29.90
CA PHE E 73 -23.59 -11.75 -28.50
C PHE E 73 -22.39 -12.48 -27.88
N ALA E 74 -22.03 -13.65 -28.40
CA ALA E 74 -20.87 -14.37 -27.88
C ALA E 74 -19.56 -13.71 -28.31
N SER E 75 -19.55 -13.07 -29.49
CA SER E 75 -18.34 -12.41 -29.95
C SER E 75 -17.91 -11.28 -29.02
N THR E 76 -18.85 -10.70 -28.27
CA THR E 76 -18.49 -9.64 -27.32
C THR E 76 -17.60 -10.18 -26.21
N MET E 77 -17.73 -11.46 -25.87
CA MET E 77 -16.91 -12.05 -24.82
C MET E 77 -15.47 -12.27 -25.27
N ILE E 78 -15.21 -12.25 -26.58
CA ILE E 78 -13.84 -12.43 -27.06
C ILE E 78 -12.98 -11.24 -26.66
N ILE E 79 -13.47 -10.03 -26.92
CA ILE E 79 -12.73 -8.83 -26.54
C ILE E 79 -12.72 -8.66 -25.02
N VAL E 80 -13.87 -8.83 -24.39
CA VAL E 80 -13.94 -8.69 -22.93
C VAL E 80 -13.17 -9.82 -22.25
N GLY E 81 -13.33 -11.05 -22.73
CA GLY E 81 -12.62 -12.17 -22.14
C GLY E 81 -11.11 -12.01 -22.26
N LEU E 82 -10.63 -11.59 -23.43
CA LEU E 82 -9.20 -11.37 -23.60
C LEU E 82 -8.71 -10.19 -22.79
N SER E 83 -9.57 -9.19 -22.56
CA SER E 83 -9.17 -8.04 -21.76
C SER E 83 -8.84 -8.45 -20.33
N VAL E 84 -9.63 -9.34 -19.75
CA VAL E 84 -9.35 -9.83 -18.40
C VAL E 84 -8.01 -10.55 -18.37
N VAL E 85 -7.74 -11.39 -19.37
CA VAL E 85 -6.47 -12.11 -19.42
C VAL E 85 -5.33 -11.13 -19.60
N VAL E 86 -5.54 -10.07 -20.39
CA VAL E 86 -4.51 -9.06 -20.59
C VAL E 86 -4.16 -8.39 -19.27
N THR E 87 -5.18 -8.08 -18.46
CA THR E 87 -4.93 -7.43 -17.17
C THR E 87 -4.05 -8.30 -16.28
N VAL E 88 -4.11 -9.62 -16.45
CA VAL E 88 -3.25 -10.50 -15.66
C VAL E 88 -1.79 -10.22 -15.96
N ILE E 89 -1.45 -10.06 -17.25
CA ILE E 89 -0.08 -9.75 -17.61
C ILE E 89 0.32 -8.38 -17.07
N VAL E 90 -0.62 -7.44 -17.04
CA VAL E 90 -0.32 -6.10 -16.56
C VAL E 90 0.13 -6.16 -15.10
N LEU E 91 -0.56 -6.95 -14.28
CA LEU E 91 -0.18 -7.06 -12.88
C LEU E 91 1.21 -7.67 -12.72
N GLN E 92 1.57 -8.61 -13.59
CA GLN E 92 2.90 -9.22 -13.50
C GLN E 92 3.99 -8.18 -13.69
N TYR E 93 3.84 -7.29 -14.67
CA TYR E 93 4.83 -6.26 -14.90
C TYR E 93 4.77 -5.16 -13.84
N HIS E 94 3.58 -4.87 -13.32
CA HIS E 94 3.47 -3.85 -12.28
C HIS E 94 4.25 -4.25 -11.03
N HIS E 95 4.15 -5.51 -10.63
CA HIS E 95 4.87 -6.06 -9.49
C HIS E 95 5.71 -7.23 -10.01
N HIS E 96 6.93 -6.94 -10.46
CA HIS E 96 7.79 -7.96 -11.04
C HIS E 96 8.19 -8.98 -9.98
N ASP E 97 8.09 -10.26 -10.32
CA ASP E 97 8.47 -11.33 -9.42
C ASP E 97 9.87 -11.81 -9.79
N PRO E 98 10.85 -11.79 -8.89
CA PRO E 98 12.19 -12.28 -9.25
C PRO E 98 12.22 -13.73 -9.68
N ASP E 99 11.20 -14.53 -9.32
CA ASP E 99 11.18 -15.93 -9.72
C ASP E 99 11.17 -16.07 -11.23
N GLY E 100 10.36 -15.25 -11.92
CA GLY E 100 10.29 -15.30 -13.36
C GLY E 100 9.25 -14.36 -13.92
N GLY E 101 9.47 -13.90 -15.16
CA GLY E 101 8.55 -12.98 -15.81
C GLY E 101 9.24 -11.80 -16.45
N LYS E 102 10.57 -11.77 -16.38
CA LYS E 102 11.32 -10.68 -16.97
C LYS E 102 11.21 -10.71 -18.50
N MET E 103 11.07 -9.53 -19.09
CA MET E 103 10.94 -9.43 -20.54
C MET E 103 12.24 -9.91 -21.20
N PRO E 104 12.15 -10.70 -22.27
CA PRO E 104 13.37 -11.13 -22.96
C PRO E 104 14.17 -9.94 -23.47
N LYS E 105 15.50 -10.08 -23.43
CA LYS E 105 16.37 -9.01 -23.87
C LYS E 105 16.15 -8.69 -25.34
N TRP E 106 15.97 -9.73 -26.17
CA TRP E 106 15.79 -9.50 -27.61
C TRP E 106 14.56 -8.66 -27.89
N THR E 107 13.46 -8.94 -27.19
CA THR E 107 12.23 -8.19 -27.39
C THR E 107 12.20 -6.87 -26.64
N ARG E 108 13.13 -6.65 -25.70
CA ARG E 108 13.16 -5.38 -24.99
C ARG E 108 13.50 -4.22 -25.91
N VAL E 109 14.41 -4.44 -26.86
CA VAL E 109 14.79 -3.38 -27.79
C VAL E 109 13.60 -2.99 -28.65
N ILE E 110 12.83 -3.97 -29.13
CA ILE E 110 11.68 -3.68 -29.97
C ILE E 110 10.65 -2.85 -29.21
N LEU E 111 10.39 -3.22 -27.96
CA LEU E 111 9.43 -2.48 -27.15
C LEU E 111 9.93 -1.07 -26.86
N LEU E 112 11.24 -0.90 -26.67
CA LEU E 112 11.78 0.43 -26.38
C LEU E 112 11.52 1.39 -27.53
N ASN E 113 11.72 0.93 -28.77
CA ASN E 113 11.46 1.79 -29.92
C ASN E 113 9.99 2.18 -30.00
N TRP E 114 9.09 1.24 -29.74
CA TRP E 114 7.66 1.55 -29.79
C TRP E 114 7.30 2.59 -28.73
N CYS E 115 7.86 2.47 -27.52
CA CYS E 115 7.56 3.41 -26.47
C CYS E 115 8.01 4.83 -26.85
N ALA E 116 9.17 4.95 -27.48
CA ALA E 116 9.68 6.25 -27.88
C ALA E 116 8.97 6.81 -29.11
N TRP E 117 8.27 5.98 -29.87
CA TRP E 117 7.55 6.45 -31.04
C TRP E 117 6.20 7.08 -30.70
N PHE E 118 5.70 6.88 -29.48
CA PHE E 118 4.43 7.48 -29.09
C PHE E 118 4.62 8.94 -28.69
N LEU E 119 5.57 9.21 -27.78
CA LEU E 119 5.83 10.58 -27.38
C LEU E 119 6.35 11.41 -28.55
N ARG E 120 7.22 10.82 -29.37
CA ARG E 120 7.77 11.47 -30.56
C ARG E 120 7.15 10.80 -31.79
N MET E 121 6.28 11.54 -32.49
CA MET E 121 5.59 10.99 -33.64
C MET E 121 6.59 10.49 -34.67
N LYS E 122 6.48 9.21 -35.04
CA LYS E 122 7.34 8.60 -36.04
C LYS E 122 6.67 8.48 -37.40
N ARG E 123 5.43 8.94 -37.54
CA ARG E 123 4.73 8.83 -38.81
C ARG E 123 5.46 9.65 -39.88
N PRO E 124 5.70 9.11 -41.07
CA PRO E 124 6.36 9.90 -42.12
C PRO E 124 5.61 11.17 -42.48
N GLY E 125 4.28 11.16 -42.37
CA GLY E 125 3.49 12.32 -42.73
C GLY E 125 3.53 13.45 -41.73
N GLU E 126 4.10 13.22 -40.54
CA GLU E 126 4.23 14.24 -39.51
C GLU E 126 5.65 14.70 -39.29
N ASP E 127 6.63 13.80 -39.39
CA ASP E 127 8.02 14.19 -39.22
C ASP E 127 8.54 14.95 -40.43
N LYS E 128 8.01 14.67 -41.62
CA LYS E 128 8.46 15.34 -42.84
C LYS E 128 7.68 16.63 -43.11
N VAL E 129 6.38 16.63 -42.79
CA VAL E 129 5.54 17.81 -43.02
C VAL E 129 5.65 18.67 -41.77
N ARG E 130 6.68 19.50 -41.73
CA ARG E 130 6.92 20.40 -40.60
C ARG E 130 8.08 21.33 -40.98
N PRO E 131 8.24 22.44 -40.25
CA PRO E 131 9.36 23.34 -40.55
C PRO E 131 10.70 22.63 -40.42
N ALA E 132 11.62 22.97 -41.32
CA ALA E 132 12.94 22.37 -41.35
C ALA E 132 13.99 23.47 -41.49
N CYS E 133 15.19 23.18 -41.01
CA CYS E 133 16.30 24.13 -41.07
C CYS E 133 17.60 23.36 -41.27
N GLN E 134 18.51 23.93 -42.05
CA GLN E 134 19.80 23.33 -42.35
C GLN E 134 20.95 24.07 -41.69
N HIS E 135 20.68 24.81 -40.61
CA HIS E 135 21.73 25.56 -39.93
C HIS E 135 22.65 24.60 -39.16
N LYS E 136 23.80 25.14 -38.75
CA LYS E 136 24.79 24.34 -38.03
C LYS E 136 24.24 23.82 -36.71
N GLN E 137 23.24 24.49 -36.13
CA GLN E 137 22.67 24.05 -34.87
C GLN E 137 21.85 22.77 -34.99
N ARG E 138 21.54 22.34 -36.22
CA ARG E 138 20.78 21.11 -36.45
C ARG E 138 21.56 20.10 -37.29
N ARG E 139 22.88 20.27 -37.39
CA ARG E 139 23.72 19.38 -38.17
C ARG E 139 24.22 18.22 -37.31
N CYS E 140 24.86 17.26 -37.96
CA CYS E 140 25.41 16.09 -37.31
C CYS E 140 26.90 15.97 -37.60
N SER E 141 27.58 15.18 -36.79
CA SER E 141 29.03 14.97 -36.93
C SER E 141 29.34 13.54 -36.51
N LEU E 142 30.63 13.26 -36.33
CA LEU E 142 31.05 11.92 -35.93
C LEU E 142 30.53 11.53 -34.55
N ALA E 143 30.18 12.51 -33.72
CA ALA E 143 29.68 12.20 -32.38
C ALA E 143 28.29 11.56 -32.45
N SER E 144 27.50 11.89 -33.47
CA SER E 144 26.16 11.33 -33.61
C SER E 144 26.19 9.84 -33.94
N VAL E 145 27.28 9.35 -34.53
CA VAL E 145 27.41 7.95 -34.91
C VAL E 145 27.90 7.19 -33.68
N GLU E 146 26.99 6.47 -33.02
CA GLU E 146 27.34 5.70 -31.84
C GLU E 146 27.90 4.33 -32.18
N MET E 147 27.82 3.89 -33.43
CA MET E 147 28.32 2.58 -33.83
C MET E 147 29.82 2.59 -34.12
N SER E 148 30.46 3.75 -34.15
CA SER E 148 31.88 3.87 -34.45
C SER E 148 32.71 4.06 -33.19
N ALA E 149 32.25 3.51 -32.06
CA ALA E 149 32.97 3.63 -30.78
C ALA E 149 33.20 5.09 -30.40
N VAL E 150 32.19 5.92 -30.65
CA VAL E 150 32.23 7.35 -30.32
C VAL E 150 31.15 7.63 -29.29
N ALA E 151 31.51 8.33 -28.23
CA ALA E 151 30.55 8.63 -27.17
C ALA E 151 29.41 9.48 -27.75
N PRO E 152 28.16 9.21 -27.36
CA PRO E 152 27.04 9.99 -27.90
C PRO E 152 27.07 11.41 -27.39
N PRO E 153 26.44 12.35 -28.09
CA PRO E 153 26.43 13.73 -27.62
C PRO E 153 25.76 13.81 -26.26
N PRO E 154 26.23 14.73 -25.40
CA PRO E 154 25.60 14.86 -24.08
C PRO E 154 24.11 15.14 -24.19
N ALA E 155 23.32 14.22 -23.65
CA ALA E 155 21.86 14.35 -23.66
C ALA E 155 21.28 13.60 -22.48
N SER E 156 20.06 13.98 -22.12
CA SER E 156 19.35 13.37 -21.00
C SER E 156 18.44 12.21 -21.43
N ASN E 157 18.48 11.82 -22.70
CA ASN E 157 17.64 10.75 -23.22
C ASN E 157 18.33 9.39 -23.15
N GLY E 158 19.46 9.29 -22.47
CA GLY E 158 20.17 8.03 -22.36
C GLY E 158 21.55 8.08 -22.99
N ASN E 159 22.15 9.27 -23.04
CA ASN E 159 23.48 9.46 -23.60
C ASN E 159 24.47 9.95 -22.56
N LEU E 160 24.11 10.97 -21.78
CA LEU E 160 24.99 11.49 -20.74
C LEU E 160 24.74 10.83 -19.39
N LEU E 161 23.53 10.31 -19.16
CA LEU E 161 23.24 9.67 -17.88
C LEU E 161 24.03 8.38 -17.71
N TYR E 162 24.25 7.64 -18.80
CA TYR E 162 25.00 6.40 -18.71
C TYR E 162 26.48 6.63 -18.42
N ILE E 163 27.00 7.81 -18.73
CA ILE E 163 28.41 8.09 -18.44
C ILE E 163 28.61 8.33 -16.95
N GLY E 164 27.63 8.90 -16.27
CA GLY E 164 27.74 9.15 -14.85
C GLY E 164 27.42 7.94 -14.00
N PHE E 165 26.78 6.94 -14.61
CA PHE E 165 26.42 5.70 -13.92
C PHE E 165 27.38 4.57 -14.26
N ARG E 166 27.58 4.28 -15.55
CA ARG E 166 28.50 3.23 -15.96
C ARG E 166 29.92 3.72 -16.10
N GLY E 167 30.11 4.93 -16.64
CA GLY E 167 31.46 5.47 -16.76
C GLY E 167 32.14 5.65 -15.42
N LEU E 168 31.42 6.19 -14.44
CA LEU E 168 31.96 6.37 -13.10
C LEU E 168 31.86 5.07 -12.31
N ASP E 169 32.86 4.86 -11.45
CA ASP E 169 32.98 3.66 -10.62
C ASP E 169 33.31 2.41 -11.44
N GLY E 170 33.58 2.56 -12.73
CA GLY E 170 33.92 1.43 -13.58
C GLY E 170 35.35 1.49 -14.04
N VAL E 171 35.56 1.91 -15.29
CA VAL E 171 36.91 2.04 -15.82
C VAL E 171 37.71 3.08 -15.03
N HIS E 172 37.04 4.05 -14.41
CA HIS E 172 37.75 5.06 -13.63
C HIS E 172 38.49 4.41 -12.46
N CYS E 173 37.88 3.41 -11.82
CA CYS E 173 38.52 2.73 -10.70
C CYS E 173 39.79 2.00 -11.14
N VAL E 174 39.96 1.74 -12.42
CA VAL E 174 41.15 1.08 -12.94
C VAL E 174 41.73 1.93 -14.07
N PRO E 175 42.38 3.06 -13.76
CA PRO E 175 42.92 3.94 -14.81
C PRO E 175 44.20 3.41 -15.43
N THR E 176 44.05 2.48 -16.38
CA THR E 176 45.21 1.91 -17.07
C THR E 176 46.04 2.97 -17.76
N PRO E 177 45.47 3.93 -18.49
CA PRO E 177 46.31 4.95 -19.13
C PRO E 177 47.08 5.76 -18.10
N ASP E 178 48.30 6.15 -18.48
CA ASP E 178 49.20 6.91 -17.63
C ASP E 178 49.43 8.27 -18.28
N SER E 179 48.68 9.28 -17.84
CA SER E 179 48.81 10.63 -18.38
C SER E 179 49.66 11.54 -17.50
N GLY E 180 49.74 11.27 -16.22
CA GLY E 180 50.52 12.10 -15.32
C GLY E 180 50.02 13.52 -15.20
N VAL E 181 48.70 13.70 -15.14
CA VAL E 181 48.11 15.04 -15.01
C VAL E 181 47.93 15.42 -13.55
N VAL E 182 47.39 14.51 -12.73
CA VAL E 182 47.17 14.81 -11.32
C VAL E 182 48.44 14.62 -10.50
N CYS E 183 49.44 13.90 -11.02
CA CYS E 183 50.69 13.68 -10.33
C CYS E 183 51.87 14.38 -11.00
N GLY E 184 51.60 15.20 -12.03
CA GLY E 184 52.66 15.91 -12.71
C GLY E 184 52.35 17.38 -12.90
N ARG E 185 51.12 17.79 -12.59
CA ARG E 185 50.71 19.18 -12.72
C ARG E 185 49.92 19.56 -11.47
N MET E 186 49.36 20.76 -11.48
CA MET E 186 48.58 21.30 -10.36
C MET E 186 47.09 21.39 -10.71
N ALA E 187 46.59 20.39 -11.44
CA ALA E 187 45.18 20.36 -11.86
C ALA E 187 44.35 19.81 -10.70
N CYS E 188 44.14 20.66 -9.70
CA CYS E 188 43.35 20.30 -8.53
C CYS E 188 43.94 19.10 -7.79
N SER E 189 45.26 18.93 -7.87
CA SER E 189 45.93 17.82 -7.21
C SER E 189 47.39 18.18 -7.01
N PRO E 190 48.02 17.79 -5.90
CA PRO E 190 49.42 18.12 -5.70
C PRO E 190 50.32 17.42 -6.71
N THR E 191 51.44 18.06 -7.01
CA THR E 191 52.42 17.53 -7.97
C THR E 191 53.22 16.44 -7.27
N HIS E 192 52.58 15.27 -7.13
CA HIS E 192 53.18 14.10 -6.49
C HIS E 192 53.92 14.48 -5.22
N ASP E 193 53.37 15.42 -4.45
CA ASP E 193 53.97 15.88 -3.20
C ASP E 193 53.50 14.97 -2.07
N GLU E 194 54.38 14.09 -1.60
CA GLU E 194 54.06 13.18 -0.51
C GLU E 194 54.18 13.82 0.86
N HIS E 195 54.73 15.03 0.95
CA HIS E 195 54.90 15.74 2.22
C HIS E 195 53.83 16.80 2.42
N LEU E 196 52.61 16.58 1.90
CA LEU E 196 51.52 17.53 2.03
C LEU E 196 50.85 17.30 3.39
N LEU E 197 51.51 17.78 4.44
CA LEU E 197 51.04 17.64 5.80
C LEU E 197 50.31 18.91 6.22
N HIS E 198 49.04 18.77 6.61
CA HIS E 198 48.22 19.90 7.06
C HIS E 198 48.47 20.09 8.55
N GLY E 199 49.52 20.85 8.86
CA GLY E 199 49.88 21.06 10.26
C GLY E 199 50.57 19.90 10.91
N GLY E 200 51.14 18.99 10.13
CA GLY E 200 51.81 17.81 10.65
C GLY E 200 51.00 16.54 10.55
N GLN E 201 49.71 16.62 10.25
CA GLN E 201 48.86 15.46 10.11
C GLN E 201 48.92 14.92 8.69
N PRO E 202 48.53 13.66 8.47
CA PRO E 202 48.52 13.11 7.12
C PRO E 202 47.49 13.80 6.24
N PRO E 203 47.37 13.40 4.98
CA PRO E 203 46.36 14.04 4.10
C PRO E 203 44.95 13.94 4.66
N GLU E 204 44.62 12.84 5.32
CA GLU E 204 43.31 12.64 5.92
C GLU E 204 43.38 13.03 7.40
N GLY E 205 42.54 13.99 7.80
CA GLY E 205 42.57 14.44 9.18
C GLY E 205 42.21 13.35 10.16
N ASP E 206 41.27 12.47 9.78
CA ASP E 206 40.82 11.40 10.66
C ASP E 206 40.43 10.19 9.83
N PRO E 207 41.06 9.03 10.02
CA PRO E 207 40.64 7.83 9.28
C PRO E 207 39.21 7.41 9.60
N ASP E 208 38.67 7.81 10.75
CA ASP E 208 37.30 7.44 11.10
C ASP E 208 36.31 8.01 10.11
N LEU E 209 36.62 9.15 9.50
CA LEU E 209 35.72 9.73 8.51
C LEU E 209 35.57 8.84 7.29
N ALA E 210 36.66 8.15 6.91
CA ALA E 210 36.57 7.23 5.77
C ALA E 210 35.59 6.09 6.05
N LYS E 211 35.61 5.57 7.28
CA LYS E 211 34.66 4.51 7.63
C LYS E 211 33.23 5.01 7.55
N ILE E 212 32.98 6.25 8.01
CA ILE E 212 31.63 6.81 7.92
C ILE E 212 31.23 6.98 6.46
N LEU E 213 32.18 7.34 5.61
CA LEU E 213 31.88 7.52 4.19
C LEU E 213 31.40 6.21 3.56
N GLU E 214 32.03 5.09 3.92
CA GLU E 214 31.60 3.81 3.37
C GLU E 214 30.16 3.50 3.77
N GLU E 215 29.82 3.74 5.04
CA GLU E 215 28.44 3.53 5.47
C GLU E 215 27.50 4.54 4.84
N VAL E 216 27.94 5.81 4.77
CA VAL E 216 27.11 6.85 4.14
C VAL E 216 26.95 6.55 2.66
N ARG E 217 28.03 6.13 2.00
CA ARG E 217 27.95 5.81 0.57
C ARG E 217 26.97 4.67 0.32
N TYR E 218 26.99 3.65 1.17
CA TYR E 218 26.04 2.55 1.02
C TYR E 218 24.60 3.05 1.18
N ILE E 219 24.36 3.91 2.17
CA ILE E 219 23.03 4.49 2.35
C ILE E 219 22.64 5.30 1.12
N ALA E 220 23.57 6.13 0.62
CA ALA E 220 23.30 6.91 -0.58
C ALA E 220 23.07 5.99 -1.77
N ASN E 221 23.88 4.93 -1.89
CA ASN E 221 23.72 3.98 -2.99
C ASN E 221 22.41 3.21 -2.88
N ARG E 222 21.86 3.06 -1.68
CA ARG E 222 20.58 2.37 -1.55
C ARG E 222 19.48 3.12 -2.29
N PHE E 223 19.45 4.44 -2.16
CA PHE E 223 18.47 5.23 -2.90
C PHE E 223 18.77 5.22 -4.39
N ARG E 224 20.05 5.19 -4.77
CA ARG E 224 20.40 5.09 -6.18
C ARG E 224 19.89 3.78 -6.78
N CYS E 225 20.03 2.69 -6.03
CA CYS E 225 19.51 1.41 -6.50
C CYS E 225 17.99 1.46 -6.62
N GLN E 226 17.32 2.11 -5.67
CA GLN E 226 15.88 2.25 -5.76
C GLN E 226 15.48 3.06 -6.99
N ASP E 227 16.22 4.15 -7.26
CA ASP E 227 15.96 4.92 -8.48
C ASP E 227 16.23 4.08 -9.72
N GLU E 228 17.33 3.32 -9.71
CA GLU E 228 17.61 2.42 -10.83
C GLU E 228 16.54 1.34 -10.94
N SER E 229 16.10 0.80 -9.79
CA SER E 229 15.03 -0.19 -9.80
C SER E 229 13.74 0.41 -10.34
N GLU E 230 13.45 1.66 -9.98
CA GLU E 230 12.28 2.33 -10.52
C GLU E 230 12.37 2.49 -12.02
N ALA E 231 13.55 2.83 -12.53
CA ALA E 231 13.73 2.92 -13.98
C ALA E 231 13.51 1.58 -14.66
N VAL E 232 14.04 0.50 -14.06
CA VAL E 232 13.79 -0.83 -14.60
C VAL E 232 12.33 -1.22 -14.39
N CYS E 233 11.78 -0.91 -13.22
CA CYS E 233 10.37 -1.19 -12.96
C CYS E 233 9.48 -0.41 -13.92
N SER E 234 9.81 0.86 -14.18
CA SER E 234 9.04 1.65 -15.12
C SER E 234 9.10 1.04 -16.53
N GLU E 235 10.26 0.54 -16.92
CA GLU E 235 10.37 -0.10 -18.23
C GLU E 235 9.44 -1.29 -18.34
N TRP E 236 9.36 -2.11 -17.28
CA TRP E 236 8.40 -3.21 -17.27
C TRP E 236 6.97 -2.67 -17.30
N LYS E 237 6.71 -1.58 -16.58
CA LYS E 237 5.39 -0.96 -16.60
C LYS E 237 5.05 -0.46 -18.00
N PHE E 238 6.04 0.08 -18.71
CA PHE E 238 5.80 0.54 -20.08
C PHE E 238 5.39 -0.62 -20.97
N ALA E 239 5.99 -1.79 -20.77
CA ALA E 239 5.62 -2.96 -21.56
C ALA E 239 4.15 -3.31 -21.38
N ALA E 240 3.59 -3.06 -20.19
CA ALA E 240 2.17 -3.31 -19.98
C ALA E 240 1.31 -2.26 -20.68
N CYS E 241 1.75 -1.01 -20.71
CA CYS E 241 0.95 0.03 -21.36
C CYS E 241 0.90 -0.16 -22.87
N VAL E 242 2.02 -0.54 -23.48
CA VAL E 242 2.03 -0.76 -24.92
C VAL E 242 1.16 -1.95 -25.30
N VAL E 243 1.14 -2.99 -24.46
CA VAL E 243 0.29 -4.14 -24.74
C VAL E 243 -1.17 -3.73 -24.76
N ASP E 244 -1.60 -2.94 -23.78
CA ASP E 244 -2.96 -2.43 -23.78
C ASP E 244 -3.21 -1.50 -24.97
N ARG E 245 -2.24 -0.63 -25.26
CA ARG E 245 -2.38 0.25 -26.42
C ARG E 245 -2.41 -0.55 -27.71
N LEU E 246 -1.54 -1.55 -27.83
CA LEU E 246 -1.56 -2.40 -29.02
C LEU E 246 -2.87 -3.18 -29.12
N CYS E 247 -3.35 -3.69 -27.99
CA CYS E 247 -4.61 -4.43 -27.99
C CYS E 247 -5.79 -3.52 -28.35
N LEU E 248 -5.71 -2.24 -27.98
CA LEU E 248 -6.80 -1.33 -28.30
C LEU E 248 -6.97 -1.20 -29.82
N MET E 249 -5.86 -1.06 -30.55
CA MET E 249 -5.96 -0.99 -32.00
C MET E 249 -6.35 -2.34 -32.60
N ALA E 250 -5.79 -3.43 -32.08
CA ALA E 250 -6.13 -4.75 -32.59
C ALA E 250 -7.60 -5.07 -32.33
N PHE E 251 -8.10 -4.77 -31.14
CA PHE E 251 -9.50 -5.02 -30.82
C PHE E 251 -10.42 -4.01 -31.49
N SER E 252 -9.92 -2.83 -31.85
CA SER E 252 -10.76 -1.85 -32.54
C SER E 252 -11.22 -2.39 -33.89
N VAL E 253 -10.32 -3.04 -34.63
CA VAL E 253 -10.70 -3.62 -35.91
C VAL E 253 -11.72 -4.74 -35.71
N PHE E 254 -11.48 -5.59 -34.69
CA PHE E 254 -12.43 -6.67 -34.41
C PHE E 254 -13.79 -6.12 -34.02
N THR E 255 -13.81 -5.07 -33.20
CA THR E 255 -15.07 -4.46 -32.80
C THR E 255 -15.80 -3.89 -34.02
N ILE E 256 -15.07 -3.25 -34.93
CA ILE E 256 -15.69 -2.72 -36.14
C ILE E 256 -16.26 -3.86 -36.97
N ILE E 257 -15.50 -4.96 -37.11
CA ILE E 257 -15.98 -6.10 -37.88
C ILE E 257 -17.26 -6.66 -37.29
N CYS E 258 -17.31 -6.81 -35.96
CA CYS E 258 -18.51 -7.30 -35.31
C CYS E 258 -19.68 -6.35 -35.54
N THR E 259 -19.44 -5.04 -35.44
CA THR E 259 -20.50 -4.07 -35.69
C THR E 259 -20.99 -4.15 -37.13
N ILE E 260 -20.06 -4.34 -38.08
CA ILE E 260 -20.46 -4.42 -39.48
C ILE E 260 -21.36 -5.62 -39.72
N GLY E 261 -21.05 -6.74 -39.07
CA GLY E 261 -21.88 -7.93 -39.25
C GLY E 261 -23.31 -7.71 -38.81
N ILE E 262 -23.50 -6.99 -37.70
CA ILE E 262 -24.86 -6.71 -37.22
C ILE E 262 -25.61 -5.85 -38.23
N LEU E 263 -24.94 -4.84 -38.77
CA LEU E 263 -25.57 -3.95 -39.75
C LEU E 263 -25.75 -4.61 -41.10
N MET E 264 -25.13 -5.76 -41.35
CA MET E 264 -25.24 -6.46 -42.62
C MET E 264 -26.16 -7.67 -42.58
N SER E 265 -26.26 -8.35 -41.43
CA SER E 265 -27.12 -9.52 -41.31
C SER E 265 -28.52 -9.18 -40.81
N ALA E 266 -28.66 -8.09 -40.06
CA ALA E 266 -29.98 -7.71 -39.55
C ALA E 266 -31.00 -7.50 -40.65
N PRO E 267 -30.69 -6.79 -41.75
CA PRO E 267 -31.70 -6.61 -42.80
C PRO E 267 -32.17 -7.91 -43.41
N ASN E 268 -31.34 -8.96 -43.39
CA ASN E 268 -31.71 -10.24 -43.97
C ASN E 268 -32.42 -11.14 -42.98
N PHE E 269 -31.95 -11.19 -41.73
CA PHE E 269 -32.55 -12.03 -40.70
C PHE E 269 -33.49 -11.24 -39.80
N VAL E 270 -33.00 -10.16 -39.20
CA VAL E 270 -33.82 -9.34 -38.31
C VAL E 270 -34.70 -8.41 -39.13
C1 IVM F . -25.74 6.46 -26.89
O1 IVM F . -26.14 4.52 -23.69
C2 IVM F . -25.73 4.92 -26.70
O2 IVM F . -31.83 5.46 -27.84
C3 IVM F . -24.68 4.50 -25.65
O3 IVM F . -30.22 5.23 -31.92
C4 IVM F . -24.67 2.96 -25.58
O4 IVM F . -33.02 4.97 -32.24
C5 IVM F . -24.98 5.10 -24.27
O5 IVM F . -30.82 4.69 -35.95
C6 IVM F . -26.58 5.25 -22.54
O6 IVM F . -32.51 2.43 -35.90
C7 IVM F . -25.40 5.72 -21.70
O7 IVM F . -34.46 4.86 -34.03
C8 IVM F . -24.18 4.79 -21.89
O8 IVM F . -32.76 7.01 -29.24
C9 IVM F . -23.74 4.87 -23.35
O9 IVM F . -33.06 -0.46 -21.14
C10 IVM F . -22.77 6.03 -23.52
O10 IVM F . -31.62 -1.67 -19.57
C11 IVM F . -27.37 4.05 -21.85
O11 IVM F . -27.85 1.02 -22.37
C12 IVM F . -28.56 3.55 -22.72
O12 IVM F . -29.37 2.68 -21.97
C13 IVM F . -29.37 4.75 -23.16
O13 IVM F . -30.40 -0.59 -23.55
C14 IVM F . -28.48 5.63 -23.99
O14 IVM F . -27.46 6.18 -23.19
C15 IVM F . -29.30 6.81 -24.60
C16 IVM F . -30.28 6.27 -25.70
C17 IVM F . -31.65 6.27 -25.54
C18 IVM F . -32.33 6.83 -24.26
C19 IVM F . -32.57 5.73 -26.65
C20 IVM F . -31.59 6.58 -28.63
C21 IVM F . -30.49 6.23 -29.72
C22 IVM F . -31.10 5.31 -30.83
C23 IVM F . -28.95 4.66 -31.60
C24 IVM F . -32.41 5.88 -31.29
C25 IVM F . -33.45 5.63 -33.39
C26 IVM F . -32.24 5.86 -34.36
C27 IVM F . -31.76 4.49 -34.92
C28 IVM F . -29.54 5.12 -35.50
C29 IVM F . -32.93 3.74 -35.48
C30 IVM F . -33.99 3.59 -34.41
C31 IVM F . -35.15 2.76 -34.97
C32 IVM F . -33.30 6.04 -30.10
C33 IVM F . -34.72 6.51 -30.55
C34 IVM F . -33.25 4.46 -26.17
C35 IVM F . -34.16 3.89 -27.28
C36 IVM F . -32.21 3.41 -25.77
C37 IVM F . -32.56 2.72 -24.43
C38 IVM F . -31.70 1.46 -24.14
C39 IVM F . -31.70 1.12 -22.62
C40 IVM F . -33.20 0.86 -22.12
C41 IVM F . -31.94 -1.15 -21.81
C42 IVM F . -31.39 -2.12 -20.86
C43 IVM F . -29.81 -2.32 -21.06
C44 IVM F . -29.01 -1.08 -21.18
C45 IVM F . -29.83 0.20 -21.37
C46 IVM F . -28.92 1.31 -21.94
C47 IVM F . -30.97 -0.11 -22.33
C48 IVM F . -29.14 -3.68 -20.70
H1 IVM F . -26.25 6.70 -27.82
H1A IVM F . -24.72 6.83 -26.91
H1B IVM F . -26.28 6.92 -26.06
H2 IVM F . -25.49 4.45 -27.65
H2A IVM F . -26.72 4.58 -26.38
H3 IVM F . -23.71 4.84 -25.98
H4 IVM F . -23.66 2.61 -25.38
H4A IVM F . -25.01 2.56 -26.53
H4B IVM F . -25.33 2.61 -24.79
H5 IVM F . -25.13 6.17 -24.36
HO6 IVM F . -32.05 2.51 -36.73
H7 IVM F . -25.68 5.73 -20.66
H7A IVM F . -25.13 6.73 -21.98
H8 IVM F . -24.47 3.76 -21.64
H8A IVM F . -23.37 5.11 -21.24
H9 IVM F . -23.24 3.94 -23.63
H10 IVM F . -21.91 5.88 -22.88
H10A IVM F . -23.26 6.97 -23.24
H10B IVM F . -22.44 6.09 -24.56
HO10 IVM F . -32.48 -1.97 -19.27
H11 IVM F . -27.76 4.39 -20.89
H11A IVM F . -26.67 3.22 -21.68
H12 IVM F . -28.18 3.04 -23.60
H13 IVM F . -29.73 5.29 -22.29
H13A IVM F . -30.21 4.41 -23.76
HO13 IVM F . -30.49 -1.53 -23.60
H14 IVM F . -28.05 5.05 -24.79
H15 IVM F . -28.62 7.51 -25.07
H15A IVM F . -29.84 7.33 -23.81
H16 IVM F . -29.86 5.87 -26.62
H18 IVM F . -31.87 7.74 -24.63
H18A IVM F . -31.92 7.22 -23.32
H18B IVM F . -31.89 5.92 -23.84
H19 IVM F . -33.33 6.47 -26.89
H20 IVM F . -31.21 7.39 -28.01
H21 IVM F . -29.66 5.72 -29.24
H21A IVM F . -30.12 7.16 -30.18
H22 IVM F . -31.27 4.31 -30.42
H23 IVM F . -28.55 4.19 -32.49
H23A IVM F . -29.06 3.93 -30.82
H23B IVM F . -28.28 5.45 -31.28
H24 IVM F . -32.24 6.85 -31.75
H25 IVM F . -33.87 6.60 -33.12
H26 IVM F . -31.42 6.33 -33.82
H26A IVM F . -32.56 6.48 -35.19
H27 IVM F . -31.32 3.90 -34.11
H28 IVM F . -28.82 5.01 -36.31
H28A IVM F . -29.23 4.52 -34.65
H28B IVM F . -29.58 6.17 -35.20
H29 IVM F . -33.34 4.29 -36.32
H30 IVM F . -33.57 3.08 -33.55
H31 IVM F . -34.84 1.74 -35.12
H31A IVM F . -35.47 3.18 -35.93
H31B IVM F . -35.99 2.79 -34.27
H32 IVM F . -33.39 5.08 -29.58
H33 IVM F . -35.16 5.74 -31.17
H33A IVM F . -34.63 7.44 -31.11
H33B IVM F . -35.33 6.68 -29.67
H34 IVM F . -33.86 4.69 -25.30
H35 IVM F . -34.80 3.13 -26.86
H35A IVM F . -33.53 3.45 -28.07
H35B IVM F . -34.76 4.69 -27.69
H36 IVM F . -32.12 2.66 -26.56
H37 IVM F . -33.62 2.45 -24.43
H38 IVM F . -32.14 0.62 -24.68
H40 IVM F . -33.57 1.71 -21.56
H40A IVM F . -33.86 0.67 -22.96
H41 IVM F . -32.34 -1.70 -22.66
H42 IVM F . -31.89 -3.08 -21.01
H44 IVM F . -27.96 -1.05 -20.87
H45 IVM F . -30.24 0.53 -20.41
H48 IVM F . -28.23 -3.80 -21.30
H48A IVM F . -29.82 -4.50 -20.93
H48B IVM F . -28.88 -3.70 -19.64
C1 IVM G . -36.33 9.45 1.37
O1 IVM G . -34.97 6.11 0.92
C2 IVM G . -36.03 8.78 0.00
O2 IVM G . -42.11 7.00 1.15
C3 IVM G . -34.56 8.30 -0.07
O3 IVM G . -42.95 10.79 -0.96
C4 IVM G . -34.35 7.65 -1.44
O4 IVM G . -45.46 9.53 -0.81
C5 IVM G . -34.22 7.31 1.05
O5 IVM G . -45.59 13.35 -2.82
C6 IVM G . -34.88 5.30 2.10
O6 IVM G . -46.86 11.53 -4.58
C7 IVM G . -33.47 5.32 2.67
O7 IVM G . -47.64 10.09 -1.32
C8 IVM G . -32.44 5.61 1.58
O8 IVM G . -43.76 8.24 2.13
C9 IVM G . -32.71 7.01 1.03
O9 IVM G . -39.46 -0.89 -1.78
C10 IVM G . -31.97 8.04 1.88
O10 IVM G . -38.18 -2.01 -3.49
C11 IVM G . -35.23 3.92 1.39
O11 IVM G . -35.73 2.88 -1.49
C12 IVM G . -36.66 3.92 0.77
O12 IVM G . -37.02 2.62 0.37
C13 IVM G . -37.64 4.43 1.79
O13 IVM G . -38.38 2.32 -3.13
C14 IVM G . -37.25 5.83 2.17
O14 IVM G . -36.01 5.83 2.82
C15 IVM G . -38.31 6.46 3.12
C16 IVM G . -39.71 6.55 2.42
C17 IVM G . -40.77 5.74 2.76
C18 IVM G . -40.67 4.68 3.88
C19 IVM G . -42.12 5.89 2.02
C20 IVM G . -42.41 8.22 1.78
C21 IVM G . -42.05 9.43 0.82
C22 IVM G . -43.11 9.57 -0.32
C23 IVM G . -41.67 10.99 -1.58
C24 IVM G . -44.49 9.49 0.26
C25 IVM G . -46.48 10.43 -0.56
C26 IVM G . -46.00 11.88 -0.93
C27 IVM G . -45.82 11.99 -2.47
C28 IVM G . -44.31 13.84 -2.45
C29 IVM G . -47.05 11.52 -3.15
C30 IVM G . -47.36 10.10 -2.71
C31 IVM G . -48.61 9.60 -3.47
C32 IVM G . -44.60 8.20 1.02
C33 IVM G . -46.06 7.99 1.50
C34 IVM G . -42.40 4.61 1.23
C35 IVM G . -43.75 4.73 0.49
C36 IVM G . -41.29 4.34 0.21
C37 IVM G . -41.48 2.98 -0.49
C38 IVM G . -40.42 2.65 -1.57
C39 IVM G . -39.37 1.60 -1.11
C40 IVM G . -40.09 0.21 -0.73
C41 IVM G . -39.09 0.03 -2.87
C42 IVM G . -38.25 -0.66 -3.85
C43 IVM G . -36.75 -0.09 -3.96
C44 IVM G . -36.14 0.54 -2.76
C45 IVM G . -37.09 0.96 -1.60
C46 IVM G . -36.54 2.23 -0.93
C47 IVM G . -38.46 1.24 -2.19
C48 IVM G . -35.86 -0.46 -5.17
H1 IVM G . -37.25 10.02 1.29
H1A IVM G . -35.52 10.11 1.64
H1B IVM G . -36.45 8.68 2.13
H2 IVM G . -36.20 9.51 -0.79
H2A IVM G . -36.69 7.94 -0.15
H3 IVM G . -33.90 9.17 0.01
H4 IVM G . -33.40 7.97 -1.85
H4A IVM G . -35.15 7.96 -2.11
H4B IVM G . -34.36 6.56 -1.34
H5 IVM G . -34.45 7.77 2.02
HO6 IVM G . -46.92 12.42 -4.89
H7 IVM G . -33.27 4.36 3.13
H7A IVM G . -33.42 6.08 3.46
H8 IVM G . -32.53 4.88 0.77
H8A IVM G . -31.43 5.56 2.01
H9 IVM G . -32.33 7.07 0.00
H10 IVM G . -30.90 7.84 1.86
H10A IVM G . -32.32 7.97 2.91
H10B IVM G . -32.15 9.05 1.49
HO10 IVM G . -37.48 -2.13 -2.85
H11 IVM G . -35.19 3.12 2.13
H11A IVM G . -34.49 3.73 0.60
H12 IVM G . -36.67 4.59 -0.10
H13 IVM G . -37.60 3.78 2.68
H13A IVM G . -38.64 4.41 1.37
HO13 IVM G . -38.83 2.09 -3.92
H14 IVM G . -37.19 6.44 1.26
H15 IVM G . -37.99 7.46 3.39
H15A IVM G . -38.37 5.87 4.03
H16 IVM G . -39.83 7.29 1.63
H18 IVM G . -40.53 5.58 4.47
H18A IVM G . -39.84 4.35 4.52
H18B IVM G . -40.05 4.20 3.13
H19 IVM G . -42.91 6.02 2.76
H20 IVM G . -41.82 8.30 2.68
H21 IVM G . -41.05 9.25 0.38
H21A IVM G . -42.02 10.36 1.41
H22 IVM G . -42.96 8.76 -1.04
H23 IVM G . -41.78 11.66 -2.42
H23A IVM G . -41.30 10.03 -1.92
H23B IVM G . -40.99 11.42 -0.84
H24 IVM G . -44.64 10.33 0.94
H25 IVM G . -46.74 10.41 0.50
H26 IVM G . -45.04 12.09 -0.43
H26A IVM G . -46.75 12.60 -0.61
H27 IVM G . -44.97 11.38 -2.77
H28 IVM G . -44.11 14.77 -2.99
H28A IVM G . -43.54 13.11 -2.72
H28B IVM G . -44.28 14.04 -1.38
H29 IVM G . -47.89 12.16 -2.89
H30 IVM G . -46.51 9.46 -2.93
H31 IVM G . -48.36 9.46 -4.51
H31A IVM G . -49.41 10.33 -3.38
H31B IVM G . -48.93 8.65 -3.04
H32 IVM G . -44.31 7.38 0.37
H33 IVM G . -46.72 7.91 0.64
H33A IVM G . -46.37 8.83 2.13
H33B IVM G . -46.11 7.07 2.08
H34 IVM G . -42.45 3.77 1.92
H35 IVM G . -44.11 3.75 0.23
H35A IVM G . -43.62 5.33 -0.41
H35B IVM G . -44.47 5.22 1.15
H36 IVM G . -41.29 5.15 -0.54
H37 IVM G . -41.53 2.19 0.25
H38 IVM G . -40.92 2.27 -2.47
H40 IVM G . -39.84 -0.08 0.29
H40A IVM G . -41.17 0.28 -0.83
H41 IVM G . -40.00 0.35 -3.38
H42 IVM G . -38.73 -0.59 -4.83
H44 IVM G . -35.07 0.75 -2.71
H45 IVM G . -37.16 0.16 -0.88
H48 IVM G . -35.13 0.33 -5.35
H48A IVM G . -36.49 -0.58 -6.06
H48B IVM G . -35.34 -1.39 -4.97
C1 IVM H . -30.04 -15.60 16.58
O1 IVM H . -28.91 -15.88 13.11
C2 IVM H . -30.50 -14.71 15.39
O2 IVM H . -34.77 -19.26 15.23
C3 IVM H . -29.30 -14.06 14.68
O3 IVM H . -36.85 -16.57 18.02
C4 IVM H . -29.85 -13.20 13.53
O4 IVM H . -38.77 -18.53 17.38
C5 IVM H . -28.31 -15.10 14.14
O5 IVM H . -40.21 -15.50 20.11
C6 IVM H . -28.11 -17.02 12.78
O6 IVM H . -42.12 -15.61 18.04
C7 IVM H . -26.63 -16.68 12.79
O7 IVM H . -40.90 -19.04 18.10
C8 IVM H . -26.40 -15.19 12.49
O8 IVM H . -35.66 -20.37 17.03
C9 IVM H . -27.05 -14.37 13.62
O9 IVM H . -34.16 -19.27 6.90
C10 IVM H . -26.05 -14.22 14.76
O10 IVM H . -33.75 -18.06 4.84
C11 IVM H . -28.68 -17.20 11.30
O11 IVM H . -31.55 -15.80 9.69
C12 IVM H . -30.21 -17.49 11.30
O12 IVM H . -30.64 -17.88 10.02
C13 IVM H . -30.48 -18.63 12.27
O13 IVM H . -34.13 -16.08 8.67
C14 IVM H . -30.07 -18.15 13.64
O14 IVM H . -28.68 -17.97 13.70
C15 IVM H . -30.49 -19.21 14.71
C16 IVM H . -32.04 -19.29 14.81
C17 IVM H . -32.77 -20.39 14.38
C18 IVM H . -32.08 -21.63 13.78
C19 IVM H . -34.31 -20.40 14.51
C20 IVM H . -34.73 -19.41 16.62
C21 IVM H . -35.01 -18.01 17.30
C22 IVM H . -36.54 -17.65 17.19
C23 IVM H . -36.14 -15.37 17.72
C24 IVM H . -37.37 -18.84 17.58
C25 IVM H . -39.53 -18.86 18.50
C26 IVM H . -39.43 -17.73 19.57
C27 IVM H . -40.13 -16.45 19.07
C28 IVM H . -38.97 -14.88 20.45
C29 IVM H . -41.50 -16.78 18.60
C30 IVM H . -41.43 -17.86 17.55
C31 IVM H . -42.86 -18.15 17.03
C32 IVM H . -36.98 -19.99 16.72
C33 IVM H . -37.91 -21.20 16.99
C34 IVM H . -34.94 -20.43 13.12
C35 IVM H . -36.44 -20.77 13.25
C36 IVM H . -34.79 -19.06 12.43
C37 IVM H . -35.70 -18.92 11.19
C38 IVM H . -35.21 -17.90 10.13
C39 IVM H . -33.97 -18.35 9.31
C40 IVM H . -34.28 -19.69 8.48
C41 IVM H . -34.45 -17.83 7.04
C42 IVM H . -34.16 -17.13 5.80
C43 IVM H . -33.00 -16.03 5.95
C44 IVM H . -31.90 -16.28 6.92
C45 IVM H . -32.17 -17.32 8.02
C46 IVM H . -31.45 -16.91 9.30
C47 IVM H . -33.67 -17.37 8.26
C48 IVM H . -32.88 -14.86 4.92
H1 IVM H . -30.89 -15.80 17.23
H1A IVM H . -29.27 -15.08 17.14
H1B IVM H . -29.65 -16.54 16.20
H2 IVM H . -31.15 -13.93 15.78
H2A IVM H . -31.06 -15.32 14.68
H3 IVM H . -28.78 -13.41 15.38
H4 IVM H . -29.38 -12.22 13.56
H4A IVM H . -30.93 -13.08 13.65
H4B IVM H . -29.63 -13.68 12.58
H5 IVM H . -28.00 -15.77 14.95
HO6 IVM H . -42.45 -15.05 18.74
H7 IVM H . -26.13 -17.28 12.04
H7A IVM H . -26.20 -16.94 13.76
H8 IVM H . -26.87 -14.92 11.54
H8A IVM H . -25.33 -14.98 12.46
H9 IVM H . -27.31 -13.39 13.24
H10 IVM H . -25.17 -13.69 14.39
H10A IVM H . -25.76 -15.19 15.14
H10B IVM H . -26.51 -13.64 15.57
HO10 IVM H . -32.81 -17.99 4.70
H11 IVM H . -28.17 -18.03 10.83
H11A IVM H . -28.50 -16.28 10.73
H12 IVM H . -30.75 -16.61 11.65
H13 IVM H . -29.88 -19.49 11.99
H13A IVM H . -31.53 -18.87 12.25
HO13 IVM H . -34.89 -15.84 8.14
H14 IVM H . -30.58 -17.22 13.86
H15 IVM H . -30.10 -18.90 15.69
H15A IVM H . -30.07 -20.17 14.45
H16 IVM H . -32.58 -18.44 15.23
H18 IVM H . -31.67 -21.68 14.79
H18A IVM H . -31.03 -21.86 13.55
H18B IVM H . -31.92 -20.94 12.96
H19 IVM H . -34.60 -21.30 15.04
H20 IVM H . -33.75 -19.74 16.91
H21 IVM H . -34.42 -17.25 16.81
H21A IVM H . -34.74 -18.07 18.37
H22 IVM H . -36.77 -17.38 16.15
H23 IVM H . -36.73 -14.52 18.03
H23A IVM H . -35.96 -15.32 16.65
H23B IVM H . -35.19 -15.37 18.24
H24 IVM H . -37.18 -19.07 18.63
H25 IVM H . -39.17 -19.79 18.93
H26 IVM H . -38.37 -17.51 19.78
H26A IVM H . -39.92 -18.06 20.49
H27 IVM H . -39.56 -16.03 18.23
H28 IVM H . -39.17 -13.99 21.06
H28A IVM H . -38.46 -14.57 19.54
H28B IVM H . -38.35 -15.58 21.00
H29 IVM H . -42.10 -17.14 19.45
H30 IVM H . -40.81 -17.52 16.72
H31 IVM H . -43.22 -17.29 16.45
H31A IVM H . -43.53 -18.32 17.87
H31B IVM H . -42.84 -19.03 16.39
H32 IVM H . -37.05 -19.71 15.67
H33 IVM H . -38.94 -20.94 16.72
H33A IVM H . -37.87 -21.47 18.05
H33B IVM H . -37.59 -22.04 16.39
H34 IVM H . -34.45 -21.19 12.51
H35 IVM H . -36.77 -21.26 12.33
H35A IVM H . -37.01 -19.86 13.40
H35B IVM H . -36.59 -21.44 14.09
H36 IVM H . -33.75 -18.92 12.14
H37 IVM H . -35.85 -19.90 10.74
H38 IVM H . -36.04 -17.66 9.46
H40 IVM H . -33.54 -20.46 8.73
H40A IVM H . -35.28 -20.07 8.71
H41 IVM H . -35.51 -17.72 7.25
H42 IVM H . -35.07 -16.64 5.45
H44 IVM H . -31.03 -15.63 6.97
H45 IVM H . -31.83 -18.31 7.69
H48 IVM H . -32.44 -14.00 5.40
H48A IVM H . -33.88 -14.59 4.56
H48B IVM H . -32.27 -15.17 4.08
C1 IVM I . -15.79 -34.26 -2.19
O1 IVM I . -16.70 -31.22 -3.91
C2 IVM I . -16.81 -33.22 -1.67
O2 IVM I . -20.24 -37.41 -4.97
C3 IVM I . -16.20 -31.81 -1.60
O3 IVM I . -20.33 -39.42 -1.09
C4 IVM I . -17.29 -30.85 -1.10
O4 IVM I . -22.25 -40.78 -2.66
C5 IVM I . -15.65 -31.35 -2.96
O5 IVM I . -22.05 -42.22 1.42
C6 IVM I . -16.20 -31.08 -5.24
O6 IVM I . -24.78 -41.71 0.94
C7 IVM I . -14.96 -30.20 -5.26
O7 IVM I . -23.59 -42.63 -2.38
C8 IVM I . -14.98 -29.20 -4.09
O8 IVM I . -19.85 -39.65 -5.15
C9 IVM I . -14.92 -30.00 -2.79
O9 IVM I . -24.45 -30.21 -8.31
C10 IVM I . -13.46 -30.26 -2.43
O10 IVM I . -23.85 -27.76 -8.21
C11 IVM I . -17.48 -30.35 -5.83
O11 IVM I . -20.17 -29.26 -4.73
C12 IVM I . -18.76 -31.24 -5.76
O12 IVM I . -19.79 -30.65 -6.50
C13 IVM I . -18.43 -32.60 -6.34
O13 IVM I . -23.17 -30.53 -5.01
C14 IVM I . -17.33 -33.21 -5.50
O14 IVM I . -16.15 -32.48 -5.63
C15 IVM I . -17.04 -34.67 -5.97
C16 IVM I . -18.28 -35.60 -5.68
C17 IVM I . -19.05 -36.15 -6.69
C18 IVM I . -18.75 -35.88 -8.19
C19 IVM I . -20.25 -37.06 -6.34
C20 IVM I . -19.38 -38.45 -4.64
C21 IVM I . -19.22 -38.54 -3.06
C22 IVM I . -20.55 -39.10 -2.43
C23 IVM I . -19.98 -38.30 -0.27
C24 IVM I . -20.98 -40.34 -3.17
C25 IVM I . -22.25 -42.15 -2.37
C26 IVM I . -21.61 -42.39 -0.96
C27 IVM I . -22.52 -41.81 0.15
C28 IVM I . -20.87 -41.54 1.86
C29 IVM I . -23.91 -42.32 -0.03
C30 IVM I . -24.40 -41.98 -1.42
C31 IVM I . -25.85 -42.46 -1.58
C32 IVM I . -21.11 -40.01 -4.62
C33 IVM I . -21.64 -41.24 -5.40
C34 IVM I . -21.54 -36.33 -6.69
C35 IVM I . -22.76 -37.18 -6.26
C36 IVM I . -21.58 -34.98 -5.97
C37 IVM I . -21.95 -33.82 -6.92
C38 IVM I . -22.25 -32.50 -6.16
C39 IVM I . -22.49 -31.31 -7.12
C40 IVM I . -23.66 -31.64 -8.14
C41 IVM I . -24.28 -29.66 -6.95
C42 IVM I . -24.43 -28.21 -7.02
C43 IVM I . -23.73 -27.49 -5.78
C44 IVM I . -22.32 -27.88 -5.53
C45 IVM I . -21.85 -29.08 -6.39
C46 IVM I . -20.55 -29.64 -5.79
C47 IVM I . -22.96 -30.14 -6.36
C48 IVM I . -24.36 -26.23 -5.10
H1 IVM I . -16.14 -35.26 -1.96
H1A IVM I . -14.83 -34.09 -1.70
H1B IVM I . -15.68 -34.15 -3.27
H2 IVM I . -17.13 -33.51 -0.67
H2A IVM I . -17.68 -33.21 -2.33
H3 IVM I . -15.39 -31.82 -0.88
H4 IVM I . -16.86 -30.16 -0.39
H4A IVM I . -18.08 -31.42 -0.62
H4B IVM I . -17.71 -30.30 -1.94
H5 IVM I . -14.93 -32.08 -3.32
HO6 IVM I . -24.66 -42.13 1.78
H7 IVM I . -14.93 -29.65 -6.20
H7A IVM I . -14.07 -30.81 -5.20
H8 IVM I . -15.90 -28.61 -4.12
H8A IVM I . -14.11 -28.54 -4.16
H9 IVM I . -15.38 -29.41 -1.99
H10 IVM I . -12.94 -29.31 -2.29
H10A IVM I . -12.98 -30.82 -3.22
H10B IVM I . -13.41 -30.83 -1.49
HO10 IVM I . -23.28 -27.02 -8.01
H11 IVM I . -17.29 -30.10 -6.87
H11A IVM I . -17.66 -29.42 -5.27
H12 IVM I . -19.05 -31.36 -4.72
H13 IVM I . -18.08 -32.48 -7.37
H13A IVM I . -19.31 -33.22 -6.31
HO13 IVM I . -23.89 -30.04 -4.65
H14 IVM I . -17.65 -33.23 -4.46
H15 IVM I . -16.19 -35.06 -5.40
H15A IVM I . -16.80 -34.67 -7.01
H16 IVM I . -18.52 -35.83 -4.65
H18 IVM I . -17.85 -36.42 -7.93
H18A IVM I . -18.01 -35.25 -8.69
H18B IVM I . -19.12 -34.89 -7.89
H19 IVM I . -20.18 -37.96 -6.93
H20 IVM I . -18.40 -38.26 -5.06
H21 IVM I . -19.03 -37.54 -2.66
H21A IVM I . -18.40 -39.21 -2.82
H22 IVM I . -21.34 -38.35 -2.51
H23 IVM I . -20.31 -38.49 0.75
H23A IVM I . -20.46 -37.40 -0.64
H23B IVM I . -18.90 -38.17 -0.29
H24 IVM I . -20.22 -41.12 -3.04
H25 IVM I . -21.67 -42.69 -3.12
H26 IVM I . -20.63 -41.90 -0.92
H26A IVM I . -21.48 -43.46 -0.80
H27 IVM I . -22.53 -40.72 0.08
H28 IVM I . -20.72 -41.72 2.92
H28A IVM I . -20.99 -40.46 1.69
H28B IVM I . -20.01 -41.90 1.30
H29 IVM I . -23.92 -43.41 0.10
H30 IVM I . -24.35 -40.91 -1.57
H31 IVM I . -26.50 -41.84 -0.96
H31A IVM I . -25.93 -43.51 -1.26
H31B IVM I . -26.16 -42.37 -2.62
H32 IVM I . -21.80 -39.18 -4.74
H33 IVM I . -22.65 -41.47 -5.05
H33A IVM I . -20.98 -42.09 -5.24
H33B IVM I . -21.67 -41.01 -6.46
H34 IVM I . -21.57 -36.16 -7.76
H35 IVM I . -23.66 -36.72 -6.66
H35A IVM I . -22.81 -37.21 -5.17
H35B IVM I . -22.65 -38.18 -6.66
H36 IVM I . -22.29 -35.02 -5.15
H37 IVM I . -21.13 -33.64 -7.61
H38 IVM I . -21.42 -32.28 -5.49
H40 IVM I . -23.25 -31.96 -9.10
H40A IVM I . -24.32 -32.42 -7.75
H41 IVM I . -25.09 -30.05 -6.32
H42 IVM I . -25.50 -27.96 -7.03
H44 IVM I . -21.61 -27.20 -5.07
H45 IVM I . -21.67 -28.75 -7.41
H48 IVM I . -24.06 -26.21 -4.06
H48A IVM I . -25.44 -26.29 -5.17
H48B IVM I . -24.01 -25.34 -5.61
C1 IVM J . -13.00 -20.65 -28.74
O1 IVM J . -14.79 -18.47 -26.43
C2 IVM J . -13.68 -21.09 -27.42
O2 IVM J . -18.28 -21.92 -31.58
C3 IVM J . -13.16 -20.26 -26.22
O3 IVM J . -16.32 -25.84 -32.00
C4 IVM J . -13.87 -20.76 -24.96
O4 IVM J . -18.77 -26.13 -33.38
C5 IVM J . -13.40 -18.76 -26.42
O5 IVM J . -16.36 -29.72 -33.38
C6 IVM J . -15.07 -17.13 -26.86
O6 IVM J . -18.92 -30.53 -32.49
C7 IVM J . -14.04 -16.16 -26.30
O7 IVM J . -19.75 -27.75 -34.69
C8 IVM J . -13.43 -16.68 -24.99
O8 IVM J . -18.07 -22.58 -33.76
C9 IVM J . -12.68 -17.98 -25.29
O9 IVM J . -23.63 -18.79 -26.05
C10 IVM J . -11.26 -17.66 -25.73
O10 IVM J . -24.22 -18.30 -23.77
C11 IVM J . -16.48 -17.01 -26.13
O11 IVM J . -18.72 -19.67 -24.86
C12 IVM J . -17.50 -18.06 -26.66
O12 IVM J . -18.78 -17.78 -26.16
C13 IVM J . -17.52 -17.99 -28.16
O13 IVM J . -21.07 -21.07 -24.84
C14 IVM J . -16.14 -18.35 -28.67
O14 IVM J . -15.22 -17.37 -28.27
C15 IVM J . -16.15 -18.43 -30.22
C16 IVM J . -17.01 -19.64 -30.70
C17 IVM J . -18.22 -19.49 -31.35
C18 IVM J . -18.81 -18.09 -31.67
C19 IVM J . -19.02 -20.73 -31.79
C20 IVM J . -17.38 -22.24 -32.60
C21 IVM J . -16.44 -23.42 -32.13
C22 IVM J . -17.22 -24.79 -32.12
C23 IVM J . -15.59 -25.84 -30.78
C24 IVM J . -17.98 -24.93 -33.42
C25 IVM J . -18.61 -26.90 -34.53
C26 IVM J . -17.30 -27.75 -34.42
C27 IVM J . -17.46 -28.84 -33.33
C28 IVM J . -15.15 -29.21 -32.87
C29 IVM J . -18.72 -29.59 -33.56
C30 IVM J . -19.89 -28.64 -33.60
C31 IVM J . -21.20 -29.44 -33.78
C32 IVM J . -18.86 -23.73 -33.58
C33 IVM J . -19.78 -23.91 -34.81
C34 IVM J . -20.35 -20.80 -31.04
C35 IVM J . -21.27 -21.82 -31.72
C36 IVM J . -20.11 -21.21 -29.58
C37 IVM J . -21.42 -21.65 -28.87
C38 IVM J . -21.42 -21.44 -27.33
C39 IVM J . -21.48 -19.95 -26.87
C40 IVM J . -22.81 -19.24 -27.41
C41 IVM J . -23.10 -19.81 -25.14
C42 IVM J . -23.48 -19.48 -23.76
C43 IVM J . -22.20 -19.28 -22.79
C44 IVM J . -20.98 -18.65 -23.36
C45 IVM J . -20.85 -18.66 -24.90
C46 IVM J . -19.37 -18.77 -25.29
C47 IVM J . -21.62 -19.88 -25.41
C48 IVM J . -22.35 -19.46 -21.26
H1 IVM J . -13.16 -21.44 -29.49
H1A IVM J . -11.94 -20.53 -28.58
H1B IVM J . -13.44 -19.73 -29.09
H2 IVM J . -13.46 -22.15 -27.24
H2A IVM J . -14.75 -20.97 -27.50
H3 IVM J . -12.09 -20.43 -26.12
H4 IVM J . -13.14 -20.89 -24.17
H4A IVM J . -14.37 -21.70 -25.17
H4B IVM J . -14.62 -20.02 -24.64
H5 IVM J . -12.98 -18.44 -27.38
HO6 IVM J . -18.36 -31.29 -32.62
H7 IVM J . -14.52 -15.20 -26.13
H7A IVM J . -13.26 -16.00 -27.04
H8 IVM J . -14.23 -16.87 -24.27
H8A IVM J . -12.74 -15.94 -24.60
H9 IVM J . -12.65 -18.59 -24.38
H10 IVM J . -10.74 -17.13 -24.93
H10A IVM J . -11.29 -17.04 -26.62
H10B IVM J . -10.72 -18.58 -25.95
HO10 IVM J . -24.98 -18.40 -23.21
H11 IVM J . -16.88 -16.00 -26.31
H11A IVM J . -16.34 -17.15 -25.06
H12 IVM J . -17.17 -19.05 -26.36
H13 IVM J . -17.77 -16.98 -28.48
H13A IVM J . -18.25 -18.69 -28.54
HO13 IVM J . -21.76 -21.56 -24.41
H14 IVM J . -15.86 -19.31 -28.26
H15 IVM J . -15.12 -18.58 -30.56
H15A IVM J . -16.52 -17.50 -30.63
H16 IVM J . -16.64 -20.65 -30.51
H18 IVM J . -17.91 -18.05 -32.28
H18A IVM J . -18.47 -17.07 -31.43
H18B IVM J . -18.95 -18.10 -30.59
H19 IVM J . -19.23 -20.64 -32.86
H20 IVM J . -16.77 -21.37 -32.82
H21 IVM J . -16.07 -23.21 -31.12
H21A IVM J . -15.58 -23.49 -32.82
H22 IVM J . -17.93 -24.79 -31.29
H23 IVM J . -15.30 -26.87 -30.53
H23A IVM J . -16.19 -25.42 -29.99
H23B IVM J . -14.68 -25.24 -30.90
H24 IVM J . -17.26 -24.97 -34.25
H25 IVM J . -18.54 -26.25 -35.40
H26 IVM J . -16.46 -27.10 -34.17
H26A IVM J . -17.11 -28.23 -35.38
H27 IVM J . -17.51 -28.35 -32.35
H28 IVM J . -14.44 -30.01 -32.71
H28A IVM J . -15.33 -28.68 -31.93
H28B IVM J . -14.72 -28.50 -33.60
H29 IVM J . -18.66 -30.13 -34.51
H30 IVM J . -19.92 -28.08 -32.67
H31 IVM J . -21.40 -29.99 -32.85
H31A IVM J . -21.08 -30.13 -34.61
H31B IVM J . -22.01 -28.75 -33.97
H32 IVM J . -19.48 -23.62 -32.69
H33 IVM J . -20.43 -24.78 -34.67
H33A IVM J . -19.16 -24.06 -35.71
H33B IVM J . -20.39 -23.01 -34.95
H34 IVM J . -20.83 -19.82 -31.06
H35 IVM J . -22.30 -21.55 -31.55
H35A IVM J . -21.09 -22.82 -31.30
H35B IVM J . -21.07 -21.84 -32.79
H36 IVM J . -19.66 -20.38 -29.03
H37 IVM J . -22.27 -21.14 -29.31
H38 IVM J . -22.25 -22.00 -26.89
H40 IVM J . -22.54 -18.36 -27.99
H40A IVM J . -23.40 -19.91 -28.02
H41 IVM J . -23.54 -20.77 -25.39
H42 IVM J . -24.09 -20.29 -23.36
H44 IVM J . -20.13 -18.38 -22.73
H45 IVM J . -21.28 -17.76 -25.31
H48 IVM J . -21.39 -19.77 -20.83
H48A IVM J . -23.10 -20.23 -21.05
H48B IVM J . -22.65 -18.53 -20.80
N LEU A 7 -50.39 4.19 -5.38
CA LEU A 7 -49.21 4.06 -6.20
C LEU A 7 -48.27 2.99 -5.64
N TYR A 8 -48.71 1.73 -5.70
CA TYR A 8 -47.88 0.64 -5.19
C TYR A 8 -46.66 0.43 -6.07
N TYR A 9 -46.87 0.13 -7.35
CA TYR A 9 -45.76 -0.09 -8.26
C TYR A 9 -45.06 1.20 -8.65
N GLY A 10 -45.79 2.31 -8.70
CA GLY A 10 -45.16 3.58 -9.05
C GLY A 10 -44.11 4.00 -8.05
N LEU A 11 -44.44 3.92 -6.75
CA LEU A 11 -43.48 4.29 -5.73
C LEU A 11 -42.35 3.27 -5.62
N ASN A 12 -42.66 1.99 -5.84
CA ASN A 12 -41.65 0.95 -5.73
C ASN A 12 -40.65 0.96 -6.87
N LEU A 13 -40.91 1.72 -7.94
CA LEU A 13 -40.01 1.79 -9.08
C LEU A 13 -39.48 3.19 -9.36
N LEU A 14 -40.17 4.24 -8.91
CA LEU A 14 -39.69 5.61 -9.11
C LEU A 14 -38.76 6.07 -8.01
N ILE A 15 -39.05 5.70 -6.75
CA ILE A 15 -38.21 6.13 -5.64
C ILE A 15 -36.79 5.61 -5.79
N PRO A 16 -36.55 4.33 -6.11
CA PRO A 16 -35.16 3.86 -6.24
C PRO A 16 -34.37 4.62 -7.28
N CYS A 17 -35.01 5.10 -8.34
CA CYS A 17 -34.29 5.84 -9.38
C CYS A 17 -33.64 7.09 -8.81
N VAL A 18 -34.34 7.81 -7.92
CA VAL A 18 -33.77 9.00 -7.30
C VAL A 18 -32.56 8.62 -6.46
N LEU A 19 -32.62 7.48 -5.78
CA LEU A 19 -31.48 7.05 -4.97
C LEU A 19 -30.25 6.81 -5.81
N ILE A 20 -30.40 6.17 -6.97
CA ILE A 20 -29.26 5.93 -7.85
C ILE A 20 -28.67 7.25 -8.33
N SER A 21 -29.52 8.19 -8.73
CA SER A 21 -29.04 9.49 -9.17
C SER A 21 -28.36 10.25 -8.03
N ALA A 22 -28.95 10.19 -6.83
CA ALA A 22 -28.34 10.88 -5.69
C ALA A 22 -26.99 10.26 -5.34
N LEU A 23 -26.88 8.93 -5.40
CA LEU A 23 -25.61 8.29 -5.08
C LEU A 23 -24.53 8.64 -6.09
N ALA A 24 -24.90 8.82 -7.36
CA ALA A 24 -23.92 9.15 -8.39
C ALA A 24 -23.25 10.49 -8.09
N LEU A 25 -24.03 11.47 -7.60
CA LEU A 25 -23.46 12.77 -7.29
C LEU A 25 -22.42 12.67 -6.17
N LEU A 26 -22.67 11.82 -5.18
CA LEU A 26 -21.71 11.66 -4.09
C LEU A 26 -20.39 11.07 -4.57
N VAL A 27 -20.43 10.25 -5.62
CA VAL A 27 -19.19 9.66 -6.14
C VAL A 27 -18.29 10.75 -6.69
N PHE A 28 -18.87 11.76 -7.34
CA PHE A 28 -18.06 12.84 -7.91
C PHE A 28 -17.44 13.73 -6.84
N LEU A 29 -17.95 13.68 -5.62
CA LEU A 29 -17.43 14.49 -4.52
C LEU A 29 -16.32 13.81 -3.75
N LEU A 30 -16.01 12.56 -4.06
CA LEU A 30 -14.97 11.85 -3.33
C LEU A 30 -13.59 12.40 -3.71
N PRO A 31 -12.62 12.33 -2.80
CA PRO A 31 -11.29 12.85 -3.12
C PRO A 31 -10.60 12.03 -4.20
N ALA A 32 -9.74 12.70 -4.96
CA ALA A 32 -9.00 12.02 -6.02
C ALA A 32 -7.94 11.07 -5.47
N ASP A 33 -7.47 11.30 -4.24
CA ASP A 33 -6.45 10.43 -3.66
C ASP A 33 -6.99 9.05 -3.32
N SER A 34 -8.30 8.87 -3.29
CA SER A 34 -8.91 7.58 -2.96
C SER A 34 -8.90 6.71 -4.22
N GLY A 35 -7.95 5.79 -4.29
CA GLY A 35 -7.86 4.88 -5.42
C GLY A 35 -8.77 3.68 -5.35
N GLU A 36 -9.40 3.44 -4.20
CA GLU A 36 -10.30 2.32 -4.02
C GLU A 36 -11.77 2.71 -4.20
N LYS A 37 -12.03 3.95 -4.60
CA LYS A 37 -13.41 4.40 -4.80
C LYS A 37 -14.04 3.84 -6.06
N ILE A 38 -13.27 3.16 -6.91
CA ILE A 38 -13.84 2.59 -8.13
C ILE A 38 -14.88 1.54 -7.79
N SER A 39 -14.67 0.79 -6.70
CA SER A 39 -15.65 -0.22 -6.31
C SER A 39 -16.99 0.41 -5.93
N LEU A 40 -16.97 1.64 -5.40
CA LEU A 40 -18.23 2.30 -5.06
C LEU A 40 -19.07 2.55 -6.30
N GLY A 41 -18.44 2.97 -7.40
CA GLY A 41 -19.18 3.19 -8.63
C GLY A 41 -19.77 1.91 -9.20
N ILE A 42 -19.05 0.79 -9.07
CA ILE A 42 -19.57 -0.48 -9.56
C ILE A 42 -20.83 -0.88 -8.81
N THR A 43 -20.87 -0.61 -7.50
CA THR A 43 -22.04 -0.96 -6.71
C THR A 43 -23.28 -0.20 -7.20
N VAL A 44 -23.12 1.09 -7.51
CA VAL A 44 -24.24 1.87 -8.01
C VAL A 44 -24.74 1.29 -9.34
N LEU A 45 -23.82 0.97 -10.24
CA LEU A 45 -24.21 0.34 -11.49
C LEU A 45 -24.80 -1.05 -11.26
N LEU A 46 -24.20 -1.81 -10.35
CA LEU A 46 -24.71 -3.15 -10.05
C LEU A 46 -26.10 -3.07 -9.43
N SER A 47 -26.32 -2.10 -8.54
CA SER A 47 -27.64 -1.95 -7.92
C SER A 47 -28.70 -1.64 -8.96
N LEU A 48 -28.38 -0.78 -9.92
CA LEU A 48 -29.35 -0.44 -10.96
C LEU A 48 -29.74 -1.66 -11.78
N THR A 49 -28.76 -2.51 -12.11
CA THR A 49 -29.06 -3.71 -12.89
C THR A 49 -29.95 -4.68 -12.11
N VAL A 50 -29.73 -4.79 -10.80
CA VAL A 50 -30.57 -5.67 -9.98
C VAL A 50 -32.02 -5.24 -10.03
N PHE A 51 -32.26 -3.93 -9.89
CA PHE A 51 -33.62 -3.40 -9.97
C PHE A 51 -34.14 -3.34 -11.40
N MET A 52 -33.25 -3.42 -12.39
CA MET A 52 -33.69 -3.37 -13.79
C MET A 52 -34.56 -4.58 -14.12
N LEU A 53 -34.25 -5.74 -13.53
CA LEU A 53 -35.02 -6.94 -13.81
C LEU A 53 -36.47 -6.78 -13.39
N LEU A 54 -36.70 -6.17 -12.22
CA LEU A 54 -38.06 -5.96 -11.74
C LEU A 54 -38.84 -5.05 -12.69
N VAL A 55 -38.20 -4.00 -13.19
CA VAL A 55 -38.86 -3.08 -14.10
C VAL A 55 -39.23 -3.80 -15.40
N ALA A 56 -38.35 -4.69 -15.87
CA ALA A 56 -38.62 -5.39 -17.12
C ALA A 56 -39.88 -6.25 -17.02
N GLU A 57 -40.07 -6.93 -15.90
CA GLU A 57 -41.24 -7.78 -15.74
C GLU A 57 -42.52 -6.95 -15.77
N ILE A 58 -42.52 -5.79 -15.13
CA ILE A 58 -43.71 -4.95 -15.13
C ILE A 58 -44.03 -4.46 -16.54
N MET A 59 -43.01 -4.07 -17.29
CA MET A 59 -43.24 -3.58 -18.64
C MET A 59 -43.82 -4.69 -19.51
N PRO A 60 -44.88 -4.43 -20.29
CA PRO A 60 -45.45 -5.49 -21.12
C PRO A 60 -44.46 -5.96 -22.17
N SER A 61 -44.54 -7.25 -22.52
CA SER A 61 -43.68 -7.87 -23.52
C SER A 61 -44.26 -7.59 -24.90
N THR A 62 -44.06 -6.36 -25.37
CA THR A 62 -44.55 -5.92 -26.66
C THR A 62 -43.46 -6.10 -27.72
N SER A 63 -43.78 -5.72 -28.95
CA SER A 63 -42.85 -5.82 -30.07
C SER A 63 -42.20 -4.48 -30.41
N ASP A 64 -42.97 -3.39 -30.44
CA ASP A 64 -42.42 -2.08 -30.74
C ASP A 64 -43.00 -0.98 -29.85
N SER A 65 -43.85 -1.30 -28.88
CA SER A 65 -44.42 -0.30 -27.99
C SER A 65 -43.56 -0.23 -26.73
N SER A 66 -42.55 0.64 -26.76
CA SER A 66 -41.64 0.80 -25.64
C SER A 66 -42.17 1.85 -24.68
N PRO A 67 -42.52 1.51 -23.44
CA PRO A 67 -42.99 2.53 -22.51
C PRO A 67 -41.89 3.52 -22.15
N SER A 68 -42.32 4.72 -21.77
CA SER A 68 -41.38 5.78 -21.41
C SER A 68 -40.64 5.50 -20.12
N ILE A 69 -41.06 4.49 -19.34
CA ILE A 69 -40.37 4.19 -18.09
C ILE A 69 -38.94 3.77 -18.36
N ALA A 70 -38.71 3.03 -19.45
CA ALA A 70 -37.36 2.60 -19.79
C ALA A 70 -36.47 3.79 -20.17
N GLN A 71 -37.08 4.87 -20.66
CA GLN A 71 -36.30 6.06 -21.01
C GLN A 71 -35.72 6.73 -19.76
N TYR A 72 -36.47 6.75 -18.67
CA TYR A 72 -35.97 7.36 -17.44
C TYR A 72 -34.73 6.66 -16.93
N PHE A 73 -34.72 5.32 -16.96
CA PHE A 73 -33.55 4.57 -16.53
C PHE A 73 -32.42 4.67 -17.54
N ALA A 74 -32.75 4.86 -18.81
CA ALA A 74 -31.71 5.00 -19.83
C ALA A 74 -30.91 6.27 -19.62
N SER A 75 -31.58 7.38 -19.26
CA SER A 75 -30.88 8.62 -19.00
C SER A 75 -29.99 8.50 -17.77
N THR A 76 -30.46 7.82 -16.73
CA THR A 76 -29.67 7.66 -15.52
C THR A 76 -28.45 6.77 -15.77
N MET A 77 -28.58 5.77 -16.64
CA MET A 77 -27.45 4.89 -16.92
C MET A 77 -26.28 5.66 -17.52
N ILE A 78 -26.55 6.74 -18.26
CA ILE A 78 -25.48 7.53 -18.85
C ILE A 78 -24.62 8.15 -17.76
N ILE A 79 -25.26 8.72 -16.74
CA ILE A 79 -24.52 9.32 -15.63
C ILE A 79 -23.81 8.23 -14.83
N VAL A 80 -24.53 7.15 -14.50
CA VAL A 80 -23.93 6.07 -13.74
C VAL A 80 -22.84 5.38 -14.56
N GLY A 81 -23.08 5.16 -15.85
CA GLY A 81 -22.09 4.52 -16.68
C GLY A 81 -20.80 5.32 -16.78
N LEU A 82 -20.93 6.64 -16.91
CA LEU A 82 -19.76 7.52 -16.99
C LEU A 82 -19.15 7.79 -15.62
N SER A 83 -19.85 7.50 -14.53
CA SER A 83 -19.30 7.71 -13.20
C SER A 83 -18.07 6.84 -12.97
N VAL A 84 -18.13 5.58 -13.42
CA VAL A 84 -16.98 4.69 -13.27
C VAL A 84 -15.79 5.22 -14.05
N VAL A 85 -16.02 5.72 -15.27
CA VAL A 85 -14.93 6.25 -16.07
C VAL A 85 -14.30 7.45 -15.38
N VAL A 86 -15.12 8.34 -14.83
CA VAL A 86 -14.59 9.52 -14.15
C VAL A 86 -13.71 9.10 -12.97
N THR A 87 -14.17 8.14 -12.18
CA THR A 87 -13.38 7.67 -11.04
C THR A 87 -12.10 7.00 -11.50
N VAL A 88 -12.09 6.45 -12.72
CA VAL A 88 -10.89 5.80 -13.24
C VAL A 88 -9.96 6.79 -13.93
N ILE A 89 -10.50 7.89 -14.45
CA ILE A 89 -9.66 8.91 -15.08
C ILE A 89 -8.69 9.50 -14.07
N VAL A 90 -9.06 9.48 -12.78
CA VAL A 90 -8.18 10.03 -11.74
C VAL A 90 -6.86 9.28 -11.74
N LEU A 91 -6.91 7.94 -11.81
CA LEU A 91 -5.69 7.15 -11.84
C LEU A 91 -4.98 7.28 -13.18
N GLN A 92 -5.72 7.58 -14.24
CA GLN A 92 -5.10 7.72 -15.56
C GLN A 92 -4.08 8.85 -15.58
N TYR A 93 -4.43 9.99 -14.98
CA TYR A 93 -3.54 11.14 -14.95
C TYR A 93 -2.59 11.11 -13.76
N HIS A 94 -2.99 10.48 -12.65
CA HIS A 94 -2.13 10.45 -11.48
C HIS A 94 -0.83 9.69 -11.76
N HIS A 95 -0.93 8.57 -12.47
CA HIS A 95 0.25 7.77 -12.79
C HIS A 95 1.04 8.31 -13.97
N HIS A 96 0.46 9.22 -14.75
CA HIS A 96 1.11 9.81 -15.92
C HIS A 96 1.89 8.79 -16.73
N ASP A 97 1.31 7.60 -16.89
CA ASP A 97 1.96 6.56 -17.65
C ASP A 97 1.79 6.80 -19.15
N PRO A 98 2.63 6.18 -19.99
CA PRO A 98 2.49 6.38 -21.44
C PRO A 98 1.11 5.99 -21.96
N ASP A 99 0.49 4.95 -21.39
CA ASP A 99 -0.84 4.52 -21.81
C ASP A 99 -1.90 5.34 -21.08
N GLY A 100 -2.01 6.61 -21.48
CA GLY A 100 -2.96 7.52 -20.89
C GLY A 100 -2.38 8.31 -19.73
N GLY A 101 -2.41 9.63 -19.82
CA GLY A 101 -1.89 10.46 -18.76
C GLY A 101 -1.92 11.92 -19.18
N LYS A 102 -1.41 12.76 -18.29
CA LYS A 102 -1.35 14.21 -18.54
C LYS A 102 -0.04 14.62 -19.18
N MET A 103 0.31 13.93 -20.28
CA MET A 103 1.55 14.26 -20.99
C MET A 103 1.54 15.67 -21.55
N PRO A 104 0.47 16.14 -22.22
CA PRO A 104 0.51 17.50 -22.77
C PRO A 104 0.71 18.55 -21.69
N LYS A 105 1.49 19.57 -22.02
CA LYS A 105 1.77 20.67 -21.10
C LYS A 105 0.75 21.80 -21.22
N TRP A 106 0.09 21.95 -22.38
CA TRP A 106 -0.87 23.03 -22.54
C TRP A 106 -2.05 22.86 -21.58
N THR A 107 -2.53 21.63 -21.42
CA THR A 107 -3.67 21.39 -20.52
C THR A 107 -3.30 21.66 -19.06
N ARG A 108 -2.03 21.54 -18.69
CA ARG A 108 -1.63 21.80 -17.31
C ARG A 108 -1.75 23.28 -16.97
N VAL A 109 -1.46 24.16 -17.93
CA VAL A 109 -1.55 25.59 -17.68
C VAL A 109 -2.98 26.00 -17.40
N ILE A 110 -3.93 25.46 -18.16
CA ILE A 110 -5.33 25.83 -17.97
C ILE A 110 -5.81 25.42 -16.58
N LEU A 111 -5.46 24.20 -16.15
CA LEU A 111 -5.88 23.75 -14.83
C LEU A 111 -5.20 24.52 -13.72
N LEU A 112 -3.98 25.01 -13.96
CA LEU A 112 -3.29 25.80 -12.93
C LEU A 112 -4.07 27.06 -12.59
N ASN A 113 -4.58 27.76 -13.59
CA ASN A 113 -5.37 28.95 -13.34
C ASN A 113 -6.71 28.59 -12.71
N TRP A 114 -7.30 27.47 -13.11
CA TRP A 114 -8.58 27.05 -12.54
C TRP A 114 -8.45 26.70 -11.07
N CYS A 115 -7.30 26.18 -10.65
CA CYS A 115 -7.11 25.82 -9.25
C CYS A 115 -7.21 27.05 -8.36
N ALA A 116 -6.61 28.16 -8.76
CA ALA A 116 -6.67 29.39 -7.98
C ALA A 116 -8.04 30.05 -8.07
N TRP A 117 -8.82 29.75 -9.11
CA TRP A 117 -10.15 30.33 -9.27
C TRP A 117 -11.21 29.65 -8.43
N PHE A 118 -10.91 28.45 -7.90
CA PHE A 118 -11.91 27.74 -7.08
C PHE A 118 -12.25 28.54 -5.83
N LEU A 119 -11.24 29.10 -5.16
CA LEU A 119 -11.50 29.89 -3.97
C LEU A 119 -12.18 31.20 -4.31
N ARG A 120 -11.67 31.92 -5.31
CA ARG A 120 -12.23 33.19 -5.77
C ARG A 120 -12.24 33.18 -7.30
N MET A 121 -13.36 32.77 -7.87
CA MET A 121 -13.48 32.73 -9.32
C MET A 121 -13.49 34.14 -9.89
N LYS A 122 -12.93 34.29 -11.09
CA LYS A 122 -12.87 35.60 -11.73
C LYS A 122 -14.25 36.13 -12.09
N ARG A 123 -15.26 35.27 -12.13
CA ARG A 123 -16.60 35.72 -12.47
C ARG A 123 -17.19 36.54 -11.33
N PRO A 124 -18.21 37.35 -11.61
CA PRO A 124 -18.81 38.16 -10.54
C PRO A 124 -19.45 37.33 -9.43
N GLY A 125 -19.77 36.07 -9.68
CA GLY A 125 -20.39 35.25 -8.66
C GLY A 125 -19.50 35.03 -7.45
N GLU A 126 -18.18 35.11 -7.64
CA GLU A 126 -17.22 34.92 -6.56
C GLU A 126 -16.42 36.17 -6.23
N ASP A 127 -16.08 36.99 -7.23
CA ASP A 127 -15.32 38.20 -6.96
C ASP A 127 -16.18 39.24 -6.24
N LYS A 128 -17.48 39.24 -6.46
CA LYS A 128 -18.38 40.19 -5.81
C LYS A 128 -18.84 39.70 -4.45
N VAL A 129 -19.06 38.40 -4.30
CA VAL A 129 -19.54 37.84 -3.02
C VAL A 129 -18.29 37.52 -2.21
N ARG A 130 -17.80 38.55 -1.51
CA ARG A 130 -16.64 38.42 -0.66
C ARG A 130 -16.45 39.75 0.09
N PRO A 131 -15.68 39.74 1.18
CA PRO A 131 -15.45 41.00 1.91
C PRO A 131 -14.85 42.06 1.01
N ALA A 132 -15.39 43.27 1.10
CA ALA A 132 -14.93 44.40 0.29
C ALA A 132 -14.79 45.63 1.18
N CYS A 133 -13.77 46.43 0.90
CA CYS A 133 -13.53 47.66 1.65
C CYS A 133 -12.65 48.57 0.80
N GLN A 134 -12.29 49.73 1.37
CA GLN A 134 -11.44 50.70 0.71
C GLN A 134 -9.99 50.64 1.20
N HIS A 135 -9.63 49.60 1.95
CA HIS A 135 -8.28 49.49 2.46
C HIS A 135 -7.29 49.22 1.33
N LYS A 136 -6.01 49.50 1.60
CA LYS A 136 -4.96 49.30 0.61
C LYS A 136 -4.75 47.84 0.26
N GLN A 137 -5.27 46.91 1.07
CA GLN A 137 -5.09 45.49 0.77
C GLN A 137 -5.82 45.07 -0.50
N ARG A 138 -6.79 45.86 -0.96
CA ARG A 138 -7.53 45.57 -2.17
C ARG A 138 -7.05 46.37 -3.38
N ARG A 139 -5.90 47.03 -3.25
CA ARG A 139 -5.33 47.84 -4.33
C ARG A 139 -4.12 47.11 -4.90
N CYS A 140 -3.45 47.77 -5.85
CA CYS A 140 -2.27 47.23 -6.51
C CYS A 140 -1.15 48.26 -6.49
N SER A 141 0.08 47.76 -6.45
CA SER A 141 1.25 48.62 -6.42
C SER A 141 2.39 47.90 -7.13
N LEU A 142 3.60 48.43 -7.01
CA LEU A 142 4.75 47.82 -7.67
C LEU A 142 5.03 46.43 -7.12
N ALA A 143 4.91 46.25 -5.80
CA ALA A 143 5.20 44.95 -5.21
C ALA A 143 4.26 43.87 -5.73
N SER A 144 2.96 44.19 -5.84
CA SER A 144 2.00 43.21 -6.32
C SER A 144 2.23 42.87 -7.79
N VAL A 145 2.57 43.87 -8.59
CA VAL A 145 2.79 43.69 -10.03
C VAL A 145 4.24 43.29 -10.22
N GLU A 146 4.48 42.00 -10.48
CA GLU A 146 5.81 41.47 -10.71
C GLU A 146 6.13 41.27 -12.18
N MET A 147 5.36 41.91 -13.07
CA MET A 147 5.61 41.76 -14.51
C MET A 147 6.94 42.37 -14.92
N SER A 148 7.45 43.35 -14.17
CA SER A 148 8.72 44.00 -14.48
C SER A 148 9.86 43.52 -13.59
N ALA A 149 9.84 42.23 -13.23
CA ALA A 149 10.89 41.65 -12.39
C ALA A 149 10.96 42.36 -11.04
N VAL A 150 9.80 42.52 -10.40
CA VAL A 150 9.69 43.15 -9.10
C VAL A 150 9.52 42.07 -8.04
N ALA A 151 10.33 42.14 -7.00
CA ALA A 151 10.27 41.13 -5.95
C ALA A 151 8.93 41.21 -5.22
N PRO A 152 8.22 40.10 -5.04
CA PRO A 152 6.93 40.15 -4.35
C PRO A 152 7.13 40.36 -2.85
N PRO A 153 6.07 40.73 -2.13
CA PRO A 153 6.22 40.95 -0.69
C PRO A 153 6.68 39.68 0.01
N PRO A 154 7.51 39.81 1.05
CA PRO A 154 8.00 38.60 1.76
C PRO A 154 6.83 37.78 2.29
N ALA A 155 6.75 36.53 1.82
CA ALA A 155 5.71 35.62 2.27
C ALA A 155 6.21 34.19 2.09
N SER A 156 5.61 33.28 2.84
CA SER A 156 5.94 31.87 2.80
C SER A 156 5.04 31.06 1.87
N ASN A 157 4.14 31.73 1.15
CA ASN A 157 3.20 31.05 0.26
C ASN A 157 3.70 31.02 -1.18
N GLY A 158 4.98 31.21 -1.40
CA GLY A 158 5.58 31.18 -2.72
C GLY A 158 6.11 32.51 -3.24
N ASN A 159 6.49 33.43 -2.36
CA ASN A 159 7.02 34.73 -2.75
C ASN A 159 8.48 34.90 -2.34
N LEU A 160 8.81 34.67 -1.07
CA LEU A 160 10.17 34.79 -0.60
C LEU A 160 10.96 33.48 -0.75
N LEU A 161 10.28 32.34 -0.56
CA LEU A 161 10.97 31.06 -0.69
C LEU A 161 11.41 30.79 -2.12
N TYR A 162 10.65 31.29 -3.10
CA TYR A 162 11.00 31.06 -4.50
C TYR A 162 12.35 31.69 -4.83
N ILE A 163 12.60 32.92 -4.36
CA ILE A 163 13.86 33.58 -4.64
C ILE A 163 15.01 32.94 -3.85
N GLY A 164 14.70 32.26 -2.75
CA GLY A 164 15.73 31.65 -1.94
C GLY A 164 16.32 30.38 -2.54
N PHE A 165 15.48 29.37 -2.73
CA PHE A 165 15.92 28.08 -3.26
C PHE A 165 15.72 27.94 -4.75
N ARG A 166 14.58 28.41 -5.28
CA ARG A 166 14.30 28.30 -6.70
C ARG A 166 14.89 29.44 -7.51
N GLY A 167 15.50 30.43 -6.86
CA GLY A 167 16.11 31.54 -7.56
C GLY A 167 17.53 31.24 -7.98
N LEU A 168 17.70 30.31 -8.91
CA LEU A 168 19.03 29.95 -9.39
C LEU A 168 19.62 31.07 -10.23
N ASP A 169 20.95 31.03 -10.37
CA ASP A 169 21.67 32.05 -11.13
C ASP A 169 21.41 33.45 -10.57
N GLY A 170 21.35 33.55 -9.25
CA GLY A 170 21.11 34.82 -8.60
C GLY A 170 22.10 35.10 -7.48
N VAL A 171 21.71 35.97 -6.54
CA VAL A 171 22.61 36.32 -5.44
C VAL A 171 22.88 35.11 -4.57
N HIS A 172 21.87 34.26 -4.35
CA HIS A 172 22.06 33.09 -3.50
C HIS A 172 23.09 32.13 -4.09
N CYS A 173 23.04 31.91 -5.40
CA CYS A 173 23.94 30.96 -6.05
C CYS A 173 25.21 31.65 -6.57
N VAL A 174 25.04 32.65 -7.44
CA VAL A 174 26.17 33.34 -8.04
C VAL A 174 26.04 34.84 -7.78
N PRO A 175 26.59 35.35 -6.67
CA PRO A 175 26.50 36.81 -6.40
C PRO A 175 27.46 37.62 -7.26
N THR A 176 27.11 37.76 -8.53
CA THR A 176 27.96 38.49 -9.47
C THR A 176 28.20 39.93 -9.04
N PRO A 177 27.19 40.69 -8.61
CA PRO A 177 27.46 42.08 -8.20
C PRO A 177 28.46 42.14 -7.05
N ASP A 178 29.32 43.15 -7.08
CA ASP A 178 30.34 43.33 -6.06
C ASP A 178 29.69 43.92 -4.81
N SER A 179 29.30 43.05 -3.89
CA SER A 179 28.67 43.51 -2.65
C SER A 179 29.68 44.15 -1.70
N GLY A 180 30.92 43.68 -1.72
CA GLY A 180 31.94 44.21 -0.83
C GLY A 180 31.69 43.94 0.63
N VAL A 181 31.15 42.76 0.95
CA VAL A 181 30.86 42.37 2.32
C VAL A 181 31.74 41.20 2.77
N VAL A 182 31.97 40.23 1.89
CA VAL A 182 32.78 39.08 2.25
C VAL A 182 34.20 39.52 2.58
N CYS A 183 34.79 40.39 1.75
CA CYS A 183 36.14 40.88 1.94
C CYS A 183 36.20 42.40 2.06
N GLY A 184 35.06 43.04 2.36
CA GLY A 184 35.02 44.48 2.49
C GLY A 184 34.45 44.93 3.83
N ARG A 185 33.76 44.03 4.53
CA ARG A 185 33.15 44.31 5.81
C ARG A 185 33.50 43.19 6.79
N MET A 186 33.02 43.33 8.02
CA MET A 186 33.26 42.36 9.08
C MET A 186 31.99 41.60 9.44
N ALA A 187 31.08 41.43 8.49
CA ALA A 187 29.82 40.72 8.71
C ALA A 187 30.07 39.22 8.56
N CYS A 188 30.58 38.62 9.63
CA CYS A 188 30.88 37.18 9.68
C CYS A 188 31.85 36.78 8.59
N SER A 189 32.77 37.68 8.23
CA SER A 189 33.78 37.39 7.22
C SER A 189 34.94 38.35 7.40
N PRO A 190 36.19 37.90 7.24
CA PRO A 190 37.32 38.82 7.39
C PRO A 190 37.33 39.89 6.31
N THR A 191 37.86 41.05 6.67
CA THR A 191 37.96 42.18 5.74
C THR A 191 39.24 42.05 4.92
N HIS A 192 39.22 41.08 4.01
CA HIS A 192 40.36 40.80 3.14
C HIS A 192 41.62 40.55 3.96
N ASP A 193 41.47 39.79 5.04
CA ASP A 193 42.58 39.47 5.94
C ASP A 193 43.28 38.22 5.40
N GLU A 194 44.43 38.43 4.75
CA GLU A 194 45.20 37.32 4.21
C GLU A 194 46.07 36.64 5.25
N HIS A 195 46.19 37.20 6.45
CA HIS A 195 47.00 36.64 7.51
C HIS A 195 46.18 35.86 8.54
N LEU A 196 44.92 35.58 8.24
CA LEU A 196 44.04 34.84 9.17
C LEU A 196 44.36 33.35 9.04
N LEU A 197 45.46 32.96 9.67
CA LEU A 197 45.90 31.57 9.67
C LEU A 197 45.18 30.79 10.76
N HIS A 198 44.67 29.61 10.41
CA HIS A 198 43.96 28.76 11.37
C HIS A 198 44.97 27.89 12.11
N GLY A 199 45.77 28.56 12.94
CA GLY A 199 46.79 27.86 13.71
C GLY A 199 47.82 27.16 12.87
N GLY A 200 48.30 27.83 11.82
CA GLY A 200 49.27 27.24 10.92
C GLY A 200 48.69 26.37 9.83
N GLN A 201 47.38 26.30 9.71
CA GLN A 201 46.71 25.48 8.71
C GLN A 201 45.69 26.33 7.97
N PRO A 202 45.28 25.92 6.78
CA PRO A 202 44.29 26.69 6.01
C PRO A 202 42.98 26.81 6.77
N PRO A 203 42.03 27.59 6.25
CA PRO A 203 40.75 27.73 6.95
C PRO A 203 40.05 26.41 7.21
N GLU A 204 40.15 25.47 6.27
CA GLU A 204 39.53 24.16 6.42
C GLU A 204 40.51 23.22 7.13
N GLY A 205 40.09 22.69 8.28
CA GLY A 205 40.95 21.81 9.06
C GLY A 205 41.13 20.44 8.45
N ASP A 206 40.20 20.00 7.60
CA ASP A 206 40.29 18.70 6.96
C ASP A 206 39.55 18.70 5.64
N PRO A 207 40.24 18.59 4.49
CA PRO A 207 39.53 18.54 3.21
C PRO A 207 38.63 17.33 3.04
N ASP A 208 38.83 16.28 3.84
CA ASP A 208 38.01 15.07 3.69
C ASP A 208 36.53 15.34 3.98
N LEU A 209 36.22 16.36 4.76
CA LEU A 209 34.82 16.67 5.05
C LEU A 209 34.08 17.15 3.81
N ALA A 210 34.79 17.72 2.85
CA ALA A 210 34.14 18.17 1.61
C ALA A 210 33.54 17.00 0.85
N LYS A 211 34.27 15.88 0.78
CA LYS A 211 33.74 14.71 0.11
C LYS A 211 32.50 14.18 0.82
N ILE A 212 32.52 14.17 2.16
CA ILE A 212 31.37 13.69 2.91
C ILE A 212 30.16 14.59 2.67
N LEU A 213 30.38 15.90 2.62
CA LEU A 213 29.28 16.82 2.39
C LEU A 213 28.61 16.55 1.04
N GLU A 214 29.42 16.34 0.01
CA GLU A 214 28.85 16.02 -1.31
C GLU A 214 28.10 14.69 -1.28
N GLU A 215 28.67 13.68 -0.63
CA GLU A 215 27.99 12.40 -0.51
C GLU A 215 26.72 12.53 0.32
N VAL A 216 26.79 13.28 1.43
CA VAL A 216 25.60 13.48 2.25
C VAL A 216 24.56 14.29 1.50
N ARG A 217 25.01 15.28 0.72
CA ARG A 217 24.07 16.10 -0.05
C ARG A 217 23.31 15.26 -1.06
N TYR A 218 23.92 14.19 -1.56
CA TYR A 218 23.22 13.32 -2.50
C TYR A 218 21.99 12.68 -1.85
N ILE A 219 22.13 12.22 -0.61
CA ILE A 219 20.99 11.66 0.10
C ILE A 219 19.92 12.73 0.31
N ALA A 220 20.34 13.93 0.72
CA ALA A 220 19.39 15.03 0.87
C ALA A 220 18.82 15.44 -0.48
N ASN A 221 19.64 15.42 -1.53
CA ASN A 221 19.15 15.77 -2.86
C ASN A 221 18.10 14.77 -3.32
N ARG A 222 18.29 13.49 -3.04
CA ARG A 222 17.29 12.49 -3.41
C ARG A 222 15.97 12.75 -2.71
N PHE A 223 16.03 13.11 -1.42
CA PHE A 223 14.82 13.48 -0.71
C PHE A 223 14.20 14.75 -1.29
N ARG A 224 15.03 15.70 -1.72
CA ARG A 224 14.51 16.91 -2.35
C ARG A 224 13.76 16.56 -3.63
N CYS A 225 14.27 15.59 -4.40
CA CYS A 225 13.58 15.16 -5.61
C CYS A 225 12.23 14.54 -5.28
N GLN A 226 12.14 13.81 -4.18
CA GLN A 226 10.85 13.25 -3.77
C GLN A 226 9.87 14.36 -3.44
N ASP A 227 10.33 15.41 -2.76
CA ASP A 227 9.46 16.56 -2.49
C ASP A 227 9.06 17.25 -3.79
N GLU A 228 9.99 17.39 -4.73
CA GLU A 228 9.65 17.97 -6.02
C GLU A 228 8.62 17.14 -6.75
N SER A 229 8.78 15.81 -6.73
CA SER A 229 7.78 14.93 -7.34
C SER A 229 6.44 15.05 -6.63
N GLU A 230 6.46 15.20 -5.31
CA GLU A 230 5.21 15.38 -4.58
C GLU A 230 4.54 16.69 -4.96
N ALA A 231 5.34 17.76 -5.14
CA ALA A 231 4.77 19.04 -5.57
C ALA A 231 4.17 18.92 -6.97
N VAL A 232 4.87 18.23 -7.87
CA VAL A 232 4.31 17.98 -9.21
C VAL A 232 3.12 17.04 -9.10
N CYS A 233 3.21 16.01 -8.25
CA CYS A 233 2.09 15.10 -8.06
C CYS A 233 0.91 15.80 -7.41
N SER A 234 1.16 16.83 -6.58
CA SER A 234 0.07 17.57 -5.98
C SER A 234 -0.79 18.26 -7.05
N GLU A 235 -0.14 18.83 -8.06
CA GLU A 235 -0.89 19.44 -9.16
C GLU A 235 -1.70 18.38 -9.89
N TRP A 236 -1.12 17.21 -10.13
CA TRP A 236 -1.87 16.12 -10.76
C TRP A 236 -3.02 15.68 -9.85
N LYS A 237 -2.77 15.59 -8.54
CA LYS A 237 -3.84 15.24 -7.61
C LYS A 237 -4.95 16.29 -7.65
N PHE A 238 -4.59 17.57 -7.65
CA PHE A 238 -5.58 18.62 -7.77
C PHE A 238 -6.17 18.67 -9.17
N ALA A 239 -5.37 18.36 -10.19
CA ALA A 239 -5.89 18.34 -11.56
C ALA A 239 -6.97 17.28 -11.71
N ALA A 240 -6.77 16.10 -11.11
CA ALA A 240 -7.79 15.05 -11.18
C ALA A 240 -9.07 15.48 -10.49
N CYS A 241 -8.98 16.33 -9.46
CA CYS A 241 -10.17 16.82 -8.78
C CYS A 241 -10.98 17.76 -9.67
N VAL A 242 -10.35 18.41 -10.64
CA VAL A 242 -11.08 19.29 -11.55
C VAL A 242 -12.10 18.50 -12.35
N VAL A 243 -11.70 17.34 -12.86
CA VAL A 243 -12.62 16.50 -13.63
C VAL A 243 -13.79 16.06 -12.74
N ASP A 244 -13.47 15.61 -11.52
CA ASP A 244 -14.52 15.21 -10.60
C ASP A 244 -15.42 16.39 -10.23
N ARG A 245 -14.81 17.55 -9.96
CA ARG A 245 -15.61 18.73 -9.65
C ARG A 245 -16.38 19.22 -10.87
N LEU A 246 -15.74 19.22 -12.04
CA LEU A 246 -16.43 19.63 -13.26
C LEU A 246 -17.58 18.68 -13.58
N CYS A 247 -17.36 17.37 -13.42
CA CYS A 247 -18.42 16.40 -13.69
C CYS A 247 -19.58 16.56 -12.73
N LEU A 248 -19.30 16.87 -11.46
CA LEU A 248 -20.37 17.05 -10.48
C LEU A 248 -21.27 18.21 -10.86
N MET A 249 -20.67 19.34 -11.26
CA MET A 249 -21.45 20.50 -11.66
C MET A 249 -22.05 20.31 -13.05
N ALA A 250 -21.29 19.70 -13.97
CA ALA A 250 -21.80 19.49 -15.32
C ALA A 250 -22.98 18.54 -15.32
N PHE A 251 -22.87 17.43 -14.57
CA PHE A 251 -23.96 16.47 -14.50
C PHE A 251 -25.09 16.93 -13.58
N SER A 252 -24.83 17.89 -12.69
CA SER A 252 -25.88 18.40 -11.81
C SER A 252 -26.98 19.06 -12.62
N VAL A 253 -26.62 19.86 -13.62
CA VAL A 253 -27.61 20.50 -14.47
C VAL A 253 -28.42 19.46 -15.24
N PHE A 254 -27.72 18.45 -15.79
CA PHE A 254 -28.42 17.40 -16.52
C PHE A 254 -29.36 16.62 -15.60
N THR A 255 -28.91 16.32 -14.38
CA THR A 255 -29.76 15.60 -13.44
C THR A 255 -31.01 16.41 -13.10
N ILE A 256 -30.84 17.71 -12.89
CA ILE A 256 -31.99 18.57 -12.61
C ILE A 256 -32.94 18.59 -13.79
N ILE A 257 -32.40 18.71 -15.01
CA ILE A 257 -33.24 18.71 -16.20
C ILE A 257 -33.97 17.38 -16.33
N CYS A 258 -33.28 16.27 -16.10
CA CYS A 258 -33.91 14.96 -16.19
C CYS A 258 -35.03 14.82 -15.17
N THR A 259 -34.79 15.29 -13.94
CA THR A 259 -35.84 15.22 -12.91
C THR A 259 -37.05 16.05 -13.31
N ILE A 260 -36.83 17.25 -13.87
CA ILE A 260 -37.93 18.09 -14.30
C ILE A 260 -38.72 17.40 -15.41
N GLY A 261 -38.01 16.80 -16.37
CA GLY A 261 -38.69 16.12 -17.46
C GLY A 261 -39.52 14.95 -16.97
N ILE A 262 -39.03 14.23 -15.96
CA ILE A 262 -39.78 13.09 -15.43
C ILE A 262 -41.10 13.57 -14.84
N LEU A 263 -41.07 14.66 -14.09
CA LEU A 263 -42.28 15.19 -13.47
C LEU A 263 -43.25 15.77 -14.50
N MET A 264 -42.82 15.98 -15.74
CA MET A 264 -43.68 16.52 -16.79
C MET A 264 -44.04 15.52 -17.85
N SER A 265 -43.20 14.50 -18.08
CA SER A 265 -43.48 13.49 -19.10
C SER A 265 -44.20 12.28 -18.54
N ALA A 266 -43.91 11.90 -17.29
CA ALA A 266 -44.57 10.73 -16.71
C ALA A 266 -46.07 10.90 -16.63
N PRO A 267 -46.62 12.03 -16.20
CA PRO A 267 -48.10 12.15 -16.13
C PRO A 267 -48.77 11.96 -17.48
N ASN A 268 -48.11 12.33 -18.58
CA ASN A 268 -48.70 12.18 -19.91
C ASN A 268 -48.49 10.79 -20.48
N PHE A 269 -47.35 10.17 -20.18
CA PHE A 269 -47.03 8.82 -20.66
C PHE A 269 -47.29 7.76 -19.61
N VAL A 270 -46.69 7.90 -18.43
CA VAL A 270 -46.86 6.93 -17.36
C VAL A 270 -48.18 7.19 -16.64
N LEU B 7 -45.28 -19.85 11.98
CA LEU B 7 -44.79 -18.69 11.25
C LEU B 7 -43.67 -19.08 10.30
N TYR B 8 -44.03 -19.72 9.20
CA TYR B 8 -43.04 -20.13 8.21
C TYR B 8 -42.48 -18.93 7.47
N TYR B 9 -43.33 -18.19 6.77
CA TYR B 9 -42.88 -17.02 6.02
C TYR B 9 -42.58 -15.83 6.92
N GLY B 10 -43.20 -15.75 8.10
CA GLY B 10 -42.95 -14.65 9.00
C GLY B 10 -41.53 -14.66 9.53
N LEU B 11 -41.10 -15.80 10.08
CA LEU B 11 -39.74 -15.93 10.59
C LEU B 11 -38.71 -15.91 9.46
N ASN B 12 -39.05 -16.48 8.31
CA ASN B 12 -38.11 -16.53 7.19
C ASN B 12 -37.89 -15.17 6.54
N LEU B 13 -38.72 -14.17 6.85
CA LEU B 13 -38.58 -12.84 6.28
C LEU B 13 -38.36 -11.75 7.30
N LEU B 14 -38.72 -11.98 8.57
CA LEU B 14 -38.50 -10.99 9.62
C LEU B 14 -37.14 -11.14 10.29
N ILE B 15 -36.70 -12.39 10.50
CA ILE B 15 -35.40 -12.61 11.15
C ILE B 15 -34.25 -12.00 10.36
N PRO B 16 -34.17 -12.17 9.03
CA PRO B 16 -33.05 -11.56 8.30
C PRO B 16 -32.98 -10.05 8.43
N CYS B 17 -34.14 -9.39 8.62
CA CYS B 17 -34.13 -7.94 8.74
C CYS B 17 -33.31 -7.50 9.95
N VAL B 18 -33.42 -8.22 11.07
CA VAL B 18 -32.65 -7.90 12.26
C VAL B 18 -31.17 -8.09 11.99
N LEU B 19 -30.81 -9.12 11.22
CA LEU B 19 -29.40 -9.37 10.93
C LEU B 19 -28.80 -8.22 10.14
N ILE B 20 -29.54 -7.70 9.14
CA ILE B 20 -29.02 -6.58 8.35
C ILE B 20 -28.86 -5.35 9.23
N SER B 21 -29.84 -5.07 10.09
CA SER B 21 -29.73 -3.92 10.97
C SER B 21 -28.58 -4.09 11.96
N ALA B 22 -28.41 -5.30 12.50
CA ALA B 22 -27.32 -5.54 13.44
C ALA B 22 -25.96 -5.39 12.76
N LEU B 23 -25.85 -5.86 11.51
CA LEU B 23 -24.58 -5.75 10.80
C LEU B 23 -24.22 -4.30 10.51
N ALA B 24 -25.23 -3.46 10.26
CA ALA B 24 -24.95 -2.05 9.98
C ALA B 24 -24.30 -1.37 11.17
N LEU B 25 -24.73 -1.70 12.39
CA LEU B 25 -24.14 -1.09 13.57
C LEU B 25 -22.67 -1.43 13.71
N LEU B 26 -22.30 -2.66 13.36
CA LEU B 26 -20.89 -3.06 13.44
C LEU B 26 -20.02 -2.28 12.48
N VAL B 27 -20.59 -1.83 11.35
CA VAL B 27 -19.82 -1.07 10.39
C VAL B 27 -19.37 0.26 11.00
N PHE B 28 -20.23 0.89 11.81
CA PHE B 28 -19.88 2.17 12.42
C PHE B 28 -18.82 2.03 13.50
N LEU B 29 -18.59 0.81 14.00
CA LEU B 29 -17.59 0.59 15.03
C LEU B 29 -16.21 0.27 14.47
N LEU B 30 -16.08 0.14 13.16
CA LEU B 30 -14.79 -0.17 12.57
C LEU B 30 -13.86 1.04 12.65
N PRO B 31 -12.55 0.81 12.73
CA PRO B 31 -11.62 1.94 12.82
C PRO B 31 -11.60 2.76 11.53
N ALA B 32 -11.31 4.05 11.69
CA ALA B 32 -11.24 4.94 10.54
C ALA B 32 -10.03 4.64 9.66
N ASP B 33 -8.97 4.07 10.25
CA ASP B 33 -7.77 3.78 9.47
C ASP B 33 -8.00 2.67 8.45
N SER B 34 -9.07 1.90 8.57
CA SER B 34 -9.36 0.82 7.64
C SER B 34 -9.97 1.41 6.38
N GLY B 35 -9.16 1.54 5.33
CA GLY B 35 -9.64 2.05 4.06
C GLY B 35 -10.32 1.04 3.18
N GLU B 36 -10.22 -0.25 3.50
CA GLU B 36 -10.84 -1.31 2.73
C GLU B 36 -12.18 -1.75 3.31
N LYS B 37 -12.70 -1.04 4.32
CA LYS B 37 -13.97 -1.41 4.93
C LYS B 37 -15.17 -1.02 4.09
N ILE B 38 -14.96 -0.27 3.00
CA ILE B 38 -16.08 0.12 2.14
C ILE B 38 -16.74 -1.12 1.53
N SER B 39 -15.94 -2.13 1.21
CA SER B 39 -16.49 -3.36 0.64
C SER B 39 -17.42 -4.06 1.62
N LEU B 40 -17.18 -3.91 2.92
CA LEU B 40 -18.06 -4.53 3.92
C LEU B 40 -19.46 -3.94 3.83
N GLY B 41 -19.57 -2.62 3.66
CA GLY B 41 -20.88 -2.00 3.55
C GLY B 41 -21.63 -2.43 2.31
N ILE B 42 -20.91 -2.66 1.21
CA ILE B 42 -21.56 -3.09 -0.03
C ILE B 42 -22.19 -4.45 0.14
N THR B 43 -21.53 -5.35 0.88
CA THR B 43 -22.08 -6.68 1.09
C THR B 43 -23.39 -6.63 1.84
N VAL B 44 -23.48 -5.77 2.86
CA VAL B 44 -24.73 -5.64 3.62
C VAL B 44 -25.85 -5.15 2.71
N LEU B 45 -25.56 -4.12 1.90
CA LEU B 45 -26.56 -3.63 0.96
C LEU B 45 -26.88 -4.68 -0.09
N LEU B 46 -25.85 -5.37 -0.61
CA LEU B 46 -26.08 -6.39 -1.61
C LEU B 46 -26.91 -7.55 -1.06
N SER B 47 -26.62 -7.96 0.18
CA SER B 47 -27.36 -9.06 0.77
C SER B 47 -28.83 -8.71 0.95
N LEU B 48 -29.11 -7.47 1.37
CA LEU B 48 -30.50 -7.06 1.57
C LEU B 48 -31.27 -7.09 0.25
N THR B 49 -30.64 -6.62 -0.83
CA THR B 49 -31.31 -6.61 -2.13
C THR B 49 -31.63 -8.03 -2.59
N VAL B 50 -30.72 -8.97 -2.36
CA VAL B 50 -30.96 -10.35 -2.77
C VAL B 50 -32.17 -10.92 -2.02
N PHE B 51 -32.24 -10.67 -0.71
CA PHE B 51 -33.35 -11.15 0.09
C PHE B 51 -34.62 -10.33 -0.15
N MET B 52 -34.50 -9.11 -0.65
CA MET B 52 -35.69 -8.30 -0.91
C MET B 52 -36.49 -8.83 -2.08
N LEU B 53 -35.85 -9.52 -3.02
CA LEU B 53 -36.57 -10.08 -4.15
C LEU B 53 -37.60 -11.10 -3.71
N LEU B 54 -37.23 -11.95 -2.74
CA LEU B 54 -38.17 -12.97 -2.25
C LEU B 54 -39.39 -12.32 -1.63
N VAL B 55 -39.20 -11.25 -0.86
CA VAL B 55 -40.33 -10.58 -0.21
C VAL B 55 -41.28 -9.99 -1.26
N ALA B 56 -40.72 -9.49 -2.36
CA ALA B 56 -41.55 -8.90 -3.40
C ALA B 56 -42.54 -9.91 -3.97
N GLU B 57 -42.08 -11.14 -4.20
CA GLU B 57 -42.98 -12.18 -4.71
C GLU B 57 -44.08 -12.49 -3.71
N ILE B 58 -43.73 -12.55 -2.42
CA ILE B 58 -44.74 -12.83 -1.40
C ILE B 58 -45.78 -11.72 -1.35
N MET B 59 -45.33 -10.47 -1.42
CA MET B 59 -46.26 -9.35 -1.35
C MET B 59 -47.19 -9.38 -2.55
N PRO B 60 -48.50 -9.21 -2.37
CA PRO B 60 -49.41 -9.23 -3.52
C PRO B 60 -49.13 -8.10 -4.48
N SER B 61 -49.36 -8.36 -5.76
CA SER B 61 -49.16 -7.36 -6.82
C SER B 61 -50.39 -6.48 -6.90
N THR B 62 -50.52 -5.58 -5.94
CA THR B 62 -51.64 -4.66 -5.87
C THR B 62 -51.32 -3.38 -6.65
N SER B 63 -52.23 -2.41 -6.61
CA SER B 63 -52.07 -1.14 -7.30
C SER B 63 -51.77 0.02 -6.36
N ASP B 64 -52.41 0.06 -5.19
CA ASP B 64 -52.19 1.13 -4.23
C ASP B 64 -52.11 0.65 -2.79
N SER B 65 -52.16 -0.66 -2.54
CA SER B 65 -52.09 -1.21 -1.19
C SER B 65 -50.66 -1.67 -0.93
N SER B 66 -49.89 -0.83 -0.26
CA SER B 66 -48.49 -1.15 0.05
C SER B 66 -48.43 -1.92 1.36
N PRO B 67 -47.93 -3.15 1.37
CA PRO B 67 -47.82 -3.88 2.64
C PRO B 67 -46.89 -3.18 3.62
N SER B 68 -47.18 -3.34 4.91
CA SER B 68 -46.38 -2.70 5.94
C SER B 68 -44.96 -3.22 5.99
N ILE B 69 -44.70 -4.41 5.43
CA ILE B 69 -43.35 -4.97 5.45
C ILE B 69 -42.39 -4.07 4.66
N ALA B 70 -42.90 -3.35 3.66
CA ALA B 70 -42.05 -2.47 2.89
C ALA B 70 -41.48 -1.34 3.75
N GLN B 71 -42.29 -0.80 4.67
CA GLN B 71 -41.82 0.28 5.52
C GLN B 71 -40.68 -0.18 6.43
N TYR B 72 -40.74 -1.42 6.91
CA TYR B 72 -39.68 -1.90 7.80
C TYR B 72 -38.33 -1.91 7.11
N PHE B 73 -38.29 -2.36 5.85
CA PHE B 73 -37.03 -2.36 5.11
C PHE B 73 -36.59 -0.95 4.73
N ALA B 74 -37.53 -0.02 4.62
CA ALA B 74 -37.17 1.35 4.29
C ALA B 74 -36.28 1.97 5.36
N SER B 75 -36.62 1.75 6.63
CA SER B 75 -35.78 2.27 7.71
C SER B 75 -34.41 1.61 7.70
N THR B 76 -34.35 0.30 7.46
CA THR B 76 -33.07 -0.40 7.42
C THR B 76 -32.22 0.10 6.25
N MET B 77 -32.84 0.32 5.09
CA MET B 77 -32.08 0.77 3.94
C MET B 77 -31.53 2.18 4.14
N ILE B 78 -32.20 3.00 4.96
CA ILE B 78 -31.69 4.33 5.25
C ILE B 78 -30.40 4.24 6.04
N ILE B 79 -30.37 3.39 7.07
CA ILE B 79 -29.15 3.21 7.85
C ILE B 79 -28.09 2.51 7.02
N VAL B 80 -28.48 1.44 6.31
CA VAL B 80 -27.53 0.72 5.47
C VAL B 80 -27.09 1.60 4.29
N GLY B 81 -28.03 2.32 3.70
CA GLY B 81 -27.68 3.19 2.57
C GLY B 81 -26.66 4.25 2.96
N LEU B 82 -26.85 4.85 4.15
CA LEU B 82 -25.92 5.85 4.63
C LEU B 82 -24.66 5.24 5.24
N SER B 83 -24.65 3.95 5.51
CA SER B 83 -23.46 3.30 6.06
C SER B 83 -22.30 3.39 5.07
N VAL B 84 -22.57 3.17 3.78
CA VAL B 84 -21.52 3.27 2.77
C VAL B 84 -20.97 4.69 2.72
N VAL B 85 -21.86 5.69 2.77
CA VAL B 85 -21.41 7.08 2.74
C VAL B 85 -20.55 7.38 3.96
N VAL B 86 -20.98 6.91 5.13
CA VAL B 86 -20.20 7.17 6.35
C VAL B 86 -18.81 6.55 6.24
N THR B 87 -18.73 5.31 5.76
CA THR B 87 -17.43 4.67 5.60
C THR B 87 -16.58 5.38 4.55
N VAL B 88 -17.21 6.06 3.61
CA VAL B 88 -16.47 6.79 2.58
C VAL B 88 -16.10 8.20 3.05
N ILE B 89 -16.90 8.78 3.96
CA ILE B 89 -16.57 10.10 4.48
C ILE B 89 -15.24 10.08 5.21
N VAL B 90 -14.85 8.92 5.75
CA VAL B 90 -13.58 8.81 6.45
C VAL B 90 -12.43 9.17 5.52
N LEU B 91 -12.46 8.64 4.30
CA LEU B 91 -11.42 8.96 3.33
C LEU B 91 -11.56 10.38 2.80
N GLN B 92 -12.78 10.94 2.84
CA GLN B 92 -12.98 12.30 2.34
C GLN B 92 -12.18 13.30 3.17
N TYR B 93 -12.19 13.16 4.49
CA TYR B 93 -11.45 14.06 5.36
C TYR B 93 -10.01 13.64 5.57
N HIS B 94 -9.72 12.35 5.50
CA HIS B 94 -8.35 11.88 5.72
C HIS B 94 -7.40 12.43 4.67
N HIS B 95 -7.83 12.44 3.41
CA HIS B 95 -6.98 12.96 2.34
C HIS B 95 -6.99 14.47 2.23
N HIS B 96 -7.94 15.14 2.89
CA HIS B 96 -8.05 16.60 2.88
C HIS B 96 -7.81 17.18 1.49
N ASP B 97 -8.33 16.52 0.46
CA ASP B 97 -8.17 16.99 -0.90
C ASP B 97 -9.14 18.13 -1.19
N PRO B 98 -8.87 18.92 -2.23
CA PRO B 98 -9.79 20.03 -2.55
C PRO B 98 -11.21 19.56 -2.83
N ASP B 99 -11.38 18.38 -3.44
CA ASP B 99 -12.71 17.84 -3.73
C ASP B 99 -13.23 17.09 -2.50
N GLY B 100 -13.59 17.86 -1.49
CA GLY B 100 -14.10 17.30 -0.25
C GLY B 100 -13.01 17.06 0.78
N GLY B 101 -13.14 17.67 1.95
CA GLY B 101 -12.16 17.49 3.00
C GLY B 101 -12.48 18.39 4.18
N LYS B 102 -11.60 18.32 5.17
CA LYS B 102 -11.74 19.13 6.39
C LYS B 102 -11.01 20.46 6.25
N MET B 103 -11.29 21.19 5.17
CA MET B 103 -10.66 22.49 4.96
C MET B 103 -11.02 23.49 6.05
N PRO B 104 -12.29 23.65 6.44
CA PRO B 104 -12.62 24.65 7.46
C PRO B 104 -11.89 24.37 8.77
N LYS B 105 -11.46 25.45 9.42
CA LYS B 105 -10.79 25.35 10.72
C LYS B 105 -11.74 25.39 11.90
N TRP B 106 -12.93 25.97 11.72
CA TRP B 106 -13.88 26.06 12.82
C TRP B 106 -14.32 24.67 13.28
N THR B 107 -14.58 23.77 12.34
CA THR B 107 -15.01 22.43 12.69
C THR B 107 -13.93 21.63 13.40
N ARG B 108 -12.66 21.95 13.17
CA ARG B 108 -11.57 21.24 13.83
C ARG B 108 -11.54 21.54 15.33
N VAL B 109 -11.85 22.78 15.71
CA VAL B 109 -11.84 23.15 17.12
C VAL B 109 -12.90 22.37 17.88
N ILE B 110 -14.10 22.24 17.30
CA ILE B 110 -15.18 21.53 17.98
C ILE B 110 -14.80 20.07 18.21
N LEU B 111 -14.23 19.42 17.20
CA LEU B 111 -13.85 18.02 17.34
C LEU B 111 -12.70 17.85 18.33
N LEU B 112 -11.82 18.85 18.45
CA LEU B 112 -10.71 18.76 19.39
C LEU B 112 -11.22 18.64 20.82
N ASN B 113 -12.22 19.43 21.18
CA ASN B 113 -12.80 19.33 22.52
C ASN B 113 -13.56 18.02 22.69
N TRP B 114 -14.23 17.56 21.64
CA TRP B 114 -14.98 16.31 21.73
C TRP B 114 -14.07 15.12 21.94
N CYS B 115 -12.87 15.14 21.36
CA CYS B 115 -11.94 14.02 21.53
C CYS B 115 -11.57 13.82 23.00
N ALA B 116 -11.31 14.92 23.71
CA ALA B 116 -10.98 14.83 25.12
C ALA B 116 -12.18 14.47 25.98
N TRP B 117 -13.40 14.73 25.49
CA TRP B 117 -14.61 14.42 26.23
C TRP B 117 -15.00 12.95 26.12
N PHE B 118 -14.44 12.20 25.17
CA PHE B 118 -14.79 10.79 25.03
C PHE B 118 -14.43 10.00 26.28
N LEU B 119 -13.23 10.25 26.83
CA LEU B 119 -12.82 9.55 28.04
C LEU B 119 -13.64 10.00 29.24
N ARG B 120 -13.78 11.32 29.42
CA ARG B 120 -14.55 11.89 30.53
C ARG B 120 -15.40 13.03 29.96
N MET B 121 -16.64 12.73 29.59
CA MET B 121 -17.53 13.74 29.05
C MET B 121 -17.90 14.76 30.12
N LYS B 122 -18.08 16.00 29.70
CA LYS B 122 -18.42 17.07 30.64
C LYS B 122 -19.79 16.86 31.27
N ARG B 123 -20.64 16.02 30.67
CA ARG B 123 -21.96 15.77 31.23
C ARG B 123 -21.85 14.95 32.51
N PRO B 124 -22.89 14.99 33.36
CA PRO B 124 -22.83 14.22 34.61
C PRO B 124 -22.73 12.72 34.38
N GLY B 125 -23.11 12.22 33.20
CA GLY B 125 -23.03 10.79 32.95
C GLY B 125 -21.62 10.24 33.03
N GLU B 126 -20.63 11.08 32.78
CA GLU B 126 -19.23 10.67 32.82
C GLU B 126 -18.42 11.37 33.91
N ASP B 127 -18.70 12.64 34.21
CA ASP B 127 -17.97 13.34 35.26
C ASP B 127 -18.32 12.79 36.64
N LYS B 128 -19.54 12.30 36.82
CA LYS B 128 -19.97 11.76 38.10
C LYS B 128 -19.59 10.29 38.28
N VAL B 129 -19.65 9.51 37.19
CA VAL B 129 -19.32 8.08 37.26
C VAL B 129 -17.82 7.96 37.01
N ARG B 130 -17.05 8.11 38.08
CA ARG B 130 -15.60 8.01 38.03
C ARG B 130 -15.06 8.09 39.45
N PRO B 131 -13.83 7.63 39.68
CA PRO B 131 -13.26 7.72 41.02
C PRO B 131 -13.23 9.17 41.52
N ALA B 132 -13.72 9.37 42.75
CA ALA B 132 -13.77 10.68 43.36
C ALA B 132 -13.30 10.59 44.80
N CYS B 133 -12.64 11.64 45.26
CA CYS B 133 -12.13 11.71 46.62
C CYS B 133 -11.88 13.18 46.97
N GLN B 134 -11.31 13.42 48.15
CA GLN B 134 -11.00 14.76 48.61
C GLN B 134 -9.52 15.10 48.45
N HIS B 135 -8.77 14.29 47.72
CA HIS B 135 -7.35 14.53 47.54
C HIS B 135 -7.13 15.78 46.68
N LYS B 136 -5.92 16.33 46.78
CA LYS B 136 -5.58 17.54 46.03
C LYS B 136 -5.54 17.29 44.53
N GLN B 137 -5.50 16.03 44.10
CA GLN B 137 -5.47 15.74 42.67
C GLN B 137 -6.74 16.16 41.97
N ARG B 138 -7.84 16.34 42.70
CA ARG B 138 -9.11 16.75 42.12
C ARG B 138 -9.39 18.24 42.31
N ARG B 139 -8.39 19.00 42.75
CA ARG B 139 -8.52 20.44 42.96
C ARG B 139 -7.80 21.20 41.85
N CYS B 140 -7.78 22.52 41.97
CA CYS B 140 -7.14 23.39 41.00
C CYS B 140 -6.23 24.37 41.71
N SER B 141 -5.16 24.76 41.03
CA SER B 141 -4.18 25.69 41.58
C SER B 141 -3.60 26.51 40.43
N LEU B 142 -2.54 27.26 40.73
CA LEU B 142 -1.91 28.08 39.70
C LEU B 142 -1.33 27.24 38.58
N ALA B 143 -0.71 26.11 38.93
CA ALA B 143 -0.10 25.26 37.91
C ALA B 143 -1.13 24.73 36.93
N SER B 144 -2.29 24.28 37.44
CA SER B 144 -3.31 23.74 36.56
C SER B 144 -3.91 24.83 35.67
N VAL B 145 -4.10 26.02 36.21
CA VAL B 145 -4.70 27.14 35.47
C VAL B 145 -3.56 27.85 34.76
N GLU B 146 -3.47 27.64 33.44
CA GLU B 146 -2.45 28.26 32.61
C GLU B 146 -2.99 29.45 31.82
N MET B 147 -4.14 29.99 32.22
CA MET B 147 -4.71 31.13 31.50
C MET B 147 -3.86 32.39 31.66
N SER B 148 -3.05 32.47 32.72
CA SER B 148 -2.19 33.63 32.97
C SER B 148 -0.74 33.35 32.61
N ALA B 149 -0.50 32.55 31.57
CA ALA B 149 0.85 32.22 31.13
C ALA B 149 1.64 31.53 32.25
N VAL B 150 1.02 30.51 32.84
CA VAL B 150 1.64 29.73 33.91
C VAL B 150 2.09 28.39 33.34
N ALA B 151 3.35 28.04 33.60
CA ALA B 151 3.89 26.79 33.08
C ALA B 151 3.15 25.61 33.71
N PRO B 152 2.69 24.64 32.92
CA PRO B 152 1.99 23.49 33.50
C PRO B 152 2.96 22.57 34.21
N PRO B 153 2.47 21.64 35.02
CA PRO B 153 3.37 20.72 35.72
C PRO B 153 4.20 19.91 34.74
N PRO B 154 5.45 19.61 35.07
CA PRO B 154 6.28 18.83 34.14
C PRO B 154 5.65 17.49 33.82
N ALA B 155 5.40 17.26 32.53
CA ALA B 155 4.83 16.00 32.07
C ALA B 155 5.20 15.78 30.62
N SER B 156 5.11 14.53 30.19
CA SER B 156 5.43 14.14 28.82
C SER B 156 4.19 14.06 27.93
N ASN B 157 3.03 14.48 28.43
CA ASN B 157 1.78 14.39 27.70
C ASN B 157 1.43 15.69 26.96
N GLY B 158 2.37 16.63 26.89
CA GLY B 158 2.15 17.88 26.19
C GLY B 158 2.23 19.09 27.09
N ASN B 159 2.98 18.97 28.19
CA ASN B 159 3.16 20.06 29.14
C ASN B 159 4.60 20.58 29.17
N LEU B 160 5.57 19.69 29.36
CA LEU B 160 6.97 20.09 29.37
C LEU B 160 7.59 20.05 27.97
N LEU B 161 7.17 19.10 27.13
CA LEU B 161 7.70 19.02 25.78
C LEU B 161 7.29 20.21 24.93
N TYR B 162 6.10 20.77 25.18
CA TYR B 162 5.65 21.90 24.38
C TYR B 162 6.58 23.10 24.55
N ILE B 163 6.98 23.39 25.79
CA ILE B 163 7.87 24.51 26.04
C ILE B 163 9.28 24.24 25.52
N GLY B 164 9.65 22.98 25.35
CA GLY B 164 10.98 22.64 24.89
C GLY B 164 11.19 22.86 23.41
N PHE B 165 10.43 22.15 22.58
CA PHE B 165 10.56 22.23 21.13
C PHE B 165 9.56 23.19 20.50
N ARG B 166 8.31 23.18 20.95
CA ARG B 166 7.29 24.06 20.38
C ARG B 166 7.31 25.46 21.00
N GLY B 167 8.12 25.69 22.02
CA GLY B 167 8.20 27.00 22.65
C GLY B 167 9.19 27.92 21.94
N LEU B 168 8.86 28.31 20.71
CA LEU B 168 9.74 29.18 19.95
C LEU B 168 9.75 30.59 20.54
N ASP B 169 10.80 31.34 20.19
CA ASP B 169 10.97 32.71 20.69
C ASP B 169 10.98 32.74 22.21
N GLY B 170 11.65 31.75 22.81
CA GLY B 170 11.75 31.66 24.26
C GLY B 170 13.18 31.45 24.72
N VAL B 171 13.34 30.93 25.94
CA VAL B 171 14.68 30.71 26.48
C VAL B 171 15.44 29.69 25.65
N HIS B 172 14.74 28.66 25.17
CA HIS B 172 15.39 27.63 24.37
C HIS B 172 15.96 28.20 23.08
N CYS B 173 15.21 29.07 22.40
CA CYS B 173 15.62 29.62 21.12
C CYS B 173 16.38 30.94 21.30
N VAL B 174 15.73 31.93 21.92
CA VAL B 174 16.32 33.25 22.10
C VAL B 174 16.31 33.61 23.59
N PRO B 175 17.34 33.26 24.35
CA PRO B 175 17.37 33.63 25.78
C PRO B 175 17.69 35.10 26.00
N THR B 176 16.69 35.94 25.75
CA THR B 176 16.87 37.39 25.90
C THR B 176 17.26 37.78 27.31
N PRO B 177 16.63 37.25 28.37
CA PRO B 177 17.03 37.66 29.73
C PRO B 177 18.49 37.32 29.99
N ASP B 178 19.15 38.21 30.73
CA ASP B 178 20.57 38.03 31.06
C ASP B 178 20.68 37.02 32.19
N SER B 179 20.89 35.75 31.83
CA SER B 179 21.02 34.70 32.83
C SER B 179 22.36 34.76 33.54
N GLY B 180 23.41 35.23 32.87
CA GLY B 180 24.72 35.32 33.48
C GLY B 180 25.30 33.95 33.82
N VAL B 181 25.07 32.97 32.97
CA VAL B 181 25.58 31.62 33.17
C VAL B 181 26.60 31.24 32.09
N VAL B 182 26.35 31.63 30.84
CA VAL B 182 27.27 31.28 29.77
C VAL B 182 28.63 31.94 29.99
N CYS B 183 28.63 33.22 30.38
CA CYS B 183 29.86 33.97 30.62
C CYS B 183 29.91 34.54 32.03
N GLY B 184 29.10 34.00 32.95
CA GLY B 184 29.09 34.47 34.32
C GLY B 184 29.32 33.37 35.33
N ARG B 185 29.14 32.12 34.91
CA ARG B 185 29.33 30.96 35.76
C ARG B 185 30.20 29.94 35.02
N MET B 186 30.48 28.83 35.70
CA MET B 186 31.29 27.75 35.15
C MET B 186 30.44 26.51 34.84
N ALA B 187 29.16 26.72 34.53
CA ALA B 187 28.24 25.62 34.21
C ALA B 187 28.44 25.23 32.75
N CYS B 188 29.47 24.42 32.50
CA CYS B 188 29.78 23.93 31.17
C CYS B 188 30.05 25.07 30.19
N SER B 189 30.59 26.18 30.70
CA SER B 189 30.89 27.33 29.86
C SER B 189 31.93 28.18 30.55
N PRO B 190 32.89 28.75 29.83
CA PRO B 190 33.90 29.60 30.49
C PRO B 190 33.28 30.87 31.06
N THR B 191 33.88 31.34 32.15
CA THR B 191 33.42 32.57 32.82
C THR B 191 34.05 33.78 32.14
N HIS B 192 33.56 34.06 30.93
CA HIS B 192 34.05 35.18 30.13
C HIS B 192 35.56 35.10 29.95
N ASP B 193 36.06 33.89 29.68
CA ASP B 193 37.49 33.65 29.50
C ASP B 193 37.83 33.90 28.03
N GLU B 194 38.42 35.05 27.75
CA GLU B 194 38.82 35.40 26.39
C GLU B 194 40.15 34.77 25.97
N HIS B 195 40.87 34.15 26.92
CA HIS B 195 42.15 33.52 26.63
C HIS B 195 42.04 32.01 26.46
N LEU B 196 40.81 31.48 26.35
CA LEU B 196 40.60 30.04 26.19
C LEU B 196 40.86 29.67 24.73
N LEU B 197 42.14 29.56 24.39
CA LEU B 197 42.55 29.21 23.04
C LEU B 197 42.59 27.70 22.88
N HIS B 198 42.01 27.20 21.80
CA HIS B 198 41.98 25.76 21.53
C HIS B 198 43.26 25.35 20.80
N GLY B 199 44.36 25.42 21.55
CA GLY B 199 45.66 25.06 21.00
C GLY B 199 46.09 25.94 19.84
N GLY B 200 45.87 27.25 19.97
CA GLY B 200 46.23 28.19 18.92
C GLY B 200 45.18 28.34 17.84
N GLN B 201 44.02 27.74 17.99
CA GLN B 201 42.93 27.79 17.03
C GLN B 201 41.65 28.19 17.72
N PRO B 202 40.67 28.71 16.99
CA PRO B 202 39.40 29.10 17.61
C PRO B 202 38.71 27.91 18.25
N PRO B 203 37.59 28.13 18.96
CA PRO B 203 36.91 27.00 19.59
C PRO B 203 36.51 25.91 18.62
N GLU B 204 36.11 26.28 17.41
CA GLU B 204 35.73 25.31 16.38
C GLU B 204 36.97 24.90 15.59
N GLY B 205 37.28 23.60 15.61
CA GLY B 205 38.46 23.12 14.92
C GLY B 205 38.32 23.07 13.41
N ASP B 206 37.09 23.05 12.91
CA ASP B 206 36.87 23.01 11.46
C ASP B 206 35.51 23.62 11.13
N PRO B 207 35.47 24.78 10.47
CA PRO B 207 34.17 25.37 10.09
C PRO B 207 33.38 24.53 9.11
N ASP B 208 34.01 23.58 8.42
CA ASP B 208 33.29 22.78 7.43
C ASP B 208 32.20 21.94 8.08
N LEU B 209 32.35 21.61 9.36
CA LEU B 209 31.33 20.82 10.03
C LEU B 209 30.02 21.57 10.16
N ALA B 210 30.07 22.91 10.19
CA ALA B 210 28.85 23.70 10.28
C ALA B 210 27.96 23.48 9.06
N LYS B 211 28.57 23.44 7.87
CA LYS B 211 27.80 23.18 6.66
C LYS B 211 27.16 21.80 6.69
N ILE B 212 27.91 20.80 7.17
CA ILE B 212 27.38 19.44 7.24
C ILE B 212 26.20 19.39 8.21
N LEU B 213 26.32 20.08 9.34
CA LEU B 213 25.23 20.08 10.31
C LEU B 213 23.95 20.64 9.72
N GLU B 214 24.06 21.75 8.97
CA GLU B 214 22.89 22.31 8.32
C GLU B 214 22.32 21.35 7.28
N GLU B 215 23.19 20.73 6.48
CA GLU B 215 22.73 19.76 5.50
C GLU B 215 22.12 18.54 6.17
N VAL B 216 22.75 18.05 7.25
CA VAL B 216 22.21 16.91 7.97
C VAL B 216 20.90 17.29 8.65
N ARG B 217 20.81 18.51 9.17
CA ARG B 217 19.58 18.95 9.82
C ARG B 217 18.41 18.97 8.84
N TYR B 218 18.68 19.22 7.56
CA TYR B 218 17.62 19.21 6.56
C TYR B 218 16.96 17.83 6.47
N ILE B 219 17.78 16.77 6.47
CA ILE B 219 17.23 15.42 6.46
C ILE B 219 16.42 15.17 7.73
N ALA B 220 16.95 15.57 8.88
CA ALA B 220 16.20 15.43 10.12
C ALA B 220 14.96 16.32 10.11
N ASN B 221 15.08 17.53 9.55
CA ASN B 221 13.93 18.41 9.47
C ASN B 221 12.82 17.82 8.61
N ARG B 222 13.19 17.17 7.51
CA ARG B 222 12.19 16.53 6.67
C ARG B 222 11.46 15.43 7.43
N PHE B 223 12.20 14.63 8.21
CA PHE B 223 11.56 13.64 9.06
C PHE B 223 10.68 14.29 10.11
N ARG B 224 11.10 15.44 10.65
CA ARG B 224 10.28 16.14 11.62
C ARG B 224 8.97 16.60 10.99
N CYS B 225 9.01 17.03 9.73
CA CYS B 225 7.78 17.41 9.04
C CYS B 225 6.85 16.22 8.86
N GLN B 226 7.40 15.03 8.60
CA GLN B 226 6.57 13.84 8.51
C GLN B 226 5.88 13.55 9.84
N ASP B 227 6.60 13.71 10.95
CA ASP B 227 5.99 13.54 12.26
C ASP B 227 4.92 14.59 12.50
N GLU B 228 5.18 15.84 12.10
CA GLU B 228 4.18 16.89 12.22
C GLU B 228 2.94 16.56 11.39
N SER B 229 3.14 16.07 10.17
CA SER B 229 2.01 15.67 9.34
C SER B 229 1.26 14.50 9.96
N GLU B 230 1.99 13.57 10.57
CA GLU B 230 1.35 12.45 11.26
C GLU B 230 0.53 12.95 12.45
N ALA B 231 1.06 13.92 13.20
CA ALA B 231 0.31 14.48 14.31
C ALA B 231 -0.95 15.19 13.82
N VAL B 232 -0.82 15.95 12.72
CA VAL B 232 -2.01 16.58 12.13
C VAL B 232 -2.94 15.50 11.57
N CYS B 233 -2.36 14.49 10.92
CA CYS B 233 -3.18 13.39 10.40
C CYS B 233 -3.83 12.60 11.52
N SER B 234 -3.20 12.56 12.70
CA SER B 234 -3.81 11.86 13.83
C SER B 234 -5.14 12.51 14.22
N GLU B 235 -5.18 13.84 14.24
CA GLU B 235 -6.44 14.53 14.52
C GLU B 235 -7.48 14.21 13.46
N TRP B 236 -7.08 14.19 12.19
CA TRP B 236 -8.00 13.82 11.12
C TRP B 236 -8.45 12.37 11.27
N LYS B 237 -7.53 11.47 11.63
CA LYS B 237 -7.90 10.09 11.87
C LYS B 237 -8.88 9.98 13.03
N PHE B 238 -8.62 10.70 14.12
CA PHE B 238 -9.56 10.72 15.23
C PHE B 238 -10.82 11.48 14.87
N ALA B 239 -10.70 12.54 14.05
CA ALA B 239 -11.88 13.27 13.62
C ALA B 239 -12.83 12.39 12.82
N ALA B 240 -12.27 11.55 11.93
CA ALA B 240 -13.10 10.65 11.16
C ALA B 240 -13.83 9.65 12.05
N CYS B 241 -13.23 9.29 13.19
CA CYS B 241 -13.88 8.39 14.12
C CYS B 241 -15.08 9.04 14.81
N VAL B 242 -15.10 10.36 14.93
CA VAL B 242 -16.24 11.03 15.54
C VAL B 242 -17.50 10.81 14.72
N VAL B 243 -17.39 10.92 13.40
CA VAL B 243 -18.54 10.70 12.53
C VAL B 243 -19.04 9.26 12.68
N ASP B 244 -18.10 8.30 12.65
CA ASP B 244 -18.50 6.91 12.83
C ASP B 244 -19.07 6.66 14.22
N ARG B 245 -18.43 7.23 15.24
CA ARG B 245 -18.96 7.08 16.60
C ARG B 245 -20.30 7.80 16.74
N LEU B 246 -20.41 9.01 16.20
CA LEU B 246 -21.67 9.74 16.26
C LEU B 246 -22.78 9.00 15.53
N CYS B 247 -22.46 8.44 14.35
CA CYS B 247 -23.47 7.71 13.59
C CYS B 247 -23.91 6.45 14.33
N LEU B 248 -22.99 5.79 15.04
CA LEU B 248 -23.36 4.59 15.78
C LEU B 248 -24.38 4.90 16.87
N MET B 249 -24.12 5.95 17.66
CA MET B 249 -25.06 6.33 18.71
C MET B 249 -26.30 7.01 18.15
N ALA B 250 -26.13 7.85 17.12
CA ALA B 250 -27.28 8.53 16.54
C ALA B 250 -28.25 7.54 15.90
N PHE B 251 -27.71 6.58 15.14
CA PHE B 251 -28.55 5.57 14.51
C PHE B 251 -29.00 4.48 15.48
N SER B 252 -28.32 4.34 16.62
CA SER B 252 -28.75 3.35 17.60
C SER B 252 -30.13 3.66 18.13
N VAL B 253 -30.40 4.93 18.42
CA VAL B 253 -31.73 5.33 18.90
C VAL B 253 -32.78 5.05 17.83
N PHE B 254 -32.48 5.39 16.58
CA PHE B 254 -33.42 5.14 15.50
C PHE B 254 -33.67 3.65 15.32
N THR B 255 -32.60 2.84 15.41
CA THR B 255 -32.77 1.39 15.29
C THR B 255 -33.64 0.84 16.40
N ILE B 256 -33.43 1.32 17.63
CA ILE B 256 -34.26 0.88 18.75
C ILE B 256 -35.71 1.29 18.52
N ILE B 257 -35.93 2.51 18.05
CA ILE B 257 -37.30 2.97 17.78
C ILE B 257 -37.93 2.12 16.69
N CYS B 258 -37.16 1.83 15.63
CA CYS B 258 -37.70 1.01 14.54
C CYS B 258 -38.07 -0.38 15.04
N THR B 259 -37.22 -0.97 15.89
CA THR B 259 -37.53 -2.30 16.43
C THR B 259 -38.81 -2.25 17.27
N ILE B 260 -38.96 -1.21 18.09
CA ILE B 260 -40.17 -1.08 18.90
C ILE B 260 -41.39 -0.94 18.00
N GLY B 261 -41.30 -0.13 16.96
CA GLY B 261 -42.41 0.04 16.05
C GLY B 261 -42.81 -1.25 15.36
N ILE B 262 -41.81 -2.06 14.99
CA ILE B 262 -42.10 -3.34 14.32
C ILE B 262 -42.90 -4.24 15.25
N LEU B 263 -42.50 -4.32 16.52
CA LEU B 263 -43.19 -5.16 17.48
C LEU B 263 -44.59 -4.64 17.81
N MET B 264 -44.91 -3.39 17.46
CA MET B 264 -46.21 -2.80 17.73
C MET B 264 -47.06 -2.61 16.49
N SER B 265 -46.46 -2.42 15.32
CA SER B 265 -47.21 -2.22 14.09
C SER B 265 -47.42 -3.50 13.30
N ALA B 266 -46.50 -4.46 13.41
CA ALA B 266 -46.66 -5.72 12.68
C ALA B 266 -47.92 -6.46 13.09
N PRO B 267 -48.26 -6.60 14.37
CA PRO B 267 -49.48 -7.34 14.72
C PRO B 267 -50.74 -6.74 14.11
N ASN B 268 -50.78 -5.42 13.92
CA ASN B 268 -51.96 -4.76 13.37
C ASN B 268 -51.97 -4.82 11.84
N PHE B 269 -50.80 -4.74 11.21
CA PHE B 269 -50.69 -4.77 9.75
C PHE B 269 -50.28 -6.15 9.24
N VAL B 270 -49.17 -6.69 9.74
CA VAL B 270 -48.70 -8.00 9.32
C VAL B 270 -49.49 -9.09 10.03
N LEU C 7 -30.76 -40.24 -4.60
CA LEU C 7 -30.76 -38.96 -3.90
C LEU C 7 -30.33 -37.83 -4.83
N TYR C 8 -31.22 -37.45 -5.75
CA TYR C 8 -30.89 -36.37 -6.69
C TYR C 8 -30.88 -35.02 -5.99
N TYR C 9 -32.00 -34.62 -5.40
CA TYR C 9 -32.08 -33.34 -4.71
C TYR C 9 -31.38 -33.35 -3.37
N GLY C 10 -31.28 -34.50 -2.70
CA GLY C 10 -30.61 -34.58 -1.42
C GLY C 10 -29.14 -34.27 -1.52
N LEU C 11 -28.45 -34.95 -2.44
CA LEU C 11 -27.02 -34.71 -2.63
C LEU C 11 -26.76 -33.33 -3.21
N ASN C 12 -27.63 -32.85 -4.09
CA ASN C 12 -27.42 -31.56 -4.74
C ASN C 12 -27.64 -30.39 -3.78
N LEU C 13 -28.25 -30.61 -2.61
CA LEU C 13 -28.51 -29.56 -1.66
C LEU C 13 -27.82 -29.77 -0.32
N LEU C 14 -27.43 -30.99 0.03
CA LEU C 14 -26.72 -31.26 1.26
C LEU C 14 -25.21 -31.14 1.11
N ILE C 15 -24.68 -31.60 -0.03
CA ILE C 15 -23.23 -31.53 -0.24
C ILE C 15 -22.72 -30.10 -0.20
N PRO C 16 -23.36 -29.13 -0.86
CA PRO C 16 -22.84 -27.74 -0.80
C PRO C 16 -22.75 -27.20 0.61
N CYS C 17 -23.62 -27.65 1.52
CA CYS C 17 -23.57 -27.16 2.90
C CYS C 17 -22.22 -27.49 3.55
N VAL C 18 -21.72 -28.69 3.29
CA VAL C 18 -20.42 -29.07 3.85
C VAL C 18 -19.32 -28.17 3.29
N LEU C 19 -19.38 -27.87 2.00
CA LEU C 19 -18.36 -27.03 1.39
C LEU C 19 -18.33 -25.64 2.02
N ILE C 20 -19.51 -25.06 2.27
CA ILE C 20 -19.57 -23.74 2.89
C ILE C 20 -19.00 -23.80 4.30
N SER C 21 -19.37 -24.83 5.06
CA SER C 21 -18.84 -24.97 6.42
C SER C 21 -17.34 -25.22 6.40
N ALA C 22 -16.86 -26.04 5.46
CA ALA C 22 -15.43 -26.30 5.37
C ALA C 22 -14.66 -25.05 4.99
N LEU C 23 -15.23 -24.24 4.07
CA LEU C 23 -14.54 -23.01 3.66
C LEU C 23 -14.45 -22.02 4.81
N ALA C 24 -15.46 -21.98 5.69
CA ALA C 24 -15.43 -21.05 6.81
C ALA C 24 -14.25 -21.34 7.74
N LEU C 25 -13.94 -22.61 7.95
CA LEU C 25 -12.83 -22.97 8.82
C LEU C 25 -11.51 -22.45 8.26
N LEU C 26 -11.34 -22.52 6.94
CA LEU C 26 -10.11 -22.04 6.33
C LEU C 26 -9.93 -20.54 6.51
N VAL C 27 -11.03 -19.79 6.63
CA VAL C 27 -10.94 -18.36 6.83
C VAL C 27 -10.28 -18.04 8.17
N PHE C 28 -10.57 -18.83 9.19
CA PHE C 28 -10.00 -18.59 10.51
C PHE C 28 -8.51 -18.93 10.56
N LEU C 29 -8.00 -19.68 9.60
CA LEU C 29 -6.59 -20.05 9.56
C LEU C 29 -5.73 -19.05 8.80
N LEU C 30 -6.34 -18.05 8.18
CA LEU C 30 -5.57 -17.08 7.43
C LEU C 30 -4.79 -16.16 8.38
N PRO C 31 -3.65 -15.64 7.94
CA PRO C 31 -2.86 -14.77 8.82
C PRO C 31 -3.57 -13.45 9.09
N ALA C 32 -3.28 -12.87 10.26
CA ALA C 32 -3.86 -11.60 10.62
C ALA C 32 -3.30 -10.45 9.80
N ASP C 33 -2.10 -10.59 9.24
CA ASP C 33 -1.51 -9.52 8.46
C ASP C 33 -2.21 -9.31 7.13
N SER C 34 -3.02 -10.27 6.69
CA SER C 34 -3.73 -10.17 5.41
C SER C 34 -4.95 -9.28 5.61
N GLY C 35 -4.83 -8.01 5.19
CA GLY C 35 -5.93 -7.08 5.29
C GLY C 35 -6.97 -7.19 4.19
N GLU C 36 -6.66 -7.93 3.12
CA GLU C 36 -7.58 -8.11 2.00
C GLU C 36 -8.36 -9.42 2.09
N LYS C 37 -8.27 -10.14 3.20
CA LYS C 37 -8.98 -11.39 3.36
C LYS C 37 -10.46 -11.20 3.65
N ILE C 38 -10.91 -9.97 3.88
CA ILE C 38 -12.32 -9.74 4.15
C ILE C 38 -13.16 -10.12 2.94
N SER C 39 -12.63 -9.89 1.73
CA SER C 39 -13.37 -10.26 0.52
C SER C 39 -13.59 -11.76 0.44
N LEU C 40 -12.68 -12.56 0.99
CA LEU C 40 -12.85 -14.01 0.98
C LEU C 40 -14.09 -14.42 1.76
N GLY C 41 -14.32 -13.80 2.92
CA GLY C 41 -15.50 -14.13 3.70
C GLY C 41 -16.79 -13.73 3.01
N ILE C 42 -16.78 -12.64 2.26
CA ILE C 42 -17.98 -12.19 1.55
C ILE C 42 -18.37 -13.21 0.48
N THR C 43 -17.37 -13.79 -0.20
CA THR C 43 -17.68 -14.77 -1.24
C THR C 43 -18.38 -15.99 -0.65
N VAL C 44 -17.92 -16.46 0.51
CA VAL C 44 -18.56 -17.61 1.14
C VAL C 44 -20.01 -17.30 1.49
N LEU C 45 -20.25 -16.12 2.07
CA LEU C 45 -21.61 -15.72 2.38
C LEU C 45 -22.42 -15.51 1.11
N LEU C 46 -21.83 -14.88 0.10
CA LEU C 46 -22.54 -14.65 -1.16
C LEU C 46 -22.89 -15.97 -1.83
N SER C 47 -21.97 -16.93 -1.83
CA SER C 47 -22.23 -18.22 -2.48
C SER C 47 -23.37 -18.95 -1.79
N LEU C 48 -23.41 -18.92 -0.46
CA LEU C 48 -24.47 -19.60 0.27
C LEU C 48 -25.83 -19.01 -0.06
N THR C 49 -25.92 -17.68 -0.16
CA THR C 49 -27.19 -17.04 -0.48
C THR C 49 -27.67 -17.44 -1.87
N VAL C 50 -26.75 -17.53 -2.83
CA VAL C 50 -27.13 -17.91 -4.19
C VAL C 50 -27.71 -19.33 -4.20
N PHE C 51 -27.06 -20.25 -3.49
CA PHE C 51 -27.56 -21.61 -3.42
C PHE C 51 -28.77 -21.74 -2.52
N MET C 52 -28.98 -20.81 -1.60
CA MET C 52 -30.14 -20.88 -0.72
C MET C 52 -31.44 -20.62 -1.48
N LEU C 53 -31.38 -19.87 -2.58
CA LEU C 53 -32.58 -19.61 -3.36
C LEU C 53 -33.16 -20.91 -3.92
N LEU C 54 -32.30 -21.80 -4.41
CA LEU C 54 -32.78 -23.07 -4.95
C LEU C 54 -33.49 -23.89 -3.89
N VAL C 55 -32.95 -23.92 -2.68
CA VAL C 55 -33.57 -24.70 -1.61
C VAL C 55 -34.95 -24.15 -1.27
N ALA C 56 -35.11 -22.83 -1.33
CA ALA C 56 -36.39 -22.21 -1.01
C ALA C 56 -37.49 -22.71 -1.94
N GLU C 57 -37.18 -22.81 -3.23
CA GLU C 57 -38.17 -23.31 -4.18
C GLU C 57 -38.55 -24.75 -3.88
N ILE C 58 -37.56 -25.58 -3.52
CA ILE C 58 -37.84 -26.98 -3.22
C ILE C 58 -38.72 -27.08 -1.97
N MET C 59 -38.42 -26.29 -0.95
CA MET C 59 -39.20 -26.34 0.28
C MET C 59 -40.64 -25.92 0.00
N PRO C 60 -41.63 -26.65 0.48
CA PRO C 60 -43.03 -26.27 0.22
C PRO C 60 -43.35 -24.92 0.86
N SER C 61 -44.24 -24.18 0.20
CA SER C 61 -44.67 -22.86 0.68
C SER C 61 -45.81 -23.07 1.67
N THR C 62 -45.44 -23.49 2.88
CA THR C 62 -46.40 -23.74 3.95
C THR C 62 -46.60 -22.46 4.76
N SER C 63 -47.36 -22.56 5.84
CA SER C 63 -47.65 -21.44 6.72
C SER C 63 -46.89 -21.49 8.04
N ASP C 64 -46.79 -22.68 8.65
CA ASP C 64 -46.08 -22.82 9.92
C ASP C 64 -45.20 -24.07 9.99
N SER C 65 -45.09 -24.83 8.91
CA SER C 65 -44.28 -26.06 8.89
C SER C 65 -42.92 -25.71 8.31
N SER C 66 -41.94 -25.48 9.17
CA SER C 66 -40.59 -25.14 8.73
C SER C 66 -39.79 -26.41 8.50
N PRO C 67 -39.32 -26.68 7.27
CA PRO C 67 -38.52 -27.88 7.05
C PRO C 67 -37.24 -27.85 7.85
N SER C 68 -36.77 -29.05 8.23
CA SER C 68 -35.56 -29.16 9.03
C SER C 68 -34.32 -28.68 8.28
N ILE C 69 -34.37 -28.62 6.95
CA ILE C 69 -33.21 -28.17 6.18
C ILE C 69 -32.87 -26.72 6.50
N ALA C 70 -33.87 -25.92 6.91
CA ALA C 70 -33.61 -24.54 7.25
C ALA C 70 -32.70 -24.44 8.47
N GLN C 71 -32.89 -25.32 9.46
CA GLN C 71 -32.06 -25.28 10.65
C GLN C 71 -30.60 -25.57 10.34
N TYR C 72 -30.35 -26.48 9.40
CA TYR C 72 -28.97 -26.82 9.06
C TYR C 72 -28.21 -25.61 8.53
N PHE C 73 -28.85 -24.82 7.66
CA PHE C 73 -28.19 -23.63 7.13
C PHE C 73 -28.08 -22.54 8.18
N ALA C 74 -28.97 -22.54 9.18
CA ALA C 74 -28.90 -21.53 10.23
C ALA C 74 -27.60 -21.63 11.01
N SER C 75 -27.18 -22.85 11.35
CA SER C 75 -25.92 -23.03 12.06
C SER C 75 -24.74 -22.61 11.19
N THR C 76 -24.77 -22.96 9.90
CA THR C 76 -23.69 -22.57 9.01
C THR C 76 -23.61 -21.05 8.86
N MET C 77 -24.76 -20.39 8.75
CA MET C 77 -24.76 -18.94 8.59
C MET C 77 -24.24 -18.23 9.83
N ILE C 78 -24.39 -18.85 11.00
CA ILE C 78 -23.86 -18.24 12.23
C ILE C 78 -22.34 -18.21 12.20
N ILE C 79 -21.73 -19.32 11.78
CA ILE C 79 -20.27 -19.36 11.67
C ILE C 79 -19.81 -18.50 10.50
N VAL C 80 -20.48 -18.62 9.35
CA VAL C 80 -20.11 -17.82 8.19
C VAL C 80 -20.39 -16.35 8.46
N GLY C 81 -21.54 -16.03 9.07
CA GLY C 81 -21.85 -14.65 9.38
C GLY C 81 -20.83 -14.02 10.30
N LEU C 82 -20.39 -14.75 11.32
CA LEU C 82 -19.38 -14.25 12.25
C LEU C 82 -17.98 -14.31 11.67
N SER C 83 -17.76 -15.06 10.58
CA SER C 83 -16.44 -15.11 9.97
C SER C 83 -16.02 -13.74 9.46
N VAL C 84 -16.95 -13.01 8.84
CA VAL C 84 -16.64 -11.67 8.35
C VAL C 84 -16.28 -10.75 9.52
N VAL C 85 -17.03 -10.83 10.61
CA VAL C 85 -16.74 -10.01 11.78
C VAL C 85 -15.37 -10.37 12.34
N VAL C 86 -15.06 -11.66 12.43
CA VAL C 86 -13.76 -12.08 12.95
C VAL C 86 -12.64 -11.56 12.07
N THR C 87 -12.80 -11.66 10.75
CA THR C 87 -11.77 -11.15 9.84
C THR C 87 -11.64 -9.63 9.95
N VAL C 88 -12.72 -8.95 10.30
CA VAL C 88 -12.66 -7.49 10.45
C VAL C 88 -12.15 -7.08 11.82
N ILE C 89 -12.34 -7.93 12.84
CA ILE C 89 -11.84 -7.61 14.17
C ILE C 89 -10.31 -7.51 14.15
N VAL C 90 -9.66 -8.20 13.21
CA VAL C 90 -8.20 -8.13 13.13
C VAL C 90 -7.75 -6.68 12.88
N LEU C 91 -8.43 -6.00 11.94
CA LEU C 91 -8.09 -4.61 11.67
C LEU C 91 -8.55 -3.70 12.81
N GLN C 92 -9.56 -4.11 13.57
CA GLN C 92 -10.05 -3.27 14.66
C GLN C 92 -8.98 -3.06 15.72
N TYR C 93 -8.25 -4.13 16.07
CA TYR C 93 -7.19 -4.03 17.08
C TYR C 93 -5.85 -3.64 16.48
N HIS C 94 -5.61 -3.98 15.21
CA HIS C 94 -4.33 -3.65 14.60
C HIS C 94 -4.12 -2.15 14.53
N HIS C 95 -5.16 -1.41 14.16
CA HIS C 95 -5.06 0.05 14.06
C HIS C 95 -5.18 0.76 15.40
N HIS C 96 -5.64 0.06 16.45
CA HIS C 96 -5.78 0.62 17.79
C HIS C 96 -6.35 2.03 17.75
N ASP C 97 -7.33 2.26 16.88
CA ASP C 97 -7.96 3.57 16.77
C ASP C 97 -8.97 3.77 17.90
N PRO C 98 -9.34 5.02 18.19
CA PRO C 98 -10.32 5.25 19.26
C PRO C 98 -11.64 4.54 19.01
N ASP C 99 -12.07 4.41 17.76
CA ASP C 99 -13.31 3.73 17.42
C ASP C 99 -13.06 2.23 17.30
N GLY C 100 -12.83 1.60 18.45
CA GLY C 100 -12.56 0.18 18.50
C GLY C 100 -11.08 -0.14 18.44
N GLY C 101 -10.56 -0.82 19.45
CA GLY C 101 -9.16 -1.18 19.47
C GLY C 101 -8.82 -1.87 20.77
N LYS C 102 -7.53 -2.20 20.91
CA LYS C 102 -7.03 -2.86 22.10
C LYS C 102 -6.53 -1.83 23.13
N MET C 103 -7.38 -0.86 23.45
CA MET C 103 -7.01 0.16 24.42
C MET C 103 -6.76 -0.44 25.81
N PRO C 104 -7.62 -1.32 26.34
CA PRO C 104 -7.37 -1.84 27.69
C PRO C 104 -6.04 -2.56 27.77
N LYS C 105 -5.36 -2.40 28.91
CA LYS C 105 -4.09 -3.06 29.15
C LYS C 105 -4.24 -4.43 29.80
N TRP C 106 -5.34 -4.65 30.54
CA TRP C 106 -5.52 -5.94 31.19
C TRP C 106 -5.62 -7.07 30.19
N THR C 107 -6.33 -6.86 29.08
CA THR C 107 -6.47 -7.90 28.07
C THR C 107 -5.15 -8.22 27.38
N ARG C 108 -4.22 -7.27 27.34
CA ARG C 108 -2.93 -7.53 26.71
C ARG C 108 -2.10 -8.52 27.52
N VAL C 109 -2.19 -8.44 28.84
CA VAL C 109 -1.42 -9.35 29.69
C VAL C 109 -1.87 -10.79 29.48
N ILE C 110 -3.18 -11.01 29.38
CA ILE C 110 -3.69 -12.37 29.20
C ILE C 110 -3.21 -12.95 27.89
N LEU C 111 -3.26 -12.16 26.81
CA LEU C 111 -2.81 -12.66 25.51
C LEU C 111 -1.30 -12.88 25.49
N LEU C 112 -0.54 -12.11 26.27
CA LEU C 112 0.90 -12.30 26.29
C LEU C 112 1.27 -13.69 26.81
N ASN C 113 0.60 -14.15 27.87
CA ASN C 113 0.86 -15.49 28.38
C ASN C 113 0.36 -16.55 27.41
N TRP C 114 -0.76 -16.29 26.74
CA TRP C 114 -1.30 -17.26 25.78
C TRP C 114 -0.37 -17.45 24.58
N CYS C 115 0.33 -16.39 24.18
CA CYS C 115 1.23 -16.51 23.04
C CYS C 115 2.35 -17.51 23.31
N ALA C 116 2.92 -17.48 24.52
CA ALA C 116 3.96 -18.43 24.86
C ALA C 116 3.42 -19.83 25.09
N TRP C 117 2.13 -19.96 25.39
CA TRP C 117 1.52 -21.27 25.61
C TRP C 117 1.18 -21.99 24.32
N PHE C 118 1.17 -21.29 23.18
CA PHE C 118 0.84 -21.95 21.92
C PHE C 118 1.86 -23.03 21.58
N LEU C 119 3.15 -22.75 21.77
CA LEU C 119 4.18 -23.74 21.49
C LEU C 119 4.14 -24.87 22.51
N ARG C 120 4.07 -24.52 23.80
CA ARG C 120 4.01 -25.50 24.88
C ARG C 120 2.96 -25.02 25.88
N MET C 121 1.73 -25.52 25.73
CA MET C 121 0.65 -25.14 26.62
C MET C 121 0.89 -25.73 28.02
N LYS C 122 0.47 -24.98 29.04
CA LYS C 122 0.65 -25.43 30.41
C LYS C 122 -0.15 -26.69 30.72
N ARG C 123 -1.15 -27.01 29.92
CA ARG C 123 -1.95 -28.20 30.15
C ARG C 123 -1.14 -29.46 29.85
N PRO C 124 -1.54 -30.60 30.40
CA PRO C 124 -0.79 -31.85 30.13
C PRO C 124 -0.77 -32.25 28.67
N GLY C 125 -1.71 -31.75 27.86
CA GLY C 125 -1.74 -32.12 26.46
C GLY C 125 -0.50 -31.68 25.71
N GLU C 126 0.17 -30.64 26.18
CA GLU C 126 1.38 -30.13 25.55
C GLU C 126 2.62 -30.26 26.41
N ASP C 127 2.50 -30.10 27.73
CA ASP C 127 3.67 -30.23 28.59
C ASP C 127 4.15 -31.68 28.68
N LYS C 128 3.24 -32.64 28.54
CA LYS C 128 3.60 -34.05 28.61
C LYS C 128 4.06 -34.59 27.26
N VAL C 129 3.45 -34.13 26.17
CA VAL C 129 3.80 -34.60 24.82
C VAL C 129 4.93 -33.71 24.33
N ARG C 130 6.16 -34.05 24.71
CA ARG C 130 7.35 -33.32 24.29
C ARG C 130 8.57 -34.09 24.78
N PRO C 131 9.74 -33.82 24.20
CA PRO C 131 10.96 -34.52 24.66
C PRO C 131 11.20 -34.27 26.14
N ALA C 132 11.44 -35.36 26.87
CA ALA C 132 11.70 -35.31 28.30
C ALA C 132 12.88 -36.20 28.64
N CYS C 133 13.65 -35.77 29.63
CA CYS C 133 14.81 -36.51 30.10
C CYS C 133 15.15 -36.04 31.51
N GLN C 134 16.26 -36.55 32.04
CA GLN C 134 16.74 -36.18 33.38
C GLN C 134 17.87 -35.17 33.33
N HIS C 135 18.13 -34.56 32.17
CA HIS C 135 19.22 -33.61 32.05
C HIS C 135 18.90 -32.33 32.83
N LYS C 136 19.95 -31.57 33.13
CA LYS C 136 19.78 -30.33 33.88
C LYS C 136 19.00 -29.27 33.11
N GLN C 137 18.84 -29.44 31.80
CA GLN C 137 18.11 -28.47 31.01
C GLN C 137 16.63 -28.40 31.39
N ARG C 138 16.11 -29.45 32.03
CA ARG C 138 14.71 -29.49 32.45
C ARG C 138 14.53 -29.16 33.92
N ARG C 139 15.58 -28.67 34.59
CA ARG C 139 15.53 -28.31 36.00
C ARG C 139 15.50 -26.79 36.14
N CYS C 140 15.53 -26.33 37.39
CA CYS C 140 15.50 -24.92 37.70
C CYS C 140 16.65 -24.58 38.65
N SER C 141 17.15 -23.35 38.52
CA SER C 141 18.27 -22.89 39.34
C SER C 141 18.09 -21.38 39.57
N LEU C 142 19.12 -20.76 40.14
CA LEU C 142 19.04 -19.33 40.42
C LEU C 142 18.94 -18.53 39.12
N ALA C 143 19.69 -18.93 38.09
CA ALA C 143 19.68 -18.18 36.83
C ALA C 143 18.29 -18.18 36.21
N SER C 144 17.62 -19.33 36.21
CA SER C 144 16.29 -19.41 35.60
C SER C 144 15.27 -18.60 36.40
N VAL C 145 15.38 -18.63 37.73
CA VAL C 145 14.45 -17.94 38.61
C VAL C 145 14.98 -16.52 38.78
N GLU C 146 14.34 -15.56 38.10
CA GLU C 146 14.73 -14.15 38.18
C GLU C 146 13.78 -13.34 39.06
N MET C 147 13.01 -14.01 39.93
CA MET C 147 12.10 -13.29 40.81
C MET C 147 12.85 -12.44 41.82
N SER C 148 14.09 -12.81 42.14
CA SER C 148 14.91 -12.07 43.10
C SER C 148 15.95 -11.20 42.42
N ALA C 149 15.62 -10.64 41.25
CA ALA C 149 16.54 -9.77 40.51
C ALA C 149 17.83 -10.52 40.16
N VAL C 150 17.66 -11.67 39.53
CA VAL C 150 18.78 -12.50 39.10
C VAL C 150 18.92 -12.39 37.59
N ALA C 151 20.11 -12.11 37.12
CA ALA C 151 20.34 -11.95 35.68
C ALA C 151 20.12 -13.28 34.98
N PRO C 152 19.34 -13.32 33.90
CA PRO C 152 19.11 -14.59 33.20
C PRO C 152 20.35 -15.00 32.42
N PRO C 153 20.42 -16.26 31.97
CA PRO C 153 21.60 -16.71 31.20
C PRO C 153 21.78 -15.87 29.94
N PRO C 154 23.02 -15.60 29.54
CA PRO C 154 23.23 -14.80 28.33
C PRO C 154 22.55 -15.43 27.11
N ALA C 155 21.65 -14.68 26.50
CA ALA C 155 20.94 -15.14 25.31
C ALA C 155 20.46 -13.93 24.52
N SER C 156 20.21 -14.17 23.23
CA SER C 156 19.73 -13.13 22.33
C SER C 156 18.22 -13.12 22.18
N ASN C 157 17.50 -13.93 22.96
CA ASN C 157 16.05 -14.04 22.87
C ASN C 157 15.32 -13.13 23.84
N GLY C 158 16.04 -12.19 24.46
CA GLY C 158 15.42 -11.26 25.39
C GLY C 158 15.94 -11.41 26.80
N ASN C 159 17.17 -11.90 26.95
CA ASN C 159 17.80 -12.08 28.25
C ASN C 159 19.00 -11.18 28.45
N LEU C 160 19.95 -11.19 27.52
CA LEU C 160 21.12 -10.32 27.61
C LEU C 160 20.88 -8.97 26.94
N LEU C 161 20.10 -8.95 25.86
CA LEU C 161 19.82 -7.69 25.18
C LEU C 161 18.98 -6.75 26.05
N TYR C 162 18.09 -7.31 26.87
CA TYR C 162 17.24 -6.46 27.71
C TYR C 162 18.07 -5.64 28.68
N ILE C 163 19.08 -6.25 29.31
CA ILE C 163 19.92 -5.52 30.24
C ILE C 163 20.82 -4.52 29.53
N GLY C 164 21.08 -4.73 28.25
CA GLY C 164 21.96 -3.84 27.50
C GLY C 164 21.32 -2.53 27.12
N PHE C 165 20.26 -2.58 26.33
CA PHE C 165 19.58 -1.39 25.85
C PHE C 165 18.36 -1.01 26.69
N ARG C 166 17.56 -2.00 27.10
CA ARG C 166 16.37 -1.72 27.90
C ARG C 166 16.66 -1.60 29.38
N GLY C 167 17.90 -1.87 29.80
CA GLY C 167 18.26 -1.75 31.20
C GLY C 167 18.67 -0.35 31.59
N LEU C 168 17.72 0.58 31.56
CA LEU C 168 18.00 1.96 31.89
C LEU C 168 18.28 2.11 33.39
N ASP C 169 18.95 3.21 33.74
CA ASP C 169 19.31 3.49 35.13
C ASP C 169 20.17 2.36 35.71
N GLY C 170 21.08 1.83 34.90
CA GLY C 170 21.96 0.76 35.33
C GLY C 170 23.41 1.05 35.02
N VAL C 171 24.23 0.00 34.95
CA VAL C 171 25.66 0.19 34.69
C VAL C 171 25.86 0.77 33.31
N HIS C 172 25.05 0.36 32.33
CA HIS C 172 25.21 0.87 30.97
C HIS C 172 24.96 2.36 30.91
N CYS C 173 23.94 2.84 31.60
CA CYS C 173 23.58 4.27 31.55
C CYS C 173 24.25 5.06 32.67
N VAL C 174 24.01 4.67 33.92
CA VAL C 174 24.56 5.37 35.07
C VAL C 174 25.34 4.39 35.94
N PRO C 175 26.64 4.20 35.70
CA PRO C 175 27.43 3.28 36.54
C PRO C 175 27.77 3.88 37.90
N THR C 176 26.75 3.92 38.77
CA THR C 176 26.95 4.49 40.11
C THR C 176 28.03 3.77 40.90
N PRO C 177 28.09 2.44 40.94
CA PRO C 177 29.15 1.78 41.71
C PRO C 177 30.53 2.18 41.21
N ASP C 178 31.45 2.35 42.15
CA ASP C 178 32.82 2.74 41.84
C ASP C 178 33.57 1.52 41.30
N SER C 179 33.60 1.38 39.98
CA SER C 179 34.29 0.25 39.37
C SER C 179 35.81 0.43 39.42
N GLY C 180 36.29 1.67 39.40
CA GLY C 180 37.72 1.90 39.43
C GLY C 180 38.45 1.39 38.20
N VAL C 181 37.82 1.50 37.02
CA VAL C 181 38.41 1.05 35.78
C VAL C 181 38.70 2.22 34.84
N VAL C 182 37.78 3.19 34.79
CA VAL C 182 37.98 4.34 33.90
C VAL C 182 39.22 5.13 34.31
N CYS C 183 39.38 5.37 35.61
CA CYS C 183 40.51 6.12 36.14
C CYS C 183 41.31 5.31 37.16
N GLY C 184 41.15 3.98 37.17
CA GLY C 184 41.86 3.13 38.10
C GLY C 184 42.65 2.04 37.41
N ARG C 185 42.32 1.76 36.16
CA ARG C 185 42.99 0.73 35.37
C ARG C 185 43.36 1.30 34.01
N MET C 186 43.95 0.46 33.17
CA MET C 186 44.38 0.83 31.83
C MET C 186 43.56 0.13 30.75
N ALA C 187 42.30 -0.20 31.06
CA ALA C 187 41.42 -0.88 30.12
C ALA C 187 40.78 0.15 29.20
N CYS C 188 41.54 0.54 28.17
CA CYS C 188 41.09 1.51 27.18
C CYS C 188 40.73 2.85 27.83
N SER C 189 41.43 3.20 28.91
CA SER C 189 41.18 4.47 29.60
C SER C 189 42.40 4.82 30.42
N PRO C 190 42.81 6.08 30.48
CA PRO C 190 43.97 6.44 31.29
C PRO C 190 43.72 6.23 32.77
N THR C 191 44.80 5.91 33.50
CA THR C 191 44.73 5.68 34.93
C THR C 191 44.85 7.03 35.66
N HIS C 192 43.78 7.80 35.59
CA HIS C 192 43.72 9.12 36.22
C HIS C 192 44.88 9.98 35.77
N ASP C 193 45.19 9.94 34.48
CA ASP C 193 46.29 10.69 33.90
C ASP C 193 45.78 12.08 33.52
N GLU C 194 46.08 13.07 34.36
CA GLU C 194 45.66 14.44 34.09
C GLU C 194 46.57 15.17 33.11
N HIS C 195 47.71 14.58 32.74
CA HIS C 195 48.65 15.19 31.81
C HIS C 195 48.52 14.63 30.39
N LEU C 196 47.46 13.88 30.11
CA LEU C 196 47.24 13.30 28.79
C LEU C 196 46.67 14.37 27.87
N LEU C 197 47.55 15.24 27.39
CA LEU C 197 47.18 16.33 26.50
C LEU C 197 47.19 15.84 25.05
N HIS C 198 46.12 16.16 24.32
CA HIS C 198 46.00 15.75 22.92
C HIS C 198 46.70 16.79 22.03
N GLY C 199 48.03 16.80 22.15
CA GLY C 199 48.83 17.73 21.36
C GLY C 199 48.53 19.19 21.67
N GLY C 200 48.38 19.53 22.93
CA GLY C 200 48.06 20.88 23.33
C GLY C 200 46.59 21.24 23.28
N GLN C 201 45.73 20.28 23.02
CA GLN C 201 44.28 20.49 22.93
C GLN C 201 43.57 19.47 23.80
N PRO C 202 42.33 19.75 24.20
CA PRO C 202 41.60 18.80 25.04
C PRO C 202 41.41 17.47 24.33
N PRO C 203 40.86 16.47 25.02
CA PRO C 203 40.67 15.15 24.37
C PRO C 203 39.83 15.24 23.10
N GLU C 204 38.83 16.11 23.06
CA GLU C 204 37.99 16.28 21.89
C GLU C 204 38.62 17.32 20.97
N GLY C 205 38.92 16.92 19.73
CA GLY C 205 39.54 17.82 18.79
C GLY C 205 38.61 18.89 18.25
N ASP C 206 37.31 18.65 18.29
CA ASP C 206 36.34 19.63 17.79
C ASP C 206 35.01 19.44 18.50
N PRO C 207 34.57 20.40 19.33
CA PRO C 207 33.27 20.26 20.00
C PRO C 207 32.10 20.26 19.04
N ASP C 208 32.28 20.71 17.80
CA ASP C 208 31.16 20.76 16.85
C ASP C 208 30.63 19.37 16.52
N LEU C 209 31.45 18.33 16.68
CA LEU C 209 30.98 16.98 16.39
C LEU C 209 29.92 16.53 17.38
N ALA C 210 29.94 17.07 18.60
CA ALA C 210 28.93 16.71 19.58
C ALA C 210 27.53 17.09 19.11
N LYS C 211 27.39 18.28 18.52
CA LYS C 211 26.09 18.70 18.00
C LYS C 211 25.64 17.79 16.87
N ILE C 212 26.56 17.40 15.99
CA ILE C 212 26.20 16.51 14.89
C ILE C 212 25.75 15.15 15.42
N LEU C 213 26.43 14.65 16.44
CA LEU C 213 26.05 13.35 17.00
C LEU C 213 24.63 13.39 17.56
N GLU C 214 24.27 14.46 18.27
CA GLU C 214 22.91 14.60 18.78
C GLU C 214 21.91 14.70 17.64
N GLU C 215 22.22 15.48 16.61
CA GLU C 215 21.34 15.58 15.47
C GLU C 215 21.25 14.26 14.72
N VAL C 216 22.37 13.57 14.54
CA VAL C 216 22.35 12.27 13.88
C VAL C 216 21.61 11.25 14.74
N ARG C 217 21.78 11.32 16.05
CA ARG C 217 21.08 10.39 16.94
C ARG C 217 19.56 10.54 16.84
N TYR C 218 19.08 11.76 16.54
CA TYR C 218 17.66 11.96 16.37
C TYR C 218 17.11 11.13 15.21
N ILE C 219 17.83 11.11 14.10
CA ILE C 219 17.41 10.27 12.96
C ILE C 219 17.42 8.80 13.37
N ALA C 220 18.48 8.36 14.04
CA ALA C 220 18.54 6.99 14.52
C ALA C 220 17.46 6.74 15.57
N ASN C 221 17.21 7.73 16.44
CA ASN C 221 16.17 7.57 17.45
C ASN C 221 14.80 7.41 16.81
N ARG C 222 14.53 8.17 15.74
CA ARG C 222 13.25 8.01 15.05
C ARG C 222 13.10 6.62 14.48
N PHE C 223 14.17 6.08 13.89
CA PHE C 223 14.14 4.70 13.41
C PHE C 223 13.96 3.72 14.57
N ARG C 224 14.58 4.01 15.72
CA ARG C 224 14.39 3.14 16.88
C ARG C 224 12.94 3.13 17.33
N CYS C 225 12.26 4.29 17.26
CA CYS C 225 10.85 4.34 17.61
C CYS C 225 10.01 3.52 16.64
N GLN C 226 10.39 3.47 15.37
CA GLN C 226 9.68 2.63 14.41
C GLN C 226 9.82 1.15 14.77
N ASP C 227 11.01 0.74 15.20
CA ASP C 227 11.19 -0.64 15.65
C ASP C 227 10.39 -0.91 16.92
N GLU C 228 10.34 0.06 17.83
CA GLU C 228 9.54 -0.09 19.03
C GLU C 228 8.06 -0.24 18.69
N SER C 229 7.58 0.58 17.75
CA SER C 229 6.19 0.45 17.32
C SER C 229 5.96 -0.89 16.63
N GLU C 230 6.94 -1.36 15.86
CA GLU C 230 6.81 -2.68 15.25
C GLU C 230 6.77 -3.78 16.29
N ALA C 231 7.57 -3.66 17.34
CA ALA C 231 7.53 -4.65 18.42
C ALA C 231 6.18 -4.62 19.12
N VAL C 232 5.64 -3.43 19.38
CA VAL C 232 4.30 -3.34 19.94
C VAL C 232 3.27 -3.81 18.94
N CYS C 233 3.44 -3.45 17.66
CA CYS C 233 2.52 -3.91 16.63
C CYS C 233 2.60 -5.42 16.44
N SER C 234 3.78 -6.01 16.69
CA SER C 234 3.90 -7.46 16.57
C SER C 234 2.99 -8.16 17.58
N GLU C 235 2.93 -7.65 18.81
CA GLU C 235 2.02 -8.22 19.80
C GLU C 235 0.57 -8.07 19.35
N TRP C 236 0.22 -6.91 18.79
CA TRP C 236 -1.13 -6.73 18.25
C TRP C 236 -1.39 -7.67 17.08
N LYS C 237 -0.39 -7.85 16.20
CA LYS C 237 -0.54 -8.80 15.11
C LYS C 237 -0.71 -10.21 15.63
N PHE C 238 0.08 -10.60 16.63
CA PHE C 238 -0.10 -11.91 17.25
C PHE C 238 -1.38 -11.96 18.07
N ALA C 239 -1.76 -10.85 18.70
CA ALA C 239 -3.00 -10.81 19.46
C ALA C 239 -4.20 -11.05 18.56
N ALA C 240 -4.20 -10.46 17.36
CA ALA C 240 -5.30 -10.67 16.44
C ALA C 240 -5.38 -12.13 16.00
N CYS C 241 -4.24 -12.82 15.94
CA CYS C 241 -4.25 -14.24 15.59
C CYS C 241 -4.91 -15.09 16.66
N VAL C 242 -4.92 -14.64 17.91
CA VAL C 242 -5.56 -15.40 18.98
C VAL C 242 -7.05 -15.52 18.72
N VAL C 243 -7.69 -14.42 18.31
CA VAL C 243 -9.12 -14.45 18.01
C VAL C 243 -9.39 -15.41 16.85
N ASP C 244 -8.58 -15.31 15.80
CA ASP C 244 -8.74 -16.22 14.66
C ASP C 244 -8.48 -17.65 15.07
N ARG C 245 -7.41 -17.89 15.84
CA ARG C 245 -7.12 -19.24 16.31
C ARG C 245 -8.18 -19.73 17.29
N LEU C 246 -8.60 -18.86 18.21
CA LEU C 246 -9.64 -19.25 19.16
C LEU C 246 -10.95 -19.56 18.45
N CYS C 247 -11.31 -18.75 17.45
CA CYS C 247 -12.55 -18.99 16.72
C CYS C 247 -12.47 -20.29 15.92
N LEU C 248 -11.29 -20.63 15.40
CA LEU C 248 -11.16 -21.87 14.65
C LEU C 248 -11.43 -23.08 15.53
N MET C 249 -10.83 -23.11 16.72
CA MET C 249 -11.05 -24.23 17.64
C MET C 249 -12.42 -24.15 18.29
N ALA C 250 -12.87 -22.93 18.65
CA ALA C 250 -14.17 -22.79 19.28
C ALA C 250 -15.29 -23.21 18.34
N PHE C 251 -15.23 -22.78 17.07
CA PHE C 251 -16.24 -23.14 16.10
C PHE C 251 -16.04 -24.55 15.55
N SER C 252 -14.85 -25.13 15.70
CA SER C 252 -14.63 -26.49 15.23
C SER C 252 -15.51 -27.48 15.99
N VAL C 253 -15.63 -27.31 17.30
CA VAL C 253 -16.49 -28.18 18.10
C VAL C 253 -17.94 -28.02 17.67
N PHE C 254 -18.38 -26.78 17.47
CA PHE C 254 -19.76 -26.54 17.03
C PHE C 254 -20.01 -27.16 15.66
N THR C 255 -19.05 -27.02 14.74
CA THR C 255 -19.21 -27.60 13.41
C THR C 255 -19.31 -29.11 13.50
N ILE C 256 -18.48 -29.74 14.34
CA ILE C 256 -18.55 -31.19 14.51
C ILE C 256 -19.91 -31.59 15.09
N ILE C 257 -20.39 -30.84 16.08
CA ILE C 257 -21.70 -31.14 16.67
C ILE C 257 -22.79 -30.98 15.62
N CYS C 258 -22.72 -29.92 14.82
CA CYS C 258 -23.73 -29.72 13.79
C CYS C 258 -23.73 -30.86 12.78
N THR C 259 -22.53 -31.31 12.37
CA THR C 259 -22.45 -32.43 11.44
C THR C 259 -23.06 -33.70 12.04
N ILE C 260 -22.77 -33.96 13.31
CA ILE C 260 -23.35 -35.14 13.97
C ILE C 260 -24.87 -35.02 14.02
N GLY C 261 -25.38 -33.83 14.37
CA GLY C 261 -26.82 -33.65 14.42
C GLY C 261 -27.49 -33.86 13.06
N ILE C 262 -26.83 -33.40 11.99
CA ILE C 262 -27.39 -33.57 10.66
C ILE C 262 -27.53 -35.04 10.32
N LEU C 263 -26.51 -35.84 10.63
CA LEU C 263 -26.56 -37.27 10.35
C LEU C 263 -27.56 -38.01 11.23
N MET C 264 -28.04 -37.38 12.30
CA MET C 264 -29.00 -38.00 13.20
C MET C 264 -30.41 -37.42 13.09
N SER C 265 -30.54 -36.15 12.70
CA SER C 265 -31.84 -35.51 12.58
C SER C 265 -32.40 -35.58 11.16
N ALA C 266 -31.53 -35.56 10.15
CA ALA C 266 -32.01 -35.63 8.77
C ALA C 266 -32.81 -36.89 8.49
N PRO C 267 -32.38 -38.09 8.90
CA PRO C 267 -33.19 -39.28 8.60
C PRO C 267 -34.58 -39.23 9.19
N ASN C 268 -34.77 -38.55 10.32
CA ASN C 268 -36.08 -38.46 10.95
C ASN C 268 -36.93 -37.35 10.35
N PHE C 269 -36.32 -36.23 9.97
CA PHE C 269 -37.03 -35.11 9.37
C PHE C 269 -36.91 -35.08 7.85
N VAL C 270 -35.69 -35.09 7.33
CA VAL C 270 -35.48 -35.07 5.89
C VAL C 270 -35.71 -36.46 5.31
N LEU D 7 -27.01 -28.74 -32.00
CA LEU D 7 -26.64 -28.75 -30.59
C LEU D 7 -26.83 -27.37 -29.97
N TYR D 8 -28.08 -26.96 -29.80
CA TYR D 8 -28.37 -25.65 -29.21
C TYR D 8 -28.04 -25.64 -27.73
N TYR D 9 -28.68 -26.52 -26.95
CA TYR D 9 -28.42 -26.58 -25.52
C TYR D 9 -27.10 -27.27 -25.19
N GLY D 10 -26.58 -28.09 -26.09
CA GLY D 10 -25.32 -28.76 -25.86
C GLY D 10 -24.13 -27.82 -25.87
N LEU D 11 -23.95 -27.11 -26.99
CA LEU D 11 -22.84 -26.17 -27.11
C LEU D 11 -22.98 -25.02 -26.13
N ASN D 12 -24.21 -24.54 -25.93
CA ASN D 12 -24.44 -23.40 -25.04
C ASN D 12 -24.15 -23.74 -23.58
N LEU D 13 -24.08 -25.03 -23.24
CA LEU D 13 -23.81 -25.44 -21.87
C LEU D 13 -22.49 -26.18 -21.70
N LEU D 14 -21.92 -26.74 -22.77
CA LEU D 14 -20.63 -27.42 -22.69
C LEU D 14 -19.46 -26.48 -22.94
N ILE D 15 -19.62 -25.53 -23.87
CA ILE D 15 -18.53 -24.60 -24.16
C ILE D 15 -18.15 -23.78 -22.93
N PRO D 16 -19.09 -23.21 -22.16
CA PRO D 16 -18.69 -22.42 -20.99
C PRO D 16 -17.86 -23.21 -19.98
N CYS D 17 -18.10 -24.53 -19.88
CA CYS D 17 -17.34 -25.33 -18.93
C CYS D 17 -15.85 -25.30 -19.26
N VAL D 18 -15.50 -25.36 -20.55
CA VAL D 18 -14.09 -25.30 -20.94
C VAL D 18 -13.49 -23.96 -20.57
N LEU D 19 -14.26 -22.88 -20.75
CA LEU D 19 -13.76 -21.55 -20.42
C LEU D 19 -13.42 -21.44 -18.94
N ILE D 20 -14.29 -21.96 -18.07
CA ILE D 20 -14.03 -21.91 -16.64
C ILE D 20 -12.78 -22.72 -16.29
N SER D 21 -12.65 -23.90 -16.88
CA SER D 21 -11.47 -24.72 -16.62
C SER D 21 -10.20 -24.03 -17.14
N ALA D 22 -10.27 -23.43 -18.32
CA ALA D 22 -9.11 -22.75 -18.87
C ALA D 22 -8.74 -21.54 -18.02
N LEU D 23 -9.74 -20.80 -17.51
CA LEU D 23 -9.46 -19.64 -16.68
C LEU D 23 -8.80 -20.04 -15.36
N ALA D 24 -9.16 -21.20 -14.82
CA ALA D 24 -8.56 -21.65 -13.56
C ALA D 24 -7.06 -21.86 -13.71
N LEU D 25 -6.63 -22.40 -14.85
CA LEU D 25 -5.21 -22.63 -15.06
C LEU D 25 -4.43 -21.32 -15.07
N LEU D 26 -5.01 -20.27 -15.64
CA LEU D 26 -4.32 -18.98 -15.68
C LEU D 26 -4.13 -18.41 -14.28
N VAL D 27 -5.02 -18.76 -13.34
CA VAL D 27 -4.88 -18.26 -11.98
C VAL D 27 -3.60 -18.80 -11.34
N PHE D 28 -3.26 -20.06 -11.63
CA PHE D 28 -2.06 -20.65 -11.05
C PHE D 28 -0.77 -20.07 -11.63
N LEU D 29 -0.85 -19.43 -12.79
CA LEU D 29 0.33 -18.84 -13.42
C LEU D 29 0.60 -17.41 -12.97
N LEU D 30 -0.29 -16.82 -12.17
CA LEU D 30 -0.08 -15.46 -11.72
C LEU D 30 1.06 -15.41 -10.70
N PRO D 31 1.78 -14.29 -10.62
CA PRO D 31 2.89 -14.19 -9.67
C PRO D 31 2.39 -14.20 -8.23
N ALA D 32 3.26 -14.70 -7.34
CA ALA D 32 2.92 -14.75 -5.92
C ALA D 32 2.90 -13.37 -5.29
N ASP D 33 3.63 -12.40 -5.86
CA ASP D 33 3.66 -11.07 -5.29
C ASP D 33 2.33 -10.33 -5.43
N SER D 34 1.45 -10.79 -6.29
CA SER D 34 0.15 -10.15 -6.51
C SER D 34 -0.79 -10.57 -5.38
N GLY D 35 -0.97 -9.68 -4.41
CA GLY D 35 -1.88 -9.94 -3.31
C GLY D 35 -3.34 -9.67 -3.60
N GLU D 36 -3.64 -8.99 -4.70
CA GLU D 36 -5.01 -8.68 -5.08
C GLU D 36 -5.59 -9.68 -6.07
N LYS D 37 -4.86 -10.75 -6.38
CA LYS D 37 -5.34 -11.75 -7.33
C LYS D 37 -6.44 -12.63 -6.75
N ILE D 38 -6.71 -12.54 -5.45
CA ILE D 38 -7.77 -13.36 -4.86
C ILE D 38 -9.12 -13.00 -5.47
N SER D 39 -9.31 -11.75 -5.86
CA SER D 39 -10.58 -11.35 -6.49
C SER D 39 -10.78 -12.06 -7.82
N LEU D 40 -9.69 -12.34 -8.54
CA LEU D 40 -9.83 -13.05 -9.82
C LEU D 40 -10.42 -14.44 -9.63
N GLY D 41 -9.97 -15.15 -8.60
CA GLY D 41 -10.53 -16.48 -8.34
C GLY D 41 -12.00 -16.44 -7.96
N ILE D 42 -12.43 -15.41 -7.25
CA ILE D 42 -13.83 -15.30 -6.87
C ILE D 42 -14.71 -15.13 -8.10
N THR D 43 -14.24 -14.34 -9.07
CA THR D 43 -15.02 -14.12 -10.29
C THR D 43 -15.24 -15.44 -11.04
N VAL D 44 -14.20 -16.26 -11.14
CA VAL D 44 -14.34 -17.54 -11.83
C VAL D 44 -15.37 -18.41 -11.13
N LEU D 45 -15.29 -18.49 -9.80
CA LEU D 45 -16.28 -19.26 -9.04
C LEU D 45 -17.66 -18.62 -9.17
N LEU D 46 -17.73 -17.29 -9.08
CA LEU D 46 -19.03 -16.61 -9.19
C LEU D 46 -19.65 -16.82 -10.57
N SER D 47 -18.82 -16.76 -11.63
CA SER D 47 -19.35 -16.95 -12.97
C SER D 47 -19.90 -18.35 -13.16
N LEU D 48 -19.22 -19.36 -12.62
CA LEU D 48 -19.69 -20.73 -12.76
C LEU D 48 -21.04 -20.91 -12.08
N THR D 49 -21.21 -20.33 -10.89
CA THR D 49 -22.48 -20.46 -10.18
C THR D 49 -23.62 -19.82 -10.96
N VAL D 50 -23.37 -18.66 -11.58
CA VAL D 50 -24.41 -17.99 -12.35
C VAL D 50 -24.86 -18.87 -13.52
N PHE D 51 -23.89 -19.45 -14.23
CA PHE D 51 -24.23 -20.33 -15.34
C PHE D 51 -24.76 -21.68 -14.89
N MET D 52 -24.46 -22.09 -13.65
CA MET D 52 -24.95 -23.37 -13.16
C MET D 52 -26.46 -23.36 -12.95
N LEU D 53 -27.04 -22.19 -12.69
CA LEU D 53 -28.48 -22.11 -12.50
C LEU D 53 -29.23 -22.51 -13.76
N LEU D 54 -28.73 -22.08 -14.93
CA LEU D 54 -29.40 -22.42 -16.17
C LEU D 54 -29.39 -23.93 -16.40
N VAL D 55 -28.27 -24.58 -16.10
CA VAL D 55 -28.18 -26.03 -16.30
C VAL D 55 -29.16 -26.76 -15.39
N ALA D 56 -29.37 -26.24 -14.18
CA ALA D 56 -30.29 -26.89 -13.25
C ALA D 56 -31.70 -26.95 -13.82
N GLU D 57 -32.16 -25.87 -14.44
CA GLU D 57 -33.49 -25.86 -15.04
C GLU D 57 -33.58 -26.88 -16.18
N ILE D 58 -32.54 -26.98 -16.99
CA ILE D 58 -32.55 -27.94 -18.09
C ILE D 58 -32.61 -29.37 -17.56
N MET D 59 -31.83 -29.67 -16.52
CA MET D 59 -31.82 -31.01 -15.97
C MET D 59 -33.18 -31.35 -15.41
N PRO D 60 -33.73 -32.53 -15.69
CA PRO D 60 -35.05 -32.87 -15.16
C PRO D 60 -35.03 -32.95 -13.64
N SER D 61 -36.16 -32.59 -13.03
CA SER D 61 -36.31 -32.63 -11.58
C SER D 61 -36.69 -34.04 -11.16
N THR D 62 -35.69 -34.92 -11.17
CA THR D 62 -35.88 -36.32 -10.82
C THR D 62 -35.66 -36.51 -9.31
N SER D 63 -35.74 -37.76 -8.87
CA SER D 63 -35.55 -38.13 -7.47
C SER D 63 -34.20 -38.77 -7.20
N ASP D 64 -33.75 -39.66 -8.08
CA ASP D 64 -32.46 -40.33 -7.91
C ASP D 64 -31.66 -40.44 -9.20
N SER D 65 -32.13 -39.87 -10.31
CA SER D 65 -31.43 -39.94 -11.59
C SER D 65 -30.61 -38.66 -11.76
N SER D 66 -29.33 -38.74 -11.43
CA SER D 66 -28.44 -37.59 -11.54
C SER D 66 -27.86 -37.54 -12.95
N PRO D 67 -28.12 -36.48 -13.73
CA PRO D 67 -27.53 -36.40 -15.07
C PRO D 67 -26.01 -36.35 -15.01
N SER D 68 -25.38 -36.89 -16.04
CA SER D 68 -23.92 -36.93 -16.09
C SER D 68 -23.30 -35.54 -16.18
N ILE D 69 -24.08 -34.53 -16.61
CA ILE D 69 -23.53 -33.18 -16.72
C ILE D 69 -23.11 -32.66 -15.35
N ALA D 70 -23.75 -33.13 -14.28
CA ALA D 70 -23.38 -32.68 -12.94
C ALA D 70 -21.97 -33.11 -12.58
N GLN D 71 -21.56 -34.31 -13.01
CA GLN D 71 -20.22 -34.78 -12.70
C GLN D 71 -19.15 -33.92 -13.38
N TYR D 72 -19.43 -33.44 -14.59
CA TYR D 72 -18.45 -32.61 -15.29
C TYR D 72 -18.14 -31.34 -14.52
N PHE D 73 -19.17 -30.68 -13.98
CA PHE D 73 -18.95 -29.46 -13.20
C PHE D 73 -18.31 -29.77 -11.86
N ALA D 74 -18.50 -30.98 -11.34
CA ALA D 74 -17.89 -31.34 -10.05
C ALA D 74 -16.37 -31.28 -10.13
N SER D 75 -15.79 -31.80 -11.21
CA SER D 75 -14.35 -31.74 -11.38
C SER D 75 -13.88 -30.30 -11.52
N THR D 76 -14.62 -29.49 -12.29
CA THR D 76 -14.24 -28.09 -12.46
C THR D 76 -14.31 -27.34 -11.14
N MET D 77 -15.35 -27.60 -10.34
CA MET D 77 -15.49 -26.91 -9.07
C MET D 77 -14.39 -27.28 -8.09
N ILE D 78 -13.84 -28.49 -8.22
CA ILE D 78 -12.73 -28.89 -7.35
C ILE D 78 -11.49 -28.06 -7.64
N ILE D 79 -11.17 -27.90 -8.92
CA ILE D 79 -10.02 -27.08 -9.30
C ILE D 79 -10.31 -25.60 -9.03
N VAL D 80 -11.50 -25.14 -9.41
CA VAL D 80 -11.86 -23.75 -9.17
C VAL D 80 -12.01 -23.50 -7.67
N GLY D 81 -12.62 -24.43 -6.95
CA GLY D 81 -12.77 -24.25 -5.51
C GLY D 81 -11.43 -24.16 -4.80
N LEU D 82 -10.47 -24.99 -5.19
CA LEU D 82 -9.14 -24.95 -4.60
C LEU D 82 -8.28 -23.82 -5.15
N SER D 83 -8.68 -23.20 -6.26
CA SER D 83 -7.91 -22.08 -6.81
C SER D 83 -7.87 -20.92 -5.83
N VAL D 84 -9.00 -20.62 -5.20
CA VAL D 84 -9.03 -19.54 -4.21
C VAL D 84 -8.11 -19.85 -3.05
N VAL D 85 -8.14 -21.09 -2.56
CA VAL D 85 -7.27 -21.48 -1.45
C VAL D 85 -5.81 -21.35 -1.85
N VAL D 86 -5.46 -21.79 -3.06
CA VAL D 86 -4.08 -21.70 -3.52
C VAL D 86 -3.62 -20.26 -3.57
N THR D 87 -4.46 -19.38 -4.11
CA THR D 87 -4.11 -17.96 -4.18
C THR D 87 -4.00 -17.36 -2.78
N VAL D 88 -4.74 -17.89 -1.81
CA VAL D 88 -4.67 -17.38 -0.45
C VAL D 88 -3.50 -18.00 0.32
N ILE D 89 -3.07 -19.22 -0.05
CA ILE D 89 -1.94 -19.84 0.61
C ILE D 89 -0.68 -19.00 0.40
N VAL D 90 -0.62 -18.25 -0.70
CA VAL D 90 0.55 -17.41 -0.96
C VAL D 90 0.75 -16.41 0.18
N LEU D 91 -0.34 -15.76 0.61
CA LEU D 91 -0.26 -14.82 1.72
C LEU D 91 -0.06 -15.53 3.06
N GLN D 92 -0.50 -16.80 3.17
CA GLN D 92 -0.32 -17.52 4.42
C GLN D 92 1.14 -17.68 4.78
N TYR D 93 1.98 -18.02 3.79
CA TYR D 93 3.40 -18.20 4.03
C TYR D 93 4.19 -16.90 3.90
N HIS D 94 3.72 -15.96 3.09
CA HIS D 94 4.44 -14.71 2.91
C HIS D 94 4.53 -13.92 4.21
N HIS D 95 3.42 -13.87 4.96
CA HIS D 95 3.40 -13.14 6.23
C HIS D 95 4.02 -13.92 7.38
N HIS D 96 4.22 -15.23 7.21
CA HIS D 96 4.81 -16.08 8.24
C HIS D 96 4.27 -15.76 9.62
N ASP D 97 2.97 -15.51 9.72
CA ASP D 97 2.35 -15.21 10.99
C ASP D 97 2.11 -16.50 11.78
N PRO D 98 1.91 -16.39 13.11
CA PRO D 98 1.66 -17.60 13.90
C PRO D 98 0.45 -18.38 13.43
N ASP D 99 -0.59 -17.70 12.94
CA ASP D 99 -1.80 -18.37 12.45
C ASP D 99 -1.59 -18.76 10.98
N GLY D 100 -0.75 -19.77 10.79
CA GLY D 100 -0.45 -20.26 9.47
C GLY D 100 0.77 -19.58 8.85
N GLY D 101 1.77 -20.38 8.49
CA GLY D 101 2.97 -19.83 7.88
C GLY D 101 3.99 -20.92 7.66
N LYS D 102 5.14 -20.51 7.15
CA LYS D 102 6.25 -21.43 6.89
C LYS D 102 7.19 -21.52 8.09
N MET D 103 6.62 -21.79 9.26
CA MET D 103 7.43 -21.93 10.46
C MET D 103 8.41 -23.08 10.38
N PRO D 104 8.02 -24.29 9.95
CA PRO D 104 8.98 -25.40 9.91
C PRO D 104 10.16 -25.09 9.00
N LYS D 105 11.35 -25.52 9.43
CA LYS D 105 12.56 -25.33 8.65
C LYS D 105 12.83 -26.48 7.69
N TRP D 106 12.30 -27.67 7.96
CA TRP D 106 12.54 -28.81 7.08
C TRP D 106 11.97 -28.56 5.68
N THR D 107 10.76 -27.98 5.61
CA THR D 107 10.14 -27.72 4.31
C THR D 107 10.89 -26.65 3.52
N ARG D 108 11.61 -25.76 4.19
CA ARG D 108 12.36 -24.73 3.47
C ARG D 108 13.53 -25.34 2.71
N VAL D 109 14.17 -26.36 3.27
CA VAL D 109 15.31 -26.99 2.60
C VAL D 109 14.86 -27.63 1.30
N ILE D 110 13.72 -28.33 1.32
CA ILE D 110 13.24 -29.02 0.13
C ILE D 110 12.95 -28.01 -0.98
N LEU D 111 12.30 -26.89 -0.64
CA LEU D 111 11.98 -25.89 -1.66
C LEU D 111 13.23 -25.20 -2.17
N LEU D 112 14.26 -25.09 -1.34
CA LEU D 112 15.50 -24.44 -1.79
C LEU D 112 16.13 -25.22 -2.94
N ASN D 113 16.15 -26.56 -2.84
CA ASN D 113 16.69 -27.37 -3.92
C ASN D 113 15.77 -27.33 -5.14
N TRP D 114 14.46 -27.28 -4.92
CA TRP D 114 13.52 -27.23 -6.04
C TRP D 114 13.65 -25.94 -6.83
N CYS D 115 13.97 -24.82 -6.16
CA CYS D 115 14.09 -23.55 -6.87
C CYS D 115 15.22 -23.62 -7.90
N ALA D 116 16.36 -24.21 -7.52
CA ALA D 116 17.46 -24.34 -8.47
C ALA D 116 17.19 -25.37 -9.55
N TRP D 117 16.28 -26.30 -9.31
CA TRP D 117 15.94 -27.31 -10.30
C TRP D 117 14.97 -26.81 -11.36
N PHE D 118 14.32 -25.67 -11.14
CA PHE D 118 13.38 -25.16 -12.13
C PHE D 118 14.08 -24.84 -13.44
N LEU D 119 15.25 -24.20 -13.37
CA LEU D 119 16.00 -23.88 -14.58
C LEU D 119 16.55 -25.14 -15.24
N ARG D 120 17.18 -26.00 -14.45
CA ARG D 120 17.75 -27.27 -14.94
C ARG D 120 17.40 -28.35 -13.93
N MET D 121 16.29 -29.05 -14.18
CA MET D 121 15.87 -30.13 -13.30
C MET D 121 16.85 -31.30 -13.38
N LYS D 122 17.02 -31.97 -12.24
CA LYS D 122 17.94 -33.10 -12.19
C LYS D 122 17.49 -34.27 -13.06
N ARG D 123 16.22 -34.30 -13.45
CA ARG D 123 15.73 -35.38 -14.28
C ARG D 123 16.30 -35.25 -15.70
N PRO D 124 16.29 -36.35 -16.46
CA PRO D 124 16.82 -36.28 -17.83
C PRO D 124 16.06 -35.33 -18.73
N GLY D 125 14.82 -35.00 -18.40
CA GLY D 125 14.04 -34.10 -19.24
C GLY D 125 14.65 -32.72 -19.37
N GLU D 126 15.41 -32.30 -18.36
CA GLU D 126 16.06 -31.00 -18.36
C GLU D 126 17.58 -31.07 -18.42
N ASP D 127 18.20 -32.07 -17.78
CA ASP D 127 19.66 -32.18 -17.82
C ASP D 127 20.15 -32.58 -19.20
N LYS D 128 19.34 -33.34 -19.96
CA LYS D 128 19.72 -33.78 -21.29
C LYS D 128 19.39 -32.75 -22.36
N VAL D 129 18.27 -32.05 -22.22
CA VAL D 129 17.85 -31.05 -23.21
C VAL D 129 18.49 -29.73 -22.80
N ARG D 130 19.73 -29.54 -23.22
CA ARG D 130 20.49 -28.34 -22.94
C ARG D 130 21.80 -28.41 -23.70
N PRO D 131 22.48 -27.29 -23.89
CA PRO D 131 23.78 -27.31 -24.59
C PRO D 131 24.76 -28.23 -23.89
N ALA D 132 25.40 -29.10 -24.67
CA ALA D 132 26.38 -30.05 -24.17
C ALA D 132 27.58 -30.07 -25.09
N CYS D 133 28.76 -30.24 -24.49
CA CYS D 133 30.02 -30.29 -25.24
C CYS D 133 31.06 -30.97 -24.36
N GLN D 134 32.29 -31.01 -24.85
CA GLN D 134 33.41 -31.61 -24.14
C GLN D 134 34.30 -30.59 -23.46
N HIS D 135 33.86 -29.33 -23.37
CA HIS D 135 34.66 -28.29 -22.76
C HIS D 135 34.76 -28.51 -21.25
N LYS D 136 35.79 -27.89 -20.66
CA LYS D 136 36.02 -28.03 -19.22
C LYS D 136 34.91 -27.40 -18.38
N GLN D 137 34.07 -26.56 -18.97
CA GLN D 137 32.99 -25.93 -18.20
C GLN D 137 31.95 -26.95 -17.74
N ARG D 138 31.91 -28.13 -18.34
CA ARG D 138 30.97 -29.19 -17.96
C ARG D 138 31.62 -30.26 -17.09
N ARG D 139 32.84 -30.02 -16.60
CA ARG D 139 33.56 -30.95 -15.76
C ARG D 139 33.56 -30.45 -14.32
N CYS D 140 34.26 -31.19 -13.45
CA CYS D 140 34.37 -30.87 -12.04
C CYS D 140 35.83 -30.85 -11.62
N SER D 141 36.14 -30.00 -10.66
CA SER D 141 37.50 -29.86 -10.15
C SER D 141 37.43 -29.49 -8.67
N LEU D 142 38.58 -29.14 -8.09
CA LEU D 142 38.62 -28.79 -6.68
C LEU D 142 37.80 -27.53 -6.42
N ALA D 143 37.89 -26.54 -7.31
CA ALA D 143 37.16 -25.29 -7.10
C ALA D 143 35.66 -25.51 -7.05
N SER D 144 35.14 -26.34 -7.95
CA SER D 144 33.70 -26.58 -7.98
C SER D 144 33.25 -27.37 -6.76
N VAL D 145 34.05 -28.33 -6.33
CA VAL D 145 33.72 -29.17 -5.18
C VAL D 145 34.21 -28.44 -3.93
N GLU D 146 33.27 -27.86 -3.18
CA GLU D 146 33.58 -27.13 -1.96
C GLU D 146 33.25 -27.94 -0.70
N MET D 147 33.12 -29.26 -0.83
CA MET D 147 32.81 -30.08 0.33
C MET D 147 33.96 -30.15 1.32
N SER D 148 35.19 -29.89 0.86
CA SER D 148 36.37 -29.91 1.72
C SER D 148 36.85 -28.50 2.08
N ALA D 149 35.92 -27.56 2.22
CA ALA D 149 36.25 -26.18 2.58
C ALA D 149 37.15 -25.55 1.51
N VAL D 150 36.73 -25.66 0.26
CA VAL D 150 37.45 -25.10 -0.87
C VAL D 150 36.73 -23.85 -1.34
N ALA D 151 37.47 -22.76 -1.50
CA ALA D 151 36.87 -21.51 -1.93
C ALA D 151 36.34 -21.65 -3.35
N PRO D 152 35.10 -21.25 -3.61
CA PRO D 152 34.56 -21.36 -4.97
C PRO D 152 35.18 -20.31 -5.88
N PRO D 153 35.03 -20.46 -7.20
CA PRO D 153 35.60 -19.48 -8.12
C PRO D 153 35.05 -18.10 -7.86
N PRO D 154 35.86 -17.05 -8.01
CA PRO D 154 35.35 -15.69 -7.77
C PRO D 154 34.16 -15.37 -8.64
N ALA D 155 33.04 -15.04 -8.01
CA ALA D 155 31.82 -14.68 -8.73
C ALA D 155 30.96 -13.82 -7.82
N SER D 156 30.04 -13.09 -8.45
CA SER D 156 29.11 -12.20 -7.74
C SER D 156 27.76 -12.86 -7.49
N ASN D 157 27.63 -14.16 -7.77
CA ASN D 157 26.36 -14.86 -7.63
C ASN D 157 26.26 -15.60 -6.29
N GLY D 158 27.16 -15.34 -5.36
CA GLY D 158 27.12 -15.97 -4.06
C GLY D 158 28.35 -16.83 -3.77
N ASN D 159 29.45 -16.53 -4.43
CA ASN D 159 30.70 -17.25 -4.26
C ASN D 159 31.78 -16.41 -3.58
N LEU D 160 32.09 -15.23 -4.13
CA LEU D 160 33.08 -14.35 -3.54
C LEU D 160 32.46 -13.41 -2.51
N LEU D 161 31.22 -12.98 -2.73
CA LEU D 161 30.57 -12.09 -1.78
C LEU D 161 30.30 -12.78 -0.45
N TYR D 162 30.03 -14.09 -0.47
CA TYR D 162 29.74 -14.80 0.76
C TYR D 162 30.93 -14.77 1.71
N ILE D 163 32.14 -14.99 1.18
CA ILE D 163 33.33 -14.96 2.02
C ILE D 163 33.67 -13.55 2.49
N GLY D 164 33.20 -12.53 1.77
CA GLY D 164 33.50 -11.15 2.14
C GLY D 164 32.71 -10.66 3.33
N PHE D 165 31.39 -10.62 3.20
CA PHE D 165 30.51 -10.11 4.25
C PHE D 165 29.93 -11.20 5.14
N ARG D 166 29.52 -12.33 4.56
CA ARG D 166 28.96 -13.42 5.33
C ARG D 166 30.02 -14.34 5.92
N GLY D 167 31.29 -14.14 5.59
CA GLY D 167 32.35 -14.97 6.13
C GLY D 167 32.86 -14.47 7.46
N LEU D 168 32.01 -14.55 8.49
CA LEU D 168 32.38 -14.09 9.81
C LEU D 168 33.43 -15.02 10.42
N ASP D 169 34.14 -14.49 11.43
CA ASP D 169 35.20 -15.24 12.12
C ASP D 169 36.26 -15.71 11.13
N GLY D 170 36.60 -14.85 10.17
CA GLY D 170 37.61 -15.17 9.17
C GLY D 170 38.65 -14.09 9.03
N VAL D 171 39.33 -14.06 7.88
CA VAL D 171 40.38 -13.06 7.67
C VAL D 171 39.78 -11.65 7.67
N HIS D 172 38.58 -11.51 7.10
CA HIS D 172 37.95 -10.19 7.04
C HIS D 172 37.65 -9.65 8.43
N CYS D 173 37.16 -10.50 9.33
CA CYS D 173 36.79 -10.06 10.67
C CYS D 173 37.94 -10.24 11.65
N VAL D 174 38.44 -11.46 11.80
CA VAL D 174 39.50 -11.77 12.75
C VAL D 174 40.66 -12.43 12.02
N PRO D 175 41.62 -11.65 11.51
CA PRO D 175 42.77 -12.28 10.81
C PRO D 175 43.77 -12.89 11.79
N THR D 176 43.40 -14.04 12.34
CA THR D 176 44.26 -14.73 13.31
C THR D 176 45.63 -15.07 12.73
N PRO D 177 45.74 -15.61 11.52
CA PRO D 177 47.07 -15.93 10.99
C PRO D 177 47.95 -14.69 10.89
N ASP D 178 49.23 -14.87 11.17
CA ASP D 178 50.20 -13.77 11.14
C ASP D 178 50.56 -13.48 9.69
N SER D 179 49.85 -12.52 9.08
CA SER D 179 50.13 -12.17 7.69
C SER D 179 51.42 -11.37 7.57
N GLY D 180 51.76 -10.58 8.59
CA GLY D 180 52.96 -9.78 8.54
C GLY D 180 52.93 -8.69 7.48
N VAL D 181 51.77 -8.07 7.28
CA VAL D 181 51.61 -7.00 6.29
C VAL D 181 51.30 -5.68 6.97
N VAL D 182 50.48 -5.68 8.01
CA VAL D 182 50.12 -4.43 8.70
C VAL D 182 51.36 -3.80 9.32
N CYS D 183 52.19 -4.61 9.98
CA CYS D 183 53.41 -4.13 10.63
C CYS D 183 54.66 -4.83 10.11
N GLY D 184 54.57 -5.46 8.94
CA GLY D 184 55.71 -6.15 8.36
C GLY D 184 56.03 -5.69 6.96
N ARG D 185 55.08 -5.02 6.31
CA ARG D 185 55.24 -4.52 4.96
C ARG D 185 54.77 -3.08 4.90
N MET D 186 54.87 -2.48 3.71
CA MET D 186 54.48 -1.09 3.48
C MET D 186 53.23 -0.99 2.62
N ALA D 187 52.36 -2.01 2.68
CA ALA D 187 51.14 -2.04 1.89
C ALA D 187 50.07 -1.23 2.63
N CYS D 188 50.13 0.09 2.44
CA CYS D 188 49.19 1.02 3.05
C CYS D 188 49.19 0.91 4.58
N SER D 189 50.34 0.58 5.16
CA SER D 189 50.47 0.47 6.60
C SER D 189 51.94 0.61 6.98
N PRO D 190 52.25 1.29 8.08
CA PRO D 190 53.67 1.42 8.46
C PRO D 190 54.26 0.09 8.86
N THR D 191 55.57 -0.04 8.61
CA THR D 191 56.30 -1.27 8.95
C THR D 191 56.76 -1.19 10.41
N HIS D 192 55.79 -1.38 11.30
CA HIS D 192 56.04 -1.33 12.74
C HIS D 192 56.75 -0.04 13.13
N ASP D 193 56.29 1.08 12.56
CA ASP D 193 56.87 2.39 12.83
C ASP D 193 56.19 2.98 14.05
N GLU D 194 56.87 2.91 15.20
CA GLU D 194 56.33 3.46 16.43
C GLU D 194 56.53 4.97 16.56
N HIS D 195 57.30 5.57 15.65
CA HIS D 195 57.56 7.01 15.69
C HIS D 195 56.69 7.78 14.69
N LEU D 196 55.67 7.15 14.12
CA LEU D 196 54.79 7.80 13.15
C LEU D 196 53.77 8.64 13.92
N LEU D 197 54.23 9.82 14.35
CA LEU D 197 53.39 10.74 15.10
C LEU D 197 52.63 11.63 14.13
N HIS D 198 51.33 11.78 14.37
CA HIS D 198 50.46 12.61 13.51
C HIS D 198 50.53 14.07 13.99
N GLY D 199 51.71 14.65 13.78
CA GLY D 199 51.92 16.04 14.18
C GLY D 199 51.78 16.27 15.67
N GLY D 200 52.35 15.37 16.49
CA GLY D 200 52.24 15.48 17.93
C GLY D 200 50.98 14.91 18.52
N GLN D 201 50.14 14.27 17.72
CA GLN D 201 48.89 13.69 18.18
C GLN D 201 48.80 12.25 17.70
N PRO D 202 47.97 11.44 18.35
CA PRO D 202 47.84 10.03 17.93
C PRO D 202 47.34 9.93 16.50
N PRO D 203 47.29 8.71 15.94
CA PRO D 203 46.82 8.56 14.55
C PRO D 203 45.43 9.13 14.33
N GLU D 204 44.54 9.01 15.31
CA GLU D 204 43.18 9.54 15.20
C GLU D 204 43.17 10.99 15.69
N GLY D 205 42.77 11.90 14.81
CA GLY D 205 42.74 13.31 15.17
C GLY D 205 41.64 13.69 16.13
N ASP D 206 40.57 12.89 16.19
CA ASP D 206 39.45 13.18 17.08
C ASP D 206 38.73 11.88 17.44
N PRO D 207 38.80 11.44 18.70
CA PRO D 207 38.07 10.22 19.08
C PRO D 207 36.56 10.34 18.96
N ASP D 208 36.01 11.55 18.90
CA ASP D 208 34.56 11.72 18.82
C ASP D 208 33.99 11.13 17.54
N LEU D 209 34.80 11.00 16.48
CA LEU D 209 34.29 10.41 15.24
C LEU D 209 33.96 8.94 15.40
N ALA D 210 34.61 8.26 16.34
CA ALA D 210 34.32 6.85 16.57
C ALA D 210 32.88 6.66 17.03
N LYS D 211 32.41 7.52 17.93
CA LYS D 211 31.02 7.43 18.39
C LYS D 211 30.05 7.67 17.23
N ILE D 212 30.36 8.64 16.38
CA ILE D 212 29.49 8.93 15.23
C ILE D 212 29.44 7.73 14.29
N LEU D 213 30.59 7.09 14.06
CA LEU D 213 30.62 5.94 13.16
C LEU D 213 29.73 4.82 13.68
N GLU D 214 29.78 4.55 14.99
CA GLU D 214 28.92 3.52 15.56
C GLU D 214 27.45 3.91 15.45
N GLU D 215 27.13 5.18 15.72
CA GLU D 215 25.75 5.64 15.58
C GLU D 215 25.31 5.60 14.12
N VAL D 216 26.19 6.02 13.20
CA VAL D 216 25.85 5.98 11.79
C VAL D 216 25.73 4.54 11.31
N ARG D 217 26.59 3.65 11.83
CA ARG D 217 26.51 2.25 11.43
C ARG D 217 25.19 1.62 11.85
N TYR D 218 24.58 2.10 12.93
CA TYR D 218 23.29 1.58 13.34
C TYR D 218 22.23 1.83 12.28
N ILE D 219 22.22 3.04 11.70
CA ILE D 219 21.28 3.34 10.61
C ILE D 219 21.56 2.43 9.42
N ALA D 220 22.83 2.27 9.05
CA ALA D 220 23.18 1.37 7.97
C ALA D 220 22.87 -0.07 8.34
N ASN D 221 23.10 -0.45 9.60
CA ASN D 221 22.78 -1.80 10.03
C ASN D 221 21.30 -2.09 9.93
N ARG D 222 20.46 -1.10 10.29
CA ARG D 222 19.02 -1.29 10.16
C ARG D 222 18.63 -1.52 8.70
N PHE D 223 19.22 -0.76 7.78
CA PHE D 223 18.98 -1.00 6.36
C PHE D 223 19.49 -2.36 5.93
N ARG D 224 20.62 -2.80 6.49
CA ARG D 224 21.12 -4.13 6.17
C ARG D 224 20.14 -5.21 6.62
N CYS D 225 19.51 -5.02 7.78
CA CYS D 225 18.51 -5.97 8.24
C CYS D 225 17.31 -6.01 7.30
N GLN D 226 16.91 -4.86 6.74
CA GLN D 226 15.83 -4.85 5.77
C GLN D 226 16.21 -5.65 4.53
N ASP D 227 17.45 -5.52 4.06
CA ASP D 227 17.91 -6.31 2.94
C ASP D 227 17.93 -7.80 3.29
N GLU D 228 18.37 -8.12 4.51
CA GLU D 228 18.35 -9.52 4.95
C GLU D 228 16.93 -10.06 4.99
N SER D 229 16.00 -9.26 5.51
CA SER D 229 14.60 -9.69 5.52
C SER D 229 14.06 -9.84 4.11
N GLU D 230 14.47 -8.95 3.19
CA GLU D 230 14.05 -9.08 1.80
C GLU D 230 14.63 -10.35 1.18
N ALA D 231 15.87 -10.68 1.49
CA ALA D 231 16.45 -11.93 0.98
C ALA D 231 15.72 -13.13 1.55
N VAL D 232 15.39 -13.11 2.84
CA VAL D 232 14.59 -14.19 3.41
C VAL D 232 13.19 -14.17 2.82
N CYS D 233 12.61 -12.98 2.65
CA CYS D 233 11.29 -12.88 2.03
C CYS D 233 11.32 -13.31 0.57
N SER D 234 12.47 -13.16 -0.09
CA SER D 234 12.57 -13.61 -1.48
C SER D 234 12.36 -15.12 -1.58
N GLU D 235 12.95 -15.88 -0.65
CA GLU D 235 12.73 -17.33 -0.63
C GLU D 235 11.26 -17.64 -0.38
N TRP D 236 10.62 -16.92 0.55
CA TRP D 236 9.20 -17.11 0.78
C TRP D 236 8.39 -16.74 -0.45
N LYS D 237 8.76 -15.64 -1.12
CA LYS D 237 8.07 -15.26 -2.36
C LYS D 237 8.25 -16.34 -3.42
N PHE D 238 9.46 -16.87 -3.56
CA PHE D 238 9.69 -17.96 -4.50
C PHE D 238 9.07 -19.26 -4.00
N ALA D 239 9.06 -19.46 -2.67
CA ALA D 239 8.43 -20.66 -2.12
C ALA D 239 6.94 -20.69 -2.42
N ALA D 240 6.27 -19.54 -2.33
CA ALA D 240 4.85 -19.49 -2.64
C ALA D 240 4.60 -19.81 -4.11
N CYS D 241 5.54 -19.47 -4.99
CA CYS D 241 5.39 -19.80 -6.41
C CYS D 241 5.46 -21.29 -6.66
N VAL D 242 6.13 -22.05 -5.78
CA VAL D 242 6.20 -23.50 -5.97
C VAL D 242 4.80 -24.11 -5.87
N VAL D 243 4.01 -23.67 -4.89
CA VAL D 243 2.65 -24.19 -4.74
C VAL D 243 1.82 -23.83 -5.97
N ASP D 244 1.92 -22.59 -6.42
CA ASP D 244 1.18 -22.18 -7.62
C ASP D 244 1.69 -22.94 -8.85
N ARG D 245 3.01 -23.09 -8.99
CA ARG D 245 3.55 -23.84 -10.10
C ARG D 245 3.21 -25.32 -9.99
N LEU D 246 3.33 -25.88 -8.79
CA LEU D 246 2.99 -27.29 -8.58
C LEU D 246 1.51 -27.54 -8.86
N CYS D 247 0.64 -26.64 -8.41
CA CYS D 247 -0.79 -26.80 -8.66
C CYS D 247 -1.12 -26.71 -10.14
N LEU D 248 -0.40 -25.85 -10.88
CA LEU D 248 -0.65 -25.73 -12.31
C LEU D 248 -0.35 -27.03 -13.03
N MET D 249 0.80 -27.64 -12.75
CA MET D 249 1.16 -28.90 -13.38
C MET D 249 0.36 -30.06 -12.79
N ALA D 250 0.14 -30.05 -11.47
CA ALA D 250 -0.61 -31.13 -10.84
C ALA D 250 -2.05 -31.17 -11.35
N PHE D 251 -2.70 -30.01 -11.44
CA PHE D 251 -4.06 -29.96 -11.94
C PHE D 251 -4.14 -30.02 -13.46
N SER D 252 -3.03 -29.79 -14.16
CA SER D 252 -3.04 -29.89 -15.62
C SER D 252 -3.35 -31.31 -16.06
N VAL D 253 -2.76 -32.30 -15.39
CA VAL D 253 -3.03 -33.69 -15.74
C VAL D 253 -4.48 -34.03 -15.45
N PHE D 254 -5.00 -33.58 -14.31
CA PHE D 254 -6.40 -33.85 -13.97
C PHE D 254 -7.34 -33.18 -14.98
N THR D 255 -7.02 -31.95 -15.39
CA THR D 255 -7.86 -31.26 -16.37
C THR D 255 -7.85 -32.01 -17.70
N ILE D 256 -6.69 -32.50 -18.13
CA ILE D 256 -6.61 -33.26 -19.37
C ILE D 256 -7.42 -34.54 -19.24
N ILE D 257 -7.30 -35.23 -18.10
CA ILE D 257 -8.08 -36.45 -17.90
C ILE D 257 -9.57 -36.15 -17.90
N CYS D 258 -9.97 -35.06 -17.25
CA CYS D 258 -11.38 -34.70 -17.23
C CYS D 258 -11.89 -34.40 -18.64
N THR D 259 -11.10 -33.68 -19.44
CA THR D 259 -11.51 -33.39 -20.81
C THR D 259 -11.65 -34.68 -21.62
N ILE D 260 -10.72 -35.61 -21.45
CA ILE D 260 -10.80 -36.88 -22.17
C ILE D 260 -12.05 -37.64 -21.74
N GLY D 261 -12.33 -37.67 -20.43
CA GLY D 261 -13.52 -38.37 -19.96
C GLY D 261 -14.79 -37.78 -20.51
N ILE D 262 -14.84 -36.44 -20.63
CA ILE D 262 -16.04 -35.80 -21.16
C ILE D 262 -16.28 -36.23 -22.60
N LEU D 263 -15.22 -36.27 -23.41
CA LEU D 263 -15.34 -36.67 -24.80
C LEU D 263 -15.69 -38.15 -24.96
N MET D 264 -15.56 -38.95 -23.89
CA MET D 264 -15.87 -40.37 -23.94
C MET D 264 -17.12 -40.76 -23.17
N SER D 265 -17.47 -40.00 -22.12
CA SER D 265 -18.64 -40.31 -21.32
C SER D 265 -19.88 -39.55 -21.79
N ALA D 266 -19.71 -38.35 -22.33
CA ALA D 266 -20.86 -37.58 -22.79
C ALA D 266 -21.64 -38.29 -23.88
N PRO D 267 -21.01 -38.88 -24.91
CA PRO D 267 -21.80 -39.57 -25.94
C PRO D 267 -22.67 -40.70 -25.40
N ASN D 268 -22.22 -41.38 -24.34
CA ASN D 268 -22.99 -42.47 -23.77
C ASN D 268 -24.06 -42.00 -22.79
N PHE D 269 -23.79 -40.93 -22.04
CA PHE D 269 -24.75 -40.39 -21.08
C PHE D 269 -25.49 -39.18 -21.63
N VAL D 270 -24.76 -38.15 -22.08
CA VAL D 270 -25.38 -36.95 -22.62
C VAL D 270 -25.87 -37.22 -24.05
N LEU E 7 -39.27 -0.86 -32.13
CA LEU E 7 -38.66 -2.11 -31.70
C LEU E 7 -38.44 -2.12 -30.19
N TYR E 8 -39.19 -2.98 -29.49
CA TYR E 8 -39.07 -3.07 -28.04
C TYR E 8 -37.79 -3.81 -27.67
N TYR E 9 -37.67 -5.08 -28.09
CA TYR E 9 -36.48 -5.86 -27.80
C TYR E 9 -35.30 -5.47 -28.69
N GLY E 10 -35.55 -4.82 -29.81
CA GLY E 10 -34.45 -4.41 -30.68
C GLY E 10 -33.57 -3.36 -30.04
N LEU E 11 -34.17 -2.39 -29.34
CA LEU E 11 -33.44 -1.34 -28.67
C LEU E 11 -33.11 -1.66 -27.21
N ASN E 12 -33.47 -2.86 -26.74
CA ASN E 12 -33.19 -3.27 -25.37
C ASN E 12 -32.21 -4.43 -25.28
N LEU E 13 -31.90 -5.09 -26.40
CA LEU E 13 -30.97 -6.21 -26.42
C LEU E 13 -29.74 -5.96 -27.29
N LEU E 14 -29.84 -5.09 -28.29
CA LEU E 14 -28.70 -4.78 -29.14
C LEU E 14 -27.90 -3.59 -28.61
N ILE E 15 -28.57 -2.58 -28.07
CA ILE E 15 -27.85 -1.41 -27.55
C ILE E 15 -26.90 -1.79 -26.42
N PRO E 16 -27.28 -2.62 -25.45
CA PRO E 16 -26.32 -2.98 -24.38
C PRO E 16 -25.06 -3.64 -24.92
N CYS E 17 -25.15 -4.36 -26.04
CA CYS E 17 -23.96 -5.01 -26.59
C CYS E 17 -22.89 -3.99 -26.95
N VAL E 18 -23.30 -2.86 -27.55
CA VAL E 18 -22.33 -1.83 -27.91
C VAL E 18 -21.67 -1.25 -26.67
N LEU E 19 -22.44 -1.09 -25.59
CA LEU E 19 -21.88 -0.54 -24.36
C LEU E 19 -20.78 -1.45 -23.81
N ILE E 20 -21.00 -2.76 -23.82
CA ILE E 20 -19.99 -3.69 -23.32
C ILE E 20 -18.73 -3.62 -24.18
N SER E 21 -18.89 -3.59 -25.50
CA SER E 21 -17.74 -3.51 -26.38
C SER E 21 -16.99 -2.20 -26.18
N ALA E 22 -17.72 -1.08 -26.04
CA ALA E 22 -17.07 0.20 -25.82
C ALA E 22 -16.34 0.23 -24.49
N LEU E 23 -16.93 -0.36 -23.44
CA LEU E 23 -16.28 -0.38 -22.14
C LEU E 23 -14.99 -1.18 -22.18
N ALA E 24 -14.97 -2.27 -22.95
CA ALA E 24 -13.76 -3.10 -23.02
C ALA E 24 -12.59 -2.31 -23.60
N LEU E 25 -12.84 -1.46 -24.59
CA LEU E 25 -11.77 -0.67 -25.18
C LEU E 25 -11.16 0.28 -24.16
N LEU E 26 -11.99 0.86 -23.29
CA LEU E 26 -11.48 1.79 -22.29
C LEU E 26 -10.56 1.08 -21.29
N VAL E 27 -10.77 -0.21 -21.06
CA VAL E 27 -9.93 -0.95 -20.12
C VAL E 27 -8.50 -1.01 -20.63
N PHE E 28 -8.33 -1.15 -21.95
CA PHE E 28 -6.99 -1.24 -22.52
C PHE E 28 -6.24 0.09 -22.46
N LEU E 29 -6.95 1.19 -22.25
CA LEU E 29 -6.33 2.51 -22.18
C LEU E 29 -5.91 2.89 -20.76
N LEU E 30 -6.22 2.07 -19.76
CA LEU E 30 -5.87 2.40 -18.39
C LEU E 30 -4.36 2.25 -18.20
N PRO E 31 -3.77 3.01 -17.28
CA PRO E 31 -2.32 2.90 -17.05
C PRO E 31 -1.95 1.55 -16.45
N ALA E 32 -0.73 1.10 -16.75
CA ALA E 32 -0.23 -0.15 -16.22
C ALA E 32 0.04 -0.08 -14.72
N ASP E 33 0.30 1.11 -14.19
CA ASP E 33 0.59 1.25 -12.77
C ASP E 33 -0.63 1.00 -11.90
N SER E 34 -1.84 1.01 -12.48
CA SER E 34 -3.06 0.80 -11.72
C SER E 34 -3.24 -0.70 -11.50
N GLY E 35 -2.90 -1.17 -10.30
CA GLY E 35 -3.06 -2.57 -9.96
C GLY E 35 -4.45 -2.96 -9.53
N GLU E 36 -5.32 -1.99 -9.24
CA GLU E 36 -6.69 -2.25 -8.82
C GLU E 36 -7.68 -2.22 -9.98
N LYS E 37 -7.20 -2.05 -11.21
CA LYS E 37 -8.08 -2.00 -12.37
C LYS E 37 -8.65 -3.36 -12.74
N ILE E 38 -8.16 -4.44 -12.13
CA ILE E 38 -8.70 -5.77 -12.45
C ILE E 38 -10.17 -5.85 -12.09
N SER E 39 -10.60 -5.13 -11.05
CA SER E 39 -12.01 -5.14 -10.68
C SER E 39 -12.88 -4.53 -11.77
N LEU E 40 -12.36 -3.56 -12.52
CA LEU E 40 -13.13 -2.96 -13.60
C LEU E 40 -13.46 -3.98 -14.67
N GLY E 41 -12.50 -4.84 -15.04
CA GLY E 41 -12.77 -5.87 -16.02
C GLY E 41 -13.80 -6.88 -15.57
N ILE E 42 -13.80 -7.21 -14.28
CA ILE E 42 -14.78 -8.16 -13.76
C ILE E 42 -16.19 -7.61 -13.89
N THR E 43 -16.36 -6.30 -13.64
CA THR E 43 -17.68 -5.70 -13.74
C THR E 43 -18.22 -5.78 -15.16
N VAL E 44 -17.36 -5.53 -16.15
CA VAL E 44 -17.80 -5.61 -17.54
C VAL E 44 -18.25 -7.03 -17.87
N LEU E 45 -17.45 -8.01 -17.46
CA LEU E 45 -17.84 -9.41 -17.68
C LEU E 45 -19.09 -9.76 -16.89
N LEU E 46 -19.18 -9.31 -15.63
CA LEU E 46 -20.35 -9.59 -14.82
C LEU E 46 -21.61 -8.94 -15.41
N SER E 47 -21.48 -7.70 -15.88
CA SER E 47 -22.63 -7.01 -16.45
C SER E 47 -23.15 -7.74 -17.69
N LEU E 48 -22.24 -8.21 -18.55
CA LEU E 48 -22.67 -8.92 -19.75
C LEU E 48 -23.43 -10.19 -19.40
N THR E 49 -22.95 -10.93 -18.40
CA THR E 49 -23.63 -12.16 -18.01
C THR E 49 -25.03 -11.87 -17.46
N VAL E 50 -25.17 -10.80 -16.70
CA VAL E 50 -26.48 -10.44 -16.15
C VAL E 50 -27.47 -10.16 -17.28
N PHE E 51 -27.04 -9.39 -18.28
CA PHE E 51 -27.91 -9.09 -19.41
C PHE E 51 -28.04 -10.26 -20.38
N MET E 52 -27.12 -11.22 -20.34
CA MET E 52 -27.22 -12.37 -21.23
C MET E 52 -28.37 -13.29 -20.85
N LEU E 53 -28.76 -13.31 -19.57
CA LEU E 53 -29.87 -14.15 -19.14
C LEU E 53 -31.17 -13.74 -19.83
N LEU E 54 -31.41 -12.44 -19.95
CA LEU E 54 -32.63 -11.98 -20.59
C LEU E 54 -32.68 -12.41 -22.05
N VAL E 55 -31.56 -12.33 -22.76
CA VAL E 55 -31.54 -12.73 -24.16
C VAL E 55 -31.83 -14.22 -24.31
N ALA E 56 -31.35 -15.02 -23.36
CA ALA E 56 -31.58 -16.46 -23.42
C ALA E 56 -33.07 -16.79 -23.41
N GLU E 57 -33.83 -16.10 -22.56
CA GLU E 57 -35.28 -16.34 -22.50
C GLU E 57 -35.94 -15.98 -23.82
N ILE E 58 -35.53 -14.86 -24.43
CA ILE E 58 -36.11 -14.45 -25.70
C ILE E 58 -35.81 -15.47 -26.79
N MET E 59 -34.58 -15.97 -26.84
CA MET E 59 -34.22 -16.94 -27.85
C MET E 59 -35.04 -18.21 -27.68
N PRO E 60 -35.62 -18.76 -28.75
CA PRO E 60 -36.41 -19.98 -28.61
C PRO E 60 -35.57 -21.15 -28.12
N SER E 61 -36.20 -22.03 -27.34
CA SER E 61 -35.54 -23.21 -26.80
C SER E 61 -35.58 -24.31 -27.86
N THR E 62 -34.70 -24.17 -28.86
CA THR E 62 -34.61 -25.12 -29.95
C THR E 62 -33.60 -26.21 -29.61
N SER E 63 -33.37 -27.10 -30.56
CA SER E 63 -32.42 -28.21 -30.41
C SER E 63 -31.14 -28.02 -31.20
N ASP E 64 -31.23 -27.49 -32.43
CA ASP E 64 -30.05 -27.26 -33.25
C ASP E 64 -30.08 -25.93 -33.98
N SER E 65 -31.08 -25.08 -33.77
CA SER E 65 -31.19 -23.79 -34.42
C SER E 65 -30.63 -22.73 -33.48
N SER E 66 -29.39 -22.30 -33.72
CA SER E 66 -28.75 -21.30 -32.89
C SER E 66 -29.02 -19.92 -33.46
N PRO E 67 -29.70 -19.02 -32.74
CA PRO E 67 -29.93 -17.67 -33.27
C PRO E 67 -28.62 -16.93 -33.50
N SER E 68 -28.63 -16.05 -34.50
CA SER E 68 -27.43 -15.29 -34.83
C SER E 68 -27.01 -14.33 -33.71
N ILE E 69 -27.93 -13.99 -32.81
CA ILE E 69 -27.60 -13.08 -31.73
C ILE E 69 -26.53 -13.67 -30.83
N ALA E 70 -26.46 -15.00 -30.74
CA ALA E 70 -25.45 -15.63 -29.90
C ALA E 70 -24.05 -15.37 -30.44
N GLN E 71 -23.90 -15.35 -31.77
CA GLN E 71 -22.58 -15.10 -32.36
C GLN E 71 -22.09 -13.69 -32.06
N TYR E 72 -23.00 -12.72 -31.99
CA TYR E 72 -22.59 -11.35 -31.72
C TYR E 72 -21.96 -11.23 -30.34
N PHE E 73 -22.54 -11.89 -29.33
CA PHE E 73 -21.98 -11.85 -28.00
C PHE E 73 -20.70 -12.67 -27.89
N ALA E 74 -20.51 -13.66 -28.77
CA ALA E 74 -19.30 -14.46 -28.72
C ALA E 74 -18.07 -13.61 -28.98
N SER E 75 -18.12 -12.72 -29.97
CA SER E 75 -17.01 -11.84 -30.23
C SER E 75 -16.75 -10.89 -29.07
N THR E 76 -17.82 -10.36 -28.48
CA THR E 76 -17.66 -9.45 -27.34
C THR E 76 -17.03 -10.17 -26.16
N MET E 77 -17.46 -11.41 -25.90
CA MET E 77 -16.91 -12.16 -24.77
C MET E 77 -15.44 -12.49 -24.98
N ILE E 78 -15.01 -12.65 -26.23
CA ILE E 78 -13.59 -12.92 -26.50
C ILE E 78 -12.74 -11.71 -26.11
N ILE E 79 -13.18 -10.52 -26.49
CA ILE E 79 -12.46 -9.31 -26.13
C ILE E 79 -12.59 -9.04 -24.64
N VAL E 80 -13.81 -9.16 -24.11
CA VAL E 80 -14.02 -8.94 -22.68
C VAL E 80 -13.32 -10.02 -21.86
N GLY E 81 -13.41 -11.27 -22.31
CA GLY E 81 -12.76 -12.35 -21.58
C GLY E 81 -11.25 -12.17 -21.52
N LEU E 82 -10.64 -11.74 -22.63
CA LEU E 82 -9.20 -11.49 -22.65
C LEU E 82 -8.83 -10.17 -21.99
N SER E 83 -9.79 -9.27 -21.77
CA SER E 83 -9.47 -8.01 -21.10
C SER E 83 -8.96 -8.24 -19.69
N VAL E 84 -9.58 -9.17 -18.96
CA VAL E 84 -9.13 -9.47 -17.60
C VAL E 84 -7.70 -10.03 -17.65
N VAL E 85 -7.43 -10.93 -18.59
CA VAL E 85 -6.09 -11.49 -18.71
C VAL E 85 -5.08 -10.41 -19.03
N VAL E 86 -5.43 -9.51 -19.95
CA VAL E 86 -4.51 -8.44 -20.31
C VAL E 86 -4.20 -7.56 -19.10
N THR E 87 -5.23 -7.20 -18.34
CA THR E 87 -5.01 -6.38 -17.14
C THR E 87 -4.18 -7.13 -16.10
N VAL E 88 -4.31 -8.46 -16.05
CA VAL E 88 -3.54 -9.24 -15.09
C VAL E 88 -2.12 -9.48 -15.60
N ILE E 89 -1.92 -9.50 -16.92
CA ILE E 89 -0.59 -9.68 -17.46
C ILE E 89 0.33 -8.53 -17.03
N VAL E 90 -0.25 -7.36 -16.76
CA VAL E 90 0.55 -6.22 -16.33
C VAL E 90 1.29 -6.55 -15.03
N LEU E 91 0.58 -7.16 -14.08
CA LEU E 91 1.22 -7.55 -12.83
C LEU E 91 2.14 -8.74 -13.02
N GLN E 92 1.88 -9.56 -14.04
CA GLN E 92 2.72 -10.73 -14.28
C GLN E 92 4.16 -10.33 -14.59
N TYR E 93 4.33 -9.30 -15.42
CA TYR E 93 5.67 -8.84 -15.79
C TYR E 93 6.22 -7.81 -14.82
N HIS E 94 5.35 -7.03 -14.18
CA HIS E 94 5.82 -6.00 -13.25
C HIS E 94 6.57 -6.62 -12.08
N HIS E 95 6.04 -7.71 -11.53
CA HIS E 95 6.67 -8.37 -10.39
C HIS E 95 7.85 -9.26 -10.80
N HIS E 96 7.98 -9.57 -12.08
CA HIS E 96 9.07 -10.40 -12.60
C HIS E 96 9.35 -11.59 -11.69
N ASP E 97 8.30 -12.21 -11.16
CA ASP E 97 8.46 -13.37 -10.31
C ASP E 97 8.73 -14.62 -11.14
N PRO E 98 9.28 -15.67 -10.51
CA PRO E 98 9.55 -16.90 -11.28
C PRO E 98 8.30 -17.49 -11.91
N ASP E 99 7.14 -17.36 -11.27
CA ASP E 99 5.89 -17.89 -11.81
C ASP E 99 5.28 -16.85 -12.76
N GLY E 100 5.93 -16.71 -13.91
CA GLY E 100 5.49 -15.76 -14.93
C GLY E 100 6.14 -14.40 -14.77
N GLY E 101 6.82 -13.96 -15.82
CA GLY E 101 7.48 -12.66 -15.79
C GLY E 101 8.26 -12.43 -17.06
N LYS E 102 8.94 -11.29 -17.10
CA LYS E 102 9.75 -10.91 -18.25
C LYS E 102 11.19 -11.38 -18.08
N MET E 103 11.37 -12.67 -17.78
CA MET E 103 12.70 -13.21 -17.61
C MET E 103 13.53 -13.14 -18.89
N PRO E 104 13.01 -13.51 -20.06
CA PRO E 104 13.83 -13.46 -21.28
C PRO E 104 14.32 -12.05 -21.56
N LYS E 105 15.57 -11.95 -22.03
CA LYS E 105 16.16 -10.67 -22.39
C LYS E 105 15.91 -10.28 -23.84
N TRP E 106 15.65 -11.26 -24.72
CA TRP E 106 15.42 -10.94 -26.12
C TRP E 106 14.18 -10.08 -26.29
N THR E 107 13.11 -10.39 -25.56
CA THR E 107 11.88 -9.62 -25.67
C THR E 107 12.02 -8.20 -25.15
N ARG E 108 12.96 -7.96 -24.23
CA ARG E 108 13.16 -6.61 -23.71
C ARG E 108 13.75 -5.70 -24.78
N VAL E 109 14.63 -6.22 -25.62
CA VAL E 109 15.25 -5.40 -26.66
C VAL E 109 14.19 -4.92 -27.65
N ILE E 110 13.27 -5.80 -28.04
CA ILE E 110 12.24 -5.43 -29.02
C ILE E 110 11.36 -4.32 -28.45
N LEU E 111 10.95 -4.45 -27.19
CA LEU E 111 10.10 -3.43 -26.58
C LEU E 111 10.85 -2.11 -26.39
N LEU E 112 12.16 -2.17 -26.18
CA LEU E 112 12.93 -0.93 -26.02
C LEU E 112 12.86 -0.07 -27.27
N ASN E 113 12.99 -0.69 -28.45
CA ASN E 113 12.88 0.07 -29.69
C ASN E 113 11.45 0.54 -29.93
N TRP E 114 10.47 -0.28 -29.53
CA TRP E 114 9.07 0.11 -29.72
C TRP E 114 8.69 1.31 -28.87
N CYS E 115 9.28 1.43 -27.68
CA CYS E 115 8.96 2.56 -26.81
C CYS E 115 9.35 3.88 -27.47
N ALA E 116 10.53 3.93 -28.10
CA ALA E 116 10.95 5.15 -28.77
C ALA E 116 10.18 5.40 -30.06
N TRP E 117 9.57 4.36 -30.64
CA TRP E 117 8.79 4.52 -31.86
C TRP E 117 7.39 5.04 -31.60
N PHE E 118 6.92 5.01 -30.35
CA PHE E 118 5.57 5.50 -30.07
C PHE E 118 5.43 6.98 -30.40
N LEU E 119 6.44 7.79 -30.03
CA LEU E 119 6.39 9.20 -30.33
C LEU E 119 6.55 9.46 -31.82
N ARG E 120 7.54 8.82 -32.45
CA ARG E 120 7.80 8.96 -33.88
C ARG E 120 8.09 7.56 -34.43
N MET E 121 7.05 6.90 -34.94
CA MET E 121 7.22 5.57 -35.50
C MET E 121 8.05 5.64 -36.79
N LYS E 122 8.83 4.59 -37.02
CA LYS E 122 9.68 4.53 -38.20
C LYS E 122 8.86 4.48 -39.49
N ARG E 123 7.59 4.11 -39.41
CA ARG E 123 6.76 4.05 -40.60
C ARG E 123 6.46 5.45 -41.13
N PRO E 124 6.10 5.57 -42.41
CA PRO E 124 5.81 6.89 -42.96
C PRO E 124 4.64 7.60 -42.28
N GLY E 125 3.76 6.87 -41.60
CA GLY E 125 2.63 7.48 -40.94
C GLY E 125 3.02 8.46 -39.85
N GLU E 126 4.18 8.28 -39.24
CA GLU E 126 4.66 9.16 -38.18
C GLU E 126 5.90 9.94 -38.57
N ASP E 127 6.79 9.35 -39.37
CA ASP E 127 8.00 10.07 -39.79
C ASP E 127 7.67 11.17 -40.77
N LYS E 128 6.62 11.01 -41.57
CA LYS E 128 6.23 12.03 -42.54
C LYS E 128 5.33 13.10 -41.94
N VAL E 129 4.44 12.72 -41.02
CA VAL E 129 3.51 13.66 -40.40
C VAL E 129 4.23 14.23 -39.18
N ARG E 130 5.03 15.26 -39.40
CA ARG E 130 5.77 15.94 -38.34
C ARG E 130 6.46 17.15 -38.95
N PRO E 131 6.86 18.11 -38.12
CA PRO E 131 7.56 19.29 -38.65
C PRO E 131 8.81 18.89 -39.41
N ALA E 132 8.97 19.45 -40.60
CA ALA E 132 10.11 19.17 -41.47
C ALA E 132 10.65 20.47 -42.04
N CYS E 133 11.96 20.52 -42.21
CA CYS E 133 12.63 21.69 -42.77
C CYS E 133 14.00 21.27 -43.30
N GLN E 134 14.76 22.24 -43.78
CA GLN E 134 16.10 22.00 -44.30
C GLN E 134 17.18 22.39 -43.30
N HIS E 135 16.81 22.64 -42.04
CA HIS E 135 17.79 23.02 -41.03
C HIS E 135 18.71 21.84 -40.70
N LYS E 136 19.86 22.16 -40.12
CA LYS E 136 20.84 21.14 -39.76
C LYS E 136 20.33 20.21 -38.66
N GLN E 137 19.27 20.58 -37.94
CA GLN E 137 18.75 19.72 -36.88
C GLN E 137 18.18 18.42 -37.43
N ARG E 138 17.86 18.36 -38.72
CA ARG E 138 17.33 17.16 -39.34
C ARG E 138 18.38 16.38 -40.11
N ARG E 139 19.66 16.72 -39.95
CA ARG E 139 20.76 16.06 -40.62
C ARG E 139 21.52 15.18 -39.64
N CYS E 140 22.61 14.58 -40.11
CA CYS E 140 23.44 13.70 -39.30
C CYS E 140 24.90 14.11 -39.46
N SER E 141 25.68 13.90 -38.40
CA SER E 141 27.09 14.25 -38.39
C SER E 141 27.82 13.24 -37.49
N LEU E 142 29.09 13.54 -37.19
CA LEU E 142 29.87 12.65 -36.35
C LEU E 142 29.29 12.56 -34.95
N ALA E 143 28.83 13.68 -34.40
CA ALA E 143 28.30 13.68 -33.04
C ALA E 143 27.06 12.79 -32.93
N SER E 144 26.16 12.87 -33.92
CA SER E 144 24.95 12.06 -33.86
C SER E 144 25.26 10.58 -34.03
N VAL E 145 26.22 10.26 -34.90
CA VAL E 145 26.59 8.87 -35.17
C VAL E 145 27.65 8.47 -34.14
N GLU E 146 27.24 7.69 -33.13
CA GLU E 146 28.14 7.22 -32.09
C GLU E 146 28.57 5.78 -32.31
N MET E 147 28.42 5.25 -33.53
CA MET E 147 28.81 3.88 -33.80
C MET E 147 30.32 3.69 -33.69
N SER E 148 31.09 4.77 -33.88
CA SER E 148 32.55 4.71 -33.81
C SER E 148 33.07 5.28 -32.49
N ALA E 149 32.33 5.09 -31.40
CA ALA E 149 32.74 5.58 -30.08
C ALA E 149 32.91 7.10 -30.08
N VAL E 150 31.88 7.79 -30.57
CA VAL E 150 31.86 9.25 -30.63
C VAL E 150 30.96 9.75 -29.51
N ALA E 151 31.45 10.73 -28.75
CA ALA E 151 30.68 11.26 -27.64
C ALA E 151 29.46 12.01 -28.17
N PRO E 152 28.26 11.74 -27.65
CA PRO E 152 27.07 12.44 -28.13
C PRO E 152 27.07 13.88 -27.65
N PRO E 153 26.23 14.73 -28.23
CA PRO E 153 26.16 16.14 -27.81
C PRO E 153 25.80 16.24 -26.34
N PRO E 154 26.36 17.21 -25.60
CA PRO E 154 26.02 17.34 -24.18
C PRO E 154 24.53 17.52 -23.98
N ALA E 155 23.92 16.59 -23.26
CA ALA E 155 22.50 16.65 -22.96
C ALA E 155 22.23 15.87 -21.67
N SER E 156 21.10 16.19 -21.04
CA SER E 156 20.68 15.54 -19.81
C SER E 156 19.72 14.39 -20.05
N ASN E 157 19.46 14.02 -21.31
CA ASN E 157 18.51 12.97 -21.64
C ASN E 157 19.17 11.61 -21.80
N GLY E 158 20.43 11.46 -21.37
CA GLY E 158 21.14 10.20 -21.45
C GLY E 158 22.33 10.25 -22.39
N ASN E 159 22.90 11.43 -22.55
CA ASN E 159 24.08 11.62 -23.40
C ASN E 159 25.32 12.02 -22.61
N LEU E 160 25.21 13.07 -21.80
CA LEU E 160 26.33 13.50 -20.97
C LEU E 160 26.35 12.80 -19.63
N LEU E 161 25.18 12.51 -19.06
CA LEU E 161 25.12 11.84 -17.76
C LEU E 161 25.65 10.41 -17.85
N TYR E 162 25.45 9.75 -19.00
CA TYR E 162 25.91 8.37 -19.13
C TYR E 162 27.43 8.27 -18.99
N ILE E 163 28.16 9.20 -19.62
CA ILE E 163 29.61 9.18 -19.53
C ILE E 163 30.09 9.59 -18.14
N GLY E 164 29.27 10.31 -17.38
CA GLY E 164 29.67 10.77 -16.06
C GLY E 164 29.64 9.67 -15.01
N PHE E 165 28.45 9.11 -14.77
CA PHE E 165 28.28 8.08 -13.74
C PHE E 165 28.31 6.67 -14.29
N ARG E 166 27.69 6.44 -15.45
CA ARG E 166 27.68 5.11 -16.05
C ARG E 166 28.92 4.80 -16.88
N GLY E 167 29.80 5.79 -17.06
CA GLY E 167 31.01 5.58 -17.83
C GLY E 167 32.15 5.03 -16.99
N LEU E 168 32.00 3.79 -16.52
CA LEU E 168 33.02 3.19 -15.68
C LEU E 168 34.26 2.86 -16.50
N ASP E 169 35.38 2.67 -15.80
CA ASP E 169 36.66 2.38 -16.44
C ASP E 169 37.04 3.47 -17.45
N GLY E 170 36.76 4.72 -17.09
CA GLY E 170 37.08 5.85 -17.94
C GLY E 170 37.84 6.94 -17.21
N VAL E 171 37.78 8.17 -17.73
CA VAL E 171 38.51 9.27 -17.11
C VAL E 171 37.95 9.56 -15.72
N HIS E 172 36.63 9.45 -15.55
CA HIS E 172 36.02 9.74 -14.25
C HIS E 172 36.51 8.77 -13.19
N CYS E 173 36.60 7.48 -13.52
CA CYS E 173 37.00 6.47 -12.56
C CYS E 173 38.52 6.23 -12.58
N VAL E 174 39.05 5.86 -13.73
CA VAL E 174 40.48 5.55 -13.87
C VAL E 174 41.08 6.41 -14.97
N PRO E 175 41.58 7.62 -14.66
CA PRO E 175 42.19 8.45 -15.71
C PRO E 175 43.58 7.98 -16.11
N THR E 176 43.61 6.88 -16.87
CA THR E 176 44.88 6.31 -17.30
C THR E 176 45.73 7.28 -18.09
N PRO E 177 45.19 8.03 -19.07
CA PRO E 177 46.03 8.97 -19.81
C PRO E 177 46.68 10.00 -18.90
N ASP E 178 47.92 10.35 -19.21
CA ASP E 178 48.67 11.32 -18.41
C ASP E 178 48.17 12.72 -18.77
N SER E 179 47.22 13.23 -17.98
CA SER E 179 46.69 14.56 -18.21
C SER E 179 47.66 15.65 -17.79
N GLY E 180 48.47 15.39 -16.78
CA GLY E 180 49.43 16.39 -16.30
C GLY E 180 48.78 17.61 -15.70
N VAL E 181 47.67 17.43 -14.98
CA VAL E 181 46.97 18.53 -14.34
C VAL E 181 47.02 18.42 -12.82
N VAL E 182 46.89 17.20 -12.28
CA VAL E 182 46.92 17.02 -10.83
C VAL E 182 48.27 17.45 -10.27
N CYS E 183 49.36 17.05 -10.92
CA CYS E 183 50.71 17.38 -10.48
C CYS E 183 51.50 18.11 -11.56
N GLY E 184 50.82 18.69 -12.54
CA GLY E 184 51.49 19.41 -13.61
C GLY E 184 50.97 20.83 -13.77
N ARG E 185 49.80 21.11 -13.22
CA ARG E 185 49.18 22.43 -13.30
C ARG E 185 48.71 22.83 -11.90
N MET E 186 48.13 24.03 -11.81
CA MET E 186 47.63 24.58 -10.56
C MET E 186 46.10 24.64 -10.56
N ALA E 187 45.44 23.72 -11.27
CA ALA E 187 43.99 23.69 -11.35
C ALA E 187 43.46 22.92 -10.13
N CYS E 188 43.37 23.64 -9.02
CA CYS E 188 42.86 23.07 -7.76
C CYS E 188 43.71 21.87 -7.31
N SER E 189 45.00 21.89 -7.62
CA SER E 189 45.90 20.81 -7.23
C SER E 189 47.32 21.33 -7.24
N PRO E 190 48.16 20.95 -6.28
CA PRO E 190 49.55 21.43 -6.29
C PRO E 190 50.32 20.89 -7.48
N THR E 191 51.29 21.68 -7.94
CA THR E 191 52.13 21.30 -9.07
C THR E 191 53.30 20.46 -8.58
N HIS E 192 52.97 19.22 -8.19
CA HIS E 192 53.96 18.27 -7.68
C HIS E 192 54.73 18.87 -6.49
N ASP E 193 54.00 19.55 -5.62
CA ASP E 193 54.58 20.19 -4.44
C ASP E 193 54.64 19.17 -3.31
N GLU E 194 55.84 18.62 -3.08
CA GLU E 194 56.03 17.64 -2.02
C GLU E 194 56.21 18.28 -0.65
N HIS E 195 56.33 19.60 -0.57
CA HIS E 195 56.51 20.31 0.68
C HIS E 195 55.23 20.95 1.19
N LEU E 196 54.08 20.60 0.61
CA LEU E 196 52.79 21.15 1.02
C LEU E 196 52.33 20.41 2.27
N LEU E 197 52.90 20.79 3.41
CA LEU E 197 52.57 20.20 4.69
C LEU E 197 51.37 20.91 5.30
N HIS E 198 50.40 20.13 5.78
CA HIS E 198 49.20 20.68 6.40
C HIS E 198 49.46 20.96 7.87
N GLY E 199 50.31 21.95 8.11
CA GLY E 199 50.65 22.33 9.47
C GLY E 199 51.34 21.23 10.23
N GLY E 200 52.28 20.54 9.61
CA GLY E 200 52.97 19.43 10.26
C GLY E 200 52.26 18.11 10.21
N GLN E 201 51.14 18.02 9.50
CA GLN E 201 50.35 16.80 9.38
C GLN E 201 50.08 16.51 7.92
N PRO E 202 49.77 15.27 7.58
CA PRO E 202 49.49 14.93 6.17
C PRO E 202 48.30 15.72 5.64
N PRO E 203 48.00 15.60 4.35
CA PRO E 203 46.86 16.35 3.80
C PRO E 203 45.55 16.05 4.51
N GLU E 204 45.34 14.82 4.93
CA GLU E 204 44.12 14.43 5.64
C GLU E 204 44.33 14.65 7.13
N GLY E 205 43.48 15.50 7.72
CA GLY E 205 43.60 15.80 9.14
C GLY E 205 43.17 14.67 10.06
N ASP E 206 42.34 13.75 9.57
CA ASP E 206 41.87 12.64 10.38
C ASP E 206 41.52 11.46 9.48
N PRO E 207 42.27 10.36 9.52
CA PRO E 207 41.90 9.19 8.70
C PRO E 207 40.57 8.57 9.06
N ASP E 208 40.03 8.85 10.26
CA ASP E 208 38.77 8.25 10.66
C ASP E 208 37.60 8.67 9.77
N LEU E 209 37.71 9.82 9.10
CA LEU E 209 36.64 10.26 8.22
C LEU E 209 36.50 9.36 7.01
N ALA E 210 37.59 8.69 6.60
CA ALA E 210 37.52 7.79 5.46
C ALA E 210 36.56 6.63 5.74
N LYS E 211 36.63 6.07 6.95
CA LYS E 211 35.72 4.99 7.30
C LYS E 211 34.26 5.47 7.29
N ILE E 212 34.01 6.68 7.80
CA ILE E 212 32.65 7.21 7.81
C ILE E 212 32.14 7.40 6.39
N LEU E 213 33.01 7.89 5.50
CA LEU E 213 32.60 8.11 4.11
C LEU E 213 32.17 6.79 3.46
N GLU E 214 32.94 5.73 3.69
CA GLU E 214 32.56 4.43 3.13
C GLU E 214 31.25 3.93 3.74
N GLU E 215 31.08 4.09 5.05
CA GLU E 215 29.83 3.69 5.69
C GLU E 215 28.67 4.56 5.20
N VAL E 216 28.90 5.86 5.07
CA VAL E 216 27.84 6.75 4.58
C VAL E 216 27.54 6.44 3.12
N ARG E 217 28.57 6.12 2.33
CA ARG E 217 28.35 5.79 0.93
C ARG E 217 27.49 4.55 0.77
N TYR E 218 27.55 3.62 1.74
CA TYR E 218 26.71 2.44 1.67
C TYR E 218 25.23 2.81 1.71
N ILE E 219 24.86 3.75 2.59
CA ILE E 219 23.48 4.21 2.65
C ILE E 219 23.09 4.87 1.33
N ALA E 220 23.97 5.73 0.80
CA ALA E 220 23.70 6.35 -0.48
C ALA E 220 23.70 5.30 -1.60
N ASN E 221 24.59 4.32 -1.52
CA ASN E 221 24.62 3.27 -2.53
C ASN E 221 23.32 2.47 -2.52
N ARG E 222 22.77 2.19 -1.33
CA ARG E 222 21.51 1.48 -1.26
C ARG E 222 20.39 2.28 -1.91
N PHE E 223 20.36 3.58 -1.68
CA PHE E 223 19.39 4.43 -2.37
C PHE E 223 19.64 4.47 -3.87
N ARG E 224 20.90 4.43 -4.28
CA ARG E 224 21.21 4.38 -5.71
C ARG E 224 20.65 3.12 -6.35
N CYS E 225 20.75 1.99 -5.64
CA CYS E 225 20.19 0.74 -6.16
C CYS E 225 18.68 0.83 -6.30
N GLN E 226 18.01 1.55 -5.38
CA GLN E 226 16.57 1.75 -5.50
C GLN E 226 16.23 2.53 -6.76
N ASP E 227 17.02 3.56 -7.08
CA ASP E 227 16.81 4.29 -8.32
C ASP E 227 17.09 3.40 -9.54
N GLU E 228 18.13 2.57 -9.46
CA GLU E 228 18.41 1.65 -10.55
C GLU E 228 17.27 0.66 -10.75
N SER E 229 16.72 0.13 -9.65
CA SER E 229 15.57 -0.76 -9.76
C SER E 229 14.36 -0.02 -10.32
N GLU E 230 14.17 1.24 -9.92
CA GLU E 230 13.09 2.04 -10.48
C GLU E 230 13.27 2.26 -11.97
N ALA E 231 14.50 2.52 -12.40
CA ALA E 231 14.77 2.67 -13.82
C ALA E 231 14.48 1.39 -14.58
N VAL E 232 14.89 0.24 -14.02
CA VAL E 232 14.56 -1.04 -14.63
C VAL E 232 13.05 -1.30 -14.54
N CYS E 233 12.46 -0.96 -13.40
CA CYS E 233 11.01 -1.11 -13.25
C CYS E 233 10.25 -0.19 -14.20
N SER E 234 10.84 0.97 -14.53
CA SER E 234 10.19 1.87 -15.48
C SER E 234 10.04 1.20 -16.85
N GLU E 235 11.07 0.49 -17.30
CA GLU E 235 10.96 -0.24 -18.55
C GLU E 235 9.88 -1.31 -18.47
N TRP E 236 9.82 -2.03 -17.35
CA TRP E 236 8.75 -3.01 -17.15
C TRP E 236 7.39 -2.34 -17.12
N LYS E 237 7.28 -1.19 -16.44
CA LYS E 237 6.03 -0.45 -16.42
C LYS E 237 5.65 -0.01 -17.83
N PHE E 238 6.61 0.51 -18.60
CA PHE E 238 6.33 0.87 -19.98
C PHE E 238 6.14 -0.37 -20.85
N ALA E 239 6.84 -1.46 -20.54
CA ALA E 239 6.66 -2.69 -21.30
C ALA E 239 5.24 -3.22 -21.14
N ALA E 240 4.69 -3.17 -19.93
CA ALA E 240 3.33 -3.62 -19.72
C ALA E 240 2.33 -2.77 -20.49
N CYS E 241 2.64 -1.49 -20.70
CA CYS E 241 1.76 -0.63 -21.49
C CYS E 241 1.73 -1.03 -22.96
N VAL E 242 2.79 -1.66 -23.45
CA VAL E 242 2.81 -2.10 -24.84
C VAL E 242 1.72 -3.13 -25.10
N VAL E 243 1.57 -4.09 -24.19
CA VAL E 243 0.53 -5.09 -24.34
C VAL E 243 -0.85 -4.44 -24.30
N ASP E 244 -1.06 -3.52 -23.35
CA ASP E 244 -2.34 -2.81 -23.30
C ASP E 244 -2.56 -1.97 -24.54
N ARG E 245 -1.51 -1.25 -24.98
CA ARG E 245 -1.64 -0.45 -26.20
C ARG E 245 -1.80 -1.34 -27.42
N LEU E 246 -1.03 -2.41 -27.50
CA LEU E 246 -1.15 -3.33 -28.63
C LEU E 246 -2.53 -3.97 -28.68
N CYS E 247 -3.05 -4.38 -27.51
CA CYS E 247 -4.37 -4.99 -27.48
C CYS E 247 -5.46 -3.99 -27.86
N LEU E 248 -5.29 -2.72 -27.50
CA LEU E 248 -6.29 -1.72 -27.85
C LEU E 248 -6.38 -1.56 -29.37
N MET E 249 -5.24 -1.45 -30.04
CA MET E 249 -5.26 -1.31 -31.50
C MET E 249 -5.55 -2.64 -32.18
N ALA E 250 -5.02 -3.75 -31.66
CA ALA E 250 -5.27 -5.04 -32.26
C ALA E 250 -6.75 -5.41 -32.19
N PHE E 251 -7.37 -5.20 -31.03
CA PHE E 251 -8.79 -5.50 -30.87
C PHE E 251 -9.68 -4.42 -31.49
N SER E 252 -9.16 -3.22 -31.74
CA SER E 252 -9.96 -2.18 -32.36
C SER E 252 -10.39 -2.58 -33.76
N VAL E 253 -9.48 -3.18 -34.54
CA VAL E 253 -9.82 -3.64 -35.88
C VAL E 253 -10.89 -4.74 -35.81
N PHE E 254 -10.71 -5.68 -34.88
CA PHE E 254 -11.69 -6.75 -34.73
C PHE E 254 -13.05 -6.20 -34.32
N THR E 255 -13.06 -5.22 -33.40
CA THR E 255 -14.32 -4.62 -32.97
C THR E 255 -15.01 -3.92 -34.13
N ILE E 256 -14.24 -3.20 -34.96
CA ILE E 256 -14.81 -2.54 -36.12
C ILE E 256 -15.38 -3.58 -37.09
N ILE E 257 -14.64 -4.66 -37.31
CA ILE E 257 -15.12 -5.71 -38.21
C ILE E 257 -16.40 -6.33 -37.65
N CYS E 258 -16.42 -6.59 -36.34
CA CYS E 258 -17.62 -7.17 -35.74
C CYS E 258 -18.82 -6.25 -35.88
N THR E 259 -18.62 -4.94 -35.69
CA THR E 259 -19.71 -4.00 -35.85
C THR E 259 -20.22 -3.98 -37.28
N ILE E 260 -19.31 -4.02 -38.26
CA ILE E 260 -19.72 -4.06 -39.66
C ILE E 260 -20.51 -5.33 -39.95
N GLY E 261 -20.04 -6.47 -39.44
CA GLY E 261 -20.75 -7.71 -39.66
C GLY E 261 -22.15 -7.70 -39.06
N ILE E 262 -22.30 -7.09 -37.88
CA ILE E 262 -23.61 -7.02 -37.25
C ILE E 262 -24.58 -6.24 -38.12
N LEU E 263 -24.13 -5.10 -38.67
CA LEU E 263 -24.98 -4.29 -39.52
C LEU E 263 -25.31 -4.96 -40.84
N MET E 264 -24.59 -6.02 -41.21
CA MET E 264 -24.82 -6.74 -42.46
C MET E 264 -25.43 -8.12 -42.27
N SER E 265 -25.17 -8.77 -41.14
CA SER E 265 -25.71 -10.10 -40.89
C SER E 265 -27.04 -10.06 -40.12
N ALA E 266 -27.23 -9.07 -39.26
CA ALA E 266 -28.48 -8.98 -38.51
C ALA E 266 -29.70 -8.85 -39.41
N PRO E 267 -29.71 -8.01 -40.44
CA PRO E 267 -30.91 -7.91 -41.29
C PRO E 267 -31.29 -9.23 -41.95
N ASN E 268 -30.32 -10.09 -42.25
CA ASN E 268 -30.61 -11.37 -42.89
C ASN E 268 -30.99 -12.44 -41.89
N PHE E 269 -30.40 -12.44 -40.69
CA PHE E 269 -30.70 -13.41 -39.65
C PHE E 269 -31.67 -12.87 -38.60
N VAL E 270 -31.35 -11.74 -37.99
CA VAL E 270 -32.21 -11.14 -36.98
C VAL E 270 -33.38 -10.43 -37.65
C1 IVM F . -25.43 5.35 -27.65
O1 IVM F . -26.09 3.91 -24.16
C2 IVM F . -25.76 3.90 -27.19
O2 IVM F . -32.04 5.32 -27.92
C3 IVM F . -24.75 3.42 -26.13
O3 IVM F . -31.13 4.72 -32.21
C4 IVM F . -24.99 1.92 -25.87
O4 IVM F . -33.94 4.93 -32.14
C5 IVM F . -24.88 4.23 -24.83
O5 IVM F . -32.42 4.31 -36.14
C6 IVM F . -26.36 4.80 -23.06
O6 IVM F . -34.42 2.36 -35.80
C7 IVM F . -25.08 5.18 -22.34
O7 IVM F . -35.64 5.07 -33.68
C8 IVM F . -24.02 4.07 -22.46
O8 IVM F . -32.94 6.93 -29.28
C9 IVM F . -23.65 3.92 -23.94
O9 IVM F . -33.43 -0.06 -20.89
C10 IVM F . -22.53 4.89 -24.28
O10 IVM F . -31.80 -1.03 -19.25
C11 IVM F . -27.25 3.77 -22.23
O11 IVM F . -28.14 0.75 -22.63
C12 IVM F . -28.52 3.35 -23.02
O12 IVM F . -29.38 2.62 -22.18
C13 IVM F . -29.23 4.59 -23.49
O13 IVM F . -30.98 -0.56 -23.42
C14 IVM F . -28.29 5.31 -24.45
O14 IVM F . -27.17 5.77 -23.75
C15 IVM F . -29.01 6.54 -25.08
C16 IVM F . -30.18 6.07 -26.02
C17 IVM F . -31.51 6.27 -25.73
C18 IVM F . -31.96 6.99 -24.42
C19 IVM F . -32.60 5.79 -26.70
C20 IVM F . -31.75 6.35 -28.83
C21 IVM F . -30.90 5.77 -30.04
C22 IVM F . -31.81 4.95 -31.02
C23 IVM F . -29.96 3.92 -32.08
C24 IVM F . -33.07 5.73 -31.31
C25 IVM F . -34.43 5.66 -33.22
C26 IVM F . -33.37 5.68 -34.37
C27 IVM F . -33.22 4.25 -34.97
C28 IVM F . -31.03 4.55 -35.90
C29 IVM F . -34.56 3.72 -35.33
C30 IVM F . -35.45 3.74 -34.11
C31 IVM F . -36.81 3.11 -34.47
C32 IVM F . -33.73 6.04 -30.00
C33 IVM F . -35.12 6.68 -30.25
C34 IVM F . -33.42 4.67 -26.05
C35 IVM F . -34.57 4.25 -26.98
C36 IVM F . -32.54 3.44 -25.76
C37 IVM F . -32.61 3.03 -24.27
C38 IVM F . -31.90 1.69 -23.95
C39 IVM F . -31.95 1.33 -22.44
C40 IVM F . -33.47 1.19 -21.95
C41 IVM F . -32.35 -0.88 -21.49
C42 IVM F . -31.81 -1.74 -20.45
C43 IVM F . -30.32 -2.21 -20.79
C44 IVM F . -29.38 -1.12 -21.17
C45 IVM F . -30.06 0.25 -21.36
C46 IVM F . -29.10 1.20 -22.11
C47 IVM F . -31.33 0.03 -22.18
C48 IVM F . -29.78 -3.61 -20.35
H1 IVM F . -25.94 5.55 -28.59
H1A IVM F . -24.36 5.45 -27.78
H1B IVM F . -25.78 6.05 -26.90
H2 IVM F . -25.70 3.24 -28.07
H2A IVM F . -26.76 3.86 -26.79
H3 IVM F . -23.75 3.55 -26.52
H4 IVM F . -24.05 1.45 -25.64
H4A IVM F . -25.43 1.46 -26.76
H4B IVM F . -25.67 1.80 -25.03
H5 IVM F . -24.88 5.29 -25.06
HO6 IVM F . -34.16 2.38 -36.71
H7 IVM F . -25.31 5.36 -21.29
H7A IVM F . -24.69 6.11 -22.75
H8 IVM F . -24.43 3.13 -22.08
H8A IVM F . -23.14 4.35 -21.89
H9 IVM F . -23.31 2.90 -24.12
H10 IVM F . -21.66 4.67 -23.66
H10A IVM F . -22.86 5.92 -24.09
H10B IVM F . -22.25 4.78 -25.33
HO10 IVM F . -30.93 -1.08 -18.86
H11 IVM F . -27.56 4.25 -21.31
H11A IVM F . -26.66 2.88 -22.01
H12 IVM F . -28.24 2.75 -23.88
H13 IVM F . -29.46 5.24 -22.66
H13A IVM F . -30.14 4.31 -24.02
HO13 IVM F . -31.04 -1.49 -23.37
H14 IVM F . -28.00 4.63 -25.23
H15 IVM F . -28.29 7.10 -25.68
H15A IVM F . -29.39 7.19 -24.29
H16 IVM F . -29.91 5.56 -26.95
H18 IVM F . -31.44 7.81 -24.91
H18A IVM F . -31.41 7.39 -23.57
H18B IVM F . -31.60 6.06 -23.99
H19 IVM F . -33.27 6.61 -26.91
H20 IVM F . -31.17 7.12 -28.34
H21 IVM F . -30.12 5.12 -29.64
H21A IVM F . -30.44 6.61 -30.58
H22 IVM F . -32.08 3.99 -30.56
H23 IVM F . -29.75 3.41 -33.02
H23A IVM F . -30.12 3.17 -31.30
H23B IVM F . -29.12 4.55 -31.81
H24 IVM F . -32.80 6.66 -31.82
H25 IVM F . -34.64 6.68 -32.92
H26 IVM F . -32.40 6.01 -33.97
H26A IVM F . -33.69 6.36 -35.15
H27 IVM F . -32.75 3.59 -34.24
H28 IVM F . -30.47 4.31 -36.81
H28A IVM F . -30.69 3.91 -35.09
H28B IVM F . -30.87 5.59 -35.64
H29 IVM F . -35.00 4.34 -36.10
H30 IVM F . -34.98 3.16 -33.31
H31 IVM F . -36.69 2.05 -34.65
H31A IVM F . -37.20 3.60 -35.37
H31B IVM F . -37.51 3.26 -33.65
H32 IVM F . -33.85 5.11 -29.44
H33 IVM F . -35.76 5.98 -30.79
H33A IVM F . -35.00 7.59 -30.84
H33B IVM F . -35.58 6.93 -29.29
H34 IVM F . -33.84 5.03 -25.11
H35 IVM F . -35.32 3.73 -26.41
H35A IVM F . -34.19 3.58 -27.75
H35B IVM F . -35.00 5.14 -27.45
H36 IVM F . -31.50 3.65 -26.04
H37 IVM F . -33.65 2.98 -23.96
H38 IVM F . -30.86 1.75 -24.28
H40 IVM F . -33.80 2.11 -21.46
H40A IVM F . -34.13 0.98 -22.80
H41 IVM F . -32.80 -1.52 -22.25
H42 IVM F . -32.44 -2.62 -20.34
H44 IVM F . -28.31 -1.20 -20.99
H45 IVM F . -30.32 0.67 -20.39
H48 IVM F . -29.00 -3.93 -21.03
H48A IVM F . -30.60 -4.32 -20.37
H48B IVM F . -29.38 -3.54 -19.34
C1 IVM G . -36.12 10.65 -0.33
O1 IVM G . -35.10 6.76 -0.11
C2 IVM G . -36.30 9.40 -1.23
O2 IVM G . -42.31 7.01 1.26
C3 IVM G . -34.93 8.75 -1.51
O3 IVM G . -43.99 10.40 -0.98
C4 IVM G . -35.06 7.81 -2.71
O4 IVM G . -46.23 8.82 -0.33
C5 IVM G . -34.42 8.00 -0.28
O5 IVM G . -47.24 12.39 -2.58
C6 IVM G . -34.82 6.15 1.15
O6 IVM G . -48.45 10.26 -3.97
C7 IVM G . -33.35 6.34 1.53
O7 IVM G . -48.52 9.03 -0.55
C8 IVM G . -32.47 6.49 0.29
O8 IVM G . -43.96 8.10 2.41
C9 IVM G . -32.90 7.77 -0.44
O9 IVM G . -39.52 -0.99 -1.74
C10 IVM G . -32.14 8.96 0.13
O10 IVM G . -38.20 -2.25 -3.55
C11 IVM G . -35.13 4.65 0.68
O11 IVM G . -36.89 3.31 -2.18
C12 IVM G . -36.63 4.47 0.27
O12 IVM G . -36.92 3.10 0.11
C13 IVM G . -37.49 5.04 1.35
O13 IVM G . -38.58 2.03 -3.55
C14 IVM G . -37.20 6.52 1.45
O14 IVM G . -35.89 6.72 1.92
C15 IVM G . -38.18 7.21 2.46
C16 IVM G . -39.67 7.00 2.02
C17 IVM G . -40.52 6.16 2.68
C18 IVM G . -40.08 5.33 3.92
C19 IVM G . -41.98 6.00 2.19
C20 IVM G . -42.69 8.23 1.86
C21 IVM G . -42.66 9.39 0.77
C22 IVM G . -43.87 9.25 -0.22
C23 IVM G . -42.90 10.66 -1.84
C24 IVM G . -45.13 9.03 0.58
C25 IVM G . -47.33 9.61 0.00
C26 IVM G . -47.13 11.06 -0.55
C27 IVM G . -47.20 11.05 -2.10
C28 IVM G . -46.00 13.09 -2.48
C29 IVM G . -48.44 10.34 -2.54
C30 IVM G . -48.46 8.96 -1.95
C31 IVM G . -49.70 8.21 -2.48
C32 IVM G . -44.94 7.82 1.45
C33 IVM G . -46.27 7.46 2.16
C34 IVM G . -42.16 4.63 1.54
C35 IVM G . -43.66 4.29 1.45
C36 IVM G . -41.57 4.64 0.13
C37 IVM G . -41.53 3.23 -0.53
C38 IVM G . -40.10 2.74 -0.86
C39 IVM G . -40.12 1.51 -1.82
C40 IVM G . -40.48 0.16 -1.03
C41 IVM G . -39.16 -0.22 -2.95
C42 IVM G . -38.09 -0.86 -3.72
C43 IVM G . -36.63 -0.40 -3.24
C44 IVM G . -36.49 0.36 -1.96
C45 IVM G . -37.67 1.21 -1.45
C46 IVM G . -37.13 2.62 -1.24
C47 IVM G . -38.84 1.17 -2.44
C48 IVM G . -35.38 -0.80 -4.07
H1 IVM G . -37.03 11.24 -0.35
H1A IVM G . -35.30 11.25 -0.71
H1B IVM G . -35.92 10.35 0.69
H2 IVM G . -36.76 9.71 -2.17
H2A IVM G . -36.95 8.69 -0.72
H3 IVM G . -34.21 9.53 -1.76
H4 IVM G . -34.09 7.68 -3.19
H4A IVM G . -35.76 8.22 -3.44
H4B IVM G . -35.42 6.83 -2.40
H5 IVM G . -34.58 8.61 0.62
HO6 IVM G . -48.70 11.10 -4.35
H7 IVM G . -33.04 5.47 2.11
H7A IVM G . -33.27 7.21 2.17
H8 IVM G . -32.61 5.63 -0.37
H8A IVM G . -31.43 6.57 0.59
H9 IVM G . -32.66 7.66 -1.50
H10 IVM G . -31.07 8.79 0.02
H10A IVM G . -32.38 9.06 1.19
H10B IVM G . -32.43 9.87 -0.39
HO10 IVM G . -37.71 -2.51 -2.79
H11 IVM G . -34.92 3.98 1.51
H11A IVM G . -34.49 4.40 -0.17
H12 IVM G . -36.81 5.01 -0.66
H13 IVM G . -37.26 4.55 2.30
H13A IVM G . -38.53 4.88 1.10
HO13 IVM G . -39.03 1.69 -4.31
H14 IVM G . -37.32 6.96 0.48
H15 IVM G . -37.97 8.28 2.46
H15A IVM G . -38.01 6.82 3.45
H16 IVM G . -40.03 7.55 1.15
H18 IVM G . -39.98 6.34 4.32
H18A IVM G . -39.12 5.23 4.43
H18B IVM G . -39.53 4.80 3.15
H19 IVM G . -42.65 6.08 3.05
H20 IVM G . -41.99 8.47 2.64
H21 IVM G . -41.72 9.32 0.21
H21A IVM G . -42.72 10.35 1.28
H22 IVM G . -43.70 8.38 -0.87
H23 IVM G . -43.23 11.26 -2.69
H23A IVM G . -42.49 9.72 -2.21
H23B IVM G . -42.12 11.20 -1.30
H24 IVM G . -45.32 9.90 1.20
H25 IVM G . -47.44 9.66 1.08
H26 IVM G . -46.15 11.45 -0.23
H26A IVM G . -47.92 11.71 -0.16
H27 IVM G . -46.33 10.54 -2.49
H28 IVM G . -46.05 13.99 -3.09
H28A IVM G . -45.19 12.45 -2.84
H28B IVM G . -45.82 13.37 -1.44
H29 IVM G . -49.32 10.90 -2.20
H30 IVM G . -47.56 8.43 -2.26
H31 IVM G . -49.58 8.01 -3.53
H31A IVM G . -50.58 8.82 -2.32
H31B IVM G . -49.80 7.27 -1.94
H32 IVM G . -44.62 6.97 0.83
H33 IVM G . -47.02 7.22 1.42
H33A IVM G . -46.60 8.31 2.76
H33B IVM G . -46.10 6.61 2.82
H34 IVM G . -41.65 3.88 2.14
H35 IVM G . -43.79 3.21 1.40
H35A IVM G . -44.09 4.74 0.56
H35B IVM G . -44.18 4.66 2.34
H36 IVM G . -40.57 5.06 0.14
H37 IVM G . -42.03 2.52 0.13
H38 IVM G . -39.57 2.48 0.06
H40 IVM G . -40.24 0.26 0.02
H40A IVM G . -41.54 -0.09 -1.14
H41 IVM G . -40.03 -0.16 -3.58
H42 IVM G . -38.23 -0.61 -4.77
H44 IVM G . -35.49 0.51 -1.56
H45 IVM G . -38.00 0.80 -0.49
H48 IVM G . -34.64 -0.01 -4.01
H48A IVM G . -35.67 -0.95 -5.11
H48B IVM G . -34.96 -1.73 -3.66
C1 IVM H . -31.00 -13.74 16.86
O1 IVM H . -29.78 -14.95 13.21
C2 IVM H . -31.53 -13.68 15.42
O2 IVM H . -35.14 -19.52 15.28
C3 IVM H . -30.51 -13.01 14.49
O3 IVM H . -37.78 -17.21 17.97
C4 IVM H . -31.19 -12.55 13.20
O4 IVM H . -39.31 -19.49 17.32
C5 IVM H . -29.36 -14.00 14.17
O5 IVM H . -41.38 -16.78 19.99
C6 IVM H . -28.83 -16.01 13.05
O6 IVM H . -43.19 -17.28 17.87
C7 IVM H . -27.40 -15.48 13.14
O7 IVM H . -41.31 -20.39 18.00
C8 IVM H . -27.32 -14.02 12.68
O8 IVM H . -35.90 -20.72 17.06
C9 IVM H . -28.16 -13.17 13.65
O9 IVM H . -33.72 -18.88 6.08
C10 IVM H . -27.29 -12.75 14.83
O10 IVM H . -34.27 -16.92 4.30
C11 IVM H . -29.23 -16.40 11.56
O11 IVM H . -31.85 -15.54 9.45
C12 IVM H . -30.69 -16.93 11.47
O12 IVM H . -30.92 -17.50 10.21
C13 IVM H . -30.88 -17.99 12.54
O13 IVM H . -34.22 -16.21 8.50
C14 IVM H . -30.68 -17.34 13.88
O14 IVM H . -29.34 -16.93 14.03
C15 IVM H . -31.00 -18.35 15.03
C16 IVM H . -32.49 -18.82 14.99
C17 IVM H . -32.86 -20.10 14.63
C18 IVM H . -31.82 -21.16 14.22
C19 IVM H . -34.35 -20.50 14.63
C20 IVM H . -35.15 -19.63 16.67
C21 IVM H . -35.71 -18.28 17.31
C22 IVM H . -37.28 -18.21 17.15
C23 IVM H . -37.35 -15.89 17.62
C24 IVM H . -37.88 -19.53 17.55
C25 IVM H . -40.02 -19.96 18.42
C26 IVM H . -40.16 -18.81 19.49
C27 IVM H . -41.09 -17.70 18.95
C28 IVM H . -40.31 -15.92 20.34
C29 IVM H . -42.37 -18.30 18.46
C30 IVM H . -42.06 -19.36 17.42
C31 IVM H . -43.38 -19.93 16.87
C32 IVM H . -37.26 -20.60 16.71
C33 IVM H . -37.96 -21.96 16.95
C34 IVM H . -34.82 -20.70 13.19
C35 IVM H . -36.36 -20.60 13.10
C36 IVM H . -34.20 -19.62 12.30
C37 IVM H . -34.32 -19.93 10.78
C38 IVM H . -33.51 -18.93 9.92
C39 IVM H . -34.21 -18.58 8.58
C40 IVM H . -33.96 -19.72 7.48
C41 IVM H . -34.24 -17.58 6.52
C42 IVM H . -33.97 -16.49 5.60
C43 IVM H . -32.41 -16.06 5.65
C44 IVM H . -31.55 -16.51 6.77
C45 IVM H . -32.14 -17.34 7.95
C46 IVM H . -31.64 -16.69 9.25
C47 IVM H . -33.67 -17.39 7.91
C48 IVM H . -31.85 -15.09 4.57
H1 IVM H . -31.81 -13.96 17.55
H1A IVM H . -30.56 -12.78 17.14
H1B IVM H . -30.24 -14.52 16.94
H2 IVM H . -32.46 -13.10 15.40
H2A IVM H . -31.75 -14.69 15.07
H3 IVM H . -30.08 -12.15 14.99
H4 IVM H . -30.60 -11.77 12.72
H4A IVM H . -32.18 -12.15 13.45
H4B IVM H . -31.30 -13.39 12.51
H5 IVM H . -29.07 -14.51 15.08
HO6 IVM H . -43.61 -16.78 18.56
H7 IVM H . -26.75 -16.09 12.51
H7A IVM H . -27.04 -15.58 14.16
H8 IVM H . -27.72 -13.92 11.68
H8A IVM H . -26.28 -13.68 12.71
H9 IVM H . -28.51 -12.28 13.13
H10 IVM H . -26.43 -12.18 14.46
H10A IVM H . -26.94 -13.64 15.36
H10B IVM H . -27.88 -12.14 15.52
HO10 IVM H . -33.52 -17.39 3.95
H11 IVM H . -28.56 -17.19 11.21
H11A IVM H . -29.13 -15.53 10.92
H12 IVM H . -31.39 -16.11 11.66
H13 IVM H . -30.15 -18.78 12.40
H13A IVM H . -31.88 -18.39 12.46
HO13 IVM H . -35.16 -16.24 8.46
H14 IVM H . -31.34 -16.48 13.97
H15 IVM H . -30.82 -17.84 15.99
H15A IVM H . -30.32 -19.19 14.96
H16 IVM H . -33.27 -18.11 15.28
H18 IVM H . -31.54 -21.03 15.26
H18A IVM H . -30.73 -21.14 14.12
H18B IVM H . -31.74 -20.51 13.36
H19 IVM H . -34.46 -21.44 15.15
H20 IVM H . -34.13 -19.76 17.02
H21 IVM H . -35.26 -17.43 16.80
H21A IVM H . -35.46 -18.26 18.37
H22 IVM H . -37.53 -18.00 16.10
H23 IVM H . -38.10 -15.17 17.95
H23A IVM H . -37.24 -15.81 16.54
H23B IVM H . -36.40 -15.69 18.10
H24 IVM H . -37.67 -19.71 18.60
H25 IVM H . -39.50 -20.80 18.88
H26 IVM H . -39.17 -18.39 19.70
H26A IVM H . -40.59 -19.23 20.40
H27 IVM H . -40.60 -17.19 18.12
H28 IVM H . -40.69 -15.10 20.93
H28A IVM H . -39.84 -15.53 19.44
H28B IVM H . -39.58 -16.49 20.92
H29 IVM H . -42.89 -18.77 19.30
H30 IVM H . -41.49 -18.91 16.61
H31 IVM H . -43.88 -19.17 16.28
H31A IVM H . -44.02 -20.23 17.70
H31B IVM H . -43.17 -20.79 16.25
H32 IVM H . -37.34 -20.32 15.66
H33 IVM H . -39.01 -21.88 16.66
H33A IVM H . -37.90 -22.22 18.02
H33B IVM H . -37.48 -22.73 16.37
H34 IVM H . -34.51 -21.69 12.83
H35 IVM H . -36.67 -20.75 12.08
H35A IVM H . -36.68 -19.60 13.44
H35B IVM H . -36.81 -21.35 13.74
H36 IVM H . -34.64 -18.66 12.52
H37 IVM H . -33.95 -20.94 10.59
H38 IVM H . -32.51 -19.32 9.74
H40 IVM H . -33.08 -20.30 7.73
H40A IVM H . -34.83 -20.38 7.39
H41 IVM H . -35.32 -17.67 6.62
H42 IVM H . -34.59 -15.64 5.85
H44 IVM H . -30.49 -16.27 6.76
H45 IVM H . -31.75 -18.35 7.89
H48 IVM H . -31.11 -14.44 5.03
H48A IVM H . -32.66 -14.49 4.17
H48B IVM H . -31.39 -15.66 3.77
C1 IVM I . -16.14 -34.07 -0.14
O1 IVM I . -17.28 -31.27 -2.90
C2 IVM I . -17.42 -33.30 -0.55
O2 IVM I . -20.40 -37.56 -5.23
C3 IVM I . -17.14 -31.78 -0.53
O3 IVM I . -21.20 -39.97 -1.64
C4 IVM I . -18.47 -31.03 -0.40
O4 IVM I . -22.80 -41.15 -3.63
C5 IVM I . -16.40 -31.36 -1.79
O5 IVM I . -23.19 -43.08 0.23
C6 IVM I . -16.58 -31.11 -4.14
O6 IVM I . -25.84 -42.53 -0.61
C7 IVM I . -15.38 -30.19 -3.97
O7 IVM I . -24.13 -43.02 -3.79
C8 IVM I . -15.60 -29.20 -2.82
O8 IVM I . -20.03 -39.80 -5.56
C9 IVM I . -15.72 -29.99 -1.52
O9 IVM I . -24.36 -30.01 -8.29
C10 IVM I . -14.34 -30.22 -0.94
O10 IVM I . -25.33 -27.72 -7.87
C11 IVM I . -17.77 -30.40 -4.93
O11 IVM I . -21.09 -29.81 -4.35
C12 IVM I . -19.00 -31.34 -5.11
O12 IVM I . -19.90 -30.80 -6.04
C13 IVM I . -18.51 -32.68 -5.63
O13 IVM I . -23.75 -30.17 -4.70
C14 IVM I . -17.60 -33.27 -4.59
O14 IVM I . -16.43 -32.49 -4.50
C15 IVM I . -17.17 -34.72 -4.99
C16 IVM I . -18.41 -35.66 -5.16
C17 IVM I . -18.84 -36.11 -6.39
C18 IVM I . -18.12 -35.70 -7.71
C19 IVM I . -20.07 -37.04 -6.50
C20 IVM I . -19.63 -38.67 -4.85
C21 IVM I . -19.77 -38.90 -3.29
C22 IVM I . -21.18 -39.51 -2.94
C23 IVM I . -21.04 -38.94 -0.66
C24 IVM I . -21.46 -40.65 -3.88
C25 IVM I . -22.82 -42.54 -3.50
C26 IVM I . -22.39 -42.95 -2.05
C27 IVM I . -23.48 -42.51 -1.04
C28 IVM I . -22.11 -42.47 0.91
C29 IVM I . -24.81 -43.01 -1.50
C30 IVM I . -25.09 -42.49 -2.89
C31 IVM I . -26.49 -42.95 -3.32
C32 IVM I . -21.36 -40.15 -5.29
C33 IVM I . -21.79 -41.27 -6.28
C34 IVM I . -21.26 -36.25 -7.05
C35 IVM I . -22.53 -37.09 -6.95
C36 IVM I . -21.42 -34.96 -6.24
C37 IVM I . -22.35 -33.93 -6.92
C38 IVM I . -22.39 -32.58 -6.15
C39 IVM I . -23.61 -31.69 -6.50
C40 IVM I . -23.82 -31.56 -8.09
C41 IVM I . -24.66 -29.71 -6.87
C42 IVM I . -24.92 -28.29 -6.66
C43 IVM I . -23.61 -27.50 -6.14
C44 IVM I . -22.28 -28.11 -6.34
C45 IVM I . -22.16 -29.64 -6.45
C46 IVM I . -21.03 -30.07 -5.51
C47 IVM I . -23.50 -30.29 -6.09
C48 IVM I . -23.75 -26.06 -5.56
H1 IVM I . -16.40 -35.11 0.04
H1A IVM I . -15.72 -33.64 0.75
H1B IVM I . -15.41 -34.02 -0.96
H2 IVM I . -18.21 -33.54 0.15
H2A IVM I . -17.72 -33.61 -1.55
H3 IVM I . -16.53 -31.55 0.33
H4 IVM I . -18.29 -30.03 0.00
H4A IVM I . -19.13 -31.55 0.28
H4B IVM I . -18.96 -30.93 -1.37
H5 IVM I . -15.63 -32.09 -2.02
HO6 IVM I . -25.84 -43.06 0.18
H7 IVM I . -15.22 -29.65 -4.91
H7A IVM I . -14.49 -30.79 -3.79
H8 IVM I . -16.52 -28.63 -2.99
H8A IVM I . -14.75 -28.52 -2.76
H9 IVM I . -16.32 -29.42 -0.81
H10 IVM I . -13.85 -29.26 -0.75
H10A IVM I . -13.74 -30.80 -1.64
H10B IVM I . -14.42 -30.77 0.00
HO10 IVM I . -24.57 -27.45 -8.36
H11 IVM I . -17.41 -30.12 -5.92
H11A IVM I . -18.08 -29.51 -4.39
H12 IVM I . -19.49 -31.50 -4.15
H13 IVM I . -17.97 -32.53 -6.56
H13A IVM I . -19.36 -33.33 -5.79
HO13 IVM I . -24.69 -30.12 -4.55
H14 IVM I . -18.11 -33.29 -3.64
H15 IVM I . -16.54 -35.12 -4.19
H15A IVM I . -16.59 -34.69 -5.89
H16 IVM I . -18.95 -35.98 -4.27
H18 IVM I . -17.33 -36.28 -7.24
H18A IVM I . -17.27 -35.04 -7.91
H18B IVM I . -18.58 -34.74 -7.45
H19 IVM I . -19.84 -37.85 -7.17
H20 IVM I . -18.59 -38.47 -5.07
H21 IVM I . -19.65 -37.96 -2.77
H21A IVM I . -18.99 -39.60 -2.96
H22 IVM I . -21.95 -38.74 -3.09
H23 IVM I . -21.50 -39.27 0.28
H23A IVM I . -21.52 -38.03 -1.00
H23B IVM I . -19.98 -38.76 -0.49
H24 IVM I . -20.72 -41.45 -3.72
H25 IVM I . -22.12 -42.99 -4.22
H26 IVM I . -21.45 -42.46 -1.80
H26A IVM I . -22.27 -44.02 -2.01
H27 IVM I . -23.50 -41.43 -0.97
H28 IVM I . -22.12 -42.77 1.96
H28A IVM I . -22.21 -41.38 0.86
H28B IVM I . -21.17 -42.77 0.46
H29 IVM I . -24.82 -44.10 -1.50
H30 IVM I . -25.04 -41.41 -2.89
H31 IVM I . -27.24 -42.42 -2.74
H31A IVM I . -26.60 -44.02 -3.17
H31B IVM I . -26.63 -42.72 -4.38
H32 IVM I . -22.00 -39.29 -5.41
H33 IVM I . -22.84 -41.52 -6.11
H33A IVM I . -21.17 -42.15 -6.14
H33B IVM I . -21.68 -40.90 -7.30
H34 IVM I . -21.06 -35.99 -8.10
H35 IVM I . -23.33 -36.61 -7.53
H35A IVM I . -22.84 -37.18 -5.91
H35B IVM I . -22.35 -38.08 -7.36
H36 IVM I . -21.81 -35.20 -5.25
H37 IVM I . -23.36 -34.33 -6.99
H38 IVM I . -22.38 -32.78 -5.08
H40 IVM I . -22.86 -31.71 -8.60
H40A IVM I . -24.54 -32.29 -8.45
H41 IVM I . -25.56 -30.25 -6.60
H42 IVM I . -25.72 -28.18 -5.93
H44 IVM I . -21.38 -27.51 -6.15
H45 IVM I . -21.89 -29.90 -7.47
H48 IVM I . -23.00 -25.91 -4.79
H48A IVM I . -24.74 -25.93 -5.12
H48B IVM I . -23.60 -25.33 -6.36
C1 IVM J . -12.83 -22.17 -27.95
O1 IVM J . -14.99 -19.54 -26.03
C2 IVM J . -13.97 -22.30 -26.91
O2 IVM J . -18.61 -22.12 -31.93
C3 IVM J . -13.62 -21.52 -25.63
O3 IVM J . -17.28 -26.24 -32.66
C4 IVM J . -14.61 -21.92 -24.53
O4 IVM J . -19.60 -25.97 -34.25
C5 IVM J . -13.66 -20.01 -25.88
O5 IVM J . -17.82 -29.91 -34.51
C6 IVM J . -15.05 -18.20 -26.50
O6 IVM J . -20.54 -30.35 -33.91
C7 IVM J . -13.95 -17.35 -25.87
O7 IVM J . -20.69 -27.26 -35.82
C8 IVM J . -13.56 -17.90 -24.49
O8 IVM J . -18.32 -22.58 -34.15
C9 IVM J . -12.97 -19.30 -24.69
O9 IVM J . -23.88 -18.46 -25.53
C10 IVM J . -11.47 -19.18 -24.98
O10 IVM J . -24.63 -18.53 -23.12
C11 IVM J . -16.48 -17.85 -25.90
O11 IVM J . -18.98 -19.51 -24.34
C12 IVM J . -17.62 -18.71 -26.54
O12 IVM J . -18.87 -18.17 -26.20
C13 IVM J . -17.47 -18.67 -28.04
O13 IVM J . -21.35 -20.91 -24.57
C14 IVM J . -16.13 -19.26 -28.40
O14 IVM J . -15.10 -18.44 -27.91
C15 IVM J . -15.96 -19.35 -29.95
C16 IVM J . -17.03 -20.29 -30.60
C17 IVM J . -18.05 -19.80 -31.40
C18 IVM J . -18.21 -18.29 -31.70
C19 IVM J . -19.08 -20.78 -32.02
C20 IVM J . -17.69 -22.47 -32.91
C21 IVM J . -16.99 -23.84 -32.52
C22 IVM J . -17.99 -25.04 -32.73
C23 IVM J . -16.71 -26.51 -31.38
C24 IVM J . -18.62 -24.92 -34.09
C25 IVM J . -19.46 -26.63 -35.46
C26 IVM J . -18.32 -27.70 -35.37
C27 IVM J . -18.76 -28.85 -34.43
C28 IVM J . -16.57 -29.65 -33.87
C29 IVM J . -20.10 -29.36 -34.84
C30 IVM J . -21.08 -28.22 -34.85
C31 IVM J . -22.48 -28.76 -35.21
C32 IVM J . -19.29 -23.58 -34.17
C33 IVM J . -20.10 -23.47 -35.49
C34 IVM J . -20.41 -20.63 -31.30
C35 IVM J . -21.37 -21.75 -31.75
C36 IVM J . -20.20 -20.71 -29.79
C37 IVM J . -21.10 -19.74 -29.01
C38 IVM J . -20.84 -19.82 -27.48
C39 IVM J . -22.12 -19.99 -26.62
C40 IVM J . -23.22 -18.88 -26.98
C41 IVM J . -23.36 -19.59 -24.73
C42 IVM J . -23.55 -19.40 -23.30
C43 IVM J . -22.26 -18.76 -22.58
C44 IVM J . -21.22 -18.09 -23.40
C45 IVM J . -21.06 -18.52 -24.88
C46 IVM J . -19.55 -18.79 -25.09
C47 IVM J . -21.91 -19.75 -25.18
C48 IVM J . -22.18 -18.72 -21.03
H1 IVM J . -12.94 -22.95 -28.71
H1A IVM J . -11.86 -22.28 -27.46
H1B IVM J . -12.88 -21.19 -28.43
H2 IVM J . -14.09 -23.36 -26.66
H2A IVM J . -14.90 -21.92 -27.33
H3 IVM J . -12.62 -21.79 -25.31
H4 IVM J . -14.13 -21.81 -23.55
H4A IVM J . -14.92 -22.95 -24.66
H4B IVM J . -15.49 -21.28 -24.56
H5 IVM J . -13.11 -19.77 -26.78
HO6 IVM J . -20.07 -31.18 -34.08
H7 IVM J . -14.31 -16.33 -25.77
H7A IVM J . -13.09 -17.33 -26.53
H8 IVM J . -14.43 -17.95 -23.85
H8A IVM J . -12.80 -17.24 -24.05
H9 IVM J . -13.11 -19.88 -23.78
H10 IVM J . -10.98 -18.67 -24.15
H10A IVM J . -11.33 -18.60 -25.90
H10B IVM J . -11.04 -20.17 -25.10
HO10 IVM J . -24.33 -17.63 -23.14
H11 IVM J . -16.70 -16.79 -26.09
H11A IVM J . -16.48 -18.02 -24.82
H12 IVM J . -17.54 -19.73 -26.20
H13 IVM J . -17.52 -17.64 -28.39
H13A IVM J . -18.26 -19.24 -28.50
HO13 IVM J . -22.04 -21.54 -24.38
H14 IVM J . -16.04 -20.25 -27.97
H15 IVM J . -14.97 -19.78 -30.16
H15A IVM J . -15.99 -18.36 -30.38
H16 IVM J . -16.96 -21.36 -30.42
H18 IVM J . -17.26 -18.48 -32.21
H18A IVM J . -17.64 -17.41 -31.38
H18B IVM J . -18.47 -18.29 -30.65
H19 IVM J . -19.20 -20.53 -33.07
H20 IVM J . -16.93 -21.71 -32.97
H21 IVM J . -16.70 -23.80 -31.46
H21A IVM J . -16.10 -23.99 -33.14
H22 IVM J . -18.76 -25.02 -31.97
H23 IVM J . -16.60 -27.59 -31.26
H23A IVM J . -17.36 -26.13 -30.60
H23B IVM J . -15.73 -26.05 -31.31
H24 IVM J . -17.85 -24.99 -34.86
H25 IVM J . -19.21 -25.91 -36.25
H26 IVM J . -17.41 -27.23 -34.97
H26A IVM J . -18.12 -28.11 -36.35
H27 IVM J . -18.81 -28.48 -33.40
H28 IVM J . -16.03 -30.59 -33.76
H28A IVM J . -16.75 -29.22 -32.89
H28B IVM J . -15.99 -28.97 -34.49
H29 IVM J . -20.03 -29.79 -35.84
H30 IVM J . -21.11 -27.76 -33.87
H31 IVM J . -22.85 -29.37 -34.40
H31A IVM J . -22.41 -29.36 -36.12
H31B IVM J . -23.16 -27.93 -35.38
H32 IVM J . -19.97 -23.46 -33.33
H33 IVM J . -20.88 -24.22 -35.50
H33A IVM J . -19.42 -23.63 -36.34
H33B IVM J . -20.54 -22.48 -35.56
H34 IVM J . -20.85 -19.67 -31.55
H35 IVM J . -22.36 -21.58 -31.31
H35A IVM J . -20.99 -22.73 -31.41
H35B IVM J . -21.45 -21.75 -32.84
H36 IVM J . -20.38 -21.73 -29.45
H37 IVM J . -20.92 -18.72 -29.35
H38 IVM J . -20.13 -20.61 -27.26
H40 IVM J . -22.74 -18.02 -27.46
H40A IVM J . -23.97 -19.29 -27.65
H41 IVM J . -23.89 -20.49 -25.02
H42 IVM J . -23.78 -20.36 -22.84
H44 IVM J . -20.44 -17.51 -22.92
H45 IVM J . -21.36 -17.69 -25.53
H48 IVM J . -21.14 -18.82 -20.72
H48A IVM J . -22.76 -19.54 -20.61
H48B IVM J . -22.58 -17.78 -20.66
N LEU A 7 -50.10 4.97 -6.65
CA LEU A 7 -48.70 4.87 -7.07
C LEU A 7 -47.99 3.76 -6.31
N TYR A 8 -48.56 2.55 -6.37
CA TYR A 8 -47.96 1.41 -5.69
C TYR A 8 -46.60 1.06 -6.31
N TYR A 9 -46.60 0.70 -7.59
CA TYR A 9 -45.35 0.38 -8.27
C TYR A 9 -44.55 1.62 -8.64
N GLY A 10 -45.19 2.78 -8.74
CA GLY A 10 -44.45 3.99 -9.08
C GLY A 10 -43.46 4.39 -8.01
N LEU A 11 -43.87 4.33 -6.74
CA LEU A 11 -42.98 4.69 -5.65
C LEU A 11 -41.97 3.61 -5.34
N ASN A 12 -42.20 2.38 -5.80
CA ASN A 12 -41.29 1.27 -5.53
C ASN A 12 -40.20 1.12 -6.59
N LEU A 13 -40.27 1.89 -7.68
CA LEU A 13 -39.27 1.79 -8.75
C LEU A 13 -38.65 3.15 -9.04
N LEU A 14 -39.44 4.23 -8.89
CA LEU A 14 -38.92 5.56 -9.15
C LEU A 14 -38.01 6.05 -8.03
N ILE A 15 -38.37 5.78 -6.77
CA ILE A 15 -37.56 6.25 -5.64
C ILE A 15 -36.15 5.68 -5.69
N PRO A 16 -35.95 4.36 -5.88
CA PRO A 16 -34.58 3.85 -5.96
C PRO A 16 -33.77 4.47 -7.09
N CYS A 17 -34.43 4.83 -8.20
CA CYS A 17 -33.69 5.41 -9.32
C CYS A 17 -33.02 6.72 -8.92
N VAL A 18 -33.72 7.58 -8.20
CA VAL A 18 -33.13 8.83 -7.75
C VAL A 18 -32.25 8.62 -6.52
N LEU A 19 -32.57 7.61 -5.70
CA LEU A 19 -31.75 7.35 -4.53
C LEU A 19 -30.34 6.92 -4.92
N ILE A 20 -30.23 6.04 -5.93
CA ILE A 20 -28.91 5.63 -6.40
C ILE A 20 -28.16 6.81 -7.00
N SER A 21 -28.85 7.62 -7.79
CA SER A 21 -28.22 8.79 -8.39
C SER A 21 -27.75 9.77 -7.32
N ALA A 22 -28.54 9.94 -6.26
CA ALA A 22 -28.15 10.84 -5.18
C ALA A 22 -26.91 10.33 -4.47
N LEU A 23 -26.79 9.02 -4.30
CA LEU A 23 -25.60 8.45 -3.66
C LEU A 23 -24.35 8.68 -4.51
N ALA A 24 -24.51 8.73 -5.83
CA ALA A 24 -23.36 8.99 -6.69
C ALA A 24 -22.80 10.39 -6.47
N LEU A 25 -23.65 11.35 -6.08
CA LEU A 25 -23.17 12.70 -5.84
C LEU A 25 -22.20 12.74 -4.67
N LEU A 26 -22.39 11.88 -3.68
CA LEU A 26 -21.48 11.86 -2.53
C LEU A 26 -20.12 11.28 -2.90
N VAL A 27 -20.08 10.38 -3.89
CA VAL A 27 -18.80 9.80 -4.30
C VAL A 27 -17.88 10.85 -4.89
N PHE A 28 -18.46 11.80 -5.65
CA PHE A 28 -17.64 12.85 -6.27
C PHE A 28 -17.00 13.76 -5.23
N LEU A 29 -17.54 13.82 -4.01
CA LEU A 29 -16.98 14.67 -2.98
C LEU A 29 -15.61 14.18 -2.52
N LEU A 30 -15.28 12.91 -2.76
CA LEU A 30 -14.00 12.38 -2.34
C LEU A 30 -12.86 13.07 -3.10
N PRO A 31 -11.73 13.34 -2.46
CA PRO A 31 -10.60 13.92 -3.20
C PRO A 31 -10.07 12.97 -4.25
N ALA A 32 -9.28 13.52 -5.16
CA ALA A 32 -8.69 12.72 -6.23
C ALA A 32 -7.66 11.73 -5.70
N ASP A 33 -7.16 11.93 -4.48
CA ASP A 33 -6.18 11.00 -3.91
C ASP A 33 -6.80 9.66 -3.55
N SER A 34 -8.12 9.60 -3.39
CA SER A 34 -8.79 8.36 -3.02
C SER A 34 -8.81 7.42 -4.23
N GLY A 35 -7.89 6.45 -4.24
CA GLY A 35 -7.83 5.48 -5.32
C GLY A 35 -8.65 4.23 -5.10
N GLU A 36 -9.15 4.01 -3.89
CA GLU A 36 -9.96 2.84 -3.58
C GLU A 36 -11.45 3.08 -3.77
N LYS A 37 -11.85 4.25 -4.24
CA LYS A 37 -13.27 4.56 -4.44
C LYS A 37 -13.85 3.88 -5.68
N ILE A 38 -13.01 3.26 -6.50
CA ILE A 38 -13.53 2.58 -7.69
C ILE A 38 -14.50 1.48 -7.30
N SER A 39 -14.22 0.78 -6.20
CA SER A 39 -15.11 -0.28 -5.76
C SER A 39 -16.48 0.27 -5.39
N LEU A 40 -16.52 1.43 -4.73
CA LEU A 40 -17.79 2.05 -4.38
C LEU A 40 -18.57 2.43 -5.63
N GLY A 41 -17.88 2.98 -6.63
CA GLY A 41 -18.56 3.34 -7.87
C GLY A 41 -19.16 2.16 -8.59
N ILE A 42 -18.50 1.01 -8.53
CA ILE A 42 -19.04 -0.19 -9.18
C ILE A 42 -20.37 -0.58 -8.55
N THR A 43 -20.47 -0.51 -7.22
CA THR A 43 -21.71 -0.85 -6.55
C THR A 43 -22.85 0.08 -6.97
N VAL A 44 -22.55 1.37 -7.13
CA VAL A 44 -23.56 2.32 -7.55
C VAL A 44 -24.10 1.93 -8.92
N LEU A 45 -23.21 1.62 -9.85
CA LEU A 45 -23.64 1.14 -11.17
C LEU A 45 -24.31 -0.22 -11.06
N LEU A 46 -23.75 -1.12 -10.24
CA LEU A 46 -24.34 -2.44 -10.08
C LEU A 46 -25.72 -2.35 -9.44
N SER A 47 -25.89 -1.46 -8.46
CA SER A 47 -27.19 -1.32 -7.79
C SER A 47 -28.28 -0.91 -8.78
N LEU A 48 -27.96 -0.01 -9.70
CA LEU A 48 -28.95 0.40 -10.69
C LEU A 48 -29.38 -0.77 -11.56
N THR A 49 -28.43 -1.60 -11.97
CA THR A 49 -28.76 -2.76 -12.80
C THR A 49 -29.60 -3.77 -12.04
N VAL A 50 -29.33 -3.94 -10.74
CA VAL A 50 -30.11 -4.90 -9.94
C VAL A 50 -31.58 -4.48 -9.91
N PHE A 51 -31.84 -3.20 -9.68
CA PHE A 51 -33.21 -2.70 -9.71
C PHE A 51 -33.75 -2.56 -11.12
N MET A 52 -32.87 -2.53 -12.12
CA MET A 52 -33.34 -2.44 -13.51
C MET A 52 -34.13 -3.67 -13.91
N LEU A 53 -33.70 -4.85 -13.47
CA LEU A 53 -34.41 -6.07 -13.81
C LEU A 53 -35.83 -6.07 -13.27
N LEU A 54 -36.05 -5.47 -12.10
CA LEU A 54 -37.39 -5.40 -11.54
C LEU A 54 -38.32 -4.61 -12.45
N VAL A 55 -37.85 -3.49 -13.00
CA VAL A 55 -38.68 -2.70 -13.89
C VAL A 55 -38.93 -3.41 -15.21
N ALA A 56 -38.05 -4.34 -15.61
CA ALA A 56 -38.24 -5.05 -16.86
C ALA A 56 -39.52 -5.88 -16.84
N GLU A 57 -39.80 -6.55 -15.72
CA GLU A 57 -41.01 -7.34 -15.62
C GLU A 57 -42.25 -6.46 -15.73
N ILE A 58 -42.24 -5.29 -15.09
CA ILE A 58 -43.37 -4.38 -15.17
C ILE A 58 -43.38 -3.60 -16.48
N MET A 59 -42.27 -3.56 -17.20
CA MET A 59 -42.19 -2.81 -18.44
C MET A 59 -43.12 -3.44 -19.48
N PRO A 60 -44.06 -2.71 -20.05
CA PRO A 60 -44.93 -3.29 -21.08
C PRO A 60 -44.12 -3.77 -22.28
N SER A 61 -44.55 -4.90 -22.85
CA SER A 61 -43.90 -5.49 -24.02
C SER A 61 -44.57 -4.92 -25.26
N THR A 62 -44.01 -3.82 -25.78
CA THR A 62 -44.55 -3.17 -26.96
C THR A 62 -43.97 -3.80 -28.23
N SER A 63 -44.47 -3.37 -29.38
CA SER A 63 -44.02 -3.90 -30.66
C SER A 63 -42.86 -3.09 -31.22
N ASP A 64 -43.05 -1.79 -31.40
CA ASP A 64 -42.00 -0.92 -31.93
C ASP A 64 -41.91 0.42 -31.23
N SER A 65 -42.71 0.68 -30.19
CA SER A 65 -42.69 1.93 -29.45
C SER A 65 -42.38 1.62 -27.99
N SER A 66 -41.15 1.87 -27.58
CA SER A 66 -40.75 1.59 -26.21
C SER A 66 -41.50 2.51 -25.24
N PRO A 67 -41.79 2.03 -24.03
CA PRO A 67 -42.48 2.89 -23.05
C PRO A 67 -41.65 4.11 -22.70
N SER A 68 -42.32 5.10 -22.12
CA SER A 68 -41.65 6.34 -21.73
C SER A 68 -40.63 6.12 -20.63
N ILE A 69 -40.71 5.00 -19.89
CA ILE A 69 -39.75 4.74 -18.82
C ILE A 69 -38.35 4.54 -19.38
N ALA A 70 -38.21 4.13 -20.64
CA ALA A 70 -36.89 3.94 -21.21
C ALA A 70 -36.12 5.26 -21.28
N GLN A 71 -36.81 6.34 -21.62
CA GLN A 71 -36.15 7.65 -21.69
C GLN A 71 -35.67 8.11 -20.32
N TYR A 72 -36.43 7.81 -19.26
CA TYR A 72 -36.00 8.22 -17.93
C TYR A 72 -34.69 7.54 -17.54
N PHE A 73 -34.55 6.26 -17.86
CA PHE A 73 -33.32 5.55 -17.54
C PHE A 73 -32.12 6.13 -18.29
N ALA A 74 -32.36 6.77 -19.43
CA ALA A 74 -31.26 7.35 -20.19
C ALA A 74 -30.55 8.43 -19.39
N SER A 75 -31.30 9.32 -18.74
CA SER A 75 -30.69 10.36 -17.92
C SER A 75 -30.00 9.76 -16.70
N THR A 76 -30.62 8.76 -16.08
CA THR A 76 -30.01 8.12 -14.91
C THR A 76 -28.77 7.35 -15.30
N MET A 77 -28.77 6.71 -16.47
CA MET A 77 -27.62 5.95 -16.92
C MET A 77 -26.47 6.84 -17.35
N ILE A 78 -26.72 8.12 -17.60
CA ILE A 78 -25.64 9.04 -17.98
C ILE A 78 -24.89 9.50 -16.74
N ILE A 79 -25.61 9.90 -15.69
CA ILE A 79 -24.97 10.33 -14.46
C ILE A 79 -24.25 9.15 -13.80
N VAL A 80 -24.94 8.02 -13.67
CA VAL A 80 -24.33 6.84 -13.05
C VAL A 80 -23.27 6.24 -13.97
N GLY A 81 -23.57 6.17 -15.27
CA GLY A 81 -22.62 5.58 -16.18
C GLY A 81 -21.31 6.35 -16.25
N LEU A 82 -21.39 7.67 -16.28
CA LEU A 82 -20.19 8.50 -16.34
C LEU A 82 -19.46 8.59 -15.01
N SER A 83 -20.13 8.25 -13.90
CA SER A 83 -19.48 8.29 -12.60
C SER A 83 -18.32 7.30 -12.54
N VAL A 84 -18.52 6.10 -13.07
CA VAL A 84 -17.44 5.10 -13.08
C VAL A 84 -16.32 5.54 -14.00
N VAL A 85 -16.66 6.15 -15.14
CA VAL A 85 -15.64 6.60 -16.08
C VAL A 85 -14.79 7.70 -15.46
N VAL A 86 -15.40 8.56 -14.64
CA VAL A 86 -14.66 9.64 -14.01
C VAL A 86 -13.58 9.08 -13.10
N THR A 87 -13.91 8.04 -12.33
CA THR A 87 -12.92 7.44 -11.42
C THR A 87 -11.73 6.89 -12.21
N VAL A 88 -11.97 6.43 -13.44
CA VAL A 88 -10.86 5.93 -14.26
C VAL A 88 -9.87 7.04 -14.56
N ILE A 89 -10.37 8.25 -14.85
CA ILE A 89 -9.49 9.36 -15.16
C ILE A 89 -8.63 9.72 -13.95
N VAL A 90 -9.20 9.60 -12.75
CA VAL A 90 -8.45 9.92 -11.54
C VAL A 90 -7.23 9.01 -11.41
N LEU A 91 -7.39 7.73 -11.71
CA LEU A 91 -6.28 6.80 -11.58
C LEU A 91 -5.13 7.17 -12.50
N GLN A 92 -5.44 7.59 -13.73
CA GLN A 92 -4.39 7.93 -14.69
C GLN A 92 -3.54 9.09 -14.18
N TYR A 93 -4.17 10.12 -13.62
CA TYR A 93 -3.42 11.27 -13.13
C TYR A 93 -2.86 11.01 -11.74
N HIS A 94 -3.63 10.36 -10.87
CA HIS A 94 -3.16 10.11 -9.51
C HIS A 94 -1.94 9.19 -9.51
N HIS A 95 -1.94 8.15 -10.35
CA HIS A 95 -0.83 7.21 -10.38
C HIS A 95 0.42 7.83 -10.99
N HIS A 96 0.26 8.84 -11.84
CA HIS A 96 1.37 9.54 -12.49
C HIS A 96 2.45 8.55 -12.94
N ASP A 97 2.02 7.58 -13.73
CA ASP A 97 2.93 6.56 -14.24
C ASP A 97 4.01 7.22 -15.10
N PRO A 98 5.29 6.96 -14.85
CA PRO A 98 6.33 7.57 -15.70
C PRO A 98 6.24 7.17 -17.17
N ASP A 99 5.64 6.02 -17.47
CA ASP A 99 5.55 5.52 -18.84
C ASP A 99 4.22 5.88 -19.50
N GLY A 100 3.39 6.70 -18.86
CA GLY A 100 2.13 7.06 -19.44
C GLY A 100 1.54 8.30 -18.78
N GLY A 101 0.34 8.65 -19.19
CA GLY A 101 -0.33 9.81 -18.63
C GLY A 101 0.41 11.11 -18.86
N LYS A 102 0.95 11.29 -20.07
CA LYS A 102 1.70 12.51 -20.41
C LYS A 102 0.69 13.58 -20.83
N MET A 103 0.07 14.19 -19.82
CA MET A 103 -0.91 15.23 -20.10
C MET A 103 -0.21 16.49 -20.61
N PRO A 104 -0.76 17.15 -21.63
CA PRO A 104 -0.11 18.36 -22.13
C PRO A 104 -0.04 19.44 -21.05
N LYS A 105 1.05 20.20 -21.07
CA LYS A 105 1.25 21.24 -20.06
C LYS A 105 0.39 22.47 -20.33
N TRP A 106 0.14 22.79 -21.61
CA TRP A 106 -0.65 23.97 -21.92
C TRP A 106 -2.08 23.83 -21.42
N THR A 107 -2.65 22.64 -21.49
CA THR A 107 -4.01 22.44 -21.00
C THR A 107 -4.09 22.56 -19.48
N ARG A 108 -3.04 22.13 -18.77
CA ARG A 108 -3.04 22.21 -17.31
C ARG A 108 -2.86 23.64 -16.82
N VAL A 109 -2.27 24.52 -17.62
CA VAL A 109 -2.09 25.90 -17.19
C VAL A 109 -3.44 26.57 -16.95
N ILE A 110 -4.41 26.32 -17.84
CA ILE A 110 -5.73 26.91 -17.68
C ILE A 110 -6.39 26.38 -16.41
N LEU A 111 -6.16 25.10 -16.08
CA LEU A 111 -6.76 24.50 -14.90
C LEU A 111 -6.06 24.91 -13.61
N LEU A 112 -4.94 25.61 -13.68
CA LEU A 112 -4.25 26.03 -12.47
C LEU A 112 -5.10 27.00 -11.66
N ASN A 113 -5.83 27.89 -12.33
CA ASN A 113 -6.68 28.85 -11.66
C ASN A 113 -7.99 28.25 -11.17
N TRP A 114 -8.35 27.05 -11.65
CA TRP A 114 -9.59 26.42 -11.19
C TRP A 114 -9.55 26.14 -9.69
N CYS A 115 -8.42 25.62 -9.20
CA CYS A 115 -8.31 25.33 -7.78
C CYS A 115 -8.35 26.61 -6.93
N ALA A 116 -7.73 27.68 -7.41
CA ALA A 116 -7.73 28.93 -6.68
C ALA A 116 -9.10 29.61 -6.72
N TRP A 117 -9.84 29.48 -7.82
CA TRP A 117 -11.16 30.08 -7.95
C TRP A 117 -12.25 29.26 -7.27
N PHE A 118 -11.96 28.00 -6.91
CA PHE A 118 -12.98 27.18 -6.25
C PHE A 118 -13.38 27.79 -4.91
N LEU A 119 -12.41 28.24 -4.12
CA LEU A 119 -12.71 28.86 -2.84
C LEU A 119 -13.26 30.27 -3.03
N ARG A 120 -12.69 31.04 -3.96
CA ARG A 120 -13.11 32.41 -4.24
C ARG A 120 -13.23 32.56 -5.75
N MET A 121 -14.43 32.31 -6.26
CA MET A 121 -14.66 32.40 -7.70
C MET A 121 -14.61 33.85 -8.16
N LYS A 122 -14.38 34.04 -9.46
CA LYS A 122 -14.31 35.36 -10.05
C LYS A 122 -15.68 35.98 -10.32
N ARG A 123 -16.76 35.27 -10.01
CA ARG A 123 -18.10 35.79 -10.24
C ARG A 123 -18.38 36.97 -9.32
N PRO A 124 -19.35 37.82 -9.68
CA PRO A 124 -19.64 38.99 -8.84
C PRO A 124 -20.07 38.63 -7.42
N GLY A 125 -20.59 37.42 -7.20
CA GLY A 125 -21.04 37.04 -5.88
C GLY A 125 -19.92 36.87 -4.87
N GLU A 126 -18.69 36.71 -5.34
CA GLU A 126 -17.54 36.55 -4.46
C GLU A 126 -16.50 37.66 -4.60
N ASP A 127 -16.32 38.22 -5.80
CA ASP A 127 -15.35 39.29 -5.97
C ASP A 127 -15.83 40.61 -5.38
N LYS A 128 -17.15 40.84 -5.37
CA LYS A 128 -17.69 42.08 -4.85
C LYS A 128 -17.97 42.02 -3.35
N VAL A 129 -18.36 40.86 -2.83
CA VAL A 129 -18.66 40.72 -1.40
C VAL A 129 -17.35 40.37 -0.71
N ARG A 130 -16.58 41.40 -0.40
CA ARG A 130 -15.30 41.25 0.27
C ARG A 130 -14.77 42.65 0.61
N PRO A 131 -13.80 42.74 1.51
CA PRO A 131 -13.23 44.07 1.83
C PRO A 131 -12.61 44.71 0.60
N ALA A 132 -13.14 45.86 0.21
CA ALA A 132 -12.66 46.59 -0.95
C ALA A 132 -12.70 48.08 -0.66
N CYS A 133 -11.65 48.78 -1.05
CA CYS A 133 -11.56 50.22 -0.84
C CYS A 133 -10.64 50.83 -1.89
N GLN A 134 -10.77 52.14 -2.06
CA GLN A 134 -9.95 52.88 -3.03
C GLN A 134 -8.58 53.25 -2.47
N HIS A 135 -8.30 52.95 -1.21
CA HIS A 135 -7.03 53.28 -0.59
C HIS A 135 -5.98 52.24 -1.01
N LYS A 136 -4.83 52.25 -0.35
CA LYS A 136 -3.72 51.36 -0.70
C LYS A 136 -4.11 49.89 -0.63
N GLN A 137 -5.27 49.55 -0.08
CA GLN A 137 -5.68 48.15 0.00
C GLN A 137 -5.80 47.53 -1.38
N ARG A 138 -6.34 48.28 -2.34
CA ARG A 138 -6.55 47.80 -3.70
C ARG A 138 -5.67 48.54 -4.71
N ARG A 139 -4.49 48.97 -4.27
CA ARG A 139 -3.55 49.67 -5.13
C ARG A 139 -2.48 48.70 -5.65
N CYS A 140 -1.76 49.15 -6.67
CA CYS A 140 -0.70 48.36 -7.28
C CYS A 140 0.48 49.28 -7.60
N SER A 141 1.67 48.68 -7.65
CA SER A 141 2.90 49.41 -7.96
C SER A 141 3.79 48.50 -8.80
N LEU A 142 5.05 48.91 -8.96
CA LEU A 142 5.98 48.10 -9.73
C LEU A 142 6.21 46.74 -9.09
N ALA A 143 6.09 46.65 -7.77
CA ALA A 143 6.26 45.38 -7.08
C ALA A 143 5.08 44.45 -7.30
N SER A 144 3.89 44.99 -7.52
CA SER A 144 2.70 44.17 -7.74
C SER A 144 2.52 43.77 -9.19
N VAL A 145 2.81 44.68 -10.12
CA VAL A 145 2.70 44.40 -11.54
C VAL A 145 3.94 43.61 -11.97
N GLU A 146 3.74 42.35 -12.36
CA GLU A 146 4.82 41.47 -12.76
C GLU A 146 4.67 41.05 -14.23
N MET A 147 4.31 42.01 -15.08
CA MET A 147 4.17 41.74 -16.51
C MET A 147 5.50 41.70 -17.24
N SER A 148 6.60 42.06 -16.58
CA SER A 148 7.92 42.06 -17.19
C SER A 148 8.73 40.81 -16.82
N ALA A 149 8.06 39.74 -16.42
CA ALA A 149 8.73 38.48 -16.05
C ALA A 149 9.71 38.71 -14.90
N VAL A 150 9.15 39.11 -13.76
CA VAL A 150 9.94 39.36 -12.56
C VAL A 150 9.61 38.29 -11.51
N ALA A 151 10.34 38.30 -10.40
CA ALA A 151 10.14 37.30 -9.38
C ALA A 151 8.79 37.51 -8.68
N PRO A 152 8.22 36.46 -8.09
CA PRO A 152 6.94 36.62 -7.42
C PRO A 152 7.07 37.54 -6.22
N PRO A 153 5.99 38.19 -5.81
CA PRO A 153 6.06 39.11 -4.68
C PRO A 153 6.50 38.39 -3.41
N PRO A 154 7.27 39.05 -2.54
CA PRO A 154 7.67 38.39 -1.29
C PRO A 154 6.47 37.94 -0.47
N ALA A 155 6.38 36.64 -0.23
CA ALA A 155 5.30 36.08 0.55
C ALA A 155 5.78 34.79 1.21
N SER A 156 5.05 34.40 2.26
CA SER A 156 5.37 33.18 3.00
C SER A 156 4.61 31.96 2.48
N ASN A 157 3.86 32.09 1.40
CA ASN A 157 3.08 31.00 0.83
C ASN A 157 3.88 30.20 -0.20
N GLY A 158 5.15 30.50 -0.38
CA GLY A 158 5.97 29.79 -1.35
C GLY A 158 6.52 30.68 -2.44
N ASN A 159 6.71 31.97 -2.11
CA ASN A 159 7.25 32.94 -3.05
C ASN A 159 8.54 33.58 -2.58
N LEU A 160 8.71 33.79 -1.27
CA LEU A 160 9.96 34.38 -0.78
C LEU A 160 11.14 33.47 -1.04
N LEU A 161 10.97 32.16 -0.86
CA LEU A 161 12.06 31.22 -1.07
C LEU A 161 12.40 31.05 -2.55
N TYR A 162 11.51 31.47 -3.45
CA TYR A 162 11.79 31.34 -4.88
C TYR A 162 12.96 32.21 -5.31
N ILE A 163 13.14 33.37 -4.67
CA ILE A 163 14.23 34.27 -5.03
C ILE A 163 15.57 33.62 -4.76
N GLY A 164 15.72 32.99 -3.58
CA GLY A 164 16.97 32.39 -3.20
C GLY A 164 17.09 30.93 -3.58
N PHE A 165 16.10 30.12 -3.17
CA PHE A 165 16.15 28.69 -3.48
C PHE A 165 16.10 28.45 -4.98
N ARG A 166 15.24 29.18 -5.70
CA ARG A 166 15.09 29.04 -7.14
C ARG A 166 15.68 30.24 -7.88
N GLY A 167 16.79 30.77 -7.36
CA GLY A 167 17.41 31.92 -7.99
C GLY A 167 17.95 31.62 -9.38
N LEU A 168 18.28 30.36 -9.65
CA LEU A 168 18.79 29.94 -10.95
C LEU A 168 20.06 30.73 -11.31
N ASP A 169 21.09 30.55 -10.49
CA ASP A 169 22.36 31.24 -10.67
C ASP A 169 22.19 32.74 -10.52
N GLY A 170 21.53 33.15 -9.44
CA GLY A 170 21.26 34.55 -9.20
C GLY A 170 22.23 35.16 -8.20
N VAL A 171 21.77 35.38 -6.97
CA VAL A 171 22.57 35.99 -5.92
C VAL A 171 23.08 34.92 -4.97
N HIS A 172 22.27 33.88 -4.76
CA HIS A 172 22.61 32.82 -3.82
C HIS A 172 23.41 31.71 -4.48
N CYS A 173 22.85 31.10 -5.53
CA CYS A 173 23.53 29.97 -6.18
C CYS A 173 24.87 30.40 -6.78
N VAL A 174 24.88 31.54 -7.48
CA VAL A 174 26.08 32.04 -8.14
C VAL A 174 26.29 33.50 -7.75
N PRO A 175 26.96 33.79 -6.62
CA PRO A 175 27.22 35.18 -6.22
C PRO A 175 28.40 35.81 -6.96
N THR A 176 28.39 35.70 -8.28
CA THR A 176 29.49 36.26 -9.08
C THR A 176 29.64 37.77 -8.89
N PRO A 177 28.58 38.58 -8.86
CA PRO A 177 28.78 40.02 -8.69
C PRO A 177 29.51 40.35 -7.40
N ASP A 178 30.39 41.34 -7.47
CA ASP A 178 31.17 41.78 -6.31
C ASP A 178 30.28 42.62 -5.41
N SER A 179 29.68 41.98 -4.40
CA SER A 179 28.81 42.67 -3.46
C SER A 179 29.58 43.39 -2.36
N GLY A 180 30.88 43.17 -2.24
CA GLY A 180 31.66 43.82 -1.21
C GLY A 180 31.43 43.29 0.18
N VAL A 181 30.94 42.06 0.30
CA VAL A 181 30.68 41.44 1.59
C VAL A 181 31.64 40.29 1.87
N VAL A 182 32.03 39.55 0.85
CA VAL A 182 32.93 38.41 1.04
C VAL A 182 34.28 38.89 1.57
N CYS A 183 34.79 40.00 1.02
CA CYS A 183 36.08 40.55 1.44
C CYS A 183 36.02 42.05 1.66
N GLY A 184 34.82 42.61 1.82
CA GLY A 184 34.66 44.03 2.03
C GLY A 184 34.00 44.37 3.36
N ARG A 185 33.23 43.42 3.90
CA ARG A 185 32.53 43.61 5.16
C ARG A 185 32.76 42.40 6.05
N MET A 186 32.60 42.63 7.36
CA MET A 186 32.78 41.59 8.36
C MET A 186 31.50 40.80 8.62
N ALA A 187 30.56 40.79 7.67
CA ALA A 187 29.30 40.07 7.82
C ALA A 187 29.55 38.58 7.59
N CYS A 188 29.98 37.91 8.65
CA CYS A 188 30.24 36.47 8.63
C CYS A 188 31.30 36.11 7.59
N SER A 189 32.24 37.02 7.35
CA SER A 189 33.31 36.78 6.41
C SER A 189 34.49 37.68 6.76
N PRO A 190 35.71 37.32 6.38
CA PRO A 190 36.87 38.16 6.70
C PRO A 190 37.00 39.32 5.74
N THR A 191 37.36 40.48 6.28
CA THR A 191 37.56 41.71 5.50
C THR A 191 39.05 41.81 5.17
N HIS A 192 39.44 41.24 4.03
CA HIS A 192 40.83 41.25 3.58
C HIS A 192 41.75 40.60 4.61
N ASP A 193 41.23 39.61 5.33
CA ASP A 193 41.99 38.90 6.37
C ASP A 193 42.12 37.42 6.00
N GLU A 194 42.36 37.13 4.73
CA GLU A 194 42.50 35.75 4.28
C GLU A 194 43.82 35.12 4.74
N HIS A 195 44.77 35.91 5.21
CA HIS A 195 46.05 35.37 5.67
C HIS A 195 45.94 34.66 7.01
N LEU A 196 44.84 34.83 7.74
CA LEU A 196 44.65 34.18 9.04
C LEU A 196 44.12 32.77 8.80
N LEU A 197 45.05 31.88 8.43
CA LEU A 197 44.69 30.49 8.16
C LEU A 197 44.67 29.70 9.47
N HIS A 198 44.46 28.38 9.35
CA HIS A 198 44.40 27.50 10.50
C HIS A 198 45.83 27.06 10.87
N GLY A 199 46.60 28.04 11.36
CA GLY A 199 47.96 27.76 11.76
C GLY A 199 48.84 27.31 10.62
N GLY A 200 48.73 27.95 9.46
CA GLY A 200 49.51 27.58 8.29
C GLY A 200 48.89 26.50 7.44
N GLN A 201 47.68 26.06 7.75
CA GLN A 201 46.97 25.02 7.03
C GLN A 201 45.61 25.52 6.57
N PRO A 202 45.00 24.87 5.58
CA PRO A 202 43.69 25.33 5.11
C PRO A 202 42.68 25.28 6.23
N PRO A 203 41.67 26.16 6.20
CA PRO A 203 40.68 26.15 7.29
C PRO A 203 40.01 24.81 7.49
N GLU A 204 39.76 24.06 6.41
CA GLU A 204 39.15 22.74 6.51
C GLU A 204 40.20 21.77 7.02
N GLY A 205 40.00 21.25 8.24
CA GLY A 205 40.96 20.31 8.81
C GLY A 205 40.94 18.95 8.17
N ASP A 206 39.83 18.58 7.53
CA ASP A 206 39.71 17.27 6.88
C ASP A 206 38.87 17.40 5.61
N PRO A 207 39.47 17.35 4.43
CA PRO A 207 38.68 17.45 3.19
C PRO A 207 37.75 16.28 2.96
N ASP A 208 37.83 15.22 3.76
CA ASP A 208 36.95 14.07 3.58
C ASP A 208 35.48 14.42 3.82
N LEU A 209 35.20 15.48 4.56
CA LEU A 209 33.82 15.87 4.80
C LEU A 209 33.13 16.32 3.51
N ALA A 210 33.89 16.85 2.55
CA ALA A 210 33.30 17.28 1.30
C ALA A 210 32.67 16.11 0.56
N LYS A 211 33.36 14.97 0.53
CA LYS A 211 32.80 13.78 -0.12
C LYS A 211 31.54 13.32 0.60
N ILE A 212 31.54 13.34 1.94
CA ILE A 212 30.37 12.95 2.70
C ILE A 212 29.22 13.90 2.43
N LEU A 213 29.52 15.19 2.28
CA LEU A 213 28.48 16.18 2.03
C LEU A 213 27.75 15.87 0.72
N GLU A 214 28.48 15.49 -0.32
CA GLU A 214 27.84 15.16 -1.60
C GLU A 214 26.90 13.97 -1.44
N GLU A 215 27.33 12.93 -0.72
CA GLU A 215 26.46 11.79 -0.48
C GLU A 215 25.32 12.15 0.46
N VAL A 216 25.61 12.92 1.51
CA VAL A 216 24.56 13.34 2.44
C VAL A 216 23.58 14.26 1.72
N ARG A 217 24.08 15.19 0.91
CA ARG A 217 23.20 16.11 0.20
C ARG A 217 22.29 15.35 -0.77
N TYR A 218 22.78 14.27 -1.36
CA TYR A 218 21.94 13.49 -2.28
C TYR A 218 20.73 12.91 -1.56
N ILE A 219 20.93 12.39 -0.34
CA ILE A 219 19.80 11.86 0.43
C ILE A 219 18.81 12.97 0.75
N ALA A 220 19.32 14.13 1.19
CA ALA A 220 18.45 15.27 1.46
C ALA A 220 17.82 15.79 0.17
N ASN A 221 18.59 15.82 -0.92
CA ASN A 221 18.05 16.29 -2.19
C ASN A 221 17.00 15.35 -2.73
N ARG A 222 17.15 14.04 -2.51
CA ARG A 222 16.16 13.09 -2.98
C ARG A 222 14.81 13.36 -2.35
N PHE A 223 14.79 13.63 -1.03
CA PHE A 223 13.53 13.97 -0.38
C PHE A 223 12.96 15.27 -0.92
N ARG A 224 13.83 16.24 -1.21
CA ARG A 224 13.37 17.48 -1.82
C ARG A 224 12.84 17.24 -3.23
N CYS A 225 13.44 16.30 -3.96
CA CYS A 225 12.95 15.97 -5.29
C CYS A 225 11.55 15.35 -5.22
N GLN A 226 11.25 14.64 -4.14
CA GLN A 226 9.90 14.09 -3.98
C GLN A 226 8.87 15.20 -3.86
N ASP A 227 9.20 16.28 -3.14
CA ASP A 227 8.30 17.42 -3.07
C ASP A 227 8.11 18.07 -4.43
N GLU A 228 9.18 18.14 -5.23
CA GLU A 228 9.07 18.68 -6.57
C GLU A 228 8.12 17.83 -7.41
N SER A 229 8.25 16.51 -7.31
CA SER A 229 7.32 15.62 -8.03
C SER A 229 5.90 15.80 -7.52
N GLU A 230 5.73 15.98 -6.21
CA GLU A 230 4.41 16.21 -5.66
C GLU A 230 3.81 17.50 -6.21
N ALA A 231 4.61 18.56 -6.32
CA ALA A 231 4.13 19.80 -6.90
C ALA A 231 3.71 19.60 -8.35
N VAL A 232 4.52 18.87 -9.12
CA VAL A 232 4.13 18.52 -10.48
C VAL A 232 2.90 17.63 -10.47
N CYS A 233 2.88 16.64 -9.59
CA CYS A 233 1.71 15.78 -9.47
C CYS A 233 0.48 16.56 -8.99
N SER A 234 0.70 17.62 -8.22
CA SER A 234 -0.43 18.44 -7.78
C SER A 234 -1.14 19.08 -8.97
N GLU A 235 -0.37 19.55 -9.95
CA GLU A 235 -0.98 20.09 -11.16
C GLU A 235 -1.74 19.00 -11.92
N TRP A 236 -1.18 17.78 -11.96
CA TRP A 236 -1.89 16.68 -12.61
C TRP A 236 -3.12 16.26 -11.81
N LYS A 237 -3.07 16.37 -10.48
CA LYS A 237 -4.20 15.99 -9.66
C LYS A 237 -5.38 16.95 -9.82
N PHE A 238 -5.13 18.19 -10.22
CA PHE A 238 -6.22 19.13 -10.43
C PHE A 238 -7.15 18.65 -11.54
N ALA A 239 -6.59 18.09 -12.61
CA ALA A 239 -7.42 17.54 -13.68
C ALA A 239 -8.30 16.41 -13.16
N ALA A 240 -7.76 15.57 -12.29
CA ALA A 240 -8.57 14.51 -11.68
C ALA A 240 -9.67 15.11 -10.80
N CYS A 241 -9.37 16.20 -10.10
CA CYS A 241 -10.39 16.86 -9.28
C CYS A 241 -11.42 17.58 -10.15
N VAL A 242 -11.00 18.09 -11.31
CA VAL A 242 -11.93 18.80 -12.18
C VAL A 242 -13.04 17.86 -12.65
N VAL A 243 -12.67 16.66 -13.09
CA VAL A 243 -13.65 15.68 -13.55
C VAL A 243 -14.55 15.18 -12.43
N ASP A 244 -14.17 15.41 -11.17
CA ASP A 244 -14.98 15.00 -10.03
C ASP A 244 -15.92 16.11 -9.57
N ARG A 245 -15.42 17.33 -9.45
CA ARG A 245 -16.24 18.44 -8.97
C ARG A 245 -17.04 19.07 -10.11
N LEU A 246 -16.42 19.25 -11.27
CA LEU A 246 -17.14 19.83 -12.40
C LEU A 246 -18.30 18.94 -12.83
N CYS A 247 -18.07 17.63 -12.87
CA CYS A 247 -19.14 16.71 -13.21
C CYS A 247 -20.24 16.69 -12.16
N LEU A 248 -19.88 16.89 -10.89
CA LEU A 248 -20.88 16.92 -9.82
C LEU A 248 -21.86 18.06 -10.06
N MET A 249 -21.35 19.25 -10.39
CA MET A 249 -22.25 20.37 -10.68
C MET A 249 -23.08 20.11 -11.93
N ALA A 250 -22.45 19.54 -12.98
CA ALA A 250 -23.19 19.24 -14.19
C ALA A 250 -24.28 18.20 -13.94
N PHE A 251 -23.97 17.16 -13.17
CA PHE A 251 -24.97 16.15 -12.87
C PHE A 251 -26.04 16.67 -11.93
N SER A 252 -25.71 17.68 -11.10
CA SER A 252 -26.71 18.25 -10.20
C SER A 252 -27.86 18.87 -10.99
N VAL A 253 -27.55 19.60 -12.06
CA VAL A 253 -28.59 20.17 -12.90
C VAL A 253 -29.38 19.05 -13.59
N PHE A 254 -28.67 18.04 -14.11
CA PHE A 254 -29.35 16.92 -14.75
C PHE A 254 -30.22 16.16 -13.76
N THR A 255 -29.74 15.98 -12.52
CA THR A 255 -30.52 15.28 -11.52
C THR A 255 -31.83 16.00 -11.24
N ILE A 256 -31.79 17.33 -11.16
CA ILE A 256 -33.01 18.10 -10.94
C ILE A 256 -33.98 17.89 -12.09
N ILE A 257 -33.47 17.84 -13.32
CA ILE A 257 -34.32 17.61 -14.48
C ILE A 257 -35.00 16.26 -14.38
N CYS A 258 -34.28 15.25 -13.87
CA CYS A 258 -34.88 13.92 -13.74
C CYS A 258 -36.08 13.95 -12.79
N THR A 259 -35.96 14.66 -11.67
CA THR A 259 -37.10 14.77 -10.75
C THR A 259 -38.27 15.50 -11.41
N ILE A 260 -37.98 16.56 -12.17
CA ILE A 260 -39.05 17.30 -12.83
C ILE A 260 -39.72 16.43 -13.88
N GLY A 261 -38.94 15.61 -14.58
CA GLY A 261 -39.52 14.75 -15.61
C GLY A 261 -40.56 13.78 -15.05
N ILE A 262 -40.28 13.22 -13.86
CA ILE A 262 -41.23 12.31 -13.25
C ILE A 262 -42.53 13.04 -12.90
N LEU A 263 -42.42 14.26 -12.39
CA LEU A 263 -43.61 15.03 -12.04
C LEU A 263 -44.45 15.40 -13.26
N MET A 264 -43.86 15.32 -14.46
CA MET A 264 -44.58 15.63 -15.69
C MET A 264 -44.87 14.42 -16.55
N SER A 265 -44.10 13.34 -16.41
CA SER A 265 -44.32 12.13 -17.20
C SER A 265 -45.20 11.12 -16.47
N ALA A 266 -45.10 11.04 -15.15
CA ALA A 266 -45.92 10.09 -14.40
C ALA A 266 -47.40 10.33 -14.58
N PRO A 267 -47.91 11.57 -14.50
CA PRO A 267 -49.37 11.77 -14.68
C PRO A 267 -49.89 11.33 -16.03
N ASN A 268 -49.03 11.29 -17.07
CA ASN A 268 -49.46 10.88 -18.39
C ASN A 268 -49.20 9.41 -18.68
N PHE A 269 -48.25 8.79 -17.98
CA PHE A 269 -47.93 7.37 -18.15
C PHE A 269 -48.26 6.55 -16.93
N VAL A 270 -47.76 6.94 -15.76
CA VAL A 270 -48.02 6.20 -14.53
C VAL A 270 -49.40 6.54 -14.01
N LEU B 7 -45.79 -18.25 12.28
CA LEU B 7 -44.84 -17.29 11.77
C LEU B 7 -43.78 -17.95 10.90
N TYR B 8 -44.23 -18.71 9.91
CA TYR B 8 -43.30 -19.41 9.02
C TYR B 8 -42.53 -18.41 8.17
N TYR B 9 -43.23 -17.62 7.36
CA TYR B 9 -42.57 -16.63 6.52
C TYR B 9 -42.10 -15.43 7.32
N GLY B 10 -42.76 -15.14 8.44
CA GLY B 10 -42.36 -13.99 9.25
C GLY B 10 -40.96 -14.15 9.82
N LEU B 11 -40.66 -15.34 10.35
CA LEU B 11 -39.35 -15.58 10.92
C LEU B 11 -38.28 -15.76 9.85
N ASN B 12 -38.66 -16.08 8.62
CA ASN B 12 -37.72 -16.29 7.54
C ASN B 12 -37.40 -15.02 6.77
N LEU B 13 -38.06 -13.90 7.08
CA LEU B 13 -37.82 -12.65 6.37
C LEU B 13 -37.49 -11.53 7.35
N LEU B 14 -38.09 -11.56 8.54
CA LEU B 14 -37.84 -10.53 9.53
C LEU B 14 -36.48 -10.70 10.19
N ILE B 15 -36.09 -11.95 10.49
CA ILE B 15 -34.82 -12.19 11.17
C ILE B 15 -33.64 -11.67 10.35
N PRO B 16 -33.53 -11.97 9.05
CA PRO B 16 -32.41 -11.42 8.28
C PRO B 16 -32.36 -9.90 8.28
N CYS B 17 -33.53 -9.23 8.33
CA CYS B 17 -33.55 -7.78 8.30
C CYS B 17 -32.82 -7.20 9.51
N VAL B 18 -33.06 -7.75 10.70
CA VAL B 18 -32.38 -7.26 11.89
C VAL B 18 -30.97 -7.84 11.98
N LEU B 19 -30.76 -9.05 11.48
CA LEU B 19 -29.41 -9.63 11.51
C LEU B 19 -28.44 -8.82 10.67
N ILE B 20 -28.86 -8.39 9.49
CA ILE B 20 -27.98 -7.56 8.65
C ILE B 20 -27.74 -6.21 9.33
N SER B 21 -28.78 -5.61 9.91
CA SER B 21 -28.60 -4.34 10.59
C SER B 21 -27.65 -4.48 11.78
N ALA B 22 -27.74 -5.59 12.51
CA ALA B 22 -26.84 -5.81 13.63
C ALA B 22 -25.39 -5.93 13.18
N LEU B 23 -25.16 -6.59 12.04
CA LEU B 23 -23.80 -6.71 11.53
C LEU B 23 -23.22 -5.37 11.14
N ALA B 24 -24.07 -4.42 10.73
CA ALA B 24 -23.59 -3.09 10.37
C ALA B 24 -23.03 -2.37 11.60
N LEU B 25 -23.58 -2.64 12.78
CA LEU B 25 -23.09 -1.99 13.99
C LEU B 25 -21.65 -2.37 14.28
N LEU B 26 -21.26 -3.61 13.95
CA LEU B 26 -19.88 -4.04 14.19
C LEU B 26 -18.91 -3.33 13.26
N VAL B 27 -19.36 -2.94 12.06
CA VAL B 27 -18.48 -2.25 11.13
C VAL B 27 -18.07 -0.89 11.68
N PHE B 28 -18.98 -0.20 12.37
CA PHE B 28 -18.67 1.12 12.91
C PHE B 28 -17.58 1.06 13.98
N LEU B 29 -17.39 -0.09 14.62
CA LEU B 29 -16.36 -0.21 15.65
C LEU B 29 -14.96 -0.08 15.08
N LEU B 30 -14.79 -0.28 13.78
CA LEU B 30 -13.47 -0.18 13.18
C LEU B 30 -12.97 1.26 13.28
N PRO B 31 -11.68 1.47 13.57
CA PRO B 31 -11.15 2.84 13.60
C PRO B 31 -11.22 3.50 12.23
N ALA B 32 -11.03 4.82 12.22
CA ALA B 32 -11.06 5.57 10.97
C ALA B 32 -9.88 5.23 10.06
N ASP B 33 -8.82 4.62 10.61
CA ASP B 33 -7.68 4.26 9.79
C ASP B 33 -7.97 3.10 8.85
N SER B 34 -9.03 2.34 9.11
CA SER B 34 -9.39 1.19 8.28
C SER B 34 -10.01 1.69 6.99
N GLY B 35 -9.21 1.75 5.93
CA GLY B 35 -9.69 2.19 4.63
C GLY B 35 -10.22 1.09 3.74
N GLU B 36 -9.99 -0.17 4.09
CA GLU B 36 -10.45 -1.30 3.30
C GLU B 36 -11.81 -1.81 3.74
N LYS B 37 -12.44 -1.16 4.72
CA LYS B 37 -13.75 -1.61 5.19
C LYS B 37 -14.87 -1.26 4.22
N ILE B 38 -14.59 -0.49 3.17
CA ILE B 38 -15.63 -0.15 2.21
C ILE B 38 -16.18 -1.42 1.54
N SER B 39 -15.31 -2.38 1.28
CA SER B 39 -15.76 -3.63 0.67
C SER B 39 -16.74 -4.36 1.58
N LEU B 40 -16.46 -4.38 2.89
CA LEU B 40 -17.37 -5.03 3.83
C LEU B 40 -18.72 -4.32 3.86
N GLY B 41 -18.70 -2.98 3.83
CA GLY B 41 -19.96 -2.24 3.85
C GLY B 41 -20.82 -2.52 2.63
N ILE B 42 -20.21 -2.73 1.47
CA ILE B 42 -20.97 -3.03 0.26
C ILE B 42 -21.72 -4.35 0.44
N THR B 43 -21.07 -5.35 1.04
CA THR B 43 -21.73 -6.63 1.26
C THR B 43 -22.94 -6.48 2.16
N VAL B 44 -22.83 -5.66 3.21
CA VAL B 44 -23.95 -5.46 4.11
C VAL B 44 -25.14 -4.88 3.36
N LEU B 45 -24.89 -3.86 2.54
CA LEU B 45 -25.96 -3.31 1.71
C LEU B 45 -26.41 -4.30 0.65
N LEU B 46 -25.46 -5.02 0.04
CA LEU B 46 -25.82 -6.01 -0.97
C LEU B 46 -26.64 -7.14 -0.37
N SER B 47 -26.30 -7.58 0.84
CA SER B 47 -27.03 -8.68 1.46
C SER B 47 -28.50 -8.32 1.69
N LEU B 48 -28.75 -7.08 2.10
CA LEU B 48 -30.13 -6.65 2.31
C LEU B 48 -30.94 -6.70 1.02
N THR B 49 -30.33 -6.27 -0.09
CA THR B 49 -31.04 -6.28 -1.36
C THR B 49 -31.32 -7.72 -1.82
N VAL B 50 -30.37 -8.63 -1.58
CA VAL B 50 -30.57 -10.01 -1.98
C VAL B 50 -31.77 -10.61 -1.26
N PHE B 51 -31.87 -10.38 0.05
CA PHE B 51 -32.99 -10.89 0.82
C PHE B 51 -34.27 -10.09 0.58
N MET B 52 -34.16 -8.85 0.10
CA MET B 52 -35.34 -8.05 -0.17
C MET B 52 -36.11 -8.59 -1.37
N LEU B 53 -35.43 -9.25 -2.30
CA LEU B 53 -36.13 -9.79 -3.47
C LEU B 53 -37.13 -10.87 -3.06
N LEU B 54 -36.77 -11.67 -2.05
CA LEU B 54 -37.68 -12.73 -1.60
C LEU B 54 -38.96 -12.13 -1.03
N VAL B 55 -38.85 -11.02 -0.30
CA VAL B 55 -40.03 -10.39 0.27
C VAL B 55 -40.93 -9.83 -0.83
N ALA B 56 -40.36 -9.48 -1.98
CA ALA B 56 -41.16 -8.93 -3.07
C ALA B 56 -42.20 -9.95 -3.56
N GLU B 57 -41.79 -11.21 -3.68
CA GLU B 57 -42.74 -12.23 -4.13
C GLU B 57 -43.88 -12.39 -3.13
N ILE B 58 -43.57 -12.38 -1.83
CA ILE B 58 -44.60 -12.50 -0.81
C ILE B 58 -45.33 -11.18 -0.59
N MET B 59 -44.77 -10.06 -1.03
CA MET B 59 -45.41 -8.77 -0.83
C MET B 59 -46.72 -8.70 -1.60
N PRO B 60 -47.85 -8.43 -0.96
CA PRO B 60 -49.11 -8.32 -1.71
C PRO B 60 -49.04 -7.21 -2.75
N SER B 61 -49.65 -7.46 -3.90
CA SER B 61 -49.69 -6.50 -5.00
C SER B 61 -50.92 -5.61 -4.81
N THR B 62 -50.71 -4.47 -4.15
CA THR B 62 -51.78 -3.52 -3.90
C THR B 62 -51.92 -2.56 -5.07
N SER B 63 -52.92 -1.68 -4.98
CA SER B 63 -53.18 -0.71 -6.04
C SER B 63 -52.45 0.61 -5.77
N ASP B 64 -52.75 1.24 -4.62
CA ASP B 64 -52.12 2.50 -4.26
C ASP B 64 -51.72 2.58 -2.80
N SER B 65 -51.90 1.52 -2.01
CA SER B 65 -51.56 1.50 -0.60
C SER B 65 -50.57 0.37 -0.37
N SER B 66 -49.28 0.71 -0.25
CA SER B 66 -48.26 -0.30 -0.04
C SER B 66 -48.44 -0.95 1.33
N PRO B 67 -48.06 -2.21 1.48
CA PRO B 67 -48.17 -2.87 2.79
C PRO B 67 -47.32 -2.18 3.84
N SER B 68 -47.59 -2.53 5.09
CA SER B 68 -46.84 -1.96 6.21
C SER B 68 -45.40 -2.42 6.25
N ILE B 69 -45.04 -3.48 5.52
CA ILE B 69 -43.66 -3.97 5.51
C ILE B 69 -42.71 -2.95 4.92
N ALA B 70 -43.19 -2.09 4.01
CA ALA B 70 -42.32 -1.07 3.42
C ALA B 70 -41.80 -0.11 4.49
N GLN B 71 -42.67 0.29 5.43
CA GLN B 71 -42.23 1.21 6.47
C GLN B 71 -41.13 0.61 7.33
N TYR B 72 -41.24 -0.68 7.67
CA TYR B 72 -40.23 -1.33 8.48
C TYR B 72 -38.87 -1.31 7.78
N PHE B 73 -38.84 -1.61 6.48
CA PHE B 73 -37.59 -1.58 5.74
C PHE B 73 -37.02 -0.18 5.62
N ALA B 74 -37.85 0.86 5.72
CA ALA B 74 -37.35 2.23 5.64
C ALA B 74 -36.37 2.53 6.76
N SER B 75 -36.71 2.11 7.99
CA SER B 75 -35.80 2.31 9.11
C SER B 75 -34.54 1.46 8.95
N THR B 76 -34.69 0.23 8.45
CA THR B 76 -33.53 -0.62 8.24
C THR B 76 -32.62 -0.05 7.16
N MET B 77 -33.20 0.52 6.10
CA MET B 77 -32.41 1.09 5.03
C MET B 77 -31.77 2.42 5.43
N ILE B 78 -32.24 3.05 6.49
CA ILE B 78 -31.63 4.28 6.96
C ILE B 78 -30.35 3.98 7.75
N ILE B 79 -30.31 2.85 8.45
CA ILE B 79 -29.11 2.47 9.20
C ILE B 79 -28.08 1.84 8.27
N VAL B 80 -28.51 0.87 7.47
CA VAL B 80 -27.59 0.22 6.53
C VAL B 80 -27.21 1.18 5.41
N GLY B 81 -28.17 1.96 4.91
CA GLY B 81 -27.88 2.89 3.83
C GLY B 81 -26.88 3.95 4.23
N LEU B 82 -27.02 4.51 5.44
CA LEU B 82 -26.10 5.53 5.90
C LEU B 82 -24.75 4.96 6.31
N SER B 83 -24.67 3.66 6.58
CA SER B 83 -23.39 3.06 6.95
C SER B 83 -22.38 3.18 5.82
N VAL B 84 -22.82 2.95 4.58
CA VAL B 84 -21.92 3.08 3.45
C VAL B 84 -21.48 4.53 3.28
N VAL B 85 -22.40 5.47 3.48
CA VAL B 85 -22.06 6.88 3.34
C VAL B 85 -21.04 7.29 4.40
N VAL B 86 -21.16 6.72 5.60
CA VAL B 86 -20.21 7.06 6.67
C VAL B 86 -18.80 6.68 6.26
N THR B 87 -18.63 5.50 5.67
CA THR B 87 -17.29 5.09 5.25
C THR B 87 -16.69 6.05 4.22
N VAL B 88 -17.54 6.66 3.40
CA VAL B 88 -17.05 7.64 2.42
C VAL B 88 -16.45 8.84 3.13
N ILE B 89 -17.09 9.30 4.22
CA ILE B 89 -16.58 10.45 4.95
C ILE B 89 -15.22 10.12 5.56
N VAL B 90 -15.03 8.88 6.01
CA VAL B 90 -13.75 8.51 6.62
C VAL B 90 -12.62 8.63 5.61
N LEU B 91 -12.87 8.22 4.35
CA LEU B 91 -11.82 8.30 3.34
C LEU B 91 -11.40 9.74 3.09
N GLN B 92 -12.35 10.67 3.07
CA GLN B 92 -12.02 12.06 2.79
C GLN B 92 -11.06 12.63 3.84
N TYR B 93 -11.32 12.33 5.12
CA TYR B 93 -10.46 12.84 6.18
C TYR B 93 -9.21 11.98 6.35
N HIS B 94 -9.35 10.66 6.24
CA HIS B 94 -8.19 9.78 6.42
C HIS B 94 -7.15 10.02 5.33
N HIS B 95 -7.59 10.19 4.09
CA HIS B 95 -6.64 10.39 3.00
C HIS B 95 -5.94 11.74 3.11
N HIS B 96 -6.59 12.72 3.74
CA HIS B 96 -6.02 14.06 3.93
C HIS B 96 -5.31 14.54 2.67
N ASP B 97 -6.04 14.50 1.55
CA ASP B 97 -5.48 14.93 0.28
C ASP B 97 -5.14 16.42 0.35
N PRO B 98 -3.92 16.82 -0.03
CA PRO B 98 -3.60 18.26 0.01
C PRO B 98 -4.48 19.11 -0.90
N ASP B 99 -5.06 18.52 -1.94
CA ASP B 99 -5.88 19.26 -2.90
C ASP B 99 -7.36 19.26 -2.55
N GLY B 100 -7.74 18.70 -1.40
CA GLY B 100 -9.13 18.67 -1.02
C GLY B 100 -9.28 18.37 0.45
N GLY B 101 -10.55 18.22 0.87
CA GLY B 101 -10.84 17.93 2.26
C GLY B 101 -10.38 19.01 3.21
N LYS B 102 -10.58 20.28 2.86
CA LYS B 102 -10.18 21.41 3.70
C LYS B 102 -11.29 21.66 4.72
N MET B 103 -11.30 20.84 5.76
CA MET B 103 -12.30 20.98 6.80
C MET B 103 -12.04 22.24 7.62
N PRO B 104 -13.07 23.01 7.95
CA PRO B 104 -12.86 24.22 8.75
C PRO B 104 -12.24 23.89 10.11
N LYS B 105 -11.35 24.77 10.56
CA LYS B 105 -10.67 24.55 11.84
C LYS B 105 -11.57 24.82 13.03
N TRP B 106 -12.49 25.79 12.91
CA TRP B 106 -13.37 26.13 14.03
C TRP B 106 -14.28 24.96 14.38
N THR B 107 -14.75 24.21 13.38
CA THR B 107 -15.62 23.07 13.66
C THR B 107 -14.85 21.95 14.34
N ARG B 108 -13.57 21.77 14.00
CA ARG B 108 -12.78 20.71 14.60
C ARG B 108 -12.41 21.01 16.05
N VAL B 109 -12.38 22.29 16.44
CA VAL B 109 -12.04 22.64 17.81
C VAL B 109 -13.07 22.06 18.77
N ILE B 110 -14.35 22.15 18.42
CA ILE B 110 -15.40 21.58 19.28
C ILE B 110 -15.24 20.08 19.39
N LEU B 111 -14.80 19.42 18.32
CA LEU B 111 -14.64 17.97 18.34
C LEU B 111 -13.36 17.52 19.02
N LEU B 112 -12.48 18.45 19.41
CA LEU B 112 -11.24 18.06 20.09
C LEU B 112 -11.54 17.40 21.43
N ASN B 113 -12.54 17.90 22.15
CA ASN B 113 -12.91 17.33 23.44
C ASN B 113 -13.72 16.05 23.33
N TRP B 114 -14.23 15.73 22.14
CA TRP B 114 -15.01 14.51 21.97
C TRP B 114 -14.16 13.28 22.25
N CYS B 115 -12.93 13.25 21.75
CA CYS B 115 -12.05 12.10 22.00
C CYS B 115 -11.67 12.00 23.46
N ALA B 116 -11.47 13.13 24.13
CA ALA B 116 -11.12 13.10 25.55
C ALA B 116 -12.31 12.71 26.43
N TRP B 117 -13.52 13.11 26.04
CA TRP B 117 -14.71 12.77 26.81
C TRP B 117 -15.22 11.37 26.52
N PHE B 118 -14.74 10.72 25.46
CA PHE B 118 -15.20 9.37 25.16
C PHE B 118 -14.82 8.40 26.28
N LEU B 119 -13.59 8.49 26.77
CA LEU B 119 -13.16 7.64 27.87
C LEU B 119 -13.76 8.08 29.19
N ARG B 120 -13.82 9.38 29.44
CA ARG B 120 -14.37 9.95 30.67
C ARG B 120 -15.31 11.09 30.28
N MET B 121 -16.58 10.77 30.11
CA MET B 121 -17.55 11.78 29.72
C MET B 121 -17.83 12.74 30.87
N LYS B 122 -18.35 13.92 30.51
CA LYS B 122 -18.65 14.96 31.49
C LYS B 122 -19.96 14.71 32.22
N ARG B 123 -20.66 13.62 31.92
CA ARG B 123 -21.93 13.35 32.58
C ARG B 123 -21.70 13.00 34.04
N PRO B 124 -22.74 13.13 34.88
CA PRO B 124 -22.56 12.83 36.31
C PRO B 124 -22.14 11.39 36.58
N GLY B 125 -22.42 10.46 35.67
CA GLY B 125 -22.05 9.07 35.90
C GLY B 125 -20.56 8.82 35.89
N GLU B 126 -19.77 9.73 35.31
CA GLU B 126 -18.33 9.59 35.25
C GLU B 126 -17.58 10.68 36.01
N ASP B 127 -18.11 11.90 36.04
CA ASP B 127 -17.41 12.98 36.76
C ASP B 127 -17.53 12.83 38.27
N LYS B 128 -18.64 12.25 38.75
CA LYS B 128 -18.85 12.08 40.17
C LYS B 128 -18.26 10.79 40.72
N VAL B 129 -18.27 9.72 39.93
CA VAL B 129 -17.73 8.43 40.39
C VAL B 129 -16.25 8.43 40.05
N ARG B 130 -15.46 9.01 40.94
CA ARG B 130 -14.02 9.10 40.79
C ARG B 130 -13.44 9.70 42.06
N PRO B 131 -12.13 9.56 42.28
CA PRO B 131 -11.51 10.15 43.48
C PRO B 131 -11.69 11.67 43.48
N ALA B 132 -12.37 12.17 44.52
CA ALA B 132 -12.63 13.59 44.66
C ALA B 132 -12.56 13.97 46.13
N CYS B 133 -11.91 15.09 46.41
CA CYS B 133 -11.75 15.57 47.78
C CYS B 133 -11.59 17.08 47.76
N GLN B 134 -11.84 17.70 48.91
CA GLN B 134 -11.72 19.14 49.06
C GLN B 134 -10.28 19.59 49.33
N HIS B 135 -9.35 18.65 49.46
CA HIS B 135 -7.94 18.97 49.73
C HIS B 135 -7.27 19.39 48.43
N LYS B 136 -5.94 19.48 48.44
CA LYS B 136 -5.19 19.93 47.27
C LYS B 136 -5.43 19.08 46.03
N GLN B 137 -6.09 17.93 46.17
CA GLN B 137 -6.35 17.08 45.00
C GLN B 137 -7.19 17.81 43.97
N ARG B 138 -8.20 18.57 44.41
CA ARG B 138 -9.09 19.29 43.52
C ARG B 138 -8.93 20.80 43.67
N ARG B 139 -7.72 21.26 43.97
CA ARG B 139 -7.43 22.68 44.11
C ARG B 139 -6.80 23.22 42.83
N CYS B 140 -6.78 24.55 42.72
CA CYS B 140 -6.22 25.22 41.57
C CYS B 140 -5.45 26.46 42.04
N SER B 141 -4.51 26.88 41.21
CA SER B 141 -3.68 28.06 41.51
C SER B 141 -3.31 28.72 40.20
N LEU B 142 -2.33 29.64 40.25
CA LEU B 142 -1.91 30.33 39.04
C LEU B 142 -1.32 29.36 38.02
N ALA B 143 -0.74 28.26 38.49
CA ALA B 143 -0.18 27.26 37.57
C ALA B 143 -1.26 26.45 36.88
N SER B 144 -2.41 26.27 37.52
CA SER B 144 -3.50 25.49 36.94
C SER B 144 -4.41 26.34 36.07
N VAL B 145 -4.68 27.58 36.49
CA VAL B 145 -5.54 28.48 35.72
C VAL B 145 -4.70 29.09 34.62
N GLU B 146 -5.07 28.81 33.37
CA GLU B 146 -4.35 29.29 32.20
C GLU B 146 -5.26 30.12 31.30
N MET B 147 -6.05 31.00 31.90
CA MET B 147 -6.95 31.87 31.15
C MET B 147 -6.23 33.09 30.57
N SER B 148 -4.96 33.30 30.92
CA SER B 148 -4.19 34.43 30.42
C SER B 148 -3.27 34.05 29.27
N ALA B 149 -3.57 32.95 28.57
CA ALA B 149 -2.78 32.49 27.44
C ALA B 149 -1.33 32.23 27.87
N VAL B 150 -1.18 31.24 28.77
CA VAL B 150 0.12 30.85 29.29
C VAL B 150 0.44 29.45 28.76
N ALA B 151 1.66 29.00 29.05
CA ALA B 151 2.10 27.71 28.57
C ALA B 151 1.34 26.59 29.27
N PRO B 152 1.23 25.42 28.64
CA PRO B 152 0.51 24.32 29.30
C PRO B 152 1.24 23.87 30.54
N PRO B 153 0.54 23.28 31.50
CA PRO B 153 1.19 22.83 32.73
C PRO B 153 2.28 21.82 32.45
N PRO B 154 3.38 21.83 33.20
CA PRO B 154 4.44 20.82 32.97
C PRO B 154 3.90 19.42 33.11
N ALA B 155 3.98 18.65 32.02
CA ALA B 155 3.50 17.28 32.01
C ALA B 155 4.30 16.49 30.99
N SER B 156 4.30 15.16 31.16
CA SER B 156 5.02 14.25 30.27
C SER B 156 4.15 13.75 29.11
N ASN B 157 2.93 14.24 28.99
CA ASN B 157 2.02 13.81 27.95
C ASN B 157 2.13 14.64 26.67
N GLY B 158 3.07 15.58 26.62
CA GLY B 158 3.23 16.43 25.45
C GLY B 158 3.09 17.91 25.77
N ASN B 159 3.36 18.28 27.02
CA ASN B 159 3.27 19.66 27.46
C ASN B 159 4.59 20.24 27.95
N LEU B 160 5.45 19.43 28.56
CA LEU B 160 6.74 19.93 29.04
C LEU B 160 7.62 20.36 27.86
N LEU B 161 7.60 19.59 26.77
CA LEU B 161 8.43 19.91 25.61
C LEU B 161 7.92 21.13 24.86
N TYR B 162 6.67 21.54 25.10
CA TYR B 162 6.12 22.70 24.41
C TYR B 162 6.85 23.98 24.81
N ILE B 163 7.33 24.05 26.05
CA ILE B 163 8.00 25.25 26.51
C ILE B 163 9.31 25.46 25.76
N GLY B 164 10.08 24.39 25.59
CA GLY B 164 11.37 24.49 24.92
C GLY B 164 11.30 24.23 23.43
N PHE B 165 10.72 23.09 23.04
CA PHE B 165 10.63 22.75 21.63
C PHE B 165 9.79 23.75 20.87
N ARG B 166 8.66 24.16 21.44
CA ARG B 166 7.74 25.12 20.83
C ARG B 166 7.79 26.47 21.54
N GLY B 167 8.98 26.87 21.97
CA GLY B 167 9.12 28.14 22.67
C GLY B 167 8.80 29.33 21.78
N LEU B 168 8.98 29.18 20.47
CA LEU B 168 8.70 30.25 19.51
C LEU B 168 9.53 31.50 19.84
N ASP B 169 10.86 31.33 19.76
CA ASP B 169 11.80 32.40 20.08
C ASP B 169 11.68 32.83 21.54
N GLY B 170 11.70 31.84 22.43
CA GLY B 170 11.58 32.10 23.85
C GLY B 170 12.92 32.10 24.57
N VAL B 171 13.21 31.02 25.29
CA VAL B 171 14.45 30.91 26.06
C VAL B 171 15.41 29.99 25.33
N HIS B 172 14.87 28.98 24.65
CA HIS B 172 15.70 28.00 23.95
C HIS B 172 16.04 28.45 22.54
N CYS B 173 15.03 28.70 21.71
CA CYS B 173 15.27 29.08 20.32
C CYS B 173 16.06 30.38 20.23
N VAL B 174 15.63 31.39 21.00
CA VAL B 174 16.27 32.71 20.97
C VAL B 174 16.59 33.14 22.39
N PRO B 175 17.76 32.76 22.94
CA PRO B 175 18.16 33.18 24.29
C PRO B 175 18.71 34.59 24.35
N THR B 176 17.97 35.54 23.77
CA THR B 176 18.42 36.93 23.78
C THR B 176 18.61 37.50 25.17
N PRO B 177 17.72 37.27 26.14
CA PRO B 177 17.93 37.85 27.47
C PRO B 177 19.24 37.38 28.08
N ASP B 178 19.90 38.29 28.80
CA ASP B 178 21.18 37.99 29.44
C ASP B 178 20.90 37.19 30.72
N SER B 179 21.02 35.87 30.62
CA SER B 179 20.78 35.00 31.76
C SER B 179 22.01 34.86 32.66
N GLY B 180 23.17 35.35 32.24
CA GLY B 180 24.37 35.24 33.05
C GLY B 180 24.95 33.86 33.14
N VAL B 181 24.66 32.99 32.16
CA VAL B 181 25.16 31.63 32.14
C VAL B 181 26.15 31.42 31.01
N VAL B 182 25.94 32.08 29.86
CA VAL B 182 26.85 31.90 28.74
C VAL B 182 28.24 32.40 29.09
N CYS B 183 28.33 33.54 29.77
CA CYS B 183 29.61 34.13 30.15
C CYS B 183 29.63 34.55 31.62
N GLY B 184 28.70 34.05 32.42
CA GLY B 184 28.64 34.41 33.83
C GLY B 184 28.80 33.21 34.74
N ARG B 185 28.49 32.02 34.24
CA ARG B 185 28.58 30.79 35.02
C ARG B 185 29.31 29.74 34.20
N MET B 186 29.86 28.74 34.90
CA MET B 186 30.59 27.65 34.29
C MET B 186 29.69 26.47 33.92
N ALA B 187 28.39 26.72 33.72
CA ALA B 187 27.44 25.65 33.39
C ALA B 187 27.57 25.34 31.90
N CYS B 188 28.54 24.47 31.58
CA CYS B 188 28.79 24.03 30.21
C CYS B 188 29.11 25.22 29.30
N SER B 189 29.75 26.25 29.85
CA SER B 189 30.14 27.42 29.08
C SER B 189 31.29 28.10 29.80
N PRO B 190 32.11 28.87 29.08
CA PRO B 190 33.23 29.57 29.73
C PRO B 190 32.77 30.84 30.42
N THR B 191 33.34 31.10 31.59
CA THR B 191 33.03 32.30 32.38
C THR B 191 34.10 33.34 32.06
N HIS B 192 33.82 34.17 31.04
CA HIS B 192 34.74 35.21 30.60
C HIS B 192 36.09 34.64 30.20
N ASP B 193 36.09 33.42 29.68
CA ASP B 193 37.30 32.73 29.25
C ASP B 193 37.27 32.45 27.75
N GLU B 194 36.78 33.42 26.97
CA GLU B 194 36.70 33.25 25.53
C GLU B 194 38.06 33.32 24.85
N HIS B 195 39.10 33.78 25.55
CA HIS B 195 40.43 33.85 24.96
C HIS B 195 41.10 32.49 24.82
N LEU B 196 40.56 31.46 25.48
CA LEU B 196 41.14 30.11 25.39
C LEU B 196 40.59 29.44 24.14
N LEU B 197 41.18 29.80 23.00
CA LEU B 197 40.77 29.27 21.72
C LEU B 197 41.50 27.93 21.47
N HIS B 198 41.32 27.37 20.28
CA HIS B 198 41.95 26.10 19.92
C HIS B 198 43.37 26.36 19.41
N GLY B 199 44.22 26.82 20.34
CA GLY B 199 45.60 27.10 19.99
C GLY B 199 45.74 28.22 18.97
N GLY B 200 44.97 29.29 19.12
CA GLY B 200 45.00 30.39 18.19
C GLY B 200 44.09 30.26 17.00
N GLN B 201 43.22 29.25 16.98
CA GLN B 201 42.30 28.99 15.89
C GLN B 201 40.89 28.86 16.46
N PRO B 202 39.87 29.01 15.62
CA PRO B 202 38.50 28.90 16.13
C PRO B 202 38.25 27.52 16.70
N PRO B 203 37.36 27.39 17.68
CA PRO B 203 37.13 26.07 18.27
C PRO B 203 36.72 25.02 17.25
N GLU B 204 35.95 25.41 16.24
CA GLU B 204 35.53 24.48 15.19
C GLU B 204 36.71 24.22 14.26
N GLY B 205 37.23 22.99 14.28
CA GLY B 205 38.38 22.65 13.45
C GLY B 205 38.05 22.56 11.97
N ASP B 206 36.79 22.33 11.63
CA ASP B 206 36.38 22.22 10.23
C ASP B 206 34.97 22.79 10.07
N PRO B 207 34.82 23.98 9.46
CA PRO B 207 33.49 24.54 9.27
C PRO B 207 32.62 23.75 8.30
N ASP B 208 33.16 22.74 7.62
CA ASP B 208 32.36 21.96 6.69
C ASP B 208 31.25 21.18 7.39
N LEU B 209 31.39 20.93 8.69
CA LEU B 209 30.34 20.20 9.40
C LEU B 209 29.05 21.01 9.48
N ALA B 210 29.15 22.34 9.46
CA ALA B 210 27.95 23.16 9.51
C ALA B 210 27.06 22.91 8.30
N LYS B 211 27.66 22.80 7.11
CA LYS B 211 26.88 22.51 5.91
C LYS B 211 26.23 21.13 6.01
N ILE B 212 26.99 20.14 6.52
CA ILE B 212 26.43 18.81 6.68
C ILE B 212 25.29 18.81 7.69
N LEU B 213 25.42 19.62 8.74
CA LEU B 213 24.37 19.69 9.74
C LEU B 213 23.05 20.17 9.15
N GLU B 214 23.11 21.17 8.26
CA GLU B 214 21.89 21.66 7.63
C GLU B 214 21.22 20.57 6.80
N GLU B 215 22.01 19.82 6.04
CA GLU B 215 21.44 18.72 5.26
C GLU B 215 20.99 17.58 6.17
N VAL B 216 21.79 17.26 7.18
CA VAL B 216 21.40 16.21 8.12
C VAL B 216 20.16 16.62 8.90
N ARG B 217 20.11 17.87 9.35
CA ARG B 217 18.96 18.35 10.09
C ARG B 217 17.69 18.30 9.24
N TYR B 218 17.80 18.56 7.94
CA TYR B 218 16.64 18.50 7.07
C TYR B 218 16.04 17.11 7.04
N ILE B 219 16.88 16.07 6.96
CA ILE B 219 16.39 14.70 6.98
C ILE B 219 15.70 14.41 8.30
N ALA B 220 16.32 14.81 9.42
CA ALA B 220 15.70 14.63 10.72
C ALA B 220 14.46 15.51 10.85
N ASN B 221 14.50 16.74 10.34
CA ASN B 221 13.34 17.62 10.41
C ASN B 221 12.19 17.10 9.56
N ARG B 222 12.50 16.47 8.42
CA ARG B 222 11.45 15.92 7.58
C ARG B 222 10.65 14.84 8.32
N PHE B 223 11.35 13.97 9.04
CA PHE B 223 10.66 12.96 9.85
C PHE B 223 9.84 13.62 10.95
N ARG B 224 10.37 14.69 11.55
CA ARG B 224 9.61 15.41 12.56
C ARG B 224 8.39 16.10 11.95
N CYS B 225 8.51 16.59 10.71
CA CYS B 225 7.37 17.19 10.03
C CYS B 225 6.26 16.18 9.78
N GLN B 226 6.63 14.90 9.61
CA GLN B 226 5.62 13.86 9.42
C GLN B 226 4.78 13.71 10.69
N ASP B 227 5.41 13.80 11.86
CA ASP B 227 4.66 13.75 13.12
C ASP B 227 3.74 14.96 13.25
N GLU B 228 4.20 16.13 12.80
CA GLU B 228 3.35 17.31 12.83
C GLU B 228 2.12 17.12 11.95
N SER B 229 2.30 16.55 10.76
CA SER B 229 1.16 16.27 9.90
C SER B 229 0.23 15.23 10.55
N GLU B 230 0.81 14.25 11.24
CA GLU B 230 -0.01 13.26 11.93
C GLU B 230 -0.86 13.91 13.01
N ALA B 231 -0.28 14.85 13.76
CA ALA B 231 -1.06 15.57 14.77
C ALA B 231 -2.19 16.36 14.11
N VAL B 232 -1.89 17.04 13.00
CA VAL B 232 -2.95 17.72 12.26
C VAL B 232 -3.94 16.71 11.69
N CYS B 233 -3.44 15.61 11.14
CA CYS B 233 -4.32 14.57 10.63
C CYS B 233 -5.09 13.89 11.76
N SER B 234 -4.53 13.87 12.97
CA SER B 234 -5.25 13.31 14.10
C SER B 234 -6.52 14.09 14.38
N GLU B 235 -6.45 15.42 14.31
CA GLU B 235 -7.65 16.23 14.47
C GLU B 235 -8.64 15.96 13.36
N TRP B 236 -8.16 15.77 12.13
CA TRP B 236 -9.05 15.44 11.02
C TRP B 236 -9.62 14.04 11.17
N LYS B 237 -8.86 13.12 11.75
CA LYS B 237 -9.34 11.75 11.94
C LYS B 237 -10.44 11.66 12.98
N PHE B 238 -10.49 12.60 13.93
CA PHE B 238 -11.55 12.59 14.93
C PHE B 238 -12.92 12.76 14.27
N ALA B 239 -13.01 13.64 13.28
CA ALA B 239 -14.28 13.81 12.56
C ALA B 239 -14.69 12.52 11.89
N ALA B 240 -13.73 11.79 11.32
CA ALA B 240 -14.04 10.49 10.72
C ALA B 240 -14.50 9.50 11.78
N CYS B 241 -13.92 9.56 12.98
CA CYS B 241 -14.35 8.67 14.06
C CYS B 241 -15.69 9.11 14.63
N VAL B 242 -16.00 10.41 14.59
CA VAL B 242 -17.27 10.88 15.13
C VAL B 242 -18.43 10.28 14.35
N VAL B 243 -18.34 10.29 13.02
CA VAL B 243 -19.39 9.75 12.19
C VAL B 243 -19.52 8.24 12.32
N ASP B 244 -18.54 7.57 12.92
CA ASP B 244 -18.58 6.14 13.13
C ASP B 244 -19.15 5.78 14.51
N ARG B 245 -18.66 6.45 15.56
CA ARG B 245 -19.13 6.13 16.91
C ARG B 245 -20.42 6.86 17.24
N LEU B 246 -20.55 8.13 16.85
CA LEU B 246 -21.78 8.87 17.11
C LEU B 246 -22.96 8.23 16.40
N CYS B 247 -22.76 7.81 15.14
CA CYS B 247 -23.83 7.16 14.40
C CYS B 247 -24.15 5.78 14.99
N LEU B 248 -23.15 5.12 15.59
CA LEU B 248 -23.41 3.82 16.20
C LEU B 248 -24.41 3.93 17.34
N MET B 249 -24.26 4.95 18.19
CA MET B 249 -25.21 5.15 19.27
C MET B 249 -26.58 5.55 18.73
N ALA B 250 -26.62 6.42 17.72
CA ALA B 250 -27.89 6.84 17.15
C ALA B 250 -28.62 5.66 16.50
N PHE B 251 -27.89 4.83 15.77
CA PHE B 251 -28.52 3.68 15.12
C PHE B 251 -28.91 2.62 16.15
N SER B 252 -28.22 2.56 17.29
CA SER B 252 -28.57 1.60 18.32
C SER B 252 -29.98 1.87 18.84
N VAL B 253 -30.32 3.14 19.08
CA VAL B 253 -31.67 3.49 19.51
C VAL B 253 -32.67 3.16 18.41
N PHE B 254 -32.34 3.49 17.16
CA PHE B 254 -33.24 3.18 16.06
C PHE B 254 -33.42 1.68 15.89
N THR B 255 -32.34 0.91 16.07
CA THR B 255 -32.45 -0.54 15.94
C THR B 255 -33.42 -1.11 16.98
N ILE B 256 -33.36 -0.61 18.21
CA ILE B 256 -34.29 -1.07 19.23
C ILE B 256 -35.73 -0.75 18.84
N ILE B 257 -35.94 0.42 18.23
CA ILE B 257 -37.29 0.79 17.79
C ILE B 257 -37.79 -0.20 16.73
N CYS B 258 -36.90 -0.59 15.80
CA CYS B 258 -37.29 -1.53 14.76
C CYS B 258 -37.74 -2.85 15.35
N THR B 259 -36.99 -3.35 16.35
CA THR B 259 -37.40 -4.60 17.00
C THR B 259 -38.74 -4.45 17.71
N ILE B 260 -38.96 -3.30 18.37
CA ILE B 260 -40.23 -3.08 19.04
C ILE B 260 -41.37 -2.99 18.03
N GLY B 261 -41.12 -2.38 16.88
CA GLY B 261 -42.15 -2.27 15.87
C GLY B 261 -42.67 -3.62 15.41
N ILE B 262 -41.77 -4.59 15.25
CA ILE B 262 -42.19 -5.93 14.83
C ILE B 262 -43.10 -6.55 15.88
N LEU B 263 -42.76 -6.38 17.16
CA LEU B 263 -43.58 -6.93 18.22
C LEU B 263 -44.96 -6.30 18.29
N MET B 264 -45.14 -5.13 17.67
CA MET B 264 -46.43 -4.44 17.66
C MET B 264 -47.10 -4.44 16.30
N SER B 265 -46.33 -4.55 15.21
CA SER B 265 -46.90 -4.58 13.87
C SER B 265 -47.21 -5.99 13.39
N ALA B 266 -46.40 -6.97 13.78
CA ALA B 266 -46.65 -8.35 13.34
C ALA B 266 -48.00 -8.87 13.77
N PRO B 267 -48.44 -8.69 15.02
CA PRO B 267 -49.76 -9.21 15.41
C PRO B 267 -50.91 -8.63 14.61
N ASN B 268 -50.75 -7.42 14.05
CA ASN B 268 -51.81 -6.80 13.27
C ASN B 268 -51.69 -7.04 11.78
N PHE B 269 -50.48 -7.33 11.28
CA PHE B 269 -50.24 -7.60 9.87
C PHE B 269 -49.81 -9.03 9.61
N VAL B 270 -48.78 -9.51 10.30
CA VAL B 270 -48.30 -10.87 10.11
C VAL B 270 -49.19 -11.84 10.87
N LEU C 7 -31.07 -40.01 -2.97
CA LEU C 7 -30.59 -38.73 -2.47
C LEU C 7 -30.15 -37.82 -3.62
N TYR C 8 -31.03 -37.63 -4.59
CA TYR C 8 -30.71 -36.79 -5.73
C TYR C 8 -30.56 -35.33 -5.31
N TYR C 9 -31.62 -34.74 -4.75
CA TYR C 9 -31.54 -33.36 -4.30
C TYR C 9 -30.77 -33.22 -3.00
N GLY C 10 -30.73 -34.28 -2.18
CA GLY C 10 -30.01 -34.20 -0.93
C GLY C 10 -28.51 -34.02 -1.13
N LEU C 11 -27.93 -34.79 -2.06
CA LEU C 11 -26.50 -34.67 -2.31
C LEU C 11 -26.14 -33.42 -3.09
N ASN C 12 -27.11 -32.79 -3.76
CA ASN C 12 -26.87 -31.57 -4.52
C ASN C 12 -27.08 -30.30 -3.71
N LEU C 13 -27.54 -30.42 -2.46
CA LEU C 13 -27.78 -29.26 -1.63
C LEU C 13 -27.03 -29.37 -0.30
N LEU C 14 -26.92 -30.59 0.23
CA LEU C 14 -26.22 -30.78 1.50
C LEU C 14 -24.70 -30.69 1.32
N ILE C 15 -24.17 -31.23 0.22
CA ILE C 15 -22.72 -31.21 0.01
C ILE C 15 -22.19 -29.77 -0.05
N PRO C 16 -22.79 -28.85 -0.81
CA PRO C 16 -22.29 -27.46 -0.80
C PRO C 16 -22.31 -26.83 0.58
N CYS C 17 -23.28 -27.20 1.43
CA CYS C 17 -23.36 -26.59 2.75
C CYS C 17 -22.10 -26.86 3.56
N VAL C 18 -21.61 -28.10 3.53
CA VAL C 18 -20.39 -28.43 4.27
C VAL C 18 -19.15 -28.02 3.48
N LEU C 19 -19.23 -28.01 2.14
CA LEU C 19 -18.08 -27.60 1.35
C LEU C 19 -17.75 -26.14 1.57
N ILE C 20 -18.76 -25.28 1.63
CA ILE C 20 -18.52 -23.86 1.89
C ILE C 20 -17.98 -23.67 3.30
N SER C 21 -18.55 -24.40 4.28
CA SER C 21 -18.06 -24.29 5.65
C SER C 21 -16.62 -24.75 5.75
N ALA C 22 -16.26 -25.82 5.03
CA ALA C 22 -14.88 -26.30 5.05
C ALA C 22 -13.92 -25.26 4.47
N LEU C 23 -14.33 -24.56 3.42
CA LEU C 23 -13.47 -23.54 2.82
C LEU C 23 -13.24 -22.39 3.80
N ALA C 24 -14.20 -22.10 4.67
CA ALA C 24 -14.02 -21.04 5.65
C ALA C 24 -12.92 -21.38 6.65
N LEU C 25 -12.75 -22.67 6.96
CA LEU C 25 -11.71 -23.07 7.89
C LEU C 25 -10.32 -22.72 7.37
N LEU C 26 -10.12 -22.78 6.04
CA LEU C 26 -8.82 -22.45 5.47
C LEU C 26 -8.53 -20.95 5.59
N VAL C 27 -9.57 -20.12 5.60
CA VAL C 27 -9.35 -18.68 5.70
C VAL C 27 -8.77 -18.32 7.07
N PHE C 28 -9.20 -19.02 8.12
CA PHE C 28 -8.68 -18.73 9.46
C PHE C 28 -7.19 -19.01 9.58
N LEU C 29 -6.64 -19.88 8.73
CA LEU C 29 -5.21 -20.19 8.80
C LEU C 29 -4.35 -18.99 8.41
N LEU C 30 -4.90 -18.01 7.71
CA LEU C 30 -4.11 -16.85 7.32
C LEU C 30 -3.68 -16.08 8.56
N PRO C 31 -2.45 -15.54 8.59
CA PRO C 31 -2.03 -14.74 9.74
C PRO C 31 -2.87 -13.47 9.85
N ALA C 32 -2.75 -12.82 11.02
CA ALA C 32 -3.49 -11.58 11.25
C ALA C 32 -2.98 -10.44 10.38
N ASP C 33 -1.77 -10.55 9.83
CA ASP C 33 -1.24 -9.50 8.98
C ASP C 33 -1.97 -9.42 7.63
N SER C 34 -2.68 -10.48 7.24
CA SER C 34 -3.38 -10.50 5.96
C SER C 34 -4.63 -9.63 6.07
N GLY C 35 -4.55 -8.41 5.58
CA GLY C 35 -5.68 -7.50 5.60
C GLY C 35 -6.58 -7.55 4.39
N GLU C 36 -6.12 -8.18 3.31
CA GLU C 36 -6.90 -8.31 2.08
C GLU C 36 -7.78 -9.55 2.06
N LYS C 37 -7.75 -10.36 3.12
CA LYS C 37 -8.57 -11.57 3.16
C LYS C 37 -10.06 -11.28 3.32
N ILE C 38 -10.42 -10.03 3.61
CA ILE C 38 -11.85 -9.71 3.78
C ILE C 38 -12.60 -9.99 2.49
N SER C 39 -11.99 -9.72 1.33
CA SER C 39 -12.65 -9.98 0.07
C SER C 39 -12.94 -11.47 -0.09
N LEU C 40 -11.99 -12.33 0.29
CA LEU C 40 -12.21 -13.77 0.20
C LEU C 40 -13.37 -14.20 1.09
N GLY C 41 -13.46 -13.64 2.30
CA GLY C 41 -14.55 -14.01 3.19
C GLY C 41 -15.91 -13.66 2.65
N ILE C 42 -16.00 -12.56 1.89
CA ILE C 42 -17.28 -12.17 1.31
C ILE C 42 -17.78 -13.24 0.35
N THR C 43 -16.88 -13.79 -0.47
CA THR C 43 -17.27 -14.83 -1.40
C THR C 43 -17.79 -16.06 -0.67
N VAL C 44 -17.16 -16.42 0.45
CA VAL C 44 -17.63 -17.57 1.22
C VAL C 44 -19.04 -17.35 1.71
N LEU C 45 -19.31 -16.16 2.25
CA LEU C 45 -20.67 -15.83 2.68
C LEU C 45 -21.60 -15.67 1.49
N LEU C 46 -21.11 -15.04 0.41
CA LEU C 46 -21.94 -14.86 -0.78
C LEU C 46 -22.31 -16.19 -1.41
N SER C 47 -21.36 -17.14 -1.43
CA SER C 47 -21.63 -18.44 -2.04
C SER C 47 -22.75 -19.17 -1.30
N LEU C 48 -22.77 -19.08 0.02
CA LEU C 48 -23.82 -19.74 0.79
C LEU C 48 -25.19 -19.17 0.45
N THR C 49 -25.28 -17.84 0.33
CA THR C 49 -26.56 -17.22 -0.01
C THR C 49 -27.01 -17.62 -1.41
N VAL C 50 -26.08 -17.70 -2.36
CA VAL C 50 -26.44 -18.08 -3.73
C VAL C 50 -27.02 -19.48 -3.75
N PHE C 51 -26.38 -20.41 -3.05
CA PHE C 51 -26.89 -21.79 -2.99
C PHE C 51 -28.11 -21.92 -2.10
N MET C 52 -28.32 -20.97 -1.18
CA MET C 52 -29.49 -21.04 -0.31
C MET C 52 -30.77 -20.75 -1.09
N LEU C 53 -30.69 -19.97 -2.17
CA LEU C 53 -31.87 -19.68 -2.97
C LEU C 53 -32.42 -20.95 -3.62
N LEU C 54 -31.54 -21.86 -4.06
CA LEU C 54 -32.02 -23.09 -4.68
C LEU C 54 -32.81 -23.94 -3.69
N VAL C 55 -32.37 -23.98 -2.42
CA VAL C 55 -33.09 -24.74 -1.41
C VAL C 55 -34.46 -24.15 -1.12
N ALA C 56 -34.62 -22.83 -1.32
CA ALA C 56 -35.92 -22.21 -1.04
C ALA C 56 -37.01 -22.78 -1.93
N GLU C 57 -36.71 -23.00 -3.21
CA GLU C 57 -37.70 -23.58 -4.12
C GLU C 57 -38.10 -24.98 -3.67
N ILE C 58 -37.13 -25.79 -3.25
CA ILE C 58 -37.42 -27.13 -2.79
C ILE C 58 -37.95 -27.13 -1.36
N MET C 59 -37.77 -26.04 -0.62
CA MET C 59 -38.23 -25.97 0.76
C MET C 59 -39.75 -26.02 0.81
N PRO C 60 -40.35 -26.98 1.53
CA PRO C 60 -41.82 -27.02 1.61
C PRO C 60 -42.36 -25.73 2.22
N SER C 61 -43.50 -25.27 1.69
CA SER C 61 -44.16 -24.06 2.19
C SER C 61 -45.12 -24.48 3.30
N THR C 62 -44.67 -24.36 4.54
CA THR C 62 -45.48 -24.72 5.69
C THR C 62 -46.27 -23.51 6.17
N SER C 63 -47.09 -23.71 7.20
CA SER C 63 -47.91 -22.64 7.76
C SER C 63 -47.20 -21.93 8.92
N ASP C 64 -46.83 -22.70 9.96
CA ASP C 64 -46.14 -22.13 11.11
C ASP C 64 -45.02 -23.01 11.63
N SER C 65 -44.71 -24.12 10.98
CA SER C 65 -43.64 -25.03 11.40
C SER C 65 -42.64 -25.15 10.26
N SER C 66 -41.52 -24.44 10.38
CA SER C 66 -40.50 -24.48 9.35
C SER C 66 -39.87 -25.87 9.28
N PRO C 67 -39.44 -26.30 8.09
CA PRO C 67 -38.80 -27.62 7.98
C PRO C 67 -37.52 -27.69 8.82
N SER C 68 -37.07 -28.93 9.05
CA SER C 68 -35.87 -29.14 9.83
C SER C 68 -34.61 -28.64 9.13
N ILE C 69 -34.69 -28.37 7.82
CA ILE C 69 -33.53 -27.86 7.10
C ILE C 69 -33.09 -26.50 7.61
N ALA C 70 -34.01 -25.71 8.17
CA ALA C 70 -33.64 -24.40 8.71
C ALA C 70 -32.64 -24.53 9.86
N GLN C 71 -32.86 -25.52 10.73
CA GLN C 71 -31.96 -25.70 11.87
C GLN C 71 -30.55 -26.03 11.41
N TYR C 72 -30.43 -26.89 10.38
CA TYR C 72 -29.10 -27.25 9.89
C TYR C 72 -28.36 -26.03 9.35
N PHE C 73 -29.04 -25.17 8.60
CA PHE C 73 -28.40 -23.97 8.08
C PHE C 73 -28.02 -23.00 9.20
N ALA C 74 -28.72 -23.07 10.34
CA ALA C 74 -28.40 -22.18 11.45
C ALA C 74 -26.98 -22.43 11.96
N SER C 75 -26.60 -23.70 12.10
CA SER C 75 -25.25 -24.02 12.54
C SER C 75 -24.23 -23.63 11.47
N THR C 76 -24.55 -23.84 10.20
CA THR C 76 -23.64 -23.46 9.13
C THR C 76 -23.46 -21.95 9.08
N MET C 77 -24.53 -21.19 9.29
CA MET C 77 -24.44 -19.73 9.26
C MET C 77 -23.73 -19.17 10.49
N ILE C 78 -23.61 -19.94 11.56
CA ILE C 78 -22.88 -19.48 12.73
C ILE C 78 -21.38 -19.55 12.49
N ILE C 79 -20.93 -20.52 11.69
CA ILE C 79 -19.50 -20.63 11.39
C ILE C 79 -19.12 -19.67 10.28
N VAL C 80 -19.87 -19.67 9.18
CA VAL C 80 -19.59 -18.77 8.08
C VAL C 80 -19.91 -17.33 8.47
N GLY C 81 -21.02 -17.12 9.17
CA GLY C 81 -21.39 -15.77 9.57
C GLY C 81 -20.37 -15.14 10.48
N LEU C 82 -19.87 -15.90 11.46
CA LEU C 82 -18.87 -15.36 12.38
C LEU C 82 -17.50 -15.23 11.73
N SER C 83 -17.25 -15.94 10.62
CA SER C 83 -15.97 -15.83 9.95
C SER C 83 -15.73 -14.41 9.45
N VAL C 84 -16.75 -13.79 8.87
CA VAL C 84 -16.62 -12.41 8.40
C VAL C 84 -16.40 -11.46 9.57
N VAL C 85 -17.10 -11.70 10.69
CA VAL C 85 -16.94 -10.84 11.86
C VAL C 85 -15.53 -10.96 12.42
N VAL C 86 -14.95 -12.15 12.36
CA VAL C 86 -13.60 -12.35 12.88
C VAL C 86 -12.61 -11.47 12.12
N THR C 87 -12.73 -11.42 10.79
CA THR C 87 -11.83 -10.60 10.00
C THR C 87 -11.92 -9.13 10.38
N VAL C 88 -13.11 -8.68 10.81
CA VAL C 88 -13.26 -7.29 11.24
C VAL C 88 -12.40 -7.02 12.47
N ILE C 89 -12.36 -7.97 13.41
CA ILE C 89 -11.56 -7.78 14.62
C ILE C 89 -10.08 -7.68 14.27
N VAL C 90 -9.64 -8.44 13.27
CA VAL C 90 -8.23 -8.41 12.87
C VAL C 90 -7.84 -7.02 12.39
N LEU C 91 -8.71 -6.37 11.61
CA LEU C 91 -8.40 -5.05 11.09
C LEU C 91 -8.20 -4.05 12.22
N GLN C 92 -9.05 -4.12 13.25
CA GLN C 92 -8.95 -3.15 14.35
C GLN C 92 -7.60 -3.24 15.04
N TYR C 93 -7.12 -4.46 15.30
CA TYR C 93 -5.84 -4.62 15.98
C TYR C 93 -4.67 -4.49 15.01
N HIS C 94 -4.81 -5.02 13.80
CA HIS C 94 -3.72 -4.95 12.84
C HIS C 94 -3.41 -3.51 12.45
N HIS C 95 -4.45 -2.70 12.23
CA HIS C 95 -4.24 -1.31 11.84
C HIS C 95 -3.67 -0.47 12.95
N HIS C 96 -3.89 -0.86 14.22
CA HIS C 96 -3.39 -0.14 15.39
C HIS C 96 -3.53 1.37 15.21
N ASP C 97 -4.75 1.79 14.92
CA ASP C 97 -5.02 3.22 14.73
C ASP C 97 -4.72 3.97 16.02
N PRO C 98 -3.93 5.05 15.98
CA PRO C 98 -3.67 5.80 17.22
C PRO C 98 -4.91 6.39 17.84
N ASP C 99 -5.97 6.61 17.07
CA ASP C 99 -7.20 7.23 17.56
C ASP C 99 -8.24 6.22 17.99
N GLY C 100 -7.91 4.93 17.98
CA GLY C 100 -8.86 3.91 18.37
C GLY C 100 -8.17 2.60 18.67
N GLY C 101 -8.99 1.59 18.93
CA GLY C 101 -8.46 0.27 19.23
C GLY C 101 -7.60 0.23 20.48
N LYS C 102 -8.02 0.92 21.54
CA LYS C 102 -7.27 0.97 22.79
C LYS C 102 -7.65 -0.26 23.62
N MET C 103 -7.05 -1.39 23.26
CA MET C 103 -7.32 -2.62 23.97
C MET C 103 -6.69 -2.58 25.37
N PRO C 104 -7.41 -3.01 26.40
CA PRO C 104 -6.83 -2.99 27.75
C PRO C 104 -5.58 -3.85 27.83
N LYS C 105 -4.60 -3.38 28.61
CA LYS C 105 -3.34 -4.10 28.74
C LYS C 105 -3.47 -5.35 29.61
N TRP C 106 -4.34 -5.31 30.63
CA TRP C 106 -4.48 -6.46 31.52
C TRP C 106 -5.01 -7.67 30.77
N THR C 107 -5.93 -7.47 29.82
CA THR C 107 -6.46 -8.60 29.06
C THR C 107 -5.43 -9.19 28.13
N ARG C 108 -4.53 -8.36 27.59
CA ARG C 108 -3.50 -8.85 26.68
C ARG C 108 -2.41 -9.63 27.41
N VAL C 109 -2.22 -9.38 28.71
CA VAL C 109 -1.20 -10.10 29.45
C VAL C 109 -1.51 -11.59 29.48
N ILE C 110 -2.78 -11.94 29.67
CA ILE C 110 -3.17 -13.36 29.68
C ILE C 110 -2.92 -13.99 28.32
N LEU C 111 -3.14 -13.23 27.25
CA LEU C 111 -2.94 -13.75 25.90
C LEU C 111 -1.48 -13.82 25.49
N LEU C 112 -0.57 -13.28 26.30
CA LEU C 112 0.86 -13.34 25.95
C LEU C 112 1.35 -14.78 25.92
N ASN C 113 0.88 -15.61 26.85
CA ASN C 113 1.28 -17.01 26.90
C ASN C 113 0.59 -17.87 25.84
N TRP C 114 -0.48 -17.37 25.22
CA TRP C 114 -1.16 -18.16 24.21
C TRP C 114 -0.24 -18.44 23.01
N CYS C 115 0.51 -17.44 22.57
CA CYS C 115 1.41 -17.63 21.45
C CYS C 115 2.53 -18.60 21.80
N ALA C 116 3.05 -18.53 23.03
CA ALA C 116 4.12 -19.44 23.44
C ALA C 116 3.61 -20.86 23.64
N TRP C 117 2.37 -21.02 24.11
CA TRP C 117 1.80 -22.34 24.33
C TRP C 117 1.26 -22.98 23.06
N PHE C 118 1.10 -22.20 21.98
CA PHE C 118 0.61 -22.78 20.73
C PHE C 118 1.57 -23.83 20.19
N LEU C 119 2.87 -23.53 20.20
CA LEU C 119 3.85 -24.49 19.74
C LEU C 119 4.05 -25.63 20.74
N ARG C 120 4.08 -25.30 22.04
CA ARG C 120 4.26 -26.27 23.11
C ARG C 120 3.22 -25.97 24.19
N MET C 121 2.07 -26.63 24.08
CA MET C 121 1.00 -26.41 25.05
C MET C 121 1.37 -27.02 26.41
N LYS C 122 0.71 -26.52 27.45
CA LYS C 122 0.94 -26.99 28.81
C LYS C 122 0.25 -28.31 29.12
N ARG C 123 -0.48 -28.88 28.16
CA ARG C 123 -1.16 -30.13 28.40
C ARG C 123 -0.16 -31.27 28.58
N PRO C 124 -0.57 -32.37 29.21
CA PRO C 124 0.37 -33.49 29.43
C PRO C 124 0.91 -34.08 28.15
N GLY C 125 0.22 -33.92 27.02
CA GLY C 125 0.70 -34.48 25.77
C GLY C 125 1.96 -33.83 25.23
N GLU C 126 2.26 -32.62 25.69
CA GLU C 126 3.45 -31.90 25.25
C GLU C 126 4.46 -31.63 26.37
N ASP C 127 4.00 -31.42 27.61
CA ASP C 127 4.92 -31.15 28.70
C ASP C 127 5.64 -32.41 29.16
N LYS C 128 5.00 -33.58 29.02
CA LYS C 128 5.60 -34.83 29.44
C LYS C 128 6.44 -35.48 28.34
N VAL C 129 6.05 -35.34 27.09
CA VAL C 129 6.80 -35.95 25.97
C VAL C 129 7.84 -34.94 25.56
N ARG C 130 8.98 -34.98 26.26
CA ARG C 130 10.11 -34.10 25.99
C ARG C 130 11.26 -34.52 26.89
N PRO C 131 12.48 -34.09 26.57
CA PRO C 131 13.63 -34.43 27.43
C PRO C 131 13.44 -33.89 28.84
N ALA C 132 13.35 -34.82 29.80
CA ALA C 132 13.17 -34.47 31.20
C ALA C 132 14.03 -35.38 32.06
N CYS C 133 14.68 -34.79 33.06
CA CYS C 133 15.54 -35.54 33.96
C CYS C 133 15.62 -34.82 35.30
N GLN C 134 16.02 -35.56 36.32
CA GLN C 134 16.16 -35.01 37.66
C GLN C 134 17.49 -34.30 37.88
N HIS C 135 18.38 -34.32 36.89
CA HIS C 135 19.68 -33.68 37.00
C HIS C 135 19.53 -32.17 36.78
N LYS C 136 20.65 -31.47 36.59
CA LYS C 136 20.63 -30.02 36.43
C LYS C 136 19.80 -29.56 35.25
N GLN C 137 19.35 -30.48 34.39
CA GLN C 137 18.54 -30.08 33.24
C GLN C 137 17.24 -29.41 33.69
N ARG C 138 16.61 -29.94 34.73
CA ARG C 138 15.35 -29.43 35.24
C ARG C 138 15.51 -28.83 36.64
N ARG C 139 16.67 -28.25 36.92
CA ARG C 139 16.94 -27.62 38.21
C ARG C 139 16.75 -26.11 38.11
N CYS C 140 16.66 -25.48 39.27
CA CYS C 140 16.49 -24.03 39.36
C CYS C 140 17.34 -23.49 40.49
N SER C 141 17.67 -22.20 40.39
CA SER C 141 18.48 -21.53 41.40
C SER C 141 18.05 -20.07 41.45
N LEU C 142 18.87 -19.24 42.12
CA LEU C 142 18.54 -17.82 42.22
C LEU C 142 18.53 -17.15 40.85
N ALA C 143 19.31 -17.66 39.90
CA ALA C 143 19.32 -17.09 38.56
C ALA C 143 18.07 -17.45 37.77
N SER C 144 17.46 -18.60 38.06
CA SER C 144 16.25 -19.03 37.35
C SER C 144 14.98 -18.48 38.00
N VAL C 145 14.93 -18.44 39.32
CA VAL C 145 13.77 -17.92 40.04
C VAL C 145 13.84 -16.40 40.03
N GLU C 146 12.90 -15.75 39.35
CA GLU C 146 12.85 -14.31 39.22
C GLU C 146 11.58 -13.75 39.86
N MET C 147 11.21 -14.27 41.02
CA MET C 147 10.03 -13.80 41.74
C MET C 147 10.28 -12.51 42.48
N SER C 148 11.52 -12.03 42.55
CA SER C 148 11.88 -10.80 43.26
C SER C 148 12.02 -9.62 42.30
N ALA C 149 11.43 -9.69 41.11
CA ALA C 149 11.49 -8.62 40.12
C ALA C 149 12.94 -8.32 39.74
N VAL C 150 13.58 -9.32 39.14
CA VAL C 150 14.97 -9.21 38.70
C VAL C 150 15.01 -9.23 37.17
N ALA C 151 16.19 -9.00 36.62
CA ALA C 151 16.32 -8.95 35.17
C ALA C 151 16.10 -10.34 34.56
N PRO C 152 15.71 -10.41 33.29
CA PRO C 152 15.50 -11.72 32.67
C PRO C 152 16.82 -12.48 32.58
N PRO C 153 16.76 -13.80 32.53
CA PRO C 153 18.00 -14.59 32.46
C PRO C 153 18.79 -14.25 31.21
N PRO C 154 20.13 -14.27 31.27
CA PRO C 154 20.93 -13.98 30.07
C PRO C 154 20.60 -14.95 28.94
N ALA C 155 20.09 -14.41 27.84
CA ALA C 155 19.74 -15.20 26.69
C ALA C 155 19.88 -14.35 25.43
N SER C 156 20.02 -15.04 24.30
CA SER C 156 20.17 -14.37 23.00
C SER C 156 18.85 -14.16 22.29
N ASN C 157 17.72 -14.48 22.94
CA ASN C 157 16.41 -14.32 22.34
C ASN C 157 15.79 -12.96 22.61
N GLY C 158 16.52 -12.05 23.26
CA GLY C 158 16.00 -10.73 23.57
C GLY C 158 15.99 -10.43 25.05
N ASN C 159 16.88 -11.08 25.79
CA ASN C 159 17.00 -10.88 27.23
C ASN C 159 18.35 -10.34 27.66
N LEU C 160 19.43 -10.73 26.99
CA LEU C 160 20.75 -10.22 27.35
C LEU C 160 20.85 -8.71 27.14
N LEU C 161 20.27 -8.21 26.04
CA LEU C 161 20.32 -6.79 25.75
C LEU C 161 19.44 -5.96 26.68
N TYR C 162 18.51 -6.61 27.38
CA TYR C 162 17.63 -5.87 28.29
C TYR C 162 18.41 -5.28 29.46
N ILE C 163 19.47 -5.96 29.90
CA ILE C 163 20.26 -5.47 31.03
C ILE C 163 20.92 -4.14 30.67
N GLY C 164 21.52 -4.07 29.49
CA GLY C 164 22.23 -2.87 29.08
C GLY C 164 21.37 -1.89 28.31
N PHE C 165 20.72 -2.37 27.25
CA PHE C 165 19.89 -1.48 26.44
C PHE C 165 18.73 -0.91 27.25
N ARG C 166 18.08 -1.75 28.04
CA ARG C 166 16.94 -1.36 28.87
C ARG C 166 17.32 -1.30 30.35
N GLY C 167 18.55 -0.86 30.63
CA GLY C 167 18.99 -0.79 32.02
C GLY C 167 18.22 0.21 32.83
N LEU C 168 17.64 1.23 32.19
CA LEU C 168 16.86 2.26 32.86
C LEU C 168 17.70 2.95 33.94
N ASP C 169 18.77 3.61 33.50
CA ASP C 169 19.69 4.31 34.40
C ASP C 169 20.37 3.32 35.34
N GLY C 170 20.91 2.25 34.77
CA GLY C 170 21.58 1.23 35.56
C GLY C 170 23.08 1.36 35.54
N VAL C 171 23.76 0.49 34.79
CA VAL C 171 25.21 0.49 34.72
C VAL C 171 25.66 1.15 33.43
N HIS C 172 24.87 1.00 32.36
CA HIS C 172 25.23 1.54 31.05
C HIS C 172 24.74 2.97 30.88
N CYS C 173 23.43 3.18 31.01
CA CYS C 173 22.87 4.51 30.79
C CYS C 173 23.42 5.52 31.79
N VAL C 174 23.46 5.14 33.06
CA VAL C 174 23.92 6.04 34.13
C VAL C 174 24.96 5.31 34.97
N PRO C 175 26.25 5.31 34.58
CA PRO C 175 27.30 4.66 35.36
C PRO C 175 27.76 5.49 36.56
N THR C 176 26.80 5.96 37.35
CA THR C 176 27.15 6.77 38.52
C THR C 176 28.05 6.05 39.51
N PRO C 177 27.83 4.77 39.83
CA PRO C 177 28.71 4.11 40.81
C PRO C 177 30.16 4.12 40.35
N ASP C 178 31.07 4.29 41.30
CA ASP C 178 32.50 4.31 41.01
C ASP C 178 32.99 2.88 40.83
N SER C 179 33.04 2.43 39.57
CA SER C 179 33.50 1.09 39.25
C SER C 179 35.01 0.96 39.21
N GLY C 180 35.74 2.07 39.28
CA GLY C 180 37.19 2.01 39.24
C GLY C 180 37.76 1.68 37.87
N VAL C 181 37.00 1.92 36.81
CA VAL C 181 37.46 1.63 35.45
C VAL C 181 37.69 2.91 34.65
N VAL C 182 36.87 3.93 34.88
CA VAL C 182 37.01 5.18 34.14
C VAL C 182 38.37 5.82 34.43
N CYS C 183 38.79 5.80 35.70
CA CYS C 183 40.06 6.41 36.10
C CYS C 183 40.86 5.49 37.02
N GLY C 184 40.52 4.20 37.06
CA GLY C 184 41.23 3.25 37.90
C GLY C 184 41.91 2.15 37.11
N ARG C 185 41.40 1.87 35.91
CA ARG C 185 41.94 0.82 35.06
C ARG C 185 42.13 1.36 33.64
N MET C 186 43.03 0.71 32.91
CA MET C 186 43.35 1.10 31.54
C MET C 186 42.45 0.42 30.52
N ALA C 187 41.24 0.01 30.91
CA ALA C 187 40.31 -0.67 30.00
C ALA C 187 39.62 0.39 29.16
N CYS C 188 40.28 0.77 28.06
CA CYS C 188 39.76 1.77 27.12
C CYS C 188 39.48 3.10 27.81
N SER C 189 40.29 3.44 28.81
CA SER C 189 40.15 4.70 29.53
C SER C 189 41.49 5.03 30.19
N PRO C 190 41.74 6.31 30.46
CA PRO C 190 43.01 6.68 31.09
C PRO C 190 42.96 6.49 32.60
N THR C 191 44.05 5.95 33.14
CA THR C 191 44.18 5.72 34.58
C THR C 191 44.87 6.94 35.20
N HIS C 192 44.05 7.90 35.63
CA HIS C 192 44.55 9.13 36.24
C HIS C 192 45.49 9.89 35.30
N ASP C 193 45.25 9.77 33.99
CA ASP C 193 46.06 10.42 32.98
C ASP C 193 45.23 11.42 32.17
N GLU C 194 44.36 12.17 32.87
CA GLU C 194 43.51 13.16 32.20
C GLU C 194 44.29 14.38 31.73
N HIS C 195 45.52 14.55 32.20
CA HIS C 195 46.32 15.71 31.79
C HIS C 195 46.85 15.58 30.38
N LEU C 196 46.79 14.39 29.78
CA LEU C 196 47.29 14.18 28.42
C LEU C 196 46.18 14.59 27.44
N LEU C 197 46.06 15.90 27.25
CA LEU C 197 45.04 16.44 26.35
C LEU C 197 45.57 16.44 24.92
N HIS C 198 44.77 17.01 24.01
CA HIS C 198 45.12 17.09 22.59
C HIS C 198 46.01 18.31 22.36
N GLY C 199 47.20 18.25 22.92
CA GLY C 199 48.15 19.35 22.78
C GLY C 199 47.67 20.64 23.40
N GLY C 200 47.09 20.58 24.58
CA GLY C 200 46.57 21.76 25.24
C GLY C 200 45.15 22.12 24.88
N GLN C 201 44.46 21.28 24.13
CA GLN C 201 43.09 21.51 23.69
C GLN C 201 42.24 20.31 24.04
N PRO C 202 40.91 20.48 24.09
CA PRO C 202 40.06 19.36 24.45
C PRO C 202 40.21 18.24 23.44
N PRO C 203 40.01 16.98 23.88
CA PRO C 203 40.18 15.86 22.94
C PRO C 203 39.32 15.99 21.69
N GLU C 204 38.11 16.52 21.82
CA GLU C 204 37.22 16.72 20.67
C GLU C 204 37.72 17.90 19.86
N GLY C 205 38.21 17.64 18.65
CA GLY C 205 38.72 18.69 17.80
C GLY C 205 37.65 19.61 17.24
N ASP C 206 36.41 19.14 17.16
CA ASP C 206 35.32 19.95 16.63
C ASP C 206 34.03 19.61 17.38
N PRO C 207 33.55 20.48 18.26
CA PRO C 207 32.29 20.18 18.97
C PRO C 207 31.06 20.15 18.07
N ASP C 208 31.19 20.54 16.81
CA ASP C 208 30.04 20.52 15.90
C ASP C 208 29.53 19.11 15.67
N LEU C 209 30.35 18.08 15.87
CA LEU C 209 29.90 16.71 15.69
C LEU C 209 28.83 16.32 16.71
N ALA C 210 28.86 16.93 17.89
CA ALA C 210 27.85 16.62 18.89
C ALA C 210 26.46 16.98 18.40
N LYS C 211 26.31 18.15 17.76
CA LYS C 211 25.02 18.54 17.22
C LYS C 211 24.56 17.57 16.13
N ILE C 212 25.49 17.15 15.27
CA ILE C 212 25.15 16.20 14.22
C ILE C 212 24.75 14.86 14.82
N LEU C 213 25.40 14.47 15.93
CA LEU C 213 25.06 13.19 16.56
C LEU C 213 23.62 13.17 17.03
N GLU C 214 23.14 14.28 17.62
CA GLU C 214 21.76 14.32 18.07
C GLU C 214 20.79 14.17 16.90
N GLU C 215 21.06 14.85 15.78
CA GLU C 215 20.22 14.70 14.61
C GLU C 215 20.36 13.31 14.00
N VAL C 216 21.59 12.80 13.92
CA VAL C 216 21.80 11.46 13.38
C VAL C 216 21.17 10.42 14.30
N ARG C 217 21.33 10.59 15.61
CA ARG C 217 20.75 9.63 16.55
C ARG C 217 19.23 9.61 16.45
N TYR C 218 18.61 10.76 16.19
CA TYR C 218 17.15 10.80 16.05
C TYR C 218 16.69 9.93 14.89
N ILE C 219 17.39 10.00 13.75
CA ILE C 219 17.04 9.16 12.61
C ILE C 219 17.19 7.69 12.97
N ALA C 220 18.31 7.35 13.61
CA ALA C 220 18.50 5.96 14.06
C ALA C 220 17.49 5.59 15.14
N ASN C 221 17.21 6.52 16.06
CA ASN C 221 16.24 6.23 17.11
C ASN C 221 14.84 6.08 16.57
N ARG C 222 14.49 6.83 15.51
CA ARG C 222 13.17 6.70 14.92
C ARG C 222 12.96 5.30 14.37
N PHE C 223 13.96 4.73 13.70
CA PHE C 223 13.86 3.35 13.23
C PHE C 223 13.75 2.38 14.40
N ARG C 224 14.48 2.64 15.48
CA ARG C 224 14.36 1.80 16.66
C ARG C 224 12.99 1.94 17.31
N CYS C 225 12.40 3.14 17.26
CA CYS C 225 11.05 3.32 17.80
C CYS C 225 10.03 2.53 17.01
N GLN C 226 10.27 2.32 15.71
CA GLN C 226 9.37 1.50 14.91
C GLN C 226 9.36 0.06 15.40
N ASP C 227 10.53 -0.47 15.79
CA ASP C 227 10.58 -1.82 16.35
C ASP C 227 9.84 -1.87 17.68
N GLU C 228 9.93 -0.82 18.48
CA GLU C 228 9.19 -0.78 19.74
C GLU C 228 7.69 -0.82 19.48
N SER C 229 7.22 -0.06 18.49
CA SER C 229 5.81 -0.11 18.14
C SER C 229 5.42 -1.48 17.62
N GLU C 230 6.31 -2.13 16.86
CA GLU C 230 6.03 -3.47 16.37
C GLU C 230 5.88 -4.45 17.52
N ALA C 231 6.74 -4.34 18.54
CA ALA C 231 6.60 -5.19 19.71
C ALA C 231 5.27 -4.95 20.42
N VAL C 232 4.88 -3.68 20.57
CA VAL C 232 3.57 -3.38 21.12
C VAL C 232 2.48 -3.88 20.19
N CYS C 233 2.64 -3.66 18.89
CA CYS C 233 1.66 -4.17 17.92
C CYS C 233 1.64 -5.69 17.90
N SER C 234 2.78 -6.32 18.20
CA SER C 234 2.81 -7.79 18.25
C SER C 234 1.87 -8.31 19.33
N GLU C 235 1.86 -7.66 20.50
CA GLU C 235 0.92 -8.04 21.54
C GLU C 235 -0.51 -7.81 21.09
N TRP C 236 -0.77 -6.72 20.38
CA TRP C 236 -2.11 -6.47 19.86
C TRP C 236 -2.47 -7.47 18.75
N LYS C 237 -1.48 -7.89 17.96
CA LYS C 237 -1.76 -8.84 16.89
C LYS C 237 -2.10 -10.23 17.41
N PHE C 238 -1.66 -10.57 18.62
CA PHE C 238 -2.01 -11.87 19.19
C PHE C 238 -3.52 -12.00 19.37
N ALA C 239 -4.18 -10.93 19.83
CA ALA C 239 -5.63 -10.96 19.96
C ALA C 239 -6.30 -11.20 18.62
N ALA C 240 -5.77 -10.59 17.56
CA ALA C 240 -6.31 -10.85 16.22
C ALA C 240 -6.08 -12.29 15.81
N CYS C 241 -4.94 -12.87 16.20
CA CYS C 241 -4.68 -14.27 15.88
C CYS C 241 -5.50 -15.20 16.75
N VAL C 242 -5.82 -14.79 17.98
CA VAL C 242 -6.62 -15.63 18.87
C VAL C 242 -8.00 -15.87 18.27
N VAL C 243 -8.64 -14.80 17.78
CA VAL C 243 -9.96 -14.93 17.18
C VAL C 243 -9.95 -15.73 15.88
N ASP C 244 -8.76 -15.95 15.30
CA ASP C 244 -8.66 -16.72 14.07
C ASP C 244 -8.37 -18.20 14.36
N ARG C 245 -7.42 -18.48 15.25
CA ARG C 245 -7.06 -19.86 15.54
C ARG C 245 -8.00 -20.48 16.57
N LEU C 246 -8.37 -19.72 17.61
CA LEU C 246 -9.29 -20.24 18.62
C LEU C 246 -10.64 -20.56 18.00
N CYS C 247 -11.14 -19.67 17.14
CA CYS C 247 -12.42 -19.93 16.47
C CYS C 247 -12.31 -21.12 15.52
N LEU C 248 -11.13 -21.34 14.92
CA LEU C 248 -10.96 -22.47 14.03
C LEU C 248 -11.18 -23.79 14.77
N MET C 249 -10.63 -23.92 15.97
CA MET C 249 -10.84 -25.12 16.76
C MET C 249 -12.29 -25.23 17.21
N ALA C 250 -12.89 -24.12 17.62
CA ALA C 250 -14.29 -24.15 18.06
C ALA C 250 -15.22 -24.53 16.91
N PHE C 251 -14.98 -23.97 15.72
CA PHE C 251 -15.83 -24.31 14.58
C PHE C 251 -15.55 -25.72 14.08
N SER C 252 -14.35 -26.25 14.32
CA SER C 252 -14.05 -27.61 13.90
C SER C 252 -14.96 -28.61 14.60
N VAL C 253 -15.17 -28.43 15.91
CA VAL C 253 -16.10 -29.30 16.63
C VAL C 253 -17.52 -29.11 16.13
N PHE C 254 -17.92 -27.86 15.90
CA PHE C 254 -19.27 -27.60 15.40
C PHE C 254 -19.46 -28.19 14.01
N THR C 255 -18.43 -28.09 13.16
CA THR C 255 -18.54 -28.64 11.81
C THR C 255 -18.77 -30.15 11.85
N ILE C 256 -18.08 -30.85 12.76
CA ILE C 256 -18.29 -32.29 12.88
C ILE C 256 -19.71 -32.58 13.32
N ILE C 257 -20.27 -31.75 14.21
CA ILE C 257 -21.65 -31.94 14.64
C ILE C 257 -22.60 -31.79 13.47
N CYS C 258 -22.36 -30.80 12.61
CA CYS C 258 -23.23 -30.61 11.45
C CYS C 258 -23.22 -31.84 10.55
N THR C 259 -22.06 -32.41 10.31
CA THR C 259 -21.99 -33.62 9.49
C THR C 259 -22.73 -34.77 10.15
N ILE C 260 -22.60 -34.91 11.47
CA ILE C 260 -23.30 -35.99 12.17
C ILE C 260 -24.80 -35.77 12.11
N GLY C 261 -25.24 -34.51 12.19
CA GLY C 261 -26.67 -34.24 12.14
C GLY C 261 -27.31 -34.71 10.84
N ILE C 262 -26.59 -34.54 9.72
CA ILE C 262 -27.13 -35.00 8.44
C ILE C 262 -27.30 -36.51 8.44
N LEU C 263 -26.33 -37.23 9.00
CA LEU C 263 -26.41 -38.68 9.05
C LEU C 263 -27.55 -39.16 9.93
N MET C 264 -28.08 -38.30 10.80
CA MET C 264 -29.19 -38.66 11.68
C MET C 264 -30.49 -37.97 11.33
N SER C 265 -30.43 -36.82 10.64
CA SER C 265 -31.65 -36.10 10.25
C SER C 265 -32.12 -36.46 8.85
N ALA C 266 -31.20 -36.76 7.93
CA ALA C 266 -31.60 -37.11 6.58
C ALA C 266 -32.48 -38.35 6.53
N PRO C 267 -32.17 -39.44 7.24
CA PRO C 267 -33.04 -40.62 7.17
C PRO C 267 -34.47 -40.36 7.64
N ASN C 268 -34.68 -39.36 8.50
CA ASN C 268 -36.01 -39.05 9.00
C ASN C 268 -36.71 -37.95 8.20
N PHE C 269 -35.96 -37.10 7.52
CA PHE C 269 -36.53 -36.02 6.70
C PHE C 269 -36.26 -36.20 5.23
N VAL C 270 -35.00 -36.38 4.84
CA VAL C 270 -34.65 -36.57 3.43
C VAL C 270 -34.95 -38.00 3.01
N LEU D 7 -26.26 -30.07 -31.33
CA LEU D 7 -25.63 -29.70 -30.07
C LEU D 7 -25.91 -28.24 -29.74
N TYR D 8 -27.21 -27.87 -29.74
CA TYR D 8 -27.58 -26.50 -29.44
C TYR D 8 -27.27 -26.16 -27.99
N TYR D 9 -27.88 -26.88 -27.05
CA TYR D 9 -27.63 -26.64 -25.63
C TYR D 9 -26.27 -27.17 -25.19
N GLY D 10 -25.75 -28.20 -25.88
CA GLY D 10 -24.47 -28.76 -25.50
C GLY D 10 -23.34 -27.76 -25.66
N LEU D 11 -23.32 -27.04 -26.79
CA LEU D 11 -22.26 -26.06 -27.03
C LEU D 11 -22.46 -24.78 -26.23
N ASN D 12 -23.67 -24.53 -25.72
CA ASN D 12 -23.95 -23.33 -24.94
C ASN D 12 -23.72 -23.52 -23.45
N LEU D 13 -23.38 -24.73 -23.00
CA LEU D 13 -23.15 -24.98 -21.58
C LEU D 13 -21.79 -25.62 -21.37
N LEU D 14 -21.35 -26.45 -22.31
CA LEU D 14 -20.06 -27.12 -22.17
C LEU D 14 -18.90 -26.16 -22.44
N ILE D 15 -19.04 -25.29 -23.44
CA ILE D 15 -17.95 -24.39 -23.79
C ILE D 15 -17.60 -23.47 -22.63
N PRO D 16 -18.55 -22.81 -21.95
CA PRO D 16 -18.18 -21.98 -20.81
C PRO D 16 -17.48 -22.75 -19.70
N CYS D 17 -17.81 -24.03 -19.51
CA CYS D 17 -17.19 -24.81 -18.45
C CYS D 17 -15.68 -24.92 -18.67
N VAL D 18 -15.26 -25.19 -19.90
CA VAL D 18 -13.82 -25.28 -20.18
C VAL D 18 -13.21 -23.90 -20.36
N LEU D 19 -13.99 -22.92 -20.83
CA LEU D 19 -13.46 -21.57 -20.99
C LEU D 19 -13.08 -20.97 -19.64
N ILE D 20 -13.93 -21.16 -18.63
CA ILE D 20 -13.62 -20.66 -17.29
C ILE D 20 -12.41 -21.38 -16.72
N SER D 21 -12.34 -22.71 -16.92
CA SER D 21 -11.19 -23.46 -16.43
C SER D 21 -9.90 -23.01 -17.12
N ALA D 22 -9.98 -22.71 -18.41
CA ALA D 22 -8.80 -22.24 -19.13
C ALA D 22 -8.34 -20.89 -18.60
N LEU D 23 -9.27 -20.00 -18.24
CA LEU D 23 -8.89 -18.71 -17.70
C LEU D 23 -8.22 -18.85 -16.34
N ALA D 24 -8.58 -19.89 -15.58
CA ALA D 24 -7.93 -20.11 -14.28
C ALA D 24 -6.46 -20.45 -14.44
N LEU D 25 -6.09 -21.11 -15.55
CA LEU D 25 -4.69 -21.45 -15.77
C LEU D 25 -3.82 -20.21 -15.92
N LEU D 26 -4.38 -19.14 -16.50
CA LEU D 26 -3.61 -17.91 -16.65
C LEU D 26 -3.36 -17.23 -15.32
N VAL D 27 -4.25 -17.42 -14.35
CA VAL D 27 -4.06 -16.79 -13.04
C VAL D 27 -2.85 -17.38 -12.34
N PHE D 28 -2.60 -18.68 -12.50
CA PHE D 28 -1.45 -19.31 -11.86
C PHE D 28 -0.12 -18.76 -12.36
N LEU D 29 -0.10 -18.20 -13.58
CA LEU D 29 1.14 -17.64 -14.11
C LEU D 29 1.61 -16.43 -13.34
N LEU D 30 0.74 -15.78 -12.57
CA LEU D 30 1.15 -14.61 -11.82
C LEU D 30 2.17 -15.00 -10.75
N PRO D 31 3.17 -14.17 -10.49
CA PRO D 31 4.12 -14.47 -9.42
C PRO D 31 3.45 -14.47 -8.05
N ALA D 32 4.17 -15.00 -7.07
CA ALA D 32 3.65 -15.06 -5.71
C ALA D 32 3.54 -13.67 -5.09
N ASP D 33 4.22 -12.67 -5.65
CA ASP D 33 4.15 -11.32 -5.11
C ASP D 33 2.82 -10.65 -5.41
N SER D 34 2.04 -11.18 -6.35
CA SER D 34 0.76 -10.59 -6.72
C SER D 34 -0.26 -10.93 -5.64
N GLY D 35 -0.50 -9.98 -4.74
CA GLY D 35 -1.46 -10.17 -3.67
C GLY D 35 -2.88 -9.72 -3.99
N GLU D 36 -3.07 -8.98 -5.08
CA GLU D 36 -4.38 -8.50 -5.48
C GLU D 36 -5.10 -9.45 -6.42
N LYS D 37 -4.50 -10.59 -6.74
CA LYS D 37 -5.12 -11.55 -7.65
C LYS D 37 -6.28 -12.31 -6.99
N ILE D 38 -6.48 -12.16 -5.68
CA ILE D 38 -7.58 -12.86 -5.02
C ILE D 38 -8.92 -12.41 -5.59
N SER D 39 -9.03 -11.12 -5.93
CA SER D 39 -10.27 -10.62 -6.50
C SER D 39 -10.56 -11.29 -7.85
N LEU D 40 -9.52 -11.49 -8.66
CA LEU D 40 -9.70 -12.16 -9.95
C LEU D 40 -10.16 -13.60 -9.74
N GLY D 41 -9.59 -14.29 -8.75
CA GLY D 41 -9.99 -15.67 -8.50
C GLY D 41 -11.44 -15.80 -8.10
N ILE D 42 -11.97 -14.82 -7.38
CA ILE D 42 -13.38 -14.86 -6.99
C ILE D 42 -14.27 -14.84 -8.22
N THR D 43 -13.93 -13.99 -9.20
CA THR D 43 -14.73 -13.92 -10.42
C THR D 43 -14.72 -15.26 -11.16
N VAL D 44 -13.56 -15.92 -11.21
CA VAL D 44 -13.47 -17.21 -11.89
C VAL D 44 -14.41 -18.22 -11.24
N LEU D 45 -14.39 -18.27 -9.91
CA LEU D 45 -15.32 -19.16 -9.20
C LEU D 45 -16.74 -18.64 -9.30
N LEU D 46 -16.94 -17.32 -9.21
CA LEU D 46 -18.28 -16.76 -9.32
C LEU D 46 -18.86 -17.00 -10.71
N SER D 47 -18.04 -16.89 -11.75
CA SER D 47 -18.54 -17.08 -13.11
C SER D 47 -19.06 -18.50 -13.30
N LEU D 48 -18.36 -19.49 -12.74
CA LEU D 48 -18.82 -20.88 -12.86
C LEU D 48 -20.17 -21.07 -12.20
N THR D 49 -20.36 -20.48 -11.02
CA THR D 49 -21.64 -20.61 -10.33
C THR D 49 -22.77 -19.94 -11.12
N VAL D 50 -22.48 -18.78 -11.72
CA VAL D 50 -23.51 -18.09 -12.49
C VAL D 50 -23.98 -18.94 -13.67
N PHE D 51 -23.03 -19.56 -14.38
CA PHE D 51 -23.39 -20.42 -15.50
C PHE D 51 -23.92 -21.78 -15.03
N MET D 52 -23.66 -22.16 -13.78
CA MET D 52 -24.17 -23.43 -13.28
C MET D 52 -25.68 -23.39 -13.09
N LEU D 53 -26.24 -22.21 -12.82
CA LEU D 53 -27.68 -22.09 -12.65
C LEU D 53 -28.42 -22.42 -13.93
N LEU D 54 -27.88 -22.03 -15.08
CA LEU D 54 -28.55 -22.33 -16.35
C LEU D 54 -28.62 -23.84 -16.58
N VAL D 55 -27.55 -24.57 -16.23
CA VAL D 55 -27.55 -26.01 -16.42
C VAL D 55 -28.58 -26.67 -15.50
N ALA D 56 -28.86 -26.06 -14.35
CA ALA D 56 -29.83 -26.64 -13.42
C ALA D 56 -31.21 -26.75 -14.05
N GLU D 57 -31.63 -25.71 -14.78
CA GLU D 57 -32.94 -25.76 -15.43
C GLU D 57 -33.00 -26.87 -16.46
N ILE D 58 -31.92 -27.06 -17.23
CA ILE D 58 -31.89 -28.13 -18.22
C ILE D 58 -31.54 -29.47 -17.60
N MET D 59 -31.02 -29.49 -16.38
CA MET D 59 -30.65 -30.74 -15.72
C MET D 59 -31.91 -31.56 -15.45
N PRO D 60 -32.00 -32.80 -15.94
CA PRO D 60 -33.18 -33.62 -15.63
C PRO D 60 -33.34 -33.82 -14.14
N SER D 61 -34.59 -33.80 -13.68
CA SER D 61 -34.92 -34.00 -12.27
C SER D 61 -35.13 -35.50 -12.06
N THR D 62 -34.08 -36.18 -11.59
CA THR D 62 -34.16 -37.61 -11.34
C THR D 62 -34.60 -37.86 -9.90
N SER D 63 -34.71 -39.15 -9.54
CA SER D 63 -35.13 -39.54 -8.20
C SER D 63 -33.94 -39.74 -7.28
N ASP D 64 -33.03 -40.67 -7.65
CA ASP D 64 -31.85 -40.93 -6.85
C ASP D 64 -30.58 -41.12 -7.68
N SER D 65 -30.64 -40.94 -8.99
CA SER D 65 -29.49 -41.11 -9.87
C SER D 65 -29.27 -39.79 -10.61
N SER D 66 -28.31 -39.01 -10.15
CA SER D 66 -28.03 -37.73 -10.78
C SER D 66 -27.48 -37.94 -12.19
N PRO D 67 -27.72 -37.00 -13.11
CA PRO D 67 -27.20 -37.15 -14.46
C PRO D 67 -25.67 -37.16 -14.46
N SER D 68 -25.12 -37.62 -15.60
CA SER D 68 -23.67 -37.70 -15.73
C SER D 68 -23.02 -36.33 -15.80
N ILE D 69 -23.81 -35.27 -16.03
CA ILE D 69 -23.23 -33.93 -16.09
C ILE D 69 -22.62 -33.53 -14.75
N ALA D 70 -23.13 -34.08 -13.65
CA ALA D 70 -22.58 -33.77 -12.34
C ALA D 70 -21.12 -34.23 -12.24
N GLN D 71 -20.82 -35.41 -12.77
CA GLN D 71 -19.45 -35.92 -12.70
C GLN D 71 -18.50 -35.02 -13.46
N TYR D 72 -18.92 -34.52 -14.64
CA TYR D 72 -18.04 -33.65 -15.41
C TYR D 72 -17.72 -32.37 -14.65
N PHE D 73 -18.71 -31.77 -14.00
CA PHE D 73 -18.47 -30.56 -13.23
C PHE D 73 -17.60 -30.82 -12.00
N ALA D 74 -17.56 -32.06 -11.52
CA ALA D 74 -16.72 -32.37 -10.37
C ALA D 74 -15.25 -32.10 -10.67
N SER D 75 -14.79 -32.50 -11.84
CA SER D 75 -13.41 -32.23 -12.22
C SER D 75 -13.16 -30.74 -12.44
N THR D 76 -14.15 -30.03 -13.01
CA THR D 76 -14.00 -28.59 -13.21
C THR D 76 -13.90 -27.86 -11.89
N MET D 77 -14.69 -28.28 -10.89
CA MET D 77 -14.66 -27.64 -9.58
C MET D 77 -13.39 -27.97 -8.80
N ILE D 78 -12.68 -29.03 -9.18
CA ILE D 78 -11.43 -29.35 -8.50
C ILE D 78 -10.32 -28.40 -8.96
N ILE D 79 -10.36 -27.96 -10.22
CA ILE D 79 -9.35 -27.04 -10.72
C ILE D 79 -9.69 -25.60 -10.32
N VAL D 80 -10.93 -25.18 -10.58
CA VAL D 80 -11.34 -23.83 -10.22
C VAL D 80 -11.44 -23.70 -8.70
N GLY D 81 -11.99 -24.71 -8.03
CA GLY D 81 -12.13 -24.63 -6.58
C GLY D 81 -10.79 -24.52 -5.87
N LEU D 82 -9.81 -25.31 -6.30
CA LEU D 82 -8.49 -25.28 -5.68
C LEU D 82 -7.70 -24.04 -6.07
N SER D 83 -8.07 -23.38 -7.17
CA SER D 83 -7.36 -22.16 -7.57
C SER D 83 -7.49 -21.07 -6.52
N VAL D 84 -8.69 -20.90 -5.95
CA VAL D 84 -8.89 -19.91 -4.91
C VAL D 84 -8.10 -20.29 -3.66
N VAL D 85 -8.08 -21.58 -3.33
CA VAL D 85 -7.35 -22.04 -2.15
C VAL D 85 -5.86 -21.79 -2.33
N VAL D 86 -5.34 -21.94 -3.55
CA VAL D 86 -3.93 -21.73 -3.80
C VAL D 86 -3.55 -20.28 -3.48
N THR D 87 -4.38 -19.32 -3.89
CA THR D 87 -4.09 -17.92 -3.60
C THR D 87 -4.01 -17.65 -2.11
N VAL D 88 -4.77 -18.40 -1.31
CA VAL D 88 -4.71 -18.22 0.14
C VAL D 88 -3.34 -18.61 0.66
N ILE D 89 -2.75 -19.68 0.13
CA ILE D 89 -1.43 -20.11 0.58
C ILE D 89 -0.39 -19.06 0.24
N VAL D 90 -0.55 -18.39 -0.90
CA VAL D 90 0.42 -17.37 -1.31
C VAL D 90 0.45 -16.23 -0.29
N LEU D 91 -0.73 -15.81 0.19
CA LEU D 91 -0.79 -14.71 1.14
C LEU D 91 -0.05 -15.05 2.42
N GLN D 92 -0.20 -16.29 2.91
CA GLN D 92 0.45 -16.67 4.16
C GLN D 92 1.96 -16.55 4.07
N TYR D 93 2.55 -17.01 2.96
CA TYR D 93 4.00 -16.94 2.80
C TYR D 93 4.45 -15.56 2.34
N HIS D 94 3.69 -14.93 1.43
CA HIS D 94 4.09 -13.63 0.92
C HIS D 94 4.08 -12.58 2.03
N HIS D 95 3.06 -12.61 2.90
CA HIS D 95 2.95 -11.62 3.97
C HIS D 95 4.02 -11.83 5.04
N HIS D 96 4.54 -13.05 5.18
CA HIS D 96 5.58 -13.37 6.16
C HIS D 96 5.31 -12.69 7.50
N ASP D 97 4.11 -12.90 8.02
CA ASP D 97 3.73 -12.30 9.29
C ASP D 97 4.65 -12.82 10.40
N PRO D 98 5.25 -11.94 11.20
CA PRO D 98 6.11 -12.43 12.29
C PRO D 98 5.36 -13.29 13.31
N ASP D 99 4.05 -13.12 13.43
CA ASP D 99 3.27 -13.86 14.42
C ASP D 99 2.67 -15.15 13.87
N GLY D 100 2.99 -15.51 12.64
CA GLY D 100 2.45 -16.73 12.06
C GLY D 100 3.24 -17.15 10.84
N GLY D 101 2.72 -18.19 10.19
CA GLY D 101 3.37 -18.70 8.98
C GLY D 101 4.78 -19.21 9.24
N LYS D 102 4.97 -19.95 10.33
CA LYS D 102 6.29 -20.50 10.68
C LYS D 102 6.46 -21.82 9.94
N MET D 103 6.80 -21.72 8.66
CA MET D 103 7.00 -22.91 7.85
C MET D 103 8.28 -23.62 8.28
N PRO D 104 8.27 -24.95 8.39
CA PRO D 104 9.49 -25.66 8.78
C PRO D 104 10.61 -25.43 7.79
N LYS D 105 11.84 -25.34 8.31
CA LYS D 105 13.00 -25.09 7.45
C LYS D 105 13.40 -26.32 6.66
N TRP D 106 13.23 -27.52 7.23
CA TRP D 106 13.63 -28.73 6.53
C TRP D 106 12.82 -28.94 5.26
N THR D 107 11.53 -28.60 5.29
CA THR D 107 10.70 -28.77 4.10
C THR D 107 11.07 -27.78 3.01
N ARG D 108 11.53 -26.57 3.39
CA ARG D 108 11.91 -25.58 2.40
C ARG D 108 13.25 -25.91 1.74
N VAL D 109 14.10 -26.68 2.41
CA VAL D 109 15.40 -27.04 1.81
C VAL D 109 15.19 -27.84 0.54
N ILE D 110 14.24 -28.78 0.56
CA ILE D 110 13.98 -29.58 -0.64
C ILE D 110 13.46 -28.70 -1.76
N LEU D 111 12.69 -27.66 -1.43
CA LEU D 111 12.14 -26.77 -2.45
C LEU D 111 13.14 -25.74 -2.94
N LEU D 112 14.33 -25.67 -2.33
CA LEU D 112 15.33 -24.70 -2.79
C LEU D 112 15.78 -25.01 -4.23
N ASN D 113 15.91 -26.29 -4.56
CA ASN D 113 16.34 -26.69 -5.89
C ASN D 113 15.22 -26.60 -6.92
N TRP D 114 13.96 -26.47 -6.48
CA TRP D 114 12.85 -26.37 -7.42
C TRP D 114 12.98 -25.14 -8.30
N CYS D 115 13.34 -23.99 -7.70
CA CYS D 115 13.50 -22.77 -8.49
C CYS D 115 14.67 -22.88 -9.46
N ALA D 116 15.76 -23.52 -9.06
CA ALA D 116 16.91 -23.67 -9.94
C ALA D 116 16.65 -24.67 -11.05
N TRP D 117 15.86 -25.72 -10.77
CA TRP D 117 15.55 -26.73 -11.78
C TRP D 117 14.42 -26.30 -12.72
N PHE D 118 13.69 -25.24 -12.38
CA PHE D 118 12.60 -24.79 -13.25
C PHE D 118 13.15 -24.33 -14.60
N LEU D 119 14.24 -23.57 -14.58
CA LEU D 119 14.85 -23.11 -15.83
C LEU D 119 15.60 -24.25 -16.52
N ARG D 120 16.32 -25.06 -15.76
CA ARG D 120 17.10 -26.18 -16.29
C ARG D 120 16.80 -27.40 -15.42
N MET D 121 15.80 -28.18 -15.81
CA MET D 121 15.43 -29.36 -15.05
C MET D 121 16.50 -30.44 -15.17
N LYS D 122 16.48 -31.37 -14.21
CA LYS D 122 17.44 -32.46 -14.19
C LYS D 122 17.07 -33.60 -15.13
N ARG D 123 15.97 -33.48 -15.86
CA ARG D 123 15.57 -34.54 -16.78
C ARG D 123 16.54 -34.64 -17.94
N PRO D 124 16.57 -35.78 -18.63
CA PRO D 124 17.51 -35.93 -19.75
C PRO D 124 17.31 -34.92 -20.86
N GLY D 125 16.10 -34.36 -21.00
CA GLY D 125 15.84 -33.41 -22.07
C GLY D 125 16.58 -32.09 -21.92
N GLU D 126 17.05 -31.78 -20.72
CA GLU D 126 17.79 -30.55 -20.46
C GLU D 126 19.23 -30.78 -20.01
N ASP D 127 19.49 -31.85 -19.26
CA ASP D 127 20.86 -32.11 -18.81
C ASP D 127 21.76 -32.60 -19.93
N LYS D 128 21.18 -33.30 -20.91
CA LYS D 128 21.97 -33.85 -22.01
C LYS D 128 22.10 -32.86 -23.17
N VAL D 129 21.08 -32.05 -23.43
CA VAL D 129 21.12 -31.09 -24.54
C VAL D 129 21.75 -29.82 -23.98
N ARG D 130 23.07 -29.79 -23.98
CA ARG D 130 23.84 -28.65 -23.50
C ARG D 130 25.31 -28.91 -23.78
N PRO D 131 26.15 -27.87 -23.76
CA PRO D 131 27.58 -28.07 -23.98
C PRO D 131 28.17 -29.03 -22.95
N ALA D 132 28.66 -30.17 -23.42
CA ALA D 132 29.25 -31.18 -22.56
C ALA D 132 30.46 -31.78 -23.25
N CYS D 133 31.53 -31.96 -22.47
CA CYS D 133 32.76 -32.52 -23.00
C CYS D 133 33.53 -33.18 -21.87
N GLN D 134 34.47 -34.05 -22.25
CA GLN D 134 35.30 -34.76 -21.28
C GLN D 134 36.51 -33.94 -20.83
N HIS D 135 36.71 -32.75 -21.37
CA HIS D 135 37.84 -31.91 -21.02
C HIS D 135 37.54 -31.20 -19.68
N LYS D 136 38.36 -30.21 -19.34
CA LYS D 136 38.21 -29.50 -18.08
C LYS D 136 36.85 -28.84 -17.92
N GLN D 137 36.03 -28.78 -18.97
CA GLN D 137 34.72 -28.16 -18.86
C GLN D 137 33.85 -28.89 -17.84
N ARG D 138 33.90 -30.22 -17.83
CA ARG D 138 33.09 -31.03 -16.92
C ARG D 138 33.95 -31.75 -15.89
N ARG D 139 35.08 -31.14 -15.50
CA ARG D 139 35.98 -31.72 -14.51
C ARG D 139 35.72 -31.11 -13.14
N CYS D 140 36.26 -31.77 -12.11
CA CYS D 140 36.10 -31.32 -10.74
C CYS D 140 37.42 -31.52 -10.00
N SER D 141 37.60 -30.74 -8.94
CA SER D 141 38.80 -30.82 -8.12
C SER D 141 38.41 -30.46 -6.68
N LEU D 142 39.43 -30.21 -5.85
CA LEU D 142 39.16 -29.87 -4.45
C LEU D 142 38.37 -28.56 -4.34
N ALA D 143 38.53 -27.66 -5.32
CA ALA D 143 37.79 -26.41 -5.29
C ALA D 143 36.32 -26.60 -5.66
N SER D 144 36.01 -27.61 -6.46
CA SER D 144 34.63 -27.87 -6.87
C SER D 144 33.90 -28.77 -5.89
N VAL D 145 34.58 -29.77 -5.34
CA VAL D 145 33.98 -30.70 -4.38
C VAL D 145 33.98 -30.00 -3.02
N GLU D 146 32.80 -29.70 -2.50
CA GLU D 146 32.63 -29.03 -1.21
C GLU D 146 31.89 -29.92 -0.22
N MET D 147 32.24 -31.20 -0.20
CA MET D 147 31.62 -32.14 0.72
C MET D 147 32.19 -32.05 2.14
N SER D 148 33.26 -31.27 2.34
CA SER D 148 33.89 -31.10 3.64
C SER D 148 33.46 -29.82 4.34
N ALA D 149 32.31 -29.27 3.95
CA ALA D 149 31.78 -28.04 4.56
C ALA D 149 32.78 -26.89 4.40
N VAL D 150 33.02 -26.53 3.14
CA VAL D 150 33.93 -25.45 2.79
C VAL D 150 33.12 -24.28 2.22
N ALA D 151 33.82 -23.18 1.98
CA ALA D 151 33.14 -21.98 1.47
C ALA D 151 32.69 -22.21 0.03
N PRO D 152 31.67 -21.48 -0.43
CA PRO D 152 31.20 -21.66 -1.79
C PRO D 152 32.28 -21.24 -2.78
N PRO D 153 32.26 -21.77 -4.00
CA PRO D 153 33.28 -21.42 -4.98
C PRO D 153 33.26 -19.94 -5.29
N PRO D 154 34.41 -19.32 -5.54
CA PRO D 154 34.42 -17.89 -5.89
C PRO D 154 33.56 -17.61 -7.11
N ALA D 155 32.53 -16.80 -6.92
CA ALA D 155 31.63 -16.43 -8.00
C ALA D 155 31.05 -15.06 -7.72
N SER D 156 30.57 -14.41 -8.78
CA SER D 156 29.96 -13.09 -8.69
C SER D 156 28.46 -13.13 -8.48
N ASN D 157 27.88 -14.32 -8.32
CA ASN D 157 26.44 -14.47 -8.14
C ASN D 157 26.02 -14.43 -6.67
N GLY D 158 26.96 -14.17 -5.75
CA GLY D 158 26.63 -14.12 -4.34
C GLY D 158 27.42 -15.12 -3.52
N ASN D 159 28.60 -15.50 -4.01
CA ASN D 159 29.47 -16.44 -3.33
C ASN D 159 30.82 -15.86 -2.94
N LEU D 160 31.37 -14.96 -3.75
CA LEU D 160 32.66 -14.36 -3.42
C LEU D 160 32.57 -13.52 -2.15
N LEU D 161 31.47 -12.78 -1.99
CA LEU D 161 31.31 -11.94 -0.81
C LEU D 161 31.04 -12.75 0.45
N TYR D 162 30.66 -14.03 0.32
CA TYR D 162 30.40 -14.85 1.49
C TYR D 162 31.67 -15.10 2.30
N ILE D 163 32.83 -15.16 1.63
CA ILE D 163 34.07 -15.41 2.35
C ILE D 163 34.40 -14.25 3.28
N GLY D 164 34.25 -13.02 2.80
CA GLY D 164 34.58 -11.85 3.59
C GLY D 164 33.42 -11.30 4.38
N PHE D 165 32.31 -11.03 3.68
CA PHE D 165 31.14 -10.47 4.36
C PHE D 165 30.59 -11.44 5.41
N ARG D 166 30.50 -12.72 5.06
CA ARG D 166 29.98 -13.75 5.95
C ARG D 166 31.10 -14.65 6.46
N GLY D 167 32.28 -14.06 6.72
CA GLY D 167 33.40 -14.85 7.21
C GLY D 167 33.15 -15.45 8.58
N LEU D 168 32.29 -14.82 9.38
CA LEU D 168 31.96 -15.30 10.73
C LEU D 168 33.23 -15.41 11.57
N ASP D 169 33.86 -14.25 11.79
CA ASP D 169 35.09 -14.17 12.57
C ASP D 169 36.22 -14.96 11.89
N GLY D 170 36.40 -14.70 10.60
CA GLY D 170 37.42 -15.38 9.82
C GLY D 170 38.67 -14.56 9.63
N VAL D 171 38.84 -14.01 8.43
CA VAL D 171 40.03 -13.22 8.11
C VAL D 171 39.68 -11.74 8.16
N HIS D 172 38.45 -11.40 7.79
CA HIS D 172 38.02 -10.00 7.73
C HIS D 172 37.46 -9.53 9.06
N CYS D 173 36.42 -10.20 9.56
CA CYS D 173 35.78 -9.76 10.79
C CYS D 173 36.75 -9.82 11.97
N VAL D 174 37.49 -10.92 12.09
CA VAL D 174 38.43 -11.11 13.20
C VAL D 174 39.79 -11.53 12.63
N PRO D 175 40.65 -10.58 12.24
CA PRO D 175 41.98 -10.90 11.73
C PRO D 175 42.99 -11.24 12.84
N THR D 176 42.61 -12.13 13.74
CA THR D 176 43.50 -12.50 14.84
C THR D 176 44.82 -13.10 14.36
N PRO D 177 44.85 -14.00 13.37
CA PRO D 177 46.13 -14.57 12.94
C PRO D 177 47.10 -13.49 12.48
N ASP D 178 48.37 -13.67 12.82
CA ASP D 178 49.41 -12.73 12.46
C ASP D 178 49.75 -12.91 10.98
N SER D 179 49.15 -12.07 10.13
CA SER D 179 49.39 -12.16 8.70
C SER D 179 50.65 -11.43 8.25
N GLY D 180 51.28 -10.65 9.13
CA GLY D 180 52.47 -9.93 8.76
C GLY D 180 52.24 -8.75 7.85
N VAL D 181 51.02 -8.21 7.83
CA VAL D 181 50.67 -7.08 6.98
C VAL D 181 50.38 -5.83 7.80
N VAL D 182 49.76 -5.98 8.97
CA VAL D 182 49.43 -4.82 9.80
C VAL D 182 50.71 -4.12 10.25
N CYS D 183 51.74 -4.89 10.59
CA CYS D 183 53.01 -4.32 11.05
C CYS D 183 54.21 -4.97 10.37
N GLY D 184 54.02 -5.68 9.27
CA GLY D 184 55.11 -6.34 8.58
C GLY D 184 55.28 -5.86 7.16
N ARG D 185 54.22 -5.32 6.57
CA ARG D 185 54.23 -4.82 5.20
C ARG D 185 53.60 -3.43 5.15
N MET D 186 53.97 -2.69 4.12
CA MET D 186 53.48 -1.34 3.91
C MET D 186 52.17 -1.30 3.12
N ALA D 187 51.43 -2.41 3.10
CA ALA D 187 50.17 -2.49 2.37
C ALA D 187 49.09 -1.74 3.16
N CYS D 188 49.06 -0.43 2.96
CA CYS D 188 48.08 0.45 3.61
C CYS D 188 48.17 0.36 5.14
N SER D 189 49.36 0.12 5.65
CA SER D 189 49.59 0.03 7.08
C SER D 189 51.04 0.34 7.36
N PRO D 190 51.38 0.80 8.57
CA PRO D 190 52.77 1.10 8.90
C PRO D 190 53.54 -0.16 9.28
N THR D 191 54.78 -0.24 8.80
CA THR D 191 55.67 -1.36 9.08
C THR D 191 56.55 -0.96 10.27
N HIS D 192 56.08 -1.28 11.48
CA HIS D 192 56.79 -0.95 12.71
C HIS D 192 57.04 0.54 12.84
N ASP D 193 56.12 1.35 12.31
CA ASP D 193 56.22 2.81 12.35
C ASP D 193 55.05 3.40 13.13
N GLU D 194 54.67 2.75 14.24
CA GLU D 194 53.57 3.23 15.06
C GLU D 194 53.92 4.48 15.84
N HIS D 195 55.20 4.84 15.93
CA HIS D 195 55.60 6.03 16.67
C HIS D 195 55.27 7.32 15.93
N LEU D 196 54.94 7.25 14.64
CA LEU D 196 54.61 8.44 13.85
C LEU D 196 53.13 8.76 14.09
N LEU D 197 52.87 9.38 15.24
CA LEU D 197 51.51 9.76 15.62
C LEU D 197 51.16 11.10 14.98
N HIS D 198 49.99 11.65 15.33
CA HIS D 198 49.53 12.92 14.81
C HIS D 198 50.11 14.05 15.64
N GLY D 199 51.43 14.19 15.54
CA GLY D 199 52.13 15.23 16.29
C GLY D 199 52.01 15.08 17.79
N GLY D 200 52.17 13.86 18.29
CA GLY D 200 52.05 13.59 19.71
C GLY D 200 50.64 13.32 20.19
N GLN D 201 49.69 13.18 19.28
CA GLN D 201 48.30 12.92 19.61
C GLN D 201 47.80 11.71 18.82
N PRO D 202 46.72 11.09 19.26
CA PRO D 202 46.22 9.92 18.55
C PRO D 202 45.85 10.27 17.13
N PRO D 203 45.96 9.33 16.19
CA PRO D 203 45.63 9.65 14.80
C PRO D 203 44.23 10.21 14.62
N GLU D 204 43.26 9.73 15.40
CA GLU D 204 41.89 10.23 15.33
C GLU D 204 41.82 11.58 16.02
N GLY D 205 41.58 12.64 15.23
CA GLY D 205 41.52 13.98 15.79
C GLY D 205 40.29 14.24 16.63
N ASP D 206 39.22 13.48 16.41
CA ASP D 206 37.98 13.65 17.17
C ASP D 206 37.32 12.31 17.39
N PRO D 207 37.36 11.75 18.60
CA PRO D 207 36.71 10.45 18.85
C PRO D 207 35.19 10.49 18.73
N ASP D 208 34.59 11.66 18.58
CA ASP D 208 33.14 11.74 18.47
C ASP D 208 32.62 11.08 17.20
N LEU D 209 33.47 10.91 16.18
CA LEU D 209 33.03 10.25 14.96
C LEU D 209 32.70 8.79 15.19
N ALA D 210 33.34 8.16 16.18
CA ALA D 210 33.06 6.76 16.47
C ALA D 210 31.60 6.57 16.90
N LYS D 211 31.10 7.47 17.74
CA LYS D 211 29.70 7.39 18.15
C LYS D 211 28.77 7.59 16.96
N ILE D 212 29.10 8.53 16.08
CA ILE D 212 28.28 8.76 14.89
C ILE D 212 28.31 7.54 13.98
N LEU D 213 29.46 6.88 13.89
CA LEU D 213 29.58 5.70 13.04
C LEU D 213 28.63 4.60 13.50
N GLU D 214 28.52 4.39 14.81
CA GLU D 214 27.61 3.37 15.31
C GLU D 214 26.16 3.67 14.94
N GLU D 215 25.76 4.94 15.08
CA GLU D 215 24.40 5.32 14.68
C GLU D 215 24.25 5.29 13.16
N VAL D 216 25.25 5.77 12.43
CA VAL D 216 25.20 5.73 10.97
C VAL D 216 25.19 4.30 10.48
N ARG D 217 26.03 3.45 11.08
CA ARG D 217 26.09 2.06 10.66
C ARG D 217 24.76 1.34 10.90
N TYR D 218 24.05 1.70 11.98
CA TYR D 218 22.76 1.08 12.25
C TYR D 218 21.77 1.36 11.13
N ILE D 219 21.74 2.61 10.64
CA ILE D 219 20.84 2.95 9.54
C ILE D 219 21.20 2.14 8.30
N ALA D 220 22.50 2.06 7.99
CA ALA D 220 22.94 1.24 6.85
C ALA D 220 22.71 -0.23 7.13
N ASN D 221 22.95 -0.67 8.37
CA ASN D 221 22.74 -2.07 8.71
C ASN D 221 21.26 -2.45 8.63
N ARG D 222 20.37 -1.53 9.00
CA ARG D 222 18.94 -1.82 8.92
C ARG D 222 18.51 -2.10 7.48
N PHE D 223 19.02 -1.30 6.53
CA PHE D 223 18.71 -1.57 5.13
C PHE D 223 19.30 -2.90 4.69
N ARG D 224 20.50 -3.24 5.17
CA ARG D 224 21.06 -4.54 4.87
C ARG D 224 20.26 -5.66 5.50
N CYS D 225 19.70 -5.43 6.69
CA CYS D 225 18.85 -6.44 7.32
C CYS D 225 17.59 -6.69 6.50
N GLN D 226 17.09 -5.67 5.80
CA GLN D 226 15.93 -5.86 4.94
C GLN D 226 16.25 -6.84 3.81
N ASP D 227 17.45 -6.75 3.25
CA ASP D 227 17.85 -7.70 2.23
C ASP D 227 17.94 -9.11 2.79
N GLU D 228 18.43 -9.24 4.04
CA GLU D 228 18.49 -10.55 4.67
C GLU D 228 17.10 -11.14 4.84
N SER D 229 16.14 -10.31 5.27
CA SER D 229 14.75 -10.78 5.38
C SER D 229 14.20 -11.15 4.01
N GLU D 230 14.54 -10.38 2.98
CA GLU D 230 14.09 -10.71 1.63
C GLU D 230 14.64 -12.06 1.19
N ALA D 231 15.91 -12.33 1.49
CA ALA D 231 16.48 -13.63 1.16
C ALA D 231 15.76 -14.75 1.91
N VAL D 232 15.47 -14.54 3.19
CA VAL D 232 14.67 -15.51 3.94
C VAL D 232 13.27 -15.59 3.36
N CYS D 233 12.67 -14.44 3.06
CA CYS D 233 11.34 -14.43 2.45
C CYS D 233 11.36 -15.04 1.06
N SER D 234 12.50 -14.97 0.37
CA SER D 234 12.61 -15.59 -0.95
C SER D 234 12.42 -17.10 -0.85
N GLU D 235 13.01 -17.72 0.17
CA GLU D 235 12.79 -19.14 0.38
C GLU D 235 11.33 -19.43 0.70
N TRP D 236 10.70 -18.57 1.49
CA TRP D 236 9.27 -18.74 1.79
C TRP D 236 8.42 -18.51 0.56
N LYS D 237 8.82 -17.59 -0.32
CA LYS D 237 8.05 -17.31 -1.53
C LYS D 237 8.09 -18.46 -2.52
N PHE D 238 9.12 -19.30 -2.48
CA PHE D 238 9.19 -20.44 -3.37
C PHE D 238 8.02 -21.40 -3.12
N ALA D 239 7.67 -21.62 -1.86
CA ALA D 239 6.54 -22.47 -1.55
C ALA D 239 5.25 -21.90 -2.14
N ALA D 240 5.09 -20.58 -2.07
CA ALA D 240 3.93 -19.94 -2.69
C ALA D 240 3.96 -20.13 -4.21
N CYS D 241 5.15 -20.04 -4.81
CA CYS D 241 5.26 -20.27 -6.25
C CYS D 241 5.06 -21.73 -6.61
N VAL D 242 5.45 -22.65 -5.72
CA VAL D 242 5.29 -24.06 -6.00
C VAL D 242 3.82 -24.41 -6.16
N VAL D 243 2.98 -23.94 -5.23
CA VAL D 243 1.56 -24.22 -5.31
C VAL D 243 0.89 -23.55 -6.51
N ASP D 244 1.57 -22.61 -7.16
CA ASP D 244 1.02 -21.94 -8.33
C ASP D 244 1.46 -22.62 -9.62
N ARG D 245 2.76 -22.93 -9.74
CA ARG D 245 3.26 -23.54 -10.97
C ARG D 245 3.06 -25.06 -10.96
N LEU D 246 3.29 -25.71 -9.81
CA LEU D 246 3.10 -27.15 -9.74
C LEU D 246 1.64 -27.51 -9.98
N CYS D 247 0.72 -26.75 -9.39
CA CYS D 247 -0.70 -27.00 -9.60
C CYS D 247 -1.10 -26.73 -11.05
N LEU D 248 -0.44 -25.77 -11.71
CA LEU D 248 -0.75 -25.49 -13.11
C LEU D 248 -0.49 -26.72 -13.98
N MET D 249 0.65 -27.37 -13.78
CA MET D 249 0.94 -28.59 -14.55
C MET D 249 -0.03 -29.70 -14.20
N ALA D 250 -0.35 -29.86 -12.91
CA ALA D 250 -1.29 -30.90 -12.50
C ALA D 250 -2.67 -30.66 -13.09
N PHE D 251 -3.13 -29.41 -13.07
CA PHE D 251 -4.45 -29.10 -13.63
C PHE D 251 -4.44 -29.18 -15.15
N SER D 252 -3.28 -28.97 -15.77
CA SER D 252 -3.21 -29.06 -17.23
C SER D 252 -3.55 -30.47 -17.70
N VAL D 253 -3.02 -31.49 -17.02
CA VAL D 253 -3.38 -32.86 -17.38
C VAL D 253 -4.85 -33.13 -17.09
N PHE D 254 -5.35 -32.64 -15.95
CA PHE D 254 -6.76 -32.83 -15.63
C PHE D 254 -7.66 -32.13 -16.63
N THR D 255 -7.27 -30.93 -17.07
CA THR D 255 -8.08 -30.20 -18.04
C THR D 255 -8.20 -30.98 -19.34
N ILE D 256 -7.10 -31.60 -19.80
CA ILE D 256 -7.16 -32.40 -21.01
C ILE D 256 -8.12 -33.58 -20.84
N ILE D 257 -8.13 -34.17 -19.64
CA ILE D 257 -9.04 -35.28 -19.37
C ILE D 257 -10.48 -34.82 -19.48
N CYS D 258 -10.78 -33.62 -18.97
CA CYS D 258 -12.15 -33.10 -19.04
C CYS D 258 -12.59 -32.94 -20.49
N THR D 259 -11.71 -32.41 -21.35
CA THR D 259 -12.06 -32.26 -22.75
C THR D 259 -12.29 -33.62 -23.40
N ILE D 260 -11.45 -34.61 -23.07
CA ILE D 260 -11.60 -35.94 -23.64
C ILE D 260 -12.91 -36.57 -23.16
N GLY D 261 -13.28 -36.33 -21.90
CA GLY D 261 -14.51 -36.90 -21.39
C GLY D 261 -15.73 -36.45 -22.16
N ILE D 262 -15.77 -35.18 -22.56
CA ILE D 262 -16.89 -34.66 -23.34
C ILE D 262 -16.98 -35.38 -24.67
N LEU D 263 -15.83 -35.59 -25.33
CA LEU D 263 -15.83 -36.28 -26.61
C LEU D 263 -16.29 -37.72 -26.50
N MET D 264 -16.29 -38.29 -25.30
CA MET D 264 -16.74 -39.66 -25.09
C MET D 264 -18.05 -39.76 -24.33
N SER D 265 -18.41 -38.76 -23.52
CA SER D 265 -19.66 -38.78 -22.77
C SER D 265 -20.80 -38.11 -23.53
N ALA D 266 -20.51 -37.08 -24.31
CA ALA D 266 -21.57 -36.40 -25.05
C ALA D 266 -22.29 -37.32 -26.02
N PRO D 267 -21.62 -38.15 -26.81
CA PRO D 267 -22.35 -39.03 -27.74
C PRO D 267 -23.30 -39.99 -27.04
N ASN D 268 -23.04 -40.33 -25.78
CA ASN D 268 -23.90 -41.26 -25.05
C ASN D 268 -24.95 -40.56 -24.20
N PHE D 269 -24.73 -39.30 -23.83
CA PHE D 269 -25.69 -38.53 -23.03
C PHE D 269 -26.26 -37.35 -23.79
N VAL D 270 -25.40 -36.50 -24.35
CA VAL D 270 -25.86 -35.34 -25.11
C VAL D 270 -26.30 -35.76 -26.50
N LEU E 7 -38.74 -2.47 -33.73
CA LEU E 7 -37.45 -2.75 -33.12
C LEU E 7 -37.49 -2.51 -31.61
N TYR E 8 -38.46 -3.14 -30.95
CA TYR E 8 -38.60 -2.97 -29.51
C TYR E 8 -37.43 -3.64 -28.77
N TYR E 9 -37.28 -4.95 -28.95
CA TYR E 9 -36.19 -5.68 -28.31
C TYR E 9 -34.84 -5.40 -28.96
N GLY E 10 -34.83 -4.96 -30.22
CA GLY E 10 -33.57 -4.67 -30.88
C GLY E 10 -32.91 -3.41 -30.37
N LEU E 11 -33.69 -2.48 -29.82
CA LEU E 11 -33.18 -1.24 -29.24
C LEU E 11 -33.03 -1.32 -27.74
N ASN E 12 -33.24 -2.50 -27.13
CA ASN E 12 -33.09 -2.68 -25.70
C ASN E 12 -32.13 -3.79 -25.33
N LEU E 13 -31.71 -4.63 -26.28
CA LEU E 13 -30.78 -5.71 -26.02
C LEU E 13 -29.47 -5.60 -26.79
N LEU E 14 -29.46 -4.92 -27.94
CA LEU E 14 -28.24 -4.75 -28.71
C LEU E 14 -27.43 -3.54 -28.28
N ILE E 15 -28.10 -2.48 -27.82
CA ILE E 15 -27.38 -1.29 -27.38
C ILE E 15 -26.43 -1.60 -26.22
N PRO E 16 -26.84 -2.32 -25.18
CA PRO E 16 -25.88 -2.63 -24.11
C PRO E 16 -24.66 -3.40 -24.59
N CYS E 17 -24.81 -4.23 -25.63
CA CYS E 17 -23.68 -5.02 -26.08
C CYS E 17 -22.53 -4.14 -26.55
N VAL E 18 -22.83 -3.09 -27.32
CA VAL E 18 -21.76 -2.20 -27.78
C VAL E 18 -21.37 -1.21 -26.70
N LEU E 19 -22.29 -0.88 -25.78
CA LEU E 19 -21.96 0.03 -24.70
C LEU E 19 -20.91 -0.57 -23.77
N ILE E 20 -21.06 -1.86 -23.44
CA ILE E 20 -20.07 -2.53 -22.61
C ILE E 20 -18.73 -2.60 -23.32
N SER E 21 -18.75 -2.94 -24.62
CA SER E 21 -17.52 -3.01 -25.39
C SER E 21 -16.83 -1.65 -25.46
N ALA E 22 -17.62 -0.58 -25.63
CA ALA E 22 -17.05 0.75 -25.68
C ALA E 22 -16.40 1.13 -24.35
N LEU E 23 -17.01 0.74 -23.23
CA LEU E 23 -16.42 1.05 -21.93
C LEU E 23 -15.11 0.32 -21.72
N ALA E 24 -14.95 -0.87 -22.31
CA ALA E 24 -13.70 -1.60 -22.19
C ALA E 24 -12.54 -0.85 -22.84
N LEU E 25 -12.82 -0.10 -23.91
CA LEU E 25 -11.77 0.65 -24.58
C LEU E 25 -11.18 1.71 -23.67
N LEU E 26 -11.99 2.28 -22.77
CA LEU E 26 -11.49 3.30 -21.85
C LEU E 26 -10.56 2.71 -20.80
N VAL E 27 -10.77 1.45 -20.43
CA VAL E 27 -9.93 0.83 -19.42
C VAL E 27 -8.50 0.68 -19.93
N PHE E 28 -8.34 0.39 -21.23
CA PHE E 28 -7.00 0.20 -21.78
C PHE E 28 -6.19 1.49 -21.75
N LEU E 29 -6.84 2.65 -21.65
CA LEU E 29 -6.13 3.92 -21.61
C LEU E 29 -5.32 4.08 -20.33
N LEU E 30 -5.64 3.34 -19.28
CA LEU E 30 -4.91 3.47 -18.03
C LEU E 30 -3.47 3.01 -18.22
N PRO E 31 -2.50 3.65 -17.56
CA PRO E 31 -1.12 3.19 -17.65
C PRO E 31 -0.95 1.82 -17.03
N ALA E 32 0.24 1.23 -17.25
CA ALA E 32 0.53 -0.08 -16.70
C ALA E 32 0.75 -0.03 -15.19
N ASP E 33 1.00 1.15 -14.63
CA ASP E 33 1.21 1.26 -13.19
C ASP E 33 -0.09 1.08 -12.40
N SER E 34 -1.25 1.21 -13.07
CA SER E 34 -2.54 1.08 -12.39
C SER E 34 -2.80 -0.39 -12.11
N GLY E 35 -2.48 -0.84 -10.90
CA GLY E 35 -2.71 -2.21 -10.50
C GLY E 35 -4.09 -2.49 -9.92
N GLU E 36 -4.85 -1.44 -9.61
CA GLU E 36 -6.18 -1.59 -9.03
C GLU E 36 -7.28 -1.63 -10.09
N LYS E 37 -6.93 -1.59 -11.37
CA LYS E 37 -7.92 -1.60 -12.44
C LYS E 37 -8.50 -2.99 -12.68
N ILE E 38 -7.97 -4.03 -12.03
CA ILE E 38 -8.51 -5.38 -12.22
C ILE E 38 -9.96 -5.43 -11.77
N SER E 39 -10.29 -4.72 -10.69
CA SER E 39 -11.67 -4.70 -10.21
C SER E 39 -12.60 -4.08 -11.25
N LEU E 40 -12.16 -3.00 -11.91
CA LEU E 40 -12.97 -2.38 -12.94
C LEU E 40 -13.20 -3.34 -14.12
N GLY E 41 -12.16 -4.06 -14.51
CA GLY E 41 -12.30 -5.00 -15.62
C GLY E 41 -13.28 -6.12 -15.32
N ILE E 42 -13.34 -6.55 -14.06
CA ILE E 42 -14.29 -7.60 -13.69
C ILE E 42 -15.72 -7.15 -13.91
N THR E 43 -16.02 -5.90 -13.57
CA THR E 43 -17.37 -5.38 -13.77
C THR E 43 -17.75 -5.37 -15.24
N VAL E 44 -16.81 -5.01 -16.11
CA VAL E 44 -17.09 -4.99 -17.55
C VAL E 44 -17.47 -6.38 -18.03
N LEU E 45 -16.70 -7.40 -17.62
CA LEU E 45 -17.05 -8.77 -17.96
C LEU E 45 -18.32 -9.22 -17.26
N LEU E 46 -18.47 -8.84 -15.97
CA LEU E 46 -19.67 -9.22 -15.24
C LEU E 46 -20.91 -8.56 -15.83
N SER E 47 -20.79 -7.30 -16.27
CA SER E 47 -21.94 -6.60 -16.82
C SER E 47 -22.46 -7.30 -18.07
N LEU E 48 -21.54 -7.78 -18.93
CA LEU E 48 -21.97 -8.48 -20.14
C LEU E 48 -22.75 -9.74 -19.80
N THR E 49 -22.28 -10.50 -18.80
CA THR E 49 -22.98 -11.72 -18.41
C THR E 49 -24.34 -11.40 -17.81
N VAL E 50 -24.44 -10.32 -17.03
CA VAL E 50 -25.70 -9.95 -16.41
C VAL E 50 -26.75 -9.65 -17.48
N PHE E 51 -26.36 -8.87 -18.50
CA PHE E 51 -27.27 -8.53 -19.58
C PHE E 51 -27.46 -9.69 -20.55
N MET E 52 -26.55 -10.66 -20.57
CA MET E 52 -26.71 -11.80 -21.47
C MET E 52 -27.85 -12.71 -21.03
N LEU E 53 -28.18 -12.70 -19.74
CA LEU E 53 -29.29 -13.53 -19.26
C LEU E 53 -30.62 -13.07 -19.85
N LEU E 54 -30.81 -11.77 -20.03
CA LEU E 54 -32.05 -11.27 -20.60
C LEU E 54 -32.24 -11.77 -22.03
N VAL E 55 -31.16 -11.79 -22.82
CA VAL E 55 -31.25 -12.26 -24.19
C VAL E 55 -31.52 -13.76 -24.25
N ALA E 56 -31.15 -14.51 -23.20
CA ALA E 56 -31.39 -15.95 -23.20
C ALA E 56 -32.88 -16.25 -23.27
N GLU E 57 -33.69 -15.52 -22.52
CA GLU E 57 -35.13 -15.74 -22.56
C GLU E 57 -35.70 -15.46 -23.94
N ILE E 58 -35.23 -14.39 -24.59
CA ILE E 58 -35.68 -14.06 -25.94
C ILE E 58 -35.00 -14.92 -26.99
N MET E 59 -33.90 -15.57 -26.66
CA MET E 59 -33.19 -16.40 -27.62
C MET E 59 -34.06 -17.59 -28.03
N PRO E 60 -34.34 -17.78 -29.32
CA PRO E 60 -35.13 -18.95 -29.72
C PRO E 60 -34.45 -20.25 -29.33
N SER E 61 -35.25 -21.20 -28.85
CA SER E 61 -34.75 -22.52 -28.47
C SER E 61 -34.76 -23.41 -29.70
N THR E 62 -33.62 -23.51 -30.36
CA THR E 62 -33.48 -24.34 -31.56
C THR E 62 -33.07 -25.75 -31.17
N SER E 63 -32.92 -26.61 -32.18
CA SER E 63 -32.53 -28.00 -31.97
C SER E 63 -31.01 -28.18 -32.07
N ASP E 64 -30.42 -27.81 -33.21
CA ASP E 64 -28.99 -27.93 -33.40
C ASP E 64 -28.38 -26.74 -34.13
N SER E 65 -29.15 -25.71 -34.44
CA SER E 65 -28.67 -24.51 -35.14
C SER E 65 -28.92 -23.31 -34.24
N SER E 66 -27.88 -22.84 -33.56
CA SER E 66 -28.03 -21.69 -32.68
C SER E 66 -28.34 -20.44 -33.49
N PRO E 67 -29.10 -19.50 -32.93
CA PRO E 67 -29.41 -18.25 -33.66
C PRO E 67 -28.15 -17.48 -33.99
N SER E 68 -28.29 -16.54 -34.93
CA SER E 68 -27.16 -15.72 -35.35
C SER E 68 -26.68 -14.79 -34.25
N ILE E 69 -27.48 -14.58 -33.20
CA ILE E 69 -27.07 -13.70 -32.12
C ILE E 69 -25.84 -14.24 -31.39
N ALA E 70 -25.64 -15.56 -31.39
CA ALA E 70 -24.48 -16.14 -30.72
C ALA E 70 -23.19 -15.65 -31.37
N GLN E 71 -23.17 -15.57 -32.69
CA GLN E 71 -21.96 -15.12 -33.39
C GLN E 71 -21.61 -13.69 -33.01
N TYR E 72 -22.61 -12.82 -32.90
CA TYR E 72 -22.35 -11.42 -32.55
C TYR E 72 -21.71 -11.33 -31.16
N PHE E 73 -22.23 -12.09 -30.19
CA PHE E 73 -21.66 -12.07 -28.86
C PHE E 73 -20.26 -12.64 -28.82
N ALA E 74 -19.90 -13.51 -29.77
CA ALA E 74 -18.56 -14.07 -29.80
C ALA E 74 -17.51 -12.98 -29.99
N SER E 75 -17.76 -12.05 -30.91
CA SER E 75 -16.83 -10.95 -31.10
C SER E 75 -16.80 -10.02 -29.90
N THR E 76 -17.96 -9.79 -29.27
CA THR E 76 -18.00 -8.93 -28.09
C THR E 76 -17.25 -9.57 -26.93
N MET E 77 -17.37 -10.89 -26.78
CA MET E 77 -16.68 -11.58 -25.69
C MET E 77 -15.17 -11.71 -25.93
N ILE E 78 -14.73 -11.57 -27.18
CA ILE E 78 -13.30 -11.59 -27.46
C ILE E 78 -12.63 -10.30 -26.99
N ILE E 79 -13.33 -9.17 -27.12
CA ILE E 79 -12.77 -7.90 -26.67
C ILE E 79 -12.88 -7.77 -25.16
N VAL E 80 -14.07 -8.03 -24.62
CA VAL E 80 -14.27 -7.94 -23.17
C VAL E 80 -13.54 -9.07 -22.46
N GLY E 81 -13.60 -10.28 -23.03
CA GLY E 81 -12.93 -11.40 -22.39
C GLY E 81 -11.42 -11.22 -22.31
N LEU E 82 -10.81 -10.72 -23.39
CA LEU E 82 -9.37 -10.52 -23.40
C LEU E 82 -8.95 -9.30 -22.57
N SER E 83 -9.88 -8.39 -22.31
CA SER E 83 -9.53 -7.22 -21.50
C SER E 83 -9.12 -7.62 -20.09
N VAL E 84 -9.83 -8.56 -19.49
CA VAL E 84 -9.47 -9.03 -18.16
C VAL E 84 -8.11 -9.72 -18.19
N VAL E 85 -7.87 -10.53 -19.23
CA VAL E 85 -6.60 -11.23 -19.35
C VAL E 85 -5.45 -10.25 -19.50
N VAL E 86 -5.69 -9.14 -20.20
CA VAL E 86 -4.63 -8.14 -20.39
C VAL E 86 -4.19 -7.57 -19.05
N THR E 87 -5.15 -7.27 -18.17
CA THR E 87 -4.80 -6.73 -16.86
C THR E 87 -3.95 -7.70 -16.06
N VAL E 88 -4.13 -9.01 -16.28
CA VAL E 88 -3.32 -10.00 -15.58
C VAL E 88 -1.86 -9.86 -15.99
N ILE E 89 -1.60 -9.64 -17.28
CA ILE E 89 -0.22 -9.51 -17.75
C ILE E 89 0.44 -8.28 -17.14
N VAL E 90 -0.34 -7.21 -16.93
CA VAL E 90 0.22 -5.99 -16.35
C VAL E 90 0.75 -6.27 -14.95
N LEU E 91 0.03 -7.07 -14.17
CA LEU E 91 0.46 -7.36 -12.81
C LEU E 91 1.80 -8.09 -12.81
N GLN E 92 2.00 -9.03 -13.73
CA GLN E 92 3.24 -9.79 -13.74
C GLN E 92 4.45 -8.89 -13.97
N TYR E 93 4.35 -7.94 -14.90
CA TYR E 93 5.46 -7.04 -15.18
C TYR E 93 5.53 -5.90 -14.17
N HIS E 94 4.38 -5.36 -13.78
CA HIS E 94 4.38 -4.24 -12.84
C HIS E 94 4.94 -4.65 -11.49
N HIS E 95 4.56 -5.84 -11.01
CA HIS E 95 5.02 -6.29 -9.70
C HIS E 95 6.51 -6.65 -9.72
N HIS E 96 7.06 -6.99 -10.88
CA HIS E 96 8.48 -7.34 -11.02
C HIS E 96 8.96 -8.20 -9.84
N ASP E 97 8.24 -9.29 -9.62
CA ASP E 97 8.60 -10.19 -8.53
C ASP E 97 9.98 -10.78 -8.78
N PRO E 98 10.90 -10.72 -7.81
CA PRO E 98 12.24 -11.31 -8.03
C PRO E 98 12.19 -12.80 -8.30
N ASP E 99 11.16 -13.50 -7.85
CA ASP E 99 11.06 -14.95 -8.00
C ASP E 99 10.29 -15.37 -9.25
N GLY E 100 9.89 -14.41 -10.09
CA GLY E 100 9.15 -14.75 -11.28
C GLY E 100 9.17 -13.61 -12.27
N GLY E 101 8.41 -13.79 -13.35
CA GLY E 101 8.34 -12.77 -14.39
C GLY E 101 9.67 -12.47 -15.04
N LYS E 102 10.45 -13.50 -15.33
CA LYS E 102 11.76 -13.34 -15.97
C LYS E 102 11.55 -13.24 -17.48
N MET E 103 11.15 -12.06 -17.92
CA MET E 103 10.91 -11.85 -19.34
C MET E 103 12.26 -11.82 -20.08
N PRO E 104 12.35 -12.46 -21.25
CA PRO E 104 13.61 -12.44 -21.98
C PRO E 104 14.00 -11.03 -22.38
N LYS E 105 15.31 -10.75 -22.34
CA LYS E 105 15.81 -9.42 -22.67
C LYS E 105 15.76 -9.14 -24.15
N TRP E 106 15.97 -10.15 -24.99
CA TRP E 106 15.97 -9.92 -26.43
C TRP E 106 14.61 -9.47 -26.94
N THR E 107 13.53 -9.98 -26.35
CA THR E 107 12.20 -9.57 -26.77
C THR E 107 11.89 -8.14 -26.35
N ARG E 108 12.42 -7.70 -25.21
CA ARG E 108 12.17 -6.34 -24.75
C ARG E 108 12.96 -5.30 -25.56
N VAL E 109 14.07 -5.71 -26.18
CA VAL E 109 14.84 -4.75 -26.98
C VAL E 109 14.01 -4.23 -28.14
N ILE E 110 13.26 -5.11 -28.80
CA ILE E 110 12.41 -4.68 -29.91
C ILE E 110 11.33 -3.72 -29.42
N LEU E 111 10.83 -3.93 -28.21
CA LEU E 111 9.78 -3.07 -27.66
C LEU E 111 10.33 -1.76 -27.10
N LEU E 112 11.65 -1.59 -27.05
CA LEU E 112 12.21 -0.33 -26.54
C LEU E 112 11.82 0.84 -27.43
N ASN E 113 11.80 0.64 -28.74
CA ASN E 113 11.44 1.70 -29.67
C ASN E 113 9.94 1.93 -29.76
N TRP E 114 9.12 1.02 -29.22
CA TRP E 114 7.67 1.21 -29.26
C TRP E 114 7.25 2.45 -28.48
N CYS E 115 7.83 2.66 -27.30
CA CYS E 115 7.50 3.83 -26.51
C CYS E 115 7.94 5.12 -27.19
N ALA E 116 9.11 5.10 -27.84
CA ALA E 116 9.59 6.29 -28.53
C ALA E 116 8.80 6.57 -29.80
N TRP E 117 8.33 5.53 -30.49
CA TRP E 117 7.57 5.72 -31.71
C TRP E 117 6.09 6.04 -31.44
N PHE E 118 5.62 5.84 -30.21
CA PHE E 118 4.23 6.14 -29.91
C PHE E 118 3.94 7.62 -30.09
N LEU E 119 4.83 8.49 -29.61
CA LEU E 119 4.64 9.92 -29.77
C LEU E 119 4.94 10.37 -31.20
N ARG E 120 5.99 9.81 -31.80
CA ARG E 120 6.39 10.14 -33.18
C ARG E 120 6.66 8.83 -33.90
N MET E 121 5.64 8.30 -34.56
CA MET E 121 5.77 7.04 -35.28
C MET E 121 6.64 7.22 -36.52
N LYS E 122 7.18 6.11 -37.01
CA LYS E 122 8.04 6.11 -38.18
C LYS E 122 7.27 6.17 -39.49
N ARG E 123 5.94 6.21 -39.43
CA ARG E 123 5.14 6.25 -40.64
C ARG E 123 5.32 7.60 -41.35
N PRO E 124 5.01 7.66 -42.65
CA PRO E 124 5.19 8.92 -43.38
C PRO E 124 4.37 10.07 -42.83
N GLY E 125 3.27 9.79 -42.13
CA GLY E 125 2.45 10.86 -41.59
C GLY E 125 3.10 11.66 -40.51
N GLU E 126 4.14 11.12 -39.87
CA GLU E 126 4.85 11.81 -38.80
C GLU E 126 6.30 12.10 -39.13
N ASP E 127 6.98 11.24 -39.89
CA ASP E 127 8.38 11.48 -40.22
C ASP E 127 8.53 12.58 -41.26
N LYS E 128 7.54 12.74 -42.15
CA LYS E 128 7.62 13.75 -43.20
C LYS E 128 7.06 15.09 -42.75
N VAL E 129 6.04 15.11 -41.91
CA VAL E 129 5.43 16.36 -41.44
C VAL E 129 6.21 16.79 -40.21
N ARG E 130 7.32 17.47 -40.45
CA ARG E 130 8.19 17.98 -39.39
C ARG E 130 9.28 18.83 -40.04
N PRO E 131 9.97 19.66 -39.25
CA PRO E 131 11.05 20.47 -39.81
C PRO E 131 12.14 19.59 -40.41
N ALA E 132 12.37 19.74 -41.71
CA ALA E 132 13.37 18.95 -42.42
C ALA E 132 14.04 19.84 -43.46
N CYS E 133 15.37 19.73 -43.56
CA CYS E 133 16.13 20.51 -44.51
C CYS E 133 17.41 19.77 -44.84
N GLN E 134 18.02 20.16 -45.96
CA GLN E 134 19.27 19.56 -46.41
C GLN E 134 20.50 20.17 -45.75
N HIS E 135 20.32 21.18 -44.90
CA HIS E 135 21.44 21.83 -44.23
C HIS E 135 21.87 20.98 -43.04
N LYS E 136 22.72 21.55 -42.18
CA LYS E 136 23.25 20.81 -41.03
C LYS E 136 22.16 20.27 -40.10
N GLN E 137 20.90 20.70 -40.29
CA GLN E 137 19.83 20.20 -39.42
C GLN E 137 19.69 18.69 -39.53
N ARG E 138 19.81 18.15 -40.74
CA ARG E 138 19.66 16.72 -40.98
C ARG E 138 20.96 16.07 -41.44
N ARG E 139 22.09 16.61 -40.98
CA ARG E 139 23.41 16.08 -41.31
C ARG E 139 23.91 15.16 -40.21
N CYS E 140 24.93 14.38 -40.55
CA CYS E 140 25.54 13.44 -39.60
C CYS E 140 27.05 13.46 -39.78
N SER E 141 27.75 13.07 -38.71
CA SER E 141 29.20 13.04 -38.72
C SER E 141 29.65 11.91 -37.79
N LEU E 142 30.94 11.89 -37.45
CA LEU E 142 31.46 10.85 -36.57
C LEU E 142 30.81 10.91 -35.19
N ALA E 143 30.38 12.10 -34.76
CA ALA E 143 29.73 12.22 -33.46
C ALA E 143 28.31 11.68 -33.49
N SER E 144 27.64 11.71 -34.64
CA SER E 144 26.28 11.22 -34.75
C SER E 144 26.23 9.73 -35.07
N VAL E 145 27.13 9.25 -35.92
CA VAL E 145 27.18 7.83 -36.27
C VAL E 145 27.90 7.08 -35.15
N GLU E 146 27.18 6.22 -34.45
CA GLU E 146 27.72 5.46 -33.33
C GLU E 146 27.66 3.97 -33.62
N MET E 147 28.01 3.58 -34.85
CA MET E 147 28.02 2.17 -35.23
C MET E 147 29.26 1.44 -34.74
N SER E 148 30.25 2.16 -34.19
CA SER E 148 31.47 1.57 -33.69
C SER E 148 31.44 1.34 -32.18
N ALA E 149 30.25 1.28 -31.58
CA ALA E 149 30.09 1.07 -30.15
C ALA E 149 30.80 2.18 -29.36
N VAL E 150 30.32 3.40 -29.54
CA VAL E 150 30.86 4.56 -28.86
C VAL E 150 29.85 5.08 -27.85
N ALA E 151 30.23 6.07 -27.05
CA ALA E 151 29.35 6.60 -26.03
C ALA E 151 28.19 7.36 -26.67
N PRO E 152 27.07 7.49 -25.98
CA PRO E 152 25.94 8.22 -26.55
C PRO E 152 26.29 9.67 -26.74
N PRO E 153 25.63 10.36 -27.68
CA PRO E 153 25.94 11.78 -27.92
C PRO E 153 25.70 12.61 -26.68
N PRO E 154 26.51 13.65 -26.43
CA PRO E 154 26.28 14.50 -25.26
C PRO E 154 24.88 15.11 -25.29
N ALA E 155 24.09 14.76 -24.28
CA ALA E 155 22.73 15.29 -24.16
C ALA E 155 22.34 15.35 -22.69
N SER E 156 21.35 16.17 -22.40
CA SER E 156 20.85 16.35 -21.04
C SER E 156 19.70 15.41 -20.71
N ASN E 157 19.34 14.49 -21.61
CA ASN E 157 18.25 13.57 -21.39
C ASN E 157 18.69 12.27 -20.73
N GLY E 158 19.95 12.16 -20.34
CA GLY E 158 20.46 10.95 -19.73
C GLY E 158 21.59 10.32 -20.49
N ASN E 159 22.33 11.13 -21.25
CA ASN E 159 23.47 10.66 -22.03
C ASN E 159 24.78 11.30 -21.63
N LEU E 160 24.78 12.57 -21.21
CA LEU E 160 26.01 13.22 -20.80
C LEU E 160 26.59 12.56 -19.56
N LEU E 161 25.74 12.19 -18.61
CA LEU E 161 26.22 11.56 -17.38
C LEU E 161 26.71 10.14 -17.60
N TYR E 162 26.36 9.52 -18.74
CA TYR E 162 26.80 8.16 -19.00
C TYR E 162 28.32 8.09 -19.17
N ILE E 163 28.93 9.15 -19.71
CA ILE E 163 30.37 9.14 -19.93
C ILE E 163 31.11 9.08 -18.60
N GLY E 164 30.68 9.88 -17.62
CA GLY E 164 31.35 9.92 -16.33
C GLY E 164 30.78 8.97 -15.32
N PHE E 165 29.45 9.04 -15.11
CA PHE E 165 28.82 8.18 -14.11
C PHE E 165 28.96 6.71 -14.50
N ARG E 166 28.76 6.39 -15.78
CA ARG E 166 28.84 5.03 -16.29
C ARG E 166 30.09 4.83 -17.13
N GLY E 167 31.19 5.48 -16.73
CA GLY E 167 32.43 5.35 -17.49
C GLY E 167 32.99 3.95 -17.49
N LEU E 168 32.67 3.16 -16.45
CA LEU E 168 33.15 1.78 -16.33
C LEU E 168 34.68 1.74 -16.38
N ASP E 169 35.29 2.36 -15.37
CA ASP E 169 36.74 2.43 -15.28
C ASP E 169 37.34 3.20 -16.46
N GLY E 170 36.78 4.37 -16.72
CA GLY E 170 37.22 5.19 -17.83
C GLY E 170 38.15 6.31 -17.39
N VAL E 171 37.64 7.54 -17.36
CA VAL E 171 38.43 8.71 -16.99
C VAL E 171 38.11 9.12 -15.57
N HIS E 172 36.86 8.92 -15.14
CA HIS E 172 36.42 9.34 -13.82
C HIS E 172 36.65 8.25 -12.78
N CYS E 173 36.06 7.06 -13.00
CA CYS E 173 36.19 6.00 -12.02
C CYS E 173 37.65 5.57 -11.84
N VAL E 174 38.37 5.40 -12.94
CA VAL E 174 39.75 4.94 -12.91
C VAL E 174 40.60 5.87 -13.76
N PRO E 175 41.09 7.01 -13.22
CA PRO E 175 41.94 7.94 -13.98
C PRO E 175 43.39 7.47 -14.06
N THR E 176 43.59 6.22 -14.47
CA THR E 176 44.93 5.68 -14.59
C THR E 176 45.80 6.46 -15.57
N PRO E 177 45.33 6.87 -16.75
CA PRO E 177 46.20 7.60 -17.68
C PRO E 177 46.72 8.88 -17.04
N ASP E 178 47.97 9.21 -17.36
CA ASP E 178 48.61 10.41 -16.82
C ASP E 178 48.12 11.62 -17.62
N SER E 179 47.13 12.31 -17.06
CA SER E 179 46.56 13.49 -17.71
C SER E 179 47.35 14.76 -17.45
N GLY E 180 48.31 14.72 -16.53
CA GLY E 180 49.10 15.90 -16.23
C GLY E 180 48.36 16.97 -15.45
N VAL E 181 47.30 16.59 -14.73
CA VAL E 181 46.51 17.52 -13.95
C VAL E 181 46.67 17.28 -12.45
N VAL E 182 46.81 16.01 -12.05
CA VAL E 182 46.95 15.70 -10.63
C VAL E 182 48.23 16.31 -10.06
N CYS E 183 49.32 16.26 -10.83
CA CYS E 183 50.60 16.80 -10.39
C CYS E 183 51.28 17.63 -11.48
N GLY E 184 50.52 18.06 -12.49
CA GLY E 184 51.07 18.86 -13.57
C GLY E 184 50.43 20.22 -13.68
N ARG E 185 49.20 20.35 -13.20
CA ARG E 185 48.45 21.60 -13.26
C ARG E 185 47.85 21.90 -11.89
N MET E 186 47.57 23.19 -11.67
CA MET E 186 46.99 23.66 -10.42
C MET E 186 45.47 23.61 -10.42
N ALA E 187 44.88 22.77 -11.27
CA ALA E 187 43.42 22.65 -11.36
C ALA E 187 42.92 21.82 -10.19
N CYS E 188 42.72 22.48 -9.05
CA CYS E 188 42.23 21.82 -7.84
C CYS E 188 43.15 20.69 -7.40
N SER E 189 44.44 20.83 -7.65
CA SER E 189 45.43 19.83 -7.26
C SER E 189 46.78 20.50 -7.16
N PRO E 190 47.70 19.95 -6.37
CA PRO E 190 49.03 20.55 -6.25
C PRO E 190 49.94 20.13 -7.39
N THR E 191 50.71 21.09 -7.90
CA THR E 191 51.66 20.84 -8.98
C THR E 191 53.02 20.55 -8.36
N HIS E 192 53.27 19.26 -8.11
CA HIS E 192 54.53 18.81 -7.51
C HIS E 192 54.77 19.46 -6.15
N ASP E 193 53.68 19.75 -5.42
CA ASP E 193 53.74 20.37 -4.10
C ASP E 193 53.15 19.44 -3.05
N GLU E 194 53.45 18.14 -3.16
CA GLU E 194 52.94 17.17 -2.20
C GLU E 194 53.63 17.27 -0.85
N HIS E 195 54.74 18.00 -0.74
CA HIS E 195 55.44 18.13 0.54
C HIS E 195 54.72 19.06 1.50
N LEU E 196 53.75 19.84 1.03
CA LEU E 196 52.99 20.76 1.88
C LEU E 196 51.87 19.98 2.56
N LEU E 197 52.25 19.23 3.60
CA LEU E 197 51.31 18.42 4.35
C LEU E 197 50.62 19.28 5.41
N HIS E 198 49.82 18.65 6.27
CA HIS E 198 49.10 19.35 7.33
C HIS E 198 50.01 19.49 8.55
N GLY E 199 51.06 20.30 8.36
CA GLY E 199 52.00 20.52 9.44
C GLY E 199 52.74 19.28 9.87
N GLY E 200 53.17 18.45 8.92
CA GLY E 200 53.85 17.22 9.22
C GLY E 200 52.95 16.03 9.42
N GLN E 201 51.66 16.16 9.16
CA GLN E 201 50.69 15.10 9.32
C GLN E 201 49.89 14.94 8.04
N PRO E 202 49.24 13.78 7.85
CA PRO E 202 48.47 13.59 6.61
C PRO E 202 47.37 14.63 6.50
N PRO E 203 46.99 14.98 5.27
CA PRO E 203 45.94 16.01 5.12
C PRO E 203 44.65 15.66 5.85
N GLU E 204 44.28 14.38 5.88
CA GLU E 204 43.08 13.96 6.59
C GLU E 204 43.34 13.97 8.09
N GLY E 205 42.67 14.87 8.81
CA GLY E 205 42.87 14.98 10.23
C GLY E 205 42.29 13.83 11.02
N ASP E 206 41.30 13.13 10.47
CA ASP E 206 40.68 12.00 11.15
C ASP E 206 40.28 10.94 10.13
N PRO E 207 41.01 9.82 10.04
CA PRO E 207 40.64 8.77 9.08
C PRO E 207 39.30 8.10 9.38
N ASP E 208 38.66 8.39 10.52
CA ASP E 208 37.39 7.77 10.83
C ASP E 208 36.29 8.19 9.86
N LEU E 209 36.45 9.31 9.18
CA LEU E 209 35.44 9.75 8.22
C LEU E 209 35.34 8.79 7.03
N ALA E 210 36.44 8.10 6.70
CA ALA E 210 36.40 7.16 5.59
C ALA E 210 35.42 6.03 5.87
N LYS E 211 35.42 5.51 7.09
CA LYS E 211 34.47 4.45 7.45
C LYS E 211 33.05 4.96 7.38
N ILE E 212 32.81 6.19 7.85
CA ILE E 212 31.47 6.77 7.78
C ILE E 212 31.05 6.96 6.34
N LEU E 213 32.00 7.34 5.47
CA LEU E 213 31.67 7.56 4.06
C LEU E 213 31.16 6.27 3.42
N GLU E 214 31.79 5.13 3.74
CA GLU E 214 31.33 3.87 3.17
C GLU E 214 29.91 3.55 3.60
N GLU E 215 29.60 3.76 4.88
CA GLU E 215 28.24 3.53 5.34
C GLU E 215 27.28 4.58 4.79
N VAL E 216 27.70 5.85 4.77
CA VAL E 216 26.87 6.91 4.21
C VAL E 216 26.64 6.67 2.72
N ARG E 217 27.71 6.31 2.00
CA ARG E 217 27.58 6.06 0.56
C ARG E 217 26.63 4.91 0.28
N TYR E 218 26.60 3.91 1.16
CA TYR E 218 25.69 2.78 0.95
C TYR E 218 24.23 3.24 0.98
N ILE E 219 23.89 4.12 1.93
CA ILE E 219 22.53 4.64 1.99
C ILE E 219 22.20 5.42 0.73
N ALA E 220 23.12 6.28 0.29
CA ALA E 220 22.92 7.02 -0.95
C ALA E 220 22.91 6.07 -2.16
N ASN E 221 23.81 5.06 -2.15
CA ASN E 221 23.85 4.11 -3.24
C ASN E 221 22.58 3.27 -3.31
N ARG E 222 22.00 2.93 -2.16
CA ARG E 222 20.77 2.14 -2.16
C ARG E 222 19.65 2.89 -2.85
N PHE E 223 19.52 4.19 -2.57
CA PHE E 223 18.52 4.99 -3.27
C PHE E 223 18.82 5.07 -4.75
N ARG E 224 20.10 5.16 -5.12
CA ARG E 224 20.46 5.13 -6.53
C ARG E 224 20.15 3.79 -7.16
N CYS E 225 20.34 2.70 -6.42
CA CYS E 225 19.99 1.38 -6.95
C CYS E 225 18.50 1.26 -7.20
N GLN E 226 17.67 1.95 -6.42
CA GLN E 226 16.24 1.94 -6.67
C GLN E 226 15.91 2.55 -8.02
N ASP E 227 16.61 3.63 -8.39
CA ASP E 227 16.42 4.21 -9.71
C ASP E 227 16.87 3.25 -10.81
N GLU E 228 17.96 2.52 -10.56
CA GLU E 228 18.40 1.52 -11.54
C GLU E 228 17.35 0.44 -11.73
N SER E 229 16.74 -0.02 -10.63
CA SER E 229 15.67 -1.00 -10.76
C SER E 229 14.47 -0.42 -11.49
N GLU E 230 14.17 0.86 -11.25
CA GLU E 230 13.07 1.50 -11.96
C GLU E 230 13.34 1.55 -13.46
N ALA E 231 14.59 1.84 -13.84
CA ALA E 231 14.94 1.83 -15.27
C ALA E 231 14.77 0.43 -15.85
N VAL E 232 15.21 -0.60 -15.13
CA VAL E 232 14.97 -1.96 -15.57
C VAL E 232 13.48 -2.27 -15.57
N CYS E 233 12.77 -1.86 -14.52
CA CYS E 233 11.33 -2.06 -14.48
C CYS E 233 10.62 -1.25 -15.54
N SER E 234 11.20 -0.12 -15.96
CA SER E 234 10.59 0.67 -17.03
C SER E 234 10.55 -0.12 -18.33
N GLU E 235 11.63 -0.86 -18.63
CA GLU E 235 11.62 -1.72 -19.80
C GLU E 235 10.57 -2.82 -19.67
N TRP E 236 10.43 -3.37 -18.47
CA TRP E 236 9.41 -4.38 -18.24
C TRP E 236 8.00 -3.79 -18.32
N LYS E 237 7.84 -2.54 -17.88
CA LYS E 237 6.53 -1.91 -17.92
C LYS E 237 6.07 -1.61 -19.34
N PHE E 238 7.01 -1.47 -20.29
CA PHE E 238 6.61 -1.24 -21.67
C PHE E 238 5.80 -2.40 -22.22
N ALA E 239 6.20 -3.63 -21.87
CA ALA E 239 5.43 -4.80 -22.32
C ALA E 239 4.02 -4.76 -21.76
N ALA E 240 3.87 -4.33 -20.50
CA ALA E 240 2.53 -4.19 -19.94
C ALA E 240 1.74 -3.11 -20.67
N CYS E 241 2.41 -2.03 -21.07
CA CYS E 241 1.72 -0.98 -21.83
C CYS E 241 1.40 -1.44 -23.24
N VAL E 242 2.26 -2.30 -23.82
CA VAL E 242 2.02 -2.77 -25.18
C VAL E 242 0.72 -3.56 -25.25
N VAL E 243 0.52 -4.47 -24.29
CA VAL E 243 -0.70 -5.28 -24.29
C VAL E 243 -1.94 -4.44 -24.03
N ASP E 244 -1.78 -3.21 -23.54
CA ASP E 244 -2.90 -2.32 -23.29
C ASP E 244 -3.20 -1.42 -24.48
N ARG E 245 -2.19 -0.70 -24.98
CA ARG E 245 -2.41 0.21 -26.09
C ARG E 245 -2.53 -0.53 -27.41
N LEU E 246 -1.71 -1.56 -27.63
CA LEU E 246 -1.80 -2.32 -28.87
C LEU E 246 -3.15 -3.02 -28.99
N CYS E 247 -3.64 -3.60 -27.90
CA CYS E 247 -4.95 -4.25 -27.92
C CYS E 247 -6.06 -3.23 -28.14
N LEU E 248 -5.89 -2.00 -27.64
CA LEU E 248 -6.91 -0.98 -27.85
C LEU E 248 -7.12 -0.69 -29.33
N MET E 249 -6.03 -0.57 -30.08
CA MET E 249 -6.15 -0.35 -31.52
C MET E 249 -6.72 -1.58 -32.22
N ALA E 250 -6.28 -2.76 -31.82
CA ALA E 250 -6.79 -3.99 -32.45
C ALA E 250 -8.28 -4.16 -32.17
N PHE E 251 -8.70 -3.92 -30.92
CA PHE E 251 -10.11 -4.05 -30.60
C PHE E 251 -10.95 -2.93 -31.20
N SER E 252 -10.33 -1.77 -31.47
CA SER E 252 -11.06 -0.68 -32.09
C SER E 252 -11.56 -1.07 -33.46
N VAL E 253 -10.72 -1.73 -34.26
CA VAL E 253 -11.16 -2.21 -35.57
C VAL E 253 -12.23 -3.27 -35.42
N PHE E 254 -12.05 -4.19 -34.47
CA PHE E 254 -13.05 -5.23 -34.24
C PHE E 254 -14.37 -4.63 -33.79
N THR E 255 -14.32 -3.61 -32.93
CA THR E 255 -15.54 -2.97 -32.46
C THR E 255 -16.33 -2.37 -33.61
N ILE E 256 -15.63 -1.74 -34.57
CA ILE E 256 -16.30 -1.18 -35.74
C ILE E 256 -16.97 -2.28 -36.54
N ILE E 257 -16.31 -3.43 -36.66
CA ILE E 257 -16.90 -4.55 -37.39
C ILE E 257 -18.18 -5.03 -36.71
N CYS E 258 -18.18 -5.08 -35.38
CA CYS E 258 -19.37 -5.51 -34.66
C CYS E 258 -20.54 -4.56 -34.93
N THR E 259 -20.29 -3.26 -34.94
CA THR E 259 -21.35 -2.31 -35.25
C THR E 259 -21.86 -2.49 -36.67
N ILE E 260 -20.94 -2.72 -37.61
CA ILE E 260 -21.34 -2.93 -39.01
C ILE E 260 -22.15 -4.20 -39.14
N GLY E 261 -21.79 -5.25 -38.39
CA GLY E 261 -22.52 -6.50 -38.46
C GLY E 261 -23.98 -6.35 -38.09
N ILE E 262 -24.25 -5.53 -37.07
CA ILE E 262 -25.63 -5.30 -36.66
C ILE E 262 -26.42 -4.63 -37.78
N LEU E 263 -25.81 -3.66 -38.45
CA LEU E 263 -26.48 -2.97 -39.54
C LEU E 263 -26.76 -3.89 -40.72
N MET E 264 -26.08 -5.03 -40.80
CA MET E 264 -26.28 -5.98 -41.89
C MET E 264 -26.96 -7.27 -41.44
N SER E 265 -26.88 -7.62 -40.16
CA SER E 265 -27.54 -8.83 -39.66
C SER E 265 -28.92 -8.57 -39.11
N ALA E 266 -29.15 -7.39 -38.51
CA ALA E 266 -30.47 -7.09 -37.96
C ALA E 266 -31.56 -7.10 -39.02
N PRO E 267 -31.38 -6.52 -40.20
CA PRO E 267 -32.46 -6.55 -41.20
C PRO E 267 -32.84 -7.96 -41.63
N ASN E 268 -31.94 -8.92 -41.53
CA ASN E 268 -32.22 -10.29 -41.92
C ASN E 268 -32.68 -11.18 -40.77
N PHE E 269 -32.33 -10.82 -39.53
CA PHE E 269 -32.72 -11.58 -38.35
C PHE E 269 -33.65 -10.79 -37.45
N VAL E 270 -33.26 -9.59 -37.05
CA VAL E 270 -34.09 -8.75 -36.18
C VAL E 270 -35.22 -8.12 -36.99
C1 IVM F . -25.65 7.01 -27.34
O1 IVM F . -27.25 5.16 -23.75
C2 IVM F . -26.52 5.83 -26.85
O2 IVM F . -32.71 5.22 -28.38
C3 IVM F . -25.83 5.12 -25.68
O3 IVM F . -31.59 5.41 -32.69
C4 IVM F . -26.29 3.67 -25.62
O4 IVM F . -34.40 5.19 -32.73
C5 IVM F . -26.17 5.82 -24.37
O5 IVM F . -32.70 5.46 -36.71
C6 IVM F . -27.81 5.95 -22.70
O6 IVM F . -34.38 3.20 -36.77
C7 IVM F . -26.71 6.64 -21.91
O7 IVM F . -36.06 5.32 -34.32
C8 IVM F . -25.40 5.85 -21.98
O8 IVM F . -33.79 6.86 -29.58
C9 IVM F . -24.94 5.79 -23.44
O9 IVM F . -33.60 -0.26 -21.33
C10 IVM F . -24.05 6.98 -23.74
O10 IVM F . -32.44 -1.64 -19.74
C11 IVM F . -28.48 4.74 -21.92
O11 IVM F . -28.53 1.56 -22.15
C12 IVM F . -29.49 3.97 -22.81
O12 IVM F . -30.24 3.07 -22.00
C13 IVM F . -30.44 4.94 -23.46
O13 IVM F . -30.71 -0.39 -23.51
C14 IVM F . -29.65 5.93 -24.28
O14 IVM F . -28.79 6.68 -23.47
C15 IVM F . -30.63 6.93 -24.99
C16 IVM F . -31.43 6.22 -26.12
C17 IVM F . -32.80 6.05 -26.07
C18 IVM F . -33.66 6.53 -24.87
C19 IVM F . -33.55 5.35 -27.24
C20 IVM F . -32.55 6.38 -29.14
C21 IVM F . -31.59 6.10 -30.36
C22 IVM F . -32.34 5.34 -31.52
C23 IVM F . -30.32 4.75 -32.63
C24 IVM F . -33.68 5.97 -31.76
C25 IVM F . -34.96 6.00 -33.72
C26 IVM F . -33.89 6.36 -34.80
C27 IVM F . -33.50 5.10 -35.60
C28 IVM F . -31.38 5.90 -36.37
C29 IVM F . -34.74 4.42 -36.10
C30 IVM F . -35.65 4.12 -34.94
C31 IVM F . -36.89 3.37 -35.46
C32 IVM F . -34.42 5.97 -30.45
C33 IVM F . -35.88 6.43 -30.67
C34 IVM F . -34.06 3.98 -26.80
C35 IVM F . -34.79 3.30 -27.98
C36 IVM F . -32.93 3.06 -26.32
C37 IVM F . -33.19 2.57 -24.87
C38 IVM F . -32.23 1.43 -24.43
C39 IVM F . -32.25 1.28 -22.87
C40 IVM F . -33.75 1.03 -22.35
C41 IVM F . -32.46 -0.94 -21.95
C42 IVM F . -31.93 -1.93 -21.01
C43 IVM F . -30.32 -1.92 -20.92
C44 IVM F . -29.63 -0.60 -20.95
C45 IVM F . -30.53 0.60 -21.33
C46 IVM F . -29.66 1.75 -21.86
C47 IVM F . -31.48 0.12 -22.42
C48 IVM F . -29.57 -3.17 -20.36
H1 IVM F . -26.09 7.45 -28.24
H1A IVM F . -24.65 6.65 -27.58
H1B IVM F . -25.58 7.77 -26.57
H2 IVM F . -26.68 5.13 -27.66
H2A IVM F . -27.49 6.22 -26.52
H3 IVM F . -24.75 5.15 -25.83
H4 IVM F . -25.99 3.22 -24.67
H4A IVM F . -25.84 3.11 -26.44
H4B IVM F . -27.37 3.63 -25.71
H5 IVM F . -26.44 6.86 -24.57
HO6 IVM F . -34.05 3.40 -37.64
H7 IVM F . -27.03 6.73 -20.87
H7A IVM F . -26.57 7.65 -22.29
H8 IVM F . -25.56 4.83 -21.60
H8A IVM F . -24.63 6.36 -21.38
H9 IVM F . -24.39 4.86 -23.60
H10 IVM F . -23.14 6.93 -23.13
H10A IVM F . -24.58 7.91 -23.51
H10B IVM F . -23.77 6.98 -24.80
HO10 IVM F . -32.04 -0.85 -19.40
H11 IVM F . -29.00 5.12 -21.04
H11A IVM F . -27.69 4.05 -21.59
H12 IVM F . -28.95 3.42 -23.59
H13 IVM F . -31.01 5.46 -22.70
H13A IVM F . -31.12 4.40 -24.11
HO13 IVM F . -30.85 -1.32 -23.58
H14 IVM F . -29.09 5.41 -25.05
H15 IVM F . -30.04 7.73 -25.43
H15A IVM F . -31.29 7.35 -24.24
H16 IVM F . -30.89 5.86 -26.99
H18 IVM F . -33.31 7.50 -25.26
H18A IVM F . -33.39 7.03 -23.94
H18B IVM F . -33.13 5.71 -24.39
H19 IVM F . -34.40 5.96 -27.52
H20 IVM F . -32.10 7.15 -28.53
H21 IVM F . -30.74 5.51 -30.02
H21A IVM F . -31.21 7.07 -30.75
H22 IVM F . -32.47 4.29 -31.23
H23 IVM F . -30.01 4.46 -33.63
H23A IVM F . -30.39 3.87 -31.99
H23B IVM F . -29.58 5.44 -32.21
H24 IVM F . -33.54 7.00 -32.10
H25 IVM F . -35.33 6.93 -33.28
H26 IVM F . -33.00 6.76 -34.30
H26A IVM F . -34.30 7.10 -35.48
H27 IVM F . -32.96 4.41 -34.96
H28 IVM F . -30.75 5.88 -37.26
H28A IVM F . -30.96 5.24 -35.60
H28B IVM F . -31.43 6.91 -35.98
H29 IVM F . -35.25 5.08 -36.80
H30 IVM F . -35.12 3.49 -34.23
H31 IVM F . -36.60 2.38 -35.83
H31A IVM F . -37.34 3.93 -36.28
H31B IVM F . -37.61 3.25 -34.65
H32 IVM F . -34.41 4.97 -30.03
H33 IVM F . -36.39 5.73 -31.34
H33A IVM F . -35.90 7.42 -31.11
H33B IVM F . -36.40 6.44 -29.72
H34 IVM F . -34.77 4.12 -25.99
H35 IVM F . -35.22 2.37 -27.64
H35A IVM F . -34.07 3.08 -28.78
H35B IVM F . -35.57 3.95 -28.35
H36 IVM F . -31.98 3.58 -26.37
H37 IVM F . -33.11 3.41 -24.19
H38 IVM F . -31.22 1.68 -24.74
H40 IVM F . -34.10 1.91 -21.80
H40A IVM F . -34.43 0.81 -23.17
H41 IVM F . -32.82 -1.48 -22.83
H42 IVM F . -32.25 -2.91 -21.32
H44 IVM F . -28.66 -0.46 -20.49
H45 IVM F . -31.09 0.92 -20.47
H48 IVM F . -28.54 -3.18 -20.73
H48A IVM F . -30.08 -4.07 -20.69
H48B IVM F . -29.55 -3.13 -19.27
C1 IVM G . -36.29 10.69 1.56
O1 IVM G . -35.91 6.37 1.49
C2 IVM G . -36.81 9.41 0.84
O2 IVM G . -43.16 6.85 1.28
C3 IVM G . -35.62 8.52 0.46
O3 IVM G . -44.65 10.66 -0.54
C4 IVM G . -36.01 7.66 -0.75
O4 IVM G . -46.98 9.08 -0.29
C5 IVM G . -35.25 7.61 1.63
O5 IVM G . -47.75 13.07 -1.82
C6 IVM G . -35.86 5.61 2.70
O6 IVM G . -48.96 11.31 -3.68
C7 IVM G . -34.49 5.74 3.35
O7 IVM G . -49.24 9.42 -0.57
C8 IVM G . -33.40 6.06 2.32
O8 IVM G . -44.90 7.82 2.39
C9 IVM G . -33.73 7.41 1.66
O9 IVM G . -39.85 -0.93 -1.66
C10 IVM G . -33.07 8.53 2.45
O10 IVM G . -38.10 -2.28 -2.77
C11 IVM G . -36.07 4.20 2.00
O11 IVM G . -37.06 3.33 -1.35
C12 IVM G . -37.42 4.15 1.21
O12 IVM G . -37.68 2.82 0.80
C13 IVM G . -38.52 4.60 2.13
O13 IVM G . -38.39 1.98 -3.33
C14 IVM G . -38.24 6.02 2.55
O14 IVM G . -37.06 6.09 3.32
C15 IVM G . -39.42 6.58 3.42
C16 IVM G . -40.76 6.55 2.62
C17 IVM G . -41.78 5.67 2.91
C18 IVM G . -41.67 4.63 4.06
C19 IVM G . -43.09 5.69 2.08
C20 IVM G . -43.59 7.98 1.97
C21 IVM G . -43.44 9.28 1.06
C22 IVM G . -44.60 9.38 0.00
C23 IVM G . -43.50 11.03 -1.27
C24 IVM G . -45.92 9.07 0.68
C25 IVM G . -48.07 9.83 0.14
C26 IVM G . -47.80 11.36 -0.10
C27 IVM G . -47.79 11.67 -1.62
C28 IVM G . -46.53 13.69 -1.47
C29 IVM G . -49.01 11.10 -2.25
C30 IVM G . -49.10 9.63 -1.96
C31 IVM G . -50.34 9.04 -2.68
C32 IVM G . -45.80 7.73 1.32
C33 IVM G . -47.18 7.25 1.85
C34 IVM G . -43.17 4.44 1.20
C35 IVM G . -44.56 4.40 0.53
C36 IVM G . -42.09 4.42 0.13
C37 IVM G . -41.61 2.98 -0.19
C38 IVM G . -40.36 2.92 -1.10
C39 IVM G . -40.24 1.59 -1.89
C40 IVM G . -40.76 0.32 -1.06
C41 IVM G . -39.18 -0.23 -2.79
C42 IVM G . -38.04 -0.99 -3.29
C43 IVM G . -36.64 -0.32 -2.87
C44 IVM G . -36.56 0.48 -1.63
C45 IVM G . -37.87 1.13 -1.12
C46 IVM G . -37.50 2.52 -0.60
C47 IVM G . -38.88 1.16 -2.28
C48 IVM G . -35.35 -0.65 -3.67
H1 IVM G . -37.12 11.37 1.73
H1A IVM G . -35.55 11.17 0.94
H1B IVM G . -35.85 10.41 2.51
H2 IVM G . -37.36 9.70 -0.05
H2A IVM G . -37.48 8.87 1.52
H3 IVM G . -34.77 9.15 0.20
H4 IVM G . -36.02 8.28 -1.65
H4A IVM G . -37.00 7.23 -0.60
H4B IVM G . -35.28 6.86 -0.88
H5 IVM G . -35.57 8.08 2.56
HO6 IVM G . -49.13 12.22 -3.87
H7 IVM G . -34.25 4.82 3.87
H7A IVM G . -34.53 6.53 4.10
H8 IVM G . -33.38 5.28 1.56
H8A IVM G . -32.44 6.12 2.81
H9 IVM G . -33.35 7.41 0.63
H10 IVM G . -31.99 8.42 2.41
H10A IVM G . -33.41 8.49 3.48
H10B IVM G . -33.36 9.49 2.01
HO10 IVM G . -37.59 -2.32 -1.97
H11 IVM G . -36.08 3.42 2.76
H11A IVM G . -35.24 4.02 1.30
H12 IVM G . -37.36 4.81 0.36
H13 IVM G . -38.54 3.96 3.01
H13A IVM G . -39.47 4.54 1.60
HO13 IVM G . -38.61 1.59 -4.16
H14 IVM G . -38.14 6.65 1.66
H15 IVM G . -39.19 7.62 3.68
H15A IVM G . -39.49 6.01 4.33
H16 IVM G . -40.90 7.26 1.80
H18 IVM G . -41.66 5.55 4.64
H18A IVM G . -40.87 4.40 4.77
H18B IVM G . -40.94 4.21 3.37
H19 IVM G . -43.92 5.69 2.77
H20 IVM G . -42.96 8.13 2.84
H21 IVM G . -42.48 9.23 0.52
H21A IVM G . -43.45 10.17 1.69
H22 IVM G . -44.44 8.65 -0.79
H23 IVM G . -43.77 11.79 -2.00
H23A IVM G . -43.09 10.16 -1.78
H23B IVM G . -42.75 11.43 -0.59
H24 IVM G . -46.10 9.83 1.46
H25 IVM G . -48.24 9.66 1.20
H26 IVM G . -46.83 11.64 0.33
H26A IVM G . -48.59 11.94 0.38
H27 IVM G . -46.90 11.20 -2.07
H28 IVM G . -46.49 14.68 -1.92
H28A IVM G . -45.70 13.10 -1.84
H28B IVM G . -46.46 13.78 -0.39
H29 IVM G . -49.90 11.61 -1.84
H30 IVM G . -48.21 9.14 -2.32
H31 IVM G . -50.19 9.09 -3.75
H31A IVM G . -51.22 9.63 -2.42
H31B IVM G . -50.48 8.01 -2.37
H32 IVM G . -45.43 7.01 0.59
H33 IVM G . -47.88 7.19 1.03
H33A IVM G . -47.55 7.97 2.60
H33B IVM G . -47.07 6.28 2.32
H34 IVM G . -43.07 3.56 1.84
H35 IVM G . -44.77 3.38 0.21
H35A IVM G . -44.56 5.06 -0.35
H35B IVM G . -45.32 4.72 1.23
H36 IVM G . -41.25 5.04 0.41
H37 IVM G . -42.42 2.42 -0.66
H38 IVM G . -40.37 3.76 -1.79
H40 IVM G . -40.57 0.45 0.00
H40A IVM G . -41.82 0.15 -1.24
H41 IVM G . -39.91 -0.13 -3.59
H42 IVM G . -38.11 -1.04 -4.38
H44 IVM G . -35.60 0.80 -1.24
H45 IVM G . -38.26 0.53 -0.30
H48 IVM G . -34.69 0.21 -3.67
H48A IVM G . -35.61 -0.91 -4.70
H48B IVM G . -34.84 -1.50 -3.22
C1 IVM H . -29.86 -15.06 17.52
O1 IVM H . -29.55 -16.64 13.49
C2 IVM H . -30.68 -15.30 16.24
O2 IVM H . -35.78 -20.10 15.40
C3 IVM H . -29.89 -14.81 15.01
O3 IVM H . -38.03 -17.97 18.58
C4 IVM H . -30.87 -14.45 13.89
O4 IVM H . -39.87 -19.88 17.60
C5 IVM H . -28.95 -15.91 14.54
O5 IVM H . -41.43 -17.49 20.87
C6 IVM H . -28.86 -17.86 13.24
O6 IVM H . -43.34 -17.29 18.81
C7 IVM H . -27.35 -17.63 13.32
O7 IVM H . -41.96 -20.61 18.23
C8 IVM H . -26.97 -16.18 12.99
O8 IVM H . -36.67 -21.49 16.98
C9 IVM H . -27.63 -15.26 14.03
O9 IVM H . -34.26 -19.25 6.45
C10 IVM H . -26.68 -15.07 15.21
O10 IVM H . -33.47 -18.00 4.46
C11 IVM H . -29.37 -18.02 11.75
O11 IVM H . -31.66 -16.33 9.79
C12 IVM H . -30.92 -18.11 11.69
O12 IVM H . -31.33 -18.51 10.41
C13 IVM H . -31.40 -19.13 12.69
O13 IVM H . -34.02 -16.11 8.29
C14 IVM H . -30.96 -18.72 14.07
O14 IVM H . -29.55 -18.71 14.16
C15 IVM H . -31.49 -19.73 15.13
C16 IVM H . -33.05 -19.88 15.07
C17 IVM H . -33.67 -21.00 14.58
C18 IVM H . -32.87 -22.22 14.05
C19 IVM H . -35.23 -21.08 14.55
C20 IVM H . -35.78 -20.45 16.75
C21 IVM H . -36.14 -19.18 17.64
C22 IVM H . -37.68 -18.87 17.57
C23 IVM H . -37.43 -16.69 18.45
C24 IVM H . -38.46 -20.15 17.76
C25 IVM H . -40.61 -20.45 18.64
C26 IVM H . -40.54 -19.53 19.92
C27 IVM H . -41.30 -18.21 19.66
C28 IVM H . -40.21 -16.92 21.34
C29 IVM H . -42.67 -18.52 19.13
C30 IVM H . -42.56 -19.37 17.89
C31 IVM H . -43.97 -19.62 17.32
C32 IVM H . -38.00 -21.12 16.71
C33 IVM H . -38.89 -22.39 16.73
C34 IVM H . -35.72 -20.89 13.12
C35 IVM H . -37.25 -20.71 13.13
C36 IVM H . -35.06 -19.67 12.48
C37 IVM H . -35.09 -19.72 10.93
C38 IVM H . -34.37 -18.50 10.29
C39 IVM H . -34.74 -18.30 8.79
C40 IVM H . -34.73 -19.69 7.98
C41 IVM H . -34.35 -17.78 6.60
C42 IVM H . -33.69 -17.09 5.49
C43 IVM H . -32.27 -16.48 5.94
C44 IVM H . -31.53 -17.10 7.07
C45 IVM H . -32.35 -17.86 8.13
C46 IVM H . -31.76 -17.47 9.49
C47 IVM H . -33.83 -17.49 7.99
C48 IVM H . -31.62 -15.34 5.10
H1 IVM H . -30.47 -15.30 18.39
H1A IVM H . -29.56 -14.02 17.58
H1B IVM H . -28.97 -15.70 17.51
H2 IVM H . -31.63 -14.76 16.30
H2A IVM H . -30.89 -16.36 16.13
H3 IVM H . -29.32 -13.92 15.29
H4 IVM H . -30.32 -14.33 12.95
H4A IVM H . -31.38 -13.52 14.12
H4B IVM H . -31.61 -15.24 13.77
H5 IVM H . -28.73 -16.58 15.37
HO6 IVM H . -43.60 -16.85 19.61
H7 IVM H . -26.86 -18.30 12.62
H7A IVM H . -27.00 -17.90 14.32
H8 IVM H . -27.34 -15.92 12.00
H8A IVM H . -25.89 -16.06 13.03
H9 IVM H . -27.86 -14.30 13.58
H10 IVM H . -25.78 -14.56 14.87
H10A IVM H . -26.41 -16.04 15.62
H10B IVM H . -27.17 -14.48 15.98
HO10 IVM H . -32.57 -18.29 4.47
H11 IVM H . -28.96 -18.94 11.32
H11A IVM H . -29.04 -17.17 11.15
H12 IVM H . -31.35 -17.13 11.93
H13 IVM H . -30.98 -20.10 12.45
H13A IVM H . -32.49 -19.18 12.64
HO13 IVM H . -34.71 -15.76 7.75
H14 IVM H . -31.35 -17.73 14.30
H15 IVM H . -31.22 -19.36 16.13
H15A IVM H . -31.01 -20.69 14.99
H16 IVM H . -33.66 -19.05 15.44
H18 IVM H . -32.59 -22.26 15.10
H18A IVM H . -31.81 -22.41 13.95
H18B IVM H . -32.64 -21.51 13.26
H19 IVM H . -35.52 -22.06 14.90
H20 IVM H . -34.79 -20.78 17.03
H21 IVM H . -35.59 -18.31 17.26
H21A IVM H . -35.86 -19.37 18.68
H22 IVM H . -37.92 -18.45 16.60
H23 IVM H . -38.06 -15.95 18.94
H23A IVM H . -37.32 -16.44 17.40
H23B IVM H . -36.45 -16.71 18.92
H24 IVM H . -38.24 -20.56 18.75
H25 IVM H . -40.21 -21.43 18.90
H26 IVM H . -39.50 -19.31 20.14
H26A IVM H . -41.01 -20.06 20.75
H27 IVM H . -40.77 -17.62 18.93
H28 IVM H . -40.43 -16.17 22.09
H28A IVM H . -39.67 -16.46 20.52
H28B IVM H . -39.60 -17.71 21.79
H29 IVM H . -43.24 -19.05 19.90
H30 IVM H . -41.95 -18.85 17.16
H31 IVM H . -44.38 -18.68 16.95
H31A IVM H . -44.61 -20.00 18.11
H31B IVM H . -43.91 -20.34 16.52
H32 IVM H . -38.06 -20.65 15.73
H33 IVM H . -39.92 -22.11 16.51
H33A IVM H . -38.85 -22.85 17.72
H33B IVM H . -38.54 -23.09 15.98
H34 IVM H . -35.46 -21.79 12.54
H35 IVM H . -37.61 -20.68 12.10
H35A IVM H . -37.51 -19.78 13.63
H35B IVM H . -37.71 -21.55 13.65
H36 IVM H . -35.56 -18.77 12.83
H37 IVM H . -36.12 -19.74 10.59
H38 IVM H . -34.62 -17.59 10.83
H40 IVM H . -34.02 -20.38 8.42
H40A IVM H . -35.72 -20.15 7.97
H41 IVM H . -35.41 -17.51 6.57
H42 IVM H . -34.34 -16.29 5.15
H44 IVM H . -30.50 -16.82 7.27
H45 IVM H . -32.22 -18.93 7.99
H48 IVM H . -31.04 -14.68 5.75
H48A IVM H . -32.39 -14.76 4.60
H48B IVM H . -30.95 -15.78 4.35
C1 IVM I . -15.10 -34.64 -1.78
O1 IVM I . -16.96 -31.93 -4.62
C2 IVM I . -16.48 -34.16 -2.27
O2 IVM I . -21.08 -37.79 -5.26
C3 IVM I . -16.48 -32.62 -2.36
O3 IVM I . -21.21 -40.47 -1.69
C4 IVM I . -17.92 -32.10 -2.24
O4 IVM I . -23.05 -41.66 -3.48
C5 IVM I . -15.90 -32.20 -3.71
O5 IVM I . -22.66 -43.88 0.21
C6 IVM I . -16.48 -31.86 -5.96
O6 IVM I . -25.43 -43.47 -0.13
C7 IVM I . -15.14 -31.12 -6.01
O7 IVM I . -24.27 -43.60 -3.58
C8 IVM I . -15.01 -30.13 -4.84
O8 IVM I . -20.72 -40.01 -5.72
C9 IVM I . -15.05 -30.93 -3.52
O9 IVM I . -24.55 -30.19 -8.59
C10 IVM I . -13.64 -31.32 -3.11
O10 IVM I . -24.53 -27.79 -8.41
C11 IVM I . -17.69 -30.98 -6.52
O11 IVM I . -20.21 -29.51 -5.31
C12 IVM I . -19.05 -31.70 -6.32
O12 IVM I . -20.05 -31.01 -7.04
C13 IVM I . -18.96 -33.12 -6.84
O13 IVM I . -23.30 -30.48 -5.22
C14 IVM I . -17.86 -33.84 -6.09
O14 IVM I . -16.61 -33.24 -6.33
C15 IVM I . -17.77 -35.32 -6.59
C16 IVM I . -19.04 -36.14 -6.17
C17 IVM I . -19.96 -36.61 -7.09
C18 IVM I . -19.79 -36.36 -8.62
C19 IVM I . -21.19 -37.42 -6.63
C20 IVM I . -20.25 -38.89 -5.03
C21 IVM I . -20.17 -39.18 -3.46
C22 IVM I . -21.46 -39.93 -2.95
C23 IVM I . -20.95 -39.51 -0.67
C24 IVM I . -21.81 -41.04 -3.90
C25 IVM I . -22.96 -43.04 -3.48
C26 IVM I . -22.27 -43.52 -2.16
C27 IVM I . -23.20 -43.26 -0.95
C28 IVM I . -21.48 -43.29 0.72
C29 IVM I . -24.56 -43.81 -1.22
C30 IVM I . -25.09 -43.22 -2.50
C31 IVM I . -26.52 -43.75 -2.74
C32 IVM I . -21.97 -40.45 -5.27
C33 IVM I . -22.54 -41.49 -6.26
C34 IVM I . -22.48 -36.61 -6.86
C35 IVM I . -23.69 -37.43 -6.42
C36 IVM I . -22.46 -35.30 -6.07
C37 IVM I . -22.60 -34.08 -7.01
C38 IVM I . -22.90 -32.74 -6.29
C39 IVM I . -22.83 -31.53 -7.26
C40 IVM I . -23.87 -31.70 -8.46
C41 IVM I . -24.47 -29.76 -7.19
C42 IVM I . -24.70 -28.33 -7.13
C43 IVM I . -23.71 -27.56 -6.11
C44 IVM I . -22.29 -28.01 -6.08
C45 IVM I . -21.99 -29.31 -6.85
C46 IVM I . -20.69 -29.92 -6.32
C47 IVM I . -23.15 -30.26 -6.61
C48 IVM I . -24.09 -26.15 -5.56
H1 IVM I . -15.13 -35.72 -1.59
H1A IVM I . -14.83 -34.13 -0.85
H1B IVM I . -14.34 -34.42 -2.54
H2 IVM I . -17.24 -34.47 -1.56
H2A IVM I . -16.68 -34.58 -3.24
H3 IVM I . -15.88 -32.20 -1.57
H4 IVM I . -17.96 -31.06 -2.52
H4A IVM I . -18.25 -32.21 -1.20
H4B IVM I . -18.57 -32.68 -2.88
H5 IVM I . -15.28 -32.99 -4.11
HO6 IVM I . -25.29 -44.08 0.59
H7 IVM I . -15.07 -30.58 -6.96
H7A IVM I . -14.33 -31.86 -5.99
H8 IVM I . -15.83 -29.42 -4.87
H8A IVM I . -14.05 -29.61 -4.92
H9 IVM I . -15.51 -30.30 -2.75
H10 IVM I . -13.06 -30.41 -2.90
H10A IVM I . -13.17 -31.86 -3.93
H10B IVM I . -13.68 -31.94 -2.23
HO10 IVM I . -23.60 -27.83 -8.64
H11 IVM I . -17.54 -30.80 -7.58
H11A IVM I . -17.70 -30.02 -5.99
H12 IVM I . -19.31 -31.72 -5.26
H13 IVM I . -18.72 -33.10 -7.91
H13A IVM I . -19.91 -33.62 -6.68
HO13 IVM I . -24.09 -30.04 -4.91
H14 IVM I . -18.09 -33.84 -5.03
H15 IVM I . -16.91 -35.79 -6.12
H15A IVM I . -17.63 -35.33 -7.66
H16 IVM I . -19.21 -36.35 -5.12
H18 IVM I . -18.92 -37.00 -8.44
H18A IVM I . -19.05 -35.82 -9.20
H18B IVM I . -20.02 -35.35 -8.30
H19 IVM I . -21.26 -38.32 -7.23
H20 IVM I . -19.26 -38.68 -5.38
H21 IVM I . -20.07 -38.23 -2.94
H21A IVM I . -19.29 -39.81 -3.27
H22 IVM I . -22.29 -39.23 -2.90
H23 IVM I . -21.21 -39.92 0.29
H23A IVM I . -21.54 -38.61 -0.86
H23B IVM I . -19.89 -39.25 -0.69
H24 IVM I . -21.00 -41.78 -3.92
H25 IVM I . -22.37 -43.38 -4.32
H26 IVM I . -21.32 -42.99 -2.02
H26A IVM I . -22.07 -44.59 -2.22
H27 IVM I . -23.27 -42.18 -0.78
H28 IVM I . -21.31 -43.63 1.73
H28A IVM I . -21.58 -42.20 0.71
H28B IVM I . -20.64 -43.57 0.09
H29 IVM I . -24.49 -44.90 -1.32
H30 IVM I . -25.11 -42.13 -2.41
H31 IVM I . -27.18 -43.35 -1.97
H31A IVM I . -26.51 -44.84 -2.69
H31B IVM I . -26.87 -43.42 -3.72
H32 IVM I . -22.65 -39.59 -5.21
H33 IVM I . -23.52 -41.81 -5.92
H33A IVM I . -21.86 -42.35 -6.31
H33B IVM I . -22.62 -41.04 -7.24
H34 IVM I . -22.56 -36.39 -7.93
H35 IVM I . -24.60 -36.92 -6.72
H35A IVM I . -23.68 -37.55 -5.33
H35B IVM I . -23.66 -38.42 -6.89
H36 IVM I . -21.53 -35.21 -5.50
H37 IVM I . -23.38 -34.28 -7.75
H38 IVM I . -22.17 -32.60 -5.49
H40 IVM I . -23.36 -31.96 -9.38
H40A IVM I . -24.63 -32.45 -8.23
H41 IVM I . -25.28 -30.25 -6.64
H42 IVM I . -25.73 -28.15 -6.80
H44 IVM I . -21.50 -27.33 -5.78
H45 IVM I . -21.89 -29.10 -7.91
H48 IVM I . -23.56 -25.96 -4.65
H48A IVM I . -25.17 -26.11 -5.39
H48B IVM I . -23.82 -25.40 -6.31
C1 IVM J . -12.07 -20.92 -28.96
O1 IVM J . -15.36 -18.55 -27.40
C2 IVM J . -13.54 -21.03 -28.48
O2 IVM J . -19.16 -22.23 -32.54
C3 IVM J . -13.70 -20.28 -27.13
O3 IVM J . -17.35 -26.13 -33.64
C4 IVM J . -14.87 -20.88 -26.36
O4 IVM J . -19.93 -26.22 -34.78
C5 IVM J . -13.96 -18.80 -27.42
O5 IVM J . -17.55 -29.76 -35.57
C6 IVM J . -15.67 -17.28 -27.95
O6 IVM J . -19.98 -30.72 -34.50
C7 IVM J . -14.64 -16.24 -27.51
O7 IVM J . -21.05 -27.66 -36.18
C8 IVM J . -14.00 -16.62 -26.17
O8 IVM J . -19.21 -22.66 -34.79
C9 IVM J . -13.26 -17.95 -26.34
O9 IVM J . -23.97 -18.71 -25.77
C10 IVM J . -11.82 -17.68 -26.75
O10 IVM J . -24.39 -18.09 -23.41
C11 IVM J . -17.07 -17.12 -27.20
O11 IVM J . -18.88 -19.09 -25.14
C12 IVM J . -18.03 -18.29 -27.57
O12 IVM J . -19.33 -17.98 -27.10
C13 IVM J . -18.09 -18.45 -29.07
O13 IVM J . -21.18 -20.74 -24.54
C14 IVM J . -16.70 -18.74 -29.59
O14 IVM J . -15.83 -17.67 -29.32
C15 IVM J . -16.72 -18.96 -31.13
C16 IVM J . -17.72 -20.10 -31.54
C17 IVM J . -18.91 -19.84 -32.17
C18 IVM J . -19.37 -18.40 -32.53
C19 IVM J . -19.86 -21.01 -32.56
C20 IVM J . -18.39 -22.46 -33.69
C21 IVM J . -17.43 -23.71 -33.45
C22 IVM J . -18.24 -25.05 -33.54
C23 IVM J . -16.52 -26.31 -32.50
C24 IVM J . -19.13 -25.02 -34.75
C25 IVM J . -19.91 -26.83 -36.04
C26 IVM J . -18.60 -27.67 -36.21
C27 IVM J . -18.63 -28.90 -35.26
C28 IVM J . -16.27 -29.27 -35.21
C29 IVM J . -19.91 -29.63 -35.45
C30 IVM J . -21.06 -28.69 -35.21
C31 IVM J . -22.39 -29.48 -35.34
C32 IVM J . -20.00 -23.81 -34.65
C33 IVM J . -21.06 -23.83 -35.78
C34 IVM J . -21.04 -21.06 -31.59
C35 IVM J . -21.90 -22.30 -31.88
C36 IVM J . -20.54 -21.12 -30.15
C37 IVM J . -21.61 -20.64 -29.13
C38 IVM J . -21.13 -20.74 -27.65
C39 IVM J . -22.23 -20.34 -26.63
C40 IVM J . -23.35 -19.32 -27.16
C41 IVM J . -23.29 -19.59 -24.79
C42 IVM J . -23.41 -19.08 -23.42
C43 IVM J . -22.02 -18.45 -22.90
C44 IVM J . -21.07 -17.89 -23.89
C45 IVM J . -21.14 -18.44 -25.34
C46 IVM J . -19.69 -18.54 -25.82
C47 IVM J . -21.89 -19.78 -25.31
C48 IVM J . -21.75 -18.31 -21.37
H1 IVM J . -11.93 -21.55 -29.84
H1A IVM J . -11.40 -21.25 -28.17
H1B IVM J . -11.85 -19.89 -29.22
H2 IVM J . -13.80 -22.08 -28.33
H2A IVM J . -14.21 -20.60 -29.22
H3 IVM J . -12.79 -20.38 -26.56
H4 IVM J . -15.14 -20.21 -25.54
H4A IVM J . -14.58 -21.84 -25.95
H4B IVM J . -15.73 -20.99 -27.02
H5 IVM J . -13.56 -18.54 -28.39
HO6 IVM J . -19.38 -31.41 -34.77
H7 IVM J . -15.14 -15.28 -27.42
H7A IVM J . -13.88 -16.14 -28.29
H8 IVM J . -14.78 -16.73 -25.40
H8A IVM J . -13.30 -15.85 -25.87
H9 IVM J . -13.28 -18.50 -25.39
H10 IVM J . -11.31 -17.14 -25.95
H10A IVM J . -11.81 -17.08 -27.66
H10B IVM J . -11.31 -18.63 -26.93
HO10 IVM J . -23.98 -17.24 -23.57
H11 IVM J . -17.53 -16.18 -27.51
H11A IVM J . -16.90 -17.11 -26.13
H12 IVM J . -17.68 -19.21 -27.13
H13 IVM J . -18.44 -17.52 -29.52
H13A IVM J . -18.76 -19.26 -29.31
HO13 IVM J . -21.80 -21.30 -24.10
H14 IVM J . -16.32 -19.65 -29.11
H15 IVM J . -15.72 -19.26 -31.45
H15A IVM J . -16.98 -18.04 -31.62
H16 IVM J . -17.46 -21.13 -31.32
H18 IVM J . -18.50 -18.49 -33.18
H18A IVM J . -18.91 -17.42 -32.36
H18B IVM J . -19.46 -18.35 -31.45
H19 IVM J . -20.25 -20.83 -33.56
H20 IVM J . -17.77 -21.60 -33.87
H21 IVM J . -16.98 -23.62 -32.46
H21A IVM J . -16.64 -23.70 -34.21
H22 IVM J . -18.85 -25.17 -32.65
H23 IVM J . -16.22 -27.35 -32.45
H23A IVM J . -17.06 -26.03 -31.60
H23B IVM J . -15.63 -25.68 -32.60
H24 IVM J . -18.50 -24.95 -35.65
H25 IVM J . -19.93 -26.06 -36.81
H26 IVM J . -17.72 -27.04 -35.97
H26A IVM J . -18.51 -28.01 -37.24
H27 IVM J . -18.55 -28.56 -34.24
H28 IVM J . -15.55 -30.09 -35.22
H28A IVM J . -16.31 -28.84 -34.21
H28B IVM J . -15.96 -28.51 -35.92
H29 IVM J . -19.97 -30.03 -36.46
H30 IVM J . -20.99 -28.26 -34.22
H31 IVM J . -22.48 -30.18 -34.51
H31A IVM J . -22.40 -30.03 -36.28
H31B IVM J . -23.23 -28.78 -35.30
H32 IVM J . -20.51 -23.81 -33.68
H33 IVM J . -21.70 -24.71 -35.68
H33A IVM J . -20.57 -23.85 -36.76
H33B IVM J . -21.67 -22.93 -35.72
H34 IVM J . -21.65 -20.17 -31.72
H35 IVM J . -22.81 -22.26 -31.30
H35A IVM J . -21.33 -23.20 -31.61
H35B IVM J . -22.14 -22.33 -32.95
H36 IVM J . -20.23 -22.14 -29.90
H37 IVM J . -22.52 -21.22 -29.25
H38 IVM J . -20.21 -20.18 -27.53
H40 IVM J . -22.89 -18.53 -27.76
H40A IVM J . -24.10 -19.84 -27.76
H41 IVM J . -23.79 -20.57 -24.82
H42 IVM J . -23.70 -19.89 -22.76
H44 IVM J . -20.21 -17.33 -23.56
H45 IVM J . -21.67 -17.72 -25.95
H48 IVM J . -20.69 -18.44 -21.18
H48A IVM J . -22.32 -19.08 -20.83
H48B IVM J . -22.07 -17.33 -21.04
N LEU A 7 -49.86 4.18 -3.92
CA LEU A 7 -48.57 4.14 -4.59
C LEU A 7 -47.67 3.09 -3.95
N TYR A 8 -48.10 1.82 -4.03
CA TYR A 8 -47.30 0.74 -3.45
C TYR A 8 -45.95 0.63 -4.14
N TYR A 9 -45.93 0.74 -5.48
CA TYR A 9 -44.67 0.65 -6.20
C TYR A 9 -43.81 1.90 -6.03
N GLY A 10 -44.41 3.03 -5.68
CA GLY A 10 -43.64 4.25 -5.49
C GLY A 10 -42.86 4.30 -4.19
N LEU A 11 -43.26 3.51 -3.20
CA LEU A 11 -42.58 3.46 -1.91
C LEU A 11 -41.52 2.37 -1.84
N ASN A 12 -41.33 1.60 -2.90
CA ASN A 12 -40.33 0.54 -2.93
C ASN A 12 -39.43 0.55 -4.15
N LEU A 13 -39.84 1.17 -5.25
CA LEU A 13 -39.04 1.22 -6.47
C LEU A 13 -38.58 2.62 -6.83
N LEU A 14 -39.40 3.65 -6.59
CA LEU A 14 -39.00 5.01 -6.89
C LEU A 14 -38.04 5.56 -5.85
N ILE A 15 -38.20 5.18 -4.58
CA ILE A 15 -37.32 5.70 -3.52
C ILE A 15 -35.86 5.35 -3.78
N PRO A 16 -35.50 4.11 -4.09
CA PRO A 16 -34.09 3.83 -4.42
C PRO A 16 -33.56 4.65 -5.59
N CYS A 17 -34.40 4.95 -6.57
CA CYS A 17 -33.95 5.75 -7.71
C CYS A 17 -33.47 7.12 -7.27
N VAL A 18 -34.21 7.78 -6.39
CA VAL A 18 -33.80 9.10 -5.92
C VAL A 18 -32.80 8.97 -4.77
N LEU A 19 -32.94 7.94 -3.94
CA LEU A 19 -31.99 7.76 -2.84
C LEU A 19 -30.60 7.45 -3.36
N ILE A 20 -30.49 6.62 -4.40
CA ILE A 20 -29.19 6.31 -4.98
C ILE A 20 -28.60 7.54 -5.65
N SER A 21 -29.45 8.35 -6.29
CA SER A 21 -28.96 9.56 -6.95
C SER A 21 -28.33 10.51 -5.94
N ALA A 22 -28.97 10.67 -4.76
CA ALA A 22 -28.41 11.54 -3.73
C ALA A 22 -27.11 10.98 -3.18
N LEU A 23 -27.00 9.66 -3.07
CA LEU A 23 -25.77 9.06 -2.56
C LEU A 23 -24.61 9.25 -3.54
N ALA A 24 -24.90 9.38 -4.83
CA ALA A 24 -23.85 9.59 -5.81
C ALA A 24 -23.21 10.97 -5.69
N LEU A 25 -23.90 11.93 -5.07
CA LEU A 25 -23.33 13.26 -4.90
C LEU A 25 -22.17 13.24 -3.91
N LEU A 26 -22.21 12.37 -2.91
CA LEU A 26 -21.13 12.27 -1.94
C LEU A 26 -19.87 11.66 -2.54
N VAL A 27 -20.00 10.91 -3.64
CA VAL A 27 -18.83 10.31 -4.27
C VAL A 27 -17.90 11.39 -4.82
N PHE A 28 -18.46 12.52 -5.25
CA PHE A 28 -17.65 13.60 -5.79
C PHE A 28 -16.88 14.36 -4.72
N LEU A 29 -17.26 14.23 -3.45
CA LEU A 29 -16.59 14.91 -2.36
C LEU A 29 -15.50 14.07 -1.72
N LEU A 30 -15.28 12.84 -2.20
CA LEU A 30 -14.25 12.00 -1.61
C LEU A 30 -12.87 12.50 -2.00
N PRO A 31 -11.86 12.26 -1.16
CA PRO A 31 -10.50 12.71 -1.50
C PRO A 31 -9.98 12.04 -2.76
N ALA A 32 -9.18 12.79 -3.51
CA ALA A 32 -8.62 12.26 -4.75
C ALA A 32 -7.49 11.27 -4.47
N ASP A 33 -6.77 11.44 -3.36
CA ASP A 33 -5.67 10.54 -3.06
C ASP A 33 -6.13 9.12 -2.75
N SER A 34 -7.39 8.95 -2.35
CA SER A 34 -7.93 7.63 -2.03
C SER A 34 -8.26 6.91 -3.32
N GLY A 35 -7.42 5.95 -3.70
CA GLY A 35 -7.64 5.17 -4.91
C GLY A 35 -8.59 4.01 -4.75
N GLU A 36 -9.02 3.72 -3.53
CA GLU A 36 -9.94 2.61 -3.27
C GLU A 36 -11.40 3.00 -3.42
N LYS A 37 -11.70 4.26 -3.73
CA LYS A 37 -13.08 4.70 -3.89
C LYS A 37 -13.70 4.21 -5.18
N ILE A 38 -12.91 3.63 -6.09
CA ILE A 38 -13.46 3.14 -7.35
C ILE A 38 -14.44 1.99 -7.10
N SER A 39 -14.20 1.21 -6.05
CA SER A 39 -15.08 0.08 -5.74
C SER A 39 -16.38 0.51 -5.06
N LEU A 40 -16.44 1.75 -4.55
CA LEU A 40 -17.67 2.21 -3.91
C LEU A 40 -18.81 2.30 -4.91
N GLY A 41 -18.53 2.72 -6.14
CA GLY A 41 -19.57 2.84 -7.14
C GLY A 41 -20.01 1.53 -7.76
N ILE A 42 -19.21 0.47 -7.61
CA ILE A 42 -19.55 -0.82 -8.20
C ILE A 42 -20.83 -1.35 -7.57
N THR A 43 -20.91 -1.33 -6.23
CA THR A 43 -22.12 -1.83 -5.57
C THR A 43 -23.32 -0.93 -5.85
N VAL A 44 -23.09 0.39 -5.92
CA VAL A 44 -24.20 1.30 -6.21
C VAL A 44 -24.75 1.05 -7.61
N LEU A 45 -23.86 0.89 -8.59
CA LEU A 45 -24.31 0.59 -9.95
C LEU A 45 -24.95 -0.79 -10.02
N LEU A 46 -24.39 -1.77 -9.29
CA LEU A 46 -24.95 -3.11 -9.30
C LEU A 46 -26.35 -3.12 -8.71
N SER A 47 -26.57 -2.37 -7.64
CA SER A 47 -27.89 -2.33 -7.02
C SER A 47 -28.93 -1.76 -7.98
N LEU A 48 -28.55 -0.75 -8.76
CA LEU A 48 -29.49 -0.17 -9.72
C LEU A 48 -29.93 -1.19 -10.75
N THR A 49 -29.00 -2.01 -11.24
CA THR A 49 -29.35 -3.03 -12.23
C THR A 49 -30.29 -4.07 -11.65
N VAL A 50 -30.11 -4.44 -10.37
CA VAL A 50 -30.98 -5.43 -9.75
C VAL A 50 -32.41 -4.92 -9.72
N PHE A 51 -32.60 -3.65 -9.34
CA PHE A 51 -33.94 -3.07 -9.30
C PHE A 51 -34.50 -2.84 -10.70
N MET A 52 -33.65 -2.76 -11.72
CA MET A 52 -34.13 -2.55 -13.08
C MET A 52 -34.98 -3.72 -13.55
N LEU A 53 -34.60 -4.94 -13.18
CA LEU A 53 -35.34 -6.11 -13.62
C LEU A 53 -36.77 -6.09 -13.10
N LEU A 54 -36.95 -5.70 -11.84
CA LEU A 54 -38.31 -5.65 -11.28
C LEU A 54 -39.17 -4.64 -12.01
N VAL A 55 -38.63 -3.45 -12.31
CA VAL A 55 -39.40 -2.44 -13.01
C VAL A 55 -39.69 -2.87 -14.44
N ALA A 56 -38.78 -3.63 -15.06
CA ALA A 56 -38.99 -4.05 -16.45
C ALA A 56 -40.24 -4.89 -16.58
N GLU A 57 -40.45 -5.83 -15.65
CA GLU A 57 -41.64 -6.69 -15.73
C GLU A 57 -42.92 -5.87 -15.56
N ILE A 58 -42.91 -4.91 -14.64
CA ILE A 58 -44.10 -4.08 -14.42
C ILE A 58 -44.40 -3.25 -15.67
N MET A 59 -43.38 -2.69 -16.29
CA MET A 59 -43.58 -1.86 -17.46
C MET A 59 -44.17 -2.70 -18.59
N PRO A 60 -45.11 -2.16 -19.38
CA PRO A 60 -45.69 -2.94 -20.48
C PRO A 60 -44.74 -3.09 -21.65
N SER A 61 -44.34 -4.33 -21.93
CA SER A 61 -43.42 -4.60 -23.05
C SER A 61 -44.14 -4.31 -24.37
N THR A 62 -43.74 -3.22 -25.03
CA THR A 62 -44.33 -2.82 -26.29
C THR A 62 -43.38 -3.17 -27.44
N SER A 63 -43.79 -2.84 -28.65
CA SER A 63 -43.01 -3.09 -29.85
C SER A 63 -42.20 -1.88 -30.30
N ASP A 64 -42.79 -0.68 -30.26
CA ASP A 64 -42.10 0.54 -30.65
C ASP A 64 -42.30 1.69 -29.69
N SER A 65 -43.20 1.58 -28.71
CA SER A 65 -43.43 2.64 -27.75
C SER A 65 -42.54 2.48 -26.53
N SER A 66 -42.46 3.54 -25.72
CA SER A 66 -41.66 3.54 -24.52
C SER A 66 -42.47 4.18 -23.40
N PRO A 67 -42.66 3.49 -22.27
CA PRO A 67 -43.40 4.11 -21.16
C PRO A 67 -42.68 5.35 -20.64
N SER A 68 -43.49 6.30 -20.14
CA SER A 68 -42.93 7.55 -19.64
C SER A 68 -41.96 7.33 -18.49
N ILE A 69 -42.10 6.23 -17.74
CA ILE A 69 -41.20 5.96 -16.63
C ILE A 69 -39.80 5.66 -17.13
N ALA A 70 -39.66 5.23 -18.39
CA ALA A 70 -38.33 4.93 -18.92
C ALA A 70 -37.45 6.18 -18.98
N GLN A 71 -38.06 7.36 -19.11
CA GLN A 71 -37.28 8.59 -19.16
C GLN A 71 -36.52 8.81 -17.87
N TYR A 72 -37.15 8.52 -16.73
CA TYR A 72 -36.49 8.69 -15.43
C TYR A 72 -35.38 7.69 -15.21
N PHE A 73 -35.29 6.64 -16.03
CA PHE A 73 -34.25 5.63 -15.90
C PHE A 73 -33.01 5.94 -16.73
N ALA A 74 -33.01 7.06 -17.45
CA ALA A 74 -31.85 7.47 -18.26
C ALA A 74 -30.98 8.49 -17.54
N SER A 75 -31.58 9.55 -17.00
CA SER A 75 -30.80 10.54 -16.27
C SER A 75 -30.21 9.95 -15.00
N THR A 76 -30.93 9.05 -14.34
CA THR A 76 -30.42 8.44 -13.10
C THR A 76 -29.16 7.65 -13.38
N MET A 77 -29.12 6.87 -14.46
CA MET A 77 -27.95 6.07 -14.79
C MET A 77 -26.81 6.94 -15.33
N ILE A 78 -27.11 8.11 -15.87
CA ILE A 78 -26.05 8.98 -16.38
C ILE A 78 -25.24 9.57 -15.24
N ILE A 79 -25.92 10.04 -14.19
CA ILE A 79 -25.22 10.63 -13.05
C ILE A 79 -24.38 9.57 -12.35
N VAL A 80 -24.97 8.40 -12.09
CA VAL A 80 -24.24 7.33 -11.44
C VAL A 80 -23.19 6.75 -12.37
N GLY A 81 -23.53 6.59 -13.66
CA GLY A 81 -22.57 6.04 -14.61
C GLY A 81 -21.34 6.91 -14.77
N LEU A 82 -21.54 8.23 -14.85
CA LEU A 82 -20.41 9.13 -15.01
C LEU A 82 -19.58 9.24 -13.73
N SER A 83 -20.21 9.00 -12.57
CA SER A 83 -19.47 9.09 -11.32
C SER A 83 -18.35 8.06 -11.26
N VAL A 84 -18.62 6.84 -11.71
CA VAL A 84 -17.59 5.80 -11.73
C VAL A 84 -16.47 6.19 -12.69
N VAL A 85 -16.82 6.70 -13.87
CA VAL A 85 -15.82 7.10 -14.85
C VAL A 85 -14.97 8.23 -14.29
N VAL A 86 -15.59 9.22 -13.65
CA VAL A 86 -14.85 10.35 -13.12
C VAL A 86 -13.86 9.89 -12.06
N THR A 87 -14.29 8.99 -11.17
CA THR A 87 -13.39 8.50 -10.12
C THR A 87 -12.21 7.76 -10.71
N VAL A 88 -12.38 7.10 -11.86
CA VAL A 88 -11.27 6.41 -12.48
C VAL A 88 -10.31 7.41 -13.13
N ILE A 89 -10.84 8.51 -13.68
CA ILE A 89 -9.98 9.51 -14.30
C ILE A 89 -9.05 10.15 -13.29
N VAL A 90 -9.41 10.13 -12.01
CA VAL A 90 -8.55 10.74 -10.98
C VAL A 90 -7.18 10.08 -10.97
N LEU A 91 -7.15 8.75 -11.16
CA LEU A 91 -5.87 8.04 -11.17
C LEU A 91 -4.99 8.51 -12.33
N GLN A 92 -5.60 8.90 -13.44
CA GLN A 92 -4.80 9.36 -14.58
C GLN A 92 -4.05 10.64 -14.24
N TYR A 93 -4.66 11.55 -13.51
CA TYR A 93 -3.99 12.81 -13.15
C TYR A 93 -2.82 12.57 -12.21
N HIS A 94 -2.94 11.62 -11.28
CA HIS A 94 -1.88 11.32 -10.34
C HIS A 94 -0.71 10.58 -10.98
N HIS A 95 -0.86 10.09 -12.21
CA HIS A 95 0.20 9.36 -12.90
C HIS A 95 0.66 10.03 -14.18
N HIS A 96 -0.17 10.84 -14.82
CA HIS A 96 0.16 11.52 -16.07
C HIS A 96 0.93 10.60 -17.02
N ASP A 97 0.35 9.43 -17.26
CA ASP A 97 0.99 8.45 -18.13
C ASP A 97 1.07 9.01 -19.55
N PRO A 98 2.23 8.92 -20.20
CA PRO A 98 2.30 9.42 -21.60
C PRO A 98 1.34 8.70 -22.53
N ASP A 99 0.98 7.45 -22.23
CA ASP A 99 0.07 6.67 -23.07
C ASP A 99 -1.39 6.83 -22.67
N GLY A 100 -1.74 7.98 -22.08
CA GLY A 100 -3.11 8.23 -21.66
C GLY A 100 -3.19 9.04 -20.39
N GLY A 101 -4.03 10.08 -20.40
CA GLY A 101 -4.18 10.97 -19.28
C GLY A 101 -4.31 12.39 -19.76
N LYS A 102 -4.00 13.33 -18.87
CA LYS A 102 -4.04 14.76 -19.20
C LYS A 102 -2.68 15.24 -19.73
N MET A 103 -2.15 14.53 -20.73
CA MET A 103 -0.86 14.90 -21.29
C MET A 103 -0.90 16.28 -21.94
N PRO A 104 -1.90 16.64 -22.76
CA PRO A 104 -1.90 17.98 -23.39
C PRO A 104 -1.74 19.10 -22.38
N LYS A 105 -0.72 19.95 -22.57
CA LYS A 105 -0.47 21.06 -21.67
C LYS A 105 -1.38 22.25 -21.94
N TRP A 106 -2.10 22.28 -23.05
CA TRP A 106 -2.96 23.41 -23.36
C TRP A 106 -4.05 23.56 -22.30
N THR A 107 -4.67 22.45 -21.91
CA THR A 107 -5.69 22.47 -20.86
C THR A 107 -5.11 22.38 -19.46
N ARG A 108 -3.84 21.97 -19.33
CA ARG A 108 -3.23 21.89 -18.01
C ARG A 108 -3.11 23.28 -17.37
N VAL A 109 -2.74 24.28 -18.16
CA VAL A 109 -2.59 25.64 -17.62
C VAL A 109 -3.93 26.16 -17.13
N ILE A 110 -5.01 25.86 -17.86
CA ILE A 110 -6.33 26.33 -17.45
C ILE A 110 -6.71 25.75 -16.09
N LEU A 111 -6.47 24.45 -15.90
CA LEU A 111 -6.78 23.83 -14.62
C LEU A 111 -5.89 24.38 -13.51
N LEU A 112 -4.62 24.64 -13.82
CA LEU A 112 -3.71 25.18 -12.82
C LEU A 112 -4.18 26.56 -12.33
N ASN A 113 -4.63 27.40 -13.26
CA ASN A 113 -5.12 28.72 -12.86
C ASN A 113 -6.43 28.61 -12.07
N TRP A 114 -7.23 27.58 -12.34
CA TRP A 114 -8.48 27.41 -11.60
C TRP A 114 -8.24 27.11 -10.12
N CYS A 115 -7.07 26.59 -9.77
CA CYS A 115 -6.79 26.30 -8.37
C CYS A 115 -6.81 27.56 -7.52
N ALA A 116 -6.21 28.64 -8.01
CA ALA A 116 -6.22 29.90 -7.29
C ALA A 116 -7.55 30.62 -7.38
N TRP A 117 -8.37 30.31 -8.39
CA TRP A 117 -9.66 30.97 -8.53
C TRP A 117 -10.71 30.42 -7.56
N PHE A 118 -10.49 29.23 -6.99
CA PHE A 118 -11.46 28.68 -6.05
C PHE A 118 -11.58 29.56 -4.82
N LEU A 119 -10.45 30.03 -4.27
CA LEU A 119 -10.49 30.91 -3.11
C LEU A 119 -11.10 32.26 -3.47
N ARG A 120 -10.72 32.82 -4.62
CA ARG A 120 -11.23 34.11 -5.09
C ARG A 120 -11.55 33.97 -6.57
N MET A 121 -12.80 33.68 -6.88
CA MET A 121 -13.23 33.52 -8.26
C MET A 121 -13.17 34.85 -9.00
N LYS A 122 -12.81 34.80 -10.28
CA LYS A 122 -12.71 36.01 -11.09
C LYS A 122 -14.07 36.63 -11.33
N ARG A 123 -15.16 35.90 -11.10
CA ARG A 123 -16.50 36.43 -11.30
C ARG A 123 -16.85 37.42 -10.19
N PRO A 124 -17.87 38.26 -10.42
CA PRO A 124 -18.25 39.24 -9.39
C PRO A 124 -18.73 38.60 -8.09
N GLY A 125 -19.09 37.32 -8.11
CA GLY A 125 -19.58 36.69 -6.89
C GLY A 125 -18.56 36.71 -5.77
N GLU A 126 -17.29 36.54 -6.11
CA GLU A 126 -16.21 36.53 -5.12
C GLU A 126 -15.32 37.77 -5.19
N ASP A 127 -15.28 38.46 -6.33
CA ASP A 127 -14.45 39.65 -6.48
C ASP A 127 -15.16 40.93 -6.06
N LYS A 128 -16.43 40.85 -5.67
CA LYS A 128 -17.18 42.03 -5.23
C LYS A 128 -17.03 42.29 -3.75
N VAL A 129 -16.96 41.24 -2.94
CA VAL A 129 -16.84 41.39 -1.47
C VAL A 129 -15.34 41.47 -1.18
N ARG A 130 -14.81 42.68 -1.28
CA ARG A 130 -13.41 42.96 -1.01
C ARG A 130 -13.20 44.47 -1.07
N PRO A 131 -12.11 44.96 -0.49
CA PRO A 131 -11.83 46.40 -0.55
C PRO A 131 -11.76 46.89 -1.98
N ALA A 132 -12.64 47.85 -2.32
CA ALA A 132 -12.71 48.44 -3.65
C ALA A 132 -12.49 49.94 -3.50
N CYS A 133 -11.23 50.36 -3.61
CA CYS A 133 -10.86 51.76 -3.48
C CYS A 133 -9.66 52.02 -4.39
N GLN A 134 -9.08 53.22 -4.25
CA GLN A 134 -7.93 53.63 -5.05
C GLN A 134 -6.62 53.54 -4.27
N HIS A 135 -6.55 52.65 -3.29
CA HIS A 135 -5.35 52.50 -2.49
C HIS A 135 -4.25 51.80 -3.30
N LYS A 136 -3.03 51.85 -2.77
CA LYS A 136 -1.90 51.24 -3.46
C LYS A 136 -2.05 49.73 -3.56
N GLN A 137 -2.86 49.11 -2.71
CA GLN A 137 -3.05 47.67 -2.75
C GLN A 137 -3.80 47.20 -3.99
N ARG A 138 -4.47 48.12 -4.70
CA ARG A 138 -5.21 47.78 -5.91
C ARG A 138 -4.59 48.40 -7.16
N ARG A 139 -3.41 49.00 -7.05
CA ARG A 139 -2.74 49.62 -8.18
C ARG A 139 -1.83 48.60 -8.87
N CYS A 140 -1.16 49.05 -9.93
CA CYS A 140 -0.26 48.22 -10.70
C CYS A 140 1.11 48.88 -10.77
N SER A 141 2.16 48.06 -10.70
CA SER A 141 3.54 48.55 -10.75
C SER A 141 4.40 47.49 -11.42
N LEU A 142 5.72 47.67 -11.36
CA LEU A 142 6.62 46.72 -11.98
C LEU A 142 6.58 45.35 -11.29
N ALA A 143 6.42 45.33 -9.97
CA ALA A 143 6.39 44.06 -9.25
C ALA A 143 5.20 43.21 -9.67
N SER A 144 4.03 43.84 -9.83
CA SER A 144 2.85 43.08 -10.21
C SER A 144 2.96 42.58 -11.64
N VAL A 145 3.57 43.36 -12.54
CA VAL A 145 3.71 42.98 -13.94
C VAL A 145 5.02 42.19 -14.06
N GLU A 146 4.91 40.87 -14.19
CA GLU A 146 6.06 40.00 -14.32
C GLU A 146 6.28 39.54 -15.76
N MET A 147 5.66 40.22 -16.73
CA MET A 147 5.83 39.84 -18.13
C MET A 147 7.21 40.19 -18.66
N SER A 148 7.93 41.09 -18.00
CA SER A 148 9.27 41.51 -18.42
C SER A 148 10.36 40.88 -17.55
N ALA A 149 10.16 39.63 -17.14
CA ALA A 149 11.15 38.92 -16.32
C ALA A 149 11.41 39.67 -15.01
N VAL A 150 10.33 40.04 -14.33
CA VAL A 150 10.39 40.73 -13.06
C VAL A 150 10.05 39.75 -11.95
N ALA A 151 10.88 39.70 -10.92
CA ALA A 151 10.66 38.78 -9.83
C ALA A 151 9.35 39.13 -9.11
N PRO A 152 8.58 38.14 -8.66
CA PRO A 152 7.31 38.43 -7.98
C PRO A 152 7.57 39.06 -6.62
N PRO A 153 6.57 39.73 -6.05
CA PRO A 153 6.75 40.34 -4.72
C PRO A 153 7.11 39.29 -3.68
N PRO A 154 7.93 39.63 -2.70
CA PRO A 154 8.30 38.65 -1.68
C PRO A 154 7.07 38.11 -0.97
N ALA A 155 6.88 36.79 -1.07
CA ALA A 155 5.76 36.13 -0.43
C ALA A 155 6.11 34.66 -0.18
N SER A 156 5.42 34.07 0.79
CA SER A 156 5.64 32.67 1.15
C SER A 156 4.68 31.73 0.44
N ASN A 157 3.91 32.23 -0.52
CA ASN A 157 2.93 31.41 -1.25
C ASN A 157 3.48 30.87 -2.56
N GLY A 158 4.79 30.99 -2.80
CA GLY A 158 5.40 30.47 -4.00
C GLY A 158 5.99 31.56 -4.88
N ASN A 159 6.40 32.67 -4.27
CA ASN A 159 7.00 33.78 -4.99
C ASN A 159 8.45 34.02 -4.58
N LEU A 160 8.74 34.06 -3.28
CA LEU A 160 10.10 34.27 -2.80
C LEU A 160 10.88 32.96 -2.71
N LEU A 161 10.20 31.85 -2.43
CA LEU A 161 10.89 30.57 -2.33
C LEU A 161 11.32 30.04 -3.70
N TYR A 162 10.51 30.30 -4.73
CA TYR A 162 10.83 29.80 -6.06
C TYR A 162 12.13 30.41 -6.58
N ILE A 163 12.32 31.71 -6.39
CA ILE A 163 13.51 32.38 -6.88
C ILE A 163 14.74 32.01 -6.06
N GLY A 164 14.55 31.42 -4.88
CA GLY A 164 15.67 31.07 -4.03
C GLY A 164 16.28 29.72 -4.35
N PHE A 165 15.45 28.68 -4.33
CA PHE A 165 15.92 27.32 -4.58
C PHE A 165 15.88 26.95 -6.06
N ARG A 166 14.81 27.33 -6.77
CA ARG A 166 14.67 27.01 -8.17
C ARG A 166 15.26 28.09 -9.09
N GLY A 167 15.84 29.14 -8.52
CA GLY A 167 16.44 30.19 -9.32
C GLY A 167 17.83 29.81 -9.82
N LEU A 168 17.89 28.83 -10.71
CA LEU A 168 19.17 28.38 -11.24
C LEU A 168 19.76 29.44 -12.17
N ASP A 169 21.08 29.36 -12.35
CA ASP A 169 21.81 30.30 -13.20
C ASP A 169 21.66 31.74 -12.71
N GLY A 170 21.55 31.91 -11.39
CA GLY A 170 21.39 33.23 -10.80
C GLY A 170 22.44 33.52 -9.75
N VAL A 171 22.21 34.55 -8.94
CA VAL A 171 23.17 34.92 -7.91
C VAL A 171 23.29 33.83 -6.86
N HIS A 172 22.20 33.13 -6.57
CA HIS A 172 22.22 32.09 -5.55
C HIS A 172 23.18 30.97 -5.94
N CYS A 173 23.17 30.55 -7.20
CA CYS A 173 24.00 29.46 -7.67
C CYS A 173 25.24 29.92 -8.43
N VAL A 174 25.11 30.92 -9.30
CA VAL A 174 26.22 31.39 -10.10
C VAL A 174 26.34 32.90 -9.95
N PRO A 175 26.95 33.40 -8.87
CA PRO A 175 27.10 34.86 -8.69
C PRO A 175 28.21 35.44 -9.58
N THR A 176 27.91 35.55 -10.86
CA THR A 176 28.88 36.09 -11.81
C THR A 176 29.31 37.51 -11.45
N PRO A 177 28.42 38.43 -11.09
CA PRO A 177 28.87 39.78 -10.72
C PRO A 177 29.85 39.75 -9.56
N ASP A 178 30.84 40.62 -9.62
CA ASP A 178 31.87 40.70 -8.58
C ASP A 178 31.26 41.34 -7.34
N SER A 179 30.86 40.51 -6.37
CA SER A 179 30.28 41.04 -5.14
C SER A 179 31.33 41.72 -4.28
N GLY A 180 32.56 41.21 -4.29
CA GLY A 180 33.63 41.81 -3.49
C GLY A 180 33.37 41.72 -2.01
N VAL A 181 32.85 40.59 -1.53
CA VAL A 181 32.59 40.42 -0.10
C VAL A 181 33.76 39.74 0.61
N VAL A 182 34.46 38.82 -0.08
CA VAL A 182 35.58 38.12 0.55
C VAL A 182 36.78 39.03 0.74
N CYS A 183 36.85 40.15 0.01
CA CYS A 183 37.98 41.06 0.13
C CYS A 183 37.55 42.53 0.17
N GLY A 184 36.25 42.82 0.23
CA GLY A 184 35.78 44.19 0.26
C GLY A 184 34.89 44.48 1.44
N ARG A 185 34.36 43.43 2.07
CA ARG A 185 33.47 43.56 3.23
C ARG A 185 33.92 42.58 4.31
N MET A 186 33.18 42.56 5.41
CA MET A 186 33.47 41.68 6.54
C MET A 186 32.22 40.96 7.02
N ALA A 187 31.25 40.75 6.13
CA ALA A 187 30.01 40.07 6.47
C ALA A 187 30.26 38.58 6.47
N CYS A 188 30.62 38.04 7.65
CA CYS A 188 30.90 36.62 7.82
C CYS A 188 32.07 36.15 6.97
N SER A 189 32.92 37.08 6.52
CA SER A 189 34.08 36.73 5.69
C SER A 189 35.14 37.80 5.92
N PRO A 190 36.14 37.52 6.76
CA PRO A 190 37.20 38.51 6.99
C PRO A 190 37.93 38.85 5.70
N THR A 191 38.35 40.11 5.60
CA THR A 191 39.05 40.57 4.42
C THR A 191 40.33 39.77 4.22
N HIS A 192 40.56 39.33 2.97
CA HIS A 192 41.74 38.54 2.61
C HIS A 192 41.81 37.28 3.47
N ASP A 193 40.78 36.44 3.34
CA ASP A 193 40.69 35.20 4.09
C ASP A 193 41.33 34.02 3.36
N GLU A 194 41.88 34.24 2.16
CA GLU A 194 42.52 33.15 1.43
C GLU A 194 43.77 32.64 2.14
N HIS A 195 44.40 33.46 2.98
CA HIS A 195 45.59 33.07 3.72
C HIS A 195 45.31 32.89 5.21
N LEU A 196 44.04 32.74 5.58
CA LEU A 196 43.65 32.56 6.98
C LEU A 196 43.86 31.10 7.35
N LEU A 197 45.05 30.78 7.84
CA LEU A 197 45.43 29.43 8.22
C LEU A 197 45.28 29.28 9.74
N HIS A 198 44.48 28.30 10.16
CA HIS A 198 44.27 28.02 11.57
C HIS A 198 45.36 27.06 12.05
N GLY A 199 46.51 27.63 12.38
CA GLY A 199 47.65 26.83 12.79
C GLY A 199 48.39 26.17 11.65
N GLY A 200 48.26 26.69 10.43
CA GLY A 200 48.90 26.13 9.26
C GLY A 200 47.97 25.33 8.37
N GLN A 201 46.81 24.93 8.88
CA GLN A 201 45.84 24.19 8.08
C GLN A 201 45.04 25.14 7.19
N PRO A 202 44.51 24.64 6.09
CA PRO A 202 43.71 25.49 5.20
C PRO A 202 42.36 25.81 5.82
N PRO A 203 41.54 26.64 5.15
CA PRO A 203 40.22 26.95 5.72
C PRO A 203 39.37 25.72 5.98
N GLU A 204 39.48 24.70 5.13
CA GLU A 204 38.73 23.46 5.30
C GLU A 204 39.54 22.51 6.17
N GLY A 205 38.97 22.12 7.30
CA GLY A 205 39.68 21.23 8.21
C GLY A 205 40.01 19.89 7.58
N ASP A 206 39.09 19.34 6.80
CA ASP A 206 39.29 18.05 6.16
C ASP A 206 38.55 18.01 4.82
N PRO A 207 39.25 17.84 3.70
CA PRO A 207 38.54 17.74 2.41
C PRO A 207 37.60 16.55 2.34
N ASP A 208 37.82 15.51 3.14
CA ASP A 208 36.93 14.35 3.12
C ASP A 208 35.51 14.74 3.54
N LEU A 209 35.37 15.76 4.37
CA LEU A 209 34.03 16.20 4.78
C LEU A 209 33.23 16.74 3.60
N ALA A 210 33.90 17.35 2.63
CA ALA A 210 33.19 17.84 1.45
C ALA A 210 32.55 16.69 0.68
N LYS A 211 33.26 15.57 0.54
CA LYS A 211 32.70 14.41 -0.13
C LYS A 211 31.48 13.88 0.61
N ILE A 212 31.55 13.84 1.94
CA ILE A 212 30.42 13.37 2.74
C ILE A 212 29.21 14.28 2.52
N LEU A 213 29.45 15.60 2.49
CA LEU A 213 28.34 16.54 2.27
C LEU A 213 27.69 16.29 0.93
N GLU A 214 28.50 16.08 -0.12
CA GLU A 214 27.94 15.78 -1.43
C GLU A 214 27.16 14.47 -1.42
N GLU A 215 27.71 13.45 -0.77
CA GLU A 215 27.00 12.17 -0.66
C GLU A 215 25.73 12.32 0.15
N VAL A 216 25.79 13.07 1.26
CA VAL A 216 24.60 13.31 2.07
C VAL A 216 23.57 14.13 1.29
N ARG A 217 24.05 15.07 0.47
CA ARG A 217 23.13 15.88 -0.34
C ARG A 217 22.31 15.02 -1.27
N TYR A 218 22.91 13.95 -1.82
CA TYR A 218 22.16 13.06 -2.70
C TYR A 218 20.98 12.42 -1.97
N ILE A 219 21.21 11.98 -0.73
CA ILE A 219 20.13 11.40 0.06
C ILE A 219 19.04 12.44 0.31
N ALA A 220 19.45 13.67 0.67
CA ALA A 220 18.48 14.75 0.83
C ALA A 220 17.86 15.14 -0.50
N ASN A 221 18.64 15.11 -1.59
CA ASN A 221 18.09 15.42 -2.90
C ASN A 221 17.04 14.40 -3.32
N ARG A 222 17.26 13.13 -3.00
CA ARG A 222 16.26 12.11 -3.33
C ARG A 222 14.95 12.38 -2.60
N PHE A 223 15.03 12.78 -1.34
CA PHE A 223 13.81 13.14 -0.61
C PHE A 223 13.17 14.39 -1.21
N ARG A 224 13.99 15.34 -1.68
CA ARG A 224 13.44 16.52 -2.34
C ARG A 224 12.67 16.14 -3.60
N CYS A 225 13.21 15.21 -4.38
CA CYS A 225 12.49 14.73 -5.56
C CYS A 225 11.20 14.04 -5.17
N GLN A 226 11.23 13.23 -4.10
CA GLN A 226 10.01 12.61 -3.62
C GLN A 226 9.02 13.65 -3.14
N ASP A 227 9.51 14.68 -2.44
CA ASP A 227 8.63 15.77 -2.02
C ASP A 227 8.09 16.53 -3.22
N GLU A 228 8.92 16.72 -4.25
CA GLU A 228 8.46 17.39 -5.46
C GLU A 228 7.34 16.59 -6.13
N SER A 229 7.47 15.27 -6.18
CA SER A 229 6.41 14.44 -6.74
C SER A 229 5.14 14.58 -5.91
N GLU A 230 5.26 14.60 -4.59
CA GLU A 230 4.09 14.81 -3.74
C GLU A 230 3.51 16.20 -3.97
N ALA A 231 4.37 17.21 -4.11
CA ALA A 231 3.88 18.55 -4.40
C ALA A 231 3.17 18.59 -5.75
N VAL A 232 3.74 17.93 -6.76
CA VAL A 232 3.08 17.84 -8.06
C VAL A 232 1.76 17.09 -7.92
N CYS A 233 1.76 15.98 -7.17
CA CYS A 233 0.53 15.24 -6.93
C CYS A 233 -0.45 16.07 -6.10
N SER A 234 0.07 16.92 -5.21
CA SER A 234 -0.82 17.78 -4.42
C SER A 234 -1.57 18.75 -5.32
N GLU A 235 -0.88 19.32 -6.32
CA GLU A 235 -1.56 20.20 -7.27
C GLU A 235 -2.61 19.42 -8.05
N TRP A 236 -2.30 18.20 -8.47
CA TRP A 236 -3.28 17.35 -9.14
C TRP A 236 -4.38 16.89 -8.20
N LYS A 237 -4.09 16.80 -6.90
CA LYS A 237 -5.11 16.40 -5.94
C LYS A 237 -6.28 17.38 -5.93
N PHE A 238 -5.97 18.69 -5.94
CA PHE A 238 -7.02 19.69 -6.01
C PHE A 238 -7.62 19.76 -7.41
N ALA A 239 -6.78 19.64 -8.44
CA ALA A 239 -7.30 19.68 -9.81
C ALA A 239 -8.12 18.43 -10.13
N ALA A 240 -7.83 17.31 -9.47
CA ALA A 240 -8.62 16.10 -9.69
C ALA A 240 -10.04 16.29 -9.22
N CYS A 241 -10.24 17.01 -8.11
CA CYS A 241 -11.58 17.26 -7.59
C CYS A 241 -12.29 18.39 -8.33
N VAL A 242 -11.60 19.14 -9.19
CA VAL A 242 -12.26 20.19 -9.95
C VAL A 242 -13.32 19.58 -10.86
N VAL A 243 -13.00 18.47 -11.52
CA VAL A 243 -13.99 17.79 -12.35
C VAL A 243 -15.13 17.27 -11.48
N ASP A 244 -14.79 16.70 -10.32
CA ASP A 244 -15.82 16.22 -9.40
C ASP A 244 -16.70 17.37 -8.93
N ARG A 245 -16.10 18.49 -8.55
CA ARG A 245 -16.89 19.65 -8.15
C ARG A 245 -17.65 20.23 -9.33
N LEU A 246 -17.02 20.31 -10.50
CA LEU A 246 -17.70 20.80 -11.69
C LEU A 246 -18.87 19.89 -12.07
N CYS A 247 -18.66 18.58 -11.99
CA CYS A 247 -19.74 17.64 -12.31
C CYS A 247 -20.81 17.65 -11.23
N LEU A 248 -20.45 17.92 -9.98
CA LEU A 248 -21.44 17.97 -8.91
C LEU A 248 -22.45 19.08 -9.17
N MET A 249 -21.98 20.26 -9.57
CA MET A 249 -22.89 21.36 -9.87
C MET A 249 -23.73 21.05 -11.11
N ALA A 250 -23.09 20.48 -12.15
CA ALA A 250 -23.83 20.14 -13.37
C ALA A 250 -24.90 19.10 -13.09
N PHE A 251 -24.58 18.07 -12.31
CA PHE A 251 -25.56 17.03 -11.99
C PHE A 251 -26.59 17.52 -10.98
N SER A 252 -26.28 18.55 -10.19
CA SER A 252 -27.25 19.07 -9.23
C SER A 252 -28.48 19.62 -9.95
N VAL A 253 -28.28 20.36 -11.04
CA VAL A 253 -29.40 20.87 -11.80
C VAL A 253 -30.21 19.73 -12.40
N PHE A 254 -29.51 18.73 -12.97
CA PHE A 254 -30.21 17.58 -13.54
C PHE A 254 -30.97 16.81 -12.47
N THR A 255 -30.36 16.62 -11.30
CA THR A 255 -31.04 15.92 -10.22
C THR A 255 -32.28 16.68 -9.78
N ILE A 256 -32.19 18.00 -9.68
CA ILE A 256 -33.35 18.81 -9.29
C ILE A 256 -34.44 18.67 -10.34
N ILE A 257 -34.08 18.71 -11.62
CA ILE A 257 -35.07 18.58 -12.68
C ILE A 257 -35.76 17.22 -12.60
N CYS A 258 -34.99 16.15 -12.38
CA CYS A 258 -35.57 14.83 -12.27
C CYS A 258 -36.53 14.75 -11.10
N THR A 259 -36.15 15.32 -9.95
CA THR A 259 -37.04 15.32 -8.80
C THR A 259 -38.31 16.11 -9.08
N ILE A 260 -38.18 17.25 -9.76
CA ILE A 260 -39.35 18.06 -10.10
C ILE A 260 -40.27 17.29 -11.05
N GLY A 261 -39.68 16.59 -12.02
CA GLY A 261 -40.50 15.84 -12.96
C GLY A 261 -41.34 14.77 -12.28
N ILE A 262 -40.76 14.08 -11.30
CA ILE A 262 -41.52 13.06 -10.58
C ILE A 262 -42.68 13.69 -9.82
N LEU A 263 -42.43 14.83 -9.18
CA LEU A 263 -43.48 15.53 -8.44
C LEU A 263 -44.41 16.32 -9.34
N MET A 264 -44.09 16.47 -10.63
CA MET A 264 -44.94 17.21 -11.56
C MET A 264 -45.63 16.32 -12.58
N SER A 265 -45.04 15.18 -12.95
CA SER A 265 -45.64 14.28 -13.91
C SER A 265 -46.56 13.25 -13.27
N ALA A 266 -46.30 12.88 -12.02
CA ALA A 266 -47.14 11.88 -11.35
C ALA A 266 -48.59 12.33 -11.25
N PRO A 267 -48.90 13.56 -10.83
CA PRO A 267 -50.31 13.96 -10.73
C PRO A 267 -51.06 13.88 -12.06
N ASN A 268 -50.36 14.03 -13.18
CA ASN A 268 -51.00 13.98 -14.49
C ASN A 268 -51.08 12.57 -15.04
N PHE A 269 -50.05 11.76 -14.83
CA PHE A 269 -50.02 10.38 -15.31
C PHE A 269 -50.37 9.38 -14.22
N VAL A 270 -49.67 9.42 -13.08
CA VAL A 270 -49.93 8.50 -11.99
C VAL A 270 -51.10 9.02 -11.15
N LEU B 7 -44.09 -20.76 12.43
CA LEU B 7 -43.40 -19.60 11.88
C LEU B 7 -42.26 -20.04 10.97
N TYR B 8 -42.60 -20.72 9.87
CA TYR B 8 -41.57 -21.17 8.94
C TYR B 8 -40.83 -19.99 8.33
N TYR B 9 -41.56 -18.93 7.94
CA TYR B 9 -40.92 -17.76 7.36
C TYR B 9 -40.19 -16.93 8.39
N GLY B 10 -40.54 -17.06 9.67
CA GLY B 10 -39.87 -16.30 10.70
C GLY B 10 -38.51 -16.83 11.10
N LEU B 11 -38.24 -18.10 10.83
CA LEU B 11 -36.96 -18.72 11.14
C LEU B 11 -35.98 -18.69 9.99
N ASN B 12 -36.37 -18.14 8.84
CA ASN B 12 -35.50 -18.08 7.67
C ASN B 12 -35.41 -16.69 7.04
N LEU B 13 -36.41 -15.83 7.22
CA LEU B 13 -36.42 -14.49 6.65
C LEU B 13 -36.30 -13.39 7.68
N LEU B 14 -36.92 -13.55 8.85
CA LEU B 14 -36.80 -12.55 9.91
C LEU B 14 -35.45 -12.63 10.61
N ILE B 15 -34.91 -13.84 10.77
CA ILE B 15 -33.64 -13.99 11.47
C ILE B 15 -32.52 -13.22 10.77
N PRO B 16 -32.32 -13.34 9.46
CA PRO B 16 -31.28 -12.54 8.80
C PRO B 16 -31.46 -11.04 8.98
N CYS B 17 -32.70 -10.57 9.06
CA CYS B 17 -32.93 -9.14 9.22
C CYS B 17 -32.31 -8.62 10.52
N VAL B 18 -32.50 -9.35 11.62
CA VAL B 18 -31.91 -8.92 12.88
C VAL B 18 -30.43 -9.27 12.94
N LEU B 19 -30.03 -10.38 12.32
CA LEU B 19 -28.62 -10.76 12.30
C LEU B 19 -27.79 -9.73 11.55
N ILE B 20 -28.30 -9.24 10.42
CA ILE B 20 -27.56 -8.24 9.65
C ILE B 20 -27.41 -6.96 10.46
N SER B 21 -28.48 -6.54 11.14
CA SER B 21 -28.40 -5.32 11.95
C SER B 21 -27.38 -5.48 13.07
N ALA B 22 -27.35 -6.65 13.71
CA ALA B 22 -26.39 -6.88 14.79
C ALA B 22 -24.96 -6.87 14.25
N LEU B 23 -24.74 -7.43 13.05
CA LEU B 23 -23.41 -7.44 12.46
C LEU B 23 -22.96 -6.04 12.05
N ALA B 24 -23.88 -5.12 11.83
CA ALA B 24 -23.51 -3.75 11.45
C ALA B 24 -22.94 -2.97 12.62
N LEU B 25 -23.21 -3.39 13.85
CA LEU B 25 -22.67 -2.68 15.00
C LEU B 25 -21.15 -2.83 15.10
N LEU B 26 -20.61 -3.99 14.71
CA LEU B 26 -19.18 -4.20 14.76
C LEU B 26 -18.44 -3.37 13.72
N VAL B 27 -19.12 -2.93 12.65
CA VAL B 27 -18.47 -2.12 11.64
C VAL B 27 -18.04 -0.79 12.22
N PHE B 28 -18.78 -0.25 13.19
CA PHE B 28 -18.45 1.02 13.79
C PHE B 28 -17.25 0.93 14.73
N LEU B 29 -16.88 -0.27 15.17
CA LEU B 29 -15.75 -0.47 16.06
C LEU B 29 -14.45 -0.75 15.34
N LEU B 30 -14.47 -0.81 14.01
CA LEU B 30 -13.25 -1.08 13.26
C LEU B 30 -12.32 0.14 13.29
N PRO B 31 -11.02 -0.07 13.18
CA PRO B 31 -10.09 1.08 13.19
C PRO B 31 -10.31 1.99 12.00
N ALA B 32 -10.06 3.28 12.22
CA ALA B 32 -10.24 4.26 11.15
C ALA B 32 -9.12 4.18 10.12
N ASP B 33 -7.90 3.79 10.55
CA ASP B 33 -6.78 3.72 9.62
C ASP B 33 -6.97 2.63 8.57
N SER B 34 -7.78 1.62 8.85
CA SER B 34 -8.00 0.52 7.91
C SER B 34 -8.95 1.02 6.81
N GLY B 35 -8.39 1.33 5.65
CA GLY B 35 -9.17 1.80 4.52
C GLY B 35 -9.82 0.72 3.69
N GLU B 36 -9.57 -0.55 3.99
CA GLU B 36 -10.15 -1.66 3.26
C GLU B 36 -11.46 -2.14 3.85
N LYS B 37 -11.96 -1.49 4.91
CA LYS B 37 -13.22 -1.89 5.53
C LYS B 37 -14.44 -1.46 4.72
N ILE B 38 -14.25 -0.63 3.68
CA ILE B 38 -15.39 -0.19 2.88
C ILE B 38 -16.02 -1.37 2.15
N SER B 39 -15.21 -2.34 1.74
CA SER B 39 -15.73 -3.51 1.03
C SER B 39 -16.49 -4.47 1.95
N LEU B 40 -16.30 -4.35 3.26
CA LEU B 40 -17.02 -5.23 4.18
C LEU B 40 -18.52 -4.98 4.13
N GLY B 41 -18.93 -3.72 3.99
CA GLY B 41 -20.34 -3.39 3.94
C GLY B 41 -21.02 -3.71 2.62
N ILE B 42 -20.23 -3.91 1.56
CA ILE B 42 -20.84 -4.19 0.25
C ILE B 42 -21.58 -5.52 0.29
N THR B 43 -20.95 -6.56 0.84
CA THR B 43 -21.61 -7.86 0.91
C THR B 43 -22.79 -7.83 1.88
N VAL B 44 -22.65 -7.11 2.98
CA VAL B 44 -23.75 -7.01 3.95
C VAL B 44 -24.96 -6.34 3.31
N LEU B 45 -24.72 -5.24 2.60
CA LEU B 45 -25.83 -4.56 1.91
C LEU B 45 -26.37 -5.40 0.77
N LEU B 46 -25.49 -6.13 0.08
CA LEU B 46 -25.94 -6.98 -1.02
C LEU B 46 -26.85 -8.09 -0.52
N SER B 47 -26.53 -8.65 0.64
CA SER B 47 -27.36 -9.73 1.17
C SER B 47 -28.79 -9.27 1.42
N LEU B 48 -28.96 -8.02 1.86
CA LEU B 48 -30.31 -7.50 2.11
C LEU B 48 -31.13 -7.48 0.82
N THR B 49 -30.51 -7.06 -0.29
CA THR B 49 -31.23 -7.02 -1.56
C THR B 49 -31.59 -8.42 -2.02
N VAL B 50 -30.70 -9.40 -1.82
CA VAL B 50 -30.99 -10.77 -2.23
C VAL B 50 -32.19 -11.31 -1.48
N PHE B 51 -32.25 -11.08 -0.17
CA PHE B 51 -33.38 -11.55 0.62
C PHE B 51 -34.63 -10.71 0.39
N MET B 52 -34.48 -9.50 -0.15
CA MET B 52 -35.65 -8.66 -0.40
C MET B 52 -36.57 -9.29 -1.45
N LEU B 53 -35.99 -9.90 -2.48
CA LEU B 53 -36.80 -10.51 -3.52
C LEU B 53 -37.66 -11.64 -2.97
N LEU B 54 -37.10 -12.45 -2.09
CA LEU B 54 -37.86 -13.57 -1.52
C LEU B 54 -39.07 -13.08 -0.75
N VAL B 55 -38.90 -12.03 0.06
CA VAL B 55 -40.01 -11.53 0.85
C VAL B 55 -40.95 -10.70 -0.01
N ALA B 56 -40.47 -10.11 -1.10
CA ALA B 56 -41.33 -9.29 -1.95
C ALA B 56 -42.46 -10.11 -2.56
N GLU B 57 -42.14 -11.32 -3.04
CA GLU B 57 -43.18 -12.17 -3.61
C GLU B 57 -44.19 -12.61 -2.57
N ILE B 58 -43.71 -12.95 -1.37
CA ILE B 58 -44.62 -13.39 -0.32
C ILE B 58 -45.56 -12.26 0.10
N MET B 59 -45.02 -11.05 0.23
CA MET B 59 -45.85 -9.93 0.65
C MET B 59 -46.94 -9.65 -0.38
N PRO B 60 -48.16 -9.30 0.04
CA PRO B 60 -49.22 -9.04 -0.92
C PRO B 60 -49.03 -7.71 -1.65
N SER B 61 -48.82 -7.76 -2.96
CA SER B 61 -48.64 -6.55 -3.76
C SER B 61 -49.97 -5.81 -3.87
N THR B 62 -50.09 -4.70 -3.15
CA THR B 62 -51.29 -3.89 -3.16
C THR B 62 -51.07 -2.66 -4.05
N SER B 63 -52.07 -1.79 -4.08
CA SER B 63 -52.02 -0.56 -4.87
C SER B 63 -51.65 0.67 -4.04
N ASP B 64 -52.18 0.76 -2.81
CA ASP B 64 -51.87 1.91 -1.96
C ASP B 64 -51.65 1.50 -0.50
N SER B 65 -51.59 0.21 -0.19
CA SER B 65 -51.41 -0.28 1.17
C SER B 65 -49.98 -0.77 1.35
N SER B 66 -49.32 -0.31 2.40
CA SER B 66 -47.95 -0.70 2.71
C SER B 66 -47.94 -1.64 3.89
N PRO B 67 -47.59 -2.93 3.72
CA PRO B 67 -47.54 -3.83 4.87
C PRO B 67 -46.55 -3.35 5.92
N SER B 68 -46.88 -3.59 7.19
CA SER B 68 -46.01 -3.16 8.28
C SER B 68 -44.68 -3.88 8.29
N ILE B 69 -44.57 -5.03 7.61
CA ILE B 69 -43.31 -5.75 7.57
C ILE B 69 -42.23 -4.96 6.85
N ALA B 70 -42.61 -4.09 5.92
CA ALA B 70 -41.62 -3.31 5.18
C ALA B 70 -40.98 -2.25 6.08
N GLN B 71 -41.69 -1.80 7.11
CA GLN B 71 -41.12 -0.79 8.01
C GLN B 71 -39.88 -1.31 8.70
N TYR B 72 -39.90 -2.57 9.16
CA TYR B 72 -38.72 -3.14 9.81
C TYR B 72 -37.55 -3.22 8.86
N PHE B 73 -37.79 -3.60 7.60
CA PHE B 73 -36.72 -3.67 6.62
C PHE B 73 -36.13 -2.28 6.35
N ALA B 74 -36.96 -1.24 6.40
CA ALA B 74 -36.46 0.12 6.18
C ALA B 74 -35.42 0.50 7.22
N SER B 75 -35.70 0.17 8.49
CA SER B 75 -34.74 0.47 9.55
C SER B 75 -33.44 -0.31 9.35
N THR B 76 -33.55 -1.57 8.96
CA THR B 76 -32.35 -2.37 8.72
C THR B 76 -31.51 -1.78 7.60
N MET B 77 -32.15 -1.34 6.52
CA MET B 77 -31.42 -0.73 5.41
C MET B 77 -30.88 0.65 5.73
N ILE B 78 -31.34 1.27 6.82
CA ILE B 78 -30.82 2.58 7.20
C ILE B 78 -29.53 2.44 7.99
N ILE B 79 -29.51 1.54 8.97
CA ILE B 79 -28.30 1.33 9.77
C ILE B 79 -27.17 0.81 8.89
N VAL B 80 -27.48 -0.16 8.03
CA VAL B 80 -26.47 -0.69 7.13
C VAL B 80 -26.09 0.34 6.07
N GLY B 81 -27.09 1.04 5.53
CA GLY B 81 -26.81 2.05 4.52
C GLY B 81 -25.95 3.18 5.06
N LEU B 82 -26.24 3.65 6.27
CA LEU B 82 -25.44 4.71 6.86
C LEU B 82 -24.05 4.24 7.24
N SER B 83 -23.90 2.96 7.59
CA SER B 83 -22.59 2.45 7.96
C SER B 83 -21.62 2.54 6.79
N VAL B 84 -22.08 2.20 5.58
CA VAL B 84 -21.23 2.31 4.40
C VAL B 84 -20.82 3.75 4.17
N VAL B 85 -21.78 4.68 4.29
CA VAL B 85 -21.48 6.10 4.09
C VAL B 85 -20.49 6.58 5.15
N VAL B 86 -20.70 6.19 6.40
CA VAL B 86 -19.82 6.62 7.48
C VAL B 86 -18.40 6.11 7.25
N THR B 87 -18.27 4.84 6.85
CA THR B 87 -16.95 4.28 6.61
C THR B 87 -16.23 5.02 5.49
N VAL B 88 -16.97 5.58 4.54
CA VAL B 88 -16.35 6.34 3.46
C VAL B 88 -15.98 7.74 3.93
N ILE B 89 -16.75 8.32 4.85
CA ILE B 89 -16.43 9.64 5.37
C ILE B 89 -15.12 9.64 6.15
N VAL B 90 -14.70 8.49 6.66
CA VAL B 90 -13.45 8.41 7.41
C VAL B 90 -12.28 8.83 6.52
N LEU B 91 -12.31 8.45 5.25
CA LEU B 91 -11.23 8.83 4.35
C LEU B 91 -11.13 10.34 4.19
N GLN B 92 -12.26 11.04 4.24
CA GLN B 92 -12.24 12.50 4.12
C GLN B 92 -11.49 13.15 5.26
N TYR B 93 -11.65 12.63 6.49
CA TYR B 93 -10.95 13.22 7.63
C TYR B 93 -9.44 13.01 7.53
N HIS B 94 -9.02 11.86 7.01
CA HIS B 94 -7.60 11.56 6.88
C HIS B 94 -6.93 12.34 5.75
N HIS B 95 -7.71 13.01 4.89
CA HIS B 95 -7.16 13.77 3.78
C HIS B 95 -7.53 15.25 3.82
N HIS B 96 -8.62 15.63 4.49
CA HIS B 96 -9.08 17.01 4.58
C HIS B 96 -8.91 17.74 3.25
N ASP B 97 -9.46 17.14 2.20
CA ASP B 97 -9.35 17.73 0.87
C ASP B 97 -10.06 19.07 0.84
N PRO B 98 -9.44 20.13 0.29
CA PRO B 98 -10.15 21.41 0.21
C PRO B 98 -11.45 21.34 -0.58
N ASP B 99 -11.55 20.42 -1.54
CA ASP B 99 -12.73 20.27 -2.37
C ASP B 99 -13.74 19.28 -1.77
N GLY B 100 -13.76 19.13 -0.45
CA GLY B 100 -14.68 18.22 0.19
C GLY B 100 -14.08 17.55 1.42
N GLY B 101 -14.82 17.57 2.51
CA GLY B 101 -14.37 17.01 3.76
C GLY B 101 -14.80 17.90 4.92
N LYS B 102 -14.09 17.77 6.03
CA LYS B 102 -14.35 18.59 7.22
C LYS B 102 -13.53 19.88 7.19
N MET B 103 -13.60 20.60 6.08
CA MET B 103 -12.84 21.85 5.96
C MET B 103 -13.27 22.89 6.99
N PRO B 104 -14.57 23.15 7.22
CA PRO B 104 -14.96 24.16 8.20
C PRO B 104 -14.32 23.95 9.55
N LYS B 105 -13.59 24.95 10.04
CA LYS B 105 -12.92 24.87 11.32
C LYS B 105 -13.86 25.08 12.50
N TRP B 106 -15.08 25.59 12.25
CA TRP B 106 -16.01 25.82 13.36
C TRP B 106 -16.36 24.51 14.06
N THR B 107 -16.62 23.46 13.28
CA THR B 107 -16.92 22.15 13.85
C THR B 107 -15.66 21.34 14.16
N ARG B 108 -14.50 21.75 13.66
CA ARG B 108 -13.28 21.02 13.95
C ARG B 108 -12.87 21.17 15.41
N VAL B 109 -13.06 22.37 15.98
CA VAL B 109 -12.69 22.60 17.37
C VAL B 109 -13.55 21.74 18.29
N ILE B 110 -14.84 21.62 17.99
CA ILE B 110 -15.74 20.82 18.83
C ILE B 110 -15.28 19.37 18.85
N LEU B 111 -14.94 18.81 17.68
CA LEU B 111 -14.47 17.44 17.64
C LEU B 111 -13.14 17.28 18.36
N LEU B 112 -12.25 18.28 18.24
CA LEU B 112 -10.96 18.20 18.92
C LEU B 112 -11.14 18.16 20.43
N ASN B 113 -12.06 18.97 20.96
CA ASN B 113 -12.31 18.96 22.39
C ASN B 113 -12.95 17.66 22.84
N TRP B 114 -13.74 17.02 21.96
CA TRP B 114 -14.38 15.76 22.31
C TRP B 114 -13.36 14.65 22.54
N CYS B 115 -12.17 14.76 21.97
CA CYS B 115 -11.15 13.72 22.15
C CYS B 115 -10.77 13.59 23.62
N ALA B 116 -10.57 14.72 24.30
CA ALA B 116 -10.23 14.69 25.72
C ALA B 116 -11.41 14.37 26.60
N TRP B 117 -12.64 14.57 26.12
CA TRP B 117 -13.82 14.29 26.92
C TRP B 117 -14.14 12.81 26.98
N PHE B 118 -13.61 12.00 26.05
CA PHE B 118 -13.88 10.56 26.08
C PHE B 118 -13.34 9.93 27.36
N LEU B 119 -12.12 10.29 27.75
CA LEU B 119 -11.55 9.75 28.98
C LEU B 119 -12.30 10.26 30.21
N ARG B 120 -12.65 11.56 30.22
CA ARG B 120 -13.37 12.18 31.33
C ARG B 120 -14.44 13.08 30.73
N MET B 121 -15.65 12.55 30.60
CA MET B 121 -16.75 13.32 30.04
C MET B 121 -17.16 14.44 30.98
N LYS B 122 -17.54 15.57 30.38
CA LYS B 122 -17.95 16.73 31.19
C LYS B 122 -19.26 16.48 31.93
N ARG B 123 -20.01 15.44 31.57
CA ARG B 123 -21.26 15.13 32.23
C ARG B 123 -20.99 14.53 33.61
N PRO B 124 -21.99 14.53 34.49
CA PRO B 124 -21.78 13.96 35.84
C PRO B 124 -21.45 12.48 35.83
N GLY B 125 -21.72 11.78 34.72
CA GLY B 125 -21.44 10.35 34.70
C GLY B 125 -19.97 10.04 34.90
N GLU B 126 -19.08 10.88 34.36
CA GLU B 126 -17.64 10.68 34.49
C GLU B 126 -16.98 11.69 35.42
N ASP B 127 -17.60 12.84 35.66
CA ASP B 127 -17.03 13.87 36.53
C ASP B 127 -17.43 13.70 37.99
N LYS B 128 -18.29 12.73 38.31
CA LYS B 128 -18.72 12.50 39.67
C LYS B 128 -17.80 11.55 40.42
N VAL B 129 -17.24 10.56 39.74
CA VAL B 129 -16.35 9.57 40.37
C VAL B 129 -14.95 10.15 40.26
N ARG B 130 -14.60 10.99 41.23
CA ARG B 130 -13.29 11.62 41.30
C ARG B 130 -13.19 12.38 42.61
N PRO B 131 -11.98 12.71 43.06
CA PRO B 131 -11.83 13.48 44.30
C PRO B 131 -12.58 14.81 44.21
N ALA B 132 -13.52 15.00 45.13
CA ALA B 132 -14.34 16.22 45.20
C ALA B 132 -14.12 16.83 46.58
N CYS B 133 -13.14 17.73 46.68
CA CYS B 133 -12.81 18.40 47.93
C CYS B 133 -12.31 19.80 47.60
N GLN B 134 -11.81 20.50 48.62
CA GLN B 134 -11.29 21.85 48.48
C GLN B 134 -9.76 21.87 48.41
N HIS B 135 -9.15 20.80 47.95
CA HIS B 135 -7.70 20.74 47.86
C HIS B 135 -7.20 21.62 46.72
N LYS B 136 -5.89 21.87 46.72
CA LYS B 136 -5.29 22.72 45.69
C LYS B 136 -5.42 22.11 44.29
N GLN B 137 -5.62 20.80 44.20
CA GLN B 137 -5.75 20.16 42.90
C GLN B 137 -7.04 20.53 42.18
N ARG B 138 -8.01 21.09 42.89
CA ARG B 138 -9.28 21.51 42.29
C ARG B 138 -9.46 23.02 42.30
N ARG B 139 -8.43 23.78 42.66
CA ARG B 139 -8.50 25.23 42.69
C ARG B 139 -8.08 25.80 41.34
N CYS B 140 -8.10 27.13 41.25
CA CYS B 140 -7.74 27.84 40.03
C CYS B 140 -6.64 28.85 40.34
N SER B 141 -5.76 29.06 39.36
CA SER B 141 -4.65 30.00 39.51
C SER B 141 -4.25 30.47 38.12
N LEU B 142 -3.11 31.18 38.05
CA LEU B 142 -2.64 31.68 36.77
C LEU B 142 -2.24 30.55 35.82
N ALA B 143 -1.67 29.47 36.35
CA ALA B 143 -1.25 28.37 35.50
C ALA B 143 -2.44 27.73 34.79
N SER B 144 -3.55 27.53 35.51
CA SER B 144 -4.72 26.91 34.91
C SER B 144 -5.38 27.82 33.89
N VAL B 145 -5.39 29.13 34.15
CA VAL B 145 -6.01 30.10 33.27
C VAL B 145 -4.96 30.55 32.27
N GLU B 146 -5.08 30.06 31.03
CA GLU B 146 -4.15 30.40 29.95
C GLU B 146 -4.73 31.43 28.98
N MET B 147 -5.80 32.13 29.38
CA MET B 147 -6.41 33.12 28.50
C MET B 147 -5.55 34.36 28.35
N SER B 148 -4.60 34.58 29.25
CA SER B 148 -3.71 35.74 29.21
C SER B 148 -2.31 35.37 28.73
N ALA B 149 -2.22 34.45 27.78
CA ALA B 149 -0.94 34.02 27.22
C ALA B 149 -0.03 33.46 28.32
N VAL B 150 -0.59 32.61 29.16
CA VAL B 150 0.14 31.96 30.24
C VAL B 150 0.50 30.55 29.80
N ALA B 151 1.77 30.18 29.99
CA ALA B 151 2.21 28.85 29.59
C ALA B 151 1.50 27.79 30.41
N PRO B 152 1.14 26.65 29.83
CA PRO B 152 0.44 25.61 30.58
C PRO B 152 1.36 24.96 31.59
N PRO B 153 0.82 24.28 32.60
CA PRO B 153 1.66 23.63 33.60
C PRO B 153 2.58 22.60 32.95
N PRO B 154 3.80 22.42 33.46
CA PRO B 154 4.70 21.43 32.87
C PRO B 154 4.09 20.05 32.88
N ALA B 155 3.89 19.50 31.68
CA ALA B 155 3.33 18.16 31.53
C ALA B 155 3.81 17.57 30.21
N SER B 156 3.78 16.24 30.14
CA SER B 156 4.20 15.51 28.96
C SER B 156 3.05 15.17 28.03
N ASN B 157 1.86 15.69 28.29
CA ASN B 157 0.67 15.41 27.49
C ASN B 157 0.43 16.45 26.40
N GLY B 158 1.40 17.35 26.17
CA GLY B 158 1.26 18.36 25.14
C GLY B 158 1.24 19.77 25.69
N ASN B 159 1.88 19.97 26.84
CA ASN B 159 1.96 21.28 27.48
C ASN B 159 3.38 21.80 27.55
N LEU B 160 4.32 20.98 28.02
CA LEU B 160 5.72 21.40 28.10
C LEU B 160 6.48 21.19 26.79
N LEU B 161 6.09 20.18 26.00
CA LEU B 161 6.78 19.93 24.74
C LEU B 161 6.41 20.97 23.69
N TYR B 162 5.16 21.45 23.71
CA TYR B 162 4.73 22.42 22.70
C TYR B 162 5.51 23.72 22.83
N ILE B 163 5.72 24.20 24.06
CA ILE B 163 6.43 25.46 24.25
C ILE B 163 7.92 25.32 23.96
N GLY B 164 8.43 24.09 23.91
CA GLY B 164 9.85 23.88 23.68
C GLY B 164 10.21 23.86 22.21
N PHE B 165 9.58 22.99 21.43
CA PHE B 165 9.88 22.86 20.00
C PHE B 165 9.06 23.81 19.15
N ARG B 166 7.78 23.95 19.45
CA ARG B 166 6.89 24.82 18.66
C ARG B 166 6.85 26.25 19.20
N GLY B 167 7.63 26.56 20.23
CA GLY B 167 7.66 27.90 20.79
C GLY B 167 8.55 28.84 19.98
N LEU B 168 8.15 29.13 18.75
CA LEU B 168 8.93 30.00 17.90
C LEU B 168 8.88 31.44 18.40
N ASP B 169 9.89 32.22 18.01
CA ASP B 169 9.99 33.62 18.41
C ASP B 169 10.09 33.76 19.93
N GLY B 170 10.70 32.78 20.58
CA GLY B 170 10.85 32.80 22.03
C GLY B 170 12.29 32.66 22.47
N VAL B 171 12.50 32.35 23.75
CA VAL B 171 13.85 32.22 24.28
C VAL B 171 14.56 31.04 23.63
N HIS B 172 13.82 29.97 23.32
CA HIS B 172 14.45 28.79 22.73
C HIS B 172 15.08 29.10 21.38
N CYS B 173 14.40 29.89 20.55
CA CYS B 173 14.87 30.21 19.22
C CYS B 173 15.50 31.60 19.12
N VAL B 174 14.87 32.61 19.74
CA VAL B 174 15.35 33.98 19.67
C VAL B 174 15.47 34.53 21.09
N PRO B 175 16.56 34.24 21.81
CA PRO B 175 16.72 34.77 23.18
C PRO B 175 17.13 36.25 23.18
N THR B 176 16.16 37.11 22.89
CA THR B 176 16.42 38.54 22.87
C THR B 176 16.94 39.07 24.20
N PRO B 177 16.37 38.71 25.35
CA PRO B 177 16.89 39.24 26.61
C PRO B 177 18.34 38.85 26.83
N ASP B 178 19.11 39.77 27.41
CA ASP B 178 20.53 39.54 27.67
C ASP B 178 20.68 38.56 28.82
N SER B 179 20.93 37.29 28.49
CA SER B 179 21.11 36.28 29.52
C SER B 179 22.44 36.42 30.25
N GLY B 180 23.48 36.84 29.55
CA GLY B 180 24.79 37.00 30.18
C GLY B 180 25.38 35.70 30.68
N VAL B 181 25.24 34.63 29.90
CA VAL B 181 25.80 33.34 30.30
C VAL B 181 27.20 33.13 29.71
N VAL B 182 27.45 33.63 28.51
CA VAL B 182 28.76 33.45 27.88
C VAL B 182 29.83 34.32 28.53
N CYS B 183 29.43 35.37 29.25
CA CYS B 183 30.39 36.26 29.89
C CYS B 183 30.01 36.60 31.32
N GLY B 184 28.95 36.01 31.88
CA GLY B 184 28.54 36.29 33.24
C GLY B 184 28.42 35.04 34.09
N ARG B 185 28.35 33.88 33.45
CA ARG B 185 28.23 32.60 34.15
C ARG B 185 29.24 31.63 33.56
N MET B 186 29.22 30.39 34.06
CA MET B 186 30.12 29.33 33.61
C MET B 186 29.37 28.03 33.38
N ALA B 187 28.08 28.11 33.06
CA ALA B 187 27.26 26.92 32.82
C ALA B 187 27.52 26.45 31.40
N CYS B 188 28.47 25.53 31.26
CA CYS B 188 28.84 24.96 29.97
C CYS B 188 29.37 26.01 29.00
N SER B 189 29.80 27.16 29.52
CA SER B 189 30.32 28.25 28.69
C SER B 189 31.31 29.05 29.53
N PRO B 190 32.61 28.81 29.37
CA PRO B 190 33.59 29.57 30.14
C PRO B 190 33.49 31.07 29.85
N THR B 191 33.74 31.87 30.88
CA THR B 191 33.68 33.31 30.74
C THR B 191 34.67 33.79 29.69
N HIS B 192 34.21 34.66 28.80
CA HIS B 192 35.04 35.21 27.73
C HIS B 192 35.62 34.09 26.87
N ASP B 193 34.72 33.32 26.26
CA ASP B 193 35.10 32.20 25.42
C ASP B 193 35.28 32.60 23.95
N GLU B 194 35.08 33.87 23.61
CA GLU B 194 35.27 34.31 22.23
C GLU B 194 36.72 34.19 21.78
N HIS B 195 37.68 34.20 22.71
CA HIS B 195 39.09 34.08 22.39
C HIS B 195 39.66 32.72 22.82
N LEU B 196 38.79 31.74 23.06
CA LEU B 196 39.23 30.40 23.48
C LEU B 196 39.66 29.64 22.23
N LEU B 197 40.93 29.76 21.89
CA LEU B 197 41.50 29.12 20.71
C LEU B 197 42.22 27.85 21.15
N HIS B 198 41.82 26.71 20.58
CA HIS B 198 42.45 25.42 20.87
C HIS B 198 43.64 25.24 19.95
N GLY B 199 44.77 25.81 20.36
CA GLY B 199 45.98 25.77 19.55
C GLY B 199 45.98 26.72 18.39
N GLY B 200 45.19 27.80 18.45
CA GLY B 200 45.09 28.76 17.39
C GLY B 200 43.86 28.63 16.52
N GLN B 201 43.18 27.48 16.58
CA GLN B 201 41.97 27.28 15.81
C GLN B 201 40.77 27.94 16.50
N PRO B 202 39.74 28.29 15.75
CA PRO B 202 38.56 28.90 16.36
C PRO B 202 37.75 27.88 17.14
N PRO B 203 36.69 28.30 17.82
CA PRO B 203 35.88 27.33 18.57
C PRO B 203 35.35 26.20 17.72
N GLU B 204 35.00 26.47 16.47
CA GLU B 204 34.51 25.45 15.55
C GLU B 204 35.70 24.82 14.83
N GLY B 205 35.87 23.50 14.99
CA GLY B 205 36.99 22.83 14.37
C GLY B 205 36.97 22.93 12.86
N ASP B 206 35.78 22.81 12.26
CA ASP B 206 35.65 22.88 10.81
C ASP B 206 34.31 23.48 10.43
N PRO B 207 34.27 24.62 9.73
CA PRO B 207 32.98 25.18 9.31
C PRO B 207 32.19 24.27 8.39
N ASP B 208 32.85 23.34 7.70
CA ASP B 208 32.13 22.42 6.82
C ASP B 208 31.17 21.55 7.60
N LEU B 209 31.47 21.28 8.87
CA LEU B 209 30.57 20.46 9.69
C LEU B 209 29.23 21.15 9.89
N ALA B 210 29.23 22.49 9.99
CA ALA B 210 27.97 23.21 10.14
C ALA B 210 27.06 23.00 8.94
N LYS B 211 27.62 23.02 7.74
CA LYS B 211 26.83 22.77 6.54
C LYS B 211 26.24 21.37 6.56
N ILE B 212 27.03 20.38 6.99
CA ILE B 212 26.52 19.01 7.07
C ILE B 212 25.37 18.93 8.05
N LEU B 213 25.49 19.60 9.20
CA LEU B 213 24.42 19.59 10.19
C LEU B 213 23.15 20.18 9.61
N GLU B 214 23.27 21.30 8.89
CA GLU B 214 22.09 21.90 8.24
C GLU B 214 21.50 20.95 7.20
N GLU B 215 22.36 20.32 6.40
CA GLU B 215 21.86 19.36 5.41
C GLU B 215 21.23 18.16 6.09
N VAL B 216 21.85 17.67 7.16
CA VAL B 216 21.27 16.54 7.89
C VAL B 216 19.97 16.95 8.56
N ARG B 217 19.88 18.19 9.03
CA ARG B 217 18.65 18.65 9.67
C ARG B 217 17.47 18.59 8.70
N TYR B 218 17.71 18.85 7.41
CA TYR B 218 16.63 18.76 6.44
C TYR B 218 16.08 17.34 6.36
N ILE B 219 16.96 16.35 6.36
CA ILE B 219 16.51 14.95 6.35
C ILE B 219 15.72 14.66 7.62
N ALA B 220 16.22 15.10 8.77
CA ALA B 220 15.47 14.93 10.01
C ALA B 220 14.20 15.77 10.02
N ASN B 221 14.24 16.97 9.43
CA ASN B 221 13.05 17.81 9.36
C ASN B 221 11.99 17.17 8.48
N ARG B 222 12.39 16.51 7.39
CA ARG B 222 11.42 15.83 6.53
C ARG B 222 10.70 14.74 7.30
N PHE B 223 11.42 13.97 8.12
CA PHE B 223 10.78 12.97 8.96
C PHE B 223 9.86 13.62 9.99
N ARG B 224 10.26 14.78 10.52
CA ARG B 224 9.39 15.49 11.47
C ARG B 224 8.08 15.89 10.80
N CYS B 225 8.14 16.38 9.56
CA CYS B 225 6.93 16.71 8.84
C CYS B 225 6.08 15.46 8.60
N GLN B 226 6.72 14.36 8.23
CA GLN B 226 5.99 13.10 8.08
C GLN B 226 5.39 12.66 9.40
N ASP B 227 6.14 12.79 10.49
CA ASP B 227 5.60 12.47 11.81
C ASP B 227 4.46 13.42 12.18
N GLU B 228 4.59 14.70 11.82
CA GLU B 228 3.51 15.64 12.08
C GLU B 228 2.25 15.25 11.33
N SER B 229 2.39 14.81 10.07
CA SER B 229 1.22 14.35 9.33
C SER B 229 0.60 13.13 10.01
N GLU B 230 1.43 12.19 10.47
CA GLU B 230 0.91 11.05 11.21
C GLU B 230 0.25 11.49 12.50
N ALA B 231 0.86 12.45 13.20
CA ALA B 231 0.25 12.98 14.42
C ALA B 231 -1.07 13.66 14.12
N VAL B 232 -1.13 14.44 13.04
CA VAL B 232 -2.39 15.05 12.63
C VAL B 232 -3.40 13.98 12.26
N CYS B 233 -2.96 12.96 11.51
CA CYS B 233 -3.85 11.85 11.17
C CYS B 233 -4.23 11.04 12.40
N SER B 234 -3.36 11.01 13.42
CA SER B 234 -3.70 10.32 14.66
C SER B 234 -4.85 11.01 15.37
N GLU B 235 -4.86 12.34 15.38
CA GLU B 235 -5.99 13.07 15.96
C GLU B 235 -7.27 12.79 15.18
N TRP B 236 -7.18 12.76 13.86
CA TRP B 236 -8.33 12.42 13.04
C TRP B 236 -8.72 10.96 13.17
N LYS B 237 -7.77 10.09 13.49
CA LYS B 237 -8.09 8.67 13.67
C LYS B 237 -9.08 8.47 14.81
N PHE B 238 -8.87 9.17 15.93
CA PHE B 238 -9.83 9.09 17.03
C PHE B 238 -11.11 9.86 16.69
N ALA B 239 -10.97 11.03 16.06
CA ALA B 239 -12.15 11.81 15.68
C ALA B 239 -12.95 11.11 14.60
N ALA B 240 -12.30 10.29 13.76
CA ALA B 240 -13.02 9.56 12.73
C ALA B 240 -13.98 8.55 13.35
N CYS B 241 -13.59 7.91 14.45
CA CYS B 241 -14.45 6.95 15.12
C CYS B 241 -15.48 7.62 16.03
N VAL B 242 -15.39 8.93 16.25
CA VAL B 242 -16.39 9.61 17.06
C VAL B 242 -17.75 9.51 16.40
N VAL B 243 -17.82 9.72 15.09
CA VAL B 243 -19.07 9.55 14.36
C VAL B 243 -19.54 8.09 14.44
N ASP B 244 -18.60 7.16 14.26
CA ASP B 244 -18.95 5.75 14.37
C ASP B 244 -19.47 5.41 15.76
N ARG B 245 -18.79 5.90 16.80
CA ARG B 245 -19.26 5.68 18.16
C ARG B 245 -20.56 6.42 18.42
N LEU B 246 -20.67 7.67 17.93
CA LEU B 246 -21.91 8.42 18.09
C LEU B 246 -23.06 7.73 17.37
N CYS B 247 -22.82 7.24 16.16
CA CYS B 247 -23.87 6.54 15.42
C CYS B 247 -24.16 5.17 16.03
N LEU B 248 -23.16 4.55 16.66
CA LEU B 248 -23.39 3.25 17.29
C LEU B 248 -24.43 3.36 18.40
N MET B 249 -24.33 4.40 19.24
CA MET B 249 -25.32 4.59 20.29
C MET B 249 -26.67 4.99 19.73
N ALA B 250 -26.68 5.85 18.70
CA ALA B 250 -27.94 6.27 18.10
C ALA B 250 -28.66 5.08 17.46
N PHE B 251 -27.93 4.23 16.75
CA PHE B 251 -28.53 3.07 16.13
C PHE B 251 -28.87 1.97 17.13
N SER B 252 -28.20 1.97 18.30
CA SER B 252 -28.50 0.96 19.31
C SER B 252 -29.94 1.09 19.79
N VAL B 253 -30.40 2.31 20.03
CA VAL B 253 -31.78 2.52 20.45
C VAL B 253 -32.74 2.08 19.35
N PHE B 254 -32.44 2.46 18.10
CA PHE B 254 -33.30 2.05 16.99
C PHE B 254 -33.31 0.55 16.83
N THR B 255 -32.15 -0.10 16.96
CA THR B 255 -32.10 -1.55 16.84
C THR B 255 -32.94 -2.22 17.95
N ILE B 256 -32.85 -1.69 19.17
CA ILE B 256 -33.64 -2.25 20.27
C ILE B 256 -35.13 -2.08 19.98
N ILE B 257 -35.52 -0.91 19.47
CA ILE B 257 -36.93 -0.67 19.15
C ILE B 257 -37.41 -1.65 18.08
N CYS B 258 -36.59 -1.88 17.05
CA CYS B 258 -36.98 -2.81 16.01
C CYS B 258 -37.15 -4.22 16.55
N THR B 259 -36.23 -4.65 17.42
CA THR B 259 -36.35 -5.98 18.03
C THR B 259 -37.62 -6.07 18.89
N ILE B 260 -37.91 -5.01 19.65
CA ILE B 260 -39.12 -5.01 20.48
C ILE B 260 -40.36 -5.07 19.59
N GLY B 261 -40.37 -4.31 18.49
CA GLY B 261 -41.52 -4.32 17.61
C GLY B 261 -41.78 -5.69 17.02
N ILE B 262 -40.72 -6.40 16.63
CA ILE B 262 -40.90 -7.74 16.09
C ILE B 262 -41.51 -8.67 17.13
N LEU B 263 -41.02 -8.58 18.37
CA LEU B 263 -41.55 -9.41 19.45
C LEU B 263 -42.88 -8.91 20.00
N MET B 264 -43.30 -7.70 19.62
CA MET B 264 -44.56 -7.12 20.08
C MET B 264 -45.65 -7.12 19.03
N SER B 265 -45.29 -7.12 17.74
CA SER B 265 -46.28 -7.10 16.68
C SER B 265 -46.72 -8.49 16.26
N ALA B 266 -45.83 -9.48 16.37
CA ALA B 266 -46.19 -10.84 15.95
C ALA B 266 -47.36 -11.39 16.74
N PRO B 267 -47.42 -11.28 18.07
CA PRO B 267 -48.57 -11.84 18.80
C PRO B 267 -49.90 -11.24 18.37
N ASN B 268 -49.90 -10.00 17.89
CA ASN B 268 -51.14 -9.34 17.48
C ASN B 268 -51.46 -9.56 16.01
N PHE B 269 -50.45 -9.53 15.15
CA PHE B 269 -50.65 -9.72 13.71
C PHE B 269 -50.33 -11.13 13.27
N VAL B 270 -49.12 -11.61 13.57
CA VAL B 270 -48.71 -12.95 13.19
C VAL B 270 -49.25 -13.97 14.18
N LEU C 7 -29.39 -40.41 -5.46
CA LEU C 7 -29.17 -39.14 -4.77
C LEU C 7 -28.71 -38.07 -5.75
N TYR C 8 -29.59 -37.71 -6.69
CA TYR C 8 -29.23 -36.68 -7.66
C TYR C 8 -28.98 -35.34 -6.99
N TYR C 9 -29.82 -34.97 -6.02
CA TYR C 9 -29.65 -33.70 -5.33
C TYR C 9 -28.48 -33.74 -4.35
N GLY C 10 -28.05 -34.93 -3.92
CA GLY C 10 -26.92 -35.02 -3.01
C GLY C 10 -25.57 -34.83 -3.66
N LEU C 11 -25.48 -35.03 -4.97
CA LEU C 11 -24.23 -34.87 -5.70
C LEU C 11 -24.07 -33.49 -6.31
N ASN C 12 -25.06 -32.60 -6.14
CA ASN C 12 -25.00 -31.26 -6.71
C ASN C 12 -25.32 -30.15 -5.71
N LEU C 13 -25.98 -30.46 -4.58
CA LEU C 13 -26.34 -29.45 -3.59
C LEU C 13 -25.70 -29.71 -2.24
N LEU C 14 -25.56 -30.97 -1.83
CA LEU C 14 -24.92 -31.27 -0.54
C LEU C 14 -23.41 -31.13 -0.61
N ILE C 15 -22.79 -31.45 -1.76
CA ILE C 15 -21.34 -31.37 -1.87
C ILE C 15 -20.83 -29.95 -1.62
N PRO C 16 -21.39 -28.90 -2.22
CA PRO C 16 -20.93 -27.54 -1.90
C PRO C 16 -21.06 -27.20 -0.42
N CYS C 17 -22.09 -27.72 0.26
CA CYS C 17 -22.26 -27.42 1.68
C CYS C 17 -21.07 -27.90 2.49
N VAL C 18 -20.61 -29.13 2.23
CA VAL C 18 -19.45 -29.65 2.97
C VAL C 18 -18.15 -29.11 2.37
N LEU C 19 -18.13 -28.87 1.06
CA LEU C 19 -16.93 -28.32 0.44
C LEU C 19 -16.65 -26.91 0.93
N ILE C 20 -17.69 -26.10 1.08
CA ILE C 20 -17.51 -24.73 1.56
C ILE C 20 -16.98 -24.75 2.99
N SER C 21 -17.51 -25.63 3.83
CA SER C 21 -17.04 -25.71 5.21
C SER C 21 -15.56 -26.10 5.26
N ALA C 22 -15.15 -27.05 4.42
CA ALA C 22 -13.74 -27.45 4.39
C ALA C 22 -12.85 -26.30 3.94
N LEU C 23 -13.30 -25.51 2.96
CA LEU C 23 -12.52 -24.39 2.49
C LEU C 23 -12.42 -23.28 3.51
N ALA C 24 -13.38 -23.18 4.44
CA ALA C 24 -13.33 -22.16 5.47
C ALA C 24 -12.25 -22.42 6.51
N LEU C 25 -11.78 -23.67 6.62
CA LEU C 25 -10.73 -23.97 7.59
C LEU C 25 -9.40 -23.33 7.19
N LEU C 26 -9.13 -23.25 5.88
CA LEU C 26 -7.88 -22.64 5.43
C LEU C 26 -7.86 -21.14 5.66
N VAL C 27 -9.02 -20.50 5.79
CA VAL C 27 -9.05 -19.06 6.03
C VAL C 27 -8.42 -18.73 7.37
N PHE C 28 -8.55 -19.63 8.35
CA PHE C 28 -7.98 -19.39 9.67
C PHE C 28 -6.47 -19.52 9.69
N LEU C 29 -5.87 -20.16 8.68
CA LEU C 29 -4.43 -20.35 8.61
C LEU C 29 -3.72 -19.25 7.83
N LEU C 30 -4.46 -18.27 7.31
CA LEU C 30 -3.84 -17.20 6.55
C LEU C 30 -3.10 -16.24 7.49
N PRO C 31 -2.05 -15.58 7.00
CA PRO C 31 -1.31 -14.64 7.86
C PRO C 31 -2.18 -13.47 8.28
N ALA C 32 -1.90 -12.96 9.49
CA ALA C 32 -2.67 -11.84 10.01
C ALA C 32 -2.27 -10.54 9.33
N ASP C 33 -1.02 -10.42 8.88
CA ASP C 33 -0.56 -9.19 8.25
C ASP C 33 -1.27 -8.92 6.93
N SER C 34 -1.78 -9.95 6.26
CA SER C 34 -2.46 -9.80 4.98
C SER C 34 -3.87 -9.29 5.23
N GLY C 35 -4.08 -8.00 5.01
CA GLY C 35 -5.39 -7.40 5.21
C GLY C 35 -6.35 -7.56 4.06
N GLU C 36 -5.89 -8.11 2.93
CA GLU C 36 -6.73 -8.32 1.76
C GLU C 36 -7.50 -9.63 1.81
N LYS C 37 -7.31 -10.44 2.85
CA LYS C 37 -8.01 -11.71 2.96
C LYS C 37 -9.49 -11.53 3.29
N ILE C 38 -9.92 -10.33 3.67
CA ILE C 38 -11.32 -10.11 3.99
C ILE C 38 -12.20 -10.34 2.77
N SER C 39 -11.68 -10.06 1.57
CA SER C 39 -12.45 -10.26 0.36
C SER C 39 -12.58 -11.72 -0.03
N LEU C 40 -11.72 -12.59 0.52
CA LEU C 40 -11.80 -14.01 0.20
C LEU C 40 -13.10 -14.62 0.72
N GLY C 41 -13.56 -14.19 1.90
CA GLY C 41 -14.78 -14.73 2.45
C GLY C 41 -16.06 -14.21 1.81
N ILE C 42 -15.97 -13.09 1.09
CA ILE C 42 -17.17 -12.53 0.47
C ILE C 42 -17.73 -13.48 -0.58
N THR C 43 -16.87 -14.02 -1.44
CA THR C 43 -17.33 -14.94 -2.47
C THR C 43 -17.79 -16.25 -1.86
N VAL C 44 -17.10 -16.73 -0.81
CA VAL C 44 -17.50 -17.97 -0.17
C VAL C 44 -18.88 -17.82 0.46
N LEU C 45 -19.12 -16.71 1.16
CA LEU C 45 -20.44 -16.47 1.74
C LEU C 45 -21.48 -16.24 0.67
N LEU C 46 -21.10 -15.57 -0.42
CA LEU C 46 -22.05 -15.32 -1.51
C LEU C 46 -22.49 -16.63 -2.16
N SER C 47 -21.58 -17.58 -2.31
CA SER C 47 -21.93 -18.86 -2.92
C SER C 47 -23.00 -19.58 -2.13
N LEU C 48 -22.96 -19.48 -0.79
CA LEU C 48 -23.97 -20.14 0.03
C LEU C 48 -25.36 -19.58 -0.26
N THR C 49 -25.46 -18.25 -0.41
CA THR C 49 -26.76 -17.65 -0.70
C THR C 49 -27.27 -18.08 -2.07
N VAL C 50 -26.37 -18.19 -3.06
CA VAL C 50 -26.79 -18.59 -4.40
C VAL C 50 -27.37 -19.99 -4.38
N PHE C 51 -26.71 -20.92 -3.66
CA PHE C 51 -27.21 -22.28 -3.57
C PHE C 51 -28.43 -22.40 -2.67
N MET C 52 -28.64 -21.41 -1.79
CA MET C 52 -29.81 -21.45 -0.90
C MET C 52 -31.11 -21.40 -1.69
N LEU C 53 -31.14 -20.58 -2.75
CA LEU C 53 -32.36 -20.44 -3.55
C LEU C 53 -32.74 -21.76 -4.19
N LEU C 54 -31.75 -22.50 -4.71
CA LEU C 54 -32.04 -23.78 -5.36
C LEU C 54 -32.67 -24.76 -4.38
N VAL C 55 -32.14 -24.85 -3.16
CA VAL C 55 -32.66 -25.78 -2.18
C VAL C 55 -33.95 -25.27 -1.53
N ALA C 56 -34.17 -23.95 -1.51
CA ALA C 56 -35.38 -23.41 -0.90
C ALA C 56 -36.63 -23.90 -1.62
N GLU C 57 -36.60 -23.90 -2.95
CA GLU C 57 -37.76 -24.35 -3.71
C GLU C 57 -37.99 -25.85 -3.52
N ILE C 58 -36.91 -26.64 -3.49
CA ILE C 58 -37.06 -28.08 -3.32
C ILE C 58 -37.63 -28.41 -1.95
N MET C 59 -37.19 -27.70 -0.92
CA MET C 59 -37.66 -27.97 0.43
C MET C 59 -39.16 -27.72 0.51
N PRO C 60 -39.91 -28.52 1.27
CA PRO C 60 -41.36 -28.31 1.37
C PRO C 60 -41.67 -27.11 2.24
N SER C 61 -42.27 -26.08 1.63
CA SER C 61 -42.65 -24.88 2.36
C SER C 61 -43.83 -25.17 3.27
N THR C 62 -43.63 -24.99 4.57
CA THR C 62 -44.67 -25.23 5.58
C THR C 62 -44.94 -23.93 6.33
N SER C 63 -45.80 -24.04 7.34
CA SER C 63 -46.18 -22.90 8.17
C SER C 63 -45.45 -22.87 9.51
N ASP C 64 -45.25 -24.05 10.13
CA ASP C 64 -44.58 -24.11 11.41
C ASP C 64 -43.60 -25.28 11.51
N SER C 65 -43.35 -25.99 10.41
CA SER C 65 -42.45 -27.14 10.40
C SER C 65 -41.13 -26.74 9.75
N SER C 66 -40.02 -27.01 10.44
CA SER C 66 -38.69 -26.69 9.94
C SER C 66 -37.99 -27.97 9.51
N PRO C 67 -37.74 -28.18 8.22
CA PRO C 67 -37.03 -29.41 7.81
C PRO C 67 -35.64 -29.48 8.44
N SER C 68 -35.22 -30.70 8.75
CA SER C 68 -33.93 -30.92 9.39
C SER C 68 -32.77 -30.55 8.46
N ILE C 69 -33.01 -30.46 7.15
CA ILE C 69 -31.94 -30.11 6.22
C ILE C 69 -31.45 -28.69 6.46
N ALA C 70 -32.29 -27.81 6.99
CA ALA C 70 -31.88 -26.43 7.23
C ALA C 70 -30.89 -26.34 8.38
N GLN C 71 -30.92 -27.29 9.31
CA GLN C 71 -30.00 -27.26 10.44
C GLN C 71 -28.56 -27.38 9.96
N TYR C 72 -28.30 -28.27 9.00
CA TYR C 72 -26.94 -28.42 8.47
C TYR C 72 -26.47 -27.12 7.81
N PHE C 73 -27.36 -26.47 7.06
CA PHE C 73 -26.98 -25.21 6.41
C PHE C 73 -26.64 -24.14 7.45
N ALA C 74 -27.38 -24.11 8.56
CA ALA C 74 -27.12 -23.12 9.60
C ALA C 74 -25.70 -23.27 10.16
N SER C 75 -25.27 -24.52 10.40
CA SER C 75 -23.92 -24.74 10.89
C SER C 75 -22.88 -24.30 9.87
N THR C 76 -23.14 -24.57 8.58
CA THR C 76 -22.20 -24.15 7.55
C THR C 76 -22.06 -22.65 7.50
N MET C 77 -23.17 -21.92 7.62
CA MET C 77 -23.14 -20.47 7.59
C MET C 77 -22.58 -19.86 8.87
N ILE C 78 -22.53 -20.63 9.96
CA ILE C 78 -21.95 -20.12 11.20
C ILE C 78 -20.44 -20.11 11.12
N ILE C 79 -19.84 -21.20 10.63
CA ILE C 79 -18.38 -21.26 10.49
C ILE C 79 -17.91 -20.23 9.48
N VAL C 80 -18.61 -20.14 8.33
CA VAL C 80 -18.24 -19.16 7.32
C VAL C 80 -18.56 -17.75 7.80
N GLY C 81 -19.72 -17.57 8.45
CA GLY C 81 -20.09 -16.26 8.93
C GLY C 81 -19.12 -15.73 9.98
N LEU C 82 -18.69 -16.59 10.91
CA LEU C 82 -17.74 -16.16 11.92
C LEU C 82 -16.35 -15.95 11.34
N SER C 83 -16.01 -16.66 10.26
CA SER C 83 -14.69 -16.49 9.66
C SER C 83 -14.51 -15.08 9.13
N VAL C 84 -15.55 -14.53 8.48
CA VAL C 84 -15.47 -13.16 7.99
C VAL C 84 -15.31 -12.18 9.14
N VAL C 85 -16.09 -12.38 10.22
CA VAL C 85 -15.99 -11.49 11.37
C VAL C 85 -14.61 -11.58 12.00
N VAL C 86 -14.08 -12.80 12.14
CA VAL C 86 -12.76 -12.97 12.76
C VAL C 86 -11.69 -12.28 11.93
N THR C 87 -11.75 -12.45 10.60
CA THR C 87 -10.76 -11.81 9.74
C THR C 87 -10.80 -10.29 9.86
N VAL C 88 -11.97 -9.73 10.18
CA VAL C 88 -12.06 -8.28 10.35
C VAL C 88 -11.54 -7.87 11.71
N ILE C 89 -11.69 -8.72 12.74
CA ILE C 89 -11.18 -8.40 14.06
C ILE C 89 -9.66 -8.32 14.07
N VAL C 90 -9.00 -8.97 13.11
CA VAL C 90 -7.54 -8.93 13.06
C VAL C 90 -7.04 -7.50 12.91
N LEU C 91 -7.74 -6.71 12.08
CA LEU C 91 -7.32 -5.32 11.88
C LEU C 91 -7.41 -4.53 13.18
N GLN C 92 -8.35 -4.87 14.05
CA GLN C 92 -8.47 -4.16 15.32
C GLN C 92 -7.23 -4.35 16.19
N TYR C 93 -6.67 -5.57 16.21
CA TYR C 93 -5.48 -5.83 17.01
C TYR C 93 -4.28 -5.07 16.47
N HIS C 94 -4.17 -4.95 15.15
CA HIS C 94 -3.04 -4.26 14.55
C HIS C 94 -3.12 -2.74 14.71
N HIS C 95 -4.26 -2.21 15.16
CA HIS C 95 -4.43 -0.78 15.34
C HIS C 95 -4.76 -0.38 16.77
N HIS C 96 -5.31 -1.27 17.57
CA HIS C 96 -5.68 -0.99 18.96
C HIS C 96 -6.31 0.39 19.10
N ASP C 97 -7.32 0.64 18.26
CA ASP C 97 -7.99 1.94 18.28
C ASP C 97 -8.67 2.16 19.62
N PRO C 98 -8.49 3.31 20.26
CA PRO C 98 -9.18 3.55 21.54
C PRO C 98 -10.70 3.51 21.42
N ASP C 99 -11.25 3.76 20.22
CA ASP C 99 -12.68 3.74 20.00
C ASP C 99 -13.19 2.37 19.54
N GLY C 100 -12.52 1.30 19.95
CA GLY C 100 -12.93 -0.04 19.56
C GLY C 100 -11.75 -0.94 19.27
N GLY C 101 -11.74 -2.12 19.86
CA GLY C 101 -10.67 -3.08 19.71
C GLY C 101 -10.41 -3.80 21.01
N LYS C 102 -9.20 -4.32 21.16
CA LYS C 102 -8.79 -5.01 22.39
C LYS C 102 -8.15 -4.03 23.38
N MET C 103 -8.85 -2.93 23.65
CA MET C 103 -8.32 -1.94 24.59
C MET C 103 -8.14 -2.50 25.99
N PRO C 104 -9.12 -3.22 26.56
CA PRO C 104 -8.94 -3.74 27.93
C PRO C 104 -7.65 -4.54 28.11
N LYS C 105 -6.81 -4.13 29.06
CA LYS C 105 -5.55 -4.81 29.31
C LYS C 105 -5.71 -6.07 30.14
N TRP C 106 -6.88 -6.29 30.75
CA TRP C 106 -7.07 -7.49 31.57
C TRP C 106 -6.91 -8.75 30.73
N THR C 107 -7.50 -8.77 29.53
CA THR C 107 -7.36 -9.91 28.63
C THR C 107 -6.11 -9.83 27.76
N ARG C 108 -5.45 -8.66 27.69
CA ARG C 108 -4.24 -8.55 26.90
C ARG C 108 -3.12 -9.39 27.48
N VAL C 109 -3.00 -9.43 28.80
CA VAL C 109 -1.93 -10.21 29.42
C VAL C 109 -2.13 -11.69 29.18
N ILE C 110 -3.39 -12.16 29.19
CA ILE C 110 -3.66 -13.57 28.95
C ILE C 110 -3.22 -13.96 27.55
N LEU C 111 -3.54 -13.13 26.55
CA LEU C 111 -3.12 -13.42 25.19
C LEU C 111 -1.60 -13.37 25.06
N LEU C 112 -0.96 -12.42 25.72
CA LEU C 112 0.50 -12.32 25.65
C LEU C 112 1.16 -13.56 26.21
N ASN C 113 0.65 -14.09 27.33
CA ASN C 113 1.21 -15.30 27.90
C ASN C 113 0.97 -16.51 27.01
N TRP C 114 -0.15 -16.52 26.28
CA TRP C 114 -0.45 -17.63 25.38
C TRP C 114 0.55 -17.74 24.25
N CYS C 115 1.24 -16.64 23.90
CA CYS C 115 2.21 -16.69 22.82
C CYS C 115 3.35 -17.64 23.15
N ALA C 116 3.85 -17.60 24.39
CA ALA C 116 4.92 -18.50 24.80
C ALA C 116 4.43 -19.91 25.08
N TRP C 117 3.12 -20.08 25.34
CA TRP C 117 2.58 -21.41 25.61
C TRP C 117 2.40 -22.23 24.34
N PHE C 118 2.37 -21.60 23.17
CA PHE C 118 2.21 -22.36 21.94
C PHE C 118 3.38 -23.31 21.72
N LEU C 119 4.61 -22.83 21.95
CA LEU C 119 5.77 -23.70 21.79
C LEU C 119 5.79 -24.79 22.85
N ARG C 120 5.47 -24.43 24.10
CA ARG C 120 5.45 -25.38 25.22
C ARG C 120 4.18 -25.09 26.04
N MET C 121 3.12 -25.83 25.75
CA MET C 121 1.87 -25.65 26.45
C MET C 121 2.01 -26.09 27.91
N LYS C 122 1.31 -25.38 28.81
CA LYS C 122 1.36 -25.71 30.22
C LYS C 122 0.69 -27.04 30.53
N ARG C 123 -0.10 -27.57 29.60
CA ARG C 123 -0.77 -28.84 29.82
C ARG C 123 0.22 -29.99 29.71
N PRO C 124 -0.13 -31.17 30.23
CA PRO C 124 0.80 -32.32 30.16
C PRO C 124 1.11 -32.75 28.73
N GLY C 125 0.30 -32.35 27.75
CA GLY C 125 0.57 -32.77 26.38
C GLY C 125 1.93 -32.33 25.88
N GLU C 126 2.36 -31.13 26.27
CA GLU C 126 3.65 -30.59 25.86
C GLU C 126 4.67 -30.52 26.98
N ASP C 127 4.23 -30.52 28.24
CA ASP C 127 5.15 -30.45 29.38
C ASP C 127 5.61 -31.83 29.84
N LYS C 128 5.11 -32.91 29.24
CA LYS C 128 5.50 -34.26 29.63
C LYS C 128 6.71 -34.74 28.86
N VAL C 129 6.84 -34.37 27.59
CA VAL C 129 7.97 -34.80 26.75
C VAL C 129 9.07 -33.77 26.95
N ARG C 130 9.85 -33.97 28.01
CA ARG C 130 10.97 -33.10 28.34
C ARG C 130 11.73 -33.71 29.50
N PRO C 131 12.98 -33.30 29.71
CA PRO C 131 13.75 -33.85 30.85
C PRO C 131 13.04 -33.61 32.16
N ALA C 132 12.74 -34.70 32.86
CA ALA C 132 12.05 -34.66 34.16
C ALA C 132 12.96 -35.33 35.18
N CYS C 133 13.81 -34.54 35.83
CA CYS C 133 14.73 -35.03 36.83
C CYS C 133 14.93 -33.95 37.89
N GLN C 134 15.88 -34.17 38.80
CA GLN C 134 16.20 -33.24 39.87
C GLN C 134 17.43 -32.40 39.56
N HIS C 135 17.73 -32.19 38.28
CA HIS C 135 18.91 -31.41 37.91
C HIS C 135 18.66 -29.92 38.19
N LYS C 136 19.75 -29.15 38.16
CA LYS C 136 19.66 -27.73 38.44
C LYS C 136 18.82 -26.99 37.40
N GLN C 137 18.65 -27.57 36.21
CA GLN C 137 17.86 -26.92 35.18
C GLN C 137 16.36 -26.87 35.51
N ARG C 138 15.91 -27.67 36.47
CA ARG C 138 14.51 -27.69 36.89
C ARG C 138 14.31 -27.16 38.30
N ARG C 139 15.34 -26.59 38.91
CA ARG C 139 15.25 -26.05 40.25
C ARG C 139 14.83 -24.58 40.21
N CYS C 140 14.73 -23.96 41.38
CA CYS C 140 14.35 -22.57 41.52
C CYS C 140 15.41 -21.82 42.32
N SER C 141 15.61 -20.55 41.98
CA SER C 141 16.59 -19.71 42.64
C SER C 141 16.16 -18.26 42.49
N LEU C 142 17.03 -17.34 42.89
CA LEU C 142 16.72 -15.92 42.80
C LEU C 142 16.56 -15.47 41.35
N ALA C 143 17.37 -16.01 40.44
CA ALA C 143 17.30 -15.60 39.04
C ALA C 143 15.94 -15.95 38.44
N SER C 144 15.43 -17.15 38.75
CA SER C 144 14.15 -17.56 38.19
C SER C 144 12.99 -16.75 38.78
N VAL C 145 13.08 -16.42 40.07
CA VAL C 145 12.04 -15.67 40.76
C VAL C 145 12.36 -14.19 40.57
N GLU C 146 11.59 -13.52 39.70
CA GLU C 146 11.76 -12.10 39.42
C GLU C 146 10.71 -11.24 40.12
N MET C 147 10.01 -11.78 41.11
CA MET C 147 8.99 -11.02 41.82
C MET C 147 9.58 -9.95 42.72
N SER C 148 10.86 -10.06 43.07
CA SER C 148 11.54 -9.09 43.92
C SER C 148 12.46 -8.18 43.13
N ALA C 149 12.05 -7.79 41.92
CA ALA C 149 12.84 -6.90 41.08
C ALA C 149 14.22 -7.49 40.79
N VAL C 150 14.24 -8.77 40.43
CA VAL C 150 15.46 -9.48 40.10
C VAL C 150 15.58 -9.56 38.58
N ALA C 151 16.76 -9.21 38.06
CA ALA C 151 16.95 -9.23 36.62
C ALA C 151 16.85 -10.66 36.10
N PRO C 152 16.26 -10.87 34.92
CA PRO C 152 16.14 -12.23 34.39
C PRO C 152 17.48 -12.80 33.98
N PRO C 153 17.60 -14.12 33.85
CA PRO C 153 18.88 -14.71 33.45
C PRO C 153 19.31 -14.19 32.10
N PRO C 154 20.62 -14.01 31.87
CA PRO C 154 21.09 -13.51 30.56
C PRO C 154 20.60 -14.41 29.43
N ALA C 155 19.83 -13.83 28.51
CA ALA C 155 19.32 -14.55 27.36
C ALA C 155 19.04 -13.57 26.25
N SER C 156 19.03 -14.09 25.01
CA SER C 156 18.76 -13.30 23.83
C SER C 156 17.29 -13.31 23.42
N ASN C 157 16.42 -13.90 24.23
CA ASN C 157 15.00 -14.00 23.92
C ASN C 157 14.18 -12.87 24.52
N GLY C 158 14.83 -11.84 25.06
CA GLY C 158 14.12 -10.71 25.63
C GLY C 158 14.35 -10.55 27.12
N ASN C 159 15.51 -11.01 27.59
CA ASN C 159 15.87 -10.91 29.00
C ASN C 159 17.09 -10.02 29.23
N LEU C 160 18.16 -10.23 28.46
CA LEU C 160 19.35 -9.41 28.59
C LEU C 160 19.28 -8.13 27.78
N LEU C 161 18.57 -8.15 26.65
CA LEU C 161 18.47 -6.94 25.82
C LEU C 161 17.54 -5.91 26.44
N TYR C 162 16.49 -6.37 27.14
CA TYR C 162 15.53 -5.43 27.73
C TYR C 162 16.21 -4.58 28.81
N ILE C 163 17.04 -5.19 29.65
CA ILE C 163 17.69 -4.46 30.73
C ILE C 163 18.79 -3.55 30.19
N GLY C 164 19.22 -3.75 28.95
CA GLY C 164 20.29 -2.94 28.39
C GLY C 164 19.80 -1.65 27.77
N PHE C 165 18.87 -1.74 26.82
CA PHE C 165 18.36 -0.57 26.13
C PHE C 165 17.16 0.05 26.84
N ARG C 166 16.23 -0.78 27.33
CA ARG C 166 15.04 -0.29 28.00
C ARG C 166 15.24 -0.12 29.50
N GLY C 167 16.44 -0.40 30.02
CA GLY C 167 16.70 -0.24 31.44
C GLY C 167 17.00 1.19 31.81
N LEU C 168 16.00 2.06 31.70
CA LEU C 168 16.19 3.47 32.03
C LEU C 168 16.36 3.65 33.53
N ASP C 169 16.96 4.79 33.90
CA ASP C 169 17.21 5.13 35.29
C ASP C 169 18.13 4.08 35.95
N GLY C 170 19.04 3.50 35.18
CA GLY C 170 19.95 2.50 35.69
C GLY C 170 21.40 2.84 35.44
N VAL C 171 22.29 1.86 35.59
CA VAL C 171 23.71 2.10 35.38
C VAL C 171 23.99 2.46 33.93
N HIS C 172 23.24 1.86 32.99
CA HIS C 172 23.48 2.13 31.58
C HIS C 172 23.27 3.60 31.24
N CYS C 173 22.22 4.21 31.79
CA CYS C 173 21.87 5.59 31.50
C CYS C 173 22.29 6.55 32.60
N VAL C 174 22.07 6.19 33.87
CA VAL C 174 22.39 7.07 34.99
C VAL C 174 23.25 6.30 35.99
N PRO C 175 24.56 6.19 35.77
CA PRO C 175 25.43 5.47 36.73
C PRO C 175 25.72 6.29 37.98
N THR C 176 24.71 6.39 38.85
CA THR C 176 24.86 7.15 40.08
C THR C 176 25.99 6.62 40.96
N PRO C 177 26.15 5.32 41.17
CA PRO C 177 27.25 4.84 42.01
C PRO C 177 28.60 5.27 41.45
N ASP C 178 29.52 5.61 42.34
CA ASP C 178 30.86 6.05 41.95
C ASP C 178 31.66 4.85 41.47
N SER C 179 31.74 4.68 40.15
CA SER C 179 32.49 3.55 39.59
C SER C 179 34.00 3.76 39.72
N GLY C 180 34.46 5.00 39.61
CA GLY C 180 35.89 5.27 39.71
C GLY C 180 36.70 4.65 38.60
N VAL C 181 36.19 4.67 37.37
CA VAL C 181 36.93 4.11 36.25
C VAL C 181 37.78 5.17 35.55
N VAL C 182 37.33 6.42 35.51
CA VAL C 182 38.08 7.47 34.84
C VAL C 182 39.29 7.90 35.66
N CYS C 183 39.33 7.57 36.95
CA CYS C 183 40.46 7.95 37.80
C CYS C 183 40.91 6.82 38.71
N GLY C 184 40.35 5.62 38.59
CA GLY C 184 40.75 4.50 39.42
C GLY C 184 41.16 3.28 38.63
N ARG C 185 40.79 3.23 37.35
CA ARG C 185 41.12 2.13 36.47
C ARG C 185 41.67 2.68 35.17
N MET C 186 41.98 1.77 34.24
CA MET C 186 42.52 2.12 32.94
C MET C 186 41.81 1.37 31.82
N ALA C 187 40.55 1.01 32.04
CA ALA C 187 39.75 0.27 31.05
C ALA C 187 39.22 1.28 30.04
N CYS C 188 39.98 1.49 28.96
CA CYS C 188 39.61 2.41 27.89
C CYS C 188 39.50 3.85 28.39
N SER C 189 40.10 4.16 29.54
CA SER C 189 40.05 5.50 30.12
C SER C 189 41.30 5.70 30.96
N PRO C 190 42.32 6.37 30.42
CA PRO C 190 43.54 6.61 31.20
C PRO C 190 43.24 7.40 32.47
N THR C 191 43.99 7.09 33.52
CA THR C 191 43.79 7.76 34.80
C THR C 191 44.05 9.25 34.65
N HIS C 192 43.14 10.05 35.22
CA HIS C 192 43.22 11.51 35.15
C HIS C 192 43.28 11.99 33.70
N ASP C 193 42.22 11.66 32.96
CA ASP C 193 42.12 12.03 31.55
C ASP C 193 41.45 13.38 31.33
N GLU C 194 41.05 14.07 32.40
CA GLU C 194 40.44 15.38 32.26
C GLU C 194 41.40 16.42 31.70
N HIS C 195 42.70 16.22 31.87
CA HIS C 195 43.72 17.13 31.36
C HIS C 195 44.49 16.54 30.18
N LEU C 196 43.95 15.50 29.54
CA LEU C 196 44.59 14.87 28.40
C LEU C 196 44.29 15.70 27.15
N LEU C 197 45.18 16.64 26.87
CA LEU C 197 45.03 17.54 25.74
C LEU C 197 45.92 17.05 24.59
N HIS C 198 45.29 16.81 23.43
CA HIS C 198 46.01 16.35 22.25
C HIS C 198 46.52 17.58 21.50
N GLY C 199 47.68 18.07 21.94
CA GLY C 199 48.25 19.27 21.35
C GLY C 199 47.60 20.56 21.80
N GLY C 200 46.93 20.55 22.95
CA GLY C 200 46.25 21.72 23.46
C GLY C 200 44.74 21.69 23.27
N GLN C 201 44.24 20.83 22.40
CA GLN C 201 42.81 20.71 22.18
C GLN C 201 42.17 19.86 23.27
N PRO C 202 40.88 20.04 23.52
CA PRO C 202 40.20 19.24 24.55
C PRO C 202 39.99 17.81 24.06
N PRO C 203 39.44 16.94 24.91
CA PRO C 203 39.21 15.55 24.46
C PRO C 203 38.35 15.46 23.22
N GLU C 204 37.36 16.34 23.08
CA GLU C 204 36.49 16.36 21.92
C GLU C 204 37.12 17.25 20.84
N GLY C 205 37.38 16.67 19.68
CA GLY C 205 38.01 17.42 18.61
C GLY C 205 37.17 18.60 18.15
N ASP C 206 35.86 18.41 18.06
CA ASP C 206 34.95 19.46 17.62
C ASP C 206 33.60 19.31 18.31
N PRO C 207 33.16 20.30 19.10
CA PRO C 207 31.82 20.19 19.71
C PRO C 207 30.69 20.10 18.70
N ASP C 208 30.90 20.57 17.47
CA ASP C 208 29.85 20.50 16.47
C ASP C 208 29.49 19.06 16.14
N LEU C 209 30.44 18.13 16.30
CA LEU C 209 30.15 16.72 16.03
C LEU C 209 29.13 16.18 17.01
N ALA C 210 29.12 16.67 18.26
CA ALA C 210 28.13 16.22 19.22
C ALA C 210 26.71 16.56 18.76
N LYS C 211 26.53 17.77 18.23
CA LYS C 211 25.22 18.15 17.71
C LYS C 211 24.78 17.25 16.57
N ILE C 212 25.72 16.91 15.68
CA ILE C 212 25.39 16.02 14.56
C ILE C 212 24.97 14.66 15.09
N LEU C 213 25.68 14.14 16.10
CA LEU C 213 25.31 12.85 16.66
C LEU C 213 23.91 12.88 17.24
N GLU C 214 23.56 13.95 17.96
CA GLU C 214 22.21 14.07 18.49
C GLU C 214 21.19 14.17 17.37
N GLU C 215 21.48 14.94 16.33
CA GLU C 215 20.57 15.03 15.20
C GLU C 215 20.45 13.70 14.48
N VAL C 216 21.58 13.00 14.29
CA VAL C 216 21.55 11.69 13.66
C VAL C 216 20.81 10.69 14.53
N ARG C 217 20.94 10.81 15.86
CA ARG C 217 20.24 9.91 16.76
C ARG C 217 18.73 10.01 16.58
N TYR C 218 18.22 11.21 16.31
CA TYR C 218 16.79 11.37 16.09
C TYR C 218 16.33 10.58 14.89
N ILE C 219 17.10 10.60 13.80
CA ILE C 219 16.75 9.81 12.62
C ILE C 219 16.77 8.33 12.96
N ALA C 220 17.79 7.89 13.69
CA ALA C 220 17.84 6.49 14.13
C ALA C 220 16.75 6.20 15.16
N ASN C 221 16.44 7.17 16.03
CA ASN C 221 15.38 6.97 17.01
C ASN C 221 14.02 6.82 16.32
N ARG C 222 13.79 7.58 15.24
CA ARG C 222 12.54 7.45 14.51
C ARG C 222 12.40 6.04 13.93
N PHE C 223 13.49 5.49 13.39
CA PHE C 223 13.45 4.12 12.90
C PHE C 223 13.22 3.14 14.04
N ARG C 224 13.81 3.42 15.21
CA ARG C 224 13.58 2.56 16.37
C ARG C 224 12.10 2.55 16.76
N CYS C 225 11.46 3.72 16.73
CA CYS C 225 10.03 3.78 17.01
C CYS C 225 9.24 3.01 15.96
N GLN C 226 9.63 3.13 14.70
CA GLN C 226 8.97 2.36 13.65
C GLN C 226 9.20 0.87 13.86
N ASP C 227 10.41 0.48 14.24
CA ASP C 227 10.68 -0.92 14.54
C ASP C 227 9.90 -1.38 15.76
N GLU C 228 9.76 -0.50 16.76
CA GLU C 228 8.96 -0.85 17.93
C GLU C 228 7.52 -1.10 17.56
N SER C 229 6.96 -0.26 16.67
CA SER C 229 5.60 -0.48 16.21
C SER C 229 5.48 -1.81 15.47
N GLU C 230 6.46 -2.13 14.63
CA GLU C 230 6.47 -3.43 13.98
C GLU C 230 6.60 -4.56 14.98
N ALA C 231 7.45 -4.39 16.00
CA ALA C 231 7.57 -5.39 17.04
C ALA C 231 6.26 -5.55 17.80
N VAL C 232 5.60 -4.43 18.13
CA VAL C 232 4.29 -4.50 18.76
C VAL C 232 3.29 -5.19 17.84
N CYS C 233 3.31 -4.82 16.55
CA CYS C 233 2.43 -5.48 15.60
C CYS C 233 2.80 -6.94 15.41
N SER C 234 4.09 -7.27 15.54
CA SER C 234 4.51 -8.67 15.45
C SER C 234 3.92 -9.50 16.59
N GLU C 235 3.88 -8.93 17.80
CA GLU C 235 3.24 -9.63 18.91
C GLU C 235 1.76 -9.82 18.65
N TRP C 236 1.09 -8.80 18.11
CA TRP C 236 -0.31 -8.92 17.75
C TRP C 236 -0.52 -9.82 16.54
N LYS C 237 0.50 -9.95 15.68
CA LYS C 237 0.38 -10.83 14.52
C LYS C 237 0.17 -12.28 14.95
N PHE C 238 0.92 -12.73 15.95
CA PHE C 238 0.71 -14.09 16.47
C PHE C 238 -0.56 -14.16 17.29
N ALA C 239 -0.85 -13.12 18.09
CA ALA C 239 -2.07 -13.12 18.89
C ALA C 239 -3.31 -12.99 18.01
N ALA C 240 -3.17 -12.39 16.83
CA ALA C 240 -4.31 -12.28 15.91
C ALA C 240 -4.74 -13.65 15.42
N CYS C 241 -3.78 -14.54 15.19
CA CYS C 241 -4.10 -15.90 14.74
C CYS C 241 -4.49 -16.83 15.88
N VAL C 242 -4.33 -16.40 17.12
CA VAL C 242 -4.74 -17.24 18.25
C VAL C 242 -6.24 -17.47 18.20
N VAL C 243 -7.02 -16.42 17.92
CA VAL C 243 -8.45 -16.58 17.77
C VAL C 243 -8.77 -17.47 16.58
N ASP C 244 -8.05 -17.26 15.47
CA ASP C 244 -8.25 -18.12 14.30
C ASP C 244 -7.91 -19.56 14.61
N ARG C 245 -6.78 -19.79 15.29
CA ARG C 245 -6.43 -21.16 15.69
C ARG C 245 -7.42 -21.70 16.70
N LEU C 246 -7.82 -20.87 17.67
CA LEU C 246 -8.81 -21.32 18.66
C LEU C 246 -10.14 -21.63 18.00
N CYS C 247 -10.56 -20.79 17.05
CA CYS C 247 -11.83 -21.05 16.35
C CYS C 247 -11.70 -22.23 15.40
N LEU C 248 -10.51 -22.47 14.85
CA LEU C 248 -10.33 -23.61 13.96
C LEU C 248 -10.57 -24.92 14.70
N MET C 249 -10.04 -25.05 15.91
CA MET C 249 -10.27 -26.26 16.69
C MET C 249 -11.73 -26.37 17.10
N ALA C 250 -12.34 -25.25 17.52
CA ALA C 250 -13.74 -25.28 17.93
C ALA C 250 -14.65 -25.66 16.76
N PHE C 251 -14.39 -25.09 15.58
CA PHE C 251 -15.21 -25.41 14.41
C PHE C 251 -14.89 -26.80 13.85
N SER C 252 -13.71 -27.34 14.14
CA SER C 252 -13.37 -28.67 13.65
C SER C 252 -14.32 -29.72 14.23
N VAL C 253 -14.63 -29.62 15.53
CA VAL C 253 -15.56 -30.55 16.14
C VAL C 253 -16.94 -30.39 15.54
N PHE C 254 -17.38 -29.13 15.35
CA PHE C 254 -18.69 -28.89 14.76
C PHE C 254 -18.75 -29.42 13.33
N THR C 255 -17.68 -29.19 12.56
CA THR C 255 -17.65 -29.68 11.18
C THR C 255 -17.73 -31.21 11.14
N ILE C 256 -17.01 -31.88 12.05
CA ILE C 256 -17.06 -33.33 12.10
C ILE C 256 -18.47 -33.80 12.45
N ILE C 257 -19.13 -33.12 13.39
CA ILE C 257 -20.48 -33.50 13.77
C ILE C 257 -21.43 -33.36 12.59
N CYS C 258 -21.30 -32.26 11.83
CA CYS C 258 -22.16 -32.07 10.67
C CYS C 258 -21.95 -33.17 9.63
N THR C 259 -20.69 -33.53 9.39
CA THR C 259 -20.41 -34.62 8.45
C THR C 259 -21.00 -35.94 8.93
N ILE C 260 -20.87 -36.22 10.23
CA ILE C 260 -21.43 -37.44 10.78
C ILE C 260 -22.95 -37.43 10.66
N GLY C 261 -23.58 -36.29 10.95
CA GLY C 261 -25.03 -36.21 10.84
C GLY C 261 -25.52 -36.47 9.44
N ILE C 262 -24.82 -35.93 8.43
CA ILE C 262 -25.22 -36.16 7.04
C ILE C 262 -25.12 -37.64 6.71
N LEU C 263 -24.05 -38.30 7.15
CA LEU C 263 -23.87 -39.73 6.88
C LEU C 263 -24.70 -40.60 7.81
N MET C 264 -25.30 -40.03 8.86
CA MET C 264 -26.12 -40.78 9.79
C MET C 264 -27.61 -40.54 9.64
N SER C 265 -28.02 -39.38 9.09
CA SER C 265 -29.43 -39.08 8.92
C SER C 265 -29.97 -39.56 7.58
N ALA C 266 -29.14 -39.60 6.55
CA ALA C 266 -29.60 -40.03 5.23
C ALA C 266 -30.15 -41.46 5.25
N PRO C 267 -29.48 -42.44 5.86
CA PRO C 267 -30.03 -43.81 5.84
C PRO C 267 -31.39 -43.92 6.50
N ASN C 268 -31.70 -43.03 7.45
CA ASN C 268 -32.98 -43.09 8.15
C ASN C 268 -34.04 -42.23 7.48
N PHE C 269 -33.67 -41.05 6.98
CA PHE C 269 -34.61 -40.13 6.33
C PHE C 269 -34.54 -40.24 4.82
N VAL C 270 -33.34 -40.04 4.25
CA VAL C 270 -33.16 -40.10 2.80
C VAL C 270 -33.03 -41.55 2.35
N LEU D 7 -26.30 -27.52 -32.81
CA LEU D 7 -25.78 -27.43 -31.45
C LEU D 7 -25.93 -26.02 -30.89
N TYR D 8 -27.18 -25.59 -30.73
CA TYR D 8 -27.43 -24.25 -30.19
C TYR D 8 -26.89 -24.11 -28.77
N TYR D 9 -27.10 -25.13 -27.94
CA TYR D 9 -26.61 -25.09 -26.57
C TYR D 9 -25.10 -25.24 -26.49
N GLY D 10 -24.49 -25.87 -27.50
CA GLY D 10 -23.04 -26.03 -27.48
C GLY D 10 -22.27 -24.78 -27.85
N LEU D 11 -22.91 -23.84 -28.53
CA LEU D 11 -22.27 -22.59 -28.92
C LEU D 11 -22.51 -21.46 -27.92
N ASN D 12 -23.25 -21.71 -26.84
CA ASN D 12 -23.54 -20.70 -25.83
C ASN D 12 -23.29 -21.16 -24.40
N LEU D 13 -23.27 -22.46 -24.13
CA LEU D 13 -23.06 -22.98 -22.79
C LEU D 13 -21.77 -23.78 -22.64
N LEU D 14 -21.39 -24.54 -23.68
CA LEU D 14 -20.14 -25.31 -23.61
C LEU D 14 -18.92 -24.43 -23.82
N ILE D 15 -19.03 -23.40 -24.66
CA ILE D 15 -17.87 -22.54 -24.93
C ILE D 15 -17.36 -21.86 -23.66
N PRO D 16 -18.21 -21.25 -22.83
CA PRO D 16 -17.69 -20.67 -21.58
C PRO D 16 -17.01 -21.68 -20.69
N CYS D 17 -17.47 -22.94 -20.68
CA CYS D 17 -16.85 -23.95 -19.83
C CYS D 17 -15.39 -24.17 -20.19
N VAL D 18 -15.09 -24.25 -21.49
CA VAL D 18 -13.69 -24.43 -21.91
C VAL D 18 -12.96 -23.10 -21.91
N LEU D 19 -13.66 -22.00 -22.20
CA LEU D 19 -13.02 -20.69 -22.18
C LEU D 19 -12.57 -20.32 -20.76
N ILE D 20 -13.40 -20.62 -19.77
CA ILE D 20 -13.04 -20.31 -18.38
C ILE D 20 -11.81 -21.13 -17.97
N SER D 21 -11.77 -22.41 -18.34
CA SER D 21 -10.63 -23.24 -18.00
C SER D 21 -9.34 -22.71 -18.63
N ALA D 22 -9.42 -22.27 -19.88
CA ALA D 22 -8.24 -21.72 -20.54
C ALA D 22 -7.77 -20.44 -19.86
N LEU D 23 -8.71 -19.60 -19.41
CA LEU D 23 -8.35 -18.37 -18.73
C LEU D 23 -7.73 -18.63 -17.36
N ALA D 24 -8.01 -19.78 -16.76
CA ALA D 24 -7.45 -20.09 -15.44
C ALA D 24 -5.96 -20.44 -15.53
N LEU D 25 -5.46 -20.81 -16.71
CA LEU D 25 -4.04 -21.12 -16.83
C LEU D 25 -3.18 -19.88 -16.67
N LEU D 26 -3.66 -18.72 -17.13
CA LEU D 26 -2.90 -17.49 -17.00
C LEU D 26 -2.79 -17.03 -15.55
N VAL D 27 -3.72 -17.45 -14.69
CA VAL D 27 -3.67 -17.05 -13.28
C VAL D 27 -2.42 -17.60 -12.61
N PHE D 28 -1.95 -18.77 -13.04
CA PHE D 28 -0.77 -19.39 -12.46
C PHE D 28 0.52 -18.68 -12.88
N LEU D 29 0.48 -17.89 -13.95
CA LEU D 29 1.66 -17.19 -14.44
C LEU D 29 1.79 -15.78 -13.86
N LEU D 30 0.85 -15.35 -13.02
CA LEU D 30 0.92 -14.02 -12.45
C LEU D 30 2.02 -13.95 -11.38
N PRO D 31 2.60 -12.76 -11.18
CA PRO D 31 3.65 -12.64 -10.16
C PRO D 31 3.12 -12.91 -8.77
N ALA D 32 3.99 -13.49 -7.93
CA ALA D 32 3.60 -13.80 -6.56
C ALA D 32 3.52 -12.55 -5.69
N ASP D 33 4.32 -11.53 -6.00
CA ASP D 33 4.32 -10.31 -5.21
C ASP D 33 3.00 -9.55 -5.30
N SER D 34 2.25 -9.74 -6.38
CA SER D 34 0.98 -9.04 -6.57
C SER D 34 -0.08 -9.75 -5.73
N GLY D 35 -0.43 -9.15 -4.59
CA GLY D 35 -1.43 -9.72 -3.70
C GLY D 35 -2.86 -9.41 -4.09
N GLU D 36 -3.08 -8.55 -5.09
CA GLU D 36 -4.41 -8.19 -5.53
C GLU D 36 -4.98 -9.17 -6.56
N LYS D 37 -4.22 -10.19 -6.95
CA LYS D 37 -4.71 -11.16 -7.92
C LYS D 37 -5.76 -12.09 -7.35
N ILE D 38 -5.97 -12.08 -6.03
CA ILE D 38 -6.97 -12.96 -5.42
C ILE D 38 -8.36 -12.58 -5.91
N SER D 39 -8.60 -11.30 -6.19
CA SER D 39 -9.90 -10.85 -6.66
C SER D 39 -10.15 -11.23 -8.11
N LEU D 40 -9.11 -11.58 -8.87
CA LEU D 40 -9.30 -11.97 -10.26
C LEU D 40 -10.09 -13.27 -10.36
N GLY D 41 -9.85 -14.21 -9.45
CA GLY D 41 -10.55 -15.48 -9.49
C GLY D 41 -11.98 -15.42 -9.01
N ILE D 42 -12.36 -14.37 -8.28
CA ILE D 42 -13.72 -14.27 -7.75
C ILE D 42 -14.71 -14.15 -8.90
N THR D 43 -14.43 -13.27 -9.86
CA THR D 43 -15.34 -13.12 -11.00
C THR D 43 -15.33 -14.35 -11.89
N VAL D 44 -14.17 -14.99 -12.05
CA VAL D 44 -14.10 -16.20 -12.87
C VAL D 44 -14.94 -17.31 -12.24
N LEU D 45 -14.81 -17.49 -10.92
CA LEU D 45 -15.61 -18.51 -10.24
C LEU D 45 -17.08 -18.12 -10.21
N LEU D 46 -17.38 -16.83 -10.06
CA LEU D 46 -18.77 -16.39 -10.04
C LEU D 46 -19.46 -16.66 -11.37
N SER D 47 -18.73 -16.51 -12.48
CA SER D 47 -19.33 -16.74 -13.80
C SER D 47 -19.77 -18.19 -13.94
N LEU D 48 -19.00 -19.13 -13.38
CA LEU D 48 -19.37 -20.54 -13.46
C LEU D 48 -20.70 -20.79 -12.76
N THR D 49 -20.90 -20.19 -11.59
CA THR D 49 -22.17 -20.37 -10.89
C THR D 49 -23.33 -19.78 -11.66
N VAL D 50 -23.13 -18.63 -12.30
CA VAL D 50 -24.20 -18.00 -13.07
C VAL D 50 -24.63 -18.91 -14.22
N PHE D 51 -23.66 -19.48 -14.95
CA PHE D 51 -23.98 -20.38 -16.05
C PHE D 51 -24.46 -21.73 -15.57
N MET D 52 -24.17 -22.09 -14.31
CA MET D 52 -24.62 -23.38 -13.80
C MET D 52 -26.15 -23.44 -13.74
N LEU D 53 -26.79 -22.35 -13.35
CA LEU D 53 -28.25 -22.34 -13.25
C LEU D 53 -28.90 -22.60 -14.61
N LEU D 54 -28.36 -21.99 -15.67
CA LEU D 54 -28.95 -22.16 -16.99
C LEU D 54 -28.89 -23.62 -17.44
N VAL D 55 -27.75 -24.29 -17.21
CA VAL D 55 -27.63 -25.68 -17.62
C VAL D 55 -28.39 -26.61 -16.68
N ALA D 56 -28.58 -26.19 -15.41
CA ALA D 56 -29.29 -27.05 -14.47
C ALA D 56 -30.73 -27.30 -14.92
N GLU D 57 -31.41 -26.25 -15.38
CA GLU D 57 -32.80 -26.42 -15.83
C GLU D 57 -32.86 -27.31 -17.08
N ILE D 58 -31.92 -27.13 -18.00
CA ILE D 58 -31.93 -27.93 -19.23
C ILE D 58 -31.66 -29.40 -18.91
N MET D 59 -30.74 -29.66 -17.98
CA MET D 59 -30.40 -31.04 -17.66
C MET D 59 -31.62 -31.74 -17.04
N PRO D 60 -31.83 -33.02 -17.33
CA PRO D 60 -32.99 -33.72 -16.76
C PRO D 60 -32.81 -34.03 -15.28
N SER D 61 -33.65 -33.44 -14.44
CA SER D 61 -33.56 -33.67 -13.00
C SER D 61 -34.05 -35.07 -12.67
N THR D 62 -33.12 -35.97 -12.39
CA THR D 62 -33.43 -37.35 -12.06
C THR D 62 -33.36 -37.55 -10.54
N SER D 63 -33.53 -38.80 -10.10
CA SER D 63 -33.48 -39.15 -8.69
C SER D 63 -32.15 -39.76 -8.28
N ASP D 64 -31.58 -40.63 -9.12
CA ASP D 64 -30.31 -41.27 -8.80
C ASP D 64 -29.38 -41.35 -10.00
N SER D 65 -29.71 -40.71 -11.12
CA SER D 65 -28.89 -40.75 -12.33
C SER D 65 -28.17 -39.42 -12.50
N SER D 66 -26.86 -39.49 -12.68
CA SER D 66 -26.04 -38.29 -12.86
C SER D 66 -25.66 -38.14 -14.32
N PRO D 67 -26.15 -37.14 -15.04
CA PRO D 67 -25.74 -36.98 -16.44
C PRO D 67 -24.25 -36.77 -16.57
N SER D 68 -23.69 -37.29 -17.67
CA SER D 68 -22.25 -37.18 -17.89
C SER D 68 -21.79 -35.74 -18.11
N ILE D 69 -22.72 -34.84 -18.45
CA ILE D 69 -22.36 -33.44 -18.66
C ILE D 69 -21.87 -32.79 -17.38
N ALA D 70 -22.34 -33.27 -16.22
CA ALA D 70 -21.90 -32.69 -14.96
C ALA D 70 -20.45 -33.02 -14.65
N GLN D 71 -19.93 -34.14 -15.18
CA GLN D 71 -18.55 -34.49 -14.93
C GLN D 71 -17.59 -33.44 -15.48
N TYR D 72 -17.88 -32.94 -16.69
CA TYR D 72 -17.03 -31.89 -17.27
C TYR D 72 -17.04 -30.64 -16.43
N PHE D 73 -18.21 -30.25 -15.91
CA PHE D 73 -18.29 -29.07 -15.06
C PHE D 73 -17.51 -29.26 -13.76
N ALA D 74 -17.49 -30.50 -13.23
CA ALA D 74 -16.73 -30.75 -12.01
C ALA D 74 -15.25 -30.47 -12.22
N SER D 75 -14.70 -30.90 -13.35
CA SER D 75 -13.29 -30.63 -13.63
C SER D 75 -13.04 -29.13 -13.77
N THR D 76 -13.95 -28.42 -14.43
CA THR D 76 -13.77 -26.97 -14.59
C THR D 76 -13.81 -26.27 -13.23
N MET D 77 -14.71 -26.69 -12.35
CA MET D 77 -14.79 -26.09 -11.03
C MET D 77 -13.63 -26.49 -10.12
N ILE D 78 -12.86 -27.50 -10.50
CA ILE D 78 -11.69 -27.92 -9.71
C ILE D 78 -10.48 -27.08 -10.04
N ILE D 79 -10.19 -26.89 -11.34
CA ILE D 79 -9.05 -26.08 -11.74
C ILE D 79 -9.24 -24.64 -11.28
N VAL D 80 -10.44 -24.09 -11.49
CA VAL D 80 -10.70 -22.72 -11.05
C VAL D 80 -10.76 -22.65 -9.53
N GLY D 81 -11.38 -23.65 -8.89
CA GLY D 81 -11.46 -23.65 -7.45
C GLY D 81 -10.11 -23.74 -6.78
N LEU D 82 -9.22 -24.58 -7.32
CA LEU D 82 -7.89 -24.71 -6.75
C LEU D 82 -7.03 -23.48 -7.05
N SER D 83 -7.29 -22.79 -8.15
CA SER D 83 -6.52 -21.60 -8.48
C SER D 83 -6.69 -20.52 -7.42
N VAL D 84 -7.93 -20.32 -6.95
CA VAL D 84 -8.16 -19.33 -5.91
C VAL D 84 -7.44 -19.73 -4.63
N VAL D 85 -7.50 -21.01 -4.27
CA VAL D 85 -6.82 -21.47 -3.06
C VAL D 85 -5.31 -21.30 -3.19
N VAL D 86 -4.76 -21.64 -4.36
CA VAL D 86 -3.32 -21.52 -4.56
C VAL D 86 -2.89 -20.06 -4.45
N THR D 87 -3.65 -19.15 -5.06
CA THR D 87 -3.30 -17.73 -4.99
C THR D 87 -3.32 -17.22 -3.55
N VAL D 88 -4.15 -17.82 -2.70
CA VAL D 88 -4.19 -17.39 -1.30
C VAL D 88 -3.01 -17.98 -0.53
N ILE D 89 -2.56 -19.19 -0.90
CA ILE D 89 -1.42 -19.80 -0.24
C ILE D 89 -0.14 -19.00 -0.46
N VAL D 90 -0.09 -18.20 -1.53
CA VAL D 90 1.11 -17.40 -1.81
C VAL D 90 1.37 -16.44 -0.66
N LEU D 91 0.33 -15.84 -0.10
CA LEU D 91 0.51 -14.92 1.02
C LEU D 91 1.13 -15.61 2.23
N GLN D 92 0.83 -16.90 2.42
CA GLN D 92 1.39 -17.62 3.55
C GLN D 92 2.91 -17.72 3.44
N TYR D 93 3.42 -17.96 2.23
CA TYR D 93 4.86 -18.06 2.04
C TYR D 93 5.57 -16.73 2.30
N HIS D 94 4.94 -15.62 1.90
CA HIS D 94 5.54 -14.30 2.09
C HIS D 94 5.52 -13.83 3.53
N HIS D 95 4.78 -14.53 4.41
CA HIS D 95 4.69 -14.15 5.82
C HIS D 95 5.17 -15.22 6.77
N HIS D 96 5.19 -16.49 6.36
CA HIS D 96 5.62 -17.61 7.20
C HIS D 96 5.12 -17.45 8.64
N ASP D 97 3.81 -17.25 8.76
CA ASP D 97 3.21 -17.05 10.07
C ASP D 97 3.37 -18.33 10.90
N PRO D 98 3.82 -18.24 12.15
CA PRO D 98 3.92 -19.46 12.97
C PRO D 98 2.60 -20.15 13.19
N ASP D 99 1.47 -19.44 13.09
CA ASP D 99 0.15 -20.01 13.28
C ASP D 99 -0.48 -20.48 11.97
N GLY D 100 0.33 -20.90 11.01
CA GLY D 100 -0.17 -21.36 9.72
C GLY D 100 0.69 -20.90 8.57
N GLY D 101 1.07 -21.85 7.71
CA GLY D 101 1.92 -21.57 6.57
C GLY D 101 2.87 -22.73 6.34
N LYS D 102 3.98 -22.44 5.68
CA LYS D 102 5.01 -23.44 5.42
C LYS D 102 6.06 -23.46 6.53
N MET D 103 5.59 -23.56 7.77
CA MET D 103 6.50 -23.60 8.90
C MET D 103 7.44 -24.80 8.88
N PRO D 104 6.97 -26.02 8.62
CA PRO D 104 7.88 -27.18 8.62
C PRO D 104 9.07 -26.98 7.69
N LYS D 105 10.28 -27.11 8.24
CA LYS D 105 11.50 -26.94 7.46
C LYS D 105 11.86 -28.18 6.64
N TRP D 106 11.21 -29.32 6.89
CA TRP D 106 11.53 -30.52 6.14
C TRP D 106 11.25 -30.34 4.66
N THR D 107 10.11 -29.73 4.32
CA THR D 107 9.77 -29.46 2.93
C THR D 107 10.33 -28.15 2.43
N ARG D 108 10.78 -27.26 3.33
CA ARG D 108 11.36 -26.00 2.91
C ARG D 108 12.65 -26.22 2.13
N VAL D 109 13.48 -27.17 2.58
CA VAL D 109 14.75 -27.42 1.90
C VAL D 109 14.50 -27.95 0.50
N ILE D 110 13.48 -28.80 0.34
CA ILE D 110 13.18 -29.35 -0.99
C ILE D 110 12.80 -28.24 -1.95
N LEU D 111 11.95 -27.31 -1.51
CA LEU D 111 11.56 -26.19 -2.37
C LEU D 111 12.76 -25.29 -2.66
N LEU D 112 13.62 -25.07 -1.67
CA LEU D 112 14.79 -24.22 -1.88
C LEU D 112 15.71 -24.81 -2.95
N ASN D 113 15.92 -26.13 -2.92
CA ASN D 113 16.76 -26.76 -3.92
C ASN D 113 16.11 -26.72 -5.30
N TRP D 114 14.77 -26.70 -5.36
CA TRP D 114 14.08 -26.64 -6.64
C TRP D 114 14.32 -25.33 -7.36
N CYS D 115 14.67 -24.26 -6.65
CA CYS D 115 14.91 -22.98 -7.30
C CYS D 115 16.08 -23.08 -8.28
N ALA D 116 17.16 -23.73 -7.88
CA ALA D 116 18.31 -23.91 -8.76
C ALA D 116 18.07 -24.95 -9.84
N TRP D 117 17.13 -25.87 -9.63
CA TRP D 117 16.84 -26.90 -10.62
C TRP D 117 16.03 -26.37 -11.80
N PHE D 118 15.35 -25.24 -11.64
CA PHE D 118 14.56 -24.69 -12.74
C PHE D 118 15.45 -24.33 -13.92
N LEU D 119 16.58 -23.69 -13.65
CA LEU D 119 17.51 -23.33 -14.73
C LEU D 119 18.14 -24.58 -15.34
N ARG D 120 18.55 -25.54 -14.50
CA ARG D 120 19.16 -26.79 -14.95
C ARG D 120 18.55 -27.92 -14.14
N MET D 121 17.52 -28.56 -14.70
CA MET D 121 16.84 -29.65 -14.02
C MET D 121 17.78 -30.87 -13.92
N LYS D 122 17.65 -31.59 -12.81
CA LYS D 122 18.48 -32.77 -12.60
C LYS D 122 18.14 -33.90 -13.56
N ARG D 123 16.98 -33.82 -14.23
CA ARG D 123 16.58 -34.85 -15.17
C ARG D 123 17.40 -34.74 -16.46
N PRO D 124 17.43 -35.81 -17.27
CA PRO D 124 18.19 -35.76 -18.52
C PRO D 124 17.70 -34.70 -19.50
N GLY D 125 16.48 -34.19 -19.33
CA GLY D 125 15.97 -33.21 -20.26
C GLY D 125 16.82 -31.95 -20.32
N GLU D 126 17.35 -31.53 -19.17
CA GLU D 126 18.19 -30.34 -19.08
C GLU D 126 19.65 -30.63 -18.82
N ASP D 127 19.97 -31.80 -18.26
CA ASP D 127 21.35 -32.18 -17.98
C ASP D 127 22.04 -32.86 -19.15
N LYS D 128 21.32 -33.11 -20.25
CA LYS D 128 21.92 -33.76 -21.41
C LYS D 128 22.52 -32.76 -22.38
N VAL D 129 21.92 -31.58 -22.52
CA VAL D 129 22.43 -30.57 -23.46
C VAL D 129 23.42 -29.73 -22.66
N ARG D 130 24.66 -30.21 -22.62
CA ARG D 130 25.74 -29.52 -21.93
C ARG D 130 27.04 -30.26 -22.22
N PRO D 131 28.19 -29.63 -22.02
CA PRO D 131 29.47 -30.31 -22.25
C PRO D 131 29.59 -31.57 -21.41
N ALA D 132 29.75 -32.71 -22.09
CA ALA D 132 29.88 -34.01 -21.45
C ALA D 132 31.23 -34.60 -21.87
N CYS D 133 32.26 -34.33 -21.08
CA CYS D 133 33.61 -34.81 -21.36
C CYS D 133 34.30 -35.07 -20.02
N GLN D 134 35.61 -35.35 -20.09
CA GLN D 134 36.42 -35.63 -18.92
C GLN D 134 37.29 -34.43 -18.52
N HIS D 135 36.83 -33.21 -18.83
CA HIS D 135 37.59 -32.02 -18.49
C HIS D 135 37.48 -31.74 -16.99
N LYS D 136 38.36 -30.85 -16.52
CA LYS D 136 38.37 -30.50 -15.11
C LYS D 136 37.07 -29.84 -14.65
N GLN D 137 36.31 -29.27 -15.58
CA GLN D 137 35.06 -28.61 -15.22
C GLN D 137 33.99 -29.59 -14.77
N ARG D 138 34.16 -30.90 -15.04
CA ARG D 138 33.21 -31.92 -14.63
C ARG D 138 33.78 -32.87 -13.59
N ARG D 139 34.96 -32.57 -13.05
CA ARG D 139 35.59 -33.41 -12.05
C ARG D 139 35.16 -32.97 -10.65
N CYS D 140 35.68 -33.66 -9.63
CA CYS D 140 35.38 -33.37 -8.24
C CYS D 140 36.68 -33.14 -7.48
N SER D 141 36.65 -32.19 -6.55
CA SER D 141 37.81 -31.87 -5.74
C SER D 141 37.33 -31.40 -4.37
N LEU D 142 38.25 -30.86 -3.57
CA LEU D 142 37.89 -30.39 -2.23
C LEU D 142 36.96 -29.18 -2.29
N ALA D 143 37.14 -28.31 -3.29
CA ALA D 143 36.29 -27.13 -3.38
C ALA D 143 34.84 -27.51 -3.65
N SER D 144 34.62 -28.51 -4.52
CA SER D 144 33.25 -28.90 -4.84
C SER D 144 32.59 -29.59 -3.65
N VAL D 145 33.35 -30.38 -2.89
CA VAL D 145 32.82 -31.10 -1.75
C VAL D 145 32.93 -30.18 -0.53
N GLU D 146 31.80 -29.65 -0.08
CA GLU D 146 31.74 -28.76 1.08
C GLU D 146 31.22 -29.47 2.32
N MET D 147 31.18 -30.80 2.31
CA MET D 147 30.68 -31.54 3.47
C MET D 147 31.64 -31.49 4.64
N SER D 148 32.91 -31.15 4.41
CA SER D 148 33.93 -31.06 5.45
C SER D 148 34.23 -29.62 5.82
N ALA D 149 33.22 -28.75 5.83
CA ALA D 149 33.39 -27.34 6.18
C ALA D 149 34.41 -26.67 5.26
N VAL D 150 34.26 -26.90 3.96
CA VAL D 150 35.13 -26.30 2.95
C VAL D 150 34.39 -25.14 2.30
N ALA D 151 35.06 -24.00 2.20
CA ALA D 151 34.44 -22.84 1.61
C ALA D 151 34.12 -23.09 0.14
N PRO D 152 33.00 -22.59 -0.37
CA PRO D 152 32.65 -22.83 -1.78
C PRO D 152 33.58 -22.06 -2.71
N PRO D 153 33.67 -22.46 -3.97
CA PRO D 153 34.54 -21.74 -4.92
C PRO D 153 34.15 -20.29 -5.02
N PRO D 154 35.11 -19.38 -5.21
CA PRO D 154 34.77 -17.95 -5.33
C PRO D 154 33.79 -17.71 -6.46
N ALA D 155 32.62 -17.18 -6.11
CA ALA D 155 31.59 -16.87 -7.09
C ALA D 155 30.71 -15.76 -6.55
N SER D 156 30.05 -15.05 -7.47
CA SER D 156 29.15 -13.95 -7.12
C SER D 156 27.70 -14.40 -7.00
N ASN D 157 27.43 -15.70 -7.06
CA ASN D 157 26.08 -16.23 -6.99
C ASN D 157 25.68 -16.63 -5.58
N GLY D 158 26.48 -16.28 -4.57
CA GLY D 158 26.16 -16.60 -3.19
C GLY D 158 27.16 -17.54 -2.55
N ASN D 159 28.40 -17.50 -3.02
CA ASN D 159 29.47 -18.35 -2.49
C ASN D 159 30.58 -17.53 -1.85
N LEU D 160 31.06 -16.49 -2.53
CA LEU D 160 32.11 -15.64 -1.97
C LEU D 160 31.56 -14.53 -1.09
N LEU D 161 30.36 -14.04 -1.38
CA LEU D 161 29.77 -12.99 -0.57
C LEU D 161 29.30 -13.50 0.78
N TYR D 162 28.81 -14.74 0.84
CA TYR D 162 28.32 -15.28 2.10
C TYR D 162 29.44 -15.39 3.13
N ILE D 163 30.61 -15.86 2.71
CA ILE D 163 31.72 -16.04 3.64
C ILE D 163 32.31 -14.68 4.05
N GLY D 164 32.01 -13.62 3.33
CA GLY D 164 32.56 -12.31 3.63
C GLY D 164 31.78 -11.56 4.68
N PHE D 165 30.48 -11.36 4.44
CA PHE D 165 29.63 -10.61 5.36
C PHE D 165 29.01 -11.49 6.43
N ARG D 166 28.54 -12.68 6.06
CA ARG D 166 27.90 -13.60 6.99
C ARG D 166 28.88 -14.55 7.64
N GLY D 167 30.17 -14.43 7.36
CA GLY D 167 31.18 -15.28 7.96
C GLY D 167 31.56 -14.84 9.35
N LEU D 168 30.63 -14.93 10.29
CA LEU D 168 30.89 -14.51 11.66
C LEU D 168 31.86 -15.47 12.34
N ASP D 169 32.51 -14.98 13.39
CA ASP D 169 33.49 -15.76 14.14
C ASP D 169 34.64 -16.23 13.26
N GLY D 170 35.00 -15.43 12.26
CA GLY D 170 36.07 -15.77 11.35
C GLY D 170 37.14 -14.70 11.28
N VAL D 171 38.00 -14.78 10.26
CA VAL D 171 39.07 -13.80 10.10
C VAL D 171 38.50 -12.41 9.85
N HIS D 172 37.38 -12.33 9.12
CA HIS D 172 36.81 -11.03 8.81
C HIS D 172 36.39 -10.27 10.07
N CYS D 173 35.78 -10.97 11.03
CA CYS D 173 35.30 -10.35 12.26
C CYS D 173 36.21 -10.58 13.44
N VAL D 174 36.73 -11.80 13.62
CA VAL D 174 37.59 -12.12 14.76
C VAL D 174 38.87 -12.76 14.24
N PRO D 175 39.85 -11.97 13.79
CA PRO D 175 41.12 -12.56 13.31
C PRO D 175 42.02 -13.02 14.44
N THR D 176 41.66 -14.15 15.04
CA THR D 176 42.44 -14.69 16.15
C THR D 176 43.89 -14.98 15.75
N PRO D 177 44.18 -15.61 14.61
CA PRO D 177 45.57 -15.87 14.26
C PRO D 177 46.37 -14.57 14.16
N ASP D 178 47.63 -14.63 14.59
CA ASP D 178 48.51 -13.47 14.57
C ASP D 178 48.92 -13.19 13.13
N SER D 179 48.30 -12.20 12.52
CA SER D 179 48.63 -11.83 11.14
C SER D 179 49.97 -11.11 11.06
N GLY D 180 50.30 -10.30 12.05
CA GLY D 180 51.57 -9.58 12.03
C GLY D 180 51.67 -8.57 10.91
N VAL D 181 50.57 -7.86 10.63
CA VAL D 181 50.58 -6.86 9.58
C VAL D 181 50.87 -5.47 10.13
N VAL D 182 50.41 -5.17 11.34
CA VAL D 182 50.63 -3.85 11.93
C VAL D 182 52.07 -3.66 12.36
N CYS D 183 52.83 -4.75 12.51
CA CYS D 183 54.23 -4.65 12.93
C CYS D 183 55.15 -5.57 12.15
N GLY D 184 54.65 -6.27 11.13
CA GLY D 184 55.47 -7.16 10.34
C GLY D 184 55.43 -6.86 8.86
N ARG D 185 54.42 -6.11 8.43
CA ARG D 185 54.24 -5.74 7.03
C ARG D 185 53.98 -4.25 6.94
N MET D 186 53.74 -3.77 5.71
CA MET D 186 53.48 -2.35 5.46
C MET D 186 52.32 -2.19 4.49
N ALA D 187 51.39 -3.14 4.48
CA ALA D 187 50.22 -3.08 3.61
C ALA D 187 49.18 -2.20 4.27
N CYS D 188 49.22 -0.91 3.92
CA CYS D 188 48.29 0.09 4.46
C CYS D 188 48.41 0.25 5.96
N SER D 189 49.53 -0.18 6.54
CA SER D 189 49.75 -0.09 7.98
C SER D 189 51.25 0.00 8.22
N PRO D 190 51.79 1.21 8.45
CA PRO D 190 53.22 1.34 8.70
C PRO D 190 53.65 0.55 9.94
N THR D 191 54.86 0.01 9.88
CA THR D 191 55.38 -0.77 11.00
C THR D 191 55.45 0.08 12.26
N HIS D 192 54.97 -0.47 13.37
CA HIS D 192 54.96 0.22 14.66
C HIS D 192 54.20 1.55 14.54
N ASP D 193 52.91 1.43 14.21
CA ASP D 193 52.05 2.58 14.04
C ASP D 193 51.33 2.98 15.34
N GLU D 194 51.57 2.25 16.44
CA GLU D 194 50.94 2.59 17.70
C GLU D 194 51.40 3.94 18.24
N HIS D 195 52.59 4.39 17.85
CA HIS D 195 53.13 5.67 18.28
C HIS D 195 53.14 6.71 17.16
N LEU D 196 52.37 6.48 16.10
CA LEU D 196 52.30 7.40 14.96
C LEU D 196 51.34 8.53 15.34
N LEU D 197 51.89 9.58 15.93
CA LEU D 197 51.13 10.74 16.37
C LEU D 197 51.26 11.85 15.34
N HIS D 198 50.12 12.31 14.82
CA HIS D 198 50.10 13.39 13.84
C HIS D 198 50.08 14.73 14.59
N GLY D 199 51.27 15.18 14.97
CA GLY D 199 51.39 16.40 15.74
C GLY D 199 51.03 16.26 17.21
N GLY D 200 51.10 15.05 17.76
CA GLY D 200 50.76 14.78 19.13
C GLY D 200 49.41 14.15 19.33
N GLN D 201 48.54 14.21 18.33
CA GLN D 201 47.22 13.60 18.42
C GLN D 201 47.30 12.10 18.16
N PRO D 202 46.36 11.33 18.68
CA PRO D 202 46.38 9.87 18.46
C PRO D 202 45.99 9.55 17.03
N PRO D 203 46.03 8.27 16.65
CA PRO D 203 45.64 7.91 15.27
C PRO D 203 44.24 8.37 14.90
N GLU D 204 43.31 8.33 15.85
CA GLU D 204 41.95 8.78 15.62
C GLU D 204 41.85 10.28 15.90
N GLY D 205 41.46 11.05 14.88
CA GLY D 205 41.38 12.49 15.06
C GLY D 205 40.38 12.90 16.13
N ASP D 206 39.24 12.21 16.18
CA ASP D 206 38.21 12.52 17.15
C ASP D 206 37.45 11.26 17.54
N PRO D 207 37.47 10.85 18.81
CA PRO D 207 36.69 9.67 19.21
C PRO D 207 35.19 9.82 18.98
N ASP D 208 34.69 11.05 18.93
CA ASP D 208 33.26 11.25 18.70
C ASP D 208 32.83 10.71 17.33
N LEU D 209 33.74 10.71 16.36
CA LEU D 209 33.40 10.19 15.04
C LEU D 209 33.10 8.69 15.11
N ALA D 210 33.77 7.97 16.01
CA ALA D 210 33.49 6.54 16.15
C ALA D 210 32.05 6.30 16.59
N LYS D 211 31.56 7.11 17.52
CA LYS D 211 30.17 6.97 17.96
C LYS D 211 29.21 7.25 16.81
N ILE D 212 29.50 8.26 15.98
CA ILE D 212 28.64 8.57 14.84
C ILE D 212 28.62 7.38 13.88
N LEU D 213 29.78 6.78 13.62
CA LEU D 213 29.83 5.63 12.74
C LEU D 213 28.96 4.48 13.27
N GLU D 214 29.06 4.21 14.57
CA GLU D 214 28.21 3.17 15.15
C GLU D 214 26.74 3.53 15.05
N GLU D 215 26.39 4.79 15.32
CA GLU D 215 25.00 5.23 15.19
C GLU D 215 24.55 5.15 13.73
N VAL D 216 25.41 5.57 12.79
CA VAL D 216 25.07 5.49 11.38
C VAL D 216 24.96 4.04 10.94
N ARG D 217 25.80 3.16 11.50
CA ARG D 217 25.72 1.75 11.13
C ARG D 217 24.37 1.15 11.47
N TYR D 218 23.73 1.61 12.55
CA TYR D 218 22.41 1.12 12.90
C TYR D 218 21.40 1.45 11.81
N ILE D 219 21.45 2.68 11.28
CA ILE D 219 20.57 3.06 10.19
C ILE D 219 20.83 2.20 8.97
N ALA D 220 22.11 1.99 8.64
CA ALA D 220 22.45 1.11 7.53
C ALA D 220 22.11 -0.33 7.83
N ASN D 221 22.27 -0.76 9.10
CA ASN D 221 21.92 -2.11 9.48
C ASN D 221 20.42 -2.34 9.38
N ARG D 222 19.61 -1.34 9.72
CA ARG D 222 18.16 -1.47 9.59
C ARG D 222 17.77 -1.70 8.13
N PHE D 223 18.40 -0.97 7.21
CA PHE D 223 18.14 -1.20 5.79
C PHE D 223 18.61 -2.58 5.36
N ARG D 224 19.73 -3.07 5.93
CA ARG D 224 20.19 -4.41 5.61
C ARG D 224 19.16 -5.45 6.04
N CYS D 225 18.58 -5.28 7.22
CA CYS D 225 17.53 -6.19 7.67
C CYS D 225 16.33 -6.12 6.76
N GLN D 226 15.94 -4.91 6.33
CA GLN D 226 14.85 -4.77 5.37
C GLN D 226 15.21 -5.43 4.05
N ASP D 227 16.44 -5.26 3.59
CA ASP D 227 16.88 -5.93 2.37
C ASP D 227 16.91 -7.44 2.56
N GLU D 228 17.32 -7.90 3.74
CA GLU D 228 17.31 -9.34 4.02
C GLU D 228 15.89 -9.89 3.95
N SER D 229 14.91 -9.16 4.50
CA SER D 229 13.52 -9.60 4.41
C SER D 229 13.08 -9.66 2.95
N GLU D 230 13.45 -8.65 2.16
CA GLU D 230 13.13 -8.69 0.74
C GLU D 230 13.84 -9.85 0.05
N ALA D 231 15.10 -10.11 0.41
CA ALA D 231 15.81 -11.25 -0.15
C ALA D 231 15.13 -12.56 0.24
N VAL D 232 14.70 -12.67 1.49
CA VAL D 232 13.96 -13.86 1.92
C VAL D 232 12.65 -13.96 1.15
N CYS D 233 11.95 -12.84 1.01
CA CYS D 233 10.71 -12.84 0.22
C CYS D 233 11.00 -13.11 -1.25
N SER D 234 12.15 -12.68 -1.76
CA SER D 234 12.51 -12.99 -3.14
C SER D 234 12.65 -14.49 -3.36
N GLU D 235 13.27 -15.20 -2.41
CA GLU D 235 13.35 -16.64 -2.50
C GLU D 235 11.96 -17.27 -2.47
N TRP D 236 11.09 -16.76 -1.60
CA TRP D 236 9.71 -17.25 -1.55
C TRP D 236 8.91 -16.81 -2.75
N LYS D 237 9.28 -15.70 -3.39
CA LYS D 237 8.56 -15.25 -4.59
C LYS D 237 8.68 -16.29 -5.70
N PHE D 238 9.88 -16.84 -5.91
CA PHE D 238 10.04 -17.89 -6.91
C PHE D 238 9.42 -19.20 -6.42
N ALA D 239 9.59 -19.52 -5.14
CA ALA D 239 9.00 -20.74 -4.60
C ALA D 239 7.48 -20.66 -4.55
N ALA D 240 6.93 -19.45 -4.44
CA ALA D 240 5.48 -19.30 -4.44
C ALA D 240 4.89 -19.72 -5.79
N CYS D 241 5.58 -19.42 -6.88
CA CYS D 241 5.12 -19.80 -8.21
C CYS D 241 5.44 -21.24 -8.57
N VAL D 242 6.25 -21.94 -7.76
CA VAL D 242 6.54 -23.34 -8.02
C VAL D 242 5.26 -24.16 -7.95
N VAL D 243 4.42 -23.91 -6.95
CA VAL D 243 3.14 -24.59 -6.87
C VAL D 243 2.26 -24.21 -8.05
N ASP D 244 2.25 -22.92 -8.41
CA ASP D 244 1.48 -22.49 -9.56
C ASP D 244 1.98 -23.15 -10.84
N ARG D 245 3.30 -23.19 -11.03
CA ARG D 245 3.86 -23.88 -12.19
C ARG D 245 3.61 -25.38 -12.12
N LEU D 246 3.78 -25.97 -10.93
CA LEU D 246 3.51 -27.40 -10.78
C LEU D 246 2.04 -27.70 -11.04
N CYS D 247 1.13 -26.86 -10.52
CA CYS D 247 -0.28 -27.08 -10.76
C CYS D 247 -0.66 -26.80 -12.21
N LEU D 248 0.04 -25.87 -12.86
CA LEU D 248 -0.26 -25.57 -14.26
C LEU D 248 -0.02 -26.80 -15.14
N MET D 249 1.09 -27.49 -14.92
CA MET D 249 1.35 -28.71 -15.69
C MET D 249 0.36 -29.81 -15.35
N ALA D 250 0.05 -29.97 -14.06
CA ALA D 250 -0.91 -31.00 -13.65
C ALA D 250 -2.29 -30.73 -14.24
N PHE D 251 -2.73 -29.48 -14.20
CA PHE D 251 -4.04 -29.14 -14.77
C PHE D 251 -4.04 -29.14 -16.29
N SER D 252 -2.87 -28.97 -16.91
CA SER D 252 -2.81 -28.98 -18.37
C SER D 252 -3.25 -30.34 -18.92
N VAL D 253 -2.80 -31.42 -18.29
CA VAL D 253 -3.21 -32.76 -18.73
C VAL D 253 -4.70 -32.94 -18.53
N PHE D 254 -5.21 -32.51 -17.36
CA PHE D 254 -6.64 -32.63 -17.10
C PHE D 254 -7.45 -31.79 -18.08
N THR D 255 -6.99 -30.57 -18.38
CA THR D 255 -7.69 -29.73 -19.33
C THR D 255 -7.73 -30.37 -20.71
N ILE D 256 -6.60 -30.97 -21.13
CA ILE D 256 -6.57 -31.64 -22.43
C ILE D 256 -7.54 -32.80 -22.45
N ILE D 257 -7.59 -33.57 -21.36
CA ILE D 257 -8.51 -34.72 -21.29
C ILE D 257 -9.95 -34.24 -21.39
N CYS D 258 -10.28 -33.15 -20.68
CA CYS D 258 -11.64 -32.64 -20.74
C CYS D 258 -12.00 -32.20 -22.15
N THR D 259 -11.08 -31.51 -22.83
CA THR D 259 -11.34 -31.10 -24.21
C THR D 259 -11.52 -32.30 -25.12
N ILE D 260 -10.69 -33.33 -24.95
CA ILE D 260 -10.82 -34.54 -25.75
C ILE D 260 -12.17 -35.21 -25.49
N GLY D 261 -12.58 -35.28 -24.22
CA GLY D 261 -13.84 -35.91 -23.90
C GLY D 261 -15.02 -35.21 -24.55
N ILE D 262 -15.00 -33.87 -24.58
CA ILE D 262 -16.08 -33.12 -25.21
C ILE D 262 -16.14 -33.44 -26.70
N LEU D 263 -14.98 -33.50 -27.36
CA LEU D 263 -14.91 -33.81 -28.78
C LEU D 263 -15.06 -35.30 -29.06
N MET D 264 -15.02 -36.15 -28.04
CA MET D 264 -15.15 -37.58 -28.22
C MET D 264 -16.49 -38.13 -27.75
N SER D 265 -17.18 -37.45 -26.84
CA SER D 265 -18.47 -37.92 -26.35
C SER D 265 -19.64 -37.38 -27.15
N ALA D 266 -19.50 -36.18 -27.73
CA ALA D 266 -20.61 -35.60 -28.49
C ALA D 266 -20.99 -36.47 -29.68
N PRO D 267 -20.06 -36.99 -30.49
CA PRO D 267 -20.48 -37.82 -31.63
C PRO D 267 -21.26 -39.05 -31.23
N ASN D 268 -21.05 -39.57 -30.02
CA ASN D 268 -21.74 -40.77 -29.57
C ASN D 268 -23.03 -40.45 -28.83
N PHE D 269 -23.02 -39.40 -28.00
CA PHE D 269 -24.19 -39.02 -27.22
C PHE D 269 -24.96 -37.86 -27.88
N VAL D 270 -24.27 -36.75 -28.14
CA VAL D 270 -24.91 -35.59 -28.75
C VAL D 270 -24.99 -35.79 -30.27
N LEU E 7 -38.68 0.54 -31.76
CA LEU E 7 -37.98 -0.65 -31.29
C LEU E 7 -37.78 -0.61 -29.77
N TYR E 8 -38.76 -1.16 -29.04
CA TYR E 8 -38.66 -1.17 -27.58
C TYR E 8 -37.45 -1.97 -27.12
N TYR E 9 -37.20 -3.12 -27.74
CA TYR E 9 -36.06 -3.94 -27.37
C TYR E 9 -34.73 -3.30 -27.79
N GLY E 10 -34.76 -2.39 -28.76
CA GLY E 10 -33.55 -1.74 -29.23
C GLY E 10 -33.09 -0.58 -28.38
N LEU E 11 -33.84 -0.21 -27.34
CA LEU E 11 -33.47 0.89 -26.46
C LEU E 11 -33.01 0.45 -25.09
N ASN E 12 -33.40 -0.75 -24.64
CA ASN E 12 -33.01 -1.26 -23.33
C ASN E 12 -32.05 -2.43 -23.42
N LEU E 13 -31.75 -2.94 -24.61
CA LEU E 13 -30.84 -4.06 -24.80
C LEU E 13 -29.68 -3.73 -25.74
N LEU E 14 -29.94 -2.96 -26.80
CA LEU E 14 -28.87 -2.58 -27.70
C LEU E 14 -28.08 -1.39 -27.18
N ILE E 15 -28.76 -0.43 -26.54
CA ILE E 15 -28.06 0.75 -26.00
C ILE E 15 -27.02 0.35 -24.97
N PRO E 16 -27.33 -0.49 -23.97
CA PRO E 16 -26.28 -0.91 -23.03
C PRO E 16 -25.11 -1.61 -23.69
N CYS E 17 -25.35 -2.37 -24.77
CA CYS E 17 -24.27 -3.09 -25.42
C CYS E 17 -23.23 -2.13 -25.99
N VAL E 18 -23.67 -1.07 -26.66
CA VAL E 18 -22.73 -0.12 -27.23
C VAL E 18 -22.08 0.72 -26.14
N LEU E 19 -22.81 1.02 -25.06
CA LEU E 19 -22.24 1.80 -23.96
C LEU E 19 -21.09 1.03 -23.30
N ILE E 20 -21.26 -0.28 -23.10
CA ILE E 20 -20.20 -1.08 -22.49
C ILE E 20 -18.96 -1.08 -23.38
N SER E 21 -19.17 -1.24 -24.69
CA SER E 21 -18.03 -1.24 -25.61
C SER E 21 -17.31 0.10 -25.59
N ALA E 22 -18.06 1.21 -25.56
CA ALA E 22 -17.44 2.52 -25.50
C ALA E 22 -16.67 2.73 -24.20
N LEU E 23 -17.23 2.24 -23.09
CA LEU E 23 -16.56 2.38 -21.80
C LEU E 23 -15.30 1.52 -21.70
N ALA E 24 -15.19 0.47 -22.52
CA ALA E 24 -14.02 -0.39 -22.48
C ALA E 24 -12.81 0.28 -23.12
N LEU E 25 -13.01 1.30 -23.96
CA LEU E 25 -11.88 1.98 -24.57
C LEU E 25 -11.11 2.81 -23.56
N LEU E 26 -11.79 3.33 -22.54
CA LEU E 26 -11.12 4.14 -21.52
C LEU E 26 -10.26 3.28 -20.61
N VAL E 27 -10.53 1.98 -20.52
CA VAL E 27 -9.72 1.12 -19.66
C VAL E 27 -8.29 1.03 -20.17
N PHE E 28 -8.10 1.11 -21.49
CA PHE E 28 -6.77 1.03 -22.06
C PHE E 28 -5.94 2.29 -21.82
N LEU E 29 -6.58 3.40 -21.48
CA LEU E 29 -5.90 4.67 -21.23
C LEU E 29 -5.53 4.86 -19.76
N LEU E 30 -5.86 3.92 -18.89
CA LEU E 30 -5.55 4.06 -17.48
C LEU E 30 -4.06 3.85 -17.24
N PRO E 31 -3.50 4.48 -16.20
CA PRO E 31 -2.07 4.30 -15.92
C PRO E 31 -1.74 2.86 -15.59
N ALA E 32 -0.53 2.44 -15.99
CA ALA E 32 -0.10 1.07 -15.72
C ALA E 32 0.28 0.89 -14.25
N ASP E 33 0.77 1.95 -13.59
CA ASP E 33 1.18 1.84 -12.20
C ASP E 33 0.01 1.53 -11.27
N SER E 34 -1.22 1.88 -11.65
CA SER E 34 -2.39 1.66 -10.82
C SER E 34 -2.80 0.19 -10.95
N GLY E 35 -2.49 -0.60 -9.92
CA GLY E 35 -2.85 -2.01 -9.92
C GLY E 35 -4.27 -2.32 -9.50
N GLU E 36 -5.02 -1.30 -9.07
CA GLU E 36 -6.40 -1.49 -8.64
C GLU E 36 -7.40 -1.39 -9.79
N LYS E 37 -6.94 -1.14 -11.01
CA LYS E 37 -7.83 -1.04 -12.16
C LYS E 37 -8.36 -2.40 -12.60
N ILE E 38 -7.82 -3.50 -12.07
CA ILE E 38 -8.31 -4.82 -12.46
C ILE E 38 -9.75 -5.01 -12.03
N SER E 39 -10.16 -4.42 -10.90
CA SER E 39 -11.53 -4.55 -10.43
C SER E 39 -12.51 -3.74 -11.25
N LEU E 40 -12.04 -2.76 -12.02
CA LEU E 40 -12.94 -1.96 -12.84
C LEU E 40 -13.62 -2.81 -13.90
N GLY E 41 -12.89 -3.76 -14.50
CA GLY E 41 -13.46 -4.61 -15.53
C GLY E 41 -14.39 -5.69 -15.02
N ILE E 42 -14.34 -6.00 -13.72
CA ILE E 42 -15.19 -7.05 -13.18
C ILE E 42 -16.66 -6.66 -13.29
N THR E 43 -16.99 -5.43 -12.89
CA THR E 43 -18.38 -4.98 -12.97
C THR E 43 -18.82 -4.82 -14.42
N VAL E 44 -17.93 -4.34 -15.29
CA VAL E 44 -18.27 -4.19 -16.70
C VAL E 44 -18.57 -5.54 -17.32
N LEU E 45 -17.73 -6.54 -17.06
CA LEU E 45 -17.99 -7.88 -17.58
C LEU E 45 -19.22 -8.50 -16.94
N LEU E 46 -19.44 -8.22 -15.65
CA LEU E 46 -20.62 -8.75 -14.98
C LEU E 46 -21.90 -8.19 -15.58
N SER E 47 -21.88 -6.92 -15.97
CA SER E 47 -23.08 -6.30 -16.55
C SER E 47 -23.50 -7.02 -17.82
N LEU E 48 -22.54 -7.44 -18.64
CA LEU E 48 -22.87 -8.15 -19.86
C LEU E 48 -23.61 -9.45 -19.58
N THR E 49 -23.16 -10.19 -18.56
CA THR E 49 -23.84 -11.44 -18.21
C THR E 49 -25.24 -11.18 -17.71
N VAL E 50 -25.45 -10.11 -16.94
CA VAL E 50 -26.78 -9.81 -16.42
C VAL E 50 -27.74 -9.53 -17.57
N PHE E 51 -27.31 -8.74 -18.55
CA PHE E 51 -28.16 -8.45 -19.70
C PHE E 51 -28.29 -9.63 -20.64
N MET E 52 -27.36 -10.60 -20.57
CA MET E 52 -27.44 -11.76 -21.45
C MET E 52 -28.69 -12.58 -21.16
N LEU E 53 -29.05 -12.71 -19.89
CA LEU E 53 -30.23 -13.50 -19.53
C LEU E 53 -31.50 -12.91 -20.14
N LEU E 54 -31.62 -11.58 -20.11
CA LEU E 54 -32.81 -10.94 -20.66
C LEU E 54 -32.95 -11.23 -22.16
N VAL E 55 -31.85 -11.15 -22.91
CA VAL E 55 -31.92 -11.40 -24.34
C VAL E 55 -31.98 -12.88 -24.67
N ALA E 56 -31.52 -13.74 -23.77
CA ALA E 56 -31.55 -15.18 -24.04
C ALA E 56 -32.98 -15.68 -24.19
N GLU E 57 -33.88 -15.23 -23.32
CA GLU E 57 -35.27 -15.67 -23.40
C GLU E 57 -35.95 -15.10 -24.65
N ILE E 58 -35.64 -13.84 -24.99
CA ILE E 58 -36.26 -13.23 -26.16
C ILE E 58 -35.81 -13.94 -27.44
N MET E 59 -34.53 -14.30 -27.51
CA MET E 59 -34.03 -14.95 -28.71
C MET E 59 -34.72 -16.29 -28.90
N PRO E 60 -35.00 -16.68 -30.15
CA PRO E 60 -35.68 -17.97 -30.38
C PRO E 60 -34.74 -19.14 -30.16
N SER E 61 -35.07 -19.97 -29.17
CA SER E 61 -34.25 -21.14 -28.87
C SER E 61 -34.43 -22.19 -29.95
N THR E 62 -33.34 -22.55 -30.61
CA THR E 62 -33.33 -23.54 -31.68
C THR E 62 -32.38 -24.68 -31.32
N SER E 63 -32.22 -25.61 -32.24
CA SER E 63 -31.36 -26.77 -32.06
C SER E 63 -30.01 -26.62 -32.78
N ASP E 64 -30.01 -26.03 -33.97
CA ASP E 64 -28.77 -25.85 -34.73
C ASP E 64 -28.68 -24.49 -35.40
N SER E 65 -29.61 -23.57 -35.12
CA SER E 65 -29.62 -22.25 -35.73
C SER E 65 -29.13 -21.22 -34.71
N SER E 66 -28.16 -20.41 -35.13
CA SER E 66 -27.60 -19.38 -34.27
C SER E 66 -28.06 -18.01 -34.75
N PRO E 67 -28.90 -17.29 -34.00
CA PRO E 67 -29.32 -15.96 -34.46
C PRO E 67 -28.13 -15.02 -34.63
N SER E 68 -28.23 -14.13 -35.62
CA SER E 68 -27.16 -13.20 -35.90
C SER E 68 -26.92 -12.22 -34.76
N ILE E 69 -27.90 -12.02 -33.88
CA ILE E 69 -27.73 -11.10 -32.76
C ILE E 69 -26.66 -11.59 -31.80
N ALA E 70 -26.42 -12.91 -31.74
CA ALA E 70 -25.39 -13.42 -30.84
C ALA E 70 -23.99 -13.03 -31.30
N GLN E 71 -23.79 -12.84 -32.60
CA GLN E 71 -22.47 -12.47 -33.09
C GLN E 71 -22.03 -11.12 -32.53
N TYR E 72 -22.96 -10.15 -32.48
CA TYR E 72 -22.62 -8.84 -31.93
C TYR E 72 -22.22 -8.94 -30.47
N PHE E 73 -22.93 -9.76 -29.69
CA PHE E 73 -22.58 -9.94 -28.29
C PHE E 73 -21.21 -10.59 -28.14
N ALA E 74 -20.87 -11.53 -29.03
CA ALA E 74 -19.56 -12.17 -28.95
C ALA E 74 -18.44 -11.15 -29.13
N SER E 75 -18.59 -10.24 -30.09
CA SER E 75 -17.58 -9.21 -30.30
C SER E 75 -17.47 -8.30 -29.08
N THR E 76 -18.61 -7.93 -28.48
CA THR E 76 -18.58 -7.09 -27.29
C THR E 76 -17.86 -7.80 -26.14
N MET E 77 -18.12 -9.09 -25.95
CA MET E 77 -17.49 -9.85 -24.89
C MET E 77 -16.01 -10.10 -25.15
N ILE E 78 -15.54 -9.90 -26.38
CA ILE E 78 -14.12 -10.10 -26.68
C ILE E 78 -13.31 -8.88 -26.27
N ILE E 79 -13.79 -7.69 -26.62
CA ILE E 79 -13.08 -6.46 -26.24
C ILE E 79 -13.04 -6.32 -24.73
N VAL E 80 -14.18 -6.56 -24.07
CA VAL E 80 -14.22 -6.48 -22.61
C VAL E 80 -13.44 -7.63 -21.99
N GLY E 81 -13.59 -8.84 -22.55
CA GLY E 81 -12.87 -9.97 -22.00
C GLY E 81 -11.36 -9.83 -22.10
N LEU E 82 -10.88 -9.31 -23.23
CA LEU E 82 -9.44 -9.12 -23.39
C LEU E 82 -8.93 -7.96 -22.54
N SER E 83 -9.78 -6.97 -22.26
CA SER E 83 -9.36 -5.85 -21.45
C SER E 83 -8.97 -6.29 -20.06
N VAL E 84 -9.76 -7.19 -19.46
CA VAL E 84 -9.42 -7.70 -18.13
C VAL E 84 -8.10 -8.45 -18.17
N VAL E 85 -7.90 -9.29 -19.19
CA VAL E 85 -6.66 -10.05 -19.31
C VAL E 85 -5.47 -9.10 -19.49
N VAL E 86 -5.64 -8.08 -20.34
CA VAL E 86 -4.54 -7.15 -20.57
C VAL E 86 -4.18 -6.41 -19.29
N THR E 87 -5.19 -5.96 -18.54
CA THR E 87 -4.92 -5.24 -17.30
C THR E 87 -4.17 -6.12 -16.30
N VAL E 88 -4.37 -7.44 -16.36
CA VAL E 88 -3.65 -8.34 -15.46
C VAL E 88 -2.23 -8.56 -15.95
N ILE E 89 -2.01 -8.57 -17.27
CA ILE E 89 -0.67 -8.74 -17.80
C ILE E 89 0.25 -7.58 -17.42
N VAL E 90 -0.32 -6.42 -17.11
CA VAL E 90 0.50 -5.27 -16.73
C VAL E 90 1.32 -5.59 -15.49
N LEU E 91 0.72 -6.30 -14.53
CA LEU E 91 1.44 -6.65 -13.30
C LEU E 91 2.64 -7.54 -13.60
N GLN E 92 2.55 -8.37 -14.64
CA GLN E 92 3.68 -9.24 -14.98
C GLN E 92 4.89 -8.42 -15.41
N TYR E 93 4.67 -7.35 -16.18
CA TYR E 93 5.78 -6.52 -16.63
C TYR E 93 6.45 -5.81 -15.47
N HIS E 94 5.66 -5.38 -14.48
CA HIS E 94 6.21 -4.66 -13.34
C HIS E 94 6.96 -5.59 -12.38
N HIS E 95 6.85 -6.90 -12.54
CA HIS E 95 7.51 -7.86 -11.68
C HIS E 95 8.48 -8.78 -12.39
N HIS E 96 8.30 -9.00 -13.70
CA HIS E 96 9.16 -9.88 -14.49
C HIS E 96 9.52 -11.15 -13.71
N ASP E 97 8.49 -11.81 -13.21
CA ASP E 97 8.70 -13.03 -12.44
C ASP E 97 9.33 -14.10 -13.31
N PRO E 98 10.41 -14.77 -12.87
CA PRO E 98 10.98 -15.84 -13.69
C PRO E 98 10.02 -16.98 -13.97
N ASP E 99 8.99 -17.17 -13.15
CA ASP E 99 8.01 -18.23 -13.33
C ASP E 99 6.79 -17.77 -14.13
N GLY E 100 6.97 -16.80 -15.02
CA GLY E 100 5.86 -16.28 -15.81
C GLY E 100 5.93 -14.78 -15.99
N GLY E 101 5.82 -14.33 -17.23
CA GLY E 101 5.89 -12.94 -17.58
C GLY E 101 6.60 -12.76 -18.91
N LYS E 102 7.16 -11.57 -19.11
CA LYS E 102 7.92 -11.27 -20.32
C LYS E 102 9.41 -11.58 -20.13
N MET E 103 9.68 -12.80 -19.67
CA MET E 103 11.08 -13.20 -19.46
C MET E 103 11.88 -13.21 -20.75
N PRO E 104 11.40 -13.78 -21.87
CA PRO E 104 12.20 -13.79 -23.10
C PRO E 104 12.69 -12.41 -23.50
N LYS E 105 14.01 -12.27 -23.66
CA LYS E 105 14.60 -10.99 -24.04
C LYS E 105 14.51 -10.71 -25.53
N TRP E 106 14.14 -11.69 -26.34
CA TRP E 106 14.04 -11.47 -27.78
C TRP E 106 12.99 -10.41 -28.09
N THR E 107 11.83 -10.50 -27.45
CA THR E 107 10.77 -9.51 -27.63
C THR E 107 10.92 -8.30 -26.71
N ARG E 108 11.80 -8.38 -25.71
CA ARG E 108 12.00 -7.23 -24.83
C ARG E 108 12.67 -6.07 -25.57
N VAL E 109 13.63 -6.39 -26.44
CA VAL E 109 14.32 -5.33 -27.18
C VAL E 109 13.37 -4.63 -28.12
N ILE E 110 12.46 -5.37 -28.75
CA ILE E 110 11.51 -4.76 -29.67
C ILE E 110 10.63 -3.76 -28.94
N LEU E 111 10.12 -4.13 -27.76
CA LEU E 111 9.30 -3.21 -26.99
C LEU E 111 10.10 -2.01 -26.52
N LEU E 112 11.37 -2.22 -26.13
CA LEU E 112 12.20 -1.12 -25.68
C LEU E 112 12.40 -0.09 -26.79
N ASN E 113 12.65 -0.57 -28.02
CA ASN E 113 12.82 0.36 -29.14
C ASN E 113 11.52 1.08 -29.47
N TRP E 114 10.37 0.44 -29.23
CA TRP E 114 9.08 1.06 -29.50
C TRP E 114 8.84 2.28 -28.62
N CYS E 115 9.49 2.35 -27.45
CA CYS E 115 9.28 3.49 -26.56
C CYS E 115 9.74 4.79 -27.22
N ALA E 116 10.89 4.76 -27.89
CA ALA E 116 11.38 5.95 -28.58
C ALA E 116 10.64 6.21 -29.88
N TRP E 117 10.00 5.20 -30.46
CA TRP E 117 9.28 5.38 -31.71
C TRP E 117 7.94 6.07 -31.52
N PHE E 118 7.40 6.08 -30.30
CA PHE E 118 6.12 6.74 -30.06
C PHE E 118 6.22 8.24 -30.34
N LEU E 119 7.29 8.88 -29.88
CA LEU E 119 7.48 10.30 -30.14
C LEU E 119 7.71 10.56 -31.63
N ARG E 120 8.54 9.74 -32.25
CA ARG E 120 8.87 9.87 -33.68
C ARG E 120 8.83 8.46 -34.29
N MET E 121 7.68 8.11 -34.86
CA MET E 121 7.53 6.79 -35.48
C MET E 121 8.40 6.69 -36.72
N LYS E 122 8.93 5.49 -36.95
CA LYS E 122 9.79 5.25 -38.11
C LYS E 122 9.01 5.33 -39.42
N ARG E 123 7.68 5.28 -39.37
CA ARG E 123 6.87 5.36 -40.56
C ARG E 123 6.85 6.79 -41.11
N PRO E 124 6.48 6.96 -42.38
CA PRO E 124 6.45 8.32 -42.95
C PRO E 124 5.48 9.25 -42.27
N GLY E 125 4.52 8.72 -41.50
CA GLY E 125 3.55 9.59 -40.85
C GLY E 125 4.20 10.56 -39.89
N GLU E 126 5.24 10.13 -39.18
CA GLU E 126 5.95 10.98 -38.23
C GLU E 126 7.32 11.41 -38.70
N ASP E 127 7.93 10.68 -39.63
CA ASP E 127 9.26 11.00 -40.14
C ASP E 127 9.23 11.96 -41.33
N LYS E 128 8.04 12.32 -41.83
CA LYS E 128 7.93 13.22 -42.96
C LYS E 128 7.88 14.69 -42.53
N VAL E 129 7.25 14.97 -41.40
CA VAL E 129 7.13 16.35 -40.91
C VAL E 129 8.36 16.61 -40.05
N ARG E 130 9.44 17.00 -40.72
CA ARG E 130 10.70 17.31 -40.06
C ARG E 130 11.66 17.88 -41.09
N PRO E 131 12.71 18.57 -40.67
CA PRO E 131 13.68 19.11 -41.63
C PRO E 131 14.29 18.01 -42.49
N ALA E 132 14.10 18.14 -43.80
CA ALA E 132 14.60 17.17 -44.78
C ALA E 132 15.52 17.93 -45.74
N CYS E 133 16.80 17.96 -45.41
CA CYS E 133 17.80 18.65 -46.22
C CYS E 133 19.12 17.88 -46.10
N GLN E 134 20.19 18.48 -46.63
CA GLN E 134 21.52 17.89 -46.61
C GLN E 134 22.42 18.53 -45.55
N HIS E 135 21.82 19.04 -44.48
CA HIS E 135 22.60 19.67 -43.42
C HIS E 135 23.32 18.61 -42.59
N LYS E 136 24.27 19.07 -41.77
CA LYS E 136 25.04 18.14 -40.94
C LYS E 136 24.18 17.42 -39.92
N GLN E 137 23.00 17.98 -39.59
CA GLN E 137 22.12 17.34 -38.62
C GLN E 137 21.51 16.05 -39.13
N ARG E 138 21.55 15.80 -40.43
CA ARG E 138 21.01 14.58 -41.03
C ARG E 138 22.10 13.68 -41.61
N ARG E 139 23.37 14.00 -41.38
CA ARG E 139 24.47 13.21 -41.89
C ARG E 139 24.85 12.13 -40.89
N CYS E 140 25.86 11.33 -41.24
CA CYS E 140 26.36 10.25 -40.40
C CYS E 140 27.85 10.44 -40.17
N SER E 141 28.30 10.11 -38.96
CA SER E 141 29.71 10.23 -38.60
C SER E 141 30.03 9.15 -37.58
N LEU E 142 31.22 9.23 -36.98
CA LEU E 142 31.63 8.23 -36.00
C LEU E 142 30.76 8.30 -34.75
N ALA E 143 30.36 9.51 -34.34
CA ALA E 143 29.54 9.64 -33.13
C ALA E 143 28.19 8.95 -33.31
N SER E 144 27.57 9.10 -34.48
CA SER E 144 26.26 8.48 -34.69
C SER E 144 26.37 6.97 -34.75
N VAL E 145 27.45 6.45 -35.33
CA VAL E 145 27.65 5.00 -35.46
C VAL E 145 28.36 4.53 -34.20
N GLU E 146 27.62 3.85 -33.33
CA GLU E 146 28.16 3.31 -32.09
C GLU E 146 28.43 1.82 -32.15
N MET E 147 28.46 1.24 -33.36
CA MET E 147 28.70 -0.19 -33.49
C MET E 147 30.16 -0.56 -33.21
N SER E 148 31.07 0.40 -33.26
CA SER E 148 32.49 0.16 -33.02
C SER E 148 32.92 0.64 -31.64
N ALA E 149 32.06 0.47 -30.63
CA ALA E 149 32.35 0.89 -29.26
C ALA E 149 32.67 2.39 -29.19
N VAL E 150 31.82 3.18 -29.85
CA VAL E 150 31.97 4.63 -29.88
C VAL E 150 30.94 5.22 -28.91
N ALA E 151 31.40 6.11 -28.04
CA ALA E 151 30.50 6.71 -27.06
C ALA E 151 29.45 7.56 -27.77
N PRO E 152 28.22 7.60 -27.28
CA PRO E 152 27.18 8.39 -27.93
C PRO E 152 27.44 9.88 -27.78
N PRO E 153 26.83 10.72 -28.60
CA PRO E 153 27.04 12.17 -28.48
C PRO E 153 26.59 12.66 -27.12
N PRO E 154 27.27 13.66 -26.55
CA PRO E 154 26.88 14.17 -25.24
C PRO E 154 25.43 14.64 -25.25
N ALA E 155 24.62 14.01 -24.39
CA ALA E 155 23.21 14.36 -24.27
C ALA E 155 22.73 13.97 -22.89
N SER E 156 21.65 14.62 -22.46
CA SER E 156 21.04 14.37 -21.15
C SER E 156 19.90 13.36 -21.22
N ASN E 157 19.70 12.71 -22.37
CA ASN E 157 18.62 11.76 -22.55
C ASN E 157 19.06 10.33 -22.30
N GLY E 158 20.25 10.12 -21.78
CA GLY E 158 20.75 8.78 -21.50
C GLY E 158 21.97 8.41 -22.32
N ASN E 159 22.76 9.41 -22.70
CA ASN E 159 23.97 9.19 -23.48
C ASN E 159 25.22 9.62 -22.73
N LEU E 160 25.23 10.81 -22.13
CA LEU E 160 26.38 11.28 -21.37
C LEU E 160 26.35 10.80 -19.92
N LEU E 161 25.16 10.61 -19.34
CA LEU E 161 25.07 10.15 -17.97
C LEU E 161 25.44 8.67 -17.84
N TYR E 162 25.10 7.87 -18.86
CA TYR E 162 25.38 6.43 -18.78
C TYR E 162 26.88 6.17 -18.72
N ILE E 163 27.67 6.89 -19.54
CA ILE E 163 29.10 6.68 -19.57
C ILE E 163 29.78 7.23 -18.32
N GLY E 164 29.09 8.07 -17.55
CA GLY E 164 29.67 8.67 -16.37
C GLY E 164 29.56 7.79 -15.14
N PHE E 165 28.33 7.41 -14.79
CA PHE E 165 28.09 6.60 -13.59
C PHE E 165 28.17 5.10 -13.87
N ARG E 166 27.62 4.65 -15.00
CA ARG E 166 27.62 3.24 -15.35
C ARG E 166 28.85 2.85 -16.18
N GLY E 167 29.76 3.77 -16.43
CA GLY E 167 30.96 3.46 -17.19
C GLY E 167 32.03 2.80 -16.34
N LEU E 168 31.75 1.57 -15.89
CA LEU E 168 32.70 0.85 -15.06
C LEU E 168 33.92 0.42 -15.88
N ASP E 169 35.03 0.18 -15.18
CA ASP E 169 36.28 -0.23 -15.80
C ASP E 169 36.79 0.83 -16.78
N GLY E 170 36.51 2.09 -16.50
CA GLY E 170 36.93 3.18 -17.36
C GLY E 170 37.75 4.22 -16.63
N VAL E 171 37.92 5.40 -17.24
CA VAL E 171 38.70 6.45 -16.61
C VAL E 171 38.03 6.94 -15.34
N HIS E 172 36.69 6.95 -15.30
CA HIS E 172 35.99 7.44 -14.13
C HIS E 172 36.31 6.60 -12.90
N CYS E 173 36.35 5.27 -13.06
CA CYS E 173 36.58 4.36 -11.94
C CYS E 173 38.02 3.83 -11.90
N VAL E 174 38.58 3.46 -13.04
CA VAL E 174 39.93 2.90 -13.09
C VAL E 174 40.75 3.68 -14.12
N PRO E 175 41.30 4.84 -13.76
CA PRO E 175 42.13 5.61 -14.71
C PRO E 175 43.51 5.01 -14.90
N THR E 176 43.56 3.90 -15.64
CA THR E 176 44.82 3.22 -15.88
C THR E 176 45.85 4.13 -16.57
N PRO E 177 45.50 4.88 -17.61
CA PRO E 177 46.50 5.74 -18.25
C PRO E 177 47.06 6.75 -17.26
N ASP E 178 48.36 7.03 -17.40
CA ASP E 178 49.04 7.98 -16.53
C ASP E 178 48.61 9.39 -16.89
N SER E 179 47.67 9.93 -16.12
CA SER E 179 47.21 11.30 -16.38
C SER E 179 48.26 12.33 -16.00
N GLY E 180 49.03 12.08 -14.94
CA GLY E 180 50.05 13.02 -14.52
C GLY E 180 49.49 14.34 -14.05
N VAL E 181 48.38 14.31 -13.31
CA VAL E 181 47.78 15.54 -12.80
C VAL E 181 48.26 15.86 -11.39
N VAL E 182 48.56 14.84 -10.58
CA VAL E 182 49.00 15.08 -9.22
C VAL E 182 50.43 15.60 -9.16
N CYS E 183 51.23 15.37 -10.21
CA CYS E 183 52.60 15.84 -10.23
C CYS E 183 52.98 16.49 -11.56
N GLY E 184 52.03 16.71 -12.46
CA GLY E 184 52.33 17.33 -13.74
C GLY E 184 51.48 18.56 -14.02
N ARG E 185 50.38 18.70 -13.29
CA ARG E 185 49.47 19.83 -13.45
C ARG E 185 49.14 20.39 -12.07
N MET E 186 48.27 21.42 -12.06
CA MET E 186 47.86 22.07 -10.83
C MET E 186 46.35 22.26 -10.79
N ALA E 187 45.60 21.39 -11.48
CA ALA E 187 44.14 21.45 -11.51
C ALA E 187 43.60 20.82 -10.25
N CYS E 188 43.38 21.64 -9.22
CA CYS E 188 42.87 21.20 -7.93
C CYS E 188 43.79 20.18 -7.26
N SER E 189 45.05 20.14 -7.66
CA SER E 189 46.02 19.20 -7.09
C SER E 189 47.40 19.82 -7.21
N PRO E 190 47.93 20.42 -6.14
CA PRO E 190 49.27 21.01 -6.21
C PRO E 190 50.32 19.96 -6.56
N THR E 191 51.33 20.39 -7.31
CA THR E 191 52.40 19.49 -7.72
C THR E 191 53.11 18.92 -6.50
N HIS E 192 53.33 17.60 -6.50
CA HIS E 192 53.99 16.91 -5.41
C HIS E 192 53.25 17.15 -4.09
N ASP E 193 51.99 16.72 -4.07
CA ASP E 193 51.13 16.89 -2.90
C ASP E 193 51.22 15.71 -1.93
N GLU E 194 52.03 14.70 -2.23
CA GLU E 194 52.17 13.56 -1.33
C GLU E 194 52.81 13.96 0.00
N HIS E 195 53.58 15.04 0.03
CA HIS E 195 54.22 15.52 1.24
C HIS E 195 53.59 16.80 1.76
N LEU E 196 52.38 17.11 1.32
CA LEU E 196 51.67 18.32 1.76
C LEU E 196 51.02 18.04 3.11
N LEU E 197 51.78 18.30 4.18
CA LEU E 197 51.34 18.07 5.54
C LEU E 197 50.85 19.38 6.14
N HIS E 198 49.60 19.39 6.60
CA HIS E 198 49.01 20.58 7.22
C HIS E 198 49.36 20.56 8.71
N GLY E 199 50.54 21.05 9.03
CA GLY E 199 51.02 21.04 10.39
C GLY E 199 51.53 19.71 10.88
N GLY E 200 51.92 18.82 9.97
CA GLY E 200 52.39 17.50 10.30
C GLY E 200 51.37 16.39 10.07
N GLN E 201 50.10 16.74 9.94
CA GLN E 201 49.07 15.75 9.68
C GLN E 201 49.05 15.35 8.20
N PRO E 202 48.56 14.16 7.89
CA PRO E 202 48.51 13.73 6.49
C PRO E 202 47.42 14.48 5.73
N PRO E 203 47.30 14.25 4.42
CA PRO E 203 46.24 14.95 3.66
C PRO E 203 44.85 14.72 4.22
N GLU E 204 44.58 13.51 4.74
CA GLU E 204 43.29 13.19 5.32
C GLU E 204 43.31 13.57 6.80
N GLY E 205 42.38 14.44 7.20
CA GLY E 205 42.33 14.88 8.59
C GLY E 205 42.07 13.73 9.55
N ASP E 206 41.17 12.82 9.20
CA ASP E 206 40.85 11.70 10.05
C ASP E 206 40.46 10.48 9.20
N PRO E 207 41.19 9.37 9.29
CA PRO E 207 40.79 8.19 8.52
C PRO E 207 39.41 7.66 8.89
N ASP E 208 38.91 7.96 10.10
CA ASP E 208 37.59 7.49 10.47
C ASP E 208 36.51 8.07 9.57
N LEU E 209 36.74 9.26 9.01
CA LEU E 209 35.77 9.86 8.12
C LEU E 209 35.60 9.05 6.84
N ALA E 210 36.66 8.40 6.37
CA ALA E 210 36.55 7.56 5.18
C ALA E 210 35.59 6.40 5.42
N LYS E 211 35.65 5.79 6.59
CA LYS E 211 34.73 4.70 6.91
C LYS E 211 33.29 5.19 6.93
N ILE E 212 33.07 6.38 7.48
CA ILE E 212 31.71 6.94 7.52
C ILE E 212 31.21 7.16 6.09
N LEU E 213 32.07 7.69 5.21
CA LEU E 213 31.66 7.91 3.83
C LEU E 213 31.27 6.60 3.16
N GLU E 214 32.05 5.54 3.38
CA GLU E 214 31.70 4.24 2.82
C GLU E 214 30.39 3.72 3.39
N GLU E 215 30.20 3.87 4.71
CA GLU E 215 28.93 3.45 5.32
C GLU E 215 27.78 4.30 4.79
N VAL E 216 27.98 5.61 4.66
CA VAL E 216 26.93 6.47 4.13
C VAL E 216 26.66 6.14 2.67
N ARG E 217 27.70 5.78 1.92
CA ARG E 217 27.50 5.43 0.51
C ARG E 217 26.56 4.24 0.36
N TYR E 218 26.62 3.28 1.30
CA TYR E 218 25.72 2.14 1.25
C TYR E 218 24.26 2.58 1.37
N ILE E 219 23.99 3.52 2.28
CA ILE E 219 22.62 4.04 2.41
C ILE E 219 22.19 4.73 1.13
N ALA E 220 23.07 5.55 0.56
CA ALA E 220 22.75 6.18 -0.72
C ALA E 220 22.71 5.16 -1.85
N ASN E 221 23.55 4.12 -1.79
CA ASN E 221 23.53 3.08 -2.80
C ASN E 221 22.20 2.32 -2.77
N ARG E 222 21.67 2.08 -1.57
CA ARG E 222 20.37 1.40 -1.48
C ARG E 222 19.28 2.23 -2.13
N PHE E 223 19.31 3.55 -1.93
CA PHE E 223 18.34 4.41 -2.61
C PHE E 223 18.55 4.38 -4.12
N ARG E 224 19.82 4.34 -4.56
CA ARG E 224 20.10 4.24 -5.98
C ARG E 224 19.52 2.96 -6.56
N CYS E 225 19.67 1.84 -5.85
CA CYS E 225 19.07 0.58 -6.31
C CYS E 225 17.55 0.69 -6.34
N GLN E 226 16.95 1.32 -5.33
CA GLN E 226 15.51 1.54 -5.33
C GLN E 226 15.11 2.43 -6.49
N ASP E 227 15.89 3.49 -6.76
CA ASP E 227 15.61 4.34 -7.90
C ASP E 227 15.78 3.59 -9.20
N GLU E 228 16.79 2.71 -9.27
CA GLU E 228 16.97 1.90 -10.48
C GLU E 228 15.77 1.00 -10.72
N SER E 229 15.23 0.40 -9.65
CA SER E 229 14.03 -0.42 -9.81
C SER E 229 12.86 0.42 -10.30
N GLU E 230 12.71 1.63 -9.76
CA GLU E 230 11.67 2.53 -10.25
C GLU E 230 11.93 2.91 -11.70
N ALA E 231 13.19 3.17 -12.05
CA ALA E 231 13.51 3.49 -13.44
C ALA E 231 13.20 2.31 -14.35
N VAL E 232 13.53 1.09 -13.91
CA VAL E 232 13.18 -0.09 -14.68
C VAL E 232 11.67 -0.24 -14.79
N CYS E 233 10.96 -0.01 -13.68
CA CYS E 233 9.50 -0.05 -13.71
C CYS E 233 8.94 1.09 -14.55
N SER E 234 9.64 2.24 -14.59
CA SER E 234 9.18 3.34 -15.43
C SER E 234 9.24 2.96 -16.89
N GLU E 235 10.29 2.26 -17.32
CA GLU E 235 10.36 1.78 -18.70
C GLU E 235 9.23 0.79 -18.98
N TRP E 236 8.96 -0.11 -18.04
CA TRP E 236 7.85 -1.03 -18.20
C TRP E 236 6.50 -0.35 -18.10
N LYS E 237 6.43 0.79 -17.40
CA LYS E 237 5.17 1.53 -17.31
C LYS E 237 4.71 1.99 -18.68
N PHE E 238 5.63 2.52 -19.50
CA PHE E 238 5.28 2.90 -20.85
C PHE E 238 5.07 1.67 -21.74
N ALA E 239 5.92 0.65 -21.57
CA ALA E 239 5.77 -0.56 -22.36
C ALA E 239 4.52 -1.32 -21.99
N ALA E 240 4.05 -1.20 -20.74
CA ALA E 240 2.83 -1.86 -20.33
C ALA E 240 1.62 -1.30 -21.08
N CYS E 241 1.62 0.01 -21.34
CA CYS E 241 0.52 0.63 -22.07
C CYS E 241 0.65 0.45 -23.58
N VAL E 242 1.77 -0.06 -24.07
CA VAL E 242 1.91 -0.30 -25.50
C VAL E 242 0.89 -1.34 -25.96
N VAL E 243 0.73 -2.42 -25.18
CA VAL E 243 -0.29 -3.41 -25.50
C VAL E 243 -1.68 -2.79 -25.41
N ASP E 244 -1.91 -1.97 -24.38
CA ASP E 244 -3.20 -1.30 -24.26
C ASP E 244 -3.45 -0.37 -25.44
N ARG E 245 -2.44 0.42 -25.82
CA ARG E 245 -2.58 1.29 -26.98
C ARG E 245 -2.69 0.46 -28.27
N LEU E 246 -1.89 -0.59 -28.39
CA LEU E 246 -1.98 -1.45 -29.57
C LEU E 246 -3.34 -2.12 -29.66
N CYS E 247 -3.85 -2.61 -28.53
CA CYS E 247 -5.16 -3.24 -28.53
C CYS E 247 -6.28 -2.23 -28.74
N LEU E 248 -6.09 -0.99 -28.26
CA LEU E 248 -7.10 0.04 -28.46
C LEU E 248 -7.33 0.31 -29.94
N MET E 249 -6.25 0.42 -30.72
CA MET E 249 -6.39 0.62 -32.16
C MET E 249 -7.00 -0.60 -32.83
N ALA E 250 -6.58 -1.80 -32.43
CA ALA E 250 -7.12 -3.01 -33.04
C ALA E 250 -8.61 -3.15 -32.73
N PHE E 251 -9.01 -2.88 -31.49
CA PHE E 251 -10.42 -2.97 -31.12
C PHE E 251 -11.24 -1.82 -31.69
N SER E 252 -10.61 -0.69 -32.00
CA SER E 252 -11.34 0.43 -32.57
C SER E 252 -11.96 0.06 -33.92
N VAL E 253 -11.21 -0.65 -34.76
CA VAL E 253 -11.74 -1.09 -36.04
C VAL E 253 -12.89 -2.08 -35.83
N PHE E 254 -12.70 -3.03 -34.91
CA PHE E 254 -13.75 -4.00 -34.62
C PHE E 254 -15.00 -3.31 -34.07
N THR E 255 -14.80 -2.35 -33.17
CA THR E 255 -15.95 -1.62 -32.61
C THR E 255 -16.69 -0.87 -33.70
N ILE E 256 -15.96 -0.23 -34.63
CA ILE E 256 -16.61 0.48 -35.72
C ILE E 256 -17.39 -0.50 -36.59
N ILE E 257 -16.81 -1.66 -36.87
CA ILE E 257 -17.51 -2.66 -37.69
C ILE E 257 -18.79 -3.11 -37.01
N CYS E 258 -18.72 -3.36 -35.70
CA CYS E 258 -19.92 -3.78 -34.97
C CYS E 258 -21.00 -2.71 -35.03
N THR E 259 -20.62 -1.44 -34.85
CA THR E 259 -21.60 -0.36 -34.93
C THR E 259 -22.20 -0.27 -36.33
N ILE E 260 -21.36 -0.43 -37.36
CA ILE E 260 -21.87 -0.39 -38.73
C ILE E 260 -22.83 -1.55 -38.98
N GLY E 261 -22.49 -2.74 -38.49
CA GLY E 261 -23.36 -3.88 -38.68
C GLY E 261 -24.73 -3.69 -38.06
N ILE E 262 -24.77 -3.11 -36.85
CA ILE E 262 -26.05 -2.86 -36.19
C ILE E 262 -26.88 -1.89 -37.02
N LEU E 263 -26.26 -0.84 -37.55
CA LEU E 263 -26.97 0.14 -38.36
C LEU E 263 -27.20 -0.34 -39.79
N MET E 264 -26.58 -1.45 -40.19
CA MET E 264 -26.76 -1.99 -41.53
C MET E 264 -27.62 -3.25 -41.58
N SER E 265 -27.69 -4.00 -40.49
CA SER E 265 -28.50 -5.22 -40.45
C SER E 265 -29.94 -4.96 -40.03
N ALA E 266 -30.18 -3.95 -39.20
CA ALA E 266 -31.54 -3.68 -38.75
C ALA E 266 -32.48 -3.35 -39.90
N PRO E 267 -32.11 -2.49 -40.87
CA PRO E 267 -33.06 -2.20 -41.96
C PRO E 267 -33.46 -3.42 -42.76
N ASN E 268 -32.59 -4.44 -42.83
CA ASN E 268 -32.88 -5.64 -43.60
C ASN E 268 -33.57 -6.71 -42.77
N PHE E 269 -33.16 -6.89 -41.51
CA PHE E 269 -33.73 -7.89 -40.63
C PHE E 269 -34.75 -7.29 -39.67
N VAL E 270 -34.36 -6.27 -38.91
CA VAL E 270 -35.25 -5.63 -37.96
C VAL E 270 -36.15 -4.64 -38.68
C1 IVM F . -26.21 8.06 -27.50
O1 IVM F . -26.48 6.88 -23.57
C2 IVM F . -26.68 6.79 -26.73
O2 IVM F . -32.93 7.51 -26.47
C3 IVM F . -25.58 6.32 -25.76
O3 IVM F . -32.37 6.75 -30.77
C4 IVM F . -25.90 4.89 -25.32
O4 IVM F . -35.16 6.61 -30.43
C5 IVM F . -25.49 7.23 -24.53
O5 IVM F . -33.92 5.90 -34.51
C6 IVM F . -26.59 7.86 -22.54
O6 IVM F . -35.63 3.74 -33.86
C7 IVM F . -25.22 8.38 -22.14
O7 IVM F . -37.00 6.43 -31.81
C8 IVM F . -24.13 7.33 -22.41
O8 IVM F . -34.17 8.91 -27.80
C9 IVM F . -24.08 7.07 -23.92
O9 IVM F . -32.43 2.77 -18.86
C10 IVM F . -23.12 8.07 -24.58
O10 IVM F . -31.47 0.81 -17.84
C11 IVM F . -27.21 6.88 -21.45
O11 IVM F . -27.79 3.86 -21.19
C12 IVM F . -28.58 6.29 -21.91
O12 IVM F . -29.21 5.62 -20.85
C13 IVM F . -29.47 7.42 -22.38
O13 IVM F . -30.41 2.16 -21.82
C14 IVM F . -28.79 8.09 -23.54
O14 IVM F . -27.59 8.71 -23.12
C15 IVM F . -29.72 9.19 -24.15
C16 IVM F . -30.93 8.53 -24.88
C17 IVM F . -32.23 8.63 -24.41
C18 IVM F . -32.58 9.40 -23.11
C19 IVM F . -33.39 7.96 -25.20
C20 IVM F . -32.88 8.51 -27.45
C21 IVM F . -32.08 7.98 -28.71
C22 IVM F . -32.96 6.98 -29.54
C23 IVM F . -31.09 6.12 -30.71
C24 IVM F . -34.33 7.56 -29.74
C25 IVM F . -35.83 7.19 -31.50
C26 IVM F . -34.89 7.26 -32.75
C27 IVM F . -34.60 5.82 -33.27
C28 IVM F . -32.56 6.29 -34.42
C29 IVM F . -35.89 5.09 -33.47
C30 IVM F . -36.67 5.10 -32.17
C31 IVM F . -37.97 4.29 -32.36
C32 IVM F . -34.90 7.87 -28.39
C33 IVM F . -36.38 8.32 -28.53
C34 IVM F . -33.95 6.80 -24.38
C35 IVM F . -34.93 5.99 -25.25
C36 IVM F . -32.82 5.88 -23.90
C37 IVM F . -33.29 4.99 -22.72
C38 IVM F . -32.32 3.83 -22.38
C39 IVM F . -31.64 4.00 -20.99
C40 IVM F . -32.74 4.07 -19.82
C41 IVM F . -31.76 1.91 -19.85
C42 IVM F . -31.13 0.78 -19.19
C43 IVM F . -29.52 0.75 -19.30
C44 IVM F . -28.80 2.04 -19.49
C45 IVM F . -29.64 3.28 -19.84
C46 IVM F . -28.80 4.24 -20.67
C47 IVM F . -30.85 2.82 -20.64
C48 IVM F . -28.74 -0.51 -18.86
H1 IVM F . -26.86 8.22 -28.35
H1A IVM F . -25.18 7.92 -27.85
H1B IVM F . -26.25 8.92 -26.84
H2 IVM F . -26.89 6.01 -27.44
H2A IVM F . -27.58 7.04 -26.17
H3 IVM F . -24.62 6.32 -26.28
H4 IVM F . -25.33 4.19 -25.93
H4A IVM F . -26.96 4.69 -25.45
H4B IVM F . -25.62 4.75 -24.27
H5 IVM F . -25.64 8.26 -24.83
HO6 IVM F . -35.39 3.72 -34.78
H7 IVM F . -25.23 8.63 -21.08
H7A IVM F . -25.01 9.29 -22.69
H8 IVM F . -24.37 6.41 -21.88
H8A IVM F . -23.17 7.72 -22.07
H9 IVM F . -23.72 6.06 -24.10
H10 IVM F . -22.14 7.96 -24.14
H10A IVM F . -23.49 9.09 -24.40
H10B IVM F . -23.08 7.88 -25.65
HO10 IVM F . -30.76 1.20 -17.34
H11 IVM F . -27.36 7.43 -20.53
H11A IVM F . -26.52 6.05 -21.26
H12 IVM F . -28.42 5.60 -22.74
H13 IVM F . -29.60 8.14 -21.56
H13A IVM F . -30.43 7.03 -22.69
HO13 IVM F . -30.90 1.36 -21.94
H14 IVM F . -28.58 7.35 -24.30
H15 IVM F . -29.14 9.78 -24.87
H15A IVM F . -30.05 9.86 -23.35
H16 IVM F . -30.74 7.99 -25.80
H18 IVM F . -32.22 10.23 -23.72
H18A IVM F . -31.97 9.92 -22.37
H18B IVM F . -32.07 8.54 -22.68
H19 IVM F . -34.17 8.70 -25.34
H20 IVM F . -32.36 9.37 -27.05
H21 IVM F . -31.18 7.47 -28.36
H21A IVM F . -31.80 8.83 -29.34
H22 IVM F . -33.05 6.03 -28.99
H23 IVM F . -30.91 5.58 -31.63
H23A IVM F . -31.05 5.45 -29.87
H23B IVM F . -30.32 6.89 -30.59
H24 IVM F . -34.24 8.49 -30.32
H25 IVM F . -36.15 8.20 -31.24
H26 IVM F . -33.93 7.73 -32.46
H26A IVM F . -35.37 7.83 -33.54
H27 IVM F . -33.99 5.29 -32.55
H28 IVM F . -32.06 6.07 -35.35
H28A IVM F . -32.08 5.75 -33.61
H28B IVM F . -32.51 7.36 -34.22
H29 IVM F . -36.48 5.60 -34.24
H30 IVM F . -36.07 4.64 -31.38
H31 IVM F . -37.73 3.24 -32.47
H31A IVM F . -38.49 4.65 -33.25
H31B IVM F . -38.61 4.43 -31.49
H32 IVM F . -34.86 6.98 -27.77
H33 IVM F . -36.98 7.52 -28.97
H33A IVM F . -36.43 9.20 -29.19
H33B IVM F . -36.78 8.59 -27.56
H34 IVM F . -34.47 7.20 -23.51
H35 IVM F . -35.40 5.22 -24.64
H35A IVM F . -34.38 5.50 -26.07
H35B IVM F . -35.69 6.66 -25.66
H36 IVM F . -32.49 5.24 -24.73
H37 IVM F . -33.45 5.61 -21.84
H38 IVM F . -32.88 2.89 -22.39
H40 IVM F . -32.62 4.99 -19.25
H40A IVM F . -33.75 4.03 -20.23
H41 IVM F . -32.52 1.53 -20.53
H42 IVM F . -31.52 -0.15 -19.62
H44 IVM F . -27.73 2.12 -19.26
H45 IVM F . -29.96 3.78 -18.92
H48 IVM F . -27.80 -0.58 -19.41
H48A IVM F . -29.33 -1.41 -19.07
H48B IVM F . -28.52 -0.46 -17.79
C1 IVM G . -37.34 11.02 2.72
O1 IVM G . -35.35 7.19 3.08
C2 IVM G . -37.43 9.54 2.32
O2 IVM G . -42.17 6.21 3.97
C3 IVM G . -36.08 9.06 1.77
O3 IVM G . -43.86 9.61 1.70
C4 IVM G . -36.30 7.91 0.78
O4 IVM G . -46.06 7.89 2.08
C5 IVM G . -35.19 8.58 2.92
O5 IVM G . -47.12 11.43 -0.17
C6 IVM G . -34.79 6.75 4.32
O6 IVM G . -48.12 9.27 -1.67
C7 IVM G . -33.48 7.47 4.61
O7 IVM G . -48.33 7.97 1.73
C8 IVM G . -32.80 7.93 3.32
O8 IVM G . -43.99 7.17 4.98
C9 IVM G . -33.72 8.92 2.59
O9 IVM G . -37.54 -0.82 1.33
C10 IVM G . -33.40 10.33 3.06
O10 IVM G . -37.03 -1.58 -1.14
C11 IVM G . -34.58 5.24 3.87
O11 IVM G . -34.64 3.56 1.27
C12 IVM G . -35.93 4.58 3.42
O12 IVM G . -35.74 3.20 3.24
C13 IVM G . -36.97 4.82 4.49
O13 IVM G . -37.30 2.57 0.00
C14 IVM G . -37.15 6.30 4.69
O14 IVM G . -35.95 6.89 5.15
C15 IVM G . -38.26 6.56 5.75
C16 IVM G . -39.68 6.33 5.14
C17 IVM G . -40.52 5.33 5.54
C18 IVM G . -40.12 4.31 6.65
C19 IVM G . -41.92 5.17 4.89
C20 IVM G . -42.68 7.38 4.56
C21 IVM G . -42.62 8.58 3.51
C22 IVM G . -43.74 8.43 2.42
C23 IVM G . -42.71 9.95 0.93
C24 IVM G . -45.05 8.12 3.09
C25 IVM G . -47.22 8.61 2.36
C26 IVM G . -47.08 10.08 1.84
C27 IVM G . -47.03 10.09 0.29
C28 IVM G . -45.92 12.19 0.00
C29 IVM G . -48.20 9.33 -0.24
C30 IVM G . -48.18 7.92 0.32
C31 IVM G . -49.34 7.12 -0.29
C32 IVM G . -44.87 6.88 3.92
C33 IVM G . -46.23 6.42 4.50
C34 IVM G . -42.02 3.82 4.20
C35 IVM G . -43.46 3.59 3.69
C36 IVM G . -41.07 3.76 3.00
C37 IVM G . -40.12 2.55 3.07
C38 IVM G . -39.27 2.36 1.79
C39 IVM G . -37.94 1.62 2.09
C40 IVM G . -38.20 0.11 2.54
C41 IVM G . -37.58 0.19 0.25
C42 IVM G . -36.81 -0.22 -0.93
C43 IVM G . -35.22 0.02 -0.76
C44 IVM G . -34.73 1.07 0.19
C45 IVM G . -35.66 1.43 1.36
C46 IVM G . -35.29 2.82 1.92
C47 IVM G . -37.11 1.47 0.89
C48 IVM G . -34.23 -0.69 -1.71
H1 IVM G . -38.33 11.39 3.02
H1A IVM G . -36.97 11.61 1.89
H1B IVM G . -36.65 11.13 3.57
H2 IVM G . -38.20 9.42 1.55
H2A IVM G . -37.70 8.94 3.19
H3 IVM G . -35.59 9.89 1.24
H4 IVM G . -36.69 8.30 -0.15
H4A IVM G . -37.02 7.21 1.20
H4B IVM G . -35.36 7.40 0.59
H5 IVM G . -35.49 9.10 3.83
HO6 IVM G . -48.60 9.99 -2.05
H7 IVM G . -32.82 6.80 5.15
H7A IVM G . -33.68 8.33 5.25
H8 IVM G . -32.62 7.06 2.66
H8A IVM G . -31.85 8.41 3.55
H9 IVM G . -33.57 8.84 1.51
H10 IVM G . -32.39 10.60 2.77
H10A IVM G . -33.50 10.39 4.15
H10B IVM G . -34.11 11.04 2.61
HO10 IVM G . -36.47 -2.09 -0.56
H11 IVM G . -34.17 4.67 4.70
H11A IVM G . -33.87 5.21 3.02
H12 IVM G . -36.26 5.03 2.49
H13 IVM G . -36.63 4.36 5.43
H13A IVM G . -37.90 4.37 4.18
HO13 IVM G . -37.93 2.32 -0.66
H14 IVM G . -37.44 6.75 3.74
H15 IVM G . -38.18 7.59 6.10
H15A IVM G . -38.10 5.91 6.60
H16 IVM G . -40.01 7.03 4.36
H18 IVM G . -40.14 5.23 7.24
H18A IVM G . -39.20 4.18 7.23
H18B IVM G . -39.46 3.98 5.85
H19 IVM G . -42.67 5.21 5.69
H20 IVM G . -42.09 7.64 5.41
H21 IVM G . -41.64 8.57 3.03
H21A IVM G . -42.75 9.52 4.04
H22 IVM G . -43.48 7.61 1.73
H23 IVM G . -43.01 10.59 0.10
H23A IVM G . -42.24 9.05 0.55
H23B IVM G . -42.00 10.49 1.55
H24 IVM G . -45.33 8.96 3.74
H25 IVM G . -47.41 8.63 3.43
H26 IVM G . -46.14 10.51 2.23
H26A IVM G . -47.92 10.67 2.20
H27 IVM G . -46.11 9.64 -0.05
H28 IVM G . -45.98 13.09 -0.60
H28A IVM G . -45.07 11.60 -0.33
H28B IVM G . -45.81 12.45 1.05
H29 IVM G . -49.13 9.82 0.06
H30 IVM G . -47.23 7.45 0.07
H31 IVM G . -49.13 6.93 -1.34
H31A IVM G . -50.27 7.68 -0.19
H31B IVM G . -49.43 6.16 0.24
H32 IVM G . -44.44 6.09 3.30
H33 IVM G . -46.90 6.16 3.68
H33A IVM G . -46.66 7.22 5.09
H33B IVM G . -46.08 5.54 5.12
H34 IVM G . -41.76 3.03 4.89
H35 IVM G . -43.67 2.54 3.64
H35A IVM G . -43.58 4.04 2.70
H35B IVM G . -44.17 4.07 4.38
H36 IVM G . -40.48 4.68 2.95
H37 IVM G . -39.45 2.65 3.93
H38 IVM G . -39.06 3.34 1.36
H40 IVM G . -37.69 -0.10 3.47
H40A IVM G . -39.27 -0.09 2.64
H41 IVM G . -38.61 0.32 -0.05
H42 IVM G . -37.17 0.34 -1.79
H44 IVM G . -33.66 1.26 0.26
H45 IVM G . -35.55 0.69 2.15
H48 IVM G . -33.43 -0.02 -1.98
H48A IVM G . -34.76 -1.01 -2.61
H48B IVM G . -33.82 -1.56 -1.21
C1 IVM H . -30.04 -16.41 18.27
O1 IVM H . -28.07 -17.36 14.54
C2 IVM H . -30.31 -16.69 16.77
O2 IVM H . -33.56 -21.71 15.49
C3 IVM H . -29.36 -15.85 15.90
O3 IVM H . -36.26 -19.72 18.30
C4 IVM H . -30.00 -15.59 14.53
O4 IVM H . -37.80 -21.82 17.21
C5 IVM H . -28.03 -16.58 15.73
O5 IVM H . -40.07 -19.34 19.92
C6 IVM H . -26.99 -18.28 14.48
O6 IVM H . -41.65 -19.53 17.60
C7 IVM H . -25.70 -17.63 14.97
O7 IVM H . -39.88 -22.72 17.57
C8 IVM H . -25.74 -16.10 14.80
O8 IVM H . -34.43 -23.16 17.03
C9 IVM H . -26.90 -15.54 15.65
O9 IVM H . -30.65 -20.70 7.02
C10 IVM H . -26.39 -15.25 17.05
O10 IVM H . -29.69 -19.22 5.40
C11 IVM H . -27.02 -18.48 12.90
O11 IVM H . -28.42 -17.15 10.52
C12 IVM H . -28.40 -19.01 12.42
O12 IVM H . -28.34 -19.37 11.07
C13 IVM H . -28.77 -20.23 13.25
O13 IVM H . -31.26 -17.90 9.25
C14 IVM H . -28.85 -19.80 14.70
O14 IVM H . -27.59 -19.39 15.17
C15 IVM H . -29.30 -21.02 15.58
C16 IVM H . -30.83 -21.29 15.41
C17 IVM H . -31.32 -22.43 14.82
C18 IVM H . -30.40 -23.55 14.27
C19 IVM H . -32.85 -22.65 14.69
C20 IVM H . -33.62 -22.04 16.84
C21 IVM H . -34.18 -20.80 17.67
C22 IVM H . -35.72 -20.62 17.40
C23 IVM H . -35.77 -18.39 18.16
C24 IVM H . -36.41 -21.96 17.56
C25 IVM H . -38.64 -22.37 18.17
C26 IVM H . -38.87 -21.36 19.33
C27 IVM H . -39.70 -20.15 18.83
C28 IVM H . -39.04 -18.51 20.43
C29 IVM H . -40.93 -20.66 18.14
C30 IVM H . -40.54 -21.59 17.04
C31 IVM H . -41.81 -22.05 16.29
C32 IVM H . -35.75 -22.94 16.63
C33 IVM H . -36.51 -24.29 16.69
C34 IVM H . -33.26 -22.50 13.22
C35 IVM H . -34.79 -22.54 13.10
C36 IVM H . -32.75 -21.16 12.67
C37 IVM H . -32.02 -21.34 11.31
C38 IVM H . -31.74 -20.00 10.58
C39 IVM H . -30.62 -20.15 9.52
C40 IVM H . -30.93 -21.35 8.51
C41 IVM H . -31.01 -19.30 7.30
C42 IVM H . -30.54 -18.46 6.21
C43 IVM H . -29.74 -17.13 6.69
C44 IVM H . -28.87 -17.25 7.88
C45 IVM H . -29.02 -18.55 8.71
C46 IVM H . -28.57 -18.27 10.15
C47 IVM H . -30.48 -18.95 8.69
C48 IVM H . -29.54 -15.95 5.69
H1 IVM H . -30.81 -16.90 18.87
H1A IVM H . -30.07 -15.34 18.45
H1B IVM H . -29.06 -16.80 18.53
H2 IVM H . -31.35 -16.42 16.54
H2A IVM H . -30.16 -17.74 16.56
H3 IVM H . -29.18 -14.89 16.39
H4 IVM H . -30.86 -14.93 14.66
H4A IVM H . -30.32 -16.53 14.10
H4B IVM H . -29.27 -15.13 13.87
H5 IVM H . -27.87 -17.24 16.58
HO6 IVM H . -42.17 -19.12 18.29
H7 IVM H . -24.86 -18.03 14.42
H7A IVM H . -25.54 -17.88 16.02
H8 IVM H . -25.92 -15.86 13.75
H8A IVM H . -24.80 -15.66 15.13
H9 IVM H . -27.27 -14.63 15.19
H10 IVM H . -25.59 -14.50 17.00
H10A IVM H . -26.00 -16.17 17.51
H10B IVM H . -27.21 -14.86 17.66
HO10 IVM H . -29.31 -18.66 4.73
H11 IVM H . -26.25 -19.18 12.61
H11A IVM H . -26.83 -17.51 12.42
H12 IVM H . -29.16 -18.24 12.57
H13 IVM H . -28.01 -20.99 13.14
H13A IVM H . -29.73 -20.60 12.93
HO13 IVM H . -31.80 -17.51 8.57
H14 IVM H . -29.58 -19.02 14.81
H15 IVM H . -29.10 -20.78 16.62
H15A IVM H . -28.72 -21.89 15.31
H16 IVM H . -31.53 -20.54 15.78
H18 IVM H . -30.15 -23.61 15.33
H18A IVM H . -29.31 -23.64 14.20
H18B IVM H . -30.20 -22.78 13.53
H19 IVM H . -33.10 -23.65 15.02
H20 IVM H . -32.63 -22.26 17.20
H21 IVM H . -33.65 -19.90 17.35
H21A IVM H . -34.01 -20.97 18.73
H22 IVM H . -35.88 -20.26 16.38
H23 IVM H . -36.50 -17.69 18.56
H23A IVM H . -35.59 -18.17 17.12
H23B IVM H . -34.84 -18.28 18.73
H24 IVM H . -36.30 -22.29 18.59
H25 IVM H . -38.18 -23.27 18.57
H26 IVM H . -37.89 -21.00 19.69
H26A IVM H . -39.39 -21.85 20.15
H27 IVM H . -39.11 -19.57 18.12
H28 IVM H . -39.47 -17.77 21.10
H28A IVM H . -38.54 -18.01 19.61
H28B IVM H . -38.32 -19.12 20.98
H29 IVM H . -41.55 -21.18 18.87
H30 IVM H . -39.88 -21.08 16.34
H31 IVM H . -42.21 -21.22 15.71
H31A IVM H . -42.55 -22.38 17.02
H31B IVM H . -41.56 -22.87 15.63
H32 IVM H . -35.78 -22.55 15.62
H33 IVM H . -37.53 -24.15 16.31
H33A IVM H . -36.55 -24.65 17.71
H33B IVM H . -36.00 -25.03 16.06
H34 IVM H . -32.82 -23.31 12.64
H35 IVM H . -35.06 -22.54 12.05
H35A IVM H . -35.22 -21.67 13.60
H35B IVM H . -35.16 -23.45 13.56
H36 IVM H . -33.58 -20.47 12.54
H37 IVM H . -31.07 -21.85 11.48
H38 IVM H . -31.45 -19.25 11.32
H40 IVM H . -30.27 -22.19 8.69
H40A IVM H . -31.97 -21.68 8.61
H41 IVM H . -32.10 -19.22 7.34
H42 IVM H . -31.41 -18.15 5.61
H44 IVM H . -28.05 -16.57 8.03
H45 IVM H . -28.40 -19.33 8.27
H48 IVM H . -29.40 -15.03 6.25
H48A IVM H . -30.42 -15.86 5.04
H48B IVM H . -28.67 -16.15 5.07
C1 IVM I . -14.64 -36.11 -2.07
O1 IVM I . -15.04 -32.61 -4.74
C2 IVM I . -15.58 -35.31 -3.00
O2 IVM I . -18.69 -37.83 -7.55
C3 IVM I . -15.47 -33.81 -2.70
O3 IVM I . -19.67 -40.22 -3.96
C4 IVM I . -16.82 -33.14 -2.95
O4 IVM I . -21.45 -41.17 -5.94
C5 IVM I . -14.41 -33.18 -3.60
O5 IVM I . -22.01 -43.12 -2.11
C6 IVM I . -14.09 -32.30 -5.76
O6 IVM I . -24.59 -42.27 -2.90
C7 IVM I . -12.83 -31.71 -5.15
O7 IVM I . -22.98 -42.87 -6.12
C8 IVM I . -13.12 -31.03 -3.80
O8 IVM I . -18.61 -40.09 -7.92
C9 IVM I . -13.66 -32.08 -2.82
O9 IVM I . -21.20 -29.70 -9.81
C10 IVM I . -12.51 -32.69 -2.06
O10 IVM I . -22.98 -28.17 -8.60
C11 IVM I . -15.00 -31.23 -6.49
O11 IVM I . -17.58 -29.62 -5.99
C12 IVM I . -16.35 -31.84 -6.95
O12 IVM I . -17.03 -30.93 -7.79
C13 IVM I . -16.09 -33.11 -7.71
O13 IVM I . -20.41 -30.87 -6.46
C14 IVM I . -15.34 -34.08 -6.82
O14 IVM I . -14.09 -33.55 -6.46
C15 IVM I . -15.11 -35.42 -7.58
C16 IVM I . -16.42 -36.26 -7.65
C17 IVM I . -17.08 -36.53 -8.84
C18 IVM I . -16.54 -36.01 -10.20
C19 IVM I . -18.38 -37.37 -8.85
C20 IVM I . -18.06 -39.03 -7.20
C21 IVM I . -18.19 -39.27 -5.64
C22 IVM I . -19.64 -39.73 -5.27
C23 IVM I . -19.37 -39.25 -2.97
C24 IVM I . -20.08 -40.81 -6.22
C25 IVM I . -21.62 -42.55 -5.84
C26 IVM I . -21.22 -43.03 -4.41
C27 IVM I . -22.25 -42.50 -3.37
C28 IVM I . -20.86 -42.63 -1.43
C29 IVM I . -23.63 -42.84 -3.82
C30 IVM I . -23.87 -42.28 -5.19
C31 IVM I . -25.32 -42.57 -5.62
C32 IVM I . -19.96 -40.29 -7.61
C33 IVM I . -20.56 -41.31 -8.62
C34 IVM I . -19.53 -36.54 -9.40
C35 IVM I . -20.77 -37.43 -9.58
C36 IVM I . -19.87 -35.41 -8.43
C37 IVM I . -19.86 -34.03 -9.13
C38 IVM I . -20.36 -32.87 -8.22
C39 IVM I . -19.76 -31.50 -8.66
C40 IVM I . -20.31 -31.07 -10.10
C41 IVM I . -21.49 -29.93 -8.39
C42 IVM I . -22.07 -28.76 -7.73
C43 IVM I . -20.95 -27.66 -7.33
C44 IVM I . -19.55 -28.09 -7.10
C45 IVM I . -19.08 -29.38 -7.81
C46 IVM I . -17.85 -29.96 -7.09
C47 IVM I . -20.19 -30.41 -7.78
C48 IVM I . -21.39 -26.20 -7.02
H1 IVM I . -14.79 -37.18 -2.21
H1A IVM I . -14.85 -35.85 -1.04
H1B IVM I . -13.60 -35.86 -2.29
H2 IVM I . -16.61 -35.64 -2.85
H2A IVM I . -15.30 -35.49 -4.04
H3 IVM I . -15.18 -33.68 -1.66
H4 IVM I . -17.52 -33.42 -2.14
H4A IVM I . -17.23 -33.47 -3.90
H4B IVM I . -16.69 -32.06 -2.95
H5 IVM I . -13.70 -33.93 -3.92
HO6 IVM I . -24.83 -42.93 -2.25
H7 IVM I . -12.40 -30.98 -5.84
H7A IVM I . -12.08 -32.50 -5.01
H8 IVM I . -13.87 -30.24 -3.95
H8A IVM I . -12.21 -30.59 -3.40
H9 IVM I . -14.35 -31.60 -2.12
H10 IVM I . -12.00 -31.93 -1.47
H10A IVM I . -11.78 -33.13 -2.76
H10B IVM I . -12.88 -33.48 -1.40
HO10 IVM I . -23.54 -28.84 -8.98
H11 IVM I . -14.47 -30.85 -7.37
H11A IVM I . -15.20 -30.39 -5.81
H12 IVM I . -16.97 -32.05 -6.08
H13 IVM I . -15.49 -32.90 -8.59
H13A IVM I . -17.04 -33.56 -8.00
HO13 IVM I . -21.33 -31.06 -6.33
H14 IVM I . -15.94 -34.29 -5.92
H15 IVM I . -14.36 -36.00 -7.03
H15A IVM I . -14.72 -35.21 -8.56
H16 IVM I . -16.84 -36.65 -6.73
H18 IVM I . -15.73 -36.68 -9.93
H18A IVM I . -15.69 -35.38 -10.47
H18B IVM I . -16.88 -35.06 -9.77
H19 IVM I . -18.22 -38.22 -9.50
H20 IVM I . -17.01 -38.96 -7.46
H21 IVM I . -17.95 -38.34 -5.11
H21A IVM I . -17.48 -40.06 -5.33
H22 IVM I . -20.33 -38.88 -5.36
H23 IVM I . -19.83 -39.53 -2.02
H23A IVM I . -19.75 -38.27 -3.28
H23B IVM I . -18.29 -39.18 -2.83
H24 IVM I . -19.42 -41.68 -6.09
H25 IVM I . -20.99 -43.06 -6.57
H26 IVM I . -20.23 -42.66 -4.16
H26A IVM I . -21.22 -44.12 -4.39
H27 IVM I . -22.16 -41.43 -3.28
H28 IVM I . -20.90 -42.95 -0.40
H28A IVM I . -20.85 -41.54 -1.47
H28B IVM I . -19.96 -43.03 -1.91
H29 IVM I . -23.75 -43.93 -3.85
H30 IVM I . -23.70 -41.20 -5.17
H31 IVM I . -26.00 -41.97 -5.02
H31A IVM I . -25.54 -43.63 -5.47
H31B IVM I . -25.45 -42.32 -6.67
H32 IVM I . -20.51 -39.34 -7.69
H33 IVM I . -21.63 -41.43 -8.41
H33A IVM I . -20.05 -42.26 -8.52
H33B IVM I . -20.44 -40.93 -9.63
H34 IVM I . -19.25 -36.12 -10.36
H35 IVM I . -21.38 -37.04 -10.39
H35A IVM I . -21.36 -37.44 -8.66
H35B IVM I . -20.46 -38.45 -9.83
H36 IVM I . -19.16 -35.40 -7.60
H37 IVM I . -18.85 -33.80 -9.47
H38 IVM I . -20.05 -33.09 -7.20
H40 IVM I . -19.49 -30.83 -10.76
H40A IVM I . -20.93 -31.86 -10.53
H41 IVM I . -22.22 -30.75 -8.31
H42 IVM I . -22.59 -29.08 -6.84
H44 IVM I . -18.82 -27.35 -6.78
H45 IVM I . -18.83 -29.14 -8.84
H48 IVM I . -20.81 -25.82 -6.18
H48A IVM I . -22.45 -26.18 -6.77
H48B IVM I . -21.22 -25.57 -7.90
C1 IVM J . -11.99 -20.91 -30.50
O1 IVM J . -13.88 -17.57 -28.37
C2 IVM J . -13.33 -20.36 -29.94
O2 IVM J . -18.42 -19.49 -33.33
C3 IVM J . -13.11 -19.84 -28.51
O3 IVM J . -17.34 -23.73 -33.99
C4 IVM J . -14.40 -20.02 -27.70
O4 IVM J . -19.88 -23.48 -35.21
C5 IVM J . -12.73 -18.36 -28.54
O5 IVM J . -18.24 -27.49 -35.55
C6 IVM J . -13.63 -16.21 -28.69
O6 IVM J . -20.84 -27.84 -34.53
C7 IVM J . -12.26 -15.77 -28.20
O7 IVM J . -21.23 -24.81 -36.52
C8 IVM J . -11.82 -16.60 -26.99
O8 IVM J . -18.55 -20.12 -35.52
C9 IVM J . -11.71 -18.08 -27.40
O9 IVM J . -21.90 -15.59 -26.07
C10 IVM J . -10.29 -18.36 -27.90
O10 IVM J . -22.59 -17.06 -23.93
C11 IVM J . -14.83 -15.61 -27.83
O11 IVM J . -16.73 -16.53 -25.64
C12 IVM J . -16.20 -16.23 -28.26
O12 IVM J . -17.25 -15.54 -27.63
C13 IVM J . -16.34 -16.11 -29.76
O13 IVM J . -19.29 -18.11 -26.48
C14 IVM J . -15.21 -16.84 -30.43
O14 IVM J . -13.98 -16.25 -30.09
C15 IVM J . -15.36 -16.75 -31.99
C16 IVM J . -16.54 -17.67 -32.47
C17 IVM J . -17.71 -17.17 -33.00
C18 IVM J . -17.97 -15.64 -33.13
C19 IVM J . -18.83 -18.14 -33.47
C20 IVM J . -17.70 -19.97 -34.44
C21 IVM J . -16.98 -21.33 -34.06
C22 IVM J . -18.01 -22.51 -34.03
C23 IVM J . -16.57 -23.95 -32.82
C24 IVM J . -18.87 -22.45 -35.26
C25 IVM J . -19.94 -24.20 -36.39
C26 IVM J . -18.82 -25.30 -36.43
C27 IVM J . -19.13 -26.40 -35.38
C28 IVM J . -16.91 -27.24 -35.11
C29 IVM J . -20.53 -26.88 -35.56
C30 IVM J . -21.48 -25.72 -35.46
C31 IVM J . -22.93 -26.25 -35.58
C32 IVM J . -19.53 -21.10 -35.30
C33 IVM J . -20.58 -21.05 -36.44
C34 IVM J . -20.10 -17.89 -32.66
C35 IVM J . -21.24 -18.75 -33.23
C36 IVM J . -19.89 -18.26 -31.19
C37 IVM J . -20.19 -17.07 -30.24
C38 IVM J . -20.41 -17.50 -28.77
C39 IVM J . -20.11 -16.32 -27.79
C40 IVM J . -21.40 -15.37 -27.63
C41 IVM J . -21.28 -16.91 -25.84
C42 IVM J . -21.30 -17.30 -24.44
C43 IVM J . -20.23 -16.47 -23.57
C44 IVM J . -18.97 -16.04 -24.20
C45 IVM J . -18.97 -15.82 -25.74
C46 IVM J . -17.56 -16.01 -26.29
C47 IVM J . -19.90 -16.82 -26.44
C48 IVM J . -20.43 -16.32 -22.03
H1 IVM J . -12.17 -21.36 -31.48
H1A IVM J . -11.60 -21.66 -29.83
H1B IVM J . -11.28 -20.10 -30.60
H2 IVM J . -14.07 -21.15 -29.93
H2A IVM J . -13.67 -19.54 -30.57
H3 IVM J . -12.31 -20.42 -28.04
H4 IVM J . -14.54 -21.07 -27.46
H4A IVM J . -15.24 -19.67 -28.28
H4B IVM J . -14.33 -19.44 -26.77
H5 IVM J . -12.26 -18.13 -29.49
HO6 IVM J . -20.62 -28.71 -34.84
H7 IVM J . -12.30 -14.72 -27.93
H7A IVM J . -11.54 -15.88 -29.00
H8 IVM J . -12.56 -16.51 -26.19
H8A IVM J . -10.85 -16.25 -26.64
H9 IVM J . -11.94 -18.71 -26.55
H10 IVM J . -9.60 -18.21 -27.08
H10A IVM J . -10.05 -17.68 -28.72
H10B IVM J . -10.24 -19.39 -28.25
HO10 IVM J . -22.68 -16.13 -23.74
H11 IVM J . -14.87 -14.54 -27.97
H11A IVM J . -14.65 -15.84 -26.78
H12 IVM J . -16.23 -17.28 -27.98
H13 IVM J . -16.32 -15.06 -30.04
H13A IVM J . -17.29 -16.56 -30.06
HO13 IVM J . -19.95 -18.77 -26.35
H14 IVM J . -15.22 -17.88 -30.14
H15 IVM J . -14.44 -17.09 -32.45
H15A IVM J . -15.54 -15.72 -32.26
H16 IVM J . -16.41 -18.75 -32.40
H18 IVM J . -17.13 -15.75 -33.83
H18A IVM J . -17.37 -14.77 -32.85
H18B IVM J . -18.03 -15.73 -32.06
H19 IVM J . -19.03 -17.94 -34.51
H20 IVM J . -16.94 -19.25 -34.70
H21 IVM J . -16.52 -21.23 -33.06
H21A IVM J . -16.20 -21.55 -34.79
H22 IVM J . -18.66 -22.43 -33.14
H23 IVM J . -16.45 -25.01 -32.66
H23A IVM J . -17.07 -23.51 -31.97
H23B IVM J . -15.58 -23.50 -32.95
H24 IVM J . -18.24 -22.58 -36.14
H25 IVM J . -19.80 -23.54 -37.25
H26 IVM J . -17.85 -24.84 -36.20
H26A IVM J . -18.78 -25.75 -37.42
H27 IVM J . -19.03 -25.98 -34.38
H28 IVM J . -16.37 -28.17 -35.03
H28A IVM J . -16.93 -26.75 -34.13
H28B IVM J . -16.40 -26.58 -35.83
H29 IVM J . -20.62 -27.35 -36.55
H30 IVM J . -21.35 -25.22 -34.51
H31 IVM J . -23.19 -26.80 -34.69
H31A IVM J . -23.01 -26.89 -36.46
H31B IVM J . -23.61 -25.40 -35.69
H32 IVM J . -20.02 -20.92 -34.35
H33 IVM J . -21.35 -21.79 -36.26
H33A IVM J . -20.08 -21.26 -37.40
H33B IVM J . -21.02 -20.05 -36.48
H34 IVM J . -20.38 -16.84 -32.73
H35 IVM J . -22.19 -18.27 -33.04
H35A IVM J . -21.23 -19.74 -32.77
H35B IVM J . -21.11 -18.86 -34.32
H36 IVM J . -18.87 -18.60 -31.04
H37 IVM J . -21.06 -16.52 -30.60
H38 IVM J . -21.43 -17.81 -28.64
H40 IVM J . -21.12 -14.34 -27.78
H40A IVM J . -22.18 -15.64 -28.35
H41 IVM J . -21.84 -17.65 -26.41
H42 IVM J . -21.08 -18.37 -24.36
H44 IVM J . -18.20 -15.56 -23.61
H45 IVM J . -19.32 -14.82 -25.95
H48 IVM J . -19.46 -16.42 -21.53
H48A IVM J . -21.11 -17.11 -21.67
H48B IVM J . -20.85 -15.34 -21.81
N LEU A 7 -49.25 3.86 -4.85
CA LEU A 7 -47.87 3.84 -5.31
C LEU A 7 -47.10 2.70 -4.65
N TYR A 8 -47.59 1.47 -4.80
CA TYR A 8 -46.93 0.32 -4.21
C TYR A 8 -45.54 0.14 -4.79
N TYR A 9 -45.43 0.10 -6.13
CA TYR A 9 -44.14 -0.02 -6.79
C TYR A 9 -43.43 1.33 -6.95
N GLY A 10 -44.15 2.44 -6.78
CA GLY A 10 -43.52 3.75 -6.89
C GLY A 10 -42.66 4.10 -5.69
N LEU A 11 -43.04 3.64 -4.50
CA LEU A 11 -42.28 3.91 -3.29
C LEU A 11 -41.16 2.92 -3.05
N ASN A 12 -41.03 1.89 -3.90
CA ASN A 12 -39.99 0.88 -3.74
C ASN A 12 -39.01 0.82 -4.92
N LEU A 13 -39.35 1.41 -6.06
CA LEU A 13 -38.47 1.41 -7.22
C LEU A 13 -38.04 2.80 -7.65
N LEU A 14 -38.93 3.78 -7.60
CA LEU A 14 -38.55 5.15 -7.96
C LEU A 14 -37.74 5.82 -6.86
N ILE A 15 -38.09 5.58 -5.60
CA ILE A 15 -37.39 6.22 -4.49
C ILE A 15 -35.91 5.84 -4.49
N PRO A 16 -35.52 4.57 -4.60
CA PRO A 16 -34.09 4.23 -4.62
C PRO A 16 -33.33 4.90 -5.76
N CYS A 17 -34.02 5.24 -6.85
CA CYS A 17 -33.35 5.89 -7.97
C CYS A 17 -32.72 7.21 -7.54
N VAL A 18 -33.46 8.00 -6.75
CA VAL A 18 -32.91 9.26 -6.25
C VAL A 18 -31.76 8.99 -5.28
N LEU A 19 -31.89 7.93 -4.46
CA LEU A 19 -30.82 7.62 -3.51
C LEU A 19 -29.53 7.27 -4.23
N ILE A 20 -29.62 6.51 -5.32
CA ILE A 20 -28.41 6.13 -6.06
C ILE A 20 -27.73 7.38 -6.61
N SER A 21 -28.51 8.30 -7.18
CA SER A 21 -27.93 9.53 -7.71
C SER A 21 -27.35 10.40 -6.60
N ALA A 22 -28.03 10.45 -5.44
CA ALA A 22 -27.52 11.26 -4.33
C ALA A 22 -26.23 10.67 -3.77
N LEU A 23 -26.12 9.35 -3.72
CA LEU A 23 -24.91 8.72 -3.22
C LEU A 23 -23.71 9.00 -4.12
N ALA A 24 -23.94 9.12 -5.43
CA ALA A 24 -22.85 9.41 -6.35
C ALA A 24 -22.23 10.77 -6.05
N LEU A 25 -23.05 11.75 -5.67
CA LEU A 25 -22.53 13.08 -5.38
C LEU A 25 -21.57 13.05 -4.19
N LEU A 26 -21.86 12.23 -3.19
CA LEU A 26 -20.99 12.11 -2.03
C LEU A 26 -19.64 11.50 -2.38
N VAL A 27 -19.56 10.75 -3.47
CA VAL A 27 -18.27 10.16 -3.87
C VAL A 27 -17.30 11.26 -4.28
N PHE A 28 -17.79 12.28 -4.99
CA PHE A 28 -16.90 13.34 -5.45
C PHE A 28 -16.27 14.08 -4.28
N LEU A 29 -16.96 14.15 -3.14
CA LEU A 29 -16.41 14.84 -1.98
C LEU A 29 -15.19 14.14 -1.41
N LEU A 30 -15.01 12.86 -1.69
CA LEU A 30 -13.85 12.14 -1.19
C LEU A 30 -12.58 12.73 -1.79
N PRO A 31 -11.51 12.89 -1.00
CA PRO A 31 -10.27 13.42 -1.58
C PRO A 31 -9.67 12.46 -2.60
N ALA A 32 -8.98 13.04 -3.59
CA ALA A 32 -8.36 12.24 -4.63
C ALA A 32 -7.24 11.36 -4.10
N ASP A 33 -6.63 11.72 -2.97
CA ASP A 33 -5.53 10.92 -2.43
C ASP A 33 -6.01 9.57 -1.91
N SER A 34 -7.32 9.40 -1.70
CA SER A 34 -7.82 8.13 -1.19
C SER A 34 -7.66 7.04 -2.24
N GLY A 35 -7.11 5.89 -1.82
CA GLY A 35 -6.91 4.78 -2.73
C GLY A 35 -8.16 3.98 -3.03
N GLU A 36 -9.21 4.12 -2.22
CA GLU A 36 -10.45 3.39 -2.39
C GLU A 36 -11.54 4.23 -3.04
N LYS A 37 -11.16 5.34 -3.69
CA LYS A 37 -12.17 6.18 -4.34
C LYS A 37 -12.89 5.41 -5.44
N ILE A 38 -12.15 4.64 -6.24
CA ILE A 38 -12.77 3.87 -7.32
C ILE A 38 -13.70 2.81 -6.75
N SER A 39 -13.32 2.19 -5.62
CA SER A 39 -14.16 1.16 -5.03
C SER A 39 -15.51 1.71 -4.61
N LEU A 40 -15.53 2.91 -4.02
CA LEU A 40 -16.79 3.50 -3.59
C LEU A 40 -17.71 3.76 -4.78
N GLY A 41 -17.16 4.25 -5.90
CA GLY A 41 -17.98 4.52 -7.06
C GLY A 41 -18.46 3.28 -7.79
N ILE A 42 -17.75 2.16 -7.64
CA ILE A 42 -18.17 0.93 -8.29
C ILE A 42 -19.46 0.41 -7.67
N THR A 43 -19.59 0.51 -6.34
CA THR A 43 -20.78 0.02 -5.68
C THR A 43 -22.02 0.80 -6.11
N VAL A 44 -21.87 2.10 -6.37
CA VAL A 44 -23.02 2.91 -6.79
C VAL A 44 -23.58 2.39 -8.10
N LEU A 45 -22.70 2.10 -9.07
CA LEU A 45 -23.16 1.54 -10.34
C LEU A 45 -23.66 0.12 -10.15
N LEU A 46 -22.99 -0.68 -9.31
CA LEU A 46 -23.42 -2.05 -9.08
C LEU A 46 -24.80 -2.08 -8.43
N SER A 47 -25.06 -1.20 -7.46
CA SER A 47 -26.35 -1.18 -6.80
C SER A 47 -27.47 -0.81 -7.77
N LEU A 48 -27.19 0.07 -8.73
CA LEU A 48 -28.21 0.46 -9.70
C LEU A 48 -28.66 -0.75 -10.53
N THR A 49 -27.72 -1.60 -10.94
CA THR A 49 -28.07 -2.77 -11.73
C THR A 49 -28.87 -3.77 -10.91
N VAL A 50 -28.69 -3.79 -9.59
CA VAL A 50 -29.43 -4.72 -8.75
C VAL A 50 -30.93 -4.42 -8.81
N PHE A 51 -31.28 -3.13 -8.75
CA PHE A 51 -32.68 -2.72 -8.81
C PHE A 51 -33.18 -2.53 -10.23
N MET A 52 -32.31 -2.67 -11.23
CA MET A 52 -32.74 -2.51 -12.61
C MET A 52 -33.50 -3.72 -13.12
N LEU A 53 -33.14 -4.92 -12.66
CA LEU A 53 -33.82 -6.13 -13.12
C LEU A 53 -35.28 -6.14 -12.69
N LEU A 54 -35.57 -5.65 -11.47
CA LEU A 54 -36.95 -5.66 -10.99
C LEU A 54 -37.84 -4.78 -11.87
N VAL A 55 -37.34 -3.61 -12.27
CA VAL A 55 -38.14 -2.71 -13.10
C VAL A 55 -38.39 -3.33 -14.47
N ALA A 56 -37.48 -4.16 -14.96
CA ALA A 56 -37.65 -4.77 -16.28
C ALA A 56 -38.89 -5.66 -16.31
N GLU A 57 -39.12 -6.44 -15.26
CA GLU A 57 -40.28 -7.31 -15.22
C GLU A 57 -41.57 -6.50 -15.19
N ILE A 58 -41.58 -5.40 -14.44
CA ILE A 58 -42.79 -4.58 -14.34
C ILE A 58 -43.09 -3.93 -15.69
N MET A 59 -42.06 -3.52 -16.42
CA MET A 59 -42.27 -2.87 -17.70
C MET A 59 -42.95 -3.85 -18.67
N PRO A 60 -44.05 -3.47 -19.30
CA PRO A 60 -44.69 -4.39 -20.26
C PRO A 60 -43.75 -4.75 -21.39
N SER A 61 -43.84 -6.01 -21.84
CA SER A 61 -43.02 -6.51 -22.93
C SER A 61 -43.67 -6.12 -24.26
N THR A 62 -43.37 -4.90 -24.69
CA THR A 62 -43.92 -4.37 -25.93
C THR A 62 -42.94 -4.63 -27.08
N SER A 63 -43.30 -4.11 -28.26
CA SER A 63 -42.47 -4.26 -29.47
C SER A 63 -41.64 -3.01 -29.76
N ASP A 64 -42.29 -1.84 -29.79
CA ASP A 64 -41.56 -0.61 -30.05
C ASP A 64 -42.02 0.54 -29.15
N SER A 65 -42.89 0.28 -28.17
CA SER A 65 -43.39 1.31 -27.27
C SER A 65 -42.55 1.26 -26.00
N SER A 66 -41.50 2.07 -25.96
CA SER A 66 -40.61 2.11 -24.81
C SER A 66 -41.28 2.87 -23.68
N PRO A 67 -41.45 2.28 -22.50
CA PRO A 67 -42.05 3.03 -21.39
C PRO A 67 -41.19 4.22 -20.99
N SER A 68 -41.85 5.27 -20.50
CA SER A 68 -41.14 6.47 -20.07
C SER A 68 -40.22 6.19 -18.89
N ILE A 69 -40.43 5.11 -18.16
CA ILE A 69 -39.57 4.78 -17.02
C ILE A 69 -38.15 4.49 -17.51
N ALA A 70 -38.03 3.87 -18.67
CA ALA A 70 -36.70 3.57 -19.22
C ALA A 70 -35.93 4.84 -19.50
N GLN A 71 -36.60 5.87 -20.01
CA GLN A 71 -35.92 7.14 -20.29
C GLN A 71 -35.35 7.75 -19.01
N TYR A 72 -36.12 7.71 -17.93
CA TYR A 72 -35.63 8.26 -16.66
C TYR A 72 -34.43 7.47 -16.15
N PHE A 73 -34.44 6.16 -16.34
CA PHE A 73 -33.32 5.34 -15.90
C PHE A 73 -32.04 5.68 -16.66
N ALA A 74 -32.16 6.02 -17.95
CA ALA A 74 -30.98 6.37 -18.73
C ALA A 74 -30.29 7.60 -18.18
N SER A 75 -31.07 8.61 -17.78
CA SER A 75 -30.49 9.82 -17.21
C SER A 75 -29.77 9.52 -15.90
N THR A 76 -30.36 8.65 -15.06
CA THR A 76 -29.73 8.34 -13.78
C THR A 76 -28.39 7.66 -13.97
N MET A 77 -28.30 6.72 -14.92
CA MET A 77 -27.05 6.00 -15.13
C MET A 77 -25.97 6.88 -15.76
N ILE A 78 -26.35 7.97 -16.43
CA ILE A 78 -25.35 8.86 -17.00
C ILE A 78 -24.56 9.53 -15.90
N ILE A 79 -25.23 10.02 -14.86
CA ILE A 79 -24.53 10.63 -13.73
C ILE A 79 -23.68 9.60 -13.02
N VAL A 80 -24.24 8.41 -12.76
CA VAL A 80 -23.47 7.36 -12.10
C VAL A 80 -22.34 6.88 -13.01
N GLY A 81 -22.63 6.69 -14.29
CA GLY A 81 -21.59 6.26 -15.22
C GLY A 81 -20.48 7.28 -15.35
N LEU A 82 -20.83 8.57 -15.43
CA LEU A 82 -19.81 9.61 -15.52
C LEU A 82 -18.98 9.69 -14.25
N SER A 83 -19.57 9.36 -13.10
CA SER A 83 -18.82 9.40 -11.84
C SER A 83 -17.66 8.40 -11.88
N VAL A 84 -17.92 7.19 -12.38
CA VAL A 84 -16.84 6.21 -12.50
C VAL A 84 -15.78 6.70 -13.48
N VAL A 85 -16.21 7.25 -14.62
CA VAL A 85 -15.24 7.78 -15.58
C VAL A 85 -14.47 8.95 -14.97
N VAL A 86 -15.17 9.83 -14.27
CA VAL A 86 -14.50 10.95 -13.62
C VAL A 86 -13.52 10.45 -12.57
N THR A 87 -13.93 9.45 -11.78
CA THR A 87 -13.04 8.89 -10.78
C THR A 87 -11.80 8.29 -11.42
N VAL A 88 -11.97 7.62 -12.56
CA VAL A 88 -10.82 7.06 -13.28
C VAL A 88 -9.88 8.17 -13.71
N ILE A 89 -10.43 9.28 -14.23
CA ILE A 89 -9.60 10.39 -14.66
C ILE A 89 -8.80 10.96 -13.50
N VAL A 90 -9.36 10.91 -12.29
CA VAL A 90 -8.65 11.44 -11.12
C VAL A 90 -7.34 10.68 -10.91
N LEU A 91 -7.39 9.35 -11.01
CA LEU A 91 -6.17 8.57 -10.83
C LEU A 91 -5.14 8.89 -11.90
N GLN A 92 -5.59 9.27 -13.10
CA GLN A 92 -4.65 9.60 -14.17
C GLN A 92 -3.88 10.88 -13.86
N TYR A 93 -4.49 11.81 -13.12
CA TYR A 93 -3.81 13.06 -12.80
C TYR A 93 -2.62 12.83 -11.89
N HIS A 94 -2.69 11.82 -11.02
CA HIS A 94 -1.59 11.55 -10.09
C HIS A 94 -0.33 11.10 -10.81
N HIS A 95 -0.45 10.66 -12.07
CA HIS A 95 0.70 10.20 -12.85
C HIS A 95 0.95 11.02 -14.10
N HIS A 96 -0.10 11.57 -14.72
CA HIS A 96 0.02 12.38 -15.93
C HIS A 96 1.01 11.78 -16.92
N ASP A 97 0.99 10.46 -17.08
CA ASP A 97 1.91 9.80 -18.00
C ASP A 97 1.60 10.24 -19.42
N PRO A 98 2.60 10.66 -20.21
CA PRO A 98 2.32 11.05 -21.60
C PRO A 98 1.69 9.94 -22.42
N ASP A 99 2.03 8.68 -22.13
CA ASP A 99 1.46 7.58 -22.90
C ASP A 99 -0.04 7.48 -22.71
N GLY A 100 -0.56 7.94 -21.58
CA GLY A 100 -1.98 7.89 -21.32
C GLY A 100 -2.41 8.83 -20.21
N GLY A 101 -3.46 9.61 -20.45
CA GLY A 101 -3.94 10.56 -19.47
C GLY A 101 -4.09 11.95 -20.06
N LYS A 102 -3.69 12.97 -19.29
CA LYS A 102 -3.75 14.36 -19.74
C LYS A 102 -2.44 14.72 -20.45
N MET A 103 -2.24 14.07 -21.60
CA MET A 103 -1.02 14.31 -22.37
C MET A 103 -0.88 15.76 -22.81
N PRO A 104 -1.91 16.43 -23.31
CA PRO A 104 -1.72 17.82 -23.76
C PRO A 104 -1.21 18.71 -22.63
N LYS A 105 -0.29 19.60 -22.98
CA LYS A 105 0.28 20.51 -21.99
C LYS A 105 -0.61 21.72 -21.75
N TRP A 106 -1.32 22.19 -22.78
CA TRP A 106 -2.16 23.38 -22.63
C TRP A 106 -3.35 23.13 -21.71
N THR A 107 -3.74 21.87 -21.52
CA THR A 107 -4.85 21.56 -20.63
C THR A 107 -4.49 21.69 -19.16
N ARG A 108 -3.20 21.61 -18.82
CA ARG A 108 -2.79 21.75 -17.43
C ARG A 108 -3.03 23.17 -16.93
N VAL A 109 -2.81 24.17 -17.78
CA VAL A 109 -3.02 25.55 -17.36
C VAL A 109 -4.48 25.80 -17.03
N ILE A 110 -5.39 25.25 -17.85
CA ILE A 110 -6.81 25.44 -17.61
C ILE A 110 -7.20 24.83 -16.26
N LEU A 111 -6.67 23.65 -15.95
CA LEU A 111 -6.99 23.01 -14.68
C LEU A 111 -6.55 23.86 -13.50
N LEU A 112 -5.36 24.46 -13.58
CA LEU A 112 -4.86 25.28 -12.49
C LEU A 112 -5.77 26.48 -12.23
N ASN A 113 -6.45 26.97 -13.27
CA ASN A 113 -7.36 28.10 -13.08
C ASN A 113 -8.53 27.73 -12.18
N TRP A 114 -9.03 26.50 -12.31
CA TRP A 114 -10.14 26.06 -11.46
C TRP A 114 -9.72 25.97 -10.00
N CYS A 115 -8.46 25.62 -9.73
CA CYS A 115 -8.00 25.53 -8.35
C CYS A 115 -8.09 26.88 -7.65
N ALA A 116 -7.71 27.95 -8.34
CA ALA A 116 -7.79 29.30 -7.79
C ALA A 116 -9.13 29.96 -8.04
N TRP A 117 -10.02 29.32 -8.80
CA TRP A 117 -11.33 29.92 -9.07
C TRP A 117 -12.13 30.10 -7.79
N PHE A 118 -12.10 29.10 -6.90
CA PHE A 118 -12.84 29.19 -5.64
C PHE A 118 -12.32 30.35 -4.80
N LEU A 119 -10.99 30.51 -4.73
CA LEU A 119 -10.42 31.59 -3.94
C LEU A 119 -10.84 32.95 -4.49
N ARG A 120 -10.82 33.12 -5.80
CA ARG A 120 -11.22 34.35 -6.47
C ARG A 120 -12.20 34.00 -7.58
N MET A 121 -13.48 33.92 -7.23
CA MET A 121 -14.50 33.55 -8.20
C MET A 121 -14.74 34.69 -9.18
N LYS A 122 -14.79 34.35 -10.48
CA LYS A 122 -15.05 35.33 -11.52
C LYS A 122 -16.54 35.51 -11.80
N ARG A 123 -17.40 34.75 -11.11
CA ARG A 123 -18.83 34.88 -11.34
C ARG A 123 -19.31 36.27 -10.91
N PRO A 124 -20.31 36.83 -11.59
CA PRO A 124 -20.80 38.15 -11.18
C PRO A 124 -21.29 38.20 -9.74
N GLY A 125 -21.82 37.10 -9.22
CA GLY A 125 -22.31 37.08 -7.85
C GLY A 125 -21.21 37.23 -6.81
N GLU A 126 -19.97 36.93 -7.17
CA GLU A 126 -18.84 37.07 -6.26
C GLU A 126 -17.76 38.03 -6.77
N ASP A 127 -17.53 38.09 -8.08
CA ASP A 127 -16.53 39.00 -8.60
C ASP A 127 -16.94 40.46 -8.42
N LYS A 128 -18.24 40.75 -8.57
CA LYS A 128 -18.74 42.10 -8.41
C LYS A 128 -19.07 42.45 -6.96
N VAL A 129 -19.50 41.48 -6.18
CA VAL A 129 -19.86 41.73 -4.77
C VAL A 129 -18.58 41.55 -3.96
N ARG A 130 -17.80 42.62 -3.89
CA ARG A 130 -16.55 42.63 -3.14
C ARG A 130 -16.02 44.06 -3.13
N PRO A 131 -15.08 44.38 -2.24
CA PRO A 131 -14.52 45.73 -2.21
C PRO A 131 -13.88 46.09 -3.53
N ALA A 132 -14.06 47.35 -3.94
CA ALA A 132 -13.49 47.84 -5.19
C ALA A 132 -13.35 49.36 -5.10
N CYS A 133 -12.22 49.86 -5.58
CA CYS A 133 -11.94 51.29 -5.57
C CYS A 133 -10.90 51.59 -6.64
N GLN A 134 -10.65 52.88 -6.83
CA GLN A 134 -9.67 53.35 -7.81
C GLN A 134 -8.34 53.70 -7.17
N HIS A 135 -8.14 53.37 -5.91
CA HIS A 135 -6.90 53.68 -5.20
C HIS A 135 -5.84 52.65 -5.58
N LYS A 136 -4.70 52.67 -4.87
CA LYS A 136 -3.62 51.74 -5.15
C LYS A 136 -3.96 50.30 -4.80
N GLN A 137 -5.05 50.07 -4.06
CA GLN A 137 -5.41 48.70 -3.69
C GLN A 137 -5.76 47.87 -4.92
N ARG A 138 -6.24 48.50 -5.99
CA ARG A 138 -6.61 47.81 -7.22
C ARG A 138 -5.73 48.21 -8.40
N ARG A 139 -4.55 48.77 -8.13
CA ARG A 139 -3.64 49.19 -9.19
C ARG A 139 -2.69 48.05 -9.56
N CYS A 140 -1.89 48.28 -10.59
CA CYS A 140 -0.93 47.32 -11.09
C CYS A 140 0.41 47.99 -11.27
N SER A 141 1.48 47.21 -11.12
CA SER A 141 2.85 47.72 -11.26
C SER A 141 3.72 46.60 -11.81
N LEU A 142 5.04 46.81 -11.76
CA LEU A 142 5.96 45.80 -12.28
C LEU A 142 5.87 44.50 -11.47
N ALA A 143 5.75 44.61 -10.15
CA ALA A 143 5.67 43.41 -9.32
C ALA A 143 4.42 42.60 -9.64
N SER A 144 3.28 43.27 -9.81
CA SER A 144 2.05 42.57 -10.10
C SER A 144 2.10 41.92 -11.48
N VAL A 145 2.66 42.61 -12.47
CA VAL A 145 2.75 42.10 -13.84
C VAL A 145 4.08 41.37 -13.96
N GLU A 146 4.02 40.04 -13.92
CA GLU A 146 5.20 39.20 -14.03
C GLU A 146 5.42 38.69 -15.46
N MET A 147 4.86 39.37 -16.45
CA MET A 147 5.04 38.94 -17.84
C MET A 147 6.44 39.21 -18.36
N SER A 148 7.21 40.08 -17.69
CA SER A 148 8.56 40.42 -18.09
C SER A 148 9.60 39.75 -17.20
N ALA A 149 9.34 38.52 -16.77
CA ALA A 149 10.27 37.77 -15.93
C ALA A 149 10.54 38.51 -14.62
N VAL A 150 9.47 38.94 -13.96
CA VAL A 150 9.54 39.64 -12.68
C VAL A 150 9.05 38.70 -11.60
N ALA A 151 9.83 38.57 -10.53
CA ALA A 151 9.45 37.69 -9.44
C ALA A 151 8.20 38.21 -8.75
N PRO A 152 7.36 37.31 -8.23
CA PRO A 152 6.12 37.75 -7.56
C PRO A 152 6.44 38.47 -6.26
N PRO A 153 5.52 39.31 -5.77
CA PRO A 153 5.76 40.01 -4.50
C PRO A 153 5.97 39.02 -3.37
N PRO A 154 6.83 39.34 -2.40
CA PRO A 154 7.03 38.41 -1.28
C PRO A 154 5.73 38.12 -0.56
N ALA A 155 5.54 36.84 -0.20
CA ALA A 155 4.34 36.42 0.50
C ALA A 155 4.63 35.11 1.23
N SER A 156 3.75 34.78 2.16
CA SER A 156 3.86 33.54 2.93
C SER A 156 3.14 32.37 2.26
N ASN A 157 2.50 32.59 1.11
CA ASN A 157 1.78 31.54 0.41
C ASN A 157 2.68 30.68 -0.47
N GLY A 158 3.98 31.00 -0.56
CA GLY A 158 4.89 30.23 -1.37
C GLY A 158 5.59 31.05 -2.43
N ASN A 159 5.66 32.36 -2.23
CA ASN A 159 6.33 33.26 -3.16
C ASN A 159 7.74 33.64 -2.73
N LEU A 160 7.98 33.78 -1.42
CA LEU A 160 9.32 34.11 -0.94
C LEU A 160 10.28 32.94 -1.13
N LEU A 161 9.79 31.71 -0.99
CA LEU A 161 10.66 30.55 -1.14
C LEU A 161 11.16 30.42 -2.58
N TYR A 162 10.34 30.76 -3.57
CA TYR A 162 10.75 30.65 -4.96
C TYR A 162 11.93 31.57 -5.26
N ILE A 163 11.92 32.79 -4.72
CA ILE A 163 13.01 33.72 -4.96
C ILE A 163 14.31 33.18 -4.37
N GLY A 164 14.25 32.65 -3.15
CA GLY A 164 15.43 32.15 -2.48
C GLY A 164 15.77 30.72 -2.83
N PHE A 165 14.83 29.81 -2.61
CA PHE A 165 15.10 28.40 -2.86
C PHE A 165 15.30 28.11 -4.34
N ARG A 166 14.40 28.62 -5.18
CA ARG A 166 14.47 28.41 -6.63
C ARG A 166 15.22 29.57 -7.30
N GLY A 167 16.50 29.69 -6.95
CA GLY A 167 17.32 30.75 -7.51
C GLY A 167 17.46 30.63 -9.02
N LEU A 168 17.63 29.41 -9.52
CA LEU A 168 17.80 29.15 -10.95
C LEU A 168 18.99 29.94 -11.49
N ASP A 169 20.18 29.60 -10.97
CA ASP A 169 21.41 30.30 -11.35
C ASP A 169 21.31 31.79 -11.06
N GLY A 170 20.69 32.13 -9.93
CA GLY A 170 20.51 33.50 -9.53
C GLY A 170 21.26 33.85 -8.25
N VAL A 171 20.60 34.60 -7.37
CA VAL A 171 21.25 35.02 -6.13
C VAL A 171 21.59 33.82 -5.26
N HIS A 172 20.79 32.76 -5.34
CA HIS A 172 21.03 31.59 -4.51
C HIS A 172 22.30 30.84 -4.94
N CYS A 173 22.45 30.59 -6.25
CA CYS A 173 23.58 29.84 -6.76
C CYS A 173 24.75 30.74 -7.11
N VAL A 174 24.54 31.67 -8.04
CA VAL A 174 25.60 32.55 -8.53
C VAL A 174 25.23 34.00 -8.26
N PRO A 175 25.67 34.59 -7.14
CA PRO A 175 25.34 36.00 -6.87
C PRO A 175 26.18 36.97 -7.72
N THR A 176 25.72 37.17 -8.95
CA THR A 176 26.45 38.05 -9.86
C THR A 176 26.59 39.47 -9.31
N PRO A 177 25.56 40.09 -8.74
CA PRO A 177 25.73 41.44 -8.19
C PRO A 177 26.82 41.47 -7.13
N ASP A 178 27.76 42.41 -7.28
CA ASP A 178 28.87 42.54 -6.34
C ASP A 178 28.41 43.40 -5.17
N SER A 179 27.92 42.74 -4.12
CA SER A 179 27.45 43.43 -2.93
C SER A 179 28.58 43.84 -2.00
N GLY A 180 29.80 43.33 -2.21
CA GLY A 180 30.91 43.68 -1.35
C GLY A 180 30.71 43.26 0.10
N VAL A 181 30.16 42.06 0.31
CA VAL A 181 29.92 41.55 1.64
C VAL A 181 30.82 40.35 1.95
N VAL A 182 31.09 39.51 0.95
CA VAL A 182 31.93 38.34 1.18
C VAL A 182 33.34 38.76 1.59
N CYS A 183 33.90 39.75 0.90
CA CYS A 183 35.25 40.24 1.19
C CYS A 183 35.28 41.75 1.40
N GLY A 184 34.13 42.36 1.71
CA GLY A 184 34.06 43.80 1.91
C GLY A 184 33.45 44.19 3.24
N ARG A 185 32.76 43.25 3.89
CA ARG A 185 32.11 43.51 5.16
C ARG A 185 32.37 42.35 6.12
N MET A 186 32.26 42.64 7.41
CA MET A 186 32.47 41.66 8.47
C MET A 186 31.18 40.95 8.85
N ALA A 187 30.19 40.89 7.95
CA ALA A 187 28.91 40.23 8.23
C ALA A 187 29.11 38.73 8.09
N CYS A 188 29.66 38.12 9.14
CA CYS A 188 29.91 36.69 9.17
C CYS A 188 30.77 36.24 7.98
N SER A 189 31.72 37.09 7.59
CA SER A 189 32.61 36.79 6.48
C SER A 189 33.86 37.63 6.64
N PRO A 190 34.97 37.21 6.04
CA PRO A 190 36.20 38.00 6.14
C PRO A 190 36.10 39.31 5.35
N THR A 191 36.92 40.27 5.76
CA THR A 191 36.98 41.58 5.12
C THR A 191 38.40 41.77 4.59
N HIS A 192 38.63 41.31 3.36
CA HIS A 192 39.94 41.41 2.71
C HIS A 192 41.02 40.74 3.57
N ASP A 193 40.65 39.64 4.21
CA ASP A 193 41.57 38.89 5.07
C ASP A 193 42.24 37.81 4.22
N GLU A 194 43.44 38.10 3.72
CA GLU A 194 44.19 37.14 2.92
C GLU A 194 44.92 36.11 3.75
N HIS A 195 45.04 36.32 5.07
CA HIS A 195 45.71 35.40 5.97
C HIS A 195 44.72 34.70 6.89
N LEU A 196 43.54 34.38 6.36
CA LEU A 196 42.48 33.72 7.13
C LEU A 196 42.80 32.22 7.19
N LEU A 197 43.69 31.86 8.11
CA LEU A 197 44.13 30.50 8.31
C LEU A 197 43.67 29.99 9.67
N HIS A 198 43.47 28.67 9.76
CA HIS A 198 43.02 28.05 11.00
C HIS A 198 44.23 27.81 11.91
N GLY A 199 44.70 28.91 12.50
CA GLY A 199 45.86 28.85 13.38
C GLY A 199 47.11 28.38 12.68
N GLY A 200 47.37 28.89 11.48
CA GLY A 200 48.53 28.49 10.70
C GLY A 200 48.30 27.30 9.78
N GLN A 201 47.13 26.67 9.85
CA GLN A 201 46.78 25.53 9.01
C GLN A 201 45.75 25.95 7.96
N PRO A 202 45.56 25.13 6.93
CA PRO A 202 44.56 25.47 5.92
C PRO A 202 43.18 25.54 6.54
N PRO A 203 42.29 26.39 6.00
CA PRO A 203 40.95 26.51 6.60
C PRO A 203 40.18 25.21 6.66
N GLU A 204 40.36 24.34 5.67
CA GLU A 204 39.68 23.05 5.64
C GLU A 204 40.47 22.05 6.47
N GLY A 205 39.88 21.59 7.58
CA GLY A 205 40.58 20.64 8.43
C GLY A 205 40.85 19.32 7.74
N ASP A 206 39.89 18.84 6.94
CA ASP A 206 40.03 17.57 6.24
C ASP A 206 39.26 17.61 4.92
N PRO A 207 39.93 17.45 3.77
CA PRO A 207 39.19 17.43 2.50
C PRO A 207 38.21 16.29 2.40
N ASP A 208 38.38 15.22 3.19
CA ASP A 208 37.44 14.09 3.12
C ASP A 208 36.04 14.52 3.53
N LEU A 209 35.91 15.58 4.32
CA LEU A 209 34.59 16.05 4.73
C LEU A 209 33.79 16.54 3.52
N ALA A 210 34.47 17.10 2.51
CA ALA A 210 33.77 17.56 1.31
C ALA A 210 33.10 16.39 0.61
N LYS A 211 33.79 15.25 0.51
CA LYS A 211 33.19 14.07 -0.12
C LYS A 211 31.97 13.60 0.65
N ILE A 212 32.03 13.62 1.99
CA ILE A 212 30.90 13.23 2.79
C ILE A 212 29.73 14.18 2.56
N LEU A 213 30.01 15.47 2.39
CA LEU A 213 28.95 16.44 2.14
C LEU A 213 28.22 16.14 0.84
N GLU A 214 28.96 15.76 -0.21
CA GLU A 214 28.32 15.44 -1.48
C GLU A 214 27.39 14.24 -1.33
N GLU A 215 27.84 13.21 -0.62
CA GLU A 215 26.97 12.05 -0.39
C GLU A 215 25.78 12.43 0.47
N VAL A 216 26.01 13.21 1.53
CA VAL A 216 24.91 13.67 2.37
C VAL A 216 23.98 14.57 1.58
N ARG A 217 24.54 15.48 0.79
CA ARG A 217 23.71 16.36 -0.04
C ARG A 217 22.92 15.56 -1.05
N TYR A 218 23.53 14.54 -1.66
CA TYR A 218 22.82 13.70 -2.61
C TYR A 218 21.66 12.97 -1.93
N ILE A 219 21.88 12.48 -0.71
CA ILE A 219 20.79 11.85 0.03
C ILE A 219 19.68 12.85 0.31
N ALA A 220 20.06 14.06 0.73
CA ALA A 220 19.07 15.11 0.95
C ALA A 220 18.42 15.53 -0.36
N ASN A 221 19.18 15.54 -1.46
CA ASN A 221 18.61 15.90 -2.75
C ASN A 221 17.52 14.92 -3.16
N ARG A 222 17.74 13.62 -2.92
CA ARG A 222 16.72 12.63 -3.22
C ARG A 222 15.46 12.87 -2.41
N PHE A 223 15.62 13.20 -1.13
CA PHE A 223 14.46 13.54 -0.30
C PHE A 223 13.77 14.81 -0.79
N ARG A 224 14.54 15.75 -1.35
CA ARG A 224 13.94 16.95 -1.91
C ARG A 224 13.05 16.61 -3.09
N CYS A 225 13.46 15.64 -3.91
CA CYS A 225 12.62 15.21 -5.02
C CYS A 225 11.32 14.58 -4.53
N GLN A 226 11.37 13.87 -3.40
CA GLN A 226 10.15 13.32 -2.83
C GLN A 226 9.20 14.43 -2.41
N ASP A 227 9.73 15.51 -1.82
CA ASP A 227 8.89 16.65 -1.49
C ASP A 227 8.37 17.33 -2.74
N GLU A 228 9.16 17.39 -3.80
CA GLU A 228 8.69 17.95 -5.06
C GLU A 228 7.53 17.13 -5.62
N SER A 229 7.63 15.80 -5.53
CA SER A 229 6.53 14.95 -5.99
C SER A 229 5.26 15.20 -5.19
N GLU A 230 5.41 15.44 -3.88
CA GLU A 230 4.23 15.76 -3.07
C GLU A 230 3.58 17.05 -3.53
N ALA A 231 4.39 18.06 -3.85
CA ALA A 231 3.84 19.31 -4.38
C ALA A 231 3.18 19.07 -5.74
N VAL A 232 3.81 18.26 -6.60
CA VAL A 232 3.20 17.91 -7.87
C VAL A 232 1.93 17.11 -7.65
N CYS A 233 1.97 16.14 -6.72
CA CYS A 233 0.77 15.38 -6.40
C CYS A 233 -0.30 16.28 -5.79
N SER A 234 0.11 17.20 -4.92
CA SER A 234 -0.84 18.15 -4.36
C SER A 234 -1.38 19.10 -5.43
N GLU A 235 -0.52 19.52 -6.36
CA GLU A 235 -0.99 20.36 -7.46
C GLU A 235 -1.99 19.62 -8.33
N TRP A 236 -1.72 18.33 -8.61
CA TRP A 236 -2.68 17.53 -9.37
C TRP A 236 -3.88 17.14 -8.52
N LYS A 237 -3.70 17.03 -7.20
CA LYS A 237 -4.84 16.72 -6.33
C LYS A 237 -5.89 17.81 -6.40
N PHE A 238 -5.46 19.08 -6.36
CA PHE A 238 -6.41 20.17 -6.51
C PHE A 238 -7.04 20.18 -7.90
N ALA A 239 -6.24 19.91 -8.93
CA ALA A 239 -6.78 19.85 -10.28
C ALA A 239 -7.79 18.71 -10.43
N ALA A 240 -7.66 17.67 -9.62
CA ALA A 240 -8.60 16.56 -9.65
C ALA A 240 -9.82 16.80 -8.78
N CYS A 241 -9.65 17.49 -7.65
CA CYS A 241 -10.79 17.76 -6.77
C CYS A 241 -11.74 18.78 -7.37
N VAL A 242 -11.21 19.77 -8.10
CA VAL A 242 -12.08 20.76 -8.73
C VAL A 242 -13.01 20.11 -9.73
N VAL A 243 -12.49 19.18 -10.52
CA VAL A 243 -13.33 18.46 -11.47
C VAL A 243 -14.41 17.67 -10.73
N ASP A 244 -14.02 16.99 -9.66
CA ASP A 244 -15.00 16.25 -8.87
C ASP A 244 -16.03 17.18 -8.26
N ARG A 245 -15.58 18.31 -7.71
CA ARG A 245 -16.52 19.28 -7.15
C ARG A 245 -17.34 19.95 -8.24
N LEU A 246 -16.70 20.30 -9.36
CA LEU A 246 -17.43 20.93 -10.46
C LEU A 246 -18.48 19.99 -11.03
N CYS A 247 -18.15 18.71 -11.17
CA CYS A 247 -19.12 17.74 -11.66
C CYS A 247 -20.29 17.59 -10.71
N LEU A 248 -20.06 17.80 -9.41
CA LEU A 248 -21.15 17.70 -8.45
C LEU A 248 -22.23 18.74 -8.73
N MET A 249 -21.82 19.98 -9.02
CA MET A 249 -22.80 21.02 -9.33
C MET A 249 -23.48 20.73 -10.67
N ALA A 250 -22.72 20.28 -11.66
CA ALA A 250 -23.32 19.97 -12.96
C ALA A 250 -24.34 18.85 -12.85
N PHE A 251 -24.00 17.80 -12.10
CA PHE A 251 -24.94 16.69 -11.93
C PHE A 251 -26.09 17.06 -11.00
N SER A 252 -25.87 18.02 -10.10
CA SER A 252 -26.95 18.45 -9.22
C SER A 252 -28.10 19.05 -10.01
N VAL A 253 -27.79 19.88 -11.02
CA VAL A 253 -28.84 20.46 -11.85
C VAL A 253 -29.56 19.36 -12.62
N PHE A 254 -28.82 18.40 -13.18
CA PHE A 254 -29.44 17.31 -13.91
C PHE A 254 -30.33 16.47 -12.99
N THR A 255 -29.86 16.20 -11.76
CA THR A 255 -30.67 15.44 -10.82
C THR A 255 -31.96 16.18 -10.48
N ILE A 256 -31.87 17.49 -10.28
CA ILE A 256 -33.06 18.29 -10.00
C ILE A 256 -34.01 18.23 -11.18
N ILE A 257 -33.49 18.36 -12.40
CA ILE A 257 -34.33 18.30 -13.59
C ILE A 257 -35.01 16.94 -13.70
N CYS A 258 -34.25 15.87 -13.45
CA CYS A 258 -34.83 14.53 -13.51
C CYS A 258 -35.92 14.37 -12.46
N THR A 259 -35.69 14.86 -11.24
CA THR A 259 -36.71 14.77 -10.20
C THR A 259 -37.96 15.56 -10.58
N ILE A 260 -37.78 16.75 -11.17
CA ILE A 260 -38.91 17.55 -11.59
C ILE A 260 -39.71 16.83 -12.66
N GLY A 261 -39.03 16.23 -13.63
CA GLY A 261 -39.73 15.50 -14.67
C GLY A 261 -40.52 14.32 -14.12
N ILE A 262 -39.97 13.63 -13.12
CA ILE A 262 -40.67 12.50 -12.52
C ILE A 262 -41.97 12.97 -11.86
N LEU A 263 -41.92 14.12 -11.19
CA LEU A 263 -43.10 14.64 -10.51
C LEU A 263 -44.19 15.09 -11.48
N MET A 264 -43.88 15.21 -12.77
CA MET A 264 -44.85 15.62 -13.77
C MET A 264 -45.38 14.45 -14.59
N SER A 265 -44.59 13.39 -14.76
CA SER A 265 -45.03 12.22 -15.51
C SER A 265 -45.60 11.12 -14.63
N ALA A 266 -45.18 11.04 -13.37
CA ALA A 266 -45.71 10.02 -12.47
C ALA A 266 -47.22 10.12 -12.29
N PRO A 267 -47.80 11.30 -12.07
CA PRO A 267 -49.27 11.36 -11.89
C PRO A 267 -50.04 10.85 -13.09
N ASN A 268 -49.49 10.97 -14.29
CA ASN A 268 -50.18 10.51 -15.49
C ASN A 268 -49.92 9.04 -15.79
N PHE A 269 -48.69 8.57 -15.61
CA PHE A 269 -48.33 7.18 -15.85
C PHE A 269 -48.28 6.35 -14.58
N VAL A 270 -47.50 6.78 -13.60
CA VAL A 270 -47.38 6.06 -12.34
C VAL A 270 -48.60 6.32 -11.47
N LEU B 7 -43.85 -20.09 12.00
CA LEU B 7 -43.11 -19.01 11.34
C LEU B 7 -42.10 -19.58 10.36
N TYR B 8 -42.57 -20.00 9.18
CA TYR B 8 -41.68 -20.56 8.17
C TYR B 8 -40.80 -19.46 7.57
N TYR B 9 -41.42 -18.46 6.96
CA TYR B 9 -40.68 -17.34 6.37
C TYR B 9 -40.26 -16.31 7.40
N GLY B 10 -40.84 -16.34 8.60
CA GLY B 10 -40.45 -15.37 9.63
C GLY B 10 -39.10 -15.68 10.24
N LEU B 11 -38.73 -16.95 10.31
CA LEU B 11 -37.45 -17.37 10.87
C LEU B 11 -36.34 -17.40 9.82
N ASN B 12 -36.64 -17.12 8.55
CA ASN B 12 -35.65 -17.13 7.49
C ASN B 12 -35.48 -15.78 6.80
N LEU B 13 -36.42 -14.86 6.95
CA LEU B 13 -36.33 -13.54 6.32
C LEU B 13 -36.24 -12.41 7.34
N LEU B 14 -36.98 -12.48 8.44
CA LEU B 14 -36.91 -11.44 9.45
C LEU B 14 -35.64 -11.57 10.30
N ILE B 15 -35.23 -12.80 10.61
CA ILE B 15 -34.05 -12.98 11.46
C ILE B 15 -32.80 -12.40 10.81
N PRO B 16 -32.51 -12.66 9.54
CA PRO B 16 -31.31 -12.06 8.94
C PRO B 16 -31.30 -10.55 8.97
N CYS B 17 -32.48 -9.92 9.01
CA CYS B 17 -32.54 -8.45 9.06
C CYS B 17 -31.84 -7.93 10.30
N VAL B 18 -32.05 -8.58 11.45
CA VAL B 18 -31.36 -8.16 12.67
C VAL B 18 -29.87 -8.43 12.56
N LEU B 19 -29.49 -9.54 11.93
CA LEU B 19 -28.08 -9.87 11.79
C LEU B 19 -27.35 -8.80 10.98
N ILE B 20 -27.96 -8.33 9.90
CA ILE B 20 -27.34 -7.30 9.08
C ILE B 20 -27.13 -6.03 9.89
N SER B 21 -28.14 -5.62 10.67
CA SER B 21 -28.00 -4.44 11.51
C SER B 21 -26.95 -4.65 12.59
N ALA B 22 -26.88 -5.85 13.18
CA ALA B 22 -25.89 -6.11 14.21
C ALA B 22 -24.47 -6.13 13.63
N LEU B 23 -24.33 -6.65 12.40
CA LEU B 23 -23.01 -6.67 11.77
C LEU B 23 -22.51 -5.27 11.45
N ALA B 24 -23.42 -4.34 11.14
CA ALA B 24 -23.01 -2.97 10.84
C ALA B 24 -22.38 -2.31 12.05
N LEU B 25 -22.88 -2.61 13.25
CA LEU B 25 -22.31 -2.00 14.46
C LEU B 25 -20.87 -2.42 14.67
N LEU B 26 -20.52 -3.67 14.32
CA LEU B 26 -19.15 -4.12 14.49
C LEU B 26 -18.19 -3.43 13.53
N VAL B 27 -18.70 -2.89 12.42
CA VAL B 27 -17.82 -2.18 11.48
C VAL B 27 -17.27 -0.92 12.12
N PHE B 28 -18.10 -0.20 12.88
CA PHE B 28 -17.65 1.03 13.50
C PHE B 28 -16.51 0.78 14.49
N LEU B 29 -16.46 -0.40 15.10
CA LEU B 29 -15.40 -0.70 16.05
C LEU B 29 -14.04 -0.81 15.38
N LEU B 30 -14.00 -1.05 14.07
CA LEU B 30 -12.73 -1.15 13.37
C LEU B 30 -12.01 0.20 13.43
N PRO B 31 -10.70 0.21 13.67
CA PRO B 31 -9.98 1.49 13.70
C PRO B 31 -9.99 2.17 12.34
N ALA B 32 -9.96 3.51 12.37
CA ALA B 32 -9.99 4.28 11.13
C ALA B 32 -8.72 4.08 10.30
N ASP B 33 -7.63 3.60 10.91
CA ASP B 33 -6.38 3.41 10.17
C ASP B 33 -6.44 2.21 9.24
N SER B 34 -7.43 1.33 9.39
CA SER B 34 -7.51 0.16 8.52
C SER B 34 -7.89 0.58 7.10
N GLY B 35 -7.15 0.06 6.13
CA GLY B 35 -7.42 0.40 4.73
C GLY B 35 -8.59 -0.36 4.13
N GLU B 36 -9.05 -1.42 4.79
CA GLU B 36 -10.15 -2.24 4.30
C GLU B 36 -11.46 -1.93 5.01
N LYS B 37 -11.55 -0.80 5.69
CA LYS B 37 -12.78 -0.44 6.39
C LYS B 37 -13.94 -0.28 5.42
N ILE B 38 -13.70 0.35 4.28
CA ILE B 38 -14.75 0.54 3.29
C ILE B 38 -15.21 -0.81 2.73
N SER B 39 -14.27 -1.74 2.55
CA SER B 39 -14.64 -3.05 2.01
C SER B 39 -15.57 -3.79 2.96
N LEU B 40 -15.31 -3.72 4.26
CA LEU B 40 -16.14 -4.42 5.23
C LEU B 40 -17.57 -3.89 5.20
N GLY B 41 -17.73 -2.58 5.11
CA GLY B 41 -19.06 -1.99 5.10
C GLY B 41 -19.83 -2.22 3.82
N ILE B 42 -19.13 -2.45 2.72
CA ILE B 42 -19.82 -2.70 1.45
C ILE B 42 -20.55 -4.04 1.49
N THR B 43 -19.93 -5.06 2.08
CA THR B 43 -20.55 -6.38 2.13
C THR B 43 -21.83 -6.34 2.96
N VAL B 44 -21.88 -5.50 3.99
CA VAL B 44 -23.08 -5.41 4.82
C VAL B 44 -24.27 -4.96 3.99
N LEU B 45 -24.07 -3.93 3.16
CA LEU B 45 -25.14 -3.47 2.29
C LEU B 45 -25.41 -4.46 1.17
N LEU B 46 -24.35 -5.09 0.63
CA LEU B 46 -24.53 -6.05 -0.44
C LEU B 46 -25.34 -7.25 0.02
N SER B 47 -25.06 -7.75 1.24
CA SER B 47 -25.81 -8.89 1.74
C SER B 47 -27.27 -8.55 1.98
N LEU B 48 -27.58 -7.29 2.30
CA LEU B 48 -28.96 -6.90 2.51
C LEU B 48 -29.77 -7.01 1.22
N THR B 49 -29.16 -6.64 0.09
CA THR B 49 -29.89 -6.70 -1.18
C THR B 49 -30.17 -8.15 -1.58
N VAL B 50 -29.28 -9.07 -1.27
CA VAL B 50 -29.49 -10.48 -1.62
C VAL B 50 -30.73 -11.01 -0.93
N PHE B 51 -30.89 -10.71 0.37
CA PHE B 51 -32.06 -11.15 1.10
C PHE B 51 -33.29 -10.29 0.81
N MET B 52 -33.10 -9.08 0.30
CA MET B 52 -34.24 -8.22 0.00
C MET B 52 -35.08 -8.81 -1.12
N LEU B 53 -34.45 -9.38 -2.14
CA LEU B 53 -35.20 -9.95 -3.26
C LEU B 53 -36.10 -11.09 -2.81
N LEU B 54 -35.68 -11.86 -1.80
CA LEU B 54 -36.50 -12.95 -1.32
C LEU B 54 -37.81 -12.45 -0.73
N VAL B 55 -37.77 -11.34 0.01
CA VAL B 55 -38.98 -10.81 0.62
C VAL B 55 -39.85 -10.08 -0.40
N ALA B 56 -39.28 -9.64 -1.52
CA ALA B 56 -40.06 -8.93 -2.52
C ALA B 56 -41.16 -9.83 -3.10
N GLU B 57 -40.83 -11.09 -3.38
CA GLU B 57 -41.82 -12.01 -3.92
C GLU B 57 -42.90 -12.33 -2.90
N ILE B 58 -42.55 -12.42 -1.62
CA ILE B 58 -43.53 -12.73 -0.59
C ILE B 58 -44.55 -11.60 -0.47
N MET B 59 -44.09 -10.36 -0.55
CA MET B 59 -45.00 -9.22 -0.42
C MET B 59 -46.01 -9.25 -1.56
N PRO B 60 -47.31 -9.14 -1.27
CA PRO B 60 -48.30 -9.12 -2.36
C PRO B 60 -48.06 -7.97 -3.32
N SER B 61 -48.31 -8.23 -4.61
CA SER B 61 -48.14 -7.22 -5.65
C SER B 61 -49.41 -6.37 -5.71
N THR B 62 -49.47 -5.37 -4.84
CA THR B 62 -50.63 -4.49 -4.76
C THR B 62 -50.39 -3.24 -5.61
N SER B 63 -51.33 -2.30 -5.56
CA SER B 63 -51.25 -1.06 -6.31
C SER B 63 -50.79 0.12 -5.45
N ASP B 64 -51.41 0.31 -4.28
CA ASP B 64 -51.03 1.39 -3.39
C ASP B 64 -51.01 0.97 -1.93
N SER B 65 -51.17 -0.31 -1.63
CA SER B 65 -51.16 -0.82 -0.25
C SER B 65 -49.77 -1.37 0.03
N SER B 66 -48.89 -0.51 0.55
CA SER B 66 -47.53 -0.91 0.87
C SER B 66 -47.53 -1.75 2.15
N PRO B 67 -47.00 -2.97 2.13
CA PRO B 67 -46.93 -3.75 3.37
C PRO B 67 -46.08 -3.07 4.43
N SER B 68 -46.46 -3.27 5.69
CA SER B 68 -45.71 -2.67 6.79
C SER B 68 -44.28 -3.19 6.87
N ILE B 69 -44.00 -4.35 6.28
CA ILE B 69 -42.64 -4.89 6.29
C ILE B 69 -41.69 -3.95 5.55
N ALA B 70 -42.19 -3.24 4.54
CA ALA B 70 -41.35 -2.33 3.79
C ALA B 70 -40.81 -1.21 4.68
N GLN B 71 -41.65 -0.70 5.59
CA GLN B 71 -41.20 0.36 6.49
C GLN B 71 -40.04 -0.09 7.36
N TYR B 72 -40.12 -1.33 7.88
CA TYR B 72 -39.03 -1.84 8.71
C TYR B 72 -37.73 -1.94 7.93
N PHE B 73 -37.81 -2.42 6.68
CA PHE B 73 -36.61 -2.50 5.85
C PHE B 73 -36.04 -1.12 5.55
N ALA B 74 -36.88 -0.10 5.45
CA ALA B 74 -36.39 1.24 5.19
C ALA B 74 -35.52 1.74 6.34
N SER B 75 -35.95 1.50 7.58
CA SER B 75 -35.15 1.91 8.73
C SER B 75 -33.85 1.14 8.81
N THR B 76 -33.89 -0.17 8.51
CA THR B 76 -32.69 -0.98 8.57
C THR B 76 -31.65 -0.51 7.56
N MET B 77 -32.09 -0.18 6.34
CA MET B 77 -31.15 0.27 5.32
C MET B 77 -30.54 1.63 5.66
N ILE B 78 -31.25 2.45 6.43
CA ILE B 78 -30.70 3.74 6.84
C ILE B 78 -29.47 3.54 7.71
N ILE B 79 -29.54 2.61 8.66
CA ILE B 79 -28.40 2.33 9.52
C ILE B 79 -27.24 1.79 8.69
N VAL B 80 -27.54 0.83 7.81
CA VAL B 80 -26.49 0.27 6.95
C VAL B 80 -25.99 1.32 5.96
N GLY B 81 -26.91 2.07 5.36
CA GLY B 81 -26.50 3.11 4.42
C GLY B 81 -25.67 4.20 5.08
N LEU B 82 -26.07 4.61 6.28
CA LEU B 82 -25.31 5.63 7.00
C LEU B 82 -23.91 5.14 7.37
N SER B 83 -23.77 3.83 7.61
CA SER B 83 -22.46 3.28 7.94
C SER B 83 -21.49 3.47 6.78
N VAL B 84 -21.94 3.22 5.55
CA VAL B 84 -21.09 3.44 4.39
C VAL B 84 -20.75 4.92 4.25
N VAL B 85 -21.74 5.79 4.43
CA VAL B 85 -21.49 7.23 4.37
C VAL B 85 -20.55 7.64 5.49
N VAL B 86 -20.77 7.13 6.70
CA VAL B 86 -19.89 7.44 7.82
C VAL B 86 -18.47 6.94 7.54
N THR B 87 -18.35 5.74 6.98
CA THR B 87 -17.03 5.21 6.65
C THR B 87 -16.32 6.10 5.63
N VAL B 88 -17.06 6.62 4.65
CA VAL B 88 -16.48 7.54 3.68
C VAL B 88 -15.99 8.79 4.38
N ILE B 89 -16.78 9.32 5.30
CA ILE B 89 -16.38 10.53 6.02
C ILE B 89 -15.11 10.29 6.82
N VAL B 90 -14.91 9.06 7.30
CA VAL B 90 -13.70 8.75 8.08
C VAL B 90 -12.46 8.96 7.21
N LEU B 91 -12.50 8.49 5.96
CA LEU B 91 -11.35 8.67 5.08
C LEU B 91 -11.07 10.14 4.80
N GLN B 92 -12.13 10.95 4.67
CA GLN B 92 -11.93 12.37 4.41
C GLN B 92 -11.20 13.07 5.55
N TYR B 93 -11.36 12.57 6.77
CA TYR B 93 -10.68 13.18 7.91
C TYR B 93 -9.17 13.02 7.82
N HIS B 94 -8.70 11.91 7.27
CA HIS B 94 -7.26 11.68 7.16
C HIS B 94 -6.57 12.66 6.24
N HIS B 95 -7.33 13.34 5.37
CA HIS B 95 -6.78 14.32 4.44
C HIS B 95 -7.25 15.74 4.68
N HIS B 96 -8.48 15.93 5.19
CA HIS B 96 -9.04 17.24 5.47
C HIS B 96 -8.72 18.24 4.36
N ASP B 97 -8.81 17.79 3.11
CA ASP B 97 -8.53 18.68 1.99
C ASP B 97 -9.58 19.78 1.91
N PRO B 98 -9.19 21.05 1.82
CA PRO B 98 -10.20 22.12 1.72
C PRO B 98 -11.12 21.96 0.52
N ASP B 99 -10.62 21.40 -0.58
CA ASP B 99 -11.46 21.23 -1.77
C ASP B 99 -12.62 20.27 -1.50
N GLY B 100 -12.44 19.34 -0.57
CA GLY B 100 -13.49 18.39 -0.24
C GLY B 100 -13.28 17.73 1.10
N GLY B 101 -14.32 17.70 1.93
CA GLY B 101 -14.24 17.11 3.25
C GLY B 101 -14.74 18.04 4.32
N LYS B 102 -14.03 18.11 5.44
CA LYS B 102 -14.39 19.00 6.55
C LYS B 102 -13.70 20.35 6.35
N MET B 103 -14.15 21.05 5.31
CA MET B 103 -13.57 22.36 4.99
C MET B 103 -13.73 23.36 6.13
N PRO B 104 -14.89 23.48 6.77
CA PRO B 104 -15.02 24.48 7.85
C PRO B 104 -14.01 24.24 8.96
N LYS B 105 -13.47 25.34 9.50
CA LYS B 105 -12.49 25.25 10.58
C LYS B 105 -13.13 25.17 11.95
N TRP B 106 -14.33 25.76 12.12
CA TRP B 106 -14.98 25.74 13.42
C TRP B 106 -15.48 24.35 13.80
N THR B 107 -15.69 23.47 12.81
CA THR B 107 -16.14 22.11 13.10
C THR B 107 -15.03 21.23 13.66
N ARG B 108 -13.76 21.61 13.45
CA ARG B 108 -12.66 20.81 13.98
C ARG B 108 -12.63 20.87 15.50
N VAL B 109 -12.93 22.04 16.08
CA VAL B 109 -12.91 22.17 17.53
C VAL B 109 -13.98 21.29 18.16
N ILE B 110 -15.16 21.21 17.54
CA ILE B 110 -16.22 20.38 18.07
C ILE B 110 -15.80 18.92 18.08
N LEU B 111 -15.13 18.47 17.01
CA LEU B 111 -14.69 17.08 16.94
C LEU B 111 -13.70 16.76 18.05
N LEU B 112 -12.77 17.69 18.32
CA LEU B 112 -11.78 17.44 19.36
C LEU B 112 -12.44 17.29 20.73
N ASN B 113 -13.58 17.94 20.95
CA ASN B 113 -14.29 17.79 22.22
C ASN B 113 -14.76 16.37 22.43
N TRP B 114 -15.21 15.69 21.37
CA TRP B 114 -15.68 14.32 21.50
C TRP B 114 -14.55 13.38 21.88
N CYS B 115 -13.32 13.65 21.41
CA CYS B 115 -12.19 12.79 21.76
C CYS B 115 -11.94 12.79 23.26
N ALA B 116 -12.01 13.96 23.89
CA ALA B 116 -11.83 14.07 25.33
C ALA B 116 -13.11 13.85 26.11
N TRP B 117 -14.25 13.70 25.42
CA TRP B 117 -15.51 13.49 26.13
C TRP B 117 -15.49 12.18 26.92
N PHE B 118 -14.94 11.12 26.33
CA PHE B 118 -14.88 9.85 27.02
C PHE B 118 -14.01 9.93 28.27
N LEU B 119 -12.88 10.63 28.18
CA LEU B 119 -12.01 10.77 29.34
C LEU B 119 -12.71 11.53 30.46
N ARG B 120 -13.42 12.61 30.13
CA ARG B 120 -14.16 13.43 31.10
C ARG B 120 -15.56 13.61 30.55
N MET B 121 -16.45 12.67 30.88
CA MET B 121 -17.82 12.73 30.38
C MET B 121 -18.60 13.82 31.11
N LYS B 122 -19.33 14.64 30.35
CA LYS B 122 -20.15 15.70 30.91
C LYS B 122 -21.56 15.22 31.27
N ARG B 123 -21.87 13.96 31.00
CA ARG B 123 -23.20 13.45 31.32
C ARG B 123 -23.42 13.45 32.83
N PRO B 124 -24.65 13.70 33.29
CA PRO B 124 -24.90 13.68 34.74
C PRO B 124 -24.52 12.36 35.40
N GLY B 125 -24.64 11.24 34.69
CA GLY B 125 -24.30 9.95 35.27
C GLY B 125 -22.82 9.79 35.58
N GLU B 126 -21.97 10.57 34.93
CA GLU B 126 -20.53 10.52 35.16
C GLU B 126 -19.94 11.84 35.64
N ASP B 127 -20.46 12.97 35.17
CA ASP B 127 -19.93 14.26 35.61
C ASP B 127 -20.24 14.52 37.09
N LYS B 128 -21.42 14.09 37.55
CA LYS B 128 -21.80 14.28 38.93
C LYS B 128 -21.30 13.17 39.84
N VAL B 129 -21.19 11.94 39.34
CA VAL B 129 -20.74 10.80 40.14
C VAL B 129 -19.21 10.77 40.01
N ARG B 130 -18.56 11.54 40.86
CA ARG B 130 -17.10 11.62 40.89
C ARG B 130 -16.69 12.47 42.09
N PRO B 131 -15.42 12.39 42.51
CA PRO B 131 -14.97 13.21 43.63
C PRO B 131 -15.16 14.69 43.35
N ALA B 132 -15.56 15.43 44.38
CA ALA B 132 -15.79 16.87 44.26
C ALA B 132 -15.70 17.49 45.65
N CYS B 133 -15.03 18.64 45.71
CA CYS B 133 -14.87 19.36 46.98
C CYS B 133 -14.59 20.82 46.66
N GLN B 134 -14.53 21.64 47.71
CA GLN B 134 -14.26 23.06 47.58
C GLN B 134 -12.82 23.41 47.89
N HIS B 135 -11.94 22.41 48.01
CA HIS B 135 -10.53 22.65 48.30
C HIS B 135 -9.81 23.04 47.01
N LYS B 136 -8.48 23.09 47.06
CA LYS B 136 -7.69 23.48 45.89
C LYS B 136 -7.73 22.45 44.78
N GLN B 137 -8.23 21.24 45.06
CA GLN B 137 -8.29 20.21 44.02
C GLN B 137 -9.22 20.62 42.88
N ARG B 138 -10.22 21.44 43.16
CA ARG B 138 -11.18 21.89 42.16
C ARG B 138 -11.10 23.40 41.93
N ARG B 139 -10.00 24.03 42.30
CA ARG B 139 -9.82 25.47 42.12
C ARG B 139 -9.17 25.75 40.77
N CYS B 140 -9.04 27.04 40.45
CA CYS B 140 -8.42 27.48 39.21
C CYS B 140 -7.43 28.58 39.49
N SER B 141 -6.43 28.69 38.62
CA SER B 141 -5.39 29.70 38.76
C SER B 141 -4.92 30.11 37.36
N LEU B 142 -3.80 30.84 37.30
CA LEU B 142 -3.28 31.28 36.02
C LEU B 142 -2.89 30.11 35.14
N ALA B 143 -2.26 29.08 35.72
CA ALA B 143 -1.85 27.93 34.93
C ALA B 143 -3.05 27.20 34.33
N SER B 144 -4.11 27.02 35.12
CA SER B 144 -5.29 26.33 34.61
C SER B 144 -5.97 27.12 33.50
N VAL B 145 -6.07 28.44 33.66
CA VAL B 145 -6.72 29.30 32.67
C VAL B 145 -5.64 29.74 31.69
N GLU B 146 -5.67 29.15 30.50
CA GLU B 146 -4.71 29.46 29.44
C GLU B 146 -5.26 30.46 28.42
N MET B 147 -6.32 31.19 28.78
CA MET B 147 -6.89 32.16 27.86
C MET B 147 -6.00 33.38 27.67
N SER B 148 -5.05 33.61 28.57
CA SER B 148 -4.14 34.75 28.50
C SER B 148 -2.77 34.35 27.99
N ALA B 149 -2.71 33.38 27.07
CA ALA B 149 -1.46 32.91 26.50
C ALA B 149 -0.52 32.37 27.59
N VAL B 150 -1.08 31.51 28.43
CA VAL B 150 -0.34 30.87 29.52
C VAL B 150 -0.13 29.41 29.17
N ALA B 151 1.12 28.95 29.28
CA ALA B 151 1.42 27.57 28.94
C ALA B 151 0.74 26.62 29.92
N PRO B 152 0.36 25.43 29.47
CA PRO B 152 -0.33 24.48 30.35
C PRO B 152 0.61 23.96 31.42
N PRO B 153 0.09 23.47 32.54
CA PRO B 153 0.95 22.92 33.59
C PRO B 153 1.78 21.76 33.06
N PRO B 154 3.02 21.60 33.53
CA PRO B 154 3.83 20.47 33.06
C PRO B 154 3.14 19.14 33.31
N ALA B 155 3.21 18.26 32.32
CA ALA B 155 2.60 16.95 32.42
C ALA B 155 3.27 16.01 31.43
N SER B 156 3.07 14.71 31.64
CA SER B 156 3.62 13.68 30.78
C SER B 156 2.70 13.34 29.62
N ASN B 157 1.52 13.97 29.52
CA ASN B 157 0.58 13.69 28.45
C ASN B 157 0.88 14.46 27.17
N GLY B 158 1.90 15.32 27.17
CA GLY B 158 2.25 16.08 25.99
C GLY B 158 2.23 17.58 26.21
N ASN B 159 2.36 18.00 27.47
CA ASN B 159 2.38 19.42 27.81
C ASN B 159 3.79 19.95 28.04
N LEU B 160 4.69 19.14 28.60
CA LEU B 160 6.06 19.59 28.81
C LEU B 160 6.81 19.75 27.49
N LEU B 161 6.52 18.88 26.51
CA LEU B 161 7.21 18.97 25.23
C LEU B 161 6.85 20.25 24.49
N TYR B 162 5.62 20.72 24.60
CA TYR B 162 5.21 21.93 23.91
C TYR B 162 6.00 23.14 24.41
N ILE B 163 6.24 23.22 25.72
CA ILE B 163 6.99 24.35 26.26
C ILE B 163 8.41 24.34 25.73
N GLY B 164 9.05 23.18 25.70
CA GLY B 164 10.42 23.06 25.26
C GLY B 164 10.57 22.92 23.76
N PHE B 165 9.94 21.89 23.19
CA PHE B 165 10.08 21.63 21.77
C PHE B 165 9.44 22.74 20.93
N ARG B 166 8.21 23.12 21.27
CA ARG B 166 7.50 24.16 20.53
C ARG B 166 7.73 25.53 21.18
N GLY B 167 8.98 25.96 21.17
CA GLY B 167 9.32 27.24 21.76
C GLY B 167 8.62 28.41 21.08
N LEU B 168 8.55 28.37 19.74
CA LEU B 168 7.93 29.43 18.96
C LEU B 168 8.59 30.77 19.25
N ASP B 169 9.87 30.86 18.90
CA ASP B 169 10.67 32.06 19.16
C ASP B 169 10.69 32.39 20.65
N GLY B 170 10.77 31.35 21.48
CA GLY B 170 10.79 31.53 22.92
C GLY B 170 12.10 31.09 23.55
N VAL B 171 12.01 30.40 24.69
CA VAL B 171 13.21 29.97 25.39
C VAL B 171 14.02 28.98 24.55
N HIS B 172 13.34 28.20 23.70
CA HIS B 172 14.04 27.21 22.89
C HIS B 172 14.88 27.88 21.81
N CYS B 173 14.30 28.83 21.08
CA CYS B 173 14.99 29.49 19.97
C CYS B 173 15.75 30.73 20.44
N VAL B 174 15.04 31.70 21.00
CA VAL B 174 15.64 32.98 21.40
C VAL B 174 15.42 33.18 22.90
N PRO B 175 16.37 32.80 23.76
CA PRO B 175 16.19 33.00 25.21
C PRO B 175 16.39 34.47 25.62
N THR B 176 15.33 35.25 25.44
CA THR B 176 15.40 36.68 25.78
C THR B 176 15.77 36.91 27.24
N PRO B 177 15.18 36.21 28.21
CA PRO B 177 15.56 36.43 29.61
C PRO B 177 17.05 36.16 29.83
N ASP B 178 17.74 37.16 30.38
CA ASP B 178 19.18 37.07 30.63
C ASP B 178 19.38 36.31 31.94
N SER B 179 19.58 35.00 31.84
CA SER B 179 19.82 34.17 33.00
C SER B 179 21.26 34.21 33.49
N GLY B 180 22.17 34.76 32.70
CA GLY B 180 23.57 34.83 33.10
C GLY B 180 24.22 33.48 33.23
N VAL B 181 23.88 32.52 32.37
CA VAL B 181 24.46 31.20 32.41
C VAL B 181 25.42 30.94 31.24
N VAL B 182 25.15 31.49 30.06
CA VAL B 182 26.01 31.26 28.92
C VAL B 182 27.40 31.82 29.18
N CYS B 183 27.48 33.05 29.72
CA CYS B 183 28.75 33.69 30.00
C CYS B 183 28.84 34.18 31.45
N GLY B 184 28.03 33.62 32.34
CA GLY B 184 28.04 34.02 33.74
C GLY B 184 28.23 32.87 34.70
N ARG B 185 28.03 31.65 34.23
CA ARG B 185 28.15 30.46 35.08
C ARG B 185 28.91 29.39 34.33
N MET B 186 29.51 28.48 35.09
CA MET B 186 30.30 27.38 34.55
C MET B 186 29.46 26.14 34.29
N ALA B 187 28.16 26.29 34.09
CA ALA B 187 27.26 25.15 33.85
C ALA B 187 27.39 24.75 32.39
N CYS B 188 28.46 23.99 32.10
CA CYS B 188 28.74 23.51 30.75
C CYS B 188 28.84 24.65 29.74
N SER B 189 29.38 25.78 30.18
CA SER B 189 29.54 26.95 29.31
C SER B 189 30.65 27.82 29.88
N PRO B 190 31.28 28.64 29.05
CA PRO B 190 32.33 29.52 29.57
C PRO B 190 31.78 30.60 30.47
N THR B 191 32.63 31.09 31.36
CA THR B 191 32.30 32.14 32.32
C THR B 191 33.19 33.35 32.02
N HIS B 192 32.74 34.21 31.12
CA HIS B 192 33.49 35.41 30.73
C HIS B 192 34.87 35.05 30.21
N ASP B 193 34.98 33.91 29.53
CA ASP B 193 36.26 33.45 28.98
C ASP B 193 36.37 33.96 27.55
N GLU B 194 37.08 35.07 27.38
CA GLU B 194 37.28 35.65 26.05
C GLU B 194 38.39 34.96 25.27
N HIS B 195 39.20 34.13 25.92
CA HIS B 195 40.29 33.41 25.27
C HIS B 195 39.99 31.92 25.16
N LEU B 196 38.72 31.58 24.92
CA LEU B 196 38.29 30.19 24.81
C LEU B 196 38.64 29.69 23.41
N LEU B 197 39.89 29.30 23.25
CA LEU B 197 40.42 28.81 21.98
C LEU B 197 40.79 27.34 22.12
N HIS B 198 40.74 26.64 20.98
CA HIS B 198 41.07 25.21 20.93
C HIS B 198 42.59 25.04 20.81
N GLY B 199 43.25 25.33 21.92
CA GLY B 199 44.70 25.22 21.95
C GLY B 199 45.40 26.20 21.02
N GLY B 200 44.93 27.46 20.99
CA GLY B 200 45.48 28.46 20.12
C GLY B 200 44.82 28.55 18.75
N GLN B 201 43.91 27.64 18.44
CA GLN B 201 43.19 27.62 17.17
C GLN B 201 41.73 28.05 17.38
N PRO B 202 41.04 28.40 16.31
CA PRO B 202 39.63 28.78 16.46
C PRO B 202 38.82 27.64 17.02
N PRO B 203 37.77 27.94 17.78
CA PRO B 203 36.97 26.84 18.38
C PRO B 203 36.41 25.87 17.35
N GLU B 204 36.04 26.35 16.17
CA GLU B 204 35.50 25.51 15.11
C GLU B 204 36.66 24.87 14.36
N GLY B 205 36.77 23.54 14.46
CA GLY B 205 37.84 22.85 13.77
C GLY B 205 37.75 22.96 12.26
N ASP B 206 36.53 22.88 11.73
CA ASP B 206 36.31 22.95 10.29
C ASP B 206 34.96 23.58 10.00
N PRO B 207 34.90 24.72 9.30
CA PRO B 207 33.59 25.30 8.95
C PRO B 207 32.74 24.40 8.07
N ASP B 208 33.35 23.45 7.36
CA ASP B 208 32.58 22.56 6.51
C ASP B 208 31.60 21.73 7.32
N LEU B 209 31.89 21.49 8.60
CA LEU B 209 30.98 20.71 9.43
C LEU B 209 29.64 21.43 9.60
N ALA B 210 29.64 22.75 9.60
CA ALA B 210 28.39 23.49 9.72
C ALA B 210 27.48 23.21 8.53
N LYS B 211 28.04 23.15 7.33
CA LYS B 211 27.24 22.84 6.15
C LYS B 211 26.66 21.44 6.25
N ILE B 212 27.44 20.48 6.74
CA ILE B 212 26.93 19.12 6.90
C ILE B 212 25.79 19.11 7.91
N LEU B 213 25.89 19.92 8.96
CA LEU B 213 24.84 19.96 9.96
C LEU B 213 23.52 20.44 9.35
N GLU B 214 23.58 21.46 8.49
CA GLU B 214 22.37 21.95 7.86
C GLU B 214 21.71 20.87 7.01
N GLU B 215 22.51 20.13 6.23
CA GLU B 215 21.95 19.03 5.44
C GLU B 215 21.41 17.93 6.34
N VAL B 216 22.15 17.58 7.40
CA VAL B 216 21.67 16.57 8.34
C VAL B 216 20.43 17.07 9.05
N ARG B 217 20.44 18.34 9.48
CA ARG B 217 19.26 18.90 10.14
C ARG B 217 18.07 18.93 9.20
N TYR B 218 18.30 19.27 7.93
CA TYR B 218 17.21 19.27 6.95
C TYR B 218 16.63 17.87 6.78
N ILE B 219 17.49 16.86 6.73
CA ILE B 219 17.02 15.48 6.65
C ILE B 219 16.21 15.13 7.89
N ALA B 220 16.70 15.51 9.06
CA ALA B 220 15.94 15.27 10.29
C ALA B 220 14.67 16.12 10.33
N ASN B 221 14.71 17.34 9.77
CA ASN B 221 13.53 18.17 9.74
C ASN B 221 12.42 17.51 8.91
N ARG B 222 12.78 16.90 7.78
CA ARG B 222 11.78 16.21 6.98
C ARG B 222 11.16 15.06 7.75
N PHE B 223 11.98 14.30 8.49
CA PHE B 223 11.45 13.23 9.32
C PHE B 223 10.56 13.78 10.43
N ARG B 224 10.87 14.98 10.94
CA ARG B 224 10.01 15.60 11.93
C ARG B 224 8.63 15.89 11.37
N CYS B 225 8.57 16.32 10.10
CA CYS B 225 7.28 16.56 9.47
C CYS B 225 6.48 15.27 9.34
N GLN B 226 7.16 14.14 9.09
CA GLN B 226 6.47 12.86 9.04
C GLN B 226 5.86 12.52 10.40
N ASP B 227 6.58 12.80 11.48
CA ASP B 227 6.02 12.59 12.81
C ASP B 227 4.87 13.53 13.08
N GLU B 228 4.96 14.78 12.59
CA GLU B 228 3.86 15.71 12.74
C GLU B 228 2.61 15.21 12.01
N SER B 229 2.79 14.64 10.81
CA SER B 229 1.65 14.07 10.10
C SER B 229 1.02 12.93 10.88
N GLU B 230 1.84 12.11 11.55
CA GLU B 230 1.30 11.03 12.36
C GLU B 230 0.45 11.58 13.51
N ALA B 231 0.92 12.66 14.15
CA ALA B 231 0.12 13.29 15.18
C ALA B 231 -1.15 13.88 14.61
N VAL B 232 -1.07 14.52 13.44
CA VAL B 232 -2.27 15.02 12.78
C VAL B 232 -3.18 13.87 12.39
N CYS B 233 -2.61 12.80 11.85
CA CYS B 233 -3.41 11.63 11.52
C CYS B 233 -4.02 11.00 12.78
N SER B 234 -3.22 10.92 13.85
CA SER B 234 -3.75 10.41 15.11
C SER B 234 -4.83 11.35 15.67
N GLU B 235 -4.63 12.66 15.53
CA GLU B 235 -5.65 13.61 15.96
C GLU B 235 -6.93 13.43 15.16
N TRP B 236 -6.79 13.24 13.84
CA TRP B 236 -7.97 12.99 13.02
C TRP B 236 -8.51 11.58 13.22
N LYS B 237 -7.63 10.63 13.55
CA LYS B 237 -8.08 9.27 13.83
C LYS B 237 -9.04 9.24 15.01
N PHE B 238 -8.69 9.96 16.09
CA PHE B 238 -9.60 10.04 17.23
C PHE B 238 -10.89 10.75 16.85
N ALA B 239 -10.78 11.83 16.08
CA ALA B 239 -11.98 12.54 15.63
C ALA B 239 -12.85 11.67 14.72
N ALA B 240 -12.28 10.65 14.09
CA ALA B 240 -13.04 9.75 13.24
C ALA B 240 -13.60 8.56 14.01
N CYS B 241 -12.89 8.08 15.03
CA CYS B 241 -13.38 6.95 15.82
C CYS B 241 -14.53 7.36 16.72
N VAL B 242 -14.51 8.59 17.23
CA VAL B 242 -15.62 9.05 18.08
C VAL B 242 -16.92 9.06 17.30
N VAL B 243 -16.88 9.53 16.05
CA VAL B 243 -18.08 9.52 15.22
C VAL B 243 -18.55 8.09 14.99
N ASP B 244 -17.61 7.18 14.70
CA ASP B 244 -17.98 5.78 14.51
C ASP B 244 -18.55 5.19 15.79
N ARG B 245 -17.92 5.49 16.94
CA ARG B 245 -18.44 4.99 18.22
C ARG B 245 -19.75 5.69 18.58
N LEU B 246 -19.82 7.00 18.36
CA LEU B 246 -21.05 7.73 18.66
C LEU B 246 -22.21 7.23 17.81
N CYS B 247 -21.96 6.98 16.52
CA CYS B 247 -23.01 6.46 15.65
C CYS B 247 -23.47 5.08 16.11
N LEU B 248 -22.58 4.30 16.74
CA LEU B 248 -22.98 2.98 17.22
C LEU B 248 -24.08 3.09 18.27
N MET B 249 -23.94 4.01 19.21
CA MET B 249 -24.97 4.20 20.22
C MET B 249 -26.26 4.73 19.59
N ALA B 250 -26.15 5.68 18.66
CA ALA B 250 -27.33 6.23 18.02
C ALA B 250 -28.09 5.16 17.24
N PHE B 251 -27.36 4.32 16.50
CA PHE B 251 -28.01 3.25 15.74
C PHE B 251 -28.48 2.13 16.64
N SER B 252 -27.84 1.96 17.81
CA SER B 252 -28.28 0.92 18.74
C SER B 252 -29.70 1.18 19.22
N VAL B 253 -30.02 2.44 19.53
CA VAL B 253 -31.37 2.78 19.97
C VAL B 253 -32.36 2.54 18.83
N PHE B 254 -31.99 2.96 17.61
CA PHE B 254 -32.87 2.73 16.47
C PHE B 254 -33.09 1.25 16.22
N THR B 255 -32.03 0.45 16.32
CA THR B 255 -32.17 -1.00 16.14
C THR B 255 -33.09 -1.60 17.19
N ILE B 256 -32.96 -1.16 18.44
CA ILE B 256 -33.82 -1.66 19.49
C ILE B 256 -35.27 -1.27 19.21
N ILE B 257 -35.50 -0.02 18.78
CA ILE B 257 -36.85 0.42 18.47
C ILE B 257 -37.43 -0.41 17.33
N CYS B 258 -36.63 -0.64 16.28
CA CYS B 258 -37.11 -1.44 15.16
C CYS B 258 -37.45 -2.86 15.60
N THR B 259 -36.61 -3.46 16.46
CA THR B 259 -36.90 -4.80 16.95
C THR B 259 -38.18 -4.82 17.77
N ILE B 260 -38.39 -3.80 18.61
CA ILE B 260 -39.60 -3.74 19.42
C ILE B 260 -40.84 -3.65 18.52
N GLY B 261 -40.77 -2.81 17.48
CA GLY B 261 -41.91 -2.69 16.59
C GLY B 261 -42.22 -3.98 15.87
N ILE B 262 -41.19 -4.74 15.49
CA ILE B 262 -41.41 -6.02 14.81
C ILE B 262 -42.13 -6.99 15.73
N LEU B 263 -41.76 -7.01 17.01
CA LEU B 263 -42.38 -7.91 17.97
C LEU B 263 -43.84 -7.57 18.26
N MET B 264 -44.29 -6.38 17.86
CA MET B 264 -45.68 -5.97 18.09
C MET B 264 -46.56 -6.15 16.85
N SER B 265 -45.99 -6.03 15.66
CA SER B 265 -46.77 -6.20 14.43
C SER B 265 -46.70 -7.61 13.86
N ALA B 266 -45.65 -8.37 14.18
CA ALA B 266 -45.54 -9.74 13.67
C ALA B 266 -46.71 -10.61 14.10
N PRO B 267 -47.15 -10.60 15.36
CA PRO B 267 -48.29 -11.47 15.74
C PRO B 267 -49.55 -11.14 14.97
N ASN B 268 -49.73 -9.91 14.52
CA ASN B 268 -50.93 -9.52 13.78
C ASN B 268 -50.81 -9.81 12.29
N PHE B 269 -49.66 -9.50 11.70
CA PHE B 269 -49.41 -9.73 10.28
C PHE B 269 -48.64 -11.01 10.01
N VAL B 270 -47.47 -11.16 10.61
CA VAL B 270 -46.65 -12.34 10.41
C VAL B 270 -47.21 -13.51 11.21
N LEU C 7 -29.51 -39.66 -5.15
CA LEU C 7 -29.29 -38.34 -4.56
C LEU C 7 -28.95 -37.32 -5.63
N TYR C 8 -29.97 -36.85 -6.35
CA TYR C 8 -29.76 -35.86 -7.40
C TYR C 8 -29.39 -34.51 -6.80
N TYR C 9 -30.28 -33.94 -5.98
CA TYR C 9 -30.02 -32.66 -5.33
C TYR C 9 -29.15 -32.80 -4.10
N GLY C 10 -28.96 -34.01 -3.57
CA GLY C 10 -28.11 -34.20 -2.41
C GLY C 10 -26.64 -34.10 -2.73
N LEU C 11 -26.25 -34.45 -3.95
CA LEU C 11 -24.85 -34.38 -4.38
C LEU C 11 -24.50 -33.04 -5.01
N ASN C 12 -25.48 -32.13 -5.16
CA ASN C 12 -25.24 -30.82 -5.74
C ASN C 12 -25.52 -29.67 -4.81
N LEU C 13 -26.25 -29.88 -3.72
CA LEU C 13 -26.56 -28.83 -2.76
C LEU C 13 -25.96 -29.07 -1.38
N LEU C 14 -25.97 -30.32 -0.90
CA LEU C 14 -25.36 -30.61 0.39
C LEU C 14 -23.84 -30.67 0.30
N ILE C 15 -23.30 -31.21 -0.79
CA ILE C 15 -21.86 -31.32 -0.93
C ILE C 15 -21.18 -29.95 -0.89
N PRO C 16 -21.62 -28.95 -1.65
CA PRO C 16 -20.96 -27.64 -1.57
C PRO C 16 -20.99 -27.03 -0.18
N CYS C 17 -21.97 -27.39 0.65
CA CYS C 17 -22.04 -26.84 2.00
C CYS C 17 -20.80 -27.21 2.80
N VAL C 18 -20.34 -28.45 2.69
CA VAL C 18 -19.13 -28.87 3.39
C VAL C 18 -17.91 -28.14 2.84
N LEU C 19 -17.90 -27.92 1.52
CA LEU C 19 -16.76 -27.23 0.90
C LEU C 19 -16.64 -25.80 1.43
N ILE C 20 -17.76 -25.11 1.59
CA ILE C 20 -17.71 -23.74 2.11
C ILE C 20 -17.15 -23.73 3.52
N SER C 21 -17.59 -24.67 4.37
CA SER C 21 -17.06 -24.75 5.72
C SER C 21 -15.58 -25.12 5.73
N ALA C 22 -15.16 -26.01 4.84
CA ALA C 22 -13.75 -26.39 4.78
C ALA C 22 -12.90 -25.23 4.27
N LEU C 23 -13.42 -24.44 3.34
CA LEU C 23 -12.66 -23.30 2.82
C LEU C 23 -12.47 -22.24 3.89
N ALA C 24 -13.43 -22.09 4.80
CA ALA C 24 -13.30 -21.09 5.86
C ALA C 24 -12.13 -21.41 6.78
N LEU C 25 -11.87 -22.69 7.04
CA LEU C 25 -10.77 -23.07 7.91
C LEU C 25 -9.42 -22.65 7.32
N LEU C 26 -9.28 -22.72 5.99
CA LEU C 26 -8.03 -22.33 5.36
C LEU C 26 -7.77 -20.83 5.45
N VAL C 27 -8.82 -20.04 5.65
CA VAL C 27 -8.63 -18.59 5.78
C VAL C 27 -7.87 -18.27 7.05
N PHE C 28 -8.15 -18.99 8.14
CA PHE C 28 -7.48 -18.73 9.40
C PHE C 28 -5.98 -19.00 9.30
N LEU C 29 -5.57 -19.92 8.44
CA LEU C 29 -4.15 -20.23 8.29
C LEU C 29 -3.37 -19.08 7.69
N LEU C 30 -4.04 -18.18 6.96
CA LEU C 30 -3.34 -17.06 6.37
C LEU C 30 -2.77 -16.16 7.47
N PRO C 31 -1.54 -15.67 7.33
CA PRO C 31 -0.97 -14.80 8.36
C PRO C 31 -1.75 -13.50 8.47
N ALA C 32 -1.76 -12.94 9.68
CA ALA C 32 -2.48 -11.69 9.93
C ALA C 32 -1.87 -10.52 9.18
N ASP C 33 -0.60 -10.62 8.79
CA ASP C 33 0.06 -9.51 8.09
C ASP C 33 -0.44 -9.34 6.67
N SER C 34 -1.16 -10.31 6.12
CA SER C 34 -1.67 -10.19 4.76
C SER C 34 -2.76 -9.14 4.68
N GLY C 35 -2.65 -8.24 3.71
CA GLY C 35 -3.63 -7.19 3.54
C GLY C 35 -4.93 -7.63 2.91
N GLU C 36 -4.93 -8.79 2.25
CA GLU C 36 -6.11 -9.31 1.58
C GLU C 36 -6.80 -10.41 2.37
N LYS C 37 -6.53 -10.50 3.68
CA LYS C 37 -7.18 -11.52 4.50
C LYS C 37 -8.69 -11.33 4.52
N ILE C 38 -9.15 -10.08 4.64
CA ILE C 38 -10.58 -9.82 4.66
C ILE C 38 -11.22 -10.20 3.32
N SER C 39 -10.51 -9.94 2.22
CA SER C 39 -11.06 -10.27 0.91
C SER C 39 -11.30 -11.76 0.76
N LEU C 40 -10.36 -12.59 1.25
CA LEU C 40 -10.51 -14.02 1.12
C LEU C 40 -11.75 -14.52 1.88
N GLY C 41 -11.98 -13.99 3.09
CA GLY C 41 -13.12 -14.41 3.88
C GLY C 41 -14.45 -13.92 3.35
N ILE C 42 -14.46 -12.82 2.59
CA ILE C 42 -15.71 -12.30 2.05
C ILE C 42 -16.26 -13.26 1.01
N THR C 43 -15.39 -13.80 0.16
CA THR C 43 -15.86 -14.71 -0.90
C THR C 43 -16.47 -15.97 -0.32
N VAL C 44 -15.98 -16.42 0.84
CA VAL C 44 -16.54 -17.63 1.45
C VAL C 44 -18.01 -17.41 1.81
N LEU C 45 -18.32 -16.26 2.40
CA LEU C 45 -19.71 -15.95 2.72
C LEU C 45 -20.52 -15.65 1.46
N LEU C 46 -19.89 -14.97 0.49
CA LEU C 46 -20.61 -14.64 -0.74
C LEU C 46 -20.99 -15.90 -1.51
N SER C 47 -20.09 -16.88 -1.57
CA SER C 47 -20.40 -18.12 -2.28
C SER C 47 -21.51 -18.90 -1.58
N LEU C 48 -21.62 -18.77 -0.26
CA LEU C 48 -22.69 -19.46 0.46
C LEU C 48 -24.06 -18.95 0.05
N THR C 49 -24.19 -17.64 -0.14
CA THR C 49 -25.48 -17.07 -0.52
C THR C 49 -25.91 -17.53 -1.91
N VAL C 50 -24.95 -17.67 -2.84
CA VAL C 50 -25.30 -18.10 -4.19
C VAL C 50 -25.91 -19.49 -4.16
N PHE C 51 -25.30 -20.40 -3.39
CA PHE C 51 -25.82 -21.76 -3.28
C PHE C 51 -27.04 -21.84 -2.37
N MET C 52 -27.22 -20.87 -1.48
CA MET C 52 -28.37 -20.89 -0.58
C MET C 52 -29.67 -20.67 -1.34
N LEU C 53 -29.64 -19.82 -2.37
CA LEU C 53 -30.85 -19.55 -3.14
C LEU C 53 -31.35 -20.79 -3.85
N LEU C 54 -30.44 -21.68 -4.27
CA LEU C 54 -30.87 -22.90 -4.96
C LEU C 54 -31.68 -23.80 -4.02
N VAL C 55 -31.27 -23.90 -2.76
CA VAL C 55 -31.98 -24.76 -1.81
C VAL C 55 -33.29 -24.13 -1.34
N ALA C 56 -33.43 -22.80 -1.46
CA ALA C 56 -34.65 -22.15 -1.02
C ALA C 56 -35.85 -22.63 -1.82
N GLU C 57 -35.69 -22.77 -3.14
CA GLU C 57 -36.79 -23.24 -3.98
C GLU C 57 -37.13 -24.69 -3.68
N ILE C 58 -36.13 -25.52 -3.38
CA ILE C 58 -36.38 -26.93 -3.10
C ILE C 58 -37.21 -27.07 -1.83
N MET C 59 -36.91 -26.27 -0.81
CA MET C 59 -37.64 -26.36 0.44
C MET C 59 -39.11 -26.03 0.22
N PRO C 60 -40.05 -26.87 0.67
CA PRO C 60 -41.47 -26.55 0.47
C PRO C 60 -41.83 -25.23 1.14
N SER C 61 -42.73 -24.49 0.48
CA SER C 61 -43.20 -23.20 0.99
C SER C 61 -44.33 -23.46 1.98
N THR C 62 -43.94 -23.74 3.23
CA THR C 62 -44.89 -24.02 4.29
C THR C 62 -45.21 -22.73 5.06
N SER C 63 -46.01 -22.87 6.13
CA SER C 63 -46.41 -21.75 6.97
C SER C 63 -45.59 -21.67 8.25
N ASP C 64 -45.48 -22.78 8.98
CA ASP C 64 -44.71 -22.80 10.21
C ASP C 64 -43.85 -24.05 10.36
N SER C 65 -43.81 -24.92 9.36
CA SER C 65 -43.02 -26.15 9.40
C SER C 65 -41.68 -25.87 8.74
N SER C 66 -40.69 -25.50 9.55
CA SER C 66 -39.37 -25.20 9.05
C SER C 66 -38.62 -26.50 8.74
N PRO C 67 -38.15 -26.70 7.51
CA PRO C 67 -37.40 -27.94 7.22
C PRO C 67 -36.13 -28.02 8.05
N SER C 68 -35.75 -29.26 8.39
CA SER C 68 -34.54 -29.47 9.18
C SER C 68 -33.29 -29.01 8.46
N ILE C 69 -33.32 -28.91 7.13
CA ILE C 69 -32.17 -28.44 6.38
C ILE C 69 -31.81 -27.01 6.78
N ALA C 70 -32.81 -26.22 7.19
CA ALA C 70 -32.53 -24.85 7.59
C ALA C 70 -31.60 -24.79 8.79
N GLN C 71 -31.79 -25.70 9.75
CA GLN C 71 -30.94 -25.71 10.94
C GLN C 71 -29.48 -25.97 10.58
N TYR C 72 -29.24 -26.89 9.65
CA TYR C 72 -27.87 -27.18 9.24
C TYR C 72 -27.22 -25.95 8.60
N PHE C 73 -27.96 -25.24 7.76
CA PHE C 73 -27.42 -24.04 7.13
C PHE C 73 -27.16 -22.95 8.17
N ALA C 74 -27.97 -22.87 9.21
CA ALA C 74 -27.76 -21.86 10.25
C ALA C 74 -26.44 -22.09 10.96
N SER C 75 -26.12 -23.34 11.29
CA SER C 75 -24.86 -23.63 11.95
C SER C 75 -23.68 -23.37 11.02
N THR C 76 -23.82 -23.70 9.74
CA THR C 76 -22.73 -23.48 8.79
C THR C 76 -22.42 -22.00 8.64
N MET C 77 -23.46 -21.16 8.58
CA MET C 77 -23.24 -19.72 8.41
C MET C 77 -22.58 -19.12 9.64
N ILE C 78 -22.79 -19.71 10.82
CA ILE C 78 -22.15 -19.20 12.03
C ILE C 78 -20.64 -19.32 11.93
N ILE C 79 -20.15 -20.46 11.44
CA ILE C 79 -18.71 -20.64 11.28
C ILE C 79 -18.18 -19.66 10.24
N VAL C 80 -18.87 -19.54 9.11
CA VAL C 80 -18.45 -18.59 8.08
C VAL C 80 -18.60 -17.16 8.57
N GLY C 81 -19.72 -16.86 9.23
CA GLY C 81 -19.92 -15.51 9.74
C GLY C 81 -18.90 -15.14 10.80
N LEU C 82 -18.60 -16.08 11.70
CA LEU C 82 -17.61 -15.81 12.74
C LEU C 82 -16.23 -15.58 12.14
N SER C 83 -15.92 -16.24 11.02
CA SER C 83 -14.62 -16.05 10.38
C SER C 83 -14.44 -14.60 9.93
N VAL C 84 -15.48 -14.01 9.35
CA VAL C 84 -15.42 -12.60 8.96
C VAL C 84 -15.26 -11.72 10.18
N VAL C 85 -16.02 -12.00 11.24
CA VAL C 85 -15.90 -11.23 12.47
C VAL C 85 -14.51 -11.41 13.08
N VAL C 86 -14.02 -12.65 13.09
CA VAL C 86 -12.67 -12.91 13.61
C VAL C 86 -11.63 -12.17 12.78
N THR C 87 -11.78 -12.20 11.45
CA THR C 87 -10.84 -11.49 10.60
C THR C 87 -10.85 -10.00 10.88
N VAL C 88 -12.04 -9.43 11.13
CA VAL C 88 -12.12 -8.02 11.48
C VAL C 88 -11.38 -7.75 12.78
N ILE C 89 -11.55 -8.63 13.77
CA ILE C 89 -10.87 -8.45 15.05
C ILE C 89 -9.36 -8.48 14.87
N VAL C 90 -8.87 -9.28 13.92
CA VAL C 90 -7.43 -9.37 13.68
C VAL C 90 -6.87 -8.01 13.30
N LEU C 91 -7.55 -7.30 12.39
CA LEU C 91 -7.09 -5.98 11.99
C LEU C 91 -7.08 -5.00 13.16
N GLN C 92 -7.99 -5.19 14.11
CA GLN C 92 -8.03 -4.30 15.28
C GLN C 92 -6.81 -4.48 16.17
N TYR C 93 -6.23 -5.69 16.19
CA TYR C 93 -5.06 -5.92 17.03
C TYR C 93 -3.85 -5.15 16.54
N HIS C 94 -3.73 -4.95 15.22
CA HIS C 94 -2.58 -4.24 14.68
C HIS C 94 -2.57 -2.77 15.11
N HIS C 95 -3.69 -2.23 15.57
CA HIS C 95 -3.77 -0.84 16.01
C HIS C 95 -4.12 -0.68 17.49
N HIS C 96 -4.88 -1.61 18.07
CA HIS C 96 -5.26 -1.56 19.47
C HIS C 96 -5.63 -0.15 19.91
N ASP C 97 -6.37 0.57 19.06
CA ASP C 97 -6.77 1.93 19.40
C ASP C 97 -7.71 1.91 20.59
N PRO C 98 -7.47 2.72 21.63
CA PRO C 98 -8.41 2.72 22.77
C PRO C 98 -9.83 3.08 22.38
N ASP C 99 -10.01 3.95 21.38
CA ASP C 99 -11.36 4.33 20.96
C ASP C 99 -12.14 3.14 20.41
N GLY C 100 -11.44 2.15 19.87
CA GLY C 100 -12.11 0.97 19.34
C GLY C 100 -11.16 -0.21 19.19
N GLY C 101 -11.59 -1.37 19.67
CA GLY C 101 -10.77 -2.57 19.61
C GLY C 101 -10.64 -3.25 20.95
N LYS C 102 -9.41 -3.70 21.27
CA LYS C 102 -9.14 -4.36 22.54
C LYS C 102 -8.73 -3.30 23.57
N MET C 103 -9.70 -2.46 23.92
CA MET C 103 -9.43 -1.39 24.88
C MET C 103 -8.97 -1.92 26.24
N PRO C 104 -9.59 -2.95 26.81
CA PRO C 104 -9.16 -3.42 28.14
C PRO C 104 -7.70 -3.85 28.12
N LYS C 105 -6.98 -3.53 29.20
CA LYS C 105 -5.57 -3.88 29.32
C LYS C 105 -5.36 -5.29 29.86
N TRP C 106 -6.28 -5.79 30.70
CA TRP C 106 -6.12 -7.12 31.27
C TRP C 106 -6.29 -8.22 30.24
N THR C 107 -6.98 -7.94 29.13
CA THR C 107 -7.15 -8.95 28.08
C THR C 107 -5.88 -9.17 27.29
N ARG C 108 -4.98 -8.18 27.25
CA ARG C 108 -3.72 -8.35 26.52
C ARG C 108 -2.88 -9.45 27.14
N VAL C 109 -2.84 -9.52 28.47
CA VAL C 109 -2.04 -10.56 29.13
C VAL C 109 -2.56 -11.94 28.76
N ILE C 110 -3.88 -12.11 28.73
CA ILE C 110 -4.45 -13.40 28.39
C ILE C 110 -4.05 -13.81 26.97
N LEU C 111 -4.07 -12.85 26.04
CA LEU C 111 -3.69 -13.15 24.66
C LEU C 111 -2.25 -13.62 24.58
N LEU C 112 -1.35 -12.98 25.32
CA LEU C 112 0.05 -13.37 25.29
C LEU C 112 0.25 -14.80 25.78
N ASN C 113 -0.62 -15.27 26.68
CA ASN C 113 -0.50 -16.64 27.15
C ASN C 113 -0.73 -17.65 26.03
N TRP C 114 -1.66 -17.35 25.11
CA TRP C 114 -1.93 -18.26 24.01
C TRP C 114 -0.74 -18.36 23.06
N CYS C 115 0.02 -17.27 22.89
CA CYS C 115 1.17 -17.30 22.01
C CYS C 115 2.21 -18.31 22.51
N ALA C 116 2.46 -18.34 23.81
CA ALA C 116 3.39 -19.28 24.41
C ALA C 116 2.75 -20.62 24.75
N TRP C 117 1.43 -20.75 24.58
CA TRP C 117 0.77 -22.00 24.90
C TRP C 117 1.26 -23.14 24.00
N PHE C 118 1.43 -22.85 22.70
CA PHE C 118 1.91 -23.87 21.78
C PHE C 118 3.30 -24.34 22.15
N LEU C 119 4.19 -23.40 22.52
CA LEU C 119 5.55 -23.77 22.90
C LEU C 119 5.55 -24.67 24.14
N ARG C 120 4.73 -24.32 25.14
CA ARG C 120 4.61 -25.10 26.37
C ARG C 120 3.13 -25.33 26.63
N MET C 121 2.59 -26.40 26.07
CA MET C 121 1.18 -26.71 26.22
C MET C 121 0.88 -27.20 27.63
N LYS C 122 -0.16 -26.66 28.24
CA LYS C 122 -0.59 -27.06 29.57
C LYS C 122 -1.55 -28.24 29.56
N ARG C 123 -1.93 -28.73 28.37
CA ARG C 123 -2.84 -29.85 28.29
C ARG C 123 -2.20 -31.10 28.89
N PRO C 124 -2.99 -31.97 29.52
CA PRO C 124 -2.40 -33.20 30.08
C PRO C 124 -1.68 -34.05 29.05
N GLY C 125 -2.13 -34.04 27.79
CA GLY C 125 -1.48 -34.84 26.77
C GLY C 125 -0.08 -34.39 26.44
N GLU C 126 0.26 -33.15 26.74
CA GLU C 126 1.59 -32.61 26.48
C GLU C 126 2.31 -32.12 27.74
N ASP C 127 1.57 -31.57 28.71
CA ASP C 127 2.21 -31.09 29.94
C ASP C 127 2.75 -32.26 30.77
N LYS C 128 2.03 -33.38 30.77
CA LYS C 128 2.45 -34.55 31.54
C LYS C 128 3.42 -35.44 30.76
N VAL C 129 3.27 -35.51 29.43
CA VAL C 129 4.12 -36.35 28.60
C VAL C 129 5.33 -35.50 28.22
N ARG C 130 6.32 -35.49 29.10
CA ARG C 130 7.56 -34.73 28.89
C ARG C 130 8.52 -35.07 30.01
N PRO C 131 9.80 -34.78 29.83
CA PRO C 131 10.77 -35.06 30.91
C PRO C 131 10.40 -34.33 32.20
N ALA C 132 10.61 -35.01 33.31
CA ALA C 132 10.31 -34.43 34.63
C ALA C 132 11.13 -35.17 35.67
N CYS C 133 11.68 -34.42 36.62
CA CYS C 133 12.48 -34.98 37.69
C CYS C 133 12.49 -34.00 38.86
N GLN C 134 13.09 -34.43 39.96
CA GLN C 134 13.20 -33.61 41.17
C GLN C 134 14.56 -32.95 41.30
N HIS C 135 15.39 -33.01 40.26
CA HIS C 135 16.72 -32.41 40.30
C HIS C 135 16.60 -30.91 40.04
N LYS C 136 17.75 -30.24 39.85
CA LYS C 136 17.76 -28.80 39.62
C LYS C 136 17.15 -28.41 38.28
N GLN C 137 16.91 -29.37 37.38
CA GLN C 137 16.34 -29.03 36.09
C GLN C 137 14.93 -28.47 36.23
N ARG C 138 14.21 -28.86 37.29
CA ARG C 138 12.85 -28.39 37.53
C ARG C 138 12.74 -27.57 38.80
N ARG C 139 13.84 -27.03 39.29
CA ARG C 139 13.84 -26.23 40.50
C ARG C 139 13.62 -24.75 40.15
N CYS C 140 13.48 -23.92 41.18
CA CYS C 140 13.27 -22.50 41.03
C CYS C 140 14.24 -21.73 41.91
N SER C 141 14.60 -20.53 41.48
CA SER C 141 15.53 -19.69 42.22
C SER C 141 15.15 -18.23 41.97
N LEU C 142 16.03 -17.32 42.38
CA LEU C 142 15.76 -15.89 42.21
C LEU C 142 15.67 -15.53 40.74
N ALA C 143 16.56 -16.08 39.91
CA ALA C 143 16.54 -15.76 38.49
C ALA C 143 15.24 -16.20 37.84
N SER C 144 14.76 -17.41 38.18
CA SER C 144 13.51 -17.89 37.59
C SER C 144 12.32 -17.08 38.05
N VAL C 145 12.27 -16.73 39.34
CA VAL C 145 11.16 -15.96 39.90
C VAL C 145 11.51 -14.48 39.75
N GLU C 146 10.87 -13.82 38.79
CA GLU C 146 11.10 -12.41 38.53
C GLU C 146 10.04 -11.52 39.15
N MET C 147 9.34 -12.01 40.18
CA MET C 147 8.31 -11.22 40.82
C MET C 147 8.89 -10.10 41.67
N SER C 148 10.18 -10.19 42.04
CA SER C 148 10.84 -9.18 42.85
C SER C 148 11.73 -8.27 42.02
N ALA C 149 11.32 -7.97 40.78
CA ALA C 149 12.08 -7.10 39.89
C ALA C 149 13.47 -7.67 39.61
N VAL C 150 13.50 -8.95 39.23
CA VAL C 150 14.73 -9.66 38.91
C VAL C 150 14.76 -9.89 37.40
N ALA C 151 15.88 -9.53 36.78
CA ALA C 151 16.00 -9.69 35.34
C ALA C 151 15.98 -11.17 34.97
N PRO C 152 15.46 -11.52 33.80
CA PRO C 152 15.39 -12.93 33.40
C PRO C 152 16.78 -13.47 33.12
N PRO C 153 16.96 -14.79 33.18
CA PRO C 153 18.28 -15.37 32.89
C PRO C 153 18.73 -15.03 31.47
N PRO C 154 20.02 -14.82 31.25
CA PRO C 154 20.49 -14.51 29.89
C PRO C 154 20.10 -15.61 28.91
N ALA C 155 19.66 -15.18 27.73
CA ALA C 155 19.25 -16.12 26.69
C ALA C 155 19.32 -15.42 25.34
N SER C 156 19.29 -16.22 24.28
CA SER C 156 19.31 -15.72 22.92
C SER C 156 17.93 -15.44 22.36
N ASN C 157 16.87 -15.71 23.14
CA ASN C 157 15.50 -15.49 22.70
C ASN C 157 15.04 -14.05 22.86
N GLY C 158 15.86 -13.18 23.45
CA GLY C 158 15.50 -11.79 23.64
C GLY C 158 15.54 -11.35 25.09
N ASN C 159 16.32 -12.06 25.90
CA ASN C 159 16.48 -11.73 27.31
C ASN C 159 17.76 -10.97 27.61
N LEU C 160 18.85 -11.26 26.89
CA LEU C 160 20.10 -10.53 27.11
C LEU C 160 20.00 -9.09 26.62
N LEU C 161 19.26 -8.86 25.54
CA LEU C 161 19.12 -7.50 25.01
C LEU C 161 18.38 -6.60 25.98
N TYR C 162 17.39 -7.13 26.69
CA TYR C 162 16.62 -6.30 27.63
C TYR C 162 17.52 -5.77 28.75
N ILE C 163 18.43 -6.61 29.26
CA ILE C 163 19.32 -6.17 30.33
C ILE C 163 20.22 -5.05 29.84
N GLY C 164 20.77 -5.19 28.63
CA GLY C 164 21.69 -4.20 28.10
C GLY C 164 21.00 -3.06 27.39
N PHE C 165 20.18 -3.37 26.37
CA PHE C 165 19.54 -2.33 25.59
C PHE C 165 18.52 -1.57 26.42
N ARG C 166 17.66 -2.28 27.14
CA ARG C 166 16.62 -1.66 27.97
C ARG C 166 17.12 -1.48 29.40
N GLY C 167 18.15 -0.64 29.53
CA GLY C 167 18.71 -0.38 30.86
C GLY C 167 17.71 0.26 31.79
N LEU C 168 16.92 1.22 31.29
CA LEU C 168 15.93 1.92 32.09
C LEU C 168 16.60 2.60 33.29
N ASP C 169 17.48 3.54 32.99
CA ASP C 169 18.26 4.26 34.00
C ASP C 169 19.08 3.27 34.84
N GLY C 170 19.63 2.26 34.19
CA GLY C 170 20.44 1.26 34.86
C GLY C 170 21.89 1.26 34.42
N VAL C 171 22.45 0.06 34.22
CA VAL C 171 23.85 -0.03 33.85
C VAL C 171 24.10 0.60 32.50
N HIS C 172 23.11 0.57 31.60
CA HIS C 172 23.28 1.14 30.27
C HIS C 172 23.36 2.66 30.32
N CYS C 173 22.44 3.29 31.04
CA CYS C 173 22.37 4.75 31.09
C CYS C 173 23.23 5.32 32.23
N VAL C 174 22.92 4.92 33.46
CA VAL C 174 23.59 5.46 34.64
C VAL C 174 24.22 4.32 35.43
N PRO C 175 25.49 3.99 35.20
CA PRO C 175 26.12 2.90 35.99
C PRO C 175 26.47 3.34 37.41
N THR C 176 25.47 3.28 38.29
CA THR C 176 25.68 3.67 39.68
C THR C 176 26.77 2.85 40.35
N PRO C 177 26.84 1.52 40.20
CA PRO C 177 27.91 0.76 40.85
C PRO C 177 29.28 1.25 40.38
N ASP C 178 30.13 1.56 41.35
CA ASP C 178 31.48 2.06 41.07
C ASP C 178 32.39 0.87 40.80
N SER C 179 32.52 0.52 39.52
CA SER C 179 33.37 -0.59 39.12
C SER C 179 34.85 -0.23 39.06
N GLY C 180 35.18 1.05 39.11
CA GLY C 180 36.58 1.46 39.04
C GLY C 180 37.26 1.09 37.74
N VAL C 181 36.55 1.22 36.62
CA VAL C 181 37.08 0.89 35.31
C VAL C 181 37.26 2.14 34.46
N VAL C 182 36.36 3.11 34.57
CA VAL C 182 36.46 4.33 33.77
C VAL C 182 37.74 5.08 34.11
N CYS C 183 38.05 5.21 35.40
CA CYS C 183 39.25 5.92 35.86
C CYS C 183 40.09 5.07 36.80
N GLY C 184 39.92 3.75 36.77
CA GLY C 184 40.67 2.88 37.65
C GLY C 184 41.41 1.77 36.91
N ARG C 185 41.02 1.52 35.66
CA ARG C 185 41.62 0.47 34.86
C ARG C 185 41.91 0.99 33.46
N MET C 186 42.86 0.33 32.79
CA MET C 186 43.25 0.69 31.44
C MET C 186 42.45 -0.04 30.37
N ALA C 187 41.23 -0.49 30.70
CA ALA C 187 40.40 -1.23 29.77
C ALA C 187 39.73 -0.23 28.82
N CYS C 188 40.50 0.21 27.84
CA CYS C 188 40.03 1.17 26.83
C CYS C 188 39.50 2.44 27.50
N SER C 189 40.16 2.86 28.57
CA SER C 189 39.77 4.07 29.29
C SER C 189 40.99 4.57 30.07
N PRO C 190 41.02 5.86 30.40
CA PRO C 190 42.15 6.38 31.19
C PRO C 190 42.14 5.84 32.60
N THR C 191 43.33 5.81 33.20
CA THR C 191 43.54 5.35 34.57
C THR C 191 44.09 6.52 35.37
N HIS C 192 43.19 7.33 35.93
CA HIS C 192 43.57 8.50 36.72
C HIS C 192 44.45 9.45 35.93
N ASP C 193 44.22 9.55 34.62
CA ASP C 193 45.00 10.42 33.75
C ASP C 193 44.30 11.77 33.68
N GLU C 194 44.76 12.73 34.49
CA GLU C 194 44.17 14.07 34.49
C GLU C 194 44.69 14.94 33.36
N HIS C 195 45.77 14.54 32.69
CA HIS C 195 46.35 15.28 31.58
C HIS C 195 46.07 14.60 30.25
N LEU C 196 44.89 13.99 30.12
CA LEU C 196 44.50 13.30 28.89
C LEU C 196 44.06 14.33 27.87
N LEU C 197 45.04 14.90 27.18
CA LEU C 197 44.82 15.93 26.16
C LEU C 197 45.25 15.41 24.80
N HIS C 198 44.61 15.94 23.76
CA HIS C 198 44.91 15.54 22.38
C HIS C 198 46.11 16.33 21.88
N GLY C 199 47.28 15.94 22.38
CA GLY C 199 48.51 16.62 22.00
C GLY C 199 48.54 18.08 22.42
N GLY C 200 48.10 18.38 23.63
CA GLY C 200 48.04 19.74 24.13
C GLY C 200 46.76 20.46 23.86
N GLN C 201 45.84 19.87 23.10
CA GLN C 201 44.56 20.45 22.76
C GLN C 201 43.44 19.74 23.51
N PRO C 202 42.25 20.33 23.58
CA PRO C 202 41.14 19.67 24.26
C PRO C 202 40.82 18.35 23.59
N PRO C 203 40.32 17.38 24.35
CA PRO C 203 40.02 16.07 23.74
C PRO C 203 39.02 16.15 22.59
N GLU C 204 38.05 17.06 22.67
CA GLU C 204 37.06 17.22 21.60
C GLU C 204 37.63 18.13 20.53
N GLY C 205 37.85 17.58 19.33
CA GLY C 205 38.41 18.38 18.25
C GLY C 205 37.49 19.50 17.83
N ASP C 206 36.18 19.25 17.81
CA ASP C 206 35.21 20.25 17.39
C ASP C 206 33.89 20.03 18.12
N PRO C 207 33.42 21.00 18.92
CA PRO C 207 32.12 20.82 19.58
C PRO C 207 30.96 20.67 18.61
N ASP C 208 31.10 21.14 17.37
CA ASP C 208 30.02 21.02 16.40
C ASP C 208 29.67 19.57 16.13
N LEU C 209 30.63 18.65 16.32
CA LEU C 209 30.35 17.24 16.10
C LEU C 209 29.30 16.71 17.08
N ALA C 210 29.25 17.26 18.29
CA ALA C 210 28.25 16.84 19.25
C ALA C 210 26.84 17.16 18.75
N LYS C 211 26.66 18.34 18.14
CA LYS C 211 25.35 18.69 17.59
C LYS C 211 24.96 17.74 16.47
N ILE C 212 25.92 17.37 15.61
CA ILE C 212 25.63 16.42 14.54
C ILE C 212 25.23 15.07 15.12
N LEU C 213 25.87 14.67 16.22
CA LEU C 213 25.52 13.39 16.83
C LEU C 213 24.07 13.38 17.31
N GLU C 214 23.62 14.48 17.91
CA GLU C 214 22.24 14.55 18.37
C GLU C 214 21.26 14.41 17.21
N GLU C 215 21.54 15.10 16.09
CA GLU C 215 20.68 14.96 14.92
C GLU C 215 20.75 13.55 14.36
N VAL C 216 21.95 12.98 14.28
CA VAL C 216 22.10 11.61 13.79
C VAL C 216 21.43 10.64 14.76
N ARG C 217 21.63 10.85 16.06
CA ARG C 217 20.98 9.99 17.05
C ARG C 217 19.47 10.11 16.97
N TYR C 218 18.96 11.33 16.78
CA TYR C 218 17.52 11.50 16.64
C TYR C 218 16.99 10.77 15.42
N ILE C 219 17.72 10.82 14.30
CA ILE C 219 17.32 10.08 13.12
C ILE C 219 17.33 8.58 13.42
N ALA C 220 18.38 8.10 14.09
CA ALA C 220 18.41 6.69 14.48
C ALA C 220 17.34 6.37 15.50
N ASN C 221 17.03 7.32 16.39
CA ASN C 221 15.98 7.08 17.39
C ASN C 221 14.63 6.87 16.71
N ARG C 222 14.34 7.66 15.67
CA ARG C 222 13.09 7.47 14.94
C ARG C 222 13.03 6.09 14.30
N PHE C 223 14.16 5.64 13.71
CA PHE C 223 14.20 4.30 13.15
C PHE C 223 14.04 3.24 14.23
N ARG C 224 14.53 3.51 15.44
CA ARG C 224 14.34 2.57 16.54
C ARG C 224 12.86 2.42 16.88
N CYS C 225 12.10 3.51 16.80
CA CYS C 225 10.67 3.43 17.03
C CYS C 225 9.98 2.59 15.97
N GLN C 226 10.45 2.66 14.73
CA GLN C 226 9.90 1.81 13.68
C GLN C 226 10.13 0.34 13.99
N ASP C 227 11.33 0.00 14.49
CA ASP C 227 11.60 -1.37 14.91
C ASP C 227 10.74 -1.76 16.10
N GLU C 228 10.51 -0.83 17.03
CA GLU C 228 9.63 -1.11 18.16
C GLU C 228 8.21 -1.40 17.69
N SER C 229 7.73 -0.65 16.70
CA SER C 229 6.40 -0.92 16.16
C SER C 229 6.33 -2.30 15.52
N GLU C 230 7.40 -2.73 14.85
CA GLU C 230 7.43 -4.07 14.28
C GLU C 230 7.33 -5.13 15.37
N ALA C 231 8.03 -4.94 16.48
CA ALA C 231 7.91 -5.86 17.60
C ALA C 231 6.51 -5.83 18.19
N VAL C 232 5.92 -4.64 18.31
CA VAL C 232 4.54 -4.54 18.79
C VAL C 232 3.60 -5.20 17.78
N CYS C 233 3.81 -4.93 16.49
CA CYS C 233 3.00 -5.58 15.46
C CYS C 233 3.21 -7.09 15.47
N SER C 234 4.46 -7.53 15.64
CA SER C 234 4.73 -8.95 15.74
C SER C 234 4.10 -9.55 17.00
N GLU C 235 4.16 -8.81 18.12
CA GLU C 235 3.50 -9.27 19.34
C GLU C 235 2.00 -9.38 19.14
N TRP C 236 1.39 -8.40 18.47
CA TRP C 236 -0.04 -8.48 18.17
C TRP C 236 -0.32 -9.49 17.07
N LYS C 237 0.63 -9.69 16.16
CA LYS C 237 0.44 -10.69 15.10
C LYS C 237 0.29 -12.09 15.70
N PHE C 238 1.14 -12.42 16.68
CA PHE C 238 1.00 -13.71 17.35
C PHE C 238 -0.32 -13.79 18.11
N ALA C 239 -0.71 -12.71 18.78
CA ALA C 239 -1.97 -12.68 19.49
C ALA C 239 -3.16 -12.80 18.55
N ALA C 240 -2.99 -12.45 17.27
CA ALA C 240 -4.06 -12.57 16.29
C ALA C 240 -4.06 -13.94 15.61
N CYS C 241 -2.90 -14.54 15.40
CA CYS C 241 -2.85 -15.85 14.76
C CYS C 241 -3.33 -16.96 15.69
N VAL C 242 -3.09 -16.81 17.00
CA VAL C 242 -3.55 -17.81 17.95
C VAL C 242 -5.07 -17.89 17.94
N VAL C 243 -5.74 -16.74 17.90
CA VAL C 243 -7.19 -16.72 17.83
C VAL C 243 -7.66 -17.39 16.53
N ASP C 244 -7.01 -17.06 15.42
CA ASP C 244 -7.36 -17.69 14.14
C ASP C 244 -7.14 -19.20 14.20
N ARG C 245 -5.99 -19.62 14.76
CA ARG C 245 -5.72 -21.04 14.88
C ARG C 245 -6.63 -21.69 15.91
N LEU C 246 -6.87 -21.02 17.04
CA LEU C 246 -7.76 -21.56 18.06
C LEU C 246 -9.17 -21.72 17.53
N CYS C 247 -9.65 -20.73 16.77
CA CYS C 247 -10.99 -20.83 16.19
C CYS C 247 -11.08 -21.96 15.19
N LEU C 248 -9.97 -22.31 14.53
CA LEU C 248 -9.98 -23.41 13.59
C LEU C 248 -10.34 -24.73 14.27
N MET C 249 -9.74 -24.99 15.43
CA MET C 249 -10.06 -26.21 16.17
C MET C 249 -11.50 -26.17 16.68
N ALA C 250 -11.93 -25.02 17.19
CA ALA C 250 -13.30 -24.92 17.69
C ALA C 250 -14.32 -25.14 16.59
N PHE C 251 -14.09 -24.55 15.41
CA PHE C 251 -15.01 -24.75 14.30
C PHE C 251 -14.88 -26.13 13.69
N SER C 252 -13.71 -26.76 13.83
CA SER C 252 -13.54 -28.12 13.30
C SER C 252 -14.47 -29.09 14.01
N VAL C 253 -14.59 -28.97 15.33
CA VAL C 253 -15.50 -29.84 16.08
C VAL C 253 -16.94 -29.58 15.64
N PHE C 254 -17.32 -28.32 15.50
CA PHE C 254 -18.68 -27.99 15.06
C PHE C 254 -18.94 -28.53 13.66
N THR C 255 -17.97 -28.40 12.75
CA THR C 255 -18.14 -28.92 11.40
C THR C 255 -18.32 -30.44 11.42
N ILE C 256 -17.54 -31.13 12.25
CA ILE C 256 -17.67 -32.58 12.36
C ILE C 256 -19.05 -32.94 12.90
N ILE C 257 -19.51 -32.21 13.91
CA ILE C 257 -20.83 -32.48 14.48
C ILE C 257 -21.91 -32.25 13.44
N CYS C 258 -21.80 -31.16 12.68
CA CYS C 258 -22.80 -30.89 11.64
C CYS C 258 -22.79 -31.98 10.58
N THR C 259 -21.60 -32.45 10.18
CA THR C 259 -21.52 -33.52 9.20
C THR C 259 -22.15 -34.80 9.73
N ILE C 260 -21.91 -35.11 11.01
CA ILE C 260 -22.48 -36.32 11.60
C ILE C 260 -24.01 -36.23 11.60
N GLY C 261 -24.54 -35.05 11.97
CA GLY C 261 -25.99 -34.90 11.99
C GLY C 261 -26.61 -35.06 10.62
N ILE C 262 -25.92 -34.57 9.58
CA ILE C 262 -26.43 -34.70 8.22
C ILE C 262 -26.51 -36.17 7.82
N LEU C 263 -25.49 -36.95 8.20
CA LEU C 263 -25.47 -38.37 7.85
C LEU C 263 -26.54 -39.17 8.57
N MET C 264 -27.18 -38.61 9.60
CA MET C 264 -28.23 -39.31 10.33
C MET C 264 -29.63 -38.91 9.90
N SER C 265 -29.80 -37.68 9.40
CA SER C 265 -31.11 -37.20 8.95
C SER C 265 -31.31 -37.34 7.45
N ALA C 266 -30.24 -37.37 6.67
CA ALA C 266 -30.38 -37.50 5.22
C ALA C 266 -31.09 -38.78 4.82
N PRO C 267 -30.76 -39.95 5.38
CA PRO C 267 -31.48 -41.17 4.97
C PRO C 267 -32.98 -41.11 5.23
N ASN C 268 -33.42 -40.33 6.23
CA ASN C 268 -34.83 -40.22 6.54
C ASN C 268 -35.53 -39.15 5.72
N PHE C 269 -34.90 -37.98 5.56
CA PHE C 269 -35.47 -36.88 4.81
C PHE C 269 -34.93 -36.80 3.39
N VAL C 270 -33.61 -36.73 3.23
CA VAL C 270 -32.99 -36.64 1.91
C VAL C 270 -33.01 -38.01 1.24
N LEU D 7 -26.13 -27.61 -32.03
CA LEU D 7 -25.67 -27.38 -30.67
C LEU D 7 -26.02 -25.96 -30.22
N TYR D 8 -27.27 -25.76 -29.83
CA TYR D 8 -27.70 -24.43 -29.37
C TYR D 8 -27.12 -24.12 -27.99
N TYR D 9 -27.44 -24.95 -26.99
CA TYR D 9 -26.93 -24.76 -25.64
C TYR D 9 -25.52 -25.30 -25.47
N GLY D 10 -25.04 -26.13 -26.40
CA GLY D 10 -23.68 -26.64 -26.30
C GLY D 10 -22.62 -25.61 -26.62
N LEU D 11 -22.93 -24.66 -27.51
CA LEU D 11 -22.02 -23.60 -27.88
C LEU D 11 -22.10 -22.39 -26.95
N ASN D 12 -23.03 -22.40 -25.99
CA ASN D 12 -23.19 -21.29 -25.07
C ASN D 12 -22.96 -21.66 -23.61
N LEU D 13 -22.96 -22.94 -23.27
CA LEU D 13 -22.73 -23.40 -21.91
C LEU D 13 -21.47 -24.23 -21.74
N LEU D 14 -21.17 -25.11 -22.70
CA LEU D 14 -19.95 -25.90 -22.62
C LEU D 14 -18.72 -25.08 -22.99
N ILE D 15 -18.85 -24.19 -23.99
CA ILE D 15 -17.70 -23.40 -24.43
C ILE D 15 -17.17 -22.53 -23.30
N PRO D 16 -17.99 -21.77 -22.57
CA PRO D 16 -17.43 -20.96 -21.47
C PRO D 16 -16.73 -21.78 -20.41
N CYS D 17 -17.08 -23.06 -20.25
CA CYS D 17 -16.42 -23.89 -19.26
C CYS D 17 -14.92 -24.01 -19.55
N VAL D 18 -14.56 -24.19 -20.82
CA VAL D 18 -13.15 -24.25 -21.18
C VAL D 18 -12.48 -22.90 -20.97
N LEU D 19 -13.20 -21.81 -21.27
CA LEU D 19 -12.62 -20.48 -21.09
C LEU D 19 -12.27 -20.22 -19.63
N ILE D 20 -13.15 -20.62 -18.71
CA ILE D 20 -12.88 -20.42 -17.29
C ILE D 20 -11.63 -21.19 -16.87
N SER D 21 -11.51 -22.45 -17.33
CA SER D 21 -10.33 -23.23 -17.00
C SER D 21 -9.07 -22.62 -17.60
N ALA D 22 -9.17 -22.12 -18.84
CA ALA D 22 -8.00 -21.51 -19.47
C ALA D 22 -7.61 -20.22 -18.78
N LEU D 23 -8.60 -19.44 -18.32
CA LEU D 23 -8.28 -18.19 -17.62
C LEU D 23 -7.60 -18.46 -16.29
N ALA D 24 -7.91 -19.57 -15.63
CA ALA D 24 -7.27 -19.89 -14.36
C ALA D 24 -5.77 -20.11 -14.54
N LEU D 25 -5.37 -20.74 -15.66
CA LEU D 25 -3.96 -20.99 -15.90
C LEU D 25 -3.17 -19.69 -16.02
N LEU D 26 -3.77 -18.66 -16.62
CA LEU D 26 -3.08 -17.39 -16.78
C LEU D 26 -2.85 -16.70 -15.43
N VAL D 27 -3.65 -17.02 -14.41
CA VAL D 27 -3.45 -16.42 -13.09
C VAL D 27 -2.12 -16.86 -12.50
N PHE D 28 -1.76 -18.13 -12.68
CA PHE D 28 -0.51 -18.64 -12.11
C PHE D 28 0.70 -17.92 -12.69
N LEU D 29 0.60 -17.44 -13.92
CA LEU D 29 1.72 -16.74 -14.55
C LEU D 29 2.01 -15.41 -13.87
N LEU D 30 1.04 -14.84 -13.17
CA LEU D 30 1.27 -13.57 -12.49
C LEU D 30 2.31 -13.74 -11.40
N PRO D 31 3.24 -12.79 -11.25
CA PRO D 31 4.25 -12.92 -10.19
C PRO D 31 3.62 -12.86 -8.81
N ALA D 32 4.26 -13.56 -7.86
CA ALA D 32 3.74 -13.60 -6.50
C ALA D 32 3.81 -12.25 -5.81
N ASP D 33 4.63 -11.33 -6.31
CA ASP D 33 4.76 -10.01 -5.69
C ASP D 33 3.57 -9.11 -5.96
N SER D 34 2.69 -9.48 -6.89
CA SER D 34 1.53 -8.66 -7.20
C SER D 34 0.54 -8.71 -6.04
N GLY D 35 0.08 -7.53 -5.62
CA GLY D 35 -0.88 -7.46 -4.52
C GLY D 35 -2.30 -7.82 -4.90
N GLU D 36 -2.62 -7.81 -6.19
CA GLU D 36 -3.96 -8.12 -6.68
C GLU D 36 -4.06 -9.54 -7.24
N LYS D 37 -3.13 -10.42 -6.89
CA LYS D 37 -3.19 -11.79 -7.38
C LYS D 37 -4.45 -12.50 -6.91
N ILE D 38 -4.81 -12.30 -5.64
CA ILE D 38 -6.01 -12.93 -5.10
C ILE D 38 -7.25 -12.41 -5.81
N SER D 39 -7.28 -11.11 -6.11
CA SER D 39 -8.44 -10.52 -6.77
C SER D 39 -8.67 -11.15 -8.14
N LEU D 40 -7.60 -11.37 -8.90
CA LEU D 40 -7.74 -11.96 -10.23
C LEU D 40 -8.34 -13.36 -10.16
N GLY D 41 -7.89 -14.16 -9.19
CA GLY D 41 -8.40 -15.52 -9.07
C GLY D 41 -9.82 -15.60 -8.55
N ILE D 42 -10.27 -14.59 -7.81
CA ILE D 42 -11.64 -14.60 -7.29
C ILE D 42 -12.64 -14.49 -8.43
N THR D 43 -12.36 -13.63 -9.42
CA THR D 43 -13.28 -13.43 -10.52
C THR D 43 -13.44 -14.71 -11.35
N VAL D 44 -12.38 -15.52 -11.44
CA VAL D 44 -12.46 -16.76 -12.19
C VAL D 44 -13.51 -17.68 -11.58
N LEU D 45 -13.49 -17.82 -10.25
CA LEU D 45 -14.49 -18.65 -9.58
C LEU D 45 -15.86 -17.97 -9.60
N LEU D 46 -15.89 -16.65 -9.45
CA LEU D 46 -17.16 -15.94 -9.45
C LEU D 46 -17.86 -16.07 -10.80
N SER D 47 -17.11 -15.95 -11.89
CA SER D 47 -17.72 -16.08 -13.21
C SER D 47 -18.24 -17.48 -13.46
N LEU D 48 -17.62 -18.49 -12.85
CA LEU D 48 -18.09 -19.86 -13.02
C LEU D 48 -19.49 -20.04 -12.42
N THR D 49 -19.74 -19.42 -11.27
CA THR D 49 -21.05 -19.54 -10.64
C THR D 49 -22.14 -18.88 -11.46
N VAL D 50 -21.82 -17.78 -12.14
CA VAL D 50 -22.82 -17.09 -12.96
C VAL D 50 -23.33 -18.01 -14.06
N PHE D 51 -22.40 -18.69 -14.74
CA PHE D 51 -22.78 -19.63 -15.80
C PHE D 51 -23.29 -20.95 -15.24
N MET D 52 -22.97 -21.27 -13.99
CA MET D 52 -23.45 -22.52 -13.40
C MET D 52 -24.96 -22.54 -13.27
N LEU D 53 -25.56 -21.41 -12.89
CA LEU D 53 -27.01 -21.36 -12.73
C LEU D 53 -27.73 -21.60 -14.05
N LEU D 54 -27.14 -21.18 -15.17
CA LEU D 54 -27.78 -21.38 -16.46
C LEU D 54 -27.93 -22.87 -16.78
N VAL D 55 -26.91 -23.67 -16.47
CA VAL D 55 -26.96 -25.09 -16.76
C VAL D 55 -27.81 -25.85 -15.75
N ALA D 56 -28.04 -25.29 -14.57
CA ALA D 56 -28.85 -25.98 -13.56
C ALA D 56 -30.28 -26.17 -14.06
N GLU D 57 -30.85 -25.16 -14.70
CA GLU D 57 -32.21 -25.29 -15.23
C GLU D 57 -32.29 -26.29 -16.37
N ILE D 58 -31.25 -26.35 -17.20
CA ILE D 58 -31.26 -27.28 -18.32
C ILE D 58 -31.25 -28.72 -17.84
N MET D 59 -30.48 -29.00 -16.79
CA MET D 59 -30.40 -30.36 -16.27
C MET D 59 -31.78 -30.80 -15.75
N PRO D 60 -32.28 -31.96 -16.17
CA PRO D 60 -33.59 -32.41 -15.66
C PRO D 60 -33.58 -32.55 -14.15
N SER D 61 -34.70 -32.20 -13.53
CA SER D 61 -34.86 -32.30 -12.07
C SER D 61 -35.26 -33.73 -11.72
N THR D 62 -34.24 -34.59 -11.61
CA THR D 62 -34.46 -35.99 -11.29
C THR D 62 -34.33 -36.22 -9.78
N SER D 63 -34.41 -37.48 -9.36
CA SER D 63 -34.31 -37.86 -7.96
C SER D 63 -32.92 -38.37 -7.60
N ASP D 64 -32.40 -39.34 -8.36
CA ASP D 64 -31.08 -39.88 -8.10
C ASP D 64 -30.26 -40.09 -9.37
N SER D 65 -30.75 -39.64 -10.52
CA SER D 65 -30.04 -39.79 -11.80
C SER D 65 -29.28 -38.50 -12.06
N SER D 66 -28.04 -38.44 -11.59
CA SER D 66 -27.21 -37.26 -11.78
C SER D 66 -26.71 -37.19 -13.22
N PRO D 67 -26.97 -36.10 -13.95
CA PRO D 67 -26.44 -36.01 -15.32
C PRO D 67 -24.92 -36.04 -15.34
N SER D 68 -24.37 -36.61 -16.42
CA SER D 68 -22.93 -36.70 -16.55
C SER D 68 -22.27 -35.33 -16.65
N ILE D 69 -23.04 -34.29 -17.01
CA ILE D 69 -22.47 -32.94 -17.09
C ILE D 69 -22.02 -32.48 -15.72
N ALA D 70 -22.65 -32.97 -14.65
CA ALA D 70 -22.25 -32.56 -13.30
C ALA D 70 -20.81 -32.97 -13.01
N GLN D 71 -20.41 -34.17 -13.45
CA GLN D 71 -19.05 -34.63 -13.19
C GLN D 71 -18.03 -33.70 -13.85
N TYR D 72 -18.29 -33.27 -15.08
CA TYR D 72 -17.37 -32.38 -15.77
C TYR D 72 -17.25 -31.05 -15.02
N PHE D 73 -18.36 -30.51 -14.54
CA PHE D 73 -18.31 -29.26 -13.78
C PHE D 73 -17.56 -29.45 -12.46
N ALA D 74 -17.71 -30.61 -11.83
CA ALA D 74 -17.01 -30.85 -10.57
C ALA D 74 -15.50 -30.83 -10.77
N SER D 75 -15.01 -31.45 -11.84
CA SER D 75 -13.58 -31.44 -12.11
C SER D 75 -13.09 -30.04 -12.48
N THR D 76 -13.91 -29.28 -13.21
CA THR D 76 -13.51 -27.94 -13.61
C THR D 76 -13.32 -27.04 -12.39
N MET D 77 -14.23 -27.13 -11.42
CA MET D 77 -14.14 -26.28 -10.24
C MET D 77 -12.96 -26.64 -9.36
N ILE D 78 -12.48 -27.89 -9.43
CA ILE D 78 -11.31 -28.26 -8.64
C ILE D 78 -10.09 -27.47 -9.09
N ILE D 79 -9.90 -27.34 -10.41
CA ILE D 79 -8.77 -26.56 -10.91
C ILE D 79 -8.93 -25.09 -10.52
N VAL D 80 -10.14 -24.55 -10.69
CA VAL D 80 -10.38 -23.16 -10.29
C VAL D 80 -10.30 -23.01 -8.78
N GLY D 81 -10.90 -23.94 -8.05
CA GLY D 81 -10.84 -23.87 -6.59
C GLY D 81 -9.43 -24.00 -6.06
N LEU D 82 -8.64 -24.91 -6.63
CA LEU D 82 -7.27 -25.07 -6.20
C LEU D 82 -6.43 -23.83 -6.49
N SER D 83 -6.78 -23.09 -7.55
CA SER D 83 -6.05 -21.87 -7.86
C SER D 83 -6.19 -20.85 -6.75
N VAL D 84 -7.40 -20.69 -6.21
CA VAL D 84 -7.60 -19.79 -5.08
C VAL D 84 -6.83 -20.28 -3.86
N VAL D 85 -6.88 -21.59 -3.58
CA VAL D 85 -6.13 -22.13 -2.46
C VAL D 85 -4.63 -21.95 -2.70
N VAL D 86 -4.17 -22.23 -3.92
CA VAL D 86 -2.76 -22.05 -4.24
C VAL D 86 -2.37 -20.58 -4.08
N THR D 87 -3.22 -19.67 -4.56
CA THR D 87 -2.93 -18.24 -4.42
C THR D 87 -2.83 -17.86 -2.95
N VAL D 88 -3.71 -18.40 -2.11
CA VAL D 88 -3.64 -18.13 -0.68
C VAL D 88 -2.31 -18.62 -0.11
N ILE D 89 -1.88 -19.82 -0.52
CA ILE D 89 -0.61 -20.36 -0.04
C ILE D 89 0.55 -19.46 -0.44
N VAL D 90 0.46 -18.82 -1.61
CA VAL D 90 1.54 -17.95 -2.07
C VAL D 90 1.75 -16.81 -1.08
N LEU D 91 0.67 -16.19 -0.62
CA LEU D 91 0.79 -15.10 0.35
C LEU D 91 1.39 -15.58 1.66
N GLN D 92 1.15 -16.85 2.03
CA GLN D 92 1.73 -17.38 3.26
C GLN D 92 3.24 -17.51 3.17
N TYR D 93 3.78 -17.73 1.98
CA TYR D 93 5.22 -17.87 1.82
C TYR D 93 5.95 -16.57 2.12
N HIS D 94 5.34 -15.42 1.80
CA HIS D 94 5.97 -14.13 2.04
C HIS D 94 6.15 -13.84 3.52
N HIS D 95 5.48 -14.56 4.40
CA HIS D 95 5.59 -14.35 5.84
C HIS D 95 6.12 -15.56 6.60
N HIS D 96 5.84 -16.78 6.13
CA HIS D 96 6.29 -18.01 6.76
C HIS D 96 6.16 -17.94 8.28
N ASP D 97 5.05 -17.39 8.77
CA ASP D 97 4.84 -17.28 10.20
C ASP D 97 4.69 -18.67 10.81
N PRO D 98 5.42 -19.00 11.88
CA PRO D 98 5.26 -20.34 12.48
C PRO D 98 3.84 -20.60 12.96
N ASP D 99 3.12 -19.58 13.41
CA ASP D 99 1.75 -19.78 13.88
C ASP D 99 0.84 -20.25 12.75
N GLY D 100 1.15 -19.91 11.50
CA GLY D 100 0.34 -20.33 10.37
C GLY D 100 1.09 -20.23 9.06
N GLY D 101 1.04 -21.29 8.26
CA GLY D 101 1.72 -21.32 6.99
C GLY D 101 2.59 -22.54 6.82
N LYS D 102 3.80 -22.36 6.28
CA LYS D 102 4.75 -23.46 6.11
C LYS D 102 5.62 -23.58 7.36
N MET D 103 4.98 -23.99 8.44
CA MET D 103 5.68 -24.13 9.71
C MET D 103 6.82 -25.14 9.63
N PRO D 104 6.66 -26.33 9.04
CA PRO D 104 7.77 -27.29 9.01
C PRO D 104 8.99 -26.72 8.33
N LYS D 105 10.16 -27.04 8.87
CA LYS D 105 11.42 -26.57 8.31
C LYS D 105 11.95 -27.45 7.19
N TRP D 106 11.65 -28.76 7.24
CA TRP D 106 12.16 -29.67 6.22
C TRP D 106 11.49 -29.45 4.87
N THR D 107 10.31 -28.82 4.84
CA THR D 107 9.63 -28.54 3.58
C THR D 107 10.25 -27.39 2.83
N ARG D 108 11.00 -26.52 3.52
CA ARG D 108 11.64 -25.39 2.84
C ARG D 108 12.73 -25.87 1.88
N VAL D 109 13.48 -26.91 2.26
CA VAL D 109 14.54 -27.42 1.40
C VAL D 109 13.95 -27.98 0.11
N ILE D 110 12.81 -28.68 0.21
CA ILE D 110 12.18 -29.24 -0.97
C ILE D 110 11.76 -28.13 -1.93
N LEU D 111 11.21 -27.03 -1.39
CA LEU D 111 10.79 -25.92 -2.24
C LEU D 111 11.98 -25.32 -2.99
N LEU D 112 13.12 -25.16 -2.31
CA LEU D 112 14.30 -24.59 -2.95
C LEU D 112 14.77 -25.44 -4.12
N ASN D 113 14.54 -26.76 -4.05
CA ASN D 113 14.94 -27.63 -5.16
C ASN D 113 14.16 -27.31 -6.42
N TRP D 114 12.88 -26.97 -6.29
CA TRP D 114 12.08 -26.64 -7.47
C TRP D 114 12.57 -25.35 -8.13
N CYS D 115 13.08 -24.39 -7.34
CA CYS D 115 13.56 -23.15 -7.93
C CYS D 115 14.73 -23.40 -8.87
N ALA D 116 15.65 -24.28 -8.49
CA ALA D 116 16.79 -24.64 -9.33
C ALA D 116 16.49 -25.79 -10.28
N TRP D 117 15.29 -26.38 -10.19
CA TRP D 117 14.96 -27.49 -11.09
C TRP D 117 14.92 -27.03 -12.53
N PHE D 118 14.35 -25.85 -12.79
CA PHE D 118 14.29 -25.35 -14.17
C PHE D 118 15.68 -25.11 -14.73
N LEU D 119 16.58 -24.55 -13.92
CA LEU D 119 17.94 -24.30 -14.39
C LEU D 119 18.65 -25.61 -14.75
N ARG D 120 18.50 -26.63 -13.91
CA ARG D 120 19.10 -27.94 -14.13
C ARG D 120 18.00 -28.99 -13.94
N MET D 121 17.28 -29.29 -15.03
CA MET D 121 16.18 -30.24 -14.96
C MET D 121 16.73 -31.66 -14.84
N LYS D 122 16.16 -32.42 -13.91
CA LYS D 122 16.54 -33.81 -13.71
C LYS D 122 15.76 -34.78 -14.60
N ARG D 123 14.83 -34.28 -15.39
CA ARG D 123 14.05 -35.15 -16.26
C ARG D 123 14.96 -35.79 -17.31
N PRO D 124 14.67 -37.03 -17.73
CA PRO D 124 15.51 -37.66 -18.75
C PRO D 124 15.58 -36.87 -20.04
N GLY D 125 14.52 -36.15 -20.40
CA GLY D 125 14.53 -35.38 -21.62
C GLY D 125 15.51 -34.22 -21.62
N GLU D 126 15.92 -33.76 -20.45
CA GLU D 126 16.88 -32.67 -20.32
C GLU D 126 18.14 -33.05 -19.56
N ASP D 127 18.04 -33.93 -18.56
CA ASP D 127 19.23 -34.34 -17.81
C ASP D 127 20.17 -35.17 -18.67
N LYS D 128 19.62 -36.00 -19.55
CA LYS D 128 20.42 -36.85 -20.41
C LYS D 128 20.83 -36.14 -21.70
N VAL D 129 19.99 -35.25 -22.22
CA VAL D 129 20.28 -34.53 -23.46
C VAL D 129 21.06 -33.28 -23.06
N ARG D 130 22.37 -33.43 -22.92
CA ARG D 130 23.25 -32.33 -22.57
C ARG D 130 24.69 -32.84 -22.65
N PRO D 131 25.67 -31.92 -22.71
CA PRO D 131 27.06 -32.36 -22.77
C PRO D 131 27.43 -33.21 -21.56
N ALA D 132 28.24 -34.24 -21.82
CA ALA D 132 28.69 -35.14 -20.76
C ALA D 132 29.96 -35.83 -21.20
N CYS D 133 30.91 -35.95 -20.28
CA CYS D 133 32.20 -36.57 -20.57
C CYS D 133 32.80 -37.04 -19.25
N GLN D 134 33.92 -37.76 -19.35
CA GLN D 134 34.63 -38.27 -18.19
C GLN D 134 35.83 -37.40 -17.82
N HIS D 135 35.96 -36.22 -18.42
CA HIS D 135 37.07 -35.33 -18.13
C HIS D 135 36.79 -34.57 -16.83
N LYS D 136 37.61 -33.57 -16.53
CA LYS D 136 37.44 -32.79 -15.30
C LYS D 136 36.19 -31.93 -15.32
N GLN D 137 35.54 -31.77 -16.47
CA GLN D 137 34.34 -30.94 -16.53
C GLN D 137 33.22 -31.52 -15.69
N ARG D 138 33.20 -32.84 -15.51
CA ARG D 138 32.17 -33.51 -14.73
C ARG D 138 32.73 -34.19 -13.49
N ARG D 139 33.91 -33.77 -13.03
CA ARG D 139 34.54 -34.35 -11.85
C ARG D 139 34.12 -33.58 -10.60
N CYS D 140 34.55 -34.09 -9.45
CA CYS D 140 34.24 -33.49 -8.16
C CYS D 140 35.52 -33.37 -7.34
N SER D 141 35.56 -32.37 -6.47
CA SER D 141 36.72 -32.13 -5.62
C SER D 141 36.22 -31.53 -4.30
N LEU D 142 37.16 -31.01 -3.51
CA LEU D 142 36.79 -30.43 -2.22
C LEU D 142 35.88 -29.23 -2.40
N ALA D 143 36.18 -28.38 -3.39
CA ALA D 143 35.36 -27.19 -3.60
C ALA D 143 33.93 -27.56 -3.97
N SER D 144 33.77 -28.55 -4.85
CA SER D 144 32.43 -28.96 -5.27
C SER D 144 31.64 -29.55 -4.11
N VAL D 145 32.29 -30.38 -3.30
CA VAL D 145 31.64 -31.04 -2.17
C VAL D 145 31.79 -30.12 -0.96
N GLU D 146 30.69 -29.46 -0.59
CA GLU D 146 30.67 -28.54 0.55
C GLU D 146 30.10 -29.19 1.81
N MET D 147 30.06 -30.52 1.85
CA MET D 147 29.54 -31.21 3.03
C MET D 147 30.47 -31.10 4.23
N SER D 148 31.75 -30.76 4.01
CA SER D 148 32.73 -30.63 5.09
C SER D 148 32.99 -29.17 5.43
N ALA D 149 31.97 -28.32 5.34
CA ALA D 149 32.09 -26.91 5.67
C ALA D 149 33.13 -26.23 4.76
N VAL D 150 32.99 -26.45 3.46
CA VAL D 150 33.86 -25.88 2.44
C VAL D 150 33.08 -24.81 1.68
N ALA D 151 33.66 -23.62 1.56
CA ALA D 151 32.99 -22.53 0.87
C ALA D 151 32.82 -22.88 -0.62
N PRO D 152 31.76 -22.40 -1.24
CA PRO D 152 31.53 -22.71 -2.66
C PRO D 152 32.56 -22.01 -3.53
N PRO D 153 32.79 -22.52 -4.75
CA PRO D 153 33.76 -21.88 -5.63
C PRO D 153 33.36 -20.44 -5.93
N PRO D 154 34.33 -19.53 -6.09
CA PRO D 154 33.96 -18.15 -6.39
C PRO D 154 33.14 -18.05 -7.67
N ALA D 155 32.11 -17.21 -7.63
CA ALA D 155 31.23 -17.03 -8.78
C ALA D 155 30.53 -15.69 -8.64
N SER D 156 29.95 -15.23 -9.74
CA SER D 156 29.20 -13.98 -9.78
C SER D 156 27.73 -14.17 -9.46
N ASN D 157 27.29 -15.39 -9.20
CA ASN D 157 25.89 -15.66 -8.91
C ASN D 157 25.54 -15.44 -7.44
N GLY D 158 26.51 -15.09 -6.60
CA GLY D 158 26.26 -14.84 -5.20
C GLY D 158 27.08 -15.73 -4.28
N ASN D 159 28.20 -16.24 -4.77
CA ASN D 159 29.08 -17.09 -3.99
C ASN D 159 30.28 -16.34 -3.44
N LEU D 160 30.82 -15.37 -4.20
CA LEU D 160 31.96 -14.60 -3.70
C LEU D 160 31.55 -13.68 -2.55
N LEU D 161 30.33 -13.14 -2.58
CA LEU D 161 29.89 -12.25 -1.53
C LEU D 161 29.77 -12.98 -0.19
N TYR D 162 29.35 -14.25 -0.21
CA TYR D 162 29.19 -14.99 1.03
C TYR D 162 30.52 -15.16 1.74
N ILE D 163 31.59 -15.44 0.99
CA ILE D 163 32.90 -15.61 1.59
C ILE D 163 33.36 -14.32 2.25
N GLY D 164 33.17 -13.19 1.58
CA GLY D 164 33.62 -11.91 2.09
C GLY D 164 32.61 -11.25 3.02
N PHE D 165 31.39 -11.03 2.52
CA PHE D 165 30.38 -10.33 3.31
C PHE D 165 29.95 -11.16 4.51
N ARG D 166 29.65 -12.44 4.30
CA ARG D 166 29.21 -13.33 5.37
C ARG D 166 30.41 -14.08 5.96
N GLY D 167 31.32 -13.31 6.56
CA GLY D 167 32.50 -13.92 7.15
C GLY D 167 32.17 -14.87 8.29
N LEU D 168 31.19 -14.50 9.12
CA LEU D 168 30.77 -15.31 10.25
C LEU D 168 31.96 -15.59 11.18
N ASP D 169 32.49 -14.51 11.75
CA ASP D 169 33.67 -14.59 12.62
C ASP D 169 34.85 -15.22 11.88
N GLY D 170 35.00 -14.85 10.61
CA GLY D 170 36.07 -15.37 9.79
C GLY D 170 37.06 -14.31 9.34
N VAL D 171 37.46 -14.36 8.08
CA VAL D 171 38.44 -13.40 7.56
C VAL D 171 37.87 -11.99 7.59
N HIS D 172 36.55 -11.84 7.46
CA HIS D 172 35.95 -10.52 7.44
C HIS D 172 35.99 -9.87 8.81
N CYS D 173 35.63 -10.62 9.85
CA CYS D 173 35.57 -10.09 11.20
C CYS D 173 36.88 -10.30 11.96
N VAL D 174 37.29 -11.56 12.11
CA VAL D 174 38.48 -11.90 12.90
C VAL D 174 39.46 -12.65 12.00
N PRO D 175 40.43 -11.97 11.37
CA PRO D 175 41.41 -12.68 10.53
C PRO D 175 42.46 -13.42 11.35
N THR D 176 42.09 -14.62 11.79
CA THR D 176 42.99 -15.42 12.62
C THR D 176 44.31 -15.71 11.91
N PRO D 177 44.34 -16.11 10.64
CA PRO D 177 45.64 -16.35 9.98
C PRO D 177 46.52 -15.11 10.01
N ASP D 178 47.78 -15.30 10.41
CA ASP D 178 48.74 -14.20 10.50
C ASP D 178 49.37 -14.01 9.12
N SER D 179 48.78 -13.11 8.34
CA SER D 179 49.30 -12.81 7.00
C SER D 179 50.48 -11.85 7.03
N GLY D 180 50.73 -11.18 8.15
CA GLY D 180 51.85 -10.26 8.24
C GLY D 180 51.70 -9.06 7.31
N VAL D 181 50.48 -8.56 7.14
CA VAL D 181 50.22 -7.42 6.30
C VAL D 181 49.88 -6.17 7.10
N VAL D 182 49.17 -6.30 8.22
CA VAL D 182 48.78 -5.13 9.00
C VAL D 182 50.03 -4.41 9.54
N CYS D 183 50.98 -5.18 10.06
CA CYS D 183 52.21 -4.60 10.62
C CYS D 183 53.46 -5.24 10.03
N GLY D 184 53.35 -5.86 8.85
CA GLY D 184 54.48 -6.51 8.22
C GLY D 184 54.73 -6.04 6.79
N ARG D 185 53.73 -5.41 6.19
CA ARG D 185 53.84 -4.95 4.82
C ARG D 185 53.29 -3.52 4.72
N MET D 186 53.75 -2.80 3.69
CA MET D 186 53.34 -1.44 3.43
C MET D 186 52.10 -1.35 2.53
N ALA D 187 51.28 -2.40 2.50
CA ALA D 187 50.09 -2.42 1.64
C ALA D 187 48.98 -1.64 2.34
N CYS D 188 49.07 -0.31 2.24
CA CYS D 188 48.08 0.58 2.84
C CYS D 188 47.97 0.34 4.35
N SER D 189 49.09 0.05 4.98
CA SER D 189 49.14 -0.19 6.42
C SER D 189 50.56 0.05 6.90
N PRO D 190 50.75 0.34 8.19
CA PRO D 190 52.10 0.54 8.71
C PRO D 190 52.88 -0.76 8.74
N THR D 191 54.21 -0.61 8.71
CA THR D 191 55.14 -1.74 8.76
C THR D 191 55.99 -1.57 10.01
N HIS D 192 55.50 -2.12 11.13
CA HIS D 192 56.21 -2.05 12.41
C HIS D 192 56.48 -0.60 12.81
N ASP D 193 55.56 0.30 12.48
CA ASP D 193 55.70 1.73 12.80
C ASP D 193 55.03 1.98 14.15
N GLU D 194 55.84 2.00 15.21
CA GLU D 194 55.31 2.24 16.55
C GLU D 194 55.11 3.72 16.84
N HIS D 195 55.64 4.61 16.00
CA HIS D 195 55.50 6.05 16.17
C HIS D 195 54.55 6.64 15.11
N LEU D 196 53.51 5.88 14.75
CA LEU D 196 52.55 6.32 13.76
C LEU D 196 51.58 7.31 14.42
N LEU D 197 52.02 8.56 14.48
CA LEU D 197 51.24 9.64 15.08
C LEU D 197 50.87 10.66 14.02
N HIS D 198 49.75 11.36 14.24
CA HIS D 198 49.27 12.37 13.31
C HIS D 198 49.97 13.69 13.60
N GLY D 199 51.24 13.75 13.20
CA GLY D 199 52.04 14.94 13.43
C GLY D 199 52.25 15.25 14.89
N GLY D 200 52.54 14.23 15.70
CA GLY D 200 52.72 14.40 17.12
C GLY D 200 51.46 14.25 17.95
N GLN D 201 50.30 14.11 17.31
CA GLN D 201 49.02 13.94 17.98
C GLN D 201 48.52 12.52 17.83
N PRO D 202 47.55 12.10 18.64
CA PRO D 202 47.02 10.75 18.51
C PRO D 202 46.42 10.55 17.14
N PRO D 203 46.44 9.32 16.63
CA PRO D 203 45.90 9.09 15.27
C PRO D 203 44.45 9.49 15.13
N GLU D 204 43.64 9.31 16.17
CA GLU D 204 42.23 9.68 16.13
C GLU D 204 42.10 11.16 16.46
N GLY D 205 41.64 11.95 15.47
CA GLY D 205 41.49 13.37 15.70
C GLY D 205 40.45 13.70 16.75
N ASP D 206 39.35 12.95 16.77
CA ASP D 206 38.28 13.18 17.72
C ASP D 206 37.58 11.87 18.05
N PRO D 207 37.58 11.43 19.30
CA PRO D 207 36.85 10.18 19.65
C PRO D 207 35.36 10.28 19.40
N ASP D 208 34.79 11.48 19.34
CA ASP D 208 33.36 11.62 19.10
C ASP D 208 32.97 11.04 17.75
N LEU D 209 33.90 11.00 16.79
CA LEU D 209 33.60 10.43 15.49
C LEU D 209 33.26 8.95 15.58
N ALA D 210 33.87 8.24 16.53
CA ALA D 210 33.57 6.82 16.71
C ALA D 210 32.10 6.62 17.10
N LYS D 211 31.59 7.47 17.99
CA LYS D 211 30.18 7.37 18.36
C LYS D 211 29.27 7.63 17.17
N ILE D 212 29.62 8.60 16.32
CA ILE D 212 28.82 8.87 15.13
C ILE D 212 28.84 7.67 14.20
N LEU D 213 29.99 6.99 14.11
CA LEU D 213 30.08 5.83 13.23
C LEU D 213 29.14 4.73 13.69
N GLU D 214 29.03 4.50 15.00
CA GLU D 214 28.13 3.47 15.51
C GLU D 214 26.69 3.80 15.15
N GLU D 215 26.29 5.06 15.31
CA GLU D 215 24.94 5.46 14.93
C GLU D 215 24.73 5.34 13.42
N VAL D 216 25.71 5.78 12.64
CA VAL D 216 25.62 5.64 11.19
C VAL D 216 25.62 4.17 10.80
N ARG D 217 26.49 3.38 11.42
CA ARG D 217 26.52 1.95 11.12
C ARG D 217 25.20 1.28 11.50
N TYR D 218 24.62 1.68 12.64
CA TYR D 218 23.34 1.13 13.04
C TYR D 218 22.25 1.47 12.03
N ILE D 219 22.26 2.70 11.53
CA ILE D 219 21.30 3.09 10.49
C ILE D 219 21.52 2.25 9.24
N ALA D 220 22.78 2.07 8.84
CA ALA D 220 23.07 1.22 7.69
C ALA D 220 22.74 -0.24 7.99
N ASN D 221 22.93 -0.69 9.23
CA ASN D 221 22.60 -2.06 9.59
C ASN D 221 21.10 -2.31 9.42
N ARG D 222 20.27 -1.36 9.81
CA ARG D 222 18.83 -1.51 9.63
C ARG D 222 18.48 -1.63 8.15
N PHE D 223 19.13 -0.81 7.30
CA PHE D 223 18.91 -0.92 5.87
C PHE D 223 19.40 -2.26 5.34
N ARG D 224 20.47 -2.79 5.92
CA ARG D 224 20.95 -4.11 5.50
C ARG D 224 19.90 -5.18 5.80
N CYS D 225 19.20 -5.07 6.93
CA CYS D 225 18.13 -6.00 7.23
C CYS D 225 17.00 -5.90 6.22
N GLN D 226 16.70 -4.69 5.74
CA GLN D 226 15.69 -4.53 4.71
C GLN D 226 16.09 -5.25 3.43
N ASP D 227 17.37 -5.16 3.06
CA ASP D 227 17.86 -5.90 1.91
C ASP D 227 17.81 -7.41 2.14
N GLU D 228 18.07 -7.84 3.38
CA GLU D 228 17.97 -9.26 3.71
C GLU D 228 16.54 -9.74 3.54
N SER D 229 15.55 -8.94 3.96
CA SER D 229 14.16 -9.32 3.76
C SER D 229 13.82 -9.44 2.29
N GLU D 230 14.38 -8.56 1.45
CA GLU D 230 14.14 -8.67 0.01
C GLU D 230 14.68 -9.98 -0.54
N ALA D 231 15.87 -10.38 -0.09
CA ALA D 231 16.41 -11.67 -0.51
C ALA D 231 15.56 -12.82 0.02
N VAL D 232 15.10 -12.72 1.26
CA VAL D 232 14.19 -13.73 1.80
C VAL D 232 12.88 -13.72 1.04
N CYS D 233 12.34 -12.53 0.76
CA CYS D 233 11.12 -12.45 -0.05
C CYS D 233 11.36 -12.98 -1.45
N SER D 234 12.50 -12.66 -2.05
CA SER D 234 12.82 -13.19 -3.36
C SER D 234 13.01 -14.70 -3.31
N GLU D 235 13.64 -15.21 -2.24
CA GLU D 235 13.77 -16.65 -2.07
C GLU D 235 12.41 -17.31 -1.95
N TRP D 236 11.51 -16.71 -1.18
CA TRP D 236 10.15 -17.25 -1.06
C TRP D 236 9.34 -16.97 -2.32
N LYS D 237 9.64 -15.88 -3.04
CA LYS D 237 8.94 -15.60 -4.29
C LYS D 237 9.18 -16.70 -5.31
N PHE D 238 10.42 -17.16 -5.44
CA PHE D 238 10.72 -18.27 -6.34
C PHE D 238 10.03 -19.55 -5.85
N ALA D 239 10.06 -19.80 -4.54
CA ALA D 239 9.39 -20.98 -4.00
C ALA D 239 7.89 -20.92 -4.23
N ALA D 240 7.33 -19.72 -4.37
CA ALA D 240 5.90 -19.57 -4.63
C ALA D 240 5.58 -19.60 -6.12
N CYS D 241 6.49 -19.13 -6.97
CA CYS D 241 6.25 -19.14 -8.41
C CYS D 241 6.36 -20.55 -8.98
N VAL D 242 7.26 -21.36 -8.44
CA VAL D 242 7.41 -22.74 -8.94
C VAL D 242 6.12 -23.52 -8.71
N VAL D 243 5.49 -23.35 -7.54
CA VAL D 243 4.23 -24.01 -7.27
C VAL D 243 3.16 -23.55 -8.26
N ASP D 244 3.10 -22.23 -8.50
CA ASP D 244 2.14 -21.72 -9.47
C ASP D 244 2.42 -22.26 -10.86
N ARG D 245 3.69 -22.29 -11.27
CA ARG D 245 4.04 -22.84 -12.58
C ARG D 245 3.85 -24.35 -12.61
N LEU D 246 4.24 -25.04 -11.54
CA LEU D 246 4.06 -26.48 -11.48
C LEU D 246 2.58 -26.85 -11.53
N CYS D 247 1.74 -26.11 -10.80
CA CYS D 247 0.32 -26.38 -10.83
C CYS D 247 -0.28 -26.16 -12.22
N LEU D 248 0.30 -25.24 -12.99
CA LEU D 248 -0.18 -25.00 -14.35
C LEU D 248 -0.05 -26.25 -15.21
N MET D 249 1.10 -26.91 -15.14
CA MET D 249 1.29 -28.14 -15.90
C MET D 249 0.38 -29.25 -15.40
N ALA D 250 0.23 -29.37 -14.08
CA ALA D 250 -0.63 -30.41 -13.52
C ALA D 250 -2.09 -30.19 -13.94
N PHE D 251 -2.56 -28.94 -13.88
CA PHE D 251 -3.94 -28.66 -14.28
C PHE D 251 -4.10 -28.71 -15.80
N SER D 252 -3.02 -28.48 -16.54
CA SER D 252 -3.11 -28.56 -17.99
C SER D 252 -3.47 -29.97 -18.45
N VAL D 253 -2.87 -30.99 -17.82
CA VAL D 253 -3.20 -32.36 -18.17
C VAL D 253 -4.65 -32.66 -17.81
N PHE D 254 -5.10 -32.22 -16.63
CA PHE D 254 -6.48 -32.45 -16.22
C PHE D 254 -7.44 -31.74 -17.16
N THR D 255 -7.12 -30.51 -17.57
CA THR D 255 -7.99 -29.79 -18.50
C THR D 255 -8.08 -30.52 -19.84
N ILE D 256 -6.95 -31.04 -20.32
CA ILE D 256 -6.96 -31.79 -21.58
C ILE D 256 -7.81 -33.04 -21.43
N ILE D 257 -7.67 -33.75 -20.31
CA ILE D 257 -8.46 -34.95 -20.09
C ILE D 257 -9.94 -34.61 -20.04
N CYS D 258 -10.30 -33.54 -19.35
CA CYS D 258 -11.71 -33.14 -19.28
C CYS D 258 -12.24 -32.79 -20.66
N THR D 259 -11.44 -32.07 -21.46
CA THR D 259 -11.88 -31.74 -22.82
C THR D 259 -12.07 -32.99 -23.66
N ILE D 260 -11.16 -33.96 -23.53
CA ILE D 260 -11.27 -35.19 -24.30
C ILE D 260 -12.55 -35.93 -23.92
N GLY D 261 -12.84 -36.01 -22.62
CA GLY D 261 -14.05 -36.70 -22.18
C GLY D 261 -15.31 -36.04 -22.70
N ILE D 262 -15.32 -34.70 -22.76
CA ILE D 262 -16.48 -33.99 -23.28
C ILE D 262 -16.71 -34.33 -24.74
N LEU D 263 -15.63 -34.42 -25.52
CA LEU D 263 -15.76 -34.72 -26.95
C LEU D 263 -16.25 -36.14 -27.21
N MET D 264 -16.23 -37.01 -26.20
CA MET D 264 -16.69 -38.38 -26.36
C MET D 264 -18.12 -38.61 -25.86
N SER D 265 -18.55 -37.85 -24.86
CA SER D 265 -19.90 -37.98 -24.34
C SER D 265 -20.89 -37.00 -24.96
N ALA D 266 -20.41 -35.87 -25.48
CA ALA D 266 -21.32 -34.90 -26.08
C ALA D 266 -22.10 -35.49 -27.26
N PRO D 267 -21.48 -36.23 -28.19
CA PRO D 267 -22.28 -36.78 -29.30
C PRO D 267 -23.39 -37.70 -28.86
N ASN D 268 -23.23 -38.37 -27.71
CA ASN D 268 -24.25 -39.29 -27.22
C ASN D 268 -25.32 -38.58 -26.41
N PHE D 269 -24.93 -37.66 -25.54
CA PHE D 269 -25.87 -36.91 -24.71
C PHE D 269 -26.18 -35.53 -25.25
N VAL D 270 -25.16 -34.72 -25.51
CA VAL D 270 -25.35 -33.38 -26.03
C VAL D 270 -25.67 -33.44 -27.52
N LEU E 7 -38.25 -0.30 -31.54
CA LEU E 7 -37.58 -1.44 -30.94
C LEU E 7 -37.61 -1.34 -29.41
N TYR E 8 -38.46 -2.16 -28.80
CA TYR E 8 -38.56 -2.14 -27.34
C TYR E 8 -37.32 -2.76 -26.70
N TYR E 9 -37.04 -4.03 -27.02
CA TYR E 9 -35.86 -4.70 -26.48
C TYR E 9 -34.58 -4.26 -27.18
N GLY E 10 -34.68 -3.67 -28.37
CA GLY E 10 -33.49 -3.21 -29.06
C GLY E 10 -32.85 -1.98 -28.45
N LEU E 11 -33.63 -1.18 -27.73
CA LEU E 11 -33.11 0.02 -27.06
C LEU E 11 -32.67 -0.24 -25.63
N ASN E 12 -32.82 -1.48 -25.13
CA ASN E 12 -32.44 -1.83 -23.77
C ASN E 12 -31.42 -2.96 -23.69
N LEU E 13 -31.15 -3.65 -24.80
CA LEU E 13 -30.18 -4.75 -24.82
C LEU E 13 -29.04 -4.51 -25.78
N LEU E 14 -29.31 -3.96 -26.97
CA LEU E 14 -28.23 -3.67 -27.91
C LEU E 14 -27.43 -2.44 -27.47
N ILE E 15 -28.11 -1.40 -27.00
CA ILE E 15 -27.42 -0.16 -26.62
C ILE E 15 -26.41 -0.40 -25.50
N PRO E 16 -26.75 -1.09 -24.42
CA PRO E 16 -25.73 -1.33 -23.37
C PRO E 16 -24.52 -2.09 -23.88
N CYS E 17 -24.68 -2.93 -24.91
CA CYS E 17 -23.55 -3.68 -25.44
C CYS E 17 -22.46 -2.74 -25.95
N VAL E 18 -22.85 -1.68 -26.65
CA VAL E 18 -21.86 -0.74 -27.16
C VAL E 18 -21.19 0.00 -26.00
N LEU E 19 -21.94 0.28 -24.94
CA LEU E 19 -21.37 0.99 -23.79
C LEU E 19 -20.27 0.15 -23.13
N ILE E 20 -20.48 -1.16 -23.01
CA ILE E 20 -19.48 -2.02 -22.39
C ILE E 20 -18.19 -2.01 -23.21
N SER E 21 -18.32 -2.11 -24.53
CA SER E 21 -17.13 -2.09 -25.38
C SER E 21 -16.42 -0.74 -25.28
N ALA E 22 -17.18 0.35 -25.24
CA ALA E 22 -16.57 1.67 -25.14
C ALA E 22 -15.89 1.86 -23.79
N LEU E 23 -16.48 1.32 -22.72
CA LEU E 23 -15.89 1.45 -21.40
C LEU E 23 -14.56 0.70 -21.30
N ALA E 24 -14.44 -0.42 -22.01
CA ALA E 24 -13.19 -1.17 -21.96
C ALA E 24 -12.04 -0.36 -22.54
N LEU E 25 -12.30 0.41 -23.60
CA LEU E 25 -11.24 1.21 -24.20
C LEU E 25 -10.71 2.26 -23.22
N LEU E 26 -11.58 2.82 -22.37
CA LEU E 26 -11.14 3.81 -21.41
C LEU E 26 -10.24 3.22 -20.33
N VAL E 27 -10.32 1.90 -20.10
CA VAL E 27 -9.46 1.28 -19.10
C VAL E 27 -8.00 1.34 -19.53
N PHE E 28 -7.74 1.17 -20.83
CA PHE E 28 -6.37 1.19 -21.31
C PHE E 28 -5.71 2.55 -21.10
N LEU E 29 -6.51 3.62 -21.08
CA LEU E 29 -5.95 4.95 -20.88
C LEU E 29 -5.39 5.15 -19.48
N LEU E 30 -5.85 4.36 -18.51
CA LEU E 30 -5.35 4.49 -17.15
C LEU E 30 -3.87 4.13 -17.11
N PRO E 31 -3.03 4.88 -16.39
CA PRO E 31 -1.61 4.54 -16.32
C PRO E 31 -1.39 3.20 -15.63
N ALA E 32 -0.31 2.52 -16.03
CA ALA E 32 0.00 1.22 -15.45
C ALA E 32 0.38 1.33 -13.98
N ASP E 33 0.76 2.51 -13.50
CA ASP E 33 1.16 2.67 -12.11
C ASP E 33 -0.02 2.64 -11.15
N SER E 34 -1.25 2.72 -11.65
CA SER E 34 -2.41 2.69 -10.78
C SER E 34 -2.59 1.32 -10.18
N GLY E 35 -2.79 1.27 -8.85
CA GLY E 35 -2.97 0.00 -8.17
C GLY E 35 -4.33 -0.64 -8.38
N GLU E 36 -5.33 0.15 -8.77
CA GLU E 36 -6.69 -0.34 -8.97
C GLU E 36 -7.03 -0.52 -10.45
N LYS E 37 -6.02 -0.67 -11.31
CA LYS E 37 -6.29 -0.87 -12.72
C LYS E 37 -7.06 -2.15 -12.96
N ILE E 38 -6.70 -3.23 -12.26
CA ILE E 38 -7.38 -4.50 -12.43
C ILE E 38 -8.84 -4.39 -11.96
N SER E 39 -9.07 -3.61 -10.91
CA SER E 39 -10.44 -3.47 -10.39
C SER E 39 -11.35 -2.84 -11.43
N LEU E 40 -10.87 -1.82 -12.15
CA LEU E 40 -11.69 -1.16 -13.15
C LEU E 40 -12.09 -2.12 -14.26
N GLY E 41 -11.15 -2.96 -14.71
CA GLY E 41 -11.44 -3.89 -15.78
C GLY E 41 -12.33 -5.05 -15.37
N ILE E 42 -12.37 -5.37 -14.08
CA ILE E 42 -13.22 -6.46 -13.62
C ILE E 42 -14.69 -6.07 -13.74
N THR E 43 -15.01 -4.81 -13.43
CA THR E 43 -16.40 -4.37 -13.50
C THR E 43 -16.94 -4.41 -14.93
N VAL E 44 -16.08 -4.14 -15.91
CA VAL E 44 -16.51 -4.16 -17.30
C VAL E 44 -16.99 -5.55 -17.69
N LEU E 45 -16.23 -6.58 -17.31
CA LEU E 45 -16.64 -7.95 -17.59
C LEU E 45 -17.84 -8.34 -16.75
N LEU E 46 -17.87 -7.92 -15.48
CA LEU E 46 -19.00 -8.26 -14.61
C LEU E 46 -20.29 -7.64 -15.13
N SER E 47 -20.23 -6.39 -15.60
CA SER E 47 -21.43 -5.73 -16.11
C SER E 47 -21.96 -6.44 -17.35
N LEU E 48 -21.07 -6.97 -18.20
CA LEU E 48 -21.52 -7.66 -19.40
C LEU E 48 -22.33 -8.90 -19.04
N THR E 49 -21.91 -9.65 -18.02
CA THR E 49 -22.63 -10.85 -17.64
C THR E 49 -24.02 -10.51 -17.12
N VAL E 50 -24.16 -9.40 -16.39
CA VAL E 50 -25.47 -9.02 -15.87
C VAL E 50 -26.44 -8.75 -17.01
N PHE E 51 -25.99 -8.02 -18.03
CA PHE E 51 -26.84 -7.73 -19.18
C PHE E 51 -26.96 -8.92 -20.13
N MET E 52 -26.03 -9.87 -20.06
CA MET E 52 -26.11 -11.04 -20.94
C MET E 52 -27.28 -11.94 -20.56
N LEU E 53 -27.58 -12.05 -19.26
CA LEU E 53 -28.68 -12.91 -18.83
C LEU E 53 -30.01 -12.43 -19.39
N LEU E 54 -30.19 -11.12 -19.53
CA LEU E 54 -31.45 -10.60 -20.06
C LEU E 54 -31.69 -11.06 -21.49
N VAL E 55 -30.64 -11.07 -22.32
CA VAL E 55 -30.78 -11.49 -23.70
C VAL E 55 -30.94 -13.00 -23.83
N ALA E 56 -30.51 -13.78 -22.83
CA ALA E 56 -30.64 -15.22 -22.91
C ALA E 56 -32.10 -15.64 -23.00
N GLU E 57 -32.97 -15.03 -22.21
CA GLU E 57 -34.38 -15.36 -22.26
C GLU E 57 -35.02 -14.95 -23.57
N ILE E 58 -34.59 -13.82 -24.14
CA ILE E 58 -35.15 -13.34 -25.39
C ILE E 58 -34.85 -14.33 -26.52
N MET E 59 -33.63 -14.85 -26.56
CA MET E 59 -33.24 -15.78 -27.61
C MET E 59 -34.10 -17.03 -27.52
N PRO E 60 -34.72 -17.47 -28.62
CA PRO E 60 -35.53 -18.70 -28.56
C PRO E 60 -34.69 -19.90 -28.16
N SER E 61 -35.31 -20.79 -27.36
CA SER E 61 -34.65 -22.00 -26.90
C SER E 61 -34.73 -23.06 -27.99
N THR E 62 -33.78 -22.98 -28.93
CA THR E 62 -33.72 -23.90 -30.05
C THR E 62 -32.80 -25.07 -29.72
N SER E 63 -32.59 -25.95 -30.71
CA SER E 63 -31.73 -27.12 -30.55
C SER E 63 -30.34 -26.91 -31.16
N ASP E 64 -30.28 -26.47 -32.42
CA ASP E 64 -29.00 -26.22 -33.07
C ASP E 64 -29.00 -24.95 -33.89
N SER E 65 -30.05 -24.14 -33.82
CA SER E 65 -30.13 -22.88 -34.57
C SER E 65 -29.69 -21.75 -33.63
N SER E 66 -28.40 -21.45 -33.65
CA SER E 66 -27.86 -20.40 -32.80
C SER E 66 -28.21 -19.03 -33.37
N PRO E 67 -28.87 -18.15 -32.61
CA PRO E 67 -29.18 -16.82 -33.14
C PRO E 67 -27.90 -16.06 -33.48
N SER E 68 -27.99 -15.20 -34.51
CA SER E 68 -26.84 -14.41 -34.92
C SER E 68 -26.41 -13.43 -33.84
N ILE E 69 -27.29 -13.11 -32.89
CA ILE E 69 -26.92 -12.20 -31.80
C ILE E 69 -25.80 -12.80 -30.96
N ALA E 70 -25.74 -14.13 -30.88
CA ALA E 70 -24.68 -14.78 -30.09
C ALA E 70 -23.31 -14.45 -30.65
N GLN E 71 -23.17 -14.42 -31.98
CA GLN E 71 -21.88 -14.12 -32.58
C GLN E 71 -21.40 -12.73 -32.19
N TYR E 72 -22.31 -11.74 -32.19
CA TYR E 72 -21.91 -10.39 -31.81
C TYR E 72 -21.44 -10.34 -30.36
N PHE E 73 -22.14 -11.05 -29.46
CA PHE E 73 -21.73 -11.09 -28.07
C PHE E 73 -20.38 -11.78 -27.90
N ALA E 74 -20.12 -12.83 -28.68
CA ALA E 74 -18.83 -13.51 -28.59
C ALA E 74 -17.69 -12.58 -28.96
N SER E 75 -17.85 -11.79 -30.02
CA SER E 75 -16.82 -10.83 -30.41
C SER E 75 -16.67 -9.73 -29.36
N THR E 76 -17.78 -9.27 -28.79
CA THR E 76 -17.71 -8.21 -27.79
C THR E 76 -16.95 -8.67 -26.55
N MET E 77 -17.19 -9.90 -26.11
CA MET E 77 -16.51 -10.41 -24.92
C MET E 77 -15.02 -10.62 -25.15
N ILE E 78 -14.60 -10.83 -26.40
CA ILE E 78 -13.18 -10.99 -26.67
C ILE E 78 -12.42 -9.70 -26.35
N ILE E 79 -12.98 -8.55 -26.74
CA ILE E 79 -12.34 -7.28 -26.43
C ILE E 79 -12.31 -7.06 -24.93
N VAL E 80 -13.43 -7.33 -24.25
CA VAL E 80 -13.47 -7.18 -22.80
C VAL E 80 -12.57 -8.21 -22.13
N GLY E 81 -12.65 -9.46 -22.59
CA GLY E 81 -11.79 -10.49 -22.02
C GLY E 81 -10.32 -10.21 -22.23
N LEU E 82 -9.95 -9.76 -23.43
CA LEU E 82 -8.55 -9.44 -23.69
C LEU E 82 -8.07 -8.28 -22.83
N SER E 83 -8.96 -7.34 -22.50
CA SER E 83 -8.57 -6.23 -21.65
C SER E 83 -8.12 -6.72 -20.27
N VAL E 84 -8.84 -7.67 -19.70
CA VAL E 84 -8.43 -8.23 -18.41
C VAL E 84 -7.11 -8.96 -18.55
N VAL E 85 -6.94 -9.74 -19.62
CA VAL E 85 -5.68 -10.43 -19.86
C VAL E 85 -4.56 -9.42 -20.08
N VAL E 86 -4.84 -8.38 -20.87
CA VAL E 86 -3.84 -7.34 -21.11
C VAL E 86 -3.48 -6.64 -19.80
N THR E 87 -4.49 -6.35 -18.97
CA THR E 87 -4.22 -5.71 -17.69
C THR E 87 -3.33 -6.59 -16.81
N VAL E 88 -3.57 -7.90 -16.83
CA VAL E 88 -2.72 -8.82 -16.07
C VAL E 88 -1.29 -8.75 -16.57
N ILE E 89 -1.11 -8.73 -17.90
CA ILE E 89 0.22 -8.67 -18.48
C ILE E 89 0.93 -7.39 -18.05
N VAL E 90 0.19 -6.30 -17.86
CA VAL E 90 0.80 -5.05 -17.44
C VAL E 90 1.49 -5.21 -16.09
N LEU E 91 0.83 -5.88 -15.14
CA LEU E 91 1.43 -6.09 -13.83
C LEU E 91 2.68 -6.95 -13.92
N GLN E 92 2.69 -7.95 -14.82
CA GLN E 92 3.86 -8.81 -14.94
C GLN E 92 5.08 -8.03 -15.41
N TYR E 93 4.87 -6.95 -16.17
CA TYR E 93 6.01 -6.15 -16.64
C TYR E 93 6.74 -5.47 -15.50
N HIS E 94 6.01 -5.06 -14.46
CA HIS E 94 6.64 -4.37 -13.33
C HIS E 94 7.59 -5.28 -12.55
N HIS E 95 7.50 -6.60 -12.75
CA HIS E 95 8.35 -7.55 -12.06
C HIS E 95 9.25 -8.36 -13.00
N HIS E 96 8.79 -8.67 -14.21
CA HIS E 96 9.55 -9.43 -15.19
C HIS E 96 10.28 -10.60 -14.54
N ASP E 97 9.60 -11.29 -13.63
CA ASP E 97 10.23 -12.43 -12.96
C ASP E 97 10.49 -13.54 -13.97
N PRO E 98 11.70 -14.10 -14.02
CA PRO E 98 11.94 -15.19 -14.97
C PRO E 98 11.03 -16.39 -14.76
N ASP E 99 10.62 -16.66 -13.52
CA ASP E 99 9.74 -17.81 -13.28
C ASP E 99 8.39 -17.63 -13.95
N GLY E 100 7.95 -16.39 -14.16
CA GLY E 100 6.68 -16.13 -14.81
C GLY E 100 6.58 -14.72 -15.35
N GLY E 101 6.14 -14.58 -16.60
CA GLY E 101 6.02 -13.28 -17.23
C GLY E 101 6.71 -13.21 -18.57
N LYS E 102 7.41 -12.11 -18.83
CA LYS E 102 8.15 -11.94 -20.08
C LYS E 102 9.57 -12.48 -19.91
N MET E 103 9.64 -13.80 -19.73
CA MET E 103 10.93 -14.46 -19.54
C MET E 103 11.87 -14.25 -20.72
N PRO E 104 11.44 -14.39 -21.97
CA PRO E 104 12.38 -14.20 -23.08
C PRO E 104 13.02 -12.82 -23.06
N LYS E 105 14.31 -12.77 -23.40
CA LYS E 105 15.04 -11.51 -23.41
C LYS E 105 14.90 -10.76 -24.73
N TRP E 106 14.76 -11.48 -25.85
CA TRP E 106 14.65 -10.82 -27.14
C TRP E 106 13.35 -10.05 -27.30
N THR E 107 12.32 -10.38 -26.52
CA THR E 107 11.06 -9.67 -26.59
C THR E 107 11.14 -8.29 -25.92
N ARG E 108 12.09 -8.09 -25.01
CA ARG E 108 12.23 -6.79 -24.37
C ARG E 108 12.63 -5.71 -25.38
N VAL E 109 13.52 -6.05 -26.31
CA VAL E 109 13.96 -5.07 -27.30
C VAL E 109 12.78 -4.64 -28.18
N ILE E 110 11.92 -5.59 -28.55
CA ILE E 110 10.77 -5.25 -29.38
C ILE E 110 9.86 -4.28 -28.65
N LEU E 111 9.64 -4.49 -27.35
CA LEU E 111 8.79 -3.60 -26.58
C LEU E 111 9.35 -2.19 -26.55
N LEU E 112 10.67 -2.05 -26.39
CA LEU E 112 11.28 -0.73 -26.35
C LEU E 112 11.07 0.03 -27.66
N ASN E 113 10.96 -0.70 -28.78
CA ASN E 113 10.72 -0.04 -30.05
C ASN E 113 9.37 0.68 -30.07
N TRP E 114 8.35 0.06 -29.46
CA TRP E 114 7.04 0.69 -29.41
C TRP E 114 7.03 1.95 -28.57
N CYS E 115 7.86 2.01 -27.53
CA CYS E 115 7.92 3.20 -26.70
C CYS E 115 8.38 4.41 -27.49
N ALA E 116 9.40 4.23 -28.34
CA ALA E 116 9.91 5.30 -29.18
C ALA E 116 9.19 5.38 -30.52
N TRP E 117 8.25 4.47 -30.79
CA TRP E 117 7.53 4.52 -32.07
C TRP E 117 6.69 5.79 -32.17
N PHE E 118 6.03 6.18 -31.09
CA PHE E 118 5.21 7.39 -31.12
C PHE E 118 6.06 8.62 -31.39
N LEU E 119 7.23 8.69 -30.76
CA LEU E 119 8.10 9.85 -30.98
C LEU E 119 8.55 9.93 -32.43
N ARG E 120 8.92 8.80 -33.02
CA ARG E 120 9.36 8.73 -34.42
C ARG E 120 8.57 7.60 -35.09
N MET E 121 7.39 7.92 -35.61
CA MET E 121 6.55 6.92 -36.24
C MET E 121 7.13 6.52 -37.58
N LYS E 122 7.18 5.21 -37.83
CA LYS E 122 7.66 4.68 -39.10
C LYS E 122 6.56 4.55 -40.15
N ARG E 123 5.32 4.89 -39.81
CA ARG E 123 4.23 4.78 -40.76
C ARG E 123 4.45 5.77 -41.91
N PRO E 124 4.03 5.42 -43.12
CA PRO E 124 4.20 6.36 -44.24
C PRO E 124 3.53 7.70 -44.01
N GLY E 125 2.42 7.73 -43.28
CA GLY E 125 1.73 8.98 -43.03
C GLY E 125 2.51 9.96 -42.18
N GLU E 126 3.48 9.47 -41.40
CA GLU E 126 4.31 10.31 -40.55
C GLU E 126 5.80 10.22 -40.88
N ASP E 127 6.29 9.05 -41.29
CA ASP E 127 7.71 8.92 -41.61
C ASP E 127 8.06 9.69 -42.87
N LYS E 128 7.14 9.72 -43.84
CA LYS E 128 7.38 10.44 -45.09
C LYS E 128 6.99 11.92 -45.00
N VAL E 129 5.98 12.25 -44.22
CA VAL E 129 5.52 13.63 -44.07
C VAL E 129 6.34 14.24 -42.94
N ARG E 130 7.52 14.75 -43.29
CA ARG E 130 8.41 15.38 -42.34
C ARG E 130 9.60 15.97 -43.11
N PRO E 131 10.34 16.89 -42.50
CA PRO E 131 11.51 17.47 -43.20
C PRO E 131 12.50 16.38 -43.60
N ALA E 132 13.08 16.56 -44.78
CA ALA E 132 14.06 15.61 -45.30
C ALA E 132 14.92 16.31 -46.34
N CYS E 133 16.22 16.03 -46.31
CA CYS E 133 17.15 16.63 -47.26
C CYS E 133 18.40 15.75 -47.31
N GLN E 134 19.30 16.10 -48.22
CA GLN E 134 20.56 15.38 -48.40
C GLN E 134 21.72 16.07 -47.70
N HIS E 135 21.46 17.07 -46.88
CA HIS E 135 22.52 17.80 -46.18
C HIS E 135 22.96 16.99 -44.96
N LYS E 136 23.77 17.61 -44.10
CA LYS E 136 24.27 16.92 -42.92
C LYS E 136 23.19 16.65 -41.88
N GLN E 137 22.00 17.26 -42.04
CA GLN E 137 20.93 17.03 -41.07
C GLN E 137 20.47 15.57 -41.07
N ARG E 138 20.62 14.88 -42.21
CA ARG E 138 20.20 13.49 -42.33
C ARG E 138 21.38 12.56 -42.59
N ARG E 139 22.60 13.00 -42.28
CA ARG E 139 23.78 12.18 -42.50
C ARG E 139 24.08 11.35 -41.25
N CYS E 140 25.10 10.50 -41.35
CA CYS E 140 25.51 9.64 -40.24
C CYS E 140 27.03 9.71 -40.09
N SER E 141 27.49 9.47 -38.87
CA SER E 141 28.92 9.51 -38.57
C SER E 141 29.19 8.50 -37.45
N LEU E 142 30.38 8.58 -36.87
CA LEU E 142 30.75 7.66 -35.80
C LEU E 142 29.85 7.85 -34.58
N ALA E 143 29.54 9.10 -34.24
CA ALA E 143 28.69 9.36 -33.07
C ALA E 143 27.30 8.77 -33.26
N SER E 144 26.73 8.92 -34.44
CA SER E 144 25.39 8.39 -34.68
C SER E 144 25.39 6.87 -34.67
N VAL E 145 26.40 6.24 -35.26
CA VAL E 145 26.50 4.79 -35.34
C VAL E 145 27.25 4.33 -34.09
N GLU E 146 26.51 3.77 -33.13
CA GLU E 146 27.09 3.29 -31.88
C GLU E 146 27.32 1.78 -31.89
N MET E 147 27.36 1.17 -33.07
CA MET E 147 27.59 -0.27 -33.16
C MET E 147 29.02 -0.65 -32.81
N SER E 148 29.95 0.30 -32.86
CA SER E 148 31.35 0.05 -32.54
C SER E 148 31.73 0.52 -31.15
N ALA E 149 30.80 0.42 -30.19
CA ALA E 149 31.04 0.83 -28.81
C ALA E 149 31.38 2.32 -28.73
N VAL E 150 30.53 3.13 -29.38
CA VAL E 150 30.67 4.58 -29.39
C VAL E 150 29.55 5.17 -28.56
N ALA E 151 29.92 6.06 -27.63
CA ALA E 151 28.92 6.69 -26.77
C ALA E 151 27.99 7.58 -27.58
N PRO E 152 26.74 7.72 -27.16
CA PRO E 152 25.79 8.56 -27.91
C PRO E 152 26.17 10.02 -27.82
N PRO E 153 25.73 10.84 -28.76
CA PRO E 153 26.05 12.27 -28.71
C PRO E 153 25.50 12.90 -27.44
N PRO E 154 26.19 13.88 -26.85
CA PRO E 154 25.67 14.50 -25.62
C PRO E 154 24.28 15.10 -25.86
N ALA E 155 23.40 14.89 -24.87
CA ALA E 155 22.04 15.39 -24.95
C ALA E 155 21.47 15.49 -23.54
N SER E 156 20.38 16.23 -23.42
CA SER E 156 19.68 16.40 -22.16
C SER E 156 18.62 15.32 -21.92
N ASN E 157 18.44 14.40 -22.85
CA ASN E 157 17.44 13.34 -22.71
C ASN E 157 17.93 12.16 -21.89
N GLY E 158 19.19 12.16 -21.46
CA GLY E 158 19.74 11.08 -20.68
C GLY E 158 20.95 10.43 -21.30
N ASN E 159 21.64 11.17 -22.17
CA ASN E 159 22.84 10.67 -22.83
C ASN E 159 24.13 11.18 -22.19
N LEU E 160 24.13 12.41 -21.68
CA LEU E 160 25.32 12.94 -21.02
C LEU E 160 25.57 12.25 -19.69
N LEU E 161 24.51 11.88 -18.97
CA LEU E 161 24.69 11.22 -17.67
C LEU E 161 25.33 9.85 -17.83
N TYR E 162 25.01 9.13 -18.90
CA TYR E 162 25.59 7.81 -19.10
C TYR E 162 27.09 7.88 -19.26
N ILE E 163 27.59 8.87 -19.99
CA ILE E 163 29.02 9.01 -20.19
C ILE E 163 29.73 9.27 -18.86
N GLY E 164 29.16 10.16 -18.05
CA GLY E 164 29.76 10.52 -16.78
C GLY E 164 29.39 9.59 -15.64
N PHE E 165 28.09 9.44 -15.39
CA PHE E 165 27.65 8.62 -14.26
C PHE E 165 27.98 7.16 -14.48
N ARG E 166 27.66 6.63 -15.66
CA ARG E 166 27.90 5.23 -15.99
C ARG E 166 29.25 5.07 -16.70
N GLY E 167 30.31 5.40 -15.96
CA GLY E 167 31.65 5.30 -16.52
C GLY E 167 32.01 3.87 -16.91
N LEU E 168 31.64 2.91 -16.07
CA LEU E 168 31.94 1.49 -16.31
C LEU E 168 33.45 1.29 -16.47
N ASP E 169 34.17 1.58 -15.38
CA ASP E 169 35.63 1.49 -15.38
C ASP E 169 36.24 2.39 -16.45
N GLY E 170 35.66 3.57 -16.62
CA GLY E 170 36.12 4.52 -17.62
C GLY E 170 36.66 5.79 -17.01
N VAL E 171 36.32 6.93 -17.60
CA VAL E 171 36.82 8.21 -17.11
C VAL E 171 36.32 8.49 -15.70
N HIS E 172 35.13 8.00 -15.36
CA HIS E 172 34.57 8.25 -14.04
C HIS E 172 35.35 7.50 -12.96
N CYS E 173 35.61 6.21 -13.17
CA CYS E 173 36.27 5.39 -12.17
C CYS E 173 37.79 5.40 -12.34
N VAL E 174 38.27 4.97 -13.50
CA VAL E 174 39.70 4.85 -13.76
C VAL E 174 40.07 5.72 -14.95
N PRO E 175 40.51 6.96 -14.75
CA PRO E 175 40.90 7.81 -15.90
C PRO E 175 42.26 7.42 -16.47
N THR E 176 42.23 6.39 -17.34
CA THR E 176 43.47 5.90 -17.94
C THR E 176 44.20 6.99 -18.72
N PRO E 177 43.55 7.79 -19.55
CA PRO E 177 44.28 8.84 -20.28
C PRO E 177 45.00 9.78 -19.32
N ASP E 178 46.28 10.04 -19.62
CA ASP E 178 47.10 10.92 -18.79
C ASP E 178 46.88 12.35 -19.24
N SER E 179 45.93 13.02 -18.59
CA SER E 179 45.62 14.41 -18.92
C SER E 179 46.58 15.39 -18.27
N GLY E 180 47.39 14.95 -17.30
CA GLY E 180 48.32 15.83 -16.64
C GLY E 180 47.66 16.95 -15.86
N VAL E 181 46.54 16.66 -15.22
CA VAL E 181 45.81 17.66 -14.44
C VAL E 181 45.92 17.40 -12.94
N VAL E 182 45.94 16.14 -12.51
CA VAL E 182 46.00 15.84 -11.09
C VAL E 182 47.30 16.36 -10.49
N CYS E 183 48.42 16.14 -11.18
CA CYS E 183 49.72 16.57 -10.70
C CYS E 183 50.48 17.39 -11.74
N GLY E 184 49.76 17.96 -12.71
CA GLY E 184 50.40 18.75 -13.76
C GLY E 184 49.82 20.14 -13.91
N ARG E 185 48.62 20.36 -13.35
CA ARG E 185 47.95 21.64 -13.46
C ARG E 185 47.38 22.03 -12.10
N MET E 186 47.18 23.33 -11.92
CA MET E 186 46.65 23.88 -10.68
C MET E 186 45.12 23.98 -10.68
N ALA E 187 44.45 23.17 -11.50
CA ALA E 187 42.99 23.19 -11.60
C ALA E 187 42.41 22.41 -10.42
N CYS E 188 42.36 23.08 -9.27
CA CYS E 188 41.84 22.49 -8.04
C CYS E 188 42.59 21.20 -7.67
N SER E 189 43.88 21.17 -7.94
CA SER E 189 44.70 20.00 -7.63
C SER E 189 46.15 20.46 -7.52
N PRO E 190 46.99 19.71 -6.81
CA PRO E 190 48.40 20.09 -6.69
C PRO E 190 49.13 19.91 -8.02
N THR E 191 50.21 20.68 -8.16
CA THR E 191 51.07 20.65 -9.34
C THR E 191 52.46 20.20 -8.91
N HIS E 192 52.68 18.88 -8.91
CA HIS E 192 53.95 18.30 -8.51
C HIS E 192 54.35 18.74 -7.09
N ASP E 193 53.35 18.88 -6.23
CA ASP E 193 53.57 19.30 -4.84
C ASP E 193 53.75 18.06 -3.98
N GLU E 194 55.01 17.69 -3.74
CA GLU E 194 55.31 16.53 -2.91
C GLU E 194 55.23 16.81 -1.42
N HIS E 195 55.16 18.09 -1.03
CA HIS E 195 55.08 18.48 0.37
C HIS E 195 53.70 19.05 0.70
N LEU E 196 52.66 18.49 0.09
CA LEU E 196 51.28 18.93 0.32
C LEU E 196 50.80 18.35 1.65
N LEU E 197 51.15 19.05 2.73
CA LEU E 197 50.80 18.65 4.08
C LEU E 197 49.88 19.69 4.70
N HIS E 198 49.04 19.24 5.63
CA HIS E 198 48.09 20.11 6.32
C HIS E 198 48.80 20.81 7.48
N GLY E 199 49.64 21.78 7.13
CA GLY E 199 50.40 22.51 8.13
C GLY E 199 51.35 21.63 8.91
N GLY E 200 52.07 20.75 8.23
CA GLY E 200 52.99 19.83 8.86
C GLY E 200 52.39 18.52 9.28
N GLN E 201 51.08 18.35 9.15
CA GLN E 201 50.39 17.12 9.51
C GLN E 201 49.93 16.38 8.25
N PRO E 202 49.57 15.11 8.38
CA PRO E 202 49.11 14.38 7.20
C PRO E 202 47.86 15.02 6.64
N PRO E 203 47.64 14.91 5.32
CA PRO E 203 46.47 15.56 4.72
C PRO E 203 45.16 15.09 5.31
N GLU E 204 45.06 13.82 5.70
CA GLU E 204 43.83 13.28 6.29
C GLU E 204 43.82 13.59 7.78
N GLY E 205 42.88 14.42 8.22
CA GLY E 205 42.81 14.77 9.62
C GLY E 205 42.50 13.58 10.52
N ASP E 206 41.61 12.69 10.06
CA ASP E 206 41.23 11.53 10.83
C ASP E 206 40.88 10.38 9.89
N PRO E 207 41.58 9.25 9.96
CA PRO E 207 41.20 8.10 9.11
C PRO E 207 39.81 7.57 9.39
N ASP E 208 39.26 7.83 10.58
CA ASP E 208 37.93 7.34 10.89
C ASP E 208 36.88 7.92 9.96
N LEU E 209 37.15 9.10 9.38
CA LEU E 209 36.20 9.71 8.45
C LEU E 209 36.02 8.85 7.21
N ALA E 210 37.08 8.14 6.79
CA ALA E 210 36.96 7.28 5.63
C ALA E 210 35.96 6.16 5.87
N LYS E 211 35.97 5.57 7.07
CA LYS E 211 35.00 4.53 7.40
C LYS E 211 33.58 5.08 7.38
N ILE E 212 33.38 6.30 7.89
CA ILE E 212 32.06 6.91 7.86
C ILE E 212 31.61 7.13 6.41
N LEU E 213 32.55 7.50 5.53
CA LEU E 213 32.19 7.72 4.13
C LEU E 213 31.69 6.43 3.49
N GLU E 214 32.32 5.30 3.79
CA GLU E 214 31.87 4.03 3.22
C GLU E 214 30.46 3.70 3.68
N GLU E 215 30.17 3.90 4.97
CA GLU E 215 28.82 3.66 5.46
C GLU E 215 27.83 4.65 4.84
N VAL E 216 28.21 5.92 4.76
CA VAL E 216 27.35 6.92 4.12
C VAL E 216 27.18 6.60 2.64
N ARG E 217 28.28 6.25 1.97
CA ARG E 217 28.19 5.89 0.56
C ARG E 217 27.32 4.66 0.36
N TYR E 218 27.45 3.67 1.24
CA TYR E 218 26.61 2.48 1.14
C TYR E 218 25.14 2.83 1.30
N ILE E 219 24.83 3.73 2.24
CA ILE E 219 23.45 4.18 2.40
C ILE E 219 22.98 4.88 1.15
N ALA E 220 23.81 5.76 0.59
CA ALA E 220 23.46 6.42 -0.68
C ALA E 220 23.40 5.42 -1.82
N ASN E 221 24.27 4.41 -1.81
CA ASN E 221 24.23 3.39 -2.87
C ASN E 221 22.90 2.65 -2.87
N ARG E 222 22.38 2.33 -1.68
CA ARG E 222 21.08 1.67 -1.61
C ARG E 222 19.98 2.56 -2.19
N PHE E 223 20.03 3.86 -1.88
CA PHE E 223 19.07 4.78 -2.45
C PHE E 223 19.24 4.89 -3.97
N ARG E 224 20.47 4.76 -4.46
CA ARG E 224 20.69 4.77 -5.90
C ARG E 224 20.01 3.58 -6.57
N CYS E 225 20.04 2.42 -5.92
CA CYS E 225 19.34 1.25 -6.46
C CYS E 225 17.84 1.48 -6.50
N GLN E 226 17.29 2.21 -5.53
CA GLN E 226 15.87 2.54 -5.56
C GLN E 226 15.53 3.40 -6.77
N ASP E 227 16.40 4.37 -7.08
CA ASP E 227 16.19 5.17 -8.29
C ASP E 227 16.35 4.34 -9.55
N GLU E 228 17.27 3.37 -9.52
CA GLU E 228 17.42 2.47 -10.67
C GLU E 228 16.15 1.66 -10.90
N SER E 229 15.52 1.18 -9.81
CA SER E 229 14.28 0.45 -9.94
C SER E 229 13.18 1.33 -10.53
N GLU E 230 13.14 2.61 -10.16
CA GLU E 230 12.16 3.52 -10.74
C GLU E 230 12.37 3.66 -12.24
N ALA E 231 13.63 3.78 -12.68
CA ALA E 231 13.92 3.83 -14.11
C ALA E 231 13.51 2.52 -14.79
N VAL E 232 13.81 1.38 -14.15
CA VAL E 232 13.36 0.10 -14.69
C VAL E 232 11.84 0.03 -14.69
N CYS E 233 11.20 0.45 -13.62
CA CYS E 233 9.75 0.48 -13.58
C CYS E 233 9.19 1.45 -14.61
N SER E 234 9.83 2.61 -14.77
CA SER E 234 9.41 3.56 -15.80
C SER E 234 9.65 2.98 -17.19
N GLU E 235 10.77 2.29 -17.38
CA GLU E 235 11.02 1.63 -18.67
C GLU E 235 9.97 0.57 -18.94
N TRP E 236 9.61 -0.22 -17.93
CA TRP E 236 8.55 -1.22 -18.10
C TRP E 236 7.17 -0.56 -18.16
N LYS E 237 7.00 0.58 -17.49
CA LYS E 237 5.72 1.28 -17.57
C LYS E 237 5.42 1.72 -18.99
N PHE E 238 6.42 2.27 -19.69
CA PHE E 238 6.23 2.63 -21.09
C PHE E 238 5.97 1.39 -21.94
N ALA E 239 6.70 0.31 -21.69
CA ALA E 239 6.49 -0.93 -22.44
C ALA E 239 5.11 -1.52 -22.17
N ALA E 240 4.48 -1.17 -21.05
CA ALA E 240 3.14 -1.65 -20.75
C ALA E 240 2.05 -0.71 -21.26
N CYS E 241 2.30 0.59 -21.26
CA CYS E 241 1.31 1.53 -21.75
C CYS E 241 1.17 1.46 -23.26
N VAL E 242 2.25 1.18 -23.98
CA VAL E 242 2.17 1.05 -25.44
C VAL E 242 1.24 -0.10 -25.82
N VAL E 243 1.35 -1.23 -25.10
CA VAL E 243 0.46 -2.35 -25.37
C VAL E 243 -0.99 -1.96 -25.10
N ASP E 244 -1.23 -1.25 -23.99
CA ASP E 244 -2.58 -0.80 -23.68
C ASP E 244 -3.08 0.17 -24.74
N ARG E 245 -2.23 1.11 -25.17
CA ARG E 245 -2.63 2.04 -26.22
C ARG E 245 -2.74 1.34 -27.57
N LEU E 246 -1.81 0.45 -27.87
CA LEU E 246 -1.86 -0.28 -29.13
C LEU E 246 -3.10 -1.15 -29.20
N CYS E 247 -3.44 -1.82 -28.10
CA CYS E 247 -4.64 -2.64 -28.07
C CYS E 247 -5.90 -1.81 -28.26
N LEU E 248 -5.88 -0.54 -27.83
CA LEU E 248 -7.04 0.32 -28.02
C LEU E 248 -7.34 0.52 -29.49
N MET E 249 -6.31 0.77 -30.30
CA MET E 249 -6.53 0.94 -31.73
C MET E 249 -6.98 -0.37 -32.37
N ALA E 250 -6.40 -1.49 -31.97
CA ALA E 250 -6.79 -2.78 -32.53
C ALA E 250 -8.24 -3.10 -32.20
N PHE E 251 -8.65 -2.86 -30.95
CA PHE E 251 -10.03 -3.13 -30.57
C PHE E 251 -10.98 -2.09 -31.14
N SER E 252 -10.49 -0.88 -31.42
CA SER E 252 -11.35 0.14 -32.02
C SER E 252 -11.85 -0.30 -33.39
N VAL E 253 -10.96 -0.89 -34.20
CA VAL E 253 -11.38 -1.38 -35.51
C VAL E 253 -12.39 -2.50 -35.36
N PHE E 254 -12.13 -3.44 -34.43
CA PHE E 254 -13.07 -4.53 -34.22
C PHE E 254 -14.42 -4.02 -33.73
N THR E 255 -14.42 -3.04 -32.83
CA THR E 255 -15.68 -2.47 -32.35
C THR E 255 -16.44 -1.81 -33.49
N ILE E 256 -15.74 -1.09 -34.36
CA ILE E 256 -16.41 -0.46 -35.51
C ILE E 256 -17.00 -1.53 -36.42
N ILE E 257 -16.24 -2.60 -36.67
CA ILE E 257 -16.74 -3.67 -37.53
C ILE E 257 -17.97 -4.31 -36.91
N CYS E 258 -17.93 -4.57 -35.60
CA CYS E 258 -19.08 -5.17 -34.92
C CYS E 258 -20.30 -4.25 -35.02
N THR E 259 -20.10 -2.95 -34.81
CA THR E 259 -21.21 -2.02 -34.92
C THR E 259 -21.78 -1.99 -36.33
N ILE E 260 -20.91 -2.02 -37.35
CA ILE E 260 -21.37 -2.03 -38.72
C ILE E 260 -22.21 -3.27 -39.01
N GLY E 261 -21.74 -4.43 -38.54
CA GLY E 261 -22.49 -5.65 -38.77
C GLY E 261 -23.86 -5.63 -38.11
N ILE E 262 -23.95 -5.03 -36.92
CA ILE E 262 -25.24 -4.94 -36.23
C ILE E 262 -26.21 -4.08 -37.04
N LEU E 263 -25.73 -2.99 -37.62
CA LEU E 263 -26.59 -2.11 -38.40
C LEU E 263 -27.07 -2.75 -39.69
N MET E 264 -26.49 -3.87 -40.11
CA MET E 264 -26.90 -4.54 -41.34
C MET E 264 -27.81 -5.73 -41.07
N SER E 265 -27.70 -6.38 -39.92
CA SER E 265 -28.54 -7.53 -39.59
C SER E 265 -29.73 -7.16 -38.72
N ALA E 266 -29.64 -6.07 -37.96
CA ALA E 266 -30.77 -5.68 -37.11
C ALA E 266 -32.04 -5.42 -37.90
N PRO E 267 -32.02 -4.71 -39.04
CA PRO E 267 -33.26 -4.50 -39.78
C PRO E 267 -33.92 -5.78 -40.24
N ASN E 268 -33.14 -6.85 -40.48
CA ASN E 268 -33.69 -8.12 -40.93
C ASN E 268 -34.17 -8.98 -39.77
N PHE E 269 -33.41 -9.05 -38.69
CA PHE E 269 -33.76 -9.85 -37.52
C PHE E 269 -34.39 -9.02 -36.41
N VAL E 270 -33.71 -7.97 -35.97
CA VAL E 270 -34.23 -7.11 -34.91
C VAL E 270 -35.32 -6.19 -35.46
C1 IVM F . -24.88 7.09 -27.67
O1 IVM F . -25.46 5.77 -23.89
C2 IVM F . -25.40 5.79 -27.01
O2 IVM F . -31.91 7.33 -26.97
C3 IVM F . -24.36 5.25 -26.00
O3 IVM F . -31.50 7.06 -31.35
C4 IVM F . -24.70 3.78 -25.68
O4 IVM F . -34.29 7.17 -30.95
C5 IVM F . -24.36 6.09 -24.72
O5 IVM F . -33.21 6.90 -35.13
C6 IVM F . -25.61 6.70 -22.81
O6 IVM F . -35.11 4.85 -34.71
C7 IVM F . -24.26 7.10 -22.25
O7 IVM F . -36.15 7.35 -32.27
C8 IVM F . -23.21 6.01 -22.47
O8 IVM F . -33.00 9.00 -28.08
C9 IVM F . -23.02 5.83 -23.98
O9 IVM F . -32.08 1.21 -19.93
C10 IVM F . -21.97 6.82 -24.48
O10 IVM F . -31.21 -1.22 -19.28
C11 IVM F . -26.39 5.69 -21.85
O11 IVM F . -27.74 2.54 -22.21
C12 IVM F . -27.76 5.24 -22.45
O12 IVM F . -28.51 4.57 -21.47
C13 IVM F . -28.51 6.47 -22.89
O13 IVM F . -29.70 0.89 -22.67
C14 IVM F . -27.70 7.15 -23.97
O14 IVM F . -26.50 7.64 -23.43
C15 IVM F . -28.49 8.37 -24.55
C16 IVM F . -29.78 7.91 -25.31
C17 IVM F . -31.05 8.13 -24.83
C18 IVM F . -31.30 8.87 -23.50
C19 IVM F . -32.28 7.66 -25.64
C20 IVM F . -31.76 8.44 -27.81
C21 IVM F . -31.04 7.98 -29.16
C22 IVM F . -32.04 7.19 -30.08
C23 IVM F . -30.30 6.28 -31.42
C24 IVM F . -33.34 7.93 -30.17
C25 IVM F . -34.91 7.95 -31.91
C26 IVM F . -33.99 8.09 -33.16
C27 IVM F . -33.86 6.73 -33.89
C28 IVM F . -31.81 7.17 -35.03
C29 IVM F . -35.22 6.16 -34.13
C30 IVM F . -35.97 6.05 -32.82
C31 IVM F . -37.34 5.42 -33.07
C32 IVM F . -33.86 8.14 -28.77
C33 IVM F . -35.28 8.75 -28.81
C34 IVM F . -32.91 6.45 -24.95
C35 IVM F . -33.80 5.67 -25.94
C36 IVM F . -31.80 5.53 -24.44
C37 IVM F . -32.32 4.35 -23.59
C38 IVM F . -31.18 3.66 -22.78
C39 IVM F . -31.58 2.27 -22.22
C40 IVM F . -32.59 2.39 -20.97
C41 IVM F . -31.26 0.45 -20.88
C42 IVM F . -30.44 -0.59 -20.25
C43 IVM F . -29.13 0.03 -19.57
C44 IVM F . -28.81 1.48 -19.71
C45 IVM F . -29.58 2.35 -20.74
C46 IVM F . -28.53 3.13 -21.54
C47 IVM F . -30.48 1.50 -21.64
C48 IVM F . -28.14 -0.91 -18.80
H1 IVM F . -25.48 7.31 -28.55
H1A IVM F . -23.84 6.97 -27.95
H1B IVM F . -24.97 7.93 -26.96
H2 IVM F . -25.57 5.05 -27.78
H2A IVM F . -26.33 6.00 -26.50
H3 IVM F . -23.38 5.29 -26.46
H4 IVM F . -23.82 3.29 -25.27
H4A IVM F . -24.99 3.27 -26.59
H4B IVM F . -25.52 3.74 -24.97
H5 IVM F . -24.40 7.15 -24.98
HO6 IVM F . -34.84 4.94 -35.63
H7 IVM F . -24.37 7.29 -21.18
H7A IVM F . -23.95 8.03 -22.72
H8 IVM F . -23.56 5.07 -22.03
H8A IVM F . -22.26 6.31 -22.01
H9 IVM F . -22.68 4.81 -24.19
H10 IVM F . -21.03 6.64 -23.95
H10A IVM F . -22.31 7.83 -24.29
H10B IVM F . -21.82 6.69 -25.55
HO10 IVM F . -31.29 -0.65 -18.52
H11 IVM F . -26.58 6.19 -20.90
H11A IVM F . -25.77 4.81 -21.67
H12 IVM F . -27.59 4.60 -23.31
H13 IVM F . -28.64 7.15 -22.04
H13A IVM F . -29.48 6.18 -23.28
HO13 IVM F . -30.10 1.08 -23.52
H14 IVM F . -27.50 6.44 -24.76
H15 IVM F . -27.84 8.90 -25.25
H15A IVM F . -28.74 9.05 -23.75
H16 IVM F . -29.66 7.39 -26.26
H18 IVM F . -30.85 9.68 -24.06
H18A IVM F . -30.63 9.27 -22.73
H18B IVM F . -30.90 7.93 -23.11
H19 IVM F . -33.01 8.46 -25.67
H20 IVM F . -31.15 9.17 -27.34
H21 IVM F . -30.19 7.34 -28.91
H21A IVM F . -30.68 8.88 -29.69
H22 IVM F . -32.22 6.20 -29.65
H23 IVM F . -30.20 5.84 -32.41
H23A IVM F . -30.35 5.49 -30.68
H23B IVM F . -29.44 6.91 -31.21
H24 IVM F . -33.16 8.92 -30.63
H25 IVM F . -35.12 8.94 -31.52
H26 IVM F . -32.99 8.43 -32.86
H26A IVM F . -34.42 8.81 -33.86
H27 IVM F . -33.30 6.04 -33.26
H28 IVM F . -31.35 7.02 -36.01
H28A IVM F . -31.36 6.50 -34.30
H28B IVM F . -31.66 8.20 -34.72
H29 IVM F . -35.77 6.81 -34.81
H30 IVM F . -35.40 5.44 -32.12
H31 IVM F . -37.20 4.36 -33.34
H31A IVM F . -37.85 5.94 -33.89
H31B IVM F . -37.95 5.48 -32.16
H32 IVM F . -33.88 7.17 -28.27
H33 IVM F . -35.96 8.06 -29.32
H33A IVM F . -35.25 9.70 -29.34
H33B IVM F . -35.63 8.91 -27.80
H34 IVM F . -33.51 6.79 -24.11
H35 IVM F . -34.28 4.85 -25.43
H35A IVM F . -33.20 5.29 -26.77
H35B IVM F . -34.57 6.35 -26.33
H36 IVM F . -31.21 5.15 -25.27
H37 IVM F . -32.79 3.61 -24.25
H38 IVM F . -30.88 4.32 -21.97
H40 IVM F . -32.50 3.38 -20.51
H40A IVM F . -33.62 2.22 -21.28
H41 IVM F . -31.92 -0.04 -21.59
H42 IVM F . -30.14 -1.31 -21.01
H44 IVM F . -27.96 1.90 -19.18
H45 IVM F . -30.19 3.06 -20.18
H48 IVM F . -27.12 -0.57 -18.97
H48A IVM F . -28.25 -1.93 -19.17
H48B IVM F . -28.36 -0.88 -17.74
C1 IVM G . -36.14 11.02 1.73
O1 IVM G . -34.48 7.50 1.78
C2 IVM G . -36.12 9.88 0.68
O2 IVM G . -41.51 7.18 3.27
C3 IVM G . -34.68 9.46 0.34
O3 IVM G . -43.63 10.42 1.13
C4 IVM G . -34.72 8.50 -0.85
O4 IVM G . -45.72 8.73 2.00
C5 IVM G . -33.98 8.81 1.54
O5 IVM G . -47.13 12.25 -0.10
C6 IVM G . -34.04 6.96 3.03
O6 IVM G . -48.37 10.08 -1.39
C7 IVM G . -32.59 7.34 3.30
O7 IVM G . -48.01 8.81 2.01
C8 IVM G . -31.81 7.57 1.99
O8 IVM G . -43.16 8.16 4.51
C9 IVM G . -32.46 8.76 1.26
O9 IVM G . -38.04 -0.57 0.54
C10 IVM G . -31.82 10.05 1.76
O10 IVM G . -36.45 -1.91 -0.83
C11 IVM G . -34.18 5.43 2.59
O11 IVM G . -35.68 3.88 -0.17
C12 IVM G . -35.66 5.06 2.27
O12 IVM G . -35.80 3.67 2.12
C13 IVM G . -36.53 5.53 3.41
O13 IVM G . -37.23 2.26 -1.62
C14 IVM G . -36.42 7.03 3.49
O14 IVM G . -35.12 7.39 3.88
C15 IVM G . -37.42 7.60 4.55
C16 IVM G . -38.89 7.32 4.09
C17 IVM G . -39.71 6.39 4.71
C18 IVM G . -39.23 5.56 5.93
C19 IVM G . -41.15 6.17 4.21
C20 IVM G . -41.95 8.37 3.86
C21 IVM G . -42.08 9.50 2.75
C22 IVM G . -43.37 9.28 1.89
C23 IVM G . -42.65 10.72 0.15
C24 IVM G . -44.53 8.99 2.79
C25 IVM G . -46.81 9.45 2.44
C26 IVM G . -46.76 10.92 1.89
C27 IVM G . -46.98 10.92 0.36
C28 IVM G . -45.93 13.01 -0.13
C29 IVM G . -48.21 10.15 0.04
C30 IVM G . -48.09 8.76 0.59
C31 IVM G . -49.33 7.94 0.19
C32 IVM G . -44.20 7.81 3.63
C33 IVM G . -45.42 7.35 4.45
C34 IVM G . -41.26 4.79 3.55
C35 IVM G . -42.73 4.49 3.23
C36 IVM G . -40.44 4.72 2.26
C37 IVM G . -39.93 3.28 1.96
C38 IVM G . -38.81 3.23 0.89
C39 IVM G . -38.73 1.86 0.16
C40 IVM G . -38.97 0.63 1.15
C41 IVM G . -37.67 0.06 -0.76
C42 IVM G . -36.57 -0.65 -1.41
C43 IVM G . -35.18 0.14 -1.26
C44 IVM G . -34.98 1.06 -0.11
C45 IVM G . -36.24 1.70 0.52
C46 IVM G . -35.89 3.17 0.76
C47 IVM G . -37.43 1.51 -0.43
C48 IVM G . -34.00 -0.19 -2.23
H1 IVM G . -37.11 11.50 1.72
H1A IVM G . -35.37 11.75 1.48
H1B IVM G . -35.94 10.62 2.73
H2 IVM G . -36.62 10.22 -0.22
H2A IVM G . -36.67 9.02 1.09
H3 IVM G . -34.12 10.35 0.06
H4 IVM G . -33.80 8.59 -1.43
H4A IVM G . -35.57 8.74 -1.49
H4B IVM G . -34.81 7.46 -0.50
H5 IVM G . -34.15 9.41 2.44
HO6 IVM G . -48.76 10.89 -1.71
H7 IVM G . -32.12 6.54 3.87
H7A IVM G . -32.57 8.24 3.92
H8 IVM G . -31.88 6.69 1.36
H8A IVM G . -30.78 7.80 2.21
H9 IVM G . -32.28 8.66 0.20
H10 IVM G . -30.75 10.03 1.56
H10A IVM G . -31.98 10.16 2.83
H10B IVM G . -32.27 10.91 1.24
HO10 IVM G . -35.89 -1.85 -0.06
H11 IVM G . -33.85 4.80 3.42
H11A IVM G . -33.56 5.23 1.72
H12 IVM G . -35.97 5.58 1.36
H13 IVM G . -36.18 5.07 4.34
H13A IVM G . -37.56 5.23 3.21
HO13 IVM G . -37.94 2.88 -1.75
H14 IVM G . -36.65 7.45 2.52
H15 IVM G . -37.28 8.67 4.63
H15A IVM G . -37.22 7.15 5.51
H16 IVM G . -39.28 7.86 3.24
H18 IVM G . -39.19 6.56 6.37
H18A IVM G . -38.27 5.50 6.45
H18B IVM G . -38.65 5.08 5.15
H19 IVM G . -41.83 6.21 5.04
H20 IVM G . -41.22 8.68 4.58
H21 IVM G . -41.20 9.46 2.10
H21A IVM G . -42.13 10.47 3.23
H22 IVM G . -43.22 8.42 1.21
H23 IVM G . -43.10 11.30 -0.66
H23A IVM G . -42.25 9.80 -0.26
H23B IVM G . -41.84 11.30 0.60
H24 IVM G . -44.70 9.86 3.44
H25 IVM G . -46.82 9.49 3.53
H26 IVM G . -45.76 11.35 2.11
H26A IVM G . -47.53 11.51 2.37
H27 IVM G . -46.13 10.46 -0.13
H28 IVM G . -46.09 13.92 -0.71
H28A IVM G . -45.13 12.43 -0.57
H28B IVM G . -45.65 13.30 0.89
H29 IVM G . -49.08 10.65 0.48
H30 IVM G . -47.20 8.28 0.19
H31 IVM G . -49.32 7.77 -0.89
H31A IVM G . -50.24 8.50 0.45
H31B IVM G . -49.33 6.98 0.71
H32 IVM G . -43.86 6.99 2.98
H33 IVM G . -46.22 7.07 3.78
H33A IVM G . -45.76 8.18 5.09
H33B IVM G . -45.15 6.50 5.07
H34 IVM G . -40.88 4.05 4.25
H35 IVM G . -42.88 3.42 3.16
H35A IVM G . -42.99 4.96 2.28
H35B IVM G . -43.37 4.89 4.03
H36 IVM G . -39.60 5.41 2.29
H37 IVM G . -40.78 2.67 1.65
H38 IVM G . -38.99 4.02 0.14
H40 IVM G . -38.66 0.88 2.16
H40A IVM G . -40.03 0.34 1.17
H41 IVM G . -38.55 0.00 -1.41
H42 IVM G . -36.81 -0.76 -2.47
H44 IVM G . -34.01 1.48 0.07
H45 IVM G . -36.44 1.22 1.47
H48 IVM G . -33.41 0.71 -2.40
H48A IVM G . -34.39 -0.55 -3.18
H48B IVM G . -33.37 -0.95 -1.79
C1 IVM H . -29.77 -15.13 17.90
O1 IVM H . -28.25 -15.77 14.37
C2 IVM H . -30.30 -14.83 16.48
O2 IVM H . -33.28 -20.63 15.99
C3 IVM H . -29.27 -13.99 15.69
O3 IVM H . -36.31 -18.75 18.59
C4 IVM H . -29.93 -13.50 14.39
O4 IVM H . -37.55 -21.14 17.78
C5 IVM H . -28.00 -14.80 15.38
O5 IVM H . -39.97 -18.83 20.52
C6 IVM H . -27.17 -16.69 14.24
O6 IVM H . -41.65 -19.34 18.31
C7 IVM H . -25.82 -16.00 14.40
O7 IVM H . -39.48 -22.27 18.31
C8 IVM H . -25.90 -14.53 14.00
O8 IVM H . -34.02 -22.01 17.66
C9 IVM H . -26.88 -13.82 14.96
O9 IVM H . -31.64 -19.92 7.25
C10 IVM H . -26.12 -13.34 16.18
O10 IVM H . -31.06 -18.60 5.22
C11 IVM H . -27.47 -17.07 12.71
O11 IVM H . -30.19 -16.40 10.61
C12 IVM H . -28.87 -17.72 12.55
O12 IVM H . -29.01 -18.26 11.26
C13 IVM H . -28.99 -18.85 13.55
O13 IVM H . -32.21 -16.73 8.92
C14 IVM H . -28.90 -18.25 14.93
O14 IVM H . -27.61 -17.72 15.15
C15 IVM H . -29.17 -19.34 16.02
C16 IVM H . -30.64 -19.85 15.89
C17 IVM H . -30.95 -21.12 15.44
C18 IVM H . -29.85 -22.13 15.01
C19 IVM H . -32.42 -21.56 15.33
C20 IVM H . -33.36 -20.82 17.37
C21 IVM H . -34.10 -19.58 18.03
C22 IVM H . -35.65 -19.66 17.77
C23 IVM H . -36.03 -17.39 18.32
C24 IVM H . -36.13 -21.05 18.07
C25 IVM H . -38.25 -21.73 18.81
C26 IVM H . -38.54 -20.69 19.93
C27 IVM H . -39.56 -19.63 19.43
C28 IVM H . -39.00 -17.89 20.97
C29 IVM H . -40.75 -20.33 18.86
C30 IVM H . -40.30 -21.26 17.76
C31 IVM H . -41.54 -21.91 17.12
C32 IVM H . -35.35 -22.00 17.22
C33 IVM H . -35.93 -23.43 17.34
C34 IVM H . -32.82 -21.69 13.86
C35 IVM H . -34.22 -22.34 13.77
C36 IVM H . -32.86 -20.32 13.18
C37 IVM H . -32.58 -20.42 11.65
C38 IVM H . -32.22 -19.06 11.01
C39 IVM H . -32.51 -19.01 9.48
C40 IVM H . -32.15 -20.39 8.75
C41 IVM H . -32.06 -18.50 7.31
C42 IVM H . -31.49 -17.72 6.22
C43 IVM H . -30.22 -16.84 6.71
C44 IVM H . -29.47 -17.27 7.91
C45 IVM H . -30.21 -18.10 8.98
C46 IVM H . -29.83 -17.48 10.34
C47 IVM H . -31.72 -18.04 8.71
C48 IVM H . -29.71 -15.66 5.83
H1 IVM H . -30.61 -15.44 18.53
H1A IVM H . -29.31 -14.25 18.33
H1B IVM H . -29.05 -15.95 17.86
H2 IVM H . -31.23 -14.26 16.56
H2A IVM H . -30.49 -15.76 15.95
H3 IVM H . -28.99 -13.12 16.29
H4 IVM H . -29.47 -12.56 14.08
H4A IVM H . -30.99 -13.35 14.55
H4B IVM H . -29.78 -14.24 13.60
H5 IVM H . -27.67 -15.32 16.29
HO6 IVM H . -42.17 -18.97 19.02
H7 IVM H . -25.09 -16.51 13.79
H7A IVM H . -25.49 -16.09 15.44
H8 IVM H . -26.27 -14.44 12.97
H8A IVM H . -24.92 -14.06 14.09
H9 IVM H . -27.32 -12.97 14.44
H10 IVM H . -25.34 -12.64 15.87
H10A IVM H . -25.68 -14.19 16.69
H10B IVM H . -26.81 -12.83 16.86
HO10 IVM H . -31.80 -18.81 4.65
H11 IVM H . -26.71 -17.77 12.37
H11A IVM H . -27.43 -16.16 12.11
H12 IVM H . -29.65 -16.99 12.76
H13 IVM H . -28.17 -19.56 13.40
H13A IVM H . -29.93 -19.35 13.42
HO13 IVM H . -32.93 -16.75 9.53
H14 IVM H . -29.64 -17.46 15.02
H15 IVM H . -29.04 -18.88 17.01
H15A IVM H . -28.46 -20.14 15.91
H16 IVM H . -31.45 -19.18 16.17
H18 IVM H . -29.61 -22.03 16.08
H18A IVM H . -28.77 -22.06 14.95
H18B IVM H . -29.78 -21.43 14.18
H19 IVM H . -32.53 -22.54 15.81
H20 IVM H . -32.37 -20.88 17.78
H21 IVM H . -33.71 -18.65 17.60
H21A IVM H . -33.91 -19.59 19.11
H22 IVM H . -35.86 -19.42 16.72
H23 IVM H . -36.86 -16.76 18.65
H23A IVM H . -35.88 -17.25 17.25
H23B IVM H . -35.12 -17.08 18.86
H24 IVM H . -35.96 -21.27 19.13
H25 IVM H . -37.68 -22.56 19.23
H26 IVM H . -37.61 -20.19 20.22
H26A IVM H . -38.96 -21.20 20.80
H27 IVM H . -39.10 -19.02 18.67
H28 IVM H . -39.48 -17.15 21.61
H28A IVM H . -38.56 -17.38 20.11
H28B IVM H . -38.22 -18.40 21.53
H29 IVM H . -41.25 -20.90 19.64
H30 IVM H . -39.75 -20.70 17.01
H31 IVM H . -42.10 -21.16 16.57
H31A IVM H . -42.18 -22.34 17.90
H31B IVM H . -41.23 -22.69 16.44
H32 IVM H . -35.40 -21.68 16.18
H33 IVM H . -36.97 -23.44 17.00
H33A IVM H . -35.90 -23.76 18.39
H33B IVM H . -35.35 -24.12 16.74
H34 IVM H . -32.10 -22.32 13.36
H35 IVM H . -34.33 -22.80 12.80
H35A IVM H . -34.99 -21.56 13.89
H35B IVM H . -34.33 -23.09 14.55
H36 IVM H . -32.15 -19.64 13.64
H37 IVM H . -33.45 -20.85 11.15
H38 IVM H . -32.77 -18.27 11.51
H40 IVM H . -31.35 -20.91 9.28
H40A IVM H . -33.02 -21.04 8.69
H41 IVM H . -33.14 -18.47 7.20
H42 IVM H . -32.25 -17.06 5.82
H44 IVM H . -28.53 -16.78 8.16
H45 IVM H . -29.87 -19.13 8.94
H48 IVM H . -29.31 -14.88 6.47
H48A IVM H . -30.54 -15.26 5.25
H48B IVM H . -28.93 -16.01 5.15
C1 IVM I . -14.92 -35.02 -1.01
O1 IVM I . -15.42 -31.82 -3.37
C2 IVM I . -16.10 -34.07 -1.35
O2 IVM I . -18.57 -37.69 -6.22
C3 IVM I . -15.70 -32.60 -1.07
O3 IVM I . -19.43 -40.50 -2.94
C4 IVM I . -16.97 -31.74 -1.04
O4 IVM I . -20.93 -41.50 -5.12
C5 IVM I . -14.74 -32.09 -2.15
O5 IVM I . -21.44 -43.89 -1.53
C6 IVM I . -14.53 -31.57 -4.46
O6 IVM I . -24.05 -43.32 -2.42
C7 IVM I . -13.30 -30.79 -3.99
O7 IVM I . -22.20 -43.37 -5.55
C8 IVM I . -13.64 -29.90 -2.78
O8 IVM I . -18.15 -39.86 -6.77
C9 IVM I . -14.03 -30.83 -1.61
O9 IVM I . -21.90 -29.49 -9.09
C10 IVM I . -12.78 -31.22 -0.84
O10 IVM I . -22.95 -27.24 -8.35
C11 IVM I . -15.53 -30.66 -5.29
O11 IVM I . -18.86 -29.85 -5.01
C12 IVM I . -16.80 -31.46 -5.72
O12 IVM I . -17.54 -30.71 -6.67
C13 IVM I . -16.37 -32.76 -6.37
O13 IVM I . -21.41 -30.08 -5.53
C14 IVM I . -15.62 -33.55 -5.33
O14 IVM I . -14.42 -32.89 -4.98
C15 IVM I . -15.24 -34.96 -5.90
C16 IVM I . -16.52 -35.84 -6.10
C17 IVM I . -17.01 -36.19 -7.34
C18 IVM I . -16.31 -35.74 -8.65
C19 IVM I . -18.27 -37.07 -7.46
C20 IVM I . -17.79 -38.81 -5.93
C21 IVM I . -17.98 -39.22 -4.41
C22 IVM I . -19.39 -39.90 -4.19
C23 IVM I . -19.40 -39.59 -1.85
C24 IVM I . -19.60 -40.94 -5.26
C25 IVM I . -20.91 -42.89 -5.16
C26 IVM I . -20.54 -43.46 -3.75
C27 IVM I . -21.68 -43.18 -2.74
C28 IVM I . -20.43 -43.32 -0.72
C29 IVM I . -22.99 -43.65 -3.32
C30 IVM I . -23.21 -42.98 -4.65
C31 IVM I . -24.58 -43.40 -5.20
C32 IVM I . -19.47 -40.28 -6.60
C33 IVM I . -19.85 -41.27 -7.73
C34 IVM I . -19.44 -36.21 -7.92
C35 IVM I . -20.77 -36.91 -7.60
C36 IVM I . -19.38 -34.86 -7.20
C37 IVM I . -20.45 -33.85 -7.70
C38 IVM I . -20.14 -32.40 -7.25
C39 IVM I . -21.32 -31.42 -7.49
C40 IVM I . -21.51 -31.09 -9.05
C41 IVM I . -22.22 -29.33 -7.66
C42 IVM I . -22.41 -27.94 -7.28
C43 IVM I . -21.02 -27.23 -6.86
C44 IVM I . -19.74 -27.95 -7.07
C45 IVM I . -19.74 -29.50 -7.19
C46 IVM I . -18.71 -30.01 -6.18
C47 IVM I . -21.14 -30.08 -6.92
C48 IVM I . -21.02 -25.78 -6.30
H1 IVM I . -15.29 -36.04 -0.93
H1A IVM I . -14.47 -34.72 -0.06
H1B IVM I . -14.17 -34.96 -1.79
H2 IVM I . -16.94 -34.33 -0.72
H2A IVM I . -16.38 -34.19 -2.39
H3 IVM I . -15.21 -32.54 -0.11
H4 IVM I . -16.78 -30.85 -0.43
H4A IVM I . -17.78 -32.31 -0.59
H4B IVM I . -17.26 -31.43 -2.04
H5 IVM I . -13.97 -32.85 -2.35
HO6 IVM I . -24.06 -43.92 -1.70
H7 IVM I . -12.95 -30.16 -4.81
H7A IVM I . -12.51 -31.48 -3.74
H8 IVM I . -14.46 -29.24 -3.02
H8A IVM I . -12.75 -29.32 -2.50
H9 IVM I . -14.71 -30.28 -0.94
H10 IVM I . -12.28 -30.33 -0.47
H10A IVM I . -12.10 -31.76 -1.50
H10B IVM I . -13.05 -31.86 -0.01
HO10 IVM I . -22.27 -27.04 -8.98
H11 IVM I . -15.02 -30.31 -6.19
H11A IVM I . -15.84 -29.81 -4.70
H12 IVM I . -17.42 -31.68 -4.86
H13 IVM I . -15.71 -32.55 -7.21
H13A IVM I . -17.24 -33.31 -6.69
HO13 IVM I . -21.62 -30.97 -5.25
H14 IVM I . -16.24 -33.68 -4.46
H15 IVM I . -14.59 -35.46 -5.18
H15A IVM I . -14.71 -34.84 -6.83
H16 IVM I . -17.04 -36.19 -5.21
H18 IVM I . -15.52 -36.36 -8.24
H18A IVM I . -15.44 -35.09 -8.84
H18B IVM I . -16.73 -34.77 -8.32
H19 IVM I . -18.09 -37.85 -8.20
H20 IVM I . -16.75 -38.58 -6.09
H21 IVM I . -17.92 -38.33 -3.79
H21A IVM I . -17.20 -39.93 -4.13
H22 IVM I . -20.18 -39.14 -4.27
H23 IVM I . -19.85 -40.06 -0.98
H23A IVM I . -19.94 -38.69 -2.10
H23B IVM I . -18.36 -39.35 -1.62
H24 IVM I . -18.85 -41.72 -5.16
H25 IVM I . -20.19 -43.23 -5.88
H26 IVM I . -19.63 -42.98 -3.39
H26A IVM I . -20.38 -44.53 -3.83
H27 IVM I . -21.75 -42.12 -2.54
H28 IVM I . -20.47 -43.77 0.28
H28A IVM I . -20.57 -42.25 -0.64
H28B IVM I . -19.45 -43.52 -1.16
H29 IVM I . -22.95 -44.73 -3.46
H30 IVM I . -23.19 -41.89 -4.51
H31 IVM I . -25.37 -42.96 -4.60
H31A IVM I . -24.67 -44.49 -5.18
H31B IVM I . -24.69 -43.05 -6.22
H32 IVM I . -20.14 -39.41 -6.63
H33 IVM I . -20.89 -41.57 -7.62
H33A IVM I . -19.21 -42.15 -7.67
H33B IVM I . -19.71 -40.79 -8.69
H34 IVM I . -19.37 -36.05 -8.99
H35 IVM I . -21.60 -36.31 -7.97
H35A IVM I . -20.87 -37.04 -6.51
H35B IVM I . -20.80 -37.89 -8.08
H36 IVM I . -19.48 -34.99 -6.13
H37 IVM I . -21.43 -34.14 -7.31
H38 IVM I . -19.25 -32.05 -7.78
H40 IVM I . -20.59 -31.29 -9.59
H40A IVM I . -22.32 -31.71 -9.47
H41 IVM I . -23.16 -29.85 -7.47
H42 IVM I . -23.10 -27.89 -6.43
H44 IVM I . -18.79 -27.43 -6.92
H45 IVM I . -19.42 -29.77 -8.19
H48 IVM I . -20.23 -25.68 -5.56
H48A IVM I . -21.98 -25.58 -5.83
H48B IVM I . -20.86 -25.08 -7.11
C1 IVM J . -11.70 -21.32 -29.13
O1 IVM J . -13.62 -18.47 -27.08
C2 IVM J . -12.93 -21.28 -28.20
O2 IVM J . -17.61 -20.29 -32.92
C3 IVM J . -12.56 -20.64 -26.84
O3 IVM J . -16.56 -24.40 -34.07
C4 IVM J . -13.66 -20.96 -25.81
O4 IVM J . -18.97 -23.92 -35.44
C5 IVM J . -12.37 -19.13 -26.98
O5 IVM J . -17.38 -27.87 -36.21
C6 IVM J . -13.49 -17.09 -27.45
O6 IVM J . -20.05 -28.29 -35.42
C7 IVM J . -12.28 -16.46 -26.78
O7 IVM J . -20.24 -25.02 -37.00
C8 IVM J . -11.95 -17.16 -25.46
O8 IVM J . -17.54 -20.58 -35.19
C9 IVM J . -11.58 -18.63 -25.76
O9 IVM J . -22.26 -16.59 -26.04
C10 IVM J . -10.08 -18.72 -26.05
O10 IVM J . -22.78 -16.30 -23.60
C11 IVM J . -14.86 -16.61 -26.78
O11 IVM J . -17.47 -18.21 -25.31
C12 IVM J . -16.09 -17.29 -27.44
O12 IVM J . -17.28 -16.67 -27.00
C13 IVM J . -15.99 -17.14 -28.94
O13 IVM J . -19.94 -19.21 -25.03
C14 IVM J . -14.73 -17.86 -29.39
O14 IVM J . -13.60 -17.22 -28.87
C15 IVM J . -14.64 -17.87 -30.94
C16 IVM J . -15.83 -18.67 -31.57
C17 IVM J . -16.86 -18.06 -32.26
C18 IVM J . -16.94 -16.53 -32.46
C19 IVM J . -18.00 -18.93 -32.86
C20 IVM J . -16.80 -20.61 -34.00
C21 IVM J . -16.13 -22.03 -33.78
C22 IVM J . -17.19 -23.16 -34.00
C23 IVM J . -15.93 -24.82 -32.85
C24 IVM J . -17.94 -22.91 -35.28
C25 IVM J . -18.95 -24.47 -36.72
C26 IVM J . -17.85 -25.58 -36.80
C27 IVM J . -18.26 -26.80 -35.95
C28 IVM J . -16.08 -27.74 -35.63
C29 IVM J . -19.65 -27.22 -36.28
C30 IVM J . -20.58 -26.05 -36.10
C31 IVM J . -22.03 -26.51 -36.38
C32 IVM J . -18.56 -21.55 -35.19
C33 IVM J . -19.48 -21.30 -36.42
C34 IVM J . -19.25 -18.78 -32.00
C35 IVM J . -20.29 -19.85 -32.39
C36 IVM J . -18.89 -18.94 -30.52
C37 IVM J . -20.00 -18.45 -29.57
C38 IVM J . -19.58 -18.53 -28.08
C39 IVM J . -20.78 -18.40 -27.10
C40 IVM J . -21.75 -17.19 -27.50
C41 IVM J . -21.79 -17.69 -25.17
C42 IVM J . -21.86 -17.34 -23.76
C43 IVM J . -20.43 -16.85 -23.19
C44 IVM J . -19.40 -16.38 -24.15
C45 IVM J . -19.42 -16.91 -25.59
C46 IVM J . -17.99 -17.34 -25.93
C47 IVM J . -20.42 -18.06 -25.71
C48 IVM J . -20.19 -16.78 -21.66
H1 IVM J . -11.90 -22.01 -29.95
H1A IVM J . -10.83 -21.66 -28.58
H1B IVM J . -11.52 -20.33 -29.54
H2 IVM J . -13.28 -22.30 -28.02
H2A IVM J . -13.73 -20.71 -28.67
H3 IVM J . -11.63 -21.08 -26.50
H4 IVM J . -13.24 -20.92 -24.81
H4A IVM J . -14.05 -21.97 -26.00
H4B IVM J . -14.47 -20.24 -25.90
H5 IVM J . -11.79 -18.92 -27.88
HO6 IVM J . -19.64 -29.10 -35.70
H7 IVM J . -12.47 -15.41 -26.61
H7A IVM J . -11.42 -16.53 -27.46
H8 IVM J . -12.82 -17.14 -24.80
H8A IVM J . -11.10 -16.67 -24.98
H9 IVM J . -11.81 -19.24 -24.89
H10 IVM J . -9.53 -18.35 -25.19
H10A IVM J . -9.84 -18.10 -26.92
H10B IVM J . -9.81 -19.75 -26.26
HO10 IVM J . -23.66 -16.64 -23.73
H11 IVM J . -14.95 -15.53 -26.90
H11A IVM J . -14.84 -16.85 -25.72
H12 IVM J . -16.11 -18.35 -27.19
H13 IVM J . -15.90 -16.08 -29.19
H13A IVM J . -16.85 -17.57 -29.41
HO13 IVM J . -19.91 -19.94 -25.63
H14 IVM J . -14.78 -18.88 -29.02
H15 IVM J . -13.70 -18.35 -31.24
H15A IVM J . -14.64 -16.85 -31.30
H16 IVM J . -15.83 -19.75 -31.46
H18 IVM J . -16.02 -16.75 -33.03
H18A IVM J . -16.29 -15.71 -32.12
H18B IVM J . -17.15 -16.58 -31.39
H19 IVM J . -18.22 -18.57 -33.87
H20 IVM J . -16.01 -19.87 -34.09
H21 IVM J . -15.75 -22.08 -32.76
H21A IVM J . -15.30 -22.16 -34.50
H22 IVM J . -17.90 -23.17 -33.17
H23 IVM J . -15.85 -25.91 -32.85
H23A IVM J . -16.55 -24.51 -32.01
H23B IVM J . -14.94 -24.38 -32.78
H24 IVM J . -17.24 -22.94 -36.12
H25 IVM J . -18.73 -23.70 -37.45
H26 IVM J . -16.89 -25.17 -36.45
H26A IVM J . -17.75 -25.89 -37.84
H27 IVM J . -18.21 -26.53 -34.89
H28 IVM J . -15.57 -28.70 -35.67
H28A IVM J . -16.17 -27.42 -34.59
H28B IVM J . -15.51 -26.99 -36.19
H29 IVM J . -19.68 -27.55 -37.32
H30 IVM J . -20.51 -25.69 -35.08
H31 IVM J . -22.35 -27.18 -35.59
H31A IVM J . -22.06 -27.03 -37.34
H31B IVM J . -22.69 -25.64 -36.41
H32 IVM J . -19.15 -21.48 -34.28
H33 IVM J . -20.29 -22.03 -36.42
H33A IVM J . -18.90 -21.40 -37.34
H33B IVM J . -19.89 -20.30 -36.36
H34 IVM J . -19.68 -17.79 -32.16
H35 IVM J . -21.22 -19.66 -31.88
H35A IVM J . -19.91 -20.84 -32.13
H35B IVM J . -20.46 -19.80 -33.48
H36 IVM J . -18.66 -19.99 -30.31
H37 IVM J . -20.90 -19.03 -29.72
H38 IVM J . -19.07 -19.47 -27.90
H40 IVM J . -21.21 -16.44 -28.07
H40A IVM J . -22.60 -17.55 -28.09
H41 IVM J . -22.46 -18.53 -25.34
H42 IVM J . -22.19 -18.22 -23.20
H44 IVM J . -18.49 -15.91 -23.76
H45 IVM J . -19.71 -16.10 -26.26
H48 IVM J . -19.15 -17.00 -21.44
H48A IVM J . -20.84 -17.49 -21.15
H48B IVM J . -20.41 -15.76 -21.31
N LEU A 7 -49.60 4.80 -8.78
CA LEU A 7 -48.15 4.96 -8.83
C LEU A 7 -47.46 3.90 -8.00
N TYR A 8 -47.93 2.65 -8.13
CA TYR A 8 -47.32 1.55 -7.38
C TYR A 8 -45.87 1.37 -7.77
N TYR A 9 -45.60 1.05 -9.03
CA TYR A 9 -44.24 0.87 -9.50
C TYR A 9 -43.53 2.19 -9.78
N GLY A 10 -44.28 3.28 -9.91
CA GLY A 10 -43.64 4.57 -10.16
C GLY A 10 -42.77 5.01 -9.00
N LEU A 11 -43.30 4.89 -7.77
CA LEU A 11 -42.54 5.30 -6.60
C LEU A 11 -41.44 4.29 -6.28
N ASN A 12 -41.60 3.04 -6.68
CA ASN A 12 -40.61 2.00 -6.39
C ASN A 12 -39.46 1.99 -7.38
N LEU A 13 -39.54 2.76 -8.47
CA LEU A 13 -38.49 2.81 -9.47
C LEU A 13 -37.97 4.22 -9.73
N LEU A 14 -38.83 5.23 -9.69
CA LEU A 14 -38.38 6.60 -9.91
C LEU A 14 -37.61 7.12 -8.70
N ILE A 15 -38.12 6.89 -7.49
CA ILE A 15 -37.47 7.42 -6.29
C ILE A 15 -36.08 6.84 -6.11
N PRO A 16 -35.86 5.52 -6.22
CA PRO A 16 -34.50 5.00 -6.07
C PRO A 16 -33.51 5.58 -7.07
N CYS A 17 -33.96 5.91 -8.28
CA CYS A 17 -33.06 6.47 -9.28
C CYS A 17 -32.40 7.75 -8.78
N VAL A 18 -33.13 8.55 -8.00
CA VAL A 18 -32.55 9.78 -7.45
C VAL A 18 -31.40 9.42 -6.51
N LEU A 19 -31.60 8.41 -5.66
CA LEU A 19 -30.53 8.01 -4.74
C LEU A 19 -29.31 7.51 -5.49
N ILE A 20 -29.54 6.72 -6.55
CA ILE A 20 -28.42 6.20 -7.34
C ILE A 20 -27.63 7.35 -7.97
N SER A 21 -28.34 8.32 -8.54
CA SER A 21 -27.67 9.48 -9.13
C SER A 21 -27.10 10.39 -8.04
N ALA A 22 -27.77 10.52 -6.91
CA ALA A 22 -27.27 11.36 -5.84
C ALA A 22 -26.01 10.78 -5.21
N LEU A 23 -25.94 9.46 -5.10
CA LEU A 23 -24.76 8.83 -4.52
C LEU A 23 -23.51 9.07 -5.35
N ALA A 24 -23.67 9.27 -6.66
CA ALA A 24 -22.53 9.53 -7.52
C ALA A 24 -21.87 10.86 -7.19
N LEU A 25 -22.64 11.83 -6.69
CA LEU A 25 -22.06 13.13 -6.36
C LEU A 25 -21.03 13.00 -5.25
N LEU A 26 -21.31 12.16 -4.25
CA LEU A 26 -20.36 11.98 -3.16
C LEU A 26 -19.05 11.37 -3.64
N VAL A 27 -19.12 10.53 -4.67
CA VAL A 27 -17.91 9.92 -5.20
C VAL A 27 -16.99 10.97 -5.81
N PHE A 28 -17.57 11.96 -6.48
CA PHE A 28 -16.76 12.99 -7.13
C PHE A 28 -15.99 13.83 -6.10
N LEU A 29 -16.50 13.92 -4.87
CA LEU A 29 -15.83 14.71 -3.85
C LEU A 29 -14.55 14.06 -3.34
N LEU A 30 -14.38 12.76 -3.56
CA LEU A 30 -13.19 12.08 -3.08
C LEU A 30 -11.96 12.58 -3.83
N PRO A 31 -10.84 12.87 -3.15
CA PRO A 31 -9.64 13.30 -3.88
C PRO A 31 -9.06 12.19 -4.74
N ALA A 32 -8.04 12.52 -5.53
CA ALA A 32 -7.43 11.52 -6.40
C ALA A 32 -6.70 10.45 -5.61
N ASP A 33 -6.11 10.82 -4.47
CA ASP A 33 -5.35 9.86 -3.67
C ASP A 33 -6.23 8.75 -3.11
N SER A 34 -7.55 8.94 -3.10
CA SER A 34 -8.46 7.92 -2.57
C SER A 34 -8.44 6.70 -3.47
N GLY A 35 -7.81 5.62 -3.02
CA GLY A 35 -7.75 4.40 -3.81
C GLY A 35 -9.06 3.64 -3.87
N GLU A 36 -9.97 3.89 -2.93
CA GLU A 36 -11.26 3.23 -2.89
C GLU A 36 -12.35 3.99 -3.63
N LYS A 37 -12.01 5.12 -4.26
CA LYS A 37 -13.02 5.88 -4.98
C LYS A 37 -13.59 5.09 -6.13
N ILE A 38 -12.75 4.37 -6.87
CA ILE A 38 -13.24 3.55 -7.98
C ILE A 38 -14.15 2.45 -7.46
N SER A 39 -13.78 1.83 -6.34
CA SER A 39 -14.62 0.77 -5.77
C SER A 39 -15.98 1.32 -5.36
N LEU A 40 -16.02 2.52 -4.77
CA LEU A 40 -17.28 3.12 -4.37
C LEU A 40 -18.18 3.37 -5.57
N GLY A 41 -17.60 3.86 -6.68
CA GLY A 41 -18.39 4.12 -7.87
C GLY A 41 -18.86 2.87 -8.58
N ILE A 42 -18.14 1.76 -8.41
CA ILE A 42 -18.57 0.51 -9.04
C ILE A 42 -19.89 0.03 -8.44
N THR A 43 -20.04 0.15 -7.13
CA THR A 43 -21.27 -0.29 -6.48
C THR A 43 -22.47 0.50 -6.97
N VAL A 44 -22.28 1.78 -7.32
CA VAL A 44 -23.38 2.59 -7.83
C VAL A 44 -23.91 2.00 -9.14
N LEU A 45 -23.01 1.62 -10.04
CA LEU A 45 -23.44 1.01 -11.29
C LEU A 45 -23.95 -0.40 -11.08
N LEU A 46 -23.38 -1.14 -10.13
CA LEU A 46 -23.82 -2.50 -9.88
C LEU A 46 -25.26 -2.53 -9.40
N SER A 47 -25.63 -1.62 -8.51
CA SER A 47 -27.00 -1.56 -8.00
C SER A 47 -27.97 -1.14 -9.09
N LEU A 48 -27.52 -0.34 -10.07
CA LEU A 48 -28.40 0.09 -11.15
C LEU A 48 -28.82 -1.09 -12.02
N THR A 49 -27.92 -2.04 -12.23
CA THR A 49 -28.25 -3.20 -13.06
C THR A 49 -29.37 -4.04 -12.43
N VAL A 50 -29.45 -4.05 -11.09
CA VAL A 50 -30.50 -4.81 -10.42
C VAL A 50 -31.87 -4.27 -10.79
N PHE A 51 -32.00 -2.94 -10.79
CA PHE A 51 -33.29 -2.33 -11.16
C PHE A 51 -33.57 -2.47 -12.65
N MET A 52 -32.53 -2.57 -13.47
CA MET A 52 -32.73 -2.69 -14.91
C MET A 52 -33.49 -3.96 -15.26
N LEU A 53 -33.17 -5.07 -14.59
CA LEU A 53 -33.85 -6.33 -14.86
C LEU A 53 -35.34 -6.23 -14.55
N LEU A 54 -35.69 -5.58 -13.44
CA LEU A 54 -37.09 -5.42 -13.09
C LEU A 54 -37.83 -4.59 -14.12
N VAL A 55 -37.20 -3.52 -14.62
CA VAL A 55 -37.84 -2.68 -15.62
C VAL A 55 -38.06 -3.47 -16.91
N ALA A 56 -37.12 -4.33 -17.28
CA ALA A 56 -37.25 -5.11 -18.50
C ALA A 56 -38.47 -6.02 -18.44
N GLU A 57 -38.70 -6.66 -17.29
CA GLU A 57 -39.87 -7.53 -17.15
C GLU A 57 -41.17 -6.73 -17.24
N ILE A 58 -41.19 -5.53 -16.67
CA ILE A 58 -42.39 -4.71 -16.72
C ILE A 58 -42.71 -4.32 -18.15
N MET A 59 -41.68 -4.04 -18.96
CA MET A 59 -41.90 -3.65 -20.34
C MET A 59 -42.55 -4.80 -21.11
N PRO A 60 -43.66 -4.56 -21.80
CA PRO A 60 -44.27 -5.65 -22.59
C PRO A 60 -43.31 -6.16 -23.66
N SER A 61 -43.37 -7.47 -23.89
CA SER A 61 -42.52 -8.12 -24.89
C SER A 61 -43.14 -7.89 -26.27
N THR A 62 -42.79 -6.76 -26.89
CA THR A 62 -43.29 -6.39 -28.19
C THR A 62 -42.27 -6.73 -29.27
N SER A 63 -42.61 -6.39 -30.51
CA SER A 63 -41.73 -6.65 -31.66
C SER A 63 -40.90 -5.43 -32.05
N ASP A 64 -41.55 -4.29 -32.26
CA ASP A 64 -40.83 -3.06 -32.62
C ASP A 64 -41.36 -1.84 -31.89
N SER A 65 -42.27 -2.00 -30.93
CA SER A 65 -42.83 -0.88 -30.17
C SER A 65 -42.05 -0.78 -28.86
N SER A 66 -41.09 0.14 -28.83
CA SER A 66 -40.25 0.33 -27.64
C SER A 66 -40.95 1.28 -26.69
N PRO A 67 -41.29 0.87 -25.47
CA PRO A 67 -41.90 1.80 -24.52
C PRO A 67 -40.96 2.94 -24.16
N SER A 68 -41.55 4.09 -23.84
CA SER A 68 -40.74 5.26 -23.46
C SER A 68 -39.91 5.01 -22.21
N ILE A 69 -40.33 4.06 -21.37
CA ILE A 69 -39.57 3.78 -20.15
C ILE A 69 -38.19 3.21 -20.47
N ALA A 70 -38.00 2.64 -21.66
CA ALA A 70 -36.70 2.07 -22.00
C ALA A 70 -35.61 3.13 -22.00
N GLN A 71 -35.89 4.31 -22.56
CA GLN A 71 -34.93 5.39 -22.59
C GLN A 71 -34.92 6.23 -21.32
N TYR A 72 -35.95 6.10 -20.47
CA TYR A 72 -36.00 6.89 -19.24
C TYR A 72 -34.87 6.49 -18.30
N PHE A 73 -34.68 5.18 -18.10
CA PHE A 73 -33.61 4.70 -17.23
C PHE A 73 -32.26 4.66 -17.94
N ALA A 74 -32.24 4.75 -19.27
CA ALA A 74 -30.97 4.78 -19.99
C ALA A 74 -30.22 6.08 -19.74
N SER A 75 -30.95 7.19 -19.60
CA SER A 75 -30.31 8.47 -19.33
C SER A 75 -29.60 8.45 -17.98
N THR A 76 -30.24 7.86 -16.97
CA THR A 76 -29.60 7.77 -15.66
C THR A 76 -28.35 6.90 -15.70
N MET A 77 -28.36 5.83 -16.51
CA MET A 77 -27.19 4.97 -16.61
C MET A 77 -26.01 5.72 -17.24
N ILE A 78 -26.28 6.64 -18.17
CA ILE A 78 -25.19 7.40 -18.79
C ILE A 78 -24.45 8.23 -17.74
N ILE A 79 -25.20 8.89 -16.86
CA ILE A 79 -24.57 9.68 -15.81
C ILE A 79 -23.77 8.78 -14.87
N VAL A 80 -24.37 7.66 -14.46
CA VAL A 80 -23.65 6.72 -13.60
C VAL A 80 -22.46 6.12 -14.35
N GLY A 81 -22.67 5.72 -15.61
CA GLY A 81 -21.56 5.17 -16.37
C GLY A 81 -20.44 6.17 -16.59
N LEU A 82 -20.80 7.41 -16.91
CA LEU A 82 -19.77 8.44 -17.10
C LEU A 82 -19.08 8.78 -15.78
N SER A 83 -19.80 8.66 -14.66
CA SER A 83 -19.19 8.95 -13.37
C SER A 83 -18.03 8.01 -13.09
N VAL A 84 -18.19 6.72 -13.40
CA VAL A 84 -17.11 5.77 -13.20
C VAL A 84 -15.91 6.13 -14.07
N VAL A 85 -16.17 6.51 -15.33
CA VAL A 85 -15.08 6.88 -16.23
C VAL A 85 -14.31 8.08 -15.67
N VAL A 86 -15.04 9.05 -15.09
CA VAL A 86 -14.38 10.21 -14.52
C VAL A 86 -13.43 9.80 -13.40
N THR A 87 -13.88 8.92 -12.52
CA THR A 87 -13.03 8.43 -11.45
C THR A 87 -11.84 7.64 -12.00
N VAL A 88 -12.07 6.87 -13.07
CA VAL A 88 -11.00 6.11 -13.69
C VAL A 88 -9.96 7.05 -14.28
N ILE A 89 -10.41 8.14 -14.90
CA ILE A 89 -9.46 9.10 -15.49
C ILE A 89 -8.62 9.75 -14.40
N VAL A 90 -9.20 9.98 -13.23
CA VAL A 90 -8.46 10.59 -12.13
C VAL A 90 -7.31 9.68 -11.69
N LEU A 91 -7.52 8.36 -11.75
CA LEU A 91 -6.46 7.43 -11.34
C LEU A 91 -5.22 7.60 -12.21
N GLN A 92 -5.38 8.08 -13.44
CA GLN A 92 -4.24 8.30 -14.32
C GLN A 92 -3.51 9.60 -14.01
N TYR A 93 -4.05 10.45 -13.14
CA TYR A 93 -3.38 11.70 -12.81
C TYR A 93 -2.14 11.49 -11.94
N HIS A 94 -2.03 10.34 -11.29
CA HIS A 94 -0.86 10.08 -10.45
C HIS A 94 0.39 9.82 -11.28
N HIS A 95 0.24 9.15 -12.42
CA HIS A 95 1.38 8.85 -13.28
C HIS A 95 1.55 9.91 -14.36
N HIS A 96 0.54 10.06 -15.23
CA HIS A 96 0.54 11.06 -16.30
C HIS A 96 1.93 11.19 -16.94
N ASP A 97 2.48 10.05 -17.34
CA ASP A 97 3.83 10.02 -17.89
C ASP A 97 3.86 10.71 -19.25
N PRO A 98 5.05 11.18 -19.67
CA PRO A 98 5.15 11.85 -20.96
C PRO A 98 5.01 10.92 -22.16
N ASP A 99 4.86 9.62 -21.95
CA ASP A 99 4.75 8.69 -23.07
C ASP A 99 3.48 8.87 -23.88
N GLY A 100 2.51 9.62 -23.37
CA GLY A 100 1.26 9.83 -24.08
C GLY A 100 0.07 9.82 -23.15
N GLY A 101 -0.83 10.79 -23.31
CA GLY A 101 -1.99 10.90 -22.44
C GLY A 101 -2.11 12.26 -21.78
N LYS A 102 -1.95 12.29 -20.46
CA LYS A 102 -2.11 13.51 -19.69
C LYS A 102 -0.82 14.33 -19.75
N MET A 103 -0.73 15.37 -18.91
CA MET A 103 0.37 16.31 -18.91
C MET A 103 0.44 17.08 -20.22
N PRO A 104 -0.58 17.84 -20.58
CA PRO A 104 -0.46 18.73 -21.75
C PRO A 104 0.29 20.00 -21.40
N LYS A 105 1.03 20.51 -22.39
CA LYS A 105 1.85 21.71 -22.15
C LYS A 105 0.98 22.94 -21.91
N TRP A 106 -0.19 23.01 -22.55
CA TRP A 106 -1.07 24.17 -22.46
C TRP A 106 -2.18 24.00 -21.44
N THR A 107 -2.76 22.80 -21.33
CA THR A 107 -3.87 22.61 -20.41
C THR A 107 -3.44 22.75 -18.95
N ARG A 108 -2.17 22.45 -18.65
CA ARG A 108 -1.70 22.53 -17.27
C ARG A 108 -1.86 23.93 -16.71
N VAL A 109 -1.70 24.96 -17.56
CA VAL A 109 -1.90 26.33 -17.10
C VAL A 109 -3.38 26.57 -16.79
N ILE A 110 -4.27 26.01 -17.61
CA ILE A 110 -5.70 26.18 -17.39
C ILE A 110 -6.13 25.52 -16.09
N LEU A 111 -5.58 24.33 -15.81
CA LEU A 111 -5.96 23.63 -14.58
C LEU A 111 -5.60 24.43 -13.34
N LEU A 112 -4.40 25.04 -13.34
CA LEU A 112 -3.99 25.83 -12.19
C LEU A 112 -4.91 27.02 -11.98
N ASN A 113 -5.30 27.68 -13.08
CA ASN A 113 -6.19 28.84 -12.96
C ASN A 113 -7.54 28.44 -12.36
N TRP A 114 -8.10 27.31 -12.82
CA TRP A 114 -9.39 26.88 -12.30
C TRP A 114 -9.32 26.58 -10.81
N CYS A 115 -8.22 25.94 -10.37
CA CYS A 115 -8.09 25.61 -8.95
C CYS A 115 -8.06 26.88 -8.10
N ALA A 116 -7.35 27.91 -8.56
CA ALA A 116 -7.29 29.16 -7.81
C ALA A 116 -8.60 29.94 -7.86
N TRP A 117 -9.43 29.69 -8.87
CA TRP A 117 -10.70 30.38 -8.98
C TRP A 117 -11.75 29.85 -8.02
N PHE A 118 -11.57 28.64 -7.49
CA PHE A 118 -12.54 28.08 -6.56
C PHE A 118 -12.63 28.94 -5.29
N LEU A 119 -11.49 29.36 -4.76
CA LEU A 119 -11.50 30.19 -3.57
C LEU A 119 -11.97 31.61 -3.89
N ARG A 120 -11.58 32.14 -5.04
CA ARG A 120 -11.96 33.48 -5.48
C ARG A 120 -12.39 33.38 -6.94
N MET A 121 -13.67 33.11 -7.17
CA MET A 121 -14.21 33.00 -8.52
C MET A 121 -14.39 34.38 -9.14
N LYS A 122 -13.96 34.54 -10.38
CA LYS A 122 -14.10 35.81 -11.08
C LYS A 122 -15.55 36.13 -11.43
N ARG A 123 -16.45 35.16 -11.36
CA ARG A 123 -17.84 35.39 -11.68
C ARG A 123 -18.52 36.23 -10.59
N PRO A 124 -19.66 36.83 -10.89
CA PRO A 124 -20.33 37.67 -9.87
C PRO A 124 -20.75 36.89 -8.64
N GLY A 125 -20.84 35.56 -8.71
CA GLY A 125 -21.25 34.79 -7.56
C GLY A 125 -20.33 34.99 -6.37
N GLU A 126 -19.03 35.10 -6.62
CA GLU A 126 -18.04 35.32 -5.57
C GLU A 126 -17.24 36.61 -5.76
N ASP A 127 -17.00 37.04 -6.99
CA ASP A 127 -16.26 38.28 -7.22
C ASP A 127 -17.04 39.48 -6.68
N LYS A 128 -18.36 39.49 -6.88
CA LYS A 128 -19.19 40.58 -6.39
C LYS A 128 -19.60 40.41 -4.94
N VAL A 129 -19.82 39.18 -4.49
CA VAL A 129 -20.26 38.92 -3.11
C VAL A 129 -18.98 38.79 -2.29
N ARG A 130 -18.46 39.93 -1.85
CA ARG A 130 -17.27 40.00 -1.03
C ARG A 130 -17.05 41.45 -0.61
N PRO A 131 -16.24 41.69 0.42
CA PRO A 131 -15.98 43.07 0.84
C PRO A 131 -15.40 43.89 -0.29
N ALA A 132 -15.85 45.14 -0.38
CA ALA A 132 -15.39 46.07 -1.41
C ALA A 132 -15.26 47.46 -0.82
N CYS A 133 -14.18 48.15 -1.18
CA CYS A 133 -13.92 49.49 -0.70
C CYS A 133 -12.96 50.17 -1.65
N GLN A 134 -12.72 51.46 -1.42
CA GLN A 134 -11.80 52.26 -2.23
C GLN A 134 -10.41 52.35 -1.62
N HIS A 135 -10.14 51.60 -0.56
CA HIS A 135 -8.84 51.64 0.08
C HIS A 135 -7.78 51.00 -0.81
N LYS A 136 -6.52 51.21 -0.43
CA LYS A 136 -5.41 50.66 -1.20
C LYS A 136 -5.37 49.13 -1.17
N GLN A 137 -6.08 48.51 -0.23
CA GLN A 137 -6.09 47.06 -0.14
C GLN A 137 -6.75 46.40 -1.35
N ARG A 138 -7.51 47.16 -2.14
CA ARG A 138 -8.18 46.65 -3.33
C ARG A 138 -7.62 47.27 -4.60
N ARG A 139 -6.36 47.65 -4.59
CA ARG A 139 -5.68 48.26 -5.73
C ARG A 139 -4.45 47.43 -6.09
N CYS A 140 -3.69 47.93 -7.06
CA CYS A 140 -2.48 47.27 -7.54
C CYS A 140 -1.33 48.25 -7.50
N SER A 141 -0.13 47.72 -7.32
CA SER A 141 1.09 48.52 -7.27
C SER A 141 2.24 47.70 -7.84
N LEU A 142 3.47 48.18 -7.64
CA LEU A 142 4.63 47.48 -8.16
C LEU A 142 4.76 46.09 -7.55
N ALA A 143 4.53 45.98 -6.24
CA ALA A 143 4.66 44.67 -5.59
C ALA A 143 3.64 43.69 -6.13
N SER A 144 2.39 44.13 -6.33
CA SER A 144 1.35 43.24 -6.84
C SER A 144 1.64 42.84 -8.28
N VAL A 145 2.11 43.76 -9.10
CA VAL A 145 2.40 43.50 -10.52
C VAL A 145 3.82 42.97 -10.59
N GLU A 146 3.96 41.66 -10.80
CA GLU A 146 5.25 41.00 -10.91
C GLU A 146 5.62 40.68 -12.36
N MET A 147 4.94 41.31 -13.32
CA MET A 147 5.23 41.04 -14.72
C MET A 147 6.59 41.60 -15.14
N SER A 148 7.13 42.57 -14.40
CA SER A 148 8.42 43.19 -14.71
C SER A 148 9.53 42.68 -13.80
N ALA A 149 9.49 41.40 -13.44
CA ALA A 149 10.51 40.79 -12.59
C ALA A 149 10.59 41.51 -11.25
N VAL A 150 9.43 41.72 -10.62
CA VAL A 150 9.33 42.37 -9.33
C VAL A 150 9.12 41.29 -8.26
N ALA A 151 9.90 41.34 -7.20
CA ALA A 151 9.79 40.34 -6.15
C ALA A 151 8.43 40.45 -5.48
N PRO A 152 7.76 39.34 -5.20
CA PRO A 152 6.44 39.40 -4.56
C PRO A 152 6.55 39.84 -3.12
N PRO A 153 5.46 40.29 -2.51
CA PRO A 153 5.53 40.72 -1.11
C PRO A 153 5.99 39.57 -0.23
N PRO A 154 6.76 39.87 0.82
CA PRO A 154 7.22 38.80 1.71
C PRO A 154 6.06 38.03 2.30
N ALA A 155 6.01 36.73 2.02
CA ALA A 155 4.95 35.87 2.53
C ALA A 155 5.47 34.44 2.59
N SER A 156 4.87 33.65 3.48
CA SER A 156 5.24 32.25 3.66
C SER A 156 4.38 31.31 2.83
N ASN A 157 3.50 31.84 1.99
CA ASN A 157 2.60 31.03 1.18
C ASN A 157 3.16 30.75 -0.21
N GLY A 158 4.45 30.93 -0.42
CA GLY A 158 5.09 30.69 -1.69
C GLY A 158 5.60 31.92 -2.42
N ASN A 159 5.88 33.01 -1.71
CA ASN A 159 6.39 34.23 -2.32
C ASN A 159 7.82 34.51 -1.87
N LEU A 160 8.07 34.59 -0.56
CA LEU A 160 9.43 34.82 -0.08
C LEU A 160 10.30 33.59 -0.25
N LEU A 161 9.71 32.41 -0.06
CA LEU A 161 10.49 31.17 -0.19
C LEU A 161 10.80 30.85 -1.64
N TYR A 162 9.94 31.26 -2.57
CA TYR A 162 10.16 30.95 -3.98
C TYR A 162 11.45 31.61 -4.48
N ILE A 163 11.69 32.86 -4.10
CA ILE A 163 12.89 33.57 -4.55
C ILE A 163 14.15 33.10 -3.83
N GLY A 164 14.01 32.30 -2.77
CA GLY A 164 15.16 31.84 -2.03
C GLY A 164 15.78 30.57 -2.58
N PHE A 165 14.97 29.54 -2.75
CA PHE A 165 15.44 28.25 -3.25
C PHE A 165 15.25 28.10 -4.75
N ARG A 166 14.10 28.48 -5.29
CA ARG A 166 13.84 28.36 -6.71
C ARG A 166 14.43 29.50 -7.53
N GLY A 167 14.97 30.52 -6.88
CA GLY A 167 15.57 31.64 -7.59
C GLY A 167 16.99 31.35 -8.03
N LEU A 168 17.13 30.49 -9.03
CA LEU A 168 18.45 30.12 -9.52
C LEU A 168 19.08 31.29 -10.28
N ASP A 169 20.40 31.22 -10.44
CA ASP A 169 21.17 32.26 -11.13
C ASP A 169 20.96 33.62 -10.45
N GLY A 170 20.91 33.61 -9.12
CA GLY A 170 20.72 34.83 -8.35
C GLY A 170 21.79 35.02 -7.30
N VAL A 171 21.54 35.91 -6.34
CA VAL A 171 22.51 36.17 -5.29
C VAL A 171 22.71 34.93 -4.42
N HIS A 172 21.63 34.18 -4.18
CA HIS A 172 21.74 32.99 -3.33
C HIS A 172 22.67 31.95 -3.96
N CYS A 173 22.58 31.75 -5.27
CA CYS A 173 23.38 30.75 -5.97
C CYS A 173 24.66 31.34 -6.54
N VAL A 174 24.55 32.37 -7.36
CA VAL A 174 25.71 32.99 -8.01
C VAL A 174 25.72 34.48 -7.70
N PRO A 175 26.33 34.91 -6.59
CA PRO A 175 26.37 36.35 -6.28
C PRO A 175 27.40 37.09 -7.14
N THR A 176 27.08 37.23 -8.42
CA THR A 176 27.99 37.92 -9.33
C THR A 176 28.25 39.35 -8.92
N PRO A 177 27.25 40.16 -8.56
CA PRO A 177 27.53 41.55 -8.16
C PRO A 177 28.47 41.60 -6.96
N ASP A 178 29.37 42.59 -6.97
CA ASP A 178 30.34 42.77 -5.90
C ASP A 178 29.65 43.42 -4.72
N SER A 179 29.25 42.61 -3.74
CA SER A 179 28.59 43.13 -2.56
C SER A 179 29.57 43.82 -1.61
N GLY A 180 30.82 43.36 -1.58
CA GLY A 180 31.80 43.96 -0.70
C GLY A 180 31.47 43.80 0.77
N VAL A 181 30.89 42.66 1.14
CA VAL A 181 30.53 42.37 2.53
C VAL A 181 31.26 41.14 3.05
N VAL A 182 31.34 40.08 2.25
CA VAL A 182 32.02 38.86 2.69
C VAL A 182 33.50 39.14 2.92
N CYS A 183 34.14 39.85 1.98
CA CYS A 183 35.55 40.18 2.08
C CYS A 183 35.77 41.69 2.22
N GLY A 184 34.73 42.45 2.50
CA GLY A 184 34.85 43.90 2.64
C GLY A 184 34.40 44.40 4.00
N ARG A 185 33.55 43.63 4.67
CA ARG A 185 33.03 43.97 5.99
C ARG A 185 33.34 42.85 6.98
N MET A 186 32.90 43.05 8.22
CA MET A 186 33.12 42.08 9.29
C MET A 186 31.81 41.38 9.67
N ALA A 187 30.91 41.19 8.72
CA ALA A 187 29.63 40.55 8.97
C ALA A 187 29.84 39.03 8.96
N CYS A 188 30.31 38.53 10.10
CA CYS A 188 30.54 37.09 10.29
C CYS A 188 31.55 36.56 9.28
N SER A 189 32.47 37.40 8.83
CA SER A 189 33.49 37.00 7.87
C SER A 189 34.66 37.95 7.97
N PRO A 190 35.89 37.49 7.78
CA PRO A 190 37.05 38.38 7.86
C PRO A 190 37.11 39.33 6.67
N THR A 191 37.81 40.44 6.87
CA THR A 191 37.97 41.48 5.86
C THR A 191 39.37 41.36 5.27
N HIS A 192 39.47 40.70 4.11
CA HIS A 192 40.73 40.56 3.39
C HIS A 192 41.81 39.97 4.29
N ASP A 193 41.45 38.95 5.07
CA ASP A 193 42.38 38.27 5.96
C ASP A 193 42.86 37.01 5.26
N GLU A 194 44.00 37.12 4.57
CA GLU A 194 44.57 35.99 3.85
C GLU A 194 45.35 35.04 4.76
N HIS A 195 45.61 35.44 6.00
CA HIS A 195 46.35 34.61 6.95
C HIS A 195 45.44 34.00 8.00
N LEU A 196 44.21 33.65 7.62
CA LEU A 196 43.24 33.06 8.54
C LEU A 196 43.55 31.57 8.67
N LEU A 197 44.62 31.28 9.42
CA LEU A 197 45.06 29.91 9.65
C LEU A 197 44.66 29.49 11.06
N HIS A 198 43.92 28.38 11.15
CA HIS A 198 43.48 27.85 12.45
C HIS A 198 44.55 26.89 12.95
N GLY A 199 45.57 27.47 13.59
CA GLY A 199 46.68 26.67 14.08
C GLY A 199 47.63 26.20 13.01
N GLY A 200 47.66 26.88 11.86
CA GLY A 200 48.50 26.50 10.75
C GLY A 200 47.77 25.81 9.61
N GLN A 201 46.54 25.36 9.84
CA GLN A 201 45.76 24.71 8.80
C GLN A 201 45.09 25.74 7.91
N PRO A 202 44.68 25.35 6.70
CA PRO A 202 44.00 26.29 5.81
C PRO A 202 42.65 26.68 6.37
N PRO A 203 41.89 27.53 5.67
CA PRO A 203 40.56 27.91 6.18
C PRO A 203 39.66 26.71 6.42
N GLU A 204 39.74 25.70 5.57
CA GLU A 204 38.95 24.48 5.73
C GLU A 204 39.71 23.49 6.60
N GLY A 205 39.04 23.00 7.66
CA GLY A 205 39.70 22.09 8.56
C GLY A 205 40.14 20.80 7.88
N ASP A 206 39.29 20.26 7.00
CA ASP A 206 39.60 19.02 6.31
C ASP A 206 38.89 19.00 4.95
N PRO A 207 39.63 18.88 3.84
CA PRO A 207 38.95 18.77 2.54
C PRO A 207 38.03 17.58 2.44
N ASP A 208 38.29 16.50 3.20
CA ASP A 208 37.42 15.34 3.16
C ASP A 208 36.01 15.69 3.64
N LEU A 209 35.88 16.62 4.58
CA LEU A 209 34.56 17.00 5.06
C LEU A 209 33.72 17.62 3.95
N ALA A 210 34.35 18.37 3.05
CA ALA A 210 33.61 18.95 1.93
C ALA A 210 33.02 17.85 1.05
N LYS A 211 33.79 16.79 0.79
CA LYS A 211 33.26 15.67 0.02
C LYS A 211 32.11 15.00 0.75
N ILE A 212 32.21 14.86 2.08
CA ILE A 212 31.14 14.27 2.86
C ILE A 212 29.90 15.15 2.79
N LEU A 213 30.08 16.47 2.75
CA LEU A 213 28.94 17.38 2.69
C LEU A 213 28.14 17.14 1.41
N GLU A 214 28.83 16.92 0.28
CA GLU A 214 28.12 16.65 -0.96
C GLU A 214 27.31 15.37 -0.85
N GLU A 215 27.90 14.32 -0.27
CA GLU A 215 27.15 13.08 -0.07
C GLU A 215 26.03 13.28 0.94
N VAL A 216 26.29 14.00 2.03
CA VAL A 216 25.26 14.28 3.01
C VAL A 216 24.16 15.14 2.39
N ARG A 217 24.56 16.15 1.62
CA ARG A 217 23.57 17.00 0.96
C ARG A 217 22.73 16.21 -0.03
N TYR A 218 23.34 15.23 -0.71
CA TYR A 218 22.57 14.40 -1.64
C TYR A 218 21.49 13.62 -0.90
N ILE A 219 21.82 13.05 0.26
CA ILE A 219 20.81 12.37 1.06
C ILE A 219 19.72 13.34 1.51
N ALA A 220 20.13 14.52 1.98
CA ALA A 220 19.15 15.53 2.34
C ALA A 220 18.37 16.00 1.12
N ASN A 221 19.04 16.16 -0.03
CA ASN A 221 18.36 16.55 -1.25
C ASN A 221 17.48 15.43 -1.80
N ARG A 222 17.74 14.18 -1.41
CA ARG A 222 16.90 13.08 -1.85
C ARG A 222 15.47 13.25 -1.36
N PHE A 223 15.30 13.68 -0.10
CA PHE A 223 13.97 13.93 0.42
C PHE A 223 13.39 15.22 -0.14
N ARG A 224 14.24 16.18 -0.53
CA ARG A 224 13.73 17.42 -1.10
C ARG A 224 12.97 17.18 -2.39
N CYS A 225 13.52 16.34 -3.27
CA CYS A 225 12.81 16.01 -4.50
C CYS A 225 11.66 15.04 -4.24
N GLN A 226 11.80 14.19 -3.22
CA GLN A 226 10.69 13.31 -2.85
C GLN A 226 9.50 14.11 -2.34
N ASP A 227 9.76 15.15 -1.54
CA ASP A 227 8.69 16.01 -1.07
C ASP A 227 8.15 16.89 -2.19
N GLU A 228 9.00 17.25 -3.16
CA GLU A 228 8.53 18.02 -4.30
C GLU A 228 7.61 17.21 -5.20
N SER A 229 7.85 15.90 -5.29
CA SER A 229 6.95 15.04 -6.07
C SER A 229 5.55 15.04 -5.47
N GLU A 230 5.46 15.03 -4.14
CA GLU A 230 4.16 15.13 -3.50
C GLU A 230 3.51 16.48 -3.78
N ALA A 231 4.32 17.55 -3.80
CA ALA A 231 3.79 18.86 -4.14
C ALA A 231 3.28 18.88 -5.57
N VAL A 232 4.02 18.26 -6.49
CA VAL A 232 3.53 18.14 -7.86
C VAL A 232 2.27 17.29 -7.91
N CYS A 233 2.26 16.18 -7.16
CA CYS A 233 1.06 15.36 -7.07
C CYS A 233 -0.08 16.13 -6.40
N SER A 234 0.24 17.05 -5.48
CA SER A 234 -0.81 17.86 -4.87
C SER A 234 -1.51 18.74 -5.90
N GLU A 235 -0.77 19.20 -6.92
CA GLU A 235 -1.41 19.96 -7.99
C GLU A 235 -2.41 19.10 -8.76
N TRP A 236 -2.06 17.82 -8.97
CA TRP A 236 -2.99 16.92 -9.64
C TRP A 236 -4.16 16.54 -8.74
N LYS A 237 -3.95 16.55 -7.43
CA LYS A 237 -5.06 16.30 -6.52
C LYS A 237 -6.12 17.38 -6.63
N PHE A 238 -5.71 18.64 -6.73
CA PHE A 238 -6.67 19.72 -6.95
C PHE A 238 -7.23 19.68 -8.37
N ALA A 239 -6.43 19.21 -9.33
CA ALA A 239 -6.92 19.08 -10.70
C ALA A 239 -8.04 18.05 -10.82
N ALA A 240 -8.08 17.07 -9.91
CA ALA A 240 -9.18 16.10 -9.93
C ALA A 240 -10.51 16.78 -9.64
N CYS A 241 -10.51 17.75 -8.71
CA CYS A 241 -11.73 18.49 -8.43
C CYS A 241 -12.17 19.35 -9.62
N VAL A 242 -11.24 19.74 -10.49
CA VAL A 242 -11.61 20.55 -11.65
C VAL A 242 -12.56 19.78 -12.56
N VAL A 243 -12.22 18.52 -12.85
CA VAL A 243 -13.08 17.70 -13.68
C VAL A 243 -14.23 17.11 -12.86
N ASP A 244 -13.98 16.76 -11.60
CA ASP A 244 -15.03 16.20 -10.77
C ASP A 244 -16.14 17.22 -10.52
N ARG A 245 -15.76 18.46 -10.22
CA ARG A 245 -16.78 19.50 -10.01
C ARG A 245 -17.46 19.86 -11.33
N LEU A 246 -16.69 19.95 -12.42
CA LEU A 246 -17.27 20.26 -13.72
C LEU A 246 -18.24 19.16 -14.15
N CYS A 247 -17.86 17.89 -13.95
CA CYS A 247 -18.76 16.81 -14.28
C CYS A 247 -19.93 16.73 -13.31
N LEU A 248 -19.70 17.05 -12.03
CA LEU A 248 -20.79 17.03 -11.06
C LEU A 248 -21.87 18.03 -11.42
N MET A 249 -21.47 19.25 -11.82
CA MET A 249 -22.44 20.25 -12.21
C MET A 249 -23.12 19.89 -13.53
N ALA A 250 -22.36 19.33 -14.47
CA ALA A 250 -22.94 18.94 -15.75
C ALA A 250 -23.99 17.85 -15.56
N PHE A 251 -23.70 16.86 -14.72
CA PHE A 251 -24.67 15.79 -14.48
C PHE A 251 -25.87 16.30 -13.68
N SER A 252 -25.66 17.31 -12.83
CA SER A 252 -26.77 17.87 -12.08
C SER A 252 -27.81 18.48 -13.01
N VAL A 253 -27.36 19.20 -14.04
CA VAL A 253 -28.29 19.77 -15.01
C VAL A 253 -29.02 18.67 -15.75
N PHE A 254 -28.30 17.62 -16.17
CA PHE A 254 -28.93 16.51 -16.86
C PHE A 254 -29.94 15.81 -15.97
N THR A 255 -29.61 15.62 -14.70
CA THR A 255 -30.55 14.98 -13.78
C THR A 255 -31.80 15.84 -13.60
N ILE A 256 -31.63 17.15 -13.51
CA ILE A 256 -32.79 18.04 -13.39
C ILE A 256 -33.65 17.96 -14.64
N ILE A 257 -33.02 17.94 -15.82
CA ILE A 257 -33.77 17.85 -17.07
C ILE A 257 -34.54 16.54 -17.12
N CYS A 258 -33.89 15.43 -16.74
CA CYS A 258 -34.59 14.15 -16.74
C CYS A 258 -35.74 14.14 -15.75
N THR A 259 -35.53 14.73 -14.56
CA THR A 259 -36.59 14.79 -13.56
C THR A 259 -37.77 15.61 -14.07
N ILE A 260 -37.49 16.73 -14.74
CA ILE A 260 -38.57 17.57 -15.26
C ILE A 260 -39.38 16.79 -16.29
N GLY A 261 -38.70 16.09 -17.21
CA GLY A 261 -39.41 15.31 -18.20
C GLY A 261 -40.25 14.20 -17.58
N ILE A 262 -39.72 13.54 -16.55
CA ILE A 262 -40.47 12.47 -15.89
C ILE A 262 -41.73 13.03 -15.24
N LEU A 263 -41.62 14.18 -14.59
CA LEU A 263 -42.78 14.77 -13.93
C LEU A 263 -43.88 15.15 -14.91
N MET A 264 -43.55 15.32 -16.20
CA MET A 264 -44.54 15.68 -17.19
C MET A 264 -45.18 14.46 -17.85
N SER A 265 -44.47 13.34 -17.91
CA SER A 265 -44.99 12.13 -18.52
C SER A 265 -45.58 11.15 -17.51
N ALA A 266 -45.23 11.28 -16.23
CA ALA A 266 -45.77 10.37 -15.22
C ALA A 266 -47.30 10.41 -15.16
N PRO A 267 -47.96 11.58 -15.16
CA PRO A 267 -49.43 11.58 -15.09
C PRO A 267 -50.09 10.86 -16.25
N ASN A 268 -49.43 10.77 -17.41
CA ASN A 268 -50.00 10.12 -18.57
C ASN A 268 -49.41 8.75 -18.87
N PHE A 269 -48.23 8.43 -18.31
CA PHE A 269 -47.58 7.15 -18.52
C PHE A 269 -47.47 6.33 -17.24
N VAL A 270 -46.95 6.90 -16.17
CA VAL A 270 -46.80 6.20 -14.91
C VAL A 270 -48.07 6.38 -14.07
N LEU B 7 -46.54 -16.75 11.12
CA LEU B 7 -45.38 -15.89 10.92
C LEU B 7 -44.29 -16.63 10.15
N TYR B 8 -44.66 -17.21 9.00
CA TYR B 8 -43.69 -17.94 8.19
C TYR B 8 -42.67 -16.98 7.57
N TYR B 9 -43.14 -16.04 6.76
CA TYR B 9 -42.24 -15.08 6.13
C TYR B 9 -41.85 -13.94 7.06
N GLY B 10 -42.61 -13.73 8.15
CA GLY B 10 -42.26 -12.67 9.08
C GLY B 10 -40.92 -12.90 9.75
N LEU B 11 -40.70 -14.13 10.25
CA LEU B 11 -39.44 -14.43 10.89
C LEU B 11 -38.29 -14.53 9.89
N ASN B 12 -38.59 -14.93 8.65
CA ASN B 12 -37.56 -15.07 7.63
C ASN B 12 -37.15 -13.74 7.01
N LEU B 13 -37.90 -12.67 7.25
CA LEU B 13 -37.57 -11.35 6.71
C LEU B 13 -37.32 -10.30 7.78
N LEU B 14 -37.98 -10.38 8.92
CA LEU B 14 -37.73 -9.42 10.00
C LEU B 14 -36.41 -9.73 10.70
N ILE B 15 -36.14 -11.01 10.98
CA ILE B 15 -34.93 -11.37 11.72
C ILE B 15 -33.67 -10.95 10.97
N PRO B 16 -33.51 -11.24 9.68
CA PRO B 16 -32.30 -10.80 8.99
C PRO B 16 -32.11 -9.29 9.00
N CYS B 17 -33.20 -8.52 9.03
CA CYS B 17 -33.07 -7.06 9.03
C CYS B 17 -32.29 -6.58 10.24
N VAL B 18 -32.55 -7.17 11.41
CA VAL B 18 -31.82 -6.78 12.61
C VAL B 18 -30.34 -7.07 12.45
N LEU B 19 -30.00 -8.25 11.90
CA LEU B 19 -28.61 -8.59 11.68
C LEU B 19 -27.95 -7.62 10.70
N ILE B 20 -28.66 -7.27 9.63
CA ILE B 20 -28.10 -6.34 8.64
C ILE B 20 -27.83 -4.99 9.29
N SER B 21 -28.79 -4.49 10.07
CA SER B 21 -28.59 -3.22 10.76
C SER B 21 -27.55 -3.34 11.87
N ALA B 22 -27.51 -4.50 12.55
CA ALA B 22 -26.54 -4.68 13.63
C ALA B 22 -25.12 -4.77 13.08
N LEU B 23 -24.95 -5.39 11.90
CA LEU B 23 -23.62 -5.50 11.32
C LEU B 23 -23.05 -4.14 10.98
N ALA B 24 -23.89 -3.16 10.69
CA ALA B 24 -23.40 -1.82 10.37
C ALA B 24 -22.72 -1.17 11.57
N LEU B 25 -23.16 -1.50 12.78
CA LEU B 25 -22.55 -0.91 13.97
C LEU B 25 -21.08 -1.28 14.08
N LEU B 26 -20.75 -2.55 13.78
CA LEU B 26 -19.36 -2.98 13.86
C LEU B 26 -18.48 -2.23 12.86
N VAL B 27 -19.06 -1.82 11.73
CA VAL B 27 -18.28 -1.10 10.73
C VAL B 27 -17.85 0.26 11.27
N PHE B 28 -18.74 0.92 12.03
CA PHE B 28 -18.41 2.24 12.57
C PHE B 28 -17.24 2.19 13.53
N LEU B 29 -17.01 1.03 14.17
CA LEU B 29 -15.93 0.92 15.14
C LEU B 29 -14.55 0.90 14.48
N LEU B 30 -14.47 0.68 13.18
CA LEU B 30 -13.17 0.63 12.53
C LEU B 30 -12.58 2.04 12.46
N PRO B 31 -11.27 2.20 12.73
CA PRO B 31 -10.67 3.53 12.61
C PRO B 31 -10.63 4.03 11.17
N ALA B 32 -10.19 5.27 10.98
CA ALA B 32 -10.12 5.83 9.63
C ALA B 32 -9.06 5.15 8.78
N ASP B 33 -7.95 4.73 9.40
CA ASP B 33 -6.87 4.11 8.66
C ASP B 33 -7.25 2.76 8.05
N SER B 34 -8.37 2.18 8.48
CA SER B 34 -8.80 0.88 7.95
C SER B 34 -9.21 1.05 6.49
N GLY B 35 -8.37 0.54 5.58
CA GLY B 35 -8.68 0.64 4.16
C GLY B 35 -9.78 -0.28 3.70
N GLU B 36 -10.07 -1.33 4.47
CA GLU B 36 -11.12 -2.29 4.12
C GLU B 36 -12.46 -1.96 4.76
N LYS B 37 -12.55 -0.84 5.47
CA LYS B 37 -13.83 -0.47 6.10
C LYS B 37 -14.90 -0.24 5.05
N ILE B 38 -14.56 0.44 3.96
CA ILE B 38 -15.53 0.68 2.91
C ILE B 38 -16.00 -0.63 2.29
N SER B 39 -15.07 -1.57 2.07
CA SER B 39 -15.43 -2.86 1.51
C SER B 39 -16.38 -3.61 2.43
N LEU B 40 -16.13 -3.56 3.74
CA LEU B 40 -17.00 -4.24 4.69
C LEU B 40 -18.41 -3.67 4.65
N GLY B 41 -18.54 -2.35 4.55
CA GLY B 41 -19.85 -1.73 4.50
C GLY B 41 -20.59 -1.98 3.20
N ILE B 42 -19.86 -2.23 2.11
CA ILE B 42 -20.51 -2.52 0.83
C ILE B 42 -21.26 -3.85 0.89
N THR B 43 -20.67 -4.85 1.56
CA THR B 43 -21.32 -6.15 1.67
C THR B 43 -22.64 -6.06 2.42
N VAL B 44 -22.72 -5.16 3.41
CA VAL B 44 -23.98 -5.01 4.16
C VAL B 44 -25.09 -4.56 3.24
N LEU B 45 -24.81 -3.58 2.39
CA LEU B 45 -25.83 -3.11 1.44
C LEU B 45 -26.06 -4.14 0.34
N LEU B 46 -25.02 -4.87 -0.06
CA LEU B 46 -25.19 -5.88 -1.11
C LEU B 46 -26.16 -6.97 -0.67
N SER B 47 -26.05 -7.43 0.58
CA SER B 47 -26.95 -8.46 1.08
C SER B 47 -28.38 -7.98 1.24
N LEU B 48 -28.58 -6.67 1.41
CA LEU B 48 -29.93 -6.14 1.53
C LEU B 48 -30.69 -6.21 0.23
N THR B 49 -29.99 -6.08 -0.91
CA THR B 49 -30.66 -6.14 -2.20
C THR B 49 -31.25 -7.51 -2.45
N VAL B 50 -30.63 -8.57 -1.94
CA VAL B 50 -31.17 -9.92 -2.12
C VAL B 50 -32.52 -10.04 -1.45
N PHE B 51 -32.64 -9.51 -0.23
CA PHE B 51 -33.93 -9.56 0.47
C PHE B 51 -34.94 -8.61 -0.15
N MET B 52 -34.47 -7.52 -0.77
CA MET B 52 -35.39 -6.57 -1.38
C MET B 52 -36.20 -7.22 -2.50
N LEU B 53 -35.55 -8.05 -3.32
CA LEU B 53 -36.25 -8.70 -4.42
C LEU B 53 -37.35 -9.63 -3.90
N LEU B 54 -37.06 -10.37 -2.83
CA LEU B 54 -38.06 -11.27 -2.27
C LEU B 54 -39.27 -10.48 -1.74
N VAL B 55 -39.01 -9.36 -1.08
CA VAL B 55 -40.11 -8.55 -0.56
C VAL B 55 -40.96 -7.99 -1.70
N ALA B 56 -40.32 -7.62 -2.81
CA ALA B 56 -41.06 -7.07 -3.93
C ALA B 56 -42.05 -8.09 -4.49
N GLU B 57 -41.63 -9.35 -4.60
CA GLU B 57 -42.52 -10.38 -5.12
C GLU B 57 -43.71 -10.59 -4.18
N ILE B 58 -43.46 -10.56 -2.87
CA ILE B 58 -44.53 -10.75 -1.90
C ILE B 58 -45.56 -9.63 -2.01
N MET B 59 -45.10 -8.41 -2.25
CA MET B 59 -46.01 -7.28 -2.33
C MET B 59 -46.93 -7.45 -3.55
N PRO B 60 -48.25 -7.37 -3.37
CA PRO B 60 -49.15 -7.49 -4.53
C PRO B 60 -48.87 -6.40 -5.56
N SER B 61 -49.00 -6.78 -6.83
CA SER B 61 -48.78 -5.85 -7.94
C SER B 61 -50.03 -5.00 -8.11
N THR B 62 -50.10 -3.90 -7.35
CA THR B 62 -51.22 -2.99 -7.38
C THR B 62 -50.92 -1.82 -8.31
N SER B 63 -51.85 -0.87 -8.36
CA SER B 63 -51.72 0.32 -9.21
C SER B 63 -51.26 1.54 -8.42
N ASP B 64 -51.93 1.85 -7.31
CA ASP B 64 -51.57 3.00 -6.49
C ASP B 64 -51.62 2.73 -5.00
N SER B 65 -51.88 1.49 -4.58
CA SER B 65 -51.94 1.14 -3.16
C SER B 65 -50.58 0.59 -2.74
N SER B 66 -49.82 1.39 -2.00
CA SER B 66 -48.50 0.98 -1.55
C SER B 66 -48.62 0.22 -0.23
N PRO B 67 -48.22 -1.05 -0.18
CA PRO B 67 -48.29 -1.77 1.10
C PRO B 67 -47.37 -1.15 2.14
N SER B 68 -47.77 -1.31 3.41
CA SER B 68 -46.97 -0.76 4.50
C SER B 68 -45.58 -1.39 4.58
N ILE B 69 -45.42 -2.61 4.06
CA ILE B 69 -44.12 -3.27 4.11
C ILE B 69 -43.07 -2.51 3.32
N ALA B 70 -43.49 -1.70 2.34
CA ALA B 70 -42.52 -0.97 1.53
C ALA B 70 -41.70 -0.01 2.39
N GLN B 71 -42.35 0.70 3.32
CA GLN B 71 -41.65 1.63 4.18
C GLN B 71 -40.90 0.95 5.31
N TYR B 72 -41.24 -0.32 5.62
CA TYR B 72 -40.59 -1.01 6.72
C TYR B 72 -39.15 -1.37 6.35
N PHE B 73 -38.98 -2.17 5.30
CA PHE B 73 -37.62 -2.57 4.89
C PHE B 73 -36.87 -1.43 4.24
N ALA B 74 -37.56 -0.42 3.73
CA ALA B 74 -36.88 0.73 3.13
C ALA B 74 -36.07 1.49 4.18
N SER B 75 -36.62 1.64 5.38
CA SER B 75 -35.89 2.35 6.43
C SER B 75 -34.57 1.65 6.75
N THR B 76 -34.52 0.33 6.61
CA THR B 76 -33.26 -0.39 6.84
C THR B 76 -32.20 0.03 5.83
N MET B 77 -32.60 0.22 4.57
CA MET B 77 -31.65 0.65 3.56
C MET B 77 -31.11 2.04 3.86
N ILE B 78 -31.92 2.90 4.49
CA ILE B 78 -31.47 4.25 4.82
C ILE B 78 -30.32 4.17 5.83
N ILE B 79 -30.48 3.35 6.87
CA ILE B 79 -29.42 3.21 7.86
C ILE B 79 -28.18 2.60 7.23
N VAL B 80 -28.37 1.53 6.44
CA VAL B 80 -27.24 0.91 5.76
C VAL B 80 -26.64 1.85 4.74
N GLY B 81 -27.48 2.52 3.96
CA GLY B 81 -26.98 3.46 2.96
C GLY B 81 -26.23 4.62 3.59
N LEU B 82 -26.76 5.17 4.68
CA LEU B 82 -26.07 6.26 5.37
C LEU B 82 -24.77 5.76 6.02
N SER B 83 -24.74 4.51 6.45
CA SER B 83 -23.52 3.97 7.05
C SER B 83 -22.38 3.95 6.05
N VAL B 84 -22.66 3.57 4.80
CA VAL B 84 -21.64 3.59 3.76
C VAL B 84 -21.14 5.01 3.53
N VAL B 85 -22.07 5.97 3.49
CA VAL B 85 -21.69 7.36 3.29
C VAL B 85 -20.79 7.84 4.43
N VAL B 86 -21.12 7.47 5.66
CA VAL B 86 -20.31 7.87 6.80
C VAL B 86 -18.90 7.34 6.67
N THR B 87 -18.77 6.06 6.30
CA THR B 87 -17.44 5.49 6.09
C THR B 87 -16.72 6.16 4.93
N VAL B 88 -17.45 6.51 3.88
CA VAL B 88 -16.84 7.18 2.73
C VAL B 88 -16.34 8.57 3.15
N ILE B 89 -17.10 9.27 3.99
CA ILE B 89 -16.68 10.59 4.45
C ILE B 89 -15.40 10.48 5.27
N VAL B 90 -15.26 9.40 6.05
CA VAL B 90 -14.06 9.22 6.85
C VAL B 90 -12.83 9.10 5.97
N LEU B 91 -12.96 8.49 4.79
CA LEU B 91 -11.82 8.34 3.89
C LEU B 91 -11.26 9.69 3.45
N GLN B 92 -12.06 10.76 3.49
CA GLN B 92 -11.59 12.08 3.14
C GLN B 92 -10.84 12.76 4.28
N TYR B 93 -10.86 12.18 5.49
CA TYR B 93 -10.15 12.78 6.61
C TYR B 93 -8.64 12.66 6.47
N HIS B 94 -8.15 11.74 5.63
CA HIS B 94 -6.71 11.59 5.46
C HIS B 94 -6.12 12.74 4.66
N HIS B 95 -6.84 13.25 3.67
CA HIS B 95 -6.35 14.37 2.86
C HIS B 95 -6.84 15.70 3.40
N HIS B 96 -8.16 15.90 3.44
CA HIS B 96 -8.79 17.12 3.95
C HIS B 96 -7.98 18.36 3.56
N ASP B 97 -7.71 18.49 2.27
CA ASP B 97 -6.88 19.57 1.77
C ASP B 97 -7.62 20.90 1.91
N PRO B 98 -6.87 22.02 1.94
CA PRO B 98 -7.52 23.33 2.08
C PRO B 98 -8.28 23.78 0.84
N ASP B 99 -8.23 23.03 -0.26
CA ASP B 99 -8.90 23.44 -1.49
C ASP B 99 -10.42 23.46 -1.35
N GLY B 100 -10.98 22.85 -0.31
CA GLY B 100 -12.41 22.82 -0.12
C GLY B 100 -12.89 21.49 0.44
N GLY B 101 -13.77 21.56 1.45
CA GLY B 101 -14.26 20.36 2.09
C GLY B 101 -14.05 20.36 3.59
N LYS B 102 -13.19 19.47 4.07
CA LYS B 102 -12.95 19.31 5.50
C LYS B 102 -11.95 20.36 5.98
N MET B 103 -11.45 20.20 7.20
CA MET B 103 -10.56 21.15 7.85
C MET B 103 -11.25 22.51 8.04
N PRO B 104 -12.33 22.57 8.82
CA PRO B 104 -12.90 23.87 9.18
C PRO B 104 -12.12 24.52 10.31
N LYS B 105 -12.07 25.86 10.26
CA LYS B 105 -11.30 26.59 11.27
C LYS B 105 -11.93 26.48 12.65
N TRP B 106 -13.26 26.38 12.72
CA TRP B 106 -13.97 26.35 13.99
C TRP B 106 -14.34 24.94 14.43
N THR B 107 -14.74 24.07 13.50
CA THR B 107 -15.17 22.73 13.88
C THR B 107 -14.01 21.91 14.44
N ARG B 108 -12.78 22.20 14.02
CA ARG B 108 -11.64 21.43 14.51
C ARG B 108 -11.52 21.50 16.02
N VAL B 109 -11.86 22.64 16.62
CA VAL B 109 -11.84 22.76 18.07
C VAL B 109 -12.92 21.87 18.69
N ILE B 110 -14.09 21.82 18.06
CA ILE B 110 -15.18 20.99 18.59
C ILE B 110 -14.80 19.53 18.55
N LEU B 111 -14.15 19.10 17.46
CA LEU B 111 -13.77 17.68 17.34
C LEU B 111 -12.81 17.28 18.45
N LEU B 112 -11.84 18.13 18.76
CA LEU B 112 -10.89 17.81 19.82
C LEU B 112 -11.59 17.67 21.16
N ASN B 113 -12.54 18.56 21.46
CA ASN B 113 -13.27 18.49 22.73
C ASN B 113 -14.04 17.18 22.84
N TRP B 114 -14.71 16.77 21.76
CA TRP B 114 -15.49 15.54 21.81
C TRP B 114 -14.60 14.34 22.05
N CYS B 115 -13.42 14.30 21.42
CA CYS B 115 -12.52 13.16 21.61
C CYS B 115 -12.09 13.04 23.06
N ALA B 116 -11.77 14.17 23.70
CA ALA B 116 -11.35 14.14 25.10
C ALA B 116 -12.52 13.84 26.04
N TRP B 117 -13.75 14.10 25.61
CA TRP B 117 -14.91 13.83 26.45
C TRP B 117 -15.24 12.34 26.53
N PHE B 118 -14.75 11.53 25.59
CA PHE B 118 -15.04 10.10 25.63
C PHE B 118 -14.46 9.46 26.87
N LEU B 119 -13.21 9.82 27.22
CA LEU B 119 -12.59 9.26 28.42
C LEU B 119 -13.21 9.85 29.68
N ARG B 120 -13.54 11.14 29.66
CA ARG B 120 -14.16 11.82 30.81
C ARG B 120 -15.31 12.66 30.26
N MET B 121 -16.50 12.07 30.20
CA MET B 121 -17.68 12.76 29.72
C MET B 121 -18.21 13.69 30.79
N LYS B 122 -18.55 14.92 30.39
CA LYS B 122 -19.10 15.90 31.32
C LYS B 122 -20.51 15.55 31.78
N ARG B 123 -21.18 14.64 31.09
CA ARG B 123 -22.54 14.27 31.46
C ARG B 123 -22.53 13.44 32.75
N PRO B 124 -23.68 13.34 33.42
CA PRO B 124 -23.73 12.57 34.67
C PRO B 124 -23.37 11.10 34.51
N GLY B 125 -23.44 10.57 33.29
CA GLY B 125 -23.11 9.16 33.10
C GLY B 125 -21.70 8.82 33.52
N GLU B 126 -20.75 9.73 33.29
CA GLU B 126 -19.37 9.53 33.67
C GLU B 126 -18.84 10.61 34.61
N ASP B 127 -19.33 11.84 34.50
CA ASP B 127 -18.88 12.90 35.41
C ASP B 127 -19.27 12.60 36.85
N LYS B 128 -20.48 12.08 37.05
CA LYS B 128 -20.97 11.75 38.38
C LYS B 128 -20.50 10.36 38.84
N VAL B 129 -20.41 9.41 37.92
CA VAL B 129 -19.99 8.04 38.27
C VAL B 129 -18.48 8.01 38.19
N ARG B 130 -17.83 8.42 39.28
CA ARG B 130 -16.39 8.43 39.38
C ARG B 130 -16.02 8.81 40.81
N PRO B 131 -14.78 8.55 41.23
CA PRO B 131 -14.37 8.93 42.58
C PRO B 131 -14.49 10.44 42.79
N ALA B 132 -14.92 10.82 43.99
CA ALA B 132 -15.10 12.22 44.34
C ALA B 132 -14.79 12.41 45.81
N CYS B 133 -14.18 13.55 46.14
CA CYS B 133 -13.83 13.86 47.52
C CYS B 133 -13.55 15.36 47.60
N GLN B 134 -13.25 15.82 48.81
CA GLN B 134 -12.95 17.22 49.07
C GLN B 134 -11.44 17.50 49.11
N HIS B 135 -10.63 16.51 48.74
CA HIS B 135 -9.18 16.69 48.76
C HIS B 135 -8.75 17.63 47.63
N LYS B 136 -7.49 18.09 47.72
CA LYS B 136 -6.96 19.01 46.73
C LYS B 136 -6.86 18.37 45.35
N GLN B 137 -6.93 17.04 45.26
CA GLN B 137 -6.84 16.37 43.97
C GLN B 137 -8.04 16.67 43.08
N ARG B 138 -9.13 17.20 43.65
CA ARG B 138 -10.33 17.55 42.89
C ARG B 138 -10.58 19.05 42.89
N ARG B 139 -9.51 19.85 43.03
CA ARG B 139 -9.59 21.30 43.04
C ARG B 139 -8.75 21.85 41.89
N CYS B 140 -8.65 23.18 41.84
CA CYS B 140 -7.89 23.88 40.82
C CYS B 140 -6.89 24.83 41.47
N SER B 141 -5.79 25.07 40.78
CA SER B 141 -4.74 25.95 41.28
C SER B 141 -4.11 26.66 40.07
N LEU B 142 -3.00 27.36 40.32
CA LEU B 142 -2.33 28.08 39.24
C LEU B 142 -1.81 27.12 38.18
N ALA B 143 -1.26 25.98 38.59
CA ALA B 143 -0.71 25.04 37.62
C ALA B 143 -1.78 24.52 36.68
N SER B 144 -2.96 24.18 37.21
CA SER B 144 -4.03 23.65 36.38
C SER B 144 -4.58 24.72 35.44
N VAL B 145 -4.68 25.96 35.92
CA VAL B 145 -5.22 27.07 35.13
C VAL B 145 -4.06 27.67 34.35
N GLU B 146 -4.00 27.36 33.05
CA GLU B 146 -2.96 27.86 32.17
C GLU B 146 -3.42 29.03 31.31
N MET B 147 -4.56 29.65 31.67
CA MET B 147 -5.08 30.77 30.90
C MET B 147 -4.19 32.00 31.01
N SER B 148 -3.36 32.10 32.04
CA SER B 148 -2.46 33.23 32.26
C SER B 148 -1.02 32.90 31.90
N ALA B 149 -0.82 32.09 30.86
CA ALA B 149 0.51 31.70 30.41
C ALA B 149 1.29 31.02 31.54
N VAL B 150 0.64 30.05 32.18
CA VAL B 150 1.24 29.27 33.25
C VAL B 150 1.66 27.91 32.70
N ALA B 151 2.90 27.53 32.97
CA ALA B 151 3.40 26.26 32.46
C ALA B 151 2.62 25.11 33.08
N PRO B 152 2.27 24.08 32.31
CA PRO B 152 1.51 22.96 32.87
C PRO B 152 2.39 22.12 33.79
N PRO B 153 1.78 21.29 34.64
CA PRO B 153 2.58 20.46 35.53
C PRO B 153 3.50 19.55 34.74
N PRO B 154 4.70 19.28 35.24
CA PRO B 154 5.62 18.39 34.51
C PRO B 154 4.99 17.03 34.26
N ALA B 155 4.90 16.67 32.98
CA ALA B 155 4.33 15.39 32.58
C ALA B 155 4.84 15.03 31.20
N SER B 156 4.84 13.73 30.91
CA SER B 156 5.29 13.21 29.62
C SER B 156 4.15 12.98 28.64
N ASN B 157 2.95 13.44 28.96
CA ASN B 157 1.77 13.25 28.11
C ASN B 157 1.54 14.42 27.17
N GLY B 158 2.47 15.38 27.10
CA GLY B 158 2.33 16.51 26.20
C GLY B 158 2.29 17.84 26.93
N ASN B 159 2.84 17.88 28.14
CA ASN B 159 2.89 19.10 28.94
C ASN B 159 4.30 19.62 29.11
N LEU B 160 5.23 18.80 29.59
CA LEU B 160 6.62 19.23 29.73
C LEU B 160 7.31 19.30 28.37
N LEU B 161 6.97 18.37 27.48
CA LEU B 161 7.61 18.36 26.16
C LEU B 161 7.09 19.48 25.27
N TYR B 162 5.84 19.90 25.49
CA TYR B 162 5.26 20.96 24.65
C TYR B 162 6.03 22.26 24.81
N ILE B 163 6.40 22.62 26.05
CA ILE B 163 7.14 23.85 26.28
C ILE B 163 8.60 23.76 25.90
N GLY B 164 9.09 22.57 25.57
CA GLY B 164 10.47 22.39 25.20
C GLY B 164 10.74 22.61 23.71
N PHE B 165 10.01 21.90 22.87
CA PHE B 165 10.18 21.99 21.42
C PHE B 165 9.22 22.97 20.76
N ARG B 166 7.94 22.95 21.16
CA ARG B 166 6.95 23.86 20.57
C ARG B 166 6.96 25.24 21.21
N GLY B 167 7.73 25.43 22.27
CA GLY B 167 7.81 26.73 22.92
C GLY B 167 8.76 27.68 22.20
N LEU B 168 8.36 28.14 21.03
CA LEU B 168 9.20 29.05 20.25
C LEU B 168 9.27 30.42 20.92
N ASP B 169 10.28 31.19 20.53
CA ASP B 169 10.50 32.53 21.07
C ASP B 169 10.66 32.48 22.59
N GLY B 170 11.34 31.43 23.07
CA GLY B 170 11.57 31.27 24.50
C GLY B 170 13.03 31.07 24.83
N VAL B 171 13.30 30.58 26.05
CA VAL B 171 14.69 30.39 26.47
C VAL B 171 15.36 29.31 25.62
N HIS B 172 14.61 28.28 25.22
CA HIS B 172 15.20 27.20 24.43
C HIS B 172 15.70 27.72 23.08
N CYS B 173 14.93 28.60 22.43
CA CYS B 173 15.26 29.11 21.11
C CYS B 173 15.99 30.44 21.19
N VAL B 174 15.39 31.43 21.85
CA VAL B 174 15.97 32.77 21.95
C VAL B 174 16.08 33.16 23.42
N PRO B 175 17.18 32.83 24.10
CA PRO B 175 17.33 33.22 25.52
C PRO B 175 17.69 34.69 25.68
N THR B 176 16.73 35.56 25.40
CA THR B 176 16.97 36.99 25.52
C THR B 176 17.36 37.40 26.93
N PRO B 177 16.70 36.94 27.99
CA PRO B 177 17.11 37.35 29.34
C PRO B 177 18.54 36.94 29.63
N ASP B 178 19.24 37.81 30.37
CA ASP B 178 20.64 37.57 30.72
C ASP B 178 20.68 36.60 31.89
N SER B 179 20.93 35.32 31.60
CA SER B 179 21.01 34.31 32.64
C SER B 179 22.32 34.39 33.41
N GLY B 180 23.40 34.80 32.75
CA GLY B 180 24.70 34.87 33.41
C GLY B 180 25.23 33.53 33.84
N VAL B 181 24.99 32.48 33.05
CA VAL B 181 25.46 31.14 33.34
C VAL B 181 26.40 30.62 32.27
N VAL B 182 26.06 30.84 30.99
CA VAL B 182 26.92 30.36 29.90
C VAL B 182 28.28 31.05 29.95
N CYS B 183 28.28 32.37 30.15
CA CYS B 183 29.50 33.16 30.23
C CYS B 183 29.72 33.78 31.60
N GLY B 184 28.95 33.36 32.61
CA GLY B 184 29.07 33.91 33.94
C GLY B 184 29.42 32.87 34.98
N ARG B 185 29.10 31.60 34.70
CA ARG B 185 29.35 30.49 35.60
C ARG B 185 30.19 29.44 34.88
N MET B 186 30.53 28.37 35.62
CA MET B 186 31.32 27.27 35.10
C MET B 186 30.46 26.02 34.86
N ALA B 187 29.19 26.21 34.53
CA ALA B 187 28.27 25.10 34.29
C ALA B 187 28.49 24.58 32.88
N CYS B 188 29.52 23.75 32.74
CA CYS B 188 29.87 23.14 31.45
C CYS B 188 30.16 24.20 30.38
N SER B 189 30.69 25.35 30.80
CA SER B 189 31.01 26.42 29.88
C SER B 189 32.02 27.34 30.53
N PRO B 190 32.94 27.93 29.77
CA PRO B 190 33.93 28.84 30.37
C PRO B 190 33.29 30.15 30.81
N THR B 191 33.96 30.82 31.74
CA THR B 191 33.51 32.09 32.29
C THR B 191 34.37 33.21 31.70
N HIS B 192 33.84 33.87 30.66
CA HIS B 192 34.52 35.00 30.03
C HIS B 192 35.94 34.62 29.60
N ASP B 193 36.08 33.44 29.04
CA ASP B 193 37.38 32.94 28.55
C ASP B 193 37.44 33.20 27.06
N GLU B 194 38.01 34.35 26.69
CA GLU B 194 38.14 34.72 25.28
C GLU B 194 39.32 34.04 24.59
N HIS B 195 40.21 33.41 25.34
CA HIS B 195 41.38 32.73 24.79
C HIS B 195 41.22 31.21 24.81
N LEU B 196 39.99 30.74 24.59
CA LEU B 196 39.71 29.30 24.57
C LEU B 196 40.08 28.76 23.20
N LEU B 197 41.39 28.58 22.99
CA LEU B 197 41.94 28.07 21.75
C LEU B 197 42.38 26.63 21.96
N HIS B 198 41.86 25.73 21.14
CA HIS B 198 42.21 24.31 21.21
C HIS B 198 43.43 24.07 20.31
N GLY B 199 44.61 24.34 20.87
CA GLY B 199 45.83 24.22 20.11
C GLY B 199 46.05 25.32 19.10
N GLY B 200 45.43 26.48 19.29
CA GLY B 200 45.54 27.59 18.37
C GLY B 200 44.34 27.79 17.48
N GLN B 201 43.44 26.80 17.39
CA GLN B 201 42.26 26.92 16.57
C GLN B 201 41.17 27.69 17.31
N PRO B 202 40.18 28.22 16.58
CA PRO B 202 39.08 28.93 17.25
C PRO B 202 38.24 27.98 18.08
N PRO B 203 37.20 28.49 18.75
CA PRO B 203 36.34 27.59 19.55
C PRO B 203 35.77 26.44 18.74
N GLU B 204 35.41 26.68 17.48
CA GLU B 204 34.89 25.65 16.61
C GLU B 204 36.04 24.99 15.85
N GLY B 205 36.10 23.65 15.91
CA GLY B 205 37.19 22.94 15.26
C GLY B 205 37.22 23.17 13.76
N ASP B 206 36.05 23.14 13.12
CA ASP B 206 35.96 23.33 11.68
C ASP B 206 34.63 23.98 11.31
N PRO B 207 34.64 25.14 10.66
CA PRO B 207 33.35 25.74 10.23
C PRO B 207 32.57 24.84 9.28
N ASP B 208 33.23 23.95 8.53
CA ASP B 208 32.52 23.06 7.63
C ASP B 208 31.59 22.12 8.40
N LEU B 209 31.97 21.74 9.62
CA LEU B 209 31.11 20.86 10.42
C LEU B 209 29.78 21.53 10.74
N ALA B 210 29.78 22.84 10.97
CA ALA B 210 28.54 23.55 11.23
C ALA B 210 27.60 23.46 10.04
N LYS B 211 28.14 23.60 8.83
CA LYS B 211 27.30 23.44 7.63
C LYS B 211 26.78 22.03 7.51
N ILE B 212 27.60 21.03 7.85
CA ILE B 212 27.15 19.65 7.81
C ILE B 212 26.04 19.42 8.83
N LEU B 213 26.14 20.09 9.98
CA LEU B 213 25.11 19.93 11.00
C LEU B 213 23.75 20.39 10.48
N GLU B 214 23.70 21.49 9.75
CA GLU B 214 22.44 21.96 9.18
C GLU B 214 21.87 20.94 8.21
N GLU B 215 22.72 20.36 7.35
CA GLU B 215 22.26 19.32 6.44
C GLU B 215 21.86 18.06 7.21
N VAL B 216 22.66 17.68 8.21
CA VAL B 216 22.32 16.52 9.03
C VAL B 216 21.03 16.78 9.80
N ARG B 217 20.90 17.99 10.37
CA ARG B 217 19.68 18.32 11.10
C ARG B 217 18.47 18.31 10.18
N TYR B 218 18.63 18.74 8.92
CA TYR B 218 17.51 18.70 7.98
C TYR B 218 17.05 17.28 7.76
N ILE B 219 17.98 16.33 7.60
CA ILE B 219 17.61 14.93 7.45
C ILE B 219 16.91 14.44 8.71
N ALA B 220 17.45 14.77 9.88
CA ALA B 220 16.80 14.41 11.13
C ALA B 220 15.46 15.12 11.27
N ASN B 221 15.40 16.40 10.86
CA ASN B 221 14.14 17.13 10.90
C ASN B 221 13.14 16.64 9.86
N ARG B 222 13.62 15.95 8.82
CA ARG B 222 12.70 15.41 7.82
C ARG B 222 11.77 14.38 8.44
N PHE B 223 12.31 13.53 9.32
CA PHE B 223 11.46 12.56 10.02
C PHE B 223 10.61 13.22 11.10
N ARG B 224 11.08 14.34 11.65
CA ARG B 224 10.32 15.03 12.69
C ARG B 224 8.98 15.52 12.15
N CYS B 225 8.98 16.12 10.95
CA CYS B 225 7.73 16.54 10.34
C CYS B 225 6.95 15.35 9.80
N GLN B 226 7.64 14.31 9.35
CA GLN B 226 6.96 13.10 8.90
C GLN B 226 6.21 12.44 10.05
N ASP B 227 6.83 12.39 11.24
CA ASP B 227 6.15 11.85 12.41
C ASP B 227 5.06 12.78 12.90
N GLU B 228 5.25 14.10 12.74
CA GLU B 228 4.22 15.05 13.12
C GLU B 228 2.98 14.91 12.23
N SER B 229 3.18 14.59 10.96
CA SER B 229 2.04 14.37 10.07
C SER B 229 1.19 13.19 10.55
N GLU B 230 1.85 12.14 11.04
CA GLU B 230 1.10 11.02 11.62
C GLU B 230 0.35 11.46 12.88
N ALA B 231 0.97 12.32 13.69
CA ALA B 231 0.28 12.85 14.86
C ALA B 231 -0.94 13.67 14.45
N VAL B 232 -0.80 14.48 13.40
CA VAL B 232 -1.96 15.21 12.88
C VAL B 232 -2.99 14.23 12.34
N CYS B 233 -2.53 13.20 11.61
CA CYS B 233 -3.46 12.17 11.14
C CYS B 233 -4.08 11.41 12.30
N SER B 234 -3.34 11.26 13.40
CA SER B 234 -3.90 10.59 14.57
C SER B 234 -5.07 11.39 15.15
N GLU B 235 -5.03 12.72 15.05
CA GLU B 235 -6.16 13.53 15.47
C GLU B 235 -7.39 13.25 14.62
N TRP B 236 -7.19 13.05 13.31
CA TRP B 236 -8.30 12.71 12.43
C TRP B 236 -8.79 11.28 12.64
N LYS B 237 -7.92 10.39 13.11
CA LYS B 237 -8.35 9.03 13.42
C LYS B 237 -9.36 9.03 14.55
N PHE B 238 -9.14 9.84 15.58
CA PHE B 238 -10.11 9.95 16.66
C PHE B 238 -11.33 10.75 16.21
N ALA B 239 -11.15 11.70 15.29
CA ALA B 239 -12.28 12.45 14.77
C ALA B 239 -13.26 11.55 14.03
N ALA B 240 -12.77 10.44 13.45
CA ALA B 240 -13.67 9.50 12.80
C ALA B 240 -14.64 8.89 13.80
N CYS B 241 -14.16 8.57 15.00
CA CYS B 241 -15.04 8.05 16.05
C CYS B 241 -16.09 9.07 16.47
N VAL B 242 -15.81 10.36 16.33
CA VAL B 242 -16.78 11.38 16.73
C VAL B 242 -18.04 11.26 15.88
N VAL B 243 -17.88 11.14 14.57
CA VAL B 243 -19.03 10.99 13.69
C VAL B 243 -19.51 9.54 13.66
N ASP B 244 -18.59 8.57 13.75
CA ASP B 244 -18.99 7.17 13.74
C ASP B 244 -19.81 6.83 14.98
N ARG B 245 -19.40 7.31 16.14
CA ARG B 245 -20.17 7.05 17.36
C ARG B 245 -21.47 7.84 17.36
N LEU B 246 -21.43 9.10 16.89
CA LEU B 246 -22.64 9.90 16.82
C LEU B 246 -23.65 9.27 15.87
N CYS B 247 -23.19 8.80 14.71
CA CYS B 247 -24.09 8.15 13.77
C CYS B 247 -24.53 6.78 14.29
N LEU B 248 -23.65 6.07 14.99
CA LEU B 248 -24.02 4.77 15.54
C LEU B 248 -25.15 4.91 16.55
N MET B 249 -25.08 5.91 17.43
CA MET B 249 -26.14 6.12 18.40
C MET B 249 -27.42 6.62 17.73
N ALA B 250 -27.28 7.48 16.73
CA ALA B 250 -28.46 7.98 16.03
C ALA B 250 -29.19 6.87 15.30
N PHE B 251 -28.44 5.98 14.63
CA PHE B 251 -29.08 4.86 13.94
C PHE B 251 -29.64 3.84 14.92
N SER B 252 -29.03 3.72 16.10
CA SER B 252 -29.57 2.79 17.10
C SER B 252 -30.96 3.20 17.53
N VAL B 253 -31.18 4.50 17.73
CA VAL B 253 -32.51 4.98 18.11
C VAL B 253 -33.50 4.72 16.97
N PHE B 254 -33.08 4.98 15.73
CA PHE B 254 -33.97 4.73 14.60
C PHE B 254 -34.29 3.24 14.48
N THR B 255 -33.31 2.37 14.68
CA THR B 255 -33.56 0.94 14.62
C THR B 255 -34.54 0.52 15.71
N ILE B 256 -34.39 1.07 16.93
CA ILE B 256 -35.31 0.75 18.00
C ILE B 256 -36.73 1.21 17.65
N ILE B 257 -36.84 2.42 17.09
CA ILE B 257 -38.15 2.94 16.71
C ILE B 257 -38.79 2.05 15.66
N CYS B 258 -38.01 1.64 14.65
CA CYS B 258 -38.53 0.75 13.62
C CYS B 258 -38.95 -0.59 14.21
N THR B 259 -38.14 -1.13 15.13
CA THR B 259 -38.48 -2.40 15.76
C THR B 259 -39.77 -2.29 16.57
N ILE B 260 -39.94 -1.18 17.29
CA ILE B 260 -41.16 -0.99 18.08
C ILE B 260 -42.38 -0.95 17.17
N GLY B 261 -42.29 -0.21 16.06
CA GLY B 261 -43.42 -0.16 15.14
C GLY B 261 -43.74 -1.50 14.52
N ILE B 262 -42.70 -2.28 14.22
CA ILE B 262 -42.92 -3.60 13.61
C ILE B 262 -43.68 -4.50 14.58
N LEU B 263 -43.30 -4.47 15.87
CA LEU B 263 -43.95 -5.32 16.86
C LEU B 263 -45.41 -4.95 17.06
N MET B 264 -45.81 -3.73 16.71
CA MET B 264 -47.20 -3.31 16.88
C MET B 264 -48.05 -3.61 15.66
N SER B 265 -47.46 -3.62 14.46
CA SER B 265 -48.20 -3.89 13.24
C SER B 265 -48.08 -5.35 12.78
N ALA B 266 -47.08 -6.08 13.26
CA ALA B 266 -46.93 -7.47 12.86
C ALA B 266 -48.15 -8.32 13.20
N PRO B 267 -48.75 -8.23 14.40
CA PRO B 267 -49.92 -9.07 14.69
C PRO B 267 -51.09 -8.81 13.75
N ASN B 268 -51.20 -7.62 13.16
CA ASN B 268 -52.30 -7.30 12.27
C ASN B 268 -51.90 -7.31 10.79
N PHE B 269 -50.61 -7.25 10.48
CA PHE B 269 -50.14 -7.27 9.10
C PHE B 269 -49.31 -8.50 8.78
N VAL B 270 -48.29 -8.79 9.59
CA VAL B 270 -47.45 -9.95 9.36
C VAL B 270 -48.04 -11.17 10.06
N LEU C 7 -32.34 -38.81 -1.83
CA LEU C 7 -31.49 -37.75 -1.35
C LEU C 7 -31.00 -36.88 -2.51
N TYR C 8 -31.91 -36.57 -3.43
CA TYR C 8 -31.55 -35.73 -4.58
C TYR C 8 -31.08 -34.36 -4.12
N TYR C 9 -31.95 -33.62 -3.45
CA TYR C 9 -31.62 -32.29 -2.95
C TYR C 9 -30.81 -32.32 -1.66
N GLY C 10 -30.77 -33.47 -0.98
CA GLY C 10 -29.99 -33.58 0.24
C GLY C 10 -28.50 -33.53 -0.01
N LEU C 11 -28.00 -34.42 -0.87
CA LEU C 11 -26.58 -34.43 -1.18
C LEU C 11 -26.17 -33.17 -1.94
N ASN C 12 -27.09 -32.55 -2.66
CA ASN C 12 -26.79 -31.34 -3.42
C ASN C 12 -26.80 -30.08 -2.55
N LEU C 13 -27.29 -30.16 -1.32
CA LEU C 13 -27.35 -29.02 -0.42
C LEU C 13 -26.62 -29.25 0.90
N LEU C 14 -26.66 -30.46 1.44
CA LEU C 14 -25.96 -30.73 2.70
C LEU C 14 -24.44 -30.76 2.49
N ILE C 15 -23.99 -31.46 1.43
CA ILE C 15 -22.55 -31.58 1.21
C ILE C 15 -21.89 -30.24 0.98
N PRO C 16 -22.40 -29.35 0.13
CA PRO C 16 -21.76 -28.04 -0.03
C PRO C 16 -21.64 -27.25 1.25
N CYS C 17 -22.59 -27.41 2.18
CA CYS C 17 -22.54 -26.67 3.43
C CYS C 17 -21.25 -26.97 4.19
N VAL C 18 -20.77 -28.21 4.11
CA VAL C 18 -19.51 -28.57 4.76
C VAL C 18 -18.36 -27.77 4.16
N LEU C 19 -18.32 -27.66 2.83
CA LEU C 19 -17.26 -26.90 2.18
C LEU C 19 -17.31 -25.43 2.58
N ILE C 20 -18.51 -24.85 2.65
CA ILE C 20 -18.64 -23.45 3.04
C ILE C 20 -18.11 -23.24 4.44
N SER C 21 -18.50 -24.13 5.37
CA SER C 21 -17.99 -24.03 6.74
C SER C 21 -16.52 -24.38 6.82
N ALA C 22 -16.07 -25.35 6.02
CA ALA C 22 -14.66 -25.74 6.05
C ALA C 22 -13.77 -24.64 5.48
N LEU C 23 -14.26 -23.93 4.46
CA LEU C 23 -13.45 -22.86 3.87
C LEU C 23 -13.19 -21.75 4.85
N ALA C 24 -14.10 -21.52 5.80
CA ALA C 24 -13.89 -20.47 6.79
C ALA C 24 -12.71 -20.76 7.70
N LEU C 25 -12.40 -22.04 7.92
CA LEU C 25 -11.27 -22.40 8.78
C LEU C 25 -9.96 -21.89 8.19
N LEU C 26 -9.79 -22.01 6.87
CA LEU C 26 -8.56 -21.56 6.23
C LEU C 26 -8.40 -20.05 6.37
N VAL C 27 -9.51 -19.31 6.43
CA VAL C 27 -9.44 -17.86 6.57
C VAL C 27 -8.83 -17.48 7.92
N PHE C 28 -9.19 -18.24 8.97
CA PHE C 28 -8.68 -17.91 10.30
C PHE C 28 -7.16 -18.07 10.39
N LEU C 29 -6.57 -18.92 9.54
CA LEU C 29 -5.14 -19.15 9.57
C LEU C 29 -4.33 -17.97 9.04
N LEU C 30 -4.97 -17.03 8.34
CA LEU C 30 -4.25 -15.89 7.81
C LEU C 30 -3.83 -14.94 8.94
N PRO C 31 -2.59 -14.43 8.91
CA PRO C 31 -2.19 -13.48 9.96
C PRO C 31 -2.97 -12.17 9.89
N ALA C 32 -2.73 -11.28 10.85
CA ALA C 32 -3.43 -10.00 10.85
C ALA C 32 -2.98 -9.10 9.71
N ASP C 33 -1.70 -9.18 9.33
CA ASP C 33 -1.17 -8.33 8.27
C ASP C 33 -1.78 -8.64 6.91
N SER C 34 -2.47 -9.76 6.76
CA SER C 34 -3.07 -10.12 5.47
C SER C 34 -4.22 -9.15 5.18
N GLY C 35 -4.01 -8.25 4.22
CA GLY C 35 -5.04 -7.29 3.85
C GLY C 35 -6.19 -7.90 3.07
N GLU C 36 -5.96 -9.05 2.44
CA GLU C 36 -6.99 -9.72 1.66
C GLU C 36 -7.77 -10.76 2.47
N LYS C 37 -7.50 -10.88 3.76
CA LYS C 37 -8.22 -11.86 4.58
C LYS C 37 -9.71 -11.53 4.63
N ILE C 38 -10.05 -10.26 4.77
CA ILE C 38 -11.46 -9.86 4.81
C ILE C 38 -12.14 -10.17 3.49
N SER C 39 -11.44 -9.93 2.38
CA SER C 39 -12.00 -10.22 1.06
C SER C 39 -12.26 -11.72 0.90
N LEU C 40 -11.34 -12.55 1.39
CA LEU C 40 -11.51 -13.99 1.27
C LEU C 40 -12.75 -14.45 2.05
N GLY C 41 -12.96 -13.90 3.24
CA GLY C 41 -14.12 -14.28 4.04
C GLY C 41 -15.43 -13.78 3.50
N ILE C 42 -15.41 -12.70 2.72
CA ILE C 42 -16.64 -12.18 2.14
C ILE C 42 -17.20 -13.14 1.10
N THR C 43 -16.31 -13.76 0.31
CA THR C 43 -16.77 -14.70 -0.70
C THR C 43 -17.46 -15.91 -0.08
N VAL C 44 -17.02 -16.31 1.11
CA VAL C 44 -17.66 -17.45 1.78
C VAL C 44 -19.12 -17.14 2.08
N LEU C 45 -19.39 -15.93 2.59
CA LEU C 45 -20.77 -15.54 2.86
C LEU C 45 -21.53 -15.26 1.57
N LEU C 46 -20.86 -14.74 0.55
CA LEU C 46 -21.53 -14.46 -0.71
C LEU C 46 -22.05 -15.73 -1.35
N SER C 47 -21.26 -16.81 -1.32
CA SER C 47 -21.69 -18.07 -1.91
C SER C 47 -22.82 -18.72 -1.11
N LEU C 48 -22.94 -18.39 0.18
CA LEU C 48 -24.02 -18.96 0.98
C LEU C 48 -25.37 -18.39 0.57
N THR C 49 -25.41 -17.13 0.16
CA THR C 49 -26.69 -16.52 -0.24
C THR C 49 -27.26 -17.22 -1.48
N VAL C 50 -26.41 -17.71 -2.37
CA VAL C 50 -26.90 -18.41 -3.56
C VAL C 50 -27.67 -19.66 -3.17
N PHE C 51 -27.13 -20.42 -2.21
CA PHE C 51 -27.82 -21.62 -1.74
C PHE C 51 -29.05 -21.28 -0.92
N MET C 52 -29.04 -20.13 -0.25
CA MET C 52 -30.19 -19.74 0.57
C MET C 52 -31.44 -19.57 -0.28
N LEU C 53 -31.31 -18.96 -1.46
CA LEU C 53 -32.47 -18.76 -2.31
C LEU C 53 -33.07 -20.11 -2.74
N LEU C 54 -32.23 -21.08 -3.08
CA LEU C 54 -32.73 -22.39 -3.47
C LEU C 54 -33.47 -23.05 -2.33
N VAL C 55 -32.94 -22.96 -1.11
CA VAL C 55 -33.60 -23.57 0.04
C VAL C 55 -34.95 -22.91 0.29
N ALA C 56 -35.04 -21.59 0.11
CA ALA C 56 -36.30 -20.90 0.34
C ALA C 56 -37.39 -21.40 -0.60
N GLU C 57 -37.05 -21.60 -1.87
CA GLU C 57 -38.04 -22.11 -2.82
C GLU C 57 -38.50 -23.51 -2.44
N ILE C 58 -37.59 -24.36 -1.98
CA ILE C 58 -37.95 -25.72 -1.59
C ILE C 58 -38.92 -25.70 -0.41
N MET C 59 -38.71 -24.77 0.52
CA MET C 59 -39.58 -24.70 1.69
C MET C 59 -40.99 -24.35 1.26
N PRO C 60 -42.00 -25.12 1.66
CA PRO C 60 -43.38 -24.76 1.30
C PRO C 60 -43.77 -23.40 1.84
N SER C 61 -44.56 -22.67 1.05
CA SER C 61 -45.04 -21.35 1.44
C SER C 61 -46.19 -21.53 2.42
N THR C 62 -45.85 -21.57 3.72
CA THR C 62 -46.83 -21.75 4.77
C THR C 62 -47.11 -20.41 5.46
N SER C 63 -47.95 -20.44 6.49
CA SER C 63 -48.33 -19.25 7.24
C SER C 63 -47.54 -19.12 8.54
N ASP C 64 -47.53 -20.17 9.37
CA ASP C 64 -46.80 -20.12 10.64
C ASP C 64 -46.05 -21.42 10.93
N SER C 65 -46.02 -22.36 9.99
CA SER C 65 -45.33 -23.64 10.17
C SER C 65 -43.95 -23.52 9.55
N SER C 66 -42.94 -23.30 10.38
CA SER C 66 -41.58 -23.14 9.89
C SER C 66 -40.94 -24.52 9.72
N PRO C 67 -40.51 -24.89 8.50
CA PRO C 67 -39.84 -26.19 8.34
C PRO C 67 -38.53 -26.24 9.11
N SER C 68 -38.17 -27.47 9.51
CA SER C 68 -36.93 -27.66 10.27
C SER C 68 -35.70 -27.25 9.46
N ILE C 69 -35.78 -27.27 8.13
CA ILE C 69 -34.64 -26.88 7.30
C ILE C 69 -34.28 -25.41 7.51
N ALA C 70 -35.23 -24.60 7.97
CA ALA C 70 -34.94 -23.18 8.16
C ALA C 70 -33.84 -22.97 9.20
N GLN C 71 -33.86 -23.75 10.28
CA GLN C 71 -32.83 -23.63 11.31
C GLN C 71 -31.55 -24.37 10.94
N TYR C 72 -31.63 -25.38 10.09
CA TYR C 72 -30.43 -26.11 9.71
C TYR C 72 -29.46 -25.22 8.93
N PHE C 73 -29.97 -24.53 7.90
CA PHE C 73 -29.12 -23.63 7.13
C PHE C 73 -28.85 -22.32 7.85
N ALA C 74 -29.71 -21.95 8.82
CA ALA C 74 -29.48 -20.72 9.55
C ALA C 74 -28.20 -20.79 10.38
N SER C 75 -27.94 -21.95 11.00
CA SER C 75 -26.73 -22.09 11.81
C SER C 75 -25.47 -21.96 10.96
N THR C 76 -25.55 -22.34 9.67
CA THR C 76 -24.39 -22.22 8.81
C THR C 76 -23.98 -20.76 8.62
N MET C 77 -24.96 -19.87 8.44
CA MET C 77 -24.66 -18.46 8.27
C MET C 77 -24.07 -17.85 9.54
N ILE C 78 -24.45 -18.36 10.71
CA ILE C 78 -23.92 -17.83 11.96
C ILE C 78 -22.42 -18.05 12.04
N ILE C 79 -21.97 -19.25 11.69
CA ILE C 79 -20.54 -19.55 11.70
C ILE C 79 -19.82 -18.70 10.66
N VAL C 80 -20.38 -18.63 9.45
CA VAL C 80 -19.76 -17.82 8.40
C VAL C 80 -19.84 -16.35 8.76
N GLY C 81 -21.00 -15.89 9.26
CA GLY C 81 -21.13 -14.49 9.63
C GLY C 81 -20.19 -14.11 10.76
N LEU C 82 -20.08 -14.97 11.78
CA LEU C 82 -19.16 -14.69 12.88
C LEU C 82 -17.71 -14.73 12.41
N SER C 83 -17.40 -15.57 11.42
CA SER C 83 -16.03 -15.64 10.91
C SER C 83 -15.62 -14.31 10.30
N VAL C 84 -16.52 -13.66 9.56
CA VAL C 84 -16.21 -12.36 8.97
C VAL C 84 -15.98 -11.33 10.07
N VAL C 85 -16.81 -11.36 11.11
CA VAL C 85 -16.64 -10.43 12.22
C VAL C 85 -15.29 -10.64 12.90
N VAL C 86 -14.88 -11.89 13.06
CA VAL C 86 -13.59 -12.18 13.69
C VAL C 86 -12.46 -11.56 12.88
N THR C 87 -12.51 -11.74 11.55
CA THR C 87 -11.49 -11.14 10.69
C THR C 87 -11.54 -9.62 10.74
N VAL C 88 -12.76 -9.05 10.83
CA VAL C 88 -12.89 -7.60 10.92
C VAL C 88 -12.28 -7.09 12.22
N ILE C 89 -12.47 -7.83 13.31
CA ILE C 89 -11.91 -7.42 14.60
C ILE C 89 -10.39 -7.43 14.54
N VAL C 90 -9.82 -8.39 13.80
CA VAL C 90 -8.36 -8.47 13.69
C VAL C 90 -7.82 -7.24 13.00
N LEU C 91 -8.55 -6.69 12.03
CA LEU C 91 -8.09 -5.49 11.33
C LEU C 91 -7.88 -4.31 12.28
N GLN C 92 -8.58 -4.29 13.41
CA GLN C 92 -8.41 -3.22 14.39
C GLN C 92 -7.20 -3.42 15.28
N TYR C 93 -6.54 -4.59 15.20
CA TYR C 93 -5.35 -4.84 16.02
C TYR C 93 -4.16 -4.02 15.57
N HIS C 94 -4.17 -3.51 14.34
CA HIS C 94 -3.05 -2.72 13.86
C HIS C 94 -3.02 -1.34 14.49
N HIS C 95 -4.19 -0.74 14.74
CA HIS C 95 -4.26 0.58 15.36
C HIS C 95 -4.43 0.48 16.87
N HIS C 96 -5.52 -0.13 17.33
CA HIS C 96 -5.81 -0.33 18.74
C HIS C 96 -5.38 0.88 19.57
N ASP C 97 -5.87 2.05 19.15
CA ASP C 97 -5.48 3.29 19.80
C ASP C 97 -6.07 3.37 21.20
N PRO C 98 -5.48 4.18 22.08
CA PRO C 98 -6.00 4.30 23.45
C PRO C 98 -7.32 5.04 23.55
N ASP C 99 -7.86 5.56 22.44
CA ASP C 99 -9.11 6.31 22.48
C ASP C 99 -10.30 5.47 22.86
N GLY C 100 -10.18 4.14 22.83
CA GLY C 100 -11.28 3.26 23.18
C GLY C 100 -11.32 2.04 22.28
N GLY C 101 -11.51 0.86 22.89
CA GLY C 101 -11.54 -0.36 22.12
C GLY C 101 -10.54 -1.39 22.64
N LYS C 102 -9.53 -1.70 21.82
CA LYS C 102 -8.55 -2.71 22.16
C LYS C 102 -7.48 -2.11 23.07
N MET C 103 -6.39 -2.86 23.28
CA MET C 103 -5.32 -2.49 24.20
C MET C 103 -5.84 -2.43 25.62
N PRO C 104 -6.33 -3.53 26.19
CA PRO C 104 -6.66 -3.54 27.62
C PRO C 104 -5.42 -3.74 28.47
N LYS C 105 -5.43 -3.13 29.65
CA LYS C 105 -4.27 -3.20 30.53
C LYS C 105 -4.05 -4.60 31.07
N TRP C 106 -5.13 -5.36 31.27
CA TRP C 106 -5.04 -6.69 31.86
C TRP C 106 -5.06 -7.80 30.81
N THR C 107 -5.85 -7.65 29.75
CA THR C 107 -5.95 -8.71 28.75
C THR C 107 -4.65 -8.90 27.97
N ARG C 108 -3.85 -7.84 27.85
CA ARG C 108 -2.60 -7.94 27.09
C ARG C 108 -1.67 -8.99 27.70
N VAL C 109 -1.68 -9.14 29.03
CA VAL C 109 -0.88 -10.17 29.67
C VAL C 109 -1.41 -11.55 29.31
N ILE C 110 -2.74 -11.70 29.25
CA ILE C 110 -3.33 -12.99 28.91
C ILE C 110 -2.99 -13.38 27.48
N LEU C 111 -3.01 -12.41 26.57
CA LEU C 111 -2.72 -12.72 25.16
C LEU C 111 -1.30 -13.24 25.01
N LEU C 112 -0.34 -12.62 25.70
CA LEU C 112 1.05 -13.08 25.61
C LEU C 112 1.19 -14.51 26.11
N ASN C 113 0.52 -14.85 27.22
CA ASN C 113 0.61 -16.20 27.76
C ASN C 113 0.06 -17.22 26.78
N TRP C 114 -1.07 -16.92 26.15
CA TRP C 114 -1.65 -17.86 25.20
C TRP C 114 -0.73 -18.10 24.01
N CYS C 115 -0.08 -17.04 23.50
CA CYS C 115 0.81 -17.20 22.37
C CYS C 115 1.98 -18.12 22.71
N ALA C 116 2.54 -17.97 23.91
CA ALA C 116 3.66 -18.82 24.32
C ALA C 116 3.20 -20.25 24.62
N TRP C 117 1.92 -20.45 24.95
CA TRP C 117 1.43 -21.78 25.24
C TRP C 117 1.25 -22.63 23.98
N PHE C 118 1.16 -22.01 22.80
CA PHE C 118 0.99 -22.77 21.58
C PHE C 118 2.20 -23.69 21.33
N LEU C 119 3.41 -23.16 21.53
CA LEU C 119 4.60 -23.99 21.35
C LEU C 119 4.74 -25.02 22.47
N ARG C 120 4.41 -24.63 23.69
CA ARG C 120 4.49 -25.51 24.87
C ARG C 120 3.21 -25.34 25.66
N MET C 121 2.20 -26.15 25.33
CA MET C 121 0.92 -26.08 26.02
C MET C 121 1.02 -26.78 27.38
N LYS C 122 0.48 -26.13 28.41
CA LYS C 122 0.49 -26.70 29.76
C LYS C 122 -0.43 -27.90 29.89
N ARG C 123 -1.34 -28.12 28.94
CA ARG C 123 -2.26 -29.23 29.01
C ARG C 123 -1.52 -30.54 28.73
N PRO C 124 -2.11 -31.68 29.11
CA PRO C 124 -1.44 -32.97 28.88
C PRO C 124 -1.18 -33.26 27.41
N GLY C 125 -1.89 -32.60 26.49
CA GLY C 125 -1.67 -32.86 25.08
C GLY C 125 -0.24 -32.63 24.65
N GLU C 126 0.39 -31.57 25.17
CA GLU C 126 1.78 -31.26 24.87
C GLU C 126 2.68 -31.24 26.09
N ASP C 127 2.16 -30.90 27.26
CA ASP C 127 2.99 -30.92 28.47
C ASP C 127 3.45 -32.33 28.80
N LYS C 128 2.58 -33.32 28.64
CA LYS C 128 2.92 -34.71 28.92
C LYS C 128 3.60 -35.39 27.74
N VAL C 129 3.22 -35.04 26.51
CA VAL C 129 3.80 -35.67 25.32
C VAL C 129 5.04 -34.86 24.96
N ARG C 130 6.15 -35.20 25.61
CA ARG C 130 7.43 -34.55 25.38
C ARG C 130 8.49 -35.29 26.19
N PRO C 131 9.77 -35.08 25.88
CA PRO C 131 10.82 -35.75 26.64
C PRO C 131 10.76 -35.38 28.11
N ALA C 132 11.00 -36.37 28.96
CA ALA C 132 10.98 -36.19 30.41
C ALA C 132 12.08 -37.01 31.04
N CYS C 133 12.76 -36.42 32.02
CA CYS C 133 13.85 -37.09 32.72
C CYS C 133 14.06 -36.40 34.06
N GLN C 134 14.93 -36.97 34.88
CA GLN C 134 15.26 -36.43 36.19
C GLN C 134 16.53 -35.57 36.17
N HIS C 135 17.07 -35.30 34.98
CA HIS C 135 18.28 -34.50 34.88
C HIS C 135 18.00 -33.05 35.25
N LYS C 136 19.08 -32.29 35.43
CA LYS C 136 18.96 -30.88 35.79
C LYS C 136 18.32 -30.05 34.68
N GLN C 137 18.24 -30.58 33.45
CA GLN C 137 17.63 -29.84 32.36
C GLN C 137 16.14 -29.65 32.55
N ARG C 138 15.52 -30.40 33.45
CA ARG C 138 14.09 -30.30 33.73
C ARG C 138 13.83 -29.80 35.14
N ARG C 139 14.75 -29.02 35.69
CA ARG C 139 14.64 -28.47 37.04
C ARG C 139 14.70 -26.94 36.97
N CYS C 140 14.71 -26.31 38.14
CA CYS C 140 14.76 -24.86 38.24
C CYS C 140 15.91 -24.46 39.15
N SER C 141 16.46 -23.28 38.88
CA SER C 141 17.57 -22.74 39.66
C SER C 141 17.42 -21.22 39.73
N LEU C 142 18.47 -20.55 40.22
CA LEU C 142 18.42 -19.10 40.35
C LEU C 142 18.32 -18.43 38.98
N ALA C 143 19.04 -18.95 37.99
CA ALA C 143 19.02 -18.33 36.66
C ALA C 143 17.62 -18.37 36.05
N SER C 144 16.93 -19.50 36.18
CA SER C 144 15.59 -19.61 35.60
C SER C 144 14.59 -18.74 36.35
N VAL C 145 14.72 -18.65 37.67
CA VAL C 145 13.81 -17.87 38.49
C VAL C 145 14.33 -16.43 38.52
N GLU C 146 13.69 -15.55 37.76
CA GLU C 146 14.06 -14.15 37.69
C GLU C 146 13.15 -13.26 38.54
N MET C 147 12.39 -13.85 39.45
CA MET C 147 11.49 -13.06 40.29
C MET C 147 12.24 -12.19 41.28
N SER C 148 13.50 -12.51 41.57
CA SER C 148 14.32 -11.74 42.52
C SER C 148 15.35 -10.89 41.80
N ALA C 149 14.98 -10.32 40.64
CA ALA C 149 15.88 -9.47 39.86
C ALA C 149 17.16 -10.21 39.50
N VAL C 150 16.99 -11.43 38.97
CA VAL C 150 18.11 -12.27 38.53
C VAL C 150 18.20 -12.19 37.02
N ALA C 151 19.40 -11.92 36.51
CA ALA C 151 19.58 -11.80 35.08
C ALA C 151 19.31 -13.15 34.41
N PRO C 152 18.62 -13.16 33.27
CA PRO C 152 18.33 -14.44 32.59
C PRO C 152 19.59 -15.04 31.99
N PRO C 153 19.58 -16.33 31.68
CA PRO C 153 20.77 -16.94 31.09
C PRO C 153 21.13 -16.25 29.79
N PRO C 154 22.43 -16.12 29.49
CA PRO C 154 22.82 -15.46 28.23
C PRO C 154 22.22 -16.17 27.02
N ALA C 155 21.41 -15.43 26.26
CA ALA C 155 20.78 -15.97 25.07
C ALA C 155 20.47 -14.82 24.12
N SER C 156 20.36 -15.15 22.83
CA SER C 156 20.06 -14.17 21.80
C SER C 156 18.57 -14.08 21.49
N ASN C 157 17.72 -14.81 22.22
CA ASN C 157 16.29 -14.82 21.98
C ASN C 157 15.54 -13.80 22.83
N GLY C 158 16.23 -12.81 23.36
CA GLY C 158 15.63 -11.77 24.17
C GLY C 158 15.99 -11.79 25.65
N ASN C 159 17.13 -12.40 26.02
CA ASN C 159 17.55 -12.45 27.41
C ASN C 159 18.81 -11.61 27.64
N LEU C 160 19.88 -11.86 26.88
CA LEU C 160 21.09 -11.08 27.04
C LEU C 160 20.93 -9.68 26.46
N LEU C 161 20.18 -9.56 25.36
CA LEU C 161 19.98 -8.26 24.73
C LEU C 161 19.03 -7.39 25.53
N TYR C 162 18.08 -8.01 26.24
CA TYR C 162 17.11 -7.22 27.01
C TYR C 162 17.80 -6.40 28.09
N ILE C 163 18.77 -7.00 28.80
CA ILE C 163 19.47 -6.29 29.87
C ILE C 163 20.47 -5.29 29.34
N GLY C 164 20.75 -5.29 28.03
CA GLY C 164 21.72 -4.38 27.46
C GLY C 164 21.13 -3.04 27.07
N PHE C 165 20.07 -3.07 26.26
CA PHE C 165 19.42 -1.86 25.76
C PHE C 165 18.23 -1.44 26.61
N ARG C 166 17.37 -2.39 27.00
CA ARG C 166 16.20 -2.08 27.80
C ARG C 166 16.50 -1.97 29.29
N GLY C 167 17.72 -2.30 29.71
CA GLY C 167 18.09 -2.20 31.11
C GLY C 167 18.46 -0.79 31.51
N LEU C 168 17.47 0.09 31.58
CA LEU C 168 17.71 1.48 31.94
C LEU C 168 18.08 1.58 33.42
N ASP C 169 18.69 2.71 33.78
CA ASP C 169 19.12 2.97 35.15
C ASP C 169 20.09 1.89 35.63
N GLY C 170 20.96 1.43 34.72
CA GLY C 170 21.92 0.40 35.05
C GLY C 170 23.34 0.81 34.71
N VAL C 171 24.25 -0.17 34.66
CA VAL C 171 25.65 0.14 34.35
C VAL C 171 25.78 0.67 32.93
N HIS C 172 24.97 0.16 31.99
CA HIS C 172 25.08 0.61 30.61
C HIS C 172 24.74 2.09 30.48
N CYS C 173 23.72 2.55 31.19
CA CYS C 173 23.26 3.93 31.11
C CYS C 173 23.87 4.81 32.21
N VAL C 174 23.69 4.40 33.46
CA VAL C 174 24.17 5.18 34.61
C VAL C 174 25.07 4.30 35.47
N PRO C 175 26.37 4.23 35.18
CA PRO C 175 27.26 3.40 36.02
C PRO C 175 27.61 4.06 37.35
N THR C 176 26.61 4.14 38.23
CA THR C 176 26.82 4.76 39.53
C THR C 176 27.90 4.08 40.34
N PRO C 177 27.94 2.75 40.45
CA PRO C 177 29.00 2.11 41.24
C PRO C 177 30.38 2.46 40.70
N ASP C 178 31.34 2.63 41.61
CA ASP C 178 32.70 2.97 41.25
C ASP C 178 33.42 1.71 40.77
N SER C 179 33.48 1.53 39.45
CA SER C 179 34.15 0.36 38.90
C SER C 179 35.66 0.47 38.99
N GLY C 180 36.20 1.68 38.92
CA GLY C 180 37.65 1.86 39.00
C GLY C 180 38.38 1.24 37.84
N VAL C 181 37.79 1.27 36.64
CA VAL C 181 38.39 0.71 35.44
C VAL C 181 38.63 1.78 34.38
N VAL C 182 37.65 2.66 34.15
CA VAL C 182 37.81 3.71 33.14
C VAL C 182 38.95 4.64 33.53
N CYS C 183 38.97 5.06 34.79
CA CYS C 183 40.00 5.96 35.30
C CYS C 183 40.89 5.29 36.33
N GLY C 184 40.82 3.96 36.46
CA GLY C 184 41.62 3.25 37.43
C GLY C 184 42.52 2.20 36.79
N ARG C 185 42.16 1.75 35.61
CA ARG C 185 42.92 0.74 34.88
C ARG C 185 43.24 1.27 33.48
N MET C 186 43.96 0.45 32.71
CA MET C 186 44.37 0.79 31.36
C MET C 186 43.56 0.02 30.31
N ALA C 187 42.30 -0.29 30.62
CA ALA C 187 41.44 -1.05 29.71
C ALA C 187 40.88 -0.08 28.67
N CYS C 188 41.68 0.19 27.65
CA CYS C 188 41.30 1.07 26.55
C CYS C 188 40.95 2.47 27.05
N SER C 189 41.58 2.90 28.13
CA SER C 189 41.33 4.23 28.69
C SER C 189 42.51 4.60 29.59
N PRO C 190 42.89 5.87 29.64
CA PRO C 190 44.01 6.26 30.50
C PRO C 190 43.64 6.20 31.98
N THR C 191 44.67 6.10 32.82
CA THR C 191 44.51 6.01 34.26
C THR C 191 44.87 7.36 34.87
N HIS C 192 43.86 8.15 35.20
CA HIS C 192 44.04 9.45 35.85
C HIS C 192 45.01 10.33 35.06
N ASP C 193 44.87 10.33 33.74
CA ASP C 193 45.71 11.15 32.86
C ASP C 193 44.93 12.42 32.54
N GLU C 194 45.16 13.47 33.34
CA GLU C 194 44.49 14.74 33.14
C GLU C 194 45.13 15.59 32.05
N HIS C 195 46.31 15.21 31.58
CA HIS C 195 47.02 15.95 30.53
C HIS C 195 46.95 15.22 29.19
N LEU C 196 45.81 14.57 28.93
CA LEU C 196 45.60 13.83 27.69
C LEU C 196 45.19 14.82 26.60
N LEU C 197 46.19 15.56 26.11
CA LEU C 197 45.99 16.57 25.07
C LEU C 197 46.53 16.02 23.76
N HIS C 198 45.68 16.00 22.73
CA HIS C 198 46.07 15.54 21.40
C HIS C 198 46.61 16.74 20.62
N GLY C 199 47.89 17.03 20.84
CA GLY C 199 48.50 18.17 20.20
C GLY C 199 48.09 19.51 20.78
N GLY C 200 47.63 19.52 22.02
CA GLY C 200 47.18 20.74 22.67
C GLY C 200 45.68 20.88 22.77
N GLN C 201 44.93 20.09 22.00
CA GLN C 201 43.48 20.15 22.05
C GLN C 201 42.94 19.35 23.24
N PRO C 202 41.71 19.61 23.67
CA PRO C 202 41.13 18.85 24.77
C PRO C 202 40.92 17.40 24.37
N PRO C 203 40.39 16.57 25.28
CA PRO C 203 40.14 15.16 24.92
C PRO C 203 39.24 15.01 23.70
N GLU C 204 38.25 15.88 23.55
CA GLU C 204 37.35 15.85 22.40
C GLU C 204 37.94 16.72 21.29
N GLY C 205 38.05 16.13 20.09
CA GLY C 205 38.64 16.87 18.98
C GLY C 205 37.85 18.11 18.62
N ASP C 206 36.52 18.00 18.62
CA ASP C 206 35.67 19.13 18.29
C ASP C 206 34.33 19.01 19.00
N PRO C 207 33.93 20.00 19.80
CA PRO C 207 32.60 19.92 20.43
C PRO C 207 31.47 19.86 19.43
N ASP C 208 31.66 20.40 18.22
CA ASP C 208 30.61 20.33 17.21
C ASP C 208 30.28 18.90 16.83
N LEU C 209 31.28 18.01 16.85
CA LEU C 209 31.02 16.62 16.52
C LEU C 209 30.06 15.97 17.51
N ALA C 210 30.14 16.35 18.79
CA ALA C 210 29.20 15.81 19.77
C ALA C 210 27.77 16.20 19.44
N LYS C 211 27.55 17.44 19.01
CA LYS C 211 26.21 17.86 18.60
C LYS C 211 25.75 17.09 17.38
N ILE C 212 26.66 16.84 16.43
CA ILE C 212 26.31 16.07 15.24
C ILE C 212 25.95 14.63 15.63
N LEU C 213 26.63 14.09 16.65
CA LEU C 213 26.33 12.74 17.10
C LEU C 213 24.90 12.62 17.59
N GLU C 214 24.42 13.62 18.32
CA GLU C 214 23.04 13.60 18.80
C GLU C 214 22.06 13.61 17.63
N GLU C 215 22.32 14.45 16.62
CA GLU C 215 21.47 14.46 15.44
C GLU C 215 21.61 13.16 14.66
N VAL C 216 22.84 12.66 14.51
CA VAL C 216 23.05 11.38 13.83
C VAL C 216 22.38 10.25 14.61
N ARG C 217 22.53 10.26 15.94
CA ARG C 217 21.89 9.24 16.76
C ARG C 217 20.38 9.31 16.66
N TYR C 218 19.82 10.51 16.55
CA TYR C 218 18.37 10.64 16.39
C TYR C 218 17.90 9.98 15.10
N ILE C 219 18.63 10.18 14.00
CA ILE C 219 18.29 9.52 12.75
C ILE C 219 18.41 8.01 12.91
N ALA C 220 19.49 7.54 13.54
CA ALA C 220 19.63 6.10 13.81
C ALA C 220 18.55 5.62 14.76
N ASN C 221 18.23 6.43 15.79
CA ASN C 221 17.18 6.08 16.72
C ASN C 221 15.79 6.14 16.08
N ARG C 222 15.65 6.89 14.99
CA ARG C 222 14.37 6.95 14.30
C ARG C 222 13.96 5.57 13.77
N PHE C 223 14.91 4.83 13.23
CA PHE C 223 14.63 3.48 12.77
C PHE C 223 14.48 2.51 13.94
N ARG C 224 15.14 2.79 15.06
CA ARG C 224 15.03 1.91 16.22
C ARG C 224 13.59 1.83 16.72
N CYS C 225 12.92 2.99 16.83
CA CYS C 225 11.53 3.00 17.24
C CYS C 225 10.61 2.53 16.12
N GLN C 226 11.00 2.76 14.86
CA GLN C 226 10.22 2.25 13.74
C GLN C 226 10.25 0.73 13.70
N ASP C 227 11.41 0.13 13.98
CA ASP C 227 11.50 -1.32 14.04
C ASP C 227 10.83 -1.87 15.29
N GLU C 228 10.83 -1.08 16.38
CA GLU C 228 10.14 -1.51 17.59
C GLU C 228 8.63 -1.53 17.40
N SER C 229 8.10 -0.60 16.60
CA SER C 229 6.67 -0.61 16.31
C SER C 229 6.26 -1.89 15.60
N GLU C 230 7.11 -2.37 14.68
CA GLU C 230 6.84 -3.65 14.03
C GLU C 230 6.89 -4.80 15.03
N ALA C 231 7.81 -4.74 15.99
CA ALA C 231 7.86 -5.75 17.04
C ALA C 231 6.59 -5.72 17.88
N VAL C 232 6.11 -4.52 18.20
CA VAL C 232 4.83 -4.40 18.91
C VAL C 232 3.71 -4.93 18.03
N CYS C 233 3.72 -4.58 16.75
CA CYS C 233 2.72 -5.12 15.82
C CYS C 233 2.86 -6.63 15.68
N SER C 234 4.09 -7.15 15.79
CA SER C 234 4.29 -8.59 15.73
C SER C 234 3.59 -9.29 16.90
N GLU C 235 3.53 -8.64 18.07
CA GLU C 235 2.78 -9.20 19.19
C GLU C 235 1.29 -9.29 18.85
N TRP C 236 0.75 -8.29 18.15
CA TRP C 236 -0.64 -8.34 17.75
C TRP C 236 -0.88 -9.33 16.62
N LYS C 237 0.13 -9.62 15.81
CA LYS C 237 -0.01 -10.63 14.78
C LYS C 237 -0.25 -12.00 15.39
N PHE C 238 0.49 -12.33 16.45
CA PHE C 238 0.26 -13.59 17.15
C PHE C 238 -1.04 -13.54 17.96
N ALA C 239 -1.43 -12.35 18.43
CA ALA C 239 -2.69 -12.22 19.15
C ALA C 239 -3.88 -12.54 18.26
N ALA C 240 -3.75 -12.32 16.95
CA ALA C 240 -4.82 -12.67 16.03
C ALA C 240 -5.07 -14.18 16.04
N CYS C 241 -4.00 -14.97 16.09
CA CYS C 241 -4.16 -16.41 16.18
C CYS C 241 -4.84 -16.85 17.47
N VAL C 242 -4.72 -16.06 18.54
CA VAL C 242 -5.35 -16.42 19.81
C VAL C 242 -6.86 -16.47 19.65
N VAL C 243 -7.44 -15.45 19.02
CA VAL C 243 -8.88 -15.43 18.79
C VAL C 243 -9.25 -16.26 17.57
N ASP C 244 -8.40 -16.25 16.54
CA ASP C 244 -8.69 -17.04 15.34
C ASP C 244 -8.70 -18.53 15.65
N ARG C 245 -7.72 -19.01 16.42
CA ARG C 245 -7.71 -20.42 16.79
C ARG C 245 -8.83 -20.75 17.77
N LEU C 246 -9.08 -19.85 18.72
CA LEU C 246 -10.16 -20.08 19.67
C LEU C 246 -11.51 -20.14 18.95
N CYS C 247 -11.74 -19.23 18.01
CA CYS C 247 -12.98 -19.25 17.24
C CYS C 247 -13.02 -20.43 16.28
N LEU C 248 -11.87 -20.81 15.72
CA LEU C 248 -11.84 -21.95 14.81
C LEU C 248 -12.24 -23.23 15.54
N MET C 249 -11.74 -23.43 16.75
CA MET C 249 -12.10 -24.62 17.52
C MET C 249 -13.55 -24.56 17.97
N ALA C 250 -14.02 -23.37 18.37
CA ALA C 250 -15.41 -23.23 18.81
C ALA C 250 -16.37 -23.53 17.67
N PHE C 251 -16.08 -23.02 16.47
CA PHE C 251 -16.95 -23.28 15.33
C PHE C 251 -16.85 -24.73 14.88
N SER C 252 -15.70 -25.37 15.07
CA SER C 252 -15.56 -26.77 14.71
C SER C 252 -16.51 -27.64 15.52
N VAL C 253 -16.62 -27.36 16.83
CA VAL C 253 -17.56 -28.11 17.67
C VAL C 253 -18.99 -27.87 17.20
N PHE C 254 -19.33 -26.62 16.91
CA PHE C 254 -20.68 -26.30 16.44
C PHE C 254 -20.97 -27.00 15.12
N THR C 255 -19.99 -27.01 14.20
CA THR C 255 -20.19 -27.70 12.93
C THR C 255 -20.41 -29.19 13.14
N ILE C 256 -19.64 -29.80 14.05
CA ILE C 256 -19.82 -31.22 14.34
C ILE C 256 -21.20 -31.47 14.92
N ILE C 257 -21.64 -30.61 15.85
CA ILE C 257 -22.97 -30.78 16.44
C ILE C 257 -24.05 -30.67 15.37
N CYS C 258 -23.93 -29.68 14.48
CA CYS C 258 -24.91 -29.55 13.41
C CYS C 258 -24.89 -30.77 12.48
N THR C 259 -23.70 -31.26 12.16
CA THR C 259 -23.60 -32.44 11.30
C THR C 259 -24.24 -33.66 11.97
N ILE C 260 -24.02 -33.83 13.27
CA ILE C 260 -24.60 -34.97 13.98
C ILE C 260 -26.12 -34.88 13.94
N GLY C 261 -26.68 -33.70 14.19
CA GLY C 261 -28.12 -33.55 14.15
C GLY C 261 -28.70 -33.81 12.77
N ILE C 262 -28.00 -33.36 11.73
CA ILE C 262 -28.48 -33.58 10.37
C ILE C 262 -28.53 -35.06 10.05
N LEU C 263 -27.50 -35.80 10.45
CA LEU C 263 -27.46 -37.24 10.16
C LEU C 263 -28.58 -38.00 10.87
N MET C 264 -29.14 -37.44 11.94
CA MET C 264 -30.22 -38.10 12.66
C MET C 264 -31.60 -37.75 12.12
N SER C 265 -31.75 -36.56 11.53
CA SER C 265 -33.02 -36.14 10.96
C SER C 265 -33.11 -36.32 9.46
N ALA C 266 -31.99 -36.47 8.77
CA ALA C 266 -32.03 -36.66 7.33
C ALA C 266 -32.83 -37.89 6.91
N PRO C 267 -32.68 -39.06 7.55
CA PRO C 267 -33.48 -40.22 7.12
C PRO C 267 -34.98 -40.01 7.24
N ASN C 268 -35.43 -39.13 8.13
CA ASN C 268 -36.85 -38.87 8.31
C ASN C 268 -37.33 -37.58 7.66
N PHE C 269 -36.42 -36.66 7.35
CA PHE C 269 -36.77 -35.38 6.73
C PHE C 269 -36.20 -35.24 5.33
N VAL C 270 -34.90 -35.46 5.15
CA VAL C 270 -34.27 -35.35 3.85
C VAL C 270 -34.34 -36.69 3.12
N LEU D 7 -26.85 -31.14 -29.47
CA LEU D 7 -25.90 -30.61 -28.50
C LEU D 7 -26.14 -29.13 -28.26
N TYR D 8 -27.40 -28.77 -28.00
CA TYR D 8 -27.74 -27.38 -27.74
C TYR D 8 -27.15 -26.91 -26.42
N TYR D 9 -27.53 -27.57 -25.32
CA TYR D 9 -27.01 -27.23 -24.00
C TYR D 9 -25.63 -27.80 -23.73
N GLY D 10 -25.17 -28.74 -24.55
CA GLY D 10 -23.86 -29.32 -24.37
C GLY D 10 -22.75 -28.34 -24.68
N LEU D 11 -22.75 -27.80 -25.90
CA LEU D 11 -21.72 -26.83 -26.27
C LEU D 11 -21.83 -25.55 -25.47
N ASN D 12 -23.05 -25.21 -25.02
CA ASN D 12 -23.26 -23.99 -24.24
C ASN D 12 -22.85 -24.14 -22.78
N LEU D 13 -22.62 -25.36 -22.31
CA LEU D 13 -22.20 -25.61 -20.94
C LEU D 13 -20.85 -26.29 -20.83
N LEU D 14 -20.48 -27.15 -21.78
CA LEU D 14 -19.17 -27.79 -21.74
C LEU D 14 -18.08 -26.82 -22.13
N ILE D 15 -18.30 -26.02 -23.17
CA ILE D 15 -17.26 -25.11 -23.65
C ILE D 15 -16.84 -24.11 -22.58
N PRO D 16 -17.76 -23.43 -21.89
CA PRO D 16 -17.33 -22.50 -20.82
C PRO D 16 -16.53 -23.17 -19.73
N CYS D 17 -16.79 -24.44 -19.44
CA CYS D 17 -16.07 -25.13 -18.37
C CYS D 17 -14.56 -25.16 -18.66
N VAL D 18 -14.18 -25.41 -19.91
CA VAL D 18 -12.77 -25.42 -20.27
C VAL D 18 -12.16 -24.04 -20.03
N LEU D 19 -12.87 -22.99 -20.45
CA LEU D 19 -12.37 -21.64 -20.22
C LEU D 19 -12.25 -21.33 -18.74
N ILE D 20 -13.22 -21.74 -17.94
CA ILE D 20 -13.17 -21.49 -16.50
C ILE D 20 -11.97 -22.19 -15.89
N SER D 21 -11.74 -23.46 -16.25
CA SER D 21 -10.59 -24.18 -15.75
C SER D 21 -9.29 -23.65 -16.34
N ALA D 22 -9.32 -23.21 -17.60
CA ALA D 22 -8.11 -22.69 -18.23
C ALA D 22 -7.71 -21.35 -17.62
N LEU D 23 -8.69 -20.53 -17.25
CA LEU D 23 -8.38 -19.23 -16.67
C LEU D 23 -7.65 -19.37 -15.33
N ALA D 24 -7.89 -20.47 -14.61
CA ALA D 24 -7.22 -20.68 -13.34
C ALA D 24 -5.72 -20.86 -13.51
N LEU D 25 -5.29 -21.40 -14.65
CA LEU D 25 -3.86 -21.61 -14.88
C LEU D 25 -3.11 -20.29 -14.89
N LEU D 26 -3.69 -19.26 -15.52
CA LEU D 26 -3.03 -17.96 -15.57
C LEU D 26 -2.88 -17.36 -14.18
N VAL D 27 -3.78 -17.69 -13.26
CA VAL D 27 -3.70 -17.15 -11.91
C VAL D 27 -2.46 -17.71 -11.21
N PHE D 28 -2.16 -19.00 -11.43
CA PHE D 28 -1.01 -19.60 -10.76
C PHE D 28 0.30 -18.96 -11.19
N LEU D 29 0.34 -18.38 -12.39
CA LEU D 29 1.57 -17.77 -12.89
C LEU D 29 1.92 -16.48 -12.16
N LEU D 30 0.97 -15.88 -11.44
CA LEU D 30 1.24 -14.64 -10.75
C LEU D 30 2.18 -14.89 -9.56
N PRO D 31 3.18 -14.03 -9.35
CA PRO D 31 4.05 -14.21 -8.17
C PRO D 31 3.31 -14.01 -6.86
N ALA D 32 4.00 -14.24 -5.74
CA ALA D 32 3.37 -14.08 -4.43
C ALA D 32 3.10 -12.61 -4.12
N ASP D 33 3.97 -11.70 -4.59
CA ASP D 33 3.80 -10.29 -4.30
C ASP D 33 2.57 -9.69 -4.95
N SER D 34 1.95 -10.39 -5.89
CA SER D 34 0.76 -9.87 -6.57
C SER D 34 -0.40 -9.83 -5.57
N GLY D 35 -0.78 -8.63 -5.14
CA GLY D 35 -1.88 -8.47 -4.21
C GLY D 35 -3.23 -8.72 -4.81
N GLU D 36 -3.36 -8.62 -6.13
CA GLU D 36 -4.62 -8.83 -6.83
C GLU D 36 -4.79 -10.27 -7.31
N LYS D 37 -3.84 -11.16 -7.01
CA LYS D 37 -3.96 -12.54 -7.45
C LYS D 37 -5.19 -13.21 -6.84
N ILE D 38 -5.44 -12.96 -5.56
CA ILE D 38 -6.61 -13.55 -4.91
C ILE D 38 -7.89 -13.02 -5.54
N SER D 39 -7.92 -11.73 -5.86
CA SER D 39 -9.10 -11.15 -6.49
C SER D 39 -9.37 -11.77 -7.85
N LEU D 40 -8.30 -12.02 -8.62
CA LEU D 40 -8.48 -12.63 -9.94
C LEU D 40 -9.08 -14.02 -9.82
N GLY D 41 -8.63 -14.81 -8.84
CA GLY D 41 -9.15 -16.16 -8.66
C GLY D 41 -10.57 -16.19 -8.13
N ILE D 42 -11.00 -15.12 -7.44
CA ILE D 42 -12.37 -15.08 -6.94
C ILE D 42 -13.36 -14.96 -8.08
N THR D 43 -13.00 -14.20 -9.13
CA THR D 43 -13.89 -14.04 -10.27
C THR D 43 -14.12 -15.37 -10.98
N VAL D 44 -13.10 -16.22 -11.06
CA VAL D 44 -13.25 -17.51 -11.72
C VAL D 44 -14.30 -18.35 -11.00
N LEU D 45 -14.24 -18.38 -9.68
CA LEU D 45 -15.24 -19.12 -8.90
C LEU D 45 -16.60 -18.43 -8.95
N LEU D 46 -16.61 -17.09 -8.99
CA LEU D 46 -17.88 -16.37 -9.05
C LEU D 46 -18.64 -16.68 -10.32
N SER D 47 -17.93 -16.74 -11.46
CA SER D 47 -18.58 -17.04 -12.73
C SER D 47 -19.07 -18.47 -12.80
N LEU D 48 -18.48 -19.38 -12.03
CA LEU D 48 -18.93 -20.77 -12.04
C LEU D 48 -20.31 -20.92 -11.39
N THR D 49 -20.62 -20.10 -10.39
CA THR D 49 -21.92 -20.17 -9.74
C THR D 49 -23.05 -19.84 -10.69
N VAL D 50 -22.81 -18.94 -11.64
CA VAL D 50 -23.85 -18.59 -12.61
C VAL D 50 -24.23 -19.81 -13.44
N PHE D 51 -23.23 -20.57 -13.90
CA PHE D 51 -23.52 -21.76 -14.69
C PHE D 51 -24.10 -22.87 -13.82
N MET D 52 -23.77 -22.89 -12.53
CA MET D 52 -24.28 -23.93 -11.65
C MET D 52 -25.80 -23.87 -11.56
N LEU D 53 -26.36 -22.66 -11.46
CA LEU D 53 -27.80 -22.52 -11.36
C LEU D 53 -28.49 -23.07 -12.61
N LEU D 54 -27.94 -22.77 -13.79
CA LEU D 54 -28.54 -23.28 -15.02
C LEU D 54 -28.52 -24.80 -15.06
N VAL D 55 -27.42 -25.41 -14.63
CA VAL D 55 -27.32 -26.87 -14.65
C VAL D 55 -28.34 -27.47 -13.68
N ALA D 56 -28.55 -26.83 -12.53
CA ALA D 56 -29.50 -27.36 -11.56
C ALA D 56 -30.91 -27.41 -12.13
N GLU D 57 -31.32 -26.36 -12.86
CA GLU D 57 -32.64 -26.35 -13.45
C GLU D 57 -32.78 -27.45 -14.49
N ILE D 58 -31.74 -27.69 -15.29
CA ILE D 58 -31.80 -28.73 -16.31
C ILE D 58 -31.96 -30.10 -15.66
N MET D 59 -31.31 -30.32 -14.53
CA MET D 59 -31.39 -31.61 -13.87
C MET D 59 -32.81 -31.87 -13.40
N PRO D 60 -33.42 -33.01 -13.74
CA PRO D 60 -34.78 -33.28 -13.27
C PRO D 60 -34.84 -33.32 -11.75
N SER D 61 -35.96 -32.84 -11.21
CA SER D 61 -36.18 -32.82 -9.77
C SER D 61 -36.61 -34.21 -9.33
N THR D 62 -35.63 -35.06 -9.04
CA THR D 62 -35.86 -36.42 -8.61
C THR D 62 -35.80 -36.51 -7.09
N SER D 63 -35.96 -37.73 -6.57
CA SER D 63 -35.93 -37.98 -5.14
C SER D 63 -34.57 -38.53 -4.67
N ASP D 64 -34.07 -39.57 -5.33
CA ASP D 64 -32.79 -40.16 -4.96
C ASP D 64 -31.91 -40.51 -6.15
N SER D 65 -32.32 -40.18 -7.37
CA SER D 65 -31.54 -40.47 -8.57
C SER D 65 -30.70 -39.25 -8.92
N SER D 66 -29.39 -39.33 -8.70
CA SER D 66 -28.50 -38.23 -8.99
C SER D 66 -28.00 -38.33 -10.44
N PRO D 67 -28.31 -37.37 -11.31
CA PRO D 67 -27.81 -37.44 -12.67
C PRO D 67 -26.29 -37.35 -12.72
N SER D 68 -25.71 -37.98 -13.75
CA SER D 68 -24.26 -37.97 -13.90
C SER D 68 -23.71 -36.57 -14.11
N ILE D 69 -24.53 -35.64 -14.59
CA ILE D 69 -24.07 -34.27 -14.82
C ILE D 69 -23.64 -33.60 -13.52
N ALA D 70 -24.19 -34.04 -12.38
CA ALA D 70 -23.85 -33.42 -11.11
C ALA D 70 -22.37 -33.56 -10.81
N GLN D 71 -21.80 -34.74 -11.05
CA GLN D 71 -20.38 -34.96 -10.80
C GLN D 71 -19.49 -34.35 -11.88
N TYR D 72 -20.04 -34.06 -13.05
CA TYR D 72 -19.22 -33.52 -14.13
C TYR D 72 -18.80 -32.09 -13.84
N PHE D 73 -19.76 -31.18 -13.69
CA PHE D 73 -19.44 -29.78 -13.41
C PHE D 73 -18.92 -29.59 -11.99
N ALA D 74 -19.24 -30.51 -11.07
CA ALA D 74 -18.74 -30.40 -9.70
C ALA D 74 -17.22 -30.48 -9.66
N SER D 75 -16.64 -31.37 -10.47
CA SER D 75 -15.18 -31.51 -10.50
C SER D 75 -14.52 -30.21 -10.92
N THR D 76 -15.19 -29.41 -11.76
CA THR D 76 -14.64 -28.12 -12.15
C THR D 76 -14.53 -27.19 -10.95
N MET D 77 -15.53 -27.20 -10.06
CA MET D 77 -15.48 -26.36 -8.87
C MET D 77 -14.34 -26.77 -7.96
N ILE D 78 -14.00 -28.06 -7.94
CA ILE D 78 -12.89 -28.52 -7.08
C ILE D 78 -11.58 -27.91 -7.54
N ILE D 79 -11.33 -27.92 -8.86
CA ILE D 79 -10.10 -27.32 -9.38
C ILE D 79 -10.10 -25.83 -9.13
N VAL D 80 -11.22 -25.16 -9.42
CA VAL D 80 -11.31 -23.72 -9.17
C VAL D 80 -11.25 -23.43 -7.69
N GLY D 81 -11.98 -24.21 -6.87
CA GLY D 81 -11.94 -23.99 -5.44
C GLY D 81 -10.56 -24.21 -4.85
N LEU D 82 -9.88 -25.27 -5.29
CA LEU D 82 -8.53 -25.52 -4.81
C LEU D 82 -7.56 -24.46 -5.30
N SER D 83 -7.80 -23.89 -6.48
CA SER D 83 -6.94 -22.84 -7.00
C SER D 83 -6.96 -21.61 -6.09
N VAL D 84 -8.14 -21.24 -5.60
CA VAL D 84 -8.23 -20.11 -4.68
C VAL D 84 -7.48 -20.40 -3.39
N VAL D 85 -7.60 -21.63 -2.88
CA VAL D 85 -6.90 -22.00 -1.66
C VAL D 85 -5.39 -21.92 -1.87
N VAL D 86 -4.92 -22.36 -3.04
CA VAL D 86 -3.49 -22.30 -3.34
C VAL D 86 -3.00 -20.86 -3.31
N THR D 87 -3.75 -19.95 -3.92
CA THR D 87 -3.37 -18.54 -3.89
C THR D 87 -3.47 -17.97 -2.49
N VAL D 88 -4.43 -18.43 -1.69
CA VAL D 88 -4.55 -17.96 -0.31
C VAL D 88 -3.35 -18.41 0.51
N ILE D 89 -2.88 -19.64 0.28
CA ILE D 89 -1.73 -20.14 1.02
C ILE D 89 -0.48 -19.32 0.67
N VAL D 90 -0.38 -18.88 -0.58
CA VAL D 90 0.77 -18.08 -0.98
C VAL D 90 0.81 -16.76 -0.23
N LEU D 91 -0.35 -16.18 0.07
CA LEU D 91 -0.39 -14.93 0.81
C LEU D 91 0.26 -15.06 2.18
N GLN D 92 0.27 -16.27 2.74
CA GLN D 92 0.91 -16.49 4.03
C GLN D 92 2.42 -16.63 3.93
N TYR D 93 2.97 -16.71 2.70
CA TYR D 93 4.42 -16.84 2.54
C TYR D 93 5.15 -15.55 2.89
N HIS D 94 4.44 -14.41 2.90
CA HIS D 94 5.10 -13.15 3.23
C HIS D 94 5.43 -13.05 4.71
N HIS D 95 4.57 -13.58 5.58
CA HIS D 95 4.79 -13.54 7.01
C HIS D 95 5.49 -14.80 7.51
N HIS D 96 4.84 -15.95 7.33
CA HIS D 96 5.38 -17.25 7.72
C HIS D 96 6.15 -17.15 9.04
N ASP D 97 5.48 -16.60 10.05
CA ASP D 97 6.11 -16.38 11.34
C ASP D 97 6.39 -17.71 12.05
N PRO D 98 7.34 -17.73 12.98
CA PRO D 98 7.64 -18.97 13.70
C PRO D 98 6.56 -19.42 14.67
N ASP D 99 5.49 -18.64 14.85
CA ASP D 99 4.45 -18.99 15.80
C ASP D 99 3.69 -20.25 15.41
N GLY D 100 3.83 -20.71 14.17
CA GLY D 100 3.12 -21.89 13.71
C GLY D 100 2.63 -21.75 12.29
N GLY D 101 2.84 -22.78 11.48
CA GLY D 101 2.44 -22.74 10.08
C GLY D 101 3.59 -23.04 9.13
N LYS D 102 4.00 -22.04 8.37
CA LYS D 102 5.04 -22.21 7.37
C LYS D 102 6.42 -22.11 8.03
N MET D 103 7.47 -22.02 7.20
CA MET D 103 8.84 -22.02 7.65
C MET D 103 9.19 -23.34 8.34
N PRO D 104 9.13 -24.47 7.63
CA PRO D 104 9.63 -25.72 8.21
C PRO D 104 11.14 -25.82 8.07
N LYS D 105 11.75 -26.45 9.08
CA LYS D 105 13.21 -26.56 9.10
C LYS D 105 13.73 -27.44 7.97
N TRP D 106 12.96 -28.46 7.57
CA TRP D 106 13.40 -29.40 6.54
C TRP D 106 12.85 -29.08 5.16
N THR D 107 11.60 -28.62 5.07
CA THR D 107 11.00 -28.35 3.76
C THR D 107 11.69 -27.18 3.06
N ARG D 108 12.25 -26.24 3.82
CA ARG D 108 12.89 -25.08 3.20
C ARG D 108 14.03 -25.50 2.28
N VAL D 109 14.74 -26.58 2.62
CA VAL D 109 15.80 -27.07 1.75
C VAL D 109 15.21 -27.64 0.47
N ILE D 110 14.07 -28.33 0.58
CA ILE D 110 13.43 -28.90 -0.60
C ILE D 110 12.95 -27.81 -1.54
N LEU D 111 12.39 -26.72 -0.98
CA LEU D 111 11.89 -25.64 -1.82
C LEU D 111 13.01 -25.01 -2.64
N LEU D 112 14.18 -24.80 -2.02
CA LEU D 112 15.30 -24.20 -2.75
C LEU D 112 15.74 -25.11 -3.89
N ASN D 113 15.79 -26.42 -3.66
CA ASN D 113 16.21 -27.35 -4.70
C ASN D 113 15.25 -27.31 -5.89
N TRP D 114 13.94 -27.28 -5.61
CA TRP D 114 12.96 -27.26 -6.70
C TRP D 114 13.10 -25.99 -7.53
N CYS D 115 13.33 -24.85 -6.88
CA CYS D 115 13.46 -23.60 -7.62
C CYS D 115 14.65 -23.64 -8.56
N ALA D 116 15.79 -24.20 -8.11
CA ALA D 116 16.97 -24.30 -8.95
C ALA D 116 16.80 -25.34 -10.05
N TRP D 117 15.92 -26.32 -9.86
CA TRP D 117 15.70 -27.35 -10.87
C TRP D 117 14.90 -26.84 -12.06
N PHE D 118 14.17 -25.74 -11.90
CA PHE D 118 13.38 -25.21 -13.02
C PHE D 118 14.28 -24.80 -14.17
N LEU D 119 15.39 -24.13 -13.88
CA LEU D 119 16.32 -23.72 -14.93
C LEU D 119 17.08 -24.91 -15.48
N ARG D 120 17.47 -25.85 -14.62
CA ARG D 120 18.19 -27.05 -15.02
C ARG D 120 17.54 -28.24 -14.31
N MET D 121 16.55 -28.84 -14.96
CA MET D 121 15.86 -29.98 -14.40
C MET D 121 16.70 -31.24 -14.56
N LYS D 122 16.79 -32.02 -13.49
CA LYS D 122 17.56 -33.27 -13.53
C LYS D 122 16.89 -34.34 -14.39
N ARG D 123 15.62 -34.17 -14.75
CA ARG D 123 14.92 -35.15 -15.56
C ARG D 123 15.43 -35.11 -17.00
N PRO D 124 15.18 -36.17 -17.78
CA PRO D 124 15.66 -36.18 -19.16
C PRO D 124 15.09 -35.06 -20.02
N GLY D 125 13.97 -34.45 -19.61
CA GLY D 125 13.39 -33.39 -20.41
C GLY D 125 14.35 -32.23 -20.63
N GLU D 126 15.13 -31.89 -19.60
CA GLU D 126 16.11 -30.82 -19.69
C GLU D 126 17.54 -31.27 -19.44
N ASP D 127 17.74 -32.28 -18.59
CA ASP D 127 19.09 -32.78 -18.33
C ASP D 127 19.70 -33.38 -19.59
N LYS D 128 18.90 -34.11 -20.37
CA LYS D 128 19.39 -34.72 -21.60
C LYS D 128 19.32 -33.77 -22.79
N VAL D 129 18.32 -32.89 -22.83
CA VAL D 129 18.17 -31.95 -23.96
C VAL D 129 19.00 -30.72 -23.60
N ARG D 130 20.28 -30.79 -23.90
CA ARG D 130 21.22 -29.70 -23.65
C ARG D 130 22.57 -30.08 -24.25
N PRO D 131 23.46 -29.11 -24.44
CA PRO D 131 24.79 -29.43 -24.97
C PRO D 131 25.52 -30.43 -24.10
N ALA D 132 26.23 -31.36 -24.75
CA ALA D 132 26.99 -32.38 -24.04
C ALA D 132 28.32 -32.60 -24.76
N CYS D 133 29.38 -32.73 -23.97
CA CYS D 133 30.72 -32.94 -24.52
C CYS D 133 31.59 -33.56 -23.45
N GLN D 134 32.76 -34.02 -23.87
CA GLN D 134 33.74 -34.62 -22.97
C GLN D 134 34.77 -33.62 -22.45
N HIS D 135 34.60 -32.33 -22.75
CA HIS D 135 35.54 -31.34 -22.31
C HIS D 135 35.45 -31.13 -20.79
N LYS D 136 36.43 -30.41 -20.26
CA LYS D 136 36.46 -30.15 -18.82
C LYS D 136 35.29 -29.31 -18.35
N GLN D 137 34.59 -28.64 -19.26
CA GLN D 137 33.45 -27.81 -18.87
C GLN D 137 32.30 -28.63 -18.33
N ARG D 138 32.29 -29.94 -18.57
CA ARG D 138 31.24 -30.84 -18.09
C ARG D 138 31.77 -31.84 -17.07
N ARG D 139 32.82 -31.46 -16.34
CA ARG D 139 33.44 -32.31 -15.33
C ARG D 139 33.39 -31.59 -13.98
N CYS D 140 34.02 -32.20 -12.97
CA CYS D 140 34.06 -31.66 -11.63
C CYS D 140 35.51 -31.59 -11.15
N SER D 141 35.78 -30.62 -10.28
CA SER D 141 37.13 -30.43 -9.75
C SER D 141 36.99 -29.93 -8.31
N LEU D 142 38.11 -29.48 -7.74
CA LEU D 142 38.10 -29.00 -6.36
C LEU D 142 37.23 -27.75 -6.23
N ALA D 143 37.30 -26.84 -7.20
CA ALA D 143 36.53 -25.60 -7.11
C ALA D 143 35.03 -25.89 -7.09
N SER D 144 34.57 -26.81 -7.94
CA SER D 144 33.15 -27.11 -8.00
C SER D 144 32.68 -27.82 -6.73
N VAL D 145 33.52 -28.71 -6.19
CA VAL D 145 33.18 -29.47 -4.99
C VAL D 145 33.59 -28.63 -3.79
N GLU D 146 32.61 -28.01 -3.13
CA GLU D 146 32.85 -27.18 -1.95
C GLU D 146 32.50 -27.90 -0.65
N MET D 147 32.36 -29.23 -0.70
CA MET D 147 32.04 -29.98 0.51
C MET D 147 33.17 -29.98 1.52
N SER D 148 34.40 -29.71 1.08
CA SER D 148 35.57 -29.69 1.95
C SER D 148 36.01 -28.27 2.28
N ALA D 149 35.06 -27.35 2.44
CA ALA D 149 35.36 -25.96 2.77
C ALA D 149 36.26 -25.32 1.71
N VAL D 150 35.88 -25.52 0.44
CA VAL D 150 36.62 -24.97 -0.69
C VAL D 150 35.86 -23.75 -1.19
N ALA D 151 36.58 -22.64 -1.38
CA ALA D 151 35.93 -21.42 -1.83
C ALA D 151 35.40 -21.62 -3.25
N PRO D 152 34.20 -21.11 -3.55
CA PRO D 152 33.65 -21.29 -4.90
C PRO D 152 34.39 -20.43 -5.91
N PRO D 153 34.24 -20.71 -7.20
CA PRO D 153 34.92 -19.91 -8.22
C PRO D 153 34.50 -18.45 -8.13
N PRO D 154 35.41 -17.51 -8.39
CA PRO D 154 35.04 -16.09 -8.34
C PRO D 154 33.89 -15.79 -9.30
N ALA D 155 32.78 -15.31 -8.73
CA ALA D 155 31.61 -14.95 -9.53
C ALA D 155 30.80 -13.92 -8.77
N SER D 156 30.02 -13.15 -9.52
CA SER D 156 29.17 -12.10 -8.96
C SER D 156 27.75 -12.58 -8.70
N ASN D 157 27.47 -13.87 -8.89
CA ASN D 157 26.13 -14.42 -8.72
C ASN D 157 25.92 -15.00 -7.33
N GLY D 158 26.80 -14.71 -6.38
CA GLY D 158 26.68 -15.20 -5.03
C GLY D 158 27.79 -16.15 -4.57
N ASN D 159 28.96 -16.10 -5.20
CA ASN D 159 30.10 -16.95 -4.82
C ASN D 159 31.24 -16.15 -4.23
N LEU D 160 31.74 -15.13 -4.94
CA LEU D 160 32.82 -14.32 -4.40
C LEU D 160 32.31 -13.38 -3.32
N LEU D 161 31.08 -12.87 -3.47
CA LEU D 161 30.53 -11.96 -2.48
C LEU D 161 30.12 -12.69 -1.20
N TYR D 162 29.75 -13.96 -1.31
CA TYR D 162 29.32 -14.70 -0.13
C TYR D 162 30.46 -14.83 0.88
N ILE D 163 31.67 -15.12 0.40
CA ILE D 163 32.82 -15.27 1.30
C ILE D 163 33.34 -13.95 1.83
N GLY D 164 32.86 -12.83 1.29
CA GLY D 164 33.33 -11.52 1.72
C GLY D 164 32.57 -10.98 2.91
N PHE D 165 31.24 -10.91 2.79
CA PHE D 165 30.39 -10.37 3.84
C PHE D 165 29.82 -11.44 4.76
N ARG D 166 29.35 -12.56 4.20
CA ARG D 166 28.78 -13.63 5.01
C ARG D 166 29.84 -14.56 5.59
N GLY D 167 31.10 -14.39 5.21
CA GLY D 167 32.17 -15.23 5.73
C GLY D 167 32.66 -14.76 7.08
N LEU D 168 31.85 -14.95 8.12
CA LEU D 168 32.21 -14.53 9.46
C LEU D 168 33.33 -15.40 10.01
N ASP D 169 33.99 -14.89 11.05
CA ASP D 169 35.10 -15.60 11.68
C ASP D 169 36.20 -15.92 10.68
N GLY D 170 36.46 -14.98 9.77
CA GLY D 170 37.48 -15.16 8.76
C GLY D 170 38.48 -14.03 8.73
N VAL D 171 39.24 -13.92 7.64
CA VAL D 171 40.24 -12.86 7.53
C VAL D 171 39.58 -11.50 7.49
N HIS D 172 38.42 -11.41 6.84
CA HIS D 172 37.73 -10.12 6.72
C HIS D 172 37.32 -9.60 8.09
N CYS D 173 36.82 -10.48 8.96
CA CYS D 173 36.33 -10.08 10.28
C CYS D 173 37.40 -10.24 11.35
N VAL D 174 37.98 -11.43 11.48
CA VAL D 174 38.98 -11.71 12.51
C VAL D 174 40.23 -12.27 11.84
N PRO D 175 41.17 -11.42 11.39
CA PRO D 175 42.40 -11.94 10.77
C PRO D 175 43.38 -12.49 11.79
N THR D 176 43.02 -13.63 12.38
CA THR D 176 43.88 -14.25 13.38
C THR D 176 45.26 -14.59 12.83
N PRO D 177 45.40 -15.22 11.65
CA PRO D 177 46.74 -15.53 11.15
C PRO D 177 47.58 -14.27 10.99
N ASP D 178 48.87 -14.40 11.29
CA ASP D 178 49.81 -13.29 11.19
C ASP D 178 50.18 -13.09 9.73
N SER D 179 49.52 -12.13 9.08
CA SER D 179 49.81 -11.85 7.68
C SER D 179 51.12 -11.10 7.50
N GLY D 180 51.50 -10.27 8.48
CA GLY D 180 52.73 -9.51 8.38
C GLY D 180 52.73 -8.51 7.24
N VAL D 181 51.58 -7.91 6.96
CA VAL D 181 51.44 -6.92 5.90
C VAL D 181 51.02 -5.56 6.44
N VAL D 182 50.06 -5.53 7.36
CA VAL D 182 49.60 -4.26 7.92
C VAL D 182 50.73 -3.58 8.67
N CYS D 183 51.45 -4.33 9.50
CA CYS D 183 52.57 -3.81 10.27
C CYS D 183 53.90 -4.43 9.87
N GLY D 184 53.96 -5.12 8.73
CA GLY D 184 55.18 -5.75 8.27
C GLY D 184 55.63 -5.25 6.92
N ARG D 185 54.70 -4.72 6.13
CA ARG D 185 54.98 -4.20 4.79
C ARG D 185 54.49 -2.77 4.71
N MET D 186 54.68 -2.17 3.52
CA MET D 186 54.27 -0.79 3.26
C MET D 186 53.04 -0.74 2.35
N ALA D 187 52.17 -1.74 2.44
CA ALA D 187 50.97 -1.82 1.61
C ALA D 187 49.89 -0.94 2.23
N CYS D 188 49.98 0.36 1.96
CA CYS D 188 49.02 1.35 2.45
C CYS D 188 48.97 1.37 3.98
N SER D 189 50.09 1.05 4.62
CA SER D 189 50.15 1.04 6.08
C SER D 189 51.62 1.13 6.50
N PRO D 190 51.93 1.82 7.60
CA PRO D 190 53.32 1.90 8.04
C PRO D 190 53.81 0.57 8.60
N THR D 191 55.13 0.41 8.60
CA THR D 191 55.78 -0.81 9.08
C THR D 191 56.38 -0.53 10.46
N HIS D 192 55.67 -0.96 11.50
CA HIS D 192 56.14 -0.83 12.88
C HIS D 192 56.49 0.62 13.21
N ASP D 193 55.64 1.54 12.77
CA ASP D 193 55.84 2.97 13.02
C ASP D 193 54.98 3.35 14.22
N GLU D 194 55.59 3.29 15.41
CA GLU D 194 54.89 3.64 16.64
C GLU D 194 54.79 5.14 16.88
N HIS D 195 55.52 5.95 16.11
CA HIS D 195 55.50 7.40 16.23
C HIS D 195 54.72 8.08 15.11
N LEU D 196 53.65 7.44 14.63
CA LEU D 196 52.83 7.99 13.55
C LEU D 196 51.87 9.01 14.16
N LEU D 197 52.41 10.19 14.45
CA LEU D 197 51.65 11.30 15.03
C LEU D 197 51.39 12.34 13.96
N HIS D 198 50.13 12.66 13.74
CA HIS D 198 49.74 13.68 12.75
C HIS D 198 49.72 15.03 13.45
N GLY D 199 50.90 15.62 13.54
CA GLY D 199 51.05 16.90 14.23
C GLY D 199 50.99 16.80 15.73
N GLY D 200 51.27 15.63 16.30
CA GLY D 200 51.21 15.41 17.73
C GLY D 200 49.99 14.65 18.20
N GLN D 201 48.97 14.51 17.36
CA GLN D 201 47.78 13.77 17.72
C GLN D 201 48.00 12.28 17.54
N PRO D 202 47.17 11.45 18.17
CA PRO D 202 47.31 9.99 18.00
C PRO D 202 46.97 9.57 16.58
N PRO D 203 47.04 8.27 16.27
CA PRO D 203 46.70 7.84 14.91
C PRO D 203 45.30 8.25 14.50
N GLU D 204 44.34 8.24 15.42
CA GLU D 204 42.98 8.65 15.14
C GLU D 204 42.83 10.14 15.42
N GLY D 205 42.31 10.88 14.44
CA GLY D 205 42.17 12.32 14.61
C GLY D 205 41.27 12.69 15.77
N ASP D 206 40.15 11.98 15.90
CA ASP D 206 39.20 12.26 16.97
C ASP D 206 38.49 10.98 17.38
N PRO D 207 38.56 10.57 18.65
CA PRO D 207 37.79 9.39 19.08
C PRO D 207 36.29 9.53 18.88
N ASP D 208 35.77 10.76 18.90
CA ASP D 208 34.34 10.95 18.69
C ASP D 208 33.90 10.48 17.31
N LEU D 209 34.78 10.60 16.30
CA LEU D 209 34.43 10.15 14.96
C LEU D 209 34.18 8.65 14.93
N ALA D 210 34.93 7.87 15.72
CA ALA D 210 34.72 6.43 15.77
C ALA D 210 33.31 6.12 16.28
N LYS D 211 32.86 6.83 17.31
CA LYS D 211 31.51 6.64 17.81
C LYS D 211 30.48 7.01 16.75
N ILE D 212 30.72 8.09 16.00
CA ILE D 212 29.82 8.48 14.93
C ILE D 212 29.77 7.41 13.85
N LEU D 213 30.91 6.78 13.58
CA LEU D 213 30.94 5.72 12.56
C LEU D 213 30.01 4.58 12.93
N GLU D 214 29.99 4.19 14.22
CA GLU D 214 29.10 3.12 14.64
C GLU D 214 27.64 3.51 14.43
N GLU D 215 27.28 4.74 14.77
CA GLU D 215 25.92 5.21 14.53
C GLU D 215 25.64 5.33 13.03
N VAL D 216 26.60 5.85 12.28
CA VAL D 216 26.43 5.94 10.83
C VAL D 216 26.35 4.55 10.22
N ARG D 217 27.20 3.63 10.68
CA ARG D 217 27.15 2.26 10.17
C ARG D 217 25.82 1.60 10.50
N TYR D 218 25.25 1.89 11.67
CA TYR D 218 23.95 1.32 12.03
C TYR D 218 22.88 1.77 11.05
N ILE D 219 22.88 3.06 10.68
CA ILE D 219 21.93 3.54 9.68
C ILE D 219 22.15 2.85 8.35
N ALA D 220 23.42 2.73 7.93
CA ALA D 220 23.73 2.00 6.70
C ALA D 220 23.38 0.53 6.85
N ASN D 221 23.64 -0.06 8.02
CA ASN D 221 23.29 -1.46 8.25
C ASN D 221 21.79 -1.66 8.32
N ARG D 222 21.02 -0.62 8.67
CA ARG D 222 19.57 -0.74 8.69
C ARG D 222 19.03 -1.05 7.30
N PHE D 223 19.57 -0.39 6.27
CA PHE D 223 19.17 -0.70 4.90
C PHE D 223 19.68 -2.06 4.47
N ARG D 224 20.85 -2.47 4.95
CA ARG D 224 21.39 -3.78 4.58
C ARG D 224 20.48 -4.90 5.06
N CYS D 225 20.00 -4.81 6.31
CA CYS D 225 19.06 -5.81 6.81
C CYS D 225 17.70 -5.67 6.17
N GLN D 226 17.29 -4.43 5.87
CA GLN D 226 16.04 -4.23 5.15
C GLN D 226 16.09 -4.82 3.75
N ASP D 227 17.22 -4.64 3.05
CA ASP D 227 17.39 -5.26 1.75
C ASP D 227 17.53 -6.76 1.85
N GLU D 228 18.12 -7.26 2.95
CA GLU D 228 18.23 -8.70 3.14
C GLU D 228 16.86 -9.34 3.36
N SER D 229 15.94 -8.62 4.02
CA SER D 229 14.60 -9.15 4.19
C SER D 229 13.91 -9.33 2.85
N GLU D 230 14.16 -8.45 1.89
CA GLU D 230 13.61 -8.62 0.55
C GLU D 230 14.21 -9.84 -0.14
N ALA D 231 15.49 -10.10 0.09
CA ALA D 231 16.12 -11.30 -0.46
C ALA D 231 15.47 -12.56 0.11
N VAL D 232 15.18 -12.55 1.42
CA VAL D 232 14.47 -13.68 2.02
C VAL D 232 13.07 -13.78 1.42
N CYS D 233 12.39 -12.64 1.25
CA CYS D 233 11.08 -12.66 0.61
C CYS D 233 11.18 -13.10 -0.84
N SER D 234 12.29 -12.78 -1.52
CA SER D 234 12.47 -13.25 -2.88
C SER D 234 12.54 -14.76 -2.96
N GLU D 235 13.10 -15.41 -1.93
CA GLU D 235 13.10 -16.86 -1.89
C GLU D 235 11.68 -17.41 -1.79
N TRP D 236 10.82 -16.75 -1.03
CA TRP D 236 9.43 -17.17 -0.93
C TRP D 236 8.66 -16.86 -2.20
N LYS D 237 9.08 -15.83 -2.95
CA LYS D 237 8.44 -15.54 -4.23
C LYS D 237 8.65 -16.69 -5.21
N PHE D 238 9.86 -17.25 -5.25
CA PHE D 238 10.11 -18.41 -6.10
C PHE D 238 9.46 -19.66 -5.53
N ALA D 239 9.32 -19.74 -4.19
CA ALA D 239 8.65 -20.87 -3.59
C ALA D 239 7.17 -20.93 -3.94
N ALA D 240 6.56 -19.79 -4.27
CA ALA D 240 5.16 -19.81 -4.71
C ALA D 240 5.02 -20.59 -6.01
N CYS D 241 5.97 -20.42 -6.93
CA CYS D 241 5.93 -21.18 -8.18
C CYS D 241 6.09 -22.68 -7.95
N VAL D 242 6.74 -23.09 -6.85
CA VAL D 242 6.90 -24.51 -6.58
C VAL D 242 5.54 -25.18 -6.39
N VAL D 243 4.68 -24.56 -5.58
CA VAL D 243 3.35 -25.11 -5.37
C VAL D 243 2.40 -24.71 -6.50
N ASP D 244 2.56 -23.50 -7.03
CA ASP D 244 1.69 -23.05 -8.12
C ASP D 244 1.89 -23.91 -9.36
N ARG D 245 3.15 -24.20 -9.71
CA ARG D 245 3.40 -25.05 -10.87
C ARG D 245 3.01 -26.50 -10.60
N LEU D 246 3.28 -26.99 -9.38
CA LEU D 246 2.90 -28.35 -9.03
C LEU D 246 1.38 -28.51 -9.07
N CYS D 247 0.64 -27.53 -8.53
CA CYS D 247 -0.81 -27.59 -8.59
C CYS D 247 -1.33 -27.38 -10.00
N LEU D 248 -0.65 -26.52 -10.78
CA LEU D 248 -1.08 -26.29 -12.16
C LEU D 248 -0.98 -27.57 -12.98
N MET D 249 0.11 -28.32 -12.83
CA MET D 249 0.26 -29.57 -13.55
C MET D 249 -0.70 -30.62 -13.04
N ALA D 250 -0.92 -30.66 -11.72
CA ALA D 250 -1.86 -31.65 -11.16
C ALA D 250 -3.27 -31.40 -11.65
N PHE D 251 -3.71 -30.13 -11.68
CA PHE D 251 -5.04 -29.81 -12.16
C PHE D 251 -5.16 -30.03 -13.67
N SER D 252 -4.05 -29.86 -14.41
CA SER D 252 -4.09 -30.10 -15.85
C SER D 252 -4.41 -31.56 -16.15
N VAL D 253 -3.82 -32.48 -15.40
CA VAL D 253 -4.11 -33.90 -15.59
C VAL D 253 -5.57 -34.18 -15.24
N PHE D 254 -6.05 -33.61 -14.14
CA PHE D 254 -7.45 -33.81 -13.76
C PHE D 254 -8.39 -33.25 -14.81
N THR D 255 -8.08 -32.07 -15.35
CA THR D 255 -8.92 -31.49 -16.39
C THR D 255 -8.93 -32.39 -17.64
N ILE D 256 -7.77 -32.92 -18.01
CA ILE D 256 -7.72 -33.82 -19.17
C ILE D 256 -8.56 -35.07 -18.90
N ILE D 257 -8.45 -35.64 -17.70
CA ILE D 257 -9.23 -36.82 -17.36
C ILE D 257 -10.72 -36.51 -17.44
N CYS D 258 -11.14 -35.37 -16.89
CA CYS D 258 -12.55 -35.00 -16.96
C CYS D 258 -12.99 -34.79 -18.41
N THR D 259 -12.14 -34.14 -19.22
CA THR D 259 -12.49 -33.94 -20.62
C THR D 259 -12.63 -35.25 -21.36
N ILE D 260 -11.73 -36.21 -21.09
CA ILE D 260 -11.81 -37.51 -21.75
C ILE D 260 -13.12 -38.21 -21.40
N GLY D 261 -13.50 -38.19 -20.11
CA GLY D 261 -14.75 -38.82 -19.72
C GLY D 261 -15.95 -38.17 -20.35
N ILE D 262 -15.93 -36.84 -20.48
CA ILE D 262 -17.05 -36.13 -21.09
C ILE D 262 -17.21 -36.55 -22.56
N LEU D 263 -16.10 -36.66 -23.29
CA LEU D 263 -16.16 -37.03 -24.69
C LEU D 263 -16.70 -38.44 -24.90
N MET D 264 -16.65 -39.28 -23.87
CA MET D 264 -17.14 -40.66 -23.98
C MET D 264 -18.60 -40.79 -23.58
N SER D 265 -19.08 -39.95 -22.66
CA SER D 265 -20.47 -40.00 -22.21
C SER D 265 -21.36 -38.98 -22.92
N ALA D 266 -20.79 -37.96 -23.54
CA ALA D 266 -21.60 -36.97 -24.23
C ALA D 266 -22.46 -37.58 -25.34
N PRO D 267 -21.95 -38.47 -26.19
CA PRO D 267 -22.81 -39.04 -27.24
C PRO D 267 -24.00 -39.80 -26.71
N ASN D 268 -23.93 -40.33 -25.48
CA ASN D 268 -25.03 -41.09 -24.89
C ASN D 268 -25.81 -40.32 -23.85
N PHE D 269 -25.25 -39.23 -23.32
CA PHE D 269 -25.93 -38.41 -22.32
C PHE D 269 -26.23 -37.01 -22.80
N VAL D 270 -25.22 -36.31 -23.34
CA VAL D 270 -25.41 -34.95 -23.84
C VAL D 270 -25.82 -35.00 -25.30
N LEU E 7 -37.90 -4.37 -33.74
CA LEU E 7 -36.59 -4.08 -33.18
C LEU E 7 -36.70 -3.75 -31.68
N TYR E 8 -37.72 -4.32 -31.03
CA TYR E 8 -37.92 -4.07 -29.61
C TYR E 8 -36.73 -4.58 -28.80
N TYR E 9 -36.34 -5.82 -29.04
CA TYR E 9 -35.19 -6.41 -28.35
C TYR E 9 -33.87 -6.15 -29.05
N GLY E 10 -33.90 -5.64 -30.29
CA GLY E 10 -32.66 -5.36 -30.97
C GLY E 10 -31.94 -4.14 -30.44
N LEU E 11 -32.67 -3.22 -29.82
CA LEU E 11 -32.08 -2.01 -29.23
C LEU E 11 -31.72 -2.18 -27.77
N ASN E 12 -32.01 -3.34 -27.18
CA ASN E 12 -31.70 -3.60 -25.77
C ASN E 12 -30.62 -4.66 -25.59
N LEU E 13 -30.13 -5.25 -26.67
CA LEU E 13 -29.08 -6.27 -26.61
C LEU E 13 -27.87 -5.91 -27.45
N LEU E 14 -28.06 -5.35 -28.64
CA LEU E 14 -26.92 -4.95 -29.46
C LEU E 14 -26.25 -3.69 -28.91
N ILE E 15 -27.05 -2.69 -28.51
CA ILE E 15 -26.48 -1.43 -28.05
C ILE E 15 -25.62 -1.62 -26.80
N PRO E 16 -26.07 -2.34 -25.77
CA PRO E 16 -25.20 -2.56 -24.60
C PRO E 16 -23.88 -3.25 -24.94
N CYS E 17 -23.88 -4.12 -25.95
CA CYS E 17 -22.65 -4.82 -26.30
C CYS E 17 -21.56 -3.85 -26.72
N VAL E 18 -21.92 -2.82 -27.50
CA VAL E 18 -20.94 -1.82 -27.90
C VAL E 18 -20.37 -1.10 -26.69
N LEU E 19 -21.23 -0.73 -25.74
CA LEU E 19 -20.76 -0.06 -24.53
C LEU E 19 -19.84 -0.96 -23.73
N ILE E 20 -20.18 -2.25 -23.61
CA ILE E 20 -19.34 -3.18 -22.87
C ILE E 20 -17.97 -3.30 -23.52
N SER E 21 -17.95 -3.44 -24.85
CA SER E 21 -16.67 -3.51 -25.55
C SER E 21 -15.94 -2.18 -25.55
N ALA E 22 -16.68 -1.07 -25.61
CA ALA E 22 -16.04 0.25 -25.61
C ALA E 22 -15.38 0.54 -24.26
N LEU E 23 -16.01 0.09 -23.16
CA LEU E 23 -15.45 0.34 -21.85
C LEU E 23 -14.12 -0.35 -21.66
N ALA E 24 -13.89 -1.47 -22.37
CA ALA E 24 -12.63 -2.19 -22.25
C ALA E 24 -11.47 -1.35 -22.78
N LEU E 25 -11.72 -0.49 -23.77
CA LEU E 25 -10.64 0.34 -24.32
C LEU E 25 -10.08 1.27 -23.27
N LEU E 26 -10.95 1.87 -22.44
CA LEU E 26 -10.47 2.78 -21.41
C LEU E 26 -9.61 2.06 -20.39
N VAL E 27 -9.85 0.77 -20.16
CA VAL E 27 -9.05 0.02 -19.20
C VAL E 27 -7.61 -0.10 -19.70
N PHE E 28 -7.43 -0.33 -21.00
CA PHE E 28 -6.08 -0.49 -21.54
C PHE E 28 -5.24 0.77 -21.39
N LEU E 29 -5.87 1.94 -21.30
CA LEU E 29 -5.11 3.19 -21.18
C LEU E 29 -4.47 3.35 -19.82
N LEU E 30 -4.90 2.58 -18.82
CA LEU E 30 -4.34 2.70 -17.49
C LEU E 30 -2.90 2.18 -17.48
N PRO E 31 -1.97 2.88 -16.82
CA PRO E 31 -0.59 2.36 -16.74
C PRO E 31 -0.50 1.09 -15.92
N ALA E 32 0.70 0.50 -15.86
CA ALA E 32 0.87 -0.73 -15.09
C ALA E 32 0.78 -0.47 -13.59
N ASP E 33 1.23 0.71 -13.13
CA ASP E 33 1.21 1.01 -11.71
C ASP E 33 -0.20 1.09 -11.15
N SER E 34 -1.22 1.22 -12.00
CA SER E 34 -2.60 1.30 -11.54
C SER E 34 -3.02 -0.03 -10.93
N GLY E 35 -3.13 -0.07 -9.60
CA GLY E 35 -3.53 -1.29 -8.92
C GLY E 35 -4.99 -1.62 -9.08
N GLU E 36 -5.83 -0.64 -9.42
CA GLU E 36 -7.26 -0.86 -9.60
C GLU E 36 -7.62 -1.16 -11.05
N LYS E 37 -6.64 -1.28 -11.95
CA LYS E 37 -6.94 -1.58 -13.34
C LYS E 37 -7.63 -2.93 -13.48
N ILE E 38 -7.15 -3.94 -12.74
CA ILE E 38 -7.76 -5.26 -12.80
C ILE E 38 -9.19 -5.21 -12.29
N SER E 39 -9.44 -4.44 -11.22
CA SER E 39 -10.79 -4.33 -10.69
C SER E 39 -11.73 -3.69 -11.71
N LEU E 40 -11.26 -2.66 -12.41
CA LEU E 40 -12.09 -2.02 -13.42
C LEU E 40 -12.46 -2.98 -14.54
N GLY E 41 -11.50 -3.79 -14.99
CA GLY E 41 -11.77 -4.76 -16.04
C GLY E 41 -12.67 -5.90 -15.62
N ILE E 42 -12.70 -6.23 -14.32
CA ILE E 42 -13.55 -7.30 -13.85
C ILE E 42 -15.02 -6.91 -13.98
N THR E 43 -15.33 -5.64 -13.71
CA THR E 43 -16.72 -5.19 -13.80
C THR E 43 -17.25 -5.29 -15.23
N VAL E 44 -16.37 -5.11 -16.22
CA VAL E 44 -16.79 -5.21 -17.62
C VAL E 44 -17.28 -6.63 -17.92
N LEU E 45 -16.52 -7.63 -17.46
CA LEU E 45 -16.94 -9.02 -17.67
C LEU E 45 -18.14 -9.39 -16.80
N LEU E 46 -18.21 -8.83 -15.59
CA LEU E 46 -19.33 -9.14 -14.71
C LEU E 46 -20.65 -8.66 -15.30
N SER E 47 -20.65 -7.47 -15.90
CA SER E 47 -21.88 -6.95 -16.50
C SER E 47 -22.28 -7.75 -17.73
N LEU E 48 -21.31 -8.36 -18.42
CA LEU E 48 -21.63 -9.15 -19.61
C LEU E 48 -22.43 -10.40 -19.23
N THR E 49 -22.12 -11.01 -18.08
CA THR E 49 -22.85 -12.22 -17.68
C THR E 49 -24.33 -11.93 -17.45
N VAL E 50 -24.67 -10.73 -16.99
CA VAL E 50 -26.08 -10.40 -16.77
C VAL E 50 -26.84 -10.43 -18.09
N PHE E 51 -26.26 -9.86 -19.15
CA PHE E 51 -26.91 -9.88 -20.44
C PHE E 51 -26.92 -11.28 -21.04
N MET E 52 -25.94 -12.12 -20.67
CA MET E 52 -25.89 -13.48 -21.22
C MET E 52 -27.11 -14.28 -20.83
N LEU E 53 -27.57 -14.15 -19.58
CA LEU E 53 -28.73 -14.88 -19.13
C LEU E 53 -29.97 -14.51 -19.94
N LEU E 54 -30.15 -13.22 -20.21
CA LEU E 54 -31.31 -12.78 -20.99
C LEU E 54 -31.27 -13.37 -22.39
N VAL E 55 -30.09 -13.40 -23.01
CA VAL E 55 -29.98 -13.94 -24.37
C VAL E 55 -30.28 -15.44 -24.36
N ALA E 56 -29.85 -16.15 -23.31
CA ALA E 56 -30.08 -17.58 -23.25
C ALA E 56 -31.57 -17.90 -23.23
N GLU E 57 -32.35 -17.13 -22.46
CA GLU E 57 -33.79 -17.36 -22.41
C GLU E 57 -34.44 -17.11 -23.76
N ILE E 58 -33.99 -16.08 -24.48
CA ILE E 58 -34.56 -15.78 -25.80
C ILE E 58 -34.28 -16.91 -26.77
N MET E 59 -33.11 -17.52 -26.67
CA MET E 59 -32.77 -18.60 -27.58
C MET E 59 -33.72 -19.79 -27.36
N PRO E 60 -34.36 -20.31 -28.40
CA PRO E 60 -35.23 -21.47 -28.21
C PRO E 60 -34.45 -22.67 -27.67
N SER E 61 -35.12 -23.43 -26.80
CA SER E 61 -34.52 -24.62 -26.19
C SER E 61 -34.60 -25.77 -27.20
N THR E 62 -33.60 -25.82 -28.07
CA THR E 62 -33.52 -26.83 -29.10
C THR E 62 -32.62 -27.98 -28.64
N SER E 63 -32.40 -28.95 -29.54
CA SER E 63 -31.57 -30.11 -29.24
C SER E 63 -30.17 -29.98 -29.83
N ASP E 64 -30.07 -29.67 -31.12
CA ASP E 64 -28.78 -29.52 -31.78
C ASP E 64 -28.69 -28.33 -32.72
N SER E 65 -29.73 -27.49 -32.78
CA SER E 65 -29.72 -26.32 -33.65
C SER E 65 -29.28 -25.11 -32.84
N SER E 66 -28.05 -24.65 -33.10
CA SER E 66 -27.50 -23.50 -32.38
C SER E 66 -27.86 -22.22 -33.10
N PRO E 67 -28.63 -21.31 -32.49
CA PRO E 67 -28.94 -20.04 -33.15
C PRO E 67 -27.68 -19.21 -33.37
N SER E 68 -27.73 -18.39 -34.42
CA SER E 68 -26.58 -17.55 -34.75
C SER E 68 -26.28 -16.54 -33.63
N ILE E 69 -27.28 -16.19 -32.82
CA ILE E 69 -27.05 -15.23 -31.74
C ILE E 69 -26.07 -15.78 -30.72
N ALA E 70 -25.93 -17.10 -30.63
CA ALA E 70 -25.00 -17.68 -29.66
C ALA E 70 -23.57 -17.24 -29.95
N GLN E 71 -23.18 -17.22 -31.22
CA GLN E 71 -21.83 -16.81 -31.59
C GLN E 71 -21.67 -15.29 -31.61
N TYR E 72 -22.76 -14.55 -31.82
CA TYR E 72 -22.66 -13.09 -31.86
C TYR E 72 -22.20 -12.54 -30.52
N PHE E 73 -22.86 -12.95 -29.44
CA PHE E 73 -22.48 -12.50 -28.10
C PHE E 73 -21.24 -13.21 -27.59
N ALA E 74 -20.91 -14.38 -28.14
CA ALA E 74 -19.71 -15.09 -27.71
C ALA E 74 -18.46 -14.29 -28.05
N SER E 75 -18.42 -13.65 -29.22
CA SER E 75 -17.25 -12.87 -29.61
C SER E 75 -17.03 -11.71 -28.65
N THR E 76 -18.11 -11.15 -28.09
CA THR E 76 -17.94 -10.05 -27.15
C THR E 76 -17.22 -10.51 -25.89
N MET E 77 -17.52 -11.71 -25.40
CA MET E 77 -16.84 -12.21 -24.21
C MET E 77 -15.36 -12.47 -24.48
N ILE E 78 -15.01 -12.86 -25.71
CA ILE E 78 -13.61 -13.12 -26.03
C ILE E 78 -12.80 -11.83 -25.90
N ILE E 79 -13.32 -10.73 -26.43
CA ILE E 79 -12.62 -9.45 -26.33
C ILE E 79 -12.53 -9.02 -24.88
N VAL E 80 -13.66 -9.09 -24.15
CA VAL E 80 -13.65 -8.72 -22.75
C VAL E 80 -12.79 -9.68 -21.94
N GLY E 81 -12.93 -10.98 -22.20
CA GLY E 81 -12.13 -11.96 -21.47
C GLY E 81 -10.64 -11.78 -21.72
N LEU E 82 -10.27 -11.55 -22.98
CA LEU E 82 -8.86 -11.32 -23.29
C LEU E 82 -8.35 -10.02 -22.70
N SER E 83 -9.22 -9.01 -22.59
CA SER E 83 -8.81 -7.75 -21.99
C SER E 83 -8.40 -7.93 -20.55
N VAL E 84 -9.14 -8.74 -19.79
CA VAL E 84 -8.77 -9.00 -18.40
C VAL E 84 -7.42 -9.69 -18.33
N VAL E 85 -7.19 -10.67 -19.21
CA VAL E 85 -5.91 -11.37 -19.22
C VAL E 85 -4.77 -10.39 -19.52
N VAL E 86 -5.00 -9.45 -20.43
CA VAL E 86 -3.96 -8.47 -20.76
C VAL E 86 -3.60 -7.66 -19.53
N THR E 87 -4.61 -7.20 -18.79
CA THR E 87 -4.35 -6.44 -17.57
C THR E 87 -3.65 -7.33 -16.53
N VAL E 88 -4.03 -8.60 -16.46
CA VAL E 88 -3.39 -9.52 -15.53
C VAL E 88 -1.92 -9.70 -15.88
N ILE E 89 -1.62 -9.81 -17.18
CA ILE E 89 -0.23 -9.98 -17.61
C ILE E 89 0.60 -8.75 -17.23
N VAL E 90 -0.02 -7.57 -17.30
CA VAL E 90 0.70 -6.34 -16.96
C VAL E 90 1.11 -6.35 -15.49
N LEU E 91 0.27 -6.94 -14.62
CA LEU E 91 0.60 -6.98 -13.20
C LEU E 91 1.90 -7.75 -12.96
N GLN E 92 2.26 -8.67 -13.85
CA GLN E 92 3.50 -9.41 -13.72
C GLN E 92 4.71 -8.63 -14.18
N TYR E 93 4.53 -7.47 -14.82
CA TYR E 93 5.66 -6.67 -15.27
C TYR E 93 6.39 -6.02 -14.11
N HIS E 94 5.76 -5.92 -12.94
CA HIS E 94 6.43 -5.29 -11.80
C HIS E 94 7.51 -6.19 -11.22
N HIS E 95 7.27 -7.51 -11.21
CA HIS E 95 8.25 -8.46 -10.68
C HIS E 95 9.14 -9.01 -11.79
N HIS E 96 8.54 -9.69 -12.77
CA HIS E 96 9.27 -10.26 -13.92
C HIS E 96 10.62 -10.82 -13.50
N ASP E 97 10.59 -11.69 -12.48
CA ASP E 97 11.81 -12.24 -11.94
C ASP E 97 12.47 -13.19 -12.93
N PRO E 98 13.78 -13.43 -12.80
CA PRO E 98 14.47 -14.33 -13.74
C PRO E 98 14.12 -15.80 -13.55
N ASP E 99 13.29 -16.15 -12.56
CA ASP E 99 12.95 -17.54 -12.32
C ASP E 99 12.13 -18.16 -13.44
N GLY E 100 11.58 -17.34 -14.35
CA GLY E 100 10.78 -17.86 -15.44
C GLY E 100 9.59 -16.97 -15.73
N GLY E 101 9.36 -16.67 -17.01
CA GLY E 101 8.26 -15.80 -17.39
C GLY E 101 8.72 -14.64 -18.24
N LYS E 102 8.61 -13.43 -17.70
CA LYS E 102 8.94 -12.22 -18.42
C LYS E 102 10.46 -11.97 -18.36
N MET E 103 10.88 -10.79 -18.79
CA MET E 103 12.29 -10.43 -18.91
C MET E 103 13.00 -11.31 -19.93
N PRO E 104 12.60 -11.27 -21.20
CA PRO E 104 13.37 -11.97 -22.22
C PRO E 104 14.58 -11.16 -22.67
N LYS E 105 15.65 -11.87 -23.00
CA LYS E 105 16.89 -11.20 -23.38
C LYS E 105 16.74 -10.43 -24.69
N TRP E 106 16.00 -10.98 -25.65
CA TRP E 106 15.85 -10.37 -26.96
C TRP E 106 14.61 -9.48 -27.07
N THR E 107 13.50 -9.87 -26.45
CA THR E 107 12.28 -9.09 -26.58
C THR E 107 12.40 -7.72 -25.91
N ARG E 108 13.24 -7.61 -24.88
CA ARG E 108 13.39 -6.33 -24.19
C ARG E 108 13.85 -5.24 -25.14
N VAL E 109 14.70 -5.58 -26.11
CA VAL E 109 15.13 -4.59 -27.10
C VAL E 109 13.95 -4.16 -27.96
N ILE E 110 13.08 -5.11 -28.33
CA ILE E 110 11.93 -4.78 -29.16
C ILE E 110 10.98 -3.84 -28.41
N LEU E 111 10.78 -4.10 -27.11
CA LEU E 111 9.86 -3.27 -26.34
C LEU E 111 10.33 -1.82 -26.29
N LEU E 112 11.64 -1.61 -26.10
CA LEU E 112 12.17 -0.25 -26.05
C LEU E 112 11.95 0.46 -27.38
N ASN E 113 12.16 -0.24 -28.50
CA ASN E 113 11.99 0.38 -29.81
C ASN E 113 10.53 0.80 -30.02
N TRP E 114 9.58 -0.05 -29.64
CA TRP E 114 8.17 0.27 -29.82
C TRP E 114 7.79 1.51 -29.00
N CYS E 115 8.29 1.61 -27.77
CA CYS E 115 7.96 2.76 -26.93
C CYS E 115 8.45 4.05 -27.55
N ALA E 116 9.67 4.04 -28.12
CA ALA E 116 10.20 5.24 -28.75
C ALA E 116 9.50 5.55 -30.07
N TRP E 117 8.90 4.55 -30.71
CA TRP E 117 8.21 4.78 -31.98
C TRP E 117 6.86 5.49 -31.80
N PHE E 118 6.30 5.46 -30.59
CA PHE E 118 5.01 6.12 -30.37
C PHE E 118 5.13 7.61 -30.60
N LEU E 119 6.20 8.23 -30.10
CA LEU E 119 6.39 9.67 -30.29
C LEU E 119 6.76 9.97 -31.74
N ARG E 120 7.59 9.12 -32.34
CA ARG E 120 8.04 9.29 -33.73
C ARG E 120 7.91 7.94 -34.42
N MET E 121 6.75 7.67 -35.01
CA MET E 121 6.51 6.42 -35.70
C MET E 121 7.18 6.44 -37.07
N LYS E 122 7.87 5.35 -37.42
CA LYS E 122 8.53 5.25 -38.71
C LYS E 122 7.54 5.11 -39.86
N ARG E 123 6.28 4.81 -39.58
CA ARG E 123 5.29 4.66 -40.63
C ARG E 123 4.94 6.02 -41.23
N PRO E 124 4.35 6.04 -42.43
CA PRO E 124 4.00 7.33 -43.05
C PRO E 124 3.02 8.15 -42.24
N GLY E 125 2.28 7.53 -41.32
CA GLY E 125 1.32 8.29 -40.53
C GLY E 125 1.96 9.42 -39.75
N GLU E 126 3.15 9.18 -39.21
CA GLU E 126 3.89 10.20 -38.47
C GLU E 126 5.25 10.53 -39.06
N ASP E 127 5.91 9.57 -39.71
CA ASP E 127 7.20 9.86 -40.33
C ASP E 127 7.05 10.87 -41.46
N LYS E 128 5.99 10.75 -42.26
CA LYS E 128 5.76 11.66 -43.36
C LYS E 128 5.02 12.93 -42.93
N VAL E 129 4.12 12.83 -41.96
CA VAL E 129 3.36 14.00 -41.50
C VAL E 129 4.19 14.64 -40.40
N ARG E 130 5.12 15.50 -40.81
CA ARG E 130 5.99 16.23 -39.91
C ARG E 130 6.82 17.20 -40.74
N PRO E 131 7.44 18.20 -40.10
CA PRO E 131 8.28 19.14 -40.84
C PRO E 131 9.41 18.42 -41.56
N ALA E 132 9.72 18.88 -42.77
CA ALA E 132 10.78 18.30 -43.58
C ALA E 132 11.48 19.40 -44.36
N CYS E 133 12.80 19.33 -44.42
CA CYS E 133 13.60 20.31 -45.12
C CYS E 133 14.95 19.70 -45.46
N GLN E 134 15.73 20.44 -46.25
CA GLN E 134 17.06 20.00 -46.65
C GLN E 134 18.16 20.55 -45.75
N HIS E 135 17.79 21.20 -44.65
CA HIS E 135 18.79 21.76 -43.74
C HIS E 135 19.51 20.65 -43.00
N LYS E 136 20.60 21.03 -42.33
CA LYS E 136 21.41 20.06 -41.59
C LYS E 136 20.65 19.47 -40.40
N GLN E 137 19.55 20.09 -39.99
CA GLN E 137 18.79 19.57 -38.85
C GLN E 137 18.13 18.23 -39.16
N ARG E 138 18.05 17.85 -40.43
CA ARG E 138 17.45 16.58 -40.84
C ARG E 138 18.50 15.65 -41.47
N ARG E 139 19.75 15.79 -41.06
CA ARG E 139 20.86 14.98 -41.57
C ARG E 139 21.53 14.26 -40.40
N CYS E 140 22.62 13.55 -40.72
CA CYS E 140 23.38 12.81 -39.74
C CYS E 140 24.86 13.20 -39.84
N SER E 141 25.55 13.09 -38.71
CA SER E 141 26.96 13.45 -38.63
C SER E 141 27.62 12.53 -37.60
N LEU E 142 28.85 12.88 -37.22
CA LEU E 142 29.58 12.06 -36.24
C LEU E 142 28.86 12.05 -34.90
N ALA E 143 28.36 13.20 -34.46
CA ALA E 143 27.66 13.26 -33.17
C ALA E 143 26.41 12.40 -33.18
N SER E 144 25.64 12.43 -34.29
CA SER E 144 24.42 11.65 -34.35
C SER E 144 24.72 10.16 -34.41
N VAL E 145 25.76 9.77 -35.13
CA VAL E 145 26.12 8.36 -35.28
C VAL E 145 27.07 8.01 -34.14
N GLU E 146 26.56 7.28 -33.16
CA GLU E 146 27.34 6.85 -32.00
C GLU E 146 27.79 5.40 -32.10
N MET E 147 27.73 4.80 -33.29
CA MET E 147 28.13 3.41 -33.46
C MET E 147 29.63 3.21 -33.31
N SER E 148 30.42 4.28 -33.45
CA SER E 148 31.88 4.20 -33.34
C SER E 148 32.37 4.78 -32.02
N ALA E 149 31.61 4.56 -30.94
CA ALA E 149 31.99 5.05 -29.62
C ALA E 149 32.16 6.56 -29.62
N VAL E 150 31.17 7.26 -30.19
CA VAL E 150 31.16 8.72 -30.26
C VAL E 150 30.22 9.24 -29.18
N ALA E 151 30.70 10.20 -28.39
CA ALA E 151 29.88 10.76 -27.33
C ALA E 151 28.66 11.46 -27.91
N PRO E 152 27.49 11.28 -27.34
CA PRO E 152 26.28 11.93 -27.88
C PRO E 152 26.32 13.43 -27.63
N PRO E 153 25.50 14.20 -28.33
CA PRO E 153 25.49 15.65 -28.10
C PRO E 153 25.14 15.96 -26.66
N PRO E 154 25.73 17.01 -26.09
CA PRO E 154 25.39 17.36 -24.69
C PRO E 154 23.91 17.62 -24.54
N ALA E 155 23.26 16.83 -23.68
CA ALA E 155 21.84 16.98 -23.42
C ALA E 155 21.53 16.41 -22.04
N SER E 156 20.47 16.92 -21.44
CA SER E 156 20.03 16.50 -20.12
C SER E 156 18.99 15.39 -20.16
N ASN E 157 18.68 14.87 -21.35
CA ASN E 157 17.67 13.83 -21.52
C ASN E 157 18.27 12.43 -21.52
N GLY E 158 19.49 12.27 -21.03
CA GLY E 158 20.15 10.99 -20.96
C GLY E 158 21.35 10.82 -21.88
N ASN E 159 21.99 11.90 -22.30
CA ASN E 159 23.16 11.83 -23.16
C ASN E 159 24.42 12.30 -22.45
N LEU E 160 24.41 13.52 -21.89
CA LEU E 160 25.57 14.00 -21.16
C LEU E 160 25.70 13.32 -19.81
N LEU E 161 24.58 13.02 -19.16
CA LEU E 161 24.63 12.37 -17.85
C LEU E 161 25.02 10.90 -17.96
N TYR E 162 24.68 10.26 -19.08
CA TYR E 162 25.00 8.84 -19.24
C TYR E 162 26.50 8.61 -19.21
N ILE E 163 27.26 9.46 -19.90
CA ILE E 163 28.73 9.31 -19.93
C ILE E 163 29.39 9.74 -18.64
N GLY E 164 28.67 10.36 -17.72
CA GLY E 164 29.25 10.83 -16.48
C GLY E 164 29.23 9.76 -15.39
N PHE E 165 28.06 9.21 -15.11
CA PHE E 165 27.90 8.21 -14.06
C PHE E 165 27.98 6.78 -14.58
N ARG E 166 27.32 6.49 -15.71
CA ARG E 166 27.34 5.14 -16.27
C ARG E 166 28.58 4.87 -17.10
N GLY E 167 29.42 5.86 -17.35
CA GLY E 167 30.63 5.66 -18.12
C GLY E 167 31.75 5.08 -17.29
N LEU E 168 31.62 3.81 -16.92
CA LEU E 168 32.64 3.16 -16.12
C LEU E 168 33.91 2.92 -16.94
N ASP E 169 35.02 2.69 -16.22
CA ASP E 169 36.32 2.48 -16.85
C ASP E 169 36.71 3.66 -17.73
N GLY E 170 36.38 4.87 -17.27
CA GLY E 170 36.70 6.07 -18.00
C GLY E 170 37.46 7.08 -17.17
N VAL E 171 37.51 8.33 -17.64
CA VAL E 171 38.24 9.37 -16.91
C VAL E 171 37.59 9.64 -15.56
N HIS E 172 36.26 9.57 -15.48
CA HIS E 172 35.57 9.84 -14.23
C HIS E 172 35.95 8.82 -13.15
N CYS E 173 36.05 7.55 -13.53
CA CYS E 173 36.36 6.48 -12.58
C CYS E 173 37.85 6.15 -12.55
N VAL E 174 38.43 5.83 -13.70
CA VAL E 174 39.83 5.44 -13.78
C VAL E 174 40.54 6.33 -14.79
N PRO E 175 41.07 7.50 -14.39
CA PRO E 175 41.77 8.38 -15.35
C PRO E 175 43.17 7.88 -15.65
N THR E 176 43.25 6.78 -16.40
CA THR E 176 44.54 6.21 -16.76
C THR E 176 45.40 7.18 -17.55
N PRO E 177 44.90 7.88 -18.55
CA PRO E 177 45.76 8.82 -19.29
C PRO E 177 46.33 9.90 -18.37
N ASP E 178 47.58 10.28 -18.64
CA ASP E 178 48.27 11.28 -17.83
C ASP E 178 47.80 12.66 -18.28
N SER E 179 46.86 13.24 -17.52
CA SER E 179 46.36 14.57 -17.85
C SER E 179 47.35 15.67 -17.47
N GLY E 180 48.13 15.46 -16.43
CA GLY E 180 49.09 16.47 -16.01
C GLY E 180 48.43 17.75 -15.52
N VAL E 181 47.28 17.64 -14.86
CA VAL E 181 46.55 18.78 -14.33
C VAL E 181 46.43 18.73 -12.82
N VAL E 182 46.12 17.55 -12.27
CA VAL E 182 45.96 17.43 -10.82
C VAL E 182 47.29 17.71 -10.12
N CYS E 183 48.38 17.14 -10.64
CA CYS E 183 49.72 17.32 -10.09
C CYS E 183 50.66 18.05 -11.06
N GLY E 184 50.12 18.64 -12.12
CA GLY E 184 50.94 19.35 -13.08
C GLY E 184 50.55 20.80 -13.23
N ARG E 185 49.31 21.14 -12.90
CA ARG E 185 48.79 22.49 -12.99
C ARG E 185 48.26 22.93 -11.62
N MET E 186 47.78 24.17 -11.56
CA MET E 186 47.23 24.76 -10.35
C MET E 186 45.71 24.85 -10.40
N ALA E 187 45.06 23.92 -11.10
CA ALA E 187 43.60 23.91 -11.24
C ALA E 187 43.01 23.25 -10.00
N CYS E 188 42.93 24.04 -8.92
CA CYS E 188 42.38 23.58 -7.65
C CYS E 188 43.14 22.38 -7.11
N SER E 189 44.45 22.32 -7.38
CA SER E 189 45.28 21.21 -6.92
C SER E 189 46.72 21.67 -6.90
N PRO E 190 47.53 21.22 -5.94
CA PRO E 190 48.94 21.62 -5.92
C PRO E 190 49.72 20.98 -7.06
N THR E 191 50.83 21.62 -7.40
CA THR E 191 51.73 21.16 -8.47
C THR E 191 52.94 20.50 -7.84
N HIS E 192 52.90 19.18 -7.71
CA HIS E 192 54.02 18.41 -7.16
C HIS E 192 54.45 18.95 -5.80
N ASP E 193 53.47 19.27 -4.96
CA ASP E 193 53.73 19.78 -3.61
C ASP E 193 53.63 18.59 -2.64
N GLU E 194 54.78 17.97 -2.37
CA GLU E 194 54.83 16.84 -1.47
C GLU E 194 54.84 17.23 0.00
N HIS E 195 55.03 18.52 0.31
CA HIS E 195 55.05 19.03 1.68
C HIS E 195 53.76 19.76 2.02
N LEU E 196 52.63 19.30 1.48
CA LEU E 196 51.33 19.91 1.74
C LEU E 196 50.80 19.41 3.08
N LEU E 197 51.38 19.93 4.15
CA LEU E 197 51.02 19.57 5.51
C LEU E 197 50.19 20.69 6.12
N HIS E 198 48.98 20.35 6.59
CA HIS E 198 48.09 21.32 7.22
C HIS E 198 48.40 21.35 8.71
N GLY E 199 49.42 22.14 9.06
CA GLY E 199 49.85 22.22 10.45
C GLY E 199 50.62 21.00 10.93
N GLY E 200 51.21 20.25 10.01
CA GLY E 200 51.95 19.04 10.35
C GLY E 200 51.21 17.76 10.06
N GLN E 201 49.91 17.82 9.81
CA GLN E 201 49.13 16.63 9.50
C GLN E 201 49.28 16.27 8.03
N PRO E 202 48.98 15.02 7.67
CA PRO E 202 49.06 14.62 6.26
C PRO E 202 48.02 15.34 5.42
N PRO E 203 47.96 15.08 4.11
CA PRO E 203 46.94 15.75 3.29
C PRO E 203 45.53 15.52 3.78
N GLU E 204 45.24 14.32 4.29
CA GLU E 204 43.93 14.01 4.83
C GLU E 204 43.89 14.35 6.32
N GLY E 205 42.88 15.12 6.72
CA GLY E 205 42.79 15.53 8.11
C GLY E 205 42.64 14.36 9.06
N ASP E 206 41.84 13.38 8.70
CA ASP E 206 41.61 12.21 9.54
C ASP E 206 41.27 11.00 8.68
N PRO E 207 42.03 9.91 8.75
CA PRO E 207 41.65 8.71 7.99
C PRO E 207 40.29 8.15 8.38
N ASP E 208 39.81 8.42 9.60
CA ASP E 208 38.50 7.94 10.00
C ASP E 208 37.40 8.54 9.13
N LEU E 209 37.55 9.81 8.74
CA LEU E 209 36.54 10.44 7.90
C LEU E 209 36.40 9.72 6.57
N ALA E 210 37.50 9.17 6.04
CA ALA E 210 37.43 8.42 4.80
C ALA E 210 36.54 7.20 4.96
N LYS E 211 36.67 6.49 6.08
CA LYS E 211 35.80 5.34 6.34
C LYS E 211 34.34 5.78 6.48
N ILE E 212 34.10 6.92 7.14
CA ILE E 212 32.74 7.41 7.28
C ILE E 212 32.16 7.77 5.92
N LEU E 213 33.00 8.27 5.01
CA LEU E 213 32.53 8.63 3.67
C LEU E 213 31.98 7.40 2.95
N GLU E 214 32.68 6.26 3.07
CA GLU E 214 32.20 5.04 2.44
C GLU E 214 30.84 4.62 3.00
N GLU E 215 30.69 4.70 4.32
CA GLU E 215 29.39 4.39 4.92
C GLU E 215 28.34 5.43 4.53
N VAL E 216 28.73 6.71 4.55
CA VAL E 216 27.80 7.76 4.13
C VAL E 216 27.44 7.59 2.66
N ARG E 217 28.44 7.30 1.82
CA ARG E 217 28.18 7.09 0.40
C ARG E 217 27.26 5.90 0.18
N TYR E 218 27.41 4.84 0.99
CA TYR E 218 26.53 3.69 0.86
C TYR E 218 25.09 4.07 1.13
N ILE E 219 24.84 4.88 2.16
CA ILE E 219 23.49 5.35 2.44
C ILE E 219 22.99 6.20 1.28
N ALA E 220 23.83 7.12 0.79
CA ALA E 220 23.46 7.91 -0.38
C ALA E 220 23.27 7.02 -1.61
N ASN E 221 24.15 6.03 -1.78
CA ASN E 221 24.02 5.10 -2.90
C ASN E 221 22.82 4.18 -2.74
N ARG E 222 22.33 4.00 -1.51
CA ARG E 222 21.15 3.16 -1.30
C ARG E 222 19.94 3.74 -2.02
N PHE E 223 19.77 5.06 -1.98
CA PHE E 223 18.68 5.69 -2.72
C PHE E 223 18.95 5.72 -4.22
N ARG E 224 20.23 5.73 -4.61
CA ARG E 224 20.55 5.74 -6.04
C ARG E 224 20.04 4.49 -6.73
N CYS E 225 20.25 3.32 -6.12
CA CYS E 225 19.71 2.09 -6.70
C CYS E 225 18.21 1.98 -6.50
N GLN E 226 17.69 2.53 -5.39
CA GLN E 226 16.25 2.54 -5.20
C GLN E 226 15.57 3.40 -6.25
N ASP E 227 16.15 4.56 -6.58
CA ASP E 227 15.61 5.39 -7.65
C ASP E 227 15.83 4.75 -9.01
N GLU E 228 16.93 4.02 -9.19
CA GLU E 228 17.16 3.33 -10.45
C GLU E 228 16.16 2.19 -10.66
N SER E 229 15.74 1.54 -9.58
CA SER E 229 14.73 0.49 -9.71
C SER E 229 13.42 1.05 -10.23
N GLU E 230 13.08 2.28 -9.84
CA GLU E 230 11.89 2.92 -10.39
C GLU E 230 12.06 3.24 -11.87
N ALA E 231 13.27 3.62 -12.28
CA ALA E 231 13.53 3.84 -13.71
C ALA E 231 13.35 2.55 -14.50
N VAL E 232 13.81 1.43 -13.96
CA VAL E 232 13.58 0.14 -14.61
C VAL E 232 12.09 -0.16 -14.65
N CYS E 233 11.39 0.10 -13.54
CA CYS E 233 9.93 -0.07 -13.53
C CYS E 233 9.26 0.89 -14.50
N SER E 234 9.84 2.09 -14.69
CA SER E 234 9.28 3.03 -15.65
C SER E 234 9.35 2.48 -17.07
N GLU E 235 10.41 1.74 -17.40
CA GLU E 235 10.47 1.10 -18.70
C GLU E 235 9.37 0.07 -18.86
N TRP E 236 9.06 -0.68 -17.79
CA TRP E 236 7.98 -1.65 -17.85
C TRP E 236 6.62 -0.95 -17.88
N LYS E 237 6.52 0.24 -17.29
CA LYS E 237 5.27 0.99 -17.37
C LYS E 237 4.95 1.38 -18.81
N PHE E 238 5.97 1.80 -19.56
CA PHE E 238 5.77 2.08 -20.98
C PHE E 238 5.58 0.80 -21.78
N ALA E 239 6.19 -0.30 -21.34
CA ALA E 239 6.00 -1.58 -22.02
C ALA E 239 4.57 -2.08 -21.91
N ALA E 240 3.85 -1.67 -20.85
CA ALA E 240 2.44 -2.05 -20.74
C ALA E 240 1.62 -1.47 -21.88
N CYS E 241 1.91 -0.23 -22.26
CA CYS E 241 1.22 0.39 -23.39
C CYS E 241 1.52 -0.33 -24.70
N VAL E 242 2.67 -0.99 -24.81
CA VAL E 242 2.99 -1.70 -26.05
C VAL E 242 1.99 -2.81 -26.30
N VAL E 243 1.69 -3.60 -25.28
CA VAL E 243 0.71 -4.68 -25.44
C VAL E 243 -0.71 -4.14 -25.30
N ASP E 244 -0.92 -3.14 -24.44
CA ASP E 244 -2.25 -2.58 -24.27
C ASP E 244 -2.73 -1.89 -25.56
N ARG E 245 -1.84 -1.11 -26.19
CA ARG E 245 -2.21 -0.47 -27.45
C ARG E 245 -2.33 -1.48 -28.58
N LEU E 246 -1.43 -2.47 -28.62
CA LEU E 246 -1.51 -3.50 -29.65
C LEU E 246 -2.79 -4.31 -29.50
N CYS E 247 -3.16 -4.67 -28.27
CA CYS E 247 -4.40 -5.40 -28.05
C CYS E 247 -5.62 -4.51 -28.28
N LEU E 248 -5.51 -3.22 -27.92
CA LEU E 248 -6.63 -2.31 -28.14
C LEU E 248 -6.95 -2.17 -29.63
N MET E 249 -5.92 -2.05 -30.47
CA MET E 249 -6.14 -1.94 -31.90
C MET E 249 -6.64 -3.27 -32.47
N ALA E 250 -6.09 -4.39 -31.99
CA ALA E 250 -6.54 -5.69 -32.47
C ALA E 250 -8.00 -5.93 -32.15
N PHE E 251 -8.43 -5.59 -30.94
CA PHE E 251 -9.83 -5.77 -30.56
C PHE E 251 -10.73 -4.79 -31.30
N SER E 252 -10.22 -3.61 -31.64
CA SER E 252 -11.02 -2.65 -32.39
C SER E 252 -11.39 -3.20 -33.75
N VAL E 253 -10.44 -3.85 -34.43
CA VAL E 253 -10.74 -4.45 -35.73
C VAL E 253 -11.77 -5.56 -35.57
N PHE E 254 -11.60 -6.40 -34.53
CA PHE E 254 -12.56 -7.47 -34.30
C PHE E 254 -13.94 -6.92 -33.99
N THR E 255 -14.01 -5.86 -33.19
CA THR E 255 -15.31 -5.25 -32.88
C THR E 255 -15.96 -4.70 -34.15
N ILE E 256 -15.17 -4.06 -35.01
CA ILE E 256 -15.71 -3.54 -36.27
C ILE E 256 -16.22 -4.68 -37.13
N ILE E 257 -15.46 -5.77 -37.22
CA ILE E 257 -15.89 -6.92 -38.02
C ILE E 257 -17.20 -7.48 -37.47
N CYS E 258 -17.30 -7.63 -36.15
CA CYS E 258 -18.54 -8.12 -35.56
C CYS E 258 -19.69 -7.17 -35.82
N THR E 259 -19.45 -5.86 -35.71
CA THR E 259 -20.50 -4.89 -35.97
C THR E 259 -20.97 -4.97 -37.42
N ILE E 260 -20.03 -5.12 -38.36
CA ILE E 260 -20.40 -5.21 -39.76
C ILE E 260 -21.28 -6.43 -40.01
N GLY E 261 -20.90 -7.57 -39.43
CA GLY E 261 -21.71 -8.78 -39.61
C GLY E 261 -23.10 -8.63 -39.02
N ILE E 262 -23.20 -7.97 -37.85
CA ILE E 262 -24.49 -7.78 -37.22
C ILE E 262 -25.40 -6.92 -38.11
N LEU E 263 -24.84 -5.85 -38.69
CA LEU E 263 -25.64 -4.97 -39.52
C LEU E 263 -26.15 -5.66 -40.78
N MET E 264 -25.53 -6.77 -41.18
CA MET E 264 -25.97 -7.50 -42.36
C MET E 264 -26.98 -8.59 -42.04
N SER E 265 -26.91 -9.18 -40.84
CA SER E 265 -27.84 -10.22 -40.45
C SER E 265 -28.99 -9.72 -39.60
N ALA E 266 -28.88 -8.53 -39.02
CA ALA E 266 -29.96 -8.00 -38.21
C ALA E 266 -31.27 -7.84 -38.99
N PRO E 267 -31.27 -7.32 -40.22
CA PRO E 267 -32.54 -7.19 -40.95
C PRO E 267 -33.24 -8.51 -41.18
N ASN E 268 -32.51 -9.63 -41.23
CA ASN E 268 -33.10 -10.93 -41.46
C ASN E 268 -33.22 -11.78 -40.20
N PHE E 269 -32.51 -11.43 -39.13
CA PHE E 269 -32.57 -12.17 -37.87
C PHE E 269 -33.14 -11.34 -36.74
N VAL E 270 -32.61 -10.14 -36.52
CA VAL E 270 -33.08 -9.27 -35.45
C VAL E 270 -34.27 -8.45 -35.95
C1 IVM F . -23.44 4.75 -29.63
O1 IVM F . -24.81 4.23 -25.72
C2 IVM F . -24.24 3.77 -28.75
O2 IVM F . -30.87 5.37 -29.79
C3 IVM F . -23.40 3.37 -27.52
O3 IVM F . -30.07 4.22 -33.95
C4 IVM F . -23.82 1.98 -27.02
O4 IVM F . -32.88 4.51 -33.85
C5 IVM F . -23.58 4.42 -26.41
O5 IVM F . -31.45 3.29 -37.75
C6 IVM F . -25.12 5.30 -24.84
O6 IVM F . -33.51 1.48 -37.10
C7 IVM F . -23.87 5.80 -24.13
O7 IVM F . -34.61 4.48 -35.37
C8 IVM F . -22.80 4.70 -24.02
O8 IVM F . -31.76 6.84 -31.29
C9 IVM F . -22.38 4.30 -25.44
O9 IVM F . -32.10 0.18 -22.34
C10 IVM F . -21.26 5.23 -25.91
O10 IVM F . -31.32 -2.22 -21.30
C11 IVM F . -26.05 4.46 -23.86
O11 IVM F . -27.36 1.31 -23.87
C12 IVM F . -27.33 3.92 -24.59
O12 IVM F . -28.25 3.41 -23.64
C13 IVM F . -27.97 5.07 -25.33
O13 IVM F . -29.21 -0.39 -24.49
C14 IVM F . -26.99 5.58 -26.36
O14 IVM F . -25.87 6.13 -25.73
C15 IVM F . -27.64 6.69 -27.24
C16 IVM F . -28.88 6.15 -28.04
C17 IVM F . -30.17 6.52 -27.75
C18 IVM F . -30.51 7.50 -26.59
C19 IVM F . -31.35 5.95 -28.59
C20 IVM F . -30.58 6.29 -30.80
C21 IVM F . -29.76 5.56 -31.96
C22 IVM F . -30.72 4.63 -32.79
C23 IVM F . -28.93 3.40 -33.73
C24 IVM F . -31.96 5.39 -33.15
C25 IVM F . -33.36 5.09 -35.01
C26 IVM F . -32.33 4.92 -36.17
C27 IVM F . -32.23 3.43 -36.57
C28 IVM F . -30.06 3.45 -37.55
C29 IVM F . -33.60 2.89 -36.82
C30 IVM F . -34.46 3.11 -35.61
C31 IVM F . -35.84 2.48 -35.86
C32 IVM F . -32.59 5.89 -31.88
C33 IVM F . -33.96 6.55 -32.20
C34 IVM F . -32.10 4.91 -27.77
C35 IVM F . -33.06 4.11 -28.67
C36 IVM F . -31.10 3.97 -27.10
C37 IVM F . -31.72 3.06 -26.01
C38 IVM F . -30.64 2.30 -25.21
C39 IVM F . -31.14 0.96 -24.61
C40 IVM F . -32.38 1.20 -23.61
C41 IVM F . -31.07 -0.66 -23.00
C42 IVM F . -30.38 -1.54 -22.06
C43 IVM F . -29.40 -0.70 -21.09
C44 IVM F . -28.95 0.67 -21.49
C45 IVM F . -29.48 1.33 -22.80
C46 IVM F . -28.27 1.97 -23.48
C47 IVM F . -30.17 0.32 -23.72
C48 IVM F . -28.80 -1.38 -19.84
H1 IVM F . -23.98 4.93 -30.56
H1A IVM F . -22.46 4.32 -29.86
H1B IVM F . -23.30 5.70 -29.10
H2 IVM F . -24.48 2.89 -29.32
H2A IVM F . -25.16 4.25 -28.42
H3 IVM F . -22.35 3.35 -27.80
H4 IVM F . -23.03 1.57 -26.40
H4A IVM F . -23.98 1.32 -27.87
H4B IVM F . -24.74 2.05 -26.44
H5 IVM F . -23.58 5.41 -26.85
HO6 IVM F . -33.28 1.35 -38.01
H7 IVM F . -24.13 6.16 -23.14
H7A IVM F . -23.46 6.66 -24.68
H8 IVM F . -23.22 3.84 -23.51
H8A IVM F . -21.94 5.08 -23.47
H9 IVM F . -22.03 3.27 -25.43
H10 IVM F . -20.42 5.15 -25.22
H10A IVM F . -21.62 6.26 -25.93
H10B IVM F . -20.95 4.93 -26.91
HO10 IVM F . -32.03 -2.50 -21.86
H11 IVM F . -26.37 5.10 -23.03
H11A IVM F . -25.49 3.61 -23.47
H12 IVM F . -27.04 3.16 -25.30
H13 IVM F . -28.21 5.87 -24.62
H13A IVM F . -28.88 4.72 -25.81
HO13 IVM F . -29.56 -0.56 -25.36
H14 IVM F . -26.69 4.75 -26.99
H15 IVM F . -26.90 7.03 -27.96
H15A IVM F . -27.93 7.52 -26.62
H16 IVM F . -28.69 5.46 -28.88
H18 IVM F . -29.96 8.16 -27.24
H18A IVM F . -29.88 8.00 -25.85
H18B IVM F . -30.20 6.63 -26.01
H19 IVM F . -32.03 6.77 -28.83
H20 IVM F . -29.97 7.08 -30.40
H21 IVM F . -28.98 4.96 -31.50
H21A IVM F . -29.33 6.32 -32.62
H22 IVM F . -31.00 3.76 -32.19
H23 IVM F . -28.76 2.76 -34.60
H23A IVM F . -29.09 2.78 -32.85
H23B IVM F . -28.05 4.03 -33.57
H24 IVM F . -31.70 6.24 -33.79
H25 IVM F . -33.54 6.15 -34.86
H26 IVM F . -31.34 5.28 -35.84
H26A IVM F . -32.66 5.49 -37.04
H27 IVM F . -31.77 2.86 -35.76
H28 IVM F . -29.53 3.10 -38.44
H28A IVM F . -29.74 2.87 -36.69
H28B IVM F . -29.82 4.50 -37.39
H29 IVM F . -34.04 3.40 -37.68
H30 IVM F . -33.99 2.63 -34.75
H31 IVM F . -35.77 1.39 -35.85
H31A IVM F . -36.22 2.81 -36.82
H31B IVM F . -36.53 2.80 -35.07
H32 IVM F . -32.74 5.05 -31.20
H33 IVM F . -34.64 5.80 -32.62
H33A IVM F . -33.83 7.36 -32.91
H33B IVM F . -34.40 6.94 -31.28
H34 IVM F . -32.69 5.42 -27.00
H35 IVM F . -33.64 3.43 -28.06
H35A IVM F . -32.47 3.54 -29.40
H35B IVM F . -33.72 4.79 -29.19
H36 IVM F . -30.62 3.36 -27.86
H37 IVM F . -32.41 2.35 -26.47
H38 IVM F . -29.78 2.12 -25.85
H40 IVM F . -32.40 2.24 -23.28
H40A IVM F . -33.32 0.96 -24.10
H41 IVM F . -31.56 -1.28 -23.74
H42 IVM F . -29.79 -2.26 -22.64
H44 IVM F . -28.33 1.24 -20.81
H45 IVM F . -30.18 2.11 -22.53
H48 IVM F . -27.76 -1.09 -19.73
H48A IVM F . -28.86 -2.47 -19.95
H48B IVM F . -29.36 -1.08 -18.95
C1 IVM G . -35.45 12.58 -1.78
O1 IVM G . -34.84 8.50 -0.07
C2 IVM G . -35.79 11.08 -1.61
O2 IVM G . -42.15 9.10 0.00
C3 IVM G . -34.49 10.25 -1.68
O3 IVM G . -43.80 12.07 -2.83
C4 IVM G . -34.69 9.09 -2.67
O4 IVM G . -46.07 10.67 -1.93
C5 IVM G . -34.14 9.71 -0.30
O5 IVM G . -47.05 13.79 -4.77
C6 IVM G . -34.77 8.10 1.30
O6 IVM G . -48.32 11.47 -5.75
C7 IVM G . -33.38 8.35 1.86
O7 IVM G . -48.36 10.87 -2.16
C8 IVM G . -32.32 8.32 0.75
O8 IVM G . -43.81 10.39 0.89
C9 IVM G . -32.62 9.46 -0.22
O9 IVM G . -39.31 1.10 -0.96
C10 IVM G . -31.92 10.74 0.24
O10 IVM G . -38.08 -0.51 -2.31
C11 IVM G . -35.07 6.56 1.03
O11 IVM G . -35.63 4.78 -1.63
C12 IVM G . -36.46 6.37 0.35
O12 IVM G . -36.79 5.00 0.32
C13 IVM G . -37.50 7.12 1.13
O13 IVM G . -38.06 3.75 -3.13
C14 IVM G . -37.15 8.59 1.11
O14 IVM G . -35.94 8.80 1.79
C15 IVM G . -38.24 9.43 1.81
C16 IVM G . -39.65 9.18 1.17
C17 IVM G . -40.64 8.44 1.79
C18 IVM G . -40.41 7.80 3.19
C19 IVM G . -42.00 8.23 1.11
C20 IVM G . -42.54 10.40 0.34
C21 IVM G . -42.48 11.33 -0.95
C22 IVM G . -43.70 11.06 -1.89
C23 IVM G . -42.70 12.15 -3.74
C24 IVM G . -44.97 11.01 -1.08
C25 IVM G . -47.15 11.52 -1.74
C26 IVM G . -46.94 12.86 -2.53
C27 IVM G . -47.03 12.57 -4.06
C28 IVM G . -45.80 14.47 -4.81
C29 IVM G . -48.29 11.81 -4.36
C30 IVM G . -48.32 10.55 -3.53
C31 IVM G . -49.58 9.74 -3.90
C32 IVM G . -44.79 9.96 -0.02
C33 IVM G . -46.12 9.73 0.73
C34 IVM G . -42.13 6.78 0.66
C35 IVM G . -43.54 6.54 0.08
C36 IVM G . -41.08 6.43 -0.41
C37 IVM G . -41.43 5.15 -1.18
C38 IVM G . -40.25 4.51 -1.97
C39 IVM G . -39.25 3.68 -1.09
C40 IVM G . -40.01 2.47 -0.35
C41 IVM G . -38.88 1.66 -2.25
C42 IVM G . -38.03 0.71 -2.97
C43 IVM G . -36.48 1.18 -3.05
C44 IVM G . -35.94 2.11 -2.03
C45 IVM G . -36.96 2.89 -1.16
C46 IVM G . -36.40 4.28 -0.87
C47 IVM G . -38.27 3.01 -1.93
C48 IVM G . -35.53 0.51 -4.07
H1 IVM G . -36.37 13.16 -1.81
H1A IVM G . -34.89 12.73 -2.69
H1B IVM G . -34.85 12.91 -0.92
H2 IVM G . -36.45 10.77 -2.42
H2A IVM G . -36.27 10.92 -0.65
H3 IVM G . -33.67 10.88 -2.04
H4 IVM G . -33.77 8.49 -2.72
H4A IVM G . -34.90 9.48 -3.65
H4B IVM G . -35.51 8.46 -2.33
H5 IVM G . -34.42 10.44 0.45
HO6 IVM G . -48.69 12.20 -6.24
H7 IVM G . -33.16 7.59 2.60
H7A IVM G . -33.37 9.31 2.38
H8 IVM G . -32.36 7.37 0.22
H8A IVM G . -31.33 8.46 1.19
H9 IVM G . -32.25 9.19 -1.22
H10 IVM G . -30.84 10.57 0.27
H10A IVM G . -32.26 10.99 1.25
H10B IVM G . -32.15 11.55 -0.44
HO10 IVM G . -38.17 -1.22 -2.95
H11 IVM G . -35.08 6.03 1.99
H11A IVM G . -34.30 6.14 0.39
H12 IVM G . -36.42 6.76 -0.67
H13 IVM G . -37.52 6.76 2.15
H13A IVM G . -38.47 6.96 0.67
HO13 IVM G . -38.52 3.32 -3.85
H14 IVM G . -37.06 8.91 0.07
H15 IVM G . -38.01 10.49 1.69
H15A IVM G . -38.25 9.20 2.87
H16 IVM G . -39.86 9.61 0.18
H18 IVM G . -40.35 8.86 3.46
H18A IVM G . -39.55 7.76 3.86
H18B IVM G . -39.77 7.16 2.60
H19 IVM G . -42.78 8.44 1.83
H20 IVM G . -41.86 10.79 1.08
H21 IVM G . -41.55 11.13 -1.48
H21A IVM G . -42.50 12.38 -0.63
H22 IVM G . -43.56 10.09 -2.40
H23 IVM G . -43.03 12.61 -4.67
H23A IVM G . -42.32 11.15 -3.94
H23B IVM G . -41.91 12.75 -3.29
H24 IVM G . -45.13 11.98 -0.61
H25 IVM G . -47.25 11.75 -0.68
H26 IVM G . -45.96 13.26 -2.29
H26A IVM G . -47.72 13.56 -2.26
H27 IVM G . -46.17 11.97 -4.36
H28 IVM G . -45.83 15.24 -5.57
H28A IVM G . -45.00 13.76 -5.04
H28B IVM G . -45.60 14.92 -3.84
H29 IVM G . -49.14 12.43 -4.11
H30 IVM G . -47.44 9.95 -3.75
H31 IVM G . -49.48 9.35 -4.91
H31A IVM G . -50.45 10.39 -3.85
H31B IVM G . -49.70 8.92 -3.20
H32 IVM G . -44.47 9.02 -0.49
H33 IVM G . -46.88 9.37 0.03
H33A IVM G . -46.45 10.67 1.18
H33B IVM G . -45.98 8.99 1.51
H34 IVM G . -41.98 6.12 1.52
H35 IVM G . -43.78 5.48 0.14
H35A IVM G . -43.58 6.88 -0.95
H35B IVM G . -44.27 7.11 0.68
H36 IVM G . -40.97 7.27 -1.10
H37 IVM G . -41.87 4.42 -0.50
H38 IVM G . -40.64 3.88 -2.76
H40 IVM G . -39.85 2.52 0.72
H40A IVM G . -41.08 2.47 -0.57
H41 IVM G . -39.78 1.83 -2.86
H42 IVM G . -38.41 0.59 -3.99
H44 IVM G . -34.88 2.32 -1.97
H45 IVM G . -37.13 2.36 -0.23
H48 IVM G . -34.77 1.21 -4.39
H48A IVM G . -36.09 0.16 -4.94
H48B IVM G . -35.04 -0.36 -3.60
C1 IVM H . -31.16 -11.65 18.01
O1 IVM H . -29.69 -13.87 14.64
C2 IVM H . -31.49 -12.22 16.60
O2 IVM H . -35.50 -17.81 16.79
C3 IVM H . -30.42 -11.76 15.61
O3 IVM H . -38.51 -15.33 18.77
C4 IVM H . -31.05 -11.54 14.22
O4 IVM H . -39.87 -17.72 18.19
C5 IVM H . -29.31 -12.81 15.52
O5 IVM H . -42.37 -14.78 20.15
C6 IVM H . -28.80 -14.98 14.72
O6 IVM H . -43.82 -15.59 17.87
C7 IVM H . -27.36 -14.52 14.86
O7 IVM H . -41.94 -18.60 18.67
C8 IVM H . -27.16 -13.12 14.23
O8 IVM H . -36.43 -18.86 18.59
C9 IVM H . -28.02 -12.12 15.01
O9 IVM H . -33.77 -18.45 7.99
C10 IVM H . -27.23 -11.60 16.20
O10 IVM H . -33.60 -16.89 5.71
C11 IVM H . -29.12 -15.56 13.28
O11 IVM H . -31.67 -14.88 10.90
C12 IVM H . -30.62 -16.00 13.15
O12 IVM H . -30.82 -16.73 11.95
C13 IVM H . -30.96 -16.88 14.32
O13 IVM H . -33.77 -15.17 9.56
C14 IVM H . -30.81 -16.04 15.57
O14 IVM H . -29.46 -15.73 15.77
C15 IVM H . -31.30 -16.84 16.82
C16 IVM H . -32.81 -17.25 16.68
C17 IVM H . -33.20 -18.55 16.45
C18 IVM H . -32.18 -19.72 16.32
C19 IVM H . -34.71 -18.89 16.31
C20 IVM H . -35.67 -17.79 18.17
C21 IVM H . -36.34 -16.41 18.59
C22 IVM H . -37.86 -16.41 18.17
C23 IVM H . -38.06 -14.05 18.32
C24 IVM H . -38.49 -17.69 18.64
C25 IVM H . -40.73 -18.07 19.21
C26 IVM H . -41.05 -16.82 20.10
C27 IVM H . -41.91 -15.80 19.28
C28 IVM H . -41.39 -13.83 20.52
C29 IVM H . -43.08 -16.51 18.70
C30 IVM H . -42.60 -17.66 17.86
C31 IVM H . -43.82 -18.34 17.19
C32 IVM H . -37.73 -18.83 18.05
C33 IVM H . -38.44 -20.17 18.37
C34 IVM H . -35.03 -19.17 14.85
C35 IVM H . -36.41 -19.87 14.74
C36 IVM H . -35.08 -17.86 14.07
C37 IVM H . -35.24 -18.07 12.54
C38 IVM H . -34.10 -17.43 11.71
C39 IVM H . -34.45 -17.34 10.20
C40 IVM H . -34.39 -18.78 9.48
C41 IVM H . -33.95 -16.99 8.00
C42 IVM H . -33.25 -16.30 6.93
C43 IVM H . -31.66 -16.41 7.13
C44 IVM H . -31.11 -16.61 8.50
C45 IVM H . -32.05 -16.89 9.70
C46 IVM H . -31.52 -16.06 10.88
C47 IVM H . -33.52 -16.55 9.39
C48 IVM H . -30.71 -16.08 5.95
H1 IVM H . -31.98 -11.90 18.69
H1A IVM H . -31.06 -10.58 17.94
H1B IVM H . -30.23 -12.09 18.37
H2 IVM H . -32.47 -11.87 16.29
H2A IVM H . -31.50 -13.31 16.65
H3 IVM H . -29.99 -10.82 15.95
H4 IVM H . -30.36 -11.01 13.57
H4A IVM H . -31.95 -10.93 14.34
H4B IVM H . -31.32 -12.49 13.77
H5 IVM H . -29.13 -13.22 16.51
HO6 IVM H . -44.41 -15.08 18.41
H7 IVM H . -26.71 -15.23 14.36
H7A IVM H . -27.08 -14.50 15.91
H8 IVM H . -27.48 -13.15 13.19
H8A IVM H . -26.11 -12.84 14.31
H9 IVM H . -28.29 -11.30 14.35
H10 IVM H . -26.33 -11.11 15.84
H10A IVM H . -26.97 -12.42 16.86
H10B IVM H . -27.84 -10.88 16.75
HO10 IVM H . -34.55 -16.90 5.63
H11 IVM H . -28.50 -16.43 13.10
H11A IVM H . -28.91 -14.80 12.52
H12 IVM H . -31.25 -15.11 13.16
H13 IVM H . -30.28 -17.72 14.36
H13A IVM H . -31.99 -17.22 14.21
HO13 IVM H . -34.69 -15.04 9.72
H14 IVM H . -31.40 -15.14 15.47
H15 IVM H . -31.20 -16.20 17.70
H15A IVM H . -30.68 -17.71 16.96
H16 IVM H . -33.57 -16.47 16.76
H18 IVM H . -32.01 -19.43 17.36
H18A IVM H . -31.09 -19.75 16.34
H18B IVM H . -31.98 -19.20 15.38
H19 IVM H . -34.92 -19.77 16.90
H20 IVM H . -34.69 -17.84 18.65
H21 IVM H . -35.82 -15.59 18.08
H21A IVM H . -36.26 -16.28 19.67
H22 IVM H . -37.94 -16.34 17.09
H23 IVM H . -38.86 -13.31 18.45
H23A IVM H . -37.80 -14.11 17.26
H23B IVM H . -37.19 -13.74 18.90
H24 IVM H . -38.44 -17.74 19.72
H25 IVM H . -40.28 -18.83 19.85
H26 IVM H . -40.12 -16.34 20.40
H26A IVM H . -41.61 -17.13 20.98
H27 IVM H . -41.30 -15.38 18.49
H28 IVM H . -41.87 -12.96 20.96
H28A IVM H . -40.83 -13.52 19.64
H28B IVM H . -40.70 -14.27 21.24
H29 IVM H . -43.73 -16.88 19.50
H30 IVM H . -41.93 -17.29 17.08
H31 IVM H . -44.23 -17.68 16.43
H31A IVM H . -44.58 -18.55 17.94
H31B IVM H . -43.51 -19.27 16.72
H32 IVM H . -37.67 -18.71 16.96
H33 IVM H . -39.43 -20.18 17.92
H33A IVM H . -38.53 -20.28 19.45
H33B IVM H . -37.86 -20.99 17.97
H34 IVM H . -34.27 -19.82 14.43
H35 IVM H . -36.44 -20.42 13.82
H35A IVM H . -37.19 -19.12 14.76
H35B IVM H . -36.53 -20.56 15.59
H36 IVM H . -34.19 -17.26 14.27
H37 IVM H . -36.20 -17.67 12.22
H38 IVM H . -33.18 -18.00 11.85
H40 IVM H . -33.74 -19.45 10.03
H40A IVM H . -35.40 -19.21 9.41
H41 IVM H . -35.01 -16.78 7.90
H42 IVM H . -33.54 -15.25 6.93
H44 IVM H . -30.03 -16.68 8.63
H45 IVM H . -31.97 -17.95 9.96
H48 IVM H . -29.88 -15.49 6.30
H48A IVM H . -31.26 -15.51 5.19
H48B IVM H . -30.34 -17.01 5.50
C1 IVM I . -15.97 -34.10 2.36
O1 IVM I . -16.27 -31.95 -1.54
C2 IVM I . -16.73 -33.60 1.11
O2 IVM I . -20.15 -38.03 -2.80
C3 IVM I . -16.40 -32.13 0.86
O3 IVM I . -21.69 -40.02 0.86
C4 IVM I . -17.71 -31.35 0.63
O4 IVM I . -23.03 -41.34 -1.26
C5 IVM I . -15.49 -31.99 -0.35
O5 IVM I . -24.12 -42.88 2.64
C6 IVM I . -15.47 -32.11 -2.70
O6 IVM I . -26.56 -42.34 1.35
C7 IVM I . -14.17 -31.32 -2.57
O7 IVM I . -24.41 -43.17 -1.46
C8 IVM I . -14.34 -30.13 -1.61
O8 IVM I . -19.93 -40.32 -2.83
C9 IVM I . -14.68 -30.68 -0.22
O9 IVM I . -22.71 -31.25 -7.31
C10 IVM I . -13.39 -30.96 0.55
O10 IVM I . -23.59 -28.98 -7.35
C11 IVM I . -16.51 -31.44 -3.70
O11 IVM I . -19.46 -30.11 -3.36
C12 IVM I . -17.86 -32.21 -3.72
O12 IVM I . -18.69 -31.73 -4.76
C13 IVM I . -17.58 -33.68 -3.93
O13 IVM I . -22.36 -30.98 -3.70
C14 IVM I . -16.75 -34.17 -2.78
O14 IVM I . -15.49 -33.54 -2.79
C15 IVM I . -16.51 -35.71 -2.89
C16 IVM I . -17.87 -36.49 -2.96
C17 IVM I . -18.35 -37.05 -4.12
C18 IVM I . -17.57 -36.97 -5.46
C19 IVM I . -19.70 -37.79 -4.12
C20 IVM I . -19.56 -39.13 -2.18
C21 IVM I . -19.97 -39.17 -0.65
C22 IVM I . -21.46 -39.70 -0.48
C23 IVM I . -21.63 -38.91 1.75
C24 IVM I . -21.65 -40.92 -1.33
C25 IVM I . -23.13 -42.71 -1.01
C26 IVM I . -22.97 -43.00 0.51
C27 IVM I . -24.17 -42.44 1.30
C28 IVM I . -23.12 -42.25 3.43
C29 IVM I . -25.44 -42.93 0.67
C30 IVM I . -25.47 -42.54 -0.78
C31 IVM I . -26.81 -42.98 -1.39
C32 IVM I . -21.30 -40.56 -2.75
C33 IVM I . -21.67 -41.72 -3.71
C34 IVM I . -20.73 -36.99 -4.90
C35 IVM I . -22.05 -37.78 -4.99
C36 IVM I . -20.99 -35.63 -4.21
C37 IVM I . -22.31 -34.98 -4.70
C38 IVM I . -22.44 -33.47 -4.38
C39 IVM I . -21.64 -32.53 -5.34
C40 IVM I . -22.10 -32.72 -6.86
C41 IVM I . -23.12 -30.79 -5.97
C42 IVM I . -23.54 -29.39 -6.01
C43 IVM I . -22.53 -28.41 -5.22
C44 IVM I . -21.10 -28.79 -5.08
C45 IVM I . -20.73 -30.27 -5.32
C46 IVM I . -19.59 -30.67 -4.39
C47 IVM I . -21.96 -31.13 -5.06
C48 IVM I . -22.99 -26.98 -4.81
H1 IVM I . -16.28 -35.13 2.59
H1A IVM I . -16.20 -33.46 3.20
H1B IVM I . -14.90 -34.08 2.17
H2 IVM I . -17.80 -33.73 1.26
H2A IVM I . -16.43 -34.20 0.24
H3 IVM I . -15.91 -31.72 1.74
H4 IVM I . -17.49 -30.31 0.45
H4A IVM I . -18.35 -31.43 1.52
H4B IVM I . -18.23 -31.76 -0.23
H5 IVM I . -14.80 -32.83 -0.39
HO6 IVM I . -26.78 -42.86 2.12
H7 IVM I . -13.88 -30.95 -3.55
H7A IVM I . -13.38 -31.98 -2.22
H8 IVM I . -15.15 -29.49 -1.96
H8A IVM I . -13.41 -29.56 -1.57
H9 IVM I . -15.27 -29.94 0.33
H10 IVM I . -12.83 -30.03 0.66
H10A IVM I . -12.78 -31.67 -0.02
H10B IVM I . -13.63 -31.37 1.53
HO10 IVM I . -24.38 -28.49 -7.50
H11 IVM I . -16.09 -31.45 -4.71
H11A IVM I . -16.69 -30.41 -3.39
H12 IVM I . -18.36 -32.09 -2.75
H13 IVM I . -17.05 -33.81 -4.87
H13A IVM I . -18.53 -34.20 -3.97
HO13 IVM I . -23.31 -30.88 -3.65
H14 IVM I . -17.25 -33.96 -1.85
H15 IVM I . -15.97 -36.05 -2.00
H15A IVM I . -15.90 -35.92 -3.76
H16 IVM I . -18.46 -36.57 -2.05
H18 IVM I . -16.86 -37.56 -4.87
H18A IVM I . -16.63 -36.48 -5.74
H18B IVM I . -17.88 -35.93 -5.38
H19 IVM I . -19.57 -38.76 -4.62
H20 IVM I . -18.48 -39.04 -2.24
H21 IVM I . -19.90 -38.17 -0.23
H21A IVM I . -19.30 -39.85 -0.11
H22 IVM I . -22.15 -38.91 -0.80
H23 IVM I . -22.25 -39.12 2.63
H23A IVM I . -22.01 -38.02 1.25
H23B IVM I . -20.61 -38.75 2.06
H24 IVM I . -20.99 -41.71 -0.98
H25 IVM I . -22.36 -43.23 -1.57
H26 IVM I . -22.04 -42.52 0.87
H26A IVM I . -22.90 -44.07 0.67
H27 IVM I . -24.16 -41.35 1.26
H28 IVM I . -23.30 -42.45 4.49
H28A IVM I . -23.13 -41.18 3.25
H28B IVM I . -22.14 -42.65 3.16
H29 IVM I . -25.48 -44.02 0.76
H30 IVM I . -25.37 -41.46 -0.87
H31 IVM I . -27.61 -42.38 -0.99
H31A IVM I . -26.99 -44.04 -1.16
H31B IVM I . -26.77 -42.86 -2.47
H32 IVM I . -21.86 -39.66 -3.03
H33 IVM I . -22.75 -41.90 -3.66
H33A IVM I . -21.13 -42.62 -3.40
H33B IVM I . -21.39 -41.45 -4.71
H34 IVM I . -20.36 -36.81 -5.91
H35 IVM I . -22.63 -37.43 -5.83
H35A IVM I . -22.62 -37.66 -4.07
H35B IVM I . -21.81 -38.85 -5.13
H36 IVM I . -21.03 -35.77 -3.13
H37 IVM I . -22.44 -35.16 -5.76
H38 IVM I . -23.50 -33.19 -4.40
H40 IVM I . -21.25 -32.97 -7.48
H40A IVM I . -22.87 -33.49 -6.96
H41 IVM I . -23.98 -31.38 -5.66
H42 IVM I . -24.53 -29.30 -5.57
H44 IVM I . -20.37 -28.10 -4.68
H45 IVM I . -20.42 -30.40 -6.36
H48 IVM I . -22.49 -26.68 -3.90
H48A IVM I . -24.08 -26.99 -4.64
H48B IVM I . -22.76 -26.28 -5.61
C1 IVM J . -11.15 -24.05 -27.27
O1 IVM J . -13.46 -20.68 -26.22
C2 IVM J . -12.52 -23.59 -26.70
O2 IVM J . -17.13 -23.84 -31.79
C3 IVM J . -12.30 -22.67 -25.48
O3 IVM J . -16.14 -28.11 -31.93
C4 IVM J . -13.44 -22.83 -24.48
O4 IVM J . -18.38 -27.85 -33.64
C5 IVM J . -12.18 -21.22 -25.96
O5 IVM J . -17.06 -31.95 -33.28
C6 IVM J . -13.39 -19.41 -26.88
O6 IVM J . -19.84 -32.01 -32.79
C7 IVM J . -12.24 -18.58 -26.34
O7 IVM J . -19.55 -29.20 -35.09
C8 IVM J . -11.92 -18.95 -24.89
O8 IVM J . -16.79 -24.59 -33.93
C9 IVM J . -11.45 -20.41 -24.86
O9 IVM J . -22.34 -19.13 -25.80
C10 IVM J . -9.95 -20.47 -25.12
O10 IVM J . -23.08 -19.34 -23.15
C11 IVM J . -14.81 -18.88 -26.38
O11 IVM J . -17.48 -20.26 -24.72
C12 IVM J . -15.99 -19.74 -26.93
O12 IVM J . -17.22 -19.09 -26.68
C13 IVM J . -15.81 -19.91 -28.42
O13 IVM J . -19.77 -21.46 -24.69
C14 IVM J . -14.51 -20.65 -28.64
O14 IVM J . -13.43 -19.85 -28.25
C15 IVM J . -14.33 -20.97 -30.16
C16 IVM J . -15.45 -21.93 -30.70
C17 IVM J . -16.43 -21.50 -31.58
C18 IVM J . -16.48 -20.04 -32.11
C19 IVM J . -17.51 -22.50 -32.08
C20 IVM J . -16.21 -24.38 -32.68
C21 IVM J . -15.63 -25.74 -32.10
C22 IVM J . -16.73 -26.87 -32.19
C23 IVM J . -15.66 -28.27 -30.60
C24 IVM J . -17.31 -26.88 -33.58
C25 IVM J . -18.27 -28.68 -34.75
C26 IVM J . -17.27 -29.84 -34.45
C27 IVM J . -17.88 -30.80 -33.39
C28 IVM J . -15.85 -31.75 -32.55
C29 IVM J . -19.25 -31.20 -33.82
C30 IVM J . -20.09 -29.97 -34.03
C31 IVM J . -21.52 -30.41 -34.40
C32 IVM J . -17.85 -25.51 -33.87
C33 IVM J . -18.59 -25.51 -35.23
C34 IVM J . -18.83 -22.17 -31.41
C35 IVM J . -19.81 -23.35 -31.57
C36 IVM J . -18.58 -21.89 -29.93
C37 IVM J . -19.85 -21.53 -29.13
C38 IVM J . -19.52 -20.86 -27.78
C39 IVM J . -20.70 -20.85 -26.77
C40 IVM J . -21.84 -19.80 -27.22
C41 IVM J . -21.75 -20.13 -24.88
C42 IVM J . -21.78 -19.72 -23.49
C43 IVM J . -20.80 -18.47 -23.25
C44 IVM J . -19.59 -18.33 -24.11
C45 IVM J . -19.46 -19.17 -25.42
C46 IVM J . -17.99 -19.57 -25.55
C47 IVM J . -20.37 -20.40 -25.42
C48 IVM J . -20.99 -17.56 -22.01
H1 IVM J . -11.32 -24.78 -28.06
H1A IVM J . -10.57 -24.50 -26.49
H1B IVM J . -10.63 -23.18 -27.67
H2 IVM J . -13.09 -24.47 -26.39
H2A IVM J . -13.08 -23.05 -27.47
H3 IVM J . -11.36 -22.96 -25.00
H4 IVM J . -13.12 -22.46 -23.51
H4A IVM J . -13.71 -23.88 -24.39
H4B IVM J . -14.31 -22.26 -24.80
H5 IVM J . -11.59 -21.20 -26.87
HO6 IVM J . -19.61 -32.92 -32.93
H7 IVM J . -12.50 -17.52 -26.40
H7A IVM J . -11.36 -18.73 -26.97
H8 IVM J . -12.82 -18.85 -24.27
H8A IVM J . -11.12 -18.31 -24.51
H9 IVM J . -11.67 -20.84 -23.89
H10 IVM J . -9.43 -19.89 -24.34
H10A IVM J . -9.73 -20.04 -26.10
H10B IVM J . -9.61 -21.50 -25.09
HO10 IVM J . -23.71 -19.93 -23.56
H11 IVM J . -14.95 -17.85 -26.73
H11A IVM J . -14.83 -18.89 -25.29
H12 IVM J . -15.97 -20.72 -26.44
H13 IVM J . -15.76 -18.94 -28.89
H13A IVM J . -16.64 -20.49 -28.81
HO13 IVM J . -20.13 -22.29 -24.99
H14 IVM J . -14.53 -21.57 -28.07
H15 IVM J . -13.37 -21.49 -30.29
H15A IVM J . -14.30 -20.06 -30.72
H16 IVM J . -15.45 -22.97 -30.37
H18 IVM J . -15.55 -20.36 -32.55
H18A IVM J . -15.88 -19.17 -31.89
H18B IVM J . -16.78 -19.88 -31.06
H19 IVM J . -17.61 -22.39 -33.16
H20 IVM J . -15.38 -23.70 -32.81
H21 IVM J . -15.37 -25.60 -31.05
H21A IVM J . -14.75 -26.04 -32.66
H22 IVM J . -17.52 -26.67 -31.47
H23 IVM J . -15.63 -29.33 -30.34
H23A IVM J . -16.30 -27.73 -29.92
H23B IVM J . -14.64 -27.86 -30.55
H24 IVM J . -16.53 -27.13 -34.30
H25 IVM J . -17.90 -28.10 -35.61
H26 IVM J . -16.32 -29.42 -34.07
H26A IVM J . -17.07 -30.40 -35.36
H27 IVM J . -17.93 -30.28 -32.43
H28 IVM J . -15.42 -32.72 -32.31
H28A IVM J . -16.05 -31.19 -31.65
H28B IVM J . -15.14 -31.19 -33.18
H29 IVM J . -19.18 -31.77 -34.73
H30 IVM J . -20.11 -29.38 -33.12
H31 IVM J . -22.00 -30.84 -33.52
H31A IVM J . -21.49 -31.14 -35.20
H31B IVM J . -22.09 -29.54 -34.72
H32 IVM J . -18.54 -25.23 -33.07
H33 IVM J . -19.45 -26.17 -35.17
H33A IVM J . -17.91 -25.84 -36.02
H33B IVM J . -18.94 -24.50 -35.44
H34 IVM J . -19.26 -21.28 -31.88
H35 IVM J . -20.78 -23.08 -31.14
H35A IVM J . -19.43 -24.22 -31.05
H35B IVM J . -19.94 -23.57 -32.62
H36 IVM J . -18.09 -22.75 -29.47
H37 IVM J . -20.44 -22.43 -28.96
H38 IVM J . -19.17 -19.84 -27.96
H40 IVM J . -21.41 -19.04 -27.86
H40A IVM J . -22.66 -20.30 -27.73
H41 IVM J . -22.34 -21.04 -24.97
H42 IVM J . -21.48 -20.55 -22.86
H44 IVM J . -18.90 -17.51 -23.94
H45 IVM J . -19.72 -18.53 -26.26
H48 IVM J . -20.01 -17.32 -21.58
H48A IVM J . -21.59 -18.08 -21.26
H48B IVM J . -21.49 -16.63 -22.31
N LEU A 7 -49.70 4.40 -5.60
CA LEU A 7 -48.61 4.27 -6.56
C LEU A 7 -47.62 3.20 -6.11
N TYR A 8 -47.95 1.93 -6.42
CA TYR A 8 -47.08 0.83 -6.04
C TYR A 8 -45.80 0.84 -6.87
N TYR A 9 -45.94 0.75 -8.20
CA TYR A 9 -44.77 0.76 -9.06
C TYR A 9 -44.12 2.14 -9.10
N GLY A 10 -44.92 3.20 -9.01
CA GLY A 10 -44.35 4.54 -9.03
C GLY A 10 -43.42 4.79 -7.85
N LEU A 11 -43.87 4.43 -6.65
CA LEU A 11 -43.03 4.61 -5.48
C LEU A 11 -41.90 3.59 -5.41
N ASN A 12 -42.10 2.42 -6.01
CA ASN A 12 -41.07 1.38 -6.02
C ASN A 12 -40.06 1.54 -7.15
N LEU A 13 -40.27 2.50 -8.05
CA LEU A 13 -39.37 2.74 -9.17
C LEU A 13 -38.82 4.15 -9.21
N LEU A 14 -39.61 5.15 -8.82
CA LEU A 14 -39.12 6.53 -8.81
C LEU A 14 -38.17 6.77 -7.65
N ILE A 15 -38.52 6.27 -6.46
CA ILE A 15 -37.66 6.49 -5.29
C ILE A 15 -36.28 5.89 -5.49
N PRO A 16 -36.13 4.63 -5.92
CA PRO A 16 -34.78 4.10 -6.14
C PRO A 16 -33.98 4.90 -7.15
N CYS A 17 -34.64 5.47 -8.18
CA CYS A 17 -33.92 6.26 -9.16
C CYS A 17 -33.25 7.47 -8.52
N VAL A 18 -33.88 8.05 -7.50
CA VAL A 18 -33.28 9.19 -6.80
C VAL A 18 -32.18 8.73 -5.86
N LEU A 19 -32.38 7.59 -5.18
CA LEU A 19 -31.38 7.10 -4.25
C LEU A 19 -30.08 6.76 -4.96
N ILE A 20 -30.16 6.08 -6.11
CA ILE A 20 -28.96 5.73 -6.84
C ILE A 20 -28.25 6.99 -7.33
N SER A 21 -29.01 7.93 -7.89
CA SER A 21 -28.42 9.18 -8.34
C SER A 21 -27.86 9.98 -7.17
N ALA A 22 -28.57 9.99 -6.04
CA ALA A 22 -28.09 10.70 -4.87
C ALA A 22 -26.78 10.11 -4.36
N LEU A 23 -26.67 8.79 -4.36
CA LEU A 23 -25.42 8.14 -3.93
C LEU A 23 -24.28 8.41 -4.90
N ALA A 24 -24.59 8.72 -6.15
CA ALA A 24 -23.53 9.03 -7.12
C ALA A 24 -22.90 10.38 -6.86
N LEU A 25 -23.58 11.28 -6.15
CA LEU A 25 -23.00 12.59 -5.85
C LEU A 25 -21.76 12.45 -5.00
N LEU A 26 -21.77 11.53 -4.02
CA LEU A 26 -20.60 11.32 -3.19
C LEU A 26 -19.39 10.87 -4.02
N VAL A 27 -19.64 10.17 -5.12
CA VAL A 27 -18.54 9.77 -6.00
C VAL A 27 -17.89 10.97 -6.63
N PHE A 28 -18.67 12.00 -6.96
CA PHE A 28 -18.16 13.22 -7.56
C PHE A 28 -17.60 14.20 -6.54
N LEU A 29 -17.67 13.88 -5.26
CA LEU A 29 -17.15 14.74 -4.20
C LEU A 29 -15.91 14.19 -3.52
N LEU A 30 -15.59 12.92 -3.72
CA LEU A 30 -14.43 12.33 -3.07
C LEU A 30 -13.15 12.97 -3.59
N PRO A 31 -12.11 13.05 -2.76
CA PRO A 31 -10.84 13.65 -3.20
C PRO A 31 -10.10 12.72 -4.14
N ALA A 32 -9.11 13.29 -4.84
CA ALA A 32 -8.31 12.50 -5.78
C ALA A 32 -7.33 11.58 -5.07
N ASP A 33 -7.07 11.82 -3.78
CA ASP A 33 -6.13 10.98 -3.03
C ASP A 33 -6.74 9.65 -2.59
N SER A 34 -8.06 9.49 -2.72
CA SER A 34 -8.71 8.25 -2.31
C SER A 34 -8.48 7.17 -3.35
N GLY A 35 -7.76 6.12 -2.96
CA GLY A 35 -7.48 5.01 -3.86
C GLY A 35 -8.58 3.98 -3.97
N GLU A 36 -9.58 4.04 -3.09
CA GLU A 36 -10.70 3.10 -3.11
C GLU A 36 -11.95 3.71 -3.73
N LYS A 37 -11.79 4.71 -4.59
CA LYS A 37 -12.94 5.34 -5.23
C LYS A 37 -13.69 4.35 -6.12
N ILE A 38 -12.94 3.53 -6.87
CA ILE A 38 -13.57 2.56 -7.76
C ILE A 38 -14.40 1.55 -6.98
N SER A 39 -14.02 1.29 -5.72
CA SER A 39 -14.76 0.33 -4.91
C SER A 39 -16.20 0.77 -4.69
N LEU A 40 -16.40 2.07 -4.43
CA LEU A 40 -17.76 2.57 -4.21
C LEU A 40 -18.59 2.51 -5.48
N GLY A 41 -17.97 2.71 -6.64
CA GLY A 41 -18.72 2.71 -7.89
C GLY A 41 -19.26 1.34 -8.28
N ILE A 42 -18.65 0.26 -7.78
CA ILE A 42 -19.14 -1.07 -8.10
C ILE A 42 -20.54 -1.26 -7.56
N THR A 43 -20.78 -0.85 -6.30
CA THR A 43 -22.10 -0.99 -5.72
C THR A 43 -23.13 -0.14 -6.45
N VAL A 44 -22.76 1.09 -6.81
CA VAL A 44 -23.70 1.97 -7.50
C VAL A 44 -24.08 1.38 -8.85
N LEU A 45 -23.09 0.91 -9.60
CA LEU A 45 -23.38 0.31 -10.90
C LEU A 45 -24.10 -1.02 -10.75
N LEU A 46 -23.71 -1.82 -9.76
CA LEU A 46 -24.37 -3.11 -9.55
C LEU A 46 -25.79 -2.95 -9.05
N SER A 47 -26.06 -1.91 -8.27
CA SER A 47 -27.41 -1.71 -7.74
C SER A 47 -28.42 -1.52 -8.87
N LEU A 48 -28.06 -0.72 -9.87
CA LEU A 48 -28.98 -0.48 -10.98
C LEU A 48 -29.27 -1.76 -11.75
N THR A 49 -28.24 -2.58 -11.99
CA THR A 49 -28.44 -3.83 -12.71
C THR A 49 -29.34 -4.78 -11.94
N VAL A 50 -29.16 -4.84 -10.62
CA VAL A 50 -30.00 -5.73 -9.81
C VAL A 50 -31.46 -5.31 -9.89
N PHE A 51 -31.73 -4.00 -9.79
CA PHE A 51 -33.09 -3.51 -9.90
C PHE A 51 -33.63 -3.57 -11.32
N MET A 52 -32.74 -3.58 -12.32
CA MET A 52 -33.20 -3.65 -13.71
C MET A 52 -33.87 -4.98 -14.01
N LEU A 53 -33.44 -6.06 -13.36
CA LEU A 53 -34.04 -7.37 -13.61
C LEU A 53 -35.53 -7.36 -13.25
N LEU A 54 -35.88 -6.75 -12.12
CA LEU A 54 -37.28 -6.69 -11.72
C LEU A 54 -38.11 -5.91 -12.73
N VAL A 55 -37.58 -4.79 -13.23
CA VAL A 55 -38.31 -3.97 -14.17
C VAL A 55 -38.44 -4.65 -15.53
N ALA A 56 -37.53 -5.57 -15.86
CA ALA A 56 -37.60 -6.25 -17.14
C ALA A 56 -38.89 -7.06 -17.28
N GLU A 57 -39.27 -7.78 -16.22
CA GLU A 57 -40.50 -8.56 -16.27
C GLU A 57 -41.73 -7.67 -16.30
N ILE A 58 -41.70 -6.54 -15.59
CA ILE A 58 -42.86 -5.65 -15.57
C ILE A 58 -43.12 -5.08 -16.96
N MET A 59 -42.06 -4.68 -17.66
CA MET A 59 -42.22 -4.09 -18.99
C MET A 59 -42.78 -5.14 -19.95
N PRO A 60 -43.89 -4.89 -20.62
CA PRO A 60 -44.41 -5.87 -21.58
C PRO A 60 -43.42 -6.13 -22.70
N SER A 61 -43.36 -7.39 -23.14
CA SER A 61 -42.46 -7.79 -24.21
C SER A 61 -43.12 -7.49 -25.55
N THR A 62 -43.02 -6.22 -25.95
CA THR A 62 -43.60 -5.76 -27.20
C THR A 62 -42.58 -5.89 -28.32
N SER A 63 -42.93 -5.43 -29.52
CA SER A 63 -42.05 -5.50 -30.68
C SER A 63 -41.35 -4.16 -30.96
N ASP A 64 -42.11 -3.06 -30.96
CA ASP A 64 -41.53 -1.76 -31.21
C ASP A 64 -42.09 -0.68 -30.29
N SER A 65 -42.87 -1.04 -29.26
CA SER A 65 -43.47 -0.09 -28.34
C SER A 65 -42.68 -0.14 -27.04
N SER A 66 -41.69 0.74 -26.92
CA SER A 66 -40.87 0.80 -25.72
C SER A 66 -41.61 1.58 -24.64
N PRO A 67 -41.83 1.02 -23.45
CA PRO A 67 -42.51 1.78 -22.40
C PRO A 67 -41.70 3.01 -22.00
N SER A 68 -42.38 3.95 -21.33
CA SER A 68 -41.73 5.17 -20.88
C SER A 68 -40.69 4.91 -19.80
N ILE A 69 -40.73 3.74 -19.17
CA ILE A 69 -39.74 3.43 -18.14
C ILE A 69 -38.34 3.36 -18.74
N ALA A 70 -38.23 3.05 -20.03
CA ALA A 70 -36.92 2.98 -20.67
C ALA A 70 -36.23 4.34 -20.66
N GLN A 71 -37.00 5.41 -20.90
CA GLN A 71 -36.41 6.75 -20.90
C GLN A 71 -35.84 7.10 -19.54
N TYR A 72 -36.54 6.73 -18.47
CA TYR A 72 -36.04 7.02 -17.12
C TYR A 72 -34.73 6.30 -16.85
N PHE A 73 -34.62 5.04 -17.28
CA PHE A 73 -33.39 4.29 -17.09
C PHE A 73 -32.25 4.84 -17.94
N ALA A 74 -32.55 5.53 -19.04
CA ALA A 74 -31.49 6.10 -19.88
C ALA A 74 -30.72 7.16 -19.12
N SER A 75 -31.41 8.02 -18.37
CA SER A 75 -30.73 9.05 -17.60
C SER A 75 -29.98 8.45 -16.42
N THR A 76 -30.52 7.40 -15.79
CA THR A 76 -29.85 6.79 -14.65
C THR A 76 -28.53 6.14 -15.07
N MET A 77 -28.47 5.57 -16.27
CA MET A 77 -27.23 4.95 -16.74
C MET A 77 -26.11 5.98 -16.88
N ILE A 78 -26.42 7.18 -17.35
CA ILE A 78 -25.40 8.21 -17.49
C ILE A 78 -24.90 8.66 -16.12
N ILE A 79 -25.81 8.81 -15.16
CA ILE A 79 -25.41 9.25 -13.82
C ILE A 79 -24.48 8.22 -13.19
N VAL A 80 -24.81 6.93 -13.30
CA VAL A 80 -23.97 5.89 -12.73
C VAL A 80 -22.85 5.49 -13.69
N GLY A 81 -23.02 5.70 -14.99
CA GLY A 81 -21.98 5.37 -15.95
C GLY A 81 -20.82 6.33 -15.87
N LEU A 82 -21.12 7.62 -15.68
CA LEU A 82 -20.06 8.61 -15.56
C LEU A 82 -19.36 8.54 -14.21
N SER A 83 -20.07 8.10 -13.17
CA SER A 83 -19.45 7.99 -11.85
C SER A 83 -18.31 6.98 -11.86
N VAL A 84 -18.51 5.84 -12.53
CA VAL A 84 -17.44 4.84 -12.62
C VAL A 84 -16.24 5.40 -13.35
N VAL A 85 -16.47 6.13 -14.44
CA VAL A 85 -15.37 6.70 -15.21
C VAL A 85 -14.58 7.68 -14.36
N VAL A 86 -15.26 8.44 -13.51
CA VAL A 86 -14.57 9.40 -12.65
C VAL A 86 -13.62 8.67 -11.70
N THR A 87 -14.08 7.57 -11.11
CA THR A 87 -13.23 6.80 -10.21
C THR A 87 -12.07 6.14 -10.94
N VAL A 88 -12.13 6.05 -12.26
CA VAL A 88 -11.08 5.44 -13.06
C VAL A 88 -10.13 6.49 -13.64
N ILE A 89 -10.68 7.58 -14.18
CA ILE A 89 -9.83 8.63 -14.74
C ILE A 89 -9.00 9.27 -13.64
N VAL A 90 -9.57 9.45 -12.45
CA VAL A 90 -8.83 10.03 -11.34
C VAL A 90 -7.63 9.16 -10.98
N LEU A 91 -7.80 7.84 -11.05
CA LEU A 91 -6.70 6.94 -10.72
C LEU A 91 -5.51 7.12 -11.65
N GLN A 92 -5.75 7.60 -12.86
CA GLN A 92 -4.66 7.81 -13.81
C GLN A 92 -3.66 8.84 -13.28
N TYR A 93 -4.16 9.96 -12.74
CA TYR A 93 -3.28 10.98 -12.21
C TYR A 93 -2.73 10.60 -10.84
N HIS A 94 -3.49 9.86 -10.03
CA HIS A 94 -3.00 9.43 -8.73
C HIS A 94 -1.77 8.56 -8.89
N HIS A 95 -1.83 7.55 -9.75
CA HIS A 95 -0.69 6.69 -10.06
C HIS A 95 -0.09 7.19 -11.37
N HIS A 96 0.66 8.28 -11.27
CA HIS A 96 1.24 8.91 -12.46
C HIS A 96 2.15 7.93 -13.19
N ASP A 97 2.02 7.91 -14.52
CA ASP A 97 2.83 7.03 -15.37
C ASP A 97 3.45 7.90 -16.46
N PRO A 98 4.78 7.90 -16.62
CA PRO A 98 5.38 8.71 -17.69
C PRO A 98 4.87 8.37 -19.07
N ASP A 99 4.50 7.11 -19.32
CA ASP A 99 4.02 6.67 -20.63
C ASP A 99 2.54 7.01 -20.75
N GLY A 100 2.27 8.28 -20.98
CA GLY A 100 0.91 8.75 -21.18
C GLY A 100 0.12 8.82 -19.89
N GLY A 101 -1.17 9.07 -20.04
CA GLY A 101 -2.05 9.16 -18.89
C GLY A 101 -1.73 10.31 -17.95
N LYS A 102 -1.41 11.47 -18.52
CA LYS A 102 -1.09 12.66 -17.74
C LYS A 102 -1.74 13.87 -18.38
N MET A 103 -2.01 14.88 -17.57
CA MET A 103 -2.63 16.10 -18.07
C MET A 103 -1.60 16.91 -18.86
N PRO A 104 -1.92 17.34 -20.08
CA PRO A 104 -0.96 18.15 -20.84
C PRO A 104 -0.59 19.43 -20.10
N LYS A 105 0.65 19.86 -20.28
CA LYS A 105 1.13 21.06 -19.60
C LYS A 105 0.31 22.28 -20.01
N TRP A 106 -0.05 22.38 -21.28
CA TRP A 106 -0.85 23.52 -21.74
C TRP A 106 -2.18 23.58 -21.02
N THR A 107 -2.84 22.43 -20.87
CA THR A 107 -4.12 22.40 -20.15
C THR A 107 -3.92 22.56 -18.65
N ARG A 108 -2.80 22.06 -18.12
CA ARG A 108 -2.56 22.17 -16.69
C ARG A 108 -2.43 23.63 -16.26
N VAL A 109 -1.75 24.45 -17.08
CA VAL A 109 -1.58 25.85 -16.72
C VAL A 109 -2.93 26.54 -16.61
N ILE A 110 -3.86 26.21 -17.50
CA ILE A 110 -5.19 26.82 -17.44
C ILE A 110 -5.91 26.40 -16.16
N LEU A 111 -5.69 25.17 -15.71
CA LEU A 111 -6.35 24.67 -14.51
C LEU A 111 -5.66 25.10 -13.21
N LEU A 112 -4.53 25.80 -13.30
CA LEU A 112 -3.86 26.26 -12.09
C LEU A 112 -4.71 27.24 -11.30
N ASN A 113 -5.59 27.97 -11.99
CA ASN A 113 -6.46 28.93 -11.32
C ASN A 113 -7.77 28.31 -10.84
N TRP A 114 -8.16 27.15 -11.40
CA TRP A 114 -9.40 26.52 -10.98
C TRP A 114 -9.35 26.12 -9.50
N CYS A 115 -8.23 25.55 -9.06
CA CYS A 115 -8.10 25.17 -7.66
C CYS A 115 -8.06 26.40 -6.75
N ALA A 116 -7.40 27.47 -7.22
CA ALA A 116 -7.34 28.70 -6.41
C ALA A 116 -8.71 29.34 -6.27
N TRP A 117 -9.55 29.26 -7.30
CA TRP A 117 -10.88 29.84 -7.24
C TRP A 117 -11.83 29.05 -6.36
N PHE A 118 -11.51 27.80 -6.04
CA PHE A 118 -12.38 27.01 -5.18
C PHE A 118 -12.53 27.64 -3.80
N LEU A 119 -11.41 28.09 -3.23
CA LEU A 119 -11.47 28.74 -1.92
C LEU A 119 -12.15 30.10 -2.01
N ARG A 120 -11.76 30.89 -3.01
CA ARG A 120 -12.33 32.23 -3.23
C ARG A 120 -12.65 32.35 -4.72
N MET A 121 -13.92 32.14 -5.07
CA MET A 121 -14.33 32.23 -6.46
C MET A 121 -14.22 33.66 -6.97
N LYS A 122 -13.95 33.78 -8.28
CA LYS A 122 -13.84 35.09 -8.91
C LYS A 122 -15.19 35.81 -9.03
N ARG A 123 -16.29 35.12 -8.76
CA ARG A 123 -17.60 35.73 -8.87
C ARG A 123 -17.81 36.75 -7.76
N PRO A 124 -18.77 37.67 -7.93
CA PRO A 124 -19.00 38.67 -6.89
C PRO A 124 -19.40 38.09 -5.54
N GLY A 125 -19.89 36.85 -5.52
CA GLY A 125 -20.30 36.26 -4.25
C GLY A 125 -19.16 36.14 -3.25
N GLU A 126 -17.95 35.90 -3.74
CA GLU A 126 -16.77 35.77 -2.88
C GLU A 126 -15.81 36.94 -2.99
N ASP A 127 -15.69 37.55 -4.18
CA ASP A 127 -14.78 38.68 -4.35
C ASP A 127 -15.32 39.95 -3.72
N LYS A 128 -16.63 40.05 -3.51
CA LYS A 128 -17.24 41.25 -2.94
C LYS A 128 -17.35 41.16 -1.42
N VAL A 129 -17.60 39.97 -0.89
CA VAL A 129 -17.74 39.80 0.57
C VAL A 129 -16.34 39.53 1.10
N ARG A 130 -15.61 40.62 1.35
CA ARG A 130 -14.26 40.56 1.88
C ARG A 130 -13.80 41.98 2.17
N PRO A 131 -12.72 42.15 2.94
CA PRO A 131 -12.23 43.50 3.24
C PRO A 131 -11.78 44.23 1.98
N ALA A 132 -12.48 45.31 1.63
CA ALA A 132 -12.16 46.09 0.45
C ALA A 132 -12.19 47.57 0.80
N CYS A 133 -11.24 48.33 0.28
CA CYS A 133 -11.15 49.75 0.55
C CYS A 133 -10.28 50.38 -0.53
N GLN A 134 -10.12 51.70 -0.44
CA GLN A 134 -9.30 52.46 -1.38
C GLN A 134 -7.84 52.56 -0.94
N HIS A 135 -7.46 51.90 0.15
CA HIS A 135 -6.09 51.93 0.64
C HIS A 135 -5.22 50.98 -0.19
N LYS A 136 -4.01 50.71 0.30
CA LYS A 136 -3.08 49.86 -0.44
C LYS A 136 -3.59 48.43 -0.62
N GLN A 137 -4.71 48.07 0.01
CA GLN A 137 -5.24 46.72 -0.15
C GLN A 137 -5.62 46.45 -1.60
N ARG A 138 -6.22 47.42 -2.27
CA ARG A 138 -6.66 47.29 -3.65
C ARG A 138 -5.96 48.31 -4.55
N ARG A 139 -4.65 48.47 -4.36
CA ARG A 139 -3.85 49.38 -5.16
C ARG A 139 -3.02 48.60 -6.17
N CYS A 140 -2.46 49.33 -7.13
CA CYS A 140 -1.63 48.77 -8.19
C CYS A 140 -0.20 49.23 -8.02
N SER A 141 0.74 48.30 -8.14
CA SER A 141 2.16 48.60 -8.01
C SER A 141 2.95 47.59 -8.83
N LEU A 142 4.27 47.61 -8.69
CA LEU A 142 5.11 46.69 -9.44
C LEU A 142 4.95 45.26 -8.95
N ALA A 143 4.62 45.07 -7.67
CA ALA A 143 4.46 43.72 -7.15
C ALA A 143 3.23 43.04 -7.75
N SER A 144 2.12 43.77 -7.86
CA SER A 144 0.92 43.17 -8.44
C SER A 144 1.06 42.97 -9.94
N VAL A 145 1.63 43.95 -10.64
CA VAL A 145 1.82 43.87 -12.09
C VAL A 145 3.18 43.23 -12.32
N GLU A 146 3.19 41.93 -12.61
CA GLU A 146 4.40 41.17 -12.86
C GLU A 146 4.49 40.75 -14.32
N MET A 147 4.04 41.60 -15.23
CA MET A 147 4.09 41.29 -16.65
C MET A 147 5.51 41.33 -17.19
N SER A 148 6.44 41.97 -16.48
CA SER A 148 7.84 42.07 -16.89
C SER A 148 8.74 41.10 -16.13
N ALA A 149 8.22 39.91 -15.80
CA ALA A 149 8.99 38.91 -15.06
C ALA A 149 9.45 39.46 -13.71
N VAL A 150 8.52 40.09 -13.00
CA VAL A 150 8.80 40.65 -11.69
C VAL A 150 8.55 39.58 -10.62
N ALA A 151 9.38 39.59 -9.60
CA ALA A 151 9.25 38.60 -8.54
C ALA A 151 7.92 38.78 -7.82
N PRO A 152 7.11 37.73 -7.66
CA PRO A 152 5.85 37.86 -6.93
C PRO A 152 6.09 38.25 -5.48
N PRO A 153 5.03 38.48 -4.71
CA PRO A 153 5.21 38.82 -3.31
C PRO A 153 5.90 37.70 -2.56
N PRO A 154 6.64 38.01 -1.49
CA PRO A 154 7.36 36.96 -0.77
C PRO A 154 6.44 36.07 0.04
N ALA A 155 5.80 35.11 -0.61
CA ALA A 155 4.88 34.17 0.02
C ALA A 155 5.51 32.79 0.09
N SER A 156 5.17 32.05 1.14
CA SER A 156 5.71 30.72 1.36
C SER A 156 4.98 29.65 0.55
N ASN A 157 4.17 30.03 -0.43
CA ASN A 157 3.44 29.08 -1.26
C ASN A 157 4.23 28.65 -2.50
N GLY A 158 5.46 29.13 -2.65
CA GLY A 158 6.28 28.77 -3.81
C GLY A 158 6.75 29.99 -4.58
N ASN A 159 6.72 31.16 -3.96
CA ASN A 159 7.15 32.40 -4.58
C ASN A 159 8.46 32.93 -4.04
N LEU A 160 8.80 32.63 -2.79
CA LEU A 160 10.03 33.11 -2.17
C LEU A 160 11.11 32.04 -2.07
N LEU A 161 10.75 30.83 -1.64
CA LEU A 161 11.75 29.77 -1.51
C LEU A 161 12.31 29.37 -2.86
N TYR A 162 11.45 29.22 -3.87
CA TYR A 162 11.93 28.85 -5.20
C TYR A 162 12.81 29.93 -5.80
N ILE A 163 12.42 31.20 -5.63
CA ILE A 163 13.22 32.29 -6.18
C ILE A 163 14.40 32.60 -5.28
N GLY A 164 14.29 32.33 -3.97
CA GLY A 164 15.39 32.59 -3.06
C GLY A 164 16.55 31.63 -3.19
N PHE A 165 16.32 30.45 -3.76
CA PHE A 165 17.36 29.45 -3.95
C PHE A 165 17.74 29.27 -5.40
N ARG A 166 16.75 29.14 -6.29
CA ARG A 166 17.00 28.94 -7.71
C ARG A 166 16.89 30.21 -8.53
N GLY A 167 16.01 31.14 -8.13
CA GLY A 167 15.83 32.36 -8.90
C GLY A 167 17.03 33.29 -8.83
N LEU A 168 17.84 33.18 -7.77
CA LEU A 168 19.02 34.02 -7.61
C LEU A 168 20.21 33.37 -8.32
N ASP A 169 20.10 33.33 -9.65
CA ASP A 169 21.14 32.75 -10.50
C ASP A 169 22.18 33.83 -10.76
N GLY A 170 23.22 33.85 -9.93
CA GLY A 170 24.28 34.83 -10.07
C GLY A 170 24.65 35.48 -8.75
N VAL A 171 23.88 35.20 -7.70
CA VAL A 171 24.11 35.73 -6.36
C VAL A 171 24.29 34.63 -5.34
N HIS A 172 23.32 33.70 -5.27
CA HIS A 172 23.38 32.60 -4.31
C HIS A 172 24.11 31.40 -4.89
N CYS A 173 23.61 30.87 -6.01
CA CYS A 173 24.26 29.72 -6.62
C CYS A 173 25.67 30.05 -7.08
N VAL A 174 25.85 31.21 -7.69
CA VAL A 174 27.17 31.66 -8.17
C VAL A 174 27.45 33.03 -7.59
N PRO A 175 28.02 33.13 -6.38
CA PRO A 175 28.30 34.45 -5.80
C PRO A 175 29.40 35.18 -6.53
N THR A 176 29.10 35.66 -7.75
CA THR A 176 30.10 36.38 -8.52
C THR A 176 30.53 37.68 -7.84
N PRO A 177 29.62 38.53 -7.35
CA PRO A 177 30.05 39.80 -6.72
C PRO A 177 30.53 39.61 -5.29
N ASP A 178 31.77 39.15 -5.15
CA ASP A 178 32.40 38.96 -3.86
C ASP A 178 33.37 40.08 -3.50
N SER A 179 33.47 41.12 -4.33
CA SER A 179 34.39 42.23 -4.10
C SER A 179 33.68 43.27 -3.25
N GLY A 180 33.89 43.21 -1.94
CA GLY A 180 33.31 44.17 -1.03
C GLY A 180 31.88 43.89 -0.63
N VAL A 181 31.32 42.75 -1.01
CA VAL A 181 29.94 42.42 -0.68
C VAL A 181 29.92 41.16 0.18
N VAL A 182 30.46 40.07 -0.33
CA VAL A 182 30.48 38.79 0.37
C VAL A 182 31.83 38.55 1.04
N CYS A 183 32.90 38.60 0.26
CA CYS A 183 34.25 38.35 0.77
C CYS A 183 34.95 39.63 1.24
N GLY A 184 34.27 40.78 1.18
CA GLY A 184 34.87 42.02 1.62
C GLY A 184 33.98 42.79 2.58
N ARG A 185 33.22 42.06 3.39
CA ARG A 185 32.33 42.66 4.38
C ARG A 185 32.45 41.89 5.69
N MET A 186 32.18 42.58 6.79
CA MET A 186 32.29 42.00 8.12
C MET A 186 31.04 41.22 8.53
N ALA A 187 30.10 41.03 7.62
CA ALA A 187 28.86 40.30 7.93
C ALA A 187 29.15 38.81 7.87
N CYS A 188 29.73 38.30 8.95
CA CYS A 188 30.07 36.88 9.07
C CYS A 188 30.96 36.43 7.91
N SER A 189 31.91 37.28 7.54
CA SER A 189 32.82 36.98 6.45
C SER A 189 34.09 37.80 6.63
N PRO A 190 35.25 37.29 6.24
CA PRO A 190 36.49 38.06 6.37
C PRO A 190 36.47 39.28 5.46
N THR A 191 37.16 40.34 5.91
CA THR A 191 37.26 41.59 5.15
C THR A 191 38.54 41.55 4.32
N HIS A 192 38.46 40.84 3.18
CA HIS A 192 39.58 40.69 2.27
C HIS A 192 40.81 40.12 2.99
N ASP A 193 40.56 39.18 3.90
CA ASP A 193 41.62 38.53 4.67
C ASP A 193 42.07 37.29 3.91
N GLU A 194 43.14 37.42 3.13
CA GLU A 194 43.67 36.31 2.37
C GLU A 194 44.53 35.38 3.20
N HIS A 195 44.91 35.78 4.42
CA HIS A 195 45.74 34.96 5.30
C HIS A 195 44.93 34.35 6.44
N LEU A 196 43.63 34.18 6.26
CA LEU A 196 42.76 33.62 7.29
C LEU A 196 42.94 32.11 7.28
N LEU A 197 43.91 31.63 8.05
CA LEU A 197 44.22 30.21 8.17
C LEU A 197 43.78 29.69 9.53
N HIS A 198 43.75 28.36 9.64
CA HIS A 198 43.35 27.70 10.89
C HIS A 198 44.56 27.57 11.80
N GLY A 199 45.01 28.72 12.30
CA GLY A 199 46.17 28.74 13.18
C GLY A 199 47.44 28.26 12.52
N GLY A 200 47.68 28.68 11.28
CA GLY A 200 48.83 28.24 10.52
C GLY A 200 48.63 26.99 9.70
N GLN A 201 47.45 26.37 9.79
CA GLN A 201 47.13 25.16 9.04
C GLN A 201 46.05 25.45 8.01
N PRO A 202 45.91 24.59 7.00
CA PRO A 202 44.88 24.83 5.99
C PRO A 202 43.50 24.86 6.64
N PRO A 203 42.59 25.67 6.10
CA PRO A 203 41.26 25.78 6.73
C PRO A 203 40.52 24.45 6.78
N GLU A 204 40.71 23.57 5.79
CA GLU A 204 40.03 22.29 5.75
C GLU A 204 40.78 21.31 6.65
N GLY A 205 40.17 20.93 7.77
CA GLY A 205 40.82 20.00 8.68
C GLY A 205 41.02 18.63 8.06
N ASP A 206 40.03 18.16 7.30
CA ASP A 206 40.12 16.84 6.67
C ASP A 206 39.40 16.87 5.32
N PRO A 207 40.10 16.66 4.21
CA PRO A 207 39.41 16.62 2.92
C PRO A 207 38.41 15.48 2.80
N ASP A 208 38.52 14.45 3.65
CA ASP A 208 37.58 13.33 3.58
C ASP A 208 36.15 13.75 3.86
N LEU A 209 35.95 14.88 4.54
CA LEU A 209 34.58 15.34 4.81
C LEU A 209 33.86 15.73 3.52
N ALA A 210 34.60 16.18 2.50
CA ALA A 210 33.97 16.52 1.24
C ALA A 210 33.31 15.31 0.60
N LYS A 211 33.97 14.15 0.65
CA LYS A 211 33.39 12.94 0.09
C LYS A 211 32.11 12.56 0.83
N ILE A 212 32.10 12.70 2.15
CA ILE A 212 30.89 12.39 2.91
C ILE A 212 29.76 13.35 2.54
N LEU A 213 30.11 14.61 2.28
CA LEU A 213 29.09 15.59 1.91
C LEU A 213 28.39 15.19 0.62
N GLU A 214 29.15 14.71 -0.37
CA GLU A 214 28.54 14.30 -1.63
C GLU A 214 27.57 13.14 -1.41
N GLU A 215 27.96 12.16 -0.61
CA GLU A 215 27.05 11.06 -0.30
C GLU A 215 25.86 11.55 0.52
N VAL A 216 26.10 12.42 1.49
CA VAL A 216 25.01 12.97 2.30
C VAL A 216 24.11 13.83 1.45
N ARG A 217 24.69 14.58 0.50
CA ARG A 217 23.88 15.44 -0.36
C ARG A 217 22.90 14.62 -1.19
N TYR A 218 23.34 13.47 -1.71
CA TYR A 218 22.45 12.62 -2.48
C TYR A 218 21.28 12.13 -1.63
N ILE A 219 21.57 11.75 -0.38
CA ILE A 219 20.49 11.31 0.51
C ILE A 219 19.50 12.44 0.73
N ALA A 220 20.00 13.65 0.99
CA ALA A 220 19.11 14.79 1.13
C ALA A 220 18.49 15.18 -0.21
N ASN A 221 19.22 15.01 -1.31
CA ASN A 221 18.67 15.31 -2.62
C ASN A 221 17.57 14.32 -3.01
N ARG A 222 17.67 13.07 -2.55
CA ARG A 222 16.63 12.09 -2.86
C ARG A 222 15.29 12.51 -2.27
N PHE A 223 15.30 13.04 -1.05
CA PHE A 223 14.07 13.53 -0.44
C PHE A 223 13.65 14.87 -1.02
N ARG A 224 14.61 15.72 -1.40
CA ARG A 224 14.27 17.02 -1.96
C ARG A 224 13.49 16.88 -3.26
N CYS A 225 13.92 15.99 -4.15
CA CYS A 225 13.20 15.78 -5.39
C CYS A 225 11.92 14.98 -5.15
N GLN A 226 11.92 14.09 -4.16
CA GLN A 226 10.70 13.36 -3.83
C GLN A 226 9.66 14.31 -3.23
N ASP A 227 10.08 15.24 -2.38
CA ASP A 227 9.16 16.23 -1.84
C ASP A 227 8.79 17.27 -2.89
N GLU A 228 9.73 17.62 -3.78
CA GLU A 228 9.40 18.57 -4.84
C GLU A 228 8.42 17.98 -5.84
N SER A 229 8.52 16.68 -6.11
CA SER A 229 7.57 16.04 -7.01
C SER A 229 6.16 16.05 -6.45
N GLU A 230 6.00 16.17 -5.13
CA GLU A 230 4.67 16.26 -4.55
C GLU A 230 3.96 17.53 -5.01
N ALA A 231 4.70 18.65 -5.06
CA ALA A 231 4.11 19.89 -5.57
C ALA A 231 3.72 19.74 -7.03
N VAL A 232 4.58 19.11 -7.83
CA VAL A 232 4.22 18.83 -9.22
C VAL A 232 3.06 17.84 -9.27
N CYS A 233 3.11 16.80 -8.44
CA CYS A 233 2.00 15.84 -8.39
C CYS A 233 0.73 16.49 -7.84
N SER A 234 0.87 17.52 -7.01
CA SER A 234 -0.30 18.21 -6.48
C SER A 234 -1.09 18.86 -7.61
N GLU A 235 -0.40 19.47 -8.57
CA GLU A 235 -1.10 20.05 -9.72
C GLU A 235 -1.82 18.97 -10.51
N TRP A 236 -1.18 17.81 -10.71
CA TRP A 236 -1.85 16.70 -11.35
C TRP A 236 -3.01 16.19 -10.51
N LYS A 237 -2.83 16.17 -9.19
CA LYS A 237 -3.93 15.77 -8.30
C LYS A 237 -5.11 16.71 -8.41
N PHE A 238 -4.83 18.02 -8.49
CA PHE A 238 -5.91 18.99 -8.68
C PHE A 238 -6.60 18.76 -10.02
N ALA A 239 -5.84 18.41 -11.05
CA ALA A 239 -6.45 18.11 -12.34
C ALA A 239 -7.38 16.91 -12.27
N ALA A 240 -7.09 15.96 -11.37
CA ALA A 240 -7.98 14.83 -11.18
C ALA A 240 -9.33 15.28 -10.61
N CYS A 241 -9.31 16.25 -9.70
CA CYS A 241 -10.56 16.75 -9.12
C CYS A 241 -11.38 17.56 -10.11
N VAL A 242 -10.76 18.02 -11.21
CA VAL A 242 -11.50 18.78 -12.22
C VAL A 242 -12.60 17.91 -12.82
N VAL A 243 -12.26 16.67 -13.19
CA VAL A 243 -13.27 15.76 -13.73
C VAL A 243 -14.24 15.34 -12.64
N ASP A 244 -13.78 15.31 -11.38
CA ASP A 244 -14.63 14.87 -10.28
C ASP A 244 -15.55 15.98 -9.80
N ARG A 245 -14.98 17.14 -9.48
CA ARG A 245 -15.79 18.24 -8.95
C ARG A 245 -16.71 18.82 -10.02
N LEU A 246 -16.23 18.89 -11.26
CA LEU A 246 -17.06 19.46 -12.33
C LEU A 246 -18.31 18.62 -12.55
N CYS A 247 -18.19 17.30 -12.51
CA CYS A 247 -19.35 16.44 -12.70
C CYS A 247 -20.38 16.64 -11.60
N LEU A 248 -19.93 17.01 -10.39
CA LEU A 248 -20.88 17.26 -9.31
C LEU A 248 -21.74 18.48 -9.61
N MET A 249 -21.13 19.55 -10.12
CA MET A 249 -21.90 20.74 -10.49
C MET A 249 -22.83 20.44 -11.67
N ALA A 250 -22.34 19.67 -12.64
CA ALA A 250 -23.17 19.31 -13.78
C ALA A 250 -24.27 18.34 -13.40
N PHE A 251 -24.11 17.58 -12.32
CA PHE A 251 -25.15 16.66 -11.89
C PHE A 251 -26.43 17.41 -11.52
N SER A 252 -26.29 18.55 -10.85
CA SER A 252 -27.46 19.34 -10.50
C SER A 252 -28.21 19.81 -11.75
N VAL A 253 -27.47 20.25 -12.76
CA VAL A 253 -28.11 20.66 -14.02
C VAL A 253 -28.84 19.50 -14.65
N PHE A 254 -28.18 18.33 -14.70
CA PHE A 254 -28.84 17.14 -15.25
C PHE A 254 -30.03 16.73 -14.39
N THR A 255 -29.90 16.82 -13.07
CA THR A 255 -31.00 16.45 -12.19
C THR A 255 -32.21 17.35 -12.43
N ILE A 256 -31.97 18.66 -12.60
CA ILE A 256 -33.07 19.58 -12.86
C ILE A 256 -33.77 19.21 -14.17
N ILE A 257 -33.00 18.94 -15.22
CA ILE A 257 -33.59 18.54 -16.49
C ILE A 257 -34.33 17.21 -16.34
N CYS A 258 -33.71 16.25 -15.66
CA CYS A 258 -34.35 14.95 -15.46
C CYS A 258 -35.61 15.10 -14.61
N THR A 259 -35.54 15.90 -13.55
CA THR A 259 -36.71 16.11 -12.69
C THR A 259 -37.84 16.77 -13.47
N ILE A 260 -37.51 17.77 -14.28
CA ILE A 260 -38.54 18.45 -15.07
C ILE A 260 -39.16 17.48 -16.07
N GLY A 261 -38.33 16.69 -16.75
CA GLY A 261 -38.85 15.74 -17.72
C GLY A 261 -39.72 14.68 -17.07
N ILE A 262 -39.27 14.13 -15.94
CA ILE A 262 -40.06 13.12 -15.24
C ILE A 262 -41.37 13.71 -14.74
N LEU A 263 -41.32 14.92 -14.16
CA LEU A 263 -42.52 15.56 -13.65
C LEU A 263 -43.48 15.94 -14.77
N MET A 264 -42.99 16.12 -15.99
CA MET A 264 -43.82 16.49 -17.12
C MET A 264 -44.18 15.31 -18.02
N SER A 265 -43.40 14.24 -18.01
CA SER A 265 -43.68 13.07 -18.83
C SER A 265 -44.46 12.01 -18.09
N ALA A 266 -44.27 11.90 -16.77
CA ALA A 266 -45.00 10.89 -16.00
C ALA A 266 -46.50 11.07 -16.08
N PRO A 267 -47.06 12.27 -15.94
CA PRO A 267 -48.53 12.40 -16.03
C PRO A 267 -49.10 11.96 -17.36
N ASN A 268 -48.33 12.04 -18.44
CA ASN A 268 -48.82 11.65 -19.75
C ASN A 268 -48.61 10.17 -20.04
N PHE A 269 -47.46 9.62 -19.66
CA PHE A 269 -47.14 8.21 -19.87
C PHE A 269 -47.38 7.36 -18.63
N VAL A 270 -46.79 7.72 -17.50
CA VAL A 270 -46.95 6.98 -16.27
C VAL A 270 -48.28 7.35 -15.61
N LEU B 7 -44.90 -19.14 11.93
CA LEU B 7 -44.51 -17.93 11.24
C LEU B 7 -43.39 -18.22 10.23
N TYR B 8 -43.78 -18.69 9.04
CA TYR B 8 -42.80 -18.99 8.01
C TYR B 8 -42.18 -17.71 7.46
N TYR B 9 -43.02 -16.82 6.91
CA TYR B 9 -42.51 -15.56 6.38
C TYR B 9 -42.03 -14.64 7.48
N GLY B 10 -42.71 -14.65 8.63
CA GLY B 10 -42.29 -13.77 9.72
C GLY B 10 -40.90 -14.08 10.22
N LEU B 11 -40.60 -15.37 10.42
CA LEU B 11 -39.27 -15.77 10.88
C LEU B 11 -38.24 -15.66 9.76
N ASN B 12 -38.67 -15.81 8.51
CA ASN B 12 -37.76 -15.73 7.37
C ASN B 12 -37.54 -14.30 6.89
N LEU B 13 -38.24 -13.32 7.45
CA LEU B 13 -38.10 -11.92 7.07
C LEU B 13 -37.72 -11.02 8.22
N LEU B 14 -38.21 -11.29 9.43
CA LEU B 14 -37.86 -10.47 10.58
C LEU B 14 -36.43 -10.76 11.05
N ILE B 15 -36.05 -12.04 11.10
CA ILE B 15 -34.70 -12.38 11.56
C ILE B 15 -33.63 -11.79 10.66
N PRO B 16 -33.69 -11.92 9.33
CA PRO B 16 -32.67 -11.27 8.49
C PRO B 16 -32.61 -9.77 8.67
N CYS B 17 -33.74 -9.11 8.95
CA CYS B 17 -33.73 -7.67 9.15
C CYS B 17 -32.88 -7.29 10.35
N VAL B 18 -32.78 -8.16 11.35
CA VAL B 18 -31.95 -7.90 12.52
C VAL B 18 -30.50 -8.27 12.27
N LEU B 19 -30.27 -9.36 11.52
CA LEU B 19 -28.91 -9.78 11.24
C LEU B 19 -28.16 -8.75 10.40
N ILE B 20 -28.82 -8.21 9.37
CA ILE B 20 -28.18 -7.20 8.53
C ILE B 20 -27.89 -5.95 9.35
N SER B 21 -28.87 -5.50 10.14
CA SER B 21 -28.66 -4.33 10.98
C SER B 21 -27.59 -4.59 12.03
N ALA B 22 -27.58 -5.79 12.62
CA ALA B 22 -26.56 -6.12 13.61
C ALA B 22 -25.17 -6.10 12.99
N LEU B 23 -25.03 -6.63 11.77
CA LEU B 23 -23.74 -6.61 11.10
C LEU B 23 -23.31 -5.20 10.73
N ALA B 24 -24.26 -4.27 10.58
CA ALA B 24 -23.90 -2.89 10.28
C ALA B 24 -23.30 -2.17 11.48
N LEU B 25 -23.53 -2.68 12.70
CA LEU B 25 -22.96 -2.05 13.88
C LEU B 25 -21.43 -2.11 13.84
N LEU B 26 -20.87 -3.24 13.39
CA LEU B 26 -19.42 -3.35 13.29
C LEU B 26 -18.84 -2.31 12.34
N VAL B 27 -19.61 -1.90 11.33
CA VAL B 27 -19.14 -0.87 10.42
C VAL B 27 -18.98 0.46 11.15
N PHE B 28 -19.87 0.73 12.11
CA PHE B 28 -19.81 1.97 12.88
C PHE B 28 -18.84 1.91 14.04
N LEU B 29 -18.17 0.76 14.24
CA LEU B 29 -17.20 0.61 15.33
C LEU B 29 -15.77 0.49 14.83
N LEU B 30 -15.56 0.25 13.54
CA LEU B 30 -14.21 0.10 13.02
C LEU B 30 -13.43 1.40 13.15
N PRO B 31 -12.11 1.32 13.34
CA PRO B 31 -11.31 2.55 13.45
C PRO B 31 -11.17 3.24 12.10
N ALA B 32 -10.74 4.51 12.17
CA ALA B 32 -10.56 5.28 10.95
C ALA B 32 -9.32 4.87 10.17
N ASP B 33 -8.40 4.13 10.79
CA ASP B 33 -7.19 3.69 10.13
C ASP B 33 -7.41 2.50 9.21
N SER B 34 -8.56 1.84 9.28
CA SER B 34 -8.84 0.68 8.45
C SER B 34 -9.15 1.13 7.03
N GLY B 35 -8.29 0.75 6.08
CA GLY B 35 -8.50 1.11 4.69
C GLY B 35 -9.45 0.22 3.92
N GLU B 36 -9.81 -0.93 4.49
CA GLU B 36 -10.73 -1.87 3.86
C GLU B 36 -12.14 -1.78 4.42
N LYS B 37 -12.50 -0.62 4.99
CA LYS B 37 -13.84 -0.47 5.54
C LYS B 37 -14.91 -0.59 4.47
N ILE B 38 -14.66 0.00 3.29
CA ILE B 38 -15.64 -0.05 2.22
C ILE B 38 -15.88 -1.49 1.77
N SER B 39 -14.88 -2.35 1.93
CA SER B 39 -15.04 -3.74 1.50
C SER B 39 -16.14 -4.43 2.28
N LEU B 40 -16.22 -4.19 3.59
CA LEU B 40 -17.26 -4.82 4.41
C LEU B 40 -18.64 -4.30 4.04
N GLY B 41 -18.76 -3.03 3.65
CA GLY B 41 -20.05 -2.47 3.33
C GLY B 41 -20.67 -3.03 2.06
N ILE B 42 -19.85 -3.56 1.16
CA ILE B 42 -20.39 -4.13 -0.08
C ILE B 42 -21.26 -5.33 0.23
N THR B 43 -20.79 -6.22 1.12
CA THR B 43 -21.57 -7.39 1.49
C THR B 43 -22.86 -7.01 2.19
N VAL B 44 -22.80 -6.03 3.09
CA VAL B 44 -24.00 -5.62 3.82
C VAL B 44 -25.03 -5.05 2.86
N LEU B 45 -24.59 -4.18 1.94
CA LEU B 45 -25.52 -3.61 0.97
C LEU B 45 -25.98 -4.67 -0.03
N LEU B 46 -25.07 -5.54 -0.46
CA LEU B 46 -25.45 -6.58 -1.43
C LEU B 46 -26.41 -7.60 -0.81
N SER B 47 -26.23 -7.92 0.47
CA SER B 47 -27.10 -8.91 1.10
C SER B 47 -28.56 -8.45 1.10
N LEU B 48 -28.80 -7.18 1.40
CA LEU B 48 -30.17 -6.68 1.42
C LEU B 48 -30.80 -6.77 0.03
N THR B 49 -30.05 -6.42 -1.01
CA THR B 49 -30.59 -6.48 -2.36
C THR B 49 -30.92 -7.91 -2.76
N VAL B 50 -30.06 -8.86 -2.41
CA VAL B 50 -30.31 -10.26 -2.75
C VAL B 50 -31.59 -10.75 -2.08
N PHE B 51 -31.78 -10.42 -0.80
CA PHE B 51 -32.98 -10.84 -0.10
C PHE B 51 -34.20 -10.04 -0.57
N MET B 52 -33.99 -8.83 -1.09
CA MET B 52 -35.11 -8.02 -1.56
C MET B 52 -35.80 -8.68 -2.75
N LEU B 53 -35.05 -9.38 -3.60
CA LEU B 53 -35.65 -10.01 -4.77
C LEU B 53 -36.68 -11.05 -4.36
N LEU B 54 -36.38 -11.85 -3.33
CA LEU B 54 -37.33 -12.87 -2.88
C LEU B 54 -38.62 -12.24 -2.38
N VAL B 55 -38.51 -11.15 -1.61
CA VAL B 55 -39.68 -10.50 -1.07
C VAL B 55 -40.50 -9.81 -2.14
N ALA B 56 -39.88 -9.47 -3.28
CA ALA B 56 -40.62 -8.79 -4.35
C ALA B 56 -41.75 -9.67 -4.88
N GLU B 57 -41.47 -10.96 -5.08
CA GLU B 57 -42.51 -11.87 -5.56
C GLU B 57 -43.58 -12.12 -4.51
N ILE B 58 -43.19 -12.18 -3.24
CA ILE B 58 -44.15 -12.42 -2.18
C ILE B 58 -45.13 -11.26 -2.07
N MET B 59 -44.63 -10.03 -2.17
CA MET B 59 -45.49 -8.87 -2.04
C MET B 59 -46.49 -8.84 -3.19
N PRO B 60 -47.80 -8.76 -2.92
CA PRO B 60 -48.76 -8.70 -4.02
C PRO B 60 -48.53 -7.47 -4.90
N SER B 61 -48.75 -7.65 -6.20
CA SER B 61 -48.58 -6.57 -7.17
C SER B 61 -49.84 -5.72 -7.19
N THR B 62 -49.96 -4.85 -6.19
CA THR B 62 -51.12 -3.98 -6.07
C THR B 62 -50.83 -2.65 -6.76
N SER B 63 -51.78 -1.71 -6.64
CA SER B 63 -51.66 -0.39 -7.24
C SER B 63 -51.25 0.67 -6.22
N ASP B 64 -51.91 0.70 -5.06
CA ASP B 64 -51.58 1.68 -4.03
C ASP B 64 -51.57 1.08 -2.63
N SER B 65 -51.74 -0.23 -2.50
CA SER B 65 -51.76 -0.90 -1.19
C SER B 65 -50.36 -1.48 -0.94
N SER B 66 -49.52 -0.69 -0.27
CA SER B 66 -48.17 -1.12 0.04
C SER B 66 -48.18 -2.03 1.27
N PRO B 67 -47.66 -3.26 1.18
CA PRO B 67 -47.61 -4.12 2.37
C PRO B 67 -46.73 -3.52 3.46
N SER B 68 -47.00 -3.93 4.70
CA SER B 68 -46.23 -3.44 5.83
C SER B 68 -44.77 -3.84 5.75
N ILE B 69 -44.43 -4.87 4.98
CA ILE B 69 -43.04 -5.29 4.85
C ILE B 69 -42.20 -4.18 4.23
N ALA B 70 -42.81 -3.36 3.37
CA ALA B 70 -42.07 -2.26 2.75
C ALA B 70 -41.59 -1.26 3.80
N GLN B 71 -42.45 -0.97 4.79
CA GLN B 71 -42.06 -0.03 5.83
C GLN B 71 -40.90 -0.57 6.66
N TYR B 72 -40.91 -1.88 6.95
CA TYR B 72 -39.82 -2.47 7.71
C TYR B 72 -38.50 -2.36 6.96
N PHE B 73 -38.52 -2.62 5.65
CA PHE B 73 -37.30 -2.49 4.85
C PHE B 73 -36.89 -1.04 4.65
N ALA B 74 -37.81 -0.09 4.80
CA ALA B 74 -37.46 1.32 4.64
C ALA B 74 -36.41 1.74 5.66
N SER B 75 -36.59 1.35 6.92
CA SER B 75 -35.61 1.68 7.95
C SER B 75 -34.35 0.83 7.82
N THR B 76 -34.46 -0.39 7.30
CA THR B 76 -33.29 -1.24 7.14
C THR B 76 -32.31 -0.64 6.13
N MET B 77 -32.82 -0.04 5.05
CA MET B 77 -31.95 0.55 4.05
C MET B 77 -31.18 1.74 4.62
N ILE B 78 -31.76 2.44 5.59
CA ILE B 78 -31.06 3.56 6.22
C ILE B 78 -29.89 3.04 7.05
N ILE B 79 -30.08 1.92 7.76
CA ILE B 79 -29.01 1.37 8.58
C ILE B 79 -27.82 0.98 7.71
N VAL B 80 -28.09 0.31 6.58
CA VAL B 80 -27.02 -0.09 5.67
C VAL B 80 -26.63 1.03 4.72
N GLY B 81 -27.56 1.94 4.39
CA GLY B 81 -27.20 3.05 3.52
C GLY B 81 -26.21 4.00 4.16
N LEU B 82 -26.39 4.29 5.45
CA LEU B 82 -25.47 5.17 6.15
C LEU B 82 -24.14 4.47 6.43
N SER B 83 -24.17 3.15 6.60
CA SER B 83 -22.94 2.41 6.86
C SER B 83 -21.97 2.55 5.69
N VAL B 84 -22.48 2.46 4.46
CA VAL B 84 -21.62 2.63 3.29
C VAL B 84 -21.03 4.04 3.26
N VAL B 85 -21.84 5.04 3.57
CA VAL B 85 -21.34 6.42 3.57
C VAL B 85 -20.24 6.58 4.62
N VAL B 86 -20.38 5.92 5.76
CA VAL B 86 -19.37 6.01 6.80
C VAL B 86 -18.04 5.47 6.31
N THR B 87 -18.06 4.32 5.62
CA THR B 87 -16.83 3.76 5.08
C THR B 87 -16.24 4.61 3.98
N VAL B 88 -17.00 5.54 3.41
CA VAL B 88 -16.52 6.42 2.36
C VAL B 88 -16.10 7.77 2.91
N ILE B 89 -16.89 8.35 3.82
CA ILE B 89 -16.54 9.64 4.41
C ILE B 89 -15.26 9.51 5.23
N VAL B 90 -15.10 8.38 5.93
CA VAL B 90 -13.89 8.17 6.73
C VAL B 90 -12.67 8.15 5.83
N LEU B 91 -12.80 7.57 4.63
CA LEU B 91 -11.67 7.50 3.71
C LEU B 91 -11.18 8.89 3.31
N GLN B 92 -12.07 9.89 3.34
CA GLN B 92 -11.66 11.23 2.97
C GLN B 92 -10.59 11.77 3.91
N TYR B 93 -10.77 11.58 5.21
CA TYR B 93 -9.78 12.05 6.18
C TYR B 93 -8.55 11.14 6.22
N HIS B 94 -8.74 9.83 6.00
CA HIS B 94 -7.59 8.93 5.99
C HIS B 94 -6.61 9.30 4.88
N HIS B 95 -7.11 9.51 3.67
CA HIS B 95 -6.29 9.97 2.55
C HIS B 95 -6.51 11.47 2.40
N HIS B 96 -5.87 12.24 3.28
CA HIS B 96 -6.06 13.68 3.30
C HIS B 96 -5.65 14.29 1.96
N ASP B 97 -6.45 15.25 1.49
CA ASP B 97 -6.20 15.94 0.24
C ASP B 97 -6.31 17.44 0.50
N PRO B 98 -5.29 18.23 0.15
CA PRO B 98 -5.40 19.69 0.37
C PRO B 98 -6.59 20.32 -0.34
N ASP B 99 -6.99 19.79 -1.51
CA ASP B 99 -8.09 20.35 -2.28
C ASP B 99 -9.40 19.83 -1.71
N GLY B 100 -9.80 20.39 -0.58
CA GLY B 100 -11.06 20.04 0.04
C GLY B 100 -11.00 18.69 0.73
N GLY B 101 -12.18 18.23 1.14
CA GLY B 101 -12.29 16.94 1.81
C GLY B 101 -11.56 16.89 3.15
N LYS B 102 -11.66 17.96 3.93
CA LYS B 102 -11.02 18.03 5.24
C LYS B 102 -11.97 18.69 6.23
N MET B 103 -11.80 18.35 7.50
CA MET B 103 -12.65 18.93 8.54
C MET B 103 -12.24 20.38 8.78
N PRO B 104 -13.19 21.31 8.79
CA PRO B 104 -12.84 22.72 9.06
C PRO B 104 -12.17 22.87 10.42
N LYS B 105 -11.24 23.81 10.50
CA LYS B 105 -10.53 24.05 11.74
C LYS B 105 -11.47 24.44 12.86
N TRP B 106 -12.49 25.25 12.55
CA TRP B 106 -13.45 25.67 13.57
C TRP B 106 -14.16 24.47 14.18
N THR B 107 -14.59 23.52 13.33
CA THR B 107 -15.25 22.33 13.82
C THR B 107 -14.26 21.36 14.48
N ARG B 108 -13.02 21.32 13.99
CA ARG B 108 -12.03 20.42 14.57
C ARG B 108 -11.74 20.78 16.02
N VAL B 109 -11.66 22.07 16.33
CA VAL B 109 -11.36 22.50 17.70
C VAL B 109 -12.46 22.01 18.64
N ILE B 110 -13.71 22.08 18.21
CA ILE B 110 -14.82 21.62 19.03
C ILE B 110 -14.71 20.11 19.28
N LEU B 111 -14.24 19.36 18.28
CA LEU B 111 -14.12 17.91 18.40
C LEU B 111 -12.86 17.47 19.12
N LEU B 112 -11.97 18.40 19.50
CA LEU B 112 -10.76 18.01 20.21
C LEU B 112 -11.08 17.41 21.58
N ASN B 113 -12.22 17.76 22.16
CA ASN B 113 -12.62 17.22 23.45
C ASN B 113 -13.42 15.93 23.33
N TRP B 114 -14.00 15.66 22.16
CA TRP B 114 -14.78 14.43 21.99
C TRP B 114 -13.91 13.20 22.17
N CYS B 115 -12.71 13.21 21.57
CA CYS B 115 -11.82 12.06 21.71
C CYS B 115 -11.35 11.91 23.16
N ALA B 116 -11.10 13.03 23.85
CA ALA B 116 -10.67 12.94 25.23
C ALA B 116 -11.77 12.41 26.14
N TRP B 117 -13.03 12.73 25.84
CA TRP B 117 -14.15 12.26 26.65
C TRP B 117 -14.43 10.78 26.45
N PHE B 118 -13.95 10.19 25.35
CA PHE B 118 -14.19 8.76 25.12
C PHE B 118 -13.56 7.92 26.22
N LEU B 119 -12.33 8.24 26.62
CA LEU B 119 -11.69 7.50 27.70
C LEU B 119 -12.35 7.79 29.04
N ARG B 120 -12.60 9.07 29.32
CA ARG B 120 -13.24 9.50 30.56
C ARG B 120 -14.33 10.51 30.20
N MET B 121 -15.58 10.04 30.15
CA MET B 121 -16.69 10.91 29.80
C MET B 121 -16.92 11.95 30.88
N LYS B 122 -17.41 13.12 30.47
CA LYS B 122 -17.71 14.19 31.40
C LYS B 122 -18.93 13.90 32.28
N ARG B 123 -19.68 12.84 31.97
CA ARG B 123 -20.86 12.52 32.75
C ARG B 123 -20.46 11.99 34.13
N PRO B 124 -21.38 12.01 35.09
CA PRO B 124 -21.05 11.53 36.43
C PRO B 124 -20.63 10.07 36.48
N GLY B 125 -20.98 9.28 35.45
CA GLY B 125 -20.61 7.88 35.45
C GLY B 125 -19.11 7.66 35.49
N GLU B 126 -18.35 8.54 34.84
CA GLU B 126 -16.89 8.43 34.82
C GLU B 126 -16.20 9.50 35.64
N ASP B 127 -16.76 10.71 35.74
CA ASP B 127 -16.14 11.76 36.52
C ASP B 127 -16.29 11.55 38.02
N LYS B 128 -17.28 10.77 38.44
CA LYS B 128 -17.51 10.53 39.86
C LYS B 128 -16.79 9.29 40.37
N VAL B 129 -16.65 8.26 39.53
CA VAL B 129 -15.97 7.03 39.93
C VAL B 129 -14.50 7.23 39.61
N ARG B 130 -13.80 7.85 40.54
CA ARG B 130 -12.36 8.13 40.41
C ARG B 130 -11.88 8.72 41.72
N PRO B 131 -10.55 8.76 41.94
CA PRO B 131 -10.02 9.35 43.17
C PRO B 131 -10.35 10.83 43.29
N ALA B 132 -11.17 11.19 44.27
CA ALA B 132 -11.57 12.56 44.49
C ALA B 132 -11.47 12.89 45.97
N CYS B 133 -10.99 14.09 46.27
CA CYS B 133 -10.82 14.53 47.66
C CYS B 133 -10.70 16.05 47.66
N GLN B 134 -10.56 16.61 48.86
CA GLN B 134 -10.41 18.05 49.04
C GLN B 134 -8.96 18.50 49.00
N HIS B 135 -8.02 17.60 48.71
CA HIS B 135 -6.61 17.94 48.66
C HIS B 135 -6.31 18.60 47.32
N LYS B 136 -5.01 18.76 47.01
CA LYS B 136 -4.60 19.44 45.78
C LYS B 136 -5.08 18.73 44.52
N GLN B 137 -5.66 17.53 44.63
CA GLN B 137 -6.12 16.82 43.45
C GLN B 137 -7.24 17.60 42.75
N ARG B 138 -8.14 18.19 43.52
CA ARG B 138 -9.28 18.95 43.00
C ARG B 138 -9.22 20.41 43.43
N ARG B 139 -8.03 20.99 43.40
CA ARG B 139 -7.82 22.39 43.77
C ARG B 139 -7.65 23.25 42.52
N CYS B 140 -7.72 24.55 42.71
CA CYS B 140 -7.58 25.53 41.65
C CYS B 140 -6.30 26.33 41.85
N SER B 141 -5.54 26.51 40.77
CA SER B 141 -4.30 27.26 40.81
C SER B 141 -4.05 27.86 39.43
N LEU B 142 -2.86 28.44 39.24
CA LEU B 142 -2.54 29.06 37.96
C LEU B 142 -2.36 28.02 36.86
N ALA B 143 -1.93 26.80 37.21
CA ALA B 143 -1.75 25.77 36.21
C ALA B 143 -3.08 25.32 35.63
N SER B 144 -4.09 25.13 36.47
CA SER B 144 -5.40 24.71 35.97
C SER B 144 -6.10 25.83 35.22
N VAL B 145 -6.01 27.06 35.74
CA VAL B 145 -6.63 28.23 35.10
C VAL B 145 -5.59 28.83 34.16
N GLU B 146 -5.70 28.50 32.88
CA GLU B 146 -4.81 29.01 31.85
C GLU B 146 -5.51 29.99 30.91
N MET B 147 -6.46 30.76 31.44
CA MET B 147 -7.17 31.73 30.62
C MET B 147 -6.28 32.89 30.18
N SER B 148 -5.14 33.07 30.83
CA SER B 148 -4.20 34.15 30.50
C SER B 148 -3.00 33.62 29.72
N ALA B 149 -3.22 32.62 28.86
CA ALA B 149 -2.15 32.03 28.07
C ALA B 149 -1.03 31.48 28.95
N VAL B 150 -1.43 30.72 29.97
CA VAL B 150 -0.49 30.11 30.90
C VAL B 150 -0.07 28.75 30.37
N ALA B 151 1.19 28.40 30.57
CA ALA B 151 1.70 27.12 30.08
C ALA B 151 0.98 25.98 30.79
N PRO B 152 0.44 25.01 30.06
CA PRO B 152 -0.22 23.87 30.72
C PRO B 152 0.77 23.07 31.55
N PRO B 153 0.30 22.06 32.28
CA PRO B 153 1.22 21.23 33.08
C PRO B 153 2.24 20.54 32.20
N PRO B 154 3.42 20.22 32.74
CA PRO B 154 4.46 19.60 31.91
C PRO B 154 4.13 18.15 31.57
N ALA B 155 3.28 17.95 30.57
CA ALA B 155 2.87 16.63 30.12
C ALA B 155 3.47 16.34 28.74
N SER B 156 3.79 15.07 28.52
CA SER B 156 4.40 14.63 27.27
C SER B 156 3.38 14.41 26.15
N ASN B 157 2.17 14.91 26.30
CA ASN B 157 1.13 14.77 25.29
C ASN B 157 1.13 15.91 24.28
N GLY B 158 2.06 16.86 24.40
CA GLY B 158 2.12 17.99 23.49
C GLY B 158 2.05 19.32 24.21
N ASN B 159 2.33 19.32 25.52
CA ASN B 159 2.31 20.52 26.33
C ASN B 159 3.68 21.00 26.77
N LEU B 160 4.66 20.10 26.87
CA LEU B 160 6.01 20.46 27.29
C LEU B 160 7.01 20.47 26.15
N LEU B 161 6.98 19.46 25.27
CA LEU B 161 7.94 19.42 24.18
C LEU B 161 7.70 20.56 23.19
N TYR B 162 6.44 20.83 22.85
CA TYR B 162 6.14 21.91 21.93
C TYR B 162 6.51 23.27 22.52
N ILE B 163 6.21 23.47 23.81
CA ILE B 163 6.54 24.74 24.44
C ILE B 163 8.02 24.80 24.81
N GLY B 164 8.64 23.65 25.07
CA GLY B 164 10.04 23.62 25.42
C GLY B 164 10.98 23.92 24.27
N PHE B 165 10.51 23.75 23.04
CA PHE B 165 11.31 23.99 21.85
C PHE B 165 10.84 25.22 21.08
N ARG B 166 9.54 25.34 20.82
CA ARG B 166 8.99 26.47 20.08
C ARG B 166 8.40 27.54 20.97
N GLY B 167 7.84 27.17 22.13
CA GLY B 167 7.23 28.16 23.01
C GLY B 167 8.24 29.11 23.63
N LEU B 168 9.49 28.67 23.76
CA LEU B 168 10.55 29.51 24.33
C LEU B 168 11.17 30.37 23.25
N ASP B 169 10.35 31.30 22.75
CA ASP B 169 10.77 32.23 21.70
C ASP B 169 11.47 33.42 22.37
N GLY B 170 12.79 33.33 22.49
CA GLY B 170 13.56 34.37 23.12
C GLY B 170 14.57 33.83 24.12
N VAL B 171 14.51 32.53 24.40
CA VAL B 171 15.41 31.87 25.33
C VAL B 171 16.16 30.72 24.67
N HIS B 172 15.44 29.80 24.05
CA HIS B 172 16.04 28.66 23.39
C HIS B 172 16.37 28.97 21.93
N CYS B 173 15.37 29.34 21.14
CA CYS B 173 15.61 29.65 19.73
C CYS B 173 16.54 30.86 19.60
N VAL B 174 16.32 31.89 20.40
CA VAL B 174 17.14 33.10 20.36
C VAL B 174 17.65 33.38 21.77
N PRO B 175 18.79 32.80 22.18
CA PRO B 175 19.29 33.05 23.54
C PRO B 175 19.79 34.48 23.71
N THR B 176 18.84 35.43 23.77
CA THR B 176 19.23 36.82 23.95
C THR B 176 19.92 37.06 25.29
N PRO B 177 19.39 36.58 26.43
CA PRO B 177 20.06 36.86 27.71
C PRO B 177 21.24 35.93 27.98
N ASP B 178 22.38 36.27 27.36
CA ASP B 178 23.63 35.54 27.53
C ASP B 178 24.58 36.23 28.50
N SER B 179 24.18 37.33 29.11
CA SER B 179 25.03 38.08 30.02
C SER B 179 24.85 37.52 31.43
N GLY B 180 25.76 36.61 31.81
CA GLY B 180 25.72 36.03 33.14
C GLY B 180 24.75 34.87 33.31
N VAL B 181 24.13 34.41 32.23
CA VAL B 181 23.16 33.32 32.31
C VAL B 181 23.67 32.13 31.49
N VAL B 182 23.88 32.36 30.19
CA VAL B 182 24.30 31.31 29.28
C VAL B 182 25.80 31.39 29.07
N CYS B 183 26.28 32.55 28.59
CA CYS B 183 27.69 32.75 28.31
C CYS B 183 28.47 33.29 29.48
N GLY B 184 27.83 33.48 30.64
CA GLY B 184 28.51 33.98 31.81
C GLY B 184 28.27 33.12 33.03
N ARG B 185 28.13 31.81 32.82
CA ARG B 185 27.91 30.86 33.90
C ARG B 185 28.78 29.63 33.66
N MET B 186 29.12 28.94 34.74
CA MET B 186 29.98 27.77 34.68
C MET B 186 29.22 26.49 34.37
N ALA B 187 27.91 26.57 34.11
CA ALA B 187 27.11 25.39 33.82
C ALA B 187 27.33 24.99 32.37
N CYS B 188 28.41 24.25 32.14
CA CYS B 188 28.77 23.76 30.81
C CYS B 188 28.89 24.91 29.81
N SER B 189 29.47 26.03 30.27
CA SER B 189 29.65 27.19 29.42
C SER B 189 30.80 28.03 29.98
N PRO B 190 31.57 28.70 29.14
CA PRO B 190 32.65 29.55 29.65
C PRO B 190 32.10 30.73 30.43
N THR B 191 32.88 31.19 31.41
CA THR B 191 32.52 32.33 32.24
C THR B 191 33.14 33.59 31.64
N HIS B 192 32.47 34.11 30.60
CA HIS B 192 32.92 35.30 29.91
C HIS B 192 34.35 35.15 29.39
N ASP B 193 34.67 33.94 28.94
CA ASP B 193 36.01 33.64 28.42
C ASP B 193 36.01 33.92 26.92
N GLU B 194 36.48 35.11 26.54
CA GLU B 194 36.55 35.49 25.14
C GLU B 194 37.77 34.91 24.42
N HIS B 195 38.73 34.36 25.16
CA HIS B 195 39.93 33.77 24.58
C HIS B 195 39.90 32.25 24.60
N LEU B 196 38.71 31.65 24.65
CA LEU B 196 38.57 30.20 24.68
C LEU B 196 38.77 29.67 23.27
N LEU B 197 40.03 29.39 22.93
CA LEU B 197 40.40 28.87 21.62
C LEU B 197 40.80 27.40 21.74
N HIS B 198 40.89 26.74 20.58
CA HIS B 198 41.24 25.33 20.51
C HIS B 198 42.77 25.20 20.49
N GLY B 199 43.37 25.55 21.64
CA GLY B 199 44.82 25.48 21.76
C GLY B 199 45.54 26.41 20.80
N GLY B 200 45.06 27.65 20.68
CA GLY B 200 45.66 28.61 19.76
C GLY B 200 45.06 28.61 18.37
N GLN B 201 44.15 27.69 18.07
CA GLN B 201 43.51 27.59 16.78
C GLN B 201 42.02 27.93 16.86
N PRO B 202 41.39 28.27 15.75
CA PRO B 202 39.96 28.60 15.81
C PRO B 202 39.17 27.42 16.34
N PRO B 203 38.08 27.69 17.07
CA PRO B 203 37.30 26.59 17.65
C PRO B 203 36.76 25.62 16.60
N GLU B 204 36.40 26.10 15.41
CA GLU B 204 35.87 25.25 14.37
C GLU B 204 37.02 24.55 13.65
N GLY B 205 37.13 23.24 13.85
CA GLY B 205 38.21 22.50 13.20
C GLY B 205 38.10 22.50 11.68
N ASP B 206 36.88 22.38 11.17
CA ASP B 206 36.65 22.35 9.74
C ASP B 206 35.30 23.01 9.41
N PRO B 207 35.29 24.12 8.67
CA PRO B 207 34.00 24.72 8.30
C PRO B 207 33.14 23.83 7.42
N ASP B 208 33.73 22.82 6.77
CA ASP B 208 32.96 21.94 5.91
C ASP B 208 31.89 21.17 6.68
N LEU B 209 32.06 21.02 8.00
CA LEU B 209 31.05 20.32 8.79
C LEU B 209 29.72 21.08 8.82
N ALA B 210 29.78 22.41 8.70
CA ALA B 210 28.54 23.19 8.68
C ALA B 210 27.68 22.83 7.48
N LYS B 211 28.30 22.64 6.31
CA LYS B 211 27.55 22.25 5.12
C LYS B 211 26.89 20.90 5.31
N ILE B 212 27.59 19.95 5.92
CA ILE B 212 27.01 18.63 6.17
C ILE B 212 25.83 18.75 7.12
N LEU B 213 25.93 19.64 8.11
CA LEU B 213 24.84 19.81 9.07
C LEU B 213 23.56 20.26 8.36
N GLU B 214 23.68 21.20 7.42
CA GLU B 214 22.50 21.67 6.70
C GLU B 214 21.84 20.52 5.93
N GLU B 215 22.65 19.71 5.25
CA GLU B 215 22.10 18.56 4.55
C GLU B 215 21.52 17.53 5.52
N VAL B 216 22.23 17.29 6.63
CA VAL B 216 21.74 16.35 7.62
C VAL B 216 20.48 16.90 8.30
N ARG B 217 20.43 18.21 8.52
CA ARG B 217 19.25 18.80 9.14
C ARG B 217 18.01 18.59 8.30
N TYR B 218 18.13 18.73 6.97
CA TYR B 218 16.98 18.51 6.09
C TYR B 218 16.50 17.07 6.19
N ILE B 219 17.42 16.11 6.24
CA ILE B 219 17.03 14.71 6.38
C ILE B 219 16.28 14.50 7.68
N ALA B 220 16.80 15.06 8.78
CA ALA B 220 16.08 14.98 10.04
C ALA B 220 14.82 15.84 10.03
N ASN B 221 14.83 16.95 9.31
CA ASN B 221 13.65 17.79 9.21
C ASN B 221 12.55 17.11 8.41
N ARG B 222 12.92 16.29 7.42
CA ARG B 222 11.91 15.59 6.63
C ARG B 222 11.10 14.64 7.51
N PHE B 223 11.76 13.94 8.44
CA PHE B 223 11.05 13.06 9.35
C PHE B 223 10.34 13.85 10.45
N ARG B 224 10.91 14.98 10.87
CA ARG B 224 10.28 15.77 11.93
C ARG B 224 8.91 16.29 11.48
N CYS B 225 8.83 16.81 10.26
CA CYS B 225 7.54 17.29 9.77
C CYS B 225 6.62 16.13 9.40
N GLN B 226 7.18 15.02 8.89
CA GLN B 226 6.37 13.84 8.62
C GLN B 226 5.78 13.28 9.90
N ASP B 227 6.59 13.21 10.97
CA ASP B 227 6.08 12.75 12.25
C ASP B 227 5.16 13.78 12.89
N GLU B 228 5.45 15.07 12.70
CA GLU B 228 4.57 16.11 13.23
C GLU B 228 3.22 16.10 12.53
N SER B 229 3.19 15.83 11.22
CA SER B 229 1.93 15.75 10.50
C SER B 229 1.05 14.62 11.01
N GLU B 230 1.65 13.58 11.62
CA GLU B 230 0.84 12.51 12.19
C GLU B 230 -0.04 13.01 13.32
N ALA B 231 0.50 13.90 14.17
CA ALA B 231 -0.32 14.49 15.21
C ALA B 231 -1.44 15.34 14.62
N VAL B 232 -1.14 16.11 13.58
CA VAL B 232 -2.18 16.86 12.89
C VAL B 232 -3.14 15.90 12.20
N CYS B 233 -2.62 14.87 11.55
CA CYS B 233 -3.48 13.87 10.93
C CYS B 233 -4.26 13.08 11.97
N SER B 234 -3.71 12.95 13.19
CA SER B 234 -4.43 12.24 14.24
C SER B 234 -5.74 12.96 14.57
N GLU B 235 -5.69 14.29 14.65
CA GLU B 235 -6.92 15.05 14.89
C GLU B 235 -7.93 14.83 13.76
N TRP B 236 -7.45 14.83 12.51
CA TRP B 236 -8.34 14.52 11.39
C TRP B 236 -8.83 13.08 11.48
N LYS B 237 -7.97 12.16 11.91
CA LYS B 237 -8.39 10.77 12.08
C LYS B 237 -9.46 10.65 13.14
N PHE B 238 -9.33 11.40 14.24
CA PHE B 238 -10.37 11.40 15.26
C PHE B 238 -11.67 11.97 14.71
N ALA B 239 -11.57 12.98 13.86
CA ALA B 239 -12.77 13.53 13.24
C ALA B 239 -13.47 12.50 12.36
N ALA B 240 -12.71 11.57 11.78
CA ALA B 240 -13.33 10.51 10.99
C ALA B 240 -14.15 9.57 11.87
N CYS B 241 -13.68 9.30 13.10
CA CYS B 241 -14.43 8.45 14.00
C CYS B 241 -15.68 9.13 14.54
N VAL B 242 -15.77 10.45 14.44
CA VAL B 242 -16.97 11.15 14.91
C VAL B 242 -18.18 10.70 14.12
N VAL B 243 -18.07 10.64 12.80
CA VAL B 243 -19.16 10.14 11.96
C VAL B 243 -19.35 8.64 12.15
N ASP B 244 -18.30 7.92 12.54
CA ASP B 244 -18.39 6.47 12.70
C ASP B 244 -18.95 6.09 14.07
N ARG B 245 -18.32 6.59 15.13
CA ARG B 245 -18.75 6.22 16.48
C ARG B 245 -20.13 6.80 16.80
N LEU B 246 -20.41 8.02 16.32
CA LEU B 246 -21.69 8.64 16.61
C LEU B 246 -22.84 7.83 16.02
N CYS B 247 -22.67 7.32 14.80
CA CYS B 247 -23.72 6.53 14.17
C CYS B 247 -23.98 5.24 14.96
N LEU B 248 -22.97 4.72 15.65
CA LEU B 248 -23.18 3.53 16.46
C LEU B 248 -24.12 3.81 17.63
N MET B 249 -23.92 4.95 18.31
CA MET B 249 -24.81 5.31 19.40
C MET B 249 -26.22 5.61 18.88
N ALA B 250 -26.32 6.27 17.74
CA ALA B 250 -27.62 6.57 17.15
C ALA B 250 -28.32 5.31 16.63
N PHE B 251 -27.55 4.26 16.31
CA PHE B 251 -28.17 3.04 15.84
C PHE B 251 -29.06 2.42 16.90
N SER B 252 -28.62 2.46 18.17
CA SER B 252 -29.44 1.93 19.25
C SER B 252 -30.77 2.67 19.37
N VAL B 253 -30.73 4.00 19.24
CA VAL B 253 -31.96 4.78 19.29
C VAL B 253 -32.87 4.40 18.11
N PHE B 254 -32.29 4.29 16.92
CA PHE B 254 -33.09 3.87 15.77
C PHE B 254 -33.60 2.45 15.94
N THR B 255 -32.76 1.56 16.48
CA THR B 255 -33.18 0.18 16.69
C THR B 255 -34.35 0.11 17.66
N ILE B 256 -34.31 0.90 18.73
CA ILE B 256 -35.41 0.91 19.68
C ILE B 256 -36.69 1.38 19.01
N ILE B 257 -36.61 2.45 18.22
CA ILE B 257 -37.79 2.94 17.51
C ILE B 257 -38.28 1.90 16.52
N CYS B 258 -37.35 1.30 15.76
CA CYS B 258 -37.74 0.27 14.81
C CYS B 258 -38.33 -0.95 15.52
N THR B 259 -37.72 -1.37 16.62
CA THR B 259 -38.25 -2.52 17.36
C THR B 259 -39.63 -2.22 17.90
N ILE B 260 -39.84 -1.02 18.45
CA ILE B 260 -41.16 -0.67 18.99
C ILE B 260 -42.19 -0.63 17.87
N GLY B 261 -41.84 -0.02 16.75
CA GLY B 261 -42.78 0.04 15.64
C GLY B 261 -43.12 -1.33 15.08
N ILE B 262 -42.11 -2.18 14.90
CA ILE B 262 -42.34 -3.52 14.39
C ILE B 262 -43.18 -4.33 15.37
N LEU B 263 -42.86 -4.23 16.66
CA LEU B 263 -43.61 -4.96 17.67
C LEU B 263 -45.04 -4.45 17.82
N MET B 264 -45.30 -3.20 17.42
CA MET B 264 -46.63 -2.62 17.51
C MET B 264 -47.39 -2.63 16.19
N SER B 265 -46.69 -2.66 15.06
CA SER B 265 -47.34 -2.67 13.76
C SER B 265 -47.54 -4.07 13.20
N ALA B 266 -46.66 -5.02 13.56
CA ALA B 266 -46.80 -6.38 13.06
C ALA B 266 -48.12 -7.02 13.48
N PRO B 267 -48.55 -6.92 14.74
CA PRO B 267 -49.83 -7.55 15.11
C PRO B 267 -51.03 -7.02 14.34
N ASN B 268 -50.96 -5.77 13.86
CA ASN B 268 -52.08 -5.19 13.12
C ASN B 268 -51.99 -5.48 11.63
N PHE B 269 -50.79 -5.42 11.05
CA PHE B 269 -50.58 -5.68 9.63
C PHE B 269 -50.09 -7.09 9.36
N VAL B 270 -48.99 -7.50 10.00
CA VAL B 270 -48.45 -8.83 9.81
C VAL B 270 -49.24 -9.84 10.63
N LEU C 7 -30.51 -39.77 -4.05
CA LEU C 7 -30.58 -38.54 -3.28
C LEU C 7 -30.19 -37.34 -4.14
N TYR C 8 -31.16 -36.83 -4.92
CA TYR C 8 -30.88 -35.69 -5.77
C TYR C 8 -30.70 -34.42 -4.95
N TYR C 9 -31.72 -34.05 -4.16
CA TYR C 9 -31.61 -32.87 -3.32
C TYR C 9 -30.62 -33.06 -2.18
N GLY C 10 -30.54 -34.28 -1.63
CA GLY C 10 -29.61 -34.53 -0.54
C GLY C 10 -28.16 -34.32 -0.96
N LEU C 11 -27.79 -34.86 -2.12
CA LEU C 11 -26.42 -34.68 -2.61
C LEU C 11 -26.20 -33.28 -3.14
N ASN C 12 -27.25 -32.61 -3.61
CA ASN C 12 -27.14 -31.26 -4.14
C ASN C 12 -27.28 -30.19 -3.07
N LEU C 13 -27.55 -30.58 -1.82
CA LEU C 13 -27.68 -29.63 -0.72
C LEU C 13 -26.75 -29.91 0.45
N LEU C 14 -26.49 -31.19 0.76
CA LEU C 14 -25.57 -31.50 1.85
C LEU C 14 -24.13 -31.24 1.45
N ILE C 15 -23.75 -31.63 0.24
CA ILE C 15 -22.37 -31.44 -0.21
C ILE C 15 -21.98 -29.96 -0.22
N PRO C 16 -22.78 -29.05 -0.81
CA PRO C 16 -22.40 -27.63 -0.75
C PRO C 16 -22.25 -27.10 0.66
N CYS C 17 -23.05 -27.59 1.61
CA CYS C 17 -22.93 -27.11 2.98
C CYS C 17 -21.57 -27.43 3.58
N VAL C 18 -21.04 -28.62 3.29
CA VAL C 18 -19.71 -28.98 3.79
C VAL C 18 -18.64 -28.19 3.06
N LEU C 19 -18.80 -27.99 1.75
CA LEU C 19 -17.79 -27.27 0.98
C LEU C 19 -17.66 -25.83 1.47
N ILE C 20 -18.80 -25.16 1.69
CA ILE C 20 -18.76 -23.79 2.18
C ILE C 20 -18.13 -23.72 3.56
N SER C 21 -18.54 -24.63 4.46
CA SER C 21 -17.95 -24.65 5.80
C SER C 21 -16.48 -25.01 5.75
N ALA C 22 -16.09 -25.95 4.88
CA ALA C 22 -14.69 -26.32 4.76
C ALA C 22 -13.86 -25.14 4.28
N LEU C 23 -14.37 -24.38 3.31
CA LEU C 23 -13.66 -23.21 2.82
C LEU C 23 -13.53 -22.13 3.88
N ALA C 24 -14.42 -22.11 4.86
CA ALA C 24 -14.33 -21.13 5.93
C ALA C 24 -13.19 -21.43 6.89
N LEU C 25 -12.71 -22.67 6.92
CA LEU C 25 -11.59 -23.00 7.80
C LEU C 25 -10.34 -22.22 7.42
N LEU C 26 -10.08 -22.06 6.12
CA LEU C 26 -8.93 -21.29 5.68
C LEU C 26 -9.00 -19.86 6.17
N VAL C 27 -10.21 -19.32 6.34
CA VAL C 27 -10.35 -17.96 6.85
C VAL C 27 -9.87 -17.88 8.29
N PHE C 28 -10.09 -18.94 9.06
CA PHE C 28 -9.68 -18.98 10.46
C PHE C 28 -8.22 -19.39 10.63
N LEU C 29 -7.50 -19.67 9.54
CA LEU C 29 -6.10 -20.04 9.59
C LEU C 29 -5.17 -18.98 9.02
N LEU C 30 -5.69 -18.00 8.29
CA LEU C 30 -4.84 -16.98 7.70
C LEU C 30 -4.17 -16.14 8.78
N PRO C 31 -2.97 -15.64 8.53
CA PRO C 31 -2.28 -14.82 9.53
C PRO C 31 -2.91 -13.44 9.63
N ALA C 32 -2.56 -12.74 10.72
CA ALA C 32 -3.08 -11.40 10.95
C ALA C 32 -2.45 -10.38 10.02
N ASP C 33 -1.32 -10.70 9.38
CA ASP C 33 -0.65 -9.78 8.48
C ASP C 33 -1.29 -9.70 7.11
N SER C 34 -2.20 -10.62 6.78
CA SER C 34 -2.84 -10.60 5.48
C SER C 34 -3.89 -9.51 5.42
N GLY C 35 -3.67 -8.52 4.55
CA GLY C 35 -4.60 -7.41 4.42
C GLY C 35 -5.79 -7.69 3.51
N GLU C 36 -5.75 -8.78 2.75
CA GLU C 36 -6.83 -9.14 1.85
C GLU C 36 -7.71 -10.25 2.41
N LYS C 37 -7.74 -10.39 3.74
CA LYS C 37 -8.57 -11.43 4.35
C LYS C 37 -10.04 -11.20 4.07
N ILE C 38 -10.50 -9.95 4.13
CA ILE C 38 -11.91 -9.65 3.90
C ILE C 38 -12.30 -10.02 2.48
N SER C 39 -11.35 -9.99 1.54
CA SER C 39 -11.66 -10.32 0.16
C SER C 39 -12.15 -11.76 0.03
N LEU C 40 -11.50 -12.68 0.75
CA LEU C 40 -11.92 -14.08 0.68
C LEU C 40 -13.29 -14.31 1.28
N GLY C 41 -13.64 -13.55 2.33
CA GLY C 41 -14.92 -13.72 2.98
C GLY C 41 -16.10 -13.32 2.13
N ILE C 42 -15.89 -12.44 1.15
CA ILE C 42 -16.99 -12.01 0.28
C ILE C 42 -17.51 -13.20 -0.52
N THR C 43 -16.59 -13.99 -1.09
CA THR C 43 -17.01 -15.14 -1.88
C THR C 43 -17.73 -16.18 -1.01
N VAL C 44 -17.22 -16.43 0.20
CA VAL C 44 -17.83 -17.42 1.07
C VAL C 44 -19.26 -17.00 1.43
N LEU C 45 -19.43 -15.74 1.80
CA LEU C 45 -20.76 -15.25 2.15
C LEU C 45 -21.65 -15.16 0.92
N LEU C 46 -21.08 -14.73 -0.22
CA LEU C 46 -21.87 -14.62 -1.43
C LEU C 46 -22.31 -15.98 -1.94
N SER C 47 -21.47 -17.00 -1.78
CA SER C 47 -21.82 -18.34 -2.27
C SER C 47 -23.07 -18.87 -1.57
N LEU C 48 -23.14 -18.69 -0.25
CA LEU C 48 -24.31 -19.18 0.49
C LEU C 48 -25.58 -18.49 0.02
N THR C 49 -25.52 -17.17 -0.18
CA THR C 49 -26.71 -16.45 -0.63
C THR C 49 -27.15 -16.90 -2.01
N VAL C 50 -26.20 -17.14 -2.92
CA VAL C 50 -26.55 -17.58 -4.26
C VAL C 50 -27.24 -18.93 -4.21
N PHE C 51 -26.71 -19.86 -3.42
CA PHE C 51 -27.32 -21.18 -3.31
C PHE C 51 -28.63 -21.11 -2.53
N MET C 52 -28.79 -20.12 -1.65
CA MET C 52 -30.01 -20.01 -0.86
C MET C 52 -31.22 -19.72 -1.77
N LEU C 53 -31.00 -19.01 -2.87
CA LEU C 53 -32.11 -18.69 -3.76
C LEU C 53 -32.73 -19.95 -4.35
N LEU C 54 -31.89 -20.90 -4.75
CA LEU C 54 -32.41 -22.15 -5.31
C LEU C 54 -33.24 -22.92 -4.30
N VAL C 55 -32.76 -22.98 -3.05
CA VAL C 55 -33.47 -23.73 -2.02
C VAL C 55 -34.77 -23.03 -1.62
N ALA C 56 -34.88 -21.72 -1.85
CA ALA C 56 -36.09 -21.00 -1.48
C ALA C 56 -37.30 -21.55 -2.24
N GLU C 57 -37.15 -21.79 -3.54
CA GLU C 57 -38.26 -22.33 -4.33
C GLU C 57 -38.57 -23.77 -3.94
N ILE C 58 -37.54 -24.56 -3.64
CA ILE C 58 -37.77 -25.96 -3.27
C ILE C 58 -38.56 -26.05 -1.98
N MET C 59 -38.24 -25.21 -1.00
CA MET C 59 -38.93 -25.26 0.28
C MET C 59 -40.40 -24.89 0.08
N PRO C 60 -41.34 -25.72 0.51
CA PRO C 60 -42.76 -25.35 0.37
C PRO C 60 -43.08 -24.06 1.12
N SER C 61 -43.96 -23.27 0.53
CA SER C 61 -44.38 -21.99 1.13
C SER C 61 -45.49 -22.27 2.14
N THR C 62 -45.07 -22.74 3.32
CA THR C 62 -46.00 -23.05 4.40
C THR C 62 -46.18 -21.83 5.30
N SER C 63 -46.95 -22.02 6.38
CA SER C 63 -47.22 -20.95 7.34
C SER C 63 -46.36 -21.07 8.59
N ASP C 64 -46.28 -22.27 9.18
CA ASP C 64 -45.47 -22.48 10.37
C ASP C 64 -44.69 -23.78 10.33
N SER C 65 -44.72 -24.52 9.22
CA SER C 65 -44.00 -25.78 9.09
C SER C 65 -42.68 -25.52 8.38
N SER C 66 -41.65 -25.25 9.17
CA SER C 66 -40.33 -24.98 8.61
C SER C 66 -39.64 -26.29 8.25
N PRO C 67 -39.21 -26.46 6.99
CA PRO C 67 -38.51 -27.69 6.63
C PRO C 67 -37.19 -27.83 7.39
N SER C 68 -36.74 -29.08 7.52
CA SER C 68 -35.49 -29.34 8.23
C SER C 68 -34.28 -28.70 7.56
N ILE C 69 -34.39 -28.38 6.26
CA ILE C 69 -33.29 -27.74 5.56
C ILE C 69 -32.97 -26.39 6.18
N ALA C 70 -33.98 -25.72 6.75
CA ALA C 70 -33.75 -24.42 7.38
C ALA C 70 -32.81 -24.56 8.57
N GLN C 71 -32.98 -25.61 9.37
CA GLN C 71 -32.10 -25.80 10.52
C GLN C 71 -30.66 -26.05 10.09
N TYR C 72 -30.48 -26.82 9.02
CA TYR C 72 -29.13 -27.09 8.53
C TYR C 72 -28.45 -25.81 8.09
N PHE C 73 -29.17 -24.94 7.38
CA PHE C 73 -28.59 -23.67 6.95
C PHE C 73 -28.41 -22.70 8.10
N ALA C 74 -29.13 -22.89 9.21
CA ALA C 74 -28.97 -22.00 10.36
C ALA C 74 -27.55 -22.06 10.91
N SER C 75 -27.00 -23.26 11.03
CA SER C 75 -25.63 -23.42 11.52
C SER C 75 -24.59 -23.04 10.47
N THR C 76 -24.93 -23.16 9.19
CA THR C 76 -23.97 -22.79 8.15
C THR C 76 -23.72 -21.28 8.12
N MET C 77 -24.76 -20.48 8.38
CA MET C 77 -24.58 -19.03 8.39
C MET C 77 -23.66 -18.59 9.52
N ILE C 78 -23.64 -19.32 10.63
CA ILE C 78 -22.75 -18.98 11.73
C ILE C 78 -21.30 -19.23 11.33
N ILE C 79 -21.05 -20.33 10.61
CA ILE C 79 -19.68 -20.65 10.20
C ILE C 79 -19.15 -19.57 9.28
N VAL C 80 -19.96 -19.14 8.32
CA VAL C 80 -19.54 -18.08 7.40
C VAL C 80 -19.78 -16.68 7.97
N GLY C 81 -20.74 -16.53 8.86
CA GLY C 81 -20.97 -15.22 9.47
C GLY C 81 -19.83 -14.81 10.38
N LEU C 82 -19.30 -15.76 11.17
CA LEU C 82 -18.17 -15.45 12.03
C LEU C 82 -16.88 -15.28 11.23
N SER C 83 -16.77 -15.97 10.09
CA SER C 83 -15.57 -15.84 9.27
C SER C 83 -15.40 -14.41 8.77
N VAL C 84 -16.49 -13.78 8.35
CA VAL C 84 -16.41 -12.39 7.90
C VAL C 84 -15.98 -11.49 9.04
N VAL C 85 -16.53 -11.72 10.24
CA VAL C 85 -16.17 -10.90 11.39
C VAL C 85 -14.68 -11.07 11.71
N VAL C 86 -14.16 -12.28 11.55
CA VAL C 86 -12.75 -12.52 11.82
C VAL C 86 -11.87 -11.69 10.89
N THR C 87 -12.22 -11.65 9.61
CA THR C 87 -11.47 -10.86 8.65
C THR C 87 -11.60 -9.36 8.91
N VAL C 88 -12.60 -8.95 9.70
CA VAL C 88 -12.80 -7.55 10.02
C VAL C 88 -12.19 -7.19 11.37
N ILE C 89 -12.39 -8.03 12.39
CA ILE C 89 -11.81 -7.77 13.70
C ILE C 89 -10.29 -7.80 13.62
N VAL C 90 -9.74 -8.72 12.82
CA VAL C 90 -8.30 -8.81 12.67
C VAL C 90 -7.75 -7.51 12.09
N LEU C 91 -8.48 -6.90 11.16
CA LEU C 91 -8.03 -5.66 10.55
C LEU C 91 -7.90 -4.54 11.57
N GLN C 92 -8.66 -4.59 12.67
CA GLN C 92 -8.57 -3.54 13.67
C GLN C 92 -7.17 -3.45 14.28
N TYR C 93 -6.58 -4.61 14.61
CA TYR C 93 -5.24 -4.62 15.18
C TYR C 93 -4.16 -4.42 14.12
N HIS C 94 -4.41 -4.88 12.89
CA HIS C 94 -3.44 -4.68 11.82
C HIS C 94 -3.21 -3.20 11.56
N HIS C 95 -4.30 -2.44 11.39
CA HIS C 95 -4.23 -0.99 11.23
C HIS C 95 -4.55 -0.36 12.58
N HIS C 96 -3.56 -0.38 13.48
CA HIS C 96 -3.76 0.10 14.84
C HIS C 96 -4.16 1.57 14.83
N ASP C 97 -5.12 1.92 15.67
CA ASP C 97 -5.62 3.28 15.80
C ASP C 97 -5.63 3.65 17.28
N PRO C 98 -4.99 4.76 17.68
CA PRO C 98 -5.02 5.14 19.10
C PRO C 98 -6.42 5.33 19.65
N ASP C 99 -7.36 5.79 18.82
CA ASP C 99 -8.73 6.04 19.26
C ASP C 99 -9.51 4.73 19.25
N GLY C 100 -9.25 3.91 20.26
CA GLY C 100 -9.95 2.66 20.41
C GLY C 100 -9.47 1.59 19.43
N GLY C 101 -10.22 0.50 19.39
CA GLY C 101 -9.89 -0.60 18.49
C GLY C 101 -8.56 -1.25 18.80
N LYS C 102 -8.25 -1.44 20.08
CA LYS C 102 -7.02 -2.07 20.49
C LYS C 102 -7.30 -3.02 21.66
N MET C 103 -6.46 -4.05 21.77
CA MET C 103 -6.63 -5.02 22.85
C MET C 103 -6.21 -4.39 24.17
N PRO C 104 -7.04 -4.49 25.22
CA PRO C 104 -6.64 -3.93 26.51
C PRO C 104 -5.35 -4.56 27.02
N LYS C 105 -4.56 -3.74 27.73
CA LYS C 105 -3.28 -4.23 28.25
C LYS C 105 -3.47 -5.39 29.20
N TRP C 106 -4.53 -5.34 30.03
CA TRP C 106 -4.78 -6.42 30.97
C TRP C 106 -5.02 -7.74 30.24
N THR C 107 -5.80 -7.70 29.15
CA THR C 107 -6.05 -8.92 28.39
C THR C 107 -4.84 -9.30 27.55
N ARG C 108 -4.05 -8.32 27.09
CA ARG C 108 -2.88 -8.63 26.28
C ARG C 108 -1.86 -9.43 27.07
N VAL C 109 -1.66 -9.08 28.34
CA VAL C 109 -0.68 -9.80 29.16
C VAL C 109 -1.06 -11.27 29.28
N ILE C 110 -2.35 -11.56 29.46
CA ILE C 110 -2.80 -12.94 29.56
C ILE C 110 -2.54 -13.69 28.26
N LEU C 111 -2.68 -13.00 27.13
CA LEU C 111 -2.48 -13.61 25.83
C LEU C 111 -1.01 -13.72 25.44
N LEU C 112 -0.10 -13.15 26.23
CA LEU C 112 1.32 -13.25 25.91
C LEU C 112 1.80 -14.70 25.91
N ASN C 113 1.17 -15.55 26.70
CA ASN C 113 1.54 -16.96 26.76
C ASN C 113 0.85 -17.80 25.71
N TRP C 114 -0.27 -17.33 25.14
CA TRP C 114 -0.98 -18.09 24.13
C TRP C 114 -0.11 -18.31 22.90
N CYS C 115 0.58 -17.25 22.44
CA CYS C 115 1.45 -17.40 21.27
C CYS C 115 2.63 -18.29 21.57
N ALA C 116 3.17 -18.22 22.79
CA ALA C 116 4.30 -19.07 23.15
C ALA C 116 3.91 -20.54 23.21
N TRP C 117 2.68 -20.82 23.64
CA TRP C 117 2.23 -22.20 23.73
C TRP C 117 1.93 -22.81 22.36
N PHE C 118 1.77 -21.99 21.33
CA PHE C 118 1.49 -22.52 20.00
C PHE C 118 2.64 -23.40 19.51
N LEU C 119 3.88 -22.94 19.70
CA LEU C 119 5.03 -23.74 19.28
C LEU C 119 5.19 -24.97 20.18
N ARG C 120 5.08 -24.78 21.49
CA ARG C 120 5.21 -25.87 22.46
C ARG C 120 4.06 -25.72 23.47
N MET C 121 3.00 -26.50 23.26
CA MET C 121 1.85 -26.42 24.16
C MET C 121 2.20 -26.94 25.54
N LYS C 122 1.52 -26.39 26.55
CA LYS C 122 1.74 -26.81 27.93
C LYS C 122 1.21 -28.20 28.22
N ARG C 123 0.45 -28.79 27.30
CA ARG C 123 -0.11 -30.12 27.53
C ARG C 123 0.99 -31.16 27.48
N PRO C 124 0.74 -32.36 28.04
CA PRO C 124 1.78 -33.40 28.03
C PRO C 124 2.19 -33.83 26.63
N GLY C 125 1.38 -33.56 25.61
CA GLY C 125 1.74 -33.96 24.26
C GLY C 125 3.03 -33.32 23.77
N GLU C 126 3.29 -32.09 24.18
CA GLU C 126 4.49 -31.36 23.79
C GLU C 126 5.49 -31.18 24.92
N ASP C 127 5.02 -31.04 26.17
CA ASP C 127 5.93 -30.88 27.28
C ASP C 127 6.62 -32.18 27.68
N LYS C 128 6.06 -33.33 27.31
CA LYS C 128 6.63 -34.61 27.66
C LYS C 128 7.57 -35.14 26.58
N VAL C 129 7.26 -34.87 25.32
CA VAL C 129 8.09 -35.34 24.19
C VAL C 129 9.15 -34.27 23.97
N ARG C 130 10.22 -34.36 24.74
CA ARG C 130 11.34 -33.42 24.64
C ARG C 130 12.44 -33.91 25.57
N PRO C 131 13.67 -33.38 25.41
CA PRO C 131 14.76 -33.80 26.29
C PRO C 131 14.50 -33.42 27.75
N ALA C 132 14.34 -34.42 28.60
CA ALA C 132 14.09 -34.21 30.02
C ALA C 132 14.95 -35.15 30.84
N CYS C 133 15.49 -34.64 31.93
CA CYS C 133 16.36 -35.41 32.80
C CYS C 133 16.41 -34.73 34.17
N GLN C 134 17.16 -35.34 35.09
CA GLN C 134 17.32 -34.80 36.44
C GLN C 134 18.50 -33.84 36.55
N HIS C 135 19.17 -33.53 35.44
CA HIS C 135 20.31 -32.62 35.45
C HIS C 135 19.81 -31.18 35.50
N LYS C 136 20.72 -30.23 35.27
CA LYS C 136 20.36 -28.81 35.34
C LYS C 136 19.31 -28.41 34.32
N GLN C 137 18.93 -29.29 33.40
CA GLN C 137 17.91 -28.94 32.42
C GLN C 137 16.58 -28.65 33.09
N ARG C 138 16.22 -29.43 34.10
CA ARG C 138 14.96 -29.29 34.82
C ARG C 138 15.20 -28.99 36.30
N ARG C 139 16.15 -28.10 36.58
CA ARG C 139 16.47 -27.70 37.95
C ARG C 139 15.89 -26.33 38.25
N CYS C 140 15.89 -25.98 39.53
CA CYS C 140 15.38 -24.71 40.02
C CYS C 140 16.54 -23.87 40.54
N SER C 141 16.56 -22.59 40.15
CA SER C 141 17.62 -21.69 40.58
C SER C 141 17.05 -20.27 40.56
N LEU C 142 17.93 -19.28 40.79
CA LEU C 142 17.48 -17.89 40.81
C LEU C 142 17.07 -17.41 39.42
N ALA C 143 17.71 -17.93 38.37
CA ALA C 143 17.36 -17.51 37.02
C ALA C 143 15.93 -17.91 36.66
N SER C 144 15.54 -19.15 37.02
CA SER C 144 14.19 -19.60 36.71
C SER C 144 13.16 -18.92 37.60
N VAL C 145 13.48 -18.75 38.89
CA VAL C 145 12.56 -18.13 39.84
C VAL C 145 12.89 -16.63 39.83
N GLU C 146 12.10 -15.86 39.09
CA GLU C 146 12.28 -14.42 38.97
C GLU C 146 11.15 -13.66 39.66
N MET C 147 10.59 -14.21 40.74
CA MET C 147 9.52 -13.54 41.45
C MET C 147 9.99 -12.28 42.16
N SER C 148 11.31 -12.12 42.36
CA SER C 148 11.88 -10.95 43.01
C SER C 148 12.47 -9.97 42.02
N ALA C 149 11.88 -9.84 40.83
CA ALA C 149 12.37 -8.94 39.80
C ALA C 149 13.80 -9.28 39.41
N VAL C 150 14.04 -10.56 39.18
CA VAL C 150 15.36 -11.06 38.78
C VAL C 150 15.47 -11.01 37.27
N ALA C 151 16.67 -10.69 36.78
CA ALA C 151 16.88 -10.60 35.35
C ALA C 151 16.69 -11.97 34.71
N PRO C 152 15.86 -12.09 33.67
CA PRO C 152 15.69 -13.39 33.01
C PRO C 152 16.98 -13.85 32.36
N PRO C 153 17.00 -15.05 31.79
CA PRO C 153 18.22 -15.53 31.14
C PRO C 153 18.61 -14.62 30.00
N PRO C 154 19.91 -14.53 29.69
CA PRO C 154 20.34 -13.63 28.61
C PRO C 154 19.96 -14.14 27.23
N ALA C 155 18.71 -13.93 26.84
CA ALA C 155 18.20 -14.36 25.55
C ALA C 155 17.97 -13.14 24.65
N SER C 156 18.17 -13.35 23.34
CA SER C 156 18.02 -12.28 22.36
C SER C 156 16.57 -12.04 21.97
N ASN C 157 15.61 -12.58 22.72
CA ASN C 157 14.19 -12.39 22.43
C ASN C 157 13.61 -11.16 23.10
N GLY C 158 14.43 -10.39 23.82
CA GLY C 158 13.95 -9.20 24.51
C GLY C 158 14.23 -9.23 25.99
N ASN C 159 15.19 -10.06 26.40
CA ASN C 159 15.55 -10.19 27.80
C ASN C 159 16.93 -9.62 28.13
N LEU C 160 17.84 -9.56 27.15
CA LEU C 160 19.18 -9.05 27.37
C LEU C 160 19.38 -7.67 26.77
N LEU C 161 18.93 -7.44 25.53
CA LEU C 161 19.12 -6.14 24.91
C LEU C 161 18.34 -5.05 25.64
N TYR C 162 17.09 -5.34 26.00
CA TYR C 162 16.29 -4.35 26.71
C TYR C 162 16.87 -4.04 28.09
N ILE C 163 17.33 -5.08 28.80
CA ILE C 163 17.89 -4.87 30.13
C ILE C 163 19.34 -4.38 30.03
N GLY C 164 20.04 -4.73 28.96
CA GLY C 164 21.43 -4.30 28.80
C GLY C 164 21.57 -2.84 28.44
N PHE C 165 20.50 -2.22 27.92
CA PHE C 165 20.52 -0.80 27.54
C PHE C 165 19.66 0.05 28.46
N ARG C 166 18.43 -0.38 28.74
CA ARG C 166 17.52 0.37 29.59
C ARG C 166 17.46 -0.15 31.02
N GLY C 167 17.66 -1.45 31.23
CA GLY C 167 17.59 -1.99 32.57
C GLY C 167 18.74 -1.56 33.46
N LEU C 168 19.87 -1.21 32.85
CA LEU C 168 21.05 -0.77 33.61
C LEU C 168 20.94 0.74 33.87
N ASP C 169 19.96 1.09 34.70
CA ASP C 169 19.71 2.48 35.07
C ASP C 169 20.61 2.81 36.26
N GLY C 170 21.78 3.36 35.96
CA GLY C 170 22.75 3.71 36.99
C GLY C 170 24.16 3.25 36.67
N VAL C 171 24.30 2.47 35.60
CA VAL C 171 25.58 1.95 35.15
C VAL C 171 25.89 2.35 33.72
N HIS C 172 24.97 2.07 32.80
CA HIS C 172 25.17 2.39 31.39
C HIS C 172 24.65 3.80 31.07
N CYS C 173 23.35 4.04 31.32
CA CYS C 173 22.78 5.35 31.06
C CYS C 173 23.44 6.43 31.91
N VAL C 174 23.66 6.13 33.19
CA VAL C 174 24.28 7.08 34.11
C VAL C 174 25.48 6.39 34.77
N PRO C 175 26.67 6.43 34.16
CA PRO C 175 27.82 5.76 34.78
C PRO C 175 28.30 6.47 36.04
N THR C 176 27.49 6.38 37.11
CA THR C 176 27.87 7.01 38.37
C THR C 176 29.15 6.43 38.93
N PRO C 177 29.33 5.11 39.03
CA PRO C 177 30.58 4.57 39.62
C PRO C 177 31.76 4.60 38.64
N ASP C 178 32.36 5.78 38.50
CA ASP C 178 33.53 5.97 37.66
C ASP C 178 34.83 6.01 38.45
N SER C 179 34.77 5.83 39.77
CA SER C 179 35.96 5.89 40.62
C SER C 179 36.59 4.50 40.65
N GLY C 180 37.59 4.30 39.79
CA GLY C 180 38.31 3.04 39.75
C GLY C 180 37.64 1.94 38.96
N VAL C 181 36.54 2.23 38.27
CA VAL C 181 35.82 1.22 37.50
C VAL C 181 35.85 1.61 36.03
N VAL C 182 35.30 2.77 35.70
CA VAL C 182 35.22 3.24 34.33
C VAL C 182 36.33 4.24 34.01
N CYS C 183 36.45 5.30 34.81
CA CYS C 183 37.45 6.33 34.60
C CYS C 183 38.75 6.05 35.36
N GLY C 184 38.85 4.92 36.06
CA GLY C 184 40.05 4.59 36.80
C GLY C 184 40.53 3.18 36.51
N ARG C 185 40.33 2.72 35.28
CA ARG C 185 40.76 1.40 34.86
C ARG C 185 41.39 1.49 33.47
N MET C 186 42.30 0.57 33.19
CA MET C 186 43.03 0.55 31.92
C MET C 186 42.25 -0.14 30.82
N ALA C 187 40.99 -0.52 31.05
CA ALA C 187 40.18 -1.22 30.05
C ALA C 187 39.61 -0.16 29.09
N CYS C 188 40.44 0.24 28.12
CA CYS C 188 40.06 1.23 27.12
C CYS C 188 39.57 2.52 27.77
N SER C 189 40.25 2.92 28.84
CA SER C 189 39.89 4.14 29.56
C SER C 189 41.13 4.65 30.29
N PRO C 190 41.29 5.95 30.43
CA PRO C 190 42.44 6.47 31.18
C PRO C 190 42.37 6.10 32.65
N THR C 191 43.55 5.95 33.26
CA THR C 191 43.65 5.60 34.68
C THR C 191 43.80 6.89 35.48
N HIS C 192 42.67 7.55 35.70
CA HIS C 192 42.62 8.81 36.45
C HIS C 192 43.55 9.85 35.84
N ASP C 193 43.61 9.86 34.50
CA ASP C 193 44.46 10.81 33.77
C ASP C 193 43.63 12.06 33.48
N GLU C 194 43.78 13.08 34.33
CA GLU C 194 43.06 14.33 34.15
C GLU C 194 43.71 15.25 33.12
N HIS C 195 44.94 14.95 32.70
CA HIS C 195 45.65 15.75 31.71
C HIS C 195 45.69 15.09 30.34
N LEU C 196 44.74 14.21 30.05
CA LEU C 196 44.69 13.51 28.76
C LEU C 196 44.11 14.45 27.73
N LEU C 197 44.98 15.24 27.10
CA LEU C 197 44.60 16.19 26.07
C LEU C 197 45.05 15.69 24.70
N HIS C 198 44.51 16.34 23.66
CA HIS C 198 44.82 15.98 22.28
C HIS C 198 46.09 16.72 21.85
N GLY C 199 47.21 16.31 22.45
CA GLY C 199 48.48 16.93 22.14
C GLY C 199 48.54 18.40 22.50
N GLY C 200 48.02 18.77 23.67
CA GLY C 200 47.99 20.15 24.10
C GLY C 200 46.73 20.90 23.71
N GLN C 201 45.84 20.28 22.96
CA GLN C 201 44.60 20.89 22.51
C GLN C 201 43.40 20.20 23.15
N PRO C 202 42.24 20.86 23.18
CA PRO C 202 41.07 20.23 23.77
C PRO C 202 40.73 18.93 23.07
N PRO C 203 40.21 17.94 23.80
CA PRO C 203 39.92 16.65 23.15
C PRO C 203 38.93 16.76 22.00
N GLU C 204 37.96 17.68 22.09
CA GLU C 204 36.98 17.85 21.02
C GLU C 204 37.58 18.69 19.91
N GLY C 205 37.83 18.07 18.76
CA GLY C 205 38.41 18.80 17.65
C GLY C 205 37.48 19.88 17.11
N ASP C 206 36.18 19.59 17.05
CA ASP C 206 35.21 20.55 16.54
C ASP C 206 33.90 20.38 17.29
N PRO C 207 33.43 21.39 18.03
CA PRO C 207 32.13 21.27 18.70
C PRO C 207 30.97 21.12 17.74
N ASP C 208 31.14 21.48 16.46
CA ASP C 208 30.06 21.36 15.50
C ASP C 208 29.61 19.92 15.30
N LEU C 209 30.48 18.96 15.62
CA LEU C 209 30.09 17.56 15.48
C LEU C 209 28.97 17.18 16.44
N ALA C 210 28.90 17.84 17.60
CA ALA C 210 27.83 17.56 18.54
C ALA C 210 26.46 17.88 17.94
N LYS C 211 26.36 19.00 17.23
CA LYS C 211 25.09 19.35 16.60
C LYS C 211 24.68 18.32 15.56
N ILE C 212 25.64 17.82 14.78
CA ILE C 212 25.33 16.79 13.79
C ILE C 212 24.86 15.52 14.48
N LEU C 213 25.44 15.19 15.63
CA LEU C 213 25.05 13.99 16.34
C LEU C 213 23.59 14.05 16.77
N GLU C 214 23.13 15.22 17.24
CA GLU C 214 21.74 15.35 17.64
C GLU C 214 20.80 15.14 16.46
N GLU C 215 21.13 15.71 15.30
CA GLU C 215 20.33 15.49 14.11
C GLU C 215 20.42 14.03 13.65
N VAL C 216 21.62 13.46 13.69
CA VAL C 216 21.79 12.07 13.29
C VAL C 216 21.08 11.14 14.28
N ARG C 217 21.10 11.50 15.58
CA ARG C 217 20.44 10.67 16.58
C ARG C 217 18.94 10.59 16.31
N TYR C 218 18.32 11.71 15.94
CA TYR C 218 16.90 11.70 15.64
C TYR C 218 16.59 10.78 14.47
N ILE C 219 17.42 10.82 13.43
CA ILE C 219 17.22 9.93 12.28
C ILE C 219 17.31 8.47 12.72
N ALA C 220 18.31 8.15 13.54
CA ALA C 220 18.42 6.79 14.08
C ALA C 220 17.32 6.52 15.09
N ASN C 221 16.91 7.53 15.85
CA ASN C 221 15.83 7.35 16.82
C ASN C 221 14.49 7.12 16.12
N ARG C 222 14.29 7.72 14.95
CA ARG C 222 13.05 7.52 14.21
C ARG C 222 12.87 6.06 13.83
N PHE C 223 13.94 5.40 13.40
CA PHE C 223 13.87 3.98 13.08
C PHE C 223 13.84 3.12 14.34
N ARG C 224 14.51 3.55 15.41
CA ARG C 224 14.51 2.76 16.65
C ARG C 224 13.12 2.62 17.22
N CYS C 225 12.35 3.72 17.26
CA CYS C 225 10.99 3.64 17.75
C CYS C 225 10.06 2.97 16.74
N GLN C 226 10.31 3.16 15.45
CA GLN C 226 9.53 2.47 14.43
C GLN C 226 9.76 0.97 14.50
N ASP C 227 11.01 0.55 14.69
CA ASP C 227 11.30 -0.88 14.84
C ASP C 227 10.83 -1.40 16.20
N GLU C 228 10.92 -0.57 17.24
CA GLU C 228 10.44 -0.98 18.55
C GLU C 228 8.92 -1.14 18.57
N SER C 229 8.21 -0.28 17.84
CA SER C 229 6.76 -0.40 17.75
C SER C 229 6.33 -1.71 17.08
N GLU C 230 7.21 -2.30 16.26
CA GLU C 230 6.88 -3.58 15.64
C GLU C 230 6.75 -4.67 16.71
N ALA C 231 7.63 -4.67 17.70
CA ALA C 231 7.51 -5.63 18.80
C ALA C 231 6.22 -5.40 19.57
N VAL C 232 5.87 -4.15 19.83
CA VAL C 232 4.59 -3.86 20.47
C VAL C 232 3.44 -4.22 19.54
N CYS C 233 3.57 -3.90 18.25
CA CYS C 233 2.55 -4.28 17.29
C CYS C 233 2.49 -5.79 17.11
N SER C 234 3.60 -6.49 17.32
CA SER C 234 3.59 -7.95 17.22
C SER C 234 2.65 -8.56 18.25
N GLU C 235 2.67 -8.04 19.48
CA GLU C 235 1.75 -8.53 20.51
C GLU C 235 0.30 -8.28 20.09
N TRP C 236 0.02 -7.10 19.53
CA TRP C 236 -1.32 -6.83 19.01
C TRP C 236 -1.63 -7.75 17.83
N LYS C 237 -0.63 -8.02 16.98
CA LYS C 237 -0.85 -8.94 15.86
C LYS C 237 -1.17 -10.34 16.37
N PHE C 238 -0.48 -10.79 17.42
CA PHE C 238 -0.79 -12.09 18.00
C PHE C 238 -2.20 -12.10 18.57
N ALA C 239 -2.62 -11.00 19.18
CA ALA C 239 -3.99 -10.92 19.69
C ALA C 239 -5.01 -11.01 18.57
N ALA C 240 -4.65 -10.55 17.37
CA ALA C 240 -5.55 -10.69 16.23
C ALA C 240 -5.74 -12.16 15.86
N CYS C 241 -4.67 -12.95 15.97
CA CYS C 241 -4.78 -14.38 15.67
C CYS C 241 -5.57 -15.14 16.74
N VAL C 242 -5.75 -14.56 17.91
CA VAL C 242 -6.52 -15.23 18.97
C VAL C 242 -7.95 -15.46 18.51
N VAL C 243 -8.57 -14.42 17.95
CA VAL C 243 -9.92 -14.57 17.42
C VAL C 243 -9.93 -15.41 16.15
N ASP C 244 -8.80 -15.49 15.44
CA ASP C 244 -8.73 -16.25 14.20
C ASP C 244 -8.44 -17.73 14.48
N ARG C 245 -7.35 -18.01 15.18
CA ARG C 245 -6.98 -19.40 15.44
C ARG C 245 -7.97 -20.10 16.35
N LEU C 246 -8.51 -19.37 17.34
CA LEU C 246 -9.45 -19.99 18.27
C LEU C 246 -10.71 -20.45 17.54
N CYS C 247 -11.20 -19.64 16.59
CA CYS C 247 -12.39 -20.03 15.85
C CYS C 247 -12.15 -21.30 15.04
N LEU C 248 -10.91 -21.53 14.59
CA LEU C 248 -10.60 -22.74 13.85
C LEU C 248 -10.75 -23.98 14.73
N MET C 249 -10.28 -23.91 15.98
CA MET C 249 -10.44 -25.03 16.89
C MET C 249 -11.91 -25.23 17.25
N ALA C 250 -12.65 -24.14 17.45
CA ALA C 250 -14.07 -24.24 17.77
C ALA C 250 -14.87 -24.72 16.58
N PHE C 251 -14.38 -24.52 15.35
CA PHE C 251 -15.12 -24.99 14.18
C PHE C 251 -15.26 -26.50 14.19
N SER C 252 -14.20 -27.21 14.59
CA SER C 252 -14.27 -28.67 14.66
C SER C 252 -15.35 -29.12 15.66
N VAL C 253 -15.42 -28.46 16.81
CA VAL C 253 -16.45 -28.79 17.79
C VAL C 253 -17.84 -28.54 17.20
N PHE C 254 -18.02 -27.39 16.55
CA PHE C 254 -19.30 -27.10 15.91
C PHE C 254 -19.58 -28.08 14.79
N THR C 255 -18.56 -28.43 14.01
CA THR C 255 -18.75 -29.38 12.91
C THR C 255 -19.20 -30.73 13.43
N ILE C 256 -18.61 -31.19 14.54
CA ILE C 256 -19.01 -32.47 15.13
C ILE C 256 -20.47 -32.42 15.56
N ILE C 257 -20.87 -31.33 16.22
CA ILE C 257 -22.26 -31.20 16.64
C ILE C 257 -23.17 -31.14 15.42
N CYS C 258 -22.79 -30.34 14.41
CA CYS C 258 -23.60 -30.24 13.21
C CYS C 258 -23.67 -31.57 12.48
N THR C 259 -22.53 -32.28 12.38
CA THR C 259 -22.52 -33.57 11.71
C THR C 259 -23.41 -34.57 12.45
N ILE C 260 -23.32 -34.59 13.78
CA ILE C 260 -24.14 -35.51 14.56
C ILE C 260 -25.62 -35.18 14.39
N GLY C 261 -25.96 -33.89 14.46
CA GLY C 261 -27.36 -33.50 14.29
C GLY C 261 -27.90 -33.83 12.91
N ILE C 262 -27.12 -33.54 11.87
CA ILE C 262 -27.56 -33.85 10.51
C ILE C 262 -27.68 -35.35 10.32
N LEU C 263 -26.71 -36.12 10.81
CA LEU C 263 -26.76 -37.57 10.67
C LEU C 263 -27.89 -38.19 11.48
N MET C 264 -28.39 -37.49 12.50
CA MET C 264 -29.46 -38.00 13.34
C MET C 264 -30.82 -37.39 13.01
N SER C 265 -30.84 -36.19 12.44
CA SER C 265 -32.11 -35.54 12.08
C SER C 265 -32.53 -35.81 10.65
N ALA C 266 -31.57 -36.00 9.75
CA ALA C 266 -31.91 -36.26 8.35
C ALA C 266 -32.77 -37.51 8.18
N PRO C 267 -32.44 -38.65 8.80
CA PRO C 267 -33.29 -39.84 8.62
C PRO C 267 -34.73 -39.64 9.06
N ASN C 268 -34.98 -38.75 10.01
CA ASN C 268 -36.33 -38.51 10.50
C ASN C 268 -37.06 -37.47 9.66
N PHE C 269 -36.38 -36.41 9.25
CA PHE C 269 -36.97 -35.35 8.45
C PHE C 269 -36.65 -35.49 6.96
N VAL C 270 -35.36 -35.58 6.61
CA VAL C 270 -34.96 -35.72 5.22
C VAL C 270 -35.12 -37.17 4.78
N LEU D 7 -26.32 -28.90 -31.59
CA LEU D 7 -26.06 -29.02 -30.16
C LEU D 7 -26.25 -27.69 -29.44
N TYR D 8 -27.48 -27.37 -29.09
CA TYR D 8 -27.78 -26.11 -28.40
C TYR D 8 -27.21 -26.14 -26.98
N TYR D 9 -27.68 -27.10 -26.17
CA TYR D 9 -27.18 -27.20 -24.79
C TYR D 9 -25.73 -27.67 -24.75
N GLY D 10 -25.34 -28.53 -25.69
CA GLY D 10 -23.96 -29.02 -25.69
C GLY D 10 -22.96 -27.89 -25.91
N LEU D 11 -23.24 -27.03 -26.89
CA LEU D 11 -22.34 -25.91 -27.16
C LEU D 11 -22.46 -24.82 -26.11
N ASN D 12 -23.63 -24.68 -25.49
CA ASN D 12 -23.86 -23.66 -24.48
C ASN D 12 -23.43 -24.10 -23.08
N LEU D 13 -23.00 -25.35 -22.92
CA LEU D 13 -22.56 -25.86 -21.63
C LEU D 13 -21.13 -26.39 -21.65
N LEU D 14 -20.71 -27.01 -22.75
CA LEU D 14 -19.34 -27.51 -22.84
C LEU D 14 -18.35 -26.37 -23.03
N ILE D 15 -18.68 -25.40 -23.90
CA ILE D 15 -17.75 -24.29 -24.15
C ILE D 15 -17.48 -23.50 -22.88
N PRO D 16 -18.48 -23.07 -22.11
CA PRO D 16 -18.18 -22.36 -20.86
C PRO D 16 -17.33 -23.16 -19.90
N CYS D 17 -17.48 -24.48 -19.87
CA CYS D 17 -16.67 -25.30 -18.98
C CYS D 17 -15.19 -25.21 -19.33
N VAL D 18 -14.87 -25.03 -20.62
CA VAL D 18 -13.48 -24.90 -21.02
C VAL D 18 -12.99 -23.47 -20.79
N LEU D 19 -13.85 -22.48 -21.07
CA LEU D 19 -13.45 -21.09 -20.88
C LEU D 19 -13.13 -20.80 -19.42
N ILE D 20 -13.97 -21.26 -18.51
CA ILE D 20 -13.72 -21.03 -17.09
C ILE D 20 -12.44 -21.73 -16.65
N SER D 21 -12.26 -22.99 -17.07
CA SER D 21 -11.04 -23.71 -16.72
C SER D 21 -9.82 -23.06 -17.36
N ALA D 22 -9.95 -22.61 -18.61
CA ALA D 22 -8.83 -21.94 -19.27
C ALA D 22 -8.44 -20.66 -18.54
N LEU D 23 -9.42 -19.89 -18.09
CA LEU D 23 -9.13 -18.67 -17.34
C LEU D 23 -8.49 -18.97 -15.99
N ALA D 24 -8.71 -20.16 -15.44
CA ALA D 24 -8.08 -20.53 -14.18
C ALA D 24 -6.58 -20.79 -14.33
N LEU D 25 -6.11 -21.09 -15.54
CA LEU D 25 -4.69 -21.31 -15.75
C LEU D 25 -3.88 -20.06 -15.43
N LEU D 26 -4.40 -18.88 -15.80
CA LEU D 26 -3.71 -17.64 -15.50
C LEU D 26 -3.54 -17.44 -14.00
N VAL D 27 -4.50 -17.96 -13.20
CA VAL D 27 -4.38 -17.85 -11.76
C VAL D 27 -3.18 -18.66 -11.26
N PHE D 28 -2.92 -19.80 -11.90
CA PHE D 28 -1.80 -20.66 -11.51
C PHE D 28 -0.47 -20.21 -12.11
N LEU D 29 -0.46 -19.14 -12.91
CA LEU D 29 0.76 -18.63 -13.51
C LEU D 29 1.19 -17.28 -12.94
N LEU D 30 0.32 -16.58 -12.21
CA LEU D 30 0.67 -15.28 -11.68
C LEU D 30 1.80 -15.41 -10.65
N PRO D 31 2.67 -14.41 -10.55
CA PRO D 31 3.76 -14.48 -9.57
C PRO D 31 3.24 -14.30 -8.14
N ALA D 32 4.10 -14.68 -7.19
CA ALA D 32 3.74 -14.57 -5.79
C ALA D 32 3.74 -13.12 -5.31
N ASP D 33 4.35 -12.21 -6.06
CA ASP D 33 4.41 -10.81 -5.66
C ASP D 33 3.12 -10.05 -5.97
N SER D 34 2.21 -10.63 -6.75
CA SER D 34 0.97 -9.97 -7.09
C SER D 34 0.01 -10.01 -5.90
N GLY D 35 -0.30 -8.84 -5.34
CA GLY D 35 -1.19 -8.76 -4.21
C GLY D 35 -2.67 -8.80 -4.54
N GLU D 36 -3.02 -8.66 -5.83
CA GLU D 36 -4.41 -8.68 -6.27
C GLU D 36 -4.80 -10.01 -6.89
N LYS D 37 -4.10 -11.09 -6.52
CA LYS D 37 -4.42 -12.40 -7.08
C LYS D 37 -5.83 -12.84 -6.69
N ILE D 38 -6.21 -12.59 -5.44
CA ILE D 38 -7.53 -13.01 -4.98
C ILE D 38 -8.63 -12.29 -5.76
N SER D 39 -8.35 -11.09 -6.26
CA SER D 39 -9.35 -10.33 -7.00
C SER D 39 -9.77 -11.08 -8.26
N LEU D 40 -8.81 -11.68 -8.97
CA LEU D 40 -9.14 -12.40 -10.19
C LEU D 40 -9.95 -13.66 -9.90
N GLY D 41 -9.70 -14.31 -8.76
CA GLY D 41 -10.42 -15.53 -8.44
C GLY D 41 -11.89 -15.33 -8.13
N ILE D 42 -12.27 -14.11 -7.73
CA ILE D 42 -13.68 -13.84 -7.43
C ILE D 42 -14.52 -13.99 -8.69
N THR D 43 -14.04 -13.43 -9.80
CA THR D 43 -14.78 -13.53 -11.06
C THR D 43 -14.87 -14.97 -11.53
N VAL D 44 -13.78 -15.73 -11.43
CA VAL D 44 -13.78 -17.10 -11.89
C VAL D 44 -14.78 -17.93 -11.08
N LEU D 45 -14.76 -17.77 -9.75
CA LEU D 45 -15.69 -18.51 -8.91
C LEU D 45 -17.12 -17.99 -9.10
N LEU D 46 -17.27 -16.68 -9.25
CA LEU D 46 -18.61 -16.11 -9.42
C LEU D 46 -19.22 -16.51 -10.77
N SER D 47 -18.40 -16.61 -11.81
CA SER D 47 -18.93 -16.96 -13.13
C SER D 47 -19.57 -18.34 -13.12
N LEU D 48 -18.92 -19.31 -12.46
CA LEU D 48 -19.47 -20.66 -12.42
C LEU D 48 -20.82 -20.68 -11.69
N THR D 49 -20.93 -19.94 -10.58
CA THR D 49 -22.18 -19.91 -9.84
C THR D 49 -23.29 -19.29 -10.68
N VAL D 50 -22.98 -18.22 -11.41
CA VAL D 50 -24.00 -17.56 -12.22
C VAL D 50 -24.50 -18.51 -13.31
N PHE D 51 -23.59 -19.23 -13.96
CA PHE D 51 -24.01 -20.18 -15.00
C PHE D 51 -24.67 -21.40 -14.39
N MET D 52 -24.36 -21.73 -13.14
CA MET D 52 -24.96 -22.90 -12.51
C MET D 52 -26.47 -22.72 -12.34
N LEU D 53 -26.93 -21.48 -12.13
CA LEU D 53 -28.35 -21.25 -11.95
C LEU D 53 -29.14 -21.65 -13.19
N LEU D 54 -28.62 -21.32 -14.38
CA LEU D 54 -29.32 -21.68 -15.61
C LEU D 54 -29.42 -23.19 -15.76
N VAL D 55 -28.34 -23.91 -15.46
CA VAL D 55 -28.35 -25.36 -15.61
C VAL D 55 -29.24 -26.03 -14.57
N ALA D 56 -29.49 -25.37 -13.44
CA ALA D 56 -30.33 -25.98 -12.41
C ALA D 56 -31.75 -26.22 -12.93
N GLU D 57 -32.31 -25.26 -13.66
CA GLU D 57 -33.65 -25.43 -14.20
C GLU D 57 -33.67 -26.47 -15.32
N ILE D 58 -32.61 -26.52 -16.13
CA ILE D 58 -32.57 -27.49 -17.22
C ILE D 58 -32.52 -28.92 -16.68
N MET D 59 -31.73 -29.14 -15.63
CA MET D 59 -31.61 -30.47 -15.07
C MET D 59 -32.95 -30.92 -14.50
N PRO D 60 -33.49 -32.07 -14.91
CA PRO D 60 -34.75 -32.53 -14.34
C PRO D 60 -34.65 -32.74 -12.84
N SER D 61 -35.74 -32.41 -12.14
CA SER D 61 -35.79 -32.55 -10.67
C SER D 61 -36.20 -33.98 -10.35
N THR D 62 -35.22 -34.88 -10.44
CA THR D 62 -35.42 -36.29 -10.15
C THR D 62 -35.11 -36.56 -8.68
N SER D 63 -35.15 -37.84 -8.29
CA SER D 63 -34.88 -38.26 -6.92
C SER D 63 -33.46 -38.79 -6.74
N ASP D 64 -33.02 -39.69 -7.63
CA ASP D 64 -31.68 -40.24 -7.55
C ASP D 64 -31.01 -40.36 -8.91
N SER D 65 -31.62 -39.86 -9.97
CA SER D 65 -31.06 -39.92 -11.32
C SER D 65 -30.34 -38.61 -11.59
N SER D 66 -29.05 -38.58 -11.29
CA SER D 66 -28.25 -37.37 -11.50
C SER D 66 -27.83 -37.28 -12.96
N PRO D 67 -28.14 -36.20 -13.67
CA PRO D 67 -27.69 -36.07 -15.06
C PRO D 67 -26.17 -36.02 -15.14
N SER D 68 -25.67 -36.41 -16.32
CA SER D 68 -24.22 -36.41 -16.53
C SER D 68 -23.62 -35.03 -16.46
N ILE D 69 -24.43 -33.98 -16.60
CA ILE D 69 -23.91 -32.61 -16.50
C ILE D 69 -23.35 -32.36 -15.11
N ALA D 70 -23.92 -33.00 -14.09
CA ALA D 70 -23.41 -32.81 -12.73
C ALA D 70 -21.97 -33.29 -12.61
N GLN D 71 -21.65 -34.43 -13.22
CA GLN D 71 -20.28 -34.94 -13.16
C GLN D 71 -19.31 -34.00 -13.85
N TYR D 72 -19.71 -33.41 -14.97
CA TYR D 72 -18.83 -32.47 -15.66
C TYR D 72 -18.53 -31.25 -14.79
N PHE D 73 -19.54 -30.73 -14.11
CA PHE D 73 -19.33 -29.59 -13.23
C PHE D 73 -18.57 -29.96 -11.97
N ALA D 74 -18.57 -31.24 -11.60
CA ALA D 74 -17.84 -31.66 -10.40
C ALA D 74 -16.35 -31.38 -10.54
N SER D 75 -15.78 -31.70 -11.70
CA SER D 75 -14.36 -31.42 -11.93
C SER D 75 -14.10 -29.94 -12.19
N THR D 76 -15.08 -29.22 -12.73
CA THR D 76 -14.89 -27.80 -12.97
C THR D 76 -14.75 -27.02 -11.67
N MET D 77 -15.52 -27.40 -10.65
CA MET D 77 -15.43 -26.71 -9.37
C MET D 77 -14.07 -26.91 -8.72
N ILE D 78 -13.42 -28.05 -8.97
CA ILE D 78 -12.09 -28.29 -8.42
C ILE D 78 -11.07 -27.36 -9.06
N ILE D 79 -11.19 -27.14 -10.37
CA ILE D 79 -10.24 -26.25 -11.07
C ILE D 79 -10.36 -24.84 -10.53
N VAL D 80 -11.58 -24.34 -10.36
CA VAL D 80 -11.77 -22.99 -9.83
C VAL D 80 -11.67 -23.00 -8.30
N GLY D 81 -12.03 -24.11 -7.66
CA GLY D 81 -11.92 -24.17 -6.22
C GLY D 81 -10.49 -24.10 -5.73
N LEU D 82 -9.57 -24.80 -6.41
CA LEU D 82 -8.17 -24.74 -6.04
C LEU D 82 -7.53 -23.41 -6.44
N SER D 83 -8.05 -22.78 -7.49
CA SER D 83 -7.49 -21.50 -7.91
C SER D 83 -7.66 -20.44 -6.83
N VAL D 84 -8.82 -20.41 -6.18
CA VAL D 84 -9.05 -19.46 -5.09
C VAL D 84 -8.09 -19.73 -3.94
N VAL D 85 -7.90 -21.02 -3.61
CA VAL D 85 -6.99 -21.36 -2.52
C VAL D 85 -5.58 -20.92 -2.84
N VAL D 86 -5.17 -21.03 -4.11
CA VAL D 86 -3.83 -20.62 -4.50
C VAL D 86 -3.64 -19.12 -4.25
N THR D 87 -4.63 -18.32 -4.62
CA THR D 87 -4.54 -16.88 -4.39
C THR D 87 -4.56 -16.53 -2.91
N VAL D 88 -4.98 -17.45 -2.05
CA VAL D 88 -5.03 -17.22 -0.62
C VAL D 88 -3.79 -17.78 0.07
N ILE D 89 -3.36 -18.99 -0.30
CA ILE D 89 -2.17 -19.57 0.31
C ILE D 89 -0.94 -18.75 -0.05
N VAL D 90 -0.89 -18.23 -1.28
CA VAL D 90 0.24 -17.41 -1.70
C VAL D 90 0.32 -16.15 -0.83
N LEU D 91 -0.83 -15.58 -0.48
CA LEU D 91 -0.84 -14.37 0.32
C LEU D 91 -0.21 -14.60 1.69
N GLN D 92 -0.25 -15.84 2.20
CA GLN D 92 0.34 -16.13 3.50
C GLN D 92 1.84 -15.85 3.49
N TYR D 93 2.54 -16.30 2.45
CA TYR D 93 3.98 -16.07 2.36
C TYR D 93 4.31 -14.64 1.95
N HIS D 94 3.47 -14.02 1.13
CA HIS D 94 3.71 -12.63 0.73
C HIS D 94 3.70 -11.71 1.95
N HIS D 95 2.67 -11.83 2.79
CA HIS D 95 2.59 -11.09 4.05
C HIS D 95 3.04 -12.01 5.17
N HIS D 96 4.36 -12.16 5.29
CA HIS D 96 4.92 -13.08 6.27
C HIS D 96 4.52 -12.66 7.69
N ASP D 97 4.17 -13.67 8.50
CA ASP D 97 3.78 -13.46 9.88
C ASP D 97 4.56 -14.41 10.76
N PRO D 98 5.27 -13.93 11.79
CA PRO D 98 6.02 -14.85 12.66
C PRO D 98 5.13 -15.90 13.32
N ASP D 99 3.88 -15.56 13.62
CA ASP D 99 2.97 -16.50 14.29
C ASP D 99 2.35 -17.42 13.25
N GLY D 100 3.14 -18.39 12.81
CA GLY D 100 2.68 -19.38 11.87
C GLY D 100 2.57 -18.82 10.45
N GLY D 101 1.95 -19.63 9.59
CA GLY D 101 1.77 -19.23 8.21
C GLY D 101 3.07 -19.06 7.45
N LYS D 102 4.03 -19.97 7.66
CA LYS D 102 5.31 -19.90 6.98
C LYS D 102 5.75 -21.31 6.59
N MET D 103 6.56 -21.38 5.55
CA MET D 103 7.06 -22.68 5.09
C MET D 103 8.10 -23.22 6.07
N PRO D 104 7.98 -24.47 6.51
CA PRO D 104 9.00 -25.01 7.42
C PRO D 104 10.38 -25.00 6.79
N LYS D 105 11.40 -24.81 7.63
CA LYS D 105 12.77 -24.75 7.13
C LYS D 105 13.16 -26.05 6.45
N TRP D 106 12.75 -27.19 7.03
CA TRP D 106 13.09 -28.48 6.43
C TRP D 106 12.53 -28.59 5.02
N THR D 107 11.28 -28.17 4.82
CA THR D 107 10.68 -28.22 3.49
C THR D 107 11.25 -27.14 2.58
N ARG D 108 11.62 -25.99 3.15
CA ARG D 108 12.17 -24.90 2.34
C ARG D 108 13.49 -25.32 1.69
N VAL D 109 14.34 -26.03 2.43
CA VAL D 109 15.63 -26.45 1.88
C VAL D 109 15.42 -27.35 0.67
N ILE D 110 14.42 -28.23 0.73
CA ILE D 110 14.15 -29.11 -0.40
C ILE D 110 13.70 -28.30 -1.61
N LEU D 111 12.96 -27.21 -1.39
CA LEU D 111 12.46 -26.39 -2.47
C LEU D 111 13.48 -25.39 -2.98
N LEU D 112 14.66 -25.31 -2.37
CA LEU D 112 15.68 -24.38 -2.85
C LEU D 112 16.14 -24.72 -4.26
N ASN D 113 16.06 -25.99 -4.65
CA ASN D 113 16.47 -26.42 -5.98
C ASN D 113 15.34 -26.32 -7.00
N TRP D 114 14.08 -26.28 -6.54
CA TRP D 114 12.97 -26.20 -7.48
C TRP D 114 13.02 -24.91 -8.29
N CYS D 115 13.30 -23.78 -7.63
CA CYS D 115 13.37 -22.51 -8.35
C CYS D 115 14.54 -22.51 -9.32
N ALA D 116 15.68 -23.09 -8.94
CA ALA D 116 16.83 -23.13 -9.83
C ALA D 116 16.57 -24.02 -11.03
N TRP D 117 15.81 -25.11 -10.86
CA TRP D 117 15.51 -25.99 -11.97
C TRP D 117 14.54 -25.36 -12.97
N PHE D 118 13.81 -24.32 -12.56
CA PHE D 118 12.88 -23.67 -13.48
C PHE D 118 13.60 -23.08 -14.68
N LEU D 119 14.73 -22.41 -14.44
CA LEU D 119 15.50 -21.83 -15.54
C LEU D 119 16.16 -22.93 -16.36
N ARG D 120 16.79 -23.90 -15.70
CA ARG D 120 17.46 -25.02 -16.36
C ARG D 120 17.05 -26.31 -15.64
N MET D 121 16.07 -27.01 -16.20
CA MET D 121 15.60 -28.24 -15.59
C MET D 121 16.67 -29.32 -15.61
N LYS D 122 16.63 -30.19 -14.62
CA LYS D 122 17.58 -31.29 -14.54
C LYS D 122 17.34 -32.37 -15.60
N ARG D 123 16.23 -32.30 -16.31
CA ARG D 123 15.93 -33.30 -17.32
C ARG D 123 16.86 -33.14 -18.52
N PRO D 124 16.99 -34.18 -19.35
CA PRO D 124 17.89 -34.08 -20.51
C PRO D 124 17.49 -32.99 -21.48
N GLY D 125 16.24 -32.53 -21.46
CA GLY D 125 15.82 -31.49 -22.38
C GLY D 125 16.61 -30.21 -22.24
N GLU D 126 17.01 -29.87 -21.01
CA GLU D 126 17.77 -28.66 -20.74
C GLU D 126 19.22 -28.93 -20.36
N ASP D 127 19.51 -30.04 -19.69
CA ASP D 127 20.88 -30.36 -19.31
C ASP D 127 21.71 -30.84 -20.49
N LYS D 128 21.08 -31.33 -21.55
CA LYS D 128 21.80 -31.82 -22.71
C LYS D 128 22.02 -30.75 -23.77
N VAL D 129 21.05 -29.84 -23.93
CA VAL D 129 21.16 -28.77 -24.94
C VAL D 129 21.88 -27.62 -24.25
N ARG D 130 23.20 -27.69 -24.26
CA ARG D 130 24.05 -26.67 -23.65
C ARG D 130 25.50 -27.00 -23.99
N PRO D 131 26.42 -26.04 -23.81
CA PRO D 131 27.83 -26.32 -24.08
C PRO D 131 28.39 -27.39 -23.16
N ALA D 132 28.76 -28.54 -23.73
CA ALA D 132 29.31 -29.65 -22.96
C ALA D 132 30.51 -30.21 -23.69
N CYS D 133 31.55 -30.56 -22.94
CA CYS D 133 32.78 -31.09 -23.51
C CYS D 133 33.54 -31.83 -22.40
N GLN D 134 34.68 -32.40 -22.77
CA GLN D 134 35.54 -33.11 -21.83
C GLN D 134 36.55 -32.20 -21.15
N HIS D 135 36.50 -30.89 -21.40
CA HIS D 135 37.42 -29.95 -20.81
C HIS D 135 36.98 -29.64 -19.38
N LYS D 136 37.58 -28.60 -18.78
CA LYS D 136 37.28 -28.25 -17.40
C LYS D 136 35.83 -27.85 -17.18
N GLN D 137 35.04 -27.71 -18.25
CA GLN D 137 33.64 -27.34 -18.09
C GLN D 137 32.88 -28.40 -17.31
N ARG D 138 33.15 -29.67 -17.57
CA ARG D 138 32.47 -30.79 -16.92
C ARG D 138 33.48 -31.66 -16.16
N ARG D 139 34.40 -31.03 -15.45
CA ARG D 139 35.40 -31.72 -14.65
C ARG D 139 35.03 -31.66 -13.17
N CYS D 140 35.73 -32.48 -12.39
CA CYS D 140 35.52 -32.56 -10.95
C CYS D 140 36.75 -32.04 -10.23
N SER D 141 36.53 -31.21 -9.21
CA SER D 141 37.61 -30.62 -8.43
C SER D 141 37.09 -30.32 -7.03
N LEU D 142 37.90 -29.64 -6.23
CA LEU D 142 37.50 -29.31 -4.87
C LEU D 142 36.37 -28.28 -4.84
N ALA D 143 36.32 -27.40 -5.86
CA ALA D 143 35.27 -26.40 -5.90
C ALA D 143 33.90 -27.02 -6.12
N SER D 144 33.80 -27.99 -7.03
CA SER D 144 32.53 -28.64 -7.28
C SER D 144 32.13 -29.56 -6.12
N VAL D 145 33.09 -30.29 -5.58
CA VAL D 145 32.85 -31.21 -4.47
C VAL D 145 33.06 -30.41 -3.18
N GLU D 146 31.96 -29.91 -2.60
CA GLU D 146 32.00 -29.13 -1.38
C GLU D 146 31.37 -29.90 -0.21
N MET D 147 31.56 -31.22 -0.20
CA MET D 147 31.03 -32.04 0.87
C MET D 147 31.75 -31.81 2.19
N SER D 148 32.95 -31.23 2.15
CA SER D 148 33.74 -30.95 3.35
C SER D 148 33.67 -29.49 3.76
N ALA D 149 32.52 -28.85 3.56
CA ALA D 149 32.33 -27.44 3.91
C ALA D 149 33.34 -26.56 3.17
N VAL D 150 33.45 -26.80 1.87
CA VAL D 150 34.36 -26.04 1.02
C VAL D 150 33.63 -24.81 0.48
N ALA D 151 34.35 -23.71 0.36
CA ALA D 151 33.75 -22.48 -0.13
C ALA D 151 33.28 -22.66 -1.57
N PRO D 152 32.03 -22.36 -1.90
CA PRO D 152 31.57 -22.49 -3.29
C PRO D 152 32.32 -21.54 -4.19
N PRO D 153 32.05 -21.59 -5.50
CA PRO D 153 32.74 -20.69 -6.42
C PRO D 153 32.42 -19.24 -6.08
N PRO D 154 33.34 -18.31 -6.37
CA PRO D 154 33.10 -16.91 -6.01
C PRO D 154 32.05 -16.26 -6.91
N ALA D 155 30.78 -16.51 -6.61
CA ALA D 155 29.66 -15.96 -7.37
C ALA D 155 28.95 -14.90 -6.53
N SER D 156 28.40 -13.89 -7.23
CA SER D 156 27.71 -12.78 -6.59
C SER D 156 26.26 -13.12 -6.24
N ASN D 157 25.88 -14.40 -6.25
CA ASN D 157 24.53 -14.81 -5.92
C ASN D 157 24.35 -15.12 -4.44
N GLY D 158 25.39 -14.93 -3.63
CA GLY D 158 25.31 -15.21 -2.20
C GLY D 158 26.36 -16.20 -1.73
N ASN D 159 27.40 -16.39 -2.54
CA ASN D 159 28.48 -17.32 -2.21
C ASN D 159 29.79 -16.62 -1.86
N LEU D 160 30.02 -15.41 -2.36
CA LEU D 160 31.24 -14.67 -2.09
C LEU D 160 31.05 -13.54 -1.10
N LEU D 161 29.98 -12.74 -1.25
CA LEU D 161 29.76 -11.63 -0.33
C LEU D 161 29.48 -12.12 1.08
N TYR D 162 28.63 -13.15 1.21
CA TYR D 162 28.32 -13.67 2.54
C TYR D 162 29.55 -14.29 3.19
N ILE D 163 30.35 -15.03 2.42
CA ILE D 163 31.55 -15.65 2.99
C ILE D 163 32.67 -14.63 3.11
N GLY D 164 32.68 -13.61 2.25
CA GLY D 164 33.73 -12.60 2.30
C GLY D 164 33.62 -11.66 3.49
N PHE D 165 32.42 -11.55 4.08
CA PHE D 165 32.19 -10.68 5.23
C PHE D 165 31.95 -11.46 6.51
N ARG D 166 31.08 -12.47 6.48
CA ARG D 166 30.77 -13.27 7.66
C ARG D 166 31.53 -14.58 7.70
N GLY D 167 31.81 -15.19 6.55
CA GLY D 167 32.51 -16.46 6.54
C GLY D 167 33.94 -16.36 7.04
N LEU D 168 34.56 -15.19 6.92
CA LEU D 168 35.94 -14.99 7.36
C LEU D 168 35.94 -14.62 8.84
N ASP D 169 35.55 -15.59 9.66
CA ASP D 169 35.50 -15.43 11.11
C ASP D 169 36.89 -15.72 11.68
N GLY D 170 37.69 -14.67 11.82
CA GLY D 170 39.04 -14.82 12.32
C GLY D 170 40.06 -14.06 11.50
N VAL D 171 39.63 -13.49 10.38
CA VAL D 171 40.48 -12.72 9.48
C VAL D 171 39.95 -11.31 9.27
N HIS D 172 38.68 -11.21 8.86
CA HIS D 172 38.07 -9.91 8.61
C HIS D 172 37.42 -9.35 9.87
N CYS D 173 36.47 -10.10 10.44
CA CYS D 173 35.79 -9.64 11.65
C CYS D 173 36.78 -9.51 12.80
N VAL D 174 37.67 -10.48 12.95
CA VAL D 174 38.66 -10.47 14.03
C VAL D 174 40.05 -10.64 13.41
N PRO D 175 40.71 -9.55 12.99
CA PRO D 175 42.04 -9.70 12.39
C PRO D 175 43.09 -10.13 13.40
N THR D 176 42.99 -11.38 13.84
CA THR D 176 43.98 -11.89 14.80
C THR D 176 45.38 -11.91 14.23
N PRO D 177 45.64 -12.43 13.02
CA PRO D 177 47.01 -12.46 12.50
C PRO D 177 47.47 -11.13 11.93
N ASP D 178 47.86 -10.23 12.84
CA ASP D 178 48.38 -8.92 12.48
C ASP D 178 49.90 -8.84 12.54
N SER D 179 50.57 -9.94 12.85
CA SER D 179 52.03 -9.96 12.98
C SER D 179 52.63 -10.22 11.60
N GLY D 180 53.01 -9.15 10.92
CA GLY D 180 53.63 -9.26 9.62
C GLY D 180 52.67 -9.44 8.46
N VAL D 181 51.37 -9.36 8.69
CA VAL D 181 50.38 -9.55 7.64
C VAL D 181 49.58 -8.26 7.45
N VAL D 182 48.90 -7.83 8.51
CA VAL D 182 48.05 -6.64 8.44
C VAL D 182 48.80 -5.43 8.98
N CYS D 183 49.28 -5.55 10.22
CA CYS D 183 49.99 -4.46 10.89
C CYS D 183 51.49 -4.51 10.65
N GLY D 184 51.98 -5.44 9.86
CA GLY D 184 53.40 -5.54 9.59
C GLY D 184 53.71 -5.65 8.11
N ARG D 185 52.88 -5.00 7.28
CA ARG D 185 53.05 -5.00 5.84
C ARG D 185 52.84 -3.60 5.30
N MET D 186 53.46 -3.30 4.17
CA MET D 186 53.38 -1.98 3.56
C MET D 186 52.14 -1.80 2.69
N ALA D 187 51.26 -2.79 2.64
CA ALA D 187 50.05 -2.71 1.80
C ALA D 187 49.02 -1.87 2.54
N CYS D 188 49.16 -0.55 2.40
CA CYS D 188 48.25 0.41 3.02
C CYS D 188 48.15 0.20 4.52
N SER D 189 49.29 -0.08 5.15
CA SER D 189 49.35 -0.29 6.59
C SER D 189 50.76 -0.02 7.07
N PRO D 190 50.92 0.49 8.29
CA PRO D 190 52.28 0.73 8.80
C PRO D 190 53.05 -0.57 9.00
N THR D 191 54.37 -0.48 8.85
CA THR D 191 55.25 -1.63 9.01
C THR D 191 55.76 -1.65 10.45
N HIS D 192 54.90 -2.12 11.35
CA HIS D 192 55.22 -2.20 12.78
C HIS D 192 55.63 -0.83 13.32
N ASP D 193 54.97 0.22 12.83
CA ASP D 193 55.25 1.60 13.27
C ASP D 193 54.36 1.91 14.46
N GLU D 194 54.91 1.76 15.67
CA GLU D 194 54.16 2.04 16.88
C GLU D 194 54.12 3.53 17.22
N HIS D 195 54.92 4.35 16.54
CA HIS D 195 54.95 5.79 16.78
C HIS D 195 54.25 6.58 15.68
N LEU D 196 53.34 5.95 14.95
CA LEU D 196 52.61 6.60 13.86
C LEU D 196 51.53 7.48 14.46
N LEU D 197 51.90 8.72 14.77
CA LEU D 197 50.98 9.69 15.34
C LEU D 197 50.63 10.75 14.30
N HIS D 198 49.60 11.53 14.61
CA HIS D 198 49.12 12.59 13.72
C HIS D 198 49.93 13.87 13.98
N GLY D 199 51.20 13.81 13.61
CA GLY D 199 52.08 14.95 13.80
C GLY D 199 52.27 15.31 15.26
N GLY D 200 52.46 14.31 16.12
CA GLY D 200 52.62 14.54 17.54
C GLY D 200 51.33 14.52 18.33
N GLN D 201 50.18 14.37 17.67
CA GLN D 201 48.89 14.33 18.31
C GLN D 201 48.25 12.96 18.16
N PRO D 202 47.27 12.63 19.00
CA PRO D 202 46.64 11.31 18.88
C PRO D 202 46.01 11.15 17.51
N PRO D 203 46.01 9.92 16.98
CA PRO D 203 45.45 9.72 15.63
C PRO D 203 44.00 10.13 15.51
N GLU D 204 43.20 9.98 16.56
CA GLU D 204 41.79 10.34 16.53
C GLU D 204 41.66 11.84 16.78
N GLY D 205 41.25 12.58 15.73
CA GLY D 205 41.10 14.01 15.88
C GLY D 205 40.00 14.39 16.86
N ASP D 206 38.89 13.65 16.83
CA ASP D 206 37.77 13.93 17.71
C ASP D 206 37.07 12.63 18.10
N PRO D 207 37.06 12.25 19.37
CA PRO D 207 36.33 11.03 19.77
C PRO D 207 34.84 11.10 19.51
N ASP D 208 34.27 12.30 19.34
CA ASP D 208 32.84 12.42 19.09
C ASP D 208 32.43 11.75 17.79
N LEU D 209 33.36 11.54 16.86
CA LEU D 209 33.00 10.88 15.61
C LEU D 209 32.60 9.43 15.85
N ALA D 210 33.15 8.79 16.88
CA ALA D 210 32.77 7.41 17.19
C ALA D 210 31.30 7.31 17.54
N LYS D 211 30.78 8.26 18.31
CA LYS D 211 29.36 8.24 18.65
C LYS D 211 28.49 8.38 17.41
N ILE D 212 28.89 9.26 16.49
CA ILE D 212 28.12 9.42 15.24
C ILE D 212 28.15 8.13 14.43
N LEU D 213 29.28 7.43 14.45
CA LEU D 213 29.39 6.19 13.69
C LEU D 213 28.38 5.15 14.20
N GLU D 214 28.22 5.05 15.52
CA GLU D 214 27.27 4.09 16.07
C GLU D 214 25.85 4.42 15.62
N GLU D 215 25.48 5.71 15.66
CA GLU D 215 24.16 6.10 15.17
C GLU D 215 24.03 5.89 13.67
N VAL D 216 25.08 6.24 12.92
CA VAL D 216 25.06 6.03 11.48
C VAL D 216 25.03 4.53 11.15
N ARG D 217 25.74 3.73 11.93
CA ARG D 217 25.76 2.29 11.69
C ARG D 217 24.36 1.70 11.82
N TYR D 218 23.59 2.14 12.82
CA TYR D 218 22.23 1.63 12.98
C TYR D 218 21.38 1.98 11.78
N ILE D 219 21.51 3.21 11.26
CA ILE D 219 20.75 3.60 10.08
C ILE D 219 21.12 2.71 8.89
N ALA D 220 22.41 2.47 8.69
CA ALA D 220 22.83 1.55 7.64
C ALA D 220 22.48 0.11 7.98
N ASN D 221 22.52 -0.25 9.27
CA ASN D 221 22.15 -1.61 9.66
C ASN D 221 20.66 -1.85 9.47
N ARG D 222 19.83 -0.82 9.63
CA ARG D 222 18.39 -0.99 9.43
C ARG D 222 18.09 -1.39 8.00
N PHE D 223 18.78 -0.78 7.02
CA PHE D 223 18.59 -1.17 5.63
C PHE D 223 19.27 -2.49 5.32
N ARG D 224 20.40 -2.79 5.97
CA ARG D 224 21.10 -4.04 5.71
C ARG D 224 20.23 -5.24 6.06
N CYS D 225 19.58 -5.21 7.22
CA CYS D 225 18.71 -6.32 7.60
C CYS D 225 17.41 -6.30 6.80
N GLN D 226 16.91 -5.11 6.47
CA GLN D 226 15.72 -5.04 5.62
C GLN D 226 16.00 -5.58 4.22
N ASP D 227 17.17 -5.26 3.67
CA ASP D 227 17.55 -5.81 2.37
C ASP D 227 17.92 -7.29 2.48
N GLU D 228 18.53 -7.69 3.60
CA GLU D 228 18.86 -9.09 3.80
C GLU D 228 17.60 -9.94 3.96
N SER D 229 16.58 -9.41 4.62
CA SER D 229 15.32 -10.13 4.77
C SER D 229 14.65 -10.37 3.42
N GLU D 230 14.95 -9.56 2.41
CA GLU D 230 14.39 -9.79 1.08
C GLU D 230 14.89 -11.12 0.50
N ALA D 231 16.18 -11.42 0.70
CA ALA D 231 16.71 -12.71 0.25
C ALA D 231 16.04 -13.85 1.00
N VAL D 232 15.85 -13.70 2.31
CA VAL D 232 15.11 -14.71 3.07
C VAL D 232 13.66 -14.75 2.61
N CYS D 233 13.05 -13.58 2.43
CA CYS D 233 11.68 -13.53 1.93
C CYS D 233 11.58 -14.05 0.50
N SER D 234 12.66 -13.93 -0.28
CA SER D 234 12.64 -14.47 -1.64
C SER D 234 12.45 -15.98 -1.64
N GLU D 235 13.12 -16.67 -0.72
CA GLU D 235 12.92 -18.12 -0.60
C GLU D 235 11.48 -18.43 -0.24
N TRP D 236 10.89 -17.67 0.69
CA TRP D 236 9.48 -17.85 1.00
C TRP D 236 8.61 -17.50 -0.18
N LYS D 237 8.98 -16.46 -0.94
CA LYS D 237 8.22 -16.12 -2.14
C LYS D 237 8.28 -17.24 -3.16
N PHE D 238 9.45 -17.86 -3.34
CA PHE D 238 9.55 -18.99 -4.25
C PHE D 238 8.68 -20.15 -3.76
N ALA D 239 8.61 -20.35 -2.45
CA ALA D 239 7.74 -21.39 -1.91
C ALA D 239 6.27 -21.12 -2.22
N ALA D 240 5.89 -19.84 -2.33
CA ALA D 240 4.53 -19.51 -2.72
C ALA D 240 4.23 -19.94 -4.15
N CYS D 241 5.22 -19.81 -5.04
CA CYS D 241 5.03 -20.22 -6.43
C CYS D 241 4.98 -21.73 -6.58
N VAL D 242 5.44 -22.48 -5.58
CA VAL D 242 5.40 -23.94 -5.66
C VAL D 242 3.95 -24.41 -5.74
N VAL D 243 3.09 -23.89 -4.86
CA VAL D 243 1.67 -24.24 -4.93
C VAL D 243 1.03 -23.67 -6.18
N ASP D 244 1.52 -22.53 -6.66
CA ASP D 244 0.93 -21.88 -7.82
C ASP D 244 1.39 -22.55 -9.12
N ARG D 245 2.70 -22.65 -9.33
CA ARG D 245 3.21 -23.21 -10.56
C ARG D 245 2.89 -24.71 -10.67
N LEU D 246 2.96 -25.43 -9.56
CA LEU D 246 2.69 -26.86 -9.60
C LEU D 246 1.26 -27.15 -10.04
N CYS D 247 0.30 -26.36 -9.55
CA CYS D 247 -1.09 -26.56 -9.95
C CYS D 247 -1.28 -26.33 -11.44
N LEU D 248 -0.47 -25.46 -12.04
CA LEU D 248 -0.57 -25.24 -13.49
C LEU D 248 -0.18 -26.51 -14.26
N MET D 249 0.90 -27.17 -13.84
CA MET D 249 1.29 -28.41 -14.50
C MET D 249 0.27 -29.52 -14.26
N ALA D 250 -0.28 -29.59 -13.04
CA ALA D 250 -1.29 -30.59 -12.74
C ALA D 250 -2.60 -30.32 -13.45
N PHE D 251 -2.86 -29.06 -13.82
CA PHE D 251 -4.10 -28.73 -14.53
C PHE D 251 -4.15 -29.44 -15.88
N SER D 252 -3.02 -29.51 -16.58
CA SER D 252 -2.99 -30.20 -17.87
C SER D 252 -3.34 -31.68 -17.70
N VAL D 253 -2.80 -32.32 -16.65
CA VAL D 253 -3.12 -33.72 -16.40
C VAL D 253 -4.60 -33.88 -16.11
N PHE D 254 -5.16 -32.99 -15.26
CA PHE D 254 -6.59 -33.05 -14.98
C PHE D 254 -7.41 -32.75 -16.22
N THR D 255 -6.95 -31.79 -17.03
CA THR D 255 -7.68 -31.45 -18.26
C THR D 255 -7.73 -32.63 -19.21
N ILE D 256 -6.61 -33.36 -19.34
CA ILE D 256 -6.58 -34.53 -20.21
C ILE D 256 -7.57 -35.57 -19.72
N ILE D 257 -7.58 -35.83 -18.41
CA ILE D 257 -8.52 -36.80 -17.84
C ILE D 257 -9.95 -36.32 -18.04
N CYS D 258 -10.20 -35.04 -17.78
CA CYS D 258 -11.54 -34.50 -17.96
C CYS D 258 -11.95 -34.53 -19.43
N THR D 259 -11.04 -34.18 -20.33
CA THR D 259 -11.35 -34.20 -21.76
C THR D 259 -11.65 -35.63 -22.22
N ILE D 260 -10.86 -36.59 -21.77
CA ILE D 260 -11.09 -37.98 -22.16
C ILE D 260 -12.43 -38.46 -21.61
N GLY D 261 -12.72 -38.16 -20.35
CA GLY D 261 -14.00 -38.57 -19.78
C GLY D 261 -15.19 -37.94 -20.47
N ILE D 262 -15.11 -36.64 -20.74
CA ILE D 262 -16.21 -35.96 -21.42
C ILE D 262 -16.38 -36.50 -22.83
N LEU D 263 -15.26 -36.70 -23.55
CA LEU D 263 -15.34 -37.23 -24.91
C LEU D 263 -15.84 -38.66 -24.95
N MET D 264 -15.70 -39.41 -23.85
CA MET D 264 -16.13 -40.80 -23.80
C MET D 264 -17.46 -40.98 -23.08
N SER D 265 -17.84 -40.05 -22.20
CA SER D 265 -19.10 -40.15 -21.48
C SER D 265 -20.23 -39.39 -22.15
N ALA D 266 -19.92 -38.30 -22.86
CA ALA D 266 -20.96 -37.54 -23.53
C ALA D 266 -21.72 -38.37 -24.56
N PRO D 267 -21.07 -39.15 -25.43
CA PRO D 267 -21.84 -39.93 -26.42
C PRO D 267 -22.81 -40.91 -25.79
N ASN D 268 -22.52 -41.39 -24.57
CA ASN D 268 -23.39 -42.35 -23.91
C ASN D 268 -24.50 -41.66 -23.12
N PHE D 269 -24.18 -40.57 -22.43
CA PHE D 269 -25.16 -39.83 -21.64
C PHE D 269 -25.70 -38.61 -22.38
N VAL D 270 -24.82 -37.72 -22.84
CA VAL D 270 -25.24 -36.53 -23.55
C VAL D 270 -25.56 -36.87 -25.00
N LEU E 7 -37.98 -0.58 -32.29
CA LEU E 7 -37.74 -1.98 -31.97
C LEU E 7 -37.49 -2.16 -30.48
N TYR E 8 -38.24 -3.09 -29.87
CA TYR E 8 -38.08 -3.34 -28.44
C TYR E 8 -36.80 -4.13 -28.17
N TYR E 9 -36.65 -5.28 -28.82
CA TYR E 9 -35.45 -6.09 -28.61
C TYR E 9 -34.24 -5.47 -29.30
N GLY E 10 -34.44 -4.81 -30.44
CA GLY E 10 -33.32 -4.21 -31.14
C GLY E 10 -32.67 -3.10 -30.33
N LEU E 11 -33.47 -2.29 -29.63
CA LEU E 11 -32.98 -1.19 -28.84
C LEU E 11 -32.71 -1.58 -27.39
N ASN E 12 -32.94 -2.85 -27.02
CA ASN E 12 -32.68 -3.32 -25.67
C ASN E 12 -31.63 -4.43 -25.62
N LEU E 13 -31.12 -4.87 -26.77
CA LEU E 13 -30.09 -5.90 -26.82
C LEU E 13 -28.84 -5.48 -27.58
N LEU E 14 -28.97 -4.61 -28.59
CA LEU E 14 -27.81 -4.11 -29.32
C LEU E 14 -27.18 -2.90 -28.66
N ILE E 15 -28.00 -1.96 -28.19
CA ILE E 15 -27.46 -0.78 -27.52
C ILE E 15 -26.64 -1.15 -26.28
N PRO E 16 -27.12 -2.02 -25.39
CA PRO E 16 -26.28 -2.41 -24.24
C PRO E 16 -24.96 -3.04 -24.66
N CYS E 17 -24.94 -3.77 -25.78
CA CYS E 17 -23.70 -4.40 -26.22
C CYS E 17 -22.64 -3.35 -26.53
N VAL E 18 -23.03 -2.25 -27.17
CA VAL E 18 -22.08 -1.20 -27.48
C VAL E 18 -21.53 -0.58 -26.20
N LEU E 19 -22.39 -0.40 -25.19
CA LEU E 19 -21.94 0.19 -23.94
C LEU E 19 -20.87 -0.66 -23.27
N ILE E 20 -21.07 -1.98 -23.24
CA ILE E 20 -20.09 -2.87 -22.62
C ILE E 20 -18.77 -2.81 -23.38
N SER E 21 -18.84 -2.86 -24.71
CA SER E 21 -17.63 -2.77 -25.51
C SER E 21 -16.98 -1.39 -25.38
N ALA E 22 -17.79 -0.34 -25.33
CA ALA E 22 -17.25 1.01 -25.18
C ALA E 22 -16.53 1.16 -23.84
N LEU E 23 -17.09 0.60 -22.77
CA LEU E 23 -16.45 0.67 -21.47
C LEU E 23 -15.15 -0.14 -21.41
N ALA E 24 -14.99 -1.13 -22.29
CA ALA E 24 -13.77 -1.91 -22.34
C ALA E 24 -12.60 -1.12 -22.90
N LEU E 25 -12.87 -0.08 -23.69
CA LEU E 25 -11.79 0.72 -24.26
C LEU E 25 -10.98 1.41 -23.16
N LEU E 26 -11.66 1.91 -22.12
CA LEU E 26 -10.96 2.54 -21.02
C LEU E 26 -10.02 1.57 -20.32
N VAL E 27 -10.34 0.29 -20.33
CA VAL E 27 -9.46 -0.71 -19.73
C VAL E 27 -8.15 -0.81 -20.51
N PHE E 28 -8.22 -0.66 -21.83
CA PHE E 28 -7.04 -0.74 -22.68
C PHE E 28 -6.27 0.58 -22.75
N LEU E 29 -6.77 1.64 -22.09
CA LEU E 29 -6.11 2.93 -22.09
C LEU E 29 -5.47 3.28 -20.75
N LEU E 30 -5.81 2.56 -19.69
CA LEU E 30 -5.26 2.87 -18.37
C LEU E 30 -3.76 2.61 -18.35
N PRO E 31 -3.00 3.37 -17.55
CA PRO E 31 -1.55 3.15 -17.48
C PRO E 31 -1.22 1.89 -16.71
N ALA E 32 0.03 1.45 -16.85
CA ALA E 32 0.49 0.26 -16.17
C ALA E 32 0.71 0.49 -14.68
N ASP E 33 0.78 1.75 -14.24
CA ASP E 33 1.00 2.06 -12.83
C ASP E 33 -0.27 1.93 -12.01
N SER E 34 -1.44 1.81 -12.63
CA SER E 34 -2.69 1.71 -11.90
C SER E 34 -2.83 0.32 -11.30
N GLY E 35 -2.84 0.24 -9.97
CA GLY E 35 -2.97 -1.03 -9.29
C GLY E 35 -4.39 -1.54 -9.15
N GLU E 36 -5.39 -0.72 -9.44
CA GLU E 36 -6.79 -1.08 -9.34
C GLU E 36 -7.40 -1.38 -10.71
N LYS E 37 -6.58 -1.75 -11.69
CA LYS E 37 -7.10 -2.03 -13.02
C LYS E 37 -8.05 -3.23 -12.99
N ILE E 38 -7.70 -4.27 -12.23
CA ILE E 38 -8.55 -5.46 -12.17
C ILE E 38 -9.92 -5.12 -11.59
N SER E 39 -9.99 -4.09 -10.75
CA SER E 39 -11.27 -3.73 -10.15
C SER E 39 -12.27 -3.30 -11.21
N LEU E 40 -11.82 -2.54 -12.20
CA LEU E 40 -12.73 -2.08 -13.25
C LEU E 40 -13.21 -3.24 -14.12
N GLY E 41 -12.35 -4.24 -14.35
CA GLY E 41 -12.72 -5.36 -15.19
C GLY E 41 -13.79 -6.25 -14.60
N ILE E 42 -13.93 -6.26 -13.27
CA ILE E 42 -14.95 -7.08 -12.64
C ILE E 42 -16.34 -6.63 -13.07
N THR E 43 -16.57 -5.31 -13.05
CA THR E 43 -17.88 -4.80 -13.44
C THR E 43 -18.18 -5.08 -14.91
N VAL E 44 -17.18 -4.91 -15.78
CA VAL E 44 -17.40 -5.13 -17.21
C VAL E 44 -17.74 -6.60 -17.46
N LEU E 45 -16.99 -7.51 -16.84
CA LEU E 45 -17.28 -8.94 -17.01
C LEU E 45 -18.60 -9.30 -16.34
N LEU E 46 -18.88 -8.74 -15.16
CA LEU E 46 -20.11 -9.06 -14.46
C LEU E 46 -21.33 -8.51 -15.18
N SER E 47 -21.20 -7.35 -15.83
CA SER E 47 -22.33 -6.75 -16.52
C SER E 47 -22.83 -7.66 -17.64
N LEU E 48 -21.91 -8.24 -18.41
CA LEU E 48 -22.32 -9.12 -19.50
C LEU E 48 -23.05 -10.35 -18.98
N THR E 49 -22.56 -10.94 -17.88
CA THR E 49 -23.21 -12.11 -17.32
C THR E 49 -24.61 -11.79 -16.82
N VAL E 50 -24.78 -10.62 -16.18
CA VAL E 50 -26.09 -10.24 -15.67
C VAL E 50 -27.08 -10.10 -16.81
N PHE E 51 -26.67 -9.44 -17.90
CA PHE E 51 -27.56 -9.28 -19.05
C PHE E 51 -27.75 -10.58 -19.83
N MET E 52 -26.80 -11.52 -19.71
CA MET E 52 -26.94 -12.79 -20.42
C MET E 52 -28.11 -13.61 -19.89
N LEU E 53 -28.42 -13.48 -18.60
CA LEU E 53 -29.53 -14.24 -18.03
C LEU E 53 -30.85 -13.86 -18.68
N LEU E 54 -31.06 -12.55 -18.90
CA LEU E 54 -32.30 -12.11 -19.53
C LEU E 54 -32.43 -12.65 -20.95
N VAL E 55 -31.34 -12.65 -21.71
CA VAL E 55 -31.39 -13.11 -23.09
C VAL E 55 -31.53 -14.63 -23.15
N ALA E 56 -31.15 -15.34 -22.09
CA ALA E 56 -31.24 -16.80 -22.11
C ALA E 56 -32.69 -17.25 -22.26
N GLU E 57 -33.61 -16.61 -21.53
CA GLU E 57 -35.02 -16.97 -21.63
C GLU E 57 -35.60 -16.56 -22.98
N ILE E 58 -35.15 -15.43 -23.52
CA ILE E 58 -35.67 -14.97 -24.80
C ILE E 58 -35.29 -15.94 -25.91
N MET E 59 -34.06 -16.43 -25.90
CA MET E 59 -33.62 -17.34 -26.93
C MET E 59 -34.41 -18.64 -26.85
N PRO E 60 -35.05 -19.08 -27.94
CA PRO E 60 -35.79 -20.35 -27.89
C PRO E 60 -34.88 -21.51 -27.55
N SER E 61 -35.43 -22.46 -26.78
CA SER E 61 -34.68 -23.65 -26.37
C SER E 61 -34.76 -24.68 -27.48
N THR E 62 -33.94 -24.48 -28.50
CA THR E 62 -33.88 -25.37 -29.65
C THR E 62 -32.82 -26.44 -29.41
N SER E 63 -32.58 -27.29 -30.41
CA SER E 63 -31.59 -28.36 -30.33
C SER E 63 -30.30 -28.02 -31.07
N ASP E 64 -30.42 -27.50 -32.30
CA ASP E 64 -29.24 -27.14 -33.08
C ASP E 64 -29.41 -25.82 -33.82
N SER E 65 -30.50 -25.08 -33.58
CA SER E 65 -30.76 -23.80 -34.25
C SER E 65 -30.36 -22.69 -33.29
N SER E 66 -29.10 -22.27 -33.38
CA SER E 66 -28.59 -21.20 -32.53
C SER E 66 -29.05 -19.85 -33.07
N PRO E 67 -29.72 -19.03 -32.26
CA PRO E 67 -30.12 -17.70 -32.75
C PRO E 67 -28.90 -16.83 -33.04
N SER E 68 -29.12 -15.85 -33.93
CA SER E 68 -28.03 -14.95 -34.31
C SER E 68 -27.52 -14.13 -33.14
N ILE E 69 -28.32 -13.98 -32.08
CA ILE E 69 -27.88 -13.23 -30.91
C ILE E 69 -26.66 -13.88 -30.28
N ALA E 70 -26.55 -15.22 -30.38
CA ALA E 70 -25.40 -15.91 -29.81
C ALA E 70 -24.10 -15.46 -30.49
N GLN E 71 -24.13 -15.30 -31.82
CA GLN E 71 -22.94 -14.87 -32.53
C GLN E 71 -22.53 -13.46 -32.11
N TYR E 72 -23.50 -12.58 -31.91
CA TYR E 72 -23.18 -11.22 -31.47
C TYR E 72 -22.50 -11.22 -30.11
N PHE E 73 -22.99 -12.04 -29.18
CA PHE E 73 -22.38 -12.12 -27.85
C PHE E 73 -21.04 -12.84 -27.89
N ALA E 74 -20.78 -13.65 -28.93
CA ALA E 74 -19.51 -14.34 -29.02
C ALA E 74 -18.35 -13.37 -29.12
N SER E 75 -18.51 -12.33 -29.95
CA SER E 75 -17.46 -11.32 -30.07
C SER E 75 -17.41 -10.38 -28.87
N THR E 76 -18.55 -10.18 -28.20
CA THR E 76 -18.57 -9.31 -27.03
C THR E 76 -17.76 -9.92 -25.88
N MET E 77 -17.82 -11.24 -25.71
CA MET E 77 -17.07 -11.87 -24.65
C MET E 77 -15.57 -11.73 -24.85
N ILE E 78 -15.11 -11.71 -26.12
CA ILE E 78 -13.70 -11.54 -26.39
C ILE E 78 -13.24 -10.14 -26.00
N ILE E 79 -14.08 -9.12 -26.26
CA ILE E 79 -13.72 -7.75 -25.91
C ILE E 79 -13.55 -7.61 -24.41
N VAL E 80 -14.48 -8.18 -23.64
CA VAL E 80 -14.39 -8.13 -22.18
C VAL E 80 -13.51 -9.23 -21.62
N GLY E 81 -13.38 -10.36 -22.30
CA GLY E 81 -12.50 -11.41 -21.82
C GLY E 81 -11.04 -11.02 -21.88
N LEU E 82 -10.64 -10.35 -22.96
CA LEU E 82 -9.25 -9.89 -23.07
C LEU E 82 -8.99 -8.71 -22.15
N SER E 83 -10.01 -7.90 -21.86
CA SER E 83 -9.83 -6.77 -20.96
C SER E 83 -9.41 -7.23 -19.57
N VAL E 84 -10.03 -8.28 -19.06
CA VAL E 84 -9.65 -8.81 -17.75
C VAL E 84 -8.21 -9.32 -17.78
N VAL E 85 -7.83 -9.99 -18.86
CA VAL E 85 -6.46 -10.50 -18.97
C VAL E 85 -5.47 -9.35 -18.97
N VAL E 86 -5.83 -8.24 -19.62
CA VAL E 86 -4.93 -7.08 -19.66
C VAL E 86 -4.69 -6.55 -18.25
N THR E 87 -5.76 -6.44 -17.45
CA THR E 87 -5.62 -5.96 -16.08
C THR E 87 -4.84 -6.94 -15.20
N VAL E 88 -4.68 -8.19 -15.64
CA VAL E 88 -3.96 -9.19 -14.89
C VAL E 88 -2.52 -9.33 -15.38
N ILE E 89 -2.32 -9.35 -16.69
CA ILE E 89 -0.97 -9.45 -17.24
C ILE E 89 -0.15 -8.23 -16.87
N VAL E 90 -0.77 -7.05 -16.87
CA VAL E 90 -0.08 -5.83 -16.49
C VAL E 90 0.41 -5.91 -15.06
N LEU E 91 -0.39 -6.52 -14.17
CA LEU E 91 -0.01 -6.64 -12.77
C LEU E 91 1.28 -7.45 -12.61
N GLN E 92 1.56 -8.36 -13.54
CA GLN E 92 2.78 -9.16 -13.43
C GLN E 92 4.02 -8.28 -13.50
N TYR E 93 4.05 -7.32 -14.42
CA TYR E 93 5.20 -6.44 -14.54
C TYR E 93 5.20 -5.37 -13.46
N HIS E 94 4.03 -4.91 -13.01
CA HIS E 94 3.97 -3.92 -11.96
C HIS E 94 4.58 -4.47 -10.67
N HIS E 95 4.18 -5.68 -10.27
CA HIS E 95 4.75 -6.37 -9.12
C HIS E 95 5.78 -7.38 -9.64
N HIS E 96 6.95 -6.85 -10.01
CA HIS E 96 7.99 -7.68 -10.60
C HIS E 96 8.41 -8.78 -9.63
N ASP E 97 8.60 -9.98 -10.17
CA ASP E 97 9.01 -11.14 -9.39
C ASP E 97 10.19 -11.80 -10.09
N PRO E 98 11.32 -12.02 -9.42
CA PRO E 98 12.45 -12.68 -10.09
C PRO E 98 12.10 -14.06 -10.62
N ASP E 99 11.20 -14.78 -9.96
CA ASP E 99 10.84 -16.14 -10.36
C ASP E 99 9.79 -16.05 -11.47
N GLY E 100 10.27 -15.73 -12.67
CA GLY E 100 9.40 -15.65 -13.83
C GLY E 100 8.53 -14.42 -13.83
N GLY E 101 7.58 -14.41 -14.76
CA GLY E 101 6.66 -13.30 -14.89
C GLY E 101 7.33 -12.00 -15.26
N LYS E 102 8.29 -12.04 -16.18
CA LYS E 102 9.00 -10.85 -16.62
C LYS E 102 9.20 -10.92 -18.13
N MET E 103 9.29 -9.74 -18.74
CA MET E 103 9.49 -9.68 -20.19
C MET E 103 10.92 -10.10 -20.53
N PRO E 104 11.12 -11.01 -21.48
CA PRO E 104 12.48 -11.40 -21.84
C PRO E 104 13.29 -10.21 -22.34
N LYS E 105 14.59 -10.24 -22.05
CA LYS E 105 15.46 -9.14 -22.45
C LYS E 105 15.48 -8.97 -23.97
N TRP E 106 15.49 -10.08 -24.70
CA TRP E 106 15.49 -9.99 -26.17
C TRP E 106 14.25 -9.27 -26.68
N THR E 107 13.08 -9.58 -26.11
CA THR E 107 11.85 -8.90 -26.52
C THR E 107 11.80 -7.48 -25.97
N ARG E 108 12.39 -7.24 -24.79
CA ARG E 108 12.36 -5.90 -24.22
C ARG E 108 13.13 -4.91 -25.08
N VAL E 109 14.26 -5.34 -25.65
CA VAL E 109 15.06 -4.44 -26.48
C VAL E 109 14.25 -3.98 -27.68
N ILE E 110 13.50 -4.90 -28.30
CA ILE E 110 12.68 -4.53 -29.45
C ILE E 110 11.60 -3.53 -29.05
N LEU E 111 11.06 -3.66 -27.84
CA LEU E 111 10.01 -2.76 -27.37
C LEU E 111 10.54 -1.43 -26.87
N LEU E 112 11.86 -1.25 -26.79
CA LEU E 112 12.41 0.01 -26.33
C LEU E 112 12.03 1.16 -27.26
N ASN E 113 11.84 0.87 -28.54
CA ASN E 113 11.44 1.90 -29.50
C ASN E 113 9.94 2.12 -29.56
N TRP E 114 9.14 1.16 -29.09
CA TRP E 114 7.69 1.32 -29.12
C TRP E 114 7.25 2.49 -28.27
N CYS E 115 7.81 2.63 -27.07
CA CYS E 115 7.44 3.75 -26.21
C CYS E 115 7.92 5.08 -26.78
N ALA E 116 9.10 5.09 -27.40
CA ALA E 116 9.61 6.33 -27.98
C ALA E 116 8.76 6.78 -29.17
N TRP E 117 8.22 5.83 -29.94
CA TRP E 117 7.40 6.18 -31.09
C TRP E 117 6.02 6.69 -30.68
N PHE E 118 5.60 6.44 -29.44
CA PHE E 118 4.28 6.92 -29.00
C PHE E 118 4.21 8.44 -29.05
N LEU E 119 5.27 9.12 -28.57
CA LEU E 119 5.28 10.58 -28.62
C LEU E 119 5.43 11.08 -30.05
N ARG E 120 6.35 10.49 -30.81
CA ARG E 120 6.58 10.86 -32.21
C ARG E 120 6.68 9.58 -33.02
N MET E 121 5.57 9.21 -33.67
CA MET E 121 5.55 7.99 -34.47
C MET E 121 6.47 8.11 -35.67
N LYS E 122 7.02 6.98 -36.10
CA LYS E 122 7.91 6.95 -37.27
C LYS E 122 7.16 7.17 -38.58
N ARG E 123 5.83 7.17 -38.56
CA ARG E 123 5.06 7.37 -39.77
C ARG E 123 5.19 8.81 -40.25
N PRO E 124 4.88 9.08 -41.53
CA PRO E 124 5.00 10.45 -42.04
C PRO E 124 4.10 11.44 -41.32
N GLY E 125 3.05 10.97 -40.64
CA GLY E 125 2.15 11.89 -39.95
C GLY E 125 2.85 12.70 -38.88
N GLU E 126 3.84 12.12 -38.21
CA GLU E 126 4.58 12.81 -37.16
C GLU E 126 6.02 13.15 -37.56
N ASP E 127 6.65 12.33 -38.38
CA ASP E 127 8.02 12.61 -38.81
C ASP E 127 8.10 13.73 -39.84
N LYS E 128 7.00 14.01 -40.54
CA LYS E 128 7.00 15.05 -41.57
C LYS E 128 6.55 16.40 -41.01
N VAL E 129 5.63 16.41 -40.06
CA VAL E 129 5.14 17.66 -39.47
C VAL E 129 6.07 17.98 -38.31
N ARG E 130 7.18 18.64 -38.64
CA ARG E 130 8.18 19.03 -37.66
C ARG E 130 9.23 19.88 -38.37
N PRO E 131 10.06 20.62 -37.61
CA PRO E 131 11.11 21.42 -38.25
C PRO E 131 12.11 20.56 -39.00
N ALA E 132 12.16 20.71 -40.32
CA ALA E 132 13.07 19.95 -41.17
C ALA E 132 13.70 20.89 -42.19
N CYS E 133 14.99 20.71 -42.43
CA CYS E 133 15.72 21.54 -43.38
C CYS E 133 16.98 20.79 -43.78
N GLN E 134 17.76 21.42 -44.67
CA GLN E 134 19.02 20.86 -45.15
C GLN E 134 20.21 21.23 -44.26
N HIS E 135 19.97 21.94 -43.17
CA HIS E 135 21.05 22.35 -42.28
C HIS E 135 21.45 21.18 -41.39
N LYS E 136 22.23 21.46 -40.35
CA LYS E 136 22.72 20.41 -39.46
C LYS E 136 21.60 19.67 -38.72
N GLN E 137 20.35 20.14 -38.84
CA GLN E 137 19.26 19.44 -38.17
C GLN E 137 19.08 18.03 -38.70
N ARG E 138 19.22 17.84 -40.02
CA ARG E 138 19.05 16.56 -40.66
C ARG E 138 20.33 16.12 -41.37
N ARG E 139 21.47 16.32 -40.71
CA ARG E 139 22.76 15.94 -41.25
C ARG E 139 23.26 14.65 -40.59
N CYS E 140 24.30 14.07 -41.18
CA CYS E 140 24.91 12.85 -40.70
C CYS E 140 26.33 13.13 -40.21
N SER E 141 26.66 12.60 -39.05
CA SER E 141 27.97 12.80 -38.45
C SER E 141 28.28 11.60 -37.55
N LEU E 142 29.37 11.70 -36.80
CA LEU E 142 29.76 10.61 -35.91
C LEU E 142 28.80 10.46 -34.75
N ALA E 143 28.20 11.56 -34.28
CA ALA E 143 27.27 11.48 -33.16
C ALA E 143 26.02 10.70 -33.54
N SER E 144 25.50 10.92 -34.75
CA SER E 144 24.30 10.20 -35.16
C SER E 144 24.63 8.74 -35.50
N VAL E 145 25.75 8.50 -36.16
CA VAL E 145 26.16 7.15 -36.53
C VAL E 145 27.02 6.61 -35.40
N GLU E 146 26.42 5.82 -34.52
CA GLU E 146 27.09 5.23 -33.37
C GLU E 146 27.25 3.71 -33.54
N MET E 147 27.44 3.26 -34.77
CA MET E 147 27.61 1.83 -35.03
C MET E 147 28.94 1.31 -34.49
N SER E 148 29.90 2.19 -34.20
CA SER E 148 31.20 1.81 -33.68
C SER E 148 31.30 2.07 -32.18
N ALA E 149 30.21 1.90 -31.45
CA ALA E 149 30.17 2.12 -30.00
C ALA E 149 30.59 3.56 -29.68
N VAL E 150 29.99 4.51 -30.39
CA VAL E 150 30.26 5.93 -30.18
C VAL E 150 29.31 6.46 -29.12
N ALA E 151 29.81 7.38 -28.30
CA ALA E 151 28.99 7.94 -27.23
C ALA E 151 27.82 8.71 -27.82
N PRO E 152 26.59 8.45 -27.41
CA PRO E 152 25.45 9.20 -27.94
C PRO E 152 25.54 10.67 -27.55
N PRO E 153 24.62 11.50 -28.02
CA PRO E 153 24.65 12.91 -27.67
C PRO E 153 24.52 13.09 -26.16
N PRO E 154 25.10 14.15 -25.61
CA PRO E 154 25.04 14.34 -24.15
C PRO E 154 23.66 14.76 -23.67
N ALA E 155 22.76 13.79 -23.54
CA ALA E 155 21.40 14.03 -23.09
C ALA E 155 21.21 13.49 -21.67
N SER E 156 20.33 14.14 -20.92
CA SER E 156 20.04 13.76 -19.54
C SER E 156 19.06 12.60 -19.43
N ASN E 157 18.77 11.91 -20.53
CA ASN E 157 17.85 10.78 -20.51
C ASN E 157 18.53 9.45 -20.22
N GLY E 158 19.83 9.46 -19.96
CA GLY E 158 20.56 8.23 -19.67
C GLY E 158 21.72 8.01 -20.61
N ASN E 159 22.16 9.07 -21.30
CA ASN E 159 23.27 8.99 -22.23
C ASN E 159 24.54 9.68 -21.73
N LEU E 160 24.42 10.67 -20.85
CA LEU E 160 25.56 11.40 -20.32
C LEU E 160 25.90 11.00 -18.89
N LEU E 161 24.90 10.91 -18.01
CA LEU E 161 25.17 10.56 -16.62
C LEU E 161 25.71 9.14 -16.51
N TYR E 162 25.11 8.19 -17.23
CA TYR E 162 25.58 6.81 -17.17
C TYR E 162 27.00 6.69 -17.73
N ILE E 163 27.28 7.38 -18.83
CA ILE E 163 28.61 7.30 -19.43
C ILE E 163 29.59 8.22 -18.69
N GLY E 164 29.09 9.29 -18.07
CA GLY E 164 29.97 10.20 -17.34
C GLY E 164 30.49 9.63 -16.03
N PHE E 165 29.81 8.63 -15.48
CA PHE E 165 30.20 8.00 -14.23
C PHE E 165 30.73 6.59 -14.43
N ARG E 166 30.01 5.76 -15.18
CA ARG E 166 30.42 4.38 -15.41
C ARG E 166 31.13 4.17 -16.74
N GLY E 167 30.77 4.95 -17.77
CA GLY E 167 31.39 4.78 -19.07
C GLY E 167 32.86 5.18 -19.09
N LEU E 168 33.26 6.06 -18.19
CA LEU E 168 34.65 6.51 -18.11
C LEU E 168 35.45 5.55 -17.23
N ASP E 169 35.60 4.33 -17.75
CA ASP E 169 36.35 3.27 -17.07
C ASP E 169 37.82 3.43 -17.41
N GLY E 170 38.54 4.16 -16.55
CA GLY E 170 39.95 4.41 -16.77
C GLY E 170 40.33 5.87 -16.57
N VAL E 171 39.33 6.73 -16.39
CA VAL E 171 39.54 8.16 -16.19
C VAL E 171 38.92 8.63 -14.88
N HIS E 172 37.64 8.35 -14.67
CA HIS E 172 36.94 8.76 -13.46
C HIS E 172 37.05 7.70 -12.37
N CYS E 173 36.59 6.48 -12.65
CA CYS E 173 36.67 5.42 -11.65
C CYS E 173 38.12 5.10 -11.30
N VAL E 174 38.99 5.03 -12.30
CA VAL E 174 40.40 4.73 -12.10
C VAL E 174 41.23 5.82 -12.78
N PRO E 175 41.51 6.93 -12.10
CA PRO E 175 42.29 8.00 -12.73
C PRO E 175 43.74 7.59 -12.95
N THR E 176 43.96 6.69 -13.92
CA THR E 176 45.33 6.26 -14.22
C THR E 176 46.20 7.41 -14.70
N PRO E 177 45.77 8.23 -15.67
CA PRO E 177 46.65 9.33 -16.15
C PRO E 177 46.66 10.54 -15.23
N ASP E 178 47.45 10.42 -14.15
CA ASP E 178 47.64 11.49 -13.19
C ASP E 178 48.95 12.24 -13.39
N SER E 179 49.72 11.91 -14.42
CA SER E 179 51.00 12.55 -14.69
C SER E 179 50.77 13.78 -15.55
N GLY E 180 50.66 14.95 -14.92
CA GLY E 180 50.47 16.19 -15.63
C GLY E 180 49.05 16.48 -16.05
N VAL E 181 48.08 15.67 -15.63
CA VAL E 181 46.68 15.88 -16.00
C VAL E 181 45.87 16.16 -14.74
N VAL E 182 45.87 15.22 -13.81
CA VAL E 182 45.10 15.32 -12.57
C VAL E 182 45.98 15.78 -11.41
N CYS E 183 47.06 15.06 -11.16
CA CYS E 183 47.97 15.39 -10.05
C CYS E 183 49.10 16.31 -10.47
N GLY E 184 49.13 16.75 -11.73
CA GLY E 184 50.17 17.64 -12.20
C GLY E 184 49.62 18.87 -12.88
N ARG E 185 48.45 19.34 -12.43
CA ARG E 185 47.81 20.51 -13.00
C ARG E 185 47.29 21.38 -11.86
N MET E 186 47.18 22.68 -12.13
CA MET E 186 46.73 23.65 -11.14
C MET E 186 45.22 23.75 -11.04
N ALA E 187 44.48 22.93 -11.79
CA ALA E 187 43.02 22.98 -11.77
C ALA E 187 42.51 22.25 -10.54
N CYS E 188 42.51 22.96 -9.42
CA CYS E 188 42.05 22.43 -8.14
C CYS E 188 42.80 21.15 -7.78
N SER E 189 44.11 21.14 -8.02
CA SER E 189 44.94 19.99 -7.72
C SER E 189 46.38 20.47 -7.56
N PRO E 190 47.16 19.84 -6.68
CA PRO E 190 48.57 20.25 -6.54
C PRO E 190 49.36 19.95 -7.81
N THR E 191 50.39 20.77 -8.04
CA THR E 191 51.26 20.62 -9.20
C THR E 191 52.48 19.80 -8.80
N HIS E 192 52.26 18.49 -8.73
CA HIS E 192 53.33 17.54 -8.34
C HIS E 192 53.91 17.91 -6.99
N ASP E 193 53.05 18.35 -6.07
CA ASP E 193 53.47 18.74 -4.73
C ASP E 193 53.36 17.52 -3.83
N GLU E 194 54.48 16.83 -3.62
CA GLU E 194 54.50 15.65 -2.77
C GLU E 194 54.59 15.98 -1.29
N HIS E 195 54.87 17.24 -0.94
CA HIS E 195 54.97 17.67 0.44
C HIS E 195 53.76 18.48 0.89
N LEU E 196 52.61 18.29 0.24
CA LEU E 196 51.40 19.03 0.58
C LEU E 196 50.78 18.38 1.81
N LEU E 197 51.21 18.85 2.97
CA LEU E 197 50.73 18.35 4.26
C LEU E 197 49.83 19.41 4.91
N HIS E 198 49.11 18.97 5.94
CA HIS E 198 48.19 19.84 6.68
C HIS E 198 48.97 20.57 7.78
N GLY E 199 49.82 21.49 7.33
CA GLY E 199 50.63 22.26 8.27
C GLY E 199 51.58 21.40 9.07
N GLY E 200 52.24 20.45 8.42
CA GLY E 200 53.14 19.53 9.10
C GLY E 200 52.50 18.27 9.62
N GLN E 201 51.19 18.14 9.51
CA GLN E 201 50.45 16.97 9.97
C GLN E 201 49.89 16.19 8.78
N PRO E 202 49.54 14.92 9.00
CA PRO E 202 48.98 14.14 7.88
C PRO E 202 47.73 14.78 7.36
N PRO E 203 47.47 14.67 6.04
CA PRO E 203 46.28 15.32 5.48
C PRO E 203 44.98 14.85 6.09
N GLU E 204 44.90 13.58 6.50
CA GLU E 204 43.67 13.05 7.09
C GLU E 204 43.64 13.42 8.57
N GLY E 205 42.71 14.30 8.94
CA GLY E 205 42.60 14.71 10.33
C GLY E 205 42.20 13.57 11.25
N ASP E 206 41.29 12.73 10.79
CA ASP E 206 40.82 11.60 11.59
C ASP E 206 40.49 10.41 10.68
N PRO E 207 41.19 9.29 10.80
CA PRO E 207 40.84 8.13 9.98
C PRO E 207 39.45 7.58 10.26
N ASP E 208 38.85 7.92 11.41
CA ASP E 208 37.52 7.42 11.72
C ASP E 208 36.47 7.91 10.72
N LEU E 209 36.74 9.00 10.01
CA LEU E 209 35.77 9.49 9.03
C LEU E 209 35.62 8.50 7.88
N ALA E 210 36.67 7.73 7.56
CA ALA E 210 36.56 6.76 6.49
C ALA E 210 35.53 5.69 6.80
N LYS E 211 35.48 5.24 8.07
CA LYS E 211 34.48 4.25 8.45
C LYS E 211 33.07 4.80 8.30
N ILE E 212 32.86 6.06 8.68
CA ILE E 212 31.55 6.68 8.53
C ILE E 212 31.17 6.77 7.06
N LEU E 213 32.15 7.04 6.19
CA LEU E 213 31.87 7.15 4.77
C LEU E 213 31.34 5.84 4.21
N GLU E 214 31.93 4.71 4.63
CA GLU E 214 31.46 3.42 4.16
C GLU E 214 30.02 3.17 4.57
N GLU E 215 29.68 3.48 5.82
CA GLU E 215 28.30 3.34 6.27
C GLU E 215 27.38 4.33 5.55
N VAL E 216 27.85 5.58 5.38
CA VAL E 216 27.05 6.57 4.66
C VAL E 216 26.90 6.18 3.21
N ARG E 217 27.95 5.60 2.61
CA ARG E 217 27.88 5.20 1.22
C ARG E 217 26.81 4.15 0.99
N TYR E 218 26.70 3.18 1.91
CA TYR E 218 25.67 2.16 1.79
C TYR E 218 24.28 2.78 1.83
N ILE E 219 24.06 3.75 2.73
CA ILE E 219 22.77 4.42 2.81
C ILE E 219 22.47 5.13 1.49
N ALA E 220 23.45 5.83 0.94
CA ALA E 220 23.26 6.46 -0.37
C ALA E 220 23.20 5.42 -1.48
N ASN E 221 23.94 4.32 -1.34
CA ASN E 221 23.89 3.27 -2.35
C ASN E 221 22.55 2.55 -2.34
N ARG E 222 21.91 2.46 -1.18
CA ARG E 222 20.59 1.81 -1.11
C ARG E 222 19.57 2.56 -1.95
N PHE E 223 19.61 3.90 -1.89
CA PHE E 223 18.70 4.69 -2.71
C PHE E 223 19.14 4.74 -4.16
N ARG E 224 20.46 4.70 -4.42
CA ARG E 224 20.94 4.74 -5.80
C ARG E 224 20.47 3.53 -6.58
N CYS E 225 20.55 2.34 -5.99
CA CYS E 225 20.08 1.15 -6.68
C CYS E 225 18.56 1.08 -6.70
N GLN E 226 17.90 1.62 -5.65
CA GLN E 226 16.44 1.66 -5.65
C GLN E 226 15.94 2.63 -6.71
N ASP E 227 16.61 3.78 -6.87
CA ASP E 227 16.23 4.72 -7.92
C ASP E 227 16.65 4.21 -9.30
N GLU E 228 17.79 3.51 -9.38
CA GLU E 228 18.21 2.94 -10.65
C GLU E 228 17.28 1.83 -11.11
N SER E 229 16.76 1.03 -10.17
CA SER E 229 15.81 -0.02 -10.53
C SER E 229 14.52 0.55 -11.10
N GLU E 230 14.20 1.81 -10.79
CA GLU E 230 13.01 2.42 -11.38
C GLU E 230 13.16 2.57 -12.88
N ALA E 231 14.35 2.95 -13.35
CA ALA E 231 14.59 3.03 -14.78
C ALA E 231 14.47 1.65 -15.43
N VAL E 232 15.02 0.62 -14.78
CA VAL E 232 14.86 -0.73 -15.27
C VAL E 232 13.39 -1.15 -15.18
N CYS E 233 12.73 -0.82 -14.07
CA CYS E 233 11.31 -1.12 -13.93
C CYS E 233 10.48 -0.32 -14.92
N SER E 234 10.95 0.87 -15.31
CA SER E 234 10.22 1.66 -16.29
C SER E 234 10.11 0.94 -17.62
N GLU E 235 11.19 0.29 -18.05
CA GLU E 235 11.14 -0.50 -19.29
C GLU E 235 10.14 -1.64 -19.16
N TRP E 236 10.12 -2.31 -18.01
CA TRP E 236 9.12 -3.34 -17.77
C TRP E 236 7.72 -2.73 -17.72
N LYS E 237 7.59 -1.54 -17.13
CA LYS E 237 6.29 -0.87 -17.09
C LYS E 237 5.82 -0.53 -18.50
N PHE E 238 6.74 -0.07 -19.37
CA PHE E 238 6.38 0.19 -20.75
C PHE E 238 5.95 -1.08 -21.46
N ALA E 239 6.61 -2.20 -21.17
CA ALA E 239 6.21 -3.47 -21.75
C ALA E 239 4.81 -3.87 -21.31
N ALA E 240 4.40 -3.45 -20.11
CA ALA E 240 3.05 -3.74 -19.65
C ALA E 240 2.01 -2.98 -20.49
N CYS E 241 2.33 -1.75 -20.90
CA CYS E 241 1.42 -0.99 -21.73
C CYS E 241 1.32 -1.54 -23.14
N VAL E 242 2.28 -2.37 -23.57
CA VAL E 242 2.23 -2.94 -24.91
C VAL E 242 1.00 -3.81 -25.07
N VAL E 243 0.74 -4.69 -24.08
CA VAL E 243 -0.46 -5.52 -24.12
C VAL E 243 -1.70 -4.68 -23.92
N ASP E 244 -1.57 -3.53 -23.23
CA ASP E 244 -2.73 -2.69 -22.94
C ASP E 244 -3.03 -1.75 -24.11
N ARG E 245 -2.05 -0.97 -24.54
CA ARG E 245 -2.28 -0.01 -25.61
C ARG E 245 -2.55 -0.70 -26.94
N LEU E 246 -1.85 -1.82 -27.21
CA LEU E 246 -2.04 -2.51 -28.47
C LEU E 246 -3.47 -3.02 -28.61
N CYS E 247 -4.04 -3.54 -27.52
CA CYS E 247 -5.41 -4.04 -27.58
C CYS E 247 -6.40 -2.92 -27.89
N LEU E 248 -6.08 -1.69 -27.51
CA LEU E 248 -6.96 -0.57 -27.83
C LEU E 248 -7.01 -0.32 -29.34
N MET E 249 -5.86 -0.37 -30.01
CA MET E 249 -5.86 -0.21 -31.45
C MET E 249 -6.52 -1.39 -32.15
N ALA E 250 -6.29 -2.61 -31.64
CA ALA E 250 -6.92 -3.78 -32.22
C ALA E 250 -8.43 -3.80 -31.97
N PHE E 251 -8.87 -3.14 -30.89
CA PHE E 251 -10.30 -3.10 -30.60
C PHE E 251 -11.06 -2.38 -31.71
N SER E 252 -10.50 -1.30 -32.25
CA SER E 252 -11.15 -0.59 -33.35
C SER E 252 -11.30 -1.49 -34.56
N VAL E 253 -10.27 -2.27 -34.89
CA VAL E 253 -10.35 -3.20 -36.01
C VAL E 253 -11.43 -4.24 -35.75
N PHE E 254 -11.47 -4.79 -34.54
CA PHE E 254 -12.51 -5.76 -34.20
C PHE E 254 -13.89 -5.10 -34.22
N THR E 255 -13.99 -3.87 -33.72
CA THR E 255 -15.26 -3.17 -33.71
C THR E 255 -15.78 -2.96 -35.14
N ILE E 256 -14.89 -2.60 -36.06
CA ILE E 256 -15.30 -2.40 -37.45
C ILE E 256 -15.82 -3.71 -38.03
N ILE E 257 -15.11 -4.81 -37.78
CA ILE E 257 -15.55 -6.12 -38.27
C ILE E 257 -16.88 -6.50 -37.62
N CYS E 258 -16.99 -6.30 -36.30
CA CYS E 258 -18.22 -6.62 -35.61
C CYS E 258 -19.37 -5.74 -36.09
N THR E 259 -19.11 -4.45 -36.28
CA THR E 259 -20.15 -3.55 -36.76
C THR E 259 -20.61 -3.94 -38.16
N ILE E 260 -19.67 -4.27 -39.03
CA ILE E 260 -20.02 -4.67 -40.39
C ILE E 260 -20.83 -5.96 -40.37
N GLY E 261 -20.41 -6.94 -39.57
CA GLY E 261 -21.14 -8.20 -39.49
C GLY E 261 -22.54 -8.02 -38.94
N ILE E 262 -22.67 -7.23 -37.86
CA ILE E 262 -23.98 -7.00 -37.27
C ILE E 262 -24.87 -6.24 -38.25
N LEU E 263 -24.32 -5.22 -38.91
CA LEU E 263 -25.10 -4.45 -39.87
C LEU E 263 -25.50 -5.27 -41.09
N MET E 264 -24.75 -6.34 -41.40
CA MET E 264 -25.04 -7.17 -42.56
C MET E 264 -25.76 -8.46 -42.21
N SER E 265 -25.62 -8.94 -40.96
CA SER E 265 -26.29 -10.16 -40.55
C SER E 265 -27.63 -9.91 -39.87
N ALA E 266 -27.79 -8.77 -39.20
CA ALA E 266 -29.06 -8.48 -38.54
C ALA E 266 -30.23 -8.42 -39.52
N PRO E 267 -30.13 -7.76 -40.68
CA PRO E 267 -31.28 -7.74 -41.60
C PRO E 267 -31.71 -9.11 -42.07
N ASN E 268 -30.79 -10.07 -42.12
CA ASN E 268 -31.13 -11.41 -42.58
C ASN E 268 -31.65 -12.30 -41.45
N PHE E 269 -31.06 -12.20 -40.26
CA PHE E 269 -31.47 -12.99 -39.10
C PHE E 269 -32.37 -12.20 -38.15
N VAL E 270 -31.91 -11.04 -37.69
CA VAL E 270 -32.69 -10.22 -36.78
C VAL E 270 -33.74 -9.44 -37.56
C1 IVM F . -25.67 6.09 -27.61
O1 IVM F . -26.33 4.82 -24.03
C2 IVM F . -25.84 4.65 -27.06
O2 IVM F . -32.27 5.31 -28.19
C3 IVM F . -24.84 4.39 -25.92
O3 IVM F . -31.01 4.84 -32.38
C4 IVM F . -24.90 2.90 -25.55
O4 IVM F . -33.81 4.53 -32.46
C5 IVM F . -25.14 5.26 -24.69
O5 IVM F . -31.93 4.15 -36.35
C6 IVM F . -26.77 5.74 -23.04
O6 IVM F . -33.54 1.84 -36.06
C7 IVM F . -25.59 6.36 -22.29
O7 IVM F . -35.40 4.30 -34.11
C8 IVM F . -24.39 5.41 -22.28
O8 IVM F . -33.36 6.74 -29.61
C9 IVM F . -23.94 5.21 -23.73
O9 IVM F . -33.25 0.28 -20.69
C10 IVM F . -22.95 6.31 -24.11
O10 IVM F . -31.59 -0.45 -18.95
C11 IVM F . -27.55 4.67 -22.15
O11 IVM F . -27.99 1.53 -22.28
C12 IVM F . -28.72 4.00 -22.94
O12 IVM F . -29.51 3.23 -22.07
C13 IVM F . -29.56 5.08 -23.57
O13 IVM F . -30.69 -0.14 -23.12
C14 IVM F . -28.69 5.87 -24.52
O14 IVM F . -27.67 6.54 -23.83
C15 IVM F . -29.54 6.95 -25.27
C16 IVM F . -30.58 6.29 -26.22
C17 IVM F . -31.95 6.32 -25.99
C18 IVM F . -32.54 7.03 -24.74
C19 IVM F . -32.93 5.66 -26.98
C20 IVM F . -32.12 6.38 -29.08
C21 IVM F . -31.10 5.97 -30.22
C22 IVM F . -31.79 4.97 -31.23
C23 IVM F . -29.72 4.28 -32.15
C24 IVM F . -33.15 5.50 -31.62
C25 IVM F . -34.35 5.13 -33.60
C26 IVM F . -33.24 5.33 -34.68
C27 IVM F . -32.77 3.95 -35.22
C28 IVM F . -30.62 4.61 -36.02
C29 IVM F . -33.96 3.16 -35.64
C30 IVM F . -34.92 3.02 -34.49
C31 IVM F . -36.10 2.14 -34.91
C32 IVM F . -33.94 5.72 -30.36
C33 IVM F . -35.40 6.11 -30.71
C34 IVM F . -33.53 4.41 -26.33
C35 IVM F . -34.32 3.60 -27.37
C36 IVM F . -32.41 3.54 -25.75
C37 IVM F . -32.71 3.09 -24.30
C38 IVM F . -31.78 1.95 -23.82
C39 IVM F . -31.88 1.70 -22.30
C40 IVM F . -33.39 1.44 -21.85
C41 IVM F . -32.10 -0.47 -21.21
C42 IVM F . -31.50 -1.22 -20.10
C43 IVM F . -29.96 -1.56 -20.40
C44 IVM F . -29.13 -0.41 -20.82
C45 IVM F . -29.93 0.88 -21.10
C46 IVM F . -29.05 1.88 -21.86
C47 IVM F . -31.15 0.48 -21.93
C48 IVM F . -29.32 -2.89 -19.93
H1 IVM F . -26.13 6.15 -28.60
H1A IVM F . -24.61 6.32 -27.71
H1B IVM F . -26.15 6.81 -26.95
H2 IVM F . -25.65 3.94 -27.86
H2A IVM F . -26.85 4.52 -26.70
H3 IVM F . -23.84 4.61 -26.26
H4 IVM F . -23.94 2.57 -25.18
H4A IVM F . -25.17 2.32 -26.43
H4B IVM F . -25.66 2.73 -24.77
H5 IVM F . -25.29 6.30 -25.00
HO6 IVM F . -33.15 1.90 -36.93
H7 IVM F . -25.89 6.58 -21.27
H7A IVM F . -25.33 7.31 -22.75
H8 IVM F . -24.67 4.44 -21.85
H8A IVM F . -23.58 5.85 -21.71
H9 IVM F . -23.43 4.24 -23.82
H10 IVM F . -22.10 6.28 -23.43
H10A IVM F . -23.44 7.28 -24.03
H10B IVM F . -22.60 6.16 -25.13
HO10 IVM F . -30.92 -0.74 -18.33
H11 IVM F . -27.97 5.17 -21.28
H11A IVM F . -26.85 3.90 -21.83
H12 IVM F . -28.30 3.37 -23.73
H13 IVM F . -29.95 5.75 -22.79
H13A IVM F . -30.38 4.63 -24.11
HO13 IVM F . -30.74 -1.08 -23.03
H14 IVM F . -28.26 5.19 -25.26
H15 IVM F . -28.86 7.56 -25.88
H15A IVM F . -30.02 7.58 -24.55
H16 IVM F . -30.23 5.78 -27.12
H18 IVM F . -32.11 7.90 -25.26
H18A IVM F . -32.08 7.55 -23.89
H18B IVM F . -32.06 6.18 -24.25
H19 IVM F . -33.74 6.35 -27.20
H20 IVM F . -31.71 7.23 -28.55
H21 IVM F . -30.23 5.49 -29.78
H21A IVM F . -30.79 6.87 -30.76
H22 IVM F . -31.91 4.00 -30.76
H23 IVM F . -29.38 3.79 -33.06
H23A IVM F . -29.78 3.55 -31.35
H23B IVM F . -29.03 5.07 -31.88
H24 IVM F . -33.03 6.45 -32.14
H25 IVM F . -34.77 6.10 -33.35
H26 IVM F . -32.38 5.85 -34.23
H26A IVM F . -33.64 5.93 -35.50
H27 IVM F . -32.24 3.42 -34.44
H28 IVM F . -29.98 4.49 -36.90
H28A IVM F . -30.22 4.03 -35.20
H28B IVM F . -30.67 5.67 -35.76
H29 IVM F . -34.47 3.67 -36.47
H30 IVM F . -34.41 2.56 -33.64
H31 IVM F . -35.77 1.11 -35.03
H31A IVM F . -36.52 2.51 -35.85
H31B IVM F . -36.88 2.17 -34.13
H32 IVM F . -33.94 4.78 -29.78
H33 IVM F . -35.88 5.30 -31.26
H33A IVM F . -35.40 7.01 -31.32
H33B IVM F . -35.95 6.30 -29.79
H34 IVM F . -34.20 4.72 -25.53
H35 IVM F . -34.81 2.77 -26.88
H35A IVM F . -33.63 3.22 -28.14
H35B IVM F . -35.06 4.24 -27.84
H36 IVM F . -32.28 2.66 -26.38
H37 IVM F . -32.59 3.95 -23.63
H38 IVM F . -30.75 2.19 -24.09
H40 IVM F . -33.83 2.35 -21.45
H40A IVM F . -33.99 1.09 -22.69
H41 IVM F . -32.48 -1.19 -21.94
H42 IVM F . -32.06 -2.15 -19.96
H44 IVM F . -28.06 -0.38 -20.59
H45 IVM F . -30.26 1.31 -20.15
H48 IVM F . -28.50 -3.16 -20.59
H48A IVM F . -30.08 -3.68 -19.94
H48B IVM F . -28.95 -2.77 -18.91
C1 IVM G . -36.79 10.25 0.63
O1 IVM G . -35.35 6.69 0.92
C2 IVM G . -36.58 9.15 -0.44
O2 IVM G . -42.61 7.00 1.04
C3 IVM G . -35.11 8.67 -0.46
O3 IVM G . -43.81 10.61 -1.17
C4 IVM G . -34.91 7.75 -1.67
O4 IVM G . -46.20 9.11 -0.91
C5 IVM G . -34.73 7.96 0.85
O5 IVM G . -46.74 12.83 -3.06
C6 IVM G . -35.20 6.09 2.22
O6 IVM G . -47.84 10.85 -4.73
C7 IVM G . -33.83 6.38 2.81
O7 IVM G . -48.42 9.45 -1.41
C8 IVM G . -32.79 6.60 1.70
O8 IVM G . -44.34 8.10 2.04
C9 IVM G . -33.19 7.84 0.90
O9 IVM G . -39.16 -1.24 -0.58
C10 IVM G . -32.61 9.08 1.57
O10 IVM G . -36.79 -2.02 -0.95
C11 IVM G . -35.34 4.58 1.72
O11 IVM G . -35.67 3.15 -1.09
C12 IVM G . -36.72 4.31 1.05
O12 IVM G . -36.87 2.93 0.84
C13 IVM G . -37.80 4.81 1.98
O13 IVM G . -38.33 1.72 -2.37
C14 IVM G . -37.63 6.29 2.17
O14 IVM G . -36.41 6.56 2.83
C15 IVM G . -38.78 6.87 3.05
C16 IVM G . -40.16 6.78 2.30
C17 IVM G . -41.16 5.93 2.70
C18 IVM G . -41.00 4.97 3.92
C19 IVM G . -42.50 5.89 1.93
C20 IVM G . -43.00 8.18 1.66
C21 IVM G . -42.77 9.40 0.67
C22 IVM G . -43.86 9.40 -0.47
C23 IVM G . -42.60 10.85 -1.85
C24 IVM G . -45.21 9.21 0.14
C25 IVM G . -47.29 9.94 -0.68
C26 IVM G . -46.96 11.41 -1.12
C27 IVM G . -46.82 11.48 -2.67
C28 IVM G . -45.48 13.46 -2.78
C29 IVM G . -48.02 10.86 -3.30
C30 IVM G . -48.18 9.44 -2.81
C31 IVM G . -49.37 8.79 -3.52
C32 IVM G . -45.20 7.95 0.95
C33 IVM G . -46.63 7.64 1.48
C34 IVM G . -42.60 4.59 1.16
C35 IVM G . -43.81 4.62 0.20
C36 IVM G . -41.33 4.35 0.35
C37 IVM G . -40.77 2.92 0.54
C38 IVM G . -39.70 2.56 -0.51
C39 IVM G . -38.93 1.25 -0.16
C40 IVM G . -39.94 0.04 0.07
C41 IVM G . -38.45 -0.58 -1.70
C42 IVM G . -37.32 -1.42 -2.09
C43 IVM G . -36.18 -0.55 -2.82
C44 IVM G . -35.75 0.67 -2.09
C45 IVM G . -36.61 1.00 -0.86
C46 IVM G . -36.33 2.44 -0.41
C47 IVM G . -38.07 0.84 -1.28
C48 IVM G . -35.34 -1.14 -3.98
H1 IVM G . -37.72 10.78 0.42
H1A IVM G . -35.96 10.95 0.60
H1B IVM G . -36.85 9.79 1.62
H2 IVM G . -36.84 9.55 -1.41
H2A IVM G . -37.23 8.30 -0.22
H3 IVM G . -34.47 9.55 -0.58
H4 IVM G . -33.89 7.83 -2.03
H4A IVM G . -35.60 8.04 -2.47
H4B IVM G . -35.11 6.71 -1.39
H5 IVM G . -35.06 8.56 1.69
HO6 IVM G . -48.00 11.72 -5.08
H7 IVM G . -33.54 5.55 3.44
H7A IVM G . -33.89 7.27 3.45
H8 IVM G . -32.76 5.73 1.05
H8A IVM G . -31.81 6.75 2.16
H9 IVM G . -32.79 7.75 -0.11
H10 IVM G . -31.52 8.99 1.62
H10A IVM G . -33.01 9.17 2.58
H10B IVM G . -32.87 9.97 0.99
HO10 IVM G . -35.88 -2.27 -1.13
H11 IVM G . -35.23 3.92 2.58
H11A IVM G . -34.54 4.37 1.00
H12 IVM G . -36.78 4.86 0.12
H13 IVM G . -37.72 4.30 2.94
H13A IVM G . -38.78 4.61 1.54
HO13 IVM G . -38.29 1.23 -3.19
H14 IVM G . -37.64 6.77 1.20
H15 IVM G . -38.56 7.92 3.25
H15A IVM G . -38.81 6.34 3.99
H16 IVM G . -40.32 7.42 1.45
H18 IVM G . -40.96 5.94 4.43
H18A IVM G . -40.17 4.79 4.61
H18B IVM G . -40.31 4.49 3.23
H19 IVM G . -43.32 5.94 2.65
H20 IVM G . -42.40 8.35 2.54
H21 IVM G . -41.78 9.30 0.22
H21A IVM G . -42.83 10.34 1.22
H22 IVM G . -43.65 8.57 -1.16
H23 IVM G . -42.79 11.51 -2.70
H23A IVM G . -42.18 9.91 -2.21
H23B IVM G . -41.89 11.33 -1.18
H24 IVM G . -45.44 10.06 0.79
H25 IVM G . -47.54 9.94 0.38
H26 IVM G . -46.01 11.72 -0.65
H26A IVM G . -47.76 12.06 -0.80
H27 IVM G . -45.93 10.94 -2.97
H28 IVM G . -45.41 14.39 -3.34
H28A IVM G . -44.67 12.79 -3.08
H28B IVM G . -45.41 13.66 -1.72
H29 IVM G . -48.91 11.44 -3.04
H30 IVM G . -47.27 8.89 -3.01
H31 IVM G . -49.12 8.63 -4.56
H31A IVM G . -50.25 9.44 -3.45
H31B IVM G . -49.59 7.83 -3.06
H32 IVM G . -44.85 7.12 0.32
H33 IVM G . -47.29 7.47 0.63
H33A IVM G . -46.98 8.48 2.07
H33B IVM G . -46.60 6.75 2.09
H34 IVM G . -42.74 3.75 1.86
H35 IVM G . -43.93 3.66 -0.28
H35A IVM G . -43.64 5.39 -0.56
H35B IVM G . -44.72 4.87 0.76
H36 IVM G . -41.53 4.53 -0.70
H37 IVM G . -40.33 2.84 1.53
H38 IVM G . -38.99 3.39 -0.60
H40 IVM G . -40.12 -0.11 1.14
H40A IVM G . -40.89 0.23 -0.44
H41 IVM G . -39.13 -0.52 -2.54
H42 IVM G . -37.68 -2.20 -2.78
H44 IVM G . -34.74 1.05 -2.20
H45 IVM G . -36.38 0.31 -0.06
H48 IVM G . -35.00 -0.34 -4.64
H48A IVM G . -35.95 -1.84 -4.56
H48B IVM G . -34.48 -1.67 -3.58
C1 IVM H . -30.86 -14.92 16.89
O1 IVM H . -29.37 -15.88 13.47
C2 IVM H . -31.23 -14.45 15.46
O2 IVM H . -35.39 -19.53 15.23
C3 IVM H . -30.00 -13.89 14.73
O3 IVM H . -37.74 -16.98 17.96
C4 IVM H . -30.46 -13.26 13.40
O4 IVM H . -39.55 -19.00 17.17
C5 IVM H . -28.94 -14.98 14.48
O5 IVM H . -41.29 -16.10 19.87
C6 IVM H . -28.52 -17.03 13.37
O6 IVM H . -43.06 -16.23 17.68
C7 IVM H . -27.07 -16.66 13.58
O7 IVM H . -41.69 -19.61 17.74
C8 IVM H . -26.79 -15.21 13.16
O8 IVM H . -36.34 -20.69 16.97
C9 IVM H . -27.61 -14.29 14.08
O9 IVM H . -33.11 -19.98 6.47
C10 IVM H . -26.80 -13.98 15.33
O10 IVM H . -31.28 -18.81 5.15
C11 IVM H . -28.85 -17.35 11.84
O11 IVM H . -30.62 -16.00 9.58
C12 IVM H . -30.36 -17.66 11.64
O12 IVM H . -30.56 -18.15 10.33
C13 IVM H . -30.79 -18.70 12.64
O13 IVM H . -33.49 -16.97 8.34
C14 IVM H . -30.58 -18.14 14.02
O14 IVM H . -29.22 -17.92 14.26
C15 IVM H . -31.10 -19.15 15.10
C16 IVM H . -32.65 -19.33 15.02
C17 IVM H . -33.25 -20.49 14.58
C18 IVM H . -32.41 -21.73 14.15
C19 IVM H . -34.78 -20.60 14.54
C20 IVM H . -35.44 -19.69 16.63
C21 IVM H . -35.82 -18.32 17.32
C22 IVM H . -37.35 -18.02 17.12
C23 IVM H . -37.10 -15.73 17.69
C24 IVM H . -38.16 -19.24 17.45
C25 IVM H . -40.36 -19.38 18.22
C26 IVM H . -40.37 -18.27 19.33
C27 IVM H . -41.10 -17.00 18.80
C28 IVM H . -40.12 -15.41 20.28
C29 IVM H . -42.43 -17.39 18.25
C30 IVM H . -42.25 -18.43 17.18
C31 IVM H . -43.61 -18.77 16.55
C32 IVM H . -37.66 -20.38 16.60
C33 IVM H . -38.54 -21.63 16.78
C34 IVM H . -35.25 -20.62 13.09
C35 IVM H . -36.78 -20.49 13.02
C36 IVM H . -34.60 -19.46 12.33
C37 IVM H . -33.99 -19.91 10.99
C38 IVM H . -33.65 -18.72 10.06
C39 IVM H . -32.77 -19.13 8.85
C40 IVM H . -33.45 -20.34 8.04
C41 IVM H . -33.14 -18.50 6.53
C42 IVM H . -32.38 -17.98 5.39
C43 IVM H . -31.85 -16.48 5.69
C44 IVM H . -31.14 -16.31 6.97
C45 IVM H . -31.21 -17.53 7.90
C46 IVM H . -30.77 -17.14 9.32
C47 IVM H . -32.65 -18.03 7.90
C48 IVM H . -31.75 -15.42 4.55
H1 IVM H . -31.78 -15.00 17.48
H1A IVM H . -30.21 -14.18 17.35
H1B IVM H . -30.36 -15.87 16.85
H2 IVM H . -31.99 -13.68 15.52
H2A IVM H . -31.63 -15.29 14.89
H3 IVM H . -29.55 -13.11 15.34
H4 IVM H . -29.79 -12.44 13.13
H4A IVM H . -31.47 -12.89 13.51
H4B IVM H . -30.43 -14.01 12.60
H5 IVM H . -28.77 -15.54 15.39
HO6 IVM H . -43.41 -15.68 18.37
H7 IVM H . -26.44 -17.33 13.00
H7A IVM H . -26.80 -16.80 14.63
H8 IVM H . -27.09 -15.06 12.13
H8A IVM H . -25.73 -14.99 13.27
H9 IVM H . -27.83 -13.36 13.55
H10 IVM H . -25.87 -13.50 15.05
H10A IVM H . -26.59 -14.90 15.87
H10B IVM H . -27.37 -13.31 15.98
HO10 IVM H . -30.61 -18.32 4.69
H11 IVM H . -28.27 -18.22 11.54
H11A IVM H . -28.57 -16.49 11.23
H12 IVM H . -30.94 -16.76 11.79
H13 IVM H . -30.18 -19.60 12.51
H13A IVM H . -31.83 -18.95 12.49
HO13 IVM H . -33.87 -16.54 7.59
H14 IVM H . -31.13 -17.21 14.10
H15 IVM H . -30.84 -18.76 16.08
H15A IVM H . -30.59 -20.10 14.97
H16 IVM H . -33.28 -18.49 15.33
H18 IVM H . -32.13 -21.68 15.20
H18A IVM H . -31.34 -21.90 14.06
H18B IVM H . -32.20 -21.06 13.32
H19 IVM H . -35.09 -21.54 15.01
H20 IVM H . -34.45 -19.99 16.98
H21 IVM H . -35.24 -17.51 16.87
H21A IVM H . -35.61 -18.38 18.39
H22 IVM H . -37.53 -17.74 16.08
H23 IVM H . -37.75 -14.92 18.02
H23A IVM H . -36.92 -15.64 16.62
H23B IVM H . -36.16 -15.68 18.22
H24 IVM H . -38.01 -19.49 18.50
H25 IVM H . -40.00 -20.31 18.66
H26 IVM H . -39.34 -18.01 19.59
H26A IVM H . -40.89 -18.65 20.21
H27 IVM H . -40.50 -16.54 18.02
H28 IVM H . -40.39 -14.57 20.91
H28A IVM H . -39.58 -15.05 19.41
H28B IVM H . -39.49 -16.09 20.85
H29 IVM H . -43.06 -17.79 19.04
H30 IVM H . -41.59 -18.05 16.41
H31 IVM H . -43.96 -17.92 15.98
H31A IVM H . -44.33 -19.00 17.34
H31B IVM H . -43.52 -19.64 15.90
H32 IVM H . -37.68 -20.08 15.55
H33 IVM H . -39.56 -21.40 16.46
H33A IVM H . -38.56 -21.91 17.85
H33B IVM H . -38.16 -22.45 16.19
H34 IVM H . -34.95 -21.56 12.63
H35 IVM H . -37.11 -20.58 11.99
H35A IVM H . -37.09 -19.50 13.41
H35B IVM H . -37.24 -21.27 13.63
H36 IVM H . -35.36 -18.68 12.14
H37 IVM H . -33.08 -20.47 11.19
H38 IVM H . -33.13 -17.95 10.63
H40 IVM H . -33.02 -21.29 8.32
H40A IVM H . -34.53 -20.36 8.21
H41 IVM H . -34.17 -18.18 6.41
H42 IVM H . -33.02 -17.96 4.51
H44 IVM H . -30.36 -15.56 7.08
H45 IVM H . -30.55 -18.32 7.52
H48 IVM H . -31.85 -14.43 4.98
H48A IVM H . -32.56 -15.59 3.83
H48B IVM H . -30.80 -15.50 4.05
C1 IVM I . -16.15 -34.63 -1.23
O1 IVM I . -16.74 -31.68 -3.65
C2 IVM I . -17.26 -33.54 -1.26
O2 IVM I . -20.68 -37.60 -5.12
C3 IVM I . -16.64 -32.13 -1.26
O3 IVM I . -21.26 -39.79 -1.34
C4 IVM I . -17.77 -31.11 -1.08
O4 IVM I . -23.14 -40.95 -3.10
C5 IVM I . -15.85 -31.85 -2.55
O5 IVM I . -23.22 -42.67 0.87
C6 IVM I . -16.04 -31.66 -4.90
O6 IVM I . -25.89 -41.98 0.30
C7 IVM I . -14.72 -30.92 -4.77
O7 IVM I . -24.59 -42.72 -3.02
C8 IVM I . -14.76 -29.87 -3.66
O8 IVM I . -20.50 -39.87 -5.36
C9 IVM I . -14.99 -30.60 -2.33
O9 IVM I . -23.55 -30.01 -9.17
C10 IVM I . -13.63 -31.01 -1.76
O10 IVM I . -22.78 -27.60 -8.95
C11 IVM I . -17.13 -30.81 -5.68
O11 IVM I . -19.90 -29.44 -4.92
C12 IVM I . -18.50 -31.55 -5.74
O12 IVM I . -19.37 -30.87 -6.63
C13 IVM I . -18.28 -32.95 -6.24
O13 IVM I . -22.94 -30.36 -5.68
C14 IVM I . -17.37 -33.66 -5.26
O14 IVM I . -16.10 -33.05 -5.24
C15 IVM I . -17.18 -35.15 -5.68
C16 IVM I . -18.52 -35.95 -5.56
C17 IVM I . -19.21 -36.42 -6.66
C18 IVM I . -18.71 -36.17 -8.11
C19 IVM I . -20.53 -37.21 -6.47
C20 IVM I . -19.96 -38.74 -4.75
C21 IVM I . -19.95 -38.89 -3.17
C22 IVM I . -21.36 -39.39 -2.67
C23 IVM I . -20.92 -38.75 -0.43
C24 IVM I . -21.80 -40.56 -3.51
C25 IVM I . -23.23 -42.32 -2.90
C26 IVM I . -22.67 -42.70 -1.48
C27 IVM I . -23.61 -42.14 -0.38
C28 IVM I . -22.03 -42.11 1.41
C29 IVM I . -25.01 -42.56 -0.67
C30 IVM I . -25.41 -42.09 -2.05
C31 IVM I . -26.88 -42.46 -2.31
C32 IVM I . -21.82 -40.12 -4.95
C33 IVM I . -22.41 -41.24 -5.83
C34 IVM I . -21.70 -36.35 -6.92
C35 IVM I . -23.02 -37.03 -6.52
C36 IVM I . -21.62 -34.98 -6.27
C37 IVM I . -21.82 -33.83 -7.29
C38 IVM I . -22.08 -32.47 -6.62
C39 IVM I . -21.99 -31.28 -7.61
C40 IVM I . -22.96 -31.50 -8.86
C41 IVM I . -23.59 -29.45 -7.81
C42 IVM I . -23.59 -27.99 -7.90
C43 IVM I . -23.04 -27.33 -6.54
C44 IVM I . -21.75 -27.86 -6.05
C45 IVM I . -21.25 -29.10 -6.82
C46 IVM I . -20.14 -29.79 -6.03
C47 IVM I . -22.45 -30.04 -6.98
C48 IVM I . -23.62 -25.98 -6.00
H1 IVM I . -16.60 -35.57 -0.91
H1A IVM I . -15.38 -34.34 -0.52
H1B IVM I . -15.71 -34.74 -2.21
H2 IVM I . -17.89 -33.66 -0.38
H2A IVM I . -17.87 -33.67 -2.15
H3 IVM I . -15.96 -32.05 -0.41
H4 IVM I . -17.39 -30.23 -0.56
H4A IVM I . -18.57 -31.54 -0.49
H4B IVM I . -18.17 -30.80 -2.05
H5 IVM I . -15.19 -32.69 -2.75
HO6 IVM I . -25.82 -42.45 1.12
H7 IVM I . -14.49 -30.44 -5.73
H7A IVM I . -13.92 -31.64 -4.58
H8 IVM I . -15.59 -29.17 -3.84
H8A IVM I . -13.82 -29.32 -3.63
H9 IVM I . -15.49 -29.92 -1.64
H10 IVM I . -13.02 -30.12 -1.61
H10A IVM I . -13.14 -31.69 -2.45
H10B IVM I . -13.78 -31.50 -0.79
HO10 IVM I . -22.48 -26.70 -8.82
H11 IVM I . -16.79 -30.64 -6.70
H11A IVM I . -17.27 -29.84 -5.18
H12 IVM I . -18.94 -31.59 -4.74
H13 IVM I . -17.80 -32.92 -7.22
H13A IVM I . -19.23 -33.47 -6.30
HO13 IVM I . -23.70 -29.81 -5.48
H14 IVM I . -17.82 -33.63 -4.28
H15 IVM I . -16.44 -35.60 -5.02
H15A IVM I . -16.79 -35.19 -6.69
H16 IVM I . -18.90 -36.17 -4.57
H18 IVM I . -17.90 -36.80 -7.74
H18A IVM I . -17.86 -35.62 -8.51
H18B IVM I . -19.01 -35.15 -7.84
H19 IVM I . -20.49 -38.11 -7.09
H20 IVM I . -18.94 -38.63 -5.09
H21 IVM I . -19.73 -37.92 -2.73
H21A IVM I . -19.19 -39.61 -2.89
H22 IVM I . -22.08 -38.58 -2.76
H23 IVM I . -21.30 -38.99 0.56
H23A IVM I . -21.34 -37.80 -0.78
H23B IVM I . -19.83 -38.66 -0.38
H24 IVM I . -21.10 -41.38 -3.38
H25 IVM I . -22.65 -42.84 -3.66
H26 IVM I . -21.67 -42.27 -1.36
H26A IVM I . -22.61 -43.78 -1.40
H27 IVM I . -23.56 -41.06 -0.36
H28 IVM I . -21.95 -42.37 2.46
H28A IVM I . -22.07 -41.02 1.32
H28B IVM I . -21.17 -42.50 0.87
H29 IVM I . -25.09 -43.65 -0.63
H30 IVM I . -25.29 -41.02 -2.11
H31 IVM I . -27.52 -41.85 -1.67
H31A IVM I . -27.04 -43.52 -2.08
H31B IVM I . -27.13 -42.27 -3.36
H32 IVM I . -22.42 -39.22 -5.05
H33 IVM I . -23.45 -41.42 -5.55
H33A IVM I . -21.84 -42.16 -5.70
H33B IVM I . -22.38 -40.94 -6.87
H34 IVM I . -21.67 -36.24 -8.01
H35 IVM I . -23.86 -36.46 -6.91
H35A IVM I . -23.10 -37.07 -5.42
H35B IVM I . -23.06 -38.05 -6.92
H36 IVM I . -22.38 -34.89 -5.49
H37 IVM I . -20.93 -33.75 -7.91
H38 IVM I . -21.36 -32.32 -5.82
H40 IVM I . -22.41 -31.89 -9.72
H40A IVM I . -23.77 -32.20 -8.60
H41 IVM I . -24.54 -29.76 -7.35
H42 IVM I . -24.62 -27.64 -8.07
H44 IVM I . -21.06 -27.24 -5.48
H45 IVM I . -20.89 -28.81 -7.79
H48 IVM I . -23.50 -25.95 -4.92
H48A IVM I . -24.68 -25.91 -6.26
H48B IVM I . -23.07 -25.16 -6.45
C1 IVM J . -12.99 -21.62 -28.73
O1 IVM J . -14.90 -18.87 -26.81
C2 IVM J . -13.98 -21.71 -27.53
O2 IVM J . -18.82 -22.22 -31.94
C3 IVM J . -13.51 -20.82 -26.36
O3 IVM J . -17.16 -26.27 -32.44
C4 IVM J . -14.39 -21.10 -25.15
O4 IVM J . -19.65 -26.37 -33.77
C5 IVM J . -13.56 -19.32 -26.74
O5 IVM J . -17.49 -30.14 -33.87
C6 IVM J . -15.01 -17.56 -27.38
O6 IVM J . -20.07 -30.77 -32.91
C7 IVM J . -13.85 -16.68 -26.94
O7 IVM J . -20.76 -27.91 -35.06
C8 IVM J . -13.33 -17.10 -25.56
O8 IVM J . -18.71 -22.88 -34.14
C9 IVM J . -12.76 -18.53 -25.69
O9 IVM J . -23.68 -17.47 -25.94
C10 IVM J . -11.30 -18.44 -26.12
O10 IVM J . -23.00 -16.24 -23.83
C11 IVM J . -16.38 -17.18 -26.68
O11 IVM J . -18.32 -18.59 -24.60
C12 IVM J . -17.54 -18.13 -27.10
O12 IVM J . -18.76 -17.63 -26.63
C13 IVM J . -17.57 -18.22 -28.61
O13 IVM J . -21.26 -19.94 -25.11
C14 IVM J . -16.25 -18.79 -29.06
O14 IVM J . -15.20 -17.92 -28.77
C15 IVM J . -16.27 -18.99 -30.62
C16 IVM J . -17.29 -20.10 -31.04
C17 IVM J . -18.46 -19.82 -31.72
C18 IVM J . -18.85 -18.37 -32.12
C19 IVM J . -19.43 -20.95 -32.12
C20 IVM J . -17.97 -22.59 -32.99
C21 IVM J . -17.10 -23.85 -32.56
C22 IVM J . -17.98 -25.15 -32.54
C23 IVM J . -16.41 -26.35 -31.23
C24 IVM J . -18.77 -25.23 -33.82
C25 IVM J . -19.57 -27.14 -34.93
C26 IVM J . -18.32 -28.08 -34.86
C27 IVM J . -18.53 -29.17 -33.78
C28 IVM J . -16.23 -29.69 -33.40
C29 IVM J . -19.85 -29.84 -33.98
C30 IVM J . -20.95 -28.79 -33.97
C31 IVM J . -22.30 -29.50 -34.11
C32 IVM J . -19.57 -23.97 -33.95
C33 IVM J . -20.52 -24.07 -35.17
C34 IVM J . -20.69 -20.86 -31.27
C35 IVM J . -21.56 -22.11 -31.47
C36 IVM J . -20.31 -20.73 -29.79
C37 IVM J . -21.08 -19.59 -29.08
C38 IVM J . -20.97 -19.68 -27.53
C39 IVM J . -21.49 -18.38 -26.84
C40 IVM J . -22.97 -18.03 -27.31
C41 IVM J . -22.99 -18.29 -24.93
C42 IVM J . -23.10 -17.62 -23.63
C43 IVM J . -21.91 -18.09 -22.65
C44 IVM J . -20.55 -18.02 -23.21
C45 IVM J . -20.51 -17.70 -24.72
C46 IVM J . -19.11 -18.02 -25.28
C47 IVM J . -21.57 -18.58 -25.39
C48 IVM J . -22.16 -18.24 -21.11
H1 IVM J . -13.16 -22.47 -29.39
H1A IVM J . -11.98 -21.64 -28.36
H1B IVM J . -13.17 -20.70 -29.28
H2 IVM J . -14.02 -22.74 -27.19
H2A IVM J . -14.97 -21.40 -27.85
H3 IVM J . -12.48 -21.07 -26.12
H4 IVM J . -13.82 -20.93 -24.24
H4A IVM J . -14.73 -22.14 -25.17
H4B IVM J . -15.26 -20.44 -25.14
H5 IVM J . -13.09 -19.18 -27.71
HO6 IVM J . -19.54 -31.55 -33.06
H7 IVM J . -14.20 -15.64 -26.89
H7A IVM J . -13.06 -16.71 -27.67
H8 IVM J . -14.15 -17.10 -24.83
H8A IVM J . -12.53 -16.43 -25.24
H9 IVM J . -12.82 -19.03 -24.72
H10 IVM J . -10.73 -17.87 -25.39
H10A IVM J . -11.23 -17.95 -27.10
H10B IVM J . -10.89 -19.45 -26.20
HO10 IVM J . -22.71 -15.82 -23.02
H11 IVM J . -16.65 -16.16 -26.97
H11A IVM J . -16.26 -17.23 -25.60
H12 IVM J . -17.35 -19.13 -26.69
H13 IVM J . -17.70 -17.22 -29.02
H13A IVM J . -18.38 -18.87 -28.91
HO13 IVM J . -21.80 -20.25 -24.39
H14 IVM J . -16.09 -19.75 -28.59
H15 IVM J . -15.27 -19.31 -30.93
H15A IVM J . -16.50 -18.05 -31.10
H16 IVM J . -17.08 -21.13 -30.79
H18 IVM J . -17.95 -18.49 -32.74
H18A IVM J . -18.36 -17.40 -31.94
H18B IVM J . -18.98 -18.29 -31.04
H19 IVM J . -19.70 -20.84 -33.16
H20 IVM J . -17.30 -21.78 -33.21
H21 IVM J . -16.70 -23.67 -31.56
H21A IVM J . -16.27 -23.97 -33.26
H22 IVM J . -18.67 -25.12 -31.70
H23 IVM J . -16.19 -27.40 -31.01
H23A IVM J . -16.99 -25.92 -30.42
H23B IVM J . -15.48 -25.79 -31.34
H24 IVM J . -18.08 -25.31 -34.66
H25 IVM J . -19.48 -26.49 -35.79
H26 IVM J . -17.43 -27.49 -34.62
H26A IVM J . -18.19 -28.56 -35.83
H27 IVM J . -18.51 -28.70 -32.79
H28 IVM J . -15.57 -30.56 -33.27
H28A IVM J . -16.35 -29.19 -32.44
H28B IVM J . -15.79 -29.01 -34.12
H29 IVM J . -19.85 -30.35 -34.93
H30 IVM J . -20.90 -28.24 -33.04
H31 IVM J . -22.52 -30.05 -33.19
H31A IVM J . -22.28 -30.19 -34.95
H31B IVM J . -23.08 -28.76 -34.26
H32 IVM J . -20.16 -23.82 -33.05
H33 IVM J . -21.23 -24.88 -35.03
H33A IVM J . -19.94 -24.24 -36.07
H33B IVM J . -21.07 -23.13 -35.28
H34 IVM J . -21.26 -19.98 -31.56
H35 IVM J . -22.48 -22.00 -30.92
H35A IVM J . -21.02 -22.99 -31.09
H35B IVM J . -21.76 -22.24 -32.53
H36 IVM J . -20.53 -21.68 -29.28
H37 IVM J . -20.67 -18.64 -29.41
H38 IVM J . -19.93 -19.85 -27.25
H40 IVM J . -22.95 -17.27 -28.08
H40A IVM J . -23.48 -18.92 -27.68
H41 IVM J . -23.52 -19.24 -24.85
H42 IVM J . -24.06 -17.86 -23.18
H44 IVM J . -19.68 -17.84 -22.57
H45 IVM J . -20.74 -16.66 -24.88
H48 IVM J . -21.47 -18.97 -20.71
H48A IVM J . -23.19 -18.55 -20.93
H48B IVM J . -21.97 -17.27 -20.63
N LEU A 7 -50.65 2.06 -6.04
CA LEU A 7 -49.22 2.06 -6.40
C LEU A 7 -48.43 1.18 -5.44
N TYR A 8 -48.75 -0.12 -5.41
CA TYR A 8 -48.04 -1.04 -4.53
C TYR A 8 -46.57 -1.11 -4.90
N TYR A 9 -46.26 -1.20 -6.20
CA TYR A 9 -44.88 -1.26 -6.67
C TYR A 9 -44.34 0.10 -7.07
N GLY A 10 -45.21 1.09 -7.30
CA GLY A 10 -44.72 2.41 -7.68
C GLY A 10 -43.92 3.07 -6.58
N LEU A 11 -44.38 2.97 -5.34
CA LEU A 11 -43.65 3.55 -4.23
C LEU A 11 -42.40 2.75 -3.87
N ASN A 12 -42.41 1.44 -4.15
CA ASN A 12 -41.26 0.60 -3.86
C ASN A 12 -40.21 0.62 -4.96
N LEU A 13 -40.49 1.27 -6.09
CA LEU A 13 -39.56 1.35 -7.20
C LEU A 13 -39.17 2.78 -7.57
N LEU A 14 -39.96 3.78 -7.18
CA LEU A 14 -39.65 5.17 -7.48
C LEU A 14 -38.73 5.80 -6.44
N ILE A 15 -38.92 5.47 -5.16
CA ILE A 15 -38.10 6.06 -4.11
C ILE A 15 -36.63 5.71 -4.30
N PRO A 16 -36.25 4.46 -4.59
CA PRO A 16 -34.82 4.16 -4.80
C PRO A 16 -34.19 4.97 -5.92
N CYS A 17 -34.98 5.41 -6.91
CA CYS A 17 -34.41 6.16 -8.02
C CYS A 17 -33.77 7.45 -7.54
N VAL A 18 -34.43 8.17 -6.63
CA VAL A 18 -33.85 9.40 -6.11
C VAL A 18 -32.79 9.11 -5.05
N LEU A 19 -32.95 8.02 -4.30
CA LEU A 19 -31.95 7.68 -3.28
C LEU A 19 -30.67 7.17 -3.93
N ILE A 20 -30.80 6.35 -4.98
CA ILE A 20 -29.62 5.85 -5.68
C ILE A 20 -28.85 6.99 -6.33
N SER A 21 -29.57 7.92 -6.97
CA SER A 21 -28.90 9.05 -7.59
C SER A 21 -28.22 9.94 -6.56
N ALA A 22 -28.77 10.03 -5.35
CA ALA A 22 -28.16 10.85 -4.31
C ALA A 22 -26.82 10.29 -3.87
N LEU A 23 -26.68 8.96 -3.85
CA LEU A 23 -25.42 8.36 -3.44
C LEU A 23 -24.30 8.68 -4.43
N ALA A 24 -24.62 8.75 -5.72
CA ALA A 24 -23.60 9.05 -6.73
C ALA A 24 -23.07 10.47 -6.61
N LEU A 25 -23.83 11.38 -6.02
CA LEU A 25 -23.36 12.76 -5.86
C LEU A 25 -22.20 12.83 -4.87
N LEU A 26 -22.22 11.99 -3.83
CA LEU A 26 -21.15 12.02 -2.84
C LEU A 26 -19.84 11.46 -3.39
N VAL A 27 -19.90 10.67 -4.46
CA VAL A 27 -18.68 10.09 -5.02
C VAL A 27 -17.81 11.18 -5.64
N PHE A 28 -18.43 12.17 -6.29
CA PHE A 28 -17.68 13.24 -6.92
C PHE A 28 -16.93 14.10 -5.92
N LEU A 29 -17.36 14.13 -4.66
CA LEU A 29 -16.72 14.94 -3.63
C LEU A 29 -15.64 14.18 -2.88
N LEU A 30 -15.41 12.90 -3.18
CA LEU A 30 -14.40 12.14 -2.48
C LEU A 30 -13.01 12.48 -3.02
N PRO A 31 -11.97 12.30 -2.20
CA PRO A 31 -10.61 12.59 -2.66
C PRO A 31 -10.14 11.57 -3.69
N ALA A 32 -9.16 12.00 -4.49
CA ALA A 32 -8.62 11.13 -5.53
C ALA A 32 -7.74 10.02 -4.97
N ASP A 33 -7.11 10.26 -3.81
CA ASP A 33 -6.24 9.25 -3.22
C ASP A 33 -6.99 8.03 -2.72
N SER A 34 -8.31 8.11 -2.59
CA SER A 34 -9.12 6.97 -2.14
C SER A 34 -9.40 6.08 -3.34
N GLY A 35 -8.48 5.14 -3.59
CA GLY A 35 -8.62 4.23 -4.71
C GLY A 35 -9.61 3.10 -4.49
N GLU A 36 -10.07 2.91 -3.26
CA GLU A 36 -11.03 1.86 -2.94
C GLU A 36 -12.47 2.29 -3.15
N LYS A 37 -12.71 3.56 -3.50
CA LYS A 37 -14.07 4.03 -3.74
C LYS A 37 -14.66 3.52 -5.04
N ILE A 38 -13.86 2.88 -5.89
CA ILE A 38 -14.40 2.35 -7.15
C ILE A 38 -15.43 1.27 -6.86
N SER A 39 -15.19 0.46 -5.83
CA SER A 39 -16.15 -0.59 -5.46
C SER A 39 -17.47 -0.01 -4.99
N LEU A 40 -17.49 1.25 -4.54
CA LEU A 40 -18.74 1.85 -4.09
C LEU A 40 -19.75 1.93 -5.22
N GLY A 41 -19.30 2.30 -6.42
CA GLY A 41 -20.20 2.39 -7.55
C GLY A 41 -20.67 1.04 -8.07
N ILE A 42 -19.91 -0.03 -7.82
CA ILE A 42 -20.31 -1.35 -8.29
C ILE A 42 -21.57 -1.81 -7.57
N THR A 43 -21.58 -1.68 -6.23
CA THR A 43 -22.75 -2.11 -5.47
C THR A 43 -23.94 -1.19 -5.75
N VAL A 44 -23.70 0.11 -5.89
CA VAL A 44 -24.79 1.03 -6.18
C VAL A 44 -25.39 0.72 -7.55
N LEU A 45 -24.54 0.49 -8.55
CA LEU A 45 -25.05 0.13 -9.88
C LEU A 45 -25.66 -1.26 -9.86
N LEU A 46 -25.05 -2.20 -9.14
CA LEU A 46 -25.59 -3.55 -9.08
C LEU A 46 -26.95 -3.56 -8.40
N SER A 47 -27.11 -2.79 -7.33
CA SER A 47 -28.40 -2.72 -6.65
C SER A 47 -29.47 -2.14 -7.56
N LEU A 48 -29.13 -1.12 -8.34
CA LEU A 48 -30.10 -0.53 -9.25
C LEU A 48 -30.48 -1.51 -10.36
N THR A 49 -29.54 -2.32 -10.83
CA THR A 49 -29.85 -3.28 -11.88
C THR A 49 -30.83 -4.33 -11.39
N VAL A 50 -30.71 -4.75 -10.13
CA VAL A 50 -31.64 -5.75 -9.59
C VAL A 50 -33.07 -5.19 -9.59
N PHE A 51 -33.22 -3.93 -9.17
CA PHE A 51 -34.54 -3.31 -9.20
C PHE A 51 -35.01 -3.02 -10.62
N MET A 52 -34.09 -2.89 -11.57
CA MET A 52 -34.48 -2.61 -12.95
C MET A 52 -35.29 -3.76 -13.52
N LEU A 53 -34.94 -5.00 -13.18
CA LEU A 53 -35.67 -6.15 -13.69
C LEU A 53 -37.14 -6.10 -13.26
N LEU A 54 -37.38 -5.76 -12.00
CA LEU A 54 -38.75 -5.66 -11.51
C LEU A 54 -39.50 -4.54 -12.21
N VAL A 55 -38.82 -3.42 -12.49
CA VAL A 55 -39.47 -2.30 -13.16
C VAL A 55 -39.94 -2.70 -14.54
N ALA A 56 -39.12 -3.48 -15.26
CA ALA A 56 -39.50 -3.89 -16.61
C ALA A 56 -40.77 -4.73 -16.61
N GLU A 57 -40.91 -5.62 -15.64
CA GLU A 57 -42.10 -6.46 -15.56
C GLU A 57 -43.35 -5.61 -15.33
N ILE A 58 -43.26 -4.59 -14.48
CA ILE A 58 -44.40 -3.73 -14.20
C ILE A 58 -44.55 -2.60 -15.21
N MET A 59 -43.49 -2.26 -15.93
CA MET A 59 -43.58 -1.18 -16.91
C MET A 59 -44.54 -1.58 -18.01
N PRO A 60 -45.41 -0.67 -18.47
CA PRO A 60 -46.32 -1.01 -19.58
C PRO A 60 -45.55 -1.44 -20.81
N SER A 61 -45.89 -2.62 -21.34
CA SER A 61 -45.25 -3.15 -22.53
C SER A 61 -45.96 -2.61 -23.76
N THR A 62 -45.27 -1.78 -24.54
CA THR A 62 -45.82 -1.19 -25.75
C THR A 62 -45.29 -1.92 -26.97
N SER A 63 -45.79 -1.53 -28.15
CA SER A 63 -45.37 -2.15 -29.39
C SER A 63 -44.04 -1.58 -29.88
N ASP A 64 -44.02 -0.26 -30.13
CA ASP A 64 -42.81 0.42 -30.59
C ASP A 64 -42.39 1.59 -29.73
N SER A 65 -43.30 2.21 -28.98
CA SER A 65 -42.96 3.31 -28.11
C SER A 65 -42.60 2.79 -26.71
N SER A 66 -42.28 3.71 -25.81
CA SER A 66 -41.94 3.37 -24.44
C SER A 66 -42.46 4.46 -23.52
N PRO A 67 -42.82 4.12 -22.28
CA PRO A 67 -43.28 5.16 -21.35
C PRO A 67 -42.18 6.16 -21.04
N SER A 68 -42.59 7.40 -20.74
CA SER A 68 -41.62 8.44 -20.40
C SER A 68 -40.80 8.06 -19.17
N ILE A 69 -41.39 7.29 -18.24
CA ILE A 69 -40.67 6.87 -17.05
C ILE A 69 -39.48 6.00 -17.40
N ALA A 70 -39.52 5.30 -18.54
CA ALA A 70 -38.40 4.45 -18.92
C ALA A 70 -37.14 5.27 -19.14
N GLN A 71 -37.27 6.45 -19.78
CA GLN A 71 -36.09 7.29 -20.00
C GLN A 71 -35.58 7.90 -18.70
N TYR A 72 -36.49 8.22 -17.78
CA TYR A 72 -36.05 8.78 -16.49
C TYR A 72 -35.21 7.78 -15.72
N PHE A 73 -35.60 6.50 -15.74
CA PHE A 73 -34.80 5.48 -15.07
C PHE A 73 -33.45 5.30 -15.76
N ALA A 74 -33.39 5.53 -17.07
CA ALA A 74 -32.11 5.43 -17.78
C ALA A 74 -31.13 6.49 -17.29
N SER A 75 -31.61 7.69 -16.98
CA SER A 75 -30.73 8.74 -16.48
C SER A 75 -30.08 8.33 -15.17
N THR A 76 -30.81 7.62 -14.31
CA THR A 76 -30.22 7.13 -13.07
C THR A 76 -29.07 6.16 -13.35
N MET A 77 -29.26 5.27 -14.33
CA MET A 77 -28.19 4.36 -14.72
C MET A 77 -27.05 5.07 -15.43
N ILE A 78 -27.32 6.24 -16.01
CA ILE A 78 -26.27 7.01 -16.69
C ILE A 78 -25.47 7.83 -15.69
N ILE A 79 -26.17 8.51 -14.78
CA ILE A 79 -25.47 9.28 -13.75
C ILE A 79 -24.66 8.34 -12.86
N VAL A 80 -25.27 7.22 -12.45
CA VAL A 80 -24.53 6.22 -11.68
C VAL A 80 -23.49 5.55 -12.56
N GLY A 81 -23.83 5.24 -13.82
CA GLY A 81 -22.86 4.65 -14.71
C GLY A 81 -21.69 5.56 -14.98
N LEU A 82 -21.95 6.87 -15.14
CA LEU A 82 -20.88 7.83 -15.34
C LEU A 82 -20.12 8.13 -14.06
N SER A 83 -20.69 7.82 -12.89
CA SER A 83 -19.97 8.00 -11.64
C SER A 83 -18.80 7.05 -11.52
N VAL A 84 -18.95 5.82 -12.03
CA VAL A 84 -17.84 4.88 -12.03
C VAL A 84 -16.71 5.38 -12.92
N VAL A 85 -17.06 6.00 -14.05
CA VAL A 85 -16.05 6.54 -14.94
C VAL A 85 -15.23 7.62 -14.22
N VAL A 86 -15.88 8.41 -13.37
CA VAL A 86 -15.16 9.43 -12.62
C VAL A 86 -14.10 8.80 -11.73
N THR A 87 -14.45 7.72 -11.04
CA THR A 87 -13.47 7.00 -10.24
C THR A 87 -12.40 6.34 -11.10
N VAL A 88 -12.73 5.98 -12.34
CA VAL A 88 -11.73 5.42 -13.25
C VAL A 88 -10.76 6.50 -13.70
N ILE A 89 -11.26 7.71 -13.95
CA ILE A 89 -10.37 8.80 -14.33
C ILE A 89 -9.39 9.11 -13.21
N VAL A 90 -9.82 8.99 -11.96
CA VAL A 90 -8.93 9.22 -10.83
C VAL A 90 -7.73 8.28 -10.89
N LEU A 91 -7.98 7.01 -11.23
CA LEU A 91 -6.89 6.04 -11.32
C LEU A 91 -5.89 6.40 -12.40
N GLN A 92 -6.25 7.27 -13.35
CA GLN A 92 -5.36 7.64 -14.44
C GLN A 92 -4.51 8.86 -14.11
N TYR A 93 -4.96 9.72 -13.21
CA TYR A 93 -4.26 10.96 -12.92
C TYR A 93 -3.09 10.74 -11.95
N HIS A 94 -3.39 10.25 -10.74
CA HIS A 94 -2.36 10.07 -9.74
C HIS A 94 -1.41 8.93 -10.07
N HIS A 95 -1.70 8.13 -11.09
CA HIS A 95 -0.82 7.07 -11.57
C HIS A 95 -0.35 7.37 -12.99
N HIS A 96 0.03 8.62 -13.24
CA HIS A 96 0.41 9.03 -14.58
C HIS A 96 1.55 8.18 -15.12
N ASP A 97 1.42 7.77 -16.38
CA ASP A 97 2.41 6.95 -17.07
C ASP A 97 3.20 7.80 -18.05
N PRO A 98 4.48 7.47 -18.30
CA PRO A 98 5.26 8.30 -19.24
C PRO A 98 4.64 8.41 -20.62
N ASP A 99 3.90 7.39 -21.07
CA ASP A 99 3.24 7.46 -22.36
C ASP A 99 2.04 8.40 -22.38
N GLY A 100 1.59 8.85 -21.21
CA GLY A 100 0.47 9.77 -21.13
C GLY A 100 -0.52 9.41 -20.04
N GLY A 101 -1.54 10.23 -19.85
CA GLY A 101 -2.55 9.98 -18.85
C GLY A 101 -2.90 11.21 -18.02
N LYS A 102 -1.92 12.09 -17.81
CA LYS A 102 -2.13 13.28 -17.01
C LYS A 102 -2.71 14.40 -17.88
N MET A 103 -2.96 15.54 -17.25
CA MET A 103 -3.52 16.67 -17.98
C MET A 103 -2.53 17.17 -19.02
N PRO A 104 -2.99 17.53 -20.23
CA PRO A 104 -2.05 18.04 -21.24
C PRO A 104 -1.34 19.30 -20.76
N LYS A 105 -0.10 19.47 -21.23
CA LYS A 105 0.70 20.62 -20.81
C LYS A 105 0.04 21.93 -21.24
N TRP A 106 -0.47 21.98 -22.47
CA TRP A 106 -1.11 23.20 -22.95
C TRP A 106 -2.33 23.56 -22.10
N THR A 107 -2.98 22.56 -21.50
CA THR A 107 -4.12 22.79 -20.62
C THR A 107 -3.74 22.86 -19.15
N ARG A 108 -2.49 22.56 -18.80
CA ARG A 108 -2.08 22.62 -17.40
C ARG A 108 -1.93 24.07 -16.91
N VAL A 109 -1.73 25.02 -17.82
CA VAL A 109 -1.64 26.42 -17.41
C VAL A 109 -3.00 26.89 -16.88
N ILE A 110 -4.08 26.42 -17.49
CA ILE A 110 -5.42 26.80 -17.02
C ILE A 110 -5.65 26.26 -15.61
N LEU A 111 -5.13 25.07 -15.31
CA LEU A 111 -5.30 24.51 -13.97
C LEU A 111 -4.66 25.38 -12.90
N LEU A 112 -3.62 26.13 -13.26
CA LEU A 112 -3.00 27.04 -12.30
C LEU A 112 -3.96 28.12 -11.83
N ASN A 113 -4.98 28.45 -12.63
CA ASN A 113 -5.98 29.43 -12.24
C ASN A 113 -7.17 28.80 -11.53
N TRP A 114 -7.55 27.58 -11.90
CA TRP A 114 -8.70 26.94 -11.27
C TRP A 114 -8.46 26.72 -9.79
N CYS A 115 -7.26 26.27 -9.41
CA CYS A 115 -6.97 26.05 -8.00
C CYS A 115 -6.99 27.38 -7.24
N ALA A 116 -6.46 28.45 -7.83
CA ALA A 116 -6.48 29.75 -7.18
C ALA A 116 -7.90 30.31 -7.11
N TRP A 117 -8.73 30.04 -8.12
CA TRP A 117 -10.09 30.54 -8.11
C TRP A 117 -10.95 29.87 -7.05
N PHE A 118 -10.58 28.66 -6.61
CA PHE A 118 -11.37 27.98 -5.59
C PHE A 118 -11.40 28.79 -4.30
N LEU A 119 -10.25 29.31 -3.87
CA LEU A 119 -10.21 30.12 -2.67
C LEU A 119 -10.90 31.46 -2.88
N ARG A 120 -10.63 32.11 -4.02
CA ARG A 120 -11.23 33.40 -4.37
C ARG A 120 -11.67 33.31 -5.83
N MET A 121 -12.94 32.97 -6.04
CA MET A 121 -13.48 32.87 -7.39
C MET A 121 -13.52 34.23 -8.07
N LYS A 122 -13.30 34.23 -9.38
CA LYS A 122 -13.33 35.47 -10.15
C LYS A 122 -14.72 36.10 -10.21
N ARG A 123 -15.76 35.34 -9.88
CA ARG A 123 -17.12 35.87 -9.90
C ARG A 123 -17.35 36.82 -8.74
N PRO A 124 -18.39 37.66 -8.81
CA PRO A 124 -18.65 38.59 -7.70
C PRO A 124 -18.97 37.89 -6.39
N GLY A 125 -19.33 36.61 -6.41
CA GLY A 125 -19.66 35.93 -5.17
C GLY A 125 -18.51 35.90 -4.19
N GLU A 126 -17.28 35.78 -4.69
CA GLU A 126 -16.09 35.74 -3.86
C GLU A 126 -15.21 36.98 -3.97
N ASP A 127 -15.14 37.59 -5.16
CA ASP A 127 -14.31 38.78 -5.33
C ASP A 127 -14.94 40.01 -4.68
N LYS A 128 -16.24 40.00 -4.44
CA LYS A 128 -16.91 41.15 -3.83
C LYS A 128 -16.90 41.09 -2.31
N VAL A 129 -16.99 39.89 -1.74
CA VAL A 129 -17.00 39.74 -0.28
C VAL A 129 -15.55 39.59 0.15
N ARG A 130 -14.90 40.73 0.33
CA ARG A 130 -13.51 40.79 0.78
C ARG A 130 -13.14 42.25 1.00
N PRO A 131 -12.04 42.51 1.72
CA PRO A 131 -11.63 43.90 1.96
C PRO A 131 -11.27 44.62 0.66
N ALA A 132 -12.06 45.64 0.30
CA ALA A 132 -11.82 46.42 -0.90
C ALA A 132 -11.99 47.89 -0.59
N CYS A 133 -11.11 48.71 -1.14
CA CYS A 133 -11.14 50.15 -0.93
C CYS A 133 -10.23 50.78 -1.97
N GLN A 134 -10.01 52.10 -1.86
CA GLN A 134 -9.15 52.83 -2.77
C GLN A 134 -7.71 52.92 -2.28
N HIS A 135 -7.38 52.25 -1.18
CA HIS A 135 -6.03 52.29 -0.63
C HIS A 135 -5.12 51.36 -1.43
N LYS A 136 -3.92 51.10 -0.91
CA LYS A 136 -2.96 50.28 -1.63
C LYS A 136 -3.44 48.85 -1.82
N GLN A 137 -4.46 48.43 -1.07
CA GLN A 137 -4.95 47.06 -1.20
C GLN A 137 -5.45 46.77 -2.61
N ARG A 138 -5.94 47.79 -3.31
CA ARG A 138 -6.48 47.64 -4.65
C ARG A 138 -5.73 48.52 -5.66
N ARG A 139 -4.44 48.72 -5.44
CA ARG A 139 -3.60 49.53 -6.31
C ARG A 139 -2.67 48.64 -7.12
N CYS A 140 -2.05 49.22 -8.14
CA CYS A 140 -1.14 48.53 -9.02
C CYS A 140 0.27 49.05 -8.83
N SER A 141 1.25 48.15 -8.86
CA SER A 141 2.65 48.51 -8.67
C SER A 141 3.50 47.48 -9.40
N LEU A 142 4.82 47.57 -9.19
CA LEU A 142 5.74 46.64 -9.86
C LEU A 142 5.53 45.21 -9.40
N ALA A 143 5.23 45.00 -8.11
CA ALA A 143 5.06 43.65 -7.61
C ALA A 143 3.88 42.96 -8.27
N SER A 144 2.76 43.67 -8.43
CA SER A 144 1.59 43.07 -9.05
C SER A 144 1.79 42.91 -10.55
N VAL A 145 2.39 43.91 -11.21
CA VAL A 145 2.64 43.86 -12.65
C VAL A 145 4.03 43.25 -12.82
N GLU A 146 4.07 41.94 -13.01
CA GLU A 146 5.32 41.19 -13.19
C GLU A 146 5.48 40.70 -14.62
N MET A 147 4.94 41.45 -15.58
CA MET A 147 5.07 41.07 -16.98
C MET A 147 6.49 41.23 -17.51
N SER A 148 7.34 41.98 -16.80
CA SER A 148 8.72 42.21 -17.20
C SER A 148 9.70 41.40 -16.36
N ALA A 149 9.32 40.17 -16.00
CA ALA A 149 10.16 39.29 -15.20
C ALA A 149 10.54 39.96 -13.88
N VAL A 150 9.55 40.57 -13.23
CA VAL A 150 9.77 41.23 -11.95
C VAL A 150 9.69 40.20 -10.83
N ALA A 151 10.48 40.41 -9.79
CA ALA A 151 10.49 39.48 -8.67
C ALA A 151 9.14 39.48 -7.96
N PRO A 152 8.51 38.33 -7.76
CA PRO A 152 7.21 38.31 -7.09
C PRO A 152 7.37 38.51 -5.59
N PRO A 153 6.27 38.65 -4.85
CA PRO A 153 6.39 38.83 -3.41
C PRO A 153 7.05 37.62 -2.78
N PRO A 154 7.78 37.82 -1.67
CA PRO A 154 8.45 36.68 -1.02
C PRO A 154 7.45 35.76 -0.32
N ALA A 155 6.80 34.89 -1.07
CA ALA A 155 5.82 33.96 -0.56
C ALA A 155 6.39 32.54 -0.55
N SER A 156 5.82 31.70 0.30
CA SER A 156 6.27 30.32 0.45
C SER A 156 5.52 29.36 -0.47
N ASN A 157 4.63 29.86 -1.33
CA ASN A 157 3.88 29.01 -2.24
C ASN A 157 4.63 28.69 -3.52
N GLY A 158 5.84 29.23 -3.69
CA GLY A 158 6.62 28.98 -4.89
C GLY A 158 7.15 30.24 -5.52
N ASN A 159 7.02 31.37 -4.83
CA ASN A 159 7.50 32.66 -5.34
C ASN A 159 8.88 33.02 -4.84
N LEU A 160 9.36 32.39 -3.77
CA LEU A 160 10.68 32.66 -3.21
C LEU A 160 11.56 31.43 -3.14
N LEU A 161 11.01 30.28 -2.77
CA LEU A 161 11.82 29.06 -2.67
C LEU A 161 12.24 28.57 -4.06
N TYR A 162 11.30 28.52 -4.99
CA TYR A 162 11.63 28.04 -6.34
C TYR A 162 12.42 29.09 -7.11
N ILE A 163 12.06 30.36 -6.97
CA ILE A 163 12.77 31.42 -7.68
C ILE A 163 14.05 31.83 -6.97
N GLY A 164 14.12 31.64 -5.64
CA GLY A 164 15.33 31.96 -4.92
C GLY A 164 16.40 30.90 -4.99
N PHE A 165 16.04 29.68 -5.40
CA PHE A 165 16.98 28.58 -5.55
C PHE A 165 17.28 28.26 -7.00
N ARG A 166 16.25 28.17 -7.84
CA ARG A 166 16.43 27.87 -9.26
C ARG A 166 16.34 29.10 -10.14
N GLY A 167 15.53 30.09 -9.79
CA GLY A 167 15.38 31.27 -10.60
C GLY A 167 16.58 32.20 -10.56
N LEU A 168 17.37 32.15 -9.49
CA LEU A 168 18.57 32.99 -9.36
C LEU A 168 19.76 32.27 -10.00
N ASP A 169 19.71 32.20 -11.33
CA ASP A 169 20.77 31.55 -12.11
C ASP A 169 21.84 32.58 -12.40
N GLY A 170 22.76 32.75 -11.44
CA GLY A 170 23.84 33.70 -11.58
C GLY A 170 24.06 34.52 -10.33
N VAL A 171 23.24 34.32 -9.30
CA VAL A 171 23.33 35.03 -8.04
C VAL A 171 23.52 34.07 -6.87
N HIS A 172 22.63 33.08 -6.75
CA HIS A 172 22.70 32.12 -5.66
C HIS A 172 23.54 30.90 -6.03
N CYS A 173 23.13 30.19 -7.09
CA CYS A 173 23.87 29.01 -7.52
C CYS A 173 25.29 29.38 -7.96
N VAL A 174 25.42 30.45 -8.74
CA VAL A 174 26.72 30.90 -9.24
C VAL A 174 26.85 32.39 -8.97
N PRO A 175 27.18 32.79 -7.74
CA PRO A 175 27.29 34.23 -7.44
C PRO A 175 28.33 34.89 -8.33
N THR A 176 27.87 35.82 -9.17
CA THR A 176 28.74 36.54 -10.08
C THR A 176 29.56 37.59 -9.34
N PRO A 177 28.94 38.46 -8.52
CA PRO A 177 29.74 39.49 -7.82
C PRO A 177 30.51 38.92 -6.63
N ASP A 178 31.65 38.30 -6.93
CA ASP A 178 32.51 37.71 -5.93
C ASP A 178 33.93 38.27 -5.91
N SER A 179 34.30 39.07 -6.91
CA SER A 179 35.64 39.64 -7.00
C SER A 179 35.67 40.91 -6.15
N GLY A 180 36.09 40.75 -4.88
CA GLY A 180 36.21 41.86 -3.98
C GLY A 180 34.91 42.26 -3.29
N VAL A 181 33.82 41.52 -3.50
CA VAL A 181 32.54 41.81 -2.87
C VAL A 181 32.21 40.79 -1.79
N VAL A 182 32.10 39.52 -2.16
CA VAL A 182 31.84 38.48 -1.17
C VAL A 182 33.05 38.27 -0.28
N CYS A 183 34.25 38.25 -0.86
CA CYS A 183 35.49 38.05 -0.12
C CYS A 183 36.19 39.36 0.19
N GLY A 184 35.45 40.47 0.22
CA GLY A 184 36.03 41.76 0.52
C GLY A 184 35.25 42.54 1.55
N ARG A 185 34.37 41.85 2.29
CA ARG A 185 33.54 42.45 3.31
C ARG A 185 33.60 41.61 4.58
N MET A 186 33.21 42.23 5.69
CA MET A 186 33.21 41.58 6.99
C MET A 186 31.89 40.89 7.32
N ALA A 187 30.95 40.87 6.37
CA ALA A 187 29.64 40.26 6.60
C ALA A 187 29.78 38.75 6.50
N CYS A 188 30.29 38.16 7.59
CA CYS A 188 30.46 36.71 7.68
C CYS A 188 31.31 36.17 6.53
N SER A 189 32.35 36.91 6.17
CA SER A 189 33.25 36.51 5.10
C SER A 189 34.58 37.24 5.30
N PRO A 190 35.67 36.70 4.76
CA PRO A 190 36.96 37.37 4.89
C PRO A 190 36.99 38.68 4.12
N THR A 191 37.80 39.61 4.61
CA THR A 191 37.97 40.93 4.00
C THR A 191 39.40 41.01 3.46
N HIS A 192 39.57 40.55 2.22
CA HIS A 192 40.87 40.57 1.55
C HIS A 192 41.93 39.87 2.41
N ASP A 193 41.54 38.77 3.04
CA ASP A 193 42.43 38.00 3.91
C ASP A 193 43.13 36.95 3.06
N GLU A 194 44.37 37.25 2.64
CA GLU A 194 45.15 36.31 1.85
C GLU A 194 45.80 35.23 2.69
N HIS A 195 45.86 35.39 4.01
CA HIS A 195 46.45 34.42 4.91
C HIS A 195 45.38 33.72 5.75
N LEU A 196 44.21 33.47 5.16
CA LEU A 196 43.11 32.82 5.86
C LEU A 196 43.42 31.33 5.95
N LEU A 197 44.13 30.96 7.02
CA LEU A 197 44.54 29.59 7.26
C LEU A 197 44.11 29.17 8.67
N HIS A 198 44.02 27.85 8.87
CA HIS A 198 43.62 27.28 10.15
C HIS A 198 44.84 27.20 11.07
N GLY A 199 45.32 28.38 11.46
CA GLY A 199 46.49 28.45 12.32
C GLY A 199 47.74 27.89 11.68
N GLY A 200 47.97 28.20 10.41
CA GLY A 200 49.10 27.69 9.67
C GLY A 200 48.81 26.45 8.86
N GLN A 201 47.68 25.81 9.06
CA GLN A 201 47.28 24.62 8.34
C GLN A 201 46.24 24.97 7.28
N PRO A 202 46.01 24.08 6.31
CA PRO A 202 45.00 24.37 5.29
C PRO A 202 43.64 24.54 5.93
N PRO A 203 42.78 25.37 5.34
CA PRO A 203 41.46 25.58 5.95
C PRO A 203 40.66 24.30 6.14
N GLU A 204 40.78 23.35 5.22
CA GLU A 204 40.07 22.08 5.32
C GLU A 204 40.82 21.15 6.27
N GLY A 205 40.19 20.83 7.40
CA GLY A 205 40.83 19.95 8.36
C GLY A 205 41.05 18.55 7.83
N ASP A 206 40.10 18.04 7.05
CA ASP A 206 40.20 16.70 6.49
C ASP A 206 39.51 16.65 5.14
N PRO A 207 40.21 16.26 4.06
CA PRO A 207 39.52 16.14 2.76
C PRO A 207 38.38 15.14 2.77
N ASP A 208 38.41 14.14 3.64
CA ASP A 208 37.34 13.16 3.70
C ASP A 208 36.01 13.82 4.05
N LEU A 209 36.04 14.93 4.78
CA LEU A 209 34.81 15.63 5.13
C LEU A 209 34.09 16.11 3.89
N ALA A 210 34.83 16.63 2.91
CA ALA A 210 34.21 17.08 1.66
C ALA A 210 33.55 15.93 0.94
N LYS A 211 34.20 14.76 0.92
CA LYS A 211 33.60 13.60 0.27
C LYS A 211 32.31 13.19 0.97
N ILE A 212 32.29 13.25 2.30
CA ILE A 212 31.07 12.91 3.04
C ILE A 212 29.96 13.90 2.71
N LEU A 213 30.30 15.17 2.51
CA LEU A 213 29.29 16.16 2.17
C LEU A 213 28.59 15.82 0.87
N GLU A 214 29.34 15.40 -0.14
CA GLU A 214 28.72 15.03 -1.41
C GLU A 214 27.76 13.86 -1.24
N GLU A 215 28.17 12.83 -0.49
CA GLU A 215 27.27 11.71 -0.22
C GLU A 215 26.09 12.15 0.62
N VAL A 216 26.33 12.98 1.65
CA VAL A 216 25.25 13.47 2.48
C VAL A 216 24.32 14.37 1.66
N ARG A 217 24.89 15.21 0.80
CA ARG A 217 24.05 16.08 -0.04
C ARG A 217 23.17 15.27 -0.97
N TYR A 218 23.70 14.19 -1.54
CA TYR A 218 22.88 13.33 -2.40
C TYR A 218 21.74 12.71 -1.62
N ILE A 219 22.00 12.26 -0.38
CA ILE A 219 20.94 11.72 0.45
C ILE A 219 19.90 12.79 0.75
N ALA A 220 20.35 14.00 1.09
CA ALA A 220 19.42 15.10 1.32
C ALA A 220 18.67 15.45 0.05
N ASN A 221 19.37 15.44 -1.10
CA ASN A 221 18.70 15.72 -2.37
C ASN A 221 17.70 14.64 -2.74
N ARG A 222 17.99 13.38 -2.39
CA ARG A 222 17.06 12.30 -2.67
C ARG A 222 15.74 12.52 -1.94
N PHE A 223 15.81 12.91 -0.67
CA PHE A 223 14.59 13.25 0.07
C PHE A 223 13.93 14.50 -0.50
N ARG A 224 14.74 15.48 -0.90
CA ARG A 224 14.18 16.68 -1.54
C ARG A 224 13.49 16.32 -2.85
N CYS A 225 14.11 15.44 -3.64
CA CYS A 225 13.48 14.99 -4.88
C CYS A 225 12.17 14.26 -4.59
N GLN A 226 12.16 13.42 -3.56
CA GLN A 226 10.92 12.74 -3.18
C GLN A 226 9.86 13.75 -2.75
N ASP A 227 10.25 14.75 -1.96
CA ASP A 227 9.31 15.80 -1.58
C ASP A 227 8.84 16.58 -2.80
N GLU A 228 9.76 16.90 -3.72
CA GLU A 228 9.37 17.56 -4.96
C GLU A 228 8.54 16.65 -5.85
N SER A 229 8.85 15.34 -5.86
CA SER A 229 8.07 14.41 -6.65
C SER A 229 6.63 14.33 -6.13
N GLU A 230 6.46 14.34 -4.80
CA GLU A 230 5.12 14.34 -4.24
C GLU A 230 4.36 15.61 -4.57
N ALA A 231 5.08 16.75 -4.68
CA ALA A 231 4.42 17.99 -5.08
C ALA A 231 3.88 17.88 -6.50
N VAL A 232 4.64 17.30 -7.41
CA VAL A 232 4.15 17.09 -8.77
C VAL A 232 3.03 16.05 -8.76
N CYS A 233 3.17 15.00 -7.96
CA CYS A 233 2.11 14.01 -7.85
C CYS A 233 0.86 14.60 -7.21
N SER A 234 1.02 15.53 -6.28
CA SER A 234 -0.15 16.16 -5.66
C SER A 234 -0.94 16.97 -6.68
N GLU A 235 -0.27 17.52 -7.69
CA GLU A 235 -1.00 18.25 -8.72
C GLU A 235 -1.94 17.34 -9.48
N TRP A 236 -1.49 16.13 -9.82
CA TRP A 236 -2.37 15.16 -10.47
C TRP A 236 -3.48 14.73 -9.51
N LYS A 237 -3.16 14.51 -8.23
CA LYS A 237 -4.18 14.18 -7.26
C LYS A 237 -5.16 15.34 -7.09
N PHE A 238 -4.65 16.57 -7.03
CA PHE A 238 -5.52 17.74 -6.93
C PHE A 238 -6.28 17.99 -8.23
N ALA A 239 -5.65 17.71 -9.38
CA ALA A 239 -6.31 17.93 -10.65
C ALA A 239 -7.55 17.06 -10.80
N ALA A 240 -7.47 15.82 -10.31
CA ALA A 240 -8.61 14.91 -10.43
C ALA A 240 -9.83 15.47 -9.70
N CYS A 241 -9.64 16.01 -8.50
CA CYS A 241 -10.75 16.61 -7.77
C CYS A 241 -11.25 17.86 -8.50
N VAL A 242 -10.34 18.65 -9.08
CA VAL A 242 -10.75 19.82 -9.83
C VAL A 242 -11.58 19.41 -11.05
N VAL A 243 -11.14 18.36 -11.76
CA VAL A 243 -11.91 17.85 -12.88
C VAL A 243 -13.28 17.35 -12.42
N ASP A 244 -13.29 16.62 -11.30
CA ASP A 244 -14.56 16.15 -10.75
C ASP A 244 -15.41 17.30 -10.21
N ARG A 245 -14.78 18.42 -9.86
CA ARG A 245 -15.55 19.58 -9.39
C ARG A 245 -16.49 20.09 -10.48
N LEU A 246 -16.00 20.17 -11.72
CA LEU A 246 -16.87 20.57 -12.83
C LEU A 246 -17.97 19.54 -13.06
N CYS A 247 -17.65 18.26 -12.93
CA CYS A 247 -18.67 17.22 -13.09
C CYS A 247 -19.76 17.35 -12.04
N LEU A 248 -19.38 17.66 -10.80
CA LEU A 248 -20.37 17.82 -9.75
C LEU A 248 -21.30 18.99 -10.05
N MET A 249 -20.76 20.10 -10.55
CA MET A 249 -21.59 21.24 -10.90
C MET A 249 -22.45 20.96 -12.13
N ALA A 250 -22.08 19.98 -12.95
CA ALA A 250 -22.84 19.63 -14.14
C ALA A 250 -23.80 18.47 -13.89
N PHE A 251 -23.33 17.39 -13.24
CA PHE A 251 -24.19 16.26 -12.96
C PHE A 251 -25.31 16.64 -11.99
N SER A 252 -25.06 17.60 -11.10
CA SER A 252 -26.10 18.02 -10.16
C SER A 252 -27.28 18.63 -10.90
N VAL A 253 -27.00 19.44 -11.94
CA VAL A 253 -28.09 20.03 -12.71
C VAL A 253 -28.91 18.94 -13.40
N PHE A 254 -28.23 17.95 -13.98
CA PHE A 254 -28.94 16.86 -14.63
C PHE A 254 -29.79 16.08 -13.63
N THR A 255 -29.25 15.82 -12.43
CA THR A 255 -30.03 15.12 -11.41
C THR A 255 -31.25 15.94 -11.00
N ILE A 256 -31.08 17.25 -10.86
CA ILE A 256 -32.20 18.11 -10.50
C ILE A 256 -33.25 18.09 -11.60
N ILE A 257 -32.81 18.10 -12.86
CA ILE A 257 -33.76 18.07 -13.97
C ILE A 257 -34.58 16.78 -13.93
N CYS A 258 -33.93 15.65 -13.67
CA CYS A 258 -34.66 14.39 -13.60
C CYS A 258 -35.68 14.41 -12.47
N THR A 259 -35.30 14.96 -11.31
CA THR A 259 -36.24 15.04 -10.20
C THR A 259 -37.42 15.95 -10.55
N ILE A 260 -37.15 17.06 -11.23
CA ILE A 260 -38.23 17.96 -11.63
C ILE A 260 -39.17 17.25 -12.60
N GLY A 261 -38.61 16.52 -13.56
CA GLY A 261 -39.46 15.82 -14.51
C GLY A 261 -40.34 14.77 -13.85
N ILE A 262 -39.81 14.09 -12.82
CA ILE A 262 -40.61 13.09 -12.12
C ILE A 262 -41.81 13.74 -11.45
N LEU A 263 -41.60 14.90 -10.81
CA LEU A 263 -42.69 15.59 -10.15
C LEU A 263 -43.75 16.08 -11.14
N MET A 264 -43.39 16.24 -12.41
CA MET A 264 -44.33 16.70 -13.43
C MET A 264 -44.90 15.57 -14.28
N SER A 265 -44.17 14.46 -14.41
CA SER A 265 -44.63 13.32 -15.20
C SER A 265 -45.29 12.24 -14.37
N ALA A 266 -45.00 12.16 -13.07
CA ALA A 266 -45.60 11.13 -12.24
C ALA A 266 -47.12 11.24 -12.19
N PRO A 267 -47.72 12.43 -12.01
CA PRO A 267 -49.18 12.50 -11.96
C PRO A 267 -49.87 12.01 -13.22
N ASN A 268 -49.22 12.14 -14.38
CA ASN A 268 -49.84 11.72 -15.63
C ASN A 268 -49.88 10.20 -15.75
N PHE A 269 -48.76 9.55 -15.42
CA PHE A 269 -48.65 8.10 -15.50
C PHE A 269 -48.64 7.42 -14.14
N VAL A 270 -47.76 7.86 -13.24
CA VAL A 270 -47.66 7.27 -11.91
C VAL A 270 -48.83 7.73 -11.05
N LEU B 7 -45.78 -20.38 9.82
CA LEU B 7 -44.80 -19.39 9.41
C LEU B 7 -43.57 -20.07 8.81
N TYR B 8 -43.77 -20.81 7.72
CA TYR B 8 -42.66 -21.50 7.08
C TYR B 8 -41.62 -20.49 6.58
N TYR B 9 -42.08 -19.43 5.93
CA TYR B 9 -41.18 -18.39 5.43
C TYR B 9 -40.99 -17.24 6.41
N GLY B 10 -41.89 -17.09 7.39
CA GLY B 10 -41.74 -16.02 8.35
C GLY B 10 -40.49 -16.16 9.21
N LEU B 11 -40.22 -17.38 9.68
CA LEU B 11 -39.03 -17.60 10.50
C LEU B 11 -37.76 -17.54 9.64
N ASN B 12 -37.84 -17.92 8.38
CA ASN B 12 -36.68 -17.90 7.50
C ASN B 12 -36.41 -16.53 6.90
N LEU B 13 -37.29 -15.56 7.12
CA LEU B 13 -37.12 -14.21 6.60
C LEU B 13 -37.06 -13.13 7.67
N LEU B 14 -37.55 -13.40 8.88
CA LEU B 14 -37.50 -12.43 9.96
C LEU B 14 -36.19 -12.47 10.73
N ILE B 15 -35.63 -13.67 10.94
CA ILE B 15 -34.37 -13.78 11.69
C ILE B 15 -33.24 -13.01 11.00
N PRO B 16 -33.04 -13.13 9.69
CA PRO B 16 -31.95 -12.34 9.06
C PRO B 16 -32.10 -10.85 9.25
N CYS B 17 -33.32 -10.34 9.43
CA CYS B 17 -33.51 -8.91 9.59
C CYS B 17 -32.77 -8.38 10.81
N VAL B 18 -32.83 -9.11 11.93
CA VAL B 18 -32.14 -8.67 13.13
C VAL B 18 -30.66 -9.04 13.07
N LEU B 19 -30.32 -10.15 12.41
CA LEU B 19 -28.92 -10.54 12.28
C LEU B 19 -28.16 -9.60 11.35
N ILE B 20 -28.80 -9.21 10.24
CA ILE B 20 -28.15 -8.28 9.31
C ILE B 20 -27.91 -6.93 9.97
N SER B 21 -28.91 -6.43 10.72
CA SER B 21 -28.75 -5.15 11.39
C SER B 21 -27.65 -5.21 12.45
N ALA B 22 -27.46 -6.38 13.09
CA ALA B 22 -26.42 -6.50 14.10
C ALA B 22 -25.03 -6.40 13.48
N LEU B 23 -24.86 -6.88 12.25
CA LEU B 23 -23.55 -6.79 11.61
C LEU B 23 -23.17 -5.36 11.30
N ALA B 24 -24.15 -4.51 10.97
CA ALA B 24 -23.86 -3.11 10.66
C ALA B 24 -23.39 -2.34 11.89
N LEU B 25 -23.75 -2.80 13.10
CA LEU B 25 -23.31 -2.10 14.30
C LEU B 25 -21.81 -2.23 14.51
N LEU B 26 -21.23 -3.38 14.15
CA LEU B 26 -19.79 -3.58 14.31
C LEU B 26 -18.98 -2.74 13.33
N VAL B 27 -19.58 -2.33 12.21
CA VAL B 27 -18.85 -1.53 11.23
C VAL B 27 -18.48 -0.18 11.81
N PHE B 28 -19.39 0.43 12.57
CA PHE B 28 -19.13 1.75 13.14
C PHE B 28 -18.00 1.73 14.16
N LEU B 29 -17.70 0.56 14.73
CA LEU B 29 -16.65 0.43 15.73
C LEU B 29 -15.29 0.10 15.12
N LEU B 30 -15.21 -0.07 13.80
CA LEU B 30 -13.95 -0.41 13.17
C LEU B 30 -13.08 0.83 13.01
N PRO B 31 -11.76 0.66 12.94
CA PRO B 31 -10.88 1.82 12.78
C PRO B 31 -11.00 2.43 11.38
N ALA B 32 -10.61 3.71 11.30
CA ALA B 32 -10.70 4.41 10.02
C ALA B 32 -9.61 3.96 9.05
N ASP B 33 -8.46 3.52 9.57
CA ASP B 33 -7.37 3.08 8.72
C ASP B 33 -7.69 1.83 7.92
N SER B 34 -8.74 1.10 8.29
CA SER B 34 -9.13 -0.11 7.58
C SER B 34 -10.00 0.29 6.39
N GLY B 35 -9.33 0.61 5.28
CA GLY B 35 -10.03 1.00 4.07
C GLY B 35 -10.67 -0.13 3.29
N GLU B 36 -10.38 -1.38 3.66
CA GLU B 36 -10.96 -2.54 3.01
C GLU B 36 -12.30 -2.95 3.59
N LYS B 37 -12.76 -2.28 4.65
CA LYS B 37 -14.05 -2.61 5.26
C LYS B 37 -15.23 -2.15 4.40
N ILE B 38 -14.99 -1.36 3.35
CA ILE B 38 -16.09 -0.94 2.49
C ILE B 38 -16.75 -2.14 1.83
N SER B 39 -15.94 -3.14 1.45
CA SER B 39 -16.49 -4.35 0.84
C SER B 39 -17.37 -5.13 1.80
N LEU B 40 -17.20 -4.93 3.11
CA LEU B 40 -18.03 -5.65 4.08
C LEU B 40 -19.50 -5.27 3.93
N GLY B 41 -19.77 -3.98 3.72
CA GLY B 41 -21.14 -3.54 3.55
C GLY B 41 -21.76 -3.95 2.24
N ILE B 42 -20.96 -4.21 1.22
CA ILE B 42 -21.49 -4.63 -0.08
C ILE B 42 -22.12 -6.01 0.02
N THR B 43 -21.41 -6.95 0.64
CA THR B 43 -21.94 -8.30 0.77
C THR B 43 -23.11 -8.34 1.74
N VAL B 44 -23.04 -7.57 2.83
CA VAL B 44 -24.14 -7.53 3.78
C VAL B 44 -25.39 -6.95 3.13
N LEU B 45 -25.23 -5.85 2.39
CA LEU B 45 -26.37 -5.27 1.69
C LEU B 45 -26.83 -6.18 0.54
N LEU B 46 -25.88 -6.78 -0.18
CA LEU B 46 -26.26 -7.68 -1.27
C LEU B 46 -27.03 -8.88 -0.75
N SER B 47 -26.59 -9.45 0.38
CA SER B 47 -27.29 -10.59 0.93
C SER B 47 -28.70 -10.22 1.39
N LEU B 48 -28.88 -8.99 1.89
CA LEU B 48 -30.21 -8.55 2.31
C LEU B 48 -31.11 -8.31 1.11
N THR B 49 -30.55 -7.85 -0.01
CA THR B 49 -31.36 -7.62 -1.21
C THR B 49 -31.88 -8.93 -1.79
N VAL B 50 -31.09 -10.00 -1.72
CA VAL B 50 -31.54 -11.29 -2.23
C VAL B 50 -32.76 -11.77 -1.45
N PHE B 51 -32.71 -11.65 -0.12
CA PHE B 51 -33.86 -12.04 0.69
C PHE B 51 -35.04 -11.10 0.48
N MET B 52 -34.77 -9.84 0.13
CA MET B 52 -35.86 -8.90 -0.12
C MET B 52 -36.73 -9.34 -1.28
N LEU B 53 -36.12 -9.87 -2.34
CA LEU B 53 -36.88 -10.32 -3.48
C LEU B 53 -37.85 -11.44 -3.10
N LEU B 54 -37.40 -12.37 -2.26
CA LEU B 54 -38.29 -13.44 -1.79
C LEU B 54 -39.42 -12.87 -0.96
N VAL B 55 -39.13 -11.87 -0.13
CA VAL B 55 -40.18 -11.28 0.71
C VAL B 55 -41.26 -10.65 -0.16
N ALA B 56 -40.86 -9.99 -1.24
CA ALA B 56 -41.84 -9.34 -2.11
C ALA B 56 -42.81 -10.35 -2.71
N GLU B 57 -42.31 -11.52 -3.11
CA GLU B 57 -43.18 -12.54 -3.68
C GLU B 57 -44.19 -13.03 -2.66
N ILE B 58 -43.76 -13.20 -1.41
CA ILE B 58 -44.66 -13.67 -0.36
C ILE B 58 -45.45 -12.54 0.28
N MET B 59 -44.99 -11.29 0.16
CA MET B 59 -45.71 -10.18 0.76
C MET B 59 -47.09 -10.04 0.12
N PRO B 60 -48.13 -9.80 0.90
CA PRO B 60 -49.46 -9.62 0.29
C PRO B 60 -49.48 -8.47 -0.70
N SER B 61 -49.95 -8.75 -1.91
CA SER B 61 -50.03 -7.74 -2.96
C SER B 61 -51.30 -6.93 -2.77
N THR B 62 -51.15 -5.69 -2.32
CA THR B 62 -52.26 -4.79 -2.10
C THR B 62 -52.37 -3.79 -3.26
N SER B 63 -53.34 -2.88 -3.13
CA SER B 63 -53.56 -1.86 -4.17
C SER B 63 -52.74 -0.60 -3.89
N ASP B 64 -52.95 0.01 -2.74
CA ASP B 64 -52.24 1.22 -2.33
C ASP B 64 -51.51 1.08 -1.01
N SER B 65 -52.10 0.41 -0.03
CA SER B 65 -51.46 0.20 1.24
C SER B 65 -50.44 -0.93 1.15
N SER B 66 -49.57 -1.00 2.15
CA SER B 66 -48.54 -2.03 2.23
C SER B 66 -48.45 -2.53 3.66
N PRO B 67 -48.00 -3.77 3.87
CA PRO B 67 -47.85 -4.28 5.24
C PRO B 67 -46.79 -3.50 6.01
N SER B 68 -46.98 -3.44 7.32
CA SER B 68 -46.03 -2.73 8.17
C SER B 68 -44.64 -3.35 8.10
N ILE B 69 -44.57 -4.66 7.82
CA ILE B 69 -43.26 -5.31 7.73
C ILE B 69 -42.43 -4.72 6.60
N ALA B 70 -43.08 -4.19 5.57
CA ALA B 70 -42.34 -3.57 4.47
C ALA B 70 -41.54 -2.38 4.95
N GLN B 71 -42.12 -1.54 5.80
CA GLN B 71 -41.40 -0.38 6.32
C GLN B 71 -40.31 -0.80 7.29
N TYR B 72 -40.55 -1.85 8.08
CA TYR B 72 -39.51 -2.32 9.01
C TYR B 72 -38.28 -2.80 8.27
N PHE B 73 -38.48 -3.53 7.17
CA PHE B 73 -37.34 -3.97 6.36
C PHE B 73 -36.66 -2.78 5.67
N ALA B 74 -37.42 -1.72 5.38
CA ALA B 74 -36.82 -0.55 4.77
C ALA B 74 -35.79 0.08 5.71
N SER B 75 -36.10 0.15 7.00
CA SER B 75 -35.16 0.71 7.96
C SER B 75 -33.88 -0.12 8.01
N THR B 76 -34.01 -1.45 7.97
CA THR B 76 -32.83 -2.30 7.94
C THR B 76 -31.98 -2.03 6.71
N MET B 77 -32.63 -1.89 5.55
CA MET B 77 -31.90 -1.57 4.32
C MET B 77 -31.33 -0.16 4.35
N ILE B 78 -31.87 0.71 5.20
CA ILE B 78 -31.34 2.07 5.33
C ILE B 78 -30.17 2.11 6.31
N ILE B 79 -30.28 1.39 7.43
CA ILE B 79 -29.16 1.34 8.38
C ILE B 79 -27.95 0.68 7.71
N VAL B 80 -28.17 -0.43 7.02
CA VAL B 80 -27.09 -1.06 6.28
C VAL B 80 -26.63 -0.16 5.14
N GLY B 81 -27.57 0.47 4.42
CA GLY B 81 -27.19 1.38 3.38
C GLY B 81 -26.41 2.57 3.90
N LEU B 82 -26.82 3.11 5.05
CA LEU B 82 -26.09 4.21 5.66
C LEU B 82 -24.77 3.76 6.26
N SER B 83 -24.61 2.46 6.55
CA SER B 83 -23.33 1.96 7.04
C SER B 83 -22.24 2.05 5.98
N VAL B 84 -22.61 1.86 4.70
CA VAL B 84 -21.64 2.02 3.63
C VAL B 84 -21.20 3.47 3.53
N VAL B 85 -22.12 4.41 3.74
CA VAL B 85 -21.77 5.83 3.72
C VAL B 85 -20.74 6.15 4.80
N VAL B 86 -20.87 5.50 5.96
CA VAL B 86 -19.91 5.71 7.03
C VAL B 86 -18.51 5.31 6.58
N THR B 87 -18.40 4.15 5.92
CA THR B 87 -17.11 3.74 5.38
C THR B 87 -16.64 4.64 4.24
N VAL B 88 -17.57 5.27 3.53
CA VAL B 88 -17.19 6.22 2.48
C VAL B 88 -16.69 7.51 3.08
N ILE B 89 -17.31 7.95 4.19
CA ILE B 89 -16.86 9.17 4.86
C ILE B 89 -15.44 8.98 5.39
N VAL B 90 -15.10 7.76 5.82
CA VAL B 90 -13.75 7.48 6.31
C VAL B 90 -12.73 7.77 5.21
N LEU B 91 -13.03 7.34 3.98
CA LEU B 91 -12.10 7.55 2.87
C LEU B 91 -11.86 9.03 2.59
N GLN B 92 -12.77 9.90 3.01
CA GLN B 92 -12.63 11.33 2.76
C GLN B 92 -11.78 12.03 3.82
N TYR B 93 -11.69 11.48 5.02
CA TYR B 93 -10.98 12.16 6.10
C TYR B 93 -9.48 11.92 6.02
N HIS B 94 -9.05 10.65 6.06
CA HIS B 94 -7.63 10.35 6.07
C HIS B 94 -6.96 10.62 4.73
N HIS B 95 -7.73 10.90 3.68
CA HIS B 95 -7.21 11.30 2.38
C HIS B 95 -7.60 12.73 2.05
N HIS B 96 -7.47 13.62 3.02
CA HIS B 96 -7.89 15.01 2.84
C HIS B 96 -7.19 15.64 1.64
N ASP B 97 -7.99 16.36 0.82
CA ASP B 97 -7.50 17.04 -0.37
C ASP B 97 -7.41 18.54 -0.12
N PRO B 98 -6.48 19.25 -0.75
CA PRO B 98 -6.38 20.70 -0.50
C PRO B 98 -7.66 21.46 -0.79
N ASP B 99 -8.48 20.98 -1.73
CA ASP B 99 -9.75 21.66 -2.02
C ASP B 99 -10.78 21.44 -0.93
N GLY B 100 -10.54 20.51 0.00
CA GLY B 100 -11.48 20.26 1.08
C GLY B 100 -11.67 18.79 1.35
N GLY B 101 -12.46 18.46 2.38
CA GLY B 101 -12.73 17.08 2.71
C GLY B 101 -12.62 16.79 4.20
N LYS B 102 -11.72 17.50 4.88
CA LYS B 102 -11.50 17.29 6.30
C LYS B 102 -12.50 18.11 7.11
N MET B 103 -12.42 17.99 8.43
CA MET B 103 -13.33 18.72 9.31
C MET B 103 -13.07 20.22 9.17
N PRO B 104 -14.12 21.04 9.15
CA PRO B 104 -13.92 22.50 9.06
C PRO B 104 -13.10 23.02 10.23
N LYS B 105 -12.32 24.07 9.97
CA LYS B 105 -11.47 24.64 11.01
C LYS B 105 -12.29 25.17 12.17
N TRP B 106 -13.40 25.86 11.87
CA TRP B 106 -14.23 26.40 12.95
C TRP B 106 -14.80 25.29 13.82
N THR B 107 -14.98 24.10 13.25
CA THR B 107 -15.48 22.95 14.01
C THR B 107 -14.36 22.06 14.53
N ARG B 108 -13.11 22.30 14.13
CA ARG B 108 -12.00 21.49 14.62
C ARG B 108 -11.67 21.77 16.08
N VAL B 109 -12.02 22.97 16.58
CA VAL B 109 -11.77 23.27 17.98
C VAL B 109 -12.64 22.40 18.87
N ILE B 110 -13.86 22.10 18.44
CA ILE B 110 -14.73 21.22 19.22
C ILE B 110 -14.15 19.83 19.30
N LEU B 111 -13.51 19.37 18.22
CA LEU B 111 -12.91 18.04 18.23
C LEU B 111 -11.82 17.91 19.28
N LEU B 112 -11.17 19.02 19.63
CA LEU B 112 -10.15 18.99 20.67
C LEU B 112 -10.74 18.60 22.02
N ASN B 113 -12.03 18.82 22.23
CA ASN B 113 -12.69 18.43 23.48
C ASN B 113 -13.29 17.03 23.40
N TRP B 114 -13.77 16.61 22.23
CA TRP B 114 -14.37 15.29 22.10
C TRP B 114 -13.36 14.19 22.41
N CYS B 115 -12.14 14.33 21.87
CA CYS B 115 -11.11 13.33 22.14
C CYS B 115 -10.76 13.28 23.62
N ALA B 116 -10.67 14.44 24.27
CA ALA B 116 -10.38 14.47 25.70
C ALA B 116 -11.55 13.93 26.52
N TRP B 117 -12.78 14.14 26.05
CA TRP B 117 -13.93 13.65 26.79
C TRP B 117 -14.07 12.14 26.74
N PHE B 118 -13.48 11.49 25.74
CA PHE B 118 -13.56 10.03 25.64
C PHE B 118 -12.90 9.37 26.86
N LEU B 119 -11.73 9.86 27.25
CA LEU B 119 -11.07 9.32 28.44
C LEU B 119 -11.82 9.67 29.70
N ARG B 120 -12.22 10.94 29.83
CA ARG B 120 -12.97 11.44 31.00
C ARG B 120 -14.13 12.28 30.48
N MET B 121 -15.30 11.65 30.34
CA MET B 121 -16.47 12.35 29.85
C MET B 121 -16.92 13.42 30.86
N LYS B 122 -17.44 14.52 30.32
CA LYS B 122 -17.92 15.61 31.18
C LYS B 122 -19.13 15.20 32.00
N ARG B 123 -19.79 14.11 31.65
CA ARG B 123 -20.97 13.66 32.39
C ARG B 123 -20.56 13.04 33.72
N PRO B 124 -21.50 12.91 34.66
CA PRO B 124 -21.15 12.32 35.96
C PRO B 124 -20.67 10.88 35.87
N GLY B 125 -20.95 10.19 34.77
CA GLY B 125 -20.53 8.81 34.66
C GLY B 125 -19.03 8.63 34.77
N GLU B 126 -18.27 9.59 34.23
CA GLU B 126 -16.82 9.54 34.27
C GLU B 126 -16.19 10.59 35.17
N ASP B 127 -16.79 11.77 35.29
CA ASP B 127 -16.24 12.81 36.14
C ASP B 127 -16.44 12.52 37.63
N LYS B 128 -17.41 11.66 37.97
CA LYS B 128 -17.68 11.34 39.36
C LYS B 128 -16.83 10.17 39.86
N VAL B 129 -16.56 9.19 39.00
CA VAL B 129 -15.78 8.02 39.39
C VAL B 129 -14.32 8.38 39.12
N ARG B 130 -13.71 9.03 40.10
CA ARG B 130 -12.31 9.44 40.03
C ARG B 130 -11.93 10.05 41.38
N PRO B 131 -10.62 10.18 41.65
CA PRO B 131 -10.20 10.79 42.92
C PRO B 131 -10.64 12.24 43.04
N ALA B 132 -11.52 12.54 43.98
CA ALA B 132 -12.00 13.88 44.21
C ALA B 132 -12.03 14.17 45.70
N CYS B 133 -11.62 15.38 46.07
CA CYS B 133 -11.58 15.79 47.47
C CYS B 133 -11.40 17.31 47.49
N GLN B 134 -11.20 17.87 48.68
CA GLN B 134 -10.99 19.30 48.85
C GLN B 134 -9.53 19.70 48.83
N HIS B 135 -8.63 18.76 48.54
CA HIS B 135 -7.20 19.04 48.51
C HIS B 135 -6.85 19.73 47.19
N LYS B 136 -5.55 19.85 46.91
CA LYS B 136 -5.10 20.54 45.71
C LYS B 136 -5.55 19.85 44.43
N GLN B 137 -5.99 18.59 44.52
CA GLN B 137 -6.42 17.87 43.32
C GLN B 137 -7.60 18.56 42.65
N ARG B 138 -8.44 19.24 43.41
CA ARG B 138 -9.62 19.93 42.91
C ARG B 138 -9.58 21.41 43.22
N ARG B 139 -8.39 22.00 43.19
CA ARG B 139 -8.19 23.41 43.44
C ARG B 139 -7.81 24.13 42.15
N CYS B 140 -7.86 25.46 42.21
CA CYS B 140 -7.55 26.32 41.07
C CYS B 140 -6.25 27.07 41.34
N SER B 141 -5.40 27.14 40.33
CA SER B 141 -4.12 27.83 40.44
C SER B 141 -3.79 28.47 39.09
N LEU B 142 -2.58 28.99 38.97
CA LEU B 142 -2.17 29.63 37.72
C LEU B 142 -2.06 28.61 36.58
N ALA B 143 -1.58 27.40 36.90
CA ALA B 143 -1.42 26.39 35.86
C ALA B 143 -2.77 26.01 35.24
N SER B 144 -3.79 25.83 36.07
CA SER B 144 -5.11 25.47 35.54
C SER B 144 -5.73 26.64 34.80
N VAL B 145 -5.63 27.85 35.35
CA VAL B 145 -6.20 29.04 34.73
C VAL B 145 -5.11 29.63 33.85
N GLU B 146 -5.13 29.25 32.57
CA GLU B 146 -4.15 29.72 31.59
C GLU B 146 -4.77 30.69 30.59
N MET B 147 -5.77 31.46 31.02
CA MET B 147 -6.41 32.42 30.14
C MET B 147 -5.51 33.60 29.81
N SER B 148 -4.45 33.80 30.58
CA SER B 148 -3.51 34.90 30.36
C SER B 148 -2.21 34.42 29.73
N ALA B 149 -2.29 33.45 28.83
CA ALA B 149 -1.12 32.90 28.15
C ALA B 149 -0.10 32.38 29.16
N VAL B 150 -0.59 31.64 30.15
CA VAL B 150 0.27 31.06 31.18
C VAL B 150 0.83 29.74 30.67
N ALA B 151 2.05 29.45 31.08
CA ALA B 151 2.70 28.23 30.63
C ALA B 151 1.96 27.01 31.17
N PRO B 152 1.58 26.06 30.32
CA PRO B 152 0.86 24.88 30.81
C PRO B 152 1.80 23.91 31.50
N PRO B 153 1.28 22.85 32.12
CA PRO B 153 2.16 21.89 32.78
C PRO B 153 3.10 21.25 31.77
N PRO B 154 4.31 20.86 32.21
CA PRO B 154 5.25 20.23 31.27
C PRO B 154 4.83 18.83 30.89
N ALA B 155 3.89 18.72 29.95
CA ALA B 155 3.39 17.43 29.49
C ALA B 155 3.93 17.13 28.09
N SER B 156 3.94 15.85 27.76
CA SER B 156 4.45 15.38 26.47
C SER B 156 3.37 15.31 25.40
N ASN B 157 2.14 15.71 25.71
CA ASN B 157 1.04 15.66 24.76
C ASN B 157 0.99 16.90 23.86
N GLY B 158 1.88 17.85 24.04
CA GLY B 158 1.89 19.05 23.23
C GLY B 158 1.94 20.33 24.04
N ASN B 159 2.18 20.20 25.35
CA ASN B 159 2.25 21.36 26.24
C ASN B 159 3.68 21.84 26.47
N LEU B 160 4.68 21.01 26.20
CA LEU B 160 6.08 21.37 26.38
C LEU B 160 6.90 21.26 25.11
N LEU B 161 6.68 20.22 24.30
CA LEU B 161 7.44 20.06 23.08
C LEU B 161 7.06 21.12 22.04
N TYR B 162 5.76 21.32 21.84
CA TYR B 162 5.32 22.32 20.86
C TYR B 162 5.54 23.74 21.37
N ILE B 163 5.27 23.97 22.66
CA ILE B 163 5.44 25.30 23.21
C ILE B 163 6.89 25.57 23.59
N GLY B 164 7.67 24.53 23.88
CA GLY B 164 9.08 24.72 24.20
C GLY B 164 9.97 24.89 22.99
N PHE B 165 9.47 24.53 21.80
CA PHE B 165 10.23 24.67 20.56
C PHE B 165 9.69 25.78 19.69
N ARG B 166 8.38 25.85 19.50
CA ARG B 166 7.75 26.88 18.68
C ARG B 166 7.16 28.02 19.48
N GLY B 167 6.64 27.75 20.68
CA GLY B 167 6.03 28.79 21.49
C GLY B 167 7.03 29.75 22.11
N LEU B 168 8.28 29.31 22.29
CA LEU B 168 9.32 30.16 22.87
C LEU B 168 10.00 30.95 21.75
N ASP B 169 9.24 31.91 21.21
CA ASP B 169 9.73 32.77 20.12
C ASP B 169 10.44 33.95 20.75
N GLY B 170 11.72 33.76 21.05
CA GLY B 170 12.52 34.81 21.66
C GLY B 170 13.36 34.32 22.82
N VAL B 171 13.24 33.04 23.16
CA VAL B 171 13.97 32.43 24.27
C VAL B 171 14.79 31.24 23.78
N HIS B 172 14.15 30.29 23.10
CA HIS B 172 14.84 29.11 22.61
C HIS B 172 15.37 29.31 21.20
N CYS B 173 14.48 29.61 20.25
CA CYS B 173 14.92 29.82 18.87
C CYS B 173 15.85 31.02 18.76
N VAL B 174 15.50 32.11 19.42
CA VAL B 174 16.31 33.34 19.40
C VAL B 174 16.52 33.82 20.83
N PRO B 175 17.44 33.21 21.58
CA PRO B 175 17.65 33.64 22.97
C PRO B 175 18.03 35.12 23.03
N THR B 176 17.15 35.90 23.66
CA THR B 176 17.37 37.34 23.81
C THR B 176 18.42 37.61 24.88
N PRO B 177 18.30 37.05 26.10
CA PRO B 177 19.31 37.35 27.13
C PRO B 177 20.63 36.62 26.90
N ASP B 178 21.41 37.15 25.97
CA ASP B 178 22.71 36.59 25.62
C ASP B 178 23.88 37.55 25.87
N SER B 179 23.61 38.81 26.18
CA SER B 179 24.66 39.80 26.41
C SER B 179 25.12 39.70 27.85
N GLY B 180 26.17 38.91 28.08
CA GLY B 180 26.72 38.74 29.42
C GLY B 180 26.03 37.72 30.28
N VAL B 181 25.02 37.02 29.76
CA VAL B 181 24.28 36.00 30.51
C VAL B 181 24.65 34.60 30.03
N VAL B 182 24.39 34.30 28.75
CA VAL B 182 24.76 32.99 28.22
C VAL B 182 26.27 32.86 28.10
N CYS B 183 26.93 33.91 27.62
CA CYS B 183 28.38 33.92 27.46
C CYS B 183 29.10 34.57 28.63
N GLY B 184 28.46 34.59 29.80
CA GLY B 184 29.05 35.18 30.99
C GLY B 184 28.92 34.31 32.22
N ARG B 185 28.60 33.03 32.01
CA ARG B 185 28.42 32.08 33.10
C ARG B 185 29.20 30.81 32.79
N MET B 186 29.47 30.03 33.83
CA MET B 186 30.22 28.79 33.73
C MET B 186 29.32 27.58 33.49
N ALA B 187 28.01 27.79 33.31
CA ALA B 187 27.08 26.69 33.11
C ALA B 187 27.19 26.22 31.66
N CYS B 188 28.21 25.42 31.41
CA CYS B 188 28.45 24.83 30.09
C CYS B 188 28.55 25.92 29.01
N SER B 189 29.19 27.02 29.36
CA SER B 189 29.37 28.13 28.43
C SER B 189 30.57 28.95 28.89
N PRO B 190 31.21 29.70 27.99
CA PRO B 190 32.34 30.54 28.39
C PRO B 190 31.90 31.67 29.30
N THR B 191 32.81 32.10 30.16
CA THR B 191 32.58 33.20 31.10
C THR B 191 33.47 34.37 30.69
N HIS B 192 32.96 35.19 29.77
CA HIS B 192 33.69 36.36 29.29
C HIS B 192 35.06 35.97 28.76
N ASP B 193 35.12 34.83 28.08
CA ASP B 193 36.37 34.31 27.52
C ASP B 193 36.53 34.88 26.12
N GLU B 194 37.33 35.94 25.99
CA GLU B 194 37.59 36.56 24.70
C GLU B 194 38.62 35.81 23.88
N HIS B 195 39.39 34.90 24.49
CA HIS B 195 40.41 34.12 23.82
C HIS B 195 40.00 32.65 23.70
N LEU B 196 38.71 32.41 23.50
CA LEU B 196 38.18 31.05 23.36
C LEU B 196 38.54 30.53 21.98
N LEU B 197 39.74 29.94 21.89
CA LEU B 197 40.24 29.39 20.64
C LEU B 197 40.68 27.95 20.85
N HIS B 198 40.75 27.20 19.75
CA HIS B 198 41.15 25.80 19.78
C HIS B 198 42.68 25.70 19.81
N GLY B 199 43.24 26.14 20.93
CA GLY B 199 44.68 26.12 21.08
C GLY B 199 45.40 27.01 20.09
N GLY B 200 44.89 28.22 19.87
CA GLY B 200 45.45 29.14 18.90
C GLY B 200 44.81 29.09 17.54
N GLN B 201 44.00 28.08 17.26
CA GLN B 201 43.31 27.93 15.99
C GLN B 201 41.84 28.34 16.12
N PRO B 202 41.17 28.59 15.01
CA PRO B 202 39.75 28.95 15.09
C PRO B 202 38.96 27.85 15.75
N PRO B 203 37.88 28.20 16.47
CA PRO B 203 37.10 27.16 17.14
C PRO B 203 36.59 26.08 16.20
N GLU B 204 36.22 26.44 14.97
CA GLU B 204 35.72 25.48 14.00
C GLU B 204 36.90 24.76 13.35
N GLY B 205 37.00 23.45 13.60
CA GLY B 205 38.09 22.69 13.01
C GLY B 205 38.03 22.62 11.50
N ASP B 206 36.82 22.52 10.95
CA ASP B 206 36.64 22.44 9.50
C ASP B 206 35.33 23.09 9.10
N PRO B 207 35.34 24.10 8.22
CA PRO B 207 34.07 24.68 7.78
C PRO B 207 33.14 23.69 7.11
N ASP B 208 33.68 22.62 6.50
CA ASP B 208 32.83 21.63 5.85
C ASP B 208 31.89 20.96 6.84
N LEU B 209 32.28 20.89 8.12
CA LEU B 209 31.41 20.29 9.12
C LEU B 209 30.10 21.07 9.26
N ALA B 210 30.19 22.41 9.21
CA ALA B 210 28.98 23.22 9.30
C ALA B 210 28.06 22.96 8.11
N LYS B 211 28.64 22.81 6.91
CA LYS B 211 27.83 22.51 5.74
C LYS B 211 27.13 21.16 5.88
N ILE B 212 27.84 20.17 6.44
CA ILE B 212 27.22 18.86 6.64
C ILE B 212 26.08 18.95 7.63
N LEU B 213 26.21 19.81 8.65
CA LEU B 213 25.16 19.96 9.63
C LEU B 213 23.87 20.45 8.98
N GLU B 214 23.97 21.42 8.05
CA GLU B 214 22.78 21.92 7.38
C GLU B 214 22.10 20.82 6.58
N GLU B 215 22.88 20.02 5.85
CA GLU B 215 22.30 18.90 5.12
C GLU B 215 21.77 17.84 6.05
N VAL B 216 22.50 17.53 7.12
CA VAL B 216 22.04 16.54 8.10
C VAL B 216 20.79 17.06 8.80
N ARG B 217 20.76 18.34 9.15
CA ARG B 217 19.59 18.91 9.80
C ARG B 217 18.36 18.82 8.90
N TYR B 218 18.54 19.09 7.60
CA TYR B 218 17.42 18.98 6.67
C TYR B 218 16.90 17.54 6.62
N ILE B 219 17.81 16.57 6.60
CA ILE B 219 17.40 15.16 6.62
C ILE B 219 16.64 14.86 7.90
N ALA B 220 17.16 15.33 9.04
CA ALA B 220 16.47 15.12 10.30
C ALA B 220 15.13 15.85 10.31
N ASN B 221 15.09 17.07 9.75
CA ASN B 221 13.84 17.81 9.68
C ASN B 221 12.83 17.14 8.75
N ARG B 222 13.31 16.51 7.67
CA ARG B 222 12.42 15.79 6.77
C ARG B 222 11.70 14.67 7.50
N PHE B 223 12.44 13.90 8.31
CA PHE B 223 11.79 12.87 9.13
C PHE B 223 10.89 13.49 10.17
N ARG B 224 11.32 14.60 10.78
CA ARG B 224 10.47 15.28 11.74
C ARG B 224 9.19 15.79 11.08
N CYS B 225 9.32 16.34 9.87
CA CYS B 225 8.13 16.78 9.13
C CYS B 225 7.21 15.60 8.83
N GLN B 226 7.78 14.47 8.44
CA GLN B 226 6.97 13.27 8.21
C GLN B 226 6.28 12.83 9.49
N ASP B 227 7.00 12.84 10.61
CA ASP B 227 6.38 12.50 11.89
C ASP B 227 5.29 13.51 12.25
N GLU B 228 5.56 14.80 12.02
CA GLU B 228 4.54 15.81 12.26
C GLU B 228 3.40 15.68 11.26
N SER B 229 3.70 15.32 10.01
CA SER B 229 2.63 15.12 9.03
C SER B 229 1.72 13.96 9.43
N GLU B 230 2.31 12.89 9.97
CA GLU B 230 1.49 11.77 10.44
C GLU B 230 0.62 12.17 11.62
N ALA B 231 1.12 13.06 12.48
CA ALA B 231 0.30 13.55 13.60
C ALA B 231 -0.91 14.30 13.09
N VAL B 232 -0.73 15.15 12.07
CA VAL B 232 -1.87 15.83 11.47
C VAL B 232 -2.77 14.84 10.76
N CYS B 233 -2.19 13.86 10.06
CA CYS B 233 -3.00 12.83 9.42
C CYS B 233 -3.73 11.97 10.44
N SER B 234 -3.11 11.73 11.60
CA SER B 234 -3.77 10.93 12.64
C SER B 234 -5.01 11.64 13.17
N GLU B 235 -5.00 12.98 13.17
CA GLU B 235 -6.19 13.71 13.62
C GLU B 235 -7.37 13.43 12.70
N TRP B 236 -7.15 13.42 11.39
CA TRP B 236 -8.21 13.06 10.46
C TRP B 236 -8.61 11.61 10.64
N LYS B 237 -7.64 10.72 10.83
CA LYS B 237 -7.96 9.31 11.09
C LYS B 237 -8.72 9.16 12.40
N PHE B 238 -8.31 9.88 13.43
CA PHE B 238 -9.04 9.85 14.70
C PHE B 238 -10.39 10.55 14.60
N ALA B 239 -10.46 11.62 13.80
CA ALA B 239 -11.71 12.34 13.65
C ALA B 239 -12.81 11.45 13.07
N ALA B 240 -12.44 10.59 12.12
CA ALA B 240 -13.43 9.70 11.52
C ALA B 240 -14.05 8.78 12.57
N CYS B 241 -13.22 8.22 13.46
CA CYS B 241 -13.75 7.39 14.52
C CYS B 241 -14.66 8.19 15.45
N VAL B 242 -14.27 9.43 15.77
CA VAL B 242 -15.10 10.28 16.61
C VAL B 242 -16.43 10.56 15.92
N VAL B 243 -16.38 10.86 14.62
CA VAL B 243 -17.62 11.10 13.88
C VAL B 243 -18.47 9.83 13.85
N ASP B 244 -17.84 8.69 13.62
CA ASP B 244 -18.57 7.42 13.65
C ASP B 244 -19.03 7.06 15.05
N ARG B 245 -18.37 7.58 16.09
CA ARG B 245 -18.82 7.32 17.46
C ARG B 245 -20.21 7.87 17.69
N LEU B 246 -20.48 9.09 17.20
CA LEU B 246 -21.82 9.66 17.33
C LEU B 246 -22.83 8.84 16.55
N CYS B 247 -22.45 8.35 15.36
CA CYS B 247 -23.35 7.53 14.56
C CYS B 247 -23.70 6.25 15.30
N LEU B 248 -22.71 5.63 15.96
CA LEU B 248 -22.98 4.40 16.70
C LEU B 248 -23.98 4.65 17.82
N MET B 249 -23.83 5.76 18.54
CA MET B 249 -24.76 6.09 19.61
C MET B 249 -26.14 6.47 19.09
N ALA B 250 -26.24 6.86 17.82
CA ALA B 250 -27.50 7.25 17.20
C ALA B 250 -28.15 6.10 16.42
N PHE B 251 -27.36 5.40 15.60
CA PHE B 251 -27.91 4.29 14.85
C PHE B 251 -28.33 3.13 15.76
N SER B 252 -27.66 2.99 16.91
CA SER B 252 -28.04 1.94 17.84
C SER B 252 -29.46 2.14 18.36
N VAL B 253 -29.82 3.38 18.67
CA VAL B 253 -31.17 3.67 19.13
C VAL B 253 -32.19 3.32 18.06
N PHE B 254 -31.91 3.69 16.81
CA PHE B 254 -32.82 3.37 15.71
C PHE B 254 -32.96 1.87 15.54
N THR B 255 -31.85 1.13 15.63
CA THR B 255 -31.91 -0.33 15.53
C THR B 255 -32.74 -0.92 16.66
N ILE B 256 -32.57 -0.40 17.88
CA ILE B 256 -33.35 -0.89 19.01
C ILE B 256 -34.83 -0.60 18.80
N ILE B 257 -35.15 0.57 18.25
CA ILE B 257 -36.54 0.92 18.01
C ILE B 257 -37.17 -0.06 17.02
N CYS B 258 -36.44 -0.39 15.95
CA CYS B 258 -36.96 -1.34 14.97
C CYS B 258 -37.20 -2.70 15.61
N THR B 259 -36.27 -3.16 16.45
CA THR B 259 -36.46 -4.44 17.12
C THR B 259 -37.67 -4.40 18.04
N ILE B 260 -37.84 -3.30 18.77
CA ILE B 260 -38.99 -3.17 19.66
C ILE B 260 -40.29 -3.21 18.85
N GLY B 261 -40.33 -2.50 17.72
CA GLY B 261 -41.53 -2.50 16.91
C GLY B 261 -41.88 -3.88 16.39
N ILE B 262 -40.86 -4.66 16.02
CA ILE B 262 -41.10 -6.02 15.52
C ILE B 262 -41.77 -6.86 16.60
N LEU B 263 -41.28 -6.77 17.84
CA LEU B 263 -41.86 -7.54 18.93
C LEU B 263 -43.30 -7.13 19.22
N MET B 264 -43.69 -5.91 18.86
CA MET B 264 -45.05 -5.42 19.09
C MET B 264 -45.94 -5.54 17.87
N SER B 265 -45.38 -5.58 16.66
CA SER B 265 -46.15 -5.68 15.43
C SER B 265 -46.23 -7.10 14.90
N ALA B 266 -45.27 -7.96 15.24
CA ALA B 266 -45.30 -9.33 14.74
C ALA B 266 -46.56 -10.08 15.15
N PRO B 267 -47.01 -10.04 16.40
CA PRO B 267 -48.22 -10.78 16.77
C PRO B 267 -49.45 -10.35 15.99
N ASN B 268 -49.53 -9.09 15.56
CA ASN B 268 -50.70 -8.62 14.82
C ASN B 268 -50.71 -9.16 13.40
N PHE B 269 -49.56 -9.13 12.73
CA PHE B 269 -49.44 -9.59 11.35
C PHE B 269 -48.68 -10.90 11.24
N VAL B 270 -47.48 -10.97 11.79
CA VAL B 270 -46.68 -12.18 11.73
C VAL B 270 -47.22 -13.23 12.68
N LEU C 7 -32.20 -39.48 -5.79
CA LEU C 7 -31.71 -38.20 -5.27
C LEU C 7 -31.00 -37.40 -6.35
N TYR C 8 -31.78 -36.79 -7.25
CA TYR C 8 -31.20 -35.99 -8.31
C TYR C 8 -30.59 -34.71 -7.77
N TYR C 9 -31.42 -33.87 -7.15
CA TYR C 9 -30.93 -32.63 -6.56
C TYR C 9 -30.32 -32.82 -5.18
N GLY C 10 -30.55 -33.96 -4.53
CA GLY C 10 -29.97 -34.19 -3.22
C GLY C 10 -28.46 -34.29 -3.26
N LEU C 11 -27.91 -35.00 -4.26
CA LEU C 11 -26.46 -35.11 -4.38
C LEU C 11 -25.84 -33.83 -4.89
N ASN C 12 -26.58 -33.05 -5.69
CA ASN C 12 -26.08 -31.80 -6.23
C ASN C 12 -26.19 -30.64 -5.24
N LEU C 13 -26.86 -30.84 -4.11
CA LEU C 13 -27.01 -29.80 -3.11
C LEU C 13 -26.38 -30.13 -1.76
N LEU C 14 -26.07 -31.40 -1.50
CA LEU C 14 -25.45 -31.80 -0.24
C LEU C 14 -23.92 -31.71 -0.32
N ILE C 15 -23.33 -32.04 -1.46
CA ILE C 15 -21.87 -31.98 -1.59
C ILE C 15 -21.35 -30.58 -1.34
N PRO C 16 -21.92 -29.52 -1.92
CA PRO C 16 -21.40 -28.17 -1.65
C PRO C 16 -21.44 -27.79 -0.17
N CYS C 17 -22.38 -28.35 0.59
CA CYS C 17 -22.49 -28.00 2.00
C CYS C 17 -21.21 -28.34 2.77
N VAL C 18 -20.64 -29.53 2.51
CA VAL C 18 -19.42 -29.91 3.20
C VAL C 18 -18.21 -29.23 2.56
N LEU C 19 -18.24 -28.99 1.26
CA LEU C 19 -17.12 -28.32 0.61
C LEU C 19 -17.05 -26.85 1.00
N ILE C 20 -18.20 -26.18 1.08
CA ILE C 20 -18.22 -24.77 1.47
C ILE C 20 -17.71 -24.61 2.91
N SER C 21 -18.15 -25.49 3.81
CA SER C 21 -17.70 -25.41 5.19
C SER C 21 -16.21 -25.67 5.31
N ALA C 22 -15.65 -26.52 4.45
CA ALA C 22 -14.23 -26.80 4.51
C ALA C 22 -13.40 -25.58 4.11
N LEU C 23 -13.92 -24.76 3.18
CA LEU C 23 -13.19 -23.57 2.76
C LEU C 23 -13.10 -22.55 3.89
N ALA C 24 -14.11 -22.48 4.75
CA ALA C 24 -14.09 -21.52 5.85
C ALA C 24 -13.05 -21.87 6.90
N LEU C 25 -12.68 -23.15 7.01
CA LEU C 25 -11.68 -23.53 8.00
C LEU C 25 -10.30 -22.97 7.66
N LEU C 26 -9.98 -22.88 6.37
CA LEU C 26 -8.68 -22.36 5.96
C LEU C 26 -8.58 -20.86 6.18
N VAL C 27 -9.70 -20.16 6.28
CA VAL C 27 -9.66 -18.70 6.49
C VAL C 27 -9.07 -18.38 7.86
N PHE C 28 -9.44 -19.16 8.88
CA PHE C 28 -8.95 -18.90 10.23
C PHE C 28 -7.44 -19.10 10.35
N LEU C 29 -6.84 -19.87 9.45
CA LEU C 29 -5.40 -20.14 9.49
C LEU C 29 -4.59 -19.12 8.69
N LEU C 30 -5.24 -18.16 8.03
CA LEU C 30 -4.51 -17.18 7.24
C LEU C 30 -3.92 -16.10 8.14
N PRO C 31 -2.84 -15.45 7.69
CA PRO C 31 -2.23 -14.39 8.51
C PRO C 31 -3.11 -13.15 8.57
N ALA C 32 -2.90 -12.36 9.62
CA ALA C 32 -3.67 -11.14 9.81
C ALA C 32 -3.25 -10.05 8.85
N ASP C 33 -2.00 -10.03 8.42
CA ASP C 33 -1.52 -8.98 7.51
C ASP C 33 -2.19 -9.07 6.14
N SER C 34 -2.82 -10.20 5.81
CA SER C 34 -3.49 -10.37 4.52
C SER C 34 -4.89 -9.77 4.64
N GLY C 35 -4.99 -8.47 4.36
CA GLY C 35 -6.26 -7.78 4.42
C GLY C 35 -7.17 -8.00 3.23
N GLU C 36 -6.67 -8.67 2.18
CA GLU C 36 -7.47 -8.95 1.00
C GLU C 36 -8.27 -10.24 1.13
N LYS C 37 -8.10 -10.99 2.21
CA LYS C 37 -8.82 -12.23 2.39
C LYS C 37 -10.30 -12.01 2.74
N ILE C 38 -10.69 -10.76 3.02
CA ILE C 38 -12.10 -10.49 3.32
C ILE C 38 -12.97 -10.83 2.13
N SER C 39 -12.49 -10.54 0.92
CA SER C 39 -13.25 -10.86 -0.29
C SER C 39 -13.42 -12.36 -0.48
N LEU C 40 -12.57 -13.18 0.15
CA LEU C 40 -12.71 -14.63 0.01
C LEU C 40 -14.03 -15.10 0.60
N GLY C 41 -14.42 -14.56 1.75
CA GLY C 41 -15.69 -14.95 2.36
C GLY C 41 -16.90 -14.44 1.62
N ILE C 42 -16.77 -13.36 0.87
CA ILE C 42 -17.91 -12.82 0.12
C ILE C 42 -18.32 -13.79 -0.98
N THR C 43 -17.34 -14.25 -1.76
CA THR C 43 -17.66 -15.17 -2.85
C THR C 43 -18.11 -16.53 -2.31
N VAL C 44 -17.49 -17.00 -1.23
CA VAL C 44 -17.90 -18.26 -0.63
C VAL C 44 -19.32 -18.16 -0.10
N LEU C 45 -19.63 -17.07 0.61
CA LEU C 45 -20.98 -16.89 1.11
C LEU C 45 -21.96 -16.63 -0.04
N LEU C 46 -21.54 -15.86 -1.04
CA LEU C 46 -22.41 -15.58 -2.17
C LEU C 46 -22.74 -16.87 -2.94
N SER C 47 -21.75 -17.74 -3.13
CA SER C 47 -22.00 -19.00 -3.82
C SER C 47 -22.95 -19.88 -3.04
N LEU C 48 -22.85 -19.89 -1.71
CA LEU C 48 -23.76 -20.69 -0.90
C LEU C 48 -25.18 -20.13 -0.94
N THR C 49 -25.32 -18.80 -0.99
CA THR C 49 -26.66 -18.21 -1.06
C THR C 49 -27.36 -18.58 -2.37
N VAL C 50 -26.61 -18.64 -3.47
CA VAL C 50 -27.20 -19.01 -4.75
C VAL C 50 -27.77 -20.42 -4.68
N PHE C 51 -27.01 -21.36 -4.10
CA PHE C 51 -27.51 -22.72 -3.94
C PHE C 51 -28.65 -22.78 -2.94
N MET C 52 -28.68 -21.86 -1.97
CA MET C 52 -29.75 -21.86 -0.98
C MET C 52 -31.10 -21.60 -1.64
N LEU C 53 -31.13 -20.73 -2.64
CA LEU C 53 -32.39 -20.44 -3.32
C LEU C 53 -32.97 -21.69 -3.97
N LEU C 54 -32.11 -22.49 -4.60
CA LEU C 54 -32.59 -23.73 -5.21
C LEU C 54 -33.09 -24.71 -4.15
N VAL C 55 -32.44 -24.73 -2.99
CA VAL C 55 -32.86 -25.63 -1.92
C VAL C 55 -34.27 -25.29 -1.47
N ALA C 56 -34.57 -24.00 -1.33
CA ALA C 56 -35.89 -23.59 -0.86
C ALA C 56 -36.99 -24.06 -1.81
N GLU C 57 -36.73 -23.97 -3.12
CA GLU C 57 -37.74 -24.41 -4.10
C GLU C 57 -38.00 -25.90 -3.98
N ILE C 58 -36.95 -26.70 -3.75
CA ILE C 58 -37.11 -28.14 -3.62
C ILE C 58 -37.47 -28.56 -2.19
N MET C 59 -37.18 -27.73 -1.19
CA MET C 59 -37.50 -28.08 0.17
C MET C 59 -39.01 -28.22 0.33
N PRO C 60 -39.49 -29.24 1.05
CA PRO C 60 -40.94 -29.38 1.26
C PRO C 60 -41.52 -28.14 1.92
N SER C 61 -42.60 -27.63 1.35
CA SER C 61 -43.28 -26.46 1.89
C SER C 61 -44.27 -26.90 2.96
N THR C 62 -43.94 -26.64 4.22
CA THR C 62 -44.77 -27.00 5.34
C THR C 62 -45.52 -25.77 5.85
N SER C 63 -46.31 -25.97 6.90
CA SER C 63 -47.09 -24.88 7.50
C SER C 63 -46.31 -24.16 8.59
N ASP C 64 -45.87 -24.89 9.61
CA ASP C 64 -45.11 -24.33 10.73
C ASP C 64 -43.77 -25.02 10.93
N SER C 65 -43.70 -26.34 10.78
CA SER C 65 -42.45 -27.05 10.93
C SER C 65 -41.60 -26.92 9.68
N SER C 66 -40.33 -27.27 9.80
CA SER C 66 -39.38 -27.22 8.71
C SER C 66 -38.48 -28.45 8.75
N PRO C 67 -37.98 -28.90 7.61
CA PRO C 67 -37.08 -30.07 7.62
C PRO C 67 -35.81 -29.78 8.40
N SER C 68 -35.25 -30.83 8.99
CA SER C 68 -34.01 -30.69 9.75
C SER C 68 -32.87 -30.19 8.88
N ILE C 69 -32.90 -30.49 7.58
CA ILE C 69 -31.83 -30.06 6.69
C ILE C 69 -31.74 -28.54 6.65
N ALA C 70 -32.86 -27.85 6.87
CA ALA C 70 -32.84 -26.39 6.87
C ALA C 70 -31.95 -25.86 7.98
N GLN C 71 -32.02 -26.44 9.17
CA GLN C 71 -31.18 -26.00 10.27
C GLN C 71 -29.72 -26.33 10.01
N TYR C 72 -29.45 -27.49 9.39
CA TYR C 72 -28.07 -27.85 9.10
C TYR C 72 -27.44 -26.87 8.13
N PHE C 73 -28.19 -26.44 7.11
CA PHE C 73 -27.67 -25.43 6.19
C PHE C 73 -27.52 -24.08 6.88
N ALA C 74 -28.35 -23.80 7.87
CA ALA C 74 -28.22 -22.54 8.62
C ALA C 74 -26.87 -22.47 9.33
N SER C 75 -26.44 -23.59 9.93
CA SER C 75 -25.15 -23.61 10.60
C SER C 75 -24.02 -23.34 9.62
N THR C 76 -24.11 -23.92 8.42
CA THR C 76 -23.09 -23.66 7.40
C THR C 76 -23.06 -22.18 7.02
N MET C 77 -24.24 -21.57 6.86
CA MET C 77 -24.30 -20.15 6.56
C MET C 77 -23.85 -19.30 7.73
N ILE C 78 -23.88 -19.83 8.95
CA ILE C 78 -23.41 -19.11 10.12
C ILE C 78 -21.91 -19.23 10.28
N ILE C 79 -21.36 -20.44 10.06
CA ILE C 79 -19.91 -20.61 10.13
C ILE C 79 -19.24 -19.78 9.05
N VAL C 80 -19.77 -19.82 7.83
CA VAL C 80 -19.24 -18.97 6.76
C VAL C 80 -19.51 -17.50 7.08
N GLY C 81 -20.71 -17.19 7.57
CA GLY C 81 -21.01 -15.82 7.94
C GLY C 81 -20.12 -15.31 9.05
N LEU C 82 -19.84 -16.16 10.03
CA LEU C 82 -18.93 -15.78 11.12
C LEU C 82 -17.48 -15.73 10.66
N SER C 83 -17.15 -16.41 9.56
CA SER C 83 -15.79 -16.34 9.03
C SER C 83 -15.47 -14.93 8.53
N VAL C 84 -16.46 -14.24 7.94
CA VAL C 84 -16.25 -12.87 7.51
C VAL C 84 -15.98 -11.97 8.71
N VAL C 85 -16.65 -12.23 9.84
CA VAL C 85 -16.43 -11.45 11.04
C VAL C 85 -14.98 -11.60 11.51
N VAL C 86 -14.42 -12.80 11.37
CA VAL C 86 -13.04 -13.03 11.75
C VAL C 86 -12.11 -12.14 10.94
N THR C 87 -12.33 -12.06 9.64
CA THR C 87 -11.54 -11.15 8.81
C THR C 87 -11.81 -9.69 9.13
N VAL C 88 -13.00 -9.37 9.65
CA VAL C 88 -13.29 -8.00 10.07
C VAL C 88 -12.58 -7.68 11.36
N ILE C 89 -12.48 -8.66 12.28
CA ILE C 89 -11.76 -8.44 13.53
C ILE C 89 -10.29 -8.19 13.25
N VAL C 90 -9.73 -8.84 12.23
CA VAL C 90 -8.33 -8.61 11.87
C VAL C 90 -8.10 -7.15 11.52
N LEU C 91 -9.03 -6.56 10.76
CA LEU C 91 -8.88 -5.16 10.37
C LEU C 91 -8.90 -4.22 11.57
N GLN C 92 -9.42 -4.67 12.71
CA GLN C 92 -9.50 -3.82 13.90
C GLN C 92 -8.24 -3.89 14.75
N TYR C 93 -7.47 -4.97 14.66
CA TYR C 93 -6.30 -5.14 15.52
C TYR C 93 -5.08 -4.42 14.96
N HIS C 94 -4.67 -4.77 13.75
CA HIS C 94 -3.47 -4.18 13.17
C HIS C 94 -3.64 -2.73 12.77
N HIS C 95 -4.87 -2.21 12.80
CA HIS C 95 -5.17 -0.80 12.56
C HIS C 95 -5.73 -0.16 13.82
N HIS C 96 -5.11 -0.44 14.96
CA HIS C 96 -5.62 0.06 16.23
C HIS C 96 -5.72 1.58 16.22
N ASP C 97 -6.86 2.08 16.73
CA ASP C 97 -7.14 3.50 16.81
C ASP C 97 -6.98 3.99 18.25
N PRO C 98 -6.57 5.25 18.46
CA PRO C 98 -6.38 5.72 19.84
C PRO C 98 -7.64 5.60 20.70
N ASP C 99 -8.83 5.69 20.11
CA ASP C 99 -10.06 5.54 20.87
C ASP C 99 -10.32 4.11 21.29
N GLY C 100 -9.58 3.14 20.75
CA GLY C 100 -9.76 1.74 21.11
C GLY C 100 -9.72 0.83 19.91
N GLY C 101 -9.78 -0.48 20.15
CA GLY C 101 -9.77 -1.45 19.07
C GLY C 101 -8.83 -2.62 19.33
N LYS C 102 -7.74 -2.38 20.05
CA LYS C 102 -6.77 -3.41 20.36
C LYS C 102 -7.20 -4.19 21.60
N MET C 103 -6.42 -5.20 21.95
CA MET C 103 -6.74 -6.01 23.11
C MET C 103 -6.64 -5.17 24.38
N PRO C 104 -7.57 -5.34 25.33
CA PRO C 104 -7.49 -4.56 26.57
C PRO C 104 -6.19 -4.82 27.31
N LYS C 105 -5.71 -3.78 28.00
CA LYS C 105 -4.45 -3.90 28.72
C LYS C 105 -4.53 -4.98 29.81
N TRP C 106 -5.64 -5.02 30.54
CA TRP C 106 -5.78 -6.02 31.60
C TRP C 106 -5.73 -7.43 31.04
N THR C 107 -6.13 -7.62 29.79
CA THR C 107 -6.09 -8.91 29.13
C THR C 107 -4.83 -9.14 28.30
N ARG C 108 -4.08 -8.07 27.99
CA ARG C 108 -2.85 -8.22 27.22
C ARG C 108 -1.80 -9.01 27.97
N VAL C 109 -1.87 -9.06 29.30
CA VAL C 109 -0.91 -9.86 30.06
C VAL C 109 -1.10 -11.34 29.77
N ILE C 110 -2.37 -11.76 29.59
CA ILE C 110 -2.63 -13.16 29.26
C ILE C 110 -2.05 -13.52 27.90
N LEU C 111 -2.08 -12.56 26.96
CA LEU C 111 -1.53 -12.83 25.63
C LEU C 111 -0.03 -13.12 25.70
N LEU C 112 0.66 -12.59 26.70
CA LEU C 112 2.09 -12.87 26.85
C LEU C 112 2.34 -14.35 27.11
N ASN C 113 1.36 -15.07 27.64
CA ASN C 113 1.51 -16.50 27.87
C ASN C 113 1.02 -17.34 26.70
N TRP C 114 -0.01 -16.88 25.99
CA TRP C 114 -0.54 -17.64 24.86
C TRP C 114 0.52 -17.80 23.77
N CYS C 115 1.24 -16.73 23.46
CA CYS C 115 2.29 -16.82 22.44
C CYS C 115 3.39 -17.78 22.87
N ALA C 116 3.78 -17.74 24.15
CA ALA C 116 4.80 -18.65 24.63
C ALA C 116 4.29 -20.09 24.69
N TRP C 117 3.00 -20.28 24.94
CA TRP C 117 2.45 -21.63 25.01
C TRP C 117 2.37 -22.29 23.63
N PHE C 118 2.33 -21.49 22.56
CA PHE C 118 2.27 -22.08 21.22
C PHE C 118 3.51 -22.93 20.94
N LEU C 119 4.68 -22.43 21.29
CA LEU C 119 5.91 -23.21 21.09
C LEU C 119 5.96 -24.39 22.03
N ARG C 120 5.64 -24.17 23.31
CA ARG C 120 5.64 -25.21 24.33
C ARG C 120 4.36 -25.07 25.14
N MET C 121 3.33 -25.82 24.76
CA MET C 121 2.05 -25.76 25.46
C MET C 121 2.19 -26.31 26.87
N LYS C 122 1.42 -25.74 27.79
CA LYS C 122 1.44 -26.17 29.18
C LYS C 122 0.88 -27.57 29.37
N ARG C 123 0.16 -28.10 28.37
CA ARG C 123 -0.40 -29.44 28.46
C ARG C 123 0.69 -30.50 28.32
N PRO C 124 0.42 -31.73 28.73
CA PRO C 124 1.44 -32.79 28.60
C PRO C 124 1.84 -33.07 27.17
N GLY C 125 1.04 -32.66 26.19
CA GLY C 125 1.38 -32.94 24.80
C GLY C 125 2.71 -32.33 24.39
N GLU C 126 3.01 -31.15 24.90
CA GLU C 126 4.25 -30.45 24.59
C GLU C 126 5.24 -30.38 25.74
N ASP C 127 4.74 -30.28 26.99
CA ASP C 127 5.64 -30.21 28.13
C ASP C 127 6.29 -31.55 28.45
N LYS C 128 5.70 -32.66 27.99
CA LYS C 128 6.25 -33.98 28.26
C LYS C 128 7.27 -34.41 27.21
N VAL C 129 7.05 -34.03 25.96
CA VAL C 129 7.97 -34.41 24.87
C VAL C 129 9.04 -33.32 24.81
N ARG C 130 10.05 -33.47 25.64
CA ARG C 130 11.18 -32.54 25.71
C ARG C 130 12.21 -33.10 26.68
N PRO C 131 13.45 -32.60 26.63
CA PRO C 131 14.48 -33.09 27.56
C PRO C 131 14.12 -32.79 29.01
N ALA C 132 13.89 -33.83 29.81
CA ALA C 132 13.56 -33.69 31.22
C ALA C 132 14.34 -34.71 32.02
N CYS C 133 14.84 -34.28 33.17
CA CYS C 133 15.63 -35.13 34.05
C CYS C 133 15.74 -34.43 35.40
N GLN C 134 16.53 -35.00 36.31
CA GLN C 134 16.74 -34.43 37.63
C GLN C 134 17.94 -33.49 37.68
N HIS C 135 18.57 -33.21 36.55
CA HIS C 135 19.75 -32.35 36.52
C HIS C 135 19.31 -30.88 36.57
N LYS C 136 20.23 -29.97 36.32
CA LYS C 136 19.93 -28.54 36.43
C LYS C 136 18.87 -28.10 35.42
N GLN C 137 18.60 -28.91 34.40
CA GLN C 137 17.61 -28.52 33.40
C GLN C 137 16.23 -28.31 34.01
N ARG C 138 15.92 -29.05 35.09
CA ARG C 138 14.62 -28.97 35.75
C ARG C 138 14.78 -28.57 37.21
N ARG C 139 15.74 -27.70 37.49
CA ARG C 139 16.00 -27.21 38.83
C ARG C 139 15.59 -25.74 38.94
N CYS C 140 15.52 -25.26 40.18
CA CYS C 140 15.14 -23.89 40.48
C CYS C 140 16.33 -23.12 41.02
N SER C 141 16.46 -21.86 40.60
CA SER C 141 17.56 -21.01 41.03
C SER C 141 17.09 -19.56 40.99
N LEU C 142 18.02 -18.63 41.19
CA LEU C 142 17.67 -17.21 41.19
C LEU C 142 17.20 -16.75 39.82
N ALA C 143 17.80 -17.25 38.74
CA ALA C 143 17.42 -16.81 37.41
C ALA C 143 15.97 -17.18 37.10
N SER C 144 15.57 -18.40 37.45
CA SER C 144 14.19 -18.82 37.20
C SER C 144 13.21 -18.11 38.13
N VAL C 145 13.57 -17.96 39.40
CA VAL C 145 12.72 -17.29 40.38
C VAL C 145 13.14 -15.82 40.37
N GLU C 146 12.44 -15.03 39.54
CA GLU C 146 12.70 -13.60 39.40
C GLU C 146 11.60 -12.76 40.03
N MET C 147 10.96 -13.29 41.09
CA MET C 147 9.91 -12.54 41.77
C MET C 147 10.45 -11.34 42.54
N SER C 148 11.76 -11.30 42.80
CA SER C 148 12.38 -10.21 43.54
C SER C 148 13.15 -9.27 42.62
N ALA C 149 12.62 -9.03 41.42
CA ALA C 149 13.26 -8.15 40.44
C ALA C 149 14.68 -8.61 40.13
N VAL C 150 14.83 -9.91 39.92
CA VAL C 150 16.12 -10.49 39.60
C VAL C 150 16.37 -10.37 38.10
N ALA C 151 17.63 -10.18 37.74
CA ALA C 151 17.99 -10.02 36.34
C ALA C 151 17.69 -11.31 35.58
N PRO C 152 16.94 -11.26 34.47
CA PRO C 152 16.65 -12.49 33.73
C PRO C 152 17.85 -12.92 32.91
N PRO C 153 17.78 -14.10 32.28
CA PRO C 153 18.91 -14.54 31.46
C PRO C 153 19.16 -13.59 30.32
N PRO C 154 20.43 -13.46 29.88
CA PRO C 154 20.72 -12.53 28.79
C PRO C 154 20.21 -13.04 27.45
N ALA C 155 18.92 -12.86 27.19
CA ALA C 155 18.28 -13.29 25.96
C ALA C 155 18.00 -12.09 25.06
N SER C 156 17.87 -12.37 23.77
CA SER C 156 17.62 -11.35 22.77
C SER C 156 16.12 -11.11 22.53
N ASN C 157 15.25 -11.79 23.26
CA ASN C 157 13.80 -11.65 23.09
C ASN C 157 13.23 -10.49 23.89
N GLY C 158 14.06 -9.77 24.65
CA GLY C 158 13.59 -8.64 25.43
C GLY C 158 14.03 -8.71 26.89
N ASN C 159 14.93 -9.64 27.20
CA ASN C 159 15.44 -9.78 28.57
C ASN C 159 16.73 -9.04 28.81
N LEU C 160 17.46 -8.67 27.75
CA LEU C 160 18.72 -7.94 27.88
C LEU C 160 18.70 -6.60 27.14
N LEU C 161 18.12 -6.55 25.95
CA LEU C 161 18.10 -5.30 25.19
C LEU C 161 17.18 -4.28 25.85
N TYR C 162 15.97 -4.70 26.23
CA TYR C 162 15.02 -3.77 26.85
C TYR C 162 15.42 -3.46 28.29
N ILE C 163 15.89 -4.47 29.03
CA ILE C 163 16.30 -4.24 30.42
C ILE C 163 17.70 -3.67 30.51
N GLY C 164 18.56 -3.92 29.51
CA GLY C 164 19.89 -3.36 29.53
C GLY C 164 19.97 -1.93 29.06
N PHE C 165 18.95 -1.45 28.36
CA PHE C 165 18.89 -0.06 27.89
C PHE C 165 17.93 0.79 28.71
N ARG C 166 16.74 0.28 28.98
CA ARG C 166 15.73 1.01 29.75
C ARG C 166 15.64 0.55 31.19
N GLY C 167 15.86 -0.74 31.46
CA GLY C 167 15.75 -1.22 32.83
C GLY C 167 16.89 -0.77 33.72
N LEU C 168 18.05 -0.47 33.13
CA LEU C 168 19.21 0.00 33.90
C LEU C 168 19.13 1.51 34.06
N ASP C 169 18.17 1.94 34.89
CA ASP C 169 17.95 3.36 35.17
C ASP C 169 18.84 3.75 36.34
N GLY C 170 20.09 4.10 36.04
CA GLY C 170 21.04 4.48 37.06
C GLY C 170 22.40 3.84 36.88
N VAL C 171 22.53 2.97 35.86
CA VAL C 171 23.76 2.28 35.57
C VAL C 171 24.25 2.56 34.15
N HIS C 172 23.37 2.36 33.17
CA HIS C 172 23.73 2.59 31.76
C HIS C 172 23.41 4.02 31.33
N CYS C 173 22.14 4.41 31.43
CA CYS C 173 21.75 5.76 31.02
C CYS C 173 22.42 6.81 31.91
N VAL C 174 22.44 6.59 33.22
CA VAL C 174 23.05 7.51 34.17
C VAL C 174 24.00 6.74 35.07
N PRO C 175 25.20 6.39 34.62
CA PRO C 175 26.12 5.63 35.47
C PRO C 175 26.42 6.37 36.77
N THR C 176 26.00 5.77 37.88
CA THR C 176 26.22 6.36 39.20
C THR C 176 27.67 6.21 39.63
N PRO C 177 28.25 5.01 39.57
CA PRO C 177 29.66 4.86 40.03
C PRO C 177 30.66 5.40 39.01
N ASP C 178 30.81 6.72 38.99
CA ASP C 178 31.73 7.40 38.09
C ASP C 178 32.80 8.20 38.81
N SER C 179 32.69 8.39 40.12
CA SER C 179 33.67 9.17 40.89
C SER C 179 34.84 8.26 41.23
N GLY C 180 35.87 8.28 40.39
CA GLY C 180 37.05 7.50 40.61
C GLY C 180 36.97 6.06 40.15
N VAL C 181 35.87 5.65 39.53
CA VAL C 181 35.69 4.28 39.03
C VAL C 181 35.77 4.23 37.51
N VAL C 182 34.87 4.94 36.83
CA VAL C 182 34.92 4.98 35.37
C VAL C 182 36.12 5.78 34.89
N CYS C 183 36.39 6.92 35.53
CA CYS C 183 37.51 7.78 35.19
C CYS C 183 38.73 7.53 36.07
N GLY C 184 38.85 6.35 36.65
CA GLY C 184 39.98 6.01 37.51
C GLY C 184 40.57 4.66 37.20
N ARG C 185 40.25 4.12 36.03
CA ARG C 185 40.74 2.82 35.61
C ARG C 185 41.26 2.91 34.19
N MET C 186 42.06 1.92 33.80
CA MET C 186 42.67 1.87 32.47
C MET C 186 41.81 1.09 31.47
N ALA C 187 40.61 0.66 31.86
CA ALA C 187 39.74 -0.12 30.98
C ALA C 187 39.07 0.84 30.00
N CYS C 188 39.81 1.22 28.96
CA CYS C 188 39.31 2.09 27.91
C CYS C 188 38.78 3.41 28.48
N SER C 189 39.49 3.93 29.48
CA SER C 189 39.11 5.19 30.11
C SER C 189 40.34 5.77 30.79
N PRO C 190 40.36 7.10 31.01
CA PRO C 190 41.52 7.70 31.69
C PRO C 190 41.60 7.26 33.14
N THR C 191 42.82 7.26 33.66
CA THR C 191 43.09 6.87 35.05
C THR C 191 43.56 8.13 35.78
N HIS C 192 42.61 8.90 36.31
CA HIS C 192 42.91 10.13 37.05
C HIS C 192 43.78 11.06 36.21
N ASP C 193 43.48 11.15 34.91
CA ASP C 193 44.24 11.99 33.99
C ASP C 193 43.60 13.37 33.98
N GLU C 194 44.17 14.30 34.74
CA GLU C 194 43.67 15.67 34.78
C GLU C 194 44.10 16.50 33.59
N HIS C 195 45.09 16.04 32.83
CA HIS C 195 45.60 16.76 31.66
C HIS C 195 45.25 16.02 30.37
N LEU C 196 44.06 15.43 30.32
CA LEU C 196 43.60 14.68 29.15
C LEU C 196 43.19 15.69 28.08
N LEU C 197 44.16 16.12 27.27
CA LEU C 197 43.94 17.09 26.22
C LEU C 197 44.46 16.54 24.90
N HIS C 198 43.95 17.11 23.80
CA HIS C 198 44.35 16.70 22.45
C HIS C 198 45.64 17.42 22.07
N GLY C 199 46.71 17.03 22.75
CA GLY C 199 48.01 17.66 22.50
C GLY C 199 48.03 19.14 22.80
N GLY C 200 47.44 19.54 23.92
CA GLY C 200 47.36 20.94 24.30
C GLY C 200 46.07 21.63 23.87
N GLN C 201 45.27 21.00 23.03
CA GLN C 201 44.01 21.54 22.56
C GLN C 201 42.85 20.87 23.27
N PRO C 202 41.66 21.47 23.24
CA PRO C 202 40.51 20.85 23.88
C PRO C 202 40.23 19.48 23.28
N PRO C 203 39.71 18.55 24.07
CA PRO C 203 39.46 17.21 23.53
C PRO C 203 38.56 17.21 22.31
N GLU C 204 37.57 18.10 22.26
CA GLU C 204 36.65 18.18 21.13
C GLU C 204 37.31 18.96 20.00
N GLY C 205 37.57 18.27 18.89
CA GLY C 205 38.20 18.94 17.75
C GLY C 205 37.33 20.02 17.15
N ASP C 206 36.02 19.80 17.13
CA ASP C 206 35.09 20.77 16.55
C ASP C 206 33.74 20.67 17.27
N PRO C 207 33.23 21.76 17.84
CA PRO C 207 31.90 21.70 18.47
C PRO C 207 30.80 21.32 17.50
N ASP C 208 30.96 21.60 16.20
CA ASP C 208 29.93 21.25 15.23
C ASP C 208 29.71 19.75 15.17
N LEU C 209 30.72 18.95 15.51
CA LEU C 209 30.56 17.50 15.50
C LEU C 209 29.52 17.06 16.52
N ALA C 210 29.52 17.69 17.70
CA ALA C 210 28.52 17.36 18.71
C ALA C 210 27.11 17.68 18.23
N LYS C 211 26.96 18.81 17.53
CA LYS C 211 25.64 19.15 16.99
C LYS C 211 25.19 18.13 15.95
N ILE C 212 26.11 17.66 15.12
CA ILE C 212 25.76 16.65 14.12
C ILE C 212 25.34 15.36 14.80
N LEU C 213 25.97 15.02 15.92
CA LEU C 213 25.61 13.81 16.64
C LEU C 213 24.16 13.84 17.10
N GLU C 214 23.72 15.00 17.62
CA GLU C 214 22.33 15.11 18.06
C GLU C 214 21.36 14.91 16.90
N GLU C 215 21.65 15.52 15.75
CA GLU C 215 20.80 15.33 14.58
C GLU C 215 20.90 13.90 14.07
N VAL C 216 22.11 13.34 14.04
CA VAL C 216 22.29 11.95 13.60
C VAL C 216 21.60 11.00 14.58
N ARG C 217 21.72 11.27 15.87
CA ARG C 217 21.08 10.42 16.86
C ARG C 217 19.56 10.44 16.70
N TYR C 218 18.99 11.61 16.43
CA TYR C 218 17.55 11.70 16.20
C TYR C 218 17.14 10.88 14.99
N ILE C 219 17.93 10.95 13.91
CA ILE C 219 17.64 10.13 12.73
C ILE C 219 17.72 8.65 13.08
N ALA C 220 18.77 8.26 13.81
CA ALA C 220 18.88 6.87 14.25
C ALA C 220 17.73 6.49 15.17
N ASN C 221 17.35 7.39 16.07
CA ASN C 221 16.23 7.12 16.97
C ASN C 221 14.91 7.04 16.21
N ARG C 222 14.75 7.82 15.15
CA ARG C 222 13.53 7.75 14.36
C ARG C 222 13.37 6.36 13.73
N PHE C 223 14.46 5.81 13.19
CA PHE C 223 14.41 4.45 12.68
C PHE C 223 14.21 3.45 13.81
N ARG C 224 14.85 3.68 14.95
CA ARG C 224 14.64 2.80 16.11
C ARG C 224 13.19 2.86 16.57
N CYS C 225 12.61 4.06 16.60
CA CYS C 225 11.20 4.17 16.98
C CYS C 225 10.31 3.45 15.97
N GLN C 226 10.63 3.57 14.67
CA GLN C 226 9.87 2.84 13.66
C GLN C 226 10.00 1.34 13.87
N ASP C 227 11.21 0.86 14.16
CA ASP C 227 11.40 -0.56 14.46
C ASP C 227 10.64 -0.96 15.72
N GLU C 228 10.69 -0.11 16.75
CA GLU C 228 9.93 -0.38 17.95
C GLU C 228 8.42 -0.28 17.70
N SER C 229 8.01 0.68 16.85
CA SER C 229 6.60 0.81 16.52
C SER C 229 6.11 -0.44 15.79
N GLU C 230 6.92 -0.99 14.89
CA GLU C 230 6.54 -2.21 14.21
C GLU C 230 6.47 -3.40 15.16
N ALA C 231 7.30 -3.40 16.21
CA ALA C 231 7.23 -4.46 17.20
C ALA C 231 5.92 -4.40 17.97
N VAL C 232 5.46 -3.20 18.31
CA VAL C 232 4.16 -3.06 18.97
C VAL C 232 3.04 -3.39 17.98
N CYS C 233 3.20 -2.98 16.73
CA CYS C 233 2.20 -3.32 15.71
C CYS C 233 2.17 -4.82 15.44
N SER C 234 3.32 -5.49 15.56
CA SER C 234 3.34 -6.94 15.35
C SER C 234 2.57 -7.67 16.43
N GLU C 235 2.51 -7.12 17.64
CA GLU C 235 1.73 -7.74 18.70
C GLU C 235 0.25 -7.76 18.35
N TRP C 236 -0.26 -6.66 17.79
CA TRP C 236 -1.66 -6.65 17.33
C TRP C 236 -1.84 -7.60 16.16
N LYS C 237 -0.88 -7.61 15.23
CA LYS C 237 -0.96 -8.55 14.11
C LYS C 237 -0.89 -9.99 14.61
N PHE C 238 0.00 -10.26 15.56
CA PHE C 238 0.07 -11.61 16.13
C PHE C 238 -1.13 -11.90 17.02
N ALA C 239 -1.68 -10.88 17.68
CA ALA C 239 -2.84 -11.11 18.55
C ALA C 239 -4.03 -11.61 17.74
N ALA C 240 -4.23 -11.07 16.54
CA ALA C 240 -5.35 -11.50 15.72
C ALA C 240 -5.25 -12.99 15.39
N CYS C 241 -4.05 -13.47 15.05
CA CYS C 241 -3.86 -14.89 14.78
C CYS C 241 -4.13 -15.72 16.03
N VAL C 242 -3.68 -15.24 17.19
CA VAL C 242 -3.95 -15.95 18.44
C VAL C 242 -5.45 -15.98 18.71
N VAL C 243 -6.13 -14.85 18.51
CA VAL C 243 -7.58 -14.82 18.70
C VAL C 243 -8.25 -15.76 17.72
N ASP C 244 -7.82 -15.74 16.45
CA ASP C 244 -8.37 -16.66 15.46
C ASP C 244 -7.98 -18.11 15.75
N ARG C 245 -6.88 -18.33 16.47
CA ARG C 245 -6.50 -19.69 16.81
C ARG C 245 -7.55 -20.36 17.68
N LEU C 246 -8.09 -19.63 18.67
CA LEU C 246 -9.17 -20.17 19.49
C LEU C 246 -10.41 -20.42 18.67
N CYS C 247 -10.73 -19.53 17.72
CA CYS C 247 -11.88 -19.73 16.86
C CYS C 247 -11.74 -20.99 16.03
N LEU C 248 -10.52 -21.25 15.51
CA LEU C 248 -10.31 -22.44 14.72
C LEU C 248 -10.55 -23.71 15.54
N MET C 249 -10.07 -23.72 16.79
CA MET C 249 -10.30 -24.87 17.66
C MET C 249 -11.75 -25.00 18.09
N ALA C 250 -12.53 -23.91 18.02
CA ALA C 250 -13.92 -23.94 18.41
C ALA C 250 -14.83 -24.18 17.21
N PHE C 251 -14.60 -23.45 16.11
CA PHE C 251 -15.43 -23.63 14.92
C PHE C 251 -15.23 -25.01 14.31
N SER C 252 -14.05 -25.61 14.47
CA SER C 252 -13.82 -26.94 13.93
C SER C 252 -14.73 -27.96 14.58
N VAL C 253 -14.93 -27.86 15.90
CA VAL C 253 -15.82 -28.78 16.60
C VAL C 253 -17.25 -28.62 16.08
N PHE C 254 -17.69 -27.38 15.91
CA PHE C 254 -19.05 -27.15 15.40
C PHE C 254 -19.19 -27.72 13.99
N THR C 255 -18.19 -27.52 13.14
CA THR C 255 -18.25 -28.08 11.79
C THR C 255 -18.30 -29.61 11.83
N ILE C 256 -17.52 -30.22 12.70
CA ILE C 256 -17.54 -31.67 12.83
C ILE C 256 -18.91 -32.15 13.31
N ILE C 257 -19.51 -31.41 14.25
CA ILE C 257 -20.83 -31.78 14.75
C ILE C 257 -21.85 -31.76 13.63
N CYS C 258 -21.81 -30.72 12.79
CA CYS C 258 -22.75 -30.64 11.67
C CYS C 258 -22.56 -31.81 10.72
N THR C 259 -21.30 -32.16 10.42
CA THR C 259 -21.05 -33.29 9.53
C THR C 259 -21.56 -34.59 10.14
N ILE C 260 -21.36 -34.78 11.45
CA ILE C 260 -21.83 -35.98 12.11
C ILE C 260 -23.35 -36.05 12.05
N GLY C 261 -24.03 -34.94 12.29
CA GLY C 261 -25.48 -34.94 12.23
C GLY C 261 -26.01 -35.27 10.85
N ILE C 262 -25.32 -34.82 9.81
CA ILE C 262 -25.75 -35.13 8.44
C ILE C 262 -25.70 -36.62 8.19
N LEU C 263 -24.61 -37.27 8.64
CA LEU C 263 -24.48 -38.72 8.45
C LEU C 263 -25.54 -39.50 9.22
N MET C 264 -26.12 -38.92 10.28
CA MET C 264 -27.14 -39.58 11.07
C MET C 264 -28.55 -39.16 10.70
N SER C 265 -28.73 -37.98 10.12
CA SER C 265 -30.04 -37.49 9.72
C SER C 265 -30.36 -37.71 8.26
N ALA C 266 -29.33 -37.85 7.40
CA ALA C 266 -29.58 -38.05 5.98
C ALA C 266 -30.39 -39.31 5.71
N PRO C 267 -30.08 -40.47 6.29
CA PRO C 267 -30.88 -41.68 6.00
C PRO C 267 -32.35 -41.53 6.35
N ASN C 268 -32.68 -40.72 7.35
CA ASN C 268 -34.08 -40.58 7.74
C ASN C 268 -34.86 -39.72 6.73
N PHE C 269 -34.27 -38.62 6.29
CA PHE C 269 -34.89 -37.71 5.34
C PHE C 269 -34.27 -37.78 3.95
N VAL C 270 -32.96 -37.61 3.86
CA VAL C 270 -32.27 -37.64 2.58
C VAL C 270 -32.17 -39.08 2.07
N LEU D 7 -28.83 -28.39 -31.51
CA LEU D 7 -28.16 -28.00 -30.28
C LEU D 7 -28.18 -26.48 -30.10
N TYR D 8 -29.33 -25.94 -29.70
CA TYR D 8 -29.46 -24.51 -29.50
C TYR D 8 -28.67 -24.07 -28.26
N TYR D 9 -29.04 -24.60 -27.09
CA TYR D 9 -28.34 -24.27 -25.85
C TYR D 9 -27.06 -25.09 -25.66
N GLY D 10 -26.88 -26.17 -26.42
CA GLY D 10 -25.68 -26.97 -26.27
C GLY D 10 -24.43 -26.21 -26.66
N LEU D 11 -24.49 -25.47 -27.78
CA LEU D 11 -23.33 -24.69 -28.21
C LEU D 11 -23.13 -23.46 -27.35
N ASN D 12 -24.21 -22.91 -26.79
CA ASN D 12 -24.10 -21.72 -25.95
C ASN D 12 -23.71 -22.05 -24.51
N LEU D 13 -23.67 -23.33 -24.14
CA LEU D 13 -23.30 -23.75 -22.80
C LEU D 13 -22.02 -24.58 -22.74
N LEU D 14 -21.58 -25.14 -23.87
CA LEU D 14 -20.35 -25.94 -23.89
C LEU D 14 -19.12 -25.08 -24.14
N ILE D 15 -19.23 -24.05 -24.98
CA ILE D 15 -18.08 -23.19 -25.27
C ILE D 15 -17.57 -22.51 -24.01
N PRO D 16 -18.40 -21.92 -23.15
CA PRO D 16 -17.87 -21.30 -21.93
C PRO D 16 -17.12 -22.27 -21.04
N CYS D 17 -17.47 -23.56 -21.08
CA CYS D 17 -16.81 -24.53 -20.21
C CYS D 17 -15.32 -24.60 -20.49
N VAL D 18 -14.93 -24.63 -21.77
CA VAL D 18 -13.52 -24.68 -22.10
C VAL D 18 -12.88 -23.30 -21.97
N LEU D 19 -13.63 -22.23 -22.22
CA LEU D 19 -13.07 -20.90 -22.08
C LEU D 19 -12.84 -20.54 -20.62
N ILE D 20 -13.78 -20.92 -19.74
CA ILE D 20 -13.62 -20.63 -18.32
C ILE D 20 -12.41 -21.38 -17.76
N SER D 21 -12.27 -22.65 -18.13
CA SER D 21 -11.14 -23.43 -17.65
C SER D 21 -9.81 -22.87 -18.14
N ALA D 22 -9.79 -22.30 -19.35
CA ALA D 22 -8.55 -21.73 -19.87
C ALA D 22 -8.12 -20.50 -19.07
N LEU D 23 -9.08 -19.72 -18.56
CA LEU D 23 -8.74 -18.55 -17.77
C LEU D 23 -8.08 -18.92 -16.45
N ALA D 24 -8.46 -20.06 -15.87
CA ALA D 24 -7.89 -20.49 -14.60
C ALA D 24 -6.43 -20.90 -14.75
N LEU D 25 -6.01 -21.33 -15.94
CA LEU D 25 -4.62 -21.72 -16.14
C LEU D 25 -3.67 -20.53 -16.02
N LEU D 26 -4.11 -19.35 -16.48
CA LEU D 26 -3.26 -18.17 -16.41
C LEU D 26 -3.09 -17.66 -14.99
N VAL D 27 -4.00 -18.02 -14.08
CA VAL D 27 -3.91 -17.55 -12.70
C VAL D 27 -2.68 -18.16 -12.02
N PHE D 28 -2.41 -19.44 -12.29
CA PHE D 28 -1.27 -20.11 -11.66
C PHE D 28 0.06 -19.52 -12.10
N LEU D 29 0.10 -18.85 -13.25
CA LEU D 29 1.33 -18.27 -13.77
C LEU D 29 1.55 -16.83 -13.30
N LEU D 30 0.62 -16.26 -12.54
CA LEU D 30 0.76 -14.90 -12.08
C LEU D 30 1.72 -14.83 -10.89
N PRO D 31 2.36 -13.67 -10.68
CA PRO D 31 3.27 -13.54 -9.54
C PRO D 31 2.53 -13.52 -8.21
N ALA D 32 3.25 -13.88 -7.16
CA ALA D 32 2.66 -13.92 -5.82
C ALA D 32 2.45 -12.52 -5.25
N ASP D 33 3.24 -11.54 -5.67
CA ASP D 33 3.11 -10.19 -5.16
C ASP D 33 1.81 -9.51 -5.60
N SER D 34 1.11 -10.06 -6.60
CA SER D 34 -0.14 -9.49 -7.07
C SER D 34 -1.27 -10.01 -6.18
N GLY D 35 -1.52 -9.30 -5.09
CA GLY D 35 -2.56 -9.69 -4.16
C GLY D 35 -3.97 -9.37 -4.60
N GLU D 36 -4.12 -8.60 -5.68
CA GLU D 36 -5.43 -8.25 -6.21
C GLU D 36 -5.98 -9.27 -7.18
N LYS D 37 -5.21 -10.32 -7.50
CA LYS D 37 -5.67 -11.35 -8.43
C LYS D 37 -6.72 -12.25 -7.81
N ILE D 38 -6.95 -12.17 -6.50
CA ILE D 38 -7.97 -13.01 -5.87
C ILE D 38 -9.35 -12.69 -6.44
N SER D 39 -9.61 -11.41 -6.71
CA SER D 39 -10.89 -11.02 -7.29
C SER D 39 -11.08 -11.59 -8.69
N LEU D 40 -10.00 -11.96 -9.38
CA LEU D 40 -10.14 -12.53 -10.71
C LEU D 40 -10.92 -13.84 -10.67
N GLY D 41 -10.64 -14.69 -9.68
CA GLY D 41 -11.35 -15.95 -9.56
C GLY D 41 -12.79 -15.81 -9.12
N ILE D 42 -13.12 -14.71 -8.44
CA ILE D 42 -14.49 -14.51 -7.98
C ILE D 42 -15.41 -14.28 -9.18
N THR D 43 -15.01 -13.40 -10.10
CA THR D 43 -15.83 -13.13 -11.27
C THR D 43 -15.87 -14.32 -12.22
N VAL D 44 -14.75 -15.03 -12.37
CA VAL D 44 -14.72 -16.21 -13.23
C VAL D 44 -15.63 -17.29 -12.66
N LEU D 45 -15.54 -17.53 -11.35
CA LEU D 45 -16.40 -18.51 -10.72
C LEU D 45 -17.86 -18.04 -10.71
N LEU D 46 -18.08 -16.75 -10.45
CA LEU D 46 -19.43 -16.22 -10.45
C LEU D 46 -20.07 -16.34 -11.81
N SER D 47 -19.32 -16.05 -12.88
CA SER D 47 -19.85 -16.16 -14.23
C SER D 47 -20.22 -17.61 -14.57
N LEU D 48 -19.42 -18.57 -14.08
CA LEU D 48 -19.72 -19.98 -14.34
C LEU D 48 -20.95 -20.42 -13.56
N THR D 49 -21.17 -19.88 -12.36
CA THR D 49 -22.34 -20.25 -11.58
C THR D 49 -23.62 -19.78 -12.27
N VAL D 50 -23.58 -18.60 -12.89
CA VAL D 50 -24.76 -18.11 -13.60
C VAL D 50 -25.14 -19.04 -14.73
N PHE D 51 -24.16 -19.49 -15.51
CA PHE D 51 -24.44 -20.43 -16.58
C PHE D 51 -24.84 -21.80 -16.04
N MET D 52 -24.35 -22.15 -14.85
CA MET D 52 -24.72 -23.44 -14.25
C MET D 52 -26.22 -23.52 -13.98
N LEU D 53 -26.82 -22.40 -13.55
CA LEU D 53 -28.25 -22.40 -13.26
C LEU D 53 -29.05 -22.72 -14.52
N LEU D 54 -28.67 -22.16 -15.67
CA LEU D 54 -29.37 -22.46 -16.91
C LEU D 54 -29.16 -23.91 -17.32
N VAL D 55 -27.98 -24.48 -17.03
CA VAL D 55 -27.73 -25.87 -17.40
C VAL D 55 -28.68 -26.79 -16.64
N ALA D 56 -28.91 -26.51 -15.35
CA ALA D 56 -29.79 -27.36 -14.55
C ALA D 56 -31.19 -27.39 -15.12
N GLU D 57 -31.70 -26.24 -15.57
CA GLU D 57 -33.04 -26.20 -16.13
C GLU D 57 -33.14 -27.04 -17.40
N ILE D 58 -32.11 -27.02 -18.24
CA ILE D 58 -32.11 -27.81 -19.46
C ILE D 58 -31.61 -29.23 -19.24
N MET D 59 -30.87 -29.48 -18.17
CA MET D 59 -30.37 -30.82 -17.90
C MET D 59 -31.55 -31.77 -17.68
N PRO D 60 -31.51 -32.99 -18.24
CA PRO D 60 -32.60 -33.94 -18.00
C PRO D 60 -32.77 -34.23 -16.51
N SER D 61 -34.01 -34.12 -16.03
CA SER D 61 -34.31 -34.38 -14.64
C SER D 61 -34.56 -35.88 -14.45
N THR D 62 -33.61 -36.57 -13.84
CA THR D 62 -33.70 -38.00 -13.59
C THR D 62 -34.09 -38.25 -12.14
N SER D 63 -34.14 -39.52 -11.76
CA SER D 63 -34.49 -39.92 -10.41
C SER D 63 -33.26 -40.04 -9.51
N ASP D 64 -32.32 -40.89 -9.90
CA ASP D 64 -31.07 -41.09 -9.15
C ASP D 64 -29.83 -40.86 -9.99
N SER D 65 -29.83 -41.26 -11.24
CA SER D 65 -28.68 -41.06 -12.11
C SER D 65 -28.65 -39.61 -12.60
N SER D 66 -27.49 -39.20 -13.11
CA SER D 66 -27.29 -37.87 -13.65
C SER D 66 -26.49 -37.96 -14.93
N PRO D 67 -26.66 -37.01 -15.85
CA PRO D 67 -25.87 -37.04 -17.09
C PRO D 67 -24.39 -36.88 -16.82
N SER D 68 -23.58 -37.48 -17.68
CA SER D 68 -22.13 -37.38 -17.52
C SER D 68 -21.65 -35.94 -17.61
N ILE D 69 -22.37 -35.08 -18.35
CA ILE D 69 -21.97 -33.69 -18.47
C ILE D 69 -21.96 -33.00 -17.10
N ALA D 70 -22.82 -33.45 -16.18
CA ALA D 70 -22.85 -32.84 -14.86
C ALA D 70 -21.52 -33.04 -14.14
N GLN D 71 -20.93 -34.23 -14.24
CA GLN D 71 -19.65 -34.47 -13.60
C GLN D 71 -18.53 -33.68 -14.26
N TYR D 72 -18.59 -33.52 -15.59
CA TYR D 72 -17.55 -32.75 -16.28
C TYR D 72 -17.56 -31.30 -15.83
N PHE D 73 -18.76 -30.71 -15.66
CA PHE D 73 -18.84 -29.33 -15.17
C PHE D 73 -18.33 -29.22 -13.74
N ALA D 74 -18.40 -30.31 -12.96
CA ALA D 74 -17.88 -30.26 -11.60
C ALA D 74 -16.39 -30.01 -11.58
N SER D 75 -15.65 -30.64 -12.51
CA SER D 75 -14.21 -30.42 -12.59
C SER D 75 -13.90 -28.97 -12.92
N THR D 76 -14.68 -28.38 -13.83
CA THR D 76 -14.49 -26.96 -14.14
C THR D 76 -14.73 -26.09 -12.92
N MET D 77 -15.78 -26.39 -12.15
CA MET D 77 -16.04 -25.67 -10.92
C MET D 77 -15.01 -25.96 -9.85
N ILE D 78 -14.35 -27.11 -9.92
CA ILE D 78 -13.31 -27.46 -8.95
C ILE D 78 -11.97 -26.85 -9.35
N ILE D 79 -11.63 -26.90 -10.64
CA ILE D 79 -10.39 -26.28 -11.09
C ILE D 79 -10.44 -24.77 -10.85
N VAL D 80 -11.57 -24.14 -11.20
CA VAL D 80 -11.75 -22.73 -10.91
C VAL D 80 -11.86 -22.50 -9.41
N GLY D 81 -12.60 -23.37 -8.72
CA GLY D 81 -12.71 -23.24 -7.28
C GLY D 81 -11.37 -23.41 -6.57
N LEU D 82 -10.56 -24.35 -7.05
CA LEU D 82 -9.23 -24.54 -6.48
C LEU D 82 -8.27 -23.42 -6.89
N SER D 83 -8.57 -22.71 -7.98
CA SER D 83 -7.74 -21.58 -8.37
C SER D 83 -7.81 -20.46 -7.34
N VAL D 84 -8.97 -20.25 -6.73
CA VAL D 84 -9.09 -19.25 -5.68
C VAL D 84 -8.24 -19.66 -4.48
N VAL D 85 -8.19 -20.95 -4.17
CA VAL D 85 -7.36 -21.42 -3.07
C VAL D 85 -5.89 -21.11 -3.32
N VAL D 86 -5.46 -21.22 -4.58
CA VAL D 86 -4.08 -20.89 -4.92
C VAL D 86 -3.79 -19.43 -4.60
N THR D 87 -4.70 -18.53 -4.96
CA THR D 87 -4.52 -17.13 -4.61
C THR D 87 -4.61 -16.90 -3.11
N VAL D 88 -5.30 -17.77 -2.38
CA VAL D 88 -5.37 -17.66 -0.93
C VAL D 88 -4.08 -18.16 -0.29
N ILE D 89 -3.48 -19.21 -0.88
CA ILE D 89 -2.20 -19.71 -0.37
C ILE D 89 -1.13 -18.65 -0.53
N VAL D 90 -1.19 -17.86 -1.61
CA VAL D 90 -0.21 -16.80 -1.82
C VAL D 90 -0.25 -15.81 -0.67
N LEU D 91 -1.45 -15.43 -0.23
CA LEU D 91 -1.59 -14.48 0.87
C LEU D 91 -0.98 -15.00 2.17
N GLN D 92 -0.83 -16.32 2.30
CA GLN D 92 -0.27 -16.90 3.52
C GLN D 92 1.26 -16.92 3.52
N TYR D 93 1.89 -16.90 2.36
CA TYR D 93 3.35 -17.03 2.29
C TYR D 93 4.03 -15.69 2.49
N HIS D 94 3.71 -14.71 1.64
CA HIS D 94 4.37 -13.41 1.72
C HIS D 94 3.97 -12.61 2.94
N HIS D 95 2.95 -13.04 3.67
CA HIS D 95 2.54 -12.42 4.93
C HIS D 95 2.72 -13.39 6.09
N HIS D 96 3.87 -14.06 6.12
CA HIS D 96 4.13 -15.08 7.13
C HIS D 96 3.99 -14.50 8.52
N ASP D 97 3.29 -15.24 9.40
CA ASP D 97 3.06 -14.87 10.78
C ASP D 97 3.96 -15.66 11.71
N PRO D 98 4.38 -15.09 12.86
CA PRO D 98 5.27 -15.85 13.74
C PRO D 98 4.70 -17.19 14.19
N ASP D 99 3.37 -17.30 14.31
CA ASP D 99 2.77 -18.57 14.69
C ASP D 99 2.82 -19.62 13.59
N GLY D 100 3.18 -19.24 12.36
CA GLY D 100 3.27 -20.17 11.27
C GLY D 100 2.68 -19.63 9.99
N GLY D 101 2.80 -20.38 8.90
CA GLY D 101 2.25 -19.97 7.62
C GLY D 101 3.20 -20.18 6.47
N LYS D 102 4.50 -20.06 6.73
CA LYS D 102 5.51 -20.22 5.69
C LYS D 102 5.87 -21.70 5.52
N MET D 103 6.76 -21.97 4.58
CA MET D 103 7.16 -23.34 4.33
C MET D 103 7.88 -23.91 5.55
N PRO D 104 7.63 -25.16 5.92
CA PRO D 104 8.35 -25.74 7.06
C PRO D 104 9.86 -25.74 6.84
N LYS D 105 10.60 -25.58 7.93
CA LYS D 105 12.05 -25.55 7.84
C LYS D 105 12.61 -26.85 7.27
N TRP D 106 12.08 -27.99 7.72
CA TRP D 106 12.57 -29.27 7.23
C TRP D 106 12.36 -29.42 5.74
N THR D 107 11.34 -28.76 5.19
CA THR D 107 11.08 -28.78 3.76
C THR D 107 11.67 -27.60 3.01
N ARG D 108 12.12 -26.56 3.72
CA ARG D 108 12.72 -25.41 3.06
C ARG D 108 14.04 -25.76 2.38
N VAL D 109 14.71 -26.82 2.84
CA VAL D 109 15.95 -27.25 2.20
C VAL D 109 15.67 -27.73 0.78
N ILE D 110 14.54 -28.41 0.58
CA ILE D 110 14.19 -28.88 -0.76
C ILE D 110 13.95 -27.70 -1.69
N LEU D 111 13.37 -26.61 -1.16
CA LEU D 111 13.12 -25.44 -1.99
C LEU D 111 14.41 -24.85 -2.54
N LEU D 112 15.53 -25.03 -1.82
CA LEU D 112 16.82 -24.55 -2.31
C LEU D 112 17.23 -25.22 -3.61
N ASN D 113 16.71 -26.42 -3.89
CA ASN D 113 17.01 -27.11 -5.13
C ASN D 113 15.99 -26.81 -6.22
N TRP D 114 14.73 -26.61 -5.85
CA TRP D 114 13.70 -26.34 -6.85
C TRP D 114 13.99 -25.05 -7.61
N CYS D 115 14.40 -24.00 -6.89
CA CYS D 115 14.72 -22.74 -7.55
C CYS D 115 15.92 -22.90 -8.49
N ALA D 116 16.93 -23.66 -8.07
CA ALA D 116 18.09 -23.89 -8.92
C ALA D 116 17.74 -24.78 -10.11
N TRP D 117 16.79 -25.71 -9.93
CA TRP D 117 16.42 -26.60 -11.02
C TRP D 117 15.62 -25.87 -12.11
N PHE D 118 14.98 -24.75 -11.77
CA PHE D 118 14.21 -24.01 -12.77
C PHE D 118 15.12 -23.52 -13.89
N LEU D 119 16.28 -22.98 -13.54
CA LEU D 119 17.22 -22.53 -14.57
C LEU D 119 17.83 -23.71 -15.31
N ARG D 120 18.25 -24.74 -14.58
CA ARG D 120 18.84 -25.95 -15.17
C ARG D 120 18.20 -27.15 -14.49
N MET D 121 17.15 -27.69 -15.09
CA MET D 121 16.47 -28.84 -14.54
C MET D 121 17.37 -30.07 -14.55
N LYS D 122 17.20 -30.92 -13.53
CA LYS D 122 17.99 -32.14 -13.43
C LYS D 122 17.67 -33.14 -14.52
N ARG D 123 16.55 -32.98 -15.22
CA ARG D 123 16.18 -33.89 -16.29
C ARG D 123 17.05 -33.66 -17.52
N PRO D 124 17.09 -34.63 -18.44
CA PRO D 124 17.92 -34.45 -19.65
C PRO D 124 17.48 -33.27 -20.51
N GLY D 125 16.25 -32.78 -20.34
CA GLY D 125 15.79 -31.68 -21.17
C GLY D 125 16.66 -30.44 -21.03
N GLU D 126 17.16 -30.17 -19.82
CA GLU D 126 18.00 -29.02 -19.56
C GLU D 126 19.45 -29.36 -19.26
N ASP D 127 19.72 -30.50 -18.62
CA ASP D 127 21.09 -30.89 -18.32
C ASP D 127 21.85 -31.35 -19.56
N LYS D 128 21.14 -31.77 -20.61
CA LYS D 128 21.79 -32.24 -21.83
C LYS D 128 22.09 -31.11 -22.80
N VAL D 129 21.22 -30.11 -22.87
CA VAL D 129 21.41 -28.98 -23.80
C VAL D 129 22.22 -27.95 -23.04
N ARG D 130 23.54 -28.12 -23.09
CA ARG D 130 24.47 -27.21 -22.44
C ARG D 130 25.89 -27.65 -22.80
N PRO D 131 26.89 -26.78 -22.61
CA PRO D 131 28.27 -27.17 -22.92
C PRO D 131 28.76 -28.31 -22.05
N ALA D 132 29.03 -29.46 -22.66
CA ALA D 132 29.51 -30.63 -21.94
C ALA D 132 30.64 -31.27 -22.73
N CYS D 133 31.67 -31.71 -22.03
CA CYS D 133 32.85 -32.33 -22.64
C CYS D 133 33.64 -33.01 -21.52
N GLN D 134 34.82 -33.52 -21.87
CA GLN D 134 35.70 -34.17 -20.91
C GLN D 134 36.70 -33.22 -20.27
N HIS D 135 36.61 -31.92 -20.57
CA HIS D 135 37.54 -30.94 -20.03
C HIS D 135 37.15 -30.60 -18.59
N LYS D 136 37.75 -29.56 -18.03
CA LYS D 136 37.51 -29.20 -16.65
C LYS D 136 36.06 -28.79 -16.40
N GLN D 137 35.30 -28.49 -17.47
CA GLN D 137 33.91 -28.08 -17.29
C GLN D 137 33.09 -29.16 -16.60
N ARG D 138 33.44 -30.44 -16.80
CA ARG D 138 32.72 -31.56 -16.22
C ARG D 138 33.62 -32.41 -15.34
N ARG D 139 34.58 -31.78 -14.66
CA ARG D 139 35.50 -32.45 -13.77
C ARG D 139 35.15 -32.14 -12.32
N CYS D 140 35.75 -32.90 -11.41
CA CYS D 140 35.53 -32.75 -9.98
C CYS D 140 36.82 -32.26 -9.32
N SER D 141 36.67 -31.29 -8.41
CA SER D 141 37.80 -30.72 -7.70
C SER D 141 37.34 -30.35 -6.29
N LEU D 142 38.20 -29.63 -5.57
CA LEU D 142 37.87 -29.23 -4.21
C LEU D 142 36.71 -28.25 -4.17
N ALA D 143 36.64 -27.33 -5.14
CA ALA D 143 35.57 -26.35 -5.15
C ALA D 143 34.21 -27.01 -5.31
N SER D 144 34.11 -27.98 -6.21
CA SER D 144 32.83 -28.67 -6.41
C SER D 144 32.47 -29.55 -5.22
N VAL D 145 33.46 -30.27 -4.68
CA VAL D 145 33.23 -31.15 -3.53
C VAL D 145 33.52 -30.31 -2.29
N GLU D 146 32.47 -29.76 -1.70
CA GLU D 146 32.56 -28.92 -0.52
C GLU D 146 31.96 -29.62 0.71
N MET D 147 32.02 -30.95 0.74
CA MET D 147 31.48 -31.68 1.88
C MET D 147 32.32 -31.52 3.14
N SER D 148 33.54 -31.01 3.01
CA SER D 148 34.44 -30.78 4.14
C SER D 148 34.53 -29.31 4.51
N ALA D 149 33.42 -28.58 4.40
CA ALA D 149 33.39 -27.16 4.72
C ALA D 149 34.42 -26.38 3.90
N VAL D 150 34.51 -26.71 2.62
CA VAL D 150 35.44 -26.04 1.72
C VAL D 150 34.83 -24.73 1.25
N ALA D 151 35.69 -23.73 1.00
CA ALA D 151 35.21 -22.43 0.57
C ALA D 151 34.58 -22.55 -0.82
N PRO D 152 33.35 -22.08 -1.02
CA PRO D 152 32.74 -22.17 -2.35
C PRO D 152 33.30 -21.14 -3.29
N PRO D 153 32.93 -21.18 -4.57
CA PRO D 153 33.45 -20.19 -5.50
C PRO D 153 33.03 -18.80 -5.10
N PRO D 154 33.86 -17.78 -5.40
CA PRO D 154 33.48 -16.41 -5.02
C PRO D 154 32.34 -15.87 -5.87
N ALA D 155 31.11 -16.24 -5.54
CA ALA D 155 29.92 -15.82 -6.26
C ALA D 155 29.14 -14.80 -5.43
N SER D 156 28.34 -14.00 -6.12
CA SER D 156 27.54 -12.96 -5.49
C SER D 156 26.15 -13.45 -5.08
N ASN D 157 25.85 -14.72 -5.28
CA ASN D 157 24.54 -15.27 -4.92
C ASN D 157 24.45 -15.67 -3.45
N GLY D 158 25.53 -15.54 -2.68
CA GLY D 158 25.52 -15.91 -1.28
C GLY D 158 26.68 -16.80 -0.89
N ASN D 159 27.65 -16.96 -1.79
CA ASN D 159 28.82 -17.79 -1.54
C ASN D 159 30.02 -16.99 -1.03
N LEU D 160 30.03 -15.68 -1.23
CA LEU D 160 31.13 -14.82 -0.78
C LEU D 160 30.68 -13.72 0.16
N LEU D 161 29.53 -13.09 -0.10
CA LEU D 161 29.07 -12.01 0.76
C LEU D 161 28.62 -12.55 2.13
N TYR D 162 27.83 -13.62 2.12
CA TYR D 162 27.35 -14.18 3.38
C TYR D 162 28.46 -14.93 4.11
N ILE D 163 29.29 -15.67 3.37
CA ILE D 163 30.37 -16.43 3.99
C ILE D 163 31.58 -15.55 4.26
N GLY D 164 31.77 -14.48 3.49
CA GLY D 164 32.88 -13.57 3.73
C GLY D 164 32.65 -12.57 4.84
N PHE D 165 31.39 -12.39 5.24
CA PHE D 165 31.04 -11.48 6.33
C PHE D 165 30.64 -12.22 7.59
N ARG D 166 29.78 -13.24 7.48
CA ARG D 166 29.33 -14.01 8.63
C ARG D 166 30.06 -15.34 8.77
N GLY D 167 30.45 -15.98 7.67
CA GLY D 167 31.12 -17.26 7.75
C GLY D 167 32.55 -17.18 8.25
N LEU D 168 33.20 -16.02 8.10
CA LEU D 168 34.58 -15.83 8.55
C LEU D 168 34.56 -15.38 10.01
N ASP D 169 34.17 -16.30 10.88
CA ASP D 169 34.11 -16.05 12.32
C ASP D 169 35.47 -16.32 12.93
N GLY D 170 36.34 -15.30 12.86
CA GLY D 170 37.69 -15.43 13.39
C GLY D 170 38.75 -14.86 12.46
N VAL D 171 38.33 -14.39 11.29
CA VAL D 171 39.23 -13.83 10.29
C VAL D 171 38.84 -12.39 9.94
N HIS D 172 37.58 -12.18 9.58
CA HIS D 172 37.10 -10.85 9.20
C HIS D 172 36.54 -10.10 10.40
N CYS D 173 35.51 -10.65 11.05
CA CYS D 173 34.93 -9.99 12.21
C CYS D 173 35.93 -9.86 13.35
N VAL D 174 36.67 -10.94 13.61
CA VAL D 174 37.66 -10.96 14.69
C VAL D 174 38.97 -11.49 14.13
N PRO D 175 39.75 -10.68 13.41
CA PRO D 175 41.01 -11.17 12.84
C PRO D 175 41.94 -11.69 13.93
N THR D 176 42.22 -12.99 13.87
CA THR D 176 43.09 -13.64 14.85
C THR D 176 44.55 -13.29 14.59
N PRO D 177 45.04 -13.44 13.35
CA PRO D 177 46.47 -13.13 13.10
C PRO D 177 46.73 -11.63 13.03
N ASP D 178 46.83 -11.00 14.20
CA ASP D 178 47.08 -9.58 14.30
C ASP D 178 48.35 -9.24 15.09
N SER D 179 48.97 -10.21 15.75
CA SER D 179 50.17 -9.97 16.54
C SER D 179 51.37 -10.01 15.61
N GLY D 180 51.78 -8.83 15.11
CA GLY D 180 52.91 -8.72 14.23
C GLY D 180 52.63 -9.01 12.78
N VAL D 181 51.38 -9.26 12.41
CA VAL D 181 51.00 -9.55 11.02
C VAL D 181 50.26 -8.36 10.40
N VAL D 182 49.11 -8.00 10.97
CA VAL D 182 48.37 -6.86 10.46
C VAL D 182 49.10 -5.56 10.77
N CYS D 183 49.63 -5.43 11.99
CA CYS D 183 50.35 -4.24 12.40
C CYS D 183 51.87 -4.40 12.25
N GLY D 184 52.31 -5.29 11.37
CA GLY D 184 53.72 -5.51 11.15
C GLY D 184 54.10 -5.53 9.68
N ARG D 185 53.20 -5.04 8.83
CA ARG D 185 53.41 -5.01 7.40
C ARG D 185 53.06 -3.62 6.86
N MET D 186 53.59 -3.32 5.67
CA MET D 186 53.38 -2.03 5.02
C MET D 186 52.15 -2.02 4.12
N ALA D 187 51.38 -3.11 4.10
CA ALA D 187 50.20 -3.20 3.23
C ALA D 187 49.07 -2.41 3.88
N CYS D 188 49.11 -1.10 3.69
CA CYS D 188 48.09 -0.19 4.20
C CYS D 188 47.91 -0.36 5.72
N SER D 189 49.02 -0.54 6.43
CA SER D 189 48.99 -0.70 7.87
C SER D 189 50.36 -0.34 8.42
N PRO D 190 50.44 0.04 9.69
CA PRO D 190 51.75 0.36 10.28
C PRO D 190 52.63 -0.86 10.39
N THR D 191 53.94 -0.64 10.34
CA THR D 191 54.94 -1.70 10.44
C THR D 191 55.70 -1.49 11.75
N HIS D 192 55.16 -2.05 12.83
CA HIS D 192 55.78 -1.95 14.15
C HIS D 192 56.04 -0.49 14.52
N ASP D 193 55.08 0.37 14.18
CA ASP D 193 55.18 1.81 14.46
C ASP D 193 54.57 2.07 15.83
N GLU D 194 55.43 2.17 16.84
CA GLU D 194 54.98 2.45 18.21
C GLU D 194 54.68 3.93 18.43
N HIS D 195 55.13 4.80 17.55
CA HIS D 195 54.90 6.24 17.65
C HIS D 195 53.92 6.72 16.60
N LEU D 196 52.92 5.91 16.28
CA LEU D 196 51.92 6.25 15.28
C LEU D 196 50.95 7.26 15.89
N LEU D 197 51.30 8.53 15.78
CA LEU D 197 50.49 9.61 16.33
C LEU D 197 50.24 10.65 15.25
N HIS D 198 49.19 11.45 15.46
CA HIS D 198 48.79 12.50 14.52
C HIS D 198 49.65 13.74 14.77
N GLY D 199 50.94 13.61 14.47
CA GLY D 199 51.87 14.70 14.67
C GLY D 199 52.00 15.11 16.12
N GLY D 200 52.10 14.14 17.02
CA GLY D 200 52.19 14.40 18.44
C GLY D 200 50.86 14.35 19.16
N GLN D 201 49.75 14.32 18.44
CA GLN D 201 48.42 14.26 19.02
C GLN D 201 47.85 12.86 18.91
N PRO D 202 46.81 12.53 19.68
CA PRO D 202 46.22 11.21 19.58
C PRO D 202 45.71 10.95 18.17
N PRO D 203 45.75 9.69 17.72
CA PRO D 203 45.27 9.42 16.34
C PRO D 203 43.86 9.90 16.09
N GLU D 204 42.97 9.78 17.07
CA GLU D 204 41.59 10.20 16.92
C GLU D 204 41.49 11.72 17.08
N GLY D 205 41.13 12.41 16.00
CA GLY D 205 41.02 13.86 16.07
C GLY D 205 39.92 14.32 17.01
N ASP D 206 38.82 13.58 17.06
CA ASP D 206 37.70 13.94 17.91
C ASP D 206 36.96 12.68 18.36
N PRO D 207 36.81 12.44 19.66
CA PRO D 207 36.04 11.27 20.09
C PRO D 207 34.60 11.28 19.63
N ASP D 208 34.03 12.47 19.38
CA ASP D 208 32.64 12.52 18.91
C ASP D 208 32.47 11.84 17.56
N LEU D 209 33.53 11.78 16.76
CA LEU D 209 33.43 11.10 15.47
C LEU D 209 33.14 9.62 15.65
N ALA D 210 33.76 8.98 16.65
CA ALA D 210 33.48 7.57 16.90
C ALA D 210 32.03 7.37 17.31
N LYS D 211 31.48 8.27 18.12
CA LYS D 211 30.07 8.16 18.50
C LYS D 211 29.17 8.28 17.29
N ILE D 212 29.49 9.19 16.36
CA ILE D 212 28.69 9.35 15.16
C ILE D 212 28.75 8.08 14.31
N LEU D 213 29.91 7.41 14.29
CA LEU D 213 30.04 6.19 13.52
C LEU D 213 29.07 5.11 14.01
N GLU D 214 28.95 4.97 15.33
CA GLU D 214 28.02 3.98 15.87
C GLU D 214 26.59 4.28 15.46
N GLU D 215 26.18 5.55 15.54
CA GLU D 215 24.84 5.93 15.10
C GLU D 215 24.69 5.77 13.60
N VAL D 216 25.71 6.18 12.83
CA VAL D 216 25.66 6.03 11.38
C VAL D 216 25.64 4.55 11.01
N ARG D 217 26.46 3.74 11.70
CA ARG D 217 26.48 2.31 11.41
C ARG D 217 25.12 1.67 11.68
N TYR D 218 24.46 2.08 12.76
CA TYR D 218 23.12 1.55 13.05
C TYR D 218 22.14 1.92 11.94
N ILE D 219 22.22 3.17 11.46
CA ILE D 219 21.36 3.57 10.35
C ILE D 219 21.66 2.75 9.12
N ALA D 220 22.94 2.55 8.81
CA ALA D 220 23.31 1.71 7.68
C ALA D 220 22.88 0.27 7.90
N ASN D 221 23.02 -0.23 9.14
CA ASN D 221 22.60 -1.59 9.43
C ASN D 221 21.09 -1.74 9.34
N ARG D 222 20.34 -0.69 9.71
CA ARG D 222 18.88 -0.74 9.59
C ARG D 222 18.46 -0.93 8.14
N PHE D 223 19.09 -0.20 7.22
CA PHE D 223 18.82 -0.40 5.80
C PHE D 223 19.30 -1.77 5.34
N ARG D 224 20.47 -2.21 5.85
CA ARG D 224 20.96 -3.54 5.51
C ARG D 224 20.00 -4.61 6.02
N CYS D 225 19.47 -4.44 7.24
CA CYS D 225 18.49 -5.39 7.76
C CYS D 225 17.23 -5.39 6.92
N GLN D 226 16.79 -4.20 6.48
CA GLN D 226 15.62 -4.13 5.61
C GLN D 226 15.89 -4.84 4.28
N ASP D 227 17.08 -4.63 3.71
CA ASP D 227 17.44 -5.36 2.49
C ASP D 227 17.51 -6.85 2.74
N GLU D 228 18.09 -7.26 3.87
CA GLU D 228 18.11 -8.67 4.22
C GLU D 228 16.71 -9.19 4.54
N SER D 229 15.88 -8.37 5.18
CA SER D 229 14.51 -8.78 5.46
C SER D 229 13.73 -9.00 4.17
N GLU D 230 13.95 -8.15 3.17
CA GLU D 230 13.28 -8.33 1.88
C GLU D 230 13.79 -9.58 1.17
N ALA D 231 15.05 -9.94 1.39
CA ALA D 231 15.57 -11.17 0.80
C ALA D 231 14.86 -12.39 1.40
N VAL D 232 14.64 -12.39 2.71
CA VAL D 232 13.89 -13.48 3.34
C VAL D 232 12.44 -13.44 2.89
N CYS D 233 11.86 -12.25 2.78
CA CYS D 233 10.49 -12.12 2.31
C CYS D 233 10.37 -12.55 0.85
N SER D 234 11.42 -12.33 0.04
CA SER D 234 11.37 -12.75 -1.35
C SER D 234 11.34 -14.26 -1.48
N GLU D 235 11.94 -14.97 -0.52
CA GLU D 235 11.88 -16.43 -0.55
C GLU D 235 10.45 -16.93 -0.42
N TRP D 236 9.67 -16.33 0.49
CA TRP D 236 8.27 -16.68 0.61
C TRP D 236 7.50 -16.28 -0.65
N LYS D 237 7.79 -15.09 -1.19
CA LYS D 237 7.15 -14.68 -2.43
C LYS D 237 7.53 -15.61 -3.57
N PHE D 238 8.81 -15.98 -3.66
CA PHE D 238 9.24 -16.91 -4.69
C PHE D 238 8.73 -18.32 -4.41
N ALA D 239 8.62 -18.71 -3.14
CA ALA D 239 8.13 -20.04 -2.81
C ALA D 239 6.70 -20.24 -3.27
N ALA D 240 5.87 -19.20 -3.16
CA ALA D 240 4.48 -19.32 -3.57
C ALA D 240 4.37 -19.64 -5.06
N CYS D 241 5.18 -18.97 -5.89
CA CYS D 241 5.19 -19.28 -7.32
C CYS D 241 5.70 -20.68 -7.57
N VAL D 242 6.71 -21.11 -6.80
CA VAL D 242 7.23 -22.47 -6.95
C VAL D 242 6.15 -23.49 -6.60
N VAL D 243 5.42 -23.24 -5.50
CA VAL D 243 4.33 -24.12 -5.12
C VAL D 243 3.25 -24.13 -6.21
N ASP D 244 2.91 -22.95 -6.74
CA ASP D 244 1.95 -22.87 -7.83
C ASP D 244 2.49 -23.48 -9.11
N ARG D 245 3.81 -23.55 -9.27
CA ARG D 245 4.38 -24.18 -10.47
C ARG D 245 4.00 -25.65 -10.54
N LEU D 246 4.06 -26.35 -9.41
CA LEU D 246 3.64 -27.76 -9.39
C LEU D 246 2.15 -27.87 -9.67
N CYS D 247 1.35 -26.95 -9.14
CA CYS D 247 -0.09 -26.98 -9.40
C CYS D 247 -0.38 -26.78 -10.87
N LEU D 248 0.36 -25.88 -11.54
CA LEU D 248 0.15 -25.66 -12.97
C LEU D 248 0.43 -26.93 -13.76
N MET D 249 1.52 -27.64 -13.42
CA MET D 249 1.84 -28.87 -14.11
C MET D 249 0.86 -30.00 -13.78
N ALA D 250 0.15 -29.89 -12.65
CA ALA D 250 -0.83 -30.91 -12.27
C ALA D 250 -2.23 -30.56 -12.73
N PHE D 251 -2.65 -29.31 -12.52
CA PHE D 251 -3.99 -28.90 -12.95
C PHE D 251 -4.11 -28.92 -14.47
N SER D 252 -3.02 -28.68 -15.19
CA SER D 252 -3.07 -28.70 -16.64
C SER D 252 -3.44 -30.09 -17.15
N VAL D 253 -2.89 -31.14 -16.54
CA VAL D 253 -3.22 -32.50 -16.94
C VAL D 253 -4.70 -32.77 -16.70
N PHE D 254 -5.22 -32.35 -15.54
CA PHE D 254 -6.63 -32.55 -15.25
C PHE D 254 -7.52 -31.81 -16.25
N THR D 255 -7.13 -30.57 -16.58
CA THR D 255 -7.91 -29.81 -17.57
C THR D 255 -7.88 -30.50 -18.93
N ILE D 256 -6.72 -31.03 -19.33
CA ILE D 256 -6.62 -31.72 -20.61
C ILE D 256 -7.49 -32.98 -20.59
N ILE D 257 -7.51 -33.69 -19.46
CA ILE D 257 -8.32 -34.90 -19.36
C ILE D 257 -9.79 -34.57 -19.54
N CYS D 258 -10.25 -33.48 -18.92
CA CYS D 258 -11.65 -33.09 -19.06
C CYS D 258 -11.97 -32.74 -20.51
N THR D 259 -11.07 -32.03 -21.19
CA THR D 259 -11.30 -31.70 -22.59
C THR D 259 -11.35 -32.96 -23.45
N ILE D 260 -10.46 -33.93 -23.18
CA ILE D 260 -10.46 -35.17 -23.93
C ILE D 260 -11.78 -35.92 -23.72
N GLY D 261 -12.24 -35.97 -22.47
CA GLY D 261 -13.49 -36.66 -22.20
C GLY D 261 -14.67 -36.02 -22.91
N ILE D 262 -14.68 -34.70 -23.01
CA ILE D 262 -15.78 -34.02 -23.71
C ILE D 262 -15.79 -34.42 -25.17
N LEU D 263 -14.62 -34.47 -25.81
CA LEU D 263 -14.56 -34.87 -27.21
C LEU D 263 -15.00 -36.30 -27.44
N MET D 264 -14.95 -37.14 -26.41
CA MET D 264 -15.36 -38.54 -26.51
C MET D 264 -16.75 -38.80 -25.97
N SER D 265 -17.26 -37.93 -25.08
CA SER D 265 -18.59 -38.10 -24.51
C SER D 265 -19.65 -37.25 -25.18
N ALA D 266 -19.26 -36.16 -25.84
CA ALA D 266 -20.23 -35.30 -26.49
C ALA D 266 -21.01 -36.03 -27.57
N PRO D 267 -20.40 -36.80 -28.47
CA PRO D 267 -21.18 -37.49 -29.51
C PRO D 267 -22.22 -38.45 -28.96
N ASN D 268 -21.98 -39.03 -27.79
CA ASN D 268 -22.94 -39.98 -27.22
C ASN D 268 -24.17 -39.27 -26.68
N PHE D 269 -23.97 -38.17 -25.95
CA PHE D 269 -25.05 -37.40 -25.34
C PHE D 269 -25.28 -36.07 -26.04
N VAL D 270 -24.24 -35.25 -26.18
CA VAL D 270 -24.37 -33.95 -26.82
C VAL D 270 -24.50 -34.12 -28.33
N LEU E 7 -40.63 -2.33 -31.49
CA LEU E 7 -39.47 -2.91 -30.83
C LEU E 7 -39.36 -2.42 -29.39
N TYR E 8 -40.03 -3.11 -28.47
CA TYR E 8 -39.98 -2.74 -27.06
C TYR E 8 -38.66 -3.17 -26.43
N TYR E 9 -38.38 -4.47 -26.44
CA TYR E 9 -37.14 -4.98 -25.88
C TYR E 9 -35.97 -4.83 -26.85
N GLY E 10 -36.24 -4.58 -28.13
CA GLY E 10 -35.17 -4.42 -29.09
C GLY E 10 -34.31 -3.19 -28.82
N LEU E 11 -34.95 -2.08 -28.45
CA LEU E 11 -34.23 -0.85 -28.17
C LEU E 11 -33.63 -0.84 -26.76
N ASN E 12 -34.07 -1.74 -25.89
CA ASN E 12 -33.55 -1.84 -24.53
C ASN E 12 -32.46 -2.89 -24.39
N LEU E 13 -32.06 -3.55 -25.49
CA LEU E 13 -31.03 -4.56 -25.46
C LEU E 13 -29.89 -4.31 -26.43
N LEU E 14 -30.11 -3.52 -27.49
CA LEU E 14 -29.06 -3.22 -28.45
C LEU E 14 -28.22 -2.02 -28.04
N ILE E 15 -28.84 -1.01 -27.44
CA ILE E 15 -28.10 0.17 -27.01
C ILE E 15 -27.01 -0.18 -26.01
N PRO E 16 -27.27 -0.98 -24.97
CA PRO E 16 -26.19 -1.32 -24.03
C PRO E 16 -25.03 -2.05 -24.69
N CYS E 17 -25.26 -2.74 -25.81
CA CYS E 17 -24.18 -3.46 -26.46
C CYS E 17 -23.07 -2.52 -26.91
N VAL E 18 -23.43 -1.38 -27.49
CA VAL E 18 -22.42 -0.42 -27.92
C VAL E 18 -21.89 0.38 -26.75
N LEU E 19 -22.71 0.59 -25.71
CA LEU E 19 -22.25 1.33 -24.54
C LEU E 19 -21.29 0.50 -23.71
N ILE E 20 -21.59 -0.79 -23.53
CA ILE E 20 -20.70 -1.66 -22.75
C ILE E 20 -19.35 -1.80 -23.45
N SER E 21 -19.35 -1.98 -24.77
CA SER E 21 -18.10 -2.11 -25.50
C SER E 21 -17.27 -0.83 -25.43
N ALA E 22 -17.93 0.33 -25.36
CA ALA E 22 -17.18 1.58 -25.27
C ALA E 22 -16.43 1.71 -23.95
N LEU E 23 -16.99 1.15 -22.87
CA LEU E 23 -16.31 1.23 -21.58
C LEU E 23 -15.03 0.41 -21.57
N ALA E 24 -15.01 -0.72 -22.27
CA ALA E 24 -13.81 -1.56 -22.30
C ALA E 24 -12.65 -0.88 -23.04
N LEU E 25 -12.94 0.06 -23.95
CA LEU E 25 -11.87 0.74 -24.66
C LEU E 25 -11.05 1.63 -23.74
N LEU E 26 -11.69 2.24 -22.74
CA LEU E 26 -10.97 3.11 -21.81
C LEU E 26 -10.08 2.33 -20.86
N VAL E 27 -10.34 1.03 -20.68
CA VAL E 27 -9.52 0.24 -19.77
C VAL E 27 -8.10 0.10 -20.32
N PHE E 28 -7.96 -0.07 -21.64
CA PHE E 28 -6.64 -0.24 -22.22
C PHE E 28 -5.78 1.02 -22.10
N LEU E 29 -6.39 2.18 -21.93
CA LEU E 29 -5.65 3.44 -21.81
C LEU E 29 -5.30 3.79 -20.37
N LEU E 30 -5.70 2.97 -19.40
CA LEU E 30 -5.40 3.25 -18.01
C LEU E 30 -3.96 2.87 -17.69
N PRO E 31 -3.36 3.50 -16.67
CA PRO E 31 -1.98 3.17 -16.31
C PRO E 31 -1.89 1.79 -15.66
N ALA E 32 -0.69 1.21 -15.73
CA ALA E 32 -0.46 -0.10 -15.17
C ALA E 32 -0.39 -0.08 -13.65
N ASP E 33 0.05 1.04 -13.06
CA ASP E 33 0.17 1.14 -11.61
C ASP E 33 -1.18 1.10 -10.91
N SER E 34 -2.29 1.29 -11.63
CA SER E 34 -3.62 1.27 -11.04
C SER E 34 -4.08 -0.18 -10.96
N GLY E 35 -3.72 -0.85 -9.85
CA GLY E 35 -4.08 -2.23 -9.65
C GLY E 35 -5.52 -2.46 -9.24
N GLU E 36 -6.25 -1.40 -8.92
CA GLU E 36 -7.64 -1.51 -8.51
C GLU E 36 -8.61 -1.46 -9.69
N LYS E 37 -8.11 -1.29 -10.91
CA LYS E 37 -8.96 -1.24 -12.09
C LYS E 37 -9.48 -2.61 -12.52
N ILE E 38 -8.97 -3.69 -11.91
CA ILE E 38 -9.45 -5.02 -12.27
C ILE E 38 -10.93 -5.16 -11.93
N SER E 39 -11.35 -4.57 -10.83
CA SER E 39 -12.77 -4.62 -10.44
C SER E 39 -13.66 -3.90 -11.44
N LEU E 40 -13.11 -2.98 -12.23
CA LEU E 40 -13.92 -2.28 -13.23
C LEU E 40 -14.49 -3.24 -14.26
N GLY E 41 -13.67 -4.20 -14.71
CA GLY E 41 -14.15 -5.17 -15.67
C GLY E 41 -15.13 -6.18 -15.11
N ILE E 42 -15.08 -6.41 -13.79
CA ILE E 42 -16.00 -7.37 -13.18
C ILE E 42 -17.43 -6.84 -13.24
N THR E 43 -17.63 -5.58 -12.85
CA THR E 43 -18.97 -5.01 -12.88
C THR E 43 -19.47 -4.81 -14.30
N VAL E 44 -18.58 -4.40 -15.21
CA VAL E 44 -18.96 -4.24 -16.60
C VAL E 44 -19.37 -5.58 -17.21
N LEU E 45 -18.58 -6.62 -16.95
CA LEU E 45 -18.93 -7.95 -17.44
C LEU E 45 -20.15 -8.50 -16.72
N LEU E 46 -20.25 -8.25 -15.41
CA LEU E 46 -21.40 -8.73 -14.66
C LEU E 46 -22.69 -8.09 -15.16
N SER E 47 -22.65 -6.78 -15.45
CA SER E 47 -23.84 -6.11 -15.97
C SER E 47 -24.24 -6.65 -17.32
N LEU E 48 -23.26 -6.98 -18.17
CA LEU E 48 -23.59 -7.52 -19.50
C LEU E 48 -24.23 -8.90 -19.38
N THR E 49 -23.76 -9.72 -18.45
CA THR E 49 -24.35 -11.05 -18.28
C THR E 49 -25.79 -10.97 -17.80
N VAL E 50 -26.10 -9.99 -16.94
CA VAL E 50 -27.48 -9.84 -16.47
C VAL E 50 -28.40 -9.54 -17.64
N PHE E 51 -27.98 -8.63 -18.52
CA PHE E 51 -28.78 -8.33 -19.71
C PHE E 51 -28.79 -9.50 -20.69
N MET E 52 -27.74 -10.32 -20.68
CA MET E 52 -27.68 -11.47 -21.58
C MET E 52 -28.79 -12.46 -21.27
N LEU E 53 -29.12 -12.63 -19.99
CA LEU E 53 -30.19 -13.56 -19.62
C LEU E 53 -31.52 -13.14 -20.24
N LEU E 54 -31.83 -11.84 -20.22
CA LEU E 54 -33.06 -11.36 -20.83
C LEU E 54 -33.05 -11.59 -22.34
N VAL E 55 -31.89 -11.45 -22.97
CA VAL E 55 -31.80 -11.65 -24.42
C VAL E 55 -32.16 -13.10 -24.77
N ALA E 56 -31.65 -14.06 -23.99
CA ALA E 56 -31.93 -15.45 -24.29
C ALA E 56 -33.43 -15.75 -24.23
N GLU E 57 -34.12 -15.18 -23.24
CA GLU E 57 -35.56 -15.41 -23.13
C GLU E 57 -36.30 -14.86 -24.35
N ILE E 58 -35.89 -13.69 -24.84
CA ILE E 58 -36.53 -13.10 -26.01
C ILE E 58 -35.94 -13.60 -27.32
N MET E 59 -34.73 -14.14 -27.30
CA MET E 59 -34.13 -14.65 -28.53
C MET E 59 -34.96 -15.81 -29.06
N PRO E 60 -35.22 -15.86 -30.36
CA PRO E 60 -35.98 -16.99 -30.92
C PRO E 60 -35.30 -18.32 -30.61
N SER E 61 -36.07 -19.26 -30.09
CA SER E 61 -35.57 -20.59 -29.75
C SER E 61 -35.62 -21.46 -31.00
N THR E 62 -34.46 -21.74 -31.59
CA THR E 62 -34.35 -22.56 -32.78
C THR E 62 -33.87 -23.95 -32.39
N SER E 63 -33.66 -24.80 -33.40
CA SER E 63 -33.21 -26.17 -33.19
C SER E 63 -31.68 -26.26 -33.22
N ASP E 64 -31.07 -25.85 -34.33
CA ASP E 64 -29.62 -25.87 -34.49
C ASP E 64 -29.03 -24.52 -34.83
N SER E 65 -29.71 -23.73 -35.67
CA SER E 65 -29.22 -22.41 -36.02
C SER E 65 -29.51 -21.42 -34.90
N SER E 66 -28.82 -20.28 -34.96
CA SER E 66 -28.97 -19.22 -33.98
C SER E 66 -29.00 -17.87 -34.69
N PRO E 67 -29.70 -16.88 -34.13
CA PRO E 67 -29.71 -15.56 -34.76
C PRO E 67 -28.32 -14.94 -34.80
N SER E 68 -28.10 -14.12 -35.83
CA SER E 68 -26.80 -13.46 -35.97
C SER E 68 -26.50 -12.55 -34.79
N ILE E 69 -27.53 -12.01 -34.14
CA ILE E 69 -27.32 -11.13 -33.00
C ILE E 69 -26.59 -11.87 -31.88
N ALA E 70 -26.79 -13.19 -31.78
CA ALA E 70 -26.12 -13.96 -30.74
C ALA E 70 -24.61 -13.89 -30.91
N GLN E 71 -24.12 -14.02 -32.15
CA GLN E 71 -22.69 -13.96 -32.38
C GLN E 71 -22.15 -12.55 -32.13
N TYR E 72 -22.92 -11.52 -32.47
CA TYR E 72 -22.47 -10.15 -32.23
C TYR E 72 -22.29 -9.89 -30.72
N PHE E 73 -23.22 -10.39 -29.91
CA PHE E 73 -23.08 -10.23 -28.46
C PHE E 73 -21.89 -11.01 -27.93
N ALA E 74 -21.50 -12.10 -28.61
CA ALA E 74 -20.34 -12.86 -28.18
C ALA E 74 -19.07 -12.02 -28.25
N SER E 75 -18.93 -11.23 -29.32
CA SER E 75 -17.76 -10.37 -29.44
C SER E 75 -17.70 -9.36 -28.29
N THR E 76 -18.87 -8.80 -27.91
CA THR E 76 -18.89 -7.88 -26.78
C THR E 76 -18.46 -8.57 -25.50
N MET E 77 -18.93 -9.80 -25.28
CA MET E 77 -18.50 -10.57 -24.13
C MET E 77 -17.04 -10.98 -24.23
N ILE E 78 -16.48 -11.04 -25.43
CA ILE E 78 -15.07 -11.39 -25.61
C ILE E 78 -14.18 -10.16 -25.45
N ILE E 79 -14.58 -9.03 -26.04
CA ILE E 79 -13.81 -7.80 -25.86
C ILE E 79 -13.80 -7.39 -24.40
N VAL E 80 -14.95 -7.44 -23.74
CA VAL E 80 -15.02 -7.16 -22.31
C VAL E 80 -14.29 -8.26 -21.53
N GLY E 81 -14.49 -9.52 -21.92
CA GLY E 81 -13.79 -10.60 -21.26
C GLY E 81 -12.29 -10.52 -21.42
N LEU E 82 -11.83 -10.14 -22.61
CA LEU E 82 -10.40 -9.97 -22.84
C LEU E 82 -9.86 -8.70 -22.18
N SER E 83 -10.73 -7.75 -21.86
CA SER E 83 -10.29 -6.55 -21.15
C SER E 83 -9.83 -6.88 -19.74
N VAL E 84 -10.47 -7.85 -19.08
CA VAL E 84 -10.03 -8.27 -17.76
C VAL E 84 -8.67 -8.93 -17.85
N VAL E 85 -8.41 -9.69 -18.93
CA VAL E 85 -7.10 -10.32 -19.11
C VAL E 85 -6.02 -9.26 -19.21
N VAL E 86 -6.33 -8.12 -19.86
CA VAL E 86 -5.36 -7.05 -19.97
C VAL E 86 -4.97 -6.54 -18.59
N THR E 87 -5.95 -6.35 -17.70
CA THR E 87 -5.65 -5.94 -16.34
C THR E 87 -4.90 -7.03 -15.58
N VAL E 88 -5.14 -8.29 -15.94
CA VAL E 88 -4.41 -9.40 -15.31
C VAL E 88 -2.97 -9.40 -15.77
N ILE E 89 -2.74 -9.10 -17.06
CA ILE E 89 -1.37 -9.02 -17.57
C ILE E 89 -0.61 -7.89 -16.88
N VAL E 90 -1.29 -6.80 -16.55
CA VAL E 90 -0.64 -5.70 -15.84
C VAL E 90 -0.08 -6.18 -14.51
N LEU E 91 -0.86 -7.00 -13.79
CA LEU E 91 -0.41 -7.50 -12.49
C LEU E 91 0.83 -8.38 -12.62
N GLN E 92 1.12 -8.91 -13.81
CA GLN E 92 2.26 -9.77 -14.01
C GLN E 92 3.54 -9.01 -14.33
N TYR E 93 3.43 -7.81 -14.89
CA TYR E 93 4.61 -7.07 -15.32
C TYR E 93 5.26 -6.32 -14.16
N HIS E 94 4.51 -5.42 -13.52
CA HIS E 94 5.07 -4.61 -12.45
C HIS E 94 5.36 -5.40 -11.18
N HIS E 95 4.91 -6.65 -11.11
CA HIS E 95 5.21 -7.55 -10.00
C HIS E 95 6.03 -8.74 -10.49
N HIS E 96 7.03 -8.46 -11.32
CA HIS E 96 7.83 -9.52 -11.92
C HIS E 96 8.46 -10.40 -10.84
N ASP E 97 8.40 -11.71 -11.07
CA ASP E 97 8.95 -12.71 -10.16
C ASP E 97 10.25 -13.28 -10.73
N PRO E 98 11.20 -13.68 -9.89
CA PRO E 98 12.46 -14.22 -10.42
C PRO E 98 12.27 -15.41 -11.35
N ASP E 99 11.22 -16.21 -11.14
CA ASP E 99 10.96 -17.34 -12.01
C ASP E 99 10.46 -16.92 -13.39
N GLY E 100 10.08 -15.66 -13.57
CA GLY E 100 9.61 -15.17 -14.85
C GLY E 100 8.38 -14.29 -14.71
N GLY E 101 7.91 -13.74 -15.83
CA GLY E 101 6.73 -12.90 -15.83
C GLY E 101 6.90 -11.64 -16.63
N LYS E 102 8.12 -11.11 -16.68
CA LYS E 102 8.40 -9.88 -17.40
C LYS E 102 8.65 -10.18 -18.89
N MET E 103 8.90 -9.13 -19.66
CA MET E 103 9.16 -9.30 -21.07
C MET E 103 10.46 -10.08 -21.28
N PRO E 104 10.49 -11.03 -22.22
CA PRO E 104 11.74 -11.76 -22.46
C PRO E 104 12.87 -10.84 -22.85
N LYS E 105 14.09 -11.22 -22.47
CA LYS E 105 15.25 -10.40 -22.76
C LYS E 105 15.45 -10.23 -24.26
N TRP E 106 15.28 -11.31 -25.03
CA TRP E 106 15.46 -11.22 -26.48
C TRP E 106 14.47 -10.26 -27.11
N THR E 107 13.30 -10.08 -26.50
CA THR E 107 12.29 -9.16 -26.98
C THR E 107 12.35 -7.79 -26.31
N ARG E 108 13.09 -7.67 -25.20
CA ARG E 108 13.20 -6.38 -24.53
C ARG E 108 13.95 -5.35 -25.35
N VAL E 109 14.80 -5.80 -26.28
CA VAL E 109 15.51 -4.86 -27.15
C VAL E 109 14.53 -4.12 -28.06
N ILE E 110 13.49 -4.83 -28.52
CA ILE E 110 12.49 -4.19 -29.37
C ILE E 110 11.74 -3.12 -28.59
N LEU E 111 11.51 -3.36 -27.31
CA LEU E 111 10.80 -2.37 -26.49
C LEU E 111 11.57 -1.06 -26.42
N LEU E 112 12.89 -1.11 -26.55
CA LEU E 112 13.69 0.12 -26.54
C LEU E 112 13.33 1.03 -27.70
N ASN E 113 12.82 0.46 -28.80
CA ASN E 113 12.40 1.24 -29.95
C ASN E 113 10.94 1.66 -29.86
N TRP E 114 10.08 0.82 -29.27
CA TRP E 114 8.67 1.17 -29.18
C TRP E 114 8.45 2.42 -28.34
N CYS E 115 9.15 2.52 -27.21
CA CYS E 115 9.01 3.72 -26.37
C CYS E 115 9.50 4.96 -27.10
N ALA E 116 10.61 4.85 -27.82
CA ALA E 116 11.12 5.99 -28.57
C ALA E 116 10.22 6.36 -29.74
N TRP E 117 9.59 5.35 -30.37
CA TRP E 117 8.71 5.63 -31.50
C TRP E 117 7.43 6.34 -31.07
N PHE E 118 7.05 6.24 -29.79
CA PHE E 118 5.84 6.91 -29.33
C PHE E 118 5.95 8.41 -29.49
N LEU E 119 7.10 8.98 -29.11
CA LEU E 119 7.30 10.42 -29.27
C LEU E 119 7.43 10.79 -30.75
N ARG E 120 8.23 10.02 -31.51
CA ARG E 120 8.44 10.25 -32.93
C ARG E 120 8.32 8.91 -33.64
N MET E 121 7.12 8.61 -34.15
CA MET E 121 6.91 7.35 -34.84
C MET E 121 7.70 7.31 -36.14
N LYS E 122 8.15 6.10 -36.50
CA LYS E 122 8.91 5.92 -37.73
C LYS E 122 8.07 6.17 -38.98
N ARG E 123 6.76 6.20 -38.86
CA ARG E 123 5.91 6.44 -40.01
C ARG E 123 5.96 7.91 -40.42
N PRO E 124 5.52 8.23 -41.65
CA PRO E 124 5.56 9.63 -42.08
C PRO E 124 4.67 10.55 -41.25
N GLY E 125 3.72 10.00 -40.50
CA GLY E 125 2.84 10.85 -39.71
C GLY E 125 3.60 11.70 -38.70
N GLU E 126 4.66 11.14 -38.12
CA GLU E 126 5.46 11.85 -37.13
C GLU E 126 6.86 12.22 -37.62
N ASP E 127 7.45 11.41 -38.50
CA ASP E 127 8.78 11.72 -39.02
C ASP E 127 8.77 12.84 -40.04
N LYS E 128 7.62 13.11 -40.67
CA LYS E 128 7.53 14.15 -41.68
C LYS E 128 7.21 15.51 -41.07
N VAL E 129 6.40 15.55 -40.01
CA VAL E 129 6.02 16.82 -39.37
C VAL E 129 7.08 17.09 -38.31
N ARG E 130 8.17 17.71 -38.75
CA ARG E 130 9.27 18.08 -37.88
C ARG E 130 10.28 18.87 -38.69
N PRO E 131 11.19 19.60 -38.03
CA PRO E 131 12.20 20.37 -38.77
C PRO E 131 13.12 19.48 -39.58
N ALA E 132 13.06 19.60 -40.90
CA ALA E 132 13.89 18.81 -41.80
C ALA E 132 14.43 19.72 -42.90
N CYS E 133 15.70 19.52 -43.24
CA CYS E 133 16.37 20.32 -44.27
C CYS E 133 17.67 19.59 -44.63
N GLN E 134 18.48 20.24 -45.46
CA GLN E 134 19.77 19.69 -45.89
C GLN E 134 20.92 20.13 -44.98
N HIS E 135 20.63 20.84 -43.89
CA HIS E 135 21.67 21.32 -42.99
C HIS E 135 22.11 20.16 -42.08
N LYS E 136 22.89 20.49 -41.04
CA LYS E 136 23.42 19.46 -40.15
C LYS E 136 22.32 18.73 -39.40
N GLN E 137 21.10 19.26 -39.37
CA GLN E 137 20.02 18.59 -38.65
C GLN E 137 19.74 17.20 -39.20
N ARG E 138 19.97 17.00 -40.51
CA ARG E 138 19.72 15.73 -41.17
C ARG E 138 21.00 15.18 -41.81
N ARG E 139 22.13 15.41 -41.16
CA ARG E 139 23.41 14.92 -41.63
C ARG E 139 23.89 13.77 -40.75
N CYS E 140 24.92 13.08 -41.24
CA CYS E 140 25.52 11.94 -40.54
C CYS E 140 26.94 12.30 -40.10
N SER E 141 27.27 11.93 -38.87
CA SER E 141 28.59 12.19 -38.31
C SER E 141 28.96 11.07 -37.36
N LEU E 142 30.04 11.26 -36.61
CA LEU E 142 30.48 10.21 -35.68
C LEU E 142 29.49 10.01 -34.55
N ALA E 143 28.89 11.09 -34.05
CA ALA E 143 27.95 10.97 -32.94
C ALA E 143 26.75 10.12 -33.32
N SER E 144 26.20 10.35 -34.52
CA SER E 144 25.04 9.57 -34.94
C SER E 144 25.42 8.12 -35.24
N VAL E 145 26.56 7.91 -35.91
CA VAL E 145 27.02 6.57 -36.25
C VAL E 145 27.91 6.11 -35.10
N GLU E 146 27.31 5.39 -34.16
CA GLU E 146 28.02 4.88 -32.98
C GLU E 146 28.21 3.37 -33.06
N MET E 147 28.33 2.82 -34.27
CA MET E 147 28.53 1.39 -34.43
C MET E 147 29.91 0.94 -33.97
N SER E 148 30.85 1.87 -33.82
CA SER E 148 32.20 1.56 -33.37
C SER E 148 32.43 1.94 -31.92
N ALA E 149 31.41 1.78 -31.08
CA ALA E 149 31.50 2.12 -29.66
C ALA E 149 31.89 3.58 -29.47
N VAL E 150 31.27 4.46 -30.25
CA VAL E 150 31.53 5.89 -30.16
C VAL E 150 30.71 6.48 -29.02
N ALA E 151 31.27 7.48 -28.35
CA ALA E 151 30.59 8.11 -27.24
C ALA E 151 29.33 8.81 -27.72
N PRO E 152 28.16 8.53 -27.13
CA PRO E 152 26.94 9.19 -27.57
C PRO E 152 26.88 10.62 -27.08
N PRO E 153 25.88 11.40 -27.52
CA PRO E 153 25.78 12.78 -27.07
C PRO E 153 25.59 12.83 -25.57
N PRO E 154 26.07 13.89 -24.90
CA PRO E 154 25.91 13.97 -23.44
C PRO E 154 24.48 14.27 -23.04
N ALA E 155 23.64 13.24 -23.02
CA ALA E 155 22.24 13.35 -22.66
C ALA E 155 22.00 12.76 -21.28
N SER E 156 20.92 13.22 -20.64
CA SER E 156 20.56 12.77 -19.30
C SER E 156 19.63 11.57 -19.31
N ASN E 157 19.32 11.02 -20.47
CA ASN E 157 18.43 9.86 -20.58
C ASN E 157 19.16 8.54 -20.40
N GLY E 158 20.48 8.56 -20.22
CA GLY E 158 21.24 7.34 -20.03
C GLY E 158 22.45 7.26 -20.94
N ASN E 159 22.79 8.37 -21.60
CA ASN E 159 23.94 8.42 -22.49
C ASN E 159 25.19 8.97 -21.82
N LEU E 160 25.05 9.68 -20.70
CA LEU E 160 26.19 10.24 -19.98
C LEU E 160 26.28 9.76 -18.55
N LEU E 161 25.16 9.65 -17.84
CA LEU E 161 25.20 9.20 -16.45
C LEU E 161 25.57 7.73 -16.36
N TYR E 162 24.94 6.88 -17.18
CA TYR E 162 25.24 5.45 -17.14
C TYR E 162 26.60 5.16 -17.76
N ILE E 163 26.92 5.82 -18.88
CA ILE E 163 28.19 5.58 -19.54
C ILE E 163 29.33 6.35 -18.89
N GLY E 164 29.03 7.47 -18.22
CA GLY E 164 30.06 8.22 -17.53
C GLY E 164 30.45 7.67 -16.18
N PHE E 165 29.60 6.83 -15.59
CA PHE E 165 29.87 6.20 -14.30
C PHE E 165 30.25 4.73 -14.44
N ARG E 166 29.52 3.98 -15.26
CA ARG E 166 29.79 2.56 -15.47
C ARG E 166 30.51 2.28 -16.78
N GLY E 167 30.25 3.06 -17.83
CA GLY E 167 30.89 2.80 -19.10
C GLY E 167 32.36 3.17 -19.11
N LEU E 168 32.77 4.11 -18.25
CA LEU E 168 34.17 4.53 -18.17
C LEU E 168 34.91 3.60 -17.20
N ASP E 169 35.12 2.37 -17.66
CA ASP E 169 35.82 1.36 -16.87
C ASP E 169 37.31 1.48 -17.17
N GLY E 170 37.97 2.37 -16.44
CA GLY E 170 39.39 2.60 -16.64
C GLY E 170 39.75 4.07 -16.68
N VAL E 171 38.75 4.94 -16.60
CA VAL E 171 38.95 6.39 -16.64
C VAL E 171 38.38 7.06 -15.38
N HIS E 172 37.12 6.78 -15.06
CA HIS E 172 36.47 7.38 -13.91
C HIS E 172 36.63 6.50 -12.67
N CYS E 173 36.14 5.26 -12.73
CA CYS E 173 36.25 4.37 -11.58
C CYS E 173 37.71 4.07 -11.26
N VAL E 174 38.51 3.79 -12.28
CA VAL E 174 39.93 3.47 -12.10
C VAL E 174 40.75 4.34 -13.05
N PRO E 175 40.97 5.62 -12.74
CA PRO E 175 41.75 6.48 -13.64
C PRO E 175 43.13 5.91 -13.90
N THR E 176 43.38 5.55 -15.16
CA THR E 176 44.66 4.99 -15.56
C THR E 176 45.73 6.08 -15.64
N PRO E 177 45.48 7.20 -16.33
CA PRO E 177 46.54 8.24 -16.42
C PRO E 177 46.67 9.05 -15.14
N ASP E 178 47.35 8.48 -14.15
CA ASP E 178 47.58 9.12 -12.87
C ASP E 178 49.05 9.30 -12.53
N SER E 179 49.97 8.71 -13.29
CA SER E 179 51.40 8.82 -13.02
C SER E 179 51.90 10.11 -13.64
N GLY E 180 51.93 11.18 -12.84
CA GLY E 180 52.41 12.47 -13.29
C GLY E 180 51.40 13.31 -14.03
N VAL E 181 50.15 12.85 -14.15
CA VAL E 181 49.10 13.59 -14.84
C VAL E 181 48.09 14.17 -13.85
N VAL E 182 47.42 13.31 -13.08
CA VAL E 182 46.48 13.79 -12.08
C VAL E 182 47.22 14.48 -10.93
N CYS E 183 48.32 13.87 -10.47
CA CYS E 183 49.11 14.40 -9.37
C CYS E 183 50.30 15.21 -9.87
N GLY E 184 50.22 15.75 -11.09
CA GLY E 184 51.30 16.54 -11.65
C GLY E 184 50.81 17.83 -12.29
N ARG E 185 49.58 18.22 -11.98
CA ARG E 185 48.97 19.42 -12.52
C ARG E 185 48.34 20.23 -11.39
N MET E 186 48.12 21.52 -11.67
CA MET E 186 47.54 22.43 -10.70
C MET E 186 46.02 22.50 -10.79
N ALA E 187 45.40 21.67 -11.62
CA ALA E 187 43.96 21.68 -11.79
C ALA E 187 43.32 20.96 -10.61
N CYS E 188 43.24 21.68 -9.49
CA CYS E 188 42.63 21.16 -8.26
C CYS E 188 43.30 19.86 -7.82
N SER E 189 44.62 19.80 -7.96
CA SER E 189 45.38 18.63 -7.56
C SER E 189 46.82 19.06 -7.30
N PRO E 190 47.56 18.30 -6.50
CA PRO E 190 48.97 18.65 -6.26
C PRO E 190 49.81 18.50 -7.50
N THR E 191 50.87 19.29 -7.58
CA THR E 191 51.80 19.29 -8.71
C THR E 191 53.14 18.78 -8.19
N HIS E 192 53.31 17.45 -8.20
CA HIS E 192 54.54 16.81 -7.73
C HIS E 192 54.90 17.26 -6.32
N ASP E 193 53.88 17.40 -5.47
CA ASP E 193 54.07 17.84 -4.09
C ASP E 193 54.29 16.60 -3.23
N GLU E 194 55.55 16.30 -2.94
CA GLU E 194 55.89 15.17 -2.09
C GLU E 194 55.72 15.45 -0.61
N HIS E 195 55.58 16.72 -0.22
CA HIS E 195 55.41 17.12 1.17
C HIS E 195 53.99 17.63 1.42
N LEU E 196 53.01 17.02 0.75
CA LEU E 196 51.61 17.42 0.90
C LEU E 196 51.09 16.89 2.23
N LEU E 197 51.28 17.68 3.29
CA LEU E 197 50.88 17.31 4.63
C LEU E 197 50.03 18.43 5.22
N HIS E 198 49.24 18.07 6.24
CA HIS E 198 48.36 19.02 6.91
C HIS E 198 49.17 19.78 7.97
N GLY E 199 50.09 20.61 7.48
CA GLY E 199 50.94 21.38 8.36
C GLY E 199 51.83 20.52 9.25
N GLY E 200 52.43 19.48 8.67
CA GLY E 200 53.26 18.56 9.40
C GLY E 200 52.56 17.32 9.89
N GLN E 201 51.22 17.29 9.83
CA GLN E 201 50.43 16.15 10.24
C GLN E 201 49.94 15.37 9.04
N PRO E 202 49.51 14.13 9.23
CA PRO E 202 48.99 13.35 8.10
C PRO E 202 47.81 14.05 7.46
N PRO E 203 47.64 13.89 6.15
CA PRO E 203 46.51 14.58 5.49
C PRO E 203 45.16 14.24 6.11
N GLU E 204 44.97 13.01 6.55
CA GLU E 204 43.70 12.60 7.15
C GLU E 204 43.66 13.05 8.60
N GLY E 205 42.74 13.97 8.92
CA GLY E 205 42.64 14.47 10.28
C GLY E 205 42.22 13.38 11.26
N ASP E 206 41.32 12.50 10.85
CA ASP E 206 40.83 11.43 11.71
C ASP E 206 40.49 10.20 10.87
N PRO E 207 41.10 9.04 11.16
CA PRO E 207 40.73 7.83 10.40
C PRO E 207 39.26 7.46 10.53
N ASP E 208 38.60 7.85 11.62
CA ASP E 208 37.19 7.53 11.78
C ASP E 208 36.34 8.17 10.69
N LEU E 209 36.79 9.29 10.13
CA LEU E 209 36.05 9.93 9.05
C LEU E 209 35.95 9.03 7.83
N ALA E 210 37.03 8.32 7.51
CA ALA E 210 37.00 7.40 6.37
C ALA E 210 36.00 6.28 6.62
N LYS E 211 35.95 5.76 7.85
CA LYS E 211 34.97 4.71 8.18
C LYS E 211 33.55 5.22 8.02
N ILE E 212 33.30 6.46 8.44
CA ILE E 212 31.96 7.03 8.31
C ILE E 212 31.59 7.17 6.84
N LEU E 213 32.58 7.50 5.99
CA LEU E 213 32.30 7.64 4.56
C LEU E 213 31.80 6.33 3.96
N GLU E 214 32.42 5.21 4.34
CA GLU E 214 31.98 3.92 3.83
C GLU E 214 30.54 3.62 4.24
N GLU E 215 30.20 3.88 5.50
CA GLU E 215 28.83 3.68 5.95
C GLU E 215 27.89 4.68 5.29
N VAL E 216 28.31 5.95 5.18
CA VAL E 216 27.49 6.95 4.52
C VAL E 216 27.32 6.61 3.04
N ARG E 217 28.40 6.18 2.40
CA ARG E 217 28.31 5.80 0.99
C ARG E 217 27.33 4.66 0.77
N TYR E 218 27.35 3.67 1.67
CA TYR E 218 26.40 2.56 1.56
C TYR E 218 24.97 3.05 1.69
N ILE E 219 24.72 3.97 2.62
CA ILE E 219 23.39 4.55 2.75
C ILE E 219 23.00 5.29 1.48
N ALA E 220 23.91 6.09 0.94
CA ALA E 220 23.64 6.78 -0.32
C ALA E 220 23.45 5.79 -1.46
N ASN E 221 24.27 4.73 -1.48
CA ASN E 221 24.11 3.71 -2.52
C ASN E 221 22.80 2.95 -2.37
N ARG E 222 22.34 2.74 -1.14
CA ARG E 222 21.06 2.07 -0.94
C ARG E 222 19.92 2.87 -1.55
N PHE E 223 19.93 4.19 -1.35
CA PHE E 223 18.93 5.04 -2.00
C PHE E 223 19.13 5.05 -3.51
N ARG E 224 20.39 5.09 -3.97
CA ARG E 224 20.65 5.02 -5.39
C ARG E 224 20.17 3.70 -5.97
N CYS E 225 20.40 2.59 -5.26
CA CYS E 225 19.89 1.30 -5.72
C CYS E 225 18.37 1.30 -5.78
N GLN E 226 17.72 1.89 -4.78
CA GLN E 226 16.26 2.00 -4.80
C GLN E 226 15.81 2.85 -5.99
N ASP E 227 16.49 3.96 -6.25
CA ASP E 227 16.16 4.77 -7.41
C ASP E 227 16.42 4.00 -8.70
N GLU E 228 17.54 3.27 -8.77
CA GLU E 228 17.80 2.42 -9.92
C GLU E 228 16.82 1.27 -10.01
N SER E 229 16.42 0.72 -8.85
CA SER E 229 15.44 -0.36 -8.86
C SER E 229 14.09 0.14 -9.39
N GLU E 230 13.72 1.38 -9.05
CA GLU E 230 12.48 1.94 -9.56
C GLU E 230 12.56 2.23 -11.05
N ALA E 231 13.75 2.49 -11.59
CA ALA E 231 13.88 2.69 -13.03
C ALA E 231 13.66 1.38 -13.77
N VAL E 232 14.17 0.27 -13.24
CA VAL E 232 13.92 -1.04 -13.85
C VAL E 232 12.46 -1.42 -13.68
N CYS E 233 11.88 -1.14 -12.51
CA CYS E 233 10.47 -1.42 -12.29
C CYS E 233 9.58 -0.57 -13.18
N SER E 234 10.01 0.67 -13.48
CA SER E 234 9.22 1.52 -14.35
C SER E 234 9.17 0.98 -15.77
N GLU E 235 10.21 0.26 -16.19
CA GLU E 235 10.19 -0.35 -17.53
C GLU E 235 9.08 -1.39 -17.63
N TRP E 236 8.91 -2.21 -16.59
CA TRP E 236 7.81 -3.17 -16.59
C TRP E 236 6.47 -2.45 -16.51
N LYS E 237 6.38 -1.41 -15.70
CA LYS E 237 5.16 -0.62 -15.65
C LYS E 237 4.88 0.06 -16.98
N PHE E 238 5.92 0.62 -17.60
CA PHE E 238 5.76 1.24 -18.91
C PHE E 238 5.50 0.19 -19.99
N ALA E 239 6.12 -0.98 -19.87
CA ALA E 239 5.95 -2.03 -20.87
C ALA E 239 4.49 -2.49 -20.94
N ALA E 240 3.82 -2.56 -19.79
CA ALA E 240 2.42 -3.00 -19.78
C ALA E 240 1.55 -2.07 -20.61
N CYS E 241 1.75 -0.75 -20.47
CA CYS E 241 0.99 0.19 -21.27
C CYS E 241 1.34 0.07 -22.76
N VAL E 242 2.62 -0.18 -23.05
CA VAL E 242 3.04 -0.38 -24.44
C VAL E 242 2.37 -1.62 -25.01
N VAL E 243 2.34 -2.70 -24.24
CA VAL E 243 1.66 -3.92 -24.69
C VAL E 243 0.17 -3.65 -24.89
N ASP E 244 -0.44 -2.93 -23.93
CA ASP E 244 -1.84 -2.57 -24.08
C ASP E 244 -2.07 -1.58 -25.20
N ARG E 245 -1.04 -0.82 -25.59
CA ARG E 245 -1.19 0.11 -26.71
C ARG E 245 -1.51 -0.64 -28.00
N LEU E 246 -0.82 -1.75 -28.24
CA LEU E 246 -1.12 -2.56 -29.42
C LEU E 246 -2.52 -3.15 -29.33
N CYS E 247 -2.93 -3.58 -28.13
CA CYS E 247 -4.28 -4.11 -27.96
C CYS E 247 -5.33 -3.06 -28.26
N LEU E 248 -5.09 -1.82 -27.83
CA LEU E 248 -6.05 -0.75 -28.11
C LEU E 248 -6.20 -0.52 -29.61
N MET E 249 -5.08 -0.52 -30.34
CA MET E 249 -5.14 -0.36 -31.78
C MET E 249 -5.75 -1.57 -32.49
N ALA E 250 -5.75 -2.73 -31.84
CA ALA E 250 -6.31 -3.94 -32.43
C ALA E 250 -7.76 -4.15 -32.00
N PHE E 251 -8.03 -4.05 -30.70
CA PHE E 251 -9.41 -4.23 -30.22
C PHE E 251 -10.33 -3.15 -30.76
N SER E 252 -9.81 -1.96 -31.03
CA SER E 252 -10.64 -0.89 -31.57
C SER E 252 -11.18 -1.27 -32.94
N VAL E 253 -10.35 -1.88 -33.78
CA VAL E 253 -10.80 -2.32 -35.10
C VAL E 253 -11.90 -3.37 -34.97
N PHE E 254 -11.72 -4.32 -34.06
CA PHE E 254 -12.75 -5.34 -33.86
C PHE E 254 -14.05 -4.72 -33.37
N THR E 255 -13.97 -3.77 -32.45
CA THR E 255 -15.17 -3.08 -31.97
C THR E 255 -15.85 -2.33 -33.10
N ILE E 256 -15.08 -1.66 -33.95
CA ILE E 256 -15.66 -0.94 -35.08
C ILE E 256 -16.33 -1.91 -36.04
N ILE E 257 -15.72 -3.07 -36.26
CA ILE E 257 -16.30 -4.06 -37.15
C ILE E 257 -17.66 -4.54 -36.62
N CYS E 258 -17.73 -4.79 -35.31
CA CYS E 258 -19.00 -5.21 -34.72
C CYS E 258 -20.08 -4.14 -34.89
N THR E 259 -19.71 -2.88 -34.67
CA THR E 259 -20.68 -1.79 -34.84
C THR E 259 -21.13 -1.70 -36.29
N ILE E 260 -20.21 -1.86 -37.24
CA ILE E 260 -20.57 -1.81 -38.65
C ILE E 260 -21.52 -2.94 -39.00
N GLY E 261 -21.24 -4.15 -38.49
CA GLY E 261 -22.12 -5.28 -38.76
C GLY E 261 -23.52 -5.08 -38.22
N ILE E 262 -23.63 -4.45 -37.04
CA ILE E 262 -24.94 -4.20 -36.46
C ILE E 262 -25.75 -3.27 -37.36
N LEU E 263 -25.11 -2.23 -37.88
CA LEU E 263 -25.81 -1.28 -38.76
C LEU E 263 -26.26 -1.95 -40.06
N MET E 264 -25.61 -3.03 -40.46
CA MET E 264 -25.97 -3.74 -41.68
C MET E 264 -26.82 -4.97 -41.44
N SER E 265 -26.79 -5.54 -40.23
CA SER E 265 -27.59 -6.71 -39.91
C SER E 265 -28.88 -6.38 -39.17
N ALA E 266 -28.94 -5.24 -38.49
CA ALA E 266 -30.15 -4.88 -37.76
C ALA E 266 -31.37 -4.77 -38.67
N PRO E 267 -31.30 -4.10 -39.83
CA PRO E 267 -32.50 -3.98 -40.67
C PRO E 267 -33.04 -5.32 -41.14
N ASN E 268 -32.19 -6.34 -41.28
CA ASN E 268 -32.66 -7.64 -41.74
C ASN E 268 -33.42 -8.38 -40.65
N PHE E 269 -32.89 -8.37 -39.42
CA PHE E 269 -33.50 -9.05 -38.30
C PHE E 269 -34.11 -8.09 -37.29
N VAL E 270 -33.35 -7.12 -36.82
CA VAL E 270 -33.85 -6.16 -35.83
C VAL E 270 -34.77 -5.15 -36.52
C1 IVM F . -27.49 7.94 -29.41
O1 IVM F . -28.38 7.18 -25.20
C2 IVM F . -28.18 6.98 -28.40
O2 IVM F . -34.83 5.89 -28.26
C3 IVM F . -27.23 6.67 -27.24
O3 IVM F . -34.38 4.99 -32.61
C4 IVM F . -27.51 5.25 -26.71
O4 IVM F . -37.03 4.22 -32.03
C5 IVM F . -27.44 7.68 -26.13
O5 IVM F . -35.94 3.70 -36.19
C6 IVM F . -28.84 8.18 -24.29
O6 IVM F . -36.99 1.21 -35.37
C7 IVM F . -27.69 9.10 -23.88
O7 IVM F . -38.85 3.53 -33.26
C8 IVM F . -26.34 8.36 -23.95
O8 IVM F . -36.44 6.84 -29.60
C9 IVM F . -26.09 7.93 -25.42
O9 IVM F . -32.92 1.44 -20.79
C10 IVM F . -25.34 9.05 -26.14
O10 IVM F . -31.60 -0.70 -20.28
C11 IVM F . -29.28 7.18 -23.14
O11 IVM F . -28.82 4.24 -22.58
C12 IVM F . -30.31 6.14 -23.68
O12 IVM F . -30.80 5.36 -22.62
C13 IVM F . -31.45 6.89 -24.33
O13 IVM F . -30.68 1.90 -23.62
C14 IVM F . -30.90 7.69 -25.49
O14 IVM F . -29.98 8.66 -25.04
C15 IVM F . -32.04 8.46 -26.22
C16 IVM F . -33.09 7.48 -26.85
C17 IVM F . -34.35 7.30 -26.34
C18 IVM F . -34.85 8.08 -25.10
C19 IVM F . -35.34 6.33 -27.02
C20 IVM F . -35.07 6.78 -29.32
C21 IVM F . -34.25 6.36 -30.60
C22 IVM F . -34.92 5.14 -31.33
C23 IVM F . -32.98 4.69 -32.62
C24 IVM F . -36.40 5.38 -31.45
C25 IVM F . -37.90 4.58 -33.06
C26 IVM F . -37.09 4.83 -34.38
C27 IVM F . -36.49 3.50 -34.90
C28 IVM F . -34.74 4.46 -36.21
C29 IVM F . -37.56 2.47 -34.97
C30 IVM F . -38.22 2.32 -33.62
C31 IVM F . -39.28 1.21 -33.69
C32 IVM F . -36.93 5.63 -30.07
C33 IVM F . -38.48 5.69 -30.09
C34 IVM F . -35.59 5.13 -26.11
C35 IVM F . -36.57 4.16 -26.77
C36 IVM F . -34.27 4.39 -25.82
C37 IVM F . -34.38 3.49 -24.56
C38 IVM F . -33.08 2.72 -24.23
C39 IVM F . -32.57 3.04 -22.79
C40 IVM F . -33.66 2.61 -21.68
C41 IVM F . -31.98 0.98 -21.83
C42 IVM F . -31.00 0.03 -21.29
C43 IVM F . -29.68 0.74 -20.67
C44 IVM F . -29.40 2.17 -20.95
C45 IVM F . -30.55 3.05 -21.51
C46 IVM F . -29.96 4.24 -22.27
C47 IVM F . -31.42 2.23 -22.46
C48 IVM F . -28.64 -0.11 -19.90
H1 IVM F . -28.14 8.09 -30.27
H1A IVM F . -26.54 7.52 -29.72
H1B IVM F . -27.31 8.90 -28.91
H2 IVM F . -28.43 6.05 -28.92
H2A IVM F . -29.09 7.43 -28.02
H3 IVM F . -26.20 6.71 -27.59
H4 IVM F . -27.11 4.52 -27.41
H4A IVM F . -28.58 5.11 -26.61
H4B IVM F . -27.03 5.13 -25.73
H5 IVM F . -27.81 8.61 -26.54
HO6 IVM F . -36.77 1.24 -36.29
H7 IVM F . -27.86 9.44 -22.87
H7A IVM F . -27.68 9.98 -24.53
H8 IVM F . -26.37 7.47 -23.32
H8A IVM F . -25.54 9.03 -23.64
H9 IVM F . -25.50 7.02 -25.42
H10 IVM F . -24.36 9.19 -25.68
H10A IVM F . -25.90 9.98 -26.07
H10B IVM F . -25.21 8.78 -27.19
HO10 IVM F . -31.76 -1.59 -20.58
H11 IVM F . -29.73 7.74 -22.33
H11A IVM F . -28.40 6.65 -22.77
H12 IVM F . -29.84 5.50 -24.41
H13 IVM F . -31.91 7.57 -23.61
H13A IVM F . -32.18 6.18 -24.71
HO13 IVM F . -30.88 1.01 -23.89
H14 IVM F . -30.42 7.03 -26.20
H15 IVM F . -31.60 9.07 -27.02
H15A IVM F . -32.52 9.12 -25.51
H16 IVM F . -32.78 6.91 -27.74
H18 IVM F . -34.71 8.91 -25.78
H18A IVM F . -34.36 8.79 -24.43
H18B IVM F . -34.14 7.41 -24.61
H19 IVM F . -36.28 6.83 -27.18
H20 IVM F . -34.74 7.78 -29.02
H21 IVM F . -33.23 6.08 -30.29
H21A IVM F . -34.19 7.21 -31.29
H22 IVM F . -34.75 4.23 -30.74
H23 IVM F . -32.75 4.15 -33.53
H23A IVM F . -32.74 4.07 -31.75
H23B IVM F . -32.41 5.62 -32.58
H24 IVM F . -36.57 6.26 -32.06
H25 IVM F . -38.44 5.49 -32.80
H26 IVM F . -36.29 5.55 -34.18
H26A IVM F . -37.76 5.24 -35.13
H27 IVM F . -35.71 3.17 -34.21
H28 IVM F . -34.26 4.33 -37.18
H28A IVM F . -34.08 4.13 -35.42
H28B IVM F . -34.98 5.52 -36.07
H29 IVM F . -38.31 2.78 -35.71
H30 IVM F . -37.46 2.06 -32.88
H31 IVM F . -38.79 0.25 -33.86
H31A IVM F . -39.96 1.41 -34.53
H31B IVM F . -39.83 1.17 -32.77
H32 IVM F . -36.62 4.82 -29.41
H33 IVM F . -38.88 4.74 -30.45
H33A IVM F . -38.81 6.49 -30.76
H33B IVM F . -38.86 5.89 -29.09
H34 IVM F . -36.00 5.48 -25.16
H35 IVM F . -36.97 3.49 -26.02
H35A IVM F . -36.07 3.58 -27.55
H35B IVM F . -37.39 4.73 -27.21
H36 IVM F . -33.99 3.78 -26.68
H37 IVM F . -35.20 2.79 -24.67
H38 IVM F . -33.28 1.64 -24.30
H40 IVM F . -33.91 3.46 -21.06
H40A IVM F . -34.58 2.23 -22.16
H41 IVM F . -32.56 0.45 -22.59
H42 IVM F . -30.70 -0.65 -22.09
H44 IVM F . -28.53 2.65 -20.51
H45 IVM F . -31.17 3.40 -20.68
H48 IVM F . -27.64 0.23 -20.14
H48A IVM F . -28.75 -1.17 -20.18
H48B IVM F . -28.82 -0.01 -18.83
C1 IVM G . -39.26 11.55 1.99
O1 IVM G . -37.75 7.60 2.86
C2 IVM G . -39.33 10.08 1.53
O2 IVM G . -44.80 5.96 2.24
C3 IVM G . -37.91 9.51 1.41
O3 IVM G . -46.72 9.06 -0.23
C4 IVM G . -37.91 8.36 0.39
O4 IVM G . -48.55 6.91 -0.32
C5 IVM G . -37.45 8.98 2.77
O5 IVM G . -49.87 10.40 -2.51
C6 IVM G . -37.62 7.12 4.20
O6 IVM G . -50.09 8.26 -4.32
C7 IVM G . -36.42 7.76 4.88
O7 IVM G . -50.68 6.60 -1.14
C8 IVM G . -35.34 8.16 3.86
O8 IVM G . -46.94 6.43 2.91
C9 IVM G . -35.94 9.21 2.92
O9 IVM G . -39.22 -0.71 0.00
C10 IVM G . -35.70 10.60 3.48
O10 IVM G . -37.11 -1.38 -1.48
C11 IVM G . -37.38 5.60 3.80
O11 IVM G . -37.45 3.96 0.78
C12 IVM G . -38.58 5.05 2.98
O12 IVM G . -38.46 3.65 2.81
C13 IVM G . -39.85 5.34 3.72
O13 IVM G . -38.44 2.66 -1.12
C14 IVM G . -40.00 6.84 3.84
O14 IVM G . -38.97 7.36 4.65
C15 IVM G . -41.37 7.19 4.51
C16 IVM G . -42.55 6.60 3.68
C17 IVM G . -43.28 5.50 4.08
C18 IVM G . -42.99 4.76 5.41
C19 IVM G . -44.43 4.98 3.20
C20 IVM G . -45.66 6.95 2.75
C21 IVM G . -45.66 8.20 1.78
C22 IVM G . -46.49 7.89 0.48
C23 IVM G . -45.55 9.68 -0.74
C24 IVM G . -47.81 7.27 0.87
C25 IVM G . -49.86 7.36 -0.25
C26 IVM G . -49.93 8.88 -0.62
C27 IVM G . -49.60 9.07 -2.13
C28 IVM G . -48.92 11.37 -2.04
C29 IVM G . -50.45 8.15 -2.94
C30 IVM G . -50.25 6.74 -2.48
C31 IVM G . -51.07 5.78 -3.37
C32 IVM G . -47.51 6.04 1.69
C33 IVM G . -48.83 5.26 1.97
C34 IVM G . -44.00 3.71 2.48
C35 IVM G . -45.23 2.94 1.99
C36 IVM G . -43.09 4.05 1.29
C37 IVM G . -42.47 2.81 0.61
C38 IVM G . -40.93 2.66 0.80
C39 IVM G . -40.32 1.61 -0.16
C40 IVM G . -40.61 0.11 0.35
C41 IVM G . -38.64 0.28 -0.92
C42 IVM G . -37.25 -0.01 -1.26
C43 IVM G . -36.25 0.44 -0.08
C44 IVM G . -36.80 1.06 1.16
C45 IVM G . -38.20 1.73 1.12
C46 IVM G . -38.00 3.20 1.52
C47 IVM G . -38.86 1.61 -0.25
C48 IVM G . -34.71 0.23 -0.24
H1 IVM G . -40.26 11.99 1.97
H1A IVM G . -38.61 12.12 1.33
H1B IVM G . -38.87 11.60 3.01
H2 IVM G . -39.83 10.03 0.56
H2A IVM G . -39.90 9.49 2.26
H3 IVM G . -37.24 10.29 1.07
H4 IVM G . -37.98 8.77 -0.62
H4A IVM G . -38.77 7.71 0.57
H4B IVM G . -36.99 7.79 0.49
H5 IVM G . -37.99 9.52 3.56
HO6 IVM G . -50.43 9.08 -4.68
H7 IVM G . -36.00 7.05 5.59
H7A IVM G . -36.74 8.63 5.45
H8 IVM G . -35.03 7.29 3.28
H8A IVM G . -34.49 8.59 4.38
H9 IVM G . -35.47 9.12 1.93
H10 IVM G . -34.61 10.79 3.52
H10A IVM G . -36.11 10.67 4.49
H10B IVM G . -36.18 11.35 2.85
HO10 IVM G . -36.36 -1.53 -2.05
H11 IVM G . -37.28 5.02 4.71
H11A IVM G . -36.46 5.52 3.22
H12 IVM G . -38.61 5.54 2.00
H13 IVM G . -39.81 4.89 4.70
H13A IVM G . -40.68 4.93 3.15
HO13 IVM G . -38.79 2.51 -1.99
H14 IVM G . -39.97 7.29 2.86
H15 IVM G . -41.47 8.27 4.55
H15A IVM G . -41.38 6.80 5.52
H16 IVM G . -42.80 7.09 2.73
H18 IVM G . -43.28 5.73 5.80
H18A IVM G . -42.21 4.89 6.17
H18B IVM G . -42.12 4.44 4.84
H19 IVM G . -45.29 4.76 3.83
H20 IVM G . -45.30 7.27 3.71
H21 IVM G . -44.63 8.44 1.50
H21A IVM G . -46.11 9.06 2.28
H22 IVM G . -45.94 7.18 -0.14
H23 IVM G . -45.81 10.27 -1.62
H23A IVM G . -44.83 8.92 -1.01
H23B IVM G . -45.13 10.33 0.01
H24 IVM G . -48.37 7.99 1.48
H25 IVM G . -50.25 7.25 0.76
H26 IVM G . -49.20 9.45 -0.03
H26A IVM G . -50.94 9.26 -0.43
H27 IVM G . -48.55 8.84 -2.30
H28 IVM G . -49.06 12.30 -2.58
H28A IVM G . -47.92 10.99 -2.20
H28B IVM G . -49.08 11.54 -0.97
H29 IVM G . -51.50 8.43 -2.82
H30 IVM G . -49.19 6.48 -2.56
H31 IVM G . -50.65 5.77 -4.37
H31A IVM G . -52.11 6.14 -3.42
H31B IVM G . -51.06 4.78 -2.95
H32 IVM G . -46.82 5.40 1.14
H33 IVM G . -49.27 4.94 1.03
H33A IVM G . -49.53 5.91 2.50
H33B IVM G . -48.61 4.40 2.58
H34 IVM G . -43.44 3.07 3.18
H35 IVM G . -45.26 1.96 2.44
H35A IVM G . -45.19 2.84 0.90
H35B IVM G . -46.14 3.49 2.25
H36 IVM G . -42.31 4.74 1.60
H37 IVM G . -42.96 1.90 0.97
H38 IVM G . -40.71 2.41 1.85
H40 IVM G . -40.81 0.11 1.42
H40A IVM G . -41.47 -0.32 -0.18
H41 IVM G . -39.21 0.25 -1.84
H42 IVM G . -36.98 0.53 -2.17
H44 IVM G . -36.16 1.21 2.01
H45 IVM G . -38.82 1.25 1.87
H48 IVM G . -34.18 1.06 0.23
H48A IVM G . -34.46 0.20 -1.30
H48B IVM G . -34.42 -0.70 0.24
C1 IVM H . -32.24 -16.70 19.12
O1 IVM H . -30.32 -18.22 15.55
C2 IVM H . -32.47 -17.01 17.63
O2 IVM H . -36.51 -22.02 15.25
C3 IVM H . -31.32 -16.42 16.79
O3 IVM H . -39.58 -19.85 17.54
C4 IVM H . -31.81 -16.10 15.39
O4 IVM H . -41.06 -21.61 15.92
C5 IVM H . -30.18 -17.43 16.72
O5 IVM H . -43.49 -19.16 18.55
C6 IVM H . -29.46 -19.36 15.58
O6 IVM H . -44.60 -18.80 15.98
C7 IVM H . -28.10 -19.00 16.16
O7 IVM H . -43.29 -22.19 15.76
C8 IVM H . -27.78 -17.51 15.94
O8 IVM H . -37.95 -23.41 16.34
C9 IVM H . -28.83 -16.68 16.68
O9 IVM H . -32.83 -20.25 7.24
C10 IVM H . -28.36 -16.41 18.10
O10 IVM H . -31.86 -18.32 5.68
C11 IVM H . -29.43 -19.57 14.00
O11 IVM H . -31.11 -18.00 11.42
C12 IVM H . -30.87 -19.77 13.43
O12 IVM H . -30.80 -20.16 12.08
C13 IVM H . -31.54 -20.87 14.22
O13 IVM H . -32.92 -17.61 9.74
C14 IVM H . -31.64 -20.43 15.66
O14 IVM H . -30.35 -20.29 16.21
C15 IVM H . -32.42 -21.49 16.49
C16 IVM H . -33.85 -21.70 15.90
C17 IVM H . -34.21 -22.82 15.19
C18 IVM H . -33.21 -23.99 14.93
C19 IVM H . -35.64 -22.96 14.63
C20 IVM H . -36.98 -22.43 16.49
C21 IVM H . -37.55 -21.18 17.28
C22 IVM H . -38.95 -20.75 16.68
C23 IVM H . -38.89 -18.61 17.68
C24 IVM H . -39.81 -21.98 16.52
C25 IVM H . -42.15 -22.14 16.62
C26 IVM H . -42.47 -21.25 17.88
C27 IVM H . -43.02 -19.87 17.43
C28 IVM H . -42.49 -18.64 19.40
C29 IVM H . -44.14 -20.08 16.46
C30 IVM H . -43.66 -20.91 15.31
C31 IVM H . -44.81 -21.06 14.28
C32 IVM H . -39.07 -22.95 15.66
C33 IVM H . -40.00 -24.15 15.31
C34 IVM H . -35.62 -22.73 13.12
C35 IVM H . -36.91 -23.30 12.50
C36 IVM H . -35.53 -21.23 12.82
C37 IVM H . -35.34 -20.91 11.32
C38 IVM H . -33.95 -20.34 10.94
C39 IVM H . -33.92 -19.73 9.51
C40 IVM H . -33.83 -20.88 8.39
C41 IVM H . -32.88 -18.84 7.68
C42 IVM H . -31.91 -17.99 7.04
C43 IVM H . -30.44 -18.17 7.67
C44 IVM H . -30.24 -19.13 8.79
C45 IVM H . -31.45 -19.55 9.66
C46 IVM H . -31.12 -19.14 11.11
C47 IVM H . -32.76 -18.91 9.19
C48 IVM H . -29.24 -17.36 7.11
H1 IVM H . -33.09 -17.03 19.70
H1A IVM H . -32.10 -15.63 19.26
H1B IVM H . -31.35 -17.22 19.47
H2 IVM H . -33.40 -16.56 17.31
H2A IVM H . -32.51 -18.09 17.48
H3 IVM H . -30.95 -15.50 17.26
H4 IVM H . -32.42 -15.20 15.41
H4A IVM H . -32.41 -16.93 15.01
H4B IVM H . -30.96 -15.94 14.72
H5 IVM H . -30.20 -18.08 17.60
HO6 IVM H . -45.10 -18.37 16.66
H7 IVM H . -27.34 -19.62 15.69
H7A IVM H . -28.09 -19.24 17.22
H8 IVM H . -27.80 -17.29 14.87
H8A IVM H . -26.78 -17.30 16.34
H9 IVM H . -28.96 -15.73 16.15
H10 IVM H . -27.44 -15.82 18.08
H10A IVM H . -28.15 -17.36 18.61
H10B IVM H . -29.12 -15.87 18.65
HO10 IVM H . -32.74 -18.30 5.31
H11 IVM H . -28.83 -20.44 13.76
H11A IVM H . -28.98 -18.68 13.53
H12 IVM H . -31.44 -18.86 13.53
H13 IVM H . -30.94 -21.77 14.16
H13A IVM H . -32.52 -21.04 13.81
HO13 IVM H . -33.70 -17.20 9.38
H14 IVM H . -32.17 -19.48 15.70
H15 IVM H . -32.52 -21.12 17.52
H15A IVM H . -31.87 -22.41 16.51
H16 IVM H . -34.60 -20.91 16.05
H18 IVM H . -33.27 -24.03 16.02
H18A IVM H . -32.15 -24.11 15.17
H18B IVM H . -32.79 -23.25 14.26
H19 IVM H . -36.00 -23.96 14.83
H20 IVM H . -36.16 -22.84 17.07
H21 IVM H . -36.86 -20.34 17.19
H21A IVM H . -37.68 -21.43 18.34
H22 IVM H . -38.80 -20.30 15.70
H23 IVM H . -39.61 -17.82 17.95
H23A IVM H . -38.39 -18.34 16.74
H23B IVM H . -38.15 -18.69 18.47
H24 IVM H . -39.97 -22.42 17.52
H25 IVM H . -41.91 -23.15 16.96
H26 IVM H . -41.55 -21.11 18.45
H26A IVM H . -43.21 -21.76 18.49
H27 IVM H . -42.23 -19.31 16.94
H28 IVM H . -42.92 -17.91 20.08
H28A IVM H . -41.72 -18.16 18.80
H28B IVM H . -42.04 -19.45 19.98
H29 IVM H . -44.96 -20.59 16.97
H30 IVM H . -42.81 -20.42 14.83
H31 IVM H . -45.00 -20.10 13.81
H31A IVM H . -45.71 -21.40 14.79
H31B IVM H . -44.52 -21.78 13.52
H32 IVM H . -38.77 -22.46 14.74
H33 IVM H . -40.86 -23.81 14.77
H33A IVM H . -40.31 -24.64 16.24
H33B IVM H . -39.44 -24.86 14.70
H34 IVM H . -34.75 -23.24 12.69
H35 IVM H . -36.66 -24.06 11.76
H35A IVM H . -37.47 -22.49 12.00
H35B IVM H . -37.54 -23.75 13.27
H36 IVM H . -34.72 -20.78 13.39
H37 IVM H . -35.52 -21.81 10.72
H38 IVM H . -33.18 -21.11 11.04
H40 IVM H . -33.41 -21.79 8.81
H40A IVM H . -34.82 -21.10 7.98
H41 IVM H . -33.87 -18.45 7.45
H42 IVM H . -32.22 -16.95 7.14
H44 IVM H . -29.23 -19.39 9.10
H45 IVM H . -31.55 -20.63 9.62
H48 IVM H . -28.57 -17.10 7.94
H48A IVM H . -29.61 -16.44 6.65
H48B IVM H . -28.70 -17.95 6.38
C1 IVM I . -16.12 -37.74 -1.90
O1 IVM I . -16.38 -34.68 -4.96
C2 IVM I . -17.12 -36.85 -2.68
O2 IVM I . -21.65 -39.10 -6.98
C3 IVM I . -16.62 -35.39 -2.68
O3 IVM I . -23.06 -41.39 -3.40
C4 IVM I . -17.81 -34.44 -2.82
O4 IVM I . -25.05 -41.90 -5.35
C5 IVM I . -15.66 -35.17 -3.85
O5 IVM I . -25.73 -43.98 -1.62
C6 IVM I . -15.62 -34.73 -6.17
O6 IVM I . -28.15 -42.63 -2.17
C7 IVM I . -14.15 -34.37 -5.89
O7 IVM I . -26.87 -43.29 -5.52
C8 IVM I . -14.03 -33.44 -4.68
O8 IVM I . -22.10 -41.31 -7.38
C9 IVM I . -14.57 -34.19 -3.44
O9 IVM I . -22.52 -30.34 -9.27
C10 IVM I . -13.42 -34.93 -2.77
O10 IVM I . -23.66 -28.62 -7.55
C11 IVM I . -16.41 -33.57 -6.91
O11 IVM I . -18.43 -31.45 -6.10
C12 IVM I . -17.94 -33.91 -6.99
O12 IVM I . -18.59 -32.97 -7.80
C13 IVM I . -18.09 -35.30 -7.59
O13 IVM I . -21.50 -32.10 -6.25
C14 IVM I . -17.39 -36.30 -6.69
O14 IVM I . -16.01 -36.03 -6.63
C15 IVM I . -17.57 -37.74 -7.27
C16 IVM I . -19.07 -38.17 -7.25
C17 IVM I . -19.82 -38.31 -8.39
C18 IVM I . -19.22 -38.05 -9.81
C19 IVM I . -21.30 -38.75 -8.31
C20 IVM I . -21.31 -40.42 -6.65
C21 IVM I . -21.47 -40.64 -5.09
C22 IVM I . -22.98 -40.85 -4.69
C23 IVM I . -22.53 -40.55 -2.39
C24 IVM I . -23.63 -41.79 -5.66
C25 IVM I . -25.46 -43.23 -5.32
C26 IVM I . -25.08 -43.88 -3.95
C27 IVM I . -25.92 -43.25 -2.81
C28 IVM I . -24.45 -43.81 -1.01
C29 IVM I . -27.37 -43.29 -3.18
C30 IVM I . -27.57 -42.60 -4.50
C31 IVM I . -29.07 -42.58 -4.84
C32 IVM I . -23.45 -41.23 -7.04
C33 IVM I . -24.28 -42.03 -8.07
C34 IVM I . -22.21 -37.62 -8.81
C35 IVM I . -23.68 -38.11 -8.79
C36 IVM I . -22.10 -36.38 -7.94
C37 IVM I . -21.91 -35.10 -8.80
C38 IVM I . -22.32 -33.79 -8.08
C39 IVM I . -21.45 -32.59 -8.56
C40 IVM I . -22.13 -31.86 -9.83
C41 IVM I . -22.59 -30.67 -7.84
C42 IVM I . -22.69 -29.47 -7.02
C43 IVM I . -21.28 -28.68 -6.95
C44 IVM I . -20.02 -29.47 -6.99
C45 IVM I . -20.05 -30.84 -7.71
C46 IVM I . -18.96 -31.75 -7.12
C47 IVM I . -21.39 -31.54 -7.55
C48 IVM I . -21.24 -27.16 -6.68
H1 IVM I . -16.52 -38.75 -1.81
H1A IVM I . -15.97 -37.33 -0.91
H1B IVM I . -15.17 -37.78 -2.43
H2 IVM I . -18.09 -36.90 -2.21
H2A IVM I . -17.19 -37.21 -3.71
H3 IVM I . -16.10 -35.19 -1.75
H4 IVM I . -18.35 -34.41 -1.87
H4A IVM I . -18.48 -34.80 -3.60
H4B IVM I . -17.46 -33.44 -3.08
H5 IVM I . -15.20 -36.13 -4.12
HO6 IVM I . -28.23 -43.20 -1.41
H7 IVM I . -13.75 -33.87 -6.77
H7A IVM I . -13.58 -35.28 -5.73
H8 IVM I . -14.63 -32.54 -4.84
H8A IVM I . -12.99 -33.18 -4.52
H9 IVM I . -14.98 -33.45 -2.74
H10 IVM I . -12.68 -34.22 -2.41
H10A IVM I . -12.96 -35.60 -3.50
H10B IVM I . -13.80 -35.51 -1.93
HO10 IVM I . -24.05 -28.12 -6.85
H11 IVM I . -16.02 -33.46 -7.92
H11A IVM I . -16.29 -32.64 -6.36
H12 IVM I . -18.37 -33.91 -5.99
H13 IVM I . -17.64 -35.31 -8.58
H13A IVM I . -19.15 -35.53 -7.66
HO13 IVM I . -22.40 -32.02 -5.94
H14 IVM I . -17.82 -36.26 -5.71
H15 IVM I . -17.00 -38.42 -6.64
H15A IVM I . -17.16 -37.78 -8.27
H16 IVM I . -19.54 -38.37 -6.29
H18 IVM I . -18.63 -38.91 -9.51
H18A IVM I . -18.24 -37.72 -10.14
H18B IVM I . -19.25 -37.02 -9.43
H19 IVM I . -21.46 -39.61 -8.95
H20 IVM I . -20.28 -40.59 -6.92
H21 IVM I . -21.08 -39.78 -4.56
H21A IVM I . -20.90 -41.54 -4.79
H22 IVM I . -23.49 -39.88 -4.72
H23 IVM I . -23.01 -40.78 -1.44
H23A IVM I . -22.70 -39.51 -2.64
H23B IVM I . -21.46 -40.73 -2.29
H24 IVM I . -23.16 -42.77 -5.60
H25 IVM I . -24.97 -43.79 -6.12
H26 IVM I . -24.02 -43.71 -3.74
H26A IVM I . -25.27 -44.95 -3.99
H27 IVM I . -25.63 -42.21 -2.67
H28 IVM I . -24.49 -44.16 0.01
H28A IVM I . -24.19 -42.75 -1.02
H28B IVM I . -23.71 -44.37 -1.57
H29 IVM I . -27.68 -44.33 -3.26
H30 IVM I . -27.21 -41.57 -4.43
H31 IVM I . -29.60 -41.93 -4.14
H31A IVM I . -29.48 -43.60 -4.76
H31B IVM I . -29.22 -42.22 -5.86
H32 IVM I . -23.77 -40.19 -7.04
H33 IVM I . -25.35 -41.97 -7.81
H33A IVM I . -23.97 -43.08 -8.06
H33B IVM I . -24.13 -41.62 -9.07
H34 IVM I . -21.94 -37.37 -9.84
H35 IVM I . -24.27 -37.50 -9.48
H35A IVM I . -24.09 -38.01 -7.78
H35B IVM I . -23.72 -39.15 -9.12
H36 IVM I . -21.27 -36.47 -7.24
H37 IVM I . -20.86 -35.02 -9.10
H38 IVM I . -23.37 -33.58 -8.30
H40 IVM I . -21.41 -31.78 -10.64
H40A IVM I . -23.01 -32.39 -10.16
H41 IVM I . -23.50 -31.25 -7.68
H42 IVM I . -22.98 -29.76 -6.00
H44 IVM I . -19.07 -28.96 -6.86
H45 IVM I . -19.85 -30.69 -8.77
H48 IVM I . -20.42 -26.93 -6.00
H48A IVM I . -22.19 -26.85 -6.20
H48B IVM I . -21.12 -26.62 -7.61
C1 IVM J . -13.29 -22.45 -31.75
O1 IVM J . -15.23 -18.95 -30.07
C2 IVM J . -14.57 -21.96 -31.04
O2 IVM J . -20.61 -21.92 -33.80
C3 IVM J . -14.20 -21.10 -29.82
O3 IVM J . -19.78 -26.28 -34.25
C4 IVM J . -15.31 -21.19 -28.77
O4 IVM J . -22.48 -26.04 -35.04
C5 IVM J . -14.02 -19.65 -30.26
O5 IVM J . -20.97 -30.08 -35.39
C6 IVM J . -15.23 -17.67 -30.72
O6 IVM J . -23.34 -30.30 -33.89
C7 IVM J . -13.86 -17.02 -30.60
O7 IVM J . -24.06 -27.41 -35.99
C8 IVM J . -13.14 -17.49 -29.32
O8 IVM J . -21.11 -22.77 -35.86
C9 IVM J . -12.90 -19.00 -29.42
O9 IVM J . -22.86 -17.08 -26.55
C10 IVM J . -11.55 -19.26 -30.09
O10 IVM J . -22.93 -18.15 -24.09
C11 IVM J . -16.33 -17.02 -29.80
O11 IVM J . -17.64 -17.69 -27.14
C12 IVM J . -17.65 -17.85 -29.82
O12 IVM J . -18.67 -17.16 -29.12
C13 IVM J . -18.07 -18.07 -31.25
O13 IVM J . -20.20 -19.50 -27.13
C14 IVM J . -16.97 -18.82 -31.98
O14 IVM J . -15.78 -18.07 -31.99
C15 IVM J . -17.39 -19.07 -33.45
C16 IVM J . -18.62 -20.03 -33.55
C17 IVM J . -19.86 -19.59 -33.96
C18 IVM J . -20.14 -18.12 -34.34
C19 IVM J . -21.04 -20.60 -34.04
C20 IVM J . -20.09 -22.55 -34.94
C21 IVM J . -19.38 -23.91 -34.53
C22 IVM J . -20.42 -25.05 -34.26
C23 IVM J . -18.81 -26.44 -33.22
C24 IVM J . -21.47 -25.04 -35.34
C25 IVM J . -22.77 -26.83 -36.15
C26 IVM J . -21.68 -27.95 -36.30
C27 IVM J . -21.80 -28.96 -35.13
C28 IVM J . -19.57 -29.82 -35.27
C29 IVM J . -23.21 -29.43 -35.02
C30 IVM J . -24.12 -28.24 -34.84
C31 IVM J . -25.57 -28.73 -34.65
C32 IVM J . -22.08 -23.67 -35.38
C33 IVM J . -23.31 -23.66 -36.33
C34 IVM J . -22.13 -20.21 -33.03
C35 IVM J . -23.37 -21.11 -33.24
C36 IVM J . -21.63 -20.39 -31.59
C37 IVM J . -21.86 -19.10 -30.76
C38 IVM J . -21.75 -19.33 -29.23
C39 IVM J . -21.42 -18.00 -28.49
C40 IVM J . -22.76 -17.15 -28.19
C41 IVM J . -22.09 -18.29 -26.25
C42 IVM J . -21.78 -18.43 -24.84
C43 IVM J . -20.61 -17.42 -24.38
C44 IVM J . -19.55 -17.06 -25.36
C45 IVM J . -19.91 -17.11 -26.86
C46 IVM J . -18.64 -17.34 -27.68
C47 IVM J . -20.88 -18.24 -27.16
C48 IVM J . -20.49 -16.99 -22.89
H1 IVM J . -13.55 -23.14 -32.55
H1A IVM J . -12.64 -22.94 -31.04
H1B IVM J . -12.77 -21.59 -32.18
H2 IVM J . -15.14 -22.83 -30.70
H2A IVM J . -15.18 -21.38 -31.72
H3 IVM J . -13.27 -21.46 -29.39
H4 IVM J . -15.25 -22.15 -28.27
H4A IVM J . -16.28 -21.08 -29.25
H4B IVM J . -15.17 -20.39 -28.03
H5 IVM J . -13.75 -19.62 -31.32
HO6 IVM J . -22.98 -31.16 -34.10
H7 IVM J . -13.99 -15.93 -30.56
H7A IVM J . -13.26 -17.25 -31.47
H8 IVM J . -13.74 -17.26 -28.45
H8A IVM J . -12.17 -16.98 -29.25
H9 IVM J . -12.91 -19.42 -28.42
H10 IVM J . -10.75 -18.87 -29.46
H10A IVM J . -11.53 -18.76 -31.06
H10B IVM J . -11.41 -20.34 -30.22
HO10 IVM J . -22.92 -18.65 -23.29
H11 IVM J . -16.55 -16.01 -30.16
H11A IVM J . -15.96 -16.96 -28.77
H12 IVM J . -17.48 -18.82 -29.34
H13 IVM J . -18.22 -17.10 -31.73
H13A IVM J . -18.99 -18.64 -31.28
HO13 IVM J . -20.78 -20.16 -26.77
H14 IVM J . -16.81 -19.77 -31.49
H15 IVM J . -16.55 -19.55 -33.97
H15A IVM J . -17.59 -18.13 -33.93
H16 IVM J . -18.48 -21.08 -33.29
H18 IVM J . -19.44 -18.40 -35.14
H18A IVM J . -19.50 -17.23 -34.35
H18B IVM J . -19.99 -17.99 -33.27
H19 IVM J . -21.47 -20.54 -35.04
H20 IVM J . -19.36 -21.91 -35.40
H21 IVM J . -18.78 -23.74 -33.63
H21A IVM J . -18.71 -24.22 -35.35
H22 IVM J . -20.90 -24.88 -33.29
H23 IVM J . -18.71 -27.50 -32.97
H23A IVM J . -19.13 -25.89 -32.33
H23B IVM J . -17.85 -26.05 -33.56
H24 IVM J . -20.99 -25.26 -36.30
H25 IVM J . -22.77 -26.21 -37.05
H26 IVM J . -20.68 -27.49 -36.29
H26A IVM J . -21.83 -28.46 -37.24
H27 IVM J . -21.51 -28.48 -34.20
H28 IVM J . -19.03 -30.76 -35.20
H28A IVM J . -19.38 -29.24 -34.37
H28B IVM J . -19.22 -29.26 -36.14
H29 IVM J . -23.49 -29.96 -35.93
H30 IVM J . -23.81 -27.67 -33.96
H31 IVM J . -25.65 -29.24 -33.70
H31A IVM J . -25.82 -29.42 -35.46
H31B IVM J . -26.24 -27.88 -34.67
H32 IVM J . -22.38 -23.38 -34.37
H33 IVM J . -24.06 -24.35 -35.96
H33A IVM J . -22.99 -23.95 -37.33
H33B IVM J . -23.72 -22.66 -36.35
H34 IVM J . -22.41 -19.17 -33.19
H35 IVM J . -24.25 -20.59 -32.89
H35A IVM J . -23.25 -22.04 -32.69
H35B IVM J . -23.49 -21.33 -34.31
H36 IVM J . -20.58 -20.63 -31.60
H37 IVM J . -22.84 -18.68 -30.99
H38 IVM J . -22.70 -19.71 -28.85
H40 IVM J . -22.67 -16.15 -28.61
H40A IVM J . -23.64 -17.65 -28.62
H41 IVM J . -22.70 -19.15 -26.54
H42 IVM J . -21.46 -19.44 -24.64
H44 IVM J . -18.71 -16.45 -25.03
H45 IVM J . -20.37 -16.17 -27.15
H48 IVM J . -19.44 -16.96 -22.60
H48A IVM J . -21.01 -17.70 -22.26
H48B IVM J . -20.92 -15.99 -22.76
N LEU A 7 -49.53 5.46 -5.98
CA LEU A 7 -48.68 4.91 -7.04
C LEU A 7 -47.84 3.76 -6.52
N TYR A 8 -48.34 2.53 -6.69
CA TYR A 8 -47.61 1.36 -6.23
C TYR A 8 -46.27 1.23 -6.94
N TYR A 9 -46.25 1.44 -8.25
CA TYR A 9 -45.00 1.35 -8.99
C TYR A 9 -44.10 2.55 -8.72
N GLY A 10 -44.68 3.73 -8.52
CA GLY A 10 -43.88 4.91 -8.25
C GLY A 10 -43.26 4.92 -6.86
N LEU A 11 -43.85 4.21 -5.91
CA LEU A 11 -43.32 4.14 -4.56
C LEU A 11 -42.20 3.11 -4.42
N ASN A 12 -42.00 2.24 -5.41
CA ASN A 12 -40.98 1.21 -5.36
C ASN A 12 -39.95 1.33 -6.47
N LEU A 13 -40.20 2.10 -7.51
CA LEU A 13 -39.28 2.26 -8.62
C LEU A 13 -38.79 3.68 -8.81
N LEU A 14 -39.68 4.67 -8.68
CA LEU A 14 -39.26 6.06 -8.83
C LEU A 14 -38.44 6.52 -7.62
N ILE A 15 -38.82 6.07 -6.43
CA ILE A 15 -38.09 6.49 -5.23
C ILE A 15 -36.63 6.06 -5.27
N PRO A 16 -36.29 4.79 -5.52
CA PRO A 16 -34.87 4.43 -5.61
C PRO A 16 -34.12 5.13 -6.72
N CYS A 17 -34.80 5.55 -7.79
CA CYS A 17 -34.12 6.24 -8.88
C CYS A 17 -33.52 7.56 -8.41
N VAL A 18 -34.27 8.31 -7.60
CA VAL A 18 -33.76 9.58 -7.09
C VAL A 18 -32.58 9.35 -6.16
N LEU A 19 -32.66 8.31 -5.31
CA LEU A 19 -31.58 8.03 -4.38
C LEU A 19 -30.29 7.68 -5.12
N ILE A 20 -30.39 6.88 -6.19
CA ILE A 20 -29.20 6.50 -6.95
C ILE A 20 -28.56 7.73 -7.56
N SER A 21 -29.36 8.62 -8.15
CA SER A 21 -28.81 9.84 -8.73
C SER A 21 -28.20 10.74 -7.66
N ALA A 22 -28.85 10.84 -6.50
CA ALA A 22 -28.31 11.67 -5.43
C ALA A 22 -27.00 11.11 -4.89
N LEU A 23 -26.90 9.78 -4.78
CA LEU A 23 -25.68 9.17 -4.26
C LEU A 23 -24.50 9.41 -5.20
N ALA A 24 -24.75 9.47 -6.51
CA ALA A 24 -23.67 9.70 -7.45
C ALA A 24 -23.04 11.08 -7.27
N LEU A 25 -23.84 12.06 -6.84
CA LEU A 25 -23.30 13.40 -6.64
C LEU A 25 -22.25 13.44 -5.53
N LEU A 26 -22.41 12.61 -4.50
CA LEU A 26 -21.44 12.59 -3.42
C LEU A 26 -20.12 11.94 -3.83
N VAL A 27 -20.12 11.14 -4.90
CA VAL A 27 -18.88 10.50 -5.34
C VAL A 27 -17.94 11.52 -5.96
N PHE A 28 -18.49 12.58 -6.57
CA PHE A 28 -17.64 13.58 -7.23
C PHE A 28 -16.86 14.42 -6.24
N LEU A 29 -17.31 14.52 -4.99
CA LEU A 29 -16.65 15.33 -3.98
C LEU A 29 -15.60 14.56 -3.20
N LEU A 30 -15.39 13.28 -3.50
CA LEU A 30 -14.39 12.49 -2.79
C LEU A 30 -12.99 12.89 -3.23
N PRO A 31 -11.99 12.73 -2.36
CA PRO A 31 -10.63 13.09 -2.74
C PRO A 31 -10.10 12.20 -3.85
N ALA A 32 -9.21 12.77 -4.66
CA ALA A 32 -8.61 12.02 -5.75
C ALA A 32 -7.56 11.03 -5.26
N ASP A 33 -6.98 11.25 -4.08
CA ASP A 33 -5.97 10.35 -3.55
C ASP A 33 -6.54 8.99 -3.18
N SER A 34 -7.86 8.85 -3.08
CA SER A 34 -8.48 7.59 -2.71
C SER A 34 -8.61 6.73 -3.96
N GLY A 35 -7.67 5.79 -4.12
CA GLY A 35 -7.70 4.89 -5.25
C GLY A 35 -8.61 3.68 -5.09
N GLU A 36 -9.18 3.49 -3.89
CA GLU A 36 -10.09 2.39 -3.63
C GLU A 36 -11.55 2.75 -3.82
N LYS A 37 -11.84 3.98 -4.25
CA LYS A 37 -13.22 4.41 -4.45
C LYS A 37 -13.84 3.89 -5.74
N ILE A 38 -13.04 3.25 -6.60
CA ILE A 38 -13.58 2.70 -7.84
C ILE A 38 -14.62 1.63 -7.54
N SER A 39 -14.47 0.93 -6.42
CA SER A 39 -15.44 -0.10 -6.06
C SER A 39 -16.80 0.50 -5.72
N LEU A 40 -16.81 1.72 -5.17
CA LEU A 40 -18.08 2.36 -4.84
C LEU A 40 -18.93 2.60 -6.08
N GLY A 41 -18.29 3.04 -7.17
CA GLY A 41 -19.03 3.27 -8.40
C GLY A 41 -19.64 2.00 -8.97
N ILE A 42 -18.95 0.86 -8.83
CA ILE A 42 -19.48 -0.39 -9.32
C ILE A 42 -20.76 -0.75 -8.59
N THR A 43 -20.79 -0.56 -7.27
CA THR A 43 -21.97 -0.90 -6.49
C THR A 43 -23.17 -0.05 -6.93
N VAL A 44 -22.95 1.25 -7.16
CA VAL A 44 -24.04 2.11 -7.60
C VAL A 44 -24.56 1.66 -8.96
N LEU A 45 -23.66 1.35 -9.89
CA LEU A 45 -24.08 0.85 -11.20
C LEU A 45 -24.74 -0.51 -11.07
N LEU A 46 -24.19 -1.39 -10.24
CA LEU A 46 -24.78 -2.72 -10.07
C LEU A 46 -26.17 -2.63 -9.46
N SER A 47 -26.36 -1.76 -8.47
CA SER A 47 -27.66 -1.64 -7.83
C SER A 47 -28.72 -1.14 -8.82
N LEU A 48 -28.34 -0.19 -9.69
CA LEU A 48 -29.28 0.34 -10.66
C LEU A 48 -29.71 -0.74 -11.65
N THR A 49 -28.78 -1.59 -12.08
CA THR A 49 -29.11 -2.64 -13.02
C THR A 49 -30.03 -3.68 -12.40
N VAL A 50 -29.83 -4.00 -11.11
CA VAL A 50 -30.67 -4.99 -10.45
C VAL A 50 -32.12 -4.50 -10.42
N PHE A 51 -32.33 -3.24 -10.07
CA PHE A 51 -33.68 -2.68 -10.04
C PHE A 51 -34.25 -2.48 -11.43
N MET A 52 -33.40 -2.39 -12.46
CA MET A 52 -33.89 -2.21 -13.82
C MET A 52 -34.53 -3.48 -14.36
N LEU A 53 -34.09 -4.65 -13.89
CA LEU A 53 -34.66 -5.91 -14.37
C LEU A 53 -36.13 -6.03 -13.97
N LEU A 54 -36.52 -5.51 -12.81
CA LEU A 54 -37.91 -5.59 -12.39
C LEU A 54 -38.83 -4.85 -13.36
N VAL A 55 -38.40 -3.68 -13.83
CA VAL A 55 -39.22 -2.92 -14.77
C VAL A 55 -39.40 -3.69 -16.07
N ALA A 56 -38.34 -4.33 -16.56
CA ALA A 56 -38.43 -5.08 -17.80
C ALA A 56 -39.42 -6.22 -17.69
N GLU A 57 -39.66 -6.74 -16.49
CA GLU A 57 -40.61 -7.83 -16.31
C GLU A 57 -42.05 -7.35 -16.42
N ILE A 58 -42.32 -6.08 -16.11
CA ILE A 58 -43.65 -5.50 -16.21
C ILE A 58 -43.78 -4.49 -17.34
N MET A 59 -42.67 -4.11 -17.97
CA MET A 59 -42.74 -3.14 -19.06
C MET A 59 -43.47 -3.76 -20.25
N PRO A 60 -44.46 -3.07 -20.82
CA PRO A 60 -45.16 -3.64 -21.98
C PRO A 60 -44.19 -3.94 -23.12
N SER A 61 -44.42 -5.07 -23.79
CA SER A 61 -43.58 -5.49 -24.91
C SER A 61 -44.13 -4.84 -26.18
N THR A 62 -43.61 -3.67 -26.51
CA THR A 62 -44.02 -2.96 -27.71
C THR A 62 -43.29 -3.52 -28.93
N SER A 63 -43.64 -3.00 -30.11
CA SER A 63 -43.03 -3.45 -31.35
C SER A 63 -41.84 -2.57 -31.74
N ASP A 64 -42.08 -1.27 -31.90
CA ASP A 64 -41.02 -0.33 -32.26
C ASP A 64 -40.95 0.86 -31.31
N SER A 65 -42.09 1.35 -30.81
CA SER A 65 -42.12 2.49 -29.90
C SER A 65 -42.02 1.95 -28.47
N SER A 66 -40.84 2.07 -27.88
CA SER A 66 -40.65 1.58 -26.53
C SER A 66 -41.45 2.42 -25.54
N PRO A 67 -41.95 1.82 -24.45
CA PRO A 67 -42.68 2.61 -23.45
C PRO A 67 -41.80 3.70 -22.84
N SER A 68 -42.44 4.81 -22.48
CA SER A 68 -41.71 5.94 -21.89
C SER A 68 -41.20 5.64 -20.50
N ILE A 69 -41.62 4.53 -19.87
CA ILE A 69 -41.16 4.23 -18.51
C ILE A 69 -39.65 4.01 -18.49
N ALA A 70 -39.11 3.41 -19.55
CA ALA A 70 -37.67 3.17 -19.60
C ALA A 70 -36.86 4.46 -19.77
N GLN A 71 -37.51 5.54 -20.21
CA GLN A 71 -36.79 6.80 -20.37
C GLN A 71 -36.28 7.32 -19.03
N TYR A 72 -37.08 7.20 -17.97
CA TYR A 72 -36.65 7.68 -16.66
C TYR A 72 -35.41 6.93 -16.18
N PHE A 73 -35.40 5.60 -16.34
CA PHE A 73 -34.24 4.83 -15.92
C PHE A 73 -33.07 4.97 -16.89
N ALA A 74 -33.34 5.11 -18.19
CA ALA A 74 -32.28 5.29 -19.16
C ALA A 74 -31.52 6.59 -18.92
N SER A 75 -32.23 7.67 -18.60
CA SER A 75 -31.58 8.94 -18.35
C SER A 75 -30.70 8.89 -17.09
N THR A 76 -31.14 8.15 -16.08
CA THR A 76 -30.35 8.04 -14.86
C THR A 76 -29.02 7.33 -15.11
N MET A 77 -29.02 6.33 -15.99
CA MET A 77 -27.79 5.59 -16.28
C MET A 77 -26.72 6.47 -16.91
N ILE A 78 -27.10 7.60 -17.53
CA ILE A 78 -26.12 8.49 -18.12
C ILE A 78 -25.22 9.08 -17.04
N ILE A 79 -25.82 9.57 -15.95
CA ILE A 79 -25.04 10.11 -14.84
C ILE A 79 -24.30 8.99 -14.12
N VAL A 80 -25.00 7.88 -13.85
CA VAL A 80 -24.36 6.75 -13.16
C VAL A 80 -23.25 6.16 -14.02
N GLY A 81 -23.51 5.99 -15.32
CA GLY A 81 -22.49 5.44 -16.19
C GLY A 81 -21.25 6.31 -16.26
N LEU A 82 -21.44 7.63 -16.33
CA LEU A 82 -20.31 8.55 -16.39
C LEU A 82 -19.65 8.75 -15.03
N SER A 83 -20.34 8.38 -13.94
CA SER A 83 -19.76 8.53 -12.61
C SER A 83 -18.63 7.53 -12.36
N VAL A 84 -18.65 6.39 -13.03
CA VAL A 84 -17.59 5.40 -12.85
C VAL A 84 -16.38 5.68 -13.75
N VAL A 85 -16.62 6.21 -14.95
CA VAL A 85 -15.50 6.50 -15.85
C VAL A 85 -14.61 7.57 -15.25
N VAL A 86 -15.20 8.62 -14.68
CA VAL A 86 -14.41 9.69 -14.08
C VAL A 86 -13.56 9.15 -12.93
N THR A 87 -14.11 8.21 -12.15
CA THR A 87 -13.37 7.63 -11.05
C THR A 87 -12.15 6.85 -11.51
N VAL A 88 -12.18 6.30 -12.72
CA VAL A 88 -11.02 5.58 -13.24
C VAL A 88 -9.98 6.56 -13.79
N ILE A 89 -10.42 7.70 -14.31
CA ILE A 89 -9.49 8.70 -14.82
C ILE A 89 -8.67 9.31 -13.70
N VAL A 90 -9.11 9.16 -12.45
CA VAL A 90 -8.37 9.74 -11.33
C VAL A 90 -6.95 9.19 -11.28
N LEU A 91 -6.81 7.87 -11.43
CA LEU A 91 -5.50 7.26 -11.43
C LEU A 91 -4.73 7.52 -12.72
N GLN A 92 -5.43 7.86 -13.80
CA GLN A 92 -4.76 8.11 -15.07
C GLN A 92 -3.82 9.32 -14.96
N TYR A 93 -4.28 10.39 -14.31
CA TYR A 93 -3.46 11.59 -14.17
C TYR A 93 -2.45 11.46 -13.04
N HIS A 94 -2.79 10.72 -11.98
CA HIS A 94 -1.88 10.60 -10.85
C HIS A 94 -0.58 9.91 -11.27
N HIS A 95 -0.68 8.83 -12.04
CA HIS A 95 0.52 8.13 -12.49
C HIS A 95 1.24 8.90 -13.58
N HIS A 96 0.49 9.51 -14.49
CA HIS A 96 1.07 10.28 -15.61
C HIS A 96 2.02 9.41 -16.42
N ASP A 97 1.48 8.27 -16.88
CA ASP A 97 2.25 7.33 -17.68
C ASP A 97 2.20 7.71 -19.14
N PRO A 98 3.14 7.20 -19.95
CA PRO A 98 3.13 7.54 -21.39
C PRO A 98 1.85 7.12 -22.09
N ASP A 99 1.15 6.10 -21.59
CA ASP A 99 -0.08 5.64 -22.22
C ASP A 99 -1.29 6.48 -21.84
N GLY A 100 -1.15 7.41 -20.91
CA GLY A 100 -2.26 8.25 -20.51
C GLY A 100 -1.92 9.18 -19.38
N GLY A 101 -2.38 10.43 -19.48
CA GLY A 101 -2.10 11.41 -18.45
C GLY A 101 -2.20 12.81 -19.02
N LYS A 102 -1.68 13.76 -18.24
CA LYS A 102 -1.66 15.17 -18.63
C LYS A 102 -0.38 15.52 -19.38
N MET A 103 -0.09 14.75 -20.43
CA MET A 103 1.13 15.00 -21.20
C MET A 103 1.17 16.38 -21.82
N PRO A 104 0.12 16.87 -22.47
CA PRO A 104 0.20 18.20 -23.09
C PRO A 104 0.54 19.27 -22.07
N LYS A 105 1.46 20.17 -22.46
CA LYS A 105 1.85 21.27 -21.58
C LYS A 105 0.82 22.38 -21.56
N TRP A 106 0.05 22.54 -22.64
CA TRP A 106 -0.94 23.61 -22.69
C TRP A 106 -2.02 23.43 -21.63
N THR A 107 -2.47 22.19 -21.42
CA THR A 107 -3.50 21.94 -20.43
C THR A 107 -3.00 22.25 -19.01
N ARG A 108 -1.70 22.09 -18.77
CA ARG A 108 -1.16 22.37 -17.45
C ARG A 108 -1.33 23.84 -17.08
N VAL A 109 -1.10 24.73 -18.04
CA VAL A 109 -1.26 26.16 -17.77
C VAL A 109 -2.71 26.47 -17.43
N ILE A 110 -3.65 25.91 -18.20
CA ILE A 110 -5.06 26.15 -17.93
C ILE A 110 -5.46 25.49 -16.61
N LEU A 111 -4.80 24.40 -16.24
CA LEU A 111 -5.14 23.71 -14.99
C LEU A 111 -4.91 24.62 -13.79
N LEU A 112 -3.81 25.38 -13.80
CA LEU A 112 -3.51 26.26 -12.68
C LEU A 112 -4.61 27.30 -12.47
N ASN A 113 -5.13 27.85 -13.58
CA ASN A 113 -6.20 28.84 -13.46
C ASN A 113 -7.47 28.21 -12.90
N TRP A 114 -7.78 26.98 -13.30
CA TRP A 114 -8.98 26.32 -12.80
C TRP A 114 -8.91 26.10 -11.29
N CYS A 115 -7.75 25.68 -10.79
CA CYS A 115 -7.61 25.45 -9.35
C CYS A 115 -7.79 26.76 -8.57
N ALA A 116 -7.21 27.85 -9.06
CA ALA A 116 -7.34 29.13 -8.40
C ALA A 116 -8.71 29.77 -8.64
N TRP A 117 -9.37 29.45 -9.75
CA TRP A 117 -10.69 30.02 -10.02
C TRP A 117 -11.70 29.59 -8.98
N PHE A 118 -11.68 28.31 -8.58
CA PHE A 118 -12.64 27.83 -7.61
C PHE A 118 -12.47 28.54 -6.27
N LEU A 119 -11.23 28.76 -5.83
CA LEU A 119 -11.00 29.43 -4.57
C LEU A 119 -11.53 30.86 -4.61
N ARG A 120 -11.27 31.58 -5.70
CA ARG A 120 -11.74 32.95 -5.87
C ARG A 120 -12.27 33.07 -7.30
N MET A 121 -13.56 32.77 -7.48
CA MET A 121 -14.17 32.86 -8.79
C MET A 121 -14.30 34.32 -9.23
N LYS A 122 -14.01 34.58 -10.50
CA LYS A 122 -14.14 35.92 -11.05
C LYS A 122 -15.60 36.33 -11.23
N ARG A 123 -16.52 35.38 -11.17
CA ARG A 123 -17.93 35.69 -11.35
C ARG A 123 -18.48 36.40 -10.11
N PRO A 124 -19.63 37.06 -10.23
CA PRO A 124 -20.18 37.77 -9.07
C PRO A 124 -20.52 36.87 -7.90
N GLY A 125 -20.63 35.55 -8.12
CA GLY A 125 -20.99 34.66 -7.03
C GLY A 125 -20.00 34.73 -5.88
N GLU A 126 -18.70 34.83 -6.20
CA GLU A 126 -17.66 34.95 -5.19
C GLU A 126 -16.81 36.20 -5.32
N ASP A 127 -16.72 36.79 -6.52
CA ASP A 127 -15.96 38.02 -6.67
C ASP A 127 -16.59 39.19 -5.93
N LYS A 128 -17.92 39.26 -5.92
CA LYS A 128 -18.62 40.34 -5.25
C LYS A 128 -18.98 40.00 -3.81
N VAL A 129 -19.20 38.72 -3.50
CA VAL A 129 -19.55 38.29 -2.15
C VAL A 129 -18.24 38.05 -1.42
N ARG A 130 -17.67 39.13 -0.87
CA ARG A 130 -16.43 39.05 -0.13
C ARG A 130 -16.15 40.39 0.56
N PRO A 131 -15.39 40.40 1.65
CA PRO A 131 -15.10 41.68 2.32
C PRO A 131 -14.35 42.63 1.39
N ALA A 132 -14.68 43.92 1.51
CA ALA A 132 -14.05 44.95 0.70
C ALA A 132 -14.12 46.27 1.45
N CYS A 133 -13.07 47.08 1.30
CA CYS A 133 -12.99 48.38 1.96
C CYS A 133 -11.99 49.23 1.19
N GLN A 134 -11.69 50.41 1.73
CA GLN A 134 -10.74 51.34 1.12
C GLN A 134 -9.36 51.23 1.73
N HIS A 135 -9.10 50.21 2.54
CA HIS A 135 -7.79 50.06 3.16
C HIS A 135 -6.73 49.73 2.13
N LYS A 136 -5.47 49.98 2.49
CA LYS A 136 -4.35 49.75 1.59
C LYS A 136 -4.13 48.27 1.29
N GLN A 137 -4.74 47.37 2.05
CA GLN A 137 -4.56 45.94 1.80
C GLN A 137 -5.18 45.49 0.48
N ARG A 138 -6.15 46.25 -0.04
CA ARG A 138 -6.80 45.92 -1.30
C ARG A 138 -6.18 46.66 -2.48
N ARG A 139 -5.11 47.42 -2.27
CA ARG A 139 -4.48 48.18 -3.34
C ARG A 139 -3.39 47.34 -4.00
N CYS A 140 -2.80 47.89 -5.06
CA CYS A 140 -1.73 47.23 -5.79
C CYS A 140 -0.65 48.24 -6.14
N SER A 141 0.55 47.72 -6.38
CA SER A 141 1.70 48.56 -6.69
C SER A 141 2.60 47.80 -7.67
N LEU A 142 3.83 48.29 -7.84
CA LEU A 142 4.76 47.65 -8.76
C LEU A 142 5.10 46.24 -8.30
N ALA A 143 5.23 46.04 -6.99
CA ALA A 143 5.57 44.72 -6.48
C ALA A 143 4.49 43.70 -6.83
N SER A 144 3.22 44.08 -6.69
CA SER A 144 2.14 43.15 -6.99
C SER A 144 2.13 42.77 -8.47
N VAL A 145 2.34 43.73 -9.35
CA VAL A 145 2.33 43.51 -10.79
C VAL A 145 3.75 43.14 -11.20
N GLU A 146 3.96 41.85 -11.51
CA GLU A 146 5.26 41.33 -11.92
C GLU A 146 5.35 41.16 -13.43
N MET A 147 4.63 41.97 -14.20
CA MET A 147 4.67 41.87 -15.65
C MET A 147 6.00 42.34 -16.22
N SER A 148 6.73 43.19 -15.51
CA SER A 148 8.01 43.71 -15.95
C SER A 148 9.17 43.08 -15.17
N ALA A 149 9.04 41.80 -14.85
CA ALA A 149 10.07 41.07 -14.11
C ALA A 149 10.35 41.74 -12.76
N VAL A 150 9.28 42.08 -12.06
CA VAL A 150 9.38 42.69 -10.74
C VAL A 150 9.30 41.60 -9.68
N ALA A 151 10.21 41.64 -8.73
CA ALA A 151 10.24 40.63 -7.69
C ALA A 151 8.98 40.73 -6.84
N PRO A 152 8.28 39.63 -6.57
CA PRO A 152 7.06 39.69 -5.76
C PRO A 152 7.38 39.99 -4.31
N PRO A 153 6.42 40.48 -3.54
CA PRO A 153 6.66 40.76 -2.13
C PRO A 153 7.10 39.51 -1.38
N PRO A 154 8.00 39.62 -0.41
CA PRO A 154 8.43 38.42 0.34
C PRO A 154 7.25 37.70 0.96
N ALA A 155 7.11 36.42 0.64
CA ALA A 155 6.03 35.60 1.16
C ALA A 155 6.47 34.14 1.17
N SER A 156 5.77 33.35 1.98
CA SER A 156 6.03 31.92 2.10
C SER A 156 5.13 31.09 1.20
N ASN A 157 4.32 31.73 0.36
CA ASN A 157 3.39 31.03 -0.52
C ASN A 157 4.00 30.65 -1.85
N GLY A 158 5.29 30.93 -2.06
CA GLY A 158 5.96 30.60 -3.31
C GLY A 158 6.49 31.82 -4.03
N ASN A 159 6.84 32.86 -3.29
CA ASN A 159 7.38 34.10 -3.83
C ASN A 159 8.85 34.28 -3.52
N LEU A 160 9.23 34.21 -2.24
CA LEU A 160 10.63 34.34 -1.86
C LEU A 160 11.33 32.99 -1.74
N LEU A 161 10.60 31.94 -1.39
CA LEU A 161 11.22 30.62 -1.27
C LEU A 161 11.74 30.12 -2.61
N TYR A 162 10.97 30.34 -3.69
CA TYR A 162 11.40 29.87 -5.00
C TYR A 162 12.66 30.58 -5.46
N ILE A 163 12.77 31.89 -5.21
CA ILE A 163 13.93 32.64 -5.68
C ILE A 163 15.20 32.14 -5.03
N GLY A 164 15.14 31.80 -3.73
CA GLY A 164 16.32 31.32 -3.06
C GLY A 164 16.77 29.95 -3.56
N PHE A 165 15.82 29.05 -3.78
CA PHE A 165 16.13 27.69 -4.21
C PHE A 165 16.12 27.55 -5.72
N ARG A 166 15.06 28.01 -6.38
CA ARG A 166 14.94 27.87 -7.83
C ARG A 166 15.64 28.98 -8.60
N GLY A 167 16.24 29.95 -7.92
CA GLY A 167 16.96 31.02 -8.59
C GLY A 167 18.34 30.60 -9.03
N LEU A 168 18.41 29.61 -9.92
CA LEU A 168 19.68 29.12 -10.40
C LEU A 168 20.36 30.16 -11.29
N ASP A 169 21.69 30.09 -11.35
CA ASP A 169 22.49 31.02 -12.15
C ASP A 169 22.22 32.46 -11.72
N GLY A 170 22.05 32.67 -10.41
CA GLY A 170 21.79 33.99 -9.87
C GLY A 170 22.69 34.32 -8.69
N VAL A 171 22.23 35.23 -7.83
CA VAL A 171 23.06 35.63 -6.69
C VAL A 171 23.28 34.46 -5.75
N HIS A 172 22.26 33.61 -5.58
CA HIS A 172 22.40 32.47 -4.67
C HIS A 172 23.48 31.51 -5.14
N CYS A 173 23.53 31.23 -6.44
CA CYS A 173 24.49 30.28 -6.98
C CYS A 173 25.78 30.97 -7.43
N VAL A 174 25.67 31.91 -8.35
CA VAL A 174 26.83 32.61 -8.91
C VAL A 174 26.66 34.11 -8.69
N PRO A 175 27.19 34.68 -7.60
CA PRO A 175 27.04 36.12 -7.40
C PRO A 175 27.93 36.93 -8.32
N THR A 176 27.49 37.10 -9.58
CA THR A 176 28.28 37.84 -10.56
C THR A 176 28.55 39.28 -10.11
N PRO A 177 27.56 40.04 -9.64
CA PRO A 177 27.83 41.42 -9.22
C PRO A 177 28.90 41.47 -8.14
N ASP A 178 29.87 42.37 -8.32
CA ASP A 178 30.95 42.55 -7.36
C ASP A 178 30.44 43.40 -6.20
N SER A 179 30.14 42.76 -5.08
CA SER A 179 29.65 43.46 -3.90
C SER A 179 30.75 43.79 -2.90
N GLY A 180 31.82 43.00 -2.86
CA GLY A 180 32.91 43.26 -1.93
C GLY A 180 32.50 43.17 -0.48
N VAL A 181 31.69 42.17 -0.13
CA VAL A 181 31.22 41.96 1.23
C VAL A 181 31.88 40.73 1.85
N VAL A 182 31.85 39.60 1.14
CA VAL A 182 32.45 38.38 1.67
C VAL A 182 33.98 38.42 1.60
N CYS A 183 34.55 39.26 0.73
CA CYS A 183 36.00 39.36 0.60
C CYS A 183 36.47 40.82 0.63
N GLY A 184 35.59 41.76 0.95
CA GLY A 184 35.96 43.16 1.01
C GLY A 184 35.57 43.83 2.31
N ARG A 185 34.74 43.16 3.10
CA ARG A 185 34.26 43.67 4.38
C ARG A 185 34.45 42.59 5.44
N MET A 186 34.00 42.91 6.66
CA MET A 186 34.10 41.99 7.80
C MET A 186 32.76 41.34 8.12
N ALA A 187 31.98 41.02 7.09
CA ALA A 187 30.66 40.40 7.27
C ALA A 187 30.86 38.90 7.48
N CYS A 188 31.34 38.55 8.67
CA CYS A 188 31.58 37.16 9.05
C CYS A 188 32.55 36.48 8.10
N SER A 189 33.50 37.23 7.56
CA SER A 189 34.50 36.68 6.66
C SER A 189 35.71 37.60 6.66
N PRO A 190 36.91 37.07 6.45
CA PRO A 190 38.09 37.94 6.39
C PRO A 190 38.06 38.87 5.19
N THR A 191 38.72 40.02 5.34
CA THR A 191 38.81 41.01 4.26
C THR A 191 39.94 40.61 3.31
N HIS A 192 39.68 39.59 2.52
CA HIS A 192 40.63 39.05 1.56
C HIS A 192 41.93 38.65 2.26
N ASP A 193 41.79 37.77 3.26
CA ASP A 193 42.92 37.27 4.04
C ASP A 193 43.45 36.01 3.37
N GLU A 194 44.52 36.16 2.60
CA GLU A 194 45.12 35.03 1.91
C GLU A 194 45.99 34.17 2.82
N HIS A 195 46.30 34.63 4.03
CA HIS A 195 47.12 33.90 4.98
C HIS A 195 46.30 33.49 6.21
N LEU A 196 45.06 33.08 6.00
CA LEU A 196 44.18 32.66 7.10
C LEU A 196 44.50 31.20 7.43
N LEU A 197 45.59 31.02 8.17
CA LEU A 197 46.05 29.70 8.58
C LEU A 197 45.67 29.47 10.04
N HIS A 198 44.87 28.43 10.29
CA HIS A 198 44.45 28.09 11.65
C HIS A 198 45.47 27.13 12.24
N GLY A 199 46.55 27.72 12.76
CA GLY A 199 47.64 26.93 13.32
C GLY A 199 48.53 26.27 12.29
N GLY A 200 48.58 26.81 11.07
CA GLY A 200 49.38 26.26 10.01
C GLY A 200 48.60 25.46 8.98
N GLN A 201 47.36 25.10 9.28
CA GLN A 201 46.53 24.35 8.34
C GLN A 201 45.80 25.30 7.39
N PRO A 202 45.33 24.79 6.25
CA PRO A 202 44.61 25.65 5.31
C PRO A 202 43.31 26.15 5.92
N PRO A 203 42.56 26.98 5.19
CA PRO A 203 41.28 27.46 5.75
C PRO A 203 40.33 26.35 6.12
N GLU A 204 40.32 25.25 5.37
CA GLU A 204 39.47 24.10 5.66
C GLU A 204 40.18 23.19 6.65
N GLY A 205 39.49 22.85 7.74
CA GLY A 205 40.10 22.00 8.75
C GLY A 205 40.44 20.62 8.21
N ASP A 206 39.54 20.04 7.42
CA ASP A 206 39.75 18.72 6.85
C ASP A 206 39.13 18.64 5.46
N PRO A 207 39.94 18.58 4.39
CA PRO A 207 39.35 18.47 3.05
C PRO A 207 38.54 17.20 2.84
N ASP A 208 38.77 16.16 3.66
CA ASP A 208 38.02 14.92 3.48
C ASP A 208 36.53 15.10 3.72
N LEU A 209 36.13 16.15 4.45
CA LEU A 209 34.72 16.38 4.71
C LEU A 209 33.97 16.81 3.45
N ALA A 210 34.68 17.35 2.45
CA ALA A 210 34.01 17.75 1.21
C ALA A 210 33.39 16.54 0.52
N LYS A 211 34.11 15.42 0.48
CA LYS A 211 33.56 14.21 -0.14
C LYS A 211 32.33 13.73 0.61
N ILE A 212 32.37 13.78 1.95
CA ILE A 212 31.22 13.35 2.73
C ILE A 212 30.01 14.24 2.45
N LEU A 213 30.24 15.55 2.34
CA LEU A 213 29.14 16.47 2.06
C LEU A 213 28.49 16.15 0.72
N GLU A 214 29.30 15.89 -0.31
CA GLU A 214 28.74 15.51 -1.61
C GLU A 214 27.99 14.18 -1.52
N GLU A 215 28.57 13.20 -0.82
CA GLU A 215 27.89 11.92 -0.65
C GLU A 215 26.61 12.09 0.15
N VAL A 216 26.65 12.89 1.22
CA VAL A 216 25.45 13.12 2.01
C VAL A 216 24.42 13.90 1.21
N ARG A 217 24.88 14.84 0.37
CA ARG A 217 23.95 15.60 -0.45
C ARG A 217 23.18 14.69 -1.41
N TYR A 218 23.80 13.59 -1.85
CA TYR A 218 23.10 12.66 -2.73
C TYR A 218 21.89 12.05 -2.02
N ILE A 219 22.05 11.67 -0.75
CA ILE A 219 20.92 11.15 0.01
C ILE A 219 19.84 12.21 0.16
N ALA A 220 20.23 13.44 0.47
CA ALA A 220 19.26 14.53 0.54
C ALA A 220 18.70 14.86 -0.83
N ASN A 221 19.51 14.75 -1.88
CA ASN A 221 19.01 14.99 -3.23
C ASN A 221 17.93 13.99 -3.62
N ARG A 222 18.11 12.73 -3.23
CA ARG A 222 17.09 11.72 -3.52
C ARG A 222 15.77 12.06 -2.83
N PHE A 223 15.84 12.51 -1.58
CA PHE A 223 14.63 12.94 -0.88
C PHE A 223 14.06 14.21 -1.51
N ARG A 224 14.91 15.08 -2.03
CA ARG A 224 14.43 16.29 -2.70
C ARG A 224 13.59 15.93 -3.92
N CYS A 225 14.02 14.93 -4.69
CA CYS A 225 13.24 14.50 -5.85
C CYS A 225 11.89 13.95 -5.41
N GLN A 226 11.87 13.16 -4.33
CA GLN A 226 10.60 12.67 -3.80
C GLN A 226 9.72 13.81 -3.32
N ASP A 227 10.31 14.78 -2.61
CA ASP A 227 9.56 15.96 -2.20
C ASP A 227 9.11 16.77 -3.40
N GLU A 228 9.99 16.93 -4.39
CA GLU A 228 9.61 17.63 -5.61
C GLU A 228 8.55 16.86 -6.39
N SER A 229 8.59 15.54 -6.36
CA SER A 229 7.57 14.74 -7.04
C SER A 229 6.19 14.99 -6.44
N GLU A 230 6.12 15.15 -5.12
CA GLU A 230 4.84 15.46 -4.49
C GLU A 230 4.30 16.81 -4.94
N ALA A 231 5.18 17.80 -5.08
CA ALA A 231 4.75 19.11 -5.57
C ALA A 231 4.26 19.02 -7.02
N VAL A 232 4.97 18.25 -7.85
CA VAL A 232 4.51 18.05 -9.21
C VAL A 232 3.25 17.19 -9.23
N CYS A 233 3.20 16.16 -8.37
CA CYS A 233 2.02 15.32 -8.28
C CYS A 233 0.83 16.06 -7.70
N SER A 234 1.06 17.18 -7.00
CA SER A 234 -0.05 17.95 -6.47
C SER A 234 -0.93 18.48 -7.58
N GLU A 235 -0.33 18.98 -8.67
CA GLU A 235 -1.11 19.44 -9.81
C GLU A 235 -1.89 18.29 -10.43
N TRP A 236 -1.24 17.13 -10.56
CA TRP A 236 -1.94 15.95 -11.10
C TRP A 236 -3.05 15.51 -10.16
N LYS A 237 -2.80 15.54 -8.85
CA LYS A 237 -3.83 15.18 -7.89
C LYS A 237 -5.01 16.13 -7.98
N PHE A 238 -4.74 17.43 -8.09
CA PHE A 238 -5.82 18.40 -8.25
C PHE A 238 -6.49 18.31 -9.62
N ALA A 239 -5.79 17.77 -10.61
CA ALA A 239 -6.39 17.63 -11.95
C ALA A 239 -7.60 16.70 -11.90
N ALA A 240 -7.51 15.61 -11.13
CA ALA A 240 -8.64 14.71 -11.00
C ALA A 240 -9.74 15.34 -10.14
N CYS A 241 -9.37 16.17 -9.16
CA CYS A 241 -10.38 16.80 -8.31
C CYS A 241 -11.23 17.78 -9.11
N VAL A 242 -10.59 18.60 -9.96
CA VAL A 242 -11.35 19.56 -10.75
C VAL A 242 -12.24 18.85 -11.76
N VAL A 243 -11.76 17.74 -12.33
CA VAL A 243 -12.58 17.00 -13.29
C VAL A 243 -13.85 16.49 -12.63
N ASP A 244 -13.71 15.91 -11.43
CA ASP A 244 -14.88 15.45 -10.70
C ASP A 244 -15.75 16.63 -10.26
N ARG A 245 -15.12 17.72 -9.80
CA ARG A 245 -15.88 18.90 -9.42
C ARG A 245 -16.58 19.53 -10.62
N LEU A 246 -15.88 19.60 -11.75
CA LEU A 246 -16.49 20.17 -12.95
C LEU A 246 -17.67 19.33 -13.42
N CYS A 247 -17.53 18.00 -13.38
CA CYS A 247 -18.62 17.13 -13.80
C CYS A 247 -19.81 17.23 -12.86
N LEU A 248 -19.59 17.60 -11.60
CA LEU A 248 -20.70 17.75 -10.67
C LEU A 248 -21.64 18.85 -11.10
N MET A 249 -21.10 19.99 -11.56
CA MET A 249 -21.95 21.08 -12.03
C MET A 249 -22.56 20.76 -13.39
N ALA A 250 -21.85 20.02 -14.23
CA ALA A 250 -22.39 19.66 -15.54
C ALA A 250 -23.59 18.73 -15.42
N PHE A 251 -23.53 17.78 -14.49
CA PHE A 251 -24.61 16.84 -14.27
C PHE A 251 -25.72 17.41 -13.39
N SER A 252 -25.48 18.54 -12.71
CA SER A 252 -26.51 19.14 -11.89
C SER A 252 -27.71 19.57 -12.73
N VAL A 253 -27.45 20.16 -13.90
CA VAL A 253 -28.54 20.57 -14.78
C VAL A 253 -29.35 19.37 -15.24
N PHE A 254 -28.66 18.28 -15.61
CA PHE A 254 -29.36 17.08 -16.05
C PHE A 254 -30.22 16.51 -14.93
N THR A 255 -29.69 16.48 -13.70
CA THR A 255 -30.46 15.99 -12.57
C THR A 255 -31.70 16.85 -12.33
N ILE A 256 -31.54 18.18 -12.43
CA ILE A 256 -32.68 19.07 -12.25
C ILE A 256 -33.72 18.83 -13.33
N ILE A 257 -33.27 18.66 -14.58
CA ILE A 257 -34.21 18.41 -15.68
C ILE A 257 -34.98 17.11 -15.43
N CYS A 258 -34.28 16.06 -15.01
CA CYS A 258 -34.95 14.79 -14.74
C CYS A 258 -35.96 14.94 -13.62
N THR A 259 -35.59 15.66 -12.55
CA THR A 259 -36.52 15.87 -11.45
C THR A 259 -37.75 16.66 -11.90
N ILE A 260 -37.54 17.68 -12.73
CA ILE A 260 -38.66 18.48 -13.23
C ILE A 260 -39.58 17.62 -14.08
N GLY A 261 -39.01 16.76 -14.93
CA GLY A 261 -39.84 15.95 -15.80
C GLY A 261 -40.78 15.04 -15.03
N ILE A 262 -40.29 14.40 -13.96
CA ILE A 262 -41.12 13.52 -13.16
C ILE A 262 -42.12 14.27 -12.29
N LEU A 263 -41.94 15.58 -12.12
CA LEU A 263 -42.86 16.37 -11.32
C LEU A 263 -44.17 16.65 -12.03
N MET A 264 -44.20 16.53 -13.35
CA MET A 264 -45.40 16.80 -14.14
C MET A 264 -45.87 15.60 -14.95
N SER A 265 -44.96 14.71 -15.36
CA SER A 265 -45.34 13.55 -16.16
C SER A 265 -45.69 12.34 -15.33
N ALA A 266 -45.17 12.23 -14.11
CA ALA A 266 -45.48 11.07 -13.26
C ALA A 266 -46.97 10.95 -12.98
N PRO A 267 -47.70 12.01 -12.62
CA PRO A 267 -49.14 11.85 -12.34
C PRO A 267 -49.93 11.37 -13.55
N ASN A 268 -49.45 11.61 -14.77
CA ASN A 268 -50.17 11.19 -15.97
C ASN A 268 -49.64 9.89 -16.54
N PHE A 269 -48.40 9.51 -16.25
CA PHE A 269 -47.80 8.29 -16.75
C PHE A 269 -47.52 7.28 -15.64
N VAL A 270 -46.81 7.69 -14.60
CA VAL A 270 -46.49 6.79 -13.49
C VAL A 270 -47.64 6.75 -12.51
N LEU B 7 -44.88 -18.30 12.67
CA LEU B 7 -44.69 -17.33 11.61
C LEU B 7 -43.66 -17.83 10.60
N TYR B 8 -44.13 -18.46 9.53
CA TYR B 8 -43.21 -18.95 8.50
C TYR B 8 -42.44 -17.82 7.85
N TYR B 9 -43.12 -16.71 7.53
CA TYR B 9 -42.44 -15.57 6.93
C TYR B 9 -41.55 -14.85 7.93
N GLY B 10 -41.97 -14.80 9.20
CA GLY B 10 -41.18 -14.12 10.22
C GLY B 10 -39.93 -14.88 10.63
N LEU B 11 -39.91 -16.19 10.44
CA LEU B 11 -38.75 -17.00 10.80
C LEU B 11 -37.68 -17.01 9.72
N ASN B 12 -37.98 -16.52 8.52
CA ASN B 12 -37.02 -16.50 7.42
C ASN B 12 -36.75 -15.10 6.87
N LEU B 13 -37.58 -14.11 7.17
CA LEU B 13 -37.41 -12.75 6.68
C LEU B 13 -37.19 -11.74 7.79
N LEU B 14 -37.94 -11.84 8.89
CA LEU B 14 -37.76 -10.90 9.99
C LEU B 14 -36.46 -11.16 10.73
N ILE B 15 -36.07 -12.43 10.87
CA ILE B 15 -34.84 -12.76 11.58
C ILE B 15 -33.62 -12.13 10.92
N PRO B 16 -33.38 -12.29 9.62
CA PRO B 16 -32.21 -11.63 9.01
C PRO B 16 -32.27 -10.12 9.07
N CYS B 17 -33.46 -9.53 9.18
CA CYS B 17 -33.56 -8.08 9.24
C CYS B 17 -32.85 -7.52 10.47
N VAL B 18 -33.03 -8.17 11.62
CA VAL B 18 -32.36 -7.72 12.84
C VAL B 18 -30.86 -7.93 12.74
N LEU B 19 -30.43 -9.04 12.12
CA LEU B 19 -29.00 -9.30 11.99
C LEU B 19 -28.32 -8.23 11.15
N ILE B 20 -28.95 -7.81 10.06
CA ILE B 20 -28.36 -6.79 9.20
C ILE B 20 -28.20 -5.48 9.98
N SER B 21 -29.23 -5.08 10.73
CA SER B 21 -29.12 -3.86 11.52
C SER B 21 -28.06 -3.99 12.60
N ALA B 22 -27.98 -5.16 13.25
CA ALA B 22 -26.98 -5.36 14.29
C ALA B 22 -25.57 -5.33 13.70
N LEU B 23 -25.39 -5.93 12.51
CA LEU B 23 -24.07 -5.94 11.90
C LEU B 23 -23.60 -4.54 11.53
N ALA B 24 -24.52 -3.67 11.12
CA ALA B 24 -24.14 -2.30 10.77
C ALA B 24 -23.59 -1.54 11.96
N LEU B 25 -24.05 -1.87 13.17
CA LEU B 25 -23.56 -1.17 14.36
C LEU B 25 -22.08 -1.44 14.57
N LEU B 26 -21.60 -2.65 14.27
CA LEU B 26 -20.19 -2.98 14.45
C LEU B 26 -19.30 -2.27 13.44
N VAL B 27 -19.86 -1.83 12.30
CA VAL B 27 -19.06 -1.14 11.31
C VAL B 27 -18.65 0.25 11.82
N PHE B 28 -19.46 0.87 12.66
CA PHE B 28 -19.16 2.20 13.15
C PHE B 28 -18.00 2.20 14.14
N LEU B 29 -17.70 1.07 14.77
CA LEU B 29 -16.62 0.98 15.74
C LEU B 29 -15.29 0.61 15.12
N LEU B 30 -15.24 0.39 13.80
CA LEU B 30 -13.99 0.03 13.14
C LEU B 30 -13.06 1.24 13.07
N PRO B 31 -11.75 1.02 13.05
CA PRO B 31 -10.82 2.14 12.96
C PRO B 31 -10.94 2.88 11.64
N ALA B 32 -10.68 4.18 11.69
CA ALA B 32 -10.74 5.00 10.49
C ALA B 32 -9.55 4.76 9.56
N ASP B 33 -8.43 4.25 10.08
CA ASP B 33 -7.26 3.99 9.26
C ASP B 33 -7.45 2.84 8.28
N SER B 34 -8.51 2.04 8.45
CA SER B 34 -8.76 0.91 7.56
C SER B 34 -9.50 1.42 6.33
N GLY B 35 -8.76 1.63 5.24
CA GLY B 35 -9.35 2.07 3.99
C GLY B 35 -10.00 0.99 3.16
N GLU B 36 -9.84 -0.28 3.56
CA GLU B 36 -10.42 -1.39 2.83
C GLU B 36 -11.77 -1.83 3.41
N LYS B 37 -12.29 -1.13 4.41
CA LYS B 37 -13.56 -1.49 5.02
C LYS B 37 -14.75 -1.04 4.20
N ILE B 38 -14.54 -0.25 3.13
CA ILE B 38 -15.66 0.18 2.30
C ILE B 38 -16.33 -1.01 1.64
N SER B 39 -15.58 -2.06 1.33
CA SER B 39 -16.18 -3.24 0.71
C SER B 39 -17.13 -3.96 1.66
N LEU B 40 -16.90 -3.84 2.97
CA LEU B 40 -17.78 -4.48 3.94
C LEU B 40 -19.19 -3.91 3.85
N GLY B 41 -19.30 -2.59 3.71
CA GLY B 41 -20.62 -1.98 3.61
C GLY B 41 -21.38 -2.40 2.38
N ILE B 42 -20.68 -2.64 1.27
CA ILE B 42 -21.35 -3.08 0.05
C ILE B 42 -22.01 -4.43 0.25
N THR B 43 -21.31 -5.35 0.92
CA THR B 43 -21.88 -6.68 1.16
C THR B 43 -23.15 -6.59 2.01
N VAL B 44 -23.13 -5.76 3.05
CA VAL B 44 -24.31 -5.61 3.89
C VAL B 44 -25.48 -5.05 3.07
N LEU B 45 -25.22 -4.02 2.26
CA LEU B 45 -26.26 -3.46 1.42
C LEU B 45 -26.70 -4.47 0.35
N LEU B 46 -25.74 -5.18 -0.25
CA LEU B 46 -26.08 -6.15 -1.27
C LEU B 46 -26.92 -7.29 -0.70
N SER B 47 -26.58 -7.76 0.50
CA SER B 47 -27.34 -8.86 1.09
C SER B 47 -28.78 -8.45 1.38
N LEU B 48 -28.98 -7.22 1.86
CA LEU B 48 -30.33 -6.75 2.15
C LEU B 48 -31.18 -6.68 0.88
N THR B 49 -30.59 -6.22 -0.23
CA THR B 49 -31.34 -6.13 -1.48
C THR B 49 -31.74 -7.52 -1.97
N VAL B 50 -30.87 -8.51 -1.82
CA VAL B 50 -31.19 -9.86 -2.27
C VAL B 50 -32.38 -10.41 -1.49
N PHE B 51 -32.39 -10.21 -0.17
CA PHE B 51 -33.50 -10.70 0.64
C PHE B 51 -34.76 -9.88 0.40
N MET B 52 -34.61 -8.60 0.04
CA MET B 52 -35.79 -7.77 -0.21
C MET B 52 -36.53 -8.20 -1.47
N LEU B 53 -35.81 -8.75 -2.45
CA LEU B 53 -36.46 -9.19 -3.69
C LEU B 53 -37.45 -10.31 -3.43
N LEU B 54 -37.18 -11.17 -2.45
CA LEU B 54 -38.08 -12.29 -2.16
C LEU B 54 -39.45 -11.77 -1.72
N VAL B 55 -39.48 -10.74 -0.88
CA VAL B 55 -40.75 -10.20 -0.42
C VAL B 55 -41.54 -9.60 -1.58
N ALA B 56 -40.84 -8.93 -2.51
CA ALA B 56 -41.53 -8.32 -3.64
C ALA B 56 -42.25 -9.37 -4.50
N GLU B 57 -41.76 -10.61 -4.49
CA GLU B 57 -42.40 -11.67 -5.25
C GLU B 57 -43.70 -12.14 -4.60
N ILE B 58 -43.82 -11.99 -3.27
CA ILE B 58 -45.02 -12.38 -2.55
C ILE B 58 -45.80 -11.20 -2.02
N MET B 59 -45.26 -9.99 -2.07
CA MET B 59 -45.96 -8.83 -1.56
C MET B 59 -47.19 -8.56 -2.42
N PRO B 60 -48.37 -8.33 -1.83
CA PRO B 60 -49.55 -8.04 -2.65
C PRO B 60 -49.34 -6.81 -3.52
N SER B 61 -49.84 -6.88 -4.75
CA SER B 61 -49.73 -5.78 -5.71
C SER B 61 -50.91 -4.85 -5.51
N THR B 62 -50.75 -3.88 -4.61
CA THR B 62 -51.79 -2.91 -4.33
C THR B 62 -51.77 -1.78 -5.35
N SER B 63 -52.77 -0.90 -5.25
CA SER B 63 -52.87 0.24 -6.17
C SER B 63 -52.18 1.47 -5.61
N ASP B 64 -52.59 1.92 -4.42
CA ASP B 64 -51.98 3.09 -3.80
C ASP B 64 -51.71 2.91 -2.31
N SER B 65 -52.07 1.78 -1.71
CA SER B 65 -51.86 1.51 -0.30
C SER B 65 -50.81 0.39 -0.20
N SER B 66 -49.54 0.79 -0.14
CA SER B 66 -48.47 -0.19 -0.07
C SER B 66 -48.59 -0.99 1.23
N PRO B 67 -48.37 -2.32 1.18
CA PRO B 67 -48.43 -3.10 2.42
C PRO B 67 -47.38 -2.64 3.42
N SER B 68 -47.73 -2.77 4.70
CA SER B 68 -46.84 -2.35 5.78
C SER B 68 -45.62 -3.25 5.91
N ILE B 69 -45.58 -4.40 5.23
CA ILE B 69 -44.45 -5.29 5.35
C ILE B 69 -43.17 -4.63 4.86
N ALA B 70 -43.27 -3.80 3.82
CA ALA B 70 -42.09 -3.11 3.31
C ALA B 70 -41.62 -2.01 4.25
N GLN B 71 -42.47 -1.57 5.19
CA GLN B 71 -42.06 -0.53 6.12
C GLN B 71 -40.93 -1.00 7.02
N TYR B 72 -40.99 -2.26 7.48
CA TYR B 72 -39.96 -2.77 8.37
C TYR B 72 -38.59 -2.76 7.69
N PHE B 73 -38.53 -3.21 6.42
CA PHE B 73 -37.27 -3.20 5.70
C PHE B 73 -36.88 -1.78 5.28
N ALA B 74 -37.87 -0.92 5.03
CA ALA B 74 -37.56 0.45 4.63
C ALA B 74 -36.81 1.18 5.73
N SER B 75 -37.23 1.02 6.98
CA SER B 75 -36.54 1.68 8.08
C SER B 75 -35.12 1.14 8.25
N THR B 76 -34.92 -0.16 8.05
CA THR B 76 -33.59 -0.73 8.16
C THR B 76 -32.66 -0.16 7.10
N MET B 77 -33.17 0.05 5.88
CA MET B 77 -32.34 0.58 4.80
C MET B 77 -31.80 1.97 5.12
N ILE B 78 -32.48 2.73 5.96
CA ILE B 78 -32.00 4.06 6.33
C ILE B 78 -30.67 3.94 7.07
N ILE B 79 -30.60 3.03 8.03
CA ILE B 79 -29.34 2.82 8.76
C ILE B 79 -28.31 2.16 7.86
N VAL B 80 -28.72 1.14 7.10
CA VAL B 80 -27.79 0.46 6.20
C VAL B 80 -27.31 1.42 5.11
N GLY B 81 -28.23 2.19 4.54
CA GLY B 81 -27.83 3.12 3.49
C GLY B 81 -26.85 4.17 3.99
N LEU B 82 -27.08 4.70 5.20
CA LEU B 82 -26.19 5.69 5.77
C LEU B 82 -24.90 5.08 6.29
N SER B 83 -24.87 3.77 6.51
CA SER B 83 -23.65 3.12 7.00
C SER B 83 -22.57 3.09 5.93
N VAL B 84 -22.96 3.06 4.65
CA VAL B 84 -21.97 3.06 3.58
C VAL B 84 -21.47 4.45 3.28
N VAL B 85 -22.34 5.46 3.39
CA VAL B 85 -21.92 6.83 3.11
C VAL B 85 -20.86 7.28 4.11
N VAL B 86 -21.07 6.98 5.39
CA VAL B 86 -20.11 7.39 6.42
C VAL B 86 -18.75 6.72 6.18
N THR B 87 -18.76 5.46 5.75
CA THR B 87 -17.51 4.75 5.49
C THR B 87 -16.71 5.39 4.37
N VAL B 88 -17.37 6.07 3.43
CA VAL B 88 -16.64 6.74 2.36
C VAL B 88 -16.11 8.09 2.84
N ILE B 89 -16.80 8.73 3.78
CA ILE B 89 -16.32 10.01 4.32
C ILE B 89 -15.06 9.82 5.13
N VAL B 90 -14.73 8.59 5.54
CA VAL B 90 -13.54 8.36 6.34
C VAL B 90 -12.29 8.81 5.58
N LEU B 91 -12.21 8.44 4.30
CA LEU B 91 -11.06 8.85 3.49
C LEU B 91 -11.12 10.32 3.10
N GLN B 92 -12.31 10.93 3.13
CA GLN B 92 -12.42 12.35 2.77
C GLN B 92 -11.63 13.22 3.74
N TYR B 93 -11.75 12.95 5.03
CA TYR B 93 -11.02 13.76 6.02
C TYR B 93 -9.55 13.37 6.11
N HIS B 94 -9.23 12.10 5.89
CA HIS B 94 -7.84 11.66 6.00
C HIS B 94 -6.95 12.36 4.97
N HIS B 95 -7.43 12.44 3.72
CA HIS B 95 -6.63 13.09 2.68
C HIS B 95 -6.65 14.61 2.84
N HIS B 96 -7.80 15.18 3.22
CA HIS B 96 -7.95 16.62 3.39
C HIS B 96 -7.57 17.36 2.11
N ASP B 97 -8.22 16.97 1.02
CA ASP B 97 -7.98 17.57 -0.29
C ASP B 97 -8.83 18.82 -0.47
N PRO B 98 -8.46 19.68 -1.43
CA PRO B 98 -9.26 20.89 -1.65
C PRO B 98 -10.71 20.61 -2.02
N ASP B 99 -11.01 19.46 -2.61
CA ASP B 99 -12.36 19.13 -3.01
C ASP B 99 -13.20 18.55 -1.87
N GLY B 100 -12.60 18.32 -0.71
CA GLY B 100 -13.33 17.78 0.42
C GLY B 100 -12.46 17.50 1.62
N GLY B 101 -12.94 17.85 2.80
CA GLY B 101 -12.18 17.62 4.02
C GLY B 101 -12.62 18.58 5.11
N LYS B 102 -11.81 18.65 6.15
CA LYS B 102 -12.06 19.55 7.28
C LYS B 102 -11.41 20.90 7.07
N MET B 103 -11.72 21.54 5.94
CA MET B 103 -11.12 22.83 5.63
C MET B 103 -11.48 23.90 6.66
N PRO B 104 -12.73 24.06 7.08
CA PRO B 104 -13.05 25.11 8.05
C PRO B 104 -12.24 24.96 9.33
N LYS B 105 -11.71 26.08 9.81
CA LYS B 105 -10.94 26.07 11.05
C LYS B 105 -11.84 25.98 12.28
N TRP B 106 -13.07 26.49 12.19
CA TRP B 106 -13.97 26.47 13.34
C TRP B 106 -14.29 25.04 13.76
N THR B 107 -14.52 24.15 12.80
CA THR B 107 -14.83 22.76 13.14
C THR B 107 -13.66 22.07 13.84
N ARG B 108 -12.44 22.49 13.53
CA ARG B 108 -11.28 21.87 14.17
C ARG B 108 -11.27 22.11 15.67
N VAL B 109 -11.62 23.33 16.09
CA VAL B 109 -11.67 23.63 17.52
C VAL B 109 -12.71 22.76 18.22
N ILE B 110 -13.90 22.64 17.62
CA ILE B 110 -14.94 21.80 18.20
C ILE B 110 -14.53 20.33 18.15
N LEU B 111 -13.74 19.94 17.16
CA LEU B 111 -13.32 18.54 17.06
C LEU B 111 -12.49 18.13 18.27
N LEU B 112 -11.61 19.01 18.74
CA LEU B 112 -10.78 18.67 19.90
C LEU B 112 -11.63 18.39 21.12
N ASN B 113 -12.68 19.18 21.34
CA ASN B 113 -13.55 18.95 22.49
C ASN B 113 -14.29 17.63 22.38
N TRP B 114 -14.72 17.26 21.17
CA TRP B 114 -15.43 16.00 20.99
C TRP B 114 -14.54 14.81 21.32
N CYS B 115 -13.29 14.86 20.88
CA CYS B 115 -12.37 13.76 21.17
C CYS B 115 -12.15 13.59 22.67
N ALA B 116 -11.97 14.71 23.39
CA ALA B 116 -11.77 14.65 24.82
C ALA B 116 -13.08 14.39 25.58
N TRP B 117 -14.22 14.77 25.01
CA TRP B 117 -15.49 14.55 25.69
C TRP B 117 -15.77 13.07 25.88
N PHE B 118 -15.49 12.27 24.85
CA PHE B 118 -15.74 10.83 24.95
C PHE B 118 -14.90 10.19 26.05
N LEU B 119 -13.62 10.59 26.15
CA LEU B 119 -12.77 10.02 27.19
C LEU B 119 -13.29 10.37 28.58
N ARG B 120 -13.68 11.62 28.79
CA ARG B 120 -14.22 12.08 30.08
C ARG B 120 -15.46 12.94 29.77
N MET B 121 -16.61 12.30 29.69
CA MET B 121 -17.85 13.02 29.40
C MET B 121 -18.23 13.88 30.60
N LYS B 122 -18.71 15.10 30.31
CA LYS B 122 -19.15 16.00 31.36
C LYS B 122 -20.49 15.56 31.96
N ARG B 123 -21.20 14.66 31.30
CA ARG B 123 -22.49 14.20 31.80
C ARG B 123 -22.29 13.28 33.01
N PRO B 124 -23.35 13.06 33.78
CA PRO B 124 -23.21 12.18 34.97
C PRO B 124 -22.82 10.77 34.63
N GLY B 125 -23.00 10.33 33.38
CA GLY B 125 -22.66 8.96 33.04
C GLY B 125 -21.20 8.62 33.32
N GLU B 126 -20.30 9.56 33.04
CA GLU B 126 -18.88 9.38 33.30
C GLU B 126 -18.29 10.42 34.23
N ASP B 127 -18.88 11.62 34.32
CA ASP B 127 -18.36 12.63 35.23
C ASP B 127 -18.54 12.23 36.69
N LYS B 128 -19.66 11.57 37.01
CA LYS B 128 -19.93 11.15 38.38
C LYS B 128 -19.43 9.74 38.67
N VAL B 129 -19.41 8.87 37.65
CA VAL B 129 -18.94 7.49 37.83
C VAL B 129 -17.43 7.51 37.60
N ARG B 130 -16.70 7.81 38.65
CA ARG B 130 -15.24 7.86 38.60
C ARG B 130 -14.72 8.04 40.03
N PRO B 131 -13.49 7.60 40.30
CA PRO B 131 -12.93 7.76 41.65
C PRO B 131 -12.86 9.22 42.06
N ALA B 132 -13.12 9.48 43.33
CA ALA B 132 -13.08 10.84 43.87
C ALA B 132 -12.73 10.77 45.34
N CYS B 133 -11.95 11.75 45.80
CA CYS B 133 -11.53 11.81 47.20
C CYS B 133 -11.15 13.26 47.51
N GLN B 134 -10.66 13.49 48.72
CA GLN B 134 -10.24 14.81 49.17
C GLN B 134 -8.75 15.04 49.02
N HIS B 135 -8.05 14.14 48.33
CA HIS B 135 -6.60 14.27 48.17
C HIS B 135 -6.27 15.46 47.27
N LYS B 136 -5.03 15.94 47.38
CA LYS B 136 -4.60 17.09 46.61
C LYS B 136 -4.52 16.81 45.11
N GLN B 137 -4.58 15.54 44.69
CA GLN B 137 -4.51 15.22 43.28
C GLN B 137 -5.72 15.72 42.51
N ARG B 138 -6.84 15.95 43.19
CA ARG B 138 -8.07 16.43 42.56
C ARG B 138 -8.22 17.95 42.68
N ARG B 139 -7.23 18.64 43.21
CA ARG B 139 -7.30 20.08 43.39
C ARG B 139 -6.73 20.81 42.18
N CYS B 140 -6.84 22.14 42.19
CA CYS B 140 -6.35 22.98 41.11
C CYS B 140 -5.64 24.19 41.71
N SER B 141 -4.75 24.77 40.92
CA SER B 141 -3.96 25.92 41.36
C SER B 141 -3.70 26.80 40.14
N LEU B 142 -2.78 27.76 40.30
CA LEU B 142 -2.47 28.67 39.20
C LEU B 142 -1.88 27.92 38.01
N ALA B 143 -1.06 26.90 38.27
CA ALA B 143 -0.45 26.15 37.18
C ALA B 143 -1.51 25.46 36.34
N SER B 144 -2.52 24.86 36.98
CA SER B 144 -3.56 24.17 36.23
C SER B 144 -4.36 25.13 35.36
N VAL B 145 -4.69 26.31 35.88
CA VAL B 145 -5.46 27.31 35.16
C VAL B 145 -4.48 28.18 34.39
N GLU B 146 -4.43 27.99 33.07
CA GLU B 146 -3.54 28.75 32.20
C GLU B 146 -4.27 29.88 31.47
N MET B 147 -5.36 30.40 32.06
CA MET B 147 -6.10 31.48 31.43
C MET B 147 -5.31 32.78 31.39
N SER B 148 -4.34 32.96 32.29
CA SER B 148 -3.52 34.16 32.36
C SER B 148 -2.11 33.90 31.84
N ALA B 149 -2.00 33.06 30.82
CA ALA B 149 -0.70 32.73 30.22
C ALA B 149 0.24 32.12 31.25
N VAL B 150 -0.29 31.19 32.04
CA VAL B 150 0.49 30.49 33.06
C VAL B 150 1.04 29.20 32.45
N ALA B 151 2.32 28.96 32.65
CA ALA B 151 2.95 27.76 32.10
C ALA B 151 2.34 26.52 32.75
N PRO B 152 1.95 25.52 31.97
CA PRO B 152 1.36 24.31 32.57
C PRO B 152 2.41 23.50 33.30
N PRO B 153 2.01 22.62 34.22
CA PRO B 153 2.98 21.79 34.94
C PRO B 153 3.77 20.94 33.97
N PRO B 154 5.06 20.71 34.25
CA PRO B 154 5.87 19.87 33.35
C PRO B 154 5.23 18.50 33.14
N ALA B 155 5.00 18.15 31.89
CA ALA B 155 4.41 16.87 31.54
C ALA B 155 4.82 16.48 30.14
N SER B 156 4.71 15.19 29.84
CA SER B 156 5.03 14.64 28.53
C SER B 156 3.81 14.53 27.62
N ASN B 157 2.65 15.01 28.07
CA ASN B 157 1.42 14.91 27.30
C ASN B 157 1.23 16.08 26.36
N GLY B 158 2.17 17.01 26.28
CA GLY B 158 2.05 18.16 25.40
C GLY B 158 2.07 19.47 26.15
N ASN B 159 2.73 19.51 27.29
CA ASN B 159 2.86 20.72 28.11
C ASN B 159 4.25 21.30 28.09
N LEU B 160 5.27 20.50 28.42
CA LEU B 160 6.65 20.97 28.39
C LEU B 160 7.34 20.70 27.06
N LEU B 161 6.95 19.62 26.37
CA LEU B 161 7.59 19.31 25.09
C LEU B 161 7.32 20.40 24.06
N TYR B 162 6.09 20.91 24.02
CA TYR B 162 5.75 21.93 23.03
C TYR B 162 6.54 23.22 23.28
N ILE B 163 6.71 23.59 24.55
CA ILE B 163 7.39 24.85 24.86
C ILE B 163 8.83 24.82 24.37
N GLY B 164 9.51 23.69 24.54
CA GLY B 164 10.89 23.56 24.10
C GLY B 164 11.04 23.62 22.59
N PHE B 165 10.18 22.90 21.87
CA PHE B 165 10.27 22.82 20.42
C PHE B 165 9.45 23.91 19.73
N ARG B 166 8.18 24.07 20.13
CA ARG B 166 7.30 25.04 19.48
C ARG B 166 7.42 26.44 20.07
N GLY B 167 8.26 26.63 21.09
CA GLY B 167 8.44 27.95 21.67
C GLY B 167 9.38 28.81 20.85
N LEU B 168 8.99 29.11 19.61
CA LEU B 168 9.82 29.92 18.74
C LEU B 168 9.87 31.36 19.25
N ASP B 169 10.95 32.05 18.90
CA ASP B 169 11.17 33.43 19.32
C ASP B 169 11.13 33.55 20.84
N GLY B 170 11.66 32.54 21.52
CA GLY B 170 11.68 32.54 22.97
C GLY B 170 13.07 32.26 23.52
N VAL B 171 13.13 31.75 24.76
CA VAL B 171 14.42 31.46 25.38
C VAL B 171 15.17 30.40 24.60
N HIS B 172 14.45 29.39 24.10
CA HIS B 172 15.10 28.31 23.38
C HIS B 172 15.80 28.82 22.12
N CYS B 173 15.14 29.72 21.38
CA CYS B 173 15.70 30.22 20.12
C CYS B 173 16.49 31.51 20.34
N VAL B 174 15.85 32.53 20.89
CA VAL B 174 16.47 33.84 21.09
C VAL B 174 16.39 34.21 22.56
N PRO B 175 17.40 33.89 23.38
CA PRO B 175 17.33 34.24 24.80
C PRO B 175 17.54 35.73 25.03
N THR B 176 16.50 36.53 24.81
CA THR B 176 16.62 37.97 24.98
C THR B 176 17.02 38.35 26.40
N PRO B 177 16.43 37.81 27.46
CA PRO B 177 16.83 38.19 28.81
C PRO B 177 18.31 37.93 29.06
N ASP B 178 18.99 38.92 29.64
CA ASP B 178 20.41 38.81 29.93
C ASP B 178 20.59 38.05 31.22
N SER B 179 20.98 36.78 31.11
CA SER B 179 21.20 35.93 32.27
C SER B 179 22.66 35.86 32.70
N GLY B 180 23.59 36.06 31.77
CA GLY B 180 25.00 36.02 32.11
C GLY B 180 25.46 34.68 32.63
N VAL B 181 25.01 33.59 32.01
CA VAL B 181 25.38 32.24 32.39
C VAL B 181 26.28 31.59 31.34
N VAL B 182 25.87 31.65 30.07
CA VAL B 182 26.67 31.07 29.00
C VAL B 182 27.93 31.88 28.75
N CYS B 183 27.94 33.16 29.09
CA CYS B 183 29.11 34.02 28.88
C CYS B 183 29.44 34.85 30.12
N GLY B 184 28.83 34.55 31.26
CA GLY B 184 29.11 35.28 32.49
C GLY B 184 29.46 34.39 33.66
N ARG B 185 29.24 33.08 33.49
CA ARG B 185 29.53 32.10 34.52
C ARG B 185 30.30 30.94 33.91
N MET B 186 30.60 29.93 34.72
CA MET B 186 31.34 28.74 34.28
C MET B 186 30.41 27.56 34.08
N ALA B 187 29.20 27.79 33.57
CA ALA B 187 28.23 26.72 33.34
C ALA B 187 28.55 26.06 32.01
N CYS B 188 29.62 25.27 32.02
CA CYS B 188 30.07 24.52 30.84
C CYS B 188 30.39 25.46 29.68
N SER B 189 30.87 26.67 29.98
CA SER B 189 31.22 27.62 28.95
C SER B 189 32.21 28.63 29.55
N PRO B 190 33.14 29.15 28.76
CA PRO B 190 34.07 30.15 29.29
C PRO B 190 33.35 31.42 29.70
N THR B 191 33.94 32.11 30.70
CA THR B 191 33.39 33.38 31.18
C THR B 191 33.85 34.51 30.26
N HIS B 192 33.22 34.55 29.08
CA HIS B 192 33.52 35.55 28.07
C HIS B 192 34.99 35.52 27.69
N ASP B 193 35.45 34.34 27.28
CA ASP B 193 36.84 34.11 26.88
C ASP B 193 36.95 34.37 25.39
N GLU B 194 37.43 35.56 25.03
CA GLU B 194 37.60 35.93 23.63
C GLU B 194 38.85 35.33 23.01
N HIS B 195 39.74 34.76 23.81
CA HIS B 195 40.99 34.17 23.32
C HIS B 195 41.01 32.65 23.55
N LEU B 196 39.85 32.00 23.34
CA LEU B 196 39.74 30.56 23.52
C LEU B 196 40.24 29.87 22.26
N LEU B 197 41.57 29.80 22.14
CA LEU B 197 42.23 29.19 21.00
C LEU B 197 42.68 27.79 21.39
N HIS B 198 42.19 26.78 20.68
CA HIS B 198 42.56 25.39 20.93
C HIS B 198 43.78 25.05 20.08
N GLY B 199 44.95 25.40 20.62
CA GLY B 199 46.19 25.20 19.89
C GLY B 199 46.43 26.17 18.77
N GLY B 200 45.80 27.34 18.80
CA GLY B 200 45.94 28.34 17.76
C GLY B 200 44.77 28.41 16.80
N GLN B 201 43.89 27.41 16.80
CA GLN B 201 42.73 27.40 15.93
C GLN B 201 41.57 28.14 16.58
N PRO B 202 40.58 28.57 15.80
CA PRO B 202 39.43 29.26 16.37
C PRO B 202 38.65 28.35 17.30
N PRO B 203 37.60 28.87 17.95
CA PRO B 203 36.82 28.01 18.86
C PRO B 203 36.27 26.77 18.17
N GLU B 204 35.86 26.89 16.92
CA GLU B 204 35.34 25.76 16.16
C GLU B 204 36.49 25.00 15.53
N GLY B 205 36.54 23.69 15.75
CA GLY B 205 37.62 22.88 15.22
C GLY B 205 37.64 22.88 13.70
N ASP B 206 36.48 22.80 13.06
CA ASP B 206 36.38 22.79 11.62
C ASP B 206 35.11 23.49 11.16
N PRO B 207 35.20 24.68 10.55
CA PRO B 207 33.98 25.35 10.08
C PRO B 207 33.25 24.57 9.00
N ASP B 208 33.91 23.64 8.32
CA ASP B 208 33.25 22.87 7.27
C ASP B 208 32.12 22.00 7.82
N LEU B 209 32.15 21.67 9.10
CA LEU B 209 31.10 20.86 9.68
C LEU B 209 29.77 21.61 9.78
N ALA B 210 29.80 22.94 9.77
CA ALA B 210 28.56 23.70 9.82
C ALA B 210 27.70 23.44 8.59
N LYS B 211 28.32 23.37 7.41
CA LYS B 211 27.56 23.07 6.20
C LYS B 211 26.95 21.68 6.27
N ILE B 212 27.70 20.70 6.79
CA ILE B 212 27.18 19.35 6.91
C ILE B 212 25.98 19.31 7.85
N LEU B 213 26.06 20.05 8.96
CA LEU B 213 24.95 20.08 9.91
C LEU B 213 23.69 20.63 9.26
N GLU B 214 23.82 21.71 8.49
CA GLU B 214 22.67 22.26 7.78
C GLU B 214 22.14 21.26 6.75
N GLU B 215 23.04 20.61 6.00
CA GLU B 215 22.60 19.62 5.03
C GLU B 215 21.95 18.42 5.73
N VAL B 216 22.54 17.97 6.84
CA VAL B 216 21.96 16.86 7.59
C VAL B 216 20.62 17.28 8.20
N ARG B 217 20.52 18.52 8.66
CA ARG B 217 19.27 19.00 9.23
C ARG B 217 18.14 18.95 8.21
N TYR B 218 18.46 19.15 6.93
CA TYR B 218 17.42 19.07 5.90
C TYR B 218 16.82 17.67 5.84
N ILE B 219 17.65 16.63 5.93
CA ILE B 219 17.15 15.27 5.96
C ILE B 219 16.27 15.05 7.18
N ALA B 220 16.73 15.52 8.34
CA ALA B 220 15.92 15.41 9.56
C ALA B 220 14.69 16.30 9.47
N ASN B 221 14.80 17.46 8.82
CA ASN B 221 13.64 18.32 8.66
C ASN B 221 12.56 17.67 7.81
N ARG B 222 12.97 16.95 6.77
CA ARG B 222 11.99 16.22 5.95
C ARG B 222 11.25 15.18 6.76
N PHE B 223 11.98 14.45 7.62
CA PHE B 223 11.32 13.49 8.49
C PHE B 223 10.46 14.18 9.54
N ARG B 224 10.85 15.38 9.97
CA ARG B 224 10.03 16.12 10.92
C ARG B 224 8.68 16.47 10.30
N CYS B 225 8.67 16.87 9.03
CA CYS B 225 7.41 17.15 8.36
C CYS B 225 6.53 15.90 8.29
N GLN B 226 7.14 14.75 7.98
CA GLN B 226 6.38 13.51 7.96
C GLN B 226 5.85 13.17 9.35
N ASP B 227 6.69 13.34 10.38
CA ASP B 227 6.23 13.14 11.75
C ASP B 227 5.16 14.16 12.12
N GLU B 228 5.36 15.42 11.72
CA GLU B 228 4.35 16.44 11.98
C GLU B 228 3.06 16.16 11.21
N SER B 229 3.18 15.60 10.01
CA SER B 229 1.98 15.26 9.24
C SER B 229 1.14 14.22 9.97
N GLU B 230 1.78 13.23 10.58
CA GLU B 230 1.05 12.24 11.35
C GLU B 230 0.33 12.86 12.54
N ALA B 231 0.98 13.81 13.22
CA ALA B 231 0.32 14.50 14.32
C ALA B 231 -0.88 15.31 13.84
N VAL B 232 -0.72 16.00 12.70
CA VAL B 232 -1.85 16.73 12.13
C VAL B 232 -2.89 15.75 11.59
N CYS B 233 -2.43 14.67 10.96
CA CYS B 233 -3.35 13.67 10.44
C CYS B 233 -4.08 12.93 11.56
N SER B 234 -3.55 12.97 12.79
CA SER B 234 -4.21 12.31 13.91
C SER B 234 -5.58 12.92 14.15
N GLU B 235 -5.67 14.26 14.12
CA GLU B 235 -6.97 14.91 14.26
C GLU B 235 -7.92 14.52 13.14
N TRP B 236 -7.40 14.49 11.90
CA TRP B 236 -8.23 14.06 10.78
C TRP B 236 -8.64 12.59 10.93
N LYS B 237 -7.72 11.74 11.38
CA LYS B 237 -8.06 10.34 11.60
C LYS B 237 -9.13 10.20 12.67
N PHE B 238 -9.02 10.95 13.76
CA PHE B 238 -10.03 10.92 14.81
C PHE B 238 -11.33 11.58 14.36
N ALA B 239 -11.27 12.47 13.36
CA ALA B 239 -12.49 13.11 12.87
C ALA B 239 -13.45 12.09 12.29
N ALA B 240 -12.92 11.10 11.56
CA ALA B 240 -13.77 10.05 11.01
C ALA B 240 -14.25 9.10 12.10
N CYS B 241 -13.44 8.89 13.15
CA CYS B 241 -13.85 8.00 14.23
C CYS B 241 -15.03 8.58 15.00
N VAL B 242 -14.98 9.88 15.31
CA VAL B 242 -16.07 10.50 16.06
C VAL B 242 -17.35 10.53 15.22
N VAL B 243 -17.20 10.73 13.91
CA VAL B 243 -18.38 10.75 13.03
C VAL B 243 -19.07 9.39 13.04
N ASP B 244 -18.28 8.31 12.94
CA ASP B 244 -18.86 6.97 13.02
C ASP B 244 -19.40 6.69 14.42
N ARG B 245 -18.66 7.11 15.46
CA ARG B 245 -19.13 6.92 16.82
C ARG B 245 -20.39 7.72 17.09
N LEU B 246 -20.44 8.97 16.60
CA LEU B 246 -21.62 9.79 16.80
C LEU B 246 -22.82 9.20 16.09
N CYS B 247 -22.63 8.68 14.87
CA CYS B 247 -23.73 8.08 14.13
C CYS B 247 -24.24 6.82 14.82
N LEU B 248 -23.37 6.12 15.55
CA LEU B 248 -23.80 4.92 16.25
C LEU B 248 -24.86 5.23 17.30
N MET B 249 -24.68 6.33 18.04
CA MET B 249 -25.67 6.71 19.04
C MET B 249 -26.92 7.30 18.40
N ALA B 250 -26.77 7.95 17.24
CA ALA B 250 -27.94 8.52 16.57
C ALA B 250 -28.83 7.43 15.99
N PHE B 251 -28.23 6.37 15.44
CA PHE B 251 -29.00 5.27 14.87
C PHE B 251 -29.46 4.28 15.92
N SER B 252 -28.94 4.35 17.15
CA SER B 252 -29.39 3.44 18.19
C SER B 252 -30.86 3.64 18.51
N VAL B 253 -31.30 4.90 18.57
CA VAL B 253 -32.70 5.19 18.85
C VAL B 253 -33.58 4.63 17.75
N PHE B 254 -33.18 4.81 16.48
CA PHE B 254 -33.97 4.29 15.38
C PHE B 254 -34.06 2.77 15.44
N THR B 255 -32.95 2.10 15.76
CA THR B 255 -32.97 0.64 15.87
C THR B 255 -33.90 0.20 16.98
N ILE B 256 -33.87 0.90 18.12
CA ILE B 256 -34.75 0.55 19.23
C ILE B 256 -36.20 0.74 18.83
N ILE B 257 -36.50 1.83 18.12
CA ILE B 257 -37.88 2.08 17.69
C ILE B 257 -38.35 0.96 16.76
N CYS B 258 -37.49 0.57 15.81
CA CYS B 258 -37.87 -0.51 14.89
C CYS B 258 -38.10 -1.81 15.64
N THR B 259 -37.25 -2.12 16.61
CA THR B 259 -37.43 -3.34 17.39
C THR B 259 -38.73 -3.30 18.18
N ILE B 260 -39.05 -2.13 18.77
CA ILE B 260 -40.28 -2.01 19.53
C ILE B 260 -41.49 -2.17 18.61
N GLY B 261 -41.42 -1.64 17.39
CA GLY B 261 -42.54 -1.74 16.48
C GLY B 261 -42.90 -3.17 16.14
N ILE B 262 -41.88 -4.00 15.85
CA ILE B 262 -42.13 -5.40 15.52
C ILE B 262 -42.52 -6.23 16.73
N LEU B 263 -42.32 -5.70 17.94
CA LEU B 263 -42.69 -6.44 19.14
C LEU B 263 -44.20 -6.45 19.40
N MET B 264 -44.94 -5.52 18.82
CA MET B 264 -46.38 -5.42 19.00
C MET B 264 -47.17 -5.53 17.71
N SER B 265 -46.60 -5.12 16.58
CA SER B 265 -47.31 -5.18 15.31
C SER B 265 -47.11 -6.49 14.57
N ALA B 266 -46.01 -7.21 14.83
CA ALA B 266 -45.78 -8.47 14.14
C ALA B 266 -46.88 -9.49 14.42
N PRO B 267 -47.32 -9.70 15.67
CA PRO B 267 -48.38 -10.71 15.89
C PRO B 267 -49.67 -10.40 15.18
N ASN B 268 -49.95 -9.14 14.87
CA ASN B 268 -51.19 -8.76 14.19
C ASN B 268 -51.04 -8.60 12.69
N PHE B 269 -49.82 -8.34 12.21
CA PHE B 269 -49.56 -8.17 10.78
C PHE B 269 -48.69 -9.27 10.21
N VAL B 270 -47.53 -9.53 10.80
CA VAL B 270 -46.63 -10.57 10.32
C VAL B 270 -47.05 -11.92 10.88
N LEU C 7 -30.00 -40.00 -3.03
CA LEU C 7 -30.49 -38.71 -2.57
C LEU C 7 -30.15 -37.62 -3.59
N TYR C 8 -31.13 -37.31 -4.45
CA TYR C 8 -30.91 -36.28 -5.46
C TYR C 8 -30.66 -34.92 -4.81
N TYR C 9 -31.45 -34.58 -3.79
CA TYR C 9 -31.26 -33.30 -3.11
C TYR C 9 -30.00 -33.31 -2.24
N GLY C 10 -29.67 -34.45 -1.64
CA GLY C 10 -28.48 -34.54 -0.81
C GLY C 10 -27.19 -34.55 -1.59
N LEU C 11 -27.23 -34.93 -2.86
CA LEU C 11 -26.03 -34.96 -3.69
C LEU C 11 -25.70 -33.61 -4.30
N ASN C 12 -26.61 -32.63 -4.22
CA ASN C 12 -26.39 -31.32 -4.79
C ASN C 12 -26.52 -30.18 -3.79
N LEU C 13 -27.11 -30.44 -2.61
CA LEU C 13 -27.28 -29.41 -1.59
C LEU C 13 -26.54 -29.71 -0.31
N LEU C 14 -26.54 -30.97 0.15
CA LEU C 14 -25.81 -31.31 1.36
C LEU C 14 -24.31 -31.32 1.11
N ILE C 15 -23.88 -31.76 -0.07
CA ILE C 15 -22.45 -31.82 -0.38
C ILE C 15 -21.81 -30.44 -0.31
N PRO C 16 -22.33 -29.41 -1.00
CA PRO C 16 -21.71 -28.08 -0.88
C PRO C 16 -21.76 -27.51 0.52
N CYS C 17 -22.71 -27.94 1.35
CA CYS C 17 -22.79 -27.41 2.72
C CYS C 17 -21.54 -27.73 3.51
N VAL C 18 -21.03 -28.96 3.38
CA VAL C 18 -19.83 -29.36 4.12
C VAL C 18 -18.62 -28.59 3.59
N LEU C 19 -18.56 -28.38 2.26
CA LEU C 19 -17.43 -27.65 1.69
C LEU C 19 -17.35 -26.22 2.22
N ILE C 20 -18.49 -25.55 2.34
CA ILE C 20 -18.50 -24.18 2.85
C ILE C 20 -17.98 -24.14 4.28
N SER C 21 -18.45 -25.06 5.12
CA SER C 21 -17.98 -25.11 6.50
C SER C 21 -16.48 -25.43 6.56
N ALA C 22 -16.03 -26.37 5.72
CA ALA C 22 -14.61 -26.72 5.72
C ALA C 22 -13.75 -25.56 5.25
N LEU C 23 -14.21 -24.81 4.25
CA LEU C 23 -13.44 -23.68 3.75
C LEU C 23 -13.31 -22.59 4.80
N ALA C 24 -14.34 -22.39 5.63
CA ALA C 24 -14.27 -21.36 6.65
C ALA C 24 -13.18 -21.66 7.67
N LEU C 25 -12.89 -22.95 7.92
CA LEU C 25 -11.86 -23.30 8.88
C LEU C 25 -10.48 -22.83 8.42
N LEU C 26 -10.22 -22.86 7.12
CA LEU C 26 -8.93 -22.42 6.61
C LEU C 26 -8.75 -20.90 6.71
N VAL C 27 -9.85 -20.15 6.78
CA VAL C 27 -9.74 -18.69 6.89
C VAL C 27 -9.17 -18.30 8.24
N PHE C 28 -9.46 -19.07 9.29
CA PHE C 28 -8.98 -18.74 10.62
C PHE C 28 -7.47 -18.89 10.75
N LEU C 29 -6.85 -19.69 9.89
CA LEU C 29 -5.41 -19.92 9.96
C LEU C 29 -4.61 -18.93 9.12
N LEU C 30 -5.27 -18.00 8.44
CA LEU C 30 -4.56 -17.02 7.62
C LEU C 30 -3.87 -15.99 8.51
N PRO C 31 -2.77 -15.42 8.04
CA PRO C 31 -2.08 -14.41 8.85
C PRO C 31 -2.92 -13.16 9.05
N ALA C 32 -2.72 -12.52 10.20
CA ALA C 32 -3.45 -11.30 10.51
C ALA C 32 -2.96 -10.10 9.71
N ASP C 33 -1.71 -10.15 9.23
CA ASP C 33 -1.17 -9.04 8.46
C ASP C 33 -1.82 -8.88 7.09
N SER C 34 -2.58 -9.88 6.63
CA SER C 34 -3.24 -9.81 5.33
C SER C 34 -4.54 -9.03 5.48
N GLY C 35 -4.51 -7.74 5.12
CA GLY C 35 -5.70 -6.91 5.20
C GLY C 35 -6.66 -7.07 4.03
N GLU C 36 -6.27 -7.80 3.00
CA GLU C 36 -7.11 -8.02 1.83
C GLU C 36 -7.92 -9.32 1.92
N LYS C 37 -7.83 -10.04 3.03
CA LYS C 37 -8.56 -11.29 3.17
C LYS C 37 -10.03 -11.09 3.51
N ILE C 38 -10.45 -9.86 3.80
CA ILE C 38 -11.85 -9.61 4.11
C ILE C 38 -12.73 -9.95 2.92
N SER C 39 -12.21 -9.80 1.70
CA SER C 39 -12.99 -10.12 0.51
C SER C 39 -13.24 -11.62 0.40
N LEU C 40 -12.35 -12.44 0.94
CA LEU C 40 -12.55 -13.89 0.88
C LEU C 40 -13.80 -14.31 1.65
N GLY C 41 -14.03 -13.70 2.83
CA GLY C 41 -15.20 -14.04 3.61
C GLY C 41 -16.49 -13.68 2.92
N ILE C 42 -16.50 -12.59 2.15
CA ILE C 42 -17.71 -12.19 1.44
C ILE C 42 -18.12 -13.27 0.43
N THR C 43 -17.13 -13.81 -0.30
CA THR C 43 -17.45 -14.83 -1.29
C THR C 43 -18.04 -16.07 -0.64
N VAL C 44 -17.49 -16.49 0.51
CA VAL C 44 -18.02 -17.65 1.20
C VAL C 44 -19.46 -17.41 1.63
N LEU C 45 -19.73 -16.22 2.20
CA LEU C 45 -21.09 -15.90 2.60
C LEU C 45 -22.00 -15.73 1.39
N LEU C 46 -21.50 -15.10 0.33
CA LEU C 46 -22.31 -14.90 -0.87
C LEU C 46 -22.68 -16.23 -1.51
N SER C 47 -21.72 -17.17 -1.57
CA SER C 47 -22.00 -18.46 -2.18
C SER C 47 -23.07 -19.22 -1.40
N LEU C 48 -23.02 -19.16 -0.07
CA LEU C 48 -24.02 -19.87 0.74
C LEU C 48 -25.41 -19.30 0.51
N THR C 49 -25.53 -17.98 0.40
CA THR C 49 -26.84 -17.37 0.16
C THR C 49 -27.40 -17.78 -1.20
N VAL C 50 -26.55 -17.86 -2.22
CA VAL C 50 -27.01 -18.24 -3.54
C VAL C 50 -27.56 -19.66 -3.53
N PHE C 51 -26.85 -20.58 -2.87
CA PHE C 51 -27.31 -21.96 -2.79
C PHE C 51 -28.53 -22.10 -1.90
N MET C 52 -28.69 -21.20 -0.92
CA MET C 52 -29.85 -21.27 -0.04
C MET C 52 -31.14 -20.87 -0.74
N LEU C 53 -31.03 -20.05 -1.79
CA LEU C 53 -32.21 -19.62 -2.53
C LEU C 53 -32.87 -20.80 -3.25
N LEU C 54 -32.09 -21.76 -3.73
CA LEU C 54 -32.67 -22.90 -4.43
C LEU C 54 -33.58 -23.70 -3.52
N VAL C 55 -33.17 -23.91 -2.27
CA VAL C 55 -33.99 -24.68 -1.34
C VAL C 55 -35.29 -23.94 -1.05
N ALA C 56 -35.23 -22.61 -0.92
CA ALA C 56 -36.44 -21.84 -0.64
C ALA C 56 -37.48 -21.99 -1.75
N GLU C 57 -37.03 -22.28 -2.97
CA GLU C 57 -37.97 -22.46 -4.07
C GLU C 57 -38.70 -23.81 -3.99
N ILE C 58 -38.08 -24.81 -3.37
CA ILE C 58 -38.68 -26.13 -3.22
C ILE C 58 -39.07 -26.43 -1.79
N MET C 59 -38.68 -25.62 -0.82
CA MET C 59 -39.04 -25.88 0.56
C MET C 59 -40.54 -25.73 0.74
N PRO C 60 -41.21 -26.68 1.41
CA PRO C 60 -42.66 -26.55 1.60
C PRO C 60 -43.00 -25.27 2.35
N SER C 61 -44.08 -24.63 1.93
CA SER C 61 -44.55 -23.39 2.55
C SER C 61 -45.46 -23.75 3.72
N THR C 62 -44.86 -23.94 4.88
CA THR C 62 -45.62 -24.28 6.08
C THR C 62 -46.18 -23.02 6.73
N SER C 63 -47.03 -23.22 7.74
CA SER C 63 -47.66 -22.12 8.45
C SER C 63 -46.81 -21.68 9.65
N ASP C 64 -46.55 -22.59 10.57
CA ASP C 64 -45.74 -22.28 11.75
C ASP C 64 -44.72 -23.35 12.09
N SER C 65 -44.65 -24.45 11.34
CA SER C 65 -43.69 -25.52 11.57
C SER C 65 -42.72 -25.52 10.40
N SER C 66 -41.63 -24.77 10.54
CA SER C 66 -40.65 -24.69 9.47
C SER C 66 -40.03 -26.05 9.23
N PRO C 67 -39.81 -26.45 7.98
CA PRO C 67 -39.17 -27.75 7.72
C PRO C 67 -37.76 -27.79 8.31
N SER C 68 -37.35 -28.99 8.73
CA SER C 68 -36.04 -29.18 9.32
C SER C 68 -34.90 -29.02 8.32
N ILE C 69 -35.20 -28.96 7.02
CA ILE C 69 -34.15 -28.82 6.02
C ILE C 69 -33.40 -27.51 6.21
N ALA C 70 -34.10 -26.44 6.59
CA ALA C 70 -33.44 -25.16 6.81
C ALA C 70 -32.58 -25.16 8.06
N GLN C 71 -32.78 -26.11 8.96
CA GLN C 71 -31.96 -26.17 10.18
C GLN C 71 -30.50 -26.43 9.84
N TYR C 72 -30.24 -27.32 8.88
CA TYR C 72 -28.86 -27.63 8.52
C TYR C 72 -28.13 -26.39 7.99
N PHE C 73 -28.80 -25.61 7.12
CA PHE C 73 -28.19 -24.41 6.58
C PHE C 73 -28.17 -23.28 7.61
N ALA C 74 -29.20 -23.19 8.44
CA ALA C 74 -29.23 -22.16 9.46
C ALA C 74 -28.07 -22.31 10.45
N SER C 75 -27.80 -23.54 10.87
CA SER C 75 -26.70 -23.79 11.78
C SER C 75 -25.35 -23.48 11.13
N THR C 76 -25.20 -23.80 9.83
CA THR C 76 -23.95 -23.53 9.15
C THR C 76 -23.69 -22.03 9.03
N MET C 77 -24.75 -21.22 8.89
CA MET C 77 -24.58 -19.78 8.77
C MET C 77 -23.97 -19.16 10.03
N ILE C 78 -24.09 -19.84 11.18
CA ILE C 78 -23.50 -19.31 12.41
C ILE C 78 -21.98 -19.24 12.27
N ILE C 79 -21.37 -20.33 11.77
CA ILE C 79 -19.93 -20.34 11.58
C ILE C 79 -19.53 -19.40 10.43
N VAL C 80 -20.27 -19.46 9.32
CA VAL C 80 -19.96 -18.60 8.19
C VAL C 80 -20.17 -17.14 8.56
N GLY C 81 -21.27 -16.84 9.25
CA GLY C 81 -21.53 -15.46 9.64
C GLY C 81 -20.48 -14.90 10.57
N LEU C 82 -20.03 -15.72 11.53
CA LEU C 82 -18.99 -15.28 12.46
C LEU C 82 -17.60 -15.29 11.83
N SER C 83 -17.42 -15.99 10.72
CA SER C 83 -16.11 -16.00 10.07
C SER C 83 -15.79 -14.67 9.43
N VAL C 84 -16.81 -13.89 9.03
CA VAL C 84 -16.55 -12.59 8.44
C VAL C 84 -16.34 -11.53 9.51
N VAL C 85 -17.05 -11.63 10.63
CA VAL C 85 -16.90 -10.64 11.70
C VAL C 85 -15.49 -10.67 12.26
N VAL C 86 -14.95 -11.87 12.48
CA VAL C 86 -13.61 -11.99 13.05
C VAL C 86 -12.58 -11.40 12.09
N THR C 87 -12.78 -11.60 10.78
CA THR C 87 -11.84 -11.07 9.80
C THR C 87 -11.80 -9.55 9.80
N VAL C 88 -12.89 -8.89 10.21
CA VAL C 88 -12.89 -7.44 10.28
C VAL C 88 -12.23 -6.96 11.57
N ILE C 89 -12.31 -7.74 12.64
CA ILE C 89 -11.67 -7.38 13.90
C ILE C 89 -10.15 -7.42 13.78
N VAL C 90 -9.63 -8.09 12.74
CA VAL C 90 -8.18 -8.18 12.58
C VAL C 90 -7.57 -6.79 12.46
N LEU C 91 -8.17 -5.93 11.64
CA LEU C 91 -7.68 -4.57 11.48
C LEU C 91 -7.99 -3.69 12.69
N GLN C 92 -8.99 -4.07 13.49
CA GLN C 92 -9.33 -3.26 14.66
C GLN C 92 -8.18 -3.22 15.65
N TYR C 93 -7.55 -4.37 15.91
CA TYR C 93 -6.44 -4.42 16.86
C TYR C 93 -5.15 -3.90 16.25
N HIS C 94 -4.94 -4.10 14.95
CA HIS C 94 -3.70 -3.66 14.32
C HIS C 94 -3.54 -2.14 14.40
N HIS C 95 -4.61 -1.40 14.11
CA HIS C 95 -4.54 0.05 14.18
C HIS C 95 -4.53 0.55 15.61
N HIS C 96 -5.32 -0.08 16.50
CA HIS C 96 -5.40 0.31 17.90
C HIS C 96 -5.81 1.79 18.02
N ASP C 97 -6.93 2.11 17.39
CA ASP C 97 -7.46 3.46 17.40
C ASP C 97 -8.30 3.69 18.64
N PRO C 98 -8.55 4.96 19.01
CA PRO C 98 -9.36 5.23 20.20
C PRO C 98 -10.77 4.67 20.12
N ASP C 99 -11.31 4.49 18.91
CA ASP C 99 -12.66 3.97 18.75
C ASP C 99 -12.73 2.45 18.81
N GLY C 100 -11.58 1.77 18.90
CA GLY C 100 -11.58 0.32 18.98
C GLY C 100 -10.18 -0.26 18.98
N GLY C 101 -9.95 -1.26 19.83
CA GLY C 101 -8.65 -1.89 19.91
C GLY C 101 -8.46 -2.54 21.26
N LYS C 102 -7.21 -2.88 21.55
CA LYS C 102 -6.84 -3.50 22.82
C LYS C 102 -6.46 -2.45 23.85
N MET C 103 -7.34 -1.48 24.07
CA MET C 103 -7.07 -0.41 25.02
C MET C 103 -6.83 -0.93 26.43
N PRO C 104 -7.66 -1.81 26.98
CA PRO C 104 -7.44 -2.27 28.35
C PRO C 104 -6.06 -2.89 28.52
N LYS C 105 -5.38 -2.53 29.62
CA LYS C 105 -4.07 -3.07 29.92
C LYS C 105 -4.15 -4.50 30.46
N TRP C 106 -5.25 -4.84 31.13
CA TRP C 106 -5.38 -6.17 31.71
C TRP C 106 -5.36 -7.25 30.63
N THR C 107 -6.05 -7.01 29.51
CA THR C 107 -6.09 -8.00 28.44
C THR C 107 -4.71 -8.21 27.84
N ARG C 108 -3.85 -7.19 27.85
CA ARG C 108 -2.51 -7.34 27.30
C ARG C 108 -1.70 -8.37 28.07
N VAL C 109 -1.81 -8.36 29.40
CA VAL C 109 -1.08 -9.33 30.21
C VAL C 109 -1.54 -10.75 29.89
N ILE C 110 -2.86 -10.95 29.78
CA ILE C 110 -3.38 -12.27 29.44
C ILE C 110 -3.00 -12.64 28.01
N LEU C 111 -2.87 -11.65 27.13
CA LEU C 111 -2.53 -11.94 25.74
C LEU C 111 -1.16 -12.61 25.64
N LEU C 112 -0.19 -12.15 26.44
CA LEU C 112 1.14 -12.74 26.39
C LEU C 112 1.11 -14.22 26.75
N ASN C 113 0.31 -14.58 27.76
CA ASN C 113 0.22 -15.98 28.14
C ASN C 113 -0.41 -16.82 27.03
N TRP C 114 -1.42 -16.28 26.35
CA TRP C 114 -2.06 -17.03 25.28
C TRP C 114 -1.09 -17.32 24.14
N CYS C 115 -0.27 -16.32 23.77
CA CYS C 115 0.69 -16.53 22.69
C CYS C 115 1.69 -17.62 23.03
N ALA C 116 2.20 -17.62 24.26
CA ALA C 116 3.15 -18.64 24.68
C ALA C 116 2.48 -19.97 25.00
N TRP C 117 1.19 -19.95 25.38
CA TRP C 117 0.50 -21.19 25.69
C TRP C 117 0.42 -22.11 24.47
N PHE C 118 0.14 -21.54 23.30
CA PHE C 118 0.03 -22.36 22.10
C PHE C 118 1.36 -23.02 21.76
N LEU C 119 2.47 -22.29 21.90
CA LEU C 119 3.77 -22.87 21.59
C LEU C 119 4.08 -24.04 22.53
N ARG C 120 3.83 -23.86 23.82
CA ARG C 120 4.04 -24.92 24.83
C ARG C 120 2.83 -24.94 25.74
N MET C 121 1.83 -25.74 25.36
CA MET C 121 0.62 -25.85 26.15
C MET C 121 0.90 -26.59 27.46
N LYS C 122 0.31 -26.10 28.55
CA LYS C 122 0.48 -26.76 29.84
C LYS C 122 -0.29 -28.06 29.92
N ARG C 123 -1.23 -28.30 29.00
CA ARG C 123 -2.01 -29.53 29.03
C ARG C 123 -1.15 -30.71 28.59
N PRO C 124 -1.61 -31.94 28.89
CA PRO C 124 -0.81 -33.11 28.51
C PRO C 124 -0.62 -33.26 27.01
N GLY C 125 -1.43 -32.59 26.19
CA GLY C 125 -1.29 -32.72 24.75
C GLY C 125 0.08 -32.33 24.26
N GLU C 126 0.66 -31.27 24.82
CA GLU C 126 1.99 -30.83 24.47
C GLU C 126 2.97 -30.79 25.64
N ASP C 127 2.48 -30.66 26.88
CA ASP C 127 3.38 -30.66 28.03
C ASP C 127 4.04 -32.02 28.23
N LYS C 128 3.30 -33.11 27.98
CA LYS C 128 3.84 -34.45 28.14
C LYS C 128 4.46 -34.99 26.88
N VAL C 129 3.96 -34.59 25.71
CA VAL C 129 4.49 -35.07 24.42
C VAL C 129 5.62 -34.11 24.05
N ARG C 130 6.80 -34.40 24.57
CA ARG C 130 8.00 -33.60 24.32
C ARG C 130 9.20 -34.33 24.89
N PRO C 131 10.39 -34.09 24.36
CA PRO C 131 11.58 -34.77 24.90
C PRO C 131 11.82 -34.41 26.35
N ALA C 132 12.28 -35.40 27.11
CA ALA C 132 12.56 -35.20 28.53
C ALA C 132 13.62 -36.20 28.96
N CYS C 133 14.50 -35.76 29.86
CA CYS C 133 15.58 -36.60 30.37
C CYS C 133 16.02 -36.05 31.72
N GLN C 134 17.12 -36.59 32.24
CA GLN C 134 17.68 -36.16 33.51
C GLN C 134 18.84 -35.18 33.34
N HIS C 135 19.07 -34.69 32.13
CA HIS C 135 20.17 -33.77 31.89
C HIS C 135 19.93 -32.43 32.58
N LYS C 136 21.01 -31.71 32.82
CA LYS C 136 20.94 -30.43 33.52
C LYS C 136 20.21 -29.36 32.72
N GLN C 137 19.98 -29.58 31.42
CA GLN C 137 19.28 -28.60 30.61
C GLN C 137 17.82 -28.42 31.03
N ARG C 138 17.24 -29.42 31.70
CA ARG C 138 15.86 -29.35 32.15
C ARG C 138 15.73 -28.90 33.60
N ARG C 139 16.84 -28.54 34.24
CA ARG C 139 16.82 -28.12 35.64
C ARG C 139 16.61 -26.61 35.72
N CYS C 140 16.48 -26.12 36.96
CA CYS C 140 16.27 -24.71 37.21
C CYS C 140 17.14 -24.29 38.39
N SER C 141 17.44 -22.99 38.44
CA SER C 141 18.29 -22.43 39.49
C SER C 141 17.81 -21.01 39.78
N LEU C 142 18.63 -20.27 40.53
CA LEU C 142 18.26 -18.90 40.89
C LEU C 142 18.13 -18.02 39.65
N ALA C 143 19.00 -18.22 38.66
CA ALA C 143 18.94 -17.41 37.45
C ALA C 143 17.62 -17.60 36.72
N SER C 144 17.15 -18.85 36.62
CA SER C 144 15.89 -19.11 35.92
C SER C 144 14.72 -18.45 36.63
N VAL C 145 14.69 -18.53 37.97
CA VAL C 145 13.60 -17.95 38.76
C VAL C 145 13.97 -16.51 39.07
N GLU C 146 13.30 -15.57 38.41
CA GLU C 146 13.53 -14.14 38.59
C GLU C 146 12.48 -13.50 39.49
N MET C 147 11.90 -14.27 40.41
CA MET C 147 10.89 -13.73 41.31
C MET C 147 11.48 -12.77 42.32
N SER C 148 12.78 -12.89 42.63
CA SER C 148 13.46 -12.04 43.59
C SER C 148 14.38 -11.03 42.89
N ALA C 149 13.94 -10.53 41.72
CA ALA C 149 14.71 -9.56 40.95
C ALA C 149 16.09 -10.12 40.59
N VAL C 150 16.11 -11.36 40.13
CA VAL C 150 17.34 -12.03 39.72
C VAL C 150 17.51 -11.83 38.21
N ALA C 151 18.70 -11.42 37.81
CA ALA C 151 18.97 -11.19 36.40
C ALA C 151 18.87 -12.50 35.62
N PRO C 152 18.15 -12.53 34.51
CA PRO C 152 18.02 -13.78 33.75
C PRO C 152 19.33 -14.14 33.07
N PRO C 153 19.52 -15.40 32.69
CA PRO C 153 20.76 -15.79 32.00
C PRO C 153 20.94 -15.01 30.71
N PRO C 154 22.17 -14.65 30.35
CA PRO C 154 22.38 -13.91 29.09
C PRO C 154 21.79 -14.66 27.91
N ALA C 155 20.91 -13.97 27.17
CA ALA C 155 20.28 -14.55 26.00
C ALA C 155 19.89 -13.43 25.04
N SER C 156 19.67 -13.81 23.78
CA SER C 156 19.26 -12.89 22.74
C SER C 156 17.75 -12.87 22.53
N ASN C 157 16.99 -13.59 23.37
CA ASN C 157 15.55 -13.67 23.23
C ASN C 157 14.82 -12.57 24.00
N GLY C 158 15.54 -11.65 24.63
CA GLY C 158 14.91 -10.58 25.39
C GLY C 158 15.27 -10.60 26.85
N ASN C 159 16.46 -11.10 27.17
CA ASN C 159 16.95 -11.16 28.55
C ASN C 159 18.09 -10.18 28.80
N LEU C 160 19.15 -10.23 27.99
CA LEU C 160 20.28 -9.32 28.14
C LEU C 160 20.14 -8.08 27.28
N LEU C 161 19.49 -8.19 26.12
CA LEU C 161 19.34 -7.03 25.24
C LEU C 161 18.52 -5.93 25.92
N TYR C 162 17.44 -6.32 26.61
CA TYR C 162 16.60 -5.32 27.27
C TYR C 162 17.35 -4.61 28.39
N ILE C 163 18.19 -5.33 29.13
CA ILE C 163 18.90 -4.72 30.25
C ILE C 163 19.83 -3.62 29.76
N GLY C 164 20.49 -3.82 28.63
CA GLY C 164 21.40 -2.83 28.09
C GLY C 164 20.69 -1.60 27.55
N PHE C 165 19.62 -1.81 26.78
CA PHE C 165 18.90 -0.70 26.15
C PHE C 165 17.80 -0.16 27.04
N ARG C 166 16.93 -1.03 27.56
CA ARG C 166 15.80 -0.61 28.38
C ARG C 166 16.17 -0.40 29.84
N GLY C 167 17.41 -0.66 30.22
CA GLY C 167 17.83 -0.46 31.60
C GLY C 167 18.16 0.98 31.90
N LEU C 168 17.16 1.85 31.80
CA LEU C 168 17.37 3.27 32.05
C LEU C 168 17.62 3.51 33.55
N ASP C 169 18.32 4.60 33.83
CA ASP C 169 18.67 4.97 35.21
C ASP C 169 19.46 3.86 35.89
N GLY C 170 20.33 3.21 35.12
CA GLY C 170 21.14 2.12 35.65
C GLY C 170 22.61 2.29 35.31
N VAL C 171 23.35 1.18 35.28
CA VAL C 171 24.78 1.25 35.00
C VAL C 171 25.01 1.77 33.59
N HIS C 172 24.17 1.36 32.64
CA HIS C 172 24.36 1.79 31.26
C HIS C 172 24.23 3.30 31.12
N CYS C 173 23.24 3.89 31.80
CA CYS C 173 23.00 5.33 31.70
C CYS C 173 23.74 6.11 32.78
N VAL C 174 23.47 5.80 34.05
CA VAL C 174 24.08 6.51 35.17
C VAL C 174 24.79 5.51 36.07
N PRO C 175 26.09 5.27 35.86
CA PRO C 175 26.80 4.31 36.72
C PRO C 175 27.06 4.87 38.12
N THR C 176 26.03 4.84 38.96
CA THR C 176 26.19 5.37 40.32
C THR C 176 27.29 4.67 41.10
N PRO C 177 27.39 3.33 41.10
CA PRO C 177 28.46 2.68 41.86
C PRO C 177 29.84 3.15 41.42
N ASP C 178 30.68 3.48 42.39
CA ASP C 178 32.03 3.94 42.12
C ASP C 178 32.92 2.73 41.87
N SER C 179 33.23 2.47 40.60
CA SER C 179 34.08 1.35 40.22
C SER C 179 35.54 1.73 40.03
N GLY C 180 35.81 2.99 39.70
CA GLY C 180 37.19 3.43 39.50
C GLY C 180 37.88 2.72 38.36
N VAL C 181 37.18 2.51 37.25
CA VAL C 181 37.72 1.85 36.07
C VAL C 181 37.91 2.84 34.93
N VAL C 182 36.88 3.63 34.62
CA VAL C 182 36.97 4.61 33.55
C VAL C 182 37.85 5.79 33.95
N CYS C 183 38.04 6.03 35.25
CA CYS C 183 38.87 7.12 35.71
C CYS C 183 39.81 6.72 36.83
N GLY C 184 39.95 5.43 37.11
CA GLY C 184 40.84 4.97 38.17
C GLY C 184 41.80 3.89 37.70
N ARG C 185 41.57 3.35 36.51
CA ARG C 185 42.41 2.32 35.93
C ARG C 185 42.76 2.70 34.49
N MET C 186 43.48 1.82 33.82
CA MET C 186 43.91 2.03 32.43
C MET C 186 43.07 1.21 31.45
N ALA C 187 41.77 1.07 31.73
CA ALA C 187 40.87 0.31 30.86
C ALA C 187 40.43 1.20 29.72
N CYS C 188 41.35 1.40 28.76
CA CYS C 188 41.09 2.21 27.58
C CYS C 188 40.71 3.64 27.94
N SER C 189 41.25 4.15 29.05
CA SER C 189 40.97 5.51 29.48
C SER C 189 42.08 5.96 30.41
N PRO C 190 42.42 7.26 30.42
CA PRO C 190 43.46 7.73 31.33
C PRO C 190 43.05 7.58 32.78
N THR C 191 44.05 7.41 33.64
CA THR C 191 43.83 7.28 35.09
C THR C 191 43.66 8.69 35.69
N HIS C 192 42.49 9.27 35.42
CA HIS C 192 42.16 10.61 35.90
C HIS C 192 43.20 11.63 35.43
N ASP C 193 43.36 11.70 34.11
CA ASP C 193 44.31 12.62 33.49
C ASP C 193 43.58 13.92 33.15
N GLU C 194 43.75 14.92 34.01
CA GLU C 194 43.11 16.22 33.79
C GLU C 194 43.84 17.07 32.76
N HIS C 195 45.04 16.69 32.35
CA HIS C 195 45.84 17.43 31.38
C HIS C 195 46.03 16.63 30.09
N LEU C 196 44.97 15.94 29.66
CA LEU C 196 45.01 15.13 28.44
C LEU C 196 44.78 16.06 27.25
N LEU C 197 45.82 16.80 26.89
CA LEU C 197 45.76 17.74 25.78
C LEU C 197 46.44 17.11 24.56
N HIS C 198 45.68 16.95 23.48
CA HIS C 198 46.20 16.39 22.23
C HIS C 198 46.75 17.53 21.39
N GLY C 199 48.00 17.88 21.67
CA GLY C 199 48.65 18.98 20.97
C GLY C 199 48.18 20.35 21.39
N GLY C 200 47.63 20.48 22.59
CA GLY C 200 47.12 21.74 23.08
C GLY C 200 45.61 21.89 23.02
N GLN C 201 44.92 21.01 22.30
CA GLN C 201 43.48 21.06 22.20
C GLN C 201 42.85 20.28 23.35
N PRO C 202 41.57 20.53 23.65
CA PRO C 202 40.90 19.80 24.73
C PRO C 202 40.79 18.32 24.40
N PRO C 203 40.24 17.50 25.31
CA PRO C 203 40.10 16.07 25.01
C PRO C 203 39.30 15.81 23.74
N GLU C 204 38.28 16.62 23.46
CA GLU C 204 37.48 16.48 22.26
C GLU C 204 38.13 17.22 21.11
N GLY C 205 38.34 16.52 19.99
CA GLY C 205 38.98 17.13 18.84
C GLY C 205 38.19 18.29 18.29
N ASP C 206 36.86 18.15 18.21
CA ASP C 206 35.99 19.20 17.68
C ASP C 206 34.66 19.18 18.41
N PRO C 207 34.37 20.18 19.25
CA PRO C 207 33.06 20.20 19.93
C PRO C 207 31.88 20.30 18.98
N ASP C 208 32.10 20.77 17.74
CA ASP C 208 30.99 20.90 16.79
C ASP C 208 30.37 19.56 16.44
N LEU C 209 31.12 18.46 16.60
CA LEU C 209 30.58 17.14 16.28
C LEU C 209 29.50 16.71 17.27
N ALA C 210 29.47 17.29 18.47
CA ALA C 210 28.43 16.95 19.43
C ALA C 210 27.05 17.32 18.91
N LYS C 211 26.93 18.49 18.29
CA LYS C 211 25.65 18.90 17.72
C LYS C 211 25.23 17.96 16.61
N ILE C 212 26.17 17.54 15.76
CA ILE C 212 25.85 16.62 14.67
C ILE C 212 25.36 15.29 15.23
N LEU C 213 26.01 14.80 16.29
CA LEU C 213 25.60 13.53 16.89
C LEU C 213 24.16 13.60 17.40
N GLU C 214 23.82 14.71 18.08
CA GLU C 214 22.45 14.87 18.54
C GLU C 214 21.47 14.97 17.37
N GLU C 215 21.84 15.73 16.33
CA GLU C 215 20.98 15.83 15.16
C GLU C 215 20.86 14.47 14.45
N VAL C 216 21.98 13.75 14.32
CA VAL C 216 21.93 12.43 13.71
C VAL C 216 21.13 11.47 14.56
N ARG C 217 21.26 11.58 15.90
CA ARG C 217 20.50 10.70 16.78
C ARG C 217 19.00 10.88 16.59
N TYR C 218 18.56 12.10 16.24
CA TYR C 218 17.14 12.31 15.99
C TYR C 218 16.65 11.47 14.82
N ILE C 219 17.43 11.40 13.75
CA ILE C 219 17.07 10.55 12.60
C ILE C 219 17.01 9.10 13.04
N ALA C 220 18.02 8.65 13.79
CA ALA C 220 18.00 7.29 14.31
C ALA C 220 16.89 7.09 15.33
N ASN C 221 16.58 8.12 16.12
CA ASN C 221 15.49 8.01 17.09
C ASN C 221 14.16 7.82 16.38
N ARG C 222 13.94 8.51 15.26
CA ARG C 222 12.71 8.34 14.51
C ARG C 222 12.58 6.91 14.00
N PHE C 223 13.67 6.34 13.51
CA PHE C 223 13.63 4.94 13.09
C PHE C 223 13.45 4.00 14.27
N ARG C 224 13.98 4.38 15.44
CA ARG C 224 13.80 3.55 16.62
C ARG C 224 12.32 3.46 16.99
N CYS C 225 11.60 4.58 16.90
CA CYS C 225 10.17 4.56 17.18
C CYS C 225 9.43 3.65 16.19
N GLN C 226 9.80 3.73 14.91
CA GLN C 226 9.20 2.83 13.92
C GLN C 226 9.54 1.37 14.23
N ASP C 227 10.79 1.10 14.59
CA ASP C 227 11.17 -0.26 14.99
C ASP C 227 10.45 -0.66 16.27
N GLU C 228 10.35 0.26 17.23
CA GLU C 228 9.61 -0.03 18.45
C GLU C 228 8.12 -0.21 18.18
N SER C 229 7.59 0.53 17.21
CA SER C 229 6.17 0.37 16.87
C SER C 229 5.89 -1.03 16.35
N GLU C 230 6.81 -1.59 15.55
CA GLU C 230 6.63 -2.95 15.06
C GLU C 230 6.64 -3.96 16.19
N ALA C 231 7.51 -3.77 17.19
CA ALA C 231 7.52 -4.66 18.34
C ALA C 231 6.22 -4.55 19.13
N VAL C 232 5.73 -3.32 19.33
CA VAL C 232 4.44 -3.13 19.99
C VAL C 232 3.32 -3.67 19.11
N CYS C 233 3.38 -3.40 17.80
CA CYS C 233 2.37 -3.91 16.89
C CYS C 233 2.42 -5.43 16.77
N SER C 234 3.53 -6.06 17.16
CA SER C 234 3.61 -7.52 17.10
C SER C 234 2.58 -8.14 18.03
N GLU C 235 2.43 -7.59 19.24
CA GLU C 235 1.41 -8.11 20.15
C GLU C 235 0.02 -7.90 19.57
N TRP C 236 -0.23 -6.74 18.98
CA TRP C 236 -1.52 -6.49 18.35
C TRP C 236 -1.73 -7.42 17.16
N LYS C 237 -0.67 -7.64 16.36
CA LYS C 237 -0.78 -8.56 15.23
C LYS C 237 -1.11 -9.97 15.71
N PHE C 238 -0.44 -10.42 16.77
CA PHE C 238 -0.73 -11.74 17.33
C PHE C 238 -2.08 -11.79 18.02
N ALA C 239 -2.61 -10.63 18.45
CA ALA C 239 -3.92 -10.62 19.09
C ALA C 239 -5.00 -11.09 18.14
N ALA C 240 -4.92 -10.68 16.87
CA ALA C 240 -5.89 -11.15 15.89
C ALA C 240 -5.67 -12.61 15.53
N CYS C 241 -4.42 -13.07 15.56
CA CYS C 241 -4.13 -14.46 15.23
C CYS C 241 -4.72 -15.40 16.28
N VAL C 242 -4.56 -15.07 17.56
CA VAL C 242 -5.09 -15.93 18.61
C VAL C 242 -6.62 -15.93 18.58
N VAL C 243 -7.22 -14.78 18.26
CA VAL C 243 -8.68 -14.71 18.19
C VAL C 243 -9.19 -15.64 17.10
N ASP C 244 -8.56 -15.62 15.93
CA ASP C 244 -8.95 -16.52 14.86
C ASP C 244 -8.63 -17.97 15.22
N ARG C 245 -7.46 -18.20 15.83
CA ARG C 245 -7.11 -19.55 16.25
C ARG C 245 -8.05 -20.05 17.33
N LEU C 246 -8.39 -19.20 18.29
CA LEU C 246 -9.31 -19.61 19.35
C LEU C 246 -10.68 -19.93 18.79
N CYS C 247 -11.16 -19.13 17.84
CA CYS C 247 -12.47 -19.39 17.24
C CYS C 247 -12.48 -20.68 16.44
N LEU C 248 -11.31 -21.08 15.90
CA LEU C 248 -11.24 -22.32 15.15
C LEU C 248 -11.58 -23.53 16.04
N MET C 249 -11.06 -23.54 17.26
CA MET C 249 -11.36 -24.64 18.17
C MET C 249 -12.78 -24.54 18.72
N ALA C 250 -13.31 -23.33 18.86
CA ALA C 250 -14.68 -23.18 19.36
C ALA C 250 -15.70 -23.65 18.34
N PHE C 251 -15.47 -23.36 17.06
CA PHE C 251 -16.38 -23.78 15.99
C PHE C 251 -16.17 -25.22 15.58
N SER C 252 -15.06 -25.85 15.98
CA SER C 252 -14.84 -27.25 15.62
C SER C 252 -15.90 -28.15 16.23
N VAL C 253 -16.28 -27.89 17.49
CA VAL C 253 -17.31 -28.69 18.14
C VAL C 253 -18.64 -28.54 17.39
N PHE C 254 -18.99 -27.30 17.02
CA PHE C 254 -20.23 -27.08 16.30
C PHE C 254 -20.23 -27.81 14.96
N THR C 255 -19.11 -27.75 14.24
CA THR C 255 -19.02 -28.46 12.97
C THR C 255 -19.17 -29.97 13.16
N ILE C 256 -18.55 -30.52 14.20
CA ILE C 256 -18.68 -31.94 14.47
C ILE C 256 -20.12 -32.29 14.79
N ILE C 257 -20.78 -31.46 15.60
CA ILE C 257 -22.18 -31.73 15.95
C ILE C 257 -23.05 -31.72 14.69
N CYS C 258 -22.85 -30.74 13.81
CA CYS C 258 -23.63 -30.68 12.58
C CYS C 258 -23.36 -31.89 11.71
N THR C 259 -22.10 -32.31 11.60
CA THR C 259 -21.77 -33.49 10.80
C THR C 259 -22.43 -34.74 11.39
N ILE C 260 -22.42 -34.87 12.71
CA ILE C 260 -23.03 -36.03 13.36
C ILE C 260 -24.53 -36.03 13.12
N GLY C 261 -25.16 -34.86 13.16
CA GLY C 261 -26.61 -34.80 12.97
C GLY C 261 -27.04 -35.31 11.61
N ILE C 262 -26.32 -34.91 10.55
CA ILE C 262 -26.66 -35.36 9.20
C ILE C 262 -26.30 -36.81 8.95
N LEU C 263 -25.48 -37.42 9.82
CA LEU C 263 -25.11 -38.81 9.66
C LEU C 263 -26.23 -39.78 10.06
N MET C 264 -27.20 -39.32 10.83
CA MET C 264 -28.30 -40.15 11.28
C MET C 264 -29.67 -39.64 10.85
N SER C 265 -29.84 -38.33 10.71
CA SER C 265 -31.14 -37.76 10.32
C SER C 265 -31.32 -37.66 8.81
N ALA C 266 -30.23 -37.58 8.05
CA ALA C 266 -30.35 -37.47 6.60
C ALA C 266 -31.08 -38.65 5.98
N PRO C 267 -30.77 -39.92 6.33
CA PRO C 267 -31.48 -41.04 5.71
C PRO C 267 -32.97 -41.03 5.97
N ASN C 268 -33.42 -40.41 7.07
CA ASN C 268 -34.83 -40.39 7.40
C ASN C 268 -35.53 -39.10 6.97
N PHE C 269 -34.79 -38.01 6.79
CA PHE C 269 -35.35 -36.74 6.38
C PHE C 269 -34.89 -36.31 4.99
N VAL C 270 -33.58 -36.28 4.76
CA VAL C 270 -33.05 -35.89 3.46
C VAL C 270 -33.06 -37.09 2.51
N LEU D 7 -25.47 -29.58 -31.46
CA LEU D 7 -25.63 -29.62 -30.01
C LEU D 7 -25.95 -28.23 -29.47
N TYR D 8 -27.25 -27.94 -29.32
CA TYR D 8 -27.65 -26.64 -28.80
C TYR D 8 -27.15 -26.43 -27.38
N TYR D 9 -27.26 -27.45 -26.53
CA TYR D 9 -26.79 -27.33 -25.16
C TYR D 9 -25.26 -27.34 -25.10
N GLY D 10 -24.60 -28.08 -25.99
CA GLY D 10 -23.15 -28.13 -25.99
C GLY D 10 -22.48 -26.88 -26.52
N LEU D 11 -23.20 -26.10 -27.34
CA LEU D 11 -22.63 -24.87 -27.89
C LEU D 11 -22.72 -23.70 -26.92
N ASN D 12 -23.50 -23.81 -25.84
CA ASN D 12 -23.65 -22.74 -24.87
C ASN D 12 -23.23 -23.13 -23.45
N LEU D 13 -23.04 -24.42 -23.18
CA LEU D 13 -22.64 -24.89 -21.85
C LEU D 13 -21.31 -25.61 -21.84
N LEU D 14 -21.06 -26.48 -22.83
CA LEU D 14 -19.79 -27.20 -22.87
C LEU D 14 -18.65 -26.28 -23.28
N ILE D 15 -18.91 -25.38 -24.23
CA ILE D 15 -17.85 -24.46 -24.69
C ILE D 15 -17.34 -23.59 -23.55
N PRO D 16 -18.19 -22.88 -22.80
CA PRO D 16 -17.65 -22.07 -21.68
C PRO D 16 -16.96 -22.89 -20.61
N CYS D 17 -17.28 -24.17 -20.47
CA CYS D 17 -16.63 -24.99 -19.46
C CYS D 17 -15.13 -25.09 -19.71
N VAL D 18 -14.73 -25.27 -20.96
CA VAL D 18 -13.31 -25.35 -21.28
C VAL D 18 -12.62 -24.02 -21.01
N LEU D 19 -13.31 -22.91 -21.30
CA LEU D 19 -12.71 -21.59 -21.08
C LEU D 19 -12.42 -21.37 -19.61
N ILE D 20 -13.33 -21.77 -18.73
CA ILE D 20 -13.11 -21.58 -17.29
C ILE D 20 -11.89 -22.38 -16.84
N SER D 21 -11.79 -23.63 -17.28
CA SER D 21 -10.63 -24.44 -16.92
C SER D 21 -9.35 -23.87 -17.47
N ALA D 22 -9.39 -23.38 -18.72
CA ALA D 22 -8.19 -22.80 -19.33
C ALA D 22 -7.77 -21.53 -18.60
N LEU D 23 -8.73 -20.71 -18.18
CA LEU D 23 -8.39 -19.47 -17.49
C LEU D 23 -7.74 -19.75 -16.14
N ALA D 24 -8.15 -20.82 -15.47
CA ALA D 24 -7.56 -21.14 -14.17
C ALA D 24 -6.08 -21.46 -14.29
N LEU D 25 -5.67 -22.07 -15.40
CA LEU D 25 -4.26 -22.42 -15.58
C LEU D 25 -3.39 -21.17 -15.61
N LEU D 26 -3.90 -20.07 -16.14
CA LEU D 26 -3.12 -18.84 -16.18
C LEU D 26 -2.97 -18.19 -14.81
N VAL D 27 -3.86 -18.51 -13.87
CA VAL D 27 -3.75 -17.93 -12.54
C VAL D 27 -2.55 -18.50 -11.79
N PHE D 28 -2.17 -19.75 -12.09
CA PHE D 28 -1.06 -20.37 -11.38
C PHE D 28 0.29 -19.76 -11.76
N LEU D 29 0.38 -19.12 -12.92
CA LEU D 29 1.63 -18.52 -13.39
C LEU D 29 1.81 -17.08 -12.95
N LEU D 30 0.83 -16.52 -12.21
CA LEU D 30 0.96 -15.14 -11.76
C LEU D 30 1.97 -15.04 -10.63
N PRO D 31 2.63 -13.89 -10.49
CA PRO D 31 3.62 -13.73 -9.42
C PRO D 31 2.98 -13.80 -8.05
N ALA D 32 3.74 -14.31 -7.08
CA ALA D 32 3.25 -14.41 -5.71
C ALA D 32 3.18 -13.05 -5.02
N ASP D 33 3.95 -12.07 -5.49
CA ASP D 33 3.94 -10.75 -4.87
C ASP D 33 2.65 -9.99 -5.12
N SER D 34 1.79 -10.45 -6.03
CA SER D 34 0.53 -9.79 -6.33
C SER D 34 -0.51 -10.22 -5.30
N GLY D 35 -0.72 -9.38 -4.29
CA GLY D 35 -1.70 -9.67 -3.27
C GLY D 35 -3.13 -9.34 -3.64
N GLU D 36 -3.34 -8.68 -4.78
CA GLU D 36 -4.67 -8.31 -5.24
C GLU D 36 -5.25 -9.32 -6.23
N LYS D 37 -4.56 -10.44 -6.48
CA LYS D 37 -5.04 -11.44 -7.41
C LYS D 37 -6.10 -12.36 -6.80
N ILE D 38 -6.34 -12.26 -5.49
CA ILE D 38 -7.36 -13.11 -4.86
C ILE D 38 -8.74 -12.81 -5.44
N SER D 39 -8.97 -11.57 -5.87
CA SER D 39 -10.26 -11.22 -6.44
C SER D 39 -10.47 -11.89 -7.80
N LEU D 40 -9.40 -12.17 -8.52
CA LEU D 40 -9.53 -12.83 -9.83
C LEU D 40 -10.14 -14.22 -9.67
N GLY D 41 -9.70 -14.97 -8.66
CA GLY D 41 -10.24 -16.29 -8.45
C GLY D 41 -11.72 -16.29 -8.11
N ILE D 42 -12.18 -15.27 -7.38
CA ILE D 42 -13.59 -15.18 -7.02
C ILE D 42 -14.44 -15.05 -8.27
N THR D 43 -14.01 -14.22 -9.24
CA THR D 43 -14.77 -14.04 -10.46
C THR D 43 -14.89 -15.35 -11.23
N VAL D 44 -13.80 -16.11 -11.31
CA VAL D 44 -13.84 -17.38 -12.02
C VAL D 44 -14.81 -18.33 -11.34
N LEU D 45 -14.75 -18.41 -10.01
CA LEU D 45 -15.67 -19.27 -9.28
C LEU D 45 -17.11 -18.76 -9.39
N LEU D 46 -17.29 -17.44 -9.30
CA LEU D 46 -18.64 -16.88 -9.40
C LEU D 46 -19.24 -17.13 -10.77
N SER D 47 -18.44 -16.99 -11.83
CA SER D 47 -18.96 -17.21 -13.18
C SER D 47 -19.39 -18.65 -13.37
N LEU D 48 -18.62 -19.60 -12.85
CA LEU D 48 -18.97 -21.01 -13.00
C LEU D 48 -20.29 -21.32 -12.29
N THR D 49 -20.50 -20.75 -11.10
CA THR D 49 -21.74 -21.00 -10.37
C THR D 49 -22.95 -20.45 -11.12
N VAL D 50 -22.79 -19.26 -11.73
CA VAL D 50 -23.91 -18.66 -12.47
C VAL D 50 -24.30 -19.54 -13.65
N PHE D 51 -23.31 -20.05 -14.39
CA PHE D 51 -23.60 -20.92 -15.52
C PHE D 51 -24.14 -22.27 -15.06
N MET D 52 -23.78 -22.71 -13.86
CA MET D 52 -24.28 -23.99 -13.36
C MET D 52 -25.76 -23.92 -13.01
N LEU D 53 -26.26 -22.73 -12.68
CA LEU D 53 -27.67 -22.61 -12.32
C LEU D 53 -28.59 -22.90 -13.51
N LEU D 54 -28.15 -22.53 -14.72
CA LEU D 54 -28.98 -22.77 -15.90
C LEU D 54 -29.21 -24.26 -16.11
N VAL D 55 -28.16 -25.08 -15.92
CA VAL D 55 -28.30 -26.51 -16.12
C VAL D 55 -29.27 -27.09 -15.09
N ALA D 56 -29.21 -26.61 -13.85
CA ALA D 56 -30.10 -27.13 -12.82
C ALA D 56 -31.56 -26.88 -13.16
N GLU D 57 -31.85 -25.84 -13.95
CA GLU D 57 -33.22 -25.57 -14.34
C GLU D 57 -33.74 -26.55 -15.39
N ILE D 58 -32.84 -27.12 -16.19
CA ILE D 58 -33.21 -28.08 -17.23
C ILE D 58 -32.76 -29.49 -16.91
N MET D 59 -31.92 -29.68 -15.89
CA MET D 59 -31.45 -31.01 -15.55
C MET D 59 -32.63 -31.85 -15.04
N PRO D 60 -32.80 -33.08 -15.53
CA PRO D 60 -33.91 -33.91 -15.03
C PRO D 60 -33.82 -34.12 -13.52
N SER D 61 -34.98 -34.08 -12.87
CA SER D 61 -35.07 -34.29 -11.42
C SER D 61 -35.17 -35.78 -11.16
N THR D 62 -34.01 -36.43 -11.02
CA THR D 62 -33.97 -37.86 -10.76
C THR D 62 -34.15 -38.13 -9.26
N SER D 63 -34.30 -39.41 -8.93
CA SER D 63 -34.50 -39.82 -7.53
C SER D 63 -33.16 -40.12 -6.85
N ASP D 64 -32.38 -41.05 -7.40
CA ASP D 64 -31.10 -41.41 -6.83
C ASP D 64 -29.99 -41.56 -7.87
N SER D 65 -30.30 -41.42 -9.16
CA SER D 65 -29.30 -41.54 -10.23
C SER D 65 -29.16 -40.17 -10.87
N SER D 66 -28.24 -39.37 -10.35
CA SER D 66 -28.03 -38.03 -10.88
C SER D 66 -27.57 -38.10 -12.32
N PRO D 67 -28.05 -37.22 -13.21
CA PRO D 67 -27.59 -37.25 -14.59
C PRO D 67 -26.09 -36.98 -14.68
N SER D 68 -25.46 -37.58 -15.69
CA SER D 68 -24.03 -37.42 -15.90
C SER D 68 -23.64 -36.03 -16.37
N ILE D 69 -24.62 -35.19 -16.75
CA ILE D 69 -24.30 -33.85 -17.23
C ILE D 69 -23.58 -33.05 -16.16
N ALA D 70 -23.96 -33.23 -14.89
CA ALA D 70 -23.31 -32.50 -13.82
C ALA D 70 -21.90 -33.01 -13.54
N GLN D 71 -21.57 -34.21 -14.01
CA GLN D 71 -20.22 -34.74 -13.79
C GLN D 71 -19.17 -33.88 -14.47
N TYR D 72 -19.45 -33.41 -15.68
CA TYR D 72 -18.47 -32.59 -16.40
C TYR D 72 -18.17 -31.30 -15.65
N PHE D 73 -19.21 -30.64 -15.13
CA PHE D 73 -18.98 -29.42 -14.36
C PHE D 73 -18.42 -29.71 -12.98
N ALA D 74 -18.77 -30.88 -12.41
CA ALA D 74 -18.24 -31.23 -11.09
C ALA D 74 -16.73 -31.35 -11.11
N SER D 75 -16.19 -31.98 -12.16
CA SER D 75 -14.73 -32.13 -12.25
C SER D 75 -14.05 -30.78 -12.41
N THR D 76 -14.66 -29.86 -13.16
CA THR D 76 -14.07 -28.53 -13.32
C THR D 76 -14.03 -27.78 -12.00
N MET D 77 -15.06 -27.95 -11.16
CA MET D 77 -15.09 -27.26 -9.87
C MET D 77 -13.93 -27.67 -8.99
N ILE D 78 -13.40 -28.88 -9.18
CA ILE D 78 -12.26 -29.32 -8.37
C ILE D 78 -11.05 -28.45 -8.66
N ILE D 79 -10.77 -28.19 -9.94
CA ILE D 79 -9.64 -27.33 -10.30
C ILE D 79 -9.95 -25.88 -9.94
N VAL D 80 -11.16 -25.42 -10.25
CA VAL D 80 -11.54 -24.04 -9.93
C VAL D 80 -11.57 -23.82 -8.43
N GLY D 81 -12.13 -24.78 -7.69
CA GLY D 81 -12.20 -24.64 -6.24
C GLY D 81 -10.83 -24.59 -5.61
N LEU D 82 -9.91 -25.42 -6.08
CA LEU D 82 -8.55 -25.43 -5.55
C LEU D 82 -7.72 -24.25 -6.04
N SER D 83 -8.13 -23.61 -7.14
CA SER D 83 -7.39 -22.46 -7.64
C SER D 83 -7.52 -21.25 -6.72
N VAL D 84 -8.63 -21.16 -5.99
CA VAL D 84 -8.81 -20.04 -5.07
C VAL D 84 -8.08 -20.30 -3.76
N VAL D 85 -8.05 -21.55 -3.30
CA VAL D 85 -7.38 -21.86 -2.04
C VAL D 85 -5.89 -21.57 -2.14
N VAL D 86 -5.27 -21.97 -3.26
CA VAL D 86 -3.83 -21.76 -3.42
C VAL D 86 -3.52 -20.26 -3.45
N THR D 87 -4.40 -19.47 -4.06
CA THR D 87 -4.17 -18.02 -4.13
C THR D 87 -4.19 -17.37 -2.76
N VAL D 88 -4.91 -17.96 -1.79
CA VAL D 88 -4.93 -17.40 -0.45
C VAL D 88 -3.70 -17.85 0.33
N ILE D 89 -3.16 -19.03 0.02
CA ILE D 89 -1.95 -19.51 0.69
C ILE D 89 -0.75 -18.66 0.32
N VAL D 90 -0.83 -17.88 -0.75
CA VAL D 90 0.31 -17.07 -1.17
C VAL D 90 0.69 -16.08 -0.08
N LEU D 91 -0.30 -15.43 0.52
CA LEU D 91 -0.04 -14.48 1.60
C LEU D 91 0.35 -15.20 2.89
N GLN D 92 -0.03 -16.46 3.05
CA GLN D 92 0.29 -17.18 4.28
C GLN D 92 1.79 -17.34 4.44
N TYR D 93 2.49 -17.69 3.36
CA TYR D 93 3.94 -17.86 3.43
C TYR D 93 4.68 -16.53 3.42
N HIS D 94 4.14 -15.53 2.72
CA HIS D 94 4.83 -14.24 2.64
C HIS D 94 4.96 -13.60 4.01
N HIS D 95 3.88 -13.61 4.81
CA HIS D 95 3.93 -13.01 6.14
C HIS D 95 4.71 -13.89 7.11
N HIS D 96 4.56 -15.21 7.01
CA HIS D 96 5.24 -16.16 7.89
C HIS D 96 4.92 -15.85 9.36
N ASP D 97 3.62 -15.79 9.65
CA ASP D 97 3.15 -15.51 11.00
C ASP D 97 3.11 -16.77 11.83
N PRO D 98 3.06 -16.64 13.17
CA PRO D 98 3.02 -17.84 14.01
C PRO D 98 1.81 -18.73 13.75
N ASP D 99 0.70 -18.17 13.25
CA ASP D 99 -0.50 -18.95 12.99
C ASP D 99 -0.47 -19.66 11.64
N GLY D 100 0.56 -19.43 10.83
CA GLY D 100 0.65 -20.08 9.54
C GLY D 100 1.85 -19.62 8.73
N GLY D 101 2.53 -20.56 8.08
CA GLY D 101 3.68 -20.22 7.28
C GLY D 101 4.60 -21.42 7.14
N LYS D 102 5.81 -21.14 6.69
CA LYS D 102 6.85 -22.17 6.52
C LYS D 102 7.69 -22.32 7.77
N MET D 103 7.02 -22.54 8.90
CA MET D 103 7.73 -22.66 10.18
C MET D 103 8.72 -23.82 10.19
N PRO D 104 8.37 -25.03 9.74
CA PRO D 104 9.32 -26.14 9.78
C PRO D 104 10.59 -25.82 9.01
N LYS D 105 11.74 -26.14 9.61
CA LYS D 105 13.02 -25.92 8.96
C LYS D 105 13.30 -26.97 7.89
N TRP D 106 12.76 -28.18 8.04
CA TRP D 106 13.02 -29.23 7.06
C TRP D 106 12.49 -28.86 5.68
N THR D 107 11.29 -28.26 5.62
CA THR D 107 10.72 -27.89 4.34
C THR D 107 11.55 -26.82 3.64
N ARG D 108 12.25 -25.98 4.41
CA ARG D 108 13.06 -24.94 3.80
C ARG D 108 14.20 -25.53 2.99
N VAL D 109 14.84 -26.59 3.48
CA VAL D 109 15.91 -27.22 2.74
C VAL D 109 15.39 -27.80 1.43
N ILE D 110 14.24 -28.47 1.48
CA ILE D 110 13.67 -29.04 0.25
C ILE D 110 13.21 -27.92 -0.68
N LEU D 111 12.81 -26.77 -0.13
CA LEU D 111 12.35 -25.67 -0.97
C LEU D 111 13.47 -25.18 -1.88
N LEU D 112 14.70 -25.10 -1.36
CA LEU D 112 15.80 -24.62 -2.18
C LEU D 112 16.03 -25.53 -3.39
N ASN D 113 15.93 -26.84 -3.20
CA ASN D 113 16.11 -27.77 -4.31
C ASN D 113 15.00 -27.60 -5.35
N TRP D 114 13.76 -27.38 -4.91
CA TRP D 114 12.66 -27.22 -5.85
C TRP D 114 12.87 -25.99 -6.72
N CYS D 115 13.31 -24.88 -6.13
CA CYS D 115 13.53 -23.67 -6.92
C CYS D 115 14.61 -23.87 -7.96
N ALA D 116 15.70 -24.54 -7.58
CA ALA D 116 16.79 -24.81 -8.53
C ALA D 116 16.44 -25.94 -9.50
N TRP D 117 15.56 -26.85 -9.12
CA TRP D 117 15.20 -27.95 -10.01
C TRP D 117 14.50 -27.44 -11.26
N PHE D 118 13.60 -26.47 -11.09
CA PHE D 118 12.87 -25.94 -12.24
C PHE D 118 13.82 -25.28 -13.23
N LEU D 119 14.80 -24.53 -12.75
CA LEU D 119 15.74 -23.86 -13.64
C LEU D 119 16.55 -24.90 -14.43
N ARG D 120 17.03 -25.94 -13.75
CA ARG D 120 17.81 -27.01 -14.40
C ARG D 120 17.28 -28.33 -13.85
N MET D 121 16.27 -28.87 -14.51
CA MET D 121 15.69 -30.15 -14.09
C MET D 121 16.67 -31.28 -14.34
N LYS D 122 16.76 -32.22 -13.38
CA LYS D 122 17.62 -33.37 -13.54
C LYS D 122 17.07 -34.38 -14.54
N ARG D 123 15.79 -34.26 -14.91
CA ARG D 123 15.19 -35.18 -15.86
C ARG D 123 15.70 -34.91 -17.26
N PRO D 124 15.53 -35.87 -18.17
CA PRO D 124 16.02 -35.68 -19.55
C PRO D 124 15.38 -34.50 -20.26
N GLY D 125 14.22 -34.02 -19.78
CA GLY D 125 13.56 -32.91 -20.45
C GLY D 125 14.44 -31.69 -20.57
N GLU D 126 15.20 -31.38 -19.51
CA GLU D 126 16.11 -30.25 -19.50
C GLU D 126 17.56 -30.62 -19.23
N ASP D 127 17.82 -31.75 -18.56
CA ASP D 127 19.20 -32.16 -18.32
C ASP D 127 19.91 -32.55 -19.62
N LYS D 128 19.18 -33.18 -20.55
CA LYS D 128 19.77 -33.61 -21.81
C LYS D 128 19.62 -32.55 -22.90
N VAL D 129 18.56 -31.75 -22.85
CA VAL D 129 18.32 -30.71 -23.85
C VAL D 129 19.04 -29.46 -23.35
N ARG D 130 20.32 -29.36 -23.67
CA ARG D 130 21.15 -28.23 -23.28
C ARG D 130 22.49 -28.36 -23.98
N PRO D 131 23.19 -27.24 -24.20
CA PRO D 131 24.49 -27.32 -24.86
C PRO D 131 25.48 -28.15 -24.05
N ALA D 132 26.32 -28.89 -24.76
CA ALA D 132 27.32 -29.75 -24.14
C ALA D 132 28.50 -29.90 -25.08
N CYS D 133 29.70 -29.95 -24.51
CA CYS D 133 30.93 -30.09 -25.29
C CYS D 133 32.00 -30.66 -24.38
N GLN D 134 33.22 -30.76 -24.90
CA GLN D 134 34.36 -31.27 -24.15
C GLN D 134 35.22 -30.16 -23.57
N HIS D 135 34.75 -28.91 -23.60
CA HIS D 135 35.51 -27.80 -23.08
C HIS D 135 35.62 -27.90 -21.55
N LYS D 136 36.64 -27.22 -21.02
CA LYS D 136 36.89 -27.25 -19.59
C LYS D 136 35.79 -26.57 -18.78
N GLN D 137 34.91 -25.81 -19.42
CA GLN D 137 33.84 -25.15 -18.69
C GLN D 137 32.85 -26.13 -18.08
N ARG D 138 32.75 -27.34 -18.63
CA ARG D 138 31.85 -28.37 -18.13
C ARG D 138 32.52 -29.33 -17.17
N ARG D 139 33.80 -29.11 -16.83
CA ARG D 139 34.53 -30.00 -15.94
C ARG D 139 34.35 -29.56 -14.49
N CYS D 140 34.89 -30.36 -13.57
CA CYS D 140 34.81 -30.08 -12.15
C CYS D 140 36.17 -30.33 -11.51
N SER D 141 36.39 -29.68 -10.37
CA SER D 141 37.65 -29.80 -9.65
C SER D 141 37.36 -29.69 -8.16
N LEU D 142 38.42 -29.51 -7.37
CA LEU D 142 38.26 -29.42 -5.92
C LEU D 142 37.44 -28.20 -5.54
N ALA D 143 37.64 -27.07 -6.24
CA ALA D 143 36.89 -25.86 -5.92
C ALA D 143 35.39 -26.07 -6.10
N SER D 144 35.00 -26.73 -7.19
CA SER D 144 33.58 -26.95 -7.44
C SER D 144 32.96 -27.83 -6.35
N VAL D 145 33.66 -28.88 -5.94
CA VAL D 145 33.17 -29.80 -4.94
C VAL D 145 33.61 -29.28 -3.57
N GLU D 146 32.66 -28.69 -2.83
CA GLU D 146 32.93 -28.12 -1.51
C GLU D 146 32.49 -29.06 -0.39
N MET D 147 32.53 -30.37 -0.62
CA MET D 147 32.14 -31.33 0.40
C MET D 147 33.16 -31.40 1.54
N SER D 148 34.40 -31.00 1.29
CA SER D 148 35.47 -31.01 2.29
C SER D 148 35.81 -29.61 2.77
N ALA D 149 34.79 -28.75 2.89
CA ALA D 149 34.97 -27.37 3.33
C ALA D 149 35.96 -26.63 2.43
N VAL D 150 35.76 -26.78 1.12
CA VAL D 150 36.59 -26.12 0.13
C VAL D 150 35.93 -24.81 -0.27
N ALA D 151 36.72 -23.75 -0.32
CA ALA D 151 36.19 -22.44 -0.68
C ALA D 151 35.71 -22.45 -2.12
N PRO D 152 34.49 -22.00 -2.40
CA PRO D 152 33.99 -22.01 -3.78
C PRO D 152 34.72 -20.98 -4.63
N PRO D 153 34.70 -21.13 -5.95
CA PRO D 153 35.38 -20.15 -6.81
C PRO D 153 34.81 -18.76 -6.60
N PRO D 154 35.64 -17.72 -6.68
CA PRO D 154 35.13 -16.35 -6.52
C PRO D 154 34.01 -16.06 -7.50
N ALA D 155 32.85 -15.69 -6.96
CA ALA D 155 31.70 -15.36 -7.79
C ALA D 155 30.79 -14.39 -7.04
N SER D 156 29.94 -13.70 -7.79
CA SER D 156 28.99 -12.75 -7.23
C SER D 156 27.63 -13.35 -6.98
N ASN D 157 27.47 -14.66 -7.19
CA ASN D 157 26.20 -15.34 -7.03
C ASN D 157 25.96 -15.82 -5.60
N GLY D 158 26.88 -15.53 -4.67
CA GLY D 158 26.73 -15.95 -3.30
C GLY D 158 27.84 -16.88 -2.83
N ASN D 159 29.02 -16.73 -3.43
CA ASN D 159 30.18 -17.54 -3.08
C ASN D 159 31.25 -16.74 -2.34
N LEU D 160 31.69 -15.63 -2.91
CA LEU D 160 32.69 -14.78 -2.26
C LEU D 160 32.06 -13.67 -1.44
N LEU D 161 30.89 -13.18 -1.84
CA LEU D 161 30.23 -12.11 -1.08
C LEU D 161 29.85 -12.58 0.32
N TYR D 162 29.35 -13.81 0.44
CA TYR D 162 28.93 -14.30 1.75
C TYR D 162 30.12 -14.45 2.69
N ILE D 163 31.27 -14.90 2.18
CA ILE D 163 32.42 -15.13 3.05
C ILE D 163 32.90 -13.81 3.64
N GLY D 164 32.88 -12.74 2.85
CA GLY D 164 33.34 -11.46 3.36
C GLY D 164 32.41 -10.90 4.43
N PHE D 165 31.11 -11.00 4.21
CA PHE D 165 30.13 -10.44 5.14
C PHE D 165 29.67 -11.46 6.18
N ARG D 166 29.26 -12.65 5.74
CA ARG D 166 28.76 -13.66 6.65
C ARG D 166 29.86 -14.50 7.30
N GLY D 167 31.12 -14.26 6.95
CA GLY D 167 32.23 -14.99 7.54
C GLY D 167 32.60 -14.46 8.92
N LEU D 168 31.66 -14.52 9.86
CA LEU D 168 31.92 -14.04 11.20
C LEU D 168 32.95 -14.91 11.91
N ASP D 169 33.65 -14.31 12.87
CA ASP D 169 34.68 -15.01 13.63
C ASP D 169 35.77 -15.57 12.73
N GLY D 170 36.09 -14.84 11.66
CA GLY D 170 37.11 -15.27 10.71
C GLY D 170 38.15 -14.20 10.46
N VAL D 171 38.81 -14.28 9.30
CA VAL D 171 39.84 -13.30 8.97
C VAL D 171 39.24 -11.89 8.87
N HIS D 172 38.03 -11.79 8.32
CA HIS D 172 37.41 -10.48 8.17
C HIS D 172 37.18 -9.81 9.52
N CYS D 173 36.70 -10.58 10.51
CA CYS D 173 36.38 -10.03 11.82
C CYS D 173 37.57 -10.14 12.77
N VAL D 174 38.04 -11.36 13.03
CA VAL D 174 39.13 -11.60 13.96
C VAL D 174 40.26 -12.32 13.23
N PRO D 175 41.26 -11.60 12.71
CA PRO D 175 42.37 -12.29 12.02
C PRO D 175 43.30 -12.99 13.00
N THR D 176 42.89 -14.17 13.46
CA THR D 176 43.71 -14.92 14.42
C THR D 176 45.08 -15.25 13.85
N PRO D 177 45.22 -15.75 12.63
CA PRO D 177 46.57 -16.06 12.12
C PRO D 177 47.46 -14.83 12.11
N ASP D 178 48.72 -15.02 12.50
CA ASP D 178 49.70 -13.94 12.55
C ASP D 178 50.32 -13.80 11.17
N SER D 179 49.89 -12.77 10.43
CA SER D 179 50.42 -12.50 9.10
C SER D 179 51.52 -11.46 9.09
N GLY D 180 51.52 -10.54 10.06
CA GLY D 180 52.55 -9.51 10.12
C GLY D 180 52.56 -8.60 8.91
N VAL D 181 51.38 -8.19 8.44
CA VAL D 181 51.25 -7.29 7.30
C VAL D 181 50.77 -5.91 7.73
N VAL D 182 49.72 -5.86 8.54
CA VAL D 182 49.20 -4.58 9.00
C VAL D 182 50.10 -3.94 10.06
N CYS D 183 50.92 -4.75 10.75
CA CYS D 183 51.83 -4.24 11.78
C CYS D 183 53.24 -4.77 11.62
N GLY D 184 53.55 -5.44 10.52
CA GLY D 184 54.88 -5.98 10.29
C GLY D 184 55.46 -5.58 8.94
N ARG D 185 54.63 -5.02 8.08
CA ARG D 185 55.04 -4.59 6.75
C ARG D 185 54.54 -3.17 6.51
N MET D 186 54.79 -2.64 5.31
CA MET D 186 54.38 -1.30 4.92
C MET D 186 53.17 -1.33 3.99
N ALA D 187 52.24 -2.25 4.23
CA ALA D 187 51.04 -2.39 3.41
C ALA D 187 50.01 -1.36 3.88
N CYS D 188 50.27 -0.10 3.54
CA CYS D 188 49.39 1.01 3.89
C CYS D 188 49.21 1.14 5.39
N SER D 189 50.23 0.75 6.16
CA SER D 189 50.17 0.85 7.61
C SER D 189 51.59 0.90 8.15
N PRO D 190 51.82 1.61 9.25
CA PRO D 190 53.18 1.65 9.82
C PRO D 190 53.63 0.28 10.31
N THR D 191 54.95 0.07 10.27
CA THR D 191 55.54 -1.18 10.73
C THR D 191 55.69 -1.14 12.25
N HIS D 192 54.54 -1.29 12.92
CA HIS D 192 54.47 -1.27 14.39
C HIS D 192 55.05 0.03 14.93
N ASP D 193 54.50 1.15 14.45
CA ASP D 193 54.93 2.48 14.86
C ASP D 193 54.09 2.90 16.07
N GLU D 194 54.67 2.76 17.26
CA GLU D 194 53.98 3.13 18.49
C GLU D 194 54.01 4.63 18.76
N HIS D 195 54.80 5.39 18.01
CA HIS D 195 54.91 6.84 18.18
C HIS D 195 54.39 7.58 16.94
N LEU D 196 53.29 7.08 16.37
CA LEU D 196 52.69 7.69 15.19
C LEU D 196 51.80 8.84 15.65
N LEU D 197 52.45 9.97 15.95
CA LEU D 197 51.77 11.17 16.42
C LEU D 197 51.68 12.17 15.27
N HIS D 198 50.46 12.54 14.88
CA HIS D 198 50.23 13.50 13.81
C HIS D 198 50.20 14.90 14.42
N GLY D 199 51.39 15.47 14.58
CA GLY D 199 51.51 16.77 15.20
C GLY D 199 51.30 16.79 16.69
N GLY D 200 51.49 15.66 17.36
CA GLY D 200 51.30 15.55 18.79
C GLY D 200 50.01 14.88 19.21
N GLN D 201 49.06 14.72 18.29
CA GLN D 201 47.80 14.07 18.58
C GLN D 201 47.92 12.56 18.42
N PRO D 202 47.00 11.80 19.01
CA PRO D 202 47.06 10.34 18.88
C PRO D 202 46.83 9.92 17.44
N PRO D 203 46.90 8.61 17.14
CA PRO D 203 46.67 8.18 15.75
C PRO D 203 45.31 8.61 15.22
N GLU D 204 44.28 8.64 16.05
CA GLU D 204 42.96 9.07 15.65
C GLU D 204 42.85 10.59 15.77
N GLY D 205 42.43 11.24 14.68
CA GLY D 205 42.33 12.68 14.70
C GLY D 205 41.31 13.19 15.71
N ASP D 206 40.17 12.50 15.81
CA ASP D 206 39.12 12.90 16.75
C ASP D 206 38.40 11.66 17.27
N PRO D 207 38.58 11.29 18.54
CA PRO D 207 37.85 10.13 19.07
C PRO D 207 36.34 10.29 19.05
N ASP D 208 35.83 11.53 18.99
CA ASP D 208 34.39 11.73 18.98
C ASP D 208 33.73 11.13 17.75
N LEU D 209 34.48 10.94 16.66
CA LEU D 209 33.90 10.36 15.45
C LEU D 209 33.55 8.89 15.64
N ALA D 210 34.17 8.21 16.61
CA ALA D 210 33.84 6.81 16.84
C ALA D 210 32.38 6.65 17.27
N LYS D 211 31.90 7.55 18.14
CA LYS D 211 30.50 7.49 18.55
C LYS D 211 29.57 7.72 17.37
N ILE D 212 29.91 8.66 16.50
CA ILE D 212 29.07 8.94 15.34
C ILE D 212 29.01 7.72 14.43
N LEU D 213 30.15 7.05 14.23
CA LEU D 213 30.17 5.87 13.37
C LEU D 213 29.25 4.78 13.92
N GLU D 214 29.29 4.55 15.24
CA GLU D 214 28.38 3.58 15.83
C GLU D 214 26.93 4.00 15.68
N GLU D 215 26.65 5.29 15.92
CA GLU D 215 25.29 5.79 15.75
C GLU D 215 24.85 5.69 14.29
N VAL D 216 25.74 6.05 13.36
CA VAL D 216 25.41 5.95 11.94
C VAL D 216 25.25 4.49 11.54
N ARG D 217 26.07 3.61 12.10
CA ARG D 217 25.95 2.19 11.78
C ARG D 217 24.59 1.65 12.18
N TYR D 218 23.98 2.19 13.23
CA TYR D 218 22.65 1.74 13.62
C TYR D 218 21.63 2.01 12.52
N ILE D 219 21.70 3.20 11.90
CA ILE D 219 20.81 3.51 10.80
C ILE D 219 21.07 2.55 9.64
N ALA D 220 22.34 2.31 9.31
CA ALA D 220 22.67 1.35 8.26
C ALA D 220 22.28 -0.06 8.68
N ASN D 221 22.42 -0.40 9.96
CA ASN D 221 22.04 -1.72 10.42
C ASN D 221 20.54 -1.94 10.27
N ARG D 222 19.73 -0.91 10.55
CA ARG D 222 18.29 -1.03 10.36
C ARG D 222 17.94 -1.31 8.90
N PHE D 223 18.61 -0.62 7.98
CA PHE D 223 18.40 -0.91 6.56
C PHE D 223 18.91 -2.28 6.18
N ARG D 224 19.99 -2.75 6.84
CA ARG D 224 20.49 -4.08 6.56
C ARG D 224 19.46 -5.14 6.91
N CYS D 225 18.76 -4.97 8.04
CA CYS D 225 17.71 -5.90 8.41
C CYS D 225 16.59 -5.91 7.39
N GLN D 226 16.21 -4.73 6.90
CA GLN D 226 15.19 -4.66 5.85
C GLN D 226 15.69 -5.32 4.57
N ASP D 227 16.95 -5.07 4.20
CA ASP D 227 17.52 -5.74 3.04
C ASP D 227 17.64 -7.25 3.29
N GLU D 228 18.05 -7.64 4.50
CA GLU D 228 18.11 -9.05 4.82
C GLU D 228 16.72 -9.68 4.85
N SER D 229 15.71 -8.93 5.27
CA SER D 229 14.35 -9.45 5.27
C SER D 229 13.89 -9.80 3.85
N GLU D 230 14.24 -8.95 2.87
CA GLU D 230 13.90 -9.25 1.49
C GLU D 230 14.57 -10.51 1.00
N ALA D 231 15.84 -10.74 1.38
CA ALA D 231 16.52 -11.97 0.99
C ALA D 231 15.86 -13.18 1.63
N VAL D 232 15.48 -13.07 2.91
CA VAL D 232 14.77 -14.16 3.56
C VAL D 232 13.35 -14.28 3.00
N CYS D 233 12.70 -13.14 2.72
CA CYS D 233 11.37 -13.18 2.13
C CYS D 233 11.38 -13.69 0.70
N SER D 234 12.55 -13.68 0.04
CA SER D 234 12.62 -14.22 -1.32
C SER D 234 12.28 -15.70 -1.34
N GLU D 235 12.81 -16.46 -0.37
CA GLU D 235 12.47 -17.88 -0.29
C GLU D 235 10.97 -18.06 -0.03
N TRP D 236 10.40 -17.25 0.86
CA TRP D 236 8.97 -17.32 1.11
C TRP D 236 8.17 -16.92 -0.13
N LYS D 237 8.63 -15.88 -0.83
CA LYS D 237 7.96 -15.47 -2.06
C LYS D 237 8.01 -16.58 -3.10
N PHE D 238 9.15 -17.23 -3.26
CA PHE D 238 9.27 -18.35 -4.19
C PHE D 238 8.52 -19.57 -3.70
N ALA D 239 8.28 -19.69 -2.40
CA ALA D 239 7.53 -20.84 -1.88
C ALA D 239 6.11 -20.86 -2.44
N ALA D 240 5.47 -19.70 -2.54
CA ALA D 240 4.14 -19.64 -3.14
C ALA D 240 4.19 -19.85 -4.64
N CYS D 241 5.27 -19.42 -5.29
CA CYS D 241 5.38 -19.61 -6.74
C CYS D 241 5.48 -21.08 -7.10
N VAL D 242 6.30 -21.84 -6.37
CA VAL D 242 6.46 -23.26 -6.67
C VAL D 242 5.16 -24.00 -6.37
N VAL D 243 4.44 -23.60 -5.33
CA VAL D 243 3.18 -24.25 -5.00
C VAL D 243 2.18 -24.08 -6.14
N ASP D 244 2.08 -22.85 -6.67
CA ASP D 244 1.20 -22.62 -7.81
C ASP D 244 1.72 -23.32 -9.06
N ARG D 245 3.03 -23.29 -9.27
CA ARG D 245 3.61 -23.98 -10.43
C ARG D 245 3.43 -25.49 -10.30
N LEU D 246 3.64 -26.03 -9.10
CA LEU D 246 3.46 -27.46 -8.90
C LEU D 246 2.01 -27.87 -9.13
N CYS D 247 1.07 -27.07 -8.65
CA CYS D 247 -0.34 -27.39 -8.84
C CYS D 247 -0.75 -27.33 -10.30
N LEU D 248 -0.05 -26.50 -11.10
CA LEU D 248 -0.37 -26.42 -12.52
C LEU D 248 -0.12 -27.75 -13.22
N MET D 249 0.99 -28.42 -12.89
CA MET D 249 1.28 -29.71 -13.49
C MET D 249 0.36 -30.81 -12.92
N ALA D 250 -0.02 -30.69 -11.65
CA ALA D 250 -0.89 -31.71 -11.06
C ALA D 250 -2.29 -31.65 -11.67
N PHE D 251 -2.80 -30.44 -11.92
CA PHE D 251 -4.12 -30.29 -12.50
C PHE D 251 -4.13 -30.45 -14.02
N SER D 252 -2.96 -30.45 -14.66
CA SER D 252 -2.91 -30.65 -16.11
C SER D 252 -3.45 -32.01 -16.49
N VAL D 253 -3.09 -33.05 -15.72
CA VAL D 253 -3.58 -34.39 -16.02
C VAL D 253 -5.10 -34.45 -15.89
N PHE D 254 -5.64 -33.82 -14.84
CA PHE D 254 -7.09 -33.82 -14.65
C PHE D 254 -7.78 -33.10 -15.80
N THR D 255 -7.24 -31.98 -16.25
CA THR D 255 -7.83 -31.26 -17.37
C THR D 255 -7.80 -32.10 -18.63
N ILE D 256 -6.69 -32.80 -18.88
CA ILE D 256 -6.59 -33.67 -20.05
C ILE D 256 -7.63 -34.79 -19.97
N ILE D 257 -7.78 -35.39 -18.79
CA ILE D 257 -8.75 -36.46 -18.62
C ILE D 257 -10.15 -35.95 -18.91
N CYS D 258 -10.50 -34.77 -18.38
CA CYS D 258 -11.82 -34.21 -18.62
C CYS D 258 -12.04 -33.94 -20.11
N THR D 259 -11.02 -33.40 -20.78
CA THR D 259 -11.15 -33.13 -22.22
C THR D 259 -11.33 -34.42 -23.00
N ILE D 260 -10.59 -35.47 -22.62
CA ILE D 260 -10.73 -36.75 -23.31
C ILE D 260 -12.12 -37.34 -23.10
N GLY D 261 -12.66 -37.19 -21.88
CA GLY D 261 -13.97 -37.75 -21.60
C GLY D 261 -15.06 -37.15 -22.48
N ILE D 262 -15.05 -35.83 -22.65
CA ILE D 262 -16.05 -35.17 -23.48
C ILE D 262 -15.83 -35.42 -24.96
N LEU D 263 -14.66 -35.92 -25.35
CA LEU D 263 -14.38 -36.18 -26.75
C LEU D 263 -15.09 -37.43 -27.27
N MET D 264 -15.48 -38.33 -26.38
CA MET D 264 -16.15 -39.57 -26.76
C MET D 264 -17.54 -39.73 -26.16
N SER D 265 -17.80 -39.15 -25.00
CA SER D 265 -19.10 -39.27 -24.36
C SER D 265 -20.08 -38.18 -24.77
N ALA D 266 -19.59 -37.02 -25.21
CA ALA D 266 -20.49 -35.95 -25.62
C ALA D 266 -21.39 -36.35 -26.77
N PRO D 267 -20.91 -36.98 -27.84
CA PRO D 267 -21.80 -37.34 -28.95
C PRO D 267 -22.91 -38.31 -28.54
N ASN D 268 -22.71 -39.10 -27.49
CA ASN D 268 -23.70 -40.06 -27.05
C ASN D 268 -24.56 -39.55 -25.90
N PHE D 269 -24.08 -38.59 -25.13
CA PHE D 269 -24.80 -38.03 -24.00
C PHE D 269 -25.20 -36.58 -24.21
N VAL D 270 -24.24 -35.72 -24.53
CA VAL D 270 -24.51 -34.31 -24.76
C VAL D 270 -25.01 -34.10 -26.19
N LEU E 7 -37.47 -1.24 -33.18
CA LEU E 7 -37.05 -2.57 -32.75
C LEU E 7 -36.98 -2.65 -31.23
N TYR E 8 -37.96 -3.32 -30.64
CA TYR E 8 -37.98 -3.46 -29.18
C TYR E 8 -36.76 -4.23 -28.69
N TYR E 9 -36.41 -5.32 -29.39
CA TYR E 9 -35.24 -6.10 -28.98
C TYR E 9 -33.94 -5.37 -29.29
N GLY E 10 -33.93 -4.54 -30.34
CA GLY E 10 -32.73 -3.80 -30.69
C GLY E 10 -32.49 -2.54 -29.88
N LEU E 11 -33.46 -2.16 -29.04
CA LEU E 11 -33.32 -0.97 -28.19
C LEU E 11 -32.99 -1.31 -26.74
N ASN E 12 -33.07 -2.59 -26.36
CA ASN E 12 -32.78 -3.02 -24.99
C ASN E 12 -31.68 -4.07 -24.91
N LEU E 13 -31.27 -4.65 -26.04
CA LEU E 13 -30.22 -5.67 -26.05
C LEU E 13 -29.04 -5.30 -26.93
N LEU E 14 -29.29 -4.68 -28.08
CA LEU E 14 -28.20 -4.27 -28.96
C LEU E 14 -27.49 -3.02 -28.43
N ILE E 15 -28.26 -2.10 -27.82
CA ILE E 15 -27.65 -0.87 -27.30
C ILE E 15 -26.60 -1.18 -26.23
N PRO E 16 -26.90 -1.97 -25.19
CA PRO E 16 -25.86 -2.27 -24.19
C PRO E 16 -24.65 -2.97 -24.78
N CYS E 17 -24.82 -3.72 -25.87
CA CYS E 17 -23.69 -4.42 -26.47
C CYS E 17 -22.63 -3.42 -26.97
N VAL E 18 -23.07 -2.33 -27.60
CA VAL E 18 -22.13 -1.33 -28.08
C VAL E 18 -21.46 -0.61 -26.91
N LEU E 19 -22.22 -0.34 -25.86
CA LEU E 19 -21.67 0.36 -24.71
C LEU E 19 -20.56 -0.45 -24.05
N ILE E 20 -20.77 -1.76 -23.91
CA ILE E 20 -19.76 -2.61 -23.28
C ILE E 20 -18.48 -2.61 -24.11
N SER E 21 -18.60 -2.73 -25.43
CA SER E 21 -17.42 -2.71 -26.28
C SER E 21 -16.69 -1.38 -26.21
N ALA E 22 -17.44 -0.27 -26.19
CA ALA E 22 -16.82 1.04 -26.12
C ALA E 22 -16.08 1.23 -24.80
N LEU E 23 -16.66 0.77 -23.70
CA LEU E 23 -16.02 0.93 -22.41
C LEU E 23 -14.73 0.11 -22.31
N ALA E 24 -14.68 -1.03 -22.99
CA ALA E 24 -13.48 -1.87 -22.95
C ALA E 24 -12.28 -1.16 -23.57
N LEU E 25 -12.52 -0.35 -24.60
CA LEU E 25 -11.42 0.36 -25.26
C LEU E 25 -10.73 1.32 -24.30
N LEU E 26 -11.50 1.97 -23.42
CA LEU E 26 -10.91 2.91 -22.47
C LEU E 26 -10.04 2.23 -21.44
N VAL E 27 -10.29 0.94 -21.15
CA VAL E 27 -9.48 0.23 -20.16
C VAL E 27 -8.05 0.06 -20.65
N PHE E 28 -7.86 -0.18 -21.95
CA PHE E 28 -6.53 -0.38 -22.49
C PHE E 28 -5.65 0.86 -22.38
N LEU E 29 -6.25 2.03 -22.25
CA LEU E 29 -5.50 3.28 -22.17
C LEU E 29 -5.15 3.67 -20.74
N LEU E 30 -5.54 2.87 -19.74
CA LEU E 30 -5.23 3.19 -18.37
C LEU E 30 -3.76 2.89 -18.06
N PRO E 31 -3.17 3.60 -17.10
CA PRO E 31 -1.76 3.34 -16.77
C PRO E 31 -1.55 1.95 -16.20
N ALA E 32 -0.37 1.40 -16.46
CA ALA E 32 -0.04 0.08 -15.95
C ALA E 32 0.27 0.10 -14.46
N ASP E 33 0.64 1.25 -13.90
CA ASP E 33 0.95 1.35 -12.49
C ASP E 33 -0.27 1.18 -11.59
N SER E 34 -1.48 1.24 -12.15
CA SER E 34 -2.70 1.09 -11.36
C SER E 34 -2.98 -0.39 -11.18
N GLY E 35 -2.63 -0.92 -10.01
CA GLY E 35 -2.88 -2.31 -9.71
C GLY E 35 -4.29 -2.63 -9.26
N GLU E 36 -5.12 -1.61 -9.05
CA GLU E 36 -6.50 -1.80 -8.63
C GLU E 36 -7.47 -1.79 -9.80
N LYS E 37 -6.98 -1.71 -11.03
CA LYS E 37 -7.85 -1.69 -12.21
C LYS E 37 -8.34 -3.07 -12.60
N ILE E 38 -7.84 -4.13 -11.97
CA ILE E 38 -8.30 -5.47 -12.30
C ILE E 38 -9.78 -5.64 -11.97
N SER E 39 -10.26 -4.95 -10.93
CA SER E 39 -11.67 -5.04 -10.58
C SER E 39 -12.56 -4.40 -11.64
N LEU E 40 -12.05 -3.40 -12.36
CA LEU E 40 -12.85 -2.78 -13.41
C LEU E 40 -13.20 -3.77 -14.51
N GLY E 41 -12.24 -4.61 -14.90
CA GLY E 41 -12.52 -5.61 -15.92
C GLY E 41 -13.56 -6.63 -15.51
N ILE E 42 -13.57 -7.00 -14.22
CA ILE E 42 -14.56 -7.96 -13.74
C ILE E 42 -15.96 -7.40 -13.90
N THR E 43 -16.15 -6.12 -13.57
CA THR E 43 -17.47 -5.52 -13.68
C THR E 43 -17.95 -5.53 -15.13
N VAL E 44 -17.07 -5.20 -16.06
CA VAL E 44 -17.46 -5.20 -17.48
C VAL E 44 -17.85 -6.61 -17.91
N LEU E 45 -17.05 -7.62 -17.53
CA LEU E 45 -17.38 -8.99 -17.86
C LEU E 45 -18.65 -9.43 -17.14
N LEU E 46 -18.80 -9.06 -15.87
CA LEU E 46 -19.99 -9.44 -15.12
C LEU E 46 -21.25 -8.82 -15.72
N SER E 47 -21.17 -7.55 -16.13
CA SER E 47 -22.33 -6.89 -16.71
C SER E 47 -22.75 -7.56 -18.01
N LEU E 48 -21.79 -7.96 -18.84
CA LEU E 48 -22.13 -8.62 -20.10
C LEU E 48 -22.84 -9.95 -19.85
N THR E 49 -22.38 -10.72 -18.86
CA THR E 49 -23.02 -11.99 -18.56
C THR E 49 -24.43 -11.80 -18.04
N VAL E 50 -24.66 -10.77 -17.22
CA VAL E 50 -26.00 -10.53 -16.69
C VAL E 50 -26.98 -10.24 -17.82
N PHE E 51 -26.57 -9.41 -18.78
CA PHE E 51 -27.44 -9.09 -19.91
C PHE E 51 -27.59 -10.26 -20.87
N MET E 52 -26.65 -11.20 -20.86
CA MET E 52 -26.76 -12.35 -21.75
C MET E 52 -27.81 -13.34 -21.27
N LEU E 53 -28.11 -13.35 -19.96
CA LEU E 53 -29.11 -14.26 -19.44
C LEU E 53 -30.50 -13.94 -19.97
N LEU E 54 -30.81 -12.65 -20.15
CA LEU E 54 -32.14 -12.27 -20.64
C LEU E 54 -32.38 -12.83 -22.03
N VAL E 55 -31.37 -12.77 -22.91
CA VAL E 55 -31.54 -13.29 -24.26
C VAL E 55 -31.78 -14.80 -24.22
N ALA E 56 -31.08 -15.51 -23.34
CA ALA E 56 -31.24 -16.96 -23.25
C ALA E 56 -32.66 -17.35 -22.86
N GLU E 57 -33.37 -16.48 -22.14
CA GLU E 57 -34.75 -16.79 -21.75
C GLU E 57 -35.72 -16.66 -22.93
N ILE E 58 -35.38 -15.83 -23.92
CA ILE E 58 -36.22 -15.63 -25.08
C ILE E 58 -35.63 -16.23 -26.34
N MET E 59 -34.36 -16.64 -26.33
CA MET E 59 -33.74 -17.21 -27.51
C MET E 59 -34.42 -18.55 -27.85
N PRO E 60 -34.78 -18.78 -29.11
CA PRO E 60 -35.41 -20.06 -29.46
C PRO E 60 -34.52 -21.24 -29.11
N SER E 61 -35.13 -22.30 -28.60
CA SER E 61 -34.41 -23.52 -28.22
C SER E 61 -34.32 -24.41 -29.45
N THR E 62 -33.25 -24.21 -30.23
CA THR E 62 -33.04 -25.00 -31.43
C THR E 62 -32.37 -26.32 -31.09
N SER E 63 -32.24 -27.18 -32.10
CA SER E 63 -31.62 -28.49 -31.92
C SER E 63 -30.12 -28.45 -32.22
N ASP E 64 -29.76 -28.04 -33.43
CA ASP E 64 -28.36 -27.97 -33.83
C ASP E 64 -28.00 -26.69 -34.58
N SER E 65 -28.97 -25.81 -34.85
CA SER E 65 -28.73 -24.56 -35.56
C SER E 65 -29.01 -23.42 -34.58
N SER E 66 -27.97 -23.01 -33.87
CA SER E 66 -28.12 -21.95 -32.88
C SER E 66 -28.52 -20.65 -33.57
N PRO E 67 -29.45 -19.87 -32.98
CA PRO E 67 -29.82 -18.60 -33.60
C PRO E 67 -28.63 -17.65 -33.71
N SER E 68 -28.65 -16.82 -34.75
CA SER E 68 -27.57 -15.87 -34.98
C SER E 68 -27.54 -14.75 -33.95
N ILE E 69 -28.57 -14.63 -33.12
CA ILE E 69 -28.58 -13.55 -32.12
C ILE E 69 -27.41 -13.68 -31.17
N ALA E 70 -27.04 -14.90 -30.80
CA ALA E 70 -25.93 -15.12 -29.89
C ALA E 70 -24.58 -14.83 -30.54
N GLN E 71 -24.52 -14.77 -31.88
CA GLN E 71 -23.27 -14.48 -32.56
C GLN E 71 -22.77 -13.09 -32.22
N TYR E 72 -23.68 -12.11 -32.16
CA TYR E 72 -23.26 -10.74 -31.84
C TYR E 72 -22.63 -10.66 -30.46
N PHE E 73 -23.23 -11.32 -29.47
CA PHE E 73 -22.66 -11.32 -28.12
C PHE E 73 -21.43 -12.20 -28.04
N ALA E 74 -21.38 -13.28 -28.83
CA ALA E 74 -20.22 -14.16 -28.80
C ALA E 74 -18.95 -13.43 -29.23
N SER E 75 -19.05 -12.62 -30.29
CA SER E 75 -17.90 -11.84 -30.74
C SER E 75 -17.52 -10.78 -29.72
N THR E 76 -18.49 -10.20 -29.03
CA THR E 76 -18.18 -9.18 -28.02
C THR E 76 -17.38 -9.77 -26.88
N MET E 77 -17.71 -11.00 -26.47
CA MET E 77 -17.00 -11.62 -25.35
C MET E 77 -15.53 -11.84 -25.65
N ILE E 78 -15.14 -11.88 -26.92
CA ILE E 78 -13.73 -12.06 -27.26
C ILE E 78 -12.93 -10.84 -26.80
N ILE E 79 -13.43 -9.64 -27.09
CA ILE E 79 -12.75 -8.42 -26.66
C ILE E 79 -12.88 -8.26 -25.15
N VAL E 80 -14.08 -8.47 -24.61
CA VAL E 80 -14.29 -8.35 -23.17
C VAL E 80 -13.51 -9.42 -22.43
N GLY E 81 -13.55 -10.65 -22.92
CA GLY E 81 -12.83 -11.73 -22.25
C GLY E 81 -11.33 -11.49 -22.22
N LEU E 82 -10.77 -11.01 -23.33
CA LEU E 82 -9.35 -10.74 -23.40
C LEU E 82 -8.95 -9.46 -22.69
N SER E 83 -9.92 -8.58 -22.38
CA SER E 83 -9.61 -7.35 -21.68
C SER E 83 -9.26 -7.59 -20.21
N VAL E 84 -9.74 -8.69 -19.63
CA VAL E 84 -9.42 -8.99 -18.23
C VAL E 84 -8.08 -9.70 -18.13
N VAL E 85 -7.74 -10.55 -19.09
CA VAL E 85 -6.47 -11.28 -19.04
C VAL E 85 -5.31 -10.30 -19.13
N VAL E 86 -5.39 -9.33 -20.04
CA VAL E 86 -4.32 -8.36 -20.19
C VAL E 86 -4.13 -7.56 -18.91
N THR E 87 -5.22 -7.22 -18.24
CA THR E 87 -5.12 -6.47 -16.99
C THR E 87 -4.40 -7.25 -15.89
N VAL E 88 -4.44 -8.58 -15.94
CA VAL E 88 -3.72 -9.36 -14.95
C VAL E 88 -2.25 -9.51 -15.32
N ILE E 89 -1.93 -9.50 -16.62
CA ILE E 89 -0.54 -9.58 -17.05
C ILE E 89 0.24 -8.33 -16.67
N VAL E 90 -0.45 -7.25 -16.32
CA VAL E 90 0.24 -6.00 -15.96
C VAL E 90 1.13 -6.24 -14.74
N LEU E 91 0.60 -6.91 -13.73
CA LEU E 91 1.39 -7.20 -12.54
C LEU E 91 2.42 -8.30 -12.78
N GLN E 92 2.22 -9.13 -13.79
CA GLN E 92 3.19 -10.20 -14.07
C GLN E 92 4.55 -9.63 -14.44
N TYR E 93 4.58 -8.60 -15.30
CA TYR E 93 5.83 -8.00 -15.70
C TYR E 93 6.40 -7.08 -14.64
N HIS E 94 5.54 -6.40 -13.87
CA HIS E 94 6.03 -5.46 -12.87
C HIS E 94 6.85 -6.18 -11.80
N HIS E 95 6.37 -7.33 -11.32
CA HIS E 95 7.11 -8.07 -10.29
C HIS E 95 8.32 -8.77 -10.89
N HIS E 96 8.18 -9.32 -12.10
CA HIS E 96 9.27 -10.03 -12.77
C HIS E 96 9.79 -11.17 -11.89
N ASP E 97 8.86 -12.04 -11.49
CA ASP E 97 9.19 -13.18 -10.65
C ASP E 97 9.64 -14.36 -11.50
N PRO E 98 10.31 -15.34 -10.90
CA PRO E 98 10.76 -16.51 -11.69
C PRO E 98 9.62 -17.28 -12.33
N ASP E 99 8.42 -17.22 -11.77
CA ASP E 99 7.28 -17.95 -12.32
C ASP E 99 6.61 -17.21 -13.47
N GLY E 100 7.02 -15.99 -13.77
CA GLY E 100 6.45 -15.24 -14.86
C GLY E 100 6.98 -13.83 -14.97
N GLY E 101 7.25 -13.39 -16.20
CA GLY E 101 7.76 -12.05 -16.41
C GLY E 101 8.51 -11.99 -17.73
N LYS E 102 9.27 -10.90 -17.89
CA LYS E 102 10.07 -10.68 -19.08
C LYS E 102 11.48 -11.25 -18.92
N MET E 103 11.55 -12.53 -18.57
CA MET E 103 12.85 -13.17 -18.36
C MET E 103 13.71 -13.17 -19.61
N PRO E 104 13.21 -13.52 -20.79
CA PRO E 104 14.07 -13.54 -21.98
C PRO E 104 14.70 -12.17 -22.24
N LYS E 105 15.99 -12.18 -22.55
CA LYS E 105 16.70 -10.94 -22.84
C LYS E 105 16.39 -10.43 -24.25
N TRP E 106 16.06 -11.32 -25.18
CA TRP E 106 15.77 -10.90 -26.54
C TRP E 106 14.57 -9.97 -26.60
N THR E 107 13.52 -10.30 -25.84
CA THR E 107 12.32 -9.46 -25.85
C THR E 107 12.61 -8.06 -25.30
N ARG E 108 13.57 -7.94 -24.38
CA ARG E 108 13.90 -6.63 -23.83
C ARG E 108 14.43 -5.69 -24.90
N VAL E 109 15.27 -6.19 -25.80
CA VAL E 109 15.80 -5.36 -26.88
C VAL E 109 14.68 -4.87 -27.77
N ILE E 110 13.76 -5.77 -28.14
CA ILE E 110 12.63 -5.37 -28.98
C ILE E 110 11.70 -4.44 -28.22
N LEU E 111 11.63 -4.58 -26.89
CA LEU E 111 10.74 -3.73 -26.10
C LEU E 111 11.15 -2.26 -26.21
N LEU E 112 12.46 -1.99 -26.21
CA LEU E 112 12.92 -0.61 -26.30
C LEU E 112 12.49 0.03 -27.59
N ASN E 113 12.54 -0.72 -28.71
CA ASN E 113 12.11 -0.17 -29.99
C ASN E 113 10.62 0.14 -29.99
N TRP E 114 9.81 -0.73 -29.37
CA TRP E 114 8.38 -0.51 -29.33
C TRP E 114 8.03 0.76 -28.57
N CYS E 115 8.70 0.99 -27.44
CA CYS E 115 8.41 2.19 -26.66
C CYS E 115 8.74 3.46 -27.44
N ALA E 116 9.87 3.47 -28.15
CA ALA E 116 10.23 4.63 -28.95
C ALA E 116 9.48 4.71 -30.26
N TRP E 117 8.99 3.58 -30.78
CA TRP E 117 8.25 3.60 -32.04
C TRP E 117 6.96 4.40 -31.90
N PHE E 118 6.25 4.24 -30.79
CA PHE E 118 4.99 4.96 -30.60
C PHE E 118 5.23 6.46 -30.57
N LEU E 119 6.30 6.90 -29.88
CA LEU E 119 6.58 8.33 -29.80
C LEU E 119 6.87 8.91 -31.19
N ARG E 120 7.68 8.21 -31.98
CA ARG E 120 8.02 8.63 -33.34
C ARG E 120 7.93 7.39 -34.23
N MET E 121 6.73 7.15 -34.78
CA MET E 121 6.53 6.01 -35.66
C MET E 121 7.25 6.23 -36.99
N LYS E 122 7.87 5.16 -37.48
CA LYS E 122 8.56 5.23 -38.77
C LYS E 122 7.57 5.29 -39.94
N ARG E 123 6.30 4.97 -39.71
CA ARG E 123 5.32 4.99 -40.77
C ARG E 123 4.97 6.42 -41.14
N PRO E 124 4.36 6.63 -42.32
CA PRO E 124 4.01 8.00 -42.74
C PRO E 124 3.04 8.69 -41.80
N GLY E 125 2.32 7.95 -40.96
CA GLY E 125 1.37 8.58 -40.07
C GLY E 125 1.99 9.62 -39.17
N GLU E 126 3.20 9.34 -38.66
CA GLU E 126 3.93 10.26 -37.81
C GLU E 126 5.30 10.65 -38.34
N ASP E 127 5.91 9.80 -39.18
CA ASP E 127 7.21 10.15 -39.73
C ASP E 127 7.12 11.33 -40.71
N LYS E 128 6.03 11.39 -41.49
CA LYS E 128 5.84 12.48 -42.43
C LYS E 128 5.08 13.66 -41.85
N VAL E 129 4.19 13.40 -40.90
CA VAL E 129 3.41 14.47 -40.26
C VAL E 129 4.24 14.99 -39.09
N ARG E 130 5.14 15.91 -39.37
CA ARG E 130 6.00 16.51 -38.37
C ARG E 130 6.75 17.67 -39.02
N PRO E 131 7.18 18.66 -38.22
CA PRO E 131 7.92 19.79 -38.79
C PRO E 131 9.21 19.33 -39.46
N ALA E 132 9.55 19.98 -40.56
CA ALA E 132 10.76 19.66 -41.31
C ALA E 132 11.23 20.91 -42.04
N CYS E 133 12.55 21.07 -42.12
CA CYS E 133 13.15 22.22 -42.77
C CYS E 133 14.58 21.85 -43.17
N GLN E 134 15.32 22.82 -43.70
CA GLN E 134 16.70 22.61 -44.12
C GLN E 134 17.70 23.07 -43.07
N HIS E 135 17.24 23.38 -41.85
CA HIS E 135 18.13 23.83 -40.81
C HIS E 135 19.06 22.71 -40.36
N LYS E 136 20.18 23.11 -39.75
CA LYS E 136 21.18 22.14 -39.30
C LYS E 136 20.67 21.25 -38.18
N GLN E 137 19.56 21.61 -37.52
CA GLN E 137 19.04 20.79 -36.44
C GLN E 137 18.58 19.42 -36.92
N ARG E 138 18.24 19.29 -38.20
CA ARG E 138 17.78 18.02 -38.77
C ARG E 138 18.90 17.24 -39.44
N ARG E 139 20.14 17.71 -39.36
CA ARG E 139 21.27 17.04 -39.99
C ARG E 139 21.89 16.05 -39.01
N CYS E 140 22.89 15.30 -39.50
CA CYS E 140 23.58 14.30 -38.70
C CYS E 140 25.08 14.39 -38.99
N SER E 141 25.88 13.93 -38.03
CA SER E 141 27.32 13.97 -38.15
C SER E 141 27.90 12.74 -37.44
N LEU E 142 29.21 12.77 -37.20
CA LEU E 142 29.86 11.64 -36.55
C LEU E 142 29.34 11.44 -35.14
N ALA E 143 29.09 12.54 -34.42
CA ALA E 143 28.61 12.43 -33.05
C ALA E 143 27.26 11.73 -33.00
N SER E 144 26.35 12.07 -33.91
CA SER E 144 25.03 11.45 -33.91
C SER E 144 25.11 9.96 -34.17
N VAL E 145 25.96 9.54 -35.11
CA VAL E 145 26.12 8.13 -35.47
C VAL E 145 27.21 7.56 -34.57
N GLU E 146 26.80 6.75 -33.59
CA GLU E 146 27.73 6.13 -32.64
C GLU E 146 28.01 4.68 -32.99
N MET E 147 27.97 4.33 -34.28
CA MET E 147 28.23 2.96 -34.70
C MET E 147 29.70 2.59 -34.56
N SER E 148 30.60 3.57 -34.53
CA SER E 148 32.04 3.35 -34.41
C SER E 148 32.54 3.75 -33.03
N ALA E 149 31.73 3.50 -32.00
CA ALA E 149 32.10 3.83 -30.61
C ALA E 149 32.39 5.32 -30.46
N VAL E 150 31.53 6.14 -31.05
CA VAL E 150 31.65 7.59 -30.98
C VAL E 150 30.83 8.10 -29.80
N ALA E 151 31.42 8.97 -29.01
CA ALA E 151 30.73 9.52 -27.85
C ALA E 151 29.54 10.36 -28.29
N PRO E 152 28.35 10.14 -27.75
CA PRO E 152 27.19 10.93 -28.17
C PRO E 152 27.30 12.37 -27.69
N PRO E 153 26.56 13.29 -28.30
CA PRO E 153 26.63 14.69 -27.86
C PRO E 153 26.22 14.83 -26.41
N PRO E 154 26.84 15.74 -25.66
CA PRO E 154 26.45 15.92 -24.25
C PRO E 154 24.97 16.22 -24.12
N ALA E 155 24.28 15.38 -23.36
CA ALA E 155 22.85 15.55 -23.13
C ALA E 155 22.48 14.93 -21.79
N SER E 156 21.33 15.35 -21.27
CA SER E 156 20.81 14.85 -20.00
C SER E 156 19.80 13.72 -20.20
N ASN E 157 19.61 13.25 -21.43
CA ASN E 157 18.65 12.21 -21.73
C ASN E 157 19.24 10.81 -21.61
N GLY E 158 20.50 10.69 -21.19
CA GLY E 158 21.14 9.39 -21.04
C GLY E 158 22.34 9.23 -21.95
N ASN E 159 23.02 10.33 -22.26
CA ASN E 159 24.21 10.32 -23.09
C ASN E 159 25.48 10.63 -22.32
N LEU E 160 25.50 11.75 -21.59
CA LEU E 160 26.66 12.11 -20.79
C LEU E 160 26.55 11.62 -19.35
N LEU E 161 25.34 11.53 -18.81
CA LEU E 161 25.17 11.07 -17.43
C LEU E 161 25.65 9.64 -17.27
N TYR E 162 25.33 8.77 -18.24
CA TYR E 162 25.73 7.37 -18.14
C TYR E 162 27.25 7.22 -18.17
N ILE E 163 27.92 8.01 -19.01
CA ILE E 163 29.37 7.88 -19.15
C ILE E 163 30.07 8.20 -17.84
N GLY E 164 29.58 9.20 -17.11
CA GLY E 164 30.19 9.57 -15.85
C GLY E 164 29.98 8.55 -14.75
N PHE E 165 28.75 8.04 -14.64
CA PHE E 165 28.42 7.09 -13.58
C PHE E 165 28.64 5.64 -14.02
N ARG E 166 28.12 5.26 -15.18
CA ARG E 166 28.22 3.89 -15.66
C ARG E 166 29.54 3.62 -16.40
N GLY E 167 30.39 4.62 -16.56
CA GLY E 167 31.65 4.41 -17.23
C GLY E 167 32.70 3.78 -16.33
N LEU E 168 32.44 2.57 -15.87
CA LEU E 168 33.37 1.88 -14.99
C LEU E 168 34.65 1.51 -15.75
N ASP E 169 35.75 1.40 -15.01
CA ASP E 169 37.05 1.07 -15.57
C ASP E 169 37.47 2.09 -16.64
N GLY E 170 37.13 3.36 -16.41
CA GLY E 170 37.46 4.41 -17.35
C GLY E 170 38.15 5.59 -16.68
N VAL E 171 38.08 6.76 -17.31
CA VAL E 171 38.75 7.94 -16.76
C VAL E 171 38.15 8.29 -15.40
N HIS E 172 36.83 8.15 -15.26
CA HIS E 172 36.18 8.50 -14.00
C HIS E 172 36.69 7.65 -12.86
N CYS E 173 36.86 6.34 -13.09
CA CYS E 173 37.29 5.42 -12.04
C CYS E 173 38.80 5.24 -12.03
N VAL E 174 39.37 4.79 -13.14
CA VAL E 174 40.80 4.53 -13.24
C VAL E 174 41.38 5.35 -14.39
N PRO E 175 41.91 6.55 -14.13
CA PRO E 175 42.48 7.35 -15.23
C PRO E 175 43.81 6.81 -15.71
N THR E 176 43.77 5.76 -16.52
CA THR E 176 45.01 5.16 -17.02
C THR E 176 45.84 6.15 -17.82
N PRO E 177 45.30 6.93 -18.73
CA PRO E 177 46.13 7.89 -19.48
C PRO E 177 46.82 8.86 -18.55
N ASP E 178 48.13 9.01 -18.74
CA ASP E 178 48.93 9.92 -17.91
C ASP E 178 48.75 11.34 -18.43
N SER E 179 47.95 12.13 -17.73
CA SER E 179 47.69 13.51 -18.10
C SER E 179 48.57 14.51 -17.36
N GLY E 180 49.03 14.17 -16.16
CA GLY E 180 49.88 15.07 -15.40
C GLY E 180 49.19 16.37 -15.03
N VAL E 181 47.93 16.30 -14.64
CA VAL E 181 47.15 17.48 -14.24
C VAL E 181 46.94 17.51 -12.73
N VAL E 182 46.53 16.38 -12.14
CA VAL E 182 46.32 16.33 -10.70
C VAL E 182 47.63 16.21 -9.93
N CYS E 183 48.70 15.77 -10.59
CA CYS E 183 49.99 15.63 -9.94
C CYS E 183 51.13 16.26 -10.75
N GLY E 184 50.81 16.99 -11.81
CA GLY E 184 51.83 17.63 -12.63
C GLY E 184 51.54 19.09 -12.89
N ARG E 185 50.35 19.55 -12.52
CA ARG E 185 49.95 20.94 -12.70
C ARG E 185 49.34 21.46 -11.40
N MET E 186 48.89 22.71 -11.43
CA MET E 186 48.28 23.37 -10.28
C MET E 186 46.77 23.43 -10.40
N ALA E 187 46.15 22.38 -10.95
CA ALA E 187 44.69 22.32 -11.13
C ALA E 187 44.07 21.88 -9.82
N CYS E 188 44.05 22.80 -8.85
CA CYS E 188 43.47 22.55 -7.53
C CYS E 188 44.15 21.38 -6.83
N SER E 189 45.44 21.16 -7.10
CA SER E 189 46.18 20.09 -6.47
C SER E 189 47.66 20.44 -6.51
N PRO E 190 48.45 20.03 -5.52
CA PRO E 190 49.89 20.32 -5.56
C PRO E 190 50.57 19.61 -6.72
N THR E 191 51.66 20.22 -7.19
CA THR E 191 52.46 19.66 -8.29
C THR E 191 53.40 18.61 -7.72
N HIS E 192 52.82 17.46 -7.37
CA HIS E 192 53.56 16.33 -6.81
C HIS E 192 54.30 16.77 -5.53
N ASP E 193 53.52 17.26 -4.57
CA ASP E 193 54.06 17.72 -3.29
C ASP E 193 53.99 16.56 -2.30
N GLU E 194 55.13 15.90 -2.11
CA GLU E 194 55.20 14.78 -1.18
C GLU E 194 55.31 15.22 0.28
N HIS E 195 55.55 16.51 0.53
CA HIS E 195 55.67 17.04 1.88
C HIS E 195 54.53 18.01 2.20
N LEU E 196 53.32 17.68 1.75
CA LEU E 196 52.15 18.52 1.99
C LEU E 196 51.62 18.21 3.39
N LEU E 197 52.31 18.75 4.39
CA LEU E 197 51.95 18.56 5.80
C LEU E 197 51.22 19.80 6.29
N HIS E 198 49.97 19.62 6.73
CA HIS E 198 49.16 20.72 7.26
C HIS E 198 49.42 20.83 8.76
N GLY E 199 50.49 21.55 9.09
CA GLY E 199 50.90 21.71 10.48
C GLY E 199 51.54 20.48 11.08
N GLY E 200 52.10 19.59 10.26
CA GLY E 200 52.73 18.38 10.73
C GLY E 200 51.89 17.13 10.55
N GLN E 201 50.59 17.27 10.26
CA GLN E 201 49.72 16.14 10.05
C GLN E 201 49.77 15.67 8.60
N PRO E 202 49.36 14.44 8.32
CA PRO E 202 49.37 13.96 6.93
C PRO E 202 48.42 14.77 6.06
N PRO E 203 48.36 14.49 4.76
CA PRO E 203 47.44 15.25 3.89
C PRO E 203 46.00 15.16 4.36
N GLU E 204 45.57 14.02 4.89
CA GLU E 204 44.22 13.84 5.38
C GLU E 204 44.14 14.32 6.82
N GLY E 205 43.17 15.20 7.10
CA GLY E 205 43.04 15.72 8.45
C GLY E 205 42.72 14.65 9.48
N ASP E 206 41.84 13.72 9.12
CA ASP E 206 41.47 12.65 10.02
C ASP E 206 41.18 11.37 9.24
N PRO E 207 42.04 10.35 9.33
CA PRO E 207 41.76 9.10 8.61
C PRO E 207 40.48 8.41 9.06
N ASP E 208 39.98 8.72 10.26
CA ASP E 208 38.76 8.07 10.74
C ASP E 208 37.56 8.40 9.89
N LEU E 209 37.59 9.52 9.16
CA LEU E 209 36.47 9.89 8.30
C LEU E 209 36.32 8.96 7.11
N ALA E 210 37.39 8.26 6.72
CA ALA E 210 37.29 7.32 5.61
C ALA E 210 36.32 6.20 5.92
N LYS E 211 36.36 5.67 7.14
CA LYS E 211 35.42 4.62 7.53
C LYS E 211 33.99 5.13 7.49
N ILE E 212 33.77 6.36 7.96
CA ILE E 212 32.42 6.92 7.95
C ILE E 212 31.92 7.07 6.51
N LEU E 213 32.79 7.51 5.61
CA LEU E 213 32.39 7.67 4.22
C LEU E 213 31.95 6.35 3.61
N GLU E 214 32.70 5.28 3.88
CA GLU E 214 32.30 3.96 3.39
C GLU E 214 31.00 3.51 4.02
N GLU E 215 30.83 3.72 5.33
CA GLU E 215 29.59 3.37 5.99
C GLU E 215 28.43 4.21 5.46
N VAL E 216 28.66 5.52 5.26
CA VAL E 216 27.62 6.37 4.72
C VAL E 216 27.31 5.99 3.28
N ARG E 217 28.33 5.61 2.51
CA ARG E 217 28.11 5.20 1.13
C ARG E 217 27.19 3.99 1.05
N TYR E 218 27.25 3.11 2.06
CA TYR E 218 26.37 1.94 2.06
C TYR E 218 24.90 2.37 2.13
N ILE E 219 24.60 3.36 2.96
CA ILE E 219 23.23 3.88 3.04
C ILE E 219 22.82 4.48 1.70
N ALA E 220 23.71 5.27 1.08
CA ALA E 220 23.43 5.82 -0.23
C ALA E 220 23.39 4.73 -1.29
N ASN E 221 24.22 3.70 -1.15
CA ASN E 221 24.21 2.60 -2.11
C ASN E 221 22.88 1.86 -2.07
N ARG E 222 22.31 1.68 -0.88
CA ARG E 222 21.00 1.03 -0.77
C ARG E 222 19.93 1.84 -1.49
N PHE E 223 19.97 3.17 -1.34
CA PHE E 223 19.04 4.02 -2.06
C PHE E 223 19.31 4.00 -3.56
N ARG E 224 20.58 3.87 -3.95
CA ARG E 224 20.91 3.78 -5.38
C ARG E 224 20.28 2.54 -6.01
N CYS E 225 20.32 1.41 -5.29
CA CYS E 225 19.67 0.21 -5.80
C CYS E 225 18.17 0.41 -5.96
N GLN E 226 17.54 1.05 -4.98
CA GLN E 226 16.11 1.36 -5.10
C GLN E 226 15.85 2.30 -6.28
N ASP E 227 16.69 3.33 -6.43
CA ASP E 227 16.56 4.21 -7.58
C ASP E 227 16.84 3.47 -8.88
N GLU E 228 17.85 2.59 -8.88
CA GLU E 228 18.12 1.78 -10.05
C GLU E 228 17.00 0.80 -10.34
N SER E 229 16.36 0.28 -9.29
CA SER E 229 15.24 -0.64 -9.48
C SER E 229 14.09 0.05 -10.21
N GLU E 230 13.82 1.32 -9.87
CA GLU E 230 12.77 2.05 -10.56
C GLU E 230 13.10 2.24 -12.03
N ALA E 231 14.38 2.51 -12.35
CA ALA E 231 14.78 2.63 -13.74
C ALA E 231 14.63 1.29 -14.47
N VAL E 232 15.02 0.20 -13.82
CA VAL E 232 14.82 -1.12 -14.41
C VAL E 232 13.32 -1.44 -14.48
N CYS E 233 12.59 -1.12 -13.41
CA CYS E 233 11.16 -1.35 -13.41
C CYS E 233 10.43 -0.48 -14.41
N SER E 234 11.04 0.62 -14.86
CA SER E 234 10.41 1.48 -15.86
C SER E 234 10.16 0.71 -17.15
N GLU E 235 11.14 -0.07 -17.60
CA GLU E 235 10.95 -0.89 -18.79
C GLU E 235 9.85 -1.93 -18.57
N TRP E 236 9.83 -2.55 -17.39
CA TRP E 236 8.77 -3.50 -17.07
C TRP E 236 7.42 -2.80 -17.01
N LYS E 237 7.38 -1.60 -16.42
CA LYS E 237 6.12 -0.85 -16.38
C LYS E 237 5.64 -0.51 -17.77
N PHE E 238 6.55 -0.09 -18.66
CA PHE E 238 6.18 0.20 -20.03
C PHE E 238 5.86 -1.06 -20.82
N ALA E 239 6.36 -2.22 -20.38
CA ALA E 239 6.04 -3.46 -21.07
C ALA E 239 4.55 -3.76 -21.02
N ALA E 240 3.92 -3.49 -19.87
CA ALA E 240 2.47 -3.69 -19.77
C ALA E 240 1.71 -2.60 -20.52
N CYS E 241 2.26 -1.39 -20.59
CA CYS E 241 1.59 -0.32 -21.32
C CYS E 241 1.51 -0.63 -22.82
N VAL E 242 2.60 -1.12 -23.40
CA VAL E 242 2.60 -1.43 -24.82
C VAL E 242 1.67 -2.59 -25.12
N VAL E 243 1.60 -3.57 -24.21
CA VAL E 243 0.71 -4.71 -24.42
C VAL E 243 -0.73 -4.24 -24.49
N ASP E 244 -1.13 -3.38 -23.55
CA ASP E 244 -2.49 -2.83 -23.59
C ASP E 244 -2.69 -1.94 -24.81
N ARG E 245 -1.69 -1.12 -25.14
CA ARG E 245 -1.79 -0.27 -26.31
C ARG E 245 -1.83 -1.09 -27.59
N LEU E 246 -0.99 -2.14 -27.67
CA LEU E 246 -0.99 -2.99 -28.85
C LEU E 246 -2.31 -3.71 -29.02
N CYS E 247 -2.88 -4.20 -27.91
CA CYS E 247 -4.16 -4.90 -27.98
C CYS E 247 -5.29 -3.96 -28.38
N LEU E 248 -5.15 -2.67 -28.10
CA LEU E 248 -6.18 -1.70 -28.48
C LEU E 248 -6.33 -1.65 -30.00
N MET E 249 -5.22 -1.63 -30.72
CA MET E 249 -5.29 -1.60 -32.18
C MET E 249 -5.71 -2.94 -32.76
N ALA E 250 -5.32 -4.04 -32.10
CA ALA E 250 -5.69 -5.36 -32.60
C ALA E 250 -7.18 -5.58 -32.49
N PHE E 251 -7.79 -5.13 -31.39
CA PHE E 251 -9.23 -5.29 -31.19
C PHE E 251 -10.04 -4.22 -31.92
N SER E 252 -9.41 -3.16 -32.40
CA SER E 252 -10.14 -2.12 -33.13
C SER E 252 -10.76 -2.69 -34.41
N VAL E 253 -10.00 -3.52 -35.12
CA VAL E 253 -10.53 -4.13 -36.34
C VAL E 253 -11.73 -5.02 -36.03
N PHE E 254 -11.62 -5.82 -34.96
CA PHE E 254 -12.73 -6.69 -34.60
C PHE E 254 -13.97 -5.87 -34.22
N THR E 255 -13.78 -4.78 -33.48
CA THR E 255 -14.91 -3.94 -33.12
C THR E 255 -15.56 -3.33 -34.36
N ILE E 256 -14.74 -2.88 -35.32
CA ILE E 256 -15.28 -2.31 -36.55
C ILE E 256 -16.06 -3.37 -37.32
N ILE E 257 -15.53 -4.58 -37.40
CA ILE E 257 -16.22 -5.66 -38.11
C ILE E 257 -17.56 -5.95 -37.45
N CYS E 258 -17.58 -6.02 -36.12
CA CYS E 258 -18.85 -6.28 -35.42
C CYS E 258 -19.84 -5.15 -35.66
N THR E 259 -19.37 -3.90 -35.64
CA THR E 259 -20.26 -2.78 -35.89
C THR E 259 -20.81 -2.81 -37.31
N ILE E 260 -19.96 -3.16 -38.28
CA ILE E 260 -20.42 -3.23 -39.66
C ILE E 260 -21.45 -4.35 -39.84
N GLY E 261 -21.24 -5.48 -39.15
CA GLY E 261 -22.17 -6.58 -39.28
C GLY E 261 -23.58 -6.23 -38.85
N ILE E 262 -23.71 -5.53 -37.72
CA ILE E 262 -25.02 -5.13 -37.23
C ILE E 262 -25.63 -4.01 -38.04
N LEU E 263 -24.84 -3.33 -38.87
CA LEU E 263 -25.35 -2.24 -39.69
C LEU E 263 -26.17 -2.73 -40.87
N MET E 264 -25.99 -3.97 -41.28
CA MET E 264 -26.71 -4.53 -42.43
C MET E 264 -27.54 -5.76 -42.08
N SER E 265 -27.16 -6.53 -41.07
CA SER E 265 -27.90 -7.73 -40.69
C SER E 265 -28.98 -7.46 -39.66
N ALA E 266 -28.85 -6.40 -38.87
CA ALA E 266 -29.86 -6.12 -37.86
C ALA E 266 -31.23 -5.86 -38.47
N PRO E 267 -31.38 -5.07 -39.54
CA PRO E 267 -32.72 -4.84 -40.10
C PRO E 267 -33.40 -6.10 -40.60
N ASN E 268 -32.63 -7.14 -40.96
CA ASN E 268 -33.20 -8.38 -41.47
C ASN E 268 -33.32 -9.47 -40.42
N PHE E 269 -32.52 -9.39 -39.34
CA PHE E 269 -32.56 -10.37 -38.26
C PHE E 269 -33.06 -9.79 -36.96
N VAL E 270 -32.45 -8.70 -36.49
CA VAL E 270 -32.86 -8.07 -35.24
C VAL E 270 -34.03 -7.12 -35.50
C1 IVM F . -25.13 7.25 -27.23
O1 IVM F . -26.52 5.29 -23.63
C2 IVM F . -26.11 6.17 -26.71
O2 IVM F . -32.99 6.71 -26.56
C3 IVM F . -25.38 5.22 -25.75
O3 IVM F . -32.48 6.36 -30.88
C4 IVM F . -26.07 3.85 -25.75
O4 IVM F . -35.27 6.09 -30.46
C5 IVM F . -25.40 5.80 -24.33
O5 IVM F . -34.14 5.70 -34.62
C6 IVM F . -26.77 6.01 -22.43
O6 IVM F . -35.74 3.45 -34.07
C7 IVM F . -25.45 6.37 -21.74
O7 IVM F . -37.13 5.93 -31.79
C8 IVM F . -24.35 5.37 -22.09
O8 IVM F . -34.25 8.23 -27.70
C9 IVM F . -24.10 5.42 -23.61
O9 IVM F . -33.03 -0.14 -20.94
C10 IVM F . -23.01 6.45 -23.91
O10 IVM F . -32.04 -2.37 -20.18
C11 IVM F . -27.55 4.84 -21.70
O11 IVM F . -28.75 1.73 -22.91
C12 IVM F . -28.80 4.41 -22.51
O12 IVM F . -29.59 3.53 -21.75
C13 IVM F . -29.62 5.65 -22.82
O13 IVM F . -30.46 -0.16 -23.51
C14 IVM F . -28.76 6.55 -23.69
O14 IVM F . -27.66 7.01 -22.95
C15 IVM F . -29.59 7.81 -24.15
C16 IVM F . -30.87 7.37 -24.93
C17 IVM F . -32.14 7.48 -24.39
C18 IVM F . -32.39 8.05 -22.98
C19 IVM F . -33.36 7.02 -25.22
C20 IVM F . -32.96 7.81 -27.40
C21 IVM F . -32.17 7.45 -28.73
C22 IVM F . -33.05 6.47 -29.61
C23 IVM F . -31.20 5.75 -30.90
C24 IVM F . -34.44 7.04 -29.73
C25 IVM F . -35.98 6.72 -31.47
C26 IVM F . -35.08 6.91 -32.74
C27 IVM F . -34.77 5.53 -33.37
C28 IVM F . -32.79 6.14 -34.55
C29 IVM F . -36.04 4.77 -33.57
C30 IVM F . -36.77 4.65 -32.25
C31 IVM F . -38.04 3.80 -32.46
C32 IVM F . -34.99 7.23 -28.35
C33 IVM F . -36.47 7.68 -28.43
C34 IVM F . -33.99 5.79 -24.57
C35 IVM F . -35.38 5.52 -25.18
C36 IVM F . -33.11 4.56 -24.80
C37 IVM F . -33.28 3.48 -23.70
C38 IVM F . -32.06 2.53 -23.59
C39 IVM F . -32.42 1.10 -23.10
C40 IVM F . -33.49 1.13 -21.91
C41 IVM F . -32.10 -0.79 -21.88
C42 IVM F . -31.31 -1.83 -21.24
C43 IVM F . -29.91 -1.27 -20.67
C44 IVM F . -29.67 0.19 -20.60
C45 IVM F . -30.52 1.15 -21.46
C46 IVM F . -29.54 2.13 -22.13
C47 IVM F . -31.32 0.34 -22.50
C48 IVM F . -28.85 -2.27 -20.12
H1 IVM F . -25.62 7.84 -28.00
H1A IVM F . -24.25 6.76 -27.65
H1B IVM F . -24.83 7.88 -26.41
H2 IVM F . -26.50 5.60 -27.56
H2A IVM F . -26.93 6.65 -26.18
H3 IVM F . -24.35 5.10 -26.07
H4 IVM F . -25.81 3.32 -26.67
H4A IVM F . -27.15 3.99 -25.69
H4B IVM F . -25.74 3.27 -24.89
H5 IVM F . -25.47 6.89 -24.40
HO6 IVM F . -35.59 3.49 -35.01
H7 IVM F . -25.61 6.38 -20.66
H7A IVM F . -25.15 7.38 -22.04
H8 IVM F . -24.66 4.36 -21.80
H8A IVM F . -23.43 5.64 -21.57
H9 IVM F . -23.77 4.43 -23.95
H10 IVM F . -22.08 6.14 -23.46
H10A IVM F . -23.32 7.42 -23.50
H10B IVM F . -22.89 6.54 -24.99
HO10 IVM F . -31.60 -2.17 -19.37
H11 IVM F . -27.87 5.18 -20.72
H11A IVM F . -26.89 3.98 -21.60
H12 IVM F . -28.50 3.95 -23.45
H13 IVM F . -29.87 6.16 -21.90
H13A IVM F . -30.52 5.36 -23.35
HO13 IVM F . -30.76 0.13 -24.37
H14 IVM F . -28.44 6.02 -24.56
H15 IVM F . -28.97 8.40 -24.82
H15A IVM F . -29.85 8.40 -23.29
H16 IVM F . -30.75 6.96 -25.93
H18 IVM F . -31.99 8.94 -23.46
H18A IVM F . -31.71 8.40 -22.19
H18B IVM F . -31.92 7.10 -22.71
H19 IVM F . -34.09 7.82 -25.24
H20 IVM F . -32.44 8.63 -26.91
H21 IVM F . -31.24 6.95 -28.47
H21A IVM F . -31.97 8.35 -29.30
H22 IVM F . -33.10 5.49 -29.14
H23 IVM F . -31.04 5.28 -31.87
H23A IVM F . -31.14 4.99 -30.12
H23B IVM F . -30.44 6.50 -30.72
H24 IVM F . -34.40 7.99 -30.26
H25 IVM F . -36.33 7.70 -31.14
H26 IVM F . -34.15 7.39 -32.45
H26A IVM F . -35.61 7.52 -33.47
H27 IVM F . -34.12 4.96 -32.70
H28 IVM F . -32.31 6.01 -35.51
H28A IVM F . -32.25 5.54 -33.80
H28B IVM F . -32.75 7.19 -34.27
H29 IVM F . -36.67 5.30 -34.29
H30 IVM F . -36.12 4.16 -31.52
H31 IVM F . -37.76 2.77 -32.65
H31A IVM F . -38.60 4.20 -33.31
H31B IVM F . -38.66 3.85 -31.56
H32 IVM F . -34.93 6.30 -27.79
H33 IVM F . -37.07 6.90 -28.90
H33A IVM F . -36.55 8.59 -29.02
H33B IVM F . -36.85 7.87 -27.43
H34 IVM F . -34.10 5.96 -23.49
H35 IVM F . -36.03 5.09 -24.43
H35A IVM F . -35.29 4.83 -26.03
H35B IVM F . -35.82 6.46 -25.53
H36 IVM F . -32.05 4.85 -24.87
H37 IVM F . -34.18 2.90 -23.91
H38 IVM F . -31.56 2.47 -24.56
H40 IVM F . -33.44 2.07 -21.36
H40A IVM F . -34.51 0.99 -22.28
H41 IVM F . -32.69 -1.26 -22.66
H42 IVM F . -31.10 -2.61 -21.97
H44 IVM F . -28.77 0.57 -20.10
H45 IVM F . -31.21 1.70 -20.82
H48 IVM F . -27.85 -1.88 -20.33
H48A IVM F . -28.97 -3.24 -20.59
H48B IVM F . -28.97 -2.37 -19.04
C1 IVM G . -35.87 10.84 1.47
O1 IVM G . -35.28 6.57 1.48
C2 IVM G . -36.45 9.52 0.90
O2 IVM G . -42.43 6.40 2.79
C3 IVM G . -35.30 8.67 0.32
O3 IVM G . -44.37 9.70 0.64
C4 IVM G . -35.85 7.74 -0.76
O4 IVM G . -46.47 7.91 1.25
C5 IVM G . -34.67 7.84 1.43
O5 IVM G . -47.81 11.33 -1.01
C6 IVM G . -34.94 5.87 2.68
O6 IVM G . -48.81 9.09 -2.39
C7 IVM G . -33.48 6.10 3.04
O7 IVM G . -48.76 7.90 1.05
C8 IVM G . -32.63 6.40 1.80
O8 IVM G . -44.13 7.35 3.98
C9 IVM G . -33.16 7.69 1.15
O9 IVM G . -39.37 -0.81 -1.11
C10 IVM G . -32.40 8.89 1.71
O10 IVM G . -38.10 -1.89 -3.01
C11 IVM G . -35.20 4.42 2.07
O11 IVM G . -36.32 3.33 -0.93
C12 IVM G . -36.67 4.27 1.57
O12 IVM G . -36.93 2.93 1.25
C13 IVM G . -37.60 4.71 2.67
O13 IVM G . -38.32 2.38 -2.55
C14 IVM G . -37.33 6.16 2.99
O14 IVM G . -36.03 6.31 3.51
C15 IVM G . -38.33 6.69 4.07
C16 IVM G . -39.81 6.47 3.62
C17 IVM G . -40.63 5.52 4.18
C18 IVM G . -40.14 4.58 5.31
C19 IVM G . -42.09 5.36 3.68
C20 IVM G . -42.88 7.56 3.41
C21 IVM G . -42.95 8.75 2.36
C22 IVM G . -44.16 8.54 1.38
C23 IVM G . -43.30 10.05 -0.23
C24 IVM G . -45.40 8.21 2.17
C25 IVM G . -47.64 8.59 1.59
C26 IVM G . -47.58 10.05 1.03
C27 IVM G . -47.65 10.02 -0.53
C28 IVM G . -46.66 12.16 -0.92
C29 IVM G . -48.81 9.19 -0.96
C30 IVM G . -48.70 7.82 -0.36
C31 IVM G . -49.86 6.94 -0.86
C32 IVM G . -45.11 7.02 3.03
C33 IVM G . -46.39 6.55 3.76
C34 IVM G . -42.25 4.01 2.98
C35 IVM G . -43.74 3.71 2.75
C36 IVM G . -41.52 4.01 1.64
C37 IVM G . -40.72 2.72 1.38
C38 IVM G . -39.72 2.84 0.21
C39 IVM G . -39.83 1.71 -0.84
C40 IVM G . -40.19 0.29 -0.18
C41 IVM G . -38.99 0.10 -2.22
C42 IVM G . -38.00 -0.51 -3.10
C43 IVM G . -36.49 -0.07 -2.72
C44 IVM G . -36.22 0.53 -1.38
C45 IVM G . -37.37 1.23 -0.64
C46 IVM G . -36.83 2.58 -0.16
C47 IVM G . -38.58 1.39 -1.56
C48 IVM G . -35.32 -0.44 -3.67
H1 IVM G . -36.69 11.50 1.78
H1A IVM G . -35.28 11.34 0.73
H1B IVM G . -35.25 10.62 2.34
H2 IVM G . -37.15 9.76 0.12
H2A IVM G . -36.95 8.96 1.69
H3 IVM G . -34.55 9.33 -0.12
H4 IVM G . -36.06 8.31 -1.66
H4A IVM G . -36.77 7.28 -0.41
H4B IVM G . -35.12 6.97 -0.98
H5 IVM G . -34.80 8.35 2.39
HO6 IVM G . -49.17 9.89 -2.76
H7 IVM G . -33.10 5.23 3.54
H7A IVM G . -33.42 6.93 3.75
H8 IVM G . -32.70 5.58 1.09
H8A IVM G . -31.59 6.55 2.09
H9 IVM G . -33.00 7.64 0.06
H10 IVM G . -31.35 8.83 1.43
H10A IVM G . -32.49 8.89 2.80
H10B IVM G . -32.83 9.81 1.31
HO10 IVM G . -37.50 -2.21 -2.34
H11 IVM G . -35.02 3.67 2.85
H11A IVM G . -34.52 4.25 1.24
H12 IVM G . -36.82 4.91 0.70
H13 IVM G . -37.43 4.10 3.57
H13A IVM G . -38.63 4.59 2.33
HO13 IVM G . -39.06 2.97 -2.62
H14 IVM G . -37.44 6.75 2.08
H15 IVM G . -38.16 7.75 4.20
H15A IVM G . -38.13 6.19 5.01
H16 IVM G . -40.20 7.11 2.82
H18 IVM G . -40.09 5.54 5.83
H18A IVM G . -39.17 4.46 5.81
H18B IVM G . -39.57 4.17 4.48
H19 IVM G . -42.75 5.40 4.53
H20 IVM G . -42.19 7.84 4.19
H21 IVM G . -42.02 8.77 1.80
H21A IVM G . -43.07 9.70 2.89
H22 IVM G . -43.93 7.70 0.71
H23 IVM G . -43.70 10.65 -1.06
H23A IVM G . -42.84 9.16 -0.62
H23B IVM G . -42.57 10.64 0.32
H24 IVM G . -45.66 9.06 2.80
H25 IVM G . -47.74 8.64 2.67
H26 IVM G . -46.65 10.52 1.34
H26A IVM G . -48.43 10.62 1.41
H27 IVM G . -46.73 9.59 -0.92
H28 IVM G . -46.79 13.04 -1.55
H28A IVM G . -45.78 11.60 -1.26
H28B IVM G . -46.52 12.47 0.11
H29 IVM G . -49.74 9.65 -0.62
H30 IVM G . -47.75 7.37 -0.65
H31 IVM G . -49.74 6.74 -1.92
H31A IVM G . -50.80 7.46 -0.71
H31B IVM G . -49.87 6.00 -0.32
H32 IVM G . -44.74 6.20 2.41
H33 IVM G . -47.13 6.25 3.02
H33A IVM G . -46.79 7.39 4.35
H33B IVM G . -46.16 5.72 4.42
H34 IVM G . -41.82 3.23 3.62
H35 IVM G . -43.89 2.63 2.78
H35A IVM G . -44.03 4.10 1.77
H35B IVM G . -44.34 4.18 3.53
H36 IVM G . -40.84 4.88 1.59
H37 IVM G . -40.18 2.44 2.29
H38 IVM G . -39.83 3.81 -0.27
H40 IVM G . -39.85 0.24 0.84
H40A IVM G . -41.27 0.10 -0.23
H41 IVM G . -39.88 0.29 -2.82
H42 IVM G . -38.20 -0.20 -4.12
H44 IVM G . -35.19 0.68 -1.07
H45 IVM G . -37.65 0.63 0.23
H48 IVM G . -34.55 0.34 -3.62
H48A IVM G . -35.68 -0.51 -4.69
H48B IVM G . -34.88 -1.39 -3.37
C1 IVM H . -29.60 -14.80 17.74
O1 IVM H . -28.79 -16.30 13.58
C2 IVM H . -30.16 -15.41 16.43
O2 IVM H . -34.02 -21.07 15.15
C3 IVM H . -29.54 -14.70 15.21
O3 IVM H . -36.91 -19.18 17.85
C4 IVM H . -30.61 -14.54 14.12
O4 IVM H . -38.30 -21.38 16.74
C5 IVM H . -28.36 -15.50 14.68
O5 IVM H . -40.74 -19.02 19.42
C6 IVM H . -27.82 -17.29 13.25
O6 IVM H . -42.26 -19.28 17.07
C7 IVM H . -26.41 -16.72 13.34
O7 IVM H . -40.34 -22.38 17.07
C8 IVM H . -26.42 -15.19 13.11
O8 IVM H . -34.84 -22.53 16.72
C9 IVM H . -27.26 -14.53 14.21
O9 IVM H . -33.29 -19.57 6.54
C10 IVM H . -26.36 -14.19 15.40
O10 IVM H . -32.73 -18.08 4.63
C11 IVM H . -28.32 -17.52 11.76
O11 IVM H . -31.70 -16.61 10.28
C12 IVM H . -29.81 -17.93 11.73
O12 IVM H . -30.17 -18.31 10.41
C13 IVM H . -30.01 -19.11 12.65
O13 IVM H . -33.63 -16.54 8.54
C14 IVM H . -29.64 -18.67 14.06
O14 IVM H . -28.28 -18.34 14.12
C15 IVM H . -29.90 -19.82 15.08
C16 IVM H . -31.38 -20.32 15.00
C17 IVM H . -31.73 -21.54 14.47
C18 IVM H . -30.67 -22.52 13.89
C19 IVM H . -33.22 -21.97 14.42
C20 IVM H . -34.10 -21.37 16.52
C21 IVM H . -34.75 -20.15 17.29
C22 IVM H . -36.29 -20.07 16.98
C23 IVM H . -36.48 -17.83 17.71
C24 IVM H . -36.91 -21.43 17.14
C25 IVM H . -39.12 -21.98 17.69
C26 IVM H . -39.41 -20.97 18.86
C27 IVM H . -40.31 -19.81 18.34
C28 IVM H . -39.74 -18.18 20.00
C29 IVM H . -41.50 -20.36 17.63
C30 IVM H . -41.04 -21.28 16.52
C31 IVM H . -42.27 -21.80 15.76
C32 IVM H . -36.16 -22.40 16.26
C33 IVM H . -36.84 -23.79 16.30
C34 IVM H . -33.68 -22.01 12.96
C35 IVM H . -35.00 -22.81 12.86
C36 IVM H . -33.93 -20.59 12.46
C37 IVM H . -33.89 -20.49 10.92
C38 IVM H . -33.64 -19.05 10.40
C39 IVM H . -33.99 -18.85 8.89
C40 IVM H . -33.72 -20.16 8.02
C41 IVM H . -33.63 -18.14 6.76
C42 IVM H . -33.07 -17.29 5.72
C43 IVM H . -31.76 -16.50 6.22
C44 IVM H . -30.97 -17.06 7.36
C45 IVM H . -31.69 -17.98 8.37
C46 IVM H . -31.22 -17.56 9.76
C47 IVM H . -33.21 -17.84 8.17
C48 IVM H . -31.22 -15.29 5.40
H1 IVM H . -30.10 -15.25 18.59
H1A IVM H . -29.78 -13.73 17.73
H1B IVM H . -28.53 -14.99 17.79
H2 IVM H . -31.25 -15.29 16.40
H2A IVM H . -29.92 -16.48 16.39
H3 IVM H . -29.20 -13.71 15.52
H4 IVM H . -30.12 -14.29 13.18
H4A IVM H . -31.28 -13.73 14.40
H4B IVM H . -31.17 -15.47 14.02
H5 IVM H . -27.96 -16.14 15.46
HO6 IVM H . -42.83 -18.93 17.74
H7 IVM H . -25.79 -17.19 12.59
H7A IVM H . -25.99 -16.94 14.32
H8 IVM H . -26.86 -14.98 12.13
H8A IVM H . -25.40 -14.81 13.15
H9 IVM H . -27.71 -13.62 13.82
H10 IVM H . -25.61 -13.46 15.07
H10A IVM H . -25.86 -15.09 15.75
H10B IVM H . -26.96 -13.76 16.20
HO10 IVM H . -33.05 -17.67 3.83
H11 IVM H . -27.72 -18.30 11.30
H11A IVM H . -28.19 -16.59 11.19
H12 IVM H . -30.43 -17.10 12.07
H13 IVM H . -29.35 -19.93 12.35
H13A IVM H . -31.04 -19.42 12.61
HO13 IVM H . -34.32 -16.60 9.20
H14 IVM H . -30.25 -17.81 14.34
H15 IVM H . -29.73 -19.43 16.09
H15A IVM H . -29.21 -20.63 14.89
H16 IVM H . -32.17 -19.67 15.39
H18 IVM H . -30.38 -22.52 14.94
H18A IVM H . -29.58 -22.44 13.79
H18B IVM H . -30.62 -21.74 13.14
H19 IVM H . -33.30 -22.97 14.85
H20 IVM H . -33.10 -21.53 16.91
H21 IVM H . -34.27 -19.22 16.97
H21A IVM H . -34.62 -20.28 18.38
H22 IVM H . -36.43 -19.73 15.94
H23 IVM H . -37.27 -17.16 18.05
H23A IVM H . -36.25 -17.62 16.67
H23B IVM H . -35.58 -17.67 18.31
H24 IVM H . -36.81 -21.75 18.18
H25 IVM H . -38.64 -22.86 18.11
H26 IVM H . -38.46 -20.56 19.24
H26A IVM H . -39.93 -21.49 19.66
H27 IVM H . -39.73 -19.19 17.65
H28 IVM H . -40.21 -17.44 20.64
H28A IVM H . -39.19 -17.68 19.21
H28B IVM H . -39.05 -18.79 20.58
H29 IVM H . -42.10 -20.92 18.34
H30 IVM H . -40.39 -20.74 15.84
H31 IVM H . -42.71 -20.98 15.19
H31A IVM H . -43.00 -22.18 16.47
H31B IVM H . -41.97 -22.59 15.07
H32 IVM H . -36.16 -22.03 15.23
H33 IVM H . -37.86 -23.71 15.90
H33A IVM H . -36.89 -24.15 17.33
H33B IVM H . -36.28 -24.49 15.69
H34 IVM H . -32.93 -22.49 12.35
H35 IVM H . -35.04 -23.31 11.89
H35A IVM H . -35.85 -22.13 12.95
H35B IVM H . -35.05 -23.55 13.65
H36 IVM H . -33.18 -19.91 12.89
H37 IVM H . -34.83 -20.87 10.51
H38 IVM H . -34.23 -18.35 11.00
H40 IVM H . -32.90 -20.74 8.44
H40A IVM H . -34.61 -20.79 7.95
H41 IVM H . -34.72 -18.05 6.72
H42 IVM H . -33.82 -16.56 5.42
H44 IVM H . -30.00 -16.62 7.61
H45 IVM H . -31.39 -19.01 8.18
H48 IVM H . -30.74 -14.58 6.09
H48A IVM H . -32.05 -14.81 4.89
H48B IVM H . -30.48 -15.64 4.69
C1 IVM I . -14.71 -34.51 -0.99
O1 IVM I . -16.24 -31.69 -4.12
C2 IVM I . -15.88 -34.10 -1.92
O2 IVM I . -19.61 -37.64 -6.69
C3 IVM I . -16.03 -32.57 -1.88
O3 IVM I . -20.66 -40.30 -3.38
C4 IVM I . -17.52 -32.22 -1.94
O4 IVM I . -22.27 -41.15 -5.54
C5 IVM I . -15.31 -31.95 -3.08
O5 IVM I . -23.00 -43.37 -1.89
C6 IVM I . -15.58 -31.42 -5.35
O6 IVM I . -25.55 -42.54 -2.79
C7 IVM I . -14.37 -30.52 -5.11
O7 IVM I . -23.74 -42.89 -5.93
C8 IVM I . -14.53 -29.68 -3.84
O8 IVM I . -19.35 -39.84 -7.24
C9 IVM I . -14.65 -30.62 -2.64
O9 IVM I . -23.63 -30.19 -8.72
C10 IVM I . -13.25 -30.92 -2.10
O10 IVM I . -24.50 -27.94 -8.22
C11 IVM I . -16.80 -30.65 -6.03
O11 IVM I . -20.01 -30.01 -5.02
C12 IVM I . -18.07 -31.55 -6.07
O12 IVM I . -19.06 -30.95 -6.88
C13 IVM I . -17.70 -32.90 -6.67
O13 IVM I . -22.80 -30.49 -5.18
C14 IVM I . -16.63 -33.54 -5.83
O14 IVM I . -15.46 -32.76 -5.84
C15 IVM I . -16.25 -34.95 -6.41
C16 IVM I . -17.52 -35.86 -6.59
C17 IVM I . -18.03 -36.16 -7.83
C18 IVM I . -17.40 -35.63 -9.14
C19 IVM I . -19.29 -37.05 -7.94
C20 IVM I . -18.90 -38.81 -6.40
C21 IVM I . -19.11 -39.19 -4.88
C22 IVM I . -20.56 -39.73 -4.64
C23 IVM I . -20.46 -39.40 -2.30
C24 IVM I . -20.90 -40.76 -5.69
C25 IVM I . -22.40 -42.55 -5.54
C26 IVM I . -22.08 -43.12 -4.12
C27 IVM I . -23.18 -42.68 -3.11
C28 IVM I . -21.90 -42.93 -1.11
C29 IVM I . -24.53 -43.02 -3.67
C30 IVM I . -24.69 -42.38 -5.02
C31 IVM I . -26.10 -42.67 -5.56
C32 IVM I . -20.70 -40.13 -7.04
C33 IVM I . -21.15 -41.12 -8.15
C34 IVM I . -20.47 -36.22 -8.43
C35 IVM I . -21.65 -37.14 -8.81
C36 IVM I . -20.92 -35.23 -7.34
C37 IVM I . -21.08 -33.79 -7.89
C38 IVM I . -21.40 -32.76 -6.78
C39 IVM I . -22.65 -31.90 -7.07
C40 IVM I . -22.92 -31.68 -8.64
C41 IVM I . -23.84 -29.95 -7.28
C42 IVM I . -24.14 -28.55 -7.02
C43 IVM I . -22.90 -27.75 -6.39
C44 IVM I . -21.52 -28.26 -6.63
C45 IVM I . -21.33 -29.76 -6.97
C46 IVM I . -20.10 -30.22 -6.18
C47 IVM I . -22.62 -30.51 -6.58
C48 IVM I . -23.11 -26.37 -5.70
H1 IVM I . -14.64 -35.60 -0.96
H1A IVM I . -14.89 -34.14 0.02
H1B IVM I . -13.78 -34.10 -1.37
H2 IVM I . -16.80 -34.56 -1.57
H2A IVM I . -15.67 -34.43 -2.93
H3 IVM I . -15.60 -32.18 -0.97
H4 IVM I . -17.64 -31.17 -2.21
H4A IVM I . -17.97 -32.38 -0.96
H4B IVM I . -18.03 -32.84 -2.67
H5 IVM I . -14.54 -32.62 -3.44
HO6 IVM I . -25.64 -43.13 -2.05
H7 IVM I . -14.24 -29.86 -5.97
H7A IVM I . -13.47 -31.14 -5.04
H8 IVM I . -15.45 -29.07 -3.92
H8A IVM I . -13.67 -29.02 -3.72
H9 IVM I . -15.25 -30.15 -1.87
H10 IVM I . -12.79 -29.99 -1.76
H10A IVM I . -12.64 -31.36 -2.88
H10B IVM I . -13.33 -31.61 -1.26
HO10 IVM I . -25.02 -27.16 -8.05
H11 IVM I . -16.52 -30.37 -7.05
H11A IVM I . -17.02 -29.75 -5.45
H12 IVM I . -18.45 -31.71 -5.07
H13 IVM I . -17.34 -32.75 -7.68
H13A IVM I . -18.59 -33.51 -6.69
HO13 IVM I . -23.11 -31.32 -4.88
H14 IVM I . -16.99 -33.67 -4.82
H15 IVM I . -15.58 -35.44 -5.70
H15A IVM I . -15.73 -34.82 -7.34
H16 IVM I . -18.00 -36.24 -5.69
H18 IVM I . -16.59 -36.26 -8.79
H18A IVM I . -16.56 -34.96 -9.33
H18B IVM I . -17.82 -34.70 -8.76
H19 IVM I . -19.10 -37.84 -8.66
H20 IVM I . -17.85 -38.64 -6.59
H21 IVM I . -18.93 -38.31 -4.27
H21A IVM I . -18.38 -39.98 -4.61
H22 IVM I . -21.27 -38.89 -4.73
H23 IVM I . -20.98 -39.76 -1.41
H23A IVM I . -20.86 -38.42 -2.57
H23B IVM I . -19.39 -39.31 -2.10
H24 IVM I . -20.22 -41.61 -5.58
H25 IVM I . -21.72 -42.99 -6.27
H26 IVM I . -21.11 -42.73 -3.78
H26A IVM I . -22.05 -44.20 -4.17
H27 IVM I . -23.12 -41.61 -2.95
H28 IVM I . -21.99 -43.32 -0.10
H28A IVM I . -21.90 -41.84 -1.08
H28B IVM I . -20.97 -43.28 -1.56
H29 IVM I . -24.62 -44.11 -3.78
H30 IVM I . -24.55 -41.30 -4.93
H31 IVM I . -26.84 -42.13 -4.96
H31A IVM I . -26.31 -43.74 -5.49
H31B IVM I . -26.17 -42.34 -6.59
H32 IVM I . -21.29 -39.22 -7.11
H33 IVM I . -22.22 -41.32 -8.04
H33A IVM I . -20.60 -42.06 -8.05
H33B IVM I . -20.96 -40.68 -9.12
H34 IVM I . -20.17 -35.65 -9.31
H35 IVM I . -22.25 -36.65 -9.57
H35A IVM I . -22.27 -37.32 -7.93
H35B IVM I . -21.27 -38.08 -9.18
H36 IVM I . -20.21 -35.24 -6.53
H37 IVM I . -20.15 -33.50 -8.38
H38 IVM I . -21.52 -33.27 -5.82
H40 IVM I . -21.98 -31.69 -9.19
H40A IVM I . -23.58 -32.46 -9.03
H41 IVM I . -24.70 -30.54 -6.97
H42 IVM I . -24.99 -28.49 -6.33
H44 IVM I . -20.66 -27.64 -6.36
H45 IVM I . -21.15 -29.86 -8.03
H48 IVM I . -22.39 -26.24 -4.91
H48A IVM I . -24.13 -26.33 -5.29
H48B IVM I . -22.99 -25.58 -6.45
C1 IVM J . -12.11 -21.02 -28.96
O1 IVM J . -14.71 -18.17 -26.96
C2 IVM J . -13.55 -20.78 -28.42
O2 IVM J . -18.68 -20.50 -32.52
C3 IVM J . -13.47 -20.22 -26.99
O3 IVM J . -17.68 -24.71 -33.30
C4 IVM J . -14.72 -20.66 -26.20
O4 IVM J . -20.04 -24.24 -34.79
C5 IVM J . -13.41 -18.70 -27.02
O5 IVM J . -18.67 -28.34 -35.11
C6 IVM J . -14.73 -16.78 -27.29
O6 IVM J . -21.39 -28.50 -34.38
C7 IVM J . -13.53 -16.07 -26.68
O7 IVM J . -21.32 -25.41 -36.29
C8 IVM J . -13.03 -16.79 -25.43
O8 IVM J . -18.46 -20.98 -34.75
C9 IVM J . -12.57 -18.21 -25.83
O9 IVM J . -23.07 -17.21 -25.72
C10 IVM J . -11.10 -18.17 -26.22
O10 IVM J . -23.84 -17.90 -23.51
C11 IVM J . -16.09 -16.44 -26.53
O11 IVM J . -17.96 -17.91 -24.58
C12 IVM J . -17.26 -17.31 -27.09
O12 IVM J . -18.48 -16.86 -26.53
C13 IVM J . -17.31 -17.17 -28.59
O13 IVM J . -20.55 -19.84 -25.54
C14 IVM J . -16.00 -17.68 -29.15
O14 IVM J . -14.93 -16.89 -28.71
C15 IVM J . -16.01 -17.63 -30.71
C16 IVM J . -17.09 -18.60 -31.31
C17 IVM J . -18.12 -18.16 -32.10
C18 IVM J . -18.32 -16.66 -32.46
C19 IVM J . -19.15 -19.17 -32.68
C20 IVM J . -17.80 -20.92 -33.52
C21 IVM J . -17.20 -22.34 -33.14
C22 IVM J . -18.28 -23.46 -33.34
C23 IVM J . -17.08 -25.04 -32.05
C24 IVM J . -18.97 -23.28 -34.67
C25 IVM J . -20.01 -24.91 -36.01
C26 IVM J . -18.98 -26.09 -35.95
C27 IVM J . -19.49 -27.19 -34.99
C28 IVM J . -17.37 -28.20 -34.55
C29 IVM J . -20.89 -27.55 -35.34
C30 IVM J . -21.76 -26.32 -35.32
C31 IVM J . -23.22 -26.72 -35.61
C32 IVM J . -19.52 -21.90 -34.75
C33 IVM J . -20.34 -21.71 -36.05
C34 IVM J . -20.49 -18.99 -31.98
C35 IVM J . -21.60 -19.70 -32.79
C36 IVM J . -20.44 -19.59 -30.57
C37 IVM J . -21.05 -18.62 -29.53
C38 IVM J . -21.06 -19.18 -28.08
C39 IVM J . -21.00 -18.04 -27.04
C40 IVM J . -22.27 -17.06 -27.16
C41 IVM J . -22.54 -18.53 -25.31
C42 IVM J . -22.86 -18.81 -23.91
C43 IVM J . -21.61 -18.69 -22.89
C44 IVM J . -20.35 -18.04 -23.34
C45 IVM J . -20.28 -17.54 -24.79
C46 IVM J . -18.82 -17.47 -25.26
C47 IVM J . -21.07 -18.51 -25.66
C48 IVM J . -21.82 -19.02 -21.39
H1 IVM J . -12.16 -21.51 -29.92
H1A IVM J . -11.57 -21.65 -28.26
H1B IVM J . -11.60 -20.07 -29.05
H2 IVM J . -14.10 -21.72 -28.41
H2A IVM J . -14.05 -20.07 -29.06
H3 IVM J . -12.59 -20.61 -26.49
H4 IVM J . -14.81 -20.06 -25.31
H4A IVM J . -14.64 -21.71 -25.94
H4B IVM J . -15.60 -20.51 -26.82
H5 IVM J . -12.92 -18.39 -27.96
HO6 IVM J . -21.15 -29.39 -34.66
H7 IVM J . -13.81 -15.05 -26.43
H7A IVM J . -12.73 -16.01 -27.43
H8 IVM J . -13.84 -16.86 -24.70
H8A IVM J . -12.19 -16.25 -25.00
H9 IVM J . -12.72 -18.89 -24.99
H10 IVM J . -10.49 -17.90 -25.35
H10A IVM J . -10.95 -17.44 -27.02
H10B IVM J . -10.79 -19.16 -26.57
HO10 IVM J . -24.47 -18.35 -22.95
H11 IVM J . -16.33 -15.39 -26.67
H11A IVM J . -15.97 -16.65 -25.46
H12 IVM J . -17.11 -18.35 -26.83
H13 IVM J . -17.43 -16.12 -28.86
H13A IVM J . -18.13 -17.76 -28.99
HO13 IVM J . -19.64 -19.86 -25.82
H14 IVM J . -15.86 -18.71 -28.84
H15 IVM J . -15.02 -17.94 -31.07
H15A IVM J . -16.19 -16.61 -31.03
H16 IVM J . -17.00 -19.67 -31.10
H18 IVM J . -17.36 -16.84 -32.96
H18A IVM J . -17.77 -15.76 -32.17
H18B IVM J . -18.58 -16.63 -31.40
H19 IVM J . -19.27 -18.97 -33.74
H20 IVM J . -16.99 -20.21 -33.59
H21 IVM J . -16.88 -22.33 -32.10
H21A IVM J . -16.34 -22.55 -33.79
H22 IVM J . -19.03 -23.39 -32.54
H23 IVM J . -17.04 -26.12 -31.93
H23A IVM J . -17.67 -24.61 -31.24
H23B IVM J . -16.07 -24.63 -32.01
H24 IVM J . -18.23 -23.43 -35.47
H25 IVM J . -19.73 -24.23 -36.80
H26 IVM J . -18.02 -25.71 -35.59
H26A IVM J . -18.86 -26.51 -36.95
H27 IVM J . -19.46 -26.81 -33.96
H28 IVM J . -16.91 -29.18 -34.43
H28A IVM J . -17.43 -27.71 -33.58
H28B IVM J . -16.76 -27.60 -35.22
H29 IVM J . -20.91 -27.99 -36.34
H30 IVM J . -21.70 -25.86 -34.33
H31 IVM J . -23.61 -27.31 -34.78
H31A IVM J . -23.25 -27.33 -36.53
H31B IVM J . -23.82 -25.82 -35.74
H32 IVM J . -20.16 -21.71 -33.88
H33 IVM J . -21.19 -22.38 -36.03
H33A IVM J . -19.72 -21.92 -36.91
H33B IVM J . -20.69 -20.68 -36.10
H34 IVM J . -20.72 -17.93 -31.91
H35 IVM J . -22.55 -19.20 -32.60
H35A IVM J . -21.68 -20.74 -32.46
H35B IVM J . -21.36 -19.66 -33.85
H36 IVM J . -19.41 -19.80 -30.30
H37 IVM J . -22.07 -18.35 -29.83
H38 IVM J . -20.20 -19.83 -27.96
H40 IVM J . -21.93 -16.04 -27.28
H40A IVM J . -22.90 -17.35 -28.00
H41 IVM J . -23.02 -19.29 -25.92
H42 IVM J . -23.27 -19.82 -23.85
H44 IVM J . -19.61 -17.73 -22.61
H45 IVM J . -20.73 -16.56 -24.86
H48 IVM J . -20.89 -19.39 -20.96
H48A IVM J . -22.60 -19.78 -21.28
H48B IVM J . -22.13 -18.12 -20.86
N LEU A 7 -49.32 5.58 -6.71
CA LEU A 7 -48.04 5.47 -7.38
C LEU A 7 -47.23 4.30 -6.81
N TYR A 8 -47.72 3.08 -7.04
CA TYR A 8 -47.04 1.90 -6.55
C TYR A 8 -45.70 1.70 -7.24
N TYR A 9 -45.73 1.58 -8.57
CA TYR A 9 -44.49 1.42 -9.33
C TYR A 9 -43.70 2.72 -9.41
N GLY A 10 -44.40 3.86 -9.45
CA GLY A 10 -43.71 5.13 -9.53
C GLY A 10 -42.83 5.38 -8.32
N LEU A 11 -43.37 5.15 -7.12
CA LEU A 11 -42.61 5.35 -5.90
C LEU A 11 -41.56 4.26 -5.68
N ASN A 12 -41.76 3.08 -6.25
CA ASN A 12 -40.81 1.97 -6.09
C ASN A 12 -39.76 1.93 -7.20
N LEU A 13 -39.87 2.80 -8.20
CA LEU A 13 -38.91 2.84 -9.30
C LEU A 13 -38.26 4.21 -9.46
N LEU A 14 -39.01 5.30 -9.29
CA LEU A 14 -38.42 6.62 -9.39
C LEU A 14 -37.59 6.99 -8.17
N ILE A 15 -38.06 6.63 -6.97
CA ILE A 15 -37.32 6.99 -5.76
C ILE A 15 -35.95 6.36 -5.73
N PRO A 16 -35.78 5.06 -6.05
CA PRO A 16 -34.42 4.51 -6.08
C PRO A 16 -33.48 5.26 -7.00
N CYS A 17 -33.99 5.77 -8.12
CA CYS A 17 -33.14 6.53 -9.04
C CYS A 17 -32.60 7.78 -8.38
N VAL A 18 -33.42 8.44 -7.54
CA VAL A 18 -32.97 9.64 -6.86
C VAL A 18 -31.80 9.33 -5.93
N LEU A 19 -31.91 8.24 -5.16
CA LEU A 19 -30.81 7.86 -4.29
C LEU A 19 -29.61 7.36 -5.09
N ILE A 20 -29.87 6.59 -6.15
CA ILE A 20 -28.77 6.11 -6.99
C ILE A 20 -28.06 7.28 -7.65
N SER A 21 -28.82 8.25 -8.16
CA SER A 21 -28.21 9.44 -8.73
C SER A 21 -27.54 10.29 -7.65
N ALA A 22 -28.14 10.36 -6.45
CA ALA A 22 -27.53 11.10 -5.37
C ALA A 22 -26.21 10.46 -4.93
N LEU A 23 -26.16 9.12 -4.90
CA LEU A 23 -24.93 8.44 -4.54
C LEU A 23 -23.82 8.70 -5.54
N ALA A 24 -24.18 8.87 -6.82
CA ALA A 24 -23.17 9.19 -7.83
C ALA A 24 -22.55 10.56 -7.59
N LEU A 25 -23.34 11.54 -7.12
CA LEU A 25 -22.79 12.85 -6.84
C LEU A 25 -21.74 12.80 -5.73
N LEU A 26 -21.89 11.87 -4.78
CA LEU A 26 -20.90 11.72 -3.74
C LEU A 26 -19.57 11.23 -4.30
N VAL A 27 -19.61 10.40 -5.35
CA VAL A 27 -18.37 9.93 -5.96
C VAL A 27 -17.61 11.09 -6.59
N PHE A 28 -18.32 12.08 -7.14
CA PHE A 28 -17.68 13.21 -7.79
C PHE A 28 -17.07 14.20 -6.81
N LEU A 29 -17.34 14.06 -5.51
CA LEU A 29 -16.79 14.93 -4.49
C LEU A 29 -15.55 14.36 -3.83
N LEU A 30 -15.13 13.15 -4.22
CA LEU A 30 -13.96 12.53 -3.62
C LEU A 30 -12.68 13.11 -4.21
N PRO A 31 -11.56 13.00 -3.48
CA PRO A 31 -10.30 13.55 -3.99
C PRO A 31 -9.70 12.72 -5.12
N ALA A 32 -8.58 13.17 -5.67
CA ALA A 32 -7.93 12.46 -6.77
C ALA A 32 -7.17 11.22 -6.30
N ASP A 33 -6.88 11.11 -5.01
CA ASP A 33 -6.16 9.96 -4.47
C ASP A 33 -7.08 8.84 -4.01
N SER A 34 -8.40 9.00 -4.18
CA SER A 34 -9.37 7.98 -3.77
C SER A 34 -9.50 6.94 -4.88
N GLY A 35 -8.48 6.09 -4.98
CA GLY A 35 -8.47 5.03 -5.98
C GLY A 35 -9.29 3.81 -5.63
N GLU A 36 -9.78 3.72 -4.40
CA GLU A 36 -10.57 2.58 -3.94
C GLU A 36 -12.07 2.86 -3.99
N LYS A 37 -12.49 3.94 -4.63
CA LYS A 37 -13.90 4.28 -4.73
C LYS A 37 -14.61 3.57 -5.89
N ILE A 38 -13.88 2.80 -6.70
CA ILE A 38 -14.51 2.10 -7.80
C ILE A 38 -15.48 1.05 -7.29
N SER A 39 -15.23 0.50 -6.08
CA SER A 39 -16.13 -0.50 -5.53
C SER A 39 -17.52 0.05 -5.31
N LEU A 40 -17.63 1.31 -4.90
CA LEU A 40 -18.93 1.91 -4.68
C LEU A 40 -19.74 1.97 -5.97
N GLY A 41 -19.09 2.30 -7.09
CA GLY A 41 -19.79 2.38 -8.35
C GLY A 41 -20.27 1.03 -8.84
N ILE A 42 -19.58 -0.05 -8.47
CA ILE A 42 -19.99 -1.38 -8.89
C ILE A 42 -21.31 -1.77 -8.24
N THR A 43 -21.43 -1.55 -6.93
CA THR A 43 -22.66 -1.89 -6.23
C THR A 43 -23.78 -0.91 -6.57
N VAL A 44 -23.44 0.37 -6.77
CA VAL A 44 -24.45 1.36 -7.13
C VAL A 44 -25.04 1.03 -8.49
N LEU A 45 -24.18 0.70 -9.47
CA LEU A 45 -24.67 0.32 -10.78
C LEU A 45 -25.39 -1.01 -10.74
N LEU A 46 -24.89 -1.96 -9.95
CA LEU A 46 -25.54 -3.27 -9.85
C LEU A 46 -26.95 -3.13 -9.28
N SER A 47 -27.12 -2.30 -8.25
CA SER A 47 -28.44 -2.12 -7.65
C SER A 47 -29.43 -1.53 -8.64
N LEU A 48 -28.96 -0.65 -9.54
CA LEU A 48 -29.86 -0.08 -10.54
C LEU A 48 -30.32 -1.12 -11.55
N THR A 49 -29.45 -2.06 -11.91
CA THR A 49 -29.84 -3.09 -12.86
C THR A 49 -30.81 -4.09 -12.25
N VAL A 50 -30.78 -4.25 -10.93
CA VAL A 50 -31.72 -5.16 -10.27
C VAL A 50 -33.15 -4.71 -10.50
N PHE A 51 -33.42 -3.41 -10.33
CA PHE A 51 -34.76 -2.90 -10.56
C PHE A 51 -35.09 -2.86 -12.05
N MET A 52 -34.08 -2.73 -12.91
CA MET A 52 -34.33 -2.72 -14.34
C MET A 52 -34.92 -4.05 -14.80
N LEU A 53 -34.43 -5.16 -14.26
CA LEU A 53 -34.95 -6.47 -14.65
C LEU A 53 -36.42 -6.60 -14.28
N LEU A 54 -36.80 -6.10 -13.10
CA LEU A 54 -38.20 -6.19 -12.69
C LEU A 54 -39.10 -5.43 -13.66
N VAL A 55 -38.69 -4.23 -14.06
CA VAL A 55 -39.49 -3.44 -14.99
C VAL A 55 -39.50 -4.07 -16.39
N ALA A 56 -38.47 -4.84 -16.73
CA ALA A 56 -38.43 -5.46 -18.05
C ALA A 56 -39.60 -6.42 -18.23
N GLU A 57 -39.90 -7.23 -17.21
CA GLU A 57 -41.03 -8.14 -17.31
C GLU A 57 -42.35 -7.38 -17.43
N ILE A 58 -42.50 -6.29 -16.69
CA ILE A 58 -43.72 -5.49 -16.76
C ILE A 58 -43.86 -4.88 -18.15
N MET A 59 -42.75 -4.44 -18.74
CA MET A 59 -42.80 -3.83 -20.06
C MET A 59 -43.32 -4.84 -21.07
N PRO A 60 -44.28 -4.47 -21.92
CA PRO A 60 -44.80 -5.43 -22.91
C PRO A 60 -43.71 -5.83 -23.90
N SER A 61 -43.78 -7.08 -24.36
CA SER A 61 -42.83 -7.61 -25.34
C SER A 61 -43.27 -7.15 -26.73
N THR A 62 -42.90 -5.91 -27.05
CA THR A 62 -43.25 -5.32 -28.34
C THR A 62 -42.11 -5.51 -29.33
N SER A 63 -42.31 -5.05 -30.56
CA SER A 63 -41.33 -5.17 -31.63
C SER A 63 -40.63 -3.85 -31.92
N ASP A 64 -41.39 -2.76 -32.07
CA ASP A 64 -40.81 -1.45 -32.36
C ASP A 64 -41.48 -0.36 -31.54
N SER A 65 -42.04 -0.71 -30.39
CA SER A 65 -42.73 0.23 -29.50
C SER A 65 -42.05 0.16 -28.14
N SER A 66 -41.02 0.98 -27.95
CA SER A 66 -40.28 1.00 -26.70
C SER A 66 -41.06 1.82 -25.66
N PRO A 67 -41.41 1.24 -24.51
CA PRO A 67 -42.10 2.04 -23.49
C PRO A 67 -41.24 3.20 -23.01
N SER A 68 -41.91 4.29 -22.63
CA SER A 68 -41.20 5.47 -22.16
C SER A 68 -40.46 5.23 -20.85
N ILE A 69 -40.83 4.19 -20.10
CA ILE A 69 -40.15 3.91 -18.84
C ILE A 69 -38.69 3.53 -19.09
N ALA A 70 -38.43 2.82 -20.20
CA ALA A 70 -37.06 2.44 -20.51
C ALA A 70 -36.19 3.66 -20.79
N GLN A 71 -36.76 4.72 -21.34
CA GLN A 71 -35.97 5.92 -21.62
C GLN A 71 -35.44 6.55 -20.34
N TYR A 72 -36.26 6.59 -19.29
CA TYR A 72 -35.81 7.16 -18.02
C TYR A 72 -34.67 6.34 -17.44
N PHE A 73 -34.77 5.01 -17.49
CA PHE A 73 -33.71 4.16 -16.97
C PHE A 73 -32.42 4.36 -17.77
N ALA A 74 -32.53 4.46 -19.10
CA ALA A 74 -31.35 4.67 -19.92
C ALA A 74 -30.67 6.00 -19.58
N SER A 75 -31.47 7.05 -19.40
CA SER A 75 -30.90 8.35 -19.05
C SER A 75 -30.19 8.29 -17.70
N THR A 76 -30.79 7.60 -16.72
CA THR A 76 -30.15 7.47 -15.42
C THR A 76 -28.83 6.72 -15.52
N MET A 77 -28.79 5.66 -16.33
CA MET A 77 -27.58 4.88 -16.48
C MET A 77 -26.45 5.67 -17.14
N ILE A 78 -26.77 6.75 -17.86
CA ILE A 78 -25.73 7.58 -18.45
C ILE A 78 -24.94 8.30 -17.36
N ILE A 79 -25.64 8.89 -16.40
CA ILE A 79 -24.96 9.58 -15.31
C ILE A 79 -24.16 8.60 -14.47
N VAL A 80 -24.77 7.46 -14.13
CA VAL A 80 -24.06 6.44 -13.35
C VAL A 80 -22.97 5.79 -14.20
N GLY A 81 -23.28 5.49 -15.45
CA GLY A 81 -22.28 4.89 -16.32
C GLY A 81 -21.09 5.79 -16.55
N LEU A 82 -21.35 7.09 -16.77
CA LEU A 82 -20.26 8.03 -16.96
C LEU A 82 -19.46 8.24 -15.67
N SER A 83 -20.12 8.09 -14.51
CA SER A 83 -19.41 8.25 -13.25
C SER A 83 -18.35 7.18 -13.09
N VAL A 84 -18.65 5.94 -13.49
CA VAL A 84 -17.67 4.87 -13.39
C VAL A 84 -16.46 5.17 -14.26
N VAL A 85 -16.68 5.77 -15.44
CA VAL A 85 -15.57 6.13 -16.30
C VAL A 85 -14.64 7.12 -15.61
N VAL A 86 -15.23 8.04 -14.84
CA VAL A 86 -14.41 9.03 -14.13
C VAL A 86 -13.51 8.34 -13.12
N THR A 87 -14.04 7.34 -12.41
CA THR A 87 -13.23 6.63 -11.42
C THR A 87 -12.04 5.95 -12.08
N VAL A 88 -12.16 5.55 -13.34
CA VAL A 88 -11.03 4.95 -14.05
C VAL A 88 -9.89 5.94 -14.18
N ILE A 89 -10.21 7.19 -14.50
CA ILE A 89 -9.17 8.22 -14.61
C ILE A 89 -8.49 8.43 -13.26
N VAL A 90 -9.25 8.37 -12.18
CA VAL A 90 -8.68 8.52 -10.85
C VAL A 90 -7.69 7.39 -10.57
N LEU A 91 -8.02 6.18 -11.02
CA LEU A 91 -7.11 5.05 -10.82
C LEU A 91 -5.78 5.28 -11.51
N GLN A 92 -5.80 5.82 -12.73
CA GLN A 92 -4.56 6.09 -13.45
C GLN A 92 -3.68 7.08 -12.70
N TYR A 93 -4.29 8.15 -12.17
CA TYR A 93 -3.53 9.14 -11.41
C TYR A 93 -3.29 8.73 -9.98
N HIS A 94 -4.12 7.83 -9.42
CA HIS A 94 -3.95 7.42 -8.04
C HIS A 94 -2.62 6.69 -7.85
N HIS A 95 -2.25 5.84 -8.80
CA HIS A 95 -1.00 5.08 -8.69
C HIS A 95 0.22 5.89 -9.06
N HIS A 96 0.04 7.10 -9.60
CA HIS A 96 1.14 7.98 -10.00
C HIS A 96 2.27 7.20 -10.66
N ASP A 97 1.90 6.50 -11.74
CA ASP A 97 2.87 5.69 -12.47
C ASP A 97 3.97 6.59 -13.02
N PRO A 98 5.27 6.29 -12.75
CA PRO A 98 6.37 7.08 -13.33
C PRO A 98 6.65 6.74 -14.80
N ASP A 99 5.58 6.73 -15.61
CA ASP A 99 5.68 6.43 -17.03
C ASP A 99 5.15 7.54 -17.92
N GLY A 100 4.19 8.33 -17.45
CA GLY A 100 3.64 9.40 -18.25
C GLY A 100 2.30 9.85 -17.68
N GLY A 101 1.52 10.51 -18.53
CA GLY A 101 0.21 10.99 -18.18
C GLY A 101 0.17 12.45 -17.73
N LYS A 102 1.32 13.03 -17.41
CA LYS A 102 1.34 14.42 -16.98
C LYS A 102 0.81 15.33 -18.08
N MET A 103 -0.09 16.23 -17.71
CA MET A 103 -0.69 17.13 -18.68
C MET A 103 0.32 18.20 -19.11
N PRO A 104 0.16 18.76 -20.30
CA PRO A 104 1.08 19.82 -20.74
C PRO A 104 0.93 21.08 -19.89
N LYS A 105 2.01 21.87 -19.88
CA LYS A 105 2.01 23.10 -19.10
C LYS A 105 0.91 24.05 -19.56
N TRP A 106 0.52 23.98 -20.83
CA TRP A 106 -0.53 24.86 -21.33
C TRP A 106 -1.84 24.63 -20.59
N THR A 107 -2.20 23.35 -20.37
CA THR A 107 -3.41 23.03 -19.62
C THR A 107 -3.21 23.14 -18.12
N ARG A 108 -1.97 23.04 -17.64
CA ARG A 108 -1.73 23.13 -16.20
C ARG A 108 -2.10 24.51 -15.66
N VAL A 109 -1.79 25.57 -16.42
CA VAL A 109 -2.11 26.92 -15.97
C VAL A 109 -3.62 27.09 -15.85
N ILE A 110 -4.37 26.59 -16.82
CA ILE A 110 -5.82 26.72 -16.78
C ILE A 110 -6.38 26.01 -15.55
N LEU A 111 -5.91 24.79 -15.28
CA LEU A 111 -6.38 24.06 -14.10
C LEU A 111 -6.02 24.79 -12.81
N LEU A 112 -4.80 25.34 -12.74
CA LEU A 112 -4.40 26.06 -11.53
C LEU A 112 -5.29 27.28 -11.30
N ASN A 113 -5.59 28.02 -12.37
CA ASN A 113 -6.47 29.19 -12.23
C ASN A 113 -7.88 28.77 -11.80
N TRP A 114 -8.38 27.67 -12.36
CA TRP A 114 -9.71 27.21 -12.01
C TRP A 114 -9.76 26.71 -10.57
N CYS A 115 -8.69 26.05 -10.11
CA CYS A 115 -8.65 25.56 -8.73
C CYS A 115 -8.73 26.72 -7.74
N ALA A 116 -7.99 27.80 -8.00
CA ALA A 116 -8.06 28.95 -7.12
C ALA A 116 -9.42 29.64 -7.21
N TRP A 117 -10.01 29.69 -8.41
CA TRP A 117 -11.31 30.32 -8.56
C TRP A 117 -12.41 29.52 -7.87
N PHE A 118 -12.31 28.19 -7.88
CA PHE A 118 -13.33 27.37 -7.23
C PHE A 118 -13.39 27.65 -5.73
N LEU A 119 -12.22 27.75 -5.08
CA LEU A 119 -12.20 28.03 -3.65
C LEU A 119 -12.77 29.41 -3.35
N ARG A 120 -12.40 30.41 -4.15
CA ARG A 120 -12.87 31.79 -4.00
C ARG A 120 -13.47 32.22 -5.33
N MET A 121 -14.76 31.96 -5.52
CA MET A 121 -15.44 32.30 -6.76
C MET A 121 -15.70 33.80 -6.83
N LYS A 122 -16.11 34.25 -8.01
CA LYS A 122 -16.42 35.65 -8.26
C LYS A 122 -17.83 36.04 -7.85
N ARG A 123 -18.62 35.09 -7.35
CA ARG A 123 -19.99 35.38 -6.96
C ARG A 123 -20.01 36.29 -5.74
N PRO A 124 -21.12 37.00 -5.50
CA PRO A 124 -21.18 37.90 -4.34
C PRO A 124 -20.99 37.19 -3.01
N GLY A 125 -21.30 35.89 -2.93
CA GLY A 125 -21.16 35.18 -1.68
C GLY A 125 -19.73 35.00 -1.22
N GLU A 126 -18.76 35.10 -2.13
CA GLU A 126 -17.35 34.95 -1.82
C GLU A 126 -16.58 36.26 -1.93
N ASP A 127 -16.86 37.08 -2.93
CA ASP A 127 -16.14 38.33 -3.09
C ASP A 127 -16.58 39.37 -2.07
N LYS A 128 -17.83 39.29 -1.60
CA LYS A 128 -18.33 40.27 -0.65
C LYS A 128 -17.92 39.92 0.78
N VAL A 129 -17.93 38.64 1.12
CA VAL A 129 -17.59 38.20 2.50
C VAL A 129 -16.09 37.98 2.51
N ARG A 130 -15.36 39.06 2.74
CA ARG A 130 -13.91 39.04 2.84
C ARG A 130 -13.44 40.44 3.20
N PRO A 131 -12.18 40.57 3.66
CA PRO A 131 -11.66 41.91 3.97
C PRO A 131 -11.47 42.76 2.73
N ALA A 132 -12.29 43.79 2.57
CA ALA A 132 -12.24 44.68 1.41
C ALA A 132 -12.56 46.10 1.86
N CYS A 133 -11.69 47.03 1.50
CA CYS A 133 -11.86 48.44 1.85
C CYS A 133 -10.97 49.27 0.94
N GLN A 134 -10.92 50.57 1.21
CA GLN A 134 -10.09 51.50 0.44
C GLN A 134 -8.66 51.58 0.97
N HIS A 135 -8.33 50.83 2.01
CA HIS A 135 -6.99 50.84 2.58
C HIS A 135 -6.06 49.98 1.71
N LYS A 136 -4.86 49.68 2.23
CA LYS A 136 -3.88 48.94 1.46
C LYS A 136 -4.32 47.52 1.13
N GLN A 137 -5.38 47.02 1.77
CA GLN A 137 -5.84 45.67 1.49
C GLN A 137 -6.21 45.49 0.02
N ARG A 138 -6.67 46.56 -0.63
CA ARG A 138 -7.07 46.52 -2.04
C ARG A 138 -6.38 47.62 -2.83
N ARG A 139 -5.09 47.83 -2.58
CA ARG A 139 -4.30 48.83 -3.29
C ARG A 139 -3.38 48.15 -4.28
N CYS A 140 -2.82 48.97 -5.18
CA CYS A 140 -1.90 48.52 -6.21
C CYS A 140 -0.51 49.08 -5.95
N SER A 141 0.50 48.23 -6.06
CA SER A 141 1.88 48.63 -5.84
C SER A 141 2.78 47.71 -6.66
N LEU A 142 4.09 47.82 -6.45
CA LEU A 142 5.04 47.00 -7.18
C LEU A 142 4.94 45.53 -6.78
N ALA A 143 4.66 45.26 -5.51
CA ALA A 143 4.58 43.87 -5.05
C ALA A 143 3.43 43.14 -5.75
N SER A 144 2.27 43.79 -5.87
CA SER A 144 1.14 43.14 -6.52
C SER A 144 1.36 43.04 -8.02
N VAL A 145 1.87 44.09 -8.65
CA VAL A 145 2.13 44.09 -10.09
C VAL A 145 3.56 43.62 -10.28
N GLU A 146 3.72 42.32 -10.55
CA GLU A 146 5.02 41.69 -10.75
C GLU A 146 5.15 41.15 -12.16
N MET A 147 4.55 41.86 -13.13
CA MET A 147 4.63 41.44 -14.52
C MET A 147 5.99 41.73 -15.13
N SER A 148 6.81 42.55 -14.49
CA SER A 148 8.14 42.91 -14.96
C SER A 148 9.23 42.22 -14.15
N ALA A 149 8.96 40.98 -13.72
CA ALA A 149 9.91 40.20 -12.93
C ALA A 149 10.28 40.95 -11.64
N VAL A 150 9.26 41.42 -10.94
CA VAL A 150 9.45 42.12 -9.68
C VAL A 150 9.50 41.11 -8.54
N ALA A 151 10.16 41.49 -7.45
CA ALA A 151 10.29 40.61 -6.31
C ALA A 151 8.91 40.32 -5.72
N PRO A 152 8.54 39.05 -5.52
CA PRO A 152 7.21 38.76 -4.96
C PRO A 152 7.20 39.00 -3.46
N PRO A 153 6.03 38.94 -2.82
CA PRO A 153 5.96 39.17 -1.39
C PRO A 153 6.77 38.11 -0.65
N PRO A 154 7.33 38.46 0.51
CA PRO A 154 8.11 37.46 1.27
C PRO A 154 7.22 36.42 1.92
N ALA A 155 6.81 35.41 1.16
CA ALA A 155 5.95 34.34 1.63
C ALA A 155 6.64 33.00 1.47
N SER A 156 6.23 32.04 2.28
CA SER A 156 6.79 30.70 2.27
C SER A 156 6.09 29.76 1.28
N ASN A 157 5.11 30.26 0.53
CA ASN A 157 4.39 29.43 -0.43
C ASN A 157 5.17 29.20 -1.72
N GLY A 158 6.33 29.85 -1.89
CA GLY A 158 7.12 29.68 -3.08
C GLY A 158 7.39 30.99 -3.81
N ASN A 159 7.28 32.11 -3.08
CA ASN A 159 7.52 33.42 -3.68
C ASN A 159 9.01 33.71 -3.77
N LEU A 160 9.69 33.72 -2.62
CA LEU A 160 11.13 33.98 -2.57
C LEU A 160 11.95 32.70 -2.39
N LEU A 161 11.31 31.56 -2.16
CA LEU A 161 12.05 30.31 -1.99
C LEU A 161 12.45 29.72 -3.34
N TYR A 162 11.50 29.64 -4.27
CA TYR A 162 11.81 29.13 -5.60
C TYR A 162 12.59 30.16 -6.42
N ILE A 163 12.21 31.43 -6.31
CA ILE A 163 12.92 32.47 -7.06
C ILE A 163 14.29 32.74 -6.46
N GLY A 164 14.42 32.60 -5.14
CA GLY A 164 15.70 32.86 -4.49
C GLY A 164 16.73 31.76 -4.68
N PHE A 165 16.29 30.55 -4.99
CA PHE A 165 17.19 29.41 -5.20
C PHE A 165 17.47 29.17 -6.68
N ARG A 166 16.43 29.16 -7.52
CA ARG A 166 16.57 28.94 -8.95
C ARG A 166 16.36 30.21 -9.77
N GLY A 167 15.46 31.10 -9.35
CA GLY A 167 15.23 32.31 -10.10
C GLY A 167 16.44 33.21 -10.19
N LEU A 168 17.26 33.25 -9.13
CA LEU A 168 18.45 34.09 -9.10
C LEU A 168 19.59 33.37 -9.82
N ASP A 169 19.45 33.30 -11.14
CA ASP A 169 20.43 32.65 -12.00
C ASP A 169 21.54 33.65 -12.30
N GLY A 170 22.51 33.74 -11.39
CA GLY A 170 23.63 34.66 -11.56
C GLY A 170 23.92 35.48 -10.32
N VAL A 171 23.16 35.24 -9.25
CA VAL A 171 23.34 35.94 -7.98
C VAL A 171 23.54 34.97 -6.83
N HIS A 172 22.61 34.03 -6.65
CA HIS A 172 22.72 33.06 -5.56
C HIS A 172 23.70 31.95 -5.91
N CYS A 173 23.42 31.20 -6.97
CA CYS A 173 24.31 30.10 -7.36
C CYS A 173 25.68 30.64 -7.76
N VAL A 174 25.72 31.73 -8.51
CA VAL A 174 26.96 32.35 -8.96
C VAL A 174 26.99 33.78 -8.43
N PRO A 175 27.65 34.02 -7.29
CA PRO A 175 27.70 35.38 -6.75
C PRO A 175 28.55 36.31 -7.61
N THR A 176 28.04 36.66 -8.79
CA THR A 176 28.75 37.58 -9.67
C THR A 176 28.99 38.94 -9.02
N PRO A 177 27.99 39.59 -8.40
CA PRO A 177 28.26 40.91 -7.78
C PRO A 177 28.96 40.78 -6.44
N ASP A 178 30.23 40.36 -6.50
CA ASP A 178 31.06 40.16 -5.31
C ASP A 178 32.39 40.87 -5.55
N SER A 179 32.51 42.10 -5.04
CA SER A 179 33.73 42.88 -5.19
C SER A 179 34.65 42.65 -3.97
N GLY A 180 35.09 41.39 -3.84
CA GLY A 180 35.94 41.03 -2.72
C GLY A 180 35.26 41.17 -1.37
N VAL A 181 34.01 40.73 -1.27
CA VAL A 181 33.25 40.82 -0.03
C VAL A 181 33.36 39.52 0.77
N VAL A 182 33.28 38.37 0.10
CA VAL A 182 33.37 37.08 0.79
C VAL A 182 34.78 36.73 1.20
N CYS A 183 35.79 37.45 0.69
CA CYS A 183 37.18 37.18 1.05
C CYS A 183 37.98 38.45 1.26
N GLY A 184 37.34 39.62 1.34
CA GLY A 184 38.05 40.86 1.52
C GLY A 184 37.41 41.78 2.55
N ARG A 185 36.28 41.37 3.10
CA ARG A 185 35.55 42.15 4.10
C ARG A 185 35.41 41.34 5.38
N MET A 186 34.92 42.01 6.42
CA MET A 186 34.72 41.39 7.73
C MET A 186 33.33 40.81 7.91
N ALA A 187 32.48 40.87 6.88
CA ALA A 187 31.11 40.36 6.97
C ALA A 187 31.17 38.84 6.90
N CYS A 188 31.39 38.21 8.05
CA CYS A 188 31.47 36.75 8.15
C CYS A 188 32.54 36.20 7.21
N SER A 189 33.65 36.93 7.08
CA SER A 189 34.75 36.53 6.21
C SER A 189 35.99 37.27 6.65
N PRO A 190 37.18 36.76 6.31
CA PRO A 190 38.41 37.47 6.66
C PRO A 190 38.58 38.74 5.82
N THR A 191 39.30 39.70 6.40
CA THR A 191 39.57 40.97 5.72
C THR A 191 40.84 40.82 4.87
N HIS A 192 40.70 40.05 3.79
CA HIS A 192 41.81 39.79 2.87
C HIS A 192 43.02 39.22 3.62
N ASP A 193 42.76 38.31 4.55
CA ASP A 193 43.81 37.69 5.34
C ASP A 193 44.28 36.44 4.62
N GLU A 194 45.41 36.55 3.91
CA GLU A 194 45.96 35.41 3.19
C GLU A 194 46.64 34.40 4.10
N HIS A 195 46.89 34.76 5.36
CA HIS A 195 47.53 33.87 6.32
C HIS A 195 46.56 33.38 7.38
N LEU A 196 45.29 33.19 7.01
CA LEU A 196 44.26 32.73 7.93
C LEU A 196 44.35 31.21 8.04
N LEU A 197 45.34 30.75 8.78
CA LEU A 197 45.58 29.33 9.01
C LEU A 197 45.25 29.01 10.46
N HIS A 198 44.23 28.17 10.66
CA HIS A 198 43.80 27.77 11.99
C HIS A 198 44.77 26.73 12.52
N GLY A 199 45.79 27.18 13.25
CA GLY A 199 46.78 26.27 13.78
C GLY A 199 47.73 25.70 12.75
N GLY A 200 47.90 26.38 11.62
CA GLY A 200 48.75 25.91 10.55
C GLY A 200 48.05 25.13 9.46
N GLN A 201 46.73 24.95 9.56
CA GLN A 201 45.97 24.21 8.56
C GLN A 201 45.07 25.17 7.77
N PRO A 202 44.69 24.81 6.55
CA PRO A 202 43.79 25.68 5.77
C PRO A 202 42.41 25.72 6.39
N PRO A 203 41.48 26.48 5.80
CA PRO A 203 40.12 26.52 6.35
C PRO A 203 39.32 25.27 6.04
N GLU A 204 39.88 24.10 6.34
CA GLU A 204 39.21 22.84 6.08
C GLU A 204 39.81 21.78 6.99
N GLY A 205 39.02 21.29 7.95
CA GLY A 205 39.53 20.29 8.86
C GLY A 205 39.90 18.98 8.17
N ASP A 206 39.08 18.56 7.21
CA ASP A 206 39.33 17.32 6.49
C ASP A 206 38.79 17.43 5.06
N PRO A 207 39.64 17.37 4.04
CA PRO A 207 39.11 17.41 2.66
C PRO A 207 38.18 16.28 2.34
N ASP A 208 38.31 15.13 3.01
CA ASP A 208 37.44 13.99 2.72
C ASP A 208 36.00 14.25 3.14
N LEU A 209 35.75 15.27 3.98
CA LEU A 209 34.38 15.58 4.38
C LEU A 209 33.53 16.06 3.21
N ALA A 210 34.15 16.58 2.16
CA ALA A 210 33.38 17.02 0.99
C ALA A 210 32.70 15.82 0.31
N LYS A 211 33.38 14.69 0.25
CA LYS A 211 32.79 13.50 -0.35
C LYS A 211 31.55 13.05 0.42
N ILE A 212 31.62 13.10 1.75
CA ILE A 212 30.46 12.74 2.57
C ILE A 212 29.30 13.69 2.31
N LEU A 213 29.61 14.98 2.14
CA LEU A 213 28.56 15.96 1.87
C LEU A 213 27.83 15.64 0.57
N GLU A 214 28.57 15.25 -0.47
CA GLU A 214 27.93 14.92 -1.74
C GLU A 214 26.99 13.74 -1.59
N GLU A 215 27.42 12.70 -0.87
CA GLU A 215 26.54 11.56 -0.63
C GLU A 215 25.37 11.94 0.28
N VAL A 216 25.65 12.72 1.32
CA VAL A 216 24.58 13.17 2.21
C VAL A 216 23.61 14.09 1.45
N ARG A 217 24.15 14.98 0.62
CA ARG A 217 23.30 15.89 -0.13
C ARG A 217 22.38 15.13 -1.09
N TYR A 218 22.87 14.03 -1.67
CA TYR A 218 22.03 13.24 -2.56
C TYR A 218 20.82 12.67 -1.81
N ILE A 219 21.03 12.19 -0.59
CA ILE A 219 19.92 11.68 0.21
C ILE A 219 18.93 12.80 0.49
N ALA A 220 19.42 13.97 0.89
CA ALA A 220 18.54 15.12 1.11
C ALA A 220 17.94 15.60 -0.20
N ASN A 221 18.71 15.58 -1.28
CA ASN A 221 18.18 16.01 -2.57
C ASN A 221 17.07 15.08 -3.05
N ARG A 222 17.23 13.77 -2.84
CA ARG A 222 16.18 12.84 -3.22
C ARG A 222 14.89 13.11 -2.46
N PHE A 223 15.00 13.37 -1.16
CA PHE A 223 13.82 13.75 -0.39
C PHE A 223 13.25 15.08 -0.85
N ARG A 224 14.14 16.04 -1.18
CA ARG A 224 13.68 17.31 -1.72
C ARG A 224 12.98 17.11 -3.05
N CYS A 225 13.53 16.24 -3.90
CA CYS A 225 12.88 15.95 -5.18
C CYS A 225 11.51 15.32 -4.97
N GLN A 226 11.41 14.40 -4.00
CA GLN A 226 10.11 13.81 -3.68
C GLN A 226 9.14 14.87 -3.17
N ASP A 227 9.61 15.76 -2.29
CA ASP A 227 8.76 16.84 -1.83
C ASP A 227 8.41 17.79 -2.98
N GLU A 228 9.39 18.11 -3.82
CA GLU A 228 9.10 18.93 -5.00
C GLU A 228 8.17 18.21 -5.95
N SER A 229 8.36 16.90 -6.13
CA SER A 229 7.47 16.13 -6.99
C SER A 229 6.07 16.07 -6.40
N GLU A 230 5.95 16.03 -5.07
CA GLU A 230 4.63 16.02 -4.44
C GLU A 230 3.87 17.30 -4.76
N ALA A 231 4.55 18.45 -4.70
CA ALA A 231 3.92 19.71 -5.08
C ALA A 231 3.50 19.69 -6.55
N VAL A 232 4.39 19.19 -7.42
CA VAL A 232 4.03 19.05 -8.83
C VAL A 232 2.91 18.04 -8.99
N CYS A 233 2.99 16.92 -8.26
CA CYS A 233 1.93 15.92 -8.32
C CYS A 233 0.61 16.48 -7.77
N SER A 234 0.69 17.34 -6.76
CA SER A 234 -0.53 17.96 -6.24
C SER A 234 -1.21 18.81 -7.30
N GLU A 235 -0.42 19.59 -8.05
CA GLU A 235 -0.98 20.36 -9.15
C GLU A 235 -1.50 19.45 -10.25
N TRP A 236 -0.78 18.36 -10.53
CA TRP A 236 -1.25 17.39 -11.53
C TRP A 236 -2.41 16.56 -11.01
N LYS A 237 -2.45 16.27 -9.71
CA LYS A 237 -3.56 15.50 -9.15
C LYS A 237 -4.87 16.25 -9.26
N PHE A 238 -4.83 17.58 -9.31
CA PHE A 238 -6.06 18.36 -9.44
C PHE A 238 -6.74 18.13 -10.78
N ALA A 239 -6.03 17.60 -11.78
CA ALA A 239 -6.65 17.34 -13.07
C ALA A 239 -7.81 16.36 -12.93
N ALA A 240 -7.60 15.27 -12.18
CA ALA A 240 -8.69 14.35 -11.92
C ALA A 240 -9.78 15.00 -11.08
N CYS A 241 -9.38 15.75 -10.05
CA CYS A 241 -10.37 16.42 -9.19
C CYS A 241 -11.16 17.45 -9.97
N VAL A 242 -10.49 18.23 -10.83
CA VAL A 242 -11.19 19.24 -11.61
C VAL A 242 -12.20 18.58 -12.54
N VAL A 243 -11.78 17.53 -13.25
CA VAL A 243 -12.70 16.80 -14.10
C VAL A 243 -13.77 16.12 -13.26
N ASP A 244 -13.35 15.50 -12.14
CA ASP A 244 -14.32 14.83 -11.27
C ASP A 244 -15.30 15.82 -10.67
N ARG A 245 -14.81 16.99 -10.23
CA ARG A 245 -15.68 17.98 -9.62
C ARG A 245 -16.50 18.73 -10.67
N LEU A 246 -15.92 18.99 -11.84
CA LEU A 246 -16.65 19.68 -12.89
C LEU A 246 -17.84 18.87 -13.37
N CYS A 247 -17.68 17.55 -13.48
CA CYS A 247 -18.77 16.71 -13.96
C CYS A 247 -19.96 16.75 -13.01
N LEU A 248 -19.73 17.02 -11.72
CA LEU A 248 -20.83 17.10 -10.78
C LEU A 248 -21.78 18.24 -11.14
N MET A 249 -21.24 19.41 -11.46
CA MET A 249 -22.08 20.53 -11.84
C MET A 249 -22.80 20.27 -13.16
N ALA A 250 -22.10 19.68 -14.14
CA ALA A 250 -22.72 19.40 -15.42
C ALA A 250 -23.79 18.32 -15.29
N PHE A 251 -23.51 17.26 -14.54
CA PHE A 251 -24.48 16.17 -14.38
C PHE A 251 -25.62 16.59 -13.47
N SER A 252 -25.38 17.53 -12.54
CA SER A 252 -26.45 17.98 -11.66
C SER A 252 -27.59 18.61 -12.45
N VAL A 253 -27.25 19.45 -13.43
CA VAL A 253 -28.29 20.04 -14.28
C VAL A 253 -28.98 18.96 -15.10
N PHE A 254 -28.21 18.03 -15.66
CA PHE A 254 -28.80 16.94 -16.44
C PHE A 254 -29.70 16.07 -15.58
N THR A 255 -29.28 15.78 -14.35
CA THR A 255 -30.11 14.96 -13.46
C THR A 255 -31.44 15.64 -13.18
N ILE A 256 -31.43 16.95 -12.93
CA ILE A 256 -32.67 17.69 -12.71
C ILE A 256 -33.53 17.65 -13.97
N ILE A 257 -32.91 17.82 -15.14
CA ILE A 257 -33.66 17.79 -16.39
C ILE A 257 -34.30 16.43 -16.59
N CYS A 258 -33.54 15.36 -16.33
CA CYS A 258 -34.09 14.01 -16.48
C CYS A 258 -35.27 13.79 -15.54
N THR A 259 -35.15 14.24 -14.29
CA THR A 259 -36.27 14.11 -13.36
C THR A 259 -37.47 14.92 -13.83
N ILE A 260 -37.23 16.12 -14.36
CA ILE A 260 -38.33 16.94 -14.85
C ILE A 260 -38.99 16.29 -16.07
N GLY A 261 -38.20 15.60 -16.89
CA GLY A 261 -38.76 15.01 -18.11
C GLY A 261 -39.87 14.00 -17.81
N ILE A 262 -39.65 13.15 -16.81
CA ILE A 262 -40.69 12.18 -16.45
C ILE A 262 -41.88 12.85 -15.79
N LEU A 263 -41.68 14.04 -15.19
CA LEU A 263 -42.78 14.77 -14.58
C LEU A 263 -43.60 15.57 -15.57
N MET A 264 -43.13 15.70 -16.81
CA MET A 264 -43.83 16.45 -17.85
C MET A 264 -44.27 15.58 -19.02
N SER A 265 -43.59 14.46 -19.27
CA SER A 265 -43.96 13.58 -20.37
C SER A 265 -44.92 12.48 -19.94
N ALA A 266 -44.81 12.00 -18.70
CA ALA A 266 -45.70 10.94 -18.23
C ALA A 266 -47.17 11.37 -18.26
N PRO A 267 -47.54 12.56 -17.79
CA PRO A 267 -48.97 12.93 -17.84
C PRO A 267 -49.54 12.96 -19.25
N ASN A 268 -48.70 13.19 -20.26
CA ASN A 268 -49.17 13.25 -21.64
C ASN A 268 -49.12 11.88 -22.32
N PHE A 269 -48.10 11.09 -22.03
CA PHE A 269 -47.95 9.76 -22.61
C PHE A 269 -48.42 8.66 -21.67
N VAL A 270 -47.89 8.61 -20.45
CA VAL A 270 -48.28 7.60 -19.48
C VAL A 270 -49.58 8.00 -18.80
N LEU B 7 -45.22 -17.66 12.42
CA LEU B 7 -44.51 -16.55 11.80
C LEU B 7 -43.48 -17.05 10.80
N TYR B 8 -43.96 -17.61 9.69
CA TYR B 8 -43.06 -18.12 8.66
C TYR B 8 -42.32 -16.99 7.96
N TYR B 9 -43.06 -16.07 7.35
CA TYR B 9 -42.43 -14.94 6.68
C TYR B 9 -41.85 -13.94 7.68
N GLY B 10 -42.50 -13.79 8.83
CA GLY B 10 -41.99 -12.86 9.83
C GLY B 10 -40.61 -13.23 10.34
N LEU B 11 -40.43 -14.52 10.66
CA LEU B 11 -39.13 -14.98 11.14
C LEU B 11 -38.10 -15.06 10.03
N ASN B 12 -38.53 -15.24 8.78
CA ASN B 12 -37.61 -15.34 7.65
C ASN B 12 -37.32 -13.98 7.01
N LEU B 13 -37.99 -12.92 7.45
CA LEU B 13 -37.78 -11.58 6.89
C LEU B 13 -37.39 -10.56 7.95
N LEU B 14 -37.98 -10.62 9.14
CA LEU B 14 -37.61 -9.67 10.19
C LEU B 14 -36.25 -10.00 10.79
N ILE B 15 -35.99 -11.29 11.04
CA ILE B 15 -34.72 -11.68 11.66
C ILE B 15 -33.52 -11.27 10.81
N PRO B 16 -33.51 -11.50 9.49
CA PRO B 16 -32.36 -11.03 8.70
C PRO B 16 -32.11 -9.53 8.84
N CYS B 17 -33.17 -8.73 8.98
CA CYS B 17 -32.98 -7.29 9.14
C CYS B 17 -32.22 -6.97 10.42
N VAL B 18 -32.49 -7.72 11.50
CA VAL B 18 -31.78 -7.49 12.75
C VAL B 18 -30.29 -7.74 12.57
N LEU B 19 -29.94 -8.85 11.93
CA LEU B 19 -28.53 -9.14 11.67
C LEU B 19 -27.94 -8.15 10.69
N ILE B 20 -28.69 -7.79 9.64
CA ILE B 20 -28.20 -6.82 8.67
C ILE B 20 -27.99 -5.46 9.34
N SER B 21 -28.95 -5.04 10.17
CA SER B 21 -28.78 -3.79 10.91
C SER B 21 -27.67 -3.91 11.95
N ALA B 22 -27.53 -5.08 12.57
CA ALA B 22 -26.45 -5.28 13.54
C ALA B 22 -25.10 -5.23 12.86
N LEU B 23 -24.99 -5.79 11.65
CA LEU B 23 -23.73 -5.73 10.92
C LEU B 23 -23.35 -4.30 10.57
N ALA B 24 -24.35 -3.44 10.33
CA ALA B 24 -24.06 -2.05 10.04
C ALA B 24 -23.45 -1.33 11.25
N LEU B 25 -23.90 -1.69 12.46
CA LEU B 25 -23.34 -1.08 13.65
C LEU B 25 -21.86 -1.40 13.80
N LEU B 26 -21.43 -2.57 13.32
CA LEU B 26 -20.01 -2.91 13.36
C LEU B 26 -19.19 -1.99 12.45
N VAL B 27 -19.75 -1.58 11.32
CA VAL B 27 -19.03 -0.68 10.43
C VAL B 27 -18.81 0.68 11.10
N PHE B 28 -19.71 1.08 12.00
CA PHE B 28 -19.60 2.36 12.67
C PHE B 28 -18.60 2.34 13.82
N LEU B 29 -18.06 1.17 14.17
CA LEU B 29 -17.07 1.05 15.24
C LEU B 29 -15.65 0.95 14.72
N LEU B 30 -15.46 0.93 13.40
CA LEU B 30 -14.14 0.82 12.81
C LEU B 30 -13.41 2.17 12.88
N PRO B 31 -12.08 2.15 12.83
CA PRO B 31 -11.33 3.42 12.89
C PRO B 31 -11.43 4.22 11.61
N ALA B 32 -10.77 5.37 11.57
CA ALA B 32 -10.79 6.22 10.39
C ALA B 32 -9.84 5.77 9.29
N ASP B 33 -8.89 4.88 9.61
CA ASP B 33 -7.95 4.37 8.62
C ASP B 33 -8.43 3.09 7.95
N SER B 34 -9.63 2.60 8.30
CA SER B 34 -10.16 1.37 7.71
C SER B 34 -10.85 1.70 6.39
N GLY B 35 -10.02 1.97 5.38
CA GLY B 35 -10.51 2.29 4.06
C GLY B 35 -10.98 1.09 3.24
N GLU B 36 -10.71 -0.12 3.70
CA GLU B 36 -11.09 -1.34 2.99
C GLU B 36 -12.38 -1.94 3.51
N LYS B 37 -13.12 -1.22 4.36
CA LYS B 37 -14.36 -1.73 4.91
C LYS B 37 -15.56 -1.52 3.98
N ILE B 38 -15.36 -0.86 2.84
CA ILE B 38 -16.46 -0.66 1.90
C ILE B 38 -16.95 -1.99 1.35
N SER B 39 -16.07 -2.99 1.29
CA SER B 39 -16.47 -4.30 0.78
C SER B 39 -17.56 -4.92 1.63
N LEU B 40 -17.47 -4.75 2.95
CA LEU B 40 -18.49 -5.32 3.83
C LEU B 40 -19.86 -4.73 3.56
N GLY B 41 -19.92 -3.42 3.31
CA GLY B 41 -21.19 -2.77 3.05
C GLY B 41 -21.81 -3.21 1.74
N ILE B 42 -20.99 -3.60 0.77
CA ILE B 42 -21.51 -4.04 -0.52
C ILE B 42 -22.27 -5.35 -0.37
N THR B 43 -21.67 -6.32 0.33
CA THR B 43 -22.33 -7.61 0.52
C THR B 43 -23.51 -7.49 1.49
N VAL B 44 -23.37 -6.65 2.51
CA VAL B 44 -24.46 -6.46 3.47
C VAL B 44 -25.68 -5.86 2.77
N LEU B 45 -25.46 -4.84 1.94
CA LEU B 45 -26.57 -4.24 1.22
C LEU B 45 -27.11 -5.19 0.16
N LEU B 46 -26.22 -5.93 -0.51
CA LEU B 46 -26.67 -6.88 -1.53
C LEU B 46 -27.53 -7.98 -0.92
N SER B 47 -27.15 -8.49 0.25
CA SER B 47 -27.93 -9.54 0.88
C SER B 47 -29.32 -9.06 1.27
N LEU B 48 -29.46 -7.78 1.61
CA LEU B 48 -30.77 -7.24 1.96
C LEU B 48 -31.68 -7.13 0.74
N THR B 49 -31.11 -6.83 -0.43
CA THR B 49 -31.93 -6.72 -1.64
C THR B 49 -32.40 -8.08 -2.13
N VAL B 50 -31.69 -9.16 -1.79
CA VAL B 50 -32.12 -10.49 -2.22
C VAL B 50 -33.48 -10.83 -1.64
N PHE B 51 -33.68 -10.54 -0.35
CA PHE B 51 -34.97 -10.81 0.28
C PHE B 51 -36.03 -9.82 -0.20
N MET B 52 -35.63 -8.62 -0.60
CA MET B 52 -36.60 -7.66 -1.11
C MET B 52 -37.28 -8.17 -2.37
N LEU B 53 -36.52 -8.80 -3.26
CA LEU B 53 -37.09 -9.34 -4.48
C LEU B 53 -38.13 -10.42 -4.16
N LEU B 54 -37.82 -11.28 -3.20
CA LEU B 54 -38.77 -12.35 -2.84
C LEU B 54 -40.08 -11.77 -2.32
N VAL B 55 -40.00 -10.74 -1.47
CA VAL B 55 -41.21 -10.13 -0.94
C VAL B 55 -41.91 -9.27 -1.98
N ALA B 56 -41.19 -8.82 -3.01
CA ALA B 56 -41.83 -8.01 -4.05
C ALA B 56 -42.91 -8.80 -4.78
N GLU B 57 -42.63 -10.06 -5.10
CA GLU B 57 -43.64 -10.90 -5.75
C GLU B 57 -44.83 -11.15 -4.83
N ILE B 58 -44.56 -11.37 -3.53
CA ILE B 58 -45.65 -11.61 -2.59
C ILE B 58 -46.52 -10.37 -2.46
N MET B 59 -45.92 -9.19 -2.49
CA MET B 59 -46.69 -7.96 -2.35
C MET B 59 -47.66 -7.83 -3.52
N PRO B 60 -48.92 -7.47 -3.28
CA PRO B 60 -49.87 -7.35 -4.40
C PRO B 60 -49.46 -6.24 -5.34
N SER B 61 -49.76 -6.43 -6.63
CA SER B 61 -49.46 -5.45 -7.66
C SER B 61 -50.57 -4.40 -7.67
N THR B 62 -50.45 -3.46 -6.73
CA THR B 62 -51.43 -2.40 -6.59
C THR B 62 -50.98 -1.16 -7.35
N SER B 63 -51.77 -0.08 -7.25
CA SER B 63 -51.48 1.17 -7.92
C SER B 63 -51.13 2.29 -6.95
N ASP B 64 -51.88 2.42 -5.86
CA ASP B 64 -51.62 3.47 -4.87
C ASP B 64 -51.75 2.95 -3.44
N SER B 65 -51.64 1.65 -3.22
CA SER B 65 -51.75 1.04 -1.90
C SER B 65 -50.45 0.27 -1.63
N SER B 66 -49.47 0.95 -1.06
CA SER B 66 -48.19 0.32 -0.76
C SER B 66 -48.32 -0.54 0.49
N PRO B 67 -48.00 -1.83 0.43
CA PRO B 67 -48.07 -2.66 1.65
C PRO B 67 -47.13 -2.15 2.72
N SER B 68 -47.53 -2.36 3.98
CA SER B 68 -46.73 -1.90 5.11
C SER B 68 -45.40 -2.64 5.21
N ILE B 69 -45.27 -3.80 4.57
CA ILE B 69 -44.02 -4.55 4.64
C ILE B 69 -42.89 -3.77 3.97
N ALA B 70 -43.19 -3.06 2.89
CA ALA B 70 -42.15 -2.28 2.21
C ALA B 70 -41.64 -1.14 3.08
N GLN B 71 -42.46 -0.63 3.99
CA GLN B 71 -42.03 0.46 4.86
C GLN B 71 -40.88 0.00 5.76
N TYR B 72 -40.98 -1.21 6.31
CA TYR B 72 -39.91 -1.71 7.17
C TYR B 72 -38.60 -1.87 6.40
N PHE B 73 -38.68 -2.39 5.17
CA PHE B 73 -37.48 -2.53 4.37
C PHE B 73 -36.88 -1.17 4.03
N ALA B 74 -37.71 -0.19 3.69
CA ALA B 74 -37.21 1.14 3.38
C ALA B 74 -36.53 1.76 4.58
N SER B 75 -37.13 1.63 5.76
CA SER B 75 -36.51 2.17 6.96
C SER B 75 -35.19 1.48 7.26
N THR B 76 -35.14 0.16 7.09
CA THR B 76 -33.90 -0.57 7.32
C THR B 76 -32.82 -0.15 6.34
N MET B 77 -33.19 0.07 5.08
CA MET B 77 -32.22 0.47 4.07
C MET B 77 -31.64 1.85 4.32
N ILE B 78 -32.33 2.69 5.11
CA ILE B 78 -31.79 4.01 5.43
C ILE B 78 -30.54 3.86 6.29
N ILE B 79 -30.61 3.00 7.30
CA ILE B 79 -29.45 2.77 8.17
C ILE B 79 -28.30 2.15 7.37
N VAL B 80 -28.62 1.13 6.57
CA VAL B 80 -27.59 0.48 5.76
C VAL B 80 -27.13 1.41 4.63
N GLY B 81 -28.09 2.10 4.00
CA GLY B 81 -27.73 3.03 2.94
C GLY B 81 -26.85 4.17 3.43
N LEU B 82 -27.20 4.73 4.60
CA LEU B 82 -26.39 5.80 5.16
C LEU B 82 -25.04 5.28 5.64
N SER B 83 -24.98 4.03 6.08
CA SER B 83 -23.71 3.47 6.53
C SER B 83 -22.70 3.43 5.39
N VAL B 84 -23.15 3.05 4.19
CA VAL B 84 -22.24 3.02 3.04
C VAL B 84 -21.71 4.41 2.75
N VAL B 85 -22.55 5.44 2.93
CA VAL B 85 -22.09 6.81 2.71
C VAL B 85 -20.97 7.16 3.68
N VAL B 86 -21.06 6.67 4.91
CA VAL B 86 -20.02 6.97 5.89
C VAL B 86 -18.69 6.35 5.45
N THR B 87 -18.72 5.16 4.87
CA THR B 87 -17.49 4.52 4.41
C THR B 87 -16.81 5.36 3.33
N VAL B 88 -17.59 6.09 2.54
CA VAL B 88 -17.00 6.96 1.52
C VAL B 88 -16.17 8.06 2.17
N ILE B 89 -16.67 8.65 3.25
CA ILE B 89 -15.92 9.68 3.96
C ILE B 89 -14.63 9.10 4.51
N VAL B 90 -14.69 7.88 5.06
CA VAL B 90 -13.49 7.24 5.58
C VAL B 90 -12.48 7.02 4.45
N LEU B 91 -12.97 6.68 3.26
CA LEU B 91 -12.06 6.49 2.13
C LEU B 91 -11.33 7.78 1.79
N GLN B 92 -12.03 8.92 1.83
CA GLN B 92 -11.38 10.19 1.53
C GLN B 92 -10.27 10.49 2.53
N TYR B 93 -10.52 10.26 3.82
CA TYR B 93 -9.52 10.50 4.83
C TYR B 93 -8.52 9.36 4.96
N HIS B 94 -8.84 8.17 4.42
CA HIS B 94 -7.92 7.05 4.50
C HIS B 94 -6.66 7.29 3.69
N HIS B 95 -6.81 7.86 2.49
CA HIS B 95 -5.67 8.11 1.62
C HIS B 95 -4.89 9.36 2.01
N HIS B 96 -5.39 10.17 2.94
CA HIS B 96 -4.74 11.39 3.39
C HIS B 96 -4.12 12.15 2.22
N ASP B 97 -4.98 12.47 1.25
CA ASP B 97 -4.53 13.19 0.06
C ASP B 97 -3.97 14.55 0.46
N PRO B 98 -2.71 14.90 0.06
CA PRO B 98 -2.16 16.23 0.33
C PRO B 98 -2.73 17.32 -0.57
N ASP B 99 -4.05 17.37 -0.67
CA ASP B 99 -4.74 18.36 -1.48
C ASP B 99 -5.73 19.22 -0.71
N GLY B 100 -6.30 18.71 0.37
CA GLY B 100 -7.26 19.47 1.15
C GLY B 100 -8.08 18.54 2.03
N GLY B 101 -9.22 19.07 2.48
CA GLY B 101 -10.15 18.33 3.32
C GLY B 101 -9.99 18.57 4.80
N LYS B 102 -8.87 19.14 5.23
CA LYS B 102 -8.66 19.41 6.64
C LYS B 102 -9.73 20.36 7.17
N MET B 103 -10.33 19.99 8.30
CA MET B 103 -11.39 20.80 8.87
C MET B 103 -10.80 22.07 9.49
N PRO B 104 -11.60 23.13 9.60
CA PRO B 104 -11.10 24.37 10.21
C PRO B 104 -10.82 24.19 11.69
N LYS B 105 -9.95 25.06 12.21
CA LYS B 105 -9.58 24.98 13.62
C LYS B 105 -10.79 25.16 14.53
N TRP B 106 -11.81 25.89 14.07
CA TRP B 106 -13.00 26.08 14.89
C TRP B 106 -13.67 24.75 15.20
N THR B 107 -13.80 23.87 14.21
CA THR B 107 -14.39 22.56 14.44
C THR B 107 -13.39 21.57 15.05
N ARG B 108 -12.09 21.81 14.88
CA ARG B 108 -11.11 20.90 15.45
C ARG B 108 -11.19 20.88 16.98
N VAL B 109 -11.37 22.05 17.59
CA VAL B 109 -11.46 22.12 19.05
C VAL B 109 -12.65 21.32 19.56
N ILE B 110 -13.79 21.46 18.89
CA ILE B 110 -14.99 20.74 19.31
C ILE B 110 -14.76 19.23 19.24
N LEU B 111 -14.15 18.76 18.14
CA LEU B 111 -13.89 17.33 18.00
C LEU B 111 -12.92 16.85 19.07
N LEU B 112 -11.88 17.64 19.36
CA LEU B 112 -10.91 17.24 20.38
C LEU B 112 -11.58 17.12 21.74
N ASN B 113 -12.44 18.08 22.09
CA ASN B 113 -13.14 18.00 23.37
C ASN B 113 -14.07 16.79 23.42
N TRP B 114 -14.76 16.51 22.31
CA TRP B 114 -15.66 15.36 22.28
C TRP B 114 -14.90 14.05 22.39
N CYS B 115 -13.74 13.97 21.73
CA CYS B 115 -12.95 12.75 21.79
C CYS B 115 -12.50 12.44 23.21
N ALA B 116 -12.05 13.47 23.95
CA ALA B 116 -11.67 13.27 25.33
C ALA B 116 -12.87 12.93 26.21
N TRP B 117 -14.02 13.56 25.93
CA TRP B 117 -15.21 13.27 26.72
C TRP B 117 -15.73 11.85 26.47
N PHE B 118 -15.61 11.35 25.24
CA PHE B 118 -16.08 10.01 24.93
C PHE B 118 -15.31 8.96 25.75
N LEU B 119 -13.99 9.11 25.84
CA LEU B 119 -13.20 8.17 26.61
C LEU B 119 -13.56 8.22 28.09
N ARG B 120 -13.73 9.43 28.63
CA ARG B 120 -14.09 9.64 30.03
C ARG B 120 -15.34 10.52 30.06
N MET B 121 -16.50 9.89 30.01
CA MET B 121 -17.76 10.62 30.00
C MET B 121 -18.07 11.18 31.40
N LYS B 122 -19.08 12.03 31.45
CA LYS B 122 -19.51 12.65 32.69
C LYS B 122 -20.51 11.79 33.47
N ARG B 123 -20.84 10.61 32.95
CA ARG B 123 -21.79 9.74 33.63
C ARG B 123 -21.17 9.19 34.93
N PRO B 124 -22.00 8.74 35.87
CA PRO B 124 -21.45 8.21 37.12
C PRO B 124 -20.54 7.01 36.93
N GLY B 125 -20.70 6.25 35.84
CA GLY B 125 -19.87 5.08 35.62
C GLY B 125 -18.42 5.39 35.35
N GLU B 126 -18.12 6.61 34.91
CA GLU B 126 -16.75 7.04 34.62
C GLU B 126 -16.22 8.06 35.60
N ASP B 127 -17.04 9.01 36.03
CA ASP B 127 -16.57 10.03 36.97
C ASP B 127 -16.42 9.48 38.38
N LYS B 128 -17.20 8.44 38.73
CA LYS B 128 -17.12 7.88 40.07
C LYS B 128 -15.99 6.86 40.19
N VAL B 129 -15.76 6.06 39.15
CA VAL B 129 -14.72 5.03 39.19
C VAL B 129 -13.44 5.69 38.70
N ARG B 130 -12.75 6.35 39.62
CA ARG B 130 -11.48 7.00 39.34
C ARG B 130 -10.93 7.56 40.65
N PRO B 131 -9.64 7.91 40.68
CA PRO B 131 -9.07 8.48 41.91
C PRO B 131 -9.62 9.87 42.19
N ALA B 132 -10.44 10.00 43.23
CA ALA B 132 -11.04 11.28 43.59
C ALA B 132 -11.13 11.37 45.11
N CYS B 133 -10.67 12.49 45.66
CA CYS B 133 -10.68 12.71 47.10
C CYS B 133 -10.46 14.20 47.35
N GLN B 134 -10.30 14.56 48.62
CA GLN B 134 -10.06 15.95 49.01
C GLN B 134 -8.58 16.31 48.99
N HIS B 135 -7.71 15.39 48.61
CA HIS B 135 -6.27 15.64 48.56
C HIS B 135 -5.93 16.41 47.30
N LYS B 136 -4.64 16.51 46.97
CA LYS B 136 -4.20 17.27 45.82
C LYS B 136 -4.70 16.70 44.50
N GLN B 137 -5.22 15.47 44.50
CA GLN B 137 -5.71 14.88 43.25
C GLN B 137 -6.81 15.73 42.62
N ARG B 138 -7.59 16.43 43.43
CA ARG B 138 -8.69 17.26 42.97
C ARG B 138 -8.59 18.67 43.54
N ARG B 139 -7.37 19.23 43.55
CA ARG B 139 -7.13 20.57 44.05
C ARG B 139 -6.88 21.52 42.89
N CYS B 140 -6.96 22.81 43.18
CA CYS B 140 -6.74 23.88 42.20
C CYS B 140 -5.47 24.62 42.53
N SER B 141 -4.65 24.87 41.52
CA SER B 141 -3.38 25.57 41.68
C SER B 141 -3.04 26.27 40.36
N LEU B 142 -1.83 26.83 40.29
CA LEU B 142 -1.42 27.52 39.08
C LEU B 142 -1.22 26.55 37.92
N ALA B 143 -0.74 25.34 38.19
CA ALA B 143 -0.51 24.38 37.12
C ALA B 143 -1.83 24.00 36.43
N SER B 144 -2.88 23.77 37.21
CA SER B 144 -4.16 23.41 36.61
C SER B 144 -4.80 24.61 35.92
N VAL B 145 -4.75 25.78 36.53
CA VAL B 145 -5.33 27.00 35.95
C VAL B 145 -4.21 27.68 35.16
N GLU B 146 -4.18 27.42 33.86
CA GLU B 146 -3.18 27.96 32.95
C GLU B 146 -3.82 28.88 31.92
N MET B 147 -4.86 29.60 32.34
CA MET B 147 -5.55 30.52 31.43
C MET B 147 -4.74 31.78 31.17
N SER B 148 -3.74 32.08 31.99
CA SER B 148 -2.91 33.28 31.85
C SER B 148 -1.52 32.92 31.32
N ALA B 149 -1.47 31.94 30.42
CA ALA B 149 -0.20 31.50 29.82
C ALA B 149 0.77 31.03 30.89
N VAL B 150 0.29 30.16 31.77
CA VAL B 150 1.11 29.61 32.84
C VAL B 150 1.80 28.35 32.35
N ALA B 151 2.93 28.03 32.97
CA ALA B 151 3.69 26.86 32.56
C ALA B 151 2.86 25.59 32.80
N PRO B 152 2.71 24.74 31.80
CA PRO B 152 1.93 23.50 31.99
C PRO B 152 2.74 22.47 32.76
N PRO B 153 2.10 21.37 33.18
CA PRO B 153 2.83 20.35 33.91
C PRO B 153 3.95 19.76 33.08
N PRO B 154 5.05 19.33 33.70
CA PRO B 154 6.14 18.74 32.92
C PRO B 154 5.80 17.36 32.39
N ALA B 155 5.07 17.32 31.27
CA ALA B 155 4.65 16.06 30.65
C ALA B 155 5.19 15.99 29.23
N SER B 156 5.31 14.76 28.74
CA SER B 156 5.84 14.51 27.39
C SER B 156 4.75 14.49 26.34
N ASN B 157 3.50 14.77 26.70
CA ASN B 157 2.40 14.78 25.74
C ASN B 157 2.35 16.05 24.90
N GLY B 158 3.20 17.03 25.19
CA GLY B 158 3.21 18.28 24.45
C GLY B 158 2.99 19.49 25.32
N ASN B 159 3.26 19.36 26.62
CA ASN B 159 3.09 20.48 27.55
C ASN B 159 4.28 21.43 27.48
N LEU B 160 5.48 20.91 27.77
CA LEU B 160 6.69 21.71 27.73
C LEU B 160 7.53 21.47 26.48
N LEU B 161 7.16 20.49 25.65
CA LEU B 161 7.91 20.23 24.43
C LEU B 161 7.53 21.20 23.32
N TYR B 162 6.22 21.37 23.09
CA TYR B 162 5.78 22.32 22.08
C TYR B 162 5.94 23.76 22.55
N ILE B 163 5.64 24.03 23.83
CA ILE B 163 5.78 25.38 24.36
C ILE B 163 7.25 25.73 24.55
N GLY B 164 8.09 24.75 24.89
CA GLY B 164 9.50 25.03 25.09
C GLY B 164 10.29 25.23 23.83
N PHE B 165 9.81 24.73 22.70
CA PHE B 165 10.48 24.88 21.41
C PHE B 165 9.93 26.04 20.59
N ARG B 166 8.60 26.13 20.47
CA ARG B 166 7.95 27.20 19.73
C ARG B 166 7.27 28.23 20.60
N GLY B 167 6.72 27.82 21.75
CA GLY B 167 6.05 28.77 22.62
C GLY B 167 6.99 29.83 23.17
N LEU B 168 8.25 29.47 23.43
CA LEU B 168 9.24 30.40 23.97
C LEU B 168 9.82 31.23 22.82
N ASP B 169 8.98 32.11 22.29
CA ASP B 169 9.37 33.00 21.19
C ASP B 169 10.08 34.21 21.79
N GLY B 170 11.40 34.08 21.98
CA GLY B 170 12.19 35.15 22.54
C GLY B 170 13.09 34.71 23.68
N VAL B 171 13.05 33.42 24.01
CA VAL B 171 13.87 32.85 25.08
C VAL B 171 14.70 31.68 24.57
N HIS B 172 14.05 30.68 23.97
CA HIS B 172 14.76 29.51 23.48
C HIS B 172 15.44 29.80 22.14
N CYS B 173 14.65 30.15 21.12
CA CYS B 173 15.22 30.45 19.81
C CYS B 173 16.14 31.67 19.88
N VAL B 174 15.72 32.70 20.59
CA VAL B 174 16.49 33.93 20.74
C VAL B 174 16.78 34.12 22.23
N PRO B 175 17.97 33.72 22.70
CA PRO B 175 18.29 33.90 24.12
C PRO B 175 18.47 35.36 24.49
N THR B 176 17.37 36.11 24.48
CA THR B 176 17.44 37.53 24.84
C THR B 176 17.92 37.73 26.27
N PRO B 177 17.39 37.04 27.29
CA PRO B 177 17.90 37.25 28.65
C PRO B 177 19.24 36.55 28.89
N ASP B 178 20.28 37.09 28.26
CA ASP B 178 21.64 36.54 28.35
C ASP B 178 22.59 37.69 28.64
N SER B 179 22.93 37.87 29.92
CA SER B 179 23.86 38.93 30.34
C SER B 179 25.29 38.39 30.37
N GLY B 180 25.77 37.99 29.20
CA GLY B 180 27.10 37.44 29.09
C GLY B 180 27.28 36.15 29.84
N VAL B 181 26.31 35.24 29.73
CA VAL B 181 26.37 33.95 30.41
C VAL B 181 26.93 32.87 29.50
N VAL B 182 26.52 32.85 28.24
CA VAL B 182 27.01 31.85 27.29
C VAL B 182 28.44 32.10 26.86
N CYS B 183 28.97 33.29 27.11
CA CYS B 183 30.35 33.60 26.73
C CYS B 183 31.09 34.37 27.81
N GLY B 184 30.55 34.47 29.02
CA GLY B 184 31.21 35.22 30.09
C GLY B 184 31.19 34.50 31.42
N ARG B 185 30.55 33.33 31.48
CA ARG B 185 30.45 32.55 32.70
C ARG B 185 31.06 31.17 32.47
N MET B 186 31.22 30.43 33.56
CA MET B 186 31.79 29.09 33.53
C MET B 186 30.75 27.99 33.34
N ALA B 187 29.47 28.35 33.21
CA ALA B 187 28.39 27.38 33.05
C ALA B 187 28.45 26.84 31.62
N CYS B 188 29.29 25.82 31.42
CA CYS B 188 29.46 25.20 30.11
C CYS B 188 29.85 26.23 29.05
N SER B 189 30.68 27.19 29.45
CA SER B 189 31.14 28.23 28.55
C SER B 189 32.41 28.85 29.14
N PRO B 190 33.23 29.49 28.32
CA PRO B 190 34.43 30.14 28.85
C PRO B 190 34.08 31.38 29.65
N THR B 191 34.96 31.71 30.59
CA THR B 191 34.79 32.90 31.43
C THR B 191 35.38 34.12 30.73
N HIS B 192 34.70 34.52 29.64
CA HIS B 192 35.11 35.66 28.83
C HIS B 192 36.56 35.49 28.35
N ASP B 193 36.90 34.27 27.93
CA ASP B 193 38.25 33.96 27.45
C ASP B 193 38.29 34.23 25.95
N GLU B 194 38.83 35.39 25.57
CA GLU B 194 38.94 35.76 24.17
C GLU B 194 40.04 34.99 23.45
N HIS B 195 40.93 34.32 24.18
CA HIS B 195 42.02 33.56 23.59
C HIS B 195 41.80 32.05 23.74
N LEU B 196 40.54 31.61 23.68
CA LEU B 196 40.20 30.20 23.81
C LEU B 196 40.38 29.53 22.45
N LEU B 197 41.64 29.25 22.13
CA LEU B 197 42.01 28.60 20.88
C LEU B 197 42.53 27.20 21.18
N HIS B 198 41.82 26.19 20.71
CA HIS B 198 42.20 24.79 20.92
C HIS B 198 43.32 24.45 19.96
N GLY B 199 44.56 24.61 20.43
CA GLY B 199 45.72 24.33 19.59
C GLY B 199 45.95 25.36 18.50
N GLY B 200 45.46 26.58 18.68
CA GLY B 200 45.60 27.63 17.69
C GLY B 200 44.44 27.78 16.73
N GLN B 201 43.41 26.95 16.86
CA GLN B 201 42.24 27.01 15.99
C GLN B 201 41.03 27.55 16.75
N PRO B 202 40.06 28.13 16.05
CA PRO B 202 38.85 28.63 16.73
C PRO B 202 38.03 27.47 17.27
N PRO B 203 36.91 27.75 17.93
CA PRO B 203 36.06 26.67 18.45
C PRO B 203 35.27 25.98 17.34
N GLU B 204 35.97 25.54 16.29
CA GLU B 204 35.31 24.87 15.17
C GLU B 204 36.36 24.05 14.43
N GLY B 205 36.23 22.72 14.49
CA GLY B 205 37.18 21.86 13.82
C GLY B 205 37.17 22.04 12.32
N ASP B 206 35.98 22.16 11.73
CA ASP B 206 35.84 22.32 10.29
C ASP B 206 34.61 23.16 9.97
N PRO B 207 34.76 24.35 9.37
CA PRO B 207 33.58 25.14 9.01
C PRO B 207 32.66 24.42 8.03
N ASP B 208 33.18 23.51 7.21
CA ASP B 208 32.34 22.80 6.24
C ASP B 208 31.35 21.87 6.92
N LEU B 209 31.56 21.53 8.20
CA LEU B 209 30.63 20.66 8.91
C LEU B 209 29.26 21.31 9.08
N ALA B 210 29.18 22.64 9.04
CA ALA B 210 27.88 23.30 9.16
C ALA B 210 26.98 22.97 7.98
N LYS B 211 27.56 22.89 6.78
CA LYS B 211 26.76 22.54 5.61
C LYS B 211 26.17 21.15 5.74
N ILE B 212 26.95 20.19 6.25
CA ILE B 212 26.45 18.84 6.46
C ILE B 212 25.31 18.85 7.46
N LEU B 213 25.42 19.68 8.50
CA LEU B 213 24.36 19.75 9.50
C LEU B 213 23.05 20.23 8.89
N GLU B 214 23.11 21.22 8.00
CA GLU B 214 21.90 21.71 7.36
C GLU B 214 21.23 20.62 6.53
N GLU B 215 22.03 19.87 5.76
CA GLU B 215 21.47 18.76 4.99
C GLU B 215 20.97 17.65 5.91
N VAL B 216 21.74 17.33 6.95
CA VAL B 216 21.32 16.31 7.90
C VAL B 216 20.06 16.77 8.65
N ARG B 217 20.03 18.04 9.04
CA ARG B 217 18.87 18.55 9.76
C ARG B 217 17.61 18.48 8.91
N TYR B 218 17.74 18.72 7.60
CA TYR B 218 16.57 18.63 6.72
C TYR B 218 15.99 17.22 6.72
N ILE B 219 16.86 16.20 6.69
CA ILE B 219 16.38 14.81 6.74
C ILE B 219 15.66 14.56 8.06
N ALA B 220 16.25 15.00 9.17
CA ALA B 220 15.58 14.86 10.46
C ALA B 220 14.34 15.74 10.54
N ASN B 221 14.41 16.94 9.97
CA ASN B 221 13.25 17.83 9.99
C ASN B 221 12.09 17.23 9.20
N ARG B 222 12.39 16.60 8.05
CA ARG B 222 11.33 15.97 7.27
C ARG B 222 10.66 14.86 8.06
N PHE B 223 11.46 14.03 8.75
CA PHE B 223 10.88 13.01 9.60
C PHE B 223 10.10 13.63 10.75
N ARG B 224 10.63 14.71 11.33
CA ARG B 224 9.89 15.41 12.38
C ARG B 224 8.58 15.98 11.85
N CYS B 225 8.61 16.53 10.64
CA CYS B 225 7.37 17.04 10.04
C CYS B 225 6.37 15.91 9.82
N GLN B 226 6.84 14.76 9.36
CA GLN B 226 5.95 13.61 9.19
C GLN B 226 5.39 13.16 10.54
N ASP B 227 6.24 13.12 11.57
CA ASP B 227 5.76 12.79 12.90
C ASP B 227 4.82 13.87 13.43
N GLU B 228 5.17 15.14 13.21
CA GLU B 228 4.28 16.23 13.61
C GLU B 228 2.98 16.18 12.81
N SER B 229 3.07 15.90 11.51
CA SER B 229 1.86 15.78 10.70
C SER B 229 1.02 14.58 11.12
N GLU B 230 1.66 13.51 11.61
CA GLU B 230 0.90 12.36 12.10
C GLU B 230 0.02 12.74 13.28
N ALA B 231 0.56 13.54 14.21
CA ALA B 231 -0.25 14.01 15.33
C ALA B 231 -1.39 14.89 14.83
N VAL B 232 -1.11 15.78 13.89
CA VAL B 232 -2.17 16.59 13.28
C VAL B 232 -3.14 15.70 12.52
N CYS B 233 -2.62 14.73 11.77
CA CYS B 233 -3.48 13.80 11.05
C CYS B 233 -4.30 12.97 12.01
N SER B 234 -3.71 12.58 13.15
CA SER B 234 -4.47 11.83 14.14
C SER B 234 -5.64 12.65 14.68
N GLU B 235 -5.41 13.94 14.94
CA GLU B 235 -6.51 14.81 15.37
C GLU B 235 -7.51 14.99 14.24
N TRP B 236 -7.04 15.11 13.00
CA TRP B 236 -7.94 15.23 11.86
C TRP B 236 -8.60 13.90 11.54
N LYS B 237 -7.91 12.78 11.76
CA LYS B 237 -8.52 11.47 11.48
C LYS B 237 -9.71 11.21 12.39
N PHE B 238 -9.74 11.83 13.57
CA PHE B 238 -10.86 11.63 14.48
C PHE B 238 -12.15 12.20 13.92
N ALA B 239 -12.09 13.10 12.94
CA ALA B 239 -13.30 13.65 12.36
C ALA B 239 -14.17 12.54 11.74
N ALA B 240 -13.55 11.64 10.98
CA ALA B 240 -14.29 10.51 10.45
C ALA B 240 -14.75 9.58 11.56
N CYS B 241 -13.88 9.32 12.54
CA CYS B 241 -14.26 8.44 13.64
C CYS B 241 -15.39 9.04 14.46
N VAL B 242 -15.33 10.35 14.72
CA VAL B 242 -16.38 11.00 15.51
C VAL B 242 -17.71 10.90 14.77
N VAL B 243 -17.72 11.22 13.47
CA VAL B 243 -18.93 11.07 12.68
C VAL B 243 -19.33 9.61 12.58
N ASP B 244 -18.36 8.73 12.34
CA ASP B 244 -18.65 7.30 12.26
C ASP B 244 -19.19 6.77 13.59
N ARG B 245 -18.57 7.19 14.70
CA ARG B 245 -19.00 6.71 16.01
C ARG B 245 -20.30 7.40 16.45
N LEU B 246 -20.45 8.69 16.13
CA LEU B 246 -21.65 9.41 16.54
C LEU B 246 -22.89 8.82 15.87
N CYS B 247 -22.78 8.44 14.61
CA CYS B 247 -23.92 7.88 13.90
C CYS B 247 -24.40 6.57 14.51
N LEU B 248 -23.52 5.84 15.19
CA LEU B 248 -23.92 4.59 15.82
C LEU B 248 -24.95 4.85 16.92
N MET B 249 -24.73 5.87 17.75
CA MET B 249 -25.68 6.19 18.80
C MET B 249 -26.99 6.70 18.23
N ALA B 250 -26.92 7.52 17.18
CA ALA B 250 -28.14 8.07 16.59
C ALA B 250 -28.94 6.98 15.86
N PHE B 251 -28.25 6.12 15.11
CA PHE B 251 -28.94 5.06 14.38
C PHE B 251 -29.41 3.96 15.32
N SER B 252 -28.71 3.76 16.45
CA SER B 252 -29.13 2.72 17.40
C SER B 252 -30.53 3.01 17.93
N VAL B 253 -30.81 4.26 18.28
CA VAL B 253 -32.15 4.62 18.74
C VAL B 253 -33.16 4.43 17.61
N PHE B 254 -32.81 4.86 16.40
CA PHE B 254 -33.72 4.69 15.26
C PHE B 254 -33.97 3.22 14.98
N THR B 255 -32.93 2.39 15.05
CA THR B 255 -33.11 0.96 14.80
C THR B 255 -34.08 0.34 15.81
N ILE B 256 -33.97 0.72 17.08
CA ILE B 256 -34.90 0.22 18.08
C ILE B 256 -36.32 0.71 17.78
N ILE B 257 -36.45 1.98 17.39
CA ILE B 257 -37.76 2.52 17.05
C ILE B 257 -38.35 1.79 15.86
N CYS B 258 -37.53 1.53 14.83
CA CYS B 258 -38.02 0.81 13.66
C CYS B 258 -38.49 -0.59 14.02
N THR B 259 -37.72 -1.28 14.86
CA THR B 259 -38.15 -2.61 15.31
C THR B 259 -39.44 -2.54 16.10
N ILE B 260 -39.57 -1.53 16.96
CA ILE B 260 -40.79 -1.36 17.74
C ILE B 260 -41.97 -1.03 16.83
N GLY B 261 -41.73 -0.29 15.76
CA GLY B 261 -42.83 0.10 14.89
C GLY B 261 -43.55 -1.08 14.28
N ILE B 262 -42.78 -2.07 13.81
CA ILE B 262 -43.40 -3.26 13.24
C ILE B 262 -44.07 -4.11 14.30
N LEU B 263 -43.64 -4.01 15.57
CA LEU B 263 -44.25 -4.76 16.65
C LEU B 263 -45.52 -4.10 17.18
N MET B 264 -45.81 -2.86 16.78
CA MET B 264 -47.00 -2.15 17.22
C MET B 264 -47.97 -1.85 16.09
N SER B 265 -47.49 -1.78 14.85
CA SER B 265 -48.37 -1.51 13.71
C SER B 265 -48.90 -2.79 13.07
N ALA B 266 -48.12 -3.86 13.06
CA ALA B 266 -48.58 -5.11 12.45
C ALA B 266 -49.83 -5.65 13.12
N PRO B 267 -49.93 -5.70 14.45
CA PRO B 267 -51.16 -6.23 15.06
C PRO B 267 -52.41 -5.45 14.68
N ASN B 268 -52.27 -4.16 14.36
CA ASN B 268 -53.42 -3.34 14.00
C ASN B 268 -53.69 -3.36 12.50
N PHE B 269 -52.65 -3.39 11.67
CA PHE B 269 -52.79 -3.42 10.23
C PHE B 269 -52.63 -4.83 9.66
N VAL B 270 -51.52 -5.49 9.96
CA VAL B 270 -51.28 -6.84 9.47
C VAL B 270 -52.01 -7.85 10.34
N LEU C 7 -30.43 -39.74 -2.54
CA LEU C 7 -30.25 -38.43 -1.90
C LEU C 7 -29.93 -37.37 -2.95
N TYR C 8 -30.95 -36.96 -3.71
CA TYR C 8 -30.75 -35.95 -4.74
C TYR C 8 -30.53 -34.57 -4.12
N TYR C 9 -31.51 -34.11 -3.33
CA TYR C 9 -31.38 -32.80 -2.69
C TYR C 9 -30.39 -32.86 -1.52
N GLY C 10 -30.30 -34.00 -0.84
CA GLY C 10 -29.38 -34.11 0.28
C GLY C 10 -27.94 -33.94 -0.15
N LEU C 11 -27.55 -34.62 -1.24
CA LEU C 11 -26.17 -34.51 -1.72
C LEU C 11 -25.93 -33.17 -2.41
N ASN C 12 -26.98 -32.54 -2.93
CA ASN C 12 -26.86 -31.25 -3.62
C ASN C 12 -27.03 -30.06 -2.68
N LEU C 13 -27.36 -30.30 -1.41
CA LEU C 13 -27.54 -29.22 -0.45
C LEU C 13 -26.66 -29.39 0.79
N LEU C 14 -26.49 -30.62 1.28
CA LEU C 14 -25.64 -30.82 2.45
C LEU C 14 -24.16 -30.74 2.10
N ILE C 15 -23.76 -31.33 0.97
CA ILE C 15 -22.34 -31.35 0.62
C ILE C 15 -21.79 -29.94 0.43
N PRO C 16 -22.45 -29.03 -0.29
CA PRO C 16 -21.91 -27.67 -0.40
C PRO C 16 -21.70 -26.98 0.94
N CYS C 17 -22.55 -27.27 1.92
CA CYS C 17 -22.36 -26.68 3.24
C CYS C 17 -21.05 -27.12 3.87
N VAL C 18 -20.66 -28.38 3.67
CA VAL C 18 -19.39 -28.86 4.20
C VAL C 18 -18.23 -28.08 3.60
N LEU C 19 -18.26 -27.89 2.27
CA LEU C 19 -17.21 -27.10 1.63
C LEU C 19 -17.29 -25.64 2.04
N ILE C 20 -18.50 -25.09 2.13
CA ILE C 20 -18.66 -23.70 2.57
C ILE C 20 -18.16 -23.53 3.99
N SER C 21 -18.53 -24.46 4.88
CA SER C 21 -18.03 -24.41 6.25
C SER C 21 -16.52 -24.67 6.30
N ALA C 22 -16.03 -25.57 5.45
CA ALA C 22 -14.59 -25.83 5.41
C ALA C 22 -13.82 -24.60 4.94
N LEU C 23 -14.36 -23.87 3.97
CA LEU C 23 -13.71 -22.65 3.52
C LEU C 23 -13.65 -21.61 4.62
N ALA C 24 -14.64 -21.59 5.51
CA ALA C 24 -14.62 -20.65 6.63
C ALA C 24 -13.47 -20.97 7.59
N LEU C 25 -13.19 -22.25 7.79
CA LEU C 25 -12.07 -22.62 8.67
C LEU C 25 -10.74 -22.10 8.15
N LEU C 26 -10.60 -22.02 6.82
CA LEU C 26 -9.37 -21.47 6.26
C LEU C 26 -9.22 -19.99 6.58
N VAL C 27 -10.33 -19.25 6.65
CA VAL C 27 -10.26 -17.84 6.99
C VAL C 27 -9.75 -17.66 8.42
N PHE C 28 -10.01 -18.64 9.30
CA PHE C 28 -9.57 -18.56 10.68
C PHE C 28 -8.11 -18.94 10.88
N LEU C 29 -7.43 -19.40 9.84
CA LEU C 29 -6.02 -19.75 9.91
C LEU C 29 -5.10 -18.68 9.35
N LEU C 30 -5.67 -17.60 8.81
CA LEU C 30 -4.86 -16.53 8.25
C LEU C 30 -4.26 -15.65 9.35
N PRO C 31 -3.17 -14.95 9.05
CA PRO C 31 -2.55 -14.09 10.08
C PRO C 31 -3.36 -12.84 10.36
N ALA C 32 -2.87 -12.00 11.27
CA ALA C 32 -3.56 -10.78 11.63
C ALA C 32 -3.36 -9.66 10.61
N ASP C 33 -2.38 -9.79 9.72
CA ASP C 33 -2.12 -8.79 8.69
C ASP C 33 -2.86 -9.08 7.39
N SER C 34 -3.67 -10.14 7.34
CA SER C 34 -4.41 -10.50 6.13
C SER C 34 -5.71 -9.68 6.08
N GLY C 35 -5.55 -8.40 5.78
CA GLY C 35 -6.69 -7.51 5.68
C GLY C 35 -7.48 -7.62 4.40
N GLU C 36 -6.95 -8.30 3.40
CA GLU C 36 -7.62 -8.45 2.10
C GLU C 36 -8.39 -9.76 1.99
N LYS C 37 -8.59 -10.46 3.10
CA LYS C 37 -9.31 -11.73 3.09
C LYS C 37 -10.83 -11.55 3.19
N ILE C 38 -11.31 -10.31 3.34
CA ILE C 38 -12.75 -10.09 3.39
C ILE C 38 -13.42 -10.46 2.09
N SER C 39 -12.69 -10.37 0.97
CA SER C 39 -13.28 -10.71 -0.32
C SER C 39 -13.68 -12.18 -0.37
N LEU C 40 -12.88 -13.05 0.25
CA LEU C 40 -13.21 -14.47 0.24
C LEU C 40 -14.53 -14.73 0.97
N GLY C 41 -14.77 -14.04 2.09
CA GLY C 41 -16.00 -14.23 2.82
C GLY C 41 -17.22 -13.75 2.07
N ILE C 42 -17.06 -12.75 1.20
CA ILE C 42 -18.19 -12.23 0.44
C ILE C 42 -18.69 -13.28 -0.56
N THR C 43 -17.75 -13.90 -1.29
CA THR C 43 -18.15 -14.91 -2.26
C THR C 43 -18.61 -16.20 -1.58
N VAL C 44 -17.98 -16.56 -0.45
CA VAL C 44 -18.37 -17.77 0.27
C VAL C 44 -19.80 -17.61 0.80
N LEU C 45 -20.10 -16.46 1.39
CA LEU C 45 -21.45 -16.21 1.89
C LEU C 45 -22.45 -16.08 0.75
N LEU C 46 -22.04 -15.44 -0.36
CA LEU C 46 -22.93 -15.29 -1.50
C LEU C 46 -23.28 -16.65 -2.10
N SER C 47 -22.30 -17.54 -2.22
CA SER C 47 -22.56 -18.86 -2.78
C SER C 47 -23.53 -19.66 -1.91
N LEU C 48 -23.52 -19.44 -0.60
CA LEU C 48 -24.44 -20.16 0.28
C LEU C 48 -25.86 -19.68 0.10
N THR C 49 -26.06 -18.38 -0.16
CA THR C 49 -27.40 -17.85 -0.35
C THR C 49 -28.00 -18.28 -1.69
N VAL C 50 -27.17 -18.62 -2.67
CA VAL C 50 -27.69 -19.07 -3.96
C VAL C 50 -28.49 -20.35 -3.79
N PHE C 51 -27.97 -21.30 -3.02
CA PHE C 51 -28.70 -22.54 -2.78
C PHE C 51 -29.88 -22.31 -1.84
N MET C 52 -29.80 -21.31 -0.97
CA MET C 52 -30.92 -21.02 -0.08
C MET C 52 -32.16 -20.62 -0.86
N LEU C 53 -31.99 -19.82 -1.91
CA LEU C 53 -33.13 -19.41 -2.73
C LEU C 53 -33.80 -20.61 -3.39
N LEU C 54 -32.99 -21.56 -3.88
CA LEU C 54 -33.56 -22.73 -4.53
C LEU C 54 -34.39 -23.55 -3.56
N VAL C 55 -33.90 -23.74 -2.33
CA VAL C 55 -34.65 -24.49 -1.34
C VAL C 55 -35.84 -23.69 -0.80
N ALA C 56 -35.81 -22.37 -0.91
CA ALA C 56 -36.93 -21.57 -0.44
C ALA C 56 -38.21 -21.89 -1.20
N GLU C 57 -38.10 -22.04 -2.53
CA GLU C 57 -39.28 -22.40 -3.32
C GLU C 57 -39.76 -23.80 -2.96
N ILE C 58 -38.83 -24.73 -2.75
CA ILE C 58 -39.22 -26.09 -2.40
C ILE C 58 -39.93 -26.11 -1.06
N MET C 59 -39.48 -25.29 -0.11
CA MET C 59 -40.09 -25.27 1.21
C MET C 59 -41.54 -24.80 1.10
N PRO C 60 -42.50 -25.49 1.73
CA PRO C 60 -43.90 -25.06 1.63
C PRO C 60 -44.10 -23.68 2.24
N SER C 61 -45.05 -22.93 1.65
CA SER C 61 -45.37 -21.59 2.12
C SER C 61 -46.35 -21.71 3.29
N THR C 62 -45.79 -22.01 4.47
CA THR C 62 -46.58 -22.17 5.67
C THR C 62 -46.67 -20.84 6.43
N SER C 63 -47.32 -20.87 7.59
CA SER C 63 -47.50 -19.69 8.43
C SER C 63 -46.71 -19.78 9.71
N ASP C 64 -46.74 -20.94 10.40
CA ASP C 64 -46.00 -21.10 11.65
C ASP C 64 -45.31 -22.45 11.74
N SER C 65 -45.05 -23.09 10.60
CA SER C 65 -44.40 -24.40 10.55
C SER C 65 -43.15 -24.27 9.71
N SER C 66 -42.02 -23.96 10.35
CA SER C 66 -40.76 -23.80 9.64
C SER C 66 -40.16 -25.17 9.34
N PRO C 67 -39.89 -25.51 8.08
CA PRO C 67 -39.26 -26.81 7.80
C PRO C 67 -37.90 -26.93 8.45
N SER C 68 -37.53 -28.16 8.81
CA SER C 68 -36.26 -28.40 9.47
C SER C 68 -35.07 -28.12 8.56
N ILE C 69 -35.29 -28.05 7.24
CA ILE C 69 -34.18 -27.78 6.33
C ILE C 69 -33.62 -26.38 6.57
N ALA C 70 -34.49 -25.41 6.90
CA ALA C 70 -34.02 -24.06 7.14
C ALA C 70 -33.14 -23.99 8.39
N GLN C 71 -33.35 -24.89 9.35
CA GLN C 71 -32.53 -24.88 10.55
C GLN C 71 -31.07 -25.16 10.24
N TYR C 72 -30.81 -26.11 9.34
CA TYR C 72 -29.42 -26.42 8.98
C TYR C 72 -28.76 -25.23 8.30
N PHE C 73 -29.49 -24.55 7.40
CA PHE C 73 -28.93 -23.37 6.75
C PHE C 73 -28.64 -22.26 7.76
N ALA C 74 -29.56 -22.04 8.70
CA ALA C 74 -29.34 -21.01 9.71
C ALA C 74 -28.12 -21.32 10.56
N SER C 75 -27.97 -22.58 10.96
CA SER C 75 -26.80 -22.96 11.75
C SER C 75 -25.52 -22.78 10.96
N THR C 76 -25.53 -23.15 9.68
CA THR C 76 -24.35 -22.97 8.85
C THR C 76 -24.02 -21.49 8.67
N MET C 77 -25.05 -20.65 8.51
CA MET C 77 -24.82 -19.23 8.32
C MET C 77 -24.25 -18.57 9.57
N ILE C 78 -24.41 -19.17 10.74
CA ILE C 78 -23.82 -18.62 11.96
C ILE C 78 -22.30 -18.68 11.89
N ILE C 79 -21.77 -19.84 11.50
CA ILE C 79 -20.32 -19.98 11.39
C ILE C 79 -19.77 -19.08 10.31
N VAL C 80 -20.42 -19.06 9.14
CA VAL C 80 -19.98 -18.19 8.05
C VAL C 80 -20.25 -16.72 8.40
N GLY C 81 -21.42 -16.45 8.98
CA GLY C 81 -21.74 -15.08 9.35
C GLY C 81 -20.79 -14.53 10.41
N LEU C 82 -20.46 -15.34 11.41
CA LEU C 82 -19.52 -14.91 12.43
C LEU C 82 -18.10 -14.80 11.87
N SER C 83 -17.78 -15.61 10.87
CA SER C 83 -16.45 -15.54 10.26
C SER C 83 -16.22 -14.18 9.62
N VAL C 84 -17.23 -13.64 8.95
CA VAL C 84 -17.09 -12.33 8.32
C VAL C 84 -16.85 -11.25 9.37
N VAL C 85 -17.49 -11.39 10.53
CA VAL C 85 -17.27 -10.44 11.62
C VAL C 85 -15.81 -10.44 12.05
N VAL C 86 -15.19 -11.62 12.07
CA VAL C 86 -13.79 -11.71 12.47
C VAL C 86 -12.91 -10.95 11.48
N THR C 87 -13.21 -11.04 10.18
CA THR C 87 -12.42 -10.33 9.19
C THR C 87 -12.48 -8.82 9.41
N VAL C 88 -13.58 -8.31 9.94
CA VAL C 88 -13.69 -6.89 10.24
C VAL C 88 -12.68 -6.50 11.31
N ILE C 89 -12.53 -7.33 12.34
CA ILE C 89 -11.55 -7.06 13.39
C ILE C 89 -10.15 -7.03 12.81
N VAL C 90 -9.85 -7.98 11.92
CA VAL C 90 -8.53 -8.01 11.30
C VAL C 90 -8.28 -6.73 10.51
N LEU C 91 -9.32 -6.22 9.85
CA LEU C 91 -9.16 -4.99 9.09
C LEU C 91 -8.77 -3.82 9.99
N GLN C 92 -9.38 -3.73 11.18
CA GLN C 92 -9.04 -2.66 12.10
C GLN C 92 -7.58 -2.75 12.52
N TYR C 93 -7.10 -3.95 12.83
CA TYR C 93 -5.71 -4.13 13.23
C TYR C 93 -4.76 -4.17 12.04
N HIS C 94 -5.25 -4.51 10.85
CA HIS C 94 -4.39 -4.57 9.68
C HIS C 94 -3.82 -3.20 9.34
N HIS C 95 -4.64 -2.16 9.43
CA HIS C 95 -4.21 -0.81 9.09
C HIS C 95 -3.39 -0.16 10.20
N HIS C 96 -3.33 -0.77 11.39
CA HIS C 96 -2.58 -0.25 12.53
C HIS C 96 -2.73 1.26 12.65
N ASP C 97 -3.99 1.69 12.76
CA ASP C 97 -4.28 3.11 12.88
C ASP C 97 -3.64 3.67 14.15
N PRO C 98 -2.81 4.76 14.05
CA PRO C 98 -2.25 5.39 15.25
C PRO C 98 -3.24 6.23 16.03
N ASP C 99 -4.40 5.65 16.33
CA ASP C 99 -5.46 6.31 17.08
C ASP C 99 -5.86 5.59 18.35
N GLY C 100 -5.72 4.26 18.39
CA GLY C 100 -6.09 3.51 19.57
C GLY C 100 -6.29 2.05 19.22
N GLY C 101 -7.03 1.36 20.09
CA GLY C 101 -7.35 -0.04 19.92
C GLY C 101 -6.42 -1.00 20.64
N LYS C 102 -5.26 -0.52 21.10
CA LYS C 102 -4.32 -1.38 21.81
C LYS C 102 -4.98 -1.93 23.07
N MET C 103 -4.85 -3.24 23.27
CA MET C 103 -5.46 -3.88 24.43
C MET C 103 -4.69 -3.52 25.69
N PRO C 104 -5.33 -3.56 26.85
CA PRO C 104 -4.64 -3.26 28.11
C PRO C 104 -3.58 -4.30 28.43
N LYS C 105 -2.59 -3.88 29.21
CA LYS C 105 -1.50 -4.78 29.58
C LYS C 105 -2.02 -6.01 30.32
N TRP C 106 -3.14 -5.88 31.02
CA TRP C 106 -3.69 -7.03 31.75
C TRP C 106 -4.04 -8.16 30.79
N THR C 107 -4.67 -7.84 29.66
CA THR C 107 -4.99 -8.85 28.66
C THR C 107 -3.80 -9.23 27.78
N ARG C 108 -2.80 -8.34 27.67
CA ARG C 108 -1.63 -8.65 26.86
C ARG C 108 -0.87 -9.84 27.41
N VAL C 109 -0.73 -9.92 28.74
CA VAL C 109 0.00 -11.03 29.34
C VAL C 109 -0.70 -12.35 29.05
N ILE C 110 -2.02 -12.37 29.15
CA ILE C 110 -2.77 -13.60 28.89
C ILE C 110 -2.57 -14.05 27.45
N LEU C 111 -2.65 -13.11 26.50
CA LEU C 111 -2.45 -13.46 25.10
C LEU C 111 -1.04 -13.97 24.85
N LEU C 112 -0.04 -13.33 25.46
CA LEU C 112 1.35 -13.76 25.28
C LEU C 112 1.54 -15.18 25.81
N ASN C 113 0.98 -15.48 26.98
CA ASN C 113 1.09 -16.83 27.53
C ASN C 113 0.40 -17.85 26.63
N TRP C 114 -0.78 -17.49 26.11
CA TRP C 114 -1.50 -18.41 25.24
C TRP C 114 -0.77 -18.64 23.92
N CYS C 115 -0.14 -17.58 23.40
CA CYS C 115 0.60 -17.72 22.14
C CYS C 115 1.76 -18.71 22.30
N ALA C 116 2.49 -18.62 23.41
CA ALA C 116 3.58 -19.57 23.65
C ALA C 116 3.05 -20.97 23.90
N TRP C 117 1.91 -21.09 24.59
CA TRP C 117 1.34 -22.40 24.86
C TRP C 117 0.83 -23.06 23.58
N PHE C 118 0.28 -22.27 22.65
CA PHE C 118 -0.23 -22.85 21.42
C PHE C 118 0.88 -23.50 20.61
N LEU C 119 2.04 -22.84 20.51
CA LEU C 119 3.16 -23.41 19.77
C LEU C 119 3.66 -24.69 20.45
N ARG C 120 3.77 -24.68 21.78
CA ARG C 120 4.22 -25.83 22.55
C ARG C 120 3.17 -26.11 23.61
N MET C 121 2.19 -26.94 23.25
CA MET C 121 1.10 -27.26 24.17
C MET C 121 1.58 -28.23 25.24
N LYS C 122 0.73 -28.44 26.24
CA LYS C 122 1.02 -29.34 27.34
C LYS C 122 0.65 -30.79 27.04
N ARG C 123 0.13 -31.07 25.85
CA ARG C 123 -0.26 -32.42 25.49
C ARG C 123 0.98 -33.31 25.34
N PRO C 124 0.82 -34.62 25.44
CA PRO C 124 1.98 -35.51 25.31
C PRO C 124 2.68 -35.40 23.97
N GLY C 125 1.98 -34.98 22.91
CA GLY C 125 2.60 -34.89 21.60
C GLY C 125 3.65 -33.80 21.50
N GLU C 126 3.62 -32.81 22.39
CA GLU C 126 4.58 -31.72 22.39
C GLU C 126 5.54 -31.77 23.57
N ASP C 127 5.05 -32.11 24.77
CA ASP C 127 5.91 -32.16 25.93
C ASP C 127 6.83 -33.38 25.91
N LYS C 128 6.41 -34.47 25.25
CA LYS C 128 7.22 -35.68 25.22
C LYS C 128 8.27 -35.62 24.12
N VAL C 129 7.93 -35.06 22.97
CA VAL C 129 8.87 -34.99 21.83
C VAL C 129 9.64 -33.68 22.00
N ARG C 130 10.70 -33.76 22.79
CA ARG C 130 11.59 -32.63 23.03
C ARG C 130 12.74 -33.10 23.91
N PRO C 131 13.82 -32.31 24.00
CA PRO C 131 14.94 -32.71 24.87
C PRO C 131 14.57 -32.63 26.34
N ALA C 132 14.46 -33.79 27.00
CA ALA C 132 14.09 -33.86 28.40
C ALA C 132 14.83 -35.00 29.06
N CYS C 133 15.48 -34.71 30.18
CA CYS C 133 16.25 -35.71 30.91
C CYS C 133 16.52 -35.17 32.31
N GLN C 134 17.34 -35.89 33.07
CA GLN C 134 17.72 -35.49 34.42
C GLN C 134 18.93 -34.57 34.44
N HIS C 135 19.48 -34.23 33.28
CA HIS C 135 20.66 -33.35 33.22
C HIS C 135 20.22 -31.90 33.37
N LYS C 136 21.14 -30.97 33.10
CA LYS C 136 20.85 -29.55 33.29
C LYS C 136 19.72 -29.05 32.39
N GLN C 137 19.35 -29.80 31.36
CA GLN C 137 18.27 -29.36 30.47
C GLN C 137 16.98 -29.10 31.23
N ARG C 138 16.75 -29.83 32.32
CA ARG C 138 15.54 -29.69 33.13
C ARG C 138 15.89 -29.50 34.60
N ARG C 139 16.89 -28.66 34.87
CA ARG C 139 17.31 -28.36 36.23
C ARG C 139 16.85 -26.96 36.62
N CYS C 140 16.94 -26.68 37.93
CA CYS C 140 16.56 -25.39 38.48
C CYS C 140 17.79 -24.67 39.02
N SER C 141 17.88 -23.39 38.72
CA SER C 141 19.01 -22.57 39.17
C SER C 141 18.54 -21.13 39.25
N LEU C 142 19.49 -20.20 39.48
CA LEU C 142 19.13 -18.80 39.59
C LEU C 142 18.71 -18.23 38.24
N ALA C 143 19.30 -18.69 37.14
CA ALA C 143 18.93 -18.18 35.83
C ALA C 143 17.47 -18.49 35.51
N SER C 144 17.03 -19.71 35.80
CA SER C 144 15.65 -20.08 35.50
C SER C 144 14.68 -19.35 36.42
N VAL C 145 15.01 -19.26 37.71
CA VAL C 145 14.15 -18.60 38.69
C VAL C 145 14.63 -17.15 38.80
N GLU C 146 13.95 -16.25 38.11
CA GLU C 146 14.28 -14.83 38.09
C GLU C 146 13.14 -14.01 38.68
N MET C 147 12.47 -14.56 39.70
CA MET C 147 11.38 -13.84 40.36
C MET C 147 11.88 -12.72 41.26
N SER C 148 13.16 -12.73 41.62
CA SER C 148 13.75 -11.72 42.49
C SER C 148 14.63 -10.76 41.69
N ALA C 149 14.22 -10.44 40.47
CA ALA C 149 14.98 -9.53 39.60
C ALA C 149 16.39 -10.05 39.36
N VAL C 150 16.49 -11.31 38.98
CA VAL C 150 17.77 -11.94 38.71
C VAL C 150 18.12 -11.73 37.25
N ALA C 151 19.42 -11.76 36.96
CA ALA C 151 19.88 -11.55 35.59
C ALA C 151 19.36 -12.67 34.69
N PRO C 152 18.72 -12.35 33.57
CA PRO C 152 18.22 -13.40 32.68
C PRO C 152 19.34 -14.01 31.86
N PRO C 153 19.08 -15.10 31.14
CA PRO C 153 20.13 -15.71 30.34
C PRO C 153 20.63 -14.75 29.28
N PRO C 154 21.91 -14.84 28.89
CA PRO C 154 22.42 -13.94 27.85
C PRO C 154 21.88 -14.29 26.46
N ALA C 155 20.68 -13.83 26.17
CA ALA C 155 20.03 -14.09 24.89
C ALA C 155 19.71 -12.77 24.19
N SER C 156 19.59 -12.85 22.86
CA SER C 156 19.30 -11.69 22.04
C SER C 156 17.82 -11.44 21.86
N ASN C 157 16.96 -12.24 22.50
CA ASN C 157 15.52 -12.08 22.37
C ASN C 157 14.97 -10.94 23.22
N GLY C 158 15.80 -10.32 24.06
CA GLY C 158 15.37 -9.23 24.92
C GLY C 158 15.61 -9.50 26.38
N ASN C 159 16.55 -10.40 26.69
CA ASN C 159 16.87 -10.72 28.06
C ASN C 159 17.80 -9.67 28.67
N LEU C 160 18.98 -9.48 28.07
CA LEU C 160 19.95 -8.51 28.54
C LEU C 160 19.97 -7.24 27.70
N LEU C 161 19.25 -7.21 26.57
CA LEU C 161 19.22 -6.02 25.74
C LEU C 161 18.27 -4.97 26.30
N TYR C 162 17.04 -5.39 26.63
CA TYR C 162 16.08 -4.46 27.21
C TYR C 162 16.42 -4.14 28.66
N ILE C 163 16.85 -5.14 29.42
CA ILE C 163 17.21 -4.91 30.82
C ILE C 163 18.53 -4.16 30.92
N GLY C 164 19.45 -4.39 29.99
CA GLY C 164 20.74 -3.72 30.02
C GLY C 164 20.71 -2.28 29.59
N PHE C 165 19.70 -1.88 28.82
CA PHE C 165 19.56 -0.51 28.36
C PHE C 165 18.61 0.31 29.22
N ARG C 166 17.43 -0.24 29.52
CA ARG C 166 16.44 0.45 30.35
C ARG C 166 16.31 -0.14 31.74
N GLY C 167 16.50 -1.45 31.90
CA GLY C 167 16.37 -2.06 33.22
C GLY C 167 17.41 -1.55 34.20
N LEU C 168 18.62 -1.25 33.71
CA LEU C 168 19.72 -0.78 34.56
C LEU C 168 19.55 0.73 34.78
N ASP C 169 18.53 1.08 35.55
CA ASP C 169 18.23 2.47 35.88
C ASP C 169 19.09 2.88 37.06
N GLY C 170 20.31 3.34 36.75
CA GLY C 170 21.24 3.78 37.77
C GLY C 170 22.63 3.20 37.61
N VAL C 171 22.82 2.39 36.56
CA VAL C 171 24.11 1.76 36.28
C VAL C 171 24.58 2.08 34.86
N HIS C 172 23.74 1.78 33.86
CA HIS C 172 24.10 2.04 32.47
C HIS C 172 23.93 3.51 32.12
N CYS C 173 22.70 4.02 32.22
CA CYS C 173 22.46 5.43 31.89
C CYS C 173 23.22 6.35 32.84
N VAL C 174 23.22 6.03 34.13
CA VAL C 174 23.92 6.81 35.15
C VAL C 174 24.96 5.92 35.80
N PRO C 175 26.23 6.00 35.37
CA PRO C 175 27.25 5.17 35.99
C PRO C 175 27.56 5.59 37.42
N THR C 176 26.61 5.35 38.33
CA THR C 176 26.81 5.71 39.73
C THR C 176 28.00 4.97 40.34
N PRO C 177 28.13 3.64 40.19
CA PRO C 177 29.29 2.95 40.78
C PRO C 177 30.56 3.16 39.96
N ASP C 178 31.08 4.38 39.99
CA ASP C 178 32.29 4.77 39.25
C ASP C 178 33.21 5.50 40.21
N SER C 179 34.16 4.79 40.78
CA SER C 179 35.12 5.37 41.72
C SER C 179 36.36 5.86 40.96
N GLY C 180 36.13 6.84 40.09
CA GLY C 180 37.22 7.37 39.28
C GLY C 180 37.81 6.36 38.32
N VAL C 181 36.97 5.58 37.67
CA VAL C 181 37.45 4.56 36.73
C VAL C 181 37.48 5.09 35.31
N VAL C 182 36.43 5.81 34.90
CA VAL C 182 36.37 6.35 33.54
C VAL C 182 37.31 7.52 33.33
N CYS C 183 37.86 8.10 34.41
CA CYS C 183 38.78 9.22 34.29
C CYS C 183 39.97 9.11 35.25
N GLY C 184 40.17 7.96 35.88
CA GLY C 184 41.27 7.79 36.81
C GLY C 184 42.01 6.48 36.65
N ARG C 185 41.56 5.64 35.73
CA ARG C 185 42.16 4.33 35.47
C ARG C 185 42.60 4.25 34.02
N MET C 186 43.35 3.19 33.71
CA MET C 186 43.87 2.96 32.38
C MET C 186 42.92 2.12 31.52
N ALA C 187 41.77 1.71 32.05
CA ALA C 187 40.81 0.88 31.32
C ALA C 187 40.10 1.76 30.30
N CYS C 188 40.73 1.92 29.13
CA CYS C 188 40.18 2.73 28.05
C CYS C 188 39.91 4.15 28.51
N SER C 189 40.78 4.67 29.37
CA SER C 189 40.64 6.02 29.89
C SER C 189 41.99 6.47 30.42
N PRO C 190 42.21 7.77 30.54
CA PRO C 190 43.48 8.25 31.10
C PRO C 190 43.58 7.98 32.59
N THR C 191 44.83 7.85 33.06
CA THR C 191 45.09 7.62 34.49
C THR C 191 45.15 8.96 35.22
N HIS C 192 43.97 9.59 35.31
CA HIS C 192 43.85 10.90 35.96
C HIS C 192 44.79 11.92 35.35
N ASP C 193 44.89 11.90 34.02
CA ASP C 193 45.77 12.81 33.28
C ASP C 193 44.97 14.08 32.97
N GLU C 194 45.20 15.12 33.76
CA GLU C 194 44.50 16.39 33.56
C GLU C 194 45.07 17.19 32.39
N HIS C 195 46.23 16.82 31.87
CA HIS C 195 46.86 17.50 30.74
C HIS C 195 46.81 16.66 29.46
N LEU C 196 45.75 15.88 29.30
CA LEU C 196 45.59 15.02 28.13
C LEU C 196 45.01 15.87 26.99
N LEU C 197 45.90 16.65 26.37
CA LEU C 197 45.54 17.52 25.25
C LEU C 197 46.19 16.98 23.99
N HIS C 198 45.37 16.54 23.04
CA HIS C 198 45.85 16.00 21.77
C HIS C 198 46.27 17.15 20.88
N GLY C 199 47.57 17.49 20.93
CA GLY C 199 48.08 18.59 20.14
C GLY C 199 47.67 19.96 20.64
N GLY C 200 47.31 20.07 21.92
CA GLY C 200 46.88 21.33 22.48
C GLY C 200 45.38 21.53 22.52
N GLN C 201 44.60 20.57 22.03
CA GLN C 201 43.16 20.66 21.99
C GLN C 201 42.54 19.68 22.99
N PRO C 202 41.33 19.96 23.47
CA PRO C 202 40.67 19.03 24.40
C PRO C 202 40.30 17.74 23.69
N PRO C 203 39.70 16.77 24.42
CA PRO C 203 39.27 15.50 23.80
C PRO C 203 38.02 15.64 22.94
N GLU C 204 38.04 16.60 22.01
CA GLU C 204 36.91 16.82 21.12
C GLU C 204 37.42 17.57 19.89
N GLY C 205 37.40 16.90 18.73
CA GLY C 205 37.88 17.53 17.52
C GLY C 205 37.04 18.74 17.11
N ASP C 206 35.72 18.63 17.25
CA ASP C 206 34.82 19.71 16.90
C ASP C 206 33.59 19.68 17.79
N PRO C 207 33.36 20.70 18.62
CA PRO C 207 32.14 20.71 19.45
C PRO C 207 30.86 20.69 18.63
N ASP C 208 30.88 21.19 17.40
CA ASP C 208 29.68 21.19 16.58
C ASP C 208 29.24 19.79 16.16
N LEU C 209 30.12 18.81 16.29
CA LEU C 209 29.76 17.43 15.93
C LEU C 209 28.69 16.87 16.86
N ALA C 210 28.56 17.40 18.07
CA ALA C 210 27.52 16.94 18.98
C ALA C 210 26.13 17.23 18.43
N LYS C 211 25.96 18.40 17.79
CA LYS C 211 24.67 18.74 17.20
C LYS C 211 24.30 17.75 16.11
N ILE C 212 25.26 17.36 15.27
CA ILE C 212 24.99 16.40 14.21
C ILE C 212 24.58 15.06 14.82
N LEU C 213 25.22 14.68 15.93
CA LEU C 213 24.88 13.41 16.57
C LEU C 213 23.44 13.40 17.04
N GLU C 214 22.97 14.52 17.61
CA GLU C 214 21.58 14.59 18.07
C GLU C 214 20.61 14.43 16.89
N GLU C 215 20.89 15.10 15.78
CA GLU C 215 20.05 14.94 14.61
C GLU C 215 20.16 13.54 14.02
N VAL C 216 21.39 13.00 13.96
CA VAL C 216 21.58 11.65 13.47
C VAL C 216 20.93 10.63 14.41
N ARG C 217 21.06 10.85 15.72
CA ARG C 217 20.47 9.93 16.67
C ARG C 217 18.94 9.90 16.55
N TYR C 218 18.34 11.04 16.26
CA TYR C 218 16.89 11.08 16.08
C TYR C 218 16.45 10.19 14.92
N ILE C 219 17.19 10.24 13.81
CA ILE C 219 16.88 9.38 12.67
C ILE C 219 17.00 7.91 13.06
N ALA C 220 18.08 7.56 13.76
CA ALA C 220 18.23 6.19 14.23
C ALA C 220 17.20 5.87 15.31
N ASN C 221 16.91 6.83 16.18
CA ASN C 221 15.90 6.60 17.22
C ASN C 221 14.54 6.36 16.62
N ARG C 222 14.18 7.11 15.58
CA ARG C 222 12.89 6.90 14.92
C ARG C 222 12.80 5.50 14.33
N PHE C 223 13.87 5.04 13.68
CA PHE C 223 13.89 3.67 13.18
C PHE C 223 13.84 2.66 14.33
N ARG C 224 14.56 2.95 15.41
CA ARG C 224 14.50 2.08 16.58
C ARG C 224 13.10 2.05 17.17
N CYS C 225 12.43 3.21 17.23
CA CYS C 225 11.06 3.25 17.72
C CYS C 225 10.14 2.45 16.82
N GLN C 226 10.33 2.55 15.50
CA GLN C 226 9.53 1.75 14.58
C GLN C 226 9.81 0.26 14.77
N ASP C 227 11.08 -0.11 14.94
CA ASP C 227 11.40 -1.51 15.23
C ASP C 227 10.83 -1.94 16.57
N GLU C 228 10.95 -1.08 17.59
CA GLU C 228 10.34 -1.37 18.88
C GLU C 228 8.82 -1.42 18.76
N SER C 229 8.24 -0.51 17.99
CA SER C 229 6.79 -0.55 17.77
C SER C 229 6.37 -1.80 17.04
N GLU C 230 7.18 -2.29 16.11
CA GLU C 230 6.85 -3.53 15.42
C GLU C 230 6.77 -4.70 16.39
N ALA C 231 7.72 -4.78 17.33
CA ALA C 231 7.67 -5.83 18.34
C ALA C 231 6.42 -5.68 19.20
N VAL C 232 6.10 -4.46 19.61
CA VAL C 232 4.87 -4.22 20.35
C VAL C 232 3.66 -4.53 19.47
N CYS C 233 3.70 -4.10 18.21
CA CYS C 233 2.61 -4.39 17.29
C CYS C 233 2.48 -5.88 17.05
N SER C 234 3.59 -6.61 16.98
CA SER C 234 3.52 -8.06 16.81
C SER C 234 2.81 -8.70 18.00
N GLU C 235 3.11 -8.26 19.21
CA GLU C 235 2.41 -8.77 20.39
C GLU C 235 0.94 -8.35 20.35
N TRP C 236 0.66 -7.13 19.91
CA TRP C 236 -0.72 -6.68 19.77
C TRP C 236 -1.42 -7.32 18.58
N LYS C 237 -0.68 -7.60 17.51
CA LYS C 237 -1.29 -8.23 16.35
C LYS C 237 -1.79 -9.64 16.67
N PHE C 238 -1.19 -10.29 17.66
CA PHE C 238 -1.63 -11.63 18.05
C PHE C 238 -3.05 -11.63 18.60
N ALA C 239 -3.55 -10.48 19.05
CA ALA C 239 -4.92 -10.43 19.57
C ALA C 239 -5.92 -10.87 18.51
N ALA C 240 -5.77 -10.35 17.28
CA ALA C 240 -6.64 -10.80 16.19
C ALA C 240 -6.39 -12.26 15.85
N CYS C 241 -5.12 -12.67 15.81
CA CYS C 241 -4.81 -14.06 15.49
C CYS C 241 -5.33 -15.00 16.57
N VAL C 242 -5.17 -14.62 17.85
CA VAL C 242 -5.66 -15.47 18.94
C VAL C 242 -7.17 -15.63 18.85
N VAL C 243 -7.88 -14.53 18.66
CA VAL C 243 -9.33 -14.60 18.48
C VAL C 243 -9.67 -15.34 17.20
N ASP C 244 -8.95 -15.04 16.11
CA ASP C 244 -9.19 -15.72 14.85
C ASP C 244 -8.90 -17.21 14.96
N ARG C 245 -7.79 -17.56 15.62
CA ARG C 245 -7.42 -18.97 15.75
C ARG C 245 -8.29 -19.67 16.79
N LEU C 246 -8.64 -18.98 17.88
CA LEU C 246 -9.45 -19.59 18.91
C LEU C 246 -10.83 -19.98 18.38
N CYS C 247 -11.43 -19.12 17.54
CA CYS C 247 -12.75 -19.40 17.01
C CYS C 247 -12.76 -20.65 16.14
N LEU C 248 -11.62 -21.01 15.54
CA LEU C 248 -11.57 -22.22 14.72
C LEU C 248 -11.84 -23.46 15.56
N MET C 249 -11.23 -23.55 16.75
CA MET C 249 -11.46 -24.69 17.61
C MET C 249 -12.90 -24.71 18.14
N ALA C 250 -13.44 -23.54 18.48
CA ALA C 250 -14.80 -23.49 19.00
C ALA C 250 -15.82 -23.80 17.91
N PHE C 251 -15.62 -23.25 16.71
CA PHE C 251 -16.57 -23.49 15.62
C PHE C 251 -16.40 -24.89 15.06
N SER C 252 -15.21 -25.47 15.15
CA SER C 252 -15.01 -26.83 14.65
C SER C 252 -15.89 -27.82 15.37
N VAL C 253 -15.97 -27.70 16.70
CA VAL C 253 -16.85 -28.58 17.47
C VAL C 253 -18.31 -28.32 17.09
N PHE C 254 -18.70 -27.05 16.96
CA PHE C 254 -20.07 -26.73 16.58
C PHE C 254 -20.39 -27.27 15.19
N THR C 255 -19.44 -27.14 14.25
CA THR C 255 -19.68 -27.63 12.90
C THR C 255 -19.93 -29.14 12.90
N ILE C 256 -19.15 -29.89 13.67
CA ILE C 256 -19.37 -31.32 13.77
C ILE C 256 -20.73 -31.61 14.39
N ILE C 257 -21.10 -30.86 15.43
CA ILE C 257 -22.39 -31.05 16.07
C ILE C 257 -23.52 -30.75 15.10
N CYS C 258 -23.39 -29.66 14.33
CA CYS C 258 -24.41 -29.32 13.36
C CYS C 258 -24.56 -30.40 12.31
N THR C 259 -23.44 -30.93 11.81
CA THR C 259 -23.50 -32.02 10.84
C THR C 259 -24.15 -33.25 11.45
N ILE C 260 -23.82 -33.56 12.71
CA ILE C 260 -24.43 -34.71 13.37
C ILE C 260 -25.91 -34.50 13.57
N GLY C 261 -26.34 -33.25 13.82
CA GLY C 261 -27.75 -33.00 14.08
C GLY C 261 -28.63 -33.39 12.92
N ILE C 262 -28.21 -33.05 11.69
CA ILE C 262 -29.01 -33.42 10.52
C ILE C 262 -28.96 -34.92 10.27
N LEU C 263 -27.93 -35.61 10.75
CA LEU C 263 -27.83 -37.05 10.58
C LEU C 263 -28.63 -37.82 11.63
N MET C 264 -29.11 -37.15 12.67
CA MET C 264 -29.90 -37.79 13.71
C MET C 264 -31.35 -37.31 13.76
N SER C 265 -31.64 -36.10 13.28
CA SER C 265 -33.00 -35.58 13.29
C SER C 265 -33.74 -35.89 12.00
N ALA C 266 -33.05 -35.93 10.86
CA ALA C 266 -33.72 -36.22 9.60
C ALA C 266 -34.38 -37.59 9.59
N PRO C 267 -33.74 -38.66 10.06
CA PRO C 267 -34.43 -39.97 10.03
C PRO C 267 -35.70 -40.00 10.85
N ASN C 268 -35.81 -39.15 11.87
CA ASN C 268 -37.00 -39.12 12.72
C ASN C 268 -38.05 -38.14 12.21
N PHE C 269 -37.62 -37.01 11.67
CA PHE C 269 -38.53 -35.99 11.14
C PHE C 269 -38.65 -36.07 9.62
N VAL C 270 -37.53 -36.01 8.91
CA VAL C 270 -37.54 -36.07 7.46
C VAL C 270 -37.65 -37.52 7.00
N LEU D 7 -25.53 -30.11 -30.87
CA LEU D 7 -25.05 -29.93 -29.51
C LEU D 7 -25.38 -28.53 -28.98
N TYR D 8 -26.67 -28.29 -28.74
CA TYR D 8 -27.09 -26.98 -28.26
C TYR D 8 -26.63 -26.77 -26.82
N TYR D 9 -27.06 -27.65 -25.91
CA TYR D 9 -26.64 -27.52 -24.51
C TYR D 9 -25.17 -27.90 -24.33
N GLY D 10 -24.68 -28.85 -25.13
CA GLY D 10 -23.28 -29.26 -24.99
C GLY D 10 -22.32 -28.13 -25.30
N LEU D 11 -22.57 -27.41 -26.40
CA LEU D 11 -21.70 -26.30 -26.76
C LEU D 11 -21.91 -25.10 -25.86
N ASN D 12 -23.09 -24.97 -25.26
CA ASN D 12 -23.40 -23.86 -24.38
C ASN D 12 -23.06 -24.15 -22.92
N LEU D 13 -22.66 -25.37 -22.59
CA LEU D 13 -22.32 -25.74 -21.22
C LEU D 13 -20.91 -26.31 -21.09
N LEU D 14 -20.46 -27.12 -22.05
CA LEU D 14 -19.12 -27.67 -21.99
C LEU D 14 -18.06 -26.62 -22.33
N ILE D 15 -18.32 -25.80 -23.36
CA ILE D 15 -17.32 -24.82 -23.77
C ILE D 15 -17.01 -23.83 -22.66
N PRO D 16 -17.99 -23.26 -21.95
CA PRO D 16 -17.65 -22.35 -20.85
C PRO D 16 -16.74 -22.97 -19.80
N CYS D 17 -16.90 -24.28 -19.54
CA CYS D 17 -16.05 -24.93 -18.56
C CYS D 17 -14.59 -24.90 -18.99
N VAL D 18 -14.33 -25.07 -20.29
CA VAL D 18 -12.97 -25.01 -20.79
C VAL D 18 -12.36 -23.64 -20.54
N LEU D 19 -13.13 -22.58 -20.84
CA LEU D 19 -12.64 -21.23 -20.58
C LEU D 19 -12.52 -20.97 -19.08
N ILE D 20 -13.50 -21.44 -18.30
CA ILE D 20 -13.44 -21.27 -16.85
C ILE D 20 -12.24 -22.01 -16.28
N SER D 21 -12.01 -23.24 -16.73
CA SER D 21 -10.84 -23.99 -16.28
C SER D 21 -9.55 -23.37 -16.83
N ALA D 22 -9.60 -22.84 -18.05
CA ALA D 22 -8.41 -22.19 -18.62
C ALA D 22 -8.05 -20.94 -17.82
N LEU D 23 -9.06 -20.18 -17.38
CA LEU D 23 -8.78 -19.00 -16.57
C LEU D 23 -8.17 -19.37 -15.23
N ALA D 24 -8.52 -20.54 -14.68
CA ALA D 24 -7.93 -20.98 -13.43
C ALA D 24 -6.44 -21.27 -13.59
N LEU D 25 -6.04 -21.81 -14.76
CA LEU D 25 -4.62 -22.07 -14.98
C LEU D 25 -3.81 -20.78 -14.97
N LEU D 26 -4.41 -19.67 -15.41
CA LEU D 26 -3.71 -18.39 -15.36
C LEU D 26 -3.45 -17.94 -13.93
N VAL D 27 -4.38 -18.24 -13.02
CA VAL D 27 -4.18 -17.88 -11.62
C VAL D 27 -2.98 -18.63 -11.04
N PHE D 28 -2.69 -19.83 -11.55
CA PHE D 28 -1.59 -20.63 -11.05
C PHE D 28 -0.24 -20.20 -11.62
N LEU D 29 -0.21 -19.26 -12.56
CA LEU D 29 1.02 -18.75 -13.14
C LEU D 29 1.44 -17.42 -12.55
N LEU D 30 0.65 -16.84 -11.65
CA LEU D 30 0.97 -15.56 -11.05
C LEU D 30 2.04 -15.72 -9.97
N PRO D 31 2.78 -14.65 -9.66
CA PRO D 31 3.82 -14.75 -8.63
C PRO D 31 3.25 -14.86 -7.22
N ALA D 32 4.13 -14.94 -6.23
CA ALA D 32 3.70 -15.04 -4.84
C ALA D 32 3.29 -13.71 -4.24
N ASP D 33 3.63 -12.59 -4.87
CA ASP D 33 3.27 -11.27 -4.38
C ASP D 33 1.96 -10.76 -4.97
N SER D 34 1.28 -11.55 -5.79
CA SER D 34 0.02 -11.14 -6.41
C SER D 34 -1.13 -11.45 -5.45
N GLY D 35 -1.22 -10.61 -4.41
CA GLY D 35 -2.27 -10.75 -3.41
C GLY D 35 -3.63 -10.24 -3.83
N GLU D 36 -3.71 -9.52 -4.95
CA GLU D 36 -4.96 -8.95 -5.43
C GLU D 36 -5.62 -9.80 -6.50
N LYS D 37 -5.15 -11.03 -6.71
CA LYS D 37 -5.71 -11.93 -7.70
C LYS D 37 -6.94 -12.69 -7.19
N ILE D 38 -7.30 -12.53 -5.92
CA ILE D 38 -8.46 -13.21 -5.39
C ILE D 38 -9.73 -12.72 -6.08
N SER D 39 -9.74 -11.47 -6.54
CA SER D 39 -10.94 -10.93 -7.19
C SER D 39 -11.25 -11.71 -8.46
N LEU D 40 -10.22 -12.13 -9.20
CA LEU D 40 -10.45 -12.89 -10.42
C LEU D 40 -11.14 -14.21 -10.13
N GLY D 41 -10.76 -14.88 -9.04
CA GLY D 41 -11.38 -16.15 -8.71
C GLY D 41 -12.83 -16.01 -8.30
N ILE D 42 -13.20 -14.85 -7.75
CA ILE D 42 -14.59 -14.64 -7.32
C ILE D 42 -15.51 -14.58 -8.54
N THR D 43 -15.12 -13.80 -9.55
CA THR D 43 -15.94 -13.70 -10.75
C THR D 43 -15.89 -14.98 -11.57
N VAL D 44 -14.74 -15.64 -11.61
CA VAL D 44 -14.63 -16.90 -12.35
C VAL D 44 -15.53 -17.97 -11.73
N LEU D 45 -15.50 -18.08 -10.40
CA LEU D 45 -16.38 -19.05 -9.73
C LEU D 45 -17.83 -18.63 -9.84
N LEU D 46 -18.11 -17.34 -9.74
CA LEU D 46 -19.50 -16.87 -9.83
C LEU D 46 -20.08 -17.17 -11.21
N SER D 47 -19.30 -16.98 -12.27
CA SER D 47 -19.80 -17.24 -13.61
C SER D 47 -20.13 -18.72 -13.81
N LEU D 48 -19.40 -19.61 -13.14
CA LEU D 48 -19.70 -21.04 -13.26
C LEU D 48 -21.01 -21.40 -12.59
N THR D 49 -21.34 -20.74 -11.47
CA THR D 49 -22.59 -21.03 -10.79
C THR D 49 -23.80 -20.51 -11.57
N VAL D 50 -23.59 -19.48 -12.41
CA VAL D 50 -24.70 -18.96 -13.20
C VAL D 50 -25.23 -20.01 -14.15
N PHE D 51 -24.33 -20.74 -14.81
CA PHE D 51 -24.77 -21.79 -15.72
C PHE D 51 -25.25 -23.02 -14.96
N MET D 52 -24.74 -23.24 -13.75
CA MET D 52 -25.20 -24.37 -12.95
C MET D 52 -26.67 -24.25 -12.61
N LEU D 53 -27.14 -23.03 -12.32
CA LEU D 53 -28.56 -22.83 -12.02
C LEU D 53 -29.43 -23.17 -13.21
N LEU D 54 -28.99 -22.80 -14.42
CA LEU D 54 -29.79 -23.09 -15.61
C LEU D 54 -29.93 -24.59 -15.81
N VAL D 55 -28.84 -25.35 -15.62
CA VAL D 55 -28.90 -26.79 -15.79
C VAL D 55 -29.64 -27.46 -14.62
N ALA D 56 -29.72 -26.79 -13.48
CA ALA D 56 -30.44 -27.38 -12.34
C ALA D 56 -31.90 -27.60 -12.67
N GLU D 57 -32.54 -26.60 -13.30
CA GLU D 57 -33.94 -26.75 -13.69
C GLU D 57 -34.11 -27.86 -14.73
N ILE D 58 -33.18 -27.94 -15.69
CA ILE D 58 -33.27 -28.97 -16.71
C ILE D 58 -33.13 -30.35 -16.10
N MET D 59 -32.26 -30.49 -15.10
CA MET D 59 -32.05 -31.79 -14.48
C MET D 59 -33.34 -32.25 -13.81
N PRO D 60 -33.76 -33.50 -14.02
CA PRO D 60 -35.01 -33.96 -13.39
C PRO D 60 -34.91 -33.95 -11.87
N SER D 61 -36.05 -33.68 -11.23
CA SER D 61 -36.13 -33.63 -9.77
C SER D 61 -36.31 -35.06 -9.25
N THR D 62 -35.21 -35.79 -9.22
CA THR D 62 -35.21 -37.18 -8.76
C THR D 62 -34.91 -37.24 -7.27
N SER D 63 -34.79 -38.46 -6.74
CA SER D 63 -34.51 -38.69 -5.34
C SER D 63 -33.13 -39.28 -5.11
N ASP D 64 -32.74 -40.29 -5.89
CA ASP D 64 -31.43 -40.92 -5.75
C ASP D 64 -30.78 -41.20 -7.09
N SER D 65 -31.15 -40.48 -8.15
CA SER D 65 -30.60 -40.65 -9.48
C SER D 65 -30.02 -39.31 -9.93
N SER D 66 -28.74 -39.08 -9.60
CA SER D 66 -28.08 -37.85 -9.96
C SER D 66 -27.68 -37.89 -11.43
N PRO D 67 -28.12 -36.94 -12.27
CA PRO D 67 -27.69 -36.96 -13.67
C PRO D 67 -26.19 -36.80 -13.80
N SER D 68 -25.63 -37.41 -14.85
CA SER D 68 -24.19 -37.35 -15.07
C SER D 68 -23.71 -35.94 -15.40
N ILE D 69 -24.61 -35.03 -15.77
CA ILE D 69 -24.20 -33.67 -16.10
C ILE D 69 -23.65 -32.98 -14.85
N ALA D 70 -24.23 -33.26 -13.68
CA ALA D 70 -23.76 -32.65 -12.45
C ALA D 70 -22.35 -33.11 -12.10
N GLN D 71 -21.96 -34.32 -12.52
CA GLN D 71 -20.62 -34.81 -12.23
C GLN D 71 -19.55 -33.93 -12.89
N TYR D 72 -19.79 -33.53 -14.14
CA TYR D 72 -18.82 -32.68 -14.83
C TYR D 72 -18.68 -31.33 -14.12
N PHE D 73 -19.79 -30.75 -13.68
CA PHE D 73 -19.72 -29.47 -12.97
C PHE D 73 -18.96 -29.61 -11.67
N ALA D 74 -19.20 -30.71 -10.93
CA ALA D 74 -18.49 -30.92 -9.67
C ALA D 74 -16.99 -31.06 -9.91
N SER D 75 -16.60 -31.81 -10.94
CA SER D 75 -15.18 -31.97 -11.25
C SER D 75 -14.56 -30.63 -11.63
N THR D 76 -15.27 -29.83 -12.42
CA THR D 76 -14.75 -28.52 -12.79
C THR D 76 -14.63 -27.62 -11.56
N MET D 77 -15.61 -27.68 -10.66
CA MET D 77 -15.57 -26.84 -9.47
C MET D 77 -14.43 -27.22 -8.52
N ILE D 78 -13.92 -28.45 -8.61
CA ILE D 78 -12.78 -28.84 -7.78
C ILE D 78 -11.54 -28.05 -8.18
N ILE D 79 -11.27 -27.95 -9.48
CA ILE D 79 -10.11 -27.20 -9.95
C ILE D 79 -10.28 -25.72 -9.61
N VAL D 80 -11.45 -25.17 -9.90
CA VAL D 80 -11.71 -23.76 -9.59
C VAL D 80 -11.80 -23.55 -8.09
N GLY D 81 -12.47 -24.45 -7.38
CA GLY D 81 -12.58 -24.33 -5.94
C GLY D 81 -11.23 -24.42 -5.25
N LEU D 82 -10.38 -25.36 -5.69
CA LEU D 82 -9.05 -25.46 -5.11
C LEU D 82 -8.18 -24.28 -5.50
N SER D 83 -8.42 -23.70 -6.68
CA SER D 83 -7.64 -22.53 -7.10
C SER D 83 -7.85 -21.36 -6.14
N VAL D 84 -9.08 -21.14 -5.71
CA VAL D 84 -9.36 -20.05 -4.77
C VAL D 84 -8.64 -20.28 -3.46
N VAL D 85 -8.54 -21.55 -3.03
CA VAL D 85 -7.81 -21.85 -1.80
C VAL D 85 -6.35 -21.46 -1.93
N VAL D 86 -5.77 -21.65 -3.13
CA VAL D 86 -4.37 -21.29 -3.33
C VAL D 86 -4.18 -19.79 -3.18
N THR D 87 -5.13 -18.99 -3.68
CA THR D 87 -5.02 -17.55 -3.55
C THR D 87 -5.00 -17.11 -2.10
N VAL D 88 -5.66 -17.88 -1.21
CA VAL D 88 -5.64 -17.55 0.21
C VAL D 88 -4.21 -17.68 0.76
N ILE D 89 -3.50 -18.72 0.35
CA ILE D 89 -2.11 -18.90 0.79
C ILE D 89 -1.25 -17.74 0.32
N VAL D 90 -1.48 -17.30 -0.92
CA VAL D 90 -0.71 -16.17 -1.45
C VAL D 90 -0.98 -14.92 -0.63
N LEU D 91 -2.23 -14.74 -0.18
CA LEU D 91 -2.56 -13.57 0.63
C LEU D 91 -1.77 -13.58 1.94
N GLN D 92 -1.64 -14.74 2.57
CA GLN D 92 -0.88 -14.83 3.82
C GLN D 92 0.58 -14.44 3.60
N TYR D 93 1.19 -14.93 2.53
CA TYR D 93 2.57 -14.60 2.22
C TYR D 93 2.71 -13.23 1.58
N HIS D 94 1.66 -12.73 0.92
CA HIS D 94 1.74 -11.42 0.27
C HIS D 94 1.99 -10.32 1.28
N HIS D 95 1.30 -10.38 2.43
CA HIS D 95 1.44 -9.34 3.45
C HIS D 95 2.72 -9.50 4.28
N HIS D 96 3.43 -10.61 4.14
CA HIS D 96 4.67 -10.88 4.87
C HIS D 96 4.56 -10.42 6.33
N ASP D 97 3.56 -10.98 7.01
CA ASP D 97 3.34 -10.62 8.40
C ASP D 97 4.55 -11.02 9.24
N PRO D 98 5.15 -10.08 10.02
CA PRO D 98 6.26 -10.43 10.92
C PRO D 98 5.83 -11.18 12.17
N ASP D 99 5.03 -12.24 11.98
CA ASP D 99 4.53 -13.05 13.08
C ASP D 99 4.90 -14.52 12.97
N GLY D 100 5.06 -15.03 11.75
CA GLY D 100 5.40 -16.43 11.57
C GLY D 100 5.10 -16.85 10.14
N GLY D 101 4.99 -18.17 9.96
CA GLY D 101 4.69 -18.76 8.68
C GLY D 101 5.91 -19.23 7.90
N LYS D 102 7.10 -18.79 8.29
CA LYS D 102 8.31 -19.21 7.59
C LYS D 102 8.47 -20.73 7.67
N MET D 103 8.74 -21.34 6.52
CA MET D 103 8.89 -22.79 6.48
C MET D 103 10.21 -23.21 7.12
N PRO D 104 10.30 -24.45 7.62
CA PRO D 104 11.55 -24.90 8.21
C PRO D 104 12.65 -25.04 7.17
N LYS D 105 13.89 -24.96 7.65
CA LYS D 105 15.04 -25.06 6.75
C LYS D 105 15.05 -26.40 6.00
N TRP D 106 14.49 -27.45 6.60
CA TRP D 106 14.47 -28.75 5.94
C TRP D 106 13.69 -28.68 4.63
N THR D 107 12.54 -28.01 4.63
CA THR D 107 11.75 -27.84 3.42
C THR D 107 12.29 -26.73 2.52
N ARG D 108 13.02 -25.77 3.08
CA ARG D 108 13.57 -24.69 2.27
C ARG D 108 14.54 -25.22 1.22
N VAL D 109 15.39 -26.17 1.61
CA VAL D 109 16.38 -26.71 0.68
C VAL D 109 15.67 -27.40 -0.49
N ILE D 110 14.61 -28.16 -0.20
CA ILE D 110 13.89 -28.85 -1.27
C ILE D 110 13.29 -27.84 -2.25
N LEU D 111 12.68 -26.78 -1.73
CA LEU D 111 12.10 -25.75 -2.59
C LEU D 111 13.17 -25.07 -3.43
N LEU D 112 14.32 -24.76 -2.82
CA LEU D 112 15.40 -24.11 -3.55
C LEU D 112 15.90 -24.98 -4.69
N ASN D 113 16.07 -26.28 -4.43
CA ASN D 113 16.51 -27.18 -5.49
C ASN D 113 15.47 -27.30 -6.59
N TRP D 114 14.19 -27.34 -6.22
CA TRP D 114 13.13 -27.44 -7.22
C TRP D 114 13.04 -26.17 -8.06
N CYS D 115 13.22 -25.00 -7.43
CA CYS D 115 13.17 -23.75 -8.18
C CYS D 115 14.25 -23.70 -9.24
N ALA D 116 15.48 -24.11 -8.89
CA ALA D 116 16.55 -24.14 -9.87
C ALA D 116 16.31 -25.17 -10.95
N TRP D 117 15.73 -26.32 -10.58
CA TRP D 117 15.45 -27.36 -11.56
C TRP D 117 14.34 -26.93 -12.53
N PHE D 118 13.35 -26.19 -12.04
CA PHE D 118 12.27 -25.75 -12.91
C PHE D 118 12.78 -24.84 -14.02
N LEU D 119 13.67 -23.90 -13.67
CA LEU D 119 14.23 -23.01 -14.69
C LEU D 119 15.05 -23.79 -15.71
N ARG D 120 15.88 -24.74 -15.25
CA ARG D 120 16.72 -25.57 -16.10
C ARG D 120 16.42 -27.02 -15.76
N MET D 121 15.43 -27.59 -16.44
CA MET D 121 15.02 -28.96 -16.20
C MET D 121 16.04 -29.94 -16.80
N LYS D 122 15.89 -31.21 -16.43
CA LYS D 122 16.77 -32.27 -16.91
C LYS D 122 16.34 -32.82 -18.26
N ARG D 123 15.26 -32.31 -18.84
CA ARG D 123 14.79 -32.80 -20.13
C ARG D 123 15.77 -32.42 -21.23
N PRO D 124 15.74 -33.13 -22.37
CA PRO D 124 16.67 -32.80 -23.45
C PRO D 124 16.51 -31.38 -23.98
N GLY D 125 15.34 -30.77 -23.84
CA GLY D 125 15.13 -29.43 -24.35
C GLY D 125 15.93 -28.37 -23.62
N GLU D 126 16.35 -28.65 -22.39
CA GLU D 126 17.13 -27.70 -21.59
C GLU D 126 18.57 -28.13 -21.39
N ASP D 127 18.82 -29.43 -21.18
CA ASP D 127 20.19 -29.88 -20.97
C ASP D 127 20.98 -29.91 -22.27
N LYS D 128 20.31 -30.07 -23.40
CA LYS D 128 21.01 -30.14 -24.68
C LYS D 128 21.29 -28.75 -25.24
N VAL D 129 20.35 -27.82 -25.09
CA VAL D 129 20.52 -26.46 -25.62
C VAL D 129 21.20 -25.65 -24.53
N ARG D 130 22.52 -25.73 -24.52
CA ARG D 130 23.36 -25.00 -23.58
C ARG D 130 24.82 -25.26 -23.91
N PRO D 131 25.74 -24.45 -23.39
CA PRO D 131 27.16 -24.70 -23.65
C PRO D 131 27.66 -25.96 -22.96
N ALA D 132 27.97 -27.00 -23.75
CA ALA D 132 28.44 -28.27 -23.21
C ALA D 132 29.47 -28.85 -24.16
N CYS D 133 30.62 -29.22 -23.61
CA CYS D 133 31.71 -29.79 -24.40
C CYS D 133 32.67 -30.49 -23.46
N GLN D 134 33.78 -30.98 -24.02
CA GLN D 134 34.81 -31.65 -23.25
C GLN D 134 35.81 -30.68 -22.63
N HIS D 135 35.65 -29.38 -22.86
CA HIS D 135 36.58 -28.38 -22.33
C HIS D 135 36.23 -28.12 -20.86
N LYS D 136 36.81 -27.06 -20.30
CA LYS D 136 36.63 -26.76 -18.88
C LYS D 136 35.18 -26.44 -18.53
N GLN D 137 34.32 -26.17 -19.51
CA GLN D 137 32.93 -25.85 -19.22
C GLN D 137 32.25 -26.97 -18.45
N ARG D 138 32.67 -28.21 -18.67
CA ARG D 138 32.08 -29.39 -18.01
C ARG D 138 33.17 -30.23 -17.37
N ARG D 139 34.12 -29.58 -16.70
CA ARG D 139 35.20 -30.27 -16.01
C ARG D 139 34.98 -30.22 -14.51
N CYS D 140 35.75 -31.04 -13.79
CA CYS D 140 35.68 -31.13 -12.34
C CYS D 140 36.98 -30.63 -11.73
N SER D 141 36.86 -29.79 -10.71
CA SER D 141 38.02 -29.22 -10.03
C SER D 141 37.63 -28.92 -8.59
N LEU D 142 38.53 -28.24 -7.86
CA LEU D 142 38.25 -27.91 -6.48
C LEU D 142 37.14 -26.87 -6.34
N ALA D 143 37.06 -25.94 -7.29
CA ALA D 143 36.01 -24.91 -7.22
C ALA D 143 34.62 -25.53 -7.33
N SER D 144 34.45 -26.50 -8.25
CA SER D 144 33.15 -27.13 -8.40
C SER D 144 32.84 -28.05 -7.22
N VAL D 145 33.82 -28.83 -6.77
CA VAL D 145 33.64 -29.74 -5.65
C VAL D 145 34.05 -28.98 -4.40
N GLU D 146 33.06 -28.41 -3.72
CA GLU D 146 33.27 -27.63 -2.50
C GLU D 146 32.60 -28.30 -1.31
N MET D 147 32.62 -29.64 -1.29
CA MET D 147 32.03 -30.39 -0.19
C MET D 147 32.88 -30.35 1.07
N SER D 148 34.14 -29.97 0.96
CA SER D 148 35.07 -29.91 2.09
C SER D 148 35.34 -28.46 2.50
N ALA D 149 34.31 -27.61 2.42
CA ALA D 149 34.43 -26.21 2.78
C ALA D 149 35.52 -25.52 1.95
N VAL D 150 35.44 -25.71 0.63
CA VAL D 150 36.40 -25.10 -0.29
C VAL D 150 35.88 -23.73 -0.71
N ALA D 151 36.81 -22.87 -1.10
CA ALA D 151 36.45 -21.52 -1.50
C ALA D 151 35.56 -21.56 -2.74
N PRO D 152 34.40 -20.91 -2.73
CA PRO D 152 33.53 -20.94 -3.91
C PRO D 152 34.04 -19.99 -4.99
N PRO D 153 33.47 -20.04 -6.18
CA PRO D 153 33.94 -19.15 -7.24
C PRO D 153 33.74 -17.70 -6.85
N PRO D 154 34.60 -16.79 -7.34
CA PRO D 154 34.43 -15.37 -6.99
C PRO D 154 33.24 -14.74 -7.71
N ALA D 155 32.04 -14.94 -7.16
CA ALA D 155 30.81 -14.42 -7.74
C ALA D 155 30.12 -13.51 -6.73
N SER D 156 29.31 -12.60 -7.26
CA SER D 156 28.58 -11.64 -6.43
C SER D 156 27.21 -12.16 -5.98
N ASN D 157 26.88 -13.41 -6.31
CA ASN D 157 25.59 -13.98 -5.91
C ASN D 157 25.57 -14.43 -4.45
N GLY D 158 26.70 -14.38 -3.76
CA GLY D 158 26.76 -14.80 -2.37
C GLY D 158 27.78 -15.90 -2.13
N ASN D 159 28.76 -16.02 -3.03
CA ASN D 159 29.79 -17.03 -2.87
C ASN D 159 30.87 -16.58 -1.89
N LEU D 160 31.53 -15.45 -2.17
CA LEU D 160 32.55 -14.91 -1.31
C LEU D 160 32.07 -13.74 -0.46
N LEU D 161 30.85 -13.24 -0.70
CA LEU D 161 30.34 -12.13 0.09
C LEU D 161 29.80 -12.61 1.44
N TYR D 162 28.97 -13.65 1.42
CA TYR D 162 28.45 -14.20 2.67
C TYR D 162 29.52 -14.99 3.42
N ILE D 163 30.33 -15.76 2.71
CA ILE D 163 31.38 -16.54 3.35
C ILE D 163 32.52 -15.62 3.82
N GLY D 164 32.80 -14.55 3.08
CA GLY D 164 33.87 -13.64 3.45
C GLY D 164 33.55 -12.73 4.62
N PHE D 165 32.27 -12.50 4.89
CA PHE D 165 31.85 -11.64 6.00
C PHE D 165 31.49 -12.45 7.24
N ARG D 166 30.69 -13.50 7.09
CA ARG D 166 30.29 -14.35 8.20
C ARG D 166 30.97 -15.71 8.21
N GLY D 167 31.25 -16.28 7.04
CA GLY D 167 31.90 -17.58 6.99
C GLY D 167 33.29 -17.57 7.60
N LEU D 168 34.03 -16.47 7.43
CA LEU D 168 35.39 -16.35 7.97
C LEU D 168 35.30 -15.99 9.45
N ASP D 169 34.87 -16.96 10.24
CA ASP D 169 34.73 -16.79 11.69
C ASP D 169 36.09 -17.04 12.34
N GLY D 170 36.91 -16.01 12.38
CA GLY D 170 38.23 -16.11 12.97
C GLY D 170 39.33 -15.53 12.10
N VAL D 171 38.96 -14.98 10.95
CA VAL D 171 39.91 -14.37 10.02
C VAL D 171 39.51 -12.93 9.69
N HIS D 172 38.28 -12.72 9.23
CA HIS D 172 37.83 -11.38 8.87
C HIS D 172 37.44 -10.59 10.12
N CYS D 173 36.44 -11.07 10.86
CA CYS D 173 36.01 -10.36 12.07
C CYS D 173 37.13 -10.31 13.09
N VAL D 174 37.83 -11.41 13.29
CA VAL D 174 38.94 -11.51 14.23
C VAL D 174 40.20 -11.85 13.46
N PRO D 175 41.04 -10.87 13.11
CA PRO D 175 42.27 -11.17 12.36
C PRO D 175 43.28 -11.92 13.22
N THR D 176 43.00 -13.19 13.51
CA THR D 176 43.92 -14.00 14.30
C THR D 176 45.28 -14.15 13.61
N PRO D 177 45.36 -14.49 12.32
CA PRO D 177 46.68 -14.63 11.68
C PRO D 177 47.29 -13.27 11.33
N ASP D 178 47.66 -12.52 12.37
CA ASP D 178 48.25 -11.19 12.22
C ASP D 178 49.53 -11.14 13.05
N SER D 179 50.67 -11.38 12.41
CA SER D 179 51.96 -11.35 13.09
C SER D 179 52.59 -9.97 12.99
N GLY D 180 51.91 -9.00 13.60
CA GLY D 180 52.37 -7.63 13.58
C GLY D 180 52.39 -7.03 12.19
N VAL D 181 51.34 -7.28 11.42
CA VAL D 181 51.23 -6.78 10.06
C VAL D 181 50.44 -5.47 9.99
N VAL D 182 49.33 -5.39 10.73
CA VAL D 182 48.51 -4.18 10.73
C VAL D 182 49.15 -3.04 11.52
N CYS D 183 50.17 -3.34 12.32
CA CYS D 183 50.84 -2.30 13.09
C CYS D 183 52.36 -2.47 13.11
N GLY D 184 52.92 -3.33 12.27
CA GLY D 184 54.36 -3.55 12.25
C GLY D 184 54.94 -3.60 10.85
N ARG D 185 54.09 -3.49 9.83
CA ARG D 185 54.51 -3.53 8.44
C ARG D 185 54.08 -2.24 7.74
N MET D 186 54.55 -2.08 6.51
CA MET D 186 54.25 -0.91 5.70
C MET D 186 53.03 -1.08 4.81
N ALA D 187 52.37 -2.24 4.89
CA ALA D 187 51.18 -2.51 4.07
C ALA D 187 50.01 -1.72 4.63
N CYS D 188 49.91 -0.45 4.23
CA CYS D 188 48.84 0.44 4.68
C CYS D 188 48.82 0.53 6.21
N SER D 189 50.00 0.54 6.81
CA SER D 189 50.12 0.62 8.26
C SER D 189 51.52 1.10 8.60
N PRO D 190 51.74 1.66 9.79
CA PRO D 190 53.09 2.09 10.17
C PRO D 190 53.99 0.90 10.46
N THR D 191 55.28 1.12 10.26
CA THR D 191 56.30 0.09 10.52
C THR D 191 56.70 0.14 12.00
N HIS D 192 55.77 -0.28 12.84
CA HIS D 192 55.97 -0.29 14.29
C HIS D 192 56.37 1.09 14.79
N ASP D 193 55.72 2.12 14.27
CA ASP D 193 56.00 3.51 14.64
C ASP D 193 55.14 3.86 15.85
N GLU D 194 55.71 3.77 17.03
CA GLU D 194 54.99 4.10 18.26
C GLU D 194 54.80 5.60 18.44
N HIS D 195 55.50 6.43 17.67
CA HIS D 195 55.39 7.89 17.76
C HIS D 195 54.68 8.47 16.55
N LEU D 196 53.73 7.72 15.98
CA LEU D 196 52.98 8.18 14.80
C LEU D 196 51.86 9.10 15.28
N LEU D 197 52.22 10.33 15.57
CA LEU D 197 51.29 11.36 16.03
C LEU D 197 51.16 12.42 14.94
N HIS D 198 49.97 12.54 14.36
CA HIS D 198 49.71 13.53 13.32
C HIS D 198 49.53 14.88 13.97
N GLY D 199 50.61 15.65 14.04
CA GLY D 199 50.57 16.95 14.66
C GLY D 199 50.46 16.92 16.16
N GLY D 200 50.87 15.83 16.81
CA GLY D 200 50.79 15.69 18.24
C GLY D 200 49.54 15.00 18.74
N GLN D 201 48.63 14.59 17.86
CA GLN D 201 47.40 13.92 18.22
C GLN D 201 47.45 12.44 17.82
N PRO D 202 46.67 11.59 18.48
CA PRO D 202 46.66 10.17 18.11
C PRO D 202 46.05 9.98 16.74
N PRO D 203 45.97 8.73 16.25
CA PRO D 203 45.36 8.48 14.94
C PRO D 203 43.84 8.57 14.99
N GLU D 204 43.31 9.66 15.53
CA GLU D 204 41.87 9.84 15.64
C GLU D 204 41.59 11.33 15.76
N GLY D 205 40.96 11.91 14.75
CA GLY D 205 40.66 13.34 14.79
C GLY D 205 39.69 13.70 15.91
N ASP D 206 38.67 12.87 16.12
CA ASP D 206 37.68 13.12 17.15
C ASP D 206 37.14 11.80 17.70
N PRO D 207 37.36 11.49 18.98
CA PRO D 207 36.78 10.25 19.53
C PRO D 207 35.26 10.21 19.46
N ASP D 208 34.60 11.37 19.46
CA ASP D 208 33.14 11.38 19.40
C ASP D 208 32.61 10.89 18.06
N LEU D 209 33.45 10.83 17.02
CA LEU D 209 33.00 10.34 15.73
C LEU D 209 32.63 8.87 15.76
N ALA D 210 33.17 8.11 16.73
CA ALA D 210 32.80 6.70 16.83
C ALA D 210 31.33 6.53 17.18
N LYS D 211 30.81 7.41 18.04
CA LYS D 211 29.39 7.33 18.39
C LYS D 211 28.51 7.56 17.18
N ILE D 212 28.88 8.53 16.33
CA ILE D 212 28.11 8.79 15.12
C ILE D 212 28.14 7.57 14.20
N LEU D 213 29.30 6.89 14.13
CA LEU D 213 29.40 5.70 13.29
C LEU D 213 28.44 4.61 13.74
N GLU D 214 28.32 4.41 15.06
CA GLU D 214 27.40 3.40 15.56
C GLU D 214 25.96 3.71 15.18
N GLU D 215 25.56 4.97 15.32
CA GLU D 215 24.21 5.37 14.91
C GLU D 215 24.05 5.28 13.41
N VAL D 216 25.07 5.73 12.66
CA VAL D 216 25.01 5.65 11.20
C VAL D 216 25.00 4.20 10.76
N ARG D 217 25.82 3.36 11.39
CA ARG D 217 25.88 1.95 11.03
C ARG D 217 24.54 1.26 11.25
N TYR D 218 23.82 1.64 12.32
CA TYR D 218 22.52 1.05 12.58
C TYR D 218 21.55 1.34 11.44
N ILE D 219 21.56 2.56 10.93
CA ILE D 219 20.70 2.91 9.79
C ILE D 219 21.07 2.07 8.58
N ALA D 220 22.38 1.96 8.30
CA ALA D 220 22.82 1.11 7.20
C ALA D 220 22.54 -0.36 7.49
N ASN D 221 22.73 -0.78 8.76
CA ASN D 221 22.46 -2.17 9.11
C ASN D 221 20.99 -2.51 8.94
N ARG D 222 20.10 -1.59 9.31
CA ARG D 222 18.66 -1.83 9.14
C ARG D 222 18.32 -2.02 7.67
N PHE D 223 18.87 -1.17 6.80
CA PHE D 223 18.66 -1.34 5.37
C PHE D 223 19.28 -2.65 4.88
N ARG D 224 20.47 -3.00 5.40
CA ARG D 224 21.08 -4.27 5.04
C ARG D 224 20.23 -5.44 5.51
N CYS D 225 19.66 -5.33 6.72
CA CYS D 225 18.77 -6.39 7.21
C CYS D 225 17.54 -6.50 6.33
N GLN D 226 16.97 -5.38 5.90
CA GLN D 226 15.83 -5.42 5.00
C GLN D 226 16.22 -6.05 3.66
N ASP D 227 17.39 -5.68 3.14
CA ASP D 227 17.87 -6.31 1.91
C ASP D 227 18.18 -7.78 2.13
N GLU D 228 18.81 -8.10 3.26
CA GLU D 228 19.06 -9.50 3.59
C GLU D 228 17.76 -10.26 3.80
N SER D 229 16.79 -9.64 4.47
CA SER D 229 15.50 -10.28 4.65
C SER D 229 14.75 -10.43 3.33
N GLU D 230 14.98 -9.50 2.39
CA GLU D 230 14.35 -9.62 1.08
C GLU D 230 14.80 -10.89 0.37
N ALA D 231 16.11 -11.19 0.43
CA ALA D 231 16.60 -12.43 -0.16
C ALA D 231 15.99 -13.65 0.55
N VAL D 232 15.93 -13.61 1.88
CA VAL D 232 15.28 -14.68 2.62
C VAL D 232 13.80 -14.73 2.28
N CYS D 233 13.15 -13.56 2.21
CA CYS D 233 11.74 -13.52 1.84
C CYS D 233 11.54 -14.02 0.41
N SER D 234 12.48 -13.70 -0.49
CA SER D 234 12.38 -14.21 -1.85
C SER D 234 12.46 -15.73 -1.88
N GLU D 235 13.36 -16.31 -1.08
CA GLU D 235 13.42 -17.77 -0.99
C GLU D 235 12.16 -18.32 -0.33
N TRP D 236 11.64 -17.62 0.68
CA TRP D 236 10.40 -18.03 1.34
C TRP D 236 9.19 -17.78 0.45
N LYS D 237 9.22 -16.71 -0.35
CA LYS D 237 8.11 -16.41 -1.24
C LYS D 237 7.92 -17.48 -2.31
N PHE D 238 8.98 -18.21 -2.66
CA PHE D 238 8.87 -19.27 -3.66
C PHE D 238 7.99 -20.41 -3.19
N ALA D 239 7.76 -20.53 -1.89
CA ALA D 239 6.90 -21.60 -1.40
C ALA D 239 5.50 -21.49 -1.97
N ALA D 240 4.93 -20.28 -1.97
CA ALA D 240 3.63 -20.07 -2.60
C ALA D 240 3.71 -20.30 -4.10
N CYS D 241 4.76 -19.78 -4.74
CA CYS D 241 4.91 -19.97 -6.19
C CYS D 241 5.08 -21.44 -6.53
N VAL D 242 5.89 -22.16 -5.75
CA VAL D 242 6.11 -23.58 -6.02
C VAL D 242 4.80 -24.34 -5.90
N VAL D 243 4.06 -24.10 -4.82
CA VAL D 243 2.76 -24.73 -4.66
C VAL D 243 1.80 -24.25 -5.73
N ASP D 244 1.79 -22.94 -6.00
CA ASP D 244 0.92 -22.39 -7.03
C ASP D 244 1.28 -22.95 -8.41
N ARG D 245 2.57 -23.03 -8.71
CA ARG D 245 3.01 -23.54 -10.00
C ARG D 245 2.88 -25.06 -10.09
N LEU D 246 3.16 -25.76 -8.99
CA LEU D 246 3.06 -27.22 -9.00
C LEU D 246 1.63 -27.67 -9.24
N CYS D 247 0.66 -26.98 -8.65
CA CYS D 247 -0.74 -27.36 -8.82
C CYS D 247 -1.18 -27.24 -10.27
N LEU D 248 -0.57 -26.36 -11.05
CA LEU D 248 -0.94 -26.23 -12.46
C LEU D 248 -0.64 -27.53 -13.22
N MET D 249 0.53 -28.13 -12.98
CA MET D 249 0.85 -29.37 -13.66
C MET D 249 -0.07 -30.51 -13.24
N ALA D 250 -0.39 -30.58 -11.94
CA ALA D 250 -1.28 -31.64 -11.47
C ALA D 250 -2.70 -31.43 -11.96
N PHE D 251 -3.19 -30.19 -11.93
CA PHE D 251 -4.56 -29.93 -12.35
C PHE D 251 -4.71 -30.00 -13.87
N SER D 252 -3.64 -29.69 -14.61
CA SER D 252 -3.71 -29.76 -16.06
C SER D 252 -4.01 -31.18 -16.54
N VAL D 253 -3.34 -32.17 -15.93
CA VAL D 253 -3.61 -33.56 -16.27
C VAL D 253 -5.04 -33.93 -15.89
N PHE D 254 -5.47 -33.51 -14.70
CA PHE D 254 -6.84 -33.80 -14.26
C PHE D 254 -7.86 -33.15 -15.18
N THR D 255 -7.59 -31.89 -15.59
CA THR D 255 -8.53 -31.21 -16.49
C THR D 255 -8.67 -31.96 -17.81
N ILE D 256 -7.57 -32.45 -18.36
CA ILE D 256 -7.64 -33.23 -19.58
C ILE D 256 -8.43 -34.51 -19.36
N ILE D 257 -8.19 -35.18 -18.22
CA ILE D 257 -8.92 -36.41 -17.91
C ILE D 257 -10.40 -36.11 -17.76
N CYS D 258 -10.74 -35.03 -17.06
CA CYS D 258 -12.14 -34.66 -16.88
C CYS D 258 -12.81 -34.37 -18.22
N THR D 259 -12.12 -33.65 -19.10
CA THR D 259 -12.66 -33.38 -20.42
C THR D 259 -12.84 -34.68 -21.21
N ILE D 260 -11.88 -35.59 -21.10
CA ILE D 260 -12.00 -36.88 -21.79
C ILE D 260 -13.15 -37.69 -21.22
N GLY D 261 -13.40 -37.58 -19.91
CA GLY D 261 -14.46 -38.37 -19.30
C GLY D 261 -15.82 -38.11 -19.90
N ILE D 262 -16.15 -36.84 -20.13
CA ILE D 262 -17.43 -36.51 -20.73
C ILE D 262 -17.48 -36.93 -22.21
N LEU D 263 -16.33 -37.05 -22.86
CA LEU D 263 -16.28 -37.48 -24.25
C LEU D 263 -16.36 -38.99 -24.40
N MET D 264 -16.23 -39.74 -23.30
CA MET D 264 -16.31 -41.20 -23.34
C MET D 264 -17.51 -41.76 -22.58
N SER D 265 -18.05 -41.03 -21.60
CA SER D 265 -19.19 -41.49 -20.85
C SER D 265 -20.51 -41.05 -21.47
N ALA D 266 -20.55 -39.87 -22.06
CA ALA D 266 -21.79 -39.39 -22.67
C ALA D 266 -22.28 -40.30 -23.79
N PRO D 267 -21.45 -40.76 -24.72
CA PRO D 267 -21.96 -41.64 -25.78
C PRO D 267 -22.58 -42.92 -25.26
N ASN D 268 -22.17 -43.40 -24.10
CA ASN D 268 -22.70 -44.64 -23.54
C ASN D 268 -23.88 -44.38 -22.61
N PHE D 269 -23.85 -43.28 -21.85
CA PHE D 269 -24.93 -42.92 -20.95
C PHE D 269 -25.86 -41.88 -21.53
N VAL D 270 -25.33 -40.75 -21.98
CA VAL D 270 -26.15 -39.69 -22.55
C VAL D 270 -26.43 -40.00 -24.02
N LEU E 7 -37.30 -1.02 -33.31
CA LEU E 7 -36.74 -2.31 -32.92
C LEU E 7 -36.64 -2.42 -31.40
N TYR E 8 -37.36 -3.38 -30.83
CA TYR E 8 -37.33 -3.58 -29.39
C TYR E 8 -36.08 -4.32 -28.96
N TYR E 9 -35.87 -5.53 -29.49
CA TYR E 9 -34.69 -6.31 -29.13
C TYR E 9 -33.44 -5.73 -29.77
N GLY E 10 -33.58 -5.06 -30.92
CA GLY E 10 -32.42 -4.49 -31.58
C GLY E 10 -31.87 -3.25 -30.89
N LEU E 11 -32.68 -2.58 -30.09
CA LEU E 11 -32.25 -1.40 -29.35
C LEU E 11 -32.08 -1.66 -27.85
N ASN E 12 -32.35 -2.89 -27.40
CA ASN E 12 -32.20 -3.25 -25.99
C ASN E 12 -31.19 -4.35 -25.75
N LEU E 13 -30.64 -4.97 -26.80
CA LEU E 13 -29.64 -6.01 -26.67
C LEU E 13 -28.34 -5.69 -27.40
N LEU E 14 -28.42 -5.05 -28.57
CA LEU E 14 -27.21 -4.66 -29.27
C LEU E 14 -26.56 -3.42 -28.65
N ILE E 15 -27.36 -2.47 -28.20
CA ILE E 15 -26.81 -1.23 -27.66
C ILE E 15 -25.95 -1.49 -26.42
N PRO E 16 -26.37 -2.31 -25.45
CA PRO E 16 -25.48 -2.58 -24.31
C PRO E 16 -24.13 -3.14 -24.72
N CYS E 17 -24.07 -3.96 -25.78
CA CYS E 17 -22.80 -4.50 -26.22
C CYS E 17 -21.85 -3.40 -26.67
N VAL E 18 -22.39 -2.32 -27.26
CA VAL E 18 -21.54 -1.22 -27.71
C VAL E 18 -20.84 -0.59 -26.52
N LEU E 19 -21.58 -0.32 -25.44
CA LEU E 19 -20.97 0.25 -24.25
C LEU E 19 -20.07 -0.75 -23.54
N ILE E 20 -20.49 -2.03 -23.50
CA ILE E 20 -19.67 -3.05 -22.87
C ILE E 20 -18.35 -3.20 -23.62
N SER E 21 -18.41 -3.24 -24.96
CA SER E 21 -17.18 -3.28 -25.74
C SER E 21 -16.40 -1.97 -25.64
N ALA E 22 -17.12 -0.85 -25.58
CA ALA E 22 -16.44 0.45 -25.44
C ALA E 22 -15.76 0.57 -24.08
N LEU E 23 -16.41 0.06 -23.03
CA LEU E 23 -15.79 0.10 -21.71
C LEU E 23 -14.52 -0.74 -21.65
N ALA E 24 -14.46 -1.83 -22.42
CA ALA E 24 -13.25 -2.63 -22.46
C ALA E 24 -12.09 -1.85 -23.06
N LEU E 25 -12.37 -1.01 -24.07
CA LEU E 25 -11.31 -0.21 -24.67
C LEU E 25 -10.70 0.75 -23.66
N LEU E 26 -11.51 1.24 -22.70
CA LEU E 26 -10.97 2.11 -21.67
C LEU E 26 -9.98 1.37 -20.77
N VAL E 27 -10.20 0.08 -20.54
CA VAL E 27 -9.27 -0.69 -19.72
C VAL E 27 -7.92 -0.80 -20.40
N PHE E 28 -7.90 -0.87 -21.74
CA PHE E 28 -6.65 -1.01 -22.48
C PHE E 28 -5.86 0.29 -22.55
N LEU E 29 -6.42 1.41 -22.11
CA LEU E 29 -5.73 2.69 -22.11
C LEU E 29 -5.11 3.02 -20.75
N LEU E 30 -5.26 2.14 -19.76
CA LEU E 30 -4.71 2.38 -18.44
C LEU E 30 -3.23 2.04 -18.40
N PRO E 31 -2.48 2.61 -17.46
CA PRO E 31 -1.04 2.32 -17.38
C PRO E 31 -0.76 0.94 -16.84
N ALA E 32 0.53 0.57 -16.75
CA ALA E 32 0.93 -0.73 -16.24
C ALA E 32 0.88 -0.82 -14.72
N ASP E 33 0.80 0.30 -14.03
CA ASP E 33 0.74 0.31 -12.57
C ASP E 33 -0.70 0.29 -12.04
N SER E 34 -1.70 0.25 -12.92
CA SER E 34 -3.10 0.25 -12.51
C SER E 34 -3.50 -1.19 -12.21
N GLY E 35 -3.07 -1.66 -11.03
CA GLY E 35 -3.39 -3.00 -10.59
C GLY E 35 -4.77 -3.16 -9.98
N GLU E 36 -5.48 -2.06 -9.75
CA GLU E 36 -6.81 -2.09 -9.14
C GLU E 36 -7.93 -1.99 -10.18
N LYS E 37 -7.61 -2.10 -11.46
CA LYS E 37 -8.60 -2.00 -12.52
C LYS E 37 -9.31 -3.33 -12.78
N ILE E 38 -8.91 -4.41 -12.09
CA ILE E 38 -9.57 -5.70 -12.29
C ILE E 38 -11.02 -5.63 -11.83
N SER E 39 -11.33 -4.74 -10.88
CA SER E 39 -12.69 -4.63 -10.40
C SER E 39 -13.63 -4.18 -11.51
N LEU E 40 -13.18 -3.27 -12.37
CA LEU E 40 -14.03 -2.79 -13.46
C LEU E 40 -14.39 -3.92 -14.41
N GLY E 41 -13.43 -4.81 -14.71
CA GLY E 41 -13.71 -5.91 -15.61
C GLY E 41 -14.69 -6.90 -15.04
N ILE E 42 -14.75 -7.03 -13.71
CA ILE E 42 -15.67 -7.98 -13.09
C ILE E 42 -17.11 -7.50 -13.29
N THR E 43 -17.37 -6.22 -13.06
CA THR E 43 -18.72 -5.70 -13.23
C THR E 43 -19.08 -5.59 -14.71
N VAL E 44 -18.11 -5.26 -15.56
CA VAL E 44 -18.39 -5.15 -16.99
C VAL E 44 -18.75 -6.52 -17.54
N LEU E 45 -18.00 -7.56 -17.17
CA LEU E 45 -18.32 -8.91 -17.63
C LEU E 45 -19.62 -9.41 -17.01
N LEU E 46 -19.86 -9.09 -15.73
CA LEU E 46 -21.08 -9.53 -15.08
C LEU E 46 -22.31 -8.90 -15.73
N SER E 47 -22.23 -7.61 -16.08
CA SER E 47 -23.36 -6.95 -16.72
C SER E 47 -23.69 -7.56 -18.08
N LEU E 48 -22.67 -8.07 -18.79
CA LEU E 48 -22.92 -8.69 -20.08
C LEU E 48 -23.67 -10.01 -19.92
N THR E 49 -23.37 -10.76 -18.85
CA THR E 49 -24.05 -12.02 -18.62
C THR E 49 -25.49 -11.83 -18.17
N VAL E 50 -25.82 -10.69 -17.57
CA VAL E 50 -27.20 -10.44 -17.14
C VAL E 50 -28.13 -10.42 -18.34
N PHE E 51 -27.72 -9.73 -19.40
CA PHE E 51 -28.54 -9.69 -20.61
C PHE E 51 -28.49 -11.01 -21.36
N MET E 52 -27.40 -11.76 -21.23
CA MET E 52 -27.30 -13.06 -21.89
C MET E 52 -28.35 -14.02 -21.36
N LEU E 53 -28.60 -14.00 -20.04
CA LEU E 53 -29.60 -14.89 -19.47
C LEU E 53 -30.98 -14.59 -20.02
N LEU E 54 -31.32 -13.31 -20.18
CA LEU E 54 -32.63 -12.95 -20.71
C LEU E 54 -32.82 -13.49 -22.12
N VAL E 55 -31.79 -13.37 -22.97
CA VAL E 55 -31.88 -13.86 -24.32
C VAL E 55 -31.86 -15.38 -24.38
N ALA E 56 -31.32 -16.03 -23.34
CA ALA E 56 -31.28 -17.50 -23.34
C ALA E 56 -32.68 -18.08 -23.36
N GLU E 57 -33.59 -17.52 -22.56
CA GLU E 57 -34.96 -18.00 -22.55
C GLU E 57 -35.64 -17.76 -23.89
N ILE E 58 -35.39 -16.61 -24.51
CA ILE E 58 -35.99 -16.30 -25.80
C ILE E 58 -35.49 -17.26 -26.87
N MET E 59 -34.22 -17.64 -26.79
CA MET E 59 -33.66 -18.55 -27.79
C MET E 59 -34.35 -19.90 -27.71
N PRO E 60 -34.78 -20.49 -28.82
CA PRO E 60 -35.46 -21.79 -28.75
C PRO E 60 -34.52 -22.87 -28.22
N SER E 61 -35.12 -23.83 -27.50
CA SER E 61 -34.38 -24.94 -26.93
C SER E 61 -34.21 -26.02 -28.00
N THR E 62 -33.24 -25.77 -28.89
CA THR E 62 -32.96 -26.69 -29.98
C THR E 62 -31.91 -27.71 -29.56
N SER E 63 -31.48 -28.55 -30.51
CA SER E 63 -30.49 -29.58 -30.26
C SER E 63 -29.17 -29.31 -30.97
N ASP E 64 -29.23 -28.95 -32.25
CA ASP E 64 -28.01 -28.67 -33.01
C ASP E 64 -28.16 -27.43 -33.91
N SER E 65 -29.08 -26.53 -33.58
CA SER E 65 -29.33 -25.31 -34.34
C SER E 65 -29.15 -24.12 -33.41
N SER E 66 -27.92 -23.63 -33.33
CA SER E 66 -27.62 -22.49 -32.46
C SER E 66 -28.09 -21.20 -33.13
N PRO E 67 -28.95 -20.40 -32.47
CA PRO E 67 -29.37 -19.14 -33.08
C PRO E 67 -28.19 -18.20 -33.31
N SER E 68 -28.29 -17.38 -34.36
CA SER E 68 -27.22 -16.45 -34.68
C SER E 68 -27.02 -15.40 -33.61
N ILE E 69 -28.01 -15.18 -32.73
CA ILE E 69 -27.86 -14.19 -31.68
C ILE E 69 -26.74 -14.58 -30.72
N ALA E 70 -26.59 -15.88 -30.44
CA ALA E 70 -25.53 -16.32 -29.54
C ALA E 70 -24.15 -16.05 -30.12
N GLN E 71 -24.02 -16.03 -31.45
CA GLN E 71 -22.73 -15.76 -32.06
C GLN E 71 -22.24 -14.37 -31.73
N TYR E 72 -23.13 -13.38 -31.75
CA TYR E 72 -22.74 -12.02 -31.43
C TYR E 72 -22.27 -11.91 -29.98
N PHE E 73 -22.98 -12.56 -29.06
CA PHE E 73 -22.58 -12.53 -27.66
C PHE E 73 -21.22 -13.20 -27.45
N ALA E 74 -20.99 -14.32 -28.14
CA ALA E 74 -19.71 -15.01 -28.02
C ALA E 74 -18.57 -14.13 -28.53
N SER E 75 -18.77 -13.46 -29.66
CA SER E 75 -17.74 -12.58 -30.20
C SER E 75 -17.47 -11.42 -29.25
N THR E 76 -18.52 -10.84 -28.67
CA THR E 76 -18.35 -9.75 -27.73
C THR E 76 -17.60 -10.23 -26.48
N MET E 77 -17.93 -11.43 -26.00
CA MET E 77 -17.28 -11.95 -24.81
C MET E 77 -15.80 -12.24 -25.03
N ILE E 78 -15.36 -12.40 -26.28
CA ILE E 78 -13.95 -12.62 -26.55
C ILE E 78 -13.14 -11.37 -26.22
N ILE E 79 -13.63 -10.21 -26.66
CA ILE E 79 -12.93 -8.96 -26.38
C ILE E 79 -12.95 -8.67 -24.88
N VAL E 80 -14.10 -8.83 -24.24
CA VAL E 80 -14.20 -8.62 -22.80
C VAL E 80 -13.46 -9.72 -22.05
N GLY E 81 -13.61 -10.97 -22.50
CA GLY E 81 -12.91 -12.06 -21.84
C GLY E 81 -11.41 -11.92 -21.93
N LEU E 82 -10.91 -11.56 -23.11
CA LEU E 82 -9.47 -11.34 -23.26
C LEU E 82 -9.00 -10.11 -22.50
N SER E 83 -9.87 -9.10 -22.36
CA SER E 83 -9.48 -7.91 -21.62
C SER E 83 -9.19 -8.24 -20.17
N VAL E 84 -9.99 -9.12 -19.56
CA VAL E 84 -9.76 -9.51 -18.17
C VAL E 84 -8.42 -10.21 -18.04
N VAL E 85 -8.04 -11.02 -19.03
CA VAL E 85 -6.76 -11.70 -19.00
C VAL E 85 -5.62 -10.69 -18.98
N VAL E 86 -5.77 -9.58 -19.72
CA VAL E 86 -4.72 -8.56 -19.74
C VAL E 86 -4.54 -7.96 -18.36
N THR E 87 -5.64 -7.72 -17.64
CA THR E 87 -5.53 -7.16 -16.30
C THR E 87 -4.74 -8.06 -15.37
N VAL E 88 -4.79 -9.38 -15.60
CA VAL E 88 -4.02 -10.31 -14.78
C VAL E 88 -2.52 -10.06 -14.97
N ILE E 89 -2.10 -9.84 -16.22
CA ILE E 89 -0.69 -9.56 -16.47
C ILE E 89 -0.27 -8.28 -15.78
N VAL E 90 -1.16 -7.28 -15.77
CA VAL E 90 -0.85 -6.02 -15.09
C VAL E 90 -0.64 -6.25 -13.60
N LEU E 91 -1.44 -7.15 -13.01
CA LEU E 91 -1.30 -7.44 -11.59
C LEU E 91 0.09 -8.02 -11.29
N GLN E 92 0.57 -8.92 -12.15
CA GLN E 92 1.89 -9.50 -11.93
C GLN E 92 2.98 -8.43 -11.96
N TYR E 93 2.90 -7.51 -12.92
CA TYR E 93 3.89 -6.44 -13.01
C TYR E 93 3.60 -5.31 -12.03
N HIS E 94 2.35 -5.15 -11.61
CA HIS E 94 2.02 -4.07 -10.69
C HIS E 94 2.74 -4.24 -9.35
N HIS E 95 2.79 -5.47 -8.84
CA HIS E 95 3.43 -5.73 -7.56
C HIS E 95 4.94 -5.78 -7.65
N HIS E 96 5.51 -5.77 -8.85
CA HIS E 96 6.96 -5.82 -9.07
C HIS E 96 7.63 -6.78 -8.09
N ASP E 97 7.18 -8.03 -8.15
CA ASP E 97 7.73 -9.06 -7.28
C ASP E 97 9.22 -9.24 -7.57
N PRO E 98 10.11 -9.17 -6.54
CA PRO E 98 11.55 -9.41 -6.75
C PRO E 98 11.89 -10.89 -6.90
N ASP E 99 11.15 -11.59 -7.76
CA ASP E 99 11.36 -13.02 -8.01
C ASP E 99 11.65 -13.34 -9.46
N GLY E 100 11.14 -12.57 -10.40
CA GLY E 100 11.38 -12.83 -11.80
C GLY E 100 10.36 -12.09 -12.67
N GLY E 101 10.23 -12.57 -13.90
CA GLY E 101 9.30 -12.01 -14.86
C GLY E 101 9.91 -11.01 -15.82
N LYS E 102 11.11 -10.51 -15.52
CA LYS E 102 11.76 -9.54 -16.39
C LYS E 102 11.99 -10.14 -17.76
N MET E 103 11.61 -9.39 -18.81
CA MET E 103 11.77 -9.88 -20.17
C MET E 103 13.24 -9.86 -20.57
N PRO E 104 13.64 -10.71 -21.53
CA PRO E 104 15.03 -10.70 -21.98
C PRO E 104 15.38 -9.41 -22.71
N LYS E 105 16.68 -9.10 -22.71
CA LYS E 105 17.15 -7.88 -23.36
C LYS E 105 16.80 -7.87 -24.84
N TRP E 106 16.70 -9.05 -25.47
CA TRP E 106 16.36 -9.09 -26.89
C TRP E 106 14.99 -8.47 -27.15
N THR E 107 14.00 -8.78 -26.31
CA THR E 107 12.68 -8.18 -26.45
C THR E 107 12.60 -6.78 -25.87
N ARG E 108 13.50 -6.43 -24.95
CA ARG E 108 13.47 -5.08 -24.36
C ARG E 108 13.74 -4.02 -25.42
N VAL E 109 14.70 -4.29 -26.32
CA VAL E 109 15.03 -3.31 -27.36
C VAL E 109 13.82 -3.07 -28.26
N ILE E 110 13.13 -4.13 -28.65
CA ILE E 110 11.96 -3.99 -29.51
C ILE E 110 10.89 -3.14 -28.83
N LEU E 111 10.63 -3.41 -27.55
CA LEU E 111 9.63 -2.63 -26.83
C LEU E 111 10.05 -1.17 -26.71
N LEU E 112 11.33 -0.92 -26.44
CA LEU E 112 11.80 0.45 -26.32
C LEU E 112 11.64 1.21 -27.63
N ASN E 113 11.96 0.57 -28.76
CA ASN E 113 11.79 1.22 -30.05
C ASN E 113 10.32 1.46 -30.35
N TRP E 114 9.45 0.51 -29.99
CA TRP E 114 8.03 0.69 -30.24
C TRP E 114 7.44 1.81 -29.37
N CYS E 115 7.91 1.91 -28.12
CA CYS E 115 7.40 2.96 -27.25
C CYS E 115 7.74 4.34 -27.79
N ALA E 116 8.96 4.53 -28.28
CA ALA E 116 9.33 5.80 -28.87
C ALA E 116 8.58 6.06 -30.17
N TRP E 117 8.33 5.02 -30.96
CA TRP E 117 7.59 5.19 -32.21
C TRP E 117 6.13 5.53 -31.95
N PHE E 118 5.54 4.96 -30.90
CA PHE E 118 4.14 5.26 -30.60
C PHE E 118 3.94 6.73 -30.29
N LEU E 119 4.83 7.32 -29.49
CA LEU E 119 4.71 8.74 -29.17
C LEU E 119 4.88 9.60 -30.41
N ARG E 120 5.85 9.26 -31.26
CA ARG E 120 6.13 10.00 -32.50
C ARG E 120 6.11 8.98 -33.64
N MET E 121 4.94 8.76 -34.21
CA MET E 121 4.78 7.80 -35.29
C MET E 121 5.35 8.36 -36.59
N LYS E 122 5.45 7.48 -37.59
CA LYS E 122 5.97 7.85 -38.90
C LYS E 122 4.89 8.42 -39.82
N ARG E 123 3.65 8.52 -39.34
CA ARG E 123 2.57 9.05 -40.16
C ARG E 123 2.78 10.54 -40.42
N PRO E 124 2.15 11.09 -41.47
CA PRO E 124 2.33 12.52 -41.76
C PRO E 124 1.88 13.43 -40.63
N GLY E 125 0.94 12.98 -39.79
CA GLY E 125 0.44 13.81 -38.72
C GLY E 125 1.47 14.11 -37.64
N GLU E 126 2.50 13.28 -37.52
CA GLU E 126 3.55 13.46 -36.53
C GLU E 126 4.89 13.87 -37.14
N ASP E 127 5.26 13.30 -38.28
CA ASP E 127 6.53 13.64 -38.90
C ASP E 127 6.49 15.02 -39.56
N LYS E 128 5.31 15.46 -39.98
CA LYS E 128 5.20 16.77 -40.65
C LYS E 128 5.09 17.90 -39.65
N VAL E 129 4.35 17.69 -38.56
CA VAL E 129 4.14 18.74 -37.54
C VAL E 129 5.30 18.60 -36.55
N ARG E 130 6.42 19.24 -36.89
CA ARG E 130 7.60 19.25 -36.05
C ARG E 130 8.65 20.14 -36.72
N PRO E 131 9.68 20.57 -35.96
CA PRO E 131 10.73 21.38 -36.58
C PRO E 131 11.57 20.60 -37.57
N ALA E 132 11.43 20.91 -38.86
CA ALA E 132 12.16 20.22 -39.91
C ALA E 132 12.52 21.21 -41.00
N CYS E 133 13.80 21.25 -41.36
CA CYS E 133 14.30 22.16 -42.39
C CYS E 133 15.65 21.65 -42.87
N GLN E 134 16.30 22.42 -43.73
CA GLN E 134 17.61 22.08 -44.26
C GLN E 134 18.74 22.54 -43.35
N HIS E 135 18.44 23.16 -42.22
CA HIS E 135 19.45 23.64 -41.29
C HIS E 135 19.97 22.46 -40.46
N LYS E 136 20.71 22.77 -39.39
CA LYS E 136 21.31 21.72 -38.56
C LYS E 136 20.28 20.86 -37.86
N GLN E 137 19.02 21.27 -37.83
CA GLN E 137 18.00 20.47 -37.15
C GLN E 137 17.89 19.07 -37.76
N ARG E 138 18.17 18.93 -39.04
CA ARG E 138 18.09 17.65 -39.76
C ARG E 138 19.39 17.37 -40.50
N ARG E 139 20.52 17.63 -39.86
CA ARG E 139 21.84 17.38 -40.44
C ARG E 139 22.48 16.16 -39.80
N CYS E 140 23.51 15.65 -40.46
CA CYS E 140 24.25 14.49 -39.99
C CYS E 140 25.66 14.90 -39.58
N SER E 141 26.09 14.42 -38.41
CA SER E 141 27.40 14.73 -37.88
C SER E 141 27.86 13.57 -37.00
N LEU E 142 28.97 13.77 -36.29
CA LEU E 142 29.49 12.72 -35.42
C LEU E 142 28.59 12.49 -34.22
N ALA E 143 27.96 13.54 -33.70
CA ALA E 143 27.09 13.39 -32.54
C ALA E 143 25.90 12.51 -32.87
N SER E 144 25.28 12.71 -34.03
CA SER E 144 24.13 11.89 -34.41
C SER E 144 24.56 10.46 -34.74
N VAL E 145 25.65 10.30 -35.48
CA VAL E 145 26.14 8.99 -35.87
C VAL E 145 27.14 8.57 -34.79
N GLU E 146 26.67 7.79 -33.82
CA GLU E 146 27.47 7.31 -32.71
C GLU E 146 27.59 5.79 -32.75
N MET E 147 27.64 5.23 -33.96
CA MET E 147 27.79 3.78 -34.11
C MET E 147 29.19 3.28 -33.81
N SER E 148 30.18 4.18 -33.76
CA SER E 148 31.56 3.83 -33.48
C SER E 148 31.97 4.25 -32.06
N ALA E 149 31.04 4.14 -31.12
CA ALA E 149 31.27 4.51 -29.72
C ALA E 149 31.71 5.97 -29.63
N VAL E 150 30.94 6.85 -30.27
CA VAL E 150 31.22 8.28 -30.24
C VAL E 150 30.52 8.89 -29.04
N ALA E 151 31.05 10.01 -28.58
CA ALA E 151 30.48 10.68 -27.42
C ALA E 151 29.07 11.15 -27.73
N PRO E 152 28.07 10.82 -26.92
CA PRO E 152 26.70 11.26 -27.20
C PRO E 152 26.52 12.72 -26.84
N PRO E 153 25.38 13.32 -27.20
CA PRO E 153 25.16 14.72 -26.88
C PRO E 153 25.15 14.93 -25.38
N PRO E 154 25.58 16.11 -24.90
CA PRO E 154 25.57 16.36 -23.46
C PRO E 154 24.16 16.55 -22.91
N ALA E 155 23.46 15.45 -22.66
CA ALA E 155 22.10 15.48 -22.14
C ALA E 155 22.04 14.75 -20.80
N SER E 156 21.03 15.10 -20.02
CA SER E 156 20.83 14.52 -18.69
C SER E 156 19.96 13.27 -18.73
N ASN E 157 19.54 12.82 -19.91
CA ASN E 157 18.71 11.63 -20.03
C ASN E 157 19.49 10.33 -19.90
N GLY E 158 20.82 10.40 -19.83
CA GLY E 158 21.65 9.22 -19.71
C GLY E 158 22.66 9.09 -20.82
N ASN E 159 23.00 10.22 -21.45
CA ASN E 159 23.99 10.20 -22.52
C ASN E 159 25.41 10.20 -21.97
N LEU E 160 25.76 11.22 -21.19
CA LEU E 160 27.08 11.31 -20.58
C LEU E 160 27.09 10.92 -19.11
N LEU E 161 25.92 10.68 -18.51
CA LEU E 161 25.88 10.29 -17.10
C LEU E 161 26.18 8.80 -16.94
N TYR E 162 25.52 7.95 -17.73
CA TYR E 162 25.79 6.52 -17.66
C TYR E 162 27.12 6.16 -18.31
N ILE E 163 27.44 6.81 -19.43
CA ILE E 163 28.70 6.53 -20.12
C ILE E 163 29.87 7.14 -19.34
N GLY E 164 29.66 8.28 -18.69
CA GLY E 164 30.73 8.92 -17.95
C GLY E 164 31.07 8.26 -16.63
N PHE E 165 30.14 7.50 -16.06
CA PHE E 165 30.36 6.80 -14.80
C PHE E 165 30.77 5.35 -14.99
N ARG E 166 30.05 4.62 -15.85
CA ARG E 166 30.35 3.23 -16.14
C ARG E 166 30.97 3.01 -17.51
N GLY E 167 30.59 3.79 -18.51
CA GLY E 167 31.15 3.62 -19.84
C GLY E 167 32.65 3.86 -19.88
N LEU E 168 33.14 4.82 -19.09
CA LEU E 168 34.56 5.16 -19.06
C LEU E 168 35.29 4.16 -18.18
N ASP E 169 35.40 2.93 -18.69
CA ASP E 169 36.06 1.84 -17.98
C ASP E 169 37.56 1.94 -18.26
N GLY E 170 38.24 2.76 -17.45
CA GLY E 170 39.68 2.94 -17.60
C GLY E 170 40.09 4.39 -17.61
N VAL E 171 39.13 5.31 -17.46
CA VAL E 171 39.39 6.74 -17.42
C VAL E 171 38.84 7.37 -16.15
N HIS E 172 37.54 7.18 -15.89
CA HIS E 172 36.92 7.77 -14.71
C HIS E 172 37.25 6.96 -13.46
N CYS E 173 36.84 5.68 -13.43
CA CYS E 173 37.11 4.85 -12.27
C CYS E 173 38.60 4.67 -12.05
N VAL E 174 39.34 4.43 -13.12
CA VAL E 174 40.79 4.25 -13.08
C VAL E 174 41.43 5.32 -13.95
N PRO E 175 41.90 6.42 -13.35
CA PRO E 175 42.53 7.47 -14.15
C PRO E 175 43.87 7.03 -14.72
N THR E 176 43.84 6.14 -15.70
CA THR E 176 45.08 5.68 -16.33
C THR E 176 45.83 6.82 -17.00
N PRO E 177 45.22 7.70 -17.79
CA PRO E 177 45.98 8.80 -18.42
C PRO E 177 46.25 9.93 -17.44
N ASP E 178 47.11 9.65 -16.46
CA ASP E 178 47.47 10.62 -15.42
C ASP E 178 49.00 10.65 -15.32
N SER E 179 49.61 11.61 -15.99
CA SER E 179 51.06 11.78 -15.97
C SER E 179 51.48 12.73 -14.85
N GLY E 180 51.18 12.32 -13.63
CA GLY E 180 51.50 13.14 -12.47
C GLY E 180 50.74 14.45 -12.43
N VAL E 181 49.44 14.42 -12.74
CA VAL E 181 48.61 15.60 -12.75
C VAL E 181 47.87 15.79 -11.42
N VAL E 182 47.35 14.70 -10.86
CA VAL E 182 46.63 14.78 -9.59
C VAL E 182 47.56 14.98 -8.40
N CYS E 183 48.87 14.79 -8.59
CA CYS E 183 49.82 14.98 -7.50
C CYS E 183 51.10 15.67 -7.95
N GLY E 184 51.14 16.23 -9.16
CA GLY E 184 52.33 16.88 -9.65
C GLY E 184 52.05 18.22 -10.33
N ARG E 185 50.79 18.59 -10.43
CA ARG E 185 50.37 19.84 -11.06
C ARG E 185 49.60 20.69 -10.06
N MET E 186 49.38 21.95 -10.44
CA MET E 186 48.66 22.90 -9.61
C MET E 186 47.16 22.87 -9.84
N ALA E 187 46.67 22.02 -10.74
CA ALA E 187 45.24 21.95 -11.02
C ALA E 187 44.51 21.23 -9.90
N CYS E 188 44.13 21.98 -8.85
CA CYS E 188 43.43 21.42 -7.70
C CYS E 188 44.24 20.29 -7.07
N SER E 189 45.55 20.44 -7.07
CA SER E 189 46.45 19.44 -6.49
C SER E 189 47.78 20.12 -6.21
N PRO E 190 48.59 19.54 -5.31
CA PRO E 190 49.92 20.12 -5.05
C PRO E 190 50.86 19.89 -6.21
N THR E 191 51.84 20.78 -6.34
CA THR E 191 52.86 20.70 -7.39
C THR E 191 54.00 19.80 -6.90
N HIS E 192 53.68 18.51 -6.78
CA HIS E 192 54.65 17.51 -6.32
C HIS E 192 55.24 17.90 -4.97
N ASP E 193 54.39 18.40 -4.07
CA ASP E 193 54.81 18.82 -2.73
C ASP E 193 54.72 17.62 -1.81
N GLU E 194 55.87 17.01 -1.51
CA GLU E 194 55.91 15.86 -0.61
C GLU E 194 55.78 16.25 0.86
N HIS E 195 55.91 17.53 1.18
CA HIS E 195 55.80 18.01 2.56
C HIS E 195 54.52 18.81 2.78
N LEU E 196 53.44 18.43 2.08
CA LEU E 196 52.16 19.13 2.19
C LEU E 196 51.43 18.59 3.42
N LEU E 197 51.84 19.08 4.58
CA LEU E 197 51.25 18.71 5.86
C LEU E 197 50.51 19.91 6.44
N HIS E 198 49.22 19.73 6.73
CA HIS E 198 48.40 20.81 7.29
C HIS E 198 48.57 20.79 8.80
N GLY E 199 49.50 21.61 9.30
CA GLY E 199 49.77 21.66 10.71
C GLY E 199 50.48 20.46 11.27
N GLY E 200 51.20 19.71 10.42
CA GLY E 200 51.91 18.52 10.84
C GLY E 200 51.16 17.23 10.62
N GLN E 201 49.95 17.28 10.07
CA GLN E 201 49.13 16.10 9.83
C GLN E 201 49.03 15.82 8.33
N PRO E 202 48.77 14.58 7.95
CA PRO E 202 48.63 14.28 6.51
C PRO E 202 47.37 14.91 5.94
N PRO E 203 47.09 14.71 4.65
CA PRO E 203 45.86 15.27 4.07
C PRO E 203 44.62 14.49 4.48
N GLU E 204 44.44 14.27 5.78
CA GLU E 204 43.28 13.52 6.28
C GLU E 204 43.09 13.90 7.74
N GLY E 205 41.99 14.59 8.03
CA GLY E 205 41.72 14.99 9.40
C GLY E 205 41.51 13.81 10.32
N ASP E 206 40.78 12.80 9.85
CA ASP E 206 40.49 11.62 10.66
C ASP E 206 40.36 10.40 9.76
N PRO E 207 41.26 9.41 9.87
CA PRO E 207 41.10 8.20 9.05
C PRO E 207 39.80 7.46 9.29
N ASP E 208 39.22 7.60 10.50
CA ASP E 208 37.97 6.92 10.80
C ASP E 208 36.80 7.44 9.98
N LEU E 209 36.93 8.63 9.39
CA LEU E 209 35.85 9.18 8.57
C LEU E 209 35.62 8.36 7.31
N ALA E 210 36.62 7.59 6.87
CA ALA E 210 36.42 6.75 5.69
C ALA E 210 35.39 5.67 5.94
N LYS E 211 35.38 5.10 7.16
CA LYS E 211 34.40 4.08 7.48
C LYS E 211 32.98 4.65 7.42
N ILE E 212 32.79 5.86 7.92
CA ILE E 212 31.48 6.50 7.86
C ILE E 212 31.05 6.70 6.42
N LEU E 213 31.99 7.06 5.55
CA LEU E 213 31.67 7.26 4.14
C LEU E 213 31.15 5.98 3.51
N GLU E 214 31.79 4.84 3.82
CA GLU E 214 31.33 3.57 3.26
C GLU E 214 29.91 3.25 3.70
N GLU E 215 29.60 3.46 4.98
CA GLU E 215 28.23 3.25 5.46
C GLU E 215 27.28 4.27 4.86
N VAL E 216 27.70 5.53 4.79
CA VAL E 216 26.85 6.57 4.19
C VAL E 216 26.67 6.30 2.70
N ARG E 217 27.74 5.89 2.02
CA ARG E 217 27.63 5.61 0.58
C ARG E 217 26.66 4.46 0.32
N TYR E 218 26.63 3.46 1.19
CA TYR E 218 25.69 2.35 1.01
C TYR E 218 24.24 2.85 1.05
N ILE E 219 23.95 3.76 1.98
CA ILE E 219 22.59 4.31 2.05
C ILE E 219 22.27 5.07 0.78
N ALA E 220 23.21 5.89 0.30
CA ALA E 220 22.99 6.59 -0.96
C ALA E 220 22.99 5.63 -2.14
N ASN E 221 23.84 4.61 -2.10
CA ASN E 221 23.87 3.62 -3.17
C ASN E 221 22.55 2.85 -3.24
N ARG E 222 21.98 2.51 -2.09
CA ARG E 222 20.70 1.80 -2.08
C ARG E 222 19.62 2.66 -2.72
N PHE E 223 19.57 3.95 -2.37
CA PHE E 223 18.63 4.86 -3.02
C PHE E 223 18.92 4.99 -4.51
N ARG E 224 20.21 5.07 -4.86
CA ARG E 224 20.57 5.11 -6.28
C ARG E 224 20.15 3.83 -7.00
N CYS E 225 20.33 2.68 -6.35
CA CYS E 225 19.89 1.43 -6.94
C CYS E 225 18.38 1.41 -7.14
N GLN E 226 17.63 1.92 -6.15
CA GLN E 226 16.18 2.01 -6.31
C GLN E 226 15.81 2.96 -7.44
N ASP E 227 16.50 4.09 -7.52
CA ASP E 227 16.27 5.01 -8.64
C ASP E 227 16.66 4.38 -9.96
N GLU E 228 17.81 3.69 -9.99
CA GLU E 228 18.21 2.96 -11.19
C GLU E 228 17.24 1.83 -11.49
N SER E 229 16.78 1.13 -10.45
CA SER E 229 15.80 0.07 -10.66
C SER E 229 14.48 0.62 -11.18
N GLU E 230 14.09 1.81 -10.73
CA GLU E 230 12.86 2.42 -11.23
C GLU E 230 12.94 2.68 -12.72
N ALA E 231 14.10 3.19 -13.19
CA ALA E 231 14.28 3.39 -14.62
C ALA E 231 14.23 2.07 -15.36
N VAL E 232 14.89 1.03 -14.83
CA VAL E 232 14.82 -0.30 -15.42
C VAL E 232 13.39 -0.83 -15.33
N CYS E 233 12.74 -0.63 -14.20
CA CYS E 233 11.35 -1.07 -14.05
C CYS E 233 10.42 -0.30 -14.98
N SER E 234 10.71 0.98 -15.21
CA SER E 234 9.89 1.76 -16.15
C SER E 234 9.98 1.17 -17.55
N GLU E 235 11.18 0.79 -17.98
CA GLU E 235 11.32 0.13 -19.28
C GLU E 235 10.64 -1.23 -19.28
N TRP E 236 10.73 -1.97 -18.16
CA TRP E 236 10.06 -3.25 -18.05
C TRP E 236 8.55 -3.09 -17.88
N LYS E 237 8.12 -2.02 -17.21
CA LYS E 237 6.69 -1.77 -17.02
C LYS E 237 5.99 -1.52 -18.35
N PHE E 238 6.71 -1.02 -19.36
CA PHE E 238 6.09 -0.77 -20.66
C PHE E 238 5.65 -2.05 -21.34
N ALA E 239 6.16 -3.21 -20.93
CA ALA E 239 5.75 -4.46 -21.53
C ALA E 239 4.25 -4.69 -21.37
N ALA E 240 3.74 -4.46 -20.16
CA ALA E 240 2.29 -4.56 -19.95
C ALA E 240 1.55 -3.48 -20.72
N CYS E 241 2.07 -2.24 -20.69
CA CYS E 241 1.41 -1.16 -21.42
C CYS E 241 1.43 -1.41 -22.93
N VAL E 242 2.55 -1.89 -23.46
CA VAL E 242 2.64 -2.17 -24.89
C VAL E 242 1.65 -3.25 -25.28
N VAL E 243 1.61 -4.35 -24.51
CA VAL E 243 0.63 -5.39 -24.77
C VAL E 243 -0.79 -4.87 -24.53
N ASP E 244 -0.97 -4.13 -23.43
CA ASP E 244 -2.30 -3.58 -23.14
C ASP E 244 -2.73 -2.58 -24.20
N ARG E 245 -1.81 -1.72 -24.64
CA ARG E 245 -2.15 -0.72 -25.66
C ARG E 245 -2.25 -1.34 -27.04
N LEU E 246 -1.39 -2.31 -27.35
CA LEU E 246 -1.43 -2.94 -28.68
C LEU E 246 -2.75 -3.69 -28.88
N CYS E 247 -3.25 -4.35 -27.83
CA CYS E 247 -4.48 -5.10 -27.96
C CYS E 247 -5.66 -4.19 -28.29
N LEU E 248 -5.59 -2.92 -27.90
CA LEU E 248 -6.67 -1.99 -28.22
C LEU E 248 -6.81 -1.80 -29.73
N MET E 249 -5.68 -1.63 -30.42
CA MET E 249 -5.74 -1.45 -31.87
C MET E 249 -6.23 -2.72 -32.56
N ALA E 250 -5.77 -3.89 -32.12
CA ALA E 250 -6.19 -5.14 -32.73
C ALA E 250 -7.67 -5.42 -32.45
N PHE E 251 -8.10 -5.21 -31.21
CA PHE E 251 -9.50 -5.46 -30.86
C PHE E 251 -10.41 -4.40 -31.46
N SER E 252 -9.91 -3.19 -31.68
CA SER E 252 -10.74 -2.15 -32.27
C SER E 252 -11.20 -2.54 -33.66
N VAL E 253 -10.31 -3.09 -34.48
CA VAL E 253 -10.68 -3.56 -35.80
C VAL E 253 -11.66 -4.72 -35.69
N PHE E 254 -11.40 -5.66 -34.78
CA PHE E 254 -12.30 -6.79 -34.59
C PHE E 254 -13.68 -6.32 -34.12
N THR E 255 -13.71 -5.36 -33.20
CA THR E 255 -14.99 -4.86 -32.71
C THR E 255 -15.83 -4.27 -33.83
N ILE E 256 -15.20 -3.49 -34.72
CA ILE E 256 -15.91 -2.94 -35.86
C ILE E 256 -16.40 -4.06 -36.77
N ILE E 257 -15.55 -5.05 -37.01
CA ILE E 257 -15.95 -6.18 -37.86
C ILE E 257 -17.11 -6.93 -37.23
N CYS E 258 -17.04 -7.18 -35.91
CA CYS E 258 -18.13 -7.88 -35.24
C CYS E 258 -19.43 -7.10 -35.33
N THR E 259 -19.37 -5.78 -35.15
CA THR E 259 -20.58 -4.96 -35.28
C THR E 259 -21.12 -5.01 -36.70
N ILE E 260 -20.22 -4.98 -37.69
CA ILE E 260 -20.66 -5.05 -39.08
C ILE E 260 -21.28 -6.41 -39.39
N GLY E 261 -20.82 -7.46 -38.70
CA GLY E 261 -21.33 -8.79 -38.98
C GLY E 261 -22.83 -8.90 -38.73
N ILE E 262 -23.30 -8.34 -37.60
CA ILE E 262 -24.73 -8.39 -37.31
C ILE E 262 -25.51 -7.47 -38.24
N LEU E 263 -24.87 -6.45 -38.80
CA LEU E 263 -25.54 -5.54 -39.73
C LEU E 263 -25.62 -6.09 -41.15
N MET E 264 -24.91 -7.17 -41.45
CA MET E 264 -24.92 -7.78 -42.77
C MET E 264 -25.50 -9.19 -42.78
N SER E 265 -25.45 -9.91 -41.66
CA SER E 265 -25.99 -11.26 -41.59
C SER E 265 -27.43 -11.29 -41.15
N ALA E 266 -27.84 -10.38 -40.26
CA ALA E 266 -29.22 -10.35 -39.79
C ALA E 266 -30.22 -10.15 -40.92
N PRO E 267 -30.02 -9.22 -41.85
CA PRO E 267 -31.01 -9.05 -42.93
C PRO E 267 -31.20 -10.30 -43.78
N ASN E 268 -30.18 -11.15 -43.87
CA ASN E 268 -30.27 -12.36 -44.68
C ASN E 268 -30.77 -13.56 -43.86
N PHE E 269 -30.38 -13.65 -42.60
CA PHE E 269 -30.80 -14.74 -41.72
C PHE E 269 -31.94 -14.33 -40.80
N VAL E 270 -31.76 -13.26 -40.03
CA VAL E 270 -32.80 -12.79 -39.12
C VAL E 270 -33.82 -11.96 -39.88
C1 IVM F . -24.68 6.63 -29.91
O1 IVM F . -25.84 5.72 -25.82
C2 IVM F . -25.54 5.69 -29.02
O2 IVM F . -31.98 5.41 -29.46
C3 IVM F . -24.69 5.17 -27.84
O3 IVM F . -31.12 4.96 -33.73
C4 IVM F . -25.20 3.79 -27.42
O4 IVM F . -33.85 4.30 -33.51
C5 IVM F . -24.80 6.14 -26.67
O5 IVM F . -32.34 3.97 -37.55
C6 IVM F . -26.19 6.71 -24.86
O6 IVM F . -33.62 1.51 -37.02
C7 IVM F . -24.94 7.44 -24.36
O7 IVM F . -35.56 3.81 -34.97
C8 IVM F . -23.71 6.53 -24.44
O8 IVM F . -33.40 6.65 -30.76
C9 IVM F . -23.46 6.16 -25.91
O9 IVM F . -31.65 0.19 -22.03
C10 IVM F . -22.54 7.19 -26.54
O10 IVM F . -29.94 0.22 -20.13
C11 IVM F . -26.79 5.70 -23.80
O11 IVM F . -26.79 2.66 -23.57
C12 IVM F . -27.95 4.86 -24.42
O12 IVM F . -28.57 4.08 -23.42
C13 IVM F . -28.94 5.80 -25.03
O13 IVM F . -28.98 0.50 -24.31
C14 IVM F . -28.24 6.58 -26.13
O14 IVM F . -27.24 7.38 -25.59
C15 IVM F . -29.27 7.50 -26.85
C16 IVM F . -30.29 6.66 -27.68
C17 IVM F . -31.62 6.53 -27.33
C18 IVM F . -32.21 7.24 -26.09
C19 IVM F . -32.57 5.67 -28.20
C20 IVM F . -32.08 6.46 -30.38
C21 IVM F . -31.15 6.17 -31.63
C22 IVM F . -31.79 5.03 -32.51
C23 IVM F . -29.76 4.56 -33.63
C24 IVM F . -33.24 5.37 -32.77
C25 IVM F . -34.58 4.77 -34.59
C26 IVM F . -33.62 5.06 -35.79
C27 IVM F . -33.04 3.73 -36.34
C28 IVM F . -31.09 4.61 -37.39
C29 IVM F . -34.16 2.77 -36.60
C30 IVM F . -34.97 2.58 -35.35
C31 IVM F . -36.08 1.54 -35.62
C32 IVM F . -33.92 5.53 -31.43
C33 IVM F . -35.45 5.73 -31.63
C34 IVM F . -32.88 4.37 -27.48
C35 IVM F . -33.56 3.38 -28.43
C36 IVM F . -31.57 3.73 -26.96
C37 IVM F . -31.76 3.11 -25.55
C38 IVM F . -30.54 2.29 -25.06
C39 IVM F . -30.63 1.97 -23.53
C40 IVM F . -32.03 1.26 -23.22
C41 IVM F . -30.26 -0.16 -22.40
C42 IVM F . -29.58 -0.61 -21.19
C43 IVM F . -27.99 -0.56 -21.37
C44 IVM F . -27.46 0.73 -21.88
C45 IVM F . -28.54 1.74 -22.31
C46 IVM F . -27.88 2.84 -23.14
C47 IVM F . -29.60 1.00 -23.13
C48 IVM F . -27.06 -1.57 -20.65
H1 IVM F . -25.25 6.91 -30.80
H1A IVM F . -23.77 6.11 -30.20
H1B IVM F . -24.42 7.52 -29.34
H2 IVM F . -25.88 4.85 -29.62
H2A IVM F . -26.40 6.24 -28.64
H3 IVM F . -23.65 5.10 -28.15
H4 IVM F . -24.88 3.05 -28.16
H4A IVM F . -26.29 3.80 -27.37
H4B IVM F . -24.80 3.54 -26.44
H5 IVM F . -25.02 7.15 -27.04
HO6 IVM F . -33.30 1.58 -37.91
H7 IVM F . -25.10 7.75 -23.33
H7A IVM F . -24.80 8.34 -24.95
H8 IVM F . -23.87 5.63 -23.86
H8A IVM F . -22.84 7.07 -24.06
H9 IVM F . -23.00 5.18 -25.96
H10 IVM F . -21.55 7.14 -26.07
H10A IVM F . -22.94 8.19 -26.40
H10B IVM F . -22.43 6.99 -27.61
HO10 IVM F . -30.76 -0.10 -19.74
H11 IVM F . -27.18 6.25 -22.95
H11A IVM F . -26.00 5.02 -23.46
H12 IVM F . -27.55 4.21 -25.19
H13 IVM F . -29.33 6.49 -24.27
H13A IVM F . -29.76 5.23 -25.46
HO13 IVM F . -28.61 -0.35 -24.13
H14 IVM F . -27.83 5.88 -26.85
H15 IVM F . -28.73 8.16 -27.54
H15A IVM F . -29.78 8.13 -26.13
H16 IVM F . -29.93 6.13 -28.57
H18 IVM F . -31.93 8.12 -26.67
H18A IVM F . -31.76 7.86 -25.31
H18B IVM F . -31.61 6.49 -25.59
H19 IVM F . -33.50 6.22 -28.35
H20 IVM F . -31.73 7.37 -29.91
H21 IVM F . -30.17 5.84 -31.28
H21A IVM F . -31.05 7.08 -32.22
H22 IVM F . -31.73 4.08 -32.00
H23 IVM F . -29.45 4.08 -34.56
H23A IVM F . -29.65 3.85 -32.80
H23B IVM F . -29.14 5.43 -33.45
H24 IVM F . -33.30 6.31 -33.31
H25 IVM F . -35.09 5.69 -34.32
H26 IVM F . -32.79 5.71 -35.46
H26A IVM F . -34.17 5.56 -36.59
H27 IVM F . -32.37 3.30 -35.60
H28 IVM F . -30.52 4.52 -38.31
H28A IVM F . -30.54 4.14 -36.58
H28B IVM F . -31.24 5.67 -37.16
H29 IVM F . -34.80 3.18 -37.40
H30 IVM F . -34.33 2.22 -34.55
H31 IVM F . -35.64 0.57 -35.74
H31A IVM F . -36.63 1.83 -36.52
H31B IVM F . -36.77 1.52 -34.77
H32 IVM F . -33.75 4.63 -30.84
H33 IVM F . -35.87 4.84 -32.10
H33A IVM F . -35.61 6.59 -32.27
H33B IVM F . -35.92 5.88 -30.67
H34 IVM F . -33.53 4.56 -26.63
H35 IVM F . -33.81 2.47 -27.89
H35A IVM F . -32.89 3.14 -29.26
H35B IVM F . -34.48 3.83 -28.81
H36 IVM F . -31.24 2.96 -27.65
H37 IVM F . -32.65 2.48 -25.54
H38 IVM F . -29.63 2.85 -25.26
H40 IVM F . -32.76 1.99 -22.87
H40A IVM F . -32.41 0.75 -24.10
H41 IVM F . -30.31 -1.00 -23.09
H42 IVM F . -29.89 -1.63 -20.97
H44 IVM F . -26.45 1.06 -21.63
H45 IVM F . -29.01 2.18 -21.42
H48 IVM F . -26.11 -1.65 -21.18
H48A IVM F . -27.54 -2.55 -20.62
H48B IVM F . -26.88 -1.23 -19.62
C1 IVM G . -37.34 12.80 0.22
O1 IVM G . -35.96 8.76 1.14
C2 IVM G . -37.49 11.30 -0.09
O2 IVM G . -43.04 8.20 0.66
C3 IVM G . -36.09 10.68 -0.29
O3 IVM G . -44.62 11.67 -1.51
C4 IVM G . -36.17 9.55 -1.33
O4 IVM G . -46.76 9.83 -1.48
C5 IVM G . -35.58 10.12 1.04
O5 IVM G . -47.70 13.48 -3.61
C6 IVM G . -35.76 8.25 2.46
O6 IVM G . -48.39 11.39 -5.37
C7 IVM G . -34.48 8.81 3.06
O7 IVM G . -48.98 9.85 -2.12
C8 IVM G . -33.45 9.16 1.97
O8 IVM G . -44.98 8.99 1.57
C9 IVM G . -34.05 10.26 1.08
O9 IVM G . -38.42 0.67 -1.43
C10 IVM G . -33.68 11.62 1.64
O10 IVM G . -35.97 0.10 -1.23
C11 IVM G . -35.63 6.73 2.01
O11 IVM G . -35.40 5.37 -0.70
C12 IVM G . -36.90 6.26 1.24
O12 IVM G . -36.84 4.88 0.99
C13 IVM G . -38.12 6.59 2.08
O13 IVM G . -37.50 3.91 -2.54
C14 IVM G . -38.16 8.09 2.27
O14 IVM G . -37.06 8.53 3.01
C15 IVM G . -39.46 8.49 3.05
C16 IVM G . -40.73 8.24 2.16
C17 IVM G . -41.64 7.24 2.42
C18 IVM G . -41.50 6.28 3.63
C19 IVM G . -42.86 7.06 1.49
C20 IVM G . -43.65 9.29 1.30
C21 IVM G . -43.55 10.57 0.37
C22 IVM G . -44.53 10.44 -0.86
C23 IVM G . -43.41 12.11 -2.11
C24 IVM G . -45.89 10.03 -0.36
C25 IVM G . -47.98 10.48 -1.30
C26 IVM G . -47.84 11.99 -1.70
C27 IVM G . -47.61 12.12 -3.23
C28 IVM G . -46.58 14.27 -3.24
C29 IVM G . -48.66 11.34 -3.96
C30 IVM G . -48.64 9.91 -3.49
C31 IVM G . -49.68 9.11 -4.30
C32 IVM G . -45.74 8.76 0.41
C33 IVM G . -47.13 8.22 0.82
C34 IVM G . -42.67 5.82 0.63
C35 IVM G . -43.77 5.75 -0.45
C36 IVM G . -41.30 5.84 -0.03
C37 IVM G . -40.65 4.44 -0.07
C38 IVM G . -39.31 4.38 -0.87
C39 IVM G . -38.52 3.07 -0.60
C40 IVM G . -39.46 1.79 -0.83
C41 IVM G . -37.51 1.53 -2.21
C42 IVM G . -36.25 0.82 -2.38
C43 IVM G . -35.03 1.84 -2.69
C44 IVM G . -34.93 2.99 -1.76
C45 IVM G . -36.10 3.13 -0.77
C46 IVM G . -36.07 4.54 -0.18
C47 IVM G . -37.40 2.91 -1.54
C48 IVM G . -33.82 1.39 -3.54
H1 IVM G . -38.34 13.26 0.26
H1A IVM G . -36.75 13.29 -0.56
H1B IVM G . -36.85 12.93 1.18
H2 IVM G . -38.06 11.17 -1.00
H2A IVM G . -37.99 10.80 0.73
H3 IVM G . -35.40 11.44 -0.65
H4 IVM G . -35.28 8.93 -1.26
H4A IVM G . -36.24 9.98 -2.32
H4B IVM G . -37.06 8.95 -1.13
H5 IVM G . -36.02 10.68 1.86
HO6 IVM G . -48.60 12.25 -5.70
H7 IVM G . -34.05 8.07 3.74
H7A IVM G . -34.72 9.69 3.66
H8 IVM G . -33.23 8.28 1.37
H8A IVM G . -32.54 9.53 2.44
H9 IVM G . -33.64 10.16 0.08
H10 IVM G . -32.59 11.75 1.61
H10A IVM G . -34.01 11.71 2.68
H10B IVM G . -34.15 12.41 1.05
HO10 IVM G . -35.75 -0.80 -1.45
H11 IVM G . -35.51 6.11 2.90
H11A IVM G . -34.76 6.61 1.36
H12 IVM G . -36.97 6.80 0.30
H13 IVM G . -38.03 6.10 3.05
H13A IVM G . -39.01 6.25 1.57
HO13 IVM G . -38.14 3.66 -3.19
H14 IVM G . -38.19 8.56 1.30
H15 IVM G . -39.41 9.55 3.30
H15A IVM G . -39.52 7.91 3.96
H16 IVM G . -40.88 8.88 1.29
H18 IVM G . -41.63 7.23 4.16
H18A IVM G . -40.73 6.17 4.39
H18B IVM G . -40.69 5.90 3.00
H19 IVM G . -43.76 6.94 2.10
H20 IVM G . -43.15 9.50 2.23
H21 IVM G . -42.51 10.66 0.00
H21A IVM G . -43.80 11.47 0.95
H22 IVM G . -44.15 9.68 -1.54
H23 IVM G . -43.64 12.77 -2.94
H23A IVM G . -42.85 11.25 -2.48
H23B IVM G . -42.81 12.65 -1.38
H24 IVM G . -46.27 10.81 0.30
H25 IVM G . -48.29 10.42 -0.27
H26 IVM G . -46.99 12.43 -1.16
H26A IVM G . -48.75 12.52 -1.43
H27 IVM G . -46.63 11.72 -3.48
H28 IVM G . -46.60 15.22 -3.78
H28A IVM G . -45.66 13.74 -3.48
H28B IVM G . -46.61 14.47 -2.17
H29 IVM G . -49.64 11.78 -3.75
H30 IVM G . -47.66 9.49 -3.65
H31 IVM G . -49.38 9.05 -5.33
H31A IVM G . -50.66 9.60 -4.23
H31B IVM G . -49.76 8.11 -3.88
H32 IVM G . -45.24 8.02 -0.20
H33 IVM G . -47.72 7.99 -0.06
H33A IVM G . -47.65 8.98 1.42
H33B IVM G . -47.01 7.32 1.42
H34 IVM G . -42.75 4.93 1.27
H35 IVM G . -43.65 4.83 -1.02
H35A IVM G . -43.66 6.61 -1.13
H35B IVM G . -44.75 5.78 0.02
H36 IVM G . -41.39 6.23 -1.04
H37 IVM G . -41.36 3.72 -0.50
H38 IVM G . -38.71 5.24 -0.59
H40 IVM G . -39.89 1.46 0.11
H40A IVM G . -40.25 2.01 -1.54
H41 IVM G . -37.95 1.67 -3.20
H42 IVM G . -36.35 0.13 -3.23
H44 IVM G . -33.97 3.45 -1.56
H45 IVM G . -36.02 2.39 0.02
H48 IVM G . -33.33 2.27 -3.96
H48A IVM G . -34.16 0.74 -4.35
H48B IVM G . -33.12 0.85 -2.92
C1 IVM H . -31.58 -13.82 19.09
O1 IVM H . -29.88 -15.55 15.49
C2 IVM H . -31.90 -14.25 17.64
O2 IVM H . -36.09 -18.98 16.31
C3 IVM H . -30.84 -13.70 16.68
O3 IVM H . -38.72 -16.66 18.94
C4 IVM H . -31.45 -13.50 15.30
O4 IVM H . -40.43 -18.54 17.71
C5 IVM H . -29.67 -14.68 16.59
O5 IVM H . -42.51 -15.85 20.38
C6 IVM H . -28.99 -16.66 15.51
O6 IVM H . -43.95 -15.75 17.95
C7 IVM H . -27.60 -16.23 15.99
O7 IVM H . -42.64 -19.14 17.91
C8 IVM H . -27.33 -14.76 15.65
O8 IVM H . -37.26 -20.31 17.76
C9 IVM H . -28.36 -13.90 16.39
O9 IVM H . -33.04 -18.32 7.78
C10 IVM H . -27.79 -13.51 17.76
O10 IVM H . -30.94 -17.41 6.75
C11 IVM H . -29.06 -16.94 13.95
O11 IVM H . -30.24 -15.37 11.65
C12 IVM H . -30.54 -17.20 13.50
O12 IVM H . -30.57 -17.58 12.14
C13 IVM H . -31.11 -18.29 14.37
O13 IVM H . -32.98 -15.63 10.12
C14 IVM H . -31.11 -17.79 15.79
O14 IVM H . -29.79 -17.60 16.25
C15 IVM H . -31.80 -18.86 16.72
C16 IVM H . -33.34 -18.92 16.41
C17 IVM H . -33.93 -20.00 15.82
C18 IVM H . -33.12 -21.26 15.39
C19 IVM H . -35.45 -20.00 15.55
C20 IVM H . -36.30 -19.30 17.65
C21 IVM H . -36.76 -18.01 18.44
C22 IVM H . -38.23 -17.63 18.06
C23 IVM H . -38.04 -15.41 18.87
C24 IVM H . -39.09 -18.86 18.15
C25 IVM H . -41.40 -19.00 18.60
C26 IVM H . -41.55 -18.00 19.78
C27 IVM H . -42.18 -16.67 19.27
C28 IVM H . -41.39 -15.25 21.04
C29 IVM H . -43.42 -16.96 18.51
C30 IVM H . -43.10 -17.92 17.38
C31 IVM H . -44.36 -18.17 16.54
C32 IVM H . -38.50 -19.92 17.26
C33 IVM H . -39.43 -21.16 17.22
C34 IVM H . -35.71 -19.79 14.07
C35 IVM H . -37.20 -19.50 13.82
C36 IVM H . -34.87 -18.61 13.56
C37 IVM H . -34.34 -18.84 12.12
C38 IVM H . -33.65 -17.60 11.52
C39 IVM H . -32.78 -17.97 10.29
C40 IVM H . -33.62 -18.82 9.23
C41 IVM H . -32.78 -16.90 8.09
C42 IVM H . -31.83 -16.39 7.10
C43 IVM H . -30.99 -15.15 7.67
C44 IVM H . -30.38 -15.35 9.01
C45 IVM H . -30.84 -16.61 9.75
C46 IVM H . -30.52 -16.45 11.24
C47 IVM H . -32.35 -16.77 9.55
C48 IVM H . -30.50 -14.01 6.73
H1 IVM H . -32.39 -14.12 19.75
H1A IVM H . -31.46 -12.74 19.13
H1B IVM H . -30.65 -14.29 19.42
H2 IVM H . -32.88 -13.86 17.35
H2A IVM H . -31.92 -15.34 17.58
H3 IVM H . -30.47 -12.75 17.06
H4 IVM H . -30.65 -13.37 14.57
H4A IVM H . -32.08 -12.62 15.30
H4B IVM H . -32.05 -14.37 15.03
H5 IVM H . -29.61 -15.26 17.51
HO6 IVM H . -44.33 -15.23 18.66
H7 IVM H . -26.85 -16.86 15.50
H7A IVM H . -27.52 -16.40 17.06
H8 IVM H . -27.43 -14.60 14.57
H8A IVM H . -26.32 -14.49 15.97
H9 IVM H . -28.56 -12.99 15.81
H10 IVM H . -26.91 -12.87 17.62
H10A IVM H . -27.51 -14.40 18.30
H10B IVM H . -28.55 -12.96 18.33
HO10 IVM H . -31.10 -17.67 5.85
H11 IVM H . -28.46 -17.82 13.71
H11A IVM H . -28.67 -16.07 13.41
H12 IVM H . -31.12 -16.29 13.64
H13 IVM H . -30.50 -19.18 14.28
H13A IVM H . -32.12 -18.50 14.05
HO13 IVM H . -33.86 -15.55 9.78
H14 IVM H . -31.67 -16.87 15.85
H15 IVM H . -31.67 -18.55 17.76
H15A IVM H . -31.33 -19.81 16.57
H16 IVM H . -33.95 -18.07 16.69
H18 IVM H . -32.98 -21.31 16.47
H18A IVM H . -32.06 -21.50 15.43
H18B IVM H . -32.77 -20.56 14.64
H19 IVM H . -35.87 -20.97 15.84
H20 IVM H . -35.38 -19.66 18.08
H21 IVM H . -36.09 -17.18 18.18
H21A IVM H . -36.69 -18.20 19.52
H22 IVM H . -38.26 -17.26 17.03
H23 IVM H . -38.71 -14.62 19.19
H23A IVM H . -37.73 -15.22 17.84
H23B IVM H . -37.16 -15.44 19.52
H24 IVM H . -39.11 -19.21 19.19
H25 IVM H . -41.11 -19.97 19.00
H26 IVM H . -40.57 -17.79 20.22
H26A IVM H . -42.20 -18.43 20.55
H27 IVM H . -41.47 -16.15 18.64
H28 IVM H . -41.75 -14.45 21.69
H28A IVM H . -40.72 -14.84 20.29
H28B IVM H . -40.87 -16.00 21.63
H29 IVM H . -44.15 -17.43 19.17
H30 IVM H . -42.32 -17.49 16.75
H31 IVM H . -44.65 -17.25 16.04
H31A IVM H . -45.18 -18.49 17.21
H31B IVM H . -44.17 -18.94 15.81
H32 IVM H . -38.39 -19.51 16.25
H33 IVM H . -40.39 -20.87 16.79
H33A IVM H . -39.60 -21.54 18.23
H33B IVM H . -38.98 -21.94 16.61
H34 IVM H . -35.42 -20.69 13.52
H35 IVM H . -37.37 -19.38 12.75
H35A IVM H . -37.48 -18.56 14.34
H35B IVM H . -37.80 -20.32 14.19
H36 IVM H . -35.46 -17.70 13.59
H37 IVM H . -33.65 -19.68 12.13
H38 IVM H . -33.02 -17.13 12.28
H40 IVM H . -33.44 -19.89 9.38
H40A IVM H . -34.68 -18.62 9.34
H41 IVM H . -33.71 -16.35 7.96
H42 IVM H . -32.38 -16.07 6.21
H44 IVM H . -29.48 -14.81 9.30
H45 IVM H . -30.32 -17.49 9.35
H48 IVM H . -30.32 -13.11 7.32
H48A IVM H . -31.26 -13.80 5.98
H48B IVM H . -29.57 -14.31 6.25
C1 IVM I . -15.46 -36.12 0.78
O1 IVM I . -16.04 -33.26 -2.45
C2 IVM I . -16.54 -35.43 -0.08
O2 IVM I . -20.66 -38.43 -4.21
C3 IVM I . -16.26 -33.92 -0.15
O3 IVM I . -21.61 -40.75 -0.56
C4 IVM I . -17.57 -33.16 -0.38
O4 IVM I . -23.66 -41.47 -2.35
C5 IVM I . -15.31 -33.63 -1.30
O5 IVM I . -23.96 -43.48 1.47
C6 IVM I . -15.24 -33.30 -3.62
O6 IVM I . -26.49 -42.35 1.02
C7 IVM I . -13.85 -32.72 -3.34
O7 IVM I . -25.37 -43.00 -2.38
C8 IVM I . -13.89 -31.73 -2.16
O8 IVM I . -20.91 -40.67 -4.59
C9 IVM I . -14.35 -32.49 -0.91
O9 IVM I . -22.73 -30.63 -7.31
C10 IVM I . -13.14 -33.05 -0.18
O10 IVM I . -23.02 -28.25 -7.00
C11 IVM I . -16.15 -32.31 -4.47
O11 IVM I . -18.74 -30.58 -3.87
C12 IVM I . -17.60 -32.86 -4.60
O12 IVM I . -18.34 -32.10 -5.52
C13 IVM I . -17.54 -34.29 -5.09
O13 IVM I . -21.63 -30.91 -3.86
C14 IVM I . -16.77 -35.10 -4.08
O14 IVM I . -15.44 -34.66 -4.01
C15 IVM I . -16.78 -36.61 -4.51
C16 IVM I . -18.23 -37.16 -4.48
C17 IVM I . -18.94 -37.45 -5.63
C18 IVM I . -18.34 -37.26 -7.05
C19 IVM I . -20.38 -38.00 -5.54
C20 IVM I . -20.16 -39.71 -3.92
C21 IVM I . -20.18 -39.94 -2.35
C22 IVM I . -21.65 -40.24 -1.85
C23 IVM I . -21.10 -39.84 0.41
C24 IVM I . -22.29 -41.25 -2.76
C25 IVM I . -23.95 -42.82 -2.27
C26 IVM I . -23.45 -43.40 -0.90
C27 IVM I . -24.27 -42.80 0.27
C28 IVM I . -22.68 -43.16 2.00
C29 IVM I . -25.73 -42.98 -0.02
C30 IVM I . -26.07 -42.35 -1.34
C31 IVM I . -27.58 -42.46 -1.59
C32 IVM I . -22.25 -40.70 -4.16
C33 IVM I . -23.06 -41.62 -5.11
C34 IVM I . -21.37 -36.92 -5.95
C35 IVM I . -22.81 -37.45 -5.79
C36 IVM I . -21.20 -35.65 -5.09
C37 IVM I . -22.43 -34.71 -5.19
C38 IVM I . -22.19 -33.25 -4.70
C39 IVM I . -21.55 -32.32 -5.76
C40 IVM I . -22.44 -32.24 -7.08
C41 IVM I . -22.74 -30.25 -5.88
C42 IVM I . -22.82 -28.80 -5.74
C43 IVM I . -21.50 -28.14 -5.10
C44 IVM I . -20.19 -28.80 -5.33
C45 IVM I . -20.19 -30.31 -5.70
C46 IVM I . -19.04 -30.97 -4.94
C47 IVM I . -21.52 -30.93 -5.27
C48 IVM I . -21.54 -26.69 -4.55
H1 IVM I . -15.72 -37.17 0.92
H1A IVM I . -15.41 -35.63 1.76
H1B IVM I . -14.49 -36.05 0.28
H2 IVM I . -17.52 -35.59 0.36
H2A IVM I . -16.53 -35.85 -1.09
H3 IVM I . -15.80 -33.60 0.78
H4 IVM I . -18.16 -33.18 0.54
H4A IVM I . -18.14 -33.64 -1.16
H4B IVM I . -17.35 -32.13 -0.65
H5 IVM I . -14.71 -34.53 -1.52
HO6 IVM I . -26.44 -42.88 1.82
H7 IVM I . -13.49 -32.22 -4.23
H7A IVM I . -13.16 -33.54 -3.12
H8 IVM I . -14.59 -30.92 -2.39
H8A IVM I . -12.90 -31.33 -2.00
H9 IVM I . -14.88 -31.79 -0.25
H10 IVM I . -12.50 -32.24 0.17
H10A IVM I . -12.57 -33.69 -0.87
H10B IVM I . -13.47 -33.65 0.67
HO10 IVM I . -23.74 -27.62 -6.97
H11 IVM I . -15.73 -32.19 -5.48
H11A IVM I . -16.18 -31.33 -3.98
H12 IVM I . -18.09 -32.84 -3.63
H13 IVM I . -17.03 -34.32 -6.05
H13A IVM I . -18.55 -34.67 -5.18
HO13 IVM I . -22.49 -30.63 -3.61
H14 IVM I . -17.26 -35.02 -3.11
H15 IVM I . -16.17 -37.18 -3.79
H15A IVM I . -16.33 -36.71 -5.48
H16 IVM I . -18.72 -37.32 -3.52
H18 IVM I . -17.65 -38.02 -6.66
H18A IVM I . -17.38 -36.85 -7.39
H18B IVM I . -18.48 -36.22 -6.77
H19 IVM I . -20.48 -38.84 -6.21
H20 IVM I . -19.14 -39.77 -4.26
H21 IVM I . -19.81 -39.05 -1.85
H21A IVM I . -19.55 -40.80 -2.11
H22 IVM I . -22.23 -39.31 -1.87
H23 IVM I . -21.50 -40.08 1.40
H23A IVM I . -21.36 -38.82 0.15
H23B IVM I . -20.01 -39.93 0.44
H24 IVM I . -21.72 -42.18 -2.71
H25 IVM I . -23.48 -43.36 -3.08
H26 IVM I . -22.39 -43.13 -0.77
H26A IVM I . -23.56 -44.48 -0.90
H27 IVM I . -24.05 -41.75 0.36
H28 IVM I . -22.62 -43.50 3.03
H28A IVM I . -22.52 -42.08 1.97
H28B IVM I . -21.90 -43.65 1.41
H29 IVM I . -25.96 -44.04 -0.05
H30 IVM I . -25.79 -41.29 -1.32
H31 IVM I . -28.13 -41.89 -0.85
H31A IVM I . -27.88 -43.52 -1.52
H31B IVM I . -27.81 -42.10 -2.59
H32 IVM I . -22.66 -39.70 -4.16
H33 IVM I . -24.11 -41.63 -4.80
H33A IVM I . -22.66 -42.62 -5.10
H33B IVM I . -23.00 -41.21 -6.12
H34 IVM I . -21.20 -36.66 -7.00
H35 IVM I . -23.47 -36.90 -6.43
H35A IVM I . -23.12 -37.37 -4.76
H35B IVM I . -22.83 -38.51 -6.08
H36 IVM I . -21.04 -35.94 -4.04
H37 IVM I . -22.81 -34.71 -6.22
H38 IVM I . -23.14 -32.84 -4.36
H40 IVM I . -21.91 -32.65 -7.94
H40A IVM I . -23.39 -32.77 -6.96
H41 IVM I . -23.62 -30.69 -5.43
H42 IVM I . -23.68 -28.56 -5.11
H44 IVM I . -19.26 -28.29 -5.08
H45 IVM I . -20.06 -30.42 -6.77
H48 IVM I . -20.82 -26.59 -3.74
H48A IVM I . -22.54 -26.48 -4.16
H48B IVM I . -21.30 -25.99 -5.34
C1 IVM J . -11.31 -23.45 -29.48
O1 IVM J . -13.70 -20.15 -27.97
C2 IVM J . -12.72 -23.09 -28.95
O2 IVM J . -18.23 -23.42 -32.46
C3 IVM J . -12.60 -22.26 -27.67
O3 IVM J . -16.91 -27.58 -33.05
C4 IVM J . -13.86 -22.46 -26.81
O4 IVM J . -19.58 -27.55 -33.97
C5 IVM J . -12.45 -20.79 -28.01
O5 IVM J . -17.75 -31.47 -34.23
C6 IVM J . -13.67 -18.87 -28.58
O6 IVM J . -20.18 -31.86 -32.87
C7 IVM J . -12.36 -18.14 -28.25
O7 IVM J . -20.98 -29.04 -35.03
C8 IVM J . -11.79 -18.63 -26.91
O8 IVM J . -18.48 -24.15 -34.62
C9 IVM J . -11.47 -20.12 -27.02
O9 IVM J . -22.04 -18.72 -25.74
C10 IVM J . -10.04 -20.31 -27.50
O10 IVM J . -21.60 -17.59 -23.65
C11 IVM J . -14.92 -18.28 -27.80
O11 IVM J . -16.53 -19.11 -25.43
C12 IVM J . -16.18 -19.15 -28.03
O12 IVM J . -17.32 -18.52 -27.48
C13 IVM J . -16.38 -19.35 -29.52
O13 IVM J . -19.14 -20.81 -25.33
C14 IVM J . -15.16 -20.05 -30.07
O14 IVM J . -14.02 -19.25 -29.93
C15 IVM J . -15.35 -20.33 -31.60
C16 IVM J . -16.50 -21.38 -31.83
C17 IVM J . -17.71 -21.04 -32.38
C18 IVM J . -18.04 -19.59 -32.82
C19 IVM J . -18.79 -22.13 -32.59
C20 IVM J . -17.57 -23.87 -33.60
C21 IVM J . -16.72 -25.17 -33.25
C22 IVM J . -17.67 -26.41 -33.06
C23 IVM J . -16.00 -27.67 -31.95
C24 IVM J . -18.65 -26.48 -34.21
C25 IVM J . -19.73 -28.36 -35.10
C26 IVM J . -18.55 -29.39 -35.18
C27 IVM J . -18.67 -30.42 -34.03
C28 IVM J . -16.39 -31.11 -34.02
C29 IVM J . -20.05 -30.99 -34.00
C30 IVM J . -21.06 -29.87 -33.88
C31 IVM J . -22.47 -30.47 -33.78
C32 IVM J . -19.37 -25.16 -34.27
C33 IVM J . -20.49 -25.24 -35.34
C34 IVM J . -19.89 -21.93 -31.56
C35 IVM J . -20.88 -23.12 -31.61
C36 IVM J . -19.30 -21.84 -30.16
C37 IVM J . -20.11 -20.88 -29.24
C38 IVM J . -19.59 -20.83 -27.79
C39 IVM J . -20.03 -19.52 -27.07
C40 IVM J . -21.61 -19.30 -27.21
C41 IVM J . -21.09 -19.47 -24.90
C42 IVM J . -21.08 -18.87 -23.57
C43 IVM J . -19.61 -18.79 -22.91
C44 IVM J . -18.49 -18.41 -23.81
C45 IVM J . -18.77 -18.43 -25.33
C46 IVM J . -17.45 -18.72 -26.05
C47 IVM J . -19.75 -19.56 -25.64
C48 IVM J . -19.43 -18.70 -21.38
H1 IVM J . -11.40 -24.12 -30.33
H1A IVM J . -10.75 -23.93 -28.69
H1B IVM J . -10.80 -22.54 -29.79
H2 IVM J . -13.27 -24.01 -28.74
H2A IVM J . -13.26 -22.52 -29.71
H3 IVM J . -11.73 -22.59 -27.10
H4 IVM J . -13.85 -23.45 -26.37
H4A IVM J . -14.74 -22.35 -27.44
H4B IVM J . -13.89 -21.70 -26.02
H5 IVM J . -12.03 -20.70 -29.03
HO6 IVM J . -19.68 -32.66 -33.02
H7 IVM J . -12.55 -17.07 -28.21
H7A IVM J . -11.64 -18.31 -29.05
H8 IVM J . -12.53 -18.46 -26.11
H8A IVM J . -10.87 -18.07 -26.68
H9 IVM J . -11.60 -20.59 -26.03
H10 IVM J . -9.36 -19.92 -26.74
H10A IVM J . -9.90 -19.76 -28.44
H10B IVM J . -9.84 -21.37 -27.67
HO10 IVM J . -22.47 -17.57 -23.27
H11 IVM J . -15.12 -17.26 -28.16
H11A IVM J . -14.70 -18.25 -26.74
H12 IVM J . -16.05 -20.12 -27.57
H13 IVM J . -16.50 -18.38 -30.00
H13A IVM J . -17.27 -19.95 -29.69
HO13 IVM J . -19.33 -21.04 -24.42
H14 IVM J . -15.03 -21.00 -29.56
H15 IVM J . -14.42 -20.74 -31.99
H15A IVM J . -15.57 -19.40 -32.11
H16 IVM J . -16.31 -22.41 -31.53
H18 IVM J . -17.23 -19.81 -33.52
H18A IVM J . -17.49 -18.66 -32.76
H18B IVM J . -18.06 -19.46 -31.75
H19 IVM J . -19.21 -22.02 -33.59
H20 IVM J . -16.88 -23.11 -33.96
H21 IVM J . -16.17 -24.99 -32.33
H21A IVM J . -16.02 -25.37 -34.06
H22 IVM J . -18.22 -26.31 -32.13
H23 IVM J . -15.81 -28.73 -31.73
H23A IVM J . -16.43 -27.20 -31.08
H23B IVM J . -15.06 -27.19 -32.22
H24 IVM J . -18.10 -26.63 -35.14
H25 IVM J . -19.73 -27.74 -36.00
H26 IVM J . -17.60 -28.86 -35.11
H26A IVM J . -18.61 -29.92 -36.13
H27 IVM J . -18.47 -29.92 -33.08
H28 IVM J . -15.78 -32.01 -33.93
H28A IVM J . -16.30 -30.52 -33.10
H28B IVM J . -16.02 -30.51 -34.87
H29 IVM J . -20.23 -31.54 -34.92
H30 IVM J . -20.84 -29.29 -32.99
H31 IVM J . -22.56 -31.04 -32.86
H31A IVM J . -22.65 -31.13 -34.63
H31B IVM J . -23.20 -29.67 -33.79
H32 IVM J . -19.82 -24.96 -33.30
H33 IVM J . -21.22 -25.99 -35.07
H33A IVM J . -20.06 -25.49 -36.31
H33B IVM J . -20.99 -24.27 -35.41
H34 IVM J . -20.44 -21.02 -31.79
H35 IVM J . -21.72 -22.92 -30.96
H35A IVM J . -20.37 -24.03 -31.28
H35B IVM J . -21.24 -23.25 -32.64
H36 IVM J . -19.26 -22.82 -29.70
H37 IVM J . -20.08 -19.88 -29.66
H38 IVM J . -18.50 -20.90 -27.78
H40 IVM J . -21.84 -18.58 -28.00
H40A IVM J . -22.12 -20.25 -27.42
H41 IVM J . -21.48 -20.48 -24.80
H42 IVM J . -21.71 -19.47 -22.90
H44 IVM J . -17.57 -17.98 -23.42
H45 IVM J . -19.18 -17.49 -25.65
H48 IVM J . -18.45 -19.09 -21.10
H48A IVM J . -20.21 -19.29 -20.88
H48B IVM J . -19.50 -17.66 -21.06
N LEU A 7 -50.42 3.27 -6.37
CA LEU A 7 -49.15 3.37 -7.05
C LEU A 7 -48.16 2.34 -6.52
N TYR A 8 -48.55 1.07 -6.61
CA TYR A 8 -47.68 0.00 -6.13
C TYR A 8 -46.36 -0.02 -6.91
N TYR A 9 -46.44 0.06 -8.24
CA TYR A 9 -45.23 0.11 -9.05
C TYR A 9 -44.57 1.47 -9.02
N GLY A 10 -45.36 2.54 -8.87
CA GLY A 10 -44.78 3.87 -8.84
C GLY A 10 -43.85 4.08 -7.66
N LEU A 11 -44.24 3.61 -6.49
CA LEU A 11 -43.41 3.75 -5.29
C LEU A 11 -42.27 2.74 -5.24
N ASN A 12 -42.30 1.70 -6.07
CA ASN A 12 -41.27 0.69 -6.09
C ASN A 12 -40.31 0.82 -7.28
N LEU A 13 -40.61 1.72 -8.22
CA LEU A 13 -39.76 1.93 -9.39
C LEU A 13 -39.31 3.36 -9.55
N LEU A 14 -40.18 4.34 -9.27
CA LEU A 14 -39.78 5.74 -9.36
C LEU A 14 -38.89 6.14 -8.20
N ILE A 15 -39.22 5.72 -6.99
CA ILE A 15 -38.43 6.10 -5.81
C ILE A 15 -37.00 5.58 -5.93
N PRO A 16 -36.75 4.30 -6.23
CA PRO A 16 -35.36 3.85 -6.38
C PRO A 16 -34.58 4.61 -7.44
N CYS A 17 -35.24 5.04 -8.52
CA CYS A 17 -34.54 5.78 -9.56
C CYS A 17 -33.95 7.07 -9.00
N VAL A 18 -34.73 7.79 -8.19
CA VAL A 18 -34.22 9.03 -7.59
C VAL A 18 -33.07 8.72 -6.64
N LEU A 19 -33.20 7.66 -5.84
CA LEU A 19 -32.13 7.30 -4.92
C LEU A 19 -30.87 6.90 -5.67
N ILE A 20 -31.02 6.13 -6.75
CA ILE A 20 -29.85 5.72 -7.52
C ILE A 20 -29.16 6.94 -8.13
N SER A 21 -29.94 7.86 -8.70
CA SER A 21 -29.35 9.07 -9.27
C SER A 21 -28.69 9.91 -8.20
N ALA A 22 -29.32 10.02 -7.02
CA ALA A 22 -28.73 10.80 -5.94
C ALA A 22 -27.43 10.17 -5.46
N LEU A 23 -27.39 8.85 -5.34
CA LEU A 23 -26.17 8.18 -4.92
C LEU A 23 -25.06 8.36 -5.95
N ALA A 24 -25.40 8.28 -7.23
CA ALA A 24 -24.39 8.48 -8.27
C ALA A 24 -23.88 9.91 -8.28
N LEU A 25 -24.72 10.88 -7.91
CA LEU A 25 -24.27 12.27 -7.86
C LEU A 25 -23.23 12.48 -6.77
N LEU A 26 -23.33 11.73 -5.66
CA LEU A 26 -22.35 11.87 -4.60
C LEU A 26 -21.01 11.27 -4.97
N VAL A 27 -20.96 10.41 -6.00
CA VAL A 27 -19.70 9.84 -6.44
C VAL A 27 -18.77 10.95 -6.94
N PHE A 28 -19.30 11.88 -7.73
CA PHE A 28 -18.51 12.99 -8.22
C PHE A 28 -18.15 13.98 -7.11
N LEU A 29 -18.90 13.98 -6.01
CA LEU A 29 -18.57 14.85 -4.88
C LEU A 29 -17.34 14.36 -4.14
N LEU A 30 -17.08 13.06 -4.17
CA LEU A 30 -15.92 12.50 -3.48
C LEU A 30 -14.64 12.94 -4.20
N PRO A 31 -13.69 13.57 -3.51
CA PRO A 31 -12.45 13.97 -4.18
C PRO A 31 -11.77 12.80 -4.86
N ALA A 32 -10.80 13.14 -5.71
CA ALA A 32 -10.17 12.13 -6.57
C ALA A 32 -9.21 11.24 -5.78
N ASP A 33 -8.63 11.74 -4.69
CA ASP A 33 -7.61 10.97 -3.97
C ASP A 33 -8.18 9.70 -3.37
N SER A 34 -9.50 9.59 -3.23
CA SER A 34 -10.11 8.38 -2.68
C SER A 34 -9.73 7.16 -3.50
N GLY A 35 -8.96 6.25 -2.90
CA GLY A 35 -8.52 5.06 -3.60
C GLY A 35 -9.60 4.00 -3.77
N GLU A 36 -10.62 4.02 -2.92
CA GLU A 36 -11.71 3.04 -2.97
C GLU A 36 -12.92 3.57 -3.72
N LYS A 37 -12.73 4.51 -4.65
CA LYS A 37 -13.85 5.06 -5.40
C LYS A 37 -14.44 4.05 -6.37
N ILE A 38 -13.62 3.13 -6.88
CA ILE A 38 -14.11 2.14 -7.82
C ILE A 38 -15.12 1.22 -7.15
N SER A 39 -14.88 0.87 -5.88
CA SER A 39 -15.81 0.00 -5.17
C SER A 39 -17.19 0.64 -5.03
N LEU A 40 -17.22 1.96 -4.78
CA LEU A 40 -18.49 2.64 -4.63
C LEU A 40 -19.31 2.57 -5.91
N GLY A 41 -18.67 2.75 -7.06
CA GLY A 41 -19.40 2.71 -8.32
C GLY A 41 -19.88 1.32 -8.69
N ILE A 42 -19.18 0.28 -8.22
CA ILE A 42 -19.58 -1.09 -8.55
C ILE A 42 -20.90 -1.43 -7.90
N THR A 43 -21.05 -1.12 -6.60
CA THR A 43 -22.28 -1.45 -5.90
C THR A 43 -23.47 -0.62 -6.42
N VAL A 44 -23.23 0.64 -6.78
CA VAL A 44 -24.31 1.47 -7.31
C VAL A 44 -24.78 0.94 -8.66
N LEU A 45 -23.85 0.56 -9.53
CA LEU A 45 -24.22 0.00 -10.82
C LEU A 45 -24.89 -1.36 -10.65
N LEU A 46 -24.40 -2.17 -9.71
CA LEU A 46 -25.00 -3.49 -9.50
C LEU A 46 -26.44 -3.37 -9.02
N SER A 47 -26.71 -2.41 -8.13
CA SER A 47 -28.08 -2.23 -7.63
C SER A 47 -29.03 -1.82 -8.74
N LEU A 48 -28.56 -1.01 -9.69
CA LEU A 48 -29.42 -0.60 -10.80
C LEU A 48 -29.84 -1.81 -11.64
N THR A 49 -28.91 -2.73 -11.89
CA THR A 49 -29.25 -3.91 -12.67
C THR A 49 -30.23 -4.81 -11.96
N VAL A 50 -30.16 -4.88 -10.63
CA VAL A 50 -31.08 -5.74 -9.87
C VAL A 50 -32.51 -5.28 -10.08
N PHE A 51 -32.75 -3.97 -10.00
CA PHE A 51 -34.08 -3.42 -10.19
C PHE A 51 -34.46 -3.29 -11.66
N MET A 52 -33.49 -3.37 -12.57
CA MET A 52 -33.81 -3.27 -14.00
C MET A 52 -34.55 -4.51 -14.49
N LEU A 53 -34.24 -5.68 -13.94
CA LEU A 53 -34.90 -6.90 -14.39
C LEU A 53 -36.39 -6.86 -14.12
N LEU A 54 -36.80 -6.32 -12.97
CA LEU A 54 -38.22 -6.26 -12.63
C LEU A 54 -38.97 -5.39 -13.63
N VAL A 55 -38.38 -4.25 -14.02
CA VAL A 55 -39.05 -3.35 -14.96
C VAL A 55 -39.25 -4.03 -16.31
N ALA A 56 -38.34 -4.93 -16.69
CA ALA A 56 -38.46 -5.59 -17.99
C ALA A 56 -39.75 -6.40 -18.08
N GLU A 57 -40.09 -7.12 -17.02
CA GLU A 57 -41.32 -7.91 -17.03
C GLU A 57 -42.55 -7.02 -17.10
N ILE A 58 -42.53 -5.90 -16.39
CA ILE A 58 -43.68 -5.00 -16.39
C ILE A 58 -43.91 -4.42 -17.78
N MET A 59 -42.85 -4.04 -18.47
CA MET A 59 -42.97 -3.43 -19.79
C MET A 59 -43.49 -4.47 -20.79
N PRO A 60 -44.62 -4.23 -21.46
CA PRO A 60 -45.08 -5.18 -22.47
C PRO A 60 -44.10 -5.28 -23.63
N SER A 61 -44.02 -6.48 -24.21
CA SER A 61 -43.14 -6.72 -25.35
C SER A 61 -43.84 -6.24 -26.61
N THR A 62 -43.60 -4.98 -26.97
CA THR A 62 -44.22 -4.37 -28.14
C THR A 62 -43.34 -4.63 -29.36
N SER A 63 -43.71 -4.02 -30.49
CA SER A 63 -42.96 -4.17 -31.72
C SER A 63 -42.61 -2.84 -32.39
N ASP A 64 -43.13 -1.71 -31.91
CA ASP A 64 -42.84 -0.40 -32.49
C ASP A 64 -41.76 0.34 -31.71
N SER A 65 -41.97 0.53 -30.41
CA SER A 65 -41.00 1.21 -29.57
C SER A 65 -41.23 0.81 -28.12
N SER A 66 -40.19 0.97 -27.31
CA SER A 66 -40.27 0.63 -25.91
C SER A 66 -41.14 1.65 -25.16
N PRO A 67 -41.69 1.27 -24.01
CA PRO A 67 -42.51 2.22 -23.25
C PRO A 67 -41.67 3.39 -22.75
N SER A 68 -42.37 4.48 -22.40
CA SER A 68 -41.69 5.68 -21.92
C SER A 68 -40.97 5.45 -20.60
N ILE A 69 -41.31 4.39 -19.87
CA ILE A 69 -40.64 4.12 -18.60
C ILE A 69 -39.17 3.79 -18.83
N ALA A 70 -38.86 3.10 -19.94
CA ALA A 70 -37.47 2.75 -20.23
C ALA A 70 -36.62 4.00 -20.45
N GLN A 71 -37.23 5.09 -20.94
CA GLN A 71 -36.48 6.32 -21.15
C GLN A 71 -35.95 6.87 -19.84
N TYR A 72 -36.75 6.80 -18.77
CA TYR A 72 -36.29 7.29 -17.47
C TYR A 72 -35.08 6.50 -16.98
N PHE A 73 -35.11 5.18 -17.13
CA PHE A 73 -33.97 4.37 -16.71
C PHE A 73 -32.80 4.51 -17.67
N ALA A 74 -33.06 4.74 -18.95
CA ALA A 74 -31.98 4.92 -19.91
C ALA A 74 -31.15 6.15 -19.58
N SER A 75 -31.80 7.25 -19.20
CA SER A 75 -31.07 8.45 -18.83
C SER A 75 -30.38 8.28 -17.48
N THR A 76 -30.97 7.49 -16.58
CA THR A 76 -30.35 7.26 -15.28
C THR A 76 -29.02 6.55 -15.42
N MET A 77 -28.94 5.56 -16.32
CA MET A 77 -27.70 4.81 -16.50
C MET A 77 -26.57 5.66 -17.03
N ILE A 78 -26.88 6.80 -17.66
CA ILE A 78 -25.82 7.68 -18.15
C ILE A 78 -25.00 8.23 -17.00
N ILE A 79 -25.67 8.69 -15.94
CA ILE A 79 -24.96 9.19 -14.77
C ILE A 79 -24.25 8.05 -14.05
N VAL A 80 -24.95 6.94 -13.85
CA VAL A 80 -24.35 5.79 -13.17
C VAL A 80 -23.24 5.19 -14.03
N GLY A 81 -23.49 5.05 -15.33
CA GLY A 81 -22.48 4.48 -16.21
C GLY A 81 -21.23 5.35 -16.30
N LEU A 82 -21.42 6.67 -16.38
CA LEU A 82 -20.28 7.58 -16.46
C LEU A 82 -19.55 7.71 -15.13
N SER A 83 -20.18 7.33 -14.02
CA SER A 83 -19.50 7.40 -12.73
C SER A 83 -18.28 6.48 -12.71
N VAL A 84 -18.43 5.26 -13.24
CA VAL A 84 -17.29 4.33 -13.29
C VAL A 84 -16.25 4.85 -14.26
N VAL A 85 -16.68 5.42 -15.39
CA VAL A 85 -15.73 5.95 -16.37
C VAL A 85 -14.91 7.06 -15.74
N VAL A 86 -15.56 7.96 -15.00
CA VAL A 86 -14.84 9.03 -14.32
C VAL A 86 -13.86 8.45 -13.30
N THR A 87 -14.30 7.45 -12.55
CA THR A 87 -13.42 6.83 -11.56
C THR A 87 -12.20 6.20 -12.22
N VAL A 88 -12.39 5.55 -13.36
CA VAL A 88 -11.26 4.95 -14.07
C VAL A 88 -10.27 6.03 -14.48
N ILE A 89 -10.77 7.17 -14.98
CA ILE A 89 -9.90 8.27 -15.33
C ILE A 89 -9.21 8.82 -14.09
N VAL A 90 -9.94 8.88 -12.97
CA VAL A 90 -9.35 9.38 -11.73
C VAL A 90 -8.20 8.49 -11.29
N LEU A 91 -8.40 7.17 -11.34
CA LEU A 91 -7.35 6.25 -10.91
C LEU A 91 -6.09 6.40 -11.76
N GLN A 92 -6.24 6.76 -13.04
CA GLN A 92 -5.08 6.89 -13.90
C GLN A 92 -4.21 8.08 -13.51
N TYR A 93 -4.84 9.21 -13.16
CA TYR A 93 -4.08 10.41 -12.81
C TYR A 93 -3.25 10.21 -11.55
N HIS A 94 -3.61 9.22 -10.71
CA HIS A 94 -2.82 8.90 -9.53
C HIS A 94 -1.75 7.86 -9.80
N HIS A 95 -1.73 7.27 -11.01
CA HIS A 95 -0.73 6.28 -11.41
C HIS A 95 -0.19 6.72 -12.77
N HIS A 96 0.86 7.54 -12.73
CA HIS A 96 1.42 8.08 -13.96
C HIS A 96 2.08 6.99 -14.79
N ASP A 97 1.96 7.11 -16.11
CA ASP A 97 2.56 6.19 -17.06
C ASP A 97 3.14 6.98 -18.21
N PRO A 98 4.10 6.40 -18.95
CA PRO A 98 4.64 7.11 -20.12
C PRO A 98 3.57 7.44 -21.16
N ASP A 99 2.56 6.58 -21.31
CA ASP A 99 1.53 6.84 -22.31
C ASP A 99 0.72 8.08 -21.95
N GLY A 100 0.42 8.27 -20.68
CA GLY A 100 -0.38 9.41 -20.27
C GLY A 100 -0.48 9.51 -18.77
N GLY A 101 -1.49 10.26 -18.32
CA GLY A 101 -1.71 10.50 -16.91
C GLY A 101 -1.56 11.95 -16.49
N LYS A 102 -1.31 12.87 -17.41
CA LYS A 102 -1.18 14.29 -17.07
C LYS A 102 -1.67 15.12 -18.25
N MET A 103 -2.05 16.36 -17.95
CA MET A 103 -2.56 17.26 -18.97
C MET A 103 -1.42 17.99 -19.66
N PRO A 104 -1.65 18.50 -20.88
CA PRO A 104 -0.59 19.23 -21.58
C PRO A 104 -0.08 20.41 -20.77
N LYS A 105 1.12 20.87 -21.13
CA LYS A 105 1.73 21.98 -20.42
C LYS A 105 0.89 23.25 -20.56
N TRP A 106 0.35 23.50 -21.75
CA TRP A 106 -0.45 24.70 -21.97
C TRP A 106 -1.69 24.71 -21.08
N THR A 107 -2.34 23.56 -20.93
CA THR A 107 -3.53 23.46 -20.09
C THR A 107 -3.20 23.43 -18.60
N ARG A 108 -1.94 23.23 -18.23
CA ARG A 108 -1.58 23.21 -16.82
C ARG A 108 -1.77 24.59 -16.19
N VAL A 109 -1.54 25.66 -16.95
CA VAL A 109 -1.72 27.01 -16.41
C VAL A 109 -3.17 27.23 -16.02
N ILE A 110 -4.11 26.73 -16.84
CA ILE A 110 -5.53 26.89 -16.52
C ILE A 110 -5.87 26.19 -15.21
N LEU A 111 -5.34 24.98 -15.02
CA LEU A 111 -5.60 24.25 -13.78
C LEU A 111 -5.02 25.00 -12.58
N LEU A 112 -3.81 25.55 -12.74
CA LEU A 112 -3.21 26.30 -11.64
C LEU A 112 -4.05 27.51 -11.27
N ASN A 113 -4.56 28.23 -12.28
CA ASN A 113 -5.42 29.37 -12.00
C ASN A 113 -6.72 28.92 -11.33
N TRP A 114 -7.27 27.79 -11.76
CA TRP A 114 -8.51 27.29 -11.16
C TRP A 114 -8.31 26.94 -9.70
N CYS A 115 -7.13 26.45 -9.32
CA CYS A 115 -6.89 26.10 -7.92
C CYS A 115 -6.99 27.34 -7.03
N ALA A 116 -6.42 28.46 -7.46
CA ALA A 116 -6.54 29.69 -6.69
C ALA A 116 -7.96 30.24 -6.75
N TRP A 117 -8.66 30.06 -7.88
CA TRP A 117 -10.03 30.54 -7.98
C TRP A 117 -10.99 29.68 -7.19
N PHE A 118 -10.68 28.40 -7.00
CA PHE A 118 -11.56 27.52 -6.25
C PHE A 118 -11.72 27.99 -4.81
N LEU A 119 -10.60 28.38 -4.17
CA LEU A 119 -10.67 28.89 -2.80
C LEU A 119 -11.19 30.31 -2.76
N ARG A 120 -10.84 31.14 -3.76
CA ARG A 120 -11.28 32.54 -3.84
C ARG A 120 -11.84 32.76 -5.24
N MET A 121 -13.14 32.48 -5.42
CA MET A 121 -13.79 32.63 -6.69
C MET A 121 -14.45 34.00 -6.80
N LYS A 122 -14.97 34.30 -7.99
CA LYS A 122 -15.65 35.56 -8.26
C LYS A 122 -17.10 35.56 -7.82
N ARG A 123 -17.61 34.44 -7.29
CA ARG A 123 -18.98 34.38 -6.84
C ARG A 123 -19.17 35.21 -5.58
N PRO A 124 -20.41 35.60 -5.26
CA PRO A 124 -20.63 36.40 -4.06
C PRO A 124 -20.18 35.72 -2.77
N GLY A 125 -20.16 34.38 -2.76
CA GLY A 125 -19.77 33.68 -1.55
C GLY A 125 -18.32 33.92 -1.16
N GLU A 126 -17.47 34.24 -2.13
CA GLU A 126 -16.06 34.52 -1.89
C GLU A 126 -15.65 35.92 -2.32
N ASP A 127 -16.14 36.40 -3.46
CA ASP A 127 -15.76 37.73 -3.91
C ASP A 127 -16.24 38.81 -2.94
N LYS A 128 -17.45 38.64 -2.40
CA LYS A 128 -17.99 39.64 -1.48
C LYS A 128 -17.30 39.59 -0.13
N VAL A 129 -16.95 38.39 0.33
CA VAL A 129 -16.37 38.22 1.67
C VAL A 129 -14.86 38.37 1.51
N ARG A 130 -14.42 39.62 1.55
CA ARG A 130 -13.00 39.96 1.52
C ARG A 130 -12.82 41.45 1.76
N PRO A 131 -11.69 41.89 2.31
CA PRO A 131 -11.49 43.32 2.53
C PRO A 131 -11.48 44.08 1.20
N ALA A 132 -12.06 45.28 1.21
CA ALA A 132 -12.14 46.11 0.02
C ALA A 132 -12.21 47.56 0.46
N CYS A 133 -11.22 48.36 0.05
CA CYS A 133 -11.18 49.77 0.40
C CYS A 133 -10.22 50.47 -0.57
N GLN A 134 -10.08 51.78 -0.39
CA GLN A 134 -9.19 52.59 -1.21
C GLN A 134 -7.77 52.64 -0.66
N HIS A 135 -7.50 51.94 0.44
CA HIS A 135 -6.17 51.93 1.05
C HIS A 135 -5.27 50.97 0.27
N LYS A 136 -4.10 50.67 0.84
CA LYS A 136 -3.14 49.80 0.18
C LYS A 136 -3.69 48.41 -0.11
N GLN A 137 -4.85 48.05 0.44
CA GLN A 137 -5.41 46.73 0.19
C GLN A 137 -5.69 46.53 -1.30
N ARG A 138 -6.21 47.54 -1.97
CA ARG A 138 -6.57 47.48 -3.38
C ARG A 138 -5.79 48.51 -4.18
N ARG A 139 -4.50 48.64 -3.91
CA ARG A 139 -3.63 49.55 -4.62
C ARG A 139 -2.76 48.80 -5.62
N CYS A 140 -2.13 49.56 -6.51
CA CYS A 140 -1.26 49.02 -7.55
C CYS A 140 0.17 49.48 -7.30
N SER A 141 1.12 48.56 -7.47
CA SER A 141 2.53 48.85 -7.26
C SER A 141 3.35 47.89 -8.11
N LEU A 142 4.67 47.93 -7.94
CA LEU A 142 5.55 47.06 -8.71
C LEU A 142 5.36 45.59 -8.32
N ALA A 143 5.14 45.32 -7.03
CA ALA A 143 4.98 43.94 -6.59
C ALA A 143 3.75 43.30 -7.23
N SER A 144 2.64 44.02 -7.28
CA SER A 144 1.43 43.48 -7.88
C SER A 144 1.57 43.36 -9.40
N VAL A 145 2.13 44.38 -10.04
CA VAL A 145 2.32 44.38 -11.48
C VAL A 145 3.72 43.85 -11.76
N GLU A 146 3.81 42.55 -12.03
CA GLU A 146 5.07 41.88 -12.30
C GLU A 146 5.18 41.47 -13.77
N MET A 147 4.62 42.29 -14.67
CA MET A 147 4.69 41.99 -16.10
C MET A 147 6.09 42.16 -16.65
N SER A 148 6.97 42.87 -15.94
CA SER A 148 8.36 43.09 -16.36
C SER A 148 9.33 42.20 -15.60
N ALA A 149 8.92 40.99 -15.23
CA ALA A 149 9.77 40.07 -14.48
C ALA A 149 10.20 40.67 -13.14
N VAL A 150 9.22 41.13 -12.38
CA VAL A 150 9.45 41.74 -11.08
C VAL A 150 9.31 40.67 -10.00
N ALA A 151 10.08 40.80 -8.94
CA ALA A 151 10.05 39.82 -7.86
C ALA A 151 8.69 39.88 -7.16
N PRO A 152 8.01 38.75 -6.96
CA PRO A 152 6.71 38.77 -6.31
C PRO A 152 6.86 38.98 -4.81
N PRO A 153 5.75 39.12 -4.08
CA PRO A 153 5.86 39.29 -2.63
C PRO A 153 6.50 38.09 -2.00
N PRO A 154 7.23 38.27 -0.89
CA PRO A 154 7.91 37.13 -0.27
C PRO A 154 6.95 36.19 0.45
N ALA A 155 6.28 35.32 -0.31
CA ALA A 155 5.33 34.37 0.22
C ALA A 155 5.96 32.99 0.28
N SER A 156 5.59 32.22 1.31
CA SER A 156 6.12 30.88 1.52
C SER A 156 5.30 29.81 0.79
N ASN A 157 4.52 30.20 -0.22
CA ASN A 157 3.68 29.28 -0.97
C ASN A 157 4.37 28.77 -2.24
N GLY A 158 5.68 28.96 -2.36
CA GLY A 158 6.44 28.51 -3.50
C GLY A 158 7.01 29.61 -4.38
N ASN A 159 7.13 30.84 -3.87
CA ASN A 159 7.68 31.95 -4.63
C ASN A 159 9.03 32.39 -4.08
N LEU A 160 9.12 32.72 -2.80
CA LEU A 160 10.40 33.15 -2.22
C LEU A 160 11.41 32.00 -2.20
N LEU A 161 10.96 30.79 -1.87
CA LEU A 161 11.88 29.66 -1.78
C LEU A 161 12.43 29.28 -3.15
N TYR A 162 11.57 29.19 -4.15
CA TYR A 162 12.03 28.80 -5.49
C TYR A 162 12.86 29.90 -6.13
N ILE A 163 12.42 31.15 -5.99
CA ILE A 163 13.16 32.26 -6.59
C ILE A 163 14.49 32.46 -5.86
N GLY A 164 14.54 32.18 -4.57
CA GLY A 164 15.77 32.38 -3.83
C GLY A 164 16.87 31.41 -4.21
N PHE A 165 16.51 30.23 -4.68
CA PHE A 165 17.47 29.20 -5.09
C PHE A 165 17.61 29.11 -6.60
N ARG A 166 16.50 29.01 -7.32
CA ARG A 166 16.54 28.91 -8.76
C ARG A 166 16.46 30.26 -9.45
N GLY A 167 15.62 31.17 -8.94
CA GLY A 167 15.49 32.48 -9.55
C GLY A 167 16.78 33.29 -9.47
N LEU A 168 17.49 33.19 -8.34
CA LEU A 168 18.74 33.93 -8.14
C LEU A 168 19.90 33.15 -8.76
N ASP A 169 19.92 33.15 -10.09
CA ASP A 169 20.96 32.47 -10.86
C ASP A 169 22.11 33.45 -11.06
N GLY A 170 22.99 33.52 -10.08
CA GLY A 170 24.14 34.40 -10.13
C GLY A 170 24.37 35.17 -8.84
N VAL A 171 23.50 34.96 -7.85
CA VAL A 171 23.60 35.62 -6.55
C VAL A 171 23.73 34.61 -5.42
N HIS A 172 22.90 33.58 -5.42
CA HIS A 172 22.91 32.57 -4.36
C HIS A 172 23.81 31.40 -4.73
N CYS A 173 23.50 30.72 -5.85
CA CYS A 173 24.32 29.58 -6.26
C CYS A 173 25.74 30.02 -6.60
N VAL A 174 25.87 31.11 -7.36
CA VAL A 174 27.17 31.64 -7.76
C VAL A 174 27.22 33.13 -7.44
N PRO A 175 27.46 33.51 -6.20
CA PRO A 175 27.50 34.94 -5.85
C PRO A 175 28.49 35.70 -6.71
N THR A 176 27.98 36.61 -7.53
CA THR A 176 28.82 37.42 -8.42
C THR A 176 29.47 38.58 -7.67
N PRO A 177 28.73 39.34 -6.85
CA PRO A 177 29.39 40.47 -6.15
C PRO A 177 30.26 40.02 -4.98
N ASP A 178 31.49 39.62 -5.31
CA ASP A 178 32.46 39.18 -4.33
C ASP A 178 33.67 40.11 -4.22
N SER A 179 33.80 41.08 -5.12
CA SER A 179 34.94 42.01 -5.12
C SER A 179 34.64 43.13 -4.14
N GLY A 180 35.12 42.97 -2.90
CA GLY A 180 34.94 43.98 -1.89
C GLY A 180 33.60 43.94 -1.17
N VAL A 181 32.78 42.93 -1.44
CA VAL A 181 31.47 42.80 -0.80
C VAL A 181 31.43 41.59 0.14
N VAL A 182 31.77 40.41 -0.38
CA VAL A 182 31.78 39.20 0.43
C VAL A 182 33.16 38.98 1.06
N CYS A 183 34.23 39.16 0.29
CA CYS A 183 35.58 38.98 0.78
C CYS A 183 36.19 40.28 1.30
N GLY A 184 35.46 41.38 1.29
CA GLY A 184 35.96 42.65 1.76
C GLY A 184 35.04 43.31 2.77
N ARG A 185 34.38 42.50 3.60
CA ARG A 185 33.46 43.02 4.60
C ARG A 185 33.54 42.13 5.83
N MET A 186 33.17 42.71 6.98
CA MET A 186 33.20 42.01 8.25
C MET A 186 31.89 41.28 8.55
N ALA A 187 31.02 41.14 7.56
CA ALA A 187 29.73 40.47 7.76
C ALA A 187 29.94 38.97 7.69
N CYS A 188 30.44 38.41 8.79
CA CYS A 188 30.69 36.97 8.90
C CYS A 188 31.63 36.49 7.79
N SER A 189 32.60 37.32 7.43
CA SER A 189 33.57 36.99 6.40
C SER A 189 34.81 37.85 6.61
N PRO A 190 35.96 37.42 6.09
CA PRO A 190 37.16 38.24 6.23
C PRO A 190 37.10 39.50 5.39
N THR A 191 37.86 40.50 5.82
CA THR A 191 37.95 41.79 5.14
C THR A 191 39.31 41.87 4.46
N HIS A 192 39.40 41.35 3.24
CA HIS A 192 40.64 41.36 2.47
C HIS A 192 41.77 40.66 3.23
N ASP A 193 41.42 39.66 4.03
CA ASP A 193 42.40 38.90 4.81
C ASP A 193 42.72 37.61 4.05
N GLU A 194 43.81 37.65 3.28
CA GLU A 194 44.23 36.49 2.51
C GLU A 194 45.04 35.50 3.33
N HIS A 195 45.47 35.88 4.53
CA HIS A 195 46.26 35.00 5.40
C HIS A 195 45.42 34.43 6.54
N LEU A 196 44.13 34.22 6.32
CA LEU A 196 43.23 33.68 7.34
C LEU A 196 43.41 32.17 7.39
N LEU A 197 44.44 31.74 8.10
CA LEU A 197 44.77 30.33 8.26
C LEU A 197 44.28 29.83 9.62
N HIS A 198 44.27 28.50 9.75
CA HIS A 198 43.83 27.86 10.99
C HIS A 198 45.02 27.72 11.94
N GLY A 199 45.49 28.87 12.41
CA GLY A 199 46.62 28.92 13.32
C GLY A 199 47.88 28.37 12.70
N GLY A 200 48.17 28.78 11.46
CA GLY A 200 49.32 28.31 10.72
C GLY A 200 49.07 27.07 9.88
N GLN A 201 47.88 26.48 9.97
CA GLN A 201 47.52 25.30 9.20
C GLN A 201 46.47 25.64 8.16
N PRO A 202 46.28 24.79 7.15
CA PRO A 202 45.28 25.07 6.14
C PRO A 202 43.90 25.21 6.76
N PRO A 203 43.04 26.07 6.21
CA PRO A 203 41.71 26.23 6.81
C PRO A 203 40.93 24.93 6.92
N GLU A 204 41.06 24.04 5.93
CA GLU A 204 40.36 22.77 5.94
C GLU A 204 41.12 21.79 6.82
N GLY A 205 40.52 21.42 7.96
CA GLY A 205 41.17 20.48 8.86
C GLY A 205 41.37 19.11 8.23
N ASP A 206 40.37 18.65 7.48
CA ASP A 206 40.44 17.34 6.83
C ASP A 206 39.67 17.37 5.51
N PRO A 207 40.35 17.17 4.37
CA PRO A 207 39.60 17.13 3.10
C PRO A 207 38.60 16.00 3.01
N ASP A 208 38.73 14.98 3.85
CA ASP A 208 37.81 13.84 3.79
C ASP A 208 36.37 14.25 4.09
N LEU A 209 36.17 15.38 4.77
CA LEU A 209 34.80 15.82 5.06
C LEU A 209 34.08 16.25 3.79
N ALA A 210 34.81 16.74 2.79
CA ALA A 210 34.18 17.13 1.53
C ALA A 210 33.53 15.92 0.85
N LYS A 211 34.21 14.78 0.86
CA LYS A 211 33.63 13.58 0.27
C LYS A 211 32.36 13.16 0.97
N ILE A 212 32.34 13.25 2.31
CA ILE A 212 31.13 12.91 3.06
C ILE A 212 30.01 13.88 2.72
N LEU A 213 30.33 15.15 2.51
CA LEU A 213 29.31 16.14 2.18
C LEU A 213 28.63 15.79 0.87
N GLU A 214 29.39 15.33 -0.12
CA GLU A 214 28.79 14.97 -1.40
C GLU A 214 27.80 13.83 -1.25
N GLU A 215 28.17 12.80 -0.46
CA GLU A 215 27.25 11.70 -0.22
C GLU A 215 26.08 12.14 0.66
N VAL A 216 26.36 12.93 1.70
CA VAL A 216 25.29 13.42 2.55
C VAL A 216 24.36 14.34 1.77
N ARG A 217 24.93 15.21 0.94
CA ARG A 217 24.10 16.12 0.13
C ARG A 217 23.23 15.34 -0.83
N TYR A 218 23.76 14.25 -1.40
CA TYR A 218 22.95 13.44 -2.30
C TYR A 218 21.75 12.85 -1.58
N ILE A 219 21.94 12.36 -0.35
CA ILE A 219 20.81 11.84 0.42
C ILE A 219 19.80 12.94 0.69
N ALA A 220 20.27 14.12 1.08
CA ALA A 220 19.36 15.24 1.31
C ALA A 220 18.74 15.71 0.00
N ASN A 221 19.51 15.67 -1.09
CA ASN A 221 18.98 16.10 -2.38
C ASN A 221 17.83 15.21 -2.83
N ARG A 222 17.95 13.90 -2.60
CA ARG A 222 16.88 12.99 -2.97
C ARG A 222 15.61 13.30 -2.18
N PHE A 223 15.74 13.58 -0.89
CA PHE A 223 14.58 13.97 -0.10
C PHE A 223 14.03 15.32 -0.56
N ARG A 224 14.92 16.26 -0.91
CA ARG A 224 14.47 17.54 -1.43
C ARG A 224 13.71 17.35 -2.74
N CYS A 225 14.22 16.47 -3.61
CA CYS A 225 13.50 16.19 -4.85
C CYS A 225 12.17 15.50 -4.59
N GLN A 226 12.11 14.66 -3.55
CA GLN A 226 10.86 14.01 -3.21
C GLN A 226 9.80 15.03 -2.81
N ASP A 227 10.20 16.04 -2.03
CA ASP A 227 9.27 17.11 -1.67
C ASP A 227 8.83 17.88 -2.91
N GLU A 228 9.78 18.18 -3.81
CA GLU A 228 9.42 18.84 -5.06
C GLU A 228 8.64 17.90 -5.97
N SER A 229 8.95 16.60 -5.95
CA SER A 229 8.20 15.65 -6.77
C SER A 229 6.74 15.59 -6.33
N GLU A 230 6.48 15.65 -5.01
CA GLU A 230 5.11 15.64 -4.54
C GLU A 230 4.37 16.91 -4.95
N ALA A 231 5.08 18.03 -5.08
CA ALA A 231 4.45 19.25 -5.57
C ALA A 231 4.00 19.09 -7.01
N VAL A 232 4.83 18.46 -7.84
CA VAL A 232 4.42 18.20 -9.22
C VAL A 232 3.32 17.14 -9.26
N CYS A 233 3.43 16.11 -8.41
CA CYS A 233 2.39 15.09 -8.35
C CYS A 233 1.07 15.67 -7.84
N SER A 234 1.13 16.72 -7.01
CA SER A 234 -0.09 17.32 -6.50
C SER A 234 -0.90 17.94 -7.64
N GLU A 235 -0.24 18.45 -8.68
CA GLU A 235 -0.98 18.99 -9.82
C GLU A 235 -1.76 17.89 -10.52
N TRP A 236 -1.17 16.70 -10.66
CA TRP A 236 -1.90 15.58 -11.25
C TRP A 236 -3.09 15.18 -10.37
N LYS A 237 -2.89 15.15 -9.05
CA LYS A 237 -3.99 14.86 -8.15
C LYS A 237 -5.06 15.94 -8.22
N PHE A 238 -4.65 17.20 -8.30
CA PHE A 238 -5.62 18.28 -8.43
C PHE A 238 -6.39 18.19 -9.74
N ALA A 239 -5.70 17.80 -10.82
CA ALA A 239 -6.37 17.68 -12.11
C ALA A 239 -7.48 16.63 -12.04
N ALA A 240 -7.24 15.53 -11.33
CA ALA A 240 -8.29 14.53 -11.17
C ALA A 240 -9.47 15.09 -10.39
N CYS A 241 -9.19 15.88 -9.34
CA CYS A 241 -10.27 16.49 -8.58
C CYS A 241 -11.08 17.46 -9.44
N VAL A 242 -10.40 18.25 -10.27
CA VAL A 242 -11.10 19.19 -11.14
C VAL A 242 -12.02 18.43 -12.10
N VAL A 243 -11.49 17.37 -12.73
CA VAL A 243 -12.30 16.55 -13.62
C VAL A 243 -13.42 15.88 -12.85
N ASP A 244 -13.11 15.35 -11.66
CA ASP A 244 -14.14 14.70 -10.84
C ASP A 244 -15.22 15.70 -10.43
N ARG A 245 -14.82 16.91 -10.03
CA ARG A 245 -15.78 17.93 -9.64
C ARG A 245 -16.41 18.63 -10.83
N LEU A 246 -15.80 18.53 -12.02
CA LEU A 246 -16.39 19.15 -13.20
C LEU A 246 -17.73 18.52 -13.54
N CYS A 247 -17.83 17.19 -13.45
CA CYS A 247 -19.08 16.52 -13.75
C CYS A 247 -20.12 16.77 -12.67
N LEU A 248 -19.69 17.01 -11.44
CA LEU A 248 -20.64 17.27 -10.35
C LEU A 248 -21.44 18.54 -10.61
N MET A 249 -20.75 19.61 -11.02
CA MET A 249 -21.45 20.86 -11.32
C MET A 249 -22.16 20.80 -12.67
N ALA A 250 -21.59 20.12 -13.65
CA ALA A 250 -22.23 20.03 -14.96
C ALA A 250 -23.50 19.20 -14.90
N PHE A 251 -23.47 18.10 -14.15
CA PHE A 251 -24.63 17.22 -14.04
C PHE A 251 -25.61 17.64 -12.95
N SER A 252 -25.25 18.63 -12.13
CA SER A 252 -26.18 19.10 -11.10
C SER A 252 -27.44 19.67 -11.72
N VAL A 253 -27.28 20.48 -12.77
CA VAL A 253 -28.44 21.04 -13.46
C VAL A 253 -29.17 19.94 -14.23
N PHE A 254 -28.43 19.05 -14.89
CA PHE A 254 -29.05 17.97 -15.63
C PHE A 254 -29.83 17.04 -14.72
N THR A 255 -29.28 16.73 -13.55
CA THR A 255 -29.97 15.87 -12.60
C THR A 255 -31.28 16.50 -12.15
N ILE A 256 -31.27 17.80 -11.86
CA ILE A 256 -32.49 18.49 -11.48
C ILE A 256 -33.49 18.48 -12.64
N ILE A 257 -33.00 18.72 -13.86
CA ILE A 257 -33.89 18.71 -15.02
C ILE A 257 -34.50 17.32 -15.20
N CYS A 258 -33.67 16.28 -15.06
CA CYS A 258 -34.17 14.92 -15.24
C CYS A 258 -35.27 14.61 -14.22
N THR A 259 -35.06 15.00 -12.96
CA THR A 259 -36.10 14.79 -11.95
C THR A 259 -37.36 15.58 -12.29
N ILE A 260 -37.20 16.83 -12.72
CA ILE A 260 -38.35 17.64 -13.10
C ILE A 260 -39.00 17.08 -14.35
N GLY A 261 -38.20 16.60 -15.30
CA GLY A 261 -38.77 16.05 -16.53
C GLY A 261 -39.66 14.86 -16.26
N ILE A 262 -39.27 14.00 -15.32
CA ILE A 262 -40.09 12.83 -14.99
C ILE A 262 -41.43 13.28 -14.43
N LEU A 263 -41.44 14.30 -13.59
CA LEU A 263 -42.67 14.80 -12.99
C LEU A 263 -43.61 15.38 -14.05
N MET A 264 -43.10 15.76 -15.21
CA MET A 264 -43.92 16.32 -16.29
C MET A 264 -44.11 15.38 -17.46
N SER A 265 -43.15 14.50 -17.73
CA SER A 265 -43.29 13.56 -18.84
C SER A 265 -44.23 12.42 -18.50
N ALA A 266 -44.17 11.91 -17.26
CA ALA A 266 -44.97 10.75 -16.89
C ALA A 266 -46.46 11.01 -17.02
N PRO A 267 -47.01 12.12 -16.50
CA PRO A 267 -48.47 12.33 -16.65
C PRO A 267 -48.93 12.39 -18.09
N ASN A 268 -48.10 12.88 -19.00
CA ASN A 268 -48.49 12.96 -20.40
C ASN A 268 -48.47 11.60 -21.08
N PHE A 269 -47.47 10.78 -20.79
CA PHE A 269 -47.33 9.45 -21.38
C PHE A 269 -47.68 8.34 -20.41
N VAL A 270 -47.06 8.32 -19.24
CA VAL A 270 -47.32 7.28 -18.24
C VAL A 270 -48.62 7.57 -17.51
N LEU B 7 -45.63 -19.56 11.04
CA LEU B 7 -44.93 -18.36 10.61
C LEU B 7 -43.83 -18.69 9.62
N TYR B 8 -44.21 -19.29 8.49
CA TYR B 8 -43.23 -19.64 7.47
C TYR B 8 -42.54 -18.41 6.93
N TYR B 9 -43.31 -17.36 6.63
CA TYR B 9 -42.73 -16.12 6.14
C TYR B 9 -42.21 -15.24 7.27
N GLY B 10 -42.81 -15.35 8.45
CA GLY B 10 -42.35 -14.54 9.57
C GLY B 10 -40.93 -14.85 9.98
N LEU B 11 -40.59 -16.14 10.04
CA LEU B 11 -39.24 -16.55 10.42
C LEU B 11 -38.24 -16.42 9.27
N ASN B 12 -38.70 -16.22 8.04
CA ASN B 12 -37.83 -16.09 6.88
C ASN B 12 -37.69 -14.65 6.41
N LEU B 13 -38.47 -13.71 6.95
CA LEU B 13 -38.41 -12.31 6.58
C LEU B 13 -38.13 -11.39 7.75
N LEU B 14 -38.74 -11.66 8.91
CA LEU B 14 -38.48 -10.81 10.08
C LEU B 14 -37.10 -11.10 10.67
N ILE B 15 -36.73 -12.39 10.77
CA ILE B 15 -35.44 -12.73 11.35
C ILE B 15 -34.29 -12.13 10.56
N PRO B 16 -34.21 -12.27 9.24
CA PRO B 16 -33.11 -11.63 8.50
C PRO B 16 -33.06 -10.12 8.67
N CYS B 17 -34.20 -9.47 8.86
CA CYS B 17 -34.20 -8.01 9.04
C CYS B 17 -33.42 -7.63 10.29
N VAL B 18 -33.62 -8.37 11.38
CA VAL B 18 -32.87 -8.08 12.61
C VAL B 18 -31.38 -8.31 12.40
N LEU B 19 -31.02 -9.40 11.73
CA LEU B 19 -29.61 -9.68 11.46
C LEU B 19 -28.99 -8.59 10.59
N ILE B 20 -29.71 -8.16 9.56
CA ILE B 20 -29.18 -7.11 8.68
C ILE B 20 -28.97 -5.82 9.45
N SER B 21 -29.95 -5.43 10.27
CA SER B 21 -29.81 -4.22 11.07
C SER B 21 -28.69 -4.36 12.08
N ALA B 22 -28.56 -5.53 12.71
CA ALA B 22 -27.48 -5.74 13.67
C ALA B 22 -26.12 -5.71 12.97
N LEU B 23 -26.02 -6.32 11.79
CA LEU B 23 -24.76 -6.28 11.04
C LEU B 23 -24.42 -4.86 10.62
N ALA B 24 -25.42 -4.08 10.18
CA ALA B 24 -25.16 -2.71 9.77
C ALA B 24 -24.78 -1.85 10.97
N LEU B 25 -25.26 -2.17 12.16
CA LEU B 25 -24.88 -1.41 13.34
C LEU B 25 -23.41 -1.59 13.68
N LEU B 26 -22.85 -2.77 13.41
CA LEU B 26 -21.43 -3.00 13.68
C LEU B 26 -20.54 -2.26 12.69
N VAL B 27 -21.08 -1.83 11.55
CA VAL B 27 -20.29 -1.07 10.59
C VAL B 27 -19.83 0.25 11.21
N PHE B 28 -20.73 0.94 11.90
CA PHE B 28 -20.36 2.18 12.56
C PHE B 28 -19.49 1.95 13.78
N LEU B 29 -19.49 0.74 14.34
CA LEU B 29 -18.62 0.45 15.47
C LEU B 29 -17.17 0.30 15.03
N LEU B 30 -16.94 -0.10 13.78
CA LEU B 30 -15.58 -0.25 13.28
C LEU B 30 -14.93 1.12 13.13
N PRO B 31 -13.76 1.37 13.74
CA PRO B 31 -13.12 2.68 13.58
C PRO B 31 -12.88 3.02 12.11
N ALA B 32 -12.64 4.31 11.87
CA ALA B 32 -12.52 4.79 10.49
C ALA B 32 -11.23 4.33 9.83
N ASP B 33 -10.18 4.06 10.62
CA ASP B 33 -8.88 3.72 10.04
C ASP B 33 -8.95 2.43 9.22
N SER B 34 -9.95 1.59 9.44
CA SER B 34 -10.08 0.36 8.67
C SER B 34 -10.21 0.67 7.18
N GLY B 35 -9.22 0.26 6.39
CA GLY B 35 -9.23 0.54 4.96
C GLY B 35 -10.20 -0.31 4.17
N GLU B 36 -10.59 -1.46 4.70
CA GLU B 36 -11.51 -2.37 4.02
C GLU B 36 -12.95 -2.19 4.47
N LYS B 37 -13.31 -1.00 4.99
CA LYS B 37 -14.67 -0.78 5.45
C LYS B 37 -15.66 -0.75 4.29
N ILE B 38 -15.22 -0.37 3.09
CA ILE B 38 -16.11 -0.32 1.95
C ILE B 38 -16.59 -1.71 1.57
N SER B 39 -15.70 -2.71 1.68
CA SER B 39 -16.08 -4.07 1.35
C SER B 39 -17.17 -4.59 2.28
N LEU B 40 -17.08 -4.23 3.57
CA LEU B 40 -18.08 -4.71 4.53
C LEU B 40 -19.47 -4.18 4.18
N GLY B 41 -19.57 -2.91 3.78
CA GLY B 41 -20.87 -2.34 3.45
C GLY B 41 -21.45 -2.88 2.16
N ILE B 42 -20.58 -3.30 1.23
CA ILE B 42 -21.07 -3.79 -0.05
C ILE B 42 -21.80 -5.12 0.13
N THR B 43 -21.20 -6.04 0.88
CA THR B 43 -21.83 -7.34 1.09
C THR B 43 -23.14 -7.22 1.87
N VAL B 44 -23.16 -6.33 2.87
CA VAL B 44 -24.39 -6.14 3.65
C VAL B 44 -25.49 -5.58 2.78
N LEU B 45 -25.18 -4.58 1.95
CA LEU B 45 -26.19 -4.02 1.06
C LEU B 45 -26.65 -5.04 0.03
N LEU B 46 -25.72 -5.83 -0.51
CA LEU B 46 -26.09 -6.84 -1.51
C LEU B 46 -27.02 -7.88 -0.94
N SER B 47 -26.76 -8.32 0.30
CA SER B 47 -27.62 -9.34 0.91
C SER B 47 -29.03 -8.82 1.15
N LEU B 48 -29.18 -7.52 1.37
CA LEU B 48 -30.51 -6.96 1.57
C LEU B 48 -31.34 -7.02 0.29
N THR B 49 -30.70 -6.79 -0.86
CA THR B 49 -31.42 -6.81 -2.13
C THR B 49 -31.90 -8.21 -2.46
N VAL B 50 -31.10 -9.23 -2.14
CA VAL B 50 -31.48 -10.60 -2.45
C VAL B 50 -32.75 -10.98 -1.72
N PHE B 51 -32.83 -10.65 -0.43
CA PHE B 51 -34.03 -10.95 0.35
C PHE B 51 -35.18 -10.01 0.01
N MET B 52 -34.88 -8.79 -0.43
CA MET B 52 -35.93 -7.85 -0.77
C MET B 52 -36.71 -8.29 -2.00
N LEU B 53 -36.04 -8.94 -2.96
CA LEU B 53 -36.73 -9.39 -4.16
C LEU B 53 -37.80 -10.42 -3.84
N LEU B 54 -37.53 -11.32 -2.88
CA LEU B 54 -38.50 -12.34 -2.52
C LEU B 54 -39.78 -11.72 -1.97
N VAL B 55 -39.64 -10.70 -1.13
CA VAL B 55 -40.82 -10.07 -0.55
C VAL B 55 -41.67 -9.40 -1.62
N ALA B 56 -41.06 -8.96 -2.72
CA ALA B 56 -41.81 -8.31 -3.78
C ALA B 56 -42.86 -9.24 -4.37
N GLU B 57 -42.49 -10.50 -4.62
CA GLU B 57 -43.45 -11.46 -5.16
C GLU B 57 -44.55 -11.78 -4.16
N ILE B 58 -44.19 -11.88 -2.87
CA ILE B 58 -45.19 -12.18 -1.85
C ILE B 58 -46.20 -11.04 -1.74
N MET B 59 -45.72 -9.80 -1.78
CA MET B 59 -46.60 -8.66 -1.63
C MET B 59 -47.59 -8.60 -2.79
N PRO B 60 -48.90 -8.54 -2.52
CA PRO B 60 -49.86 -8.44 -3.63
C PRO B 60 -49.64 -7.17 -4.43
N SER B 61 -49.87 -7.26 -5.74
CA SER B 61 -49.73 -6.12 -6.64
C SER B 61 -50.98 -5.26 -6.54
N THR B 62 -50.95 -4.30 -5.62
CA THR B 62 -52.08 -3.41 -5.39
C THR B 62 -51.99 -2.22 -6.34
N SER B 63 -52.86 -1.23 -6.14
CA SER B 63 -52.89 -0.03 -6.98
C SER B 63 -52.94 1.26 -6.19
N ASP B 64 -53.09 1.22 -4.87
CA ASP B 64 -53.13 2.42 -4.04
C ASP B 64 -51.83 2.66 -3.30
N SER B 65 -51.34 1.66 -2.55
CA SER B 65 -50.09 1.79 -1.83
C SER B 65 -49.55 0.39 -1.54
N SER B 66 -48.24 0.33 -1.30
CA SER B 66 -47.61 -0.94 -1.00
C SER B 66 -48.01 -1.43 0.38
N PRO B 67 -47.94 -2.74 0.63
CA PRO B 67 -48.28 -3.26 1.95
C PRO B 67 -47.37 -2.71 3.03
N SER B 68 -47.79 -2.89 4.28
CA SER B 68 -47.01 -2.40 5.41
C SER B 68 -45.70 -3.14 5.59
N ILE B 69 -45.56 -4.33 4.99
CA ILE B 69 -44.32 -5.08 5.12
C ILE B 69 -43.18 -4.35 4.43
N ALA B 70 -43.46 -3.59 3.38
CA ALA B 70 -42.41 -2.86 2.68
C ALA B 70 -41.82 -1.77 3.55
N GLN B 71 -42.60 -1.25 4.51
CA GLN B 71 -42.08 -0.21 5.40
C GLN B 71 -40.96 -0.74 6.29
N TYR B 72 -40.99 -2.02 6.63
CA TYR B 72 -39.94 -2.59 7.47
C TYR B 72 -38.58 -2.49 6.79
N PHE B 73 -38.52 -2.80 5.49
CA PHE B 73 -37.26 -2.69 4.76
C PHE B 73 -36.93 -1.25 4.41
N ALA B 74 -37.91 -0.35 4.42
CA ALA B 74 -37.63 1.06 4.14
C ALA B 74 -36.75 1.67 5.23
N SER B 75 -37.08 1.41 6.50
CA SER B 75 -36.25 1.93 7.59
C SER B 75 -34.90 1.23 7.62
N THR B 76 -34.87 -0.07 7.36
CA THR B 76 -33.60 -0.79 7.36
C THR B 76 -32.69 -0.30 6.24
N MET B 77 -33.26 0.00 5.07
CA MET B 77 -32.44 0.47 3.96
C MET B 77 -31.77 1.79 4.28
N ILE B 78 -32.38 2.61 5.13
CA ILE B 78 -31.76 3.87 5.52
C ILE B 78 -30.47 3.62 6.29
N ILE B 79 -30.50 2.68 7.23
CA ILE B 79 -29.29 2.37 8.00
C ILE B 79 -28.26 1.70 7.11
N VAL B 80 -28.68 0.72 6.32
CA VAL B 80 -27.75 0.03 5.42
C VAL B 80 -27.31 0.97 4.30
N GLY B 81 -28.25 1.74 3.75
CA GLY B 81 -27.89 2.66 2.68
C GLY B 81 -26.92 3.74 3.13
N LEU B 82 -27.12 4.26 4.35
CA LEU B 82 -26.23 5.30 4.87
C LEU B 82 -24.90 4.74 5.34
N SER B 83 -24.80 3.42 5.54
CA SER B 83 -23.53 2.83 5.94
C SER B 83 -22.47 3.03 4.88
N VAL B 84 -22.84 2.84 3.60
CA VAL B 84 -21.89 3.08 2.52
C VAL B 84 -21.53 4.56 2.44
N VAL B 85 -22.52 5.44 2.62
CA VAL B 85 -22.26 6.88 2.56
C VAL B 85 -21.29 7.27 3.67
N VAL B 86 -21.49 6.75 4.88
CA VAL B 86 -20.59 7.05 5.98
C VAL B 86 -19.19 6.53 5.66
N THR B 87 -19.11 5.33 5.11
CA THR B 87 -17.79 4.77 4.75
C THR B 87 -17.12 5.62 3.69
N VAL B 88 -17.88 6.10 2.70
CA VAL B 88 -17.30 6.94 1.66
C VAL B 88 -16.74 8.22 2.28
N ILE B 89 -17.50 8.85 3.18
CA ILE B 89 -17.01 10.04 3.87
C ILE B 89 -15.79 9.68 4.72
N VAL B 90 -15.81 8.51 5.34
CA VAL B 90 -14.67 8.09 6.16
C VAL B 90 -13.42 7.96 5.30
N LEU B 91 -13.54 7.35 4.12
CA LEU B 91 -12.38 7.17 3.27
C LEU B 91 -11.80 8.51 2.82
N GLN B 92 -12.64 9.53 2.65
CA GLN B 92 -12.15 10.82 2.19
C GLN B 92 -11.24 11.46 3.24
N TYR B 93 -11.60 11.36 4.52
CA TYR B 93 -10.81 11.98 5.57
C TYR B 93 -9.43 11.36 5.69
N HIS B 94 -9.23 10.15 5.17
CA HIS B 94 -7.91 9.52 5.14
C HIS B 94 -7.13 9.85 3.87
N HIS B 95 -7.75 10.54 2.91
CA HIS B 95 -7.10 10.94 1.67
C HIS B 95 -7.39 12.43 1.48
N HIS B 96 -6.52 13.28 2.03
CA HIS B 96 -6.73 14.72 1.97
C HIS B 96 -6.60 15.22 0.54
N ASP B 97 -7.41 16.22 0.21
CA ASP B 97 -7.40 16.85 -1.11
C ASP B 97 -7.57 18.35 -0.93
N PRO B 98 -7.15 19.14 -1.92
CA PRO B 98 -7.37 20.60 -1.81
C PRO B 98 -8.84 20.97 -1.69
N ASP B 99 -9.74 20.22 -2.31
CA ASP B 99 -11.16 20.55 -2.25
C ASP B 99 -11.70 20.37 -0.84
N GLY B 100 -11.25 19.34 -0.14
CA GLY B 100 -11.76 19.08 1.19
C GLY B 100 -11.02 17.94 1.85
N GLY B 101 -11.64 17.38 2.88
CA GLY B 101 -11.05 16.30 3.66
C GLY B 101 -10.75 16.66 5.10
N LYS B 102 -11.08 17.86 5.56
CA LYS B 102 -10.84 18.24 6.94
C LYS B 102 -11.92 19.22 7.38
N MET B 103 -12.12 19.31 8.68
CA MET B 103 -13.14 20.18 9.24
C MET B 103 -12.58 21.60 9.43
N PRO B 104 -13.46 22.60 9.50
CA PRO B 104 -12.99 23.98 9.70
C PRO B 104 -12.16 24.11 10.97
N LYS B 105 -11.36 25.18 11.01
CA LYS B 105 -10.50 25.41 12.17
C LYS B 105 -11.32 25.61 13.43
N TRP B 106 -12.43 26.34 13.34
CA TRP B 106 -13.26 26.60 14.51
C TRP B 106 -13.82 25.31 15.09
N THR B 107 -14.25 24.38 14.23
CA THR B 107 -14.79 23.10 14.68
C THR B 107 -13.69 22.14 15.13
N ARG B 108 -12.43 22.41 14.83
CA ARG B 108 -11.35 21.52 15.26
C ARG B 108 -11.21 21.52 16.77
N VAL B 109 -11.48 22.65 17.42
CA VAL B 109 -11.38 22.71 18.88
C VAL B 109 -12.39 21.77 19.52
N ILE B 110 -13.61 21.71 18.96
CA ILE B 110 -14.62 20.82 19.50
C ILE B 110 -14.17 19.37 19.41
N LEU B 111 -13.60 18.98 18.26
CA LEU B 111 -13.11 17.62 18.11
C LEU B 111 -11.99 17.31 19.10
N LEU B 112 -11.08 18.27 19.30
CA LEU B 112 -10.00 18.07 20.27
C LEU B 112 -10.55 17.86 21.67
N ASN B 113 -11.54 18.65 22.06
CA ASN B 113 -12.15 18.47 23.37
C ASN B 113 -12.84 17.11 23.47
N TRP B 114 -13.52 16.69 22.40
CA TRP B 114 -14.19 15.40 22.42
C TRP B 114 -13.20 14.25 22.57
N CYS B 115 -11.99 14.41 22.04
CA CYS B 115 -10.99 13.35 22.17
C CYS B 115 -10.65 13.09 23.63
N ALA B 116 -10.48 14.16 24.42
CA ALA B 116 -10.22 13.98 25.84
C ALA B 116 -11.47 13.55 26.59
N TRP B 117 -12.66 13.98 26.13
CA TRP B 117 -13.89 13.58 26.79
C TRP B 117 -14.24 12.13 26.50
N PHE B 118 -13.85 11.61 25.34
CA PHE B 118 -14.14 10.22 25.00
C PHE B 118 -13.49 9.26 25.99
N LEU B 119 -12.23 9.51 26.33
CA LEU B 119 -11.54 8.66 27.31
C LEU B 119 -12.01 8.95 28.72
N ARG B 120 -12.29 10.21 29.04
CA ARG B 120 -12.75 10.64 30.36
C ARG B 120 -13.99 11.50 30.16
N MET B 121 -15.16 10.86 30.11
CA MET B 121 -16.41 11.55 29.91
C MET B 121 -17.07 11.87 31.25
N LYS B 122 -18.17 12.62 31.19
CA LYS B 122 -18.91 12.99 32.39
C LYS B 122 -19.90 11.92 32.84
N ARG B 123 -20.00 10.82 32.11
CA ARG B 123 -20.91 9.75 32.50
C ARG B 123 -20.40 9.04 33.74
N PRO B 124 -21.28 8.33 34.46
CA PRO B 124 -20.84 7.64 35.67
C PRO B 124 -19.74 6.62 35.42
N GLY B 125 -19.67 6.06 34.22
CA GLY B 125 -18.65 5.06 33.94
C GLY B 125 -17.24 5.60 34.02
N GLU B 126 -17.06 6.90 33.78
CA GLU B 126 -15.77 7.55 33.84
C GLU B 126 -15.70 8.65 34.88
N ASP B 127 -16.75 9.47 35.00
CA ASP B 127 -16.73 10.55 35.98
C ASP B 127 -16.64 10.02 37.39
N LYS B 128 -17.36 8.93 37.69
CA LYS B 128 -17.35 8.38 39.04
C LYS B 128 -16.02 7.68 39.34
N VAL B 129 -15.43 7.02 38.35
CA VAL B 129 -14.22 6.22 38.56
C VAL B 129 -13.05 7.17 38.35
N ARG B 130 -12.69 7.89 39.42
CA ARG B 130 -11.53 8.76 39.43
C ARG B 130 -11.30 9.30 40.83
N PRO B 131 -10.06 9.62 41.21
CA PRO B 131 -9.82 10.16 42.55
C PRO B 131 -10.57 11.46 42.76
N ALA B 132 -11.08 11.66 43.98
CA ALA B 132 -11.83 12.87 44.31
C ALA B 132 -11.70 13.10 45.81
N CYS B 133 -11.13 14.23 46.18
CA CYS B 133 -10.95 14.58 47.59
C CYS B 133 -10.69 16.08 47.69
N GLN B 134 -10.53 16.56 48.91
CA GLN B 134 -10.26 17.97 49.17
C GLN B 134 -8.78 18.30 49.14
N HIS B 135 -7.93 17.32 48.86
CA HIS B 135 -6.48 17.55 48.81
C HIS B 135 -6.11 18.19 47.47
N LYS B 136 -4.81 18.22 47.18
CA LYS B 136 -4.32 18.85 45.95
C LYS B 136 -4.89 18.22 44.69
N GLN B 137 -5.57 17.07 44.80
CA GLN B 137 -6.12 16.43 43.61
C GLN B 137 -7.15 17.32 42.93
N ARG B 138 -8.00 17.98 43.72
CA ARG B 138 -9.06 18.84 43.21
C ARG B 138 -8.88 20.28 43.70
N ARG B 139 -7.64 20.77 43.66
CA ARG B 139 -7.32 22.13 44.06
C ARG B 139 -7.10 23.01 42.83
N CYS B 140 -7.11 24.32 43.07
CA CYS B 140 -6.90 25.31 42.02
C CYS B 140 -5.58 26.03 42.25
N SER B 141 -4.87 26.30 41.16
CA SER B 141 -3.59 26.98 41.23
C SER B 141 -3.33 27.63 39.88
N LEU B 142 -2.13 28.21 39.71
CA LEU B 142 -1.80 28.88 38.46
C LEU B 142 -1.69 27.87 37.31
N ALA B 143 -1.16 26.68 37.59
CA ALA B 143 -1.01 25.68 36.53
C ALA B 143 -2.36 25.27 35.96
N SER B 144 -3.35 25.04 36.83
CA SER B 144 -4.67 24.65 36.36
C SER B 144 -5.39 25.81 35.69
N VAL B 145 -5.31 27.01 36.28
CA VAL B 145 -5.96 28.20 35.73
C VAL B 145 -4.91 28.90 34.87
N GLU B 146 -4.92 28.60 33.58
CA GLU B 146 -3.98 29.17 32.62
C GLU B 146 -4.67 30.15 31.68
N MET B 147 -5.64 30.91 32.20
CA MET B 147 -6.33 31.89 31.39
C MET B 147 -5.45 33.08 31.04
N SER B 148 -4.35 33.28 31.77
CA SER B 148 -3.43 34.38 31.53
C SER B 148 -2.17 33.93 30.80
N ALA B 149 -2.30 32.95 29.91
CA ALA B 149 -1.15 32.42 29.16
C ALA B 149 -0.08 31.88 30.12
N VAL B 150 -0.51 31.03 31.04
CA VAL B 150 0.38 30.42 32.02
C VAL B 150 0.87 29.09 31.48
N ALA B 151 2.10 28.74 31.83
CA ALA B 151 2.69 27.50 31.34
C ALA B 151 1.92 26.31 31.90
N PRO B 152 1.52 25.36 31.07
CA PRO B 152 0.78 24.19 31.57
C PRO B 152 1.70 23.22 32.28
N PRO B 153 1.15 22.17 32.89
CA PRO B 153 2.00 21.20 33.56
C PRO B 153 2.96 20.56 32.58
N PRO B 154 4.16 20.17 33.03
CA PRO B 154 5.13 19.57 32.10
C PRO B 154 4.76 18.15 31.70
N ALA B 155 3.85 18.02 30.76
CA ALA B 155 3.39 16.73 30.27
C ALA B 155 3.95 16.45 28.89
N SER B 156 4.26 15.19 28.61
CA SER B 156 4.84 14.77 27.34
C SER B 156 3.77 14.47 26.29
N ASN B 157 2.55 14.98 26.47
CA ASN B 157 1.46 14.76 25.52
C ASN B 157 1.35 15.85 24.47
N GLY B 158 2.38 16.67 24.31
CA GLY B 158 2.39 17.73 23.34
C GLY B 158 2.36 19.14 23.90
N ASN B 159 2.71 19.32 25.18
CA ASN B 159 2.74 20.64 25.79
C ASN B 159 4.16 21.09 26.12
N LEU B 160 4.91 20.29 26.86
CA LEU B 160 6.28 20.68 27.22
C LEU B 160 7.17 20.70 25.98
N LEU B 161 7.02 19.72 25.09
CA LEU B 161 7.88 19.65 23.91
C LEU B 161 7.62 20.81 22.96
N TYR B 162 6.34 21.10 22.68
CA TYR B 162 6.03 22.17 21.74
C TYR B 162 6.33 23.55 22.36
N ILE B 163 5.99 23.73 23.64
CA ILE B 163 6.25 25.02 24.27
C ILE B 163 7.74 25.25 24.44
N GLY B 164 8.51 24.18 24.69
CA GLY B 164 9.94 24.32 24.90
C GLY B 164 10.70 24.73 23.65
N PHE B 165 10.16 24.44 22.46
CA PHE B 165 10.79 24.79 21.21
C PHE B 165 10.11 25.97 20.53
N ARG B 166 8.80 25.92 20.37
CA ARG B 166 8.05 27.01 19.75
C ARG B 166 7.57 28.04 20.75
N GLY B 167 7.11 27.59 21.93
CA GLY B 167 6.61 28.54 22.92
C GLY B 167 7.70 29.46 23.44
N LEU B 168 8.91 28.94 23.62
CA LEU B 168 10.03 29.72 24.14
C LEU B 168 10.69 30.46 22.98
N ASP B 169 9.99 31.47 22.49
CA ASP B 169 10.48 32.31 21.39
C ASP B 169 11.29 33.46 21.98
N GLY B 170 12.57 33.17 22.23
CA GLY B 170 13.48 34.15 22.80
C GLY B 170 14.34 33.60 23.92
N VAL B 171 14.15 32.32 24.26
CA VAL B 171 14.89 31.66 25.31
C VAL B 171 15.65 30.45 24.78
N HIS B 172 14.99 29.62 23.98
CA HIS B 172 15.61 28.41 23.44
C HIS B 172 16.22 28.67 22.06
N CYS B 173 15.38 29.08 21.09
CA CYS B 173 15.89 29.34 19.75
C CYS B 173 16.88 30.50 19.75
N VAL B 174 16.53 31.59 20.44
CA VAL B 174 17.38 32.77 20.51
C VAL B 174 17.53 33.17 21.98
N PRO B 175 18.40 32.50 22.75
CA PRO B 175 18.54 32.86 24.17
C PRO B 175 18.93 34.33 24.33
N THR B 176 18.02 35.09 24.93
CA THR B 176 18.25 36.52 25.16
C THR B 176 19.15 36.76 26.37
N PRO B 177 18.94 36.05 27.51
CA PRO B 177 19.81 36.33 28.66
C PRO B 177 21.21 35.72 28.51
N ASP B 178 22.06 36.42 27.78
CA ASP B 178 23.43 36.00 27.53
C ASP B 178 24.47 36.90 28.19
N SER B 179 24.05 38.03 28.77
CA SER B 179 24.97 38.97 29.39
C SER B 179 25.21 38.53 30.84
N GLY B 180 26.29 37.78 31.05
CA GLY B 180 26.65 37.33 32.38
C GLY B 180 25.93 36.10 32.86
N VAL B 181 25.13 35.46 32.00
CA VAL B 181 24.38 34.25 32.37
C VAL B 181 24.91 33.03 31.60
N VAL B 182 24.94 33.11 30.28
CA VAL B 182 25.44 32.00 29.46
C VAL B 182 26.93 32.12 29.21
N CYS B 183 27.40 33.32 28.89
CA CYS B 183 28.82 33.56 28.63
C CYS B 183 29.58 34.01 29.87
N GLY B 184 28.92 34.11 31.01
CA GLY B 184 29.56 34.53 32.24
C GLY B 184 29.30 33.60 33.39
N ARG B 185 29.21 32.30 33.10
CA ARG B 185 28.97 31.29 34.13
C ARG B 185 29.71 30.02 33.76
N MET B 186 30.04 29.23 34.78
CA MET B 186 30.76 27.97 34.60
C MET B 186 29.83 26.80 34.33
N ALA B 187 28.58 27.06 33.92
CA ALA B 187 27.61 26.01 33.64
C ALA B 187 27.84 25.52 32.21
N CYS B 188 28.89 24.72 32.05
CA CYS B 188 29.25 24.15 30.74
C CYS B 188 29.45 25.26 29.70
N SER B 189 30.03 26.37 30.13
CA SER B 189 30.29 27.50 29.25
C SER B 189 31.40 28.34 29.87
N PRO B 190 32.11 29.13 29.06
CA PRO B 190 33.17 29.98 29.61
C PRO B 190 32.61 31.11 30.46
N THR B 191 33.44 31.58 31.39
CA THR B 191 33.08 32.67 32.30
C THR B 191 33.87 33.91 31.87
N HIS B 192 33.29 34.66 30.94
CA HIS B 192 33.91 35.88 30.42
C HIS B 192 35.29 35.60 29.83
N ASP B 193 35.49 34.41 29.28
CA ASP B 193 36.76 34.00 28.68
C ASP B 193 36.65 34.22 27.17
N GLU B 194 37.13 35.37 26.70
CA GLU B 194 37.10 35.68 25.28
C GLU B 194 38.26 35.07 24.52
N HIS B 195 39.27 34.53 25.21
CA HIS B 195 40.43 33.91 24.58
C HIS B 195 40.37 32.38 24.64
N LEU B 196 39.17 31.81 24.62
CA LEU B 196 38.99 30.36 24.68
C LEU B 196 39.23 29.79 23.29
N LEU B 197 40.50 29.60 22.96
CA LEU B 197 40.91 29.07 21.67
C LEU B 197 41.26 27.59 21.80
N HIS B 198 41.38 26.93 20.64
CA HIS B 198 41.70 25.50 20.60
C HIS B 198 43.23 25.34 20.59
N GLY B 199 43.83 25.70 21.72
CA GLY B 199 45.27 25.60 21.86
C GLY B 199 46.01 26.49 20.90
N GLY B 200 45.56 27.74 20.76
CA GLY B 200 46.15 28.68 19.83
C GLY B 200 45.53 28.68 18.46
N GLN B 201 44.57 27.79 18.19
CA GLN B 201 43.90 27.69 16.91
C GLN B 201 42.43 28.08 17.05
N PRO B 202 41.75 28.39 15.95
CA PRO B 202 40.35 28.76 16.04
C PRO B 202 39.54 27.63 16.65
N PRO B 203 38.48 27.95 17.39
CA PRO B 203 37.69 26.87 18.02
C PRO B 203 37.16 25.87 17.01
N GLU B 204 36.76 26.32 15.83
CA GLU B 204 36.23 25.43 14.81
C GLU B 204 37.39 24.76 14.07
N GLY B 205 37.54 23.45 14.26
CA GLY B 205 38.62 22.74 13.60
C GLY B 205 38.48 22.73 12.09
N ASP B 206 37.25 22.60 11.60
CA ASP B 206 36.99 22.57 10.16
C ASP B 206 35.62 23.18 9.86
N PRO B 207 35.56 24.31 9.14
CA PRO B 207 34.24 24.88 8.80
C PRO B 207 33.38 23.97 7.95
N ASP B 208 33.96 22.97 7.28
CA ASP B 208 33.19 22.09 6.42
C ASP B 208 32.13 21.31 7.20
N LEU B 209 32.31 21.15 8.51
CA LEU B 209 31.32 20.43 9.30
C LEU B 209 29.99 21.20 9.36
N ALA B 210 30.05 22.53 9.29
CA ALA B 210 28.82 23.32 9.30
C ALA B 210 27.95 23.00 8.09
N LYS B 211 28.57 22.84 6.92
CA LYS B 211 27.80 22.50 5.73
C LYS B 211 27.13 21.14 5.86
N ILE B 212 27.84 20.17 6.44
CA ILE B 212 27.26 18.85 6.64
C ILE B 212 26.09 18.93 7.63
N LEU B 213 26.21 19.79 8.64
CA LEU B 213 25.14 19.93 9.62
C LEU B 213 23.85 20.43 8.96
N GLU B 214 23.97 21.38 8.03
CA GLU B 214 22.78 21.89 7.35
C GLU B 214 22.09 20.78 6.57
N GLU B 215 22.85 19.96 5.85
CA GLU B 215 22.26 18.85 5.12
C GLU B 215 21.73 17.77 6.07
N VAL B 216 22.50 17.47 7.12
CA VAL B 216 22.05 16.48 8.11
C VAL B 216 20.82 17.00 8.83
N ARG B 217 20.81 18.27 9.20
CA ARG B 217 19.66 18.84 9.89
C ARG B 217 18.42 18.80 9.01
N TYR B 218 18.58 19.06 7.70
CA TYR B 218 17.45 18.99 6.79
C TYR B 218 16.86 17.59 6.75
N ILE B 219 17.72 16.57 6.71
CA ILE B 219 17.24 15.19 6.74
C ILE B 219 16.47 14.92 8.02
N ALA B 220 17.04 15.34 9.16
CA ALA B 220 16.34 15.17 10.43
C ALA B 220 15.10 16.05 10.51
N ASN B 221 15.14 17.25 9.93
CA ASN B 221 13.98 18.12 9.96
C ASN B 221 12.80 17.50 9.22
N ARG B 222 13.08 16.86 8.08
CA ARG B 222 12.01 16.21 7.33
C ARG B 222 11.36 15.10 8.15
N PHE B 223 12.17 14.30 8.85
CA PHE B 223 11.63 13.28 9.73
C PHE B 223 10.87 13.90 10.89
N ARG B 224 11.38 15.00 11.44
CA ARG B 224 10.66 15.69 12.50
C ARG B 224 9.33 16.22 12.00
N CYS B 225 9.31 16.79 10.78
CA CYS B 225 8.05 17.24 10.21
C CYS B 225 7.12 16.08 9.93
N GLN B 226 7.65 14.91 9.56
CA GLN B 226 6.81 13.75 9.33
C GLN B 226 6.11 13.34 10.63
N ASP B 227 6.83 13.35 11.74
CA ASP B 227 6.20 13.04 13.03
C ASP B 227 5.14 14.07 13.37
N GLU B 228 5.44 15.36 13.14
CA GLU B 228 4.45 16.40 13.36
C GLU B 228 3.32 16.32 12.33
N SER B 229 3.63 15.92 11.10
CA SER B 229 2.60 15.77 10.08
C SER B 229 1.61 14.69 10.47
N GLU B 230 2.10 13.58 11.03
CA GLU B 230 1.20 12.52 11.48
C GLU B 230 0.32 12.99 12.62
N ALA B 231 0.81 13.90 13.45
CA ALA B 231 -0.02 14.45 14.52
C ALA B 231 -1.18 15.26 13.94
N VAL B 232 -0.91 16.05 12.90
CA VAL B 232 -1.98 16.79 12.23
C VAL B 232 -2.90 15.83 11.49
N CYS B 233 -2.33 14.82 10.84
CA CYS B 233 -3.15 13.83 10.14
C CYS B 233 -3.97 13.00 11.12
N SER B 234 -3.50 12.85 12.35
CA SER B 234 -4.26 12.09 13.35
C SER B 234 -5.60 12.77 13.65
N GLU B 235 -5.65 14.10 13.60
CA GLU B 235 -6.90 14.80 13.81
C GLU B 235 -7.90 14.48 12.71
N TRP B 236 -7.43 14.38 11.47
CA TRP B 236 -8.32 13.99 10.37
C TRP B 236 -8.82 12.55 10.56
N LYS B 237 -7.93 11.64 10.98
CA LYS B 237 -8.36 10.28 11.27
C LYS B 237 -9.34 10.24 12.44
N PHE B 238 -9.07 11.04 13.47
CA PHE B 238 -9.99 11.09 14.60
C PHE B 238 -11.33 11.66 14.20
N ALA B 239 -11.34 12.66 13.31
CA ALA B 239 -12.59 13.24 12.85
C ALA B 239 -13.46 12.20 12.16
N ALA B 240 -12.83 11.32 11.37
CA ALA B 240 -13.58 10.24 10.73
C ALA B 240 -14.16 9.29 11.78
N CYS B 241 -13.39 8.98 12.82
CA CYS B 241 -13.89 8.11 13.88
C CYS B 241 -15.06 8.76 14.62
N VAL B 242 -14.98 10.07 14.88
CA VAL B 242 -16.07 10.76 15.56
C VAL B 242 -17.33 10.70 14.70
N VAL B 243 -17.18 11.00 13.40
CA VAL B 243 -18.33 10.91 12.50
C VAL B 243 -18.82 9.47 12.39
N ASP B 244 -17.89 8.52 12.29
CA ASP B 244 -18.27 7.12 12.21
C ASP B 244 -18.99 6.67 13.48
N ARG B 245 -18.49 7.08 14.65
CA ARG B 245 -19.13 6.72 15.91
C ARG B 245 -20.32 7.61 16.24
N LEU B 246 -20.46 8.76 15.57
CA LEU B 246 -21.61 9.61 15.81
C LEU B 246 -22.91 8.93 15.40
N CYS B 247 -22.89 8.23 14.25
CA CYS B 247 -24.08 7.53 13.80
C CYS B 247 -24.36 6.28 14.62
N LEU B 248 -23.35 5.68 15.23
CA LEU B 248 -23.56 4.49 16.04
C LEU B 248 -24.45 4.80 17.25
N MET B 249 -24.15 5.89 17.96
CA MET B 249 -24.95 6.28 19.11
C MET B 249 -26.27 6.91 18.68
N ALA B 250 -26.28 7.66 17.58
CA ALA B 250 -27.51 8.29 17.12
C ALA B 250 -28.52 7.25 16.64
N PHE B 251 -28.05 6.23 15.91
CA PHE B 251 -28.93 5.21 15.37
C PHE B 251 -29.18 4.07 16.36
N SER B 252 -28.47 4.03 17.49
CA SER B 252 -28.72 2.98 18.47
C SER B 252 -30.13 3.06 19.02
N VAL B 253 -30.59 4.27 19.34
CA VAL B 253 -31.96 4.44 19.82
C VAL B 253 -32.95 4.20 18.69
N PHE B 254 -32.65 4.71 17.49
CA PHE B 254 -33.54 4.51 16.35
C PHE B 254 -33.67 3.03 16.01
N THR B 255 -32.55 2.29 16.03
CA THR B 255 -32.59 0.87 15.74
C THR B 255 -33.47 0.13 16.74
N ILE B 256 -33.34 0.46 18.03
CA ILE B 256 -34.18 -0.16 19.05
C ILE B 256 -35.64 0.21 18.81
N ILE B 257 -35.92 1.47 18.49
CA ILE B 257 -37.29 1.89 18.23
C ILE B 257 -37.85 1.16 17.01
N CYS B 258 -37.05 1.03 15.95
CA CYS B 258 -37.52 0.34 14.76
C CYS B 258 -37.87 -1.12 15.07
N THR B 259 -37.02 -1.80 15.85
CA THR B 259 -37.32 -3.17 16.23
C THR B 259 -38.58 -3.23 17.08
N ILE B 260 -38.74 -2.29 18.02
CA ILE B 260 -39.94 -2.28 18.85
C ILE B 260 -41.15 -1.89 18.01
N GLY B 261 -40.98 -0.97 17.07
CA GLY B 261 -42.09 -0.56 16.23
C GLY B 261 -42.65 -1.72 15.41
N ILE B 262 -41.77 -2.60 14.93
CA ILE B 262 -42.23 -3.75 14.15
C ILE B 262 -43.09 -4.66 15.02
N LEU B 263 -42.69 -4.87 16.27
CA LEU B 263 -43.45 -5.74 17.17
C LEU B 263 -44.84 -5.17 17.48
N MET B 264 -45.04 -3.86 17.30
CA MET B 264 -46.32 -3.22 17.55
C MET B 264 -47.08 -2.84 16.29
N SER B 265 -46.37 -2.53 15.20
CA SER B 265 -47.04 -2.16 13.96
C SER B 265 -47.61 -3.38 13.24
N ALA B 266 -46.89 -4.49 13.24
CA ALA B 266 -47.33 -5.66 12.49
C ALA B 266 -48.68 -6.19 12.97
N PRO B 267 -48.92 -6.38 14.27
CA PRO B 267 -50.23 -6.92 14.69
C PRO B 267 -51.39 -6.02 14.30
N ASN B 268 -51.17 -4.70 14.24
CA ASN B 268 -52.26 -3.80 13.88
C ASN B 268 -52.55 -3.83 12.39
N PHE B 269 -51.51 -3.91 11.56
CA PHE B 269 -51.65 -3.92 10.10
C PHE B 269 -51.40 -5.29 9.51
N VAL B 270 -50.25 -5.90 9.81
CA VAL B 270 -49.91 -7.22 9.27
C VAL B 270 -50.59 -8.30 10.10
N LEU C 7 -31.56 -39.64 -4.56
CA LEU C 7 -31.24 -38.47 -3.76
C LEU C 7 -30.84 -37.30 -4.64
N TYR C 8 -31.75 -36.89 -5.54
CA TYR C 8 -31.46 -35.78 -6.42
C TYR C 8 -31.22 -34.50 -5.63
N TYR C 9 -32.08 -34.22 -4.66
CA TYR C 9 -31.91 -33.04 -3.81
C TYR C 9 -30.88 -33.28 -2.71
N GLY C 10 -30.73 -34.53 -2.26
CA GLY C 10 -29.77 -34.80 -1.20
C GLY C 10 -28.34 -34.51 -1.63
N LEU C 11 -27.98 -34.92 -2.85
CA LEU C 11 -26.63 -34.69 -3.36
C LEU C 11 -26.42 -33.27 -3.86
N ASN C 12 -27.49 -32.49 -4.03
CA ASN C 12 -27.38 -31.12 -4.51
C ASN C 12 -27.58 -30.09 -3.39
N LEU C 13 -27.96 -30.52 -2.19
CA LEU C 13 -28.17 -29.62 -1.06
C LEU C 13 -27.33 -29.98 0.16
N LEU C 14 -27.19 -31.28 0.45
CA LEU C 14 -26.36 -31.68 1.58
C LEU C 14 -24.88 -31.55 1.27
N ILE C 15 -24.47 -31.96 0.06
CA ILE C 15 -23.05 -31.88 -0.31
C ILE C 15 -22.55 -30.45 -0.28
N PRO C 16 -23.21 -29.48 -0.90
CA PRO C 16 -22.72 -28.09 -0.81
C PRO C 16 -22.62 -27.57 0.61
N CYS C 17 -23.50 -28.02 1.50
CA CYS C 17 -23.45 -27.56 2.89
C CYS C 17 -22.13 -27.95 3.55
N VAL C 18 -21.67 -29.17 3.30
CA VAL C 18 -20.39 -29.60 3.86
C VAL C 18 -19.25 -28.77 3.29
N LEU C 19 -19.28 -28.53 1.97
CA LEU C 19 -18.22 -27.72 1.35
C LEU C 19 -18.22 -26.30 1.90
N ILE C 20 -19.40 -25.71 2.06
CA ILE C 20 -19.48 -24.35 2.59
C ILE C 20 -18.92 -24.30 4.01
N SER C 21 -19.31 -25.26 4.85
CA SER C 21 -18.80 -25.29 6.21
C SER C 21 -17.29 -25.52 6.23
N ALA C 22 -16.81 -26.42 5.36
CA ALA C 22 -15.37 -26.66 5.30
C ALA C 22 -14.61 -25.43 4.82
N LEU C 23 -15.15 -24.74 3.82
CA LEU C 23 -14.51 -23.51 3.34
C LEU C 23 -14.52 -22.43 4.40
N ALA C 24 -15.62 -22.30 5.14
CA ALA C 24 -15.69 -21.30 6.21
C ALA C 24 -14.74 -21.65 7.35
N LEU C 25 -14.46 -22.94 7.56
CA LEU C 25 -13.53 -23.32 8.62
C LEU C 25 -12.11 -22.90 8.28
N LEU C 26 -11.75 -22.89 6.99
CA LEU C 26 -10.41 -22.46 6.60
C LEU C 26 -10.22 -20.95 6.73
N VAL C 27 -11.32 -20.19 6.81
CA VAL C 27 -11.20 -18.75 7.00
C VAL C 27 -10.53 -18.43 8.32
N PHE C 28 -10.92 -19.13 9.39
CA PHE C 28 -10.30 -18.92 10.69
C PHE C 28 -8.89 -19.50 10.75
N LEU C 29 -8.55 -20.42 9.84
CA LEU C 29 -7.20 -20.96 9.81
C LEU C 29 -6.21 -19.95 9.23
N LEU C 30 -6.69 -19.06 8.37
CA LEU C 30 -5.83 -18.05 7.77
C LEU C 30 -5.40 -17.04 8.83
N PRO C 31 -4.10 -16.81 9.04
CA PRO C 31 -3.68 -15.82 10.04
C PRO C 31 -4.27 -14.45 9.76
N ALA C 32 -4.26 -13.62 10.81
CA ALA C 32 -4.92 -12.31 10.73
C ALA C 32 -4.17 -11.35 9.79
N ASP C 33 -2.86 -11.53 9.64
CA ASP C 33 -2.09 -10.58 8.85
C ASP C 33 -2.54 -10.53 7.40
N SER C 34 -3.24 -11.55 6.92
CA SER C 34 -3.74 -11.55 5.54
C SER C 34 -4.66 -10.36 5.31
N GLY C 35 -4.24 -9.43 4.45
CA GLY C 35 -5.03 -8.24 4.20
C GLY C 35 -6.25 -8.48 3.34
N GLU C 36 -6.26 -9.55 2.54
CA GLU C 36 -7.36 -9.87 1.65
C GLU C 36 -8.33 -10.87 2.26
N LYS C 37 -8.40 -10.93 3.59
CA LYS C 37 -9.31 -11.87 4.24
C LYS C 37 -10.76 -11.50 4.02
N ILE C 38 -11.06 -10.20 3.87
CA ILE C 38 -12.44 -9.78 3.67
C ILE C 38 -12.98 -10.32 2.35
N SER C 39 -12.12 -10.37 1.32
CA SER C 39 -12.57 -10.87 0.03
C SER C 39 -12.98 -12.34 0.11
N LEU C 40 -12.23 -13.13 0.88
CA LEU C 40 -12.57 -14.55 1.02
C LEU C 40 -13.93 -14.74 1.67
N GLY C 41 -14.22 -13.94 2.70
CA GLY C 41 -15.51 -14.07 3.37
C GLY C 41 -16.68 -13.66 2.50
N ILE C 42 -16.48 -12.68 1.62
CA ILE C 42 -17.57 -12.20 0.78
C ILE C 42 -18.00 -13.27 -0.21
N THR C 43 -17.04 -13.92 -0.88
CA THR C 43 -17.40 -14.94 -1.86
C THR C 43 -18.05 -16.14 -1.20
N VAL C 44 -17.57 -16.53 -0.01
CA VAL C 44 -18.16 -17.66 0.69
C VAL C 44 -19.61 -17.34 1.09
N LEU C 45 -19.83 -16.13 1.62
CA LEU C 45 -21.18 -15.74 2.00
C LEU C 45 -22.09 -15.63 0.78
N LEU C 46 -21.58 -15.09 -0.32
CA LEU C 46 -22.39 -14.95 -1.52
C LEU C 46 -22.81 -16.31 -2.08
N SER C 47 -21.89 -17.28 -2.07
CA SER C 47 -22.21 -18.60 -2.60
C SER C 47 -23.28 -19.29 -1.77
N LEU C 48 -23.35 -18.99 -0.47
CA LEU C 48 -24.37 -19.59 0.38
C LEU C 48 -25.76 -19.09 0.01
N THR C 49 -25.89 -17.80 -0.31
CA THR C 49 -27.18 -17.24 -0.65
C THR C 49 -27.72 -17.81 -1.96
N VAL C 50 -26.84 -18.06 -2.94
CA VAL C 50 -27.28 -18.56 -4.23
C VAL C 50 -27.95 -19.92 -4.06
N PHE C 51 -27.32 -20.81 -3.28
CA PHE C 51 -27.90 -22.13 -3.04
C PHE C 51 -29.07 -22.05 -2.06
N MET C 52 -29.07 -21.07 -1.17
CA MET C 52 -30.16 -20.95 -0.21
C MET C 52 -31.48 -20.60 -0.88
N LEU C 53 -31.44 -19.80 -1.95
CA LEU C 53 -32.68 -19.43 -2.63
C LEU C 53 -33.35 -20.65 -3.24
N LEU C 54 -32.57 -21.60 -3.76
CA LEU C 54 -33.16 -22.78 -4.38
C LEU C 54 -33.95 -23.59 -3.37
N VAL C 55 -33.43 -23.74 -2.15
CA VAL C 55 -34.12 -24.53 -1.13
C VAL C 55 -35.44 -23.88 -0.76
N ALA C 56 -35.54 -22.55 -0.88
CA ALA C 56 -36.78 -21.88 -0.51
C ALA C 56 -37.95 -22.35 -1.36
N GLU C 57 -37.73 -22.51 -2.67
CA GLU C 57 -38.80 -22.97 -3.55
C GLU C 57 -39.16 -24.42 -3.24
N ILE C 58 -38.17 -25.25 -2.93
CA ILE C 58 -38.44 -26.65 -2.63
C ILE C 58 -39.24 -26.77 -1.34
N MET C 59 -38.93 -25.96 -0.35
CA MET C 59 -39.62 -26.04 0.93
C MET C 59 -41.07 -25.63 0.76
N PRO C 60 -42.04 -26.48 1.14
CA PRO C 60 -43.45 -26.07 1.03
C PRO C 60 -43.74 -24.85 1.88
N SER C 61 -44.63 -24.00 1.37
CA SER C 61 -45.05 -22.77 2.06
C SER C 61 -46.07 -23.17 3.12
N THR C 62 -45.60 -23.41 4.33
CA THR C 62 -46.46 -23.80 5.44
C THR C 62 -46.92 -22.54 6.19
N SER C 63 -47.58 -22.74 7.33
CA SER C 63 -48.07 -21.64 8.13
C SER C 63 -47.70 -21.74 9.61
N ASP C 64 -47.15 -22.87 10.07
CA ASP C 64 -46.76 -23.04 11.47
C ASP C 64 -45.27 -22.82 11.66
N SER C 65 -44.43 -23.54 10.92
CA SER C 65 -42.99 -23.40 11.03
C SER C 65 -42.35 -23.91 9.75
N SER C 66 -41.13 -23.46 9.50
CA SER C 66 -40.40 -23.88 8.33
C SER C 66 -39.97 -25.34 8.47
N PRO C 67 -39.73 -26.02 7.35
CA PRO C 67 -39.28 -27.42 7.42
C PRO C 67 -37.93 -27.54 8.13
N SER C 68 -37.62 -28.77 8.54
CA SER C 68 -36.37 -29.02 9.26
C SER C 68 -35.15 -28.78 8.39
N ILE C 69 -35.31 -28.78 7.07
CA ILE C 69 -34.17 -28.55 6.19
C ILE C 69 -33.61 -27.15 6.34
N ALA C 70 -34.43 -26.19 6.75
CA ALA C 70 -33.95 -24.83 6.94
C ALA C 70 -33.00 -24.72 8.13
N GLN C 71 -33.15 -25.61 9.11
CA GLN C 71 -32.27 -25.57 10.27
C GLN C 71 -30.83 -25.89 9.90
N TYR C 72 -30.63 -26.70 8.85
CA TYR C 72 -29.28 -27.05 8.43
C TYR C 72 -28.50 -25.80 8.01
N PHE C 73 -29.14 -24.92 7.23
CA PHE C 73 -28.49 -23.68 6.82
C PHE C 73 -28.46 -22.64 7.93
N ALA C 74 -29.31 -22.78 8.95
CA ALA C 74 -29.27 -21.83 10.06
C ALA C 74 -27.98 -21.95 10.84
N SER C 75 -27.54 -23.18 11.12
CA SER C 75 -26.27 -23.37 11.82
C SER C 75 -25.09 -22.99 10.93
N THR C 76 -25.17 -23.31 9.63
CA THR C 76 -24.10 -22.95 8.72
C THR C 76 -23.97 -21.43 8.58
N MET C 77 -25.10 -20.74 8.55
CA MET C 77 -25.06 -19.28 8.41
C MET C 77 -24.35 -18.62 9.59
N ILE C 78 -24.44 -19.24 10.78
CA ILE C 78 -23.74 -18.69 11.94
C ILE C 78 -22.24 -18.72 11.72
N ILE C 79 -21.71 -19.84 11.22
CA ILE C 79 -20.27 -19.93 10.97
C ILE C 79 -19.86 -19.00 9.84
N VAL C 80 -20.62 -19.04 8.73
CA VAL C 80 -20.30 -18.17 7.60
C VAL C 80 -20.56 -16.71 7.97
N GLY C 81 -21.67 -16.45 8.66
CA GLY C 81 -21.98 -15.08 9.04
C GLY C 81 -20.94 -14.49 9.99
N LEU C 82 -20.48 -15.29 10.95
CA LEU C 82 -19.47 -14.82 11.90
C LEU C 82 -18.08 -14.73 11.28
N SER C 83 -17.85 -15.38 10.15
CA SER C 83 -16.54 -15.29 9.49
C SER C 83 -16.26 -13.85 9.08
N VAL C 84 -17.26 -13.17 8.51
CA VAL C 84 -17.07 -11.77 8.13
C VAL C 84 -16.88 -10.90 9.37
N VAL C 85 -17.64 -11.19 10.43
CA VAL C 85 -17.50 -10.41 11.67
C VAL C 85 -16.10 -10.57 12.24
N VAL C 86 -15.58 -11.81 12.27
CA VAL C 86 -14.23 -12.04 12.76
C VAL C 86 -13.22 -11.31 11.88
N THR C 87 -13.41 -11.35 10.56
CA THR C 87 -12.50 -10.64 9.67
C THR C 87 -12.54 -9.14 9.91
N VAL C 88 -13.72 -8.58 10.14
CA VAL C 88 -13.83 -7.15 10.43
C VAL C 88 -13.07 -6.81 11.69
N ILE C 89 -13.23 -7.62 12.74
CA ILE C 89 -12.49 -7.40 13.98
C ILE C 89 -11.00 -7.57 13.73
N VAL C 90 -10.63 -8.54 12.89
CA VAL C 90 -9.22 -8.76 12.58
C VAL C 90 -8.63 -7.54 11.90
N LEU C 91 -9.36 -6.96 10.94
CA LEU C 91 -8.85 -5.80 10.22
C LEU C 91 -8.63 -4.61 11.14
N GLN C 92 -9.44 -4.50 12.19
CA GLN C 92 -9.30 -3.36 13.10
C GLN C 92 -8.00 -3.43 13.88
N TYR C 93 -7.59 -4.63 14.32
CA TYR C 93 -6.38 -4.77 15.09
C TYR C 93 -5.14 -4.39 14.29
N HIS C 94 -5.22 -4.38 12.97
CA HIS C 94 -4.13 -3.93 12.12
C HIS C 94 -4.19 -2.44 11.81
N HIS C 95 -5.27 -1.75 12.20
CA HIS C 95 -5.43 -0.32 11.99
C HIS C 95 -5.83 0.29 13.33
N HIS C 96 -4.84 0.66 14.13
CA HIS C 96 -5.09 1.19 15.46
C HIS C 96 -5.78 2.55 15.38
N ASP C 97 -6.67 2.81 16.32
CA ASP C 97 -7.38 4.06 16.43
C ASP C 97 -7.50 4.44 17.90
N PRO C 98 -7.71 5.72 18.19
CA PRO C 98 -7.89 6.11 19.60
C PRO C 98 -9.07 5.43 20.26
N ASP C 99 -10.14 5.16 19.51
CA ASP C 99 -11.31 4.52 20.09
C ASP C 99 -11.00 3.10 20.55
N GLY C 100 -10.21 2.37 19.78
CA GLY C 100 -9.90 1.00 20.14
C GLY C 100 -8.88 0.40 19.20
N GLY C 101 -8.80 -0.92 19.20
CA GLY C 101 -7.84 -1.66 18.40
C GLY C 101 -6.81 -2.43 19.19
N LYS C 102 -6.87 -2.44 20.52
CA LYS C 102 -5.92 -3.20 21.33
C LYS C 102 -6.63 -3.66 22.59
N MET C 103 -6.08 -4.70 23.20
CA MET C 103 -6.66 -5.28 24.40
C MET C 103 -6.14 -4.56 25.64
N PRO C 104 -6.87 -4.64 26.76
CA PRO C 104 -6.42 -3.97 27.98
C PRO C 104 -5.03 -4.46 28.39
N LYS C 105 -4.38 -3.65 29.24
CA LYS C 105 -3.03 -3.99 29.70
C LYS C 105 -3.04 -5.29 30.50
N TRP C 106 -4.05 -5.47 31.35
CA TRP C 106 -4.10 -6.67 32.17
C TRP C 106 -4.21 -7.93 31.31
N THR C 107 -5.01 -7.87 30.25
CA THR C 107 -5.17 -9.02 29.35
C THR C 107 -3.97 -9.21 28.42
N ARG C 108 -3.09 -8.22 28.31
CA ARG C 108 -1.93 -8.36 27.44
C ARG C 108 -0.98 -9.44 27.96
N VAL C 109 -0.88 -9.60 29.28
CA VAL C 109 -0.02 -10.62 29.85
C VAL C 109 -0.48 -12.00 29.43
N ILE C 110 -1.80 -12.23 29.42
CA ILE C 110 -2.34 -13.53 29.01
C ILE C 110 -1.96 -13.83 27.56
N LEU C 111 -2.08 -12.82 26.69
CA LEU C 111 -1.71 -13.03 25.29
C LEU C 111 -0.22 -13.34 25.15
N LEU C 112 0.61 -12.63 25.91
CA LEU C 112 2.05 -12.89 25.85
C LEU C 112 2.37 -14.32 26.29
N ASN C 113 1.73 -14.79 27.35
CA ASN C 113 1.94 -16.17 27.79
C ASN C 113 1.46 -17.16 26.73
N TRP C 114 0.32 -16.87 26.09
CA TRP C 114 -0.19 -17.75 25.05
C TRP C 114 0.76 -17.84 23.87
N CYS C 115 1.49 -16.76 23.57
CA CYS C 115 2.43 -16.79 22.46
C CYS C 115 3.51 -17.83 22.70
N ALA C 116 4.05 -17.89 23.92
CA ALA C 116 5.05 -18.91 24.23
C ALA C 116 4.42 -20.29 24.36
N TRP C 117 3.17 -20.37 24.81
CA TRP C 117 2.51 -21.66 24.94
C TRP C 117 2.10 -22.22 23.58
N PHE C 118 1.83 -21.35 22.61
CA PHE C 118 1.44 -21.82 21.29
C PHE C 118 2.55 -22.64 20.65
N LEU C 119 3.80 -22.16 20.74
CA LEU C 119 4.92 -22.89 20.18
C LEU C 119 5.31 -24.08 21.05
N ARG C 120 5.20 -23.92 22.38
CA ARG C 120 5.52 -24.99 23.33
C ARG C 120 4.34 -25.11 24.29
N MET C 121 3.36 -25.93 23.93
CA MET C 121 2.18 -26.14 24.74
C MET C 121 2.35 -27.36 25.65
N LYS C 122 1.37 -27.56 26.53
CA LYS C 122 1.38 -28.68 27.46
C LYS C 122 0.85 -29.96 26.85
N ARG C 123 0.40 -29.92 25.59
CA ARG C 123 -0.12 -31.12 24.95
C ARG C 123 1.02 -32.10 24.65
N PRO C 124 0.70 -33.38 24.44
CA PRO C 124 1.75 -34.36 24.16
C PRO C 124 2.56 -34.03 22.93
N GLY C 125 1.99 -33.32 21.96
CA GLY C 125 2.72 -33.01 20.74
C GLY C 125 3.93 -32.11 20.99
N GLU C 126 3.90 -31.32 22.04
CA GLU C 126 5.00 -30.43 22.40
C GLU C 126 5.59 -30.72 23.77
N ASP C 127 4.75 -31.00 24.76
CA ASP C 127 5.26 -31.28 26.10
C ASP C 127 6.12 -32.53 26.12
N LYS C 128 5.72 -33.56 25.38
CA LYS C 128 6.48 -34.81 25.36
C LYS C 128 7.79 -34.65 24.58
N VAL C 129 7.76 -33.88 23.49
CA VAL C 129 8.92 -33.75 22.60
C VAL C 129 9.75 -32.60 23.15
N ARG C 130 10.61 -32.93 24.12
CA ARG C 130 11.55 -31.98 24.70
C ARG C 130 12.49 -32.71 25.65
N PRO C 131 13.72 -32.23 25.83
CA PRO C 131 14.63 -32.89 26.76
C PRO C 131 14.07 -32.88 28.18
N ALA C 132 14.30 -33.98 28.90
CA ALA C 132 13.82 -34.12 30.27
C ALA C 132 14.73 -35.09 31.01
N CYS C 133 15.38 -34.61 32.06
CA CYS C 133 16.29 -35.43 32.85
C CYS C 133 16.50 -34.76 34.19
N GLN C 134 17.30 -35.40 35.05
CA GLN C 134 17.62 -34.87 36.37
C GLN C 134 18.83 -33.95 36.35
N HIS C 135 19.42 -33.71 35.18
CA HIS C 135 20.59 -32.85 35.07
C HIS C 135 20.16 -31.39 35.09
N LYS C 136 21.07 -30.48 34.76
CA LYS C 136 20.79 -29.05 34.80
C LYS C 136 19.64 -28.65 33.88
N GLN C 137 19.18 -29.55 33.00
CA GLN C 137 18.09 -29.21 32.10
C GLN C 137 16.82 -28.85 32.87
N ARG C 138 16.52 -29.60 33.93
CA ARG C 138 15.33 -29.40 34.74
C ARG C 138 15.70 -29.09 36.19
N ARG C 139 16.70 -28.22 36.38
CA ARG C 139 17.14 -27.80 37.69
C ARG C 139 16.61 -26.41 38.01
N CYS C 140 16.72 -26.04 39.29
CA CYS C 140 16.27 -24.75 39.78
C CYS C 140 17.47 -23.94 40.26
N SER C 141 17.49 -22.65 39.92
CA SER C 141 18.57 -21.76 40.30
C SER C 141 18.04 -20.34 40.35
N LEU C 142 18.93 -19.37 40.57
CA LEU C 142 18.50 -17.98 40.65
C LEU C 142 18.01 -17.48 39.30
N ALA C 143 18.65 -17.91 38.20
CA ALA C 143 18.24 -17.46 36.88
C ALA C 143 16.82 -17.88 36.57
N SER C 144 16.46 -19.12 36.88
CA SER C 144 15.11 -19.59 36.60
C SER C 144 14.10 -18.95 37.54
N VAL C 145 14.44 -18.86 38.83
CA VAL C 145 13.55 -18.28 39.83
C VAL C 145 13.92 -16.80 39.95
N GLU C 146 13.19 -15.94 39.23
CA GLU C 146 13.44 -14.50 39.22
C GLU C 146 12.31 -13.75 39.93
N MET C 147 11.78 -14.34 41.01
CA MET C 147 10.72 -13.70 41.76
C MET C 147 11.23 -12.50 42.55
N SER C 148 12.53 -12.38 42.75
CA SER C 148 13.15 -11.27 43.48
C SER C 148 13.83 -10.29 42.55
N ALA C 149 13.27 -10.07 41.36
CA ALA C 149 13.83 -9.15 40.38
C ALA C 149 15.27 -9.56 40.01
N VAL C 150 15.43 -10.83 39.69
CA VAL C 150 16.72 -11.39 39.31
C VAL C 150 16.89 -11.26 37.80
N ALA C 151 18.12 -11.04 37.36
CA ALA C 151 18.38 -10.87 35.93
C ALA C 151 18.07 -12.18 35.20
N PRO C 152 17.33 -12.14 34.09
CA PRO C 152 17.02 -13.37 33.36
C PRO C 152 18.22 -13.85 32.58
N PRO C 153 18.12 -15.02 31.94
CA PRO C 153 19.24 -15.51 31.14
C PRO C 153 19.54 -14.55 30.01
N PRO C 154 20.81 -14.45 29.60
CA PRO C 154 21.16 -13.52 28.52
C PRO C 154 20.68 -14.00 27.15
N ALA C 155 19.41 -13.78 26.86
CA ALA C 155 18.80 -14.18 25.60
C ALA C 155 18.51 -12.96 24.75
N SER C 156 18.65 -13.10 23.44
CA SER C 156 18.44 -12.02 22.50
C SER C 156 16.97 -11.91 22.05
N ASN C 157 16.05 -12.47 22.83
CA ASN C 157 14.63 -12.42 22.51
C ASN C 157 13.91 -11.24 23.15
N GLY C 158 14.66 -10.22 23.57
CA GLY C 158 14.09 -9.04 24.18
C GLY C 158 14.33 -8.89 25.67
N ASN C 159 15.31 -9.59 26.24
CA ASN C 159 15.63 -9.50 27.66
C ASN C 159 16.98 -8.84 27.89
N LEU C 160 18.05 -9.36 27.29
CA LEU C 160 19.37 -8.77 27.49
C LEU C 160 19.46 -7.37 26.88
N LEU C 161 18.88 -7.19 25.70
CA LEU C 161 18.97 -5.89 25.03
C LEU C 161 18.19 -4.83 25.78
N TYR C 162 16.96 -5.15 26.21
CA TYR C 162 16.15 -4.17 26.91
C TYR C 162 16.69 -3.89 28.31
N ILE C 163 17.11 -4.95 29.02
CA ILE C 163 17.62 -4.76 30.37
C ILE C 163 18.97 -4.05 30.33
N GLY C 164 19.76 -4.27 29.28
CA GLY C 164 21.07 -3.64 29.19
C GLY C 164 20.99 -2.14 29.01
N PHE C 165 19.93 -1.65 28.39
CA PHE C 165 19.75 -0.23 28.14
C PHE C 165 18.77 0.42 29.11
N ARG C 166 17.59 -0.19 29.27
CA ARG C 166 16.57 0.35 30.17
C ARG C 166 16.68 -0.22 31.57
N GLY C 167 16.96 -1.52 31.69
CA GLY C 167 17.06 -2.12 33.01
C GLY C 167 18.22 -1.57 33.83
N LEU C 168 19.34 -1.30 33.17
CA LEU C 168 20.54 -0.80 33.84
C LEU C 168 20.43 0.73 33.96
N ASP C 169 19.54 1.16 34.84
CA ASP C 169 19.32 2.58 35.10
C ASP C 169 20.29 3.03 36.19
N GLY C 170 21.50 3.37 35.77
CA GLY C 170 22.53 3.81 36.69
C GLY C 170 23.88 3.16 36.43
N VAL C 171 23.96 2.30 35.42
CA VAL C 171 25.18 1.61 35.06
C VAL C 171 25.58 1.90 33.61
N HIS C 172 24.61 1.81 32.70
CA HIS C 172 24.88 2.04 31.28
C HIS C 172 24.62 3.50 30.89
N CYS C 173 23.38 3.97 31.08
CA CYS C 173 23.07 5.35 30.72
C CYS C 173 23.86 6.33 31.59
N VAL C 174 23.90 6.08 32.89
CA VAL C 174 24.62 6.95 33.82
C VAL C 174 25.54 6.08 34.68
N PRO C 175 26.70 5.67 34.19
CA PRO C 175 27.59 4.82 35.00
C PRO C 175 27.94 5.48 36.32
N THR C 176 27.49 4.88 37.41
CA THR C 176 27.74 5.39 38.75
C THR C 176 29.14 5.05 39.23
N PRO C 177 29.62 3.81 39.06
CA PRO C 177 30.98 3.50 39.55
C PRO C 177 32.08 4.07 38.64
N ASP C 178 32.36 5.36 38.84
CA ASP C 178 33.39 6.06 38.09
C ASP C 178 34.58 6.47 38.93
N SER C 179 34.51 6.32 40.26
CA SER C 179 35.60 6.72 41.15
C SER C 179 36.58 5.56 41.24
N GLY C 180 37.64 5.62 40.43
CA GLY C 180 38.67 4.61 40.44
C GLY C 180 38.37 3.36 39.64
N VAL C 181 37.26 3.34 38.91
CA VAL C 181 36.88 2.19 38.08
C VAL C 181 36.94 2.53 36.60
N VAL C 182 36.26 3.58 36.18
CA VAL C 182 36.26 3.98 34.78
C VAL C 182 37.38 4.98 34.51
N CYS C 183 37.55 5.97 35.38
CA CYS C 183 38.59 6.98 35.24
C CYS C 183 39.89 6.62 35.96
N GLY C 184 39.95 5.44 36.58
CA GLY C 184 41.15 5.02 37.29
C GLY C 184 41.60 3.63 36.88
N ARG C 185 41.42 3.29 35.61
CA ARG C 185 41.79 1.98 35.11
C ARG C 185 42.27 2.12 33.67
N MET C 186 43.09 1.18 33.23
CA MET C 186 43.66 1.17 31.90
C MET C 186 42.78 0.43 30.89
N ALA C 187 41.54 0.12 31.25
CA ALA C 187 40.62 -0.59 30.37
C ALA C 187 40.02 0.40 29.38
N CYS C 188 40.81 0.75 28.37
CA CYS C 188 40.39 1.68 27.33
C CYS C 188 39.96 3.02 27.92
N SER C 189 40.67 3.45 28.97
CA SER C 189 40.36 4.71 29.64
C SER C 189 41.62 5.16 30.39
N PRO C 190 41.72 6.45 30.69
CA PRO C 190 42.90 6.93 31.44
C PRO C 190 42.86 6.46 32.89
N THR C 191 44.03 6.41 33.49
CA THR C 191 44.21 6.01 34.88
C THR C 191 44.58 7.25 35.69
N HIS C 192 43.55 7.97 36.15
CA HIS C 192 43.73 9.18 36.94
C HIS C 192 44.58 10.21 36.19
N ASP C 193 44.47 10.23 34.87
CA ASP C 193 45.23 11.16 34.02
C ASP C 193 44.31 12.34 33.69
N GLU C 194 44.42 13.41 34.46
CA GLU C 194 43.62 14.60 34.24
C GLU C 194 44.21 15.52 33.17
N HIS C 195 45.44 15.28 32.74
CA HIS C 195 46.09 16.08 31.71
C HIS C 195 46.13 15.37 30.36
N LEU C 196 45.13 14.53 30.07
CA LEU C 196 45.06 13.79 28.81
C LEU C 196 44.51 14.72 27.74
N LEU C 197 45.40 15.56 27.20
CA LEU C 197 45.06 16.51 26.16
C LEU C 197 45.48 15.98 24.80
N HIS C 198 44.97 16.63 23.75
CA HIS C 198 45.28 16.24 22.37
C HIS C 198 46.56 16.95 21.92
N GLY C 199 47.66 16.55 22.55
CA GLY C 199 48.96 17.14 22.24
C GLY C 199 49.01 18.62 22.54
N GLY C 200 48.52 19.01 23.71
CA GLY C 200 48.46 20.40 24.10
C GLY C 200 47.18 21.12 23.71
N GLN C 201 46.28 20.46 23.00
CA GLN C 201 45.02 21.03 22.57
C GLN C 201 43.85 20.33 23.25
N PRO C 202 42.68 20.96 23.28
CA PRO C 202 41.54 20.32 23.93
C PRO C 202 41.22 18.99 23.28
N PRO C 203 40.74 18.01 24.06
CA PRO C 203 40.46 16.70 23.46
C PRO C 203 39.49 16.77 22.29
N GLU C 204 38.50 17.65 22.35
CA GLU C 204 37.52 17.79 21.28
C GLU C 204 38.12 18.64 20.17
N GLY C 205 38.37 18.03 19.01
CA GLY C 205 38.94 18.78 17.90
C GLY C 205 38.01 19.85 17.37
N ASP C 206 36.71 19.55 17.34
CA ASP C 206 35.71 20.50 16.85
C ASP C 206 34.39 20.28 17.56
N PRO C 207 33.89 21.25 18.33
CA PRO C 207 32.58 21.06 18.99
C PRO C 207 31.42 20.91 18.02
N ASP C 208 31.59 21.28 16.75
CA ASP C 208 30.50 21.17 15.79
C ASP C 208 30.07 19.73 15.58
N LEU C 209 30.94 18.76 15.87
CA LEU C 209 30.56 17.36 15.71
C LEU C 209 29.46 16.97 16.69
N ALA C 210 29.42 17.60 17.86
CA ALA C 210 28.37 17.29 18.83
C ALA C 210 26.99 17.63 18.27
N LYS C 211 26.88 18.78 17.58
CA LYS C 211 25.60 19.15 17.00
C LYS C 211 25.17 18.13 15.95
N ILE C 212 26.10 17.66 15.13
CA ILE C 212 25.77 16.66 14.12
C ILE C 212 25.33 15.36 14.79
N LEU C 213 25.95 15.02 15.92
CA LEU C 213 25.57 13.79 16.63
C LEU C 213 24.12 13.84 17.10
N GLU C 214 23.69 15.00 17.60
CA GLU C 214 22.31 15.13 18.05
C GLU C 214 21.33 14.90 16.89
N GLU C 215 21.62 15.48 15.73
CA GLU C 215 20.75 15.26 14.58
C GLU C 215 20.89 13.83 14.05
N VAL C 216 22.11 13.31 14.00
CA VAL C 216 22.31 11.93 13.56
C VAL C 216 21.66 10.97 14.52
N ARG C 217 21.81 11.21 15.84
CA ARG C 217 21.20 10.34 16.82
C ARG C 217 19.67 10.36 16.71
N TYR C 218 19.10 11.53 16.44
CA TYR C 218 17.65 11.62 16.27
C TYR C 218 17.18 10.77 15.09
N ILE C 219 17.92 10.81 13.98
CA ILE C 219 17.57 9.98 12.84
C ILE C 219 17.65 8.51 13.21
N ALA C 220 18.72 8.11 13.90
CA ALA C 220 18.84 6.72 14.35
C ALA C 220 17.81 6.39 15.42
N ASN C 221 17.49 7.35 16.29
CA ASN C 221 16.51 7.10 17.34
C ASN C 221 15.14 6.81 16.73
N ARG C 222 14.76 7.53 15.68
CA ARG C 222 13.48 7.28 15.03
C ARG C 222 13.43 5.87 14.45
N PHE C 223 14.52 5.43 13.82
CA PHE C 223 14.57 4.06 13.31
C PHE C 223 14.54 3.06 14.46
N ARG C 224 15.24 3.36 15.56
CA ARG C 224 15.21 2.49 16.72
C ARG C 224 13.79 2.41 17.30
N CYS C 225 13.10 3.55 17.36
CA CYS C 225 11.72 3.54 17.82
C CYS C 225 10.81 2.78 16.86
N GLN C 226 11.09 2.86 15.55
CA GLN C 226 10.31 2.11 14.59
C GLN C 226 10.42 0.61 14.83
N ASP C 227 11.64 0.13 15.10
CA ASP C 227 11.82 -1.29 15.42
C ASP C 227 11.08 -1.65 16.70
N GLU C 228 11.18 -0.79 17.72
CA GLU C 228 10.43 -1.03 18.94
C GLU C 228 8.93 -0.87 18.72
N SER C 229 8.53 0.07 17.85
CA SER C 229 7.11 0.24 17.55
C SER C 229 6.54 -1.01 16.89
N GLU C 230 7.31 -1.64 16.00
CA GLU C 230 6.85 -2.87 15.37
C GLU C 230 6.69 -3.99 16.37
N ALA C 231 7.52 -4.00 17.42
CA ALA C 231 7.37 -5.00 18.47
C ALA C 231 6.05 -4.81 19.22
N VAL C 232 5.70 -3.56 19.51
CA VAL C 232 4.41 -3.29 20.15
C VAL C 232 3.27 -3.59 19.17
N CYS C 233 3.45 -3.23 17.90
CA CYS C 233 2.43 -3.53 16.90
C CYS C 233 2.29 -5.02 16.67
N SER C 234 3.36 -5.78 16.88
CA SER C 234 3.27 -7.23 16.71
C SER C 234 2.31 -7.86 17.72
N GLU C 235 2.22 -7.29 18.91
CA GLU C 235 1.26 -7.80 19.90
C GLU C 235 -0.17 -7.61 19.41
N TRP C 236 -0.45 -6.47 18.77
CA TRP C 236 -1.79 -6.28 18.20
C TRP C 236 -2.06 -7.26 17.07
N LYS C 237 -1.05 -7.50 16.22
CA LYS C 237 -1.20 -8.50 15.16
C LYS C 237 -1.39 -9.89 15.75
N PHE C 238 -0.62 -10.22 16.80
CA PHE C 238 -0.77 -11.52 17.44
C PHE C 238 -2.15 -11.65 18.08
N ALA C 239 -2.67 -10.58 18.67
CA ALA C 239 -3.99 -10.64 19.29
C ALA C 239 -5.05 -10.97 18.26
N ALA C 240 -4.93 -10.43 17.05
CA ALA C 240 -5.86 -10.77 15.99
C ALA C 240 -5.75 -12.25 15.62
N CYS C 241 -4.54 -12.78 15.58
CA CYS C 241 -4.36 -14.20 15.27
C CYS C 241 -4.95 -15.08 16.38
N VAL C 242 -4.78 -14.67 17.64
CA VAL C 242 -5.34 -15.44 18.74
C VAL C 242 -6.86 -15.48 18.64
N VAL C 243 -7.47 -14.31 18.39
CA VAL C 243 -8.92 -14.26 18.22
C VAL C 243 -9.33 -15.01 16.97
N ASP C 244 -8.59 -14.85 15.88
CA ASP C 244 -8.91 -15.56 14.65
C ASP C 244 -8.81 -17.07 14.84
N ARG C 245 -7.75 -17.53 15.53
CA ARG C 245 -7.59 -18.95 15.79
C ARG C 245 -8.45 -19.44 16.94
N LEU C 246 -8.97 -18.54 17.78
CA LEU C 246 -9.84 -18.94 18.87
C LEU C 246 -11.12 -19.58 18.34
N CYS C 247 -11.69 -18.99 17.28
CA CYS C 247 -12.92 -19.54 16.71
C CYS C 247 -12.67 -20.82 15.92
N LEU C 248 -11.44 -21.02 15.43
CA LEU C 248 -11.15 -22.23 14.68
C LEU C 248 -11.24 -23.46 15.57
N MET C 249 -10.63 -23.39 16.76
CA MET C 249 -10.69 -24.51 17.70
C MET C 249 -12.05 -24.61 18.39
N ALA C 250 -12.69 -23.46 18.67
CA ALA C 250 -13.99 -23.49 19.34
C ALA C 250 -15.06 -24.06 18.42
N PHE C 251 -15.03 -23.71 17.14
CA PHE C 251 -16.02 -24.17 16.18
C PHE C 251 -15.66 -25.51 15.55
N SER C 252 -14.45 -26.03 15.79
CA SER C 252 -14.07 -27.32 15.24
C SER C 252 -14.97 -28.42 15.80
N VAL C 253 -15.22 -28.40 17.11
CA VAL C 253 -16.12 -29.38 17.72
C VAL C 253 -17.55 -29.14 17.28
N PHE C 254 -17.97 -27.86 17.24
CA PHE C 254 -19.33 -27.55 16.83
C PHE C 254 -19.58 -27.96 15.38
N THR C 255 -18.60 -27.72 14.51
CA THR C 255 -18.75 -28.11 13.11
C THR C 255 -18.90 -29.61 12.98
N ILE C 256 -18.11 -30.38 13.72
CA ILE C 256 -18.24 -31.84 13.70
C ILE C 256 -19.60 -32.26 14.23
N ILE C 257 -20.05 -31.62 15.32
CA ILE C 257 -21.35 -31.95 15.89
C ILE C 257 -22.46 -31.63 14.88
N CYS C 258 -22.36 -30.47 14.23
CA CYS C 258 -23.39 -30.09 13.26
C CYS C 258 -23.46 -31.11 12.12
N THR C 259 -22.31 -31.54 11.61
CA THR C 259 -22.32 -32.56 10.56
C THR C 259 -22.91 -33.87 11.08
N ILE C 260 -22.54 -34.27 12.30
CA ILE C 260 -23.09 -35.49 12.86
C ILE C 260 -24.58 -35.34 13.14
N GLY C 261 -24.99 -34.15 13.59
CA GLY C 261 -26.40 -33.93 13.86
C GLY C 261 -27.26 -34.06 12.63
N ILE C 262 -26.75 -33.62 11.48
CA ILE C 262 -27.50 -33.74 10.23
C ILE C 262 -27.73 -35.20 9.89
N LEU C 263 -26.70 -36.04 10.09
CA LEU C 263 -26.82 -37.45 9.79
C LEU C 263 -27.83 -38.17 10.70
N MET C 264 -28.15 -37.58 11.85
CA MET C 264 -29.10 -38.17 12.79
C MET C 264 -30.43 -37.44 12.83
N SER C 265 -30.45 -36.13 12.58
CA SER C 265 -31.70 -35.39 12.61
C SER C 265 -32.54 -35.62 11.36
N ALA C 266 -31.89 -35.71 10.19
CA ALA C 266 -32.63 -35.86 8.95
C ALA C 266 -33.48 -37.13 8.91
N PRO C 267 -32.96 -38.31 9.24
CA PRO C 267 -33.81 -39.51 9.19
C PRO C 267 -35.02 -39.44 10.09
N ASN C 268 -34.93 -38.74 11.22
CA ASN C 268 -36.06 -38.65 12.14
C ASN C 268 -37.13 -37.69 11.61
N PHE C 269 -36.72 -36.56 11.03
CA PHE C 269 -37.64 -35.56 10.52
C PHE C 269 -37.70 -35.55 8.99
N VAL C 270 -36.56 -35.44 8.33
CA VAL C 270 -36.51 -35.41 6.88
C VAL C 270 -36.60 -36.83 6.32
N LEU D 7 -27.56 -28.88 -31.42
CA LEU D 7 -26.92 -28.87 -30.12
C LEU D 7 -27.08 -27.51 -29.43
N TYR D 8 -28.34 -27.11 -29.23
CA TYR D 8 -28.61 -25.83 -28.57
C TYR D 8 -28.02 -25.82 -27.16
N TYR D 9 -28.29 -26.88 -26.39
CA TYR D 9 -27.74 -26.97 -25.04
C TYR D 9 -26.26 -27.36 -25.05
N GLY D 10 -25.84 -28.15 -26.03
CA GLY D 10 -24.43 -28.56 -26.08
C GLY D 10 -23.50 -27.39 -26.27
N LEU D 11 -23.86 -26.46 -27.16
CA LEU D 11 -23.02 -25.30 -27.42
C LEU D 11 -23.16 -24.21 -26.36
N ASN D 12 -24.17 -24.31 -25.50
CA ASN D 12 -24.39 -23.32 -24.44
C ASN D 12 -23.97 -23.84 -23.06
N LEU D 13 -23.63 -25.11 -22.93
CA LEU D 13 -23.21 -25.69 -21.67
C LEU D 13 -21.84 -26.34 -21.73
N LEU D 14 -21.51 -27.03 -22.82
CA LEU D 14 -20.19 -27.64 -22.94
C LEU D 14 -19.13 -26.59 -23.22
N ILE D 15 -19.42 -25.65 -24.13
CA ILE D 15 -18.43 -24.62 -24.47
C ILE D 15 -18.03 -23.79 -23.26
N PRO D 16 -18.97 -23.26 -22.46
CA PRO D 16 -18.55 -22.49 -21.27
C PRO D 16 -17.71 -23.31 -20.30
N CYS D 17 -17.95 -24.62 -20.21
CA CYS D 17 -17.17 -25.45 -19.30
C CYS D 17 -15.69 -25.43 -19.67
N VAL D 18 -15.39 -25.53 -20.97
CA VAL D 18 -14.00 -25.49 -21.41
C VAL D 18 -13.39 -24.12 -21.10
N LEU D 19 -14.13 -23.05 -21.35
CA LEU D 19 -13.63 -21.71 -21.06
C LEU D 19 -13.37 -21.53 -19.57
N ILE D 20 -14.29 -22.01 -18.73
CA ILE D 20 -14.11 -21.88 -17.29
C ILE D 20 -12.88 -22.64 -16.83
N SER D 21 -12.71 -23.87 -17.32
CA SER D 21 -11.54 -24.66 -16.95
C SER D 21 -10.26 -24.01 -17.47
N ALA D 22 -10.29 -23.48 -18.69
CA ALA D 22 -9.11 -22.81 -19.23
C ALA D 22 -8.78 -21.56 -18.44
N LEU D 23 -9.80 -20.77 -18.07
CA LEU D 23 -9.56 -19.58 -17.27
C LEU D 23 -9.02 -19.93 -15.89
N ALA D 24 -9.55 -20.99 -15.28
CA ALA D 24 -9.06 -21.42 -13.97
C ALA D 24 -7.63 -21.94 -14.05
N LEU D 25 -7.23 -22.49 -15.19
CA LEU D 25 -5.87 -22.97 -15.35
C LEU D 25 -4.87 -21.83 -15.37
N LEU D 26 -5.27 -20.67 -15.91
CA LEU D 26 -4.38 -19.51 -15.93
C LEU D 26 -4.20 -18.91 -14.55
N VAL D 27 -5.09 -19.21 -13.60
CA VAL D 27 -4.94 -18.69 -12.25
C VAL D 27 -3.66 -19.23 -11.61
N PHE D 28 -3.40 -20.52 -11.79
CA PHE D 28 -2.17 -21.11 -11.25
C PHE D 28 -0.95 -20.67 -12.03
N LEU D 29 -1.12 -20.20 -13.26
CA LEU D 29 0.03 -19.70 -14.03
C LEU D 29 0.49 -18.35 -13.51
N LEU D 30 -0.40 -17.58 -12.91
CA LEU D 30 -0.03 -16.27 -12.38
C LEU D 30 0.86 -16.45 -11.16
N PRO D 31 2.05 -15.86 -11.13
CA PRO D 31 2.90 -15.99 -9.94
C PRO D 31 2.20 -15.52 -8.68
N ALA D 32 2.75 -15.96 -7.53
CA ALA D 32 2.10 -15.70 -6.25
C ALA D 32 2.18 -14.23 -5.87
N ASP D 33 3.21 -13.51 -6.33
CA ASP D 33 3.40 -12.13 -5.91
C ASP D 33 2.23 -11.23 -6.29
N SER D 34 1.42 -11.63 -7.27
CA SER D 34 0.27 -10.84 -7.66
C SER D 34 -0.68 -10.66 -6.48
N GLY D 35 -0.83 -9.41 -6.02
CA GLY D 35 -1.68 -9.15 -4.88
C GLY D 35 -3.16 -9.20 -5.17
N GLU D 36 -3.55 -9.03 -6.43
CA GLU D 36 -4.95 -9.04 -6.83
C GLU D 36 -5.39 -10.40 -7.35
N LYS D 37 -4.73 -11.48 -6.89
CA LYS D 37 -5.11 -12.81 -7.34
C LYS D 37 -6.45 -13.24 -6.77
N ILE D 38 -6.83 -12.74 -5.59
CA ILE D 38 -8.10 -13.12 -5.00
C ILE D 38 -9.26 -12.63 -5.85
N SER D 39 -9.13 -11.44 -6.44
CA SER D 39 -10.19 -10.90 -7.28
C SER D 39 -10.41 -11.78 -8.51
N LEU D 40 -9.34 -12.30 -9.09
CA LEU D 40 -9.47 -13.13 -10.28
C LEU D 40 -10.28 -14.40 -9.98
N GLY D 41 -10.02 -15.02 -8.82
CA GLY D 41 -10.73 -16.23 -8.48
C GLY D 41 -12.19 -16.00 -8.16
N ILE D 42 -12.53 -14.82 -7.64
CA ILE D 42 -13.91 -14.53 -7.27
C ILE D 42 -14.79 -14.44 -8.52
N THR D 43 -14.32 -13.71 -9.53
CA THR D 43 -15.12 -13.56 -10.75
C THR D 43 -15.27 -14.89 -11.48
N VAL D 44 -14.20 -15.71 -11.50
CA VAL D 44 -14.27 -17.01 -12.16
C VAL D 44 -15.26 -17.91 -11.44
N LEU D 45 -15.22 -17.94 -10.11
CA LEU D 45 -16.15 -18.77 -9.35
C LEU D 45 -17.58 -18.25 -9.50
N LEU D 46 -17.76 -16.93 -9.51
CA LEU D 46 -19.10 -16.38 -9.65
C LEU D 46 -19.71 -16.74 -11.00
N SER D 47 -18.92 -16.68 -12.07
CA SER D 47 -19.45 -17.01 -13.39
C SER D 47 -19.87 -18.47 -13.48
N LEU D 48 -19.19 -19.35 -12.75
CA LEU D 48 -19.57 -20.77 -12.77
C LEU D 48 -20.95 -20.97 -12.16
N THR D 49 -21.26 -20.26 -11.08
CA THR D 49 -22.55 -20.42 -10.44
C THR D 49 -23.69 -19.92 -11.32
N VAL D 50 -23.47 -18.85 -12.07
CA VAL D 50 -24.53 -18.30 -12.92
C VAL D 50 -24.95 -19.33 -13.96
N PHE D 51 -23.98 -19.98 -14.61
CA PHE D 51 -24.29 -21.01 -15.59
C PHE D 51 -24.73 -22.32 -14.95
N MET D 52 -24.32 -22.57 -13.69
CA MET D 52 -24.71 -23.81 -13.03
C MET D 52 -26.19 -23.82 -12.71
N LEU D 53 -26.78 -22.67 -12.39
CA LEU D 53 -28.19 -22.62 -12.06
C LEU D 53 -29.05 -23.02 -13.26
N LEU D 54 -28.65 -22.62 -14.46
CA LEU D 54 -29.44 -22.93 -15.65
C LEU D 54 -29.52 -24.45 -15.86
N VAL D 55 -28.40 -25.14 -15.67
CA VAL D 55 -28.39 -26.59 -15.87
C VAL D 55 -29.31 -27.29 -14.88
N ALA D 56 -29.51 -26.69 -13.70
CA ALA D 56 -30.36 -27.32 -12.69
C ALA D 56 -31.79 -27.47 -13.20
N GLU D 57 -32.32 -26.44 -13.86
CA GLU D 57 -33.67 -26.51 -14.39
C GLU D 57 -33.76 -27.52 -15.53
N ILE D 58 -32.73 -27.60 -16.36
CA ILE D 58 -32.74 -28.54 -17.48
C ILE D 58 -32.72 -29.98 -16.97
N MET D 59 -31.94 -30.23 -15.92
CA MET D 59 -31.82 -31.58 -15.40
C MET D 59 -33.15 -32.04 -14.80
N PRO D 60 -33.72 -33.15 -15.24
CA PRO D 60 -34.98 -33.61 -14.63
C PRO D 60 -34.82 -33.90 -13.16
N SER D 61 -35.87 -33.62 -12.39
CA SER D 61 -35.87 -33.84 -10.94
C SER D 61 -36.14 -35.32 -10.70
N THR D 62 -35.07 -36.10 -10.61
CA THR D 62 -35.17 -37.54 -10.38
C THR D 62 -35.19 -37.81 -8.87
N SER D 63 -35.12 -39.08 -8.49
CA SER D 63 -35.12 -39.47 -7.09
C SER D 63 -34.01 -40.44 -6.72
N ASP D 64 -33.28 -41.00 -7.69
CA ASP D 64 -32.19 -41.93 -7.42
C ASP D 64 -30.84 -41.23 -7.43
N SER D 65 -30.51 -40.55 -8.53
CA SER D 65 -29.25 -39.83 -8.65
C SER D 65 -29.40 -38.76 -9.71
N SER D 66 -28.52 -37.77 -9.64
CA SER D 66 -28.53 -36.68 -10.60
C SER D 66 -28.05 -37.17 -11.96
N PRO D 67 -28.42 -36.48 -13.05
CA PRO D 67 -27.96 -36.89 -14.37
C PRO D 67 -26.44 -36.81 -14.48
N SER D 68 -25.92 -37.43 -15.53
CA SER D 68 -24.47 -37.46 -15.75
C SER D 68 -23.92 -36.07 -16.10
N ILE D 69 -24.78 -35.14 -16.52
CA ILE D 69 -24.31 -33.80 -16.86
C ILE D 69 -23.80 -33.06 -15.64
N ALA D 70 -24.31 -33.38 -14.45
CA ALA D 70 -23.84 -32.71 -13.24
C ALA D 70 -22.41 -33.09 -12.89
N GLN D 71 -21.96 -34.28 -13.32
CA GLN D 71 -20.59 -34.70 -13.05
C GLN D 71 -19.58 -33.82 -13.77
N TYR D 72 -19.97 -33.25 -14.92
CA TYR D 72 -19.05 -32.39 -15.65
C TYR D 72 -18.68 -31.16 -14.84
N PHE D 73 -19.66 -30.54 -14.18
CA PHE D 73 -19.38 -29.39 -13.34
C PHE D 73 -18.79 -29.77 -11.99
N ALA D 74 -18.93 -31.03 -11.58
CA ALA D 74 -18.34 -31.47 -10.32
C ALA D 74 -16.82 -31.45 -10.40
N SER D 75 -16.26 -31.95 -11.50
CA SER D 75 -14.81 -31.92 -11.68
C SER D 75 -14.31 -30.50 -11.89
N THR D 76 -15.09 -29.69 -12.61
CA THR D 76 -14.68 -28.31 -12.85
C THR D 76 -14.71 -27.50 -11.55
N MET D 77 -15.69 -27.77 -10.68
CA MET D 77 -15.77 -27.04 -9.42
C MET D 77 -14.55 -27.30 -8.55
N ILE D 78 -13.95 -28.48 -8.65
CA ILE D 78 -12.74 -28.77 -7.88
C ILE D 78 -11.60 -27.85 -8.30
N ILE D 79 -11.41 -27.67 -9.61
CA ILE D 79 -10.34 -26.80 -10.09
C ILE D 79 -10.64 -25.35 -9.73
N VAL D 80 -11.88 -24.90 -9.98
CA VAL D 80 -12.25 -23.53 -9.66
C VAL D 80 -12.32 -23.35 -8.15
N GLY D 81 -12.89 -24.32 -7.43
CA GLY D 81 -12.98 -24.21 -5.99
C GLY D 81 -11.62 -24.16 -5.33
N LEU D 82 -10.68 -24.99 -5.79
CA LEU D 82 -9.35 -25.00 -5.22
C LEU D 82 -8.52 -23.79 -5.63
N SER D 83 -8.92 -23.08 -6.69
CA SER D 83 -8.18 -21.88 -7.09
C SER D 83 -8.23 -20.82 -5.99
N VAL D 84 -9.39 -20.63 -5.38
CA VAL D 84 -9.49 -19.67 -4.28
C VAL D 84 -8.67 -20.15 -3.08
N VAL D 85 -8.72 -21.45 -2.80
CA VAL D 85 -7.96 -21.99 -1.67
C VAL D 85 -6.47 -21.79 -1.90
N VAL D 86 -6.00 -22.04 -3.12
CA VAL D 86 -4.59 -21.84 -3.43
C VAL D 86 -4.23 -20.36 -3.28
N THR D 87 -5.11 -19.47 -3.76
CA THR D 87 -4.85 -18.04 -3.62
C THR D 87 -4.79 -17.62 -2.15
N VAL D 88 -5.70 -18.17 -1.33
CA VAL D 88 -5.68 -17.84 0.10
C VAL D 88 -4.36 -18.28 0.72
N ILE D 89 -3.90 -19.49 0.40
CA ILE D 89 -2.60 -19.95 0.90
C ILE D 89 -1.49 -19.07 0.35
N VAL D 90 -1.61 -18.65 -0.91
CA VAL D 90 -0.59 -17.78 -1.50
C VAL D 90 -0.51 -16.46 -0.74
N LEU D 91 -1.66 -15.87 -0.43
CA LEU D 91 -1.67 -14.59 0.26
C LEU D 91 -1.02 -14.69 1.64
N GLN D 92 -1.13 -15.85 2.28
CA GLN D 92 -0.55 -15.99 3.62
C GLN D 92 0.96 -15.95 3.58
N TYR D 93 1.57 -16.57 2.57
CA TYR D 93 3.03 -16.59 2.48
C TYR D 93 3.62 -15.21 2.29
N HIS D 94 2.82 -14.24 1.84
CA HIS D 94 3.27 -12.86 1.72
C HIS D 94 2.99 -12.04 2.97
N HIS D 95 2.27 -12.60 3.94
CA HIS D 95 1.97 -11.93 5.21
C HIS D 95 2.34 -12.90 6.33
N HIS D 96 3.61 -12.84 6.75
CA HIS D 96 4.09 -13.76 7.76
C HIS D 96 3.44 -13.48 9.11
N ASP D 97 3.18 -14.55 9.86
CA ASP D 97 2.60 -14.47 11.19
C ASP D 97 3.30 -15.47 12.09
N PRO D 98 3.25 -15.26 13.41
CA PRO D 98 3.86 -16.25 14.32
C PRO D 98 3.26 -17.64 14.18
N ASP D 99 1.97 -17.74 13.86
CA ASP D 99 1.34 -19.05 13.73
C ASP D 99 1.90 -19.81 12.54
N GLY D 100 2.17 -19.13 11.44
CA GLY D 100 2.66 -19.80 10.26
C GLY D 100 3.01 -18.81 9.17
N GLY D 101 3.13 -19.34 7.95
CA GLY D 101 3.50 -18.55 6.80
C GLY D 101 4.81 -18.94 6.15
N LYS D 102 5.49 -19.99 6.65
CA LYS D 102 6.75 -20.43 6.06
C LYS D 102 6.86 -21.94 6.23
N MET D 103 7.68 -22.55 5.40
CA MET D 103 7.89 -23.99 5.42
C MET D 103 8.97 -24.36 6.42
N PRO D 104 8.97 -25.60 6.90
CA PRO D 104 10.01 -26.02 7.85
C PRO D 104 11.41 -25.84 7.28
N LYS D 105 12.38 -25.81 8.20
CA LYS D 105 13.77 -25.61 7.78
C LYS D 105 14.24 -26.75 6.89
N TRP D 106 13.87 -27.99 7.24
CA TRP D 106 14.32 -29.12 6.44
C TRP D 106 13.79 -29.05 5.01
N THR D 107 12.53 -28.65 4.84
CA THR D 107 11.95 -28.53 3.51
C THR D 107 12.46 -27.30 2.76
N ARG D 108 13.07 -26.35 3.46
CA ARG D 108 13.59 -25.17 2.78
C ARG D 108 14.71 -25.52 1.81
N VAL D 109 15.52 -26.53 2.13
CA VAL D 109 16.59 -26.94 1.24
C VAL D 109 16.01 -27.43 -0.09
N ILE D 110 14.92 -28.18 -0.04
CA ILE D 110 14.30 -28.68 -1.27
C ILE D 110 13.83 -27.52 -2.14
N LEU D 111 13.21 -26.51 -1.53
CA LEU D 111 12.78 -25.35 -2.29
C LEU D 111 13.96 -24.62 -2.92
N LEU D 112 15.05 -24.47 -2.18
CA LEU D 112 16.23 -23.80 -2.71
C LEU D 112 16.78 -24.56 -3.92
N ASN D 113 16.84 -25.88 -3.83
CA ASN D 113 17.29 -26.67 -4.98
C ASN D 113 16.36 -26.52 -6.16
N TRP D 114 15.05 -26.49 -5.90
CA TRP D 114 14.08 -26.35 -6.98
C TRP D 114 14.23 -25.00 -7.68
N CYS D 115 14.63 -23.97 -6.95
CA CYS D 115 14.82 -22.65 -7.57
C CYS D 115 15.89 -22.70 -8.64
N ALA D 116 17.01 -23.38 -8.37
CA ALA D 116 18.05 -23.52 -9.38
C ALA D 116 17.65 -24.51 -10.46
N TRP D 117 16.86 -25.52 -10.12
CA TRP D 117 16.41 -26.49 -11.11
C TRP D 117 15.35 -25.90 -12.04
N PHE D 118 14.56 -24.95 -11.54
CA PHE D 118 13.52 -24.35 -12.38
C PHE D 118 14.14 -23.62 -13.57
N LEU D 119 15.22 -22.87 -13.35
CA LEU D 119 15.88 -22.18 -14.44
C LEU D 119 16.72 -23.13 -15.29
N ARG D 120 17.34 -24.12 -14.65
CA ARG D 120 18.16 -25.12 -15.33
C ARG D 120 17.69 -26.50 -14.86
N MET D 121 16.71 -27.05 -15.55
CA MET D 121 16.16 -28.35 -15.21
C MET D 121 16.83 -29.45 -16.03
N LYS D 122 16.51 -30.70 -15.69
CA LYS D 122 17.07 -31.86 -16.37
C LYS D 122 16.32 -32.20 -17.65
N ARG D 123 15.26 -31.46 -17.99
CA ARG D 123 14.52 -31.73 -19.20
C ARG D 123 15.34 -31.33 -20.43
N PRO D 124 15.00 -31.88 -21.60
CA PRO D 124 15.78 -31.54 -22.80
C PRO D 124 15.77 -30.06 -23.12
N GLY D 125 14.74 -29.33 -22.72
CA GLY D 125 14.68 -27.92 -23.02
C GLY D 125 15.78 -27.10 -22.37
N GLU D 126 16.30 -27.59 -21.25
CA GLU D 126 17.38 -26.92 -20.53
C GLU D 126 18.64 -27.77 -20.40
N ASP D 127 18.49 -29.07 -20.14
CA ASP D 127 19.65 -29.93 -20.00
C ASP D 127 20.44 -30.02 -21.31
N LYS D 128 19.73 -30.10 -22.44
CA LYS D 128 20.40 -30.21 -23.72
C LYS D 128 21.06 -28.89 -24.12
N VAL D 129 20.42 -27.77 -23.81
CA VAL D 129 20.91 -26.46 -24.25
C VAL D 129 21.87 -25.97 -23.17
N ARG D 130 23.13 -26.41 -23.29
CA ARG D 130 24.19 -25.97 -22.41
C ARG D 130 25.52 -26.51 -22.91
N PRO D 131 26.64 -25.84 -22.66
CA PRO D 131 27.93 -26.35 -23.11
C PRO D 131 28.24 -27.70 -22.48
N ALA D 132 28.84 -28.59 -23.27
CA ALA D 132 29.19 -29.93 -22.81
C ALA D 132 30.39 -30.41 -23.60
N CYS D 133 31.49 -30.68 -22.91
CA CYS D 133 32.71 -31.15 -23.54
C CYS D 133 33.60 -31.78 -22.48
N GLN D 134 34.76 -32.29 -22.91
CA GLN D 134 35.72 -32.90 -22.02
C GLN D 134 36.70 -31.89 -21.42
N HIS D 135 36.55 -30.61 -21.74
CA HIS D 135 37.44 -29.58 -21.25
C HIS D 135 37.05 -29.22 -19.81
N LYS D 136 37.60 -28.12 -19.29
CA LYS D 136 37.33 -27.70 -17.92
C LYS D 136 35.86 -27.42 -17.66
N GLN D 137 35.03 -27.36 -18.71
CA GLN D 137 33.61 -27.10 -18.50
C GLN D 137 32.95 -28.18 -17.64
N ARG D 138 33.31 -29.43 -17.88
CA ARG D 138 32.75 -30.58 -17.17
C ARG D 138 33.83 -31.34 -16.43
N ARG D 139 34.73 -30.63 -15.77
CA ARG D 139 35.81 -31.23 -15.00
C ARG D 139 35.50 -31.16 -13.51
N CYS D 140 36.27 -31.91 -12.73
CA CYS D 140 36.12 -31.98 -11.29
C CYS D 140 37.36 -31.40 -10.62
N SER D 141 37.14 -30.62 -9.57
CA SER D 141 38.23 -29.99 -8.83
C SER D 141 37.76 -29.73 -7.40
N LEU D 142 38.61 -29.05 -6.62
CA LEU D 142 38.24 -28.75 -5.24
C LEU D 142 37.08 -27.79 -5.16
N ALA D 143 37.02 -26.81 -6.06
CA ALA D 143 35.93 -25.84 -6.01
C ALA D 143 34.58 -26.51 -6.24
N SER D 144 34.50 -27.42 -7.19
CA SER D 144 33.23 -28.11 -7.45
C SER D 144 32.90 -29.10 -6.34
N VAL D 145 33.90 -29.85 -5.87
CA VAL D 145 33.70 -30.82 -4.80
C VAL D 145 34.03 -30.10 -3.50
N GLU D 146 32.98 -29.53 -2.88
CA GLU D 146 33.12 -28.80 -1.63
C GLU D 146 32.56 -29.58 -0.44
N MET D 147 32.65 -30.91 -0.50
CA MET D 147 32.15 -31.73 0.59
C MET D 147 32.98 -31.58 1.86
N SER D 148 34.21 -31.06 1.75
CA SER D 148 35.09 -30.85 2.89
C SER D 148 35.13 -29.40 3.33
N ALA D 149 34.01 -28.68 3.21
CA ALA D 149 33.94 -27.27 3.60
C ALA D 149 34.96 -26.45 2.81
N VAL D 150 34.92 -26.57 1.49
CA VAL D 150 35.82 -25.85 0.60
C VAL D 150 35.12 -24.58 0.13
N ALA D 151 35.91 -23.53 -0.07
CA ALA D 151 35.35 -22.25 -0.51
C ALA D 151 34.76 -22.41 -1.90
N PRO D 152 33.52 -21.96 -2.13
CA PRO D 152 32.92 -22.09 -3.47
C PRO D 152 33.49 -21.07 -4.41
N PRO D 153 33.12 -21.11 -5.69
CA PRO D 153 33.63 -20.12 -6.64
C PRO D 153 33.19 -18.73 -6.22
N PRO D 154 34.01 -17.71 -6.52
CA PRO D 154 33.64 -16.34 -6.11
C PRO D 154 32.51 -15.77 -6.94
N ALA D 155 31.28 -16.14 -6.61
CA ALA D 155 30.10 -15.67 -7.31
C ALA D 155 29.37 -14.63 -6.47
N SER D 156 28.78 -13.64 -7.14
CA SER D 156 28.06 -12.56 -6.49
C SER D 156 26.59 -12.90 -6.23
N ASN D 157 26.25 -14.19 -6.24
CA ASN D 157 24.88 -14.63 -6.01
C ASN D 157 24.60 -14.97 -4.55
N GLY D 158 25.46 -14.54 -3.64
CA GLY D 158 25.30 -14.79 -2.23
C GLY D 158 26.30 -15.74 -1.60
N ASN D 159 27.45 -15.96 -2.24
CA ASN D 159 28.48 -16.85 -1.71
C ASN D 159 29.72 -16.08 -1.28
N LEU D 160 30.31 -15.29 -2.19
CA LEU D 160 31.50 -14.52 -1.84
C LEU D 160 31.19 -13.45 -0.80
N LEU D 161 30.05 -12.78 -0.93
CA LEU D 161 29.73 -11.70 -0.01
C LEU D 161 29.45 -12.22 1.38
N TYR D 162 28.65 -13.29 1.50
CA TYR D 162 28.32 -13.84 2.81
C TYR D 162 29.52 -14.52 3.44
N ILE D 163 30.28 -15.27 2.67
CA ILE D 163 31.45 -15.95 3.20
C ILE D 163 32.54 -14.95 3.60
N GLY D 164 32.66 -13.86 2.85
CA GLY D 164 33.69 -12.87 3.15
C GLY D 164 33.46 -12.11 4.43
N PHE D 165 32.21 -12.00 4.88
CA PHE D 165 31.87 -11.31 6.11
C PHE D 165 31.55 -12.27 7.26
N ARG D 166 30.66 -13.24 7.02
CA ARG D 166 30.30 -14.21 8.05
C ARG D 166 31.18 -15.45 8.00
N GLY D 167 31.51 -15.94 6.79
CA GLY D 167 32.34 -17.12 6.69
C GLY D 167 33.73 -16.93 7.26
N LEU D 168 34.33 -15.76 7.02
CA LEU D 168 35.67 -15.46 7.49
C LEU D 168 35.60 -14.97 8.94
N ASP D 169 35.31 -15.91 9.84
CA ASP D 169 35.22 -15.63 11.27
C ASP D 169 36.61 -15.78 11.88
N GLY D 170 37.39 -14.70 11.80
CA GLY D 170 38.74 -14.69 12.33
C GLY D 170 39.75 -14.07 11.39
N VAL D 171 39.29 -13.64 10.21
CA VAL D 171 40.14 -13.01 9.20
C VAL D 171 39.67 -11.60 8.87
N HIS D 172 38.36 -11.43 8.64
CA HIS D 172 37.81 -10.13 8.29
C HIS D 172 37.34 -9.37 9.52
N CYS D 173 36.39 -9.94 10.27
CA CYS D 173 35.88 -9.27 11.46
C CYS D 173 36.97 -9.11 12.50
N VAL D 174 37.73 -10.18 12.75
CA VAL D 174 38.82 -10.16 13.73
C VAL D 174 40.08 -10.71 13.07
N PRO D 175 40.80 -9.91 12.28
CA PRO D 175 42.01 -10.41 11.63
C PRO D 175 43.01 -10.97 12.64
N THR D 176 43.24 -12.27 12.56
CA THR D 176 44.16 -12.95 13.47
C THR D 176 45.61 -12.74 13.05
N PRO D 177 45.96 -12.88 11.76
CA PRO D 177 47.38 -12.69 11.39
C PRO D 177 47.78 -11.21 11.36
N ASP D 178 48.09 -10.68 12.55
CA ASP D 178 48.50 -9.30 12.70
C ASP D 178 49.96 -9.15 13.14
N SER D 179 50.63 -10.25 13.51
CA SER D 179 52.01 -10.21 13.97
C SER D 179 52.93 -10.26 12.75
N GLY D 180 53.36 -9.08 12.31
CA GLY D 180 54.27 -8.99 11.19
C GLY D 180 53.62 -9.05 9.82
N VAL D 181 52.29 -9.07 9.74
CA VAL D 181 51.56 -9.12 8.49
C VAL D 181 50.79 -7.82 8.23
N VAL D 182 49.96 -7.42 9.18
CA VAL D 182 49.18 -6.19 9.04
C VAL D 182 49.93 -5.00 9.61
N CYS D 183 50.51 -5.15 10.80
CA CYS D 183 51.25 -4.08 11.45
C CYS D 183 52.74 -4.12 11.14
N GLY D 184 53.19 -5.06 10.31
CA GLY D 184 54.59 -5.16 9.95
C GLY D 184 54.81 -5.23 8.46
N ARG D 185 53.98 -4.51 7.69
CA ARG D 185 54.09 -4.49 6.25
C ARG D 185 53.68 -3.11 5.75
N MET D 186 54.21 -2.74 4.58
CA MET D 186 53.93 -1.45 3.96
C MET D 186 52.68 -1.47 3.10
N ALA D 187 51.80 -2.46 3.29
CA ALA D 187 50.57 -2.57 2.50
C ALA D 187 49.51 -1.69 3.15
N CYS D 188 49.64 -0.39 2.92
CA CYS D 188 48.71 0.61 3.46
C CYS D 188 48.61 0.50 4.98
N SER D 189 49.74 0.23 5.63
CA SER D 189 49.78 0.11 7.07
C SER D 189 51.22 0.34 7.52
N PRO D 190 51.43 0.73 8.78
CA PRO D 190 52.80 0.93 9.27
C PRO D 190 53.56 -0.38 9.37
N THR D 191 54.88 -0.27 9.26
CA THR D 191 55.79 -1.41 9.34
C THR D 191 56.52 -1.33 10.68
N HIS D 192 55.90 -1.89 11.72
CA HIS D 192 56.47 -1.89 13.07
C HIS D 192 56.74 -0.47 13.56
N ASP D 193 55.92 0.49 13.12
CA ASP D 193 56.05 1.89 13.52
C ASP D 193 55.06 2.16 14.64
N GLU D 194 55.54 2.07 15.89
CA GLU D 194 54.70 2.32 17.05
C GLU D 194 54.57 3.80 17.38
N HIS D 195 55.38 4.65 16.76
CA HIS D 195 55.34 6.10 16.99
C HIS D 195 54.65 6.85 15.85
N LEU D 196 53.69 6.21 15.17
CA LEU D 196 52.98 6.83 14.06
C LEU D 196 51.90 7.75 14.63
N LEU D 197 52.32 8.95 15.00
CA LEU D 197 51.43 9.96 15.55
C LEU D 197 51.07 10.99 14.49
N HIS D 198 50.04 11.78 14.80
CA HIS D 198 49.57 12.82 13.89
C HIS D 198 50.35 14.11 14.13
N GLY D 199 51.63 14.06 13.77
CA GLY D 199 52.51 15.21 13.96
C GLY D 199 52.68 15.59 15.41
N GLY D 200 52.90 14.61 16.28
CA GLY D 200 53.03 14.85 17.70
C GLY D 200 51.73 14.80 18.48
N GLN D 201 50.60 14.63 17.80
CA GLN D 201 49.29 14.55 18.43
C GLN D 201 48.72 13.14 18.29
N PRO D 202 47.72 12.79 19.10
CA PRO D 202 47.14 11.46 18.99
C PRO D 202 46.58 11.23 17.60
N PRO D 203 46.63 9.99 17.10
CA PRO D 203 46.12 9.75 15.73
C PRO D 203 44.67 10.17 15.56
N GLU D 204 43.84 9.99 16.57
CA GLU D 204 42.43 10.36 16.49
C GLU D 204 42.29 11.85 16.74
N GLY D 205 41.89 12.59 15.71
CA GLY D 205 41.74 14.03 15.86
C GLY D 205 40.62 14.39 16.83
N ASP D 206 39.53 13.63 16.81
CA ASP D 206 38.40 13.90 17.69
C ASP D 206 37.69 12.59 18.02
N PRO D 207 37.67 12.17 19.29
CA PRO D 207 36.94 10.93 19.64
C PRO D 207 35.46 11.00 19.37
N ASP D 208 34.89 12.20 19.22
CA ASP D 208 33.45 12.32 19.00
C ASP D 208 33.02 11.67 17.68
N LEU D 209 33.94 11.50 16.73
CA LEU D 209 33.59 10.85 15.47
C LEU D 209 33.21 9.38 15.69
N ALA D 210 33.79 8.73 16.70
CA ALA D 210 33.45 7.35 16.98
C ALA D 210 31.98 7.20 17.35
N LYS D 211 31.47 8.13 18.16
CA LYS D 211 30.06 8.09 18.54
C LYS D 211 29.16 8.24 17.32
N ILE D 212 29.51 9.14 16.41
CA ILE D 212 28.72 9.32 15.20
C ILE D 212 28.76 8.06 14.35
N LEU D 213 29.91 7.38 14.32
CA LEU D 213 30.02 6.16 13.53
C LEU D 213 29.06 5.08 14.04
N GLU D 214 28.92 4.96 15.36
CA GLU D 214 28.00 3.97 15.90
C GLU D 214 26.57 4.25 15.48
N GLU D 215 26.14 5.51 15.52
CA GLU D 215 24.81 5.86 15.08
C GLU D 215 24.67 5.73 13.57
N VAL D 216 25.69 6.17 12.83
CA VAL D 216 25.66 6.04 11.37
C VAL D 216 25.67 4.56 10.98
N ARG D 217 26.51 3.76 11.65
CA ARG D 217 26.55 2.33 11.34
C ARG D 217 25.22 1.66 11.62
N TYR D 218 24.55 2.08 12.70
CA TYR D 218 23.25 1.51 13.01
C TYR D 218 22.24 1.80 11.90
N ILE D 219 22.24 3.02 11.37
CA ILE D 219 21.36 3.35 10.27
C ILE D 219 21.68 2.50 9.05
N ALA D 220 22.98 2.36 8.73
CA ALA D 220 23.38 1.51 7.61
C ALA D 220 23.11 0.04 7.91
N ASN D 221 23.28 -0.38 9.17
CA ASN D 221 23.03 -1.78 9.51
C ASN D 221 21.56 -2.14 9.30
N ARG D 222 20.65 -1.23 9.66
CA ARG D 222 19.24 -1.49 9.44
C ARG D 222 18.93 -1.67 7.95
N PHE D 223 19.50 -0.81 7.11
CA PHE D 223 19.32 -0.97 5.67
C PHE D 223 19.96 -2.26 5.18
N ARG D 224 21.13 -2.60 5.71
CA ARG D 224 21.77 -3.88 5.34
C ARG D 224 20.89 -5.05 5.77
N CYS D 225 20.32 -4.98 6.96
CA CYS D 225 19.40 -6.04 7.40
C CYS D 225 18.15 -6.07 6.54
N GLN D 226 17.67 -4.91 6.08
CA GLN D 226 16.50 -4.89 5.20
C GLN D 226 16.79 -5.62 3.91
N ASP D 227 17.97 -5.41 3.32
CA ASP D 227 18.34 -6.15 2.12
C ASP D 227 18.42 -7.64 2.39
N GLU D 228 19.02 -8.02 3.53
CA GLU D 228 19.06 -9.42 3.91
C GLU D 228 17.67 -9.94 4.27
N SER D 229 16.84 -9.09 4.89
CA SER D 229 15.48 -9.50 5.22
C SER D 229 14.68 -9.82 3.96
N GLU D 230 14.84 -9.01 2.91
CA GLU D 230 14.14 -9.30 1.65
C GLU D 230 14.63 -10.60 1.03
N ALA D 231 15.90 -10.95 1.24
CA ALA D 231 16.39 -12.23 0.74
C ALA D 231 15.71 -13.40 1.45
N VAL D 232 15.51 -13.28 2.77
CA VAL D 232 14.78 -14.31 3.50
C VAL D 232 13.31 -14.31 3.09
N CYS D 233 12.73 -13.12 2.92
CA CYS D 233 11.34 -13.03 2.49
C CYS D 233 11.17 -13.53 1.06
N SER D 234 12.21 -13.47 0.25
CA SER D 234 12.12 -13.97 -1.12
C SER D 234 11.87 -15.48 -1.14
N GLU D 235 12.40 -16.20 -0.15
CA GLU D 235 12.14 -17.63 -0.08
C GLU D 235 10.67 -17.90 0.20
N TRP D 236 10.05 -17.09 1.05
CA TRP D 236 8.62 -17.24 1.29
C TRP D 236 7.81 -16.94 0.03
N LYS D 237 8.19 -15.88 -0.69
CA LYS D 237 7.52 -15.57 -1.96
C LYS D 237 7.75 -16.68 -2.97
N PHE D 238 8.96 -17.22 -3.04
CA PHE D 238 9.23 -18.32 -3.96
C PHE D 238 8.44 -19.57 -3.57
N ALA D 239 8.30 -19.83 -2.27
CA ALA D 239 7.52 -20.98 -1.83
C ALA D 239 6.08 -20.87 -2.30
N ALA D 240 5.50 -19.67 -2.25
CA ALA D 240 4.15 -19.49 -2.76
C ALA D 240 4.08 -19.76 -4.26
N CYS D 241 5.08 -19.31 -5.01
CA CYS D 241 5.11 -19.57 -6.45
C CYS D 241 5.23 -21.06 -6.73
N VAL D 242 6.06 -21.77 -5.97
CA VAL D 242 6.21 -23.21 -6.17
C VAL D 242 4.88 -23.92 -5.90
N VAL D 243 4.21 -23.57 -4.80
CA VAL D 243 2.91 -24.15 -4.52
C VAL D 243 1.91 -23.74 -5.56
N ASP D 244 1.93 -22.46 -5.96
CA ASP D 244 1.00 -21.99 -6.99
C ASP D 244 1.25 -22.71 -8.32
N ARG D 245 2.52 -22.88 -8.69
CA ARG D 245 2.85 -23.57 -9.93
C ARG D 245 2.79 -25.08 -9.80
N LEU D 246 2.78 -25.60 -8.56
CA LEU D 246 2.67 -27.05 -8.38
C LEU D 246 1.33 -27.57 -8.90
N CYS D 247 0.25 -26.83 -8.64
CA CYS D 247 -1.07 -27.26 -9.10
C CYS D 247 -1.24 -27.05 -10.60
N LEU D 248 -0.49 -26.13 -11.20
CA LEU D 248 -0.59 -25.91 -12.65
C LEU D 248 -0.15 -27.15 -13.41
N MET D 249 1.00 -27.71 -13.04
CA MET D 249 1.49 -28.91 -13.70
C MET D 249 0.73 -30.16 -13.27
N ALA D 250 0.32 -30.23 -12.01
CA ALA D 250 -0.41 -31.39 -11.52
C ALA D 250 -1.79 -31.48 -12.16
N PHE D 251 -2.48 -30.34 -12.31
CA PHE D 251 -3.81 -30.32 -12.88
C PHE D 251 -3.80 -30.22 -14.40
N SER D 252 -2.64 -29.99 -15.02
CA SER D 252 -2.60 -29.93 -16.47
C SER D 252 -3.00 -31.26 -17.10
N VAL D 253 -2.50 -32.37 -16.55
CA VAL D 253 -2.88 -33.68 -17.04
C VAL D 253 -4.32 -33.98 -16.69
N PHE D 254 -4.75 -33.64 -15.47
CA PHE D 254 -6.12 -33.89 -15.06
C PHE D 254 -7.10 -33.10 -15.90
N THR D 255 -6.76 -31.84 -16.20
CA THR D 255 -7.64 -31.02 -17.03
C THR D 255 -7.80 -31.62 -18.42
N ILE D 256 -6.69 -32.10 -19.01
CA ILE D 256 -6.77 -32.74 -20.31
C ILE D 256 -7.60 -34.01 -20.23
N ILE D 257 -7.41 -34.80 -19.17
CA ILE D 257 -8.18 -36.03 -19.00
C ILE D 257 -9.67 -35.70 -18.85
N CYS D 258 -9.98 -34.68 -18.06
CA CYS D 258 -11.37 -34.30 -17.86
C CYS D 258 -12.02 -33.90 -19.18
N THR D 259 -11.32 -33.11 -20.00
CA THR D 259 -11.85 -32.74 -21.30
C THR D 259 -12.03 -33.95 -22.19
N ILE D 260 -11.05 -34.86 -22.18
CA ILE D 260 -11.17 -36.08 -22.98
C ILE D 260 -12.27 -36.98 -22.43
N GLY D 261 -12.39 -37.04 -21.10
CA GLY D 261 -13.43 -37.88 -20.51
C GLY D 261 -14.82 -37.45 -20.92
N ILE D 262 -15.04 -36.14 -21.03
CA ILE D 262 -16.35 -35.63 -21.44
C ILE D 262 -16.67 -36.09 -22.86
N LEU D 263 -15.68 -36.06 -23.75
CA LEU D 263 -15.90 -36.48 -25.13
C LEU D 263 -16.23 -37.96 -25.24
N MET D 264 -15.87 -38.77 -24.24
CA MET D 264 -16.15 -40.20 -24.24
C MET D 264 -17.26 -40.61 -23.30
N SER D 265 -17.46 -39.89 -22.19
CA SER D 265 -18.51 -40.23 -21.25
C SER D 265 -19.89 -39.80 -21.76
N ALA D 266 -19.97 -38.63 -22.39
CA ALA D 266 -21.27 -38.12 -22.83
C ALA D 266 -21.96 -39.04 -23.83
N PRO D 267 -21.30 -39.52 -24.89
CA PRO D 267 -22.00 -40.41 -25.84
C PRO D 267 -22.53 -41.68 -25.20
N ASN D 268 -21.86 -42.19 -24.17
CA ASN D 268 -22.31 -43.43 -23.53
C ASN D 268 -23.53 -43.18 -22.64
N PHE D 269 -23.54 -42.08 -21.91
CA PHE D 269 -24.63 -41.74 -21.00
C PHE D 269 -25.50 -40.62 -21.53
N VAL D 270 -24.91 -39.48 -21.89
CA VAL D 270 -25.67 -38.35 -22.40
C VAL D 270 -26.00 -38.56 -23.88
N LEU E 7 -39.37 -1.86 -32.70
CA LEU E 7 -38.13 -2.58 -32.39
C LEU E 7 -37.90 -2.64 -30.89
N TYR E 8 -38.80 -3.33 -30.18
CA TYR E 8 -38.66 -3.45 -28.73
C TYR E 8 -37.37 -4.18 -28.37
N TYR E 9 -37.08 -5.28 -29.08
CA TYR E 9 -35.85 -6.02 -28.83
C TYR E 9 -34.65 -5.40 -29.52
N GLY E 10 -34.87 -4.52 -30.49
CA GLY E 10 -33.77 -3.87 -31.18
C GLY E 10 -33.15 -2.70 -30.45
N LEU E 11 -33.80 -2.21 -29.40
CA LEU E 11 -33.29 -1.10 -28.61
C LEU E 11 -32.95 -1.50 -27.18
N ASN E 12 -33.29 -2.71 -26.75
CA ASN E 12 -33.02 -3.18 -25.40
C ASN E 12 -31.99 -4.30 -25.35
N LEU E 13 -31.61 -4.87 -26.49
CA LEU E 13 -30.62 -5.94 -26.56
C LEU E 13 -29.45 -5.60 -27.46
N LEU E 14 -29.69 -4.95 -28.59
CA LEU E 14 -28.59 -4.56 -29.46
C LEU E 14 -27.82 -3.37 -28.88
N ILE E 15 -28.53 -2.38 -28.35
CA ILE E 15 -27.86 -1.20 -27.80
C ILE E 15 -26.92 -1.56 -26.66
N PRO E 16 -27.32 -2.34 -25.66
CA PRO E 16 -26.37 -2.71 -24.60
C PRO E 16 -25.13 -3.43 -25.13
N CYS E 17 -25.27 -4.20 -26.21
CA CYS E 17 -24.12 -4.90 -26.76
C CYS E 17 -23.04 -3.92 -27.20
N VAL E 18 -23.44 -2.83 -27.86
CA VAL E 18 -22.47 -1.83 -28.28
C VAL E 18 -21.85 -1.15 -27.06
N LEU E 19 -22.66 -0.86 -26.05
CA LEU E 19 -22.13 -0.23 -24.84
C LEU E 19 -21.11 -1.12 -24.15
N ILE E 20 -21.41 -2.42 -24.06
CA ILE E 20 -20.48 -3.34 -23.40
C ILE E 20 -19.16 -3.39 -24.15
N SER E 21 -19.22 -3.48 -25.49
CA SER E 21 -17.99 -3.50 -26.28
C SER E 21 -17.22 -2.18 -26.13
N ALA E 22 -17.94 -1.06 -26.14
CA ALA E 22 -17.27 0.23 -25.97
C ALA E 22 -16.61 0.34 -24.60
N LEU E 23 -17.30 -0.12 -23.55
CA LEU E 23 -16.72 -0.08 -22.22
C LEU E 23 -15.50 -0.99 -22.13
N ALA E 24 -15.57 -2.18 -22.74
CA ALA E 24 -14.43 -3.09 -22.71
C ALA E 24 -13.24 -2.51 -23.49
N LEU E 25 -13.51 -1.71 -24.53
CA LEU E 25 -12.42 -1.12 -25.29
C LEU E 25 -11.66 -0.09 -24.46
N LEU E 26 -12.35 0.62 -23.56
CA LEU E 26 -11.69 1.58 -22.71
C LEU E 26 -10.79 0.92 -21.67
N VAL E 27 -10.99 -0.37 -21.41
CA VAL E 27 -10.13 -1.07 -20.45
C VAL E 27 -8.70 -1.11 -20.97
N PHE E 28 -8.52 -1.40 -22.27
CA PHE E 28 -7.19 -1.42 -22.85
C PHE E 28 -6.60 -0.02 -22.98
N LEU E 29 -7.45 1.02 -22.97
CA LEU E 29 -6.95 2.39 -23.02
C LEU E 29 -6.34 2.82 -21.70
N LEU E 30 -6.75 2.21 -20.60
CA LEU E 30 -6.21 2.57 -19.29
C LEU E 30 -4.77 2.07 -19.18
N PRO E 31 -3.79 2.93 -18.88
CA PRO E 31 -2.42 2.46 -18.75
C PRO E 31 -2.28 1.34 -17.71
N ALA E 32 -1.14 0.66 -17.75
CA ALA E 32 -0.95 -0.54 -16.94
C ALA E 32 -0.77 -0.21 -15.46
N ASP E 33 -0.26 0.98 -15.15
CA ASP E 33 0.05 1.30 -13.76
C ASP E 33 -1.18 1.34 -12.88
N SER E 34 -2.37 1.45 -13.46
CA SER E 34 -3.61 1.47 -12.69
C SER E 34 -3.75 0.18 -11.88
N GLY E 35 -3.70 0.29 -10.56
CA GLY E 35 -3.79 -0.87 -9.69
C GLY E 35 -5.19 -1.44 -9.57
N GLU E 36 -6.21 -0.61 -9.80
CA GLU E 36 -7.60 -1.03 -9.68
C GLU E 36 -8.20 -1.45 -11.01
N LYS E 37 -7.36 -1.92 -11.94
CA LYS E 37 -7.88 -2.34 -13.24
C LYS E 37 -8.69 -3.63 -13.15
N ILE E 38 -8.37 -4.50 -12.19
CA ILE E 38 -9.10 -5.75 -12.06
C ILE E 38 -10.55 -5.48 -11.67
N SER E 39 -10.79 -4.47 -10.84
CA SER E 39 -12.15 -4.14 -10.43
C SER E 39 -12.99 -3.69 -11.63
N LEU E 40 -12.38 -2.93 -12.54
CA LEU E 40 -13.12 -2.45 -13.71
C LEU E 40 -13.59 -3.61 -14.58
N GLY E 41 -12.75 -4.62 -14.77
CA GLY E 41 -13.13 -5.75 -15.61
C GLY E 41 -14.17 -6.64 -14.98
N ILE E 42 -14.22 -6.68 -13.64
CA ILE E 42 -15.19 -7.54 -12.96
C ILE E 42 -16.61 -7.04 -13.18
N THR E 43 -16.81 -5.73 -13.02
CA THR E 43 -18.16 -5.17 -13.20
C THR E 43 -18.61 -5.27 -14.66
N VAL E 44 -17.68 -5.09 -15.60
CA VAL E 44 -18.04 -5.20 -17.02
C VAL E 44 -18.44 -6.62 -17.35
N LEU E 45 -17.68 -7.61 -16.87
CA LEU E 45 -18.04 -9.01 -17.11
C LEU E 45 -19.35 -9.37 -16.43
N LEU E 46 -19.55 -8.89 -15.20
CA LEU E 46 -20.80 -9.21 -14.48
C LEU E 46 -22.00 -8.63 -15.21
N SER E 47 -21.89 -7.40 -15.71
CA SER E 47 -23.00 -6.79 -16.42
C SER E 47 -23.37 -7.55 -17.68
N LEU E 48 -22.37 -8.10 -18.38
CA LEU E 48 -22.65 -8.87 -19.58
C LEU E 48 -23.48 -10.12 -19.26
N THR E 49 -23.15 -10.79 -18.16
CA THR E 49 -23.88 -12.00 -17.80
C THR E 49 -25.33 -11.69 -17.46
N VAL E 50 -25.59 -10.55 -16.80
CA VAL E 50 -26.95 -10.21 -16.41
C VAL E 50 -27.83 -10.04 -17.65
N PHE E 51 -27.33 -9.33 -18.65
CA PHE E 51 -28.08 -9.15 -19.89
C PHE E 51 -28.05 -10.38 -20.78
N MET E 52 -27.06 -11.27 -20.60
CA MET E 52 -26.99 -12.47 -21.43
C MET E 52 -28.07 -13.47 -21.04
N LEU E 53 -28.43 -13.54 -19.76
CA LEU E 53 -29.45 -14.49 -19.33
C LEU E 53 -30.81 -14.19 -19.95
N LEU E 54 -31.14 -12.90 -20.09
CA LEU E 54 -32.44 -12.54 -20.65
C LEU E 54 -32.56 -13.00 -22.09
N VAL E 55 -31.50 -12.86 -22.88
CA VAL E 55 -31.56 -13.28 -24.27
C VAL E 55 -31.72 -14.79 -24.38
N ALA E 56 -31.25 -15.53 -23.37
CA ALA E 56 -31.36 -16.99 -23.44
C ALA E 56 -32.82 -17.43 -23.47
N GLU E 57 -33.68 -16.80 -22.66
CA GLU E 57 -35.09 -17.16 -22.67
C GLU E 57 -35.75 -16.77 -23.99
N ILE E 58 -35.36 -15.63 -24.56
CA ILE E 58 -35.95 -15.19 -25.82
C ILE E 58 -35.60 -16.17 -26.94
N MET E 59 -34.36 -16.66 -26.95
CA MET E 59 -33.94 -17.56 -28.01
C MET E 59 -34.70 -18.88 -27.93
N PRO E 60 -35.39 -19.30 -28.99
CA PRO E 60 -36.09 -20.60 -28.92
C PRO E 60 -35.14 -21.74 -28.68
N SER E 61 -35.60 -22.73 -27.93
CA SER E 61 -34.80 -23.92 -27.60
C SER E 61 -34.85 -24.86 -28.81
N THR E 62 -33.87 -24.69 -29.71
CA THR E 62 -33.78 -25.51 -30.90
C THR E 62 -32.96 -26.77 -30.60
N SER E 63 -32.69 -27.55 -31.65
CA SER E 63 -31.92 -28.78 -31.50
C SER E 63 -30.75 -28.89 -32.47
N ASP E 64 -30.65 -28.03 -33.48
CA ASP E 64 -29.55 -28.06 -34.44
C ASP E 64 -28.45 -27.07 -34.06
N SER E 65 -28.80 -25.79 -33.92
CA SER E 65 -27.83 -24.77 -33.54
C SER E 65 -28.56 -23.60 -32.93
N SER E 66 -27.82 -22.79 -32.17
CA SER E 66 -28.39 -21.63 -31.53
C SER E 66 -28.70 -20.55 -32.57
N PRO E 67 -29.64 -19.65 -32.28
CA PRO E 67 -29.96 -18.58 -33.23
C PRO E 67 -28.74 -17.69 -33.49
N SER E 68 -28.85 -16.90 -34.55
CA SER E 68 -27.75 -16.02 -34.93
C SER E 68 -27.53 -14.90 -33.91
N ILE E 69 -28.52 -14.62 -33.06
CA ILE E 69 -28.37 -13.57 -32.06
C ILE E 69 -27.30 -13.93 -31.04
N ALA E 70 -27.06 -15.22 -30.81
CA ALA E 70 -26.03 -15.61 -29.84
C ALA E 70 -24.63 -15.31 -30.34
N GLN E 71 -24.45 -15.25 -31.67
CA GLN E 71 -23.13 -14.93 -32.21
C GLN E 71 -22.72 -13.50 -31.87
N TYR E 72 -23.67 -12.61 -31.69
CA TYR E 72 -23.33 -11.22 -31.35
C TYR E 72 -22.61 -11.15 -30.01
N PHE E 73 -23.10 -11.90 -29.01
CA PHE E 73 -22.44 -11.92 -27.72
C PHE E 73 -21.20 -12.80 -27.71
N ALA E 74 -21.06 -13.70 -28.69
CA ALA E 74 -19.86 -14.53 -28.76
C ALA E 74 -18.63 -13.69 -29.08
N SER E 75 -18.75 -12.76 -30.02
CA SER E 75 -17.63 -11.88 -30.34
C SER E 75 -17.38 -10.89 -29.21
N THR E 76 -18.44 -10.38 -28.59
CA THR E 76 -18.28 -9.45 -27.47
C THR E 76 -17.63 -10.13 -26.28
N MET E 77 -17.99 -11.40 -26.02
CA MET E 77 -17.41 -12.11 -24.88
C MET E 77 -15.91 -12.27 -25.04
N ILE E 78 -15.42 -12.37 -26.29
CA ILE E 78 -13.99 -12.48 -26.51
C ILE E 78 -13.27 -11.22 -26.03
N ILE E 79 -13.81 -10.05 -26.38
CA ILE E 79 -13.22 -8.80 -25.95
C ILE E 79 -13.35 -8.63 -24.45
N VAL E 80 -14.55 -8.88 -23.91
CA VAL E 80 -14.76 -8.76 -22.48
C VAL E 80 -13.99 -9.84 -21.74
N GLY E 81 -14.01 -11.07 -22.26
CA GLY E 81 -13.28 -12.14 -21.60
C GLY E 81 -11.78 -11.92 -21.58
N LEU E 82 -11.24 -11.41 -22.69
CA LEU E 82 -9.81 -11.15 -22.77
C LEU E 82 -9.39 -9.92 -21.97
N SER E 83 -10.35 -9.05 -21.61
CA SER E 83 -10.01 -7.87 -20.82
C SER E 83 -9.47 -8.28 -19.45
N VAL E 84 -10.11 -9.27 -18.81
CA VAL E 84 -9.62 -9.75 -17.52
C VAL E 84 -8.28 -10.46 -17.70
N VAL E 85 -8.13 -11.23 -18.77
CA VAL E 85 -6.85 -11.91 -19.03
C VAL E 85 -5.73 -10.90 -19.19
N VAL E 86 -5.98 -9.84 -19.95
CA VAL E 86 -4.97 -8.80 -20.12
C VAL E 86 -4.66 -8.14 -18.79
N THR E 87 -5.68 -7.86 -17.99
CA THR E 87 -5.47 -7.23 -16.69
C THR E 87 -4.63 -8.13 -15.78
N VAL E 88 -4.89 -9.44 -15.81
CA VAL E 88 -4.10 -10.37 -15.01
C VAL E 88 -2.64 -10.33 -15.44
N ILE E 89 -2.39 -10.31 -16.74
CA ILE E 89 -1.02 -10.20 -17.23
C ILE E 89 -0.40 -8.87 -16.82
N VAL E 90 -1.19 -7.80 -16.87
CA VAL E 90 -0.68 -6.49 -16.48
C VAL E 90 -0.27 -6.49 -15.01
N LEU E 91 -1.10 -7.08 -14.15
CA LEU E 91 -0.78 -7.11 -12.72
C LEU E 91 0.52 -7.87 -12.47
N GLN E 92 0.83 -8.86 -13.30
CA GLN E 92 2.04 -9.65 -13.08
C GLN E 92 3.29 -8.82 -13.36
N TYR E 93 3.27 -8.01 -14.42
CA TYR E 93 4.45 -7.22 -14.78
C TYR E 93 4.80 -6.19 -13.72
N HIS E 94 3.87 -5.85 -12.82
CA HIS E 94 4.14 -4.96 -11.72
C HIS E 94 4.62 -5.69 -10.46
N HIS E 95 4.49 -7.02 -10.44
CA HIS E 95 4.94 -7.85 -9.31
C HIS E 95 5.89 -8.90 -9.88
N HIS E 96 7.18 -8.55 -9.94
CA HIS E 96 8.17 -9.45 -10.52
C HIS E 96 8.36 -10.67 -9.64
N ASP E 97 8.58 -11.81 -10.27
CA ASP E 97 8.82 -13.08 -9.61
C ASP E 97 9.92 -13.83 -10.33
N PRO E 98 10.59 -14.77 -9.67
CA PRO E 98 11.61 -15.56 -10.36
C PRO E 98 11.07 -16.33 -11.54
N ASP E 99 9.82 -16.79 -11.48
CA ASP E 99 9.25 -17.55 -12.59
C ASP E 99 9.09 -16.69 -13.83
N GLY E 100 8.70 -15.44 -13.67
CA GLY E 100 8.50 -14.57 -14.81
C GLY E 100 8.17 -13.16 -14.38
N GLY E 101 7.63 -12.40 -15.33
CA GLY E 101 7.30 -11.01 -15.11
C GLY E 101 8.08 -10.02 -15.96
N LYS E 102 8.94 -10.49 -16.86
CA LYS E 102 9.70 -9.60 -17.74
C LYS E 102 9.94 -10.30 -19.06
N MET E 103 10.19 -9.51 -20.09
CA MET E 103 10.42 -10.02 -21.43
C MET E 103 11.88 -10.38 -21.62
N PRO E 104 12.19 -11.26 -22.58
CA PRO E 104 13.58 -11.64 -22.82
C PRO E 104 14.44 -10.41 -23.13
N LYS E 105 15.76 -10.59 -22.96
CA LYS E 105 16.69 -9.49 -23.21
C LYS E 105 16.64 -9.04 -24.66
N TRP E 106 16.56 -9.99 -25.60
CA TRP E 106 16.53 -9.64 -27.01
C TRP E 106 15.31 -8.79 -27.34
N THR E 107 14.15 -9.13 -26.78
CA THR E 107 12.94 -8.37 -27.04
C THR E 107 12.91 -7.04 -26.30
N ARG E 108 13.78 -6.85 -25.31
CA ARG E 108 13.81 -5.59 -24.58
C ARG E 108 14.22 -4.44 -25.49
N VAL E 109 15.11 -4.69 -26.46
CA VAL E 109 15.53 -3.65 -27.38
C VAL E 109 14.34 -3.14 -28.19
N ILE E 110 13.47 -4.05 -28.63
CA ILE E 110 12.30 -3.64 -29.40
C ILE E 110 11.40 -2.74 -28.56
N LEU E 111 11.18 -3.10 -27.30
CA LEU E 111 10.36 -2.27 -26.43
C LEU E 111 10.98 -0.89 -26.23
N LEU E 112 12.30 -0.84 -26.05
CA LEU E 112 12.97 0.45 -25.88
C LEU E 112 12.81 1.32 -27.11
N ASN E 113 12.95 0.73 -28.30
CA ASN E 113 12.73 1.48 -29.53
C ASN E 113 11.29 1.96 -29.65
N TRP E 114 10.34 1.11 -29.25
CA TRP E 114 8.93 1.49 -29.33
C TRP E 114 8.62 2.66 -28.41
N CYS E 115 9.29 2.74 -27.26
CA CYS E 115 9.04 3.86 -26.35
C CYS E 115 9.39 5.19 -27.00
N ALA E 116 10.53 5.25 -27.70
CA ALA E 116 10.89 6.47 -28.40
C ALA E 116 9.97 6.72 -29.60
N TRP E 117 9.52 5.65 -30.27
CA TRP E 117 8.64 5.81 -31.41
C TRP E 117 7.23 6.20 -30.98
N PHE E 118 6.83 5.84 -29.77
CA PHE E 118 5.49 6.18 -29.31
C PHE E 118 5.30 7.68 -29.22
N LEU E 119 6.31 8.39 -28.68
CA LEU E 119 6.23 9.84 -28.61
C LEU E 119 6.51 10.49 -29.95
N ARG E 120 7.41 9.92 -30.75
CA ARG E 120 7.77 10.45 -32.07
C ARG E 120 7.70 9.28 -33.04
N MET E 121 6.51 9.05 -33.61
CA MET E 121 6.29 7.97 -34.56
C MET E 121 6.45 8.48 -35.99
N LYS E 122 6.39 7.54 -36.94
CA LYS E 122 6.53 7.87 -38.34
C LYS E 122 5.22 8.32 -38.98
N ARG E 123 4.12 8.34 -38.21
CA ARG E 123 2.84 8.77 -38.75
C ARG E 123 2.85 10.27 -39.01
N PRO E 124 1.94 10.76 -39.85
CA PRO E 124 1.92 12.21 -40.13
C PRO E 124 1.70 13.06 -38.89
N GLY E 125 1.03 12.53 -37.87
CA GLY E 125 0.77 13.31 -36.67
C GLY E 125 2.03 13.71 -35.93
N GLU E 126 3.09 12.93 -36.07
CA GLU E 126 4.37 13.22 -35.42
C GLU E 126 5.51 13.41 -36.41
N ASP E 127 5.57 12.59 -37.47
CA ASP E 127 6.65 12.72 -38.44
C ASP E 127 6.59 14.07 -39.15
N LYS E 128 5.38 14.53 -39.49
CA LYS E 128 5.26 15.80 -40.19
C LYS E 128 5.54 16.98 -39.27
N VAL E 129 5.13 16.89 -38.00
CA VAL E 129 5.26 18.02 -37.06
C VAL E 129 6.63 17.89 -36.42
N ARG E 130 7.63 18.43 -37.11
CA ARG E 130 9.00 18.49 -36.60
C ARG E 130 9.85 19.32 -37.54
N PRO E 131 10.91 19.98 -37.05
CA PRO E 131 11.77 20.76 -37.94
C PRO E 131 12.41 19.87 -39.00
N ALA E 132 12.54 20.42 -40.21
CA ALA E 132 13.14 19.69 -41.32
C ALA E 132 13.71 20.69 -42.31
N CYS E 133 15.02 20.62 -42.51
CA CYS E 133 15.71 21.53 -43.43
C CYS E 133 17.05 20.92 -43.79
N GLN E 134 17.80 21.63 -44.64
CA GLN E 134 19.12 21.19 -45.07
C GLN E 134 20.23 21.65 -44.13
N HIS E 135 19.88 22.36 -43.05
CA HIS E 135 20.87 22.86 -42.10
C HIS E 135 21.30 21.72 -41.17
N LYS E 136 22.01 22.06 -40.09
CA LYS E 136 22.51 21.06 -39.16
C LYS E 136 21.41 20.23 -38.52
N GLN E 137 20.14 20.62 -38.68
CA GLN E 137 19.05 19.86 -38.08
C GLN E 137 19.01 18.44 -38.63
N ARG E 138 19.22 18.27 -39.93
CA ARG E 138 19.18 16.97 -40.60
C ARG E 138 20.51 16.65 -41.24
N ARG E 139 21.60 16.91 -40.53
CA ARG E 139 22.94 16.62 -41.02
C ARG E 139 23.49 15.37 -40.33
N CYS E 140 24.59 14.86 -40.89
CA CYS E 140 25.25 13.67 -40.38
C CYS E 140 26.63 14.04 -39.85
N SER E 141 27.01 13.44 -38.73
CA SER E 141 28.30 13.70 -38.11
C SER E 141 28.67 12.48 -37.27
N LEU E 142 29.78 12.60 -36.52
CA LEU E 142 30.24 11.50 -35.70
C LEU E 142 29.28 11.23 -34.54
N ALA E 143 28.71 12.29 -33.95
CA ALA E 143 27.80 12.10 -32.83
C ALA E 143 26.57 11.32 -33.24
N SER E 144 26.00 11.63 -34.40
CA SER E 144 24.81 10.91 -34.87
C SER E 144 25.17 9.49 -35.30
N VAL E 145 26.27 9.33 -36.03
CA VAL E 145 26.72 8.02 -36.49
C VAL E 145 27.66 7.48 -35.42
N GLU E 146 27.08 6.73 -34.47
CA GLU E 146 27.84 6.14 -33.37
C GLU E 146 28.06 4.65 -33.56
N MET E 147 28.18 4.19 -34.80
CA MET E 147 28.39 2.77 -35.07
C MET E 147 29.77 2.30 -34.62
N SER E 148 30.71 3.22 -34.40
CA SER E 148 32.07 2.89 -33.98
C SER E 148 32.30 3.20 -32.50
N ALA E 149 31.29 2.99 -31.66
CA ALA E 149 31.39 3.25 -30.23
C ALA E 149 31.78 4.72 -29.96
N VAL E 150 31.04 5.63 -30.59
CA VAL E 150 31.27 7.05 -30.44
C VAL E 150 30.39 7.58 -29.33
N ALA E 151 30.90 8.57 -28.60
CA ALA E 151 30.15 9.14 -27.49
C ALA E 151 28.90 9.83 -28.01
N PRO E 152 27.72 9.55 -27.45
CA PRO E 152 26.50 10.20 -27.92
C PRO E 152 26.42 11.64 -27.44
N PRO E 153 25.41 12.39 -27.88
CA PRO E 153 25.29 13.77 -27.42
C PRO E 153 25.10 13.82 -25.92
N PRO E 154 25.59 14.87 -25.26
CA PRO E 154 25.47 14.95 -23.80
C PRO E 154 24.05 15.23 -23.34
N ALA E 155 23.20 14.21 -23.32
CA ALA E 155 21.81 14.34 -22.91
C ALA E 155 21.63 13.75 -21.51
N SER E 156 20.74 14.38 -20.73
CA SER E 156 20.46 13.96 -19.38
C SER E 156 19.37 12.89 -19.30
N ASN E 157 19.13 12.17 -20.40
CA ASN E 157 18.12 11.13 -20.45
C ASN E 157 18.69 9.75 -20.17
N GLY E 158 19.90 9.67 -19.62
CA GLY E 158 20.53 8.42 -19.30
C GLY E 158 21.75 8.06 -20.15
N ASN E 159 22.37 9.03 -20.81
CA ASN E 159 23.55 8.79 -21.62
C ASN E 159 24.80 9.42 -21.01
N LEU E 160 24.76 10.73 -20.74
CA LEU E 160 25.94 11.38 -20.16
C LEU E 160 26.21 10.88 -18.74
N LEU E 161 25.15 10.69 -17.95
CA LEU E 161 25.34 10.27 -16.56
C LEU E 161 25.89 8.85 -16.48
N TYR E 162 25.32 7.92 -17.26
CA TYR E 162 25.78 6.54 -17.20
C TYR E 162 27.16 6.38 -17.83
N ILE E 163 27.40 7.06 -18.96
CA ILE E 163 28.69 6.96 -19.62
C ILE E 163 29.77 7.63 -18.77
N GLY E 164 29.44 8.71 -18.07
CA GLY E 164 30.43 9.41 -17.28
C GLY E 164 30.91 8.64 -16.07
N PHE E 165 30.10 7.71 -15.56
CA PHE E 165 30.46 6.89 -14.41
C PHE E 165 30.85 5.47 -14.81
N ARG E 166 30.01 4.80 -15.59
CA ARG E 166 30.30 3.44 -16.04
C ARG E 166 31.05 3.41 -17.36
N GLY E 167 30.70 4.28 -18.29
CA GLY E 167 31.37 4.29 -19.59
C GLY E 167 32.84 4.65 -19.48
N LEU E 168 33.17 5.61 -18.62
CA LEU E 168 34.55 6.06 -18.44
C LEU E 168 35.25 5.13 -17.46
N ASP E 169 35.53 3.92 -17.93
CA ASP E 169 36.23 2.91 -17.13
C ASP E 169 37.73 3.09 -17.33
N GLY E 170 38.29 4.00 -16.52
CA GLY E 170 39.71 4.28 -16.60
C GLY E 170 40.02 5.77 -16.58
N VAL E 171 38.99 6.61 -16.51
CA VAL E 171 39.14 8.06 -16.48
C VAL E 171 38.51 8.66 -15.23
N HIS E 172 37.29 8.22 -14.90
CA HIS E 172 36.58 8.75 -13.73
C HIS E 172 36.82 7.89 -12.50
N CYS E 173 36.46 6.61 -12.56
CA CYS E 173 36.66 5.73 -11.41
C CYS E 173 38.13 5.56 -11.10
N VAL E 174 38.95 5.33 -12.13
CA VAL E 174 40.39 5.14 -11.97
C VAL E 174 41.10 6.05 -12.96
N PRO E 175 41.25 7.35 -12.67
CA PRO E 175 41.93 8.24 -13.61
C PRO E 175 43.34 7.76 -13.94
N THR E 176 43.54 7.38 -15.20
CA THR E 176 44.82 6.89 -15.66
C THR E 176 45.81 8.03 -15.92
N PRO E 177 45.41 9.12 -16.60
CA PRO E 177 46.38 10.20 -16.84
C PRO E 177 46.66 11.04 -15.59
N ASP E 178 47.53 10.52 -14.73
CA ASP E 178 47.92 11.20 -13.51
C ASP E 178 49.38 11.66 -13.51
N SER E 179 50.17 11.26 -14.50
CA SER E 179 51.59 11.62 -14.57
C SER E 179 51.69 13.00 -15.22
N GLY E 180 51.77 14.04 -14.40
CA GLY E 180 51.93 15.38 -14.89
C GLY E 180 50.64 16.06 -15.31
N VAL E 181 49.50 15.44 -15.10
CA VAL E 181 48.20 16.01 -15.47
C VAL E 181 47.37 16.34 -14.23
N VAL E 182 47.15 15.37 -13.36
CA VAL E 182 46.38 15.59 -12.14
C VAL E 182 47.29 16.02 -10.99
N CYS E 183 48.43 15.36 -10.81
CA CYS E 183 49.37 15.68 -9.76
C CYS E 183 50.45 16.66 -10.20
N GLY E 184 50.39 17.14 -11.45
CA GLY E 184 51.38 18.08 -11.95
C GLY E 184 50.75 19.30 -12.58
N ARG E 185 49.62 19.74 -12.04
CA ARG E 185 48.91 20.89 -12.57
C ARG E 185 48.25 21.64 -11.43
N MET E 186 48.05 22.94 -11.62
CA MET E 186 47.44 23.80 -10.61
C MET E 186 45.91 23.81 -10.69
N ALA E 187 45.32 22.82 -11.35
CA ALA E 187 43.86 22.74 -11.50
C ALA E 187 43.29 22.08 -10.25
N CYS E 188 43.24 22.85 -9.17
CA CYS E 188 42.71 22.37 -7.89
C CYS E 188 43.46 21.13 -7.42
N SER E 189 44.76 21.10 -7.65
CA SER E 189 45.61 19.99 -7.25
C SER E 189 47.04 20.47 -7.16
N PRO E 190 47.89 19.79 -6.38
CA PRO E 190 49.29 20.20 -6.29
C PRO E 190 50.04 19.98 -7.60
N THR E 191 51.08 20.77 -7.80
CA THR E 191 51.92 20.70 -8.99
C THR E 191 53.26 20.10 -8.57
N HIS E 192 53.33 18.76 -8.58
CA HIS E 192 54.54 18.03 -8.20
C HIS E 192 54.98 18.38 -6.78
N ASP E 193 54.03 18.69 -5.91
CA ASP E 193 54.30 19.04 -4.52
C ASP E 193 54.08 17.80 -3.66
N GLU E 194 55.16 17.08 -3.39
CA GLU E 194 55.07 15.88 -2.57
C GLU E 194 55.09 16.17 -1.08
N HIS E 195 55.40 17.40 -0.68
CA HIS E 195 55.45 17.80 0.72
C HIS E 195 54.24 18.63 1.12
N LEU E 196 53.08 18.38 0.49
CA LEU E 196 51.86 19.12 0.80
C LEU E 196 51.23 18.52 2.05
N LEU E 197 51.73 18.95 3.19
CA LEU E 197 51.26 18.49 4.49
C LEU E 197 50.34 19.53 5.12
N HIS E 198 49.62 19.11 6.15
CA HIS E 198 48.68 19.97 6.86
C HIS E 198 49.43 20.74 7.95
N GLY E 199 50.30 21.63 7.50
CA GLY E 199 51.09 22.43 8.41
C GLY E 199 52.01 21.60 9.27
N GLY E 200 52.70 20.64 8.65
CA GLY E 200 53.58 19.74 9.36
C GLY E 200 52.94 18.47 9.85
N GLN E 201 51.62 18.33 9.70
CA GLN E 201 50.89 17.16 10.12
C GLN E 201 50.38 16.38 8.91
N PRO E 202 49.97 15.12 9.10
CA PRO E 202 49.47 14.35 7.96
C PRO E 202 48.27 15.02 7.35
N PRO E 203 48.09 14.90 6.03
CA PRO E 203 46.93 15.56 5.40
C PRO E 203 45.60 15.14 6.00
N GLU E 204 45.47 13.87 6.38
CA GLU E 204 44.22 13.37 6.95
C GLU E 204 44.18 13.74 8.43
N GLY E 205 43.25 14.63 8.79
CA GLY E 205 43.13 15.04 10.18
C GLY E 205 42.72 13.89 11.08
N ASP E 206 41.81 13.04 10.62
CA ASP E 206 41.34 11.92 11.41
C ASP E 206 40.96 10.75 10.49
N PRO E 207 41.65 9.61 10.57
CA PRO E 207 41.27 8.47 9.71
C PRO E 207 39.87 7.94 10.00
N ASP E 208 39.29 8.26 11.15
CA ASP E 208 37.95 7.75 11.47
C ASP E 208 36.89 8.25 10.50
N LEU E 209 37.14 9.36 9.81
CA LEU E 209 36.17 9.86 8.84
C LEU E 209 36.04 8.90 7.66
N ALA E 210 37.11 8.18 7.31
CA ALA E 210 37.03 7.22 6.22
C ALA E 210 36.02 6.12 6.51
N LYS E 211 36.01 5.63 7.76
CA LYS E 211 35.04 4.60 8.12
C LYS E 211 33.62 5.12 8.00
N ILE E 212 33.39 6.37 8.42
CA ILE E 212 32.05 6.95 8.31
C ILE E 212 31.66 7.09 6.84
N LEU E 213 32.63 7.42 5.98
CA LEU E 213 32.33 7.57 4.56
C LEU E 213 31.83 6.26 3.96
N GLU E 214 32.45 5.14 4.35
CA GLU E 214 32.01 3.85 3.83
C GLU E 214 30.57 3.56 4.22
N GLU E 215 30.20 3.83 5.47
CA GLU E 215 28.82 3.62 5.90
C GLU E 215 27.90 4.64 5.26
N VAL E 216 28.32 5.91 5.19
CA VAL E 216 27.51 6.93 4.54
C VAL E 216 27.35 6.63 3.06
N ARG E 217 28.44 6.22 2.40
CA ARG E 217 28.37 5.90 0.98
C ARG E 217 27.43 4.73 0.73
N TYR E 218 27.44 3.74 1.63
CA TYR E 218 26.54 2.60 1.49
C TYR E 218 25.08 3.04 1.54
N ILE E 219 24.76 3.95 2.46
CA ILE E 219 23.40 4.48 2.54
C ILE E 219 23.04 5.21 1.25
N ALA E 220 23.95 6.05 0.76
CA ALA E 220 23.70 6.75 -0.50
C ALA E 220 23.70 5.78 -1.67
N ASN E 221 24.54 4.75 -1.63
CA ASN E 221 24.57 3.78 -2.74
C ASN E 221 23.23 3.05 -2.85
N ARG E 222 22.63 2.70 -1.71
CA ARG E 222 21.33 2.02 -1.75
C ARG E 222 20.28 2.92 -2.38
N PHE E 223 20.27 4.20 -2.03
CA PHE E 223 19.34 5.14 -2.66
C PHE E 223 19.66 5.29 -4.14
N ARG E 224 20.95 5.35 -4.51
CA ARG E 224 21.32 5.42 -5.91
C ARG E 224 20.86 4.17 -6.66
N CYS E 225 21.02 2.99 -6.04
CA CYS E 225 20.53 1.76 -6.66
C CYS E 225 19.01 1.76 -6.75
N GLN E 226 18.32 2.35 -5.77
CA GLN E 226 16.87 2.42 -5.84
C GLN E 226 16.42 3.25 -7.04
N ASP E 227 17.09 4.39 -7.28
CA ASP E 227 16.77 5.18 -8.46
C ASP E 227 17.05 4.39 -9.74
N GLU E 228 18.19 3.69 -9.79
CA GLU E 228 18.48 2.83 -10.93
C GLU E 228 17.53 1.65 -11.00
N SER E 229 17.12 1.11 -9.85
CA SER E 229 16.17 0.01 -9.84
C SER E 229 14.83 0.43 -10.43
N GLU E 230 14.39 1.65 -10.13
CA GLU E 230 13.14 2.12 -10.71
C GLU E 230 13.24 2.30 -12.21
N ALA E 231 14.43 2.64 -12.72
CA ALA E 231 14.61 2.72 -14.16
C ALA E 231 14.46 1.36 -14.82
N VAL E 232 15.00 0.32 -14.19
CA VAL E 232 14.81 -1.04 -14.71
C VAL E 232 13.37 -1.47 -14.52
N CYS E 233 12.76 -1.14 -13.39
CA CYS E 233 11.36 -1.49 -13.17
C CYS E 233 10.44 -0.74 -14.11
N SER E 234 10.85 0.47 -14.55
CA SER E 234 10.02 1.21 -15.49
C SER E 234 9.87 0.49 -16.82
N GLU E 235 10.89 -0.27 -17.22
CA GLU E 235 10.77 -1.05 -18.45
C GLU E 235 9.70 -2.13 -18.31
N TRP E 236 9.62 -2.77 -17.14
CA TRP E 236 8.56 -3.74 -16.92
C TRP E 236 7.19 -3.08 -16.92
N LYS E 237 7.08 -1.89 -16.31
CA LYS E 237 5.82 -1.15 -16.35
C LYS E 237 5.49 -0.73 -17.78
N PHE E 238 6.48 -0.29 -18.54
CA PHE E 238 6.25 0.09 -19.92
C PHE E 238 5.82 -1.12 -20.76
N ALA E 239 6.42 -2.28 -20.49
CA ALA E 239 6.05 -3.49 -21.23
C ALA E 239 4.58 -3.82 -21.02
N ALA E 240 4.07 -3.64 -19.80
CA ALA E 240 2.65 -3.85 -19.55
C ALA E 240 1.81 -2.86 -20.33
N CYS E 241 2.24 -1.60 -20.41
CA CYS E 241 1.50 -0.61 -21.18
C CYS E 241 1.48 -0.96 -22.66
N VAL E 242 2.61 -1.42 -23.19
CA VAL E 242 2.67 -1.80 -24.61
C VAL E 242 1.72 -2.95 -24.88
N VAL E 243 1.75 -3.97 -24.01
CA VAL E 243 0.84 -5.10 -24.18
C VAL E 243 -0.60 -4.64 -23.98
N ASP E 244 -0.85 -3.81 -22.98
CA ASP E 244 -2.20 -3.31 -22.75
C ASP E 244 -2.68 -2.47 -23.94
N ARG E 245 -1.82 -1.61 -24.47
CA ARG E 245 -2.18 -0.80 -25.62
C ARG E 245 -2.11 -1.56 -26.94
N LEU E 246 -1.42 -2.71 -26.96
CA LEU E 246 -1.36 -3.50 -28.19
C LEU E 246 -2.74 -4.01 -28.57
N CYS E 247 -3.53 -4.46 -27.59
CA CYS E 247 -4.86 -4.96 -27.86
C CYS E 247 -5.84 -3.85 -28.19
N LEU E 248 -5.57 -2.62 -27.73
CA LEU E 248 -6.48 -1.51 -28.03
C LEU E 248 -6.47 -1.20 -29.52
N MET E 249 -5.28 -1.12 -30.12
CA MET E 249 -5.20 -0.85 -31.55
C MET E 249 -5.54 -2.07 -32.38
N ALA E 250 -5.18 -3.27 -31.92
CA ALA E 250 -5.49 -4.48 -32.67
C ALA E 250 -6.99 -4.74 -32.71
N PHE E 251 -7.68 -4.52 -31.60
CA PHE E 251 -9.12 -4.75 -31.52
C PHE E 251 -9.94 -3.56 -31.98
N SER E 252 -9.32 -2.40 -32.22
CA SER E 252 -10.08 -1.25 -32.69
C SER E 252 -10.70 -1.52 -34.05
N VAL E 253 -9.94 -2.14 -34.96
CA VAL E 253 -10.50 -2.49 -36.27
C VAL E 253 -11.50 -3.63 -36.13
N PHE E 254 -11.20 -4.62 -35.30
CA PHE E 254 -12.12 -5.73 -35.11
C PHE E 254 -13.43 -5.26 -34.49
N THR E 255 -13.36 -4.34 -33.51
CA THR E 255 -14.58 -3.83 -32.89
C THR E 255 -15.44 -3.11 -33.92
N ILE E 256 -14.82 -2.30 -34.78
CA ILE E 256 -15.57 -1.62 -35.83
C ILE E 256 -16.19 -2.63 -36.79
N ILE E 257 -15.41 -3.65 -37.16
CA ILE E 257 -15.92 -4.68 -38.06
C ILE E 257 -17.09 -5.41 -37.42
N CYS E 258 -16.96 -5.75 -36.14
CA CYS E 258 -18.04 -6.45 -35.45
C CYS E 258 -19.32 -5.62 -35.43
N THR E 259 -19.19 -4.32 -35.14
CA THR E 259 -20.37 -3.45 -35.17
C THR E 259 -20.96 -3.37 -36.56
N ILE E 260 -20.11 -3.26 -37.58
CA ILE E 260 -20.59 -3.21 -38.96
C ILE E 260 -21.18 -4.55 -39.36
N GLY E 261 -20.56 -5.66 -38.92
CA GLY E 261 -21.08 -6.97 -39.25
C GLY E 261 -22.49 -7.20 -38.73
N ILE E 262 -22.77 -6.68 -37.53
CA ILE E 262 -24.12 -6.83 -36.97
C ILE E 262 -25.14 -6.11 -37.84
N LEU E 263 -24.80 -4.92 -38.32
CA LEU E 263 -25.72 -4.16 -39.16
C LEU E 263 -26.01 -4.86 -40.49
N MET E 264 -25.13 -5.77 -40.92
CA MET E 264 -25.32 -6.50 -42.17
C MET E 264 -25.72 -7.95 -41.97
N SER E 265 -25.31 -8.58 -40.87
CA SER E 265 -25.68 -9.98 -40.64
C SER E 265 -27.12 -10.10 -40.16
N ALA E 266 -27.58 -9.18 -39.32
CA ALA E 266 -28.92 -9.30 -38.75
C ALA E 266 -30.01 -9.28 -39.81
N PRO E 267 -30.01 -8.35 -40.77
CA PRO E 267 -31.09 -8.36 -41.78
C PRO E 267 -31.14 -9.64 -42.60
N ASN E 268 -30.00 -10.28 -42.82
CA ASN E 268 -29.99 -11.51 -43.63
C ASN E 268 -30.53 -12.69 -42.83
N PHE E 269 -30.17 -12.80 -41.55
CA PHE E 269 -30.60 -13.90 -40.70
C PHE E 269 -31.65 -13.48 -39.69
N VAL E 270 -31.40 -12.43 -38.92
CA VAL E 270 -32.35 -11.96 -37.91
C VAL E 270 -33.42 -11.10 -38.58
C1 IVM F . -25.87 6.02 -28.15
O1 IVM F . -26.40 4.54 -24.69
C2 IVM F . -26.09 4.55 -27.73
O2 IVM F . -32.68 5.88 -28.23
C3 IVM F . -25.05 4.12 -26.67
O3 IVM F . -31.86 5.36 -32.52
C4 IVM F . -25.20 2.62 -26.42
O4 IVM F . -34.68 5.26 -32.33
C5 IVM F . -25.21 4.92 -25.37
O5 IVM F . -33.25 4.74 -36.39
C6 IVM F . -26.72 5.43 -23.62
O6 IVM F . -35.00 2.58 -35.94
C7 IVM F . -25.46 5.85 -22.87
O7 IVM F . -36.44 5.16 -33.81
C8 IVM F . -24.36 4.80 -22.99
O8 IVM F . -33.79 7.40 -29.54
C9 IVM F . -23.97 4.67 -24.48
O9 IVM F . -33.35 -0.14 -21.51
C10 IVM F . -22.90 5.69 -24.80
O10 IVM F . -32.47 -2.12 -20.23
C11 IVM F . -27.58 4.38 -22.77
O11 IVM F . -28.73 1.26 -23.22
C12 IVM F . -28.87 3.93 -23.52
O12 IVM F . -29.73 3.24 -22.65
C13 IVM F . -29.58 5.16 -24.03
O13 IVM F . -30.53 -0.64 -23.76
C14 IVM F . -28.66 5.86 -25.00
O14 IVM F . -27.55 6.37 -24.32
C15 IVM F . -29.40 7.06 -25.69
C16 IVM F . -30.64 6.55 -26.50
C17 IVM F . -31.94 6.78 -26.10
C18 IVM F . -32.26 7.57 -24.79
C19 IVM F . -33.12 6.27 -26.94
C20 IVM F . -32.54 6.94 -29.13
C21 IVM F . -31.67 6.47 -30.38
C22 IVM F . -32.52 5.54 -31.30
C23 IVM F . -30.62 4.66 -32.43
C24 IVM F . -33.87 6.16 -31.56
C25 IVM F . -35.28 5.89 -33.41
C26 IVM F . -34.27 6.01 -34.61
C27 IVM F . -33.99 4.61 -35.19
C28 IVM F . -31.89 5.12 -36.22
C29 IVM F . -35.27 3.91 -35.48
C30 IVM F . -36.11 3.85 -34.23
C31 IVM F . -37.41 3.07 -34.52
C32 IVM F . -34.51 6.42 -30.22
C33 IVM F . -35.96 6.92 -30.42
C34 IVM F . -33.76 5.08 -26.24
C35 IVM F . -34.79 4.40 -27.17
C36 IVM F . -32.67 4.07 -25.87
C37 IVM F . -33.14 2.99 -24.87
C38 IVM F . -31.98 2.08 -24.39
C39 IVM F . -32.45 0.74 -23.75
C40 IVM F . -33.65 0.98 -22.69
C41 IVM F . -32.35 -0.95 -22.22
C42 IVM F . -31.67 -1.89 -21.33
C43 IVM F . -30.25 -1.33 -20.84
C44 IVM F . -29.99 0.13 -20.89
C45 IVM F . -30.71 0.97 -21.97
C46 IVM F . -29.62 1.79 -22.67
C47 IVM F . -31.46 0.04 -22.94
C48 IVM F . -29.20 -2.29 -20.21
H1 IVM F . -26.39 6.20 -29.10
H1A IVM F . -24.81 6.21 -28.29
H1B IVM F . -26.27 6.69 -27.39
H2 IVM F . -25.98 3.91 -28.61
H2A IVM F . -27.09 4.44 -27.32
H3 IVM F . -24.05 4.31 -27.06
H4 IVM F . -24.22 2.19 -26.21
H4A IVM F . -25.63 2.15 -27.30
H4B IVM F . -25.86 2.45 -25.56
H5 IVM F . -25.26 5.98 -25.59
HO6 IVM F . -34.69 2.61 -36.84
H7 IVM F . -25.70 6.02 -21.82
H7A IVM F . -25.11 6.82 -23.27
H8 IVM F . -24.73 3.83 -22.62
H8A IVM F . -23.48 5.10 -22.42
H9 IVM F . -23.59 3.67 -24.66
H10 IVM F . -22.03 5.53 -24.17
H10A IVM F . -23.29 6.71 -24.62
H10B IVM F . -22.62 5.60 -25.85
HO10 IVM F . -32.37 -1.40 -19.61
H11 IVM F . -27.88 4.86 -21.83
H11A IVM F . -26.96 3.51 -22.55
H12 IVM F . -28.59 3.30 -24.37
H13 IVM F . -29.81 5.83 -23.20
H13A IVM F . -30.49 4.86 -24.53
HO13 IVM F . -30.62 -0.33 -24.66
H14 IVM F . -28.35 5.16 -25.76
H15 IVM F . -28.70 7.54 -26.38
H15A IVM F . -29.69 7.77 -24.94
H16 IVM F . -30.47 6.01 -27.42
H18 IVM F . -31.78 8.36 -25.36
H18A IVM F . -31.63 7.99 -24.01
H18B IVM F . -31.88 6.64 -24.35
H19 IVM F . -33.86 7.05 -27.05
H20 IVM F . -32.02 7.75 -28.64
H21 IVM F . -30.79 5.94 -30.02
H21A IVM F . -31.36 7.36 -30.95
H22 IVM F . -32.66 4.57 -30.81
H23 IVM F . -30.41 4.17 -33.38
H23A IVM F . -30.70 3.90 -31.66
H23B IVM F . -29.82 5.35 -32.18
H24 IVM F . -33.73 7.11 -32.09
H25 IVM F . -35.59 6.90 -33.11
H26 IVM F . -33.33 6.46 -34.24
H26A IVM F . -34.70 6.65 -35.37
H27 IVM F . -33.42 4.02 -34.48
H28 IVM F . -31.35 4.95 -37.15
H28A IVM F . -31.44 4.54 -35.42
H28B IVM F . -31.84 6.17 -35.97
H29 IVM F . -35.82 4.47 -36.25
H30 IVM F . -35.55 3.35 -33.44
H31 IVM F . -37.16 2.03 -34.70
H31A IVM F . -37.89 3.50 -35.40
H31B IVM F . -38.07 3.14 -33.66
H32 IVM F . -34.53 5.49 -29.65
H33 IVM F . -36.55 6.15 -30.93
H33A IVM F . -35.96 7.82 -31.04
H33B IVM F . -36.41 7.13 -29.47
H34 IVM F . -34.26 5.42 -25.34
H35 IVM F . -35.35 3.67 -26.60
H35A IVM F . -34.27 3.90 -27.99
H35B IVM F . -35.46 5.16 -27.57
H36 IVM F . -32.29 3.58 -26.76
H37 IVM F . -33.91 2.38 -25.32
H38 IVM F . -31.32 1.86 -25.23
H40 IVM F . -33.59 1.99 -22.29
H40A IVM F . -34.62 0.82 -23.15
H41 IVM F . -32.87 -1.53 -22.98
H42 IVM F . -31.52 -2.83 -21.87
H44 IVM F . -29.13 0.55 -20.37
H45 IVM F . -31.42 1.64 -21.47
H48 IVM F . -28.20 -1.96 -20.47
H48A IVM F . -29.37 -3.30 -20.58
H48B IVM F . -29.31 -2.28 -19.12
C1 IVM G . -37.38 10.54 0.14
O1 IVM G . -35.79 6.95 0.34
C2 IVM G . -37.30 9.38 -0.87
O2 IVM G . -42.95 7.00 1.11
C3 IVM G . -35.83 8.93 -1.08
O3 IVM G . -44.61 10.45 -1.11
C4 IVM G . -35.77 7.98 -2.29
O4 IVM G . -46.88 8.90 -0.45
C5 IVM G . -35.26 8.27 0.17
O5 IVM G . -47.89 12.49 -2.67
C6 IVM G . -35.47 6.40 1.62
O6 IVM G . -49.15 10.37 -4.04
C7 IVM G . -34.06 6.79 2.05
O7 IVM G . -49.16 9.15 -0.61
C8 IVM G . -33.16 7.02 0.83
O8 IVM G . -44.58 8.12 2.26
C9 IVM G . -33.73 8.22 0.04
O9 IVM G . -39.23 -0.92 -0.76
C10 IVM G . -33.12 9.50 0.59
O10 IVM G . -37.87 -2.17 -2.30
C11 IVM G . -35.57 4.87 1.19
O11 IVM G . -35.96 3.26 -1.40
C12 IVM G . -37.00 4.50 0.71
O12 IVM G . -37.11 3.10 0.57
C13 IVM G . -38.00 4.97 1.74
O13 IVM G . -38.66 2.09 -2.71
C14 IVM G . -37.88 6.47 1.84
O14 IVM G . -36.62 6.83 2.36
C15 IVM G . -38.97 7.03 2.81
C16 IVM G . -40.41 6.90 2.20
C17 IVM G . -41.35 6.03 2.70
C18 IVM G . -41.07 5.11 3.92
C19 IVM G . -42.76 5.95 2.05
C20 IVM G . -43.31 8.22 1.69
C21 IVM G . -43.26 9.36 0.59
C22 IVM G . -44.50 9.27 -0.36
C23 IVM G . -43.52 10.68 -2.00
C24 IVM G . -45.76 9.09 0.45
C25 IVM G . -47.95 9.71 -0.08
C26 IVM G . -47.75 11.16 -0.64
C27 IVM G . -47.86 11.15 -2.19
C28 IVM G . -46.65 13.17 -2.58
C29 IVM G . -49.10 10.46 -2.60
C30 IVM G . -49.14 9.07 -2.01
C31 IVM G . -50.40 8.33 -2.50
C32 IVM G . -45.58 7.87 1.30
C33 IVM G . -46.90 7.53 2.04
C34 IVM G . -42.93 4.59 1.37
C35 IVM G . -44.30 4.52 0.68
C36 IVM G . -41.83 4.37 0.33
C37 IVM G . -41.49 2.87 0.17
C38 IVM G . -40.50 2.56 -0.97
C39 IVM G . -39.34 1.63 -0.50
C40 IVM G . -39.90 0.28 0.15
C41 IVM G . -39.03 -0.18 -2.01
C42 IVM G . -38.18 -0.96 -2.91
C43 IVM G . -36.79 -0.22 -3.32
C44 IVM G . -36.19 0.75 -2.37
C45 IVM G . -37.06 1.18 -1.16
C46 IVM G . -36.65 2.59 -0.71
C47 IVM G . -38.51 1.20 -1.62
C48 IVM G . -35.93 -0.81 -4.47
H1 IVM G . -38.35 11.02 0.05
H1A IVM G . -36.60 11.26 -0.07
H1B IVM G . -37.26 10.15 1.15
H2 IVM G . -37.72 9.70 -1.82
H2A IVM G . -37.88 8.52 -0.50
H3 IVM G . -35.24 9.82 -1.31
H4 IVM G . -34.82 8.10 -2.80
H4A IVM G . -36.57 8.22 -2.98
H4B IVM G . -35.87 6.95 -1.96
H5 IVM G . -35.51 8.86 1.05
HO6 IVM G . -49.38 11.22 -4.40
H7 IVM G . -33.64 5.99 2.66
H7A IVM G . -34.10 7.68 2.67
H8 IVM G . -33.16 6.13 0.19
H8A IVM G . -32.15 7.25 1.16
H9 IVM G . -33.44 8.11 -1.01
H10 IVM G . -32.04 9.47 0.51
H10A IVM G . -33.40 9.61 1.64
H10B IVM G . -33.51 10.35 0.03
HO10 IVM G . -37.74 -2.84 -2.95
H11 IVM G . -35.32 4.25 2.04
H11A IVM G . -34.86 4.68 0.38
H12 IVM G . -37.20 4.98 -0.24
H13 IVM G . -37.78 4.52 2.71
H13A IVM G . -39.01 4.71 1.42
HO13 IVM G . -39.10 1.64 -3.43
H14 IVM G . -38.03 6.91 0.86
H15 IVM G . -38.77 8.09 2.98
H15A IVM G . -38.91 6.51 3.76
H16 IVM G . -40.66 7.52 1.34
H18 IVM G . -41.00 6.09 4.40
H18A IVM G . -40.18 4.95 4.52
H18B IVM G . -40.44 4.62 3.17
H19 IVM G . -43.50 6.04 2.83
H20 IVM G . -42.61 8.47 2.47
H21 IVM G . -42.35 9.26 0.01
H21A IVM G . -43.27 10.34 1.09
H22 IVM G . -44.39 8.43 -1.04
H23 IVM G . -43.86 11.31 -2.82
H23A IVM G . -43.16 9.73 -2.39
H23B IVM G . -42.72 11.18 -1.47
H24 IVM G . -45.91 9.97 1.08
H25 IVM G . -48.04 9.76 1.01
H26 IVM G . -46.76 11.53 -0.35
H26A IVM G . -48.53 11.81 -0.24
H27 IVM G . -47.00 10.63 -2.60
H28 IVM G . -46.68 14.07 -3.20
H28A IVM G . -45.84 12.52 -2.91
H28B IVM G . -46.47 13.47 -1.54
H29 IVM G . -49.97 11.02 -2.24
H30 IVM G . -48.25 8.52 -2.34
H31 IVM G . -50.32 8.15 -3.57
H31A IVM G . -51.27 8.96 -2.31
H31B IVM G . -50.50 7.39 -1.97
H32 IVM G . -45.28 7.03 0.67
H33 IVM G . -47.67 7.31 1.30
H33A IVM G . -47.21 8.38 2.64
H33B IVM G . -46.74 6.67 2.68
H34 IVM G . -42.86 3.81 2.13
H35 IVM G . -44.49 3.50 0.37
H35A IVM G . -44.31 5.18 -0.18
H35B IVM G . -45.07 4.84 1.39
H36 IVM G . -42.15 4.77 -0.63
H37 IVM G . -42.41 2.30 0.05
H38 IVM G . -41.04 2.06 -1.77
H40 IVM G . -39.58 0.19 1.19
H40A IVM G . -41.00 0.24 0.10
H41 IVM G . -40.00 -0.06 -2.50
H42 IVM G . -38.74 -1.16 -3.83
H44 IVM G . -35.15 1.03 -2.43
H45 IVM G . -36.94 0.47 -0.35
H48 IVM G . -35.33 -0.01 -4.91
H48A IVM G . -36.59 -1.23 -5.24
H48B IVM G . -35.28 -1.58 -4.09
C1 IVM H . -31.53 -14.83 17.13
O1 IVM H . -29.96 -15.55 13.66
C2 IVM H . -31.97 -14.43 15.70
O2 IVM H . -35.50 -19.73 15.48
C3 IVM H . -30.83 -13.69 14.98
O3 IVM H . -38.24 -17.42 18.10
C4 IVM H . -31.38 -13.10 13.66
O4 IVM H . -39.70 -19.75 17.45
C5 IVM H . -29.64 -14.62 14.69
O5 IVM H . -41.94 -17.06 20.01
C6 IVM H . -28.97 -16.57 13.54
O6 IVM H . -43.66 -17.64 17.85
C7 IVM H . -27.57 -16.01 13.75
O7 IVM H . -41.70 -20.70 18.07
C8 IVM H . -27.50 -14.54 13.36
O8 IVM H . -36.27 -20.91 17.28
C9 IVM H . -28.43 -13.76 14.29
O9 IVM H . -33.31 -19.89 6.86
C10 IVM H . -27.66 -13.36 15.54
O10 IVM H . -32.51 -18.57 5.02
C11 IVM H . -29.26 -16.92 12.02
O11 IVM H . -31.08 -15.82 9.71
C12 IVM H . -30.71 -17.45 11.79
O12 IVM H . -30.84 -17.95 10.48
C13 IVM H . -30.97 -18.55 12.80
O13 IVM H . -33.98 -16.85 8.72
C14 IVM H . -30.86 -17.97 14.17
O14 IVM H . -29.54 -17.56 14.43
C15 IVM H . -31.24 -19.04 15.25
C16 IVM H . -32.77 -19.34 15.24
C17 IVM H . -33.29 -20.56 14.84
C18 IVM H . -32.38 -21.73 14.37
C19 IVM H . -34.82 -20.80 14.86
C20 IVM H . -35.54 -19.81 16.88
C21 IVM H . -36.14 -18.46 17.47
C22 IVM H . -37.70 -18.42 17.30
C23 IVM H . -37.84 -16.10 17.74
C24 IVM H . -38.28 -19.75 17.71
C25 IVM H . -40.43 -20.21 18.53
C26 IVM H . -40.65 -19.07 19.58
C27 IVM H . -41.59 -17.98 18.99
C28 IVM H . -40.89 -16.20 20.41
C29 IVM H . -42.83 -18.64 18.47
C30 IVM H . -42.46 -19.69 17.46
C31 IVM H . -43.75 -20.30 16.87
C32 IVM H . -37.63 -20.82 16.91
C33 IVM H . -38.30 -22.19 17.14
C34 IVM H . -35.32 -20.99 13.43
C35 IVM H . -36.81 -21.38 13.44
C36 IVM H . -35.15 -19.71 12.61
C37 IVM H . -34.26 -19.96 11.37
C38 IVM H . -34.25 -18.78 10.36
C39 IVM H . -33.18 -19.00 9.25
C40 IVM H . -33.46 -20.34 8.43
C41 IVM H . -33.75 -18.48 6.97
C42 IVM H . -33.40 -17.77 5.74
C43 IVM H . -32.69 -16.34 6.00
C44 IVM H . -31.76 -16.22 7.15
C45 IVM H . -31.74 -17.43 8.12
C46 IVM H . -31.19 -16.98 9.49
C47 IVM H . -33.17 -17.92 8.26
C48 IVM H . -32.63 -15.31 4.84
H1 IVM H . -32.42 -15.07 17.73
H1A IVM H . -31.00 -13.99 17.60
H1B IVM H . -30.89 -15.70 17.09
H2 IVM H . -32.83 -13.77 15.77
H2A IVM H . -32.24 -15.32 15.14
H3 IVM H . -30.49 -12.87 15.60
H4 IVM H . -30.89 -12.14 13.47
H4A IVM H . -32.45 -12.93 13.77
H4B IVM H . -31.20 -13.77 12.84
H5 IVM H . -29.40 -15.17 15.60
HO6 IVM H . -44.12 -17.15 18.52
H7 IVM H . -26.87 -16.59 13.15
H7A IVM H . -27.28 -16.15 14.79
H8 IVM H . -27.83 -14.42 12.32
H8A IVM H . -26.48 -14.19 13.47
H9 IVM H . -28.77 -12.85 13.78
H10 IVM H . -26.80 -12.75 15.27
H10A IVM H . -27.32 -14.25 16.06
H10B IVM H . -28.31 -12.78 16.21
HO10 IVM H . -32.86 -18.74 4.16
H11 IVM H . -28.56 -17.69 11.68
H11A IVM H . -29.12 -16.02 11.41
H12 IVM H . -31.42 -16.65 11.95
H13 IVM H . -30.24 -19.35 12.67
H13A IVM H . -31.97 -18.95 12.64
HO13 IVM H . -34.60 -16.60 8.04
H14 IVM H . -31.53 -17.12 14.26
H15 IVM H . -30.98 -18.64 16.24
H15A IVM H . -30.66 -19.93 15.08
H16 IVM H . -33.46 -18.56 15.55
H18 IVM H . -32.06 -21.65 15.41
H18A IVM H . -31.30 -21.81 14.24
H18B IVM H . -32.26 -21.06 13.53
H19 IVM H . -35.02 -21.72 15.42
H20 IVM H . -34.53 -19.91 17.25
H21 IVM H . -35.70 -17.61 16.94
H21A IVM H . -35.90 -18.39 18.54
H22 IVM H . -37.95 -18.23 16.26
H23 IVM H . -38.59 -15.39 18.08
H23A IVM H . -37.73 -16.03 16.66
H23B IVM H . -36.89 -15.87 18.22
H24 IVM H . -38.10 -19.92 18.77
H25 IVM H . -39.90 -21.04 19.01
H26 IVM H . -39.67 -18.62 19.82
H26A IVM H . -41.09 -19.49 20.48
H27 IVM H . -41.08 -17.47 18.18
H28 IVM H . -41.31 -15.36 20.97
H28A IVM H . -40.37 -15.83 19.53
H28B IVM H . -40.19 -16.74 21.05
H29 IVM H . -43.37 -19.10 19.29
H30 IVM H . -41.88 -19.23 16.66
H31 IVM H . -44.27 -19.56 16.28
H31A IVM H . -44.40 -20.64 17.69
H31B IVM H . -43.49 -21.16 16.25
H32 IVM H . -37.69 -20.56 15.85
H33 IVM H . -39.34 -22.13 16.83
H33A IVM H . -38.26 -22.43 18.22
H33B IVM H . -37.79 -22.95 16.58
H34 IVM H . -34.75 -21.80 12.95
H35 IVM H . -37.08 -21.86 12.51
H35A IVM H . -37.43 -20.48 13.58
H35B IVM H . -37.00 -22.08 14.27
H36 IVM H . -34.70 -18.94 13.24
H37 IVM H . -34.59 -20.87 10.86
H38 IVM H . -34.04 -17.85 10.90
H40 IVM H . -32.70 -21.09 8.67
H40A IVM H . -34.45 -20.74 8.64
H41 IVM H . -34.83 -18.47 7.06
H42 IVM H . -34.29 -17.62 5.16
H44 IVM H . -30.97 -15.48 7.15
H45 IVM H . -31.11 -18.22 7.71
H48 IVM H . -32.51 -14.31 5.25
H48A IVM H . -33.56 -15.36 4.26
H48B IVM H . -31.78 -15.53 4.20
C1 IVM I . -16.58 -35.11 -0.97
O1 IVM I . -17.13 -31.98 -3.16
C2 IVM I . -17.73 -34.08 -1.00
O2 IVM I . -20.65 -37.90 -5.21
C3 IVM I . -17.19 -32.65 -0.82
O3 IVM I . -21.59 -40.31 -1.59
C4 IVM I . -18.38 -31.69 -0.63
O4 IVM I . -23.11 -41.52 -3.66
C5 IVM I . -16.33 -32.21 -2.01
O5 IVM I . -23.68 -43.48 0.15
C6 IVM I . -16.34 -31.82 -4.34
O6 IVM I . -26.28 -42.95 -0.82
C7 IVM I . -15.07 -31.03 -4.05
O7 IVM I . -24.41 -43.41 -3.90
C8 IVM I . -15.28 -30.09 -2.86
O8 IVM I . -20.27 -40.15 -5.47
C9 IVM I . -15.56 -30.93 -1.61
O9 IVM I . -23.52 -30.34 -8.89
C10 IVM I . -14.24 -31.33 -0.97
O10 IVM I . -23.88 -28.00 -8.52
C11 IVM I . -17.42 -30.95 -5.15
O11 IVM I . -20.23 -29.71 -4.60
C12 IVM I . -18.73 -31.75 -5.42
O12 IVM I . -19.53 -31.04 -6.32
C13 IVM I . -18.37 -33.09 -6.00
O13 IVM I . -23.18 -30.85 -5.33
C14 IVM I . -17.52 -33.84 -4.99
O14 IVM I . -16.30 -33.17 -4.80
C15 IVM I . -17.22 -35.27 -5.50
C16 IVM I . -18.50 -36.18 -5.49
C17 IVM I . -19.10 -36.64 -6.63
C18 IVM I . -18.55 -36.30 -8.04
C19 IVM I . -20.37 -37.53 -6.54
C20 IVM I . -19.91 -39.02 -4.76
C21 IVM I . -20.13 -39.21 -3.19
C22 IVM I . -21.54 -39.86 -2.91
C23 IVM I . -21.50 -39.30 -0.61
C24 IVM I . -21.77 -41.01 -3.85
C25 IVM I . -23.12 -42.91 -3.55
C26 IVM I . -22.76 -43.33 -2.09
C27 IVM I . -23.90 -42.92 -1.13
C28 IVM I . -22.61 -42.90 0.88
C29 IVM I . -25.21 -43.41 -1.66
C30 IVM I . -25.42 -42.90 -3.05
C31 IVM I . -26.79 -43.36 -3.57
C32 IVM I . -21.61 -40.51 -5.26
C33 IVM I . -22.01 -41.60 -6.28
C34 IVM I . -21.56 -36.79 -7.15
C35 IVM I . -22.79 -37.72 -7.20
C36 IVM I . -21.91 -35.56 -6.30
C37 IVM I . -21.85 -34.27 -7.15
C38 IVM I . -22.43 -33.02 -6.45
C39 IVM I . -22.12 -31.73 -7.25
C40 IVM I . -22.76 -31.79 -8.72
C41 IVM I . -23.87 -30.08 -7.49
C42 IVM I . -24.27 -28.67 -7.36
C43 IVM I . -23.59 -27.92 -6.09
C44 IVM I . -22.19 -28.27 -5.76
C45 IVM I . -21.59 -29.48 -6.51
C46 IVM I . -20.42 -30.06 -5.71
C47 IVM I . -22.70 -30.53 -6.62
C48 IVM I . -24.21 -26.60 -5.58
H1 IVM I . -17.00 -36.10 -0.80
H1A IVM I . -15.89 -34.87 -0.18
H1B IVM I . -16.06 -35.11 -1.94
H2 IVM I . -18.42 -34.31 -0.19
H2A IVM I . -18.27 -34.15 -1.95
H3 IVM I . -16.58 -32.62 0.08
H4 IVM I . -18.10 -30.90 0.07
H4A IVM I . -19.23 -32.25 -0.22
H4B IVM I . -18.66 -31.25 -1.58
H5 IVM I . -15.60 -32.99 -2.24
HO6 IVM I . -26.31 -43.48 -0.02
H7 IVM I . -14.80 -30.45 -4.93
H7A IVM I . -14.25 -31.72 -3.85
H8 IVM I . -16.12 -29.42 -3.04
H8A IVM I . -14.37 -29.50 -2.70
H9 IVM I . -16.15 -30.35 -0.91
H10 IVM I . -13.69 -30.42 -0.68
H10A IVM I . -13.64 -31.91 -1.66
H10B IVM I . -14.43 -31.92 -0.07
HO10 IVM I . -24.64 -27.61 -8.93
H11 IVM I . -16.99 -30.66 -6.10
H11A IVM I . -17.65 -30.05 -4.58
H12 IVM I . -19.26 -31.89 -4.47
H13 IVM I . -17.80 -32.95 -6.92
H13A IVM I . -19.27 -33.65 -6.21
HO13 IVM I . -24.07 -30.53 -5.22
H14 IVM I . -18.06 -33.89 -4.05
H15 IVM I . -16.48 -35.73 -4.84
H15A IVM I . -16.80 -35.22 -6.50
H16 IVM I . -18.93 -36.45 -4.51
H18 IVM I . -17.72 -36.89 -7.66
H18A IVM I . -17.72 -35.68 -8.38
H18B IVM I . -18.94 -35.32 -7.76
H19 IVM I . -20.19 -38.43 -7.14
H20 IVM I . -18.86 -38.82 -4.93
H21 IVM I . -20.08 -38.24 -2.71
H21A IVM I . -19.36 -39.87 -2.80
H22 IVM I . -22.32 -39.11 -3.07
H23 IVM I . -21.97 -39.64 0.30
H23A IVM I . -21.99 -38.39 -0.96
H23B IVM I . -20.45 -39.08 -0.42
H24 IVM I . -21.03 -41.79 -3.66
H25 IVM I . -22.38 -43.34 -4.23
H26 IVM I . -21.83 -42.83 -1.77
H26A IVM I . -22.62 -44.41 -2.04
H27 IVM I . -23.94 -41.83 -1.05
H28 IVM I . -22.69 -43.18 1.93
H28A IVM I . -22.66 -41.81 0.80
H28B IVM I . -21.66 -43.25 0.48
H29 IVM I . -25.20 -44.50 -1.66
H30 IVM I . -25.38 -41.81 -3.05
H31 IVM I . -27.57 -42.86 -3.00
H31A IVM I . -26.88 -44.44 -3.44
H31B IVM I . -26.89 -43.10 -4.63
H32 IVM I . -22.25 -39.63 -5.39
H33 IVM I . -23.07 -41.86 -6.14
H33A IVM I . -21.39 -42.49 -6.11
H33B IVM I . -21.86 -41.23 -7.28
H34 IVM I . -21.32 -36.47 -8.15
H35 IVM I . -23.49 -37.35 -7.94
H35A IVM I . -23.26 -37.75 -6.22
H35B IVM I . -22.47 -38.73 -7.49
H36 IVM I . -21.22 -35.48 -5.47
H37 IVM I . -22.37 -34.43 -8.10
H38 IVM I . -21.98 -32.93 -5.45
H40 IVM I . -21.99 -31.92 -9.47
H40A IVM I . -23.48 -32.62 -8.80
H41 IVM I . -24.74 -30.70 -7.23
H42 IVM I . -25.35 -28.62 -7.26
H44 IVM I . -21.55 -27.57 -5.23
H45 IVM I . -21.27 -29.18 -7.49
H48 IVM I . -23.92 -26.44 -4.54
H48A IVM I . -25.30 -26.64 -5.65
H48B IVM I . -23.84 -25.76 -6.18
C1 IVM J . -13.20 -22.23 -28.94
O1 IVM J . -14.98 -19.53 -26.81
C2 IVM J . -14.23 -22.34 -27.80
O2 IVM J . -18.82 -22.22 -32.24
C3 IVM J . -13.74 -21.61 -26.54
O3 IVM J . -17.58 -26.42 -32.94
C4 IVM J . -14.68 -21.96 -25.37
O4 IVM J . -19.93 -26.13 -34.48
C5 IVM J . -13.67 -20.10 -26.75
O5 IVM J . -18.26 -30.11 -34.77
C6 IVM J . -14.96 -18.16 -27.24
O6 IVM J . -20.98 -30.48 -34.12
C7 IVM J . -13.77 -17.42 -26.67
O7 IVM J . -21.08 -27.38 -36.03
C8 IVM J . -13.32 -18.04 -25.33
O8 IVM J . -18.58 -22.76 -34.44
C9 IVM J . -12.86 -19.48 -25.59
O9 IVM J . -23.52 -17.74 -26.15
C10 IVM J . -11.38 -19.46 -25.97
O10 IVM J . -23.65 -17.18 -23.82
C11 IVM J . -16.33 -17.74 -26.54
O11 IVM J . -18.44 -19.07 -24.64
C12 IVM J . -17.54 -18.54 -27.10
O12 IVM J . -18.74 -17.96 -26.62
C13 IVM J . -17.51 -18.47 -28.61
O13 IVM J . -21.27 -20.46 -25.37
C14 IVM J . -16.24 -19.12 -29.08
O14 IVM J . -15.12 -18.36 -28.65
C15 IVM J . -16.21 -19.17 -30.64
C16 IVM J . -17.24 -20.21 -31.19
C17 IVM J . -18.35 -19.84 -31.91
C18 IVM J . -18.67 -18.35 -32.23
C19 IVM J . -19.34 -20.91 -32.44
C20 IVM J . -17.93 -22.65 -33.23
C21 IVM J . -17.26 -24.02 -32.80
C22 IVM J . -18.27 -25.21 -33.01
C23 IVM J . -16.99 -26.70 -31.67
C24 IVM J . -18.93 -25.09 -34.35
C25 IVM J . -19.83 -26.79 -35.71
C26 IVM J . -18.71 -27.89 -35.62
C27 IVM J . -19.17 -29.02 -34.68
C28 IVM J . -16.98 -29.88 -34.19
C29 IVM J . -20.53 -29.49 -35.06
C30 IVM J . -21.48 -28.33 -35.06
C31 IVM J . -22.89 -28.83 -35.40
C32 IVM J . -19.58 -23.75 -34.43
C33 IVM J . -20.43 -23.63 -35.73
C34 IVM J . -20.69 -20.76 -31.74
C35 IVM J . -21.71 -21.73 -32.36
C36 IVM J . -20.57 -21.05 -30.25
C37 IVM J . -21.02 -19.85 -29.40
C38 IVM J . -21.16 -20.14 -27.89
C39 IVM J . -21.40 -18.85 -27.07
C40 IVM J . -22.74 -18.10 -27.55
C41 IVM J . -23.05 -18.86 -25.31
C42 IVM J . -23.35 -18.55 -23.92
C43 IVM J . -22.14 -18.87 -22.91
C44 IVM J . -20.76 -18.58 -23.37
C45 IVM J . -20.62 -18.22 -24.87
C46 IVM J . -19.19 -18.46 -25.34
C47 IVM J . -21.59 -19.11 -25.64
C48 IVM J . -22.41 -19.00 -21.38
H1 IVM J . -13.40 -22.98 -29.70
H1A IVM J . -12.19 -22.39 -28.55
H1B IVM J . -13.25 -21.24 -29.39
H2 IVM J . -14.39 -23.39 -27.58
H2A IVM J . -15.18 -21.91 -28.13
H3 IVM J . -12.74 -21.98 -26.30
H4 IVM J . -14.11 -22.02 -24.45
H4A IVM J . -15.16 -22.92 -25.56
H4B IVM J . -15.44 -21.19 -25.26
H5 IVM J . -13.16 -19.88 -27.69
HO6 IVM J . -20.57 -31.32 -34.32
H7 IVM J . -14.03 -16.39 -26.51
H7A IVM J . -12.95 -17.45 -27.38
H8 IVM J . -14.16 -18.05 -24.63
H8A IVM J . -12.50 -17.46 -24.92
H9 IVM J . -13.00 -20.07 -24.68
H10 IVM J . -10.81 -19.03 -25.15
H10A IVM J . -11.24 -18.87 -26.87
H10B IVM J . -11.05 -20.49 -26.14
HO10 IVM J . -24.56 -17.08 -23.59
H11 IVM J . -16.50 -16.68 -26.71
H11A IVM J . -16.24 -17.93 -25.46
H12 IVM J . -17.48 -19.58 -26.78
H13 IVM J . -17.54 -17.43 -28.93
H13A IVM J . -18.37 -19.00 -29.01
HO13 IVM J . -21.97 -20.86 -24.85
H14 IVM J . -16.18 -20.11 -28.68
H15 IVM J . -15.21 -19.48 -30.95
H15A IVM J . -16.40 -18.19 -31.03
H16 IVM J . -17.06 -21.27 -31.00
H18 IVM J . -17.74 -18.47 -32.80
H18A IVM J . -18.18 -17.41 -31.96
H18B IVM J . -18.88 -18.35 -31.16
H19 IVM J . -19.48 -20.76 -33.51
H20 IVM J . -17.14 -21.91 -33.33
H21 IVM J . -16.98 -23.96 -31.74
H21A IVM J . -16.37 -24.19 -33.41
H22 IVM J . -19.03 -25.18 -32.22
H23 IVM J . -16.88 -27.77 -31.55
H23A IVM J . -17.63 -26.32 -30.88
H23B IVM J . -16.01 -26.22 -31.61
H24 IVM J . -18.17 -25.19 -35.13
H25 IVM J . -19.57 -26.08 -36.49
H26 IVM J . -17.78 -27.45 -35.25
H26A IVM J . -18.54 -28.29 -36.62
H27 IVM J . -19.19 -28.66 -33.65
H28 IVM J . -16.47 -30.83 -34.06
H28A IVM J . -17.11 -29.39 -33.22
H28B IVM J . -16.40 -29.23 -34.83
H29 IVM J . -20.49 -29.93 -36.07
H30 IVM J . -21.49 -27.87 -34.08
H31 IVM J . -23.26 -29.45 -34.59
H31A IVM J . -22.87 -29.41 -36.33
H31B IVM J . -23.57 -27.97 -35.54
H32 IVM J . -20.21 -23.61 -33.56
H33 IVM J . -21.22 -24.37 -35.70
H33A IVM J . -19.79 -23.80 -36.59
H33B IVM J . -20.86 -22.63 -35.78
H34 IVM J . -21.04 -19.74 -31.88
H35 IVM J . -22.71 -21.39 -32.14
H35A IVM J . -21.56 -22.73 -31.94
H35B IVM J . -21.57 -21.77 -33.45
H36 IVM J . -19.52 -21.31 -30.00
H37 IVM J . -21.96 -19.45 -29.79
H38 IVM J . -20.24 -20.62 -27.53
H40 IVM J . -22.50 -17.20 -28.09
H40A IVM J . -23.35 -18.77 -28.18
H41 IVM J . -23.62 -19.75 -25.58
H42 IVM J . -24.22 -19.12 -23.61
H44 IVM J . -19.96 -18.35 -22.67
H45 IVM J . -20.89 -17.17 -25.02
H48 IVM J . -21.63 -19.59 -20.91
H48A IVM J . -23.38 -19.50 -21.23
H48B IVM J . -22.45 -18.01 -20.93
#